data_7TNS
#
_entry.id   7TNS
#
loop_
_entity.id
_entity.type
_entity.pdbx_description
1 polymer 'Microtubule associated protein SPM1'
2 polymer 'Tubulin alpha chain'
3 polymer 'Tubulin beta chain'
4 polymer 'PDI family protein'
5 polymer 'PDI family protein'
#
loop_
_entity_poly.entity_id
_entity_poly.type
_entity_poly.pdbx_seq_one_letter_code
_entity_poly.pdbx_strand_id
1 'polypeptide(L)'
;MSGGNSNTPKKLPSEEGSDYGYPQKPQKYLPKSEQAEPDYSACCKGNDAYKGASHGTVQFSHPEEAQKYAGAAAGAETIQ
RGRERVAADRQPRAAGDVPARRLHLSDVDEAHRGQSPSRHPGYCVEELCTCGMHKCIPSRAPVPFTGSTQYRQEFVPKPL
PPPTQVSQVTLPPSLPFEAESSYRTEFVAKPLPPPAKFSEVKLPPTLPFHGESAYRTDYVPKPLPEVAKPVEVKLPPTLP
FNAQSCYRSEYVAKPLPPPVQTAEVKLPPSLPFEGSTHYRDEFQVKPLPPATKVTEVKLPPSLPFDATSMYRSDYVAKSN
PICPVSKLPQYPAATYPQNHVFWDPDTKQWY
;
0,1,10,11,12,13,14,15,16,17,18,19,2,20,21,22,23,3,4,5,6,7,8,9
2 'polypeptide(L)'
;MREVISIHVGQAGIQIGNACWELFCLEHGIQPDGQMPSDKTIGGGDDAFNTFFSETGAGKHVPRCVFLDLEPTVVDEVRT
GTYRHLFHPEQLISGKEDAANNFARGHYTIGKEIVDLSLDRIRKLADNCTGLQGFLMFNAVGGGTGSGLGCLLLERLSVD
YGKKSKLNFCSWPSPQVSTAVVEPYNSVLSTHSLLEHTDVAVMLDNEAIYDICRRNLDIERPTYTNLNRLIAQVISSLTA
SLRFDGALNVDVTEFQTNLVPYPRIHFMLSSYAPIISAEKAYHEQLSVAEITNSAFEPASMMAKCDPRHGKYMACCLMYR
GDVVPKDVNAAVATIKTKRTIQFVDWCPTGFKCGINYQPPTVVPGGDLAKVMRAVCMISNSTAIAEVFSRMDHKFDLMYA
KRAFVHWYVGEGMEEGEFSEAREDLAALEKDYEEVGIETAEGEGEEEGYGDEY
;
A0,A2,A4,A6,A8,B0,B2,B4,B6,B8,C0,C2,C4,C6,C8,D0,D2,D4,D6,D8,E0,E2,E4,E6,E8,F0
3 'polypeptide(L)'
;MREIVHVQGGQCGNQIGAKFWEVISDEHGIDPTGTYCGDSDLQLERINVFYNEATGGRFVPRAILMDLEPGTMDSVRAGP
FGQLFRPDNFVFGQTGAGNNWAKGHYTEGAELIDSVLDVVRKEAEGCDCLQGFQITHSLGGGTGSGMGTLLISKVREEYP
DRIMETFSVFPSPKVSDTVVEPYNATLSVHQLVENADEVQVIDNEALYDICFRTLKLTTPTYGDLNHLVSAAMSGVTCCL
RFPGQLNSDLRKLAVNLIPFPRLHFFLIGFAPLTSRGSQQYRALSVPELTQQMFDAKNMMCASDPRHGRYLTASAMFRGR
MSTKEVDEQMLNVQNKNSSYFVEWIPNNMKSSVCDIPPKGLKMSVTFVGNSTAIQEMFKRVSDQFTAMFRRKAFLHWYTG
EGMDEMEFTEAESNMNDLVSEYQQYQDATAEEEGEFDEEEGEMGAEEGA
;
A1,A3,A5,A7,A9,B1,B3,B5,B7,B9,C1,C3,C5,C7,C9,D1,D3,D5,D7,D9,E1,E3,E5,E7,E9,F1
4 'polypeptide(L)'
;MSQPVFASPLNVEKRRLNEERALMQAQKAGGEGVNIQLPPNYGDMDLILFPEGSLKNSNNTVIPQSHLKGKSVALYFADG
ADPKCASLLPFLLNYYRTMNEGGANQKIEIIFVSLDRDREAFESHRAHMPWLSIDLENPLTEILKRHFRVMKEYEVPTYG
YGSRTGVPSVIVIGSDGREAQFLPICSGLEEGDRALLRWDWRNTKFASDQFHVRPTLLEQ
;
a,b,c,d,e,f,g,h,i,j,k,l,m,n,o,p,q,r,s,t,u,v,x,y
5 'polypeptide(L)'
;MLAADCFFGPDVVKRTQQGNYVPVRPDHFAGVSVALFFAKAGHSKCAQIVPVVRQFYKTTNFSGEKAVIEIIYVSLDKDE
QDFERVRALMPWCSVEYKSCLRKKLIERYRVPNGELAFGTVRIPSTAIPLLIVIGPNGEEAGRMNFQQSDEFVLQRWDYR
FNKWPGSAQRLRTLNDATDPWKKRLPQNV
;
w
#
# COMPACT_ATOMS: atom_id res chain seq x y z
N PRO A 237 39.14 65.45 43.39
CA PRO A 237 39.59 64.15 43.89
C PRO A 237 40.98 64.22 44.54
N THR A 238 41.12 63.69 45.77
CA THR A 238 42.44 63.44 46.37
C THR A 238 43.13 62.29 45.64
N LEU A 239 44.48 62.25 45.76
CA LEU A 239 45.30 61.33 45.01
C LEU A 239 45.90 60.28 45.95
N PRO A 240 45.87 58.98 45.55
CA PRO A 240 46.31 57.90 46.42
C PRO A 240 47.82 57.92 46.69
N PHE A 241 48.17 57.33 47.82
CA PHE A 241 49.55 57.20 48.23
C PHE A 241 50.08 55.87 47.72
N ASN A 242 51.04 55.91 46.77
CA ASN A 242 51.25 54.80 45.84
C ASN A 242 52.73 54.41 45.70
N ALA A 243 53.44 54.34 46.84
CA ALA A 243 54.67 53.58 47.04
C ALA A 243 54.57 52.85 48.37
N GLN A 244 55.59 52.03 48.72
CA GLN A 244 55.48 51.11 49.87
C GLN A 244 56.62 51.32 50.88
N SER A 245 56.29 51.22 52.17
CA SER A 245 57.23 51.45 53.27
C SER A 245 58.33 50.41 53.21
N CYS A 246 59.48 50.73 53.85
CA CYS A 246 60.63 49.86 53.78
C CYS A 246 60.35 48.55 54.50
N TYR A 247 59.71 48.63 55.68
CA TYR A 247 59.41 47.45 56.47
C TYR A 247 58.52 46.48 55.68
N ARG A 248 57.44 47.04 55.14
CA ARG A 248 56.45 46.28 54.39
C ARG A 248 57.03 45.78 53.08
N SER A 249 58.06 46.45 52.57
CA SER A 249 58.61 46.02 51.30
C SER A 249 59.62 44.89 51.52
N GLU A 250 60.39 44.90 52.62
CA GLU A 250 61.61 44.11 52.73
C GLU A 250 61.55 43.06 53.85
N TYR A 251 60.71 43.22 54.88
CA TYR A 251 60.60 42.17 55.89
C TYR A 251 59.35 41.32 55.60
N VAL A 252 59.43 40.42 54.63
CA VAL A 252 58.28 39.74 54.07
C VAL A 252 58.47 38.25 54.26
N ALA A 253 57.61 37.43 53.62
CA ALA A 253 57.76 36.00 53.47
C ALA A 253 59.00 35.68 52.65
N LYS A 254 59.94 34.98 53.30
CA LYS A 254 61.08 34.36 52.66
C LYS A 254 60.72 32.96 52.10
N PRO A 255 61.22 32.61 50.90
CA PRO A 255 60.85 31.36 50.21
C PRO A 255 61.27 30.09 50.97
N LEU A 256 60.47 29.02 50.92
CA LEU A 256 60.62 27.98 51.93
C LEU A 256 61.57 26.88 51.47
N PRO A 257 62.43 26.36 52.38
CA PRO A 257 63.23 25.17 52.08
C PRO A 257 62.35 23.94 51.87
N PRO A 258 62.72 22.98 50.99
CA PRO A 258 62.21 21.61 51.07
C PRO A 258 62.82 21.01 52.35
N PRO B 237 -1.06 136.13 33.19
CA PRO B 237 -0.78 134.79 32.62
C PRO B 237 0.63 134.30 33.00
N THR B 238 0.75 132.99 33.27
CA THR B 238 1.89 132.41 33.97
C THR B 238 2.99 132.01 32.99
N LEU B 239 4.22 131.82 33.50
CA LEU B 239 5.35 131.26 32.75
C LEU B 239 5.78 129.96 33.42
N PRO B 240 5.99 128.86 32.65
CA PRO B 240 6.20 127.55 33.24
C PRO B 240 7.62 127.36 33.77
N PHE B 241 7.72 126.44 34.74
CA PHE B 241 8.89 126.30 35.58
C PHE B 241 9.54 124.99 35.18
N ASN B 242 10.76 125.08 34.63
CA ASN B 242 11.37 123.94 33.94
C ASN B 242 12.75 123.57 34.48
N ALA B 243 12.94 123.74 35.79
CA ALA B 243 14.22 123.55 36.45
C ALA B 243 14.02 122.64 37.65
N GLN B 244 15.11 121.98 38.03
CA GLN B 244 15.06 120.97 39.07
C GLN B 244 15.99 121.38 40.21
N SER B 245 16.13 120.48 41.17
CA SER B 245 17.04 120.56 42.28
C SER B 245 18.30 119.74 41.98
N CYS B 246 19.35 119.97 42.79
CA CYS B 246 20.54 119.14 42.76
C CYS B 246 20.19 117.69 43.09
N TYR B 247 19.41 117.54 44.17
CA TYR B 247 18.88 116.29 44.64
C TYR B 247 18.09 115.56 43.55
N ARG B 248 17.12 116.25 42.96
CA ARG B 248 16.26 115.61 41.98
C ARG B 248 17.01 115.29 40.70
N SER B 249 18.04 116.08 40.37
CA SER B 249 18.79 115.82 39.16
C SER B 249 19.74 114.64 39.33
N GLU B 250 20.42 114.54 40.48
CA GLU B 250 21.56 113.64 40.57
C GLU B 250 21.40 112.55 41.64
N TYR B 251 20.17 112.37 42.15
CA TYR B 251 19.86 111.17 42.91
C TYR B 251 18.61 110.53 42.31
N VAL B 252 18.75 109.84 41.16
CA VAL B 252 17.62 109.12 40.55
C VAL B 252 17.87 107.63 40.67
N ALA B 253 16.82 106.84 40.41
CA ALA B 253 16.83 105.40 40.56
C ALA B 253 17.80 104.77 39.57
N LYS B 254 19.04 104.55 40.00
CA LYS B 254 20.00 103.84 39.15
C LYS B 254 19.77 102.34 39.32
N PRO B 255 19.91 101.49 38.27
CA PRO B 255 19.48 100.09 38.37
C PRO B 255 20.36 99.30 39.34
N LEU B 256 19.80 98.30 40.04
CA LEU B 256 20.67 97.46 40.86
C LEU B 256 21.03 96.20 40.07
N PRO B 257 22.29 95.72 40.20
CA PRO B 257 22.82 94.65 39.37
C PRO B 257 22.07 93.35 39.57
N PRO B 258 21.90 92.54 38.48
CA PRO B 258 21.30 91.20 38.54
C PRO B 258 22.16 90.23 39.36
N PRO C 237 -27.92 -57.12 -60.05
CA PRO C 237 -27.85 -57.96 -58.84
C PRO C 237 -28.15 -59.43 -59.14
N THR C 238 -27.09 -60.22 -59.37
CA THR C 238 -27.17 -61.65 -59.69
C THR C 238 -26.41 -62.49 -58.65
N LEU C 239 -27.20 -63.26 -57.89
CA LEU C 239 -26.69 -64.28 -56.97
C LEU C 239 -26.05 -65.40 -57.78
N PRO C 240 -24.96 -66.03 -57.30
CA PRO C 240 -24.32 -67.14 -58.00
C PRO C 240 -25.00 -68.50 -57.98
N PHE C 241 -24.35 -69.48 -58.62
CA PHE C 241 -24.83 -70.84 -58.84
C PHE C 241 -23.99 -71.79 -57.97
N ASN C 242 -24.73 -72.48 -57.08
CA ASN C 242 -24.17 -73.32 -56.04
C ASN C 242 -24.83 -74.70 -55.96
N ALA C 243 -24.87 -75.37 -57.11
CA ALA C 243 -25.06 -76.81 -57.24
C ALA C 243 -23.84 -77.42 -57.94
N GLN C 244 -23.61 -78.68 -57.60
CA GLN C 244 -22.47 -79.42 -58.15
C GLN C 244 -22.88 -80.44 -59.20
N SER C 245 -22.03 -80.59 -60.23
CA SER C 245 -22.26 -81.56 -61.27
C SER C 245 -22.09 -82.96 -60.68
N CYS C 246 -22.75 -83.94 -61.32
CA CYS C 246 -22.69 -85.32 -60.90
C CYS C 246 -21.32 -85.89 -61.24
N TYR C 247 -20.78 -85.44 -62.40
CA TYR C 247 -19.50 -85.88 -62.89
C TYR C 247 -18.39 -85.48 -61.93
N ARG C 248 -18.40 -84.18 -61.60
CA ARG C 248 -17.28 -83.54 -60.93
C ARG C 248 -17.17 -84.00 -59.48
N SER C 249 -18.32 -84.16 -58.84
CA SER C 249 -18.33 -84.45 -57.41
C SER C 249 -17.99 -85.93 -57.17
N GLU C 250 -17.94 -86.76 -58.23
CA GLU C 250 -17.88 -88.20 -57.98
C GLU C 250 -16.79 -88.94 -58.75
N TYR C 251 -16.46 -88.51 -59.98
CA TYR C 251 -15.46 -89.25 -60.74
C TYR C 251 -14.05 -88.80 -60.38
N VAL C 252 -13.88 -88.47 -59.10
CA VAL C 252 -12.63 -88.05 -58.51
C VAL C 252 -11.71 -89.27 -58.44
N ALA C 253 -10.40 -89.05 -58.38
CA ALA C 253 -9.45 -90.13 -58.17
C ALA C 253 -9.71 -90.88 -56.86
N LYS C 254 -10.27 -92.08 -57.03
CA LYS C 254 -10.66 -93.08 -56.03
C LYS C 254 -9.42 -93.64 -55.32
N PRO C 255 -9.47 -94.01 -54.01
CA PRO C 255 -8.27 -94.41 -53.25
C PRO C 255 -7.60 -95.68 -53.78
N LEU C 256 -6.28 -95.73 -53.73
CA LEU C 256 -5.57 -96.74 -54.51
C LEU C 256 -5.42 -98.02 -53.68
N PRO C 257 -5.54 -99.21 -54.30
CA PRO C 257 -5.14 -100.45 -53.62
C PRO C 257 -3.61 -100.52 -53.51
N PRO C 258 -3.04 -101.21 -52.49
CA PRO C 258 -1.60 -101.57 -52.48
C PRO C 258 -1.25 -102.53 -53.63
N PRO D 237 -68.05 11.85 -71.72
CA PRO D 237 -67.67 11.46 -70.34
C PRO D 237 -67.77 9.94 -70.14
N THR D 238 -67.04 9.21 -70.99
CA THR D 238 -67.19 7.76 -71.16
C THR D 238 -66.55 7.03 -69.98
N LEU D 239 -67.27 6.05 -69.44
CA LEU D 239 -66.78 5.07 -68.47
C LEU D 239 -66.19 3.87 -69.21
N PRO D 240 -65.16 3.18 -68.65
CA PRO D 240 -64.57 1.98 -69.22
C PRO D 240 -65.50 0.82 -69.62
N PHE D 241 -64.92 -0.07 -70.46
CA PHE D 241 -65.50 -1.27 -71.06
C PHE D 241 -64.72 -2.45 -70.51
N ASN D 242 -65.50 -3.39 -69.94
CA ASN D 242 -64.99 -4.39 -69.00
C ASN D 242 -65.44 -5.81 -69.37
N ALA D 243 -65.31 -6.11 -70.66
CA ALA D 243 -65.51 -7.39 -71.32
C ALA D 243 -64.21 -7.73 -72.06
N GLN D 244 -63.87 -9.02 -72.07
CA GLN D 244 -62.58 -9.47 -72.60
C GLN D 244 -62.75 -10.48 -73.74
N SER D 245 -61.70 -10.67 -74.55
CA SER D 245 -61.67 -11.70 -75.59
C SER D 245 -61.65 -13.09 -74.96
N CYS D 246 -62.20 -14.06 -75.74
CA CYS D 246 -62.17 -15.50 -75.52
C CYS D 246 -60.75 -15.93 -75.14
N TYR D 247 -59.88 -15.47 -76.04
CA TYR D 247 -58.49 -15.82 -76.13
C TYR D 247 -57.78 -15.31 -74.88
N ARG D 248 -57.93 -14.01 -74.65
CA ARG D 248 -57.02 -13.34 -73.75
C ARG D 248 -57.34 -13.67 -72.30
N SER D 249 -58.61 -13.88 -71.99
CA SER D 249 -58.99 -14.16 -70.62
C SER D 249 -58.64 -15.61 -70.25
N GLU D 250 -58.51 -16.50 -71.26
CA GLU D 250 -58.49 -17.94 -71.00
C GLU D 250 -57.15 -18.59 -71.40
N TYR D 251 -56.79 -18.53 -72.68
CA TYR D 251 -55.52 -19.09 -73.14
C TYR D 251 -54.37 -18.25 -72.58
N VAL D 252 -53.92 -18.55 -71.38
CA VAL D 252 -52.96 -17.69 -70.68
C VAL D 252 -51.75 -18.53 -70.28
N ALA D 253 -50.83 -17.92 -69.53
CA ALA D 253 -49.70 -18.62 -68.96
C ALA D 253 -50.18 -19.61 -67.90
N LYS D 254 -50.16 -20.90 -68.27
CA LYS D 254 -50.56 -21.94 -67.35
C LYS D 254 -49.30 -22.59 -66.79
N PRO D 255 -49.32 -23.01 -65.50
CA PRO D 255 -48.13 -23.55 -64.82
C PRO D 255 -47.55 -24.80 -65.50
N LEU D 256 -46.24 -25.02 -65.42
CA LEU D 256 -45.60 -25.83 -66.45
C LEU D 256 -45.32 -27.24 -65.93
N PRO D 257 -45.51 -28.28 -66.77
CA PRO D 257 -45.16 -29.65 -66.40
C PRO D 257 -43.65 -29.84 -66.27
N PRO D 258 -43.15 -30.75 -65.40
CA PRO D 258 -41.70 -31.01 -65.28
C PRO D 258 -41.13 -31.70 -66.52
N PRO E 237 -47.71 -73.77 -24.30
CA PRO E 237 -46.48 -74.51 -23.93
C PRO E 237 -46.73 -76.02 -23.79
N THR E 238 -45.82 -76.84 -24.35
CA THR E 238 -45.82 -78.29 -24.16
C THR E 238 -44.48 -78.76 -23.60
N LEU E 239 -44.51 -79.90 -22.90
CA LEU E 239 -43.30 -80.56 -22.44
C LEU E 239 -43.01 -81.76 -23.33
N PRO E 240 -41.74 -82.20 -23.39
CA PRO E 240 -41.38 -83.39 -24.14
C PRO E 240 -41.85 -84.70 -23.53
N PHE E 241 -41.85 -85.69 -24.43
CA PHE E 241 -42.54 -86.96 -24.34
C PHE E 241 -41.71 -87.92 -23.48
N ASN E 242 -42.38 -88.38 -22.43
CA ASN E 242 -41.80 -89.16 -21.33
C ASN E 242 -42.39 -90.57 -21.23
N ALA E 243 -42.49 -91.28 -22.36
CA ALA E 243 -43.01 -92.63 -22.38
C ALA E 243 -42.15 -93.46 -23.31
N GLN E 244 -41.89 -94.71 -22.90
CA GLN E 244 -41.09 -95.65 -23.66
C GLN E 244 -41.92 -96.89 -23.94
N SER E 245 -41.72 -97.45 -25.15
CA SER E 245 -42.42 -98.65 -25.57
C SER E 245 -42.04 -99.81 -24.66
N CYS E 246 -42.94 -100.81 -24.63
CA CYS E 246 -42.85 -102.09 -23.95
C CYS E 246 -41.54 -102.79 -24.26
N TYR E 247 -41.21 -102.75 -25.57
CA TYR E 247 -40.14 -103.52 -26.16
C TYR E 247 -38.81 -103.07 -25.58
N ARG E 248 -38.60 -101.76 -25.51
CA ARG E 248 -37.32 -101.26 -25.04
C ARG E 248 -37.22 -101.37 -23.52
N SER E 249 -38.36 -101.36 -22.82
CA SER E 249 -38.31 -101.42 -21.37
C SER E 249 -38.03 -102.83 -20.89
N GLU E 250 -38.38 -103.84 -21.72
CA GLU E 250 -38.24 -105.25 -21.35
C GLU E 250 -36.91 -105.83 -21.83
N TYR E 251 -36.53 -105.50 -23.08
CA TYR E 251 -35.36 -106.06 -23.72
C TYR E 251 -34.20 -105.08 -23.63
N VAL E 252 -33.67 -104.91 -22.43
CA VAL E 252 -32.43 -104.18 -22.20
C VAL E 252 -31.29 -105.20 -22.32
N ALA E 253 -30.11 -104.74 -22.74
CA ALA E 253 -28.94 -105.61 -22.81
C ALA E 253 -28.54 -106.06 -21.41
N LYS E 254 -28.71 -107.36 -21.16
CA LYS E 254 -28.58 -107.96 -19.84
C LYS E 254 -27.23 -108.65 -19.66
N PRO E 255 -26.76 -108.82 -18.40
CA PRO E 255 -25.44 -109.38 -18.14
C PRO E 255 -25.42 -110.88 -18.36
N LEU E 256 -24.27 -111.31 -18.90
CA LEU E 256 -24.21 -112.44 -19.80
C LEU E 256 -24.33 -113.75 -19.01
N PRO E 257 -25.04 -114.78 -19.54
CA PRO E 257 -24.95 -116.14 -19.01
C PRO E 257 -23.55 -116.71 -19.28
N PRO E 258 -22.89 -117.32 -18.26
CA PRO E 258 -21.48 -117.72 -18.35
C PRO E 258 -21.18 -118.89 -19.30
N PRO F 237 -89.62 -4.42 -38.54
CA PRO F 237 -88.34 -4.46 -37.79
C PRO F 237 -88.06 -5.86 -37.22
N THR F 238 -87.18 -6.61 -37.92
CA THR F 238 -86.99 -8.05 -37.74
C THR F 238 -86.32 -8.37 -36.41
N LEU F 239 -86.54 -9.59 -35.93
CA LEU F 239 -85.84 -10.14 -34.79
C LEU F 239 -84.92 -11.26 -35.24
N PRO F 240 -83.93 -11.68 -34.40
CA PRO F 240 -83.08 -12.81 -34.76
C PRO F 240 -83.81 -14.16 -34.69
N PHE F 241 -83.27 -15.11 -35.44
CA PHE F 241 -83.92 -16.38 -35.69
C PHE F 241 -83.10 -17.42 -34.93
N ASN F 242 -83.78 -18.06 -33.99
CA ASN F 242 -83.16 -18.75 -32.88
C ASN F 242 -83.69 -20.19 -32.75
N ALA F 243 -83.91 -20.82 -33.90
CA ALA F 243 -84.31 -22.20 -34.05
C ALA F 243 -83.28 -22.91 -34.92
N GLN F 244 -82.94 -24.13 -34.51
CA GLN F 244 -81.92 -24.91 -35.19
C GLN F 244 -82.58 -26.16 -35.76
N SER F 245 -82.19 -26.51 -37.00
CA SER F 245 -82.81 -27.60 -37.71
C SER F 245 -82.58 -28.91 -36.98
N CYS F 246 -83.53 -29.84 -37.18
CA CYS F 246 -83.40 -31.15 -36.58
C CYS F 246 -82.29 -31.92 -37.28
N TYR F 247 -82.00 -31.55 -38.52
CA TYR F 247 -80.96 -32.20 -39.29
C TYR F 247 -79.59 -31.87 -38.71
N ARG F 248 -79.32 -30.56 -38.50
CA ARG F 248 -77.98 -30.09 -38.18
C ARG F 248 -77.67 -30.45 -36.74
N SER F 249 -78.71 -30.52 -35.92
CA SER F 249 -78.46 -30.70 -34.50
C SER F 249 -78.20 -32.17 -34.20
N GLU F 250 -78.80 -33.08 -34.98
CA GLU F 250 -78.79 -34.50 -34.62
C GLU F 250 -77.89 -35.36 -35.49
N TYR F 251 -77.77 -35.08 -36.80
CA TYR F 251 -77.06 -36.00 -37.66
C TYR F 251 -75.65 -35.46 -37.95
N VAL F 252 -74.82 -35.44 -36.94
CA VAL F 252 -73.49 -34.87 -37.07
C VAL F 252 -72.53 -36.04 -36.88
N ALA F 253 -71.41 -36.00 -37.61
CA ALA F 253 -70.42 -37.06 -37.52
C ALA F 253 -69.78 -37.07 -36.13
N LYS F 254 -70.17 -38.04 -35.28
CA LYS F 254 -69.59 -38.17 -33.95
C LYS F 254 -68.31 -39.01 -33.98
N PRO F 255 -67.43 -38.87 -32.96
CA PRO F 255 -66.09 -39.48 -32.99
C PRO F 255 -66.06 -41.02 -32.95
N LEU F 256 -65.19 -41.57 -33.80
CA LEU F 256 -65.17 -42.96 -34.20
C LEU F 256 -64.88 -43.90 -33.03
N PRO F 257 -65.50 -45.09 -32.99
CA PRO F 257 -65.01 -46.21 -32.17
C PRO F 257 -63.65 -46.70 -32.67
N PRO F 258 -62.58 -46.70 -31.81
CA PRO F 258 -61.25 -47.21 -32.19
C PRO F 258 -61.23 -48.74 -32.33
N PRO G 237 -52.55 -78.89 14.52
CA PRO G 237 -51.60 -79.86 13.95
C PRO G 237 -51.47 -81.13 14.81
N THR G 238 -50.53 -82.01 14.45
CA THR G 238 -50.53 -83.40 14.94
C THR G 238 -49.17 -83.78 15.55
N LEU G 239 -49.11 -85.00 16.09
CA LEU G 239 -47.92 -85.55 16.72
C LEU G 239 -47.62 -86.91 16.09
N PRO G 240 -46.33 -87.32 16.01
CA PRO G 240 -45.98 -88.72 15.74
C PRO G 240 -46.39 -89.71 16.83
N PHE G 241 -46.19 -91.00 16.55
CA PHE G 241 -46.85 -92.08 17.26
C PHE G 241 -45.83 -92.92 18.02
N ASN G 242 -45.71 -92.63 19.33
CA ASN G 242 -44.65 -93.21 20.15
C ASN G 242 -45.11 -94.42 20.96
N ALA G 243 -46.09 -95.16 20.43
CA ALA G 243 -46.56 -96.39 21.02
C ALA G 243 -45.92 -97.59 20.33
N GLN G 244 -45.68 -98.62 21.15
CA GLN G 244 -45.05 -99.83 20.65
C GLN G 244 -45.87 -101.03 21.10
N SER G 245 -45.98 -101.99 20.18
CA SER G 245 -46.79 -103.15 20.43
C SER G 245 -46.09 -104.05 21.46
N CYS G 246 -46.91 -104.88 22.10
CA CYS G 246 -46.52 -105.88 23.07
C CYS G 246 -45.57 -106.90 22.42
N TYR G 247 -45.88 -107.32 21.19
CA TYR G 247 -45.15 -108.39 20.52
C TYR G 247 -43.72 -107.98 20.17
N ARG G 248 -43.55 -106.79 19.57
CA ARG G 248 -42.25 -106.23 19.18
C ARG G 248 -41.34 -105.99 20.39
N SER G 249 -41.96 -105.76 21.56
CA SER G 249 -41.23 -105.43 22.77
C SER G 249 -40.60 -106.68 23.40
N GLU G 250 -41.24 -107.84 23.21
CA GLU G 250 -40.84 -109.03 23.96
C GLU G 250 -40.52 -110.21 23.04
N TYR G 251 -40.65 -110.06 21.72
CA TYR G 251 -40.21 -111.07 20.77
C TYR G 251 -39.10 -110.44 19.93
N VAL G 252 -37.88 -110.53 20.46
CA VAL G 252 -36.75 -109.78 19.93
C VAL G 252 -35.74 -110.77 19.36
N ALA G 253 -34.61 -110.24 18.90
CA ALA G 253 -33.53 -111.10 18.41
C ALA G 253 -32.86 -111.78 19.60
N LYS G 254 -33.11 -113.08 19.71
CA LYS G 254 -32.67 -113.83 20.87
C LYS G 254 -31.23 -114.34 20.71
N PRO G 255 -30.39 -114.29 21.77
CA PRO G 255 -28.97 -114.60 21.62
C PRO G 255 -28.73 -116.10 21.50
N LEU G 256 -27.89 -116.50 20.53
CA LEU G 256 -27.77 -117.92 20.24
C LEU G 256 -26.84 -118.56 21.29
N PRO G 257 -27.23 -119.70 21.91
CA PRO G 257 -26.41 -120.30 22.96
C PRO G 257 -25.14 -120.91 22.39
N PRO G 258 -24.02 -120.93 23.16
CA PRO G 258 -22.83 -121.70 22.78
C PRO G 258 -23.02 -123.22 22.90
N PRO H 237 -92.67 -9.08 4.59
CA PRO H 237 -91.32 -9.28 4.02
C PRO H 237 -90.65 -10.57 4.50
N THR H 238 -90.41 -11.53 3.60
CA THR H 238 -90.39 -12.95 3.92
C THR H 238 -89.02 -13.35 4.49
N LEU H 239 -88.99 -13.92 5.70
CA LEU H 239 -87.75 -14.52 6.15
C LEU H 239 -87.62 -15.89 5.48
N PRO H 240 -86.40 -16.39 5.19
CA PRO H 240 -86.23 -17.76 4.72
C PRO H 240 -86.53 -18.82 5.79
N PHE H 241 -86.50 -20.07 5.32
CA PHE H 241 -87.10 -21.26 5.90
C PHE H 241 -85.99 -22.17 6.46
N ASN H 242 -86.14 -22.49 7.74
CA ASN H 242 -85.05 -23.14 8.48
C ASN H 242 -85.37 -24.55 8.99
N ALA H 243 -86.18 -25.28 8.23
CA ALA H 243 -86.56 -26.61 8.64
C ALA H 243 -86.01 -27.64 7.68
N GLN H 244 -85.55 -28.73 8.27
CA GLN H 244 -85.22 -29.95 7.57
C GLN H 244 -85.89 -31.09 8.32
N SER H 245 -86.25 -32.10 7.53
CA SER H 245 -87.26 -33.05 7.93
C SER H 245 -86.65 -34.07 8.88
N CYS H 246 -87.51 -34.96 9.39
CA CYS H 246 -87.09 -36.14 10.13
C CYS H 246 -86.21 -37.04 9.28
N TYR H 247 -86.58 -37.21 8.01
CA TYR H 247 -85.90 -38.03 7.03
C TYR H 247 -84.43 -37.62 6.84
N ARG H 248 -84.19 -36.36 6.51
CA ARG H 248 -82.87 -35.87 6.15
C ARG H 248 -81.96 -35.84 7.36
N SER H 249 -82.53 -35.82 8.57
CA SER H 249 -81.75 -35.70 9.79
C SER H 249 -81.07 -37.03 10.16
N GLU H 250 -81.61 -38.14 9.67
CA GLU H 250 -81.20 -39.44 10.19
C GLU H 250 -80.92 -40.50 9.12
N TYR H 251 -81.57 -40.42 7.94
CA TYR H 251 -81.21 -41.34 6.88
C TYR H 251 -80.16 -40.71 5.98
N VAL H 252 -78.89 -40.79 6.40
CA VAL H 252 -77.79 -40.20 5.65
C VAL H 252 -76.97 -41.35 5.07
N ALA H 253 -76.06 -41.07 4.12
CA ALA H 253 -75.23 -42.12 3.56
C ALA H 253 -74.18 -42.52 4.59
N LYS H 254 -74.43 -43.65 5.25
CA LYS H 254 -73.61 -44.09 6.36
C LYS H 254 -72.27 -44.70 5.94
N PRO H 255 -71.26 -44.56 6.81
CA PRO H 255 -69.98 -45.25 6.63
C PRO H 255 -70.07 -46.76 6.87
N LEU H 256 -69.17 -47.42 6.15
CA LEU H 256 -68.96 -48.88 6.06
C LEU H 256 -68.86 -49.65 7.38
N PRO H 257 -69.63 -50.77 7.49
CA PRO H 257 -69.65 -51.74 8.59
C PRO H 257 -68.29 -52.31 8.92
N PRO H 258 -67.98 -52.51 10.23
CA PRO H 258 -66.61 -52.76 10.71
C PRO H 258 -66.19 -54.21 10.43
N PRO I 237 -34.33 -74.24 57.59
CA PRO I 237 -33.18 -75.17 57.70
C PRO I 237 -33.61 -76.62 57.74
N THR I 238 -32.97 -77.52 56.98
CA THR I 238 -33.31 -78.94 57.03
C THR I 238 -32.17 -79.74 57.65
N LEU I 239 -32.53 -80.91 58.17
CA LEU I 239 -31.54 -81.90 58.60
C LEU I 239 -31.83 -83.22 57.87
N PRO I 240 -30.79 -83.97 57.46
CA PRO I 240 -30.99 -85.31 56.90
C PRO I 240 -31.45 -86.32 57.96
N PHE I 241 -32.10 -87.39 57.49
CA PHE I 241 -32.52 -88.50 58.36
C PHE I 241 -31.40 -89.53 58.49
N ASN I 242 -30.97 -89.78 59.73
CA ASN I 242 -29.77 -90.58 59.96
C ASN I 242 -30.04 -91.69 60.95
N ALA I 243 -31.29 -92.16 61.04
CA ALA I 243 -31.64 -93.20 61.99
C ALA I 243 -31.82 -94.54 61.29
N GLN I 244 -31.37 -95.60 61.97
CA GLN I 244 -31.60 -96.97 61.55
C GLN I 244 -32.04 -97.76 62.78
N SER I 245 -32.68 -98.89 62.52
CA SER I 245 -33.28 -99.73 63.53
C SER I 245 -32.22 -100.45 64.37
N CYS I 246 -32.72 -101.02 65.48
CA CYS I 246 -32.01 -101.93 66.38
C CYS I 246 -31.50 -103.15 65.62
N TYR I 247 -32.35 -103.72 64.74
CA TYR I 247 -32.01 -104.80 63.85
C TYR I 247 -30.81 -104.47 62.94
N ARG I 248 -30.79 -103.30 62.29
CA ARG I 248 -29.71 -102.97 61.36
C ARG I 248 -28.40 -102.75 62.14
N SER I 249 -28.52 -102.19 63.36
CA SER I 249 -27.34 -101.83 64.12
C SER I 249 -26.65 -103.07 64.69
N GLU I 250 -27.47 -104.09 65.04
CA GLU I 250 -26.95 -105.20 65.83
C GLU I 250 -26.78 -106.47 64.97
N TYR I 251 -27.43 -106.54 63.81
CA TYR I 251 -27.46 -107.80 63.07
C TYR I 251 -26.81 -107.64 61.70
N VAL I 252 -25.51 -107.88 61.65
CA VAL I 252 -24.84 -107.75 60.36
C VAL I 252 -24.25 -109.09 59.92
N ALA I 253 -23.59 -109.12 58.77
CA ALA I 253 -22.89 -110.32 58.38
C ALA I 253 -21.61 -110.44 59.21
N LYS I 254 -21.66 -111.22 60.28
CA LYS I 254 -20.55 -111.30 61.21
C LYS I 254 -19.43 -112.17 60.62
N PRO I 255 -18.14 -111.85 60.86
CA PRO I 255 -17.05 -112.73 60.42
C PRO I 255 -17.03 -114.04 61.22
N LEU I 256 -16.71 -115.13 60.53
CA LEU I 256 -16.69 -116.44 61.17
C LEU I 256 -15.41 -116.62 61.99
N PRO I 257 -15.43 -117.39 63.10
CA PRO I 257 -14.21 -117.71 63.85
C PRO I 257 -13.29 -118.61 63.03
N PRO I 258 -11.94 -118.49 63.18
CA PRO I 258 -11.01 -119.21 62.32
C PRO I 258 -10.87 -120.69 62.68
N PRO J 237 -74.22 -3.82 40.21
CA PRO J 237 -73.19 -4.40 41.11
C PRO J 237 -73.78 -5.44 42.07
N THR J 238 -72.93 -6.29 42.68
CA THR J 238 -73.41 -7.49 43.35
C THR J 238 -72.40 -8.02 44.37
N LEU J 239 -72.90 -8.78 45.35
CA LEU J 239 -72.04 -9.66 46.15
C LEU J 239 -72.42 -11.11 45.87
N PRO J 240 -71.45 -12.00 45.58
CA PRO J 240 -71.80 -13.32 45.02
C PRO J 240 -72.25 -14.34 46.06
N PHE J 241 -73.15 -15.26 45.67
CA PHE J 241 -73.47 -16.43 46.48
C PHE J 241 -72.28 -17.39 46.55
N ASN J 242 -71.99 -17.89 47.75
CA ASN J 242 -70.75 -18.61 47.97
C ASN J 242 -70.89 -20.03 48.51
N ALA J 243 -72.09 -20.46 48.93
CA ALA J 243 -72.21 -21.69 49.72
C ALA J 243 -72.55 -22.92 48.87
N GLN J 244 -72.00 -24.07 49.26
CA GLN J 244 -72.29 -25.35 48.62
C GLN J 244 -72.56 -26.40 49.70
N SER J 245 -73.21 -27.50 49.29
CA SER J 245 -73.69 -28.53 50.19
C SER J 245 -72.56 -29.31 50.85
N CYS J 246 -72.92 -29.79 52.06
CA CYS J 246 -72.10 -30.59 52.94
C CYS J 246 -71.76 -31.90 52.26
N TYR J 247 -72.68 -32.41 51.41
CA TYR J 247 -72.46 -33.64 50.69
C TYR J 247 -71.28 -33.48 49.73
N ARG J 248 -71.28 -32.40 48.94
CA ARG J 248 -70.22 -32.25 47.96
C ARG J 248 -68.91 -31.82 48.61
N SER J 249 -68.99 -31.26 49.82
CA SER J 249 -67.79 -30.82 50.53
C SER J 249 -66.93 -32.02 50.93
N GLU J 250 -67.55 -33.02 51.54
CA GLU J 250 -66.80 -34.07 52.23
C GLU J 250 -67.18 -35.48 51.74
N TYR J 251 -67.91 -35.60 50.62
CA TYR J 251 -68.05 -36.90 49.99
C TYR J 251 -67.60 -36.84 48.55
N VAL J 252 -66.30 -37.01 48.35
CA VAL J 252 -65.74 -37.01 47.01
C VAL J 252 -64.92 -38.30 46.86
N ALA J 253 -64.51 -38.64 45.63
CA ALA J 253 -63.88 -39.92 45.40
C ALA J 253 -62.42 -39.89 45.87
N LYS J 254 -62.19 -40.35 47.10
CA LYS J 254 -60.82 -40.38 47.62
C LYS J 254 -59.99 -41.51 47.00
N PRO J 255 -58.67 -41.29 46.75
CA PRO J 255 -57.81 -42.35 46.23
C PRO J 255 -57.55 -43.45 47.27
N LEU J 256 -57.62 -44.68 46.77
CA LEU J 256 -57.54 -45.94 47.51
C LEU J 256 -56.23 -46.09 48.29
N PRO J 257 -56.32 -46.72 49.49
CA PRO J 257 -55.16 -47.04 50.33
C PRO J 257 -54.17 -48.00 49.66
N PRO J 258 -52.86 -47.90 49.97
CA PRO J 258 -51.83 -48.78 49.38
C PRO J 258 -51.86 -50.26 49.77
N PRO K 237 -9.19 -66.61 84.89
CA PRO K 237 -7.73 -66.50 85.06
C PRO K 237 -7.20 -67.41 86.17
N THR K 238 -7.37 -68.72 85.96
CA THR K 238 -7.18 -69.75 86.97
C THR K 238 -5.72 -70.25 86.91
N LEU K 239 -5.38 -71.20 87.79
CA LEU K 239 -4.12 -71.94 87.73
C LEU K 239 -4.40 -73.43 87.63
N PRO K 240 -3.46 -74.24 87.11
CA PRO K 240 -3.56 -75.69 87.25
C PRO K 240 -3.82 -76.17 88.67
N PHE K 241 -4.50 -77.31 88.69
CA PHE K 241 -4.70 -78.11 89.88
C PHE K 241 -3.53 -79.07 90.03
N ASN K 242 -2.75 -78.88 91.10
CA ASN K 242 -1.47 -79.59 91.25
C ASN K 242 -1.39 -80.24 92.63
N ALA K 243 -2.51 -80.80 93.07
CA ALA K 243 -2.60 -81.51 94.34
C ALA K 243 -2.75 -82.98 94.06
N GLN K 244 -2.01 -83.78 94.83
CA GLN K 244 -1.90 -85.19 94.58
C GLN K 244 -2.29 -85.95 95.84
N SER K 245 -3.06 -87.02 95.65
CA SER K 245 -3.52 -87.76 96.81
C SER K 245 -2.33 -88.48 97.45
N CYS K 246 -2.44 -88.70 98.77
CA CYS K 246 -1.45 -89.41 99.58
C CYS K 246 -1.29 -90.84 99.09
N TYR K 247 -2.42 -91.43 98.64
CA TYR K 247 -2.51 -92.76 98.08
C TYR K 247 -1.66 -92.86 96.82
N ARG K 248 -1.90 -91.98 95.84
CA ARG K 248 -1.26 -92.12 94.54
C ARG K 248 0.23 -91.82 94.61
N SER K 249 0.65 -91.02 95.60
CA SER K 249 2.04 -90.57 95.64
C SER K 249 2.99 -91.65 96.15
N GLU K 250 2.42 -92.70 96.76
CA GLU K 250 3.25 -93.73 97.39
C GLU K 250 2.74 -95.15 97.13
N TYR K 251 1.54 -95.29 96.52
CA TYR K 251 1.07 -96.58 96.04
C TYR K 251 1.24 -96.62 94.52
N VAL K 252 2.44 -96.97 94.09
CA VAL K 252 2.86 -96.80 92.71
C VAL K 252 3.34 -98.17 92.25
N ALA K 253 3.87 -98.24 91.02
CA ALA K 253 4.48 -99.47 90.52
C ALA K 253 5.75 -99.75 91.31
N LYS K 254 5.99 -101.02 91.64
CA LYS K 254 7.10 -101.33 92.53
C LYS K 254 8.10 -102.30 91.92
N PRO K 255 9.42 -102.05 92.06
CA PRO K 255 10.42 -102.99 91.56
C PRO K 255 10.57 -104.22 92.46
N LEU K 256 10.40 -105.40 91.86
CA LEU K 256 10.25 -106.65 92.60
C LEU K 256 11.57 -107.03 93.29
N PRO K 257 11.55 -107.62 94.50
CA PRO K 257 12.73 -108.28 95.07
C PRO K 257 13.12 -109.49 94.22
N PRO K 258 14.43 -109.84 94.12
CA PRO K 258 14.88 -110.78 93.09
C PRO K 258 14.57 -112.25 93.38
N PRO L 237 -44.97 4.76 70.52
CA PRO L 237 -44.28 3.95 71.55
C PRO L 237 -45.21 3.00 72.31
N THR L 238 -45.65 1.92 71.63
CA THR L 238 -46.23 0.78 72.30
C THR L 238 -45.14 -0.18 72.80
N LEU L 239 -45.47 -0.94 73.87
CA LEU L 239 -44.55 -1.87 74.48
C LEU L 239 -45.13 -3.28 74.43
N PRO L 240 -44.29 -4.34 74.31
CA PRO L 240 -44.78 -5.72 74.41
C PRO L 240 -45.16 -6.11 75.84
N PHE L 241 -45.37 -7.42 76.02
CA PHE L 241 -45.54 -8.15 77.25
C PHE L 241 -44.19 -8.67 77.82
N ASN L 242 -44.04 -8.56 79.13
CA ASN L 242 -42.75 -8.56 79.79
C ASN L 242 -42.61 -9.53 80.97
N ALA L 243 -43.04 -10.79 80.79
CA ALA L 243 -43.14 -11.72 81.88
C ALA L 243 -43.03 -13.11 81.27
N GLN L 244 -42.25 -13.99 81.95
CA GLN L 244 -42.28 -15.42 81.70
C GLN L 244 -42.47 -16.15 83.03
N SER L 245 -43.26 -17.23 83.01
CA SER L 245 -43.59 -17.99 84.20
C SER L 245 -42.35 -18.67 84.77
N CYS L 246 -42.39 -18.99 86.09
CA CYS L 246 -41.32 -19.69 86.78
C CYS L 246 -41.10 -21.09 86.19
N TYR L 247 -42.24 -21.75 85.89
CA TYR L 247 -42.28 -23.06 85.25
C TYR L 247 -41.58 -23.03 83.90
N ARG L 248 -41.91 -22.02 83.08
CA ARG L 248 -41.38 -21.90 81.73
C ARG L 248 -39.87 -21.58 81.75
N SER L 249 -39.38 -21.06 82.87
CA SER L 249 -37.99 -20.62 82.93
C SER L 249 -37.07 -21.73 83.43
N GLU L 250 -37.55 -22.53 84.39
CA GLU L 250 -36.69 -23.52 85.01
C GLU L 250 -37.00 -24.94 84.53
N TYR L 251 -38.10 -25.17 83.82
CA TYR L 251 -38.43 -26.56 83.51
C TYR L 251 -38.64 -26.72 82.00
N VAL L 252 -37.56 -26.85 81.24
CA VAL L 252 -37.70 -27.08 79.82
C VAL L 252 -37.08 -28.42 79.43
N ALA L 253 -37.06 -28.75 78.12
CA ALA L 253 -36.38 -29.94 77.66
C ALA L 253 -34.88 -29.76 77.87
N LYS L 254 -34.11 -30.85 77.89
CA LYS L 254 -32.74 -30.79 78.36
C LYS L 254 -32.15 -32.18 78.17
N PRO L 255 -30.88 -32.41 77.72
CA PRO L 255 -30.43 -33.76 77.38
C PRO L 255 -30.18 -34.69 78.59
N LEU L 256 -30.84 -35.84 78.52
CA LEU L 256 -31.02 -36.75 79.64
C LEU L 256 -29.69 -37.46 79.92
N PRO L 257 -29.38 -37.86 81.18
CA PRO L 257 -28.40 -38.91 81.47
C PRO L 257 -28.75 -40.25 80.81
N PRO L 258 -27.78 -41.09 80.32
CA PRO L 258 -27.96 -41.78 79.02
C PRO L 258 -28.85 -43.02 78.97
N PRO M 237 57.64 55.20 5.84
CA PRO M 237 58.41 54.43 6.85
C PRO M 237 59.75 55.06 7.20
N THR M 238 60.39 54.57 8.28
CA THR M 238 61.76 54.84 8.66
C THR M 238 62.66 53.62 8.38
N LEU M 239 63.88 53.95 7.93
CA LEU M 239 64.88 53.00 7.46
C LEU M 239 65.87 52.67 8.59
N PRO M 240 66.22 51.37 8.74
CA PRO M 240 66.58 50.82 10.04
C PRO M 240 68.06 50.88 10.37
N PHE M 241 68.47 50.12 11.39
CA PHE M 241 69.83 50.03 11.87
C PHE M 241 70.43 48.67 11.50
N ASN M 242 71.43 48.70 10.62
CA ASN M 242 72.08 47.49 10.14
C ASN M 242 73.58 47.56 10.39
N ALA M 243 73.93 47.96 11.61
CA ALA M 243 75.33 48.17 11.96
C ALA M 243 75.71 47.23 13.09
N GLN M 244 76.92 46.67 13.02
CA GLN M 244 77.36 45.64 13.93
C GLN M 244 78.73 46.05 14.48
N SER M 245 78.96 45.87 15.79
CA SER M 245 80.31 45.93 16.36
C SER M 245 81.14 44.82 15.77
N CYS M 246 82.43 45.15 15.57
CA CYS M 246 83.46 44.24 15.10
C CYS M 246 83.45 42.99 15.96
N TYR M 247 83.49 43.33 17.25
CA TYR M 247 83.64 42.39 18.34
C TYR M 247 82.47 41.40 18.29
N ARG M 248 81.28 41.99 18.20
CA ARG M 248 80.04 41.23 18.26
C ARG M 248 79.85 40.38 17.01
N SER M 249 80.32 40.86 15.85
CA SER M 249 80.12 40.13 14.62
C SER M 249 81.07 38.94 14.54
N GLU M 250 82.25 39.09 15.15
CA GLU M 250 83.28 38.07 14.99
C GLU M 250 83.44 37.15 16.22
N TYR M 251 83.79 37.74 17.37
CA TYR M 251 84.22 37.00 18.54
C TYR M 251 83.06 36.23 19.17
N VAL M 252 82.65 35.14 18.53
CA VAL M 252 81.43 34.44 18.89
C VAL M 252 81.82 33.09 19.49
N ALA M 253 80.85 32.37 20.04
CA ALA M 253 81.09 30.99 20.43
C ALA M 253 81.10 30.13 19.15
N LYS M 254 82.16 29.34 18.96
CA LYS M 254 82.33 28.57 17.72
C LYS M 254 82.28 27.05 17.96
N PRO M 255 81.74 26.19 17.06
CA PRO M 255 81.35 24.82 17.41
C PRO M 255 82.50 23.87 17.79
N LEU M 256 82.25 23.01 18.80
CA LEU M 256 83.26 22.43 19.67
C LEU M 256 84.01 21.30 18.99
N PRO M 257 85.29 21.04 19.33
CA PRO M 257 85.93 19.77 18.95
C PRO M 257 85.28 18.61 19.72
N PRO M 258 85.23 17.38 19.15
CA PRO M 258 85.00 16.16 19.95
C PRO M 258 86.27 15.89 20.79
N PRO N 237 29.86 -56.05 93.93
CA PRO N 237 29.88 -57.27 94.76
C PRO N 237 30.28 -57.02 96.23
N THR N 238 29.70 -57.81 97.15
CA THR N 238 30.05 -57.82 98.57
C THR N 238 31.06 -58.92 98.88
N LEU N 239 32.04 -58.53 99.72
CA LEU N 239 33.43 -58.97 99.76
C LEU N 239 33.58 -60.30 100.47
N PRO N 240 34.47 -61.19 99.97
CA PRO N 240 34.24 -62.63 100.05
C PRO N 240 34.80 -63.31 101.29
N PHE N 241 34.26 -64.51 101.50
CA PHE N 241 34.64 -65.36 102.61
C PHE N 241 35.76 -66.28 102.15
N ASN N 242 36.87 -66.20 102.91
CA ASN N 242 38.10 -66.89 102.57
C ASN N 242 38.50 -67.98 103.58
N ALA N 243 37.85 -68.05 104.76
CA ALA N 243 38.28 -69.02 105.76
C ALA N 243 37.74 -70.42 105.44
N GLN N 244 38.51 -71.45 105.81
CA GLN N 244 38.06 -72.84 105.87
C GLN N 244 38.42 -73.37 107.25
N SER N 245 37.52 -74.17 107.83
CA SER N 245 37.75 -74.67 109.18
C SER N 245 38.90 -75.69 109.18
N CYS N 246 39.63 -75.74 110.31
CA CYS N 246 40.84 -76.54 110.40
C CYS N 246 40.48 -78.03 110.38
N TYR N 247 39.35 -78.40 111.00
CA TYR N 247 38.95 -79.79 111.08
C TYR N 247 38.59 -80.35 109.70
N ARG N 248 37.84 -79.58 108.89
CA ARG N 248 37.60 -79.96 107.51
C ARG N 248 38.91 -80.02 106.72
N SER N 249 39.80 -79.04 106.97
CA SER N 249 40.93 -78.82 106.08
C SER N 249 42.11 -79.73 106.39
N GLU N 250 42.04 -80.57 107.44
CA GLU N 250 43.25 -81.28 107.84
C GLU N 250 43.00 -82.73 108.22
N TYR N 251 41.77 -83.08 108.62
CA TYR N 251 41.42 -84.47 108.84
C TYR N 251 40.82 -85.07 107.58
N VAL N 252 41.63 -85.25 106.54
CA VAL N 252 41.16 -85.81 105.28
C VAL N 252 41.17 -87.34 105.41
N ALA N 253 40.37 -88.06 104.61
CA ALA N 253 40.33 -89.51 104.66
C ALA N 253 41.67 -90.08 104.19
N LYS N 254 42.50 -90.54 105.15
CA LYS N 254 43.87 -90.90 104.86
C LYS N 254 43.95 -92.23 104.12
N PRO N 255 44.93 -92.43 103.19
CA PRO N 255 45.18 -93.75 102.63
C PRO N 255 45.77 -94.70 103.68
N LEU N 256 45.33 -95.96 103.67
CA LEU N 256 45.54 -96.81 104.84
C LEU N 256 46.92 -97.47 104.74
N PRO N 257 47.62 -97.70 105.87
CA PRO N 257 48.85 -98.51 105.85
C PRO N 257 48.53 -99.96 105.52
N PRO N 258 49.45 -100.72 104.86
CA PRO N 258 49.18 -102.12 104.51
C PRO N 258 49.45 -103.16 105.61
N PRO O 237 -15.15 12.60 87.12
CA PRO O 237 -14.77 11.85 85.90
C PRO O 237 -13.25 11.66 85.68
N THR O 238 -12.71 10.42 85.67
CA THR O 238 -11.29 10.19 85.95
C THR O 238 -10.63 9.39 84.80
N LEU O 239 -9.37 9.69 84.36
CA LEU O 239 -8.50 8.71 83.67
C LEU O 239 -7.78 7.82 84.72
N PRO O 240 -7.45 6.53 84.42
CA PRO O 240 -7.41 5.48 85.45
C PRO O 240 -6.19 5.49 86.38
N PHE O 241 -6.43 5.16 87.65
CA PHE O 241 -5.47 5.12 88.73
C PHE O 241 -4.75 3.78 88.72
N ASN O 242 -3.41 3.87 88.64
CA ASN O 242 -2.53 2.73 88.35
C ASN O 242 -1.38 2.58 89.34
N ALA O 243 -1.60 2.94 90.62
CA ALA O 243 -0.75 2.45 91.70
C ALA O 243 -1.40 1.25 92.41
N GLN O 244 -0.57 0.31 92.89
CA GLN O 244 -0.97 -1.05 93.19
C GLN O 244 -0.44 -1.43 94.57
N SER O 245 -1.23 -2.26 95.27
CA SER O 245 -0.92 -2.63 96.64
C SER O 245 0.32 -3.51 96.68
N CYS O 246 1.02 -3.46 97.83
CA CYS O 246 2.24 -4.22 98.01
C CYS O 246 1.94 -5.72 98.05
N TYR O 247 0.84 -6.10 98.72
CA TYR O 247 0.37 -7.48 98.75
C TYR O 247 0.14 -8.04 97.34
N ARG O 248 -0.53 -7.28 96.48
CA ARG O 248 -0.82 -7.71 95.11
C ARG O 248 0.47 -7.76 94.29
N SER O 249 1.48 -6.97 94.70
CA SER O 249 2.65 -6.72 93.87
C SER O 249 3.57 -7.94 93.85
N GLU O 250 3.68 -8.64 94.99
CA GLU O 250 4.86 -9.44 95.26
C GLU O 250 4.54 -10.87 95.69
N TYR O 251 3.34 -11.10 96.22
CA TYR O 251 2.95 -12.49 96.48
C TYR O 251 2.27 -13.04 95.22
N VAL O 252 3.05 -13.39 94.20
CA VAL O 252 2.57 -13.69 92.85
C VAL O 252 2.84 -15.16 92.57
N ALA O 253 2.41 -15.65 91.39
CA ALA O 253 2.54 -17.04 90.98
C ALA O 253 4.02 -17.42 90.84
N LYS O 254 4.62 -17.92 91.93
CA LYS O 254 6.00 -18.39 91.89
C LYS O 254 6.08 -19.69 91.09
N PRO O 255 7.21 -20.01 90.42
CA PRO O 255 7.40 -21.36 89.86
C PRO O 255 7.51 -22.44 90.95
N LEU O 256 6.83 -23.56 90.77
CA LEU O 256 6.52 -24.42 91.91
C LEU O 256 7.72 -25.33 92.14
N PRO O 257 8.08 -25.69 93.39
CA PRO O 257 8.90 -26.89 93.61
C PRO O 257 8.11 -28.16 93.27
N PRO O 258 8.73 -29.22 92.70
CA PRO O 258 8.00 -30.45 92.36
C PRO O 258 7.50 -31.34 93.51
N LEU P 239 -39.65 29.77 -89.87
CA LEU P 239 -40.20 28.43 -89.54
C LEU P 239 -39.08 27.38 -89.64
N PRO P 240 -38.95 26.51 -88.61
CA PRO P 240 -37.94 25.45 -88.59
C PRO P 240 -38.10 24.44 -89.73
N PHE P 241 -36.97 23.92 -90.23
CA PHE P 241 -36.92 22.88 -91.24
C PHE P 241 -36.40 21.62 -90.57
N ASN P 242 -37.14 20.53 -90.78
CA ASN P 242 -36.78 19.25 -90.16
C ASN P 242 -36.59 18.07 -91.12
N ALA P 243 -35.82 18.26 -92.20
CA ALA P 243 -35.50 17.21 -93.15
C ALA P 243 -34.00 17.18 -93.40
N GLN P 244 -33.41 15.97 -93.38
CA GLN P 244 -31.98 15.75 -93.60
C GLN P 244 -31.79 14.59 -94.58
N SER P 245 -30.71 14.61 -95.38
CA SER P 245 -30.57 13.73 -96.55
C SER P 245 -30.33 12.27 -96.15
N CYS P 246 -30.65 11.40 -97.14
CA CYS P 246 -30.80 9.96 -96.98
C CYS P 246 -29.45 9.38 -96.56
N TYR P 247 -28.48 9.72 -97.40
CA TYR P 247 -27.18 9.10 -97.33
C TYR P 247 -26.46 9.44 -96.02
N ARG P 248 -26.50 10.73 -95.61
CA ARG P 248 -25.75 11.07 -94.39
C ARG P 248 -26.42 10.49 -93.16
N SER P 249 -27.77 10.50 -93.17
CA SER P 249 -28.53 10.19 -91.97
C SER P 249 -28.73 8.68 -91.77
N GLU P 250 -28.36 7.87 -92.79
CA GLU P 250 -28.39 6.42 -92.62
C GLU P 250 -26.99 5.79 -92.52
N TYR P 251 -26.18 5.98 -93.56
CA TYR P 251 -24.87 5.36 -93.66
C TYR P 251 -23.91 6.02 -92.66
N VAL P 252 -24.27 6.01 -91.38
CA VAL P 252 -23.40 6.55 -90.34
C VAL P 252 -22.27 5.56 -90.13
N ALA P 253 -21.10 6.07 -89.71
CA ALA P 253 -19.98 5.23 -89.36
C ALA P 253 -20.36 4.41 -88.13
N LYS P 254 -20.69 3.15 -88.37
CA LYS P 254 -21.14 2.33 -87.26
C LYS P 254 -19.95 1.92 -86.40
N PRO P 255 -20.23 1.51 -85.14
CA PRO P 255 -19.21 0.98 -84.25
C PRO P 255 -18.57 -0.30 -84.78
N LEU P 256 -17.24 -0.40 -84.60
CA LEU P 256 -16.41 -1.39 -85.28
C LEU P 256 -16.65 -2.76 -84.65
N PRO P 257 -16.75 -3.85 -85.45
CA PRO P 257 -16.85 -5.20 -84.90
C PRO P 257 -15.59 -5.61 -84.14
N PRO P 258 -15.66 -6.44 -83.06
CA PRO P 258 -14.51 -6.71 -82.20
C PRO P 258 -13.50 -7.75 -82.75
N LEU Q 239 -0.45 -40.92 -74.83
CA LEU Q 239 -0.09 -42.08 -73.97
C LEU Q 239 0.78 -43.08 -74.76
N PRO Q 240 1.82 -43.64 -74.09
CA PRO Q 240 2.99 -44.21 -74.76
C PRO Q 240 2.71 -45.52 -75.48
N PHE Q 241 3.75 -45.98 -76.17
CA PHE Q 241 3.75 -46.98 -77.20
C PHE Q 241 4.56 -48.22 -76.78
N ASN Q 242 4.00 -49.39 -77.06
CA ASN Q 242 4.56 -50.65 -76.56
C ASN Q 242 4.71 -51.72 -77.65
N ALA Q 243 5.32 -51.36 -78.79
CA ALA Q 243 5.50 -52.30 -79.89
C ALA Q 243 6.97 -52.35 -80.30
N GLN Q 244 7.50 -53.57 -80.40
CA GLN Q 244 8.87 -53.85 -80.80
C GLN Q 244 8.88 -54.95 -81.85
N SER Q 245 10.01 -55.12 -82.52
CA SER Q 245 10.13 -56.05 -83.63
C SER Q 245 10.16 -57.50 -83.14
N CYS Q 246 9.94 -58.38 -84.14
CA CYS Q 246 9.93 -59.83 -83.98
C CYS Q 246 11.31 -60.28 -83.56
N TYR Q 247 12.34 -59.77 -84.24
CA TYR Q 247 13.71 -60.18 -84.05
C TYR Q 247 14.22 -59.96 -82.62
N ARG Q 248 14.02 -58.75 -82.09
CA ARG Q 248 14.59 -58.46 -80.77
C ARG Q 248 13.83 -59.22 -79.68
N SER Q 249 12.51 -59.27 -79.82
CA SER Q 249 11.62 -59.82 -78.81
C SER Q 249 11.64 -61.35 -78.77
N GLU Q 250 12.33 -61.98 -79.74
CA GLU Q 250 12.30 -63.43 -79.89
C GLU Q 250 13.69 -64.07 -79.75
N TYR Q 251 14.68 -63.68 -80.59
CA TYR Q 251 15.96 -64.36 -80.65
C TYR Q 251 16.83 -64.01 -79.45
N VAL Q 252 16.31 -64.22 -78.25
CA VAL Q 252 16.98 -63.82 -77.03
C VAL Q 252 18.12 -64.80 -76.78
N ALA Q 253 19.12 -64.36 -76.01
CA ALA Q 253 20.15 -65.25 -75.49
C ALA Q 253 19.51 -66.30 -74.59
N LYS Q 254 19.29 -67.48 -75.17
CA LYS Q 254 18.69 -68.62 -74.52
C LYS Q 254 19.54 -69.12 -73.34
N PRO Q 255 18.92 -69.64 -72.25
CA PRO Q 255 19.64 -70.13 -71.06
C PRO Q 255 20.52 -71.35 -71.34
N LEU Q 256 21.70 -71.34 -70.69
CA LEU Q 256 22.97 -71.82 -71.24
C LEU Q 256 22.99 -73.34 -71.38
N PRO Q 257 23.43 -73.85 -72.55
CA PRO Q 257 23.57 -75.30 -72.71
C PRO Q 257 24.81 -75.76 -71.94
N PRO Q 258 24.88 -77.07 -71.63
CA PRO Q 258 26.17 -77.76 -71.45
C PRO Q 258 27.00 -77.77 -72.75
N PRO R 237 20.42 130.49 -1.57
CA PRO R 237 20.28 129.04 -1.91
C PRO R 237 21.20 128.13 -1.08
N THR R 238 21.01 126.81 -1.19
CA THR R 238 22.00 125.89 -0.64
C THR R 238 22.54 125.03 -1.77
N LEU R 239 23.86 125.07 -1.96
CA LEU R 239 24.47 124.16 -2.93
C LEU R 239 25.00 123.01 -2.10
N PRO R 240 25.11 121.80 -2.65
CA PRO R 240 25.68 120.69 -1.90
C PRO R 240 27.21 120.73 -1.87
N PHE R 241 27.71 119.78 -1.09
CA PHE R 241 29.13 119.66 -0.83
C PHE R 241 29.62 118.40 -1.53
N ASN R 242 30.49 118.58 -2.54
CA ASN R 242 30.93 117.48 -3.41
C ASN R 242 32.42 117.18 -3.30
N ALA R 243 33.00 117.45 -2.14
CA ALA R 243 34.41 117.20 -1.89
C ALA R 243 34.57 116.40 -0.61
N GLN R 244 35.64 115.59 -0.59
CA GLN R 244 36.09 114.93 0.63
C GLN R 244 37.60 115.12 0.73
N SER R 245 38.08 115.07 1.98
CA SER R 245 39.49 115.25 2.28
C SER R 245 40.25 114.04 1.74
N CYS R 246 41.57 114.22 1.53
CA CYS R 246 42.42 113.10 1.15
C CYS R 246 42.38 112.02 2.22
N TYR R 247 42.44 112.47 3.48
CA TYR R 247 42.42 111.62 4.65
C TYR R 247 41.15 110.78 4.66
N ARG R 248 40.02 111.47 4.44
CA ARG R 248 38.70 110.86 4.49
C ARG R 248 38.49 109.90 3.31
N SER R 249 39.05 110.26 2.15
CA SER R 249 38.88 109.45 0.95
C SER R 249 39.72 108.18 1.04
N GLU R 250 40.84 108.23 1.77
CA GLU R 250 41.80 107.15 1.71
C GLU R 250 41.79 106.30 2.97
N TYR R 251 42.25 106.88 4.10
CA TYR R 251 42.35 106.15 5.36
C TYR R 251 41.01 105.57 5.81
N VAL R 252 40.56 104.51 5.12
CA VAL R 252 39.30 103.84 5.42
C VAL R 252 39.65 102.49 6.03
N ALA R 253 38.62 101.80 6.55
CA ALA R 253 38.79 100.46 7.07
C ALA R 253 38.94 99.49 5.89
N LYS R 254 40.11 98.84 5.82
CA LYS R 254 40.48 98.03 4.67
C LYS R 254 40.43 96.52 4.93
N PRO R 255 40.46 95.66 3.87
CA PRO R 255 40.44 94.20 4.01
C PRO R 255 41.65 93.65 4.74
N LEU R 256 41.39 92.63 5.57
CA LEU R 256 42.32 92.14 6.58
C LEU R 256 43.43 91.34 5.90
N PRO R 257 44.67 91.38 6.43
CA PRO R 257 45.74 90.48 5.99
C PRO R 257 45.36 89.03 6.33
N PRO R 258 45.75 88.01 5.52
CA PRO R 258 45.06 86.71 5.56
C PRO R 258 45.53 85.82 6.71
N PRO S 237 61.71 40.85 -27.88
CA PRO S 237 61.84 39.93 -29.02
C PRO S 237 63.30 39.63 -29.34
N THR S 238 64.07 39.35 -28.29
CA THR S 238 65.51 39.14 -28.37
C THR S 238 65.83 37.82 -29.07
N LEU S 239 66.64 37.88 -30.13
CA LEU S 239 67.09 36.65 -30.80
C LEU S 239 68.21 36.06 -29.95
N PRO S 240 68.41 34.71 -29.89
CA PRO S 240 69.33 34.12 -28.91
C PRO S 240 70.78 33.99 -29.38
N PHE S 241 71.73 33.83 -28.45
CA PHE S 241 73.17 33.87 -28.68
C PHE S 241 73.67 32.44 -28.91
N ASN S 242 74.32 32.24 -30.05
CA ASN S 242 74.81 30.92 -30.44
C ASN S 242 76.30 30.90 -30.79
N ALA S 243 77.12 31.68 -30.07
CA ALA S 243 78.57 31.56 -30.15
C ALA S 243 79.15 31.01 -28.85
N GLN S 244 80.32 30.34 -28.92
CA GLN S 244 80.99 29.81 -27.73
C GLN S 244 82.50 29.79 -27.94
N SER S 245 83.26 29.81 -26.83
CA SER S 245 84.71 29.81 -26.88
C SER S 245 85.25 28.45 -27.33
N CYS S 246 86.45 28.51 -27.94
CA CYS S 246 87.15 27.35 -28.49
C CYS S 246 87.50 26.39 -27.36
N TYR S 247 88.02 26.99 -26.29
CA TYR S 247 88.45 26.24 -25.11
C TYR S 247 87.27 25.49 -24.51
N ARG S 248 86.16 26.22 -24.38
CA ARG S 248 84.95 25.66 -23.78
C ARG S 248 84.38 24.52 -24.61
N SER S 249 84.40 24.69 -25.94
CA SER S 249 83.77 23.75 -26.84
C SER S 249 84.62 22.51 -27.05
N GLU S 250 85.94 22.63 -26.81
CA GLU S 250 86.83 21.53 -27.17
C GLU S 250 87.42 20.81 -25.95
N TYR S 251 87.84 21.57 -24.93
CA TYR S 251 88.48 20.98 -23.77
C TYR S 251 87.44 20.76 -22.67
N VAL S 252 86.79 19.59 -22.68
CA VAL S 252 85.93 19.21 -21.57
C VAL S 252 86.60 18.05 -20.83
N ALA S 253 86.14 17.74 -19.60
CA ALA S 253 86.80 16.73 -18.78
C ALA S 253 86.46 15.33 -19.31
N LYS S 254 87.43 14.71 -19.97
CA LYS S 254 87.14 13.46 -20.67
C LYS S 254 87.18 12.26 -19.72
N PRO S 255 86.35 11.22 -19.97
CA PRO S 255 86.47 9.95 -19.25
C PRO S 255 87.78 9.22 -19.55
N LEU S 256 88.22 8.50 -18.52
CA LEU S 256 89.53 7.87 -18.37
C LEU S 256 89.64 6.62 -19.24
N PRO S 257 90.89 6.24 -19.60
CA PRO S 257 91.18 5.01 -20.35
C PRO S 257 90.74 3.74 -19.60
N PRO S 258 90.28 2.66 -20.28
CA PRO S 258 89.64 1.51 -19.63
C PRO S 258 90.64 0.50 -19.04
N PRO T 237 24.96 114.55 -37.30
CA PRO T 237 24.27 113.68 -38.28
C PRO T 237 25.22 112.76 -39.04
N THR T 238 26.01 111.98 -38.29
CA THR T 238 27.22 111.31 -38.77
C THR T 238 26.89 110.11 -39.67
N LEU T 239 27.84 109.79 -40.55
CA LEU T 239 27.77 108.66 -41.46
C LEU T 239 28.79 107.61 -41.03
N PRO T 240 28.44 106.30 -40.99
CA PRO T 240 29.19 105.26 -40.27
C PRO T 240 30.59 105.00 -40.80
N PHE T 241 31.54 104.78 -39.87
CA PHE T 241 32.97 104.71 -40.18
C PHE T 241 33.34 103.26 -40.48
N ASN T 242 33.57 102.95 -41.75
CA ASN T 242 33.70 101.55 -42.18
C ASN T 242 35.07 101.17 -42.77
N ALA T 243 36.17 101.57 -42.12
CA ALA T 243 37.49 101.00 -42.41
C ALA T 243 38.21 100.64 -41.11
N GLN T 244 39.25 99.80 -41.15
CA GLN T 244 40.18 99.68 -40.02
C GLN T 244 41.58 99.30 -40.49
N SER T 245 42.59 99.59 -39.64
CA SER T 245 44.02 99.52 -39.93
C SER T 245 44.46 98.13 -40.32
N CYS T 246 45.54 98.09 -41.11
CA CYS T 246 46.10 96.85 -41.63
C CYS T 246 46.64 96.01 -40.49
N TYR T 247 47.35 96.69 -39.58
CA TYR T 247 48.03 96.04 -38.49
C TYR T 247 47.01 95.39 -37.55
N ARG T 248 45.97 96.17 -37.24
CA ARG T 248 44.92 95.76 -36.34
C ARG T 248 44.04 94.69 -37.00
N SER T 249 43.94 94.68 -38.33
CA SER T 249 43.15 93.67 -39.03
C SER T 249 43.88 92.34 -39.09
N GLU T 250 45.21 92.39 -39.19
CA GLU T 250 45.94 91.20 -39.61
C GLU T 250 46.66 90.53 -38.45
N TYR T 251 47.26 91.35 -37.55
CA TYR T 251 47.99 90.78 -36.43
C TYR T 251 47.07 90.71 -35.22
N VAL T 252 46.34 89.61 -35.07
CA VAL T 252 45.57 89.34 -33.88
C VAL T 252 46.09 88.02 -33.35
N ALA T 253 45.62 87.65 -32.16
CA ALA T 253 46.15 86.52 -31.44
C ALA T 253 45.61 85.24 -32.08
N LYS T 254 46.52 84.46 -32.64
CA LYS T 254 46.12 83.22 -33.27
C LYS T 254 46.27 82.08 -32.28
N PRO T 255 45.45 81.01 -32.41
CA PRO T 255 45.71 79.78 -31.67
C PRO T 255 46.98 79.09 -32.13
N LEU T 256 47.71 78.57 -31.14
CA LEU T 256 49.09 78.12 -31.25
C LEU T 256 49.15 76.85 -32.10
N PRO T 257 50.25 76.62 -32.86
CA PRO T 257 50.49 75.32 -33.51
C PRO T 257 50.63 74.20 -32.49
N PRO T 258 50.08 72.99 -32.76
CA PRO T 258 49.99 71.95 -31.75
C PRO T 258 51.28 71.14 -31.62
N PRO U 237 49.02 17.67 -60.35
CA PRO U 237 50.06 17.32 -59.39
C PRO U 237 51.37 16.91 -60.10
N THR U 238 52.47 17.05 -59.35
CA THR U 238 53.84 16.83 -59.80
C THR U 238 54.25 15.37 -59.59
N LEU U 239 54.62 14.75 -60.73
CA LEU U 239 55.14 13.40 -60.80
C LEU U 239 56.48 13.28 -60.06
N PRO U 240 56.75 12.11 -59.45
CA PRO U 240 58.07 11.83 -58.88
C PRO U 240 59.13 11.50 -59.94
N PHE U 241 60.39 11.50 -59.51
CA PHE U 241 61.52 10.97 -60.26
C PHE U 241 61.85 9.57 -59.78
N ASN U 242 61.83 8.63 -60.73
CA ASN U 242 61.97 7.22 -60.41
C ASN U 242 62.88 6.55 -61.43
N ALA U 243 63.92 7.29 -61.87
CA ALA U 243 64.92 6.76 -62.78
C ALA U 243 66.22 6.47 -62.02
N GLN U 244 66.98 5.50 -62.52
CA GLN U 244 67.94 4.79 -61.69
C GLN U 244 68.95 4.07 -62.59
N SER U 245 70.24 4.33 -62.36
CA SER U 245 71.28 4.06 -63.34
C SER U 245 71.68 2.58 -63.35
N CYS U 246 72.40 2.19 -64.43
CA CYS U 246 72.96 0.88 -64.74
C CYS U 246 73.82 0.35 -63.59
N TYR U 247 74.79 1.18 -63.15
CA TYR U 247 75.80 0.73 -62.22
C TYR U 247 75.12 0.33 -60.92
N ARG U 248 74.21 1.20 -60.48
CA ARG U 248 73.53 1.00 -59.20
C ARG U 248 72.49 -0.10 -59.30
N SER U 249 71.89 -0.30 -60.49
CA SER U 249 70.89 -1.35 -60.64
C SER U 249 71.55 -2.73 -60.67
N GLU U 250 72.78 -2.79 -61.21
CA GLU U 250 73.38 -4.10 -61.47
C GLU U 250 74.34 -4.52 -60.36
N TYR U 251 75.37 -3.68 -60.11
CA TYR U 251 76.39 -4.00 -59.13
C TYR U 251 75.90 -3.71 -57.72
N VAL U 252 75.17 -4.65 -57.14
CA VAL U 252 74.67 -4.55 -55.79
C VAL U 252 75.41 -5.61 -54.97
N ALA U 253 75.17 -5.61 -53.65
CA ALA U 253 75.90 -6.52 -52.78
C ALA U 253 75.35 -7.93 -52.95
N LYS U 254 76.20 -8.84 -53.44
CA LYS U 254 75.79 -10.23 -53.57
C LYS U 254 76.34 -11.00 -52.38
N PRO U 255 75.58 -11.97 -51.81
CA PRO U 255 76.18 -12.94 -50.90
C PRO U 255 77.15 -13.89 -51.62
N LEU U 256 78.22 -14.25 -50.93
CA LEU U 256 79.42 -14.80 -51.54
C LEU U 256 79.20 -16.26 -51.97
N PRO U 257 79.80 -16.72 -53.09
CA PRO U 257 79.89 -18.13 -53.44
C PRO U 257 80.67 -18.94 -52.40
N PRO U 258 80.22 -20.17 -52.06
CA PRO U 258 80.84 -21.02 -51.05
C PRO U 258 82.19 -21.66 -51.41
N PRO V 237 15.36 93.75 -72.84
CA PRO V 237 15.75 92.88 -71.72
C PRO V 237 15.96 91.41 -72.16
N THR V 238 16.98 90.74 -71.56
CA THR V 238 17.86 89.78 -72.20
C THR V 238 17.33 88.35 -72.03
N LEU V 239 17.01 87.70 -73.17
CA LEU V 239 16.65 86.28 -73.26
C LEU V 239 17.81 85.40 -72.83
N PRO V 240 17.54 84.29 -72.11
CA PRO V 240 18.59 83.43 -71.57
C PRO V 240 19.31 82.60 -72.63
N PHE V 241 20.57 82.32 -72.32
CA PHE V 241 21.56 81.76 -73.21
C PHE V 241 21.72 80.27 -72.90
N ASN V 242 21.47 79.46 -73.93
CA ASN V 242 21.41 78.01 -73.75
C ASN V 242 22.24 77.27 -74.81
N ALA V 243 23.40 77.81 -75.16
CA ALA V 243 24.39 77.10 -75.97
C ALA V 243 25.57 76.66 -75.10
N GLN V 244 26.39 75.74 -75.63
CA GLN V 244 27.41 75.10 -74.81
C GLN V 244 28.52 74.53 -75.70
N SER V 245 29.78 74.62 -75.25
CA SER V 245 30.96 74.43 -76.09
C SER V 245 31.38 72.96 -76.16
N CYS V 246 32.23 72.66 -77.16
CA CYS V 246 32.63 71.29 -77.47
C CYS V 246 33.55 70.70 -76.40
N TYR V 247 34.58 71.49 -76.03
CA TYR V 247 35.59 71.05 -75.07
C TYR V 247 34.90 70.77 -73.74
N ARG V 248 34.01 71.68 -73.36
CA ARG V 248 33.34 71.65 -72.09
C ARG V 248 32.33 70.51 -72.06
N SER V 249 31.73 70.20 -73.22
CA SER V 249 30.78 69.10 -73.31
C SER V 249 31.49 67.76 -73.18
N GLU V 250 32.65 67.66 -73.82
CA GLU V 250 33.23 66.33 -74.01
C GLU V 250 34.25 65.97 -72.91
N TYR V 251 35.26 66.83 -72.73
CA TYR V 251 36.31 66.61 -71.74
C TYR V 251 35.80 66.90 -70.33
N VAL V 252 35.11 65.93 -69.73
CA VAL V 252 34.54 66.10 -68.40
C VAL V 252 35.24 65.12 -67.46
N ALA V 253 34.93 65.22 -66.17
CA ALA V 253 35.60 64.43 -65.15
C ALA V 253 35.08 62.98 -65.22
N LYS V 254 35.89 62.03 -65.71
CA LYS V 254 35.41 60.66 -65.89
C LYS V 254 35.86 59.79 -64.70
N PRO V 255 35.08 58.79 -64.26
CA PRO V 255 35.61 57.80 -63.30
C PRO V 255 36.56 56.81 -63.99
N LEU V 256 37.66 56.50 -63.31
CA LEU V 256 38.74 55.71 -63.86
C LEU V 256 38.38 54.25 -64.09
N PRO V 257 38.90 53.62 -65.16
CA PRO V 257 38.78 52.16 -65.32
C PRO V 257 39.59 51.40 -64.27
N PRO V 258 39.12 50.23 -63.78
CA PRO V 258 39.91 49.39 -62.86
C PRO V 258 41.00 48.58 -63.59
N PRO W 237 28.61 -7.23 -82.29
CA PRO W 237 29.24 -7.66 -81.05
C PRO W 237 29.95 -9.01 -81.17
N THR W 238 31.06 -9.12 -80.44
CA THR W 238 32.00 -10.23 -80.42
C THR W 238 31.39 -11.47 -79.75
N LEU W 239 32.07 -12.61 -79.91
CA LEU W 239 31.76 -13.83 -79.18
C LEU W 239 33.03 -14.58 -78.78
N PRO W 240 33.20 -14.96 -77.48
CA PRO W 240 34.48 -15.46 -76.96
C PRO W 240 34.84 -16.85 -77.53
N PHE W 241 36.15 -17.09 -77.75
CA PHE W 241 36.55 -17.88 -78.90
C PHE W 241 37.03 -19.22 -78.40
N ASN W 242 36.43 -20.29 -78.95
CA ASN W 242 36.60 -21.62 -78.40
C ASN W 242 36.77 -22.66 -79.51
N ALA W 243 37.65 -22.36 -80.47
CA ALA W 243 38.16 -23.31 -81.45
C ALA W 243 39.69 -23.21 -81.54
N GLN W 244 40.37 -24.32 -81.91
CA GLN W 244 41.84 -24.38 -81.86
C GLN W 244 42.39 -25.29 -82.96
N SER W 245 43.72 -25.42 -83.02
CA SER W 245 44.38 -26.15 -84.08
C SER W 245 44.38 -27.65 -83.78
N CYS W 246 44.58 -28.42 -84.89
CA CYS W 246 44.46 -29.86 -84.83
C CYS W 246 45.66 -30.41 -84.08
N TYR W 247 46.84 -29.86 -84.38
CA TYR W 247 48.08 -30.33 -83.82
C TYR W 247 48.10 -30.05 -82.32
N ARG W 248 47.66 -28.86 -81.90
CA ARG W 248 47.64 -28.58 -80.48
C ARG W 248 46.52 -29.30 -79.75
N SER W 249 45.46 -29.68 -80.47
CA SER W 249 44.41 -30.42 -79.81
C SER W 249 44.83 -31.87 -79.53
N GLU W 250 45.61 -32.47 -80.44
CA GLU W 250 45.87 -33.91 -80.35
C GLU W 250 47.28 -34.25 -79.87
N TYR W 251 48.33 -33.60 -80.42
CA TYR W 251 49.69 -33.89 -80.00
C TYR W 251 49.95 -33.35 -78.59
N VAL W 252 49.39 -34.03 -77.60
CA VAL W 252 49.47 -33.62 -76.20
C VAL W 252 50.47 -34.53 -75.52
N ALA W 253 50.73 -34.27 -74.23
CA ALA W 253 51.42 -35.21 -73.36
C ALA W 253 50.66 -36.54 -73.36
N LYS W 254 51.39 -37.65 -73.47
CA LYS W 254 50.78 -38.94 -73.74
C LYS W 254 51.21 -39.95 -72.69
N PRO W 255 50.55 -41.13 -72.57
CA PRO W 255 50.93 -42.17 -71.61
C PRO W 255 52.32 -42.77 -71.83
N LEU W 256 53.05 -42.84 -70.71
CA LEU W 256 54.51 -42.93 -70.60
C LEU W 256 55.05 -44.28 -71.09
N PRO W 257 56.12 -44.27 -71.94
CA PRO W 257 56.58 -45.49 -72.60
C PRO W 257 57.33 -46.43 -71.65
N PRO W 258 57.46 -47.74 -71.99
CA PRO W 258 58.52 -48.58 -71.42
C PRO W 258 59.89 -48.18 -72.02
N PRO X 237 -12.45 62.99 -88.13
CA PRO X 237 -12.16 61.79 -87.34
C PRO X 237 -11.36 60.75 -88.15
N THR X 238 -10.13 60.47 -87.68
CA THR X 238 -9.10 59.74 -88.42
C THR X 238 -9.40 58.25 -88.49
N LEU X 239 -8.84 57.61 -89.54
CA LEU X 239 -8.86 56.15 -89.65
C LEU X 239 -7.44 55.62 -89.70
N PRO X 240 -7.14 54.52 -88.98
CA PRO X 240 -5.79 53.95 -89.03
C PRO X 240 -5.52 53.24 -90.38
N PHE X 241 -4.24 53.15 -90.77
CA PHE X 241 -3.82 52.33 -91.90
C PHE X 241 -3.40 50.95 -91.41
N ASN X 242 -4.01 49.91 -92.01
CA ASN X 242 -3.84 48.55 -91.51
C ASN X 242 -3.62 47.53 -92.62
N ALA X 243 -2.70 47.83 -93.54
CA ALA X 243 -2.26 46.89 -94.57
C ALA X 243 -0.73 46.84 -94.65
N GLN X 244 -0.20 45.70 -95.14
CA GLN X 244 1.19 45.33 -94.97
C GLN X 244 1.70 44.52 -96.16
N SER X 245 3.02 44.58 -96.37
CA SER X 245 3.71 43.85 -97.41
C SER X 245 3.72 42.36 -97.10
N CYS X 246 3.95 41.61 -98.17
CA CYS X 246 3.97 40.15 -98.20
C CYS X 246 5.08 39.63 -97.31
N TYR X 247 6.25 40.25 -97.50
CA TYR X 247 7.48 39.83 -96.86
C TYR X 247 7.34 40.03 -95.36
N ARG X 248 6.81 41.16 -94.92
CA ARG X 248 6.69 41.40 -93.50
C ARG X 248 5.57 40.60 -92.88
N SER X 249 4.56 40.27 -93.69
CA SER X 249 3.43 39.52 -93.17
C SER X 249 3.86 38.07 -92.88
N GLU X 250 4.76 37.53 -93.73
CA GLU X 250 5.14 36.13 -93.54
C GLU X 250 6.48 35.95 -92.83
N TYR X 251 7.57 36.59 -93.31
CA TYR X 251 8.91 36.16 -92.99
C TYR X 251 9.29 36.61 -91.57
N VAL X 252 8.54 36.13 -90.58
CA VAL X 252 8.76 36.47 -89.20
C VAL X 252 9.50 35.30 -88.55
N ALA X 253 10.10 35.57 -87.38
CA ALA X 253 10.78 34.55 -86.61
C ALA X 253 9.83 33.41 -86.27
N LYS X 254 10.26 32.18 -86.57
CA LYS X 254 9.55 30.95 -86.27
C LYS X 254 10.31 30.19 -85.18
N PRO X 255 9.86 28.99 -84.74
CA PRO X 255 10.56 28.25 -83.68
C PRO X 255 11.94 27.76 -84.06
N LEU X 256 12.91 27.98 -83.18
CA LEU X 256 14.30 27.78 -83.55
C LEU X 256 14.70 26.31 -83.40
N PRO X 257 15.52 25.75 -84.32
CA PRO X 257 16.09 24.41 -84.11
C PRO X 257 17.09 24.36 -82.95
N PRO X 258 17.29 23.23 -82.23
CA PRO X 258 18.25 23.16 -81.11
C PRO X 258 19.71 23.01 -81.60
N MET Y 1 25.08 13.26 103.60
CA MET Y 1 26.49 13.22 103.12
C MET Y 1 27.22 14.47 103.62
N ARG Y 2 28.56 14.34 103.60
CA ARG Y 2 29.42 15.42 104.06
C ARG Y 2 29.25 16.62 103.14
N GLU Y 3 29.20 17.79 103.76
CA GLU Y 3 28.53 18.94 103.15
C GLU Y 3 29.10 20.23 103.73
N VAL Y 4 28.71 21.34 103.11
CA VAL Y 4 29.11 22.64 103.58
C VAL Y 4 28.09 23.64 103.09
N ILE Y 5 27.84 24.59 103.98
CA ILE Y 5 26.72 25.47 103.82
C ILE Y 5 27.23 26.87 103.53
N SER Y 6 26.55 27.56 102.62
CA SER Y 6 26.96 28.85 102.12
C SER Y 6 26.01 29.96 102.58
N ILE Y 7 26.57 31.08 103.07
CA ILE Y 7 25.81 32.25 103.52
C ILE Y 7 26.32 33.49 102.79
N HIS Y 8 25.40 34.22 102.15
CA HIS Y 8 25.72 35.46 101.46
C HIS Y 8 24.95 36.61 102.11
N VAL Y 9 25.69 37.57 102.65
CA VAL Y 9 25.10 38.72 103.32
C VAL Y 9 25.47 39.99 102.56
N GLY Y 10 24.46 40.73 102.08
CA GLY Y 10 24.67 42.04 101.47
C GLY Y 10 25.01 42.04 99.98
N GLN Y 11 24.91 43.24 99.35
CA GLN Y 11 25.15 43.45 97.92
C GLN Y 11 26.49 42.93 97.40
N ALA Y 12 27.52 42.94 98.25
CA ALA Y 12 28.81 42.39 97.86
C ALA Y 12 28.75 40.88 97.65
N GLY Y 13 28.36 40.12 98.70
CA GLY Y 13 28.36 38.66 98.64
C GLY Y 13 27.32 38.11 97.65
N ILE Y 14 26.25 38.88 97.42
CA ILE Y 14 25.15 38.38 96.59
C ILE Y 14 25.60 38.18 95.15
N GLN Y 15 26.27 39.20 94.58
CA GLN Y 15 26.68 39.09 93.19
C GLN Y 15 28.03 38.39 93.04
N ILE Y 16 28.80 38.30 94.15
CA ILE Y 16 29.86 37.30 94.21
C ILE Y 16 29.24 35.91 94.08
N GLY Y 17 28.17 35.69 94.87
CA GLY Y 17 27.44 34.42 94.84
C GLY Y 17 26.85 34.13 93.46
N ASN Y 18 26.45 35.19 92.74
CA ASN Y 18 25.97 35.05 91.38
C ASN Y 18 27.07 34.50 90.47
N ALA Y 19 28.28 35.02 90.67
CA ALA Y 19 29.43 34.51 89.96
C ALA Y 19 29.84 33.12 90.50
N CYS Y 20 29.50 32.86 91.77
CA CYS Y 20 29.93 31.62 92.40
C CYS Y 20 29.15 30.45 91.82
N TRP Y 21 27.82 30.49 91.94
CA TRP Y 21 27.01 29.34 91.62
C TRP Y 21 26.86 29.16 90.12
N GLU Y 22 27.29 30.16 89.36
CA GLU Y 22 27.32 30.01 87.91
C GLU Y 22 28.33 28.91 87.54
N LEU Y 23 29.54 28.97 88.15
CA LEU Y 23 30.62 28.03 87.86
C LEU Y 23 30.25 26.61 88.29
N PHE Y 24 29.66 26.49 89.50
CA PHE Y 24 29.37 25.21 90.10
C PHE Y 24 28.31 24.47 89.32
N CYS Y 25 27.39 25.22 88.70
CA CYS Y 25 26.46 24.63 87.78
C CYS Y 25 27.20 24.10 86.54
N LEU Y 26 28.20 24.86 86.06
CA LEU Y 26 28.94 24.44 84.88
C LEU Y 26 29.95 23.34 85.21
N GLU Y 27 30.49 23.35 86.45
CA GLU Y 27 31.42 22.33 86.91
C GLU Y 27 30.73 20.96 86.90
N HIS Y 28 29.46 20.90 87.35
CA HIS Y 28 28.73 19.66 87.51
C HIS Y 28 27.90 19.30 86.27
N GLY Y 29 27.85 20.22 85.30
CA GLY Y 29 27.20 19.95 84.02
C GLY Y 29 25.67 20.08 84.02
N ILE Y 30 25.18 20.74 85.08
CA ILE Y 30 23.74 20.98 85.21
C ILE Y 30 23.38 22.28 84.49
N GLN Y 31 22.33 22.29 83.66
CA GLN Y 31 21.98 23.50 82.91
C GLN Y 31 21.24 24.47 83.82
N PRO Y 32 21.14 25.80 83.56
CA PRO Y 32 20.25 26.68 84.33
C PRO Y 32 18.77 26.31 84.48
N ASP Y 33 18.25 25.43 83.59
CA ASP Y 33 16.90 24.89 83.77
C ASP Y 33 16.79 24.01 85.01
N GLY Y 34 17.91 23.42 85.45
CA GLY Y 34 18.00 22.74 86.74
C GLY Y 34 18.28 21.24 86.61
N GLN Y 35 18.15 20.68 85.41
CA GLN Y 35 18.29 19.25 85.18
C GLN Y 35 19.50 18.97 84.29
N MET Y 36 20.16 17.83 84.52
CA MET Y 36 21.27 17.41 83.67
C MET Y 36 20.75 16.61 82.48
N PRO Y 37 21.29 16.74 81.24
CA PRO Y 37 20.68 16.01 80.11
C PRO Y 37 21.24 14.59 79.93
N ASP Y 47 27.14 12.08 93.38
CA ASP Y 47 27.52 11.95 94.82
C ASP Y 47 28.64 12.92 95.20
N ALA Y 48 29.47 13.27 94.21
CA ALA Y 48 30.51 14.28 94.38
C ALA Y 48 29.92 15.67 94.58
N PHE Y 49 28.72 15.91 94.04
CA PHE Y 49 28.08 17.22 94.12
C PHE Y 49 27.20 17.37 95.36
N ASN Y 50 27.16 16.32 96.19
CA ASN Y 50 26.32 16.31 97.38
C ASN Y 50 26.79 17.31 98.43
N THR Y 51 28.06 17.70 98.37
CA THR Y 51 28.62 18.64 99.32
C THR Y 51 28.21 20.07 98.99
N PHE Y 52 27.58 20.29 97.83
CA PHE Y 52 27.11 21.62 97.48
C PHE Y 52 25.70 21.66 96.87
N PHE Y 53 25.16 20.51 96.47
CA PHE Y 53 23.86 20.46 95.82
C PHE Y 53 23.09 19.26 96.33
N SER Y 54 21.80 19.50 96.60
CA SER Y 54 20.89 18.46 97.04
C SER Y 54 20.20 17.86 95.82
N GLU Y 55 19.24 16.96 96.10
CA GLU Y 55 18.48 16.28 95.06
C GLU Y 55 16.99 16.56 95.24
N THR Y 56 16.32 16.83 94.11
CA THR Y 56 14.89 17.10 94.09
C THR Y 56 14.21 16.16 93.10
N GLY Y 57 13.85 14.97 93.60
CA GLY Y 57 13.21 13.92 92.82
C GLY Y 57 14.24 13.04 92.13
N ALA Y 58 14.32 13.18 90.80
CA ALA Y 58 15.35 12.54 90.01
C ALA Y 58 15.79 13.47 88.88
N GLY Y 59 17.04 13.92 88.96
CA GLY Y 59 17.65 14.71 87.89
C GLY Y 59 17.72 16.20 88.19
N LYS Y 60 16.95 16.66 89.18
CA LYS Y 60 16.93 18.07 89.58
C LYS Y 60 17.82 18.26 90.79
N HIS Y 61 18.74 19.25 90.68
CA HIS Y 61 19.66 19.56 91.76
C HIS Y 61 19.42 20.99 92.23
N VAL Y 62 19.43 21.14 93.55
CA VAL Y 62 19.11 22.43 94.15
C VAL Y 62 20.32 22.92 94.92
N PRO Y 63 20.69 24.22 94.80
CA PRO Y 63 21.80 24.75 95.57
C PRO Y 63 21.53 24.73 97.07
N ARG Y 64 22.60 24.48 97.82
CA ARG Y 64 22.59 24.60 99.26
C ARG Y 64 23.33 25.87 99.64
N CYS Y 65 22.60 26.98 99.53
CA CYS Y 65 23.09 28.28 99.97
C CYS Y 65 21.92 29.04 100.59
N VAL Y 66 22.26 30.10 101.34
CA VAL Y 66 21.25 31.05 101.76
C VAL Y 66 21.70 32.44 101.37
N PHE Y 67 20.74 33.24 100.90
CA PHE Y 67 20.95 34.63 100.57
C PHE Y 67 20.26 35.47 101.64
N LEU Y 68 20.87 36.61 101.97
CA LEU Y 68 20.36 37.43 103.05
C LEU Y 68 20.73 38.89 102.80
N ASP Y 69 19.71 39.74 102.66
CA ASP Y 69 19.89 41.16 102.42
C ASP Y 69 18.63 41.89 102.90
N LEU Y 70 18.82 43.11 103.41
CA LEU Y 70 17.70 43.82 104.01
C LEU Y 70 16.84 44.56 102.99
N GLU Y 71 17.37 44.75 101.78
CA GLU Y 71 16.59 45.41 100.74
C GLU Y 71 16.37 44.46 99.58
N PRO Y 72 15.17 44.48 98.96
CA PRO Y 72 14.89 43.61 97.82
C PRO Y 72 15.35 44.10 96.45
N THR Y 73 16.22 45.12 96.42
CA THR Y 73 16.57 45.73 95.14
C THR Y 73 17.52 44.85 94.33
N VAL Y 74 18.19 43.91 95.01
CA VAL Y 74 19.18 43.04 94.40
C VAL Y 74 18.72 41.59 94.57
N VAL Y 75 17.95 41.30 95.63
CA VAL Y 75 17.40 39.98 95.89
C VAL Y 75 16.42 39.64 94.77
N ASP Y 76 15.60 40.63 94.36
CA ASP Y 76 14.67 40.45 93.26
C ASP Y 76 15.40 40.26 91.94
N GLU Y 77 16.60 40.85 91.91
CA GLU Y 77 17.34 40.81 90.67
C GLU Y 77 17.89 39.40 90.40
N VAL Y 78 18.23 38.67 91.46
CA VAL Y 78 18.58 37.26 91.41
C VAL Y 78 17.38 36.41 90.98
N ARG Y 79 16.20 36.72 91.48
CA ARG Y 79 15.06 35.84 91.27
C ARG Y 79 14.56 35.93 89.84
N THR Y 80 14.48 37.14 89.26
CA THR Y 80 13.97 37.31 87.90
C THR Y 80 15.07 37.13 86.84
N GLY Y 81 16.30 36.85 87.27
CA GLY Y 81 17.43 36.65 86.37
C GLY Y 81 17.42 35.30 85.66
N THR Y 82 18.62 34.70 85.49
CA THR Y 82 18.78 33.48 84.73
C THR Y 82 18.21 32.29 85.51
N TYR Y 83 18.53 32.27 86.81
CA TYR Y 83 18.21 31.17 87.71
C TYR Y 83 16.79 31.33 88.29
N ARG Y 84 15.82 31.32 87.39
CA ARG Y 84 14.45 31.42 87.88
C ARG Y 84 13.97 30.08 88.39
N HIS Y 85 14.46 29.00 87.78
CA HIS Y 85 13.92 27.68 88.08
C HIS Y 85 14.92 26.83 88.87
N LEU Y 86 16.23 27.09 88.70
CA LEU Y 86 17.23 26.27 89.37
C LEU Y 86 17.31 26.61 90.87
N PHE Y 87 17.09 27.89 91.20
CA PHE Y 87 17.09 28.33 92.58
C PHE Y 87 15.77 27.99 93.24
N HIS Y 88 15.64 28.42 94.48
CA HIS Y 88 14.42 28.20 95.23
C HIS Y 88 13.89 29.55 95.66
N PRO Y 89 12.57 29.77 95.60
CA PRO Y 89 12.02 31.07 96.02
C PRO Y 89 12.19 31.37 97.51
N GLU Y 90 11.95 30.41 98.41
CA GLU Y 90 12.09 30.65 99.84
C GLU Y 90 13.56 30.51 100.30
N GLN Y 91 14.46 30.19 99.39
CA GLN Y 91 15.88 30.18 99.67
C GLN Y 91 16.44 31.59 99.84
N LEU Y 92 15.78 32.57 99.24
CA LEU Y 92 16.23 33.96 99.26
C LEU Y 92 15.41 34.69 100.32
N ILE Y 93 16.09 35.45 101.18
CA ILE Y 93 15.46 36.21 102.26
C ILE Y 93 15.61 37.70 101.93
N SER Y 94 14.46 38.40 101.96
CA SER Y 94 14.40 39.81 101.66
C SER Y 94 13.68 40.52 102.79
N GLY Y 95 14.30 41.64 103.22
CA GLY Y 95 13.73 42.52 104.22
C GLY Y 95 12.92 43.64 103.59
N LYS Y 96 12.92 44.79 104.28
CA LYS Y 96 12.11 45.92 103.86
C LYS Y 96 13.05 47.11 103.59
N GLU Y 97 13.85 47.54 104.59
CA GLU Y 97 14.72 48.71 104.43
C GLU Y 97 16.19 48.32 104.59
N ASP Y 98 17.08 48.82 103.72
CA ASP Y 98 18.52 48.54 103.79
C ASP Y 98 19.13 49.27 104.99
N ALA Y 99 20.20 48.69 105.56
CA ALA Y 99 20.87 49.27 106.73
C ALA Y 99 21.56 50.58 106.39
N ALA Y 100 21.95 50.76 105.12
CA ALA Y 100 22.44 52.02 104.58
C ALA Y 100 23.70 52.50 105.31
N ASN Y 101 24.78 51.73 105.21
CA ASN Y 101 26.09 52.10 105.73
C ASN Y 101 26.07 52.50 107.20
N ASN Y 102 25.33 51.74 108.00
CA ASN Y 102 25.23 51.97 109.42
C ASN Y 102 25.33 50.63 110.12
N PHE Y 103 26.35 50.48 110.97
CA PHE Y 103 26.50 49.28 111.77
C PHE Y 103 25.32 49.12 112.71
N ALA Y 104 24.77 50.25 113.15
CA ALA Y 104 23.70 50.25 114.13
C ALA Y 104 22.36 49.82 113.53
N ARG Y 105 22.19 50.04 112.22
CA ARG Y 105 20.88 49.76 111.62
C ARG Y 105 20.66 48.25 111.52
N GLY Y 106 21.72 47.52 111.16
CA GLY Y 106 21.65 46.07 111.00
C GLY Y 106 21.74 45.32 112.33
N HIS Y 107 22.81 45.60 113.08
CA HIS Y 107 23.13 44.84 114.29
C HIS Y 107 22.15 45.12 115.45
N TYR Y 108 21.44 46.25 115.40
CA TYR Y 108 20.63 46.64 116.54
C TYR Y 108 19.14 46.70 116.24
N THR Y 109 18.74 47.44 115.19
CA THR Y 109 17.32 47.73 115.03
C THR Y 109 16.67 46.83 113.99
N ILE Y 110 17.07 47.00 112.72
CA ILE Y 110 16.25 46.44 111.64
C ILE Y 110 16.59 44.97 111.38
N GLY Y 111 17.73 44.51 111.89
CA GLY Y 111 18.22 43.16 111.63
C GLY Y 111 17.43 42.05 112.32
N LYS Y 112 16.75 42.40 113.43
CA LYS Y 112 16.10 41.45 114.34
C LYS Y 112 14.95 40.71 113.63
N GLU Y 113 14.34 41.37 112.66
CA GLU Y 113 13.18 40.80 111.98
C GLU Y 113 13.60 39.75 110.95
N ILE Y 114 14.90 39.69 110.62
CA ILE Y 114 15.40 38.76 109.63
C ILE Y 114 16.13 37.60 110.30
N VAL Y 115 16.70 37.83 111.50
CA VAL Y 115 17.47 36.80 112.19
C VAL Y 115 16.56 35.64 112.57
N ASP Y 116 15.37 35.94 113.07
CA ASP Y 116 14.41 34.89 113.41
C ASP Y 116 13.98 34.12 112.16
N LEU Y 117 13.87 34.83 111.04
CA LEU Y 117 13.54 34.18 109.78
C LEU Y 117 14.75 33.39 109.27
N SER Y 118 15.97 33.89 109.50
CA SER Y 118 17.16 33.24 109.00
C SER Y 118 17.48 31.96 109.79
N LEU Y 119 17.47 32.07 111.15
CA LEU Y 119 17.74 30.98 112.11
C LEU Y 119 16.88 29.76 111.79
N ASP Y 120 15.62 30.04 111.41
CA ASP Y 120 14.68 28.98 111.09
C ASP Y 120 15.14 28.23 109.85
N ARG Y 121 15.75 28.97 108.91
CA ARG Y 121 16.15 28.40 107.63
C ARG Y 121 17.35 27.49 107.81
N ILE Y 122 18.34 27.98 108.57
CA ILE Y 122 19.56 27.22 108.79
C ILE Y 122 19.24 25.94 109.54
N ARG Y 123 18.40 26.08 110.59
CA ARG Y 123 18.02 24.96 111.42
C ARG Y 123 17.30 23.90 110.63
N LYS Y 124 16.51 24.38 109.66
CA LYS Y 124 15.80 23.45 108.80
C LYS Y 124 16.78 22.81 107.80
N LEU Y 125 17.86 23.50 107.46
CA LEU Y 125 18.84 22.95 106.51
C LEU Y 125 19.92 22.11 107.21
N ALA Y 126 20.20 22.37 108.49
CA ALA Y 126 21.39 21.78 109.12
C ALA Y 126 21.09 20.47 109.83
N ASP Y 127 19.82 20.31 110.25
CA ASP Y 127 19.40 19.20 111.10
C ASP Y 127 19.36 17.87 110.38
N ASN Y 128 19.08 17.89 109.07
CA ASN Y 128 18.65 16.70 108.34
C ASN Y 128 19.78 15.68 108.22
N CYS Y 129 20.96 16.18 107.86
CA CYS Y 129 22.12 15.34 107.69
C CYS Y 129 23.26 15.79 108.59
N THR Y 130 23.76 14.79 109.30
CA THR Y 130 24.94 14.91 110.12
C THR Y 130 26.16 14.99 109.20
N GLY Y 131 27.30 15.17 109.85
CA GLY Y 131 28.58 15.29 109.15
C GLY Y 131 28.70 16.52 108.23
N LEU Y 132 28.13 17.64 108.69
CA LEU Y 132 28.39 18.96 108.10
C LEU Y 132 29.82 19.38 108.44
N GLN Y 133 30.39 20.28 107.63
CA GLN Y 133 31.79 20.60 107.79
C GLN Y 133 32.03 22.04 108.21
N GLY Y 134 31.26 22.95 107.63
CA GLY Y 134 31.47 24.35 107.95
C GLY Y 134 30.54 25.26 107.20
N PHE Y 135 30.77 26.56 107.36
CA PHE Y 135 29.97 27.59 106.73
C PHE Y 135 30.86 28.51 105.94
N LEU Y 136 30.26 29.23 105.00
CA LEU Y 136 30.99 30.12 104.13
C LEU Y 136 30.27 31.47 104.10
N MET Y 137 30.81 32.45 104.81
CA MET Y 137 30.32 33.81 104.72
C MET Y 137 30.88 34.50 103.48
N PHE Y 138 30.08 35.42 102.94
CA PHE Y 138 30.51 36.31 101.87
C PHE Y 138 29.93 37.68 102.13
N ASN Y 139 30.79 38.63 102.51
CA ASN Y 139 30.32 39.96 102.83
C ASN Y 139 31.45 40.96 102.62
N ALA Y 140 31.06 42.24 102.49
CA ALA Y 140 31.97 43.37 102.56
C ALA Y 140 32.02 43.87 103.99
N VAL Y 141 33.26 44.13 104.45
CA VAL Y 141 33.46 44.69 105.78
C VAL Y 141 32.91 46.11 105.79
N GLY Y 142 33.08 46.83 104.68
CA GLY Y 142 32.76 48.25 104.64
C GLY Y 142 31.26 48.54 104.55
N GLY Y 143 30.52 47.73 103.77
CA GLY Y 143 29.08 47.84 103.63
C GLY Y 143 28.33 47.56 104.93
N GLY Y 144 27.17 48.17 105.09
CA GLY Y 144 26.50 48.17 106.39
C GLY Y 144 25.85 46.84 106.74
N THR Y 145 25.17 46.26 105.76
CA THR Y 145 24.46 45.01 106.02
C THR Y 145 25.44 43.86 106.18
N GLY Y 146 26.49 43.86 105.34
CA GLY Y 146 27.55 42.87 105.40
C GLY Y 146 28.26 42.89 106.76
N SER Y 147 28.49 44.09 107.30
CA SER Y 147 29.07 44.24 108.61
C SER Y 147 28.06 44.03 109.75
N GLY Y 148 26.89 44.69 109.62
CA GLY Y 148 25.86 44.67 110.65
C GLY Y 148 25.21 43.30 110.75
N LEU Y 149 24.41 42.98 109.72
CA LEU Y 149 23.58 41.79 109.79
C LEU Y 149 24.42 40.54 109.63
N GLY Y 150 25.62 40.69 109.03
CA GLY Y 150 26.62 39.64 109.03
C GLY Y 150 27.04 39.25 110.45
N CYS Y 151 27.23 40.25 111.31
CA CYS Y 151 27.74 40.01 112.65
C CYS Y 151 26.72 39.24 113.50
N LEU Y 152 25.47 39.74 113.58
CA LEU Y 152 24.52 39.17 114.53
C LEU Y 152 24.13 37.75 114.13
N LEU Y 153 24.18 37.48 112.82
CA LEU Y 153 23.94 36.12 112.34
C LEU Y 153 25.14 35.23 112.69
N LEU Y 154 26.35 35.80 112.60
CA LEU Y 154 27.54 35.01 112.88
C LEU Y 154 27.72 34.89 114.40
N GLU Y 155 27.25 35.90 115.17
CA GLU Y 155 27.22 35.83 116.62
C GLU Y 155 26.27 34.72 117.08
N ARG Y 156 25.07 34.67 116.48
CA ARG Y 156 24.03 33.74 116.92
C ARG Y 156 24.39 32.31 116.58
N LEU Y 157 25.12 32.13 115.46
CA LEU Y 157 25.52 30.79 115.08
C LEU Y 157 26.59 30.25 116.03
N SER Y 158 27.41 31.15 116.57
CA SER Y 158 28.47 30.73 117.47
C SER Y 158 27.90 30.17 118.77
N VAL Y 159 26.78 30.75 119.23
CA VAL Y 159 26.18 30.34 120.49
C VAL Y 159 25.49 28.99 120.31
N ASP Y 160 24.77 28.84 119.19
CA ASP Y 160 23.93 27.65 118.95
C ASP Y 160 24.83 26.46 118.62
N TYR Y 161 25.63 26.54 117.55
CA TYR Y 161 26.52 25.46 117.17
C TYR Y 161 27.95 25.82 117.52
N GLY Y 162 28.21 25.75 118.84
CA GLY Y 162 29.51 26.01 119.44
C GLY Y 162 30.60 25.07 118.92
N LYS Y 163 30.22 23.89 118.42
CA LYS Y 163 31.03 22.79 117.91
C LYS Y 163 31.67 23.05 116.53
N LYS Y 164 31.35 24.16 115.86
CA LYS Y 164 31.33 24.06 114.41
C LYS Y 164 32.23 25.12 113.77
N SER Y 165 32.88 24.74 112.66
CA SER Y 165 33.73 25.63 111.89
C SER Y 165 32.90 26.59 111.05
N LYS Y 166 33.41 27.81 110.83
CA LYS Y 166 32.75 28.80 109.98
C LYS Y 166 33.75 29.79 109.41
N LEU Y 167 33.96 29.71 108.09
CA LEU Y 167 34.88 30.54 107.33
C LEU Y 167 34.24 31.88 107.00
N ASN Y 168 35.08 32.91 106.83
CA ASN Y 168 34.66 34.25 106.46
C ASN Y 168 35.42 34.69 105.21
N PHE Y 169 34.73 35.45 104.34
CA PHE Y 169 35.35 36.09 103.19
C PHE Y 169 34.98 37.57 103.17
N CYS Y 170 35.98 38.44 103.29
CA CYS Y 170 35.77 39.87 103.49
C CYS Y 170 36.42 40.69 102.36
N SER Y 171 35.75 41.81 102.01
CA SER Y 171 36.28 42.77 101.05
C SER Y 171 36.72 44.02 101.79
N TRP Y 172 37.95 44.00 102.28
CA TRP Y 172 38.48 45.06 103.14
C TRP Y 172 38.69 46.34 102.35
N PRO Y 173 38.46 47.52 102.95
CA PRO Y 173 38.76 48.80 102.29
C PRO Y 173 40.24 49.03 101.98
N SER Y 174 40.51 49.43 100.74
CA SER Y 174 41.84 49.68 100.17
C SER Y 174 42.45 50.98 100.70
N PRO Y 175 43.79 51.19 100.64
CA PRO Y 175 44.39 52.47 101.02
C PRO Y 175 44.04 53.73 100.22
N GLN Y 176 43.47 53.58 99.01
CA GLN Y 176 43.04 54.77 98.27
C GLN Y 176 41.52 54.79 98.08
N VAL Y 177 41.05 53.76 97.40
CA VAL Y 177 39.65 53.63 97.08
C VAL Y 177 38.92 53.16 98.34
N SER Y 178 37.82 53.84 98.71
CA SER Y 178 36.98 53.39 99.81
C SER Y 178 35.49 53.43 99.45
N THR Y 179 35.09 54.35 98.56
CA THR Y 179 33.75 54.46 98.00
C THR Y 179 32.67 54.70 99.07
N ALA Y 180 33.07 55.18 100.24
CA ALA Y 180 32.15 55.59 101.28
C ALA Y 180 32.95 56.33 102.33
N VAL Y 181 32.27 57.29 102.95
CA VAL Y 181 32.85 58.21 103.90
C VAL Y 181 32.96 57.53 105.28
N VAL Y 182 32.11 56.52 105.52
CA VAL Y 182 31.97 55.95 106.85
C VAL Y 182 32.62 54.57 106.93
N GLU Y 183 33.41 54.22 105.91
CA GLU Y 183 34.23 53.01 105.88
C GLU Y 183 35.13 52.86 107.11
N PRO Y 184 35.85 53.90 107.62
CA PRO Y 184 36.65 53.70 108.84
C PRO Y 184 35.82 53.38 110.07
N TYR Y 185 34.63 53.99 110.20
CA TYR Y 185 33.76 53.66 111.31
C TYR Y 185 33.22 52.25 111.19
N ASN Y 186 32.86 51.84 109.98
CA ASN Y 186 32.12 50.60 109.76
C ASN Y 186 33.05 49.42 109.98
N SER Y 187 34.35 49.62 109.66
CA SER Y 187 35.29 48.51 109.64
C SER Y 187 35.81 48.19 111.04
N VAL Y 188 36.22 49.23 111.78
CA VAL Y 188 36.79 49.02 113.10
C VAL Y 188 35.70 48.50 114.04
N LEU Y 189 34.46 48.95 113.84
CA LEU Y 189 33.34 48.37 114.57
C LEU Y 189 33.09 46.93 114.16
N SER Y 190 33.43 46.57 112.91
CA SER Y 190 33.15 45.23 112.41
C SER Y 190 34.06 44.23 113.11
N THR Y 191 35.37 44.53 113.08
CA THR Y 191 36.36 43.54 113.47
C THR Y 191 36.40 43.29 114.97
N HIS Y 192 35.92 44.23 115.81
CA HIS Y 192 35.78 43.93 117.23
C HIS Y 192 34.83 42.74 117.42
N SER Y 193 33.71 42.82 116.71
CA SER Y 193 32.67 41.81 116.78
C SER Y 193 32.82 40.77 115.66
N LEU Y 194 33.93 40.84 114.89
CA LEU Y 194 34.29 39.79 113.93
C LEU Y 194 35.70 39.27 114.20
N LEU Y 195 36.25 39.51 115.40
CA LEU Y 195 37.45 38.80 115.84
C LEU Y 195 37.03 37.56 116.62
N GLU Y 196 36.17 37.80 117.63
CA GLU Y 196 35.85 36.78 118.60
C GLU Y 196 34.95 35.72 117.96
N HIS Y 197 33.88 36.12 117.24
CA HIS Y 197 32.86 35.17 116.79
C HIS Y 197 33.33 34.21 115.69
N THR Y 198 34.12 34.69 114.72
CA THR Y 198 34.52 33.89 113.55
C THR Y 198 35.75 33.02 113.90
N ASP Y 199 36.15 32.17 112.94
CA ASP Y 199 37.36 31.36 113.07
C ASP Y 199 38.49 31.89 112.18
N VAL Y 200 38.24 31.93 110.88
CA VAL Y 200 39.25 32.29 109.89
C VAL Y 200 38.60 33.24 108.89
N ALA Y 201 39.29 34.34 108.56
CA ALA Y 201 38.74 35.36 107.69
C ALA Y 201 39.74 35.69 106.59
N VAL Y 202 39.38 35.34 105.34
CA VAL Y 202 40.22 35.63 104.19
C VAL Y 202 40.07 37.12 103.83
N MET Y 203 41.10 37.91 104.09
CA MET Y 203 41.07 39.32 103.77
C MET Y 203 41.28 39.51 102.27
N LEU Y 204 40.46 40.38 101.65
CA LEU Y 204 40.69 40.81 100.28
C LEU Y 204 40.49 42.32 100.19
N ASP Y 205 41.30 42.95 99.33
CA ASP Y 205 41.05 44.32 98.93
C ASP Y 205 40.55 44.38 97.48
N ASN Y 206 39.99 45.53 97.09
CA ASN Y 206 39.47 45.73 95.75
C ASN Y 206 40.49 46.39 94.82
N GLU Y 207 41.30 47.36 95.31
CA GLU Y 207 42.24 48.02 94.40
C GLU Y 207 43.44 47.14 94.08
N ALA Y 208 43.69 46.13 94.92
CA ALA Y 208 44.67 45.08 94.66
C ALA Y 208 44.30 44.34 93.37
N ILE Y 209 43.03 43.96 93.28
CA ILE Y 209 42.57 43.22 92.12
C ILE Y 209 42.43 44.17 90.94
N TYR Y 210 42.31 45.48 91.21
CA TYR Y 210 42.32 46.48 90.14
C TYR Y 210 43.65 46.50 89.40
N ASP Y 211 44.73 46.38 90.17
CA ASP Y 211 46.05 46.33 89.56
C ASP Y 211 46.35 44.92 89.04
N ILE Y 212 45.64 43.90 89.54
CA ILE Y 212 45.72 42.56 88.98
C ILE Y 212 45.17 42.54 87.55
N CYS Y 213 44.02 43.17 87.34
CA CYS Y 213 43.35 43.12 86.05
C CYS Y 213 44.12 43.88 84.98
N ARG Y 214 44.92 44.85 85.45
CA ARG Y 214 45.52 45.76 84.51
C ARG Y 214 46.91 45.27 84.08
N ARG Y 215 47.59 44.50 84.94
CA ARG Y 215 48.96 44.04 84.74
C ARG Y 215 49.05 42.65 84.09
N ASN Y 216 48.37 41.64 84.64
CA ASN Y 216 48.51 40.28 84.15
C ASN Y 216 47.42 39.96 83.14
N LEU Y 217 46.20 40.38 83.49
CA LEU Y 217 45.04 40.06 82.71
C LEU Y 217 44.78 41.15 81.67
N ASP Y 218 45.68 42.14 81.58
CA ASP Y 218 45.80 43.24 80.62
C ASP Y 218 44.47 43.85 80.16
N ILE Y 219 43.61 44.17 81.12
CA ILE Y 219 42.43 44.96 80.83
C ILE Y 219 42.55 46.25 81.62
N GLU Y 220 42.38 47.38 80.94
CA GLU Y 220 42.73 48.68 81.47
C GLU Y 220 41.61 49.28 82.31
N ARG Y 221 40.35 48.83 82.16
CA ARG Y 221 39.33 49.19 83.13
C ARG Y 221 38.31 48.07 83.30
N PRO Y 222 38.35 47.35 84.43
CA PRO Y 222 37.29 46.40 84.77
C PRO Y 222 36.12 46.96 85.56
N THR Y 223 35.07 46.15 85.68
CA THR Y 223 33.92 46.42 86.51
C THR Y 223 33.65 45.21 87.39
N TYR Y 224 32.67 45.32 88.30
CA TYR Y 224 32.25 44.25 89.17
C TYR Y 224 32.04 42.86 88.54
N THR Y 225 31.56 42.72 87.32
CA THR Y 225 31.33 41.36 86.82
C THR Y 225 32.66 40.67 86.47
N ASN Y 226 33.76 41.44 86.45
CA ASN Y 226 35.08 40.84 86.24
C ASN Y 226 35.78 40.54 87.56
N LEU Y 227 35.49 41.38 88.59
CA LEU Y 227 35.98 41.16 89.95
C LEU Y 227 35.40 39.86 90.50
N ASN Y 228 34.07 39.69 90.40
CA ASN Y 228 33.39 38.53 90.98
C ASN Y 228 33.72 37.26 90.21
N ARG Y 229 34.00 37.37 88.92
CA ARG Y 229 34.40 36.24 88.08
C ARG Y 229 35.77 35.73 88.48
N LEU Y 230 36.60 36.62 89.04
CA LEU Y 230 37.96 36.26 89.38
C LEU Y 230 38.01 35.75 90.82
N ILE Y 231 37.11 36.21 91.69
CA ILE Y 231 37.07 35.69 93.04
C ILE Y 231 36.40 34.32 93.01
N ALA Y 232 35.58 34.04 91.99
CA ALA Y 232 34.86 32.76 91.89
C ALA Y 232 35.84 31.64 91.58
N GLN Y 233 36.90 31.94 90.83
CA GLN Y 233 37.94 30.99 90.50
C GLN Y 233 38.75 30.62 91.75
N VAL Y 234 38.93 31.56 92.67
CA VAL Y 234 39.72 31.34 93.87
C VAL Y 234 38.99 30.42 94.83
N ILE Y 235 37.70 30.71 95.03
CA ILE Y 235 36.90 29.94 95.97
C ILE Y 235 36.64 28.54 95.40
N SER Y 236 36.51 28.41 94.07
CA SER Y 236 36.35 27.09 93.46
C SER Y 236 37.64 26.27 93.57
N SER Y 237 38.79 26.94 93.51
CA SER Y 237 40.07 26.26 93.70
C SER Y 237 40.30 25.95 95.18
N LEU Y 238 39.68 26.75 96.07
CA LEU Y 238 39.79 26.51 97.51
C LEU Y 238 39.09 25.21 97.89
N THR Y 239 37.86 25.03 97.40
CA THR Y 239 36.94 24.05 97.96
C THR Y 239 36.72 22.87 97.02
N ALA Y 240 37.59 22.67 96.02
CA ALA Y 240 37.37 21.55 95.08
C ALA Y 240 37.64 20.21 95.75
N SER Y 241 38.52 20.25 96.75
CA SER Y 241 38.92 19.12 97.54
C SER Y 241 37.75 18.54 98.34
N LEU Y 242 36.83 19.40 98.76
CA LEU Y 242 35.59 18.96 99.37
C LEU Y 242 34.68 18.28 98.34
N ARG Y 243 34.77 18.70 97.07
CA ARG Y 243 33.89 18.19 96.02
C ARG Y 243 34.49 16.91 95.43
N PHE Y 244 35.67 17.08 94.81
CA PHE Y 244 36.23 16.01 94.01
C PHE Y 244 37.43 15.41 94.73
N ASP Y 245 37.89 14.30 94.16
CA ASP Y 245 38.96 13.57 94.79
C ASP Y 245 40.33 14.08 94.34
N GLY Y 246 41.39 13.41 94.78
CA GLY Y 246 42.74 13.69 94.31
C GLY Y 246 43.77 12.89 95.11
N ALA Y 247 45.06 13.06 94.76
CA ALA Y 247 46.17 12.47 95.48
C ALA Y 247 46.26 12.96 96.94
N LEU Y 248 46.03 14.25 97.18
CA LEU Y 248 46.08 14.84 98.52
C LEU Y 248 45.09 16.00 98.59
N ASN Y 249 44.08 15.91 99.44
CA ASN Y 249 43.06 16.95 99.54
C ASN Y 249 42.93 17.43 100.98
N VAL Y 250 42.62 18.72 101.15
CA VAL Y 250 42.40 19.24 102.49
C VAL Y 250 41.09 20.03 102.54
N ASP Y 251 40.35 19.81 103.62
CA ASP Y 251 39.05 20.41 103.84
C ASP Y 251 39.21 21.63 104.74
N VAL Y 252 38.06 22.13 105.21
CA VAL Y 252 37.91 23.27 106.09
C VAL Y 252 38.62 23.07 107.43
N THR Y 253 38.35 21.93 108.08
CA THR Y 253 38.59 21.78 109.51
C THR Y 253 40.08 21.74 109.86
N GLU Y 254 40.94 21.42 108.88
CA GLU Y 254 42.38 21.45 109.15
C GLU Y 254 43.08 22.57 108.36
N PHE Y 255 42.33 23.58 107.86
CA PHE Y 255 42.96 24.86 107.57
C PHE Y 255 43.37 25.53 108.88
N GLN Y 256 42.43 25.59 109.83
CA GLN Y 256 42.67 26.28 111.08
C GLN Y 256 43.73 25.55 111.91
N THR Y 257 43.89 24.25 111.69
CA THR Y 257 44.93 23.52 112.42
C THR Y 257 46.33 23.96 111.98
N ASN Y 258 46.44 24.25 110.67
CA ASN Y 258 47.74 24.47 110.09
C ASN Y 258 48.13 25.94 110.18
N LEU Y 259 47.12 26.83 110.07
CA LEU Y 259 47.41 28.20 109.71
C LEU Y 259 47.31 29.12 110.92
N VAL Y 260 46.51 28.70 111.91
CA VAL Y 260 46.21 29.56 113.04
C VAL Y 260 46.96 29.04 114.25
N PRO Y 261 48.09 29.69 114.58
CA PRO Y 261 48.89 29.16 115.69
C PRO Y 261 48.27 29.51 117.05
N TYR Y 262 47.77 30.75 117.14
CA TYR Y 262 47.15 31.30 118.32
C TYR Y 262 45.80 31.90 117.89
N PRO Y 263 44.78 31.87 118.78
CA PRO Y 263 43.41 32.24 118.43
C PRO Y 263 43.18 33.65 117.89
N ARG Y 264 44.08 34.60 118.14
CA ARG Y 264 43.85 35.96 117.61
C ARG Y 264 44.33 36.08 116.16
N ILE Y 265 45.41 35.36 115.78
CA ILE Y 265 46.06 35.63 114.51
C ILE Y 265 45.47 34.72 113.44
N HIS Y 266 44.38 35.25 112.86
CA HIS Y 266 43.66 34.49 111.87
C HIS Y 266 43.15 35.35 110.73
N PHE Y 267 43.85 36.42 110.38
CA PHE Y 267 43.54 37.22 109.21
C PHE Y 267 44.64 37.01 108.17
N MET Y 268 44.26 36.43 107.03
CA MET Y 268 45.26 36.05 106.04
C MET Y 268 44.82 36.40 104.62
N LEU Y 269 45.83 36.43 103.72
CA LEU Y 269 45.77 36.93 102.36
C LEU Y 269 45.41 35.79 101.40
N SER Y 270 45.52 36.08 100.10
CA SER Y 270 45.37 35.06 99.06
C SER Y 270 46.19 35.46 97.84
N SER Y 271 46.48 34.46 97.00
CA SER Y 271 47.05 34.66 95.68
C SER Y 271 46.75 33.46 94.79
N TYR Y 272 46.64 33.71 93.48
CA TYR Y 272 46.26 32.64 92.57
C TYR Y 272 47.12 32.73 91.31
N ALA Y 273 47.69 31.58 90.93
CA ALA Y 273 48.49 31.51 89.72
C ALA Y 273 48.08 30.26 88.94
N PRO Y 274 47.92 30.34 87.60
CA PRO Y 274 48.13 31.59 86.86
C PRO Y 274 46.90 32.47 86.68
N ILE Y 275 47.14 33.77 86.53
CA ILE Y 275 46.11 34.69 86.09
C ILE Y 275 46.42 35.22 84.70
N ILE Y 276 46.11 34.42 83.68
CA ILE Y 276 46.62 34.65 82.34
C ILE Y 276 45.49 34.43 81.34
N SER Y 277 45.40 35.36 80.39
CA SER Y 277 44.36 35.38 79.37
C SER Y 277 44.68 34.39 78.24
N ALA Y 278 43.90 34.40 77.14
CA ALA Y 278 44.24 33.60 75.97
C ALA Y 278 45.36 34.26 75.19
N GLU Y 279 45.79 35.45 75.64
CA GLU Y 279 46.90 36.18 75.06
C GLU Y 279 48.19 35.36 75.32
N LYS Y 280 48.39 34.91 76.57
CA LYS Y 280 49.67 34.36 76.99
C LYS Y 280 49.59 32.89 77.41
N ALA Y 281 48.36 32.35 77.55
CA ALA Y 281 48.23 30.92 77.76
C ALA Y 281 48.68 30.16 76.49
N TYR Y 282 48.57 30.85 75.36
CA TYR Y 282 49.10 30.44 74.09
C TYR Y 282 50.63 30.46 74.11
N HIS Y 283 51.26 31.43 74.82
CA HIS Y 283 52.66 31.78 74.59
C HIS Y 283 53.67 31.17 75.59
N GLU Y 284 53.28 30.66 76.77
CA GLU Y 284 54.29 30.02 77.60
C GLU Y 284 53.72 28.84 78.40
N GLN Y 285 54.57 27.84 78.80
CA GLN Y 285 54.31 27.00 79.96
C GLN Y 285 53.86 27.80 81.18
N LEU Y 286 52.99 27.15 81.94
CA LEU Y 286 52.88 27.46 83.35
C LEU Y 286 53.38 26.24 84.10
N SER Y 287 54.70 26.14 84.20
CA SER Y 287 55.32 24.99 84.82
C SER Y 287 55.39 25.24 86.33
N VAL Y 288 55.51 24.14 87.09
CA VAL Y 288 55.45 24.16 88.54
C VAL Y 288 56.63 24.98 89.10
N ALA Y 289 57.76 24.99 88.40
CA ALA Y 289 58.94 25.73 88.79
C ALA Y 289 58.75 27.26 88.74
N GLU Y 290 57.68 27.72 88.07
CA GLU Y 290 57.51 29.16 87.89
C GLU Y 290 56.12 29.66 88.30
N ILE Y 291 55.10 28.79 88.31
CA ILE Y 291 53.79 29.22 88.79
C ILE Y 291 53.82 29.49 90.29
N THR Y 292 54.75 28.83 90.98
CA THR Y 292 54.90 29.09 92.40
C THR Y 292 55.70 30.37 92.62
N ASN Y 293 56.57 30.70 91.66
CA ASN Y 293 57.33 31.94 91.73
C ASN Y 293 56.41 33.14 91.51
N SER Y 294 55.48 33.03 90.55
CA SER Y 294 54.50 34.07 90.31
C SER Y 294 53.53 34.20 91.49
N ALA Y 295 53.31 33.09 92.20
CA ALA Y 295 52.45 33.11 93.37
C ALA Y 295 53.07 33.96 94.48
N PHE Y 296 54.40 33.91 94.63
CA PHE Y 296 55.06 34.67 95.69
C PHE Y 296 55.38 36.10 95.26
N GLU Y 297 55.07 36.45 94.01
CA GLU Y 297 55.39 37.77 93.49
C GLU Y 297 54.48 38.81 94.18
N PRO Y 298 55.00 40.01 94.50
CA PRO Y 298 54.18 41.07 95.12
C PRO Y 298 53.01 41.54 94.26
N ALA Y 299 53.06 41.29 92.96
CA ALA Y 299 51.92 41.58 92.10
C ALA Y 299 50.72 40.71 92.47
N SER Y 300 50.92 39.39 92.52
CA SER Y 300 49.83 38.43 92.44
C SER Y 300 48.99 38.34 93.72
N MET Y 301 49.48 38.91 94.82
CA MET Y 301 48.70 38.86 96.05
C MET Y 301 47.50 39.80 95.99
N MET Y 302 46.42 39.45 96.69
CA MET Y 302 45.11 40.03 96.45
C MET Y 302 44.60 40.84 97.65
N ALA Y 303 45.52 41.45 98.39
CA ALA Y 303 45.14 42.11 99.65
C ALA Y 303 45.91 43.42 99.85
N LYS Y 304 46.55 43.94 98.78
CA LYS Y 304 47.15 45.27 98.72
C LYS Y 304 48.04 45.61 99.93
N CYS Y 305 49.11 44.83 100.08
CA CYS Y 305 50.21 45.19 100.96
C CYS Y 305 51.43 44.40 100.56
N ASP Y 306 52.57 45.10 100.50
CA ASP Y 306 53.83 44.48 100.11
C ASP Y 306 54.25 43.52 101.22
N PRO Y 307 54.43 42.23 100.95
CA PRO Y 307 54.97 41.33 101.98
C PRO Y 307 56.46 41.50 102.31
N ARG Y 308 57.12 42.49 101.67
CA ARG Y 308 58.52 42.78 101.98
C ARG Y 308 58.66 43.36 103.40
N HIS Y 309 57.68 44.17 103.80
CA HIS Y 309 57.62 44.76 105.13
C HIS Y 309 56.71 43.96 106.05
N GLY Y 310 56.80 42.63 105.94
CA GLY Y 310 56.20 41.69 106.87
C GLY Y 310 56.96 40.38 106.84
N LYS Y 311 56.68 39.51 107.82
CA LYS Y 311 57.31 38.22 107.96
C LYS Y 311 56.24 37.13 107.79
N TYR Y 312 56.48 36.22 106.84
CA TYR Y 312 55.62 35.08 106.60
C TYR Y 312 55.72 34.13 107.79
N MET Y 313 54.59 33.49 108.10
CA MET Y 313 54.55 32.57 109.22
C MET Y 313 53.86 31.25 108.89
N ALA Y 314 52.94 31.23 107.91
CA ALA Y 314 52.23 30.02 107.53
C ALA Y 314 51.69 30.19 106.11
N CYS Y 315 51.82 29.13 105.30
CA CYS Y 315 51.35 29.17 103.93
C CYS Y 315 50.67 27.86 103.57
N CYS Y 316 49.70 27.95 102.67
CA CYS Y 316 48.92 26.79 102.29
C CYS Y 316 48.69 26.84 100.78
N LEU Y 317 49.03 25.75 100.08
CA LEU Y 317 49.23 25.79 98.64
C LEU Y 317 48.43 24.68 97.95
N MET Y 318 47.20 24.95 97.52
CA MET Y 318 46.46 23.93 96.76
C MET Y 318 46.77 24.05 95.28
N TYR Y 319 47.69 23.22 94.83
CA TYR Y 319 47.88 23.00 93.42
C TYR Y 319 46.68 22.22 92.90
N ARG Y 320 46.03 22.74 91.87
CA ARG Y 320 44.94 22.01 91.27
C ARG Y 320 45.24 21.80 89.79
N GLY Y 321 45.15 20.55 89.33
CA GLY Y 321 45.52 20.18 87.98
C GLY Y 321 46.73 19.25 87.99
N ASP Y 322 47.28 19.00 86.81
CA ASP Y 322 48.30 17.97 86.67
C ASP Y 322 49.65 18.45 87.21
N VAL Y 323 49.94 18.01 88.44
CA VAL Y 323 51.30 18.14 88.96
C VAL Y 323 51.84 16.82 89.49
N VAL Y 324 52.97 16.39 88.89
CA VAL Y 324 53.67 15.23 89.40
C VAL Y 324 54.52 15.68 90.58
N PRO Y 325 54.64 14.87 91.66
CA PRO Y 325 55.37 15.27 92.86
C PRO Y 325 56.85 15.64 92.76
N LYS Y 326 57.52 15.32 91.62
CA LYS Y 326 58.91 15.73 91.35
C LYS Y 326 59.00 17.26 91.54
N ASP Y 327 58.09 17.91 90.81
CA ASP Y 327 58.16 19.34 90.60
C ASP Y 327 57.81 20.09 91.89
N VAL Y 328 56.95 19.51 92.72
CA VAL Y 328 56.55 20.09 94.00
C VAL Y 328 57.79 20.30 94.88
N ASN Y 329 58.53 19.18 95.10
CA ASN Y 329 59.57 19.15 96.12
C ASN Y 329 60.71 20.11 95.78
N ALA Y 330 61.05 20.12 94.47
CA ALA Y 330 62.15 20.96 94.00
C ALA Y 330 61.73 22.42 94.14
N ALA Y 331 60.46 22.70 93.84
CA ALA Y 331 59.96 24.07 93.86
C ALA Y 331 59.90 24.57 95.31
N VAL Y 332 59.53 23.67 96.24
CA VAL Y 332 59.47 24.01 97.65
C VAL Y 332 60.86 24.43 98.15
N ALA Y 333 61.86 23.62 97.78
CA ALA Y 333 63.22 23.83 98.28
C ALA Y 333 63.77 25.17 97.80
N THR Y 334 63.38 25.57 96.56
CA THR Y 334 63.79 26.83 95.97
C THR Y 334 63.33 27.99 96.83
N ILE Y 335 62.10 27.92 97.33
CA ILE Y 335 61.50 29.01 98.07
C ILE Y 335 62.20 29.27 99.40
N LYS Y 336 62.65 28.20 100.07
CA LYS Y 336 63.41 28.40 101.31
C LYS Y 336 64.72 29.15 101.07
N THR Y 337 65.35 28.85 99.93
CA THR Y 337 66.64 29.43 99.61
C THR Y 337 66.55 30.92 99.33
N LYS Y 338 65.35 31.39 98.88
CA LYS Y 338 65.12 32.79 98.57
C LYS Y 338 65.34 33.60 99.85
N ARG Y 339 66.10 34.67 99.72
CA ARG Y 339 66.44 35.49 100.86
C ARG Y 339 65.40 36.60 100.99
N THR Y 340 64.70 36.96 99.92
CA THR Y 340 63.72 38.05 99.97
C THR Y 340 62.50 37.67 100.81
N ILE Y 341 62.25 36.37 100.91
CA ILE Y 341 61.10 35.88 101.64
C ILE Y 341 61.61 35.38 102.99
N GLN Y 342 61.24 36.06 104.08
CA GLN Y 342 61.79 35.70 105.39
C GLN Y 342 60.70 35.08 106.24
N PHE Y 343 60.92 33.84 106.68
CA PHE Y 343 60.00 33.25 107.62
C PHE Y 343 60.32 33.74 109.01
N VAL Y 344 59.38 33.48 109.90
CA VAL Y 344 59.62 33.72 111.31
C VAL Y 344 60.47 32.56 111.81
N ASP Y 345 61.48 32.87 112.63
CA ASP Y 345 62.55 31.95 112.96
C ASP Y 345 62.02 30.75 113.75
N TRP Y 346 60.96 30.93 114.54
CA TRP Y 346 60.53 29.83 115.40
C TRP Y 346 59.67 28.79 114.68
N CYS Y 347 59.37 29.00 113.38
CA CYS Y 347 58.48 28.13 112.63
C CYS Y 347 59.25 27.56 111.44
N PRO Y 348 59.93 26.41 111.64
CA PRO Y 348 60.81 25.83 110.62
C PRO Y 348 60.02 25.44 109.36
N THR Y 349 59.03 24.57 109.55
CA THR Y 349 58.10 24.28 108.47
C THR Y 349 57.16 25.48 108.33
N GLY Y 350 56.72 25.69 107.10
CA GLY Y 350 55.77 26.75 106.85
C GLY Y 350 54.78 26.38 105.76
N PHE Y 351 54.98 25.25 105.08
CA PHE Y 351 54.19 24.94 103.90
C PHE Y 351 53.40 23.66 104.08
N LYS Y 352 52.12 23.75 103.72
CA LYS Y 352 51.25 22.58 103.75
C LYS Y 352 50.77 22.32 102.33
N CYS Y 353 51.53 21.50 101.58
CA CYS Y 353 51.18 21.26 100.18
C CYS Y 353 49.85 20.52 100.03
N GLY Y 354 49.14 20.85 98.95
CA GLY Y 354 47.98 20.11 98.51
C GLY Y 354 47.98 19.98 97.00
N ILE Y 355 48.03 18.77 96.46
CA ILE Y 355 47.92 18.55 95.02
C ILE Y 355 46.61 17.84 94.70
N ASN Y 356 45.81 18.40 93.81
CA ASN Y 356 44.57 17.82 93.32
C ASN Y 356 44.84 17.27 91.91
N TYR Y 357 43.91 16.47 91.36
CA TYR Y 357 44.07 15.91 90.03
C TYR Y 357 43.07 16.44 89.01
N GLN Y 358 42.00 17.09 89.49
CA GLN Y 358 41.01 17.60 88.55
C GLN Y 358 41.55 18.87 87.89
N PRO Y 359 41.35 19.11 86.57
CA PRO Y 359 41.86 20.32 85.93
C PRO Y 359 41.13 21.55 86.46
N PRO Y 360 41.77 22.71 86.32
CA PRO Y 360 41.14 23.97 86.70
C PRO Y 360 39.90 24.23 85.86
N THR Y 361 38.91 24.84 86.51
CA THR Y 361 37.65 25.18 85.90
C THR Y 361 37.79 26.55 85.25
N VAL Y 362 36.76 26.87 84.47
CA VAL Y 362 36.84 28.03 83.63
C VAL Y 362 35.40 28.45 83.35
N VAL Y 363 35.18 29.75 83.39
CA VAL Y 363 33.94 30.35 82.93
C VAL Y 363 33.95 30.34 81.40
N PRO Y 364 32.81 30.27 80.68
CA PRO Y 364 32.83 30.38 79.23
C PRO Y 364 32.63 31.84 78.80
N GLY Y 365 33.47 32.30 77.88
CA GLY Y 365 33.43 33.68 77.40
C GLY Y 365 33.89 34.70 78.44
N GLY Y 366 34.54 34.20 79.52
CA GLY Y 366 35.18 35.03 80.53
C GLY Y 366 36.65 35.25 80.19
N ASP Y 367 37.32 36.03 81.03
CA ASP Y 367 38.68 36.44 80.69
C ASP Y 367 39.72 35.41 81.10
N LEU Y 368 39.33 34.45 81.94
CA LEU Y 368 40.15 33.32 82.41
C LEU Y 368 40.45 32.44 81.20
N ALA Y 369 41.72 32.05 80.96
CA ALA Y 369 42.00 31.08 79.90
C ALA Y 369 42.07 29.68 80.52
N LYS Y 370 41.71 28.63 79.77
CA LYS Y 370 41.87 27.28 80.29
C LYS Y 370 43.35 26.99 80.46
N VAL Y 371 43.76 26.67 81.69
CA VAL Y 371 45.15 26.35 82.00
C VAL Y 371 45.16 24.95 82.60
N MET Y 372 46.26 24.23 82.40
CA MET Y 372 46.24 22.84 82.80
C MET Y 372 46.62 22.68 84.26
N ARG Y 373 47.08 23.75 84.92
CA ARG Y 373 47.40 23.65 86.35
C ARG Y 373 47.26 25.03 86.99
N ALA Y 374 46.77 25.03 88.23
CA ALA Y 374 46.54 26.26 88.97
C ALA Y 374 47.05 26.12 90.39
N VAL Y 375 47.40 27.24 90.99
CA VAL Y 375 47.78 27.25 92.38
C VAL Y 375 46.99 28.33 93.09
N CYS Y 376 46.39 27.96 94.21
CA CYS Y 376 45.68 28.91 95.05
C CYS Y 376 46.36 28.94 96.41
N MET Y 377 47.11 30.01 96.66
CA MET Y 377 47.95 30.14 97.84
C MET Y 377 47.26 31.05 98.86
N ILE Y 378 47.14 30.56 100.09
CA ILE Y 378 46.56 31.30 101.19
C ILE Y 378 47.63 31.42 102.27
N SER Y 379 47.86 32.64 102.76
CA SER Y 379 49.10 32.97 103.45
C SER Y 379 48.82 33.79 104.71
N ASN Y 380 49.14 33.21 105.88
CA ASN Y 380 49.14 33.94 107.14
C ASN Y 380 50.49 34.65 107.26
N SER Y 381 50.47 35.99 107.17
CA SER Y 381 51.69 36.77 107.28
C SER Y 381 51.50 37.94 108.23
N THR Y 382 52.62 38.54 108.61
CA THR Y 382 52.61 39.68 109.50
C THR Y 382 52.46 40.98 108.71
N ALA Y 383 52.36 40.90 107.39
CA ALA Y 383 52.21 42.09 106.56
C ALA Y 383 50.86 42.76 106.76
N ILE Y 384 49.95 42.07 107.45
CA ILE Y 384 48.65 42.59 107.80
C ILE Y 384 48.77 43.73 108.82
N ALA Y 385 49.94 43.84 109.49
CA ALA Y 385 50.15 44.70 110.65
C ALA Y 385 49.83 46.15 110.33
N GLU Y 386 50.27 46.61 109.16
CA GLU Y 386 50.03 48.01 108.83
C GLU Y 386 48.64 48.19 108.23
N VAL Y 387 48.07 47.14 107.65
CA VAL Y 387 46.74 47.22 107.08
C VAL Y 387 45.72 47.44 108.19
N PHE Y 388 45.98 46.86 109.37
CA PHE Y 388 45.17 47.16 110.53
C PHE Y 388 45.50 48.54 111.07
N SER Y 389 46.77 48.97 111.05
CA SER Y 389 47.11 50.25 111.64
C SER Y 389 46.68 51.41 110.72
N ARG Y 390 46.60 51.14 109.40
CA ARG Y 390 46.17 52.15 108.43
C ARG Y 390 44.71 52.52 108.72
N MET Y 391 43.85 51.51 108.92
CA MET Y 391 42.46 51.78 109.24
C MET Y 391 42.30 52.35 110.65
N ASP Y 392 43.23 52.03 111.55
CA ASP Y 392 43.25 52.61 112.89
C ASP Y 392 43.52 54.10 112.79
N HIS Y 393 44.45 54.50 111.92
CA HIS Y 393 44.79 55.91 111.70
C HIS Y 393 43.58 56.61 111.06
N LYS Y 394 42.83 55.94 110.16
CA LYS Y 394 41.72 56.59 109.49
C LYS Y 394 40.56 56.73 110.48
N PHE Y 395 40.56 55.88 111.51
CA PHE Y 395 39.57 55.99 112.57
C PHE Y 395 39.88 57.19 113.48
N ASP Y 396 41.17 57.43 113.70
CA ASP Y 396 41.62 58.40 114.69
C ASP Y 396 41.28 59.85 114.30
N LEU Y 397 41.40 60.14 112.99
CA LEU Y 397 41.03 61.44 112.43
C LEU Y 397 39.56 61.77 112.70
N MET Y 398 38.72 60.83 112.27
CA MET Y 398 37.28 61.06 112.21
C MET Y 398 36.65 61.04 113.61
N TYR Y 399 37.21 60.20 114.51
CA TYR Y 399 36.71 60.10 115.88
C TYR Y 399 37.04 61.35 116.70
N ALA Y 400 38.12 62.05 116.29
CA ALA Y 400 38.67 63.18 117.03
C ALA Y 400 37.63 64.26 117.38
N LYS Y 401 36.65 64.54 116.51
CA LYS Y 401 35.58 65.47 116.85
C LYS Y 401 34.24 64.93 116.36
N ARG Y 402 34.03 63.64 116.59
CA ARG Y 402 32.65 63.20 116.77
C ARG Y 402 31.90 63.15 115.44
N ALA Y 403 32.61 63.10 114.30
CA ALA Y 403 31.91 63.13 113.02
C ALA Y 403 31.18 61.81 112.80
N PHE Y 404 29.97 61.87 112.26
CA PHE Y 404 29.15 60.72 111.91
C PHE Y 404 28.94 59.75 113.05
N VAL Y 405 29.01 60.22 114.28
CA VAL Y 405 28.76 59.43 115.47
C VAL Y 405 27.27 59.37 115.74
N HIS Y 406 26.62 60.54 115.62
CA HIS Y 406 25.23 60.73 115.99
C HIS Y 406 24.30 59.82 115.17
N TRP Y 407 24.72 59.36 113.98
CA TRP Y 407 23.96 58.39 113.20
C TRP Y 407 23.88 57.05 113.94
N TYR Y 408 25.05 56.61 114.44
CA TYR Y 408 25.15 55.35 115.18
C TYR Y 408 24.46 55.46 116.53
N VAL Y 409 24.70 56.59 117.23
CA VAL Y 409 24.14 56.82 118.55
C VAL Y 409 22.63 56.92 118.42
N GLY Y 410 22.16 57.65 117.40
CA GLY Y 410 20.75 57.92 117.19
C GLY Y 410 19.94 56.66 116.86
N GLU Y 411 20.61 55.62 116.39
CA GLU Y 411 19.92 54.38 116.01
C GLU Y 411 19.73 53.46 117.21
N GLY Y 412 20.63 53.51 118.18
CA GLY Y 412 20.46 52.64 119.34
C GLY Y 412 21.77 52.15 119.94
N MET Y 413 22.88 52.46 119.26
CA MET Y 413 24.21 52.16 119.75
C MET Y 413 24.54 53.11 120.90
N GLU Y 414 25.68 52.86 121.55
CA GLU Y 414 26.15 53.76 122.60
C GLU Y 414 27.56 54.22 122.28
N GLU Y 415 27.78 55.51 122.53
CA GLU Y 415 29.13 56.01 122.52
C GLU Y 415 29.88 55.37 123.69
N GLY Y 416 31.09 54.87 123.42
CA GLY Y 416 31.76 54.06 124.45
C GLY Y 416 32.04 52.64 123.97
N GLU Y 417 31.12 52.05 123.20
CA GLU Y 417 31.47 50.79 122.55
C GLU Y 417 32.39 51.05 121.36
N PHE Y 418 32.32 52.28 120.83
CA PHE Y 418 33.34 52.74 119.88
C PHE Y 418 34.72 52.72 120.52
N SER Y 419 34.80 53.14 121.79
CA SER Y 419 36.04 53.11 122.54
C SER Y 419 36.50 51.67 122.75
N GLU Y 420 35.55 50.75 123.03
CA GLU Y 420 35.88 49.35 123.26
C GLU Y 420 36.53 48.73 122.01
N ALA Y 421 36.13 49.19 120.82
CA ALA Y 421 36.76 48.72 119.61
C ALA Y 421 38.18 49.28 119.46
N ARG Y 422 38.48 50.40 120.13
CA ARG Y 422 39.78 51.06 120.02
C ARG Y 422 40.87 50.19 120.62
N GLU Y 423 40.68 49.76 121.89
CA GLU Y 423 41.70 48.92 122.49
C GLU Y 423 41.62 47.50 121.93
N ASP Y 424 40.51 47.17 121.25
CA ASP Y 424 40.41 45.87 120.64
C ASP Y 424 41.31 45.80 119.41
N LEU Y 425 41.25 46.82 118.53
CA LEU Y 425 42.08 46.85 117.33
C LEU Y 425 43.52 47.21 117.70
N ALA Y 426 43.70 48.01 118.77
CA ALA Y 426 45.05 48.35 119.23
C ALA Y 426 45.77 47.09 119.74
N ALA Y 427 44.99 46.19 120.38
CA ALA Y 427 45.54 44.93 120.85
C ALA Y 427 45.90 44.02 119.66
N LEU Y 428 45.12 44.13 118.57
CA LEU Y 428 45.36 43.30 117.40
C LEU Y 428 46.65 43.71 116.70
N GLU Y 429 46.91 45.03 116.61
CA GLU Y 429 48.17 45.51 116.05
C GLU Y 429 49.31 45.20 117.01
N LYS Y 430 49.03 45.24 118.32
CA LYS Y 430 50.04 44.94 119.32
C LYS Y 430 50.45 43.47 119.27
N ASP Y 431 49.51 42.57 118.93
CA ASP Y 431 49.81 41.14 118.87
C ASP Y 431 50.74 40.84 117.70
N TYR Y 432 50.47 41.37 116.50
CA TYR Y 432 51.26 41.12 115.30
C TYR Y 432 52.69 41.59 115.49
N GLU Y 433 52.87 42.77 116.07
CA GLU Y 433 54.24 43.23 116.32
C GLU Y 433 54.87 42.43 117.46
N GLU Y 434 54.05 41.84 118.35
CA GLU Y 434 54.55 40.95 119.41
C GLU Y 434 54.93 39.59 118.82
N VAL Y 435 54.15 39.09 117.86
CA VAL Y 435 54.39 37.75 117.35
C VAL Y 435 55.60 37.78 116.39
N GLY Y 436 55.64 38.80 115.54
CA GLY Y 436 56.47 38.79 114.34
C GLY Y 436 57.93 39.07 114.63
N ILE Y 437 58.29 39.32 115.89
CA ILE Y 437 59.69 39.64 116.15
C ILE Y 437 60.56 38.38 116.00
N MET Z 1 6.40 48.01 97.73
CA MET Z 1 7.88 47.84 97.79
C MET Z 1 8.50 49.15 98.32
N ARG Z 2 9.18 49.94 97.46
CA ARG Z 2 9.67 51.25 97.89
C ARG Z 2 8.92 52.37 97.16
N GLU Z 3 8.64 53.51 97.81
CA GLU Z 3 7.86 54.57 97.17
C GLU Z 3 8.36 55.95 97.61
N ILE Z 4 8.06 56.96 96.77
CA ILE Z 4 8.27 58.36 97.11
C ILE Z 4 7.03 59.13 96.71
N VAL Z 5 6.60 59.95 97.64
CA VAL Z 5 5.39 60.71 97.47
C VAL Z 5 5.79 62.19 97.29
N HIS Z 6 5.26 62.82 96.24
CA HIS Z 6 5.65 64.15 95.82
C HIS Z 6 4.66 65.22 96.33
N VAL Z 7 5.20 66.39 96.69
CA VAL Z 7 4.42 67.57 97.04
C VAL Z 7 5.01 68.77 96.32
N GLN Z 8 4.16 69.49 95.60
CA GLN Z 8 4.58 70.71 94.93
C GLN Z 8 3.93 71.90 95.62
N GLY Z 9 4.77 72.82 96.10
CA GLY Z 9 4.33 74.03 96.80
C GLY Z 9 4.86 75.29 96.12
N GLY Z 10 3.97 76.28 95.99
CA GLY Z 10 4.31 77.57 95.42
C GLY Z 10 4.33 77.55 93.91
N GLN Z 11 4.43 78.76 93.34
CA GLN Z 11 4.35 78.90 91.91
C GLN Z 11 5.58 78.30 91.23
N CYS Z 12 6.72 78.48 91.88
CA CYS Z 12 7.95 77.86 91.41
C CYS Z 12 7.83 76.33 91.38
N GLY Z 13 7.53 75.74 92.54
CA GLY Z 13 7.49 74.28 92.73
C GLY Z 13 6.40 73.61 91.88
N ASN Z 14 5.33 74.34 91.57
CA ASN Z 14 4.25 73.81 90.76
C ASN Z 14 4.68 73.67 89.30
N GLN Z 15 5.47 74.63 88.82
CA GLN Z 15 5.84 74.55 87.42
C GLN Z 15 7.29 74.16 87.22
N ILE Z 16 8.05 74.00 88.32
CA ILE Z 16 9.34 73.33 88.24
C ILE Z 16 9.14 71.82 88.35
N GLY Z 17 8.01 71.41 88.92
CA GLY Z 17 7.66 70.00 89.07
C GLY Z 17 6.74 69.53 87.96
N ALA Z 18 6.15 70.51 87.24
CA ALA Z 18 5.34 70.25 86.05
C ALA Z 18 6.20 69.51 85.05
N LYS Z 19 7.39 70.04 84.84
CA LYS Z 19 8.37 69.48 83.93
C LYS Z 19 9.10 68.26 84.49
N PHE Z 20 9.08 68.07 85.81
CA PHE Z 20 9.64 66.87 86.40
C PHE Z 20 8.81 65.63 86.03
N TRP Z 21 7.49 65.82 86.01
CA TRP Z 21 6.64 64.72 85.59
C TRP Z 21 6.66 64.51 84.08
N GLU Z 22 7.10 65.56 83.39
CA GLU Z 22 7.34 65.40 81.98
C GLU Z 22 8.58 64.52 81.75
N VAL Z 23 9.66 64.77 82.49
CA VAL Z 23 10.93 64.09 82.22
C VAL Z 23 10.92 62.70 82.84
N ILE Z 24 10.08 62.51 83.85
CA ILE Z 24 9.94 61.17 84.39
C ILE Z 24 9.10 60.30 83.45
N SER Z 25 7.98 60.82 82.93
CA SER Z 25 7.00 60.01 82.18
C SER Z 25 7.58 59.48 80.89
N ASP Z 26 8.31 60.32 80.16
CA ASP Z 26 8.90 59.86 78.91
C ASP Z 26 10.17 59.06 79.18
N GLU Z 27 10.74 59.14 80.40
CA GLU Z 27 11.83 58.25 80.80
C GLU Z 27 11.27 56.85 81.04
N HIS Z 28 10.04 56.77 81.56
CA HIS Z 28 9.41 55.48 81.84
C HIS Z 28 8.45 55.06 80.73
N GLY Z 29 8.35 55.82 79.65
CA GLY Z 29 7.54 55.51 78.48
C GLY Z 29 6.04 55.55 78.76
N ILE Z 30 5.60 56.61 79.44
CA ILE Z 30 4.18 56.80 79.76
C ILE Z 30 3.62 57.89 78.87
N ASP Z 31 2.60 57.49 78.09
CA ASP Z 31 1.76 58.31 77.22
C ASP Z 31 1.07 59.36 78.10
N PRO Z 32 0.74 60.58 77.59
CA PRO Z 32 -0.03 61.54 78.36
C PRO Z 32 -1.43 61.14 78.81
N THR Z 33 -1.97 60.20 78.06
CA THR Z 33 -3.22 59.54 78.40
C THR Z 33 -3.07 58.73 79.70
N GLY Z 34 -1.91 58.10 79.91
CA GLY Z 34 -1.67 57.29 81.09
C GLY Z 34 -1.38 55.82 80.78
N THR Z 35 -1.50 55.36 79.53
CA THR Z 35 -1.18 53.96 79.25
C THR Z 35 0.32 53.80 79.01
N TYR Z 36 0.74 52.72 78.36
CA TYR Z 36 2.17 52.47 78.22
C TYR Z 36 2.51 52.02 76.81
N CYS Z 37 3.66 52.51 76.32
CA CYS Z 37 4.32 51.99 75.11
C CYS Z 37 5.81 52.19 75.34
N GLY Z 38 6.66 51.49 74.58
CA GLY Z 38 8.10 51.61 74.77
C GLY Z 38 8.87 50.29 74.69
N ASP Z 39 8.15 49.16 74.84
CA ASP Z 39 8.60 47.80 74.56
C ASP Z 39 9.90 47.42 75.26
N SER Z 40 10.27 48.13 76.33
CA SER Z 40 11.43 47.78 77.13
C SER Z 40 10.95 47.59 78.55
N ASP Z 41 10.89 46.33 78.97
CA ASP Z 41 10.36 45.91 80.25
C ASP Z 41 11.15 46.48 81.44
N LEU Z 42 12.38 46.94 81.18
CA LEU Z 42 13.25 47.47 82.24
C LEU Z 42 12.71 48.80 82.75
N GLN Z 43 11.96 49.52 81.93
CA GLN Z 43 11.29 50.73 82.40
C GLN Z 43 10.20 50.37 83.40
N LEU Z 44 9.33 49.44 82.99
CA LEU Z 44 8.08 49.24 83.69
C LEU Z 44 8.25 48.36 84.92
N GLU Z 45 9.38 47.66 85.03
CA GLU Z 45 9.62 46.75 86.15
C GLU Z 45 9.75 47.49 87.47
N ARG Z 46 10.24 48.73 87.44
CA ARG Z 46 10.28 49.53 88.66
C ARG Z 46 9.68 50.90 88.34
N ILE Z 47 8.35 50.97 88.41
CA ILE Z 47 7.61 52.20 88.15
C ILE Z 47 6.83 52.66 89.39
N ASN Z 48 6.58 51.72 90.30
CA ASN Z 48 5.73 51.96 91.44
C ASN Z 48 6.38 52.93 92.43
N VAL Z 49 7.65 53.27 92.20
CA VAL Z 49 8.37 54.19 93.09
C VAL Z 49 7.76 55.59 93.00
N PHE Z 50 7.29 55.97 91.80
CA PHE Z 50 6.63 57.24 91.63
C PHE Z 50 5.17 57.09 91.23
N TYR Z 51 4.82 55.96 90.60
CA TYR Z 51 3.54 55.84 89.93
C TYR Z 51 2.65 54.81 90.60
N ASN Z 52 1.34 54.95 90.36
CA ASN Z 52 0.34 54.08 90.96
C ASN Z 52 -0.61 53.61 89.88
N GLU Z 53 -1.03 52.35 89.96
CA GLU Z 53 -1.99 51.82 88.99
C GLU Z 53 -3.40 52.24 89.39
N ALA Z 54 -4.22 52.61 88.41
CA ALA Z 54 -5.58 53.12 88.66
C ALA Z 54 -6.67 52.12 88.30
N THR Z 55 -6.36 50.82 88.29
CA THR Z 55 -7.36 49.78 88.03
C THR Z 55 -7.96 49.89 86.61
N GLY Z 56 -7.18 50.36 85.63
CA GLY Z 56 -7.58 50.34 84.23
C GLY Z 56 -6.40 50.13 83.30
N GLY Z 57 -5.23 49.92 83.92
CA GLY Z 57 -3.95 49.87 83.23
C GLY Z 57 -3.31 51.25 83.06
N ARG Z 58 -3.90 52.27 83.69
CA ARG Z 58 -3.46 53.64 83.56
C ARG Z 58 -2.68 54.06 84.79
N PHE Z 59 -1.49 54.61 84.59
CA PHE Z 59 -0.67 55.07 85.70
C PHE Z 59 -1.02 56.49 86.05
N VAL Z 60 -0.84 56.77 87.34
CA VAL Z 60 -1.08 58.09 87.89
C VAL Z 60 0.11 58.47 88.75
N PRO Z 61 0.42 59.77 88.84
CA PRO Z 61 1.49 60.20 89.75
C PRO Z 61 1.09 60.09 91.21
N ARG Z 62 2.11 59.97 92.07
CA ARG Z 62 1.91 60.16 93.49
C ARG Z 62 2.29 61.59 93.90
N ALA Z 63 1.63 62.58 93.26
CA ALA Z 63 1.98 63.97 93.47
C ALA Z 63 0.78 64.74 93.99
N ILE Z 64 1.04 65.63 94.94
CA ILE Z 64 0.04 66.53 95.45
C ILE Z 64 0.48 67.95 95.19
N LEU Z 65 -0.38 68.67 94.48
CA LEU Z 65 -0.08 70.02 94.04
C LEU Z 65 -0.74 71.00 95.00
N MET Z 66 0.07 71.81 95.68
CA MET Z 66 -0.41 72.60 96.80
C MET Z 66 -0.04 74.07 96.56
N ASP Z 67 -1.06 74.94 96.54
CA ASP Z 67 -0.90 76.35 96.23
C ASP Z 67 -2.16 77.08 96.65
N LEU Z 68 -2.13 78.40 96.46
CA LEU Z 68 -3.22 79.28 96.86
C LEU Z 68 -3.86 79.99 95.68
N GLU Z 69 -3.11 80.26 94.60
CA GLU Z 69 -3.70 80.92 93.46
C GLU Z 69 -4.13 79.88 92.44
N PRO Z 70 -5.43 79.73 92.11
CA PRO Z 70 -5.90 78.62 91.29
C PRO Z 70 -5.54 78.73 89.81
N GLY Z 71 -4.96 79.85 89.41
CA GLY Z 71 -4.56 80.08 88.03
C GLY Z 71 -3.44 79.14 87.59
N THR Z 72 -2.46 78.92 88.47
CA THR Z 72 -1.26 78.18 88.09
C THR Z 72 -1.54 76.68 87.98
N MET Z 73 -2.45 76.18 88.80
CA MET Z 73 -2.87 74.79 88.62
C MET Z 73 -3.73 74.64 87.35
N ASP Z 74 -4.43 75.71 86.96
CA ASP Z 74 -5.15 75.72 85.69
C ASP Z 74 -4.15 75.67 84.54
N SER Z 75 -2.94 76.22 84.76
CA SER Z 75 -1.91 76.25 83.74
C SER Z 75 -1.40 74.83 83.47
N VAL Z 76 -1.09 74.14 84.57
CA VAL Z 76 -0.51 72.81 84.46
C VAL Z 76 -1.60 71.81 84.04
N ARG Z 77 -2.86 72.05 84.41
CA ARG Z 77 -3.91 71.11 84.04
C ARG Z 77 -4.29 71.24 82.58
N ALA Z 78 -4.33 72.48 82.04
CA ALA Z 78 -4.84 72.65 80.69
C ALA Z 78 -3.81 72.16 79.65
N GLY Z 79 -2.53 72.16 80.06
CA GLY Z 79 -1.45 71.77 79.16
C GLY Z 79 -1.34 70.26 78.99
N PRO Z 80 -0.25 69.74 78.38
CA PRO Z 80 -0.06 68.30 78.22
C PRO Z 80 0.59 67.61 79.43
N PHE Z 81 0.26 66.32 79.55
CA PHE Z 81 0.44 65.43 80.71
C PHE Z 81 -0.05 66.13 81.97
N GLY Z 82 -1.17 66.87 81.83
CA GLY Z 82 -1.73 67.59 82.96
C GLY Z 82 -2.92 66.88 83.56
N GLN Z 83 -3.67 66.22 82.69
CA GLN Z 83 -4.83 65.44 83.07
C GLN Z 83 -4.38 64.08 83.59
N LEU Z 84 -3.07 63.81 83.66
CA LEU Z 84 -2.53 62.55 84.15
C LEU Z 84 -2.74 62.43 85.67
N PHE Z 85 -2.64 63.54 86.39
CA PHE Z 85 -2.97 63.50 87.81
C PHE Z 85 -4.47 63.27 87.96
N ARG Z 86 -4.82 62.46 88.97
CA ARG Z 86 -6.21 62.24 89.28
C ARG Z 86 -6.75 63.51 89.93
N PRO Z 87 -7.98 63.95 89.58
CA PRO Z 87 -8.42 65.31 89.87
C PRO Z 87 -8.48 65.70 91.34
N ASP Z 88 -8.64 64.70 92.21
CA ASP Z 88 -8.78 64.97 93.64
C ASP Z 88 -7.47 65.36 94.31
N ASN Z 89 -6.34 65.24 93.60
CA ASN Z 89 -5.03 65.49 94.18
C ASN Z 89 -4.75 66.98 94.35
N PHE Z 90 -5.34 67.82 93.50
CA PHE Z 90 -5.08 69.25 93.57
C PHE Z 90 -5.72 69.82 94.85
N VAL Z 91 -5.07 70.81 95.46
CA VAL Z 91 -5.65 71.51 96.60
C VAL Z 91 -5.53 73.01 96.34
N PHE Z 92 -6.66 73.72 96.46
CA PHE Z 92 -6.76 75.09 95.99
C PHE Z 92 -7.00 76.02 97.16
N GLY Z 93 -6.23 77.13 97.20
CA GLY Z 93 -6.61 78.27 98.02
C GLY Z 93 -7.45 79.23 97.22
N GLN Z 94 -7.78 80.40 97.80
CA GLN Z 94 -8.46 81.43 97.03
C GLN Z 94 -7.86 82.83 97.25
N THR Z 95 -7.33 83.09 98.44
CA THR Z 95 -6.92 84.44 98.80
C THR Z 95 -5.59 84.79 98.14
N GLY Z 96 -4.72 83.79 97.98
CA GLY Z 96 -3.39 84.00 97.43
C GLY Z 96 -2.43 84.51 98.48
N ALA Z 97 -1.28 83.82 98.63
CA ALA Z 97 -0.24 84.32 99.51
C ALA Z 97 0.38 85.55 98.85
N GLY Z 98 0.46 86.63 99.60
CA GLY Z 98 0.95 87.86 99.00
C GLY Z 98 2.47 87.94 99.02
N ASN Z 99 3.14 86.81 98.78
CA ASN Z 99 4.57 86.72 99.00
C ASN Z 99 4.93 87.14 100.43
N ASN Z 100 4.02 86.80 101.34
CA ASN Z 100 4.15 87.10 102.75
C ASN Z 100 4.28 85.77 103.47
N TRP Z 101 5.36 85.60 104.24
CA TRP Z 101 5.61 84.35 104.93
C TRP Z 101 4.60 84.15 106.07
N ALA Z 102 4.10 85.27 106.63
CA ALA Z 102 2.99 85.23 107.57
C ALA Z 102 1.73 84.67 106.91
N LYS Z 103 1.52 85.10 105.65
CA LYS Z 103 0.34 84.70 104.90
C LYS Z 103 0.40 83.20 104.62
N GLY Z 104 1.60 82.72 104.31
CA GLY Z 104 1.78 81.30 104.06
C GLY Z 104 1.68 80.48 105.35
N HIS Z 105 2.55 80.79 106.32
CA HIS Z 105 2.81 79.87 107.42
C HIS Z 105 1.66 79.88 108.43
N TYR Z 106 1.50 80.96 109.18
CA TYR Z 106 0.54 80.94 110.30
C TYR Z 106 -0.91 81.03 109.83
N THR Z 107 -1.27 82.17 109.24
CA THR Z 107 -2.67 82.54 109.29
C THR Z 107 -3.46 81.85 108.19
N GLU Z 108 -3.18 82.21 106.93
CA GLU Z 108 -4.02 81.76 105.84
C GLU Z 108 -3.78 80.29 105.53
N GLY Z 109 -2.55 79.80 105.75
CA GLY Z 109 -2.24 78.39 105.55
C GLY Z 109 -3.07 77.43 106.43
N ALA Z 110 -3.47 77.94 107.61
CA ALA Z 110 -4.20 77.15 108.59
C ALA Z 110 -5.57 76.69 108.07
N GLU Z 111 -6.26 77.52 107.26
CA GLU Z 111 -7.58 77.12 106.74
C GLU Z 111 -7.47 76.07 105.63
N LEU Z 112 -6.27 75.93 105.03
CA LEU Z 112 -6.13 74.96 103.96
C LEU Z 112 -5.35 73.71 104.37
N ILE Z 113 -4.63 73.75 105.50
CA ILE Z 113 -3.63 72.71 105.73
C ILE Z 113 -4.28 71.37 106.10
N ASP Z 114 -5.47 71.42 106.70
CA ASP Z 114 -6.15 70.18 107.03
C ASP Z 114 -6.70 69.48 105.80
N SER Z 115 -6.97 70.24 104.74
CA SER Z 115 -7.53 69.71 103.50
C SER Z 115 -6.45 69.21 102.53
N VAL Z 116 -5.18 69.50 102.83
CA VAL Z 116 -4.09 68.93 102.06
C VAL Z 116 -3.43 67.78 102.83
N LEU Z 117 -3.51 67.84 104.16
CA LEU Z 117 -2.85 66.85 104.98
C LEU Z 117 -3.55 65.50 104.99
N ASP Z 118 -4.88 65.52 104.87
CA ASP Z 118 -5.63 64.29 104.77
C ASP Z 118 -5.36 63.59 103.44
N VAL Z 119 -5.03 64.37 102.40
CA VAL Z 119 -4.79 63.75 101.11
C VAL Z 119 -3.41 63.11 101.09
N VAL Z 120 -2.43 63.78 101.68
CA VAL Z 120 -1.09 63.19 101.77
C VAL Z 120 -1.07 62.04 102.78
N ARG Z 121 -2.02 62.07 103.72
CA ARG Z 121 -2.15 60.93 104.62
C ARG Z 121 -2.76 59.72 103.89
N LYS Z 122 -3.64 60.04 102.93
CA LYS Z 122 -4.31 58.99 102.17
C LYS Z 122 -3.33 58.30 101.21
N GLU Z 123 -2.49 59.08 100.51
CA GLU Z 123 -1.58 58.55 99.49
C GLU Z 123 -0.46 57.75 100.16
N ALA Z 124 0.06 58.23 101.30
CA ALA Z 124 1.21 57.60 101.93
C ALA Z 124 0.83 56.26 102.57
N GLU Z 125 -0.27 56.25 103.33
CA GLU Z 125 -0.72 55.08 104.09
C GLU Z 125 -1.12 53.91 103.21
N GLY Z 126 -1.41 54.19 101.92
CA GLY Z 126 -1.92 53.22 100.96
C GLY Z 126 -0.98 52.03 100.65
N CYS Z 127 0.32 52.18 100.95
CA CYS Z 127 1.27 51.16 100.52
C CYS Z 127 1.83 50.39 101.72
N ASP Z 128 2.76 49.48 101.42
CA ASP Z 128 3.40 48.66 102.42
C ASP Z 128 4.31 49.50 103.31
N CYS Z 129 5.20 50.28 102.67
CA CYS Z 129 6.30 50.99 103.31
C CYS Z 129 6.98 51.87 102.26
N LEU Z 130 7.45 53.06 102.71
CA LEU Z 130 7.91 54.08 101.78
C LEU Z 130 9.27 54.65 102.19
N GLN Z 131 10.05 55.07 101.20
CA GLN Z 131 11.33 55.73 101.45
C GLN Z 131 11.12 57.07 102.16
N GLY Z 132 10.25 57.92 101.61
CA GLY Z 132 10.04 59.26 102.15
C GLY Z 132 9.35 60.16 101.13
N PHE Z 133 9.46 61.48 101.36
CA PHE Z 133 8.79 62.44 100.52
C PHE Z 133 9.80 63.38 99.89
N GLN Z 134 9.40 63.95 98.75
CA GLN Z 134 10.14 65.04 98.14
C GLN Z 134 9.22 66.25 97.98
N ILE Z 135 9.73 67.42 98.37
CA ILE Z 135 8.96 68.67 98.35
C ILE Z 135 9.78 69.70 97.57
N THR Z 136 9.21 70.15 96.45
CA THR Z 136 9.85 71.16 95.63
C THR Z 136 9.16 72.47 95.92
N HIS Z 137 9.93 73.47 96.31
CA HIS Z 137 9.34 74.75 96.67
C HIS Z 137 10.38 75.85 96.45
N SER Z 138 9.87 77.07 96.48
CA SER Z 138 10.71 78.25 96.39
C SER Z 138 10.93 78.79 97.81
N LEU Z 139 12.09 79.44 98.00
CA LEU Z 139 12.34 80.16 99.23
C LEU Z 139 12.39 81.66 98.96
N GLY Z 140 11.80 82.09 97.82
CA GLY Z 140 11.60 83.50 97.51
C GLY Z 140 10.15 83.92 97.72
N GLY Z 141 9.22 83.17 97.11
CA GLY Z 141 7.78 83.38 97.17
C GLY Z 141 7.20 83.06 98.54
N GLY Z 142 5.92 83.30 98.68
CA GLY Z 142 5.30 83.22 99.99
C GLY Z 142 4.65 81.88 100.19
N THR Z 143 3.88 81.48 99.18
CA THR Z 143 3.12 80.25 99.20
C THR Z 143 4.04 79.04 99.15
N GLY Z 144 5.21 79.18 98.51
CA GLY Z 144 6.20 78.12 98.42
C GLY Z 144 7.01 77.99 99.70
N SER Z 145 7.20 79.09 100.41
CA SER Z 145 8.06 79.14 101.58
C SER Z 145 7.26 79.21 102.88
N GLY Z 146 6.00 79.66 102.80
CA GLY Z 146 5.16 79.70 103.98
C GLY Z 146 4.46 78.37 104.22
N MET Z 147 3.65 77.93 103.25
CA MET Z 147 2.91 76.70 103.42
C MET Z 147 3.79 75.48 103.16
N GLY Z 148 4.72 75.60 102.20
CA GLY Z 148 5.62 74.51 101.87
C GLY Z 148 6.48 74.12 103.08
N THR Z 149 7.05 75.13 103.75
CA THR Z 149 7.94 74.87 104.87
C THR Z 149 7.15 74.47 106.12
N LEU Z 150 5.87 74.88 106.18
CA LEU Z 150 5.01 74.36 107.24
C LEU Z 150 4.64 72.90 106.97
N LEU Z 151 4.34 72.57 105.70
CA LEU Z 151 4.05 71.20 105.34
C LEU Z 151 5.26 70.30 105.57
N ILE Z 152 6.45 70.89 105.43
CA ILE Z 152 7.67 70.23 105.88
C ILE Z 152 7.58 70.00 107.39
N SER Z 153 7.13 71.04 108.14
CA SER Z 153 7.23 71.04 109.59
C SER Z 153 6.29 70.00 110.22
N LYS Z 154 5.00 70.05 109.86
CA LYS Z 154 4.03 69.29 110.63
C LYS Z 154 4.18 67.80 110.32
N VAL Z 155 4.38 67.49 109.04
CA VAL Z 155 4.58 66.13 108.54
C VAL Z 155 5.75 65.45 109.26
N ARG Z 156 6.76 66.23 109.69
CA ARG Z 156 7.90 65.67 110.39
C ARG Z 156 7.47 64.99 111.69
N GLU Z 157 6.57 65.62 112.46
CA GLU Z 157 6.04 64.91 113.62
C GLU Z 157 4.87 63.99 113.28
N GLU Z 158 4.46 63.93 112.02
CA GLU Z 158 3.41 62.98 111.63
C GLU Z 158 4.02 61.64 111.19
N TYR Z 159 5.04 61.70 110.33
CA TYR Z 159 5.80 60.53 109.96
C TYR Z 159 7.24 60.77 110.37
N PRO Z 160 7.64 60.27 111.55
CA PRO Z 160 8.90 60.71 112.13
C PRO Z 160 10.15 60.08 111.53
N ASP Z 161 10.05 58.82 111.08
CA ASP Z 161 11.22 58.01 110.83
C ASP Z 161 11.50 57.91 109.33
N ARG Z 162 10.99 58.84 108.51
CA ARG Z 162 11.28 58.80 107.09
C ARG Z 162 11.96 60.10 106.67
N ILE Z 163 12.44 60.13 105.43
CA ILE Z 163 13.28 61.21 104.97
C ILE Z 163 12.44 62.32 104.34
N MET Z 164 13.00 63.53 104.39
CA MET Z 164 12.39 64.69 103.76
C MET Z 164 13.46 65.40 102.92
N GLU Z 165 13.42 65.18 101.61
CA GLU Z 165 14.45 65.70 100.72
C GLU Z 165 13.85 66.78 99.80
N THR Z 166 14.37 68.01 99.94
CA THR Z 166 13.74 69.19 99.35
C THR Z 166 14.61 69.80 98.25
N PHE Z 167 13.91 70.50 97.34
CA PHE Z 167 14.46 71.12 96.15
C PHE Z 167 14.18 72.61 96.18
N SER Z 168 15.22 73.44 96.37
CA SER Z 168 15.04 74.82 96.78
C SER Z 168 15.76 75.81 95.84
N VAL Z 169 15.04 76.85 95.40
CA VAL Z 169 15.71 77.99 94.74
C VAL Z 169 16.10 79.03 95.80
N PHE Z 170 16.97 79.99 95.47
CA PHE Z 170 17.56 80.86 96.48
C PHE Z 170 17.86 82.26 95.93
N PRO Z 171 17.98 83.29 96.78
CA PRO Z 171 18.36 84.64 96.35
C PRO Z 171 19.73 84.79 95.70
N SER Z 172 19.73 85.26 94.45
CA SER Z 172 20.97 85.49 93.72
C SER Z 172 21.64 86.80 94.16
N PRO Z 173 22.98 86.90 94.14
CA PRO Z 173 23.68 88.15 94.45
C PRO Z 173 23.30 89.39 93.63
N LYS Z 174 23.12 89.24 92.31
CA LYS Z 174 22.95 90.42 91.48
C LYS Z 174 21.47 90.74 91.27
N VAL Z 175 20.81 89.85 90.52
CA VAL Z 175 19.43 90.05 90.12
C VAL Z 175 18.55 89.41 91.20
N SER Z 176 17.27 89.75 91.24
CA SER Z 176 16.48 89.42 92.42
C SER Z 176 14.98 89.37 92.15
N ASP Z 177 14.38 88.20 92.30
CA ASP Z 177 12.93 88.04 92.36
C ASP Z 177 12.44 88.53 93.73
N THR Z 178 11.21 89.07 93.86
CA THR Z 178 10.49 89.19 95.12
C THR Z 178 11.32 89.97 96.17
N VAL Z 179 11.22 91.30 96.09
CA VAL Z 179 11.97 92.29 96.88
C VAL Z 179 12.05 91.98 98.39
N VAL Z 180 11.08 91.23 98.94
CA VAL Z 180 11.28 90.68 100.27
C VAL Z 180 11.92 89.29 100.17
N GLU Z 181 13.21 89.29 99.80
CA GLU Z 181 13.98 88.05 99.73
C GLU Z 181 14.54 87.62 101.09
N PRO Z 182 15.32 88.45 101.82
CA PRO Z 182 15.98 87.98 103.03
C PRO Z 182 14.99 87.76 104.17
N TYR Z 183 13.88 88.49 104.15
CA TYR Z 183 12.85 88.25 105.14
C TYR Z 183 12.20 86.89 104.92
N ASN Z 184 12.06 86.50 103.65
CA ASN Z 184 11.35 85.29 103.33
C ASN Z 184 12.30 84.10 103.45
N ALA Z 185 13.57 84.30 103.08
CA ALA Z 185 14.53 83.21 103.08
C ALA Z 185 14.91 82.79 104.50
N THR Z 186 15.24 83.77 105.36
CA THR Z 186 15.78 83.49 106.68
C THR Z 186 14.73 82.81 107.57
N LEU Z 187 13.47 83.23 107.42
CA LEU Z 187 12.38 82.59 108.13
C LEU Z 187 12.12 81.17 107.60
N SER Z 188 12.65 80.86 106.40
CA SER Z 188 12.44 79.54 105.84
C SER Z 188 13.58 78.60 106.24
N VAL Z 189 14.82 79.09 106.16
CA VAL Z 189 15.96 78.27 106.46
C VAL Z 189 16.03 77.97 107.96
N HIS Z 190 15.56 78.91 108.79
CA HIS Z 190 15.66 78.76 110.24
C HIS Z 190 14.81 77.60 110.79
N GLN Z 191 13.85 77.12 109.99
CA GLN Z 191 13.14 75.91 110.35
C GLN Z 191 13.00 74.91 109.19
N LEU Z 192 13.94 74.97 108.23
CA LEU Z 192 14.30 73.79 107.43
C LEU Z 192 15.37 72.96 108.15
N VAL Z 193 16.24 73.63 108.92
CA VAL Z 193 17.39 72.96 109.51
C VAL Z 193 16.99 72.03 110.66
N GLU Z 194 15.76 72.14 111.15
CA GLU Z 194 15.26 71.17 112.12
C GLU Z 194 14.36 70.09 111.49
N ASN Z 195 13.88 70.30 110.27
CA ASN Z 195 12.70 69.58 109.81
C ASN Z 195 12.86 68.90 108.43
N ALA Z 196 14.01 69.10 107.79
CA ALA Z 196 14.25 68.48 106.49
C ALA Z 196 15.58 67.74 106.52
N ASP Z 197 15.60 66.61 105.81
CA ASP Z 197 16.77 65.76 105.84
C ASP Z 197 17.90 66.34 104.98
N GLU Z 198 17.58 66.75 103.75
CA GLU Z 198 18.56 67.40 102.89
C GLU Z 198 17.85 68.42 102.01
N VAL Z 199 18.47 69.61 101.89
CA VAL Z 199 17.90 70.69 101.12
C VAL Z 199 18.89 71.07 100.02
N GLN Z 200 18.53 70.70 98.79
CA GLN Z 200 19.45 70.90 97.66
C GLN Z 200 19.23 72.28 97.09
N VAL Z 201 20.26 73.11 97.16
CA VAL Z 201 20.12 74.50 96.78
C VAL Z 201 20.24 74.65 95.27
N ILE Z 202 19.42 75.53 94.69
CA ILE Z 202 19.55 75.98 93.30
C ILE Z 202 19.55 77.50 93.31
N ASP Z 203 20.37 78.11 92.44
CA ASP Z 203 20.33 79.55 92.24
C ASP Z 203 19.81 79.85 90.84
N ASN Z 204 18.97 80.90 90.73
CA ASN Z 204 18.41 81.29 89.44
C ASN Z 204 19.49 81.84 88.51
N GLU Z 205 20.42 82.69 88.99
CA GLU Z 205 21.32 83.35 88.05
C GLU Z 205 22.37 82.40 87.51
N ALA Z 206 22.63 81.32 88.26
CA ALA Z 206 23.56 80.30 87.80
C ALA Z 206 22.90 79.52 86.65
N LEU Z 207 21.57 79.36 86.73
CA LEU Z 207 20.78 78.77 85.65
C LEU Z 207 20.86 79.66 84.40
N TYR Z 208 20.80 80.98 84.61
CA TYR Z 208 20.86 81.94 83.51
C TYR Z 208 22.25 81.94 82.86
N ASP Z 209 23.28 81.85 83.69
CA ASP Z 209 24.64 82.03 83.22
C ASP Z 209 25.14 80.82 82.44
N ILE Z 210 24.88 79.62 82.95
CA ILE Z 210 25.29 78.41 82.22
C ILE Z 210 24.39 78.17 81.01
N CYS Z 211 23.23 78.80 80.99
CA CYS Z 211 22.46 78.89 79.75
C CYS Z 211 23.16 79.80 78.76
N PHE Z 212 23.82 80.84 79.27
CA PHE Z 212 24.51 81.78 78.41
C PHE Z 212 25.85 81.21 77.93
N ARG Z 213 26.67 80.71 78.86
CA ARG Z 213 28.07 80.51 78.56
C ARG Z 213 28.43 79.04 78.39
N THR Z 214 27.93 78.21 79.30
CA THR Z 214 28.22 76.80 79.16
C THR Z 214 27.50 76.22 77.94
N LEU Z 215 26.20 76.51 77.81
CA LEU Z 215 25.38 75.90 76.76
C LEU Z 215 25.35 76.68 75.45
N LYS Z 216 25.86 77.91 75.43
CA LYS Z 216 25.77 78.79 74.26
C LYS Z 216 24.34 78.98 73.77
N LEU Z 217 23.42 79.03 74.73
CA LEU Z 217 22.04 79.19 74.34
C LEU Z 217 21.67 80.65 74.51
N THR Z 218 21.13 81.24 73.46
CA THR Z 218 20.74 82.64 73.53
C THR Z 218 19.39 82.84 74.24
N THR Z 219 18.28 82.38 73.63
CA THR Z 219 16.93 82.86 73.95
C THR Z 219 15.83 81.88 73.55
N PRO Z 220 15.60 80.77 74.30
CA PRO Z 220 14.32 80.05 74.28
C PRO Z 220 13.28 80.56 75.29
N THR Z 221 12.26 79.73 75.64
CA THR Z 221 11.26 80.08 76.66
C THR Z 221 11.85 79.92 78.06
N TYR Z 222 11.02 80.10 79.11
CA TYR Z 222 11.54 80.00 80.45
C TYR Z 222 11.70 78.56 80.88
N GLY Z 223 10.72 77.73 80.48
CA GLY Z 223 10.58 76.34 80.90
C GLY Z 223 11.78 75.47 80.55
N ASP Z 224 12.65 75.94 79.65
CA ASP Z 224 13.84 75.19 79.34
C ASP Z 224 14.91 75.29 80.44
N LEU Z 225 14.79 76.26 81.35
CA LEU Z 225 15.50 76.18 82.63
C LEU Z 225 14.89 75.10 83.52
N ASN Z 226 13.55 74.99 83.51
CA ASN Z 226 12.86 73.97 84.28
C ASN Z 226 13.21 72.59 83.76
N HIS Z 227 13.43 72.46 82.44
CA HIS Z 227 13.97 71.25 81.82
C HIS Z 227 15.37 70.97 82.35
N LEU Z 228 16.14 72.05 82.60
CA LEU Z 228 17.54 71.91 83.02
C LEU Z 228 17.60 71.42 84.47
N VAL Z 229 16.77 71.99 85.35
CA VAL Z 229 16.82 71.62 86.76
C VAL Z 229 16.35 70.18 86.91
N SER Z 230 15.26 69.84 86.21
CA SER Z 230 14.61 68.55 86.37
C SER Z 230 15.49 67.41 85.83
N ALA Z 231 16.42 67.72 84.93
CA ALA Z 231 17.30 66.69 84.39
C ALA Z 231 18.27 66.15 85.44
N ALA Z 232 18.98 67.02 86.17
CA ALA Z 232 19.84 66.59 87.27
C ALA Z 232 19.01 66.07 88.43
N MET Z 233 17.80 66.63 88.55
CA MET Z 233 16.96 66.39 89.71
C MET Z 233 16.35 64.99 89.59
N SER Z 234 16.19 64.49 88.36
CA SER Z 234 15.85 63.11 88.08
C SER Z 234 17.08 62.21 88.24
N GLY Z 235 18.27 62.79 88.04
CA GLY Z 235 19.51 62.03 88.14
C GLY Z 235 19.86 61.59 89.56
N VAL Z 236 19.28 62.26 90.57
CA VAL Z 236 19.47 61.85 91.96
C VAL Z 236 18.79 60.52 92.22
N THR Z 237 17.66 60.31 91.55
CA THR Z 237 16.79 59.21 91.85
C THR Z 237 16.68 58.22 90.69
N CYS Z 238 17.68 58.18 89.81
CA CYS Z 238 17.63 57.22 88.72
C CYS Z 238 17.78 55.80 89.24
N CYS Z 239 18.58 55.66 90.30
CA CYS Z 239 18.97 54.36 90.79
C CYS Z 239 17.81 53.63 91.43
N LEU Z 240 16.89 54.40 92.01
CA LEU Z 240 15.73 53.80 92.64
C LEU Z 240 14.78 53.25 91.57
N ARG Z 241 14.97 53.67 90.32
CA ARG Z 241 14.01 53.38 89.26
C ARG Z 241 14.54 52.31 88.32
N PHE Z 242 15.87 52.20 88.20
CA PHE Z 242 16.48 51.32 87.23
C PHE Z 242 17.57 50.51 87.95
N PRO Z 243 17.94 49.30 87.49
CA PRO Z 243 19.07 48.59 88.10
C PRO Z 243 20.43 49.30 87.93
N GLY Z 244 21.50 48.74 88.51
CA GLY Z 244 22.84 49.34 88.40
C GLY Z 244 23.91 48.48 89.08
N GLN Z 245 25.19 48.75 88.77
CA GLN Z 245 26.32 48.01 89.29
C GLN Z 245 26.61 48.32 90.76
N LEU Z 246 26.39 49.59 91.13
CA LEU Z 246 26.57 50.01 92.50
C LEU Z 246 25.34 50.85 92.85
N ASN Z 247 24.40 50.22 93.55
CA ASN Z 247 23.09 50.81 93.77
C ASN Z 247 23.10 51.75 94.97
N SER Z 248 22.34 52.84 94.85
CA SER Z 248 22.23 53.85 95.88
C SER Z 248 20.82 54.43 95.91
N ASP Z 249 20.30 54.63 97.13
CA ASP Z 249 19.04 55.31 97.34
C ASP Z 249 19.30 56.71 97.92
N LEU Z 250 18.25 57.34 98.41
CA LEU Z 250 18.38 58.68 98.97
C LEU Z 250 19.03 58.64 100.36
N ARG Z 251 18.79 57.58 101.13
CA ARG Z 251 19.44 57.45 102.42
C ARG Z 251 20.91 57.02 102.24
N LYS Z 252 21.22 56.36 101.12
CA LYS Z 252 22.60 56.10 100.74
C LYS Z 252 23.36 57.43 100.63
N LEU Z 253 22.73 58.41 99.96
CA LEU Z 253 23.26 59.76 99.84
C LEU Z 253 23.30 60.43 101.22
N ALA Z 254 22.22 60.28 101.99
CA ALA Z 254 22.04 61.01 103.26
C ALA Z 254 23.08 60.56 104.28
N VAL Z 255 23.43 59.27 104.27
CA VAL Z 255 24.43 58.80 105.21
C VAL Z 255 25.81 59.30 104.79
N ASN Z 256 26.12 59.24 103.49
CA ASN Z 256 27.45 59.56 102.99
C ASN Z 256 27.72 61.05 103.01
N LEU Z 257 26.67 61.85 102.78
CA LEU Z 257 26.90 63.25 102.50
C LEU Z 257 26.92 64.12 103.76
N ILE Z 258 26.22 63.69 104.82
CA ILE Z 258 25.98 64.55 105.97
C ILE Z 258 26.86 64.13 107.14
N PRO Z 259 27.92 64.90 107.47
CA PRO Z 259 28.75 64.59 108.62
C PRO Z 259 28.08 64.88 109.97
N PHE Z 260 27.42 66.03 110.04
CA PHE Z 260 26.83 66.50 111.28
C PHE Z 260 25.44 67.07 110.97
N PRO Z 261 24.48 66.94 111.91
CA PRO Z 261 23.05 67.07 111.61
C PRO Z 261 22.60 68.41 111.03
N ARG Z 262 23.33 69.47 111.37
CA ARG Z 262 22.90 70.82 111.05
C ARG Z 262 23.12 71.13 109.57
N LEU Z 263 24.29 70.73 109.07
CA LEU Z 263 24.69 71.12 107.72
C LEU Z 263 24.30 70.00 106.75
N HIS Z 264 23.26 70.27 105.96
CA HIS Z 264 22.79 69.34 104.95
C HIS Z 264 22.40 70.07 103.66
N PHE Z 265 23.02 71.25 103.44
CA PHE Z 265 22.74 72.12 102.30
C PHE Z 265 23.83 71.87 101.25
N PHE Z 266 23.41 71.41 100.08
CA PHE Z 266 24.36 70.87 99.11
C PHE Z 266 24.21 71.58 97.77
N LEU Z 267 25.31 71.61 97.00
CA LEU Z 267 25.29 72.13 95.64
C LEU Z 267 25.07 70.99 94.63
N ILE Z 268 24.45 71.31 93.49
CA ILE Z 268 24.15 70.33 92.46
C ILE Z 268 24.91 70.70 91.18
N GLY Z 269 25.46 69.69 90.48
CA GLY Z 269 26.09 69.88 89.18
C GLY Z 269 25.62 68.80 88.22
N PHE Z 270 25.81 69.04 86.92
CA PHE Z 270 25.38 68.06 85.95
C PHE Z 270 26.38 68.06 84.79
N ALA Z 271 26.61 66.90 84.21
CA ALA Z 271 27.45 66.78 83.02
C ALA Z 271 26.94 65.58 82.21
N PRO Z 272 26.92 65.59 80.86
CA PRO Z 272 27.44 66.67 80.01
C PRO Z 272 26.49 67.84 79.80
N LEU Z 273 27.04 68.99 79.39
CA LEU Z 273 26.24 70.14 79.00
C LEU Z 273 26.91 70.82 77.82
N THR Z 274 26.43 70.47 76.62
CA THR Z 274 27.03 71.02 75.42
C THR Z 274 25.95 71.47 74.46
N SER Z 275 26.28 72.51 73.69
CA SER Z 275 25.39 73.13 72.73
C SER Z 275 25.05 72.14 71.63
N ARG Z 276 24.06 72.56 70.84
CA ARG Z 276 23.66 71.89 69.60
C ARG Z 276 24.87 71.71 68.68
N GLY Z 277 25.72 72.73 68.61
CA GLY Z 277 26.90 72.70 67.75
C GLY Z 277 27.94 71.68 68.20
N SER Z 278 28.21 71.63 69.52
CA SER Z 278 29.31 70.84 70.05
C SER Z 278 28.87 69.44 70.44
N GLN Z 279 27.74 68.96 69.90
CA GLN Z 279 27.33 67.59 70.20
C GLN Z 279 28.30 66.59 69.56
N GLN Z 280 28.68 66.87 68.30
CA GLN Z 280 29.53 65.96 67.56
C GLN Z 280 31.00 66.15 67.94
N TYR Z 281 31.38 67.38 68.28
CA TYR Z 281 32.77 67.81 68.34
C TYR Z 281 33.42 67.50 69.69
N ARG Z 282 32.70 66.85 70.61
CA ARG Z 282 33.23 66.68 71.96
C ARG Z 282 33.68 65.23 72.16
N ALA Z 283 34.57 65.02 73.13
CA ALA Z 283 34.92 63.68 73.59
C ALA Z 283 33.92 63.26 74.66
N LEU Z 284 33.75 61.95 74.90
CA LEU Z 284 32.91 61.49 76.00
C LEU Z 284 33.50 60.23 76.59
N SER Z 285 34.38 60.44 77.57
CA SER Z 285 34.93 59.36 78.37
C SER Z 285 34.97 59.80 79.84
N VAL Z 286 35.12 58.84 80.75
CA VAL Z 286 35.06 59.15 82.17
C VAL Z 286 36.27 60.02 82.55
N PRO Z 287 37.51 59.77 82.08
CA PRO Z 287 38.56 60.77 82.15
C PRO Z 287 38.25 62.23 81.82
N GLU Z 288 37.50 62.50 80.73
CA GLU Z 288 37.33 63.87 80.29
C GLU Z 288 36.19 64.55 81.07
N LEU Z 289 35.18 63.76 81.42
CA LEU Z 289 33.99 64.28 82.06
C LEU Z 289 34.24 64.56 83.55
N THR Z 290 35.20 63.87 84.17
CA THR Z 290 35.51 64.20 85.56
C THR Z 290 36.21 65.56 85.67
N GLN Z 291 36.67 66.09 84.54
CA GLN Z 291 37.24 67.44 84.53
C GLN Z 291 36.16 68.51 84.63
N GLN Z 292 35.02 68.27 83.96
CA GLN Z 292 33.95 69.25 83.89
C GLN Z 292 33.35 69.54 85.26
N MET Z 293 33.17 68.48 86.06
CA MET Z 293 32.39 68.60 87.28
C MET Z 293 33.16 69.24 88.43
N PHE Z 294 34.34 69.81 88.16
CA PHE Z 294 35.07 70.59 89.14
C PHE Z 294 35.50 71.93 88.57
N ASP Z 295 34.59 72.89 88.65
CA ASP Z 295 34.86 74.28 88.32
C ASP Z 295 33.70 75.13 88.86
N ALA Z 296 33.83 76.45 88.76
CA ALA Z 296 32.76 77.34 89.12
C ALA Z 296 31.74 77.40 87.98
N LYS Z 297 32.08 76.83 86.80
CA LYS Z 297 31.39 77.15 85.55
C LYS Z 297 30.28 76.15 85.22
N ASN Z 298 30.10 75.15 86.10
CA ASN Z 298 29.14 74.06 85.89
C ASN Z 298 28.06 73.99 86.97
N MET Z 299 28.36 74.46 88.20
CA MET Z 299 27.44 74.29 89.32
C MET Z 299 26.13 75.07 89.11
N MET Z 300 25.06 74.54 89.69
CA MET Z 300 23.74 75.17 89.66
C MET Z 300 23.63 76.32 90.68
N CYS Z 301 24.67 76.50 91.50
CA CYS Z 301 24.66 77.45 92.60
C CYS Z 301 25.74 78.51 92.39
N ALA Z 302 25.37 79.79 92.62
CA ALA Z 302 26.29 80.87 92.32
C ALA Z 302 27.17 81.25 93.50
N SER Z 303 27.81 80.25 94.12
CA SER Z 303 28.80 80.47 95.15
C SER Z 303 30.10 79.84 94.70
N ASP Z 304 31.19 80.60 94.68
CA ASP Z 304 32.45 80.17 94.10
C ASP Z 304 33.03 78.97 94.85
N PRO Z 305 33.09 77.76 94.22
CA PRO Z 305 33.62 76.58 94.91
C PRO Z 305 35.14 76.56 95.06
N ARG Z 306 35.84 77.48 94.39
CA ARG Z 306 37.29 77.53 94.56
C ARG Z 306 37.65 78.16 95.89
N HIS Z 307 36.76 79.01 96.43
CA HIS Z 307 36.99 79.63 97.73
C HIS Z 307 36.33 78.86 98.87
N GLY Z 308 36.28 77.53 98.73
CA GLY Z 308 35.77 76.67 99.78
C GLY Z 308 36.04 75.20 99.50
N ARG Z 309 36.50 74.47 100.51
CA ARG Z 309 36.76 73.05 100.31
C ARG Z 309 35.44 72.27 100.23
N TYR Z 310 35.51 71.09 99.60
CA TYR Z 310 34.38 70.18 99.56
C TYR Z 310 34.46 69.28 100.80
N LEU Z 311 33.50 69.45 101.72
CA LEU Z 311 33.51 68.65 102.95
C LEU Z 311 33.27 67.18 102.61
N THR Z 312 32.17 66.94 101.88
CA THR Z 312 31.94 65.66 101.23
C THR Z 312 31.40 65.92 99.83
N ALA Z 313 31.53 64.93 98.95
CA ALA Z 313 30.94 65.02 97.63
C ALA Z 313 30.50 63.65 97.18
N SER Z 314 29.56 63.66 96.23
CA SER Z 314 29.10 62.46 95.56
C SER Z 314 28.93 62.75 94.06
N ALA Z 315 29.11 61.70 93.26
CA ALA Z 315 28.83 61.72 91.83
C ALA Z 315 28.03 60.48 91.47
N MET Z 316 26.96 60.66 90.70
CA MET Z 316 26.14 59.53 90.31
C MET Z 316 26.18 59.39 88.80
N PHE Z 317 27.08 58.53 88.32
CA PHE Z 317 27.19 58.31 86.89
C PHE Z 317 26.00 57.48 86.41
N ARG Z 318 25.64 57.66 85.13
CA ARG Z 318 24.59 56.88 84.50
C ARG Z 318 25.12 56.34 83.18
N GLY Z 319 24.71 55.11 82.81
CA GLY Z 319 25.17 54.52 81.56
C GLY Z 319 26.05 53.31 81.82
N ARG Z 320 26.88 53.00 80.81
CA ARG Z 320 27.70 51.81 80.77
C ARG Z 320 29.16 52.25 80.86
N MET Z 321 29.84 51.96 81.96
CA MET Z 321 31.25 52.30 82.10
C MET Z 321 31.88 51.39 83.15
N SER Z 322 33.21 51.22 83.08
CA SER Z 322 33.90 50.37 84.02
C SER Z 322 34.05 51.09 85.36
N THR Z 323 33.84 50.33 86.44
CA THR Z 323 33.90 50.87 87.78
C THR Z 323 35.34 51.24 88.15
N LYS Z 324 36.34 50.53 87.61
CA LYS Z 324 37.71 50.90 87.91
C LYS Z 324 38.05 52.28 87.34
N GLU Z 325 37.66 52.53 86.09
CA GLU Z 325 37.96 53.82 85.48
C GLU Z 325 37.17 54.96 86.14
N VAL Z 326 36.08 54.64 86.82
CA VAL Z 326 35.41 55.61 87.65
C VAL Z 326 36.29 55.91 88.86
N ASP Z 327 36.63 54.86 89.61
CA ASP Z 327 37.31 55.01 90.89
C ASP Z 327 38.74 55.50 90.73
N GLU Z 328 39.36 55.16 89.59
CA GLU Z 328 40.71 55.64 89.33
C GLU Z 328 40.67 57.16 89.14
N GLN Z 329 39.71 57.65 88.33
CA GLN Z 329 39.52 59.09 88.16
C GLN Z 329 39.09 59.72 89.49
N MET Z 330 38.38 58.97 90.34
CA MET Z 330 37.91 59.51 91.61
C MET Z 330 39.08 59.83 92.55
N LEU Z 331 40.11 58.97 92.57
CA LEU Z 331 41.26 59.20 93.44
C LEU Z 331 42.26 60.15 92.78
N ASN Z 332 42.27 60.16 91.44
CA ASN Z 332 43.11 61.08 90.69
C ASN Z 332 42.72 62.54 90.98
N VAL Z 333 41.42 62.81 91.03
CA VAL Z 333 40.93 64.17 91.18
C VAL Z 333 41.27 64.68 92.58
N GLN Z 334 41.41 63.74 93.53
CA GLN Z 334 41.71 64.10 94.90
C GLN Z 334 43.17 64.54 95.04
N ASN Z 335 44.03 64.08 94.12
CA ASN Z 335 45.46 64.30 94.25
C ASN Z 335 45.92 65.53 93.46
N LYS Z 336 45.50 65.64 92.19
CA LYS Z 336 45.78 66.83 91.38
C LYS Z 336 45.09 68.08 91.91
N ASN Z 337 43.92 67.87 92.54
CA ASN Z 337 43.27 68.93 93.30
C ASN Z 337 43.40 68.57 94.78
N SER Z 338 44.56 68.93 95.35
CA SER Z 338 44.89 68.53 96.71
C SER Z 338 44.13 69.37 97.74
N SER Z 339 44.39 70.69 97.74
CA SER Z 339 43.80 71.61 98.69
C SER Z 339 42.29 71.82 98.52
N TYR Z 340 41.73 71.48 97.36
CA TYR Z 340 40.33 71.72 97.05
C TYR Z 340 39.40 70.85 97.91
N PHE Z 341 39.97 69.77 98.46
CA PHE Z 341 39.22 68.82 99.26
C PHE Z 341 39.76 68.84 100.67
N VAL Z 342 38.85 68.55 101.61
CA VAL Z 342 39.16 68.58 103.03
C VAL Z 342 40.02 67.36 103.34
N GLU Z 343 40.93 67.49 104.32
CA GLU Z 343 42.00 66.51 104.52
C GLU Z 343 41.65 65.46 105.57
N TRP Z 344 40.91 65.85 106.62
CA TRP Z 344 40.67 64.94 107.73
C TRP Z 344 39.62 63.88 107.42
N ILE Z 345 39.04 63.93 106.23
CA ILE Z 345 38.22 62.82 105.75
C ILE Z 345 38.95 62.19 104.58
N PRO Z 346 39.64 61.04 104.73
CA PRO Z 346 40.23 60.40 103.55
C PRO Z 346 39.14 59.76 102.69
N ASN Z 347 39.33 59.82 101.37
CA ASN Z 347 38.30 59.51 100.38
C ASN Z 347 37.01 60.30 100.62
N ASN Z 348 37.11 61.60 100.39
CA ASN Z 348 36.01 62.55 100.44
C ASN Z 348 34.79 62.17 99.60
N MET Z 349 35.01 61.27 98.64
CA MET Z 349 34.08 61.15 97.54
C MET Z 349 33.42 59.78 97.52
N LYS Z 350 32.15 59.80 97.13
CA LYS Z 350 31.36 58.59 96.91
C LYS Z 350 30.84 58.60 95.47
N SER Z 351 30.87 57.45 94.79
CA SER Z 351 30.48 57.37 93.38
C SER Z 351 29.50 56.22 93.20
N SER Z 352 28.62 56.33 92.20
CA SER Z 352 27.64 55.29 91.91
C SER Z 352 27.45 55.19 90.41
N VAL Z 353 27.20 53.96 89.94
CA VAL Z 353 27.00 53.75 88.52
C VAL Z 353 25.57 53.23 88.31
N CYS Z 354 24.82 53.95 87.49
CA CYS Z 354 23.39 53.72 87.25
C CYS Z 354 23.26 53.14 85.84
N ASP Z 355 22.61 51.99 85.69
CA ASP Z 355 22.76 51.15 84.49
C ASP Z 355 22.29 51.84 83.21
N ILE Z 356 21.12 52.47 83.25
CA ILE Z 356 20.53 53.04 82.06
C ILE Z 356 20.77 54.55 82.04
N PRO Z 357 21.35 55.09 80.94
CA PRO Z 357 21.62 56.52 80.90
C PRO Z 357 20.33 57.28 80.59
N PRO Z 358 20.32 58.63 80.66
CA PRO Z 358 19.17 59.39 80.13
C PRO Z 358 19.06 59.18 78.63
N LYS Z 359 17.85 59.25 78.04
CA LYS Z 359 17.71 58.69 76.71
C LYS Z 359 18.29 59.66 75.69
N GLY Z 360 19.12 59.16 74.77
CA GLY Z 360 19.79 60.04 73.80
C GLY Z 360 21.19 60.56 74.16
N LEU Z 361 21.62 60.33 75.40
CA LEU Z 361 23.05 60.40 75.75
C LEU Z 361 23.51 59.00 76.17
N LYS Z 362 24.72 58.62 75.75
CA LYS Z 362 25.21 57.29 76.04
C LYS Z 362 25.60 57.17 77.51
N MET Z 363 26.05 58.29 78.10
CA MET Z 363 26.45 58.32 79.50
C MET Z 363 26.32 59.75 80.04
N SER Z 364 25.92 59.86 81.32
CA SER Z 364 25.83 61.13 82.01
C SER Z 364 26.27 60.98 83.47
N VAL Z 365 26.07 62.04 84.25
CA VAL Z 365 26.43 62.05 85.65
C VAL Z 365 25.69 63.20 86.30
N THR Z 366 25.64 63.20 87.63
CA THR Z 366 25.24 64.39 88.36
C THR Z 366 26.22 64.54 89.49
N PHE Z 367 26.20 65.71 90.10
CA PHE Z 367 27.16 66.01 91.12
C PHE Z 367 26.45 66.63 92.32
N VAL Z 368 26.56 65.97 93.48
CA VAL Z 368 25.94 66.48 94.70
C VAL Z 368 27.05 66.69 95.72
N GLY Z 369 27.46 67.96 95.88
CA GLY Z 369 28.57 68.27 96.77
C GLY Z 369 28.16 69.03 98.03
N ASN Z 370 28.61 68.53 99.18
CA ASN Z 370 28.52 69.26 100.43
C ASN Z 370 29.78 70.09 100.58
N SER Z 371 29.76 71.28 99.96
CA SER Z 371 30.92 72.14 99.96
C SER Z 371 30.76 73.19 101.05
N THR Z 372 31.88 73.63 101.61
CA THR Z 372 31.84 74.69 102.60
C THR Z 372 31.92 76.07 101.95
N ALA Z 373 31.96 76.10 100.61
CA ALA Z 373 31.94 77.37 99.86
C ALA Z 373 30.56 78.02 99.86
N ILE Z 374 29.59 77.38 100.53
CA ILE Z 374 28.27 77.96 100.66
C ILE Z 374 28.24 78.93 101.86
N GLN Z 375 29.41 79.16 102.48
CA GLN Z 375 29.57 80.19 103.51
C GLN Z 375 29.24 81.57 102.94
N GLU Z 376 29.80 81.88 101.74
CA GLU Z 376 29.67 83.21 101.16
C GLU Z 376 28.21 83.45 100.77
N MET Z 377 27.53 82.40 100.29
CA MET Z 377 26.16 82.52 99.81
C MET Z 377 25.19 82.69 100.98
N PHE Z 378 25.62 82.38 102.21
CA PHE Z 378 24.75 82.53 103.37
C PHE Z 378 25.03 83.83 104.12
N LYS Z 379 26.29 84.21 104.16
CA LYS Z 379 26.57 85.46 104.83
C LYS Z 379 26.23 86.66 103.95
N ARG Z 380 25.94 86.42 102.67
CA ARG Z 380 25.25 87.40 101.83
C ARG Z 380 23.87 87.70 102.43
N VAL Z 381 23.01 86.69 102.53
CA VAL Z 381 21.63 86.84 102.99
C VAL Z 381 21.59 87.30 104.45
N SER Z 382 22.55 86.87 105.26
CA SER Z 382 22.65 87.31 106.64
C SER Z 382 22.93 88.81 106.72
N ASP Z 383 23.79 89.31 105.82
CA ASP Z 383 24.05 90.75 105.70
C ASP Z 383 22.80 91.45 105.18
N GLN Z 384 22.18 90.90 104.13
CA GLN Z 384 21.00 91.48 103.54
C GLN Z 384 19.80 91.49 104.50
N PHE Z 385 19.71 90.48 105.38
CA PHE Z 385 18.62 90.44 106.35
C PHE Z 385 18.86 91.48 107.45
N THR Z 386 20.10 91.57 107.93
CA THR Z 386 20.40 92.49 109.01
C THR Z 386 20.44 93.95 108.57
N ALA Z 387 20.51 94.21 107.25
CA ALA Z 387 20.50 95.58 106.76
C ALA Z 387 19.09 96.15 106.90
N MET Z 388 18.07 95.39 106.49
CA MET Z 388 16.70 95.86 106.48
C MET Z 388 16.10 95.87 107.90
N PHE Z 389 16.54 94.92 108.73
CA PHE Z 389 16.01 94.75 110.07
C PHE Z 389 16.36 95.95 110.96
N ARG Z 390 17.56 96.50 110.80
CA ARG Z 390 18.03 97.67 111.52
C ARG Z 390 17.21 98.91 111.15
N ARG Z 391 16.67 98.98 109.94
CA ARG Z 391 15.77 100.09 109.61
C ARG Z 391 14.30 99.73 109.85
N LYS Z 392 14.03 98.53 110.37
CA LYS Z 392 12.70 98.08 110.78
C LYS Z 392 11.72 98.04 109.61
N ALA Z 393 12.19 98.30 108.38
CA ALA Z 393 11.31 98.44 107.23
C ALA Z 393 10.70 97.10 106.81
N PHE Z 394 9.54 97.18 106.13
CA PHE Z 394 8.76 96.10 105.54
C PHE Z 394 8.44 94.99 106.55
N LEU Z 395 8.53 95.30 107.84
CA LEU Z 395 8.43 94.26 108.86
C LEU Z 395 7.03 94.29 109.47
N HIS Z 396 6.33 95.41 109.32
CA HIS Z 396 5.00 95.60 109.87
C HIS Z 396 3.94 94.83 109.08
N TRP Z 397 4.25 94.34 107.87
CA TRP Z 397 3.34 93.45 107.17
C TRP Z 397 3.31 92.06 107.84
N TYR Z 398 4.47 91.67 108.37
CA TYR Z 398 4.59 90.44 109.14
C TYR Z 398 4.03 90.63 110.56
N THR Z 399 4.36 91.77 111.18
CA THR Z 399 3.98 92.06 112.56
C THR Z 399 2.46 92.16 112.67
N GLY Z 400 1.84 92.80 111.66
CA GLY Z 400 0.40 92.96 111.62
C GLY Z 400 -0.36 91.64 111.48
N GLU Z 401 0.36 90.55 111.17
CA GLU Z 401 -0.28 89.28 110.89
C GLU Z 401 0.17 88.17 111.85
N GLY Z 402 1.01 88.48 112.84
CA GLY Z 402 1.25 87.51 113.90
C GLY Z 402 2.72 87.22 114.20
N MET Z 403 3.65 87.92 113.53
CA MET Z 403 5.04 87.78 113.91
C MET Z 403 5.32 88.49 115.23
N ASP Z 404 6.45 88.12 115.84
CA ASP Z 404 7.08 88.95 116.86
C ASP Z 404 8.42 89.45 116.36
N GLU Z 405 8.94 90.46 117.07
CA GLU Z 405 10.32 90.88 116.94
C GLU Z 405 11.25 89.75 117.35
N MET Z 406 10.87 89.05 118.43
CA MET Z 406 11.64 87.98 119.03
C MET Z 406 11.79 86.80 118.08
N GLU Z 407 10.73 86.53 117.29
CA GLU Z 407 10.77 85.44 116.31
C GLU Z 407 11.83 85.71 115.24
N PHE Z 408 11.96 86.99 114.86
CA PHE Z 408 12.90 87.37 113.82
C PHE Z 408 14.33 87.26 114.32
N THR Z 409 14.56 87.68 115.57
CA THR Z 409 15.88 87.62 116.18
C THR Z 409 16.31 86.17 116.43
N GLU Z 410 15.34 85.27 116.62
CA GLU Z 410 15.66 83.85 116.77
C GLU Z 410 16.19 83.26 115.45
N ALA Z 411 15.56 83.65 114.34
CA ALA Z 411 15.96 83.18 113.01
C ALA Z 411 17.36 83.69 112.65
N GLU Z 412 17.60 84.97 112.94
CA GLU Z 412 18.88 85.59 112.63
C GLU Z 412 20.01 84.96 113.46
N SER Z 413 19.72 84.68 114.74
CA SER Z 413 20.68 84.00 115.60
C SER Z 413 20.92 82.56 115.13
N ASN Z 414 19.92 81.98 114.44
CA ASN Z 414 20.04 80.63 113.95
C ASN Z 414 21.03 80.56 112.78
N MET Z 415 20.88 81.47 111.81
CA MET Z 415 21.73 81.46 110.61
C MET Z 415 23.17 81.84 110.97
N ASN Z 416 23.33 82.74 111.95
CA ASN Z 416 24.65 83.04 112.48
C ASN Z 416 25.23 81.81 113.16
N ASP Z 417 24.38 81.02 113.82
CA ASP Z 417 24.82 79.76 114.41
C ASP Z 417 25.21 78.77 113.30
N LEU Z 418 24.45 78.76 112.19
CA LEU Z 418 24.73 77.84 111.08
C LEU Z 418 26.08 78.16 110.44
N VAL Z 419 26.30 79.44 110.10
CA VAL Z 419 27.50 79.85 109.39
C VAL Z 419 28.74 79.65 110.26
N SER Z 420 28.56 79.81 111.59
CA SER Z 420 29.68 79.70 112.53
C SER Z 420 30.25 78.28 112.56
N GLU Z 421 29.44 77.29 112.19
CA GLU Z 421 29.95 75.92 112.14
C GLU Z 421 30.90 75.68 110.94
N TYR Z 422 30.64 76.37 109.80
CA TYR Z 422 31.43 76.18 108.58
C TYR Z 422 32.91 76.59 108.74
N GLN Z 423 33.20 77.88 108.98
CA GLN Z 423 34.61 78.28 109.03
C GLN Z 423 35.29 77.80 110.30
N GLN Z 424 34.50 77.35 111.28
CA GLN Z 424 35.06 76.69 112.44
C GLN Z 424 35.49 75.25 112.08
N TYR Z 425 34.99 74.73 110.95
CA TYR Z 425 35.41 73.42 110.46
C TYR Z 425 36.37 73.53 109.28
N GLN Z 426 36.39 74.70 108.61
CA GLN Z 426 37.21 74.93 107.43
C GLN Z 426 38.62 75.41 107.82
N MET AA 1 -16.09 84.22 90.61
CA MET AA 1 -14.73 83.62 90.57
C MET AA 1 -13.69 84.69 90.96
N ARG AA 2 -12.56 84.66 90.23
CA ARG AA 2 -11.54 85.72 90.19
C ARG AA 2 -12.25 87.04 89.90
N GLU AA 3 -11.93 88.11 90.63
CA GLU AA 3 -12.64 89.35 90.40
C GLU AA 3 -11.92 90.54 91.01
N VAL AA 4 -12.35 91.71 90.55
CA VAL AA 4 -11.97 92.98 91.15
C VAL AA 4 -13.01 94.01 90.73
N ILE AA 5 -13.36 94.86 91.70
CA ILE AA 5 -14.42 95.84 91.51
C ILE AA 5 -13.82 97.17 91.08
N SER AA 6 -14.39 97.73 90.01
CA SER AA 6 -13.96 99.01 89.46
C SER AA 6 -14.92 100.10 89.93
N ILE AA 7 -14.37 101.15 90.55
CA ILE AA 7 -15.15 102.32 90.97
C ILE AA 7 -14.56 103.56 90.32
N HIS AA 8 -15.41 104.33 89.66
CA HIS AA 8 -15.00 105.58 89.01
C HIS AA 8 -15.79 106.73 89.62
N VAL AA 9 -15.05 107.75 90.09
CA VAL AA 9 -15.65 108.91 90.73
C VAL AA 9 -15.19 110.16 89.98
N GLY AA 10 -16.15 110.98 89.53
CA GLY AA 10 -15.83 112.22 88.85
C GLY AA 10 -15.57 112.06 87.35
N GLN AA 11 -15.62 113.19 86.62
CA GLN AA 11 -15.56 113.19 85.16
C GLN AA 11 -14.17 112.74 84.65
N ALA AA 12 -13.16 112.85 85.53
CA ALA AA 12 -11.85 112.31 85.23
C ALA AA 12 -11.93 110.78 85.15
N GLY AA 13 -12.40 110.15 86.25
CA GLY AA 13 -12.45 108.69 86.36
C GLY AA 13 -13.46 108.08 85.38
N ILE AA 14 -14.52 108.84 85.07
CA ILE AA 14 -15.55 108.32 84.19
C ILE AA 14 -15.02 108.27 82.76
N GLN AA 15 -14.34 109.35 82.34
CA GLN AA 15 -13.86 109.38 80.97
C GLN AA 15 -12.66 108.47 80.78
N ILE AA 16 -11.80 108.35 81.79
CA ILE AA 16 -10.74 107.35 81.77
C ILE AA 16 -11.37 105.96 81.69
N GLY AA 17 -12.37 105.70 82.54
CA GLY AA 17 -13.11 104.45 82.54
C GLY AA 17 -13.89 104.23 81.25
N ASN AA 18 -14.28 105.30 80.58
CA ASN AA 18 -14.94 105.17 79.29
C ASN AA 18 -13.95 104.63 78.26
N ALA AA 19 -12.67 105.05 78.39
CA ALA AA 19 -11.64 104.51 77.52
C ALA AA 19 -11.20 103.14 78.00
N CYS AA 20 -11.46 102.83 79.30
CA CYS AA 20 -11.01 101.59 79.89
C CYS AA 20 -11.77 100.42 79.26
N TRP AA 21 -13.10 100.49 79.30
CA TRP AA 21 -13.90 99.35 78.91
C TRP AA 21 -14.02 99.18 77.40
N GLU AA 22 -13.58 100.20 76.65
CA GLU AA 22 -13.50 100.05 75.20
C GLU AA 22 -12.42 99.01 74.86
N LEU AA 23 -11.26 99.08 75.56
CA LEU AA 23 -10.16 98.15 75.35
C LEU AA 23 -10.60 96.74 75.74
N PHE AA 24 -11.22 96.64 76.93
CA PHE AA 24 -11.46 95.35 77.55
C PHE AA 24 -12.50 94.57 76.75
N CYS AA 25 -13.43 95.27 76.12
CA CYS AA 25 -14.37 94.60 75.23
C CYS AA 25 -13.68 94.16 73.95
N LEU AA 26 -12.71 94.97 73.50
CA LEU AA 26 -12.02 94.57 72.29
C LEU AA 26 -11.01 93.45 72.56
N GLU AA 27 -10.40 93.47 73.76
CA GLU AA 27 -9.47 92.44 74.23
C GLU AA 27 -10.17 91.07 74.26
N HIS AA 28 -11.41 91.02 74.74
CA HIS AA 28 -12.16 89.77 74.88
C HIS AA 28 -13.02 89.46 73.66
N GLY AA 29 -13.08 90.41 72.70
CA GLY AA 29 -13.67 90.20 71.38
C GLY AA 29 -15.20 90.25 71.39
N ILE AA 30 -15.76 90.79 72.49
CA ILE AA 30 -17.20 90.95 72.57
C ILE AA 30 -17.60 92.19 71.78
N GLN AA 31 -18.67 92.07 71.01
CA GLN AA 31 -19.22 93.22 70.29
C GLN AA 31 -19.86 94.18 71.29
N PRO AA 32 -19.80 95.51 71.07
CA PRO AA 32 -20.42 96.48 71.98
C PRO AA 32 -21.88 96.37 72.39
N ASP AA 33 -22.58 95.31 71.95
CA ASP AA 33 -23.92 95.04 72.45
C ASP AA 33 -23.93 94.29 73.76
N GLY AA 34 -22.79 93.66 74.08
CA GLY AA 34 -22.67 92.74 75.21
C GLY AA 34 -22.70 91.27 74.78
N GLN AA 35 -22.68 90.97 73.47
CA GLN AA 35 -22.73 89.59 73.00
C GLN AA 35 -21.44 89.23 72.27
N MET AA 36 -21.08 87.96 72.40
CA MET AA 36 -19.91 87.38 71.78
C MET AA 36 -20.30 86.70 70.47
N PRO AA 37 -19.34 86.60 69.50
CA PRO AA 37 -19.58 85.85 68.27
C PRO AA 37 -19.49 84.32 68.40
N ASP AA 47 -14.20 82.41 80.87
CA ASP AA 47 -13.71 82.20 82.27
C ASP AA 47 -12.45 83.00 82.55
N ALA AA 48 -11.64 83.25 81.51
CA ALA AA 48 -10.49 84.15 81.58
C ALA AA 48 -10.95 85.60 81.77
N PHE AA 49 -12.13 85.93 81.23
CA PHE AA 49 -12.67 87.28 81.27
C PHE AA 49 -13.53 87.53 82.50
N ASN AA 50 -13.65 86.53 83.39
CA ASN AA 50 -14.54 86.63 84.54
C ASN AA 50 -14.07 87.66 85.57
N THR AA 51 -12.79 88.02 85.49
CA THR AA 51 -12.17 88.95 86.43
C THR AA 51 -12.59 90.39 86.16
N PHE AA 52 -13.19 90.64 85.00
CA PHE AA 52 -13.65 91.98 84.65
C PHE AA 52 -15.03 92.00 84.03
N PHE AA 53 -15.61 90.84 83.72
CA PHE AA 53 -16.92 90.78 83.11
C PHE AA 53 -17.66 89.56 83.64
N SER AA 54 -18.87 89.80 84.12
CA SER AA 54 -19.75 88.74 84.59
C SER AA 54 -20.66 88.26 83.47
N GLU AA 55 -21.36 87.14 83.73
CA GLU AA 55 -22.26 86.55 82.75
C GLU AA 55 -23.71 86.66 83.23
N THR AA 56 -24.60 87.02 82.30
CA THR AA 56 -26.03 87.15 82.57
C THR AA 56 -26.80 86.31 81.55
N GLY AA 57 -26.96 85.02 81.85
CA GLY AA 57 -27.62 84.10 80.93
C GLY AA 57 -26.61 83.35 80.07
N ALA AA 58 -26.67 83.56 78.75
CA ALA AA 58 -25.80 82.88 77.81
C ALA AA 58 -25.38 83.85 76.72
N GLY AA 59 -24.09 84.20 76.72
CA GLY AA 59 -23.55 85.09 75.71
C GLY AA 59 -23.56 86.56 76.15
N LYS AA 60 -24.28 86.91 77.22
CA LYS AA 60 -24.33 88.30 77.67
C LYS AA 60 -23.19 88.56 78.65
N HIS AA 61 -22.37 89.58 78.35
CA HIS AA 61 -21.25 89.98 79.19
C HIS AA 61 -21.59 91.31 79.85
N VAL AA 62 -21.51 91.32 81.19
CA VAL AA 62 -21.80 92.50 81.98
C VAL AA 62 -20.55 92.89 82.75
N PRO AA 63 -20.14 94.17 82.73
CA PRO AA 63 -18.96 94.54 83.48
C PRO AA 63 -19.23 94.58 84.98
N ARG AA 64 -18.14 94.46 85.74
CA ARG AA 64 -18.16 94.66 87.18
C ARG AA 64 -17.57 96.04 87.44
N CYS AA 65 -18.36 97.07 87.13
CA CYS AA 65 -17.92 98.44 87.37
C CYS AA 65 -19.11 99.29 87.81
N VAL AA 66 -18.79 100.31 88.63
CA VAL AA 66 -19.78 101.30 89.04
C VAL AA 66 -19.25 102.69 88.73
N PHE AA 67 -20.17 103.65 88.58
CA PHE AA 67 -19.83 105.05 88.33
C PHE AA 67 -20.54 105.92 89.35
N LEU AA 68 -19.77 106.84 89.95
CA LEU AA 68 -20.31 107.83 90.86
C LEU AA 68 -19.97 109.22 90.34
N ASP AA 69 -21.02 110.01 90.06
CA ASP AA 69 -20.85 111.44 89.82
C ASP AA 69 -22.12 112.18 90.23
N LEU AA 70 -21.93 113.31 90.90
CA LEU AA 70 -23.04 114.11 91.38
C LEU AA 70 -23.66 114.95 90.26
N GLU AA 71 -23.03 115.03 89.09
CA GLU AA 71 -23.55 115.82 87.98
C GLU AA 71 -24.03 114.93 86.84
N PRO AA 72 -25.02 115.34 86.04
CA PRO AA 72 -25.48 114.51 84.93
C PRO AA 72 -24.77 114.73 83.61
N THR AA 73 -23.95 115.77 83.48
CA THR AA 73 -23.54 116.22 82.15
C THR AA 73 -22.56 115.26 81.47
N VAL AA 74 -21.96 114.36 82.24
CA VAL AA 74 -20.91 113.47 81.76
C VAL AA 74 -21.42 112.03 81.82
N VAL AA 75 -22.34 111.70 82.72
CA VAL AA 75 -22.91 110.36 82.76
C VAL AA 75 -24.01 110.19 81.71
N ASP AA 76 -24.59 111.31 81.23
CA ASP AA 76 -25.57 111.33 80.14
C ASP AA 76 -25.01 110.70 78.86
N GLU AA 77 -23.81 111.19 78.54
CA GLU AA 77 -23.21 110.87 77.25
C GLU AA 77 -22.76 109.41 77.23
N VAL AA 78 -22.44 108.85 78.41
CA VAL AA 78 -22.16 107.43 78.52
C VAL AA 78 -23.43 106.60 78.28
N ARG AA 79 -24.57 107.09 78.77
CA ARG AA 79 -25.83 106.37 78.62
C ARG AA 79 -26.34 106.45 77.19
N THR AA 80 -26.19 107.61 76.56
CA THR AA 80 -26.73 107.82 75.22
C THR AA 80 -25.69 107.50 74.13
N GLY AA 81 -24.48 107.06 74.53
CA GLY AA 81 -23.42 106.88 73.54
C GLY AA 81 -23.52 105.55 72.79
N THR AA 82 -22.33 105.02 72.45
CA THR AA 82 -22.21 103.78 71.70
C THR AA 82 -22.57 102.58 72.58
N TYR AA 83 -22.11 102.59 73.83
CA TYR AA 83 -22.24 101.43 74.72
C TYR AA 83 -23.50 101.58 75.58
N ARG AA 84 -24.65 101.40 74.95
CA ARG AA 84 -25.89 101.46 75.73
C ARG AA 84 -26.26 100.09 76.29
N HIS AA 85 -26.29 99.08 75.42
CA HIS AA 85 -26.80 97.74 75.62
C HIS AA 85 -25.86 96.92 76.51
N LEU AA 86 -24.55 97.08 76.30
CA LEU AA 86 -23.54 96.30 77.00
C LEU AA 86 -23.47 96.73 78.45
N PHE AA 87 -23.40 98.07 78.69
CA PHE AA 87 -23.39 98.58 80.05
C PHE AA 87 -24.78 98.39 80.63
N HIS AA 88 -24.85 97.87 81.85
CA HIS AA 88 -26.13 97.81 82.54
C HIS AA 88 -26.53 99.22 82.94
N PRO AA 89 -27.75 99.70 82.60
CA PRO AA 89 -28.12 101.10 82.87
C PRO AA 89 -28.26 101.43 84.35
N GLU AA 90 -28.28 100.42 85.22
CA GLU AA 90 -28.44 100.65 86.65
C GLU AA 90 -27.10 100.89 87.36
N GLN AA 91 -25.99 100.53 86.71
CA GLN AA 91 -24.66 100.71 87.26
C GLN AA 91 -24.29 102.19 87.30
N LEU AA 92 -24.90 103.01 86.44
CA LEU AA 92 -24.63 104.43 86.41
C LEU AA 92 -25.50 105.14 87.45
N ILE AA 93 -24.81 105.80 88.38
CA ILE AA 93 -25.49 106.50 89.45
C ILE AA 93 -25.28 107.99 89.22
N SER AA 94 -26.39 108.73 89.15
CA SER AA 94 -26.34 110.11 88.71
C SER AA 94 -26.98 110.99 89.78
N GLY AA 95 -26.32 112.12 90.05
CA GLY AA 95 -26.91 113.14 90.90
C GLY AA 95 -27.52 114.26 90.08
N LYS AA 96 -27.78 115.37 90.79
CA LYS AA 96 -28.37 116.58 90.26
C LYS AA 96 -27.31 117.65 90.07
N GLU AA 97 -26.53 118.04 91.10
CA GLU AA 97 -25.55 119.12 90.95
C GLU AA 97 -24.14 118.65 91.27
N ASP AA 98 -23.15 119.16 90.51
CA ASP AA 98 -21.73 118.86 90.73
C ASP AA 98 -21.30 119.37 92.11
N ALA AA 99 -20.26 118.72 92.67
CA ALA AA 99 -19.71 119.13 93.96
C ALA AA 99 -19.05 120.51 93.88
N ALA AA 100 -18.60 120.87 92.67
CA ALA AA 100 -18.11 122.18 92.27
C ALA AA 100 -16.93 122.60 93.13
N ASN AA 101 -15.88 121.79 93.05
CA ASN AA 101 -14.55 122.04 93.59
C ASN AA 101 -14.58 122.44 95.05
N ASN AA 102 -15.47 121.77 95.78
CA ASN AA 102 -15.50 121.87 97.22
C ASN AA 102 -15.30 120.49 97.80
N PHE AA 103 -14.20 120.33 98.53
CA PHE AA 103 -14.01 119.18 99.38
C PHE AA 103 -15.15 119.10 100.41
N ALA AA 104 -15.65 120.27 100.82
CA ALA AA 104 -16.76 120.34 101.77
C ALA AA 104 -18.04 119.76 101.16
N ARG AA 105 -18.30 120.07 99.88
CA ARG AA 105 -19.57 119.69 99.29
C ARG AA 105 -19.61 118.20 98.98
N GLY AA 106 -18.49 117.64 98.53
CA GLY AA 106 -18.44 116.22 98.24
C GLY AA 106 -18.54 115.34 99.50
N HIS AA 107 -17.85 115.76 100.58
CA HIS AA 107 -17.61 114.90 101.73
C HIS AA 107 -18.66 115.09 102.83
N TYR AA 108 -19.38 116.22 102.82
CA TYR AA 108 -20.31 116.53 103.91
C TYR AA 108 -21.76 116.70 103.46
N THR AA 109 -22.02 117.55 102.45
CA THR AA 109 -23.40 117.97 102.20
C THR AA 109 -24.12 117.04 101.21
N ILE AA 110 -23.64 117.01 99.95
CA ILE AA 110 -24.43 116.44 98.86
C ILE AA 110 -24.08 114.97 98.62
N GLY AA 111 -22.96 114.52 99.20
CA GLY AA 111 -22.47 113.15 99.04
C GLY AA 111 -23.36 112.07 99.67
N LYS AA 112 -24.01 112.42 100.79
CA LYS AA 112 -24.65 111.49 101.71
C LYS AA 112 -25.85 110.78 101.04
N GLU AA 113 -26.47 111.46 100.07
CA GLU AA 113 -27.66 110.89 99.44
C GLU AA 113 -27.29 109.87 98.37
N ILE AA 114 -26.00 109.78 98.04
CA ILE AA 114 -25.53 108.82 97.03
C ILE AA 114 -24.74 107.67 97.67
N VAL AA 115 -24.14 107.92 98.84
CA VAL AA 115 -23.34 106.93 99.55
C VAL AA 115 -24.19 105.72 99.97
N ASP AA 116 -25.42 105.96 100.43
CA ASP AA 116 -26.41 104.92 100.70
C ASP AA 116 -26.65 104.06 99.47
N LEU AA 117 -26.80 104.75 98.33
CA LEU AA 117 -27.08 104.05 97.08
C LEU AA 117 -25.83 103.33 96.61
N SER AA 118 -24.66 103.94 96.80
CA SER AA 118 -23.43 103.37 96.28
C SER AA 118 -23.02 102.13 97.08
N LEU AA 119 -23.08 102.21 98.43
CA LEU AA 119 -22.68 101.13 99.34
C LEU AA 119 -23.52 99.86 99.10
N ASP AA 120 -24.78 100.09 98.71
CA ASP AA 120 -25.69 99.00 98.45
C ASP AA 120 -25.24 98.18 97.24
N ARG AA 121 -24.78 98.93 96.23
CA ARG AA 121 -24.40 98.28 94.97
C ARG AA 121 -23.11 97.51 95.11
N ILE AA 122 -22.13 98.09 95.83
CA ILE AA 122 -20.87 97.42 96.03
C ILE AA 122 -21.07 96.14 96.82
N ARG AA 123 -21.90 96.22 97.89
CA ARG AA 123 -22.08 95.12 98.81
C ARG AA 123 -22.69 93.90 98.10
N LYS AA 124 -23.70 94.19 97.27
CA LYS AA 124 -24.42 93.13 96.61
C LYS AA 124 -23.80 92.77 95.25
N LEU AA 125 -22.70 93.43 94.87
CA LEU AA 125 -21.95 93.00 93.69
C LEU AA 125 -20.72 92.23 94.12
N ALA AA 126 -20.14 92.58 95.28
CA ALA AA 126 -18.89 91.97 95.73
C ALA AA 126 -19.15 90.57 96.32
N ASP AA 127 -20.30 90.44 96.96
CA ASP AA 127 -20.52 89.29 97.81
C ASP AA 127 -21.04 88.07 97.05
N ASN AA 128 -21.30 88.23 95.74
CA ASN AA 128 -21.76 87.15 94.87
C ASN AA 128 -20.81 85.94 94.88
N CYS AA 129 -19.50 86.20 94.73
CA CYS AA 129 -18.51 85.16 94.89
C CYS AA 129 -17.48 85.55 95.96
N THR AA 130 -16.87 84.53 96.52
CA THR AA 130 -15.69 84.70 97.35
C THR AA 130 -14.47 84.93 96.47
N GLY AA 131 -13.32 85.10 97.13
CA GLY AA 131 -12.08 85.45 96.45
C GLY AA 131 -12.13 86.85 95.82
N LEU AA 132 -12.93 87.74 96.43
CA LEU AA 132 -12.83 89.15 96.11
C LEU AA 132 -11.44 89.67 96.49
N GLN AA 133 -10.83 90.39 95.54
CA GLN AA 133 -9.39 90.61 95.59
C GLN AA 133 -9.05 92.09 95.80
N GLY AA 134 -9.93 93.00 95.37
CA GLY AA 134 -9.60 94.40 95.59
C GLY AA 134 -10.57 95.35 94.90
N PHE AA 135 -10.21 96.64 94.99
CA PHE AA 135 -10.97 97.68 94.33
C PHE AA 135 -10.04 98.56 93.52
N LEU AA 136 -10.61 99.20 92.50
CA LEU AA 136 -9.83 100.09 91.66
C LEU AA 136 -10.51 101.46 91.66
N MET AA 137 -10.02 102.36 92.53
CA MET AA 137 -10.48 103.73 92.62
C MET AA 137 -9.90 104.54 91.45
N PHE AA 138 -10.78 105.16 90.68
CA PHE AA 138 -10.37 106.10 89.65
C PHE AA 138 -10.99 107.46 89.97
N ASN AA 139 -10.13 108.43 90.32
CA ASN AA 139 -10.62 109.74 90.71
C ASN AA 139 -9.50 110.76 90.49
N ALA AA 140 -9.92 112.01 90.31
CA ALA AA 140 -9.02 113.16 90.22
C ALA AA 140 -8.90 113.77 91.62
N VAL AA 141 -7.68 113.89 92.11
CA VAL AA 141 -7.42 114.44 93.43
C VAL AA 141 -7.70 115.95 93.40
N GLY AA 142 -7.57 116.55 92.21
CA GLY AA 142 -7.73 117.98 92.09
C GLY AA 142 -9.19 118.43 92.03
N GLY AA 143 -9.98 117.75 91.19
CA GLY AA 143 -11.39 117.99 90.98
C GLY AA 143 -12.22 117.81 92.25
N GLY AA 144 -13.45 118.31 92.21
CA GLY AA 144 -14.25 118.44 93.41
C GLY AA 144 -14.80 117.12 93.93
N THR AA 145 -15.66 116.50 93.13
CA THR AA 145 -16.30 115.27 93.54
C THR AA 145 -15.30 114.12 93.54
N GLY AA 146 -14.29 114.18 92.66
CA GLY AA 146 -13.25 113.18 92.59
C GLY AA 146 -12.47 113.05 93.90
N SER AA 147 -12.22 114.18 94.57
CA SER AA 147 -11.51 114.21 95.84
C SER AA 147 -12.49 114.05 97.01
N GLY AA 148 -13.61 114.76 96.93
CA GLY AA 148 -14.61 114.75 97.99
C GLY AA 148 -15.29 113.40 98.16
N LEU AA 149 -16.06 112.97 97.15
CA LEU AA 149 -16.84 111.76 97.23
C LEU AA 149 -15.94 110.52 97.30
N GLY AA 150 -14.70 110.65 96.79
CA GLY AA 150 -13.71 109.59 96.91
C GLY AA 150 -13.40 109.27 98.36
N CYS AA 151 -13.07 110.32 99.14
CA CYS AA 151 -12.71 110.17 100.53
C CYS AA 151 -13.87 109.59 101.35
N LEU AA 152 -15.09 110.08 101.10
CA LEU AA 152 -16.25 109.63 101.83
C LEU AA 152 -16.59 108.18 101.47
N LEU AA 153 -16.14 107.74 100.28
CA LEU AA 153 -16.35 106.35 99.90
C LEU AA 153 -15.25 105.45 100.46
N LEU AA 154 -13.99 105.88 100.42
CA LEU AA 154 -12.88 105.07 100.91
C LEU AA 154 -12.95 104.84 102.43
N GLU AA 155 -13.47 105.82 103.19
CA GLU AA 155 -13.63 105.65 104.64
C GLU AA 155 -14.76 104.65 104.91
N ARG AA 156 -15.76 104.61 104.03
CA ARG AA 156 -16.87 103.67 104.19
C ARG AA 156 -16.41 102.25 103.88
N LEU AA 157 -15.60 102.04 102.85
CA LEU AA 157 -15.12 100.69 102.55
C LEU AA 157 -14.07 100.26 103.56
N SER AA 158 -13.34 101.19 104.19
CA SER AA 158 -12.35 100.83 105.20
C SER AA 158 -13.04 100.31 106.46
N VAL AA 159 -14.18 100.89 106.82
CA VAL AA 159 -14.96 100.46 107.96
C VAL AA 159 -15.63 99.12 107.63
N ASP AA 160 -16.19 98.99 106.42
CA ASP AA 160 -16.86 97.77 105.99
C ASP AA 160 -15.84 96.65 105.73
N TYR AA 161 -15.02 96.80 104.69
CA TYR AA 161 -14.11 95.76 104.26
C TYR AA 161 -12.70 96.16 104.61
N GLY AA 162 -12.34 96.01 105.90
CA GLY AA 162 -11.08 96.57 106.38
C GLY AA 162 -9.80 95.88 105.85
N LYS AA 163 -9.95 94.57 105.67
CA LYS AA 163 -8.86 93.66 105.40
C LYS AA 163 -8.81 93.24 103.93
N LYS AA 164 -9.32 94.11 103.07
CA LYS AA 164 -9.31 93.90 101.63
C LYS AA 164 -8.45 94.99 100.98
N SER AA 165 -7.84 94.63 99.84
CA SER AA 165 -6.99 95.54 99.08
C SER AA 165 -7.86 96.60 98.40
N LYS AA 166 -7.31 97.82 98.27
CA LYS AA 166 -8.05 98.92 97.66
C LYS AA 166 -7.10 99.90 96.98
N LEU AA 167 -6.96 99.73 95.67
CA LEU AA 167 -5.99 100.46 94.86
C LEU AA 167 -6.60 101.77 94.38
N ASN AA 168 -5.79 102.84 94.43
CA ASN AA 168 -6.22 104.17 94.06
C ASN AA 168 -5.40 104.67 92.87
N PHE AA 169 -6.08 105.40 91.98
CA PHE AA 169 -5.42 106.07 90.87
C PHE AA 169 -5.77 107.55 90.93
N CYS AA 170 -4.77 108.38 91.20
CA CYS AA 170 -4.98 109.81 91.40
C CYS AA 170 -4.23 110.60 90.31
N SER AA 171 -4.92 111.62 89.77
CA SER AA 171 -4.35 112.49 88.75
C SER AA 171 -3.87 113.78 89.41
N TRP AA 172 -2.59 113.79 89.82
CA TRP AA 172 -2.03 114.88 90.63
C TRP AA 172 -1.99 116.18 89.83
N PRO AA 173 -2.24 117.33 90.47
CA PRO AA 173 -1.99 118.63 89.83
C PRO AA 173 -0.52 118.87 89.50
N SER AA 174 -0.27 119.28 88.25
CA SER AA 174 1.02 119.68 87.73
C SER AA 174 1.56 120.91 88.44
N PRO AA 175 2.90 121.16 88.39
CA PRO AA 175 3.44 122.47 88.80
C PRO AA 175 2.84 123.67 88.06
N GLN AA 176 2.85 123.61 86.71
CA GLN AA 176 2.42 124.73 85.89
C GLN AA 176 0.93 124.61 85.55
N VAL AA 177 0.58 123.55 84.79
CA VAL AA 177 -0.78 123.33 84.31
C VAL AA 177 -1.64 122.89 85.49
N SER AA 178 -2.77 123.53 85.71
CA SER AA 178 -3.58 123.03 86.81
C SER AA 178 -5.05 122.88 86.44
N THR AA 179 -5.56 123.72 85.54
CA THR AA 179 -6.98 123.73 85.15
C THR AA 179 -7.93 123.88 86.35
N ALA AA 180 -7.47 124.54 87.42
CA ALA AA 180 -8.34 125.00 88.51
C ALA AA 180 -7.57 125.91 89.45
N VAL AA 181 -8.27 126.71 90.28
CA VAL AA 181 -7.60 127.70 91.11
C VAL AA 181 -7.52 127.23 92.55
N VAL AA 182 -8.45 126.37 92.96
CA VAL AA 182 -8.57 125.94 94.35
C VAL AA 182 -7.95 124.54 94.56
N GLU AA 183 -7.30 123.99 93.53
CA GLU AA 183 -6.68 122.66 93.59
C GLU AA 183 -5.56 122.57 94.63
N PRO AA 184 -4.75 123.61 94.90
CA PRO AA 184 -3.91 123.58 96.10
C PRO AA 184 -4.68 123.29 97.39
N TYR AA 185 -5.92 123.79 97.53
CA TYR AA 185 -6.70 123.44 98.69
C TYR AA 185 -7.23 122.02 98.62
N ASN AA 186 -7.58 121.56 97.40
CA ASN AA 186 -8.32 120.32 97.24
C ASN AA 186 -7.45 119.12 97.58
N SER AA 187 -6.20 119.12 97.08
CA SER AA 187 -5.35 117.94 97.16
C SER AA 187 -4.80 117.75 98.57
N VAL AA 188 -4.38 118.86 99.19
CA VAL AA 188 -3.82 118.79 100.53
C VAL AA 188 -4.90 118.39 101.53
N LEU AA 189 -6.13 118.85 101.32
CA LEU AA 189 -7.25 118.42 102.14
C LEU AA 189 -7.57 116.95 101.89
N SER AA 190 -7.34 116.48 100.65
CA SER AA 190 -7.69 115.11 100.29
C SER AA 190 -6.74 114.13 100.99
N THR AA 191 -5.43 114.37 100.82
CA THR AA 191 -4.44 113.37 101.17
C THR AA 191 -4.21 113.27 102.68
N HIS AA 192 -4.77 114.19 103.47
CA HIS AA 192 -4.85 113.94 104.91
C HIS AA 192 -5.76 112.76 105.20
N SER AA 193 -6.92 112.75 104.54
CA SER AA 193 -7.90 111.70 104.72
C SER AA 193 -7.89 110.69 103.57
N LEU AA 194 -6.89 110.79 102.67
CA LEU AA 194 -6.62 109.75 101.68
C LEU AA 194 -5.46 108.86 102.15
N LEU AA 195 -4.58 109.40 103.01
CA LEU AA 195 -3.43 108.63 103.51
C LEU AA 195 -3.89 107.44 104.36
N GLU AA 196 -4.80 107.70 105.31
CA GLU AA 196 -5.33 106.68 106.20
C GLU AA 196 -6.20 105.66 105.46
N HIS AA 197 -6.99 106.14 104.49
CA HIS AA 197 -8.04 105.32 103.89
C HIS AA 197 -7.62 104.66 102.56
N THR AA 198 -6.31 104.45 102.36
CA THR AA 198 -5.85 103.74 101.18
C THR AA 198 -4.68 102.85 101.55
N ASP AA 199 -4.26 102.03 100.59
CA ASP AA 199 -3.05 101.24 100.74
C ASP AA 199 -1.98 101.70 99.75
N VAL AA 200 -2.35 101.80 98.46
CA VAL AA 200 -1.45 102.20 97.39
C VAL AA 200 -2.16 103.21 96.50
N ALA AA 201 -1.51 104.36 96.22
CA ALA AA 201 -1.99 105.35 95.27
C ALA AA 201 -0.95 105.57 94.14
N VAL AA 202 -1.42 105.40 92.91
CA VAL AA 202 -0.54 105.55 91.75
C VAL AA 202 -0.61 106.99 91.27
N MET AA 203 0.56 107.63 91.19
CA MET AA 203 0.61 109.07 90.94
C MET AA 203 0.69 109.33 89.44
N LEU AA 204 -0.26 110.11 88.93
CA LEU AA 204 -0.37 110.46 87.51
C LEU AA 204 -0.44 111.99 87.39
N ASP AA 205 0.19 112.55 86.35
CA ASP AA 205 0.26 113.98 86.15
C ASP AA 205 -0.08 114.31 84.70
N ASN AA 206 -0.63 115.51 84.46
CA ASN AA 206 -1.25 115.84 83.19
C ASN AA 206 -0.28 116.44 82.18
N GLU AA 207 0.61 117.36 82.59
CA GLU AA 207 1.53 117.96 81.64
C GLU AA 207 2.63 116.98 81.24
N ALA AA 208 2.88 115.99 82.11
CA ALA AA 208 3.80 114.90 81.80
C ALA AA 208 3.34 114.16 80.53
N ILE AA 209 2.05 113.80 80.47
CA ILE AA 209 1.54 113.06 79.34
C ILE AA 209 1.36 114.01 78.14
N TYR AA 210 1.21 115.33 78.43
CA TYR AA 210 1.24 116.32 77.36
C TYR AA 210 2.59 116.30 76.66
N ASP AA 211 3.64 116.26 77.48
CA ASP AA 211 5.00 116.28 76.97
C ASP AA 211 5.32 114.92 76.36
N ILE AA 212 4.76 113.83 76.90
CA ILE AA 212 4.87 112.50 76.31
C ILE AA 212 4.31 112.48 74.89
N CYS AA 213 3.14 113.10 74.68
CA CYS AA 213 2.53 113.03 73.36
C CYS AA 213 3.30 113.85 72.32
N ARG AA 214 3.98 114.89 72.82
CA ARG AA 214 4.58 115.82 71.89
C ARG AA 214 6.05 115.50 71.61
N ARG AA 215 6.63 114.51 72.29
CA ARG AA 215 8.03 114.12 72.09
C ARG AA 215 8.16 112.73 71.48
N ASN AA 216 7.51 111.70 72.06
CA ASN AA 216 7.63 110.33 71.57
C ASN AA 216 6.56 109.99 70.54
N LEU AA 217 5.33 110.42 70.83
CA LEU AA 217 4.15 109.99 70.08
C LEU AA 217 3.81 111.00 68.98
N ASP AA 218 4.74 111.95 68.76
CA ASP AA 218 4.84 112.96 67.71
C ASP AA 218 3.52 113.62 67.31
N ILE AA 219 2.70 113.98 68.31
CA ILE AA 219 1.52 114.77 68.01
C ILE AA 219 1.68 116.08 68.76
N GLU AA 220 1.36 117.16 68.04
CA GLU AA 220 1.59 118.50 68.53
C GLU AA 220 0.38 119.08 69.27
N ARG AA 221 -0.76 118.39 69.15
CA ARG AA 221 -1.97 118.89 69.79
C ARG AA 221 -2.92 117.76 70.21
N PRO AA 222 -2.60 116.97 71.28
CA PRO AA 222 -3.51 115.95 71.79
C PRO AA 222 -4.75 116.55 72.48
N THR AA 223 -5.81 115.76 72.62
CA THR AA 223 -7.01 116.08 73.41
C THR AA 223 -7.27 115.03 74.48
N TYR AA 224 -8.35 115.21 75.25
CA TYR AA 224 -8.76 114.27 76.29
C TYR AA 224 -9.01 112.84 75.81
N THR AA 225 -9.61 112.67 74.64
CA THR AA 225 -9.88 111.32 74.17
C THR AA 225 -8.60 110.59 73.78
N ASN AA 226 -7.49 111.32 73.61
CA ASN AA 226 -6.19 110.73 73.33
C ASN AA 226 -5.37 110.52 74.62
N LEU AA 227 -5.60 111.39 75.63
CA LEU AA 227 -4.99 111.25 76.95
C LEU AA 227 -5.46 109.97 77.63
N ASN AA 228 -6.72 109.62 77.39
CA ASN AA 228 -7.36 108.50 78.04
C ASN AA 228 -6.88 107.16 77.48
N ARG AA 229 -6.47 107.12 76.21
CA ARG AA 229 -5.92 105.91 75.62
C ARG AA 229 -4.63 105.48 76.32
N LEU AA 230 -3.75 106.44 76.61
CA LEU AA 230 -2.45 106.12 77.18
C LEU AA 230 -2.58 105.64 78.62
N ILE AA 231 -3.57 106.15 79.35
CA ILE AA 231 -3.76 105.68 80.71
C ILE AA 231 -4.43 104.32 80.69
N ALA AA 232 -5.27 104.07 79.68
CA ALA AA 232 -5.95 102.78 79.52
C ALA AA 232 -4.95 101.68 79.20
N GLN AA 233 -3.88 102.01 78.48
CA GLN AA 233 -2.81 101.07 78.21
C GLN AA 233 -2.05 100.72 79.48
N VAL AA 234 -1.79 101.70 80.36
CA VAL AA 234 -0.98 101.47 81.54
C VAL AA 234 -1.70 100.53 82.50
N ILE AA 235 -2.98 100.80 82.72
CA ILE AA 235 -3.76 100.01 83.67
C ILE AA 235 -4.20 98.69 83.02
N SER AA 236 -4.16 98.59 81.69
CA SER AA 236 -4.33 97.30 81.01
C SER AA 236 -3.07 96.44 81.17
N SER AA 237 -1.91 97.08 81.13
CA SER AA 237 -0.64 96.43 81.42
C SER AA 237 -0.54 96.04 82.88
N LEU AA 238 -1.24 96.79 83.74
CA LEU AA 238 -1.23 96.53 85.18
C LEU AA 238 -1.90 95.21 85.50
N THR AA 239 -3.10 95.03 84.91
CA THR AA 239 -4.00 93.97 85.34
C THR AA 239 -4.11 92.85 84.32
N ALA AA 240 -3.18 92.75 83.36
CA ALA AA 240 -3.23 91.71 82.34
C ALA AA 240 -3.01 90.33 82.97
N SER AA 241 -2.12 90.29 83.95
CA SER AA 241 -1.78 89.07 84.65
C SER AA 241 -2.95 88.59 85.53
N LEU AA 242 -3.74 89.53 86.07
CA LEU AA 242 -5.01 89.19 86.69
C LEU AA 242 -5.95 88.60 85.63
N ARG AA 243 -5.87 89.12 84.40
CA ARG AA 243 -6.78 88.77 83.34
C ARG AA 243 -6.36 87.42 82.76
N PHE AA 244 -5.20 87.41 82.11
CA PHE AA 244 -4.73 86.26 81.36
C PHE AA 244 -3.50 85.68 82.04
N ASP AA 245 -2.92 84.66 81.42
CA ASP AA 245 -1.84 83.93 82.04
C ASP AA 245 -0.48 84.44 81.54
N GLY AA 246 0.59 83.82 82.04
CA GLY AA 246 1.93 84.20 81.62
C GLY AA 246 2.99 83.35 82.33
N ALA AA 247 4.27 83.56 81.96
CA ALA AA 247 5.38 82.95 82.68
C ALA AA 247 5.46 83.35 84.16
N LEU AA 248 5.36 84.66 84.50
CA LEU AA 248 5.38 85.12 85.86
C LEU AA 248 4.35 86.23 86.03
N ASN AA 249 3.23 85.96 86.67
CA ASN AA 249 2.10 86.89 86.72
C ASN AA 249 2.11 87.71 88.03
N VAL AA 250 1.41 88.85 88.01
CA VAL AA 250 1.32 89.72 89.17
C VAL AA 250 -0.15 90.01 89.50
N ASP AA 251 -0.49 89.93 90.79
CA ASP AA 251 -1.84 90.13 91.30
C ASP AA 251 -1.92 91.45 92.05
N VAL AA 252 -3.07 91.73 92.66
CA VAL AA 252 -3.32 92.97 93.38
C VAL AA 252 -2.48 93.05 94.66
N THR AA 253 -2.40 91.93 95.38
CA THR AA 253 -1.98 91.93 96.78
C THR AA 253 -0.46 91.97 96.96
N GLU AA 254 0.31 92.08 95.87
CA GLU AA 254 1.76 92.14 96.04
C GLU AA 254 2.33 93.47 95.55
N PHE AA 255 1.46 94.34 94.99
CA PHE AA 255 1.89 95.72 94.76
C PHE AA 255 2.21 96.38 96.10
N GLN AA 256 1.36 96.11 97.10
CA GLN AA 256 1.59 96.62 98.43
C GLN AA 256 2.73 95.91 99.15
N THR AA 257 3.06 94.69 98.70
CA THR AA 257 4.04 93.91 99.42
C THR AA 257 5.45 94.22 98.94
N ASN AA 258 5.58 94.53 97.66
CA ASN AA 258 6.90 94.77 97.09
C ASN AA 258 7.32 96.23 97.22
N LEU AA 259 6.35 97.13 97.09
CA LEU AA 259 6.67 98.52 96.81
C LEU AA 259 6.41 99.45 98.00
N VAL AA 260 5.98 98.91 99.16
CA VAL AA 260 5.57 99.76 100.26
C VAL AA 260 6.42 99.45 101.49
N PRO AA 261 7.54 100.19 101.69
CA PRO AA 261 8.45 99.98 102.82
C PRO AA 261 7.85 100.21 104.22
N TYR AA 262 7.24 101.38 104.37
CA TYR AA 262 6.51 101.73 105.57
C TYR AA 262 5.06 102.01 105.18
N PRO AA 263 4.08 101.95 106.12
CA PRO AA 263 2.70 102.20 105.74
C PRO AA 263 2.42 103.65 105.34
N ARG AA 264 3.38 104.55 105.56
CA ARG AA 264 3.26 105.92 105.08
C ARG AA 264 3.68 106.06 103.61
N ILE AA 265 4.87 105.54 103.26
CA ILE AA 265 5.43 105.79 101.94
C ILE AA 265 4.79 104.82 100.95
N HIS AA 266 3.73 105.30 100.28
CA HIS AA 266 3.03 104.44 99.35
C HIS AA 266 2.49 105.22 98.15
N PHE AA 267 3.17 106.30 97.75
CA PHE AA 267 2.77 107.07 96.60
C PHE AA 267 3.76 106.86 95.46
N MET AA 268 3.38 106.05 94.48
CA MET AA 268 4.34 105.58 93.48
C MET AA 268 4.03 106.14 92.08
N LEU AA 269 5.14 106.29 91.30
CA LEU AA 269 5.20 106.79 89.92
C LEU AA 269 4.74 105.68 88.95
N SER AA 270 4.89 105.90 87.64
CA SER AA 270 4.64 104.92 86.60
C SER AA 270 5.42 105.30 85.34
N SER AA 271 5.62 104.35 84.44
CA SER AA 271 6.13 104.61 83.09
C SER AA 271 5.70 103.46 82.19
N TYR AA 272 5.73 103.71 80.88
CA TYR AA 272 5.34 102.70 79.92
C TYR AA 272 6.20 102.87 78.68
N ALA AA 273 6.80 101.75 78.27
CA ALA AA 273 7.58 101.70 77.05
C ALA AA 273 7.13 100.46 76.27
N PRO AA 274 7.04 100.52 74.92
CA PRO AA 274 7.33 101.74 74.14
C PRO AA 274 6.09 102.61 73.91
N ILE AA 275 6.32 103.85 73.46
CA ILE AA 275 5.25 104.79 73.15
C ILE AA 275 5.50 105.37 71.75
N ILE AA 276 5.07 104.63 70.71
CA ILE AA 276 5.56 104.82 69.35
C ILE AA 276 4.42 104.70 68.34
N SER AA 277 4.56 105.50 67.28
CA SER AA 277 3.61 105.66 66.18
C SER AA 277 3.77 104.59 65.11
N ALA AA 278 3.00 104.70 64.02
CA ALA AA 278 3.08 103.78 62.88
C ALA AA 278 4.46 103.87 62.22
N GLU AA 279 4.92 105.12 62.07
CA GLU AA 279 6.20 105.43 61.46
C GLU AA 279 7.35 104.85 62.27
N LYS AA 280 7.40 105.18 63.55
CA LYS AA 280 8.53 104.83 64.37
C LYS AA 280 8.28 103.52 65.12
N ALA AA 281 7.53 102.60 64.47
CA ALA AA 281 7.47 101.21 64.92
C ALA AA 281 7.94 100.26 63.82
N TYR AA 282 7.81 100.72 62.57
CA TYR AA 282 8.38 100.04 61.41
C TYR AA 282 9.89 99.86 61.58
N HIS AA 283 10.59 100.84 62.18
CA HIS AA 283 12.00 101.03 61.90
C HIS AA 283 12.93 100.64 63.06
N GLU AA 284 12.49 99.81 64.02
CA GLU AA 284 13.47 99.33 64.98
C GLU AA 284 13.04 98.01 65.63
N GLN AA 285 14.01 97.17 65.98
CA GLN AA 285 13.89 96.34 67.17
C GLN AA 285 13.53 97.21 68.38
N LEU AA 286 12.50 96.74 69.04
CA LEU AA 286 12.25 97.09 70.41
C LEU AA 286 12.93 96.02 71.27
N SER AA 287 14.27 96.01 71.30
CA SER AA 287 15.01 95.01 72.05
C SER AA 287 14.85 95.25 73.54
N VAL AA 288 14.94 94.16 74.32
CA VAL AA 288 14.78 94.22 75.76
C VAL AA 288 15.89 95.06 76.39
N ALA AA 289 17.07 95.08 75.75
CA ALA AA 289 18.20 95.81 76.29
C ALA AA 289 18.04 97.33 76.15
N GLU AA 290 17.07 97.80 75.35
CA GLU AA 290 16.95 99.24 75.14
C GLU AA 290 15.59 99.77 75.56
N ILE AA 291 14.55 98.92 75.57
CA ILE AA 291 13.24 99.35 76.05
C ILE AA 291 13.30 99.68 77.53
N THR AA 292 14.14 98.94 78.27
CA THR AA 292 14.33 99.22 79.68
C THR AA 292 15.18 100.48 79.85
N ASN AA 293 16.06 100.75 78.89
CA ASN AA 293 16.72 102.05 78.84
C ASN AA 293 15.69 103.11 78.45
N SER AA 294 14.77 102.74 77.55
CA SER AA 294 13.72 103.64 77.08
C SER AA 294 12.63 103.86 78.12
N ALA AA 295 12.69 103.13 79.24
CA ALA AA 295 11.72 103.29 80.32
C ALA AA 295 12.36 103.96 81.54
N PHE AA 296 13.48 104.67 81.34
CA PHE AA 296 14.18 105.28 82.47
C PHE AA 296 14.54 106.76 82.28
N GLU AA 297 14.38 107.31 81.08
CA GLU AA 297 14.67 108.73 80.87
C GLU AA 297 13.59 109.58 81.53
N PRO AA 298 13.83 110.89 81.85
CA PRO AA 298 12.73 111.79 82.23
C PRO AA 298 11.62 111.90 81.21
N ALA AA 299 11.93 111.61 79.93
CA ALA AA 299 10.95 111.67 78.85
C ALA AA 299 10.20 110.35 78.66
N SER AA 300 10.08 109.53 79.71
CA SER AA 300 9.32 108.29 79.63
C SER AA 300 8.31 108.21 80.77
N MET AA 301 8.63 108.87 81.89
CA MET AA 301 7.83 108.82 83.11
C MET AA 301 6.55 109.66 82.99
N MET AA 302 5.55 109.36 83.83
CA MET AA 302 4.25 110.01 83.72
C MET AA 302 3.84 110.75 85.00
N ALA AA 303 4.79 111.50 85.59
CA ALA AA 303 4.51 112.21 86.84
C ALA AA 303 5.07 113.63 86.83
N LYS AA 304 5.90 113.99 85.84
CA LYS AA 304 6.61 115.28 85.76
C LYS AA 304 7.32 115.59 87.08
N CYS AA 305 8.28 114.74 87.42
CA CYS AA 305 8.98 114.79 88.68
C CYS AA 305 10.33 114.15 88.44
N ASP AA 306 11.34 115.00 88.23
CA ASP AA 306 12.62 114.54 87.71
C ASP AA 306 13.29 113.66 88.76
N PRO AA 307 13.55 112.37 88.47
CA PRO AA 307 14.09 111.46 89.48
C PRO AA 307 15.61 111.42 89.55
N ARG AA 308 16.28 112.27 88.76
CA ARG AA 308 17.73 112.32 88.79
C ARG AA 308 18.23 112.90 90.11
N HIS AA 309 17.45 113.82 90.70
CA HIS AA 309 17.75 114.35 92.03
C HIS AA 309 16.83 113.71 93.08
N GLY AA 310 16.48 112.44 92.86
CA GLY AA 310 15.78 111.64 93.86
C GLY AA 310 16.44 110.28 93.96
N LYS AA 311 16.13 109.57 95.05
CA LYS AA 311 16.70 108.26 95.30
C LYS AA 311 15.61 107.21 95.20
N TYR AA 312 15.88 106.20 94.37
CA TYR AA 312 15.00 105.08 94.19
C TYR AA 312 15.07 104.19 95.43
N MET AA 313 13.96 103.49 95.69
CA MET AA 313 13.94 102.52 96.78
C MET AA 313 13.28 101.20 96.39
N ALA AA 314 12.35 101.22 95.42
CA ALA AA 314 11.73 100.01 94.92
C ALA AA 314 11.30 100.22 93.48
N CYS AA 315 11.41 99.15 92.69
CA CYS AA 315 10.98 99.18 91.31
C CYS AA 315 10.18 97.94 90.99
N CYS AA 316 9.34 98.07 89.98
CA CYS AA 316 8.50 96.97 89.56
C CYS AA 316 8.33 97.05 88.06
N LEU AA 317 8.74 95.99 87.36
CA LEU AA 317 8.81 96.02 85.91
C LEU AA 317 7.96 94.89 85.35
N MET AA 318 6.86 95.24 84.70
CA MET AA 318 5.91 94.26 84.18
C MET AA 318 6.00 94.20 82.66
N TYR AA 319 6.87 93.33 82.18
CA TYR AA 319 7.00 93.05 80.77
C TYR AA 319 5.76 92.30 80.29
N ARG AA 320 5.31 92.65 79.07
CA ARG AA 320 4.20 91.95 78.46
C ARG AA 320 4.40 91.88 76.95
N GLY AA 321 4.53 90.65 76.41
CA GLY AA 321 4.82 90.36 75.02
C GLY AA 321 5.91 89.29 74.92
N ASP AA 322 6.54 89.13 73.75
CA ASP AA 322 7.53 88.07 73.60
C ASP AA 322 8.85 88.49 74.26
N VAL AA 323 8.91 88.34 75.58
CA VAL AA 323 10.11 88.73 76.30
C VAL AA 323 10.70 87.49 76.97
N VAL AA 324 11.90 87.10 76.53
CA VAL AA 324 12.58 85.92 77.06
C VAL AA 324 13.12 86.27 78.45
N PRO AA 325 13.03 85.37 79.46
CA PRO AA 325 13.51 85.71 80.82
C PRO AA 325 15.03 85.80 80.97
N LYS AA 326 15.80 85.56 79.90
CA LYS AA 326 17.23 85.65 80.06
C LYS AA 326 17.70 87.08 79.88
N ASP AA 327 17.29 87.71 78.77
CA ASP AA 327 17.81 89.02 78.44
C ASP AA 327 17.27 90.08 79.40
N VAL AA 328 16.27 89.71 80.19
CA VAL AA 328 15.80 90.54 81.29
C VAL AA 328 16.90 90.69 82.35
N ASN AA 329 17.57 89.60 82.69
CA ASN AA 329 18.57 89.57 83.76
C ASN AA 329 19.77 90.45 83.46
N ALA AA 330 20.24 90.34 82.20
CA ALA AA 330 21.32 91.18 81.71
C ALA AA 330 20.85 92.65 81.72
N ALA AA 331 19.57 92.86 81.40
CA ALA AA 331 19.00 94.20 81.34
C ALA AA 331 18.91 94.79 82.75
N VAL AA 332 18.49 94.00 83.75
CA VAL AA 332 18.31 94.45 85.13
C VAL AA 332 19.66 94.84 85.69
N ALA AA 333 20.64 93.95 85.49
CA ALA AA 333 21.92 94.14 86.11
C ALA AA 333 22.64 95.32 85.45
N THR AA 334 22.34 95.58 84.16
CA THR AA 334 22.88 96.74 83.44
C THR AA 334 22.46 98.02 84.14
N ILE AA 335 21.18 98.07 84.55
CA ILE AA 335 20.62 99.27 85.15
C ILE AA 335 21.26 99.51 86.50
N LYS AA 336 21.54 98.43 87.24
CA LYS AA 336 22.12 98.53 88.56
C LYS AA 336 23.50 99.15 88.49
N THR AA 337 24.27 98.72 87.47
CA THR AA 337 25.63 99.19 87.26
C THR AA 337 25.70 100.67 86.89
N LYS AA 338 24.61 101.20 86.28
CA LYS AA 338 24.55 102.59 85.80
C LYS AA 338 24.67 103.49 87.01
N ARG AA 339 25.46 104.57 86.87
CA ARG AA 339 25.71 105.47 88.00
C ARG AA 339 24.60 106.48 88.28
N THR AA 340 23.90 106.99 87.26
CA THR AA 340 22.99 108.12 87.45
C THR AA 340 21.68 107.71 88.15
N ILE AA 341 21.39 106.40 88.19
CA ILE AA 341 20.19 105.93 88.83
C ILE AA 341 20.60 105.37 90.20
N GLN AA 342 20.64 106.21 91.23
CA GLN AA 342 21.20 105.80 92.51
C GLN AA 342 20.12 105.12 93.35
N PHE AA 343 20.24 103.79 93.53
CA PHE AA 343 19.40 103.10 94.48
C PHE AA 343 19.84 103.46 95.89
N VAL AA 344 18.90 103.27 96.81
CA VAL AA 344 19.19 103.59 98.19
C VAL AA 344 20.03 102.46 98.78
N ASP AA 345 20.88 102.82 99.73
CA ASP AA 345 21.89 101.92 100.27
C ASP AA 345 21.27 100.75 101.04
N TRP AA 346 20.22 101.00 101.82
CA TRP AA 346 19.74 99.99 102.76
C TRP AA 346 18.92 98.90 102.06
N CYS AA 347 18.58 99.09 100.79
CA CYS AA 347 17.76 98.14 100.05
C CYS AA 347 18.54 97.66 98.84
N PRO AA 348 19.50 96.71 98.98
CA PRO AA 348 20.38 96.34 97.87
C PRO AA 348 19.63 95.77 96.68
N THR AA 349 18.77 94.78 96.92
CA THR AA 349 17.76 94.40 95.94
C THR AA 349 16.75 95.55 95.80
N GLY AA 350 16.25 95.75 94.60
CA GLY AA 350 15.24 96.78 94.40
C GLY AA 350 14.32 96.46 93.22
N PHE AA 351 14.35 95.22 92.74
CA PHE AA 351 13.73 94.92 91.46
C PHE AA 351 12.59 93.92 91.65
N LYS AA 352 11.56 94.08 90.83
CA LYS AA 352 10.52 93.09 90.66
C LYS AA 352 10.31 92.87 89.16
N CYS AA 353 10.66 91.67 88.71
CA CYS AA 353 10.52 91.31 87.31
C CYS AA 353 9.26 90.47 87.12
N GLY AA 354 8.47 90.81 86.11
CA GLY AA 354 7.28 90.05 85.80
C GLY AA 354 7.07 89.99 84.30
N ILE AA 355 6.88 88.80 83.76
CA ILE AA 355 6.81 88.59 82.32
C ILE AA 355 5.46 87.99 81.99
N ASN AA 356 4.84 88.45 80.88
CA ASN AA 356 3.58 87.88 80.38
C ASN AA 356 3.84 87.19 79.03
N TYR AA 357 2.86 86.47 78.43
CA TYR AA 357 2.99 86.13 77.02
C TYR AA 357 1.87 86.68 76.15
N GLN AA 358 0.91 87.38 76.73
CA GLN AA 358 -0.06 87.99 75.85
C GLN AA 358 0.52 89.26 75.26
N PRO AA 359 0.32 89.48 73.94
CA PRO AA 359 0.93 90.61 73.26
C PRO AA 359 0.39 91.93 73.81
N PRO AA 360 1.12 93.04 73.60
CA PRO AA 360 0.56 94.37 73.86
C PRO AA 360 -0.67 94.62 73.00
N THR AA 361 -1.68 95.25 73.62
CA THR AA 361 -2.99 95.39 73.02
C THR AA 361 -3.15 96.82 72.50
N VAL AA 362 -4.04 96.97 71.51
CA VAL AA 362 -4.30 98.25 70.90
C VAL AA 362 -5.81 98.47 70.81
N VAL AA 363 -6.16 99.74 70.68
CA VAL AA 363 -7.47 100.22 70.28
C VAL AA 363 -7.50 100.18 68.74
N PRO AA 364 -8.65 100.02 68.05
CA PRO AA 364 -8.66 100.17 66.59
C PRO AA 364 -8.68 101.63 66.16
N GLY AA 365 -7.82 101.95 65.18
CA GLY AA 365 -7.73 103.29 64.61
C GLY AA 365 -7.00 104.29 65.50
N GLY AA 366 -6.31 103.78 66.53
CA GLY AA 366 -5.53 104.63 67.42
C GLY AA 366 -4.21 105.11 66.81
N ASP AA 367 -3.50 105.95 67.57
CA ASP AA 367 -2.18 106.39 67.15
C ASP AA 367 -1.08 105.47 67.65
N LEU AA 368 -1.41 104.51 68.53
CA LEU AA 368 -0.41 103.59 69.04
C LEU AA 368 -0.20 102.48 68.02
N ALA AA 369 1.05 102.32 67.59
CA ALA AA 369 1.39 101.20 66.73
C ALA AA 369 1.30 99.90 67.53
N LYS AA 370 0.92 98.81 66.87
CA LYS AA 370 0.96 97.55 67.58
C LYS AA 370 2.43 97.16 67.73
N VAL AA 371 2.88 97.00 68.98
CA VAL AA 371 4.27 96.60 69.23
C VAL AA 371 4.31 95.19 69.76
N MET AA 372 5.51 94.59 69.69
CA MET AA 372 5.67 93.18 69.97
C MET AA 372 5.77 92.91 71.47
N ARG AA 373 6.29 93.91 72.18
CA ARG AA 373 6.65 93.76 73.58
C ARG AA 373 6.53 95.13 74.23
N ALA AA 374 6.12 95.14 75.51
CA ALA AA 374 5.85 96.36 76.24
C ALA AA 374 6.41 96.25 77.65
N VAL AA 375 6.75 97.40 78.23
CA VAL AA 375 7.22 97.50 79.59
C VAL AA 375 6.29 98.44 80.31
N CYS AA 376 6.02 98.12 81.56
CA CYS AA 376 5.28 99.00 82.43
C CYS AA 376 5.98 99.03 83.77
N MET AA 377 6.72 100.12 84.01
CA MET AA 377 7.56 100.21 85.20
C MET AA 377 6.92 101.12 86.23
N ILE AA 378 6.73 100.62 87.45
CA ILE AA 378 6.16 101.37 88.57
C ILE AA 378 7.26 101.50 89.60
N SER AA 379 7.53 102.76 89.97
CA SER AA 379 8.64 103.06 90.84
C SER AA 379 8.18 103.69 92.15
N ASN AA 380 8.85 103.26 93.24
CA ASN AA 380 8.84 104.00 94.49
C ASN AA 380 10.17 104.73 94.59
N SER AA 381 10.10 106.06 94.61
CA SER AA 381 11.28 106.90 94.63
C SER AA 381 11.04 108.05 95.59
N THR AA 382 12.15 108.64 96.04
CA THR AA 382 12.10 109.78 96.94
C THR AA 382 12.07 111.07 96.13
N ALA AA 383 11.76 110.99 94.84
CA ALA AA 383 11.44 112.17 94.04
C ALA AA 383 10.14 112.83 94.50
N ILE AA 384 9.22 112.02 95.05
CA ILE AA 384 7.90 112.47 95.47
C ILE AA 384 7.96 113.51 96.57
N ALA AA 385 9.16 113.70 97.18
CA ALA AA 385 9.38 114.72 98.20
C ALA AA 385 9.10 116.12 97.64
N GLU AA 386 9.55 116.37 96.41
CA GLU AA 386 9.39 117.69 95.84
C GLU AA 386 7.96 117.94 95.35
N VAL AA 387 7.31 116.90 94.83
CA VAL AA 387 5.97 117.09 94.28
C VAL AA 387 4.97 117.22 95.43
N PHE AA 388 5.36 116.75 96.62
CA PHE AA 388 4.55 117.00 97.81
C PHE AA 388 4.94 118.32 98.47
N SER AA 389 6.20 118.72 98.32
CA SER AA 389 6.65 119.99 98.89
C SER AA 389 6.07 121.15 98.07
N ARG AA 390 5.94 120.96 96.75
CA ARG AA 390 5.47 122.03 95.87
C ARG AA 390 3.99 122.33 96.14
N MET AA 391 3.17 121.31 96.42
CA MET AA 391 1.78 121.54 96.72
C MET AA 391 1.65 122.15 98.11
N ASP AA 392 2.53 121.77 99.04
CA ASP AA 392 2.51 122.31 100.38
C ASP AA 392 2.90 123.78 100.38
N HIS AA 393 3.83 124.15 99.49
CA HIS AA 393 4.28 125.54 99.44
C HIS AA 393 3.20 126.44 98.83
N LYS AA 394 2.58 125.99 97.73
CA LYS AA 394 1.51 126.76 97.11
C LYS AA 394 0.21 126.67 97.92
N PHE AA 395 0.14 125.77 98.90
CA PHE AA 395 -0.92 125.79 99.89
C PHE AA 395 -0.69 126.92 100.89
N ASP AA 396 0.59 127.14 101.25
CA ASP AA 396 0.94 128.05 102.35
C ASP AA 396 0.65 129.50 101.99
N LEU AA 397 0.99 129.89 100.75
CA LEU AA 397 0.80 131.26 100.34
C LEU AA 397 -0.69 131.58 100.21
N MET AA 398 -1.46 130.63 99.69
CA MET AA 398 -2.88 130.83 99.46
C MET AA 398 -3.66 130.76 100.78
N TYR AA 399 -3.19 129.97 101.76
CA TYR AA 399 -3.82 129.88 103.06
C TYR AA 399 -3.39 131.04 103.98
N ALA AA 400 -2.29 131.72 103.65
CA ALA AA 400 -1.68 132.71 104.53
C ALA AA 400 -2.65 133.86 104.83
N LYS AA 401 -3.52 134.22 103.86
CA LYS AA 401 -4.59 135.18 104.12
C LYS AA 401 -5.92 134.73 103.51
N ARG AA 402 -6.31 133.50 103.85
CA ARG AA 402 -7.71 133.08 103.97
C ARG AA 402 -8.44 133.02 102.61
N ALA AA 403 -7.71 132.81 101.51
CA ALA AA 403 -8.33 132.71 100.19
C ALA AA 403 -9.28 131.51 100.13
N PHE AA 404 -10.47 131.73 99.55
CA PHE AA 404 -11.50 130.72 99.27
C PHE AA 404 -11.98 129.99 100.53
N VAL AA 405 -11.72 130.52 101.72
CA VAL AA 405 -12.03 129.76 102.92
C VAL AA 405 -13.54 129.72 103.18
N HIS AA 406 -14.24 130.82 102.87
CA HIS AA 406 -15.65 130.97 103.26
C HIS AA 406 -16.55 129.99 102.51
N TRP AA 407 -16.10 129.46 101.37
CA TRP AA 407 -16.86 128.45 100.64
C TRP AA 407 -16.86 127.14 101.45
N TYR AA 408 -15.66 126.74 101.91
CA TYR AA 408 -15.49 125.51 102.68
C TYR AA 408 -16.16 125.63 104.05
N VAL AA 409 -16.05 126.80 104.68
CA VAL AA 409 -16.67 127.06 105.98
C VAL AA 409 -18.20 126.98 105.84
N GLY AA 410 -18.72 127.55 104.75
CA GLY AA 410 -20.15 127.70 104.53
C GLY AA 410 -20.87 126.36 104.34
N GLU AA 411 -20.12 125.34 103.91
CA GLU AA 411 -20.72 124.05 103.59
C GLU AA 411 -20.64 123.06 104.75
N GLY AA 412 -19.89 123.42 105.80
CA GLY AA 412 -19.90 122.60 107.00
C GLY AA 412 -18.50 122.35 107.57
N MET AA 413 -17.51 122.34 106.67
CA MET AA 413 -16.12 122.11 107.05
C MET AA 413 -15.62 123.31 107.84
N GLU AA 414 -15.50 123.13 109.17
CA GLU AA 414 -15.01 124.18 110.04
C GLU AA 414 -13.52 124.40 109.79
N GLU AA 415 -13.05 125.60 110.14
CA GLU AA 415 -11.63 125.89 110.17
C GLU AA 415 -10.93 124.99 111.20
N GLY AA 416 -9.74 124.50 110.85
CA GLY AA 416 -8.96 123.70 111.78
C GLY AA 416 -8.55 122.35 111.21
N GLU AA 417 -9.44 121.73 110.43
CA GLU AA 417 -9.00 120.56 109.67
C GLU AA 417 -8.39 120.94 108.33
N PHE AA 418 -8.42 122.24 108.01
CA PHE AA 418 -7.40 122.75 107.09
C PHE AA 418 -6.04 122.70 107.78
N SER AA 419 -5.98 123.08 109.05
CA SER AA 419 -4.71 123.14 109.76
C SER AA 419 -4.18 121.73 110.02
N GLU AA 420 -5.05 120.79 110.39
CA GLU AA 420 -4.64 119.41 110.67
C GLU AA 420 -4.00 118.75 109.46
N ALA AA 421 -4.46 119.12 108.26
CA ALA AA 421 -3.89 118.59 107.03
C ALA AA 421 -2.48 119.12 106.77
N ARG AA 422 -2.13 120.26 107.38
CA ARG AA 422 -0.85 120.91 107.16
C ARG AA 422 0.29 120.06 107.74
N GLU AA 423 0.17 119.69 109.02
CA GLU AA 423 1.22 118.87 109.63
C GLU AA 423 1.15 117.42 109.16
N ASP AA 424 -0.02 117.02 108.63
CA ASP AA 424 -0.16 115.67 108.12
C ASP AA 424 0.67 115.51 106.85
N LEU AA 425 0.51 116.46 105.92
CA LEU AA 425 1.33 116.47 104.71
C LEU AA 425 2.78 116.87 105.03
N ALA AA 426 2.99 117.63 106.10
CA ALA AA 426 4.35 117.93 106.54
C ALA AA 426 5.04 116.65 107.02
N ALA AA 427 4.29 115.84 107.80
CA ALA AA 427 4.82 114.56 108.27
C ALA AA 427 5.07 113.63 107.08
N LEU AA 428 4.15 113.68 106.09
CA LEU AA 428 4.30 112.89 104.89
C LEU AA 428 5.56 113.34 104.13
N GLU AA 429 5.83 114.65 104.11
CA GLU AA 429 7.00 115.17 103.43
C GLU AA 429 8.25 114.89 104.25
N LYS AA 430 8.14 115.03 105.58
CA LYS AA 430 9.31 114.97 106.44
C LYS AA 430 9.90 113.56 106.48
N ASP AA 431 9.03 112.54 106.37
CA ASP AA 431 9.48 111.16 106.45
C ASP AA 431 10.39 110.79 105.27
N TYR AA 432 10.18 111.45 104.12
CA TYR AA 432 10.89 111.10 102.90
C TYR AA 432 12.38 111.40 103.00
N GLU AA 433 12.73 112.56 103.55
CA GLU AA 433 14.15 112.81 103.80
C GLU AA 433 14.62 112.09 105.07
N GLU AA 434 13.67 111.67 105.93
CA GLU AA 434 14.02 110.83 107.08
C GLU AA 434 14.46 109.44 106.60
N VAL AA 435 13.84 108.97 105.51
CA VAL AA 435 14.12 107.64 104.99
C VAL AA 435 15.32 107.66 104.05
N GLY AA 436 15.36 108.64 103.14
CA GLY AA 436 16.25 108.67 101.98
C GLY AA 436 17.74 108.81 102.27
N ILE AA 437 18.08 109.19 103.51
CA ILE AA 437 19.48 109.36 103.91
C ILE AA 437 20.16 107.99 104.10
N MET BA 1 -34.00 117.93 85.91
CA MET BA 1 -32.56 117.65 85.79
C MET BA 1 -31.81 118.92 86.18
N ARG BA 2 -31.20 119.60 85.20
CA ARG BA 2 -30.54 120.88 85.41
C ARG BA 2 -31.22 121.93 84.54
N GLU BA 3 -31.78 122.97 85.19
CA GLU BA 3 -32.51 124.02 84.50
C GLU BA 3 -32.09 125.37 85.05
N ILE BA 4 -32.33 126.41 84.26
CA ILE BA 4 -32.08 127.78 84.66
C ILE BA 4 -33.31 128.60 84.30
N VAL BA 5 -33.86 129.24 85.34
CA VAL BA 5 -35.00 130.14 85.19
C VAL BA 5 -34.47 131.55 85.01
N HIS BA 6 -34.88 132.21 83.92
CA HIS BA 6 -34.27 133.46 83.51
C HIS BA 6 -35.28 134.59 83.66
N VAL BA 7 -34.79 135.75 84.11
CA VAL BA 7 -35.65 136.88 84.45
C VAL BA 7 -35.19 138.09 83.65
N GLN BA 8 -36.12 138.67 82.89
CA GLN BA 8 -35.90 139.94 82.23
C GLN BA 8 -36.11 141.04 83.26
N GLY BA 9 -35.18 142.01 83.31
CA GLY BA 9 -35.29 143.12 84.25
C GLY BA 9 -35.03 144.45 83.58
N GLY BA 10 -36.05 145.31 83.60
CA GLY BA 10 -35.92 146.65 83.06
C GLY BA 10 -35.93 146.70 81.55
N GLN BA 11 -35.77 147.93 81.08
CA GLN BA 11 -35.70 148.28 79.66
C GLN BA 11 -34.49 147.61 79.02
N CYS BA 12 -33.33 147.76 79.69
CA CYS BA 12 -32.07 147.29 79.17
C CYS BA 12 -32.07 145.76 79.10
N GLY BA 13 -32.58 145.15 80.16
CA GLY BA 13 -32.65 143.70 80.23
C GLY BA 13 -33.64 143.15 79.20
N ASN BA 14 -34.69 143.92 78.90
CA ASN BA 14 -35.68 143.49 77.93
C ASN BA 14 -35.08 143.46 76.53
N GLN BA 15 -34.27 144.46 76.22
CA GLN BA 15 -33.70 144.51 74.88
C GLN BA 15 -32.58 143.48 74.73
N ILE BA 16 -31.69 143.41 75.74
CA ILE BA 16 -30.56 142.48 75.69
C ILE BA 16 -31.09 141.05 75.73
N GLY BA 17 -32.07 140.81 76.60
CA GLY BA 17 -32.64 139.47 76.77
C GLY BA 17 -33.44 138.99 75.56
N ALA BA 18 -34.01 139.93 74.77
CA ALA BA 18 -34.73 139.57 73.55
C ALA BA 18 -33.78 138.93 72.55
N LYS BA 19 -32.56 139.51 72.45
CA LYS BA 19 -31.53 139.01 71.55
C LYS BA 19 -30.97 137.67 72.07
N PHE BA 20 -30.97 137.49 73.40
CA PHE BA 20 -30.50 136.24 74.00
C PHE BA 20 -31.38 135.06 73.58
N TRP BA 21 -32.70 135.26 73.59
CA TRP BA 21 -33.61 134.19 73.17
C TRP BA 21 -33.55 133.95 71.67
N GLU BA 22 -33.06 134.97 70.96
CA GLU BA 22 -32.82 134.81 69.54
C GLU BA 22 -31.56 133.97 69.30
N VAL BA 23 -30.49 134.23 70.06
CA VAL BA 23 -29.23 133.54 69.82
C VAL BA 23 -29.23 132.17 70.48
N ILE BA 24 -30.09 131.98 71.49
CA ILE BA 24 -30.20 130.65 72.08
C ILE BA 24 -30.99 129.73 71.16
N SER BA 25 -32.11 130.24 70.61
CA SER BA 25 -33.04 129.41 69.87
C SER BA 25 -32.41 128.85 68.59
N ASP BA 26 -31.73 129.72 67.83
CA ASP BA 26 -31.14 129.28 66.58
C ASP BA 26 -29.89 128.43 66.82
N GLU BA 27 -29.30 128.53 68.02
CA GLU BA 27 -28.24 127.61 68.40
C GLU BA 27 -28.80 126.21 68.65
N HIS BA 28 -30.08 126.12 69.05
CA HIS BA 28 -30.70 124.85 69.37
C HIS BA 28 -31.73 124.43 68.33
N GLY BA 29 -31.86 125.21 67.24
CA GLY BA 29 -32.72 124.85 66.11
C GLY BA 29 -34.21 124.86 66.46
N ILE BA 30 -34.64 125.92 67.13
CA ILE BA 30 -36.04 126.09 67.46
C ILE BA 30 -36.63 127.20 66.59
N ASP BA 31 -37.66 126.82 65.82
CA ASP BA 31 -38.42 127.74 65.00
C ASP BA 31 -39.21 128.69 65.90
N PRO BA 32 -39.58 129.89 65.40
CA PRO BA 32 -40.42 130.80 66.19
C PRO BA 32 -41.80 130.24 66.56
N THR BA 33 -42.27 129.27 65.76
CA THR BA 33 -43.50 128.54 66.07
C THR BA 33 -43.36 127.78 67.38
N GLY BA 34 -42.18 127.19 67.59
CA GLY BA 34 -41.90 126.32 68.72
C GLY BA 34 -41.55 124.91 68.28
N THR BA 35 -41.73 124.59 66.99
CA THR BA 35 -41.37 123.29 66.47
C THR BA 35 -39.85 123.19 66.30
N TYR BA 36 -39.38 121.99 65.96
CA TYR BA 36 -37.95 121.75 65.78
C TYR BA 36 -37.70 121.27 64.35
N CYS BA 37 -36.69 121.90 63.73
CA CYS BA 37 -36.06 121.40 62.52
C CYS BA 37 -34.55 121.54 62.69
N GLY BA 38 -33.80 120.57 62.15
CA GLY BA 38 -32.35 120.63 62.21
C GLY BA 38 -31.64 119.28 62.26
N ASP BA 39 -32.39 118.18 62.47
CA ASP BA 39 -31.97 116.79 62.35
C ASP BA 39 -30.60 116.47 62.95
N SER BA 40 -30.26 117.16 64.05
CA SER BA 40 -29.00 116.94 64.76
C SER BA 40 -29.28 116.84 66.25
N ASP BA 41 -29.24 115.59 66.73
CA ASP BA 41 -29.75 115.19 68.03
C ASP BA 41 -28.97 115.84 69.17
N LEU BA 42 -27.78 116.39 68.86
CA LEU BA 42 -26.89 116.95 69.86
C LEU BA 42 -27.49 118.23 70.43
N GLN BA 43 -28.24 118.94 69.61
CA GLN BA 43 -28.90 120.18 70.01
C GLN BA 43 -30.01 119.87 71.03
N LEU BA 44 -30.84 118.89 70.70
CA LEU BA 44 -32.13 118.75 71.37
C LEU BA 44 -32.09 117.81 72.55
N GLU BA 45 -31.04 117.00 72.70
CA GLU BA 45 -31.07 115.97 73.73
C GLU BA 45 -30.95 116.57 75.13
N ARG BA 46 -30.35 117.75 75.20
CA ARG BA 46 -30.40 118.57 76.39
C ARG BA 46 -30.88 119.97 76.01
N ILE BA 47 -32.21 120.11 75.93
CA ILE BA 47 -32.86 121.37 75.60
C ILE BA 47 -33.43 122.01 76.87
N ASN BA 48 -33.80 121.16 77.84
CA ASN BA 48 -34.61 121.56 78.98
C ASN BA 48 -33.79 122.38 79.97
N VAL BA 49 -32.57 122.78 79.62
CA VAL BA 49 -31.82 123.74 80.43
C VAL BA 49 -32.57 125.07 80.47
N PHE BA 50 -33.07 125.49 79.30
CA PHE BA 50 -33.67 126.80 79.14
C PHE BA 50 -35.15 126.71 78.78
N TYR BA 51 -35.56 125.59 78.20
CA TYR BA 51 -36.88 125.48 77.58
C TYR BA 51 -37.77 124.52 78.37
N ASN BA 52 -39.06 124.53 78.00
CA ASN BA 52 -40.06 123.66 78.58
C ASN BA 52 -40.94 123.12 77.46
N GLU BA 53 -41.45 121.89 77.62
CA GLU BA 53 -42.42 121.32 76.70
C GLU BA 53 -43.80 121.91 77.03
N ALA BA 54 -44.56 122.31 76.00
CA ALA BA 54 -45.81 123.01 76.21
C ALA BA 54 -47.06 122.13 75.99
N THR BA 55 -46.93 120.81 76.17
CA THR BA 55 -48.01 119.85 76.07
C THR BA 55 -48.70 119.89 74.69
N GLY BA 56 -47.98 120.40 73.67
CA GLY BA 56 -48.45 120.39 72.29
C GLY BA 56 -47.33 120.03 71.31
N GLY BA 57 -46.13 119.81 71.85
CA GLY BA 57 -44.91 119.63 71.08
C GLY BA 57 -44.09 120.91 70.96
N ARG BA 58 -44.76 122.05 71.19
CA ARG BA 58 -44.15 123.37 71.15
C ARG BA 58 -43.20 123.51 72.35
N PHE BA 59 -42.08 124.18 72.09
CA PHE BA 59 -41.15 124.58 73.13
C PHE BA 59 -41.42 126.03 73.56
N VAL BA 60 -41.30 126.26 74.87
CA VAL BA 60 -41.51 127.58 75.44
C VAL BA 60 -40.39 127.88 76.40
N PRO BA 61 -39.94 129.14 76.49
CA PRO BA 61 -38.87 129.48 77.41
C PRO BA 61 -39.36 129.56 78.84
N ARG BA 62 -38.40 129.41 79.74
CA ARG BA 62 -38.56 129.70 81.15
C ARG BA 62 -38.14 131.13 81.47
N ALA BA 63 -38.80 132.08 80.77
CA ALA BA 63 -38.43 133.49 80.85
C ALA BA 63 -39.54 134.26 81.53
N ILE BA 64 -39.17 135.24 82.37
CA ILE BA 64 -40.13 136.08 83.07
C ILE BA 64 -39.91 137.52 82.64
N LEU BA 65 -40.67 137.94 81.62
CA LEU BA 65 -40.60 139.28 81.08
C LEU BA 65 -41.19 140.23 82.13
N MET BA 66 -40.35 141.15 82.63
CA MET BA 66 -40.78 141.99 83.74
C MET BA 66 -40.28 143.42 83.49
N ASP BA 67 -41.22 144.37 83.66
CA ASP BA 67 -40.95 145.79 83.63
C ASP BA 67 -42.16 146.53 84.21
N LEU BA 68 -41.93 147.82 84.48
CA LEU BA 68 -42.95 148.70 85.02
C LEU BA 68 -43.65 149.54 83.96
N GLU BA 69 -43.28 149.40 82.67
CA GLU BA 69 -43.80 150.27 81.62
C GLU BA 69 -44.20 149.40 80.43
N PRO BA 70 -45.45 149.50 79.95
CA PRO BA 70 -45.98 148.48 79.03
C PRO BA 70 -45.45 148.59 77.62
N GLY BA 71 -44.70 149.65 77.31
CA GLY BA 71 -44.30 149.90 75.93
C GLY BA 71 -43.30 148.86 75.43
N THR BA 72 -42.33 148.52 76.29
CA THR BA 72 -41.18 147.73 75.87
C THR BA 72 -41.56 146.27 75.66
N MET BA 73 -42.52 145.77 76.45
CA MET BA 73 -43.06 144.43 76.21
C MET BA 73 -43.84 144.37 74.91
N ASP BA 74 -44.50 145.47 74.54
CA ASP BA 74 -45.22 145.56 73.28
C ASP BA 74 -44.24 145.42 72.12
N SER BA 75 -43.04 146.01 72.27
CA SER BA 75 -41.99 145.88 71.27
C SER BA 75 -41.49 144.43 71.20
N VAL BA 76 -41.34 143.81 72.38
CA VAL BA 76 -40.83 142.45 72.47
C VAL BA 76 -41.85 141.48 71.87
N ARG BA 77 -43.13 141.66 72.23
CA ARG BA 77 -44.21 140.77 71.78
C ARG BA 77 -44.43 140.90 70.28
N ALA BA 78 -44.53 142.13 69.77
CA ALA BA 78 -44.88 142.31 68.37
C ALA BA 78 -43.68 141.99 67.46
N GLY BA 79 -42.49 141.96 68.07
CA GLY BA 79 -41.27 141.69 67.32
C GLY BA 79 -41.16 140.23 66.91
N PRO BA 80 -40.10 139.90 66.15
CA PRO BA 80 -39.82 138.51 65.78
C PRO BA 80 -39.42 137.70 67.01
N PHE BA 81 -39.77 136.41 66.95
CA PHE BA 81 -39.51 135.41 67.99
C PHE BA 81 -40.18 135.80 69.30
N GLY BA 82 -41.37 136.39 69.23
CA GLY BA 82 -42.02 136.92 70.42
C GLY BA 82 -43.14 136.03 70.95
N GLN BA 83 -43.74 135.21 70.06
CA GLN BA 83 -44.74 134.27 70.56
C GLN BA 83 -44.14 133.05 71.25
N LEU BA 84 -42.81 132.93 71.36
CA LEU BA 84 -42.25 131.82 72.14
C LEU BA 84 -42.71 131.87 73.60
N PHE BA 85 -42.67 133.05 74.23
CA PHE BA 85 -43.08 133.18 75.62
C PHE BA 85 -44.59 132.96 75.72
N ARG BA 86 -45.01 132.18 76.71
CA ARG BA 86 -46.43 132.03 76.92
C ARG BA 86 -46.98 133.31 77.53
N PRO BA 87 -48.16 133.81 77.08
CA PRO BA 87 -48.69 135.11 77.49
C PRO BA 87 -48.81 135.40 78.98
N ASP BA 88 -48.91 134.36 79.81
CA ASP BA 88 -49.02 134.59 81.25
C ASP BA 88 -47.68 134.98 81.90
N ASN BA 89 -46.57 134.80 81.18
CA ASN BA 89 -45.24 135.09 81.71
C ASN BA 89 -45.01 136.60 81.86
N PHE BA 90 -45.61 137.38 80.96
CA PHE BA 90 -45.47 138.83 81.01
C PHE BA 90 -46.12 139.38 82.27
N VAL BA 91 -45.41 140.32 82.89
CA VAL BA 91 -45.95 141.05 84.02
C VAL BA 91 -45.74 142.54 83.76
N PHE BA 92 -46.84 143.30 83.88
CA PHE BA 92 -46.89 144.67 83.45
C PHE BA 92 -46.88 145.60 84.64
N GLY BA 93 -46.29 146.78 84.46
CA GLY BA 93 -46.64 147.95 85.26
C GLY BA 93 -47.26 149.00 84.34
N GLN BA 94 -47.92 149.99 84.94
CA GLN BA 94 -48.52 151.09 84.18
C GLN BA 94 -47.91 152.45 84.54
N THR BA 95 -47.46 152.63 85.78
CA THR BA 95 -46.95 153.92 86.26
C THR BA 95 -45.65 154.31 85.56
N GLY BA 96 -44.75 153.32 85.44
CA GLY BA 96 -43.42 153.52 84.87
C GLY BA 96 -42.49 154.15 85.91
N ALA BA 97 -41.39 153.44 86.20
CA ALA BA 97 -40.38 153.94 87.12
C ALA BA 97 -39.74 155.19 86.52
N GLY BA 98 -39.69 156.24 87.35
CA GLY BA 98 -39.15 157.51 86.91
C GLY BA 98 -37.62 157.55 86.96
N ASN BA 99 -36.98 156.42 86.58
CA ASN BA 99 -35.53 156.28 86.59
C ASN BA 99 -34.98 156.61 87.97
N ASN BA 100 -35.76 156.30 89.00
CA ASN BA 100 -35.40 156.61 90.37
C ASN BA 100 -35.34 155.31 91.16
N TRP BA 101 -34.23 155.09 91.89
CA TRP BA 101 -33.99 153.83 92.56
C TRP BA 101 -35.05 153.55 93.63
N ALA BA 102 -35.34 154.56 94.45
CA ALA BA 102 -36.36 154.43 95.50
C ALA BA 102 -37.75 154.24 94.90
N LYS BA 103 -37.97 154.83 93.72
CA LYS BA 103 -39.28 154.80 93.08
C LYS BA 103 -39.60 153.37 92.66
N GLY BA 104 -38.58 152.64 92.21
CA GLY BA 104 -38.72 151.24 91.87
C GLY BA 104 -38.73 150.30 93.08
N HIS BA 105 -37.68 150.42 93.92
CA HIS BA 105 -37.37 149.43 94.95
C HIS BA 105 -38.45 149.37 96.03
N TYR BA 106 -39.11 150.50 96.33
CA TYR BA 106 -40.10 150.52 97.39
C TYR BA 106 -41.52 150.67 96.85
N THR BA 107 -41.78 151.74 96.09
CA THR BA 107 -43.14 152.22 95.90
C THR BA 107 -43.91 151.30 94.94
N GLU BA 108 -43.49 151.27 93.67
CA GLU BA 108 -44.19 150.46 92.68
C GLU BA 108 -43.61 149.05 92.56
N GLY BA 109 -42.53 148.76 93.30
CA GLY BA 109 -42.10 147.39 93.49
C GLY BA 109 -43.12 146.56 94.27
N ALA BA 110 -43.64 147.16 95.35
CA ALA BA 110 -44.49 146.46 96.31
C ALA BA 110 -45.81 146.03 95.68
N GLU BA 111 -46.30 146.79 94.69
CA GLU BA 111 -47.54 146.42 94.00
C GLU BA 111 -47.30 145.36 92.92
N LEU BA 112 -46.03 145.03 92.67
CA LEU BA 112 -45.75 144.10 91.58
C LEU BA 112 -44.92 142.89 91.99
N ILE BA 113 -44.11 143.00 93.07
CA ILE BA 113 -43.21 141.94 93.52
C ILE BA 113 -44.02 140.71 93.91
N ASP BA 114 -45.16 140.93 94.55
CA ASP BA 114 -46.03 139.85 94.97
C ASP BA 114 -46.63 139.12 93.77
N SER BA 115 -46.69 139.80 92.61
CA SER BA 115 -47.19 139.17 91.37
C SER BA 115 -46.08 138.45 90.60
N VAL BA 116 -44.85 138.98 90.65
CA VAL BA 116 -43.75 138.36 89.92
C VAL BA 116 -43.20 137.16 90.69
N LEU BA 117 -43.35 137.13 92.01
CA LEU BA 117 -42.89 136.00 92.79
C LEU BA 117 -43.80 134.78 92.59
N ASP BA 118 -45.09 135.02 92.31
CA ASP BA 118 -46.02 133.94 92.03
C ASP BA 118 -45.63 133.22 90.74
N VAL BA 119 -45.18 133.99 89.75
CA VAL BA 119 -44.84 133.41 88.46
C VAL BA 119 -43.51 132.67 88.56
N VAL BA 120 -42.53 133.24 89.28
CA VAL BA 120 -41.21 132.62 89.40
C VAL BA 120 -41.29 131.40 90.32
N ARG BA 121 -42.25 131.38 91.25
CA ARG BA 121 -42.45 130.22 92.10
C ARG BA 121 -43.06 129.07 91.28
N LYS BA 122 -43.91 129.43 90.32
CA LYS BA 122 -44.55 128.43 89.48
C LYS BA 122 -43.54 127.78 88.54
N GLU BA 123 -42.67 128.59 87.94
CA GLU BA 123 -41.69 128.10 86.97
C GLU BA 123 -40.58 127.30 87.66
N ALA BA 124 -40.16 127.73 88.85
CA ALA BA 124 -39.07 127.07 89.56
C ALA BA 124 -39.50 125.66 89.99
N GLU BA 125 -40.68 125.58 90.63
CA GLU BA 125 -41.16 124.36 91.28
C GLU BA 125 -41.59 123.32 90.23
N GLY BA 126 -41.72 123.74 88.98
CA GLY BA 126 -42.22 122.86 87.92
C GLY BA 126 -41.23 121.79 87.45
N CYS BA 127 -39.96 121.97 87.83
CA CYS BA 127 -38.94 120.98 87.51
C CYS BA 127 -38.50 120.25 88.78
N ASP BA 128 -37.60 119.28 88.55
CA ASP BA 128 -37.20 118.30 89.55
C ASP BA 128 -36.35 118.94 90.63
N CYS BA 129 -35.17 119.49 90.27
CA CYS BA 129 -34.44 120.51 91.03
C CYS BA 129 -33.73 121.36 89.98
N LEU BA 130 -33.40 122.62 90.34
CA LEU BA 130 -32.86 123.55 89.36
C LEU BA 130 -31.49 124.10 89.80
N GLN BA 131 -30.68 124.49 88.82
CA GLN BA 131 -29.36 125.05 89.07
C GLN BA 131 -29.47 126.44 89.71
N GLY BA 132 -30.29 127.31 89.13
CA GLY BA 132 -30.45 128.65 89.67
C GLY BA 132 -31.08 129.60 88.67
N PHE BA 133 -30.79 130.89 88.86
CA PHE BA 133 -31.40 131.95 88.08
C PHE BA 133 -30.34 132.78 87.38
N GLN BA 134 -30.72 133.26 86.20
CA GLN BA 134 -29.97 134.30 85.52
C GLN BA 134 -30.90 135.48 85.31
N ILE BA 135 -30.36 136.69 85.50
CA ILE BA 135 -31.10 137.90 85.17
C ILE BA 135 -30.21 138.72 84.24
N THR BA 136 -30.87 139.58 83.47
CA THR BA 136 -30.17 140.60 82.68
C THR BA 136 -30.87 141.91 83.00
N HIS BA 137 -30.06 142.94 83.29
CA HIS BA 137 -30.59 144.20 83.74
C HIS BA 137 -29.51 145.27 83.58
N SER BA 138 -29.83 146.46 84.07
CA SER BA 138 -28.92 147.59 84.01
C SER BA 138 -28.74 148.13 85.42
N LEU BA 139 -27.65 148.88 85.62
CA LEU BA 139 -27.50 149.68 86.82
C LEU BA 139 -27.59 151.16 86.48
N GLY BA 140 -28.24 151.48 85.36
CA GLY BA 140 -28.45 152.84 84.93
C GLY BA 140 -29.79 153.39 85.37
N GLY BA 141 -30.87 152.76 84.91
CA GLY BA 141 -32.22 153.27 85.09
C GLY BA 141 -32.74 153.05 86.51
N GLY BA 142 -34.06 153.00 86.63
CA GLY BA 142 -34.68 152.74 87.91
C GLY BA 142 -35.26 151.34 87.98
N THR BA 143 -35.98 150.96 86.92
CA THR BA 143 -36.76 149.73 86.95
C THR BA 143 -35.91 148.51 86.59
N GLY BA 144 -34.72 148.73 86.03
CA GLY BA 144 -33.80 147.64 85.75
C GLY BA 144 -32.77 147.50 86.86
N SER BA 145 -32.68 148.52 87.71
CA SER BA 145 -31.63 148.63 88.70
C SER BA 145 -32.21 148.50 90.11
N GLY BA 146 -33.25 149.27 90.40
CA GLY BA 146 -33.80 149.30 91.74
C GLY BA 146 -34.60 148.04 92.05
N MET BA 147 -35.74 147.90 91.35
CA MET BA 147 -36.67 146.86 91.71
C MET BA 147 -36.30 145.52 91.08
N GLY BA 148 -35.38 145.54 90.10
CA GLY BA 148 -34.72 144.34 89.61
C GLY BA 148 -33.87 143.70 90.72
N THR BA 149 -33.13 144.56 91.44
CA THR BA 149 -32.30 144.12 92.54
C THR BA 149 -33.16 143.61 93.70
N LEU BA 150 -34.33 144.24 93.93
CA LEU BA 150 -35.27 143.76 94.94
C LEU BA 150 -35.74 142.34 94.62
N LEU BA 151 -36.00 142.07 93.32
CA LEU BA 151 -36.42 140.75 92.88
C LEU BA 151 -35.33 139.72 93.17
N ILE BA 152 -34.06 140.15 93.09
CA ILE BA 152 -32.94 139.29 93.46
C ILE BA 152 -32.93 139.12 94.99
N SER BA 153 -33.24 140.20 95.73
CA SER BA 153 -33.30 140.16 97.19
C SER BA 153 -34.38 139.21 97.69
N LYS BA 154 -35.54 139.18 97.01
CA LYS BA 154 -36.59 138.25 97.38
C LYS BA 154 -36.22 136.83 96.96
N VAL BA 155 -35.65 136.65 95.77
CA VAL BA 155 -35.39 135.32 95.21
C VAL BA 155 -34.28 134.64 96.01
N ARG BA 156 -33.28 135.41 96.45
CA ARG BA 156 -32.15 134.85 97.17
C ARG BA 156 -32.61 134.29 98.52
N GLU BA 157 -33.47 135.01 99.22
CA GLU BA 157 -33.95 134.55 100.52
C GLU BA 157 -34.99 133.43 100.38
N GLU BA 158 -35.55 133.24 99.19
CA GLU BA 158 -36.47 132.13 98.96
C GLU BA 158 -35.73 130.83 98.61
N TYR BA 159 -34.78 130.93 97.67
CA TYR BA 159 -33.96 129.78 97.31
C TYR BA 159 -32.51 130.11 97.65
N PRO BA 160 -32.05 129.72 98.85
CA PRO BA 160 -30.79 130.24 99.38
C PRO BA 160 -29.53 129.52 98.92
N ASP BA 161 -29.69 128.40 98.17
CA ASP BA 161 -28.56 127.56 97.83
C ASP BA 161 -28.42 127.38 96.31
N ARG BA 162 -28.78 128.44 95.57
CA ARG BA 162 -28.78 128.39 94.12
C ARG BA 162 -27.88 129.48 93.56
N ILE BA 163 -27.32 129.19 92.39
CA ILE BA 163 -26.46 130.10 91.65
C ILE BA 163 -27.28 131.31 91.23
N MET BA 164 -26.59 132.41 90.97
CA MET BA 164 -27.23 133.66 90.57
C MET BA 164 -26.37 134.41 89.54
N GLU BA 165 -26.76 134.31 88.26
CA GLU BA 165 -26.12 135.08 87.21
C GLU BA 165 -26.84 136.42 87.07
N THR BA 166 -26.06 137.51 87.06
CA THR BA 166 -26.59 138.83 86.73
C THR BA 166 -25.73 139.40 85.60
N PHE BA 167 -26.40 139.66 84.47
CA PHE BA 167 -25.72 140.17 83.29
C PHE BA 167 -26.04 141.65 83.15
N SER BA 168 -25.19 142.46 83.78
CA SER BA 168 -25.51 143.85 84.05
C SER BA 168 -24.58 144.77 83.25
N VAL BA 169 -25.13 145.88 82.77
CA VAL BA 169 -24.33 146.97 82.19
C VAL BA 169 -24.11 148.03 83.28
N PHE BA 170 -23.01 148.79 83.16
CA PHE BA 170 -22.59 149.75 84.17
C PHE BA 170 -22.51 151.17 83.61
N PRO BA 171 -22.48 152.22 84.45
CA PRO BA 171 -22.10 153.57 84.01
C PRO BA 171 -20.73 153.69 83.32
N SER BA 172 -20.71 154.47 82.23
CA SER BA 172 -19.54 154.73 81.41
C SER BA 172 -18.70 155.86 82.02
N PRO BA 173 -17.37 155.97 81.74
CA PRO BA 173 -16.59 157.09 82.27
C PRO BA 173 -16.65 158.39 81.47
N LYS BA 174 -17.04 158.28 80.19
CA LYS BA 174 -16.94 159.41 79.28
C LYS BA 174 -18.31 160.02 79.02
N VAL BA 175 -19.35 159.19 78.91
CA VAL BA 175 -20.67 159.57 78.43
C VAL BA 175 -21.69 158.91 79.37
N SER BA 176 -22.97 159.31 79.38
CA SER BA 176 -23.90 158.77 80.37
C SER BA 176 -25.34 158.95 79.87
N ASP BA 177 -26.01 157.82 79.55
CA ASP BA 177 -27.47 157.64 79.54
C ASP BA 177 -28.01 157.92 80.97
N THR BA 178 -29.19 158.54 81.19
CA THR BA 178 -29.85 158.52 82.50
C THR BA 178 -29.04 159.24 83.60
N VAL BA 179 -29.07 160.58 83.48
CA VAL BA 179 -28.54 161.63 84.35
C VAL BA 179 -28.12 161.21 85.77
N VAL BA 180 -29.02 160.55 86.50
CA VAL BA 180 -28.65 160.04 87.80
C VAL BA 180 -28.03 158.66 87.63
N GLU BA 181 -26.75 158.64 87.22
CA GLU BA 181 -25.98 157.40 87.16
C GLU BA 181 -25.40 156.97 88.52
N PRO BA 182 -24.62 157.80 89.25
CA PRO BA 182 -23.99 157.31 90.48
C PRO BA 182 -25.00 157.00 91.59
N TYR BA 183 -26.18 157.63 91.55
CA TYR BA 183 -27.19 157.33 92.55
C TYR BA 183 -27.86 156.00 92.27
N ASN BA 184 -28.08 155.69 90.99
CA ASN BA 184 -28.69 154.42 90.65
C ASN BA 184 -27.70 153.28 90.80
N ALA BA 185 -26.41 153.52 90.51
CA ALA BA 185 -25.40 152.48 90.55
C ALA BA 185 -25.10 152.08 91.99
N THR BA 186 -24.62 153.05 92.77
CA THR BA 186 -24.13 152.80 94.11
C THR BA 186 -25.23 152.26 95.03
N LEU BA 187 -26.46 152.73 94.84
CA LEU BA 187 -27.59 152.22 95.58
C LEU BA 187 -27.96 150.79 95.18
N SER BA 188 -27.51 150.35 94.00
CA SER BA 188 -27.87 149.01 93.54
C SER BA 188 -26.72 148.03 93.75
N VAL BA 189 -25.49 148.54 93.88
CA VAL BA 189 -24.33 147.68 94.07
C VAL BA 189 -24.36 147.06 95.48
N HIS BA 190 -24.75 147.83 96.50
CA HIS BA 190 -24.55 147.36 97.87
C HIS BA 190 -25.58 146.31 98.29
N GLN BA 191 -26.57 146.03 97.43
CA GLN BA 191 -27.30 144.77 97.53
C GLN BA 191 -26.74 143.71 96.57
N LEU BA 192 -26.09 144.15 95.47
CA LEU BA 192 -25.60 143.22 94.47
C LEU BA 192 -24.34 142.50 94.96
N VAL BA 193 -23.60 143.11 95.89
CA VAL BA 193 -22.38 142.51 96.43
C VAL BA 193 -22.71 141.46 97.49
N GLU BA 194 -23.95 141.40 97.96
CA GLU BA 194 -24.29 140.50 99.05
C GLU BA 194 -25.40 139.50 98.69
N ASN BA 195 -26.08 139.70 97.55
CA ASN BA 195 -27.22 138.86 97.20
C ASN BA 195 -27.00 138.06 95.91
N ALA BA 196 -26.28 138.66 94.95
CA ALA BA 196 -26.00 138.01 93.68
C ALA BA 196 -24.66 137.29 93.78
N ASP BA 197 -24.62 136.05 93.29
CA ASP BA 197 -23.49 135.19 93.59
C ASP BA 197 -22.29 135.54 92.71
N GLU BA 198 -22.53 135.80 91.41
CA GLU BA 198 -21.49 136.40 90.57
C GLU BA 198 -22.13 137.35 89.56
N VAL BA 199 -21.48 138.52 89.41
CA VAL BA 199 -21.96 139.61 88.57
C VAL BA 199 -20.86 139.89 87.55
N GLN BA 200 -21.22 139.88 86.27
CA GLN BA 200 -20.23 140.21 85.25
C GLN BA 200 -20.73 141.43 84.48
N VAL BA 201 -19.79 142.33 84.22
CA VAL BA 201 -20.12 143.70 83.91
C VAL BA 201 -19.88 143.95 82.43
N ILE BA 202 -20.67 144.88 81.90
CA ILE BA 202 -20.56 145.38 80.53
C ILE BA 202 -20.56 146.90 80.61
N ASP BA 203 -19.73 147.55 79.77
CA ASP BA 203 -19.79 148.99 79.59
C ASP BA 203 -20.26 149.31 78.18
N ASN BA 204 -21.24 150.21 78.06
CA ASN BA 204 -21.79 150.66 76.78
C ASN BA 204 -20.70 151.28 75.90
N GLU BA 205 -19.82 152.09 76.49
CA GLU BA 205 -18.85 152.85 75.71
C GLU BA 205 -17.70 151.95 75.25
N ALA BA 206 -17.45 150.88 76.01
CA ALA BA 206 -16.44 149.90 75.56
C ALA BA 206 -16.93 149.17 74.31
N LEU BA 207 -18.24 148.92 74.22
CA LEU BA 207 -18.82 148.24 73.07
C LEU BA 207 -18.79 149.13 71.81
N TYR BA 208 -18.85 150.45 71.98
CA TYR BA 208 -18.68 151.35 70.84
C TYR BA 208 -17.23 151.31 70.31
N ASP BA 209 -16.26 151.27 71.23
CA ASP BA 209 -14.84 151.26 70.88
C ASP BA 209 -14.48 149.93 70.21
N ILE BA 210 -15.11 148.84 70.66
CA ILE BA 210 -14.97 147.55 70.01
C ILE BA 210 -15.56 147.63 68.60
N CYS BA 211 -16.70 148.30 68.46
CA CYS BA 211 -17.39 148.36 67.18
C CYS BA 211 -16.69 149.32 66.21
N PHE BA 212 -15.87 150.24 66.75
CA PHE BA 212 -15.24 151.24 65.91
C PHE BA 212 -13.80 150.88 65.53
N ARG BA 213 -13.16 149.94 66.26
CA ARG BA 213 -11.74 149.69 66.07
C ARG BA 213 -11.42 148.21 65.81
N THR BA 214 -12.38 147.30 66.03
CA THR BA 214 -12.13 145.88 65.80
C THR BA 214 -13.10 145.31 64.76
N LEU BA 215 -14.41 145.49 64.95
CA LEU BA 215 -15.39 144.99 63.99
C LEU BA 215 -15.43 145.85 62.71
N LYS BA 216 -14.82 147.03 62.76
CA LYS BA 216 -14.69 147.94 61.61
C LYS BA 216 -16.05 148.40 61.10
N LEU BA 217 -16.99 148.58 62.03
CA LEU BA 217 -18.30 149.07 61.63
C LEU BA 217 -18.35 150.59 61.75
N THR BA 218 -19.16 151.21 60.88
CA THR BA 218 -19.37 152.65 60.89
C THR BA 218 -20.59 153.11 61.69
N THR BA 219 -21.74 152.43 61.56
CA THR BA 219 -23.01 152.92 62.11
C THR BA 219 -23.64 151.88 63.07
N PRO BA 220 -23.22 151.83 64.35
CA PRO BA 220 -23.69 150.78 65.26
C PRO BA 220 -25.06 151.06 65.86
N THR BA 221 -26.09 150.40 65.31
CA THR BA 221 -27.38 150.38 65.98
C THR BA 221 -27.26 149.58 67.28
N TYR BA 222 -28.20 149.82 68.19
CA TYR BA 222 -28.13 149.16 69.48
C TYR BA 222 -28.43 147.66 69.37
N GLY BA 223 -29.12 147.26 68.31
CA GLY BA 223 -29.27 145.84 68.00
C GLY BA 223 -27.94 145.13 67.73
N ASP BA 224 -26.96 145.91 67.25
CA ASP BA 224 -25.65 145.32 67.00
C ASP BA 224 -24.93 145.01 68.31
N LEU BA 225 -25.03 145.93 69.29
CA LEU BA 225 -24.43 145.72 70.60
C LEU BA 225 -25.17 144.60 71.35
N ASN BA 226 -26.48 144.47 71.10
CA ASN BA 226 -27.27 143.39 71.67
C ASN BA 226 -26.76 142.03 71.19
N HIS BA 227 -26.43 141.95 69.89
CA HIS BA 227 -25.94 140.73 69.30
C HIS BA 227 -24.61 140.33 69.94
N LEU BA 228 -23.76 141.33 70.17
CA LEU BA 228 -22.40 141.04 70.60
C LEU BA 228 -22.36 140.68 72.08
N VAL BA 229 -23.18 141.35 72.90
CA VAL BA 229 -23.24 141.05 74.32
C VAL BA 229 -23.89 139.68 74.54
N SER BA 230 -24.97 139.38 73.82
CA SER BA 230 -25.66 138.11 73.95
C SER BA 230 -24.81 136.94 73.41
N ALA BA 231 -23.88 137.22 72.50
CA ALA BA 231 -22.99 136.17 72.01
C ALA BA 231 -22.07 135.65 73.12
N ALA BA 232 -21.52 136.56 73.93
CA ALA BA 232 -20.70 136.17 75.07
C ALA BA 232 -21.58 135.64 76.20
N MET BA 233 -22.78 136.24 76.35
CA MET BA 233 -23.76 135.85 77.36
C MET BA 233 -24.25 134.43 77.11
N SER BA 234 -24.36 134.04 75.84
CA SER BA 234 -24.69 132.67 75.50
C SER BA 234 -23.46 131.76 75.67
N GLY BA 235 -22.26 132.32 75.52
CA GLY BA 235 -21.03 131.53 75.60
C GLY BA 235 -20.68 131.05 77.01
N VAL BA 236 -21.14 131.76 78.05
CA VAL BA 236 -20.81 131.38 79.42
C VAL BA 236 -21.64 130.16 79.85
N THR BA 237 -22.72 129.91 79.12
CA THR BA 237 -23.64 128.84 79.44
C THR BA 237 -23.60 127.80 78.33
N CYS BA 238 -22.60 127.89 77.45
CA CYS BA 238 -22.53 127.03 76.29
C CYS BA 238 -22.28 125.59 76.72
N CYS BA 239 -21.51 125.43 77.79
CA CYS BA 239 -21.07 124.11 78.22
C CYS BA 239 -22.24 123.32 78.81
N LEU BA 240 -23.21 124.02 79.41
CA LEU BA 240 -24.34 123.37 80.05
C LEU BA 240 -25.30 122.74 79.04
N ARG BA 241 -25.19 123.12 77.76
CA ARG BA 241 -26.17 122.69 76.76
C ARG BA 241 -25.56 121.71 75.76
N PHE BA 242 -24.23 121.70 75.63
CA PHE BA 242 -23.54 120.85 74.67
C PHE BA 242 -22.44 120.07 75.39
N PRO BA 243 -22.11 118.83 74.99
CA PRO BA 243 -21.04 118.09 75.67
C PRO BA 243 -19.69 118.68 75.29
N GLY BA 244 -18.70 118.38 76.14
CA GLY BA 244 -17.36 118.86 75.91
C GLY BA 244 -16.34 117.89 76.52
N GLN BA 245 -15.09 118.09 76.10
CA GLN BA 245 -14.00 117.27 76.62
C GLN BA 245 -13.73 117.64 78.09
N LEU BA 246 -13.84 118.93 78.43
CA LEU BA 246 -13.68 119.37 79.81
C LEU BA 246 -14.91 120.20 80.18
N ASN BA 247 -15.86 119.55 80.86
CA ASN BA 247 -17.14 120.18 81.12
C ASN BA 247 -17.03 121.22 82.21
N SER BA 248 -17.81 122.30 82.03
CA SER BA 248 -17.92 123.39 82.98
C SER BA 248 -19.38 123.72 83.22
N ASP BA 249 -19.65 124.27 84.41
CA ASP BA 249 -20.97 124.66 84.86
C ASP BA 249 -20.88 126.06 85.48
N LEU BA 250 -21.99 126.52 86.06
CA LEU BA 250 -22.01 127.82 86.70
C LEU BA 250 -21.32 127.77 88.05
N ARG BA 251 -21.52 126.69 88.80
CA ARG BA 251 -20.87 126.56 90.09
C ARG BA 251 -19.39 126.22 89.92
N LYS BA 252 -19.07 125.56 88.78
CA LYS BA 252 -17.70 125.34 88.29
C LYS BA 252 -16.99 126.70 88.23
N LEU BA 253 -17.60 127.69 87.53
CA LEU BA 253 -17.07 129.04 87.38
C LEU BA 253 -17.07 129.74 88.74
N ALA BA 254 -18.08 129.46 89.54
CA ALA BA 254 -18.24 130.17 90.80
C ALA BA 254 -17.10 129.84 91.77
N VAL BA 255 -16.71 128.57 91.86
CA VAL BA 255 -15.69 128.23 92.84
C VAL BA 255 -14.29 128.51 92.28
N ASN BA 256 -14.12 128.34 90.96
CA ASN BA 256 -12.80 128.51 90.36
C ASN BA 256 -12.39 129.97 90.28
N LEU BA 257 -13.36 130.89 90.26
CA LEU BA 257 -13.05 132.29 90.06
C LEU BA 257 -12.97 133.03 91.40
N ILE BA 258 -14.02 132.93 92.21
CA ILE BA 258 -14.21 133.86 93.32
C ILE BA 258 -13.29 133.52 94.48
N PRO BA 259 -12.31 134.38 94.84
CA PRO BA 259 -11.52 134.19 96.05
C PRO BA 259 -12.30 134.48 97.33
N PHE BA 260 -12.89 135.68 97.39
CA PHE BA 260 -13.60 136.17 98.57
C PHE BA 260 -15.07 136.41 98.28
N PRO BA 261 -15.97 136.35 99.29
CA PRO BA 261 -17.40 136.50 99.02
C PRO BA 261 -17.73 137.87 98.42
N ARG BA 262 -16.90 138.86 98.76
CA ARG BA 262 -17.16 140.25 98.45
C ARG BA 262 -16.91 140.51 96.97
N LEU BA 263 -15.74 140.08 96.48
CA LEU BA 263 -15.29 140.45 95.15
C LEU BA 263 -15.66 139.35 94.16
N HIS BA 264 -16.68 139.61 93.34
CA HIS BA 264 -17.08 138.64 92.32
C HIS BA 264 -17.51 139.34 91.05
N PHE BA 265 -17.02 140.59 90.86
CA PHE BA 265 -17.31 141.38 89.67
C PHE BA 265 -16.34 140.99 88.56
N PHE BA 266 -16.90 140.38 87.52
CA PHE BA 266 -16.07 139.86 86.45
C PHE BA 266 -16.21 140.73 85.21
N LEU BA 267 -15.20 140.60 84.36
CA LEU BA 267 -15.12 141.29 83.07
C LEU BA 267 -15.02 140.26 81.94
N ILE BA 268 -15.57 140.60 80.78
CA ILE BA 268 -15.91 139.63 79.76
C ILE BA 268 -15.15 139.98 78.49
N GLY BA 269 -14.58 138.97 77.82
CA GLY BA 269 -13.98 139.11 76.51
C GLY BA 269 -14.66 138.17 75.51
N PHE BA 270 -14.40 138.42 74.24
CA PHE BA 270 -14.89 137.55 73.20
C PHE BA 270 -13.94 137.56 72.02
N ALA BA 271 -13.78 136.39 71.41
CA ALA BA 271 -12.90 136.23 70.27
C ALA BA 271 -13.42 135.05 69.46
N PRO BA 272 -13.32 135.05 68.12
CA PRO BA 272 -12.74 136.15 67.35
C PRO BA 272 -13.77 137.21 66.94
N LEU BA 273 -13.26 138.42 66.64
CA LEU BA 273 -14.09 139.45 66.06
C LEU BA 273 -13.35 140.11 64.90
N THR BA 274 -13.77 139.78 63.67
CA THR BA 274 -13.18 140.39 62.49
C THR BA 274 -14.27 140.88 61.55
N SER BA 275 -13.96 141.90 60.76
CA SER BA 275 -14.88 142.47 59.79
C SER BA 275 -15.13 141.47 58.65
N ARG BA 276 -16.15 141.79 57.85
CA ARG BA 276 -16.52 140.96 56.71
C ARG BA 276 -15.37 140.90 55.69
N GLY BA 277 -14.69 142.03 55.51
CA GLY BA 277 -13.53 142.15 54.63
C GLY BA 277 -12.35 141.25 55.03
N SER BA 278 -12.05 141.24 56.33
CA SER BA 278 -10.88 140.56 56.86
C SER BA 278 -11.21 139.14 57.34
N GLN BA 279 -12.40 138.64 56.98
CA GLN BA 279 -12.80 137.29 57.37
C GLN BA 279 -11.89 136.22 56.77
N GLN BA 280 -11.52 136.39 55.49
CA GLN BA 280 -10.79 135.37 54.74
C GLN BA 280 -9.29 135.44 55.04
N TYR BA 281 -8.81 136.56 55.63
CA TYR BA 281 -7.38 136.83 55.66
C TYR BA 281 -6.77 136.56 57.03
N ARG BA 282 -7.61 136.22 58.01
CA ARG BA 282 -7.14 136.03 59.38
C ARG BA 282 -6.68 134.59 59.55
N ALA BA 283 -5.91 134.35 60.61
CA ALA BA 283 -5.68 133.00 61.08
C ALA BA 283 -6.79 132.62 62.07
N LEU BA 284 -7.08 131.32 62.17
CA LEU BA 284 -8.01 130.81 63.14
C LEU BA 284 -7.36 129.58 63.78
N SER BA 285 -6.66 129.83 64.89
CA SER BA 285 -6.04 128.76 65.67
C SER BA 285 -5.94 129.19 67.13
N VAL BA 286 -5.66 128.22 68.02
CA VAL BA 286 -5.48 128.49 69.44
C VAL BA 286 -4.31 129.45 69.68
N PRO BA 287 -3.13 129.32 69.02
CA PRO BA 287 -2.08 130.31 69.23
C PRO BA 287 -2.41 131.74 68.82
N GLU BA 288 -3.12 131.91 67.68
CA GLU BA 288 -3.39 133.25 67.21
C GLU BA 288 -4.46 133.92 68.06
N LEU BA 289 -5.40 133.12 68.57
CA LEU BA 289 -6.55 133.70 69.24
C LEU BA 289 -6.22 134.01 70.69
N THR BA 290 -5.40 133.18 71.34
CA THR BA 290 -5.05 133.41 72.74
C THR BA 290 -4.23 134.70 72.89
N GLN BA 291 -3.61 135.15 71.81
CA GLN BA 291 -2.92 136.44 71.83
C GLN BA 291 -3.92 137.58 71.71
N GLN BA 292 -4.95 137.42 70.88
CA GLN BA 292 -5.93 138.47 70.59
C GLN BA 292 -6.76 138.78 71.84
N MET BA 293 -7.09 137.76 72.64
CA MET BA 293 -8.00 137.92 73.77
C MET BA 293 -7.31 138.39 75.05
N PHE BA 294 -5.97 138.54 75.02
CA PHE BA 294 -5.24 139.31 76.03
C PHE BA 294 -4.81 140.66 75.48
N ASP BA 295 -5.79 141.37 74.94
CA ASP BA 295 -5.64 142.72 74.46
C ASP BA 295 -6.74 143.56 75.10
N ALA BA 296 -6.34 144.76 75.54
CA ALA BA 296 -7.25 145.70 76.18
C ALA BA 296 -8.34 146.16 75.21
N LYS BA 297 -8.06 146.06 73.90
CA LYS BA 297 -8.91 146.59 72.84
C LYS BA 297 -10.09 145.65 72.55
N ASN BA 298 -9.96 144.39 72.99
CA ASN BA 298 -10.90 143.32 72.65
C ASN BA 298 -12.00 143.24 73.70
N MET BA 299 -11.77 143.85 74.85
CA MET BA 299 -12.49 143.55 76.06
C MET BA 299 -13.69 144.48 76.23
N MET BA 300 -14.74 143.96 76.87
CA MET BA 300 -16.02 144.63 76.96
C MET BA 300 -16.09 145.60 78.15
N CYS BA 301 -15.03 145.61 78.98
CA CYS BA 301 -15.02 146.42 80.18
C CYS BA 301 -13.84 147.38 80.13
N ALA BA 302 -14.11 148.69 80.06
CA ALA BA 302 -13.04 149.66 79.83
C ALA BA 302 -12.44 150.23 81.12
N SER BA 303 -12.13 149.33 82.05
CA SER BA 303 -11.13 149.62 83.07
C SER BA 303 -9.84 148.95 82.62
N ASP BA 304 -8.77 149.74 82.48
CA ASP BA 304 -7.56 149.34 81.80
C ASP BA 304 -6.88 148.15 82.48
N PRO BA 305 -6.76 146.97 81.81
CA PRO BA 305 -6.14 145.81 82.43
C PRO BA 305 -4.63 145.87 82.62
N ARG BA 306 -3.96 146.72 81.84
CA ARG BA 306 -2.53 146.92 82.03
C ARG BA 306 -2.24 147.69 83.32
N HIS BA 307 -3.26 148.39 83.83
CA HIS BA 307 -3.18 149.03 85.14
C HIS BA 307 -3.77 148.15 86.23
N GLY BA 308 -3.61 146.82 86.09
CA GLY BA 308 -4.13 145.90 87.08
C GLY BA 308 -3.61 144.50 86.85
N ARG BA 309 -4.03 143.59 87.74
CA ARG BA 309 -3.61 142.21 87.74
C ARG BA 309 -4.84 141.33 87.57
N TYR BA 310 -4.67 140.23 86.83
CA TYR BA 310 -5.71 139.23 86.74
C TYR BA 310 -5.62 138.32 87.96
N LEU BA 311 -6.53 138.55 88.93
CA LEU BA 311 -6.51 137.82 90.18
C LEU BA 311 -6.82 136.34 89.92
N THR BA 312 -7.92 136.09 89.21
CA THR BA 312 -8.19 134.81 88.58
C THR BA 312 -8.76 135.07 87.18
N ALA BA 313 -8.66 134.08 86.29
CA ALA BA 313 -9.24 134.23 84.97
C ALA BA 313 -9.76 132.88 84.50
N SER BA 314 -10.55 132.91 83.43
CA SER BA 314 -11.14 131.72 82.85
C SER BA 314 -11.34 131.95 81.36
N ALA BA 315 -11.21 130.87 80.60
CA ALA BA 315 -11.45 130.94 79.16
C ALA BA 315 -12.27 129.71 78.77
N MET BA 316 -13.55 129.93 78.42
CA MET BA 316 -14.37 128.85 77.88
C MET BA 316 -14.22 128.81 76.37
N PHE BA 317 -13.40 127.88 75.89
CA PHE BA 317 -13.22 127.67 74.47
C PHE BA 317 -14.43 126.89 73.94
N ARG BA 318 -14.81 127.22 72.70
CA ARG BA 318 -15.83 126.46 72.00
C ARG BA 318 -15.24 126.04 70.65
N GLY BA 319 -15.58 124.84 70.20
CA GLY BA 319 -15.09 124.33 68.93
C GLY BA 319 -14.31 123.03 69.12
N ARG BA 320 -14.11 122.28 68.03
CA ARG BA 320 -13.44 121.00 68.13
C ARG BA 320 -11.94 121.24 68.01
N MET BA 321 -11.29 121.44 69.16
CA MET BA 321 -9.87 121.74 69.17
C MET BA 321 -9.19 120.82 70.17
N SER BA 322 -7.92 120.56 69.90
CA SER BA 322 -7.14 119.69 70.76
C SER BA 322 -6.71 120.45 72.01
N THR BA 323 -6.44 119.71 73.08
CA THR BA 323 -6.38 120.33 74.39
C THR BA 323 -4.98 120.50 74.93
N LYS BA 324 -3.92 120.02 74.25
CA LYS BA 324 -2.60 120.26 74.82
C LYS BA 324 -2.19 121.72 74.67
N GLU BA 325 -2.30 122.23 73.45
CA GLU BA 325 -1.92 123.62 73.18
C GLU BA 325 -2.85 124.59 73.89
N VAL BA 326 -4.04 124.17 74.28
CA VAL BA 326 -4.87 125.00 75.14
C VAL BA 326 -4.14 125.21 76.46
N ASP BA 327 -3.85 124.12 77.19
CA ASP BA 327 -3.23 124.21 78.50
C ASP BA 327 -1.79 124.68 78.41
N GLU BA 328 -1.12 124.30 77.32
CA GLU BA 328 0.28 124.69 77.15
C GLU BA 328 0.34 126.20 76.92
N GLN BA 329 -0.67 126.80 76.31
CA GLN BA 329 -0.65 128.24 76.10
C GLN BA 329 -1.31 128.99 77.24
N MET BA 330 -1.98 128.28 78.15
CA MET BA 330 -2.50 128.95 79.33
C MET BA 330 -1.32 129.38 80.21
N LEU BA 331 -0.30 128.52 80.29
CA LEU BA 331 0.91 128.81 81.03
C LEU BA 331 1.86 129.70 80.22
N ASN BA 332 1.74 129.64 78.89
CA ASN BA 332 2.53 130.50 78.01
C ASN BA 332 2.16 131.95 78.24
N VAL BA 333 0.85 132.22 78.18
CA VAL BA 333 0.38 133.58 78.38
C VAL BA 333 0.59 134.01 79.82
N GLN BA 334 0.74 133.03 80.73
CA GLN BA 334 1.10 133.27 82.12
C GLN BA 334 2.52 133.83 82.22
N ASN BA 335 3.42 133.28 81.41
CA ASN BA 335 4.85 133.57 81.56
C ASN BA 335 5.25 134.87 80.86
N LYS BA 336 4.83 135.06 79.60
CA LYS BA 336 5.17 136.27 78.86
C LYS BA 336 4.48 137.51 79.45
N ASN BA 337 3.28 137.31 80.01
CA ASN BA 337 2.61 138.35 80.77
C ASN BA 337 2.81 138.03 82.26
N SER BA 338 4.08 138.11 82.67
CA SER BA 338 4.53 137.67 83.99
C SER BA 338 3.97 138.56 85.09
N SER BA 339 4.11 139.89 84.92
CA SER BA 339 3.66 140.82 85.96
C SER BA 339 2.15 141.06 85.90
N TYR BA 340 1.53 140.76 84.75
CA TYR BA 340 0.13 141.11 84.53
C TYR BA 340 -0.82 140.21 85.34
N PHE BA 341 -0.32 139.06 85.82
CA PHE BA 341 -1.15 138.24 86.68
C PHE BA 341 -0.74 138.44 88.12
N VAL BA 342 -1.45 137.76 89.03
CA VAL BA 342 -1.08 137.80 90.42
C VAL BA 342 -0.20 136.59 90.71
N GLU BA 343 0.65 136.70 91.73
CA GLU BA 343 1.79 135.80 91.88
C GLU BA 343 1.53 134.69 92.89
N TRP BA 344 0.68 134.93 93.88
CA TRP BA 344 0.45 133.97 94.95
C TRP BA 344 -0.59 132.90 94.60
N ILE BA 345 -1.13 132.95 93.39
CA ILE BA 345 -1.89 131.82 92.87
C ILE BA 345 -1.14 131.28 91.66
N PRO BA 346 -0.37 130.18 91.77
CA PRO BA 346 0.30 129.64 90.58
C PRO BA 346 -0.70 128.99 89.61
N ASN BA 347 -0.46 129.21 88.32
CA ASN BA 347 -1.42 128.91 87.26
C ASN BA 347 -2.80 129.50 87.57
N ASN BA 348 -2.87 130.82 87.46
CA ASN BA 348 -4.02 131.65 87.77
C ASN BA 348 -5.28 131.21 87.03
N MET BA 349 -5.16 130.82 85.77
CA MET BA 349 -6.31 130.92 84.88
C MET BA 349 -6.78 129.57 84.36
N LYS BA 350 -8.10 129.33 84.52
CA LYS BA 350 -8.81 128.12 84.12
C LYS BA 350 -9.08 128.11 82.62
N SER BA 351 -9.19 126.90 82.06
CA SER BA 351 -9.59 126.72 80.66
C SER BA 351 -10.65 125.61 80.58
N SER BA 352 -11.59 125.78 79.64
CA SER BA 352 -12.61 124.79 79.36
C SER BA 352 -12.85 124.71 77.85
N VAL BA 353 -13.16 123.50 77.38
CA VAL BA 353 -13.38 123.26 75.96
C VAL BA 353 -14.72 122.56 75.82
N CYS BA 354 -15.54 123.10 74.91
CA CYS BA 354 -16.78 122.47 74.54
C CYS BA 354 -16.73 122.06 73.07
N ASP BA 355 -17.50 121.01 72.73
CA ASP BA 355 -17.51 120.46 71.38
C ASP BA 355 -18.16 121.40 70.36
N ILE BA 356 -19.37 121.92 70.65
CA ILE BA 356 -20.12 122.62 69.62
C ILE BA 356 -19.71 124.09 69.58
N PRO BA 357 -19.25 124.60 68.42
CA PRO BA 357 -18.88 126.01 68.31
C PRO BA 357 -20.13 126.87 68.11
N PRO BA 358 -20.02 128.21 68.20
CA PRO BA 358 -21.12 129.08 67.83
C PRO BA 358 -21.42 128.99 66.34
N LYS BA 359 -22.67 129.30 65.99
CA LYS BA 359 -23.13 129.46 64.61
C LYS BA 359 -22.28 130.54 63.92
N GLY BA 360 -21.80 130.21 62.71
CA GLY BA 360 -21.10 131.16 61.87
C GLY BA 360 -19.58 131.14 62.04
N LEU BA 361 -19.05 130.44 63.06
CA LEU BA 361 -17.61 130.38 63.29
C LEU BA 361 -17.17 128.93 63.49
N LYS BA 362 -15.87 128.68 63.36
CA LYS BA 362 -15.34 127.34 63.56
C LYS BA 362 -14.97 127.12 65.03
N MET BA 363 -14.48 128.18 65.67
CA MET BA 363 -14.14 128.12 67.09
C MET BA 363 -14.21 129.54 67.66
N SER BA 364 -14.59 129.62 68.93
CA SER BA 364 -14.65 130.90 69.63
C SER BA 364 -14.40 130.70 71.13
N VAL BA 365 -14.24 131.82 71.84
CA VAL BA 365 -14.06 131.80 73.29
C VAL BA 365 -14.95 132.87 73.90
N THR BA 366 -14.97 132.81 75.22
CA THR BA 366 -15.36 133.92 76.06
C THR BA 366 -14.35 133.99 77.18
N PHE BA 367 -13.96 135.21 77.52
CA PHE BA 367 -12.93 135.42 78.50
C PHE BA 367 -13.52 136.08 79.74
N VAL BA 368 -13.74 135.29 80.78
CA VAL BA 368 -14.28 135.77 82.05
C VAL BA 368 -13.11 135.88 83.01
N GLY BA 369 -12.80 137.12 83.39
CA GLY BA 369 -11.65 137.35 84.24
C GLY BA 369 -12.05 138.10 85.51
N ASN BA 370 -11.46 137.67 86.63
CA ASN BA 370 -11.59 138.44 87.87
C ASN BA 370 -10.33 139.28 88.01
N SER BA 371 -10.34 140.45 87.38
CA SER BA 371 -9.17 141.31 87.38
C SER BA 371 -9.36 142.37 88.45
N THR BA 372 -8.25 142.71 89.10
CA THR BA 372 -8.26 143.71 90.16
C THR BA 372 -8.13 145.11 89.55
N ALA BA 373 -8.01 145.21 88.23
CA ALA BA 373 -7.99 146.49 87.54
C ALA BA 373 -9.34 147.20 87.60
N ILE BA 374 -10.40 146.48 88.00
CA ILE BA 374 -11.76 147.00 88.01
C ILE BA 374 -11.92 148.10 89.08
N GLN BA 375 -10.91 148.24 89.95
CA GLN BA 375 -10.91 149.29 90.96
C GLN BA 375 -10.85 150.69 90.33
N GLU BA 376 -10.42 150.80 89.06
CA GLU BA 376 -10.37 152.07 88.36
C GLU BA 376 -11.78 152.60 88.13
N MET BA 377 -12.67 151.70 87.70
CA MET BA 377 -14.05 152.07 87.40
C MET BA 377 -14.81 152.38 88.68
N PHE BA 378 -14.63 151.56 89.73
CA PHE BA 378 -15.29 151.79 90.99
C PHE BA 378 -14.81 153.06 91.67
N LYS BA 379 -13.55 153.45 91.40
CA LYS BA 379 -13.08 154.73 91.89
C LYS BA 379 -13.75 155.87 91.12
N ARG BA 380 -14.05 155.65 89.84
CA ARG BA 380 -14.72 156.64 89.02
C ARG BA 380 -16.18 156.83 89.45
N VAL BA 381 -16.85 155.76 89.86
CA VAL BA 381 -18.22 155.85 90.31
C VAL BA 381 -18.27 156.43 91.72
N SER BA 382 -17.25 156.11 92.55
CA SER BA 382 -17.23 156.52 93.94
C SER BA 382 -17.07 158.03 94.08
N ASP BA 383 -16.11 158.60 93.34
CA ASP BA 383 -15.90 160.04 93.42
C ASP BA 383 -16.99 160.80 92.66
N GLN BA 384 -17.64 160.14 91.70
CA GLN BA 384 -18.82 160.71 91.07
C GLN BA 384 -20.00 160.70 92.02
N PHE BA 385 -20.08 159.68 92.90
CA PHE BA 385 -21.18 159.57 93.85
C PHE BA 385 -21.01 160.60 94.96
N THR BA 386 -19.80 160.72 95.49
CA THR BA 386 -19.57 161.61 96.61
C THR BA 386 -19.52 163.08 96.17
N ALA BA 387 -19.38 163.34 94.86
CA ALA BA 387 -19.44 164.71 94.35
C ALA BA 387 -20.86 165.26 94.47
N MET BA 388 -21.87 164.51 94.05
CA MET BA 388 -23.25 164.99 94.08
C MET BA 388 -23.82 164.92 95.51
N PHE BA 389 -23.39 163.90 96.28
CA PHE BA 389 -23.84 163.70 97.65
C PHE BA 389 -23.36 164.82 98.58
N ARG BA 390 -22.18 165.37 98.28
CA ARG BA 390 -21.58 166.47 99.04
C ARG BA 390 -22.42 167.73 98.90
N ARG BA 391 -22.97 168.00 97.70
CA ARG BA 391 -23.79 169.20 97.52
C ARG BA 391 -25.28 168.92 97.71
N LYS BA 392 -25.63 167.70 98.19
CA LYS BA 392 -27.00 167.31 98.55
C LYS BA 392 -27.98 167.36 97.38
N ALA BA 393 -27.45 167.54 96.16
CA ALA BA 393 -28.26 167.67 94.96
C ALA BA 393 -28.91 166.33 94.61
N PHE BA 394 -29.96 166.39 93.77
CA PHE BA 394 -30.66 165.25 93.19
C PHE BA 394 -31.10 164.23 94.24
N LEU BA 395 -31.50 164.70 95.43
CA LEU BA 395 -31.71 163.80 96.55
C LEU BA 395 -33.12 163.94 97.12
N HIS BA 396 -33.79 165.10 96.94
CA HIS BA 396 -35.14 165.25 97.47
C HIS BA 396 -36.17 164.44 96.67
N TRP BA 397 -35.79 164.02 95.46
CA TRP BA 397 -36.54 163.09 94.64
C TRP BA 397 -36.53 161.68 95.25
N TYR BA 398 -35.53 161.42 96.11
CA TYR BA 398 -35.29 160.13 96.74
C TYR BA 398 -35.88 160.07 98.16
N THR BA 399 -35.71 161.14 98.95
CA THR BA 399 -36.10 161.16 100.35
C THR BA 399 -37.61 161.02 100.52
N GLY BA 400 -38.35 161.52 99.52
CA GLY BA 400 -39.81 161.54 99.59
C GLY BA 400 -40.45 160.15 99.48
N GLU BA 401 -39.66 159.10 99.18
CA GLU BA 401 -40.24 157.78 99.01
C GLU BA 401 -39.53 156.70 99.82
N GLY BA 402 -38.69 157.07 100.79
CA GLY BA 402 -38.19 156.08 101.74
C GLY BA 402 -36.68 156.10 101.97
N MET BA 403 -35.93 156.78 101.10
CA MET BA 403 -34.48 156.91 101.27
C MET BA 403 -34.17 157.68 102.56
N ASP BA 404 -32.99 157.40 103.11
CA ASP BA 404 -32.50 158.08 104.31
C ASP BA 404 -31.09 158.59 104.06
N GLU BA 405 -30.66 159.55 104.90
CA GLU BA 405 -29.30 160.07 104.89
C GLU BA 405 -28.31 158.97 105.26
N MET BA 406 -28.69 158.12 106.22
CA MET BA 406 -27.83 157.09 106.78
C MET BA 406 -27.49 156.02 105.74
N GLU BA 407 -28.50 155.57 104.99
CA GLU BA 407 -28.33 154.44 104.09
C GLU BA 407 -27.56 154.81 102.83
N PHE BA 408 -27.57 156.10 102.43
CA PHE BA 408 -26.61 156.56 101.44
C PHE BA 408 -25.18 156.47 101.98
N THR BA 409 -24.99 156.83 103.25
CA THR BA 409 -23.66 156.75 103.84
C THR BA 409 -23.23 155.31 104.06
N GLU BA 410 -24.22 154.40 104.19
CA GLU BA 410 -23.91 152.97 104.25
C GLU BA 410 -23.40 152.49 102.89
N ALA BA 411 -24.04 152.97 101.81
CA ALA BA 411 -23.69 152.55 100.46
C ALA BA 411 -22.30 153.05 100.06
N GLU BA 412 -22.00 154.32 100.37
CA GLU BA 412 -20.70 154.93 100.10
C GLU BA 412 -19.61 154.18 100.88
N SER BA 413 -19.94 153.76 102.10
CA SER BA 413 -19.03 153.00 102.94
C SER BA 413 -18.68 151.66 102.29
N ASN BA 414 -19.68 151.00 101.67
CA ASN BA 414 -19.50 149.68 101.10
C ASN BA 414 -18.54 149.75 99.91
N MET BA 415 -18.76 150.71 99.00
CA MET BA 415 -17.94 150.86 97.80
C MET BA 415 -16.52 151.29 98.18
N ASN BA 416 -16.37 152.08 99.25
CA ASN BA 416 -15.04 152.42 99.76
C ASN BA 416 -14.39 151.18 100.39
N ASP BA 417 -15.19 150.30 100.97
CA ASP BA 417 -14.68 149.05 101.48
C ASP BA 417 -14.28 148.13 100.33
N LEU BA 418 -15.05 148.14 99.23
CA LEU BA 418 -14.83 147.22 98.11
C LEU BA 418 -13.56 147.61 97.35
N VAL BA 419 -13.30 148.91 97.18
CA VAL BA 419 -12.09 149.41 96.54
C VAL BA 419 -10.87 149.08 97.40
N SER BA 420 -11.03 149.24 98.72
CA SER BA 420 -9.94 149.07 99.68
C SER BA 420 -9.46 147.61 99.69
N GLU BA 421 -10.41 146.66 99.53
CA GLU BA 421 -10.09 145.24 99.46
C GLU BA 421 -9.32 144.95 98.16
N TYR BA 422 -9.76 145.57 97.06
CA TYR BA 422 -9.10 145.37 95.77
C TYR BA 422 -7.68 145.95 95.77
N GLN BA 423 -7.52 147.15 96.34
CA GLN BA 423 -6.24 147.83 96.42
C GLN BA 423 -5.26 147.05 97.29
N GLN BA 424 -5.78 146.36 98.32
CA GLN BA 424 -4.94 145.63 99.27
C GLN BA 424 -4.29 144.41 98.60
N TYR BA 425 -4.95 143.88 97.55
CA TYR BA 425 -4.56 142.61 96.96
C TYR BA 425 -3.77 142.81 95.67
N GLN BA 426 -2.89 143.81 95.66
CA GLN BA 426 -2.01 144.08 94.54
C GLN BA 426 -0.55 144.01 94.99
N MET CA 1 70.04 23.32 80.39
CA MET CA 1 70.69 23.99 79.27
C MET CA 1 71.83 24.84 79.80
N ARG CA 2 72.89 24.96 79.01
CA ARG CA 2 73.95 25.95 79.26
C ARG CA 2 73.86 26.90 78.07
N GLU CA 3 73.60 28.18 78.34
CA GLU CA 3 73.02 29.05 77.34
C GLU CA 3 73.59 30.46 77.49
N VAL CA 4 72.93 31.38 76.78
CA VAL CA 4 73.42 32.73 76.59
C VAL CA 4 72.22 33.63 76.34
N ILE CA 5 72.31 34.80 76.99
CA ILE CA 5 71.23 35.77 76.95
C ILE CA 5 71.76 37.02 76.25
N SER CA 6 70.97 37.47 75.28
CA SER CA 6 71.32 38.65 74.51
C SER CA 6 70.52 39.86 74.97
N ILE CA 7 71.24 40.93 75.31
CA ILE CA 7 70.62 42.16 75.76
C ILE CA 7 70.90 43.21 74.70
N HIS CA 8 69.83 43.76 74.13
CA HIS CA 8 69.92 44.72 73.04
C HIS CA 8 69.49 46.07 73.57
N VAL CA 9 70.48 46.93 73.79
CA VAL CA 9 70.25 48.22 74.41
C VAL CA 9 70.45 49.29 73.35
N GLY CA 10 69.46 50.16 73.17
CA GLY CA 10 69.66 51.27 72.24
C GLY CA 10 69.25 50.91 70.82
N GLN CA 11 69.27 51.96 69.97
CA GLN CA 11 68.76 51.83 68.62
C GLN CA 11 69.54 50.75 67.85
N ALA CA 12 70.86 51.01 67.89
CA ALA CA 12 71.87 50.20 67.23
C ALA CA 12 71.74 48.74 67.68
N GLY CA 13 71.41 48.55 68.96
CA GLY CA 13 71.19 47.23 69.53
C GLY CA 13 69.93 46.56 68.95
N ILE CA 14 68.85 47.33 68.84
CA ILE CA 14 67.57 46.75 68.46
C ILE CA 14 67.58 46.33 67.00
N GLN CA 15 68.07 47.23 66.12
CA GLN CA 15 68.11 46.98 64.68
C GLN CA 15 68.95 45.73 64.40
N ILE CA 16 70.10 45.62 65.06
CA ILE CA 16 71.04 44.54 64.79
C ILE CA 16 70.47 43.22 65.28
N GLY CA 17 69.90 43.21 66.48
CA GLY CA 17 69.26 42.02 66.98
C GLY CA 17 68.03 41.65 66.17
N ASN CA 18 67.37 42.67 65.57
CA ASN CA 18 66.21 42.51 64.70
C ASN CA 18 66.58 41.56 63.57
N ALA CA 19 67.82 41.72 63.07
CA ALA CA 19 68.30 40.87 62.00
C ALA CA 19 68.94 39.60 62.54
N CYS CA 20 69.47 39.66 63.79
CA CYS CA 20 70.06 38.48 64.43
C CYS CA 20 68.98 37.41 64.58
N TRP CA 21 67.76 37.83 65.01
CA TRP CA 21 66.74 36.84 65.29
C TRP CA 21 65.81 36.54 64.11
N GLU CA 22 66.18 36.92 62.88
CA GLU CA 22 65.56 36.20 61.76
C GLU CA 22 66.55 35.20 61.15
N LEU CA 23 67.86 35.46 61.34
CA LEU CA 23 68.88 34.54 60.83
C LEU CA 23 68.97 33.29 61.70
N PHE CA 24 68.84 33.50 63.03
CA PHE CA 24 68.84 32.40 63.97
C PHE CA 24 67.63 31.51 63.71
N CYS CA 25 66.49 32.13 63.46
CA CYS CA 25 65.26 31.41 63.20
C CYS CA 25 65.30 30.66 61.87
N LEU CA 26 65.93 31.29 60.86
CA LEU CA 26 66.10 30.64 59.57
C LEU CA 26 67.04 29.44 59.70
N GLU CA 27 68.05 29.59 60.57
CA GLU CA 27 69.09 28.59 60.71
C GLU CA 27 68.55 27.32 61.37
N HIS CA 28 67.45 27.46 62.13
CA HIS CA 28 66.92 26.36 62.93
C HIS CA 28 65.66 25.74 62.29
N GLY CA 29 65.02 26.49 61.40
CA GLY CA 29 63.84 26.01 60.70
C GLY CA 29 62.56 26.27 61.52
N ILE CA 30 62.68 27.14 62.52
CA ILE CA 30 61.49 27.54 63.28
C ILE CA 30 60.75 28.63 62.52
N GLN CA 31 59.41 28.57 62.50
CA GLN CA 31 58.50 29.53 61.88
C GLN CA 31 58.51 30.87 62.62
N PRO CA 32 57.85 31.96 62.13
CA PRO CA 32 57.59 33.13 62.98
C PRO CA 32 56.83 32.92 64.28
N ASP CA 33 55.90 31.96 64.24
CA ASP CA 33 55.07 31.65 65.38
C ASP CA 33 55.77 30.72 66.35
N GLY CA 34 56.95 30.21 65.98
CA GLY CA 34 57.82 29.55 66.96
C GLY CA 34 57.87 28.04 66.78
N GLN CA 35 56.83 27.49 66.16
CA GLN CA 35 56.66 26.04 66.14
C GLN CA 35 57.58 25.41 65.11
N MET CA 36 58.27 24.35 65.49
CA MET CA 36 59.05 23.61 64.52
C MET CA 36 58.33 22.32 64.14
N PRO CA 37 58.17 22.04 62.83
CA PRO CA 37 57.17 21.06 62.37
C PRO CA 37 57.61 19.60 62.36
N ASP CA 47 69.03 18.62 69.22
CA ASP CA 47 68.62 19.59 70.28
C ASP CA 47 69.70 20.66 70.43
N ALA CA 48 70.04 21.26 69.30
CA ALA CA 48 71.12 22.23 69.23
C ALA CA 48 70.62 23.64 69.47
N PHE CA 49 69.35 23.89 69.14
CA PHE CA 49 68.68 25.18 69.27
C PHE CA 49 68.61 25.63 70.72
N ASN CA 50 68.75 24.72 71.68
CA ASN CA 50 68.42 24.99 73.08
C ASN CA 50 69.24 26.09 73.76
N THR CA 51 70.38 26.42 73.18
CA THR CA 51 71.25 27.38 73.82
C THR CA 51 70.85 28.82 73.48
N PHE CA 52 69.87 29.02 72.59
CA PHE CA 52 69.42 30.35 72.24
C PHE CA 52 67.91 30.49 72.42
N PHE CA 53 67.20 29.37 72.32
CA PHE CA 53 65.75 29.35 72.41
C PHE CA 53 65.32 28.60 73.65
N SER CA 54 64.43 29.24 74.43
CA SER CA 54 63.79 28.58 75.54
C SER CA 54 62.64 27.73 75.00
N GLU CA 55 62.56 26.47 75.39
CA GLU CA 55 61.56 25.55 74.84
C GLU CA 55 60.22 25.92 75.46
N THR CA 56 59.49 26.80 74.77
CA THR CA 56 58.15 27.18 75.17
C THR CA 56 57.15 26.05 74.87
N GLY CA 57 56.02 25.99 75.58
CA GLY CA 57 54.86 25.15 75.27
C GLY CA 57 55.15 23.68 74.93
N ALA CA 58 54.61 23.30 73.78
CA ALA CA 58 54.66 21.94 73.29
C ALA CA 58 54.80 22.01 71.77
N GLY CA 59 56.04 21.84 71.29
CA GLY CA 59 56.30 21.97 69.87
C GLY CA 59 56.40 23.42 69.44
N LYS CA 60 57.02 24.27 70.30
CA LYS CA 60 57.23 25.68 69.98
C LYS CA 60 58.43 26.26 70.73
N HIS CA 61 58.89 27.48 70.39
CA HIS CA 61 60.10 28.08 70.96
C HIS CA 61 59.96 29.60 71.13
N VAL CA 62 60.71 30.23 72.05
CA VAL CA 62 60.77 31.67 72.26
C VAL CA 62 62.25 32.05 72.40
N PRO CA 63 62.71 33.18 71.82
CA PRO CA 63 64.12 33.58 71.98
C PRO CA 63 64.55 33.96 73.38
N ARG CA 64 65.87 33.86 73.62
CA ARG CA 64 66.52 34.34 74.82
C ARG CA 64 67.12 35.72 74.60
N CYS CA 65 66.23 36.65 74.28
CA CYS CA 65 66.63 38.05 74.09
C CYS CA 65 65.70 38.96 74.91
N VAL CA 66 66.28 40.08 75.32
CA VAL CA 66 65.52 41.17 75.92
C VAL CA 66 65.83 42.43 75.13
N PHE CA 67 64.76 43.07 74.64
CA PHE CA 67 64.89 44.27 73.84
C PHE CA 67 64.59 45.46 74.74
N LEU CA 68 65.57 46.34 74.92
CA LEU CA 68 65.40 47.42 75.89
C LEU CA 68 65.88 48.74 75.27
N ASP CA 69 65.04 49.76 75.45
CA ASP CA 69 65.26 51.09 74.91
C ASP CA 69 64.50 52.09 75.76
N LEU CA 70 64.37 53.29 75.24
CA LEU CA 70 63.62 54.32 75.94
C LEU CA 70 62.58 54.95 75.03
N GLU CA 71 62.74 54.86 73.71
CA GLU CA 71 61.79 55.45 72.81
C GLU CA 71 60.90 54.36 72.22
N PRO CA 72 59.56 54.51 72.30
CA PRO CA 72 58.69 53.40 71.94
C PRO CA 72 58.40 53.20 70.46
N THR CA 73 59.27 53.68 69.56
CA THR CA 73 58.92 53.63 68.15
C THR CA 73 59.83 52.70 67.34
N VAL CA 74 60.90 52.26 68.00
CA VAL CA 74 61.88 51.37 67.38
C VAL CA 74 61.57 49.91 67.78
N VAL CA 75 60.92 49.72 68.93
CA VAL CA 75 60.50 48.39 69.35
C VAL CA 75 59.03 48.11 69.02
N ASP CA 76 58.22 49.15 68.83
CA ASP CA 76 56.84 48.93 68.42
C ASP CA 76 56.79 48.43 66.98
N GLU CA 77 57.87 48.68 66.22
CA GLU CA 77 57.98 48.09 64.90
C GLU CA 77 58.13 46.56 65.02
N VAL CA 78 58.85 46.13 66.05
CA VAL CA 78 59.08 44.71 66.29
C VAL CA 78 57.81 44.00 66.75
N ARG CA 79 57.04 44.63 67.65
CA ARG CA 79 55.89 43.96 68.23
C ARG CA 79 54.66 44.12 67.32
N THR CA 80 54.83 44.72 66.13
CA THR CA 80 53.81 44.66 65.09
C THR CA 80 54.33 44.08 63.77
N GLY CA 81 55.63 43.75 63.73
CA GLY CA 81 56.21 43.09 62.57
C GLY CA 81 55.67 41.65 62.34
N THR CA 82 56.25 40.87 61.44
CA THR CA 82 55.80 39.50 61.28
C THR CA 82 56.14 38.62 62.49
N TYR CA 83 57.13 39.03 63.29
CA TYR CA 83 57.52 38.38 64.54
C TYR CA 83 56.88 39.08 65.75
N ARG CA 84 55.55 39.22 65.77
CA ARG CA 84 54.85 39.60 67.00
C ARG CA 84 54.85 38.43 67.97
N HIS CA 85 54.72 37.24 67.39
CA HIS CA 85 54.38 36.03 68.07
C HIS CA 85 55.66 35.36 68.61
N LEU CA 86 56.80 35.72 68.03
CA LEU CA 86 58.03 35.04 68.33
C LEU CA 86 58.50 35.43 69.73
N PHE CA 87 58.52 36.74 69.98
CA PHE CA 87 59.03 37.19 71.24
C PHE CA 87 57.88 37.27 72.21
N HIS CA 88 58.22 37.09 73.48
CA HIS CA 88 57.21 37.30 74.48
C HIS CA 88 56.92 38.79 74.58
N PRO CA 89 55.64 39.20 74.48
CA PRO CA 89 55.36 40.63 74.49
C PRO CA 89 55.85 41.48 75.67
N GLU CA 90 56.45 40.91 76.74
CA GLU CA 90 57.12 41.76 77.71
C GLU CA 90 58.63 41.55 77.75
N GLN CA 91 59.17 40.80 76.79
CA GLN CA 91 60.62 40.83 76.61
C GLN CA 91 61.03 42.16 75.96
N LEU CA 92 60.14 42.65 75.09
CA LEU CA 92 60.26 43.95 74.47
C LEU CA 92 59.76 44.98 75.48
N ILE CA 93 60.68 45.77 76.03
CA ILE CA 93 60.34 46.75 77.03
C ILE CA 93 60.76 48.14 76.53
N SER CA 94 59.82 49.09 76.61
CA SER CA 94 60.01 50.42 76.06
C SER CA 94 59.85 51.48 77.15
N GLY CA 95 60.60 52.57 77.04
CA GLY CA 95 60.47 53.69 77.95
C GLY CA 95 59.34 54.62 77.52
N LYS CA 96 59.41 55.88 77.97
CA LYS CA 96 58.47 56.90 77.54
C LYS CA 96 59.10 57.91 76.59
N GLU CA 97 60.28 58.44 76.92
CA GLU CA 97 60.91 59.46 76.11
C GLU CA 97 62.38 59.11 75.92
N ASP CA 98 62.93 59.40 74.72
CA ASP CA 98 64.25 58.93 74.31
C ASP CA 98 65.34 59.67 75.07
N ALA CA 99 66.51 59.03 75.21
CA ALA CA 99 67.64 59.61 75.90
C ALA CA 99 68.18 60.84 75.18
N ALA CA 100 68.02 60.88 73.85
CA ALA CA 100 68.37 62.02 73.00
C ALA CA 100 69.86 62.35 73.11
N ASN CA 101 70.65 61.32 72.83
CA ASN CA 101 72.09 61.45 72.67
C ASN CA 101 72.77 62.09 73.88
N ASN CA 102 72.15 61.90 75.05
CA ASN CA 102 72.74 62.34 76.28
C ASN CA 102 73.10 61.11 77.10
N PHE CA 103 74.39 61.02 77.42
CA PHE CA 103 74.83 60.03 78.39
C PHE CA 103 74.23 60.35 79.76
N ALA CA 104 74.07 61.67 80.01
CA ALA CA 104 73.47 62.13 81.26
C ALA CA 104 72.05 61.56 81.40
N ARG CA 105 71.28 61.57 80.30
CA ARG CA 105 69.89 61.17 80.39
C ARG CA 105 69.77 59.66 80.51
N GLY CA 106 70.64 58.94 79.78
CA GLY CA 106 70.62 57.49 79.84
C GLY CA 106 71.08 56.96 81.21
N HIS CA 107 72.08 57.64 81.80
CA HIS CA 107 72.70 57.11 83.01
C HIS CA 107 72.05 57.64 84.28
N TYR CA 108 71.57 58.89 84.27
CA TYR CA 108 71.22 59.55 85.53
C TYR CA 108 69.72 59.78 85.66
N THR CA 109 69.14 60.52 84.71
CA THR CA 109 67.81 61.07 84.94
C THR CA 109 66.73 60.06 84.63
N ILE CA 110 66.60 59.68 83.35
CA ILE CA 110 65.48 58.83 82.97
C ILE CA 110 65.85 57.36 83.05
N GLY CA 111 67.05 57.05 83.53
CA GLY CA 111 67.52 55.68 83.53
C GLY CA 111 66.74 54.72 84.45
N LYS CA 112 66.53 55.13 85.71
CA LYS CA 112 66.11 54.24 86.77
C LYS CA 112 64.61 53.94 86.76
N GLU CA 113 63.89 54.38 85.71
CA GLU CA 113 62.48 54.07 85.60
C GLU CA 113 62.23 52.84 84.71
N ILE CA 114 63.32 52.28 84.17
CA ILE CA 114 63.22 51.07 83.36
C ILE CA 114 64.23 50.00 83.80
N VAL CA 115 65.28 50.35 84.55
CA VAL CA 115 66.33 49.38 84.87
C VAL CA 115 65.85 48.36 85.89
N ASP CA 116 64.91 48.76 86.75
CA ASP CA 116 64.31 47.82 87.68
C ASP CA 116 63.40 46.82 86.97
N LEU CA 117 62.80 47.23 85.84
CA LEU CA 117 61.90 46.33 85.11
C LEU CA 117 62.70 45.27 84.37
N SER CA 118 63.83 45.67 83.81
CA SER CA 118 64.66 44.79 83.02
C SER CA 118 65.36 43.74 83.88
N LEU CA 119 65.94 44.14 85.04
CA LEU CA 119 66.56 43.25 86.02
C LEU CA 119 65.57 42.17 86.45
N ASP CA 120 64.27 42.53 86.49
CA ASP CA 120 63.22 41.55 86.78
C ASP CA 120 63.12 40.51 85.65
N ARG CA 121 63.14 41.01 84.40
CA ARG CA 121 62.79 40.19 83.25
C ARG CA 121 63.94 39.23 82.98
N ILE CA 122 65.18 39.72 83.13
CA ILE CA 122 66.34 38.91 82.81
C ILE CA 122 66.48 37.76 83.80
N ARG CA 123 66.02 37.96 85.04
CA ARG CA 123 66.09 36.90 86.02
C ARG CA 123 65.14 35.78 85.63
N LYS CA 124 64.04 36.12 84.93
CA LYS CA 124 63.10 35.11 84.45
C LYS CA 124 63.74 34.21 83.39
N LEU CA 125 64.61 34.79 82.54
CA LEU CA 125 65.31 33.94 81.59
C LEU CA 125 66.55 33.25 82.19
N ALA CA 126 67.24 33.92 83.13
CA ALA CA 126 68.56 33.49 83.61
C ALA CA 126 68.45 32.24 84.47
N ASP CA 127 67.41 32.23 85.29
CA ASP CA 127 67.31 31.20 86.32
C ASP CA 127 66.58 29.96 85.79
N ASN CA 128 66.29 29.94 84.48
CA ASN CA 128 65.66 28.82 83.82
C ASN CA 128 66.60 27.61 83.81
N CYS CA 129 67.89 27.81 83.48
CA CYS CA 129 68.85 26.72 83.47
C CYS CA 129 70.23 27.24 83.89
N THR CA 130 70.62 26.92 85.13
CA THR CA 130 71.91 27.29 85.71
C THR CA 130 73.03 26.59 84.94
N GLY CA 131 74.04 27.40 84.63
CA GLY CA 131 75.18 27.03 83.80
C GLY CA 131 75.29 28.02 82.65
N LEU CA 132 74.76 29.22 82.94
CA LEU CA 132 74.84 30.36 82.04
C LEU CA 132 76.30 30.77 81.89
N GLN CA 133 76.71 31.06 80.65
CA GLN CA 133 78.08 31.47 80.41
C GLN CA 133 78.17 32.73 79.54
N GLY CA 134 77.05 33.28 79.05
CA GLY CA 134 77.13 34.38 78.09
C GLY CA 134 76.06 35.46 78.22
N PHE CA 135 76.49 36.74 78.36
CA PHE CA 135 75.61 37.90 78.21
C PHE CA 135 76.06 38.74 77.04
N LEU CA 136 75.51 38.42 75.86
CA LEU CA 136 75.76 39.23 74.67
C LEU CA 136 75.10 40.56 74.88
N MET CA 137 75.84 41.65 74.67
CA MET CA 137 75.33 43.00 74.82
C MET CA 137 75.55 43.70 73.47
N PHE CA 138 74.52 44.43 73.06
CA PHE CA 138 74.54 45.08 71.74
C PHE CA 138 74.21 46.54 71.91
N ASN CA 139 75.17 47.42 71.63
CA ASN CA 139 75.00 48.85 71.85
C ASN CA 139 76.07 49.61 71.08
N ALA CA 140 75.77 50.89 70.82
CA ALA CA 140 76.69 51.80 70.14
C ALA CA 140 77.15 52.86 71.13
N VAL CA 141 78.43 53.22 71.05
CA VAL CA 141 79.04 54.07 72.05
C VAL CA 141 79.15 55.52 71.57
N GLY CA 142 78.32 55.89 70.58
CA GLY CA 142 78.21 57.28 70.15
C GLY CA 142 76.93 57.93 70.69
N GLY CA 143 75.84 57.12 70.69
CA GLY CA 143 74.48 57.43 71.08
C GLY CA 143 74.32 57.58 72.60
N GLY CA 144 73.08 57.86 72.99
CA GLY CA 144 72.79 58.18 74.39
C GLY CA 144 72.43 56.94 75.19
N THR CA 145 71.29 56.33 74.84
CA THR CA 145 70.76 55.23 75.63
C THR CA 145 71.61 53.96 75.47
N GLY CA 146 72.27 53.84 74.30
CA GLY CA 146 73.23 52.78 74.05
C GLY CA 146 74.45 52.87 74.96
N SER CA 147 74.82 54.10 75.33
CA SER CA 147 75.99 54.34 76.16
C SER CA 147 75.59 54.53 77.62
N GLY CA 148 74.54 55.33 77.84
CA GLY CA 148 74.09 55.66 79.17
C GLY CA 148 73.55 54.44 79.91
N LEU CA 149 72.48 53.88 79.36
CA LEU CA 149 71.79 52.78 80.01
C LEU CA 149 72.66 51.52 79.99
N GLY CA 150 73.66 51.49 79.09
CA GLY CA 150 74.55 50.33 78.97
C GLY CA 150 75.38 50.11 80.24
N CYS CA 151 75.97 51.20 80.79
CA CYS CA 151 76.73 51.10 82.03
C CYS CA 151 75.83 50.73 83.21
N LEU CA 152 74.66 51.41 83.28
CA LEU CA 152 73.75 51.22 84.39
C LEU CA 152 73.26 49.77 84.47
N LEU CA 153 72.97 49.17 83.30
CA LEU CA 153 72.58 47.77 83.25
C LEU CA 153 73.76 46.89 83.67
N LEU CA 154 74.95 47.19 83.13
CA LEU CA 154 76.06 46.26 83.29
C LEU CA 154 76.58 46.21 84.74
N GLU CA 155 76.53 47.37 85.44
CA GLU CA 155 76.97 47.43 86.82
C GLU CA 155 76.00 46.63 87.71
N ARG CA 156 74.70 46.62 87.34
CA ARG CA 156 73.71 45.78 88.02
C ARG CA 156 74.02 44.30 87.79
N LEU CA 157 74.40 43.99 86.55
CA LEU CA 157 74.70 42.61 86.18
C LEU CA 157 75.98 42.12 86.87
N SER CA 158 76.93 43.07 87.03
CA SER CA 158 78.24 42.78 87.64
C SER CA 158 78.05 42.39 89.10
N VAL CA 159 77.25 43.17 89.81
CA VAL CA 159 77.13 42.97 91.25
C VAL CA 159 76.21 41.80 91.54
N ASP CA 160 75.42 41.37 90.56
CA ASP CA 160 74.53 40.24 90.78
C ASP CA 160 75.21 38.91 90.42
N TYR CA 161 75.96 38.94 89.31
CA TYR CA 161 76.63 37.75 88.81
C TYR CA 161 78.10 38.09 88.59
N GLY CA 162 78.92 37.79 89.61
CA GLY CA 162 80.34 38.11 89.64
C GLY CA 162 81.13 37.29 88.63
N LYS CA 163 80.98 35.96 88.76
CA LYS CA 163 81.66 34.88 88.07
C LYS CA 163 81.30 34.78 86.58
N LYS CA 164 80.29 35.54 86.14
CA LYS CA 164 79.67 35.34 84.85
C LYS CA 164 80.47 36.08 83.77
N SER CA 165 80.53 35.52 82.57
CA SER CA 165 81.26 36.12 81.45
C SER CA 165 80.35 36.95 80.55
N LYS CA 166 80.81 38.16 80.17
CA LYS CA 166 79.99 39.12 79.43
C LYS CA 166 80.69 39.56 78.14
N LEU CA 167 79.99 39.42 77.01
CA LEU CA 167 80.47 39.89 75.71
C LEU CA 167 79.80 41.21 75.38
N ASN CA 168 80.60 42.12 74.81
CA ASN CA 168 80.10 43.40 74.37
C ASN CA 168 80.36 43.52 72.88
N PHE CA 169 79.39 44.12 72.17
CA PHE CA 169 79.53 44.40 70.75
C PHE CA 169 79.27 45.88 70.53
N CYS CA 170 80.36 46.65 70.41
CA CYS CA 170 80.33 48.09 70.45
C CYS CA 170 80.42 48.66 69.03
N SER CA 171 79.32 49.28 68.58
CA SER CA 171 79.26 49.88 67.24
C SER CA 171 79.94 51.25 67.27
N TRP CA 172 81.26 51.21 67.18
CA TRP CA 172 82.09 52.39 67.45
C TRP CA 172 81.94 53.43 66.34
N PRO CA 173 81.94 54.74 66.66
CA PRO CA 173 81.86 55.81 65.65
C PRO CA 173 83.01 55.83 64.67
N SER CA 174 82.67 55.99 63.38
CA SER CA 174 83.58 55.89 62.25
C SER CA 174 84.66 57.00 62.31
N PRO CA 175 85.87 56.86 61.73
CA PRO CA 175 86.91 57.90 61.89
C PRO CA 175 86.53 59.24 61.20
N GLN CA 176 86.14 59.18 59.91
CA GLN CA 176 85.88 60.38 59.12
C GLN CA 176 84.43 60.80 59.27
N VAL CA 177 83.51 59.88 58.93
CA VAL CA 177 82.10 60.16 59.12
C VAL CA 177 81.77 59.94 60.60
N SER CA 178 80.94 60.84 61.17
CA SER CA 178 80.37 60.51 62.46
C SER CA 178 78.85 60.67 62.50
N THR CA 179 78.34 61.70 61.80
CA THR CA 179 76.94 62.09 61.66
C THR CA 179 76.24 62.31 63.01
N ALA CA 180 76.99 62.76 64.02
CA ALA CA 180 76.50 63.54 65.14
C ALA CA 180 77.65 64.41 65.59
N VAL CA 181 77.32 65.33 66.50
CA VAL CA 181 78.27 66.30 66.99
C VAL CA 181 78.73 65.90 68.39
N VAL CA 182 77.85 65.32 69.20
CA VAL CA 182 78.17 65.04 70.59
C VAL CA 182 78.89 63.71 70.82
N GLU CA 183 79.17 62.93 69.77
CA GLU CA 183 79.69 61.58 70.00
C GLU CA 183 81.12 61.54 70.54
N PRO CA 184 82.05 62.49 70.28
CA PRO CA 184 83.36 62.39 70.93
C PRO CA 184 83.23 62.64 72.43
N TYR CA 185 82.15 63.28 72.88
CA TYR CA 185 81.91 63.36 74.32
C TYR CA 185 81.48 62.01 74.87
N ASN CA 186 80.57 61.32 74.19
CA ASN CA 186 79.96 60.10 74.69
C ASN CA 186 80.96 58.95 74.71
N SER CA 187 81.76 58.82 73.65
CA SER CA 187 82.67 57.68 73.53
C SER CA 187 83.83 57.77 74.53
N VAL CA 188 84.29 59.00 74.81
CA VAL CA 188 85.31 59.21 75.84
C VAL CA 188 84.69 58.97 77.23
N LEU CA 189 83.44 59.35 77.39
CA LEU CA 189 82.74 59.23 78.66
C LEU CA 189 82.27 57.78 78.90
N SER CA 190 81.84 57.09 77.85
CA SER CA 190 81.25 55.76 78.02
C SER CA 190 82.32 54.72 78.36
N THR CA 191 83.45 54.82 77.67
CA THR CA 191 84.47 53.78 77.76
C THR CA 191 85.17 53.83 79.12
N HIS CA 192 85.14 55.00 79.78
CA HIS CA 192 85.66 55.09 81.14
C HIS CA 192 84.87 54.18 82.07
N SER CA 193 83.55 54.17 81.92
CA SER CA 193 82.71 53.39 82.81
C SER CA 193 82.49 51.95 82.33
N LEU CA 194 82.89 51.65 81.07
CA LEU CA 194 82.82 50.29 80.54
C LEU CA 194 84.19 49.63 80.39
N LEU CA 195 85.25 50.28 80.91
CA LEU CA 195 86.52 49.57 81.04
C LEU CA 195 86.44 48.51 82.14
N GLU CA 196 85.73 48.86 83.21
CA GLU CA 196 85.78 48.07 84.44
C GLU CA 196 84.49 47.26 84.64
N HIS CA 197 83.68 47.11 83.57
CA HIS CA 197 82.48 46.29 83.67
C HIS CA 197 82.53 45.09 82.73
N THR CA 198 82.79 45.33 81.43
CA THR CA 198 82.67 44.28 80.43
C THR CA 198 83.88 43.35 80.52
N ASP CA 199 83.79 42.24 79.78
CA ASP CA 199 84.90 41.30 79.70
C ASP CA 199 85.56 41.34 78.32
N VAL CA 200 84.76 41.30 77.24
CA VAL CA 200 85.31 41.47 75.90
C VAL CA 200 84.39 42.40 75.14
N ALA CA 201 84.98 43.44 74.51
CA ALA CA 201 84.25 44.34 73.66
C ALA CA 201 84.92 44.40 72.29
N VAL CA 202 84.18 43.94 71.26
CA VAL CA 202 84.70 43.91 69.91
C VAL CA 202 84.14 45.12 69.13
N MET CA 203 85.02 45.73 68.34
CA MET CA 203 84.69 47.00 67.73
C MET CA 203 84.27 46.85 66.27
N LEU CA 204 83.04 47.27 65.94
CA LEU CA 204 82.67 47.47 64.54
C LEU CA 204 82.39 48.96 64.26
N ASP CA 205 82.94 49.45 63.15
CA ASP CA 205 82.70 50.81 62.68
C ASP CA 205 81.78 50.76 61.46
N ASN CA 206 80.97 51.81 61.29
CA ASN CA 206 79.94 51.76 60.26
C ASN CA 206 80.49 51.96 58.85
N GLU CA 207 81.43 52.91 58.70
CA GLU CA 207 81.91 53.23 57.36
C GLU CA 207 82.85 52.14 56.84
N ALA CA 208 83.37 51.27 57.71
CA ALA CA 208 84.10 50.08 57.28
C ALA CA 208 83.17 49.12 56.52
N ILE CA 209 82.03 48.81 57.13
CA ILE CA 209 81.05 47.90 56.54
C ILE CA 209 80.48 48.52 55.25
N TYR CA 210 80.45 49.85 55.21
CA TYR CA 210 80.05 50.58 54.02
C TYR CA 210 81.02 50.39 52.85
N ASP CA 211 82.32 50.34 53.16
CA ASP CA 211 83.28 50.18 52.09
C ASP CA 211 83.32 48.74 51.59
N ILE CA 212 83.14 47.79 52.51
CA ILE CA 212 83.17 46.38 52.13
C ILE CA 212 81.93 46.05 51.30
N CYS CA 213 80.84 46.83 51.50
CA CYS CA 213 79.67 46.73 50.63
C CYS CA 213 79.95 47.22 49.22
N ARG CA 214 80.98 48.05 49.14
CA ARG CA 214 81.26 48.60 47.83
C ARG CA 214 82.36 47.81 47.11
N ARG CA 215 83.38 47.35 47.84
CA ARG CA 215 84.52 46.68 47.26
C ARG CA 215 84.22 45.23 46.92
N ASN CA 216 83.44 44.54 47.77
CA ASN CA 216 83.23 43.11 47.62
C ASN CA 216 81.90 42.83 46.91
N LEU CA 217 80.86 43.57 47.26
CA LEU CA 217 79.52 43.22 46.82
C LEU CA 217 79.12 44.00 45.58
N ASP CA 218 79.82 45.09 45.26
CA ASP CA 218 79.40 46.00 44.19
C ASP CA 218 78.03 46.56 44.56
N ILE CA 219 77.92 47.06 45.79
CA ILE CA 219 76.73 47.73 46.25
C ILE CA 219 77.08 49.19 46.48
N GLU CA 220 76.30 50.02 45.80
CA GLU CA 220 76.43 51.46 45.88
C GLU CA 220 75.36 52.06 46.79
N ARG CA 221 74.34 51.27 47.18
CA ARG CA 221 73.18 51.76 47.89
C ARG CA 221 72.82 50.85 49.04
N PRO CA 222 73.66 50.76 50.09
CA PRO CA 222 73.29 49.96 51.25
C PRO CA 222 72.28 50.70 52.14
N THR CA 223 71.33 49.96 52.72
CA THR CA 223 70.51 50.44 53.81
C THR CA 223 70.97 49.75 55.10
N TYR CA 224 70.36 50.14 56.22
CA TYR CA 224 70.56 49.52 57.52
C TYR CA 224 70.29 48.02 57.56
N THR CA 225 69.33 47.55 56.78
CA THR CA 225 69.03 46.13 56.88
C THR CA 225 70.20 45.31 56.30
N ASN CA 226 70.82 45.83 55.25
CA ASN CA 226 71.85 45.11 54.55
C ASN CA 226 73.18 45.08 55.34
N LEU CA 227 73.44 46.11 56.19
CA LEU CA 227 74.58 46.05 57.12
C LEU CA 227 74.31 45.00 58.20
N ASN CA 228 73.08 45.01 58.71
CA ASN CA 228 72.72 44.17 59.84
C ASN CA 228 72.64 42.70 59.45
N ARG CA 229 72.41 42.39 58.17
CA ARG CA 229 72.54 41.04 57.64
C ARG CA 229 73.97 40.54 57.81
N LEU CA 230 74.94 41.44 57.64
CA LEU CA 230 76.32 41.02 57.65
C LEU CA 230 76.89 41.03 59.06
N ILE CA 231 76.31 41.82 59.97
CA ILE CA 231 76.78 41.75 61.33
C ILE CA 231 76.27 40.46 61.98
N ALA CA 232 75.05 40.05 61.62
CA ALA CA 232 74.44 38.86 62.20
C ALA CA 232 75.19 37.60 61.72
N GLN CA 233 75.84 37.65 60.54
CA GLN CA 233 76.66 36.54 60.08
C GLN CA 233 77.92 36.40 60.94
N VAL CA 234 78.49 37.53 61.39
CA VAL CA 234 79.59 37.50 62.33
C VAL CA 234 79.10 36.95 63.69
N ILE CA 235 77.87 37.32 64.07
CA ILE CA 235 77.25 36.84 65.29
C ILE CA 235 77.06 35.32 65.22
N SER CA 236 76.48 34.81 64.12
CA SER CA 236 76.20 33.39 63.96
C SER CA 236 77.51 32.60 63.90
N SER CA 237 78.55 33.18 63.29
CA SER CA 237 79.84 32.51 63.20
C SER CA 237 80.50 32.43 64.58
N LEU CA 238 80.30 33.46 65.42
CA LEU CA 238 80.99 33.51 66.70
C LEU CA 238 80.39 32.52 67.70
N THR CA 239 79.14 32.15 67.49
CA THR CA 239 78.44 31.22 68.36
C THR CA 239 78.14 29.94 67.61
N ALA CA 240 78.82 29.68 66.49
CA ALA CA 240 78.57 28.49 65.69
C ALA CA 240 79.05 27.27 66.43
N SER CA 241 80.20 27.39 67.08
CA SER CA 241 80.77 26.29 67.84
C SER CA 241 79.90 25.97 69.06
N LEU CA 242 79.23 26.97 69.65
CA LEU CA 242 78.36 26.73 70.77
C LEU CA 242 77.10 25.98 70.35
N ARG CA 243 76.73 26.10 69.06
CA ARG CA 243 75.40 25.71 68.62
C ARG CA 243 75.42 24.35 67.92
N PHE CA 244 76.52 24.07 67.22
CA PHE CA 244 76.66 22.81 66.52
C PHE CA 244 77.94 22.14 67.03
N ASP CA 245 78.14 20.92 66.57
CA ASP CA 245 79.39 20.24 66.84
C ASP CA 245 80.46 20.76 65.88
N GLY CA 246 81.72 20.58 66.27
CA GLY CA 246 82.85 20.95 65.45
C GLY CA 246 84.02 20.02 65.72
N ALA CA 247 84.90 19.82 64.72
CA ALA CA 247 86.07 18.97 64.98
C ALA CA 247 87.09 19.72 65.85
N LEU CA 248 87.05 21.07 65.88
CA LEU CA 248 87.79 21.82 66.88
C LEU CA 248 87.00 23.07 67.24
N ASN CA 249 86.20 23.04 68.30
CA ASN CA 249 85.26 24.13 68.58
C ASN CA 249 85.71 24.96 69.78
N VAL CA 250 85.51 26.28 69.70
CA VAL CA 250 85.86 27.18 70.79
C VAL CA 250 84.64 27.94 71.26
N ASP CA 251 84.49 28.09 72.57
CA ASP CA 251 83.31 28.70 73.16
C ASP CA 251 83.69 30.05 73.72
N VAL CA 252 82.72 30.73 74.34
CA VAL CA 252 82.85 32.09 74.84
C VAL CA 252 83.78 32.10 76.07
N THR CA 253 83.82 30.99 76.83
CA THR CA 253 84.65 30.94 78.03
C THR CA 253 86.15 30.91 77.70
N GLU CA 254 86.55 30.13 76.70
CA GLU CA 254 87.94 30.05 76.26
C GLU CA 254 88.21 30.91 75.01
N PHE CA 255 87.50 32.05 74.86
CA PHE CA 255 87.98 33.15 74.05
C PHE CA 255 88.87 34.06 74.88
N GLN CA 256 88.37 34.46 76.06
CA GLN CA 256 88.93 35.55 76.84
C GLN CA 256 90.25 35.16 77.51
N THR CA 257 90.46 33.86 77.67
CA THR CA 257 91.75 33.43 78.17
C THR CA 257 92.85 33.66 77.13
N ASN CA 258 92.48 33.57 75.85
CA ASN CA 258 93.46 33.52 74.79
C ASN CA 258 93.83 34.89 74.21
N LEU CA 259 92.87 35.83 74.24
CA LEU CA 259 93.04 37.06 73.48
C LEU CA 259 93.49 38.22 74.35
N VAL CA 260 93.28 38.12 75.68
CA VAL CA 260 93.40 39.25 76.56
C VAL CA 260 94.56 39.03 77.53
N PRO CA 261 95.74 39.61 77.24
CA PRO CA 261 96.90 39.42 78.13
C PRO CA 261 96.79 40.15 79.47
N TYR CA 262 96.46 41.45 79.42
CA TYR CA 262 96.18 42.19 80.64
C TYR CA 262 94.74 42.68 80.62
N PRO CA 263 94.07 42.71 81.80
CA PRO CA 263 92.62 42.91 81.89
C PRO CA 263 92.07 44.19 81.26
N ARG CA 264 92.89 45.24 81.18
CA ARG CA 264 92.41 46.52 80.65
C ARG CA 264 92.31 46.49 79.13
N ILE CA 265 93.14 45.68 78.47
CA ILE CA 265 93.24 45.68 77.01
C ILE CA 265 92.33 44.58 76.49
N HIS CA 266 91.04 44.91 76.38
CA HIS CA 266 90.07 43.93 75.93
C HIS CA 266 89.25 44.45 74.76
N PHE CA 267 89.93 45.23 73.92
CA PHE CA 267 89.33 45.74 72.71
C PHE CA 267 89.91 44.97 71.54
N MET CA 268 89.02 44.28 70.82
CA MET CA 268 89.44 43.41 69.73
C MET CA 268 88.71 43.76 68.42
N LEU CA 269 89.29 43.29 67.31
CA LEU CA 269 88.98 43.74 65.96
C LEU CA 269 88.54 42.56 65.11
N SER CA 270 87.49 42.75 64.30
CA SER CA 270 86.87 41.66 63.55
C SER CA 270 87.18 41.76 62.06
N SER CA 271 86.93 40.64 61.36
CA SER CA 271 86.95 40.54 59.91
C SER CA 271 86.12 39.34 59.48
N TYR CA 272 86.00 39.17 58.17
CA TYR CA 272 85.22 38.08 57.63
C TYR CA 272 85.72 37.79 56.23
N ALA CA 273 85.58 36.52 55.83
CA ALA CA 273 86.02 36.07 54.53
C ALA CA 273 85.40 34.70 54.27
N PRO CA 274 84.78 34.43 53.09
CA PRO CA 274 84.67 35.41 52.01
C PRO CA 274 83.45 36.30 52.18
N ILE CA 275 83.45 37.45 51.49
CA ILE CA 275 82.23 38.20 51.38
C ILE CA 275 81.89 38.37 49.90
N ILE CA 276 81.22 37.36 49.32
CA ILE CA 276 81.01 37.28 47.89
C ILE CA 276 79.52 37.07 47.58
N SER CA 277 79.19 37.37 46.33
CA SER CA 277 77.84 37.29 45.81
C SER CA 277 77.74 36.11 44.82
N ALA CA 278 76.54 35.83 44.30
CA ALA CA 278 76.40 34.76 43.32
C ALA CA 278 76.92 35.21 41.97
N GLU CA 279 77.37 36.48 41.83
CA GLU CA 279 78.18 36.97 40.71
C GLU CA 279 79.48 36.14 40.62
N LYS CA 280 80.03 35.76 41.79
CA LYS CA 280 81.42 35.32 41.92
C LYS CA 280 81.53 33.92 42.54
N ALA CA 281 80.45 33.42 43.14
CA ALA CA 281 80.41 32.03 43.59
C ALA CA 281 80.40 31.08 42.39
N TYR CA 282 79.93 31.60 41.26
CA TYR CA 282 79.95 30.90 39.98
C TYR CA 282 81.39 30.69 39.51
N HIS CA 283 82.34 31.53 39.98
CA HIS CA 283 83.66 31.55 39.36
C HIS CA 283 84.77 31.07 40.28
N GLU CA 284 84.52 31.01 41.59
CA GLU CA 284 85.61 30.67 42.46
C GLU CA 284 85.13 29.63 43.46
N GLN CA 285 85.95 28.60 43.66
CA GLN CA 285 85.69 27.77 44.83
C GLN CA 285 86.75 28.10 45.89
N LEU CA 286 86.35 28.57 47.06
CA LEU CA 286 87.07 29.47 47.98
C LEU CA 286 88.05 28.69 48.85
N SER CA 287 89.28 28.54 48.33
CA SER CA 287 90.26 27.69 49.00
C SER CA 287 90.65 28.21 50.40
N VAL CA 288 91.12 27.32 51.26
CA VAL CA 288 91.38 27.68 52.64
C VAL CA 288 92.52 28.68 52.74
N ALA CA 289 93.58 28.48 51.91
CA ALA CA 289 94.70 29.40 51.89
C ALA CA 289 94.27 30.73 51.23
N GLU CA 290 93.25 30.69 50.35
CA GLU CA 290 92.80 31.90 49.67
C GLU CA 290 92.00 32.78 50.64
N ILE CA 291 91.15 32.16 51.46
CA ILE CA 291 90.23 32.91 52.30
C ILE CA 291 90.91 33.42 53.57
N THR CA 292 92.13 32.94 53.85
CA THR CA 292 92.84 33.41 55.02
C THR CA 292 93.67 34.65 54.68
N ASN CA 293 94.15 34.73 53.44
CA ASN CA 293 94.86 35.90 52.95
C ASN CA 293 93.93 37.11 52.90
N SER CA 294 92.69 36.89 52.45
CA SER CA 294 91.68 37.95 52.37
C SER CA 294 91.19 38.30 53.78
N ALA CA 295 91.53 37.47 54.79
CA ALA CA 295 91.17 37.77 56.18
C ALA CA 295 92.08 38.85 56.75
N PHE CA 296 93.39 38.77 56.45
CA PHE CA 296 94.40 39.64 57.03
C PHE CA 296 94.69 40.88 56.17
N GLU CA 297 93.98 41.04 55.04
CA GLU CA 297 94.13 42.23 54.21
C GLU CA 297 93.53 43.45 54.91
N PRO CA 298 94.18 44.64 54.85
CA PRO CA 298 93.66 45.83 55.50
C PRO CA 298 92.35 46.36 54.92
N ALA CA 299 92.03 45.97 53.67
CA ALA CA 299 90.81 46.48 53.04
C ALA CA 299 89.57 45.78 53.60
N SER CA 300 89.72 44.52 54.06
CA SER CA 300 88.60 43.70 54.53
C SER CA 300 88.42 43.79 56.05
N MET CA 301 89.19 44.70 56.67
CA MET CA 301 88.98 45.12 58.04
C MET CA 301 87.56 45.65 58.24
N MET CA 302 86.98 45.41 59.43
CA MET CA 302 85.66 45.92 59.75
C MET CA 302 85.72 47.00 60.83
N ALA CA 303 86.77 47.83 60.81
CA ALA CA 303 86.84 48.94 61.76
C ALA CA 303 87.50 50.21 61.21
N LYS CA 304 88.04 50.19 59.98
CA LYS CA 304 88.99 51.19 59.49
C LYS CA 304 90.09 51.49 60.51
N CYS CA 305 90.95 50.51 60.74
CA CYS CA 305 92.15 50.70 61.54
C CYS CA 305 93.28 49.94 60.86
N ASP CA 306 94.06 50.67 60.06
CA ASP CA 306 95.04 50.10 59.16
C ASP CA 306 96.13 49.43 59.98
N PRO CA 307 96.23 48.08 60.01
CA PRO CA 307 97.15 47.43 60.93
C PRO CA 307 98.63 47.46 60.55
N ARG CA 308 98.94 48.08 59.37
CA ARG CA 308 100.33 48.32 59.00
C ARG CA 308 101.05 49.19 60.03
N HIS CA 309 100.32 50.07 60.72
CA HIS CA 309 100.89 50.83 61.83
C HIS CA 309 100.46 50.24 63.18
N GLY CA 310 100.50 48.90 63.29
CA GLY CA 310 100.37 48.24 64.59
C GLY CA 310 101.07 46.90 64.60
N LYS CA 311 101.26 46.34 65.79
CA LYS CA 311 101.92 45.06 65.96
C LYS CA 311 100.98 44.08 66.66
N TYR CA 312 100.94 42.86 66.14
CA TYR CA 312 99.92 41.89 66.51
C TYR CA 312 100.23 41.28 67.87
N MET CA 313 99.12 41.02 68.60
CA MET CA 313 99.23 40.44 69.93
C MET CA 313 98.68 39.01 70.00
N ALA CA 314 97.49 38.79 69.39
CA ALA CA 314 96.83 37.51 69.30
C ALA CA 314 95.81 37.51 68.15
N CYS CA 315 95.55 36.34 67.55
CA CYS CA 315 94.45 36.21 66.61
C CYS CA 315 93.65 34.95 66.93
N CYS CA 316 92.34 35.03 66.70
CA CYS CA 316 91.46 33.90 66.92
C CYS CA 316 90.68 33.66 65.64
N LEU CA 317 91.20 32.76 64.81
CA LEU CA 317 90.56 32.47 63.54
C LEU CA 317 89.53 31.34 63.72
N MET CA 318 88.27 31.64 63.42
CA MET CA 318 87.24 30.63 63.28
C MET CA 318 87.01 30.27 61.81
N TYR CA 319 86.90 28.98 61.57
CA TYR CA 319 86.59 28.42 60.27
C TYR CA 319 85.25 27.72 60.35
N ARG CA 320 84.46 27.89 59.30
CA ARG CA 320 83.20 27.20 59.22
C ARG CA 320 83.22 26.38 57.95
N GLY CA 321 82.30 25.40 57.85
CA GLY CA 321 82.01 24.70 56.61
C GLY CA 321 82.80 23.41 56.44
N ASP CA 322 83.39 23.23 55.24
CA ASP CA 322 84.20 22.06 54.99
C ASP CA 322 85.67 22.45 55.00
N VAL CA 323 86.27 22.50 56.21
CA VAL CA 323 87.71 22.67 56.29
C VAL CA 323 88.40 21.44 56.87
N VAL CA 324 89.43 20.99 56.16
CA VAL CA 324 90.20 19.80 56.50
C VAL CA 324 91.45 20.23 57.27
N PRO CA 325 91.96 19.40 58.22
CA PRO CA 325 93.04 19.79 59.14
C PRO CA 325 94.39 20.11 58.49
N LYS CA 326 94.58 19.54 57.28
CA LYS CA 326 95.82 19.58 56.51
C LYS CA 326 96.10 21.05 56.21
N ASP CA 327 95.04 21.69 55.68
CA ASP CA 327 95.10 23.02 55.10
C ASP CA 327 95.39 24.08 56.17
N VAL CA 328 94.80 23.91 57.36
CA VAL CA 328 94.86 24.89 58.44
C VAL CA 328 96.32 25.03 58.90
N ASN CA 329 96.96 23.85 59.02
CA ASN CA 329 98.32 23.78 59.49
C ASN CA 329 99.28 24.42 58.47
N ALA CA 330 98.97 24.19 57.18
CA ALA CA 330 99.78 24.76 56.11
C ALA CA 330 99.50 26.27 56.01
N ALA CA 331 98.22 26.65 56.15
CA ALA CA 331 97.83 28.02 55.87
C ALA CA 331 98.31 28.96 56.96
N VAL CA 332 98.29 28.50 58.23
CA VAL CA 332 98.78 29.37 59.28
C VAL CA 332 100.30 29.52 59.17
N ALA CA 333 100.94 28.42 58.72
CA ALA CA 333 102.39 28.40 58.54
C ALA CA 333 102.84 29.42 57.48
N THR CA 334 102.07 29.55 56.41
CA THR CA 334 102.49 30.38 55.29
C THR CA 334 102.28 31.85 55.59
N ILE CA 335 101.50 32.19 56.62
CA ILE CA 335 101.17 33.58 56.89
C ILE CA 335 101.95 34.09 58.11
N LYS CA 336 102.55 33.17 58.89
CA LYS CA 336 103.48 33.60 59.93
C LYS CA 336 104.78 34.12 59.31
N THR CA 337 105.18 33.50 58.20
CA THR CA 337 106.45 33.79 57.56
C THR CA 337 106.37 35.08 56.73
N LYS CA 338 105.13 35.56 56.48
CA LYS CA 338 104.91 36.72 55.64
C LYS CA 338 105.30 37.93 56.48
N ARG CA 339 105.74 38.98 55.79
CA ARG CA 339 106.53 39.97 56.52
C ARG CA 339 105.69 41.11 57.05
N THR CA 340 104.68 41.50 56.27
CA THR CA 340 103.77 42.61 56.58
C THR CA 340 103.01 42.47 57.89
N ILE CA 341 102.93 41.26 58.45
CA ILE CA 341 102.17 41.02 59.67
C ILE CA 341 103.12 40.78 60.86
N GLN CA 342 103.50 41.85 61.56
CA GLN CA 342 104.47 41.72 62.65
C GLN CA 342 103.76 41.38 63.94
N PHE CA 343 104.22 40.30 64.59
CA PHE CA 343 103.77 40.02 65.94
C PHE CA 343 104.69 40.71 66.94
N VAL CA 344 104.21 40.77 68.20
CA VAL CA 344 104.97 41.34 69.29
C VAL CA 344 106.08 40.38 69.69
N ASP CA 345 107.15 40.94 70.28
CA ASP CA 345 108.36 40.22 70.61
C ASP CA 345 108.11 39.06 71.57
N TRP CA 346 107.32 39.28 72.62
CA TRP CA 346 107.21 38.32 73.72
C TRP CA 346 106.09 37.31 73.49
N CYS CA 347 105.54 37.25 72.26
CA CYS CA 347 104.48 36.31 71.90
C CYS CA 347 104.94 35.40 70.73
N PRO CA 348 105.61 34.27 71.02
CA PRO CA 348 105.80 33.25 69.98
C PRO CA 348 104.49 32.61 69.49
N THR CA 349 103.69 32.06 70.40
CA THR CA 349 102.51 31.32 69.96
C THR CA 349 101.38 32.30 69.64
N GLY CA 350 101.37 32.72 68.39
CA GLY CA 350 100.56 33.86 67.98
C GLY CA 350 99.14 33.57 67.50
N PHE CA 351 98.68 32.31 67.54
CA PHE CA 351 97.41 32.02 66.88
C PHE CA 351 96.47 31.16 67.71
N LYS CA 352 95.17 31.33 67.45
CA LYS CA 352 94.13 30.45 67.96
C LYS CA 352 93.27 30.04 66.77
N CYS CA 353 93.10 28.74 66.55
CA CYS CA 353 92.37 28.24 65.38
C CYS CA 353 91.06 27.63 65.84
N GLY CA 354 90.18 27.34 64.87
CA GLY CA 354 88.92 26.69 65.17
C GLY CA 354 88.20 26.31 63.88
N ILE CA 355 87.44 25.24 63.92
CA ILE CA 355 86.80 24.66 62.75
C ILE CA 355 85.40 24.21 63.15
N ASN CA 356 84.41 24.47 62.31
CA ASN CA 356 83.04 24.01 62.52
C ASN CA 356 82.51 23.32 61.26
N TYR CA 357 81.56 22.40 61.39
CA TYR CA 357 81.11 21.62 60.23
C TYR CA 357 80.02 22.34 59.46
N GLN CA 358 79.13 23.01 60.19
CA GLN CA 358 77.96 23.60 59.55
C GLN CA 358 78.41 24.76 58.67
N PRO CA 359 78.08 24.73 57.34
CA PRO CA 359 78.44 25.86 56.48
C PRO CA 359 77.55 27.07 56.78
N PRO CA 360 77.95 28.32 56.43
CA PRO CA 360 77.12 29.50 56.67
C PRO CA 360 75.81 29.48 55.89
N THR CA 361 74.74 29.98 56.52
CA THR CA 361 73.40 29.82 55.98
C THR CA 361 72.96 31.07 55.23
N VAL CA 362 72.69 30.90 53.94
CA VAL CA 362 72.22 31.92 53.03
C VAL CA 362 70.81 32.31 53.44
N VAL CA 363 70.54 33.61 53.40
CA VAL CA 363 69.16 34.09 53.47
C VAL CA 363 68.69 34.39 52.05
N PRO CA 364 67.57 33.78 51.57
CA PRO CA 364 67.14 34.01 50.18
C PRO CA 364 66.70 35.45 49.94
N GLY CA 365 67.07 35.98 48.78
CA GLY CA 365 66.80 37.37 48.39
C GLY CA 365 67.66 38.38 49.13
N GLY CA 366 68.65 37.92 49.90
CA GLY CA 366 69.59 38.81 50.57
C GLY CA 366 70.76 39.15 49.65
N ASP CA 367 71.92 39.48 50.22
CA ASP CA 367 73.00 39.95 49.37
C ASP CA 367 74.25 39.06 49.46
N LEU CA 368 74.13 37.87 50.04
CA LEU CA 368 75.27 36.97 50.15
C LEU CA 368 74.95 35.65 49.46
N ALA CA 369 75.97 35.03 48.87
CA ALA CA 369 75.77 33.71 48.31
C ALA CA 369 76.25 32.64 49.27
N LYS CA 370 75.70 31.47 49.08
CA LYS CA 370 76.05 30.23 49.77
C LYS CA 370 77.53 29.95 49.53
N VAL CA 371 78.29 29.76 50.61
CA VAL CA 371 79.72 29.54 50.47
C VAL CA 371 80.07 28.26 51.20
N MET CA 372 81.01 27.51 50.60
CA MET CA 372 81.39 26.17 51.03
C MET CA 372 82.05 26.23 52.43
N ARG CA 373 82.72 27.35 52.70
CA ARG CA 373 83.44 27.59 53.94
C ARG CA 373 83.59 29.09 54.15
N ALA CA 374 83.86 29.49 55.40
CA ALA CA 374 84.06 30.88 55.74
C ALA CA 374 85.16 31.01 56.80
N VAL CA 375 85.66 32.24 56.97
CA VAL CA 375 86.56 32.61 58.04
C VAL CA 375 86.00 33.83 58.75
N CYS CA 376 85.82 33.68 60.07
CA CYS CA 376 85.54 34.82 60.91
C CYS CA 376 86.73 34.99 61.83
N MET CA 377 87.25 36.21 61.91
CA MET CA 377 88.55 36.41 62.56
C MET CA 377 88.41 37.53 63.59
N ILE CA 378 89.00 37.32 64.77
CA ILE CA 378 89.08 38.36 65.80
C ILE CA 378 90.54 38.47 66.24
N SER CA 379 91.09 39.68 66.09
CA SER CA 379 92.47 39.96 66.44
C SER CA 379 92.57 40.93 67.62
N ASN CA 380 93.73 40.94 68.27
CA ASN CA 380 94.14 41.96 69.23
C ASN CA 380 95.44 42.59 68.72
N SER CA 381 95.39 43.88 68.40
CA SER CA 381 96.55 44.54 67.82
C SER CA 381 96.85 45.84 68.57
N THR CA 382 98.10 46.31 68.48
CA THR CA 382 98.49 47.61 69.02
C THR CA 382 98.14 48.74 68.07
N ALA CA 383 97.47 48.41 66.96
CA ALA CA 383 97.08 49.40 65.96
C ALA CA 383 95.94 50.29 66.46
N ILE CA 384 95.25 49.87 67.52
CA ILE CA 384 94.07 50.59 67.96
C ILE CA 384 94.45 51.63 69.02
N ALA CA 385 95.74 51.98 69.10
CA ALA CA 385 96.13 53.18 69.81
C ALA CA 385 95.58 54.40 69.05
N GLU CA 386 95.38 54.24 67.73
CA GLU CA 386 94.89 55.32 66.86
C GLU CA 386 93.42 55.63 67.15
N VAL CA 387 92.61 54.58 67.37
CA VAL CA 387 91.18 54.78 67.53
C VAL CA 387 90.93 55.53 68.84
N PHE CA 388 91.75 55.26 69.85
CA PHE CA 388 91.68 56.00 71.11
C PHE CA 388 92.26 57.39 70.98
N SER CA 389 93.38 57.51 70.25
CA SER CA 389 94.03 58.80 70.08
C SER CA 389 93.20 59.72 69.17
N ARG CA 390 92.44 59.16 68.25
CA ARG CA 390 91.64 59.97 67.33
C ARG CA 390 90.43 60.53 68.07
N MET CA 391 89.79 59.72 68.89
CA MET CA 391 88.68 60.21 69.69
C MET CA 391 89.17 61.15 70.79
N ASP CA 392 90.46 61.10 71.10
CA ASP CA 392 91.02 61.89 72.17
C ASP CA 392 91.20 63.36 71.75
N HIS CA 393 91.71 63.58 70.52
CA HIS CA 393 91.77 64.92 69.93
C HIS CA 393 90.42 65.62 69.88
N LYS CA 394 89.46 64.93 69.25
CA LYS CA 394 88.12 65.45 68.97
C LYS CA 394 87.41 65.87 70.26
N PHE CA 395 87.78 65.22 71.37
CA PHE CA 395 87.29 65.62 72.68
C PHE CA 395 87.97 66.91 73.14
N ASP CA 396 89.29 66.99 72.98
CA ASP CA 396 90.08 68.03 73.61
C ASP CA 396 89.92 69.40 72.96
N LEU CA 397 89.67 69.44 71.64
CA LEU CA 397 89.38 70.69 70.96
C LEU CA 397 88.08 71.27 71.53
N MET CA 398 87.08 70.39 71.67
CA MET CA 398 85.76 70.80 72.10
C MET CA 398 85.79 71.20 73.57
N TYR CA 399 86.40 70.35 74.42
CA TYR CA 399 86.32 70.49 75.86
C TYR CA 399 87.20 71.64 76.38
N ALA CA 400 88.16 72.10 75.56
CA ALA CA 400 89.04 73.18 75.94
C ALA CA 400 88.23 74.47 76.19
N LYS CA 401 87.12 74.65 75.48
CA LYS CA 401 86.27 75.82 75.67
C LYS CA 401 84.80 75.42 75.78
N ARG CA 402 84.54 74.24 76.37
CA ARG CA 402 83.30 74.01 77.13
C ARG CA 402 82.04 73.96 76.26
N ALA CA 403 82.14 73.26 75.12
CA ALA CA 403 80.98 73.08 74.26
C ALA CA 403 80.14 71.92 74.78
N PHE CA 404 78.81 72.09 74.68
CA PHE CA 404 77.83 71.04 74.92
C PHE CA 404 77.87 70.52 76.36
N VAL CA 405 78.42 71.34 77.26
CA VAL CA 405 78.54 70.94 78.64
C VAL CA 405 77.25 71.17 79.42
N HIS CA 406 76.43 72.10 78.91
CA HIS CA 406 75.19 72.49 79.57
C HIS CA 406 74.16 71.35 79.51
N TRP CA 407 74.35 70.37 78.61
CA TRP CA 407 73.42 69.26 78.47
C TRP CA 407 73.85 67.97 79.16
N TYR CA 408 75.00 68.05 79.85
CA TYR CA 408 75.35 67.00 80.79
C TYR CA 408 75.38 67.54 82.21
N VAL CA 409 75.72 68.83 82.37
CA VAL CA 409 75.73 69.44 83.69
C VAL CA 409 74.28 69.66 84.10
N GLY CA 410 73.45 70.09 83.13
CA GLY CA 410 72.05 70.41 83.39
C GLY CA 410 71.16 69.19 83.66
N GLU CA 411 71.61 67.98 83.31
CA GLU CA 411 70.78 66.78 83.49
C GLU CA 411 71.52 65.67 84.23
N GLY CA 412 72.28 66.02 85.28
CA GLY CA 412 72.68 64.97 86.21
C GLY CA 412 74.11 64.99 86.77
N MET CA 413 75.13 65.16 85.92
CA MET CA 413 76.49 65.02 86.43
C MET CA 413 77.08 66.38 86.82
N GLU CA 414 78.33 66.33 87.26
CA GLU CA 414 79.10 67.49 87.68
C GLU CA 414 80.27 67.67 86.71
N GLU CA 415 80.62 68.95 86.49
CA GLU CA 415 81.78 69.28 85.67
C GLU CA 415 83.03 68.78 86.39
N GLY CA 416 83.56 67.65 85.91
CA GLY CA 416 84.66 67.01 86.59
C GLY CA 416 84.57 65.50 86.43
N GLU CA 417 83.37 65.01 86.10
CA GLU CA 417 83.29 63.63 85.66
C GLU CA 417 83.80 63.51 84.21
N PHE CA 418 83.79 64.63 83.45
CA PHE CA 418 84.41 64.56 82.14
C PHE CA 418 85.93 64.42 82.25
N SER CA 419 86.54 65.16 83.20
CA SER CA 419 87.99 65.23 83.27
C SER CA 419 88.57 63.88 83.72
N GLU CA 420 87.90 63.23 84.68
CA GLU CA 420 88.34 61.94 85.17
C GLU CA 420 88.11 60.84 84.13
N ALA CA 421 87.15 61.06 83.22
CA ALA CA 421 86.96 60.14 82.10
C ALA CA 421 88.06 60.39 81.04
N ARG CA 422 88.43 61.68 80.85
CA ARG CA 422 89.52 62.04 79.96
C ARG CA 422 90.84 61.49 80.49
N GLU CA 423 91.02 61.49 81.81
CA GLU CA 423 92.23 60.94 82.40
C GLU CA 423 92.30 59.42 82.22
N ASP CA 424 91.13 58.76 82.12
CA ASP CA 424 91.10 57.32 81.96
C ASP CA 424 91.56 56.89 80.57
N LEU CA 425 91.20 57.69 79.55
CA LEU CA 425 91.66 57.46 78.17
C LEU CA 425 93.16 57.74 78.06
N ALA CA 426 93.66 58.71 78.84
CA ALA CA 426 95.08 59.04 78.80
C ALA CA 426 95.93 57.91 79.38
N ALA CA 427 95.38 57.23 80.40
CA ALA CA 427 96.05 56.07 80.96
C ALA CA 427 96.03 54.91 79.95
N LEU CA 428 94.95 54.80 79.18
CA LEU CA 428 94.83 53.71 78.21
C LEU CA 428 95.76 53.94 77.01
N GLU CA 429 96.04 55.20 76.69
CA GLU CA 429 97.03 55.51 75.67
C GLU CA 429 98.42 55.10 76.14
N LYS CA 430 98.75 55.32 77.42
CA LYS CA 430 100.03 54.91 77.97
C LYS CA 430 100.11 53.38 78.02
N ASP CA 431 98.99 52.72 78.35
CA ASP CA 431 98.96 51.26 78.49
C ASP CA 431 99.24 50.58 77.14
N TYR CA 432 98.69 51.13 76.04
CA TYR CA 432 98.89 50.58 74.71
C TYR CA 432 100.34 50.75 74.26
N GLU CA 433 100.90 51.94 74.49
CA GLU CA 433 102.22 52.26 73.97
C GLU CA 433 103.31 51.57 74.77
N GLU CA 434 103.11 51.37 76.08
CA GLU CA 434 104.13 50.72 76.91
C GLU CA 434 104.20 49.23 76.59
N VAL CA 435 103.07 48.66 76.14
CA VAL CA 435 103.06 47.25 75.79
C VAL CA 435 103.81 47.04 74.48
N GLY CA 436 103.59 47.96 73.52
CA GLY CA 436 104.05 47.81 72.14
C GLY CA 436 105.52 48.18 71.93
N ILE CA 437 106.29 48.36 72.99
CA ILE CA 437 107.70 48.72 72.84
C ILE CA 437 108.48 47.50 72.31
N MET DA 1 50.17 58.75 74.74
CA MET DA 1 51.57 58.59 74.33
C MET DA 1 52.24 59.97 74.17
N ARG DA 2 52.84 60.26 73.01
CA ARG DA 2 53.44 61.57 72.73
C ARG DA 2 52.38 62.67 72.49
N GLU DA 3 52.74 63.97 72.62
CA GLU DA 3 51.92 65.08 72.16
C GLU DA 3 52.78 66.30 71.82
N ILE DA 4 52.40 66.97 70.73
CA ILE DA 4 52.82 68.34 70.46
C ILE DA 4 51.56 69.17 70.35
N VAL DA 5 51.58 70.28 71.07
CA VAL DA 5 50.41 71.12 71.13
C VAL DA 5 50.72 72.44 70.43
N HIS DA 6 49.93 72.75 69.40
CA HIS DA 6 50.16 73.93 68.60
C HIS DA 6 49.36 75.13 69.10
N VAL DA 7 50.00 76.28 69.28
CA VAL DA 7 49.31 77.53 69.57
C VAL DA 7 49.70 78.58 68.55
N GLN DA 8 48.71 79.14 67.86
CA GLN DA 8 48.96 80.15 66.85
C GLN DA 8 48.83 81.53 67.51
N GLY DA 9 49.87 82.35 67.36
CA GLY DA 9 49.88 83.71 67.89
C GLY DA 9 49.84 84.74 66.76
N GLY DA 10 48.83 85.63 66.81
CA GLY DA 10 48.74 86.74 65.86
C GLY DA 10 48.03 86.38 64.56
N GLN DA 11 47.79 87.45 63.79
CA GLN DA 11 47.44 87.51 62.36
C GLN DA 11 48.24 86.53 61.50
N CYS DA 12 49.56 86.61 61.65
CA CYS DA 12 50.52 86.02 60.74
C CYS DA 12 50.51 84.53 61.00
N GLY DA 13 50.54 84.22 62.31
CA GLY DA 13 50.60 82.83 62.80
C GLY DA 13 49.30 82.08 62.46
N ASN DA 14 48.16 82.78 62.57
CA ASN DA 14 46.85 82.14 62.42
C ASN DA 14 46.67 81.67 60.97
N GLN DA 15 47.15 82.46 60.01
CA GLN DA 15 46.99 82.01 58.65
C GLN DA 15 47.98 80.96 58.20
N ILE DA 16 49.22 81.11 58.65
CA ILE DA 16 50.22 80.15 58.20
C ILE DA 16 50.04 78.84 58.99
N GLY DA 17 49.44 78.94 60.19
CA GLY DA 17 49.06 77.77 60.95
C GLY DA 17 47.84 77.08 60.33
N ALA DA 18 46.96 77.86 59.68
CA ALA DA 18 45.77 77.32 59.03
C ALA DA 18 46.15 76.44 57.86
N LYS DA 19 47.18 76.88 57.11
CA LYS DA 19 47.64 76.08 55.99
C LYS DA 19 48.43 74.87 56.48
N PHE DA 20 49.01 74.98 57.69
CA PHE DA 20 49.73 73.88 58.31
C PHE DA 20 48.79 72.72 58.66
N TRP DA 21 47.56 73.06 59.07
CA TRP DA 21 46.62 72.02 59.46
C TRP DA 21 45.81 71.48 58.30
N GLU DA 22 46.10 72.00 57.10
CA GLU DA 22 45.52 71.44 55.90
C GLU DA 22 46.58 70.63 55.13
N VAL DA 23 47.86 70.84 55.47
CA VAL DA 23 48.97 70.07 54.90
C VAL DA 23 49.34 68.89 55.79
N ILE DA 24 48.93 68.98 57.06
CA ILE DA 24 49.11 67.84 57.95
C ILE DA 24 47.95 66.86 57.76
N SER DA 25 46.74 67.40 57.62
CA SER DA 25 45.51 66.61 57.58
C SER DA 25 45.46 65.67 56.37
N ASP DA 26 45.76 66.19 55.19
CA ASP DA 26 45.73 65.38 53.98
C ASP DA 26 46.98 64.49 53.88
N GLU DA 27 48.03 64.84 54.64
CA GLU DA 27 49.18 63.96 54.79
C GLU DA 27 48.78 62.70 55.56
N HIS DA 28 47.96 62.85 56.59
CA HIS DA 28 47.55 61.74 57.44
C HIS DA 28 46.28 61.06 56.92
N GLY DA 29 45.62 61.68 55.93
CA GLY DA 29 44.49 61.08 55.23
C GLY DA 29 43.12 61.41 55.85
N ILE DA 30 43.03 62.57 56.49
CA ILE DA 30 41.81 62.96 57.19
C ILE DA 30 41.06 63.99 56.34
N ASP DA 31 39.78 63.66 56.09
CA ASP DA 31 38.80 64.46 55.36
C ASP DA 31 38.46 65.74 56.16
N PRO DA 32 37.98 66.85 55.56
CA PRO DA 32 37.48 68.01 56.31
C PRO DA 32 36.39 67.76 57.34
N THR DA 33 35.60 66.71 57.08
CA THR DA 33 34.63 66.21 58.04
C THR DA 33 35.27 65.60 59.28
N GLY DA 34 36.57 65.27 59.20
CA GLY DA 34 37.29 64.63 60.29
C GLY DA 34 37.29 63.11 60.19
N THR DA 35 36.58 62.51 59.22
CA THR DA 35 36.66 61.07 59.01
C THR DA 35 37.95 60.70 58.28
N TYR DA 36 38.11 59.42 57.92
CA TYR DA 36 39.31 58.94 57.27
C TYR DA 36 38.95 58.31 55.93
N CYS DA 37 39.83 58.42 54.93
CA CYS DA 37 39.79 57.63 53.69
C CYS DA 37 41.24 57.40 53.24
N GLY DA 38 41.56 56.10 52.97
CA GLY DA 38 42.75 55.69 52.22
C GLY DA 38 43.62 54.55 52.79
N ASP DA 39 43.14 53.80 53.79
CA ASP DA 39 43.63 52.47 54.18
C ASP DA 39 45.16 52.24 54.11
N SER DA 40 45.92 53.07 54.83
CA SER DA 40 47.32 52.85 55.08
C SER DA 40 47.61 53.02 56.57
N ASP DA 41 48.37 52.06 57.11
CA ASP DA 41 48.63 51.92 58.53
C ASP DA 41 49.40 53.14 59.06
N LEU DA 42 50.46 53.52 58.31
CA LEU DA 42 51.46 54.40 58.89
C LEU DA 42 50.88 55.79 59.02
N GLN DA 43 49.82 56.09 58.26
CA GLN DA 43 49.11 57.37 58.35
C GLN DA 43 48.51 57.52 59.75
N LEU DA 44 48.06 56.41 60.34
CA LEU DA 44 47.16 56.47 61.48
C LEU DA 44 47.73 55.79 62.71
N GLU DA 45 48.84 55.06 62.55
CA GLU DA 45 49.42 54.37 63.70
C GLU DA 45 49.98 55.36 64.72
N ARG DA 46 50.46 56.49 64.21
CA ARG DA 46 50.94 57.60 65.02
C ARG DA 46 50.33 58.84 64.44
N ILE DA 47 49.14 59.14 64.95
CA ILE DA 47 48.41 60.34 64.62
C ILE DA 47 48.21 61.17 65.89
N ASN DA 48 48.31 60.56 67.09
CA ASN DA 48 47.95 61.19 68.35
C ASN DA 48 48.92 62.33 68.73
N VAL DA 49 49.98 62.50 67.94
CA VAL DA 49 50.95 63.56 68.19
C VAL DA 49 50.30 64.92 67.97
N PHE DA 50 49.32 64.98 67.05
CA PHE DA 50 48.69 66.23 66.69
C PHE DA 50 47.16 66.17 66.76
N TYR DA 51 46.55 65.01 67.06
CA TYR DA 51 45.09 64.88 67.01
C TYR DA 51 44.53 64.25 68.29
N ASN DA 52 43.19 64.31 68.42
CA ASN DA 52 42.44 63.75 69.54
C ASN DA 52 41.13 63.16 69.01
N GLU DA 53 40.77 61.97 69.46
CA GLU DA 53 39.60 61.32 68.87
C GLU DA 53 38.35 61.80 69.59
N ALA DA 54 37.23 61.73 68.88
CA ALA DA 54 35.91 61.93 69.47
C ALA DA 54 35.03 60.67 69.51
N THR DA 55 35.57 59.49 69.82
CA THR DA 55 34.85 58.24 70.10
C THR DA 55 33.71 57.77 69.16
N GLY DA 56 33.35 58.56 68.14
CA GLY DA 56 32.48 58.14 67.06
C GLY DA 56 33.26 58.32 65.77
N GLY DA 57 34.56 58.35 65.95
CA GLY DA 57 35.56 58.14 64.95
C GLY DA 57 36.15 59.44 64.42
N ARG DA 58 35.80 60.65 64.92
CA ARG DA 58 36.37 61.82 64.27
C ARG DA 58 37.68 62.33 64.88
N PHE DA 59 38.51 62.99 64.08
CA PHE DA 59 39.81 63.46 64.53
C PHE DA 59 39.80 64.97 64.60
N VAL DA 60 40.13 65.50 65.77
CA VAL DA 60 40.20 66.95 65.92
C VAL DA 60 41.63 67.37 66.22
N PRO DA 61 42.13 68.53 65.74
CA PRO DA 61 43.51 68.95 66.00
C PRO DA 61 43.76 69.34 67.45
N ARG DA 62 45.03 69.29 67.85
CA ARG DA 62 45.48 69.82 69.13
C ARG DA 62 46.01 71.24 68.95
N ALA DA 63 45.10 72.11 68.47
CA ALA DA 63 45.47 73.48 68.13
C ALA DA 63 44.72 74.49 68.99
N ILE DA 64 45.39 75.57 69.34
CA ILE DA 64 44.79 76.67 70.08
C ILE DA 64 44.89 77.93 69.25
N LEU DA 65 43.80 78.23 68.52
CA LEU DA 65 43.78 79.44 67.70
C LEU DA 65 43.59 80.65 68.62
N MET DA 66 44.30 81.73 68.29
CA MET DA 66 44.46 82.79 69.28
C MET DA 66 44.98 84.05 68.56
N ASP DA 67 44.23 85.13 68.80
CA ASP DA 67 44.75 86.49 68.74
C ASP DA 67 43.69 87.40 69.38
N LEU DA 68 43.95 88.70 69.25
CA LEU DA 68 43.20 89.69 70.00
C LEU DA 68 41.99 90.25 69.26
N GLU DA 69 41.85 89.93 67.96
CA GLU DA 69 40.62 90.36 67.31
C GLU DA 69 39.89 89.16 66.72
N PRO DA 70 38.56 89.11 66.79
CA PRO DA 70 37.80 88.02 66.17
C PRO DA 70 37.54 88.28 64.70
N GLY DA 71 38.24 89.26 64.13
CA GLY DA 71 38.08 89.61 62.72
C GLY DA 71 38.71 88.56 61.81
N THR DA 72 39.61 87.73 62.37
CA THR DA 72 40.37 86.80 61.56
C THR DA 72 40.00 85.35 61.86
N MET DA 73 39.56 85.07 63.07
CA MET DA 73 39.21 83.70 63.43
C MET DA 73 37.76 83.35 63.06
N ASP DA 74 36.95 84.37 62.74
CA ASP DA 74 35.65 84.11 62.12
C ASP DA 74 35.82 83.67 60.67
N SER DA 75 36.83 84.22 60.00
CA SER DA 75 37.08 83.91 58.60
C SER DA 75 37.71 82.52 58.44
N VAL DA 76 38.38 82.06 59.51
CA VAL DA 76 39.01 80.75 59.47
C VAL DA 76 37.93 79.67 59.49
N ARG DA 77 36.92 79.81 60.36
CA ARG DA 77 35.82 78.86 60.40
C ARG DA 77 35.01 78.87 59.09
N ALA DA 78 34.87 80.04 58.45
CA ALA DA 78 34.09 80.15 57.23
C ALA DA 78 34.74 79.40 56.07
N GLY DA 79 36.07 79.30 56.11
CA GLY DA 79 36.81 78.58 55.09
C GLY DA 79 36.65 77.06 55.22
N PRO DA 80 37.06 76.26 54.24
CA PRO DA 80 37.04 74.81 54.40
C PRO DA 80 38.19 74.38 55.32
N PHE DA 81 37.94 73.24 56.00
CA PHE DA 81 38.66 72.69 57.15
C PHE DA 81 38.67 73.64 58.35
N GLY DA 82 37.79 74.64 58.37
CA GLY DA 82 37.65 75.49 59.54
C GLY DA 82 36.89 74.86 60.69
N GLN DA 83 36.01 73.92 60.34
CA GLN DA 83 35.17 73.22 61.27
C GLN DA 83 35.97 72.14 61.96
N LEU DA 84 37.25 71.91 61.57
CA LEU DA 84 38.04 70.85 62.13
C LEU DA 84 38.36 71.20 63.57
N PHE DA 85 38.73 72.45 63.83
CA PHE DA 85 39.12 72.82 65.19
C PHE DA 85 37.90 72.93 66.08
N ARG DA 86 38.15 72.66 67.36
CA ARG DA 86 37.11 72.83 68.36
C ARG DA 86 36.92 74.32 68.57
N PRO DA 87 35.67 74.83 68.58
CA PRO DA 87 35.47 76.27 68.71
C PRO DA 87 35.71 76.74 70.13
N ASP DA 88 35.79 75.85 71.12
CA ASP DA 88 36.16 76.26 72.46
C ASP DA 88 37.63 76.66 72.54
N ASN DA 89 38.45 76.15 71.62
CA ASN DA 89 39.86 76.46 71.57
C ASN DA 89 40.11 77.89 71.13
N PHE DA 90 39.13 78.51 70.46
CA PHE DA 90 39.28 79.84 69.89
C PHE DA 90 39.18 80.84 71.03
N VAL DA 91 40.30 81.49 71.35
CA VAL DA 91 40.28 82.42 72.47
C VAL DA 91 40.41 83.85 71.94
N PHE DA 92 39.23 84.46 71.72
CA PHE DA 92 39.17 85.78 71.14
C PHE DA 92 39.72 86.77 72.16
N GLY DA 93 40.29 87.87 71.62
CA GLY DA 93 40.33 89.10 72.36
C GLY DA 93 39.09 89.92 72.08
N GLN DA 94 39.18 91.21 72.43
CA GLN DA 94 38.14 92.13 72.02
C GLN DA 94 38.69 93.44 71.44
N THR DA 95 39.81 93.92 71.97
CA THR DA 95 40.28 95.26 71.61
C THR DA 95 41.12 95.22 70.34
N GLY DA 96 42.24 94.49 70.40
CA GLY DA 96 43.19 94.42 69.30
C GLY DA 96 44.45 95.23 69.55
N ALA DA 97 45.61 94.55 69.62
CA ALA DA 97 46.89 95.23 69.71
C ALA DA 97 47.17 95.96 68.41
N GLY DA 98 47.57 97.23 68.52
CA GLY DA 98 47.72 98.05 67.35
C GLY DA 98 49.13 97.97 66.77
N ASN DA 99 49.62 96.76 66.50
CA ASN DA 99 51.02 96.56 66.15
C ASN DA 99 51.90 97.25 67.19
N ASN DA 100 51.64 96.88 68.44
CA ASN DA 100 52.00 97.66 69.60
C ASN DA 100 52.42 96.65 70.66
N TRP DA 101 53.73 96.39 70.72
CA TRP DA 101 54.30 95.37 71.59
C TRP DA 101 53.95 95.63 73.06
N ALA DA 102 53.86 96.91 73.43
CA ALA DA 102 53.56 97.28 74.80
C ALA DA 102 52.17 96.79 75.19
N LYS DA 103 51.21 96.92 74.27
CA LYS DA 103 49.86 96.53 74.61
C LYS DA 103 49.60 95.06 74.31
N GLY DA 104 50.52 94.41 73.57
CA GLY DA 104 50.39 92.98 73.40
C GLY DA 104 50.98 92.23 74.60
N HIS DA 105 52.03 92.80 75.23
CA HIS DA 105 52.68 92.19 76.39
C HIS DA 105 52.04 92.68 77.69
N TYR DA 106 52.12 93.99 77.96
CA TYR DA 106 51.82 94.49 79.30
C TYR DA 106 50.33 94.67 79.50
N THR DA 107 49.75 95.63 78.78
CA THR DA 107 48.48 96.20 79.21
C THR DA 107 47.29 95.34 78.81
N GLU DA 108 46.97 95.31 77.51
CA GLU DA 108 45.68 94.78 77.12
C GLU DA 108 45.77 93.32 76.66
N GLY DA 109 46.99 92.76 76.69
CA GLY DA 109 47.17 91.32 76.60
C GLY DA 109 46.86 90.58 77.91
N ALA DA 110 47.18 91.22 79.04
CA ALA DA 110 47.32 90.52 80.32
C ALA DA 110 45.99 90.01 80.86
N GLU DA 111 44.87 90.62 80.44
CA GLU DA 111 43.58 90.16 80.94
C GLU DA 111 43.08 88.96 80.14
N LEU DA 112 43.85 88.51 79.14
CA LEU DA 112 43.47 87.36 78.33
C LEU DA 112 44.35 86.15 78.61
N ILE DA 113 45.48 86.36 79.32
CA ILE DA 113 46.45 85.29 79.55
C ILE DA 113 45.89 84.21 80.46
N ASP DA 114 45.02 84.61 81.38
CA ASP DA 114 44.27 83.71 82.22
C ASP DA 114 43.46 82.68 81.41
N SER DA 115 42.78 83.19 80.37
CA SER DA 115 41.90 82.38 79.53
C SER DA 115 42.75 81.41 78.71
N VAL DA 116 43.84 81.92 78.17
CA VAL DA 116 44.64 81.14 77.24
C VAL DA 116 45.37 80.02 78.00
N LEU DA 117 45.89 80.36 79.18
CA LEU DA 117 46.58 79.37 80.01
C LEU DA 117 45.61 78.32 80.55
N ASP DA 118 44.31 78.68 80.59
CA ASP DA 118 43.31 77.71 80.97
C ASP DA 118 43.16 76.62 79.90
N VAL DA 119 43.16 77.01 78.62
CA VAL DA 119 42.92 76.07 77.53
C VAL DA 119 44.14 75.20 77.32
N VAL DA 120 45.34 75.80 77.39
CA VAL DA 120 46.57 75.10 77.04
C VAL DA 120 46.90 74.05 78.10
N ARG DA 121 46.49 74.29 79.34
CA ARG DA 121 46.74 73.32 80.39
C ARG DA 121 45.86 72.09 80.21
N LYS DA 122 44.65 72.33 79.70
CA LYS DA 122 43.70 71.26 79.45
C LYS DA 122 44.18 70.38 78.27
N GLU DA 123 44.71 71.06 77.23
CA GLU DA 123 45.09 70.36 76.02
C GLU DA 123 46.41 69.60 76.20
N ALA DA 124 47.29 70.10 77.09
CA ALA DA 124 48.59 69.48 77.29
C ALA DA 124 48.55 68.32 78.28
N GLU DA 125 47.70 68.45 79.33
CA GLU DA 125 47.60 67.38 80.31
C GLU DA 125 46.80 66.18 79.79
N GLY DA 126 46.08 66.42 78.68
CA GLY DA 126 45.27 65.46 77.93
C GLY DA 126 45.81 64.05 77.73
N CYS DA 127 47.14 63.86 77.60
CA CYS DA 127 47.70 62.51 77.53
C CYS DA 127 48.66 62.27 78.69
N ASP DA 128 49.39 61.15 78.61
CA ASP DA 128 50.18 60.65 79.73
C ASP DA 128 51.41 61.55 79.98
N CYS DA 129 52.32 61.64 79.01
CA CYS DA 129 53.41 62.61 79.05
C CYS DA 129 53.61 63.24 77.66
N LEU DA 130 53.58 64.59 77.61
CA LEU DA 130 53.77 65.37 76.40
C LEU DA 130 55.23 65.57 76.04
N GLN DA 131 55.45 65.84 74.74
CA GLN DA 131 56.78 66.06 74.21
C GLN DA 131 57.10 67.54 74.20
N GLY DA 132 56.12 68.38 73.85
CA GLY DA 132 56.35 69.83 73.85
C GLY DA 132 55.26 70.61 73.11
N PHE DA 133 55.56 71.87 72.76
CA PHE DA 133 54.63 72.75 72.09
C PHE DA 133 55.28 73.31 70.83
N GLN DA 134 54.42 73.75 69.90
CA GLN DA 134 54.85 74.64 68.83
C GLN DA 134 54.05 75.94 68.91
N ILE DA 135 54.76 77.08 68.92
CA ILE DA 135 54.13 78.40 68.84
C ILE DA 135 54.53 79.07 67.52
N THR DA 136 53.50 79.52 66.79
CA THR DA 136 53.70 80.00 65.43
C THR DA 136 53.22 81.43 65.34
N HIS DA 137 54.13 82.35 65.00
CA HIS DA 137 53.82 83.77 65.07
C HIS DA 137 54.72 84.58 64.14
N SER DA 138 54.57 85.92 64.24
CA SER DA 138 55.41 86.90 63.56
C SER DA 138 56.20 87.67 64.61
N LEU DA 139 57.28 88.33 64.17
CA LEU DA 139 58.10 89.09 65.10
C LEU DA 139 58.30 90.52 64.60
N GLY DA 140 57.20 91.09 64.11
CA GLY DA 140 57.13 92.51 63.79
C GLY DA 140 55.86 93.15 64.29
N GLY DA 141 54.88 92.32 64.68
CA GLY DA 141 53.50 92.68 64.95
C GLY DA 141 53.23 93.04 66.41
N GLY DA 142 51.95 93.07 66.76
CA GLY DA 142 51.58 93.48 68.11
C GLY DA 142 51.26 92.30 68.99
N THR DA 143 50.35 91.48 68.49
CA THR DA 143 49.87 90.35 69.25
C THR DA 143 50.75 89.13 68.99
N GLY DA 144 51.27 89.01 67.76
CA GLY DA 144 52.18 87.93 67.38
C GLY DA 144 53.54 88.07 68.07
N SER DA 145 53.93 89.30 68.37
CA SER DA 145 55.22 89.61 68.96
C SER DA 145 55.13 89.96 70.44
N GLY DA 146 53.98 90.48 70.87
CA GLY DA 146 53.78 90.85 72.26
C GLY DA 146 53.14 89.73 73.09
N MET DA 147 51.97 89.29 72.64
CA MET DA 147 51.24 88.28 73.37
C MET DA 147 51.88 86.90 73.18
N GLY DA 148 52.33 86.64 71.95
CA GLY DA 148 53.04 85.41 71.62
C GLY DA 148 54.28 85.19 72.49
N THR DA 149 55.03 86.27 72.74
CA THR DA 149 56.25 86.19 73.53
C THR DA 149 55.92 85.96 75.00
N LEU DA 150 54.89 86.68 75.51
CA LEU DA 150 54.46 86.52 76.89
C LEU DA 150 53.85 85.12 77.10
N LEU DA 151 53.22 84.59 76.04
CA LEU DA 151 52.67 83.23 76.07
C LEU DA 151 53.79 82.22 76.29
N ILE DA 152 54.93 82.44 75.63
CA ILE DA 152 56.06 81.54 75.77
C ILE DA 152 56.59 81.59 77.21
N SER DA 153 56.64 82.81 77.79
CA SER DA 153 57.33 83.03 79.07
C SER DA 153 56.64 82.28 80.20
N LYS DA 154 55.30 82.30 80.23
CA LYS DA 154 54.59 81.61 81.30
C LYS DA 154 54.54 80.10 81.06
N VAL DA 155 54.48 79.66 79.79
CA VAL DA 155 54.38 78.22 79.55
C VAL DA 155 55.75 77.57 79.74
N ARG DA 156 56.83 78.35 79.59
CA ARG DA 156 58.16 77.82 79.81
C ARG DA 156 58.46 77.65 81.30
N GLU DA 157 58.12 78.66 82.11
CA GLU DA 157 58.36 78.55 83.54
C GLU DA 157 57.43 77.51 84.17
N GLU DA 158 56.24 77.34 83.58
CA GLU DA 158 55.24 76.41 84.09
C GLU DA 158 55.67 74.98 83.80
N TYR DA 159 56.14 74.74 82.56
CA TYR DA 159 56.65 73.44 82.17
C TYR DA 159 58.11 73.63 81.81
N PRO DA 160 59.05 73.37 82.76
CA PRO DA 160 60.42 73.83 82.59
C PRO DA 160 61.36 72.93 81.78
N ASP DA 161 60.92 71.70 81.48
CA ASP DA 161 61.76 70.76 80.78
C ASP DA 161 61.19 70.27 79.45
N ARG DA 162 59.88 70.41 79.20
CA ARG DA 162 59.33 70.03 77.90
C ARG DA 162 59.77 71.00 76.81
N ILE DA 163 59.83 70.51 75.57
CA ILE DA 163 60.37 71.26 74.45
C ILE DA 163 59.49 72.45 74.07
N MET DA 164 60.09 73.46 73.43
CA MET DA 164 59.41 74.65 72.94
C MET DA 164 60.00 75.03 71.59
N GLU DA 165 59.15 74.99 70.55
CA GLU DA 165 59.60 75.25 69.18
C GLU DA 165 58.77 76.39 68.58
N THR DA 166 59.46 77.48 68.23
CA THR DA 166 58.79 78.67 67.70
C THR DA 166 59.19 78.87 66.25
N PHE DA 167 58.17 79.00 65.39
CA PHE DA 167 58.44 79.54 64.07
C PHE DA 167 58.03 81.01 64.04
N SER DA 168 58.98 81.85 63.61
CA SER DA 168 58.79 83.28 63.65
C SER DA 168 59.31 83.88 62.34
N VAL DA 169 58.49 84.77 61.75
CA VAL DA 169 58.95 85.48 60.56
C VAL DA 169 59.55 86.80 61.02
N PHE DA 170 60.83 87.03 60.69
CA PHE DA 170 61.50 88.25 61.11
C PHE DA 170 61.06 89.42 60.25
N PRO DA 171 61.28 90.68 60.71
CA PRO DA 171 61.25 91.82 59.81
C PRO DA 171 62.10 91.67 58.54
N SER DA 172 61.50 92.04 57.42
CA SER DA 172 62.15 91.97 56.12
C SER DA 172 63.32 92.95 56.05
N PRO DA 173 64.42 92.62 55.35
CA PRO DA 173 65.55 93.54 55.14
C PRO DA 173 65.21 94.90 54.52
N LYS DA 174 64.70 94.88 53.30
CA LYS DA 174 64.73 96.07 52.44
C LYS DA 174 63.36 96.73 52.33
N VAL DA 175 62.27 95.97 52.48
CA VAL DA 175 60.92 96.49 52.37
C VAL DA 175 60.20 96.23 53.68
N SER DA 176 59.61 97.25 54.27
CA SER DA 176 59.22 97.20 55.68
C SER DA 176 57.71 97.31 55.87
N ASP DA 177 57.07 96.20 56.19
CA ASP DA 177 55.72 96.26 56.78
C ASP DA 177 55.85 96.71 58.23
N THR DA 178 54.85 97.39 58.81
CA THR DA 178 54.82 97.79 60.22
C THR DA 178 56.05 98.64 60.55
N VAL DA 179 55.97 99.94 60.25
CA VAL DA 179 57.05 100.89 60.42
C VAL DA 179 57.75 100.81 61.79
N VAL DA 180 57.04 100.39 62.83
CA VAL DA 180 57.73 99.98 64.05
C VAL DA 180 58.14 98.51 63.93
N GLU DA 181 59.16 98.28 63.10
CA GLU DA 181 59.76 96.97 62.96
C GLU DA 181 60.75 96.72 64.09
N PRO DA 182 61.85 97.50 64.23
CA PRO DA 182 62.94 97.08 65.11
C PRO DA 182 62.55 97.21 66.57
N TYR DA 183 61.63 98.12 66.91
CA TYR DA 183 61.13 98.20 68.27
C TYR DA 183 60.38 96.92 68.64
N ASN DA 184 59.64 96.36 67.69
CA ASN DA 184 58.91 95.12 67.95
C ASN DA 184 59.84 93.92 68.01
N ALA DA 185 60.90 93.93 67.18
CA ALA DA 185 61.77 92.76 67.08
C ALA DA 185 62.73 92.72 68.27
N THR DA 186 63.40 93.84 68.55
CA THR DA 186 64.45 93.89 69.56
C THR DA 186 63.88 93.64 70.96
N LEU DA 187 62.66 94.13 71.21
CA LEU DA 187 61.95 93.76 72.42
C LEU DA 187 61.64 92.28 72.46
N SER DA 188 61.20 91.73 71.31
CA SER DA 188 60.73 90.35 71.27
C SER DA 188 61.89 89.36 71.40
N VAL DA 189 63.01 89.67 70.74
CA VAL DA 189 64.14 88.75 70.66
C VAL DA 189 64.72 88.50 72.06
N HIS DA 190 64.88 89.56 72.86
CA HIS DA 190 65.61 89.42 74.12
C HIS DA 190 64.82 88.60 75.15
N GLN DA 191 63.53 88.42 74.90
CA GLN DA 191 62.69 87.53 75.71
C GLN DA 191 62.48 86.18 75.00
N LEU DA 192 62.60 86.15 73.66
CA LEU DA 192 62.56 84.93 72.87
C LEU DA 192 63.95 84.26 72.81
N VAL DA 193 65.00 84.94 73.29
CA VAL DA 193 66.31 84.32 73.40
C VAL DA 193 66.47 83.65 74.77
N GLU DA 194 65.60 84.02 75.72
CA GLU DA 194 65.69 83.50 77.09
C GLU DA 194 64.68 82.39 77.33
N ASN DA 195 63.51 82.42 76.66
CA ASN DA 195 62.40 81.56 77.03
C ASN DA 195 62.06 80.50 75.99
N ALA DA 196 62.67 80.59 74.80
CA ALA DA 196 62.37 79.65 73.72
C ALA DA 196 63.54 78.72 73.53
N ASP DA 197 63.23 77.47 73.18
CA ASP DA 197 64.26 76.44 73.13
C ASP DA 197 64.92 76.37 71.74
N GLU DA 198 64.10 76.38 70.68
CA GLU DA 198 64.66 76.50 69.34
C GLU DA 198 63.74 77.37 68.48
N VAL DA 199 64.36 78.28 67.73
CA VAL DA 199 63.63 79.26 66.96
C VAL DA 199 64.02 79.13 65.50
N GLN DA 200 63.01 78.84 64.67
CA GLN DA 200 63.22 78.80 63.23
C GLN DA 200 62.95 80.18 62.69
N VAL DA 201 63.96 80.76 62.03
CA VAL DA 201 63.87 82.10 61.52
C VAL DA 201 63.61 82.05 60.01
N ILE DA 202 62.53 82.72 59.61
CA ILE DA 202 62.08 82.81 58.22
C ILE DA 202 61.92 84.29 57.86
N ASP DA 203 62.16 84.61 56.59
CA ASP DA 203 61.94 85.95 56.08
C ASP DA 203 60.72 86.02 55.18
N ASN DA 204 60.51 87.19 54.58
CA ASN DA 204 59.51 87.41 53.57
C ASN DA 204 60.18 87.70 52.22
N GLU DA 205 61.25 88.51 52.24
CA GLU DA 205 61.97 88.83 51.01
C GLU DA 205 62.67 87.62 50.44
N ALA DA 206 63.17 86.74 51.34
CA ALA DA 206 63.73 85.47 50.92
C ALA DA 206 62.64 84.63 50.28
N LEU DA 207 61.44 84.62 50.89
CA LEU DA 207 60.31 83.83 50.42
C LEU DA 207 59.85 84.31 49.04
N TYR DA 208 59.92 85.63 48.83
CA TYR DA 208 59.55 86.20 47.53
C TYR DA 208 60.57 85.80 46.49
N ASP DA 209 61.83 85.79 46.89
CA ASP DA 209 62.88 85.54 45.93
C ASP DA 209 62.85 84.09 45.46
N ILE DA 210 62.68 83.15 46.38
CA ILE DA 210 62.57 81.74 46.01
C ILE DA 210 61.36 81.53 45.09
N CYS DA 211 60.22 82.13 45.44
CA CYS DA 211 59.01 81.90 44.65
C CYS DA 211 59.02 82.68 43.34
N PHE DA 212 60.09 83.47 43.15
CA PHE DA 212 60.13 84.24 41.94
C PHE DA 212 61.25 83.79 41.02
N ARG DA 213 62.48 83.84 41.54
CA ARG DA 213 63.67 83.40 40.79
C ARG DA 213 63.68 81.90 40.51
N THR DA 214 63.36 81.05 41.51
CA THR DA 214 63.58 79.61 41.39
C THR DA 214 62.29 78.97 40.89
N LEU DA 215 61.20 79.19 41.63
CA LEU DA 215 59.95 78.50 41.31
C LEU DA 215 59.31 79.02 40.02
N LYS DA 216 59.53 80.31 39.72
CA LYS DA 216 59.05 80.90 38.47
C LYS DA 216 57.53 80.96 38.36
N LEU DA 217 56.92 80.96 39.55
CA LEU DA 217 55.50 81.26 39.59
C LEU DA 217 55.36 82.75 39.44
N THR DA 218 54.34 83.09 38.64
CA THR DA 218 54.16 84.42 38.13
C THR DA 218 53.60 85.28 39.26
N THR DA 219 52.35 85.01 39.70
CA THR DA 219 51.69 85.90 40.65
C THR DA 219 50.84 85.16 41.68
N PRO DA 220 51.38 84.28 42.56
CA PRO DA 220 50.54 83.75 43.64
C PRO DA 220 50.57 84.47 44.98
N THR DA 221 49.46 84.37 45.72
CA THR DA 221 49.15 85.14 46.92
C THR DA 221 49.90 84.62 48.14
N TYR DA 222 49.56 85.12 49.35
CA TYR DA 222 49.99 84.55 50.61
C TYR DA 222 49.69 83.05 50.79
N GLY DA 223 48.66 82.54 50.12
CA GLY DA 223 48.34 81.12 50.23
C GLY DA 223 49.50 80.22 49.81
N ASP DA 224 50.21 80.66 48.77
CA ASP DA 224 51.30 79.87 48.20
C ASP DA 224 52.58 80.02 49.03
N LEU DA 225 52.82 81.21 49.62
CA LEU DA 225 53.94 81.40 50.53
C LEU DA 225 53.77 80.55 51.78
N ASN DA 226 52.53 80.50 52.31
CA ASN DA 226 52.24 79.69 53.48
C ASN DA 226 52.42 78.22 53.16
N HIS DA 227 52.13 77.81 51.91
CA HIS DA 227 52.28 76.42 51.47
C HIS DA 227 53.76 76.02 51.51
N LEU DA 228 54.67 76.99 51.29
CA LEU DA 228 56.09 76.73 51.37
C LEU DA 228 56.50 76.54 52.82
N VAL DA 229 56.04 77.44 53.69
CA VAL DA 229 56.48 77.39 55.08
C VAL DA 229 55.77 76.25 55.81
N SER DA 230 54.62 75.80 55.29
CA SER DA 230 53.96 74.63 55.87
C SER DA 230 54.75 73.35 55.55
N ALA DA 231 55.33 73.29 54.34
CA ALA DA 231 56.12 72.15 53.95
C ALA DA 231 57.41 72.09 54.78
N ALA DA 232 57.93 73.25 55.19
CA ALA DA 232 59.13 73.34 56.02
C ALA DA 232 58.84 72.84 57.44
N MET DA 233 57.65 73.22 57.95
CA MET DA 233 57.27 72.84 59.30
C MET DA 233 57.09 71.33 59.40
N SER DA 234 56.55 70.70 58.33
CA SER DA 234 56.27 69.27 58.36
C SER DA 234 57.57 68.46 58.32
N GLY DA 235 58.60 68.99 57.63
CA GLY DA 235 59.88 68.31 57.44
C GLY DA 235 60.67 68.09 58.75
N VAL DA 236 60.54 69.04 59.70
CA VAL DA 236 61.28 68.98 60.95
C VAL DA 236 60.73 67.85 61.82
N THR DA 237 59.39 67.74 61.79
CA THR DA 237 58.67 66.75 62.58
C THR DA 237 58.27 65.56 61.71
N CYS DA 238 59.16 65.20 60.77
CA CYS DA 238 58.90 64.05 59.92
C CYS DA 238 58.96 62.76 60.74
N CYS DA 239 60.12 62.50 61.34
CA CYS DA 239 60.36 61.22 61.99
C CYS DA 239 59.59 61.07 63.30
N LEU DA 240 59.02 62.17 63.78
CA LEU DA 240 58.13 62.14 64.92
C LEU DA 240 56.81 61.44 64.60
N ARG DA 241 56.47 61.37 63.31
CA ARG DA 241 55.15 60.85 62.92
C ARG DA 241 55.27 59.55 62.13
N PHE DA 242 56.47 59.28 61.57
CA PHE DA 242 56.64 58.20 60.63
C PHE DA 242 57.94 57.45 60.90
N PRO DA 243 58.00 56.18 60.45
CA PRO DA 243 59.20 55.34 60.60
C PRO DA 243 60.36 55.78 59.70
N GLY DA 244 61.57 55.28 60.04
CA GLY DA 244 62.77 55.61 59.28
C GLY DA 244 63.95 54.71 59.66
N GLN DA 245 64.96 54.61 58.78
CA GLN DA 245 66.19 53.90 59.12
C GLN DA 245 66.89 54.62 60.27
N LEU DA 246 67.09 55.94 60.11
CA LEU DA 246 67.62 56.73 61.21
C LEU DA 246 66.54 57.69 61.70
N ASN DA 247 66.43 57.71 63.03
CA ASN DA 247 65.40 58.42 63.76
C ASN DA 247 65.91 59.77 64.18
N SER DA 248 65.04 60.80 64.08
CA SER DA 248 65.41 62.13 64.51
C SER DA 248 64.18 62.90 64.93
N ASP DA 249 64.17 63.25 66.22
CA ASP DA 249 63.07 63.99 66.80
C ASP DA 249 63.47 65.46 66.92
N LEU DA 250 62.63 66.20 67.64
CA LEU DA 250 62.86 67.58 68.03
C LEU DA 250 64.14 67.73 68.84
N ARG DA 251 64.34 66.87 69.87
CA ARG DA 251 65.45 67.13 70.77
C ARG DA 251 66.77 66.65 70.17
N LYS DA 252 66.71 65.70 69.24
CA LYS DA 252 67.89 65.28 68.49
C LYS DA 252 68.43 66.48 67.70
N LEU DA 253 67.52 67.25 67.08
CA LEU DA 253 67.89 68.49 66.40
C LEU DA 253 68.47 69.50 67.38
N ALA DA 254 67.87 69.57 68.58
CA ALA DA 254 68.28 70.55 69.58
C ALA DA 254 69.71 70.30 70.06
N VAL DA 255 69.99 69.06 70.42
CA VAL DA 255 71.20 68.77 71.15
C VAL DA 255 72.40 68.83 70.20
N ASN DA 256 72.19 68.62 68.90
CA ASN DA 256 73.29 68.59 67.94
C ASN DA 256 73.62 69.95 67.33
N LEU DA 257 72.63 70.82 67.22
CA LEU DA 257 72.79 72.04 66.42
C LEU DA 257 73.39 73.14 67.28
N ILE DA 258 72.84 73.33 68.49
CA ILE DA 258 73.22 74.43 69.36
C ILE DA 258 74.48 74.07 70.14
N PRO DA 259 75.60 74.77 69.91
CA PRO DA 259 76.80 74.51 70.70
C PRO DA 259 76.77 75.15 72.10
N PHE DA 260 76.43 76.45 72.15
CA PHE DA 260 76.41 77.21 73.40
C PHE DA 260 75.02 77.82 73.53
N PRO DA 261 74.48 77.85 74.77
CA PRO DA 261 73.04 77.86 75.00
C PRO DA 261 72.27 79.08 74.50
N ARG DA 262 72.96 80.19 74.25
CA ARG DA 262 72.26 81.42 73.88
C ARG DA 262 71.76 81.40 72.43
N LEU DA 263 72.56 80.83 71.51
CA LEU DA 263 72.28 81.01 70.09
C LEU DA 263 71.50 79.81 69.56
N HIS DA 264 70.24 80.06 69.19
CA HIS DA 264 69.41 79.00 68.63
C HIS DA 264 68.51 79.51 67.51
N PHE DA 265 69.07 80.32 66.61
CA PHE DA 265 68.32 80.81 65.47
C PHE DA 265 68.79 80.10 64.22
N PHE DA 266 67.83 79.42 63.57
CA PHE DA 266 68.13 78.40 62.60
C PHE DA 266 67.61 78.78 61.22
N LEU DA 267 68.50 78.69 60.22
CA LEU DA 267 68.09 78.81 58.83
C LEU DA 267 67.33 77.53 58.44
N ILE DA 268 66.33 77.71 57.56
CA ILE DA 268 65.53 76.62 57.04
C ILE DA 268 65.53 76.70 55.52
N GLY DA 269 65.71 75.55 54.85
CA GLY DA 269 65.70 75.42 53.39
C GLY DA 269 64.93 74.16 53.01
N PHE DA 270 64.81 73.92 51.72
CA PHE DA 270 64.03 72.79 51.22
C PHE DA 270 64.54 72.43 49.85
N ALA DA 271 64.50 71.13 49.55
CA ALA DA 271 64.85 70.65 48.24
C ALA DA 271 64.12 69.32 48.06
N PRO DA 272 63.64 68.98 46.85
CA PRO DA 272 63.86 69.79 45.63
C PRO DA 272 62.84 70.91 45.38
N LEU DA 273 63.25 71.97 44.69
CA LEU DA 273 62.34 73.00 44.17
C LEU DA 273 62.61 73.20 42.69
N THR DA 274 61.58 73.10 41.83
CA THR DA 274 61.76 73.28 40.39
C THR DA 274 60.70 74.20 39.80
N SER DA 275 61.05 74.92 38.72
CA SER DA 275 60.06 75.56 37.88
C SER DA 275 59.20 74.54 37.18
N ARG DA 276 58.02 75.03 36.75
CA ARG DA 276 57.05 74.30 35.94
C ARG DA 276 57.70 73.50 34.80
N GLY DA 277 58.59 74.18 34.09
CA GLY DA 277 59.24 73.59 32.93
C GLY DA 277 60.14 72.40 33.27
N SER DA 278 60.95 72.59 34.33
CA SER DA 278 62.11 71.75 34.59
C SER DA 278 61.74 70.42 35.24
N GLN DA 279 60.45 70.16 35.52
CA GLN DA 279 60.08 68.99 36.29
C GLN DA 279 60.46 67.65 35.63
N GLN DA 280 60.20 67.55 34.31
CA GLN DA 280 60.44 66.25 33.69
C GLN DA 280 61.93 66.06 33.51
N TYR DA 281 62.63 67.16 33.16
CA TYR DA 281 64.02 67.00 32.83
C TYR DA 281 64.92 66.87 34.04
N ARG DA 282 64.42 67.19 35.25
CA ARG DA 282 65.28 67.30 36.41
C ARG DA 282 65.58 65.91 36.93
N ALA DA 283 66.89 65.61 36.97
CA ALA DA 283 67.45 64.45 37.61
C ALA DA 283 67.17 64.62 39.09
N LEU DA 284 66.78 63.51 39.72
CA LEU DA 284 66.39 63.55 41.11
C LEU DA 284 67.17 62.46 41.81
N SER DA 285 68.21 62.87 42.50
CA SER DA 285 69.12 61.94 43.13
C SER DA 285 69.72 62.65 44.34
N VAL DA 286 70.47 61.87 45.12
CA VAL DA 286 71.20 62.42 46.24
C VAL DA 286 72.18 63.55 45.84
N PRO DA 287 73.04 63.42 44.79
CA PRO DA 287 73.96 64.51 44.45
C PRO DA 287 73.30 65.86 44.10
N GLU DA 288 72.21 65.82 43.32
CA GLU DA 288 71.57 67.07 42.92
C GLU DA 288 70.81 67.69 44.09
N LEU DA 289 70.36 66.85 45.05
CA LEU DA 289 69.66 67.35 46.24
C LEU DA 289 70.63 68.08 47.15
N THR DA 290 71.88 67.60 47.23
CA THR DA 290 72.88 68.21 48.08
C THR DA 290 73.28 69.57 47.50
N GLN DA 291 73.36 69.65 46.16
CA GLN DA 291 73.70 70.90 45.49
C GLN DA 291 72.66 71.98 45.75
N GLN DA 292 71.39 71.59 45.71
CA GLN DA 292 70.33 72.56 45.92
C GLN DA 292 70.11 72.85 47.40
N MET DA 293 70.54 71.92 48.26
CA MET DA 293 70.56 72.12 49.71
C MET DA 293 71.42 73.35 50.04
N PHE DA 294 72.71 73.28 49.71
CA PHE DA 294 73.64 74.40 49.94
C PHE DA 294 73.62 75.41 48.79
N ASP DA 295 72.45 76.02 48.57
CA ASP DA 295 72.29 77.10 47.63
C ASP DA 295 71.79 78.31 48.40
N ALA DA 296 72.50 79.43 48.25
CA ALA DA 296 72.17 80.66 48.95
C ALA DA 296 70.80 81.20 48.56
N LYS DA 297 70.41 80.94 47.31
CA LYS DA 297 69.11 81.39 46.84
C LYS DA 297 67.98 80.52 47.38
N ASN DA 298 68.33 79.40 48.04
CA ASN DA 298 67.35 78.41 48.47
C ASN DA 298 66.95 78.63 49.94
N MET DA 299 67.82 79.31 50.70
CA MET DA 299 67.54 79.58 52.11
C MET DA 299 66.35 80.53 52.23
N MET DA 300 65.46 80.21 53.18
CA MET DA 300 64.24 80.99 53.42
C MET DA 300 64.49 82.13 54.40
N CYS DA 301 65.74 82.63 54.39
CA CYS DA 301 66.26 83.46 55.45
C CYS DA 301 67.39 84.30 54.85
N ALA DA 302 67.09 85.52 54.38
CA ALA DA 302 67.91 86.24 53.39
C ALA DA 302 69.19 86.83 53.98
N SER DA 303 69.92 86.00 54.72
CA SER DA 303 71.23 86.33 55.21
C SER DA 303 72.22 85.39 54.54
N ASP DA 304 72.97 85.94 53.56
CA ASP DA 304 73.89 85.27 52.66
C ASP DA 304 74.84 84.31 53.39
N PRO DA 305 74.63 82.98 53.25
CA PRO DA 305 75.42 81.98 53.97
C PRO DA 305 76.94 82.04 53.78
N ARG DA 306 77.39 82.53 52.63
CA ARG DA 306 78.80 82.46 52.29
C ARG DA 306 79.54 83.73 52.68
N HIS DA 307 78.85 84.68 53.31
CA HIS DA 307 79.56 85.81 53.93
C HIS DA 307 80.30 85.38 55.20
N GLY DA 308 79.72 84.35 55.83
CA GLY DA 308 80.25 83.83 57.09
C GLY DA 308 80.44 82.32 56.98
N ARG DA 309 80.42 81.66 58.14
CA ARG DA 309 80.67 80.23 58.21
C ARG DA 309 79.42 79.51 58.69
N TYR DA 310 79.46 78.17 58.61
CA TYR DA 310 78.39 77.31 59.09
C TYR DA 310 78.86 76.66 60.39
N LEU DA 311 78.12 76.91 61.47
CA LEU DA 311 78.56 76.41 62.77
C LEU DA 311 78.27 74.91 62.88
N THR DA 312 77.00 74.56 62.68
CA THR DA 312 76.53 73.19 62.51
C THR DA 312 75.46 73.21 61.41
N ALA DA 313 75.18 72.04 60.82
CA ALA DA 313 74.12 71.96 59.82
C ALA DA 313 73.50 70.57 59.92
N SER DA 314 72.29 70.45 59.37
CA SER DA 314 71.50 69.26 59.57
C SER DA 314 70.62 69.00 58.36
N ALA DA 315 70.23 67.73 58.19
CA ALA DA 315 69.49 67.31 57.01
C ALA DA 315 68.41 66.32 57.41
N MET DA 316 67.15 66.66 57.15
CA MET DA 316 66.05 65.73 57.32
C MET DA 316 65.64 65.20 55.95
N PHE DA 317 66.35 64.16 55.51
CA PHE DA 317 65.98 63.51 54.26
C PHE DA 317 64.68 62.75 54.42
N ARG DA 318 63.93 62.67 53.32
CA ARG DA 318 62.67 61.96 53.34
C ARG DA 318 62.60 61.09 52.09
N GLY DA 319 62.06 59.87 52.27
CA GLY DA 319 61.90 58.93 51.18
C GLY DA 319 62.84 57.73 51.31
N ARG DA 320 62.60 56.70 50.50
CA ARG DA 320 63.39 55.47 50.55
C ARG DA 320 64.73 55.72 49.86
N MET DA 321 65.85 55.63 50.59
CA MET DA 321 67.11 56.12 50.08
C MET DA 321 68.28 55.53 50.86
N SER DA 322 69.45 55.45 50.22
CA SER DA 322 70.56 54.61 50.61
C SER DA 322 71.56 55.38 51.48
N THR DA 323 72.24 54.64 52.36
CA THR DA 323 72.99 55.23 53.46
C THR DA 323 74.44 55.55 53.12
N LYS DA 324 74.95 54.90 52.06
CA LYS DA 324 76.20 55.35 51.46
C LYS DA 324 75.94 56.72 50.85
N GLU DA 325 74.84 56.87 50.10
CA GLU DA 325 74.65 58.11 49.36
C GLU DA 325 74.44 59.29 50.30
N VAL DA 326 73.81 59.02 51.44
CA VAL DA 326 73.68 60.04 52.46
C VAL DA 326 75.06 60.37 53.03
N ASP DA 327 75.70 59.37 53.62
CA ASP DA 327 76.88 59.57 54.46
C ASP DA 327 78.13 59.95 53.68
N GLU DA 328 78.24 59.46 52.44
CA GLU DA 328 79.40 59.82 51.63
C GLU DA 328 79.29 61.29 51.21
N GLN DA 329 78.09 61.73 50.88
CA GLN DA 329 77.92 63.09 50.41
C GLN DA 329 77.95 64.09 51.57
N MET DA 330 77.80 63.63 52.81
CA MET DA 330 78.04 64.49 53.96
C MET DA 330 79.53 64.82 54.02
N LEU DA 331 80.35 63.88 53.54
CA LEU DA 331 81.78 64.08 53.52
C LEU DA 331 82.24 64.88 52.30
N ASN DA 332 81.60 64.66 51.13
CA ASN DA 332 81.94 65.35 49.89
C ASN DA 332 81.79 66.87 50.02
N VAL DA 333 80.70 67.29 50.66
CA VAL DA 333 80.43 68.71 50.80
C VAL DA 333 81.45 69.36 51.73
N GLN DA 334 81.86 68.60 52.77
CA GLN DA 334 82.78 69.13 53.76
C GLN DA 334 84.18 69.27 53.17
N ASN DA 335 84.56 68.31 52.33
CA ASN DA 335 85.89 68.29 51.74
C ASN DA 335 86.01 69.33 50.62
N LYS DA 336 84.94 69.57 49.86
CA LYS DA 336 85.01 70.52 48.75
C LYS DA 336 84.94 71.95 49.29
N ASN DA 337 83.79 72.29 49.87
CA ASN DA 337 83.62 73.58 50.53
C ASN DA 337 84.37 73.53 51.87
N SER DA 338 85.54 74.16 51.96
CA SER DA 338 86.32 74.12 53.20
C SER DA 338 86.26 75.44 54.00
N SER DA 339 85.98 76.53 53.28
CA SER DA 339 85.94 77.88 53.83
C SER DA 339 84.53 78.27 54.29
N TYR DA 340 83.54 77.40 54.09
CA TYR DA 340 82.18 77.78 54.46
C TYR DA 340 81.76 77.11 55.78
N PHE DA 341 82.67 76.34 56.37
CA PHE DA 341 82.39 75.55 57.56
C PHE DA 341 83.37 75.98 58.65
N VAL DA 342 82.89 75.94 59.89
CA VAL DA 342 83.76 76.15 61.03
C VAL DA 342 84.73 74.98 61.11
N GLU DA 343 85.95 75.26 61.56
CA GLU DA 343 87.06 74.38 61.24
C GLU DA 343 87.43 73.53 62.45
N TRP DA 344 87.17 74.04 63.65
CA TRP DA 344 87.57 73.33 64.87
C TRP DA 344 86.51 72.32 65.31
N ILE DA 345 85.45 72.13 64.52
CA ILE DA 345 84.58 70.96 64.66
C ILE DA 345 84.78 70.09 63.41
N PRO DA 346 85.37 68.88 63.52
CA PRO DA 346 85.36 67.94 62.39
C PRO DA 346 83.98 67.28 62.26
N ASN DA 347 83.62 66.99 61.02
CA ASN DA 347 82.31 66.53 60.61
C ASN DA 347 81.19 67.43 61.13
N ASN DA 348 81.12 68.65 60.59
CA ASN DA 348 80.16 69.67 60.98
C ASN DA 348 78.67 69.33 60.79
N MET DA 349 78.39 68.23 60.08
CA MET DA 349 77.01 68.05 59.66
C MET DA 349 76.43 66.74 60.18
N LYS DA 350 75.15 66.83 60.56
CA LYS DA 350 74.38 65.71 61.08
C LYS DA 350 73.31 65.41 60.03
N SER DA 351 72.95 64.12 59.90
CA SER DA 351 72.00 63.69 58.88
C SER DA 351 70.95 62.76 59.49
N SER DA 352 69.81 62.58 58.81
CA SER DA 352 68.72 61.68 59.23
C SER DA 352 67.84 61.31 58.05
N VAL DA 353 67.14 60.15 58.14
CA VAL DA 353 66.37 59.67 57.00
C VAL DA 353 65.02 59.12 57.46
N CYS DA 354 63.92 59.72 56.97
CA CYS DA 354 62.59 59.13 57.10
C CYS DA 354 62.34 58.24 55.89
N ASP DA 355 61.31 57.40 55.96
CA ASP DA 355 60.97 56.53 54.85
C ASP DA 355 59.75 57.05 54.11
N ILE DA 356 58.89 57.82 54.79
CA ILE DA 356 57.67 58.29 54.17
C ILE DA 356 57.91 59.70 53.63
N PRO DA 357 57.89 59.88 52.29
CA PRO DA 357 58.28 61.15 51.70
C PRO DA 357 57.09 62.10 51.73
N PRO DA 358 57.25 63.39 51.33
CA PRO DA 358 56.08 64.20 51.01
C PRO DA 358 55.31 63.56 49.86
N LYS DA 359 53.97 63.68 49.83
CA LYS DA 359 53.13 62.81 49.01
C LYS DA 359 53.37 63.11 47.52
N GLY DA 360 53.58 62.05 46.70
CA GLY DA 360 53.76 62.17 45.25
C GLY DA 360 55.14 62.68 44.81
N LEU DA 361 56.08 62.82 45.75
CA LEU DA 361 57.47 63.15 45.45
C LEU DA 361 58.35 62.14 46.17
N LYS DA 362 59.30 61.54 45.44
CA LYS DA 362 59.93 60.34 45.99
C LYS DA 362 61.05 60.68 46.97
N MET DA 363 61.70 61.84 46.84
CA MET DA 363 62.70 62.24 47.81
C MET DA 363 62.53 63.71 48.18
N SER DA 364 62.99 64.06 49.38
CA SER DA 364 63.12 65.46 49.73
C SER DA 364 64.21 65.63 50.78
N VAL DA 365 64.64 66.87 50.95
CA VAL DA 365 65.60 67.26 51.98
C VAL DA 365 65.01 68.46 52.72
N THR DA 366 65.03 68.42 54.05
CA THR DA 366 64.70 69.61 54.81
C THR DA 366 65.92 69.96 55.64
N PHE DA 367 66.49 71.12 55.33
CA PHE DA 367 67.78 71.51 55.83
C PHE DA 367 67.58 72.53 56.96
N VAL DA 368 68.09 72.17 58.14
CA VAL DA 368 68.03 73.05 59.30
C VAL DA 368 69.48 73.40 59.67
N GLY DA 369 69.88 74.61 59.29
CA GLY DA 369 71.28 74.99 59.49
C GLY DA 369 71.42 76.07 60.54
N ASN DA 370 72.63 76.13 61.10
CA ASN DA 370 72.99 77.12 62.10
C ASN DA 370 74.23 77.88 61.62
N SER DA 371 74.03 78.99 60.93
CA SER DA 371 75.11 79.72 60.27
C SER DA 371 75.46 80.97 61.07
N THR DA 372 76.75 81.29 61.11
CA THR DA 372 77.18 82.52 61.79
C THR DA 372 77.17 83.71 60.84
N ALA DA 373 76.56 83.55 59.66
CA ALA DA 373 76.32 84.67 58.76
C ALA DA 373 74.96 85.32 59.06
N ILE DA 374 74.29 84.82 60.10
CA ILE DA 374 72.97 85.31 60.51
C ILE DA 374 73.09 86.69 61.16
N GLN DA 375 74.32 87.09 61.47
CA GLN DA 375 74.63 88.30 62.21
C GLN DA 375 74.21 89.55 61.44
N GLU DA 376 74.06 89.43 60.12
CA GLU DA 376 73.77 90.61 59.30
C GLU DA 376 72.35 91.11 59.56
N MET DA 377 71.43 90.19 59.81
CA MET DA 377 70.09 90.59 60.17
C MET DA 377 70.04 91.20 61.56
N PHE DA 378 70.83 90.64 62.49
CA PHE DA 378 70.90 91.24 63.82
C PHE DA 378 71.62 92.58 63.80
N LYS DA 379 72.54 92.77 62.84
CA LYS DA 379 73.14 94.08 62.66
C LYS DA 379 72.16 95.02 61.95
N ARG DA 380 71.34 94.49 61.03
CA ARG DA 380 70.41 95.31 60.28
C ARG DA 380 69.28 95.80 61.19
N VAL DA 381 68.80 94.94 62.08
CA VAL DA 381 67.78 95.31 63.05
C VAL DA 381 68.33 96.31 64.06
N SER DA 382 69.54 96.06 64.57
CA SER DA 382 70.11 96.87 65.65
C SER DA 382 70.48 98.28 65.17
N ASP DA 383 70.91 98.38 63.91
CA ASP DA 383 71.23 99.67 63.31
C ASP DA 383 69.94 100.48 63.12
N GLN DA 384 68.88 99.80 62.67
CA GLN DA 384 67.59 100.44 62.49
C GLN DA 384 66.98 100.78 63.85
N PHE DA 385 67.23 99.93 64.86
CA PHE DA 385 66.74 100.17 66.22
C PHE DA 385 67.41 101.43 66.80
N THR DA 386 68.74 101.51 66.67
CA THR DA 386 69.51 102.58 67.27
C THR DA 386 69.21 103.93 66.60
N ALA DA 387 68.95 103.92 65.28
CA ALA DA 387 68.72 105.14 64.52
C ALA DA 387 67.44 105.85 65.00
N MET DA 388 66.39 105.06 65.23
CA MET DA 388 65.14 105.63 65.69
C MET DA 388 65.20 105.94 67.19
N PHE DA 389 65.91 105.10 67.94
CA PHE DA 389 65.99 105.22 69.39
C PHE DA 389 66.86 106.41 69.81
N ARG DA 390 67.74 106.86 68.90
CA ARG DA 390 68.65 107.97 69.20
C ARG DA 390 67.87 109.23 69.52
N ARG DA 391 66.71 109.40 68.87
CA ARG DA 391 65.92 110.60 69.08
C ARG DA 391 64.45 110.25 69.23
N LYS DA 392 64.15 109.26 70.09
CA LYS DA 392 62.86 109.27 70.77
C LYS DA 392 61.71 108.93 69.80
N ALA DA 393 62.01 108.27 68.67
CA ALA DA 393 60.99 108.07 67.65
C ALA DA 393 60.02 106.98 68.09
N PHE DA 394 58.71 107.27 67.98
CA PHE DA 394 57.60 106.33 68.15
C PHE DA 394 57.57 105.68 69.53
N LEU DA 395 58.13 106.36 70.52
CA LEU DA 395 58.31 105.71 71.80
C LEU DA 395 57.09 105.87 72.71
N HIS DA 396 56.37 106.98 72.55
CA HIS DA 396 55.28 107.32 73.45
C HIS DA 396 54.10 106.36 73.34
N TRP DA 397 54.05 105.54 72.29
CA TRP DA 397 53.06 104.48 72.22
C TRP DA 397 53.45 103.30 73.11
N TYR DA 398 54.72 103.26 73.53
CA TYR DA 398 55.21 102.24 74.44
C TYR DA 398 55.41 102.84 75.83
N THR DA 399 56.23 103.88 75.94
CA THR DA 399 56.61 104.46 77.23
C THR DA 399 55.43 105.14 77.89
N GLY DA 400 54.51 105.64 77.05
CA GLY DA 400 53.25 106.19 77.52
C GLY DA 400 52.17 105.12 77.68
N GLU DA 401 52.55 103.83 77.63
CA GLU DA 401 51.56 102.78 77.64
C GLU DA 401 52.11 101.57 78.40
N GLY DA 402 52.97 101.80 79.40
CA GLY DA 402 53.26 100.69 80.30
C GLY DA 402 54.70 100.61 80.83
N MET DA 403 55.69 100.94 79.99
CA MET DA 403 57.07 100.55 80.29
C MET DA 403 58.00 101.78 80.34
N ASP DA 404 59.17 101.62 80.97
CA ASP DA 404 60.14 102.69 81.12
C ASP DA 404 61.17 102.67 79.99
N GLU DA 405 62.14 103.60 80.04
CA GLU DA 405 63.18 103.76 79.04
C GLU DA 405 64.21 102.63 79.07
N MET DA 406 64.59 102.22 80.28
CA MET DA 406 65.72 101.31 80.48
C MET DA 406 65.40 99.90 79.98
N GLU DA 407 64.10 99.61 79.78
CA GLU DA 407 63.71 98.31 79.26
C GLU DA 407 64.23 98.10 77.83
N PHE DA 408 64.20 99.18 77.03
CA PHE DA 408 64.69 99.12 75.67
C PHE DA 408 66.20 99.01 75.64
N THR DA 409 66.87 99.79 76.48
CA THR DA 409 68.33 99.78 76.47
C THR DA 409 68.87 98.48 77.07
N GLU DA 410 68.05 97.78 77.87
CA GLU DA 410 68.36 96.41 78.27
C GLU DA 410 68.11 95.46 77.11
N ALA DA 411 67.08 95.74 76.31
CA ALA DA 411 66.72 94.89 75.19
C ALA DA 411 67.79 94.98 74.07
N GLU DA 412 68.26 96.19 73.77
CA GLU DA 412 69.16 96.39 72.64
C GLU DA 412 70.56 95.88 72.96
N SER DA 413 70.94 95.96 74.25
CA SER DA 413 72.25 95.46 74.68
C SER DA 413 72.30 93.94 74.54
N ASN DA 414 71.17 93.28 74.81
CA ASN DA 414 71.03 91.84 74.65
C ASN DA 414 71.24 91.47 73.18
N MET DA 415 70.64 92.24 72.27
CA MET DA 415 70.76 92.00 70.83
C MET DA 415 72.19 92.21 70.35
N ASN DA 416 72.83 93.31 70.79
CA ASN DA 416 74.20 93.62 70.40
C ASN DA 416 75.18 92.59 70.96
N ASP DA 417 74.86 92.05 72.15
CA ASP DA 417 75.64 90.97 72.73
C ASP DA 417 75.58 89.74 71.82
N LEU DA 418 74.39 89.46 71.27
CA LEU DA 418 74.21 88.33 70.38
C LEU DA 418 74.99 88.52 69.08
N VAL DA 419 75.13 89.78 68.65
CA VAL DA 419 75.91 90.08 67.45
C VAL DA 419 77.39 89.74 67.67
N SER DA 420 77.93 90.18 68.81
CA SER DA 420 79.35 90.01 69.09
C SER DA 420 79.67 88.54 69.38
N GLU DA 421 78.72 87.80 69.94
CA GLU DA 421 78.90 86.38 70.23
C GLU DA 421 79.01 85.60 68.93
N TYR DA 422 78.33 86.05 67.87
CA TYR DA 422 78.49 85.43 66.56
C TYR DA 422 79.81 85.85 65.93
N GLN DA 423 80.14 87.14 66.02
CA GLN DA 423 81.32 87.69 65.35
C GLN DA 423 82.60 87.34 66.09
N GLN DA 424 82.49 86.85 67.34
CA GLN DA 424 83.70 86.45 68.04
C GLN DA 424 84.14 85.06 67.59
N TYR DA 425 83.36 84.42 66.72
CA TYR DA 425 83.59 83.03 66.34
C TYR DA 425 83.93 82.88 64.86
N GLN DA 426 84.85 83.72 64.38
CA GLN DA 426 85.54 83.41 63.13
C GLN DA 426 87.06 83.45 63.34
N MET EA 1 29.24 94.95 67.41
CA MET EA 1 30.55 94.41 67.85
C MET EA 1 31.67 95.30 67.35
N ARG EA 2 32.22 94.89 66.21
CA ARG EA 2 33.10 95.75 65.45
C ARG EA 2 32.25 96.85 64.82
N GLU EA 3 32.34 98.08 65.35
CA GLU EA 3 31.56 99.19 64.80
C GLU EA 3 32.24 100.54 65.05
N VAL EA 4 32.02 101.46 64.10
CA VAL EA 4 32.52 102.82 64.15
C VAL EA 4 31.39 103.77 63.79
N ILE EA 5 31.31 104.88 64.53
CA ILE EA 5 30.23 105.83 64.42
C ILE EA 5 30.76 107.08 63.72
N SER EA 6 30.24 107.32 62.50
CA SER EA 6 30.67 108.46 61.71
C SER EA 6 29.72 109.63 61.98
N ILE EA 7 30.24 110.68 62.62
CA ILE EA 7 29.44 111.82 63.02
C ILE EA 7 29.86 112.99 62.14
N HIS EA 8 28.85 113.70 61.61
CA HIS EA 8 29.10 114.73 60.60
C HIS EA 8 28.66 116.06 61.17
N VAL EA 9 29.61 117.01 61.16
CA VAL EA 9 29.39 118.31 61.74
C VAL EA 9 29.65 119.35 60.66
N GLY EA 10 28.69 120.24 60.45
CA GLY EA 10 28.88 121.30 59.47
C GLY EA 10 28.39 120.89 58.08
N GLN EA 11 28.30 121.91 57.21
CA GLN EA 11 27.74 121.70 55.89
C GLN EA 11 28.57 120.72 55.09
N ALA EA 12 29.90 120.97 55.12
CA ALA EA 12 30.86 120.16 54.42
C ALA EA 12 30.76 118.69 54.85
N GLY EA 13 30.47 118.49 56.16
CA GLY EA 13 30.22 117.18 56.72
C GLY EA 13 28.97 116.52 56.11
N ILE EA 14 27.94 117.31 55.88
CA ILE EA 14 26.63 116.75 55.55
C ILE EA 14 26.58 116.21 54.12
N GLN EA 15 27.03 117.02 53.15
CA GLN EA 15 26.98 116.55 51.77
C GLN EA 15 28.02 115.44 51.55
N ILE EA 16 29.14 115.47 52.27
CA ILE EA 16 30.13 114.41 52.18
C ILE EA 16 29.56 113.10 52.74
N GLY EA 17 28.91 113.17 53.90
CA GLY EA 17 28.21 112.03 54.47
C GLY EA 17 27.02 111.61 53.63
N ASN EA 18 26.45 112.55 52.86
CA ASN EA 18 25.37 112.25 51.93
C ASN EA 18 25.90 111.26 50.88
N ALA EA 19 27.12 111.54 50.35
CA ALA EA 19 27.71 110.72 49.30
C ALA EA 19 28.24 109.42 49.91
N CYS EA 20 28.70 109.51 51.18
CA CYS EA 20 29.26 108.35 51.86
C CYS EA 20 28.16 107.31 52.09
N TRP EA 21 26.95 107.80 52.45
CA TRP EA 21 25.89 106.89 52.87
C TRP EA 21 24.97 106.50 51.74
N GLU EA 22 25.28 106.87 50.50
CA GLU EA 22 24.64 106.18 49.39
C GLU EA 22 25.63 105.16 48.78
N LEU EA 23 26.92 105.38 48.99
CA LEU EA 23 27.94 104.46 48.48
C LEU EA 23 27.96 103.20 49.34
N PHE EA 24 27.84 103.37 50.65
CA PHE EA 24 27.87 102.21 51.53
C PHE EA 24 26.61 101.37 51.35
N CYS EA 25 25.48 102.06 51.14
CA CYS EA 25 24.21 101.40 50.93
C CYS EA 25 24.22 100.61 49.63
N LEU EA 26 24.81 101.22 48.60
CA LEU EA 26 24.82 100.57 47.31
C LEU EA 26 25.85 99.43 47.28
N GLU EA 27 26.91 99.51 48.10
CA GLU EA 27 27.96 98.49 48.15
C GLU EA 27 27.43 97.22 48.81
N HIS EA 28 26.44 97.37 49.70
CA HIS EA 28 25.91 96.25 50.47
C HIS EA 28 24.59 95.70 49.92
N GLY EA 29 23.97 96.43 48.98
CA GLY EA 29 22.77 95.97 48.27
C GLY EA 29 21.45 96.24 49.02
N ILE EA 30 21.54 97.19 49.96
CA ILE EA 30 20.36 97.56 50.74
C ILE EA 30 19.62 98.69 50.03
N GLN EA 31 18.28 98.56 49.97
CA GLN EA 31 17.41 99.57 49.37
C GLN EA 31 17.28 100.77 50.32
N PRO EA 32 16.84 101.97 49.84
CA PRO EA 32 16.59 103.11 50.74
C PRO EA 32 15.65 102.95 51.93
N ASP EA 33 14.87 101.86 51.92
CA ASP EA 33 14.06 101.47 53.07
C ASP EA 33 14.99 100.87 54.12
N GLY EA 34 16.08 100.26 53.64
CA GLY EA 34 16.99 99.62 54.57
C GLY EA 34 16.86 98.11 54.53
N GLN EA 35 15.81 97.64 53.83
CA GLN EA 35 15.50 96.22 53.76
C GLN EA 35 16.29 95.57 52.63
N MET EA 36 16.92 94.43 52.94
CA MET EA 36 17.67 93.73 51.92
C MET EA 36 16.88 92.49 51.48
N PRO EA 37 16.68 92.31 50.15
CA PRO EA 37 15.66 91.37 49.66
C PRO EA 37 16.03 89.89 49.75
N ASP EA 47 27.86 88.51 57.46
CA ASP EA 47 27.51 89.64 58.36
C ASP EA 47 28.63 90.67 58.26
N ALA EA 48 28.80 91.19 57.05
CA ALA EA 48 29.86 92.14 56.76
C ALA EA 48 29.36 93.57 56.91
N PHE EA 49 28.05 93.78 56.71
CA PHE EA 49 27.48 95.12 56.75
C PHE EA 49 27.37 95.64 58.19
N ASN EA 50 27.50 94.76 59.20
CA ASN EA 50 27.24 95.11 60.59
C ASN EA 50 28.24 96.13 61.14
N THR EA 51 29.36 96.35 60.46
CA THR EA 51 30.37 97.24 60.99
C THR EA 51 29.96 98.71 60.85
N PHE EA 52 29.08 99.00 59.89
CA PHE EA 52 28.62 100.36 59.66
C PHE EA 52 27.11 100.51 59.83
N PHE EA 53 26.31 99.49 59.51
CA PHE EA 53 24.87 99.54 59.76
C PHE EA 53 24.55 98.71 60.99
N SER EA 54 23.43 99.06 61.64
CA SER EA 54 22.90 98.31 62.76
C SER EA 54 21.57 97.70 62.32
N GLU EA 55 21.36 96.42 62.62
CA GLU EA 55 20.08 95.77 62.34
C GLU EA 55 19.02 96.38 63.25
N THR EA 56 18.06 97.08 62.62
CA THR EA 56 17.06 97.84 63.36
C THR EA 56 15.67 97.48 62.82
N GLY EA 57 15.10 96.41 63.37
CA GLY EA 57 13.74 95.99 63.03
C GLY EA 57 13.71 94.55 62.55
N ALA EA 58 12.87 94.31 61.54
CA ALA EA 58 12.70 93.00 60.93
C ALA EA 58 13.22 93.03 59.49
N GLY EA 59 14.43 92.51 59.27
CA GLY EA 59 15.03 92.39 57.95
C GLY EA 59 15.28 93.75 57.29
N LYS EA 60 16.00 94.63 58.00
CA LYS EA 60 16.04 96.05 57.68
C LYS EA 60 17.11 96.76 58.51
N HIS EA 61 17.82 97.72 57.92
CA HIS EA 61 18.98 98.33 58.60
C HIS EA 61 18.89 99.86 58.57
N VAL EA 62 19.60 100.47 59.53
CA VAL EA 62 19.75 101.90 59.68
C VAL EA 62 21.24 102.18 59.82
N PRO EA 63 21.77 103.29 59.24
CA PRO EA 63 23.19 103.61 59.44
C PRO EA 63 23.56 103.98 60.87
N ARG EA 64 24.86 103.82 61.13
CA ARG EA 64 25.49 104.32 62.34
C ARG EA 64 26.11 105.69 62.04
N CYS EA 65 25.23 106.68 61.91
CA CYS EA 65 25.66 108.04 61.64
C CYS EA 65 24.63 109.01 62.23
N VAL EA 66 25.14 110.18 62.62
CA VAL EA 66 24.31 111.28 63.04
C VAL EA 66 24.76 112.53 62.29
N PHE EA 67 23.76 113.25 61.79
CA PHE EA 67 23.99 114.50 61.08
C PHE EA 67 23.72 115.65 62.05
N LEU EA 68 24.65 116.60 62.10
CA LEU EA 68 24.62 117.66 63.09
C LEU EA 68 25.11 118.97 62.47
N ASP EA 69 24.15 119.87 62.25
CA ASP EA 69 24.41 121.21 61.75
C ASP EA 69 23.40 122.14 62.42
N LEU EA 70 23.79 123.41 62.55
CA LEU EA 70 22.95 124.38 63.22
C LEU EA 70 21.93 125.00 62.27
N GLU EA 71 22.02 124.74 60.96
CA GLU EA 71 21.15 125.35 59.97
C GLU EA 71 20.17 124.32 59.41
N PRO EA 72 18.86 124.61 59.36
CA PRO EA 72 17.89 123.57 59.02
C PRO EA 72 17.81 123.18 57.56
N THR EA 73 18.23 124.04 56.64
CA THR EA 73 17.88 123.80 55.24
C THR EA 73 18.83 122.83 54.53
N VAL EA 74 19.89 122.41 55.25
CA VAL EA 74 20.83 121.42 54.73
C VAL EA 74 20.40 119.99 55.12
N VAL EA 75 19.75 119.86 56.28
CA VAL EA 75 19.30 118.57 56.78
C VAL EA 75 17.88 118.30 56.27
N ASP EA 76 17.09 119.35 56.06
CA ASP EA 76 15.72 119.24 55.54
C ASP EA 76 15.68 118.66 54.12
N GLU EA 77 16.82 118.70 53.45
CA GLU EA 77 16.97 117.99 52.19
C GLU EA 77 16.88 116.48 52.38
N VAL EA 78 17.49 115.99 53.46
CA VAL EA 78 17.55 114.57 53.72
C VAL EA 78 16.21 114.08 54.27
N ARG EA 79 15.54 114.88 55.10
CA ARG EA 79 14.24 114.50 55.64
C ARG EA 79 13.16 114.45 54.56
N THR EA 80 13.38 115.12 53.43
CA THR EA 80 12.43 115.10 52.33
C THR EA 80 12.93 114.27 51.15
N GLY EA 81 14.20 113.87 51.17
CA GLY EA 81 14.78 113.05 50.11
C GLY EA 81 14.22 111.62 50.06
N THR EA 82 14.73 110.74 49.19
CA THR EA 82 14.28 109.34 49.18
C THR EA 82 14.80 108.54 50.38
N TYR EA 83 15.92 108.98 50.95
CA TYR EA 83 16.49 108.44 52.17
C TYR EA 83 15.95 109.13 53.44
N ARG EA 84 14.63 109.30 53.54
CA ARG EA 84 14.03 109.75 54.79
C ARG EA 84 13.82 108.54 55.69
N HIS EA 85 13.68 107.37 55.10
CA HIS EA 85 13.41 106.15 55.82
C HIS EA 85 14.72 105.42 56.11
N LEU EA 86 15.82 105.79 55.43
CA LEU EA 86 17.07 105.11 55.68
C LEU EA 86 17.57 105.42 57.09
N PHE EA 87 17.62 106.71 57.40
CA PHE EA 87 18.09 107.14 58.69
C PHE EA 87 16.91 107.21 59.62
N HIS EA 88 17.18 106.96 60.89
CA HIS EA 88 16.19 107.28 61.90
C HIS EA 88 15.97 108.79 61.91
N PRO EA 89 14.71 109.29 61.95
CA PRO EA 89 14.46 110.73 62.03
C PRO EA 89 15.09 111.44 63.22
N GLU EA 90 15.42 110.75 64.32
CA GLU EA 90 16.10 111.37 65.47
C GLU EA 90 17.57 111.67 65.14
N GLN EA 91 18.18 110.96 64.19
CA GLN EA 91 19.61 111.15 63.97
C GLN EA 91 19.88 112.45 63.22
N LEU EA 92 18.87 112.95 62.51
CA LEU EA 92 19.00 114.16 61.72
C LEU EA 92 18.53 115.32 62.58
N ILE EA 93 19.48 115.97 63.24
CA ILE EA 93 19.18 117.03 64.19
C ILE EA 93 19.75 118.35 63.67
N SER EA 94 18.89 119.36 63.65
CA SER EA 94 19.26 120.66 63.12
C SER EA 94 18.84 121.76 64.09
N GLY EA 95 19.73 122.75 64.19
CA GLY EA 95 19.53 123.86 65.09
C GLY EA 95 18.54 124.85 64.50
N LYS EA 96 18.55 126.02 65.14
CA LYS EA 96 17.60 127.07 64.85
C LYS EA 96 18.21 127.99 63.80
N GLU EA 97 19.46 128.43 64.01
CA GLU EA 97 20.09 129.39 63.11
C GLU EA 97 21.59 129.11 62.99
N ASP EA 98 22.20 129.48 61.85
CA ASP EA 98 23.55 129.04 61.47
C ASP EA 98 24.60 129.80 62.28
N ALA EA 99 25.75 129.15 62.47
CA ALA EA 99 26.85 129.79 63.19
C ALA EA 99 27.43 130.95 62.40
N ALA EA 100 27.21 130.95 61.08
CA ALA EA 100 27.51 132.02 60.14
C ALA EA 100 29.01 132.32 60.16
N ASN EA 101 29.77 131.25 59.96
CA ASN EA 101 31.21 131.33 59.82
C ASN EA 101 31.86 132.05 61.01
N ASN EA 102 31.34 131.73 62.20
CA ASN EA 102 31.94 132.19 63.43
C ASN EA 102 32.32 130.96 64.25
N PHE EA 103 33.60 130.89 64.62
CA PHE EA 103 34.00 129.93 65.62
C PHE EA 103 33.30 130.26 66.95
N ALA EA 104 33.19 131.57 67.22
CA ALA EA 104 32.66 132.09 68.48
C ALA EA 104 31.21 131.66 68.67
N ARG EA 105 30.46 131.67 67.57
CA ARG EA 105 29.06 131.30 67.65
C ARG EA 105 28.94 129.79 67.85
N GLY EA 106 29.72 129.02 67.08
CA GLY EA 106 29.63 127.57 67.11
C GLY EA 106 30.13 126.95 68.42
N HIS EA 107 31.03 127.66 69.11
CA HIS EA 107 31.69 127.10 70.29
C HIS EA 107 31.13 127.62 71.62
N TYR EA 108 30.56 128.85 71.61
CA TYR EA 108 30.28 129.51 72.87
C TYR EA 108 28.79 129.76 73.09
N THR EA 109 28.10 130.36 72.12
CA THR EA 109 26.75 130.82 72.36
C THR EA 109 25.71 129.82 71.88
N ILE EA 110 25.67 129.57 70.57
CA ILE EA 110 24.59 128.77 70.01
C ILE EA 110 24.88 127.27 70.12
N GLY EA 111 26.09 126.92 70.59
CA GLY EA 111 26.53 125.54 70.74
C GLY EA 111 25.67 124.70 71.68
N LYS EA 112 25.36 125.23 72.87
CA LYS EA 112 24.78 124.41 73.93
C LYS EA 112 23.26 124.30 73.82
N GLU EA 113 22.70 124.58 72.63
CA GLU EA 113 21.28 124.35 72.41
C GLU EA 113 21.04 123.00 71.71
N ILE EA 114 22.10 122.41 71.16
CA ILE EA 114 21.96 121.19 70.37
C ILE EA 114 22.94 120.12 70.84
N VAL EA 115 23.98 120.49 71.58
CA VAL EA 115 25.04 119.53 71.91
C VAL EA 115 24.60 118.63 73.06
N ASP EA 116 23.67 119.12 73.88
CA ASP EA 116 23.17 118.39 75.04
C ASP EA 116 22.43 117.12 74.62
N LEU EA 117 21.81 117.17 73.43
CA LEU EA 117 21.07 116.02 72.94
C LEU EA 117 21.85 115.26 71.86
N SER EA 118 22.92 115.86 71.33
CA SER EA 118 23.80 115.13 70.42
C SER EA 118 24.59 114.07 71.17
N LEU EA 119 25.10 114.40 72.38
CA LEU EA 119 25.79 113.44 73.25
C LEU EA 119 24.83 112.31 73.64
N ASP EA 120 23.55 112.68 73.81
CA ASP EA 120 22.53 111.71 74.19
C ASP EA 120 22.39 110.65 73.10
N ARG EA 121 22.40 111.07 71.83
CA ARG EA 121 22.11 110.15 70.75
C ARG EA 121 23.32 109.26 70.46
N ILE EA 122 24.52 109.83 70.52
CA ILE EA 122 25.72 109.06 70.20
C ILE EA 122 26.02 108.07 71.33
N ARG EA 123 25.53 108.38 72.54
CA ARG EA 123 25.59 107.42 73.63
C ARG EA 123 24.69 106.22 73.28
N LYS EA 124 23.53 106.49 72.65
CA LYS EA 124 22.57 105.45 72.31
C LYS EA 124 23.14 104.50 71.26
N LEU EA 125 23.90 105.05 70.30
CA LEU EA 125 24.49 104.20 69.29
C LEU EA 125 25.68 103.41 69.85
N ALA EA 126 26.52 104.07 70.66
CA ALA EA 126 27.76 103.46 71.13
C ALA EA 126 27.49 102.39 72.20
N ASP EA 127 26.34 102.47 72.87
CA ASP EA 127 26.11 101.53 73.95
C ASP EA 127 25.49 100.23 73.44
N ASN EA 128 25.24 100.17 72.12
CA ASN EA 128 24.79 98.95 71.45
C ASN EA 128 25.84 97.84 71.62
N CYS EA 129 27.11 98.18 71.41
CA CYS EA 129 28.20 97.25 71.56
C CYS EA 129 29.39 97.99 72.15
N THR EA 130 29.97 97.41 73.21
CA THR EA 130 31.22 97.87 73.76
C THR EA 130 32.36 97.19 73.01
N GLY EA 131 33.33 97.99 72.58
CA GLY EA 131 34.29 97.54 71.59
C GLY EA 131 34.10 98.28 70.27
N LEU EA 132 33.73 99.57 70.42
CA LEU EA 132 33.72 100.47 69.27
C LEU EA 132 35.15 100.77 68.86
N GLN EA 133 35.40 100.74 67.53
CA GLN EA 133 36.71 101.09 67.01
C GLN EA 133 36.96 102.58 67.26
N GLY EA 134 35.90 103.38 67.09
CA GLY EA 134 36.04 104.79 67.29
C GLY EA 134 35.02 105.58 66.50
N PHE EA 135 35.48 106.70 65.94
CA PHE EA 135 34.60 107.66 65.29
C PHE EA 135 35.25 108.15 64.00
N LEU EA 136 34.39 108.59 63.08
CA LEU EA 136 34.84 109.31 61.89
C LEU EA 136 34.21 110.70 61.89
N MET EA 137 35.00 111.67 62.37
CA MET EA 137 34.69 113.09 62.32
C MET EA 137 34.60 113.48 60.83
N PHE EA 138 33.69 114.41 60.53
CA PHE EA 138 33.71 115.08 59.24
C PHE EA 138 33.42 116.55 59.49
N ASN EA 139 34.44 117.40 59.25
CA ASN EA 139 34.23 118.83 59.30
C ASN EA 139 35.29 119.54 58.47
N ALA EA 140 34.94 120.77 58.04
CA ALA EA 140 35.87 121.66 57.39
C ALA EA 140 36.32 122.69 58.40
N VAL EA 141 37.63 122.81 58.62
CA VAL EA 141 38.13 123.65 59.68
C VAL EA 141 38.02 125.13 59.29
N GLY EA 142 37.69 125.41 58.01
CA GLY EA 142 37.54 126.78 57.52
C GLY EA 142 36.27 127.47 58.03
N GLY EA 143 35.18 126.70 58.08
CA GLY EA 143 33.84 127.18 58.37
C GLY EA 143 33.62 127.44 59.87
N GLY EA 144 32.36 127.75 60.21
CA GLY EA 144 32.04 128.17 61.56
C GLY EA 144 31.65 126.99 62.42
N THR EA 145 30.56 126.32 62.02
CA THR EA 145 30.00 125.25 62.81
C THR EA 145 30.89 124.00 62.76
N GLY EA 146 31.53 123.80 61.60
CA GLY EA 146 32.45 122.70 61.43
C GLY EA 146 33.67 122.81 62.34
N SER EA 147 34.12 124.05 62.57
CA SER EA 147 35.27 124.29 63.41
C SER EA 147 34.83 124.47 64.87
N GLY EA 148 33.75 125.25 65.05
CA GLY EA 148 33.26 125.61 66.37
C GLY EA 148 32.70 124.42 67.13
N LEU EA 149 31.57 123.91 66.62
CA LEU EA 149 30.83 122.83 67.26
C LEU EA 149 31.68 121.55 67.24
N GLY EA 150 32.59 121.46 66.25
CA GLY EA 150 33.48 120.31 66.12
C GLY EA 150 34.44 120.19 67.30
N CYS EA 151 34.99 121.33 67.75
CA CYS EA 151 35.89 121.34 68.89
C CYS EA 151 35.15 120.97 70.17
N LEU EA 152 33.95 121.54 70.36
CA LEU EA 152 33.19 121.32 71.60
C LEU EA 152 32.72 119.86 71.67
N LEU EA 153 32.33 119.29 70.53
CA LEU EA 153 31.89 117.90 70.47
C LEU EA 153 33.04 116.95 70.81
N LEU EA 154 34.25 117.28 70.34
CA LEU EA 154 35.39 116.43 70.58
C LEU EA 154 35.91 116.58 72.02
N GLU EA 155 35.74 117.77 72.61
CA GLU EA 155 36.03 117.98 74.02
C GLU EA 155 35.18 117.04 74.89
N ARG EA 156 33.86 116.95 74.61
CA ARG EA 156 32.97 116.09 75.36
C ARG EA 156 33.26 114.62 75.04
N LEU EA 157 33.65 114.32 73.79
CA LEU EA 157 33.93 112.95 73.39
C LEU EA 157 35.21 112.44 74.03
N SER EA 158 36.20 113.33 74.20
CA SER EA 158 37.48 112.95 74.79
C SER EA 158 37.30 112.55 76.26
N VAL EA 159 36.61 113.41 77.01
CA VAL EA 159 36.48 113.24 78.45
C VAL EA 159 35.52 112.10 78.79
N ASP EA 160 34.71 111.66 77.83
CA ASP EA 160 33.79 110.56 78.08
C ASP EA 160 34.42 109.23 77.69
N TYR EA 161 34.78 109.11 76.41
CA TYR EA 161 35.45 107.93 75.92
C TYR EA 161 36.91 108.30 75.74
N GLY EA 162 37.74 107.80 76.68
CA GLY EA 162 39.12 108.23 76.79
C GLY EA 162 39.96 107.70 75.63
N LYS EA 163 39.81 106.41 75.35
CA LYS EA 163 40.77 105.67 74.54
C LYS EA 163 40.16 105.13 73.23
N LYS EA 164 39.20 105.83 72.60
CA LYS EA 164 38.76 105.36 71.29
C LYS EA 164 39.49 106.11 70.18
N SER EA 165 39.57 105.52 68.98
CA SER EA 165 40.14 106.16 67.80
C SER EA 165 39.27 107.33 67.36
N LYS EA 166 39.87 108.45 66.93
CA LYS EA 166 39.12 109.59 66.42
C LYS EA 166 39.82 110.10 65.16
N LEU EA 167 39.21 109.78 64.01
CA LEU EA 167 39.78 110.12 62.72
C LEU EA 167 39.06 111.33 62.14
N ASN EA 168 39.73 112.49 62.20
CA ASN EA 168 39.17 113.71 61.67
C ASN EA 168 39.41 113.76 60.16
N PHE EA 169 38.39 114.25 59.46
CA PHE EA 169 38.45 114.36 58.01
C PHE EA 169 38.37 115.83 57.65
N CYS EA 170 39.51 116.53 57.73
CA CYS EA 170 39.52 117.98 57.69
C CYS EA 170 39.54 118.47 56.25
N SER EA 171 38.47 119.20 55.89
CA SER EA 171 38.37 119.83 54.59
C SER EA 171 39.01 121.21 54.67
N TRP EA 172 40.34 121.22 54.60
CA TRP EA 172 41.16 122.39 54.91
C TRP EA 172 41.00 123.45 53.81
N PRO EA 173 41.08 124.75 54.15
CA PRO EA 173 41.03 125.80 53.13
C PRO EA 173 42.24 125.86 52.21
N SER EA 174 42.00 125.96 50.89
CA SER EA 174 43.05 125.91 49.87
C SER EA 174 43.94 127.16 49.96
N PRO EA 175 45.22 127.13 49.48
CA PRO EA 175 46.09 128.30 49.56
C PRO EA 175 45.55 129.63 49.02
N GLN EA 176 45.32 129.69 47.71
CA GLN EA 176 44.91 130.95 47.06
C GLN EA 176 43.38 131.00 46.98
N VAL EA 177 42.73 130.00 46.33
CA VAL EA 177 41.27 129.98 46.32
C VAL EA 177 40.78 129.52 47.70
N SER EA 178 39.81 130.22 48.30
CA SER EA 178 39.45 129.91 49.68
C SER EA 178 37.95 129.99 49.94
N THR EA 179 37.21 130.73 49.09
CA THR EA 179 35.75 130.87 49.12
C THR EA 179 35.21 131.33 50.48
N ALA EA 180 36.01 132.07 51.25
CA ALA EA 180 35.59 132.85 52.41
C ALA EA 180 36.67 133.89 52.70
N VAL EA 181 36.41 134.77 53.67
CA VAL EA 181 37.36 135.82 54.06
C VAL EA 181 37.88 135.59 55.48
N VAL EA 182 37.07 135.06 56.40
CA VAL EA 182 37.47 134.91 57.80
C VAL EA 182 38.19 133.59 58.07
N GLU EA 183 38.45 132.81 57.02
CA GLU EA 183 39.02 131.47 57.17
C GLU EA 183 40.46 131.50 57.71
N PRO EA 184 41.28 132.54 57.46
CA PRO EA 184 42.51 132.68 58.22
C PRO EA 184 42.32 132.73 59.74
N TYR EA 185 41.21 133.31 60.22
CA TYR EA 185 41.02 133.39 61.66
C TYR EA 185 40.58 132.04 62.21
N ASN EA 186 39.68 131.37 61.49
CA ASN EA 186 39.00 130.20 62.01
C ASN EA 186 39.97 129.02 62.14
N SER EA 187 40.73 128.75 61.07
CA SER EA 187 41.52 127.52 61.01
C SER EA 187 42.80 127.63 61.83
N VAL EA 188 43.28 128.85 62.08
CA VAL EA 188 44.45 129.05 62.94
C VAL EA 188 44.11 128.64 64.38
N LEU EA 189 42.94 129.09 64.86
CA LEU EA 189 42.52 128.81 66.22
C LEU EA 189 41.64 127.56 66.33
N SER EA 190 41.24 126.96 65.20
CA SER EA 190 40.59 125.67 65.27
C SER EA 190 41.61 124.59 65.62
N THR EA 191 42.79 124.68 65.01
CA THR EA 191 43.81 123.66 65.17
C THR EA 191 44.50 123.77 66.53
N HIS EA 192 44.33 124.92 67.20
CA HIS EA 192 44.82 125.06 68.57
C HIS EA 192 44.19 124.01 69.48
N SER EA 193 42.86 123.97 69.47
CA SER EA 193 42.15 123.06 70.35
C SER EA 193 41.72 121.79 69.58
N LEU EA 194 42.34 121.54 68.41
CA LEU EA 194 42.18 120.29 67.67
C LEU EA 194 43.39 119.38 67.86
N LEU EA 195 44.54 119.96 68.23
CA LEU EA 195 45.75 119.18 68.51
C LEU EA 195 45.52 118.18 69.65
N GLU EA 196 44.81 118.60 70.70
CA GLU EA 196 44.67 117.77 71.89
C GLU EA 196 43.35 116.99 71.88
N HIS EA 197 42.74 116.78 70.71
CA HIS EA 197 41.52 116.00 70.72
C HIS EA 197 41.53 114.86 69.71
N THR EA 198 42.05 115.11 68.50
CA THR EA 198 41.96 114.15 67.41
C THR EA 198 43.20 113.27 67.39
N ASP EA 199 43.14 112.21 66.58
CA ASP EA 199 44.20 111.23 66.52
C ASP EA 199 44.83 111.17 65.12
N VAL EA 200 43.97 111.11 64.09
CA VAL EA 200 44.43 111.18 62.72
C VAL EA 200 43.58 112.23 62.04
N ALA EA 201 44.23 113.30 61.56
CA ALA EA 201 43.57 114.38 60.85
C ALA EA 201 44.15 114.46 59.44
N VAL EA 202 43.47 113.81 58.49
CA VAL EA 202 43.92 113.84 57.10
C VAL EA 202 43.36 115.10 56.45
N MET EA 203 44.21 115.76 55.68
CA MET EA 203 43.88 117.06 55.11
C MET EA 203 43.52 116.92 53.64
N LEU EA 204 42.37 117.51 53.26
CA LEU EA 204 41.97 117.71 51.88
C LEU EA 204 41.69 119.19 51.63
N ASP EA 205 42.35 119.73 50.58
CA ASP EA 205 42.08 121.07 50.10
C ASP EA 205 41.19 121.01 48.87
N ASN EA 206 40.24 121.94 48.74
CA ASN EA 206 39.24 121.90 47.70
C ASN EA 206 39.82 122.13 46.31
N GLU EA 207 40.81 123.02 46.16
CA GLU EA 207 41.29 123.32 44.82
C GLU EA 207 42.25 122.25 44.32
N ALA EA 208 42.84 121.45 45.23
CA ALA EA 208 43.59 120.26 44.82
C ALA EA 208 42.66 119.22 44.18
N ILE EA 209 41.44 119.13 44.72
CA ILE EA 209 40.44 118.23 44.17
C ILE EA 209 39.95 118.83 42.84
N TYR EA 210 39.96 120.17 42.76
CA TYR EA 210 39.50 120.88 41.57
C TYR EA 210 40.38 120.60 40.36
N ASP EA 211 41.69 120.73 40.53
CA ASP EA 211 42.59 120.62 39.39
C ASP EA 211 42.99 119.18 39.13
N ILE EA 212 42.73 118.25 40.05
CA ILE EA 212 42.96 116.85 39.72
C ILE EA 212 41.79 116.33 38.87
N CYS EA 213 40.62 116.98 39.00
CA CYS EA 213 39.48 116.66 38.14
C CYS EA 213 39.73 117.15 36.73
N ARG EA 214 40.46 118.26 36.66
CA ARG EA 214 40.72 118.84 35.36
C ARG EA 214 41.79 118.03 34.62
N ARG EA 215 42.85 117.63 35.32
CA ARG EA 215 44.01 116.95 34.74
C ARG EA 215 43.72 115.50 34.37
N ASN EA 216 42.87 114.80 35.13
CA ASN EA 216 42.60 113.38 34.92
C ASN EA 216 41.26 113.14 34.24
N LEU EA 217 40.21 113.67 34.89
CA LEU EA 217 38.88 113.37 34.41
C LEU EA 217 38.48 114.28 33.27
N ASP EA 218 39.28 115.33 33.00
CA ASP EA 218 38.95 116.25 31.91
C ASP EA 218 37.60 116.91 32.19
N ILE EA 219 37.39 117.29 33.46
CA ILE EA 219 36.18 117.97 33.89
C ILE EA 219 36.57 119.40 34.23
N GLU EA 220 35.93 120.31 33.49
CA GLU EA 220 36.08 121.74 33.67
C GLU EA 220 34.86 122.31 34.40
N ARG EA 221 33.90 121.46 34.78
CA ARG EA 221 32.63 121.88 35.34
C ARG EA 221 32.21 120.99 36.51
N PRO EA 222 33.04 120.85 37.57
CA PRO EA 222 32.63 119.98 38.66
C PRO EA 222 31.71 120.71 39.64
N THR EA 223 30.64 120.05 40.09
CA THR EA 223 29.84 120.56 41.20
C THR EA 223 30.38 120.03 42.53
N TYR EA 224 29.73 120.39 43.65
CA TYR EA 224 30.04 119.81 44.95
C TYR EA 224 29.83 118.30 45.02
N THR EA 225 28.82 117.78 44.34
CA THR EA 225 28.54 116.35 44.41
C THR EA 225 29.65 115.53 43.76
N ASN EA 226 30.24 116.05 42.70
CA ASN EA 226 31.38 115.41 42.05
C ASN EA 226 32.63 115.40 42.93
N LEU EA 227 32.78 116.39 43.82
CA LEU EA 227 33.85 116.35 44.83
C LEU EA 227 33.60 115.23 45.84
N ASN EA 228 32.32 115.05 46.20
CA ASN EA 228 31.91 114.14 47.24
C ASN EA 228 32.06 112.68 46.83
N ARG EA 229 31.93 112.39 45.52
CA ARG EA 229 32.10 111.03 45.00
C ARG EA 229 33.53 110.59 45.25
N LEU EA 230 34.47 111.52 45.06
CA LEU EA 230 35.86 111.17 45.21
C LEU EA 230 36.23 111.01 46.66
N ILE EA 231 35.58 111.75 47.57
CA ILE EA 231 35.89 111.59 48.98
C ILE EA 231 35.37 110.24 49.45
N ALA EA 232 34.15 109.85 49.03
CA ALA EA 232 33.51 108.63 49.53
C ALA EA 232 34.30 107.40 49.08
N GLN EA 233 34.95 107.48 47.91
CA GLN EA 233 35.76 106.37 47.42
C GLN EA 233 37.05 106.27 48.24
N VAL EA 234 37.59 107.40 48.72
CA VAL EA 234 38.72 107.42 49.63
C VAL EA 234 38.30 106.82 50.98
N ILE EA 235 37.09 107.18 51.43
CA ILE EA 235 36.53 106.65 52.66
C ILE EA 235 36.29 105.15 52.54
N SER EA 236 35.74 104.71 51.39
CA SER EA 236 35.42 103.30 51.17
C SER EA 236 36.71 102.47 51.11
N SER EA 237 37.75 103.03 50.47
CA SER EA 237 39.04 102.35 50.40
C SER EA 237 39.74 102.36 51.76
N LEU EA 238 39.40 103.33 52.62
CA LEU EA 238 40.07 103.49 53.90
C LEU EA 238 39.62 102.43 54.90
N THR EA 239 38.37 101.98 54.75
CA THR EA 239 37.73 101.08 55.70
C THR EA 239 37.32 99.79 55.01
N ALA EA 240 37.98 99.46 53.90
CA ALA EA 240 37.60 98.25 53.18
C ALA EA 240 38.01 97.00 53.96
N SER EA 241 39.21 97.06 54.57
CA SER EA 241 39.77 95.95 55.31
C SER EA 241 38.94 95.66 56.56
N LEU EA 242 38.39 96.71 57.16
CA LEU EA 242 37.50 96.57 58.31
C LEU EA 242 36.22 95.85 57.91
N ARG EA 243 35.82 95.99 56.64
CA ARG EA 243 34.45 95.66 56.27
C ARG EA 243 34.43 94.34 55.50
N PHE EA 244 35.51 94.07 54.77
CA PHE EA 244 35.65 92.86 53.97
C PHE EA 244 37.01 92.25 54.25
N ASP EA 245 37.11 90.92 54.17
CA ASP EA 245 38.37 90.25 54.42
C ASP EA 245 39.25 90.32 53.18
N GLY EA 246 40.57 90.33 53.40
CA GLY EA 246 41.54 90.37 52.31
C GLY EA 246 42.84 89.68 52.66
N ALA EA 247 43.81 89.75 51.74
CA ALA EA 247 45.11 89.14 51.92
C ALA EA 247 45.90 89.75 53.10
N LEU EA 248 45.82 91.08 53.30
CA LEU EA 248 46.50 91.72 54.41
C LEU EA 248 45.70 92.95 54.82
N ASN EA 249 45.08 92.89 56.00
CA ASN EA 249 44.09 93.88 56.42
C ASN EA 249 44.68 94.87 57.41
N VAL EA 250 44.07 96.07 57.44
CA VAL EA 250 44.54 97.22 58.20
C VAL EA 250 43.33 97.84 58.89
N ASP EA 251 43.40 97.96 60.22
CA ASP EA 251 42.29 98.41 61.03
C ASP EA 251 42.32 99.94 61.17
N VAL EA 252 41.51 100.47 62.10
CA VAL EA 252 41.46 101.90 62.31
C VAL EA 252 42.43 102.31 63.41
N THR EA 253 42.54 101.43 64.45
CA THR EA 253 43.60 101.59 65.44
C THR EA 253 44.97 101.47 64.77
N GLU EA 254 45.02 100.71 63.68
CA GLU EA 254 46.23 100.45 62.88
C GLU EA 254 46.88 101.75 62.37
N PHE EA 255 46.11 102.80 62.07
CA PHE EA 255 46.66 104.02 61.49
C PHE EA 255 47.46 104.83 62.49
N GLN EA 256 46.94 105.00 63.70
CA GLN EA 256 47.55 105.94 64.65
C GLN EA 256 48.95 105.46 65.02
N THR EA 257 49.15 104.17 65.22
CA THR EA 257 50.48 103.71 65.56
C THR EA 257 51.42 103.83 64.37
N ASN EA 258 50.86 103.80 63.16
CA ASN EA 258 51.67 103.62 61.96
C ASN EA 258 52.00 104.90 61.22
N LEU EA 259 51.46 106.04 61.68
CA LEU EA 259 51.68 107.27 60.94
C LEU EA 259 52.00 108.46 61.83
N VAL EA 260 52.03 108.26 63.17
CA VAL EA 260 52.24 109.37 64.08
C VAL EA 260 53.50 109.13 64.90
N PRO EA 261 54.67 109.62 64.45
CA PRO EA 261 55.93 109.38 65.17
C PRO EA 261 56.02 110.05 66.55
N TYR EA 262 55.75 111.35 66.60
CA TYR EA 262 55.57 112.01 67.87
C TYR EA 262 54.13 112.51 67.97
N PRO EA 263 53.59 112.68 69.21
CA PRO EA 263 52.17 112.93 69.40
C PRO EA 263 51.57 114.15 68.67
N ARG EA 264 52.39 115.17 68.47
CA ARG EA 264 51.90 116.42 67.90
C ARG EA 264 51.66 116.26 66.39
N ILE EA 265 52.61 115.60 65.71
CA ILE EA 265 52.61 115.54 64.26
C ILE EA 265 51.64 114.44 63.82
N HIS EA 266 50.39 114.83 63.59
CA HIS EA 266 49.39 113.85 63.16
C HIS EA 266 48.52 114.40 62.04
N PHE EA 267 49.16 115.16 61.14
CA PHE EA 267 48.49 115.72 59.98
C PHE EA 267 49.01 115.04 58.72
N MET EA 268 48.10 114.41 57.97
CA MET EA 268 48.55 113.59 56.84
C MET EA 268 47.82 113.98 55.56
N LEU EA 269 48.49 113.71 54.44
CA LEU EA 269 47.99 114.05 53.11
C LEU EA 269 47.20 112.85 52.56
N SER EA 270 46.69 112.94 51.33
CA SER EA 270 46.04 111.80 50.69
C SER EA 270 46.28 111.82 49.19
N SER EA 271 46.10 110.65 48.56
CA SER EA 271 46.07 110.53 47.11
C SER EA 271 45.24 109.32 46.75
N TYR EA 272 44.87 109.26 45.49
CA TYR EA 272 44.13 108.12 45.04
C TYR EA 272 44.51 107.82 43.61
N ALA EA 273 44.52 106.53 43.30
CA ALA EA 273 44.87 106.06 41.99
C ALA EA 273 44.18 104.72 41.74
N PRO EA 274 43.48 104.56 40.57
CA PRO EA 274 43.39 105.64 39.58
C PRO EA 274 42.11 106.43 39.76
N ILE EA 275 42.06 107.59 39.10
CA ILE EA 275 40.80 108.28 38.89
C ILE EA 275 40.63 108.52 37.39
N ILE EA 276 39.89 107.60 36.78
CA ILE EA 276 39.80 107.49 35.33
C ILE EA 276 38.33 107.20 35.01
N SER EA 277 37.92 107.54 33.78
CA SER EA 277 36.55 107.46 33.31
C SER EA 277 36.34 106.26 32.39
N ALA EA 278 35.13 106.19 31.76
CA ALA EA 278 34.73 105.21 30.75
C ALA EA 278 35.66 105.26 29.54
N GLU EA 279 36.18 106.47 29.32
CA GLU EA 279 37.10 106.75 28.22
C GLU EA 279 38.48 106.11 28.47
N LYS EA 280 38.87 105.90 29.72
CA LYS EA 280 40.24 105.49 30.02
C LYS EA 280 40.33 104.00 30.38
N ALA EA 281 39.34 103.51 31.13
CA ALA EA 281 39.37 102.10 31.54
C ALA EA 281 39.19 101.18 30.33
N TYR EA 282 38.60 101.75 29.27
CA TYR EA 282 38.45 101.06 27.99
C TYR EA 282 39.81 100.71 27.36
N HIS EA 283 40.89 101.34 27.81
CA HIS EA 283 42.12 101.26 27.03
C HIS EA 283 43.36 100.99 27.85
N GLU EA 284 43.25 100.93 29.18
CA GLU EA 284 44.47 100.97 29.96
C GLU EA 284 44.54 99.79 30.91
N GLN EA 285 45.76 99.26 31.01
CA GLN EA 285 46.07 98.30 32.03
C GLN EA 285 46.47 99.04 33.30
N LEU EA 286 45.82 98.68 34.41
CA LEU EA 286 46.00 99.41 35.64
C LEU EA 286 46.89 98.61 36.58
N SER EA 287 48.02 98.12 36.04
CA SER EA 287 48.94 97.24 36.74
C SER EA 287 49.49 97.95 37.97
N VAL EA 288 49.93 97.12 38.93
CA VAL EA 288 50.23 97.61 40.26
C VAL EA 288 51.47 98.48 40.21
N ALA EA 289 52.44 98.11 39.36
CA ALA EA 289 53.75 98.75 39.30
C ALA EA 289 53.65 100.21 38.85
N GLU EA 290 52.52 100.66 38.27
CA GLU EA 290 52.42 102.01 37.73
C GLU EA 290 51.27 102.82 38.32
N ILE EA 291 50.32 102.16 38.98
CA ILE EA 291 49.31 102.90 39.72
C ILE EA 291 49.88 103.40 41.05
N THR EA 292 51.05 102.87 41.44
CA THR EA 292 51.74 103.39 42.59
C THR EA 292 52.61 104.58 42.21
N ASN EA 293 53.05 104.63 40.94
CA ASN EA 293 53.78 105.80 40.46
C ASN EA 293 52.88 107.03 40.44
N SER EA 294 51.68 106.86 39.87
CA SER EA 294 50.69 107.92 39.82
C SER EA 294 50.18 108.26 41.22
N ALA EA 295 50.45 107.38 42.20
CA ALA EA 295 50.11 107.69 43.60
C ALA EA 295 51.06 108.74 44.17
N PHE EA 296 52.35 108.68 43.83
CA PHE EA 296 53.34 109.56 44.43
C PHE EA 296 53.66 110.78 43.58
N GLU EA 297 53.00 110.95 42.42
CA GLU EA 297 53.23 112.14 41.63
C GLU EA 297 52.66 113.35 42.36
N PRO EA 298 53.37 114.51 42.35
CA PRO EA 298 52.89 115.72 43.04
C PRO EA 298 51.57 116.27 42.50
N ALA EA 299 51.19 115.88 41.28
CA ALA EA 299 49.94 116.36 40.71
C ALA EA 299 48.73 115.67 41.35
N SER EA 300 48.92 114.47 41.91
CA SER EA 300 47.83 113.68 42.47
C SER EA 300 47.68 113.82 43.98
N MET EA 301 48.51 114.65 44.62
CA MET EA 301 48.25 114.98 46.02
C MET EA 301 46.91 115.72 46.10
N MET EA 302 46.12 115.42 47.13
CA MET EA 302 44.83 116.08 47.27
C MET EA 302 44.89 117.22 48.29
N ALA EA 303 45.96 118.04 48.23
CA ALA EA 303 46.21 119.05 49.25
C ALA EA 303 46.94 120.32 48.76
N LYS EA 304 47.46 120.37 47.52
CA LYS EA 304 48.34 121.46 47.06
C LYS EA 304 49.50 121.75 48.03
N CYS EA 305 49.97 120.70 48.68
CA CYS EA 305 51.22 120.78 49.41
C CYS EA 305 52.25 120.04 48.58
N ASP EA 306 53.03 120.79 47.80
CA ASP EA 306 54.06 120.26 46.93
C ASP EA 306 55.08 119.44 47.73
N PRO EA 307 55.08 118.10 47.63
CA PRO EA 307 55.90 117.29 48.53
C PRO EA 307 57.40 117.29 48.22
N ARG EA 308 57.74 117.95 47.11
CA ARG EA 308 59.10 117.95 46.60
C ARG EA 308 60.01 118.74 47.55
N HIS EA 309 59.43 119.66 48.33
CA HIS EA 309 60.21 120.41 49.30
C HIS EA 309 59.95 119.95 50.73
N GLY EA 310 59.81 118.64 50.87
CA GLY EA 310 59.73 118.05 52.19
C GLY EA 310 60.16 116.59 52.14
N LYS EA 311 60.68 116.15 53.28
CA LYS EA 311 61.23 114.82 53.41
C LYS EA 311 60.20 113.89 54.06
N TYR EA 312 60.03 112.69 53.47
CA TYR EA 312 58.97 111.77 53.84
C TYR EA 312 59.28 111.15 55.21
N MET EA 313 58.24 111.22 56.06
CA MET EA 313 58.39 110.66 57.39
C MET EA 313 57.99 109.18 57.40
N ALA EA 314 56.85 108.91 56.74
CA ALA EA 314 56.24 107.59 56.67
C ALA EA 314 55.24 107.60 55.53
N CYS EA 315 54.76 106.41 55.17
CA CYS EA 315 53.73 106.33 54.15
C CYS EA 315 52.91 105.07 54.36
N CYS EA 316 51.61 105.16 54.01
CA CYS EA 316 50.68 104.04 54.12
C CYS EA 316 49.93 103.90 52.80
N LEU EA 317 49.82 102.66 52.32
CA LEU EA 317 49.13 102.39 51.07
C LEU EA 317 48.06 101.32 51.32
N MET EA 318 46.85 101.58 50.81
CA MET EA 318 45.74 100.65 50.94
C MET EA 318 45.32 100.21 49.55
N TYR EA 319 45.88 99.07 49.12
CA TYR EA 319 45.54 98.51 47.83
C TYR EA 319 44.20 97.82 47.93
N ARG EA 320 43.49 97.83 46.81
CA ARG EA 320 42.23 97.11 46.71
C ARG EA 320 42.20 96.34 45.41
N GLY EA 321 41.31 95.33 45.33
CA GLY EA 321 41.02 94.59 44.10
C GLY EA 321 41.94 93.37 43.94
N ASP EA 322 42.37 93.07 42.70
CA ASP EA 322 43.14 91.86 42.45
C ASP EA 322 44.63 92.17 42.51
N VAL EA 323 45.24 92.09 43.70
CA VAL EA 323 46.67 92.41 43.76
C VAL EA 323 47.49 91.32 44.46
N VAL EA 324 48.54 90.87 43.76
CA VAL EA 324 49.36 89.76 44.18
C VAL EA 324 50.69 90.29 44.69
N PRO EA 325 51.37 89.49 45.54
CA PRO EA 325 52.36 90.01 46.50
C PRO EA 325 53.67 90.62 45.97
N LYS EA 326 54.23 89.93 44.99
CA LYS EA 326 55.56 90.37 44.58
C LYS EA 326 55.42 91.52 43.61
N ASP EA 327 54.22 91.71 43.07
CA ASP EA 327 53.96 92.98 42.38
C ASP EA 327 54.10 94.17 43.34
N VAL EA 328 53.62 93.98 44.57
CA VAL EA 328 53.71 95.01 45.58
C VAL EA 328 55.17 95.18 46.02
N ASN EA 329 55.86 94.03 46.21
CA ASN EA 329 57.19 94.04 46.76
C ASN EA 329 58.15 94.69 45.76
N ALA EA 330 57.96 94.40 44.46
CA ALA EA 330 58.87 94.94 43.47
C ALA EA 330 58.56 96.42 43.28
N ALA EA 331 57.27 96.80 43.33
CA ALA EA 331 56.89 98.17 43.02
C ALA EA 331 57.40 99.14 44.08
N VAL EA 332 57.28 98.75 45.36
CA VAL EA 332 57.70 99.61 46.47
C VAL EA 332 59.23 99.72 46.47
N ALA EA 333 59.90 98.72 45.89
CA ALA EA 333 61.35 98.74 45.79
C ALA EA 333 61.80 99.78 44.75
N THR EA 334 60.96 100.02 43.74
CA THR EA 334 61.30 100.99 42.70
C THR EA 334 61.23 102.40 43.27
N ILE EA 335 60.34 102.61 44.24
CA ILE EA 335 60.11 103.93 44.79
C ILE EA 335 61.29 104.36 45.67
N LYS EA 336 61.83 103.43 46.47
CA LYS EA 336 62.90 103.77 47.39
C LYS EA 336 64.15 104.20 46.63
N THR EA 337 64.40 103.49 45.51
CA THR EA 337 65.56 103.77 44.69
C THR EA 337 65.42 105.08 43.92
N LYS EA 338 64.18 105.58 43.74
CA LYS EA 338 63.92 106.83 43.06
C LYS EA 338 64.45 107.98 43.94
N ARG EA 339 64.97 109.02 43.28
CA ARG EA 339 65.67 110.07 44.00
C ARG EA 339 64.74 111.15 44.54
N THR EA 340 63.72 111.52 43.75
CA THR EA 340 62.82 112.63 44.02
C THR EA 340 62.01 112.47 45.31
N ILE EA 341 61.89 111.23 45.80
CA ILE EA 341 61.06 110.92 46.95
C ILE EA 341 61.99 110.76 48.15
N GLN EA 342 62.20 111.86 48.87
CA GLN EA 342 63.25 111.96 49.89
C GLN EA 342 62.74 111.37 51.20
N PHE EA 343 63.22 110.19 51.64
CA PHE EA 343 62.83 109.71 52.96
C PHE EA 343 63.73 110.34 54.03
N VAL EA 344 63.27 110.28 55.28
CA VAL EA 344 64.00 110.93 56.36
C VAL EA 344 65.20 110.07 56.76
N ASP EA 345 66.14 110.69 57.49
CA ASP EA 345 67.36 110.05 57.99
C ASP EA 345 67.06 108.81 58.86
N TRP EA 346 66.12 108.94 59.79
CA TRP EA 346 66.02 107.99 60.89
C TRP EA 346 64.83 107.05 60.67
N CYS EA 347 64.32 106.97 59.43
CA CYS EA 347 63.26 106.03 59.07
C CYS EA 347 63.74 105.23 57.86
N PRO EA 348 64.68 104.28 58.03
CA PRO EA 348 65.04 103.37 56.93
C PRO EA 348 63.88 102.47 56.53
N THR EA 349 62.98 102.14 57.47
CA THR EA 349 61.80 101.37 57.15
C THR EA 349 60.64 102.27 56.78
N GLY EA 350 60.55 102.73 55.53
CA GLY EA 350 59.64 103.85 55.28
C GLY EA 350 58.21 103.54 54.80
N PHE EA 351 57.72 102.28 54.93
CA PHE EA 351 56.46 101.94 54.26
C PHE EA 351 55.49 101.14 55.13
N LYS EA 352 54.27 100.92 54.58
CA LYS EA 352 53.18 100.26 55.27
C LYS EA 352 52.05 100.05 54.26
N CYS EA 353 51.83 98.81 53.88
CA CYS EA 353 50.96 98.56 52.75
C CYS EA 353 50.02 97.39 53.05
N GLY EA 354 48.87 97.36 52.39
CA GLY EA 354 47.75 96.47 52.74
C GLY EA 354 46.99 96.09 51.47
N ILE EA 355 46.26 94.96 51.50
CA ILE EA 355 45.58 94.43 50.34
C ILE EA 355 44.16 94.02 50.73
N ASN EA 356 43.16 94.39 49.92
CA ASN EA 356 41.79 93.91 50.08
C ASN EA 356 41.31 93.24 48.80
N TYR EA 357 40.36 92.29 48.86
CA TYR EA 357 40.07 91.44 47.71
C TYR EA 357 38.99 92.04 46.82
N GLN EA 358 37.99 92.65 47.46
CA GLN EA 358 36.87 93.18 46.71
C GLN EA 358 37.38 94.31 45.79
N PRO EA 359 36.81 94.40 44.57
CA PRO EA 359 37.13 95.52 43.70
C PRO EA 359 36.40 96.78 44.20
N PRO EA 360 36.82 97.98 43.79
CA PRO EA 360 36.05 99.19 44.02
C PRO EA 360 34.69 99.11 43.34
N THR EA 361 33.69 99.62 44.06
CA THR EA 361 32.33 99.69 43.58
C THR EA 361 32.09 101.09 43.03
N VAL EA 362 31.85 101.12 41.72
CA VAL EA 362 31.46 102.32 41.00
C VAL EA 362 30.14 102.88 41.56
N VAL EA 363 30.10 104.20 41.61
CA VAL EA 363 28.87 104.91 41.92
C VAL EA 363 28.16 105.23 40.62
N PRO EA 364 26.85 104.92 40.45
CA PRO EA 364 26.18 105.29 39.20
C PRO EA 364 25.93 106.79 39.15
N GLY EA 365 26.11 107.38 37.97
CA GLY EA 365 25.93 108.81 37.79
C GLY EA 365 27.18 109.61 38.18
N GLY EA 366 28.15 108.92 38.81
CA GLY EA 366 29.41 109.55 39.12
C GLY EA 366 30.36 109.50 37.94
N ASP EA 367 31.59 109.90 38.20
CA ASP EA 367 32.55 110.20 37.15
C ASP EA 367 33.78 109.29 37.27
N LEU EA 368 33.59 108.16 37.96
CA LEU EA 368 34.62 107.14 38.08
C LEU EA 368 34.15 105.88 37.36
N ALA EA 369 35.10 105.09 36.82
CA ALA EA 369 34.74 103.86 36.15
C ALA EA 369 35.00 102.65 37.02
N LYS EA 370 34.41 101.47 36.66
CA LYS EA 370 34.72 100.25 37.42
C LYS EA 370 36.14 99.83 37.05
N VAL EA 371 36.98 99.87 38.09
CA VAL EA 371 38.41 99.66 37.96
C VAL EA 371 38.77 98.45 38.79
N MET EA 372 39.71 97.67 38.26
CA MET EA 372 39.95 96.35 38.79
C MET EA 372 40.73 96.47 40.10
N ARG EA 373 41.66 97.42 40.19
CA ARG EA 373 42.38 97.65 41.44
C ARG EA 373 42.63 99.13 41.64
N ALA EA 374 42.55 99.54 42.91
CA ALA EA 374 42.79 100.95 43.23
C ALA EA 374 43.74 101.06 44.41
N VAL EA 375 44.39 102.22 44.53
CA VAL EA 375 45.30 102.50 45.61
C VAL EA 375 44.90 103.81 46.26
N CYS EA 376 44.75 103.74 47.57
CA CYS EA 376 44.58 104.91 48.40
C CYS EA 376 45.83 105.07 49.25
N MET EA 377 46.42 106.27 49.24
CA MET EA 377 47.72 106.46 49.88
C MET EA 377 47.61 107.59 50.91
N ILE EA 378 48.28 107.41 52.06
CA ILE EA 378 48.33 108.41 53.13
C ILE EA 378 49.76 108.54 53.60
N SER EA 379 50.31 109.76 53.55
CA SER EA 379 51.72 110.00 53.84
C SER EA 379 51.86 111.13 54.86
N ASN EA 380 52.66 110.88 55.90
CA ASN EA 380 53.12 111.94 56.77
C ASN EA 380 54.44 112.47 56.20
N SER EA 381 54.47 113.77 55.86
CA SER EA 381 55.64 114.37 55.23
C SER EA 381 56.04 115.66 55.95
N THR EA 382 57.32 116.02 55.87
CA THR EA 382 57.86 117.26 56.43
C THR EA 382 57.37 118.45 55.60
N ALA EA 383 56.80 118.17 54.42
CA ALA EA 383 56.45 119.21 53.46
C ALA EA 383 55.33 120.12 53.95
N ILE EA 384 54.62 119.72 55.00
CA ILE EA 384 53.46 120.48 55.43
C ILE EA 384 53.85 121.56 56.42
N ALA EA 385 55.13 121.95 56.40
CA ALA EA 385 55.52 123.26 56.94
C ALA EA 385 54.84 124.37 56.15
N GLU EA 386 54.59 124.14 54.85
CA GLU EA 386 54.04 125.17 53.99
C GLU EA 386 52.57 125.46 54.30
N VAL EA 387 51.79 124.42 54.60
CA VAL EA 387 50.37 124.63 54.85
C VAL EA 387 50.14 125.24 56.23
N PHE EA 388 51.22 125.32 57.04
CA PHE EA 388 51.18 126.06 58.29
C PHE EA 388 51.85 127.43 58.15
N SER EA 389 52.83 127.55 57.26
CA SER EA 389 53.51 128.82 57.05
C SER EA 389 52.63 129.83 56.31
N ARG EA 390 51.93 129.39 55.24
CA ARG EA 390 51.02 130.24 54.48
C ARG EA 390 49.80 130.54 55.35
N MET EA 391 49.44 129.61 56.22
CA MET EA 391 48.28 129.78 57.08
C MET EA 391 48.54 130.84 58.14
N ASP EA 392 49.78 130.85 58.64
CA ASP EA 392 50.18 131.77 59.69
C ASP EA 392 50.27 133.20 59.15
N HIS EA 393 50.84 133.34 57.95
CA HIS EA 393 51.11 134.64 57.33
C HIS EA 393 49.80 135.37 57.01
N LYS EA 394 48.78 134.62 56.56
CA LYS EA 394 47.50 135.22 56.23
C LYS EA 394 46.81 135.69 57.52
N PHE EA 395 47.09 135.01 58.64
CA PHE EA 395 46.54 135.41 59.92
C PHE EA 395 47.20 136.69 60.42
N ASP EA 396 48.53 136.74 60.35
CA ASP EA 396 49.31 137.82 60.94
C ASP EA 396 49.11 139.14 60.19
N LEU EA 397 48.77 139.07 58.90
CA LEU EA 397 48.47 140.26 58.13
C LEU EA 397 47.18 140.89 58.66
N MET EA 398 46.16 140.04 58.85
CA MET EA 398 44.87 140.53 59.27
C MET EA 398 44.90 140.97 60.73
N TYR EA 399 45.51 140.16 61.60
CA TYR EA 399 45.54 140.41 63.03
C TYR EA 399 46.56 141.49 63.40
N ALA EA 400 47.28 142.04 62.40
CA ALA EA 400 48.20 143.14 62.65
C ALA EA 400 47.45 144.36 63.19
N LYS EA 401 46.22 144.58 62.71
CA LYS EA 401 45.40 145.67 63.23
C LYS EA 401 43.93 145.26 63.36
N ARG EA 402 43.70 144.03 63.83
CA ARG EA 402 42.46 143.65 64.51
C ARG EA 402 41.24 143.66 63.60
N ALA EA 403 41.39 143.16 62.37
CA ALA EA 403 40.27 142.92 61.48
C ALA EA 403 39.36 141.81 62.03
N PHE EA 404 38.05 142.05 61.97
CA PHE EA 404 36.98 141.10 62.27
C PHE EA 404 36.96 140.66 63.74
N VAL EA 405 37.73 141.30 64.63
CA VAL EA 405 37.92 140.78 65.98
C VAL EA 405 36.66 140.96 66.84
N HIS EA 406 35.96 142.10 66.62
CA HIS EA 406 34.81 142.43 67.44
C HIS EA 406 33.66 141.44 67.19
N TRP EA 407 33.66 140.79 66.04
CA TRP EA 407 32.65 139.75 65.75
C TRP EA 407 32.92 138.40 66.42
N TYR EA 408 34.10 138.25 67.04
CA TYR EA 408 34.41 137.06 67.83
C TYR EA 408 34.43 137.37 69.34
N VAL EA 409 34.90 138.58 69.69
CA VAL EA 409 34.87 139.06 71.06
C VAL EA 409 33.43 139.22 71.54
N GLY EA 410 32.55 139.61 70.60
CA GLY EA 410 31.17 139.97 70.86
C GLY EA 410 30.30 138.80 71.30
N GLU EA 411 30.78 137.56 71.13
CA GLU EA 411 30.01 136.43 71.63
C GLU EA 411 30.85 135.38 72.34
N GLY EA 412 31.87 135.78 73.10
CA GLY EA 412 32.31 134.91 74.18
C GLY EA 412 33.81 134.83 74.46
N MET EA 413 34.67 134.79 73.42
CA MET EA 413 36.09 134.64 73.69
C MET EA 413 36.78 135.97 73.95
N GLU EA 414 37.84 135.90 74.76
CA GLU EA 414 38.62 137.03 75.24
C GLU EA 414 39.76 137.30 74.25
N GLU EA 415 40.03 138.60 74.01
CA GLU EA 415 41.13 138.99 73.13
C GLU EA 415 42.42 138.55 73.80
N GLY EA 416 42.99 137.46 73.28
CA GLY EA 416 44.11 136.83 73.92
C GLY EA 416 44.05 135.34 73.69
N GLU EA 417 42.83 134.81 73.46
CA GLU EA 417 42.67 133.45 72.95
C GLU EA 417 43.27 133.35 71.54
N PHE EA 418 43.27 134.46 70.79
CA PHE EA 418 43.80 134.41 69.43
C PHE EA 418 45.32 134.25 69.44
N SER EA 419 45.99 135.11 70.23
CA SER EA 419 47.45 135.09 70.21
C SER EA 419 47.97 133.87 70.99
N GLU EA 420 47.15 133.34 71.89
CA GLU EA 420 47.44 132.07 72.55
C GLU EA 420 47.37 130.93 71.54
N ALA EA 421 46.43 131.02 70.58
CA ALA EA 421 46.36 130.03 69.53
C ALA EA 421 47.48 130.25 68.52
N ARG EA 422 47.96 131.49 68.37
CA ARG EA 422 49.12 131.78 67.54
C ARG EA 422 50.37 131.15 68.12
N GLU EA 423 50.49 131.16 69.44
CA GLU EA 423 51.68 130.61 70.06
C GLU EA 423 51.79 129.11 69.84
N ASP EA 424 50.62 128.44 69.79
CA ASP EA 424 50.55 127.02 69.52
C ASP EA 424 50.92 126.71 68.07
N LEU EA 425 50.50 127.57 67.12
CA LEU EA 425 50.80 127.34 65.72
C LEU EA 425 52.27 127.62 65.41
N ALA EA 426 52.84 128.62 66.09
CA ALA EA 426 54.27 128.92 65.93
C ALA EA 426 55.11 127.82 66.57
N ALA EA 427 54.59 127.15 67.59
CA ALA EA 427 55.25 126.00 68.19
C ALA EA 427 55.24 124.83 67.21
N LEU EA 428 54.16 124.68 66.45
CA LEU EA 428 54.03 123.55 65.54
C LEU EA 428 54.97 123.71 64.35
N GLU EA 429 55.20 124.96 63.93
CA GLU EA 429 56.15 125.26 62.86
C GLU EA 429 57.57 124.87 63.27
N LYS EA 430 57.96 125.23 64.51
CA LYS EA 430 59.27 124.89 65.05
C LYS EA 430 59.39 123.36 65.24
N ASP EA 431 58.27 122.70 65.53
CA ASP EA 431 58.24 121.28 65.81
C ASP EA 431 58.50 120.47 64.54
N TYR EA 432 57.93 120.90 63.41
CA TYR EA 432 58.16 120.26 62.12
C TYR EA 432 59.61 120.48 61.65
N GLU EA 433 60.11 121.71 61.89
CA GLU EA 433 61.44 122.09 61.47
C GLU EA 433 62.50 121.34 62.29
N GLU EA 434 62.25 121.15 63.59
CA GLU EA 434 63.25 120.50 64.44
C GLU EA 434 63.31 119.00 64.17
N VAL EA 435 62.21 118.43 63.67
CA VAL EA 435 62.22 117.01 63.36
C VAL EA 435 63.05 116.75 62.10
N GLY EA 436 62.76 117.55 61.06
CA GLY EA 436 63.36 117.33 59.75
C GLY EA 436 64.75 117.97 59.61
N ILE EA 437 65.61 117.80 60.63
CA ILE EA 437 66.88 118.49 60.64
C ILE EA 437 67.89 117.77 59.75
N MET FA 1 11.10 127.67 60.94
CA MET FA 1 12.48 128.07 60.53
C MET FA 1 12.70 129.56 60.80
N ARG FA 2 13.24 130.27 59.80
CA ARG FA 2 13.65 131.65 59.95
C ARG FA 2 12.66 132.60 59.28
N GLU FA 3 12.31 133.68 59.99
CA GLU FA 3 11.43 134.73 59.50
C GLU FA 3 12.23 135.99 59.26
N ILE FA 4 11.96 136.68 58.15
CA ILE FA 4 12.36 138.07 58.00
C ILE FA 4 11.08 138.90 57.88
N VAL FA 5 11.03 139.99 58.64
CA VAL FA 5 9.87 140.86 58.68
C VAL FA 5 10.17 142.12 57.88
N HIS FA 6 9.31 142.41 56.91
CA HIS FA 6 9.52 143.53 56.01
C HIS FA 6 8.86 144.80 56.55
N VAL FA 7 9.58 145.93 56.42
CA VAL FA 7 9.07 147.24 56.80
C VAL FA 7 9.37 148.20 55.65
N GLN FA 8 8.33 148.83 55.14
CA GLN FA 8 8.49 149.79 54.05
C GLN FA 8 8.26 151.20 54.61
N GLY FA 9 9.36 151.95 54.73
CA GLY FA 9 9.35 153.29 55.29
C GLY FA 9 9.42 154.34 54.19
N GLY FA 10 8.41 155.22 54.16
CA GLY FA 10 8.43 156.32 53.21
C GLY FA 10 7.68 155.99 51.93
N GLN FA 11 7.49 157.04 51.12
CA GLN FA 11 6.91 156.94 49.77
C GLN FA 11 7.85 156.10 48.89
N CYS FA 12 9.17 156.34 49.02
CA CYS FA 12 10.16 155.65 48.22
C CYS FA 12 10.13 154.17 48.59
N GLY FA 13 10.02 153.91 49.91
CA GLY FA 13 10.00 152.54 50.44
C GLY FA 13 8.75 151.77 49.97
N ASN FA 14 7.60 152.45 49.92
CA ASN FA 14 6.33 151.77 49.68
C ASN FA 14 6.20 151.30 48.23
N GLN FA 15 6.62 152.16 47.28
CA GLN FA 15 6.51 151.78 45.88
C GLN FA 15 7.61 150.78 45.49
N ILE FA 16 8.75 150.86 46.21
CA ILE FA 16 9.85 149.93 45.94
C ILE FA 16 9.50 148.55 46.50
N GLY FA 17 8.62 148.52 47.51
CA GLY FA 17 8.23 147.26 48.12
C GLY FA 17 7.01 146.62 47.47
N ALA FA 18 6.21 147.45 46.75
CA ALA FA 18 5.13 146.94 45.93
C ALA FA 18 5.71 146.04 44.83
N LYS FA 19 6.78 146.52 44.19
CA LYS FA 19 7.49 145.75 43.17
C LYS FA 19 8.17 144.51 43.77
N PHE FA 20 8.67 144.65 45.01
CA PHE FA 20 9.32 143.53 45.67
C PHE FA 20 8.33 142.43 46.03
N TRP FA 21 7.13 142.84 46.47
CA TRP FA 21 6.18 141.87 46.96
C TRP FA 21 5.32 141.26 45.86
N GLU FA 22 5.61 141.60 44.61
CA GLU FA 22 4.97 140.84 43.54
C GLU FA 22 6.00 140.14 42.66
N VAL FA 23 7.28 140.50 42.80
CA VAL FA 23 8.33 139.74 42.13
C VAL FA 23 8.66 138.51 42.97
N ILE FA 24 8.35 138.56 44.27
CA ILE FA 24 8.53 137.40 45.12
C ILE FA 24 7.35 136.43 44.95
N SER FA 25 6.14 136.98 44.80
CA SER FA 25 4.93 136.19 44.71
C SER FA 25 4.91 135.32 43.46
N ASP FA 26 5.28 135.89 42.31
CA ASP FA 26 5.30 135.08 41.10
C ASP FA 26 6.51 134.12 41.09
N GLU FA 27 7.59 134.48 41.79
CA GLU FA 27 8.75 133.62 41.95
C GLU FA 27 8.42 132.38 42.77
N HIS FA 28 7.49 132.55 43.72
CA HIS FA 28 7.04 131.46 44.58
C HIS FA 28 5.77 130.81 44.05
N GLY FA 29 5.02 131.52 43.20
CA GLY FA 29 3.87 130.94 42.52
C GLY FA 29 2.54 131.33 43.14
N ILE FA 30 2.53 132.36 43.99
CA ILE FA 30 1.31 132.81 44.63
C ILE FA 30 0.58 133.73 43.66
N ASP FA 31 -0.72 133.42 43.47
CA ASP FA 31 -1.61 134.21 42.63
C ASP FA 31 -1.88 135.56 43.30
N PRO FA 32 -2.30 136.61 42.55
CA PRO FA 32 -2.74 137.87 43.16
C PRO FA 32 -3.90 137.74 44.16
N THR FA 33 -4.75 136.71 43.98
CA THR FA 33 -5.80 136.42 44.93
C THR FA 33 -5.19 136.00 46.28
N GLY FA 34 -4.11 135.21 46.23
CA GLY FA 34 -3.43 134.74 47.41
C GLY FA 34 -3.21 133.24 47.39
N THR FA 35 -3.97 132.55 46.53
CA THR FA 35 -3.91 131.11 46.38
C THR FA 35 -2.60 130.70 45.69
N TYR FA 36 -2.48 129.40 45.42
CA TYR FA 36 -1.26 128.83 44.86
C TYR FA 36 -1.59 128.15 43.54
N CYS FA 37 -0.69 128.30 42.57
CA CYS FA 37 -0.72 127.55 41.32
C CYS FA 37 0.71 127.25 40.89
N GLY FA 38 0.96 126.00 40.49
CA GLY FA 38 2.24 125.63 39.91
C GLY FA 38 2.72 124.20 40.17
N ASP FA 39 2.27 123.58 41.28
CA ASP FA 39 2.62 122.22 41.72
C ASP FA 39 4.10 121.87 41.59
N SER FA 40 4.95 122.81 42.01
CA SER FA 40 6.37 122.57 42.16
C SER FA 40 6.78 122.74 43.62
N ASP FA 41 7.50 121.74 44.15
CA ASP FA 41 7.69 121.56 45.59
C ASP FA 41 8.62 122.65 46.14
N LEU FA 42 9.67 122.98 45.36
CA LEU FA 42 10.75 123.81 45.86
C LEU FA 42 10.28 125.25 46.04
N GLN FA 43 9.19 125.62 45.35
CA GLN FA 43 8.57 126.92 45.59
C GLN FA 43 8.01 126.98 47.02
N LEU FA 44 7.25 125.96 47.40
CA LEU FA 44 6.49 126.02 48.64
C LEU FA 44 7.19 125.35 49.80
N GLU FA 45 8.38 124.77 49.57
CA GLU FA 45 9.10 124.03 50.60
C GLU FA 45 9.60 124.97 51.71
N ARG FA 46 10.02 126.18 51.31
CA ARG FA 46 10.42 127.18 52.26
C ARG FA 46 9.82 128.51 51.85
N ILE FA 47 8.59 128.75 52.31
CA ILE FA 47 7.86 129.96 52.00
C ILE FA 47 7.64 130.78 53.26
N ASN FA 48 7.77 130.17 54.44
CA ASN FA 48 7.45 130.86 55.68
C ASN FA 48 8.55 131.87 56.07
N VAL FA 49 9.54 132.06 55.21
CA VAL FA 49 10.53 133.11 55.43
C VAL FA 49 9.88 134.48 55.26
N PHE FA 50 8.92 134.56 54.34
CA PHE FA 50 8.33 135.86 53.97
C PHE FA 50 6.80 135.88 54.08
N TYR FA 51 6.16 134.73 54.31
CA TYR FA 51 4.71 134.66 54.25
C TYR FA 51 4.13 134.15 55.57
N ASN FA 52 2.79 133.98 55.55
CA ASN FA 52 2.03 133.51 56.68
C ASN FA 52 0.75 132.84 56.19
N GLU FA 53 0.44 131.67 56.76
CA GLU FA 53 -0.79 130.94 56.45
C GLU FA 53 -1.97 131.74 57.03
N ALA FA 54 -3.10 131.73 56.31
CA ALA FA 54 -4.30 132.47 56.70
C ALA FA 54 -5.52 131.55 56.80
N THR FA 55 -5.32 130.34 57.31
CA THR FA 55 -6.25 129.26 57.66
C THR FA 55 -7.35 128.95 56.63
N GLY FA 56 -7.34 129.66 55.50
CA GLY FA 56 -8.26 129.47 54.39
C GLY FA 56 -7.46 129.18 53.12
N GLY FA 57 -6.17 128.88 53.33
CA GLY FA 57 -5.27 128.42 52.30
C GLY FA 57 -4.48 129.55 51.64
N ARG FA 58 -4.75 130.80 52.01
CA ARG FA 58 -4.12 131.91 51.32
C ARG FA 58 -2.86 132.36 52.06
N PHE FA 59 -1.96 133.01 51.32
CA PHE FA 59 -0.66 133.42 51.83
C PHE FA 59 -0.63 134.93 51.90
N VAL FA 60 -0.34 135.44 53.09
CA VAL FA 60 -0.23 136.88 53.27
C VAL FA 60 1.23 137.23 53.55
N PRO FA 61 1.74 138.35 53.01
CA PRO FA 61 3.12 138.74 53.27
C PRO FA 61 3.33 139.21 54.72
N ARG FA 62 4.58 139.09 55.18
CA ARG FA 62 4.97 139.62 56.48
C ARG FA 62 5.60 141.00 56.29
N ALA FA 63 4.79 141.90 55.72
CA ALA FA 63 5.23 143.25 55.44
C ALA FA 63 4.37 144.26 56.18
N ILE FA 64 5.01 145.37 56.55
CA ILE FA 64 4.32 146.47 57.19
C ILE FA 64 4.48 147.70 56.31
N LEU FA 65 3.34 148.17 55.79
CA LEU FA 65 3.31 149.39 55.01
C LEU FA 65 3.10 150.58 55.95
N MET FA 66 3.97 151.59 55.77
CA MET FA 66 3.96 152.68 56.73
C MET FA 66 4.53 153.95 56.12
N ASP FA 67 3.88 155.06 56.46
CA ASP FA 67 4.43 156.40 56.35
C ASP FA 67 3.59 157.30 57.24
N LEU FA 68 3.74 158.60 56.97
CA LEU FA 68 3.00 159.60 57.72
C LEU FA 68 1.88 160.26 56.92
N GLU FA 69 1.57 159.75 55.71
CA GLU FA 69 0.55 160.40 54.90
C GLU FA 69 -0.24 159.36 54.11
N PRO FA 70 -1.58 159.34 54.22
CA PRO FA 70 -2.37 158.23 53.66
C PRO FA 70 -2.50 158.24 52.15
N GLY FA 71 -2.01 159.30 51.50
CA GLY FA 71 -2.08 159.36 50.04
C GLY FA 71 -1.02 158.52 49.32
N THR FA 72 -0.20 157.74 50.04
CA THR FA 72 0.82 156.93 49.38
C THR FA 72 0.38 155.47 49.25
N MET FA 73 -0.04 154.87 50.36
CA MET FA 73 -0.47 153.48 50.30
C MET FA 73 -1.97 153.35 50.04
N ASP FA 74 -2.69 154.45 49.84
CA ASP FA 74 -4.04 154.35 49.29
C ASP FA 74 -3.98 153.86 47.85
N SER FA 75 -2.86 154.15 47.16
CA SER FA 75 -2.65 153.71 45.80
C SER FA 75 -2.29 152.23 45.74
N VAL FA 76 -1.44 151.80 46.69
CA VAL FA 76 -0.88 150.46 46.61
C VAL FA 76 -1.93 149.41 46.95
N ARG FA 77 -2.92 149.75 47.79
CA ARG FA 77 -4.07 148.89 48.10
C ARG FA 77 -4.93 148.74 46.83
N ALA FA 78 -5.06 149.82 46.06
CA ALA FA 78 -5.96 149.83 44.91
C ALA FA 78 -5.37 149.02 43.76
N GLY FA 79 -4.04 149.04 43.65
CA GLY FA 79 -3.37 148.34 42.57
C GLY FA 79 -3.43 146.82 42.72
N PRO FA 80 -3.00 146.05 41.70
CA PRO FA 80 -2.94 144.60 41.81
C PRO FA 80 -1.72 144.14 42.63
N PHE FA 81 -1.83 142.93 43.17
CA PHE FA 81 -0.97 142.36 44.20
C PHE FA 81 -0.83 143.32 45.38
N GLY FA 82 -1.88 144.12 45.64
CA GLY FA 82 -1.87 145.07 46.73
C GLY FA 82 -2.97 144.70 47.73
N GLN FA 83 -3.92 143.91 47.25
CA GLN FA 83 -4.98 143.43 48.12
C GLN FA 83 -4.44 142.28 48.98
N LEU FA 84 -3.22 141.85 48.66
CA LEU FA 84 -2.52 140.72 49.29
C LEU FA 84 -2.25 141.02 50.76
N PHE FA 85 -1.81 142.24 51.07
CA PHE FA 85 -1.37 142.63 52.40
C PHE FA 85 -2.52 142.58 53.39
N ARG FA 86 -2.17 142.33 54.65
CA ARG FA 86 -3.11 142.47 55.74
C ARG FA 86 -3.53 143.93 55.83
N PRO FA 87 -4.84 144.24 55.93
CA PRO FA 87 -5.28 145.64 55.98
C PRO FA 87 -4.98 146.28 57.33
N ASP FA 88 -4.82 145.47 58.39
CA ASP FA 88 -4.41 145.98 59.68
C ASP FA 88 -2.92 146.33 59.72
N ASN FA 89 -2.15 145.77 58.77
CA ASN FA 89 -0.71 146.00 58.70
C ASN FA 89 -0.39 147.42 58.27
N PHE FA 90 -1.32 148.05 57.54
CA PHE FA 90 -1.22 149.47 57.23
C PHE FA 90 -1.29 150.27 58.51
N VAL FA 91 -0.32 151.17 58.70
CA VAL FA 91 -0.35 152.08 59.83
C VAL FA 91 -0.08 153.50 59.30
N PHE FA 92 -1.20 154.23 59.13
CA PHE FA 92 -1.23 155.54 58.49
C PHE FA 92 -0.61 156.56 59.43
N GLY FA 93 -0.15 157.70 58.87
CA GLY FA 93 -0.13 158.93 59.63
C GLY FA 93 -1.34 159.78 59.29
N GLN FA 94 -1.29 161.06 59.69
CA GLN FA 94 -2.24 161.99 59.15
C GLN FA 94 -1.55 163.25 58.62
N THR FA 95 -0.55 163.74 59.35
CA THR FA 95 0.08 165.01 59.03
C THR FA 95 1.00 164.92 57.82
N GLY FA 96 2.06 164.11 57.94
CA GLY FA 96 3.08 163.96 56.91
C GLY FA 96 4.28 164.88 57.17
N ALA FA 97 5.48 164.28 57.24
CA ALA FA 97 6.71 165.03 57.41
C ALA FA 97 7.00 165.82 56.15
N GLY FA 98 7.26 167.12 56.30
CA GLY FA 98 7.41 167.96 55.11
C GLY FA 98 8.79 167.84 54.50
N ASN FA 99 9.20 166.61 54.18
CA ASN FA 99 10.55 166.36 53.73
C ASN FA 99 11.57 166.90 54.74
N ASN FA 100 11.20 166.72 56.01
CA ASN FA 100 11.87 167.31 57.15
C ASN FA 100 12.36 166.18 58.03
N TRP FA 101 13.69 166.11 58.24
CA TRP FA 101 14.24 165.06 59.10
C TRP FA 101 13.76 165.21 60.54
N ALA FA 102 13.74 166.45 61.03
CA ALA FA 102 13.35 166.75 62.41
C ALA FA 102 11.89 166.34 62.66
N LYS FA 103 11.04 166.62 61.66
CA LYS FA 103 9.63 166.32 61.81
C LYS FA 103 9.38 164.82 61.86
N GLY FA 104 10.21 164.06 61.14
CA GLY FA 104 10.07 162.61 61.11
C GLY FA 104 10.50 162.02 62.45
N HIS FA 105 11.78 162.22 62.79
CA HIS FA 105 12.41 161.61 63.94
C HIS FA 105 11.71 162.02 65.24
N TYR FA 106 11.49 163.33 65.43
CA TYR FA 106 11.12 163.85 66.73
C TYR FA 106 9.62 164.05 66.86
N THR FA 107 9.04 164.90 66.00
CA THR FA 107 7.78 165.54 66.30
C THR FA 107 6.59 164.63 66.05
N GLU FA 108 6.27 164.35 64.78
CA GLU FA 108 5.05 163.62 64.49
C GLU FA 108 5.29 162.14 64.17
N GLY FA 109 6.55 161.68 64.27
CA GLY FA 109 6.84 160.26 64.32
C GLY FA 109 6.55 159.64 65.69
N ALA FA 110 6.58 160.49 66.73
CA ALA FA 110 6.58 160.02 68.11
C ALA FA 110 5.24 159.38 68.49
N GLU FA 111 4.12 159.98 68.05
CA GLU FA 111 2.81 159.46 68.43
C GLU FA 111 2.40 158.30 67.52
N LEU FA 112 3.24 158.00 66.52
CA LEU FA 112 2.93 156.89 65.62
C LEU FA 112 3.82 155.67 65.85
N ILE FA 113 5.00 155.89 66.45
CA ILE FA 113 5.98 154.83 66.60
C ILE FA 113 5.50 153.79 67.61
N ASP FA 114 4.60 154.22 68.52
CA ASP FA 114 3.92 153.28 69.40
C ASP FA 114 3.06 152.29 68.61
N SER FA 115 2.35 152.80 67.59
CA SER FA 115 1.45 151.99 66.80
C SER FA 115 2.23 151.06 65.87
N VAL FA 116 3.35 151.57 65.34
CA VAL FA 116 4.15 150.81 64.39
C VAL FA 116 4.86 149.65 65.11
N LEU FA 117 5.39 149.92 66.32
CA LEU FA 117 6.04 148.89 67.11
C LEU FA 117 5.04 147.82 67.56
N ASP FA 118 3.74 148.18 67.61
CA ASP FA 118 2.70 147.23 68.00
C ASP FA 118 2.55 146.15 66.93
N VAL FA 119 2.55 146.57 65.66
CA VAL FA 119 2.26 145.64 64.58
C VAL FA 119 3.53 144.86 64.19
N VAL FA 120 4.69 145.50 64.40
CA VAL FA 120 5.94 144.84 64.02
C VAL FA 120 6.31 143.75 65.02
N ARG FA 121 5.90 143.96 66.28
CA ARG FA 121 6.23 142.98 67.31
C ARG FA 121 5.29 141.78 67.22
N LYS FA 122 4.08 142.00 66.70
CA LYS FA 122 3.13 140.91 66.58
C LYS FA 122 3.53 139.99 65.44
N GLU FA 123 4.10 140.54 64.36
CA GLU FA 123 4.57 139.71 63.26
C GLU FA 123 5.89 139.02 63.59
N ALA FA 124 6.65 139.59 64.54
CA ALA FA 124 7.97 139.05 64.85
C ALA FA 124 7.87 137.81 65.75
N GLU FA 125 7.15 137.95 66.86
CA GLU FA 125 7.10 136.87 67.85
C GLU FA 125 5.93 135.93 67.54
N GLY FA 126 5.22 136.17 66.44
CA GLY FA 126 4.10 135.33 66.05
C GLY FA 126 4.51 134.04 65.37
N CYS FA 127 5.81 133.73 65.38
CA CYS FA 127 6.31 132.53 64.73
C CYS FA 127 7.24 131.78 65.67
N ASP FA 128 8.06 130.88 65.16
CA ASP FA 128 8.96 130.09 66.00
C ASP FA 128 10.09 130.97 66.54
N CYS FA 129 10.90 131.51 65.62
CA CYS FA 129 12.11 132.23 65.95
C CYS FA 129 12.51 133.12 64.78
N LEU FA 130 12.69 134.41 65.07
CA LEU FA 130 12.95 135.43 64.07
C LEU FA 130 14.45 135.52 63.74
N GLN FA 131 14.72 135.75 62.44
CA GLN FA 131 16.05 136.03 61.94
C GLN FA 131 16.35 137.53 61.89
N GLY FA 132 15.40 138.34 61.41
CA GLY FA 132 15.64 139.77 61.37
C GLY FA 132 14.63 140.53 60.53
N PHE FA 133 15.04 141.69 60.01
CA PHE FA 133 14.16 142.61 59.32
C PHE FA 133 14.83 143.11 58.04
N GLN FA 134 14.00 143.52 57.08
CA GLN FA 134 14.47 144.28 55.92
C GLN FA 134 13.66 145.56 55.82
N ILE FA 135 14.35 146.70 55.71
CA ILE FA 135 13.74 148.01 55.71
C ILE FA 135 14.18 148.76 54.46
N THR FA 136 13.19 149.18 53.67
CA THR FA 136 13.44 149.87 52.41
C THR FA 136 12.98 151.31 52.57
N HIS FA 137 13.87 152.25 52.21
CA HIS FA 137 13.56 153.66 52.33
C HIS FA 137 14.55 154.50 51.51
N SER FA 138 14.37 155.83 51.54
CA SER FA 138 15.27 156.80 50.93
C SER FA 138 15.98 157.60 52.02
N LEU FA 139 17.16 158.13 51.71
CA LEU FA 139 17.92 158.91 52.67
C LEU FA 139 18.08 160.35 52.20
N GLY FA 140 17.01 160.88 51.61
CA GLY FA 140 16.91 162.29 51.26
C GLY FA 140 15.64 162.91 51.82
N GLY FA 141 14.61 162.06 52.01
CA GLY FA 141 13.24 162.40 52.35
C GLY FA 141 13.05 162.72 53.83
N GLY FA 142 11.79 162.99 54.23
CA GLY FA 142 11.48 163.24 55.63
C GLY FA 142 11.13 161.97 56.39
N THR FA 143 10.12 161.26 55.91
CA THR FA 143 9.63 160.10 56.64
C THR FA 143 10.49 158.86 56.41
N GLY FA 144 11.08 158.78 55.23
CA GLY FA 144 11.98 157.69 54.86
C GLY FA 144 13.35 157.78 55.54
N SER FA 145 13.78 158.99 55.90
CA SER FA 145 15.12 159.23 56.40
C SER FA 145 15.13 159.70 57.85
N GLY FA 146 14.05 160.36 58.28
CA GLY FA 146 13.95 160.80 59.67
C GLY FA 146 13.36 159.72 60.56
N MET FA 147 12.12 159.32 60.26
CA MET FA 147 11.47 158.35 61.13
C MET FA 147 11.51 156.94 60.54
N GLY FA 148 12.17 156.80 59.38
CA GLY FA 148 12.66 155.49 58.96
C GLY FA 148 13.72 154.96 59.93
N THR FA 149 14.69 155.82 60.25
CA THR FA 149 15.84 155.44 61.05
C THR FA 149 15.51 155.42 62.55
N LEU FA 150 14.43 156.09 62.97
CA LEU FA 150 13.96 155.96 64.35
C LEU FA 150 13.33 154.59 64.57
N LEU FA 151 12.64 154.10 63.52
CA LEU FA 151 12.12 152.74 63.52
C LEU FA 151 13.28 151.74 63.56
N ILE FA 152 14.39 152.06 62.88
CA ILE FA 152 15.58 151.23 62.94
C ILE FA 152 16.15 151.23 64.36
N SER FA 153 16.26 152.42 64.98
CA SER FA 153 16.95 152.60 66.25
C SER FA 153 16.16 151.95 67.38
N LYS FA 154 14.82 151.98 67.27
CA LYS FA 154 14.02 151.38 68.33
C LYS FA 154 14.07 149.85 68.22
N VAL FA 155 13.89 149.29 67.02
CA VAL FA 155 13.74 147.84 66.89
C VAL FA 155 15.07 147.14 67.22
N ARG FA 156 16.19 147.84 67.08
CA ARG FA 156 17.50 147.33 67.49
C ARG FA 156 17.55 147.16 69.01
N GLU FA 157 16.83 148.01 69.76
CA GLU FA 157 16.82 147.95 71.22
C GLU FA 157 16.13 146.68 71.71
N GLU FA 158 14.92 146.39 71.21
CA GLU FA 158 14.21 145.19 71.64
C GLU FA 158 14.86 143.90 71.10
N TYR FA 159 15.46 143.99 69.92
CA TYR FA 159 16.05 142.86 69.24
C TYR FA 159 17.50 143.15 68.90
N PRO FA 160 18.43 143.04 69.87
CA PRO FA 160 19.82 143.41 69.63
C PRO FA 160 20.72 142.32 69.03
N ASP FA 161 20.19 141.10 68.85
CA ASP FA 161 20.98 140.00 68.32
C ASP FA 161 20.41 139.49 66.99
N ARG FA 162 19.47 140.21 66.41
CA ARG FA 162 18.88 139.82 65.13
C ARG FA 162 19.46 140.65 64.01
N ILE FA 163 19.29 140.20 62.77
CA ILE FA 163 19.83 140.91 61.63
C ILE FA 163 18.99 142.16 61.33
N MET FA 164 19.63 143.18 60.77
CA MET FA 164 18.97 144.38 60.26
C MET FA 164 19.60 144.69 58.91
N GLU FA 165 18.80 144.71 57.85
CA GLU FA 165 19.33 144.80 56.51
C GLU FA 165 18.52 145.83 55.72
N THR FA 166 19.08 147.04 55.57
CA THR FA 166 18.33 148.18 55.07
C THR FA 166 18.82 148.56 53.67
N PHE FA 167 17.87 148.74 52.75
CA PHE FA 167 18.18 149.31 51.44
C PHE FA 167 17.84 150.78 51.46
N SER FA 168 18.89 151.60 51.32
CA SER FA 168 18.75 153.05 51.33
C SER FA 168 19.28 153.60 50.01
N VAL FA 169 18.46 154.44 49.36
CA VAL FA 169 18.91 155.12 48.14
C VAL FA 169 19.44 156.50 48.53
N PHE FA 170 20.53 156.91 47.89
CA PHE FA 170 21.23 158.13 48.30
C PHE FA 170 20.93 159.31 47.37
N PRO FA 171 21.19 160.56 47.79
CA PRO FA 171 21.29 161.66 46.84
C PRO FA 171 22.34 161.46 45.73
N SER FA 172 21.94 161.83 44.52
CA SER FA 172 22.79 161.84 43.33
C SER FA 172 23.52 163.18 43.21
N PRO FA 173 24.74 163.26 42.60
CA PRO FA 173 25.44 164.54 42.50
C PRO FA 173 24.82 165.56 41.55
N LYS FA 174 24.50 165.12 40.32
CA LYS FA 174 24.08 166.02 39.26
C LYS FA 174 22.70 166.62 39.52
N VAL FA 175 21.76 165.81 40.02
CA VAL FA 175 20.37 166.22 40.11
C VAL FA 175 19.92 166.00 41.55
N SER FA 176 19.58 167.11 42.20
CA SER FA 176 19.31 167.11 43.64
C SER FA 176 17.86 167.51 43.89
N ASP FA 177 16.94 166.55 43.73
CA ASP FA 177 15.57 166.79 44.18
C ASP FA 177 15.54 166.70 45.70
N THR FA 178 14.50 167.31 46.30
CA THR FA 178 14.35 167.50 47.75
C THR FA 178 15.55 168.29 48.27
N VAL FA 179 15.52 169.61 48.03
CA VAL FA 179 16.61 170.57 48.16
C VAL FA 179 17.42 170.42 49.45
N VAL FA 180 16.77 170.05 50.56
CA VAL FA 180 17.53 169.67 51.75
C VAL FA 180 17.92 168.20 51.66
N GLU FA 181 18.90 167.91 50.80
CA GLU FA 181 19.42 166.57 50.63
C GLU FA 181 20.45 166.27 51.72
N PRO FA 182 21.54 167.06 51.87
CA PRO FA 182 22.63 166.63 52.72
C PRO FA 182 22.27 166.75 54.20
N TYR FA 183 21.32 167.62 54.56
CA TYR FA 183 20.86 167.70 55.94
C TYR FA 183 20.15 166.41 56.35
N ASN FA 184 19.41 165.83 55.41
CA ASN FA 184 18.69 164.61 55.66
C ASN FA 184 19.63 163.40 55.67
N ALA FA 185 20.65 163.40 54.79
CA ALA FA 185 21.52 162.24 54.64
C ALA FA 185 22.48 162.13 55.82
N THR FA 186 23.17 163.22 56.13
CA THR FA 186 24.19 163.22 57.18
C THR FA 186 23.55 162.98 58.55
N LEU FA 187 22.33 163.51 58.76
CA LEU FA 187 21.58 163.20 59.97
C LEU FA 187 21.18 161.73 60.00
N SER FA 188 20.87 161.16 58.82
CA SER FA 188 20.42 159.78 58.77
C SER FA 188 21.59 158.83 59.04
N VAL FA 189 22.73 159.11 58.40
CA VAL FA 189 23.84 158.17 58.31
C VAL FA 189 24.44 157.91 59.70
N HIS FA 190 24.66 158.95 60.52
CA HIS FA 190 25.37 158.74 61.78
C HIS FA 190 24.50 157.98 62.78
N GLN FA 191 23.19 157.98 62.53
CA GLN FA 191 22.23 157.29 63.38
C GLN FA 191 21.79 155.98 62.73
N LEU FA 192 22.29 155.69 61.50
CA LEU FA 192 22.02 154.46 60.74
C LEU FA 192 23.31 153.65 60.58
N VAL FA 193 24.48 154.25 60.78
CA VAL FA 193 25.72 153.49 60.83
C VAL FA 193 25.82 152.73 62.15
N GLU FA 194 25.11 153.21 63.18
CA GLU FA 194 25.24 152.65 64.52
C GLU FA 194 24.03 151.80 64.89
N ASN FA 195 23.13 151.51 63.92
CA ASN FA 195 21.94 150.73 64.24
C ASN FA 195 21.53 149.75 63.13
N ALA FA 196 22.35 149.56 62.09
CA ALA FA 196 22.02 148.61 61.03
C ALA FA 196 23.24 147.75 60.74
N ASP FA 197 22.99 146.44 60.57
CA ASP FA 197 24.05 145.46 60.37
C ASP FA 197 24.70 145.61 59.00
N GLU FA 198 23.91 145.66 57.92
CA GLU FA 198 24.45 145.95 56.59
C GLU FA 198 23.50 146.94 55.90
N VAL FA 199 24.09 147.90 55.17
CA VAL FA 199 23.34 148.91 54.47
C VAL FA 199 23.74 148.85 52.99
N GLN FA 200 22.72 148.75 52.13
CA GLN FA 200 22.97 148.69 50.70
C GLN FA 200 22.66 150.06 50.11
N VAL FA 201 23.57 150.51 49.25
CA VAL FA 201 23.49 151.85 48.71
C VAL FA 201 23.10 151.79 47.24
N ILE FA 202 22.13 152.64 46.90
CA ILE FA 202 21.58 152.79 45.57
C ILE FA 202 21.63 154.28 45.21
N ASP FA 203 21.88 154.58 43.93
CA ASP FA 203 21.86 155.94 43.41
C ASP FA 203 20.84 156.08 42.27
N ASN FA 204 20.04 157.16 42.29
CA ASN FA 204 19.07 157.52 41.25
C ASN FA 204 19.78 157.79 39.91
N GLU FA 205 20.93 158.45 39.97
CA GLU FA 205 21.65 158.71 38.73
C GLU FA 205 22.24 157.42 38.17
N ALA FA 206 22.80 156.54 39.01
CA ALA FA 206 23.43 155.31 38.56
C ALA FA 206 22.38 154.35 38.00
N LEU FA 207 21.13 154.46 38.48
CA LEU FA 207 20.04 153.66 37.94
C LEU FA 207 19.70 154.12 36.51
N TYR FA 208 19.75 155.45 36.29
CA TYR FA 208 19.45 156.01 34.97
C TYR FA 208 20.54 155.58 33.98
N ASP FA 209 21.79 155.56 34.43
CA ASP FA 209 22.93 155.27 33.58
C ASP FA 209 22.93 153.81 33.14
N ILE FA 210 22.48 152.90 34.01
CA ILE FA 210 22.29 151.50 33.64
C ILE FA 210 21.19 151.41 32.58
N CYS FA 211 20.14 152.20 32.77
CA CYS FA 211 19.01 152.20 31.85
C CYS FA 211 19.37 152.86 30.53
N PHE FA 212 20.41 153.68 30.50
CA PHE FA 212 20.71 154.42 29.28
C PHE FA 212 21.95 153.91 28.56
N ARG FA 213 22.74 153.01 29.19
CA ARG FA 213 23.97 152.50 28.60
C ARG FA 213 23.89 151.00 28.32
N THR FA 214 23.11 150.24 29.10
CA THR FA 214 23.02 148.80 28.93
C THR FA 214 21.64 148.37 28.39
N LEU FA 215 20.58 148.75 29.09
CA LEU FA 215 19.24 148.32 28.70
C LEU FA 215 18.73 149.07 27.45
N LYS FA 216 19.31 150.24 27.20
CA LYS FA 216 19.04 151.06 26.03
C LYS FA 216 17.61 151.60 26.07
N LEU FA 217 17.02 151.74 27.24
CA LEU FA 217 15.61 152.11 27.30
C LEU FA 217 15.50 153.61 27.06
N THR FA 218 14.65 154.03 26.10
CA THR FA 218 14.47 155.45 25.84
C THR FA 218 13.69 156.16 26.96
N THR FA 219 12.63 155.59 27.53
CA THR FA 219 11.74 156.24 28.49
C THR FA 219 11.71 155.51 29.85
N PRO FA 220 12.65 155.88 30.75
CA PRO FA 220 12.74 155.26 32.08
C PRO FA 220 11.63 155.63 33.07
N THR FA 221 10.59 154.79 33.26
CA THR FA 221 9.57 155.05 34.27
C THR FA 221 9.87 154.37 35.61
N TYR FA 222 9.23 154.86 36.69
CA TYR FA 222 9.42 154.41 38.06
C TYR FA 222 9.04 152.94 38.27
N GLY FA 223 8.18 152.43 37.36
CA GLY FA 223 7.90 151.01 37.31
C GLY FA 223 9.15 150.20 36.98
N ASP FA 224 9.87 150.71 35.98
CA ASP FA 224 11.03 150.01 35.47
C ASP FA 224 12.23 150.16 36.41
N LEU FA 225 12.43 151.33 37.03
CA LEU FA 225 13.63 151.57 37.83
C LEU FA 225 13.61 150.74 39.12
N ASN FA 226 12.41 150.67 39.74
CA ASN FA 226 12.23 149.87 40.93
C ASN FA 226 12.45 148.39 40.63
N HIS FA 227 12.05 147.97 39.42
CA HIS FA 227 12.13 146.57 38.99
C HIS FA 227 13.59 146.12 39.00
N LEU FA 228 14.52 147.04 38.67
CA LEU FA 228 15.93 146.71 38.72
C LEU FA 228 16.39 146.55 40.16
N VAL FA 229 15.96 147.45 41.04
CA VAL FA 229 16.34 147.38 42.44
C VAL FA 229 15.68 146.17 43.09
N SER FA 230 14.44 145.86 42.66
CA SER FA 230 13.65 144.75 43.20
C SER FA 230 14.33 143.40 42.93
N ALA FA 231 14.99 143.29 41.77
CA ALA FA 231 15.73 142.08 41.42
C ALA FA 231 16.94 141.90 42.34
N ALA FA 232 17.54 143.02 42.76
CA ALA FA 232 18.68 143.01 43.68
C ALA FA 232 18.24 142.57 45.08
N MET FA 233 17.00 142.90 45.45
CA MET FA 233 16.44 142.50 46.73
C MET FA 233 16.36 140.98 46.81
N SER FA 234 15.83 140.35 45.74
CA SER FA 234 15.56 138.92 45.73
C SER FA 234 16.86 138.10 45.69
N GLY FA 235 17.91 138.66 45.10
CA GLY FA 235 19.19 137.98 44.98
C GLY FA 235 19.89 137.76 46.32
N VAL FA 236 19.77 138.75 47.22
CA VAL FA 236 20.47 138.70 48.50
C VAL FA 236 19.83 137.65 49.40
N THR FA 237 18.50 137.57 49.35
CA THR FA 237 17.73 136.58 50.11
C THR FA 237 17.45 135.33 49.27
N CYS FA 238 18.35 135.01 48.32
CA CYS FA 238 18.16 133.89 47.42
C CYS FA 238 18.23 132.56 48.17
N CYS FA 239 19.38 132.30 48.80
CA CYS FA 239 19.70 130.98 49.30
C CYS FA 239 18.81 130.62 50.50
N LEU FA 240 18.20 131.64 51.14
CA LEU FA 240 17.29 131.40 52.24
C LEU FA 240 16.05 130.65 51.74
N ARG FA 241 15.55 131.00 50.56
CA ARG FA 241 14.26 130.46 50.13
C ARG FA 241 14.43 129.21 49.28
N PHE FA 242 15.61 129.04 48.68
CA PHE FA 242 15.82 127.94 47.76
C PHE FA 242 17.09 127.18 48.10
N PRO FA 243 17.13 125.84 47.87
CA PRO FA 243 18.30 125.03 48.18
C PRO FA 243 19.49 125.38 47.29
N GLY FA 244 20.69 125.25 47.84
CA GLY FA 244 21.91 125.56 47.11
C GLY FA 244 23.01 124.55 47.38
N GLN FA 245 23.96 124.46 46.45
CA GLN FA 245 25.12 123.63 46.68
C GLN FA 245 26.05 124.33 47.67
N LEU FA 246 26.12 125.67 47.59
CA LEU FA 246 26.86 126.45 48.58
C LEU FA 246 25.91 127.45 49.22
N ASN FA 247 25.80 127.37 50.54
CA ASN FA 247 24.79 128.11 51.28
C ASN FA 247 25.30 129.49 51.66
N SER FA 248 24.37 130.46 51.64
CA SER FA 248 24.72 131.83 51.91
C SER FA 248 23.49 132.55 52.45
N ASP FA 249 23.42 132.65 53.80
CA ASP FA 249 22.37 133.36 54.50
C ASP FA 249 22.73 134.84 54.59
N LEU FA 250 21.89 135.64 55.28
CA LEU FA 250 22.16 137.07 55.43
C LEU FA 250 23.38 137.30 56.32
N ARG FA 251 23.49 136.53 57.41
CA ARG FA 251 24.60 136.73 58.33
C ARG FA 251 25.89 136.14 57.75
N LYS FA 252 25.74 135.24 56.76
CA LYS FA 252 26.88 134.80 55.94
C LYS FA 252 27.49 136.01 55.21
N LEU FA 253 26.68 136.92 54.65
CA LEU FA 253 27.16 138.14 54.00
C LEU FA 253 27.78 139.09 55.03
N ALA FA 254 27.14 139.22 56.20
CA ALA FA 254 27.55 140.20 57.19
C ALA FA 254 28.94 139.87 57.74
N VAL FA 255 29.25 138.59 57.94
CA VAL FA 255 30.51 138.25 58.57
C VAL FA 255 31.66 138.46 57.59
N ASN FA 256 31.49 137.95 56.37
CA ASN FA 256 32.60 137.91 55.41
C ASN FA 256 32.89 139.26 54.78
N LEU FA 257 31.91 140.17 54.78
CA LEU FA 257 32.08 141.41 54.06
C LEU FA 257 32.73 142.48 54.95
N ILE FA 258 32.15 142.72 56.14
CA ILE FA 258 32.51 143.81 57.03
C ILE FA 258 33.81 143.54 57.76
N PRO FA 259 34.91 144.24 57.44
CA PRO FA 259 36.17 144.07 58.17
C PRO FA 259 36.19 144.72 59.56
N PHE FA 260 35.77 145.98 59.63
CA PHE FA 260 35.76 146.77 60.86
C PHE FA 260 34.34 147.24 61.17
N PRO FA 261 33.98 147.42 62.47
CA PRO FA 261 32.58 147.52 62.91
C PRO FA 261 31.75 148.61 62.24
N ARG FA 262 32.44 149.72 61.91
CA ARG FA 262 31.82 150.93 61.40
C ARG FA 262 31.27 150.72 59.98
N LEU FA 263 32.11 150.21 59.07
CA LEU FA 263 31.85 150.38 57.64
C LEU FA 263 31.08 149.17 57.11
N HIS FA 264 29.81 149.40 56.80
CA HIS FA 264 28.99 148.36 56.19
C HIS FA 264 28.09 148.94 55.10
N PHE FA 265 28.65 149.79 54.24
CA PHE FA 265 27.91 150.36 53.12
C PHE FA 265 28.30 149.63 51.85
N PHE FA 266 27.31 148.96 51.23
CA PHE FA 266 27.61 147.97 50.20
C PHE FA 266 27.03 148.39 48.86
N LEU FA 267 27.88 148.35 47.83
CA LEU FA 267 27.45 148.54 46.45
C LEU FA 267 26.84 147.23 45.94
N ILE FA 268 25.85 147.37 45.04
CA ILE FA 268 25.21 146.22 44.40
C ILE FA 268 25.33 146.36 42.89
N GLY FA 269 25.47 145.23 42.17
CA GLY FA 269 25.24 145.17 40.74
C GLY FA 269 24.31 144.01 40.42
N PHE FA 270 24.11 143.69 39.13
CA PHE FA 270 23.29 142.57 38.72
C PHE FA 270 23.62 142.21 37.29
N ALA FA 271 23.65 140.91 37.01
CA ALA FA 271 23.87 140.41 35.66
C ALA FA 271 23.16 139.07 35.53
N PRO FA 272 22.62 138.70 34.35
CA PRO FA 272 22.76 139.46 33.09
C PRO FA 272 21.73 140.57 32.92
N LEU FA 273 22.09 141.56 32.11
CA LEU FA 273 21.16 142.59 31.67
C LEU FA 273 21.34 142.78 30.16
N THR FA 274 20.27 142.49 29.40
CA THR FA 274 20.38 142.50 27.95
C THR FA 274 19.41 143.54 27.36
N SER FA 275 19.94 144.42 26.48
CA SER FA 275 19.10 145.19 25.58
C SER FA 275 18.36 144.18 24.67
N ARG FA 276 17.14 144.61 24.28
CA ARG FA 276 16.17 143.92 23.43
C ARG FA 276 16.82 143.23 22.23
N GLY FA 277 17.78 143.90 21.56
CA GLY FA 277 18.31 143.32 20.33
C GLY FA 277 19.19 142.12 20.65
N SER FA 278 19.99 142.29 21.72
CA SER FA 278 21.15 141.44 21.98
C SER FA 278 20.78 140.04 22.50
N GLN FA 279 19.49 139.92 22.93
CA GLN FA 279 19.03 138.82 23.78
C GLN FA 279 19.16 137.46 23.08
N GLN FA 280 18.96 137.42 21.75
CA GLN FA 280 19.00 136.13 21.07
C GLN FA 280 20.46 135.69 20.85
N TYR FA 281 21.29 136.72 20.68
CA TYR FA 281 22.61 136.52 20.13
C TYR FA 281 23.64 136.35 21.23
N ARG FA 282 23.23 136.59 22.50
CA ARG FA 282 24.20 136.62 23.59
C ARG FA 282 24.43 135.20 24.12
N ALA FA 283 25.71 134.81 24.14
CA ALA FA 283 26.13 133.61 24.80
C ALA FA 283 26.10 133.92 26.29
N LEU FA 284 25.42 133.01 27.00
CA LEU FA 284 25.11 133.21 28.38
C LEU FA 284 25.90 132.17 29.15
N SER FA 285 27.07 132.60 29.62
CA SER FA 285 28.04 131.69 30.18
C SER FA 285 28.66 132.39 31.37
N VAL FA 286 29.34 131.61 32.21
CA VAL FA 286 29.94 132.12 33.43
C VAL FA 286 31.09 133.07 33.10
N PRO FA 287 31.97 132.82 32.12
CA PRO FA 287 32.98 133.80 31.76
C PRO FA 287 32.49 135.18 31.32
N GLU FA 288 31.41 135.25 30.54
CA GLU FA 288 30.94 136.57 30.11
C GLU FA 288 30.18 137.24 31.26
N LEU FA 289 29.59 136.42 32.14
CA LEU FA 289 28.74 136.94 33.20
C LEU FA 289 29.58 137.61 34.28
N THR FA 290 30.84 137.18 34.43
CA THR FA 290 31.76 137.84 35.35
C THR FA 290 32.30 139.12 34.73
N GLN FA 291 32.35 139.21 33.38
CA GLN FA 291 32.75 140.43 32.70
C GLN FA 291 31.75 141.55 32.97
N GLN FA 292 30.47 141.22 32.85
CA GLN FA 292 29.41 142.20 33.05
C GLN FA 292 29.31 142.56 34.55
N MET FA 293 29.72 141.65 35.43
CA MET FA 293 29.76 141.90 36.87
C MET FA 293 30.70 143.07 37.21
N PHE FA 294 32.00 142.89 36.91
CA PHE FA 294 33.02 143.87 37.23
C PHE FA 294 33.05 144.95 36.16
N ASP FA 295 31.94 145.67 36.07
CA ASP FA 295 31.82 146.77 35.13
C ASP FA 295 31.31 147.97 35.90
N ALA FA 296 31.99 149.11 35.71
CA ALA FA 296 31.63 150.34 36.43
C ALA FA 296 30.23 150.82 36.02
N LYS FA 297 29.85 150.47 34.78
CA LYS FA 297 28.58 150.76 34.11
C LYS FA 297 27.41 150.02 34.75
N ASN FA 298 27.70 148.97 35.53
CA ASN FA 298 26.70 148.06 36.04
C ASN FA 298 26.45 148.29 37.53
N MET FA 299 27.40 148.94 38.20
CA MET FA 299 27.32 149.12 39.65
C MET FA 299 26.25 150.17 39.96
N MET FA 300 25.38 149.85 40.91
CA MET FA 300 24.11 150.55 41.08
C MET FA 300 24.21 151.80 41.95
N CYS FA 301 25.44 152.32 42.15
CA CYS FA 301 25.63 153.45 43.03
C CYS FA 301 26.95 154.12 42.65
N ALA FA 302 26.83 155.35 42.11
CA ALA FA 302 27.81 155.90 41.16
C ALA FA 302 29.11 156.36 41.81
N SER FA 303 29.77 155.43 42.51
CA SER FA 303 31.16 155.61 42.91
C SER FA 303 31.99 154.70 42.03
N ASP FA 304 32.99 155.29 41.37
CA ASP FA 304 33.84 154.56 40.43
C ASP FA 304 34.62 153.47 41.16
N PRO FA 305 34.38 152.17 40.88
CA PRO FA 305 35.10 151.08 41.56
C PRO FA 305 36.63 151.14 41.43
N ARG FA 306 37.11 151.65 40.29
CA ARG FA 306 38.55 151.67 40.02
C ARG FA 306 39.20 152.97 40.50
N HIS FA 307 38.44 153.85 41.16
CA HIS FA 307 39.04 155.00 41.81
C HIS FA 307 39.75 154.61 43.10
N GLY FA 308 39.15 153.63 43.80
CA GLY FA 308 39.69 153.18 45.06
C GLY FA 308 40.16 151.74 44.97
N ARG FA 309 39.85 150.95 46.00
CA ARG FA 309 40.13 149.53 45.99
C ARG FA 309 38.89 148.76 46.43
N TYR FA 310 38.84 147.47 46.07
CA TYR FA 310 37.82 146.57 46.57
C TYR FA 310 38.30 145.92 47.85
N LEU FA 311 37.67 146.28 48.97
CA LEU FA 311 38.11 145.79 50.27
C LEU FA 311 37.69 144.33 50.43
N THR FA 312 36.40 144.05 50.21
CA THR FA 312 35.89 142.70 50.07
C THR FA 312 34.86 142.70 48.94
N ALA FA 313 34.63 141.53 48.35
CA ALA FA 313 33.65 141.38 47.28
C ALA FA 313 32.90 140.07 47.46
N SER FA 314 31.70 140.01 46.87
CA SER FA 314 30.84 138.85 47.00
C SER FA 314 29.92 138.76 45.80
N ALA FA 315 29.82 137.56 45.22
CA ALA FA 315 28.90 137.30 44.12
C ALA FA 315 28.04 136.09 44.48
N MET FA 316 26.71 136.26 44.41
CA MET FA 316 25.80 135.17 44.75
C MET FA 316 25.09 134.71 43.47
N PHE FA 317 25.57 133.61 42.92
CA PHE FA 317 25.08 133.08 41.66
C PHE FA 317 23.75 132.36 41.86
N ARG FA 318 22.93 132.38 40.81
CA ARG FA 318 21.70 131.60 40.79
C ARG FA 318 21.69 130.79 39.51
N GLY FA 319 21.28 129.53 39.62
CA GLY FA 319 21.15 128.67 38.46
C GLY FA 319 22.03 127.44 38.54
N ARG FA 320 21.71 126.52 37.63
CA ARG FA 320 22.36 125.26 37.33
C ARG FA 320 23.73 125.57 36.72
N MET FA 321 24.81 125.34 37.47
CA MET FA 321 26.12 125.74 37.00
C MET FA 321 27.19 125.04 37.82
N SER FA 322 28.32 124.83 37.16
CA SER FA 322 29.42 124.06 37.71
C SER FA 322 30.33 124.95 38.57
N THR FA 323 30.83 124.36 39.65
CA THR FA 323 31.45 125.14 40.72
C THR FA 323 32.93 125.41 40.47
N LYS FA 324 33.54 124.74 39.49
CA LYS FA 324 34.90 125.10 39.14
C LYS FA 324 34.94 126.48 38.49
N GLU FA 325 34.01 126.69 37.55
CA GLU FA 325 33.89 127.96 36.85
C GLU FA 325 33.29 129.06 37.73
N VAL FA 326 32.69 128.69 38.85
CA VAL FA 326 32.39 129.68 39.87
C VAL FA 326 33.69 130.13 40.54
N ASP FA 327 34.55 129.14 40.86
CA ASP FA 327 35.71 129.36 41.72
C ASP FA 327 36.90 129.89 40.93
N GLU FA 328 37.08 129.36 39.71
CA GLU FA 328 38.25 129.71 38.94
C GLU FA 328 38.19 131.14 38.42
N GLN FA 329 36.98 131.63 38.14
CA GLN FA 329 36.83 132.99 37.63
C GLN FA 329 36.87 134.03 38.74
N MET FA 330 36.78 133.60 40.00
CA MET FA 330 37.08 134.53 41.07
C MET FA 330 38.59 134.69 41.24
N LEU FA 331 39.32 133.64 40.86
CA LEU FA 331 40.76 133.69 41.03
C LEU FA 331 41.41 134.59 39.99
N ASN FA 332 40.95 134.48 38.73
CA ASN FA 332 41.57 135.22 37.63
C ASN FA 332 41.28 136.71 37.72
N VAL FA 333 40.07 137.06 38.18
CA VAL FA 333 39.69 138.45 38.30
C VAL FA 333 40.55 139.14 39.37
N GLN FA 334 41.04 138.36 40.34
CA GLN FA 334 41.87 138.93 41.37
C GLN FA 334 43.32 139.05 40.91
N ASN FA 335 43.76 138.04 40.15
CA ASN FA 335 45.13 138.04 39.66
C ASN FA 335 45.33 139.05 38.53
N LYS FA 336 44.31 139.23 37.66
CA LYS FA 336 44.37 140.15 36.53
C LYS FA 336 44.37 141.59 37.04
N ASN FA 337 43.20 141.99 37.54
CA ASN FA 337 43.02 143.31 38.14
C ASN FA 337 43.68 143.28 39.51
N SER FA 338 44.97 143.60 39.55
CA SER FA 338 45.74 143.51 40.80
C SER FA 338 45.70 144.80 41.61
N SER FA 339 45.67 145.94 40.91
CA SER FA 339 45.71 147.24 41.56
C SER FA 339 44.35 147.67 42.10
N TYR FA 340 43.28 146.94 41.75
CA TYR FA 340 41.93 147.28 42.16
C TYR FA 340 41.51 146.58 43.45
N PHE FA 341 42.38 145.74 44.04
CA PHE FA 341 42.05 144.95 45.20
C PHE FA 341 43.01 145.25 46.34
N VAL FA 342 42.53 145.12 47.58
CA VAL FA 342 43.32 145.39 48.76
C VAL FA 342 44.35 144.27 48.93
N GLU FA 343 45.54 144.65 49.39
CA GLU FA 343 46.69 143.75 49.35
C GLU FA 343 46.78 142.87 50.60
N TRP FA 344 46.29 143.35 51.75
CA TRP FA 344 46.44 142.59 52.98
C TRP FA 344 45.24 141.67 53.23
N ILE FA 345 44.47 141.39 52.16
CA ILE FA 345 43.48 140.32 52.19
C ILE FA 345 43.75 139.40 51.01
N PRO FA 346 44.44 138.27 51.19
CA PRO FA 346 44.49 137.27 50.13
C PRO FA 346 43.10 136.63 49.95
N ASN FA 347 42.74 136.45 48.69
CA ASN FA 347 41.42 135.99 48.25
C ASN FA 347 40.33 136.89 48.80
N ASN FA 348 40.29 138.11 48.27
CA ASN FA 348 39.39 139.19 48.70
C ASN FA 348 37.91 138.86 48.52
N MET FA 349 37.59 137.73 47.88
CA MET FA 349 36.26 137.57 47.32
C MET FA 349 35.62 136.26 47.79
N LYS FA 350 34.32 136.34 48.04
CA LYS FA 350 33.49 135.23 48.49
C LYS FA 350 32.46 134.91 47.40
N SER FA 351 32.14 133.61 47.22
CA SER FA 351 31.18 133.18 46.22
C SER FA 351 30.20 132.15 46.80
N SER FA 352 29.01 132.04 46.20
CA SER FA 352 28.01 131.04 46.57
C SER FA 352 27.08 130.77 45.38
N VAL FA 353 26.34 129.66 45.47
CA VAL FA 353 25.50 129.23 44.37
C VAL FA 353 24.15 128.80 44.93
N CYS FA 354 23.10 129.43 44.39
CA CYS FA 354 21.75 128.94 44.53
C CYS FA 354 21.44 128.05 43.33
N ASP FA 355 20.63 127.01 43.54
CA ASP FA 355 20.23 126.15 42.43
C ASP FA 355 19.12 126.78 41.60
N ILE FA 356 18.19 127.48 42.25
CA ILE FA 356 17.01 127.99 41.58
C ILE FA 356 17.33 129.36 40.96
N PRO FA 357 17.20 129.50 39.63
CA PRO FA 357 17.49 130.78 38.97
C PRO FA 357 16.25 131.67 38.98
N PRO FA 358 16.35 132.98 38.64
CA PRO FA 358 15.15 133.76 38.35
C PRO FA 358 14.47 133.22 37.08
N LYS FA 359 13.13 133.33 37.01
CA LYS FA 359 12.34 132.43 36.18
C LYS FA 359 12.54 132.79 34.71
N GLY FA 360 13.01 131.82 33.92
CA GLY FA 360 13.14 132.03 32.49
C GLY FA 360 14.57 132.31 32.03
N LEU FA 361 15.47 132.68 32.98
CA LEU FA 361 16.90 132.72 32.67
C LEU FA 361 17.60 131.55 33.33
N LYS FA 362 18.58 130.97 32.64
CA LYS FA 362 19.40 129.89 33.18
C LYS FA 362 20.30 130.34 34.33
N MET FA 363 20.95 131.51 34.22
CA MET FA 363 21.90 131.92 35.23
C MET FA 363 21.72 133.40 35.55
N SER FA 364 22.10 133.80 36.76
CA SER FA 364 22.11 135.19 37.15
C SER FA 364 23.05 135.40 38.32
N VAL FA 365 23.47 136.66 38.47
CA VAL FA 365 24.39 137.02 39.54
C VAL FA 365 23.85 138.28 40.20
N THR FA 366 23.82 138.24 41.53
CA THR FA 366 23.82 139.45 42.34
C THR FA 366 25.22 139.63 42.90
N PHE FA 367 25.69 140.87 42.92
CA PHE FA 367 27.06 141.19 43.31
C PHE FA 367 27.03 142.22 44.43
N VAL FA 368 27.57 141.87 45.60
CA VAL FA 368 27.59 142.76 46.75
C VAL FA 368 29.04 143.02 47.12
N GLY FA 369 29.54 144.19 46.72
CA GLY FA 369 30.95 144.52 46.90
C GLY FA 369 31.14 145.69 47.89
N ASN FA 370 32.12 145.57 48.79
CA ASN FA 370 32.48 146.63 49.71
C ASN FA 370 33.72 147.35 49.16
N SER FA 371 33.51 148.50 48.52
CA SER FA 371 34.60 149.25 47.90
C SER FA 371 34.98 150.45 48.75
N THR FA 372 36.28 150.75 48.84
CA THR FA 372 36.73 151.96 49.54
C THR FA 372 36.78 153.15 48.58
N ALA FA 373 36.09 153.04 47.45
CA ALA FA 373 35.91 154.17 46.55
C ALA FA 373 34.58 154.88 46.83
N ILE FA 374 33.86 154.44 47.87
CA ILE FA 374 32.61 155.06 48.26
C ILE FA 374 32.89 156.22 49.19
N GLN FA 375 34.18 156.54 49.35
CA GLN FA 375 34.59 157.74 50.06
C GLN FA 375 34.23 159.00 49.27
N GLU FA 376 34.07 158.86 47.94
CA GLU FA 376 33.79 160.00 47.09
C GLU FA 376 32.37 160.52 47.33
N MET FA 377 31.46 159.62 47.70
CA MET FA 377 30.11 160.01 48.02
C MET FA 377 30.06 160.66 49.40
N PHE FA 378 30.79 160.11 50.38
CA PHE FA 378 30.75 160.66 51.73
C PHE FA 378 31.48 161.98 51.83
N LYS FA 379 32.44 162.21 50.93
CA LYS FA 379 33.04 163.55 50.88
C LYS FA 379 32.13 164.48 50.07
N ARG FA 380 31.38 163.93 49.11
CA ARG FA 380 30.42 164.71 48.34
C ARG FA 380 29.29 165.20 49.24
N VAL FA 381 28.77 164.33 50.10
CA VAL FA 381 27.73 164.73 51.04
C VAL FA 381 28.29 165.66 52.09
N SER FA 382 29.54 165.46 52.51
CA SER FA 382 30.14 166.24 53.59
C SER FA 382 30.33 167.70 53.19
N ASP FA 383 30.88 167.94 51.99
CA ASP FA 383 31.14 169.30 51.57
C ASP FA 383 29.86 170.03 51.18
N GLN FA 384 28.85 169.28 50.73
CA GLN FA 384 27.53 169.85 50.51
C GLN FA 384 26.86 170.17 51.84
N PHE FA 385 27.08 169.32 52.85
CA PHE FA 385 26.56 169.56 54.20
C PHE FA 385 27.23 170.78 54.82
N THR FA 386 28.56 170.85 54.69
CA THR FA 386 29.35 171.89 55.33
C THR FA 386 29.08 173.26 54.69
N ALA FA 387 28.87 173.29 53.37
CA ALA FA 387 28.58 174.52 52.64
C ALA FA 387 27.26 175.15 53.09
N MET FA 388 26.23 174.33 53.28
CA MET FA 388 24.92 174.84 53.67
C MET FA 388 24.89 175.18 55.17
N PHE FA 389 25.73 174.47 55.95
CA PHE FA 389 25.74 174.66 57.40
C PHE FA 389 26.49 175.91 57.84
N ARG FA 390 27.43 176.39 57.02
CA ARG FA 390 28.21 177.58 57.36
C ARG FA 390 27.33 178.83 57.40
N ARG FA 391 26.45 178.93 56.39
CA ARG FA 391 25.46 179.99 56.23
C ARG FA 391 24.27 179.75 57.16
N LYS FA 392 24.14 178.51 57.69
CA LYS FA 392 23.04 178.10 58.55
C LYS FA 392 21.71 178.21 57.80
N ALA FA 393 21.72 177.82 56.53
CA ALA FA 393 20.50 177.81 55.74
C ALA FA 393 19.59 176.66 56.17
N PHE FA 394 18.28 176.93 56.13
CA PHE FA 394 17.18 176.01 56.37
C PHE FA 394 17.15 175.47 57.80
N LEU FA 395 17.88 176.10 58.74
CA LEU FA 395 17.99 175.54 60.08
C LEU FA 395 16.76 175.79 60.95
N HIS FA 396 15.97 176.85 60.65
CA HIS FA 396 14.85 177.18 61.54
C HIS FA 396 13.72 176.17 61.39
N TRP FA 397 13.61 175.59 60.18
CA TRP FA 397 12.72 174.44 59.97
C TRP FA 397 13.15 173.19 60.76
N TYR FA 398 14.44 173.11 61.13
CA TYR FA 398 15.01 172.07 61.99
C TYR FA 398 15.14 172.50 63.47
N THR FA 399 15.91 173.56 63.75
CA THR FA 399 16.28 174.01 65.10
C THR FA 399 15.09 174.53 65.91
N GLY FA 400 13.99 174.84 65.23
CA GLY FA 400 12.78 175.23 65.92
C GLY FA 400 11.87 174.05 66.24
N GLU FA 401 12.47 172.85 66.28
CA GLU FA 401 11.71 171.65 66.64
C GLU FA 401 12.51 170.76 67.58
N GLY FA 402 13.25 171.38 68.50
CA GLY FA 402 13.89 170.68 69.60
C GLY FA 402 15.32 170.23 69.33
N MET FA 403 15.81 170.36 68.09
CA MET FA 403 17.15 169.88 67.79
C MET FA 403 18.18 170.96 68.13
N ASP FA 404 19.21 170.56 68.88
CA ASP FA 404 20.29 171.49 69.18
C ASP FA 404 21.14 171.68 67.92
N GLU FA 405 21.88 172.79 67.87
CA GLU FA 405 22.87 173.04 66.85
C GLU FA 405 23.98 171.97 66.90
N MET FA 406 24.23 171.40 68.08
CA MET FA 406 25.30 170.42 68.28
C MET FA 406 25.05 169.12 67.52
N GLU FA 407 23.77 168.73 67.34
CA GLU FA 407 23.43 167.47 66.69
C GLU FA 407 23.96 167.41 65.25
N PHE FA 408 23.91 168.56 64.57
CA PHE FA 408 24.44 168.63 63.22
C PHE FA 408 25.97 168.55 63.23
N THR FA 409 26.60 169.15 64.25
CA THR FA 409 28.04 169.07 64.41
C THR FA 409 28.47 167.64 64.72
N GLU FA 410 27.70 166.95 65.57
CA GLU FA 410 27.94 165.55 65.86
C GLU FA 410 27.72 164.70 64.61
N ALA FA 411 26.75 165.11 63.77
CA ALA FA 411 26.52 164.45 62.49
C ALA FA 411 27.71 164.63 61.56
N GLU FA 412 28.32 165.82 61.54
CA GLU FA 412 29.41 166.14 60.62
C GLU FA 412 30.68 165.37 61.00
N SER FA 413 30.95 165.26 62.31
CA SER FA 413 32.16 164.61 62.80
C SER FA 413 32.12 163.10 62.50
N ASN FA 414 30.96 162.49 62.75
CA ASN FA 414 30.81 161.05 62.62
C ASN FA 414 30.93 160.65 61.15
N MET FA 415 30.37 161.46 60.25
CA MET FA 415 30.48 161.27 58.81
C MET FA 415 31.93 161.41 58.38
N ASN FA 416 32.61 162.45 58.88
CA ASN FA 416 33.99 162.73 58.50
C ASN FA 416 34.97 161.70 59.05
N ASP FA 417 34.66 161.12 60.22
CA ASP FA 417 35.46 160.03 60.79
C ASP FA 417 35.36 158.79 59.90
N LEU FA 418 34.18 158.60 59.28
CA LEU FA 418 33.95 157.44 58.42
C LEU FA 418 34.74 157.61 57.12
N VAL FA 419 34.97 158.85 56.70
CA VAL FA 419 35.70 159.13 55.48
C VAL FA 419 37.17 158.75 55.65
N SER FA 420 37.78 159.22 56.76
CA SER FA 420 39.20 159.03 56.99
C SER FA 420 39.48 157.59 57.35
N GLU FA 421 38.47 156.85 57.83
CA GLU FA 421 38.61 155.42 58.04
C GLU FA 421 38.80 154.72 56.70
N TYR FA 422 38.06 155.17 55.66
CA TYR FA 422 38.24 154.64 54.31
C TYR FA 422 39.60 155.04 53.71
N GLN FA 423 39.99 156.31 53.91
CA GLN FA 423 41.18 156.86 53.28
C GLN FA 423 42.45 156.30 53.92
N GLN FA 424 42.34 155.80 55.16
CA GLN FA 424 43.48 155.17 55.83
C GLN FA 424 43.70 153.75 55.30
N TYR FA 425 42.75 153.22 54.52
CA TYR FA 425 42.82 151.87 54.00
C TYR FA 425 42.73 151.84 52.47
N GLN FA 426 43.55 152.66 51.79
CA GLN FA 426 43.65 152.61 50.34
C GLN FA 426 44.63 151.51 49.93
N MET GA 1 100.50 23.99 40.40
CA MET GA 1 101.76 23.39 39.83
C MET GA 1 102.41 24.43 38.93
N ARG GA 2 103.04 23.95 37.87
CA ARG GA 2 103.90 24.78 37.04
C ARG GA 2 103.02 25.59 36.12
N GLU GA 3 103.42 26.83 35.84
CA GLU GA 3 102.51 27.79 35.25
C GLU GA 3 103.32 28.92 34.61
N VAL GA 4 102.63 29.72 33.81
CA VAL GA 4 103.20 30.92 33.22
C VAL GA 4 102.08 31.95 33.07
N ILE GA 5 102.26 33.10 33.74
CA ILE GA 5 101.26 34.16 33.75
C ILE GA 5 101.41 34.95 32.45
N SER GA 6 100.25 35.41 31.94
CA SER GA 6 100.27 36.30 30.80
C SER GA 6 99.92 37.69 31.28
N ILE GA 7 100.71 38.68 30.83
CA ILE GA 7 100.46 40.06 31.15
C ILE GA 7 100.33 40.81 29.84
N HIS GA 8 99.12 41.33 29.61
CA HIS GA 8 98.85 42.15 28.44
C HIS GA 8 98.70 43.59 28.92
N VAL GA 9 99.54 44.46 28.34
CA VAL GA 9 99.55 45.87 28.70
C VAL GA 9 99.35 46.64 27.39
N GLY GA 10 98.55 47.69 27.50
CA GLY GA 10 98.22 48.49 26.35
C GLY GA 10 97.15 47.85 25.48
N GLN GA 11 96.77 48.68 24.53
CA GLN GA 11 95.70 48.41 23.59
C GLN GA 11 95.99 47.12 22.82
N ALA GA 12 97.17 47.16 22.20
CA ALA GA 12 97.65 46.08 21.35
C ALA GA 12 97.89 44.83 22.20
N GLY GA 13 98.15 45.04 23.51
CA GLY GA 13 98.24 43.94 24.46
C GLY GA 13 96.90 43.21 24.58
N ILE GA 14 95.82 43.98 24.68
CA ILE GA 14 94.52 43.38 24.89
C ILE GA 14 94.06 42.64 23.64
N GLN GA 15 94.23 43.29 22.47
CA GLN GA 15 93.76 42.78 21.20
C GLN GA 15 94.44 41.45 20.84
N ILE GA 16 95.75 41.41 21.10
CA ILE GA 16 96.51 40.19 20.94
C ILE GA 16 96.04 39.14 21.93
N GLY GA 17 95.77 39.59 23.15
CA GLY GA 17 95.36 38.70 24.21
C GLY GA 17 94.07 37.97 23.87
N ASN GA 18 93.20 38.71 23.15
CA ASN GA 18 91.91 38.14 22.77
C ASN GA 18 92.07 36.94 21.83
N ALA GA 19 93.03 37.12 20.90
CA ALA GA 19 93.32 36.08 19.92
C ALA GA 19 93.95 34.85 20.59
N CYS GA 20 94.90 35.13 21.51
CA CYS GA 20 95.63 34.07 22.18
C CYS GA 20 94.69 33.20 23.03
N TRP GA 21 93.66 33.86 23.60
CA TRP GA 21 92.86 33.19 24.61
C TRP GA 21 91.67 32.41 24.05
N GLU GA 22 91.15 32.82 22.88
CA GLU GA 22 90.10 31.97 22.30
C GLU GA 22 90.75 30.74 21.66
N LEU GA 23 92.03 30.86 21.31
CA LEU GA 23 92.73 29.72 20.74
C LEU GA 23 93.08 28.70 21.84
N PHE GA 24 93.48 29.19 23.02
CA PHE GA 24 93.85 28.30 24.12
C PHE GA 24 92.63 27.58 24.68
N CYS GA 25 91.50 28.29 24.67
CA CYS GA 25 90.25 27.69 25.10
C CYS GA 25 89.79 26.60 24.13
N LEU GA 26 89.98 26.89 22.83
CA LEU GA 26 89.55 25.98 21.78
C LEU GA 26 90.46 24.76 21.74
N GLU GA 27 91.75 24.96 22.08
CA GLU GA 27 92.74 23.89 22.01
C GLU GA 27 92.53 22.86 23.12
N HIS GA 28 92.06 23.30 24.31
CA HIS GA 28 91.86 22.38 25.43
C HIS GA 28 90.41 21.89 25.49
N GLY GA 29 89.51 22.67 24.91
CA GLY GA 29 88.11 22.26 24.86
C GLY GA 29 87.31 22.73 26.08
N ILE GA 30 87.37 24.06 26.28
CA ILE GA 30 86.61 24.69 27.35
C ILE GA 30 85.68 25.75 26.77
N GLN GA 31 84.43 25.78 27.26
CA GLN GA 31 83.29 26.55 26.73
C GLN GA 31 83.46 28.04 27.08
N PRO GA 32 82.69 29.02 26.51
CA PRO GA 32 82.81 30.41 26.97
C PRO GA 32 82.58 30.69 28.46
N ASP GA 33 81.72 29.87 29.06
CA ASP GA 33 81.43 29.94 30.48
C ASP GA 33 82.57 29.39 31.32
N GLY GA 34 83.51 28.67 30.69
CA GLY GA 34 84.73 28.24 31.36
C GLY GA 34 84.72 26.80 31.89
N GLN GA 35 83.59 26.11 31.80
CA GLN GA 35 83.53 24.72 32.21
C GLN GA 35 83.64 23.80 31.00
N MET GA 36 84.35 22.69 31.23
CA MET GA 36 84.60 21.61 30.29
C MET GA 36 83.60 20.46 30.57
N PRO GA 37 83.08 19.82 29.52
CA PRO GA 37 81.93 18.90 29.67
C PRO GA 37 82.17 17.39 29.86
N ASP GA 47 96.60 18.57 34.40
CA ASP GA 47 98.08 18.80 34.63
C ASP GA 47 98.72 19.37 33.35
N ALA GA 48 98.08 19.06 32.23
CA ALA GA 48 98.53 19.52 30.94
C ALA GA 48 97.96 20.90 30.67
N PHE GA 49 96.84 21.27 31.31
CA PHE GA 49 96.21 22.56 31.00
C PHE GA 49 96.55 23.56 32.11
N ASN GA 50 97.14 23.03 33.18
CA ASN GA 50 97.40 23.78 34.40
C ASN GA 50 98.43 24.87 34.19
N THR GA 51 99.13 24.84 33.04
CA THR GA 51 100.18 25.82 32.78
C THR GA 51 99.60 27.15 32.31
N PHE GA 52 98.27 27.21 32.12
CA PHE GA 52 97.59 28.45 31.77
C PHE GA 52 96.25 28.66 32.49
N PHE GA 53 95.64 27.59 33.02
CA PHE GA 53 94.27 27.64 33.54
C PHE GA 53 94.24 27.21 35.00
N SER GA 54 93.49 27.96 35.83
CA SER GA 54 93.37 27.63 37.25
C SER GA 54 92.26 26.60 37.47
N GLU GA 55 92.07 26.22 38.74
CA GLU GA 55 90.99 25.34 39.12
C GLU GA 55 90.09 26.04 40.12
N THR GA 56 88.79 26.12 39.81
CA THR GA 56 87.88 26.85 40.66
C THR GA 56 86.59 26.06 40.83
N GLY GA 57 86.54 25.23 41.88
CA GLY GA 57 85.33 24.50 42.24
C GLY GA 57 85.06 23.35 41.29
N ALA GA 58 83.78 23.20 40.93
CA ALA GA 58 83.29 22.04 40.19
C ALA GA 58 83.45 22.21 38.69
N GLY GA 59 84.45 21.51 38.14
CA GLY GA 59 84.69 21.36 36.71
C GLY GA 59 84.85 22.69 35.96
N LYS GA 60 85.83 23.52 36.35
CA LYS GA 60 85.84 24.90 35.88
C LYS GA 60 87.27 25.46 35.86
N HIS GA 61 87.56 26.32 34.86
CA HIS GA 61 88.87 26.91 34.69
C HIS GA 61 88.76 28.41 34.42
N VAL GA 62 89.67 29.19 35.02
CA VAL GA 62 89.77 30.62 34.76
C VAL GA 62 91.23 30.89 34.41
N PRO GA 63 91.50 31.83 33.47
CA PRO GA 63 92.87 32.00 32.96
C PRO GA 63 93.81 32.78 33.88
N ARG GA 64 95.11 32.69 33.59
CA ARG GA 64 96.15 33.37 34.36
C ARG GA 64 96.65 34.58 33.57
N CYS GA 65 95.69 35.49 33.40
CA CYS GA 65 95.94 36.68 32.61
C CYS GA 65 95.53 37.90 33.42
N VAL GA 66 96.25 38.98 33.15
CA VAL GA 66 95.85 40.29 33.60
C VAL GA 66 95.82 41.21 32.37
N PHE GA 67 94.71 41.97 32.29
CA PHE GA 67 94.41 42.82 31.15
C PHE GA 67 94.52 44.27 31.57
N LEU GA 68 95.75 44.80 31.56
CA LEU GA 68 95.99 46.15 32.02
C LEU GA 68 95.79 47.16 30.90
N ASP GA 69 95.17 48.29 31.27
CA ASP GA 69 95.02 49.43 30.41
C ASP GA 69 94.65 50.65 31.24
N LEU GA 70 94.92 51.83 30.66
CA LEU GA 70 94.47 53.07 31.26
C LEU GA 70 93.20 53.56 30.56
N GLU GA 71 92.68 52.82 29.59
CA GLU GA 71 91.50 53.22 28.81
C GLU GA 71 90.38 52.23 29.09
N PRO GA 72 89.19 52.70 29.50
CA PRO GA 72 88.11 51.78 29.84
C PRO GA 72 87.48 51.15 28.61
N THR GA 73 87.64 51.76 27.45
CA THR GA 73 86.69 51.47 26.38
C THR GA 73 87.17 50.28 25.55
N VAL GA 74 88.43 49.87 25.76
CA VAL GA 74 88.99 48.78 24.98
C VAL GA 74 88.83 47.48 25.78
N VAL GA 75 88.75 47.60 27.10
CA VAL GA 75 88.68 46.46 28.00
C VAL GA 75 87.23 46.18 28.42
N ASP GA 76 86.43 47.24 28.53
CA ASP GA 76 85.03 47.09 28.87
C ASP GA 76 84.27 46.48 27.71
N GLU GA 77 84.81 46.55 26.48
CA GLU GA 77 84.13 45.93 25.34
C GLU GA 77 84.50 44.45 25.26
N VAL GA 78 85.45 44.04 26.12
CA VAL GA 78 85.69 42.62 26.41
C VAL GA 78 84.79 42.11 27.55
N ARG GA 79 84.53 42.95 28.55
CA ARG GA 79 83.67 42.59 29.66
C ARG GA 79 82.23 42.38 29.18
N THR GA 80 81.89 42.96 28.03
CA THR GA 80 80.58 42.91 27.37
C THR GA 80 80.52 41.82 26.29
N GLY GA 81 81.64 41.14 26.01
CA GLY GA 81 81.70 40.27 24.86
C GLY GA 81 80.98 38.92 25.09
N THR GA 82 81.44 37.86 24.42
CA THR GA 82 80.95 36.51 24.70
C THR GA 82 81.69 35.95 25.90
N TYR GA 83 82.96 36.29 26.07
CA TYR GA 83 83.75 35.88 27.22
C TYR GA 83 83.61 36.92 28.35
N ARG GA 84 82.38 37.13 28.80
CA ARG GA 84 82.19 37.82 30.07
C ARG GA 84 82.61 36.91 31.22
N HIS GA 85 82.17 35.65 31.08
CA HIS GA 85 82.12 34.66 32.12
C HIS GA 85 83.49 33.93 32.22
N LEU GA 86 84.33 34.14 31.21
CA LEU GA 86 85.61 33.45 31.15
C LEU GA 86 86.56 34.02 32.22
N PHE GA 87 86.54 35.35 32.32
CA PHE GA 87 87.52 36.00 33.17
C PHE GA 87 86.88 36.45 34.46
N HIS GA 88 87.67 36.25 35.51
CA HIS GA 88 87.39 36.85 36.79
C HIS GA 88 87.47 38.36 36.64
N PRO GA 89 86.48 39.09 37.21
CA PRO GA 89 86.37 40.54 36.97
C PRO GA 89 87.58 41.38 37.34
N GLU GA 90 88.35 41.05 38.39
CA GLU GA 90 89.53 41.86 38.68
C GLU GA 90 90.73 41.52 37.79
N GLN GA 91 90.60 40.58 36.86
CA GLN GA 91 91.74 40.32 35.98
C GLN GA 91 91.80 41.37 34.88
N LEU GA 92 90.67 42.05 34.63
CA LEU GA 92 90.59 43.16 33.67
C LEU GA 92 90.62 44.46 34.48
N ILE GA 93 91.80 45.11 34.51
CA ILE GA 93 92.01 46.28 35.34
C ILE GA 93 92.19 47.49 34.42
N SER GA 94 91.45 48.56 34.75
CA SER GA 94 91.33 49.69 33.86
C SER GA 94 91.41 51.00 34.65
N GLY GA 95 91.99 52.03 34.01
CA GLY GA 95 92.02 53.37 34.56
C GLY GA 95 90.85 54.21 34.06
N LYS GA 96 91.09 55.52 33.87
CA LYS GA 96 90.08 56.41 33.32
C LYS GA 96 90.59 57.25 32.15
N GLU GA 97 91.89 57.56 32.04
CA GLU GA 97 92.38 58.30 30.88
C GLU GA 97 93.64 57.67 30.27
N ASP GA 98 93.90 57.81 28.96
CA ASP GA 98 95.04 57.14 28.31
C ASP GA 98 96.39 57.71 28.78
N ALA GA 99 97.46 57.12 28.25
CA ALA GA 99 98.76 57.78 28.26
C ALA GA 99 98.94 58.66 27.02
N ALA GA 100 98.10 58.46 26.01
CA ALA GA 100 97.95 59.42 24.91
C ALA GA 100 99.24 59.54 24.09
N ASN GA 101 99.87 58.40 23.89
CA ASN GA 101 101.18 58.23 23.26
C ASN GA 101 102.21 59.17 23.88
N ASN GA 102 102.20 59.25 25.21
CA ASN GA 102 103.30 59.88 25.91
C ASN GA 102 103.96 58.81 26.76
N PHE GA 103 105.27 58.60 26.51
CA PHE GA 103 106.03 57.76 27.42
C PHE GA 103 106.16 58.42 28.80
N ALA GA 104 106.22 59.76 28.78
CA ALA GA 104 106.29 60.54 30.02
C ALA GA 104 105.04 60.31 30.88
N ARG GA 105 103.90 60.17 30.19
CA ARG GA 105 102.65 59.98 30.90
C ARG GA 105 102.57 58.56 31.47
N GLY GA 106 103.29 57.63 30.83
CA GLY GA 106 103.27 56.22 31.21
C GLY GA 106 103.83 55.97 32.60
N HIS GA 107 105.12 56.26 32.80
CA HIS GA 107 105.69 56.17 34.14
C HIS GA 107 105.04 57.13 35.13
N TYR GA 108 105.22 58.44 34.88
CA TYR GA 108 105.24 59.39 35.99
C TYR GA 108 103.84 59.76 36.43
N THR GA 109 103.04 60.32 35.53
CA THR GA 109 101.84 61.00 35.94
C THR GA 109 100.70 60.03 36.21
N ILE GA 110 100.24 59.34 35.16
CA ILE GA 110 98.93 58.70 35.21
C ILE GA 110 99.03 57.22 35.55
N GLY GA 111 100.17 56.60 35.23
CA GLY GA 111 100.31 55.16 35.40
C GLY GA 111 100.61 54.71 36.84
N LYS GA 112 100.88 55.64 37.76
CA LYS GA 112 101.39 55.26 39.07
C LYS GA 112 100.26 54.86 40.03
N GLU GA 113 99.01 55.15 39.67
CA GLU GA 113 97.89 54.81 40.55
C GLU GA 113 97.26 53.48 40.19
N ILE GA 114 97.80 52.81 39.15
CA ILE GA 114 97.27 51.52 38.71
C ILE GA 114 98.27 50.39 38.96
N VAL GA 115 99.53 50.70 39.23
CA VAL GA 115 100.56 49.69 39.47
C VAL GA 115 100.35 49.00 40.82
N ASP GA 116 99.80 49.71 41.80
CA ASP GA 116 99.48 49.12 43.09
C ASP GA 116 98.38 48.07 42.95
N LEU GA 117 97.35 48.40 42.15
CA LEU GA 117 96.30 47.43 41.86
C LEU GA 117 96.81 46.32 40.96
N SER GA 118 97.80 46.63 40.12
CA SER GA 118 98.34 45.67 39.17
C SER GA 118 99.03 44.53 39.91
N LEU GA 119 99.92 44.87 40.86
CA LEU GA 119 100.70 43.90 41.61
C LEU GA 119 99.81 43.03 42.50
N ASP GA 120 98.65 43.58 42.94
CA ASP GA 120 97.71 42.88 43.78
C ASP GA 120 97.18 41.62 43.10
N ARG GA 121 96.87 41.73 41.78
CA ARG GA 121 96.37 40.60 41.04
C ARG GA 121 97.53 39.65 40.72
N ILE GA 122 98.74 40.20 40.57
CA ILE GA 122 99.90 39.36 40.26
C ILE GA 122 100.28 38.49 41.46
N ARG GA 123 100.23 39.08 42.67
CA ARG GA 123 100.56 38.32 43.87
C ARG GA 123 99.52 37.22 44.07
N LYS GA 124 98.25 37.55 43.79
CA LYS GA 124 97.14 36.65 44.05
C LYS GA 124 97.19 35.45 43.12
N LEU GA 125 97.68 35.65 41.89
CA LEU GA 125 97.67 34.65 40.83
C LEU GA 125 99.00 33.88 40.78
N ALA GA 126 99.96 34.23 41.66
CA ALA GA 126 101.30 33.61 41.66
C ALA GA 126 101.55 32.70 42.87
N ASP GA 127 100.85 32.97 43.98
CA ASP GA 127 101.09 32.23 45.20
C ASP GA 127 100.23 30.96 45.27
N ASN GA 128 99.57 30.58 44.17
CA ASN GA 128 98.91 29.27 44.06
C ASN GA 128 99.88 28.09 44.29
N CYS GA 129 100.94 28.06 43.48
CA CYS GA 129 101.98 27.07 43.57
C CYS GA 129 103.25 27.64 42.95
N THR GA 130 104.34 27.09 43.46
CA THR GA 130 105.67 27.37 43.00
C THR GA 130 105.90 26.62 41.70
N GLY GA 131 107.09 26.85 41.13
CA GLY GA 131 107.53 26.31 39.86
C GLY GA 131 106.99 27.11 38.67
N LEU GA 132 106.76 28.40 38.89
CA LEU GA 132 106.36 29.34 37.85
C LEU GA 132 107.55 29.52 36.90
N GLN GA 133 107.34 29.23 35.62
CA GLN GA 133 108.40 29.43 34.64
C GLN GA 133 108.75 30.92 34.49
N GLY GA 134 107.72 31.75 34.25
CA GLY GA 134 107.89 33.18 34.09
C GLY GA 134 106.60 33.89 33.70
N PHE GA 135 106.74 35.09 33.13
CA PHE GA 135 105.59 35.87 32.70
C PHE GA 135 105.78 36.23 31.25
N LEU GA 136 104.81 35.85 30.41
CA LEU GA 136 104.77 36.40 29.07
C LEU GA 136 104.21 37.81 29.16
N MET GA 137 104.80 38.72 28.39
CA MET GA 137 104.33 40.10 28.36
C MET GA 137 104.14 40.54 26.89
N PHE GA 138 103.03 41.24 26.68
CA PHE GA 138 102.72 41.81 25.38
C PHE GA 138 102.53 43.32 25.50
N ASN GA 139 103.08 44.04 24.52
CA ASN GA 139 102.91 45.48 24.42
C ASN GA 139 103.21 45.94 23.00
N ALA GA 140 102.69 47.12 22.66
CA ALA GA 140 103.09 47.87 21.49
C ALA GA 140 104.06 48.95 21.98
N VAL GA 141 105.26 49.00 21.42
CA VAL GA 141 106.27 49.89 21.95
C VAL GA 141 105.94 51.35 21.58
N GLY GA 142 105.38 51.55 20.37
CA GLY GA 142 104.99 52.86 19.87
C GLY GA 142 103.94 53.61 20.70
N GLY GA 143 103.07 52.83 21.38
CA GLY GA 143 101.91 53.31 22.12
C GLY GA 143 102.30 53.89 23.48
N GLY GA 144 101.31 54.46 24.18
CA GLY GA 144 101.64 55.19 25.40
C GLY GA 144 101.69 54.30 26.63
N THR GA 145 100.51 53.76 26.94
CA THR GA 145 100.33 52.95 28.12
C THR GA 145 100.96 51.57 27.94
N GLY GA 146 101.04 51.12 26.69
CA GLY GA 146 101.70 49.86 26.35
C GLY GA 146 103.18 49.86 26.74
N SER GA 147 103.83 51.00 26.52
CA SER GA 147 105.26 51.13 26.75
C SER GA 147 105.52 51.77 28.11
N GLY GA 148 104.72 52.79 28.44
CA GLY GA 148 104.92 53.58 29.63
C GLY GA 148 104.73 52.77 30.92
N LEU GA 149 103.66 51.97 30.97
CA LEU GA 149 103.50 51.06 32.08
C LEU GA 149 104.45 49.87 31.95
N GLY GA 150 104.95 49.63 30.72
CA GLY GA 150 105.71 48.43 30.41
C GLY GA 150 106.99 48.34 31.26
N CYS GA 151 107.74 49.44 31.36
CA CYS GA 151 108.94 49.42 32.18
C CYS GA 151 108.61 49.38 33.67
N LEU GA 152 107.68 50.28 34.05
CA LEU GA 152 107.36 50.49 35.45
C LEU GA 152 106.70 49.24 36.05
N LEU GA 153 106.04 48.45 35.19
CA LEU GA 153 105.49 47.20 35.67
C LEU GA 153 106.60 46.17 35.85
N LEU GA 154 107.54 46.16 34.91
CA LEU GA 154 108.59 45.14 34.92
C LEU GA 154 109.65 45.45 36.00
N GLU GA 155 109.88 46.75 36.28
CA GLU GA 155 110.85 47.11 37.31
C GLU GA 155 110.36 46.61 38.69
N ARG GA 156 109.05 46.78 38.98
CA ARG GA 156 108.48 46.23 40.19
C ARG GA 156 108.41 44.69 40.11
N LEU GA 157 108.39 44.14 38.89
CA LEU GA 157 108.38 42.68 38.78
C LEU GA 157 109.77 42.10 39.00
N SER GA 158 110.80 42.88 38.61
CA SER GA 158 112.17 42.44 38.73
C SER GA 158 112.64 42.46 40.19
N VAL GA 159 112.06 43.33 40.99
CA VAL GA 159 112.57 43.59 42.33
C VAL GA 159 112.18 42.45 43.29
N ASP GA 160 111.06 41.78 43.04
CA ASP GA 160 110.60 40.76 43.99
C ASP GA 160 110.69 39.35 43.41
N TYR GA 161 110.20 39.20 42.17
CA TYR GA 161 110.37 37.97 41.41
C TYR GA 161 111.65 38.10 40.61
N GLY GA 162 112.71 38.07 41.40
CA GLY GA 162 113.99 38.35 40.83
C GLY GA 162 114.47 37.13 40.06
N LYS GA 163 114.00 35.89 40.25
CA LYS GA 163 114.63 34.70 39.68
C LYS GA 163 113.97 34.30 38.31
N LYS GA 164 112.95 35.06 37.84
CA LYS GA 164 111.93 34.49 36.97
C LYS GA 164 112.19 34.84 35.52
N SER GA 165 111.68 33.99 34.60
CA SER GA 165 112.00 34.12 33.19
C SER GA 165 111.00 35.02 32.47
N LYS GA 166 111.31 36.32 32.37
CA LYS GA 166 110.42 37.31 31.75
C LYS GA 166 110.56 37.31 30.23
N LEU GA 167 109.46 37.02 29.53
CA LEU GA 167 109.43 37.10 28.07
C LEU GA 167 108.61 38.32 27.62
N ASN GA 168 109.10 38.94 26.54
CA ASN GA 168 108.47 40.10 25.95
C ASN GA 168 108.18 39.81 24.48
N PHE GA 169 107.00 40.24 24.03
CA PHE GA 169 106.69 40.19 22.62
C PHE GA 169 106.30 41.58 22.17
N CYS GA 170 107.33 42.35 21.80
CA CYS GA 170 107.15 43.76 21.47
C CYS GA 170 106.72 43.93 20.01
N SER GA 171 105.67 44.75 19.81
CA SER GA 171 105.26 45.16 18.47
C SER GA 171 106.00 46.43 18.10
N TRP GA 172 107.17 46.25 17.50
CA TRP GA 172 108.01 47.38 17.14
C TRP GA 172 107.35 48.23 16.05
N PRO GA 173 107.61 49.55 16.00
CA PRO GA 173 107.17 50.37 14.88
C PRO GA 173 107.76 49.93 13.55
N SER GA 174 106.93 49.97 12.51
CA SER GA 174 107.35 49.52 11.19
C SER GA 174 108.34 50.52 10.57
N PRO GA 175 109.26 50.12 9.66
CA PRO GA 175 110.24 51.07 9.09
C PRO GA 175 109.66 52.22 8.26
N GLN GA 176 108.74 51.88 7.34
CA GLN GA 176 108.12 52.84 6.44
C GLN GA 176 106.73 53.24 6.95
N VAL GA 177 105.80 52.29 7.00
CA VAL GA 177 104.45 52.54 7.47
C VAL GA 177 104.51 52.83 8.97
N SER GA 178 103.81 53.88 9.40
CA SER GA 178 103.95 54.30 10.79
C SER GA 178 102.61 54.24 11.51
N THR GA 179 101.63 54.99 10.97
CA THR GA 179 100.35 55.30 11.58
C THR GA 179 100.53 56.33 12.71
N ALA GA 180 101.73 56.84 12.96
CA ALA GA 180 101.90 57.80 14.06
C ALA GA 180 103.22 58.54 13.89
N VAL GA 181 103.25 59.71 14.51
CA VAL GA 181 104.33 60.65 14.31
C VAL GA 181 105.35 60.56 15.44
N VAL GA 182 104.92 60.32 16.68
CA VAL GA 182 105.79 60.49 17.84
C VAL GA 182 106.57 59.21 18.21
N GLU GA 183 106.54 58.25 17.29
CA GLU GA 183 107.08 56.90 17.43
C GLU GA 183 108.57 56.88 17.81
N PRO GA 184 109.46 57.60 17.09
CA PRO GA 184 110.87 57.58 17.42
C PRO GA 184 111.20 58.11 18.82
N TYR GA 185 110.31 58.93 19.40
CA TYR GA 185 110.52 59.35 20.77
C TYR GA 185 110.20 58.20 21.73
N ASN GA 186 109.11 57.47 21.43
CA ASN GA 186 108.67 56.42 22.33
C ASN GA 186 109.56 55.19 22.25
N SER GA 187 109.97 54.84 21.02
CA SER GA 187 110.67 53.59 20.79
C SER GA 187 112.08 53.62 21.37
N VAL GA 188 112.74 54.79 21.26
CA VAL GA 188 114.09 54.94 21.77
C VAL GA 188 114.07 54.96 23.29
N LEU GA 189 113.11 55.70 23.87
CA LEU GA 189 113.05 55.84 25.32
C LEU GA 189 112.64 54.53 26.00
N SER GA 190 111.82 53.73 25.31
CA SER GA 190 111.44 52.43 25.85
C SER GA 190 112.64 51.47 25.78
N THR GA 191 113.41 51.58 24.68
CA THR GA 191 114.49 50.66 24.40
C THR GA 191 115.54 50.72 25.51
N HIS GA 192 115.89 51.95 25.92
CA HIS GA 192 116.76 52.17 27.07
C HIS GA 192 116.21 51.47 28.31
N SER GA 193 114.88 51.54 28.47
CA SER GA 193 114.31 51.16 29.74
C SER GA 193 113.88 49.69 29.80
N LEU GA 194 113.97 48.99 28.64
CA LEU GA 194 113.71 47.54 28.58
C LEU GA 194 114.98 46.70 28.43
N LEU GA 195 116.14 47.34 28.31
CA LEU GA 195 117.38 46.58 28.24
C LEU GA 195 117.72 45.83 29.53
N GLU GA 196 117.42 46.40 30.69
CA GLU GA 196 117.89 45.83 31.95
C GLU GA 196 116.80 45.00 32.63
N HIS GA 197 115.62 44.87 31.96
CA HIS GA 197 114.48 44.24 32.60
C HIS GA 197 114.13 42.91 31.94
N THR GA 198 113.89 42.98 30.62
CA THR GA 198 113.41 41.82 29.90
C THR GA 198 114.57 40.83 29.73
N ASP GA 199 114.18 39.55 29.66
CA ASP GA 199 115.13 38.48 29.45
C ASP GA 199 115.15 38.05 27.97
N VAL GA 200 113.95 37.96 27.37
CA VAL GA 200 113.81 37.68 25.94
C VAL GA 200 112.83 38.68 25.36
N ALA GA 201 113.20 39.32 24.24
CA ALA GA 201 112.35 40.24 23.51
C ALA GA 201 112.32 39.82 22.05
N VAL GA 202 111.09 39.82 21.49
CA VAL GA 202 110.86 39.37 20.13
C VAL GA 202 110.15 40.48 19.36
N MET GA 203 110.68 40.82 18.17
CA MET GA 203 110.12 41.93 17.41
C MET GA 203 109.00 41.46 16.48
N LEU GA 204 107.87 42.19 16.49
CA LEU GA 204 106.72 41.90 15.64
C LEU GA 204 106.28 43.17 14.92
N ASP GA 205 106.88 43.47 13.76
CA ASP GA 205 106.41 44.63 13.01
C ASP GA 205 105.12 44.30 12.27
N ASN GA 206 104.18 45.22 12.33
CA ASN GA 206 102.87 45.03 11.72
C ASN GA 206 102.91 45.07 10.19
N GLU GA 207 103.88 45.84 9.65
CA GLU GA 207 103.97 46.01 8.20
C GLU GA 207 104.44 44.73 7.54
N ALA GA 208 105.32 43.96 8.22
CA ALA GA 208 105.76 42.65 7.73
C ALA GA 208 104.57 41.69 7.70
N ILE GA 209 103.77 41.75 8.77
CA ILE GA 209 102.66 40.83 8.88
C ILE GA 209 101.58 41.23 7.87
N TYR GA 210 101.59 42.51 7.45
CA TYR GA 210 100.65 42.97 6.43
C TYR GA 210 100.87 42.30 5.08
N ASP GA 211 102.13 42.26 4.66
CA ASP GA 211 102.40 41.80 3.31
C ASP GA 211 102.78 40.30 3.26
N ILE GA 212 103.04 39.71 4.42
CA ILE GA 212 103.19 38.24 4.44
C ILE GA 212 101.82 37.61 4.23
N CYS GA 213 100.79 38.40 4.58
CA CYS GA 213 99.41 37.96 4.45
C CYS GA 213 98.97 38.04 2.99
N ARG GA 214 99.44 39.08 2.31
CA ARG GA 214 98.99 39.32 0.96
C ARG GA 214 99.59 38.31 -0.01
N ARG GA 215 100.83 37.85 0.15
CA ARG GA 215 101.43 36.94 -0.81
C ARG GA 215 100.94 35.50 -0.60
N ASN GA 216 100.73 35.17 0.67
CA ASN GA 216 100.47 33.78 1.04
C ASN GA 216 98.99 33.45 1.14
N LEU GA 217 98.24 34.23 1.92
CA LEU GA 217 96.82 33.97 2.05
C LEU GA 217 96.04 34.61 0.91
N ASP GA 218 96.68 35.48 0.13
CA ASP GA 218 96.07 36.27 -0.94
C ASP GA 218 94.88 37.05 -0.38
N ILE GA 219 95.12 37.71 0.76
CA ILE GA 219 94.14 38.52 1.46
C ILE GA 219 94.53 39.99 1.29
N GLU GA 220 93.62 40.68 0.62
CA GLU GA 220 93.76 42.10 0.35
C GLU GA 220 92.95 42.96 1.33
N ARG GA 221 92.32 42.33 2.33
CA ARG GA 221 91.59 43.10 3.33
C ARG GA 221 91.83 42.55 4.73
N PRO GA 222 93.08 42.54 5.23
CA PRO GA 222 93.29 42.05 6.58
C PRO GA 222 93.08 43.22 7.54
N THR GA 223 92.48 42.92 8.70
CA THR GA 223 92.32 43.89 9.75
C THR GA 223 93.35 43.53 10.83
N TYR GA 224 93.37 44.23 11.98
CA TYR GA 224 94.11 43.83 13.16
C TYR GA 224 93.86 42.39 13.60
N THR GA 225 92.63 41.94 13.50
CA THR GA 225 92.36 40.69 14.19
C THR GA 225 92.71 39.48 13.31
N ASN GA 226 92.87 39.68 12.01
CA ASN GA 226 93.48 38.66 11.18
C ASN GA 226 94.99 38.58 11.46
N LEU GA 227 95.62 39.70 11.81
CA LEU GA 227 97.03 39.70 12.21
C LEU GA 227 97.20 38.99 13.55
N ASN GA 228 96.23 39.14 14.44
CA ASN GA 228 96.31 38.57 15.78
C ASN GA 228 96.20 37.06 15.76
N ARG GA 229 95.57 36.46 14.75
CA ARG GA 229 95.52 35.00 14.60
C ARG GA 229 96.93 34.46 14.38
N LEU GA 230 97.73 35.21 13.63
CA LEU GA 230 99.09 34.78 13.36
C LEU GA 230 99.96 34.93 14.60
N ILE GA 231 99.68 35.92 15.45
CA ILE GA 231 100.44 36.04 16.69
C ILE GA 231 100.06 34.90 17.62
N ALA GA 232 98.80 34.46 17.56
CA ALA GA 232 98.32 33.40 18.44
C ALA GA 232 99.00 32.08 18.07
N GLN GA 233 99.37 31.91 16.80
CA GLN GA 233 100.03 30.68 16.35
C GLN GA 233 101.49 30.69 16.81
N VAL GA 234 102.08 31.89 16.96
CA VAL GA 234 103.47 32.02 17.39
C VAL GA 234 103.60 31.66 18.86
N ILE GA 235 102.72 32.25 19.65
CA ILE GA 235 102.74 31.92 21.07
C ILE GA 235 102.31 30.47 21.34
N SER GA 236 101.35 29.94 20.56
CA SER GA 236 100.87 28.58 20.79
C SER GA 236 101.95 27.57 20.43
N SER GA 237 102.86 27.93 19.53
CA SER GA 237 103.98 27.07 19.20
C SER GA 237 105.03 27.08 20.31
N LEU GA 238 105.30 28.27 20.88
CA LEU GA 238 106.35 28.40 21.90
C LEU GA 238 105.96 27.71 23.19
N THR GA 239 104.69 27.85 23.59
CA THR GA 239 104.18 27.26 24.81
C THR GA 239 103.54 25.91 24.55
N ALA GA 240 103.79 25.32 23.37
CA ALA GA 240 103.21 24.04 23.03
C ALA GA 240 103.84 22.94 23.89
N SER GA 241 105.16 23.03 24.08
CA SER GA 241 105.91 22.01 24.79
C SER GA 241 105.58 22.03 26.28
N LEU GA 242 105.14 23.18 26.80
CA LEU GA 242 104.69 23.28 28.19
C LEU GA 242 103.39 22.53 28.40
N ARG GA 243 102.58 22.44 27.35
CA ARG GA 243 101.19 22.05 27.52
C ARG GA 243 100.94 20.61 27.08
N PHE GA 244 101.74 20.13 26.12
CA PHE GA 244 101.52 18.80 25.57
C PHE GA 244 102.78 17.97 25.65
N ASP GA 245 102.77 16.87 24.91
CA ASP GA 245 103.85 15.90 24.97
C ASP GA 245 104.99 16.43 24.10
N GLY GA 246 106.06 15.64 23.93
CA GLY GA 246 107.07 16.06 22.98
C GLY GA 246 108.20 15.04 22.81
N ALA GA 247 108.55 14.78 21.54
CA ALA GA 247 109.71 13.94 21.23
C ALA GA 247 111.02 14.61 21.68
N LEU GA 248 111.13 15.93 21.49
CA LEU GA 248 112.29 16.68 21.96
C LEU GA 248 111.84 18.09 22.30
N ASN GA 249 111.42 18.32 23.54
CA ASN GA 249 110.68 19.53 23.90
C ASN GA 249 111.60 20.52 24.58
N VAL GA 250 111.29 21.82 24.40
CA VAL GA 250 112.02 22.88 25.07
C VAL GA 250 111.01 23.85 25.71
N ASP GA 251 111.32 24.30 26.92
CA ASP GA 251 110.47 25.25 27.59
C ASP GA 251 110.90 26.67 27.29
N VAL GA 252 110.27 27.61 28.01
CA VAL GA 252 110.55 29.03 27.96
C VAL GA 252 111.97 29.30 28.50
N THR GA 253 112.37 28.57 29.54
CA THR GA 253 113.62 28.80 30.25
C THR GA 253 114.82 28.50 29.35
N GLU GA 254 114.74 27.46 28.54
CA GLU GA 254 115.90 26.96 27.79
C GLU GA 254 116.11 27.71 26.45
N PHE GA 255 115.33 28.78 26.21
CA PHE GA 255 115.60 29.68 25.09
C PHE GA 255 116.79 30.59 25.39
N GLN GA 256 116.65 31.30 26.51
CA GLN GA 256 117.56 32.34 26.98
C GLN GA 256 118.98 31.80 27.16
N THR GA 257 119.10 30.53 27.52
CA THR GA 257 120.42 29.94 27.67
C THR GA 257 121.07 29.74 26.30
N ASN GA 258 120.24 29.46 25.29
CA ASN GA 258 120.76 29.02 24.01
C ASN GA 258 120.96 30.16 23.00
N LEU GA 259 120.30 31.33 23.21
CA LEU GA 259 120.25 32.32 22.13
C LEU GA 259 120.84 33.69 22.55
N VAL GA 260 121.18 33.84 23.85
CA VAL GA 260 121.56 35.14 24.37
C VAL GA 260 122.99 35.06 24.87
N PRO GA 261 123.96 35.45 24.03
CA PRO GA 261 125.34 35.53 24.51
C PRO GA 261 125.67 36.64 25.54
N TYR GA 262 125.07 37.82 25.41
CA TYR GA 262 125.43 38.93 26.30
C TYR GA 262 124.21 39.73 26.71
N PRO GA 263 124.38 40.64 27.73
CA PRO GA 263 123.27 41.36 28.40
C PRO GA 263 122.37 42.16 27.48
N ARG GA 264 123.01 42.61 26.41
CA ARG GA 264 122.60 43.70 25.57
C ARG GA 264 121.96 43.14 24.33
N ILE GA 265 122.04 41.81 24.07
CA ILE GA 265 121.60 41.30 22.78
C ILE GA 265 120.58 40.20 23.03
N HIS GA 266 119.31 40.63 23.13
CA HIS GA 266 118.19 39.73 23.33
C HIS GA 266 117.00 40.20 22.48
N PHE GA 267 117.28 40.54 21.22
CA PHE GA 267 116.24 40.94 20.29
C PHE GA 267 116.22 39.97 19.12
N MET GA 268 115.11 39.21 19.03
CA MET GA 268 115.04 38.11 18.10
C MET GA 268 113.86 38.26 17.13
N LEU GA 269 114.03 37.64 15.95
CA LEU GA 269 113.10 37.76 14.84
C LEU GA 269 112.36 36.45 14.63
N SER GA 270 111.04 36.57 14.43
CA SER GA 270 110.18 35.43 14.19
C SER GA 270 110.02 35.18 12.69
N SER GA 271 109.81 33.89 12.39
CA SER GA 271 109.34 33.46 11.08
C SER GA 271 108.54 32.18 11.27
N TYR GA 272 107.41 32.14 10.58
CA TYR GA 272 106.48 31.05 10.77
C TYR GA 272 106.10 30.50 9.41
N ALA GA 273 106.05 29.17 9.34
CA ALA GA 273 105.72 28.50 8.11
C ALA GA 273 105.09 27.16 8.49
N PRO GA 274 104.01 26.72 7.80
CA PRO GA 274 103.37 27.47 6.73
C PRO GA 274 102.18 28.31 7.15
N ILE GA 275 101.92 29.36 6.38
CA ILE GA 275 100.63 30.02 6.40
C ILE GA 275 100.04 29.90 5.00
N ILE GA 276 99.01 29.06 4.90
CA ILE GA 276 98.42 28.64 3.64
C ILE GA 276 96.91 28.42 3.85
N SER GA 277 96.09 28.63 2.81
CA SER GA 277 94.63 28.54 2.88
C SER GA 277 94.11 27.21 2.34
N ALA GA 278 92.75 27.08 2.26
CA ALA GA 278 92.06 25.86 1.83
C ALA GA 278 92.33 25.57 0.36
N GLU GA 279 92.64 26.61 -0.43
CA GLU GA 279 93.12 26.48 -1.80
C GLU GA 279 94.46 25.76 -1.87
N LYS GA 280 95.40 26.18 -1.02
CA LYS GA 280 96.78 25.76 -1.20
C LYS GA 280 97.18 24.65 -0.23
N ALA GA 281 96.44 24.48 0.87
CA ALA GA 281 96.67 23.32 1.72
C ALA GA 281 96.19 22.05 1.02
N TYR GA 282 95.28 22.24 0.06
CA TYR GA 282 94.69 21.13 -0.66
C TYR GA 282 95.75 20.48 -1.58
N HIS GA 283 96.69 21.29 -2.06
CA HIS GA 283 97.61 20.85 -3.09
C HIS GA 283 99.05 20.70 -2.60
N GLU GA 284 99.47 21.50 -1.62
CA GLU GA 284 100.80 21.27 -1.05
C GLU GA 284 100.80 20.00 -0.19
N GLN GA 285 101.81 19.11 -0.38
CA GLN GA 285 102.25 18.37 0.76
C GLN GA 285 103.19 19.23 1.57
N LEU GA 286 103.14 19.09 2.89
CA LEU GA 286 103.85 20.01 3.77
C LEU GA 286 104.98 19.28 4.48
N SER GA 287 105.87 18.63 3.70
CA SER GA 287 106.99 17.90 4.22
C SER GA 287 107.90 18.84 5.01
N VAL GA 288 108.67 18.21 5.91
CA VAL GA 288 109.46 18.93 6.90
C VAL GA 288 110.56 19.73 6.19
N ALA GA 289 111.11 19.15 5.11
CA ALA GA 289 112.09 19.80 4.24
C ALA GA 289 111.55 21.12 3.70
N GLU GA 290 110.25 21.10 3.36
CA GLU GA 290 109.69 22.23 2.65
C GLU GA 290 109.41 23.39 3.60
N ILE GA 291 108.88 23.09 4.80
CA ILE GA 291 108.44 24.15 5.69
C ILE GA 291 109.62 24.86 6.36
N THR GA 292 110.81 24.27 6.25
CA THR GA 292 111.99 24.95 6.78
C THR GA 292 112.73 25.75 5.71
N ASN GA 293 112.44 25.48 4.43
CA ASN GA 293 112.91 26.37 3.38
C ASN GA 293 112.10 27.66 3.39
N SER GA 294 110.78 27.50 3.52
CA SER GA 294 109.88 28.63 3.53
C SER GA 294 110.00 29.42 4.84
N ALA GA 295 110.59 28.81 5.89
CA ALA GA 295 110.85 29.53 7.13
C ALA GA 295 112.04 30.51 6.98
N PHE GA 296 113.01 30.16 6.13
CA PHE GA 296 114.24 30.93 6.02
C PHE GA 296 114.24 31.95 4.89
N GLU GA 297 113.13 32.06 4.15
CA GLU GA 297 113.06 33.08 3.11
C GLU GA 297 113.01 34.47 3.74
N PRO GA 298 113.76 35.48 3.25
CA PRO GA 298 113.58 36.88 3.68
C PRO GA 298 112.17 37.44 3.52
N ALA GA 299 111.39 36.89 2.58
CA ALA GA 299 110.00 37.30 2.41
C ALA GA 299 109.11 36.83 3.57
N SER GA 300 109.45 35.70 4.22
CA SER GA 300 108.67 35.16 5.32
C SER GA 300 109.16 35.63 6.68
N MET GA 301 110.16 36.52 6.67
CA MET GA 301 110.56 37.19 7.91
C MET GA 301 109.35 37.99 8.40
N MET GA 302 109.17 37.99 9.73
CA MET GA 302 107.96 38.60 10.27
C MET GA 302 108.27 39.90 11.01
N ALA GA 303 109.29 40.62 10.54
CA ALA GA 303 109.70 41.89 11.14
C ALA GA 303 110.25 42.89 10.10
N LYS GA 304 110.19 42.56 8.80
CA LYS GA 304 110.54 43.43 7.68
C LYS GA 304 111.95 44.01 7.87
N CYS GA 305 112.90 43.08 7.92
CA CYS GA 305 114.27 43.35 8.27
C CYS GA 305 115.08 42.27 7.54
N ASP GA 306 115.56 42.66 6.36
CA ASP GA 306 116.08 41.69 5.40
C ASP GA 306 117.35 41.08 5.97
N PRO GA 307 117.39 39.76 6.25
CA PRO GA 307 118.60 39.15 6.81
C PRO GA 307 119.67 38.84 5.76
N ARG GA 308 119.40 39.17 4.48
CA ARG GA 308 120.39 39.01 3.41
C ARG GA 308 121.60 39.93 3.62
N HIS GA 309 121.43 40.97 4.44
CA HIS GA 309 122.53 41.82 4.82
C HIS GA 309 122.77 41.74 6.33
N GLY GA 310 122.78 40.51 6.86
CA GLY GA 310 123.24 40.26 8.21
C GLY GA 310 124.03 38.97 8.27
N LYS GA 311 124.33 38.55 9.52
CA LYS GA 311 124.92 37.25 9.78
C LYS GA 311 124.20 36.62 10.97
N TYR GA 312 123.83 35.34 10.81
CA TYR GA 312 123.07 34.60 11.81
C TYR GA 312 124.00 34.17 12.94
N MET GA 313 123.57 34.46 14.18
CA MET GA 313 124.40 34.14 15.33
C MET GA 313 123.94 32.85 16.02
N ALA GA 314 122.61 32.73 16.18
CA ALA GA 314 121.95 31.59 16.81
C ALA GA 314 120.56 31.47 16.19
N CYS GA 315 120.01 30.24 16.21
CA CYS GA 315 118.71 30.08 15.58
C CYS GA 315 117.99 28.90 16.24
N CYS GA 316 116.75 29.18 16.65
CA CYS GA 316 115.93 28.20 17.31
C CYS GA 316 114.81 27.75 16.36
N LEU GA 317 114.60 26.43 16.31
CA LEU GA 317 113.55 25.83 15.49
C LEU GA 317 112.55 25.11 16.40
N MET GA 318 111.26 25.36 16.15
CA MET GA 318 110.18 24.69 16.85
C MET GA 318 109.30 24.02 15.81
N TYR GA 319 109.01 22.73 16.02
CA TYR GA 319 108.23 21.94 15.10
C TYR GA 319 107.00 21.42 15.82
N ARG GA 320 105.88 21.38 15.10
CA ARG GA 320 104.68 20.75 15.61
C ARG GA 320 104.15 19.77 14.56
N GLY GA 321 103.29 18.84 15.00
CA GLY GA 321 102.63 17.89 14.12
C GLY GA 321 103.31 16.53 14.14
N ASP GA 322 103.21 15.84 13.02
CA ASP GA 322 103.89 14.57 12.83
C ASP GA 322 105.22 14.83 12.14
N VAL GA 323 106.23 15.21 12.94
CA VAL GA 323 107.56 15.48 12.42
C VAL GA 323 108.51 14.41 12.94
N VAL GA 324 109.25 13.79 12.01
CA VAL GA 324 110.20 12.75 12.35
C VAL GA 324 111.59 13.39 12.49
N PRO GA 325 112.40 12.96 13.49
CA PRO GA 325 113.69 13.60 13.73
C PRO GA 325 114.72 13.46 12.60
N LYS GA 326 114.59 12.40 11.79
CA LYS GA 326 115.49 12.14 10.66
C LYS GA 326 115.36 13.24 9.62
N ASP GA 327 114.11 13.65 9.35
CA ASP GA 327 113.82 14.69 8.36
C ASP GA 327 114.33 16.05 8.82
N VAL GA 328 114.37 16.25 10.15
CA VAL GA 328 114.84 17.52 10.70
C VAL GA 328 116.35 17.63 10.42
N ASN GA 329 117.08 16.55 10.71
CA ASN GA 329 118.53 16.55 10.55
C ASN GA 329 118.97 16.57 9.09
N ALA GA 330 118.15 15.96 8.22
CA ALA GA 330 118.46 16.00 6.80
C ALA GA 330 118.30 17.42 6.26
N ALA GA 331 117.20 18.05 6.71
CA ALA GA 331 116.83 19.37 6.19
C ALA GA 331 117.81 20.44 6.68
N VAL GA 332 118.15 20.39 7.98
CA VAL GA 332 119.03 21.37 8.61
C VAL GA 332 120.41 21.27 7.99
N ALA GA 333 120.86 20.06 7.62
CA ALA GA 333 122.15 19.88 6.99
C ALA GA 333 122.24 20.67 5.68
N THR GA 334 121.18 20.55 4.88
CA THR GA 334 121.17 21.20 3.58
C THR GA 334 121.09 22.73 3.72
N ILE GA 335 120.32 23.21 4.72
CA ILE GA 335 120.22 24.63 5.07
C ILE GA 335 121.60 25.18 5.42
N LYS GA 336 122.41 24.39 6.15
CA LYS GA 336 123.74 24.81 6.52
C LYS GA 336 124.61 24.94 5.30
N THR GA 337 124.52 23.96 4.39
CA THR GA 337 125.46 23.90 3.26
C THR GA 337 125.20 25.03 2.27
N LYS GA 338 123.97 25.58 2.26
CA LYS GA 338 123.67 26.71 1.41
C LYS GA 338 124.43 27.94 1.90
N ARG GA 339 124.96 28.72 0.96
CA ARG GA 339 125.81 29.86 1.30
C ARG GA 339 125.11 31.17 0.91
N THR GA 340 123.83 31.30 1.25
CA THR GA 340 123.09 32.55 1.15
C THR GA 340 122.60 33.01 2.53
N ILE GA 341 122.46 32.05 3.44
CA ILE GA 341 122.07 32.33 4.82
C ILE GA 341 123.32 32.13 5.67
N GLN GA 342 123.99 33.24 6.02
CA GLN GA 342 125.36 33.17 6.47
C GLN GA 342 125.41 33.10 8.00
N PHE GA 343 125.86 31.92 8.42
CA PHE GA 343 126.18 31.65 9.81
C PHE GA 343 127.50 32.34 10.09
N VAL GA 344 127.59 32.98 11.26
CA VAL GA 344 128.73 33.85 11.56
C VAL GA 344 129.99 32.99 11.57
N ASP GA 345 131.18 33.56 11.46
CA ASP GA 345 132.38 32.74 11.31
C ASP GA 345 132.67 31.84 12.51
N TRP GA 346 132.57 32.38 13.73
CA TRP GA 346 132.98 31.64 14.92
C TRP GA 346 131.88 30.72 15.43
N CYS GA 347 130.84 30.51 14.60
CA CYS GA 347 129.72 29.65 14.96
C CYS GA 347 129.51 28.72 13.78
N PRO GA 348 130.24 27.61 13.55
CA PRO GA 348 129.83 26.69 12.48
C PRO GA 348 128.42 26.12 12.77
N THR GA 349 128.16 25.52 13.94
CA THR GA 349 126.82 25.03 14.25
C THR GA 349 126.04 25.99 15.16
N GLY GA 350 124.80 26.29 14.82
CA GLY GA 350 124.08 27.38 15.49
C GLY GA 350 122.59 27.07 15.69
N PHE GA 351 122.29 25.76 15.72
CA PHE GA 351 120.90 25.34 15.68
C PHE GA 351 120.46 24.77 17.02
N LYS GA 352 119.27 25.19 17.43
CA LYS GA 352 118.57 24.61 18.54
C LYS GA 352 117.24 24.06 18.00
N CYS GA 353 117.00 22.78 18.25
CA CYS GA 353 116.06 21.99 17.45
C CYS GA 353 114.92 21.52 18.38
N GLY GA 354 113.66 21.40 17.90
CA GLY GA 354 112.64 20.91 18.84
C GLY GA 354 111.36 20.43 18.18
N ILE GA 355 110.86 19.27 18.62
CA ILE GA 355 109.72 18.62 18.00
C ILE GA 355 108.62 18.43 19.05
N ASN GA 356 107.38 18.77 18.69
CA ASN GA 356 106.19 18.52 19.52
C ASN GA 356 105.15 17.79 18.68
N TYR GA 357 104.31 16.96 19.30
CA TYR GA 357 103.40 16.06 18.59
C TYR GA 357 102.10 16.73 18.23
N GLN GA 358 101.59 17.52 19.17
CA GLN GA 358 100.25 18.06 19.02
C GLN GA 358 100.22 19.05 17.85
N PRO GA 359 99.39 18.80 16.82
CA PRO GA 359 99.34 19.71 15.66
C PRO GA 359 98.71 21.06 16.05
N PRO GA 360 98.93 22.15 15.27
CA PRO GA 360 98.27 23.42 15.54
C PRO GA 360 96.76 23.31 15.40
N THR GA 361 96.04 24.01 16.28
CA THR GA 361 94.59 24.03 16.27
C THR GA 361 94.11 25.19 15.40
N VAL GA 362 93.26 24.86 14.43
CA VAL GA 362 92.72 25.86 13.53
C VAL GA 362 91.46 26.46 14.16
N VAL GA 363 91.40 27.79 14.19
CA VAL GA 363 90.21 28.44 14.67
C VAL GA 363 89.24 28.56 13.48
N PRO GA 364 87.97 28.13 13.61
CA PRO GA 364 87.02 28.23 12.49
C PRO GA 364 86.68 29.68 12.16
N GLY GA 365 86.48 29.94 10.85
CA GLY GA 365 86.13 31.27 10.36
C GLY GA 365 87.28 32.27 10.44
N GLY GA 366 88.49 31.77 10.76
CA GLY GA 366 89.71 32.56 10.67
C GLY GA 366 90.14 32.71 9.22
N ASP GA 367 91.42 32.42 8.95
CA ASP GA 367 91.96 32.51 7.61
C ASP GA 367 92.97 31.40 7.29
N LEU GA 368 93.58 30.77 8.31
CA LEU GA 368 94.51 29.67 8.02
C LEU GA 368 93.76 28.34 7.85
N ALA GA 369 94.46 27.29 7.38
CA ALA GA 369 93.85 25.97 7.23
C ALA GA 369 94.45 24.93 8.16
N LYS GA 370 93.73 23.80 8.35
CA LYS GA 370 94.19 22.72 9.21
C LYS GA 370 95.39 22.05 8.56
N VAL GA 371 96.49 21.93 9.29
CA VAL GA 371 97.74 21.46 8.71
C VAL GA 371 98.28 20.34 9.58
N MET GA 372 98.93 19.37 8.92
CA MET GA 372 99.52 18.25 9.62
C MET GA 372 100.77 18.66 10.41
N ARG GA 373 101.50 19.68 9.98
CA ARG GA 373 102.70 20.10 10.68
C ARG GA 373 103.04 21.55 10.39
N ALA GA 374 103.89 22.14 11.23
CA ALA GA 374 104.24 23.54 11.13
C ALA GA 374 105.60 23.79 11.77
N VAL GA 375 106.18 24.96 11.46
CA VAL GA 375 107.48 25.37 11.97
C VAL GA 375 107.40 26.82 12.42
N CYS GA 376 107.89 27.04 13.64
CA CYS GA 376 108.12 28.38 14.15
C CYS GA 376 109.63 28.55 14.36
N MET GA 377 110.15 29.74 14.04
CA MET GA 377 111.59 29.98 14.06
C MET GA 377 111.87 31.31 14.77
N ILE GA 378 112.87 31.27 15.68
CA ILE GA 378 113.35 32.44 16.40
C ILE GA 378 114.86 32.53 16.18
N SER GA 379 115.27 33.65 15.60
CA SER GA 379 116.66 33.83 15.19
C SER GA 379 117.27 35.04 15.87
N ASN GA 380 118.52 34.90 16.29
CA ASN GA 380 119.32 36.02 16.78
C ASN GA 380 120.36 36.35 15.70
N SER GA 381 120.26 37.55 15.12
CA SER GA 381 121.12 37.92 14.00
C SER GA 381 121.74 39.31 14.23
N THR GA 382 122.79 39.63 13.45
CA THR GA 382 123.34 40.98 13.42
C THR GA 382 122.72 41.84 12.33
N ALA GA 383 121.59 41.37 11.78
CA ALA GA 383 120.75 42.17 10.89
C ALA GA 383 119.88 43.17 11.66
N ILE GA 384 119.96 43.11 13.00
CA ILE GA 384 119.19 43.97 13.89
C ILE GA 384 119.77 45.38 13.93
N ALA GA 385 121.01 45.55 13.48
CA ALA GA 385 121.62 46.87 13.60
C ALA GA 385 121.00 47.83 12.58
N GLU GA 386 120.23 47.32 11.61
CA GLU GA 386 119.53 48.19 10.67
C GLU GA 386 118.26 48.78 11.27
N VAL GA 387 117.61 48.02 12.17
CA VAL GA 387 116.35 48.50 12.69
C VAL GA 387 116.63 49.57 13.74
N PHE GA 388 117.83 49.54 14.33
CA PHE GA 388 118.22 50.59 15.25
C PHE GA 388 118.77 51.81 14.51
N SER GA 389 119.43 51.58 13.37
CA SER GA 389 120.04 52.67 12.62
C SER GA 389 119.00 53.59 12.00
N ARG GA 390 117.84 53.01 11.63
CA ARG GA 390 116.78 53.86 11.08
C ARG GA 390 116.17 54.67 12.22
N MET GA 391 115.94 54.03 13.38
CA MET GA 391 115.30 54.76 14.46
C MET GA 391 116.29 55.66 15.19
N ASP GA 392 117.59 55.42 15.00
CA ASP GA 392 118.61 56.32 15.50
C ASP GA 392 118.57 57.62 14.70
N HIS GA 393 118.46 57.48 13.37
CA HIS GA 393 118.50 58.63 12.48
C HIS GA 393 117.25 59.50 12.63
N LYS GA 394 116.08 58.83 12.72
CA LYS GA 394 114.79 59.50 12.80
C LYS GA 394 114.70 60.29 14.11
N PHE GA 395 115.18 59.70 15.22
CA PHE GA 395 115.11 60.31 16.55
C PHE GA 395 115.99 61.55 16.66
N ASP GA 396 117.22 61.48 16.13
CA ASP GA 396 118.14 62.60 16.19
C ASP GA 396 117.68 63.72 15.27
N LEU GA 397 116.97 63.35 14.20
CA LEU GA 397 116.55 64.31 13.19
C LEU GA 397 115.42 65.20 13.71
N MET GA 398 114.63 64.71 14.67
CA MET GA 398 113.60 65.55 15.24
C MET GA 398 114.10 66.27 16.49
N TYR GA 399 114.89 65.60 17.33
CA TYR GA 399 115.41 66.16 18.57
C TYR GA 399 116.36 67.32 18.28
N ALA GA 400 116.95 67.37 17.06
CA ALA GA 400 118.00 68.33 16.77
C ALA GA 400 117.39 69.74 16.81
N LYS GA 401 116.10 69.85 16.53
CA LYS GA 401 115.37 71.12 16.61
C LYS GA 401 114.09 70.97 17.43
N ARG GA 402 114.10 70.03 18.40
CA ARG GA 402 113.27 70.15 19.59
C ARG GA 402 111.77 70.13 19.28
N ALA GA 403 111.31 69.02 18.72
CA ALA GA 403 109.90 68.83 18.45
C ALA GA 403 109.28 67.89 19.50
N PHE GA 404 108.04 68.22 19.90
CA PHE GA 404 107.18 67.45 20.81
C PHE GA 404 107.77 67.31 22.20
N VAL GA 405 108.91 67.98 22.47
CA VAL GA 405 109.56 67.77 23.75
C VAL GA 405 108.77 68.43 24.88
N HIS GA 406 108.05 69.51 24.53
CA HIS GA 406 107.22 70.22 25.49
C HIS GA 406 106.07 69.34 26.02
N TRP GA 407 105.70 68.30 25.28
CA TRP GA 407 104.70 67.35 25.73
C TRP GA 407 105.24 66.43 26.81
N TYR GA 408 106.57 66.26 26.81
CA TYR GA 408 107.21 65.31 27.70
C TYR GA 408 107.79 66.00 28.94
N VAL GA 409 108.31 67.24 28.80
CA VAL GA 409 108.97 67.95 29.89
C VAL GA 409 107.95 68.25 30.99
N GLY GA 410 106.78 68.76 30.56
CA GLY GA 410 105.69 69.19 31.42
C GLY GA 410 105.06 68.05 32.21
N GLU GA 411 105.27 66.81 31.74
CA GLU GA 411 104.62 65.64 32.32
C GLU GA 411 105.53 64.90 33.29
N GLY GA 412 106.63 65.54 33.71
CA GLY GA 412 107.34 65.16 34.91
C GLY GA 412 108.72 64.54 34.69
N MET GA 413 109.25 64.66 33.47
CA MET GA 413 110.57 64.11 33.19
C MET GA 413 111.52 65.24 32.79
N GLU GA 414 112.73 65.13 33.32
CA GLU GA 414 113.80 66.06 33.09
C GLU GA 414 114.31 65.83 31.67
N GLU GA 415 114.78 66.93 31.08
CA GLU GA 415 115.57 66.88 29.86
C GLU GA 415 116.87 66.14 30.14
N GLY GA 416 117.35 65.46 29.08
CA GLY GA 416 118.60 64.74 29.08
C GLY GA 416 118.38 63.25 29.28
N GLU GA 417 117.16 62.87 29.67
CA GLU GA 417 116.79 61.46 29.60
C GLU GA 417 116.69 61.03 28.14
N PHE GA 418 116.33 61.98 27.25
CA PHE GA 418 116.35 61.69 25.83
C PHE GA 418 117.79 61.50 25.35
N SER GA 419 118.71 62.32 25.87
CA SER GA 419 120.12 62.21 25.55
C SER GA 419 120.73 60.94 26.15
N GLU GA 420 120.20 60.52 27.31
CA GLU GA 420 120.67 59.30 27.94
C GLU GA 420 120.25 58.08 27.11
N ALA GA 421 118.98 58.10 26.67
CA ALA GA 421 118.43 56.99 25.90
C ALA GA 421 119.04 56.96 24.50
N ARG GA 422 119.33 58.13 23.95
CA ARG GA 422 119.98 58.25 22.65
C ARG GA 422 121.39 57.67 22.71
N GLU GA 423 122.13 57.97 23.79
CA GLU GA 423 123.52 57.56 23.89
C GLU GA 423 123.64 56.04 24.12
N ASP GA 424 122.71 55.52 24.93
CA ASP GA 424 122.71 54.10 25.25
C ASP GA 424 122.42 53.27 24.01
N LEU GA 425 121.41 53.69 23.23
CA LEU GA 425 121.05 53.03 21.97
C LEU GA 425 122.19 53.18 20.96
N ALA GA 426 122.96 54.27 21.10
CA ALA GA 426 124.13 54.43 20.25
C ALA GA 426 125.19 53.36 20.57
N ALA GA 427 125.28 53.03 21.88
CA ALA GA 427 126.24 52.03 22.31
C ALA GA 427 125.86 50.60 21.83
N LEU GA 428 124.54 50.39 21.69
CA LEU GA 428 124.04 49.07 21.27
C LEU GA 428 124.37 48.83 19.80
N GLU GA 429 124.49 49.91 19.02
CA GLU GA 429 124.83 49.76 17.61
C GLU GA 429 126.26 49.23 17.45
N LYS GA 430 127.23 49.87 18.17
CA LYS GA 430 128.62 49.40 18.17
C LYS GA 430 128.70 47.97 18.68
N ASP GA 431 127.83 47.67 19.66
CA ASP GA 431 127.81 46.35 20.27
C ASP GA 431 127.50 45.24 19.26
N TYR GA 432 126.51 45.49 18.39
CA TYR GA 432 126.11 44.50 17.39
C TYR GA 432 127.16 44.30 16.32
N GLU GA 433 127.87 45.38 15.98
CA GLU GA 433 128.83 45.31 14.91
C GLU GA 433 130.07 44.48 15.34
N GLU GA 434 130.48 44.67 16.62
CA GLU GA 434 131.69 44.04 17.15
C GLU GA 434 131.49 42.54 17.41
N VAL GA 435 130.23 42.13 17.59
CA VAL GA 435 129.96 40.70 17.74
C VAL GA 435 130.17 39.97 16.40
N GLY GA 436 129.73 40.59 15.31
CA GLY GA 436 129.61 39.93 14.02
C GLY GA 436 130.86 39.95 13.14
N ILE GA 437 132.07 40.17 13.73
CA ILE GA 437 133.28 40.15 12.91
C ILE GA 437 133.59 38.81 12.21
N MET HA 1 82.52 58.23 33.39
CA MET HA 1 83.67 57.84 32.52
C MET HA 1 84.28 59.10 31.91
N ARG HA 2 84.33 59.17 30.56
CA ARG HA 2 84.83 60.34 29.87
C ARG HA 2 83.67 61.22 29.42
N GLU HA 3 83.73 62.53 29.72
CA GLU HA 3 82.62 63.43 29.37
C GLU HA 3 83.13 64.64 28.58
N ILE HA 4 82.22 65.28 27.81
CA ILE HA 4 82.49 66.50 27.09
C ILE HA 4 81.40 67.51 27.41
N VAL HA 5 81.82 68.77 27.62
CA VAL HA 5 80.91 69.84 27.96
C VAL HA 5 80.91 70.82 26.78
N HIS HA 6 79.73 71.07 26.23
CA HIS HA 6 79.60 71.97 25.09
C HIS HA 6 79.34 73.41 25.58
N VAL HA 7 79.98 74.37 24.90
CA VAL HA 7 79.67 75.79 25.07
C VAL HA 7 79.46 76.38 23.68
N GLN HA 8 78.28 76.98 23.47
CA GLN HA 8 78.00 77.69 22.24
C GLN HA 8 77.98 79.18 22.51
N GLY HA 9 78.94 79.91 21.90
CA GLY HA 9 79.05 81.35 22.06
C GLY HA 9 78.65 82.11 20.79
N GLY HA 10 77.74 83.08 20.95
CA GLY HA 10 77.35 83.96 19.85
C GLY HA 10 76.17 83.40 19.05
N GLN HA 11 75.67 84.23 18.14
CA GLN HA 11 74.50 83.84 17.40
C GLN HA 11 74.82 82.86 16.28
N CYS HA 12 76.03 83.02 15.74
CA CYS HA 12 76.58 82.03 14.83
C CYS HA 12 76.73 80.70 15.59
N GLY HA 13 77.32 80.78 16.81
CA GLY HA 13 77.59 79.64 17.67
C GLY HA 13 76.34 78.82 18.02
N ASN HA 14 75.20 79.50 18.24
CA ASN HA 14 73.96 78.81 18.57
C ASN HA 14 73.39 78.13 17.33
N GLN HA 15 73.43 78.80 16.16
CA GLN HA 15 72.93 78.23 14.92
C GLN HA 15 73.75 77.00 14.53
N ILE HA 16 75.08 77.13 14.55
CA ILE HA 16 75.94 76.00 14.21
C ILE HA 16 76.12 75.07 15.41
N GLY HA 17 75.41 75.37 16.51
CA GLY HA 17 75.44 74.50 17.67
C GLY HA 17 74.12 73.74 17.86
N ALA HA 18 73.03 74.36 17.41
CA ALA HA 18 71.72 73.73 17.48
C ALA HA 18 71.68 72.51 16.57
N LYS HA 19 72.37 72.65 15.43
CA LYS HA 19 72.41 71.54 14.50
C LYS HA 19 73.33 70.43 14.97
N PHE HA 20 74.26 70.76 15.86
CA PHE HA 20 75.15 69.75 16.40
C PHE HA 20 74.38 68.76 17.27
N TRP HA 21 73.40 69.25 18.03
CA TRP HA 21 72.57 68.34 18.79
C TRP HA 21 71.40 67.79 17.99
N GLU HA 22 71.29 68.23 16.75
CA GLU HA 22 70.39 67.53 15.85
C GLU HA 22 71.07 66.25 15.35
N VAL HA 23 72.40 66.31 15.18
CA VAL HA 23 73.07 65.19 14.53
C VAL HA 23 73.47 64.15 15.56
N ILE HA 24 73.77 64.57 16.79
CA ILE HA 24 74.16 63.60 17.81
C ILE HA 24 72.92 62.90 18.35
N SER HA 25 71.82 63.64 18.50
CA SER HA 25 70.56 63.06 18.91
C SER HA 25 70.09 62.03 17.88
N ASP HA 26 70.28 62.34 16.59
CA ASP HA 26 69.95 61.42 15.52
C ASP HA 26 70.87 60.19 15.54
N GLU HA 27 72.17 60.43 15.83
CA GLU HA 27 73.19 59.39 15.78
C GLU HA 27 73.01 58.42 16.93
N HIS HA 28 72.51 58.90 18.07
CA HIS HA 28 72.29 58.06 19.24
C HIS HA 28 70.84 57.56 19.33
N GLY HA 29 69.96 58.06 18.45
CA GLY HA 29 68.62 57.54 18.36
C GLY HA 29 67.59 58.21 19.28
N ILE HA 30 68.01 59.32 19.91
CA ILE HA 30 67.17 60.02 20.88
C ILE HA 30 66.13 60.85 20.14
N ASP HA 31 64.84 60.62 20.49
CA ASP HA 31 63.69 61.36 19.99
C ASP HA 31 63.69 62.81 20.51
N PRO HA 32 62.98 63.79 19.89
CA PRO HA 32 62.92 65.16 20.43
C PRO HA 32 62.36 65.33 21.83
N THR HA 33 61.59 64.33 22.27
CA THR HA 33 61.03 64.29 23.60
C THR HA 33 61.95 63.59 24.60
N GLY HA 34 63.09 63.08 24.12
CA GLY HA 34 64.15 62.55 24.97
C GLY HA 34 64.17 61.03 25.04
N THR HA 35 63.10 60.36 24.60
CA THR HA 35 63.00 58.91 24.72
C THR HA 35 63.81 58.23 23.61
N TYR HA 36 64.58 57.21 23.96
CA TYR HA 36 65.18 56.35 22.94
C TYR HA 36 64.08 55.55 22.24
N CYS HA 37 64.20 55.36 20.92
CA CYS HA 37 63.28 54.45 20.21
C CYS HA 37 64.04 53.86 19.03
N GLY HA 38 64.26 52.53 19.02
CA GLY HA 38 64.98 51.87 17.93
C GLY HA 38 65.93 50.74 18.33
N ASP HA 39 66.02 50.41 19.62
CA ASP HA 39 66.59 49.16 20.16
C ASP HA 39 67.85 48.60 19.46
N SER HA 40 68.85 49.47 19.34
CA SER HA 40 70.20 49.03 19.05
C SER HA 40 71.07 49.17 20.30
N ASP HA 41 72.24 48.53 20.29
CA ASP HA 41 73.05 48.44 21.49
C ASP HA 41 74.10 49.55 21.57
N LEU HA 42 74.89 49.68 20.50
CA LEU HA 42 76.07 50.53 20.54
C LEU HA 42 75.70 52.01 20.59
N GLN HA 43 74.45 52.30 20.21
CA GLN HA 43 73.91 53.65 20.32
C GLN HA 43 73.95 54.20 21.74
N LEU HA 44 73.53 53.40 22.72
CA LEU HA 44 73.33 53.91 24.07
C LEU HA 44 74.47 53.54 25.01
N GLU HA 45 75.30 52.58 24.59
CA GLU HA 45 76.36 52.02 25.42
C GLU HA 45 77.27 53.11 26.03
N ARG HA 46 77.72 54.07 25.20
CA ARG HA 46 78.55 55.16 25.66
C ARG HA 46 77.84 56.43 25.25
N ILE HA 47 76.89 56.81 26.11
CA ILE HA 47 76.04 57.95 25.83
C ILE HA 47 76.24 59.06 26.87
N ASN HA 48 76.96 58.76 27.95
CA ASN HA 48 77.27 59.74 28.96
C ASN HA 48 78.38 60.69 28.50
N VAL HA 49 78.86 60.52 27.27
CA VAL HA 49 79.83 61.45 26.68
C VAL HA 49 79.17 62.82 26.49
N PHE HA 50 77.87 62.81 26.17
CA PHE HA 50 77.18 64.05 25.85
C PHE HA 50 75.83 64.22 26.56
N TYR HA 51 75.31 63.17 27.21
CA TYR HA 51 73.96 63.26 27.75
C TYR HA 51 73.94 62.87 29.23
N ASN HA 52 72.88 63.37 29.89
CA ASN HA 52 72.62 63.09 31.29
C ASN HA 52 71.21 62.55 31.43
N GLU HA 53 71.05 61.51 32.25
CA GLU HA 53 69.74 60.92 32.51
C GLU HA 53 68.92 61.84 33.41
N ALA HA 54 67.60 61.58 33.46
CA ALA HA 54 66.69 62.35 34.29
C ALA HA 54 65.68 61.49 35.05
N THR HA 55 66.03 60.23 35.37
CA THR HA 55 65.24 59.27 36.16
C THR HA 55 63.74 59.19 35.83
N GLY HA 56 63.31 59.86 34.76
CA GLY HA 56 62.00 59.69 34.15
C GLY HA 56 62.19 59.21 32.71
N GLY HA 57 63.44 58.91 32.39
CA GLY HA 57 63.77 58.17 31.21
C GLY HA 57 64.34 59.08 30.11
N ARG HA 58 64.60 60.37 30.36
CA ARG HA 58 64.92 61.28 29.27
C ARG HA 58 66.36 61.81 29.38
N PHE HA 59 67.01 62.02 28.25
CA PHE HA 59 68.38 62.49 28.21
C PHE HA 59 68.44 63.97 27.87
N VAL HA 60 69.32 64.68 28.55
CA VAL HA 60 69.50 66.11 28.32
C VAL HA 60 70.93 66.40 27.91
N PRO HA 61 71.16 67.31 26.94
CA PRO HA 61 72.52 67.60 26.51
C PRO HA 61 73.34 68.33 27.58
N ARG HA 62 74.66 68.14 27.53
CA ARG HA 62 75.59 68.87 28.41
C ARG HA 62 76.09 70.14 27.73
N ALA HA 63 75.11 70.96 27.31
CA ALA HA 63 75.41 72.18 26.56
C ALA HA 63 75.02 73.39 27.40
N ILE HA 64 75.89 74.41 27.35
CA ILE HA 64 75.56 75.71 27.87
C ILE HA 64 75.48 76.67 26.69
N LEU HA 65 74.27 77.21 26.46
CA LEU HA 65 74.10 78.22 25.42
C LEU HA 65 74.30 79.60 26.05
N MET HA 66 75.16 80.38 25.40
CA MET HA 66 75.56 81.65 25.97
C MET HA 66 75.43 82.71 24.88
N ASP HA 67 74.79 83.82 25.26
CA ASP HA 67 74.57 84.91 24.32
C ASP HA 67 74.36 86.20 25.09
N LEU HA 68 74.49 87.33 24.39
CA LEU HA 68 74.21 88.64 24.94
C LEU HA 68 72.90 89.23 24.44
N GLU HA 69 72.19 88.53 23.54
CA GLU HA 69 70.90 89.03 23.08
C GLU HA 69 69.93 87.86 22.96
N PRO HA 70 68.67 88.03 23.36
CA PRO HA 70 67.72 86.91 23.36
C PRO HA 70 67.04 86.58 22.03
N GLY HA 71 67.50 87.14 20.91
CA GLY HA 71 66.85 86.86 19.64
C GLY HA 71 67.18 85.47 19.08
N THR HA 72 68.47 85.21 18.85
CA THR HA 72 68.92 83.96 18.23
C THR HA 72 68.81 82.83 19.25
N MET HA 73 68.73 83.24 20.52
CA MET HA 73 68.24 82.39 21.58
C MET HA 73 66.82 81.86 21.30
N ASP HA 74 65.83 82.73 21.05
CA ASP HA 74 64.44 82.31 21.04
C ASP HA 74 64.12 81.47 19.82
N SER HA 75 64.91 81.64 18.75
CA SER HA 75 64.78 80.79 17.58
C SER HA 75 65.16 79.34 17.93
N VAL HA 76 66.22 79.23 18.75
CA VAL HA 76 66.76 77.93 19.14
C VAL HA 76 65.72 77.16 19.97
N ARG HA 77 65.15 77.82 21.00
CA ARG HA 77 64.24 77.15 21.93
C ARG HA 77 62.94 76.75 21.24
N ALA HA 78 62.41 77.67 20.41
CA ALA HA 78 61.07 77.47 19.86
C ALA HA 78 61.09 76.45 18.71
N GLY HA 79 62.28 76.13 18.18
CA GLY HA 79 62.39 75.13 17.12
C GLY HA 79 62.01 73.72 17.60
N PRO HA 80 61.81 72.69 16.76
CA PRO HA 80 61.79 71.30 17.25
C PRO HA 80 63.19 70.88 17.68
N PHE HA 81 63.30 69.96 18.65
CA PHE HA 81 64.53 69.64 19.36
C PHE HA 81 65.07 70.91 19.99
N GLY HA 82 64.19 71.77 20.47
CA GLY HA 82 64.53 72.95 21.24
C GLY HA 82 64.10 72.77 22.69
N GLN HA 83 63.11 71.90 22.87
CA GLN HA 83 62.57 71.37 24.10
C GLN HA 83 63.55 70.36 24.70
N LEU HA 84 64.62 69.98 24.00
CA LEU HA 84 65.57 69.00 24.47
C LEU HA 84 66.48 69.64 25.51
N PHE HA 85 66.77 70.92 25.33
CA PHE HA 85 67.68 71.62 26.23
C PHE HA 85 66.96 71.95 27.51
N ARG HA 86 67.79 72.14 28.55
CA ARG HA 86 67.28 72.63 29.81
C ARG HA 86 67.15 74.14 29.70
N PRO HA 87 66.02 74.73 30.15
CA PRO HA 87 65.87 76.17 30.11
C PRO HA 87 66.82 76.91 31.06
N ASP HA 88 67.30 76.21 32.09
CA ASP HA 88 68.29 76.76 33.01
C ASP HA 88 69.62 77.01 32.30
N ASN HA 89 69.99 76.12 31.38
CA ASN HA 89 71.30 76.12 30.72
C ASN HA 89 71.53 77.36 29.85
N PHE HA 90 70.45 77.98 29.38
CA PHE HA 90 70.64 79.18 28.58
C PHE HA 90 71.03 80.32 29.50
N VAL HA 91 71.88 81.21 28.99
CA VAL HA 91 72.13 82.46 29.69
C VAL HA 91 71.91 83.60 28.70
N PHE HA 92 70.82 84.32 28.94
CA PHE HA 92 70.48 85.47 28.13
C PHE HA 92 71.49 86.58 28.35
N GLY HA 93 71.33 87.62 27.54
CA GLY HA 93 71.82 88.92 27.90
C GLY HA 93 70.84 89.98 27.47
N GLN HA 94 70.89 91.09 28.20
CA GLN HA 94 69.93 92.14 27.94
C GLN HA 94 70.55 93.25 27.10
N THR HA 95 71.83 93.59 27.35
CA THR HA 95 72.43 94.75 26.69
C THR HA 95 72.80 94.40 25.24
N GLY HA 96 73.71 93.43 25.08
CA GLY HA 96 74.17 92.98 23.77
C GLY HA 96 75.37 93.75 23.24
N ALA HA 97 76.39 93.02 22.77
CA ALA HA 97 77.60 93.61 22.24
C ALA HA 97 77.38 93.92 20.76
N GLY HA 98 77.60 95.18 20.39
CA GLY HA 98 77.28 95.61 19.04
C GLY HA 98 78.43 95.36 18.06
N ASN HA 99 78.84 94.10 17.96
CA ASN HA 99 80.03 93.68 17.22
C ASN HA 99 81.27 94.48 17.59
N ASN HA 100 81.42 94.76 18.88
CA ASN HA 100 82.70 95.24 19.39
C ASN HA 100 83.33 94.11 20.17
N TRP HA 101 84.62 93.91 19.90
CA TRP HA 101 85.37 93.00 20.74
C TRP HA 101 85.58 93.58 22.13
N ALA HA 102 85.65 94.93 22.23
CA ALA HA 102 85.92 95.59 23.50
C ALA HA 102 84.80 95.33 24.52
N LYS HA 103 83.57 95.58 24.08
CA LYS HA 103 82.47 95.53 25.03
C LYS HA 103 82.03 94.09 25.28
N GLY HA 104 82.45 93.17 24.41
CA GLY HA 104 82.21 91.76 24.68
C GLY HA 104 83.22 91.20 25.69
N HIS HA 105 84.44 91.76 25.70
CA HIS HA 105 85.51 91.25 26.55
C HIS HA 105 85.59 91.97 27.90
N TYR HA 106 85.22 93.27 27.95
CA TYR HA 106 85.51 94.05 29.14
C TYR HA 106 84.25 94.55 29.85
N THR HA 107 83.36 95.21 29.10
CA THR HA 107 82.35 96.00 29.79
C THR HA 107 81.19 95.12 30.27
N GLU HA 108 80.39 94.58 29.33
CA GLU HA 108 79.23 93.83 29.77
C GLU HA 108 79.42 92.32 29.63
N GLY HA 109 80.54 91.89 29.03
CA GLY HA 109 80.99 90.49 29.16
C GLY HA 109 81.20 90.10 30.63
N ALA HA 110 81.91 90.99 31.35
CA ALA HA 110 82.30 90.77 32.74
C ALA HA 110 81.08 90.72 33.64
N GLU HA 111 80.08 91.56 33.31
CA GLU HA 111 78.83 91.65 34.06
C GLU HA 111 78.08 90.31 34.01
N LEU HA 112 78.31 89.53 32.94
CA LEU HA 112 77.45 88.39 32.64
C LEU HA 112 78.18 87.04 32.78
N ILE HA 113 79.53 87.09 32.78
CA ILE HA 113 80.29 85.85 32.75
C ILE HA 113 80.24 85.13 34.10
N ASP HA 114 79.94 85.87 35.17
CA ASP HA 114 79.79 85.24 36.48
C ASP HA 114 78.54 84.35 36.54
N SER HA 115 77.53 84.66 35.71
CA SER HA 115 76.30 83.87 35.68
C SER HA 115 76.33 82.75 34.64
N VAL HA 116 77.43 82.64 33.90
CA VAL HA 116 77.60 81.49 33.00
C VAL HA 116 78.66 80.55 33.56
N LEU HA 117 79.66 81.09 34.25
CA LEU HA 117 80.75 80.27 34.78
C LEU HA 117 80.23 79.35 35.88
N ASP HA 118 79.08 79.69 36.49
CA ASP HA 118 78.51 78.83 37.52
C ASP HA 118 77.82 77.60 36.90
N VAL HA 119 77.13 77.81 35.78
CA VAL HA 119 76.47 76.67 35.14
C VAL HA 119 77.50 75.81 34.43
N VAL HA 120 78.65 76.41 34.08
CA VAL HA 120 79.77 75.65 33.50
C VAL HA 120 80.31 74.70 34.54
N ARG HA 121 80.61 75.23 35.73
CA ARG HA 121 81.22 74.41 36.75
C ARG HA 121 80.21 73.43 37.35
N LYS HA 122 78.91 73.73 37.21
CA LYS HA 122 77.90 72.80 37.69
C LYS HA 122 77.82 71.57 36.77
N GLU HA 123 77.87 71.81 35.46
CA GLU HA 123 77.85 70.72 34.50
C GLU HA 123 79.18 69.97 34.44
N ALA HA 124 80.29 70.66 34.79
CA ALA HA 124 81.61 70.03 34.73
C ALA HA 124 81.81 69.06 35.89
N GLU HA 125 81.29 69.42 37.08
CA GLU HA 125 81.60 68.66 38.29
C GLU HA 125 80.65 67.47 38.52
N GLY HA 126 79.52 67.46 37.78
CA GLY HA 126 78.43 66.51 37.95
C GLY HA 126 78.86 65.04 37.94
N CYS HA 127 79.61 64.65 36.91
CA CYS HA 127 79.98 63.26 36.72
C CYS HA 127 81.28 62.98 37.48
N ASP HA 128 81.97 61.90 37.09
CA ASP HA 128 83.15 61.42 37.79
C ASP HA 128 84.37 62.29 37.47
N CYS HA 129 84.82 62.28 36.21
CA CYS HA 129 85.98 63.03 35.78
C CYS HA 129 85.86 63.40 34.31
N LEU HA 130 85.66 64.70 34.01
CA LEU HA 130 85.46 65.24 32.67
C LEU HA 130 86.73 65.09 31.82
N GLN HA 131 86.54 64.80 30.52
CA GLN HA 131 87.67 64.83 29.59
C GLN HA 131 88.03 66.28 29.25
N GLY HA 132 87.05 67.01 28.75
CA GLY HA 132 87.30 68.41 28.41
C GLY HA 132 86.04 69.05 27.85
N PHE HA 133 86.23 70.23 27.28
CA PHE HA 133 85.15 71.08 26.80
C PHE HA 133 85.30 71.19 25.29
N GLN HA 134 84.21 71.56 24.57
CA GLN HA 134 84.32 72.12 23.22
C GLN HA 134 83.58 73.46 23.14
N ILE HA 135 84.16 74.43 22.44
CA ILE HA 135 83.59 75.75 22.27
C ILE HA 135 83.27 75.89 20.81
N THR HA 136 82.22 76.65 20.55
CA THR HA 136 81.71 76.77 19.20
C THR HA 136 81.27 78.21 19.00
N HIS HA 137 82.11 78.98 18.31
CA HIS HA 137 81.93 80.41 18.22
C HIS HA 137 82.60 80.93 16.94
N SER HA 138 82.27 82.18 16.58
CA SER HA 138 82.71 82.79 15.32
C SER HA 138 83.52 84.03 15.67
N LEU HA 139 84.52 84.36 14.85
CA LEU HA 139 85.51 85.36 15.26
C LEU HA 139 85.25 86.73 14.64
N GLY HA 140 84.11 86.90 13.94
CA GLY HA 140 83.73 88.15 13.33
C GLY HA 140 82.84 89.02 14.21
N GLY HA 141 82.08 88.33 15.08
CA GLY HA 141 81.02 88.92 15.89
C GLY HA 141 81.56 89.63 17.12
N GLY HA 142 80.65 89.84 18.08
CA GLY HA 142 81.01 90.61 19.25
C GLY HA 142 80.82 89.82 20.52
N THR HA 143 79.82 88.93 20.52
CA THR HA 143 79.54 88.15 21.72
C THR HA 143 80.12 86.75 21.61
N GLY HA 144 80.45 86.28 20.40
CA GLY HA 144 81.14 85.02 20.24
C GLY HA 144 82.66 85.27 20.31
N SER HA 145 83.09 86.26 19.52
CA SER HA 145 84.49 86.64 19.47
C SER HA 145 84.94 87.34 20.76
N GLY HA 146 84.03 88.05 21.41
CA GLY HA 146 84.39 88.94 22.51
C GLY HA 146 84.16 88.34 23.90
N MET HA 147 82.95 87.80 24.09
CA MET HA 147 82.58 87.26 25.39
C MET HA 147 82.83 85.75 25.45
N GLY HA 148 82.81 85.08 24.28
CA GLY HA 148 83.13 83.67 24.19
C GLY HA 148 84.57 83.38 24.57
N THR HA 149 85.48 84.27 24.18
CA THR HA 149 86.90 84.06 24.45
C THR HA 149 87.26 84.36 25.90
N LEU HA 150 86.40 85.11 26.59
CA LEU HA 150 86.61 85.34 28.01
C LEU HA 150 86.26 84.11 28.83
N LEU HA 151 85.24 83.36 28.37
CA LEU HA 151 84.94 82.06 28.96
C LEU HA 151 86.11 81.12 28.75
N ILE HA 152 86.69 81.16 27.54
CA ILE HA 152 87.75 80.24 27.19
C ILE HA 152 88.98 80.56 28.05
N SER HA 153 89.19 81.86 28.34
CA SER HA 153 90.34 82.29 29.14
C SER HA 153 90.16 81.77 30.58
N LYS HA 154 88.96 81.92 31.14
CA LYS HA 154 88.76 81.58 32.55
C LYS HA 154 88.67 80.08 32.79
N VAL HA 155 88.00 79.34 31.89
CA VAL HA 155 87.81 77.93 32.14
C VAL HA 155 89.10 77.17 31.91
N ARG HA 156 90.03 77.78 31.17
CA ARG HA 156 91.41 77.32 31.14
C ARG HA 156 92.04 77.47 32.52
N GLU HA 157 91.77 78.61 33.19
CA GLU HA 157 92.44 78.89 34.45
C GLU HA 157 91.92 77.96 35.56
N GLU HA 158 90.63 77.66 35.49
CA GLU HA 158 89.99 76.90 36.56
C GLU HA 158 90.27 75.42 36.40
N TYR HA 159 90.14 74.93 35.16
CA TYR HA 159 90.45 73.55 34.86
C TYR HA 159 91.55 73.52 33.81
N PRO HA 160 92.82 73.42 34.26
CA PRO HA 160 93.95 73.54 33.37
C PRO HA 160 94.10 72.38 32.38
N ASP HA 161 94.05 71.16 32.90
CA ASP HA 161 94.50 69.96 32.19
C ASP HA 161 93.44 69.38 31.24
N ARG HA 162 92.17 69.79 31.39
CA ARG HA 162 91.13 69.30 30.51
C ARG HA 162 91.32 69.84 29.09
N ILE HA 163 90.96 69.03 28.08
CA ILE HA 163 91.23 69.41 26.70
C ILE HA 163 90.26 70.52 26.30
N MET HA 164 90.69 71.36 25.37
CA MET HA 164 89.97 72.58 25.03
C MET HA 164 89.90 72.74 23.51
N GLU HA 165 88.75 72.40 22.93
CA GLU HA 165 88.60 72.34 21.47
C GLU HA 165 87.71 73.50 21.05
N THR HA 166 88.06 74.15 19.93
CA THR HA 166 87.25 75.26 19.48
C THR HA 166 87.14 75.23 17.96
N PHE HA 167 85.95 75.58 17.48
CA PHE HA 167 85.65 75.64 16.06
C PHE HA 167 85.38 77.08 15.69
N SER HA 168 86.39 77.74 15.12
CA SER HA 168 86.33 79.17 14.86
C SER HA 168 85.93 79.44 13.41
N VAL HA 169 84.83 80.17 13.23
CA VAL HA 169 84.48 80.64 11.90
C VAL HA 169 85.24 81.94 11.61
N PHE HA 170 86.34 81.80 10.86
CA PHE HA 170 87.19 82.93 10.52
C PHE HA 170 86.52 83.87 9.51
N PRO HA 171 86.96 85.13 9.41
CA PRO HA 171 86.55 85.98 8.29
C PRO HA 171 86.99 85.46 6.91
N SER HA 172 86.04 85.49 6.00
CA SER HA 172 86.24 85.04 4.64
C SER HA 172 87.19 85.98 3.88
N PRO HA 173 88.08 85.44 3.02
CA PRO HA 173 88.98 86.23 2.15
C PRO HA 173 88.36 87.25 1.20
N LYS HA 174 87.48 86.80 0.31
CA LYS HA 174 86.94 87.65 -0.73
C LYS HA 174 85.91 88.63 -0.12
N VAL HA 175 84.78 88.09 0.34
CA VAL HA 175 83.65 88.91 0.77
C VAL HA 175 83.72 89.05 2.29
N SER HA 176 83.74 90.31 2.72
CA SER HA 176 83.86 90.62 4.14
C SER HA 176 82.53 91.13 4.65
N ASP HA 177 81.94 90.40 5.57
CA ASP HA 177 80.76 90.85 6.29
C ASP HA 177 81.20 91.30 7.68
N THR HA 178 80.47 92.24 8.30
CA THR HA 178 80.82 92.89 9.55
C THR HA 178 82.18 93.60 9.42
N VAL HA 179 82.14 94.74 8.73
CA VAL HA 179 83.27 95.54 8.29
C VAL HA 179 84.40 95.66 9.34
N VAL HA 180 84.07 95.70 10.63
CA VAL HA 180 85.10 95.57 11.65
C VAL HA 180 85.36 94.08 11.90
N GLU HA 181 86.02 93.46 10.91
CA GLU HA 181 86.50 92.09 11.00
C GLU HA 181 87.89 92.03 11.64
N PRO HA 182 88.94 92.70 11.08
CA PRO HA 182 90.30 92.40 11.47
C PRO HA 182 90.59 92.78 12.92
N TYR HA 183 89.95 93.84 13.43
CA TYR HA 183 90.06 94.14 14.85
C TYR HA 183 89.48 92.99 15.69
N ASN HA 184 88.35 92.44 15.25
CA ASN HA 184 87.77 91.32 15.98
C ASN HA 184 88.56 90.03 15.76
N ALA HA 185 89.09 89.83 14.54
CA ALA HA 185 89.74 88.57 14.21
C ALA HA 185 91.13 88.52 14.84
N THR HA 186 91.87 89.63 14.79
CA THR HA 186 93.23 89.64 15.30
C THR HA 186 93.24 89.60 16.83
N LEU HA 187 92.38 90.41 17.46
CA LEU HA 187 92.34 90.46 18.91
C LEU HA 187 91.78 89.18 19.51
N SER HA 188 91.12 88.36 18.69
CA SER HA 188 90.77 87.03 19.15
C SER HA 188 91.98 86.10 19.10
N VAL HA 189 92.70 86.12 17.98
CA VAL HA 189 93.70 85.08 17.74
C VAL HA 189 94.95 85.28 18.60
N HIS HA 190 95.29 86.51 18.99
CA HIS HA 190 96.48 86.59 19.83
C HIS HA 190 96.18 86.24 21.28
N GLN HA 191 94.90 86.11 21.60
CA GLN HA 191 94.47 85.72 22.93
C GLN HA 191 94.07 84.23 22.94
N LEU HA 192 93.83 83.70 21.72
CA LEU HA 192 93.48 82.29 21.50
C LEU HA 192 94.71 81.42 21.22
N VAL HA 193 95.89 82.02 21.00
CA VAL HA 193 97.08 81.19 20.85
C VAL HA 193 97.62 80.80 22.22
N GLU HA 194 97.39 81.65 23.23
CA GLU HA 194 97.82 81.33 24.58
C GLU HA 194 96.96 80.20 25.16
N ASN HA 195 95.65 80.25 24.92
CA ASN HA 195 94.73 79.50 25.76
C ASN HA 195 93.81 78.57 24.95
N ALA HA 196 94.38 77.78 24.03
CA ALA HA 196 93.59 76.77 23.34
C ALA HA 196 94.45 75.57 22.99
N ASP HA 197 93.85 74.38 23.13
CA ASP HA 197 94.54 73.14 22.76
C ASP HA 197 94.37 72.80 21.27
N GLU HA 198 93.13 72.78 20.79
CA GLU HA 198 92.89 72.59 19.37
C GLU HA 198 91.95 73.67 18.86
N VAL HA 199 92.34 74.26 17.73
CA VAL HA 199 91.50 75.22 17.04
C VAL HA 199 91.29 74.71 15.62
N GLN HA 200 90.02 74.60 15.23
CA GLN HA 200 89.68 74.11 13.91
C GLN HA 200 89.09 75.24 13.10
N VAL HA 201 89.72 75.53 11.96
CA VAL HA 201 89.42 76.74 11.21
C VAL HA 201 88.39 76.42 10.13
N ILE HA 202 87.31 77.20 10.14
CA ILE HA 202 86.26 77.10 9.14
C ILE HA 202 86.07 78.49 8.53
N ASP HA 203 86.03 78.53 7.19
CA ASP HA 203 85.72 79.75 6.46
C ASP HA 203 84.34 79.59 5.86
N ASN HA 204 83.54 80.67 5.87
CA ASN HA 204 82.22 80.60 5.27
C ASN HA 204 82.32 80.41 3.75
N GLU HA 205 83.20 81.16 3.06
CA GLU HA 205 83.10 81.06 1.61
C GLU HA 205 83.78 79.81 1.06
N ALA HA 206 84.57 79.12 1.89
CA ALA HA 206 84.98 77.76 1.58
C ALA HA 206 83.76 76.86 1.58
N LEU HA 207 82.82 77.10 2.50
CA LEU HA 207 81.57 76.33 2.53
C LEU HA 207 80.67 76.73 1.35
N TYR HA 208 80.78 78.00 0.92
CA TYR HA 208 80.06 78.46 -0.27
C TYR HA 208 80.62 77.78 -1.53
N ASP HA 209 81.93 77.58 -1.58
CA ASP HA 209 82.60 76.98 -2.71
C ASP HA 209 82.27 75.49 -2.80
N ILE HA 210 82.08 74.84 -1.66
CA ILE HA 210 81.78 73.41 -1.66
C ILE HA 210 80.37 73.20 -2.21
N CYS HA 211 79.43 74.10 -1.88
CA CYS HA 211 78.07 73.97 -2.37
C CYS HA 211 78.00 74.22 -3.86
N PHE HA 212 78.79 75.13 -4.38
CA PHE HA 212 78.68 75.39 -5.79
C PHE HA 212 79.34 74.32 -6.63
N ARG HA 213 80.45 73.76 -6.15
CA ARG HA 213 81.22 72.82 -6.93
C ARG HA 213 80.77 71.37 -6.68
N THR HA 214 80.93 70.94 -5.44
CA THR HA 214 80.83 69.52 -5.12
C THR HA 214 79.36 69.13 -5.01
N LEU HA 215 78.63 69.76 -4.08
CA LEU HA 215 77.25 69.38 -3.82
C LEU HA 215 76.29 69.79 -4.96
N LYS HA 216 76.64 70.93 -5.60
CA LYS HA 216 75.86 71.68 -6.58
C LYS HA 216 74.46 71.97 -6.05
N LEU HA 217 74.42 72.81 -5.04
CA LEU HA 217 73.20 73.32 -4.45
C LEU HA 217 72.91 74.72 -4.97
N THR HA 218 71.64 74.94 -5.30
CA THR HA 218 71.19 76.13 -6.00
C THR HA 218 70.60 77.15 -5.02
N THR HA 219 69.97 76.66 -3.93
CA THR HA 219 69.32 77.55 -2.97
C THR HA 219 69.74 77.19 -1.55
N PRO HA 220 71.04 77.25 -1.18
CA PRO HA 220 71.46 76.64 0.09
C PRO HA 220 71.43 77.63 1.28
N THR HA 221 70.59 77.36 2.28
CA THR HA 221 70.45 78.23 3.44
C THR HA 221 71.53 77.98 4.48
N TYR HA 222 71.38 78.62 5.66
CA TYR HA 222 72.18 78.37 6.85
C TYR HA 222 72.07 76.93 7.34
N GLY HA 223 70.90 76.33 7.11
CA GLY HA 223 70.64 74.96 7.53
C GLY HA 223 71.62 73.95 6.93
N ASP HA 224 71.84 74.10 5.62
CA ASP HA 224 72.67 73.17 4.89
C ASP HA 224 74.15 73.38 5.22
N LEU HA 225 74.55 74.64 5.48
CA LEU HA 225 75.93 74.94 5.79
C LEU HA 225 76.32 74.40 7.16
N ASN HA 226 75.39 74.55 8.12
CA ASN HA 226 75.58 74.00 9.46
C ASN HA 226 75.65 72.48 9.42
N HIS HA 227 74.88 71.87 8.49
CA HIS HA 227 74.77 70.42 8.35
C HIS HA 227 76.11 69.82 7.93
N LEU HA 228 76.89 70.59 7.16
CA LEU HA 228 78.19 70.11 6.72
C LEU HA 228 79.22 70.25 7.84
N VAL HA 229 79.15 71.35 8.60
CA VAL HA 229 80.08 71.58 9.70
C VAL HA 229 79.80 70.55 10.80
N SER HA 230 78.50 70.32 11.06
CA SER HA 230 78.08 69.43 12.12
C SER HA 230 78.47 67.97 11.80
N ALA HA 231 78.42 67.59 10.51
CA ALA HA 231 78.88 66.26 10.11
C ALA HA 231 80.40 66.16 10.24
N ALA HA 232 81.09 67.30 10.14
CA ALA HA 232 82.53 67.34 10.39
C ALA HA 232 82.79 67.32 11.90
N MET HA 233 81.86 67.91 12.68
CA MET HA 233 81.99 67.96 14.13
C MET HA 233 81.92 66.51 14.67
N SER HA 234 81.03 65.67 14.09
CA SER HA 234 80.81 64.32 14.59
C SER HA 234 81.99 63.39 14.28
N GLY HA 235 82.71 63.70 13.20
CA GLY HA 235 83.84 62.86 12.79
C GLY HA 235 85.02 62.89 13.77
N VAL HA 236 85.23 64.04 14.44
CA VAL HA 236 86.36 64.20 15.34
C VAL HA 236 86.15 63.41 16.62
N THR HA 237 84.89 63.03 16.87
CA THR HA 237 84.52 62.43 18.14
C THR HA 237 83.77 61.12 17.91
N CYS HA 238 84.10 60.42 16.81
CA CYS HA 238 83.48 59.12 16.57
C CYS HA 238 83.98 58.12 17.62
N CYS HA 239 85.30 58.14 17.85
CA CYS HA 239 85.97 57.14 18.65
C CYS HA 239 85.41 57.12 20.10
N LEU HA 240 85.14 58.32 20.65
CA LEU HA 240 84.73 58.47 22.04
C LEU HA 240 83.38 57.79 22.31
N ARG HA 241 82.59 57.56 21.26
CA ARG HA 241 81.21 57.10 21.44
C ARG HA 241 80.95 55.72 20.84
N PHE HA 242 81.87 55.21 20.02
CA PHE HA 242 81.69 53.91 19.39
C PHE HA 242 82.99 53.11 19.42
N PRO HA 243 82.99 51.75 19.46
CA PRO HA 243 84.20 50.92 19.39
C PRO HA 243 84.88 51.02 18.03
N GLY HA 244 86.21 50.82 18.05
CA GLY HA 244 87.02 50.88 16.84
C GLY HA 244 88.15 49.88 16.89
N GLN HA 245 88.67 49.51 15.72
CA GLN HA 245 89.83 48.64 15.67
C GLN HA 245 91.08 49.40 16.11
N LEU HA 246 91.14 50.69 15.74
CA LEU HA 246 92.22 51.55 16.19
C LEU HA 246 91.61 52.87 16.64
N ASN HA 247 91.83 53.16 17.92
CA ASN HA 247 91.15 54.15 18.73
C ASN HA 247 91.84 55.51 18.63
N SER HA 248 91.05 56.59 18.63
CA SER HA 248 91.63 57.93 18.58
C SER HA 248 90.74 58.97 19.24
N ASP HA 249 91.09 59.35 20.47
CA ASP HA 249 90.37 60.42 21.13
C ASP HA 249 90.96 61.77 20.75
N LEU HA 250 90.56 62.80 21.51
CA LEU HA 250 90.95 64.17 21.16
C LEU HA 250 92.43 64.38 21.45
N ARG HA 251 92.83 63.92 22.64
CA ARG HA 251 94.17 64.13 23.15
C ARG HA 251 95.17 63.26 22.36
N LYS HA 252 94.67 62.10 21.92
CA LYS HA 252 95.31 61.18 20.99
C LYS HA 252 95.72 61.96 19.74
N LEU HA 253 94.86 62.89 19.31
CA LEU HA 253 95.02 63.61 18.05
C LEU HA 253 95.97 64.81 18.22
N ALA HA 254 95.93 65.42 19.42
CA ALA HA 254 96.71 66.63 19.68
C ALA HA 254 98.23 66.38 19.59
N VAL HA 255 98.67 65.23 20.12
CA VAL HA 255 100.10 64.99 20.17
C VAL HA 255 100.65 64.74 18.77
N ASN HA 256 99.78 64.27 17.86
CA ASN HA 256 100.09 64.13 16.44
C ASN HA 256 100.52 65.47 15.82
N LEU HA 257 99.60 66.45 15.88
CA LEU HA 257 99.63 67.57 14.96
C LEU HA 257 100.36 68.80 15.51
N ILE HA 258 100.84 68.70 16.76
CA ILE HA 258 101.42 69.84 17.43
C ILE HA 258 102.90 69.58 17.66
N PRO HA 259 103.78 70.03 16.76
CA PRO HA 259 105.22 69.88 16.97
C PRO HA 259 105.76 70.93 17.93
N PHE HA 260 105.17 72.13 17.88
CA PHE HA 260 105.56 73.26 18.70
C PHE HA 260 104.27 73.90 19.22
N PRO HA 261 104.24 74.46 20.46
CA PRO HA 261 102.97 74.81 21.11
C PRO HA 261 102.15 75.93 20.49
N ARG HA 262 102.80 76.75 19.64
CA ARG HA 262 102.11 77.89 19.03
C ARG HA 262 101.13 77.41 17.95
N LEU HA 263 101.57 76.53 17.04
CA LEU HA 263 100.75 76.18 15.88
C LEU HA 263 99.75 75.08 16.27
N HIS HA 264 98.48 75.49 16.46
CA HIS HA 264 97.37 74.56 16.66
C HIS HA 264 96.13 75.04 15.89
N PHE HA 265 96.36 75.41 14.63
CA PHE HA 265 95.28 75.79 13.74
C PHE HA 265 95.23 74.82 12.58
N PHE HA 266 94.03 74.29 12.34
CA PHE HA 266 93.88 73.12 11.50
C PHE HA 266 92.92 73.39 10.36
N LEU HA 267 92.91 72.42 9.44
CA LEU HA 267 91.97 72.47 8.33
C LEU HA 267 91.17 71.19 8.30
N ILE HA 268 89.88 71.36 8.02
CA ILE HA 268 88.96 70.24 8.03
C ILE HA 268 88.49 69.99 6.60
N GLY HA 269 88.39 68.72 6.21
CA GLY HA 269 87.73 68.28 5.00
C GLY HA 269 86.92 67.01 5.25
N PHE HA 270 85.75 66.88 4.63
CA PHE HA 270 84.92 65.71 4.85
C PHE HA 270 84.69 64.98 3.53
N ALA HA 271 84.78 63.65 3.60
CA ALA HA 271 84.51 62.78 2.47
C ALA HA 271 83.62 61.63 2.96
N PRO HA 272 82.67 61.10 2.14
CA PRO HA 272 82.47 61.55 0.76
C PRO HA 272 81.43 62.66 0.62
N LEU HA 273 81.47 63.35 -0.52
CA LEU HA 273 80.47 64.36 -0.86
C LEU HA 273 80.18 64.23 -2.34
N THR HA 274 79.04 63.63 -2.68
CA THR HA 274 78.54 63.69 -4.06
C THR HA 274 77.11 64.22 -4.10
N SER HA 275 76.73 64.83 -5.23
CA SER HA 275 75.37 65.28 -5.54
C SER HA 275 74.41 64.05 -5.67
N ARG HA 276 73.09 64.32 -5.66
CA ARG HA 276 72.02 63.38 -5.95
C ARG HA 276 72.27 62.46 -7.15
N GLY HA 277 72.63 63.03 -8.30
CA GLY HA 277 72.78 62.22 -9.51
C GLY HA 277 74.00 61.30 -9.41
N SER HA 278 75.07 61.89 -8.81
CA SER HA 278 76.38 61.27 -8.77
C SER HA 278 76.53 60.21 -7.67
N GLN HA 279 75.55 60.13 -6.76
CA GLN HA 279 75.57 59.13 -5.70
C GLN HA 279 75.46 57.71 -6.25
N GLN HA 280 74.71 57.52 -7.35
CA GLN HA 280 74.45 56.17 -7.84
C GLN HA 280 75.64 55.58 -8.60
N TYR HA 281 76.51 56.47 -9.10
CA TYR HA 281 77.54 56.04 -10.02
C TYR HA 281 78.93 56.05 -9.39
N ARG HA 282 79.10 56.63 -8.20
CA ARG HA 282 80.42 56.71 -7.57
C ARG HA 282 80.64 55.49 -6.70
N ALA HA 283 81.87 54.97 -6.74
CA ALA HA 283 82.26 53.77 -6.00
C ALA HA 283 82.82 54.19 -4.64
N LEU HA 284 82.22 53.67 -3.56
CA LEU HA 284 82.65 54.01 -2.22
C LEU HA 284 83.72 53.03 -1.77
N SER HA 285 84.95 53.51 -1.74
CA SER HA 285 86.12 52.71 -1.40
C SER HA 285 87.20 53.65 -0.89
N VAL HA 286 88.20 53.06 -0.24
CA VAL HA 286 89.27 53.81 0.40
C VAL HA 286 90.09 54.64 -0.59
N PRO HA 287 90.52 54.14 -1.76
CA PRO HA 287 91.19 55.01 -2.73
C PRO HA 287 90.35 56.19 -3.21
N GLU HA 288 89.03 56.05 -3.22
CA GLU HA 288 88.17 57.15 -3.66
C GLU HA 288 87.51 57.83 -2.46
N LEU HA 289 88.10 57.66 -1.26
CA LEU HA 289 87.92 58.61 -0.17
C LEU HA 289 89.16 59.49 -0.05
N THR HA 290 90.33 58.88 -0.19
CA THR HA 290 91.58 59.59 0.01
C THR HA 290 91.85 60.56 -1.12
N GLN HA 291 91.30 60.31 -2.32
CA GLN HA 291 91.38 61.28 -3.41
C GLN HA 291 90.45 62.46 -3.16
N GLN HA 292 89.29 62.16 -2.58
CA GLN HA 292 88.29 63.20 -2.34
C GLN HA 292 88.70 64.06 -1.14
N MET HA 293 89.63 63.55 -0.34
CA MET HA 293 90.03 64.18 0.91
C MET HA 293 91.22 65.13 0.75
N PHE HA 294 92.33 64.66 0.15
CA PHE HA 294 93.43 65.55 -0.21
C PHE HA 294 93.11 66.34 -1.46
N ASP HA 295 92.23 67.33 -1.29
CA ASP HA 295 91.78 68.08 -2.45
C ASP HA 295 91.45 69.48 -1.97
N ALA HA 296 91.87 70.50 -2.75
CA ALA HA 296 91.60 71.89 -2.47
C ALA HA 296 90.10 72.19 -2.49
N LYS HA 297 89.34 71.38 -3.26
CA LYS HA 297 87.90 71.55 -3.40
C LYS HA 297 87.15 71.21 -2.11
N ASN HA 298 87.75 70.37 -1.26
CA ASN HA 298 87.03 69.74 -0.15
C ASN HA 298 87.52 70.24 1.20
N MET HA 299 88.43 71.22 1.21
CA MET HA 299 88.79 71.87 2.45
C MET HA 299 87.66 72.79 2.89
N MET HA 300 87.57 72.97 4.21
CA MET HA 300 86.62 73.92 4.78
C MET HA 300 87.32 75.25 5.07
N CYS HA 301 88.43 75.51 4.34
CA CYS HA 301 89.18 76.75 4.44
C CYS HA 301 89.47 77.31 3.05
N ALA HA 302 89.47 78.66 2.93
CA ALA HA 302 89.80 79.28 1.65
C ALA HA 302 91.29 79.61 1.48
N SER HA 303 92.15 78.66 1.79
CA SER HA 303 93.58 78.85 1.64
C SER HA 303 94.14 77.59 0.99
N ASP HA 304 94.63 77.74 -0.23
CA ASP HA 304 95.04 76.60 -1.04
C ASP HA 304 96.21 75.87 -0.40
N PRO HA 305 96.12 74.54 -0.17
CA PRO HA 305 97.20 73.79 0.48
C PRO HA 305 98.48 73.60 -0.33
N ARG HA 306 98.43 73.89 -1.64
CA ARG HA 306 99.57 73.60 -2.49
C ARG HA 306 100.58 74.74 -2.50
N HIS HA 307 100.27 75.85 -1.82
CA HIS HA 307 101.21 76.96 -1.68
C HIS HA 307 102.21 76.73 -0.54
N GLY HA 308 101.99 75.64 0.21
CA GLY HA 308 102.80 75.35 1.38
C GLY HA 308 103.11 73.86 1.51
N ARG HA 309 103.23 73.41 2.76
CA ARG HA 309 103.63 72.05 3.10
C ARG HA 309 102.70 71.52 4.20
N TYR HA 310 102.06 70.36 3.94
CA TYR HA 310 101.44 69.59 5.00
C TYR HA 310 102.52 69.19 6.02
N LEU HA 311 102.47 69.87 7.17
CA LEU HA 311 103.45 69.61 8.21
C LEU HA 311 103.16 68.24 8.86
N THR HA 312 101.98 68.14 9.49
CA THR HA 312 101.43 66.90 10.00
C THR HA 312 99.95 66.89 9.67
N ALA HA 313 99.40 65.68 9.43
CA ALA HA 313 97.98 65.56 9.14
C ALA HA 313 97.46 64.24 9.70
N SER HA 314 96.14 64.06 9.62
CA SER HA 314 95.45 62.93 10.23
C SER HA 314 94.18 62.60 9.45
N ALA HA 315 93.79 61.33 9.49
CA ALA HA 315 92.59 60.87 8.81
C ALA HA 315 91.79 59.92 9.71
N MET HA 316 90.59 60.32 10.13
CA MET HA 316 89.74 59.51 10.99
C MET HA 316 88.69 58.81 10.13
N PHE HA 317 88.97 57.56 9.76
CA PHE HA 317 88.04 56.80 8.96
C PHE HA 317 86.93 56.24 9.82
N ARG HA 318 85.76 56.09 9.20
CA ARG HA 318 84.62 55.49 9.86
C ARG HA 318 84.02 54.40 8.96
N GLY HA 319 83.81 53.22 9.54
CA GLY HA 319 83.13 52.13 8.89
C GLY HA 319 83.88 50.80 8.98
N ARG HA 320 83.22 49.73 8.53
CA ARG HA 320 83.80 48.40 8.44
C ARG HA 320 84.74 48.40 7.23
N MET HA 321 86.05 48.33 7.49
CA MET HA 321 86.99 48.61 6.42
C MET HA 321 88.38 48.07 6.77
N SER HA 322 89.18 47.74 5.75
CA SER HA 322 90.39 46.96 5.95
C SER HA 322 91.59 47.86 6.24
N THR HA 323 92.32 47.48 7.29
CA THR HA 323 93.38 48.29 7.85
C THR HA 323 94.59 48.33 6.93
N LYS HA 324 94.77 47.29 6.10
CA LYS HA 324 95.94 47.36 5.24
C LYS HA 324 95.67 48.27 4.05
N GLU HA 325 94.43 48.30 3.59
CA GLU HA 325 94.05 49.22 2.50
C GLU HA 325 94.15 50.70 2.92
N VAL HA 326 93.96 50.99 4.21
CA VAL HA 326 94.24 52.31 4.71
C VAL HA 326 95.74 52.60 4.58
N ASP HA 327 96.56 51.66 5.04
CA ASP HA 327 97.99 51.88 5.17
C ASP HA 327 98.69 51.87 3.82
N GLU HA 328 98.17 51.08 2.87
CA GLU HA 328 98.62 51.09 1.49
C GLU HA 328 98.44 52.48 0.89
N GLN HA 329 97.26 53.08 1.12
CA GLN HA 329 96.95 54.38 0.59
C GLN HA 329 97.83 55.44 1.26
N MET HA 330 98.24 55.22 2.53
CA MET HA 330 98.97 56.22 3.31
C MET HA 330 100.39 56.37 2.75
N LEU HA 331 101.03 55.23 2.44
CA LEU HA 331 102.34 55.27 1.81
C LEU HA 331 102.22 55.76 0.36
N ASN HA 332 101.13 55.37 -0.30
CA ASN HA 332 100.98 55.59 -1.74
C ASN HA 332 100.82 57.08 -2.06
N VAL HA 333 100.13 57.81 -1.17
CA VAL HA 333 99.92 59.25 -1.33
C VAL HA 333 101.24 60.00 -1.15
N GLN HA 334 102.04 59.57 -0.19
CA GLN HA 334 103.24 60.30 0.20
C GLN HA 334 104.35 60.11 -0.83
N ASN HA 335 104.49 58.90 -1.36
CA ASN HA 335 105.51 58.61 -2.36
C ASN HA 335 105.24 59.36 -3.67
N LYS HA 336 103.95 59.46 -4.04
CA LYS HA 336 103.56 60.07 -5.30
C LYS HA 336 103.70 61.60 -5.21
N ASN HA 337 102.95 62.22 -4.28
CA ASN HA 337 102.96 63.67 -4.18
C ASN HA 337 103.93 64.12 -3.09
N SER HA 338 105.23 63.84 -3.28
CA SER HA 338 106.20 64.06 -2.20
C SER HA 338 106.61 65.53 -2.02
N SER HA 339 106.22 66.37 -2.95
CA SER HA 339 106.50 67.81 -2.95
C SER HA 339 105.79 68.55 -1.82
N TYR HA 340 104.53 68.13 -1.54
CA TYR HA 340 103.62 68.86 -0.66
C TYR HA 340 103.82 68.52 0.82
N PHE HA 341 104.69 67.52 1.07
CA PHE HA 341 104.87 66.96 2.40
C PHE HA 341 106.24 67.33 2.92
N VAL HA 342 106.28 67.76 4.19
CA VAL HA 342 107.53 68.19 4.78
C VAL HA 342 108.42 66.95 4.94
N GLU HA 343 109.72 67.19 4.82
CA GLU HA 343 110.64 66.10 4.61
C GLU HA 343 111.38 65.73 5.90
N TRP HA 344 111.40 66.63 6.91
CA TRP HA 344 112.16 66.31 8.12
C TRP HA 344 111.31 65.61 9.18
N ILE HA 345 110.06 65.30 8.84
CA ILE HA 345 109.30 64.30 9.59
C ILE HA 345 108.88 63.22 8.60
N PRO HA 346 109.33 61.96 8.76
CA PRO HA 346 108.95 60.91 7.81
C PRO HA 346 107.59 60.30 8.12
N ASN HA 347 106.83 60.05 7.05
CA ASN HA 347 105.47 59.53 7.11
C ASN HA 347 104.59 60.42 7.98
N ASN HA 348 104.31 61.62 7.45
CA ASN HA 348 103.76 62.75 8.18
C ASN HA 348 102.35 62.55 8.77
N MET HA 349 101.70 61.42 8.43
CA MET HA 349 100.31 61.31 8.84
C MET HA 349 100.05 60.01 9.58
N LYS HA 350 99.04 60.06 10.43
CA LYS HA 350 98.43 58.84 10.94
C LYS HA 350 97.02 58.67 10.40
N SER HA 351 96.43 57.58 10.87
CA SER HA 351 95.11 57.10 10.50
C SER HA 351 94.37 56.64 11.75
N SER HA 352 93.04 56.48 11.68
CA SER HA 352 92.20 55.91 12.75
C SER HA 352 90.94 55.32 12.12
N VAL HA 353 90.37 54.30 12.77
CA VAL HA 353 89.19 53.63 12.23
C VAL HA 353 88.15 53.55 13.33
N CYS HA 354 86.91 53.80 12.94
CA CYS HA 354 85.77 53.80 13.84
C CYS HA 354 84.69 52.93 13.22
N ASP HA 355 84.35 51.82 13.87
CA ASP HA 355 83.63 50.74 13.21
C ASP HA 355 82.18 51.09 12.87
N ILE HA 356 81.65 52.15 13.46
CA ILE HA 356 80.26 52.50 13.27
C ILE HA 356 80.19 53.67 12.29
N PRO HA 357 79.60 53.44 11.09
CA PRO HA 357 79.59 54.47 10.07
C PRO HA 357 78.62 55.58 10.46
N PRO HA 358 78.68 56.78 9.83
CA PRO HA 358 77.57 57.73 9.99
C PRO HA 358 76.30 57.12 9.41
N LYS HA 359 75.14 57.40 10.03
CA LYS HA 359 73.93 56.58 9.87
C LYS HA 359 73.46 56.63 8.42
N GLY HA 360 73.24 55.45 7.84
CA GLY HA 360 72.78 55.33 6.46
C GLY HA 360 73.87 55.29 5.38
N LEU HA 361 75.13 55.56 5.75
CA LEU HA 361 76.23 55.44 4.82
C LEU HA 361 77.20 54.35 5.27
N LYS HA 362 77.97 53.87 4.31
CA LYS HA 362 78.77 52.69 4.56
C LYS HA 362 80.18 53.05 4.96
N MET HA 363 80.68 54.20 4.51
CA MET HA 363 82.08 54.51 4.71
C MET HA 363 82.28 56.01 4.57
N SER HA 364 83.12 56.58 5.43
CA SER HA 364 83.38 58.01 5.42
C SER HA 364 84.72 58.31 6.08
N VAL HA 365 85.21 59.53 5.87
CA VAL HA 365 86.45 59.95 6.48
C VAL HA 365 86.40 61.46 6.71
N THR HA 366 87.02 61.88 7.82
CA THR HA 366 87.28 63.28 8.10
C THR HA 366 88.79 63.48 8.15
N PHE HA 367 89.22 64.73 7.97
CA PHE HA 367 90.62 65.04 7.79
C PHE HA 367 90.97 66.31 8.55
N VAL HA 368 92.05 66.24 9.33
CA VAL HA 368 92.55 67.40 10.06
C VAL HA 368 94.03 67.54 9.74
N GLY HA 369 94.35 68.61 9.00
CA GLY HA 369 95.69 68.81 8.49
C GLY HA 369 96.32 70.11 8.98
N ASN HA 370 97.44 69.98 9.71
CA ASN HA 370 98.20 71.14 10.12
C ASN HA 370 99.17 71.51 9.00
N SER HA 371 98.92 72.65 8.35
CA SER HA 371 99.72 73.06 7.18
C SER HA 371 100.36 74.42 7.37
N THR HA 372 101.45 74.68 6.64
CA THR HA 372 102.05 76.00 6.56
C THR HA 372 101.50 76.79 5.38
N ALA HA 373 100.45 76.27 4.74
CA ALA HA 373 99.74 77.05 3.72
C ALA HA 373 98.68 77.97 4.33
N ILE HA 374 98.50 77.82 5.65
CA ILE HA 374 97.52 78.62 6.39
C ILE HA 374 98.08 80.00 6.66
N GLN HA 375 99.35 80.21 6.32
CA GLN HA 375 100.03 81.49 6.44
C GLN HA 375 99.30 82.60 5.68
N GLU HA 376 98.75 82.27 4.50
CA GLU HA 376 98.13 83.26 3.62
C GLU HA 376 96.84 83.82 4.20
N MET HA 377 96.25 83.12 5.16
CA MET HA 377 95.10 83.67 5.85
C MET HA 377 95.56 84.78 6.80
N PHE HA 378 96.60 84.50 7.61
CA PHE HA 378 97.03 85.46 8.62
C PHE HA 378 97.69 86.68 7.99
N LYS HA 379 98.34 86.48 6.85
CA LYS HA 379 98.90 87.63 6.13
C LYS HA 379 97.77 88.50 5.56
N ARG HA 380 96.72 87.85 5.06
CA ARG HA 380 95.62 88.58 4.44
C ARG HA 380 94.81 89.29 5.53
N VAL HA 381 94.85 88.79 6.77
CA VAL HA 381 94.23 89.52 7.87
C VAL HA 381 95.15 90.66 8.32
N SER HA 382 96.48 90.43 8.29
CA SER HA 382 97.44 91.38 8.81
C SER HA 382 97.48 92.65 7.95
N ASP HA 383 97.46 92.49 6.62
CA ASP HA 383 97.43 93.63 5.71
C ASP HA 383 96.12 94.41 5.84
N GLN HA 384 95.03 93.70 6.11
CA GLN HA 384 93.72 94.33 6.32
C GLN HA 384 93.68 95.00 7.71
N PHE HA 385 94.37 94.42 8.70
CA PHE HA 385 94.46 94.99 10.04
C PHE HA 385 95.31 96.26 10.03
N THR HA 386 96.48 96.17 9.40
CA THR HA 386 97.46 97.25 9.45
C THR HA 386 97.08 98.41 8.54
N ALA HA 387 96.10 98.21 7.65
CA ALA HA 387 95.60 99.30 6.85
C ALA HA 387 94.73 100.23 7.71
N MET HA 388 93.86 99.64 8.53
CA MET HA 388 92.91 100.46 9.28
C MET HA 388 93.53 100.97 10.58
N PHE HA 389 94.50 100.22 11.12
CA PHE HA 389 95.17 100.65 12.34
C PHE HA 389 96.24 101.71 12.08
N ARG HA 390 96.68 101.83 10.82
CA ARG HA 390 97.74 102.76 10.47
C ARG HA 390 97.26 104.19 10.66
N ARG HA 391 96.08 104.53 10.13
CA ARG HA 391 95.55 105.87 10.29
C ARG HA 391 94.39 105.87 11.29
N LYS HA 392 94.40 104.89 12.18
CA LYS HA 392 93.70 105.02 13.46
C LYS HA 392 92.19 105.01 13.25
N ALA HA 393 91.69 103.99 12.53
CA ALA HA 393 90.29 103.91 12.16
C ALA HA 393 89.53 102.98 13.10
N PHE HA 394 88.34 103.43 13.55
CA PHE HA 394 87.45 102.68 14.43
C PHE HA 394 88.06 102.42 15.80
N LEU HA 395 89.09 103.16 16.20
CA LEU HA 395 89.68 102.91 17.51
C LEU HA 395 88.77 103.44 18.63
N HIS HA 396 88.03 104.52 18.35
CA HIS HA 396 87.29 105.20 19.40
C HIS HA 396 86.11 104.37 19.90
N TRP HA 397 85.70 103.36 19.15
CA TRP HA 397 84.74 102.37 19.62
C TRP HA 397 85.42 101.29 20.47
N TYR HA 398 86.75 101.36 20.61
CA TYR HA 398 87.51 100.42 21.42
C TYR HA 398 88.21 101.12 22.59
N THR HA 399 88.82 102.29 22.36
CA THR HA 399 89.51 103.03 23.40
C THR HA 399 88.54 103.52 24.45
N GLY HA 400 87.32 103.86 24.01
CA GLY HA 400 86.28 104.42 24.87
C GLY HA 400 85.75 103.41 25.91
N GLU HA 401 86.03 102.11 25.72
CA GLU HA 401 85.54 101.08 26.62
C GLU HA 401 86.66 100.42 27.42
N GLY HA 402 87.85 101.06 27.46
CA GLY HA 402 88.90 100.62 28.37
C GLY HA 402 90.03 99.85 27.67
N MET HA 403 90.38 100.30 26.46
CA MET HA 403 91.51 99.70 25.77
C MET HA 403 92.66 100.68 25.68
N ASP HA 404 93.83 100.13 25.34
CA ASP HA 404 95.05 100.88 25.13
C ASP HA 404 95.64 100.51 23.78
N GLU HA 405 96.33 101.48 23.15
CA GLU HA 405 97.07 101.24 21.92
C GLU HA 405 98.14 100.15 22.08
N MET HA 406 98.68 99.94 23.30
CA MET HA 406 99.71 98.92 23.49
C MET HA 406 99.13 97.51 23.32
N GLU HA 407 97.85 97.37 23.66
CA GLU HA 407 97.16 96.10 23.47
C GLU HA 407 96.94 95.85 21.97
N PHE HA 408 96.79 96.92 21.21
CA PHE HA 408 96.59 96.78 19.77
C PHE HA 408 97.90 96.49 19.04
N THR HA 409 99.01 97.03 19.56
CA THR HA 409 100.31 96.81 18.96
C THR HA 409 100.75 95.35 19.16
N GLU HA 410 100.41 94.79 20.33
CA GLU HA 410 100.76 93.41 20.65
C GLU HA 410 99.93 92.46 19.77
N ALA HA 411 98.75 92.91 19.32
CA ALA HA 411 97.92 92.11 18.44
C ALA HA 411 98.59 91.95 17.07
N GLU HA 412 99.27 93.01 16.59
CA GLU HA 412 100.07 92.93 15.38
C GLU HA 412 101.16 91.85 15.53
N SER HA 413 101.94 91.94 16.62
CA SER HA 413 103.15 91.16 16.75
C SER HA 413 102.84 89.68 16.94
N ASN HA 414 101.81 89.38 17.73
CA ASN HA 414 101.45 88.00 18.00
C ASN HA 414 100.71 87.36 16.83
N MET HA 415 100.44 88.13 15.77
CA MET HA 415 100.04 87.55 14.50
C MET HA 415 101.19 87.55 13.51
N ASN HA 416 102.07 88.56 13.61
CA ASN HA 416 103.20 88.66 12.71
C ASN HA 416 104.21 87.55 12.98
N ASP HA 417 104.37 87.17 14.26
CA ASP HA 417 105.28 86.10 14.61
C ASP HA 417 104.71 84.75 14.14
N LEU HA 418 103.38 84.62 14.20
CA LEU HA 418 102.74 83.38 13.77
C LEU HA 418 102.87 83.21 12.26
N VAL HA 419 102.87 84.31 11.52
CA VAL HA 419 103.17 84.24 10.11
C VAL HA 419 104.64 83.83 9.90
N SER HA 420 105.55 84.48 10.64
CA SER HA 420 106.98 84.26 10.46
C SER HA 420 107.42 82.88 10.95
N GLU HA 421 106.67 82.33 11.91
CA GLU HA 421 106.94 81.00 12.43
C GLU HA 421 106.70 79.97 11.31
N TYR HA 422 105.71 80.27 10.48
CA TYR HA 422 105.36 79.39 9.36
C TYR HA 422 106.43 79.40 8.26
N GLN HA 423 107.13 80.54 8.15
CA GLN HA 423 108.30 80.66 7.27
C GLN HA 423 109.43 79.70 7.62
N GLN HA 424 109.77 79.66 8.91
CA GLN HA 424 111.00 79.00 9.36
C GLN HA 424 110.91 77.48 9.22
N TYR HA 425 109.71 76.94 8.95
CA TYR HA 425 109.56 75.51 8.72
C TYR HA 425 109.16 75.20 7.28
N GLN HA 426 109.39 76.13 6.37
CA GLN HA 426 109.05 75.90 4.99
C GLN HA 426 110.24 76.20 4.06
N MET IA 1 59.40 93.91 27.47
CA MET IA 1 60.71 93.36 27.05
C MET IA 1 61.42 94.41 26.19
N ARG IA 2 62.05 93.94 25.11
CA ARG IA 2 62.91 94.79 24.30
C ARG IA 2 62.03 95.62 23.37
N GLU IA 3 62.43 96.89 23.13
CA GLU IA 3 61.57 97.87 22.52
C GLU IA 3 62.38 99.03 21.96
N VAL IA 4 61.78 99.77 21.03
CA VAL IA 4 62.34 101.00 20.54
C VAL IA 4 61.20 102.01 20.39
N ILE IA 5 61.50 103.23 20.81
CA ILE IA 5 60.49 104.26 20.96
C ILE IA 5 60.59 105.17 19.74
N SER IA 6 59.43 105.59 19.23
CA SER IA 6 59.40 106.48 18.09
C SER IA 6 59.15 107.90 18.55
N ILE IA 7 59.83 108.86 17.91
CA ILE IA 7 59.53 110.27 18.10
C ILE IA 7 59.27 110.88 16.74
N HIS IA 8 58.12 111.55 16.63
CA HIS IA 8 57.79 112.32 15.45
C HIS IA 8 57.66 113.78 15.88
N VAL IA 9 58.65 114.58 15.47
CA VAL IA 9 58.66 115.99 15.79
C VAL IA 9 58.48 116.77 14.50
N GLY IA 10 57.53 117.71 14.52
CA GLY IA 10 57.22 118.53 13.37
C GLY IA 10 56.18 117.92 12.45
N GLN IA 11 55.84 118.76 11.48
CA GLN IA 11 54.81 118.46 10.51
C GLN IA 11 55.19 117.20 9.72
N ALA IA 12 56.45 117.23 9.25
CA ALA IA 12 56.98 116.15 8.44
C ALA IA 12 57.08 114.87 9.29
N GLY IA 13 57.28 115.10 10.61
CA GLY IA 13 57.32 114.02 11.57
C GLY IA 13 55.95 113.32 11.67
N ILE IA 14 54.89 114.11 11.79
CA ILE IA 14 53.56 113.56 12.01
C ILE IA 14 53.07 112.78 10.79
N GLN IA 15 53.31 113.36 9.60
CA GLN IA 15 52.78 112.82 8.36
C GLN IA 15 53.48 111.47 8.03
N ILE IA 16 54.80 111.45 8.25
CA ILE IA 16 55.57 110.23 8.07
C ILE IA 16 55.13 109.19 9.10
N GLY IA 17 54.94 109.65 10.34
CA GLY IA 17 54.53 108.77 11.41
C GLY IA 17 53.16 108.14 11.19
N ASN IA 18 52.32 108.85 10.44
CA ASN IA 18 51.03 108.29 10.08
C ASN IA 18 51.18 107.09 9.15
N ALA IA 19 52.13 107.24 8.21
CA ALA IA 19 52.41 106.18 7.26
C ALA IA 19 53.02 104.96 7.96
N CYS IA 20 53.96 105.21 8.87
CA CYS IA 20 54.66 104.13 9.56
C CYS IA 20 53.69 103.33 10.46
N TRP IA 21 52.81 104.04 11.18
CA TRP IA 21 51.94 103.39 12.14
C TRP IA 21 50.76 102.70 11.50
N GLU IA 22 50.34 103.22 10.35
CA GLU IA 22 49.33 102.50 9.61
C GLU IA 22 49.93 101.17 9.11
N LEU IA 23 51.16 101.22 8.59
CA LEU IA 23 51.82 100.04 8.04
C LEU IA 23 52.06 99.01 9.13
N PHE IA 24 52.47 99.45 10.33
CA PHE IA 24 52.80 98.54 11.41
C PHE IA 24 51.58 97.78 11.90
N CYS IA 25 50.43 98.48 11.97
CA CYS IA 25 49.20 97.83 12.37
C CYS IA 25 48.74 96.85 11.28
N LEU IA 26 48.90 97.18 10.01
CA LEU IA 26 48.51 96.26 8.96
C LEU IA 26 49.50 95.09 8.83
N GLU IA 27 50.71 95.25 9.37
CA GLU IA 27 51.77 94.25 9.23
C GLU IA 27 51.70 93.22 10.35
N HIS IA 28 51.11 93.60 11.50
CA HIS IA 28 50.95 92.67 12.61
C HIS IA 28 49.49 92.21 12.76
N GLY IA 29 48.58 92.92 12.10
CA GLY IA 29 47.19 92.52 12.01
C GLY IA 29 46.40 93.00 13.24
N ILE IA 30 46.31 94.32 13.39
CA ILE IA 30 45.56 94.93 14.48
C ILE IA 30 44.67 96.05 13.91
N GLN IA 31 43.36 96.02 14.27
CA GLN IA 31 42.32 96.95 13.82
C GLN IA 31 42.66 98.40 14.21
N PRO IA 32 42.02 99.44 13.61
CA PRO IA 32 42.11 100.81 14.16
C PRO IA 32 41.71 100.97 15.63
N ASP IA 33 40.82 100.07 16.07
CA ASP IA 33 40.38 99.94 17.45
C ASP IA 33 41.59 99.69 18.38
N GLY IA 34 42.44 98.75 17.94
CA GLY IA 34 43.64 98.38 18.66
C GLY IA 34 43.72 96.90 18.97
N GLN IA 35 42.72 96.10 18.60
CA GLN IA 35 42.72 94.72 19.06
C GLN IA 35 43.25 93.78 17.98
N MET IA 36 43.30 92.48 18.31
CA MET IA 36 43.57 91.45 17.33
C MET IA 36 42.26 90.73 17.06
N PRO IA 37 42.00 90.29 15.80
CA PRO IA 37 40.79 89.48 15.53
C PRO IA 37 40.94 88.02 15.98
N ASP IA 47 54.47 87.91 20.79
CA ASP IA 47 55.63 88.74 21.21
C ASP IA 47 56.52 89.04 20.01
N ALA IA 48 55.92 88.95 18.80
CA ALA IA 48 56.62 89.38 17.60
C ALA IA 48 56.45 90.87 17.37
N PHE IA 49 55.60 91.50 18.22
CA PHE IA 49 55.17 92.87 18.05
C PHE IA 49 55.63 93.73 19.22
N ASN IA 50 56.31 93.16 20.22
CA ASN IA 50 56.51 93.83 21.50
C ASN IA 50 57.50 94.98 21.39
N THR IA 51 58.24 95.03 20.27
CA THR IA 51 59.25 96.05 20.08
C THR IA 51 58.59 97.39 19.75
N PHE IA 52 57.32 97.39 19.36
CA PHE IA 52 56.58 98.59 18.95
C PHE IA 52 55.30 98.83 19.76
N PHE IA 53 54.66 97.75 20.23
CA PHE IA 53 53.34 97.86 20.84
C PHE IA 53 53.34 97.34 22.27
N SER IA 54 52.71 98.11 23.16
CA SER IA 54 52.56 97.71 24.54
C SER IA 54 51.41 96.71 24.65
N GLU IA 55 51.20 96.18 25.86
CA GLU IA 55 50.07 95.30 26.10
C GLU IA 55 49.13 95.97 27.10
N THR IA 56 48.22 96.81 26.59
CA THR IA 56 47.39 97.61 27.47
C THR IA 56 45.99 97.05 27.48
N GLY IA 57 45.51 96.68 28.67
CA GLY IA 57 44.09 96.37 28.82
C GLY IA 57 43.70 95.09 28.07
N ALA IA 58 42.44 95.05 27.65
CA ALA IA 58 41.75 93.82 27.35
C ALA IA 58 41.63 93.62 25.85
N GLY IA 59 42.44 92.68 25.34
CA GLY IA 59 42.84 92.37 23.97
C GLY IA 59 43.38 93.54 23.13
N LYS IA 60 44.29 94.40 23.64
CA LYS IA 60 44.67 95.55 22.83
C LYS IA 60 46.18 95.78 22.76
N HIS IA 61 46.61 96.77 21.97
CA HIS IA 61 48.00 97.22 21.94
C HIS IA 61 48.08 98.73 21.73
N VAL IA 62 49.03 99.41 22.35
CA VAL IA 62 49.20 100.84 22.15
C VAL IA 62 50.63 101.13 21.74
N PRO IA 63 50.86 102.06 20.80
CA PRO IA 63 52.20 102.26 20.27
C PRO IA 63 53.12 103.03 21.22
N ARG IA 64 54.42 102.87 20.93
CA ARG IA 64 55.48 103.52 21.67
C ARG IA 64 55.96 104.77 20.93
N CYS IA 65 55.01 105.69 20.75
CA CYS IA 65 55.29 106.86 19.92
C CYS IA 65 54.85 108.12 20.66
N VAL IA 66 55.53 109.21 20.30
CA VAL IA 66 55.10 110.53 20.69
C VAL IA 66 55.00 111.38 19.43
N PHE IA 67 53.94 112.20 19.39
CA PHE IA 67 53.64 113.04 18.26
C PHE IA 67 53.78 114.50 18.70
N LEU IA 68 55.04 114.97 18.70
CA LEU IA 68 55.34 116.31 19.17
C LEU IA 68 55.10 117.31 18.04
N ASP IA 69 54.30 118.33 18.32
CA ASP IA 69 54.17 119.46 17.42
C ASP IA 69 53.62 120.65 18.19
N LEU IA 70 54.02 121.83 17.72
CA LEU IA 70 53.50 123.07 18.27
C LEU IA 70 52.25 123.51 17.50
N GLU IA 71 51.85 122.80 16.44
CA GLU IA 71 50.69 123.15 15.64
C GLU IA 71 49.52 122.25 16.01
N PRO IA 72 48.35 122.81 16.41
CA PRO IA 72 47.21 121.96 16.74
C PRO IA 72 46.56 121.30 15.53
N THR IA 73 46.73 121.87 14.34
CA THR IA 73 45.83 121.50 13.25
C THR IA 73 46.28 120.27 12.49
N VAL IA 74 47.50 119.80 12.75
CA VAL IA 74 48.06 118.67 12.01
C VAL IA 74 47.81 117.40 12.81
N VAL IA 75 47.75 117.55 14.13
CA VAL IA 75 47.63 116.44 15.07
C VAL IA 75 46.17 116.26 15.50
N ASP IA 76 45.39 117.33 15.47
CA ASP IA 76 43.98 117.24 15.83
C ASP IA 76 43.20 116.59 14.70
N GLU IA 77 43.75 116.62 13.48
CA GLU IA 77 43.04 115.98 12.36
C GLU IA 77 43.37 114.49 12.33
N VAL IA 78 44.53 114.16 12.94
CA VAL IA 78 44.84 112.78 13.27
C VAL IA 78 43.88 112.19 14.32
N ARG IA 79 43.59 112.90 15.42
CA ARG IA 79 42.82 112.36 16.53
C ARG IA 79 41.31 112.58 16.31
N THR IA 80 40.93 113.00 15.11
CA THR IA 80 39.52 112.93 14.70
C THR IA 80 39.31 111.98 13.52
N GLY IA 81 40.37 111.25 13.11
CA GLY IA 81 40.26 110.17 12.13
C GLY IA 81 39.92 108.81 12.78
N THR IA 82 39.93 107.66 12.06
CA THR IA 82 39.55 106.41 12.71
C THR IA 82 40.59 105.90 13.70
N TYR IA 83 41.86 106.32 13.60
CA TYR IA 83 42.87 106.02 14.60
C TYR IA 83 42.87 106.96 15.84
N ARG IA 84 41.73 107.57 16.18
CA ARG IA 84 41.60 108.38 17.38
C ARG IA 84 41.74 107.55 18.65
N HIS IA 85 41.56 106.27 18.53
CA HIS IA 85 41.45 105.36 19.64
C HIS IA 85 42.66 104.42 19.66
N LEU IA 86 43.46 104.47 18.61
CA LEU IA 86 44.62 103.58 18.54
C LEU IA 86 45.69 104.17 19.47
N PHE IA 87 45.70 105.51 19.52
CA PHE IA 87 46.65 106.27 20.28
C PHE IA 87 46.03 106.66 21.59
N HIS IA 88 46.85 106.56 22.64
CA HIS IA 88 46.53 107.21 23.90
C HIS IA 88 46.54 108.70 23.66
N PRO IA 89 45.57 109.47 24.20
CA PRO IA 89 45.47 110.88 23.85
C PRO IA 89 46.65 111.76 24.28
N GLU IA 90 47.52 111.32 25.20
CA GLU IA 90 48.73 112.07 25.49
C GLU IA 90 49.95 111.48 24.77
N GLN IA 91 49.77 110.57 23.81
CA GLN IA 91 50.86 110.32 22.87
C GLN IA 91 51.02 111.50 21.92
N LEU IA 92 49.91 112.21 21.71
CA LEU IA 92 49.82 113.39 20.87
C LEU IA 92 49.95 114.61 21.78
N ILE IA 93 51.10 115.30 21.69
CA ILE IA 93 51.30 116.53 22.43
C ILE IA 93 51.28 117.70 21.46
N SER IA 94 50.49 118.72 21.81
CA SER IA 94 50.13 119.79 20.91
C SER IA 94 50.29 121.11 21.63
N GLY IA 95 50.87 122.08 20.90
CA GLY IA 95 50.96 123.45 21.38
C GLY IA 95 49.78 124.28 20.91
N LYS IA 96 50.03 125.59 20.74
CA LYS IA 96 49.04 126.52 20.22
C LYS IA 96 49.58 127.36 19.08
N GLU IA 97 50.88 127.74 19.05
CA GLU IA 97 51.44 128.41 17.88
C GLU IA 97 52.70 127.70 17.40
N ASP IA 98 53.11 127.91 16.15
CA ASP IA 98 54.25 127.17 15.62
C ASP IA 98 55.55 127.91 15.86
N ALA IA 99 56.66 127.26 15.50
CA ALA IA 99 57.93 127.95 15.43
C ALA IA 99 57.94 128.86 14.22
N ALA IA 100 57.25 128.44 13.15
CA ALA IA 100 57.09 129.21 11.92
C ALA IA 100 58.47 129.50 11.35
N ASN IA 101 59.09 128.40 10.93
CA ASN IA 101 60.38 128.35 10.27
C ASN IA 101 61.46 129.10 11.06
N ASN IA 102 61.28 129.18 12.38
CA ASN IA 102 62.31 129.76 13.23
C ASN IA 102 62.96 128.65 14.02
N PHE IA 103 64.27 128.49 13.82
CA PHE IA 103 65.06 127.75 14.78
C PHE IA 103 65.05 128.44 16.14
N ALA IA 104 64.97 129.78 16.11
CA ALA IA 104 64.99 130.59 17.33
C ALA IA 104 63.75 130.33 18.18
N ARG IA 105 62.58 130.27 17.51
CA ARG IA 105 61.33 130.13 18.24
C ARG IA 105 61.20 128.73 18.83
N GLY IA 106 61.62 127.73 18.05
CA GLY IA 106 61.41 126.35 18.47
C GLY IA 106 62.41 125.89 19.53
N HIS IA 107 63.51 126.63 19.71
CA HIS IA 107 64.56 126.20 20.62
C HIS IA 107 64.57 127.01 21.92
N TYR IA 108 64.08 128.24 21.88
CA TYR IA 108 64.15 129.15 23.02
C TYR IA 108 62.80 129.55 23.60
N THR IA 109 61.92 130.10 22.77
CA THR IA 109 60.77 130.83 23.29
C THR IA 109 59.53 129.95 23.45
N ILE IA 110 59.01 129.44 22.33
CA ILE IA 110 57.74 128.74 22.38
C ILE IA 110 57.91 127.25 22.63
N GLY IA 111 59.09 126.70 22.29
CA GLY IA 111 59.36 125.28 22.46
C GLY IA 111 59.52 124.85 23.92
N LYS IA 112 59.81 125.80 24.82
CA LYS IA 112 60.24 125.48 26.18
C LYS IA 112 59.09 125.08 27.08
N GLU IA 113 57.84 125.33 26.67
CA GLU IA 113 56.70 125.02 27.52
C GLU IA 113 56.15 123.61 27.27
N ILE IA 114 56.76 122.87 26.33
CA ILE IA 114 56.21 121.58 25.87
C ILE IA 114 57.16 120.40 26.14
N VAL IA 115 58.44 120.67 26.37
CA VAL IA 115 59.40 119.58 26.56
C VAL IA 115 59.26 118.97 27.96
N ASP IA 116 58.83 119.78 28.91
CA ASP IA 116 58.45 119.30 30.23
C ASP IA 116 57.33 118.26 30.16
N LEU IA 117 56.33 118.48 29.27
CA LEU IA 117 55.30 117.48 28.99
C LEU IA 117 55.91 116.29 28.26
N SER IA 118 56.89 116.57 27.38
CA SER IA 118 57.38 115.56 26.46
C SER IA 118 58.18 114.47 27.20
N LEU IA 119 59.08 114.90 28.09
CA LEU IA 119 59.93 113.94 28.80
C LEU IA 119 59.12 113.16 29.84
N ASP IA 120 57.95 113.73 30.20
CA ASP IA 120 57.02 113.04 31.10
C ASP IA 120 56.55 111.73 30.49
N ARG IA 121 56.19 111.79 29.20
CA ARG IA 121 55.59 110.66 28.52
C ARG IA 121 56.66 109.65 28.11
N ILE IA 122 57.85 110.15 27.75
CA ILE IA 122 58.96 109.27 27.38
C ILE IA 122 59.39 108.44 28.58
N ARG IA 123 59.55 109.12 29.72
CA ARG IA 123 59.98 108.43 30.93
C ARG IA 123 58.92 107.42 31.37
N LYS IA 124 57.63 107.80 31.24
CA LYS IA 124 56.48 106.99 31.62
C LYS IA 124 56.42 105.72 30.76
N LEU IA 125 57.01 105.77 29.55
CA LEU IA 125 56.83 104.74 28.55
C LEU IA 125 58.16 103.99 28.31
N ALA IA 126 59.26 104.45 28.94
CA ALA IA 126 60.56 103.80 28.81
C ALA IA 126 60.90 102.88 29.99
N ASP IA 127 60.27 103.10 31.14
CA ASP IA 127 60.59 102.32 32.33
C ASP IA 127 59.72 101.06 32.45
N ASN IA 128 59.02 100.71 31.37
CA ASN IA 128 58.20 99.52 31.28
C ASN IA 128 59.10 98.29 31.41
N CYS IA 129 60.09 98.22 30.53
CA CYS IA 129 61.13 97.21 30.58
C CYS IA 129 62.38 97.83 29.98
N THR IA 130 63.42 97.99 30.79
CA THR IA 130 64.69 98.44 30.25
C THR IA 130 65.29 97.28 29.47
N GLY IA 131 65.92 97.57 28.34
CA GLY IA 131 66.07 96.59 27.26
C GLY IA 131 65.70 97.26 25.93
N LEU IA 132 65.51 98.58 26.06
CA LEU IA 132 65.29 99.53 24.99
C LEU IA 132 66.57 99.65 24.16
N GLN IA 133 66.45 99.30 22.87
CA GLN IA 133 67.55 99.52 21.94
C GLN IA 133 67.83 101.01 21.72
N GLY IA 134 66.79 101.82 21.56
CA GLY IA 134 67.02 103.24 21.42
C GLY IA 134 65.75 104.00 21.03
N PHE IA 135 65.95 105.05 20.24
CA PHE IA 135 64.85 105.87 19.78
C PHE IA 135 65.00 106.12 18.30
N LEU IA 136 63.86 106.39 17.66
CA LEU IA 136 63.86 106.77 16.27
C LEU IA 136 63.18 108.13 16.14
N MET IA 137 64.02 109.15 15.87
CA MET IA 137 63.53 110.51 15.82
C MET IA 137 63.36 110.95 14.37
N PHE IA 138 62.17 111.47 14.05
CA PHE IA 138 61.82 111.86 12.69
C PHE IA 138 61.56 113.36 12.65
N ASN IA 139 62.18 114.06 11.69
CA ASN IA 139 62.03 115.50 11.59
C ASN IA 139 62.39 115.98 10.20
N ALA IA 140 61.81 117.11 9.80
CA ALA IA 140 62.22 117.86 8.63
C ALA IA 140 63.14 118.98 9.09
N VAL IA 141 64.34 119.03 8.49
CA VAL IA 141 65.38 119.94 8.95
C VAL IA 141 64.99 121.38 8.63
N GLY IA 142 64.46 121.57 7.42
CA GLY IA 142 64.06 122.87 6.87
C GLY IA 142 63.08 123.66 7.73
N GLY IA 143 62.17 122.94 8.42
CA GLY IA 143 61.06 123.49 9.18
C GLY IA 143 61.51 124.05 10.53
N GLY IA 144 60.58 124.69 11.24
CA GLY IA 144 60.92 125.36 12.49
C GLY IA 144 60.90 124.42 13.68
N THR IA 145 59.70 123.89 13.96
CA THR IA 145 59.52 123.07 15.15
C THR IA 145 60.14 121.70 14.96
N GLY IA 146 60.31 121.26 13.71
CA GLY IA 146 60.96 119.99 13.44
C GLY IA 146 62.44 120.00 13.82
N SER IA 147 63.09 121.13 13.58
CA SER IA 147 64.50 121.30 13.87
C SER IA 147 64.71 121.95 15.25
N GLY IA 148 63.84 122.90 15.60
CA GLY IA 148 63.98 123.65 16.83
C GLY IA 148 63.75 122.80 18.08
N LEU IA 149 62.65 122.06 18.09
CA LEU IA 149 62.37 121.16 19.20
C LEU IA 149 63.30 119.96 19.14
N GLY IA 150 63.67 119.51 17.94
CA GLY IA 150 64.43 118.29 17.80
C GLY IA 150 65.84 118.43 18.37
N CYS IA 151 66.40 119.65 18.35
CA CYS IA 151 67.68 119.90 18.99
C CYS IA 151 67.53 119.77 20.50
N LEU IA 152 66.50 120.41 21.07
CA LEU IA 152 66.37 120.49 22.51
C LEU IA 152 65.88 119.15 23.05
N LEU IA 153 65.02 118.47 22.29
CA LEU IA 153 64.52 117.15 22.65
C LEU IA 153 65.67 116.14 22.73
N LEU IA 154 66.55 116.18 21.74
CA LEU IA 154 67.60 115.19 21.68
C LEU IA 154 68.70 115.50 22.68
N GLU IA 155 68.87 116.78 23.04
CA GLU IA 155 69.84 117.17 24.06
C GLU IA 155 69.41 116.64 25.44
N ARG IA 156 68.11 116.77 25.74
CA ARG IA 156 67.57 116.25 26.98
C ARG IA 156 67.55 114.74 26.99
N LEU IA 157 67.43 114.12 25.79
CA LEU IA 157 67.50 112.67 25.70
C LEU IA 157 68.93 112.18 25.85
N SER IA 158 69.92 112.99 25.44
CA SER IA 158 71.33 112.63 25.58
C SER IA 158 71.74 112.61 27.05
N VAL IA 159 71.27 113.61 27.82
CA VAL IA 159 71.70 113.81 29.19
C VAL IA 159 70.95 112.88 30.16
N ASP IA 160 70.04 112.05 29.64
CA ASP IA 160 69.27 111.13 30.47
C ASP IA 160 69.54 109.67 30.10
N TYR IA 161 69.56 109.38 28.79
CA TYR IA 161 69.87 108.07 28.29
C TYR IA 161 71.12 108.18 27.44
N GLY IA 162 72.26 108.06 28.13
CA GLY IA 162 73.56 108.18 27.50
C GLY IA 162 73.86 106.97 26.62
N LYS IA 163 73.42 105.77 27.05
CA LYS IA 163 73.66 104.43 26.57
C LYS IA 163 72.95 104.16 25.22
N LYS IA 164 71.82 104.87 25.00
CA LYS IA 164 70.82 104.38 24.09
C LYS IA 164 71.17 104.84 22.68
N SER IA 165 70.89 103.96 21.72
CA SER IA 165 71.17 104.19 20.32
C SER IA 165 70.10 105.08 19.68
N LYS IA 166 70.38 106.38 19.57
CA LYS IA 166 69.39 107.32 19.05
C LYS IA 166 69.58 107.52 17.56
N LEU IA 167 68.54 107.16 16.79
CA LEU IA 167 68.57 107.29 15.34
C LEU IA 167 67.76 108.51 14.89
N ASN IA 168 68.20 109.09 13.77
CA ASN IA 168 67.58 110.26 13.19
C ASN IA 168 67.26 109.96 11.72
N PHE IA 169 66.10 110.46 11.27
CA PHE IA 169 65.77 110.47 9.87
C PHE IA 169 65.50 111.89 9.42
N CYS IA 170 66.51 112.50 8.78
CA CYS IA 170 66.45 113.91 8.47
C CYS IA 170 65.87 114.10 7.06
N SER IA 171 64.69 114.73 6.98
CA SER IA 171 64.14 115.17 5.70
C SER IA 171 64.87 116.44 5.29
N TRP IA 172 66.06 116.25 4.73
CA TRP IA 172 67.00 117.31 4.44
C TRP IA 172 66.43 118.19 3.32
N PRO IA 173 66.76 119.50 3.31
CA PRO IA 173 66.45 120.35 2.17
C PRO IA 173 67.09 119.85 0.89
N SER IA 174 66.33 119.82 -0.20
CA SER IA 174 66.82 119.34 -1.50
C SER IA 174 67.66 120.43 -2.20
N PRO IA 175 68.57 120.10 -3.15
CA PRO IA 175 69.50 121.09 -3.74
C PRO IA 175 68.92 122.34 -4.41
N GLN IA 176 68.10 122.10 -5.45
CA GLN IA 176 67.62 123.14 -6.32
C GLN IA 176 66.10 123.29 -6.20
N VAL IA 177 65.49 122.59 -5.24
CA VAL IA 177 64.03 122.62 -5.03
C VAL IA 177 63.82 122.75 -3.53
N SER IA 178 63.06 123.74 -3.09
CA SER IA 178 63.15 123.94 -1.64
C SER IA 178 61.79 124.04 -0.98
N THR IA 179 60.85 124.71 -1.69
CA THR IA 179 59.51 125.03 -1.24
C THR IA 179 59.49 125.70 0.14
N ALA IA 180 60.61 126.37 0.50
CA ALA IA 180 60.78 127.21 1.67
C ALA IA 180 62.04 128.04 1.49
N VAL IA 181 62.05 129.22 2.12
CA VAL IA 181 63.02 130.26 1.79
C VAL IA 181 64.12 130.35 2.85
N VAL IA 182 63.81 130.14 4.13
CA VAL IA 182 64.82 130.37 5.17
C VAL IA 182 65.57 129.09 5.53
N GLU IA 183 65.54 128.11 4.61
CA GLU IA 183 66.10 126.79 4.85
C GLU IA 183 67.62 126.85 5.10
N PRO IA 184 68.43 127.65 4.36
CA PRO IA 184 69.85 127.72 4.68
C PRO IA 184 70.20 128.18 6.09
N TYR IA 185 69.33 128.96 6.75
CA TYR IA 185 69.61 129.32 8.14
C TYR IA 185 69.33 128.14 9.07
N ASN IA 186 68.23 127.43 8.82
CA ASN IA 186 67.80 126.36 9.69
C ASN IA 186 68.69 125.13 9.53
N SER IA 187 69.17 124.88 8.30
CA SER IA 187 69.89 123.65 8.00
C SER IA 187 71.30 123.69 8.58
N VAL IA 188 71.94 124.86 8.54
CA VAL IA 188 73.25 125.02 9.13
C VAL IA 188 73.16 124.91 10.66
N LEU IA 189 72.14 125.53 11.27
CA LEU IA 189 72.03 125.58 12.72
C LEU IA 189 71.62 124.23 13.30
N SER IA 190 70.84 123.45 12.56
CA SER IA 190 70.52 122.09 12.99
C SER IA 190 71.78 121.21 12.90
N THR IA 191 72.63 121.49 11.90
CA THR IA 191 73.81 120.68 11.66
C THR IA 191 74.79 120.81 12.83
N HIS IA 192 74.97 122.05 13.31
CA HIS IA 192 75.79 122.32 14.48
C HIS IA 192 75.23 121.59 15.70
N SER IA 193 73.90 121.46 15.76
CA SER IA 193 73.27 120.83 16.90
C SER IA 193 73.43 119.31 16.84
N LEU IA 194 72.96 118.70 15.75
CA LEU IA 194 72.83 117.25 15.71
C LEU IA 194 74.17 116.55 15.47
N LEU IA 195 75.25 117.31 15.26
CA LEU IA 195 76.57 116.72 15.19
C LEU IA 195 77.00 116.06 16.49
N GLU IA 196 76.53 116.61 17.62
CA GLU IA 196 77.02 116.18 18.92
C GLU IA 196 75.97 115.33 19.66
N HIS IA 197 74.80 115.11 19.05
CA HIS IA 197 73.71 114.43 19.74
C HIS IA 197 73.29 113.14 19.05
N THR IA 198 73.23 113.19 17.72
CA THR IA 198 72.69 112.12 16.89
C THR IA 198 73.74 111.05 16.70
N ASP IA 199 73.37 109.79 16.95
CA ASP IA 199 74.24 108.67 16.68
C ASP IA 199 74.30 108.39 15.17
N VAL IA 200 73.12 108.23 14.56
CA VAL IA 200 73.03 107.89 13.14
C VAL IA 200 72.00 108.80 12.50
N ALA IA 201 72.38 109.47 11.40
CA ALA IA 201 71.47 110.30 10.63
C ALA IA 201 71.33 109.74 9.20
N VAL IA 202 70.07 109.64 8.76
CA VAL IA 202 69.76 109.09 7.45
C VAL IA 202 69.28 110.23 6.56
N MET IA 203 69.66 110.15 5.27
CA MET IA 203 69.56 111.31 4.40
C MET IA 203 68.36 111.17 3.48
N LEU IA 204 67.34 112.04 3.65
CA LEU IA 204 66.12 111.97 2.85
C LEU IA 204 65.82 113.35 2.27
N ASP IA 205 65.56 113.41 0.96
CA ASP IA 205 65.15 114.63 0.28
C ASP IA 205 63.90 114.36 -0.55
N ASN IA 206 62.96 115.33 -0.55
CA ASN IA 206 61.69 115.19 -1.24
C ASN IA 206 61.90 115.21 -2.76
N GLU IA 207 62.96 115.90 -3.22
CA GLU IA 207 63.18 115.99 -4.66
C GLU IA 207 63.57 114.63 -5.22
N ALA IA 208 64.40 113.88 -4.48
CA ALA IA 208 64.85 112.57 -4.93
C ALA IA 208 63.66 111.59 -4.93
N ILE IA 209 62.75 111.74 -3.95
CA ILE IA 209 61.62 110.83 -3.88
C ILE IA 209 60.54 111.23 -4.89
N TYR IA 210 60.55 112.49 -5.34
CA TYR IA 210 59.67 112.89 -6.44
C TYR IA 210 60.04 112.14 -7.72
N ASP IA 211 61.32 112.12 -8.05
CA ASP IA 211 61.71 111.58 -9.35
C ASP IA 211 62.18 110.12 -9.25
N ILE IA 212 62.13 109.53 -8.05
CA ILE IA 212 62.20 108.08 -7.97
C ILE IA 212 60.80 107.51 -8.17
N CYS IA 213 59.79 108.36 -8.00
CA CYS IA 213 58.41 107.95 -8.21
C CYS IA 213 58.01 108.11 -9.67
N ARG IA 214 58.60 109.13 -10.29
CA ARG IA 214 58.18 109.45 -11.64
C ARG IA 214 58.82 108.49 -12.67
N ARG IA 215 60.07 108.09 -12.53
CA ARG IA 215 60.66 107.12 -13.44
C ARG IA 215 60.47 105.63 -13.10
N ASN IA 216 60.09 105.29 -11.86
CA ASN IA 216 59.96 103.89 -11.47
C ASN IA 216 58.51 103.43 -11.35
N LEU IA 217 57.64 104.26 -10.79
CA LEU IA 217 56.23 103.93 -10.70
C LEU IA 217 55.41 104.61 -11.80
N ASP IA 218 56.07 105.41 -12.68
CA ASP IA 218 55.46 106.25 -13.72
C ASP IA 218 54.25 107.01 -13.16
N ILE IA 219 54.43 107.51 -11.93
CA ILE IA 219 53.48 108.37 -11.29
C ILE IA 219 54.02 109.78 -11.41
N GLU IA 220 53.33 110.59 -12.21
CA GLU IA 220 53.77 111.94 -12.49
C GLU IA 220 52.98 112.96 -11.69
N ARG IA 221 52.20 112.49 -10.71
CA ARG IA 221 51.48 113.36 -9.81
C ARG IA 221 51.24 112.65 -8.49
N PRO IA 222 52.27 112.36 -7.67
CA PRO IA 222 52.05 111.79 -6.35
C PRO IA 222 51.85 112.88 -5.30
N THR IA 223 51.14 112.53 -4.22
CA THR IA 223 50.85 113.45 -3.13
C THR IA 223 51.95 113.33 -2.07
N TYR IA 224 51.80 114.00 -0.92
CA TYR IA 224 52.64 113.74 0.25
C TYR IA 224 52.50 112.30 0.77
N THR IA 225 51.31 111.75 0.55
CA THR IA 225 51.01 110.51 1.25
C THR IA 225 51.55 109.29 0.50
N ASN IA 226 52.00 109.51 -0.74
CA ASN IA 226 52.65 108.50 -1.55
C ASN IA 226 54.17 108.54 -1.30
N LEU IA 227 54.74 109.72 -0.97
CA LEU IA 227 56.13 109.79 -0.52
C LEU IA 227 56.32 109.04 0.82
N ASN IA 228 55.28 109.10 1.64
CA ASN IA 228 55.29 108.52 2.97
C ASN IA 228 55.27 106.99 2.97
N ARG IA 229 54.68 106.37 1.93
CA ARG IA 229 54.70 104.93 1.78
C ARG IA 229 56.13 104.44 1.58
N LEU IA 230 56.89 105.16 0.73
CA LEU IA 230 58.27 104.75 0.45
C LEU IA 230 59.14 104.90 1.70
N ILE IA 231 58.92 105.96 2.47
CA ILE IA 231 59.69 106.10 3.69
C ILE IA 231 59.22 105.06 4.72
N ALA IA 232 57.97 104.64 4.62
CA ALA IA 232 57.43 103.62 5.52
C ALA IA 232 58.03 102.24 5.21
N GLN IA 233 58.49 102.04 3.98
CA GLN IA 233 59.13 100.76 3.64
C GLN IA 233 60.59 100.75 4.05
N VAL IA 234 61.21 101.94 4.18
CA VAL IA 234 62.60 102.03 4.62
C VAL IA 234 62.67 101.65 6.11
N ILE IA 235 61.77 102.23 6.91
CA ILE IA 235 61.63 101.87 8.32
C ILE IA 235 61.26 100.39 8.52
N SER IA 236 60.39 99.85 7.65
CA SER IA 236 59.92 98.48 7.79
C SER IA 236 61.06 97.50 7.55
N SER IA 237 61.99 97.86 6.66
CA SER IA 237 63.13 97.00 6.35
C SER IA 237 64.26 97.17 7.36
N LEU IA 238 64.39 98.37 7.94
CA LEU IA 238 65.44 98.62 8.92
C LEU IA 238 65.19 97.79 10.17
N THR IA 239 63.92 97.74 10.61
CA THR IA 239 63.55 97.14 11.87
C THR IA 239 62.79 95.84 11.62
N ALA IA 240 63.03 95.22 10.47
CA ALA IA 240 62.41 93.93 10.18
C ALA IA 240 63.01 92.83 11.05
N SER IA 241 64.33 92.97 11.25
CA SER IA 241 65.13 91.98 11.94
C SER IA 241 64.82 92.01 13.45
N LEU IA 242 64.22 93.09 13.96
CA LEU IA 242 63.87 93.19 15.36
C LEU IA 242 62.65 92.33 15.71
N ARG IA 243 61.78 92.11 14.72
CA ARG IA 243 60.41 91.69 15.02
C ARG IA 243 60.13 90.27 14.54
N PHE IA 244 60.87 89.81 13.51
CA PHE IA 244 60.65 88.49 12.94
C PHE IA 244 61.95 87.73 12.83
N ASP IA 245 61.83 86.43 12.49
CA ASP IA 245 62.97 85.55 12.41
C ASP IA 245 63.77 85.84 11.14
N GLY IA 246 65.09 85.62 11.23
CA GLY IA 246 66.01 85.87 10.13
C GLY IA 246 67.17 84.88 10.12
N ALA IA 247 67.68 84.53 8.92
CA ALA IA 247 68.85 83.68 8.76
C ALA IA 247 70.11 84.35 9.29
N LEU IA 248 70.13 85.68 9.15
CA LEU IA 248 71.22 86.50 9.67
C LEU IA 248 70.70 87.94 9.72
N ASN IA 249 70.42 88.42 10.93
CA ASN IA 249 69.66 89.64 11.14
C ASN IA 249 70.58 90.81 11.49
N VAL IA 250 70.06 92.03 11.25
CA VAL IA 250 70.80 93.23 11.58
C VAL IA 250 69.98 94.08 12.54
N ASP IA 251 70.47 94.24 13.77
CA ASP IA 251 69.76 95.03 14.77
C ASP IA 251 70.02 96.53 14.57
N VAL IA 252 69.59 97.36 15.53
CA VAL IA 252 69.71 98.80 15.41
C VAL IA 252 71.07 99.26 15.93
N THR IA 253 71.59 98.60 16.98
CA THR IA 253 72.93 98.86 17.47
C THR IA 253 73.98 98.48 16.43
N GLU IA 254 73.64 97.52 15.55
CA GLU IA 254 74.55 96.98 14.54
C GLU IA 254 75.01 98.04 13.54
N PHE IA 255 74.14 99.01 13.23
CA PHE IA 255 74.45 100.04 12.24
C PHE IA 255 75.63 100.90 12.67
N GLN IA 256 75.53 101.43 13.90
CA GLN IA 256 76.40 102.51 14.35
C GLN IA 256 77.85 102.06 14.48
N THR IA 257 78.08 100.76 14.72
CA THR IA 257 79.45 100.30 14.60
C THR IA 257 79.91 100.29 13.14
N ASN IA 258 79.03 99.78 12.26
CA ASN IA 258 79.42 99.29 10.95
C ASN IA 258 79.49 100.36 9.88
N LEU IA 259 79.12 101.60 10.22
CA LEU IA 259 79.03 102.64 9.20
C LEU IA 259 79.65 103.97 9.64
N VAL IA 260 79.97 104.09 10.93
CA VAL IA 260 80.45 105.34 11.48
C VAL IA 260 81.91 105.19 11.89
N PRO IA 261 82.87 105.55 11.01
CA PRO IA 261 84.28 105.38 11.33
C PRO IA 261 84.82 106.33 12.39
N TYR IA 262 84.37 107.60 12.32
CA TYR IA 262 84.73 108.62 13.29
C TYR IA 262 83.44 109.24 13.79
N PRO IA 263 83.43 109.81 15.02
CA PRO IA 263 82.20 110.31 15.65
C PRO IA 263 81.45 111.41 14.89
N ARG IA 264 82.12 112.08 13.95
CA ARG IA 264 81.50 113.18 13.23
C ARG IA 264 80.78 112.70 11.95
N ILE IA 265 81.28 111.62 11.34
CA ILE IA 265 80.81 111.22 10.02
C ILE IA 265 79.70 110.19 10.17
N HIS IA 266 78.47 110.68 10.29
CA HIS IA 266 77.31 109.81 10.42
C HIS IA 266 76.15 110.31 9.57
N PHE IA 267 76.44 110.63 8.31
CA PHE IA 267 75.43 111.06 7.36
C PHE IA 267 75.39 110.08 6.19
N MET IA 268 74.37 109.22 6.24
CA MET IA 268 74.30 108.09 5.32
C MET IA 268 73.06 108.18 4.44
N LEU IA 269 73.24 107.75 3.18
CA LEU IA 269 72.22 107.79 2.15
C LEU IA 269 71.40 106.51 2.17
N SER IA 270 70.13 106.59 1.74
CA SER IA 270 69.27 105.44 1.57
C SER IA 270 69.07 105.13 0.09
N SER IA 271 68.72 103.87 -0.18
CA SER IA 271 68.29 103.43 -1.50
C SER IA 271 67.46 102.17 -1.30
N TYR IA 272 66.31 102.12 -1.95
CA TYR IA 272 65.41 100.99 -1.78
C TYR IA 272 65.02 100.44 -3.16
N ALA IA 273 64.95 99.12 -3.25
CA ALA IA 273 64.72 98.45 -4.51
C ALA IA 273 64.13 97.07 -4.20
N PRO IA 274 63.14 96.59 -4.99
CA PRO IA 274 62.55 97.34 -6.08
C PRO IA 274 61.30 98.14 -5.72
N ILE IA 275 61.11 99.26 -6.42
CA ILE IA 275 59.86 100.00 -6.34
C ILE IA 275 59.19 99.98 -7.72
N ILE IA 276 58.24 99.05 -7.85
CA ILE IA 276 57.59 98.77 -9.12
C ILE IA 276 56.10 98.49 -8.86
N SER IA 277 55.25 98.82 -9.85
CA SER IA 277 53.80 98.72 -9.70
C SER IA 277 53.25 97.42 -10.26
N ALA IA 278 51.91 97.29 -10.13
CA ALA IA 278 51.02 96.26 -10.66
C ALA IA 278 51.18 96.10 -12.18
N GLU IA 279 51.58 97.21 -12.82
CA GLU IA 279 51.82 97.27 -14.25
C GLU IA 279 52.95 96.31 -14.60
N LYS IA 280 54.03 96.32 -13.83
CA LYS IA 280 55.25 95.71 -14.30
C LYS IA 280 55.99 94.97 -13.19
N ALA IA 281 55.28 94.59 -12.10
CA ALA IA 281 55.75 93.49 -11.27
C ALA IA 281 55.36 92.14 -11.87
N TYR IA 282 54.44 92.24 -12.85
CA TYR IA 282 53.78 91.15 -13.56
C TYR IA 282 54.70 90.58 -14.64
N HIS IA 283 55.85 91.23 -14.88
CA HIS IA 283 56.78 90.80 -15.92
C HIS IA 283 58.22 90.55 -15.43
N GLU IA 284 58.64 91.25 -14.36
CA GLU IA 284 59.98 91.07 -13.81
C GLU IA 284 60.09 89.87 -12.89
N GLN IA 285 61.23 89.20 -13.05
CA GLN IA 285 61.85 88.43 -12.00
C GLN IA 285 62.73 89.40 -11.22
N LEU IA 286 62.54 89.40 -9.91
CA LEU IA 286 63.33 90.23 -9.03
C LEU IA 286 64.37 89.37 -8.34
N SER IA 287 65.34 88.90 -9.13
CA SER IA 287 66.43 88.11 -8.61
C SER IA 287 67.31 88.96 -7.69
N VAL IA 288 68.10 88.29 -6.85
CA VAL IA 288 68.91 88.97 -5.87
C VAL IA 288 69.96 89.84 -6.56
N ALA IA 289 70.58 89.28 -7.61
CA ALA IA 289 71.52 90.01 -8.44
C ALA IA 289 70.86 91.23 -9.11
N GLU IA 290 69.56 91.14 -9.45
CA GLU IA 290 68.86 92.23 -10.13
C GLU IA 290 68.65 93.40 -9.15
N ILE IA 291 68.11 93.12 -7.96
CA ILE IA 291 67.64 94.18 -7.07
C ILE IA 291 68.78 94.77 -6.26
N THR IA 292 70.01 94.25 -6.44
CA THR IA 292 71.19 94.87 -5.84
C THR IA 292 71.99 95.67 -6.87
N ASN IA 293 71.73 95.43 -8.16
CA ASN IA 293 72.20 96.35 -9.18
C ASN IA 293 71.40 97.64 -9.12
N SER IA 294 70.08 97.51 -9.04
CA SER IA 294 69.17 98.64 -9.04
C SER IA 294 69.30 99.45 -7.74
N ALA IA 295 69.81 98.84 -6.67
CA ALA IA 295 69.99 99.55 -5.41
C ALA IA 295 71.18 100.51 -5.48
N PHE IA 296 72.16 100.20 -6.35
CA PHE IA 296 73.38 100.99 -6.42
C PHE IA 296 73.38 102.03 -7.53
N GLU IA 297 72.30 102.08 -8.32
CA GLU IA 297 72.21 103.06 -9.38
C GLU IA 297 72.01 104.44 -8.75
N PRO IA 298 72.68 105.51 -9.27
CA PRO IA 298 72.42 106.88 -8.82
C PRO IA 298 70.98 107.35 -8.99
N ALA IA 299 70.23 106.71 -9.89
CA ALA IA 299 68.82 107.02 -10.10
C ALA IA 299 67.97 106.58 -8.90
N SER IA 300 68.38 105.52 -8.21
CA SER IA 300 67.61 104.94 -7.12
C SER IA 300 68.07 105.43 -5.75
N MET IA 301 69.08 106.30 -5.71
CA MET IA 301 69.44 106.93 -4.44
C MET IA 301 68.29 107.81 -3.97
N MET IA 302 68.14 107.89 -2.65
CA MET IA 302 67.02 108.60 -2.06
C MET IA 302 67.41 110.03 -1.64
N ALA IA 303 68.53 110.57 -2.16
CA ALA IA 303 69.02 111.82 -1.60
C ALA IA 303 69.69 112.76 -2.62
N LYS IA 304 69.38 112.62 -3.91
CA LYS IA 304 69.79 113.55 -4.97
C LYS IA 304 71.23 114.05 -4.83
N CYS IA 305 72.15 113.10 -4.92
CA CYS IA 305 73.54 113.31 -4.60
C CYS IA 305 74.28 112.19 -5.34
N ASP IA 306 74.78 112.53 -6.54
CA ASP IA 306 75.28 111.52 -7.45
C ASP IA 306 76.57 110.95 -6.89
N PRO IA 307 76.64 109.63 -6.61
CA PRO IA 307 77.86 109.04 -6.04
C PRO IA 307 78.96 108.73 -7.05
N ARG IA 308 78.79 109.11 -8.32
CA ARG IA 308 79.88 109.02 -9.27
C ARG IA 308 81.04 109.97 -8.95
N HIS IA 309 80.74 111.04 -8.19
CA HIS IA 309 81.78 111.89 -7.63
C HIS IA 309 81.88 111.69 -6.12
N GLY IA 310 81.91 110.42 -5.73
CA GLY IA 310 82.14 110.05 -4.35
C GLY IA 310 82.76 108.66 -4.25
N LYS IA 311 83.51 108.44 -3.17
CA LYS IA 311 84.13 107.16 -2.88
C LYS IA 311 83.53 106.62 -1.59
N TYR IA 312 83.21 105.32 -1.61
CA TYR IA 312 82.44 104.68 -0.55
C TYR IA 312 83.36 104.32 0.62
N MET IA 313 82.84 104.54 1.84
CA MET IA 313 83.53 104.01 3.00
C MET IA 313 82.96 102.66 3.44
N ALA IA 314 81.62 102.60 3.54
CA ALA IA 314 80.94 101.43 4.05
C ALA IA 314 79.55 101.35 3.43
N CYS IA 315 78.96 100.15 3.42
CA CYS IA 315 77.63 100.01 2.83
C CYS IA 315 76.91 98.85 3.49
N CYS IA 316 75.71 99.14 4.00
CA CYS IA 316 74.95 98.18 4.77
C CYS IA 316 73.72 97.75 3.98
N LEU IA 317 73.60 96.45 3.71
CA LEU IA 317 72.50 95.90 2.89
C LEU IA 317 71.57 95.09 3.80
N MET IA 318 70.25 95.25 3.59
CA MET IA 318 69.23 94.43 4.24
C MET IA 318 68.32 93.83 3.19
N TYR IA 319 68.02 92.54 3.34
CA TYR IA 319 67.25 91.80 2.36
C TYR IA 319 66.03 91.20 3.04
N ARG IA 320 64.89 91.30 2.36
CA ARG IA 320 63.66 90.67 2.83
C ARG IA 320 63.16 89.74 1.75
N GLY IA 321 62.35 88.73 2.15
CA GLY IA 321 61.78 87.80 1.19
C GLY IA 321 62.54 86.48 1.15
N ASP IA 322 62.35 85.73 0.06
CA ASP IA 322 63.03 84.46 -0.12
C ASP IA 322 64.43 84.72 -0.67
N VAL IA 323 65.34 85.12 0.22
CA VAL IA 323 66.69 85.46 -0.18
C VAL IA 323 67.63 84.37 0.32
N VAL IA 324 68.41 83.82 -0.61
CA VAL IA 324 69.33 82.74 -0.35
C VAL IA 324 70.71 83.32 -0.17
N PRO IA 325 71.44 82.93 0.91
CA PRO IA 325 72.72 83.58 1.23
C PRO IA 325 73.83 83.44 0.18
N LYS IA 326 73.71 82.43 -0.69
CA LYS IA 326 74.56 82.28 -1.86
C LYS IA 326 74.43 83.47 -2.80
N ASP IA 327 73.18 83.87 -3.05
CA ASP IA 327 72.90 84.96 -3.96
C ASP IA 327 73.35 86.30 -3.43
N VAL IA 328 73.30 86.47 -2.10
CA VAL IA 328 73.84 87.67 -1.48
C VAL IA 328 75.34 87.75 -1.74
N ASN IA 329 76.04 86.64 -1.45
CA ASN IA 329 77.50 86.61 -1.51
C ASN IA 329 77.99 86.68 -2.96
N ALA IA 330 77.23 86.05 -3.87
CA ALA IA 330 77.62 86.04 -5.27
C ALA IA 330 77.44 87.42 -5.88
N ALA IA 331 76.31 88.06 -5.57
CA ALA IA 331 75.93 89.32 -6.20
C ALA IA 331 76.84 90.45 -5.73
N VAL IA 332 77.15 90.50 -4.42
CA VAL IA 332 77.96 91.56 -3.83
C VAL IA 332 79.41 91.43 -4.30
N ALA IA 333 79.80 90.22 -4.72
CA ALA IA 333 81.12 90.01 -5.30
C ALA IA 333 81.23 90.74 -6.65
N THR IA 334 80.16 90.64 -7.45
CA THR IA 334 80.14 91.23 -8.79
C THR IA 334 80.11 92.75 -8.70
N ILE IA 335 79.40 93.31 -7.71
CA ILE IA 335 79.35 94.75 -7.47
C ILE IA 335 80.75 95.29 -7.20
N LYS IA 336 81.53 94.53 -6.43
CA LYS IA 336 82.86 94.97 -6.06
C LYS IA 336 83.82 94.90 -7.25
N THR IA 337 83.56 93.98 -8.19
CA THR IA 337 84.42 93.82 -9.36
C THR IA 337 84.19 94.93 -10.37
N LYS IA 338 83.05 95.61 -10.27
CA LYS IA 338 82.76 96.67 -11.21
C LYS IA 338 83.64 97.88 -10.96
N ARG IA 339 83.95 98.61 -12.03
CA ARG IA 339 84.96 99.64 -11.93
C ARG IA 339 84.42 101.00 -11.52
N THR IA 340 83.17 101.25 -11.95
CA THR IA 340 82.52 102.52 -11.70
C THR IA 340 82.50 102.89 -10.22
N ILE IA 341 81.95 102.01 -9.37
CA ILE IA 341 81.93 102.32 -7.94
C ILE IA 341 83.15 101.71 -7.26
N GLN IA 342 83.80 102.55 -6.45
CA GLN IA 342 85.06 102.18 -5.85
C GLN IA 342 85.00 102.37 -4.34
N PHE IA 343 85.55 101.34 -3.68
CA PHE IA 343 85.85 101.32 -2.27
C PHE IA 343 87.09 102.17 -2.06
N VAL IA 344 87.15 102.88 -0.91
CA VAL IA 344 88.31 103.72 -0.65
C VAL IA 344 89.47 102.77 -0.38
N ASP IA 345 90.72 103.21 -0.56
CA ASP IA 345 91.86 102.31 -0.47
C ASP IA 345 92.04 101.71 0.93
N TRP IA 346 91.82 102.51 1.98
CA TRP IA 346 92.17 102.06 3.31
C TRP IA 346 91.09 101.16 3.93
N CYS IA 347 90.01 100.86 3.20
CA CYS IA 347 88.93 100.08 3.75
C CYS IA 347 88.60 98.98 2.74
N PRO IA 348 89.41 97.91 2.61
CA PRO IA 348 89.18 96.94 1.54
C PRO IA 348 87.90 96.15 1.77
N THR IA 349 87.72 95.65 3.01
CA THR IA 349 86.47 95.09 3.50
C THR IA 349 85.38 96.17 3.54
N GLY IA 350 84.22 95.92 2.95
CA GLY IA 350 83.28 97.04 3.03
C GLY IA 350 81.79 96.73 2.90
N PHE IA 351 81.33 95.67 3.59
CA PHE IA 351 79.91 95.37 3.55
C PHE IA 351 79.37 94.95 4.91
N LYS IA 352 78.04 95.10 5.05
CA LYS IA 352 77.27 94.63 6.17
C LYS IA 352 75.93 94.11 5.65
N CYS IA 353 75.77 92.80 5.58
CA CYS IA 353 74.60 92.21 4.94
C CYS IA 353 73.60 91.74 6.00
N GLY IA 354 72.37 91.46 5.55
CA GLY IA 354 71.34 90.92 6.42
C GLY IA 354 70.17 90.34 5.65
N ILE IA 355 69.61 89.22 6.13
CA ILE IA 355 68.49 88.54 5.51
C ILE IA 355 67.39 88.39 6.54
N ASN IA 356 66.17 88.80 6.15
CA ASN IA 356 64.96 88.54 6.89
C ASN IA 356 64.00 87.74 6.01
N TYR IA 357 63.29 86.78 6.61
CA TYR IA 357 62.55 85.82 5.81
C TYR IA 357 61.26 86.41 5.24
N GLN IA 358 60.56 87.13 6.09
CA GLN IA 358 59.19 87.46 5.77
C GLN IA 358 59.16 88.63 4.79
N PRO IA 359 58.40 88.46 3.68
CA PRO IA 359 58.37 89.45 2.60
C PRO IA 359 57.72 90.76 3.07
N PRO IA 360 57.90 91.93 2.39
CA PRO IA 360 57.23 93.16 2.77
C PRO IA 360 55.71 93.07 2.69
N THR IA 361 55.04 93.70 3.65
CA THR IA 361 53.58 93.75 3.66
C THR IA 361 53.10 94.90 2.78
N VAL IA 362 52.34 94.53 1.76
CA VAL IA 362 51.78 95.51 0.84
C VAL IA 362 50.51 96.05 1.50
N VAL IA 363 50.26 97.36 1.34
CA VAL IA 363 48.96 97.89 1.69
C VAL IA 363 48.05 97.82 0.47
N PRO IA 364 46.80 97.34 0.60
CA PRO IA 364 45.87 97.42 -0.53
C PRO IA 364 45.56 98.87 -0.89
N GLY IA 365 45.48 99.12 -2.20
CA GLY IA 365 45.20 100.45 -2.73
C GLY IA 365 46.43 101.35 -2.85
N GLY IA 366 47.57 100.92 -2.27
CA GLY IA 366 48.83 101.64 -2.43
C GLY IA 366 49.44 101.43 -3.81
N ASP IA 367 50.61 102.05 -4.02
CA ASP IA 367 51.21 102.14 -5.34
C ASP IA 367 52.29 101.07 -5.57
N LEU IA 368 52.89 100.60 -4.47
CA LEU IA 368 53.88 99.53 -4.56
C LEU IA 368 53.17 98.19 -4.72
N ALA IA 369 53.84 97.20 -5.33
CA ALA IA 369 53.20 95.91 -5.61
C ALA IA 369 53.75 94.82 -4.68
N LYS IA 370 53.05 93.66 -4.56
CA LYS IA 370 53.49 92.59 -3.68
C LYS IA 370 54.71 91.94 -4.31
N VAL IA 371 55.88 92.15 -3.69
CA VAL IA 371 57.13 91.69 -4.21
C VAL IA 371 57.54 90.43 -3.46
N MET IA 372 58.29 89.58 -4.16
CA MET IA 372 58.81 88.34 -3.61
C MET IA 372 59.99 88.67 -2.67
N ARG IA 373 60.85 89.61 -3.05
CA ARG IA 373 62.01 89.95 -2.25
C ARG IA 373 62.46 91.38 -2.56
N ALA IA 374 63.07 92.03 -1.57
CA ALA IA 374 63.39 93.44 -1.67
C ALA IA 374 64.65 93.75 -0.88
N VAL IA 375 65.29 94.89 -1.20
CA VAL IA 375 66.52 95.34 -0.58
C VAL IA 375 66.37 96.79 -0.14
N CYS IA 376 66.80 97.07 1.10
CA CYS IA 376 67.02 98.44 1.53
C CYS IA 376 68.51 98.59 1.84
N MET IA 377 69.06 99.78 1.55
CA MET IA 377 70.50 99.95 1.56
C MET IA 377 70.88 101.29 2.18
N ILE IA 378 71.91 101.25 3.05
CA ILE IA 378 72.47 102.41 3.72
C ILE IA 378 73.96 102.45 3.43
N SER IA 379 74.45 103.57 2.89
CA SER IA 379 75.87 103.71 2.58
C SER IA 379 76.42 105.03 3.11
N ASN IA 380 77.72 105.00 3.46
CA ASN IA 380 78.46 106.18 3.83
C ASN IA 380 79.50 106.44 2.74
N SER IA 381 79.45 107.64 2.16
CA SER IA 381 80.28 107.97 1.01
C SER IA 381 80.95 109.33 1.20
N THR IA 382 81.93 109.63 0.35
CA THR IA 382 82.47 110.98 0.29
C THR IA 382 81.67 111.87 -0.68
N ALA IA 383 80.51 111.37 -1.11
CA ALA IA 383 79.59 112.16 -1.91
C ALA IA 383 78.90 113.25 -1.09
N ILE IA 384 78.96 113.12 0.25
CA ILE IA 384 78.28 114.01 1.18
C ILE IA 384 78.92 115.40 1.16
N ALA IA 385 80.09 115.53 0.51
CA ALA IA 385 80.78 116.81 0.43
C ALA IA 385 79.96 117.82 -0.38
N GLU IA 386 79.22 117.32 -1.37
CA GLU IA 386 78.43 118.19 -2.23
C GLU IA 386 77.17 118.67 -1.54
N VAL IA 387 76.61 117.85 -0.64
CA VAL IA 387 75.33 118.22 -0.06
C VAL IA 387 75.55 119.24 1.06
N PHE IA 388 76.80 119.41 1.49
CA PHE IA 388 77.17 120.45 2.44
C PHE IA 388 77.79 121.66 1.77
N SER IA 389 78.45 121.46 0.61
CA SER IA 389 79.06 122.57 -0.10
C SER IA 389 78.01 123.54 -0.64
N ARG IA 390 76.91 123.00 -1.18
CA ARG IA 390 75.92 123.85 -1.83
C ARG IA 390 75.08 124.57 -0.79
N MET IA 391 74.92 123.96 0.39
CA MET IA 391 74.22 124.65 1.47
C MET IA 391 75.19 125.42 2.38
N ASP IA 392 76.47 125.43 2.02
CA ASP IA 392 77.42 126.39 2.57
C ASP IA 392 77.44 127.67 1.73
N HIS IA 393 77.44 127.48 0.40
CA HIS IA 393 77.40 128.58 -0.55
C HIS IA 393 76.10 129.38 -0.39
N LYS IA 394 74.95 128.69 -0.18
CA LYS IA 394 73.66 129.37 -0.20
C LYS IA 394 73.54 130.11 1.14
N PHE IA 395 74.14 129.56 2.21
CA PHE IA 395 74.11 130.19 3.53
C PHE IA 395 74.96 131.47 3.59
N ASP IA 396 76.16 131.41 3.00
CA ASP IA 396 77.05 132.56 2.99
C ASP IA 396 76.48 133.68 2.13
N LEU IA 397 75.81 133.29 1.03
CA LEU IA 397 75.19 134.23 0.09
C LEU IA 397 74.09 135.05 0.79
N MET IA 398 73.27 134.40 1.61
CA MET IA 398 72.21 135.10 2.30
C MET IA 398 72.76 135.97 3.44
N TYR IA 399 73.66 135.36 4.24
CA TYR IA 399 74.18 135.94 5.46
C TYR IA 399 75.14 137.12 5.19
N ALA IA 400 75.56 137.29 3.92
CA ALA IA 400 76.52 138.32 3.56
C ALA IA 400 76.01 139.74 3.86
N LYS IA 401 74.68 139.94 3.77
CA LYS IA 401 74.12 141.23 4.14
C LYS IA 401 72.84 141.04 4.96
N ARG IA 402 72.89 140.06 5.85
CA ARG IA 402 72.03 140.03 7.05
C ARG IA 402 70.55 139.93 6.69
N ALA IA 403 70.26 139.20 5.61
CA ALA IA 403 68.87 138.89 5.28
C ALA IA 403 68.28 137.94 6.33
N PHE IA 404 67.03 138.22 6.73
CA PHE IA 404 66.20 137.44 7.66
C PHE IA 404 66.85 137.25 9.02
N VAL IA 405 67.84 138.07 9.35
CA VAL IA 405 68.55 137.87 10.60
C VAL IA 405 67.71 138.39 11.78
N HIS IA 406 66.92 139.46 11.52
CA HIS IA 406 66.17 140.15 12.58
C HIS IA 406 65.12 139.27 13.24
N TRP IA 407 64.63 138.24 12.54
CA TRP IA 407 63.69 137.32 13.13
C TRP IA 407 64.37 136.45 14.18
N TYR IA 408 65.67 136.18 13.98
CA TYR IA 408 66.41 135.29 14.85
C TYR IA 408 67.02 136.03 16.04
N VAL IA 409 67.45 137.29 15.84
CA VAL IA 409 68.19 138.02 16.87
C VAL IA 409 67.22 138.39 18.01
N GLY IA 410 66.09 138.97 17.60
CA GLY IA 410 65.10 139.50 18.53
C GLY IA 410 64.37 138.38 19.28
N GLU IA 411 64.60 137.12 18.91
CA GLU IA 411 63.85 136.02 19.48
C GLU IA 411 64.58 135.32 20.62
N GLY IA 412 65.87 135.57 20.78
CA GLY IA 412 66.53 134.94 21.92
C GLY IA 412 67.99 134.55 21.73
N MET IA 413 68.48 134.61 20.49
CA MET IA 413 69.88 134.31 20.24
C MET IA 413 70.63 135.58 19.82
N GLU IA 414 71.97 135.51 19.91
CA GLU IA 414 72.83 136.62 19.56
C GLU IA 414 73.49 136.35 18.21
N GLU IA 415 73.97 137.44 17.61
CA GLU IA 415 74.88 137.38 16.49
C GLU IA 415 76.14 136.66 16.93
N GLY IA 416 76.51 135.66 16.10
CA GLY IA 416 77.76 134.95 16.24
C GLY IA 416 77.48 133.45 16.36
N GLU IA 417 76.25 133.10 16.77
CA GLU IA 417 75.79 131.72 16.70
C GLU IA 417 75.72 131.30 15.23
N PHE IA 418 75.44 132.26 14.34
CA PHE IA 418 75.43 131.94 12.92
C PHE IA 418 76.85 131.75 12.40
N SER IA 419 77.79 132.56 12.91
CA SER IA 419 79.19 132.40 12.57
C SER IA 419 79.76 131.11 13.18
N GLU IA 420 79.29 130.76 14.39
CA GLU IA 420 79.73 129.54 15.06
C GLU IA 420 79.22 128.31 14.32
N ALA IA 421 77.96 128.33 13.88
CA ALA IA 421 77.37 127.20 13.17
C ALA IA 421 77.99 127.08 11.78
N ARG IA 422 78.49 128.20 11.23
CA ARG IA 422 79.20 128.17 9.96
C ARG IA 422 80.52 127.41 10.12
N GLU IA 423 81.31 127.74 11.15
CA GLU IA 423 82.65 127.18 11.31
C GLU IA 423 82.62 125.68 11.62
N ASP IA 424 81.63 125.25 12.43
CA ASP IA 424 81.38 123.84 12.71
C ASP IA 424 81.07 123.07 11.42
N LEU IA 425 80.26 123.71 10.56
CA LEU IA 425 79.97 123.13 9.27
C LEU IA 425 81.13 123.34 8.32
N ALA IA 426 81.97 124.35 8.59
CA ALA IA 426 83.17 124.53 7.78
C ALA IA 426 84.19 123.44 8.12
N ALA IA 427 84.15 122.96 9.37
CA ALA IA 427 85.02 121.87 9.78
C ALA IA 427 84.63 120.57 9.08
N LEU IA 428 83.31 120.35 8.94
CA LEU IA 428 82.79 119.11 8.40
C LEU IA 428 83.11 118.98 6.92
N GLU IA 429 83.27 120.11 6.23
CA GLU IA 429 83.62 120.10 4.82
C GLU IA 429 85.00 119.48 4.63
N LYS IA 430 85.95 120.05 5.38
CA LYS IA 430 87.32 119.59 5.32
C LYS IA 430 87.45 118.17 5.85
N ASP IA 431 86.65 117.85 6.89
CA ASP IA 431 86.67 116.55 7.55
C ASP IA 431 86.32 115.42 6.58
N TYR IA 432 85.29 115.64 5.75
CA TYR IA 432 84.89 114.65 4.76
C TYR IA 432 85.95 114.51 3.68
N GLU IA 433 86.60 115.63 3.37
CA GLU IA 433 87.59 115.63 2.33
C GLU IA 433 88.85 114.85 2.73
N GLU IA 434 89.26 115.03 3.98
CA GLU IA 434 90.50 114.45 4.49
C GLU IA 434 90.38 112.96 4.77
N VAL IA 435 89.16 112.44 4.90
CA VAL IA 435 88.97 111.01 5.07
C VAL IA 435 89.33 110.26 3.78
N GLY IA 436 88.93 110.84 2.64
CA GLY IA 436 88.95 110.11 1.37
C GLY IA 436 90.24 110.24 0.56
N ILE IA 437 91.31 110.81 1.13
CA ILE IA 437 92.55 110.96 0.39
C ILE IA 437 93.22 109.59 0.17
N MET JA 1 40.80 126.77 20.38
CA MET JA 1 41.90 126.50 19.40
C MET JA 1 42.46 127.85 18.92
N ARG JA 2 42.66 127.97 17.61
CA ARG JA 2 43.05 129.25 17.04
C ARG JA 2 41.81 129.91 16.43
N GLU JA 3 41.66 131.20 16.73
CA GLU JA 3 40.52 131.99 16.28
C GLU JA 3 41.03 133.22 15.54
N ILE JA 4 40.18 133.75 14.66
CA ILE JA 4 40.46 134.99 13.95
C ILE JA 4 39.32 135.95 14.22
N VAL JA 5 39.68 137.19 14.57
CA VAL JA 5 38.73 138.25 14.78
C VAL JA 5 38.80 139.22 13.61
N HIS JA 6 37.63 139.40 12.96
CA HIS JA 6 37.53 140.24 11.78
C HIS JA 6 37.20 141.66 12.21
N VAL JA 7 37.85 142.64 11.54
CA VAL JA 7 37.53 144.05 11.70
C VAL JA 7 37.29 144.63 10.31
N GLN JA 8 36.08 145.12 10.08
CA GLN JA 8 35.76 145.78 8.82
C GLN JA 8 35.62 147.26 9.13
N GLY JA 9 36.57 148.05 8.61
CA GLY JA 9 36.61 149.48 8.85
C GLY JA 9 36.31 150.30 7.59
N GLY JA 10 35.17 151.01 7.61
CA GLY JA 10 34.87 151.94 6.54
C GLY JA 10 33.66 151.51 5.71
N GLN JA 11 33.30 152.37 4.77
CA GLN JA 11 32.26 152.07 3.80
C GLN JA 11 32.68 150.91 2.89
N CYS JA 12 33.90 151.04 2.36
CA CYS JA 12 34.51 150.02 1.51
C CYS JA 12 34.65 148.73 2.31
N GLY JA 13 35.15 148.86 3.55
CA GLY JA 13 35.47 147.73 4.42
C GLY JA 13 34.20 146.93 4.75
N ASN JA 14 33.07 147.63 4.93
CA ASN JA 14 31.82 146.98 5.29
C ASN JA 14 31.22 146.23 4.09
N GLN JA 15 31.27 146.82 2.88
CA GLN JA 15 30.71 146.21 1.70
C GLN JA 15 31.54 145.01 1.26
N ILE JA 16 32.87 145.17 1.26
CA ILE JA 16 33.74 144.07 0.88
C ILE JA 16 33.91 143.09 2.05
N GLY JA 17 33.39 143.46 3.23
CA GLY JA 17 33.39 142.58 4.39
C GLY JA 17 32.06 141.82 4.51
N ALA JA 18 30.97 142.43 4.04
CA ALA JA 18 29.67 141.77 4.03
C ALA JA 18 29.65 140.64 3.02
N LYS JA 19 30.35 140.82 1.92
CA LYS JA 19 30.43 139.79 0.90
C LYS JA 19 31.31 138.64 1.40
N PHE JA 20 32.29 138.94 2.26
CA PHE JA 20 33.19 137.96 2.83
C PHE JA 20 32.45 136.98 3.74
N TRP JA 21 31.44 137.47 4.45
CA TRP JA 21 30.67 136.55 5.26
C TRP JA 21 29.53 135.91 4.49
N GLU JA 22 29.41 136.26 3.21
CA GLU JA 22 28.48 135.53 2.37
C GLU JA 22 29.23 134.36 1.72
N VAL JA 23 30.55 134.52 1.54
CA VAL JA 23 31.35 133.52 0.85
C VAL JA 23 31.83 132.45 1.85
N ILE JA 24 32.06 132.84 3.10
CA ILE JA 24 32.44 131.85 4.09
C ILE JA 24 31.22 131.06 4.54
N SER JA 25 30.11 131.75 4.78
CA SER JA 25 28.88 131.15 5.25
C SER JA 25 28.35 130.14 4.25
N ASP JA 26 28.48 130.42 2.96
CA ASP JA 26 28.15 129.47 1.92
C ASP JA 26 29.10 128.28 2.00
N GLU JA 27 30.39 128.55 2.18
CA GLU JA 27 31.43 127.52 2.12
C GLU JA 27 31.31 126.57 3.31
N HIS JA 28 30.95 127.11 4.48
CA HIS JA 28 30.77 126.29 5.66
C HIS JA 28 29.33 125.79 5.80
N GLY JA 29 28.42 126.26 4.93
CA GLY JA 29 27.05 125.77 4.90
C GLY JA 29 26.12 126.36 5.97
N ILE JA 30 26.36 127.60 6.39
CA ILE JA 30 25.49 128.28 7.35
C ILE JA 30 24.43 129.10 6.61
N ASP JA 31 23.16 128.84 6.94
CA ASP JA 31 22.04 129.55 6.37
C ASP JA 31 21.98 130.99 6.90
N PRO JA 32 21.26 131.90 6.22
CA PRO JA 32 21.08 133.26 6.72
C PRO JA 32 20.41 133.39 8.09
N THR JA 33 19.60 132.38 8.46
CA THR JA 33 19.08 132.29 9.82
C THR JA 33 20.24 132.10 10.80
N GLY JA 34 21.10 131.15 10.44
CA GLY JA 34 22.29 130.79 11.20
C GLY JA 34 22.28 129.30 11.52
N THR JA 35 21.40 128.54 10.86
CA THR JA 35 21.23 127.12 11.12
C THR JA 35 21.90 126.33 10.01
N TYR JA 36 22.82 125.43 10.38
CA TYR JA 36 23.56 124.66 9.40
C TYR JA 36 22.63 123.65 8.73
N CYS JA 37 22.76 123.53 7.40
CA CYS JA 37 21.99 122.55 6.63
C CYS JA 37 22.91 121.94 5.58
N GLY JA 38 23.02 120.61 5.63
CA GLY JA 38 23.79 119.87 4.66
C GLY JA 38 24.63 118.74 5.25
N ASP JA 39 24.57 118.53 6.57
CA ASP JA 39 25.10 117.39 7.33
C ASP JA 39 26.35 116.71 6.76
N SER JA 40 27.41 117.50 6.57
CA SER JA 40 28.75 117.01 6.31
C SER JA 40 29.65 117.36 7.49
N ASP JA 41 30.67 116.54 7.69
CA ASP JA 41 31.47 116.59 8.90
C ASP JA 41 32.55 117.67 8.83
N LEU JA 42 33.19 117.79 7.66
CA LEU JA 42 34.36 118.64 7.51
C LEU JA 42 33.99 120.13 7.55
N GLN JA 43 32.70 120.44 7.40
CA GLN JA 43 32.24 121.82 7.42
C GLN JA 43 32.25 122.41 8.84
N LEU JA 44 32.24 121.54 9.87
CA LEU JA 44 32.05 122.01 11.24
C LEU JA 44 33.26 121.72 12.13
N GLU JA 45 34.25 120.99 11.61
CA GLU JA 45 35.40 120.61 12.42
C GLU JA 45 36.26 121.82 12.80
N ARG JA 46 36.41 122.76 11.86
CA ARG JA 46 37.02 124.02 12.15
C ARG JA 46 36.03 125.12 11.81
N ILE JA 47 35.10 125.35 12.73
CA ILE JA 47 34.09 126.39 12.57
C ILE JA 47 34.35 127.52 13.57
N ASN JA 48 35.14 127.27 14.62
CA ASN JA 48 35.42 128.27 15.64
C ASN JA 48 36.43 129.31 15.17
N VAL JA 49 37.06 129.10 14.00
CA VAL JA 49 38.02 130.06 13.50
C VAL JA 49 37.30 131.34 13.12
N PHE JA 50 35.98 131.28 12.85
CA PHE JA 50 35.24 132.46 12.44
C PHE JA 50 33.88 132.60 13.10
N TYR JA 51 33.40 131.59 13.82
CA TYR JA 51 32.02 131.61 14.32
C TYR JA 51 32.00 131.27 15.81
N ASN JA 52 30.95 131.80 16.48
CA ASN JA 52 30.71 131.60 17.90
C ASN JA 52 29.27 131.09 18.10
N GLU JA 53 29.02 130.20 19.08
CA GLU JA 53 27.64 129.76 19.36
C GLU JA 53 26.89 130.90 20.05
N ALA JA 54 25.59 131.06 19.77
CA ALA JA 54 24.88 132.23 20.26
C ALA JA 54 23.59 131.86 20.96
N THR JA 55 23.63 130.78 21.73
CA THR JA 55 22.65 130.39 22.73
C THR JA 55 21.22 130.37 22.22
N GLY JA 56 21.05 130.47 20.88
CA GLY JA 56 19.79 130.27 20.19
C GLY JA 56 19.88 129.06 19.27
N GLY JA 57 21.10 128.49 19.19
CA GLY JA 57 21.47 127.42 18.28
C GLY JA 57 22.14 127.93 17.00
N ARG JA 58 22.43 129.23 16.92
CA ARG JA 58 22.89 129.83 15.69
C ARG JA 58 24.31 130.34 15.84
N PHE JA 59 24.94 130.56 14.68
CA PHE JA 59 26.35 130.95 14.64
C PHE JA 59 26.47 132.42 14.26
N VAL JA 60 27.37 133.09 14.99
CA VAL JA 60 27.54 134.51 14.79
C VAL JA 60 29.00 134.73 14.45
N PRO JA 61 29.27 135.61 13.47
CA PRO JA 61 30.65 135.89 13.11
C PRO JA 61 31.41 136.59 14.23
N ARG JA 62 32.74 136.43 14.22
CA ARG JA 62 33.63 137.15 15.12
C ARG JA 62 34.12 138.43 14.45
N ALA JA 63 33.16 139.28 14.09
CA ALA JA 63 33.36 140.47 13.26
C ALA JA 63 33.11 141.74 14.09
N ILE JA 64 33.92 142.78 13.88
CA ILE JA 64 33.68 144.11 14.40
C ILE JA 64 33.50 145.04 13.22
N LEU JA 65 32.28 145.56 13.09
CA LEU JA 65 31.94 146.44 11.97
C LEU JA 65 32.08 147.88 12.43
N MET JA 66 33.14 148.52 11.92
CA MET JA 66 33.55 149.83 12.39
C MET JA 66 33.31 150.83 11.24
N ASP JA 67 32.55 151.88 11.58
CA ASP JA 67 32.31 152.93 10.62
C ASP JA 67 31.86 154.15 11.42
N LEU JA 68 32.15 155.32 10.84
CA LEU JA 68 31.85 156.56 11.53
C LEU JA 68 30.47 157.12 11.17
N GLU JA 69 29.71 156.46 10.29
CA GLU JA 69 28.39 156.97 9.97
C GLU JA 69 27.37 155.84 9.89
N PRO JA 70 26.12 156.05 10.36
CA PRO JA 70 25.15 154.96 10.45
C PRO JA 70 24.53 154.49 9.14
N GLY JA 71 24.99 154.97 7.99
CA GLY JA 71 24.34 154.65 6.73
C GLY JA 71 24.73 153.28 6.19
N THR JA 72 26.02 152.94 6.32
CA THR JA 72 26.55 151.74 5.68
C THR JA 72 26.14 150.49 6.45
N MET JA 73 26.07 150.62 7.77
CA MET JA 73 25.69 149.53 8.67
C MET JA 73 24.20 149.18 8.50
N ASP JA 74 23.35 150.19 8.24
CA ASP JA 74 21.92 149.96 8.05
C ASP JA 74 21.66 149.23 6.74
N SER JA 75 22.52 149.47 5.73
CA SER JA 75 22.44 148.77 4.46
C SER JA 75 22.78 147.30 4.65
N VAL JA 76 23.82 147.07 5.48
CA VAL JA 76 24.34 145.73 5.73
C VAL JA 76 23.28 144.95 6.52
N ARG JA 77 22.72 145.55 7.58
CA ARG JA 77 21.83 144.87 8.52
C ARG JA 77 20.50 144.51 7.87
N ALA JA 78 19.94 145.42 7.06
CA ALA JA 78 18.58 145.19 6.53
C ALA JA 78 18.55 144.07 5.49
N GLY JA 79 19.72 143.86 4.85
CA GLY JA 79 19.84 142.93 3.74
C GLY JA 79 19.69 141.46 4.16
N PRO JA 80 19.68 140.46 3.24
CA PRO JA 80 19.87 139.06 3.63
C PRO JA 80 21.35 138.84 4.02
N PHE JA 81 21.59 137.86 4.89
CA PHE JA 81 22.85 137.64 5.61
C PHE JA 81 23.31 138.92 6.32
N GLY JA 82 22.34 139.67 6.80
CA GLY JA 82 22.60 140.89 7.53
C GLY JA 82 22.28 140.72 9.00
N GLN JA 83 21.31 139.86 9.26
CA GLN JA 83 20.92 139.58 10.61
C GLN JA 83 21.79 138.46 11.16
N LEU JA 84 22.74 137.96 10.36
CA LEU JA 84 23.78 137.03 10.79
C LEU JA 84 24.68 137.71 11.81
N PHE JA 85 25.02 138.97 11.60
CA PHE JA 85 25.92 139.68 12.47
C PHE JA 85 25.26 139.97 13.81
N ARG JA 86 26.11 140.04 14.81
CA ARG JA 86 25.62 140.35 16.13
C ARG JA 86 25.38 141.85 16.22
N PRO JA 87 24.23 142.31 16.77
CA PRO JA 87 23.89 143.73 16.71
C PRO JA 87 24.73 144.57 17.67
N ASP JA 88 25.35 143.93 18.66
CA ASP JA 88 26.22 144.66 19.57
C ASP JA 88 27.52 145.04 18.87
N ASN JA 89 27.97 144.19 17.95
CA ASN JA 89 29.28 144.32 17.33
C ASN JA 89 29.41 145.56 16.45
N PHE JA 90 28.28 146.10 15.96
CA PHE JA 90 28.30 147.39 15.29
C PHE JA 90 28.78 148.47 16.27
N VAL JA 91 29.62 149.38 15.78
CA VAL JA 91 30.12 150.49 16.58
C VAL JA 91 29.91 151.79 15.79
N PHE JA 92 28.71 152.36 15.94
CA PHE JA 92 28.28 153.53 15.22
C PHE JA 92 29.17 154.73 15.55
N GLY JA 93 29.45 155.54 14.51
CA GLY JA 93 29.79 156.93 14.70
C GLY JA 93 28.59 157.77 14.31
N GLN JA 94 28.64 159.04 14.70
CA GLN JA 94 27.61 159.99 14.33
C GLN JA 94 28.23 161.13 13.50
N THR JA 95 29.45 161.53 13.83
CA THR JA 95 30.07 162.68 13.20
C THR JA 95 30.45 162.37 11.75
N GLY JA 96 31.38 161.42 11.57
CA GLY JA 96 31.82 160.99 10.26
C GLY JA 96 32.98 161.83 9.72
N ALA JA 97 34.05 161.16 9.26
CA ALA JA 97 35.22 161.84 8.70
C ALA JA 97 35.05 161.92 7.18
N GLY JA 98 34.91 163.15 6.67
CA GLY JA 98 34.60 163.36 5.26
C GLY JA 98 35.84 163.19 4.37
N ASN JA 99 36.32 161.95 4.24
CA ASN JA 99 37.52 161.65 3.48
C ASN JA 99 38.73 162.43 4.02
N ASN JA 100 38.73 162.63 5.34
CA ASN JA 100 39.76 163.39 6.03
C ASN JA 100 40.48 162.46 6.99
N TRP JA 101 41.75 162.21 6.69
CA TRP JA 101 42.57 161.30 7.47
C TRP JA 101 42.89 161.85 8.86
N ALA JA 102 43.07 163.17 8.97
CA ALA JA 102 43.49 163.79 10.22
C ALA JA 102 42.40 163.62 11.28
N LYS JA 103 41.15 163.83 10.87
CA LYS JA 103 40.08 163.84 11.84
C LYS JA 103 39.47 162.44 12.00
N GLY JA 104 40.06 161.44 11.32
CA GLY JA 104 39.71 160.06 11.59
C GLY JA 104 40.77 159.40 12.46
N HIS JA 105 41.96 160.02 12.52
CA HIS JA 105 43.08 159.50 13.29
C HIS JA 105 43.27 160.24 14.61
N TYR JA 106 42.94 161.55 14.65
CA TYR JA 106 43.25 162.38 15.82
C TYR JA 106 42.00 162.79 16.59
N THR JA 107 41.08 163.45 15.89
CA THR JA 107 40.05 164.19 16.61
C THR JA 107 38.79 163.34 16.84
N GLU JA 108 38.10 162.96 15.76
CA GLU JA 108 36.91 162.15 15.94
C GLU JA 108 37.24 160.65 15.91
N GLY JA 109 38.53 160.30 15.80
CA GLY JA 109 38.97 158.92 16.02
C GLY JA 109 39.04 158.60 17.53
N ALA JA 110 39.31 159.62 18.35
CA ALA JA 110 39.69 159.42 19.75
C ALA JA 110 38.48 159.08 20.63
N GLU JA 111 37.34 159.71 20.33
CA GLU JA 111 36.15 159.55 21.17
C GLU JA 111 35.40 158.25 20.83
N LEU JA 112 35.97 157.42 19.95
CA LEU JA 112 35.35 156.17 19.55
C LEU JA 112 36.34 154.99 19.64
N ILE JA 113 37.67 155.27 19.70
CA ILE JA 113 38.70 154.23 19.83
C ILE JA 113 38.54 153.50 21.17
N ASP JA 114 37.97 154.18 22.16
CA ASP JA 114 37.75 153.58 23.48
C ASP JA 114 36.66 152.51 23.44
N SER JA 115 35.61 152.74 22.65
CA SER JA 115 34.50 151.79 22.55
C SER JA 115 34.90 150.51 21.81
N VAL JA 116 35.73 150.67 20.77
CA VAL JA 116 36.05 149.55 19.91
C VAL JA 116 37.04 148.59 20.59
N LEU JA 117 37.92 149.13 21.47
CA LEU JA 117 38.86 148.31 22.23
C LEU JA 117 38.09 147.42 23.22
N ASP JA 118 36.91 147.89 23.62
CA ASP JA 118 36.05 147.10 24.49
C ASP JA 118 35.51 145.88 23.74
N VAL JA 119 35.01 146.11 22.52
CA VAL JA 119 34.39 145.02 21.77
C VAL JA 119 35.46 144.09 21.20
N VAL JA 120 36.67 144.63 20.96
CA VAL JA 120 37.79 143.80 20.53
C VAL JA 120 38.22 142.85 21.66
N ARG JA 121 38.31 143.38 22.89
CA ARG JA 121 38.77 142.62 24.05
C ARG JA 121 37.87 141.43 24.36
N LYS JA 122 36.55 141.72 24.27
CA LYS JA 122 35.54 140.72 24.59
C LYS JA 122 35.56 139.63 23.51
N GLU JA 123 35.84 139.94 22.24
CA GLU JA 123 35.96 138.92 21.20
C GLU JA 123 37.25 138.14 21.32
N ALA JA 124 38.35 138.81 21.71
CA ALA JA 124 39.64 138.15 21.72
C ALA JA 124 39.72 137.15 22.87
N GLU JA 125 39.27 137.62 24.04
CA GLU JA 125 39.60 136.87 25.24
C GLU JA 125 38.53 135.82 25.56
N GLY JA 126 37.41 135.86 24.83
CA GLY JA 126 36.26 135.00 25.09
C GLY JA 126 36.56 133.55 24.79
N CYS JA 127 37.33 133.33 23.71
CA CYS JA 127 37.76 132.03 23.24
C CYS JA 127 38.89 131.54 24.16
N ASP JA 128 39.79 130.66 23.75
CA ASP JA 128 41.01 130.48 24.54
C ASP JA 128 42.02 131.57 24.15
N CYS JA 129 42.70 131.26 23.03
CA CYS JA 129 43.81 132.04 22.54
C CYS JA 129 43.73 132.14 21.02
N LEU JA 130 43.37 133.36 20.66
CA LEU JA 130 43.22 133.84 19.30
C LEU JA 130 44.53 133.71 18.51
N GLN JA 131 44.44 133.56 17.20
CA GLN JA 131 45.61 133.56 16.32
C GLN JA 131 45.95 134.97 15.85
N GLY JA 132 45.01 135.62 15.17
CA GLY JA 132 45.29 136.95 14.65
C GLY JA 132 44.01 137.69 14.30
N PHE JA 133 44.21 138.94 13.84
CA PHE JA 133 43.12 139.79 13.40
C PHE JA 133 43.26 140.02 11.91
N GLN JA 134 42.14 140.23 11.21
CA GLN JA 134 42.23 140.74 9.85
C GLN JA 134 41.49 142.08 9.80
N ILE JA 135 42.26 143.15 9.56
CA ILE JA 135 41.69 144.45 9.29
C ILE JA 135 41.41 144.50 7.79
N THR JA 136 40.26 145.08 7.43
CA THR JA 136 39.86 145.13 6.05
C THR JA 136 39.30 146.52 5.76
N HIS JA 137 40.08 147.29 5.00
CA HIS JA 137 39.85 148.72 4.93
C HIS JA 137 40.39 149.28 3.63
N SER JA 138 40.13 150.58 3.45
CA SER JA 138 40.48 151.32 2.24
C SER JA 138 41.50 152.37 2.62
N LEU JA 139 42.45 152.64 1.73
CA LEU JA 139 43.47 153.64 2.04
C LEU JA 139 43.19 154.95 1.29
N GLY JA 140 41.97 155.12 0.80
CA GLY JA 140 41.54 156.37 0.19
C GLY JA 140 40.63 157.17 1.11
N GLY JA 141 39.77 156.45 1.86
CA GLY JA 141 38.64 156.93 2.61
C GLY JA 141 39.10 157.69 3.86
N GLY JA 142 38.11 158.02 4.67
CA GLY JA 142 38.46 158.74 5.89
C GLY JA 142 38.40 157.89 7.13
N THR JA 143 37.34 157.07 7.27
CA THR JA 143 37.19 156.22 8.44
C THR JA 143 37.90 154.88 8.26
N GLY JA 144 37.98 154.39 7.01
CA GLY JA 144 38.74 153.20 6.66
C GLY JA 144 40.25 153.40 6.88
N SER JA 145 40.71 154.63 6.62
CA SER JA 145 42.11 154.97 6.68
C SER JA 145 42.49 155.71 7.97
N GLY JA 146 41.55 156.45 8.56
CA GLY JA 146 41.84 157.27 9.72
C GLY JA 146 41.92 156.47 11.03
N MET JA 147 40.76 155.94 11.46
CA MET JA 147 40.76 155.08 12.63
C MET JA 147 40.95 153.61 12.24
N GLY JA 148 40.93 153.30 10.93
CA GLY JA 148 41.29 151.98 10.45
C GLY JA 148 42.70 151.60 10.90
N THR JA 149 43.61 152.56 10.78
CA THR JA 149 45.00 152.33 11.11
C THR JA 149 45.30 152.70 12.57
N LEU JA 150 44.42 153.49 13.19
CA LEU JA 150 44.61 153.78 14.59
C LEU JA 150 44.27 152.54 15.44
N LEU JA 151 43.24 151.81 15.02
CA LEU JA 151 42.92 150.55 15.68
C LEU JA 151 44.03 149.53 15.51
N ILE JA 152 44.72 149.56 14.36
CA ILE JA 152 45.85 148.69 14.11
C ILE JA 152 47.00 149.04 15.07
N SER JA 153 47.21 150.34 15.33
CA SER JA 153 48.27 150.82 16.20
C SER JA 153 48.08 150.32 17.64
N LYS JA 154 46.84 150.37 18.12
CA LYS JA 154 46.58 150.06 19.53
C LYS JA 154 46.44 148.56 19.74
N VAL JA 155 45.88 147.82 18.77
CA VAL JA 155 45.67 146.38 18.92
C VAL JA 155 46.99 145.63 18.83
N ARG JA 156 47.95 146.23 18.13
CA ARG JA 156 49.29 145.64 18.10
C ARG JA 156 49.95 145.84 19.46
N GLU JA 157 49.72 146.98 20.13
CA GLU JA 157 50.34 147.26 21.42
C GLU JA 157 49.78 146.32 22.49
N GLU JA 158 48.45 146.12 22.45
CA GLU JA 158 47.79 145.33 23.48
C GLU JA 158 48.10 143.85 23.28
N TYR JA 159 48.09 143.43 22.01
CA TYR JA 159 48.44 142.05 21.69
C TYR JA 159 49.65 142.08 20.78
N PRO JA 160 50.86 141.86 21.35
CA PRO JA 160 52.09 142.15 20.62
C PRO JA 160 52.49 141.03 19.66
N ASP JA 161 52.04 139.81 19.96
CA ASP JA 161 52.46 138.61 19.27
C ASP JA 161 51.50 138.14 18.19
N ARG JA 162 50.20 138.45 18.25
CA ARG JA 162 49.26 137.89 17.29
C ARG JA 162 49.49 138.44 15.89
N ILE JA 163 49.21 137.61 14.88
CA ILE JA 163 49.48 137.98 13.49
C ILE JA 163 48.49 139.07 13.06
N MET JA 164 48.98 140.02 12.27
CA MET JA 164 48.20 141.20 11.92
C MET JA 164 48.12 141.33 10.41
N GLU JA 165 46.91 141.09 9.86
CA GLU JA 165 46.70 140.95 8.42
C GLU JA 165 45.77 142.06 7.92
N THR JA 166 46.19 142.78 6.86
CA THR JA 166 45.38 143.84 6.31
C THR JA 166 45.13 143.64 4.82
N PHE JA 167 43.87 143.89 4.43
CA PHE JA 167 43.53 144.08 3.04
C PHE JA 167 43.29 145.56 2.79
N SER JA 168 44.25 146.20 2.11
CA SER JA 168 44.20 147.63 1.86
C SER JA 168 44.03 147.87 0.37
N VAL JA 169 43.00 148.65 0.01
CA VAL JA 169 42.81 149.02 -1.39
C VAL JA 169 43.48 150.37 -1.64
N PHE JA 170 44.57 150.35 -2.42
CA PHE JA 170 45.35 151.53 -2.76
C PHE JA 170 44.61 152.39 -3.77
N PRO JA 171 44.94 153.68 -3.93
CA PRO JA 171 44.51 154.43 -5.10
C PRO JA 171 45.01 153.84 -6.40
N SER JA 172 44.18 153.96 -7.43
CA SER JA 172 44.58 153.60 -8.79
C SER JA 172 45.48 154.68 -9.36
N PRO JA 173 46.48 154.33 -10.21
CA PRO JA 173 47.33 155.36 -10.82
C PRO JA 173 46.66 156.25 -11.87
N LYS JA 174 45.83 155.65 -12.72
CA LYS JA 174 45.19 156.40 -13.80
C LYS JA 174 44.08 157.30 -13.23
N VAL JA 175 43.02 156.71 -12.65
CA VAL JA 175 41.83 157.45 -12.24
C VAL JA 175 41.91 157.76 -10.75
N SER JA 176 41.44 158.95 -10.30
CA SER JA 176 41.59 159.30 -8.89
C SER JA 176 40.36 159.98 -8.32
N ASP JA 177 39.40 159.18 -7.84
CA ASP JA 177 38.34 159.75 -7.00
C ASP JA 177 38.87 159.98 -5.58
N THR JA 178 38.12 160.76 -4.78
CA THR JA 178 38.55 161.30 -3.49
C THR JA 178 39.86 162.05 -3.65
N VAL JA 179 39.77 163.26 -4.25
CA VAL JA 179 40.84 164.11 -4.75
C VAL JA 179 42.06 164.11 -3.82
N VAL JA 180 41.81 164.19 -2.52
CA VAL JA 180 42.86 164.03 -1.52
C VAL JA 180 43.17 162.54 -1.28
N GLU JA 181 43.83 161.95 -2.27
CA GLU JA 181 44.30 160.56 -2.19
C GLU JA 181 45.69 160.45 -1.58
N PRO JA 182 46.74 161.10 -2.14
CA PRO JA 182 48.12 160.78 -1.77
C PRO JA 182 48.40 161.15 -0.32
N TYR JA 183 47.71 162.17 0.20
CA TYR JA 183 47.81 162.49 1.63
C TYR JA 183 47.21 161.37 2.49
N ASN JA 184 46.12 160.76 2.06
CA ASN JA 184 45.52 159.66 2.79
C ASN JA 184 46.42 158.42 2.70
N ALA JA 185 46.96 158.15 1.50
CA ALA JA 185 47.71 156.93 1.27
C ALA JA 185 49.08 156.96 1.95
N THR JA 186 49.81 158.06 1.79
CA THR JA 186 51.18 158.15 2.29
C THR JA 186 51.16 158.12 3.82
N LEU JA 187 50.28 158.93 4.44
CA LEU JA 187 50.25 159.01 5.90
C LEU JA 187 49.69 157.74 6.52
N SER JA 188 49.01 156.91 5.71
CA SER JA 188 48.54 155.63 6.23
C SER JA 188 49.63 154.56 6.13
N VAL JA 189 50.36 154.54 5.02
CA VAL JA 189 51.34 153.50 4.75
C VAL JA 189 52.50 153.56 5.74
N HIS JA 190 53.03 154.77 6.01
CA HIS JA 190 54.22 154.89 6.82
C HIS JA 190 53.94 154.50 8.28
N GLN JA 191 52.68 154.60 8.67
CA GLN JA 191 52.26 154.16 10.01
C GLN JA 191 51.88 152.68 10.01
N LEU JA 192 51.40 152.19 8.86
CA LEU JA 192 51.05 150.78 8.66
C LEU JA 192 52.31 149.93 8.45
N VAL JA 193 53.42 150.56 8.06
CA VAL JA 193 54.68 149.84 7.86
C VAL JA 193 55.19 149.34 9.20
N GLU JA 194 55.22 150.21 10.20
CA GLU JA 194 55.80 149.86 11.49
C GLU JA 194 54.86 148.97 12.31
N ASN JA 195 53.56 148.98 12.00
CA ASN JA 195 52.58 148.44 12.93
C ASN JA 195 51.70 147.34 12.32
N ALA JA 196 52.14 146.75 11.21
CA ALA JA 196 51.40 145.66 10.60
C ALA JA 196 52.35 144.53 10.26
N ASP JA 197 51.80 143.30 10.24
CA ASP JA 197 52.56 142.07 10.08
C ASP JA 197 52.52 141.58 8.63
N GLU JA 198 51.37 141.74 7.95
CA GLU JA 198 51.18 141.21 6.61
C GLU JA 198 50.13 142.05 5.88
N VAL JA 199 50.58 142.78 4.83
CA VAL JA 199 49.71 143.70 4.11
C VAL JA 199 49.58 143.21 2.68
N GLN JA 200 48.33 143.10 2.24
CA GLN JA 200 48.07 142.63 0.89
C GLN JA 200 47.40 143.75 0.12
N VAL JA 201 47.98 144.07 -1.04
CA VAL JA 201 47.69 145.26 -1.81
C VAL JA 201 46.71 144.92 -2.93
N ILE JA 202 45.63 145.70 -3.01
CA ILE JA 202 44.62 145.54 -4.04
C ILE JA 202 44.43 146.90 -4.71
N ASP JA 203 44.27 146.90 -6.03
CA ASP JA 203 43.98 148.12 -6.78
C ASP JA 203 42.53 148.12 -7.23
N ASN JA 204 42.01 149.31 -7.59
CA ASN JA 204 40.64 149.41 -8.07
C ASN JA 204 40.64 149.17 -9.59
N GLU JA 205 41.55 149.80 -10.31
CA GLU JA 205 41.49 149.69 -11.76
C GLU JA 205 42.17 148.41 -12.23
N ALA JA 206 42.95 147.74 -11.38
CA ALA JA 206 43.39 146.39 -11.66
C ALA JA 206 42.19 145.44 -11.66
N LEU JA 207 41.23 145.70 -10.77
CA LEU JA 207 39.99 144.94 -10.73
C LEU JA 207 39.12 145.22 -11.96
N TYR JA 208 39.11 146.49 -12.42
CA TYR JA 208 38.51 146.88 -13.71
C TYR JA 208 39.19 146.15 -14.87
N ASP JA 209 40.52 146.03 -14.83
CA ASP JA 209 41.32 145.39 -15.87
C ASP JA 209 40.91 143.92 -15.96
N ILE JA 210 40.80 143.26 -14.80
CA ILE JA 210 40.47 141.84 -14.78
C ILE JA 210 39.04 141.66 -15.29
N CYS JA 211 38.13 142.53 -14.81
CA CYS JA 211 36.71 142.36 -15.05
C CYS JA 211 36.36 142.74 -16.49
N PHE JA 212 37.20 143.54 -17.16
CA PHE JA 212 36.88 143.93 -18.52
C PHE JA 212 37.47 142.96 -19.53
N ARG JA 213 38.66 142.40 -19.25
CA ARG JA 213 39.38 141.63 -20.25
C ARG JA 213 39.25 140.11 -20.05
N THR JA 214 39.25 139.64 -18.80
CA THR JA 214 39.19 138.21 -18.56
C THR JA 214 37.74 137.77 -18.44
N LEU JA 215 37.02 138.33 -17.47
CA LEU JA 215 35.65 137.90 -17.22
C LEU JA 215 34.69 138.41 -18.31
N LYS JA 216 35.06 139.55 -18.92
CA LYS JA 216 34.32 140.19 -20.01
C LYS JA 216 32.93 140.64 -19.56
N LEU JA 217 32.90 141.51 -18.57
CA LEU JA 217 31.66 142.16 -18.18
C LEU JA 217 31.62 143.60 -18.66
N THR JA 218 30.52 143.96 -19.31
CA THR JA 218 30.31 145.33 -19.78
C THR JA 218 29.98 146.33 -18.66
N THR JA 219 29.22 145.90 -17.65
CA THR JA 219 28.71 146.80 -16.60
C THR JA 219 29.10 146.30 -15.21
N PRO JA 220 30.32 146.63 -14.77
CA PRO JA 220 30.87 146.16 -13.50
C PRO JA 220 30.28 146.84 -12.26
N THR JA 221 29.46 146.10 -11.51
CA THR JA 221 29.02 146.61 -10.21
C THR JA 221 30.02 146.26 -9.10
N TYR JA 222 29.89 146.99 -7.99
CA TYR JA 222 30.70 146.78 -6.80
C TYR JA 222 30.39 145.42 -6.17
N GLY JA 223 29.20 144.86 -6.47
CA GLY JA 223 28.88 143.52 -5.97
C GLY JA 223 29.84 142.48 -6.54
N ASP JA 224 30.12 142.62 -7.83
CA ASP JA 224 30.93 141.67 -8.55
C ASP JA 224 32.41 141.86 -8.23
N LEU JA 225 32.86 143.09 -7.98
CA LEU JA 225 34.26 143.34 -7.63
C LEU JA 225 34.59 142.79 -6.25
N ASN JA 226 33.65 142.96 -5.31
CA ASN JA 226 33.83 142.49 -3.94
C ASN JA 226 33.88 140.97 -3.92
N HIS JA 227 33.10 140.35 -4.84
CA HIS JA 227 32.97 138.89 -4.95
C HIS JA 227 34.31 138.30 -5.39
N LEU JA 228 35.13 139.11 -6.07
CA LEU JA 228 36.44 138.62 -6.48
C LEU JA 228 37.40 138.68 -5.29
N VAL JA 229 37.34 139.77 -4.51
CA VAL JA 229 38.28 139.97 -3.42
C VAL JA 229 37.93 139.02 -2.28
N SER JA 230 36.63 138.77 -2.08
CA SER JA 230 36.16 137.85 -1.05
C SER JA 230 36.62 136.41 -1.38
N ALA JA 231 36.57 136.07 -2.68
CA ALA JA 231 37.11 134.78 -3.12
C ALA JA 231 38.64 134.76 -3.06
N ALA JA 232 39.25 135.96 -3.11
CA ALA JA 232 40.69 136.06 -3.00
C ALA JA 232 41.14 135.94 -1.54
N MET JA 233 40.35 136.56 -0.64
CA MET JA 233 40.74 136.61 0.76
C MET JA 233 40.45 135.30 1.49
N SER JA 234 39.58 134.47 0.92
CA SER JA 234 39.31 133.17 1.54
C SER JA 234 40.56 132.27 1.50
N GLY JA 235 41.21 132.21 0.32
CA GLY JA 235 42.26 131.23 0.06
C GLY JA 235 43.49 131.39 0.94
N VAL JA 236 43.66 132.57 1.55
CA VAL JA 236 44.74 132.74 2.52
C VAL JA 236 44.43 131.95 3.78
N THR JA 237 43.14 131.92 4.15
CA THR JA 237 42.72 131.30 5.39
C THR JA 237 41.97 129.99 5.12
N CYS JA 238 41.95 129.54 3.87
CA CYS JA 238 41.23 128.32 3.56
C CYS JA 238 42.02 127.09 4.00
N CYS JA 239 43.34 127.24 4.16
CA CYS JA 239 44.14 126.12 4.64
C CYS JA 239 43.96 125.90 6.15
N LEU JA 240 43.49 126.94 6.86
CA LEU JA 240 43.16 126.81 8.28
C LEU JA 240 41.91 125.96 8.47
N ARG JA 241 40.91 126.15 7.61
CA ARG JA 241 39.57 125.72 7.95
C ARG JA 241 39.27 124.30 7.47
N PHE JA 242 40.15 123.75 6.61
CA PHE JA 242 39.95 122.44 6.04
C PHE JA 242 41.26 121.66 6.09
N PRO JA 243 41.26 120.31 6.21
CA PRO JA 243 42.50 119.55 6.13
C PRO JA 243 43.12 119.58 4.73
N GLY JA 244 44.43 119.34 4.72
CA GLY JA 244 45.23 119.34 3.50
C GLY JA 244 46.35 118.32 3.58
N GLN JA 245 46.93 117.99 2.43
CA GLN JA 245 48.08 117.10 2.41
C GLN JA 245 49.34 117.87 2.81
N LEU JA 246 49.42 119.14 2.38
CA LEU JA 246 50.50 120.02 2.75
C LEU JA 246 49.92 121.31 3.32
N ASN JA 247 50.00 121.41 4.65
CA ASN JA 247 49.22 122.38 5.41
C ASN JA 247 49.85 123.77 5.29
N SER JA 248 49.03 124.78 5.59
CA SER JA 248 49.54 126.14 5.72
C SER JA 248 48.60 126.93 6.63
N ASP JA 249 49.21 127.89 7.34
CA ASP JA 249 48.46 128.93 8.04
C ASP JA 249 48.98 130.29 7.62
N LEU JA 250 48.54 131.33 8.34
CA LEU JA 250 49.03 132.68 8.08
C LEU JA 250 50.50 132.78 8.50
N ARG JA 251 50.80 132.22 9.69
CA ARG JA 251 52.19 132.37 10.13
C ARG JA 251 53.15 131.48 9.33
N LYS JA 252 52.64 130.36 8.81
CA LYS JA 252 53.33 129.50 7.86
C LYS JA 252 53.78 130.40 6.69
N LEU JA 253 52.90 131.32 6.24
CA LEU JA 253 53.07 132.14 5.04
C LEU JA 253 53.97 133.35 5.31
N ALA JA 254 53.65 134.06 6.40
CA ALA JA 254 54.25 135.36 6.70
C ALA JA 254 55.75 135.24 6.95
N VAL JA 255 56.15 134.15 7.60
CA VAL JA 255 57.55 133.96 7.94
C VAL JA 255 58.34 133.67 6.67
N ASN JA 256 57.64 133.23 5.62
CA ASN JA 256 58.28 132.55 4.52
C ASN JA 256 58.35 133.42 3.27
N LEU JA 257 57.71 134.60 3.31
CA LEU JA 257 57.76 135.55 2.21
C LEU JA 257 58.51 136.84 2.57
N ILE JA 258 58.81 137.06 3.87
CA ILE JA 258 59.29 138.34 4.36
C ILE JA 258 60.78 138.26 4.66
N PRO JA 259 61.65 138.81 3.79
CA PRO JA 259 63.10 138.84 4.04
C PRO JA 259 63.57 139.79 5.14
N PHE JA 260 63.04 140.99 5.08
CA PHE JA 260 63.47 142.08 5.93
C PHE JA 260 62.20 142.74 6.45
N PRO JA 261 62.31 143.41 7.62
CA PRO JA 261 61.15 143.73 8.46
C PRO JA 261 60.13 144.65 7.78
N ARG JA 262 60.67 145.53 6.95
CA ARG JA 262 59.96 146.65 6.35
C ARG JA 262 59.00 146.12 5.27
N LEU JA 263 59.57 145.36 4.34
CA LEU JA 263 58.85 145.04 3.10
C LEU JA 263 58.00 143.79 3.33
N HIS JA 264 56.68 144.02 3.37
CA HIS JA 264 55.70 142.95 3.43
C HIS JA 264 54.45 143.30 2.62
N PHE JA 265 54.67 143.99 1.49
CA PHE JA 265 53.55 144.37 0.63
C PHE JA 265 53.43 143.38 -0.50
N PHE JA 266 52.24 142.78 -0.59
CA PHE JA 266 52.08 141.57 -1.38
C PHE JA 266 51.06 141.78 -2.49
N LEU JA 267 51.20 140.96 -3.53
CA LEU JA 267 50.33 141.03 -4.69
C LEU JA 267 49.45 139.78 -4.73
N ILE JA 268 48.16 139.95 -5.03
CA ILE JA 268 47.21 138.86 -5.03
C ILE JA 268 46.79 138.59 -6.47
N GLY JA 269 46.83 137.31 -6.87
CA GLY JA 269 46.17 136.83 -8.09
C GLY JA 269 45.20 135.71 -7.75
N PHE JA 270 44.20 135.48 -8.60
CA PHE JA 270 43.29 134.36 -8.40
C PHE JA 270 43.16 133.58 -9.70
N ALA JA 271 42.93 132.27 -9.57
CA ALA JA 271 42.83 131.38 -10.72
C ALA JA 271 41.92 130.23 -10.32
N PRO JA 272 41.07 129.70 -11.24
CA PRO JA 272 40.92 130.22 -12.61
C PRO JA 272 39.83 131.29 -12.77
N LEU JA 273 39.98 132.11 -13.82
CA LEU JA 273 39.02 133.13 -14.16
C LEU JA 273 38.73 133.04 -15.66
N THR JA 274 37.57 132.49 -15.99
CA THR JA 274 37.10 132.41 -17.37
C THR JA 274 35.67 132.94 -17.42
N SER JA 275 35.28 133.53 -18.58
CA SER JA 275 33.93 134.01 -18.84
C SER JA 275 32.96 132.81 -18.93
N ARG JA 276 31.65 133.13 -18.97
CA ARG JA 276 30.56 132.18 -19.09
C ARG JA 276 30.70 131.28 -20.32
N GLY JA 277 31.06 131.89 -21.47
CA GLY JA 277 31.25 131.18 -22.73
C GLY JA 277 32.41 130.20 -22.66
N SER JA 278 33.50 130.72 -22.07
CA SER JA 278 34.80 130.08 -22.10
C SER JA 278 34.97 129.06 -20.97
N GLN JA 279 33.99 128.94 -20.06
CA GLN JA 279 34.10 127.96 -19.00
C GLN JA 279 33.93 126.53 -19.53
N GLN JA 280 33.11 126.39 -20.57
CA GLN JA 280 32.83 125.09 -21.13
C GLN JA 280 34.04 124.55 -21.89
N TYR JA 281 34.88 125.45 -22.41
CA TYR JA 281 35.94 125.06 -23.33
C TYR JA 281 37.33 125.08 -22.68
N ARG JA 282 37.44 125.65 -21.47
CA ARG JA 282 38.71 125.71 -20.76
C ARG JA 282 39.13 124.30 -20.36
N ALA JA 283 40.44 124.04 -20.37
CA ALA JA 283 40.98 122.77 -19.91
C ALA JA 283 41.58 122.94 -18.52
N LEU JA 284 40.86 122.46 -17.49
CA LEU JA 284 41.19 122.78 -16.12
C LEU JA 284 42.19 121.77 -15.57
N SER JA 285 43.44 122.22 -15.40
CA SER JA 285 44.52 121.38 -14.90
C SER JA 285 45.59 122.27 -14.27
N VAL JA 286 46.56 121.67 -13.57
CA VAL JA 286 47.57 122.43 -12.84
C VAL JA 286 48.49 123.20 -13.79
N PRO JA 287 48.97 122.67 -14.93
CA PRO JA 287 49.74 123.52 -15.86
C PRO JA 287 48.96 124.71 -16.44
N GLU JA 288 47.65 124.54 -16.65
CA GLU JA 288 46.82 125.65 -17.13
C GLU JA 288 46.63 126.66 -16.01
N LEU JA 289 46.57 126.19 -14.75
CA LEU JA 289 46.31 127.06 -13.62
C LEU JA 289 47.54 127.89 -13.26
N THR JA 290 48.73 127.32 -13.40
CA THR JA 290 49.95 128.05 -13.06
C THR JA 290 50.28 129.08 -14.13
N GLN JA 291 49.73 128.90 -15.35
CA GLN JA 291 49.88 129.91 -16.39
C GLN JA 291 49.02 131.12 -16.05
N GLN JA 292 47.76 130.87 -15.66
CA GLN JA 292 46.82 131.93 -15.38
C GLN JA 292 47.10 132.55 -14.01
N MET JA 293 47.84 131.82 -13.15
CA MET JA 293 48.32 132.30 -11.87
C MET JA 293 49.27 133.46 -12.10
N PHE JA 294 50.39 133.12 -12.77
CA PHE JA 294 51.56 133.96 -12.90
C PHE JA 294 51.41 134.76 -14.20
N ASP JA 295 50.49 135.71 -14.17
CA ASP JA 295 50.21 136.51 -15.35
C ASP JA 295 50.02 137.95 -14.89
N ALA JA 296 50.60 138.89 -15.66
CA ALA JA 296 50.56 140.32 -15.38
C ALA JA 296 49.11 140.83 -15.39
N LYS JA 297 48.30 140.24 -16.26
CA LYS JA 297 46.89 140.54 -16.39
C LYS JA 297 46.12 140.16 -15.14
N ASN JA 298 46.48 139.01 -14.57
CA ASN JA 298 45.67 138.35 -13.57
C ASN JA 298 45.92 138.89 -12.16
N MET JA 299 46.93 139.75 -12.00
CA MET JA 299 47.20 140.29 -10.69
C MET JA 299 46.14 141.32 -10.32
N MET JA 300 45.86 141.43 -9.02
CA MET JA 300 44.95 142.42 -8.51
C MET JA 300 45.69 143.71 -8.14
N CYS JA 301 46.90 143.88 -8.66
CA CYS JA 301 47.66 145.11 -8.51
C CYS JA 301 47.97 145.68 -9.88
N ALA JA 302 47.95 147.02 -9.99
CA ALA JA 302 48.26 147.70 -11.24
C ALA JA 302 49.76 148.02 -11.33
N SER JA 303 50.60 147.00 -11.12
CA SER JA 303 52.03 147.12 -11.32
C SER JA 303 52.54 145.88 -12.04
N ASP JA 304 53.15 146.07 -13.22
CA ASP JA 304 53.65 145.00 -14.06
C ASP JA 304 54.80 144.28 -13.35
N PRO JA 305 54.68 142.97 -13.02
CA PRO JA 305 55.79 142.24 -12.43
C PRO JA 305 56.99 142.04 -13.32
N ARG JA 306 56.83 142.26 -14.64
CA ARG JA 306 57.92 142.06 -15.59
C ARG JA 306 58.97 143.17 -15.48
N HIS JA 307 58.60 144.29 -14.84
CA HIS JA 307 59.52 145.41 -14.70
C HIS JA 307 60.46 145.25 -13.51
N GLY JA 308 60.20 144.21 -12.69
CA GLY JA 308 60.99 143.95 -11.49
C GLY JA 308 61.28 142.47 -11.32
N ARG JA 309 61.72 142.09 -10.11
CA ARG JA 309 62.09 140.71 -9.81
C ARG JA 309 61.17 140.18 -8.70
N TYR JA 310 60.62 138.98 -8.91
CA TYR JA 310 59.88 138.29 -7.86
C TYR JA 310 60.84 137.84 -6.76
N LEU JA 311 60.77 138.53 -5.61
CA LEU JA 311 61.66 138.21 -4.50
C LEU JA 311 61.33 136.84 -3.91
N THR JA 312 60.12 136.72 -3.35
CA THR JA 312 59.56 135.46 -2.87
C THR JA 312 58.12 135.39 -3.36
N ALA JA 313 57.60 134.17 -3.51
CA ALA JA 313 56.21 134.00 -3.92
C ALA JA 313 55.61 132.80 -3.20
N SER JA 314 54.30 132.66 -3.32
CA SER JA 314 53.57 131.55 -2.74
C SER JA 314 52.32 131.25 -3.55
N ALA JA 315 51.93 129.97 -3.56
CA ALA JA 315 50.70 129.56 -4.23
C ALA JA 315 49.91 128.63 -3.32
N MET JA 316 48.71 129.04 -2.90
CA MET JA 316 47.84 128.20 -2.08
C MET JA 316 46.83 127.49 -2.97
N PHE JA 317 47.13 126.23 -3.28
CA PHE JA 317 46.25 125.46 -4.14
C PHE JA 317 45.08 124.94 -3.33
N ARG JA 318 43.92 124.86 -3.99
CA ARG JA 318 42.74 124.28 -3.39
C ARG JA 318 42.16 123.26 -4.36
N GLY JA 319 41.84 122.07 -3.85
CA GLY JA 319 41.19 121.03 -4.66
C GLY JA 319 42.00 119.73 -4.62
N ARG JA 320 41.36 118.62 -5.00
CA ARG JA 320 41.96 117.30 -5.06
C ARG JA 320 42.93 117.26 -6.25
N MET JA 321 44.22 117.06 -5.99
CA MET JA 321 45.25 117.17 -7.02
C MET JA 321 46.49 116.44 -6.55
N SER JA 322 47.55 116.50 -7.35
CA SER JA 322 48.75 115.73 -7.11
C SER JA 322 49.92 116.66 -6.81
N THR JA 323 50.66 116.39 -5.73
CA THR JA 323 51.59 117.40 -5.29
C THR JA 323 52.90 117.35 -6.06
N LYS JA 324 53.14 116.30 -6.87
CA LYS JA 324 54.29 116.41 -7.74
C LYS JA 324 53.98 117.40 -8.88
N GLU JA 325 52.79 117.27 -9.47
CA GLU JA 325 52.35 118.17 -10.54
C GLU JA 325 52.34 119.63 -10.09
N VAL JA 326 52.02 119.88 -8.83
CA VAL JA 326 52.08 121.21 -8.28
C VAL JA 326 53.53 121.70 -8.23
N ASP JA 327 54.43 120.84 -7.74
CA ASP JA 327 55.76 121.27 -7.34
C ASP JA 327 56.72 121.14 -8.52
N GLU JA 328 56.39 120.28 -9.47
CA GLU JA 328 57.17 120.27 -10.70
C GLU JA 328 56.92 121.51 -11.55
N GLN JA 329 55.67 121.98 -11.55
CA GLN JA 329 55.34 123.24 -12.21
C GLN JA 329 56.04 124.46 -11.58
N MET JA 330 56.42 124.36 -10.31
CA MET JA 330 57.09 125.45 -9.62
C MET JA 330 58.53 125.58 -10.11
N LEU JA 331 59.23 124.46 -10.28
CA LEU JA 331 60.55 124.48 -10.89
C LEU JA 331 60.45 124.87 -12.36
N ASN JA 332 59.37 124.43 -13.05
CA ASN JA 332 59.16 124.70 -14.45
C ASN JA 332 59.01 126.20 -14.73
N VAL JA 333 58.23 126.88 -13.86
CA VAL JA 333 57.93 128.29 -14.00
C VAL JA 333 59.18 129.12 -13.70
N GLN JA 334 60.07 128.57 -12.86
CA GLN JA 334 61.23 129.35 -12.45
C GLN JA 334 62.39 129.19 -13.44
N ASN JA 335 62.42 128.06 -14.13
CA ASN JA 335 63.56 127.75 -14.99
C ASN JA 335 63.47 128.44 -16.35
N LYS JA 336 62.26 128.55 -16.91
CA LYS JA 336 62.12 129.15 -18.23
C LYS JA 336 62.28 130.67 -18.10
N ASN JA 337 61.39 131.26 -17.28
CA ASN JA 337 61.35 132.70 -17.10
C ASN JA 337 62.30 133.12 -15.98
N SER JA 338 63.61 132.92 -16.23
CA SER JA 338 64.60 133.06 -15.17
C SER JA 338 65.00 134.51 -14.89
N SER JA 339 64.66 135.44 -15.78
CA SER JA 339 65.03 136.84 -15.62
C SER JA 339 64.16 137.53 -14.57
N TYR JA 340 62.93 137.02 -14.34
CA TYR JA 340 61.92 137.67 -13.51
C TYR JA 340 62.05 137.27 -12.03
N PHE JA 341 62.97 136.33 -11.75
CA PHE JA 341 63.16 135.80 -10.41
C PHE JA 341 64.52 136.23 -9.90
N VAL JA 342 64.57 136.62 -8.61
CA VAL JA 342 65.79 137.07 -7.99
C VAL JA 342 66.78 135.91 -7.90
N GLU JA 343 68.06 136.24 -8.02
CA GLU JA 343 69.07 135.25 -8.30
C GLU JA 343 69.62 134.68 -7.00
N TRP JA 344 69.76 135.53 -5.99
CA TRP JA 344 70.50 135.12 -4.80
C TRP JA 344 69.58 134.41 -3.80
N ILE JA 345 68.43 133.91 -4.27
CA ILE JA 345 67.63 132.93 -3.56
C ILE JA 345 67.25 131.85 -4.55
N PRO JA 346 67.68 130.59 -4.40
CA PRO JA 346 67.21 129.54 -5.30
C PRO JA 346 65.84 129.00 -4.85
N ASN JA 347 65.01 128.71 -5.84
CA ASN JA 347 63.64 128.27 -5.68
C ASN JA 347 62.85 129.26 -4.82
N ASN JA 348 62.63 130.43 -5.41
CA ASN JA 348 62.07 131.62 -4.77
C ASN JA 348 60.69 131.36 -4.13
N MET JA 349 59.95 130.36 -4.61
CA MET JA 349 58.55 130.25 -4.23
C MET JA 349 58.25 128.96 -3.48
N LYS JA 350 57.33 129.08 -2.51
CA LYS JA 350 56.76 127.99 -1.74
C LYS JA 350 55.40 127.59 -2.31
N SER JA 351 54.80 126.50 -1.80
CA SER JA 351 53.49 126.05 -2.24
C SER JA 351 52.72 125.43 -1.06
N SER JA 352 51.39 125.35 -1.17
CA SER JA 352 50.54 124.63 -0.23
C SER JA 352 49.37 123.99 -0.97
N VAL JA 353 48.83 122.92 -0.38
CA VAL JA 353 47.73 122.20 -1.00
C VAL JA 353 46.63 121.99 0.06
N CYS JA 354 45.44 122.49 -0.30
CA CYS JA 354 44.25 122.30 0.52
C CYS JA 354 43.27 121.42 -0.24
N ASP JA 355 42.66 120.47 0.49
CA ASP JA 355 41.86 119.44 -0.17
C ASP JA 355 40.54 119.99 -0.71
N ILE JA 356 39.88 120.81 0.10
CA ILE JA 356 38.56 121.31 -0.25
C ILE JA 356 38.69 122.51 -1.18
N PRO JA 357 38.02 122.49 -2.35
CA PRO JA 357 38.03 123.63 -3.26
C PRO JA 357 36.96 124.65 -2.88
N PRO JA 358 36.98 125.88 -3.44
CA PRO JA 358 35.87 126.82 -3.22
C PRO JA 358 34.63 126.24 -3.88
N LYS JA 359 33.46 126.56 -3.32
CA LYS JA 359 32.22 125.97 -3.82
C LYS JA 359 31.96 126.43 -5.27
N GLY JA 360 31.66 125.44 -6.13
CA GLY JA 360 31.40 125.71 -7.53
C GLY JA 360 32.58 125.37 -8.43
N LEU JA 361 33.80 125.41 -7.88
CA LEU JA 361 35.01 125.18 -8.65
C LEU JA 361 35.70 123.92 -8.12
N LYS JA 362 36.44 123.22 -8.99
CA LYS JA 362 36.96 121.91 -8.65
C LYS JA 362 38.48 121.91 -8.42
N MET JA 363 39.12 123.02 -8.80
CA MET JA 363 40.54 123.29 -8.56
C MET JA 363 40.77 124.80 -8.72
N SER JA 364 41.55 125.39 -7.79
CA SER JA 364 41.72 126.83 -7.73
C SER JA 364 43.02 127.19 -7.02
N VAL JA 365 43.44 128.45 -7.19
CA VAL JA 365 44.66 128.96 -6.60
C VAL JA 365 44.43 130.37 -6.10
N THR JA 366 44.92 130.66 -4.89
CA THR JA 366 45.16 132.01 -4.43
C THR JA 366 46.68 132.24 -4.36
N PHE JA 367 47.16 133.29 -5.01
CA PHE JA 367 48.59 133.54 -5.19
C PHE JA 367 49.01 134.81 -4.45
N VAL JA 368 50.07 134.73 -3.64
CA VAL JA 368 50.58 135.87 -2.90
C VAL JA 368 52.06 136.02 -3.21
N GLY JA 369 52.41 137.15 -3.82
CA GLY JA 369 53.77 137.36 -4.29
C GLY JA 369 54.38 138.64 -3.76
N ASN JA 370 55.62 138.54 -3.27
CA ASN JA 370 56.36 139.70 -2.82
C ASN JA 370 57.36 140.09 -3.92
N SER JA 371 57.10 141.24 -4.56
CA SER JA 371 57.90 141.63 -5.72
C SER JA 371 58.51 143.01 -5.53
N THR JA 372 59.66 143.25 -6.16
CA THR JA 372 60.27 144.57 -6.22
C THR JA 372 59.80 145.33 -7.47
N ALA JA 373 58.77 144.80 -8.14
CA ALA JA 373 58.09 145.58 -9.15
C ALA JA 373 56.98 146.44 -8.54
N ILE JA 374 56.77 146.28 -7.22
CA ILE JA 374 55.75 147.06 -6.50
C ILE JA 374 56.26 148.48 -6.26
N GLN JA 375 57.54 148.73 -6.55
CA GLN JA 375 58.17 150.04 -6.35
C GLN JA 375 57.54 151.13 -7.23
N GLU JA 376 56.95 150.76 -8.36
CA GLU JA 376 56.35 151.75 -9.23
C GLU JA 376 54.99 152.21 -8.69
N MET JA 377 54.41 151.47 -7.73
CA MET JA 377 53.27 151.97 -7.00
C MET JA 377 53.71 153.12 -6.08
N PHE JA 378 54.68 152.87 -5.19
CA PHE JA 378 55.09 153.89 -4.24
C PHE JA 378 55.82 155.03 -4.93
N LYS JA 379 56.34 154.78 -6.13
CA LYS JA 379 57.03 155.83 -6.86
C LYS JA 379 56.06 156.86 -7.40
N ARG JA 380 54.97 156.38 -7.99
CA ARG JA 380 53.96 157.27 -8.54
C ARG JA 380 53.17 157.98 -7.43
N VAL JA 381 53.03 157.34 -6.26
CA VAL JA 381 52.39 157.99 -5.13
C VAL JA 381 53.28 159.11 -4.61
N SER JA 382 54.60 158.90 -4.62
CA SER JA 382 55.55 159.86 -4.08
C SER JA 382 55.57 161.14 -4.93
N ASP JA 383 55.51 160.99 -6.27
CA ASP JA 383 55.50 162.17 -7.13
C ASP JA 383 54.15 162.85 -7.10
N GLN JA 384 53.07 162.09 -6.91
CA GLN JA 384 51.74 162.69 -6.74
C GLN JA 384 51.59 163.32 -5.36
N PHE JA 385 52.32 162.82 -4.34
CA PHE JA 385 52.34 163.43 -3.03
C PHE JA 385 53.14 164.73 -3.07
N THR JA 386 54.33 164.67 -3.69
CA THR JA 386 55.24 165.81 -3.67
C THR JA 386 54.76 166.93 -4.59
N ALA JA 387 53.84 166.64 -5.50
CA ALA JA 387 53.26 167.66 -6.37
C ALA JA 387 52.26 168.49 -5.56
N MET JA 388 51.46 167.86 -4.70
CA MET JA 388 50.39 168.56 -4.00
C MET JA 388 50.80 169.01 -2.60
N PHE JA 389 52.07 168.75 -2.23
CA PHE JA 389 52.61 169.21 -0.96
C PHE JA 389 53.56 170.41 -1.13
N ARG JA 390 54.17 170.51 -2.32
CA ARG JA 390 54.96 171.69 -2.70
C ARG JA 390 54.09 172.94 -2.76
N ARG JA 391 52.89 172.79 -3.34
CA ARG JA 391 51.91 173.85 -3.54
C ARG JA 391 51.12 174.08 -2.25
N LYS JA 392 51.34 173.22 -1.24
CA LYS JA 392 50.64 173.27 0.04
C LYS JA 392 49.14 173.09 -0.15
N ALA JA 393 48.74 172.22 -1.09
CA ALA JA 393 47.33 171.99 -1.38
C ALA JA 393 46.67 171.13 -0.30
N PHE JA 394 45.44 171.48 0.10
CA PHE JA 394 44.60 170.72 1.00
C PHE JA 394 45.20 170.53 2.39
N LEU JA 395 46.14 171.41 2.75
CA LEU JA 395 46.88 171.19 3.98
C LEU JA 395 46.15 171.72 5.21
N HIS JA 396 45.34 172.77 5.03
CA HIS JA 396 44.64 173.40 6.15
C HIS JA 396 43.56 172.48 6.74
N TRP JA 397 43.04 171.54 5.91
CA TRP JA 397 42.10 170.53 6.39
C TRP JA 397 42.81 169.46 7.25
N TYR JA 398 44.17 169.48 7.28
CA TYR JA 398 44.95 168.57 8.12
C TYR JA 398 45.68 169.29 9.25
N THR JA 399 46.16 170.53 9.01
CA THR JA 399 46.83 171.37 10.00
C THR JA 399 45.89 171.71 11.16
N GLY JA 400 44.61 171.95 10.81
CA GLY JA 400 43.62 172.38 11.78
C GLY JA 400 43.13 171.30 12.75
N GLU JA 401 43.67 170.07 12.70
CA GLU JA 401 43.24 169.02 13.62
C GLU JA 401 44.34 168.55 14.59
N GLY JA 402 45.55 169.04 14.36
CA GLY JA 402 46.63 168.80 15.32
C GLY JA 402 47.94 168.44 14.64
N MET JA 403 48.00 168.48 13.31
CA MET JA 403 49.26 168.23 12.62
C MET JA 403 50.02 169.55 12.37
N ASP JA 404 51.33 169.44 12.15
CA ASP JA 404 52.13 170.51 11.55
C ASP JA 404 52.85 169.93 10.33
N GLU JA 405 53.80 170.68 9.76
CA GLU JA 405 54.51 170.35 8.53
C GLU JA 405 55.39 169.10 8.67
N MET JA 406 55.72 168.73 9.91
CA MET JA 406 56.76 167.74 10.16
C MET JA 406 56.26 166.30 9.93
N GLU JA 407 54.97 166.03 10.22
CA GLU JA 407 54.47 164.67 10.00
C GLU JA 407 54.33 164.37 8.50
N PHE JA 408 54.33 165.42 7.67
CA PHE JA 408 54.25 165.21 6.23
C PHE JA 408 55.62 164.94 5.64
N THR JA 409 56.67 165.60 6.15
CA THR JA 409 58.01 165.41 5.61
C THR JA 409 58.58 164.04 6.02
N GLU JA 410 58.23 163.57 7.23
CA GLU JA 410 58.68 162.25 7.68
C GLU JA 410 57.91 161.13 6.96
N ALA JA 411 56.68 161.43 6.51
CA ALA JA 411 55.88 160.43 5.80
C ALA JA 411 56.44 160.23 4.37
N GLU JA 412 56.85 161.32 3.69
CA GLU JA 412 57.47 161.27 2.37
C GLU JA 412 58.82 160.56 2.42
N SER JA 413 59.62 160.82 3.47
CA SER JA 413 60.91 160.17 3.61
C SER JA 413 60.74 158.68 3.89
N ASN JA 414 59.63 158.30 4.54
CA ASN JA 414 59.35 156.90 4.86
C ASN JA 414 58.79 156.15 3.64
N MET JA 415 58.50 156.86 2.55
CA MET JA 415 58.27 156.16 1.27
C MET JA 415 59.51 156.23 0.38
N ASN JA 416 60.31 157.30 0.52
CA ASN JA 416 61.53 157.44 -0.27
C ASN JA 416 62.56 156.36 0.11
N ASP JA 417 62.67 156.05 1.40
CA ASP JA 417 63.62 155.03 1.84
C ASP JA 417 63.10 153.63 1.50
N LEU JA 418 61.77 153.44 1.56
CA LEU JA 418 61.16 152.16 1.23
C LEU JA 418 61.29 151.89 -0.27
N VAL JA 419 61.15 152.94 -1.09
CA VAL JA 419 61.42 152.83 -2.53
C VAL JA 419 62.88 152.45 -2.77
N SER JA 420 63.78 153.12 -2.03
CA SER JA 420 65.22 152.90 -2.16
C SER JA 420 65.58 151.49 -1.70
N GLU JA 421 64.83 150.95 -0.73
CA GLU JA 421 65.09 149.61 -0.19
C GLU JA 421 64.72 148.55 -1.22
N TYR JA 422 63.66 148.80 -2.01
CA TYR JA 422 63.31 147.91 -3.12
C TYR JA 422 64.37 147.94 -4.22
N GLN JA 423 65.04 149.10 -4.36
CA GLN JA 423 66.04 149.32 -5.41
C GLN JA 423 67.31 148.49 -5.16
N GLN JA 424 67.71 148.31 -3.90
CA GLN JA 424 68.98 147.66 -3.61
C GLN JA 424 68.92 146.14 -3.81
N TYR JA 425 67.71 145.59 -3.96
CA TYR JA 425 67.56 144.18 -4.28
C TYR JA 425 67.03 143.96 -5.70
N GLN JA 426 67.07 145.00 -6.54
CA GLN JA 426 66.61 144.91 -7.91
C GLN JA 426 67.60 144.10 -8.75
N MET KA 1 112.78 10.73 -8.56
CA MET KA 1 114.08 10.01 -8.76
C MET KA 1 114.78 10.69 -9.92
N ARG KA 2 114.50 10.17 -11.11
CA ARG KA 2 114.75 10.85 -12.36
C ARG KA 2 113.50 11.66 -12.72
N GLU KA 3 113.76 12.90 -13.08
CA GLU KA 3 112.74 13.84 -13.47
C GLU KA 3 113.31 14.73 -14.57
N VAL KA 4 112.40 15.29 -15.38
CA VAL KA 4 112.77 16.29 -16.38
C VAL KA 4 111.70 17.39 -16.33
N ILE KA 5 112.14 18.65 -16.41
CA ILE KA 5 111.28 19.78 -16.11
C ILE KA 5 110.96 20.51 -17.41
N SER KA 6 109.65 20.73 -17.63
CA SER KA 6 109.21 21.37 -18.86
C SER KA 6 109.09 22.87 -18.65
N ILE KA 7 109.74 23.63 -19.54
CA ILE KA 7 109.71 25.08 -19.47
C ILE KA 7 109.09 25.60 -20.75
N HIS KA 8 107.87 26.15 -20.62
CA HIS KA 8 107.12 26.60 -21.77
C HIS KA 8 107.01 28.11 -21.73
N VAL KA 9 107.56 28.78 -22.74
CA VAL KA 9 107.50 30.24 -22.80
C VAL KA 9 106.79 30.61 -24.09
N GLY KA 10 106.23 31.81 -24.12
CA GLY KA 10 105.55 32.29 -25.31
C GLY KA 10 104.17 31.67 -25.47
N GLN KA 11 103.46 32.33 -26.39
CA GLN KA 11 102.16 31.91 -26.90
C GLN KA 11 102.19 30.43 -27.32
N ALA KA 12 103.16 30.14 -28.20
CA ALA KA 12 103.21 28.86 -28.87
C ALA KA 12 103.55 27.78 -27.82
N GLY KA 13 104.46 28.14 -26.89
CA GLY KA 13 104.91 27.23 -25.86
C GLY KA 13 103.77 26.81 -24.95
N ILE KA 14 102.90 27.78 -24.62
CA ILE KA 14 101.80 27.48 -23.72
C ILE KA 14 100.77 26.58 -24.41
N GLN KA 15 100.43 26.90 -25.68
CA GLN KA 15 99.43 26.15 -26.41
C GLN KA 15 99.95 24.73 -26.71
N ILE KA 16 101.25 24.63 -27.02
CA ILE KA 16 101.88 23.33 -27.23
C ILE KA 16 101.81 22.50 -25.96
N GLY KA 17 102.26 23.10 -24.85
CA GLY KA 17 102.31 22.39 -23.59
C GLY KA 17 100.92 22.11 -23.03
N ASN KA 18 99.95 22.89 -23.51
CA ASN KA 18 98.57 22.64 -23.14
C ASN KA 18 98.10 21.27 -23.65
N ALA KA 19 98.51 20.95 -24.89
CA ALA KA 19 98.17 19.66 -25.47
C ALA KA 19 99.16 18.57 -25.04
N CYS KA 20 100.40 18.97 -24.72
CA CYS KA 20 101.36 18.01 -24.18
C CYS KA 20 100.89 17.49 -22.82
N TRP KA 21 100.35 18.38 -21.97
CA TRP KA 21 99.96 17.97 -20.63
C TRP KA 21 98.58 17.31 -20.59
N GLU KA 22 97.81 17.47 -21.67
CA GLU KA 22 96.61 16.67 -21.82
C GLU KA 22 96.99 15.20 -22.08
N LEU KA 23 97.99 14.99 -22.96
CA LEU KA 23 98.42 13.65 -23.28
C LEU KA 23 99.10 12.99 -22.07
N PHE KA 24 99.78 13.81 -21.25
CA PHE KA 24 100.48 13.27 -20.10
C PHE KA 24 99.50 12.74 -19.06
N CYS KA 25 98.44 13.52 -18.81
CA CYS KA 25 97.47 13.10 -17.82
C CYS KA 25 96.60 11.91 -18.25
N LEU KA 26 96.27 11.84 -19.56
CA LEU KA 26 95.42 10.79 -20.11
C LEU KA 26 96.19 9.46 -20.13
N GLU KA 27 97.51 9.56 -20.24
CA GLU KA 27 98.30 8.35 -20.45
C GLU KA 27 98.51 7.62 -19.12
N HIS KA 28 98.73 8.42 -18.07
CA HIS KA 28 98.94 7.89 -16.73
C HIS KA 28 97.62 7.68 -15.98
N GLY KA 29 96.49 8.04 -16.60
CA GLY KA 29 95.17 7.75 -16.05
C GLY KA 29 94.72 8.74 -14.95
N ILE KA 30 95.43 9.84 -14.79
CA ILE KA 30 95.02 10.80 -13.76
C ILE KA 30 93.89 11.68 -14.28
N GLN KA 31 93.06 12.22 -13.35
CA GLN KA 31 91.81 12.94 -13.62
C GLN KA 31 92.02 14.45 -13.72
N PRO KA 32 91.01 15.32 -14.05
CA PRO KA 32 91.15 16.79 -13.91
C PRO KA 32 91.57 17.32 -12.55
N ASP KA 33 91.13 16.60 -11.50
CA ASP KA 33 91.48 16.90 -10.14
C ASP KA 33 92.98 16.67 -9.92
N GLY KA 34 93.44 15.51 -10.43
CA GLY KA 34 94.82 15.06 -10.32
C GLY KA 34 95.10 13.92 -9.33
N GLN KA 35 94.09 13.09 -8.99
CA GLN KA 35 94.38 11.82 -8.34
C GLN KA 35 93.87 10.66 -9.18
N MET KA 36 94.62 9.56 -9.14
CA MET KA 36 94.26 8.31 -9.77
C MET KA 36 93.02 7.74 -9.08
N PRO KA 37 92.13 7.04 -9.80
CA PRO KA 37 91.03 6.34 -9.13
C PRO KA 37 91.51 5.12 -8.32
N ASP KA 47 104.89 3.73 -10.54
CA ASP KA 47 105.82 4.69 -9.86
C ASP KA 47 106.81 5.24 -10.89
N ALA KA 48 106.64 4.83 -12.14
CA ALA KA 48 107.50 5.26 -13.25
C ALA KA 48 107.04 6.57 -13.87
N PHE KA 49 105.94 7.14 -13.36
CA PHE KA 49 105.38 8.38 -13.89
C PHE KA 49 105.91 9.60 -13.14
N ASN KA 50 106.98 9.40 -12.36
CA ASN KA 50 107.46 10.51 -11.54
C ASN KA 50 108.29 11.49 -12.35
N THR KA 51 108.54 11.15 -13.62
CA THR KA 51 109.33 11.99 -14.50
C THR KA 51 108.58 13.29 -14.81
N PHE KA 52 107.23 13.25 -14.79
CA PHE KA 52 106.42 14.44 -15.06
C PHE KA 52 105.57 14.92 -13.87
N PHE KA 53 105.15 13.99 -12.99
CA PHE KA 53 104.19 14.34 -11.95
C PHE KA 53 104.81 14.20 -10.57
N SER KA 54 104.66 15.27 -9.74
CA SER KA 54 105.17 15.30 -8.37
C SER KA 54 104.13 14.60 -7.50
N GLU KA 55 104.12 14.85 -6.18
CA GLU KA 55 103.47 13.91 -5.29
C GLU KA 55 103.05 14.62 -4.02
N THR KA 56 101.75 14.67 -3.66
CA THR KA 56 101.38 15.25 -2.37
C THR KA 56 100.35 14.41 -1.63
N GLY KA 57 100.77 13.39 -0.87
CA GLY KA 57 99.86 12.58 -0.04
C GLY KA 57 99.25 11.40 -0.81
N ALA KA 58 98.09 10.89 -0.37
CA ALA KA 58 97.49 9.73 -1.02
C ALA KA 58 96.75 10.11 -2.33
N GLY KA 59 97.55 10.13 -3.38
CA GLY KA 59 96.97 10.11 -4.71
C GLY KA 59 97.22 11.37 -5.54
N LYS KA 60 97.51 12.52 -4.92
CA LYS KA 60 97.61 13.79 -5.66
C LYS KA 60 98.82 13.84 -6.61
N HIS KA 61 98.78 14.53 -7.76
CA HIS KA 61 99.98 14.80 -8.55
C HIS KA 61 99.92 16.23 -9.12
N VAL KA 62 100.99 17.02 -8.95
CA VAL KA 62 101.13 18.33 -9.58
C VAL KA 62 102.22 18.23 -10.65
N PRO KA 63 101.99 18.74 -11.87
CA PRO KA 63 103.01 18.67 -12.92
C PRO KA 63 104.30 19.45 -12.64
N ARG KA 64 105.38 19.01 -13.27
CA ARG KA 64 106.68 19.67 -13.14
C ARG KA 64 106.91 20.62 -14.32
N CYS KA 65 105.94 21.50 -14.51
CA CYS KA 65 106.02 22.44 -15.63
C CYS KA 65 106.21 23.84 -15.08
N VAL KA 66 106.48 24.76 -16.02
CA VAL KA 66 106.25 26.18 -15.82
C VAL KA 66 105.70 26.77 -17.12
N PHE KA 67 104.73 27.68 -16.97
CA PHE KA 67 104.17 28.40 -18.11
C PHE KA 67 104.54 29.87 -17.96
N LEU KA 68 105.29 30.40 -18.93
CA LEU KA 68 105.64 31.81 -18.90
C LEU KA 68 105.05 32.51 -20.11
N ASP KA 69 104.40 33.65 -19.85
CA ASP KA 69 104.11 34.60 -20.90
C ASP KA 69 104.08 35.98 -20.26
N LEU KA 70 104.56 36.96 -21.01
CA LEU KA 70 104.54 38.35 -20.57
C LEU KA 70 103.14 38.95 -20.66
N GLU KA 71 102.22 38.30 -21.39
CA GLU KA 71 100.84 38.74 -21.41
C GLU KA 71 100.00 37.82 -20.55
N PRO KA 72 98.97 38.33 -19.84
CA PRO KA 72 98.14 37.48 -19.00
C PRO KA 72 97.00 36.74 -19.71
N THR KA 73 96.72 37.15 -20.95
CA THR KA 73 95.41 36.86 -21.50
C THR KA 73 95.35 35.42 -22.02
N VAL KA 74 96.47 34.67 -21.91
CA VAL KA 74 96.52 33.28 -22.33
C VAL KA 74 96.75 32.33 -21.15
N VAL KA 75 97.60 32.75 -20.21
CA VAL KA 75 97.85 31.97 -19.01
C VAL KA 75 96.57 31.93 -18.17
N ASP KA 76 95.86 33.07 -18.11
CA ASP KA 76 94.63 33.19 -17.35
C ASP KA 76 93.56 32.25 -17.92
N GLU KA 77 93.51 32.13 -19.25
CA GLU KA 77 92.44 31.37 -19.90
C GLU KA 77 92.69 29.86 -19.77
N VAL KA 78 93.96 29.50 -19.49
CA VAL KA 78 94.31 28.16 -19.02
C VAL KA 78 93.77 27.91 -17.61
N ARG KA 79 93.94 28.89 -16.71
CA ARG KA 79 93.65 28.66 -15.29
C ARG KA 79 92.16 28.85 -14.98
N THR KA 80 91.33 29.02 -16.01
CA THR KA 80 89.88 29.07 -15.83
C THR KA 80 89.17 28.04 -16.72
N GLY KA 81 89.91 27.04 -17.19
CA GLY KA 81 89.30 25.98 -18.00
C GLY KA 81 89.07 24.68 -17.25
N THR KA 82 89.17 23.56 -17.97
CA THR KA 82 88.87 22.24 -17.42
C THR KA 82 89.94 21.82 -16.43
N TYR KA 83 91.21 22.07 -16.78
CA TYR KA 83 92.30 21.58 -15.92
C TYR KA 83 92.69 22.67 -14.92
N ARG KA 84 91.74 22.97 -14.04
CA ARG KA 84 91.94 24.02 -13.06
C ARG KA 84 92.83 23.56 -11.93
N HIS KA 85 92.42 22.46 -11.30
CA HIS KA 85 92.90 22.01 -10.01
C HIS KA 85 94.17 21.18 -10.19
N LEU KA 86 94.56 20.99 -11.46
CA LEU KA 86 95.73 20.20 -11.79
C LEU KA 86 97.00 21.04 -11.60
N PHE KA 87 96.98 22.24 -12.17
CA PHE KA 87 98.16 23.10 -12.10
C PHE KA 87 98.15 23.92 -10.83
N HIS KA 88 99.31 24.02 -10.19
CA HIS KA 88 99.49 24.93 -9.08
C HIS KA 88 99.35 26.38 -9.55
N PRO KA 89 98.77 27.30 -8.74
CA PRO KA 89 98.62 28.69 -9.18
C PRO KA 89 99.90 29.47 -9.42
N GLU KA 90 100.97 29.26 -8.64
CA GLU KA 90 102.22 29.96 -8.85
C GLU KA 90 102.94 29.40 -10.08
N GLN KA 91 102.61 28.17 -10.47
CA GLN KA 91 103.29 27.47 -11.56
C GLN KA 91 103.12 28.19 -12.89
N LEU KA 92 101.97 28.88 -13.02
CA LEU KA 92 101.65 29.63 -14.23
C LEU KA 92 101.94 31.12 -13.97
N ILE KA 93 102.94 31.64 -14.68
CA ILE KA 93 103.53 32.94 -14.41
C ILE KA 93 103.17 33.88 -15.56
N SER KA 94 102.63 35.05 -15.19
CA SER KA 94 102.08 35.98 -16.15
C SER KA 94 102.40 37.40 -15.67
N GLY KA 95 102.94 38.22 -16.58
CA GLY KA 95 103.20 39.62 -16.32
C GLY KA 95 102.00 40.48 -16.72
N LYS KA 96 102.28 41.72 -17.16
CA LYS KA 96 101.22 42.64 -17.53
C LYS KA 96 101.16 42.92 -19.04
N GLU KA 97 102.25 43.43 -19.63
CA GLU KA 97 102.24 43.89 -21.01
C GLU KA 97 103.08 42.98 -21.92
N ASP KA 98 102.61 42.73 -23.16
CA ASP KA 98 103.29 41.83 -24.10
C ASP KA 98 104.58 42.45 -24.61
N ALA KA 99 105.49 41.61 -25.12
CA ALA KA 99 106.71 42.13 -25.75
C ALA KA 99 106.42 42.62 -27.16
N ALA KA 100 105.32 42.11 -27.74
CA ALA KA 100 104.75 42.55 -29.01
C ALA KA 100 105.75 42.43 -30.16
N ASN KA 101 106.15 41.20 -30.42
CA ASN KA 101 106.96 40.82 -31.57
C ASN KA 101 108.24 41.65 -31.63
N ASN KA 102 109.02 41.55 -30.56
CA ASN KA 102 110.20 42.40 -30.38
C ASN KA 102 111.11 41.66 -29.42
N PHE KA 103 112.23 41.17 -29.96
CA PHE KA 103 113.25 40.51 -29.17
C PHE KA 103 113.88 41.47 -28.14
N ALA KA 104 113.92 42.76 -28.48
CA ALA KA 104 114.56 43.77 -27.63
C ALA KA 104 113.82 43.91 -26.30
N ARG KA 105 112.47 43.97 -26.41
CA ARG KA 105 111.63 44.12 -25.23
C ARG KA 105 111.80 42.92 -24.30
N GLY KA 106 111.76 41.72 -24.90
CA GLY KA 106 111.78 40.50 -24.10
C GLY KA 106 113.12 40.24 -23.43
N HIS KA 107 114.20 40.80 -23.98
CA HIS KA 107 115.51 40.48 -23.47
C HIS KA 107 116.05 41.53 -22.52
N TYR KA 108 115.66 42.81 -22.72
CA TYR KA 108 116.37 43.86 -22.02
C TYR KA 108 115.47 44.77 -21.21
N THR KA 109 114.18 44.84 -21.55
CA THR KA 109 113.34 45.85 -20.91
C THR KA 109 112.26 45.24 -20.02
N ILE KA 110 111.37 44.45 -20.63
CA ILE KA 110 110.12 44.10 -19.96
C ILE KA 110 110.21 42.71 -19.34
N GLY KA 111 111.20 41.91 -19.75
CA GLY KA 111 111.22 40.52 -19.31
C GLY KA 111 112.02 40.28 -18.04
N LYS KA 112 112.67 41.34 -17.54
CA LYS KA 112 113.57 41.17 -16.41
C LYS KA 112 112.76 40.96 -15.12
N GLU KA 113 111.57 41.58 -15.01
CA GLU KA 113 110.80 41.44 -13.78
C GLU KA 113 110.05 40.10 -13.71
N ILE KA 114 110.20 39.25 -14.73
CA ILE KA 114 109.52 37.97 -14.74
C ILE KA 114 110.50 36.79 -14.64
N VAL KA 115 111.79 37.02 -14.86
CA VAL KA 115 112.74 35.92 -14.79
C VAL KA 115 113.02 35.53 -13.33
N ASP KA 116 112.83 36.47 -12.41
CA ASP KA 116 113.05 36.17 -11.00
C ASP KA 116 111.99 35.20 -10.43
N LEU KA 117 110.74 35.36 -10.86
CA LEU KA 117 109.65 34.50 -10.37
C LEU KA 117 109.78 33.10 -10.96
N SER KA 118 110.15 33.04 -12.24
CA SER KA 118 110.28 31.78 -12.95
C SER KA 118 111.40 30.94 -12.32
N LEU KA 119 112.50 31.59 -11.97
CA LEU KA 119 113.61 30.88 -11.36
C LEU KA 119 113.32 30.51 -9.91
N ASP KA 120 112.44 31.25 -9.24
CA ASP KA 120 111.93 30.87 -7.94
C ASP KA 120 111.14 29.56 -8.04
N ARG KA 121 110.28 29.47 -9.05
CA ARG KA 121 109.43 28.29 -9.20
C ARG KA 121 110.24 27.08 -9.67
N ILE KA 122 111.20 27.34 -10.56
CA ILE KA 122 112.00 26.26 -11.13
C ILE KA 122 112.86 25.59 -10.07
N ARG KA 123 113.60 26.41 -9.30
CA ARG KA 123 114.58 25.85 -8.37
C ARG KA 123 113.85 25.08 -7.27
N LYS KA 124 112.68 25.58 -6.88
CA LYS KA 124 111.87 24.94 -5.86
C LYS KA 124 111.36 23.59 -6.37
N LEU KA 125 111.09 23.49 -7.67
CA LEU KA 125 110.48 22.31 -8.29
C LEU KA 125 111.56 21.34 -8.79
N ALA KA 126 112.84 21.75 -8.74
CA ALA KA 126 113.95 20.97 -9.29
C ALA KA 126 114.82 20.32 -8.21
N ASP KA 127 114.80 20.88 -6.98
CA ASP KA 127 115.71 20.42 -5.93
C ASP KA 127 115.16 19.25 -5.08
N ASN KA 128 113.95 18.79 -5.41
CA ASN KA 128 113.34 17.69 -4.70
C ASN KA 128 113.99 16.36 -5.08
N CYS KA 129 114.23 16.14 -6.38
CA CYS KA 129 114.95 14.94 -6.82
C CYS KA 129 116.21 15.35 -7.57
N THR KA 130 117.37 15.19 -6.91
CA THR KA 130 118.64 15.37 -7.60
C THR KA 130 118.84 14.22 -8.58
N GLY KA 131 119.88 14.33 -9.41
CA GLY KA 131 119.96 13.51 -10.60
C GLY KA 131 118.79 13.82 -11.54
N LEU KA 132 118.56 15.13 -11.70
CA LEU KA 132 117.63 15.66 -12.68
C LEU KA 132 118.14 15.37 -14.08
N GLN KA 133 117.22 15.00 -14.97
CA GLN KA 133 117.60 14.52 -16.29
C GLN KA 133 117.92 15.68 -17.23
N GLY KA 134 117.01 16.66 -17.24
CA GLY KA 134 117.23 17.79 -18.13
C GLY KA 134 116.06 18.74 -18.09
N PHE KA 135 116.03 19.62 -19.10
CA PHE KA 135 114.98 20.61 -19.25
C PHE KA 135 114.52 20.59 -20.71
N LEU KA 136 113.22 20.32 -20.89
CA LEU KA 136 112.61 20.58 -22.19
C LEU KA 136 112.20 22.06 -22.24
N MET KA 137 112.54 22.73 -23.35
CA MET KA 137 112.29 24.15 -23.52
C MET KA 137 111.53 24.34 -24.82
N PHE KA 138 110.21 24.59 -24.70
CA PHE KA 138 109.37 24.87 -25.85
C PHE KA 138 109.22 26.39 -25.98
N ASN KA 139 109.44 26.90 -27.19
CA ASN KA 139 109.37 28.34 -27.39
C ASN KA 139 109.06 28.65 -28.86
N ALA KA 140 108.70 29.90 -29.10
CA ALA KA 140 108.48 30.45 -30.43
C ALA KA 140 109.63 31.41 -30.73
N VAL KA 141 110.16 31.35 -31.96
CA VAL KA 141 111.32 32.16 -32.26
C VAL KA 141 110.88 33.50 -32.86
N GLY KA 142 109.76 33.50 -33.61
CA GLY KA 142 109.24 34.69 -34.25
C GLY KA 142 108.73 35.73 -33.23
N GLY KA 143 108.02 35.20 -32.22
CA GLY KA 143 107.36 35.95 -31.16
C GLY KA 143 108.36 36.70 -30.29
N GLY KA 144 107.86 37.59 -29.42
CA GLY KA 144 108.74 38.47 -28.67
C GLY KA 144 109.15 37.78 -27.36
N THR KA 145 108.12 37.35 -26.62
CA THR KA 145 108.36 36.74 -25.33
C THR KA 145 108.98 35.35 -25.49
N GLY KA 146 108.73 34.69 -26.63
CA GLY KA 146 109.41 33.45 -26.94
C GLY KA 146 110.90 33.65 -27.18
N SER KA 147 111.25 34.58 -28.07
CA SER KA 147 112.63 34.81 -28.46
C SER KA 147 113.40 35.52 -27.35
N GLY KA 148 112.76 36.53 -26.78
CA GLY KA 148 113.42 37.44 -25.84
C GLY KA 148 113.71 36.75 -24.50
N LEU KA 149 112.63 36.34 -23.83
CA LEU KA 149 112.75 35.62 -22.58
C LEU KA 149 113.46 34.29 -22.78
N GLY KA 150 113.26 33.66 -23.95
CA GLY KA 150 113.80 32.34 -24.22
C GLY KA 150 115.31 32.31 -24.14
N CYS KA 151 115.96 33.36 -24.67
CA CYS KA 151 117.39 33.51 -24.43
C CYS KA 151 117.66 33.78 -22.94
N LEU KA 152 116.81 34.60 -22.32
CA LEU KA 152 117.11 35.21 -21.02
C LEU KA 152 117.23 34.17 -19.90
N LEU KA 153 116.28 33.23 -19.87
CA LEU KA 153 116.34 32.14 -18.91
C LEU KA 153 117.55 31.25 -19.20
N LEU KA 154 117.93 31.17 -20.47
CA LEU KA 154 118.88 30.14 -20.88
C LEU KA 154 120.33 30.55 -20.66
N GLU KA 155 120.61 31.82 -20.29
CA GLU KA 155 121.93 32.05 -19.71
C GLU KA 155 121.90 31.86 -18.19
N ARG KA 156 120.74 32.13 -17.56
CA ARG KA 156 120.69 31.99 -16.12
C ARG KA 156 120.48 30.53 -15.71
N LEU KA 157 119.94 29.72 -16.63
CA LEU KA 157 119.94 28.28 -16.47
C LEU KA 157 121.38 27.74 -16.58
N SER KA 158 122.13 28.31 -17.52
CA SER KA 158 123.47 27.81 -17.81
C SER KA 158 124.43 28.13 -16.67
N VAL KA 159 124.27 29.32 -16.07
CA VAL KA 159 125.15 29.77 -15.00
C VAL KA 159 124.84 29.01 -13.72
N ASP KA 160 123.60 28.53 -13.55
CA ASP KA 160 123.19 27.90 -12.31
C ASP KA 160 123.34 26.37 -12.42
N TYR KA 161 122.58 25.78 -13.33
CA TYR KA 161 122.59 24.35 -13.55
C TYR KA 161 123.37 24.06 -14.81
N GLY KA 162 124.69 23.98 -14.66
CA GLY KA 162 125.61 23.91 -15.79
C GLY KA 162 125.54 22.59 -16.56
N LYS KA 163 125.37 21.45 -15.84
CA LYS KA 163 125.63 20.11 -16.34
C LYS KA 163 124.47 19.56 -17.18
N LYS KA 164 123.28 20.17 -17.05
CA LYS KA 164 122.04 19.48 -17.37
C LYS KA 164 121.81 19.54 -18.87
N SER KA 165 121.05 18.57 -19.37
CA SER KA 165 120.63 18.56 -20.76
C SER KA 165 119.54 19.63 -20.97
N LYS KA 166 119.49 20.17 -22.20
CA LYS KA 166 118.48 21.14 -22.59
C LYS KA 166 118.04 20.85 -24.03
N LEU KA 167 116.75 20.58 -24.20
CA LEU KA 167 116.19 20.32 -25.53
C LEU KA 167 115.24 21.46 -25.87
N ASN KA 168 115.61 22.22 -26.90
CA ASN KA 168 114.88 23.40 -27.31
C ASN KA 168 114.07 23.07 -28.56
N PHE KA 169 112.75 23.00 -28.39
CA PHE KA 169 111.90 22.57 -29.49
C PHE KA 169 111.28 23.81 -30.14
N CYS KA 170 112.09 24.52 -30.94
CA CYS KA 170 111.74 25.84 -31.45
C CYS KA 170 110.71 25.70 -32.58
N SER KA 171 109.77 26.65 -32.58
CA SER KA 171 108.81 26.78 -33.66
C SER KA 171 109.36 27.78 -34.69
N TRP KA 172 110.19 27.26 -35.59
CA TRP KA 172 110.91 28.10 -36.54
C TRP KA 172 109.94 28.70 -37.56
N PRO KA 173 110.24 29.88 -38.16
CA PRO KA 173 109.45 30.40 -39.27
C PRO KA 173 109.37 29.46 -40.46
N SER KA 174 108.15 29.32 -40.97
CA SER KA 174 107.96 28.60 -42.21
C SER KA 174 108.50 29.45 -43.38
N PRO KA 175 109.04 28.85 -44.47
CA PRO KA 175 109.66 29.60 -45.56
C PRO KA 175 108.76 30.59 -46.30
N GLN KA 176 107.51 30.21 -46.59
CA GLN KA 176 106.63 31.07 -47.38
C GLN KA 176 105.72 31.91 -46.47
N VAL KA 177 104.80 31.25 -45.78
CA VAL KA 177 103.85 31.95 -44.95
C VAL KA 177 104.51 32.24 -43.59
N SER KA 178 104.34 33.47 -43.10
CA SER KA 178 105.06 33.84 -41.88
C SER KA 178 104.21 34.67 -40.93
N THR KA 179 103.15 35.32 -41.46
CA THR KA 179 102.14 36.14 -40.77
C THR KA 179 102.74 37.07 -39.71
N ALA KA 180 103.99 37.45 -39.93
CA ALA KA 180 104.67 38.49 -39.19
C ALA KA 180 105.71 39.07 -40.15
N VAL KA 181 106.04 40.34 -39.92
CA VAL KA 181 106.90 41.04 -40.87
C VAL KA 181 108.25 41.38 -40.24
N VAL KA 182 108.26 41.62 -38.93
CA VAL KA 182 109.46 41.95 -38.19
C VAL KA 182 110.25 40.67 -37.93
N GLU KA 183 109.62 39.54 -38.26
CA GLU KA 183 110.00 38.20 -37.86
C GLU KA 183 111.41 37.80 -38.33
N PRO KA 184 111.87 38.16 -39.56
CA PRO KA 184 113.27 37.95 -39.91
C PRO KA 184 114.32 38.52 -38.96
N TYR KA 185 114.00 39.61 -38.26
CA TYR KA 185 114.92 40.14 -37.28
C TYR KA 185 114.95 39.24 -36.04
N ASN KA 186 113.77 38.79 -35.56
CA ASN KA 186 113.69 38.02 -34.34
C ASN KA 186 114.36 36.65 -34.47
N SER KA 187 114.30 36.07 -35.67
CA SER KA 187 114.86 34.74 -35.90
C SER KA 187 116.38 34.78 -35.82
N VAL KA 188 116.98 35.81 -36.45
CA VAL KA 188 118.41 35.92 -36.55
C VAL KA 188 119.02 36.26 -35.18
N LEU KA 189 118.39 37.21 -34.47
CA LEU KA 189 118.87 37.63 -33.16
C LEU KA 189 118.66 36.56 -32.08
N SER KA 190 117.81 35.56 -32.37
CA SER KA 190 117.61 34.48 -31.40
C SER KA 190 118.57 33.32 -31.65
N THR KA 191 118.75 32.98 -32.93
CA THR KA 191 119.61 31.87 -33.32
C THR KA 191 121.09 32.15 -33.01
N HIS KA 192 121.47 33.40 -32.78
CA HIS KA 192 122.82 33.70 -32.29
C HIS KA 192 122.95 33.37 -30.81
N SER KA 193 121.87 33.62 -30.08
CA SER KA 193 121.90 33.57 -28.63
C SER KA 193 121.56 32.16 -28.12
N LEU KA 194 120.65 31.46 -28.82
CA LEU KA 194 120.37 30.07 -28.45
C LEU KA 194 121.44 29.11 -28.97
N LEU KA 195 122.36 29.61 -29.80
CA LEU KA 195 123.40 28.75 -30.35
C LEU KA 195 124.34 28.23 -29.26
N GLU KA 196 124.67 29.10 -28.29
CA GLU KA 196 125.63 28.72 -27.26
C GLU KA 196 124.91 28.30 -25.97
N HIS KA 197 123.57 28.31 -25.96
CA HIS KA 197 122.85 28.02 -24.71
C HIS KA 197 122.10 26.69 -24.74
N THR KA 198 121.73 26.23 -25.94
CA THR KA 198 120.96 25.00 -26.04
C THR KA 198 121.87 23.88 -26.55
N ASP KA 199 121.40 22.67 -26.28
CA ASP KA 199 122.18 21.47 -26.54
C ASP KA 199 121.60 20.69 -27.73
N VAL KA 200 120.26 20.56 -27.76
CA VAL KA 200 119.58 19.92 -28.88
C VAL KA 200 118.46 20.85 -29.33
N ALA KA 201 118.44 21.16 -30.63
CA ALA KA 201 117.42 22.01 -31.20
C ALA KA 201 116.64 21.23 -32.26
N VAL KA 202 115.31 21.15 -32.05
CA VAL KA 202 114.44 20.44 -32.95
C VAL KA 202 113.46 21.45 -33.56
N MET KA 203 113.38 21.46 -34.89
CA MET KA 203 112.70 22.54 -35.58
C MET KA 203 111.34 22.06 -36.06
N LEU KA 204 110.31 22.90 -35.83
CA LEU KA 204 108.96 22.64 -36.30
C LEU KA 204 108.45 23.91 -37.00
N ASP KA 205 108.27 23.82 -38.32
CA ASP KA 205 107.60 24.86 -39.08
C ASP KA 205 106.11 24.53 -39.13
N ASN KA 206 105.25 25.55 -38.97
CA ASN KA 206 103.84 25.28 -38.79
C ASN KA 206 103.17 24.95 -40.12
N GLU KA 207 103.74 25.39 -41.26
CA GLU KA 207 103.17 24.92 -42.53
C GLU KA 207 103.63 23.50 -42.86
N ALA KA 208 104.73 23.07 -42.24
CA ALA KA 208 105.21 21.70 -42.40
C ALA KA 208 104.27 20.72 -41.72
N ILE KA 209 103.46 21.22 -40.78
CA ILE KA 209 102.45 20.39 -40.16
C ILE KA 209 101.07 20.64 -40.80
N TYR KA 210 100.90 21.82 -41.41
CA TYR KA 210 99.71 22.12 -42.19
C TYR KA 210 99.56 21.18 -43.39
N ASP KA 211 100.65 21.00 -44.13
CA ASP KA 211 100.58 20.29 -45.40
C ASP KA 211 100.42 18.78 -45.19
N ILE KA 212 101.04 18.26 -44.11
CA ILE KA 212 100.92 16.82 -43.83
C ILE KA 212 99.47 16.50 -43.43
N CYS KA 213 98.87 17.38 -42.61
CA CYS KA 213 97.50 17.20 -42.13
C CYS KA 213 96.49 17.27 -43.27
N ARG KA 214 96.85 17.99 -44.34
CA ARG KA 214 95.96 18.12 -45.47
C ARG KA 214 96.02 16.88 -46.36
N ARG KA 215 97.19 16.27 -46.55
CA ARG KA 215 97.30 15.22 -47.55
C ARG KA 215 97.34 13.81 -46.92
N ASN KA 216 97.37 13.72 -45.59
CA ASN KA 216 97.33 12.41 -44.93
C ASN KA 216 96.03 12.16 -44.18
N LEU KA 217 95.68 13.08 -43.26
CA LEU KA 217 94.44 12.96 -42.51
C LEU KA 217 93.24 13.50 -43.29
N ASP KA 218 93.51 14.23 -44.37
CA ASP KA 218 92.52 14.84 -45.24
C ASP KA 218 91.66 15.80 -44.43
N ILE KA 219 92.33 16.78 -43.83
CA ILE KA 219 91.73 17.87 -43.09
C ILE KA 219 92.06 19.17 -43.79
N GLU KA 220 90.97 19.83 -44.14
CA GLU KA 220 90.96 21.10 -44.84
C GLU KA 220 90.80 22.26 -43.85
N ARG KA 221 90.45 21.93 -42.60
CA ARG KA 221 90.22 22.97 -41.61
C ARG KA 221 90.98 22.67 -40.33
N PRO KA 222 92.33 22.60 -40.33
CA PRO KA 222 93.02 22.44 -39.08
C PRO KA 222 93.10 23.81 -38.40
N THR KA 223 93.37 23.77 -37.10
CA THR KA 223 93.67 24.96 -36.33
C THR KA 223 94.83 24.52 -35.46
N TYR KA 224 95.24 25.38 -34.52
CA TYR KA 224 96.35 25.09 -33.64
C TYR KA 224 96.12 23.82 -32.83
N THR KA 225 94.90 23.59 -32.34
CA THR KA 225 94.69 22.42 -31.50
C THR KA 225 94.67 21.14 -32.32
N ASN KA 226 94.74 21.23 -33.66
CA ASN KA 226 95.01 20.06 -34.48
C ASN KA 226 96.51 19.85 -34.67
N LEU KA 227 97.26 20.95 -34.66
CA LEU KA 227 98.72 20.87 -34.75
C LEU KA 227 99.30 20.48 -33.39
N ASN KA 228 98.64 20.89 -32.30
CA ASN KA 228 99.11 20.66 -30.95
C ASN KA 228 99.05 19.18 -30.60
N ARG KA 229 98.07 18.46 -31.18
CA ARG KA 229 97.89 17.03 -30.96
C ARG KA 229 99.10 16.27 -31.50
N LEU KA 230 99.46 16.63 -32.74
CA LEU KA 230 100.49 15.92 -33.46
C LEU KA 230 101.86 16.21 -32.87
N ILE KA 231 102.06 17.43 -32.37
CA ILE KA 231 103.31 17.75 -31.68
C ILE KA 231 103.37 16.98 -30.36
N ALA KA 232 102.20 16.82 -29.73
CA ALA KA 232 102.12 16.14 -28.43
C ALA KA 232 102.44 14.64 -28.59
N GLN KA 233 102.16 14.06 -29.77
CA GLN KA 233 102.49 12.66 -30.03
C GLN KA 233 104.01 12.51 -30.18
N VAL KA 234 104.69 13.56 -30.64
CA VAL KA 234 106.14 13.53 -30.80
C VAL KA 234 106.80 13.53 -29.43
N ILE KA 235 106.24 14.32 -28.51
CA ILE KA 235 106.84 14.46 -27.20
C ILE KA 235 106.66 13.15 -26.42
N SER KA 236 105.51 12.50 -26.56
CA SER KA 236 105.23 11.26 -25.84
C SER KA 236 106.11 10.12 -26.34
N SER KA 237 106.42 10.14 -27.64
CA SER KA 237 107.25 9.08 -28.21
C SER KA 237 108.73 9.27 -27.87
N LEU KA 238 109.15 10.52 -27.61
CA LEU KA 238 110.54 10.76 -27.23
C LEU KA 238 110.79 10.30 -25.80
N THR KA 239 109.95 10.77 -24.88
CA THR KA 239 110.07 10.47 -23.46
C THR KA 239 109.22 9.25 -23.10
N ALA KA 240 109.05 8.34 -24.07
CA ALA KA 240 108.31 7.10 -23.84
C ALA KA 240 109.10 6.20 -22.88
N SER KA 241 110.41 6.22 -23.03
CA SER KA 241 111.32 5.33 -22.36
C SER KA 241 111.46 5.64 -20.88
N LEU KA 242 111.33 6.92 -20.51
CA LEU KA 242 111.52 7.38 -19.14
C LEU KA 242 110.41 6.83 -18.25
N ARG KA 243 109.24 6.49 -18.85
CA ARG KA 243 108.05 6.22 -18.07
C ARG KA 243 107.56 4.78 -18.21
N PHE KA 244 108.01 4.07 -19.25
CA PHE KA 244 107.55 2.70 -19.47
C PHE KA 244 108.72 1.82 -19.91
N ASP KA 245 108.53 0.52 -19.71
CA ASP KA 245 109.59 -0.41 -19.99
C ASP KA 245 109.56 -0.83 -21.45
N GLY KA 246 110.76 -0.91 -22.05
CA GLY KA 246 110.88 -1.30 -23.44
C GLY KA 246 112.06 -2.21 -23.70
N ALA KA 247 112.10 -2.76 -24.92
CA ALA KA 247 113.17 -3.64 -25.38
C ALA KA 247 114.53 -2.94 -25.44
N LEU KA 248 114.56 -1.66 -25.84
CA LEU KA 248 115.78 -0.88 -25.86
C LEU KA 248 115.40 0.57 -25.61
N ASN KA 249 115.45 1.00 -24.32
CA ASN KA 249 115.00 2.35 -24.01
C ASN KA 249 116.13 3.36 -24.17
N VAL KA 250 115.79 4.59 -24.57
CA VAL KA 250 116.76 5.64 -24.77
C VAL KA 250 116.28 6.90 -24.05
N ASP KA 251 117.21 7.47 -23.30
CA ASP KA 251 116.96 8.65 -22.49
C ASP KA 251 117.23 9.89 -23.33
N VAL KA 252 117.10 11.07 -22.73
CA VAL KA 252 117.27 12.31 -23.46
C VAL KA 252 118.73 12.77 -23.38
N THR KA 253 119.51 12.12 -22.51
CA THR KA 253 120.94 12.40 -22.49
C THR KA 253 121.62 11.75 -23.70
N GLU KA 254 121.07 10.64 -24.15
CA GLU KA 254 121.64 9.90 -25.28
C GLU KA 254 121.18 10.47 -26.64
N PHE KA 255 120.38 11.54 -26.63
CA PHE KA 255 120.04 12.21 -27.88
C PHE KA 255 121.21 13.02 -28.43
N GLN KA 256 121.95 13.70 -27.54
CA GLN KA 256 123.03 14.55 -28.01
C GLN KA 256 124.35 13.79 -28.16
N THR KA 257 124.34 12.49 -27.91
CA THR KA 257 125.55 11.72 -28.12
C THR KA 257 125.56 11.04 -29.48
N ASN KA 258 124.36 10.71 -30.00
CA ASN KA 258 124.25 9.94 -31.22
C ASN KA 258 123.70 10.77 -32.38
N LEU KA 259 123.65 12.09 -32.18
CA LEU KA 259 123.09 12.97 -33.20
C LEU KA 259 123.88 14.28 -33.33
N VAL KA 260 124.93 14.47 -32.51
CA VAL KA 260 125.67 15.71 -32.49
C VAL KA 260 127.16 15.39 -32.65
N PRO KA 261 127.69 15.61 -33.87
CA PRO KA 261 129.13 15.39 -34.09
C PRO KA 261 130.03 16.46 -33.47
N TYR KA 262 129.61 17.73 -33.57
CA TYR KA 262 130.39 18.87 -33.14
C TYR KA 262 129.44 19.91 -32.52
N PRO KA 263 129.96 20.77 -31.59
CA PRO KA 263 129.15 21.62 -30.71
C PRO KA 263 128.13 22.54 -31.35
N ARG KA 264 128.50 23.14 -32.50
CA ARG KA 264 127.61 24.10 -33.13
C ARG KA 264 126.46 23.37 -33.84
N ILE KA 265 126.78 22.24 -34.50
CA ILE KA 265 125.78 21.54 -35.29
C ILE KA 265 124.88 20.77 -34.34
N HIS KA 266 123.70 21.35 -34.05
CA HIS KA 266 122.68 20.61 -33.31
C HIS KA 266 121.28 20.98 -33.77
N PHE KA 267 121.11 21.15 -35.08
CA PHE KA 267 119.79 21.51 -35.61
C PHE KA 267 119.24 20.34 -36.40
N MET KA 268 118.06 19.88 -35.97
CA MET KA 268 117.56 18.57 -36.38
C MET KA 268 116.13 18.69 -36.91
N LEU KA 269 115.67 17.67 -37.65
CA LEU KA 269 114.40 17.73 -38.37
C LEU KA 269 113.54 16.54 -37.95
N SER KA 270 112.31 16.82 -37.49
CA SER KA 270 111.43 15.77 -37.01
C SER KA 270 110.55 15.22 -38.14
N SER KA 271 110.17 13.94 -38.00
CA SER KA 271 109.15 13.29 -38.82
C SER KA 271 108.52 12.15 -38.03
N TYR KA 272 107.29 11.79 -38.38
CA TYR KA 272 106.54 10.80 -37.63
C TYR KA 272 105.63 10.03 -38.56
N ALA KA 273 105.52 8.73 -38.29
CA ALA KA 273 104.70 7.86 -39.10
C ALA KA 273 104.31 6.67 -38.23
N PRO KA 274 103.07 6.14 -38.32
CA PRO KA 274 102.03 6.65 -39.23
C PRO KA 274 101.13 7.71 -38.61
N ILE KA 275 100.72 8.68 -39.45
CA ILE KA 275 99.58 9.51 -39.11
C ILE KA 275 98.47 9.33 -40.17
N ILE KA 276 97.59 8.39 -39.82
CA ILE KA 276 96.46 7.95 -40.63
C ILE KA 276 95.23 8.03 -39.74
N SER KA 277 94.06 8.16 -40.37
CA SER KA 277 92.81 8.29 -39.67
C SER KA 277 92.22 6.92 -39.34
N ALA KA 278 91.02 6.91 -38.73
CA ALA KA 278 90.39 5.67 -38.32
C ALA KA 278 89.86 4.93 -39.53
N GLU KA 279 89.47 5.64 -40.59
CA GLU KA 279 88.97 5.00 -41.80
C GLU KA 279 90.13 4.66 -42.77
N LYS KA 280 91.37 4.89 -42.35
CA LYS KA 280 92.52 4.45 -43.13
C LYS KA 280 93.35 3.40 -42.38
N ALA KA 281 93.18 3.31 -41.05
CA ALA KA 281 93.80 2.26 -40.27
C ALA KA 281 93.09 0.93 -40.49
N TYR KA 282 91.84 1.00 -40.92
CA TYR KA 282 90.96 -0.11 -41.21
C TYR KA 282 91.44 -0.86 -42.45
N HIS KA 283 92.30 -0.24 -43.29
CA HIS KA 283 92.70 -0.84 -44.55
C HIS KA 283 94.18 -1.15 -44.63
N GLU KA 284 95.02 -0.44 -43.85
CA GLU KA 284 96.45 -0.65 -43.88
C GLU KA 284 96.87 -1.60 -42.76
N GLN KA 285 97.69 -2.62 -43.07
CA GLN KA 285 98.56 -3.18 -42.03
C GLN KA 285 99.74 -2.22 -41.87
N LEU KA 286 100.21 -2.12 -40.63
CA LEU KA 286 101.30 -1.22 -40.34
C LEU KA 286 102.53 -2.03 -39.98
N SER KA 287 103.28 -2.38 -41.04
CA SER KA 287 104.51 -3.11 -40.82
C SER KA 287 105.58 -2.14 -40.33
N VAL KA 288 106.64 -2.71 -39.76
CA VAL KA 288 107.76 -1.92 -39.32
C VAL KA 288 108.44 -1.31 -40.56
N ALA KA 289 108.49 -2.06 -41.66
CA ALA KA 289 109.08 -1.56 -42.91
C ALA KA 289 108.20 -0.46 -43.50
N GLU KA 290 106.87 -0.58 -43.33
CA GLU KA 290 105.95 0.40 -43.89
C GLU KA 290 106.02 1.71 -43.11
N ILE KA 291 106.16 1.63 -41.78
CA ILE KA 291 106.21 2.83 -40.96
C ILE KA 291 107.60 3.48 -41.03
N THR KA 292 108.60 2.70 -41.44
CA THR KA 292 109.93 3.27 -41.53
C THR KA 292 110.20 3.87 -42.90
N ASN KA 293 109.41 3.50 -43.92
CA ASN KA 293 109.50 4.16 -45.20
C ASN KA 293 108.90 5.57 -45.14
N SER KA 294 107.76 5.67 -44.45
CA SER KA 294 107.02 6.91 -44.40
C SER KA 294 107.75 7.95 -43.55
N ALA KA 295 108.55 7.50 -42.56
CA ALA KA 295 109.27 8.39 -41.67
C ALA KA 295 110.39 9.11 -42.42
N PHE KA 296 111.04 8.40 -43.35
CA PHE KA 296 112.16 8.96 -44.09
C PHE KA 296 111.71 9.78 -45.30
N GLU KA 297 110.42 9.70 -45.64
CA GLU KA 297 109.96 10.31 -46.87
C GLU KA 297 109.97 11.83 -46.75
N PRO KA 298 110.44 12.56 -47.78
CA PRO KA 298 110.42 14.03 -47.78
C PRO KA 298 109.03 14.63 -47.60
N ALA KA 299 107.97 13.86 -47.92
CA ALA KA 299 106.61 14.38 -47.79
C ALA KA 299 106.17 14.52 -46.32
N SER KA 300 106.69 13.65 -45.44
CA SER KA 300 106.17 13.51 -44.09
C SER KA 300 107.08 14.17 -43.06
N MET KA 301 108.11 14.87 -43.53
CA MET KA 301 109.07 15.54 -42.65
C MET KA 301 108.44 16.85 -42.15
N MET KA 302 108.63 17.14 -40.85
CA MET KA 302 107.94 18.25 -40.20
C MET KA 302 108.82 19.48 -40.03
N ALA KA 303 109.61 19.81 -41.05
CA ALA KA 303 110.51 20.95 -40.94
C ALA KA 303 110.56 21.80 -42.21
N LYS KA 304 109.80 21.42 -43.26
CA LYS KA 304 109.74 22.13 -44.52
C LYS KA 304 111.12 22.39 -45.14
N CYS KA 305 111.75 21.28 -45.51
CA CYS KA 305 113.07 21.28 -46.13
C CYS KA 305 113.24 19.93 -46.81
N ASP KA 306 113.54 19.99 -48.11
CA ASP KA 306 113.65 18.75 -48.86
C ASP KA 306 115.03 18.17 -48.58
N PRO KA 307 115.15 16.96 -48.00
CA PRO KA 307 116.48 16.45 -47.66
C PRO KA 307 117.28 15.95 -48.86
N ARG KA 308 116.68 15.97 -50.05
CA ARG KA 308 117.43 15.55 -51.23
C ARG KA 308 118.47 16.59 -51.65
N HIS KA 309 118.33 17.83 -51.19
CA HIS KA 309 119.35 18.82 -51.43
C HIS KA 309 120.24 19.01 -50.20
N GLY KA 310 120.43 17.93 -49.44
CA GLY KA 310 121.39 17.89 -48.36
C GLY KA 310 121.84 16.44 -48.12
N LYS KA 311 122.68 16.29 -47.11
CA LYS KA 311 123.29 15.00 -46.77
C LYS KA 311 123.04 14.74 -45.30
N TYR KA 312 122.53 13.53 -45.02
CA TYR KA 312 122.30 13.12 -43.64
C TYR KA 312 123.62 12.85 -42.93
N MET KA 313 123.57 13.06 -41.61
CA MET KA 313 124.71 12.80 -40.74
C MET KA 313 124.40 11.78 -39.64
N ALA KA 314 123.25 11.93 -38.95
CA ALA KA 314 122.87 10.99 -37.90
C ALA KA 314 121.35 10.95 -37.80
N CYS KA 315 120.81 9.77 -37.49
CA CYS KA 315 119.37 9.55 -37.42
C CYS KA 315 119.05 8.78 -36.14
N CYS KA 316 118.01 9.23 -35.43
CA CYS KA 316 117.53 8.52 -34.26
C CYS KA 316 116.09 8.08 -34.50
N LEU KA 317 115.85 6.77 -34.40
CA LEU KA 317 114.52 6.22 -34.60
C LEU KA 317 113.97 5.71 -33.26
N MET KA 318 112.76 6.15 -32.92
CA MET KA 318 112.09 5.76 -31.68
C MET KA 318 110.84 4.94 -32.01
N TYR KA 319 111.02 3.63 -32.16
CA TYR KA 319 109.90 2.72 -32.39
C TYR KA 319 109.07 2.59 -31.12
N ARG KA 320 107.76 2.55 -31.27
CA ARG KA 320 106.88 2.53 -30.13
C ARG KA 320 105.64 1.69 -30.46
N GLY KA 321 105.52 0.53 -29.81
CA GLY KA 321 104.34 -0.31 -29.92
C GLY KA 321 104.69 -1.78 -29.86
N ASP KA 322 103.92 -2.56 -30.60
CA ASP KA 322 104.25 -3.96 -30.77
C ASP KA 322 105.39 -4.11 -31.79
N VAL KA 323 106.64 -3.89 -31.37
CA VAL KA 323 107.75 -3.85 -32.32
C VAL KA 323 108.83 -4.87 -31.92
N VAL KA 324 109.20 -5.75 -32.86
CA VAL KA 324 110.20 -6.79 -32.62
C VAL KA 324 111.57 -6.28 -33.09
N PRO KA 325 112.66 -6.53 -32.33
CA PRO KA 325 113.99 -6.09 -32.75
C PRO KA 325 114.52 -6.64 -34.08
N LYS KA 326 113.92 -7.73 -34.61
CA LYS KA 326 114.47 -8.32 -35.83
C LYS KA 326 114.07 -7.48 -37.04
N ASP KA 327 112.85 -6.90 -36.98
CA ASP KA 327 112.26 -6.21 -38.11
C ASP KA 327 112.88 -4.83 -38.33
N VAL KA 328 113.30 -4.20 -37.21
CA VAL KA 328 113.97 -2.91 -37.31
C VAL KA 328 115.31 -3.08 -38.03
N ASN KA 329 116.03 -4.16 -37.73
CA ASN KA 329 117.32 -4.43 -38.37
C ASN KA 329 117.16 -4.82 -39.84
N ALA KA 330 116.07 -5.54 -40.15
CA ALA KA 330 115.82 -5.97 -41.52
C ALA KA 330 115.34 -4.80 -42.39
N ALA KA 331 114.78 -3.75 -41.76
CA ALA KA 331 114.24 -2.62 -42.50
C ALA KA 331 115.18 -1.42 -42.51
N VAL KA 332 116.14 -1.37 -41.60
CA VAL KA 332 117.11 -0.28 -41.52
C VAL KA 332 118.20 -0.46 -42.57
N ALA KA 333 118.43 -1.73 -42.92
CA ALA KA 333 119.40 -2.02 -43.97
C ALA KA 333 118.84 -1.59 -45.34
N THR KA 334 117.52 -1.75 -45.54
CA THR KA 334 116.87 -1.37 -46.78
C THR KA 334 116.88 0.16 -47.01
N ILE KA 335 116.65 0.93 -45.95
CA ILE KA 335 116.81 2.38 -46.03
C ILE KA 335 118.26 2.73 -46.34
N LYS KA 336 119.20 1.96 -45.77
CA LYS KA 336 120.61 2.26 -45.94
C LYS KA 336 121.05 2.04 -47.39
N THR KA 337 120.47 1.05 -48.09
CA THR KA 337 120.91 0.72 -49.43
C THR KA 337 120.35 1.70 -50.46
N LYS KA 338 119.15 2.24 -50.19
CA LYS KA 338 118.47 3.08 -51.16
C LYS KA 338 119.22 4.40 -51.33
N ARG KA 339 119.68 4.70 -52.55
CA ARG KA 339 120.69 5.74 -52.71
C ARG KA 339 120.10 7.13 -52.95
N THR KA 340 118.78 7.26 -53.05
CA THR KA 340 118.22 8.62 -53.05
C THR KA 340 118.28 9.23 -51.64
N ILE KA 341 118.54 8.39 -50.63
CA ILE KA 341 118.86 8.87 -49.30
C ILE KA 341 120.35 8.63 -49.06
N GLN KA 342 121.13 9.70 -48.97
CA GLN KA 342 122.57 9.54 -48.93
C GLN KA 342 123.10 9.85 -47.54
N PHE KA 343 124.13 9.09 -47.20
CA PHE KA 343 124.83 9.28 -45.95
C PHE KA 343 126.16 9.88 -46.32
N VAL KA 344 126.63 10.76 -45.43
CA VAL KA 344 127.90 11.38 -45.70
C VAL KA 344 128.98 10.30 -45.62
N ASP KA 345 130.16 10.58 -46.19
CA ASP KA 345 131.20 9.58 -46.27
C ASP KA 345 131.71 9.26 -44.86
N TRP KA 346 131.91 10.30 -44.05
CA TRP KA 346 132.68 10.11 -42.83
C TRP KA 346 131.86 9.50 -41.69
N CYS KA 347 130.53 9.38 -41.86
CA CYS KA 347 129.71 8.79 -40.81
C CYS KA 347 129.04 7.53 -41.34
N PRO KA 348 129.71 6.35 -41.34
CA PRO KA 348 129.05 5.15 -41.85
C PRO KA 348 127.95 4.61 -40.94
N THR KA 349 128.10 4.70 -39.60
CA THR KA 349 127.00 4.28 -38.73
C THR KA 349 126.21 5.49 -38.28
N GLY KA 350 125.10 5.76 -38.96
CA GLY KA 350 124.31 6.92 -38.61
C GLY KA 350 122.92 6.49 -38.19
N PHE KA 351 122.84 5.64 -37.18
CA PHE KA 351 121.55 5.30 -36.59
C PHE KA 351 121.67 5.09 -35.09
N LYS KA 352 120.57 5.38 -34.41
CA LYS KA 352 120.35 4.92 -33.06
C LYS KA 352 118.92 4.43 -32.99
N CYS KA 353 118.76 3.12 -32.80
CA CYS KA 353 117.45 2.49 -32.69
C CYS KA 353 116.88 2.71 -31.28
N GLY KA 354 115.54 2.69 -31.14
CA GLY KA 354 114.88 2.81 -29.84
C GLY KA 354 113.50 2.16 -29.86
N ILE KA 355 113.23 1.27 -28.90
CA ILE KA 355 111.95 0.57 -28.89
C ILE KA 355 111.30 0.73 -27.51
N ASN KA 356 110.00 1.06 -27.47
CA ASN KA 356 109.23 0.99 -26.24
C ASN KA 356 107.98 0.14 -26.42
N TYR KA 357 107.52 -0.53 -25.37
CA TYR KA 357 106.46 -1.50 -25.44
C TYR KA 357 105.08 -0.89 -25.49
N GLN KA 358 104.93 0.22 -24.80
CA GLN KA 358 103.62 0.82 -24.63
C GLN KA 358 103.15 1.39 -25.97
N PRO KA 359 102.01 0.91 -26.53
CA PRO KA 359 101.49 1.47 -27.78
C PRO KA 359 100.94 2.86 -27.55
N PRO KA 360 100.90 3.74 -28.57
CA PRO KA 360 100.42 5.12 -28.39
C PRO KA 360 98.98 5.23 -27.89
N THR KA 361 98.71 6.23 -27.05
CA THR KA 361 97.38 6.46 -26.51
C THR KA 361 96.65 7.50 -27.36
N VAL KA 362 95.41 7.16 -27.72
CA VAL KA 362 94.58 7.97 -28.59
C VAL KA 362 93.76 8.93 -27.74
N VAL KA 363 93.78 10.18 -28.16
CA VAL KA 363 93.02 11.23 -27.53
C VAL KA 363 91.62 11.16 -28.10
N PRO KA 364 90.56 11.15 -27.25
CA PRO KA 364 89.21 11.36 -27.77
C PRO KA 364 89.09 12.78 -28.32
N GLY KA 365 88.38 12.91 -29.44
CA GLY KA 365 88.22 14.21 -30.09
C GLY KA 365 89.39 14.59 -31.01
N GLY KA 366 90.54 13.91 -30.86
CA GLY KA 366 91.68 14.11 -31.74
C GLY KA 366 91.46 13.44 -33.09
N ASP KA 367 92.39 13.69 -34.03
CA ASP KA 367 92.14 13.34 -35.41
C ASP KA 367 92.85 12.05 -35.83
N LEU KA 368 93.44 11.35 -34.86
CA LEU KA 368 94.25 10.18 -35.16
C LEU KA 368 93.50 8.89 -34.84
N ALA KA 369 94.13 7.75 -35.19
CA ALA KA 369 93.53 6.45 -34.91
C ALA KA 369 94.35 5.68 -33.88
N LYS KA 370 93.71 4.75 -33.18
CA LYS KA 370 94.45 3.82 -32.35
C LYS KA 370 95.29 2.91 -33.26
N VAL KA 371 96.59 2.88 -32.96
CA VAL KA 371 97.56 2.22 -33.82
C VAL KA 371 98.30 1.17 -32.99
N MET KA 372 98.90 0.22 -33.70
CA MET KA 372 99.65 -0.90 -33.13
C MET KA 372 101.09 -0.51 -32.86
N ARG KA 373 101.63 0.38 -33.70
CA ARG KA 373 103.04 0.70 -33.70
C ARG KA 373 103.25 2.01 -34.46
N ALA KA 374 104.34 2.70 -34.10
CA ALA KA 374 104.62 4.04 -34.57
C ALA KA 374 106.13 4.29 -34.53
N VAL KA 375 106.59 5.28 -35.30
CA VAL KA 375 107.98 5.71 -35.32
C VAL KA 375 108.03 7.22 -35.17
N CYS KA 376 108.86 7.68 -34.23
CA CYS KA 376 109.30 9.08 -34.20
C CYS KA 376 110.74 9.15 -34.68
N MET KA 377 111.14 10.30 -35.25
CA MET KA 377 112.40 10.38 -35.97
C MET KA 377 113.05 11.75 -35.77
N ILE KA 378 114.34 11.75 -35.42
CA ILE KA 378 115.13 12.96 -35.32
C ILE KA 378 116.41 12.74 -36.12
N SER KA 379 116.56 13.50 -37.20
CA SER KA 379 117.69 13.34 -38.11
C SER KA 379 118.47 14.64 -38.21
N ASN KA 380 119.76 14.53 -38.50
CA ASN KA 380 120.64 15.68 -38.67
C ASN KA 380 121.11 15.69 -40.12
N SER KA 381 120.82 16.78 -40.82
CA SER KA 381 121.23 16.92 -42.21
C SER KA 381 121.97 18.23 -42.42
N THR KA 382 122.76 18.31 -43.49
CA THR KA 382 123.31 19.57 -43.97
C THR KA 382 122.34 20.21 -44.98
N ALA KA 383 121.05 19.90 -44.84
CA ALA KA 383 119.98 20.58 -45.56
C ALA KA 383 119.53 21.83 -44.79
N ILE KA 384 120.01 21.99 -43.56
CA ILE KA 384 119.76 23.17 -42.73
C ILE KA 384 120.51 24.40 -43.26
N ALA KA 385 121.44 24.19 -44.22
CA ALA KA 385 122.04 25.28 -44.95
C ALA KA 385 120.99 26.08 -45.74
N GLU KA 386 119.85 25.47 -46.05
CA GLU KA 386 118.78 26.22 -46.72
C GLU KA 386 118.07 27.14 -45.75
N VAL KA 387 117.75 26.64 -44.56
CA VAL KA 387 116.87 27.38 -43.66
C VAL KA 387 117.63 28.48 -42.91
N PHE KA 388 118.94 28.59 -43.14
CA PHE KA 388 119.67 29.72 -42.60
C PHE KA 388 120.10 30.71 -43.69
N SER KA 389 120.29 30.22 -44.92
CA SER KA 389 120.56 31.11 -46.05
C SER KA 389 119.33 31.90 -46.41
N ARG KA 390 118.16 31.28 -46.28
CA ARG KA 390 116.90 31.96 -46.51
C ARG KA 390 116.66 33.01 -45.43
N MET KA 391 117.05 32.76 -44.18
CA MET KA 391 116.99 33.79 -43.15
C MET KA 391 118.08 34.84 -43.35
N ASP KA 392 119.20 34.46 -43.98
CA ASP KA 392 120.25 35.41 -44.30
C ASP KA 392 119.75 36.39 -45.37
N HIS KA 393 118.99 35.85 -46.30
CA HIS KA 393 118.52 36.59 -47.48
C HIS KA 393 117.51 37.66 -47.10
N LYS KA 394 116.64 37.29 -46.16
CA LYS KA 394 115.54 38.18 -45.81
C LYS KA 394 116.06 39.26 -44.87
N PHE KA 395 117.05 38.91 -44.04
CA PHE KA 395 117.62 39.83 -43.06
C PHE KA 395 118.37 40.94 -43.80
N ASP KA 396 119.11 40.60 -44.84
CA ASP KA 396 119.88 41.58 -45.59
C ASP KA 396 119.05 42.39 -46.58
N LEU KA 397 117.85 41.91 -46.93
CA LEU KA 397 116.93 42.76 -47.67
C LEU KA 397 116.48 43.95 -46.82
N MET KA 398 116.05 43.69 -45.59
CA MET KA 398 115.45 44.74 -44.78
C MET KA 398 116.43 45.38 -43.79
N TYR KA 399 117.69 44.96 -43.82
CA TYR KA 399 118.72 45.61 -43.01
C TYR KA 399 119.53 46.59 -43.84
N ALA KA 400 119.62 46.31 -45.16
CA ALA KA 400 120.33 47.20 -46.08
C ALA KA 400 119.63 48.56 -46.11
N LYS KA 401 118.30 48.50 -46.15
CA LYS KA 401 117.42 49.66 -46.18
C LYS KA 401 117.16 50.16 -44.76
N ARG KA 402 117.72 49.47 -43.75
CA ARG KA 402 117.72 49.92 -42.37
C ARG KA 402 116.29 50.04 -41.84
N ALA KA 403 115.48 49.03 -42.19
CA ALA KA 403 114.06 49.03 -41.89
C ALA KA 403 113.81 48.32 -40.57
N PHE KA 404 112.77 48.76 -39.86
CA PHE KA 404 112.30 48.15 -38.60
C PHE KA 404 113.41 48.12 -37.56
N VAL KA 405 114.23 49.18 -37.57
CA VAL KA 405 115.37 49.24 -36.69
C VAL KA 405 115.09 50.13 -35.49
N HIS KA 406 114.22 51.13 -35.66
CA HIS KA 406 113.97 52.08 -34.57
C HIS KA 406 113.15 51.42 -33.45
N TRP KA 407 112.44 50.36 -33.78
CA TRP KA 407 111.75 49.53 -32.78
C TRP KA 407 112.76 48.79 -31.90
N TYR KA 408 113.95 48.51 -32.44
CA TYR KA 408 114.93 47.70 -31.71
C TYR KA 408 115.93 48.58 -30.96
N VAL KA 409 116.34 49.69 -31.56
CA VAL KA 409 117.36 50.56 -30.99
C VAL KA 409 116.82 51.30 -29.76
N GLY KA 410 115.56 51.75 -29.83
CA GLY KA 410 114.94 52.64 -28.84
C GLY KA 410 114.58 51.95 -27.53
N GLU KA 411 114.74 50.62 -27.44
CA GLU KA 411 114.25 49.83 -26.33
C GLU KA 411 115.37 49.39 -25.37
N GLY KA 412 116.62 49.70 -25.75
CA GLY KA 412 117.75 49.39 -24.87
C GLY KA 412 118.98 48.82 -25.55
N MET KA 413 118.82 48.10 -26.67
CA MET KA 413 119.93 47.40 -27.31
C MET KA 413 120.53 48.25 -28.44
N GLU KA 414 121.85 48.45 -28.36
CA GLU KA 414 122.54 49.39 -29.22
C GLU KA 414 122.71 48.80 -30.61
N GLU KA 415 123.12 49.62 -31.56
CA GLU KA 415 123.51 49.12 -32.87
C GLU KA 415 124.82 48.35 -32.73
N GLY KA 416 124.83 47.12 -33.24
CA GLY KA 416 126.01 46.27 -33.13
C GLY KA 416 125.66 44.81 -32.96
N GLU KA 417 124.54 44.54 -32.26
CA GLU KA 417 124.08 43.16 -32.17
C GLU KA 417 123.43 42.73 -33.50
N PHE KA 418 123.14 43.70 -34.38
CA PHE KA 418 122.74 43.32 -35.72
C PHE KA 418 123.95 42.84 -36.52
N SER KA 419 125.10 43.48 -36.33
CA SER KA 419 126.32 43.05 -37.02
C SER KA 419 126.86 41.76 -36.42
N GLU KA 420 126.71 41.59 -35.08
CA GLU KA 420 127.16 40.37 -34.40
C GLU KA 420 126.34 39.17 -34.90
N ALA KA 421 125.01 39.35 -34.96
CA ALA KA 421 124.13 38.25 -35.31
C ALA KA 421 124.28 37.87 -36.79
N ARG KA 422 124.71 38.82 -37.63
CA ARG KA 422 125.00 38.52 -39.02
C ARG KA 422 126.24 37.65 -39.14
N GLU KA 423 127.33 38.04 -38.46
CA GLU KA 423 128.61 37.36 -38.57
C GLU KA 423 128.59 35.98 -37.93
N ASP KA 424 127.79 35.85 -36.88
CA ASP KA 424 127.68 34.56 -36.21
C ASP KA 424 126.83 33.61 -37.06
N LEU KA 425 125.74 34.14 -37.67
CA LEU KA 425 124.90 33.34 -38.56
C LEU KA 425 125.67 32.98 -39.82
N ALA KA 426 126.48 33.92 -40.33
CA ALA KA 426 127.32 33.67 -41.49
C ALA KA 426 128.44 32.67 -41.15
N ALA KA 427 128.88 32.67 -39.88
CA ALA KA 427 129.89 31.70 -39.44
C ALA KA 427 129.31 30.28 -39.44
N LEU KA 428 128.09 30.15 -38.90
CA LEU KA 428 127.43 28.86 -38.81
C LEU KA 428 127.09 28.33 -40.20
N GLU KA 429 126.80 29.27 -41.12
CA GLU KA 429 126.50 28.89 -42.50
C GLU KA 429 127.74 28.28 -43.14
N LYS KA 430 128.86 29.00 -43.10
CA LYS KA 430 130.09 28.51 -43.70
C LYS KA 430 130.57 27.26 -42.97
N ASP KA 431 130.15 27.07 -41.71
CA ASP KA 431 130.52 25.89 -40.94
C ASP KA 431 129.89 24.62 -41.53
N TYR KA 432 128.67 24.74 -42.09
CA TYR KA 432 128.01 23.58 -42.69
C TYR KA 432 128.73 23.05 -43.92
N GLU KA 433 129.17 23.95 -44.81
CA GLU KA 433 129.72 23.48 -46.08
C GLU KA 433 131.07 22.80 -45.89
N GLU KA 434 131.82 23.18 -44.83
CA GLU KA 434 133.08 22.54 -44.47
C GLU KA 434 132.80 21.10 -44.05
N VAL KA 435 131.68 20.90 -43.33
CA VAL KA 435 131.39 19.61 -42.73
C VAL KA 435 130.92 18.66 -43.84
N GLY KA 436 129.98 19.15 -44.66
CA GLY KA 436 129.18 18.26 -45.49
C GLY KA 436 129.95 17.84 -46.74
N ILE KA 437 130.89 18.70 -47.18
CA ILE KA 437 131.39 18.42 -48.54
C ILE KA 437 132.54 17.42 -48.44
N MET LA 1 93.73 44.87 -14.58
CA MET LA 1 94.48 44.54 -15.82
C MET LA 1 94.65 45.81 -16.65
N ARG LA 2 94.67 45.65 -17.98
CA ARG LA 2 94.90 46.78 -18.87
C ARG LA 2 93.59 47.55 -19.12
N GLU LA 3 93.67 48.88 -19.33
CA GLU LA 3 92.52 49.68 -19.71
C GLU LA 3 92.88 50.65 -20.84
N ILE LA 4 91.89 50.94 -21.71
CA ILE LA 4 91.98 52.01 -22.70
C ILE LA 4 91.15 53.20 -22.21
N VAL LA 5 91.75 54.38 -22.23
CA VAL LA 5 91.02 55.61 -21.95
C VAL LA 5 90.56 56.23 -23.27
N HIS LA 6 89.24 56.46 -23.37
CA HIS LA 6 88.65 57.04 -24.56
C HIS LA 6 88.58 58.56 -24.40
N VAL LA 7 88.92 59.28 -25.48
CA VAL LA 7 88.78 60.72 -25.52
C VAL LA 7 88.09 61.13 -26.81
N GLN LA 8 86.96 61.85 -26.67
CA GLN LA 8 86.27 62.42 -27.81
C GLN LA 8 86.40 63.93 -27.76
N GLY LA 9 86.63 64.54 -28.93
CA GLY LA 9 86.77 65.99 -29.04
C GLY LA 9 86.07 66.54 -30.27
N GLY LA 10 85.39 67.68 -30.11
CA GLY LA 10 84.72 68.34 -31.21
C GLY LA 10 83.24 67.95 -31.30
N GLN LA 11 82.61 68.51 -32.35
CA GLN LA 11 81.28 68.15 -32.83
C GLN LA 11 81.27 66.66 -33.18
N CYS LA 12 82.24 66.25 -34.04
CA CYS LA 12 82.13 64.98 -34.72
C CYS LA 12 82.56 63.91 -33.73
N GLY LA 13 83.53 64.28 -32.87
CA GLY LA 13 84.06 63.36 -31.86
C GLY LA 13 82.96 62.89 -30.91
N ASN LA 14 82.03 63.78 -30.59
CA ASN LA 14 80.94 63.43 -29.70
C ASN LA 14 79.92 62.53 -30.40
N GLN LA 15 79.68 62.76 -31.71
CA GLN LA 15 78.67 61.97 -32.41
C GLN LA 15 79.24 60.68 -33.00
N ILE LA 16 80.58 60.57 -33.00
CA ILE LA 16 81.22 59.36 -33.47
C ILE LA 16 81.46 58.49 -32.25
N GLY LA 17 81.41 59.12 -31.07
CA GLY LA 17 81.64 58.43 -29.82
C GLY LA 17 80.33 57.96 -29.19
N ALA LA 18 79.23 58.61 -29.59
CA ALA LA 18 77.90 58.15 -29.18
C ALA LA 18 77.70 56.71 -29.69
N LYS LA 19 78.14 56.49 -30.92
CA LYS LA 19 77.90 55.23 -31.59
C LYS LA 19 78.90 54.16 -31.18
N PHE LA 20 80.14 54.57 -30.93
CA PHE LA 20 81.14 53.63 -30.49
C PHE LA 20 80.75 53.04 -29.12
N TRP LA 21 80.22 53.87 -28.24
CA TRP LA 21 79.79 53.37 -26.94
C TRP LA 21 78.49 52.62 -27.02
N GLU LA 22 77.78 52.77 -28.12
CA GLU LA 22 76.57 51.99 -28.29
C GLU LA 22 76.93 50.57 -28.73
N VAL LA 23 78.01 50.40 -29.48
CA VAL LA 23 78.27 49.07 -30.00
C VAL LA 23 79.08 48.29 -28.97
N ILE LA 24 79.88 48.99 -28.17
CA ILE LA 24 80.61 48.33 -27.12
C ILE LA 24 79.68 47.89 -26.00
N SER LA 25 78.67 48.71 -25.69
CA SER LA 25 77.62 48.36 -24.73
C SER LA 25 76.86 47.12 -25.20
N ASP LA 26 76.55 47.06 -26.49
CA ASP LA 26 75.79 45.93 -27.02
C ASP LA 26 76.67 44.68 -27.10
N GLU LA 27 77.96 44.87 -27.40
CA GLU LA 27 78.87 43.73 -27.52
C GLU LA 27 79.05 43.10 -26.16
N HIS LA 28 79.16 43.94 -25.12
CA HIS LA 28 79.39 43.48 -23.77
C HIS LA 28 78.09 43.28 -22.99
N GLY LA 29 76.95 43.55 -23.62
CA GLY LA 29 75.64 43.25 -23.07
C GLY LA 29 75.27 44.14 -21.90
N ILE LA 30 75.43 45.45 -22.05
CA ILE LA 30 75.09 46.39 -20.98
C ILE LA 30 73.88 47.22 -21.42
N ASP LA 31 72.89 47.34 -20.51
CA ASP LA 31 71.66 48.12 -20.65
C ASP LA 31 71.92 49.62 -20.67
N PRO LA 32 70.88 50.45 -20.98
CA PRO LA 32 70.93 51.91 -20.84
C PRO LA 32 71.40 52.42 -19.49
N THR LA 33 71.04 51.62 -18.46
CA THR LA 33 71.17 52.01 -17.06
C THR LA 33 72.35 51.28 -16.41
N GLY LA 34 73.23 50.70 -17.24
CA GLY LA 34 74.48 50.09 -16.79
C GLY LA 34 74.40 48.63 -16.34
N THR LA 35 73.21 48.08 -16.00
CA THR LA 35 73.16 46.68 -15.59
C THR LA 35 73.33 45.73 -16.79
N TYR LA 36 74.04 44.64 -16.57
CA TYR LA 36 74.27 43.61 -17.58
C TYR LA 36 73.03 42.73 -17.83
N CYS LA 37 72.79 42.39 -19.10
CA CYS LA 37 71.87 41.31 -19.48
C CYS LA 37 72.52 40.35 -20.47
N GLY LA 38 72.25 39.05 -20.30
CA GLY LA 38 72.74 38.07 -21.27
C GLY LA 38 73.24 36.74 -20.70
N ASP LA 39 73.86 36.71 -19.50
CA ASP LA 39 74.34 35.49 -18.84
C ASP LA 39 75.32 34.67 -19.69
N SER LA 40 76.50 35.24 -19.99
CA SER LA 40 77.67 34.50 -20.48
C SER LA 40 78.93 35.14 -19.91
N ASP LA 41 79.98 34.35 -19.68
CA ASP LA 41 81.10 34.92 -18.95
C ASP LA 41 81.93 35.85 -19.82
N LEU LA 42 82.10 35.37 -21.07
CA LEU LA 42 83.01 35.89 -22.09
C LEU LA 42 82.97 37.41 -22.23
N GLN LA 43 81.82 38.05 -22.02
CA GLN LA 43 81.78 39.50 -22.02
C GLN LA 43 82.62 40.05 -20.87
N LEU LA 44 82.48 39.45 -19.69
CA LEU LA 44 82.65 40.22 -18.47
C LEU LA 44 83.97 40.00 -17.76
N GLU LA 45 84.82 39.11 -18.25
CA GLU LA 45 86.13 38.98 -17.59
C GLU LA 45 87.05 40.11 -18.03
N ARG LA 46 86.79 40.63 -19.23
CA ARG LA 46 87.55 41.73 -19.77
C ARG LA 46 86.57 42.84 -20.07
N ILE LA 47 86.15 43.51 -19.00
CA ILE LA 47 85.27 44.65 -19.09
C ILE LA 47 86.01 45.88 -18.63
N ASN LA 48 87.12 45.68 -17.92
CA ASN LA 48 87.86 46.77 -17.31
C ASN LA 48 88.66 47.54 -18.36
N VAL LA 49 88.72 47.03 -19.59
CA VAL LA 49 89.39 47.76 -20.65
C VAL LA 49 88.63 49.04 -21.02
N PHE LA 50 87.31 49.03 -20.84
CA PHE LA 50 86.45 50.11 -21.29
C PHE LA 50 85.45 50.60 -20.25
N TYR LA 51 85.25 49.85 -19.15
CA TYR LA 51 84.27 50.22 -18.13
C TYR LA 51 84.90 50.19 -16.73
N ASN LA 52 84.28 50.93 -15.80
CA ASN LA 52 84.64 50.96 -14.39
C ASN LA 52 83.44 50.54 -13.53
N GLU LA 53 83.69 49.74 -12.49
CA GLU LA 53 82.63 49.36 -11.56
C GLU LA 53 82.27 50.59 -10.74
N ALA LA 54 80.98 50.77 -10.46
CA ALA LA 54 80.50 51.95 -9.76
C ALA LA 54 79.85 51.61 -8.40
N THR LA 55 80.40 50.61 -7.71
CA THR LA 55 79.93 49.84 -6.56
C THR LA 55 78.42 49.73 -6.37
N GLY LA 56 77.63 49.99 -7.43
CA GLY LA 56 76.17 49.97 -7.44
C GLY LA 56 75.64 48.98 -8.48
N GLY LA 57 76.59 48.16 -8.97
CA GLY LA 57 76.38 47.13 -9.96
C GLY LA 57 76.51 47.63 -11.39
N ARG LA 58 76.67 48.94 -11.56
CA ARG LA 58 76.67 49.55 -12.87
C ARG LA 58 78.08 49.85 -13.35
N PHE LA 59 78.18 49.97 -14.68
CA PHE LA 59 79.44 50.21 -15.36
C PHE LA 59 79.43 51.59 -15.99
N VAL LA 60 80.51 52.34 -15.78
CA VAL LA 60 80.64 53.68 -16.33
C VAL LA 60 81.77 53.67 -17.35
N PRO LA 61 81.55 54.19 -18.57
CA PRO LA 61 82.63 54.19 -19.57
C PRO LA 61 83.80 55.10 -19.19
N ARG LA 62 85.01 54.66 -19.54
CA ARG LA 62 86.22 55.44 -19.29
C ARG LA 62 86.44 56.44 -20.43
N ALA LA 63 85.46 57.35 -20.57
CA ALA LA 63 85.41 58.31 -21.66
C ALA LA 63 85.61 59.72 -21.08
N ILE LA 64 86.39 60.52 -21.80
CA ILE LA 64 86.44 61.96 -21.59
C ILE LA 64 85.77 62.63 -22.78
N LEU LA 65 84.67 63.33 -22.47
CA LEU LA 65 83.88 64.02 -23.47
C LEU LA 65 84.20 65.51 -23.42
N MET LA 66 84.64 66.04 -24.56
CA MET LA 66 85.27 67.34 -24.60
C MET LA 66 84.71 68.16 -25.77
N ASP LA 67 84.49 69.44 -25.48
CA ASP LA 67 84.08 70.42 -26.48
C ASP LA 67 84.30 71.82 -25.91
N LEU LA 68 84.26 72.80 -26.82
CA LEU LA 68 84.28 74.19 -26.42
C LEU LA 68 82.88 74.81 -26.45
N GLU LA 69 81.86 74.03 -26.82
CA GLU LA 69 80.49 74.50 -26.98
C GLU LA 69 79.57 73.59 -26.17
N PRO LA 70 78.56 74.14 -25.47
CA PRO LA 70 77.58 73.29 -24.78
C PRO LA 70 76.49 72.70 -25.70
N GLY LA 71 76.74 72.68 -27.01
CA GLY LA 71 75.72 72.27 -27.97
C GLY LA 71 75.52 70.76 -28.04
N THR LA 72 76.55 70.03 -28.50
CA THR LA 72 76.38 68.62 -28.85
C THR LA 72 76.54 67.69 -27.65
N MET LA 73 77.05 68.24 -26.56
CA MET LA 73 77.22 67.50 -25.31
C MET LA 73 75.87 67.32 -24.63
N ASP LA 74 74.98 68.30 -24.80
CA ASP LA 74 73.63 68.20 -24.28
C ASP LA 74 72.86 67.13 -25.05
N SER LA 75 73.09 67.01 -26.37
CA SER LA 75 72.38 66.04 -27.19
C SER LA 75 72.71 64.59 -26.81
N VAL LA 76 74.02 64.33 -26.73
CA VAL LA 76 74.52 62.99 -26.49
C VAL LA 76 74.12 62.51 -25.08
N ARG LA 77 74.00 63.47 -24.15
CA ARG LA 77 73.61 63.14 -22.79
C ARG LA 77 72.14 62.76 -22.74
N ALA LA 78 71.30 63.49 -23.49
CA ALA LA 78 69.85 63.37 -23.39
C ALA LA 78 69.31 62.21 -24.22
N GLY LA 79 70.15 61.63 -25.10
CA GLY LA 79 69.69 60.46 -25.82
C GLY LA 79 69.55 59.26 -24.88
N PRO LA 80 68.96 58.11 -25.28
CA PRO LA 80 69.04 56.90 -24.47
C PRO LA 80 70.48 56.40 -24.57
N PHE LA 81 70.91 55.67 -23.53
CA PHE LA 81 72.31 55.34 -23.25
C PHE LA 81 73.13 56.62 -23.26
N GLY LA 82 72.57 57.68 -22.69
CA GLY LA 82 73.28 58.92 -22.40
C GLY LA 82 73.47 58.97 -20.89
N GLN LA 83 72.69 58.15 -20.16
CA GLN LA 83 72.63 58.09 -18.70
C GLN LA 83 73.83 57.29 -18.22
N LEU LA 84 74.51 56.66 -19.18
CA LEU LA 84 75.64 55.77 -18.95
C LEU LA 84 76.87 56.58 -18.60
N PHE LA 85 77.08 57.69 -19.29
CA PHE LA 85 78.25 58.53 -19.13
C PHE LA 85 78.15 59.29 -17.82
N ARG LA 86 79.25 59.40 -17.09
CA ARG LA 86 79.26 60.19 -15.87
C ARG LA 86 79.20 61.66 -16.24
N PRO LA 87 78.31 62.46 -15.59
CA PRO LA 87 78.20 63.88 -15.90
C PRO LA 87 79.42 64.73 -15.59
N ASP LA 88 80.32 64.24 -14.74
CA ASP LA 88 81.55 64.93 -14.43
C ASP LA 88 82.62 64.72 -15.51
N ASN LA 89 82.38 63.80 -16.45
CA ASN LA 89 83.36 63.52 -17.50
C ASN LA 89 83.28 64.53 -18.65
N PHE LA 90 82.16 65.23 -18.74
CA PHE LA 90 82.01 66.32 -19.69
C PHE LA 90 82.90 67.48 -19.28
N VAL LA 91 83.53 68.14 -20.26
CA VAL LA 91 84.24 69.39 -20.02
C VAL LA 91 83.75 70.45 -21.00
N PHE LA 92 82.74 71.20 -20.54
CA PHE LA 92 82.09 72.23 -21.31
C PHE LA 92 83.09 73.33 -21.59
N GLY LA 93 82.94 73.95 -22.77
CA GLY LA 93 83.34 75.33 -22.89
C GLY LA 93 82.12 76.20 -22.65
N GLN LA 94 82.23 77.46 -23.08
CA GLN LA 94 81.05 78.31 -23.10
C GLN LA 94 80.96 79.09 -24.40
N THR LA 95 82.09 79.33 -25.07
CA THR LA 95 82.13 80.19 -26.23
C THR LA 95 82.02 79.42 -27.54
N GLY LA 96 83.00 78.56 -27.82
CA GLY LA 96 83.02 77.70 -28.99
C GLY LA 96 83.92 78.22 -30.11
N ALA LA 97 84.95 77.42 -30.45
CA ALA LA 97 85.93 77.74 -31.47
C ALA LA 97 85.24 77.72 -32.82
N GLY LA 98 85.39 78.82 -33.55
CA GLY LA 98 84.63 79.02 -34.77
C GLY LA 98 85.32 78.45 -36.00
N ASN LA 99 85.56 77.12 -36.00
CA ASN LA 99 86.24 76.48 -37.11
C ASN LA 99 87.59 77.16 -37.39
N ASN LA 100 88.28 77.53 -36.30
CA ASN LA 100 89.54 78.24 -36.37
C ASN LA 100 90.54 77.41 -35.55
N TRP LA 101 91.47 76.79 -36.28
CA TRP LA 101 92.49 75.98 -35.66
C TRP LA 101 93.37 76.82 -34.74
N ALA LA 102 93.60 78.09 -35.12
CA ALA LA 102 94.54 78.94 -34.39
C ALA LA 102 94.06 79.19 -32.95
N LYS LA 103 92.81 79.67 -32.85
CA LYS LA 103 92.35 80.03 -31.52
C LYS LA 103 91.92 78.78 -30.76
N GLY LA 104 91.63 77.69 -31.48
CA GLY LA 104 91.40 76.39 -30.85
C GLY LA 104 92.65 75.91 -30.11
N HIS LA 105 93.80 76.00 -30.80
CA HIS LA 105 95.03 75.39 -30.32
C HIS LA 105 95.81 76.31 -29.37
N TYR LA 106 95.74 77.62 -29.59
CA TYR LA 106 96.70 78.51 -28.92
C TYR LA 106 96.09 79.33 -27.80
N THR LA 107 95.00 80.03 -28.13
CA THR LA 107 94.63 81.17 -27.30
C THR LA 107 93.28 80.97 -26.61
N GLU LA 108 92.36 80.24 -27.23
CA GLU LA 108 91.03 80.14 -26.64
C GLU LA 108 90.83 78.79 -25.98
N GLY LA 109 91.41 77.73 -26.57
CA GLY LA 109 91.29 76.39 -26.02
C GLY LA 109 92.32 76.06 -24.94
N ALA LA 110 93.31 76.95 -24.73
CA ALA LA 110 94.34 76.78 -23.73
C ALA LA 110 93.79 77.03 -22.32
N GLU LA 111 92.62 77.67 -22.20
CA GLU LA 111 92.00 77.89 -20.90
C GLU LA 111 91.16 76.69 -20.44
N LEU LA 112 90.91 75.73 -21.36
CA LEU LA 112 90.19 74.51 -21.00
C LEU LA 112 91.09 73.29 -20.92
N ILE LA 113 92.36 73.43 -21.32
CA ILE LA 113 93.22 72.27 -21.35
C ILE LA 113 93.58 71.83 -19.91
N ASP LA 114 93.48 72.77 -18.95
CA ASP LA 114 93.68 72.45 -17.55
C ASP LA 114 92.58 71.51 -17.04
N SER LA 115 91.33 71.75 -17.46
CA SER LA 115 90.19 71.00 -16.94
C SER LA 115 90.16 69.59 -17.50
N VAL LA 116 90.57 69.44 -18.76
CA VAL LA 116 90.57 68.14 -19.38
C VAL LA 116 91.70 67.28 -18.79
N LEU LA 117 92.86 67.92 -18.56
CA LEU LA 117 93.98 67.21 -17.95
C LEU LA 117 93.68 66.80 -16.51
N ASP LA 118 92.76 67.52 -15.87
CA ASP LA 118 92.33 67.17 -14.52
C ASP LA 118 91.57 65.85 -14.54
N VAL LA 119 90.73 65.67 -15.55
CA VAL LA 119 89.82 64.54 -15.60
C VAL LA 119 90.48 63.34 -16.26
N VAL LA 120 91.52 63.57 -17.07
CA VAL LA 120 92.15 62.44 -17.72
C VAL LA 120 93.19 61.81 -16.80
N ARG LA 121 93.83 62.62 -15.92
CA ARG LA 121 94.77 62.07 -14.97
C ARG LA 121 94.04 61.27 -13.89
N LYS LA 122 92.81 61.73 -13.59
CA LYS LA 122 91.98 61.10 -12.57
C LYS LA 122 91.60 59.67 -12.95
N GLU LA 123 91.28 59.43 -14.24
CA GLU LA 123 90.74 58.14 -14.65
C GLU LA 123 91.78 57.29 -15.36
N ALA LA 124 93.01 57.82 -15.51
CA ALA LA 124 94.10 56.98 -16.01
C ALA LA 124 94.90 56.40 -14.85
N GLU LA 125 95.21 57.26 -13.85
CA GLU LA 125 95.93 56.80 -12.66
C GLU LA 125 95.04 55.94 -11.76
N GLY LA 126 93.71 56.13 -11.89
CA GLY LA 126 92.65 55.36 -11.26
C GLY LA 126 92.83 53.84 -11.30
N CYS LA 127 93.19 53.31 -12.48
CA CYS LA 127 93.42 51.87 -12.59
C CYS LA 127 94.83 51.55 -12.12
N ASP LA 128 95.12 50.26 -12.05
CA ASP LA 128 96.41 49.68 -11.73
C ASP LA 128 97.49 50.26 -12.67
N CYS LA 129 97.49 49.91 -13.98
CA CYS LA 129 98.09 50.82 -14.96
C CYS LA 129 97.55 50.52 -16.36
N LEU LA 130 97.46 51.58 -17.18
CA LEU LA 130 96.75 51.53 -18.46
C LEU LA 130 97.68 51.14 -19.62
N GLN LA 131 97.06 50.65 -20.71
CA GLN LA 131 97.79 50.34 -21.92
C GLN LA 131 98.01 51.60 -22.76
N GLY LA 132 96.95 52.39 -23.01
CA GLY LA 132 97.05 53.54 -23.91
C GLY LA 132 95.69 54.20 -24.18
N PHE LA 133 95.69 55.21 -25.05
CA PHE LA 133 94.53 56.05 -25.30
C PHE LA 133 94.09 55.87 -26.74
N GLN LA 134 92.80 56.12 -27.01
CA GLN LA 134 92.34 56.40 -28.36
C GLN LA 134 91.62 57.74 -28.39
N ILE LA 135 91.83 58.51 -29.47
CA ILE LA 135 91.34 59.88 -29.58
C ILE LA 135 90.62 60.04 -30.92
N THR LA 136 89.31 60.32 -30.84
CA THR LA 136 88.51 60.48 -32.03
C THR LA 136 88.11 61.95 -32.17
N HIS LA 137 88.36 62.52 -33.35
CA HIS LA 137 88.10 63.93 -33.60
C HIS LA 137 88.05 64.21 -35.10
N SER LA 138 87.84 65.49 -35.44
CA SER LA 138 87.80 65.98 -36.80
C SER LA 138 89.06 66.80 -37.08
N LEU LA 139 89.38 66.91 -38.38
CA LEU LA 139 90.46 67.80 -38.79
C LEU LA 139 89.92 69.06 -39.46
N GLY LA 140 88.69 68.98 -39.99
CA GLY LA 140 87.99 70.11 -40.60
C GLY LA 140 87.55 71.16 -39.57
N GLY LA 141 87.14 70.65 -38.41
CA GLY LA 141 86.61 71.38 -37.27
C GLY LA 141 87.69 72.23 -36.62
N GLY LA 142 87.26 73.03 -35.64
CA GLY LA 142 88.22 73.88 -34.95
C GLY LA 142 88.56 73.35 -33.59
N THR LA 143 87.52 72.97 -32.86
CA THR LA 143 87.68 72.48 -31.50
C THR LA 143 88.08 71.01 -31.49
N GLY LA 144 88.08 70.34 -32.65
CA GLY LA 144 88.57 68.99 -32.77
C GLY LA 144 90.03 69.00 -33.22
N SER LA 145 90.27 69.77 -34.28
CA SER LA 145 91.59 69.82 -34.90
C SER LA 145 92.56 70.65 -34.07
N GLY LA 146 92.05 71.72 -33.45
CA GLY LA 146 92.93 72.66 -32.76
C GLY LA 146 93.15 72.28 -31.30
N MET LA 147 92.04 72.15 -30.55
CA MET LA 147 92.15 71.98 -29.12
C MET LA 147 92.22 70.50 -28.75
N GLY LA 148 91.77 69.63 -29.67
CA GLY LA 148 91.95 68.19 -29.51
C GLY LA 148 93.41 67.78 -29.67
N THR LA 149 94.17 68.60 -30.40
CA THR LA 149 95.56 68.31 -30.68
C THR LA 149 96.49 68.91 -29.62
N LEU LA 150 96.03 69.95 -28.93
CA LEU LA 150 96.79 70.43 -27.77
C LEU LA 150 96.81 69.38 -26.66
N LEU LA 151 95.70 68.62 -26.57
CA LEU LA 151 95.62 67.55 -25.59
C LEU LA 151 96.62 66.44 -25.91
N ILE LA 152 96.72 66.10 -27.20
CA ILE LA 152 97.69 65.12 -27.66
C ILE LA 152 99.10 65.56 -27.28
N SER LA 153 99.41 66.86 -27.44
CA SER LA 153 100.73 67.37 -27.12
C SER LA 153 101.03 67.22 -25.62
N LYS LA 154 100.03 67.42 -24.78
CA LYS LA 154 100.22 67.34 -23.33
C LYS LA 154 100.19 65.90 -22.83
N VAL LA 155 99.41 65.02 -23.46
CA VAL LA 155 99.31 63.66 -22.96
C VAL LA 155 100.54 62.84 -23.35
N ARG LA 156 101.17 63.17 -24.48
CA ARG LA 156 102.39 62.49 -24.86
C ARG LA 156 103.56 62.97 -24.02
N GLU LA 157 103.47 64.20 -23.48
CA GLU LA 157 104.54 64.69 -22.63
C GLU LA 157 104.54 63.94 -21.30
N GLU LA 158 103.35 63.60 -20.78
CA GLU LA 158 103.21 63.00 -19.46
C GLU LA 158 103.32 61.48 -19.54
N TYR LA 159 102.78 60.90 -20.61
CA TYR LA 159 102.78 59.46 -20.77
C TYR LA 159 103.41 59.12 -22.11
N PRO LA 160 104.75 59.09 -22.19
CA PRO LA 160 105.41 58.82 -23.47
C PRO LA 160 105.28 57.36 -23.90
N ASP LA 161 105.50 56.41 -22.98
CA ASP LA 161 105.59 54.99 -23.25
C ASP LA 161 104.23 54.39 -23.61
N ARG LA 162 103.11 55.06 -23.30
CA ARG LA 162 101.79 54.59 -23.72
C ARG LA 162 101.54 54.88 -25.19
N ILE LA 163 100.55 54.25 -25.80
CA ILE LA 163 100.30 54.41 -27.23
C ILE LA 163 99.02 55.19 -27.46
N MET LA 164 98.92 55.85 -28.60
CA MET LA 164 97.76 56.66 -28.92
C MET LA 164 97.33 56.38 -30.35
N GLU LA 165 96.07 55.95 -30.49
CA GLU LA 165 95.49 55.59 -31.78
C GLU LA 165 94.38 56.57 -32.09
N THR LA 166 94.61 57.46 -33.05
CA THR LA 166 93.61 58.44 -33.40
C THR LA 166 92.79 57.96 -34.61
N PHE LA 167 91.46 58.11 -34.48
CA PHE LA 167 90.59 58.08 -35.64
C PHE LA 167 90.23 59.52 -35.99
N SER LA 168 90.51 59.90 -37.24
CA SER LA 168 90.33 61.26 -37.69
C SER LA 168 89.52 61.29 -38.99
N VAL LA 169 88.61 62.25 -39.09
CA VAL LA 169 87.91 62.47 -40.35
C VAL LA 169 88.56 63.63 -41.10
N PHE LA 170 88.91 63.34 -42.36
CA PHE LA 170 89.73 64.23 -43.17
C PHE LA 170 88.90 65.12 -44.08
N PRO LA 171 89.52 66.15 -44.71
CA PRO LA 171 89.01 66.73 -45.96
C PRO LA 171 88.68 65.73 -47.07
N SER LA 172 87.56 66.00 -47.75
CA SER LA 172 87.08 65.23 -48.90
C SER LA 172 87.40 65.96 -50.19
N PRO LA 173 87.66 65.29 -51.34
CA PRO LA 173 87.96 65.98 -52.60
C PRO LA 173 86.82 66.79 -53.23
N LYS LA 174 85.66 66.18 -53.46
CA LYS LA 174 84.64 66.83 -54.24
C LYS LA 174 83.84 67.81 -53.39
N VAL LA 175 83.04 67.27 -52.47
CA VAL LA 175 82.21 68.08 -51.61
C VAL LA 175 83.06 68.48 -50.41
N SER LA 176 83.15 69.79 -50.18
CA SER LA 176 84.15 70.30 -49.27
C SER LA 176 83.53 71.25 -48.25
N ASP LA 177 83.11 70.68 -47.12
CA ASP LA 177 82.52 71.43 -46.02
C ASP LA 177 83.62 72.17 -45.26
N THR LA 178 83.26 73.26 -44.56
CA THR LA 178 84.17 74.02 -43.68
C THR LA 178 85.35 74.58 -44.46
N VAL LA 179 85.05 75.60 -45.29
CA VAL LA 179 85.89 76.36 -46.23
C VAL LA 179 87.37 76.41 -45.83
N VAL LA 180 87.62 76.64 -44.55
CA VAL LA 180 89.01 76.58 -44.11
C VAL LA 180 89.37 75.13 -43.79
N GLU LA 181 89.42 74.32 -44.86
CA GLU LA 181 89.85 72.94 -44.87
C GLU LA 181 91.37 72.82 -44.93
N PRO LA 182 92.10 73.42 -45.92
CA PRO LA 182 93.54 73.14 -46.03
C PRO LA 182 94.31 73.73 -44.86
N TYR LA 183 93.79 74.80 -44.25
CA TYR LA 183 94.50 75.42 -43.13
C TYR LA 183 94.42 74.57 -41.85
N ASN LA 184 93.23 74.05 -41.53
CA ASN LA 184 93.07 73.21 -40.35
C ASN LA 184 93.75 71.86 -40.55
N ALA LA 185 93.68 71.31 -41.77
CA ALA LA 185 94.17 69.96 -42.04
C ALA LA 185 95.70 69.92 -42.00
N THR LA 186 96.33 70.86 -42.71
CA THR LA 186 97.78 70.76 -42.88
C THR LA 186 98.51 71.20 -41.61
N LEU LA 187 97.82 71.88 -40.69
CA LEU LA 187 98.44 72.27 -39.43
C LEU LA 187 98.22 71.19 -38.37
N SER LA 188 97.07 70.50 -38.43
CA SER LA 188 96.80 69.42 -37.51
C SER LA 188 97.70 68.22 -37.82
N VAL LA 189 97.90 67.95 -39.12
CA VAL LA 189 98.73 66.85 -39.56
C VAL LA 189 100.19 67.07 -39.14
N HIS LA 190 100.65 68.32 -39.20
CA HIS LA 190 101.99 68.69 -38.79
C HIS LA 190 102.26 68.36 -37.32
N GLN LA 191 101.26 68.61 -36.47
CA GLN LA 191 101.38 68.25 -35.05
C GLN LA 191 101.15 66.74 -34.85
N LEU LA 192 100.48 66.08 -35.82
CA LEU LA 192 100.06 64.69 -35.66
C LEU LA 192 101.14 63.71 -36.12
N VAL LA 193 102.12 64.20 -36.89
CA VAL LA 193 103.19 63.32 -37.38
C VAL LA 193 104.14 62.92 -36.24
N GLU LA 194 104.34 63.81 -35.28
CA GLU LA 194 105.38 63.61 -34.28
C GLU LA 194 104.78 63.47 -32.88
N ASN LA 195 103.48 63.17 -32.79
CA ASN LA 195 102.85 63.03 -31.47
C ASN LA 195 101.82 61.88 -31.38
N ALA LA 196 101.75 61.05 -32.44
CA ALA LA 196 100.79 59.96 -32.47
C ALA LA 196 101.45 58.69 -33.01
N ASP LA 197 100.86 57.55 -32.63
CA ASP LA 197 101.43 56.26 -32.96
C ASP LA 197 100.68 55.60 -34.11
N GLU LA 198 99.35 55.75 -34.12
CA GLU LA 198 98.56 55.26 -35.22
C GLU LA 198 97.53 56.30 -35.58
N VAL LA 199 97.53 56.71 -36.84
CA VAL LA 199 96.57 57.67 -37.32
C VAL LA 199 95.76 57.02 -38.43
N GLN LA 200 94.54 56.59 -38.09
CA GLN LA 200 93.64 56.10 -39.11
C GLN LA 200 92.92 57.26 -39.77
N VAL LA 201 92.63 57.06 -41.07
CA VAL LA 201 92.00 58.09 -41.88
C VAL LA 201 90.61 57.63 -42.29
N ILE LA 202 89.62 58.50 -42.03
CA ILE LA 202 88.27 58.34 -42.51
C ILE LA 202 87.94 59.54 -43.41
N ASP LA 203 87.30 59.25 -44.53
CA ASP LA 203 86.79 60.30 -45.40
C ASP LA 203 85.28 60.19 -45.44
N ASN LA 204 84.63 61.37 -45.31
CA ASN LA 204 83.18 61.41 -45.27
C ASN LA 204 82.62 60.95 -46.64
N GLU LA 205 83.33 61.36 -47.70
CA GLU LA 205 82.88 61.00 -49.04
C GLU LA 205 83.15 59.53 -49.32
N ALA LA 206 84.12 58.93 -48.63
CA ALA LA 206 84.39 57.50 -48.78
C ALA LA 206 83.22 56.69 -48.21
N LEU LA 207 82.60 57.19 -47.14
CA LEU LA 207 81.52 56.45 -46.50
C LEU LA 207 80.24 56.54 -47.33
N TYR LA 208 80.06 57.68 -47.98
CA TYR LA 208 78.88 57.88 -48.83
C TYR LA 208 78.92 56.95 -50.04
N ASP LA 209 80.10 56.76 -50.63
CA ASP LA 209 80.24 55.86 -51.75
C ASP LA 209 80.05 54.42 -51.28
N ILE LA 210 80.46 54.10 -50.05
CA ILE LA 210 80.28 52.76 -49.52
C ILE LA 210 78.78 52.49 -49.34
N CYS LA 211 78.05 53.48 -48.82
CA CYS LA 211 76.66 53.33 -48.48
C CYS LA 211 75.76 53.15 -49.73
N PHE LA 212 76.11 53.83 -50.82
CA PHE LA 212 75.38 53.71 -52.08
C PHE LA 212 75.82 52.49 -52.90
N ARG LA 213 77.10 52.50 -53.30
CA ARG LA 213 77.66 51.55 -54.25
C ARG LA 213 77.49 50.11 -53.75
N THR LA 214 77.38 49.92 -52.43
CA THR LA 214 77.36 48.56 -51.88
C THR LA 214 76.09 48.29 -51.07
N LEU LA 215 75.80 49.15 -50.09
CA LEU LA 215 74.71 48.87 -49.15
C LEU LA 215 73.34 49.13 -49.79
N LYS LA 216 73.31 49.95 -50.85
CA LYS LA 216 72.09 50.28 -51.60
C LYS LA 216 71.07 50.95 -50.66
N LEU LA 217 71.56 51.77 -49.74
CA LEU LA 217 70.69 52.53 -48.84
C LEU LA 217 70.42 53.89 -49.46
N THR LA 218 69.13 54.17 -49.64
CA THR LA 218 68.69 55.39 -50.31
C THR LA 218 69.07 56.66 -49.55
N THR LA 219 68.68 56.73 -48.27
CA THR LA 219 68.78 57.95 -47.49
C THR LA 219 69.59 57.65 -46.24
N PRO LA 220 70.94 57.77 -46.29
CA PRO LA 220 71.76 57.54 -45.10
C PRO LA 220 71.99 58.79 -44.27
N THR LA 221 71.69 58.66 -42.97
CA THR LA 221 71.93 59.73 -42.03
C THR LA 221 73.36 59.57 -41.51
N TYR LA 222 73.75 60.44 -40.58
CA TYR LA 222 74.96 60.19 -39.82
C TYR LA 222 74.80 58.99 -38.89
N GLY LA 223 73.56 58.63 -38.57
CA GLY LA 223 73.32 57.41 -37.80
C GLY LA 223 73.84 56.16 -38.52
N ASP LA 224 73.69 56.16 -39.85
CA ASP LA 224 74.13 55.03 -40.64
C ASP LA 224 75.64 55.07 -40.82
N LEU LA 225 76.19 56.28 -41.08
CA LEU LA 225 77.62 56.39 -41.34
C LEU LA 225 78.43 56.09 -40.09
N ASN LA 226 77.96 56.61 -38.95
CA ASN LA 226 78.66 56.47 -37.69
C ASN LA 226 78.73 55.01 -37.29
N HIS LA 227 77.66 54.21 -37.62
CA HIS LA 227 77.52 52.84 -37.15
C HIS LA 227 78.57 51.96 -37.84
N LEU LA 228 78.90 52.32 -39.10
CA LEU LA 228 79.88 51.56 -39.85
C LEU LA 228 81.28 51.86 -39.30
N VAL LA 229 81.57 53.14 -39.01
CA VAL LA 229 82.85 53.53 -38.45
C VAL LA 229 82.95 52.94 -37.03
N SER LA 230 81.81 52.92 -36.34
CA SER LA 230 81.67 52.32 -35.03
C SER LA 230 82.01 50.82 -35.10
N ALA LA 231 81.62 50.17 -36.20
CA ALA LA 231 81.93 48.76 -36.42
C ALA LA 231 83.42 48.52 -36.68
N ALA LA 232 84.08 49.43 -37.42
CA ALA LA 232 85.50 49.26 -37.75
C ALA LA 232 86.38 49.57 -36.53
N MET LA 233 85.91 50.52 -35.70
CA MET LA 233 86.66 50.95 -34.53
C MET LA 233 86.73 49.78 -33.53
N SER LA 234 85.66 48.97 -33.48
CA SER LA 234 85.62 47.82 -32.59
C SER LA 234 86.47 46.67 -33.12
N GLY LA 235 86.61 46.58 -34.45
CA GLY LA 235 87.35 45.50 -35.07
C GLY LA 235 88.85 45.52 -34.74
N VAL LA 236 89.39 46.74 -34.53
CA VAL LA 236 90.81 46.93 -34.21
C VAL LA 236 91.12 46.54 -32.77
N THR LA 237 90.07 46.28 -31.97
CA THR LA 237 90.26 46.12 -30.54
C THR LA 237 89.51 44.90 -29.98
N CYS LA 238 89.32 43.87 -30.83
CA CYS LA 238 88.67 42.65 -30.41
C CYS LA 238 89.56 41.89 -29.43
N CYS LA 239 90.86 41.86 -29.75
CA CYS LA 239 91.83 41.07 -29.02
C CYS LA 239 91.95 41.52 -27.56
N LEU LA 240 91.93 42.84 -27.32
CA LEU LA 240 92.04 43.41 -25.98
C LEU LA 240 90.89 42.95 -25.08
N ARG LA 241 89.80 42.48 -25.69
CA ARG LA 241 88.57 42.23 -24.95
C ARG LA 241 88.16 40.76 -24.96
N PHE LA 242 88.60 39.99 -25.97
CA PHE LA 242 88.18 38.61 -26.10
C PHE LA 242 89.39 37.71 -26.37
N PRO LA 243 89.34 36.42 -26.02
CA PRO LA 243 90.37 35.46 -26.43
C PRO LA 243 90.35 35.16 -27.93
N GLY LA 244 91.34 34.36 -28.37
CA GLY LA 244 91.43 33.93 -29.74
C GLY LA 244 92.64 33.03 -29.97
N GLN LA 245 92.76 32.47 -31.18
CA GLN LA 245 93.87 31.57 -31.46
C GLN LA 245 95.15 32.37 -31.70
N LEU LA 246 95.01 33.53 -32.37
CA LEU LA 246 96.15 34.44 -32.48
C LEU LA 246 95.72 35.84 -32.05
N ASN LA 247 96.29 36.24 -30.90
CA ASN LA 247 95.98 37.49 -30.23
C ASN LA 247 96.80 38.62 -30.84
N SER LA 248 96.27 39.85 -30.80
CA SER LA 248 96.95 40.97 -31.43
C SER LA 248 96.49 42.29 -30.81
N ASP LA 249 97.35 42.89 -29.97
CA ASP LA 249 97.02 44.14 -29.32
C ASP LA 249 97.20 45.30 -30.30
N LEU LA 250 96.92 46.51 -29.79
CA LEU LA 250 97.10 47.71 -30.60
C LEU LA 250 98.59 47.97 -30.81
N ARG LA 251 99.42 47.47 -29.89
CA ARG LA 251 100.85 47.70 -30.04
C ARG LA 251 101.41 46.84 -31.18
N LYS LA 252 100.84 45.64 -31.35
CA LYS LA 252 101.35 44.68 -32.33
C LYS LA 252 101.02 45.15 -33.76
N LEU LA 253 99.90 45.87 -33.90
CA LEU LA 253 99.56 46.47 -35.19
C LEU LA 253 100.55 47.60 -35.52
N ALA LA 254 100.99 48.32 -34.47
CA ALA LA 254 101.85 49.48 -34.65
C ALA LA 254 103.26 49.06 -35.08
N VAL LA 255 103.74 47.96 -34.47
CA VAL LA 255 105.10 47.54 -34.71
C VAL LA 255 105.22 46.95 -36.12
N ASN LA 256 104.12 46.43 -36.64
CA ASN LA 256 104.17 45.62 -37.85
C ASN LA 256 103.99 46.43 -39.13
N LEU LA 257 103.18 47.49 -39.08
CA LEU LA 257 102.86 48.22 -40.31
C LEU LA 257 103.66 49.53 -40.44
N ILE LA 258 104.57 49.81 -39.49
CA ILE LA 258 105.35 51.04 -39.50
C ILE LA 258 106.81 50.73 -39.80
N PRO LA 259 107.25 50.79 -41.07
CA PRO LA 259 108.66 50.58 -41.39
C PRO LA 259 109.58 51.73 -40.99
N PHE LA 260 109.08 52.94 -41.22
CA PHE LA 260 109.82 54.15 -40.86
C PHE LA 260 108.90 55.05 -40.04
N PRO LA 261 109.43 55.77 -39.02
CA PRO LA 261 108.57 56.37 -37.99
C PRO LA 261 107.76 57.59 -38.42
N ARG LA 262 108.20 58.22 -39.50
CA ARG LA 262 107.60 59.42 -40.07
C ARG LA 262 106.20 59.15 -40.61
N LEU LA 263 105.94 57.88 -40.97
CA LEU LA 263 104.75 57.54 -41.73
C LEU LA 263 103.92 56.50 -40.97
N HIS LA 264 102.82 56.97 -40.36
CA HIS LA 264 101.90 56.13 -39.62
C HIS LA 264 100.45 56.48 -39.96
N PHE LA 265 100.19 56.60 -41.27
CA PHE LA 265 98.85 56.94 -41.72
C PHE LA 265 98.25 55.76 -42.47
N PHE LA 266 97.06 55.34 -42.01
CA PHE LA 266 96.52 54.05 -42.37
C PHE LA 266 95.31 54.16 -43.30
N LEU LA 267 94.77 53.01 -43.68
CA LEU LA 267 93.52 52.92 -44.40
C LEU LA 267 92.70 51.83 -43.74
N ILE LA 268 91.39 52.06 -43.62
CA ILE LA 268 90.52 51.10 -42.99
C ILE LA 268 89.58 50.51 -44.04
N GLY LA 269 89.34 49.19 -43.99
CA GLY LA 269 88.27 48.53 -44.72
C GLY LA 269 87.55 47.56 -43.78
N PHE LA 270 86.38 47.07 -44.16
CA PHE LA 270 85.62 46.18 -43.30
C PHE LA 270 84.74 45.28 -44.15
N ALA LA 271 84.94 43.96 -43.96
CA ALA LA 271 84.13 42.95 -44.62
C ALA LA 271 83.58 42.02 -43.55
N PRO LA 272 82.35 41.46 -43.70
CA PRO LA 272 81.53 41.58 -44.90
C PRO LA 272 80.52 42.74 -44.89
N LEU LA 273 80.19 43.26 -46.06
CA LEU LA 273 79.09 44.21 -46.22
C LEU LA 273 78.25 43.75 -47.40
N THR LA 274 76.96 43.49 -47.20
CA THR LA 274 76.08 43.18 -48.31
C THR LA 274 74.80 43.99 -48.15
N SER LA 275 74.15 44.38 -49.25
CA SER LA 275 72.86 45.05 -49.23
C SER LA 275 71.84 44.25 -48.42
N ARG LA 276 70.85 44.99 -47.89
CA ARG LA 276 69.83 44.53 -46.96
C ARG LA 276 69.04 43.36 -47.54
N GLY LA 277 68.88 43.37 -48.87
CA GLY LA 277 68.14 42.34 -49.60
C GLY LA 277 69.02 41.19 -50.06
N SER LA 278 70.30 41.50 -50.30
CA SER LA 278 71.26 40.59 -50.90
C SER LA 278 71.97 39.68 -49.87
N GLN LA 279 71.57 39.81 -48.61
CA GLN LA 279 72.29 39.17 -47.50
C GLN LA 279 72.16 37.64 -47.54
N GLN LA 280 70.97 37.13 -47.84
CA GLN LA 280 70.81 35.69 -47.71
C GLN LA 280 71.35 35.01 -48.96
N TYR LA 281 71.39 35.66 -50.13
CA TYR LA 281 71.95 34.97 -51.29
C TYR LA 281 73.48 34.85 -51.34
N ARG LA 282 74.21 35.37 -50.34
CA ARG LA 282 75.65 35.39 -50.35
C ARG LA 282 76.23 34.35 -49.39
N ALA LA 283 77.17 33.57 -49.93
CA ALA LA 283 77.98 32.64 -49.15
C ALA LA 283 78.98 33.39 -48.26
N LEU LA 284 79.23 32.80 -47.09
CA LEU LA 284 79.95 33.48 -46.02
C LEU LA 284 81.13 32.64 -45.56
N SER LA 285 82.22 32.80 -46.27
CA SER LA 285 83.45 32.06 -46.03
C SER LA 285 84.61 33.04 -46.08
N VAL LA 286 85.79 32.53 -45.72
CA VAL LA 286 87.00 33.33 -45.63
C VAL LA 286 87.43 33.84 -47.01
N PRO LA 287 87.43 33.06 -48.12
CA PRO LA 287 87.82 33.63 -49.41
C PRO LA 287 86.88 34.76 -49.88
N GLU LA 288 85.61 34.74 -49.47
CA GLU LA 288 84.73 35.83 -49.83
C GLU LA 288 85.02 37.10 -49.01
N LEU LA 289 85.60 36.94 -47.82
CA LEU LA 289 85.96 38.11 -47.01
C LEU LA 289 87.15 38.83 -47.63
N THR LA 290 88.15 38.05 -48.05
CA THR LA 290 89.41 38.64 -48.46
C THR LA 290 89.31 39.24 -49.87
N GLN LA 291 88.30 38.82 -50.64
CA GLN LA 291 88.03 39.40 -51.95
C GLN LA 291 87.21 40.68 -51.85
N GLN LA 292 86.60 40.92 -50.67
CA GLN LA 292 85.97 42.20 -50.42
C GLN LA 292 86.85 43.12 -49.59
N MET LA 293 87.77 42.53 -48.82
CA MET LA 293 88.68 43.29 -47.99
C MET LA 293 89.59 44.16 -48.87
N PHE LA 294 90.18 43.50 -49.87
CA PHE LA 294 91.07 44.13 -50.86
C PHE LA 294 90.31 44.67 -52.07
N ASP LA 295 89.30 45.51 -51.86
CA ASP LA 295 88.58 46.16 -52.94
C ASP LA 295 88.63 47.66 -52.66
N ALA LA 296 89.00 48.45 -53.66
CA ALA LA 296 89.18 49.90 -53.53
C ALA LA 296 87.86 50.58 -53.17
N LYS LA 297 86.77 49.96 -53.62
CA LYS LA 297 85.44 50.47 -53.33
C LYS LA 297 85.13 50.35 -51.84
N ASN LA 298 85.75 49.37 -51.17
CA ASN LA 298 85.45 49.04 -49.79
C ASN LA 298 86.17 49.95 -48.79
N MET LA 299 87.30 50.54 -49.20
CA MET LA 299 88.11 51.27 -48.23
C MET LA 299 87.45 52.59 -47.84
N MET LA 300 87.63 52.94 -46.56
CA MET LA 300 87.02 54.11 -45.94
C MET LA 300 87.88 55.36 -46.15
N CYS LA 301 88.69 55.34 -47.21
CA CYS LA 301 89.48 56.49 -47.59
C CYS LA 301 89.24 56.79 -49.07
N ALA LA 302 89.20 58.08 -49.41
CA ALA LA 302 89.02 58.51 -50.78
C ALA LA 302 90.36 58.52 -51.54
N SER LA 303 90.99 57.35 -51.64
CA SER LA 303 92.29 57.19 -52.27
C SER LA 303 92.47 55.73 -52.65
N ASP LA 304 92.59 55.48 -53.96
CA ASP LA 304 92.61 54.17 -54.61
C ASP LA 304 93.97 53.49 -54.45
N PRO LA 305 94.05 52.36 -53.76
CA PRO LA 305 95.27 51.55 -53.68
C PRO LA 305 96.04 51.24 -54.95
N ARG LA 306 95.36 51.08 -56.09
CA ARG LA 306 96.00 50.59 -57.31
C ARG LA 306 96.99 51.60 -57.89
N HIS LA 307 96.87 52.87 -57.48
CA HIS LA 307 97.82 53.88 -57.96
C HIS LA 307 99.12 53.86 -57.15
N GLY LA 308 99.12 53.09 -56.07
CA GLY LA 308 100.27 52.97 -55.20
C GLY LA 308 100.56 51.50 -54.88
N ARG LA 309 101.45 51.30 -53.93
CA ARG LA 309 101.88 49.96 -53.55
C ARG LA 309 101.67 49.84 -52.04
N TYR LA 310 101.13 48.68 -51.65
CA TYR LA 310 100.91 48.41 -50.23
C TYR LA 310 102.27 48.17 -49.55
N LEU LA 311 102.69 49.11 -48.72
CA LEU LA 311 103.99 49.01 -48.04
C LEU LA 311 103.97 47.85 -47.03
N THR LA 312 102.98 47.84 -46.14
CA THR LA 312 102.77 46.77 -45.17
C THR LA 312 101.34 46.89 -44.66
N ALA LA 313 100.58 45.80 -44.72
CA ALA LA 313 99.18 45.85 -44.35
C ALA LA 313 98.86 44.73 -43.36
N SER LA 314 97.68 44.85 -42.74
CA SER LA 314 97.24 43.92 -41.71
C SER LA 314 95.82 43.44 -41.97
N ALA LA 315 95.43 42.39 -41.23
CA ALA LA 315 94.10 41.80 -41.27
C ALA LA 315 93.71 41.30 -39.89
N MET LA 316 92.60 41.81 -39.37
CA MET LA 316 92.10 41.44 -38.05
C MET LA 316 90.80 40.67 -38.20
N PHE LA 317 90.92 39.33 -38.23
CA PHE LA 317 89.75 38.50 -38.39
C PHE LA 317 89.02 38.34 -37.06
N ARG LA 318 87.74 38.01 -37.17
CA ARG LA 318 86.91 37.73 -36.01
C ARG LA 318 86.00 36.57 -36.37
N GLY LA 319 85.96 35.56 -35.49
CA GLY LA 319 85.06 34.44 -35.66
C GLY LA 319 85.79 33.10 -35.57
N ARG LA 320 85.00 32.03 -35.54
CA ARG LA 320 85.53 30.67 -35.51
C ARG LA 320 85.95 30.30 -36.94
N MET LA 321 87.25 30.16 -37.16
CA MET LA 321 87.73 29.93 -38.52
C MET LA 321 89.00 29.08 -38.54
N SER LA 322 89.42 28.71 -39.75
CA SER LA 322 90.61 27.89 -39.94
C SER LA 322 91.81 28.78 -40.19
N THR LA 323 92.85 28.52 -39.39
CA THR LA 323 94.11 29.23 -39.45
C THR LA 323 94.84 28.93 -40.77
N LYS LA 324 94.48 27.83 -41.43
CA LYS LA 324 95.10 27.52 -42.70
C LYS LA 324 94.59 28.48 -43.77
N GLU LA 325 93.26 28.67 -43.86
CA GLU LA 325 92.69 29.50 -44.92
C GLU LA 325 93.04 30.98 -44.71
N VAL LA 326 93.23 31.38 -43.44
CA VAL LA 326 93.71 32.73 -43.16
C VAL LA 326 95.15 32.86 -43.69
N ASP LA 327 95.97 31.84 -43.44
CA ASP LA 327 97.33 31.83 -43.92
C ASP LA 327 97.42 31.48 -45.41
N GLU LA 328 96.42 30.77 -45.95
CA GLU LA 328 96.49 30.40 -47.36
C GLU LA 328 96.14 31.59 -48.25
N GLN LA 329 94.95 32.19 -48.00
CA GLN LA 329 94.46 33.28 -48.84
C GLN LA 329 95.41 34.47 -48.76
N MET LA 330 96.14 34.61 -47.66
CA MET LA 330 96.88 35.85 -47.44
C MET LA 330 98.19 35.85 -48.23
N LEU LA 331 98.76 34.66 -48.36
CA LEU LA 331 99.87 34.42 -49.29
C LEU LA 331 99.35 34.47 -50.74
N ASN LA 332 98.12 33.94 -50.92
CA ASN LA 332 97.51 33.80 -52.24
C ASN LA 332 97.35 35.18 -52.90
N VAL LA 333 96.94 36.17 -52.10
CA VAL LA 333 96.63 37.50 -52.62
C VAL LA 333 97.92 38.21 -53.04
N GLN LA 334 99.04 37.85 -52.39
CA GLN LA 334 100.28 38.55 -52.68
C GLN LA 334 100.87 38.07 -54.00
N ASN LA 335 100.68 36.78 -54.30
CA ASN LA 335 101.38 36.19 -55.43
C ASN LA 335 100.61 36.32 -56.74
N LYS LA 336 99.28 36.45 -56.70
CA LYS LA 336 98.51 36.74 -57.89
C LYS LA 336 98.58 38.22 -58.29
N ASN LA 337 98.08 39.08 -57.39
CA ASN LA 337 98.18 40.52 -57.54
C ASN LA 337 99.58 40.95 -57.13
N SER LA 338 100.55 40.55 -57.95
CA SER LA 338 101.97 40.59 -57.57
C SER LA 338 102.50 42.02 -57.53
N SER LA 339 102.01 42.88 -58.43
CA SER LA 339 102.61 44.20 -58.61
C SER LA 339 102.12 45.25 -57.62
N TYR LA 340 101.14 44.92 -56.77
CA TYR LA 340 100.52 45.90 -55.89
C TYR LA 340 101.23 45.99 -54.53
N PHE LA 341 102.23 45.11 -54.35
CA PHE LA 341 102.96 44.98 -53.09
C PHE LA 341 104.43 45.37 -53.29
N VAL LA 342 105.03 45.92 -52.23
CA VAL LA 342 106.43 46.33 -52.26
C VAL LA 342 107.31 45.09 -52.30
N GLU LA 343 108.52 45.25 -52.84
CA GLU LA 343 109.39 44.12 -53.13
C GLU LA 343 110.31 43.80 -51.95
N TRP LA 344 110.84 44.81 -51.25
CA TRP LA 344 111.92 44.57 -50.29
C TRP LA 344 111.40 44.23 -48.90
N ILE LA 345 110.10 43.98 -48.78
CA ILE LA 345 109.50 43.36 -47.60
C ILE LA 345 108.80 42.07 -48.03
N PRO LA 346 109.41 40.90 -47.83
CA PRO LA 346 108.65 39.64 -47.95
C PRO LA 346 107.59 39.54 -46.84
N ASN LA 347 106.47 38.89 -47.16
CA ASN LA 347 105.33 38.70 -46.26
C ASN LA 347 104.80 40.03 -45.74
N ASN LA 348 104.19 40.80 -46.63
CA ASN LA 348 103.67 42.13 -46.35
C ASN LA 348 102.47 42.12 -45.40
N MET LA 349 101.94 40.94 -45.06
CA MET LA 349 100.64 40.88 -44.41
C MET LA 349 100.72 40.27 -43.00
N LYS LA 350 100.02 40.91 -42.07
CA LYS LA 350 99.85 40.42 -40.72
C LYS LA 350 98.42 39.87 -40.57
N SER LA 351 98.29 38.74 -39.87
CA SER LA 351 96.99 38.13 -39.65
C SER LA 351 96.74 37.92 -38.16
N SER LA 352 95.46 38.02 -37.73
CA SER LA 352 95.04 37.77 -36.35
C SER LA 352 93.67 37.10 -36.34
N VAL LA 353 93.38 36.34 -35.27
CA VAL LA 353 92.07 35.72 -35.10
C VAL LA 353 91.56 35.97 -33.68
N CYS LA 354 90.36 36.57 -33.59
CA CYS LA 354 89.68 36.86 -32.33
C CYS LA 354 88.33 36.15 -32.35
N ASP LA 355 88.18 35.11 -31.52
CA ASP LA 355 87.24 34.03 -31.81
C ASP LA 355 85.78 34.37 -31.51
N ILE LA 356 85.49 35.58 -31.01
CA ILE LA 356 84.12 35.93 -30.70
C ILE LA 356 83.63 36.91 -31.75
N PRO LA 357 82.71 36.48 -32.64
CA PRO LA 357 82.32 37.32 -33.76
C PRO LA 357 81.41 38.45 -33.30
N PRO LA 358 81.30 39.57 -34.05
CA PRO LA 358 80.33 40.61 -33.71
C PRO LA 358 78.90 40.07 -33.87
N LYS LA 359 77.96 40.60 -33.08
CA LYS LA 359 76.66 39.97 -32.90
C LYS LA 359 75.84 40.04 -34.19
N GLY LA 360 75.35 38.87 -34.60
CA GLY LA 360 74.58 38.78 -35.83
C GLY LA 360 75.38 38.22 -37.00
N LEU LA 361 76.71 38.12 -36.89
CA LEU LA 361 77.54 37.59 -37.96
C LEU LA 361 78.33 36.38 -37.47
N LYS LA 362 78.57 35.42 -38.37
CA LYS LA 362 79.39 34.26 -38.01
C LYS LA 362 80.87 34.61 -38.05
N MET LA 363 81.29 35.40 -39.04
CA MET LA 363 82.68 35.83 -39.10
C MET LA 363 82.78 37.19 -39.79
N SER LA 364 83.87 37.93 -39.52
CA SER LA 364 84.10 39.26 -40.05
C SER LA 364 85.59 39.54 -40.06
N VAL LA 365 85.99 40.67 -40.66
CA VAL LA 365 87.39 41.02 -40.74
C VAL LA 365 87.51 42.54 -40.88
N THR LA 366 88.65 43.09 -40.48
CA THR LA 366 88.91 44.51 -40.58
C THR LA 366 90.34 44.71 -41.09
N PHE LA 367 90.46 45.56 -42.12
CA PHE LA 367 91.73 45.87 -42.77
C PHE LA 367 92.30 47.18 -42.21
N VAL LA 368 93.60 47.15 -41.93
CA VAL LA 368 94.38 48.34 -41.66
C VAL LA 368 95.68 48.19 -42.44
N GLY LA 369 95.89 49.09 -43.39
CA GLY LA 369 96.99 48.93 -44.31
C GLY LA 369 97.73 50.23 -44.59
N ASN LA 370 99.05 50.19 -44.42
CA ASN LA 370 99.87 51.30 -44.85
C ASN LA 370 99.88 51.34 -46.38
N SER LA 371 99.85 52.55 -46.93
CA SER LA 371 99.82 52.67 -48.38
C SER LA 371 100.72 53.80 -48.84
N THR LA 372 101.19 53.64 -50.07
CA THR LA 372 101.78 54.72 -50.82
C THR LA 372 100.68 55.54 -51.48
N ALA LA 373 99.48 54.97 -51.59
CA ALA LA 373 98.39 55.64 -52.28
C ALA LA 373 97.61 56.58 -51.36
N ILE LA 374 98.17 56.90 -50.19
CA ILE LA 374 97.59 57.93 -49.34
C ILE LA 374 98.33 59.26 -49.62
N GLN LA 375 99.39 59.17 -50.44
CA GLN LA 375 100.12 60.32 -50.95
C GLN LA 375 99.18 61.28 -51.70
N GLU LA 376 98.18 60.72 -52.40
CA GLU LA 376 97.31 61.55 -53.22
C GLU LA 376 96.35 62.38 -52.37
N MET LA 377 96.08 61.97 -51.14
CA MET LA 377 95.30 62.82 -50.24
C MET LA 377 96.18 63.99 -49.79
N PHE LA 378 97.45 63.71 -49.48
CA PHE LA 378 98.32 64.73 -48.91
C PHE LA 378 98.72 65.76 -49.96
N LYS LA 379 98.89 65.32 -51.21
CA LYS LA 379 99.23 66.22 -52.30
C LYS LA 379 98.05 67.11 -52.66
N ARG LA 380 96.83 66.54 -52.60
CA ARG LA 380 95.62 67.28 -52.91
C ARG LA 380 95.33 68.34 -51.83
N VAL LA 381 95.72 68.05 -50.58
CA VAL LA 381 95.53 69.04 -49.54
C VAL LA 381 96.64 70.10 -49.63
N SER LA 382 97.83 69.69 -50.09
CA SER LA 382 98.96 70.62 -50.17
C SER LA 382 98.77 71.66 -51.27
N ASP LA 383 98.27 71.21 -52.43
CA ASP LA 383 98.11 72.13 -53.56
C ASP LA 383 96.97 73.12 -53.29
N GLN LA 384 95.98 72.69 -52.50
CA GLN LA 384 94.92 73.59 -52.06
C GLN LA 384 95.44 74.58 -51.00
N PHE LA 385 96.34 74.10 -50.11
CA PHE LA 385 96.88 74.94 -49.05
C PHE LA 385 97.82 76.01 -49.61
N THR LA 386 98.62 75.64 -50.59
CA THR LA 386 99.52 76.60 -51.19
C THR LA 386 98.80 77.49 -52.20
N ALA LA 387 97.59 77.09 -52.61
CA ALA LA 387 96.75 78.00 -53.38
C ALA LA 387 96.27 79.13 -52.47
N MET LA 388 95.88 78.76 -51.25
CA MET LA 388 95.26 79.71 -50.36
C MET LA 388 96.30 80.44 -49.51
N PHE LA 389 97.60 80.12 -49.69
CA PHE LA 389 98.65 80.75 -48.91
C PHE LA 389 99.45 81.77 -49.72
N ARG LA 390 99.52 81.58 -51.05
CA ARG LA 390 100.21 82.54 -51.90
C ARG LA 390 99.41 83.85 -51.95
N ARG LA 391 98.09 83.73 -52.03
CA ARG LA 391 97.23 84.90 -52.17
C ARG LA 391 96.86 85.47 -50.79
N LYS LA 392 97.39 84.85 -49.73
CA LYS LA 392 97.29 85.33 -48.34
C LYS LA 392 95.85 85.39 -47.85
N ALA LA 393 94.95 84.62 -48.48
CA ALA LA 393 93.54 84.57 -48.10
C ALA LA 393 93.36 83.90 -46.74
N PHE LA 394 92.41 84.43 -45.95
CA PHE LA 394 91.97 83.93 -44.65
C PHE LA 394 93.12 83.80 -43.66
N LEU LA 395 94.20 84.57 -43.89
CA LEU LA 395 95.35 84.47 -43.01
C LEU LA 395 95.15 85.28 -41.73
N HIS LA 396 94.33 86.33 -41.81
CA HIS LA 396 94.18 87.25 -40.70
C HIS LA 396 93.41 86.61 -39.56
N TRP LA 397 92.65 85.55 -39.85
CA TRP LA 397 91.91 84.84 -38.83
C TRP LA 397 92.85 84.03 -37.95
N TYR LA 398 93.99 83.68 -38.55
CA TYR LA 398 94.96 82.83 -37.88
C TYR LA 398 96.07 83.68 -37.25
N THR LA 399 96.54 84.73 -37.94
CA THR LA 399 97.66 85.53 -37.46
C THR LA 399 97.24 86.57 -36.43
N GLY LA 400 95.92 86.84 -36.35
CA GLY LA 400 95.40 87.82 -35.42
C GLY LA 400 95.03 87.18 -34.07
N GLU LA 401 95.32 85.88 -33.93
CA GLU LA 401 94.98 85.15 -32.72
C GLU LA 401 96.22 84.74 -31.93
N GLY LA 402 97.39 84.78 -32.58
CA GLY LA 402 98.65 84.51 -31.89
C GLY LA 402 99.60 83.63 -32.70
N MET LA 403 99.23 83.30 -33.93
CA MET LA 403 100.07 82.46 -34.77
C MET LA 403 101.06 83.31 -35.56
N ASP LA 404 101.97 82.59 -36.25
CA ASP LA 404 102.98 83.24 -37.05
C ASP LA 404 102.98 82.64 -38.45
N GLU LA 405 103.43 83.45 -39.42
CA GLU LA 405 103.48 83.01 -40.80
C GLU LA 405 104.53 81.92 -41.01
N MET LA 406 105.51 81.81 -40.10
CA MET LA 406 106.54 80.79 -40.24
C MET LA 406 106.02 79.39 -39.93
N GLU LA 407 105.03 79.30 -39.03
CA GLU LA 407 104.40 78.04 -38.70
C GLU LA 407 103.61 77.52 -39.89
N PHE LA 408 103.21 78.42 -40.80
CA PHE LA 408 102.56 77.99 -42.03
C PHE LA 408 103.58 77.43 -43.02
N THR LA 409 104.72 78.11 -43.13
CA THR LA 409 105.76 77.63 -44.03
C THR LA 409 106.38 76.34 -43.51
N GLU LA 410 106.38 76.18 -42.18
CA GLU LA 410 106.85 74.93 -41.57
C GLU LA 410 105.88 73.80 -41.89
N ALA LA 411 104.57 74.07 -41.82
CA ALA LA 411 103.57 73.06 -42.12
C ALA LA 411 103.51 72.77 -43.63
N GLU LA 412 103.94 73.73 -44.45
CA GLU LA 412 104.16 73.47 -45.87
C GLU LA 412 105.15 72.32 -46.03
N SER LA 413 106.33 72.49 -45.42
CA SER LA 413 107.46 71.63 -45.71
C SER LA 413 107.28 70.25 -45.09
N ASN LA 414 106.77 70.21 -43.86
CA ASN LA 414 106.65 68.99 -43.09
C ASN LA 414 105.49 68.15 -43.62
N MET LA 415 104.65 68.75 -44.48
CA MET LA 415 103.65 67.99 -45.23
C MET LA 415 104.20 67.59 -46.59
N ASN LA 416 104.92 68.54 -47.22
CA ASN LA 416 105.41 68.27 -48.56
C ASN LA 416 106.58 67.30 -48.57
N ASP LA 417 107.37 67.28 -47.48
CA ASP LA 417 108.43 66.29 -47.34
C ASP LA 417 107.86 64.91 -47.08
N LEU LA 418 106.71 64.84 -46.39
CA LEU LA 418 106.10 63.55 -46.11
C LEU LA 418 105.50 62.95 -47.39
N VAL LA 419 105.12 63.80 -48.34
CA VAL LA 419 104.69 63.33 -49.65
C VAL LA 419 105.88 62.71 -50.39
N SER LA 420 107.03 63.40 -50.35
CA SER LA 420 108.24 62.94 -51.02
C SER LA 420 108.75 61.63 -50.41
N GLU LA 421 108.49 61.40 -49.11
CA GLU LA 421 108.99 60.20 -48.45
C GLU LA 421 108.20 58.98 -48.94
N TYR LA 422 106.86 59.11 -49.02
CA TYR LA 422 106.03 58.08 -49.64
C TYR LA 422 106.41 57.88 -51.12
N GLN LA 423 106.84 58.97 -51.75
CA GLN LA 423 107.04 59.03 -53.20
C GLN LA 423 108.20 58.13 -53.66
N GLN LA 424 109.15 57.81 -52.77
CA GLN LA 424 110.35 57.14 -53.28
C GLN LA 424 110.21 55.60 -53.29
N TYR LA 425 109.07 55.09 -52.81
CA TYR LA 425 108.94 53.65 -52.67
C TYR LA 425 107.96 53.03 -53.66
N GLN LA 426 107.46 53.80 -54.63
CA GLN LA 426 106.58 53.19 -55.61
C GLN LA 426 107.25 53.06 -56.99
N MET MA 1 74.00 81.20 -20.04
CA MET MA 1 73.54 80.37 -21.20
C MET MA 1 74.13 80.98 -22.47
N ARG MA 2 73.82 80.33 -23.59
CA ARG MA 2 74.13 80.88 -24.91
C ARG MA 2 72.94 81.67 -25.40
N GLU MA 3 73.17 82.84 -25.97
CA GLU MA 3 72.11 83.75 -26.34
C GLU MA 3 72.63 84.69 -27.43
N VAL MA 4 71.70 85.39 -28.10
CA VAL MA 4 72.08 86.38 -29.09
C VAL MA 4 71.03 87.48 -29.11
N ILE MA 5 71.50 88.72 -29.05
CA ILE MA 5 70.65 89.87 -28.80
C ILE MA 5 70.34 90.54 -30.13
N SER MA 6 69.06 90.81 -30.34
CA SER MA 6 68.63 91.43 -31.57
C SER MA 6 68.53 92.93 -31.37
N ILE MA 7 69.10 93.70 -32.31
CA ILE MA 7 69.06 95.15 -32.25
C ILE MA 7 68.39 95.66 -33.53
N HIS MA 8 67.24 96.32 -33.38
CA HIS MA 8 66.49 96.79 -34.53
C HIS MA 8 66.38 98.32 -34.48
N VAL MA 9 66.91 98.97 -35.51
CA VAL MA 9 66.84 100.42 -35.63
C VAL MA 9 66.10 100.75 -36.90
N GLY MA 10 65.53 101.96 -36.94
CA GLY MA 10 64.76 102.43 -38.08
C GLY MA 10 63.38 101.78 -38.14
N GLN MA 11 62.57 102.36 -39.04
CA GLN MA 11 61.24 101.88 -39.42
C GLN MA 11 61.34 100.42 -39.86
N ALA MA 12 62.30 100.19 -40.76
CA ALA MA 12 62.45 98.94 -41.49
C ALA MA 12 62.80 97.84 -40.50
N GLY MA 13 63.68 98.20 -39.54
CA GLY MA 13 64.16 97.29 -38.51
C GLY MA 13 62.98 96.81 -37.65
N ILE MA 14 62.13 97.77 -37.27
CA ILE MA 14 61.04 97.47 -36.36
C ILE MA 14 59.99 96.58 -37.04
N GLN MA 15 59.64 96.92 -38.29
CA GLN MA 15 58.61 96.18 -39.01
C GLN MA 15 59.11 94.78 -39.38
N ILE MA 16 60.43 94.67 -39.61
CA ILE MA 16 61.04 93.36 -39.74
C ILE MA 16 60.92 92.57 -38.44
N GLY MA 17 61.23 93.24 -37.32
CA GLY MA 17 61.23 92.59 -36.02
C GLY MA 17 59.84 92.20 -35.56
N ASN MA 18 58.82 92.90 -36.06
CA ASN MA 18 57.46 92.53 -35.72
C ASN MA 18 57.11 91.16 -36.29
N ALA MA 19 57.48 90.95 -37.55
CA ALA MA 19 57.26 89.66 -38.20
C ALA MA 19 58.26 88.62 -37.69
N CYS MA 20 59.50 89.06 -37.39
CA CYS MA 20 60.55 88.14 -36.97
C CYS MA 20 60.18 87.54 -35.61
N TRP MA 21 59.70 88.38 -34.70
CA TRP MA 21 59.34 87.92 -33.38
C TRP MA 21 57.98 87.23 -33.32
N GLU MA 22 57.17 87.45 -34.36
CA GLU MA 22 55.93 86.70 -34.49
C GLU MA 22 56.24 85.21 -34.74
N LEU MA 23 57.20 84.95 -35.63
CA LEU MA 23 57.56 83.58 -35.95
C LEU MA 23 58.28 82.93 -34.78
N PHE MA 24 59.07 83.72 -34.05
CA PHE MA 24 59.82 83.21 -32.91
C PHE MA 24 58.87 82.74 -31.80
N CYS MA 25 57.84 83.54 -31.52
CA CYS MA 25 56.89 83.17 -30.48
C CYS MA 25 55.99 82.00 -30.89
N LEU MA 26 55.68 81.93 -32.21
CA LEU MA 26 54.84 80.84 -32.71
C LEU MA 26 55.62 79.52 -32.71
N GLU MA 27 56.93 79.60 -32.97
CA GLU MA 27 57.74 78.41 -33.17
C GLU MA 27 57.98 77.72 -31.84
N HIS MA 28 58.26 78.49 -30.79
CA HIS MA 28 58.53 77.92 -29.48
C HIS MA 28 57.25 77.66 -28.68
N GLY MA 29 56.08 78.07 -29.20
CA GLY MA 29 54.79 77.79 -28.58
C GLY MA 29 54.36 78.79 -27.48
N ILE MA 30 55.10 79.91 -27.40
CA ILE MA 30 54.70 80.87 -26.39
C ILE MA 30 53.56 81.73 -26.92
N GLN MA 31 52.67 82.15 -26.01
CA GLN MA 31 51.44 82.87 -26.40
C GLN MA 31 51.72 84.36 -26.61
N PRO MA 32 50.77 85.15 -27.20
CA PRO MA 32 50.87 86.62 -27.20
C PRO MA 32 51.04 87.31 -25.85
N ASP MA 33 50.54 86.70 -24.79
CA ASP MA 33 50.75 87.27 -23.46
C ASP MA 33 52.21 87.05 -23.06
N GLY MA 34 52.68 85.82 -23.24
CA GLY MA 34 54.09 85.55 -22.98
C GLY MA 34 54.35 84.25 -22.21
N GLN MA 35 53.27 83.59 -21.78
CA GLN MA 35 53.38 82.41 -20.94
C GLN MA 35 52.91 81.17 -21.70
N MET MA 36 53.69 80.12 -21.51
CA MET MA 36 53.42 78.80 -22.02
C MET MA 36 52.23 78.21 -21.28
N PRO MA 37 51.37 77.43 -21.97
CA PRO MA 37 50.15 76.92 -21.35
C PRO MA 37 50.36 75.87 -20.25
N ASP MA 47 64.22 73.65 -23.33
CA ASP MA 47 65.14 74.57 -22.61
C ASP MA 47 66.15 75.16 -23.59
N ALA MA 48 65.93 74.90 -24.90
CA ALA MA 48 66.78 75.41 -25.97
C ALA MA 48 66.24 76.73 -26.52
N PHE MA 49 65.11 77.20 -25.95
CA PHE MA 49 64.51 78.45 -26.36
C PHE MA 49 65.24 79.62 -25.73
N ASN MA 50 66.21 79.38 -24.84
CA ASN MA 50 66.87 80.44 -24.08
C ASN MA 50 67.68 81.38 -24.96
N THR MA 51 67.97 80.98 -26.20
CA THR MA 51 68.85 81.81 -27.01
C THR MA 51 68.16 83.07 -27.53
N PHE MA 52 66.82 83.08 -27.45
CA PHE MA 52 66.00 84.21 -27.89
C PHE MA 52 65.14 84.79 -26.77
N PHE MA 53 64.70 83.93 -25.84
CA PHE MA 53 63.73 84.36 -24.83
C PHE MA 53 64.35 84.27 -23.45
N SER MA 54 64.10 85.34 -22.70
CA SER MA 54 64.59 85.47 -21.34
C SER MA 54 63.49 84.98 -20.39
N GLU MA 55 63.84 84.11 -19.46
CA GLU MA 55 62.93 83.75 -18.37
C GLU MA 55 62.73 84.96 -17.45
N THR MA 56 61.47 85.20 -16.99
CA THR MA 56 61.20 86.34 -16.13
C THR MA 56 59.76 86.36 -15.63
N GLY MA 57 59.62 86.38 -14.28
CA GLY MA 57 58.33 86.29 -13.60
C GLY MA 57 57.66 84.93 -13.85
N ALA MA 58 56.31 84.95 -13.77
CA ALA MA 58 55.51 83.77 -13.51
C ALA MA 58 55.19 83.02 -14.81
N GLY MA 59 55.98 81.99 -15.15
CA GLY MA 59 55.80 81.18 -16.36
C GLY MA 59 56.11 81.89 -17.67
N LYS MA 60 56.85 83.00 -17.62
CA LYS MA 60 56.82 83.99 -18.68
C LYS MA 60 58.17 84.21 -19.34
N HIS MA 61 58.14 84.49 -20.64
CA HIS MA 61 59.33 84.61 -21.44
C HIS MA 61 59.27 85.87 -22.27
N VAL MA 62 60.38 86.58 -22.34
CA VAL MA 62 60.41 87.93 -22.89
C VAL MA 62 61.65 88.03 -23.76
N PRO MA 63 61.51 88.65 -24.95
CA PRO MA 63 62.57 88.58 -25.95
C PRO MA 63 63.80 89.40 -25.62
N ARG MA 64 64.91 88.99 -26.22
CA ARG MA 64 66.18 89.66 -26.08
C ARG MA 64 66.39 90.65 -27.23
N CYS MA 65 65.45 91.60 -27.34
CA CYS MA 65 65.48 92.52 -28.46
C CYS MA 65 65.31 93.96 -27.99
N VAL MA 66 65.89 94.89 -28.74
CA VAL MA 66 65.66 96.31 -28.54
C VAL MA 66 65.10 96.88 -29.85
N PHE MA 67 64.12 97.78 -29.69
CA PHE MA 67 63.57 98.54 -30.80
C PHE MA 67 64.02 99.98 -30.62
N LEU MA 68 64.61 100.54 -31.67
CA LEU MA 68 65.06 101.92 -31.64
C LEU MA 68 64.44 102.66 -32.81
N ASP MA 69 63.69 103.71 -32.48
CA ASP MA 69 63.34 104.68 -33.48
C ASP MA 69 63.37 106.06 -32.87
N LEU MA 70 63.81 107.02 -33.67
CA LEU MA 70 63.82 108.41 -33.25
C LEU MA 70 62.43 109.04 -33.33
N GLU MA 71 61.48 108.37 -33.99
CA GLU MA 71 60.11 108.82 -33.99
C GLU MA 71 59.24 107.84 -33.19
N PRO MA 72 58.17 108.30 -32.51
CA PRO MA 72 57.33 107.39 -31.72
C PRO MA 72 56.17 106.73 -32.45
N THR MA 73 55.99 107.09 -33.72
CA THR MA 73 54.77 106.80 -34.45
C THR MA 73 54.69 105.34 -34.89
N VAL MA 74 55.80 104.60 -34.79
CA VAL MA 74 55.82 103.19 -35.17
C VAL MA 74 55.94 102.32 -33.93
N VAL MA 75 56.58 102.81 -32.87
CA VAL MA 75 56.74 102.04 -31.67
C VAL MA 75 55.45 102.07 -30.86
N ASP MA 76 54.75 103.21 -30.85
CA ASP MA 76 53.55 103.36 -30.04
C ASP MA 76 52.40 102.50 -30.56
N GLU MA 77 52.42 102.21 -31.87
CA GLU MA 77 51.45 101.30 -32.47
C GLU MA 77 51.81 99.82 -32.25
N VAL MA 78 52.98 99.58 -31.67
CA VAL MA 78 53.32 98.26 -31.13
C VAL MA 78 52.82 98.14 -29.68
N ARG MA 79 52.94 99.22 -28.91
CA ARG MA 79 52.54 99.22 -27.51
C ARG MA 79 51.02 99.06 -27.39
N THR MA 80 50.28 99.47 -28.43
CA THR MA 80 48.83 99.40 -28.44
C THR MA 80 48.30 98.30 -29.35
N GLY MA 81 49.15 97.32 -29.65
CA GLY MA 81 48.71 96.13 -30.36
C GLY MA 81 48.26 94.99 -29.43
N THR MA 82 48.04 93.79 -29.98
CA THR MA 82 47.72 92.63 -29.13
C THR MA 82 48.96 92.12 -28.39
N TYR MA 83 50.11 92.14 -29.07
CA TYR MA 83 51.39 91.77 -28.50
C TYR MA 83 52.00 92.95 -27.76
N ARG MA 84 51.20 93.54 -26.89
CA ARG MA 84 51.60 94.66 -26.06
C ARG MA 84 52.40 94.13 -24.87
N HIS MA 85 51.92 93.01 -24.33
CA HIS MA 85 52.30 92.47 -23.06
C HIS MA 85 53.48 91.51 -23.23
N LEU MA 86 53.95 91.28 -24.46
CA LEU MA 86 54.99 90.29 -24.72
C LEU MA 86 56.36 90.99 -24.74
N PHE MA 87 56.37 92.27 -25.12
CA PHE MA 87 57.59 93.06 -25.10
C PHE MA 87 57.63 93.89 -23.83
N HIS MA 88 58.82 93.97 -23.22
CA HIS MA 88 58.96 94.73 -21.99
C HIS MA 88 58.90 96.22 -22.32
N PRO MA 89 58.24 97.05 -21.48
CA PRO MA 89 58.05 98.46 -21.82
C PRO MA 89 59.30 99.33 -21.93
N GLU MA 90 60.50 98.79 -21.66
CA GLU MA 90 61.72 99.57 -21.84
C GLU MA 90 62.50 99.14 -23.07
N GLN MA 91 62.20 97.95 -23.62
CA GLN MA 91 62.92 97.48 -24.79
C GLN MA 91 62.60 98.36 -26.00
N LEU MA 92 61.38 98.90 -26.02
CA LEU MA 92 60.91 99.74 -27.10
C LEU MA 92 61.22 101.19 -26.75
N ILE MA 93 62.25 101.73 -27.41
CA ILE MA 93 62.78 103.05 -27.10
C ILE MA 93 62.40 103.98 -28.24
N SER MA 94 61.68 105.05 -27.90
CA SER MA 94 61.17 106.01 -28.88
C SER MA 94 61.49 107.42 -28.42
N GLY MA 95 62.07 108.22 -29.31
CA GLY MA 95 62.31 109.64 -29.07
C GLY MA 95 61.12 110.49 -29.50
N LYS MA 96 61.39 111.69 -30.04
CA LYS MA 96 60.32 112.57 -30.50
C LYS MA 96 60.44 112.89 -31.99
N GLU MA 97 61.61 113.38 -32.44
CA GLU MA 97 61.79 113.83 -33.81
C GLU MA 97 62.58 112.83 -34.65
N ASP MA 98 62.11 112.56 -35.87
CA ASP MA 98 62.81 111.68 -36.78
C ASP MA 98 64.07 112.39 -37.25
N ALA MA 99 65.06 111.61 -37.66
CA ALA MA 99 66.24 112.18 -38.30
C ALA MA 99 65.93 112.63 -39.73
N ALA MA 100 64.92 112.02 -40.35
CA ALA MA 100 64.27 112.46 -41.58
C ALA MA 100 65.28 112.51 -42.73
N ASN MA 101 65.68 111.29 -43.12
CA ASN MA 101 66.52 111.00 -44.27
C ASN MA 101 67.78 111.85 -44.24
N ASN MA 102 68.47 111.89 -43.09
CA ASN MA 102 69.63 112.74 -42.92
C ASN MA 102 70.58 112.01 -41.99
N PHE MA 103 71.68 111.51 -42.56
CA PHE MA 103 72.69 110.81 -41.80
C PHE MA 103 73.36 111.72 -40.77
N ALA MA 104 73.46 113.02 -41.10
CA ALA MA 104 74.09 114.00 -40.22
C ALA MA 104 73.33 114.15 -38.91
N ARG MA 105 71.99 114.22 -39.01
CA ARG MA 105 71.19 114.42 -37.82
C ARG MA 105 71.19 113.17 -36.94
N GLY MA 106 71.30 112.01 -37.58
CA GLY MA 106 71.27 110.77 -36.82
C GLY MA 106 72.59 110.50 -36.11
N HIS MA 107 73.69 111.02 -36.67
CA HIS MA 107 75.01 110.65 -36.18
C HIS MA 107 75.67 111.75 -35.34
N TYR MA 108 75.14 112.99 -35.37
CA TYR MA 108 75.85 114.10 -34.74
C TYR MA 108 75.00 114.94 -33.79
N THR MA 109 73.70 115.05 -34.08
CA THR MA 109 72.88 116.03 -33.39
C THR MA 109 71.78 115.39 -32.55
N ILE MA 110 70.91 114.59 -33.17
CA ILE MA 110 69.70 114.13 -32.51
C ILE MA 110 69.96 112.83 -31.76
N GLY MA 111 70.82 111.98 -32.33
CA GLY MA 111 71.00 110.62 -31.85
C GLY MA 111 71.61 110.47 -30.45
N LYS MA 112 72.24 111.53 -29.94
CA LYS MA 112 72.97 111.51 -28.68
C LYS MA 112 72.01 111.31 -27.50
N GLU MA 113 70.82 111.93 -27.58
CA GLU MA 113 69.83 111.92 -26.50
C GLU MA 113 69.26 110.51 -26.25
N ILE MA 114 69.35 109.63 -27.27
CA ILE MA 114 68.70 108.33 -27.20
C ILE MA 114 69.71 107.18 -27.14
N VAL MA 115 70.99 107.47 -27.46
CA VAL MA 115 72.02 106.44 -27.47
C VAL MA 115 72.33 105.93 -26.06
N ASP MA 116 72.22 106.84 -25.08
CA ASP MA 116 72.56 106.51 -23.71
C ASP MA 116 71.52 105.56 -23.07
N LEU MA 117 70.23 105.75 -23.41
CA LEU MA 117 69.23 104.82 -22.92
C LEU MA 117 69.37 103.43 -23.57
N SER MA 118 69.77 103.40 -24.84
CA SER MA 118 69.84 102.14 -25.57
C SER MA 118 71.02 101.28 -25.09
N LEU MA 119 72.17 101.92 -24.84
CA LEU MA 119 73.33 101.22 -24.32
C LEU MA 119 73.09 100.71 -22.91
N ASP MA 120 72.20 101.39 -22.18
CA ASP MA 120 71.77 100.94 -20.86
C ASP MA 120 70.96 99.64 -20.98
N ARG MA 121 70.08 99.57 -21.98
CA ARG MA 121 69.23 98.41 -22.20
C ARG MA 121 70.06 97.21 -22.66
N ILE MA 122 71.09 97.48 -23.48
CA ILE MA 122 71.92 96.40 -23.97
C ILE MA 122 72.72 95.73 -22.84
N ARG MA 123 73.37 96.54 -21.99
CA ARG MA 123 74.23 96.00 -20.93
C ARG MA 123 73.40 95.28 -19.87
N LYS MA 124 72.14 95.72 -19.68
CA LYS MA 124 71.29 95.10 -18.68
C LYS MA 124 70.78 93.75 -19.16
N LEU MA 125 70.83 93.54 -20.48
CA LEU MA 125 70.19 92.39 -21.09
C LEU MA 125 71.24 91.39 -21.60
N ALA MA 126 72.52 91.81 -21.63
CA ALA MA 126 73.61 90.97 -22.13
C ALA MA 126 74.58 90.50 -21.05
N ASP MA 127 74.53 91.11 -19.86
CA ASP MA 127 75.44 90.73 -18.78
C ASP MA 127 74.90 89.62 -17.88
N ASN MA 128 73.65 89.20 -18.13
CA ASN MA 128 73.03 88.17 -17.30
C ASN MA 128 73.58 86.80 -17.65
N CYS MA 129 73.80 86.54 -18.96
CA CYS MA 129 74.38 85.29 -19.42
C CYS MA 129 75.64 85.61 -20.21
N THR MA 130 76.80 85.32 -19.62
CA THR MA 130 78.03 85.44 -20.37
C THR MA 130 78.08 84.35 -21.43
N GLY MA 131 79.08 84.44 -22.31
CA GLY MA 131 79.07 83.62 -23.50
C GLY MA 131 77.92 84.04 -24.39
N LEU MA 132 77.72 85.36 -24.46
CA LEU MA 132 76.85 85.95 -25.46
C LEU MA 132 77.47 85.69 -26.82
N GLN MA 133 76.63 85.26 -27.77
CA GLN MA 133 77.14 84.84 -29.07
C GLN MA 133 77.43 86.07 -29.93
N GLY MA 134 76.44 86.97 -30.02
CA GLY MA 134 76.64 88.14 -30.86
C GLY MA 134 75.42 89.04 -30.86
N PHE MA 135 75.36 89.87 -31.90
CA PHE MA 135 74.26 90.80 -32.12
C PHE MA 135 73.81 90.66 -33.57
N LEU MA 136 72.54 90.26 -33.75
CA LEU MA 136 71.90 90.46 -35.04
C LEU MA 136 71.37 91.89 -35.07
N MET MA 137 71.95 92.72 -35.95
CA MET MA 137 71.54 94.10 -36.09
C MET MA 137 70.88 94.28 -37.45
N PHE MA 138 69.61 94.70 -37.41
CA PHE MA 138 68.83 94.90 -38.62
C PHE MA 138 68.61 96.41 -38.77
N ASN MA 139 68.90 96.95 -39.96
CA ASN MA 139 68.85 98.38 -40.14
C ASN MA 139 68.62 98.69 -41.62
N ALA MA 140 68.20 99.94 -41.86
CA ALA MA 140 68.02 100.47 -43.20
C ALA MA 140 69.07 101.55 -43.41
N VAL MA 141 69.77 101.51 -44.55
CA VAL MA 141 70.86 102.45 -44.77
C VAL MA 141 70.36 103.68 -45.52
N GLY MA 142 69.22 103.55 -46.21
CA GLY MA 142 68.62 104.70 -46.89
C GLY MA 142 68.10 105.74 -45.91
N GLY MA 143 67.42 105.25 -44.86
CA GLY MA 143 66.78 106.07 -43.84
C GLY MA 143 67.81 106.84 -43.01
N GLY MA 144 67.33 107.83 -42.24
CA GLY MA 144 68.25 108.67 -41.49
C GLY MA 144 68.64 107.98 -40.19
N THR MA 145 67.64 107.51 -39.44
CA THR MA 145 67.89 106.94 -38.13
C THR MA 145 68.55 105.56 -38.25
N GLY MA 146 68.33 104.90 -39.39
CA GLY MA 146 69.02 103.66 -39.71
C GLY MA 146 70.52 103.88 -39.85
N SER MA 147 70.87 104.89 -40.66
CA SER MA 147 72.26 105.18 -41.01
C SER MA 147 73.00 105.78 -39.81
N GLY MA 148 72.46 106.87 -39.27
CA GLY MA 148 73.17 107.68 -38.29
C GLY MA 148 73.22 107.00 -36.92
N LEU MA 149 72.02 106.74 -36.39
CA LEU MA 149 71.92 106.14 -35.07
C LEU MA 149 72.42 104.69 -35.12
N GLY MA 150 72.27 104.05 -36.29
CA GLY MA 150 72.73 102.69 -36.50
C GLY MA 150 74.26 102.60 -36.41
N CYS MA 151 74.95 103.58 -37.00
CA CYS MA 151 76.41 103.62 -36.95
C CYS MA 151 76.86 103.94 -35.53
N LEU MA 152 76.15 104.85 -34.87
CA LEU MA 152 76.54 105.37 -33.58
C LEU MA 152 76.56 104.28 -32.50
N LEU MA 153 75.60 103.34 -32.60
CA LEU MA 153 75.60 102.19 -31.71
C LEU MA 153 76.81 101.33 -31.97
N LEU MA 154 77.22 101.21 -33.23
CA LEU MA 154 78.26 100.25 -33.56
C LEU MA 154 79.66 100.80 -33.24
N GLU MA 155 79.80 102.12 -33.04
CA GLU MA 155 81.02 102.58 -32.39
C GLU MA 155 80.99 102.16 -30.92
N ARG MA 156 79.88 102.40 -30.21
CA ARG MA 156 79.83 102.22 -28.77
C ARG MA 156 79.66 100.75 -28.38
N LEU MA 157 79.13 99.92 -29.30
CA LEU MA 157 79.14 98.48 -29.07
C LEU MA 157 80.56 97.93 -29.20
N SER MA 158 81.28 98.44 -30.19
CA SER MA 158 82.64 97.98 -30.46
C SER MA 158 83.62 98.41 -29.36
N VAL MA 159 83.41 99.60 -28.76
CA VAL MA 159 84.31 100.16 -27.76
C VAL MA 159 84.13 99.43 -26.43
N ASP MA 160 82.95 98.82 -26.23
CA ASP MA 160 82.64 98.22 -24.95
C ASP MA 160 82.90 96.71 -24.98
N TYR MA 161 82.16 96.03 -25.86
CA TYR MA 161 82.33 94.59 -26.03
C TYR MA 161 82.99 94.39 -27.38
N GLY MA 162 84.33 94.43 -27.35
CA GLY MA 162 85.10 94.45 -28.60
C GLY MA 162 85.01 93.16 -29.41
N LYS MA 163 84.95 92.07 -28.68
CA LYS MA 163 85.09 90.68 -29.04
C LYS MA 163 83.82 90.06 -29.61
N LYS MA 164 82.67 90.74 -29.65
CA LYS MA 164 81.43 90.05 -29.94
C LYS MA 164 81.25 89.94 -31.45
N SER MA 165 80.50 88.93 -31.93
CA SER MA 165 80.06 88.89 -33.31
C SER MA 165 79.02 89.97 -33.57
N LYS MA 166 78.94 90.46 -34.81
CA LYS MA 166 77.93 91.44 -35.20
C LYS MA 166 77.48 91.14 -36.63
N LEU MA 167 76.35 90.46 -36.76
CA LEU MA 167 75.76 90.26 -38.08
C LEU MA 167 74.84 91.43 -38.40
N ASN MA 168 74.84 91.81 -39.68
CA ASN MA 168 74.09 92.94 -40.17
C ASN MA 168 73.17 92.50 -41.29
N PHE MA 169 71.94 93.02 -41.27
CA PHE MA 169 71.04 92.83 -42.39
C PHE MA 169 70.60 94.20 -42.91
N CYS MA 170 71.43 94.80 -43.75
CA CYS MA 170 71.16 96.13 -44.27
C CYS MA 170 70.14 96.04 -45.41
N SER MA 171 69.14 96.92 -45.34
CA SER MA 171 68.17 97.06 -46.42
C SER MA 171 68.71 98.07 -47.42
N TRP MA 172 69.55 97.57 -48.33
CA TRP MA 172 70.25 98.43 -49.29
C TRP MA 172 69.23 99.02 -50.27
N PRO MA 173 69.46 100.24 -50.81
CA PRO MA 173 68.61 100.77 -51.86
C PRO MA 173 68.67 99.94 -53.13
N SER MA 174 67.48 99.61 -53.66
CA SER MA 174 67.37 98.91 -54.93
C SER MA 174 67.82 99.85 -56.05
N PRO MA 175 68.33 99.35 -57.21
CA PRO MA 175 68.90 100.25 -58.23
C PRO MA 175 67.95 101.29 -58.84
N GLN MA 176 66.75 100.85 -59.24
CA GLN MA 176 65.80 101.76 -59.87
C GLN MA 176 64.84 102.33 -58.82
N VAL MA 177 64.07 101.45 -58.19
CA VAL MA 177 63.05 101.87 -57.24
C VAL MA 177 63.72 102.25 -55.92
N SER MA 178 63.32 103.37 -55.31
CA SER MA 178 64.07 103.88 -54.16
C SER MA 178 63.23 104.02 -52.88
N THR MA 179 62.13 104.79 -52.96
CA THR MA 179 61.43 105.39 -51.83
C THR MA 179 62.30 106.36 -51.04
N ALA MA 180 63.25 107.01 -51.73
CA ALA MA 180 64.07 108.05 -51.12
C ALA MA 180 64.73 108.87 -52.22
N VAL MA 181 65.10 110.11 -51.90
CA VAL MA 181 65.69 111.02 -52.86
C VAL MA 181 67.17 111.22 -52.53
N VAL MA 182 67.48 111.30 -51.24
CA VAL MA 182 68.80 111.67 -50.78
C VAL MA 182 69.58 110.42 -50.37
N GLU MA 183 69.11 109.24 -50.78
CA GLU MA 183 69.79 107.98 -50.43
C GLU MA 183 71.14 107.82 -51.14
N PRO MA 184 71.47 108.51 -52.26
CA PRO MA 184 72.88 108.54 -52.67
C PRO MA 184 73.85 109.07 -51.62
N TYR MA 185 73.42 110.03 -50.80
CA TYR MA 185 74.31 110.57 -49.79
C TYR MA 185 74.36 109.64 -48.57
N ASN MA 186 73.20 109.12 -48.17
CA ASN MA 186 73.08 108.37 -46.92
C ASN MA 186 73.80 107.03 -46.99
N SER MA 187 73.66 106.31 -48.11
CA SER MA 187 74.18 104.96 -48.19
C SER MA 187 75.70 104.98 -48.37
N VAL MA 188 76.23 106.00 -49.08
CA VAL MA 188 77.66 106.13 -49.27
C VAL MA 188 78.33 106.50 -47.93
N LEU MA 189 77.64 107.28 -47.10
CA LEU MA 189 78.21 107.68 -45.82
C LEU MA 189 78.10 106.55 -44.81
N SER MA 190 77.07 105.72 -44.94
CA SER MA 190 76.87 104.61 -44.02
C SER MA 190 77.89 103.51 -44.30
N THR MA 191 78.08 103.21 -45.60
CA THR MA 191 78.92 102.10 -46.02
C THR MA 191 80.39 102.37 -45.66
N HIS MA 192 80.74 103.64 -45.42
CA HIS MA 192 82.09 103.95 -44.97
C HIS MA 192 82.27 103.58 -43.50
N SER MA 193 81.23 103.88 -42.71
CA SER MA 193 81.31 103.77 -41.27
C SER MA 193 80.78 102.43 -40.74
N LEU MA 194 80.14 101.63 -41.62
CA LEU MA 194 79.77 100.25 -41.26
C LEU MA 194 80.86 99.25 -41.64
N LEU MA 195 81.87 99.70 -42.37
CA LEU MA 195 82.99 98.84 -42.72
C LEU MA 195 83.76 98.37 -41.49
N GLU MA 196 84.13 99.30 -40.60
CA GLU MA 196 84.98 98.94 -39.47
C GLU MA 196 84.15 98.50 -38.27
N HIS MA 197 82.82 98.39 -38.42
CA HIS MA 197 81.98 98.17 -37.24
C HIS MA 197 81.04 96.96 -37.36
N THR MA 198 81.04 96.30 -38.53
CA THR MA 198 80.25 95.08 -38.72
C THR MA 198 81.16 93.95 -39.20
N ASP MA 199 80.68 92.72 -39.01
CA ASP MA 199 81.44 91.51 -39.25
C ASP MA 199 80.97 90.82 -40.53
N VAL MA 200 79.65 90.61 -40.66
CA VAL MA 200 79.06 90.09 -41.89
C VAL MA 200 77.85 90.94 -42.21
N ALA MA 201 77.82 91.51 -43.42
CA ALA MA 201 76.71 92.30 -43.89
C ALA MA 201 75.96 91.51 -44.98
N VAL MA 202 74.63 91.40 -44.79
CA VAL MA 202 73.79 90.66 -45.70
C VAL MA 202 72.76 91.62 -46.29
N MET MA 203 72.77 91.75 -47.61
CA MET MA 203 72.06 92.83 -48.28
C MET MA 203 70.72 92.34 -48.80
N LEU MA 204 69.68 93.13 -48.51
CA LEU MA 204 68.34 92.90 -49.03
C LEU MA 204 67.86 94.17 -49.74
N ASP MA 205 67.57 94.02 -51.02
CA ASP MA 205 66.87 95.04 -51.79
C ASP MA 205 65.39 94.67 -51.84
N ASN MA 206 64.53 95.67 -51.66
CA ASN MA 206 63.12 95.36 -51.56
C ASN MA 206 62.51 95.02 -52.93
N GLU MA 207 63.08 95.49 -54.06
CA GLU MA 207 62.52 95.01 -55.33
C GLU MA 207 62.92 93.56 -55.60
N ALA MA 208 64.05 93.14 -55.00
CA ALA MA 208 64.50 91.76 -55.11
C ALA MA 208 63.54 90.82 -54.36
N ILE MA 209 62.72 91.37 -53.46
CA ILE MA 209 61.67 90.60 -52.80
C ILE MA 209 60.32 90.86 -53.46
N TYR MA 210 60.18 92.01 -54.13
CA TYR MA 210 58.98 92.31 -54.91
C TYR MA 210 58.81 91.33 -56.07
N ASP MA 211 59.95 91.07 -56.73
CA ASP MA 211 59.93 90.21 -57.90
C ASP MA 211 59.62 88.75 -57.53
N ILE MA 212 60.08 88.32 -56.36
CA ILE MA 212 59.83 86.95 -55.92
C ILE MA 212 58.33 86.71 -55.69
N CYS MA 213 57.65 87.65 -55.04
CA CYS MA 213 56.23 87.50 -54.73
C CYS MA 213 55.38 87.49 -56.01
N ARG MA 214 55.76 88.36 -56.93
CA ARG MA 214 54.99 88.47 -58.16
C ARG MA 214 55.24 87.24 -59.05
N ARG MA 215 56.47 86.71 -59.08
CA ARG MA 215 56.78 85.59 -59.96
C ARG MA 215 56.37 84.25 -59.34
N ASN MA 216 56.77 84.00 -58.09
CA ASN MA 216 56.60 82.68 -57.48
C ASN MA 216 55.25 82.51 -56.80
N LEU MA 217 54.93 83.40 -55.85
CA LEU MA 217 53.70 83.31 -55.07
C LEU MA 217 52.48 83.68 -55.93
N ASP MA 218 52.74 84.40 -57.03
CA ASP MA 218 51.70 84.95 -57.91
C ASP MA 218 50.78 85.86 -57.12
N ILE MA 219 51.40 86.87 -56.48
CA ILE MA 219 50.69 87.87 -55.74
C ILE MA 219 50.98 89.21 -56.40
N GLU MA 220 49.90 89.83 -56.83
CA GLU MA 220 50.00 91.15 -57.42
C GLU MA 220 49.83 92.21 -56.36
N ARG MA 221 49.18 91.86 -55.24
CA ARG MA 221 48.76 92.83 -54.24
C ARG MA 221 49.25 92.48 -52.84
N PRO MA 222 50.57 92.40 -52.59
CA PRO MA 222 51.06 92.19 -51.24
C PRO MA 222 51.10 93.53 -50.53
N THR MA 223 51.55 93.48 -49.27
CA THR MA 223 51.99 94.66 -48.54
C THR MA 223 53.38 94.39 -47.94
N TYR MA 224 53.86 95.30 -47.07
CA TYR MA 224 55.07 95.11 -46.29
C TYR MA 224 55.03 93.86 -45.41
N THR MA 225 53.87 93.59 -44.82
CA THR MA 225 53.72 92.46 -43.93
C THR MA 225 53.78 91.14 -44.68
N ASN MA 226 53.67 91.17 -46.02
CA ASN MA 226 53.89 90.00 -46.85
C ASN MA 226 55.38 89.89 -47.20
N LEU MA 227 56.10 91.03 -47.28
CA LEU MA 227 57.56 91.05 -47.46
C LEU MA 227 58.31 90.60 -46.19
N ASN MA 228 57.76 91.05 -45.05
CA ASN MA 228 58.38 90.84 -43.77
C ASN MA 228 58.36 89.36 -43.38
N ARG MA 229 57.38 88.59 -43.89
CA ARG MA 229 57.28 87.16 -43.58
C ARG MA 229 58.41 86.38 -44.22
N LEU MA 230 58.73 86.72 -45.47
CA LEU MA 230 59.76 85.96 -46.15
C LEU MA 230 61.14 86.29 -45.59
N ILE MA 231 61.33 87.51 -45.10
CA ILE MA 231 62.58 87.81 -44.43
C ILE MA 231 62.63 87.08 -43.08
N ALA MA 232 61.46 86.88 -42.46
CA ALA MA 232 61.36 86.15 -41.20
C ALA MA 232 61.71 84.67 -41.39
N GLN MA 233 61.43 84.14 -42.59
CA GLN MA 233 61.82 82.77 -42.91
C GLN MA 233 63.34 82.71 -43.10
N VAL MA 234 63.94 83.78 -43.61
CA VAL MA 234 65.38 83.83 -43.84
C VAL MA 234 66.11 83.88 -42.49
N ILE MA 235 65.60 84.69 -41.57
CA ILE MA 235 66.23 84.85 -40.28
C ILE MA 235 66.11 83.56 -39.46
N SER MA 236 64.97 82.88 -39.55
CA SER MA 236 64.72 81.69 -38.76
C SER MA 236 65.59 80.53 -39.23
N SER MA 237 65.86 80.47 -40.55
CA SER MA 237 66.64 79.38 -41.10
C SER MA 237 68.13 79.54 -40.74
N LEU MA 238 68.58 80.79 -40.54
CA LEU MA 238 69.97 81.02 -40.14
C LEU MA 238 70.23 80.54 -38.72
N THR MA 239 69.31 80.86 -37.80
CA THR MA 239 69.49 80.62 -36.38
C THR MA 239 68.65 79.42 -35.93
N ALA MA 240 68.36 78.51 -36.86
CA ALA MA 240 67.61 77.32 -36.51
C ALA MA 240 68.50 76.30 -35.79
N SER MA 241 69.82 76.45 -35.90
CA SER MA 241 70.76 75.52 -35.32
C SER MA 241 70.96 75.80 -33.83
N LEU MA 242 70.89 77.08 -33.43
CA LEU MA 242 71.04 77.43 -32.02
C LEU MA 242 69.83 76.95 -31.21
N ARG MA 243 68.71 76.67 -31.89
CA ARG MA 243 67.46 76.40 -31.19
C ARG MA 243 67.07 74.92 -31.22
N PHE MA 244 67.45 74.21 -32.30
CA PHE MA 244 67.03 72.81 -32.46
C PHE MA 244 68.22 71.96 -32.88
N ASP MA 245 68.19 70.67 -32.54
CA ASP MA 245 69.32 69.80 -32.84
C ASP MA 245 69.31 69.43 -34.32
N GLY MA 246 70.50 69.37 -34.91
CA GLY MA 246 70.65 69.08 -36.34
C GLY MA 246 71.81 68.12 -36.60
N ALA MA 247 71.85 67.59 -37.83
CA ALA MA 247 72.85 66.62 -38.25
C ALA MA 247 74.25 67.21 -38.27
N LEU MA 248 74.38 68.41 -38.85
CA LEU MA 248 75.60 69.19 -38.72
C LEU MA 248 75.17 70.65 -38.53
N ASN MA 249 75.12 71.00 -37.24
CA ASN MA 249 74.72 72.32 -36.77
C ASN MA 249 75.76 73.36 -37.19
N VAL MA 250 75.29 74.61 -37.21
CA VAL MA 250 76.05 75.72 -37.76
C VAL MA 250 75.65 77.03 -37.08
N ASP MA 251 76.65 77.66 -36.43
CA ASP MA 251 76.44 78.80 -35.55
C ASP MA 251 76.46 80.09 -36.37
N VAL MA 252 76.65 81.21 -35.64
CA VAL MA 252 76.75 82.52 -36.27
C VAL MA 252 78.18 83.05 -36.24
N THR MA 253 79.01 82.41 -35.42
CA THR MA 253 80.45 82.63 -35.50
C THR MA 253 80.99 81.89 -36.72
N GLU MA 254 80.20 80.92 -37.19
CA GLU MA 254 80.47 80.13 -38.38
C GLU MA 254 80.56 81.00 -39.64
N PHE MA 255 79.66 82.01 -39.76
CA PHE MA 255 79.47 82.75 -41.00
C PHE MA 255 80.73 83.53 -41.37
N GLN MA 256 81.34 84.12 -40.34
CA GLN MA 256 82.45 85.04 -40.56
C GLN MA 256 83.73 84.28 -40.90
N THR MA 257 83.86 83.07 -40.38
CA THR MA 257 85.09 82.31 -40.63
C THR MA 257 85.04 81.60 -41.98
N ASN MA 258 83.87 81.61 -42.62
CA ASN MA 258 83.65 80.80 -43.80
C ASN MA 258 83.31 81.60 -45.05
N LEU MA 259 83.02 82.89 -44.88
CA LEU MA 259 82.53 83.68 -46.00
C LEU MA 259 83.28 85.01 -46.13
N VAL MA 260 84.19 85.27 -45.20
CA VAL MA 260 84.91 86.54 -45.19
C VAL MA 260 86.39 86.22 -45.38
N PRO MA 261 86.88 86.34 -46.62
CA PRO MA 261 88.31 86.13 -46.87
C PRO MA 261 89.26 87.21 -46.34
N TYR MA 262 88.82 88.47 -46.38
CA TYR MA 262 89.63 89.59 -45.96
C TYR MA 262 88.76 90.59 -45.21
N PRO MA 263 89.35 91.42 -44.32
CA PRO MA 263 88.61 92.28 -43.38
C PRO MA 263 87.57 93.23 -43.99
N ARG MA 264 87.81 93.68 -45.21
CA ARG MA 264 86.90 94.62 -45.85
C ARG MA 264 85.76 93.89 -46.56
N ILE MA 265 86.09 92.81 -47.28
CA ILE MA 265 85.08 92.10 -48.05
C ILE MA 265 84.25 91.27 -47.08
N HIS MA 266 83.06 91.80 -46.77
CA HIS MA 266 82.10 90.99 -46.03
C HIS MA 266 80.67 91.29 -46.48
N PHE MA 267 80.52 91.72 -47.73
CA PHE MA 267 79.21 92.00 -48.29
C PHE MA 267 78.75 90.80 -49.11
N MET MA 268 77.57 90.29 -48.79
CA MET MA 268 77.16 89.02 -49.35
C MET MA 268 75.64 88.93 -49.42
N LEU MA 269 75.16 87.96 -50.23
CA LEU MA 269 73.80 87.96 -50.75
C LEU MA 269 72.95 86.87 -50.10
N SER MA 270 71.70 86.69 -50.57
CA SER MA 270 70.79 85.71 -50.01
C SER MA 270 69.85 85.17 -51.11
N SER MA 271 69.37 83.94 -50.91
CA SER MA 271 68.28 83.37 -51.70
C SER MA 271 67.62 82.27 -50.89
N TYR MA 272 66.33 82.06 -51.13
CA TYR MA 272 65.58 81.08 -50.36
C TYR MA 272 64.66 80.30 -51.28
N ALA MA 273 64.59 78.99 -51.03
CA ALA MA 273 63.73 78.11 -51.80
C ALA MA 273 63.24 77.00 -50.87
N PRO MA 274 61.98 76.55 -51.00
CA PRO MA 274 61.03 77.07 -51.99
C PRO MA 274 60.10 78.19 -51.52
N ILE MA 275 59.73 79.08 -52.44
CA ILE MA 275 58.66 80.02 -52.21
C ILE MA 275 57.46 79.61 -53.05
N ILE MA 276 56.57 78.80 -52.45
CA ILE MA 276 55.47 78.19 -53.18
C ILE MA 276 54.18 78.28 -52.35
N SER MA 277 53.07 78.48 -53.06
CA SER MA 277 51.75 78.66 -52.45
C SER MA 277 51.04 77.32 -52.27
N ALA MA 278 49.82 77.38 -51.71
CA ALA MA 278 49.02 76.22 -51.33
C ALA MA 278 48.54 75.46 -52.56
N GLU MA 279 48.36 76.20 -53.67
CA GLU MA 279 47.87 75.61 -54.91
C GLU MA 279 49.00 75.07 -55.80
N LYS MA 280 50.23 75.17 -55.29
CA LYS MA 280 51.41 74.68 -55.99
C LYS MA 280 52.21 73.69 -55.15
N ALA MA 281 52.02 73.71 -53.81
CA ALA MA 281 52.52 72.62 -52.97
C ALA MA 281 51.68 71.36 -53.15
N TYR MA 282 50.47 71.59 -53.69
CA TYR MA 282 49.47 70.58 -54.00
C TYR MA 282 50.02 69.58 -55.02
N HIS MA 283 50.99 70.02 -55.84
CA HIS MA 283 51.49 69.22 -56.95
C HIS MA 283 52.96 68.79 -56.78
N GLU MA 284 53.78 69.58 -56.08
CA GLU MA 284 55.22 69.36 -55.96
C GLU MA 284 55.59 68.40 -54.83
N GLN MA 285 56.50 67.50 -55.19
CA GLN MA 285 57.49 66.97 -54.28
C GLN MA 285 58.65 67.96 -54.28
N LEU MA 286 59.12 68.22 -53.07
CA LEU MA 286 60.19 69.18 -52.88
C LEU MA 286 61.50 68.43 -52.68
N SER MA 287 62.10 67.93 -53.76
CA SER MA 287 63.37 67.22 -53.66
C SER MA 287 64.48 68.16 -53.23
N VAL MA 288 65.49 67.59 -52.56
CA VAL MA 288 66.64 68.35 -52.09
C VAL MA 288 67.37 68.94 -53.28
N ALA MA 289 67.44 68.16 -54.37
CA ALA MA 289 68.05 68.63 -55.60
C ALA MA 289 67.17 69.72 -56.24
N GLU MA 290 65.84 69.60 -56.11
CA GLU MA 290 64.92 70.53 -56.75
C GLU MA 290 64.96 71.89 -56.06
N ILE MA 291 65.06 71.85 -54.73
CA ILE MA 291 65.09 73.09 -53.95
C ILE MA 291 66.45 73.78 -54.07
N THR MA 292 67.51 73.01 -54.32
CA THR MA 292 68.83 73.63 -54.36
C THR MA 292 69.14 74.16 -55.76
N ASN MA 293 68.37 73.74 -56.77
CA ASN MA 293 68.52 74.34 -58.09
C ASN MA 293 67.89 75.71 -58.15
N SER MA 294 66.72 75.82 -57.52
CA SER MA 294 65.97 77.07 -57.52
C SER MA 294 66.64 78.13 -56.62
N ALA MA 295 67.46 77.69 -55.65
CA ALA MA 295 68.16 78.64 -54.77
C ALA MA 295 69.28 79.36 -55.52
N PHE MA 296 70.02 78.60 -56.35
CA PHE MA 296 71.12 79.13 -57.14
C PHE MA 296 70.64 79.93 -58.35
N GLU MA 297 69.34 79.86 -58.67
CA GLU MA 297 68.79 80.51 -59.86
C GLU MA 297 68.91 82.04 -59.72
N PRO MA 298 69.38 82.76 -60.76
CA PRO MA 298 69.55 84.22 -60.69
C PRO MA 298 68.25 85.00 -60.44
N ALA MA 299 67.11 84.41 -60.83
CA ALA MA 299 65.83 85.06 -60.60
C ALA MA 299 65.50 85.13 -59.10
N SER MA 300 65.91 84.12 -58.33
CA SER MA 300 65.49 83.95 -56.94
C SER MA 300 66.47 84.59 -55.96
N MET MA 301 67.59 85.12 -56.47
CA MET MA 301 68.55 85.83 -55.62
C MET MA 301 67.85 87.06 -55.05
N MET MA 302 68.10 87.33 -53.77
CA MET MA 302 67.27 88.27 -53.02
C MET MA 302 68.05 89.55 -52.69
N ALA MA 303 68.85 90.03 -53.65
CA ALA MA 303 69.56 91.29 -53.50
C ALA MA 303 69.76 91.97 -54.87
N LYS MA 304 69.13 91.48 -55.95
CA LYS MA 304 69.09 92.18 -57.24
C LYS MA 304 70.47 92.42 -57.86
N CYS MA 305 71.14 91.34 -58.23
CA CYS MA 305 72.26 91.42 -59.14
C CYS MA 305 72.43 90.05 -59.78
N ASP MA 306 72.67 90.03 -61.10
CA ASP MA 306 72.87 88.77 -61.78
C ASP MA 306 74.25 88.23 -61.40
N PRO MA 307 74.35 87.02 -60.81
CA PRO MA 307 75.67 86.52 -60.42
C PRO MA 307 76.50 85.99 -61.58
N ARG MA 308 75.91 85.95 -62.78
CA ARG MA 308 76.65 85.53 -63.95
C ARG MA 308 77.67 86.58 -64.40
N HIS MA 309 77.50 87.84 -63.97
CA HIS MA 309 78.50 88.87 -64.24
C HIS MA 309 79.42 89.10 -63.04
N GLY MA 310 79.71 88.02 -62.32
CA GLY MA 310 80.75 88.01 -61.31
C GLY MA 310 81.13 86.58 -60.92
N LYS MA 311 82.16 86.46 -60.09
CA LYS MA 311 82.71 85.18 -59.72
C LYS MA 311 82.44 84.91 -58.25
N TYR MA 312 81.91 83.72 -57.97
CA TYR MA 312 81.62 83.32 -56.60
C TYR MA 312 82.92 83.11 -55.84
N MET MA 313 82.84 83.36 -54.53
CA MET MA 313 84.06 83.45 -53.76
C MET MA 313 84.01 82.52 -52.56
N ALA MA 314 82.84 82.41 -51.92
CA ALA MA 314 82.54 81.50 -50.83
C ALA MA 314 81.03 81.33 -50.79
N CYS MA 315 80.53 80.18 -50.30
CA CYS MA 315 79.11 79.90 -50.44
C CYS MA 315 78.63 79.00 -49.30
N CYS MA 316 77.53 79.40 -48.64
CA CYS MA 316 77.00 78.71 -47.47
C CYS MA 316 75.55 78.29 -47.73
N LEU MA 317 75.22 77.03 -47.40
CA LEU MA 317 73.88 76.49 -47.58
C LEU MA 317 73.35 76.06 -46.21
N MET MA 318 72.06 76.34 -45.96
CA MET MA 318 71.40 76.11 -44.68
C MET MA 318 70.17 75.25 -44.91
N TYR MA 319 70.37 73.93 -44.98
CA TYR MA 319 69.24 73.05 -45.18
C TYR MA 319 68.47 72.89 -43.89
N ARG MA 320 67.16 72.79 -44.05
CA ARG MA 320 66.28 72.78 -42.92
C ARG MA 320 65.07 71.91 -43.24
N GLY MA 321 65.00 70.75 -42.61
CA GLY MA 321 63.85 69.88 -42.82
C GLY MA 321 64.24 68.42 -42.69
N ASP MA 322 63.55 67.58 -43.45
CA ASP MA 322 63.81 66.14 -43.50
C ASP MA 322 64.88 65.82 -44.55
N VAL MA 323 66.04 66.45 -44.43
CA VAL MA 323 67.06 66.40 -45.47
C VAL MA 323 68.13 65.40 -45.08
N VAL MA 324 68.40 64.47 -46.01
CA VAL MA 324 69.35 63.38 -45.82
C VAL MA 324 70.74 63.87 -46.22
N PRO MA 325 71.83 63.45 -45.51
CA PRO MA 325 73.18 63.88 -45.84
C PRO MA 325 73.73 63.54 -47.23
N LYS MA 326 73.11 62.59 -47.95
CA LYS MA 326 73.63 62.31 -49.28
C LYS MA 326 73.16 63.38 -50.25
N ASP MA 327 71.86 63.72 -50.25
CA ASP MA 327 71.30 64.55 -51.30
C ASP MA 327 71.81 65.98 -51.26
N VAL MA 328 72.43 66.40 -50.16
CA VAL MA 328 73.11 67.70 -50.21
C VAL MA 328 74.38 67.54 -51.03
N ASN MA 329 75.06 66.41 -50.82
CA ASN MA 329 76.33 66.17 -51.49
C ASN MA 329 76.15 65.83 -52.96
N ALA MA 330 75.13 65.00 -53.28
CA ALA MA 330 74.89 64.54 -54.65
C ALA MA 330 74.45 65.70 -55.55
N ALA MA 331 73.86 66.73 -54.92
CA ALA MA 331 73.27 67.86 -55.65
C ALA MA 331 74.22 69.05 -55.75
N VAL MA 332 75.15 69.16 -54.79
CA VAL MA 332 76.16 70.22 -54.79
C VAL MA 332 77.24 69.91 -55.82
N ALA MA 333 77.40 68.62 -56.15
CA ALA MA 333 78.34 68.23 -57.19
C ALA MA 333 77.86 68.72 -58.57
N THR MA 334 76.55 68.69 -58.78
CA THR MA 334 75.99 69.13 -60.06
C THR MA 334 76.08 70.65 -60.21
N ILE MA 335 75.89 71.37 -59.09
CA ILE MA 335 76.09 72.81 -59.09
C ILE MA 335 77.54 73.14 -59.42
N LYS MA 336 78.49 72.41 -58.81
CA LYS MA 336 79.89 72.66 -59.04
C LYS MA 336 80.31 72.40 -60.48
N THR MA 337 79.73 71.36 -61.11
CA THR MA 337 80.20 70.95 -62.42
C THR MA 337 79.67 71.87 -63.53
N LYS MA 338 78.64 72.67 -63.24
CA LYS MA 338 78.03 73.50 -64.27
C LYS MA 338 78.76 74.84 -64.36
N ARG MA 339 79.25 75.17 -65.56
CA ARG MA 339 80.23 76.26 -65.69
C ARG MA 339 79.58 77.64 -65.87
N THR MA 340 78.25 77.71 -66.00
CA THR MA 340 77.59 79.01 -65.97
C THR MA 340 77.73 79.67 -64.59
N ILE MA 341 77.86 78.85 -63.55
CA ILE MA 341 78.17 79.30 -62.21
C ILE MA 341 79.63 78.96 -61.94
N GLN MA 342 80.44 79.97 -61.74
CA GLN MA 342 81.89 79.75 -61.79
C GLN MA 342 82.52 80.17 -60.47
N PHE MA 343 83.66 79.53 -60.21
CA PHE MA 343 84.37 79.63 -58.94
C PHE MA 343 85.62 80.47 -59.17
N VAL MA 344 86.04 81.25 -58.16
CA VAL MA 344 87.27 82.00 -58.31
C VAL MA 344 88.46 81.04 -58.39
N ASP MA 345 89.58 81.52 -58.92
CA ASP MA 345 90.82 80.79 -59.09
C ASP MA 345 91.29 80.15 -57.78
N TRP MA 346 91.33 80.93 -56.70
CA TRP MA 346 92.09 80.56 -55.52
C TRP MA 346 91.20 79.87 -54.48
N CYS MA 347 89.98 79.49 -54.86
CA CYS MA 347 89.04 78.90 -53.92
C CYS MA 347 88.56 77.58 -54.52
N PRO MA 348 89.39 76.51 -54.60
CA PRO MA 348 88.91 75.26 -55.19
C PRO MA 348 87.89 74.59 -54.28
N THR MA 349 88.09 74.59 -52.97
CA THR MA 349 87.05 74.23 -52.02
C THR MA 349 86.10 75.42 -51.83
N GLY MA 350 84.83 75.26 -52.15
CA GLY MA 350 84.02 76.47 -52.09
C GLY MA 350 82.57 76.33 -51.62
N PHE MA 351 82.38 75.61 -50.50
CA PHE MA 351 81.05 75.44 -49.93
C PHE MA 351 81.11 75.21 -48.42
N LYS MA 352 80.05 75.63 -47.72
CA LYS MA 352 79.77 75.23 -46.36
C LYS MA 352 78.31 74.77 -46.31
N CYS MA 353 78.09 73.59 -45.73
CA CYS MA 353 76.75 73.00 -45.76
C CYS MA 353 76.26 72.82 -44.32
N GLY MA 354 74.97 73.04 -44.06
CA GLY MA 354 74.40 72.88 -42.73
C GLY MA 354 73.01 72.27 -42.79
N ILE MA 355 72.75 71.27 -41.92
CA ILE MA 355 71.45 70.62 -41.89
C ILE MA 355 70.87 70.78 -40.49
N ASN MA 356 69.59 71.16 -40.43
CA ASN MA 356 68.83 71.15 -39.19
C ASN MA 356 67.61 70.26 -39.36
N TYR MA 357 67.23 69.59 -38.27
CA TYR MA 357 66.19 68.58 -38.32
C TYR MA 357 64.79 69.17 -38.27
N GLN MA 358 64.66 70.36 -37.70
CA GLN MA 358 63.34 70.90 -37.46
C GLN MA 358 62.72 71.35 -38.78
N PRO MA 359 61.52 70.82 -39.13
CA PRO MA 359 60.83 71.27 -40.35
C PRO MA 359 60.32 72.69 -40.15
N PRO MA 360 60.25 73.51 -41.23
CA PRO MA 360 59.84 74.90 -41.09
C PRO MA 360 58.42 75.11 -40.57
N THR MA 361 58.23 76.22 -39.87
CA THR MA 361 56.93 76.57 -39.28
C THR MA 361 56.15 77.49 -40.23
N VAL MA 362 54.88 77.12 -40.44
CA VAL MA 362 53.96 77.90 -41.25
C VAL MA 362 53.16 78.78 -40.30
N VAL MA 363 53.05 80.06 -40.68
CA VAL MA 363 52.22 80.99 -39.95
C VAL MA 363 50.83 80.95 -40.57
N PRO MA 364 49.76 80.76 -39.77
CA PRO MA 364 48.40 80.83 -40.32
C PRO MA 364 48.07 82.26 -40.73
N GLY MA 365 47.64 82.42 -41.99
CA GLY MA 365 47.38 83.74 -42.54
C GLY MA 365 48.49 84.23 -43.49
N GLY MA 366 49.71 83.66 -43.33
CA GLY MA 366 50.76 83.90 -44.29
C GLY MA 366 50.47 83.20 -45.61
N ASP MA 367 51.19 83.60 -46.65
CA ASP MA 367 50.86 83.13 -47.99
C ASP MA 367 51.65 81.88 -48.38
N LEU MA 368 52.61 81.48 -47.54
CA LEU MA 368 53.44 80.29 -47.77
C LEU MA 368 52.65 79.01 -47.48
N ALA MA 369 53.12 77.85 -47.95
CA ALA MA 369 52.38 76.61 -47.75
C ALA MA 369 53.26 75.55 -47.10
N LYS MA 370 52.65 74.43 -46.68
CA LYS MA 370 53.37 73.46 -45.87
C LYS MA 370 54.37 72.65 -46.69
N VAL MA 371 55.63 72.73 -46.29
CA VAL MA 371 56.71 72.04 -46.95
C VAL MA 371 57.47 71.25 -45.90
N MET MA 372 58.11 70.21 -46.41
CA MET MA 372 58.85 69.28 -45.58
C MET MA 372 60.32 69.70 -45.45
N ARG MA 373 60.79 70.63 -46.30
CA ARG MA 373 62.20 71.01 -46.33
C ARG MA 373 62.40 72.32 -47.10
N ALA MA 374 63.49 73.01 -46.77
CA ALA MA 374 63.80 74.32 -47.32
C ALA MA 374 65.29 74.58 -47.25
N VAL MA 375 65.76 75.50 -48.09
CA VAL MA 375 67.16 75.88 -48.12
C VAL MA 375 67.27 77.39 -48.03
N CYS MA 376 68.17 77.85 -47.16
CA CYS MA 376 68.58 79.24 -47.16
C CYS MA 376 70.03 79.30 -47.65
N MET MA 377 70.41 80.47 -48.20
CA MET MA 377 71.65 80.65 -48.93
C MET MA 377 72.28 81.99 -48.55
N ILE MA 378 73.59 82.00 -48.30
CA ILE MA 378 74.39 83.21 -48.17
C ILE MA 378 75.63 83.02 -49.02
N SER MA 379 75.86 83.90 -49.98
CA SER MA 379 76.96 83.71 -50.93
C SER MA 379 77.71 85.02 -51.12
N ASN MA 380 79.04 84.92 -51.22
CA ASN MA 380 79.90 86.07 -51.45
C ASN MA 380 80.41 85.98 -52.90
N SER MA 381 80.30 87.10 -53.62
CA SER MA 381 80.75 87.15 -55.00
C SER MA 381 81.46 88.46 -55.30
N THR MA 382 82.22 88.53 -56.39
CA THR MA 382 82.72 89.78 -56.96
C THR MA 382 81.72 90.34 -57.97
N ALA MA 383 80.44 89.96 -57.82
CA ALA MA 383 79.33 90.58 -58.53
C ALA MA 383 78.79 91.79 -57.76
N ILE MA 384 79.39 92.08 -56.61
CA ILE MA 384 79.02 93.19 -55.76
C ILE MA 384 79.83 94.44 -56.15
N ALA MA 385 80.78 94.27 -57.09
CA ALA MA 385 81.48 95.38 -57.73
C ALA MA 385 80.52 96.32 -58.47
N GLU MA 386 79.34 95.80 -58.84
CA GLU MA 386 78.40 96.58 -59.63
C GLU MA 386 77.42 97.34 -58.73
N VAL MA 387 77.15 96.79 -57.54
CA VAL MA 387 76.20 97.44 -56.64
C VAL MA 387 76.86 98.62 -55.94
N PHE MA 388 78.20 98.67 -55.96
CA PHE MA 388 78.93 99.80 -55.41
C PHE MA 388 79.32 100.81 -56.48
N SER MA 389 79.64 100.33 -57.68
CA SER MA 389 80.03 101.23 -58.77
C SER MA 389 78.82 102.02 -59.29
N ARG MA 390 77.65 101.36 -59.31
CA ARG MA 390 76.40 102.06 -59.58
C ARG MA 390 76.13 103.09 -58.49
N MET MA 391 76.45 102.71 -57.24
CA MET MA 391 76.27 103.59 -56.08
C MET MA 391 77.19 104.80 -56.19
N ASP MA 392 78.35 104.63 -56.84
CA ASP MA 392 79.27 105.73 -57.04
C ASP MA 392 78.74 106.73 -58.06
N HIS MA 393 77.99 106.21 -59.05
CA HIS MA 393 77.49 107.02 -60.15
C HIS MA 393 76.48 108.06 -59.64
N LYS MA 394 75.59 107.62 -58.75
CA LYS MA 394 74.48 108.44 -58.30
C LYS MA 394 74.98 109.49 -57.31
N PHE MA 395 76.02 109.14 -56.54
CA PHE MA 395 76.56 110.07 -55.56
C PHE MA 395 77.37 111.18 -56.23
N ASP MA 396 78.01 110.85 -57.36
CA ASP MA 396 78.79 111.84 -58.11
C ASP MA 396 77.92 112.72 -58.99
N LEU MA 397 76.72 112.23 -59.35
CA LEU MA 397 75.81 113.09 -60.12
C LEU MA 397 75.25 114.23 -59.27
N MET MA 398 74.90 113.95 -58.02
CA MET MA 398 74.37 114.99 -57.16
C MET MA 398 75.48 115.90 -56.63
N TYR MA 399 76.61 115.30 -56.26
CA TYR MA 399 77.70 116.01 -55.61
C TYR MA 399 78.40 116.97 -56.59
N ALA MA 400 78.30 116.73 -57.89
CA ALA MA 400 78.89 117.60 -58.89
C ALA MA 400 78.19 118.96 -58.91
N LYS MA 401 76.85 118.96 -58.79
CA LYS MA 401 76.08 120.20 -58.70
C LYS MA 401 75.96 120.65 -57.25
N ARG MA 402 76.58 119.89 -56.32
CA ARG MA 402 76.67 120.22 -54.91
C ARG MA 402 75.25 120.34 -54.32
N ALA MA 403 74.45 119.29 -54.56
CA ALA MA 403 73.04 119.27 -54.20
C ALA MA 403 72.85 118.68 -52.80
N PHE MA 404 71.84 119.21 -52.08
CA PHE MA 404 71.44 118.74 -50.77
C PHE MA 404 72.59 118.78 -49.76
N VAL MA 405 73.58 119.67 -49.97
CA VAL MA 405 74.74 119.68 -49.09
C VAL MA 405 74.51 120.53 -47.84
N HIS MA 406 73.66 121.56 -47.96
CA HIS MA 406 73.38 122.46 -46.85
C HIS MA 406 72.60 121.75 -45.75
N TRP MA 407 71.85 120.70 -46.10
CA TRP MA 407 71.19 119.87 -45.10
C TRP MA 407 72.18 119.05 -44.28
N TYR MA 408 73.40 118.88 -44.81
CA TYR MA 408 74.41 118.05 -44.17
C TYR MA 408 75.45 118.91 -43.44
N VAL MA 409 75.83 120.05 -44.04
CA VAL MA 409 76.89 120.88 -43.49
C VAL MA 409 76.39 121.64 -42.25
N GLY MA 410 75.08 121.93 -42.21
CA GLY MA 410 74.50 122.80 -41.19
C GLY MA 410 74.11 122.02 -39.93
N GLU MA 411 74.30 120.70 -39.91
CA GLU MA 411 73.84 119.87 -38.81
C GLU MA 411 74.98 119.38 -37.92
N GLY MA 412 76.23 119.75 -38.26
CA GLY MA 412 77.38 119.37 -37.45
C GLY MA 412 78.60 118.89 -38.24
N MET MA 413 78.39 118.19 -39.35
CA MET MA 413 79.48 117.55 -40.08
C MET MA 413 80.05 118.51 -41.13
N GLU MA 414 81.38 118.53 -41.23
CA GLU MA 414 82.08 119.54 -42.00
C GLU MA 414 82.33 119.02 -43.41
N GLU MA 415 82.84 119.92 -44.26
CA GLU MA 415 83.28 119.54 -45.58
C GLU MA 415 84.54 118.68 -45.47
N GLY MA 416 84.45 117.47 -46.03
CA GLY MA 416 85.58 116.55 -45.94
C GLY MA 416 85.12 115.10 -45.77
N GLU MA 417 83.95 114.93 -45.13
CA GLU MA 417 83.36 113.60 -45.05
C GLU MA 417 82.76 113.20 -46.40
N PHE MA 418 82.52 114.20 -47.26
CA PHE MA 418 82.05 113.89 -48.60
C PHE MA 418 83.20 113.31 -49.44
N SER MA 419 84.36 113.95 -49.36
CA SER MA 419 85.53 113.47 -50.09
C SER MA 419 86.06 112.19 -49.46
N GLU MA 420 85.90 112.03 -48.14
CA GLU MA 420 86.35 110.82 -47.45
C GLU MA 420 85.49 109.61 -47.86
N ALA MA 421 84.17 109.82 -47.98
CA ALA MA 421 83.25 108.73 -48.30
C ALA MA 421 83.48 108.23 -49.73
N ARG MA 422 83.81 109.15 -50.63
CA ARG MA 422 84.16 108.79 -51.99
C ARG MA 422 85.47 107.98 -52.04
N GLU MA 423 86.52 108.49 -51.39
CA GLU MA 423 87.83 107.87 -51.47
C GLU MA 423 87.83 106.51 -50.77
N ASP MA 424 86.96 106.34 -49.77
CA ASP MA 424 86.84 105.05 -49.12
C ASP MA 424 86.01 104.08 -49.97
N LEU MA 425 84.92 104.57 -50.58
CA LEU MA 425 84.12 103.72 -51.46
C LEU MA 425 84.90 103.34 -52.71
N ALA MA 426 85.63 104.30 -53.28
CA ALA MA 426 86.47 104.04 -54.45
C ALA MA 426 87.66 103.15 -54.09
N ALA MA 427 88.02 103.10 -52.80
CA ALA MA 427 89.04 102.16 -52.36
C ALA MA 427 88.47 100.74 -52.37
N LEU MA 428 87.19 100.60 -52.02
CA LEU MA 428 86.55 99.28 -51.98
C LEU MA 428 86.36 98.73 -53.39
N GLU MA 429 86.20 99.62 -54.38
CA GLU MA 429 86.11 99.22 -55.78
C GLU MA 429 87.41 98.56 -56.21
N LYS MA 430 88.54 99.24 -55.95
CA LYS MA 430 89.86 98.73 -56.27
C LYS MA 430 90.18 97.50 -55.43
N ASP MA 431 89.54 97.42 -54.26
CA ASP MA 431 89.75 96.26 -53.40
C ASP MA 431 89.08 95.01 -53.98
N TYR MA 432 87.85 95.16 -54.45
CA TYR MA 432 87.14 94.04 -55.07
C TYR MA 432 87.79 93.60 -56.37
N GLU MA 433 88.31 94.57 -57.13
CA GLU MA 433 88.78 94.31 -58.48
C GLU MA 433 90.11 93.55 -58.47
N GLU MA 434 90.87 93.60 -57.36
CA GLU MA 434 92.07 92.76 -57.23
C GLU MA 434 91.75 91.31 -56.83
N VAL MA 435 90.73 91.18 -55.98
CA VAL MA 435 90.44 89.90 -55.34
C VAL MA 435 89.85 88.92 -56.38
N GLY MA 436 88.87 89.40 -57.12
CA GLY MA 436 88.04 88.46 -57.86
C GLY MA 436 88.60 88.12 -59.22
N ILE MA 437 89.79 88.67 -59.56
CA ILE MA 437 90.31 88.32 -60.88
C ILE MA 437 90.96 86.93 -60.83
N MET NA 1 52.61 113.99 -27.41
CA MET NA 1 53.20 113.67 -28.73
C MET NA 1 53.22 114.96 -29.56
N ARG NA 2 53.15 114.78 -30.86
CA ARG NA 2 53.12 115.88 -31.80
C ARG NA 2 51.75 116.52 -31.77
N GLU NA 3 51.77 117.86 -31.81
CA GLU NA 3 50.59 118.62 -32.16
C GLU NA 3 50.95 119.51 -33.35
N ILE NA 4 49.93 119.97 -34.06
CA ILE NA 4 50.10 121.01 -35.06
C ILE NA 4 49.25 122.20 -34.63
N VAL NA 5 49.90 123.35 -34.46
CA VAL NA 5 49.21 124.60 -34.17
C VAL NA 5 48.80 125.21 -35.51
N HIS NA 6 47.48 125.40 -35.64
CA HIS NA 6 46.94 125.95 -36.87
C HIS NA 6 46.76 127.45 -36.69
N VAL NA 7 47.30 128.21 -37.65
CA VAL NA 7 47.16 129.65 -37.65
C VAL NA 7 46.53 130.03 -38.97
N GLN NA 8 45.39 130.72 -38.92
CA GLN NA 8 44.67 131.09 -40.12
C GLN NA 8 44.38 132.58 -40.09
N GLY NA 9 44.72 133.26 -41.18
CA GLY NA 9 44.75 134.72 -41.20
C GLY NA 9 44.01 135.30 -42.40
N GLY NA 10 43.33 136.44 -42.13
CA GLY NA 10 42.57 137.18 -43.14
C GLY NA 10 41.15 136.65 -43.37
N GLN NA 11 40.42 137.28 -44.31
CA GLN NA 11 39.18 136.83 -44.92
C GLN NA 11 39.33 135.39 -45.42
N CYS NA 12 40.50 135.12 -46.03
CA CYS NA 12 40.65 133.89 -46.77
C CYS NA 12 40.91 132.76 -45.77
N GLY NA 13 41.81 133.04 -44.81
CA GLY NA 13 42.21 132.03 -43.84
C GLY NA 13 41.04 131.59 -42.97
N ASN NA 14 40.10 132.51 -42.74
CA ASN NA 14 38.94 132.20 -41.93
C ASN NA 14 37.99 131.29 -42.71
N GLN NA 15 37.84 131.54 -44.03
CA GLN NA 15 36.90 130.80 -44.85
C GLN NA 15 37.51 129.47 -45.34
N ILE NA 16 38.84 129.45 -45.50
CA ILE NA 16 39.49 128.24 -45.95
C ILE NA 16 39.73 127.30 -44.77
N GLY NA 17 39.74 127.84 -43.54
CA GLY NA 17 40.02 127.02 -42.39
C GLY NA 17 38.72 126.63 -41.69
N ALA NA 18 37.62 127.30 -42.00
CA ALA NA 18 36.35 126.84 -41.47
C ALA NA 18 36.02 125.47 -42.03
N LYS NA 19 36.37 125.25 -43.29
CA LYS NA 19 36.12 124.01 -43.99
C LYS NA 19 37.18 122.96 -43.65
N PHE NA 20 38.40 123.41 -43.37
CA PHE NA 20 39.45 122.48 -42.97
C PHE NA 20 39.09 121.82 -41.63
N TRP NA 21 38.56 122.61 -40.71
CA TRP NA 21 38.16 122.08 -39.42
C TRP NA 21 36.88 121.26 -39.50
N GLU NA 22 36.13 121.48 -40.57
CA GLU NA 22 34.89 120.74 -40.74
C GLU NA 22 35.20 119.32 -41.22
N VAL NA 23 36.26 119.14 -42.01
CA VAL NA 23 36.54 117.82 -42.55
C VAL NA 23 37.36 117.00 -41.55
N ILE NA 24 38.19 117.67 -40.75
CA ILE NA 24 38.96 117.00 -39.71
C ILE NA 24 38.02 116.47 -38.63
N SER NA 25 37.01 117.28 -38.27
CA SER NA 25 36.02 116.87 -37.28
C SER NA 25 35.17 115.70 -37.80
N ASP NA 26 34.88 115.71 -39.11
CA ASP NA 26 34.10 114.64 -39.69
C ASP NA 26 34.93 113.36 -39.79
N GLU NA 27 36.23 113.52 -40.03
CA GLU NA 27 37.14 112.40 -40.18
C GLU NA 27 37.34 111.72 -38.82
N HIS NA 28 37.46 112.53 -37.76
CA HIS NA 28 37.67 112.03 -36.41
C HIS NA 28 36.36 111.80 -35.66
N GLY NA 29 35.22 112.11 -36.28
CA GLY NA 29 33.90 111.82 -35.69
C GLY NA 29 33.54 112.74 -34.52
N ILE NA 30 33.79 114.05 -34.70
CA ILE NA 30 33.37 115.05 -33.74
C ILE NA 30 32.06 115.67 -34.22
N ASP NA 31 31.05 115.63 -33.34
CA ASP NA 31 29.78 116.29 -33.58
C ASP NA 31 29.99 117.80 -33.59
N PRO NA 32 29.11 118.60 -34.23
CA PRO NA 32 29.15 120.07 -34.14
C PRO NA 32 29.12 120.63 -32.72
N THR NA 33 28.52 119.85 -31.80
CA THR NA 33 28.41 120.27 -30.42
C THR NA 33 29.68 119.99 -29.62
N GLY NA 34 30.63 119.24 -30.18
CA GLY NA 34 31.96 119.07 -29.60
C GLY NA 34 32.27 117.63 -29.22
N THR NA 35 31.23 116.85 -28.86
CA THR NA 35 31.39 115.49 -28.39
C THR NA 35 31.82 114.57 -29.53
N TYR NA 36 31.96 113.29 -29.17
CA TYR NA 36 32.39 112.26 -30.11
C TYR NA 36 31.26 111.27 -30.32
N CYS NA 37 31.09 110.87 -31.58
CA CYS NA 37 30.22 109.74 -31.87
C CYS NA 37 30.90 108.88 -32.94
N GLY NA 38 30.90 107.55 -32.68
CA GLY NA 38 31.38 106.59 -33.65
C GLY NA 38 32.15 105.39 -33.07
N ASP NA 39 32.34 105.34 -31.74
CA ASP NA 39 32.88 104.23 -30.95
C ASP NA 39 33.96 103.36 -31.62
N SER NA 40 34.98 104.02 -32.18
CA SER NA 40 36.13 103.34 -32.77
C SER NA 40 37.43 103.95 -32.24
N ASP NA 41 38.40 103.07 -32.08
CA ASP NA 41 39.63 103.43 -31.39
C ASP NA 41 40.53 104.28 -32.29
N LEU NA 42 40.65 103.87 -33.56
CA LEU NA 42 41.58 104.57 -34.47
C LEU NA 42 41.13 105.99 -34.78
N GLN NA 43 39.84 106.25 -34.56
CA GLN NA 43 39.31 107.61 -34.68
C GLN NA 43 39.99 108.55 -33.69
N LEU NA 44 40.36 108.02 -32.52
CA LEU NA 44 40.65 108.85 -31.35
C LEU NA 44 42.08 108.66 -30.83
N GLU NA 45 42.80 107.68 -31.35
CA GLU NA 45 44.11 107.32 -30.79
C GLU NA 45 45.21 108.34 -31.12
N ARG NA 46 45.04 109.06 -32.22
CA ARG NA 46 45.84 110.24 -32.49
C ARG NA 46 44.89 111.41 -32.71
N ILE NA 47 44.46 111.97 -31.58
CA ILE NA 47 43.54 113.09 -31.62
C ILE NA 47 44.26 114.36 -31.21
N ASN NA 48 45.44 114.19 -30.58
CA ASN NA 48 46.12 115.31 -29.93
C ASN NA 48 46.98 116.09 -30.92
N VAL NA 49 47.01 115.67 -32.18
CA VAL NA 49 47.72 116.42 -33.20
C VAL NA 49 46.93 117.67 -33.56
N PHE NA 50 45.60 117.64 -33.34
CA PHE NA 50 44.71 118.69 -33.80
C PHE NA 50 43.69 119.17 -32.77
N TYR NA 51 43.51 118.44 -31.66
CA TYR NA 51 42.50 118.78 -30.66
C TYR NA 51 43.10 118.84 -29.25
N ASN NA 52 42.30 119.37 -28.31
CA ASN NA 52 42.60 119.46 -26.88
C ASN NA 52 41.33 119.10 -26.09
N GLU NA 53 41.45 118.41 -24.95
CA GLU NA 53 40.30 118.18 -24.07
C GLU NA 53 39.93 119.49 -23.36
N ALA NA 54 38.63 119.74 -23.17
CA ALA NA 54 38.20 121.02 -22.63
C ALA NA 54 37.39 120.92 -21.33
N THR NA 55 37.80 120.07 -20.39
CA THR NA 55 37.22 119.89 -19.06
C THR NA 55 35.68 119.73 -19.02
N GLY NA 56 35.04 119.65 -20.19
CA GLY NA 56 33.59 119.50 -20.27
C GLY NA 56 33.24 118.34 -21.21
N GLY NA 57 34.28 117.57 -21.57
CA GLY NA 57 34.18 116.36 -22.38
C GLY NA 57 34.34 116.61 -23.89
N ARG NA 58 34.46 117.88 -24.26
CA ARG NA 58 34.50 118.27 -25.65
C ARG NA 58 35.93 118.54 -26.11
N PHE NA 59 36.11 118.53 -27.44
CA PHE NA 59 37.39 118.80 -28.05
C PHE NA 59 37.39 120.16 -28.72
N VAL NA 60 38.48 120.90 -28.47
CA VAL NA 60 38.63 122.22 -29.01
C VAL NA 60 39.84 122.20 -29.93
N PRO NA 61 39.68 122.71 -31.15
CA PRO NA 61 40.81 122.76 -32.08
C PRO NA 61 41.92 123.69 -31.56
N ARG NA 62 43.16 123.35 -31.92
CA ARG NA 62 44.32 124.18 -31.64
C ARG NA 62 44.52 125.24 -32.74
N ALA NA 63 43.47 126.04 -32.92
CA ALA NA 63 43.36 126.99 -34.01
C ALA NA 63 43.60 128.40 -33.46
N ILE NA 64 44.32 129.25 -34.20
CA ILE NA 64 44.53 130.65 -33.87
C ILE NA 64 43.93 131.49 -34.99
N LEU NA 65 42.72 132.00 -34.73
CA LEU NA 65 42.06 132.94 -35.63
C LEU NA 65 42.74 134.29 -35.51
N MET NA 66 42.79 135.02 -36.65
CA MET NA 66 43.62 136.19 -36.80
C MET NA 66 43.14 137.01 -38.01
N ASP NA 67 42.67 138.21 -37.65
CA ASP NA 67 42.27 139.19 -38.64
C ASP NA 67 42.35 140.58 -38.01
N LEU NA 68 42.45 141.58 -38.88
CA LEU NA 68 42.54 142.97 -38.46
C LEU NA 68 41.19 143.69 -38.46
N GLU NA 69 40.12 142.98 -38.86
CA GLU NA 69 38.79 143.58 -38.90
C GLU NA 69 37.75 142.55 -38.47
N PRO NA 70 36.71 142.93 -37.70
CA PRO NA 70 35.79 141.97 -37.11
C PRO NA 70 34.66 141.47 -38.00
N GLY NA 71 34.84 141.56 -39.32
CA GLY NA 71 33.79 141.18 -40.26
C GLY NA 71 33.57 139.66 -40.32
N THR NA 72 34.63 138.96 -40.73
CA THR NA 72 34.54 137.54 -41.11
C THR NA 72 34.48 136.63 -39.88
N MET NA 73 34.89 137.14 -38.72
CA MET NA 73 34.82 136.34 -37.50
C MET NA 73 33.40 136.20 -36.93
N ASP NA 74 32.53 137.18 -37.22
CA ASP NA 74 31.12 137.06 -36.87
C ASP NA 74 30.45 136.00 -37.74
N SER NA 75 30.92 135.87 -38.99
CA SER NA 75 30.35 134.92 -39.93
C SER NA 75 30.77 133.48 -39.57
N VAL NA 76 32.06 133.29 -39.28
CA VAL NA 76 32.60 131.97 -39.01
C VAL NA 76 32.13 131.46 -37.65
N ARG NA 77 31.80 132.37 -36.72
CA ARG NA 77 31.27 131.95 -35.43
C ARG NA 77 29.82 131.48 -35.58
N ALA NA 78 29.01 132.24 -36.34
CA ALA NA 78 27.57 132.02 -36.43
C ALA NA 78 27.25 130.84 -37.34
N GLY NA 79 28.20 130.43 -38.19
CA GLY NA 79 28.01 129.32 -39.11
C GLY NA 79 27.97 127.97 -38.39
N PRO NA 80 27.58 126.85 -39.04
CA PRO NA 80 27.71 125.54 -38.41
C PRO NA 80 29.18 125.15 -38.34
N PHE NA 81 29.55 124.43 -37.28
CA PHE NA 81 30.92 124.19 -36.81
C PHE NA 81 31.66 125.52 -36.64
N GLY NA 82 30.97 126.46 -36.03
CA GLY NA 82 31.52 127.73 -35.58
C GLY NA 82 31.68 127.70 -34.07
N GLN NA 83 30.86 126.90 -33.38
CA GLN NA 83 30.96 126.86 -31.93
C GLN NA 83 32.06 125.92 -31.50
N LEU NA 84 32.75 125.30 -32.46
CA LEU NA 84 33.89 124.46 -32.11
C LEU NA 84 35.10 125.30 -31.70
N PHE NA 85 35.23 126.48 -32.32
CA PHE NA 85 36.35 127.37 -32.03
C PHE NA 85 36.15 128.03 -30.67
N ARG NA 86 37.22 128.08 -29.88
CA ARG NA 86 37.17 128.67 -28.56
C ARG NA 86 37.12 130.18 -28.75
N PRO NA 87 36.25 130.92 -28.02
CA PRO NA 87 36.11 132.35 -28.26
C PRO NA 87 37.32 133.18 -27.84
N ASP NA 88 38.20 132.61 -27.01
CA ASP NA 88 39.44 133.30 -26.65
C ASP NA 88 40.56 133.12 -27.67
N ASN NA 89 40.29 132.35 -28.74
CA ASN NA 89 41.28 132.13 -29.79
C ASN NA 89 41.17 133.12 -30.95
N PHE NA 90 40.02 133.80 -31.05
CA PHE NA 90 39.91 134.89 -32.01
C PHE NA 90 40.74 136.05 -31.49
N VAL NA 91 41.44 136.71 -32.42
CA VAL NA 91 42.01 138.01 -32.15
C VAL NA 91 41.43 139.00 -33.16
N PHE NA 92 40.88 140.09 -32.62
CA PHE NA 92 40.27 141.11 -33.44
C PHE NA 92 41.24 142.27 -33.63
N GLY NA 93 41.04 142.94 -34.77
CA GLY NA 93 41.49 144.31 -34.89
C GLY NA 93 40.33 145.27 -34.75
N GLN NA 94 40.61 146.52 -35.14
CA GLN NA 94 39.56 147.52 -35.19
C GLN NA 94 39.53 148.26 -36.51
N THR NA 95 40.71 148.39 -37.13
CA THR NA 95 40.85 149.25 -38.29
C THR NA 95 40.70 148.45 -39.58
N GLY NA 96 41.58 147.46 -39.81
CA GLY NA 96 41.51 146.65 -41.02
C GLY NA 96 42.41 147.16 -42.16
N ALA NA 97 43.27 146.29 -42.69
CA ALA NA 97 44.17 146.63 -43.79
C ALA NA 97 43.38 146.69 -45.10
N GLY NA 98 43.51 147.79 -45.84
CA GLY NA 98 42.72 147.95 -47.05
C GLY NA 98 43.39 147.37 -48.29
N ASN NA 99 43.75 146.08 -48.25
CA ASN NA 99 44.54 145.50 -49.32
C ASN NA 99 45.86 146.26 -49.53
N ASN NA 100 46.43 146.67 -48.39
CA ASN NA 100 47.68 147.41 -48.37
C ASN NA 100 48.66 146.60 -47.55
N TRP NA 101 49.62 145.99 -48.24
CA TRP NA 101 50.63 145.17 -47.61
C TRP NA 101 51.52 145.99 -46.66
N ALA NA 102 51.68 147.29 -46.96
CA ALA NA 102 52.53 148.16 -46.17
C ALA NA 102 52.00 148.29 -44.74
N LYS NA 103 50.72 148.66 -44.63
CA LYS NA 103 50.20 148.91 -43.30
C LYS NA 103 49.78 147.61 -42.59
N GLY NA 104 49.57 146.54 -43.37
CA GLY NA 104 49.42 145.21 -42.81
C GLY NA 104 50.68 144.77 -42.05
N HIS NA 105 51.83 144.96 -42.72
CA HIS NA 105 53.09 144.54 -42.15
C HIS NA 105 53.57 145.52 -41.08
N TYR NA 106 53.74 146.79 -41.48
CA TYR NA 106 54.62 147.69 -40.71
C TYR NA 106 53.89 148.41 -39.60
N THR NA 107 52.83 149.16 -39.96
CA THR NA 107 52.39 150.23 -39.09
C THR NA 107 51.06 149.94 -38.40
N GLU NA 108 50.21 149.08 -38.98
CA GLU NA 108 48.91 148.84 -38.36
C GLU NA 108 48.81 147.42 -37.79
N GLY NA 109 49.44 146.44 -38.43
CA GLY NA 109 49.31 145.06 -37.93
C GLY NA 109 50.27 144.68 -36.80
N ALA NA 110 51.31 145.51 -36.62
CA ALA NA 110 52.32 145.40 -35.58
C ALA NA 110 51.71 145.69 -34.21
N GLU NA 111 50.57 146.37 -34.16
CA GLU NA 111 49.92 146.64 -32.89
C GLU NA 111 49.18 145.38 -32.41
N LEU NA 112 48.72 144.54 -33.35
CA LEU NA 112 48.01 143.32 -33.01
C LEU NA 112 48.92 142.11 -32.82
N ILE NA 113 50.23 142.26 -33.16
CA ILE NA 113 51.14 141.13 -33.13
C ILE NA 113 51.42 140.67 -31.70
N ASP NA 114 51.33 141.59 -30.73
CA ASP NA 114 51.58 141.28 -29.34
C ASP NA 114 50.49 140.37 -28.78
N SER NA 115 49.25 140.66 -29.21
CA SER NA 115 48.08 139.95 -28.71
C SER NA 115 48.00 138.54 -29.28
N VAL NA 116 48.52 138.36 -30.51
CA VAL NA 116 48.39 137.09 -31.19
C VAL NA 116 49.61 136.20 -30.92
N LEU NA 117 50.77 136.83 -30.65
CA LEU NA 117 51.97 136.10 -30.27
C LEU NA 117 51.77 135.42 -28.91
N ASP NA 118 50.91 136.03 -28.09
CA ASP NA 118 50.64 135.48 -26.77
C ASP NA 118 49.82 134.21 -26.87
N VAL NA 119 48.88 134.14 -27.81
CA VAL NA 119 47.96 133.01 -27.89
C VAL NA 119 48.62 131.84 -28.63
N VAL NA 120 49.54 132.17 -29.54
CA VAL NA 120 50.24 131.10 -30.23
C VAL NA 120 51.26 130.45 -29.27
N ARG NA 121 51.96 131.28 -28.48
CA ARG NA 121 52.95 130.81 -27.51
C ARG NA 121 52.31 129.92 -26.45
N LYS NA 122 51.06 130.24 -26.10
CA LYS NA 122 50.33 129.49 -25.08
C LYS NA 122 49.89 128.14 -25.63
N GLU NA 123 49.50 128.08 -26.92
CA GLU NA 123 49.09 126.82 -27.55
C GLU NA 123 50.28 125.87 -27.75
N ALA NA 124 51.43 126.39 -28.18
CA ALA NA 124 52.59 125.55 -28.48
C ALA NA 124 53.20 125.00 -27.19
N GLU NA 125 53.40 125.88 -26.22
CA GLU NA 125 54.05 125.49 -24.98
C GLU NA 125 53.10 124.73 -24.06
N GLY NA 126 51.78 124.86 -24.29
CA GLY NA 126 50.78 124.17 -23.48
C GLY NA 126 50.89 122.65 -23.58
N CYS NA 127 51.28 122.13 -24.75
CA CYS NA 127 51.54 120.71 -24.92
C CYS NA 127 52.92 120.38 -24.37
N ASP NA 128 53.42 119.16 -24.60
CA ASP NA 128 54.80 118.86 -24.22
C ASP NA 128 55.75 119.72 -25.05
N CYS NA 129 55.78 119.44 -26.35
CA CYS NA 129 56.29 120.38 -27.31
C CYS NA 129 55.74 120.03 -28.67
N LEU NA 130 55.61 121.07 -29.45
CA LEU NA 130 54.96 121.07 -30.73
C LEU NA 130 55.81 120.41 -31.81
N GLN NA 131 55.14 119.93 -32.88
CA GLN NA 131 55.83 119.51 -34.09
C GLN NA 131 56.06 120.74 -34.99
N GLY NA 132 55.00 121.52 -35.23
CA GLY NA 132 55.14 122.68 -36.08
C GLY NA 132 53.81 123.35 -36.37
N PHE NA 133 53.88 124.33 -37.27
CA PHE NA 133 52.74 125.17 -37.59
C PHE NA 133 52.34 124.96 -39.03
N GLN NA 134 51.06 125.19 -39.32
CA GLN NA 134 50.60 125.39 -40.68
C GLN NA 134 49.78 126.69 -40.73
N ILE NA 135 50.00 127.44 -41.83
CA ILE NA 135 49.44 128.78 -41.98
C ILE NA 135 48.70 128.86 -43.32
N THR NA 136 47.45 129.31 -43.26
CA THR NA 136 46.63 129.50 -44.46
C THR NA 136 46.29 130.97 -44.59
N HIS NA 137 46.54 131.53 -45.79
CA HIS NA 137 46.32 132.94 -46.06
C HIS NA 137 46.35 133.21 -47.57
N SER NA 138 45.90 134.42 -47.92
CA SER NA 138 46.02 134.99 -49.26
C SER NA 138 47.33 135.78 -49.35
N LEU NA 139 47.76 136.00 -50.60
CA LEU NA 139 48.84 136.94 -50.82
C LEU NA 139 48.35 138.19 -51.55
N GLY NA 140 47.13 138.12 -52.12
CA GLY NA 140 46.44 139.24 -52.73
C GLY NA 140 46.04 140.32 -51.72
N GLY NA 141 45.34 139.83 -50.68
CA GLY NA 141 44.77 140.62 -49.60
C GLY NA 141 45.87 141.29 -48.76
N GLY NA 142 45.44 142.05 -47.76
CA GLY NA 142 46.35 142.86 -46.97
C GLY NA 142 46.58 142.22 -45.62
N THR NA 143 45.49 141.87 -44.94
CA THR NA 143 45.59 141.36 -43.56
C THR NA 143 46.06 139.91 -43.53
N GLY NA 144 46.13 139.27 -44.70
CA GLY NA 144 46.75 137.96 -44.84
C GLY NA 144 48.23 138.03 -45.23
N SER NA 145 48.49 138.79 -46.31
CA SER NA 145 49.84 138.90 -46.85
C SER NA 145 50.71 139.78 -45.96
N GLY NA 146 50.10 140.76 -45.27
CA GLY NA 146 50.88 141.75 -44.54
C GLY NA 146 51.20 141.32 -43.10
N MET NA 147 50.14 141.07 -42.32
CA MET NA 147 50.27 140.80 -40.90
C MET NA 147 50.26 139.29 -40.61
N GLY NA 148 49.78 138.49 -41.57
CA GLY NA 148 50.02 137.04 -41.53
C GLY NA 148 51.49 136.67 -41.69
N THR NA 149 52.19 137.44 -42.54
CA THR NA 149 53.58 137.15 -42.85
C THR NA 149 54.51 137.56 -41.71
N LEU NA 150 54.21 138.68 -41.05
CA LEU NA 150 55.03 139.18 -39.95
C LEU NA 150 54.95 138.25 -38.73
N LEU NA 151 53.80 137.56 -38.61
CA LEU NA 151 53.65 136.52 -37.60
C LEU NA 151 54.61 135.36 -37.86
N ILE NA 152 54.80 135.00 -39.14
CA ILE NA 152 55.74 133.96 -39.51
C ILE NA 152 57.15 134.41 -39.12
N SER NA 153 57.50 135.68 -39.36
CA SER NA 153 58.84 136.19 -39.08
C SER NA 153 59.19 136.10 -37.59
N LYS NA 154 58.24 136.45 -36.72
CA LYS NA 154 58.50 136.41 -35.29
C LYS NA 154 58.44 134.99 -34.76
N VAL NA 155 57.62 134.13 -35.37
CA VAL NA 155 57.51 132.74 -34.95
C VAL NA 155 58.79 131.98 -35.27
N ARG NA 156 59.36 132.25 -36.45
CA ARG NA 156 60.60 131.63 -36.88
C ARG NA 156 61.76 132.06 -35.98
N GLU NA 157 61.65 133.22 -35.35
CA GLU NA 157 62.70 133.67 -34.44
C GLU NA 157 62.61 132.93 -33.10
N GLU NA 158 61.39 132.74 -32.62
CA GLU NA 158 61.22 132.15 -31.30
C GLU NA 158 61.32 130.61 -31.37
N TYR NA 159 60.82 130.02 -32.46
CA TYR NA 159 60.91 128.57 -32.62
C TYR NA 159 61.51 128.27 -33.97
N PRO NA 160 62.86 128.14 -34.04
CA PRO NA 160 63.51 127.97 -35.33
C PRO NA 160 63.28 126.60 -35.97
N ASP NA 161 63.40 125.55 -35.15
CA ASP NA 161 63.44 124.16 -35.51
C ASP NA 161 62.07 123.55 -35.79
N ARG NA 162 60.95 124.24 -35.54
CA ARG NA 162 59.66 123.68 -35.89
C ARG NA 162 59.47 123.70 -37.41
N ILE NA 163 58.51 122.92 -37.91
CA ILE NA 163 58.22 122.99 -39.33
C ILE NA 163 57.34 124.21 -39.61
N MET NA 164 57.52 124.81 -40.78
CA MET NA 164 56.84 126.05 -41.14
C MET NA 164 56.10 125.84 -42.47
N GLU NA 165 54.89 125.27 -42.39
CA GLU NA 165 54.13 124.90 -43.57
C GLU NA 165 53.12 126.00 -43.88
N THR NA 166 52.84 126.22 -45.17
CA THR NA 166 51.86 127.22 -45.54
C THR NA 166 51.11 126.83 -46.81
N PHE NA 167 49.80 127.11 -46.80
CA PHE NA 167 48.98 127.16 -48.00
C PHE NA 167 48.70 128.62 -48.31
N SER NA 168 49.05 129.02 -49.54
CA SER NA 168 48.91 130.40 -49.99
C SER NA 168 48.21 130.41 -51.35
N VAL NA 169 47.20 131.28 -51.47
CA VAL NA 169 46.55 131.45 -52.77
C VAL NA 169 47.17 132.65 -53.47
N PHE NA 170 47.70 132.40 -54.68
CA PHE NA 170 48.46 133.40 -55.41
C PHE NA 170 47.53 134.26 -56.25
N PRO NA 171 47.95 135.41 -56.79
CA PRO NA 171 47.26 136.03 -57.93
C PRO NA 171 47.13 135.11 -59.13
N SER NA 172 45.97 135.26 -59.75
CA SER NA 172 45.60 134.58 -60.97
C SER NA 172 46.09 135.32 -62.20
N PRO NA 173 46.41 134.60 -63.30
CA PRO NA 173 46.90 135.25 -64.52
C PRO NA 173 45.95 136.16 -65.27
N LYS NA 174 44.78 135.60 -65.59
CA LYS NA 174 43.89 136.21 -66.58
C LYS NA 174 43.15 137.41 -65.97
N VAL NA 175 42.26 137.15 -65.03
CA VAL NA 175 41.55 138.24 -64.39
C VAL NA 175 42.40 138.74 -63.22
N SER NA 176 42.14 140.01 -62.85
CA SER NA 176 42.94 140.69 -61.85
C SER NA 176 42.07 141.31 -60.75
N ASP NA 177 41.73 140.48 -59.76
CA ASP NA 177 41.04 140.93 -58.58
C ASP NA 177 42.11 141.45 -57.61
N THR NA 178 41.72 142.33 -56.68
CA THR NA 178 42.58 142.99 -55.70
C THR NA 178 43.67 143.77 -56.46
N VAL NA 179 43.28 144.85 -57.16
CA VAL NA 179 43.98 145.41 -58.31
C VAL NA 179 45.43 145.81 -58.03
N VAL NA 180 45.78 145.96 -56.75
CA VAL NA 180 47.18 146.00 -56.36
C VAL NA 180 47.64 144.57 -56.01
N GLU NA 181 47.77 143.74 -57.04
CA GLU NA 181 48.18 142.35 -56.80
C GLU NA 181 49.69 142.26 -56.72
N PRO NA 182 50.43 142.64 -57.80
CA PRO NA 182 51.85 142.32 -57.89
C PRO NA 182 52.67 143.00 -56.80
N TYR NA 183 52.14 144.04 -56.17
CA TYR NA 183 52.83 144.65 -55.03
C TYR NA 183 52.73 143.78 -53.77
N ASN NA 184 51.55 143.24 -53.51
CA ASN NA 184 51.35 142.39 -52.35
C ASN NA 184 52.02 141.04 -52.53
N ALA NA 185 51.96 140.48 -53.75
CA ALA NA 185 52.52 139.16 -54.04
C ALA NA 185 54.05 139.18 -53.89
N THR NA 186 54.66 140.22 -54.50
CA THR NA 186 56.11 140.29 -54.59
C THR NA 186 56.72 140.53 -53.22
N LEU NA 187 56.16 141.48 -52.46
CA LEU NA 187 56.72 141.83 -51.16
C LEU NA 187 56.50 140.72 -50.13
N SER NA 188 55.51 139.84 -50.36
CA SER NA 188 55.23 138.77 -49.41
C SER NA 188 56.07 137.53 -49.70
N VAL NA 189 56.35 137.27 -50.99
CA VAL NA 189 57.20 136.16 -51.37
C VAL NA 189 58.64 136.39 -50.89
N HIS NA 190 59.12 137.64 -50.95
CA HIS NA 190 60.45 138.04 -50.49
C HIS NA 190 60.67 137.71 -49.01
N GLN NA 191 59.63 137.84 -48.19
CA GLN NA 191 59.69 137.35 -46.82
C GLN NA 191 59.54 135.83 -46.76
N LEU NA 192 58.73 135.26 -47.68
CA LEU NA 192 58.30 133.85 -47.61
C LEU NA 192 59.41 132.93 -48.11
N VAL NA 193 60.40 133.49 -48.84
CA VAL NA 193 61.47 132.68 -49.40
C VAL NA 193 62.48 132.30 -48.30
N GLU NA 194 62.56 133.11 -47.24
CA GLU NA 194 63.57 132.86 -46.22
C GLU NA 194 62.97 132.67 -44.83
N ASN NA 195 61.66 132.38 -44.76
CA ASN NA 195 61.01 132.19 -43.47
C ASN NA 195 60.00 131.05 -43.45
N ALA NA 196 59.97 130.25 -44.51
CA ALA NA 196 58.98 129.18 -44.63
C ALA NA 196 59.68 127.89 -45.06
N ASP NA 197 59.16 126.77 -44.53
CA ASP NA 197 59.74 125.47 -44.82
C ASP NA 197 59.18 124.87 -46.13
N GLU NA 198 57.86 124.93 -46.32
CA GLU NA 198 57.26 124.55 -47.59
C GLU NA 198 56.05 125.43 -47.88
N VAL NA 199 55.93 125.87 -49.14
CA VAL NA 199 54.87 126.76 -49.58
C VAL NA 199 54.09 126.03 -50.67
N GLN NA 200 52.79 125.88 -50.46
CA GLN NA 200 51.97 125.07 -51.35
C GLN NA 200 51.00 125.98 -52.05
N VAL NA 201 51.20 126.10 -53.36
CA VAL NA 201 50.62 127.20 -54.10
C VAL NA 201 49.28 126.74 -54.65
N ILE NA 202 48.25 127.58 -54.43
CA ILE NA 202 46.93 127.39 -55.00
C ILE NA 202 46.61 128.63 -55.85
N ASP NA 203 45.93 128.43 -56.98
CA ASP NA 203 45.48 129.54 -57.81
C ASP NA 203 43.98 129.46 -57.98
N ASN NA 204 43.33 130.64 -58.00
CA ASN NA 204 41.88 130.67 -58.05
C ASN NA 204 41.38 130.16 -59.41
N GLU NA 205 42.10 130.53 -60.47
CA GLU NA 205 41.67 130.16 -61.81
C GLU NA 205 41.96 128.69 -62.07
N ALA NA 206 42.93 128.10 -61.34
CA ALA NA 206 43.18 126.67 -61.46
C ALA NA 206 42.02 125.90 -60.85
N LEU NA 207 41.41 126.46 -59.80
CA LEU NA 207 40.31 125.77 -59.14
C LEU NA 207 39.03 125.88 -59.96
N TYR NA 208 38.85 127.02 -60.67
CA TYR NA 208 37.69 127.20 -61.54
C TYR NA 208 37.71 126.18 -62.66
N ASP NA 209 38.90 125.94 -63.22
CA ASP NA 209 39.06 124.98 -64.30
C ASP NA 209 38.77 123.55 -63.81
N ILE NA 210 39.18 123.23 -62.59
CA ILE NA 210 38.97 121.88 -62.05
C ILE NA 210 37.47 121.68 -61.82
N CYS NA 211 36.80 122.70 -61.27
CA CYS NA 211 35.41 122.55 -60.90
C CYS NA 211 34.51 122.59 -62.13
N PHE NA 212 34.97 123.23 -63.23
CA PHE NA 212 34.24 123.22 -64.48
C PHE NA 212 34.46 121.88 -65.21
N ARG NA 213 35.73 121.60 -65.57
CA ARG NA 213 36.06 120.50 -66.48
C ARG NA 213 35.75 119.13 -65.88
N THR NA 214 36.19 118.93 -64.62
CA THR NA 214 36.22 117.60 -64.06
C THR NA 214 35.00 117.35 -63.19
N LEU NA 215 34.66 118.31 -62.34
CA LEU NA 215 33.57 118.10 -61.41
C LEU NA 215 32.20 118.30 -62.07
N LYS NA 216 32.17 119.01 -63.21
CA LYS NA 216 30.94 119.36 -63.93
C LYS NA 216 29.95 120.10 -63.04
N LEU NA 217 30.47 121.03 -62.23
CA LEU NA 217 29.62 121.92 -61.48
C LEU NA 217 29.52 123.25 -62.20
N THR NA 218 28.31 123.65 -62.62
CA THR NA 218 28.14 124.84 -63.44
C THR NA 218 28.32 126.15 -62.66
N THR NA 219 27.99 126.12 -61.37
CA THR NA 219 28.05 127.28 -60.49
C THR NA 219 28.99 126.99 -59.31
N PRO NA 220 30.29 127.28 -59.51
CA PRO NA 220 31.28 127.10 -58.46
C PRO NA 220 31.25 128.23 -57.45
N THR NA 221 30.75 127.95 -56.25
CA THR NA 221 30.83 128.91 -55.16
C THR NA 221 32.10 128.63 -54.37
N TYR NA 222 32.41 129.59 -53.47
CA TYR NA 222 33.54 129.51 -52.55
C TYR NA 222 33.39 128.32 -51.61
N GLY NA 223 32.13 127.92 -51.38
CA GLY NA 223 31.81 126.73 -50.60
C GLY NA 223 32.36 125.47 -51.26
N ASP NA 224 32.42 125.47 -52.59
CA ASP NA 224 32.91 124.29 -53.30
C ASP NA 224 34.41 124.35 -53.51
N LEU NA 225 34.96 125.55 -53.80
CA LEU NA 225 36.39 125.71 -54.02
C LEU NA 225 37.15 125.40 -52.72
N ASN NA 226 36.59 125.84 -51.59
CA ASN NA 226 37.24 125.63 -50.30
C ASN NA 226 37.31 124.13 -50.00
N HIS NA 227 36.25 123.40 -50.40
CA HIS NA 227 36.07 122.00 -50.02
C HIS NA 227 37.18 121.15 -50.66
N LEU NA 228 37.62 121.56 -51.87
CA LEU NA 228 38.66 120.81 -52.59
C LEU NA 228 40.02 121.07 -51.93
N VAL NA 229 40.29 122.33 -51.60
CA VAL NA 229 41.53 122.69 -50.93
C VAL NA 229 41.54 122.04 -49.55
N SER NA 230 40.35 121.99 -48.92
CA SER NA 230 40.16 121.36 -47.63
C SER NA 230 40.52 119.87 -47.72
N ALA NA 231 40.14 119.23 -48.85
CA ALA NA 231 40.49 117.82 -49.07
C ALA NA 231 41.98 117.61 -49.34
N ALA NA 232 42.64 118.63 -49.91
CA ALA NA 232 44.05 118.53 -50.26
C ALA NA 232 44.93 118.55 -49.01
N MET NA 233 44.57 119.46 -48.08
CA MET NA 233 45.37 119.66 -46.89
C MET NA 233 45.15 118.53 -45.88
N SER NA 234 44.07 117.73 -46.07
CA SER NA 234 43.90 116.54 -45.26
C SER NA 234 44.91 115.46 -45.66
N GLY NA 235 45.18 115.38 -46.97
CA GLY NA 235 46.05 114.34 -47.52
C GLY NA 235 47.51 114.52 -47.10
N VAL NA 236 47.91 115.77 -46.88
CA VAL NA 236 49.30 116.10 -46.55
C VAL NA 236 49.65 115.69 -45.12
N THR NA 237 48.61 115.41 -44.31
CA THR NA 237 48.82 115.14 -42.90
C THR NA 237 47.93 113.97 -42.45
N CYS NA 238 47.83 112.95 -43.31
CA CYS NA 238 47.07 111.75 -42.95
C CYS NA 238 47.80 110.97 -41.88
N CYS NA 239 49.12 110.78 -42.08
CA CYS NA 239 49.82 109.76 -41.32
C CYS NA 239 50.19 110.23 -39.92
N LEU NA 240 50.17 111.55 -39.70
CA LEU NA 240 50.29 112.10 -38.36
C LEU NA 240 49.12 111.65 -37.48
N ARG NA 241 48.02 111.24 -38.11
CA ARG NA 241 46.81 110.92 -37.37
C ARG NA 241 46.38 109.47 -37.54
N PHE NA 242 46.98 108.74 -38.49
CA PHE NA 242 46.58 107.36 -38.76
C PHE NA 242 47.82 106.50 -39.00
N PRO NA 243 47.79 105.17 -38.74
CA PRO NA 243 48.89 104.28 -39.16
C PRO NA 243 48.91 104.03 -40.66
N GLY NA 244 49.79 103.09 -41.07
CA GLY NA 244 49.91 102.69 -42.46
C GLY NA 244 51.19 101.89 -42.66
N GLN NA 245 51.35 101.34 -43.86
CA GLN NA 245 52.46 100.44 -44.16
C GLN NA 245 53.72 101.24 -44.44
N LEU NA 246 53.54 102.45 -44.98
CA LEU NA 246 54.68 103.34 -45.18
C LEU NA 246 54.33 104.74 -44.72
N ASN NA 247 55.02 105.15 -43.66
CA ASN NA 247 54.67 106.36 -42.94
C ASN NA 247 55.45 107.56 -43.45
N SER NA 248 54.84 108.73 -43.23
CA SER NA 248 55.44 109.97 -43.69
C SER NA 248 54.81 111.15 -42.96
N ASP NA 249 55.67 112.03 -42.47
CA ASP NA 249 55.23 113.28 -41.82
C ASP NA 249 55.54 114.48 -42.71
N LEU NA 250 55.33 115.68 -42.14
CA LEU NA 250 55.60 116.93 -42.83
C LEU NA 250 57.12 117.10 -43.03
N ARG NA 251 57.90 116.61 -42.06
CA ARG NA 251 59.34 116.73 -42.24
C ARG NA 251 59.85 115.70 -43.25
N LYS NA 252 59.13 114.58 -43.36
CA LYS NA 252 59.47 113.52 -44.30
C LYS NA 252 59.33 114.04 -45.74
N LEU NA 253 58.25 114.81 -45.99
CA LEU NA 253 57.99 115.42 -47.30
C LEU NA 253 59.05 116.47 -47.64
N ALA NA 254 59.47 117.24 -46.63
CA ALA NA 254 60.31 118.42 -46.84
C ALA NA 254 61.71 118.03 -47.32
N VAL NA 255 62.23 116.90 -46.80
CA VAL NA 255 63.62 116.57 -47.07
C VAL NA 255 63.77 115.94 -48.45
N ASN NA 256 62.78 115.15 -48.86
CA ASN NA 256 62.87 114.48 -50.16
C ASN NA 256 62.59 115.42 -51.32
N LEU NA 257 61.92 116.55 -51.04
CA LEU NA 257 61.32 117.38 -52.08
C LEU NA 257 62.11 118.67 -52.37
N ILE NA 258 62.93 119.09 -51.41
CA ILE NA 258 63.65 120.35 -51.46
C ILE NA 258 65.14 120.07 -51.65
N PRO NA 259 65.64 120.06 -52.91
CA PRO NA 259 67.07 119.84 -53.16
C PRO NA 259 67.96 120.98 -52.69
N PHE NA 260 67.49 122.19 -52.97
CA PHE NA 260 68.24 123.36 -52.57
C PHE NA 260 67.30 124.34 -51.87
N PRO NA 261 67.87 125.17 -50.98
CA PRO NA 261 67.09 125.81 -49.91
C PRO NA 261 66.09 126.87 -50.36
N ARG NA 262 66.45 127.57 -51.44
CA ARG NA 262 65.71 128.75 -51.87
C ARG NA 262 64.39 128.34 -52.52
N LEU NA 263 64.39 127.14 -53.12
CA LEU NA 263 63.26 126.69 -53.91
C LEU NA 263 62.42 125.68 -53.11
N HIS NA 264 61.28 126.15 -52.59
CA HIS NA 264 60.34 125.30 -51.85
C HIS NA 264 58.90 125.66 -52.18
N PHE NA 265 58.63 126.01 -53.44
CA PHE NA 265 57.28 126.30 -53.88
C PHE NA 265 56.77 125.14 -54.71
N PHE NA 266 55.61 124.63 -54.30
CA PHE NA 266 55.16 123.31 -54.75
C PHE NA 266 53.89 123.41 -55.60
N LEU NA 267 53.43 122.24 -56.03
CA LEU NA 267 52.19 122.13 -56.79
C LEU NA 267 51.34 121.04 -56.14
N ILE NA 268 50.02 121.29 -56.04
CA ILE NA 268 49.12 120.39 -55.32
C ILE NA 268 48.08 119.84 -56.29
N GLY NA 269 47.90 118.51 -56.25
CA GLY NA 269 46.84 117.83 -56.98
C GLY NA 269 46.13 116.85 -56.08
N PHE NA 270 44.88 116.54 -56.42
CA PHE NA 270 44.10 115.60 -55.65
C PHE NA 270 43.33 114.70 -56.58
N ALA NA 271 43.45 113.40 -56.31
CA ALA NA 271 42.77 112.40 -57.08
C ALA NA 271 42.17 111.41 -56.09
N PRO NA 272 40.99 110.82 -56.36
CA PRO NA 272 40.25 110.97 -57.62
C PRO NA 272 39.23 112.11 -57.68
N LEU NA 273 38.79 112.49 -58.89
CA LEU NA 273 37.71 113.44 -59.09
C LEU NA 273 36.80 112.94 -60.20
N THR NA 274 35.60 112.47 -59.85
CA THR NA 274 34.58 112.14 -60.83
C THR NA 274 33.43 113.12 -60.69
N SER NA 275 32.67 113.33 -61.76
CA SER NA 275 31.44 114.10 -61.69
C SER NA 275 30.36 113.33 -60.91
N ARG NA 276 29.32 114.10 -60.54
CA ARG NA 276 28.03 113.71 -59.99
C ARG NA 276 27.40 112.55 -60.76
N GLY NA 277 27.52 112.60 -62.09
CA GLY NA 277 26.94 111.59 -62.96
C GLY NA 277 27.92 110.46 -63.25
N SER NA 278 29.20 110.82 -63.44
CA SER NA 278 30.24 109.92 -63.90
C SER NA 278 30.81 109.01 -62.79
N GLN NA 279 30.21 109.02 -61.59
CA GLN NA 279 30.75 108.17 -60.55
C GLN NA 279 30.41 106.70 -60.77
N GLN NA 280 29.30 106.43 -61.47
CA GLN NA 280 28.88 105.06 -61.65
C GLN NA 280 29.73 104.36 -62.72
N TYR NA 281 30.19 105.12 -63.69
CA TYR NA 281 30.90 104.59 -64.85
C TYR NA 281 32.39 104.33 -64.61
N ARG NA 282 33.01 104.81 -63.50
CA ARG NA 282 34.46 104.88 -63.47
C ARG NA 282 35.02 103.92 -62.44
N ALA NA 283 36.14 103.31 -62.82
CA ALA NA 283 36.90 102.45 -61.94
C ALA NA 283 37.64 103.27 -60.89
N LEU NA 284 38.18 102.55 -59.90
CA LEU NA 284 38.95 103.16 -58.83
C LEU NA 284 40.06 102.20 -58.42
N SER NA 285 41.19 102.30 -59.10
CA SER NA 285 42.36 101.49 -58.82
C SER NA 285 43.62 102.34 -58.91
N VAL NA 286 44.76 101.83 -58.46
CA VAL NA 286 45.99 102.60 -58.37
C VAL NA 286 46.44 103.15 -59.73
N PRO NA 287 46.40 102.39 -60.86
CA PRO NA 287 46.68 103.01 -62.16
C PRO NA 287 45.74 104.15 -62.58
N GLU NA 288 44.49 104.14 -62.10
CA GLU NA 288 43.58 105.21 -62.46
C GLU NA 288 43.82 106.45 -61.61
N LEU NA 289 44.33 106.26 -60.37
CA LEU NA 289 44.71 107.37 -59.51
C LEU NA 289 45.91 108.09 -60.14
N THR NA 290 46.87 107.32 -60.64
CA THR NA 290 48.14 107.89 -61.02
C THR NA 290 48.08 108.57 -62.39
N GLN NA 291 47.05 108.26 -63.18
CA GLN NA 291 46.86 108.96 -64.44
C GLN NA 291 46.06 110.23 -64.23
N GLN NA 292 45.19 110.25 -63.21
CA GLN NA 292 44.52 111.49 -62.84
C GLN NA 292 45.47 112.36 -62.03
N MET NA 293 46.52 111.75 -61.48
CA MET NA 293 47.54 112.47 -60.72
C MET NA 293 48.31 113.41 -61.66
N PHE NA 294 48.96 112.81 -62.67
CA PHE NA 294 49.87 113.53 -63.54
C PHE NA 294 49.10 114.11 -64.72
N ASP NA 295 48.19 115.03 -64.40
CA ASP NA 295 47.41 115.68 -65.43
C ASP NA 295 47.45 117.18 -65.17
N ALA NA 296 47.70 117.95 -66.23
CA ALA NA 296 47.79 119.40 -66.19
C ALA NA 296 46.45 120.00 -65.70
N LYS NA 297 45.37 119.30 -66.05
CA LYS NA 297 44.01 119.67 -65.70
C LYS NA 297 43.82 119.58 -64.18
N ASN NA 298 44.49 118.62 -63.55
CA ASN NA 298 44.21 118.24 -62.17
C ASN NA 298 44.95 119.14 -61.17
N MET NA 299 46.08 119.73 -61.60
CA MET NA 299 46.90 120.52 -60.68
C MET NA 299 46.16 121.79 -60.26
N MET NA 300 46.37 122.18 -58.99
CA MET NA 300 45.73 123.34 -58.40
C MET NA 300 46.59 124.60 -58.62
N CYS NA 301 47.40 124.57 -59.67
CA CYS NA 301 48.21 125.71 -60.05
C CYS NA 301 47.96 126.06 -61.51
N ALA NA 302 47.97 127.37 -61.81
CA ALA NA 302 47.74 127.84 -63.16
C ALA NA 302 49.05 127.86 -63.94
N SER NA 303 49.73 126.72 -63.95
CA SER NA 303 51.03 126.58 -64.59
C SER NA 303 51.17 125.15 -65.07
N ASP NA 304 51.60 124.99 -66.33
CA ASP NA 304 51.65 123.73 -67.05
C ASP NA 304 52.91 122.95 -66.69
N PRO NA 305 52.82 121.76 -66.07
CA PRO NA 305 53.96 120.85 -65.96
C PRO NA 305 54.83 120.60 -67.19
N ARG NA 306 54.20 120.50 -68.37
CA ARG NA 306 54.86 120.06 -69.60
C ARG NA 306 55.97 121.03 -70.07
N HIS NA 307 55.85 122.32 -69.72
CA HIS NA 307 56.81 123.31 -70.18
C HIS NA 307 58.10 123.24 -69.36
N GLY NA 308 58.03 122.52 -68.24
CA GLY NA 308 59.17 122.42 -67.36
C GLY NA 308 59.43 120.97 -66.98
N ARG NA 309 60.34 120.80 -66.03
CA ARG NA 309 60.78 119.48 -65.62
C ARG NA 309 60.56 119.33 -64.11
N TYR NA 310 59.93 118.23 -63.71
CA TYR NA 310 59.69 117.94 -62.31
C TYR NA 310 61.02 117.65 -61.59
N LEU NA 311 61.47 118.60 -60.76
CA LEU NA 311 62.72 118.49 -60.01
C LEU NA 311 62.68 117.28 -59.06
N THR NA 312 61.67 117.25 -58.19
CA THR NA 312 61.36 116.12 -57.33
C THR NA 312 59.88 116.19 -56.98
N ALA NA 313 59.22 115.03 -56.87
CA ALA NA 313 57.81 115.02 -56.53
C ALA NA 313 57.49 113.88 -55.58
N SER NA 314 56.32 114.03 -54.94
CA SER NA 314 55.86 113.11 -53.92
C SER NA 314 54.47 112.57 -54.29
N ALA NA 315 54.03 111.58 -53.49
CA ALA NA 315 52.74 110.95 -53.67
C ALA NA 315 52.28 110.34 -52.34
N MET NA 316 51.26 110.94 -51.71
CA MET NA 316 50.73 110.44 -50.46
C MET NA 316 49.43 109.69 -50.73
N PHE NA 317 49.53 108.36 -50.78
CA PHE NA 317 48.35 107.54 -51.01
C PHE NA 317 47.58 107.36 -49.71
N ARG NA 318 46.29 107.06 -49.86
CA ARG NA 318 45.46 106.76 -48.72
C ARG NA 318 44.46 105.68 -49.12
N GLY NA 319 44.24 104.72 -48.22
CA GLY NA 319 43.31 103.64 -48.52
C GLY NA 319 44.06 102.32 -48.53
N ARG NA 320 43.30 101.23 -48.43
CA ARG NA 320 43.92 99.93 -48.31
C ARG NA 320 44.40 99.48 -49.69
N MET NA 321 45.70 99.20 -49.86
CA MET NA 321 46.19 98.99 -51.23
C MET NA 321 47.50 98.21 -51.28
N SER NA 322 47.87 97.73 -52.47
CA SER NA 322 49.11 96.99 -52.66
C SER NA 322 50.27 97.96 -52.78
N THR NA 323 51.35 97.69 -52.04
CA THR NA 323 52.48 98.59 -52.10
C THR NA 323 53.26 98.44 -53.40
N LYS NA 324 53.25 97.27 -54.02
CA LYS NA 324 54.01 97.11 -55.24
C LYS NA 324 53.32 97.76 -56.46
N GLU NA 325 51.97 97.84 -56.41
CA GLU NA 325 51.23 98.56 -57.43
C GLU NA 325 51.56 100.06 -57.34
N VAL NA 326 51.70 100.54 -56.09
CA VAL NA 326 52.26 101.86 -55.87
C VAL NA 326 53.69 101.87 -56.40
N ASP NA 327 54.46 100.81 -56.10
CA ASP NA 327 55.87 100.77 -56.45
C ASP NA 327 56.08 100.65 -57.96
N GLU NA 328 55.17 99.97 -58.64
CA GLU NA 328 55.30 99.77 -60.08
C GLU NA 328 54.93 101.04 -60.86
N GLN NA 329 53.75 101.62 -60.55
CA GLN NA 329 53.22 102.78 -61.27
C GLN NA 329 54.13 104.01 -61.12
N MET NA 330 54.79 104.15 -59.96
CA MET NA 330 55.58 105.33 -59.66
C MET NA 330 56.88 105.31 -60.46
N LEU NA 331 57.38 104.10 -60.71
CA LEU NA 331 58.49 103.90 -61.63
C LEU NA 331 58.01 104.00 -63.08
N ASN NA 332 56.77 103.52 -63.33
CA ASN NA 332 56.19 103.47 -64.67
C ASN NA 332 56.06 104.88 -65.24
N VAL NA 333 55.62 105.84 -64.40
CA VAL NA 333 55.33 107.17 -64.90
C VAL NA 333 56.63 107.92 -65.18
N GLN NA 334 57.74 107.45 -64.58
CA GLN NA 334 59.01 108.11 -64.83
C GLN NA 334 59.57 107.73 -66.21
N ASN NA 335 59.34 106.48 -66.61
CA ASN NA 335 60.00 105.97 -67.80
C ASN NA 335 59.23 106.18 -69.11
N LYS NA 336 57.87 106.13 -69.11
CA LYS NA 336 57.03 106.66 -70.18
C LYS NA 336 57.37 108.11 -70.53
N ASN NA 337 56.89 108.99 -69.65
CA ASN NA 337 57.05 110.43 -69.75
C ASN NA 337 58.45 110.77 -69.30
N SER NA 338 59.42 110.37 -70.14
CA SER NA 338 60.83 110.32 -69.74
C SER NA 338 61.44 111.70 -69.56
N SER NA 339 61.04 112.62 -70.43
CA SER NA 339 61.68 113.92 -70.55
C SER NA 339 61.11 114.97 -69.60
N TYR NA 340 60.06 114.65 -68.84
CA TYR NA 340 59.43 115.64 -67.97
C TYR NA 340 60.05 115.63 -66.58
N PHE NA 341 61.04 114.74 -66.37
CA PHE NA 341 61.75 114.65 -65.09
C PHE NA 341 63.20 115.06 -65.31
N VAL NA 342 63.80 115.72 -64.31
CA VAL NA 342 65.16 116.22 -64.34
C VAL NA 342 66.11 115.03 -64.45
N GLU NA 343 67.28 115.35 -65.00
CA GLU NA 343 68.30 114.42 -65.43
C GLU NA 343 69.11 113.89 -64.24
N TRP NA 344 69.68 114.80 -63.45
CA TRP NA 344 70.80 114.45 -62.58
C TRP NA 344 70.29 113.90 -61.25
N ILE NA 345 68.99 113.60 -61.18
CA ILE NA 345 68.43 112.82 -60.07
C ILE NA 345 67.83 111.53 -60.64
N PRO NA 346 68.45 110.36 -60.45
CA PRO NA 346 67.69 109.10 -60.58
C PRO NA 346 66.63 109.03 -59.47
N ASN NA 347 65.46 108.51 -59.80
CA ASN NA 347 64.30 108.46 -58.91
C ASN NA 347 63.82 109.83 -58.47
N ASN NA 348 63.21 110.57 -59.36
CA ASN NA 348 62.57 111.79 -58.91
C ASN NA 348 61.28 111.60 -58.09
N MET NA 349 60.89 110.42 -57.59
CA MET NA 349 59.59 110.31 -56.91
C MET NA 349 59.67 109.69 -55.52
N LYS NA 350 58.73 110.06 -54.63
CA LYS NA 350 58.58 109.49 -53.29
C LYS NA 350 57.13 109.07 -53.07
N SER NA 351 56.93 107.95 -52.35
CA SER NA 351 55.60 107.39 -52.09
C SER NA 351 55.36 107.13 -50.60
N SER NA 352 54.09 107.18 -50.18
CA SER NA 352 53.65 106.86 -48.82
C SER NA 352 52.26 106.25 -48.85
N VAL NA 353 51.95 105.44 -47.81
CA VAL NA 353 50.66 104.80 -47.71
C VAL NA 353 50.09 104.99 -46.30
N CYS NA 354 48.89 105.59 -46.25
CA CYS NA 354 48.14 105.87 -45.02
C CYS NA 354 46.80 105.13 -45.08
N ASP NA 355 46.70 104.04 -44.30
CA ASP NA 355 45.76 102.95 -44.60
C ASP NA 355 44.28 103.29 -44.46
N ILE NA 356 43.94 104.43 -43.83
CA ILE NA 356 42.56 104.79 -43.61
C ILE NA 356 42.12 105.77 -44.69
N PRO NA 357 41.13 105.41 -45.53
CA PRO NA 357 40.75 106.30 -46.63
C PRO NA 357 39.90 107.48 -46.21
N PRO NA 358 39.90 108.64 -46.92
CA PRO NA 358 39.07 109.78 -46.56
C PRO NA 358 37.60 109.47 -46.74
N LYS NA 359 36.78 110.34 -46.18
CA LYS NA 359 35.33 110.31 -46.27
C LYS NA 359 34.86 110.21 -47.72
N GLY NA 360 34.05 109.18 -47.99
CA GLY NA 360 33.45 108.97 -49.29
C GLY NA 360 34.29 108.14 -50.27
N LEU NA 361 35.56 107.84 -49.97
CA LEU NA 361 36.47 107.33 -50.98
C LEU NA 361 37.14 106.03 -50.51
N LYS NA 362 37.23 105.06 -51.42
CA LYS NA 362 37.85 103.78 -51.12
C LYS NA 362 39.37 103.94 -51.08
N MET NA 363 39.90 104.75 -51.99
CA MET NA 363 41.30 105.14 -51.97
C MET NA 363 41.43 106.48 -52.65
N SER NA 364 42.52 107.18 -52.31
CA SER NA 364 42.77 108.50 -52.84
C SER NA 364 44.27 108.76 -52.79
N VAL NA 365 44.64 109.89 -53.37
CA VAL NA 365 46.04 110.24 -53.39
C VAL NA 365 46.17 111.76 -53.49
N THR NA 366 47.32 112.27 -53.04
CA THR NA 366 47.57 113.69 -53.09
C THR NA 366 49.00 113.93 -53.57
N PHE NA 367 49.11 114.79 -54.57
CA PHE NA 367 50.37 115.10 -55.23
C PHE NA 367 50.94 116.40 -54.67
N VAL NA 368 52.21 116.33 -54.28
CA VAL NA 368 52.98 117.51 -53.91
C VAL NA 368 54.30 117.42 -54.65
N GLY NA 369 54.47 118.29 -55.65
CA GLY NA 369 55.64 118.16 -56.51
C GLY NA 369 56.35 119.48 -56.76
N ASN NA 370 57.67 119.49 -56.49
CA ASN NA 370 58.50 120.61 -56.89
C ASN NA 370 58.58 120.65 -58.40
N SER NA 371 58.64 121.86 -58.95
CA SER NA 371 58.69 121.98 -60.40
C SER NA 371 59.45 123.22 -60.81
N THR NA 372 60.11 123.13 -61.96
CA THR NA 372 60.66 124.28 -62.64
C THR NA 372 59.64 124.86 -63.61
N ALA NA 373 58.40 124.35 -63.54
CA ALA NA 373 57.30 124.93 -64.31
C ALA NA 373 56.50 125.94 -63.47
N ILE NA 374 56.94 126.15 -62.21
CA ILE NA 374 56.44 127.26 -61.39
C ILE NA 374 57.23 128.54 -61.76
N GLN NA 375 58.26 128.40 -62.60
CA GLN NA 375 59.09 129.48 -63.12
C GLN NA 375 58.28 130.49 -63.93
N GLU NA 376 57.18 130.03 -64.53
CA GLU NA 376 56.42 130.92 -65.40
C GLU NA 376 55.43 131.76 -64.59
N MET NA 377 55.04 131.30 -63.40
CA MET NA 377 54.16 132.10 -62.56
C MET NA 377 54.96 133.26 -61.94
N PHE NA 378 56.21 133.01 -61.52
CA PHE NA 378 57.00 134.06 -60.87
C PHE NA 378 57.46 135.10 -61.89
N LYS NA 379 57.67 134.69 -63.14
CA LYS NA 379 58.02 135.63 -64.17
C LYS NA 379 56.82 136.51 -64.54
N ARG NA 380 55.61 135.93 -64.52
CA ARG NA 380 54.40 136.64 -64.90
C ARG NA 380 53.99 137.67 -63.84
N VAL NA 381 54.25 137.37 -62.57
CA VAL NA 381 54.03 138.35 -61.52
C VAL NA 381 55.11 139.41 -61.57
N SER NA 382 56.36 139.04 -61.91
CA SER NA 382 57.49 139.97 -61.92
C SER NA 382 57.35 141.00 -63.04
N ASP NA 383 56.86 140.59 -64.23
CA ASP NA 383 56.77 141.53 -65.33
C ASP NA 383 55.59 142.48 -65.10
N GLN NA 384 54.54 141.99 -64.43
CA GLN NA 384 53.44 142.85 -64.02
C GLN NA 384 53.90 143.81 -62.94
N PHE NA 385 54.78 143.35 -62.02
CA PHE NA 385 55.33 144.17 -60.94
C PHE NA 385 56.20 145.29 -61.52
N THR NA 386 57.00 144.94 -62.53
CA THR NA 386 57.93 145.92 -63.10
C THR NA 386 57.23 146.82 -64.12
N ALA NA 387 56.02 146.46 -64.55
CA ALA NA 387 55.20 147.37 -65.33
C ALA NA 387 54.66 148.47 -64.43
N MET NA 388 54.21 148.10 -63.23
CA MET NA 388 53.52 149.06 -62.37
C MET NA 388 54.52 149.89 -61.55
N PHE NA 389 55.70 149.29 -61.26
CA PHE NA 389 56.77 149.95 -60.54
C PHE NA 389 57.48 151.02 -61.39
N ARG NA 390 57.47 150.82 -62.71
CA ARG NA 390 58.14 151.73 -63.63
C ARG NA 390 57.39 153.05 -63.72
N ARG NA 391 56.05 152.97 -63.81
CA ARG NA 391 55.19 154.14 -63.87
C ARG NA 391 54.97 154.73 -62.46
N LYS NA 392 55.39 153.99 -61.43
CA LYS NA 392 55.27 154.42 -60.04
C LYS NA 392 53.80 154.58 -59.61
N ALA NA 393 52.90 153.80 -60.23
CA ALA NA 393 51.49 153.81 -59.86
C ALA NA 393 51.26 153.09 -58.52
N PHE NA 394 50.39 153.68 -57.69
CA PHE NA 394 50.04 153.16 -56.38
C PHE NA 394 51.24 152.99 -55.46
N LEU NA 395 52.27 153.82 -55.65
CA LEU NA 395 53.49 153.68 -54.88
C LEU NA 395 53.51 154.58 -53.66
N HIS NA 396 52.89 155.73 -53.77
CA HIS NA 396 52.83 156.70 -52.69
C HIS NA 396 51.99 156.15 -51.52
N TRP NA 397 51.06 155.26 -51.79
CA TRP NA 397 50.34 154.56 -50.69
C TRP NA 397 51.23 153.62 -49.83
N TYR NA 398 52.22 152.97 -50.46
CA TYR NA 398 53.11 152.10 -49.72
C TYR NA 398 54.27 152.86 -49.09
N THR NA 399 54.77 153.91 -49.75
CA THR NA 399 55.92 154.66 -49.28
C THR NA 399 55.57 155.63 -48.16
N GLY NA 400 54.27 155.92 -47.99
CA GLY NA 400 53.77 156.77 -46.92
C GLY NA 400 53.55 156.06 -45.59
N GLU NA 401 53.44 154.73 -45.63
CA GLU NA 401 53.08 153.95 -44.46
C GLU NA 401 54.28 153.27 -43.82
N GLY NA 402 55.47 153.48 -44.39
CA GLY NA 402 56.68 153.03 -43.72
C GLY NA 402 57.80 152.62 -44.68
N MET NA 403 57.44 152.14 -45.87
CA MET NA 403 58.42 151.53 -46.76
C MET NA 403 59.22 152.59 -47.52
N ASP NA 404 60.40 152.27 -48.04
CA ASP NA 404 61.07 153.13 -49.02
C ASP NA 404 60.87 152.61 -50.44
N GLU NA 405 61.64 153.11 -51.41
CA GLU NA 405 61.59 152.61 -52.78
C GLU NA 405 62.63 151.52 -53.02
N MET NA 406 63.70 151.50 -52.23
CA MET NA 406 64.74 150.50 -52.49
C MET NA 406 64.33 149.17 -51.86
N GLU NA 407 63.33 149.17 -50.96
CA GLU NA 407 62.72 147.92 -50.49
C GLU NA 407 61.93 147.24 -51.63
N PHE NA 408 61.48 148.03 -52.59
CA PHE NA 408 60.83 147.49 -53.77
C PHE NA 408 61.85 146.91 -54.72
N THR NA 409 62.99 147.56 -54.88
CA THR NA 409 64.02 147.09 -55.78
C THR NA 409 64.67 145.81 -55.25
N GLU NA 410 64.85 145.69 -53.93
CA GLU NA 410 65.45 144.49 -53.35
C GLU NA 410 64.47 143.31 -53.36
N ALA NA 411 63.17 143.59 -53.30
CA ALA NA 411 62.18 142.51 -53.36
C ALA NA 411 61.98 142.10 -54.83
N GLU NA 412 62.40 142.92 -55.80
CA GLU NA 412 62.34 142.59 -57.21
C GLU NA 412 63.54 141.70 -57.57
N SER NA 413 64.74 142.01 -57.03
CA SER NA 413 65.94 141.22 -57.29
C SER NA 413 65.84 139.84 -56.64
N ASN NA 414 65.22 139.78 -55.46
CA ASN NA 414 65.05 138.55 -54.69
C ASN NA 414 63.79 137.81 -55.15
N MET NA 415 63.31 138.12 -56.38
CA MET NA 415 62.29 137.33 -57.05
C MET NA 415 62.77 137.01 -58.46
N ASN NA 416 63.49 137.97 -59.08
CA ASN NA 416 64.06 137.73 -60.39
C ASN NA 416 65.24 136.77 -60.34
N ASP NA 417 65.97 136.77 -59.22
CA ASP NA 417 67.01 135.76 -58.99
C ASP NA 417 66.40 134.37 -58.74
N LEU NA 418 65.21 134.31 -58.12
CA LEU NA 418 64.53 133.04 -57.89
C LEU NA 418 64.05 132.45 -59.22
N VAL NA 419 63.69 133.32 -60.17
CA VAL NA 419 63.33 132.87 -61.50
C VAL NA 419 64.56 132.32 -62.22
N SER NA 420 65.70 133.00 -62.07
CA SER NA 420 66.94 132.56 -62.69
C SER NA 420 67.43 131.25 -62.08
N GLU NA 421 67.12 131.01 -60.80
CA GLU NA 421 67.56 129.79 -60.14
C GLU NA 421 66.78 128.58 -60.67
N TYR NA 422 65.45 128.73 -60.76
CA TYR NA 422 64.61 127.72 -61.38
C TYR NA 422 64.93 127.54 -62.86
N GLN NA 423 65.60 128.52 -63.49
CA GLN NA 423 65.76 128.53 -64.95
C GLN NA 423 66.78 127.48 -65.40
N GLN NA 424 67.88 127.33 -64.64
CA GLN NA 424 68.98 126.51 -65.13
C GLN NA 424 68.71 125.01 -65.01
N TYR NA 425 67.64 124.61 -64.30
CA TYR NA 425 67.32 123.20 -64.12
C TYR NA 425 66.38 122.63 -65.21
N GLN NA 426 66.29 123.28 -66.38
CA GLN NA 426 65.65 122.68 -67.55
C GLN NA 426 66.43 123.07 -68.81
N MET OA 1 105.11 -12.90 -52.94
CA MET OA 1 105.20 -14.22 -53.66
C MET OA 1 105.27 -13.94 -55.16
N ARG OA 2 104.58 -14.77 -55.95
CA ARG OA 2 104.37 -14.50 -57.36
C ARG OA 2 103.10 -13.67 -57.51
N GLU OA 3 103.24 -12.50 -58.15
CA GLU OA 3 102.14 -11.55 -58.23
C GLU OA 3 102.15 -10.88 -59.60
N VAL OA 4 100.97 -10.41 -60.00
CA VAL OA 4 100.81 -9.61 -61.21
C VAL OA 4 100.05 -8.33 -60.85
N ILE OA 5 100.47 -7.23 -61.45
CA ILE OA 5 99.92 -5.91 -61.15
C ILE OA 5 99.13 -5.44 -62.36
N SER OA 6 97.84 -5.21 -62.15
CA SER OA 6 96.95 -4.79 -63.22
C SER OA 6 97.01 -3.27 -63.34
N ILE OA 7 97.15 -2.80 -64.59
CA ILE OA 7 97.25 -1.38 -64.86
C ILE OA 7 96.13 -1.03 -65.82
N HIS OA 8 95.00 -0.59 -65.28
CA HIS OA 8 93.85 -0.19 -66.09
C HIS OA 8 93.96 1.30 -66.39
N VAL OA 9 93.93 1.63 -67.68
CA VAL OA 9 94.11 3.00 -68.15
C VAL OA 9 92.91 3.36 -69.00
N GLY OA 10 92.45 4.60 -68.84
CA GLY OA 10 91.35 5.11 -69.64
C GLY OA 10 90.01 4.67 -69.08
N GLN OA 11 88.98 5.19 -69.73
CA GLN OA 11 87.61 4.89 -69.35
C GLN OA 11 87.09 3.62 -70.05
N ALA OA 12 87.97 2.94 -70.80
CA ALA OA 12 87.62 1.62 -71.30
C ALA OA 12 88.23 0.58 -70.36
N GLY OA 13 89.46 0.89 -69.92
CA GLY OA 13 90.23 0.01 -69.05
C GLY OA 13 89.57 -0.12 -67.69
N ILE OA 14 88.95 0.98 -67.22
CA ILE OA 14 88.30 0.96 -65.92
C ILE OA 14 87.02 0.13 -65.99
N GLN OA 15 86.25 0.32 -67.09
CA GLN OA 15 85.00 -0.43 -67.18
C GLN OA 15 85.24 -1.93 -67.36
N ILE OA 16 86.37 -2.27 -68.01
CA ILE OA 16 86.80 -3.66 -68.04
C ILE OA 16 87.19 -4.10 -66.62
N GLY OA 17 87.87 -3.19 -65.90
CA GLY OA 17 88.37 -3.50 -64.56
C GLY OA 17 87.26 -3.74 -63.53
N ASN OA 18 86.12 -3.05 -63.71
CA ASN OA 18 85.01 -3.21 -62.79
C ASN OA 18 84.42 -4.63 -62.87
N ALA OA 19 84.29 -5.11 -64.11
CA ALA OA 19 83.75 -6.44 -64.32
C ALA OA 19 84.80 -7.50 -63.99
N CYS OA 20 86.07 -7.19 -64.25
CA CYS OA 20 87.14 -8.15 -64.02
C CYS OA 20 87.38 -8.36 -62.52
N TRP OA 21 87.31 -7.28 -61.74
CA TRP OA 21 87.53 -7.39 -60.31
C TRP OA 21 86.28 -7.89 -59.57
N GLU OA 22 85.12 -7.78 -60.23
CA GLU OA 22 83.92 -8.42 -59.72
C GLU OA 22 84.09 -9.93 -59.72
N LEU OA 23 84.70 -10.47 -60.79
CA LEU OA 23 84.82 -11.92 -60.93
C LEU OA 23 85.88 -12.47 -59.97
N PHE OA 24 86.97 -11.72 -59.78
CA PHE OA 24 88.05 -12.17 -58.94
C PHE OA 24 87.63 -12.28 -57.47
N CYS OA 25 86.79 -11.33 -57.06
CA CYS OA 25 86.25 -11.34 -55.70
C CYS OA 25 85.30 -12.53 -55.51
N LEU OA 26 84.48 -12.81 -56.54
CA LEU OA 26 83.48 -13.86 -56.44
C LEU OA 26 84.14 -15.24 -56.52
N GLU OA 27 85.29 -15.33 -57.17
CA GLU OA 27 85.95 -16.60 -57.35
C GLU OA 27 86.69 -17.03 -56.08
N HIS OA 28 87.52 -16.14 -55.52
CA HIS OA 28 88.19 -16.38 -54.25
C HIS OA 28 87.20 -16.28 -53.08
N GLY OA 29 86.02 -15.72 -53.33
CA GLY OA 29 84.99 -15.64 -52.31
C GLY OA 29 85.29 -14.57 -51.25
N ILE OA 30 85.69 -13.37 -51.72
CA ILE OA 30 85.94 -12.24 -50.84
C ILE OA 30 84.80 -11.22 -51.01
N GLN OA 31 84.37 -10.63 -49.87
CA GLN OA 31 83.18 -9.77 -49.75
C GLN OA 31 83.42 -8.44 -50.46
N PRO OA 32 82.39 -7.61 -50.82
CA PRO OA 32 82.66 -6.22 -51.21
C PRO OA 32 83.39 -5.40 -50.13
N ASP OA 33 83.22 -5.80 -48.87
CA ASP OA 33 83.97 -5.27 -47.74
C ASP OA 33 85.48 -5.51 -47.91
N GLY OA 34 85.86 -6.73 -48.28
CA GLY OA 34 87.24 -7.11 -48.58
C GLY OA 34 87.87 -8.17 -47.66
N GLN OA 35 87.06 -8.93 -46.90
CA GLN OA 35 87.65 -10.06 -46.16
C GLN OA 35 86.83 -11.35 -46.36
N MET OA 36 87.51 -12.48 -46.47
CA MET OA 36 86.75 -13.71 -46.51
C MET OA 36 86.50 -14.22 -45.11
N PRO OA 37 85.33 -14.87 -44.92
CA PRO OA 37 85.01 -15.53 -43.66
C PRO OA 37 85.52 -16.98 -43.64
N ASP OA 47 98.53 -19.70 -50.34
CA ASP OA 47 99.27 -18.54 -50.92
C ASP OA 47 99.20 -18.61 -52.44
N ALA OA 48 98.33 -19.45 -52.96
CA ALA OA 48 97.94 -19.33 -54.34
C ALA OA 48 97.00 -18.14 -54.62
N PHE OA 49 96.20 -17.54 -53.68
CA PHE OA 49 95.36 -16.41 -54.20
C PHE OA 49 96.10 -15.07 -54.06
N ASN OA 50 97.36 -15.19 -53.69
CA ASN OA 50 98.18 -14.03 -53.34
C ASN OA 50 98.55 -13.24 -54.58
N THR OA 51 98.28 -13.80 -55.77
CA THR OA 51 98.75 -13.19 -56.99
C THR OA 51 97.89 -11.98 -57.38
N PHE OA 52 96.66 -11.93 -56.88
CA PHE OA 52 95.72 -10.85 -57.22
C PHE OA 52 95.27 -10.00 -56.03
N PHE OA 53 95.34 -10.56 -54.82
CA PHE OA 53 94.87 -9.85 -53.63
C PHE OA 53 95.95 -9.79 -52.57
N SER OA 54 96.16 -8.60 -52.00
CA SER OA 54 97.18 -8.39 -50.98
C SER OA 54 96.69 -8.91 -49.63
N GLU OA 55 97.47 -8.69 -48.57
CA GLU OA 55 97.08 -9.12 -47.23
C GLU OA 55 97.29 -7.96 -46.26
N THR OA 56 96.22 -7.44 -45.67
CA THR OA 56 96.33 -6.31 -44.77
C THR OA 56 95.76 -6.69 -43.40
N GLY OA 57 96.54 -7.44 -42.64
CA GLY OA 57 96.16 -7.74 -41.25
C GLY OA 57 95.03 -8.77 -41.19
N ALA OA 58 93.98 -8.49 -40.41
CA ALA OA 58 92.93 -9.47 -40.19
C ALA OA 58 91.98 -9.56 -41.38
N GLY OA 59 92.17 -10.58 -42.23
CA GLY OA 59 91.19 -10.99 -43.23
C GLY OA 59 91.22 -10.18 -44.54
N LYS OA 60 91.69 -8.92 -44.42
CA LYS OA 60 91.63 -7.95 -45.50
C LYS OA 60 92.43 -8.40 -46.73
N HIS OA 61 91.87 -8.15 -47.91
CA HIS OA 61 92.61 -8.26 -49.15
C HIS OA 61 92.30 -7.06 -50.03
N VAL OA 62 93.31 -6.23 -50.26
CA VAL OA 62 93.18 -5.12 -51.18
C VAL OA 62 93.75 -5.58 -52.52
N PRO OA 63 93.06 -5.27 -53.65
CA PRO OA 63 93.58 -5.67 -54.97
C PRO OA 63 94.87 -4.96 -55.37
N ARG OA 64 95.65 -5.66 -56.18
CA ARG OA 64 96.93 -5.15 -56.69
C ARG OA 64 96.74 -4.45 -58.04
N CYS OA 65 95.87 -3.45 -58.07
CA CYS OA 65 95.57 -2.78 -59.33
C CYS OA 65 95.61 -1.27 -59.14
N VAL OA 66 95.84 -0.58 -60.26
CA VAL OA 66 95.76 0.86 -60.30
C VAL OA 66 94.80 1.26 -61.42
N PHE OA 67 93.97 2.25 -61.11
CA PHE OA 67 93.01 2.80 -62.05
C PHE OA 67 93.42 4.22 -62.40
N LEU OA 68 93.65 4.49 -63.69
CA LEU OA 68 94.07 5.80 -64.12
C LEU OA 68 93.09 6.33 -65.16
N ASP OA 69 92.71 7.61 -65.03
CA ASP OA 69 91.91 8.25 -66.05
C ASP OA 69 91.97 9.77 -65.86
N LEU OA 70 92.04 10.52 -66.96
CA LEU OA 70 92.16 11.97 -66.85
C LEU OA 70 90.84 12.64 -66.51
N GLU OA 71 89.75 11.89 -66.66
CA GLU OA 71 88.40 12.39 -66.44
C GLU OA 71 87.90 11.92 -65.07
N PRO OA 72 87.36 12.82 -64.23
CA PRO OA 72 86.91 12.39 -62.91
C PRO OA 72 85.62 11.58 -62.82
N THR OA 73 84.82 11.53 -63.88
CA THR OA 73 83.49 10.91 -63.73
C THR OA 73 83.56 9.39 -63.58
N VAL OA 74 84.40 8.74 -64.40
CA VAL OA 74 84.43 7.28 -64.47
C VAL OA 74 85.05 6.69 -63.20
N VAL OA 75 85.96 7.44 -62.58
CA VAL OA 75 86.66 6.94 -61.41
C VAL OA 75 85.85 7.20 -60.13
N ASP OA 76 85.21 8.37 -60.07
CA ASP OA 76 84.37 8.73 -58.92
C ASP OA 76 83.19 7.78 -58.80
N GLU OA 77 82.81 7.17 -59.93
CA GLU OA 77 81.76 6.17 -59.94
C GLU OA 77 82.17 4.95 -59.10
N VAL OA 78 83.43 4.55 -59.25
CA VAL OA 78 83.96 3.43 -58.49
C VAL OA 78 84.06 3.77 -57.00
N ARG OA 79 84.44 5.01 -56.71
CA ARG OA 79 84.59 5.47 -55.33
C ARG OA 79 83.25 5.56 -54.61
N THR OA 80 82.16 5.59 -55.39
CA THR OA 80 80.82 5.84 -54.87
C THR OA 80 79.98 4.56 -54.83
N GLY OA 81 80.33 3.57 -55.66
CA GLY OA 81 79.49 2.39 -55.82
C GLY OA 81 79.61 1.39 -54.67
N THR OA 82 79.30 0.12 -54.96
CA THR OA 82 79.32 -0.95 -53.97
C THR OA 82 80.72 -1.21 -53.45
N TYR OA 83 81.71 -1.15 -54.35
CA TYR OA 83 83.06 -1.53 -54.00
C TYR OA 83 83.85 -0.28 -53.60
N ARG OA 84 83.31 0.47 -52.64
CA ARG OA 84 84.01 1.66 -52.19
C ARG OA 84 85.01 1.32 -51.07
N HIS OA 85 85.00 0.07 -50.59
CA HIS OA 85 85.86 -0.31 -49.47
C HIS OA 85 86.91 -1.39 -49.81
N LEU OA 86 86.62 -2.14 -50.87
CA LEU OA 86 87.56 -3.10 -51.42
C LEU OA 86 88.81 -2.38 -51.94
N PHE OA 87 88.60 -1.29 -52.69
CA PHE OA 87 89.68 -0.62 -53.37
C PHE OA 87 90.29 0.45 -52.48
N HIS OA 88 91.62 0.49 -52.55
CA HIS OA 88 92.39 1.44 -51.75
C HIS OA 88 92.12 2.86 -52.26
N PRO OA 89 91.93 3.84 -51.36
CA PRO OA 89 91.54 5.19 -51.76
C PRO OA 89 92.50 6.01 -52.62
N GLU OA 90 93.72 5.52 -52.83
CA GLU OA 90 94.53 6.14 -53.89
C GLU OA 90 95.15 5.11 -54.83
N GLN OA 91 94.46 3.98 -55.03
CA GLN OA 91 94.77 3.18 -56.22
C GLN OA 91 94.02 3.74 -57.42
N LEU OA 92 92.93 4.47 -57.14
CA LEU OA 92 92.15 5.09 -58.20
C LEU OA 92 92.58 6.56 -58.33
N ILE OA 93 93.40 6.83 -59.34
CA ILE OA 93 93.98 8.14 -59.58
C ILE OA 93 93.20 8.84 -60.69
N SER OA 94 92.87 10.11 -60.45
CA SER OA 94 92.08 10.88 -61.40
C SER OA 94 92.64 12.29 -61.58
N GLY OA 95 92.50 12.84 -62.79
CA GLY OA 95 92.82 14.24 -63.07
C GLY OA 95 91.57 15.13 -63.11
N LYS OA 96 91.70 16.30 -63.74
CA LYS OA 96 90.60 17.27 -63.82
C LYS OA 96 89.96 17.28 -65.22
N GLU OA 97 90.72 17.49 -66.31
CA GLU OA 97 90.13 17.55 -67.65
C GLU OA 97 90.52 16.28 -68.43
N ASP OA 98 89.64 15.84 -69.34
CA ASP OA 98 89.88 14.67 -70.17
C ASP OA 98 90.94 14.99 -71.24
N ALA OA 99 91.49 13.92 -71.84
CA ALA OA 99 92.47 14.08 -72.91
C ALA OA 99 91.82 14.56 -74.20
N ALA OA 100 90.50 14.35 -74.30
CA ALA OA 100 89.63 14.72 -75.41
C ALA OA 100 90.18 14.17 -76.73
N ASN OA 101 90.25 12.83 -76.77
CA ASN OA 101 90.44 12.07 -77.99
C ASN OA 101 91.62 12.59 -78.81
N ASN OA 102 92.70 12.88 -78.10
CA ASN OA 102 93.88 13.50 -78.67
C ASN OA 102 95.09 12.78 -78.11
N PHE OA 103 95.89 12.17 -78.99
CA PHE OA 103 97.09 11.48 -78.55
C PHE OA 103 98.13 12.46 -78.01
N ALA OA 104 98.24 13.63 -78.66
CA ALA OA 104 99.25 14.62 -78.29
C ALA OA 104 98.95 15.22 -76.91
N ARG OA 105 97.65 15.32 -76.61
CA ARG OA 105 97.23 15.91 -75.34
C ARG OA 105 97.61 15.01 -74.17
N GLY OA 106 97.36 13.71 -74.30
CA GLY OA 106 97.62 12.77 -73.23
C GLY OA 106 99.09 12.42 -73.09
N HIS OA 107 99.95 12.86 -74.03
CA HIS OA 107 101.33 12.41 -74.05
C HIS OA 107 102.31 13.50 -73.63
N TYR OA 108 101.98 14.75 -73.91
CA TYR OA 108 103.00 15.78 -73.76
C TYR OA 108 102.57 16.89 -72.84
N THR OA 109 101.26 17.12 -72.72
CA THR OA 109 100.80 18.29 -71.99
C THR OA 109 100.27 17.88 -70.62
N ILE OA 110 99.19 17.08 -70.60
CA ILE OA 110 98.42 16.88 -69.39
C ILE OA 110 98.56 15.47 -68.86
N GLY OA 111 99.12 14.57 -69.69
CA GLY OA 111 99.38 13.21 -69.24
C GLY OA 111 100.52 13.16 -68.23
N LYS OA 112 101.44 14.11 -68.35
CA LYS OA 112 102.63 14.12 -67.52
C LYS OA 112 102.35 14.59 -66.08
N GLU OA 113 101.16 15.14 -65.85
CA GLU OA 113 100.82 15.58 -64.51
C GLU OA 113 100.49 14.43 -63.55
N ILE OA 114 99.84 13.35 -64.04
CA ILE OA 114 99.37 12.30 -63.15
C ILE OA 114 100.23 11.03 -63.27
N VAL OA 115 101.22 11.05 -64.18
CA VAL OA 115 102.12 9.91 -64.30
C VAL OA 115 103.09 9.86 -63.11
N ASP OA 116 103.38 11.01 -62.48
CA ASP OA 116 104.29 11.05 -61.34
C ASP OA 116 103.68 10.35 -60.13
N LEU OA 117 102.39 10.61 -59.92
CA LEU OA 117 101.66 9.96 -58.84
C LEU OA 117 101.37 8.50 -59.18
N SER OA 118 101.30 8.19 -60.48
CA SER OA 118 101.04 6.82 -60.93
C SER OA 118 102.22 5.89 -60.62
N LEU OA 119 103.45 6.37 -60.90
CA LEU OA 119 104.65 5.59 -60.67
C LEU OA 119 104.87 5.33 -59.17
N ASP OA 120 104.52 6.32 -58.33
CA ASP OA 120 104.67 6.23 -56.89
C ASP OA 120 103.80 5.10 -56.33
N ARG OA 121 102.59 4.94 -56.90
CA ARG OA 121 101.69 3.92 -56.44
C ARG OA 121 102.15 2.53 -56.85
N ILE OA 122 102.68 2.45 -58.07
CA ILE OA 122 103.10 1.15 -58.59
C ILE OA 122 104.33 0.68 -57.82
N ARG OA 123 105.26 1.61 -57.57
CA ARG OA 123 106.51 1.26 -56.90
C ARG OA 123 106.25 0.77 -55.46
N LYS OA 124 105.28 1.40 -54.77
CA LYS OA 124 104.91 1.00 -53.42
C LYS OA 124 104.29 -0.41 -53.43
N LEU OA 125 103.55 -0.70 -54.51
CA LEU OA 125 102.69 -1.87 -54.61
C LEU OA 125 103.44 -3.00 -55.33
N ALA OA 126 104.69 -2.77 -55.78
CA ALA OA 126 105.47 -3.77 -56.48
C ALA OA 126 106.79 -4.10 -55.77
N ASP OA 127 107.21 -3.27 -54.80
CA ASP OA 127 108.47 -3.49 -54.10
C ASP OA 127 108.29 -4.32 -52.83
N ASN OA 128 107.07 -4.75 -52.53
CA ASN OA 128 106.81 -5.58 -51.37
C ASN OA 128 107.34 -7.00 -51.60
N CYS OA 129 107.31 -7.49 -52.86
CA CYS OA 129 107.77 -8.84 -53.19
C CYS OA 129 108.68 -8.82 -54.42
N THR OA 130 109.65 -9.72 -54.45
CA THR OA 130 110.24 -10.16 -55.71
C THR OA 130 109.33 -11.24 -56.28
N GLY OA 131 109.71 -11.79 -57.44
CA GLY OA 131 108.84 -12.70 -58.17
C GLY OA 131 107.60 -11.98 -58.69
N LEU OA 132 107.78 -10.66 -58.93
CA LEU OA 132 106.83 -9.87 -59.69
C LEU OA 132 106.74 -10.51 -61.06
N GLN OA 133 105.62 -11.17 -61.32
CA GLN OA 133 105.58 -11.97 -62.52
C GLN OA 133 105.39 -11.11 -63.75
N GLY OA 134 104.65 -10.01 -63.60
CA GLY OA 134 104.60 -9.05 -64.68
C GLY OA 134 103.47 -8.04 -64.51
N PHE OA 135 103.34 -7.19 -65.52
CA PHE OA 135 102.31 -6.16 -65.58
C PHE OA 135 101.28 -6.53 -66.64
N LEU OA 136 100.00 -6.33 -66.29
CA LEU OA 136 98.93 -6.42 -67.25
C LEU OA 136 98.39 -5.00 -67.46
N MET OA 137 98.14 -4.66 -68.73
CA MET OA 137 97.61 -3.36 -69.09
C MET OA 137 96.32 -3.55 -69.86
N PHE OA 138 95.30 -2.78 -69.46
CA PHE OA 138 94.01 -2.77 -70.13
C PHE OA 138 93.74 -1.34 -70.57
N ASN OA 139 93.65 -1.09 -71.87
CA ASN OA 139 93.51 0.28 -72.36
C ASN OA 139 92.80 0.28 -73.71
N ALA OA 140 92.40 1.49 -74.14
CA ALA OA 140 91.77 1.73 -75.43
C ALA OA 140 92.70 2.57 -76.28
N VAL OA 141 92.94 2.14 -77.52
CA VAL OA 141 93.81 2.88 -78.42
C VAL OA 141 92.99 3.81 -79.33
N GLY OA 142 91.68 3.82 -79.08
CA GLY OA 142 90.68 4.66 -79.75
C GLY OA 142 90.45 6.00 -79.06
N GLY OA 143 91.17 6.26 -77.95
CA GLY OA 143 90.94 7.41 -77.08
C GLY OA 143 92.21 8.24 -76.88
N GLY OA 144 92.14 9.17 -75.92
CA GLY OA 144 93.24 10.10 -75.72
C GLY OA 144 94.09 9.68 -74.54
N THR OA 145 93.42 9.42 -73.42
CA THR OA 145 94.10 9.06 -72.19
C THR OA 145 94.57 7.60 -72.24
N GLY OA 146 93.81 6.76 -72.96
CA GLY OA 146 94.18 5.37 -73.09
C GLY OA 146 95.45 5.21 -73.92
N SER OA 147 95.38 5.75 -75.15
CA SER OA 147 96.46 5.58 -76.11
C SER OA 147 97.66 6.46 -75.73
N GLY OA 148 97.37 7.66 -75.22
CA GLY OA 148 98.40 8.65 -74.99
C GLY OA 148 99.22 8.34 -73.75
N LEU OA 149 98.50 8.33 -72.61
CA LEU OA 149 99.11 8.12 -71.31
C LEU OA 149 99.57 6.66 -71.20
N GLY OA 150 99.01 5.79 -72.05
CA GLY OA 150 99.50 4.42 -72.19
C GLY OA 150 101.00 4.36 -72.52
N CYS OA 151 101.44 5.18 -73.48
CA CYS OA 151 102.84 5.14 -73.89
C CYS OA 151 103.75 5.79 -72.85
N LEU OA 152 103.31 6.91 -72.26
CA LEU OA 152 104.17 7.63 -71.32
C LEU OA 152 104.41 6.80 -70.07
N LEU OA 153 103.39 6.06 -69.63
CA LEU OA 153 103.55 5.19 -68.48
C LEU OA 153 104.38 3.96 -68.86
N LEU OA 154 104.32 3.54 -70.12
CA LEU OA 154 105.05 2.35 -70.55
C LEU OA 154 106.53 2.64 -70.77
N GLU OA 155 106.85 3.86 -71.28
CA GLU OA 155 108.24 4.26 -71.47
C GLU OA 155 108.93 4.34 -70.10
N ARG OA 156 108.18 4.78 -69.09
CA ARG OA 156 108.73 4.91 -67.76
C ARG OA 156 108.89 3.55 -67.07
N LEU OA 157 107.95 2.64 -67.34
CA LEU OA 157 108.03 1.32 -66.75
C LEU OA 157 109.19 0.51 -67.31
N SER OA 158 109.45 0.73 -68.62
CA SER OA 158 110.49 -0.02 -69.32
C SER OA 158 111.88 0.37 -68.82
N VAL OA 159 112.04 1.62 -68.42
CA VAL OA 159 113.35 2.10 -67.98
C VAL OA 159 113.66 1.51 -66.61
N ASP OA 160 112.68 1.59 -65.70
CA ASP OA 160 112.93 1.27 -64.31
C ASP OA 160 112.85 -0.24 -64.08
N TYR OA 161 111.69 -0.84 -64.36
CA TYR OA 161 111.55 -2.28 -64.23
C TYR OA 161 111.73 -2.93 -65.59
N GLY OA 162 113.00 -3.27 -65.89
CA GLY OA 162 113.41 -3.63 -67.23
C GLY OA 162 112.73 -4.85 -67.83
N LYS OA 163 113.12 -6.04 -67.36
CA LYS OA 163 112.85 -7.24 -68.14
C LYS OA 163 111.50 -7.85 -67.82
N LYS OA 164 110.74 -7.22 -66.92
CA LYS OA 164 109.51 -7.86 -66.46
C LYS OA 164 108.45 -7.82 -67.56
N SER OA 165 107.66 -8.88 -67.60
CA SER OA 165 106.76 -9.15 -68.70
C SER OA 165 105.63 -8.11 -68.72
N LYS OA 166 105.33 -7.60 -69.92
CA LYS OA 166 104.26 -6.61 -70.09
C LYS OA 166 103.28 -7.09 -71.17
N LEU OA 167 102.10 -7.54 -70.72
CA LEU OA 167 101.01 -7.88 -71.62
C LEU OA 167 100.13 -6.65 -71.80
N ASN OA 168 99.51 -6.60 -72.97
CA ASN OA 168 98.66 -5.49 -73.32
C ASN OA 168 97.33 -6.04 -73.82
N PHE OA 169 96.26 -5.44 -73.35
CA PHE OA 169 94.92 -5.81 -73.78
C PHE OA 169 94.26 -4.58 -74.41
N CYS OA 170 94.48 -4.42 -75.73
CA CYS OA 170 94.06 -3.21 -76.42
C CYS OA 170 92.67 -3.45 -77.04
N SER OA 171 91.70 -2.62 -76.62
CA SER OA 171 90.38 -2.60 -77.22
C SER OA 171 90.45 -1.79 -78.52
N TRP OA 172 90.89 -2.47 -79.59
CA TRP OA 172 91.22 -1.86 -80.87
C TRP OA 172 89.96 -1.30 -81.53
N PRO OA 173 90.07 -0.30 -82.44
CA PRO OA 173 88.91 0.10 -83.24
C PRO OA 173 88.37 -1.03 -84.13
N SER OA 174 87.05 -0.99 -84.35
CA SER OA 174 86.38 -1.94 -85.21
C SER OA 174 86.61 -1.58 -86.68
N PRO OA 175 86.46 -2.51 -87.64
CA PRO OA 175 86.45 -2.13 -89.05
C PRO OA 175 85.25 -1.28 -89.50
N GLN OA 176 84.05 -1.48 -88.94
CA GLN OA 176 82.87 -0.76 -89.43
C GLN OA 176 82.47 0.35 -88.47
N VAL OA 177 82.11 -0.05 -87.25
CA VAL OA 177 81.55 0.91 -86.31
C VAL OA 177 82.72 1.63 -85.65
N SER OA 178 82.52 2.91 -85.35
CA SER OA 178 83.64 3.79 -85.05
C SER OA 178 83.54 4.38 -83.66
N THR OA 179 82.46 5.16 -83.44
CA THR OA 179 82.29 6.04 -82.28
C THR OA 179 83.43 7.04 -82.15
N ALA OA 180 84.12 7.33 -83.26
CA ALA OA 180 85.14 8.38 -83.35
C ALA OA 180 85.43 8.69 -84.81
N VAL OA 181 86.12 9.82 -85.03
CA VAL OA 181 86.51 10.26 -86.36
C VAL OA 181 88.03 10.33 -86.45
N VAL OA 182 88.68 10.90 -85.42
CA VAL OA 182 90.12 11.13 -85.42
C VAL OA 182 90.90 9.88 -84.96
N GLU OA 183 90.19 8.77 -84.77
CA GLU OA 183 90.78 7.58 -84.17
C GLU OA 183 91.82 6.87 -85.03
N PRO OA 184 91.84 6.98 -86.37
CA PRO OA 184 93.03 6.52 -87.10
C PRO OA 184 94.32 7.24 -86.78
N TYR OA 185 94.23 8.52 -86.40
CA TYR OA 185 95.41 9.25 -85.95
C TYR OA 185 95.93 8.69 -84.63
N ASN OA 186 95.03 8.47 -83.67
CA ASN OA 186 95.40 7.93 -82.36
C ASN OA 186 95.90 6.50 -82.47
N SER OA 187 95.26 5.69 -83.32
CA SER OA 187 95.60 4.28 -83.42
C SER OA 187 96.97 4.08 -84.09
N VAL OA 188 97.28 4.92 -85.08
CA VAL OA 188 98.56 4.83 -85.77
C VAL OA 188 99.68 5.23 -84.81
N LEU OA 189 99.46 6.30 -84.05
CA LEU OA 189 100.50 6.79 -83.15
C LEU OA 189 100.68 5.87 -81.94
N SER OA 190 99.61 5.18 -81.53
CA SER OA 190 99.70 4.28 -80.38
C SER OA 190 100.44 3.01 -80.76
N THR OA 191 100.09 2.45 -81.93
CA THR OA 191 100.66 1.19 -82.37
C THR OA 191 102.15 1.37 -82.73
N HIS OA 192 102.58 2.59 -83.04
CA HIS OA 192 104.00 2.81 -83.30
C HIS OA 192 104.80 2.72 -82.01
N SER OA 193 104.23 3.23 -80.91
CA SER OA 193 104.99 3.45 -79.70
C SER OA 193 104.66 2.42 -78.62
N LEU OA 194 103.68 1.54 -78.85
CA LEU OA 194 103.56 0.35 -78.03
C LEU OA 194 104.42 -0.78 -78.60
N LEU OA 195 104.95 -0.58 -79.80
CA LEU OA 195 105.66 -1.65 -80.49
C LEU OA 195 107.01 -1.96 -79.83
N GLU OA 196 107.72 -0.93 -79.38
CA GLU OA 196 109.03 -1.13 -78.78
C GLU OA 196 108.96 -1.05 -77.25
N HIS OA 197 107.73 -1.02 -76.71
CA HIS OA 197 107.55 -0.84 -75.28
C HIS OA 197 106.70 -1.94 -74.63
N THR OA 198 106.16 -2.87 -75.41
CA THR OA 198 105.36 -3.95 -74.85
C THR OA 198 106.04 -5.29 -75.11
N ASP OA 199 105.42 -6.37 -74.62
CA ASP OA 199 105.92 -7.71 -74.84
C ASP OA 199 104.92 -8.55 -75.63
N VAL OA 200 103.66 -8.60 -75.18
CA VAL OA 200 102.61 -9.38 -75.84
C VAL OA 200 101.37 -8.52 -75.89
N ALA OA 201 100.81 -8.33 -77.10
CA ALA OA 201 99.60 -7.55 -77.30
C ALA OA 201 98.46 -8.48 -77.72
N VAL OA 202 97.34 -8.36 -77.00
CA VAL OA 202 96.15 -9.14 -77.29
C VAL OA 202 95.03 -8.17 -77.62
N MET OA 203 94.46 -8.32 -78.81
CA MET OA 203 93.58 -7.30 -79.37
C MET OA 203 92.13 -7.72 -79.24
N LEU OA 204 91.37 -6.93 -78.46
CA LEU OA 204 89.93 -7.07 -78.44
C LEU OA 204 89.29 -6.05 -79.38
N ASP OA 205 88.25 -6.49 -80.08
CA ASP OA 205 87.46 -5.62 -80.94
C ASP OA 205 86.04 -5.67 -80.43
N ASN OA 206 85.38 -4.49 -80.41
CA ASN OA 206 84.09 -4.41 -79.74
C ASN OA 206 82.98 -4.91 -80.64
N GLU OA 207 83.14 -4.81 -81.95
CA GLU OA 207 82.10 -5.30 -82.84
C GLU OA 207 82.14 -6.83 -82.92
N ALA OA 208 83.31 -7.42 -82.64
CA ALA OA 208 83.45 -8.87 -82.62
C ALA OA 208 82.64 -9.46 -81.46
N ILE OA 209 82.58 -8.77 -80.33
CA ILE OA 209 81.89 -9.31 -79.15
C ILE OA 209 80.40 -9.04 -79.24
N TYR OA 210 80.00 -7.98 -79.95
CA TYR OA 210 78.59 -7.74 -80.21
C TYR OA 210 78.00 -8.85 -81.05
N ASP OA 211 78.80 -9.33 -82.01
CA ASP OA 211 78.35 -10.36 -82.91
C ASP OA 211 78.19 -11.69 -82.17
N ILE OA 212 79.11 -11.98 -81.24
CA ILE OA 212 79.11 -13.26 -80.55
C ILE OA 212 77.85 -13.39 -79.70
N CYS OA 213 77.55 -12.33 -78.92
CA CYS OA 213 76.46 -12.38 -77.97
C CYS OA 213 75.11 -12.39 -78.67
N ARG OA 214 75.07 -11.89 -79.91
CA ARG OA 214 73.85 -12.03 -80.69
C ARG OA 214 73.68 -13.47 -81.14
N ARG OA 215 74.75 -14.06 -81.65
CA ARG OA 215 74.69 -15.39 -82.24
C ARG OA 215 74.59 -16.47 -81.16
N ASN OA 216 75.36 -16.32 -80.07
CA ASN OA 216 75.56 -17.43 -79.15
C ASN OA 216 74.67 -17.33 -77.92
N LEU OA 217 74.53 -16.12 -77.38
CA LEU OA 217 73.80 -15.97 -76.13
C LEU OA 217 72.35 -15.58 -76.41
N ASP OA 218 72.07 -15.16 -77.66
CA ASP OA 218 70.74 -14.76 -78.05
C ASP OA 218 70.37 -13.47 -77.31
N ILE OA 219 71.38 -12.69 -76.91
CA ILE OA 219 71.14 -11.36 -76.33
C ILE OA 219 71.08 -10.39 -77.49
N GLU OA 220 69.85 -9.95 -77.75
CA GLU OA 220 69.55 -9.10 -78.90
C GLU OA 220 70.21 -7.71 -78.77
N ARG OA 221 70.15 -7.15 -77.56
CA ARG OA 221 70.48 -5.75 -77.38
C ARG OA 221 71.46 -5.63 -76.23
N PRO OA 222 72.74 -5.99 -76.39
CA PRO OA 222 73.67 -5.88 -75.27
C PRO OA 222 74.19 -4.47 -75.03
N THR OA 223 74.85 -4.30 -73.87
CA THR OA 223 75.45 -3.05 -73.45
C THR OA 223 76.91 -3.35 -73.13
N TYR OA 224 77.68 -2.36 -72.64
CA TYR OA 224 79.04 -2.65 -72.23
C TYR OA 224 79.10 -3.54 -70.99
N THR OA 225 78.12 -3.49 -70.09
CA THR OA 225 78.16 -4.34 -68.91
C THR OA 225 77.88 -5.81 -69.26
N ASN OA 226 77.41 -6.08 -70.48
CA ASN OA 226 77.32 -7.45 -70.97
C ASN OA 226 78.62 -7.86 -71.66
N LEU OA 227 79.33 -6.92 -72.27
CA LEU OA 227 80.58 -7.22 -72.95
C LEU OA 227 81.69 -7.45 -71.94
N ASN OA 228 81.75 -6.66 -70.87
CA ASN OA 228 82.90 -6.67 -69.98
C ASN OA 228 82.89 -7.91 -69.09
N ARG OA 229 81.75 -8.60 -68.97
CA ARG OA 229 81.70 -9.90 -68.30
C ARG OA 229 82.47 -10.95 -69.10
N LEU OA 230 82.29 -10.91 -70.41
CA LEU OA 230 82.89 -11.88 -71.31
C LEU OA 230 84.41 -11.68 -71.37
N ILE OA 231 84.86 -10.43 -71.33
CA ILE OA 231 86.29 -10.13 -71.26
C ILE OA 231 86.83 -10.62 -69.91
N ALA OA 232 86.00 -10.51 -68.86
CA ALA OA 232 86.40 -10.89 -67.51
C ALA OA 232 86.65 -12.40 -67.43
N GLN OA 233 85.85 -13.18 -68.17
CA GLN OA 233 86.00 -14.63 -68.18
C GLN OA 233 87.26 -15.04 -68.93
N VAL OA 234 87.69 -14.21 -69.88
CA VAL OA 234 88.90 -14.54 -70.63
C VAL OA 234 90.12 -14.32 -69.76
N ILE OA 235 90.13 -13.25 -68.96
CA ILE OA 235 91.21 -13.04 -68.01
C ILE OA 235 91.18 -14.12 -66.94
N SER OA 236 89.98 -14.64 -66.63
CA SER OA 236 89.83 -15.70 -65.63
C SER OA 236 90.48 -16.98 -66.11
N SER OA 237 90.27 -17.34 -67.38
CA SER OA 237 90.87 -18.55 -67.92
C SER OA 237 92.34 -18.33 -68.28
N LEU OA 238 92.77 -17.06 -68.37
CA LEU OA 238 94.15 -16.78 -68.70
C LEU OA 238 95.05 -16.92 -67.47
N THR OA 239 94.58 -16.38 -66.35
CA THR OA 239 95.32 -16.39 -65.11
C THR OA 239 94.74 -17.45 -64.19
N ALA OA 240 94.22 -18.54 -64.75
CA ALA OA 240 93.68 -19.64 -63.96
C ALA OA 240 94.81 -20.41 -63.33
N SER OA 241 95.86 -20.63 -64.12
CA SER OA 241 96.98 -21.47 -63.75
C SER OA 241 97.80 -20.80 -62.62
N LEU OA 242 97.81 -19.46 -62.57
CA LEU OA 242 98.52 -18.71 -61.55
C LEU OA 242 97.86 -18.86 -60.19
N ARG OA 243 96.58 -19.28 -60.16
CA ARG OA 243 95.80 -19.16 -58.94
C ARG OA 243 95.37 -20.53 -58.40
N PHE OA 244 95.22 -21.51 -59.27
CA PHE OA 244 94.76 -22.83 -58.87
C PHE OA 244 95.73 -23.89 -59.38
N ASP OA 245 95.63 -25.12 -58.86
CA ASP OA 245 96.47 -26.22 -59.29
C ASP OA 245 95.77 -27.06 -60.36
N GLY OA 246 96.57 -27.38 -61.38
CA GLY OA 246 96.13 -28.13 -62.54
C GLY OA 246 97.05 -29.29 -62.92
N ALA OA 247 96.66 -30.08 -63.94
CA ALA OA 247 97.51 -31.18 -64.39
C ALA OA 247 98.75 -30.66 -65.13
N LEU OA 248 98.57 -29.70 -66.03
CA LEU OA 248 99.68 -29.19 -66.82
C LEU OA 248 99.55 -27.69 -66.88
N ASN OA 249 100.02 -26.96 -65.87
CA ASN OA 249 99.74 -25.52 -65.83
C ASN OA 249 100.78 -24.71 -66.62
N VAL OA 250 100.39 -23.55 -67.14
CA VAL OA 250 101.34 -22.65 -67.77
C VAL OA 250 101.09 -21.20 -67.33
N ASP OA 251 102.17 -20.46 -67.09
CA ASP OA 251 102.13 -19.17 -66.40
C ASP OA 251 101.98 -18.01 -67.37
N VAL OA 252 102.06 -16.78 -66.85
CA VAL OA 252 101.89 -15.57 -67.66
C VAL OA 252 103.26 -15.00 -68.03
N THR OA 253 104.33 -15.81 -67.90
CA THR OA 253 105.63 -15.43 -68.43
C THR OA 253 106.00 -16.31 -69.62
N GLU OA 254 105.26 -17.40 -69.82
CA GLU OA 254 105.54 -18.38 -70.86
C GLU OA 254 104.60 -18.20 -72.05
N PHE OA 255 103.76 -17.15 -72.04
CA PHE OA 255 103.12 -16.75 -73.28
C PHE OA 255 104.16 -16.22 -74.24
N GLN OA 256 105.02 -15.32 -73.73
CA GLN OA 256 106.03 -14.62 -74.50
C GLN OA 256 107.08 -15.57 -75.05
N THR OA 257 107.28 -16.70 -74.39
CA THR OA 257 108.21 -17.72 -74.88
C THR OA 257 107.59 -18.48 -76.05
N ASN OA 258 106.28 -18.71 -75.98
CA ASN OA 258 105.63 -19.66 -76.87
C ASN OA 258 104.70 -19.00 -77.89
N LEU OA 259 104.63 -17.66 -77.91
CA LEU OA 259 103.73 -17.00 -78.83
C LEU OA 259 104.41 -15.84 -79.57
N VAL OA 260 105.65 -15.51 -79.23
CA VAL OA 260 106.35 -14.39 -79.85
C VAL OA 260 107.60 -14.93 -80.53
N PRO OA 261 107.51 -15.29 -81.82
CA PRO OA 261 108.66 -15.88 -82.50
C PRO OA 261 109.77 -14.91 -82.91
N TYR OA 262 109.42 -13.62 -82.97
CA TYR OA 262 110.38 -12.54 -83.23
C TYR OA 262 109.88 -11.30 -82.47
N PRO OA 263 110.79 -10.41 -81.95
CA PRO OA 263 110.42 -9.38 -80.99
C PRO OA 263 109.33 -8.39 -81.44
N ARG OA 264 109.33 -8.01 -82.71
CA ARG OA 264 108.35 -7.05 -83.22
C ARG OA 264 107.00 -7.73 -83.50
N ILE OA 265 107.00 -9.05 -83.72
CA ILE OA 265 105.79 -9.75 -84.16
C ILE OA 265 105.17 -10.39 -82.93
N HIS OA 266 104.25 -9.65 -82.30
CA HIS OA 266 103.59 -10.15 -81.11
C HIS OA 266 102.13 -9.76 -81.04
N PHE OA 267 101.50 -9.48 -82.19
CA PHE OA 267 100.10 -9.11 -82.23
C PHE OA 267 99.23 -10.34 -82.52
N MET OA 268 98.23 -10.59 -81.69
CA MET OA 268 97.55 -11.89 -81.69
C MET OA 268 96.09 -11.80 -81.26
N LEU OA 269 95.34 -12.88 -81.49
CA LEU OA 269 93.88 -12.89 -81.44
C LEU OA 269 93.37 -13.57 -80.18
N SER OA 270 92.05 -13.83 -80.08
CA SER OA 270 91.51 -14.47 -78.88
C SER OA 270 90.21 -15.23 -79.19
N SER OA 271 89.91 -16.33 -78.47
CA SER OA 271 88.67 -17.08 -78.63
C SER OA 271 88.34 -17.75 -77.31
N TYR OA 272 87.06 -17.74 -76.96
CA TYR OA 272 86.60 -18.44 -75.77
C TYR OA 272 85.41 -19.29 -76.16
N ALA OA 273 85.39 -20.51 -75.66
CA ALA OA 273 84.35 -21.46 -75.97
C ALA OA 273 84.27 -22.44 -74.80
N PRO OA 274 83.09 -22.90 -74.36
CA PRO OA 274 81.79 -22.51 -74.94
C PRO OA 274 81.23 -21.23 -74.34
N ILE OA 275 80.48 -20.48 -75.15
CA ILE OA 275 79.72 -19.34 -74.65
C ILE OA 275 78.25 -19.61 -74.95
N ILE OA 276 77.60 -20.25 -73.97
CA ILE OA 276 76.25 -20.74 -74.12
C ILE OA 276 75.46 -20.28 -72.91
N SER OA 277 74.18 -20.04 -73.15
CA SER OA 277 73.28 -19.47 -72.16
C SER OA 277 72.78 -20.58 -71.23
N ALA OA 278 72.07 -20.16 -70.17
CA ALA OA 278 71.50 -21.06 -69.19
C ALA OA 278 70.44 -21.96 -69.84
N GLU OA 279 69.67 -21.42 -70.78
CA GLU OA 279 68.81 -22.13 -71.71
C GLU OA 279 69.60 -23.18 -72.48
N LYS OA 280 70.78 -22.81 -72.99
CA LYS OA 280 71.51 -23.66 -73.91
C LYS OA 280 72.17 -24.80 -73.14
N ALA OA 281 72.56 -24.55 -71.89
CA ALA OA 281 73.25 -25.58 -71.09
C ALA OA 281 72.29 -26.67 -70.64
N TYR OA 282 70.99 -26.50 -70.93
CA TYR OA 282 69.97 -27.44 -70.51
C TYR OA 282 70.12 -28.72 -71.29
N HIS OA 283 70.53 -28.65 -72.57
CA HIS OA 283 70.44 -29.80 -73.46
C HIS OA 283 71.81 -30.38 -73.81
N GLU OA 284 72.88 -29.85 -73.21
CA GLU OA 284 74.20 -30.19 -73.73
C GLU OA 284 75.09 -30.73 -72.62
N GLN OA 285 75.73 -31.92 -72.77
CA GLN OA 285 77.02 -32.13 -72.13
C GLN OA 285 78.09 -31.58 -73.09
N LEU OA 286 78.82 -30.60 -72.55
CA LEU OA 286 79.89 -29.93 -73.24
C LEU OA 286 81.14 -30.82 -73.31
N SER OA 287 81.14 -31.78 -74.24
CA SER OA 287 82.32 -32.62 -74.48
C SER OA 287 83.53 -31.81 -74.96
N VAL OA 288 84.68 -32.43 -74.74
CA VAL OA 288 85.94 -31.82 -75.06
C VAL OA 288 86.07 -31.66 -76.57
N ALA OA 289 85.40 -32.55 -77.34
CA ALA OA 289 85.41 -32.42 -78.80
C ALA OA 289 84.75 -31.11 -79.23
N GLU OA 290 83.60 -30.86 -78.57
CA GLU OA 290 82.70 -29.80 -79.02
C GLU OA 290 83.29 -28.43 -78.63
N ILE OA 291 83.92 -28.36 -77.46
CA ILE OA 291 84.43 -27.08 -76.94
C ILE OA 291 85.68 -26.64 -77.68
N THR OA 292 86.38 -27.59 -78.31
CA THR OA 292 87.59 -27.22 -79.04
C THR OA 292 87.32 -27.08 -80.54
N ASN OA 293 86.22 -27.67 -81.03
CA ASN OA 293 85.84 -27.42 -82.42
C ASN OA 293 85.32 -25.99 -82.57
N SER OA 294 84.62 -25.51 -81.55
CA SER OA 294 84.05 -24.18 -81.54
C SER OA 294 85.11 -23.09 -81.31
N ALA OA 295 86.21 -23.42 -80.63
CA ALA OA 295 87.23 -22.40 -80.35
C ALA OA 295 87.96 -22.02 -81.65
N PHE OA 296 88.11 -23.03 -82.52
CA PHE OA 296 88.77 -22.83 -83.79
C PHE OA 296 87.82 -22.37 -84.89
N GLU OA 297 86.53 -22.31 -84.57
CA GLU OA 297 85.54 -21.81 -85.51
C GLU OA 297 85.81 -20.33 -85.77
N PRO OA 298 85.97 -19.89 -87.03
CA PRO OA 298 86.40 -18.51 -87.31
C PRO OA 298 85.30 -17.50 -86.99
N ALA OA 299 84.07 -17.97 -86.79
CA ALA OA 299 82.99 -17.09 -86.36
C ALA OA 299 83.02 -16.79 -84.86
N SER OA 300 83.98 -17.36 -84.13
CA SER OA 300 84.03 -17.24 -82.67
C SER OA 300 85.30 -16.54 -82.19
N MET OA 301 86.04 -15.88 -83.10
CA MET OA 301 87.14 -15.00 -82.70
C MET OA 301 86.59 -13.75 -81.98
N MET OA 302 87.49 -13.07 -81.28
CA MET OA 302 87.13 -11.79 -80.65
C MET OA 302 88.00 -10.65 -81.17
N ALA OA 303 88.28 -10.62 -82.48
CA ALA OA 303 89.07 -9.50 -83.00
C ALA OA 303 88.55 -8.96 -84.35
N LYS OA 304 87.55 -9.65 -84.92
CA LYS OA 304 86.98 -9.35 -86.23
C LYS OA 304 88.06 -9.20 -87.29
N CYS OA 305 88.64 -10.35 -87.63
CA CYS OA 305 89.60 -10.54 -88.71
C CYS OA 305 89.62 -12.03 -89.05
N ASP OA 306 89.05 -12.37 -90.21
CA ASP OA 306 88.79 -13.76 -90.57
C ASP OA 306 90.13 -14.46 -90.77
N PRO OA 307 90.45 -15.52 -90.00
CA PRO OA 307 91.74 -16.20 -90.17
C PRO OA 307 91.85 -17.20 -91.32
N ARG OA 308 90.85 -17.22 -92.21
CA ARG OA 308 90.93 -18.05 -93.40
C ARG OA 308 92.01 -17.55 -94.38
N HIS OA 309 92.43 -16.29 -94.23
CA HIS OA 309 93.41 -15.75 -95.16
C HIS OA 309 94.66 -15.27 -94.43
N GLY OA 310 95.05 -16.06 -93.42
CA GLY OA 310 96.32 -15.87 -92.73
C GLY OA 310 96.89 -17.23 -92.36
N LYS OA 311 98.18 -17.24 -91.99
CA LYS OA 311 98.85 -18.48 -91.60
C LYS OA 311 99.18 -18.44 -90.11
N TYR OA 312 98.66 -19.39 -89.36
CA TYR OA 312 98.88 -19.45 -87.91
C TYR OA 312 100.32 -19.80 -87.61
N MET OA 313 100.84 -19.16 -86.56
CA MET OA 313 102.20 -19.42 -86.13
C MET OA 313 102.26 -20.11 -84.76
N ALA OA 314 101.44 -19.66 -83.80
CA ALA OA 314 101.53 -20.22 -82.45
C ALA OA 314 100.18 -20.10 -81.75
N CYS OA 315 99.58 -21.25 -81.44
CA CYS OA 315 98.36 -21.31 -80.66
C CYS OA 315 98.68 -21.74 -79.23
N CYS OA 316 97.99 -21.09 -78.29
CA CYS OA 316 98.06 -21.48 -76.89
C CYS OA 316 96.65 -21.78 -76.42
N LEU OA 317 96.42 -23.02 -75.94
CA LEU OA 317 95.11 -23.43 -75.50
C LEU OA 317 95.09 -23.58 -73.97
N MET OA 318 94.12 -22.93 -73.34
CA MET OA 318 93.89 -23.06 -71.91
C MET OA 318 92.59 -23.81 -71.66
N TYR OA 319 92.67 -25.08 -71.28
CA TYR OA 319 91.52 -25.82 -70.80
C TYR OA 319 91.32 -25.55 -69.32
N ARG OA 320 90.09 -25.77 -68.88
CA ARG OA 320 89.72 -25.37 -67.53
C ARG OA 320 88.50 -26.17 -67.12
N GLY OA 321 88.69 -27.14 -66.21
CA GLY OA 321 87.56 -27.84 -65.62
C GLY OA 321 87.81 -29.33 -65.51
N ASP OA 322 86.77 -30.11 -65.71
CA ASP OA 322 86.90 -31.56 -65.69
C ASP OA 322 87.50 -32.06 -67.01
N VAL OA 323 88.73 -31.63 -67.33
CA VAL OA 323 89.30 -31.92 -68.64
C VAL OA 323 90.38 -32.99 -68.50
N VAL OA 324 90.02 -34.21 -68.89
CA VAL OA 324 90.98 -35.31 -69.00
C VAL OA 324 92.02 -34.95 -70.08
N PRO OA 325 93.33 -35.20 -69.85
CA PRO OA 325 94.33 -34.84 -70.86
C PRO OA 325 94.35 -35.71 -72.11
N LYS OA 326 93.75 -36.90 -72.04
CA LYS OA 326 93.68 -37.79 -73.17
C LYS OA 326 92.58 -37.41 -74.16
N ASP OA 327 91.76 -36.41 -73.82
CA ASP OA 327 90.84 -35.85 -74.79
C ASP OA 327 91.38 -34.55 -75.40
N VAL OA 328 92.35 -33.92 -74.70
CA VAL OA 328 93.04 -32.79 -75.31
C VAL OA 328 93.89 -33.26 -76.50
N ASN OA 329 94.72 -34.27 -76.25
CA ASN OA 329 95.59 -34.80 -77.28
C ASN OA 329 94.81 -35.65 -78.28
N ALA OA 330 93.58 -36.05 -77.93
CA ALA OA 330 92.73 -36.75 -78.90
C ALA OA 330 92.09 -35.76 -79.88
N ALA OA 331 92.00 -34.49 -79.48
CA ALA OA 331 91.34 -33.49 -80.29
C ALA OA 331 92.33 -32.53 -80.94
N VAL OA 332 93.48 -32.26 -80.31
CA VAL OA 332 94.47 -31.36 -80.88
C VAL OA 332 95.11 -31.99 -82.13
N ALA OA 333 95.14 -33.31 -82.19
CA ALA OA 333 95.66 -34.01 -83.36
C ALA OA 333 94.67 -33.91 -84.53
N THR OA 334 93.38 -33.79 -84.18
CA THR OA 334 92.35 -33.69 -85.21
C THR OA 334 92.36 -32.29 -85.84
N ILE OA 335 92.46 -31.23 -85.02
CA ILE OA 335 92.61 -29.86 -85.52
C ILE OA 335 93.90 -29.74 -86.35
N LYS OA 336 95.00 -30.33 -85.88
CA LYS OA 336 96.27 -30.34 -86.59
C LYS OA 336 96.13 -30.91 -88.01
N THR OA 337 95.29 -31.94 -88.15
CA THR OA 337 95.30 -32.69 -89.41
C THR OA 337 94.25 -32.21 -90.41
N LYS OA 338 93.25 -31.42 -89.98
CA LYS OA 338 92.20 -30.98 -90.89
C LYS OA 338 92.70 -29.81 -91.71
N ARG OA 339 92.40 -29.83 -93.02
CA ARG OA 339 93.41 -29.19 -93.87
C ARG OA 339 93.10 -27.71 -94.05
N THR OA 340 91.88 -27.31 -93.69
CA THR OA 340 91.32 -25.96 -93.86
C THR OA 340 92.10 -24.93 -93.06
N ILE OA 341 92.55 -25.32 -91.86
CA ILE OA 341 93.30 -24.39 -91.04
C ILE OA 341 94.76 -24.53 -91.43
N GLN OA 342 95.41 -23.37 -91.61
CA GLN OA 342 96.77 -23.33 -92.10
C GLN OA 342 97.77 -23.21 -90.95
N PHE OA 343 98.97 -23.72 -91.23
CA PHE OA 343 100.13 -23.44 -90.41
C PHE OA 343 101.30 -23.09 -91.31
N VAL OA 344 102.12 -22.16 -90.79
CA VAL OA 344 103.38 -21.80 -91.41
C VAL OA 344 104.28 -23.03 -91.41
N ASP OA 345 105.17 -23.05 -92.40
CA ASP OA 345 106.10 -24.15 -92.59
C ASP OA 345 107.10 -24.25 -91.44
N TRP OA 346 107.59 -23.12 -90.91
CA TRP OA 346 108.72 -23.18 -89.99
C TRP OA 346 108.32 -23.45 -88.54
N CYS OA 347 107.02 -23.61 -88.26
CA CYS OA 347 106.57 -23.96 -86.92
C CYS OA 347 105.74 -25.24 -86.96
N PRO OA 348 106.36 -26.44 -86.98
CA PRO OA 348 105.58 -27.67 -87.00
C PRO OA 348 104.85 -27.98 -85.70
N THR OA 349 105.39 -27.56 -84.55
CA THR OA 349 104.72 -27.78 -83.27
C THR OA 349 104.24 -26.43 -82.76
N GLY OA 350 102.93 -26.20 -82.85
CA GLY OA 350 102.40 -24.87 -82.65
C GLY OA 350 101.25 -24.88 -81.66
N PHE OA 351 101.22 -25.85 -80.74
CA PHE OA 351 100.24 -25.83 -79.67
C PHE OA 351 100.97 -26.00 -78.35
N LYS OA 352 100.62 -25.13 -77.40
CA LYS OA 352 101.12 -25.24 -76.04
C LYS OA 352 99.91 -25.32 -75.12
N CYS OA 353 99.64 -26.53 -74.62
CA CYS OA 353 98.42 -26.88 -73.91
C CYS OA 353 98.58 -26.56 -72.42
N GLY OA 354 97.47 -26.17 -71.77
CA GLY OA 354 97.44 -25.88 -70.35
C GLY OA 354 96.10 -26.27 -69.74
N ILE OA 355 96.11 -27.12 -68.72
CA ILE OA 355 94.91 -27.69 -68.12
C ILE OA 355 94.84 -27.30 -66.65
N ASN OA 356 93.64 -26.89 -66.22
CA ASN OA 356 93.37 -26.46 -64.86
C ASN OA 356 92.26 -27.30 -64.24
N TYR OA 357 92.08 -27.26 -62.92
CA TYR OA 357 91.08 -28.09 -62.26
C TYR OA 357 89.80 -27.35 -61.95
N GLN OA 358 89.93 -26.08 -61.56
CA GLN OA 358 88.78 -25.37 -61.03
C GLN OA 358 87.87 -24.95 -62.18
N PRO OA 359 86.59 -25.39 -62.18
CA PRO OA 359 85.65 -24.99 -63.24
C PRO OA 359 85.30 -23.51 -63.10
N PRO OA 360 84.88 -22.83 -64.19
CA PRO OA 360 84.63 -21.38 -64.15
C PRO OA 360 83.50 -20.99 -63.19
N THR OA 361 83.64 -19.83 -62.54
CA THR OA 361 82.64 -19.32 -61.63
C THR OA 361 81.68 -18.39 -62.38
N VAL OA 362 80.39 -18.53 -62.05
CA VAL OA 362 79.36 -17.74 -62.69
C VAL OA 362 78.91 -16.59 -61.79
N VAL OA 363 78.81 -15.37 -62.33
CA VAL OA 363 78.17 -14.27 -61.63
C VAL OA 363 76.65 -14.46 -61.61
N PRO OA 364 75.99 -14.38 -60.44
CA PRO OA 364 74.54 -14.60 -60.38
C PRO OA 364 73.77 -13.53 -61.14
N GLY OA 365 72.73 -13.98 -61.85
CA GLY OA 365 71.85 -13.12 -62.63
C GLY OA 365 72.54 -12.44 -63.82
N GLY OA 366 73.77 -12.90 -64.14
CA GLY OA 366 74.51 -12.47 -65.31
C GLY OA 366 73.97 -13.13 -66.58
N ASP OA 367 74.84 -13.36 -67.58
CA ASP OA 367 74.36 -13.92 -68.83
C ASP OA 367 74.99 -15.28 -69.19
N LEU OA 368 76.25 -15.52 -68.83
CA LEU OA 368 76.81 -16.85 -69.11
C LEU OA 368 76.18 -17.89 -68.18
N ALA OA 369 76.27 -19.16 -68.57
CA ALA OA 369 75.78 -20.26 -67.74
C ALA OA 369 76.90 -20.83 -66.87
N LYS OA 370 76.53 -21.74 -65.97
CA LYS OA 370 77.54 -22.40 -65.14
C LYS OA 370 77.91 -23.72 -65.80
N VAL OA 371 79.14 -23.81 -66.32
CA VAL OA 371 79.53 -24.92 -67.19
C VAL OA 371 80.57 -25.79 -66.49
N MET OA 372 81.04 -26.85 -67.17
CA MET OA 372 81.90 -27.85 -66.55
C MET OA 372 83.35 -27.74 -67.03
N ARG OA 373 83.52 -27.24 -68.26
CA ARG OA 373 84.84 -27.17 -68.87
C ARG OA 373 84.83 -26.07 -69.92
N ALA OA 374 85.96 -25.37 -70.02
CA ALA OA 374 86.06 -24.18 -70.86
C ALA OA 374 87.44 -24.11 -71.49
N VAL OA 375 87.53 -23.38 -72.62
CA VAL OA 375 88.76 -23.20 -73.40
C VAL OA 375 88.94 -21.72 -73.71
N CYS OA 376 90.13 -21.19 -73.42
CA CYS OA 376 90.53 -19.90 -73.93
C CYS OA 376 91.72 -20.09 -74.86
N MET OA 377 91.67 -19.48 -76.03
CA MET OA 377 92.72 -19.68 -77.02
C MET OA 377 93.29 -18.32 -77.44
N ILE OA 378 94.62 -18.18 -77.37
CA ILE OA 378 95.32 -17.05 -77.95
C ILE OA 378 96.21 -17.58 -79.06
N SER OA 379 96.17 -16.92 -80.22
CA SER OA 379 96.84 -17.38 -81.42
C SER OA 379 97.48 -16.21 -82.16
N ASN OA 380 98.73 -16.42 -82.60
CA ASN OA 380 99.50 -15.43 -83.35
C ASN OA 380 99.38 -15.80 -84.82
N SER OA 381 98.61 -15.00 -85.57
CA SER OA 381 98.39 -15.28 -86.97
C SER OA 381 98.82 -14.10 -87.83
N THR OA 382 99.09 -14.37 -89.10
CA THR OA 382 99.50 -13.37 -90.08
C THR OA 382 98.26 -12.68 -90.64
N ALA OA 383 97.08 -12.98 -90.08
CA ALA OA 383 95.86 -12.25 -90.41
C ALA OA 383 95.76 -10.95 -89.59
N ILE OA 384 96.91 -10.44 -89.12
CA ILE OA 384 97.00 -9.11 -88.52
C ILE OA 384 97.41 -8.10 -89.59
N ALA OA 385 97.82 -8.60 -90.76
CA ALA OA 385 98.11 -7.75 -91.91
C ALA OA 385 96.87 -6.98 -92.34
N GLU OA 386 95.70 -7.63 -92.26
CA GLU OA 386 94.45 -7.02 -92.67
C GLU OA 386 94.03 -5.90 -91.71
N VAL OA 387 94.31 -6.05 -90.42
CA VAL OA 387 93.86 -5.03 -89.48
C VAL OA 387 94.88 -3.91 -89.37
N PHE OA 388 96.03 -4.05 -90.06
CA PHE OA 388 96.98 -2.95 -90.13
C PHE OA 388 97.04 -2.35 -91.54
N SER OA 389 96.61 -3.11 -92.55
CA SER OA 389 96.44 -2.57 -93.88
C SER OA 389 95.19 -1.71 -93.96
N ARG OA 390 94.32 -1.77 -92.95
CA ARG OA 390 93.13 -0.94 -92.93
C ARG OA 390 93.44 0.39 -92.26
N MET OA 391 94.36 0.42 -91.28
CA MET OA 391 94.90 1.67 -90.76
C MET OA 391 95.72 2.37 -91.84
N ASP OA 392 96.37 1.55 -92.68
CA ASP OA 392 97.13 2.01 -93.83
C ASP OA 392 96.22 2.86 -94.73
N HIS OA 393 95.03 2.33 -95.01
CA HIS OA 393 94.09 2.94 -95.93
C HIS OA 393 93.54 4.24 -95.37
N LYS OA 394 93.29 4.24 -94.05
CA LYS OA 394 92.54 5.33 -93.45
C LYS OA 394 93.45 6.51 -93.11
N PHE OA 395 94.65 6.19 -92.62
CA PHE OA 395 95.61 7.21 -92.24
C PHE OA 395 96.12 7.97 -93.46
N ASP OA 396 96.24 7.30 -94.60
CA ASP OA 396 96.63 7.98 -95.82
C ASP OA 396 95.50 8.86 -96.34
N LEU OA 397 94.25 8.43 -96.15
CA LEU OA 397 93.13 9.18 -96.69
C LEU OA 397 92.92 10.50 -95.94
N MET OA 398 93.54 10.64 -94.78
CA MET OA 398 93.36 11.86 -93.99
C MET OA 398 94.62 12.73 -94.02
N TYR OA 399 95.79 12.12 -93.84
CA TYR OA 399 97.04 12.88 -93.73
C TYR OA 399 97.47 13.45 -95.09
N ALA OA 400 97.04 12.83 -96.19
CA ALA OA 400 97.47 13.24 -97.52
C ALA OA 400 97.00 14.67 -97.79
N LYS OA 401 95.94 15.08 -97.09
CA LYS OA 401 95.38 16.41 -97.25
C LYS OA 401 95.05 17.03 -95.89
N ARG OA 402 95.80 16.62 -94.85
CA ARG OA 402 96.07 17.45 -93.68
C ARG OA 402 94.82 17.80 -92.86
N ALA OA 403 93.79 16.94 -92.92
CA ALA OA 403 92.66 17.09 -92.03
C ALA OA 403 93.10 16.77 -90.60
N PHE OA 404 92.55 17.54 -89.65
CA PHE OA 404 92.68 17.32 -88.21
C PHE OA 404 94.12 17.43 -87.71
N VAL OA 405 95.02 17.99 -88.53
CA VAL OA 405 96.43 18.00 -88.15
C VAL OA 405 96.70 19.04 -87.08
N HIS OA 406 96.08 20.20 -87.28
CA HIS OA 406 96.32 21.39 -86.49
C HIS OA 406 95.94 21.18 -85.02
N TRP OA 407 95.02 20.25 -84.74
CA TRP OA 407 94.72 19.88 -83.35
C TRP OA 407 95.95 19.32 -82.65
N TYR OA 408 96.73 18.52 -83.41
CA TYR OA 408 97.85 17.80 -82.83
C TYR OA 408 99.07 18.69 -82.71
N VAL OA 409 99.38 19.40 -83.80
CA VAL OA 409 100.61 20.18 -83.90
C VAL OA 409 100.57 21.38 -82.96
N GLY OA 410 99.38 21.95 -82.74
CA GLY OA 410 99.22 23.09 -81.87
C GLY OA 410 99.23 22.66 -80.40
N GLU OA 411 98.94 21.38 -80.16
CA GLU OA 411 98.87 20.86 -78.81
C GLU OA 411 100.28 20.77 -78.21
N GLY OA 412 101.27 20.44 -79.05
CA GLY OA 412 102.65 20.48 -78.58
C GLY OA 412 103.58 19.41 -79.18
N MET OA 413 103.09 18.60 -80.12
CA MET OA 413 104.01 17.68 -80.77
C MET OA 413 104.36 18.19 -82.17
N GLU OA 414 105.44 17.64 -82.75
CA GLU OA 414 105.99 18.16 -84.00
C GLU OA 414 105.37 17.40 -85.17
N GLU OA 415 105.08 18.16 -86.23
CA GLU OA 415 104.77 17.59 -87.52
C GLU OA 415 105.95 16.75 -88.00
N GLY OA 416 105.65 15.52 -88.43
CA GLY OA 416 106.69 14.57 -88.80
C GLY OA 416 106.67 13.30 -87.94
N GLU OA 417 106.09 13.41 -86.74
CA GLU OA 417 105.78 12.22 -85.95
C GLU OA 417 104.66 11.43 -86.63
N PHE OA 418 103.85 12.12 -87.44
CA PHE OA 418 102.88 11.45 -88.29
C PHE OA 418 103.59 10.60 -89.34
N SER OA 419 104.65 11.14 -89.93
CA SER OA 419 105.42 10.41 -90.93
C SER OA 419 106.28 9.32 -90.28
N GLU OA 420 106.79 9.60 -89.08
CA GLU OA 420 107.64 8.64 -88.38
C GLU OA 420 106.83 7.40 -87.95
N ALA OA 421 105.64 7.64 -87.37
CA ALA OA 421 104.76 6.56 -86.92
C ALA OA 421 104.26 5.76 -88.13
N ARG OA 422 104.13 6.42 -89.28
CA ARG OA 422 103.64 5.79 -90.50
C ARG OA 422 104.70 4.86 -91.10
N GLU OA 423 105.94 5.33 -91.22
CA GLU OA 423 107.01 4.54 -91.80
C GLU OA 423 107.34 3.32 -90.92
N ASP OA 424 107.16 3.48 -89.60
CA ASP OA 424 107.33 2.37 -88.69
C ASP OA 424 106.24 1.32 -88.93
N LEU OA 425 104.97 1.76 -89.07
CA LEU OA 425 103.83 0.88 -89.38
C LEU OA 425 104.04 0.22 -90.75
N ALA OA 426 104.62 0.97 -91.68
CA ALA OA 426 104.94 0.43 -92.99
C ALA OA 426 106.01 -0.67 -92.87
N ALA OA 427 106.99 -0.48 -91.98
CA ALA OA 427 108.01 -1.48 -91.73
C ALA OA 427 107.43 -2.72 -91.02
N LEU OA 428 106.33 -2.53 -90.27
CA LEU OA 428 105.69 -3.65 -89.57
C LEU OA 428 104.95 -4.56 -90.56
N GLU OA 429 104.28 -3.95 -91.56
CA GLU OA 429 103.57 -4.71 -92.58
C GLU OA 429 104.54 -5.54 -93.39
N LYS OA 430 105.72 -4.99 -93.71
CA LYS OA 430 106.76 -5.71 -94.43
C LYS OA 430 107.34 -6.81 -93.54
N ASP OA 431 107.32 -6.63 -92.22
CA ASP OA 431 107.79 -7.68 -91.32
C ASP OA 431 106.80 -8.85 -91.28
N TYR OA 432 105.51 -8.56 -91.34
CA TYR OA 432 104.50 -9.63 -91.34
C TYR OA 432 104.48 -10.35 -92.69
N GLU OA 433 104.84 -9.66 -93.77
CA GLU OA 433 104.93 -10.22 -95.12
C GLU OA 433 106.12 -11.17 -95.19
N GLU OA 434 107.24 -10.84 -94.51
CA GLU OA 434 108.49 -11.57 -94.60
C GLU OA 434 108.35 -12.91 -93.89
N VAL OA 435 107.48 -13.00 -92.88
CA VAL OA 435 107.36 -14.22 -92.10
C VAL OA 435 106.63 -15.27 -92.94
N GLY OA 436 105.57 -14.84 -93.65
CA GLY OA 436 104.63 -15.76 -94.27
C GLY OA 436 105.06 -16.32 -95.62
N ILE OA 437 106.35 -16.23 -95.97
CA ILE OA 437 106.83 -16.68 -97.27
C ILE OA 437 107.22 -18.17 -97.26
N MET PA 1 85.60 20.07 -60.28
CA MET PA 1 85.12 19.44 -61.52
C MET PA 1 85.37 20.37 -62.70
N ARG PA 2 84.43 20.39 -63.64
CA ARG PA 2 84.47 21.29 -64.79
C ARG PA 2 83.16 22.07 -64.82
N GLU PA 3 83.25 23.33 -65.28
CA GLU PA 3 82.16 24.28 -65.11
C GLU PA 3 81.85 24.97 -66.44
N ILE PA 4 80.58 25.38 -66.57
CA ILE PA 4 80.11 26.16 -67.70
C ILE PA 4 79.80 27.56 -67.20
N VAL PA 5 80.42 28.56 -67.83
CA VAL PA 5 80.09 29.94 -67.54
C VAL PA 5 79.16 30.43 -68.66
N HIS PA 6 77.94 30.79 -68.27
CA HIS PA 6 76.90 31.07 -69.23
C HIS PA 6 76.80 32.58 -69.46
N VAL PA 7 76.85 32.98 -70.73
CA VAL PA 7 76.72 34.38 -71.10
C VAL PA 7 75.42 34.58 -71.83
N GLN PA 8 74.68 35.61 -71.41
CA GLN PA 8 73.32 35.85 -71.85
C GLN PA 8 73.21 37.30 -72.32
N GLY PA 9 73.34 37.48 -73.65
CA GLY PA 9 73.36 38.80 -74.25
C GLY PA 9 72.17 39.01 -75.18
N GLY PA 10 71.65 40.24 -75.16
CA GLY PA 10 70.54 40.63 -76.01
C GLY PA 10 69.20 40.26 -75.38
N GLN PA 11 68.15 40.84 -75.90
CA GLN PA 11 66.80 40.55 -75.48
C GLN PA 11 66.37 39.16 -75.98
N CYS PA 12 66.91 38.77 -77.13
CA CYS PA 12 66.65 37.43 -77.63
C CYS PA 12 67.39 36.40 -76.77
N GLY PA 13 68.66 36.72 -76.47
CA GLY PA 13 69.52 35.85 -75.67
C GLY PA 13 68.99 35.70 -74.25
N ASN PA 14 68.36 36.77 -73.73
CA ASN PA 14 67.88 36.79 -72.35
C ASN PA 14 66.71 35.83 -72.15
N GLN PA 15 65.75 35.80 -73.08
CA GLN PA 15 64.55 34.98 -72.88
C GLN PA 15 64.59 33.64 -73.61
N ILE PA 16 65.74 33.36 -74.25
CA ILE PA 16 66.09 31.97 -74.52
C ILE PA 16 66.81 31.39 -73.29
N GLY PA 17 67.70 32.22 -72.72
CA GLY PA 17 68.45 31.86 -71.55
C GLY PA 17 67.56 31.72 -70.31
N ALA PA 18 66.50 32.53 -70.23
CA ALA PA 18 65.58 32.48 -69.11
C ALA PA 18 64.83 31.16 -69.05
N LYS PA 19 64.52 30.56 -70.21
CA LYS PA 19 63.83 29.28 -70.21
C LYS PA 19 64.83 28.14 -70.31
N PHE PA 20 66.06 28.41 -70.75
CA PHE PA 20 67.11 27.42 -70.61
C PHE PA 20 67.36 27.11 -69.13
N TRP PA 21 67.40 28.15 -68.30
CA TRP PA 21 67.66 27.95 -66.88
C TRP PA 21 66.46 27.36 -66.18
N GLU PA 22 65.31 27.54 -66.79
CA GLU PA 22 64.11 26.93 -66.24
C GLU PA 22 64.15 25.41 -66.43
N VAL PA 23 64.72 24.94 -67.54
CA VAL PA 23 64.76 23.52 -67.81
C VAL PA 23 65.84 22.85 -66.96
N ILE PA 24 67.02 23.48 -66.83
CA ILE PA 24 68.09 22.91 -66.05
C ILE PA 24 67.71 22.85 -64.57
N SER PA 25 67.05 23.90 -64.06
CA SER PA 25 66.56 23.90 -62.69
C SER PA 25 65.48 22.84 -62.47
N ASP PA 26 64.74 22.51 -63.54
CA ASP PA 26 63.70 21.51 -63.43
C ASP PA 26 64.31 20.12 -63.28
N GLU PA 27 65.41 19.85 -64.00
CA GLU PA 27 65.97 18.51 -64.04
C GLU PA 27 67.06 18.31 -62.99
N HIS PA 28 67.43 19.38 -62.30
CA HIS PA 28 68.26 19.25 -61.11
C HIS PA 28 67.43 19.38 -59.83
N GLY PA 29 66.12 19.56 -59.96
CA GLY PA 29 65.18 19.62 -58.85
C GLY PA 29 65.35 20.85 -57.97
N ILE PA 30 65.57 21.99 -58.62
CA ILE PA 30 65.69 23.25 -57.90
C ILE PA 30 64.35 23.95 -57.87
N ASP PA 31 63.88 24.19 -56.64
CA ASP PA 31 62.74 25.05 -56.34
C ASP PA 31 63.05 26.46 -56.84
N PRO PA 32 62.09 27.18 -57.45
CA PRO PA 32 62.24 28.61 -57.77
C PRO PA 32 62.83 29.51 -56.69
N THR PA 33 62.57 29.16 -55.44
CA THR PA 33 63.15 29.86 -54.30
C THR PA 33 64.63 29.55 -54.13
N GLY PA 34 65.14 28.52 -54.81
CA GLY PA 34 66.56 28.22 -54.81
C GLY PA 34 66.93 26.95 -54.05
N THR PA 35 66.04 26.37 -53.25
CA THR PA 35 66.36 25.14 -52.53
C THR PA 35 66.21 23.92 -53.44
N TYR PA 36 66.37 22.73 -52.88
CA TYR PA 36 66.27 21.50 -53.65
C TYR PA 36 65.11 20.64 -53.16
N CYS PA 37 64.40 19.98 -54.10
CA CYS PA 37 63.50 18.89 -53.77
C CYS PA 37 63.66 17.75 -54.77
N GLY PA 38 63.46 16.54 -54.26
CA GLY PA 38 63.52 15.36 -55.11
C GLY PA 38 64.16 14.14 -54.45
N ASP PA 39 65.22 14.35 -53.64
CA ASP PA 39 65.78 13.34 -52.75
C ASP PA 39 66.42 12.19 -53.54
N SER PA 40 67.40 12.51 -54.41
CA SER PA 40 68.03 11.57 -55.31
C SER PA 40 69.36 12.16 -55.80
N ASP PA 41 70.27 11.24 -56.13
CA ASP PA 41 71.71 11.47 -56.13
C ASP PA 41 72.18 11.99 -57.50
N LEU PA 42 71.46 11.47 -58.53
CA LEU PA 42 71.74 11.72 -59.95
C LEU PA 42 71.72 13.19 -60.22
N GLN PA 43 70.72 13.83 -59.62
CA GLN PA 43 70.46 15.23 -59.88
C GLN PA 43 71.51 16.09 -59.22
N LEU PA 44 72.07 15.62 -58.08
CA LEU PA 44 72.74 16.56 -57.19
C LEU PA 44 74.26 16.46 -57.23
N GLU PA 45 74.79 15.36 -57.75
CA GLU PA 45 76.21 15.09 -57.65
C GLU PA 45 77.08 16.03 -58.52
N ARG PA 46 76.60 16.39 -59.71
CA ARG PA 46 77.37 17.27 -60.58
C ARG PA 46 76.52 18.51 -60.86
N ILE PA 47 76.63 19.46 -59.94
CA ILE PA 47 75.73 20.60 -59.94
C ILE PA 47 76.57 21.87 -59.99
N ASN PA 48 77.85 21.69 -59.69
CA ASN PA 48 78.77 22.81 -59.66
C ASN PA 48 79.07 23.30 -61.08
N VAL PA 49 78.79 22.46 -62.08
CA VAL PA 49 78.96 22.78 -63.48
C VAL PA 49 78.04 23.96 -63.86
N PHE PA 50 76.86 24.03 -63.23
CA PHE PA 50 75.89 25.07 -63.52
C PHE PA 50 75.46 25.91 -62.33
N TYR PA 51 75.77 25.50 -61.08
CA TYR PA 51 75.28 26.20 -59.89
C TYR PA 51 76.38 26.44 -58.87
N ASN PA 52 76.16 27.40 -57.96
CA ASN PA 52 77.06 27.69 -56.86
C ASN PA 52 76.30 27.70 -55.52
N GLU PA 53 76.94 27.16 -54.48
CA GLU PA 53 76.43 27.12 -53.11
C GLU PA 53 76.43 28.52 -52.48
N ALA PA 54 75.40 28.84 -51.70
CA ALA PA 54 75.28 30.20 -51.18
C ALA PA 54 75.03 30.36 -49.68
N THR PA 55 75.64 29.57 -48.78
CA THR PA 55 75.48 29.66 -47.30
C THR PA 55 74.07 29.89 -46.74
N GLY PA 56 73.05 29.77 -47.60
CA GLY PA 56 71.66 29.68 -47.21
C GLY PA 56 71.11 28.36 -47.73
N GLY PA 57 72.00 27.63 -48.43
CA GLY PA 57 71.68 26.33 -49.04
C GLY PA 57 71.08 26.44 -50.46
N ARG PA 58 70.95 27.68 -50.91
CA ARG PA 58 70.40 27.92 -52.22
C ARG PA 58 71.50 27.81 -53.27
N PHE PA 59 71.06 27.46 -54.48
CA PHE PA 59 71.92 27.32 -55.63
C PHE PA 59 71.65 28.46 -56.59
N VAL PA 60 72.67 29.28 -56.78
CA VAL PA 60 72.57 30.39 -57.72
C VAL PA 60 73.25 29.97 -59.01
N PRO PA 61 72.65 30.30 -60.18
CA PRO PA 61 73.29 30.03 -61.47
C PRO PA 61 74.56 30.83 -61.72
N ARG PA 62 75.50 30.25 -62.48
CA ARG PA 62 76.71 30.90 -62.95
C ARG PA 62 76.46 31.57 -64.30
N ALA PA 63 75.42 32.40 -64.32
CA ALA PA 63 74.98 33.05 -65.54
C ALA PA 63 75.24 34.56 -65.43
N ILE PA 64 75.74 35.13 -66.52
CA ILE PA 64 75.88 36.57 -66.62
C ILE PA 64 74.84 37.10 -67.60
N LEU PA 65 73.92 37.91 -67.05
CA LEU PA 65 72.86 38.49 -67.87
C LEU PA 65 73.25 39.91 -68.24
N MET PA 66 73.34 40.13 -69.56
CA MET PA 66 73.87 41.38 -70.04
C MET PA 66 72.94 41.93 -71.13
N ASP PA 67 72.66 43.24 -70.99
CA ASP PA 67 71.88 43.97 -71.96
C ASP PA 67 72.19 45.45 -71.80
N LEU PA 68 72.03 46.18 -72.91
CA LEU PA 68 72.19 47.62 -72.87
C LEU PA 68 70.88 48.31 -72.49
N GLU PA 69 69.77 47.57 -72.53
CA GLU PA 69 68.46 48.15 -72.36
C GLU PA 69 67.79 47.44 -71.17
N PRO PA 70 67.47 48.16 -70.08
CA PRO PA 70 66.95 47.51 -68.87
C PRO PA 70 65.48 47.12 -68.95
N GLY PA 71 64.95 46.98 -70.16
CA GLY PA 71 63.57 46.52 -70.33
C GLY PA 71 63.41 45.01 -70.17
N THR PA 72 64.22 44.24 -70.91
CA THR PA 72 64.13 42.79 -70.91
C THR PA 72 64.70 42.19 -69.62
N MET PA 73 65.59 42.93 -68.96
CA MET PA 73 66.21 42.40 -67.77
C MET PA 73 65.28 42.57 -66.57
N ASP PA 74 64.36 43.53 -66.58
CA ASP PA 74 63.34 43.61 -65.54
C ASP PA 74 62.25 42.57 -65.76
N SER PA 75 62.04 42.15 -67.02
CA SER PA 75 61.04 41.13 -67.29
C SER PA 75 61.51 39.77 -66.76
N VAL PA 76 62.81 39.49 -66.91
CA VAL PA 76 63.41 38.26 -66.44
C VAL PA 76 63.35 38.21 -64.91
N ARG PA 77 63.64 39.34 -64.25
CA ARG PA 77 63.62 39.45 -62.80
C ARG PA 77 62.19 39.22 -62.27
N ALA PA 78 61.21 39.65 -63.05
CA ALA PA 78 59.84 39.65 -62.57
C ALA PA 78 59.23 38.24 -62.56
N GLY PA 79 59.57 37.42 -63.55
CA GLY PA 79 58.83 36.19 -63.83
C GLY PA 79 59.12 35.07 -62.84
N PRO PA 80 58.58 33.85 -63.07
CA PRO PA 80 58.98 32.68 -62.27
C PRO PA 80 60.41 32.31 -62.63
N PHE PA 81 61.11 31.72 -61.65
CA PHE PA 81 62.55 31.43 -61.71
C PHE PA 81 63.31 32.69 -62.07
N GLY PA 82 62.92 33.78 -61.41
CA GLY PA 82 63.56 35.08 -61.54
C GLY PA 82 64.23 35.46 -60.22
N GLN PA 83 63.74 34.80 -59.17
CA GLN PA 83 64.19 34.97 -57.80
C GLN PA 83 65.51 34.23 -57.64
N LEU PA 84 66.02 33.60 -58.71
CA LEU PA 84 67.07 32.60 -58.65
C LEU PA 84 68.41 33.20 -59.03
N PHE PA 85 68.44 34.19 -59.93
CA PHE PA 85 69.69 34.80 -60.34
C PHE PA 85 70.12 35.81 -59.27
N ARG PA 86 71.43 35.90 -59.03
CA ARG PA 86 71.93 36.92 -58.14
C ARG PA 86 71.77 38.28 -58.81
N PRO PA 87 71.28 39.30 -58.06
CA PRO PA 87 71.12 40.64 -58.59
C PRO PA 87 72.39 41.27 -59.19
N ASP PA 88 73.57 40.90 -58.68
CA ASP PA 88 74.84 41.42 -59.17
C ASP PA 88 75.17 40.97 -60.59
N ASN PA 89 74.66 39.79 -61.00
CA ASN PA 89 74.98 39.22 -62.30
C ASN PA 89 74.37 39.99 -63.47
N PHE PA 90 73.31 40.72 -63.13
CA PHE PA 90 72.71 41.66 -64.07
C PHE PA 90 73.64 42.85 -64.26
N VAL PA 91 73.95 43.14 -65.53
CA VAL PA 91 74.76 44.30 -65.86
C VAL PA 91 73.93 45.21 -66.75
N PHE PA 92 73.43 46.29 -66.13
CA PHE PA 92 72.59 47.27 -66.79
C PHE PA 92 73.36 47.99 -67.88
N GLY PA 93 72.61 48.42 -68.92
CA GLY PA 93 73.02 49.57 -69.69
C GLY PA 93 71.94 50.61 -69.53
N GLN PA 94 72.13 51.73 -70.22
CA GLN PA 94 71.15 52.79 -70.06
C GLN PA 94 70.60 53.26 -71.41
N THR PA 95 71.44 53.33 -72.46
CA THR PA 95 70.96 53.90 -73.72
C THR PA 95 70.23 52.88 -74.57
N GLY PA 96 70.94 51.84 -74.97
CA GLY PA 96 70.39 50.83 -75.87
C GLY PA 96 70.96 50.97 -77.28
N ALA PA 97 71.39 49.84 -77.83
CA ALA PA 97 71.86 49.80 -79.20
C ALA PA 97 70.70 49.50 -80.12
N GLY PA 98 70.22 50.55 -80.79
CA GLY PA 98 69.03 50.45 -81.61
C GLY PA 98 69.30 49.74 -82.92
N ASN PA 99 69.64 48.46 -82.84
CA ASN PA 99 69.83 47.59 -83.99
C ASN PA 99 70.90 48.12 -84.94
N ASN PA 100 71.92 48.78 -84.37
CA ASN PA 100 73.08 49.22 -85.11
C ASN PA 100 74.24 48.45 -84.50
N TRP PA 101 75.01 47.81 -85.37
CA TRP PA 101 76.11 46.99 -84.92
C TRP PA 101 77.25 47.86 -84.38
N ALA PA 102 77.38 49.10 -84.86
CA ALA PA 102 78.46 49.99 -84.44
C ALA PA 102 78.33 50.31 -82.95
N LYS PA 103 77.11 50.67 -82.55
CA LYS PA 103 76.86 51.04 -81.18
C LYS PA 103 77.01 49.85 -80.24
N GLY PA 104 76.65 48.67 -80.76
CA GLY PA 104 76.85 47.46 -79.98
C GLY PA 104 78.33 47.18 -79.76
N HIS PA 105 79.13 47.35 -80.81
CA HIS PA 105 80.54 47.01 -80.73
C HIS PA 105 81.35 48.19 -80.19
N TYR PA 106 81.46 49.28 -80.97
CA TYR PA 106 82.51 50.24 -80.72
C TYR PA 106 82.15 51.26 -79.67
N THR PA 107 81.11 52.05 -79.91
CA THR PA 107 81.01 53.33 -79.24
C THR PA 107 80.27 53.22 -77.91
N GLU PA 108 79.27 52.34 -77.84
CA GLU PA 108 78.45 52.28 -76.63
C GLU PA 108 78.58 50.92 -75.95
N GLY PA 109 79.23 49.97 -76.62
CA GLY PA 109 79.57 48.69 -76.02
C GLY PA 109 80.90 48.76 -75.28
N ALA PA 110 81.67 49.82 -75.50
CA ALA PA 110 82.93 50.04 -74.80
C ALA PA 110 82.77 50.53 -73.36
N GLU PA 111 81.77 51.40 -73.10
CA GLU PA 111 81.63 51.97 -71.75
C GLU PA 111 81.06 50.93 -70.79
N LEU PA 112 80.49 49.84 -71.33
CA LEU PA 112 79.84 48.85 -70.48
C LEU PA 112 80.70 47.60 -70.31
N ILE PA 113 81.67 47.38 -71.22
CA ILE PA 113 82.32 46.08 -71.30
C ILE PA 113 83.23 45.85 -70.09
N ASP PA 114 83.73 46.93 -69.49
CA ASP PA 114 84.53 46.90 -68.28
C ASP PA 114 83.69 46.36 -67.12
N SER PA 115 82.40 46.71 -67.15
CA SER PA 115 81.48 46.37 -66.08
C SER PA 115 81.14 44.88 -66.11
N VAL PA 116 81.11 44.31 -67.32
CA VAL PA 116 80.72 42.92 -67.47
C VAL PA 116 81.94 41.99 -67.47
N LEU PA 117 83.07 42.50 -67.96
CA LEU PA 117 84.31 41.72 -68.03
C LEU PA 117 84.81 41.42 -66.61
N ASP PA 118 84.49 42.31 -65.65
CA ASP PA 118 84.76 42.10 -64.25
C ASP PA 118 83.98 40.90 -63.70
N VAL PA 119 82.70 40.81 -64.10
CA VAL PA 119 81.79 39.82 -63.54
C VAL PA 119 82.14 38.43 -64.07
N VAL PA 120 82.60 38.39 -65.33
CA VAL PA 120 83.00 37.12 -65.92
C VAL PA 120 84.24 36.61 -65.19
N ARG PA 121 85.22 37.49 -65.00
CA ARG PA 121 86.46 37.15 -64.32
C ARG PA 121 86.21 36.74 -62.87
N LYS PA 122 85.20 37.37 -62.23
CA LYS PA 122 84.80 37.07 -60.86
C LYS PA 122 84.22 35.66 -60.79
N GLU PA 123 83.61 35.20 -61.88
CA GLU PA 123 83.01 33.88 -61.90
C GLU PA 123 83.93 32.84 -62.53
N ALA PA 124 84.70 33.22 -63.56
CA ALA PA 124 85.57 32.28 -64.26
C ALA PA 124 86.67 31.75 -63.32
N GLU PA 125 87.23 32.66 -62.54
CA GLU PA 125 88.33 32.31 -61.68
C GLU PA 125 87.86 31.73 -60.36
N GLY PA 126 86.53 31.60 -60.19
CA GLY PA 126 85.92 31.17 -58.93
C GLY PA 126 86.15 29.68 -58.67
N CYS PA 127 86.53 28.95 -59.72
CA CYS PA 127 86.59 27.50 -59.69
C CYS PA 127 88.04 27.03 -59.75
N ASP PA 128 88.22 25.72 -59.59
CA ASP PA 128 89.50 25.05 -59.67
C ASP PA 128 90.11 25.26 -61.07
N CYS PA 129 89.45 24.71 -62.10
CA CYS PA 129 89.71 25.09 -63.48
C CYS PA 129 88.40 24.88 -64.23
N LEU PA 130 88.05 25.86 -65.05
CA LEU PA 130 86.76 25.87 -65.72
C LEU PA 130 86.89 25.27 -67.13
N GLN PA 131 85.81 24.66 -67.61
CA GLN PA 131 85.89 24.04 -68.92
C GLN PA 131 85.73 25.07 -70.03
N GLY PA 132 84.63 25.84 -69.99
CA GLY PA 132 84.39 26.79 -71.07
C GLY PA 132 83.10 27.57 -70.93
N PHE PA 133 82.80 28.35 -71.96
CA PHE PA 133 81.75 29.33 -71.93
C PHE PA 133 80.79 29.06 -73.07
N GLN PA 134 79.48 29.09 -72.78
CA GLN PA 134 78.48 29.07 -73.84
C GLN PA 134 77.73 30.40 -73.86
N ILE PA 135 77.32 30.81 -75.06
CA ILE PA 135 76.72 32.12 -75.26
C ILE PA 135 75.44 31.95 -76.06
N THR PA 136 74.36 32.49 -75.51
CA THR PA 136 73.10 32.57 -76.21
C THR PA 136 72.82 34.03 -76.53
N HIS PA 137 72.75 34.33 -77.83
CA HIS PA 137 72.59 35.70 -78.28
C HIS PA 137 72.02 35.71 -79.70
N SER PA 138 71.66 36.92 -80.15
CA SER PA 138 71.04 37.14 -81.45
C SER PA 138 72.02 37.90 -82.35
N LEU PA 139 71.94 37.59 -83.65
CA LEU PA 139 72.79 38.28 -84.61
C LEU PA 139 71.99 39.28 -85.43
N GLY PA 140 70.65 39.17 -85.40
CA GLY PA 140 69.76 40.11 -86.04
C GLY PA 140 69.63 41.42 -85.26
N GLY PA 141 70.28 41.50 -84.08
CA GLY PA 141 70.14 42.57 -83.10
C GLY PA 141 71.42 43.41 -83.01
N GLY PA 142 71.35 44.45 -82.20
CA GLY PA 142 72.47 45.38 -82.09
C GLY PA 142 73.30 45.05 -80.87
N THR PA 143 72.62 44.85 -79.75
CA THR PA 143 73.27 44.56 -78.49
C THR PA 143 73.71 43.09 -78.41
N GLY PA 144 73.08 42.21 -79.21
CA GLY PA 144 73.43 40.80 -79.25
C GLY PA 144 74.65 40.56 -80.15
N SER PA 145 74.51 41.04 -81.38
CA SER PA 145 75.56 40.90 -82.38
C SER PA 145 76.72 41.84 -82.05
N GLY PA 146 76.43 43.03 -81.56
CA GLY PA 146 77.45 44.05 -81.36
C GLY PA 146 78.32 43.77 -80.14
N MET PA 147 77.71 43.85 -78.96
CA MET PA 147 78.48 43.71 -77.74
C MET PA 147 78.80 42.25 -77.45
N GLY PA 148 77.88 41.35 -77.82
CA GLY PA 148 78.09 39.93 -77.61
C GLY PA 148 79.34 39.43 -78.33
N THR PA 149 79.57 39.93 -79.54
CA THR PA 149 80.75 39.53 -80.29
C THR PA 149 81.96 40.42 -80.01
N LEU PA 150 81.79 41.45 -79.18
CA LEU PA 150 82.97 42.12 -78.65
C LEU PA 150 83.46 41.41 -77.40
N LEU PA 151 82.53 40.80 -76.66
CA LEU PA 151 82.91 40.09 -75.45
C LEU PA 151 83.74 38.86 -75.80
N ILE PA 152 83.39 38.19 -76.91
CA ILE PA 152 84.15 37.04 -77.37
C ILE PA 152 85.56 37.49 -77.75
N SER PA 153 85.68 38.69 -78.32
CA SER PA 153 86.98 39.24 -78.71
C SER PA 153 87.87 39.46 -77.49
N LYS PA 154 87.29 39.96 -76.38
CA LYS PA 154 88.06 40.17 -75.15
C LYS PA 154 88.47 38.84 -74.51
N VAL PA 155 87.50 37.94 -74.34
CA VAL PA 155 87.73 36.79 -73.48
C VAL PA 155 88.49 35.71 -74.22
N ARG PA 156 88.45 35.68 -75.56
CA ARG PA 156 89.29 34.72 -76.23
C ARG PA 156 90.67 35.30 -76.48
N GLU PA 157 90.87 36.54 -76.05
CA GLU PA 157 92.23 37.06 -75.99
C GLU PA 157 92.86 36.75 -74.64
N GLU PA 158 92.02 36.57 -73.62
CA GLU PA 158 92.45 36.44 -72.23
C GLU PA 158 92.49 34.96 -71.84
N TYR PA 159 91.39 34.23 -72.01
CA TYR PA 159 91.38 32.79 -71.88
C TYR PA 159 91.37 32.18 -73.27
N PRO PA 160 92.55 31.90 -73.86
CA PRO PA 160 92.60 31.51 -75.25
C PRO PA 160 92.20 30.07 -75.54
N ASP PA 161 92.49 29.13 -74.62
CA ASP PA 161 92.37 27.73 -74.98
C ASP PA 161 91.17 27.08 -74.29
N ARG PA 162 90.21 27.88 -73.79
CA ARG PA 162 89.00 27.32 -73.22
C ARG PA 162 87.87 27.37 -74.24
N ILE PA 163 86.97 26.40 -74.12
CA ILE PA 163 85.99 26.13 -75.15
C ILE PA 163 85.00 27.27 -75.24
N MET PA 164 84.72 27.72 -76.46
CA MET PA 164 83.77 28.77 -76.69
C MET PA 164 82.66 28.27 -77.61
N GLU PA 165 81.55 27.86 -76.99
CA GLU PA 165 80.37 27.39 -77.72
C GLU PA 165 79.39 28.56 -77.88
N THR PA 166 78.68 28.57 -79.00
CA THR PA 166 77.82 29.70 -79.34
C THR PA 166 76.50 29.19 -79.87
N PHE PA 167 75.45 29.38 -79.05
CA PHE PA 167 74.09 29.18 -79.49
C PHE PA 167 73.55 30.50 -80.01
N SER PA 168 73.63 30.68 -81.34
CA SER PA 168 73.26 31.95 -81.95
C SER PA 168 72.06 31.74 -82.89
N VAL PA 169 71.17 32.73 -82.89
CA VAL PA 169 70.05 32.75 -83.83
C VAL PA 169 70.43 33.67 -84.98
N PHE PA 170 70.07 33.20 -86.18
CA PHE PA 170 70.41 33.90 -87.40
C PHE PA 170 69.17 34.65 -87.88
N PRO PA 171 69.30 35.54 -88.89
CA PRO PA 171 68.14 35.94 -89.68
C PRO PA 171 67.40 34.76 -90.31
N SER PA 172 66.06 34.86 -90.31
CA SER PA 172 65.22 33.90 -91.00
C SER PA 172 65.28 34.17 -92.50
N PRO PA 173 65.15 33.16 -93.39
CA PRO PA 173 65.15 33.40 -94.83
C PRO PA 173 63.89 34.08 -95.38
N LYS PA 174 62.71 33.62 -94.94
CA LYS PA 174 61.46 33.89 -95.63
C LYS PA 174 60.98 35.33 -95.40
N VAL PA 175 60.57 35.64 -94.17
CA VAL PA 175 60.23 37.01 -93.81
C VAL PA 175 60.91 37.29 -92.48
N SER PA 176 61.47 38.49 -92.35
CA SER PA 176 62.42 38.71 -91.27
C SER PA 176 62.37 40.16 -90.81
N ASP PA 177 62.86 40.36 -89.61
CA ASP PA 177 62.68 41.57 -88.83
C ASP PA 177 63.94 42.42 -89.02
N THR PA 178 63.90 43.70 -88.61
CA THR PA 178 65.11 44.51 -88.41
C THR PA 178 65.90 44.66 -89.72
N VAL PA 179 65.43 45.56 -90.59
CA VAL PA 179 65.82 45.70 -92.00
C VAL PA 179 67.33 45.63 -92.23
N VAL PA 180 68.12 46.07 -91.26
CA VAL PA 180 69.54 45.82 -91.36
C VAL PA 180 69.89 44.51 -90.66
N GLU PA 181 69.46 43.40 -91.28
CA GLU PA 181 69.96 42.08 -90.95
C GLU PA 181 71.27 41.79 -91.70
N PRO PA 182 71.39 42.02 -93.04
CA PRO PA 182 72.65 41.73 -93.72
C PRO PA 182 73.85 42.51 -93.21
N TYR PA 183 73.64 43.69 -92.64
CA TYR PA 183 74.77 44.42 -92.07
C TYR PA 183 75.19 43.81 -90.74
N ASN PA 184 74.23 43.54 -89.86
CA ASN PA 184 74.56 43.06 -88.52
C ASN PA 184 75.05 41.62 -88.54
N ALA PA 185 74.46 40.78 -89.39
CA ALA PA 185 74.81 39.36 -89.44
C ALA PA 185 76.20 39.19 -90.05
N THR PA 186 76.49 39.95 -91.12
CA THR PA 186 77.73 39.75 -91.86
C THR PA 186 78.92 40.26 -91.06
N LEU PA 187 78.74 41.39 -90.40
CA LEU PA 187 79.82 41.97 -89.60
C LEU PA 187 80.10 41.10 -88.37
N SER PA 188 79.17 40.19 -88.06
CA SER PA 188 79.29 39.35 -86.88
C SER PA 188 79.79 37.94 -87.21
N VAL PA 189 79.77 37.55 -88.48
CA VAL PA 189 80.31 36.26 -88.85
C VAL PA 189 81.84 36.27 -88.80
N HIS PA 190 82.47 37.30 -89.36
CA HIS PA 190 83.93 37.27 -89.43
C HIS PA 190 84.56 37.59 -88.07
N GLN PA 191 83.76 38.15 -87.16
CA GLN PA 191 84.20 38.34 -85.78
C GLN PA 191 83.98 37.05 -84.97
N LEU PA 192 83.47 35.99 -85.64
CA LEU PA 192 83.01 34.77 -84.97
C LEU PA 192 83.59 33.53 -85.65
N VAL PA 193 84.07 33.66 -86.89
CA VAL PA 193 84.82 32.57 -87.49
C VAL PA 193 86.19 32.47 -86.82
N GLU PA 194 86.74 33.61 -86.39
CA GLU PA 194 88.09 33.65 -85.87
C GLU PA 194 88.13 33.46 -84.35
N ASN PA 195 86.97 33.51 -83.69
CA ASN PA 195 86.98 33.63 -82.23
C ASN PA 195 86.07 32.65 -81.49
N ALA PA 196 85.34 31.77 -82.20
CA ALA PA 196 84.47 30.80 -81.53
C ALA PA 196 84.93 29.38 -81.87
N ASP PA 197 84.86 28.49 -80.88
CA ASP PA 197 85.28 27.12 -81.07
C ASP PA 197 84.25 26.36 -81.90
N GLU PA 198 82.97 26.56 -81.59
CA GLU PA 198 81.89 25.90 -82.31
C GLU PA 198 80.63 26.74 -82.21
N VAL PA 199 79.94 26.89 -83.33
CA VAL PA 199 78.80 27.77 -83.45
C VAL PA 199 77.60 26.94 -83.94
N GLN PA 200 76.48 27.10 -83.23
CA GLN PA 200 75.33 26.21 -83.39
C GLN PA 200 74.11 27.02 -83.73
N VAL PA 201 73.64 26.88 -84.97
CA VAL PA 201 72.74 27.86 -85.56
C VAL PA 201 71.28 27.48 -85.34
N ILE PA 202 70.45 28.52 -85.30
CA ILE PA 202 69.01 28.40 -85.11
C ILE PA 202 68.33 29.47 -85.98
N ASP PA 203 67.23 29.06 -86.62
CA ASP PA 203 66.33 29.99 -87.28
C ASP PA 203 65.03 30.04 -86.50
N ASN PA 204 64.40 31.21 -86.57
CA ASN PA 204 63.08 31.37 -85.97
C ASN PA 204 62.04 30.69 -86.86
N GLU PA 205 62.28 30.81 -88.18
CA GLU PA 205 61.34 30.36 -89.20
C GLU PA 205 61.31 28.83 -89.20
N ALA PA 206 62.48 28.21 -88.96
CA ALA PA 206 62.57 26.76 -88.94
C ALA PA 206 61.74 26.20 -87.79
N LEU PA 207 61.71 26.94 -86.67
CA LEU PA 207 61.00 26.45 -85.50
C LEU PA 207 59.49 26.58 -85.65
N TYR PA 208 59.03 27.62 -86.34
CA TYR PA 208 57.61 27.77 -86.61
C TYR PA 208 57.12 26.63 -87.49
N ASP PA 209 57.99 26.22 -88.41
CA ASP PA 209 57.71 25.07 -89.26
C ASP PA 209 57.56 23.82 -88.39
N ILE PA 210 58.44 23.64 -87.41
CA ILE PA 210 58.33 22.51 -86.50
C ILE PA 210 56.99 22.48 -85.77
N CYS PA 211 56.64 23.59 -85.11
CA CYS PA 211 55.51 23.62 -84.21
C CYS PA 211 54.18 23.45 -84.96
N PHE PA 212 54.20 23.72 -86.26
CA PHE PA 212 52.97 23.65 -87.03
C PHE PA 212 52.75 22.26 -87.58
N ARG PA 213 53.71 21.75 -88.35
CA ARG PA 213 53.43 20.56 -89.11
C ARG PA 213 53.88 19.30 -88.36
N THR PA 214 54.54 19.46 -87.20
CA THR PA 214 54.98 18.29 -86.45
C THR PA 214 54.26 18.22 -85.11
N LEU PA 215 54.37 19.28 -84.30
CA LEU PA 215 53.75 19.27 -82.99
C LEU PA 215 52.26 19.61 -83.06
N LYS PA 216 51.81 20.17 -84.20
CA LYS PA 216 50.40 20.44 -84.45
C LYS PA 216 49.83 21.45 -83.44
N LEU PA 217 50.71 22.19 -82.77
CA LEU PA 217 50.26 23.27 -81.91
C LEU PA 217 49.77 24.40 -82.81
N THR PA 218 48.50 24.77 -82.62
CA THR PA 218 47.85 25.83 -83.38
C THR PA 218 48.48 27.21 -83.12
N THR PA 219 48.95 27.46 -81.90
CA THR PA 219 49.36 28.80 -81.49
C THR PA 219 50.74 28.80 -80.85
N PRO PA 220 51.82 28.64 -81.63
CA PRO PA 220 53.17 28.65 -81.04
C PRO PA 220 53.63 30.02 -80.55
N THR PA 221 53.59 30.21 -79.23
CA THR PA 221 54.17 31.41 -78.65
C THR PA 221 55.68 31.25 -78.56
N TYR PA 222 56.38 32.34 -78.23
CA TYR PA 222 57.83 32.24 -78.05
C TYR PA 222 58.22 31.46 -76.81
N GLY PA 223 57.30 31.25 -75.87
CA GLY PA 223 57.55 30.29 -74.79
C GLY PA 223 57.71 28.87 -75.33
N ASP PA 224 56.95 28.56 -76.38
CA ASP PA 224 57.00 27.21 -76.95
C ASP PA 224 58.23 27.04 -77.82
N LEU PA 225 58.65 28.11 -78.51
CA LEU PA 225 59.87 28.06 -79.30
C LEU PA 225 61.10 28.01 -78.39
N ASN PA 226 61.06 28.73 -77.26
CA ASN PA 226 62.18 28.78 -76.33
C ASN PA 226 62.36 27.43 -75.65
N HIS PA 227 61.27 26.65 -75.52
CA HIS PA 227 61.30 25.34 -74.88
C HIS PA 227 62.03 24.33 -75.77
N LEU PA 228 61.80 24.47 -77.09
CA LEU PA 228 62.38 23.57 -78.06
C LEU PA 228 63.89 23.81 -78.17
N VAL PA 229 64.31 25.08 -78.08
CA VAL PA 229 65.71 25.43 -78.13
C VAL PA 229 66.41 24.94 -76.86
N SER PA 230 65.72 25.11 -75.73
CA SER PA 230 66.30 24.79 -74.43
C SER PA 230 66.49 23.28 -74.27
N ALA PA 231 65.63 22.51 -74.94
CA ALA PA 231 65.73 21.06 -74.91
C ALA PA 231 67.01 20.60 -75.61
N ALA PA 232 67.41 21.31 -76.67
CA ALA PA 232 68.62 20.94 -77.41
C ALA PA 232 69.87 21.39 -76.66
N MET PA 233 69.77 22.51 -75.92
CA MET PA 233 70.90 23.05 -75.19
C MET PA 233 71.33 22.06 -74.11
N SER PA 234 70.35 21.45 -73.44
CA SER PA 234 70.64 20.46 -72.41
C SER PA 234 71.09 19.14 -73.03
N GLY PA 235 70.63 18.84 -74.26
CA GLY PA 235 70.96 17.61 -74.98
C GLY PA 235 72.45 17.51 -75.31
N VAL PA 236 73.12 18.65 -75.44
CA VAL PA 236 74.52 18.65 -75.80
C VAL PA 236 75.37 18.35 -74.57
N THR PA 237 74.92 18.83 -73.40
CA THR PA 237 75.72 18.88 -72.18
C THR PA 237 75.20 17.92 -71.12
N CYS PA 238 74.65 16.77 -71.57
CA CYS PA 238 74.15 15.74 -70.67
C CYS PA 238 75.29 15.10 -69.89
N CYS PA 239 76.34 14.73 -70.63
CA CYS PA 239 77.44 13.90 -70.14
C CYS PA 239 78.24 14.62 -69.06
N LEU PA 240 78.20 15.95 -69.04
CA LEU PA 240 78.85 16.72 -67.99
C LEU PA 240 78.11 16.52 -66.68
N ARG PA 241 76.78 16.45 -66.72
CA ARG PA 241 76.00 16.60 -65.49
C ARG PA 241 75.56 15.26 -64.94
N PHE PA 242 75.41 14.26 -65.80
CA PHE PA 242 74.87 12.97 -65.41
C PHE PA 242 75.83 11.88 -65.83
N PRO PA 243 75.78 10.68 -65.21
CA PRO PA 243 76.63 9.58 -65.63
C PRO PA 243 76.14 8.95 -66.94
N GLY PA 244 76.97 8.11 -67.53
CA GLY PA 244 76.60 7.48 -68.78
C GLY PA 244 77.60 6.41 -69.21
N GLN PA 245 77.24 5.65 -70.24
CA GLN PA 245 78.09 4.58 -70.74
C GLN PA 245 79.28 5.15 -71.52
N LEU PA 246 79.04 6.13 -72.40
CA LEU PA 246 80.11 6.75 -73.16
C LEU PA 246 79.95 8.26 -73.06
N ASN PA 247 80.72 8.87 -72.16
CA ASN PA 247 80.67 10.29 -71.95
C ASN PA 247 81.26 11.05 -73.14
N SER PA 248 80.76 12.27 -73.31
CA SER PA 248 81.24 13.18 -74.32
C SER PA 248 80.94 14.60 -73.89
N ASP PA 249 82.00 15.35 -73.58
CA ASP PA 249 81.86 16.73 -73.19
C ASP PA 249 81.93 17.62 -74.43
N LEU PA 250 82.07 18.93 -74.18
CA LEU PA 250 82.08 19.89 -75.27
C LEU PA 250 83.33 19.73 -76.14
N ARG PA 251 84.49 19.58 -75.49
CA ARG PA 251 85.76 19.48 -76.20
C ARG PA 251 85.81 18.16 -76.99
N LYS PA 252 85.09 17.15 -76.51
CA LYS PA 252 84.97 15.89 -77.21
C LYS PA 252 84.25 16.10 -78.55
N LEU PA 253 83.22 16.96 -78.55
CA LEU PA 253 82.46 17.26 -79.75
C LEU PA 253 83.29 18.03 -80.78
N ALA PA 254 84.08 19.00 -80.30
CA ALA PA 254 84.85 19.89 -81.17
C ALA PA 254 85.92 19.12 -81.94
N VAL PA 255 86.60 18.20 -81.23
CA VAL PA 255 87.73 17.48 -81.79
C VAL PA 255 87.23 16.46 -82.83
N ASN PA 256 85.92 16.18 -82.80
CA ASN PA 256 85.36 15.07 -83.54
C ASN PA 256 84.44 15.51 -84.69
N LEU PA 257 84.21 16.83 -84.80
CA LEU PA 257 83.33 17.33 -85.85
C LEU PA 257 84.05 18.20 -86.89
N ILE PA 258 84.94 19.10 -86.43
CA ILE PA 258 85.57 20.07 -87.30
C ILE PA 258 86.92 19.52 -87.75
N PRO PA 259 87.15 19.34 -89.06
CA PRO PA 259 88.48 19.05 -89.57
C PRO PA 259 89.42 20.24 -89.73
N PHE PA 260 88.84 21.42 -89.98
CA PHE PA 260 89.62 22.63 -90.20
C PHE PA 260 89.02 23.75 -89.38
N PRO PA 261 89.84 24.70 -88.84
CA PRO PA 261 89.35 25.67 -87.87
C PRO PA 261 88.48 26.78 -88.45
N ARG PA 262 88.52 26.97 -89.77
CA ARG PA 262 87.72 27.98 -90.44
C ARG PA 262 86.28 27.50 -90.64
N LEU PA 263 86.02 26.22 -90.40
CA LEU PA 263 84.68 25.69 -90.57
C LEU PA 263 84.22 25.07 -89.26
N HIS PA 264 83.29 25.75 -88.57
CA HIS PA 264 82.74 25.22 -87.32
C HIS PA 264 81.25 25.53 -87.13
N PHE PA 265 80.50 25.52 -88.24
CA PHE PA 265 79.11 25.92 -88.18
C PHE PA 265 78.21 24.70 -88.27
N PHE PA 266 77.35 24.53 -87.26
CA PHE PA 266 76.66 23.26 -87.07
C PHE PA 266 75.15 23.42 -87.20
N LEU PA 267 74.53 22.31 -87.63
CA LEU PA 267 73.08 22.19 -87.67
C LEU PA 267 72.64 21.37 -86.46
N ILE PA 268 71.61 21.83 -85.76
CA ILE PA 268 71.13 21.19 -84.53
C ILE PA 268 69.75 20.61 -84.80
N GLY PA 269 69.49 19.40 -84.28
CA GLY PA 269 68.23 18.70 -84.44
C GLY PA 269 67.87 17.96 -83.17
N PHE PA 270 66.60 17.55 -83.06
CA PHE PA 270 66.14 16.90 -81.85
C PHE PA 270 65.12 15.84 -82.22
N ALA PA 271 65.04 14.78 -81.41
CA ALA PA 271 64.08 13.70 -81.60
C ALA PA 271 63.93 12.98 -80.27
N PRO PA 272 62.73 12.55 -79.83
CA PRO PA 272 61.47 12.66 -80.59
C PRO PA 272 60.75 13.99 -80.43
N LEU PA 273 59.89 14.32 -81.39
CA LEU PA 273 58.98 15.45 -81.30
C LEU PA 273 57.62 15.00 -81.81
N THR PA 274 56.71 14.71 -80.88
CA THR PA 274 55.35 14.34 -81.26
C THR PA 274 54.32 15.14 -80.47
N SER PA 275 53.17 15.41 -81.13
CA SER PA 275 52.00 16.08 -80.57
C SER PA 275 51.35 15.24 -79.46
N ARG PA 276 50.32 15.83 -78.83
CA ARG PA 276 49.52 15.17 -77.82
C ARG PA 276 48.69 14.05 -78.44
N GLY PA 277 48.06 14.38 -79.57
CA GLY PA 277 47.15 13.52 -80.32
C GLY PA 277 47.83 12.28 -80.90
N SER PA 278 49.14 12.38 -81.12
CA SER PA 278 49.90 11.32 -81.75
C SER PA 278 50.95 10.75 -80.80
N GLN PA 279 50.84 11.02 -79.51
CA GLN PA 279 51.76 10.42 -78.55
C GLN PA 279 51.42 8.93 -78.34
N GLN PA 280 50.12 8.56 -78.39
CA GLN PA 280 49.76 7.20 -78.05
C GLN PA 280 49.76 6.33 -79.31
N TYR PA 281 50.46 6.79 -80.37
CA TYR PA 281 50.48 6.06 -81.63
C TYR PA 281 51.88 5.58 -82.01
N ARG PA 282 52.92 6.01 -81.30
CA ARG PA 282 54.27 5.89 -81.83
C ARG PA 282 55.09 4.85 -81.07
N ALA PA 283 56.05 4.26 -81.78
CA ALA PA 283 56.89 3.19 -81.26
C ALA PA 283 58.25 3.78 -80.93
N LEU PA 284 58.44 4.26 -79.69
CA LEU PA 284 59.62 5.03 -79.30
C LEU PA 284 60.86 4.15 -79.07
N SER PA 285 61.36 3.54 -80.16
CA SER PA 285 62.56 2.72 -80.10
C SER PA 285 63.70 3.40 -80.86
N VAL PA 286 64.87 2.77 -80.85
CA VAL PA 286 66.05 3.40 -81.39
C VAL PA 286 65.96 3.60 -82.91
N PRO PA 287 65.49 2.64 -83.76
CA PRO PA 287 65.37 2.93 -85.19
C PRO PA 287 64.44 4.08 -85.56
N GLU PA 288 63.46 4.34 -84.70
CA GLU PA 288 62.57 5.45 -84.97
C GLU PA 288 63.24 6.77 -84.57
N LEU PA 289 64.17 6.73 -83.59
CA LEU PA 289 64.95 7.92 -83.24
C LEU PA 289 65.85 8.30 -84.42
N THR PA 290 66.54 7.31 -84.98
CA THR PA 290 67.54 7.58 -86.00
C THR PA 290 66.88 7.95 -87.33
N GLN PA 291 65.61 7.62 -87.54
CA GLN PA 291 64.95 8.00 -88.78
C GLN PA 291 64.42 9.44 -88.70
N GLN PA 292 63.96 9.84 -87.51
CA GLN PA 292 63.36 11.17 -87.33
C GLN PA 292 64.47 12.23 -87.37
N MET PA 293 65.63 11.93 -86.79
CA MET PA 293 66.70 12.91 -86.66
C MET PA 293 67.38 13.19 -88.00
N PHE PA 294 67.28 12.26 -88.96
CA PHE PA 294 67.70 12.50 -90.33
C PHE PA 294 66.51 12.86 -91.22
N ASP PA 295 65.90 14.02 -90.94
CA ASP PA 295 64.96 14.63 -91.88
C ASP PA 295 65.34 16.09 -92.04
N ALA PA 296 65.06 16.63 -93.22
CA ALA PA 296 64.97 18.06 -93.44
C ALA PA 296 63.80 18.61 -92.61
N LYS PA 297 62.81 17.76 -92.31
CA LYS PA 297 61.59 18.16 -91.63
C LYS PA 297 61.79 18.38 -90.14
N ASN PA 298 63.02 18.13 -89.65
CA ASN PA 298 63.24 18.13 -88.21
C ASN PA 298 64.36 19.06 -87.78
N MET PA 299 65.19 19.51 -88.72
CA MET PA 299 66.38 20.26 -88.32
C MET PA 299 65.98 21.66 -87.87
N MET PA 300 66.77 22.22 -86.93
CA MET PA 300 66.49 23.55 -86.40
C MET PA 300 67.32 24.62 -87.10
N CYS PA 301 67.71 24.34 -88.35
CA CYS PA 301 68.22 25.37 -89.23
C CYS PA 301 67.43 25.32 -90.53
N ALA PA 302 67.25 26.49 -91.15
CA ALA PA 302 66.57 26.62 -92.43
C ALA PA 302 67.46 26.26 -93.64
N SER PA 303 68.21 25.15 -93.55
CA SER PA 303 69.02 24.70 -94.66
C SER PA 303 68.74 23.22 -94.91
N ASP PA 304 68.08 22.97 -96.04
CA ASP PA 304 67.76 21.63 -96.52
C ASP PA 304 69.04 20.80 -96.65
N PRO PA 305 69.27 19.82 -95.74
CA PRO PA 305 70.59 19.18 -95.65
C PRO PA 305 70.96 18.24 -96.80
N ARG PA 306 69.96 17.79 -97.57
CA ARG PA 306 70.30 16.84 -98.63
C ARG PA 306 70.82 17.54 -99.88
N HIS PA 307 70.81 18.89 -99.90
CA HIS PA 307 71.44 19.63 -101.00
C HIS PA 307 72.97 19.54 -100.97
N GLY PA 308 73.49 19.18 -99.79
CA GLY PA 308 74.92 19.14 -99.54
C GLY PA 308 75.38 17.75 -99.12
N ARG PA 309 76.54 17.74 -98.47
CA ARG PA 309 77.11 16.51 -97.95
C ARG PA 309 77.41 16.71 -96.46
N TYR PA 310 77.00 15.71 -95.68
CA TYR PA 310 77.37 15.73 -94.28
C TYR PA 310 78.87 15.47 -94.16
N LEU PA 311 79.63 16.50 -93.75
CA LEU PA 311 81.07 16.34 -93.56
C LEU PA 311 81.34 15.43 -92.37
N THR PA 312 80.73 15.73 -91.22
CA THR PA 312 80.89 14.98 -89.98
C THR PA 312 79.70 15.34 -89.09
N ALA PA 313 79.17 14.34 -88.38
CA ALA PA 313 78.02 14.60 -87.51
C ALA PA 313 78.14 13.74 -86.26
N SER PA 314 77.34 14.11 -85.24
CA SER PA 314 77.36 13.46 -83.96
C SER PA 314 75.94 13.31 -83.42
N ALA PA 315 75.77 12.38 -82.49
CA ALA PA 315 74.47 12.08 -81.89
C ALA PA 315 74.63 11.80 -80.40
N MET PA 316 74.08 12.68 -79.55
CA MET PA 316 74.17 12.55 -78.11
C MET PA 316 72.87 11.95 -77.58
N PHE PA 317 72.93 10.69 -77.18
CA PHE PA 317 71.73 9.99 -76.75
C PHE PA 317 71.51 10.23 -75.26
N ARG PA 318 70.28 9.91 -74.83
CA ARG PA 318 69.96 9.90 -73.42
C ARG PA 318 69.02 8.75 -73.14
N GLY PA 319 69.33 8.01 -72.08
CA GLY PA 319 68.40 7.02 -71.56
C GLY PA 319 68.99 5.62 -71.51
N ARG PA 320 68.12 4.73 -71.05
CA ARG PA 320 68.22 3.29 -70.96
C ARG PA 320 68.06 2.77 -72.40
N MET PA 321 69.16 2.62 -73.16
CA MET PA 321 69.07 2.00 -74.48
C MET PA 321 70.25 1.09 -74.74
N SER PA 322 70.05 0.12 -75.64
CA SER PA 322 71.12 -0.80 -75.99
C SER PA 322 72.05 -0.13 -76.99
N THR PA 323 73.35 -0.24 -76.71
CA THR PA 323 74.36 0.52 -77.43
C THR PA 323 74.65 -0.04 -78.81
N LYS PA 324 74.30 -1.29 -79.09
CA LYS PA 324 74.66 -1.86 -80.39
C LYS PA 324 73.77 -1.30 -81.50
N GLU PA 325 72.50 -1.05 -81.20
CA GLU PA 325 71.69 -0.39 -82.21
C GLU PA 325 71.84 1.13 -82.12
N VAL PA 326 72.63 1.61 -81.15
CA VAL PA 326 73.24 2.91 -81.32
C VAL PA 326 74.38 2.79 -82.34
N ASP PA 327 75.01 1.60 -82.44
CA ASP PA 327 76.14 1.46 -83.35
C ASP PA 327 75.68 1.08 -84.76
N GLU PA 328 74.86 0.03 -84.86
CA GLU PA 328 74.56 -0.54 -86.16
C GLU PA 328 73.64 0.38 -86.97
N GLN PA 329 72.74 1.11 -86.30
CA GLN PA 329 71.89 2.09 -86.99
C GLN PA 329 72.76 3.21 -87.58
N MET PA 330 73.70 3.74 -86.76
CA MET PA 330 74.63 4.76 -87.24
C MET PA 330 75.47 4.17 -88.37
N LEU PA 331 75.75 2.86 -88.29
CA LEU PA 331 76.42 2.23 -89.40
C LEU PA 331 75.51 2.11 -90.63
N ASN PA 332 74.24 1.76 -90.35
CA ASN PA 332 73.25 1.54 -91.40
C ASN PA 332 72.90 2.82 -92.14
N VAL PA 333 72.89 3.95 -91.41
CA VAL PA 333 72.54 5.25 -91.97
C VAL PA 333 73.63 5.70 -92.96
N GLN PA 334 74.88 5.27 -92.73
CA GLN PA 334 75.95 5.72 -93.60
C GLN PA 334 75.99 4.92 -94.89
N ASN PA 335 75.59 3.64 -94.79
CA ASN PA 335 75.84 2.73 -95.89
C ASN PA 335 74.74 2.75 -96.95
N LYS PA 336 73.47 2.77 -96.52
CA LYS PA 336 72.36 2.70 -97.46
C LYS PA 336 72.23 3.96 -98.32
N ASN PA 337 72.13 5.12 -97.66
CA ASN PA 337 72.19 6.40 -98.37
C ASN PA 337 73.59 6.96 -98.20
N SER PA 338 74.48 6.37 -99.02
CA SER PA 338 75.89 6.70 -99.01
C SER PA 338 76.18 7.90 -99.90
N SER PA 339 75.20 8.47 -100.62
CA SER PA 339 75.48 9.67 -101.41
C SER PA 339 75.65 10.94 -100.58
N TYR PA 340 75.11 10.95 -99.35
CA TYR PA 340 75.00 12.19 -98.58
C TYR PA 340 76.15 12.39 -97.58
N PHE PA 341 77.12 11.49 -97.62
CA PHE PA 341 78.29 11.59 -96.75
C PHE PA 341 79.52 11.59 -97.61
N VAL PA 342 80.59 12.23 -97.12
CA VAL PA 342 81.73 12.48 -97.97
C VAL PA 342 82.69 11.29 -97.90
N GLU PA 343 83.50 11.15 -98.94
CA GLU PA 343 84.24 9.93 -99.22
C GLU PA 343 85.54 9.83 -98.42
N TRP PA 344 86.16 10.97 -98.10
CA TRP PA 344 87.51 10.93 -97.55
C TRP PA 344 87.56 10.93 -96.02
N ILE PA 345 86.38 10.97 -95.37
CA ILE PA 345 86.28 10.61 -93.96
C ILE PA 345 85.58 9.26 -93.86
N PRO PA 346 86.24 8.20 -93.35
CA PRO PA 346 85.53 6.97 -93.04
C PRO PA 346 84.69 7.18 -91.78
N ASN PA 347 83.60 6.41 -91.67
CA ASN PA 347 82.83 6.26 -90.44
C ASN PA 347 82.55 7.58 -89.71
N ASN PA 348 81.76 8.43 -90.36
CA ASN PA 348 81.55 9.85 -90.08
C ASN PA 348 80.95 10.17 -88.71
N MET PA 349 80.33 9.19 -88.04
CA MET PA 349 79.33 9.56 -87.06
C MET PA 349 79.75 9.21 -85.65
N LYS PA 350 79.62 10.18 -84.75
CA LYS PA 350 79.97 9.99 -83.36
C LYS PA 350 78.73 9.78 -82.51
N SER PA 351 78.82 8.82 -81.59
CA SER PA 351 77.74 8.51 -80.66
C SER PA 351 78.22 8.70 -79.22
N SER PA 352 77.30 9.09 -78.33
CA SER PA 352 77.56 9.14 -76.89
C SER PA 352 76.26 8.88 -76.15
N VAL PA 353 76.32 7.99 -75.16
CA VAL PA 353 75.10 7.56 -74.48
C VAL PA 353 75.14 8.01 -73.03
N CYS PA 354 74.13 8.81 -72.64
CA CYS PA 354 73.90 9.10 -71.23
C CYS PA 354 72.69 8.32 -70.74
N ASP PA 355 72.66 8.08 -69.43
CA ASP PA 355 71.70 7.15 -68.86
C ASP PA 355 70.48 7.87 -68.28
N ILE PA 356 70.41 9.21 -68.38
CA ILE PA 356 69.29 9.93 -67.80
C ILE PA 356 68.52 10.62 -68.92
N PRO PA 357 67.28 10.18 -69.21
CA PRO PA 357 66.50 10.83 -70.24
C PRO PA 357 65.90 12.09 -69.63
N PRO PA 358 65.41 13.05 -70.47
CA PRO PA 358 64.59 14.17 -69.96
C PRO PA 358 63.36 13.66 -69.21
N LYS PA 359 62.92 14.41 -68.18
CA LYS PA 359 61.97 13.96 -67.19
C LYS PA 359 60.62 13.68 -67.86
N GLY PA 360 60.10 12.47 -67.63
CA GLY PA 360 58.83 12.03 -68.19
C GLY PA 360 58.95 11.38 -69.58
N LEU PA 361 60.18 11.22 -70.08
CA LEU PA 361 60.40 10.44 -71.29
C LEU PA 361 61.25 9.21 -70.97
N LYS PA 362 61.67 8.49 -72.00
CA LYS PA 362 62.37 7.25 -71.79
C LYS PA 362 63.66 7.21 -72.61
N MET PA 363 63.68 7.85 -73.78
CA MET PA 363 64.90 7.92 -74.56
C MET PA 363 64.82 9.06 -75.56
N SER PA 364 65.95 9.75 -75.77
CA SER PA 364 66.00 10.96 -76.59
C SER PA 364 67.37 11.06 -77.23
N VAL PA 365 67.54 12.07 -78.09
CA VAL PA 365 68.74 12.22 -78.89
C VAL PA 365 68.84 13.67 -79.35
N THR PA 366 70.07 14.14 -79.52
CA THR PA 366 70.34 15.46 -80.06
C THR PA 366 71.39 15.33 -81.15
N PHE PA 367 71.06 15.79 -82.36
CA PHE PA 367 71.92 15.69 -83.53
C PHE PA 367 72.66 17.02 -83.74
N VAL PA 368 73.99 16.96 -83.78
CA VAL PA 368 74.79 18.12 -84.09
C VAL PA 368 75.61 17.78 -85.32
N GLY PA 369 75.44 18.55 -86.40
CA GLY PA 369 75.93 18.14 -87.70
C GLY PA 369 76.66 19.25 -88.46
N ASN PA 370 77.84 18.92 -88.98
CA ASN PA 370 78.62 19.84 -89.77
C ASN PA 370 78.33 19.58 -91.25
N SER PA 371 77.31 20.30 -91.75
CA SER PA 371 76.84 20.08 -93.11
C SER PA 371 77.38 21.17 -94.03
N THR PA 372 77.67 20.79 -95.28
CA THR PA 372 78.07 21.73 -96.32
C THR PA 372 76.85 22.50 -96.84
N ALA PA 373 75.64 22.01 -96.55
CA ALA PA 373 74.43 22.68 -96.98
C ALA PA 373 74.18 24.00 -96.23
N ILE PA 374 75.05 24.27 -95.25
CA ILE PA 374 75.08 25.56 -94.58
C ILE PA 374 75.76 26.62 -95.47
N GLN PA 375 76.27 26.19 -96.62
CA GLN PA 375 76.62 27.05 -97.75
C GLN PA 375 75.43 27.91 -98.17
N GLU PA 376 74.24 27.29 -98.17
CA GLU PA 376 73.04 27.93 -98.73
C GLU PA 376 72.66 29.16 -97.90
N MET PA 377 73.01 29.14 -96.60
CA MET PA 377 72.64 30.22 -95.71
C MET PA 377 73.53 31.44 -95.97
N PHE PA 378 74.85 31.21 -96.06
CA PHE PA 378 75.80 32.32 -96.17
C PHE PA 378 75.74 32.97 -97.54
N LYS PA 379 75.27 32.24 -98.55
CA LYS PA 379 75.08 32.82 -99.87
C LYS PA 379 73.90 33.80 -99.85
N ARG PA 380 72.86 33.48 -99.05
CA ARG PA 380 71.65 34.29 -98.98
C ARG PA 380 71.92 35.55 -98.14
N VAL PA 381 72.79 35.43 -97.13
CA VAL PA 381 73.11 36.60 -96.32
C VAL PA 381 74.04 37.52 -97.13
N SER PA 382 74.98 36.93 -97.87
CA SER PA 382 75.97 37.71 -98.59
C SER PA 382 75.37 38.40 -99.82
N ASP PA 383 74.46 37.73 -100.53
CA ASP PA 383 73.93 38.34 -101.74
C ASP PA 383 72.97 39.47 -101.40
N GLN PA 384 72.37 39.42 -100.20
CA GLN PA 384 71.64 40.55 -99.68
C GLN PA 384 72.60 41.66 -99.22
N PHE PA 385 73.76 41.26 -98.65
CA PHE PA 385 74.75 42.21 -98.19
C PHE PA 385 75.35 42.98 -99.38
N THR PA 386 75.61 42.26 -100.47
CA THR PA 386 76.16 42.91 -101.66
C THR PA 386 75.08 43.58 -102.50
N ALA PA 387 73.80 43.26 -102.23
CA ALA PA 387 72.71 44.00 -102.84
C ALA PA 387 72.56 45.37 -102.17
N MET PA 388 73.04 45.49 -100.92
CA MET PA 388 72.92 46.72 -100.17
C MET PA 388 74.18 47.57 -100.27
N PHE PA 389 75.35 46.91 -100.30
CA PHE PA 389 76.63 47.58 -100.12
C PHE PA 389 76.98 48.45 -101.32
N ARG PA 390 76.54 48.02 -102.51
CA ARG PA 390 76.92 48.69 -103.75
C ARG PA 390 76.23 50.05 -103.86
N ARG PA 391 75.22 50.31 -103.03
CA ARG PA 391 74.44 51.56 -103.10
C ARG PA 391 74.67 52.41 -101.85
N LYS PA 392 75.56 51.96 -100.96
CA LYS PA 392 75.92 52.68 -99.74
C LYS PA 392 74.68 52.89 -98.87
N ALA PA 393 73.73 51.95 -98.95
CA ALA PA 393 72.50 52.04 -98.19
C ALA PA 393 72.77 51.79 -96.72
N PHE PA 394 72.19 52.60 -95.84
CA PHE PA 394 72.30 52.51 -94.38
C PHE PA 394 73.75 52.49 -93.92
N LEU PA 395 74.64 53.16 -94.65
CA LEU PA 395 76.06 53.03 -94.36
C LEU PA 395 76.52 54.08 -93.35
N HIS PA 396 75.92 55.27 -93.45
CA HIS PA 396 76.32 56.40 -92.64
C HIS PA 396 75.95 56.18 -91.17
N TRP PA 397 74.98 55.31 -90.92
CA TRP PA 397 74.70 54.88 -89.55
C TRP PA 397 75.84 54.06 -88.95
N TYR PA 398 76.66 53.48 -89.84
CA TYR PA 398 77.75 52.62 -89.44
C TYR PA 398 79.08 53.35 -89.52
N THR PA 399 79.39 53.92 -90.71
CA THR PA 399 80.69 54.52 -90.96
C THR PA 399 80.81 55.85 -90.20
N GLY PA 400 79.67 56.45 -89.87
CA GLY PA 400 79.64 57.74 -89.19
C GLY PA 400 79.70 57.63 -87.67
N GLU PA 401 79.80 56.40 -87.16
CA GLU PA 401 79.65 56.17 -85.73
C GLU PA 401 80.99 55.77 -85.10
N GLY PA 402 81.93 55.35 -85.96
CA GLY PA 402 83.29 55.13 -85.51
C GLY PA 402 84.03 53.99 -86.21
N MET PA 403 83.46 53.42 -87.28
CA MET PA 403 84.20 52.41 -88.01
C MET PA 403 84.61 52.92 -89.39
N ASP PA 404 85.20 52.01 -90.16
CA ASP PA 404 85.79 52.33 -91.44
C ASP PA 404 85.02 51.64 -92.56
N GLU PA 405 85.29 52.09 -93.80
CA GLU PA 405 84.77 51.48 -95.01
C GLU PA 405 85.36 50.08 -95.20
N MET PA 406 86.62 49.91 -94.82
CA MET PA 406 87.38 48.68 -95.12
C MET PA 406 86.98 47.49 -94.24
N GLU PA 407 86.36 47.77 -93.08
CA GLU PA 407 85.86 46.72 -92.20
C GLU PA 407 84.69 45.99 -92.88
N PHE PA 408 83.91 46.70 -93.71
CA PHE PA 408 82.86 46.07 -94.50
C PHE PA 408 83.44 45.20 -95.61
N THR PA 409 84.49 45.68 -96.27
CA THR PA 409 85.05 44.97 -97.40
C THR PA 409 85.75 43.68 -96.97
N GLU PA 410 86.32 43.68 -95.76
CA GLU PA 410 86.90 42.47 -95.20
C GLU PA 410 85.78 41.49 -94.87
N ALA PA 411 84.65 42.01 -94.36
CA ALA PA 411 83.57 41.17 -93.86
C ALA PA 411 82.92 40.37 -94.99
N GLU PA 412 82.86 40.96 -96.20
CA GLU PA 412 82.35 40.26 -97.36
C GLU PA 412 83.41 39.32 -97.96
N SER PA 413 84.68 39.72 -97.79
CA SER PA 413 85.79 38.91 -98.30
C SER PA 413 85.93 37.63 -97.47
N ASN PA 414 85.79 37.79 -96.15
CA ASN PA 414 85.91 36.69 -95.20
C ASN PA 414 84.76 35.72 -95.40
N MET PA 415 83.54 36.24 -95.61
CA MET PA 415 82.37 35.40 -95.82
C MET PA 415 82.50 34.64 -97.14
N ASN PA 416 82.98 35.34 -98.18
CA ASN PA 416 83.09 34.72 -99.49
C ASN PA 416 84.18 33.64 -99.49
N ASP PA 417 85.17 33.78 -98.62
CA ASP PA 417 86.20 32.75 -98.47
C ASP PA 417 85.66 31.50 -97.79
N LEU PA 418 84.76 31.68 -96.81
CA LEU PA 418 84.10 30.57 -96.13
C LEU PA 418 83.13 29.87 -97.09
N VAL PA 419 82.56 30.64 -98.03
CA VAL PA 419 81.80 30.07 -99.14
C VAL PA 419 82.70 29.13 -99.97
N SER PA 420 83.93 29.60 -100.25
CA SER PA 420 84.81 28.89 -101.16
C SER PA 420 85.34 27.59 -100.56
N GLU PA 421 85.54 27.57 -99.24
CA GLU PA 421 86.11 26.41 -98.57
C GLU PA 421 85.12 25.26 -98.51
N TYR PA 422 83.83 25.56 -98.30
CA TYR PA 422 82.79 24.53 -98.36
C TYR PA 422 82.65 23.91 -99.76
N GLN PA 423 82.72 24.76 -100.81
CA GLN PA 423 82.47 24.31 -102.19
C GLN PA 423 83.52 23.30 -102.69
N GLN PA 424 84.72 23.31 -102.11
CA GLN PA 424 85.77 22.48 -102.70
C GLN PA 424 85.75 21.06 -102.10
N TYR PA 425 84.79 20.79 -101.20
CA TYR PA 425 84.69 19.45 -100.64
C TYR PA 425 83.53 18.64 -101.19
N GLN PA 426 82.45 19.37 -101.49
CA GLN PA 426 81.24 18.90 -102.14
C GLN PA 426 81.67 18.28 -103.48
N MET QA 1 64.21 57.92 -65.48
CA MET QA 1 64.66 56.57 -65.93
C MET QA 1 64.83 56.59 -67.44
N ARG QA 2 63.94 55.89 -68.15
CA ARG QA 2 63.84 55.98 -69.59
C ARG QA 2 62.54 56.69 -69.92
N GLU QA 3 62.64 57.97 -70.24
CA GLU QA 3 61.49 58.80 -70.53
C GLU QA 3 61.65 59.48 -71.88
N VAL QA 4 60.49 59.87 -72.41
CA VAL QA 4 60.43 60.73 -73.59
C VAL QA 4 59.86 62.07 -73.16
N ILE QA 5 60.23 63.10 -73.92
CA ILE QA 5 59.70 64.43 -73.68
C ILE QA 5 58.88 64.84 -74.89
N SER QA 6 57.62 65.20 -74.61
CA SER QA 6 56.69 65.56 -75.68
C SER QA 6 56.64 67.08 -75.85
N ILE QA 7 56.83 67.51 -77.10
CA ILE QA 7 56.66 68.92 -77.46
C ILE QA 7 55.41 69.01 -78.33
N HIS QA 8 54.49 69.88 -77.93
CA HIS QA 8 53.33 70.18 -78.77
C HIS QA 8 53.36 71.65 -79.10
N VAL QA 9 53.41 71.95 -80.40
CA VAL QA 9 53.53 73.31 -80.89
C VAL QA 9 52.28 73.64 -81.70
N GLY QA 10 51.75 74.84 -81.49
CA GLY QA 10 50.65 75.28 -82.31
C GLY QA 10 49.31 74.77 -81.81
N GLN QA 11 48.28 75.25 -82.51
CA GLN QA 11 46.91 74.92 -82.23
C GLN QA 11 46.68 73.42 -82.41
N ALA QA 12 47.20 72.90 -83.54
CA ALA QA 12 47.06 71.52 -83.94
C ALA QA 12 47.72 70.62 -82.89
N GLY QA 13 48.91 71.07 -82.46
CA GLY QA 13 49.73 70.35 -81.49
C GLY QA 13 48.99 70.23 -80.15
N ILE QA 14 48.33 71.30 -79.73
CA ILE QA 14 47.68 71.29 -78.43
C ILE QA 14 46.43 70.41 -78.45
N GLN QA 15 45.65 70.51 -79.52
CA GLN QA 15 44.39 69.77 -79.60
C GLN QA 15 44.67 68.26 -79.72
N ILE QA 16 45.79 67.90 -80.36
CA ILE QA 16 46.22 66.50 -80.40
C ILE QA 16 46.61 66.06 -79.00
N GLY QA 17 47.33 66.94 -78.28
CA GLY QA 17 47.83 66.59 -76.97
C GLY QA 17 46.70 66.46 -75.93
N ASN QA 18 45.56 67.13 -76.15
CA ASN QA 18 44.44 66.98 -75.26
C ASN QA 18 43.85 65.57 -75.34
N ALA QA 19 43.75 65.04 -76.57
CA ALA QA 19 43.27 63.68 -76.79
C ALA QA 19 44.32 62.66 -76.38
N CYS QA 20 45.60 62.99 -76.61
CA CYS QA 20 46.69 62.07 -76.36
C CYS QA 20 46.88 61.85 -74.86
N TRP QA 21 46.78 62.93 -74.09
CA TRP QA 21 47.00 62.84 -72.66
C TRP QA 21 45.77 62.33 -71.92
N GLU QA 22 44.61 62.43 -72.57
CA GLU QA 22 43.43 61.77 -72.04
C GLU QA 22 43.62 60.26 -72.02
N LEU QA 23 44.18 59.72 -73.12
CA LEU QA 23 44.32 58.27 -73.28
C LEU QA 23 45.37 57.71 -72.33
N PHE QA 24 46.48 58.44 -72.17
CA PHE QA 24 47.58 57.99 -71.33
C PHE QA 24 47.16 57.91 -69.86
N CYS QA 25 46.31 58.87 -69.45
CA CYS QA 25 45.82 58.87 -68.09
C CYS QA 25 44.82 57.74 -67.86
N LEU QA 26 44.04 57.42 -68.90
CA LEU QA 26 43.00 56.42 -68.75
C LEU QA 26 43.60 55.01 -68.70
N GLU QA 27 44.71 54.80 -69.41
CA GLU QA 27 45.28 53.46 -69.56
C GLU QA 27 46.22 53.11 -68.40
N HIS QA 28 46.86 54.13 -67.80
CA HIS QA 28 47.61 53.90 -66.57
C HIS QA 28 46.71 54.06 -65.34
N GLY QA 29 45.46 54.50 -65.57
CA GLY QA 29 44.49 54.64 -64.50
C GLY QA 29 44.78 55.76 -63.50
N ILE QA 30 45.24 56.91 -64.03
CA ILE QA 30 45.40 58.10 -63.20
C ILE QA 30 44.27 59.07 -63.53
N GLN QA 31 43.64 59.60 -62.48
CA GLN QA 31 42.43 60.43 -62.64
C GLN QA 31 42.78 61.88 -62.99
N PRO QA 32 41.83 62.77 -63.41
CA PRO QA 32 42.14 64.17 -63.72
C PRO QA 32 42.76 64.98 -62.57
N ASP QA 33 42.62 64.51 -61.31
CA ASP QA 33 43.30 65.13 -60.18
C ASP QA 33 44.81 65.00 -60.35
N GLY QA 34 45.25 63.83 -60.77
CA GLY QA 34 46.65 63.61 -61.10
C GLY QA 34 47.24 62.47 -60.26
N GLN QA 35 46.42 61.85 -59.39
CA GLN QA 35 46.93 60.90 -58.42
C GLN QA 35 46.18 59.57 -58.58
N MET QA 36 46.92 58.46 -58.46
CA MET QA 36 46.27 57.16 -58.44
C MET QA 36 46.04 56.73 -56.99
N PRO QA 37 44.84 56.21 -56.65
CA PRO QA 37 44.43 56.08 -55.25
C PRO QA 37 44.74 54.73 -54.56
N ASP QA 47 55.69 51.49 -61.83
CA ASP QA 47 57.03 52.03 -62.18
C ASP QA 47 57.27 51.87 -63.69
N ALA QA 48 56.38 51.12 -64.35
CA ALA QA 48 56.48 50.89 -65.78
C ALA QA 48 56.02 52.11 -66.58
N PHE QA 49 55.18 52.96 -65.94
CA PHE QA 49 54.62 54.13 -66.61
C PHE QA 49 55.45 55.38 -66.33
N ASN QA 50 56.73 55.21 -65.97
CA ASN QA 50 57.56 56.35 -65.61
C ASN QA 50 58.01 57.16 -66.84
N THR QA 51 57.75 56.62 -68.03
CA THR QA 51 58.24 57.26 -69.24
C THR QA 51 57.36 58.42 -69.70
N PHE QA 52 56.13 58.49 -69.15
CA PHE QA 52 55.17 59.50 -69.57
C PHE QA 52 54.71 60.38 -68.42
N PHE QA 53 54.98 60.00 -67.18
CA PHE QA 53 54.46 60.73 -66.02
C PHE QA 53 55.55 60.87 -64.98
N SER QA 54 55.75 62.09 -64.48
CA SER QA 54 56.71 62.34 -63.42
C SER QA 54 56.08 61.95 -62.06
N GLU QA 55 56.75 62.36 -60.97
CA GLU QA 55 56.25 62.13 -59.62
C GLU QA 55 56.31 63.43 -58.83
N THR QA 56 55.22 63.78 -58.13
CA THR QA 56 55.13 65.10 -57.53
C THR QA 56 54.51 64.99 -56.15
N GLY QA 57 55.29 64.56 -55.19
CA GLY QA 57 54.76 64.50 -53.83
C GLY QA 57 53.75 63.36 -53.64
N ALA QA 58 52.47 63.73 -53.52
CA ALA QA 58 51.48 62.91 -52.83
C ALA QA 58 50.97 61.74 -53.68
N GLY QA 59 51.84 60.80 -54.11
CA GLY QA 59 51.46 59.71 -55.01
C GLY QA 59 50.89 60.16 -56.37
N LYS QA 60 51.36 61.34 -56.78
CA LYS QA 60 50.71 62.12 -57.82
C LYS QA 60 51.66 62.32 -59.01
N HIS QA 61 51.11 62.24 -60.22
CA HIS QA 61 51.90 62.19 -61.44
C HIS QA 61 51.58 63.39 -62.31
N VAL QA 62 52.63 63.98 -62.88
CA VAL QA 62 52.49 65.12 -63.78
C VAL QA 62 53.20 64.77 -65.07
N PRO QA 63 52.61 65.11 -66.24
CA PRO QA 63 53.18 64.67 -67.51
C PRO QA 63 54.49 65.36 -67.90
N ARG QA 64 55.36 64.62 -68.61
CA ARG QA 64 56.59 65.17 -69.16
C ARG QA 64 56.35 65.85 -70.51
N CYS QA 65 55.50 66.88 -70.48
CA CYS QA 65 55.02 67.48 -71.70
C CYS QA 65 55.04 68.99 -71.60
N VAL QA 66 55.14 69.63 -72.76
CA VAL QA 66 55.00 71.06 -72.84
C VAL QA 66 54.03 71.38 -73.97
N PHE QA 67 53.20 72.40 -73.68
CA PHE QA 67 52.27 72.93 -74.66
C PHE QA 67 52.70 74.35 -74.98
N LEU QA 68 52.91 74.61 -76.27
CA LEU QA 68 53.29 75.95 -76.68
C LEU QA 68 52.26 76.47 -77.66
N ASP QA 69 51.89 77.74 -77.49
CA ASP QA 69 51.20 78.47 -78.53
C ASP QA 69 51.63 79.94 -78.51
N LEU QA 70 51.28 80.65 -79.58
CA LEU QA 70 51.43 82.08 -79.59
C LEU QA 70 50.12 82.79 -79.28
N GLU QA 71 48.97 82.22 -79.64
CA GLU QA 71 47.78 82.84 -79.11
C GLU QA 71 47.50 82.31 -77.72
N PRO QA 72 46.88 83.08 -76.82
CA PRO QA 72 46.51 82.56 -75.51
C PRO QA 72 45.15 81.86 -75.43
N THR QA 73 44.53 81.61 -76.58
CA THR QA 73 43.11 81.29 -76.51
C THR QA 73 42.90 79.84 -76.10
N VAL QA 74 43.51 78.95 -76.89
CA VAL QA 74 43.43 77.50 -76.73
C VAL QA 74 44.05 77.06 -75.40
N VAL QA 75 45.18 77.69 -75.04
CA VAL QA 75 45.94 77.33 -73.86
C VAL QA 75 45.14 77.65 -72.60
N ASP QA 76 44.59 78.88 -72.54
CA ASP QA 76 43.83 79.35 -71.39
C ASP QA 76 42.58 78.51 -71.20
N GLU QA 77 42.08 77.95 -72.31
CA GLU QA 77 40.82 77.25 -72.24
C GLU QA 77 41.04 75.79 -71.81
N VAL QA 78 42.31 75.38 -71.82
CA VAL QA 78 42.75 74.17 -71.14
C VAL QA 78 42.99 74.45 -69.65
N ARG QA 79 43.54 75.63 -69.34
CA ARG QA 79 43.87 76.03 -67.97
C ARG QA 79 42.61 76.17 -67.11
N THR QA 80 41.46 76.30 -67.79
CA THR QA 80 40.20 76.50 -67.08
C THR QA 80 39.22 75.35 -67.33
N GLY QA 81 39.74 74.16 -67.67
CA GLY QA 81 38.95 72.95 -67.88
C GLY QA 81 38.84 72.06 -66.63
N THR QA 82 38.43 70.79 -66.80
CA THR QA 82 38.52 69.85 -65.70
C THR QA 82 39.97 69.48 -65.40
N TYR QA 83 40.86 69.48 -66.40
CA TYR QA 83 42.27 69.25 -66.15
C TYR QA 83 43.05 70.53 -65.79
N ARG QA 84 42.65 71.17 -64.69
CA ARG QA 84 43.44 72.27 -64.17
C ARG QA 84 44.70 71.72 -63.51
N HIS QA 85 44.60 70.57 -62.83
CA HIS QA 85 45.59 70.17 -61.85
C HIS QA 85 46.38 68.94 -62.30
N LEU QA 86 45.97 68.36 -63.42
CA LEU QA 86 46.77 67.33 -64.08
C LEU QA 86 48.05 67.96 -64.63
N PHE QA 87 47.86 69.08 -65.33
CA PHE QA 87 48.95 69.72 -66.03
C PHE QA 87 49.61 70.71 -65.09
N HIS QA 88 50.95 70.74 -65.11
CA HIS QA 88 51.66 71.76 -64.37
C HIS QA 88 51.31 73.12 -64.98
N PRO QA 89 51.08 74.16 -64.14
CA PRO QA 89 50.57 75.41 -64.65
C PRO QA 89 51.52 76.13 -65.62
N GLU QA 90 52.83 75.85 -65.52
CA GLU QA 90 53.80 76.46 -66.45
C GLU QA 90 54.42 75.43 -67.41
N GLN QA 91 53.68 74.35 -67.69
CA GLN QA 91 54.02 73.51 -68.83
C GLN QA 91 53.25 74.00 -70.07
N LEU QA 92 52.11 74.63 -69.80
CA LEU QA 92 51.35 75.27 -70.86
C LEU QA 92 51.79 76.73 -70.96
N ILE QA 93 52.52 77.02 -72.04
CA ILE QA 93 53.11 78.33 -72.26
C ILE QA 93 52.37 78.98 -73.44
N SER QA 94 52.01 80.26 -73.26
CA SER QA 94 51.36 81.02 -74.31
C SER QA 94 51.89 82.45 -74.31
N GLY QA 95 52.03 83.02 -75.52
CA GLY QA 95 52.38 84.41 -75.71
C GLY QA 95 51.13 85.28 -75.94
N LYS QA 96 51.36 86.48 -76.46
CA LYS QA 96 50.31 87.44 -76.72
C LYS QA 96 49.66 87.28 -78.10
N GLU QA 97 50.42 87.48 -79.19
CA GLU QA 97 49.84 87.55 -80.53
C GLU QA 97 50.10 86.26 -81.28
N ASP QA 98 49.17 85.89 -82.19
CA ASP QA 98 49.35 84.75 -83.09
C ASP QA 98 50.47 85.05 -84.09
N ALA QA 99 51.04 83.98 -84.64
CA ALA QA 99 52.01 84.12 -85.71
C ALA QA 99 51.34 84.47 -87.03
N ALA QA 100 50.03 84.17 -87.13
CA ALA QA 100 49.14 84.56 -88.20
C ALA QA 100 49.68 84.06 -89.54
N ASN QA 101 49.75 82.73 -89.64
CA ASN QA 101 49.96 81.98 -90.88
C ASN QA 101 51.13 82.54 -91.67
N ASN QA 102 52.18 82.89 -90.93
CA ASN QA 102 53.36 83.54 -91.47
C ASN QA 102 54.57 82.78 -90.94
N PHE QA 103 55.39 82.25 -91.85
CA PHE QA 103 56.61 81.59 -91.43
C PHE QA 103 57.59 82.57 -90.80
N ALA QA 104 57.72 83.75 -91.42
CA ALA QA 104 58.70 84.75 -91.02
C ALA QA 104 58.39 85.29 -89.62
N ARG QA 105 57.11 85.30 -89.26
CA ARG QA 105 56.72 85.76 -87.95
C ARG QA 105 57.11 84.76 -86.86
N GLY QA 106 57.29 83.50 -87.27
CA GLY QA 106 57.63 82.45 -86.31
C GLY QA 106 59.12 82.44 -85.93
N HIS QA 107 60.01 82.91 -86.81
CA HIS QA 107 61.42 83.01 -86.46
C HIS QA 107 61.79 84.40 -85.95
N TYR QA 108 61.64 85.42 -86.80
CA TYR QA 108 62.42 86.62 -86.65
C TYR QA 108 61.68 87.74 -85.92
N THR QA 109 60.36 87.61 -85.77
CA THR QA 109 59.58 88.67 -85.14
C THR QA 109 59.20 88.32 -83.70
N ILE QA 110 58.39 87.27 -83.52
CA ILE QA 110 57.78 86.99 -82.22
C ILE QA 110 58.14 85.59 -81.71
N GLY QA 111 58.97 84.86 -82.48
CA GLY QA 111 59.43 83.56 -82.05
C GLY QA 111 60.55 83.58 -81.01
N LYS QA 112 61.42 84.59 -81.05
CA LYS QA 112 62.61 84.57 -80.20
C LYS QA 112 62.27 84.95 -78.76
N GLU QA 113 61.02 85.40 -78.55
CA GLU QA 113 60.66 85.90 -77.23
C GLU QA 113 60.38 84.72 -76.28
N ILE QA 114 59.81 83.64 -76.83
CA ILE QA 114 59.39 82.52 -75.98
C ILE QA 114 60.20 81.24 -76.22
N VAL QA 115 61.22 81.29 -77.09
CA VAL QA 115 62.09 80.15 -77.31
C VAL QA 115 62.93 79.85 -76.08
N ASP QA 116 63.48 80.92 -75.49
CA ASP QA 116 64.37 80.81 -74.35
C ASP QA 116 63.57 80.44 -73.09
N LEU QA 117 62.32 80.90 -72.99
CA LEU QA 117 61.49 80.52 -71.85
C LEU QA 117 61.04 79.06 -71.95
N SER QA 118 60.91 78.54 -73.19
CA SER QA 118 60.47 77.16 -73.37
C SER QA 118 61.63 76.17 -73.20
N LEU QA 119 62.84 76.56 -73.65
CA LEU QA 119 64.05 75.76 -73.44
C LEU QA 119 64.32 75.56 -71.95
N ASP QA 120 63.95 76.55 -71.13
CA ASP QA 120 64.10 76.45 -69.69
C ASP QA 120 63.25 75.33 -69.13
N ARG QA 121 62.03 75.18 -69.67
CA ARG QA 121 61.12 74.17 -69.16
C ARG QA 121 61.58 72.78 -69.55
N ILE QA 122 62.25 72.68 -70.70
CA ILE QA 122 62.75 71.39 -71.15
C ILE QA 122 63.90 70.93 -70.26
N ARG QA 123 64.83 71.87 -69.98
CA ARG QA 123 66.05 71.58 -69.22
C ARG QA 123 65.68 71.17 -67.79
N LYS QA 124 64.65 71.84 -67.21
CA LYS QA 124 64.20 71.61 -65.84
C LYS QA 124 63.55 70.22 -65.74
N LEU QA 125 62.97 69.77 -66.86
CA LEU QA 125 62.13 68.58 -66.87
C LEU QA 125 62.81 67.41 -67.59
N ALA QA 126 64.04 67.61 -68.06
CA ALA QA 126 64.82 66.53 -68.69
C ALA QA 126 66.10 66.19 -67.92
N ASP QA 127 66.55 67.06 -67.00
CA ASP QA 127 67.80 66.84 -66.27
C ASP QA 127 67.62 66.03 -64.98
N ASN QA 128 66.38 65.64 -64.71
CA ASN QA 128 65.99 64.78 -63.61
C ASN QA 128 66.66 63.42 -63.74
N CYS QA 129 66.72 62.91 -64.98
CA CYS QA 129 67.33 61.63 -65.26
C CYS QA 129 68.22 61.74 -66.49
N THR QA 130 69.22 60.86 -66.51
CA THR QA 130 69.85 60.49 -67.76
C THR QA 130 68.96 59.47 -68.46
N GLY QA 131 69.41 58.96 -69.60
CA GLY QA 131 68.65 57.95 -70.31
C GLY QA 131 67.35 58.53 -70.88
N LEU QA 132 67.46 59.80 -71.30
CA LEU QA 132 66.42 60.45 -72.08
C LEU QA 132 66.28 59.71 -73.40
N GLN QA 133 65.09 59.21 -73.68
CA GLN QA 133 64.92 58.46 -74.92
C GLN QA 133 64.94 59.38 -76.13
N GLY QA 134 64.29 60.54 -75.97
CA GLY QA 134 64.23 61.48 -77.06
C GLY QA 134 63.03 62.41 -77.00
N PHE QA 135 62.75 63.07 -78.13
CA PHE QA 135 61.75 64.11 -78.21
C PHE QA 135 60.68 63.77 -79.23
N LEU QA 136 59.44 64.07 -78.87
CA LEU QA 136 58.36 63.97 -79.84
C LEU QA 136 57.81 65.36 -80.10
N MET QA 137 57.63 65.67 -81.38
CA MET QA 137 57.06 66.95 -81.78
C MET QA 137 55.73 66.72 -82.51
N PHE QA 138 54.75 67.55 -82.14
CA PHE QA 138 53.45 67.54 -82.80
C PHE QA 138 53.14 68.96 -83.26
N ASN QA 139 53.04 69.19 -84.58
CA ASN QA 139 52.87 70.54 -85.08
C ASN QA 139 52.17 70.52 -86.43
N ALA QA 140 51.73 71.71 -86.86
CA ALA QA 140 51.14 71.92 -88.16
C ALA QA 140 52.13 72.71 -89.02
N VAL QA 141 52.42 72.22 -90.22
CA VAL QA 141 53.29 72.97 -91.15
C VAL QA 141 52.47 73.93 -92.02
N GLY QA 142 51.14 73.92 -91.81
CA GLY QA 142 50.20 74.81 -92.48
C GLY QA 142 50.05 76.16 -91.78
N GLY QA 143 50.63 76.27 -90.59
CA GLY QA 143 50.52 77.35 -89.61
C GLY QA 143 51.79 78.20 -89.54
N GLY QA 144 51.73 79.19 -88.64
CA GLY QA 144 52.82 80.13 -88.44
C GLY QA 144 53.65 79.72 -87.21
N THR QA 145 52.93 79.52 -86.10
CA THR QA 145 53.54 79.14 -84.84
C THR QA 145 54.06 77.71 -84.91
N GLY QA 146 53.30 76.84 -85.58
CA GLY QA 146 53.67 75.45 -85.68
C GLY QA 146 54.92 75.28 -86.52
N SER QA 147 54.86 75.82 -87.75
CA SER QA 147 55.91 75.64 -88.73
C SER QA 147 57.15 76.45 -88.36
N GLY QA 148 56.92 77.70 -87.96
CA GLY QA 148 58.02 78.64 -87.75
C GLY QA 148 58.78 78.35 -86.46
N LEU QA 149 58.04 78.42 -85.35
CA LEU QA 149 58.64 78.23 -84.03
C LEU QA 149 59.06 76.78 -83.85
N GLY QA 150 58.45 75.87 -84.64
CA GLY QA 150 58.91 74.49 -84.69
C GLY QA 150 60.39 74.38 -85.07
N CYS QA 151 60.81 75.14 -86.09
CA CYS QA 151 62.19 75.08 -86.57
C CYS QA 151 63.13 75.73 -85.54
N LEU QA 152 62.67 76.82 -84.91
CA LEU QA 152 63.55 77.59 -84.06
C LEU QA 152 63.91 76.81 -82.78
N LEU QA 153 62.94 76.01 -82.29
CA LEU QA 153 63.21 75.10 -81.19
C LEU QA 153 64.23 74.05 -81.64
N LEU QA 154 63.97 73.46 -82.81
CA LEU QA 154 64.73 72.31 -83.27
C LEU QA 154 66.15 72.70 -83.65
N GLU QA 155 66.34 73.94 -84.13
CA GLU QA 155 67.68 74.47 -84.32
C GLU QA 155 68.38 74.62 -82.95
N ARG QA 156 67.63 75.10 -81.94
CA ARG QA 156 68.17 75.31 -80.59
C ARG QA 156 68.41 73.93 -79.93
N LEU QA 157 67.49 72.97 -80.09
CA LEU QA 157 67.58 71.68 -79.42
C LEU QA 157 68.73 70.83 -79.96
N SER QA 158 68.98 70.97 -81.28
CA SER QA 158 69.98 70.16 -81.96
C SER QA 158 71.39 70.53 -81.48
N VAL QA 159 71.51 71.74 -80.90
CA VAL QA 159 72.81 72.20 -80.41
C VAL QA 159 73.07 71.72 -78.98
N ASP QA 160 72.08 71.92 -78.08
CA ASP QA 160 72.23 71.60 -76.67
C ASP QA 160 72.22 70.09 -76.44
N TYR QA 161 71.10 69.45 -76.78
CA TYR QA 161 71.03 68.01 -76.67
C TYR QA 161 71.38 67.39 -78.01
N GLY QA 162 72.65 66.98 -78.10
CA GLY QA 162 73.23 66.44 -79.33
C GLY QA 162 72.53 65.17 -79.85
N LYS QA 163 72.72 64.04 -79.15
CA LYS QA 163 72.53 62.73 -79.77
C LYS QA 163 71.07 62.28 -79.84
N LYS QA 164 70.18 63.09 -79.25
CA LYS QA 164 68.86 62.51 -78.94
C LYS QA 164 67.98 62.46 -80.17
N SER QA 165 67.21 61.37 -80.25
CA SER QA 165 66.30 61.11 -81.35
C SER QA 165 65.14 62.11 -81.33
N LYS QA 166 64.85 62.71 -82.50
CA LYS QA 166 63.71 63.61 -82.65
C LYS QA 166 62.78 63.14 -83.77
N LEU QA 167 61.58 62.75 -83.35
CA LEU QA 167 60.55 62.36 -84.30
C LEU QA 167 59.56 63.51 -84.47
N ASN QA 168 59.08 63.64 -85.69
CA ASN QA 168 58.15 64.70 -86.03
C ASN QA 168 56.81 64.10 -86.45
N PHE QA 169 55.72 64.80 -86.06
CA PHE QA 169 54.39 64.43 -86.49
C PHE QA 169 53.71 65.64 -87.10
N CYS QA 170 53.91 65.83 -88.40
CA CYS QA 170 53.46 67.02 -89.10
C CYS QA 170 52.07 66.79 -89.67
N SER QA 171 51.12 67.65 -89.27
CA SER QA 171 49.77 67.62 -89.83
C SER QA 171 49.76 68.35 -91.18
N TRP QA 172 50.11 67.59 -92.21
CA TRP QA 172 50.51 68.08 -93.52
C TRP QA 172 49.31 68.62 -94.29
N PRO QA 173 49.48 69.56 -95.25
CA PRO QA 173 48.40 69.91 -96.17
C PRO QA 173 47.96 68.75 -97.06
N SER QA 174 46.69 68.83 -97.43
CA SER QA 174 46.03 67.81 -98.22
C SER QA 174 46.24 68.09 -99.71
N PRO QA 175 46.12 67.09 -100.62
CA PRO QA 175 46.11 67.40 -102.06
C PRO QA 175 44.87 68.15 -102.57
N GLN QA 176 43.72 67.99 -101.89
CA GLN QA 176 42.47 68.61 -102.34
C GLN QA 176 42.05 69.75 -101.40
N VAL QA 177 41.87 69.45 -100.11
CA VAL QA 177 41.25 70.39 -99.19
C VAL QA 177 42.31 71.27 -98.52
N SER QA 178 42.01 72.56 -98.31
CA SER QA 178 43.03 73.54 -97.98
C SER QA 178 42.87 74.16 -96.59
N THR QA 179 41.77 74.91 -96.41
CA THR QA 179 41.48 75.76 -95.25
C THR QA 179 42.55 76.85 -95.06
N ALA QA 180 43.35 77.11 -96.10
CA ALA QA 180 44.37 78.17 -96.12
C ALA QA 180 44.87 78.32 -97.54
N VAL QA 181 45.32 79.53 -97.90
CA VAL QA 181 45.77 79.80 -99.26
C VAL QA 181 47.28 80.05 -99.27
N VAL QA 182 47.86 80.40 -98.12
CA VAL QA 182 49.29 80.71 -98.04
C VAL QA 182 50.08 79.48 -97.56
N GLU QA 183 49.38 78.36 -97.37
CA GLU QA 183 49.97 77.12 -96.85
C GLU QA 183 51.02 76.50 -97.79
N PRO QA 184 50.98 76.68 -99.13
CA PRO QA 184 52.13 76.29 -99.94
C PRO QA 184 53.41 77.05 -99.63
N TYR QA 185 53.30 78.31 -99.17
CA TYR QA 185 54.47 79.07 -98.78
C TYR QA 185 55.08 78.53 -97.49
N ASN QA 186 54.25 78.32 -96.47
CA ASN QA 186 54.73 77.87 -95.18
C ASN QA 186 55.24 76.44 -95.22
N SER QA 187 54.70 75.61 -96.11
CA SER QA 187 55.08 74.20 -96.17
C SER QA 187 56.48 74.04 -96.75
N VAL QA 188 56.78 74.79 -97.80
CA VAL QA 188 58.04 74.60 -98.50
C VAL QA 188 59.20 75.23 -97.73
N LEU QA 189 58.90 76.17 -96.83
CA LEU QA 189 59.95 76.71 -95.98
C LEU QA 189 60.12 75.86 -94.71
N SER QA 190 59.05 75.14 -94.31
CA SER QA 190 59.18 74.21 -93.20
C SER QA 190 59.97 72.99 -93.62
N THR QA 191 59.70 72.49 -94.84
CA THR QA 191 60.32 71.29 -95.34
C THR QA 191 61.83 71.48 -95.49
N HIS QA 192 62.26 72.70 -95.86
CA HIS QA 192 63.67 73.00 -96.02
C HIS QA 192 64.42 72.92 -94.69
N SER QA 193 63.74 73.31 -93.61
CA SER QA 193 64.42 73.50 -92.33
C SER QA 193 64.01 72.47 -91.26
N LEU QA 194 63.08 71.57 -91.61
CA LEU QA 194 62.89 70.35 -90.82
C LEU QA 194 63.75 69.21 -91.35
N LEU QA 195 64.29 69.41 -92.55
CA LEU QA 195 65.07 68.38 -93.21
C LEU QA 195 66.40 68.16 -92.50
N GLU QA 196 67.01 69.24 -92.00
CA GLU QA 196 68.29 69.13 -91.34
C GLU QA 196 68.19 69.23 -89.82
N HIS QA 197 66.98 69.02 -89.29
CA HIS QA 197 66.80 69.12 -87.84
C HIS QA 197 65.99 67.98 -87.24
N THR QA 198 65.37 67.15 -88.08
CA THR QA 198 64.62 66.01 -87.59
C THR QA 198 65.36 64.74 -87.96
N ASP QA 199 64.99 63.70 -87.23
CA ASP QA 199 65.47 62.35 -87.48
C ASP QA 199 64.43 61.57 -88.28
N VAL QA 200 63.16 61.63 -87.86
CA VAL QA 200 62.08 60.96 -88.56
C VAL QA 200 60.89 61.91 -88.62
N ALA QA 201 60.29 62.02 -89.81
CA ALA QA 201 59.05 62.77 -90.00
C ALA QA 201 57.93 61.78 -90.35
N VAL QA 202 56.83 61.92 -89.60
CA VAL QA 202 55.66 61.09 -89.83
C VAL QA 202 54.55 61.97 -90.36
N MET QA 203 54.05 61.59 -91.55
CA MET QA 203 53.17 62.43 -92.34
C MET QA 203 51.73 62.17 -91.92
N LEU QA 204 51.05 63.20 -91.40
CA LEU QA 204 49.64 63.11 -91.07
C LEU QA 204 48.87 64.12 -91.93
N ASP QA 205 47.81 63.65 -92.58
CA ASP QA 205 47.01 64.45 -93.48
C ASP QA 205 45.56 64.43 -92.99
N ASN QA 206 44.89 65.60 -93.05
CA ASN QA 206 43.58 65.71 -92.42
C ASN QA 206 42.48 65.04 -93.24
N GLU QA 207 42.56 65.12 -94.58
CA GLU QA 207 41.45 64.56 -95.35
C GLU QA 207 41.59 63.05 -95.50
N ALA QA 208 42.79 62.52 -95.19
CA ALA QA 208 43.01 61.08 -95.12
C ALA QA 208 42.16 60.51 -93.97
N ILE QA 209 42.09 61.24 -92.86
CA ILE QA 209 41.39 60.75 -91.69
C ILE QA 209 39.90 61.08 -91.76
N TYR QA 210 39.54 62.11 -92.51
CA TYR QA 210 38.13 62.38 -92.79
C TYR QA 210 37.53 61.23 -93.57
N ASP QA 211 38.31 60.72 -94.53
CA ASP QA 211 37.86 59.65 -95.39
C ASP QA 211 37.67 58.36 -94.58
N ILE QA 212 38.61 58.07 -93.67
CA ILE QA 212 38.61 56.82 -92.92
C ILE QA 212 37.36 56.75 -92.05
N CYS QA 213 37.10 57.82 -91.29
CA CYS QA 213 36.02 57.83 -90.30
C CYS QA 213 34.65 57.80 -90.97
N ARG QA 214 34.61 58.12 -92.27
CA ARG QA 214 33.34 58.09 -92.98
C ARG QA 214 32.93 56.64 -93.26
N ARG QA 215 33.88 55.82 -93.68
CA ARG QA 215 33.60 54.48 -94.20
C ARG QA 215 33.98 53.37 -93.20
N ASN QA 216 34.80 53.69 -92.21
CA ASN QA 216 35.18 52.71 -91.21
C ASN QA 216 34.30 52.82 -89.97
N LEU QA 217 34.28 54.00 -89.34
CA LEU QA 217 33.48 54.19 -88.13
C LEU QA 217 32.05 54.62 -88.45
N ASP QA 218 31.82 54.97 -89.71
CA ASP QA 218 30.48 55.34 -90.13
C ASP QA 218 30.03 56.67 -89.51
N ILE QA 219 31.00 57.55 -89.21
CA ILE QA 219 30.69 58.90 -88.76
C ILE QA 219 30.60 59.80 -89.99
N GLU QA 220 29.40 60.27 -90.30
CA GLU QA 220 29.17 61.14 -91.45
C GLU QA 220 29.68 62.56 -91.20
N ARG QA 221 29.56 63.05 -89.95
CA ARG QA 221 29.72 64.47 -89.70
C ARG QA 221 30.77 64.72 -88.62
N PRO QA 222 32.07 64.35 -88.83
CA PRO QA 222 33.02 64.30 -87.73
C PRO QA 222 33.47 65.69 -87.30
N THR QA 223 34.28 65.70 -86.24
CA THR QA 223 34.85 66.90 -85.68
C THR QA 223 36.33 66.67 -85.41
N TYR QA 224 37.00 67.69 -84.87
CA TYR QA 224 38.39 67.61 -84.50
C TYR QA 224 38.59 66.59 -83.39
N THR QA 225 37.63 66.54 -82.46
CA THR QA 225 37.77 65.66 -81.31
C THR QA 225 37.55 64.19 -81.70
N ASN QA 226 37.09 63.93 -82.92
CA ASN QA 226 37.03 62.57 -83.43
C ASN QA 226 38.30 62.20 -84.18
N LEU QA 227 38.94 63.19 -84.84
CA LEU QA 227 40.19 62.93 -85.53
C LEU QA 227 41.32 62.69 -84.52
N ASN QA 228 41.28 63.44 -83.42
CA ASN QA 228 42.38 63.45 -82.46
C ASN QA 228 42.46 62.17 -81.65
N ARG QA 229 41.34 61.43 -81.57
CA ARG QA 229 41.28 60.12 -80.94
C ARG QA 229 42.18 59.16 -81.71
N LEU QA 230 42.03 59.21 -83.03
CA LEU QA 230 42.71 58.26 -83.90
C LEU QA 230 44.19 58.55 -83.99
N ILE QA 231 44.58 59.83 -83.86
CA ILE QA 231 45.98 60.17 -83.75
C ILE QA 231 46.53 59.62 -82.42
N ALA QA 232 45.73 59.69 -81.36
CA ALA QA 232 46.16 59.27 -80.03
C ALA QA 232 46.43 57.76 -80.00
N GLN QA 233 45.64 57.01 -80.77
CA GLN QA 233 45.78 55.56 -80.81
C GLN QA 233 47.05 55.15 -81.57
N VAL QA 234 47.47 55.98 -82.53
CA VAL QA 234 48.69 55.72 -83.27
C VAL QA 234 49.89 55.93 -82.35
N ILE QA 235 49.83 56.98 -81.52
CA ILE QA 235 50.88 57.25 -80.56
C ILE QA 235 50.89 56.15 -79.49
N SER QA 236 49.71 55.62 -79.16
CA SER QA 236 49.59 54.58 -78.15
C SER QA 236 50.28 53.29 -78.60
N SER QA 237 50.07 52.89 -79.87
CA SER QA 237 50.67 51.68 -80.41
C SER QA 237 52.13 51.91 -80.82
N LEU QA 238 52.58 53.18 -80.78
CA LEU QA 238 53.97 53.48 -81.06
C LEU QA 238 54.83 53.36 -79.80
N THR QA 239 54.40 54.06 -78.75
CA THR QA 239 55.11 54.08 -77.49
C THR QA 239 54.51 53.04 -76.57
N ALA QA 240 54.00 51.93 -77.14
CA ALA QA 240 53.39 50.86 -76.36
C ALA QA 240 54.48 50.12 -75.60
N SER QA 241 55.56 49.82 -76.32
CA SER QA 241 56.61 48.96 -75.82
C SER QA 241 57.50 49.70 -74.81
N LEU QA 242 57.47 51.03 -74.78
CA LEU QA 242 58.15 51.79 -73.74
C LEU QA 242 57.45 51.65 -72.39
N ARG QA 243 56.22 51.14 -72.39
CA ARG QA 243 55.39 51.18 -71.19
C ARG QA 243 55.04 49.78 -70.69
N PHE QA 244 54.98 48.81 -71.59
CA PHE QA 244 54.57 47.45 -71.26
C PHE QA 244 55.64 46.47 -71.72
N ASP QA 245 55.52 45.19 -71.33
CA ASP QA 245 56.48 44.18 -71.72
C ASP QA 245 55.91 43.39 -72.90
N GLY QA 246 56.76 43.27 -73.93
CA GLY QA 246 56.38 42.58 -75.16
C GLY QA 246 57.34 41.46 -75.51
N ALA QA 247 56.91 40.58 -76.41
CA ALA QA 247 57.74 39.47 -76.86
C ALA QA 247 58.88 39.95 -77.75
N LEU QA 248 58.65 41.05 -78.49
CA LEU QA 248 59.71 41.70 -79.26
C LEU QA 248 59.43 43.19 -79.24
N ASN QA 249 60.07 43.87 -78.30
CA ASN QA 249 59.84 45.28 -78.02
C ASN QA 249 60.47 46.16 -79.12
N VAL QA 250 60.21 47.45 -79.01
CA VAL QA 250 60.61 48.43 -80.00
C VAL QA 250 60.66 49.81 -79.34
N ASP QA 251 61.69 50.58 -79.67
CA ASP QA 251 61.96 51.84 -78.99
C ASP QA 251 61.65 53.02 -79.91
N VAL QA 252 61.79 54.24 -79.38
CA VAL QA 252 61.73 55.45 -80.18
C VAL QA 252 62.98 55.54 -81.08
N THR QA 253 64.16 55.23 -80.50
CA THR QA 253 65.41 55.26 -81.26
C THR QA 253 65.50 54.10 -82.25
N GLU QA 254 64.54 53.16 -82.17
CA GLU QA 254 64.49 52.02 -83.11
C GLU QA 254 64.33 52.47 -84.56
N PHE QA 255 63.43 53.44 -84.78
CA PHE QA 255 62.90 53.71 -86.11
C PHE QA 255 63.99 54.24 -87.04
N GLN QA 256 64.83 55.14 -86.52
CA GLN QA 256 65.84 55.82 -87.30
C GLN QA 256 66.81 54.83 -87.93
N THR QA 257 67.25 53.85 -87.13
CA THR QA 257 68.19 52.91 -87.71
C THR QA 257 67.50 51.98 -88.71
N ASN QA 258 66.20 51.81 -88.51
CA ASN QA 258 65.46 50.69 -89.08
C ASN QA 258 64.51 51.15 -90.18
N LEU QA 259 64.39 52.48 -90.40
CA LEU QA 259 63.43 52.93 -91.40
C LEU QA 259 64.02 53.93 -92.41
N VAL QA 260 65.07 54.66 -92.04
CA VAL QA 260 65.62 55.65 -92.94
C VAL QA 260 66.92 55.12 -93.54
N PRO QA 261 66.99 54.93 -94.87
CA PRO QA 261 68.21 54.39 -95.47
C PRO QA 261 69.31 55.38 -95.85
N TYR QA 262 68.94 56.67 -95.90
CA TYR QA 262 69.88 57.73 -96.18
C TYR QA 262 69.43 58.95 -95.38
N PRO QA 263 70.37 59.87 -95.05
CA PRO QA 263 70.10 60.96 -94.10
C PRO QA 263 68.94 61.88 -94.47
N ARG QA 264 68.82 62.23 -95.75
CA ARG QA 264 67.77 63.12 -96.20
C ARG QA 264 66.42 62.41 -96.26
N ILE QA 265 66.45 61.13 -96.66
CA ILE QA 265 65.23 60.36 -96.81
C ILE QA 265 64.75 59.97 -95.42
N HIS QA 266 63.75 60.70 -94.89
CA HIS QA 266 63.15 60.30 -93.62
C HIS QA 266 61.65 60.53 -93.60
N PHE QA 267 61.04 60.68 -94.77
CA PHE QA 267 59.63 61.00 -94.85
C PHE QA 267 58.83 59.72 -95.09
N MET QA 268 57.76 59.57 -94.31
CA MET QA 268 57.11 58.27 -94.17
C MET QA 268 55.61 58.38 -94.42
N LEU QA 269 54.88 57.34 -93.99
CA LEU QA 269 53.48 57.19 -94.34
C LEU QA 269 52.88 56.14 -93.40
N SER QA 270 51.97 56.57 -92.51
CA SER QA 270 51.49 55.77 -91.40
C SER QA 270 50.15 55.10 -91.69
N SER QA 271 49.79 54.09 -90.88
CA SER QA 271 48.52 53.39 -90.97
C SER QA 271 48.14 52.84 -89.61
N TYR QA 272 46.85 52.52 -89.46
CA TYR QA 272 46.37 51.84 -88.27
C TYR QA 272 45.15 51.03 -88.63
N ALA QA 273 45.08 49.80 -88.12
CA ALA QA 273 43.94 48.93 -88.33
C ALA QA 273 43.89 47.98 -87.15
N PRO QA 274 42.71 47.54 -86.65
CA PRO QA 274 41.40 47.87 -87.23
C PRO QA 274 40.80 49.16 -86.69
N ILE QA 275 40.00 49.84 -87.52
CA ILE QA 275 39.21 50.97 -87.07
C ILE QA 275 37.74 50.60 -87.26
N ILE QA 276 37.14 50.05 -86.20
CA ILE QA 276 35.82 49.45 -86.33
C ILE QA 276 34.87 50.01 -85.27
N SER QA 277 33.64 50.39 -85.67
CA SER QA 277 32.68 50.95 -84.71
C SER QA 277 32.12 49.86 -83.79
N ALA QA 278 31.40 50.27 -82.73
CA ALA QA 278 30.88 49.34 -81.72
C ALA QA 278 29.86 48.39 -82.32
N GLU QA 279 28.94 48.93 -83.11
CA GLU QA 279 27.98 48.11 -83.83
C GLU QA 279 28.72 47.39 -84.95
N LYS QA 280 29.79 47.96 -85.49
CA LYS QA 280 30.44 47.40 -86.65
C LYS QA 280 31.21 46.11 -86.28
N ALA QA 281 31.72 46.02 -85.04
CA ALA QA 281 32.52 44.91 -84.52
C ALA QA 281 31.66 43.72 -84.10
N TYR QA 282 30.35 43.87 -84.29
CA TYR QA 282 29.37 42.86 -83.93
C TYR QA 282 29.53 41.60 -84.78
N HIS QA 283 29.84 41.78 -86.07
CA HIS QA 283 29.83 40.68 -87.02
C HIS QA 283 31.23 40.23 -87.40
N GLU QA 284 32.24 40.50 -86.55
CA GLU QA 284 33.61 40.52 -87.04
C GLU QA 284 34.52 39.72 -86.15
N GLN QA 285 35.25 38.85 -86.84
CA GLN QA 285 36.40 38.07 -86.43
C GLN QA 285 37.62 38.97 -86.56
N LEU QA 286 38.28 39.36 -85.47
CA LEU QA 286 39.42 40.27 -85.62
C LEU QA 286 40.73 39.49 -85.73
N SER QA 287 40.81 38.61 -86.73
CA SER QA 287 41.97 37.74 -86.84
C SER QA 287 43.23 38.53 -87.19
N VAL QA 288 44.39 37.96 -86.88
CA VAL QA 288 45.67 38.55 -87.24
C VAL QA 288 45.83 38.59 -88.75
N ALA QA 289 45.10 37.72 -89.47
CA ALA QA 289 45.15 37.70 -90.92
C ALA QA 289 44.58 38.98 -91.51
N GLU QA 290 43.48 39.49 -90.93
CA GLU QA 290 42.74 40.56 -91.58
C GLU QA 290 43.12 41.93 -91.02
N ILE QA 291 43.63 41.94 -89.78
CA ILE QA 291 44.08 43.20 -89.19
C ILE QA 291 45.34 43.70 -89.90
N THR QA 292 46.03 42.79 -90.59
CA THR QA 292 47.20 43.19 -91.35
C THR QA 292 46.87 43.38 -92.82
N ASN QA 293 45.81 42.74 -93.34
CA ASN QA 293 45.33 43.00 -94.69
C ASN QA 293 44.82 44.44 -94.79
N SER QA 294 44.10 44.85 -93.75
CA SER QA 294 43.50 46.17 -93.74
C SER QA 294 44.54 47.28 -93.49
N ALA QA 295 45.68 46.94 -92.88
CA ALA QA 295 46.72 47.95 -92.69
C ALA QA 295 47.43 48.24 -94.01
N PHE QA 296 47.71 47.17 -94.77
CA PHE QA 296 48.38 47.32 -96.05
C PHE QA 296 47.40 47.70 -97.16
N GLU QA 297 46.10 47.72 -96.84
CA GLU QA 297 45.03 48.19 -97.70
C GLU QA 297 45.36 49.62 -98.12
N PRO QA 298 45.78 49.86 -99.38
CA PRO QA 298 46.32 51.17 -99.77
C PRO QA 298 45.29 52.31 -99.76
N ALA QA 299 44.03 51.99 -99.44
CA ALA QA 299 43.04 53.04 -99.26
C ALA QA 299 43.00 53.53 -97.83
N SER QA 300 43.54 52.72 -96.91
CA SER QA 300 43.39 52.93 -95.47
C SER QA 300 44.63 53.61 -94.88
N MET QA 301 45.32 54.38 -95.71
CA MET QA 301 46.48 55.14 -95.28
C MET QA 301 46.02 56.30 -94.41
N MET QA 302 47.00 56.94 -93.78
CA MET QA 302 46.74 58.06 -92.90
C MET QA 302 47.42 59.33 -93.43
N ALA QA 303 47.78 59.33 -94.72
CA ALA QA 303 48.52 60.46 -95.28
C ALA QA 303 48.10 60.81 -96.70
N LYS QA 304 47.13 60.07 -97.26
CA LYS QA 304 46.56 60.32 -98.58
C LYS QA 304 47.63 60.47 -99.67
N CYS QA 305 48.29 59.35 -99.99
CA CYS QA 305 48.94 59.18 -101.27
C CYS QA 305 49.00 57.70 -101.58
N ASP QA 306 48.43 57.33 -102.72
CA ASP QA 306 48.17 55.94 -103.05
C ASP QA 306 49.49 55.22 -103.33
N PRO QA 307 49.92 54.25 -102.48
CA PRO QA 307 51.24 53.65 -102.65
C PRO QA 307 51.44 52.68 -103.81
N ARG QA 308 50.46 52.58 -104.71
CA ARG QA 308 50.73 51.80 -105.91
C ARG QA 308 51.61 52.55 -106.91
N HIS QA 309 51.76 53.88 -106.73
CA HIS QA 309 52.72 54.63 -107.53
C HIS QA 309 54.00 54.87 -106.74
N GLY QA 310 54.36 53.90 -105.91
CA GLY QA 310 55.65 53.88 -105.25
C GLY QA 310 56.16 52.45 -105.11
N LYS QA 311 57.42 52.36 -104.72
CA LYS QA 311 58.02 51.13 -104.23
C LYS QA 311 58.30 51.29 -102.73
N TYR QA 312 57.84 50.32 -101.94
CA TYR QA 312 58.14 50.26 -100.51
C TYR QA 312 59.64 50.07 -100.30
N MET QA 313 60.14 50.71 -99.23
CA MET QA 313 61.58 50.77 -99.03
C MET QA 313 61.98 50.23 -97.66
N ALA QA 314 61.18 50.55 -96.64
CA ALA QA 314 61.38 50.01 -95.30
C ALA QA 314 60.04 50.11 -94.56
N CYS QA 315 59.52 48.96 -94.12
CA CYS QA 315 58.24 48.92 -93.46
C CYS QA 315 58.43 48.41 -92.04
N CYS QA 316 57.61 48.91 -91.12
CA CYS QA 316 57.74 48.56 -89.73
C CYS QA 316 56.36 48.38 -89.14
N LEU QA 317 56.09 47.21 -88.57
CA LEU QA 317 54.76 46.83 -88.08
C LEU QA 317 54.80 46.73 -86.55
N MET QA 318 53.78 47.30 -85.91
CA MET QA 318 53.61 47.19 -84.46
C MET QA 318 52.33 46.44 -84.15
N TYR QA 319 52.44 45.13 -83.93
CA TYR QA 319 51.30 44.40 -83.43
C TYR QA 319 51.17 44.66 -81.93
N ARG QA 320 49.96 44.52 -81.45
CA ARG QA 320 49.72 44.89 -80.08
C ARG QA 320 48.45 44.21 -79.59
N GLY QA 321 48.63 43.16 -78.79
CA GLY QA 321 47.52 42.50 -78.14
C GLY QA 321 47.65 40.98 -78.12
N ASP QA 322 46.50 40.32 -78.24
CA ASP QA 322 46.42 38.87 -78.30
C ASP QA 322 47.03 38.43 -79.63
N VAL QA 323 48.37 38.45 -79.72
CA VAL QA 323 49.03 38.24 -80.99
C VAL QA 323 50.05 37.12 -80.80
N VAL QA 324 49.75 35.96 -81.38
CA VAL QA 324 50.69 34.87 -81.39
C VAL QA 324 51.68 35.15 -82.51
N PRO QA 325 52.95 34.74 -82.36
CA PRO QA 325 53.97 35.11 -83.34
C PRO QA 325 53.92 34.33 -84.66
N LYS QA 326 53.36 33.11 -84.67
CA LYS QA 326 53.34 32.39 -85.94
C LYS QA 326 52.31 33.01 -86.88
N ASP QA 327 51.20 33.54 -86.34
CA ASP QA 327 50.20 34.19 -87.16
C ASP QA 327 50.70 35.53 -87.70
N VAL QA 328 51.67 36.14 -87.00
CA VAL QA 328 52.37 37.31 -87.52
C VAL QA 328 53.18 36.88 -88.75
N ASN QA 329 53.98 35.82 -88.59
CA ASN QA 329 54.87 35.32 -89.62
C ASN QA 329 54.06 34.82 -90.81
N ALA QA 330 52.96 34.09 -90.52
CA ALA QA 330 52.12 33.51 -91.55
C ALA QA 330 51.46 34.61 -92.38
N ALA QA 331 51.04 35.70 -91.73
CA ALA QA 331 50.32 36.74 -92.43
C ALA QA 331 51.28 37.68 -93.18
N VAL QA 332 52.45 37.98 -92.59
CA VAL QA 332 53.38 38.93 -93.18
C VAL QA 332 54.05 38.29 -94.40
N ALA QA 333 54.08 36.94 -94.44
CA ALA QA 333 54.64 36.25 -95.59
C ALA QA 333 53.66 36.28 -96.77
N THR QA 334 52.37 36.38 -96.47
CA THR QA 334 51.36 36.45 -97.51
C THR QA 334 51.45 37.78 -98.26
N ILE QA 335 51.70 38.86 -97.51
CA ILE QA 335 51.86 40.19 -98.10
C ILE QA 335 53.11 40.21 -98.98
N LYS QA 336 54.19 39.57 -98.51
CA LYS QA 336 55.43 39.50 -99.27
C LYS QA 336 55.22 38.80 -100.61
N THR QA 337 54.43 37.72 -100.62
CA THR QA 337 54.18 37.00 -101.85
C THR QA 337 52.97 37.55 -102.59
N LYS QA 338 52.26 38.52 -102.02
CA LYS QA 338 51.25 39.24 -102.78
C LYS QA 338 51.98 40.14 -103.79
N ARG QA 339 51.81 39.81 -105.07
CA ARG QA 339 52.59 40.32 -106.18
C ARG QA 339 52.37 41.83 -106.42
N THR QA 340 51.19 42.30 -106.01
CA THR QA 340 50.74 43.64 -106.34
C THR QA 340 51.32 44.69 -105.38
N ILE QA 341 52.01 44.24 -104.32
CA ILE QA 341 52.74 45.13 -103.43
C ILE QA 341 54.21 45.06 -103.79
N GLN QA 342 54.78 46.22 -104.12
CA GLN QA 342 56.12 46.25 -104.69
C GLN QA 342 57.16 46.55 -103.62
N PHE QA 343 58.36 45.99 -103.83
CA PHE QA 343 59.53 46.37 -103.06
C PHE QA 343 60.66 46.77 -103.99
N VAL QA 344 61.53 47.65 -103.47
CA VAL QA 344 62.71 48.12 -104.16
C VAL QA 344 63.69 46.95 -104.30
N ASP QA 345 64.56 47.02 -105.29
CA ASP QA 345 65.50 45.94 -105.55
C ASP QA 345 66.52 45.74 -104.42
N TRP QA 346 66.95 46.83 -103.78
CA TRP QA 346 68.09 46.74 -102.88
C TRP QA 346 67.68 46.44 -101.43
N CYS QA 347 66.39 46.30 -101.16
CA CYS QA 347 65.94 45.95 -99.82
C CYS QA 347 65.04 44.74 -99.92
N PRO QA 348 65.57 43.51 -100.13
CA PRO QA 348 64.71 42.36 -100.33
C PRO QA 348 63.94 41.96 -99.07
N THR QA 349 64.51 42.18 -97.89
CA THR QA 349 63.78 42.01 -96.64
C THR QA 349 63.43 43.38 -96.09
N GLY QA 350 62.14 43.73 -96.14
CA GLY QA 350 61.74 45.07 -95.73
C GLY QA 350 60.73 45.13 -94.58
N PHE QA 351 60.93 44.36 -93.51
CA PHE QA 351 60.00 44.39 -92.39
C PHE QA 351 60.72 44.47 -91.06
N LYS QA 352 60.09 45.12 -90.09
CA LYS QA 352 60.32 44.87 -88.68
C LYS QA 352 58.97 44.60 -88.03
N CYS QA 353 58.88 43.49 -87.31
CA CYS QA 353 57.70 43.21 -86.50
C CYS QA 353 58.03 43.41 -85.02
N GLY QA 354 57.13 44.11 -84.33
CA GLY QA 354 57.22 44.33 -82.90
C GLY QA 354 55.91 43.96 -82.23
N ILE QA 355 55.99 43.06 -81.23
CA ILE QA 355 54.79 42.54 -80.61
C ILE QA 355 54.76 42.99 -79.15
N ASN QA 356 53.60 43.49 -78.73
CA ASN QA 356 53.37 43.91 -77.35
C ASN QA 356 52.16 43.14 -76.81
N TYR QA 357 52.03 43.06 -75.49
CA TYR QA 357 51.03 42.17 -74.89
C TYR QA 357 49.75 42.90 -74.52
N GLN QA 358 49.86 44.19 -74.20
CA GLN QA 358 48.70 44.89 -73.69
C GLN QA 358 47.73 45.20 -74.82
N PRO QA 359 46.45 44.72 -74.75
CA PRO QA 359 45.43 45.12 -75.73
C PRO QA 359 45.14 46.60 -75.68
N PRO QA 360 44.68 47.25 -76.77
CA PRO QA 360 44.33 48.66 -76.78
C PRO QA 360 43.24 49.04 -75.80
N THR QA 361 43.35 50.24 -75.21
CA THR QA 361 42.35 50.73 -74.27
C THR QA 361 41.34 51.63 -74.98
N VAL QA 362 40.07 51.40 -74.66
CA VAL QA 362 38.97 52.14 -75.23
C VAL QA 362 38.59 53.30 -74.31
N VAL QA 363 38.37 54.46 -74.92
CA VAL QA 363 37.85 55.59 -74.18
C VAL QA 363 36.34 55.43 -74.02
N PRO QA 364 35.79 55.55 -72.79
CA PRO QA 364 34.34 55.49 -72.61
C PRO QA 364 33.63 56.65 -73.29
N GLY QA 365 32.54 56.31 -73.97
CA GLY QA 365 31.71 57.22 -74.74
C GLY QA 365 32.39 57.76 -75.98
N GLY QA 366 33.52 57.13 -76.35
CA GLY QA 366 34.23 57.46 -77.59
C GLY QA 366 33.58 56.77 -78.78
N ASP QA 367 34.32 56.73 -79.90
CA ASP QA 367 33.79 56.11 -81.10
C ASP QA 367 34.36 54.71 -81.35
N LEU QA 368 35.62 54.46 -80.93
CA LEU QA 368 36.23 53.15 -81.12
C LEU QA 368 35.53 52.07 -80.30
N ALA QA 369 35.58 50.81 -80.80
CA ALA QA 369 35.11 49.66 -80.04
C ALA QA 369 36.30 48.98 -79.38
N LYS QA 370 36.00 48.07 -78.45
CA LYS QA 370 37.06 47.37 -77.76
C LYS QA 370 37.43 46.13 -78.55
N VAL QA 371 38.67 46.14 -79.07
CA VAL QA 371 39.24 45.05 -79.83
C VAL QA 371 40.44 44.57 -79.01
N MET QA 372 40.96 43.38 -79.31
CA MET QA 372 42.02 42.83 -78.48
C MET QA 372 43.34 42.76 -79.20
N ARG QA 373 43.40 43.12 -80.46
CA ARG QA 373 44.69 43.16 -81.16
C ARG QA 373 44.68 44.24 -82.23
N ALA QA 374 45.81 44.95 -82.34
CA ALA QA 374 45.89 46.08 -83.25
C ALA QA 374 47.27 46.20 -83.85
N VAL QA 375 47.30 46.82 -85.04
CA VAL QA 375 48.52 47.01 -85.80
C VAL QA 375 48.66 48.49 -86.11
N CYS QA 376 49.88 49.00 -86.00
CA CYS QA 376 50.17 50.36 -86.41
C CYS QA 376 51.42 50.31 -87.30
N MET QA 377 51.25 50.71 -88.56
CA MET QA 377 52.23 50.40 -89.60
C MET QA 377 52.80 51.71 -90.14
N ILE QA 378 54.09 51.96 -89.88
CA ILE QA 378 54.77 53.13 -90.38
C ILE QA 378 55.80 52.68 -91.41
N SER QA 379 55.68 53.21 -92.64
CA SER QA 379 56.48 52.73 -93.75
C SER QA 379 57.11 53.89 -94.50
N ASN QA 380 58.24 53.61 -95.16
CA ASN QA 380 58.93 54.55 -96.01
C ASN QA 380 58.75 54.08 -97.45
N SER QA 381 58.21 54.98 -98.28
CA SER QA 381 57.96 54.65 -99.67
C SER QA 381 58.32 55.82 -100.58
N THR QA 382 58.57 55.48 -101.85
CA THR QA 382 58.92 56.43 -102.90
C THR QA 382 57.71 57.30 -103.27
N ALA QA 383 56.50 56.88 -102.86
CA ALA QA 383 55.27 57.58 -103.18
C ALA QA 383 55.19 58.97 -102.53
N ILE QA 384 56.07 59.25 -101.57
CA ILE QA 384 56.18 60.57 -100.96
C ILE QA 384 56.80 61.58 -101.94
N ALA QA 385 57.25 61.10 -103.10
CA ALA QA 385 57.78 61.97 -104.14
C ALA QA 385 56.69 62.87 -104.74
N GLU QA 386 55.47 62.34 -104.89
CA GLU QA 386 54.45 63.12 -105.56
C GLU QA 386 53.85 64.17 -104.61
N VAL QA 387 53.95 63.94 -103.31
CA VAL QA 387 53.39 64.91 -102.37
C VAL QA 387 54.38 66.07 -102.16
N PHE QA 388 55.57 65.97 -102.76
CA PHE QA 388 56.50 67.09 -102.76
C PHE QA 388 56.53 67.78 -104.12
N SER QA 389 56.20 67.06 -105.20
CA SER QA 389 56.02 67.70 -106.50
C SER QA 389 54.72 68.51 -106.53
N ARG QA 390 53.72 68.10 -105.72
CA ARG QA 390 52.40 68.71 -105.82
C ARG QA 390 52.40 70.09 -105.16
N MET QA 391 53.17 70.27 -104.08
CA MET QA 391 53.40 71.62 -103.55
C MET QA 391 54.15 72.43 -104.59
N ASP QA 392 55.13 71.78 -105.23
CA ASP QA 392 56.06 72.45 -106.10
C ASP QA 392 55.35 72.99 -107.35
N HIS QA 393 54.33 72.24 -107.81
CA HIS QA 393 53.40 72.73 -108.81
C HIS QA 393 52.71 73.99 -108.29
N LYS QA 394 52.31 73.97 -107.02
CA LYS QA 394 51.55 75.06 -106.42
C LYS QA 394 52.47 76.23 -106.08
N PHE QA 395 53.72 75.93 -105.69
CA PHE QA 395 54.62 76.96 -105.17
C PHE QA 395 55.14 77.86 -106.29
N ASP QA 396 55.52 77.26 -107.43
CA ASP QA 396 55.98 78.06 -108.55
C ASP QA 396 54.82 78.84 -109.15
N LEU QA 397 53.63 78.23 -109.14
CA LEU QA 397 52.47 78.84 -109.81
C LEU QA 397 51.97 80.07 -109.04
N MET QA 398 52.52 80.31 -107.83
CA MET QA 398 52.07 81.38 -106.95
C MET QA 398 53.20 82.34 -106.59
N TYR QA 399 54.46 81.85 -106.69
CA TYR QA 399 55.63 82.66 -106.40
C TYR QA 399 56.15 83.41 -107.64
N ALA QA 400 55.83 82.89 -108.83
CA ALA QA 400 56.42 83.36 -110.08
C ALA QA 400 56.14 84.85 -110.31
N LYS QA 401 55.00 85.35 -109.81
CA LYS QA 401 54.76 86.79 -109.81
C LYS QA 401 54.39 87.26 -108.41
N ARG QA 402 55.09 86.71 -107.42
CA ARG QA 402 55.38 87.40 -106.16
C ARG QA 402 54.11 87.73 -105.37
N ALA QA 403 53.10 86.88 -105.49
CA ALA QA 403 51.94 87.01 -104.62
C ALA QA 403 52.35 86.67 -103.19
N PHE QA 404 51.83 87.47 -102.24
CA PHE QA 404 51.98 87.26 -100.81
C PHE QA 404 53.42 87.41 -100.30
N VAL QA 405 54.34 87.85 -101.17
CA VAL QA 405 55.75 87.90 -100.81
C VAL QA 405 56.03 89.01 -99.80
N HIS QA 406 55.41 90.19 -99.99
CA HIS QA 406 55.83 91.36 -99.24
C HIS QA 406 55.43 91.28 -97.76
N TRP QA 407 54.47 90.42 -97.46
CA TRP QA 407 54.20 90.12 -96.05
C TRP QA 407 55.30 89.33 -95.34
N TYR QA 408 56.15 88.67 -96.11
CA TYR QA 408 57.30 87.95 -95.58
C TYR QA 408 58.56 88.81 -95.50
N VAL QA 409 58.91 89.49 -96.61
CA VAL QA 409 60.14 90.23 -96.74
C VAL QA 409 60.21 91.41 -95.77
N GLY QA 410 59.07 92.03 -95.48
CA GLY QA 410 59.04 93.12 -94.51
C GLY QA 410 58.87 92.63 -93.08
N GLU QA 411 58.60 91.33 -92.89
CA GLU QA 411 58.36 90.78 -91.56
C GLU QA 411 59.68 90.58 -90.82
N GLY QA 412 60.77 90.38 -91.58
CA GLY QA 412 62.11 90.30 -91.03
C GLY QA 412 63.00 89.24 -91.70
N MET QA 413 62.56 88.70 -92.84
CA MET QA 413 63.43 87.81 -93.62
C MET QA 413 63.66 88.38 -95.02
N GLU QA 414 64.51 87.72 -95.82
CA GLU QA 414 65.02 88.30 -97.05
C GLU QA 414 64.52 87.52 -98.26
N GLU QA 415 64.33 88.22 -99.39
CA GLU QA 415 63.90 87.63 -100.64
C GLU QA 415 65.05 86.82 -101.23
N GLY QA 416 64.89 85.50 -101.27
CA GLY QA 416 65.98 84.62 -101.66
C GLY QA 416 66.00 83.35 -100.82
N GLU QA 417 65.39 83.41 -99.64
CA GLU QA 417 65.10 82.19 -98.90
C GLU QA 417 63.93 81.44 -99.54
N PHE QA 418 63.13 82.13 -100.36
CA PHE QA 418 62.16 81.44 -101.19
C PHE QA 418 62.87 80.61 -102.25
N SER QA 419 63.94 81.15 -102.84
CA SER QA 419 64.71 80.44 -103.84
C SER QA 419 65.56 79.34 -103.21
N GLU QA 420 66.07 79.59 -101.99
CA GLU QA 420 66.91 78.63 -101.31
C GLU QA 420 66.11 77.39 -100.90
N ALA QA 421 64.91 77.63 -100.33
CA ALA QA 421 64.03 76.55 -99.87
C ALA QA 421 63.48 75.78 -101.08
N ARG QA 422 63.37 76.46 -102.24
CA ARG QA 422 62.88 75.84 -103.45
C ARG QA 422 63.94 74.91 -104.04
N GLU QA 423 65.19 75.36 -104.07
CA GLU QA 423 66.26 74.54 -104.64
C GLU QA 423 66.57 73.35 -103.74
N ASP QA 424 66.35 73.51 -102.43
CA ASP QA 424 66.51 72.41 -101.49
C ASP QA 424 65.44 71.34 -101.74
N LEU QA 425 64.17 71.75 -101.84
CA LEU QA 425 63.05 70.83 -102.12
C LEU QA 425 63.18 70.26 -103.52
N ALA QA 426 63.85 71.01 -104.43
CA ALA QA 426 64.21 70.48 -105.73
C ALA QA 426 65.19 69.31 -105.58
N ALA QA 427 66.17 69.48 -104.68
CA ALA QA 427 67.20 68.48 -104.47
C ALA QA 427 66.62 67.22 -103.84
N LEU QA 428 65.56 67.38 -103.02
CA LEU QA 428 64.99 66.24 -102.31
C LEU QA 428 64.21 65.36 -103.28
N GLU QA 429 63.44 65.99 -104.19
CA GLU QA 429 62.60 65.27 -105.15
C GLU QA 429 63.50 64.52 -106.14
N LYS QA 430 64.66 65.07 -106.46
CA LYS QA 430 65.60 64.37 -107.31
C LYS QA 430 66.28 63.24 -106.54
N ASP QA 431 66.30 63.33 -105.20
CA ASP QA 431 66.87 62.27 -104.38
C ASP QA 431 65.96 61.04 -104.34
N TYR QA 432 64.64 61.27 -104.28
CA TYR QA 432 63.71 60.16 -104.30
C TYR QA 432 63.67 59.47 -105.66
N GLU QA 433 63.99 60.22 -106.72
CA GLU QA 433 64.02 59.62 -108.05
C GLU QA 433 65.21 58.67 -108.16
N GLU QA 434 66.33 59.04 -107.53
CA GLU QA 434 67.58 58.29 -107.64
C GLU QA 434 67.51 56.98 -106.83
N VAL QA 435 66.82 57.00 -105.68
CA VAL QA 435 66.81 55.86 -104.78
C VAL QA 435 65.88 54.77 -105.34
N GLY QA 436 64.98 55.12 -106.25
CA GLY QA 436 63.94 54.20 -106.71
C GLY QA 436 64.24 53.53 -108.05
N ILE QA 437 65.44 53.76 -108.62
CA ILE QA 437 65.73 53.19 -109.93
C ILE QA 437 66.56 51.90 -109.82
N MET RA 1 44.72 90.70 -72.98
CA MET RA 1 44.31 89.90 -74.16
C MET RA 1 44.45 90.72 -75.45
N ARG RA 2 43.55 90.47 -76.40
CA ARG RA 2 43.48 91.23 -77.63
C ARG RA 2 42.26 92.13 -77.54
N GLU RA 3 42.46 93.39 -77.91
CA GLU RA 3 41.50 94.43 -77.61
C GLU RA 3 41.24 95.28 -78.85
N ILE RA 4 39.98 95.61 -79.08
CA ILE RA 4 39.58 96.42 -80.22
C ILE RA 4 39.20 97.81 -79.73
N VAL RA 5 39.84 98.83 -80.32
CA VAL RA 5 39.52 100.22 -80.02
C VAL RA 5 38.64 100.76 -81.13
N HIS RA 6 37.36 100.95 -80.79
CA HIS RA 6 36.34 101.32 -81.76
C HIS RA 6 36.36 102.82 -82.02
N VAL RA 7 36.18 103.19 -83.30
CA VAL RA 7 36.06 104.58 -83.70
C VAL RA 7 34.78 104.76 -84.50
N GLN RA 8 33.96 105.74 -84.06
CA GLN RA 8 32.74 106.10 -84.75
C GLN RA 8 32.85 107.54 -85.22
N GLY RA 9 32.63 107.77 -86.53
CA GLY RA 9 32.73 109.11 -87.09
C GLY RA 9 31.63 109.39 -88.12
N GLY RA 10 31.12 110.64 -88.13
CA GLY RA 10 29.97 110.97 -88.97
C GLY RA 10 28.63 110.59 -88.35
N GLN RA 11 27.56 111.16 -88.90
CA GLN RA 11 26.21 110.86 -88.45
C GLN RA 11 25.85 109.42 -88.84
N CYS RA 12 26.38 108.98 -89.98
CA CYS RA 12 26.13 107.63 -90.42
C CYS RA 12 26.94 106.66 -89.56
N GLY RA 13 28.20 107.01 -89.30
CA GLY RA 13 29.10 106.17 -88.51
C GLY RA 13 28.64 106.06 -87.05
N ASN RA 14 27.93 107.11 -86.58
CA ASN RA 14 27.46 107.12 -85.19
C ASN RA 14 26.31 106.14 -85.00
N GLN RA 15 25.33 106.15 -85.91
CA GLN RA 15 24.09 105.40 -85.70
C GLN RA 15 24.16 104.02 -86.33
N ILE RA 16 25.28 103.69 -87.02
CA ILE RA 16 25.59 102.31 -87.27
C ILE RA 16 26.31 101.74 -86.05
N GLY RA 17 27.23 102.54 -85.50
CA GLY RA 17 27.94 102.18 -84.29
C GLY RA 17 27.04 102.10 -83.05
N ALA RA 18 26.01 102.97 -83.01
CA ALA RA 18 25.09 103.01 -81.87
C ALA RA 18 24.30 101.72 -81.73
N LYS RA 19 24.17 100.99 -82.85
CA LYS RA 19 23.44 99.74 -82.88
C LYS RA 19 24.39 98.54 -83.00
N PHE RA 20 25.67 98.80 -83.28
CA PHE RA 20 26.68 97.79 -83.06
C PHE RA 20 26.77 97.44 -81.58
N TRP RA 21 26.70 98.48 -80.74
CA TRP RA 21 26.83 98.25 -79.32
C TRP RA 21 25.56 97.69 -78.71
N GLU RA 22 24.47 97.77 -79.48
CA GLU RA 22 23.27 97.06 -79.09
C GLU RA 22 23.51 95.55 -79.14
N VAL RA 23 24.18 95.08 -80.20
CA VAL RA 23 24.20 93.64 -80.43
C VAL RA 23 25.27 92.97 -79.58
N ILE RA 24 26.39 93.67 -79.34
CA ILE RA 24 27.47 93.11 -78.55
C ILE RA 24 27.05 93.01 -77.09
N SER RA 25 26.38 94.06 -76.60
CA SER RA 25 25.88 94.08 -75.23
C SER RA 25 24.82 93.01 -75.02
N ASP RA 26 24.02 92.78 -76.05
CA ASP RA 26 23.02 91.74 -75.95
C ASP RA 26 23.65 90.34 -76.03
N GLU RA 27 24.72 90.22 -76.83
CA GLU RA 27 25.41 88.95 -77.00
C GLU RA 27 26.20 88.58 -75.74
N HIS RA 28 26.84 89.58 -75.12
CA HIS RA 28 27.60 89.37 -73.90
C HIS RA 28 26.75 89.52 -72.63
N GLY RA 29 25.44 89.76 -72.79
CA GLY RA 29 24.51 89.80 -71.67
C GLY RA 29 24.69 91.02 -70.76
N ILE RA 30 24.96 92.16 -71.38
CA ILE RA 30 25.06 93.42 -70.65
C ILE RA 30 23.68 94.06 -70.63
N ASP RA 31 23.22 94.33 -69.40
CA ASP RA 31 22.01 95.09 -69.17
C ASP RA 31 22.19 96.48 -69.74
N PRO RA 32 21.14 97.13 -70.29
CA PRO RA 32 21.17 98.56 -70.61
C PRO RA 32 21.80 99.49 -69.58
N THR RA 33 21.56 99.17 -68.30
CA THR RA 33 22.08 99.96 -67.20
C THR RA 33 23.58 99.71 -66.97
N GLY RA 34 24.15 98.70 -67.62
CA GLY RA 34 25.60 98.48 -67.60
C GLY RA 34 26.03 97.24 -66.83
N THR RA 35 25.12 96.61 -66.09
CA THR RA 35 25.47 95.43 -65.32
C THR RA 35 25.49 94.21 -66.23
N TYR RA 36 25.61 93.04 -65.61
CA TYR RA 36 25.56 91.79 -66.35
C TYR RA 36 24.46 90.92 -65.79
N CYS RA 37 23.72 90.29 -66.71
CA CYS RA 37 22.76 89.28 -66.32
C CYS RA 37 22.94 88.05 -67.22
N GLY RA 38 22.68 86.87 -66.64
CA GLY RA 38 22.69 85.62 -67.40
C GLY RA 38 23.33 84.44 -66.65
N ASP RA 39 24.38 84.72 -65.86
CA ASP RA 39 24.97 83.75 -64.95
C ASP RA 39 25.63 82.59 -65.70
N SER RA 40 26.40 82.93 -66.76
CA SER RA 40 27.04 81.95 -67.63
C SER RA 40 28.47 82.42 -67.91
N ASP RA 41 29.36 81.49 -68.29
CA ASP RA 41 30.78 81.75 -68.12
C ASP RA 41 31.49 82.19 -69.39
N LEU RA 42 31.27 81.43 -70.47
CA LEU RA 42 32.00 81.66 -71.73
C LEU RA 42 31.55 82.96 -72.39
N GLN RA 43 30.42 83.49 -71.92
CA GLN RA 43 29.87 84.73 -72.42
C GLN RA 43 30.61 85.92 -71.82
N LEU RA 44 31.38 85.68 -70.74
CA LEU RA 44 31.94 86.76 -69.94
C LEU RA 44 33.48 86.73 -69.93
N GLU RA 45 34.07 85.62 -70.37
CA GLU RA 45 35.51 85.43 -70.24
C GLU RA 45 36.32 86.44 -71.07
N ARG RA 46 35.99 86.54 -72.36
CA ARG RA 46 36.73 87.42 -73.25
C ARG RA 46 35.89 88.67 -73.47
N ILE RA 47 35.84 89.51 -72.44
CA ILE RA 47 35.01 90.71 -72.46
C ILE RA 47 35.87 91.97 -72.54
N ASN RA 48 37.17 91.85 -72.29
CA ASN RA 48 38.03 93.01 -72.25
C ASN RA 48 38.29 93.52 -73.68
N VAL RA 49 37.97 92.72 -74.69
CA VAL RA 49 38.17 93.08 -76.09
C VAL RA 49 37.30 94.30 -76.47
N PHE RA 50 36.08 94.34 -75.93
CA PHE RA 50 35.14 95.40 -76.24
C PHE RA 50 34.73 96.25 -75.04
N TYR RA 51 35.08 95.84 -73.81
CA TYR RA 51 34.62 96.52 -72.62
C TYR RA 51 35.76 96.79 -71.63
N ASN RA 52 35.47 97.67 -70.65
CA ASN RA 52 36.36 98.00 -69.56
C ASN RA 52 35.60 97.89 -68.23
N GLU RA 53 36.32 97.53 -67.17
CA GLU RA 53 35.78 97.50 -65.82
C GLU RA 53 35.57 98.94 -65.34
N ALA RA 54 34.57 99.17 -64.48
CA ALA RA 54 34.26 100.53 -64.06
C ALA RA 54 33.82 100.67 -62.60
N THR RA 55 34.40 99.89 -61.67
CA THR RA 55 34.26 100.05 -60.20
C THR RA 55 32.85 100.19 -59.63
N GLY RA 56 31.82 100.05 -60.46
CA GLY RA 56 30.46 99.89 -60.00
C GLY RA 56 29.97 98.52 -60.43
N GLY RA 57 30.88 97.80 -61.10
CA GLY RA 57 30.61 96.51 -61.71
C GLY RA 57 30.20 96.60 -63.18
N ARG RA 58 30.12 97.83 -63.69
CA ARG RA 58 29.53 98.06 -65.01
C ARG RA 58 30.61 97.99 -66.08
N PHE RA 59 30.18 97.64 -67.29
CA PHE RA 59 31.10 97.55 -68.41
C PHE RA 59 30.87 98.72 -69.35
N VAL RA 60 31.95 99.45 -69.60
CA VAL RA 60 31.88 100.61 -70.46
C VAL RA 60 32.65 100.29 -71.73
N PRO RA 61 32.10 100.58 -72.91
CA PRO RA 61 32.80 100.27 -74.16
C PRO RA 61 34.06 101.11 -74.41
N ARG RA 62 34.98 100.55 -75.19
CA ARG RA 62 36.19 101.25 -75.62
C ARG RA 62 35.97 102.01 -76.93
N ALA RA 63 34.96 102.88 -76.92
CA ALA RA 63 34.44 103.47 -78.15
C ALA RA 63 34.61 104.97 -78.12
N ILE RA 64 35.15 105.50 -79.21
CA ILE RA 64 35.31 106.93 -79.39
C ILE RA 64 34.24 107.39 -80.39
N LEU RA 65 33.51 108.43 -80.00
CA LEU RA 65 32.38 108.92 -80.78
C LEU RA 65 32.71 110.31 -81.31
N MET RA 66 32.81 110.42 -82.63
CA MET RA 66 33.29 111.62 -83.29
C MET RA 66 32.21 112.19 -84.19
N ASP RA 67 32.14 113.53 -84.18
CA ASP RA 67 31.39 114.33 -85.13
C ASP RA 67 31.79 115.78 -84.94
N LEU RA 68 31.67 116.56 -86.00
CA LEU RA 68 31.97 117.98 -85.96
C LEU RA 68 30.75 118.80 -85.56
N GLU RA 69 29.57 118.17 -85.42
CA GLU RA 69 28.37 118.91 -85.04
C GLU RA 69 27.61 118.13 -83.98
N PRO RA 70 27.01 118.82 -82.98
CA PRO RA 70 26.36 118.13 -81.86
C PRO RA 70 24.97 117.56 -82.11
N GLY RA 71 24.57 117.43 -83.37
CA GLY RA 71 23.22 117.00 -83.68
C GLY RA 71 22.97 115.51 -83.40
N THR RA 72 23.91 114.67 -83.83
CA THR RA 72 23.66 113.22 -83.88
C THR RA 72 24.15 112.52 -82.60
N MET RA 73 25.05 113.17 -81.89
CA MET RA 73 25.55 112.67 -80.61
C MET RA 73 24.44 112.69 -79.56
N ASP RA 74 23.59 113.71 -79.60
CA ASP RA 74 22.47 113.79 -78.68
C ASP RA 74 21.43 112.73 -78.98
N SER RA 75 21.34 112.28 -80.23
CA SER RA 75 20.40 111.23 -80.57
C SER RA 75 20.86 109.87 -80.05
N VAL RA 76 22.17 109.62 -80.12
CA VAL RA 76 22.74 108.38 -79.65
C VAL RA 76 22.61 108.29 -78.11
N ARG RA 77 22.89 109.41 -77.42
CA ARG RA 77 22.82 109.49 -75.97
C ARG RA 77 21.38 109.29 -75.48
N ALA RA 78 20.41 109.81 -76.23
CA ALA RA 78 19.01 109.80 -75.79
C ALA RA 78 18.39 108.41 -75.88
N GLY RA 79 18.88 107.58 -76.83
CA GLY RA 79 18.25 106.31 -77.13
C GLY RA 79 18.49 105.26 -76.04
N PRO RA 80 17.93 104.05 -76.20
CA PRO RA 80 18.29 102.94 -75.32
C PRO RA 80 19.73 102.52 -75.58
N PHE RA 81 20.40 102.05 -74.52
CA PHE RA 81 21.83 101.75 -74.50
C PHE RA 81 22.63 103.00 -74.88
N GLY RA 82 22.18 104.16 -74.40
CA GLY RA 82 22.88 105.41 -74.61
C GLY RA 82 23.64 105.80 -73.33
N GLN RA 83 23.22 105.25 -72.20
CA GLN RA 83 23.92 105.49 -70.96
C GLN RA 83 25.07 104.51 -70.81
N LEU RA 84 25.30 103.68 -71.82
CA LEU RA 84 26.38 102.71 -71.76
C LEU RA 84 27.71 103.38 -72.06
N PHE RA 85 27.66 104.36 -72.97
CA PHE RA 85 28.84 105.07 -73.42
C PHE RA 85 29.28 106.07 -72.36
N ARG RA 86 30.59 106.24 -72.27
CA ARG RA 86 31.17 107.18 -71.34
C ARG RA 86 30.92 108.58 -71.89
N PRO RA 87 30.52 109.54 -71.03
CA PRO RA 87 30.31 110.92 -71.50
C PRO RA 87 31.58 111.60 -72.01
N ASP RA 88 32.77 111.16 -71.54
CA ASP RA 88 34.03 111.74 -71.99
C ASP RA 88 34.39 111.34 -73.43
N ASN RA 89 33.85 110.20 -73.89
CA ASN RA 89 34.25 109.62 -75.15
C ASN RA 89 33.69 110.36 -76.36
N PHE RA 90 32.66 111.18 -76.14
CA PHE RA 90 32.15 112.06 -77.18
C PHE RA 90 33.12 113.23 -77.38
N VAL RA 91 33.48 113.48 -78.63
CA VAL RA 91 34.29 114.65 -78.97
C VAL RA 91 33.45 115.54 -79.88
N PHE RA 92 32.72 116.46 -79.25
CA PHE RA 92 31.84 117.38 -79.93
C PHE RA 92 32.65 118.33 -80.80
N GLY RA 93 32.01 118.78 -81.88
CA GLY RA 93 32.40 119.99 -82.55
C GLY RA 93 31.29 121.02 -82.43
N GLN RA 94 31.50 122.13 -83.13
CA GLN RA 94 30.51 123.19 -83.10
C GLN RA 94 30.08 123.60 -84.50
N THR RA 95 31.01 123.63 -85.47
CA THR RA 95 30.65 124.22 -86.76
C THR RA 95 29.97 123.20 -87.67
N GLY RA 96 30.69 122.15 -88.03
CA GLY RA 96 30.19 121.14 -88.94
C GLY RA 96 30.79 121.27 -90.33
N ALA RA 97 31.01 120.13 -90.96
CA ALA RA 97 31.47 120.07 -92.34
C ALA RA 97 30.25 119.92 -93.23
N GLY RA 98 29.91 120.98 -93.95
CA GLY RA 98 28.71 120.99 -94.78
C GLY RA 98 28.88 120.22 -96.08
N ASN RA 99 29.18 118.92 -95.96
CA ASN RA 99 29.42 118.03 -97.09
C ASN RA 99 30.52 118.56 -98.00
N ASN RA 100 31.50 119.22 -97.40
CA ASN RA 100 32.68 119.66 -98.11
C ASN RA 100 33.87 118.96 -97.45
N TRP RA 101 34.60 118.21 -98.28
CA TRP RA 101 35.71 117.38 -97.83
C TRP RA 101 36.89 118.22 -97.37
N ALA RA 102 37.02 119.44 -97.92
CA ALA RA 102 38.16 120.30 -97.62
C ALA RA 102 38.18 120.70 -96.14
N LYS RA 103 37.06 121.22 -95.64
CA LYS RA 103 37.02 121.63 -94.25
C LYS RA 103 36.96 120.44 -93.29
N GLY RA 104 36.52 119.28 -93.82
CA GLY RA 104 36.59 118.03 -93.06
C GLY RA 104 38.05 117.64 -92.80
N HIS RA 105 38.87 117.76 -93.85
CA HIS RA 105 40.23 117.24 -93.81
C HIS RA 105 41.30 118.31 -93.60
N TYR RA 106 40.99 119.59 -93.83
CA TYR RA 106 42.05 120.60 -93.80
C TYR RA 106 41.88 121.69 -92.76
N THR RA 107 40.72 122.37 -92.76
CA THR RA 107 40.65 123.67 -92.11
C THR RA 107 39.74 123.71 -90.88
N GLU RA 108 38.89 122.68 -90.72
CA GLU RA 108 38.01 122.70 -89.58
C GLU RA 108 38.20 121.47 -88.70
N GLY RA 109 38.41 120.31 -89.36
CA GLY RA 109 38.65 119.07 -88.64
C GLY RA 109 40.08 118.92 -88.10
N ALA RA 110 40.97 119.83 -88.54
CA ALA RA 110 42.38 119.77 -88.15
C ALA RA 110 42.55 120.27 -86.71
N GLU RA 111 41.82 121.33 -86.34
CA GLU RA 111 41.96 121.91 -85.01
C GLU RA 111 41.02 121.22 -84.02
N LEU RA 112 40.40 120.10 -84.42
CA LEU RA 112 39.60 119.27 -83.53
C LEU RA 112 40.27 117.92 -83.28
N ILE RA 113 41.22 117.56 -84.17
CA ILE RA 113 41.80 116.23 -84.13
C ILE RA 113 42.73 116.03 -82.93
N ASP RA 114 43.19 117.15 -82.36
CA ASP RA 114 43.95 117.23 -81.12
C ASP RA 114 43.13 116.63 -79.97
N SER RA 115 41.82 116.92 -80.01
CA SER RA 115 40.89 116.50 -78.99
C SER RA 115 40.64 114.99 -79.11
N VAL RA 116 40.50 114.51 -80.35
CA VAL RA 116 40.16 113.11 -80.56
C VAL RA 116 41.36 112.21 -80.25
N LEU RA 117 42.53 112.64 -80.78
CA LEU RA 117 43.74 111.84 -80.72
C LEU RA 117 44.16 111.59 -79.26
N ASP RA 118 43.81 112.54 -78.37
CA ASP RA 118 44.03 112.40 -76.95
C ASP RA 118 43.18 111.26 -76.38
N VAL RA 119 41.93 111.13 -76.85
CA VAL RA 119 41.04 110.16 -76.26
C VAL RA 119 41.37 108.76 -76.75
N VAL RA 120 41.91 108.66 -77.95
CA VAL RA 120 42.36 107.37 -78.45
C VAL RA 120 43.57 106.89 -77.63
N ARG RA 121 44.57 107.77 -77.44
CA ARG RA 121 45.80 107.42 -76.76
C ARG RA 121 45.55 107.05 -75.28
N LYS RA 122 44.59 107.76 -74.66
CA LYS RA 122 44.17 107.48 -73.30
C LYS RA 122 43.49 106.12 -73.23
N GLU RA 123 42.73 105.78 -74.27
CA GLU RA 123 42.08 104.48 -74.35
C GLU RA 123 43.05 103.37 -74.79
N ALA RA 124 43.98 103.70 -75.70
CA ALA RA 124 44.89 102.71 -76.29
C ALA RA 124 45.93 102.22 -75.28
N GLU RA 125 46.62 103.17 -74.61
CA GLU RA 125 47.73 102.84 -73.73
C GLU RA 125 47.26 102.16 -72.44
N GLY RA 126 45.94 102.21 -72.17
CA GLY RA 126 45.37 101.69 -70.94
C GLY RA 126 45.32 100.16 -70.87
N CYS RA 127 45.66 99.50 -71.98
CA CYS RA 127 45.58 98.05 -72.06
C CYS RA 127 46.94 97.42 -71.78
N ASP RA 128 46.97 96.09 -71.71
CA ASP RA 128 48.23 95.38 -71.73
C ASP RA 128 48.97 95.63 -73.06
N CYS RA 129 48.39 95.15 -74.17
CA CYS RA 129 48.75 95.48 -75.55
C CYS RA 129 47.55 95.15 -76.43
N LEU RA 130 47.10 96.11 -77.23
CA LEU RA 130 45.87 96.01 -78.02
C LEU RA 130 46.14 95.42 -79.43
N GLN RA 131 45.08 94.90 -80.05
CA GLN RA 131 45.14 94.33 -81.39
C GLN RA 131 45.10 95.42 -82.48
N GLY RA 132 44.04 96.25 -82.49
CA GLY RA 132 43.89 97.24 -83.54
C GLY RA 132 42.55 97.94 -83.49
N PHE RA 133 42.32 98.78 -84.49
CA PHE RA 133 41.23 99.76 -84.49
C PHE RA 133 40.27 99.44 -85.62
N GLN RA 134 39.00 99.76 -85.41
CA GLN RA 134 38.02 99.69 -86.49
C GLN RA 134 37.25 101.00 -86.56
N ILE RA 135 36.91 101.41 -87.78
CA ILE RA 135 36.22 102.65 -88.01
C ILE RA 135 34.95 102.34 -88.79
N THR RA 136 33.84 102.81 -88.25
CA THR RA 136 32.61 102.86 -88.99
C THR RA 136 32.33 104.33 -89.32
N HIS RA 137 32.24 104.64 -90.60
CA HIS RA 137 32.10 106.02 -91.04
C HIS RA 137 31.48 106.07 -92.44
N SER RA 138 31.26 107.30 -92.92
CA SER RA 138 30.56 107.53 -94.18
C SER RA 138 31.50 108.25 -95.16
N LEU RA 139 31.56 107.73 -96.39
CA LEU RA 139 32.44 108.30 -97.39
C LEU RA 139 31.74 109.40 -98.19
N GLY RA 140 30.40 109.46 -98.06
CA GLY RA 140 29.55 110.39 -98.79
C GLY RA 140 29.38 111.74 -98.10
N GLY RA 141 29.97 111.89 -96.89
CA GLY RA 141 29.77 113.03 -96.02
C GLY RA 141 31.03 113.89 -95.86
N GLY RA 142 30.93 114.91 -95.01
CA GLY RA 142 32.04 115.80 -94.73
C GLY RA 142 32.85 115.31 -93.54
N THR RA 143 32.19 115.03 -92.42
CA THR RA 143 32.89 114.68 -91.20
C THR RA 143 33.23 113.19 -91.12
N GLY RA 144 32.66 112.38 -92.04
CA GLY RA 144 33.02 110.97 -92.09
C GLY RA 144 34.21 110.75 -93.02
N SER RA 145 34.04 111.23 -94.26
CA SER RA 145 35.07 111.08 -95.28
C SER RA 145 36.25 112.03 -95.03
N GLY RA 146 35.97 113.26 -94.60
CA GLY RA 146 37.02 114.27 -94.53
C GLY RA 146 37.80 114.13 -93.22
N MET RA 147 37.06 114.24 -92.11
CA MET RA 147 37.68 114.28 -90.80
C MET RA 147 38.05 112.87 -90.33
N GLY RA 148 37.24 111.87 -90.72
CA GLY RA 148 37.50 110.49 -90.31
C GLY RA 148 38.79 109.95 -90.91
N THR RA 149 39.08 110.35 -92.16
CA THR RA 149 40.24 109.83 -92.86
C THR RA 149 41.53 110.46 -92.34
N LEU RA 150 41.39 111.67 -91.76
CA LEU RA 150 42.56 112.31 -91.18
C LEU RA 150 42.99 111.59 -89.89
N LEU RA 151 42.01 111.07 -89.13
CA LEU RA 151 42.33 110.34 -87.91
C LEU RA 151 43.13 109.08 -88.25
N ILE RA 152 42.74 108.39 -89.34
CA ILE RA 152 43.46 107.24 -89.83
C ILE RA 152 44.89 107.68 -90.19
N SER RA 153 45.05 108.87 -90.77
CA SER RA 153 46.38 109.38 -91.11
C SER RA 153 47.25 109.62 -89.86
N LYS RA 154 46.67 110.15 -88.77
CA LYS RA 154 47.42 110.38 -87.53
C LYS RA 154 47.78 109.08 -86.82
N VAL RA 155 46.83 108.16 -86.71
CA VAL RA 155 47.05 106.98 -85.87
C VAL RA 155 47.89 105.92 -86.57
N ARG RA 156 48.01 105.99 -87.90
CA ARG RA 156 48.96 105.14 -88.60
C ARG RA 156 50.37 105.76 -88.59
N GLU RA 157 50.50 106.99 -88.06
CA GLU RA 157 51.80 107.59 -87.78
C GLU RA 157 52.26 107.14 -86.38
N GLU RA 158 51.29 106.93 -85.48
CA GLU RA 158 51.63 106.67 -84.10
C GLU RA 158 51.78 105.16 -83.85
N TYR RA 159 50.70 104.42 -84.13
CA TYR RA 159 50.76 102.96 -84.06
C TYR RA 159 50.80 102.42 -85.48
N PRO RA 160 52.00 102.15 -86.01
CA PRO RA 160 52.12 101.79 -87.42
C PRO RA 160 51.76 100.32 -87.71
N ASP RA 161 51.95 99.46 -86.71
CA ASP RA 161 51.95 98.02 -86.86
C ASP RA 161 50.69 97.38 -86.28
N ARG RA 162 49.74 98.19 -85.79
CA ARG RA 162 48.45 97.66 -85.40
C ARG RA 162 47.53 97.58 -86.61
N ILE RA 163 46.60 96.62 -86.59
CA ILE RA 163 45.74 96.39 -87.75
C ILE RA 163 44.72 97.53 -87.84
N MET RA 164 44.37 97.89 -89.08
CA MET RA 164 43.47 98.99 -89.37
C MET RA 164 42.31 98.51 -90.24
N GLU RA 165 41.19 98.21 -89.59
CA GLU RA 165 40.00 97.74 -90.28
C GLU RA 165 39.05 98.92 -90.42
N THR RA 166 38.32 98.97 -91.54
CA THR RA 166 37.39 100.06 -91.77
C THR RA 166 36.09 99.51 -92.36
N PHE RA 167 34.99 99.75 -91.64
CA PHE RA 167 33.66 99.50 -92.17
C PHE RA 167 33.16 100.79 -92.79
N SER RA 168 33.07 100.79 -94.12
CA SER RA 168 32.75 101.98 -94.87
C SER RA 168 31.41 101.80 -95.57
N VAL RA 169 30.68 102.91 -95.64
CA VAL RA 169 29.54 103.01 -96.53
C VAL RA 169 29.92 103.91 -97.70
N PHE RA 170 29.69 103.38 -98.90
CA PHE RA 170 30.04 104.04 -100.14
C PHE RA 170 28.81 104.79 -100.64
N PRO RA 171 28.93 105.74 -101.58
CA PRO RA 171 27.78 106.21 -102.35
C PRO RA 171 27.01 105.07 -103.01
N SER RA 172 25.68 105.18 -102.96
CA SER RA 172 24.81 104.23 -103.63
C SER RA 172 24.97 104.36 -105.14
N PRO RA 173 24.82 103.28 -105.94
CA PRO RA 173 24.93 103.41 -107.40
C PRO RA 173 23.78 104.16 -108.07
N LYS RA 174 22.54 103.88 -107.66
CA LYS RA 174 21.36 104.31 -108.41
C LYS RA 174 20.85 105.66 -107.93
N VAL RA 175 20.35 105.73 -106.69
CA VAL RA 175 19.86 106.98 -106.12
C VAL RA 175 21.03 107.71 -105.45
N SER RA 176 21.14 109.03 -105.64
CA SER RA 176 22.32 109.79 -105.23
C SER RA 176 21.94 110.86 -104.21
N ASP RA 177 22.14 110.54 -102.95
CA ASP RA 177 22.05 111.48 -101.86
C ASP RA 177 23.34 112.32 -101.93
N THR RA 178 23.31 113.53 -101.34
CA THR RA 178 24.48 114.36 -101.11
C THR RA 178 25.23 114.63 -102.41
N VAL RA 179 24.72 115.60 -103.17
CA VAL RA 179 25.00 115.77 -104.59
C VAL RA 179 26.49 115.79 -104.93
N VAL RA 180 27.33 116.24 -104.00
CA VAL RA 180 28.76 116.06 -104.16
C VAL RA 180 29.18 114.73 -103.53
N GLU RA 181 28.82 113.63 -104.19
CA GLU RA 181 29.30 112.30 -103.82
C GLU RA 181 30.70 112.06 -104.40
N PRO RA 182 30.91 112.16 -105.73
CA PRO RA 182 32.16 111.73 -106.35
C PRO RA 182 33.36 112.54 -105.90
N TYR RA 183 33.14 113.76 -105.41
CA TYR RA 183 34.26 114.53 -104.89
C TYR RA 183 34.75 113.99 -103.54
N ASN RA 184 33.81 113.74 -102.63
CA ASN RA 184 34.15 113.29 -101.29
C ASN RA 184 34.62 111.84 -101.30
N ALA RA 185 34.04 111.03 -102.20
CA ALA RA 185 34.38 109.61 -102.26
C ALA RA 185 35.78 109.40 -102.82
N THR RA 186 36.11 110.13 -103.90
CA THR RA 186 37.37 109.92 -104.60
C THR RA 186 38.55 110.42 -103.77
N LEU RA 187 38.37 111.57 -103.12
CA LEU RA 187 39.42 112.13 -102.30
C LEU RA 187 39.66 111.27 -101.05
N SER RA 188 38.67 110.43 -100.71
CA SER RA 188 38.77 109.56 -99.56
C SER RA 188 39.53 108.27 -99.88
N VAL RA 189 39.31 107.71 -101.08
CA VAL RA 189 39.89 106.44 -101.45
C VAL RA 189 41.43 106.51 -101.50
N HIS RA 190 41.99 107.56 -102.13
CA HIS RA 190 43.44 107.60 -102.31
C HIS RA 190 44.16 107.86 -101.00
N GLN RA 191 43.46 108.45 -100.02
CA GLN RA 191 44.00 108.71 -98.70
C GLN RA 191 43.67 107.53 -97.78
N LEU RA 192 43.10 106.47 -98.37
CA LEU RA 192 42.68 105.28 -97.62
C LEU RA 192 43.24 103.98 -98.22
N VAL RA 193 43.70 104.03 -99.48
CA VAL RA 193 44.47 102.93 -100.05
C VAL RA 193 45.82 102.84 -99.33
N GLU RA 194 46.40 104.00 -98.99
CA GLU RA 194 47.74 104.08 -98.45
C GLU RA 194 47.76 103.88 -96.92
N ASN RA 195 46.59 103.93 -96.27
CA ASN RA 195 46.60 104.08 -94.81
C ASN RA 195 45.69 103.09 -94.07
N ALA RA 196 45.05 102.14 -94.79
CA ALA RA 196 44.16 101.19 -94.13
C ALA RA 196 44.53 99.77 -94.54
N ASP RA 197 44.44 98.85 -93.56
CA ASP RA 197 44.88 97.48 -93.78
C ASP RA 197 43.83 96.63 -94.50
N GLU RA 198 42.55 96.74 -94.11
CA GLU RA 198 41.46 96.13 -94.87
C GLU RA 198 40.25 97.05 -94.83
N VAL RA 199 39.66 97.26 -96.01
CA VAL RA 199 38.49 98.12 -96.16
C VAL RA 199 37.36 97.26 -96.72
N GLN RA 200 36.19 97.38 -96.11
CA GLN RA 200 35.11 96.45 -96.43
C GLN RA 200 33.80 97.21 -96.52
N VAL RA 201 33.15 97.04 -97.66
CA VAL RA 201 32.33 98.07 -98.30
C VAL RA 201 30.85 97.69 -98.15
N ILE RA 202 30.02 98.69 -97.80
CA ILE RA 202 28.58 98.52 -97.62
C ILE RA 202 27.86 99.59 -98.44
N ASP RA 203 26.74 99.21 -99.08
CA ASP RA 203 25.89 100.16 -99.79
C ASP RA 203 24.53 100.25 -99.11
N ASN RA 204 23.95 101.45 -99.18
CA ASN RA 204 22.58 101.68 -98.78
C ASN RA 204 21.58 100.95 -99.68
N GLU RA 205 21.82 101.06 -100.99
CA GLU RA 205 20.86 100.58 -101.96
C GLU RA 205 20.84 99.05 -101.94
N ALA RA 206 22.00 98.43 -101.68
CA ALA RA 206 22.07 96.98 -101.56
C ALA RA 206 21.23 96.51 -100.37
N LEU RA 207 21.23 97.29 -99.29
CA LEU RA 207 20.49 96.91 -98.10
C LEU RA 207 18.97 97.06 -98.28
N TYR RA 208 18.55 98.10 -99.03
CA TYR RA 208 17.13 98.29 -99.33
C TYR RA 208 16.62 97.09 -100.14
N ASP RA 209 17.45 96.64 -101.09
CA ASP RA 209 17.11 95.51 -101.93
C ASP RA 209 17.04 94.22 -101.12
N ILE RA 210 17.99 94.05 -100.18
CA ILE RA 210 18.03 92.87 -99.32
C ILE RA 210 16.76 92.82 -98.48
N CYS RA 211 16.42 93.95 -97.85
CA CYS RA 211 15.29 94.00 -96.94
C CYS RA 211 13.95 93.83 -97.67
N PHE RA 212 13.91 94.18 -98.96
CA PHE RA 212 12.68 94.12 -99.74
C PHE RA 212 12.44 92.68 -100.20
N ARG RA 213 13.41 92.10 -100.93
CA ARG RA 213 13.08 90.91 -101.71
C ARG RA 213 13.54 89.66 -100.99
N THR RA 214 14.24 89.84 -99.86
CA THR RA 214 14.63 88.68 -99.05
C THR RA 214 13.90 88.67 -97.71
N LEU RA 215 13.91 89.77 -96.97
CA LEU RA 215 13.29 89.79 -95.65
C LEU RA 215 11.79 90.08 -95.71
N LYS RA 216 11.36 90.76 -96.79
CA LYS RA 216 9.98 91.22 -96.98
C LYS RA 216 9.47 92.04 -95.79
N LEU RA 217 10.35 92.78 -95.11
CA LEU RA 217 9.88 93.80 -94.19
C LEU RA 217 9.49 95.02 -95.03
N THR RA 218 8.21 95.36 -95.04
CA THR RA 218 7.65 96.26 -96.06
C THR RA 218 8.17 97.70 -95.95
N THR RA 219 8.56 98.13 -94.75
CA THR RA 219 8.99 99.50 -94.50
C THR RA 219 10.37 99.48 -93.83
N PRO RA 220 11.45 99.36 -94.63
CA PRO RA 220 12.80 99.35 -94.09
C PRO RA 220 13.22 100.69 -93.50
N THR RA 221 13.24 100.76 -92.17
CA THR RA 221 13.74 101.94 -91.48
C THR RA 221 15.25 101.81 -91.34
N TYR RA 222 15.88 102.91 -90.88
CA TYR RA 222 17.32 103.00 -90.65
C TYR RA 222 17.78 101.99 -89.59
N GLY RA 223 16.87 101.68 -88.66
CA GLY RA 223 17.15 100.71 -87.62
C GLY RA 223 17.39 99.31 -88.19
N ASP RA 224 16.59 98.98 -89.21
CA ASP RA 224 16.63 97.65 -89.79
C ASP RA 224 17.87 97.46 -90.66
N LEU RA 225 18.25 98.54 -91.37
CA LEU RA 225 19.46 98.53 -92.17
C LEU RA 225 20.69 98.45 -91.25
N ASN RA 226 20.64 99.20 -90.13
CA ASN RA 226 21.76 99.23 -89.21
C ASN RA 226 21.93 97.90 -88.50
N HIS RA 227 20.83 97.13 -88.39
CA HIS RA 227 20.88 95.86 -87.69
C HIS RA 227 21.56 94.79 -88.56
N LEU RA 228 21.33 94.86 -89.87
CA LEU RA 228 21.91 93.89 -90.77
C LEU RA 228 23.43 94.11 -90.90
N VAL RA 229 23.85 95.37 -90.91
CA VAL RA 229 25.26 95.72 -90.93
C VAL RA 229 25.92 95.26 -89.63
N SER RA 230 25.20 95.48 -88.52
CA SER RA 230 25.70 95.19 -87.18
C SER RA 230 25.85 93.68 -86.98
N ALA RA 231 25.00 92.89 -87.66
CA ALA RA 231 25.07 91.43 -87.55
C ALA RA 231 26.36 90.89 -88.17
N ALA RA 232 26.79 91.47 -89.29
CA ALA RA 232 28.01 91.02 -89.96
C ALA RA 232 29.24 91.57 -89.24
N MET RA 233 29.08 92.72 -88.56
CA MET RA 233 30.19 93.36 -87.86
C MET RA 233 30.58 92.49 -86.66
N SER RA 234 29.62 91.77 -86.08
CA SER RA 234 29.92 90.84 -85.00
C SER RA 234 30.56 89.57 -85.54
N GLY RA 235 30.12 89.12 -86.73
CA GLY RA 235 30.55 87.84 -87.28
C GLY RA 235 32.04 87.82 -87.64
N VAL RA 236 32.60 88.98 -88.01
CA VAL RA 236 33.99 89.07 -88.42
C VAL RA 236 34.89 88.89 -87.20
N THR RA 237 34.45 89.39 -86.04
CA THR RA 237 35.25 89.35 -84.82
C THR RA 237 34.69 88.33 -83.82
N CYS RA 238 34.01 87.30 -84.31
CA CYS RA 238 33.37 86.32 -83.43
C CYS RA 238 34.42 85.45 -82.73
N CYS RA 239 35.50 85.14 -83.45
CA CYS RA 239 36.53 84.21 -83.00
C CYS RA 239 37.33 84.80 -81.82
N LEU RA 240 37.41 86.14 -81.72
CA LEU RA 240 38.15 86.77 -80.63
C LEU RA 240 37.41 86.53 -79.32
N ARG RA 241 36.09 86.69 -79.33
CA ARG RA 241 35.34 86.83 -78.09
C ARG RA 241 34.88 85.48 -77.53
N PHE RA 242 34.84 84.44 -78.37
CA PHE RA 242 34.30 83.14 -77.98
C PHE RA 242 35.23 82.01 -78.39
N PRO RA 243 35.23 80.82 -77.73
CA PRO RA 243 36.04 79.68 -78.16
C PRO RA 243 35.54 79.04 -79.45
N GLY RA 244 36.40 78.22 -80.07
CA GLY RA 244 36.05 77.55 -81.32
C GLY RA 244 37.04 76.46 -81.70
N GLN RA 245 36.72 75.70 -82.75
CA GLN RA 245 37.65 74.67 -83.20
C GLN RA 245 38.74 75.28 -84.10
N LEU RA 246 38.48 76.45 -84.69
CA LEU RA 246 39.46 77.10 -85.56
C LEU RA 246 39.30 78.61 -85.45
N ASN RA 247 40.13 79.22 -84.62
CA ASN RA 247 40.07 80.65 -84.37
C ASN RA 247 40.68 81.41 -85.55
N SER RA 248 40.16 82.62 -85.77
CA SER RA 248 40.66 83.50 -86.80
C SER RA 248 40.35 84.94 -86.42
N ASP RA 249 41.39 85.67 -86.05
CA ASP RA 249 41.25 87.07 -85.69
C ASP RA 249 41.22 87.94 -86.93
N LEU RA 250 41.29 89.27 -86.73
CA LEU RA 250 41.24 90.20 -87.85
C LEU RA 250 42.48 90.08 -88.74
N ARG RA 251 43.62 89.93 -88.06
CA ARG RA 251 44.91 89.85 -88.72
C ARG RA 251 44.98 88.58 -89.58
N LYS RA 252 44.35 87.51 -89.06
CA LYS RA 252 44.26 86.23 -89.73
C LYS RA 252 43.48 86.39 -91.04
N LEU RA 253 42.37 87.15 -90.98
CA LEU RA 253 41.51 87.40 -92.14
C LEU RA 253 42.24 88.24 -93.19
N ALA RA 254 42.99 89.25 -92.72
CA ALA RA 254 43.66 90.16 -93.63
C ALA RA 254 44.81 89.47 -94.35
N VAL RA 255 45.62 88.72 -93.59
CA VAL RA 255 46.85 88.15 -94.13
C VAL RA 255 46.53 87.09 -95.19
N ASN RA 256 45.29 86.59 -95.17
CA ASN RA 256 44.96 85.35 -95.84
C ASN RA 256 43.96 85.58 -96.97
N LEU RA 257 43.69 86.87 -97.29
CA LEU RA 257 42.87 87.22 -98.44
C LEU RA 257 43.66 88.03 -99.48
N ILE RA 258 44.34 89.10 -99.05
CA ILE RA 258 44.85 90.09 -99.99
C ILE RA 258 46.21 89.65 -100.51
N PRO RA 259 46.39 89.48 -101.84
CA PRO RA 259 47.70 89.14 -102.40
C PRO RA 259 48.69 90.30 -102.56
N PHE RA 260 48.17 91.49 -102.85
CA PHE RA 260 49.01 92.67 -102.99
C PHE RA 260 48.40 93.77 -102.14
N PRO RA 261 49.23 94.67 -101.57
CA PRO RA 261 48.74 95.63 -100.58
C PRO RA 261 47.90 96.77 -101.16
N ARG RA 262 47.94 96.94 -102.49
CA ARG RA 262 47.26 98.01 -103.17
C ARG RA 262 45.77 97.71 -103.36
N LEU RA 263 45.38 96.43 -103.18
CA LEU RA 263 43.98 96.08 -103.24
C LEU RA 263 43.59 95.40 -101.92
N HIS RA 264 42.68 96.06 -101.19
CA HIS RA 264 42.14 95.50 -99.95
C HIS RA 264 40.65 95.80 -99.77
N PHE RA 265 39.88 95.87 -100.87
CA PHE RA 265 38.45 96.17 -100.79
C PHE RA 265 37.61 94.90 -100.90
N PHE RA 266 36.66 94.77 -99.97
CA PHE RA 266 35.94 93.52 -99.81
C PHE RA 266 34.43 93.69 -99.95
N LEU RA 267 33.77 92.63 -100.42
CA LEU RA 267 32.33 92.47 -100.28
C LEU RA 267 32.04 91.74 -98.96
N ILE RA 268 30.94 92.11 -98.29
CA ILE RA 268 30.49 91.42 -97.07
C ILE RA 268 29.10 90.84 -97.31
N GLY RA 269 28.88 89.62 -96.78
CA GLY RA 269 27.61 88.91 -96.89
C GLY RA 269 27.32 88.14 -95.60
N PHE RA 270 26.04 87.94 -95.31
CA PHE RA 270 25.65 87.23 -94.11
C PHE RA 270 24.58 86.22 -94.48
N ALA RA 271 24.59 85.08 -93.78
CA ALA RA 271 23.60 84.05 -93.96
C ALA RA 271 23.45 83.32 -92.63
N PRO RA 272 22.24 82.86 -92.24
CA PRO RA 272 21.02 82.92 -93.06
C PRO RA 272 20.22 84.22 -92.88
N LEU RA 273 19.39 84.53 -93.87
CA LEU RA 273 18.42 85.61 -93.79
C LEU RA 273 17.05 85.06 -94.18
N THR RA 274 16.02 85.41 -93.42
CA THR RA 274 14.70 84.82 -93.67
C THR RA 274 13.61 85.78 -93.25
N SER RA 275 12.54 85.87 -94.07
CA SER RA 275 11.31 86.57 -93.72
C SER RA 275 10.70 86.00 -92.45
N ARG RA 276 9.79 86.80 -91.90
CA ARG RA 276 8.98 86.42 -90.75
C ARG RA 276 8.15 85.18 -91.05
N GLY RA 277 7.54 85.19 -92.25
CA GLY RA 277 6.60 84.17 -92.70
C GLY RA 277 7.25 82.84 -93.08
N SER RA 278 8.57 82.79 -93.23
CA SER RA 278 9.22 81.59 -93.72
C SER RA 278 10.30 81.04 -92.76
N GLN RA 279 10.44 81.61 -91.56
CA GLN RA 279 11.55 81.23 -90.69
C GLN RA 279 11.46 79.78 -90.20
N GLN RA 280 10.22 79.33 -89.98
CA GLN RA 280 10.09 78.05 -89.30
C GLN RA 280 10.29 76.94 -90.33
N TYR RA 281 10.35 77.33 -91.61
CA TYR RA 281 10.23 76.35 -92.70
C TYR RA 281 11.55 76.07 -93.42
N ARG RA 282 12.54 76.95 -93.25
CA ARG RA 282 13.89 76.73 -93.73
C ARG RA 282 14.59 75.63 -92.94
N ALA RA 283 15.25 74.76 -93.72
CA ALA RA 283 15.94 73.57 -93.25
C ALA RA 283 17.38 73.98 -93.00
N LEU RA 284 17.61 74.64 -91.87
CA LEU RA 284 18.83 75.37 -91.63
C LEU RA 284 19.93 74.35 -91.37
N SER RA 285 20.53 73.84 -92.46
CA SER RA 285 21.67 72.94 -92.40
C SER RA 285 22.85 73.62 -93.08
N VAL RA 286 24.00 72.95 -93.05
CA VAL RA 286 25.25 73.52 -93.56
C VAL RA 286 25.18 73.80 -95.05
N PRO RA 287 24.65 72.92 -95.95
CA PRO RA 287 24.51 73.31 -97.34
C PRO RA 287 23.54 74.45 -97.61
N GLU RA 288 22.56 74.67 -96.74
CA GLU RA 288 21.66 75.78 -96.97
C GLU RA 288 22.31 77.12 -96.59
N LEU RA 289 23.32 77.07 -95.71
CA LEU RA 289 24.07 78.27 -95.40
C LEU RA 289 24.87 78.69 -96.62
N THR RA 290 25.56 77.73 -97.23
CA THR RA 290 26.49 78.06 -98.31
C THR RA 290 25.76 78.32 -99.62
N GLN RA 291 24.54 77.83 -99.78
CA GLN RA 291 23.78 78.19 -100.97
C GLN RA 291 23.34 79.65 -100.88
N GLN RA 292 22.93 80.08 -99.70
CA GLN RA 292 22.50 81.46 -99.55
C GLN RA 292 23.71 82.39 -99.55
N MET RA 293 24.84 81.94 -99.02
CA MET RA 293 26.05 82.75 -98.91
C MET RA 293 26.54 83.17 -100.29
N PHE RA 294 26.77 82.19 -101.18
CA PHE RA 294 27.20 82.46 -102.54
C PHE RA 294 25.98 82.78 -103.41
N ASP RA 295 25.56 84.04 -103.37
CA ASP RA 295 24.44 84.50 -104.16
C ASP RA 295 24.62 86.00 -104.34
N ALA RA 296 24.30 86.50 -105.53
CA ALA RA 296 24.37 87.92 -105.81
C ALA RA 296 23.34 88.67 -104.97
N LYS RA 297 22.24 87.98 -104.65
CA LYS RA 297 21.09 88.59 -103.99
C LYS RA 297 21.38 88.89 -102.52
N ASN RA 298 22.50 88.37 -101.99
CA ASN RA 298 22.73 88.37 -100.56
C ASN RA 298 23.87 89.29 -100.14
N MET RA 299 24.68 89.71 -101.12
CA MET RA 299 25.88 90.45 -100.82
C MET RA 299 25.52 91.88 -100.48
N MET RA 300 26.24 92.45 -99.51
CA MET RA 300 25.87 93.75 -98.98
C MET RA 300 26.50 94.90 -99.76
N CYS RA 301 27.28 94.58 -100.80
CA CYS RA 301 27.66 95.55 -101.81
C CYS RA 301 26.84 95.30 -103.07
N ALA RA 302 26.32 96.37 -103.68
CA ALA RA 302 25.51 96.26 -104.89
C ALA RA 302 26.40 96.16 -106.12
N SER RA 303 27.34 95.19 -106.10
CA SER RA 303 28.13 94.82 -107.25
C SER RA 303 27.91 93.34 -107.49
N ASP RA 304 27.29 93.05 -108.63
CA ASP RA 304 27.07 91.70 -109.10
C ASP RA 304 28.39 90.94 -109.13
N PRO RA 305 28.57 89.92 -108.24
CA PRO RA 305 29.88 89.28 -108.09
C PRO RA 305 30.27 88.37 -109.26
N ARG RA 306 29.29 87.96 -110.07
CA ARG RA 306 29.59 87.03 -111.16
C ARG RA 306 30.16 87.72 -112.40
N HIS RA 307 30.19 89.08 -112.40
CA HIS RA 307 30.85 89.83 -113.46
C HIS RA 307 32.38 89.68 -113.45
N GLY RA 308 32.94 89.17 -112.36
CA GLY RA 308 34.35 88.88 -112.37
C GLY RA 308 34.74 87.75 -111.42
N ARG RA 309 36.04 87.50 -111.38
CA ARG RA 309 36.55 86.41 -110.59
C ARG RA 309 36.58 86.80 -109.12
N TYR RA 310 36.19 85.82 -108.31
CA TYR RA 310 36.58 85.86 -106.91
C TYR RA 310 38.10 85.64 -106.80
N LEU RA 311 38.85 86.67 -106.39
CA LEU RA 311 40.29 86.49 -106.22
C LEU RA 311 40.60 85.57 -105.03
N THR RA 312 40.03 85.87 -103.88
CA THR RA 312 40.24 85.15 -102.63
C THR RA 312 39.11 85.53 -101.68
N ALA RA 313 38.49 84.53 -101.03
CA ALA RA 313 37.37 84.81 -100.15
C ALA RA 313 37.43 83.90 -98.93
N SER RA 314 36.81 84.38 -97.84
CA SER RA 314 36.81 83.66 -96.58
C SER RA 314 35.40 83.59 -96.01
N ALA RA 315 35.19 82.61 -95.12
CA ALA RA 315 33.91 82.38 -94.47
C ALA RA 315 34.12 82.04 -93.01
N MET RA 316 33.74 82.95 -92.11
CA MET RA 316 33.84 82.70 -90.67
C MET RA 316 32.54 82.09 -90.16
N PHE RA 317 32.49 80.75 -90.08
CA PHE RA 317 31.30 80.09 -89.58
C PHE RA 317 31.14 80.32 -88.09
N ARG RA 318 29.99 79.91 -87.57
CA ARG RA 318 29.72 80.12 -86.16
C ARG RA 318 28.63 79.13 -85.73
N GLY RA 319 28.92 78.35 -84.70
CA GLY RA 319 27.96 77.39 -84.20
C GLY RA 319 28.51 75.98 -84.08
N ARG RA 320 27.78 75.16 -83.31
CA ARG RA 320 28.04 73.73 -83.18
C ARG RA 320 27.77 73.03 -84.52
N MET RA 321 28.83 72.76 -85.30
CA MET RA 321 28.64 72.19 -86.62
C MET RA 321 29.82 71.30 -87.01
N SER RA 322 29.55 70.44 -88.00
CA SER RA 322 30.49 69.44 -88.47
C SER RA 322 31.47 70.06 -89.45
N THR RA 323 32.76 69.92 -89.14
CA THR RA 323 33.79 70.58 -89.92
C THR RA 323 34.07 69.85 -91.23
N LYS RA 324 33.43 68.70 -91.47
CA LYS RA 324 33.65 68.04 -92.75
C LYS RA 324 32.98 68.85 -93.86
N GLU RA 325 31.68 69.12 -93.75
CA GLU RA 325 31.05 69.92 -94.79
C GLU RA 325 31.16 71.41 -94.53
N VAL RA 326 31.80 71.81 -93.43
CA VAL RA 326 32.33 73.17 -93.42
C VAL RA 326 33.39 73.27 -94.52
N ASP RA 327 34.14 72.18 -94.69
CA ASP RA 327 35.31 72.18 -95.56
C ASP RA 327 34.99 71.57 -96.92
N GLU RA 328 34.19 70.51 -96.96
CA GLU RA 328 33.83 69.84 -98.21
C GLU RA 328 32.92 70.72 -99.09
N GLN RA 329 32.00 71.47 -98.49
CA GLN RA 329 31.14 72.35 -99.27
C GLN RA 329 31.96 73.46 -99.96
N MET RA 330 32.94 73.98 -99.22
CA MET RA 330 33.84 74.99 -99.78
C MET RA 330 34.66 74.37 -100.93
N LEU RA 331 34.96 73.07 -100.84
CA LEU RA 331 35.53 72.35 -101.98
C LEU RA 331 34.50 72.26 -103.10
N ASN RA 332 33.22 72.03 -102.69
CA ASN RA 332 32.15 71.75 -103.64
C ASN RA 332 31.84 73.00 -104.45
N VAL RA 333 31.94 74.16 -103.78
CA VAL RA 333 31.58 75.44 -104.39
C VAL RA 333 32.61 75.85 -105.43
N GLN RA 334 33.88 75.45 -105.22
CA GLN RA 334 34.93 75.87 -106.14
C GLN RA 334 34.87 75.06 -107.44
N ASN RA 335 34.62 73.75 -107.28
CA ASN RA 335 34.86 72.87 -108.42
C ASN RA 335 33.71 72.91 -109.43
N LYS RA 336 32.47 73.04 -108.94
CA LYS RA 336 31.30 73.07 -109.81
C LYS RA 336 31.28 74.33 -110.68
N ASN RA 337 31.23 75.49 -110.03
CA ASN RA 337 31.25 76.77 -110.74
C ASN RA 337 32.69 77.31 -110.68
N SER RA 338 33.52 76.63 -111.48
CA SER RA 338 34.95 76.91 -111.54
C SER RA 338 35.26 78.12 -112.42
N SER RA 339 34.28 78.66 -113.15
CA SER RA 339 34.55 79.83 -113.98
C SER RA 339 34.74 81.10 -113.14
N TYR RA 340 34.22 81.11 -111.91
CA TYR RA 340 34.14 82.33 -111.12
C TYR RA 340 35.32 82.52 -110.14
N PHE RA 341 36.30 81.60 -110.19
CA PHE RA 341 37.49 81.72 -109.37
C PHE RA 341 38.72 81.82 -110.26
N VAL RA 342 39.72 82.54 -109.76
CA VAL RA 342 40.90 82.81 -110.55
C VAL RA 342 41.82 81.59 -110.50
N GLU RA 343 42.66 81.48 -111.52
CA GLU RA 343 43.39 80.26 -111.81
C GLU RA 343 44.66 80.13 -110.97
N TRP RA 344 45.35 81.25 -110.74
CA TRP RA 344 46.72 81.16 -110.23
C TRP RA 344 46.80 81.13 -108.71
N ILE RA 345 45.66 81.27 -108.03
CA ILE RA 345 45.59 80.94 -106.60
C ILE RA 345 44.76 79.66 -106.47
N PRO RA 346 45.35 78.52 -106.07
CA PRO RA 346 44.53 77.35 -105.77
C PRO RA 346 43.76 77.61 -104.47
N ASN RA 347 42.74 76.78 -104.26
CA ASN RA 347 41.99 76.57 -103.03
C ASN RA 347 41.66 77.87 -102.29
N ASN RA 348 40.91 78.76 -102.97
CA ASN RA 348 40.65 80.15 -102.63
C ASN RA 348 39.95 80.35 -101.27
N MET RA 349 39.26 79.32 -100.76
CA MET RA 349 38.43 79.48 -99.58
C MET RA 349 39.26 79.41 -98.31
N LYS RA 350 38.96 80.34 -97.40
CA LYS RA 350 39.36 80.21 -96.01
C LYS RA 350 38.13 79.94 -95.17
N SER RA 351 38.25 79.03 -94.20
CA SER RA 351 37.17 78.78 -93.26
C SER RA 351 37.68 78.80 -91.82
N SER RA 352 36.81 79.19 -90.88
CA SER RA 352 37.12 79.20 -89.46
C SER RA 352 35.84 79.01 -88.67
N VAL RA 353 35.86 78.07 -87.73
CA VAL RA 353 34.64 77.67 -87.05
C VAL RA 353 34.70 78.15 -85.60
N CYS RA 354 33.70 78.97 -85.24
CA CYS RA 354 33.43 79.28 -83.84
C CYS RA 354 32.30 78.38 -83.33
N ASP RA 355 32.13 78.35 -82.01
CA ASP RA 355 31.28 77.35 -81.39
C ASP RA 355 29.98 77.92 -80.85
N ILE RA 356 29.91 79.26 -80.71
CA ILE RA 356 28.80 79.92 -80.03
C ILE RA 356 28.04 80.76 -81.03
N PRO RA 357 26.89 80.25 -81.50
CA PRO RA 357 26.12 80.95 -82.52
C PRO RA 357 25.41 82.14 -81.88
N PRO RA 358 24.92 83.13 -82.67
CA PRO RA 358 24.15 84.24 -82.09
C PRO RA 358 22.83 83.75 -81.48
N LYS RA 359 22.32 84.42 -80.44
CA LYS RA 359 21.38 83.80 -79.52
C LYS RA 359 20.03 83.61 -80.21
N GLY RA 360 19.57 82.36 -80.28
CA GLY RA 360 18.31 82.02 -80.93
C GLY RA 360 18.46 81.50 -82.35
N LEU RA 361 19.67 81.54 -82.90
CA LEU RA 361 19.98 80.89 -84.17
C LEU RA 361 21.03 79.82 -83.92
N LYS RA 362 20.83 78.64 -84.53
CA LYS RA 362 21.63 77.47 -84.20
C LYS RA 362 23.01 77.54 -84.82
N MET RA 363 23.09 78.10 -86.04
CA MET RA 363 24.36 78.39 -86.69
C MET RA 363 24.20 79.46 -87.75
N SER RA 364 25.29 80.19 -88.01
CA SER RA 364 25.32 81.28 -88.97
C SER RA 364 26.71 81.37 -89.59
N VAL RA 365 26.89 82.38 -90.44
CA VAL RA 365 28.13 82.53 -91.19
C VAL RA 365 28.25 83.97 -91.66
N THR RA 366 29.48 84.40 -91.91
CA THR RA 366 29.72 85.70 -92.51
C THR RA 366 30.80 85.55 -93.58
N PHE RA 367 30.56 86.19 -94.73
CA PHE RA 367 31.37 85.99 -95.91
C PHE RA 367 32.12 87.28 -96.23
N VAL RA 368 33.45 87.16 -96.29
CA VAL RA 368 34.29 88.29 -96.65
C VAL RA 368 35.08 87.91 -97.89
N GLY RA 369 34.88 88.67 -98.97
CA GLY RA 369 35.37 88.25 -100.28
C GLY RA 369 36.08 89.37 -101.03
N ASN RA 370 37.30 89.08 -101.49
CA ASN RA 370 38.04 90.00 -102.31
C ASN RA 370 37.70 89.73 -103.77
N SER RA 371 36.59 90.32 -104.23
CA SER RA 371 36.11 90.11 -105.58
C SER RA 371 36.57 91.26 -106.48
N THR RA 372 36.92 90.94 -107.73
CA THR RA 372 37.35 91.98 -108.65
C THR RA 372 36.17 92.64 -109.35
N ALA RA 373 34.96 92.34 -108.88
CA ALA RA 373 33.78 93.09 -109.34
C ALA RA 373 33.66 94.44 -108.65
N ILE RA 374 34.59 94.73 -107.71
CA ILE RA 374 34.74 96.06 -107.13
C ILE RA 374 35.33 97.02 -108.17
N GLN RA 375 35.89 96.47 -109.28
CA GLN RA 375 36.26 97.25 -110.46
C GLN RA 375 35.06 98.06 -110.96
N GLU RA 376 33.86 97.47 -110.81
CA GLU RA 376 32.67 98.05 -111.38
C GLU RA 376 32.31 99.35 -110.66
N MET RA 377 32.42 99.34 -109.34
CA MET RA 377 32.19 100.54 -108.52
C MET RA 377 33.14 101.70 -108.86
N PHE RA 378 34.45 101.46 -108.83
CA PHE RA 378 35.40 102.55 -108.94
C PHE RA 378 35.45 103.12 -110.34
N LYS RA 379 34.87 102.40 -111.31
CA LYS RA 379 34.68 102.98 -112.61
C LYS RA 379 33.48 103.94 -112.60
N ARG RA 380 32.45 103.59 -111.82
CA ARG RA 380 31.24 104.41 -111.72
C ARG RA 380 31.49 105.68 -110.90
N VAL RA 381 32.31 105.58 -109.86
CA VAL RA 381 32.65 106.75 -109.07
C VAL RA 381 33.58 107.68 -109.85
N SER RA 382 34.54 107.13 -110.58
CA SER RA 382 35.52 107.93 -111.29
C SER RA 382 34.92 108.58 -112.53
N ASP RA 383 34.02 107.88 -113.23
CA ASP RA 383 33.49 108.48 -114.45
C ASP RA 383 32.46 109.56 -114.11
N GLN RA 384 31.90 109.51 -112.90
CA GLN RA 384 31.12 110.64 -112.39
C GLN RA 384 32.05 111.76 -111.93
N PHE RA 385 33.22 111.42 -111.40
CA PHE RA 385 34.19 112.40 -110.95
C PHE RA 385 34.73 113.21 -112.13
N THR RA 386 35.08 112.51 -113.22
CA THR RA 386 35.63 113.19 -114.38
C THR RA 386 34.52 113.84 -115.21
N ALA RA 387 33.27 113.45 -114.99
CA ALA RA 387 32.15 114.16 -115.61
C ALA RA 387 31.91 115.49 -114.88
N MET RA 388 32.37 115.60 -113.63
CA MET RA 388 32.13 116.79 -112.83
C MET RA 388 33.39 117.66 -112.70
N PHE RA 389 34.52 117.17 -113.22
CA PHE RA 389 35.79 117.87 -113.07
C PHE RA 389 36.23 118.61 -114.34
N ARG RA 390 35.75 118.14 -115.49
CA ARG RA 390 35.99 118.79 -116.77
C ARG RA 390 35.28 120.14 -116.84
N ARG RA 391 34.30 120.37 -115.95
CA ARG RA 391 33.53 121.60 -115.92
C ARG RA 391 33.95 122.51 -114.76
N LYS RA 392 34.89 122.04 -113.92
CA LYS RA 392 35.30 122.75 -112.72
C LYS RA 392 34.10 123.04 -111.83
N ALA RA 393 33.14 122.10 -111.83
CA ALA RA 393 31.93 122.31 -111.06
C ALA RA 393 32.26 122.11 -109.58
N PHE RA 394 31.69 122.97 -108.72
CA PHE RA 394 31.80 122.79 -107.27
C PHE RA 394 33.24 122.88 -106.78
N LEU RA 395 34.13 123.52 -107.53
CA LEU RA 395 35.54 123.48 -107.19
C LEU RA 395 35.95 124.56 -106.17
N HIS RA 396 35.24 125.70 -106.19
CA HIS RA 396 35.58 126.83 -105.34
C HIS RA 396 35.29 126.54 -103.87
N TRP RA 397 34.35 125.63 -103.60
CA TRP RA 397 34.14 125.16 -102.23
C TRP RA 397 35.32 124.33 -101.74
N TYR RA 398 36.07 123.73 -102.67
CA TYR RA 398 37.22 122.90 -102.33
C TYR RA 398 38.53 123.66 -102.45
N THR RA 399 38.71 124.48 -103.50
CA THR RA 399 39.94 125.23 -103.66
C THR RA 399 39.94 126.51 -102.83
N GLY RA 400 38.76 126.88 -102.31
CA GLY RA 400 38.61 128.03 -101.43
C GLY RA 400 38.99 127.72 -99.97
N GLU RA 401 39.16 126.43 -99.64
CA GLU RA 401 39.39 126.03 -98.26
C GLU RA 401 40.78 125.40 -98.07
N GLY RA 402 41.68 125.57 -99.04
CA GLY RA 402 43.11 125.39 -98.81
C GLY RA 402 43.78 124.26 -99.59
N MET RA 403 43.13 123.78 -100.66
CA MET RA 403 43.72 122.74 -101.49
C MET RA 403 43.75 123.21 -102.94
N ASP RA 404 44.59 122.54 -103.72
CA ASP RA 404 44.77 122.90 -105.11
C ASP RA 404 44.21 121.79 -106.00
N GLU RA 405 44.17 122.05 -107.31
CA GLU RA 405 43.51 121.20 -108.28
C GLU RA 405 44.32 119.93 -108.56
N MET RA 406 45.64 119.93 -108.36
CA MET RA 406 46.39 118.71 -108.65
C MET RA 406 46.35 117.70 -107.49
N GLU RA 407 45.81 118.09 -106.33
CA GLU RA 407 45.42 117.08 -105.35
C GLU RA 407 44.23 116.26 -105.87
N PHE RA 408 43.35 116.92 -106.63
CA PHE RA 408 42.29 116.22 -107.34
C PHE RA 408 42.88 115.35 -108.45
N THR RA 409 43.91 115.84 -109.13
CA THR RA 409 44.51 115.11 -110.23
C THR RA 409 45.19 113.83 -109.73
N GLU RA 410 45.82 113.89 -108.56
CA GLU RA 410 46.36 112.69 -107.88
C GLU RA 410 45.23 111.73 -107.52
N ALA RA 411 44.08 112.27 -107.12
CA ALA RA 411 42.95 111.44 -106.70
C ALA RA 411 42.42 110.62 -107.88
N GLU RA 412 42.38 111.20 -109.09
CA GLU RA 412 41.99 110.50 -110.31
C GLU RA 412 43.09 109.50 -110.68
N SER RA 413 44.35 109.90 -110.51
CA SER RA 413 45.47 109.08 -110.94
C SER RA 413 45.59 107.82 -110.09
N ASN RA 414 45.38 107.97 -108.77
CA ASN RA 414 45.47 106.87 -107.82
C ASN RA 414 44.31 105.89 -108.06
N MET RA 415 43.11 106.43 -108.28
CA MET RA 415 41.92 105.61 -108.52
C MET RA 415 42.02 104.89 -109.85
N ASN RA 416 42.56 105.56 -110.88
CA ASN RA 416 42.71 104.93 -112.17
C ASN RA 416 43.76 103.81 -112.11
N ASP RA 417 44.78 104.00 -111.27
CA ASP RA 417 45.79 102.97 -111.07
C ASP RA 417 45.21 101.78 -110.30
N LEU RA 418 44.30 102.05 -109.35
CA LEU RA 418 43.66 101.00 -108.57
C LEU RA 418 42.69 100.18 -109.45
N VAL RA 419 42.05 100.85 -110.41
CA VAL RA 419 41.16 100.18 -111.35
C VAL RA 419 41.97 99.27 -112.27
N SER RA 420 43.12 99.79 -112.71
CA SER RA 420 43.95 99.11 -113.70
C SER RA 420 44.54 97.82 -113.14
N GLU RA 421 44.88 97.83 -111.84
CA GLU RA 421 45.49 96.66 -111.22
C GLU RA 421 44.45 95.56 -110.98
N TYR RA 422 43.18 95.94 -110.80
CA TYR RA 422 42.12 94.96 -110.67
C TYR RA 422 41.87 94.27 -112.01
N GLN RA 423 42.15 95.00 -113.10
CA GLN RA 423 41.79 94.57 -114.45
C GLN RA 423 42.79 93.55 -115.00
N GLN RA 424 43.98 93.48 -114.41
CA GLN RA 424 45.02 92.60 -114.92
C GLN RA 424 44.67 91.13 -114.64
N TYR RA 425 44.04 90.89 -113.48
CA TYR RA 425 43.85 89.53 -113.01
C TYR RA 425 42.53 88.91 -113.49
N GLN RA 426 41.70 89.71 -114.16
CA GLN RA 426 40.42 89.24 -114.67
C GLN RA 426 40.59 88.82 -116.14
N MET SA 1 79.01 -44.43 -82.52
CA MET SA 1 79.02 -45.76 -83.14
C MET SA 1 78.35 -45.68 -84.52
N ARG SA 2 77.57 -46.72 -84.86
CA ARG SA 2 76.77 -46.70 -86.06
C ARG SA 2 75.52 -45.86 -85.80
N GLU SA 3 75.05 -45.22 -86.88
CA GLU SA 3 74.03 -44.19 -86.76
C GLU SA 3 73.45 -43.89 -88.14
N VAL SA 4 72.37 -43.12 -88.12
CA VAL SA 4 71.77 -42.63 -89.35
C VAL SA 4 71.25 -41.22 -89.10
N ILE SA 5 71.40 -40.37 -90.11
CA ILE SA 5 71.01 -38.98 -90.02
C ILE SA 5 69.82 -38.75 -90.96
N SER SA 6 68.75 -38.17 -90.40
CA SER SA 6 67.52 -37.95 -91.13
C SER SA 6 67.39 -36.48 -91.49
N ILE SA 7 67.06 -36.23 -92.77
CA ILE SA 7 66.84 -34.88 -93.25
C ILE SA 7 65.38 -34.78 -93.62
N HIS SA 8 64.78 -33.64 -93.27
CA HIS SA 8 63.42 -33.36 -93.65
C HIS SA 8 63.40 -32.01 -94.34
N VAL SA 9 63.12 -32.02 -95.65
CA VAL SA 9 63.16 -30.82 -96.45
C VAL SA 9 61.82 -30.68 -97.15
N GLY SA 10 61.15 -29.56 -96.92
CA GLY SA 10 59.79 -29.37 -97.41
C GLY SA 10 58.73 -29.58 -96.33
N GLN SA 11 57.52 -29.11 -96.64
CA GLN SA 11 56.37 -29.23 -95.76
C GLN SA 11 56.06 -30.69 -95.44
N ALA SA 12 56.00 -31.51 -96.50
CA ALA SA 12 55.65 -32.92 -96.38
C ALA SA 12 56.67 -33.65 -95.49
N GLY SA 13 57.94 -33.21 -95.59
CA GLY SA 13 59.02 -33.77 -94.78
C GLY SA 13 58.85 -33.47 -93.29
N ILE SA 14 58.49 -32.23 -92.97
CA ILE SA 14 58.46 -31.79 -91.58
C ILE SA 14 57.31 -32.44 -90.82
N GLN SA 15 56.14 -32.51 -91.47
CA GLN SA 15 54.96 -33.10 -90.83
C GLN SA 15 55.18 -34.60 -90.59
N ILE SA 16 55.90 -35.24 -91.52
CA ILE SA 16 56.33 -36.61 -91.35
C ILE SA 16 57.33 -36.67 -90.19
N GLY SA 17 58.24 -35.69 -90.13
CA GLY SA 17 59.23 -35.62 -89.07
C GLY SA 17 58.60 -35.45 -87.68
N ASN SA 18 57.48 -34.72 -87.61
CA ASN SA 18 56.72 -34.64 -86.38
C ASN SA 18 56.14 -36.00 -86.00
N ALA SA 19 55.66 -36.73 -87.02
CA ALA SA 19 55.06 -38.03 -86.79
C ALA SA 19 56.16 -39.08 -86.53
N CYS SA 20 57.29 -38.99 -87.24
CA CYS SA 20 58.36 -39.97 -87.15
C CYS SA 20 59.01 -39.91 -85.77
N TRP SA 21 59.21 -38.69 -85.27
CA TRP SA 21 60.00 -38.53 -84.06
C TRP SA 21 59.17 -38.59 -82.78
N GLU SA 22 57.83 -38.63 -82.90
CA GLU SA 22 57.04 -38.92 -81.72
C GLU SA 22 57.07 -40.43 -81.45
N LEU SA 23 57.15 -41.20 -82.54
CA LEU SA 23 57.20 -42.65 -82.45
C LEU SA 23 58.52 -43.11 -81.84
N PHE SA 24 59.62 -42.52 -82.32
CA PHE SA 24 60.93 -42.95 -81.87
C PHE SA 24 61.18 -42.50 -80.44
N CYS SA 25 60.39 -41.56 -79.94
CA CYS SA 25 60.49 -41.21 -78.53
C CYS SA 25 59.76 -42.25 -77.66
N LEU SA 26 58.81 -42.95 -78.27
CA LEU SA 26 58.03 -43.89 -77.49
C LEU SA 26 58.56 -45.32 -77.63
N GLU SA 27 59.20 -45.62 -78.76
CA GLU SA 27 59.86 -46.90 -78.96
C GLU SA 27 60.97 -47.06 -77.91
N HIS SA 28 61.72 -45.99 -77.64
CA HIS SA 28 62.80 -46.00 -76.67
C HIS SA 28 62.40 -45.33 -75.37
N GLY SA 29 61.14 -44.88 -75.27
CA GLY SA 29 60.62 -44.45 -73.98
C GLY SA 29 61.30 -43.20 -73.43
N ILE SA 30 61.67 -42.31 -74.35
CA ILE SA 30 62.31 -41.07 -73.92
C ILE SA 30 61.23 -40.02 -73.75
N GLN SA 31 61.15 -39.46 -72.53
CA GLN SA 31 60.16 -38.43 -72.18
C GLN SA 31 60.46 -37.14 -72.94
N PRO SA 32 59.43 -36.40 -73.41
CA PRO SA 32 59.62 -35.23 -74.28
C PRO SA 32 60.46 -34.06 -73.75
N ASP SA 33 61.00 -34.20 -72.54
CA ASP SA 33 62.04 -33.32 -72.06
C ASP SA 33 63.41 -33.84 -72.48
N GLY SA 34 63.47 -35.03 -73.06
CA GLY SA 34 64.70 -35.54 -73.67
C GLY SA 34 65.49 -36.56 -72.83
N GLN SA 35 64.92 -37.02 -71.71
CA GLN SA 35 65.54 -38.11 -70.94
C GLN SA 35 64.55 -39.24 -70.72
N MET SA 36 65.09 -40.33 -70.15
CA MET SA 36 64.39 -41.55 -69.79
C MET SA 36 64.44 -41.69 -68.26
N PRO SA 37 63.56 -42.53 -67.65
CA PRO SA 37 63.77 -42.96 -66.26
C PRO SA 37 65.04 -43.83 -66.03
N ASP SA 47 72.47 -49.77 -75.07
CA ASP SA 47 73.05 -48.73 -75.94
C ASP SA 47 72.50 -48.86 -77.36
N ALA SA 48 71.23 -49.28 -77.43
CA ALA SA 48 70.55 -49.58 -78.69
C ALA SA 48 69.84 -48.34 -79.24
N PHE SA 49 69.82 -47.22 -78.50
CA PHE SA 49 69.18 -46.01 -78.99
C PHE SA 49 70.17 -45.06 -79.66
N ASN SA 50 71.45 -45.44 -79.73
CA ASN SA 50 72.48 -44.56 -80.27
C ASN SA 50 72.38 -44.38 -81.78
N THR SA 51 71.54 -45.18 -82.44
CA THR SA 51 71.48 -45.20 -83.90
C THR SA 51 70.44 -44.22 -84.45
N PHE SA 52 69.59 -43.66 -83.58
CA PHE SA 52 68.69 -42.60 -84.00
C PHE SA 52 68.81 -41.40 -83.07
N PHE SA 53 69.10 -41.68 -81.79
CA PHE SA 53 69.21 -40.64 -80.78
C PHE SA 53 70.67 -40.46 -80.41
N SER SA 54 70.97 -39.32 -79.78
CA SER SA 54 72.28 -39.05 -79.24
C SER SA 54 72.22 -39.10 -77.72
N GLU SA 55 73.38 -38.97 -77.09
CA GLU SA 55 73.49 -38.89 -75.64
C GLU SA 55 74.20 -37.59 -75.28
N THR SA 56 73.68 -36.90 -74.25
CA THR SA 56 74.29 -35.68 -73.76
C THR SA 56 74.31 -35.68 -72.23
N GLY SA 57 75.35 -36.29 -71.67
CA GLY SA 57 75.66 -36.23 -70.25
C GLY SA 57 74.58 -36.90 -69.39
N ALA SA 58 74.03 -36.11 -68.45
CA ALA SA 58 73.10 -36.57 -67.44
C ALA SA 58 71.75 -36.97 -68.06
N GLY SA 59 71.75 -38.09 -68.79
CA GLY SA 59 70.53 -38.77 -69.20
C GLY SA 59 69.80 -38.12 -70.39
N LYS SA 60 70.23 -36.91 -70.77
CA LYS SA 60 69.58 -36.18 -71.84
C LYS SA 60 69.92 -36.81 -73.19
N HIS SA 61 68.89 -37.06 -74.00
CA HIS SA 61 69.06 -37.56 -75.36
C HIS SA 61 68.53 -36.53 -76.36
N VAL SA 62 69.24 -36.34 -77.48
CA VAL SA 62 68.85 -35.39 -78.52
C VAL SA 62 68.80 -36.14 -79.85
N PRO SA 63 67.77 -35.93 -80.70
CA PRO SA 63 67.72 -36.61 -82.00
C PRO SA 63 68.81 -36.20 -82.98
N ARG SA 64 69.12 -37.13 -83.89
CA ARG SA 64 70.05 -36.90 -84.98
C ARG SA 64 69.29 -36.49 -86.24
N CYS SA 65 68.55 -35.38 -86.14
CA CYS SA 65 67.75 -34.93 -87.27
C CYS SA 65 68.09 -33.48 -87.59
N VAL SA 66 67.73 -33.12 -88.82
CA VAL SA 66 67.72 -31.76 -89.26
C VAL SA 66 66.39 -31.48 -89.91
N PHE SA 67 65.82 -30.34 -89.51
CA PHE SA 67 64.60 -29.86 -90.11
C PHE SA 67 64.95 -28.64 -90.94
N LEU SA 68 64.54 -28.66 -92.20
CA LEU SA 68 64.96 -27.64 -93.14
C LEU SA 68 63.77 -27.25 -93.99
N ASP SA 69 63.35 -25.99 -93.83
CA ASP SA 69 62.19 -25.50 -94.54
C ASP SA 69 62.28 -23.99 -94.69
N LEU SA 70 61.65 -23.47 -95.76
CA LEU SA 70 61.81 -22.05 -96.03
C LEU SA 70 60.77 -21.20 -95.29
N GLU SA 71 59.48 -21.58 -95.44
CA GLU SA 71 58.40 -20.87 -94.77
C GLU SA 71 58.50 -21.10 -93.26
N PRO SA 72 58.61 -20.02 -92.44
CA PRO SA 72 58.81 -20.16 -91.00
C PRO SA 72 57.73 -20.91 -90.22
N THR SA 73 56.51 -20.91 -90.75
CA THR SA 73 55.32 -21.24 -89.98
C THR SA 73 55.28 -22.71 -89.53
N VAL SA 74 56.04 -23.57 -90.22
CA VAL SA 74 56.07 -24.99 -89.87
C VAL SA 74 57.19 -25.30 -88.86
N VAL SA 75 58.19 -24.43 -88.80
CA VAL SA 75 59.36 -24.70 -87.99
C VAL SA 75 59.18 -24.16 -86.57
N ASP SA 76 58.69 -22.92 -86.48
CA ASP SA 76 58.50 -22.29 -85.18
C ASP SA 76 57.41 -23.01 -84.40
N GLU SA 77 56.43 -23.58 -85.12
CA GLU SA 77 55.38 -24.40 -84.54
C GLU SA 77 56.01 -25.57 -83.75
N VAL SA 78 57.04 -26.17 -84.33
CA VAL SA 78 57.75 -27.24 -83.63
C VAL SA 78 58.56 -26.65 -82.47
N ARG SA 79 59.09 -25.44 -82.70
CA ARG SA 79 59.85 -24.75 -81.66
C ARG SA 79 58.95 -24.42 -80.45
N THR SA 80 57.64 -24.30 -80.71
CA THR SA 80 56.68 -23.87 -79.71
C THR SA 80 55.61 -24.93 -79.42
N GLY SA 81 55.90 -26.21 -79.71
CA GLY SA 81 54.97 -27.31 -79.43
C GLY SA 81 55.00 -27.87 -77.99
N THR SA 82 54.89 -29.20 -77.85
CA THR SA 82 55.08 -29.93 -76.60
C THR SA 82 56.49 -30.54 -76.50
N TYR SA 83 56.92 -31.28 -77.52
CA TYR SA 83 58.30 -31.71 -77.63
C TYR SA 83 59.24 -30.55 -78.01
N ARG SA 84 59.19 -29.47 -77.23
CA ARG SA 84 60.01 -28.31 -77.55
C ARG SA 84 61.44 -28.54 -77.12
N HIS SA 85 61.64 -29.30 -76.04
CA HIS SA 85 62.93 -29.45 -75.43
C HIS SA 85 63.65 -30.69 -75.97
N LEU SA 86 62.97 -31.46 -76.83
CA LEU SA 86 63.56 -32.64 -77.41
C LEU SA 86 64.67 -32.27 -78.38
N PHE SA 87 64.37 -31.34 -79.30
CA PHE SA 87 65.27 -31.02 -80.38
C PHE SA 87 66.33 -30.01 -79.95
N HIS SA 88 67.44 -29.98 -80.69
CA HIS SA 88 68.41 -28.91 -80.54
C HIS SA 88 67.78 -27.60 -80.99
N PRO SA 89 68.06 -26.47 -80.31
CA PRO SA 89 67.60 -25.16 -80.79
C PRO SA 89 68.00 -24.79 -82.22
N GLU SA 90 69.07 -25.41 -82.77
CA GLU SA 90 69.41 -25.08 -84.15
C GLU SA 90 69.51 -26.29 -85.10
N GLN SA 91 68.75 -27.36 -84.81
CA GLN SA 91 68.63 -28.40 -85.84
C GLN SA 91 67.41 -28.18 -86.73
N LEU SA 92 66.68 -27.13 -86.39
CA LEU SA 92 65.56 -26.66 -87.15
C LEU SA 92 66.04 -25.39 -87.86
N ILE SA 93 66.57 -25.56 -89.08
CA ILE SA 93 67.07 -24.48 -89.90
C ILE SA 93 65.90 -23.90 -90.70
N SER SA 94 65.63 -22.61 -90.51
CA SER SA 94 64.42 -22.03 -91.09
C SER SA 94 64.79 -20.81 -91.93
N GLY SA 95 64.20 -20.73 -93.14
CA GLY SA 95 64.45 -19.60 -94.02
C GLY SA 95 63.70 -18.36 -93.55
N LYS SA 96 63.37 -17.50 -94.51
CA LYS SA 96 62.52 -16.35 -94.22
C LYS SA 96 61.37 -16.25 -95.24
N GLU SA 97 61.61 -16.61 -96.51
CA GLU SA 97 60.58 -16.52 -97.54
C GLU SA 97 60.41 -17.87 -98.25
N ASP SA 98 59.18 -18.23 -98.64
CA ASP SA 98 58.88 -19.60 -99.07
C ASP SA 98 59.35 -19.82 -100.52
N ALA SA 99 59.54 -21.09 -100.90
CA ALA SA 99 59.80 -21.43 -102.29
C ALA SA 99 58.55 -21.31 -103.13
N ALA SA 100 57.44 -21.88 -102.60
CA ALA SA 100 56.11 -21.92 -103.21
C ALA SA 100 56.16 -22.40 -104.67
N ASN SA 101 56.32 -23.70 -104.83
CA ASN SA 101 56.08 -24.45 -106.06
C ASN SA 101 56.87 -23.93 -107.28
N ASN SA 102 58.02 -23.29 -107.06
CA ASN SA 102 58.87 -22.90 -108.16
C ASN SA 102 60.21 -23.59 -107.98
N PHE SA 103 60.55 -24.49 -108.89
CA PHE SA 103 61.78 -25.26 -108.75
C PHE SA 103 63.03 -24.39 -108.84
N ALA SA 104 62.98 -23.34 -109.68
CA ALA SA 104 64.14 -22.51 -109.91
C ALA SA 104 64.47 -21.67 -108.67
N ARG SA 105 63.41 -21.25 -107.96
CA ARG SA 105 63.61 -20.60 -106.67
C ARG SA 105 64.17 -21.57 -105.63
N GLY SA 106 63.92 -22.87 -105.83
CA GLY SA 106 64.53 -23.86 -104.96
C GLY SA 106 66.04 -23.93 -105.15
N HIS SA 107 66.51 -23.75 -106.39
CA HIS SA 107 67.94 -23.79 -106.67
C HIS SA 107 68.61 -22.44 -106.42
N TYR SA 108 68.24 -21.43 -107.23
CA TYR SA 108 69.15 -20.32 -107.49
C TYR SA 108 68.87 -19.08 -106.64
N THR SA 109 67.58 -18.73 -106.48
CA THR SA 109 67.22 -17.47 -105.86
C THR SA 109 67.49 -17.48 -104.35
N ILE SA 110 66.81 -18.36 -103.61
CA ILE SA 110 66.78 -18.28 -102.15
C ILE SA 110 67.59 -19.43 -101.55
N GLY SA 111 67.59 -20.58 -102.24
CA GLY SA 111 68.17 -21.81 -101.71
C GLY SA 111 69.67 -21.73 -101.38
N LYS SA 112 70.39 -20.87 -102.12
CA LYS SA 112 71.83 -20.68 -102.03
C LYS SA 112 72.25 -20.30 -100.61
N GLU SA 113 71.38 -19.51 -99.98
CA GLU SA 113 71.71 -18.91 -98.70
C GLU SA 113 71.67 -19.95 -97.59
N ILE SA 114 70.70 -20.86 -97.70
CA ILE SA 114 70.36 -21.72 -96.57
C ILE SA 114 71.01 -23.10 -96.68
N VAL SA 115 71.48 -23.48 -97.87
CA VAL SA 115 72.23 -24.71 -98.04
C VAL SA 115 73.51 -24.66 -97.20
N ASP SA 116 74.26 -23.55 -97.32
CA ASP SA 116 75.57 -23.44 -96.67
C ASP SA 116 75.44 -23.42 -95.15
N LEU SA 117 74.33 -22.86 -94.65
CA LEU SA 117 74.02 -22.91 -93.23
C LEU SA 117 73.60 -24.32 -92.80
N SER SA 118 73.04 -25.09 -93.75
CA SER SA 118 72.56 -26.42 -93.44
C SER SA 118 73.70 -27.43 -93.24
N LEU SA 119 74.69 -27.40 -94.16
CA LEU SA 119 75.83 -28.32 -94.18
C LEU SA 119 76.67 -28.20 -92.91
N ASP SA 120 76.66 -27.03 -92.29
CA ASP SA 120 77.41 -26.85 -91.04
C ASP SA 120 76.80 -27.70 -89.94
N ARG SA 121 75.46 -27.88 -89.98
CA ARG SA 121 74.80 -28.73 -89.00
C ARG SA 121 75.13 -30.19 -89.28
N ILE SA 122 75.08 -30.58 -90.56
CA ILE SA 122 75.26 -31.97 -90.96
C ILE SA 122 76.68 -32.41 -90.68
N ARG SA 123 77.66 -31.55 -90.97
CA ARG SA 123 79.05 -31.97 -90.89
C ARG SA 123 79.38 -32.17 -89.41
N LYS SA 124 78.81 -31.35 -88.52
CA LYS SA 124 79.00 -31.55 -87.08
C LYS SA 124 78.30 -32.82 -86.61
N LEU SA 125 77.17 -33.17 -87.23
CA LEU SA 125 76.45 -34.38 -86.87
C LEU SA 125 77.15 -35.62 -87.42
N ALA SA 126 78.00 -35.45 -88.44
CA ALA SA 126 78.60 -36.58 -89.14
C ALA SA 126 80.00 -36.90 -88.63
N ASP SA 127 80.66 -35.93 -87.99
CA ASP SA 127 82.03 -36.14 -87.56
C ASP SA 127 82.13 -36.75 -86.17
N ASN SA 128 80.99 -37.04 -85.53
CA ASN SA 128 81.00 -37.71 -84.23
C ASN SA 128 81.50 -39.15 -84.37
N CYS SA 129 81.06 -39.86 -85.42
CA CYS SA 129 81.50 -41.21 -85.70
C CYS SA 129 81.58 -41.44 -87.21
N THR SA 130 82.46 -42.35 -87.64
CA THR SA 130 82.29 -42.97 -88.94
C THR SA 130 81.32 -44.14 -88.78
N GLY SA 131 81.17 -44.96 -89.82
CA GLY SA 131 80.16 -46.01 -89.81
C GLY SA 131 78.75 -45.42 -89.82
N LEU SA 132 78.65 -44.18 -90.32
CA LEU SA 132 77.39 -43.51 -90.66
C LEU SA 132 76.74 -44.38 -91.74
N GLN SA 133 75.65 -45.04 -91.32
CA GLN SA 133 75.02 -46.08 -92.11
C GLN SA 133 74.43 -45.50 -93.39
N GLY SA 134 73.88 -44.27 -93.29
CA GLY SA 134 73.30 -43.60 -94.43
C GLY SA 134 72.59 -42.31 -94.05
N PHE SA 135 71.87 -41.77 -95.05
CA PHE SA 135 71.08 -40.56 -94.87
C PHE SA 135 69.67 -40.80 -95.36
N LEU SA 136 68.73 -40.84 -94.40
CA LEU SA 136 67.32 -40.80 -94.75
C LEU SA 136 67.00 -39.35 -95.10
N MET SA 137 66.05 -39.14 -96.02
CA MET SA 137 65.71 -37.82 -96.48
C MET SA 137 64.28 -37.89 -97.03
N PHE SA 138 63.38 -37.13 -96.40
CA PHE SA 138 61.98 -37.12 -96.79
C PHE SA 138 61.69 -35.78 -97.45
N ASN SA 139 60.96 -35.80 -98.55
CA ASN SA 139 60.62 -34.57 -99.21
C ASN SA 139 59.33 -34.74 -100.01
N ALA SA 140 58.89 -33.63 -100.60
CA ALA SA 140 57.79 -33.61 -101.54
C ALA SA 140 58.33 -33.35 -102.94
N VAL SA 141 57.57 -33.81 -103.94
CA VAL SA 141 57.91 -33.62 -105.34
C VAL SA 141 57.04 -32.52 -105.93
N GLY SA 142 55.72 -32.62 -105.69
CA GLY SA 142 54.71 -31.67 -106.14
C GLY SA 142 54.94 -30.23 -105.69
N GLY SA 143 55.50 -30.10 -104.47
CA GLY SA 143 55.74 -28.83 -103.79
C GLY SA 143 57.06 -28.20 -104.25
N GLY SA 144 57.39 -27.09 -103.60
CA GLY SA 144 58.52 -26.33 -104.10
C GLY SA 144 59.80 -26.64 -103.37
N THR SA 145 59.76 -26.30 -102.08
CA THR SA 145 60.95 -26.40 -101.24
C THR SA 145 61.35 -27.85 -100.99
N GLY SA 146 60.38 -28.77 -101.06
CA GLY SA 146 60.67 -30.19 -100.99
C GLY SA 146 61.55 -30.67 -102.16
N SER SA 147 61.35 -30.05 -103.32
CA SER SA 147 62.00 -30.49 -104.55
C SER SA 147 63.28 -29.70 -104.83
N GLY SA 148 63.13 -28.38 -104.92
CA GLY SA 148 64.23 -27.51 -105.34
C GLY SA 148 65.41 -27.54 -104.37
N LEU SA 149 65.09 -27.39 -103.08
CA LEU SA 149 66.13 -27.26 -102.07
C LEU SA 149 66.83 -28.59 -101.87
N GLY SA 150 66.06 -29.68 -102.03
CA GLY SA 150 66.61 -31.02 -101.90
C GLY SA 150 67.73 -31.31 -102.91
N CYS SA 151 67.55 -30.83 -104.16
CA CYS SA 151 68.49 -31.13 -105.23
C CYS SA 151 69.89 -30.55 -104.91
N LEU SA 152 69.92 -29.28 -104.49
CA LEU SA 152 71.19 -28.68 -104.10
C LEU SA 152 71.79 -29.40 -102.90
N LEU SA 153 70.91 -29.88 -102.03
CA LEU SA 153 71.36 -30.55 -100.83
C LEU SA 153 71.91 -31.93 -101.17
N LEU SA 154 71.24 -32.63 -102.09
CA LEU SA 154 71.70 -33.93 -102.51
C LEU SA 154 72.96 -33.82 -103.37
N GLU SA 155 73.06 -32.77 -104.21
CA GLU SA 155 74.24 -32.59 -105.06
C GLU SA 155 75.49 -32.38 -104.21
N ARG SA 156 75.37 -31.54 -103.18
CA ARG SA 156 76.54 -31.16 -102.38
C ARG SA 156 76.97 -32.31 -101.47
N LEU SA 157 76.01 -33.02 -100.89
CA LEU SA 157 76.35 -34.13 -100.00
C LEU SA 157 76.85 -35.34 -100.78
N SER SA 158 76.47 -35.41 -102.07
CA SER SA 158 77.02 -36.47 -102.92
C SER SA 158 78.50 -36.20 -103.23
N VAL SA 159 78.90 -34.94 -103.10
CA VAL SA 159 80.29 -34.57 -103.33
C VAL SA 159 81.14 -34.91 -102.10
N ASP SA 160 80.69 -34.52 -100.91
CA ASP SA 160 81.48 -34.69 -99.70
C ASP SA 160 81.45 -36.14 -99.22
N TYR SA 161 80.27 -36.56 -98.76
CA TYR SA 161 80.10 -37.92 -98.25
C TYR SA 161 79.58 -38.81 -99.36
N GLY SA 162 80.41 -38.99 -100.39
CA GLY SA 162 80.00 -39.65 -101.62
C GLY SA 162 79.70 -41.14 -101.44
N LYS SA 163 80.51 -41.81 -100.63
CA LYS SA 163 80.52 -43.27 -100.53
C LYS SA 163 79.22 -43.81 -99.92
N LYS SA 164 78.55 -43.05 -99.03
CA LYS SA 164 77.48 -43.60 -98.21
C LYS SA 164 76.25 -43.87 -99.06
N SER SA 165 75.34 -44.71 -98.55
CA SER SA 165 74.06 -44.98 -99.21
C SER SA 165 73.01 -43.98 -98.73
N LYS SA 166 72.22 -43.41 -99.67
CA LYS SA 166 71.27 -42.37 -99.32
C LYS SA 166 69.87 -42.80 -99.74
N LEU SA 167 68.94 -42.71 -98.78
CA LEU SA 167 67.56 -43.14 -98.99
C LEU SA 167 66.69 -41.90 -99.17
N ASN SA 168 65.84 -41.97 -100.19
CA ASN SA 168 64.89 -40.92 -100.50
C ASN SA 168 63.48 -41.44 -100.21
N PHE SA 169 62.57 -40.51 -99.91
CA PHE SA 169 61.16 -40.83 -99.80
C PHE SA 169 60.34 -39.73 -100.45
N CYS SA 170 60.13 -39.84 -101.77
CA CYS SA 170 59.46 -38.81 -102.54
C CYS SA 170 57.95 -39.04 -102.51
N SER SA 171 57.21 -38.02 -102.04
CA SER SA 171 55.76 -38.07 -102.07
C SER SA 171 55.28 -37.80 -103.49
N TRP SA 172 55.30 -38.87 -104.30
CA TRP SA 172 54.93 -38.81 -105.70
C TRP SA 172 53.46 -38.46 -105.83
N PRO SA 173 53.08 -37.61 -106.80
CA PRO SA 173 51.69 -37.17 -106.91
C PRO SA 173 50.80 -38.20 -107.60
N SER SA 174 49.53 -38.19 -107.22
CA SER SA 174 48.57 -39.22 -107.61
C SER SA 174 48.17 -39.09 -109.08
N PRO SA 175 47.69 -40.18 -109.72
CA PRO SA 175 47.01 -40.07 -111.02
C PRO SA 175 45.77 -39.18 -111.05
N GLN SA 176 45.06 -39.01 -109.92
CA GLN SA 176 43.81 -38.24 -109.97
C GLN SA 176 43.88 -36.92 -109.20
N VAL SA 177 44.23 -36.97 -107.91
CA VAL SA 177 44.31 -35.77 -107.11
C VAL SA 177 45.62 -35.06 -107.43
N SER SA 178 45.57 -33.72 -107.52
CA SER SA 178 46.75 -32.91 -107.84
C SER SA 178 47.30 -32.06 -106.69
N THR SA 179 46.46 -31.19 -106.11
CA THR SA 179 46.85 -30.20 -105.11
C THR SA 179 47.84 -29.16 -105.63
N ALA SA 180 48.04 -29.11 -106.96
CA ALA SA 180 48.74 -28.03 -107.66
C ALA SA 180 48.66 -28.29 -109.16
N VAL SA 181 48.82 -27.24 -109.96
CA VAL SA 181 48.80 -27.37 -111.41
C VAL SA 181 50.21 -27.34 -111.98
N VAL SA 182 51.16 -26.78 -111.23
CA VAL SA 182 52.54 -26.70 -111.71
C VAL SA 182 53.34 -27.93 -111.24
N GLU SA 183 52.63 -28.90 -110.65
CA GLU SA 183 53.28 -30.07 -110.06
C GLU SA 183 53.96 -30.97 -111.10
N PRO SA 184 53.55 -31.07 -112.39
CA PRO SA 184 54.37 -31.80 -113.35
C PRO SA 184 55.72 -31.15 -113.62
N TYR SA 185 55.75 -29.81 -113.63
CA TYR SA 185 57.00 -29.09 -113.79
C TYR SA 185 57.94 -29.36 -112.61
N ASN SA 186 57.39 -29.39 -111.40
CA ASN SA 186 58.16 -29.74 -110.23
C ASN SA 186 58.48 -31.24 -110.23
N SER SA 187 57.73 -32.04 -110.99
CA SER SA 187 57.93 -33.49 -110.98
C SER SA 187 59.17 -33.85 -111.78
N VAL SA 188 59.19 -33.44 -113.03
CA VAL SA 188 60.27 -33.82 -113.94
C VAL SA 188 61.59 -33.18 -113.50
N LEU SA 189 61.51 -31.92 -113.04
CA LEU SA 189 62.71 -31.18 -112.67
C LEU SA 189 63.34 -31.74 -111.41
N SER SA 190 62.52 -32.38 -110.56
CA SER SA 190 63.01 -33.26 -109.53
C SER SA 190 63.62 -34.53 -110.16
N THR SA 191 62.90 -35.08 -111.14
CA THR SA 191 63.19 -36.43 -111.60
C THR SA 191 64.58 -36.52 -112.25
N HIS SA 192 64.94 -35.53 -113.10
CA HIS SA 192 66.24 -35.57 -113.77
C HIS SA 192 67.38 -35.45 -112.77
N SER SA 193 67.13 -34.67 -111.72
CA SER SA 193 68.18 -34.36 -110.76
C SER SA 193 68.07 -35.22 -109.49
N LEU SA 194 67.19 -36.23 -109.48
CA LEU SA 194 67.22 -37.26 -108.44
C LEU SA 194 67.69 -38.62 -108.97
N LEU SA 195 67.54 -38.83 -110.29
CA LEU SA 195 68.01 -40.07 -110.93
C LEU SA 195 69.51 -40.23 -110.77
N GLU SA 196 70.24 -39.11 -110.94
CA GLU SA 196 71.69 -39.11 -110.89
C GLU SA 196 72.21 -39.29 -109.46
N HIS SA 197 71.37 -38.99 -108.46
CA HIS SA 197 71.89 -38.73 -107.12
C HIS SA 197 71.17 -39.46 -105.99
N THR SA 198 70.14 -40.27 -106.29
CA THR SA 198 69.48 -41.03 -105.24
C THR SA 198 69.83 -42.51 -105.38
N ASP SA 199 70.25 -43.14 -104.28
CA ASP SA 199 70.61 -44.54 -104.30
C ASP SA 199 69.37 -45.42 -104.40
N VAL SA 200 68.42 -45.19 -103.50
CA VAL SA 200 67.12 -45.86 -103.55
C VAL SA 200 66.07 -44.83 -103.19
N ALA SA 201 65.04 -44.70 -104.04
CA ALA SA 201 63.89 -43.87 -103.76
C ALA SA 201 62.63 -44.74 -103.68
N VAL SA 202 61.84 -44.51 -102.63
CA VAL SA 202 60.55 -45.16 -102.48
C VAL SA 202 59.47 -44.10 -102.64
N MET SA 203 58.65 -44.25 -103.68
CA MET SA 203 57.63 -43.24 -103.96
C MET SA 203 56.33 -43.64 -103.26
N LEU SA 204 55.97 -42.92 -102.18
CA LEU SA 204 54.72 -43.13 -101.46
C LEU SA 204 53.69 -42.14 -102.00
N ASP SA 205 52.62 -42.68 -102.60
CA ASP SA 205 51.58 -41.87 -103.21
C ASP SA 205 50.47 -41.65 -102.19
N ASN SA 206 49.77 -40.51 -102.29
CA ASN SA 206 48.74 -40.20 -101.30
C ASN SA 206 47.48 -41.03 -101.48
N GLU SA 207 47.03 -41.24 -102.72
CA GLU SA 207 45.72 -41.87 -102.92
C GLU SA 207 45.68 -43.33 -102.46
N ALA SA 208 46.84 -44.01 -102.48
CA ALA SA 208 46.92 -45.33 -101.87
C ALA SA 208 46.76 -45.23 -100.35
N ILE SA 209 47.45 -44.26 -99.73
CA ILE SA 209 47.32 -44.00 -98.31
C ILE SA 209 45.92 -43.44 -98.02
N TYR SA 210 45.34 -42.78 -99.03
CA TYR SA 210 44.01 -42.19 -98.89
C TYR SA 210 42.96 -43.29 -98.75
N ASP SA 211 42.99 -44.26 -99.67
CA ASP SA 211 41.89 -45.20 -99.71
C ASP SA 211 42.14 -46.41 -98.82
N ILE SA 212 43.39 -46.64 -98.40
CA ILE SA 212 43.64 -47.72 -97.47
C ILE SA 212 42.99 -47.41 -96.11
N CYS SA 213 42.82 -46.12 -95.80
CA CYS SA 213 42.06 -45.76 -94.62
C CYS SA 213 40.58 -46.06 -94.84
N ARG SA 214 40.16 -46.00 -96.12
CA ARG SA 214 38.75 -46.19 -96.45
C ARG SA 214 38.36 -47.67 -96.37
N ARG SA 215 39.00 -48.50 -97.20
CA ARG SA 215 38.56 -49.88 -97.43
C ARG SA 215 38.99 -50.77 -96.27
N ASN SA 216 39.95 -50.33 -95.46
CA ASN SA 216 40.59 -51.23 -94.50
C ASN SA 216 40.35 -50.78 -93.07
N LEU SA 217 40.54 -49.50 -92.80
CA LEU SA 217 40.42 -48.96 -91.45
C LEU SA 217 39.02 -48.48 -91.09
N ASP SA 218 38.12 -48.40 -92.10
CA ASP SA 218 36.78 -47.84 -91.94
C ASP SA 218 36.83 -46.41 -91.38
N ILE SA 219 37.88 -45.66 -91.74
CA ILE SA 219 37.92 -44.24 -91.46
C ILE SA 219 37.57 -43.54 -92.77
N GLU SA 220 36.50 -42.72 -92.72
CA GLU SA 220 35.97 -42.09 -93.91
C GLU SA 220 36.44 -40.64 -94.00
N ARG SA 221 36.66 -40.03 -92.82
CA ARG SA 221 36.89 -38.62 -92.62
C ARG SA 221 38.27 -38.40 -91.96
N PRO SA 222 39.43 -38.74 -92.58
CA PRO SA 222 40.73 -38.49 -91.95
C PRO SA 222 41.45 -37.24 -92.42
N THR SA 223 42.58 -36.94 -91.78
CA THR SA 223 43.38 -35.75 -92.05
C THR SA 223 44.82 -36.17 -92.33
N TYR SA 224 45.68 -35.18 -92.70
CA TYR SA 224 47.09 -35.41 -93.00
C TYR SA 224 47.87 -36.05 -91.85
N THR SA 225 47.55 -35.68 -90.60
CA THR SA 225 48.30 -36.18 -89.47
C THR SA 225 48.01 -37.67 -89.24
N ASN SA 226 46.79 -38.10 -89.54
CA ASN SA 226 46.47 -39.52 -89.47
C ASN SA 226 47.05 -40.28 -90.66
N LEU SA 227 47.28 -39.59 -91.78
CA LEU SA 227 47.99 -40.19 -92.91
C LEU SA 227 49.42 -40.49 -92.52
N ASN SA 228 50.00 -39.61 -91.70
CA ASN SA 228 51.40 -39.69 -91.37
C ASN SA 228 51.68 -40.71 -90.27
N ARG SA 229 50.62 -41.22 -89.61
CA ARG SA 229 50.78 -42.29 -88.62
C ARG SA 229 51.25 -43.56 -89.31
N LEU SA 230 50.64 -43.82 -90.48
CA LEU SA 230 50.97 -45.00 -91.27
C LEU SA 230 52.42 -44.91 -91.77
N ILE SA 231 52.81 -43.71 -92.21
CA ILE SA 231 54.17 -43.48 -92.69
C ILE SA 231 55.17 -43.66 -91.55
N ALA SA 232 54.76 -43.30 -90.32
CA ALA SA 232 55.60 -43.53 -89.16
C ALA SA 232 55.83 -45.02 -88.94
N GLN SA 233 54.84 -45.83 -89.33
CA GLN SA 233 54.96 -47.28 -89.18
C GLN SA 233 55.97 -47.88 -90.15
N VAL SA 234 55.96 -47.44 -91.41
CA VAL SA 234 56.81 -48.04 -92.44
C VAL SA 234 58.26 -47.67 -92.19
N ILE SA 235 58.51 -46.45 -91.70
CA ILE SA 235 59.87 -46.01 -91.47
C ILE SA 235 60.45 -46.70 -90.23
N SER SA 236 59.64 -46.84 -89.18
CA SER SA 236 60.05 -47.55 -87.97
C SER SA 236 60.32 -49.02 -88.28
N SER SA 237 59.46 -49.64 -89.10
CA SER SA 237 59.61 -51.05 -89.47
C SER SA 237 60.87 -51.27 -90.31
N LEU SA 238 61.23 -50.24 -91.10
CA LEU SA 238 62.35 -50.38 -92.00
C LEU SA 238 63.67 -50.45 -91.24
N THR SA 239 63.81 -49.58 -90.23
CA THR SA 239 65.08 -49.40 -89.55
C THR SA 239 65.07 -50.02 -88.16
N ALA SA 240 64.02 -50.79 -87.84
CA ALA SA 240 63.96 -51.41 -86.51
C ALA SA 240 65.00 -52.51 -86.39
N SER SA 241 65.34 -53.14 -87.52
CA SER SA 241 66.22 -54.30 -87.53
C SER SA 241 67.62 -53.89 -87.06
N LEU SA 242 68.08 -52.70 -87.48
CA LEU SA 242 69.33 -52.19 -86.95
C LEU SA 242 69.15 -51.62 -85.54
N ARG SA 243 67.90 -51.30 -85.16
CA ARG SA 243 67.68 -50.71 -83.86
C ARG SA 243 67.65 -51.79 -82.79
N PHE SA 244 66.99 -52.91 -83.09
CA PHE SA 244 66.69 -53.92 -82.10
C PHE SA 244 67.17 -55.30 -82.56
N ASP SA 245 67.48 -56.13 -81.55
CA ASP SA 245 67.88 -57.51 -81.73
C ASP SA 245 66.74 -58.30 -82.33
N GLY SA 246 67.09 -59.27 -83.18
CA GLY SA 246 66.08 -60.11 -83.78
C GLY SA 246 66.65 -61.40 -84.33
N ALA SA 247 65.75 -62.23 -84.89
CA ALA SA 247 66.14 -63.52 -85.43
C ALA SA 247 66.99 -63.39 -86.71
N LEU SA 248 66.57 -62.54 -87.65
CA LEU SA 248 67.27 -62.36 -88.91
C LEU SA 248 67.15 -60.91 -89.34
N ASN SA 249 68.26 -60.17 -89.27
CA ASN SA 249 68.20 -58.71 -89.30
C ASN SA 249 68.79 -58.17 -90.61
N VAL SA 250 68.64 -56.86 -90.81
CA VAL SA 250 69.10 -56.20 -92.02
C VAL SA 250 69.42 -54.74 -91.71
N ASP SA 251 70.37 -54.18 -92.47
CA ASP SA 251 70.63 -52.75 -92.49
C ASP SA 251 70.24 -52.18 -93.85
N VAL SA 252 70.56 -50.90 -94.09
CA VAL SA 252 70.10 -50.27 -95.33
C VAL SA 252 71.10 -50.46 -96.47
N THR SA 253 72.34 -50.88 -96.16
CA THR SA 253 73.29 -51.15 -97.22
C THR SA 253 72.82 -52.35 -98.04
N GLU SA 254 72.37 -53.41 -97.35
CA GLU SA 254 71.96 -54.62 -98.05
C GLU SA 254 70.54 -54.45 -98.67
N PHE SA 255 69.87 -53.31 -98.39
CA PHE SA 255 68.72 -52.91 -99.18
C PHE SA 255 69.16 -52.49 -100.58
N GLN SA 256 70.28 -51.78 -100.65
CA GLN SA 256 70.75 -51.28 -101.93
C GLN SA 256 71.18 -52.46 -102.80
N THR SA 257 72.23 -53.18 -102.39
CA THR SA 257 72.90 -54.17 -103.23
C THR SA 257 72.00 -55.36 -103.61
N ASN SA 258 70.83 -55.50 -102.97
CA ASN SA 258 69.92 -56.58 -103.23
C ASN SA 258 68.78 -56.13 -104.15
N LEU SA 259 68.38 -54.85 -103.99
CA LEU SA 259 67.18 -54.37 -104.66
C LEU SA 259 67.50 -53.34 -105.75
N VAL SA 260 68.76 -53.26 -106.19
CA VAL SA 260 69.04 -52.54 -107.43
C VAL SA 260 69.75 -53.51 -108.38
N PRO SA 261 69.05 -54.00 -109.42
CA PRO SA 261 69.74 -54.63 -110.56
C PRO SA 261 70.70 -53.67 -111.29
N TYR SA 262 70.23 -52.46 -111.64
CA TYR SA 262 71.01 -51.55 -112.47
C TYR SA 262 70.97 -50.13 -111.89
N PRO SA 263 72.02 -49.28 -112.05
CA PRO SA 263 72.02 -47.93 -111.48
C PRO SA 263 70.89 -46.99 -111.87
N ARG SA 264 70.39 -47.08 -113.11
CA ARG SA 264 69.22 -46.30 -113.50
C ARG SA 264 67.96 -46.69 -112.75
N ILE SA 265 67.68 -48.00 -112.70
CA ILE SA 265 66.48 -48.50 -112.05
C ILE SA 265 66.70 -48.56 -110.53
N HIS SA 266 66.20 -47.56 -109.80
CA HIS SA 266 66.23 -47.60 -108.35
C HIS SA 266 64.96 -47.02 -107.73
N PHE SA 267 63.80 -47.47 -108.20
CA PHE SA 267 62.52 -46.99 -107.71
C PHE SA 267 61.71 -48.15 -107.13
N MET SA 268 60.79 -47.81 -106.21
CA MET SA 268 60.18 -48.77 -105.32
C MET SA 268 58.66 -48.67 -105.32
N LEU SA 269 58.02 -49.71 -104.74
CA LEU SA 269 56.60 -49.75 -104.43
C LEU SA 269 56.46 -50.48 -103.10
N SER SA 270 55.79 -49.88 -102.10
CA SER SA 270 55.89 -50.36 -100.73
C SER SA 270 54.52 -50.74 -100.16
N SER SA 271 54.54 -51.46 -99.03
CA SER SA 271 53.34 -51.86 -98.33
C SER SA 271 53.64 -52.15 -96.88
N TYR SA 272 52.56 -52.20 -96.09
CA TYR SA 272 52.66 -52.57 -94.70
C TYR SA 272 51.42 -53.38 -94.35
N ALA SA 273 51.60 -54.37 -93.49
CA ALA SA 273 50.55 -55.34 -93.19
C ALA SA 273 50.90 -56.00 -91.86
N PRO SA 274 49.95 -56.32 -90.96
CA PRO SA 274 48.54 -55.91 -91.09
C PRO SA 274 48.27 -54.47 -90.67
N ILE SA 275 47.46 -53.78 -91.48
CA ILE SA 275 47.04 -52.42 -91.18
C ILE SA 275 45.54 -52.44 -90.86
N ILE SA 276 45.22 -52.61 -89.57
CA ILE SA 276 43.87 -52.98 -89.20
C ILE SA 276 43.49 -52.32 -87.87
N SER SA 277 42.21 -51.92 -87.77
CA SER SA 277 41.68 -51.16 -86.64
C SER SA 277 41.63 -52.03 -85.39
N ALA SA 278 41.45 -51.40 -84.22
CA ALA SA 278 41.61 -52.05 -82.92
C ALA SA 278 40.52 -53.07 -82.60
N GLU SA 279 39.52 -53.17 -83.47
CA GLU SA 279 38.32 -53.92 -83.16
C GLU SA 279 38.04 -54.97 -84.21
N LYS SA 280 38.36 -54.68 -85.47
CA LYS SA 280 38.37 -55.73 -86.48
C LYS SA 280 39.54 -56.69 -86.24
N ALA SA 281 40.58 -56.22 -85.54
CA ALA SA 281 41.88 -56.89 -85.55
C ALA SA 281 41.84 -58.00 -84.53
N TYR SA 282 41.63 -57.58 -83.28
CA TYR SA 282 41.95 -58.52 -82.21
C TYR SA 282 40.97 -59.68 -82.14
N HIS SA 283 39.79 -59.48 -82.73
CA HIS SA 283 38.85 -60.57 -83.03
C HIS SA 283 39.42 -61.59 -84.01
N GLU SA 284 40.48 -61.22 -84.75
CA GLU SA 284 40.99 -62.08 -85.79
C GLU SA 284 42.41 -62.53 -85.44
N GLN SA 285 42.64 -63.84 -85.59
CA GLN SA 285 43.98 -64.41 -85.42
C GLN SA 285 44.77 -64.01 -86.66
N LEU SA 286 45.86 -63.29 -86.44
CA LEU SA 286 46.79 -62.91 -87.48
C LEU SA 286 47.82 -64.04 -87.65
N SER SA 287 47.68 -64.81 -88.74
CA SER SA 287 48.60 -65.89 -89.02
C SER SA 287 49.57 -65.45 -90.12
N VAL SA 288 50.82 -65.93 -90.03
CA VAL SA 288 51.88 -65.47 -90.89
C VAL SA 288 51.61 -65.86 -92.36
N ALA SA 289 50.82 -66.92 -92.58
CA ALA SA 289 50.41 -67.30 -93.92
C ALA SA 289 49.54 -66.21 -94.57
N GLU SA 290 48.54 -65.77 -93.83
CA GLU SA 290 47.52 -64.90 -94.40
C GLU SA 290 47.97 -63.44 -94.43
N ILE SA 291 48.89 -63.05 -93.55
CA ILE SA 291 49.40 -61.68 -93.61
C ILE SA 291 50.39 -61.55 -94.76
N THR SA 292 50.95 -62.69 -95.18
CA THR SA 292 51.83 -62.68 -96.34
C THR SA 292 51.00 -62.57 -97.62
N ASN SA 293 49.87 -63.29 -97.68
CA ASN SA 293 48.91 -63.13 -98.77
C ASN SA 293 48.37 -61.69 -98.78
N SER SA 294 48.25 -61.05 -97.62
CA SER SA 294 47.73 -59.69 -97.53
C SER SA 294 48.79 -58.68 -97.97
N ALA SA 295 50.06 -59.08 -97.93
CA ALA SA 295 51.16 -58.15 -98.21
C ALA SA 295 51.20 -57.83 -99.71
N PHE SA 296 51.09 -58.87 -100.55
CA PHE SA 296 51.22 -58.79 -101.99
C PHE SA 296 49.92 -58.40 -102.69
N GLU SA 297 48.80 -58.37 -101.97
CA GLU SA 297 47.54 -58.05 -102.61
C GLU SA 297 47.54 -56.56 -102.94
N PRO SA 298 47.12 -56.16 -104.17
CA PRO SA 298 47.35 -54.81 -104.66
C PRO SA 298 46.59 -53.72 -103.90
N ALA SA 299 45.50 -54.09 -103.20
CA ALA SA 299 44.76 -53.11 -102.44
C ALA SA 299 45.52 -52.70 -101.17
N SER SA 300 46.55 -53.46 -100.79
CA SER SA 300 47.44 -53.09 -99.70
C SER SA 300 48.70 -52.39 -100.21
N MET SA 301 48.76 -52.10 -101.52
CA MET SA 301 49.87 -51.33 -102.08
C MET SA 301 49.83 -49.90 -101.53
N MET SA 302 50.98 -49.23 -101.51
CA MET SA 302 51.02 -47.87 -100.98
C MET SA 302 51.55 -46.87 -102.02
N ALA SA 303 51.12 -47.04 -103.28
CA ALA SA 303 51.46 -46.06 -104.30
C ALA SA 303 50.44 -45.99 -105.43
N LYS SA 304 49.37 -46.79 -105.37
CA LYS SA 304 48.32 -46.84 -106.40
C LYS SA 304 48.91 -47.20 -107.77
N CYS SA 305 49.62 -48.33 -107.79
CA CYS SA 305 50.30 -48.81 -108.99
C CYS SA 305 49.93 -50.27 -109.21
N ASP SA 306 49.31 -50.54 -110.36
CA ASP SA 306 48.80 -51.87 -110.64
C ASP SA 306 49.96 -52.84 -110.89
N PRO SA 307 50.09 -53.91 -110.09
CA PRO SA 307 51.18 -54.86 -110.28
C PRO SA 307 50.92 -55.99 -111.29
N ARG SA 308 49.72 -56.04 -111.86
CA ARG SA 308 49.44 -57.15 -112.79
C ARG SA 308 50.11 -56.93 -114.13
N HIS SA 309 50.17 -55.69 -114.61
CA HIS SA 309 50.73 -55.42 -115.92
C HIS SA 309 52.22 -55.06 -115.84
N GLY SA 310 52.88 -55.48 -114.76
CA GLY SA 310 54.32 -55.34 -114.59
C GLY SA 310 54.91 -56.68 -114.15
N LYS SA 311 56.22 -56.70 -113.95
CA LYS SA 311 56.88 -57.85 -113.35
C LYS SA 311 57.63 -57.40 -112.10
N TYR SA 312 57.47 -58.16 -111.00
CA TYR SA 312 58.22 -57.97 -109.76
C TYR SA 312 59.68 -58.39 -109.98
N MET SA 313 60.55 -57.36 -110.04
CA MET SA 313 61.98 -57.63 -110.25
C MET SA 313 62.57 -58.26 -109.00
N ALA SA 314 62.21 -57.67 -107.85
CA ALA SA 314 62.74 -58.08 -106.55
C ALA SA 314 61.72 -57.75 -105.46
N CYS SA 315 61.72 -58.56 -104.39
CA CYS SA 315 60.89 -58.29 -103.22
C CYS SA 315 61.71 -58.43 -101.95
N CYS SA 316 61.34 -57.65 -100.94
CA CYS SA 316 61.98 -57.67 -99.64
C CYS SA 316 60.90 -57.51 -98.58
N LEU SA 317 60.75 -58.53 -97.74
CA LEU SA 317 59.65 -58.62 -96.79
C LEU SA 317 60.22 -58.60 -95.37
N MET SA 318 60.03 -57.48 -94.68
CA MET SA 318 60.54 -57.32 -93.32
C MET SA 318 59.42 -57.60 -92.32
N TYR SA 319 59.64 -58.61 -91.48
CA TYR SA 319 58.69 -59.00 -90.45
C TYR SA 319 59.17 -58.46 -89.12
N ARG SA 320 58.19 -58.18 -88.29
CA ARG SA 320 58.41 -57.90 -86.89
C ARG SA 320 57.54 -58.86 -86.09
N GLY SA 321 57.92 -59.03 -84.83
CA GLY SA 321 57.10 -59.73 -83.86
C GLY SA 321 57.57 -61.16 -83.64
N ASP SA 322 56.60 -62.03 -83.39
CA ASP SA 322 56.83 -63.38 -82.90
C ASP SA 322 56.93 -64.38 -84.06
N VAL SA 323 57.67 -64.03 -85.12
CA VAL SA 323 57.73 -64.90 -86.28
C VAL SA 323 58.98 -65.78 -86.20
N VAL SA 324 58.80 -67.06 -85.86
CA VAL SA 324 59.91 -68.01 -85.84
C VAL SA 324 60.26 -68.36 -87.29
N PRO SA 325 61.55 -68.29 -87.71
CA PRO SA 325 61.88 -68.19 -89.14
C PRO SA 325 61.68 -69.39 -90.07
N LYS SA 326 61.02 -70.46 -89.61
CA LYS SA 326 60.62 -71.51 -90.52
C LYS SA 326 59.27 -71.30 -91.17
N ASP SA 327 58.29 -70.72 -90.49
CA ASP SA 327 56.97 -70.61 -91.08
C ASP SA 327 56.95 -69.58 -92.21
N VAL SA 328 57.86 -68.59 -92.13
CA VAL SA 328 58.03 -67.60 -93.18
C VAL SA 328 58.54 -68.28 -94.44
N ASN SA 329 59.38 -69.29 -94.29
CA ASN SA 329 59.96 -70.02 -95.41
C ASN SA 329 58.90 -70.86 -96.11
N ALA SA 330 58.01 -71.48 -95.32
CA ALA SA 330 56.96 -72.32 -95.88
C ALA SA 330 55.92 -71.45 -96.59
N ALA SA 331 55.62 -70.28 -95.98
CA ALA SA 331 54.59 -69.39 -96.48
C ALA SA 331 55.02 -68.80 -97.83
N VAL SA 332 56.29 -68.36 -97.91
CA VAL SA 332 56.84 -67.73 -99.10
C VAL SA 332 57.00 -68.75 -100.22
N ALA SA 333 57.13 -70.04 -99.86
CA ALA SA 333 57.24 -71.10 -100.86
C ALA SA 333 55.95 -71.22 -101.68
N THR SA 334 54.83 -71.15 -100.96
CA THR SA 334 53.52 -71.17 -101.62
C THR SA 334 53.33 -69.93 -102.49
N ILE SA 335 53.91 -68.80 -102.06
CA ILE SA 335 53.92 -67.56 -102.83
C ILE SA 335 54.67 -67.75 -104.15
N LYS SA 336 55.80 -68.48 -104.12
CA LYS SA 336 56.53 -68.81 -105.32
C LYS SA 336 55.68 -69.66 -106.26
N THR SA 337 54.88 -70.55 -105.67
CA THR SA 337 54.02 -71.40 -106.48
C THR SA 337 52.83 -70.60 -107.03
N LYS SA 338 52.41 -69.53 -106.33
CA LYS SA 338 51.24 -68.74 -106.68
C LYS SA 338 51.53 -67.96 -107.95
N ARG SA 339 50.57 -68.00 -108.87
CA ARG SA 339 50.78 -67.48 -110.21
C ARG SA 339 49.99 -66.19 -110.45
N THR SA 340 49.96 -65.30 -109.45
CA THR SA 340 49.43 -63.95 -109.66
C THR SA 340 50.41 -62.88 -109.22
N ILE SA 341 51.61 -63.34 -108.84
CA ILE SA 341 52.71 -62.45 -108.52
C ILE SA 341 53.86 -62.90 -109.41
N GLN SA 342 53.93 -62.29 -110.60
CA GLN SA 342 54.78 -62.80 -111.67
C GLN SA 342 56.18 -62.22 -111.55
N PHE SA 343 57.18 -63.12 -111.58
CA PHE SA 343 58.55 -62.68 -111.40
C PHE SA 343 59.18 -62.47 -112.76
N VAL SA 344 60.48 -62.18 -112.73
CA VAL SA 344 61.24 -62.07 -113.95
C VAL SA 344 62.05 -63.37 -114.06
N ASP SA 345 62.26 -63.80 -115.31
CA ASP SA 345 62.89 -65.08 -115.59
C ASP SA 345 64.36 -65.06 -115.16
N TRP SA 346 65.01 -63.89 -115.18
CA TRP SA 346 66.44 -63.83 -114.90
C TRP SA 346 66.76 -63.62 -113.42
N CYS SA 347 65.74 -63.61 -112.55
CA CYS SA 347 65.95 -63.50 -111.11
C CYS SA 347 65.12 -64.58 -110.40
N PRO SA 348 65.63 -65.84 -110.29
CA PRO SA 348 64.96 -66.88 -109.52
C PRO SA 348 64.85 -66.64 -108.02
N THR SA 349 65.90 -66.14 -107.36
CA THR SA 349 65.77 -65.87 -105.94
C THR SA 349 64.90 -64.62 -105.78
N GLY SA 350 63.68 -64.79 -105.25
CA GLY SA 350 62.58 -63.83 -105.43
C GLY SA 350 62.46 -62.86 -104.26
N PHE SA 351 63.00 -63.26 -103.10
CA PHE SA 351 62.66 -62.57 -101.85
C PHE SA 351 63.91 -62.41 -101.01
N LYS SA 352 63.79 -61.47 -100.09
CA LYS SA 352 64.64 -61.42 -98.94
C LYS SA 352 63.74 -61.31 -97.73
N CYS SA 353 63.98 -62.20 -96.77
CA CYS SA 353 63.11 -62.31 -95.61
C CYS SA 353 63.92 -61.93 -94.36
N GLY SA 354 63.31 -61.17 -93.45
CA GLY SA 354 64.00 -60.66 -92.27
C GLY SA 354 63.03 -60.43 -91.14
N ILE SA 355 63.42 -60.78 -89.92
CA ILE SA 355 62.52 -60.85 -88.79
C ILE SA 355 63.15 -60.11 -87.61
N ASN SA 356 62.35 -59.31 -86.93
CA ASN SA 356 62.77 -58.62 -85.72
C ASN SA 356 61.86 -59.03 -84.56
N TYR SA 357 62.29 -58.83 -83.30
CA TYR SA 357 61.60 -59.34 -82.13
C TYR SA 357 60.46 -58.43 -81.70
N GLN SA 358 60.88 -57.21 -81.42
CA GLN SA 358 60.09 -56.21 -80.70
C GLN SA 358 58.84 -55.88 -81.52
N PRO SA 359 57.63 -56.13 -80.94
CA PRO SA 359 56.38 -55.87 -81.65
C PRO SA 359 56.19 -54.37 -81.83
N PRO SA 360 55.53 -53.91 -82.91
CA PRO SA 360 55.48 -52.48 -83.21
C PRO SA 360 54.71 -51.68 -82.19
N THR SA 361 55.41 -50.77 -81.48
CA THR SA 361 54.76 -50.08 -80.38
C THR SA 361 53.81 -49.06 -80.96
N VAL SA 362 52.51 -49.30 -80.75
CA VAL SA 362 51.46 -48.49 -81.33
C VAL SA 362 51.44 -47.15 -80.63
N VAL SA 363 51.37 -46.08 -81.43
CA VAL SA 363 51.13 -44.75 -80.89
C VAL SA 363 49.72 -44.77 -80.29
N PRO SA 364 49.54 -44.31 -79.05
CA PRO SA 364 48.20 -44.29 -78.46
C PRO SA 364 47.24 -43.38 -79.22
N GLY SA 365 45.97 -43.80 -79.21
CA GLY SA 365 44.87 -43.09 -79.84
C GLY SA 365 44.91 -43.13 -81.36
N GLY SA 366 45.85 -43.90 -81.94
CA GLY SA 366 45.97 -44.05 -83.40
C GLY SA 366 44.96 -45.08 -83.90
N ASP SA 367 45.32 -45.78 -84.98
CA ASP SA 367 44.32 -46.63 -85.63
C ASP SA 367 44.81 -48.07 -85.81
N LEU SA 368 45.87 -48.46 -85.10
CA LEU SA 368 46.28 -49.86 -85.14
C LEU SA 368 45.81 -50.60 -83.88
N ALA SA 369 45.92 -51.94 -83.88
CA ALA SA 369 45.81 -52.74 -82.67
C ALA SA 369 47.20 -53.16 -82.21
N LYS SA 370 47.30 -53.70 -80.99
CA LYS SA 370 48.54 -54.37 -80.61
C LYS SA 370 48.64 -55.66 -81.41
N VAL SA 371 49.51 -55.66 -82.41
CA VAL SA 371 49.72 -56.85 -83.22
C VAL SA 371 51.06 -57.44 -82.82
N MET SA 372 51.08 -58.76 -82.67
CA MET SA 372 52.32 -59.43 -82.35
C MET SA 372 53.05 -59.82 -83.64
N ARG SA 373 52.62 -59.33 -84.81
CA ARG SA 373 53.37 -59.53 -86.05
C ARG SA 373 53.05 -58.39 -87.01
N ALA SA 374 54.04 -58.01 -87.82
CA ALA SA 374 53.88 -56.98 -88.85
C ALA SA 374 54.84 -57.25 -90.01
N VAL SA 375 54.39 -57.01 -91.24
CA VAL SA 375 55.21 -57.17 -92.43
C VAL SA 375 55.35 -55.83 -93.11
N CYS SA 376 56.57 -55.46 -93.47
CA CYS SA 376 56.84 -54.29 -94.29
C CYS SA 376 57.51 -54.75 -95.58
N MET SA 377 56.85 -54.51 -96.71
CA MET SA 377 57.25 -55.06 -97.99
C MET SA 377 57.67 -53.92 -98.93
N ILE SA 378 58.82 -54.10 -99.59
CA ILE SA 378 59.33 -53.14 -100.57
C ILE SA 378 59.72 -53.93 -101.82
N SER SA 379 59.27 -53.42 -102.97
CA SER SA 379 59.46 -54.12 -104.23
C SER SA 379 60.14 -53.26 -105.28
N ASN SA 380 60.98 -53.90 -106.10
CA ASN SA 380 61.22 -53.43 -107.45
C ASN SA 380 60.16 -54.06 -108.35
N SER SA 381 59.64 -53.24 -109.25
CA SER SA 381 58.76 -53.74 -110.28
C SER SA 381 58.83 -52.84 -111.50
N THR SA 382 58.61 -53.45 -112.67
CA THR SA 382 58.49 -52.72 -113.91
C THR SA 382 57.07 -52.21 -114.11
N ALA SA 383 56.27 -52.27 -113.05
CA ALA SA 383 55.00 -51.55 -113.02
C ALA SA 383 55.24 -50.05 -112.87
N ILE SA 384 56.46 -49.64 -112.53
CA ILE SA 384 56.83 -48.23 -112.42
C ILE SA 384 56.74 -47.55 -113.79
N ALA SA 385 56.73 -48.35 -114.87
CA ALA SA 385 56.53 -47.82 -116.22
C ALA SA 385 55.16 -47.14 -116.36
N GLU SA 386 54.19 -47.50 -115.50
CA GLU SA 386 52.86 -46.90 -115.57
C GLU SA 386 52.85 -45.53 -114.91
N VAL SA 387 53.67 -45.33 -113.89
CA VAL SA 387 53.56 -44.11 -113.09
C VAL SA 387 54.30 -42.97 -113.77
N PHE SA 388 55.19 -43.29 -114.73
CA PHE SA 388 55.89 -42.25 -115.46
C PHE SA 388 55.36 -42.04 -116.87
N SER SA 389 54.80 -43.10 -117.49
CA SER SA 389 54.30 -42.97 -118.85
C SER SA 389 53.04 -42.10 -118.89
N ARG SA 390 52.23 -42.15 -117.81
CA ARG SA 390 51.15 -41.20 -117.63
C ARG SA 390 51.72 -39.80 -117.38
N MET SA 391 52.84 -39.73 -116.65
CA MET SA 391 53.35 -38.45 -116.16
C MET SA 391 54.10 -37.74 -117.29
N ASP SA 392 54.78 -38.51 -118.14
CA ASP SA 392 55.47 -37.96 -119.29
C ASP SA 392 54.49 -37.40 -120.31
N HIS SA 393 53.29 -38.01 -120.37
CA HIS SA 393 52.22 -37.54 -121.22
C HIS SA 393 51.74 -36.17 -120.73
N LYS SA 394 51.57 -36.07 -119.41
CA LYS SA 394 50.99 -34.89 -118.78
C LYS SA 394 51.92 -33.69 -118.91
N PHE SA 395 53.24 -33.93 -119.02
CA PHE SA 395 54.20 -32.86 -119.23
C PHE SA 395 54.14 -32.36 -120.68
N ASP SA 396 53.87 -33.27 -121.63
CA ASP SA 396 53.95 -32.92 -123.05
C ASP SA 396 52.96 -31.81 -123.39
N LEU SA 397 51.72 -31.99 -122.95
CA LEU SA 397 50.72 -31.02 -123.34
C LEU SA 397 50.89 -29.73 -122.53
N MET SA 398 51.69 -29.78 -121.46
CA MET SA 398 52.07 -28.58 -120.70
C MET SA 398 53.02 -27.70 -121.51
N TYR SA 399 54.21 -28.25 -121.78
CA TYR SA 399 55.38 -27.54 -122.25
C TYR SA 399 55.25 -27.05 -123.70
N ALA SA 400 54.54 -27.83 -124.54
CA ALA SA 400 54.49 -27.60 -125.98
C ALA SA 400 53.81 -26.28 -126.32
N LYS SA 401 53.03 -25.75 -125.36
CA LYS SA 401 52.35 -24.47 -125.56
C LYS SA 401 52.85 -23.45 -124.55
N ARG SA 402 54.11 -23.61 -124.11
CA ARG SA 402 54.83 -22.58 -123.37
C ARG SA 402 54.11 -22.17 -122.08
N ALA SA 403 53.35 -23.14 -121.54
CA ALA SA 403 52.50 -22.82 -120.40
C ALA SA 403 53.36 -22.61 -119.15
N PHE SA 404 53.06 -21.52 -118.42
CA PHE SA 404 53.63 -21.18 -117.14
C PHE SA 404 55.16 -20.97 -117.17
N VAL SA 405 55.72 -20.76 -118.38
CA VAL SA 405 57.16 -20.75 -118.63
C VAL SA 405 57.87 -19.60 -117.92
N HIS SA 406 57.18 -18.45 -117.99
CA HIS SA 406 57.80 -17.19 -117.63
C HIS SA 406 58.04 -17.16 -116.13
N TRP SA 407 57.23 -17.88 -115.34
CA TRP SA 407 57.50 -17.98 -113.91
C TRP SA 407 58.74 -18.85 -113.60
N TYR SA 408 59.19 -19.62 -114.60
CA TYR SA 408 60.36 -20.46 -114.39
C TYR SA 408 61.63 -19.84 -114.93
N VAL SA 409 61.58 -19.39 -116.18
CA VAL SA 409 62.74 -18.84 -116.87
C VAL SA 409 63.13 -17.49 -116.29
N GLY SA 410 62.28 -16.88 -115.48
CA GLY SA 410 62.49 -15.49 -115.07
C GLY SA 410 63.61 -15.32 -114.03
N GLU SA 411 63.90 -16.36 -113.26
CA GLU SA 411 64.63 -16.18 -112.00
C GLU SA 411 65.93 -16.99 -111.94
N GLY SA 412 66.46 -17.43 -113.08
CA GLY SA 412 67.84 -17.89 -113.04
C GLY SA 412 68.16 -19.06 -113.99
N MET SA 413 67.19 -19.95 -114.22
CA MET SA 413 67.40 -21.00 -115.19
C MET SA 413 66.74 -20.61 -116.51
N GLU SA 414 67.12 -21.31 -117.58
CA GLU SA 414 66.56 -21.04 -118.89
C GLU SA 414 65.81 -22.27 -119.38
N GLU SA 415 65.20 -22.08 -120.54
CA GLU SA 415 64.47 -23.13 -121.23
C GLU SA 415 65.48 -24.14 -121.75
N GLY SA 416 65.05 -25.37 -122.00
CA GLY SA 416 65.98 -26.38 -122.49
C GLY SA 416 66.39 -27.34 -121.36
N GLU SA 417 66.49 -26.77 -120.16
CA GLU SA 417 66.54 -27.58 -118.94
C GLU SA 417 65.29 -28.47 -118.87
N PHE SA 418 64.15 -27.91 -119.29
CA PHE SA 418 62.94 -28.68 -119.50
C PHE SA 418 63.15 -29.73 -120.60
N SER SA 419 63.81 -29.35 -121.69
CA SER SA 419 64.01 -30.26 -122.81
C SER SA 419 65.03 -31.34 -122.45
N GLU SA 420 66.05 -30.98 -121.65
CA GLU SA 420 67.07 -31.94 -121.24
C GLU SA 420 66.48 -32.93 -120.22
N ALA SA 421 65.65 -32.41 -119.31
CA ALA SA 421 65.06 -33.26 -118.26
C ALA SA 421 64.06 -34.24 -118.87
N ARG SA 422 63.30 -33.80 -119.90
CA ARG SA 422 62.28 -34.63 -120.52
C ARG SA 422 62.93 -35.78 -121.31
N GLU SA 423 64.03 -35.51 -122.02
CA GLU SA 423 64.70 -36.56 -122.77
C GLU SA 423 65.42 -37.53 -121.82
N ASP SA 424 65.93 -37.01 -120.70
CA ASP SA 424 66.57 -37.85 -119.69
C ASP SA 424 65.52 -38.78 -119.08
N LEU SA 425 64.33 -38.23 -118.78
CA LEU SA 425 63.20 -39.02 -118.26
C LEU SA 425 62.76 -40.03 -119.30
N ALA SA 426 62.71 -39.61 -120.58
CA ALA SA 426 62.23 -40.46 -121.66
C ALA SA 426 63.17 -41.67 -121.87
N ALA SA 427 64.46 -41.51 -121.53
CA ALA SA 427 65.38 -42.63 -121.56
C ALA SA 427 65.00 -43.71 -120.54
N LEU SA 428 64.42 -43.28 -119.41
CA LEU SA 428 64.18 -44.20 -118.31
C LEU SA 428 63.02 -45.17 -118.61
N GLU SA 429 62.00 -44.74 -119.37
CA GLU SA 429 60.97 -45.69 -119.78
C GLU SA 429 61.51 -46.70 -120.79
N LYS SA 430 62.49 -46.32 -121.65
CA LYS SA 430 63.22 -47.30 -122.45
C LYS SA 430 63.97 -48.28 -121.52
N ASP SA 431 64.52 -47.74 -120.43
CA ASP SA 431 65.34 -48.51 -119.51
C ASP SA 431 64.49 -49.56 -118.79
N TYR SA 432 63.24 -49.24 -118.48
CA TYR SA 432 62.38 -50.19 -117.79
C TYR SA 432 61.85 -51.23 -118.75
N GLU SA 433 61.53 -50.85 -119.98
CA GLU SA 433 60.93 -51.81 -120.89
C GLU SA 433 61.97 -52.82 -121.37
N GLU SA 434 63.23 -52.38 -121.48
CA GLU SA 434 64.32 -53.27 -121.88
C GLU SA 434 64.61 -54.28 -120.77
N VAL SA 435 64.44 -53.86 -119.52
CA VAL SA 435 64.57 -54.74 -118.38
C VAL SA 435 63.40 -55.74 -118.34
N GLY SA 436 62.20 -55.24 -118.68
CA GLY SA 436 60.91 -55.88 -118.49
C GLY SA 436 60.71 -57.16 -119.29
N ILE SA 437 61.53 -57.34 -120.33
CA ILE SA 437 61.46 -58.57 -121.10
C ILE SA 437 62.87 -58.96 -121.54
N MET TA 1 59.55 -11.13 -90.25
CA MET TA 1 58.87 -12.21 -91.01
C MET TA 1 58.16 -11.61 -92.23
N ARG TA 2 56.87 -11.93 -92.39
CA ARG TA 2 56.12 -11.50 -93.56
C ARG TA 2 55.13 -10.41 -93.15
N GLU TA 3 55.03 -9.35 -93.98
CA GLU TA 3 53.97 -8.36 -93.84
C GLU TA 3 53.31 -8.09 -95.19
N ILE TA 4 52.04 -7.71 -95.13
CA ILE TA 4 51.29 -7.23 -96.28
C ILE TA 4 50.88 -5.79 -96.03
N VAL TA 5 51.27 -4.91 -96.95
CA VAL TA 5 50.97 -3.50 -96.81
C VAL TA 5 49.67 -3.23 -97.57
N HIS TA 6 48.72 -2.58 -96.88
CA HIS TA 6 47.35 -2.45 -97.34
C HIS TA 6 47.06 -0.99 -97.69
N VAL TA 7 46.91 -0.71 -98.99
CA VAL TA 7 46.85 0.66 -99.45
C VAL TA 7 45.47 0.91 -100.02
N GLN TA 8 44.85 1.98 -99.55
CA GLN TA 8 43.47 2.31 -99.86
C GLN TA 8 43.42 3.55 -100.75
N GLY TA 9 42.52 3.50 -101.75
CA GLY TA 9 42.34 4.60 -102.68
C GLY TA 9 40.86 4.82 -103.02
N GLY TA 10 40.43 6.08 -102.98
CA GLY TA 10 39.10 6.42 -103.45
C GLY TA 10 38.04 6.30 -102.37
N GLN TA 11 36.82 6.74 -102.69
CA GLN TA 11 35.72 6.61 -101.76
C GLN TA 11 35.24 5.17 -101.68
N CYS TA 12 35.11 4.51 -102.84
CA CYS TA 12 34.60 3.15 -102.85
C CYS TA 12 35.57 2.18 -102.13
N GLY TA 13 36.88 2.36 -102.40
CA GLY TA 13 37.91 1.65 -101.67
C GLY TA 13 37.75 1.84 -100.16
N ASN TA 14 37.66 3.10 -99.75
CA ASN TA 14 37.73 3.48 -98.35
C ASN TA 14 36.51 3.01 -97.56
N GLN TA 15 35.35 2.93 -98.24
CA GLN TA 15 34.16 2.35 -97.62
C GLN TA 15 34.35 0.84 -97.45
N ILE TA 16 34.89 0.22 -98.52
CA ILE TA 16 35.22 -1.20 -98.46
C ILE TA 16 36.33 -1.45 -97.41
N GLY TA 17 37.39 -0.62 -97.50
CA GLY TA 17 38.60 -0.78 -96.68
C GLY TA 17 38.35 -0.60 -95.18
N ALA TA 18 37.25 0.09 -94.84
CA ALA TA 18 36.86 0.20 -93.44
C ALA TA 18 36.49 -1.18 -92.88
N LYS TA 19 35.84 -2.01 -93.71
CA LYS TA 19 35.39 -3.32 -93.26
C LYS TA 19 36.53 -4.32 -93.10
N PHE TA 20 37.56 -4.21 -93.92
CA PHE TA 20 38.77 -4.99 -93.68
C PHE TA 20 39.38 -4.69 -92.30
N TRP TA 21 39.32 -3.41 -91.91
CA TRP TA 21 39.81 -3.12 -90.58
C TRP TA 21 38.73 -3.30 -89.52
N GLU TA 22 37.67 -3.98 -89.93
CA GLU TA 22 36.68 -4.45 -88.97
C GLU TA 22 36.72 -5.98 -88.90
N VAL TA 23 36.83 -6.68 -90.04
CA VAL TA 23 36.76 -8.14 -90.05
C VAL TA 23 38.07 -8.74 -89.55
N ILE TA 24 39.17 -8.07 -89.86
CA ILE TA 24 40.43 -8.60 -89.37
C ILE TA 24 40.62 -8.17 -87.91
N SER TA 25 39.89 -7.14 -87.50
CA SER TA 25 40.01 -6.64 -86.13
C SER TA 25 39.46 -7.64 -85.12
N ASP TA 26 38.26 -8.15 -85.40
CA ASP TA 26 37.61 -9.00 -84.42
C ASP TA 26 38.04 -10.46 -84.59
N GLU TA 27 38.57 -10.81 -85.78
CA GLU TA 27 39.12 -12.14 -85.97
C GLU TA 27 40.33 -12.30 -85.07
N HIS TA 28 41.17 -11.27 -85.07
CA HIS TA 28 42.38 -11.24 -84.26
C HIS TA 28 42.08 -10.65 -82.87
N GLY TA 29 40.87 -10.14 -82.65
CA GLY TA 29 40.45 -9.68 -81.32
C GLY TA 29 41.25 -8.46 -80.83
N ILE TA 30 41.46 -7.54 -81.78
CA ILE TA 30 42.08 -6.27 -81.42
C ILE TA 30 40.96 -5.35 -80.96
N ASP TA 31 41.26 -4.52 -79.97
CA ASP TA 31 40.25 -3.62 -79.43
C ASP TA 31 40.39 -2.28 -80.15
N PRO TA 32 39.31 -1.64 -80.66
CA PRO TA 32 39.44 -0.32 -81.28
C PRO TA 32 40.01 0.81 -80.42
N THR TA 33 40.16 0.55 -79.13
CA THR TA 33 40.96 1.45 -78.31
C THR TA 33 42.46 1.19 -78.50
N GLY TA 34 42.81 0.04 -79.11
CA GLY TA 34 44.19 -0.28 -79.45
C GLY TA 34 44.64 -1.64 -78.93
N THR TA 35 44.13 -2.04 -77.76
CA THR TA 35 44.70 -3.17 -77.03
C THR TA 35 44.09 -4.50 -77.51
N TYR TA 36 44.49 -5.54 -76.77
CA TYR TA 36 44.14 -6.91 -77.08
C TYR TA 36 43.33 -7.52 -75.93
N CYS TA 37 42.21 -8.16 -76.31
CA CYS TA 37 41.50 -9.00 -75.38
C CYS TA 37 40.96 -10.22 -76.13
N GLY TA 38 41.06 -11.34 -75.41
CA GLY TA 38 40.64 -12.65 -75.86
C GLY TA 38 41.62 -13.73 -75.44
N ASP TA 39 42.72 -13.32 -74.77
CA ASP TA 39 43.72 -14.09 -74.03
C ASP TA 39 44.03 -15.47 -74.63
N SER TA 40 44.32 -15.50 -75.94
CA SER TA 40 44.74 -16.72 -76.62
C SER TA 40 45.91 -16.41 -77.53
N ASP TA 41 46.76 -17.41 -77.68
CA ASP TA 41 47.95 -17.30 -78.49
C ASP TA 41 47.63 -17.15 -79.97
N LEU TA 42 46.77 -18.01 -80.52
CA LEU TA 42 46.78 -18.33 -81.95
C LEU TA 42 46.44 -17.10 -82.81
N GLN TA 43 45.74 -16.13 -82.22
CA GLN TA 43 45.51 -14.86 -82.91
C GLN TA 43 46.79 -14.04 -82.87
N LEU TA 44 47.44 -14.02 -81.70
CA LEU TA 44 48.59 -13.13 -81.50
C LEU TA 44 49.86 -13.67 -82.15
N GLU TA 45 49.85 -14.93 -82.59
CA GLU TA 45 51.03 -15.58 -83.14
C GLU TA 45 51.48 -14.87 -84.43
N ARG TA 46 50.57 -14.76 -85.38
CA ARG TA 46 50.90 -14.19 -86.68
C ARG TA 46 50.07 -12.92 -86.81
N ILE TA 47 50.60 -11.81 -86.26
CA ILE TA 47 49.87 -10.54 -86.25
C ILE TA 47 50.65 -9.42 -86.93
N ASN TA 48 51.96 -9.60 -87.09
CA ASN TA 48 52.80 -8.63 -87.75
C ASN TA 48 52.46 -8.53 -89.25
N VAL TA 49 51.72 -9.52 -89.76
CA VAL TA 49 51.32 -9.60 -91.14
C VAL TA 49 50.37 -8.44 -91.49
N PHE TA 50 49.70 -7.87 -90.48
CA PHE TA 50 48.78 -6.78 -90.76
C PHE TA 50 48.86 -5.64 -89.74
N TYR TA 51 49.58 -5.82 -88.62
CA TYR TA 51 49.58 -4.81 -87.58
C TYR TA 51 50.99 -4.50 -87.11
N ASN TA 52 51.10 -3.45 -86.29
CA ASN TA 52 52.40 -2.96 -85.88
C ASN TA 52 52.36 -2.55 -84.41
N GLU TA 53 53.46 -2.80 -83.71
CA GLU TA 53 53.60 -2.43 -82.32
C GLU TA 53 53.79 -0.92 -82.20
N ALA TA 54 53.35 -0.35 -81.08
CA ALA TA 54 53.34 1.10 -80.92
C ALA TA 54 53.70 1.51 -79.49
N THR TA 55 54.41 0.64 -78.75
CA THR TA 55 55.00 0.96 -77.45
C THR TA 55 53.97 1.41 -76.41
N GLY TA 56 52.74 0.97 -76.58
CA GLY TA 56 51.76 1.05 -75.52
C GLY TA 56 51.00 -0.28 -75.50
N GLY TA 57 51.53 -1.23 -76.28
CA GLY TA 57 50.86 -2.49 -76.53
C GLY TA 57 49.78 -2.41 -77.62
N ARG TA 58 49.56 -1.23 -78.18
CA ARG TA 58 48.51 -1.00 -79.14
C ARG TA 58 49.00 -1.34 -80.55
N PHE TA 59 48.04 -1.63 -81.43
CA PHE TA 59 48.33 -2.16 -82.75
C PHE TA 59 47.81 -1.21 -83.80
N VAL TA 60 48.73 -0.47 -84.38
CA VAL TA 60 48.41 0.39 -85.50
C VAL TA 60 48.44 -0.43 -86.78
N PRO TA 61 47.38 -0.35 -87.62
CA PRO TA 61 47.39 -1.04 -88.91
C PRO TA 61 48.42 -0.48 -89.89
N ARG TA 62 49.04 -1.37 -90.67
CA ARG TA 62 49.94 -0.99 -91.74
C ARG TA 62 49.12 -0.67 -92.97
N ALA TA 63 48.36 0.43 -92.88
CA ALA TA 63 47.43 0.84 -93.89
C ALA TA 63 47.80 2.23 -94.39
N ILE TA 64 47.67 2.38 -95.71
CA ILE TA 64 47.92 3.64 -96.38
C ILE TA 64 46.58 4.10 -96.97
N LEU TA 65 46.17 5.31 -96.57
CA LEU TA 65 44.83 5.78 -96.83
C LEU TA 65 44.93 7.04 -97.69
N MET TA 66 44.74 6.90 -99.01
CA MET TA 66 44.85 8.04 -99.90
C MET TA 66 43.52 8.30 -100.58
N ASP TA 67 43.20 9.60 -100.67
CA ASP TA 67 42.06 10.08 -101.42
C ASP TA 67 42.31 11.55 -101.71
N LEU TA 68 41.59 12.05 -102.70
CA LEU TA 68 41.74 13.43 -103.12
C LEU TA 68 40.69 14.35 -102.51
N GLU TA 69 39.84 13.80 -101.62
CA GLU TA 69 38.85 14.60 -100.91
C GLU TA 69 38.88 14.18 -99.44
N PRO TA 70 38.59 15.09 -98.50
CA PRO TA 70 38.50 14.72 -97.09
C PRO TA 70 37.18 14.13 -96.61
N GLY TA 71 36.16 14.09 -97.48
CA GLY TA 71 34.82 13.68 -97.08
C GLY TA 71 34.75 12.22 -96.58
N THR TA 72 35.39 11.34 -97.37
CA THR TA 72 35.46 9.93 -97.02
C THR TA 72 36.40 9.72 -95.83
N MET TA 73 37.42 10.59 -95.74
CA MET TA 73 38.42 10.54 -94.69
C MET TA 73 37.80 10.88 -93.33
N ASP TA 74 36.81 11.78 -93.34
CA ASP TA 74 36.07 12.12 -92.14
C ASP TA 74 35.28 10.90 -91.68
N SER TA 75 34.73 10.13 -92.63
CA SER TA 75 33.87 9.00 -92.28
C SER TA 75 34.65 7.85 -91.67
N VAL TA 76 35.95 7.79 -91.97
CA VAL TA 76 36.75 6.69 -91.48
C VAL TA 76 37.07 6.86 -90.00
N ARG TA 77 37.66 8.00 -89.63
CA ARG TA 77 38.15 8.18 -88.26
C ARG TA 77 37.03 8.56 -87.28
N ALA TA 78 35.82 8.73 -87.79
CA ALA TA 78 34.67 9.08 -86.96
C ALA TA 78 33.93 7.83 -86.46
N GLY TA 79 33.86 6.79 -87.29
CA GLY TA 79 33.01 5.66 -87.02
C GLY TA 79 33.63 4.71 -85.99
N PRO TA 80 33.10 3.48 -85.83
CA PRO TA 80 33.76 2.48 -85.00
C PRO TA 80 35.00 1.99 -85.73
N PHE TA 81 35.97 1.51 -84.96
CA PHE TA 81 37.32 1.16 -85.40
C PHE TA 81 37.98 2.38 -86.05
N GLY TA 82 37.81 3.55 -85.44
CA GLY TA 82 38.23 4.80 -86.06
C GLY TA 82 39.51 5.38 -85.45
N GLN TA 83 39.74 5.11 -84.17
CA GLN TA 83 40.92 5.62 -83.49
C GLN TA 83 42.15 4.75 -83.76
N LEU TA 84 41.95 3.62 -84.45
CA LEU TA 84 42.98 2.64 -84.73
C LEU TA 84 44.09 3.17 -85.63
N PHE TA 85 43.77 3.87 -86.71
CA PHE TA 85 44.77 4.27 -87.68
C PHE TA 85 45.60 5.44 -87.17
N ARG TA 86 46.86 5.50 -87.61
CA ARG TA 86 47.72 6.64 -87.35
C ARG TA 86 47.30 7.79 -88.27
N PRO TA 87 47.10 9.01 -87.73
CA PRO TA 87 46.84 10.19 -88.56
C PRO TA 87 47.91 10.48 -89.62
N ASP TA 88 49.17 10.10 -89.38
CA ASP TA 88 50.21 10.35 -90.37
C ASP TA 88 49.99 9.53 -91.64
N ASN TA 89 49.37 8.37 -91.51
CA ASN TA 89 49.06 7.54 -92.65
C ASN TA 89 47.80 8.03 -93.38
N PHE TA 90 47.11 9.02 -92.80
CA PHE TA 90 46.06 9.72 -93.54
C PHE TA 90 46.71 10.80 -94.40
N VAL TA 91 46.70 10.63 -95.72
CA VAL TA 91 47.18 11.65 -96.65
C VAL TA 91 45.99 12.17 -97.44
N PHE TA 92 45.89 13.49 -97.51
CA PHE TA 92 44.68 14.14 -98.00
C PHE TA 92 44.92 14.67 -99.41
N GLY TA 93 43.80 14.88 -100.10
CA GLY TA 93 43.79 15.75 -101.25
C GLY TA 93 42.74 16.83 -101.03
N GLN TA 94 43.08 18.02 -101.55
CA GLN TA 94 42.20 19.15 -101.27
C GLN TA 94 41.21 19.33 -102.41
N THR TA 95 41.64 19.19 -103.67
CA THR TA 95 40.82 19.62 -104.78
C THR TA 95 39.77 18.58 -105.13
N GLY TA 96 40.24 17.33 -105.29
CA GLY TA 96 39.36 16.25 -105.69
C GLY TA 96 39.27 16.12 -107.21
N ALA TA 97 39.61 14.91 -107.68
CA ALA TA 97 39.44 14.54 -109.07
C ALA TA 97 37.96 14.24 -109.30
N GLY TA 98 37.28 15.10 -110.05
CA GLY TA 98 35.84 14.95 -110.20
C GLY TA 98 35.47 13.76 -111.09
N ASN TA 99 35.91 12.55 -110.72
CA ASN TA 99 35.80 11.36 -111.57
C ASN TA 99 36.35 11.65 -112.98
N ASN TA 100 37.55 12.23 -113.00
CA ASN TA 100 38.33 12.41 -114.22
C ASN TA 100 39.62 11.64 -114.04
N TRP TA 101 39.88 10.70 -114.96
CA TRP TA 101 41.10 9.93 -114.88
C TRP TA 101 42.35 10.78 -115.17
N ALA TA 102 42.19 11.84 -115.96
CA ALA TA 102 43.34 12.64 -116.37
C ALA TA 102 44.00 13.34 -115.18
N LYS TA 103 43.17 14.04 -114.40
CA LYS TA 103 43.72 14.70 -113.22
C LYS TA 103 43.99 13.69 -112.10
N GLY TA 104 43.41 12.49 -112.23
CA GLY TA 104 43.74 11.43 -111.28
C GLY TA 104 45.18 10.95 -111.49
N HIS TA 105 45.66 11.01 -112.75
CA HIS TA 105 46.94 10.42 -113.11
C HIS TA 105 47.95 11.47 -113.57
N TYR TA 106 47.49 12.67 -113.94
CA TYR TA 106 48.49 13.58 -114.49
C TYR TA 106 48.51 14.92 -113.78
N THR TA 107 47.32 15.42 -113.43
CA THR TA 107 47.22 16.79 -112.97
C THR TA 107 47.30 16.88 -111.44
N GLU TA 108 46.32 16.30 -110.74
CA GLU TA 108 46.28 16.45 -109.30
C GLU TA 108 47.19 15.43 -108.63
N GLY TA 109 47.22 14.21 -109.16
CA GLY TA 109 48.08 13.13 -108.70
C GLY TA 109 49.58 13.49 -108.67
N ALA TA 110 50.00 14.45 -109.49
CA ALA TA 110 51.41 14.76 -109.70
C ALA TA 110 52.07 15.33 -108.44
N GLU TA 111 51.35 16.18 -107.70
CA GLU TA 111 51.96 16.87 -106.55
C GLU TA 111 51.60 16.20 -105.23
N LEU TA 112 50.98 15.00 -105.30
CA LEU TA 112 50.64 14.28 -104.07
C LEU TA 112 51.34 12.92 -104.01
N ILE TA 113 51.65 12.33 -105.18
CA ILE TA 113 52.28 11.02 -105.24
C ILE TA 113 53.66 11.07 -104.57
N ASP TA 114 54.38 12.19 -104.72
CA ASP TA 114 55.66 12.38 -104.05
C ASP TA 114 55.51 12.30 -102.53
N SER TA 115 54.31 12.58 -102.01
CA SER TA 115 54.03 12.53 -100.58
C SER TA 115 53.56 11.15 -100.13
N VAL TA 116 52.58 10.58 -100.86
CA VAL TA 116 52.00 9.31 -100.48
C VAL TA 116 53.02 8.17 -100.67
N LEU TA 117 53.89 8.31 -101.67
CA LEU TA 117 54.86 7.25 -101.94
C LEU TA 117 55.98 7.27 -100.92
N ASP TA 118 56.19 8.44 -100.31
CA ASP TA 118 57.16 8.52 -99.23
C ASP TA 118 56.68 7.77 -97.99
N VAL TA 119 55.36 7.76 -97.78
CA VAL TA 119 54.80 7.11 -96.60
C VAL TA 119 54.84 5.60 -96.76
N VAL TA 120 54.69 5.12 -98.00
CA VAL TA 120 54.75 3.69 -98.28
C VAL TA 120 56.14 3.14 -97.99
N ARG TA 121 57.17 3.91 -98.35
CA ARG TA 121 58.56 3.50 -98.15
C ARG TA 121 58.87 3.29 -96.67
N LYS TA 122 58.32 4.16 -95.81
CA LYS TA 122 58.55 4.06 -94.37
C LYS TA 122 57.93 2.77 -93.83
N GLU TA 123 56.73 2.42 -94.32
CA GLU TA 123 56.10 1.17 -93.92
C GLU TA 123 56.79 -0.05 -94.55
N ALA TA 124 57.12 0.05 -95.85
CA ALA TA 124 57.66 -1.09 -96.58
C ALA TA 124 59.06 -1.43 -96.08
N GLU TA 125 59.98 -0.48 -96.25
CA GLU TA 125 61.38 -0.69 -95.91
C GLU TA 125 61.60 -0.72 -94.40
N GLY TA 126 60.59 -0.33 -93.61
CA GLY TA 126 60.71 -0.33 -92.15
C GLY TA 126 60.86 -1.72 -91.50
N CYS TA 127 60.47 -2.78 -92.24
CA CYS TA 127 60.55 -4.13 -91.70
C CYS TA 127 61.85 -4.84 -92.08
N ASP TA 128 61.93 -6.15 -91.79
CA ASP TA 128 63.07 -6.97 -92.17
C ASP TA 128 63.07 -7.23 -93.67
N CYS TA 129 61.97 -7.81 -94.18
CA CYS TA 129 61.84 -8.37 -95.51
C CYS TA 129 60.34 -8.54 -95.76
N LEU TA 130 59.87 -7.97 -96.87
CA LEU TA 130 58.45 -7.82 -97.16
C LEU TA 130 57.97 -8.90 -98.12
N GLN TA 131 56.66 -9.25 -98.04
CA GLN TA 131 56.10 -10.16 -99.04
C GLN TA 131 55.44 -9.39 -100.17
N GLY TA 132 54.35 -8.69 -99.88
CA GLY TA 132 53.56 -8.12 -100.95
C GLY TA 132 52.74 -6.89 -100.56
N PHE TA 133 52.11 -6.29 -101.57
CA PHE TA 133 51.24 -5.15 -101.42
C PHE TA 133 49.86 -5.51 -101.92
N GLN TA 134 48.85 -4.90 -101.30
CA GLN TA 134 47.47 -5.12 -101.74
C GLN TA 134 46.76 -3.77 -101.83
N ILE TA 135 45.87 -3.65 -102.82
CA ILE TA 135 45.22 -2.41 -103.22
C ILE TA 135 43.72 -2.64 -103.25
N THR TA 136 42.94 -1.65 -102.81
CA THR TA 136 41.50 -1.68 -103.01
C THR TA 136 41.07 -0.35 -103.63
N HIS TA 137 40.38 -0.42 -104.75
CA HIS TA 137 39.97 0.78 -105.46
C HIS TA 137 38.80 0.47 -106.39
N SER TA 138 38.45 1.47 -107.20
CA SER TA 138 37.45 1.34 -108.24
C SER TA 138 38.13 1.45 -109.60
N LEU TA 139 37.31 1.28 -110.64
CA LEU TA 139 37.75 1.62 -111.98
C LEU TA 139 36.89 2.73 -112.60
N GLY TA 140 35.63 2.84 -112.16
CA GLY TA 140 34.75 3.95 -112.52
C GLY TA 140 35.26 5.30 -112.01
N GLY TA 141 35.75 5.29 -110.77
CA GLY TA 141 36.14 6.45 -110.00
C GLY TA 141 37.32 7.19 -110.63
N GLY TA 142 37.58 8.38 -110.11
CA GLY TA 142 38.71 9.15 -110.60
C GLY TA 142 39.84 9.19 -109.61
N THR TA 143 39.50 9.39 -108.34
CA THR TA 143 40.51 9.45 -107.30
C THR TA 143 41.00 8.06 -106.94
N GLY TA 144 40.19 7.04 -107.23
CA GLY TA 144 40.57 5.65 -106.98
C GLY TA 144 41.34 5.07 -108.16
N SER TA 145 40.73 5.16 -109.33
CA SER TA 145 41.28 4.60 -110.55
C SER TA 145 42.42 5.46 -111.09
N GLY TA 146 42.52 6.72 -110.65
CA GLY TA 146 43.59 7.59 -111.14
C GLY TA 146 44.86 7.45 -110.30
N MET TA 147 44.75 7.84 -109.03
CA MET TA 147 45.91 7.87 -108.16
C MET TA 147 46.32 6.44 -107.79
N GLY TA 148 45.33 5.53 -107.76
CA GLY TA 148 45.60 4.13 -107.53
C GLY TA 148 46.52 3.55 -108.61
N THR TA 149 46.12 3.72 -109.88
CA THR TA 149 46.80 3.13 -111.01
C THR TA 149 48.15 3.83 -111.25
N LEU TA 150 48.21 5.12 -110.91
CA LEU TA 150 49.49 5.82 -110.92
C LEU TA 150 50.43 5.24 -109.86
N LEU TA 151 49.89 4.84 -108.71
CA LEU TA 151 50.75 4.36 -107.64
C LEU TA 151 51.32 2.98 -107.99
N ILE TA 152 50.55 2.12 -108.66
CA ILE TA 152 51.01 0.80 -109.01
C ILE TA 152 52.20 0.89 -109.96
N SER TA 153 52.15 1.85 -110.90
CA SER TA 153 53.22 2.01 -111.88
C SER TA 153 54.47 2.52 -111.14
N LYS TA 154 54.29 3.45 -110.19
CA LYS TA 154 55.43 4.07 -109.55
C LYS TA 154 56.02 3.17 -108.45
N VAL TA 155 55.29 2.14 -108.01
CA VAL TA 155 55.83 1.31 -106.95
C VAL TA 155 56.51 0.05 -107.53
N ARG TA 156 56.06 -0.35 -108.73
CA ARG TA 156 56.68 -1.47 -109.44
C ARG TA 156 58.13 -1.11 -109.79
N GLU TA 157 58.36 0.20 -110.00
CA GLU TA 157 59.70 0.65 -110.40
C GLU TA 157 60.77 0.45 -109.32
N GLU TA 158 60.32 0.16 -108.08
CA GLU TA 158 61.26 0.03 -106.97
C GLU TA 158 61.25 -1.39 -106.43
N TYR TA 159 60.08 -2.05 -106.46
CA TYR TA 159 59.99 -3.43 -106.01
C TYR TA 159 59.39 -4.26 -107.12
N PRO TA 160 60.23 -4.73 -108.07
CA PRO TA 160 59.71 -5.49 -109.21
C PRO TA 160 59.33 -6.93 -108.89
N ASP TA 161 59.89 -7.47 -107.81
CA ASP TA 161 59.78 -8.87 -107.47
C ASP TA 161 58.71 -9.17 -106.43
N ARG TA 162 57.92 -8.18 -105.95
CA ARG TA 162 56.92 -8.49 -104.92
C ARG TA 162 55.53 -8.64 -105.56
N ILE TA 163 54.53 -9.08 -104.80
CA ILE TA 163 53.22 -9.39 -105.36
C ILE TA 163 52.25 -8.22 -105.26
N MET TA 164 51.31 -8.13 -106.21
CA MET TA 164 50.22 -7.15 -106.22
C MET TA 164 48.88 -7.90 -106.26
N GLU TA 165 47.99 -7.62 -105.30
CA GLU TA 165 46.68 -8.27 -105.21
C GLU TA 165 45.63 -7.20 -104.96
N THR TA 166 44.80 -6.93 -105.98
CA THR TA 166 43.97 -5.74 -105.97
C THR TA 166 42.51 -6.12 -106.19
N PHE TA 167 41.60 -5.58 -105.37
CA PHE TA 167 40.20 -5.55 -105.78
C PHE TA 167 39.93 -4.26 -106.57
N SER TA 168 39.21 -4.39 -107.68
CA SER TA 168 38.80 -3.27 -108.50
C SER TA 168 37.34 -3.49 -108.90
N VAL TA 169 36.47 -2.63 -108.42
CA VAL TA 169 35.05 -2.77 -108.73
C VAL TA 169 34.80 -2.24 -110.13
N PHE TA 170 34.25 -3.11 -111.00
CA PHE TA 170 34.14 -2.78 -112.41
C PHE TA 170 32.93 -1.90 -112.68
N PRO TA 171 32.77 -1.32 -113.88
CA PRO TA 171 31.45 -0.87 -114.31
C PRO TA 171 30.39 -1.97 -114.26
N SER TA 172 29.21 -1.58 -113.77
CA SER TA 172 28.06 -2.45 -113.69
C SER TA 172 27.65 -2.90 -115.09
N PRO TA 173 27.15 -4.13 -115.25
CA PRO TA 173 26.68 -4.57 -116.58
C PRO TA 173 25.40 -3.87 -117.03
N LYS TA 174 24.32 -3.91 -116.19
CA LYS TA 174 23.05 -3.33 -116.58
C LYS TA 174 23.05 -1.80 -116.47
N VAL TA 175 23.05 -1.27 -115.25
CA VAL TA 175 22.87 0.16 -115.00
C VAL TA 175 23.99 0.63 -114.06
N SER TA 176 24.69 1.70 -114.45
CA SER TA 176 25.88 2.12 -113.72
C SER TA 176 25.89 3.62 -113.49
N ASP TA 177 26.48 4.03 -112.38
CA ASP TA 177 26.70 5.44 -112.10
C ASP TA 177 27.92 5.94 -112.90
N THR TA 178 28.23 7.23 -112.73
CA THR TA 178 29.50 7.83 -113.15
C THR TA 178 29.77 7.63 -114.64
N VAL TA 179 29.01 8.35 -115.48
CA VAL TA 179 28.86 8.13 -116.92
C VAL TA 179 30.20 8.02 -117.67
N VAL TA 180 31.27 8.57 -117.09
CA VAL TA 180 32.58 8.25 -117.63
C VAL TA 180 33.10 6.97 -116.98
N GLU TA 181 32.45 5.86 -117.36
CA GLU TA 181 32.91 4.52 -117.07
C GLU TA 181 34.01 4.10 -118.04
N PRO TA 182 33.78 4.03 -119.38
CA PRO TA 182 34.79 3.43 -120.27
C PRO TA 182 36.06 4.28 -120.39
N TYR TA 183 35.93 5.61 -120.22
CA TYR TA 183 37.10 6.45 -120.19
C TYR TA 183 37.89 6.30 -118.90
N ASN TA 184 37.28 5.70 -117.88
CA ASN TA 184 37.98 5.45 -116.63
C ASN TA 184 38.35 3.98 -116.47
N ALA TA 185 37.66 3.08 -117.21
CA ALA TA 185 37.94 1.65 -117.15
C ALA TA 185 39.04 1.28 -118.15
N THR TA 186 38.84 1.66 -119.41
CA THR TA 186 39.75 1.28 -120.47
C THR TA 186 41.12 1.95 -120.28
N LEU TA 187 41.13 3.19 -119.83
CA LEU TA 187 42.40 3.89 -119.66
C LEU TA 187 43.14 3.40 -118.42
N SER TA 188 42.45 2.63 -117.55
CA SER TA 188 43.10 2.11 -116.36
C SER TA 188 43.52 0.65 -116.51
N VAL TA 189 42.83 -0.08 -117.39
CA VAL TA 189 43.14 -1.50 -117.59
C VAL TA 189 44.50 -1.69 -118.26
N HIS TA 190 44.80 -0.92 -119.32
CA HIS TA 190 46.00 -1.15 -120.12
C HIS TA 190 47.29 -0.84 -119.37
N GLN TA 191 47.18 -0.15 -118.23
CA GLN TA 191 48.31 0.04 -117.34
C GLN TA 191 48.20 -0.95 -116.17
N LEU TA 192 46.98 -1.44 -115.91
CA LEU TA 192 46.75 -2.48 -114.89
C LEU TA 192 47.37 -3.81 -115.32
N VAL TA 193 47.19 -4.19 -116.60
CA VAL TA 193 47.62 -5.51 -117.06
C VAL TA 193 49.13 -5.62 -117.23
N GLU TA 194 49.85 -4.49 -117.13
CA GLU TA 194 51.30 -4.49 -117.28
C GLU TA 194 52.01 -4.25 -115.95
N ASN TA 195 51.25 -3.90 -114.90
CA ASN TA 195 51.86 -3.60 -113.62
C ASN TA 195 51.25 -4.38 -112.45
N ALA TA 196 50.14 -5.11 -112.64
CA ALA TA 196 49.49 -5.78 -111.50
C ALA TA 196 49.73 -7.27 -111.62
N ASP TA 197 50.11 -7.84 -110.48
CA ASP TA 197 50.32 -9.27 -110.46
C ASP TA 197 48.98 -10.01 -110.53
N GLU TA 198 48.01 -9.55 -109.73
CA GLU TA 198 46.72 -10.24 -109.65
C GLU TA 198 45.63 -9.24 -109.31
N VAL TA 199 44.56 -9.22 -110.10
CA VAL TA 199 43.38 -8.43 -109.81
C VAL TA 199 42.16 -9.35 -109.90
N GLN TA 200 41.28 -9.26 -108.91
CA GLN TA 200 40.08 -10.10 -108.88
C GLN TA 200 38.86 -9.22 -108.64
N VAL TA 201 37.85 -9.41 -109.49
CA VAL TA 201 36.90 -8.37 -109.79
C VAL TA 201 35.61 -8.55 -109.00
N ILE TA 202 35.00 -7.40 -108.63
CA ILE TA 202 33.78 -7.35 -107.84
C ILE TA 202 32.79 -6.47 -108.61
N ASP TA 203 31.53 -6.91 -108.61
CA ASP TA 203 30.48 -6.14 -109.23
C ASP TA 203 29.39 -5.83 -108.22
N ASN TA 204 29.03 -4.56 -108.21
CA ASN TA 204 27.96 -3.94 -107.45
C ASN TA 204 26.65 -4.68 -107.74
N GLU TA 205 26.47 -5.02 -109.01
CA GLU TA 205 25.26 -5.70 -109.43
C GLU TA 205 25.32 -7.19 -109.10
N ALA TA 206 26.54 -7.71 -108.91
CA ALA TA 206 26.65 -9.10 -108.51
C ALA TA 206 26.27 -9.26 -107.03
N LEU TA 207 26.70 -8.29 -106.19
CA LEU TA 207 26.40 -8.36 -104.77
C LEU TA 207 24.92 -8.04 -104.52
N TYR TA 208 24.28 -7.33 -105.47
CA TYR TA 208 22.85 -7.06 -105.36
C TYR TA 208 22.06 -8.36 -105.44
N ASP TA 209 22.48 -9.23 -106.35
CA ASP TA 209 21.78 -10.49 -106.55
C ASP TA 209 21.97 -11.41 -105.35
N ILE TA 210 23.19 -11.44 -104.85
CA ILE TA 210 23.57 -12.37 -103.77
C ILE TA 210 22.83 -12.03 -102.48
N CYS TA 211 22.85 -10.73 -102.11
CA CYS TA 211 22.29 -10.30 -100.84
C CYS TA 211 20.77 -10.41 -100.85
N PHE TA 212 20.16 -10.38 -102.04
CA PHE TA 212 18.71 -10.43 -102.16
C PHE TA 212 18.20 -11.86 -102.25
N ARG TA 213 18.82 -12.67 -103.13
CA ARG TA 213 18.32 -14.01 -103.40
C ARG TA 213 18.79 -15.00 -102.32
N THR TA 214 20.06 -14.94 -101.99
CA THR TA 214 20.64 -15.90 -101.07
C THR TA 214 20.53 -15.42 -99.62
N LEU TA 215 21.08 -14.23 -99.33
CA LEU TA 215 21.05 -13.70 -97.96
C LEU TA 215 19.63 -13.31 -97.55
N LYS TA 216 18.76 -13.06 -98.53
CA LYS TA 216 17.36 -12.76 -98.30
C LYS TA 216 17.18 -11.49 -97.46
N LEU TA 217 18.15 -10.56 -97.56
CA LEU TA 217 18.03 -9.29 -96.87
C LEU TA 217 17.26 -8.32 -97.76
N THR TA 218 16.12 -7.80 -97.30
CA THR TA 218 15.26 -7.01 -98.18
C THR TA 218 15.83 -5.59 -98.37
N THR TA 219 16.58 -5.12 -97.38
CA THR TA 219 17.12 -3.76 -97.39
C THR TA 219 18.62 -3.81 -97.19
N PRO TA 220 19.42 -4.16 -98.24
CA PRO TA 220 20.86 -4.18 -98.11
C PRO TA 220 21.44 -2.77 -98.21
N THR TA 221 22.26 -2.47 -97.20
CA THR TA 221 23.05 -1.25 -97.14
C THR TA 221 24.44 -1.55 -97.69
N TYR TA 222 25.17 -0.51 -98.10
CA TYR TA 222 26.59 -0.63 -98.38
C TYR TA 222 27.35 -1.16 -97.17
N GLY TA 223 26.89 -0.84 -95.96
CA GLY TA 223 27.37 -1.45 -94.72
C GLY TA 223 27.30 -2.98 -94.79
N ASP TA 224 26.20 -3.49 -95.35
CA ASP TA 224 26.07 -4.93 -95.55
C ASP TA 224 26.87 -5.39 -96.76
N LEU TA 225 26.87 -4.60 -97.84
CA LEU TA 225 27.49 -5.06 -99.08
C LEU TA 225 29.01 -5.10 -98.96
N ASN TA 226 29.57 -4.10 -98.28
CA ASN TA 226 31.01 -4.07 -98.08
C ASN TA 226 31.42 -5.19 -97.13
N HIS TA 227 30.53 -5.56 -96.18
CA HIS TA 227 30.80 -6.63 -95.21
C HIS TA 227 30.94 -7.96 -95.92
N LEU TA 228 30.16 -8.16 -97.00
CA LEU TA 228 30.17 -9.42 -97.71
C LEU TA 228 31.46 -9.56 -98.51
N VAL TA 229 31.87 -8.48 -99.19
CA VAL TA 229 33.08 -8.51 -99.99
C VAL TA 229 34.30 -8.51 -99.06
N SER TA 230 34.15 -7.94 -97.86
CA SER TA 230 35.24 -7.96 -96.90
C SER TA 230 35.39 -9.35 -96.28
N ALA TA 231 34.30 -10.11 -96.27
CA ALA TA 231 34.33 -11.47 -95.73
C ALA TA 231 35.20 -12.35 -96.63
N ALA TA 232 35.06 -12.22 -97.95
CA ALA TA 232 35.90 -12.98 -98.87
C ALA TA 232 37.34 -12.49 -98.84
N MET TA 233 37.52 -11.19 -98.63
CA MET TA 233 38.83 -10.58 -98.77
C MET TA 233 39.70 -10.90 -97.53
N SER TA 234 39.07 -11.37 -96.45
CA SER TA 234 39.80 -12.07 -95.39
C SER TA 234 40.21 -13.47 -95.86
N GLY TA 235 39.34 -14.14 -96.62
CA GLY TA 235 39.48 -15.56 -96.92
C GLY TA 235 40.62 -15.88 -97.89
N VAL TA 236 41.06 -14.90 -98.68
CA VAL TA 236 42.10 -15.14 -99.66
C VAL TA 236 43.48 -15.06 -99.00
N THR TA 237 43.53 -14.32 -97.89
CA THR TA 237 44.79 -14.11 -97.18
C THR TA 237 44.75 -14.73 -95.79
N CYS TA 238 43.74 -15.59 -95.52
CA CYS TA 238 43.56 -16.13 -94.18
C CYS TA 238 44.63 -17.16 -93.87
N CYS TA 239 44.98 -17.96 -94.87
CA CYS TA 239 45.84 -19.11 -94.68
C CYS TA 239 47.29 -18.70 -94.41
N LEU TA 240 47.62 -17.43 -94.65
CA LEU TA 240 48.85 -16.85 -94.13
C LEU TA 240 48.76 -16.85 -92.60
N ARG TA 241 47.59 -16.48 -92.07
CA ARG TA 241 47.50 -15.95 -90.73
C ARG TA 241 47.35 -17.06 -89.70
N PHE TA 242 46.57 -18.08 -90.06
CA PHE TA 242 46.35 -19.18 -89.15
C PHE TA 242 47.02 -20.43 -89.68
N PRO TA 243 47.57 -21.27 -88.78
CA PRO TA 243 48.17 -22.53 -89.20
C PRO TA 243 47.09 -23.49 -89.71
N GLY TA 244 47.50 -24.37 -90.63
CA GLY TA 244 46.57 -25.25 -91.28
C GLY TA 244 47.22 -26.54 -91.76
N GLN TA 245 46.44 -27.35 -92.49
CA GLN TA 245 46.88 -28.66 -92.94
C GLN TA 245 47.51 -28.62 -94.34
N LEU TA 246 47.01 -27.74 -95.22
CA LEU TA 246 47.64 -27.50 -96.50
C LEU TA 246 47.73 -25.99 -96.69
N ASN TA 247 48.84 -25.41 -96.20
CA ASN TA 247 49.00 -23.97 -96.16
C ASN TA 247 49.14 -23.38 -97.56
N SER TA 248 48.49 -22.24 -97.75
CA SER TA 248 48.58 -21.50 -98.99
C SER TA 248 48.77 -20.02 -98.69
N ASP TA 249 49.48 -19.37 -99.59
CA ASP TA 249 49.66 -17.93 -99.55
C ASP TA 249 49.11 -17.35 -100.84
N LEU TA 250 49.30 -16.04 -101.00
CA LEU TA 250 48.90 -15.39 -102.23
C LEU TA 250 49.83 -15.79 -103.37
N ARG TA 251 51.13 -15.88 -103.06
CA ARG TA 251 52.11 -16.30 -104.05
C ARG TA 251 51.89 -17.74 -104.50
N LYS TA 252 51.43 -18.56 -103.53
CA LYS TA 252 50.93 -19.91 -103.76
C LYS TA 252 49.87 -19.85 -104.86
N LEU TA 253 48.95 -18.89 -104.69
CA LEU TA 253 47.81 -18.73 -105.57
C LEU TA 253 48.25 -18.12 -106.90
N ALA TA 254 49.28 -17.25 -106.85
CA ALA TA 254 49.67 -16.44 -108.00
C ALA TA 254 50.42 -17.28 -109.03
N VAL TA 255 51.24 -18.22 -108.57
CA VAL TA 255 52.03 -18.98 -109.52
C VAL TA 255 51.19 -20.03 -110.25
N ASN TA 256 50.02 -20.34 -109.65
CA ASN TA 256 49.33 -21.58 -109.96
C ASN TA 256 48.08 -21.28 -110.80
N LEU TA 257 47.51 -20.09 -110.59
CA LEU TA 257 46.22 -19.77 -111.17
C LEU TA 257 46.36 -18.88 -112.41
N ILE TA 258 47.58 -18.44 -112.72
CA ILE TA 258 47.85 -17.62 -113.89
C ILE TA 258 48.81 -18.38 -114.79
N PRO TA 259 48.30 -19.04 -115.84
CA PRO TA 259 49.17 -19.65 -116.85
C PRO TA 259 50.04 -18.67 -117.62
N PHE TA 260 49.44 -17.66 -118.25
CA PHE TA 260 50.20 -16.71 -119.05
C PHE TA 260 50.10 -15.31 -118.45
N PRO TA 261 51.14 -14.45 -118.52
CA PRO TA 261 51.16 -13.21 -117.73
C PRO TA 261 50.14 -12.14 -118.14
N ARG TA 262 49.44 -12.36 -119.25
CA ARG TA 262 48.40 -11.44 -119.66
C ARG TA 262 47.15 -11.63 -118.79
N LEU TA 263 46.64 -12.84 -118.75
CA LEU TA 263 45.27 -13.07 -118.28
C LEU TA 263 45.32 -13.43 -116.79
N HIS TA 264 45.03 -12.43 -115.95
CA HIS TA 264 45.06 -12.63 -114.50
C HIS TA 264 43.90 -11.92 -113.82
N PHE TA 265 42.76 -11.86 -114.49
CA PHE TA 265 41.56 -11.30 -113.89
C PHE TA 265 40.70 -12.44 -113.37
N PHE TA 266 40.53 -12.49 -112.05
CA PHE TA 266 39.88 -13.64 -111.43
C PHE TA 266 38.43 -13.37 -111.08
N LEU TA 267 37.81 -14.42 -110.51
CA LEU TA 267 36.44 -14.39 -110.01
C LEU TA 267 36.48 -14.72 -108.52
N ILE TA 268 35.54 -14.15 -107.75
CA ILE TA 268 35.41 -14.44 -106.32
C ILE TA 268 34.00 -14.97 -106.05
N GLY TA 269 33.96 -16.00 -105.18
CA GLY TA 269 32.71 -16.51 -104.62
C GLY TA 269 32.90 -16.82 -103.15
N PHE TA 270 31.87 -17.40 -102.54
CA PHE TA 270 31.90 -17.64 -101.12
C PHE TA 270 30.70 -18.47 -100.71
N ALA TA 271 30.97 -19.44 -99.83
CA ALA TA 271 29.97 -20.28 -99.20
C ALA TA 271 30.44 -20.57 -97.77
N PRO TA 272 29.58 -20.75 -96.76
CA PRO TA 272 28.12 -20.80 -96.89
C PRO TA 272 27.46 -19.42 -96.92
N LEU TA 273 26.29 -19.33 -97.57
CA LEU TA 273 25.50 -18.12 -97.58
C LEU TA 273 24.02 -18.46 -97.45
N THR TA 274 23.55 -18.44 -96.20
CA THR TA 274 22.13 -18.48 -95.89
C THR TA 274 21.82 -17.42 -94.85
N SER TA 275 20.55 -17.00 -94.82
CA SER TA 275 20.03 -15.96 -93.93
C SER TA 275 20.13 -16.37 -92.46
N ARG TA 276 19.79 -15.41 -91.57
CA ARG TA 276 19.83 -15.62 -90.12
C ARG TA 276 19.00 -16.83 -89.70
N GLY TA 277 17.80 -16.95 -90.28
CA GLY TA 277 16.87 -18.00 -89.93
C GLY TA 277 17.17 -19.37 -90.53
N SER TA 278 18.25 -19.51 -91.31
CA SER TA 278 18.52 -20.76 -92.01
C SER TA 278 19.80 -21.44 -91.56
N GLN TA 279 20.54 -20.84 -90.62
CA GLN TA 279 21.68 -21.52 -90.00
C GLN TA 279 21.28 -22.78 -89.21
N GLN TA 280 20.05 -22.79 -88.67
CA GLN TA 280 19.55 -23.92 -87.93
C GLN TA 280 19.02 -25.05 -88.81
N TYR TA 281 18.87 -24.80 -90.11
CA TYR TA 281 18.14 -25.78 -90.93
C TYR TA 281 19.05 -26.52 -91.91
N ARG TA 282 19.97 -25.81 -92.56
CA ARG TA 282 20.77 -26.42 -93.62
C ARG TA 282 21.89 -27.27 -93.02
N ALA TA 283 22.21 -28.36 -93.72
CA ALA TA 283 23.19 -29.32 -93.26
C ALA TA 283 24.61 -28.88 -93.66
N LEU TA 284 25.38 -28.26 -92.75
CA LEU TA 284 26.72 -27.80 -93.04
C LEU TA 284 27.69 -28.95 -93.31
N SER TA 285 27.85 -29.30 -94.58
CA SER TA 285 28.77 -30.34 -95.01
C SER TA 285 29.65 -29.82 -96.15
N VAL TA 286 30.79 -30.48 -96.36
CA VAL TA 286 31.64 -30.20 -97.50
C VAL TA 286 30.93 -30.54 -98.82
N PRO TA 287 30.22 -31.67 -98.96
CA PRO TA 287 29.47 -31.92 -100.20
C PRO TA 287 28.44 -30.86 -100.57
N GLU TA 288 27.76 -30.24 -99.59
CA GLU TA 288 26.85 -29.17 -99.94
C GLU TA 288 27.62 -27.87 -100.17
N LEU TA 289 28.81 -27.73 -99.56
CA LEU TA 289 29.65 -26.54 -99.73
C LEU TA 289 30.05 -26.44 -101.20
N THR TA 290 30.52 -27.55 -101.74
CA THR TA 290 31.01 -27.60 -103.10
C THR TA 290 29.87 -27.46 -104.12
N GLN TA 291 28.65 -27.81 -103.76
CA GLN TA 291 27.52 -27.57 -104.64
C GLN TA 291 27.21 -26.09 -104.74
N GLN TA 292 27.25 -25.39 -103.59
CA GLN TA 292 26.96 -23.97 -103.54
C GLN TA 292 28.05 -23.21 -104.29
N MET TA 293 29.27 -23.76 -104.26
CA MET TA 293 30.45 -23.05 -104.73
C MET TA 293 30.53 -23.04 -106.25
N PHE TA 294 30.12 -24.12 -106.94
CA PHE TA 294 30.13 -24.16 -108.40
C PHE TA 294 28.81 -23.71 -109.01
N ASP TA 295 28.34 -22.55 -108.54
CA ASP TA 295 27.15 -21.94 -109.08
C ASP TA 295 27.45 -20.48 -109.36
N ALA TA 296 26.80 -20.01 -110.42
CA ALA TA 296 26.82 -18.63 -110.87
C ALA TA 296 26.23 -17.71 -109.82
N LYS TA 297 25.25 -18.24 -109.05
CA LYS TA 297 24.54 -17.55 -107.97
C LYS TA 297 25.49 -17.12 -106.87
N ASN TA 298 26.54 -17.93 -106.69
CA ASN TA 298 27.49 -17.71 -105.61
C ASN TA 298 28.41 -16.56 -105.97
N MET TA 299 28.67 -16.42 -107.29
CA MET TA 299 29.78 -15.62 -107.77
C MET TA 299 29.56 -14.12 -107.51
N MET TA 300 30.63 -13.46 -107.03
CA MET TA 300 30.65 -12.02 -106.84
C MET TA 300 31.06 -11.29 -108.13
N CYS TA 301 31.00 -12.03 -109.24
CA CYS TA 301 31.26 -11.54 -110.58
C CYS TA 301 29.97 -11.64 -111.39
N ALA TA 302 29.51 -10.50 -111.92
CA ALA TA 302 28.27 -10.46 -112.68
C ALA TA 302 28.51 -11.03 -114.08
N SER TA 303 28.65 -12.35 -114.11
CA SER TA 303 28.85 -13.07 -115.35
C SER TA 303 28.27 -14.47 -115.20
N ASP TA 304 28.13 -15.15 -116.34
CA ASP TA 304 27.76 -16.55 -116.34
C ASP TA 304 28.99 -17.38 -116.69
N PRO TA 305 29.61 -18.07 -115.71
CA PRO TA 305 30.81 -18.86 -115.98
C PRO TA 305 30.54 -20.11 -116.80
N ARG TA 306 29.26 -20.50 -116.89
CA ARG TA 306 28.87 -21.69 -117.65
C ARG TA 306 28.87 -21.43 -119.16
N HIS TA 307 28.96 -20.16 -119.57
CA HIS TA 307 29.09 -19.81 -120.98
C HIS TA 307 30.50 -20.05 -121.51
N GLY TA 308 31.47 -20.10 -120.59
CA GLY TA 308 32.87 -20.34 -120.93
C GLY TA 308 33.44 -21.51 -120.14
N ARG TA 309 34.77 -21.59 -120.11
CA ARG TA 309 35.46 -22.64 -119.38
C ARG TA 309 36.30 -22.02 -118.26
N TYR TA 310 36.28 -22.70 -117.10
CA TYR TA 310 37.21 -22.35 -116.04
C TYR TA 310 38.59 -22.84 -116.44
N LEU TA 311 39.50 -21.89 -116.71
CA LEU TA 311 40.83 -22.29 -117.14
C LEU TA 311 41.59 -22.88 -115.95
N THR TA 312 41.69 -22.10 -114.88
CA THR TA 312 42.23 -22.58 -113.62
C THR TA 312 41.32 -22.06 -112.51
N ALA TA 313 41.13 -22.89 -111.47
CA ALA TA 313 40.26 -22.56 -110.35
C ALA TA 313 40.90 -23.05 -109.05
N SER TA 314 40.48 -22.43 -107.94
CA SER TA 314 41.06 -22.76 -106.64
C SER TA 314 40.06 -22.42 -105.54
N ALA TA 315 39.97 -23.30 -104.54
CA ALA TA 315 39.06 -23.12 -103.41
C ALA TA 315 39.86 -23.24 -102.13
N MET TA 316 39.76 -22.22 -101.28
CA MET TA 316 40.39 -22.26 -99.98
C MET TA 316 39.31 -22.53 -98.94
N PHE TA 317 39.33 -23.75 -98.38
CA PHE TA 317 38.44 -24.11 -97.28
C PHE TA 317 39.04 -23.72 -95.94
N ARG TA 318 38.18 -23.53 -94.95
CA ARG TA 318 38.63 -23.18 -93.61
C ARG TA 318 37.88 -24.04 -92.61
N GLY TA 319 38.64 -24.53 -91.62
CA GLY TA 319 38.02 -25.24 -90.51
C GLY TA 319 38.57 -26.65 -90.32
N ARG TA 320 38.27 -27.19 -89.15
CA ARG TA 320 38.57 -28.56 -88.78
C ARG TA 320 37.78 -29.50 -89.67
N MET TA 321 38.48 -30.25 -90.53
CA MET TA 321 37.80 -30.80 -91.69
C MET TA 321 38.62 -31.91 -92.32
N SER TA 322 37.93 -32.98 -92.73
CA SER TA 322 38.55 -34.15 -93.32
C SER TA 322 38.96 -33.85 -94.75
N THR TA 323 40.08 -34.45 -95.17
CA THR TA 323 40.72 -34.07 -96.41
C THR TA 323 40.35 -34.97 -97.58
N LYS TA 324 39.70 -36.11 -97.35
CA LYS TA 324 39.10 -36.87 -98.44
C LYS TA 324 38.04 -36.05 -99.16
N GLU TA 325 36.99 -35.63 -98.44
CA GLU TA 325 35.86 -34.93 -99.02
C GLU TA 325 36.29 -33.61 -99.66
N VAL TA 326 37.44 -33.08 -99.23
CA VAL TA 326 38.08 -32.00 -99.94
C VAL TA 326 38.55 -32.53 -101.31
N ASP TA 327 39.38 -33.57 -101.28
CA ASP TA 327 40.04 -34.08 -102.47
C ASP TA 327 39.08 -34.81 -103.40
N GLU TA 328 38.26 -35.70 -102.84
CA GLU TA 328 37.43 -36.56 -103.65
C GLU TA 328 36.27 -35.79 -104.30
N GLN TA 329 35.84 -34.69 -103.68
CA GLN TA 329 34.77 -33.93 -104.33
C GLN TA 329 35.32 -33.03 -105.43
N MET TA 330 36.57 -32.59 -105.32
CA MET TA 330 37.21 -31.88 -106.41
C MET TA 330 37.41 -32.83 -107.61
N LEU TA 331 37.63 -34.12 -107.32
CA LEU TA 331 37.63 -35.16 -108.35
C LEU TA 331 36.26 -35.28 -109.02
N ASN TA 332 35.22 -35.28 -108.15
CA ASN TA 332 33.86 -35.60 -108.56
C ASN TA 332 33.34 -34.54 -109.53
N VAL TA 333 33.58 -33.27 -109.16
CA VAL TA 333 33.15 -32.11 -109.94
C VAL TA 333 33.84 -32.11 -111.30
N GLN TA 334 35.13 -32.45 -111.35
CA GLN TA 334 35.91 -32.43 -112.59
C GLN TA 334 35.48 -33.52 -113.57
N ASN TA 335 34.86 -34.58 -113.04
CA ASN TA 335 34.40 -35.67 -113.88
C ASN TA 335 32.94 -35.53 -114.31
N LYS TA 336 32.13 -34.82 -113.50
CA LYS TA 336 30.74 -34.65 -113.88
C LYS TA 336 30.58 -33.52 -114.90
N ASN TA 337 31.04 -32.32 -114.54
CA ASN TA 337 30.94 -31.15 -115.41
C ASN TA 337 32.15 -31.13 -116.35
N SER TA 338 32.03 -31.83 -117.47
CA SER TA 338 33.13 -31.95 -118.42
C SER TA 338 33.39 -30.62 -119.13
N SER TA 339 32.35 -30.09 -119.79
CA SER TA 339 32.46 -28.92 -120.66
C SER TA 339 32.76 -27.63 -119.88
N TYR TA 340 32.63 -27.68 -118.54
CA TYR TA 340 32.84 -26.50 -117.73
C TYR TA 340 34.34 -26.27 -117.47
N PHE TA 341 35.19 -27.13 -118.02
CA PHE TA 341 36.62 -27.05 -117.74
C PHE TA 341 37.41 -27.25 -119.01
N VAL TA 342 38.55 -26.56 -119.05
CA VAL TA 342 39.42 -26.59 -120.23
C VAL TA 342 40.07 -27.97 -120.29
N GLU TA 343 40.38 -28.37 -121.54
CA GLU TA 343 40.84 -29.70 -121.85
C GLU TA 343 42.31 -29.89 -121.47
N TRP TA 344 43.17 -29.02 -122.00
CA TRP TA 344 44.59 -29.33 -122.04
C TRP TA 344 45.30 -28.95 -120.74
N ILE TA 345 44.54 -28.68 -119.67
CA ILE TA 345 45.10 -28.70 -118.32
C ILE TA 345 44.23 -29.65 -117.49
N PRO TA 346 44.48 -30.97 -117.48
CA PRO TA 346 43.61 -31.87 -116.71
C PRO TA 346 43.83 -31.72 -115.20
N ASN TA 347 42.76 -31.92 -114.43
CA ASN TA 347 42.76 -31.71 -112.99
C ASN TA 347 43.11 -30.27 -112.66
N ASN TA 348 42.22 -29.36 -113.04
CA ASN TA 348 42.37 -27.91 -112.97
C ASN TA 348 42.32 -27.37 -111.53
N MET TA 349 42.20 -28.22 -110.50
CA MET TA 349 41.73 -27.73 -109.21
C MET TA 349 42.84 -27.61 -108.17
N LYS TA 350 42.92 -26.45 -107.50
CA LYS TA 350 43.80 -26.27 -106.36
C LYS TA 350 42.97 -26.17 -105.09
N SER TA 351 43.31 -27.00 -104.10
CA SER TA 351 42.59 -27.00 -102.84
C SER TA 351 43.53 -26.69 -101.69
N SER TA 352 43.07 -25.87 -100.74
CA SER TA 352 43.85 -25.50 -99.57
C SER TA 352 42.97 -25.55 -98.32
N VAL TA 353 43.52 -26.14 -97.25
CA VAL TA 353 42.76 -26.33 -96.02
C VAL TA 353 43.46 -25.57 -94.90
N CYS TA 354 42.76 -24.62 -94.29
CA CYS TA 354 43.26 -23.93 -93.10
C CYS TA 354 42.42 -24.30 -91.89
N ASP TA 355 43.05 -24.43 -90.72
CA ASP TA 355 42.43 -25.14 -89.60
C ASP TA 355 41.37 -24.32 -88.87
N ILE TA 356 41.57 -23.00 -88.81
CA ILE TA 356 40.75 -22.16 -87.94
C ILE TA 356 39.70 -21.48 -88.79
N PRO TA 357 38.40 -21.79 -88.55
CA PRO TA 357 37.36 -21.23 -89.39
C PRO TA 357 37.04 -19.84 -88.81
N PRO TA 358 36.40 -18.96 -89.61
CA PRO TA 358 35.90 -17.68 -89.06
C PRO TA 358 34.83 -17.94 -87.99
N LYS TA 359 34.73 -17.01 -87.01
CA LYS TA 359 33.86 -17.10 -85.84
C LYS TA 359 32.39 -17.09 -86.29
N GLY TA 360 31.58 -17.92 -85.64
CA GLY TA 360 30.17 -17.98 -85.99
C GLY TA 360 29.86 -19.25 -86.79
N LEU TA 361 30.74 -19.61 -87.74
CA LEU TA 361 30.54 -20.84 -88.47
C LEU TA 361 31.47 -21.93 -87.96
N LYS TA 362 31.52 -23.03 -88.71
CA LYS TA 362 32.36 -24.17 -88.39
C LYS TA 362 33.26 -24.47 -89.58
N MET TA 363 32.64 -24.41 -90.77
CA MET TA 363 33.33 -24.69 -92.01
C MET TA 363 32.97 -23.61 -93.01
N SER TA 364 33.96 -23.22 -93.81
CA SER TA 364 33.76 -22.17 -94.78
C SER TA 364 34.66 -22.45 -95.97
N VAL TA 365 34.36 -21.81 -97.09
CA VAL TA 365 35.16 -21.90 -98.30
C VAL TA 365 35.22 -20.54 -98.96
N THR TA 366 36.37 -20.20 -99.56
CA THR TA 366 36.51 -19.02 -100.38
C THR TA 366 37.09 -19.46 -101.73
N PHE TA 367 36.44 -19.02 -102.81
CA PHE TA 367 36.66 -19.60 -104.12
C PHE TA 367 37.18 -18.55 -105.09
N VAL TA 368 38.21 -18.91 -105.85
CA VAL TA 368 38.75 -18.03 -106.88
C VAL TA 368 38.70 -18.80 -108.21
N GLY TA 369 38.69 -18.05 -109.33
CA GLY TA 369 38.72 -18.69 -110.64
C GLY TA 369 39.18 -17.76 -111.75
N ASN TA 370 40.15 -18.21 -112.54
CA ASN TA 370 40.51 -17.54 -113.78
C ASN TA 370 39.66 -18.14 -114.90
N SER TA 371 38.66 -17.38 -115.35
CA SER TA 371 37.72 -17.89 -116.33
C SER TA 371 37.81 -17.14 -117.66
N THR TA 372 37.49 -17.87 -118.74
CA THR TA 372 37.39 -17.26 -120.06
C THR TA 372 35.95 -16.87 -120.38
N ALA TA 373 35.08 -16.91 -119.35
CA ALA TA 373 33.78 -16.26 -119.43
C ALA TA 373 33.85 -14.81 -118.93
N ILE TA 374 35.08 -14.32 -118.71
CA ILE TA 374 35.30 -12.92 -118.37
C ILE TA 374 35.36 -12.07 -119.63
N GLN TA 375 35.14 -12.70 -120.79
CA GLN TA 375 34.98 -12.04 -122.08
C GLN TA 375 33.86 -11.01 -122.03
N GLU TA 376 32.80 -11.33 -121.24
CA GLU TA 376 31.54 -10.60 -121.30
C GLU TA 376 31.73 -9.18 -120.75
N MET TA 377 32.67 -9.00 -119.83
CA MET TA 377 32.99 -7.64 -119.38
C MET TA 377 33.86 -6.90 -120.40
N PHE TA 378 34.97 -7.52 -120.82
CA PHE TA 378 35.94 -6.82 -121.64
C PHE TA 378 35.36 -6.49 -123.01
N LYS TA 379 34.42 -7.31 -123.47
CA LYS TA 379 33.76 -7.00 -124.72
C LYS TA 379 32.70 -5.92 -124.50
N ARG TA 380 31.93 -6.03 -123.39
CA ARG TA 380 30.88 -5.05 -123.06
C ARG TA 380 31.49 -3.67 -122.80
N VAL TA 381 32.67 -3.63 -122.19
CA VAL TA 381 33.30 -2.36 -121.91
C VAL TA 381 34.00 -1.83 -123.16
N SER TA 382 34.46 -2.72 -124.05
CA SER TA 382 35.18 -2.31 -125.25
C SER TA 382 34.25 -1.64 -126.25
N ASP TA 383 33.15 -2.34 -126.58
CA ASP TA 383 32.27 -1.83 -127.61
C ASP TA 383 31.51 -0.60 -127.11
N GLN TA 384 31.28 -0.52 -125.80
CA GLN TA 384 30.80 0.72 -125.20
C GLN TA 384 31.87 1.80 -125.29
N PHE TA 385 33.15 1.44 -125.12
CA PHE TA 385 34.24 2.39 -125.33
C PHE TA 385 34.40 2.68 -126.82
N THR TA 386 34.14 1.69 -127.67
CA THR TA 386 34.28 1.85 -129.11
C THR TA 386 33.22 2.81 -129.66
N ALA TA 387 31.96 2.60 -129.28
CA ALA TA 387 30.85 3.39 -129.79
C ALA TA 387 30.93 4.83 -129.25
N MET TA 388 31.40 4.99 -128.01
CA MET TA 388 31.41 6.28 -127.34
C MET TA 388 32.72 7.04 -127.64
N PHE TA 389 33.59 6.42 -128.46
CA PHE TA 389 34.83 7.07 -128.90
C PHE TA 389 34.78 7.48 -130.37
N ARG TA 390 33.93 6.84 -131.18
CA ARG TA 390 33.97 7.03 -132.63
C ARG TA 390 33.70 8.47 -133.06
N ARG TA 391 32.90 9.19 -132.29
CA ARG TA 391 32.77 10.62 -132.53
C ARG TA 391 32.87 11.43 -131.23
N LYS TA 392 33.96 11.14 -130.50
CA LYS TA 392 34.59 12.09 -129.59
C LYS TA 392 33.68 12.52 -128.43
N ALA TA 393 33.03 11.58 -127.74
CA ALA TA 393 32.24 11.96 -126.56
C ALA TA 393 33.15 12.19 -125.35
N PHE TA 394 33.05 13.38 -124.73
CA PHE TA 394 33.71 13.74 -123.48
C PHE TA 394 35.24 13.68 -123.56
N LEU TA 395 35.84 13.81 -124.75
CA LEU TA 395 37.31 13.70 -124.76
C LEU TA 395 37.96 14.96 -124.17
N HIS TA 396 37.28 16.09 -124.29
CA HIS TA 396 37.97 17.37 -124.15
C HIS TA 396 38.33 17.71 -122.72
N TRP TA 397 38.05 16.81 -121.76
CA TRP TA 397 38.62 16.96 -120.43
C TRP TA 397 39.95 16.23 -120.28
N TYR TA 398 39.98 15.00 -120.80
CA TYR TA 398 41.20 14.22 -120.81
C TYR TA 398 42.25 14.90 -121.68
N THR TA 399 41.85 15.40 -122.84
CA THR TA 399 42.75 16.19 -123.67
C THR TA 399 43.04 17.53 -123.00
N GLY TA 400 42.09 18.00 -122.15
CA GLY TA 400 42.28 19.26 -121.45
C GLY TA 400 43.40 19.21 -120.40
N GLU TA 401 43.66 18.02 -119.84
CA GLU TA 401 44.64 17.92 -118.76
C GLU TA 401 46.04 17.54 -119.24
N GLY TA 402 46.15 17.10 -120.50
CA GLY TA 402 47.50 16.80 -120.98
C GLY TA 402 47.68 15.39 -121.53
N MET TA 403 46.58 14.82 -122.05
CA MET TA 403 46.65 13.56 -122.77
C MET TA 403 46.78 13.82 -124.27
N ASP TA 404 46.60 12.77 -125.07
CA ASP TA 404 46.34 12.94 -126.49
C ASP TA 404 45.38 11.85 -126.92
N GLU TA 405 44.87 11.99 -128.14
CA GLU TA 405 43.98 10.99 -128.71
C GLU TA 405 44.73 9.67 -128.95
N MET TA 406 46.06 9.74 -129.08
CA MET TA 406 46.88 8.58 -129.35
C MET TA 406 46.93 7.60 -128.18
N GLU TA 407 46.89 8.11 -126.94
CA GLU TA 407 46.84 7.21 -125.79
C GLU TA 407 45.50 6.46 -125.72
N PHE TA 408 44.47 7.01 -126.38
CA PHE TA 408 43.17 6.34 -126.35
C PHE TA 408 43.08 5.23 -127.39
N THR TA 409 43.82 5.36 -128.48
CA THR TA 409 43.86 4.31 -129.49
C THR TA 409 44.61 3.10 -128.94
N GLU TA 410 45.72 3.32 -128.25
CA GLU TA 410 46.52 2.23 -127.71
C GLU TA 410 45.78 1.52 -126.58
N ALA TA 411 45.04 2.30 -125.78
CA ALA TA 411 44.28 1.73 -124.66
C ALA TA 411 43.16 0.85 -125.23
N GLU TA 412 42.65 1.14 -126.43
CA GLU TA 412 41.72 0.26 -127.10
C GLU TA 412 42.47 -0.96 -127.63
N SER TA 413 43.64 -0.76 -128.26
CA SER TA 413 44.36 -1.85 -128.90
C SER TA 413 44.98 -2.80 -127.86
N ASN TA 414 45.48 -2.26 -126.74
CA ASN TA 414 46.05 -3.10 -125.71
C ASN TA 414 44.96 -3.88 -124.98
N MET TA 415 43.69 -3.47 -125.08
CA MET TA 415 42.60 -4.22 -124.46
C MET TA 415 41.78 -4.94 -125.51
N ASN TA 416 42.01 -4.61 -126.80
CA ASN TA 416 41.36 -5.37 -127.87
C ASN TA 416 41.96 -6.77 -127.98
N ASP TA 417 43.31 -6.86 -127.88
CA ASP TA 417 44.04 -8.11 -127.90
C ASP TA 417 43.66 -8.99 -126.70
N LEU TA 418 43.32 -8.36 -125.57
CA LEU TA 418 42.94 -9.07 -124.35
C LEU TA 418 41.63 -9.83 -124.56
N VAL TA 419 40.75 -9.30 -125.43
CA VAL TA 419 39.51 -9.97 -125.77
C VAL TA 419 39.80 -11.23 -126.60
N SER TA 420 40.74 -11.11 -127.54
CA SER TA 420 41.08 -12.19 -128.45
C SER TA 420 41.83 -13.31 -127.71
N GLU TA 421 42.75 -12.95 -126.81
CA GLU TA 421 43.61 -13.92 -126.15
C GLU TA 421 42.89 -14.69 -125.04
N TYR TA 422 41.68 -14.29 -124.70
CA TYR TA 422 40.78 -15.19 -123.99
C TYR TA 422 40.05 -16.13 -124.95
N GLN TA 423 39.64 -15.55 -126.10
CA GLN TA 423 38.94 -16.25 -127.17
C GLN TA 423 39.85 -17.31 -127.81
N GLN TA 424 41.17 -17.05 -127.79
CA GLN TA 424 42.17 -17.92 -128.38
C GLN TA 424 42.13 -19.29 -127.70
N TYR TA 425 41.83 -19.28 -126.39
CA TYR TA 425 41.92 -20.49 -125.58
C TYR TA 425 40.53 -20.91 -125.12
N GLN TA 426 39.54 -20.93 -126.04
CA GLN TA 426 38.20 -21.37 -125.66
C GLN TA 426 37.71 -22.55 -126.53
N MET UA 1 37.78 26.45 -96.04
CA MET UA 1 38.21 25.05 -96.33
C MET UA 1 37.60 24.59 -97.64
N ARG UA 2 36.52 23.81 -97.51
CA ARG UA 2 35.71 23.33 -98.61
C ARG UA 2 34.40 24.12 -98.57
N GLU UA 3 34.41 25.26 -99.27
CA GLU UA 3 33.28 26.16 -99.29
C GLU UA 3 32.89 26.47 -100.72
N VAL UA 4 31.73 27.12 -100.89
CA VAL UA 4 31.35 27.66 -102.18
C VAL UA 4 30.77 29.06 -101.95
N ILE UA 5 30.97 29.95 -102.95
CA ILE UA 5 30.54 31.33 -102.85
C ILE UA 5 29.31 31.53 -103.75
N SER UA 6 28.27 32.14 -103.16
CA SER UA 6 27.04 32.41 -103.88
C SER UA 6 26.95 33.88 -104.28
N ILE UA 7 26.66 34.11 -105.57
CA ILE UA 7 26.42 35.44 -106.08
C ILE UA 7 24.95 35.53 -106.46
N HIS UA 8 24.31 36.61 -106.04
CA HIS UA 8 22.92 36.84 -106.40
C HIS UA 8 22.84 38.21 -107.06
N VAL UA 9 22.66 38.19 -108.39
CA VAL UA 9 22.67 39.42 -109.16
C VAL UA 9 21.35 39.49 -109.89
N GLY UA 10 20.57 40.52 -109.60
CA GLY UA 10 19.27 40.64 -110.25
C GLY UA 10 18.13 40.58 -109.24
N GLN UA 11 16.98 41.11 -109.68
CA GLN UA 11 15.77 41.19 -108.89
C GLN UA 11 15.33 39.79 -108.44
N ALA UA 12 15.33 38.88 -109.40
CA ALA UA 12 14.93 37.50 -109.20
C ALA UA 12 15.84 36.80 -108.19
N GLY UA 13 17.15 37.11 -108.30
CA GLY UA 13 18.19 36.50 -107.49
C GLY UA 13 18.06 36.83 -106.01
N ILE UA 14 17.66 38.07 -105.71
CA ILE UA 14 17.71 38.54 -104.34
C ILE UA 14 16.63 37.86 -103.48
N GLN UA 15 15.44 37.71 -104.04
CA GLN UA 15 14.39 37.00 -103.32
C GLN UA 15 14.69 35.50 -103.23
N ILE UA 16 15.38 34.96 -104.26
CA ILE UA 16 15.78 33.57 -104.20
C ILE UA 16 16.82 33.39 -103.10
N GLY UA 17 17.78 34.33 -103.05
CA GLY UA 17 18.75 34.36 -101.96
C GLY UA 17 18.09 34.62 -100.61
N ASN UA 18 16.95 35.34 -100.63
CA ASN UA 18 16.18 35.51 -99.42
C ASN UA 18 15.63 34.16 -98.92
N ALA UA 19 15.13 33.37 -99.87
CA ALA UA 19 14.60 32.07 -99.52
C ALA UA 19 15.73 31.08 -99.21
N CYS UA 20 16.78 31.08 -100.04
CA CYS UA 20 17.83 30.09 -99.95
C CYS UA 20 18.60 30.20 -98.63
N TRP UA 21 18.86 31.43 -98.20
CA TRP UA 21 19.53 31.65 -96.94
C TRP UA 21 18.60 31.62 -95.75
N GLU UA 22 17.31 31.48 -96.02
CA GLU UA 22 16.36 31.20 -94.96
C GLU UA 22 16.45 29.71 -94.60
N LEU UA 23 16.63 28.86 -95.61
CA LEU UA 23 16.61 27.42 -95.39
C LEU UA 23 17.90 26.95 -94.72
N PHE UA 24 19.03 27.53 -95.16
CA PHE UA 24 20.33 27.13 -94.66
C PHE UA 24 20.53 27.51 -93.20
N CYS UA 25 19.73 28.44 -92.71
CA CYS UA 25 19.76 28.77 -91.29
C CYS UA 25 19.01 27.70 -90.46
N LEU UA 26 17.93 27.13 -91.03
CA LEU UA 26 17.17 26.13 -90.28
C LEU UA 26 17.82 24.76 -90.36
N GLU UA 27 18.52 24.49 -91.48
CA GLU UA 27 19.21 23.21 -91.64
C GLU UA 27 20.26 23.04 -90.55
N HIS UA 28 20.99 24.11 -90.22
CA HIS UA 28 22.04 24.07 -89.20
C HIS UA 28 21.63 24.79 -87.92
N GLY UA 29 20.37 25.25 -87.87
CA GLY UA 29 19.82 25.78 -86.63
C GLY UA 29 20.46 27.10 -86.20
N ILE UA 30 21.14 27.77 -87.13
CA ILE UA 30 21.71 29.08 -86.81
C ILE UA 30 20.58 30.10 -86.73
N GLN UA 31 20.39 30.69 -85.55
CA GLN UA 31 19.28 31.62 -85.32
C GLN UA 31 19.53 32.94 -86.04
N PRO UA 32 18.49 33.63 -86.54
CA PRO UA 32 18.62 34.90 -87.27
C PRO UA 32 19.51 36.01 -86.72
N ASP UA 33 19.87 35.92 -85.44
CA ASP UA 33 20.95 36.77 -84.94
C ASP UA 33 22.26 36.37 -85.59
N GLY UA 34 22.55 35.07 -85.66
CA GLY UA 34 23.79 34.63 -86.30
C GLY UA 34 24.61 33.66 -85.46
N GLN UA 35 24.05 33.20 -84.35
CA GLN UA 35 24.65 32.13 -83.58
C GLN UA 35 23.68 30.97 -83.49
N MET UA 36 24.17 29.92 -82.80
CA MET UA 36 23.35 28.78 -82.41
C MET UA 36 23.36 28.68 -80.89
N PRO UA 37 22.24 28.25 -80.29
CA PRO UA 37 22.09 28.29 -78.83
C PRO UA 37 22.93 27.24 -78.09
N ASP UA 47 32.73 19.94 -88.30
CA ASP UA 47 33.01 21.08 -89.22
C ASP UA 47 32.03 21.14 -90.38
N ALA UA 48 30.73 20.92 -90.10
CA ALA UA 48 29.78 20.57 -91.14
C ALA UA 48 29.20 21.78 -91.86
N PHE UA 49 29.26 22.97 -91.24
CA PHE UA 49 28.63 24.12 -91.90
C PHE UA 49 29.65 25.13 -92.38
N ASN UA 50 30.88 24.69 -92.62
CA ASN UA 50 31.88 25.55 -93.24
C ASN UA 50 31.63 25.71 -94.74
N THR UA 51 30.74 24.88 -95.31
CA THR UA 51 30.52 24.85 -96.76
C THR UA 51 29.68 26.05 -97.21
N PHE UA 52 28.88 26.61 -96.28
CA PHE UA 52 28.08 27.79 -96.59
C PHE UA 52 28.19 28.91 -95.55
N PHE UA 53 28.78 28.63 -94.39
CA PHE UA 53 28.84 29.61 -93.32
C PHE UA 53 30.26 29.81 -92.86
N SER UA 54 30.51 31.01 -92.33
CA SER UA 54 31.75 31.36 -91.66
C SER UA 54 31.51 31.34 -90.15
N GLU UA 55 32.57 31.66 -89.37
CA GLU UA 55 32.45 31.70 -87.92
C GLU UA 55 33.22 32.88 -87.35
N THR UA 56 32.52 33.89 -86.81
CA THR UA 56 33.15 35.05 -86.21
C THR UA 56 33.32 34.89 -84.69
N GLY UA 57 33.95 33.77 -84.28
CA GLY UA 57 34.51 33.65 -82.93
C GLY UA 57 33.50 33.15 -81.91
N ALA UA 58 33.15 34.01 -80.94
CA ALA UA 58 32.16 33.78 -79.92
C ALA UA 58 30.77 33.58 -80.54
N GLY UA 59 30.52 32.35 -81.03
CA GLY UA 59 29.21 31.90 -81.46
C GLY UA 59 28.78 32.29 -82.88
N LYS UA 60 29.34 33.41 -83.38
CA LYS UA 60 28.76 34.07 -84.53
C LYS UA 60 29.01 33.29 -85.83
N HIS UA 61 28.01 33.22 -86.69
CA HIS UA 61 28.15 32.70 -88.05
C HIS UA 61 27.62 33.70 -89.06
N VAL UA 62 28.33 33.86 -90.18
CA VAL UA 62 27.96 34.81 -91.22
C VAL UA 62 27.98 34.09 -92.57
N PRO UA 63 26.94 34.26 -93.42
CA PRO UA 63 26.93 33.61 -94.74
C PRO UA 63 28.03 34.03 -95.71
N ARG UA 64 28.39 33.10 -96.60
CA ARG UA 64 29.31 33.36 -97.70
C ARG UA 64 28.53 33.73 -98.96
N CYS UA 65 28.00 34.95 -98.94
CA CYS UA 65 27.23 35.42 -100.07
C CYS UA 65 27.58 36.87 -100.38
N VAL UA 66 27.20 37.26 -101.60
CA VAL UA 66 27.13 38.63 -102.01
C VAL UA 66 25.79 38.84 -102.71
N PHE UA 67 25.18 39.98 -102.40
CA PHE UA 67 23.96 40.40 -103.07
C PHE UA 67 24.28 41.63 -103.91
N LEU UA 68 23.95 41.54 -105.21
CA LEU UA 68 24.16 42.66 -106.10
C LEU UA 68 22.82 43.03 -106.74
N ASP UA 69 22.41 44.28 -106.56
CA ASP UA 69 21.28 44.81 -107.29
C ASP UA 69 21.47 46.31 -107.49
N LEU UA 70 21.26 46.75 -108.72
CA LEU UA 70 21.29 48.17 -109.03
C LEU UA 70 20.05 48.87 -108.45
N GLU UA 71 18.92 48.13 -108.48
CA GLU UA 71 17.64 48.58 -107.93
C GLU UA 71 17.79 48.68 -106.41
N PRO UA 72 17.72 49.88 -105.79
CA PRO UA 72 18.03 50.01 -104.37
C PRO UA 72 16.99 49.37 -103.44
N THR UA 73 15.76 49.26 -103.95
CA THR UA 73 14.62 49.05 -103.09
C THR UA 73 14.51 47.58 -102.65
N VAL UA 74 15.38 46.72 -103.20
CA VAL UA 74 15.35 45.30 -102.85
C VAL UA 74 16.45 45.01 -101.82
N VAL UA 75 17.53 45.80 -101.85
CA VAL UA 75 18.68 45.54 -101.02
C VAL UA 75 18.47 46.18 -99.64
N ASP UA 76 17.91 47.39 -99.62
CA ASP UA 76 17.69 48.07 -98.35
C ASP UA 76 16.54 47.41 -97.58
N GLU UA 77 15.57 46.89 -98.34
CA GLU UA 77 14.33 46.41 -97.75
C GLU UA 77 14.62 45.10 -97.01
N VAL UA 78 15.72 44.43 -97.40
CA VAL UA 78 16.24 43.30 -96.63
C VAL UA 78 17.30 43.75 -95.62
N ARG UA 79 17.89 44.93 -95.82
CA ARG UA 79 18.78 45.49 -94.81
C ARG UA 79 18.01 45.80 -93.50
N THR UA 80 16.74 46.17 -93.69
CA THR UA 80 15.88 46.54 -92.58
C THR UA 80 14.85 45.47 -92.23
N GLY UA 81 14.98 44.28 -92.83
CA GLY UA 81 14.04 43.16 -92.64
C GLY UA 81 14.17 42.44 -91.29
N THR UA 82 13.91 41.12 -91.26
CA THR UA 82 14.13 40.31 -90.07
C THR UA 82 15.62 39.97 -89.89
N TYR UA 83 16.23 39.41 -90.94
CA TYR UA 83 17.64 39.07 -90.94
C TYR UA 83 18.52 40.32 -91.15
N ARG UA 84 18.47 41.23 -90.19
CA ARG UA 84 19.35 42.38 -90.25
C ARG UA 84 20.76 41.94 -89.88
N HIS UA 85 20.87 41.07 -88.87
CA HIS UA 85 22.12 40.81 -88.18
C HIS UA 85 22.82 39.57 -88.76
N LEU UA 86 22.18 38.92 -89.74
CA LEU UA 86 22.74 37.72 -90.35
C LEU UA 86 23.93 38.07 -91.23
N PHE UA 87 23.72 39.05 -92.12
CA PHE UA 87 24.69 39.36 -93.15
C PHE UA 87 25.69 40.40 -92.66
N HIS UA 88 26.87 40.40 -93.28
CA HIS UA 88 27.76 41.54 -93.14
C HIS UA 88 27.12 42.79 -93.73
N PRO UA 89 27.27 43.97 -93.09
CA PRO UA 89 26.76 45.21 -93.64
C PRO UA 89 27.20 45.56 -95.06
N GLU UA 90 28.25 44.94 -95.61
CA GLU UA 90 28.56 45.17 -97.03
C GLU UA 90 28.69 43.87 -97.85
N GLN UA 91 27.95 42.83 -97.47
CA GLN UA 91 27.78 41.75 -98.44
C GLN UA 91 26.52 41.97 -99.29
N LEU UA 92 25.87 43.08 -99.01
CA LEU UA 92 24.71 43.53 -99.77
C LEU UA 92 25.10 44.81 -100.48
N ILE UA 93 25.70 44.66 -101.67
CA ILE UA 93 26.10 45.80 -102.49
C ILE UA 93 24.88 46.35 -103.22
N SER UA 94 24.67 47.68 -103.10
CA SER UA 94 23.48 48.31 -103.67
C SER UA 94 23.89 49.41 -104.64
N GLY UA 95 23.27 49.38 -105.83
CA GLY UA 95 23.50 50.42 -106.82
C GLY UA 95 22.80 51.72 -106.44
N LYS UA 96 22.47 52.50 -107.46
CA LYS UA 96 21.73 53.73 -107.23
C LYS UA 96 20.56 53.83 -108.21
N GLU UA 97 20.76 53.39 -109.46
CA GLU UA 97 19.70 53.44 -110.47
C GLU UA 97 19.61 52.09 -111.19
N ASP UA 98 18.42 51.77 -111.64
CA ASP UA 98 18.08 50.47 -112.21
C ASP UA 98 18.74 50.28 -113.57
N ALA UA 99 18.98 49.04 -113.96
CA ALA UA 99 19.33 48.74 -115.35
C ALA UA 99 18.08 48.84 -116.23
N ALA UA 100 16.96 48.30 -115.72
CA ALA UA 100 15.63 48.47 -116.30
C ALA UA 100 15.57 47.91 -117.72
N ASN UA 101 15.66 46.59 -117.81
CA ASN UA 101 15.36 45.82 -119.00
C ASN UA 101 16.21 46.25 -120.19
N ASN UA 102 17.39 46.83 -119.93
CA ASN UA 102 18.28 47.30 -120.99
C ASN UA 102 19.63 46.65 -120.76
N PHE UA 103 20.02 45.77 -121.68
CA PHE UA 103 21.29 45.06 -121.58
C PHE UA 103 22.46 46.04 -121.65
N ALA UA 104 22.30 47.10 -122.47
CA ALA UA 104 23.37 48.05 -122.70
C ALA UA 104 23.72 48.83 -121.42
N ARG UA 105 22.68 49.17 -120.65
CA ARG UA 105 22.89 49.85 -119.38
C ARG UA 105 23.59 48.91 -118.42
N GLY UA 106 23.19 47.65 -118.43
CA GLY UA 106 23.75 46.70 -117.48
C GLY UA 106 25.20 46.29 -117.82
N HIS UA 107 25.66 46.60 -119.04
CA HIS UA 107 26.97 46.14 -119.49
C HIS UA 107 27.99 47.28 -119.60
N TYR UA 108 27.56 48.47 -120.03
CA TYR UA 108 28.51 49.47 -120.51
C TYR UA 108 28.55 50.71 -119.64
N THR UA 109 27.39 51.33 -119.45
CA THR UA 109 27.36 52.66 -118.85
C THR UA 109 27.42 52.58 -117.34
N ILE UA 110 26.38 52.03 -116.72
CA ILE UA 110 26.21 52.18 -115.28
C ILE UA 110 26.84 51.05 -114.48
N GLY UA 111 27.01 49.90 -115.17
CA GLY UA 111 27.51 48.66 -114.57
C GLY UA 111 28.94 48.81 -114.03
N LYS UA 112 29.71 49.70 -114.66
CA LYS UA 112 31.15 49.78 -114.53
C LYS UA 112 31.58 50.19 -113.12
N GLU UA 113 30.78 51.06 -112.50
CA GLU UA 113 31.16 51.61 -111.21
C GLU UA 113 30.94 50.58 -110.10
N ILE UA 114 30.14 49.54 -110.36
CA ILE UA 114 29.71 48.64 -109.29
C ILE UA 114 30.49 47.32 -109.30
N VAL UA 115 31.08 46.93 -110.44
CA VAL UA 115 31.75 45.64 -110.51
C VAL UA 115 33.03 45.68 -109.68
N ASP UA 116 33.81 46.77 -109.85
CA ASP UA 116 35.10 46.94 -109.20
C ASP UA 116 34.93 46.95 -107.68
N LEU UA 117 33.80 47.51 -107.23
CA LEU UA 117 33.42 47.45 -105.83
C LEU UA 117 33.00 46.03 -105.44
N SER UA 118 32.35 45.33 -106.37
CA SER UA 118 31.82 44.01 -106.08
C SER UA 118 32.96 42.98 -106.02
N LEU UA 119 33.86 43.00 -107.02
CA LEU UA 119 34.95 42.05 -107.13
C LEU UA 119 35.98 42.21 -106.00
N ASP UA 120 35.99 43.36 -105.34
CA ASP UA 120 36.82 43.49 -104.15
C ASP UA 120 36.25 42.64 -103.01
N ARG UA 121 34.92 42.51 -102.96
CA ARG UA 121 34.28 41.76 -101.89
C ARG UA 121 34.45 40.25 -102.10
N ILE UA 122 34.39 39.82 -103.37
CA ILE UA 122 34.61 38.42 -103.72
C ILE UA 122 36.01 38.01 -103.28
N ARG UA 123 36.99 38.87 -103.55
CA ARG UA 123 38.40 38.57 -103.28
C ARG UA 123 38.64 38.40 -101.78
N LYS UA 124 38.02 39.23 -100.94
CA LYS UA 124 38.09 39.09 -99.49
C LYS UA 124 37.51 37.75 -99.04
N LEU UA 125 36.45 37.29 -99.70
CA LEU UA 125 35.86 36.00 -99.40
C LEU UA 125 36.75 34.86 -99.92
N ALA UA 126 37.46 35.07 -101.03
CA ALA UA 126 38.19 34.01 -101.72
C ALA UA 126 39.59 33.83 -101.13
N ASP UA 127 40.10 34.81 -100.38
CA ASP UA 127 41.43 34.69 -99.80
C ASP UA 127 41.39 34.03 -98.43
N ASN UA 128 40.19 33.61 -98.01
CA ASN UA 128 40.00 33.01 -96.69
C ASN UA 128 40.56 31.60 -96.73
N CYS UA 129 40.04 30.73 -97.62
CA CYS UA 129 40.73 29.49 -97.89
C CYS UA 129 40.63 29.18 -99.38
N THR UA 130 41.72 28.78 -100.01
CA THR UA 130 41.54 28.29 -101.36
C THR UA 130 40.96 26.88 -101.28
N GLY UA 131 40.76 26.21 -102.42
CA GLY UA 131 39.94 25.01 -102.37
C GLY UA 131 38.45 25.38 -102.31
N LEU UA 132 38.18 26.63 -102.66
CA LEU UA 132 36.91 27.17 -103.11
C LEU UA 132 36.38 26.25 -104.21
N GLN UA 133 35.27 25.58 -103.88
CA GLN UA 133 34.72 24.52 -104.72
C GLN UA 133 34.29 25.08 -106.08
N GLY UA 134 33.71 26.30 -106.04
CA GLY UA 134 33.22 26.99 -107.22
C GLY UA 134 32.35 28.17 -106.85
N PHE UA 135 31.50 28.57 -107.80
CA PHE UA 135 30.65 29.73 -107.65
C PHE UA 135 29.26 29.39 -108.14
N LEU UA 136 28.29 29.49 -107.22
CA LEU UA 136 26.91 29.53 -107.65
C LEU UA 136 26.59 30.98 -107.97
N MET UA 137 25.61 31.17 -108.86
CA MET UA 137 25.23 32.48 -109.34
C MET UA 137 23.78 32.35 -109.83
N PHE UA 138 22.91 33.13 -109.21
CA PHE UA 138 21.50 33.14 -109.55
C PHE UA 138 21.17 34.47 -110.19
N ASN UA 139 20.41 34.43 -111.28
CA ASN UA 139 20.07 35.67 -111.95
C ASN UA 139 18.79 35.46 -112.76
N ALA UA 140 18.14 36.58 -113.04
CA ALA UA 140 17.14 36.63 -114.09
C ALA UA 140 17.86 36.70 -115.43
N VAL UA 141 17.10 36.43 -116.50
CA VAL UA 141 17.62 36.55 -117.85
C VAL UA 141 16.71 37.48 -118.66
N GLY UA 142 15.42 37.60 -118.27
CA GLY UA 142 14.45 38.43 -118.96
C GLY UA 142 14.61 39.91 -118.61
N GLY UA 143 15.17 40.16 -117.41
CA GLY UA 143 15.37 41.49 -116.85
C GLY UA 143 16.69 42.10 -117.28
N GLY UA 144 16.97 43.30 -116.78
CA GLY UA 144 18.20 44.00 -117.12
C GLY UA 144 19.39 43.53 -116.32
N THR UA 145 19.37 43.86 -115.03
CA THR UA 145 20.54 43.68 -114.19
C THR UA 145 20.81 42.21 -113.93
N GLY UA 146 19.80 41.36 -114.14
CA GLY UA 146 20.01 39.92 -114.09
C GLY UA 146 20.89 39.43 -115.25
N SER UA 147 20.90 40.15 -116.37
CA SER UA 147 21.61 39.72 -117.57
C SER UA 147 22.86 40.57 -117.80
N GLY UA 148 22.67 41.89 -117.87
CA GLY UA 148 23.73 42.81 -118.23
C GLY UA 148 24.91 42.79 -117.25
N LEU UA 149 24.56 42.91 -115.97
CA LEU UA 149 25.58 42.96 -114.93
C LEU UA 149 26.26 41.60 -114.80
N GLY UA 150 25.51 40.54 -115.11
CA GLY UA 150 26.04 39.18 -115.07
C GLY UA 150 27.19 38.99 -116.03
N CYS UA 151 27.04 39.46 -117.28
CA CYS UA 151 28.04 39.25 -118.31
C CYS UA 151 29.37 39.93 -117.95
N LEU UA 152 29.28 41.20 -117.52
CA LEU UA 152 30.47 41.92 -117.10
C LEU UA 152 31.10 41.27 -115.86
N LEU UA 153 30.29 40.57 -115.04
CA LEU UA 153 30.83 39.92 -113.87
C LEU UA 153 31.54 38.63 -114.27
N LEU UA 154 30.88 37.75 -115.02
CA LEU UA 154 31.42 36.43 -115.32
C LEU UA 154 32.58 36.51 -116.32
N GLU UA 155 32.61 37.53 -117.20
CA GLU UA 155 33.77 37.76 -118.08
C GLU UA 155 35.03 37.98 -117.20
N ARG UA 156 34.99 38.94 -116.24
CA ARG UA 156 36.14 39.28 -115.41
C ARG UA 156 36.39 38.20 -114.35
N LEU UA 157 35.33 37.53 -113.87
CA LEU UA 157 35.48 36.47 -112.88
C LEU UA 157 36.18 35.28 -113.54
N SER UA 158 35.90 35.04 -114.83
CA SER UA 158 36.49 33.90 -115.54
C SER UA 158 37.97 34.15 -115.81
N VAL UA 159 38.39 35.41 -115.79
CA VAL UA 159 39.78 35.69 -116.06
C VAL UA 159 40.61 35.41 -114.81
N ASP UA 160 40.11 35.87 -113.66
CA ASP UA 160 40.83 35.80 -112.39
C ASP UA 160 40.79 34.38 -111.83
N TYR UA 161 39.59 33.93 -111.43
CA TYR UA 161 39.42 32.60 -110.87
C TYR UA 161 38.94 31.66 -111.97
N GLY UA 162 39.83 31.45 -112.95
CA GLY UA 162 39.49 30.75 -114.19
C GLY UA 162 39.12 29.29 -113.96
N LYS UA 163 39.93 28.59 -113.17
CA LYS UA 163 39.91 27.14 -113.22
C LYS UA 163 38.72 26.54 -112.51
N LYS UA 164 38.11 27.31 -111.60
CA LYS UA 164 36.99 26.82 -110.80
C LYS UA 164 35.76 26.62 -111.69
N SER UA 165 34.86 25.72 -111.27
CA SER UA 165 33.62 25.47 -111.99
C SER UA 165 32.55 26.46 -111.52
N LYS UA 166 31.81 27.04 -112.48
CA LYS UA 166 30.83 28.06 -112.16
C LYS UA 166 29.44 27.60 -112.59
N LEU UA 167 28.50 27.76 -111.66
CA LEU UA 167 27.14 27.31 -111.86
C LEU UA 167 26.23 28.52 -112.02
N ASN UA 168 25.18 28.32 -112.81
CA ASN UA 168 24.22 29.34 -113.12
C ASN UA 168 22.83 28.75 -112.87
N PHE UA 169 21.89 29.64 -112.58
CA PHE UA 169 20.49 29.31 -112.53
C PHE UA 169 19.68 30.42 -113.19
N CYS UA 170 19.45 30.28 -114.51
CA CYS UA 170 18.77 31.30 -115.29
C CYS UA 170 17.25 31.07 -115.19
N SER UA 171 16.54 32.16 -114.84
CA SER UA 171 15.08 32.13 -114.90
C SER UA 171 14.62 32.41 -116.33
N TRP UA 172 14.74 31.37 -117.17
CA TRP UA 172 14.42 31.48 -118.59
C TRP UA 172 12.93 31.77 -118.74
N PRO UA 173 12.49 32.54 -119.76
CA PRO UA 173 11.07 32.88 -119.86
C PRO UA 173 10.22 31.69 -120.29
N SER UA 174 8.97 31.77 -119.89
CA SER UA 174 8.02 30.75 -120.31
C SER UA 174 7.54 31.09 -121.72
N PRO UA 175 7.18 30.07 -122.54
CA PRO UA 175 6.60 30.33 -123.86
C PRO UA 175 5.26 31.05 -123.86
N GLN UA 176 4.60 31.15 -122.68
CA GLN UA 176 3.28 31.76 -122.61
C GLN UA 176 3.32 33.07 -121.81
N VAL UA 177 3.97 33.07 -120.64
CA VAL UA 177 4.01 34.27 -119.79
C VAL UA 177 5.36 34.97 -120.01
N SER UA 178 5.31 36.26 -120.31
CA SER UA 178 6.54 37.02 -120.51
C SER UA 178 6.62 38.21 -119.56
N THR UA 179 5.56 39.03 -119.57
CA THR UA 179 5.46 40.25 -118.79
C THR UA 179 6.57 41.27 -119.11
N ALA UA 180 7.20 41.11 -120.28
CA ALA UA 180 7.99 42.15 -120.96
C ALA UA 180 7.90 41.89 -122.46
N VAL UA 181 8.16 42.93 -123.25
CA VAL UA 181 8.22 42.78 -124.69
C VAL UA 181 9.65 43.00 -125.20
N VAL UA 182 10.51 43.57 -124.35
CA VAL UA 182 11.93 43.65 -124.63
C VAL UA 182 12.66 42.42 -124.07
N GLU UA 183 11.88 41.42 -123.65
CA GLU UA 183 12.44 40.24 -123.01
C GLU UA 183 13.35 39.43 -123.95
N PRO UA 184 12.99 39.11 -125.22
CA PRO UA 184 13.89 38.33 -126.07
C PRO UA 184 15.25 38.98 -126.33
N TYR UA 185 15.28 40.31 -126.46
CA TYR UA 185 16.53 41.04 -126.60
C TYR UA 185 17.44 40.82 -125.38
N ASN UA 186 16.86 40.90 -124.18
CA ASN UA 186 17.62 40.72 -122.95
C ASN UA 186 18.12 39.29 -122.83
N SER UA 187 17.43 38.35 -123.47
CA SER UA 187 17.66 36.95 -123.17
C SER UA 187 18.53 36.29 -124.24
N VAL UA 188 18.55 36.83 -125.46
CA VAL UA 188 19.49 36.31 -126.44
C VAL UA 188 20.87 36.95 -126.24
N LEU UA 189 20.90 38.22 -125.84
CA LEU UA 189 22.16 38.92 -125.62
C LEU UA 189 22.91 38.32 -124.44
N SER UA 190 22.15 37.76 -123.49
CA SER UA 190 22.72 36.93 -122.44
C SER UA 190 23.28 35.64 -123.02
N THR UA 191 22.57 35.09 -124.02
CA THR UA 191 22.84 33.73 -124.47
C THR UA 191 24.21 33.65 -125.14
N HIS UA 192 24.58 34.69 -125.91
CA HIS UA 192 25.93 34.76 -126.47
C HIS UA 192 26.96 34.86 -125.35
N SER UA 193 26.59 35.48 -124.22
CA SER UA 193 27.53 35.72 -123.15
C SER UA 193 27.51 34.63 -122.08
N LEU UA 194 26.56 33.69 -122.14
CA LEU UA 194 26.53 32.58 -121.17
C LEU UA 194 27.00 31.27 -121.79
N LEU UA 195 26.98 31.18 -123.11
CA LEU UA 195 27.49 30.02 -123.81
C LEU UA 195 29.00 29.91 -123.64
N GLU UA 196 29.68 31.06 -123.61
CA GLU UA 196 31.12 31.10 -123.55
C GLU UA 196 31.64 31.08 -122.11
N HIS UA 197 30.75 31.12 -121.09
CA HIS UA 197 31.26 31.34 -119.74
C HIS UA 197 30.63 30.44 -118.67
N THR UA 198 29.38 30.02 -118.86
CA THR UA 198 28.71 29.21 -117.84
C THR UA 198 29.01 27.74 -118.09
N ASP UA 199 29.52 27.08 -117.05
CA ASP UA 199 29.89 25.68 -117.15
C ASP UA 199 28.64 24.81 -117.22
N VAL UA 200 27.66 25.09 -116.34
CA VAL UA 200 26.37 24.43 -116.37
C VAL UA 200 25.31 25.47 -116.01
N ALA UA 201 24.29 25.61 -116.87
CA ALA UA 201 23.15 26.46 -116.60
C ALA UA 201 21.89 25.59 -116.50
N VAL UA 202 21.06 25.88 -115.48
CA VAL UA 202 19.83 25.14 -115.26
C VAL UA 202 18.65 26.04 -115.56
N MET UA 203 17.74 25.53 -116.41
CA MET UA 203 16.62 26.33 -116.90
C MET UA 203 15.39 26.12 -116.01
N LEU UA 204 15.22 27.04 -115.05
CA LEU UA 204 14.02 27.06 -114.22
C LEU UA 204 13.04 28.07 -114.82
N ASP UA 205 11.82 27.58 -115.10
CA ASP UA 205 10.80 28.38 -115.75
C ASP UA 205 9.62 28.56 -114.82
N ASN UA 206 9.01 29.75 -114.90
CA ASN UA 206 8.03 30.19 -113.94
C ASN UA 206 6.70 29.47 -114.13
N GLU UA 207 6.30 29.24 -115.39
CA GLU UA 207 5.00 28.58 -115.62
C GLU UA 207 5.01 27.13 -115.15
N ALA UA 208 6.19 26.50 -115.23
CA ALA UA 208 6.36 25.14 -114.74
C ALA UA 208 6.19 25.14 -113.21
N ILE UA 209 6.75 26.16 -112.55
CA ILE UA 209 6.60 26.23 -111.10
C ILE UA 209 5.20 26.74 -110.77
N TYR UA 210 4.58 27.43 -111.72
CA TYR UA 210 3.21 27.90 -111.55
C TYR UA 210 2.20 26.74 -111.55
N ASP UA 211 2.42 25.76 -112.42
CA ASP UA 211 1.40 24.71 -112.49
C ASP UA 211 1.78 23.51 -111.63
N ILE UA 212 3.04 23.39 -111.22
CA ILE UA 212 3.43 22.30 -110.33
C ILE UA 212 2.71 22.44 -109.00
N CYS UA 213 2.45 23.69 -108.59
CA CYS UA 213 1.66 23.92 -107.38
C CYS UA 213 0.17 23.91 -107.70
N ARG UA 214 -0.17 23.73 -108.98
CA ARG UA 214 -1.58 23.70 -109.31
C ARG UA 214 -2.11 22.27 -109.37
N ARG UA 215 -1.30 21.33 -109.86
CA ARG UA 215 -1.69 19.93 -110.01
C ARG UA 215 -1.34 19.10 -108.78
N ASN UA 216 -0.21 19.41 -108.13
CA ASN UA 216 0.20 18.76 -106.88
C ASN UA 216 -0.37 19.44 -105.64
N LEU UA 217 0.06 20.69 -105.38
CA LEU UA 217 -0.20 21.37 -104.12
C LEU UA 217 -1.69 21.75 -104.01
N ASP UA 218 -2.35 21.89 -105.17
CA ASP UA 218 -3.76 22.26 -105.24
C ASP UA 218 -4.01 23.59 -104.49
N ILE UA 219 -3.04 24.49 -104.60
CA ILE UA 219 -3.17 25.84 -104.06
C ILE UA 219 -3.46 26.80 -105.21
N GLU UA 220 -4.52 27.60 -105.01
CA GLU UA 220 -5.03 28.49 -106.04
C GLU UA 220 -4.30 29.83 -106.04
N ARG UA 221 -4.01 30.39 -104.84
CA ARG UA 221 -3.60 31.77 -104.73
C ARG UA 221 -2.28 31.97 -103.97
N PRO UA 222 -1.13 31.25 -104.21
CA PRO UA 222 0.14 31.72 -103.67
C PRO UA 222 1.04 32.51 -104.61
N THR UA 223 1.86 33.40 -104.04
CA THR UA 223 2.63 34.39 -104.77
C THR UA 223 4.05 33.90 -105.07
N TYR UA 224 4.93 34.81 -105.52
CA TYR UA 224 6.33 34.53 -105.86
C TYR UA 224 7.10 33.89 -104.71
N THR UA 225 6.77 34.25 -103.48
CA THR UA 225 7.58 33.83 -102.35
C THR UA 225 7.46 32.31 -102.12
N ASN UA 226 6.38 31.73 -102.60
CA ASN UA 226 6.23 30.28 -102.50
C ASN UA 226 7.00 29.56 -103.60
N LEU UA 227 7.20 30.22 -104.74
CA LEU UA 227 8.03 29.67 -105.82
C LEU UA 227 9.50 29.59 -105.37
N ASN UA 228 9.88 30.52 -104.51
CA ASN UA 228 11.26 30.57 -104.06
C ASN UA 228 11.55 29.52 -103.00
N ARG UA 229 10.49 29.03 -102.33
CA ARG UA 229 10.65 27.90 -101.43
C ARG UA 229 10.94 26.63 -102.23
N LEU UA 230 10.33 26.53 -103.42
CA LEU UA 230 10.60 25.43 -104.34
C LEU UA 230 12.07 25.44 -104.76
N ILE UA 231 12.57 26.61 -105.15
CA ILE UA 231 13.94 26.73 -105.64
C ILE UA 231 14.92 26.48 -104.50
N ALA UA 232 14.55 26.91 -103.29
CA ALA UA 232 15.37 26.65 -102.12
C ALA UA 232 15.45 25.15 -101.83
N GLN UA 233 14.44 24.38 -102.23
CA GLN UA 233 14.45 22.95 -102.04
C GLN UA 233 15.48 22.27 -102.95
N VAL UA 234 15.64 22.78 -104.17
CA VAL UA 234 16.56 22.17 -105.12
C VAL UA 234 17.99 22.50 -104.69
N ILE UA 235 18.24 23.77 -104.39
CA ILE UA 235 19.60 24.21 -104.12
C ILE UA 235 20.10 23.59 -102.82
N SER UA 236 19.21 23.40 -101.85
CA SER UA 236 19.54 22.63 -100.65
C SER UA 236 19.85 21.18 -101.02
N SER UA 237 19.01 20.59 -101.88
CA SER UA 237 19.14 19.18 -102.26
C SER UA 237 20.42 18.93 -103.06
N LEU UA 238 20.79 19.93 -103.88
CA LEU UA 238 21.95 19.79 -104.75
C LEU UA 238 23.26 19.76 -103.97
N THR UA 239 23.38 20.67 -102.99
CA THR UA 239 24.64 20.87 -102.29
C THR UA 239 24.62 20.22 -100.91
N ALA UA 240 23.59 19.42 -100.59
CA ALA UA 240 23.52 18.81 -99.27
C ALA UA 240 24.59 17.74 -99.06
N SER UA 241 25.08 17.16 -100.16
CA SER UA 241 26.05 16.07 -100.10
C SER UA 241 27.39 16.59 -99.57
N LEU UA 242 27.71 17.85 -99.88
CA LEU UA 242 28.84 18.53 -99.25
C LEU UA 242 28.55 18.69 -97.76
N ARG UA 243 27.29 18.98 -97.42
CA ARG UA 243 26.95 19.37 -96.07
C ARG UA 243 26.96 18.17 -95.13
N PHE UA 244 26.38 17.06 -95.59
CA PHE UA 244 26.13 15.91 -94.73
C PHE UA 244 26.67 14.64 -95.36
N ASP UA 245 27.10 13.75 -94.46
CA ASP UA 245 27.61 12.41 -94.73
C ASP UA 245 26.50 11.56 -95.32
N GLY UA 246 26.83 10.63 -96.24
CA GLY UA 246 25.80 9.77 -96.81
C GLY UA 246 26.39 8.55 -97.50
N ALA UA 247 25.52 7.77 -98.17
CA ALA UA 247 25.89 6.51 -98.79
C ALA UA 247 26.80 6.72 -100.00
N LEU UA 248 26.38 7.59 -100.94
CA LEU UA 248 27.21 7.94 -102.08
C LEU UA 248 27.09 9.44 -102.29
N ASN UA 249 28.11 10.18 -101.85
CA ASN UA 249 28.03 11.62 -101.97
C ASN UA 249 28.33 12.04 -103.40
N VAL UA 250 28.03 13.31 -103.64
CA VAL UA 250 28.21 13.96 -104.91
C VAL UA 250 28.76 15.37 -104.69
N ASP UA 251 29.65 15.81 -105.57
CA ASP UA 251 30.26 17.12 -105.45
C ASP UA 251 29.70 18.04 -106.53
N VAL UA 252 30.19 19.27 -106.55
CA VAL UA 252 29.69 20.25 -107.51
C VAL UA 252 30.47 20.12 -108.83
N THR UA 253 31.76 19.77 -108.72
CA THR UA 253 32.55 19.52 -109.92
C THR UA 253 32.04 18.28 -110.68
N GLU UA 254 31.19 17.48 -110.03
CA GLU UA 254 30.64 16.28 -110.65
C GLU UA 254 29.87 16.60 -111.93
N PHE UA 255 28.84 17.44 -111.78
CA PHE UA 255 27.87 17.65 -112.85
C PHE UA 255 28.54 18.26 -114.06
N GLN UA 256 29.64 18.99 -113.80
CA GLN UA 256 30.44 19.59 -114.85
C GLN UA 256 30.99 18.46 -115.73
N THR UA 257 31.68 17.52 -115.11
CA THR UA 257 32.35 16.46 -115.87
C THR UA 257 31.37 15.38 -116.34
N ASN UA 258 30.38 15.07 -115.49
CA ASN UA 258 29.48 13.94 -115.63
C ASN UA 258 28.39 14.24 -116.65
N LEU UA 259 27.73 15.39 -116.50
CA LEU UA 259 26.45 15.55 -117.16
C LEU UA 259 26.63 16.00 -118.61
N VAL UA 260 27.45 17.03 -118.85
CA VAL UA 260 27.53 17.68 -120.15
C VAL UA 260 28.52 16.95 -121.05
N PRO UA 261 28.13 16.53 -122.27
CA PRO UA 261 29.08 15.93 -123.21
C PRO UA 261 30.09 16.81 -123.95
N TYR UA 262 29.63 17.93 -124.49
CA TYR UA 262 30.43 18.76 -125.37
C TYR UA 262 30.44 20.19 -124.86
N PRO UA 263 31.46 21.00 -125.25
CA PRO UA 263 31.69 22.32 -124.64
C PRO UA 263 30.53 23.32 -124.79
N ARG UA 264 29.78 23.19 -125.88
CA ARG UA 264 28.74 24.15 -126.18
C ARG UA 264 27.38 23.59 -125.80
N ILE UA 265 27.34 22.41 -125.17
CA ILE UA 265 26.06 21.79 -124.85
C ILE UA 265 26.01 21.60 -123.35
N HIS UA 266 25.52 22.63 -122.65
CA HIS UA 266 25.52 22.55 -121.19
C HIS UA 266 24.26 23.16 -120.58
N PHE UA 267 23.09 22.77 -121.10
CA PHE UA 267 21.81 23.21 -120.54
C PHE UA 267 21.13 22.06 -119.80
N MET UA 268 20.27 22.39 -118.83
CA MET UA 268 19.68 21.39 -117.95
C MET UA 268 18.15 21.38 -118.09
N LEU UA 269 17.51 20.42 -117.40
CA LEU UA 269 16.08 20.43 -117.12
C LEU UA 269 15.88 19.72 -115.78
N SER UA 270 15.53 20.47 -114.72
CA SER UA 270 15.60 19.99 -113.35
C SER UA 270 14.24 19.44 -112.88
N SER UA 271 14.24 18.67 -111.79
CA SER UA 271 13.01 18.17 -111.18
C SER UA 271 13.23 17.91 -109.70
N TYR UA 272 12.12 17.83 -108.97
CA TYR UA 272 12.16 17.50 -107.56
C TYR UA 272 10.95 16.65 -107.23
N ALA UA 273 11.13 15.73 -106.28
CA ALA UA 273 10.09 14.79 -105.91
C ALA UA 273 10.43 14.27 -104.51
N PRO UA 274 9.43 14.00 -103.64
CA PRO UA 274 8.03 14.33 -103.90
C PRO UA 274 7.62 15.74 -103.48
N ILE UA 275 7.22 16.55 -104.46
CA ILE UA 275 6.56 17.81 -104.15
C ILE UA 275 5.05 17.58 -103.98
N ILE UA 276 4.70 17.11 -102.77
CA ILE UA 276 3.33 16.72 -102.46
C ILE UA 276 2.87 17.48 -101.22
N SER UA 277 1.55 17.76 -101.15
CA SER UA 277 0.95 18.74 -100.26
C SER UA 277 1.11 18.36 -98.80
N ALA UA 278 0.69 19.24 -97.89
CA ALA UA 278 0.90 19.00 -96.48
C ALA UA 278 -0.03 17.90 -95.97
N GLU UA 279 -1.18 17.69 -96.65
CA GLU UA 279 -2.23 16.86 -96.11
C GLU UA 279 -2.48 15.59 -96.93
N LYS UA 280 -2.23 15.62 -98.24
CA LYS UA 280 -2.38 14.38 -98.99
C LYS UA 280 -1.16 13.48 -98.81
N ALA UA 281 -0.02 14.07 -98.44
CA ALA UA 281 1.23 13.32 -98.36
C ALA UA 281 1.27 12.42 -97.13
N TYR UA 282 0.85 12.97 -95.99
CA TYR UA 282 0.77 12.27 -94.73
C TYR UA 282 -0.10 11.01 -94.83
N HIS UA 283 -1.03 11.02 -95.78
CA HIS UA 283 -1.90 9.90 -96.07
C HIS UA 283 -1.25 8.91 -97.02
N GLU UA 284 -0.01 9.18 -97.46
CA GLU UA 284 0.54 8.49 -98.62
C GLU UA 284 1.85 7.76 -98.29
N GLN UA 285 1.95 6.53 -98.78
CA GLN UA 285 3.20 5.79 -98.75
C GLN UA 285 4.13 6.35 -99.82
N LEU UA 286 5.27 6.87 -99.38
CA LEU UA 286 6.25 7.42 -100.32
C LEU UA 286 7.32 6.37 -100.65
N SER UA 287 6.93 5.34 -101.42
CA SER UA 287 7.89 4.29 -101.76
C SER UA 287 8.88 4.79 -102.81
N VAL UA 288 10.12 4.29 -102.75
CA VAL UA 288 11.18 4.79 -103.60
C VAL UA 288 10.92 4.46 -105.07
N ALA UA 289 10.22 3.37 -105.33
CA ALA UA 289 9.87 3.01 -106.70
C ALA UA 289 8.91 4.04 -107.33
N GLU UA 290 7.94 4.53 -106.54
CA GLU UA 290 6.95 5.44 -107.12
C GLU UA 290 7.47 6.88 -107.19
N ILE UA 291 8.41 7.23 -106.31
CA ILE UA 291 8.99 8.57 -106.37
C ILE UA 291 9.92 8.69 -107.56
N THR UA 292 10.58 7.59 -107.92
CA THR UA 292 11.45 7.58 -109.09
C THR UA 292 10.61 7.55 -110.36
N ASN UA 293 9.51 6.80 -110.32
CA ASN UA 293 8.56 6.77 -111.42
C ASN UA 293 7.93 8.15 -111.63
N SER UA 294 7.76 8.88 -110.52
CA SER UA 294 7.20 10.24 -110.56
C SER UA 294 8.24 11.28 -111.00
N ALA UA 295 9.53 10.93 -110.91
CA ALA UA 295 10.59 11.90 -111.18
C ALA UA 295 10.65 12.23 -112.67
N PHE UA 296 10.62 11.18 -113.51
CA PHE UA 296 10.81 11.38 -114.93
C PHE UA 296 9.53 11.77 -115.64
N GLU UA 297 8.38 11.66 -114.96
CA GLU UA 297 7.16 12.01 -115.64
C GLU UA 297 7.08 13.52 -115.81
N PRO UA 298 6.66 14.01 -117.00
CA PRO UA 298 6.85 15.43 -117.35
C PRO UA 298 5.97 16.41 -116.59
N ALA UA 299 4.94 15.93 -115.88
CA ALA UA 299 4.17 16.87 -115.07
C ALA UA 299 4.95 17.28 -113.83
N SER UA 300 6.00 16.52 -113.48
CA SER UA 300 6.93 16.88 -112.42
C SER UA 300 8.20 17.54 -112.98
N MET UA 301 8.16 17.95 -114.25
CA MET UA 301 9.29 18.65 -114.85
C MET UA 301 9.39 20.06 -114.27
N MET UA 302 10.50 20.77 -114.54
CA MET UA 302 10.56 22.15 -114.07
C MET UA 302 11.02 23.14 -115.13
N ALA UA 303 10.54 22.95 -116.37
CA ALA UA 303 10.75 23.98 -117.39
C ALA UA 303 9.59 24.10 -118.38
N LYS UA 304 8.57 23.23 -118.27
CA LYS UA 304 7.50 23.06 -119.27
C LYS UA 304 8.09 22.91 -120.68
N CYS UA 305 9.04 21.98 -120.78
CA CYS UA 305 9.67 21.58 -122.03
C CYS UA 305 9.33 20.11 -122.24
N ASP UA 306 8.48 19.84 -123.23
CA ASP UA 306 7.88 18.53 -123.40
C ASP UA 306 8.95 17.55 -123.89
N PRO UA 307 9.29 16.49 -123.12
CA PRO UA 307 10.40 15.61 -123.50
C PRO UA 307 10.06 14.42 -124.39
N ARG UA 308 8.91 14.43 -125.06
CA ARG UA 308 8.60 13.35 -126.01
C ARG UA 308 9.51 13.48 -127.22
N HIS UA 309 9.64 14.71 -127.72
CA HIS UA 309 10.38 14.99 -128.95
C HIS UA 309 11.81 15.43 -128.64
N GLY UA 310 12.35 14.94 -127.51
CA GLY UA 310 13.77 15.07 -127.23
C GLY UA 310 14.29 13.74 -126.71
N LYS UA 311 15.62 13.63 -126.64
CA LYS UA 311 16.25 12.42 -126.14
C LYS UA 311 17.11 12.79 -124.94
N TYR UA 312 16.93 12.02 -123.85
CA TYR UA 312 17.61 12.29 -122.60
C TYR UA 312 19.10 11.98 -122.73
N MET UA 313 19.91 13.05 -122.75
CA MET UA 313 21.36 12.93 -122.92
C MET UA 313 22.00 12.18 -121.76
N ALA UA 314 21.73 12.65 -120.54
CA ALA UA 314 22.31 12.15 -119.31
C ALA UA 314 21.39 12.55 -118.16
N CYS UA 315 21.34 11.70 -117.12
CA CYS UA 315 20.51 11.97 -115.95
C CYS UA 315 21.35 11.77 -114.70
N CYS UA 316 21.03 12.56 -113.66
CA CYS UA 316 21.74 12.50 -112.40
C CYS UA 316 20.72 12.65 -111.27
N LEU UA 317 20.41 11.54 -110.61
CA LEU UA 317 19.28 11.45 -109.68
C LEU UA 317 19.79 11.44 -108.25
N MET UA 318 19.67 12.58 -107.56
CA MET UA 318 20.09 12.65 -106.16
C MET UA 318 18.92 12.31 -105.24
N TYR UA 319 19.11 11.27 -104.43
CA TYR UA 319 18.19 10.89 -103.37
C TYR UA 319 18.69 11.45 -102.05
N ARG UA 320 17.75 11.81 -101.19
CA ARG UA 320 18.07 12.22 -99.82
C ARG UA 320 17.13 11.47 -98.88
N GLY UA 321 17.55 11.33 -97.61
CA GLY UA 321 16.74 10.67 -96.61
C GLY UA 321 17.02 9.18 -96.51
N ASP UA 322 16.05 8.45 -95.94
CA ASP UA 322 16.18 7.04 -95.59
C ASP UA 322 15.93 6.17 -96.82
N VAL UA 323 16.82 6.28 -97.81
CA VAL UA 323 16.78 5.41 -98.97
C VAL UA 323 18.01 4.50 -98.96
N VAL UA 324 17.77 3.18 -98.83
CA VAL UA 324 18.85 2.24 -98.67
C VAL UA 324 19.32 1.83 -100.08
N PRO UA 325 20.65 1.83 -100.37
CA PRO UA 325 21.15 1.86 -101.74
C PRO UA 325 20.76 0.73 -102.70
N LYS UA 326 20.08 -0.28 -102.17
CA LYS UA 326 19.60 -1.38 -102.97
C LYS UA 326 18.52 -0.91 -103.93
N ASP UA 327 17.55 -0.20 -103.36
CA ASP UA 327 16.28 0.07 -104.02
C ASP UA 327 16.42 1.04 -105.18
N VAL UA 328 17.49 1.85 -105.20
CA VAL UA 328 17.71 2.73 -106.34
C VAL UA 328 18.02 1.90 -107.57
N ASN UA 329 18.96 0.96 -107.46
CA ASN UA 329 19.41 0.23 -108.65
C ASN UA 329 18.34 -0.74 -109.15
N ALA UA 330 17.53 -1.26 -108.22
CA ALA UA 330 16.42 -2.12 -108.62
C ALA UA 330 15.37 -1.31 -109.37
N ALA UA 331 15.04 -0.11 -108.84
CA ALA UA 331 13.97 0.70 -109.39
C ALA UA 331 14.39 1.30 -110.73
N VAL UA 332 15.61 1.82 -110.83
CA VAL UA 332 16.09 2.57 -112.00
C VAL UA 332 16.27 1.63 -113.20
N ALA UA 333 16.42 0.31 -112.94
CA ALA UA 333 16.54 -0.66 -114.01
C ALA UA 333 15.24 -0.72 -114.83
N THR UA 334 14.13 -0.87 -114.08
CA THR UA 334 12.81 -0.89 -114.69
C THR UA 334 12.52 0.44 -115.37
N ILE UA 335 13.07 1.53 -114.83
CA ILE UA 335 12.98 2.82 -115.47
C ILE UA 335 13.76 2.81 -116.78
N LYS UA 336 14.92 2.15 -116.82
CA LYS UA 336 15.66 2.12 -118.06
C LYS UA 336 14.96 1.25 -119.10
N THR UA 337 14.29 0.20 -118.62
CA THR UA 337 13.58 -0.69 -119.54
C THR UA 337 12.27 -0.07 -120.04
N LYS UA 338 11.76 0.93 -119.31
CA LYS UA 338 10.52 1.61 -119.69
C LYS UA 338 10.76 2.38 -120.98
N ARG UA 339 9.85 2.20 -121.93
CA ARG UA 339 10.08 2.67 -123.29
C ARG UA 339 9.39 4.01 -123.56
N THR UA 340 9.22 4.85 -122.52
CA THR UA 340 8.84 6.25 -122.74
C THR UA 340 9.89 7.23 -122.23
N ILE UA 341 11.04 6.73 -121.76
CA ILE UA 341 12.15 7.60 -121.40
C ILE UA 341 13.34 7.17 -122.26
N GLN UA 342 13.46 7.79 -123.44
CA GLN UA 342 14.37 7.31 -124.47
C GLN UA 342 15.69 8.07 -124.41
N PHE UA 343 16.78 7.29 -124.43
CA PHE UA 343 18.11 7.85 -124.36
C PHE UA 343 18.64 8.14 -125.75
N VAL UA 344 19.92 8.46 -125.81
CA VAL UA 344 20.62 8.52 -127.07
C VAL UA 344 21.28 7.18 -127.31
N ASP UA 345 21.40 6.83 -128.59
CA ASP UA 345 21.86 5.53 -128.98
C ASP UA 345 23.36 5.40 -128.76
N TRP UA 346 24.07 6.50 -128.47
CA TRP UA 346 25.52 6.41 -128.30
C TRP UA 346 26.00 6.65 -126.86
N CYS UA 347 25.09 6.58 -125.90
CA CYS UA 347 25.44 6.54 -124.49
C CYS UA 347 24.54 5.51 -123.79
N PRO UA 348 24.92 4.22 -123.82
CA PRO UA 348 24.16 3.17 -123.13
C PRO UA 348 23.81 3.43 -121.68
N THR UA 349 24.81 3.69 -120.83
CA THR UA 349 24.55 4.17 -119.48
C THR UA 349 24.04 5.61 -119.55
N GLY UA 350 23.18 5.98 -118.60
CA GLY UA 350 22.63 7.32 -118.65
C GLY UA 350 22.35 7.92 -117.28
N PHE UA 351 22.94 7.34 -116.21
CA PHE UA 351 22.53 7.71 -114.87
C PHE UA 351 23.71 8.01 -113.97
N LYS UA 352 23.45 8.78 -112.92
CA LYS UA 352 24.29 8.76 -111.74
C LYS UA 352 23.37 8.87 -110.54
N CYS UA 353 23.48 7.89 -109.64
CA CYS UA 353 22.67 7.88 -108.44
C CYS UA 353 23.56 8.30 -107.26
N GLY UA 354 22.99 9.18 -106.42
CA GLY UA 354 23.64 9.71 -105.25
C GLY UA 354 22.67 9.78 -104.08
N ILE UA 355 23.01 9.14 -102.95
CA ILE UA 355 22.10 9.09 -101.82
C ILE UA 355 22.72 9.84 -100.64
N ASN UA 356 21.87 10.55 -99.90
CA ASN UA 356 22.30 11.29 -98.72
C ASN UA 356 21.40 10.95 -97.53
N TYR UA 357 21.90 11.17 -96.31
CA TYR UA 357 21.24 10.66 -95.12
C TYR UA 357 20.18 11.60 -94.58
N GLN UA 358 20.53 12.89 -94.54
CA GLN UA 358 19.71 13.91 -93.92
C GLN UA 358 18.38 14.07 -94.65
N PRO UA 359 17.23 13.87 -93.96
CA PRO UA 359 15.94 14.21 -94.56
C PRO UA 359 15.82 15.72 -94.72
N PRO UA 360 15.02 16.23 -95.69
CA PRO UA 360 14.95 17.67 -95.94
C PRO UA 360 14.21 18.38 -94.81
N THR UA 361 14.89 19.32 -94.17
CA THR UA 361 14.30 20.03 -93.06
C THR UA 361 13.27 21.01 -93.61
N VAL UA 362 12.00 20.69 -93.37
CA VAL UA 362 10.88 21.47 -93.88
C VAL UA 362 10.85 22.80 -93.14
N VAL UA 363 10.71 23.88 -93.92
CA VAL UA 363 10.48 25.20 -93.35
C VAL UA 363 9.09 25.20 -92.70
N PRO UA 364 8.94 25.77 -91.48
CA PRO UA 364 7.61 25.93 -90.89
C PRO UA 364 6.70 26.81 -91.74
N GLY UA 365 5.48 26.33 -91.95
CA GLY UA 365 4.44 27.09 -92.62
C GLY UA 365 4.52 27.05 -94.15
N GLY UA 366 5.50 26.31 -94.70
CA GLY UA 366 5.66 26.15 -96.13
C GLY UA 366 4.57 25.26 -96.74
N ASP UA 367 4.60 25.11 -98.06
CA ASP UA 367 3.67 24.22 -98.75
C ASP UA 367 4.18 22.77 -98.74
N LEU UA 368 5.44 22.56 -98.33
CA LEU UA 368 6.06 21.24 -98.30
C LEU UA 368 5.42 20.36 -97.24
N ALA UA 369 5.64 19.04 -97.37
CA ALA UA 369 5.38 18.11 -96.28
C ALA UA 369 6.70 17.60 -95.72
N LYS UA 370 6.67 17.31 -94.41
CA LYS UA 370 7.82 16.82 -93.67
C LYS UA 370 8.09 15.36 -94.06
N VAL UA 371 8.46 15.14 -95.31
CA VAL UA 371 8.70 13.80 -95.84
C VAL UA 371 10.05 13.29 -95.35
N MET UA 372 10.24 11.97 -95.41
CA MET UA 372 11.47 11.35 -94.93
C MET UA 372 12.41 10.97 -96.05
N ARG UA 373 12.04 11.24 -97.31
CA ARG UA 373 12.92 10.96 -98.43
C ARG UA 373 12.59 11.89 -99.57
N ALA UA 374 13.61 12.24 -100.36
CA ALA UA 374 13.39 13.19 -101.44
C ALA UA 374 14.33 12.87 -102.60
N VAL UA 375 13.92 13.30 -103.78
CA VAL UA 375 14.66 13.14 -105.02
C VAL UA 375 14.81 14.53 -105.64
N CYS UA 376 16.00 14.82 -106.17
CA CYS UA 376 16.15 15.92 -107.11
C CYS UA 376 16.84 15.38 -108.35
N MET UA 377 16.26 15.64 -109.52
CA MET UA 377 16.73 15.06 -110.78
C MET UA 377 17.11 16.19 -111.73
N ILE UA 378 18.35 16.14 -112.25
CA ILE UA 378 18.83 17.13 -113.20
C ILE UA 378 19.30 16.38 -114.45
N SER UA 379 18.74 16.77 -115.62
CA SER UA 379 19.01 16.06 -116.86
C SER UA 379 19.36 17.03 -117.99
N ASN UA 380 20.42 16.71 -118.74
CA ASN UA 380 20.50 17.18 -120.12
C ASN UA 380 19.51 16.39 -120.97
N SER UA 381 18.98 17.06 -121.99
CA SER UA 381 18.22 16.40 -123.04
C SER UA 381 18.37 17.20 -124.33
N THR UA 382 18.10 16.53 -125.45
CA THR UA 382 18.09 17.21 -126.74
C THR UA 382 16.84 18.06 -126.90
N ALA UA 383 15.91 17.98 -125.93
CA ALA UA 383 14.65 18.71 -125.97
C ALA UA 383 14.84 20.23 -125.84
N ILE UA 384 16.08 20.65 -125.53
CA ILE UA 384 16.44 22.06 -125.46
C ILE UA 384 16.32 22.74 -126.84
N ALA UA 385 16.14 21.96 -127.91
CA ALA UA 385 15.85 22.50 -129.23
C ALA UA 385 14.57 23.35 -129.22
N GLU UA 386 13.53 22.86 -128.52
CA GLU UA 386 12.23 23.54 -128.50
C GLU UA 386 12.27 24.82 -127.69
N VAL UA 387 13.17 24.93 -126.71
CA VAL UA 387 13.18 26.14 -125.90
C VAL UA 387 13.97 27.24 -126.62
N PHE UA 388 14.74 26.85 -127.64
CA PHE UA 388 15.55 27.80 -128.38
C PHE UA 388 15.00 28.07 -129.78
N SER UA 389 14.33 27.07 -130.37
CA SER UA 389 13.83 27.27 -131.73
C SER UA 389 12.59 28.18 -131.72
N ARG UA 390 11.76 28.11 -130.67
CA ARG UA 390 10.69 29.07 -130.45
C ARG UA 390 11.27 30.45 -130.17
N MET UA 391 12.44 30.49 -129.51
CA MET UA 391 13.06 31.73 -129.10
C MET UA 391 13.62 32.47 -130.32
N ASP UA 392 14.33 31.73 -131.18
CA ASP UA 392 14.94 32.28 -132.38
C ASP UA 392 13.87 32.80 -133.34
N HIS UA 393 12.66 32.22 -133.22
CA HIS UA 393 11.50 32.72 -133.93
C HIS UA 393 11.17 34.14 -133.46
N LYS UA 394 11.14 34.34 -132.14
CA LYS UA 394 10.57 35.57 -131.58
C LYS UA 394 11.49 36.77 -131.83
N PHE UA 395 12.80 36.52 -131.82
CA PHE UA 395 13.78 37.54 -132.12
C PHE UA 395 13.74 37.95 -133.60
N ASP UA 396 13.25 37.05 -134.47
CA ASP UA 396 13.15 37.36 -135.90
C ASP UA 396 12.19 38.51 -136.16
N LEU UA 397 10.94 38.38 -135.66
CA LEU UA 397 9.93 39.41 -135.89
C LEU UA 397 10.31 40.71 -135.17
N MET UA 398 11.12 40.58 -134.11
CA MET UA 398 11.75 41.69 -133.41
C MET UA 398 12.68 42.51 -134.33
N TYR UA 399 13.84 41.90 -134.61
CA TYR UA 399 15.02 42.62 -135.07
C TYR UA 399 14.89 43.11 -136.52
N ALA UA 400 14.17 42.33 -137.35
CA ALA UA 400 14.05 42.60 -138.78
C ALA UA 400 13.39 43.96 -139.06
N LYS UA 401 12.56 44.41 -138.11
CA LYS UA 401 11.88 45.68 -138.28
C LYS UA 401 12.41 46.72 -137.31
N ARG UA 402 13.68 46.56 -136.92
CA ARG UA 402 14.45 47.60 -136.24
C ARG UA 402 13.80 48.00 -134.91
N ALA UA 403 12.97 47.10 -134.36
CA ALA UA 403 12.13 47.48 -133.23
C ALA UA 403 12.97 47.60 -131.97
N PHE UA 404 12.71 48.71 -131.23
CA PHE UA 404 13.28 49.00 -129.93
C PHE UA 404 14.79 49.25 -129.95
N VAL UA 405 15.39 49.31 -131.15
CA VAL UA 405 16.84 49.32 -131.32
C VAL UA 405 17.45 50.61 -130.79
N HIS UA 406 16.71 51.72 -130.97
CA HIS UA 406 17.27 53.04 -130.76
C HIS UA 406 17.58 53.26 -129.27
N TRP UA 407 16.81 52.60 -128.40
CA TRP UA 407 17.18 52.57 -127.00
C TRP UA 407 18.49 51.79 -126.78
N TYR UA 408 18.63 50.61 -127.42
CA TYR UA 408 19.77 49.75 -127.20
C TYR UA 408 21.08 50.37 -127.70
N VAL UA 409 21.05 50.93 -128.90
CA VAL UA 409 22.23 51.55 -129.49
C VAL UA 409 22.53 52.89 -128.82
N GLY UA 410 21.65 53.35 -127.92
CA GLY UA 410 21.88 54.58 -127.19
C GLY UA 410 23.09 54.53 -126.28
N GLU UA 411 23.23 53.44 -125.50
CA GLU UA 411 24.21 53.48 -124.42
C GLU UA 411 25.65 53.21 -124.87
N GLY UA 412 25.86 52.61 -126.03
CA GLY UA 412 27.25 52.46 -126.47
C GLY UA 412 27.56 51.22 -127.31
N MET UA 413 26.59 50.30 -127.49
CA MET UA 413 26.80 49.18 -128.39
C MET UA 413 26.17 49.51 -129.75
N GLU UA 414 26.47 48.70 -130.77
CA GLU UA 414 26.07 49.00 -132.14
C GLU UA 414 25.16 47.91 -132.71
N GLU UA 415 24.49 48.26 -133.82
CA GLU UA 415 23.81 47.30 -134.67
C GLU UA 415 24.82 46.25 -135.12
N GLY UA 416 24.60 44.99 -134.70
CA GLY UA 416 25.47 43.91 -135.13
C GLY UA 416 25.82 42.95 -134.00
N GLU UA 417 25.83 43.46 -132.76
CA GLU UA 417 25.89 42.58 -131.59
C GLU UA 417 24.61 41.75 -131.52
N PHE UA 418 23.52 42.29 -132.07
CA PHE UA 418 22.35 41.47 -132.32
C PHE UA 418 22.66 40.43 -133.40
N SER UA 419 23.42 40.82 -134.43
CA SER UA 419 23.67 39.95 -135.58
C SER UA 419 24.62 38.81 -135.21
N GLU UA 420 25.63 39.08 -134.35
CA GLU UA 420 26.58 38.04 -133.98
C GLU UA 420 25.95 37.09 -132.98
N ALA UA 421 25.06 37.61 -132.12
CA ALA UA 421 24.43 36.77 -131.10
C ALA UA 421 23.42 35.82 -131.75
N ARG UA 422 22.74 36.27 -132.83
CA ARG UA 422 21.75 35.46 -133.52
C ARG UA 422 22.45 34.33 -134.30
N GLU UA 423 23.59 34.62 -134.94
CA GLU UA 423 24.35 33.59 -135.63
C GLU UA 423 25.02 32.65 -134.62
N ASP UA 424 25.28 33.17 -133.40
CA ASP UA 424 25.74 32.31 -132.32
C ASP UA 424 24.67 31.27 -131.98
N LEU UA 425 23.41 31.74 -131.87
CA LEU UA 425 22.27 30.87 -131.62
C LEU UA 425 22.13 29.84 -132.75
N ALA UA 426 22.30 30.29 -134.01
CA ALA UA 426 22.28 29.40 -135.16
C ALA UA 426 23.33 28.31 -135.00
N ALA UA 427 24.52 28.69 -134.52
CA ALA UA 427 25.56 27.71 -134.20
C ALA UA 427 25.11 26.79 -133.05
N LEU UA 428 24.28 27.34 -132.15
CA LEU UA 428 23.89 26.56 -130.98
C LEU UA 428 22.78 25.56 -131.30
N GLU UA 429 21.75 25.97 -132.06
CA GLU UA 429 20.65 25.04 -132.30
C GLU UA 429 21.07 23.95 -133.28
N LYS UA 430 21.88 24.26 -134.32
CA LYS UA 430 22.42 23.24 -135.22
C LYS UA 430 23.19 22.17 -134.45
N ASP UA 431 23.88 22.61 -133.39
CA ASP UA 431 24.77 21.73 -132.65
C ASP UA 431 23.98 20.65 -131.90
N TYR UA 432 22.66 20.83 -131.75
CA TYR UA 432 21.85 19.81 -131.08
C TYR UA 432 21.54 18.60 -131.95
N GLU UA 433 21.04 18.83 -133.17
CA GLU UA 433 20.59 17.70 -133.98
C GLU UA 433 21.75 16.88 -134.53
N GLU UA 434 22.91 17.55 -134.72
CA GLU UA 434 24.14 16.85 -135.11
C GLU UA 434 24.55 15.90 -133.98
N VAL UA 435 24.34 16.35 -132.73
CA VAL UA 435 24.46 15.48 -131.58
C VAL UA 435 23.26 14.51 -131.57
N GLY UA 436 22.07 15.02 -131.91
CA GLY UA 436 20.80 14.34 -131.66
C GLY UA 436 20.59 13.10 -132.53
N ILE UA 437 21.26 13.05 -133.68
CA ILE UA 437 21.09 11.89 -134.54
C ILE UA 437 22.43 11.18 -134.71
N MET VA 1 18.26 59.22 -102.59
CA MET VA 1 17.98 58.26 -103.71
C MET VA 1 17.15 58.96 -104.77
N ARG VA 2 16.21 58.22 -105.37
CA ARG VA 2 15.35 58.69 -106.45
C ARG VA 2 14.44 59.81 -105.96
N GLU VA 3 14.26 60.84 -106.80
CA GLU VA 3 13.24 61.86 -106.58
C GLU VA 3 12.48 62.13 -107.87
N ILE VA 4 11.26 62.65 -107.73
CA ILE VA 4 10.44 63.11 -108.83
C ILE VA 4 10.11 64.58 -108.60
N VAL VA 5 10.40 65.39 -109.62
CA VAL VA 5 10.10 66.81 -109.57
C VAL VA 5 8.77 67.04 -110.29
N HIS VA 6 7.87 67.77 -109.63
CA HIS VA 6 6.51 67.96 -110.13
C HIS VA 6 6.28 69.43 -110.46
N VAL VA 7 5.96 69.72 -111.73
CA VAL VA 7 5.78 71.09 -112.18
C VAL VA 7 4.37 71.24 -112.71
N GLN VA 8 3.69 72.29 -112.24
CA GLN VA 8 2.32 72.55 -112.66
C GLN VA 8 2.29 73.86 -113.44
N GLY VA 9 1.57 73.83 -114.56
CA GLY VA 9 1.42 74.98 -115.45
C GLY VA 9 -0.04 75.21 -115.82
N GLY VA 10 -0.45 76.48 -115.75
CA GLY VA 10 -1.80 76.84 -116.16
C GLY VA 10 -2.83 76.61 -115.07
N GLN VA 11 -4.03 77.10 -115.37
CA GLN VA 11 -5.18 77.02 -114.50
C GLN VA 11 -5.52 75.54 -114.28
N CYS VA 12 -5.47 74.77 -115.40
CA CYS VA 12 -5.85 73.39 -115.36
C CYS VA 12 -4.85 72.63 -114.49
N GLY VA 13 -3.55 72.83 -114.80
CA GLY VA 13 -2.47 72.13 -114.14
C GLY VA 13 -2.45 72.39 -112.64
N ASN VA 14 -2.82 73.61 -112.26
CA ASN VA 14 -2.79 74.00 -110.87
C ASN VA 14 -3.95 73.40 -110.09
N GLN VA 15 -5.10 73.27 -110.73
CA GLN VA 15 -6.27 72.70 -110.06
C GLN VA 15 -6.10 71.18 -109.89
N ILE VA 16 -5.63 70.52 -110.96
CA ILE VA 16 -5.37 69.10 -110.86
C ILE VA 16 -4.16 68.85 -109.94
N GLY VA 17 -3.17 69.75 -109.98
CA GLY VA 17 -1.96 69.64 -109.19
C GLY VA 17 -2.23 69.84 -107.69
N ALA VA 18 -3.25 70.67 -107.37
CA ALA VA 18 -3.66 70.91 -105.98
C ALA VA 18 -4.19 69.62 -105.36
N LYS VA 19 -4.66 68.72 -106.24
CA LYS VA 19 -5.33 67.52 -105.76
C LYS VA 19 -4.45 66.26 -105.90
N PHE VA 20 -3.34 66.39 -106.64
CA PHE VA 20 -2.24 65.45 -106.48
C PHE VA 20 -1.70 65.55 -105.06
N TRP VA 21 -1.60 66.79 -104.57
CA TRP VA 21 -1.12 66.96 -103.22
C TRP VA 21 -2.24 66.79 -102.19
N GLU VA 22 -3.39 66.31 -102.68
CA GLU VA 22 -4.46 65.81 -101.82
C GLU VA 22 -4.33 64.30 -101.66
N VAL VA 23 -4.17 63.58 -102.79
CA VAL VA 23 -4.27 62.14 -102.78
C VAL VA 23 -2.96 61.52 -102.29
N ILE VA 24 -1.85 62.26 -102.41
CA ILE VA 24 -0.58 61.74 -101.96
C ILE VA 24 -0.38 62.04 -100.47
N SER VA 25 -0.85 63.21 -100.05
CA SER VA 25 -0.64 63.67 -98.68
C SER VA 25 -1.34 62.76 -97.65
N ASP VA 26 -2.58 62.40 -97.93
CA ASP VA 26 -3.28 61.50 -97.01
C ASP VA 26 -2.81 60.05 -97.19
N GLU VA 27 -2.34 59.70 -98.39
CA GLU VA 27 -1.82 58.35 -98.64
C GLU VA 27 -0.50 58.17 -97.88
N HIS VA 28 0.27 59.25 -97.74
CA HIS VA 28 1.49 59.24 -96.94
C HIS VA 28 1.27 59.79 -95.53
N GLY VA 29 0.06 60.25 -95.22
CA GLY VA 29 -0.31 60.70 -93.87
C GLY VA 29 0.41 61.98 -93.45
N ILE VA 30 0.69 62.84 -94.44
CA ILE VA 30 1.25 64.14 -94.14
C ILE VA 30 0.11 65.02 -93.64
N ASP VA 31 0.22 65.46 -92.39
CA ASP VA 31 -0.72 66.41 -91.84
C ASP VA 31 -0.54 67.74 -92.57
N PRO VA 32 -1.62 68.36 -93.11
CA PRO VA 32 -1.49 69.60 -93.88
C PRO VA 32 -0.84 70.79 -93.18
N THR VA 33 -0.65 70.66 -91.87
CA THR VA 33 0.15 71.64 -91.15
C THR VA 33 1.65 71.36 -91.34
N GLY VA 34 1.99 70.20 -91.93
CA GLY VA 34 3.39 69.88 -92.21
C GLY VA 34 3.86 68.57 -91.59
N THR VA 35 3.29 68.21 -90.43
CA THR VA 35 3.79 67.07 -89.67
C THR VA 35 3.19 65.75 -90.18
N TYR VA 36 3.42 64.72 -89.36
CA TYR VA 36 3.08 63.36 -89.69
C TYR VA 36 2.31 62.73 -88.54
N CYS VA 37 1.16 62.14 -88.86
CA CYS VA 37 0.51 61.19 -87.96
C CYS VA 37 -0.02 60.03 -88.79
N GLY VA 38 0.10 58.82 -88.24
CA GLY VA 38 -0.32 57.60 -88.91
C GLY VA 38 0.58 56.41 -88.63
N ASP VA 39 1.62 56.61 -87.81
CA ASP VA 39 2.42 55.63 -87.05
C ASP VA 39 2.75 54.35 -87.83
N SER VA 40 3.32 54.50 -89.03
CA SER VA 40 3.81 53.35 -89.75
C SER VA 40 5.08 53.71 -90.50
N ASP VA 41 6.03 52.79 -90.49
CA ASP VA 41 7.31 53.05 -91.13
C ASP VA 41 7.17 53.08 -92.65
N LEU VA 42 6.40 52.15 -93.22
CA LEU VA 42 6.26 51.98 -94.67
C LEU VA 42 5.74 53.23 -95.38
N GLN VA 43 4.97 54.06 -94.67
CA GLN VA 43 4.59 55.37 -95.18
C GLN VA 43 5.83 56.27 -95.31
N LEU VA 44 6.77 56.17 -94.36
CA LEU VA 44 7.85 57.14 -94.22
C LEU VA 44 9.13 56.72 -94.94
N GLU VA 45 9.22 55.47 -95.39
CA GLU VA 45 10.48 54.96 -95.89
C GLU VA 45 10.85 55.58 -97.25
N ARG VA 46 9.83 55.82 -98.08
CA ARG VA 46 10.01 56.50 -99.35
C ARG VA 46 9.18 57.77 -99.30
N ILE VA 47 9.77 58.81 -98.70
CA ILE VA 47 9.10 60.09 -98.61
C ILE VA 47 9.93 61.17 -99.31
N ASN VA 48 11.24 60.95 -99.45
CA ASN VA 48 12.10 61.87 -100.17
C ASN VA 48 11.74 61.92 -101.66
N VAL VA 49 10.99 60.92 -102.15
CA VAL VA 49 10.59 60.80 -103.55
C VAL VA 49 9.68 61.95 -103.97
N PHE VA 50 8.92 62.51 -103.03
CA PHE VA 50 8.02 63.61 -103.33
C PHE VA 50 8.11 64.79 -102.37
N TYR VA 51 8.82 64.65 -101.24
CA TYR VA 51 8.83 65.70 -100.22
C TYR VA 51 10.27 66.05 -99.85
N ASN VA 52 10.43 67.10 -99.03
CA ASN VA 52 11.70 67.70 -98.62
C ASN VA 52 11.64 68.09 -97.15
N GLU VA 53 12.75 67.98 -96.44
CA GLU VA 53 12.76 68.25 -95.01
C GLU VA 53 12.86 69.75 -94.81
N ALA VA 54 12.27 70.24 -93.73
CA ALA VA 54 12.26 71.67 -93.46
C ALA VA 54 12.92 71.99 -92.11
N THR VA 55 13.50 70.99 -91.43
CA THR VA 55 14.08 71.13 -90.09
C THR VA 55 13.16 71.81 -89.09
N GLY VA 56 11.86 71.59 -89.25
CA GLY VA 56 10.86 71.76 -88.20
C GLY VA 56 10.02 70.49 -88.11
N GLY VA 57 10.57 69.41 -88.67
CA GLY VA 57 9.90 68.14 -88.86
C GLY VA 57 9.06 68.08 -90.14
N ARG VA 58 8.73 69.25 -90.68
CA ARG VA 58 7.68 69.37 -91.65
C ARG VA 58 8.20 68.98 -93.03
N PHE VA 59 7.24 68.57 -93.86
CA PHE VA 59 7.54 68.11 -95.20
C PHE VA 59 7.01 69.13 -96.19
N VAL VA 60 7.91 69.68 -97.00
CA VAL VA 60 7.51 70.58 -98.07
C VAL VA 60 7.56 69.82 -99.39
N PRO VA 61 6.56 69.94 -100.27
CA PRO VA 61 6.61 69.22 -101.56
C PRO VA 61 7.69 69.80 -102.48
N ARG VA 62 8.36 68.91 -103.21
CA ARG VA 62 9.19 69.31 -104.33
C ARG VA 62 8.28 69.58 -105.52
N ALA VA 63 7.53 70.68 -105.42
CA ALA VA 63 6.65 71.08 -106.50
C ALA VA 63 6.95 72.52 -106.92
N ILE VA 64 6.84 72.75 -108.23
CA ILE VA 64 6.94 74.09 -108.80
C ILE VA 64 5.59 74.44 -109.37
N LEU VA 65 4.97 75.44 -108.73
CA LEU VA 65 3.63 75.88 -109.11
C LEU VA 65 3.82 77.17 -109.91
N MET VA 66 3.58 77.09 -111.21
CA MET VA 66 3.88 78.22 -112.09
C MET VA 66 2.68 78.47 -113.00
N ASP VA 67 2.40 79.76 -113.18
CA ASP VA 67 1.28 80.26 -113.96
C ASP VA 67 1.50 81.75 -114.18
N LEU VA 68 0.58 82.35 -114.94
CA LEU VA 68 0.70 83.74 -115.35
C LEU VA 68 -0.43 84.62 -114.79
N GLU VA 69 -1.37 84.01 -114.04
CA GLU VA 69 -2.43 84.75 -113.39
C GLU VA 69 -2.45 84.41 -111.90
N PRO VA 70 -2.47 85.43 -111.01
CA PRO VA 70 -2.41 85.18 -109.56
C PRO VA 70 -3.70 84.61 -108.97
N GLY VA 71 -4.79 84.57 -109.76
CA GLY VA 71 -6.10 84.24 -109.24
C GLY VA 71 -6.17 82.80 -108.75
N THR VA 72 -5.62 81.90 -109.57
CA THR VA 72 -5.58 80.47 -109.28
C THR VA 72 -4.52 80.16 -108.21
N MET VA 73 -3.52 81.04 -108.12
CA MET VA 73 -2.53 80.99 -107.05
C MET VA 73 -3.18 81.28 -105.69
N ASP VA 74 -4.15 82.21 -105.68
CA ASP VA 74 -4.87 82.53 -104.46
C ASP VA 74 -5.73 81.36 -104.02
N SER VA 75 -6.28 80.63 -104.99
CA SER VA 75 -7.20 79.53 -104.69
C SER VA 75 -6.45 78.35 -104.08
N VAL VA 76 -5.17 78.21 -104.44
CA VAL VA 76 -4.43 77.04 -104.00
C VAL VA 76 -4.07 77.16 -102.52
N ARG VA 77 -3.46 78.28 -102.13
CA ARG VA 77 -2.98 78.45 -100.76
C ARG VA 77 -4.12 78.69 -99.78
N ALA VA 78 -5.24 79.24 -100.25
CA ALA VA 78 -6.34 79.55 -99.33
C ALA VA 78 -7.10 78.28 -98.94
N GLY VA 79 -7.10 77.31 -99.85
CA GLY VA 79 -7.94 76.13 -99.69
C GLY VA 79 -7.30 75.11 -98.76
N PRO VA 80 -7.85 73.88 -98.72
CA PRO VA 80 -7.32 72.83 -97.86
C PRO VA 80 -5.96 72.39 -98.42
N PHE VA 81 -5.05 72.04 -97.50
CA PHE VA 81 -3.70 71.60 -97.82
C PHE VA 81 -2.96 72.68 -98.62
N GLY VA 82 -3.18 73.92 -98.23
CA GLY VA 82 -2.60 75.03 -98.96
C GLY VA 82 -1.37 75.62 -98.29
N GLN VA 83 -1.18 75.26 -97.02
CA GLN VA 83 -0.06 75.76 -96.24
C GLN VA 83 1.16 74.88 -96.45
N LEU VA 84 0.99 73.78 -97.19
CA LEU VA 84 2.02 72.77 -97.37
C LEU VA 84 3.16 73.29 -98.25
N PHE VA 85 2.83 74.03 -99.31
CA PHE VA 85 3.86 74.44 -100.25
C PHE VA 85 4.66 75.61 -99.73
N ARG VA 86 5.91 75.67 -100.20
CA ARG VA 86 6.80 76.78 -99.95
C ARG VA 86 6.34 77.97 -100.78
N PRO VA 87 6.28 79.19 -100.20
CA PRO VA 87 5.89 80.38 -100.96
C PRO VA 87 6.90 80.72 -102.06
N ASP VA 88 8.17 80.36 -101.86
CA ASP VA 88 9.24 80.61 -102.81
C ASP VA 88 9.07 79.78 -104.08
N ASN VA 89 8.34 78.65 -104.00
CA ASN VA 89 8.03 77.85 -105.18
C ASN VA 89 6.79 78.35 -105.92
N PHE VA 90 6.18 79.42 -105.41
CA PHE VA 90 5.09 80.06 -106.13
C PHE VA 90 5.65 81.15 -107.03
N VAL VA 91 5.47 80.98 -108.34
CA VAL VA 91 5.98 81.95 -109.30
C VAL VA 91 4.79 82.61 -109.98
N PHE VA 92 4.75 83.93 -109.84
CA PHE VA 92 3.65 84.76 -110.31
C PHE VA 92 3.97 85.28 -111.70
N GLY VA 93 2.96 85.21 -112.56
CA GLY VA 93 2.83 86.10 -113.69
C GLY VA 93 1.80 87.15 -113.30
N GLN VA 94 2.03 88.39 -113.75
CA GLN VA 94 1.08 89.46 -113.55
C GLN VA 94 0.21 89.64 -114.81
N THR VA 95 0.79 89.46 -116.01
CA THR VA 95 0.14 89.81 -117.26
C THR VA 95 -0.95 88.80 -117.64
N GLY VA 96 -0.57 87.52 -117.77
CA GLY VA 96 -1.46 86.46 -118.21
C GLY VA 96 -1.51 86.33 -119.73
N ALA VA 97 -1.03 85.20 -120.26
CA ALA VA 97 -1.10 84.91 -121.68
C ALA VA 97 -2.55 84.61 -122.04
N GLY VA 98 -3.22 85.58 -122.65
CA GLY VA 98 -4.65 85.46 -122.88
C GLY VA 98 -4.99 84.43 -123.94
N ASN VA 99 -4.70 83.15 -123.65
CA ASN VA 99 -4.92 82.02 -124.56
C ASN VA 99 -4.19 82.26 -125.87
N ASN VA 100 -3.02 82.88 -125.75
CA ASN VA 100 -2.16 83.16 -126.87
C ASN VA 100 -0.92 82.30 -126.68
N TRP VA 101 -0.73 81.33 -127.58
CA TRP VA 101 0.43 80.47 -127.51
C TRP VA 101 1.70 81.30 -127.79
N ALA VA 102 1.61 82.24 -128.73
CA ALA VA 102 2.79 82.97 -129.20
C ALA VA 102 3.36 83.83 -128.08
N LYS VA 103 2.51 84.63 -127.42
CA LYS VA 103 2.99 85.41 -126.29
C LYS VA 103 3.16 84.49 -125.07
N GLY VA 104 2.54 83.30 -125.11
CA GLY VA 104 2.72 82.33 -124.06
C GLY VA 104 4.07 81.62 -124.17
N HIS VA 105 4.74 81.71 -125.33
CA HIS VA 105 5.97 80.97 -125.57
C HIS VA 105 7.14 81.90 -125.93
N TYR VA 106 6.86 83.00 -126.63
CA TYR VA 106 7.94 83.79 -127.24
C TYR VA 106 8.16 85.11 -126.53
N THR VA 107 7.08 85.82 -126.19
CA THR VA 107 7.25 87.17 -125.68
C THR VA 107 7.22 87.22 -124.16
N GLU VA 108 6.05 86.90 -123.57
CA GLU VA 108 5.84 87.07 -122.15
C GLU VA 108 6.56 85.98 -121.37
N GLY VA 109 6.52 84.74 -121.91
CA GLY VA 109 7.20 83.59 -121.34
C GLY VA 109 8.71 83.77 -121.23
N ALA VA 110 9.27 84.66 -122.06
CA ALA VA 110 10.72 84.84 -122.14
C ALA VA 110 11.26 85.54 -120.88
N GLU VA 111 10.41 86.26 -120.14
CA GLU VA 111 10.87 86.95 -118.96
C GLU VA 111 10.93 86.01 -117.75
N LEU VA 112 9.87 85.25 -117.50
CA LEU VA 112 9.75 84.48 -116.27
C LEU VA 112 10.48 83.14 -116.40
N ILE VA 113 10.87 82.74 -117.63
CA ILE VA 113 11.51 81.45 -117.90
C ILE VA 113 12.88 81.39 -117.23
N ASP VA 114 13.51 82.55 -117.01
CA ASP VA 114 14.72 82.58 -116.20
C ASP VA 114 14.41 82.29 -114.74
N SER VA 115 13.29 82.85 -114.28
CA SER VA 115 12.91 82.72 -112.88
C SER VA 115 12.48 81.27 -112.59
N VAL VA 116 11.64 80.71 -113.47
CA VAL VA 116 11.06 79.40 -113.21
C VAL VA 116 12.10 78.29 -113.44
N LEU VA 117 13.13 78.56 -114.25
CA LEU VA 117 14.17 77.54 -114.40
C LEU VA 117 15.10 77.60 -113.18
N ASP VA 118 15.23 78.80 -112.57
CA ASP VA 118 16.02 78.99 -111.35
C ASP VA 118 15.48 78.12 -110.22
N VAL VA 119 14.16 78.06 -110.06
CA VAL VA 119 13.56 77.37 -108.92
C VAL VA 119 13.60 75.87 -109.18
N VAL VA 120 13.72 75.46 -110.46
CA VAL VA 120 13.87 74.04 -110.75
C VAL VA 120 15.26 73.58 -110.32
N ARG VA 121 16.28 74.36 -110.70
CA ARG VA 121 17.66 73.94 -110.53
C ARG VA 121 18.08 73.93 -109.06
N LYS VA 122 17.41 74.74 -108.22
CA LYS VA 122 17.79 74.80 -106.82
C LYS VA 122 17.43 73.48 -106.12
N GLU VA 123 16.34 72.82 -106.56
CA GLU VA 123 15.89 71.61 -105.90
C GLU VA 123 16.15 70.34 -106.72
N ALA VA 124 16.29 70.48 -108.04
CA ALA VA 124 16.73 69.34 -108.85
C ALA VA 124 18.17 68.97 -108.49
N GLU VA 125 19.05 69.95 -108.52
CA GLU VA 125 20.46 69.71 -108.26
C GLU VA 125 20.74 69.65 -106.76
N GLY VA 126 19.77 70.08 -105.94
CA GLY VA 126 19.95 70.12 -104.48
C GLY VA 126 20.03 68.74 -103.84
N CYS VA 127 19.65 67.70 -104.59
CA CYS VA 127 19.59 66.35 -104.05
C CYS VA 127 20.86 65.57 -104.42
N ASP VA 128 20.91 64.32 -103.99
CA ASP VA 128 21.98 63.41 -104.37
C ASP VA 128 21.90 63.12 -105.87
N CYS VA 129 20.71 62.73 -106.35
CA CYS VA 129 20.52 62.17 -107.67
C CYS VA 129 19.04 62.22 -108.00
N LEU VA 130 18.70 62.66 -109.21
CA LEU VA 130 17.33 62.81 -109.66
C LEU VA 130 16.94 61.66 -110.57
N GLN VA 131 15.68 61.18 -110.48
CA GLN VA 131 15.18 60.24 -111.47
C GLN VA 131 14.58 61.00 -112.66
N GLY VA 132 13.53 61.79 -112.39
CA GLY VA 132 12.85 62.42 -113.51
C GLY VA 132 11.99 63.61 -113.14
N PHE VA 133 11.27 64.11 -114.15
CA PHE VA 133 10.39 65.26 -114.02
C PHE VA 133 8.98 64.83 -114.38
N GLN VA 134 7.99 65.40 -113.67
CA GLN VA 134 6.59 65.15 -113.93
C GLN VA 134 5.92 66.49 -114.19
N ILE VA 135 5.37 66.64 -115.40
CA ILE VA 135 4.80 67.90 -115.87
C ILE VA 135 3.30 67.68 -116.01
N THR VA 136 2.51 68.70 -115.66
CA THR VA 136 1.08 68.59 -115.89
C THR VA 136 0.56 69.94 -116.37
N HIS VA 137 -0.19 69.92 -117.47
CA HIS VA 137 -0.66 71.15 -118.05
C HIS VA 137 -1.91 70.89 -118.90
N SER VA 138 -2.37 71.95 -119.55
CA SER VA 138 -3.47 71.90 -120.50
C SER VA 138 -2.96 72.29 -121.88
N LEU VA 139 -3.70 71.85 -122.91
CA LEU VA 139 -3.30 72.18 -124.26
C LEU VA 139 -4.27 73.11 -124.97
N GLY VA 140 -5.51 73.20 -124.47
CA GLY VA 140 -6.46 74.24 -124.84
C GLY VA 140 -5.90 75.64 -124.56
N GLY VA 141 -5.35 75.78 -123.35
CA GLY VA 141 -4.90 76.99 -122.70
C GLY VA 141 -3.75 77.64 -123.48
N GLY VA 142 -3.33 78.79 -122.98
CA GLY VA 142 -2.12 79.43 -123.47
C GLY VA 142 -1.04 79.50 -122.41
N THR VA 143 -1.47 79.67 -121.16
CA THR VA 143 -0.55 79.80 -120.05
C THR VA 143 0.11 78.46 -119.72
N GLY VA 144 -0.56 77.35 -120.09
CA GLY VA 144 -0.02 76.02 -119.83
C GLY VA 144 0.59 75.39 -121.09
N SER VA 145 -0.11 75.59 -122.20
CA SER VA 145 0.26 74.96 -123.47
C SER VA 145 1.51 75.63 -124.04
N GLY VA 146 1.60 76.96 -123.90
CA GLY VA 146 2.73 77.67 -124.48
C GLY VA 146 3.96 77.56 -123.58
N MET VA 147 3.83 78.10 -122.36
CA MET VA 147 4.99 78.34 -121.52
C MET VA 147 5.47 77.02 -120.94
N GLY VA 148 4.51 76.08 -120.74
CA GLY VA 148 4.84 74.75 -120.24
C GLY VA 148 5.83 74.05 -121.17
N THR VA 149 5.51 74.06 -122.46
CA THR VA 149 6.35 73.36 -123.42
C THR VA 149 7.62 74.16 -123.74
N LEU VA 150 7.61 75.46 -123.43
CA LEU VA 150 8.85 76.22 -123.43
C LEU VA 150 9.78 75.67 -122.37
N LEU VA 151 9.21 75.41 -121.18
CA LEU VA 151 9.97 74.85 -120.07
C LEU VA 151 10.41 73.43 -120.40
N ILE VA 152 9.58 72.67 -121.14
CA ILE VA 152 9.86 71.29 -121.48
C ILE VA 152 11.14 71.20 -122.32
N SER VA 153 11.24 72.01 -123.38
CA SER VA 153 12.39 71.98 -124.29
C SER VA 153 13.62 72.58 -123.61
N LYS VA 154 13.43 73.62 -122.81
CA LYS VA 154 14.55 74.38 -122.28
C LYS VA 154 15.22 73.64 -121.12
N VAL VA 155 14.58 72.63 -120.53
CA VAL VA 155 15.24 71.83 -119.50
C VAL VA 155 15.74 70.50 -120.06
N ARG VA 156 15.34 70.14 -121.28
CA ARG VA 156 15.97 69.00 -121.94
C ARG VA 156 17.40 69.36 -122.33
N GLU VA 157 17.68 70.68 -122.44
CA GLU VA 157 19.01 71.17 -122.80
C GLU VA 157 20.00 70.91 -121.67
N GLU VA 158 19.51 70.75 -120.42
CA GLU VA 158 20.36 70.42 -119.28
C GLU VA 158 20.31 68.91 -118.95
N TYR VA 159 19.11 68.32 -119.03
CA TYR VA 159 18.87 66.98 -118.53
C TYR VA 159 18.30 66.13 -119.64
N PRO VA 160 19.16 65.63 -120.55
CA PRO VA 160 18.67 64.86 -121.68
C PRO VA 160 18.37 63.39 -121.34
N ASP VA 161 18.91 62.91 -120.21
CA ASP VA 161 18.91 61.50 -119.88
C ASP VA 161 17.93 61.17 -118.74
N ARG VA 162 17.12 62.15 -118.34
CA ARG VA 162 16.14 61.93 -117.29
C ARG VA 162 14.75 61.79 -117.89
N ILE VA 163 13.97 60.87 -117.32
CA ILE VA 163 12.64 60.57 -117.81
C ILE VA 163 11.74 61.78 -117.57
N MET VA 164 10.82 62.05 -118.50
CA MET VA 164 9.87 63.13 -118.34
C MET VA 164 8.47 62.65 -118.71
N GLU VA 165 7.62 62.54 -117.69
CA GLU VA 165 6.22 62.18 -117.87
C GLU VA 165 5.39 63.45 -117.81
N THR VA 166 4.42 63.55 -118.72
CA THR VA 166 3.59 64.74 -118.80
C THR VA 166 2.13 64.33 -118.95
N PHE VA 167 1.25 64.97 -118.16
CA PHE VA 167 -0.17 64.86 -118.43
C PHE VA 167 -0.62 66.16 -119.09
N SER VA 168 -1.20 66.01 -120.29
CA SER VA 168 -1.79 67.13 -121.00
C SER VA 168 -3.24 66.76 -121.31
N VAL VA 169 -4.15 67.67 -120.95
CA VAL VA 169 -5.53 67.46 -121.33
C VAL VA 169 -5.74 68.02 -122.73
N PHE VA 170 -6.15 67.14 -123.66
CA PHE VA 170 -6.23 67.56 -125.04
C PHE VA 170 -7.49 68.38 -125.28
N PRO VA 171 -7.67 69.06 -126.43
CA PRO VA 171 -9.01 69.51 -126.84
C PRO VA 171 -10.07 68.41 -126.84
N SER VA 172 -11.29 68.81 -126.46
CA SER VA 172 -12.43 67.89 -126.42
C SER VA 172 -12.79 67.44 -127.84
N PRO VA 173 -13.43 66.25 -128.01
CA PRO VA 173 -13.91 65.85 -129.34
C PRO VA 173 -15.02 66.69 -129.98
N LYS VA 174 -16.12 66.89 -129.25
CA LYS VA 174 -17.31 67.47 -129.84
C LYS VA 174 -17.64 68.85 -129.29
N VAL VA 175 -17.53 69.07 -127.97
CA VAL VA 175 -17.66 70.41 -127.41
C VAL VA 175 -16.28 71.07 -127.54
N SER VA 176 -16.21 72.40 -127.47
CA SER VA 176 -14.92 73.05 -127.68
C SER VA 176 -14.74 74.20 -126.70
N ASP VA 177 -13.97 73.93 -125.64
CA ASP VA 177 -13.49 75.02 -124.80
C ASP VA 177 -12.35 75.74 -125.50
N THR VA 178 -12.24 77.06 -125.30
CA THR VA 178 -11.12 77.88 -125.74
C THR VA 178 -10.89 77.78 -127.25
N VAL VA 179 -11.80 78.41 -128.00
CA VAL VA 179 -11.95 78.48 -129.46
C VAL VA 179 -10.65 78.41 -130.27
N VAL VA 180 -9.56 78.98 -129.74
CA VAL VA 180 -8.26 79.02 -130.39
C VAL VA 180 -7.58 77.66 -130.23
N GLU VA 181 -8.35 76.65 -129.76
CA GLU VA 181 -7.87 75.32 -129.43
C GLU VA 181 -7.13 74.59 -130.55
N PRO VA 182 -7.55 74.64 -131.84
CA PRO VA 182 -6.85 73.88 -132.86
C PRO VA 182 -5.43 74.39 -133.00
N TYR VA 183 -5.24 75.69 -132.78
CA TYR VA 183 -3.94 76.31 -132.95
C TYR VA 183 -2.99 75.91 -131.83
N ASN VA 184 -3.48 75.91 -130.59
CA ASN VA 184 -2.65 75.65 -129.43
C ASN VA 184 -2.25 74.17 -129.36
N ALA VA 185 -3.16 73.29 -129.84
CA ALA VA 185 -2.91 71.85 -129.80
C ALA VA 185 -1.76 71.48 -130.74
N THR VA 186 -1.84 71.95 -131.98
CA THR VA 186 -0.85 71.59 -132.99
C THR VA 186 0.50 72.24 -132.71
N LEU VA 187 0.46 73.50 -132.28
CA LEU VA 187 1.71 74.24 -132.06
C LEU VA 187 2.47 73.68 -130.85
N SER VA 188 1.77 72.86 -130.04
CA SER VA 188 2.39 72.24 -128.87
C SER VA 188 2.87 70.82 -129.16
N VAL VA 189 2.15 70.07 -130.01
CA VAL VA 189 2.45 68.67 -130.24
C VAL VA 189 3.80 68.49 -130.95
N HIS VA 190 4.09 69.32 -131.97
CA HIS VA 190 5.26 69.10 -132.80
C HIS VA 190 6.55 69.43 -132.06
N GLN VA 191 6.42 70.08 -130.90
CA GLN VA 191 7.51 70.29 -129.94
C GLN VA 191 7.44 69.25 -128.81
N LEU VA 192 6.24 68.69 -128.56
CA LEU VA 192 6.05 67.70 -127.51
C LEU VA 192 6.64 66.33 -127.86
N VAL VA 193 6.61 65.97 -129.15
CA VAL VA 193 6.98 64.63 -129.59
C VAL VA 193 8.48 64.38 -129.42
N GLU VA 194 9.30 65.43 -129.53
CA GLU VA 194 10.75 65.25 -129.46
C GLU VA 194 11.30 65.62 -128.09
N ASN VA 195 10.46 66.17 -127.19
CA ASN VA 195 10.97 66.69 -125.94
C ASN VA 195 10.42 65.97 -124.69
N ALA VA 196 9.46 65.05 -124.87
CA ALA VA 196 8.84 64.37 -123.74
C ALA VA 196 8.85 62.87 -123.95
N ASP VA 197 9.30 62.15 -122.91
CA ASP VA 197 9.50 60.70 -122.98
C ASP VA 197 8.17 59.96 -123.01
N GLU VA 198 7.22 60.38 -122.17
CA GLU VA 198 5.87 59.83 -122.20
C GLU VA 198 4.87 60.93 -121.89
N VAL VA 199 3.83 61.02 -122.73
CA VAL VA 199 2.72 61.91 -122.50
C VAL VA 199 1.44 61.10 -122.67
N GLN VA 200 0.64 61.00 -121.61
CA GLN VA 200 -0.59 60.22 -121.67
C GLN VA 200 -1.79 61.11 -121.36
N VAL VA 201 -2.80 60.93 -122.20
CA VAL VA 201 -3.77 61.96 -122.52
C VAL VA 201 -5.04 61.76 -121.68
N ILE VA 202 -5.66 62.90 -121.31
CA ILE VA 202 -6.88 62.93 -120.52
C ILE VA 202 -7.87 63.81 -121.28
N ASP VA 203 -9.13 63.35 -121.36
CA ASP VA 203 -10.16 64.03 -122.13
C ASP VA 203 -11.33 64.37 -121.24
N ASN VA 204 -11.79 65.63 -121.30
CA ASN VA 204 -12.90 66.19 -120.54
C ASN VA 204 -14.18 65.38 -120.79
N GLU VA 205 -14.42 65.08 -122.06
CA GLU VA 205 -15.61 64.36 -122.40
C GLU VA 205 -15.42 62.86 -122.17
N ALA VA 206 -14.17 62.40 -121.99
CA ALA VA 206 -13.98 61.04 -121.53
C ALA VA 206 -14.40 60.95 -120.06
N LEU VA 207 -13.92 61.89 -119.24
CA LEU VA 207 -14.17 61.85 -117.80
C LEU VA 207 -15.63 62.26 -117.53
N TYR VA 208 -16.26 63.01 -118.45
CA TYR VA 208 -17.68 63.30 -118.30
C TYR VA 208 -18.50 62.04 -118.48
N ASP VA 209 -18.07 61.18 -119.39
CA ASP VA 209 -18.73 59.91 -119.61
C ASP VA 209 -18.58 59.02 -118.37
N ILE VA 210 -17.37 59.00 -117.81
CA ILE VA 210 -17.06 58.15 -116.67
C ILE VA 210 -17.94 58.48 -115.46
N CYS VA 211 -17.95 59.78 -115.11
CA CYS VA 211 -18.64 60.28 -113.94
C CYS VA 211 -20.14 60.08 -114.07
N PHE VA 212 -20.65 60.07 -115.30
CA PHE VA 212 -22.09 60.10 -115.50
C PHE VA 212 -22.68 58.71 -115.37
N ARG VA 213 -22.31 57.80 -116.28
CA ARG VA 213 -23.04 56.55 -116.36
C ARG VA 213 -22.33 55.42 -115.62
N THR VA 214 -21.20 55.72 -114.96
CA THR VA 214 -20.53 54.73 -114.12
C THR VA 214 -20.57 55.16 -112.66
N LEU VA 215 -20.11 56.39 -112.36
CA LEU VA 215 -20.12 56.86 -110.99
C LEU VA 215 -21.52 57.33 -110.52
N LYS VA 216 -22.45 57.46 -111.48
CA LYS VA 216 -23.84 57.85 -111.22
C LYS VA 216 -23.96 59.22 -110.56
N LEU VA 217 -23.00 60.10 -110.83
CA LEU VA 217 -23.11 61.47 -110.33
C LEU VA 217 -23.75 62.36 -111.39
N THR VA 218 -24.97 62.84 -111.16
CA THR VA 218 -25.72 63.46 -112.26
C THR VA 218 -25.22 64.86 -112.66
N THR VA 219 -24.63 65.55 -111.69
CA THR VA 219 -24.07 66.89 -111.86
C THR VA 219 -22.58 66.85 -111.53
N PRO VA 220 -21.74 66.55 -112.55
CA PRO VA 220 -20.30 66.45 -112.37
C PRO VA 220 -19.62 67.77 -112.05
N THR VA 221 -18.83 67.81 -110.97
CA THR VA 221 -18.01 68.99 -110.68
C THR VA 221 -16.52 68.70 -110.74
N TYR VA 222 -15.75 69.75 -111.10
CA TYR VA 222 -14.32 69.69 -111.30
C TYR VA 222 -13.58 69.28 -110.04
N GLY VA 223 -14.25 69.43 -108.89
CA GLY VA 223 -13.68 68.87 -107.67
C GLY VA 223 -13.60 67.35 -107.78
N ASP VA 224 -14.63 66.78 -108.38
CA ASP VA 224 -14.70 65.33 -108.51
C ASP VA 224 -14.03 64.87 -109.81
N LEU VA 225 -14.06 65.69 -110.87
CA LEU VA 225 -13.40 65.37 -112.14
C LEU VA 225 -11.89 65.28 -111.95
N ASN VA 226 -11.35 66.20 -111.15
CA ASN VA 226 -9.92 66.21 -110.92
C ASN VA 226 -9.49 65.07 -109.98
N HIS VA 227 -10.37 64.73 -109.03
CA HIS VA 227 -10.05 63.72 -108.04
C HIS VA 227 -9.86 62.34 -108.66
N LEU VA 228 -10.62 62.08 -109.73
CA LEU VA 228 -10.53 60.80 -110.41
C LEU VA 228 -9.20 60.68 -111.15
N VAL VA 229 -8.86 61.71 -111.92
CA VAL VA 229 -7.64 61.70 -112.71
C VAL VA 229 -6.42 61.84 -111.79
N SER VA 230 -6.58 62.51 -110.65
CA SER VA 230 -5.54 62.54 -109.64
C SER VA 230 -5.34 61.16 -108.99
N ALA VA 231 -6.41 60.35 -108.97
CA ALA VA 231 -6.34 59.03 -108.37
C ALA VA 231 -5.48 58.08 -109.23
N ALA VA 232 -5.61 58.16 -110.56
CA ALA VA 232 -4.78 57.37 -111.47
C ALA VA 232 -3.35 57.87 -111.44
N MET VA 233 -3.18 59.19 -111.28
CA MET VA 233 -1.88 59.84 -111.33
C MET VA 233 -1.06 59.50 -110.07
N SER VA 234 -1.72 58.96 -109.02
CA SER VA 234 -1.01 58.29 -107.94
C SER VA 234 -0.55 56.90 -108.37
N GLY VA 235 -1.37 56.23 -109.19
CA GLY VA 235 -1.21 54.81 -109.46
C GLY VA 235 -0.05 54.46 -110.40
N VAL VA 236 0.56 55.46 -111.04
CA VAL VA 236 1.65 55.19 -111.97
C VAL VA 236 3.01 55.34 -111.30
N THR VA 237 3.05 56.15 -110.23
CA THR VA 237 4.26 56.31 -109.46
C THR VA 237 4.09 55.70 -108.08
N CYS VA 238 3.07 54.86 -107.88
CA CYS VA 238 2.83 54.25 -106.59
C CYS VA 238 3.89 53.21 -106.28
N CYS VA 239 4.27 52.46 -107.33
CA CYS VA 239 5.17 51.33 -107.22
C CYS VA 239 6.59 51.79 -106.91
N LEU VA 240 6.91 53.06 -107.18
CA LEU VA 240 8.12 53.70 -106.68
C LEU VA 240 8.08 53.74 -105.15
N ARG VA 241 6.89 54.02 -104.62
CA ARG VA 241 6.76 54.50 -103.25
C ARG VA 241 6.62 53.34 -102.27
N PHE VA 242 5.96 52.27 -102.70
CA PHE VA 242 5.70 51.17 -101.78
C PHE VA 242 6.31 49.89 -102.33
N PRO VA 243 6.87 49.01 -101.46
CA PRO VA 243 7.44 47.75 -101.91
C PRO VA 243 6.35 46.80 -102.39
N GLY VA 244 6.74 45.90 -103.29
CA GLY VA 244 5.80 45.01 -103.95
C GLY VA 244 6.45 43.68 -104.33
N GLN VA 245 5.65 42.79 -104.92
CA GLN VA 245 6.13 41.48 -105.32
C GLN VA 245 6.70 41.49 -106.75
N LEU VA 246 6.28 42.46 -107.58
CA LEU VA 246 6.90 42.66 -108.88
C LEU VA 246 6.99 44.16 -109.12
N ASN VA 247 8.16 44.72 -108.82
CA ASN VA 247 8.31 46.16 -108.80
C ASN VA 247 8.34 46.74 -110.20
N SER VA 248 7.88 47.99 -110.32
CA SER VA 248 7.98 48.75 -111.55
C SER VA 248 8.22 50.22 -111.22
N ASP VA 249 8.99 50.88 -112.10
CA ASP VA 249 9.15 52.33 -112.01
C ASP VA 249 8.70 52.96 -113.30
N LEU VA 250 9.06 54.23 -113.48
CA LEU VA 250 8.75 54.89 -114.73
C LEU VA 250 9.65 54.38 -115.84
N ARG VA 251 10.95 54.16 -115.52
CA ARG VA 251 11.91 53.63 -116.47
C ARG VA 251 11.45 52.24 -116.96
N LYS VA 252 10.83 51.47 -116.04
CA LYS VA 252 10.18 50.20 -116.36
C LYS VA 252 9.16 50.41 -117.47
N LEU VA 253 8.32 51.45 -117.31
CA LEU VA 253 7.18 51.64 -118.20
C LEU VA 253 7.64 52.17 -119.56
N ALA VA 254 8.65 53.06 -119.56
CA ALA VA 254 9.07 53.80 -120.75
C ALA VA 254 9.76 52.90 -121.77
N VAL VA 255 10.64 52.05 -121.26
CA VAL VA 255 11.47 51.21 -122.10
C VAL VA 255 10.63 50.11 -122.75
N ASN VA 256 9.43 49.87 -122.22
CA ASN VA 256 8.73 48.63 -122.46
C ASN VA 256 7.41 48.86 -123.20
N LEU VA 257 6.97 50.12 -123.24
CA LEU VA 257 5.68 50.44 -123.83
C LEU VA 257 5.81 51.24 -125.13
N ILE VA 258 7.06 51.52 -125.55
CA ILE VA 258 7.34 52.43 -126.64
C ILE VA 258 8.28 51.71 -127.62
N PRO VA 259 7.77 51.06 -128.68
CA PRO VA 259 8.64 50.46 -129.70
C PRO VA 259 9.50 51.41 -130.53
N PHE VA 260 8.89 52.45 -131.06
CA PHE VA 260 9.70 53.44 -131.75
C PHE VA 260 9.59 54.79 -131.02
N PRO VA 261 10.60 55.69 -131.08
CA PRO VA 261 10.58 56.89 -130.25
C PRO VA 261 9.55 57.97 -130.62
N ARG VA 262 8.70 57.70 -131.60
CA ARG VA 262 7.64 58.59 -132.00
C ARG VA 262 6.36 58.29 -131.23
N LEU VA 263 5.86 57.06 -131.36
CA LEU VA 263 4.57 56.72 -130.79
C LEU VA 263 4.72 56.54 -129.28
N HIS VA 264 4.34 57.58 -128.52
CA HIS VA 264 4.43 57.50 -127.07
C HIS VA 264 3.26 58.21 -126.40
N PHE VA 265 2.10 58.24 -127.06
CA PHE VA 265 0.90 58.81 -126.48
C PHE VA 265 0.02 57.68 -125.96
N PHE VA 266 -0.18 57.64 -124.65
CA PHE VA 266 -0.80 56.48 -124.04
C PHE VA 266 -2.26 56.78 -123.71
N LEU VA 267 -2.97 55.74 -123.22
CA LEU VA 267 -4.36 55.84 -122.82
C LEU VA 267 -4.52 55.28 -121.40
N ILE VA 268 -5.22 56.00 -120.52
CA ILE VA 268 -5.35 55.66 -119.11
C ILE VA 268 -6.77 55.16 -118.83
N GLY VA 269 -6.84 54.12 -117.97
CA GLY VA 269 -8.08 53.59 -117.43
C GLY VA 269 -7.89 53.33 -115.94
N PHE VA 270 -8.99 53.18 -115.21
CA PHE VA 270 -8.90 52.84 -113.80
C PHE VA 270 -10.04 51.93 -113.40
N ALA VA 271 -9.73 50.97 -112.53
CA ALA VA 271 -10.71 50.10 -111.92
C ALA VA 271 -10.30 49.90 -110.46
N PRO VA 272 -11.20 49.67 -109.49
CA PRO VA 272 -12.65 49.59 -109.70
C PRO VA 272 -13.37 50.94 -109.69
N LEU VA 273 -14.57 51.00 -110.29
CA LEU VA 273 -15.35 52.23 -110.32
C LEU VA 273 -16.84 51.92 -110.18
N THR VA 274 -17.34 51.97 -108.94
CA THR VA 274 -18.78 51.76 -108.69
C THR VA 274 -19.35 52.87 -107.81
N SER VA 275 -20.67 53.12 -107.95
CA SER VA 275 -21.33 54.23 -107.27
C SER VA 275 -21.49 53.88 -105.79
N ARG VA 276 -22.02 54.88 -105.06
CA ARG VA 276 -22.21 54.83 -103.62
C ARG VA 276 -23.18 53.70 -103.27
N GLY VA 277 -24.08 53.39 -104.21
CA GLY VA 277 -25.08 52.35 -104.01
C GLY VA 277 -24.66 50.99 -104.56
N SER VA 278 -23.35 50.81 -104.78
CA SER VA 278 -22.88 49.51 -105.25
C SER VA 278 -21.54 49.10 -104.64
N GLN VA 279 -20.87 50.00 -103.90
CA GLN VA 279 -19.48 49.78 -103.48
C GLN VA 279 -19.32 48.52 -102.61
N GLN VA 280 -20.16 48.37 -101.58
CA GLN VA 280 -20.14 47.18 -100.74
C GLN VA 280 -21.24 46.19 -101.16
N TYR VA 281 -21.62 46.27 -102.44
CA TYR VA 281 -22.62 45.38 -103.04
C TYR VA 281 -22.07 44.59 -104.23
N ARG VA 282 -20.73 44.59 -104.41
CA ARG VA 282 -20.12 43.98 -105.58
C ARG VA 282 -18.81 43.26 -105.22
N ALA VA 283 -18.51 42.24 -106.04
CA ALA VA 283 -17.38 41.35 -105.86
C ALA VA 283 -16.09 42.00 -106.38
N LEU VA 284 -15.18 42.32 -105.45
CA LEU VA 284 -13.82 42.64 -105.87
C LEU VA 284 -13.07 41.36 -106.20
N SER VA 285 -12.90 41.09 -107.49
CA SER VA 285 -12.21 39.91 -107.97
C SER VA 285 -11.32 40.33 -109.12
N VAL VA 286 -10.13 39.76 -109.18
CA VAL VA 286 -9.17 39.99 -110.26
C VAL VA 286 -9.76 39.72 -111.65
N PRO VA 287 -10.53 38.65 -111.94
CA PRO VA 287 -11.13 38.53 -113.27
C PRO VA 287 -12.13 39.64 -113.62
N GLU VA 288 -12.78 40.22 -112.61
CA GLU VA 288 -13.70 41.30 -112.90
C GLU VA 288 -12.93 42.59 -113.17
N LEU VA 289 -11.75 42.77 -112.56
CA LEU VA 289 -10.88 43.91 -112.87
C LEU VA 289 -10.55 43.93 -114.35
N THR VA 290 -10.24 42.76 -114.93
CA THR VA 290 -9.85 42.65 -116.32
C THR VA 290 -11.04 43.03 -117.21
N GLN VA 291 -12.26 42.67 -116.79
CA GLN VA 291 -13.44 43.06 -117.52
C GLN VA 291 -13.67 44.57 -117.45
N GLN VA 292 -13.36 45.19 -116.31
CA GLN VA 292 -13.49 46.64 -116.18
C GLN VA 292 -12.34 47.33 -116.90
N MET VA 293 -11.20 46.62 -117.05
CA MET VA 293 -10.02 47.15 -117.70
C MET VA 293 -10.31 47.39 -119.17
N PHE VA 294 -10.58 46.28 -119.88
CA PHE VA 294 -10.51 46.24 -121.34
C PHE VA 294 -11.88 46.51 -121.94
N ASP VA 295 -12.51 47.56 -121.42
CA ASP VA 295 -13.80 47.99 -121.94
C ASP VA 295 -13.79 49.49 -121.96
N ALA VA 296 -14.38 50.05 -123.02
CA ALA VA 296 -14.19 51.41 -123.46
C ALA VA 296 -14.78 52.40 -122.45
N LYS VA 297 -15.83 51.97 -121.71
CA LYS VA 297 -16.51 52.84 -120.75
C LYS VA 297 -15.70 53.06 -119.47
N ASN VA 298 -14.44 52.61 -119.47
CA ASN VA 298 -13.58 52.85 -118.33
C ASN VA 298 -12.46 53.82 -118.69
N MET VA 299 -12.00 53.73 -119.95
CA MET VA 299 -10.74 54.33 -120.34
C MET VA 299 -10.93 55.83 -120.52
N MET VA 300 -9.88 56.59 -120.16
CA MET VA 300 -9.99 58.05 -120.02
C MET VA 300 -9.50 58.78 -121.27
N CYS VA 301 -9.82 58.23 -122.45
CA CYS VA 301 -9.58 58.91 -123.70
C CYS VA 301 -10.86 58.93 -124.53
N ALA VA 302 -11.10 60.09 -125.15
CA ALA VA 302 -12.29 60.25 -125.98
C ALA VA 302 -12.12 59.46 -127.28
N SER VA 303 -12.16 58.13 -127.18
CA SER VA 303 -12.05 57.25 -128.33
C SER VA 303 -12.64 55.92 -127.96
N ASP VA 304 -13.17 55.23 -128.96
CA ASP VA 304 -13.46 53.82 -128.84
C ASP VA 304 -12.21 53.07 -129.28
N PRO VA 305 -11.47 52.42 -128.35
CA PRO VA 305 -10.32 51.58 -128.71
C PRO VA 305 -10.59 50.44 -129.69
N ARG VA 306 -11.84 49.99 -129.83
CA ARG VA 306 -12.18 48.79 -130.59
C ARG VA 306 -12.07 49.00 -132.11
N HIS VA 307 -11.87 50.25 -132.56
CA HIS VA 307 -11.63 50.50 -133.97
C HIS VA 307 -10.18 50.23 -134.38
N GLY VA 308 -9.30 50.12 -133.37
CA GLY VA 308 -7.88 49.90 -133.63
C GLY VA 308 -7.31 48.70 -132.87
N ARG VA 309 -5.98 48.70 -132.77
CA ARG VA 309 -5.23 47.67 -132.07
C ARG VA 309 -4.48 48.30 -130.90
N TYR VA 310 -4.39 47.54 -129.80
CA TYR VA 310 -3.47 47.91 -128.74
C TYR VA 310 -2.04 47.48 -129.11
N LEU VA 311 -1.19 48.46 -129.43
CA LEU VA 311 0.19 48.19 -129.86
C LEU VA 311 1.01 47.57 -128.72
N THR VA 312 1.03 48.26 -127.58
CA THR VA 312 1.61 47.76 -126.34
C THR VA 312 0.76 48.26 -125.18
N ALA VA 313 0.60 47.43 -124.15
CA ALA VA 313 -0.23 47.79 -123.02
C ALA VA 313 0.34 47.22 -121.74
N SER VA 314 -0.08 47.83 -120.62
CA SER VA 314 0.46 47.47 -119.31
C SER VA 314 -0.60 47.74 -118.24
N ALA VA 315 -0.53 46.98 -117.14
CA ALA VA 315 -1.44 47.14 -116.02
C ALA VA 315 -0.67 47.08 -114.71
N MET VA 316 -0.76 48.14 -113.91
CA MET VA 316 -0.11 48.19 -112.61
C MET VA 316 -1.15 47.99 -111.52
N PHE VA 317 -1.18 46.79 -110.95
CA PHE VA 317 -2.08 46.45 -109.86
C PHE VA 317 -1.52 46.92 -108.51
N ARG VA 318 -2.40 47.09 -107.53
CA ARG VA 318 -2.00 47.40 -106.16
C ARG VA 318 -2.80 46.54 -105.20
N GLY VA 319 -2.15 46.11 -104.11
CA GLY VA 319 -2.82 45.40 -103.03
C GLY VA 319 -2.21 44.02 -102.77
N ARG VA 320 -2.57 43.42 -101.65
CA ARG VA 320 -2.09 42.09 -101.29
C ARG VA 320 -2.97 41.06 -102.03
N MET VA 321 -2.42 40.43 -103.07
CA MET VA 321 -3.24 39.63 -103.96
C MET VA 321 -2.37 38.70 -104.81
N SER VA 322 -2.88 37.51 -105.12
CA SER VA 322 -2.06 36.45 -105.70
C SER VA 322 -1.78 36.73 -107.18
N THR VA 323 -0.84 35.99 -107.75
CA THR VA 323 -0.18 36.41 -108.98
C THR VA 323 -0.40 35.43 -110.14
N LYS VA 324 -0.79 34.18 -109.85
CA LYS VA 324 -1.18 33.27 -110.92
C LYS VA 324 -2.41 33.84 -111.63
N GLU VA 325 -3.39 34.28 -110.83
CA GLU VA 325 -4.62 34.89 -111.31
C GLU VA 325 -4.30 36.18 -112.08
N VAL VA 326 -3.22 36.84 -111.68
CA VAL VA 326 -2.76 37.99 -112.44
C VAL VA 326 -2.29 37.53 -113.82
N ASP VA 327 -1.42 36.51 -113.83
CA ASP VA 327 -0.79 36.07 -115.06
C ASP VA 327 -1.77 35.35 -115.97
N GLU VA 328 -2.58 34.46 -115.38
CA GLU VA 328 -3.43 33.60 -116.17
C GLU VA 328 -4.53 34.42 -116.85
N GLN VA 329 -5.09 35.39 -116.13
CA GLN VA 329 -6.17 36.18 -116.70
C GLN VA 329 -5.64 37.14 -117.75
N MET VA 330 -4.40 37.59 -117.55
CA MET VA 330 -3.86 38.60 -118.44
C MET VA 330 -3.50 37.98 -119.79
N LEU VA 331 -3.03 36.73 -119.73
CA LEU VA 331 -2.82 35.93 -120.93
C LEU VA 331 -4.15 35.60 -121.61
N ASN VA 332 -5.16 35.26 -120.80
CA ASN VA 332 -6.39 34.66 -121.30
C ASN VA 332 -7.14 35.67 -122.15
N VAL VA 333 -7.12 36.93 -121.72
CA VAL VA 333 -7.82 38.00 -122.42
C VAL VA 333 -7.18 38.20 -123.80
N GLN VA 334 -5.85 38.02 -123.87
CA GLN VA 334 -5.12 38.09 -125.13
C GLN VA 334 -5.53 36.94 -126.07
N ASN VA 335 -5.98 35.82 -125.50
CA ASN VA 335 -6.33 34.67 -126.31
C ASN VA 335 -7.66 34.88 -127.03
N LYS VA 336 -8.65 35.44 -126.31
CA LYS VA 336 -9.94 35.65 -126.96
C LYS VA 336 -9.84 36.77 -128.01
N ASN VA 337 -9.36 37.95 -127.57
CA ASN VA 337 -9.35 39.17 -128.37
C ASN VA 337 -8.10 39.15 -129.24
N SER VA 338 -8.10 38.16 -130.15
CA SER VA 338 -6.97 37.85 -131.02
C SER VA 338 -6.71 39.01 -131.98
N SER VA 339 -7.75 39.47 -132.68
CA SER VA 339 -7.65 40.55 -133.65
C SER VA 339 -7.34 41.89 -132.97
N TYR VA 340 -7.45 41.91 -131.63
CA TYR VA 340 -7.43 43.15 -130.88
C TYR VA 340 -6.04 43.53 -130.37
N PHE VA 341 -5.03 42.86 -130.95
CA PHE VA 341 -3.65 43.11 -130.57
C PHE VA 341 -2.79 42.91 -131.81
N VAL VA 342 -1.66 43.63 -131.85
CA VAL VA 342 -0.77 43.53 -133.01
C VAL VA 342 -0.08 42.18 -132.96
N GLU VA 343 0.45 41.74 -134.11
CA GLU VA 343 0.71 40.33 -134.34
C GLU VA 343 2.20 40.01 -134.22
N TRP VA 344 2.98 40.89 -134.83
CA TRP VA 344 4.43 40.67 -134.86
C TRP VA 344 5.07 41.15 -133.55
N ILE VA 345 4.31 41.23 -132.46
CA ILE VA 345 4.78 41.38 -131.09
C ILE VA 345 4.12 40.29 -130.26
N PRO VA 346 4.85 39.36 -129.63
CA PRO VA 346 4.23 38.39 -128.73
C PRO VA 346 4.03 38.83 -127.28
N ASN VA 347 2.87 38.47 -126.73
CA ASN VA 347 2.45 38.69 -125.35
C ASN VA 347 2.52 40.16 -124.99
N ASN VA 348 1.60 40.93 -125.57
CA ASN VA 348 1.63 42.38 -125.65
C ASN VA 348 1.62 43.09 -124.29
N MET VA 349 1.51 42.35 -123.19
CA MET VA 349 0.97 42.89 -121.96
C MET VA 349 1.97 42.81 -120.80
N LYS VA 350 2.11 43.93 -120.07
CA LYS VA 350 2.94 44.01 -118.89
C LYS VA 350 2.09 44.07 -117.62
N SER VA 351 2.50 43.34 -116.58
CA SER VA 351 1.89 43.46 -115.26
C SER VA 351 2.88 43.98 -114.22
N SER VA 352 2.37 44.64 -113.19
CA SER VA 352 3.15 45.06 -112.02
C SER VA 352 2.26 44.94 -110.78
N VAL VA 353 2.78 44.33 -109.72
CA VAL VA 353 1.99 44.17 -108.51
C VAL VA 353 2.71 44.87 -107.37
N CYS VA 354 2.05 45.89 -106.81
CA CYS VA 354 2.50 46.53 -105.59
C CYS VA 354 1.62 46.11 -104.42
N ASP VA 355 2.19 46.01 -103.22
CA ASP VA 355 1.51 45.36 -102.10
C ASP VA 355 0.52 46.27 -101.38
N ILE VA 356 0.71 47.59 -101.43
CA ILE VA 356 -0.05 48.49 -100.58
C ILE VA 356 -1.07 49.23 -101.41
N PRO VA 357 -2.37 48.89 -101.29
CA PRO VA 357 -3.37 49.53 -102.12
C PRO VA 357 -3.68 50.88 -101.50
N PRO VA 358 -4.31 51.79 -102.26
CA PRO VA 358 -4.78 53.05 -101.68
C PRO VA 358 -5.88 52.79 -100.64
N LYS VA 359 -6.02 53.72 -99.70
CA LYS VA 359 -7.00 53.66 -98.63
C LYS VA 359 -8.42 53.64 -99.18
N GLY VA 360 -9.34 53.09 -98.39
CA GLY VA 360 -10.71 52.91 -98.82
C GLY VA 360 -10.94 51.54 -99.47
N LEU VA 361 -10.27 51.28 -100.60
CA LEU VA 361 -10.44 49.97 -101.21
C LEU VA 361 -9.49 48.98 -100.58
N LYS VA 362 -9.46 47.76 -101.15
CA LYS VA 362 -8.56 46.72 -100.68
C LYS VA 362 -7.66 46.25 -101.82
N MET VA 363 -8.02 46.63 -103.05
CA MET VA 363 -7.32 46.15 -104.25
C MET VA 363 -7.76 47.00 -105.43
N SER VA 364 -6.77 47.56 -106.14
CA SER VA 364 -7.07 48.44 -107.25
C SER VA 364 -6.04 48.22 -108.36
N VAL VA 365 -6.21 48.94 -109.46
CA VAL VA 365 -5.31 48.83 -110.60
C VAL VA 365 -5.41 50.11 -111.41
N THR VA 366 -4.28 50.52 -112.01
CA THR VA 366 -4.22 51.63 -112.94
C THR VA 366 -3.68 51.10 -114.26
N PHE VA 367 -4.31 51.48 -115.36
CA PHE VA 367 -4.05 50.86 -116.65
C PHE VA 367 -3.49 51.89 -117.62
N VAL VA 368 -2.54 51.46 -118.46
CA VAL VA 368 -2.00 52.30 -119.52
C VAL VA 368 -2.16 51.55 -120.83
N GLY VA 369 -2.11 52.28 -121.94
CA GLY VA 369 -2.14 51.64 -123.24
C GLY VA 369 -1.67 52.55 -124.37
N ASN VA 370 -0.65 52.10 -125.09
CA ASN VA 370 -0.20 52.80 -126.29
C ASN VA 370 -0.97 52.19 -127.46
N SER VA 371 -2.06 52.85 -127.89
CA SER VA 371 -2.94 52.28 -128.90
C SER VA 371 -2.85 53.07 -130.20
N THR VA 372 -3.32 52.43 -131.29
CA THR VA 372 -3.41 53.10 -132.59
C THR VA 372 -4.85 53.55 -132.87
N ALA VA 373 -5.72 53.44 -131.86
CA ALA VA 373 -7.01 54.13 -131.89
C ALA VA 373 -6.86 55.62 -131.54
N ILE VA 374 -5.64 56.00 -131.15
CA ILE VA 374 -5.29 57.40 -130.93
C ILE VA 374 -5.11 58.14 -132.25
N GLN VA 375 -5.08 57.39 -133.36
CA GLN VA 375 -5.05 57.97 -134.70
C GLN VA 375 -6.31 58.81 -134.94
N GLU VA 376 -7.43 58.34 -134.38
CA GLU VA 376 -8.73 59.02 -134.49
C GLU VA 376 -8.63 60.42 -133.89
N MET VA 377 -7.79 60.57 -132.85
CA MET VA 377 -7.78 61.77 -132.05
C MET VA 377 -6.81 62.79 -132.63
N PHE VA 378 -5.64 62.35 -133.11
CA PHE VA 378 -4.72 63.26 -133.76
C PHE VA 378 -5.24 63.73 -135.11
N LYS VA 379 -6.00 62.87 -135.81
CA LYS VA 379 -6.61 63.30 -137.05
C LYS VA 379 -7.68 64.37 -136.81
N ARG VA 380 -8.44 64.20 -135.73
CA ARG VA 380 -9.50 65.13 -135.38
C ARG VA 380 -8.92 66.53 -135.10
N VAL VA 381 -7.76 66.58 -134.46
CA VAL VA 381 -7.07 67.84 -134.22
C VAL VA 381 -6.53 68.38 -135.56
N SER VA 382 -6.03 67.46 -136.40
CA SER VA 382 -5.33 67.84 -137.63
C SER VA 382 -6.26 68.51 -138.63
N ASP VA 383 -7.40 67.86 -138.92
CA ASP VA 383 -8.31 68.37 -139.94
C ASP VA 383 -9.01 69.64 -139.46
N GLN VA 384 -9.20 69.77 -138.14
CA GLN VA 384 -9.71 71.00 -137.56
C GLN VA 384 -8.68 72.12 -137.73
N PHE VA 385 -7.38 71.80 -137.63
CA PHE VA 385 -6.37 72.78 -137.99
C PHE VA 385 -6.34 72.98 -139.50
N THR VA 386 -6.53 71.88 -140.25
CA THR VA 386 -6.48 71.97 -141.70
C THR VA 386 -7.63 72.85 -142.21
N ALA VA 387 -8.81 72.73 -141.58
CA ALA VA 387 -9.98 73.51 -141.97
C ALA VA 387 -9.78 75.00 -141.66
N MET VA 388 -9.27 75.34 -140.48
CA MET VA 388 -9.31 76.73 -140.03
C MET VA 388 -8.07 77.51 -140.55
N PHE VA 389 -6.99 76.75 -140.82
CA PHE VA 389 -5.78 77.38 -141.36
C PHE VA 389 -5.91 77.79 -142.83
N ARG VA 390 -6.80 77.14 -143.58
CA ARG VA 390 -7.08 77.41 -144.99
C ARG VA 390 -7.47 78.87 -145.23
N ARG VA 391 -8.35 79.44 -144.41
CA ARG VA 391 -8.67 80.84 -144.58
C ARG VA 391 -7.54 81.74 -144.09
N LYS VA 392 -6.65 81.14 -143.27
CA LYS VA 392 -5.61 81.90 -142.59
C LYS VA 392 -6.32 82.85 -141.61
N ALA VA 393 -7.01 82.20 -140.65
CA ALA VA 393 -7.81 82.95 -139.70
C ALA VA 393 -7.10 83.01 -138.35
N PHE VA 394 -7.12 84.22 -137.75
CA PHE VA 394 -6.57 84.51 -136.43
C PHE VA 394 -5.06 84.26 -136.39
N LEU VA 395 -4.43 84.38 -137.55
CA LEU VA 395 -2.98 84.47 -137.59
C LEU VA 395 -2.45 85.76 -136.98
N HIS VA 396 -3.16 86.90 -137.09
CA HIS VA 396 -2.57 88.20 -136.76
C HIS VA 396 -2.27 88.35 -135.27
N TRP VA 397 -2.99 87.62 -134.42
CA TRP VA 397 -2.67 87.57 -133.01
C TRP VA 397 -1.35 86.84 -132.80
N TYR VA 398 -1.20 85.70 -133.50
CA TYR VA 398 0.02 84.91 -133.39
C TYR VA 398 1.17 85.60 -134.09
N THR VA 399 0.93 86.08 -135.32
CA THR VA 399 1.95 86.67 -136.18
C THR VA 399 2.58 87.88 -135.51
N GLY VA 400 1.76 88.65 -134.79
CA GLY VA 400 2.17 89.89 -134.15
C GLY VA 400 3.18 89.69 -133.02
N GLU VA 401 3.40 88.44 -132.60
CA GLU VA 401 4.31 88.16 -131.49
C GLU VA 401 5.67 87.63 -131.94
N GLY VA 402 5.75 87.10 -133.18
CA GLY VA 402 7.04 86.64 -133.68
C GLY VA 402 7.00 85.28 -134.38
N MET VA 403 5.79 84.86 -134.78
CA MET VA 403 5.60 83.58 -135.48
C MET VA 403 6.01 83.72 -136.94
N ASP VA 404 5.77 82.66 -137.72
CA ASP VA 404 5.64 82.78 -139.17
C ASP VA 404 4.73 81.65 -139.66
N GLU VA 405 4.25 81.80 -140.90
CA GLU VA 405 3.43 80.77 -141.53
C GLU VA 405 4.27 79.53 -141.85
N MET VA 406 5.61 79.69 -141.86
CA MET VA 406 6.50 78.56 -142.07
C MET VA 406 6.52 77.61 -140.86
N GLU VA 407 6.41 78.17 -139.64
CA GLU VA 407 6.35 77.33 -138.44
C GLU VA 407 5.02 76.58 -138.38
N PHE VA 408 3.96 77.17 -138.95
CA PHE VA 408 2.64 76.57 -138.89
C PHE VA 408 2.54 75.38 -139.86
N THR VA 409 3.28 75.45 -140.97
CA THR VA 409 3.30 74.33 -141.90
C THR VA 409 4.13 73.18 -141.33
N GLU VA 410 5.25 73.50 -140.66
CA GLU VA 410 6.07 72.47 -140.04
C GLU VA 410 5.30 71.80 -138.90
N ALA VA 411 4.47 72.59 -138.19
CA ALA VA 411 3.58 72.03 -137.19
C ALA VA 411 2.60 71.06 -137.86
N GLU VA 412 2.08 71.39 -139.05
CA GLU VA 412 1.15 70.53 -139.78
C GLU VA 412 1.90 69.32 -140.34
N SER VA 413 3.13 69.53 -140.85
CA SER VA 413 3.80 68.52 -141.66
C SER VA 413 4.18 67.29 -140.83
N ASN VA 414 4.86 67.50 -139.70
CA ASN VA 414 5.40 66.37 -138.95
C ASN VA 414 4.26 65.65 -138.21
N MET VA 415 3.28 66.41 -137.73
CA MET VA 415 2.13 65.80 -137.07
C MET VA 415 1.23 65.08 -138.09
N ASN VA 416 1.31 65.47 -139.36
CA ASN VA 416 0.67 64.72 -140.43
C ASN VA 416 1.28 63.31 -140.54
N ASP VA 417 2.62 63.25 -140.51
CA ASP VA 417 3.35 62.00 -140.61
C ASP VA 417 3.11 61.11 -139.39
N LEU VA 418 2.85 61.74 -138.23
CA LEU VA 418 2.56 61.01 -136.99
C LEU VA 418 1.27 60.20 -137.12
N VAL VA 419 0.32 60.76 -137.89
CA VAL VA 419 -0.94 60.06 -138.12
C VAL VA 419 -0.72 58.84 -139.02
N SER VA 420 0.19 58.97 -139.99
CA SER VA 420 0.48 57.89 -140.93
C SER VA 420 1.21 56.74 -140.25
N GLU VA 421 2.12 57.04 -139.32
CA GLU VA 421 2.93 56.01 -138.68
C GLU VA 421 2.19 55.27 -137.57
N TYR VA 422 1.11 55.87 -137.06
CA TYR VA 422 0.07 55.09 -136.38
C TYR VA 422 -0.59 54.11 -137.35
N GLN VA 423 -0.97 54.65 -138.53
CA GLN VA 423 -1.63 53.87 -139.57
C GLN VA 423 -0.68 52.85 -140.19
N GLN VA 424 0.63 53.12 -140.11
CA GLN VA 424 1.64 52.25 -140.71
C GLN VA 424 1.61 50.86 -140.07
N TYR VA 425 1.37 50.82 -138.75
CA TYR VA 425 1.35 49.55 -138.04
C TYR VA 425 -0.08 49.17 -137.63
N GLN VA 426 -1.04 49.31 -138.56
CA GLN VA 426 -2.41 48.87 -138.26
C GLN VA 426 -2.88 47.68 -139.11
N MET WA 1 41.61 -79.46 -92.55
CA MET WA 1 41.84 -80.25 -93.81
C MET WA 1 40.50 -80.60 -94.46
N ARG WA 2 39.79 -81.59 -93.88
CA ARG WA 2 38.53 -82.05 -94.42
C ARG WA 2 37.39 -81.37 -93.66
N GLU WA 3 36.88 -80.27 -94.23
CA GLU WA 3 35.84 -79.45 -93.62
C GLU WA 3 34.87 -78.98 -94.70
N VAL WA 4 33.87 -78.19 -94.27
CA VAL WA 4 32.74 -77.84 -95.13
C VAL WA 4 32.49 -76.35 -95.08
N ILE WA 5 31.97 -75.85 -96.20
CA ILE WA 5 31.81 -74.43 -96.41
C ILE WA 5 30.34 -74.19 -96.75
N SER WA 6 29.77 -73.15 -96.13
CA SER WA 6 28.34 -72.87 -96.25
C SER WA 6 28.08 -71.50 -96.88
N ILE WA 7 27.18 -71.45 -97.87
CA ILE WA 7 26.80 -70.23 -98.55
C ILE WA 7 25.32 -69.98 -98.35
N HIS WA 8 25.03 -68.77 -97.86
CA HIS WA 8 23.66 -68.30 -97.71
C HIS WA 8 23.47 -67.13 -98.67
N VAL WA 9 22.49 -67.26 -99.55
CA VAL WA 9 22.19 -66.24 -100.54
C VAL WA 9 20.68 -66.04 -100.60
N GLY WA 10 20.22 -64.79 -100.60
CA GLY WA 10 18.80 -64.53 -100.59
C GLY WA 10 18.22 -64.57 -99.18
N GLN WA 11 17.17 -63.79 -98.92
CA GLN WA 11 16.76 -63.51 -97.54
C GLN WA 11 16.16 -64.77 -96.88
N ALA WA 12 15.65 -65.70 -97.70
CA ALA WA 12 15.22 -66.97 -97.14
C ALA WA 12 16.45 -67.76 -96.67
N GLY WA 13 17.51 -67.74 -97.48
CA GLY WA 13 18.75 -68.42 -97.14
C GLY WA 13 19.46 -67.79 -95.93
N ILE WA 14 19.26 -66.48 -95.77
CA ILE WA 14 19.86 -65.81 -94.63
C ILE WA 14 19.18 -66.26 -93.34
N GLN WA 15 17.84 -66.24 -93.35
CA GLN WA 15 17.12 -66.56 -92.13
C GLN WA 15 17.18 -68.05 -91.81
N ILE WA 16 17.15 -68.89 -92.86
CA ILE WA 16 17.41 -70.31 -92.66
C ILE WA 16 18.82 -70.49 -92.08
N GLY WA 17 19.77 -69.76 -92.66
CA GLY WA 17 21.12 -69.72 -92.11
C GLY WA 17 21.18 -69.10 -90.72
N ASN WA 18 20.28 -68.15 -90.45
CA ASN WA 18 20.27 -67.52 -89.14
C ASN WA 18 19.94 -68.53 -88.06
N ALA WA 19 18.93 -69.37 -88.34
CA ALA WA 19 18.55 -70.43 -87.42
C ALA WA 19 19.59 -71.55 -87.46
N CYS WA 20 20.25 -71.75 -88.60
CA CYS WA 20 21.26 -72.79 -88.72
C CYS WA 20 22.47 -72.48 -87.83
N TRP WA 21 22.85 -71.21 -87.77
CA TRP WA 21 23.92 -70.79 -86.89
C TRP WA 21 23.42 -70.43 -85.49
N GLU WA 22 22.16 -70.77 -85.19
CA GLU WA 22 21.75 -70.83 -83.79
C GLU WA 22 22.15 -72.18 -83.22
N LEU WA 23 21.70 -73.27 -83.89
CA LEU WA 23 21.80 -74.66 -83.47
C LEU WA 23 23.29 -75.04 -83.37
N PHE WA 24 24.09 -74.56 -84.32
CA PHE WA 24 25.50 -74.90 -84.37
C PHE WA 24 26.26 -74.27 -83.21
N CYS WA 25 25.86 -73.05 -82.83
CA CYS WA 25 26.46 -72.41 -81.67
C CYS WA 25 26.10 -73.17 -80.39
N LEU WA 26 24.84 -73.60 -80.32
CA LEU WA 26 24.36 -74.18 -79.08
C LEU WA 26 24.81 -75.64 -78.94
N GLU WA 27 25.05 -76.32 -80.07
CA GLU WA 27 25.51 -77.70 -80.05
C GLU WA 27 26.92 -77.80 -79.47
N HIS WA 28 27.85 -76.99 -79.99
CA HIS WA 28 29.25 -77.03 -79.55
C HIS WA 28 29.46 -76.18 -78.31
N GLY WA 29 28.38 -75.48 -77.91
CA GLY WA 29 28.35 -74.76 -76.65
C GLY WA 29 29.25 -73.54 -76.69
N ILE WA 30 29.31 -72.88 -77.84
CA ILE WA 30 30.07 -71.65 -77.96
C ILE WA 30 29.22 -70.51 -77.38
N GLN WA 31 29.88 -69.63 -76.63
CA GLN WA 31 29.29 -68.43 -76.03
C GLN WA 31 29.18 -67.37 -77.12
N PRO WA 32 28.09 -66.57 -77.17
CA PRO WA 32 27.85 -65.72 -78.34
C PRO WA 32 28.82 -64.57 -78.57
N ASP WA 33 29.85 -64.43 -77.73
CA ASP WA 33 30.98 -63.59 -78.09
C ASP WA 33 31.84 -64.32 -79.15
N GLY WA 34 32.01 -65.63 -79.01
CA GLY WA 34 32.78 -66.39 -80.00
C GLY WA 34 33.77 -67.40 -79.43
N GLN WA 35 33.82 -67.47 -78.08
CA GLN WA 35 34.73 -68.37 -77.40
C GLN WA 35 33.99 -69.25 -76.40
N MET WA 36 34.19 -70.56 -76.55
CA MET WA 36 33.71 -71.58 -75.63
C MET WA 36 34.40 -71.40 -74.28
N PRO WA 37 33.73 -71.68 -73.14
CA PRO WA 37 34.36 -71.52 -71.83
C PRO WA 37 35.46 -72.54 -71.50
N ASP WA 47 37.97 -81.89 -81.46
CA ASP WA 47 38.16 -81.17 -82.75
C ASP WA 47 36.92 -81.32 -83.62
N ALA WA 48 35.79 -81.60 -82.96
CA ALA WA 48 34.48 -81.62 -83.60
C ALA WA 48 34.11 -80.21 -84.07
N PHE WA 49 34.47 -79.19 -83.29
CA PHE WA 49 34.20 -77.81 -83.66
C PHE WA 49 34.98 -77.39 -84.90
N ASN WA 50 36.09 -78.09 -85.19
CA ASN WA 50 36.95 -77.70 -86.29
C ASN WA 50 36.29 -77.91 -87.64
N THR WA 51 35.25 -78.74 -87.74
CA THR WA 51 34.67 -79.08 -89.04
C THR WA 51 33.75 -77.96 -89.54
N PHE WA 52 33.53 -76.90 -88.75
CA PHE WA 52 32.68 -75.80 -89.17
C PHE WA 52 33.25 -74.41 -88.88
N PHE WA 53 34.27 -74.34 -88.00
CA PHE WA 53 34.73 -73.07 -87.43
C PHE WA 53 36.19 -72.83 -87.78
N SER WA 54 36.72 -71.71 -87.28
CA SER WA 54 38.13 -71.42 -87.42
C SER WA 54 38.63 -70.83 -86.11
N GLU WA 55 39.73 -71.41 -85.62
CA GLU WA 55 40.39 -70.95 -84.42
C GLU WA 55 41.08 -69.62 -84.68
N THR WA 56 40.43 -68.53 -84.25
CA THR WA 56 41.06 -67.22 -84.20
C THR WA 56 41.79 -67.01 -82.87
N GLY WA 57 42.82 -67.83 -82.61
CA GLY WA 57 43.71 -67.54 -81.49
C GLY WA 57 43.16 -68.05 -80.16
N ALA WA 58 43.11 -67.21 -79.14
CA ALA WA 58 42.82 -67.69 -77.79
C ALA WA 58 41.33 -68.01 -77.61
N GLY WA 59 40.94 -69.16 -78.18
CA GLY WA 59 39.61 -69.71 -78.00
C GLY WA 59 38.54 -69.12 -78.92
N LYS WA 60 38.80 -68.02 -79.65
CA LYS WA 60 37.75 -67.44 -80.47
C LYS WA 60 37.43 -68.31 -81.69
N HIS WA 61 36.14 -68.56 -81.93
CA HIS WA 61 35.69 -69.26 -83.13
C HIS WA 61 34.98 -68.28 -84.05
N VAL WA 62 35.30 -68.34 -85.35
CA VAL WA 62 34.61 -67.58 -86.37
C VAL WA 62 34.08 -68.59 -87.41
N PRO WA 63 32.79 -68.54 -87.79
CA PRO WA 63 32.20 -69.61 -88.62
C PRO WA 63 32.60 -69.53 -90.09
N ARG WA 64 32.49 -70.67 -90.78
CA ARG WA 64 32.77 -70.74 -92.21
C ARG WA 64 31.49 -70.58 -93.02
N CYS WA 65 30.96 -69.36 -92.98
CA CYS WA 65 29.76 -69.03 -93.75
C CYS WA 65 29.87 -67.65 -94.38
N VAL WA 66 29.22 -67.49 -95.53
CA VAL WA 66 29.15 -66.20 -96.20
C VAL WA 66 27.69 -65.90 -96.51
N PHE WA 67 27.32 -64.65 -96.22
CA PHE WA 67 25.99 -64.14 -96.52
C PHE WA 67 26.10 -63.22 -97.71
N LEU WA 68 25.21 -63.43 -98.68
CA LEU WA 68 25.25 -62.71 -99.94
C LEU WA 68 23.85 -62.26 -100.30
N ASP WA 69 23.59 -60.95 -100.17
CA ASP WA 69 22.32 -60.43 -100.62
C ASP WA 69 22.48 -59.00 -101.11
N LEU WA 70 21.89 -58.72 -102.28
CA LEU WA 70 21.83 -57.36 -102.80
C LEU WA 70 20.76 -56.54 -102.08
N GLU WA 71 19.83 -57.24 -101.38
CA GLU WA 71 18.84 -56.63 -100.51
C GLU WA 71 19.54 -56.36 -99.18
N PRO WA 72 19.96 -55.11 -98.87
CA PRO WA 72 20.83 -54.91 -97.70
C PRO WA 72 20.05 -54.92 -96.37
N THR WA 73 18.74 -55.09 -96.46
CA THR WA 73 17.83 -54.96 -95.32
C THR WA 73 17.72 -56.26 -94.51
N VAL WA 74 18.32 -57.36 -94.99
CA VAL WA 74 18.33 -58.62 -94.28
C VAL WA 74 19.71 -58.87 -93.64
N VAL WA 75 20.76 -58.41 -94.31
CA VAL WA 75 22.11 -58.59 -93.76
C VAL WA 75 22.37 -57.62 -92.61
N ASP WA 76 21.81 -56.41 -92.70
CA ASP WA 76 22.03 -55.41 -91.67
C ASP WA 76 21.36 -55.82 -90.36
N GLU WA 77 20.19 -56.46 -90.47
CA GLU WA 77 19.48 -56.92 -89.29
C GLU WA 77 20.19 -58.13 -88.68
N VAL WA 78 21.02 -58.81 -89.47
CA VAL WA 78 21.98 -59.74 -88.89
C VAL WA 78 23.09 -58.97 -88.18
N ARG WA 79 23.59 -57.92 -88.83
CA ARG WA 79 24.66 -57.12 -88.25
C ARG WA 79 24.22 -56.47 -86.93
N THR WA 80 22.97 -56.04 -86.87
CA THR WA 80 22.46 -55.36 -85.69
C THR WA 80 22.02 -56.37 -84.63
N GLY WA 81 21.76 -57.60 -85.05
CA GLY WA 81 21.31 -58.68 -84.17
C GLY WA 81 22.38 -59.06 -83.14
N THR WA 82 22.08 -59.91 -82.17
CA THR WA 82 23.00 -60.13 -81.06
C THR WA 82 24.22 -60.99 -81.45
N TYR WA 83 24.15 -61.62 -82.63
CA TYR WA 83 25.28 -62.31 -83.23
C TYR WA 83 26.05 -61.36 -84.15
N ARG WA 84 26.39 -60.20 -83.61
CA ARG WA 84 27.26 -59.27 -84.30
C ARG WA 84 28.74 -59.63 -84.08
N HIS WA 85 29.06 -60.31 -82.99
CA HIS WA 85 30.42 -60.60 -82.60
C HIS WA 85 30.89 -61.95 -83.17
N LEU WA 86 29.91 -62.75 -83.63
CA LEU WA 86 30.16 -64.10 -84.03
C LEU WA 86 30.95 -64.11 -85.34
N PHE WA 87 30.54 -63.23 -86.26
CA PHE WA 87 31.10 -63.31 -87.59
C PHE WA 87 32.28 -62.37 -87.70
N HIS WA 88 33.26 -62.83 -88.51
CA HIS WA 88 34.36 -62.00 -88.97
C HIS WA 88 33.75 -60.88 -89.80
N PRO WA 89 33.98 -59.62 -89.40
CA PRO WA 89 33.26 -58.46 -89.96
C PRO WA 89 32.93 -58.35 -91.45
N GLU WA 90 33.43 -59.25 -92.31
CA GLU WA 90 33.30 -58.95 -93.72
C GLU WA 90 32.92 -60.15 -94.58
N GLN WA 91 32.38 -61.22 -93.95
CA GLN WA 91 31.71 -62.21 -94.80
C GLN WA 91 30.31 -61.74 -95.21
N LEU WA 92 29.79 -60.75 -94.48
CA LEU WA 92 28.44 -60.26 -94.68
C LEU WA 92 28.49 -59.14 -95.73
N ILE WA 93 28.53 -59.52 -97.00
CA ILE WA 93 28.67 -58.57 -98.08
C ILE WA 93 27.29 -58.31 -98.69
N SER WA 94 26.92 -57.04 -98.79
CA SER WA 94 25.54 -56.62 -99.03
C SER WA 94 25.55 -55.43 -99.98
N GLY WA 95 24.75 -55.51 -101.05
CA GLY WA 95 24.85 -54.61 -102.19
C GLY WA 95 24.20 -53.24 -101.97
N LYS WA 96 23.56 -52.74 -103.03
CA LYS WA 96 22.87 -51.46 -102.98
C LYS WA 96 21.35 -51.65 -102.99
N GLU WA 97 20.82 -52.57 -103.81
CA GLU WA 97 19.39 -52.66 -104.02
C GLU WA 97 18.97 -54.08 -104.43
N ASP WA 98 17.78 -54.51 -103.99
CA ASP WA 98 17.30 -55.89 -104.11
C ASP WA 98 17.02 -56.25 -105.57
N ALA WA 99 17.33 -57.52 -105.91
CA ALA WA 99 17.14 -58.04 -107.26
C ALA WA 99 15.67 -58.12 -107.65
N ALA WA 100 14.77 -58.03 -106.66
CA ALA WA 100 13.35 -57.80 -106.89
C ALA WA 100 12.72 -58.95 -107.67
N ASN WA 101 12.79 -60.14 -107.08
CA ASN WA 101 12.08 -61.34 -107.51
C ASN WA 101 12.23 -61.66 -109.00
N ASN WA 102 13.29 -61.16 -109.64
CA ASN WA 102 13.50 -61.43 -111.05
C ASN WA 102 14.75 -62.28 -111.23
N PHE WA 103 14.63 -63.34 -112.04
CA PHE WA 103 15.80 -64.12 -112.43
C PHE WA 103 16.76 -63.27 -113.26
N ALA WA 104 16.21 -62.46 -114.16
CA ALA WA 104 17.03 -61.69 -115.09
C ALA WA 104 17.87 -60.63 -114.36
N ARG WA 105 17.29 -60.08 -113.28
CA ARG WA 105 17.91 -58.96 -112.59
C ARG WA 105 19.15 -59.42 -111.81
N GLY WA 106 19.04 -60.55 -111.09
CA GLY WA 106 20.14 -61.05 -110.28
C GLY WA 106 21.25 -61.70 -111.10
N HIS WA 107 20.90 -62.30 -112.25
CA HIS WA 107 21.83 -63.09 -113.04
C HIS WA 107 22.69 -62.19 -113.93
N TYR WA 108 22.18 -61.01 -114.32
CA TYR WA 108 22.85 -60.21 -115.34
C TYR WA 108 23.29 -58.85 -114.79
N THR WA 109 22.29 -58.06 -114.36
CA THR WA 109 22.50 -56.64 -114.16
C THR WA 109 23.14 -56.37 -112.81
N ILE WA 110 22.41 -56.65 -111.73
CA ILE WA 110 22.82 -56.26 -110.39
C ILE WA 110 23.56 -57.40 -109.69
N GLY WA 111 23.95 -58.42 -110.47
CA GLY WA 111 24.69 -59.54 -109.91
C GLY WA 111 26.20 -59.30 -109.86
N LYS WA 112 26.76 -58.82 -110.96
CA LYS WA 112 28.18 -59.02 -111.25
C LYS WA 112 29.10 -58.15 -110.38
N GLU WA 113 28.58 -57.06 -109.80
CA GLU WA 113 29.44 -56.15 -109.05
C GLU WA 113 29.80 -56.71 -107.67
N ILE WA 114 29.13 -57.79 -107.25
CA ILE WA 114 29.37 -58.39 -105.95
C ILE WA 114 29.85 -59.84 -106.07
N VAL WA 115 29.62 -60.49 -107.24
CA VAL WA 115 30.09 -61.84 -107.49
C VAL WA 115 31.61 -61.89 -107.34
N ASP WA 116 32.29 -60.92 -107.94
CA ASP WA 116 33.74 -60.80 -107.86
C ASP WA 116 34.20 -60.63 -106.41
N LEU WA 117 33.39 -59.90 -105.62
CA LEU WA 117 33.71 -59.75 -104.20
C LEU WA 117 33.43 -61.05 -103.44
N SER WA 118 32.38 -61.78 -103.85
CA SER WA 118 32.02 -63.03 -103.21
C SER WA 118 33.01 -64.14 -103.58
N LEU WA 119 33.46 -64.15 -104.85
CA LEU WA 119 34.47 -65.10 -105.32
C LEU WA 119 35.77 -64.88 -104.53
N ASP WA 120 36.13 -63.61 -104.36
CA ASP WA 120 37.30 -63.26 -103.58
C ASP WA 120 37.08 -63.52 -102.09
N ARG WA 121 35.82 -63.50 -101.65
CA ARG WA 121 35.51 -63.85 -100.27
C ARG WA 121 35.74 -65.34 -100.01
N ILE WA 122 35.24 -66.20 -100.92
CA ILE WA 122 35.22 -67.64 -100.70
C ILE WA 122 36.63 -68.21 -100.79
N ARG WA 123 37.53 -67.48 -101.47
CA ARG WA 123 38.82 -68.05 -101.82
C ARG WA 123 39.68 -68.29 -100.58
N LYS WA 124 39.79 -67.27 -99.73
CA LYS WA 124 40.71 -67.38 -98.60
C LYS WA 124 40.15 -68.31 -97.53
N LEU WA 125 38.81 -68.40 -97.49
CA LEU WA 125 38.15 -69.37 -96.63
C LEU WA 125 38.44 -70.79 -97.13
N ALA WA 126 38.45 -70.98 -98.46
CA ALA WA 126 38.59 -72.32 -99.03
C ALA WA 126 40.02 -72.84 -98.85
N ASP WA 127 41.00 -71.95 -98.93
CA ASP WA 127 42.39 -72.33 -98.79
C ASP WA 127 42.94 -72.03 -97.41
N ASN WA 128 42.05 -71.91 -96.41
CA ASN WA 128 42.47 -71.97 -95.01
C ASN WA 128 43.09 -73.34 -94.70
N CYS WA 129 42.50 -74.39 -95.24
CA CYS WA 129 43.04 -75.75 -95.19
C CYS WA 129 43.11 -76.32 -96.62
N THR WA 130 43.41 -77.62 -96.73
CA THR WA 130 43.45 -78.31 -98.02
C THR WA 130 42.70 -79.64 -97.90
N GLY WA 131 41.95 -79.99 -98.94
CA GLY WA 131 41.15 -81.23 -98.95
C GLY WA 131 39.76 -81.05 -98.35
N LEU WA 132 39.19 -79.86 -98.60
CA LEU WA 132 37.89 -79.45 -98.08
C LEU WA 132 36.82 -80.33 -98.73
N GLN WA 133 35.77 -80.61 -97.96
CA GLN WA 133 34.83 -81.65 -98.33
C GLN WA 133 33.74 -81.14 -99.26
N GLY WA 134 32.91 -80.19 -98.80
CA GLY WA 134 31.68 -79.89 -99.53
C GLY WA 134 31.26 -78.43 -99.45
N PHE WA 135 30.20 -78.13 -100.22
CA PHE WA 135 29.63 -76.79 -100.30
C PHE WA 135 28.17 -76.80 -99.91
N LEU WA 136 27.76 -75.79 -99.12
CA LEU WA 136 26.40 -75.72 -98.60
C LEU WA 136 25.70 -74.46 -99.10
N MET WA 137 24.91 -74.58 -100.18
CA MET WA 137 24.02 -73.51 -100.62
C MET WA 137 22.81 -73.40 -99.68
N PHE WA 138 22.21 -72.20 -99.69
CA PHE WA 138 20.97 -71.91 -98.99
C PHE WA 138 20.28 -70.76 -99.70
N ASN WA 139 19.14 -71.04 -100.34
CA ASN WA 139 18.50 -69.99 -101.12
C ASN WA 139 17.00 -70.26 -101.26
N ALA WA 140 16.28 -69.15 -101.47
CA ALA WA 140 14.91 -69.13 -101.93
C ALA WA 140 14.93 -69.18 -103.45
N VAL WA 141 14.41 -70.26 -104.03
CA VAL WA 141 14.51 -70.43 -105.47
C VAL WA 141 13.32 -69.72 -106.12
N GLY WA 142 12.38 -69.27 -105.27
CA GLY WA 142 11.15 -68.59 -105.68
C GLY WA 142 11.36 -67.11 -105.98
N GLY WA 143 12.33 -66.51 -105.28
CA GLY WA 143 12.68 -65.09 -105.35
C GLY WA 143 13.77 -64.81 -106.37
N GLY WA 144 14.30 -63.58 -106.29
CA GLY WA 144 15.14 -63.08 -107.35
C GLY WA 144 16.63 -63.29 -107.06
N THR WA 145 17.08 -62.74 -105.94
CA THR WA 145 18.50 -62.70 -105.66
C THR WA 145 18.99 -64.02 -105.03
N GLY WA 146 18.07 -64.96 -104.78
CA GLY WA 146 18.52 -66.26 -104.35
C GLY WA 146 18.73 -67.18 -105.54
N SER WA 147 17.76 -67.13 -106.46
CA SER WA 147 17.75 -68.01 -107.61
C SER WA 147 18.82 -67.61 -108.63
N GLY WA 148 18.69 -66.39 -109.17
CA GLY WA 148 19.58 -65.89 -110.20
C GLY WA 148 21.02 -65.75 -109.72
N LEU WA 149 21.17 -65.13 -108.53
CA LEU WA 149 22.50 -64.87 -108.00
C LEU WA 149 23.14 -66.17 -107.52
N GLY WA 150 22.36 -67.05 -106.90
CA GLY WA 150 22.85 -68.34 -106.42
C GLY WA 150 23.34 -69.20 -107.58
N CYS WA 151 22.72 -69.03 -108.76
CA CYS WA 151 23.21 -69.66 -109.97
C CYS WA 151 24.62 -69.19 -110.31
N LEU WA 152 24.84 -67.88 -110.22
CA LEU WA 152 26.12 -67.30 -110.58
C LEU WA 152 27.20 -67.78 -109.62
N LEU WA 153 26.87 -67.88 -108.34
CA LEU WA 153 27.81 -68.43 -107.38
C LEU WA 153 27.97 -69.93 -107.57
N LEU WA 154 27.01 -70.56 -108.26
CA LEU WA 154 27.15 -71.98 -108.58
C LEU WA 154 28.05 -72.17 -109.80
N GLU WA 155 27.87 -71.35 -110.85
CA GLU WA 155 28.60 -71.50 -112.10
C GLU WA 155 30.04 -70.99 -111.96
N ARG WA 156 30.25 -69.92 -111.20
CA ARG WA 156 31.59 -69.40 -110.98
C ARG WA 156 32.40 -70.28 -110.05
N LEU WA 157 31.77 -70.91 -109.07
CA LEU WA 157 32.48 -71.91 -108.27
C LEU WA 157 32.72 -73.17 -109.08
N SER WA 158 31.87 -73.45 -110.10
CA SER WA 158 32.01 -74.65 -110.91
C SER WA 158 33.34 -74.66 -111.65
N VAL WA 159 33.70 -73.48 -112.18
CA VAL WA 159 34.89 -73.35 -112.98
C VAL WA 159 36.13 -73.26 -112.08
N ASP WA 160 36.03 -72.64 -110.91
CA ASP WA 160 37.16 -72.52 -110.00
C ASP WA 160 37.49 -73.85 -109.34
N TYR WA 161 36.52 -74.39 -108.61
CA TYR WA 161 36.74 -75.55 -107.75
C TYR WA 161 35.89 -76.70 -108.25
N GLY WA 162 36.45 -77.41 -109.23
CA GLY WA 162 35.78 -78.51 -109.91
C GLY WA 162 35.84 -79.87 -109.19
N LYS WA 163 36.63 -80.00 -108.11
CA LYS WA 163 36.83 -81.28 -107.44
C LYS WA 163 35.88 -81.46 -106.25
N LYS WA 164 34.92 -80.54 -106.05
CA LYS WA 164 34.26 -80.39 -104.74
C LYS WA 164 32.77 -80.73 -104.81
N SER WA 165 32.22 -81.40 -103.79
CA SER WA 165 30.77 -81.65 -103.70
C SER WA 165 30.03 -80.36 -103.33
N LYS WA 166 28.84 -80.16 -103.90
CA LYS WA 166 28.09 -78.93 -103.63
C LYS WA 166 26.65 -79.29 -103.28
N LEU WA 167 26.28 -79.02 -102.02
CA LEU WA 167 24.94 -79.28 -101.54
C LEU WA 167 24.12 -77.98 -101.54
N ASN WA 168 22.89 -78.12 -102.07
CA ASN WA 168 21.93 -77.04 -102.13
C ASN WA 168 20.74 -77.40 -101.24
N PHE WA 169 20.17 -76.36 -100.61
CA PHE WA 169 18.95 -76.51 -99.84
C PHE WA 169 17.92 -75.50 -100.33
N CYS WA 170 17.23 -75.85 -101.43
CA CYS WA 170 16.40 -74.89 -102.15
C CYS WA 170 14.93 -75.03 -101.75
N SER WA 171 14.38 -73.93 -101.24
CA SER WA 171 13.02 -73.90 -100.71
C SER WA 171 12.03 -73.80 -101.88
N TRP WA 172 11.68 -74.97 -102.43
CA TRP WA 172 10.83 -75.07 -103.60
C TRP WA 172 9.49 -74.37 -103.36
N PRO WA 173 8.96 -73.62 -104.34
CA PRO WA 173 7.66 -72.96 -104.18
C PRO WA 173 6.51 -73.95 -104.02
N SER WA 174 5.57 -73.56 -103.16
CA SER WA 174 4.42 -74.34 -102.73
C SER WA 174 3.48 -74.68 -103.88
N PRO WA 175 2.74 -75.80 -103.80
CA PRO WA 175 1.61 -76.05 -104.69
C PRO WA 175 0.47 -75.03 -104.58
N GLN WA 176 -0.03 -74.79 -103.36
CA GLN WA 176 -1.20 -73.93 -103.19
C GLN WA 176 -0.79 -72.49 -102.88
N VAL WA 177 0.25 -72.35 -102.07
CA VAL WA 177 0.66 -71.04 -101.57
C VAL WA 177 1.63 -70.42 -102.57
N SER WA 178 1.47 -69.14 -102.91
CA SER WA 178 2.45 -68.47 -103.78
C SER WA 178 3.14 -67.34 -103.03
N THR WA 179 2.34 -66.31 -102.69
CA THR WA 179 2.77 -65.03 -102.13
C THR WA 179 3.77 -64.32 -103.05
N ALA WA 180 3.83 -64.76 -104.32
CA ALA WA 180 4.57 -64.11 -105.39
C ALA WA 180 4.17 -64.76 -106.70
N VAL WA 181 3.71 -63.94 -107.64
CA VAL WA 181 3.13 -64.42 -108.88
C VAL WA 181 4.23 -64.69 -109.92
N VAL WA 182 5.47 -64.34 -109.63
CA VAL WA 182 6.54 -64.55 -110.60
C VAL WA 182 7.29 -65.86 -110.31
N GLU WA 183 6.90 -66.60 -109.28
CA GLU WA 183 7.62 -67.81 -108.86
C GLU WA 183 7.57 -68.93 -109.93
N PRO WA 184 6.48 -69.13 -110.70
CA PRO WA 184 6.54 -70.01 -111.87
C PRO WA 184 7.62 -69.61 -112.87
N TYR WA 185 7.85 -68.31 -113.03
CA TYR WA 185 8.92 -67.87 -113.91
C TYR WA 185 10.27 -68.04 -113.23
N ASN WA 186 10.34 -67.81 -111.93
CA ASN WA 186 11.60 -67.88 -111.22
C ASN WA 186 12.02 -69.33 -110.94
N SER WA 187 11.21 -70.33 -111.32
CA SER WA 187 11.56 -71.73 -111.12
C SER WA 187 12.24 -72.31 -112.36
N VAL WA 188 11.55 -72.23 -113.50
CA VAL WA 188 12.00 -72.85 -114.73
C VAL WA 188 13.28 -72.19 -115.24
N LEU WA 189 13.43 -70.89 -114.99
CA LEU WA 189 14.66 -70.20 -115.35
C LEU WA 189 15.77 -70.48 -114.33
N SER WA 190 15.43 -71.17 -113.23
CA SER WA 190 16.43 -71.65 -112.29
C SER WA 190 16.78 -73.11 -112.56
N THR WA 191 15.78 -73.92 -112.91
CA THR WA 191 15.93 -75.38 -112.95
C THR WA 191 16.99 -75.83 -113.95
N HIS WA 192 16.96 -75.29 -115.19
CA HIS WA 192 17.98 -75.61 -116.20
C HIS WA 192 19.35 -75.17 -115.67
N SER WA 193 19.41 -73.97 -115.08
CA SER WA 193 20.70 -73.39 -114.74
C SER WA 193 21.16 -73.81 -113.34
N LEU WA 194 20.45 -74.76 -112.70
CA LEU WA 194 20.81 -75.34 -111.40
C LEU WA 194 21.04 -76.85 -111.53
N LEU WA 195 20.37 -77.50 -112.50
CA LEU WA 195 20.46 -78.96 -112.63
C LEU WA 195 21.89 -79.43 -112.89
N GLU WA 196 22.41 -79.09 -114.08
CA GLU WA 196 23.70 -79.62 -114.50
C GLU WA 196 24.87 -78.92 -113.81
N HIS WA 197 24.61 -78.09 -112.79
CA HIS WA 197 25.70 -77.40 -112.11
C HIS WA 197 25.90 -77.79 -110.65
N THR WA 198 24.85 -78.31 -109.97
CA THR WA 198 25.01 -78.74 -108.59
C THR WA 198 24.95 -80.26 -108.47
N ASP WA 199 25.51 -80.78 -107.38
CA ASP WA 199 25.61 -82.22 -107.20
C ASP WA 199 24.39 -82.75 -106.49
N VAL WA 200 23.89 -81.97 -105.54
CA VAL WA 200 22.91 -82.46 -104.60
C VAL WA 200 22.09 -81.28 -104.06
N ALA WA 201 20.77 -81.41 -104.20
CA ALA WA 201 19.80 -80.40 -103.78
C ALA WA 201 18.59 -81.10 -103.14
N VAL WA 202 18.04 -80.44 -102.11
CA VAL WA 202 16.97 -81.03 -101.33
C VAL WA 202 15.73 -80.16 -101.47
N MET WA 203 14.61 -80.79 -101.83
CA MET WA 203 13.33 -80.11 -101.85
C MET WA 203 12.88 -79.80 -100.42
N LEU WA 204 12.43 -78.56 -100.17
CA LEU WA 204 11.64 -78.24 -98.98
C LEU WA 204 10.48 -77.34 -99.41
N ASP WA 205 9.30 -77.58 -98.82
CA ASP WA 205 8.12 -76.77 -99.08
C ASP WA 205 7.63 -76.18 -97.76
N ASN WA 206 7.26 -74.88 -97.76
CA ASN WA 206 6.89 -74.26 -96.50
C ASN WA 206 5.45 -74.57 -96.07
N GLU WA 207 4.53 -74.92 -96.98
CA GLU WA 207 3.21 -75.29 -96.50
C GLU WA 207 3.20 -76.74 -95.99
N ALA WA 208 4.14 -77.55 -96.48
CA ALA WA 208 4.27 -78.92 -96.04
C ALA WA 208 4.76 -78.94 -94.59
N ILE WA 209 5.74 -78.09 -94.28
CA ILE WA 209 6.23 -77.95 -92.92
C ILE WA 209 5.19 -77.20 -92.06
N TYR WA 210 4.32 -76.41 -92.70
CA TYR WA 210 3.11 -75.92 -92.04
C TYR WA 210 2.18 -77.06 -91.60
N ASP WA 211 1.95 -78.04 -92.49
CA ASP WA 211 1.08 -79.17 -92.18
C ASP WA 211 1.73 -80.07 -91.12
N ILE WA 212 3.06 -80.05 -91.09
CA ILE WA 212 3.78 -80.67 -90.00
C ILE WA 212 3.41 -80.04 -88.66
N CYS WA 213 3.46 -78.70 -88.59
CA CYS WA 213 3.35 -78.05 -87.28
C CYS WA 213 1.91 -77.90 -86.78
N ARG WA 214 0.92 -78.08 -87.67
CA ARG WA 214 -0.45 -78.10 -87.18
C ARG WA 214 -0.78 -79.45 -86.54
N ARG WA 215 -0.21 -80.52 -87.13
CA ARG WA 215 -0.63 -81.87 -86.81
C ARG WA 215 0.22 -82.45 -85.68
N ASN WA 216 1.54 -82.51 -85.87
CA ASN WA 216 2.40 -83.17 -84.90
C ASN WA 216 2.63 -82.30 -83.67
N LEU WA 217 3.24 -81.13 -83.90
CA LEU WA 217 3.73 -80.25 -82.84
C LEU WA 217 2.54 -79.49 -82.23
N ASP WA 218 1.41 -79.42 -82.96
CA ASP WA 218 0.19 -78.84 -82.42
C ASP WA 218 0.34 -77.34 -82.14
N ILE WA 219 0.61 -76.58 -83.20
CA ILE WA 219 0.40 -75.15 -83.18
C ILE WA 219 -0.48 -74.78 -84.37
N GLU WA 220 -1.41 -73.90 -84.05
CA GLU WA 220 -2.26 -73.32 -85.07
C GLU WA 220 -1.53 -72.19 -85.79
N ARG WA 221 -0.71 -71.41 -85.08
CA ARG WA 221 -0.32 -70.09 -85.56
C ARG WA 221 1.19 -69.92 -85.62
N PRO WA 222 1.94 -70.53 -86.58
CA PRO WA 222 3.39 -70.39 -86.62
C PRO WA 222 3.94 -69.15 -87.31
N THR WA 223 5.27 -69.09 -87.38
CA THR WA 223 6.03 -68.03 -88.01
C THR WA 223 7.06 -68.70 -88.92
N TYR WA 224 7.67 -67.96 -89.87
CA TYR WA 224 8.90 -68.40 -90.52
C TYR WA 224 10.02 -68.81 -89.55
N THR WA 225 10.14 -68.18 -88.38
CA THR WA 225 11.18 -68.60 -87.45
C THR WA 225 10.86 -69.98 -86.87
N ASN WA 226 9.58 -70.38 -86.80
CA ASN WA 226 9.28 -71.76 -86.41
C ASN WA 226 9.47 -72.73 -87.58
N LEU WA 227 9.47 -72.22 -88.81
CA LEU WA 227 9.76 -73.07 -89.94
C LEU WA 227 11.25 -73.37 -90.00
N ASN WA 228 12.07 -72.32 -89.89
CA ASN WA 228 13.50 -72.45 -90.09
C ASN WA 228 14.15 -73.23 -88.96
N ARG WA 229 13.64 -73.10 -87.72
CA ARG WA 229 14.06 -73.87 -86.56
C ARG WA 229 13.97 -75.36 -86.86
N LEU WA 230 12.86 -75.73 -87.48
CA LEU WA 230 12.58 -77.14 -87.71
C LEU WA 230 13.28 -77.58 -89.00
N ILE WA 231 13.60 -76.64 -89.91
CA ILE WA 231 14.47 -76.94 -91.04
C ILE WA 231 15.89 -77.15 -90.53
N ALA WA 232 16.30 -76.35 -89.53
CA ALA WA 232 17.67 -76.37 -89.02
C ALA WA 232 17.98 -77.72 -88.34
N GLN WA 233 16.95 -78.38 -87.81
CA GLN WA 233 17.13 -79.68 -87.18
C GLN WA 233 17.55 -80.72 -88.22
N VAL WA 234 17.00 -80.62 -89.44
CA VAL WA 234 17.35 -81.53 -90.52
C VAL WA 234 18.78 -81.24 -90.97
N ILE WA 235 19.17 -79.97 -90.97
CA ILE WA 235 20.47 -79.54 -91.46
C ILE WA 235 21.57 -80.10 -90.56
N SER WA 236 21.41 -79.93 -89.24
CA SER WA 236 22.41 -80.34 -88.26
C SER WA 236 22.48 -81.87 -88.21
N SER WA 237 21.34 -82.55 -88.34
CA SER WA 237 21.29 -84.00 -88.30
C SER WA 237 21.93 -84.62 -89.55
N LEU WA 238 21.90 -83.88 -90.66
CA LEU WA 238 22.55 -84.37 -91.87
C LEU WA 238 24.07 -84.33 -91.73
N THR WA 239 24.57 -83.21 -91.19
CA THR WA 239 26.01 -83.01 -91.07
C THR WA 239 26.54 -83.49 -89.72
N ALA WA 240 25.76 -84.31 -89.01
CA ALA WA 240 26.12 -84.72 -87.66
C ALA WA 240 27.30 -85.69 -87.67
N SER WA 241 27.38 -86.49 -88.73
CA SER WA 241 28.44 -87.47 -88.89
C SER WA 241 29.78 -86.79 -89.14
N LEU WA 242 29.78 -85.63 -89.83
CA LEU WA 242 30.99 -84.82 -89.98
C LEU WA 242 31.48 -84.34 -88.61
N ARG WA 243 30.53 -84.00 -87.73
CA ARG WA 243 30.87 -83.37 -86.47
C ARG WA 243 31.27 -84.44 -85.45
N PHE WA 244 30.33 -85.35 -85.18
CA PHE WA 244 30.35 -86.13 -83.95
C PHE WA 244 30.55 -87.62 -84.25
N ASP WA 245 31.21 -88.28 -83.30
CA ASP WA 245 31.53 -89.69 -83.38
C ASP WA 245 30.26 -90.51 -83.15
N GLY WA 246 30.13 -91.58 -83.95
CA GLY WA 246 28.97 -92.45 -83.90
C GLY WA 246 29.33 -93.90 -84.24
N ALA WA 247 28.35 -94.81 -84.08
CA ALA WA 247 28.53 -96.22 -84.38
C ALA WA 247 28.75 -96.45 -85.88
N LEU WA 248 28.00 -95.74 -86.74
CA LEU WA 248 28.09 -95.89 -88.18
C LEU WA 248 27.69 -94.56 -88.82
N ASN WA 249 28.62 -93.87 -89.47
CA ASN WA 249 28.42 -92.48 -89.89
C ASN WA 249 28.53 -92.33 -91.41
N VAL WA 250 27.84 -91.33 -91.96
CA VAL WA 250 27.82 -91.10 -93.40
C VAL WA 250 28.01 -89.62 -93.69
N ASP WA 251 28.96 -89.30 -94.57
CA ASP WA 251 29.39 -87.93 -94.79
C ASP WA 251 28.73 -87.34 -96.04
N VAL WA 252 29.09 -86.09 -96.37
CA VAL WA 252 28.53 -85.38 -97.51
C VAL WA 252 28.96 -86.01 -98.84
N THR WA 253 30.22 -86.46 -98.91
CA THR WA 253 30.81 -86.82 -100.18
C THR WA 253 30.20 -88.09 -100.80
N GLU WA 254 29.39 -88.84 -100.05
CA GLU WA 254 28.90 -90.12 -100.53
C GLU WA 254 27.41 -90.08 -100.85
N PHE WA 255 26.97 -88.96 -101.44
CA PHE WA 255 25.58 -88.86 -101.85
C PHE WA 255 25.40 -89.18 -103.33
N GLN WA 256 26.39 -88.80 -104.15
CA GLN WA 256 26.42 -89.33 -105.50
C GLN WA 256 26.73 -90.83 -105.47
N THR WA 257 27.52 -91.25 -104.49
CA THR WA 257 27.91 -92.65 -104.34
C THR WA 257 26.70 -93.55 -104.09
N ASN WA 258 25.82 -93.12 -103.17
CA ASN WA 258 24.82 -94.03 -102.63
C ASN WA 258 23.39 -93.67 -103.04
N LEU WA 259 23.16 -92.40 -103.44
CA LEU WA 259 21.80 -91.93 -103.62
C LEU WA 259 21.46 -91.66 -105.09
N VAL WA 260 22.49 -91.55 -105.94
CA VAL WA 260 22.23 -91.13 -107.30
C VAL WA 260 22.44 -92.33 -108.20
N PRO WA 261 21.37 -92.91 -108.76
CA PRO WA 261 21.57 -93.87 -109.85
C PRO WA 261 22.01 -93.22 -111.16
N TYR WA 262 21.25 -92.22 -111.63
CA TYR WA 262 21.41 -91.60 -112.95
C TYR WA 262 21.74 -90.10 -112.84
N PRO WA 263 22.64 -89.58 -113.71
CA PRO WA 263 23.43 -88.37 -113.38
C PRO WA 263 22.63 -87.11 -113.09
N ARG WA 264 21.53 -86.96 -113.83
CA ARG WA 264 20.73 -85.75 -113.77
C ARG WA 264 19.93 -85.74 -112.48
N ILE WA 265 19.36 -86.92 -112.16
CA ILE WA 265 18.40 -87.04 -111.07
C ILE WA 265 19.19 -86.96 -109.76
N HIS WA 266 19.15 -85.77 -109.15
CA HIS WA 266 19.69 -85.59 -107.81
C HIS WA 266 18.81 -84.66 -107.00
N PHE WA 267 17.50 -84.69 -107.27
CA PHE WA 267 16.52 -84.02 -106.43
C PHE WA 267 15.98 -84.99 -105.40
N MET WA 268 16.08 -84.57 -104.14
CA MET WA 268 15.66 -85.41 -103.05
C MET WA 268 14.68 -84.68 -102.13
N LEU WA 269 13.77 -85.47 -101.54
CA LEU WA 269 12.87 -85.04 -100.50
C LEU WA 269 13.62 -85.01 -99.15
N SER WA 270 12.86 -84.73 -98.08
CA SER WA 270 13.36 -84.82 -96.72
C SER WA 270 12.21 -85.23 -95.80
N SER WA 271 12.56 -85.76 -94.62
CA SER WA 271 11.60 -86.19 -93.62
C SER WA 271 12.27 -86.13 -92.25
N TYR WA 272 11.49 -86.20 -91.19
CA TYR WA 272 12.04 -86.11 -89.85
C TYR WA 272 11.05 -86.69 -88.87
N ALA WA 273 11.57 -87.36 -87.83
CA ALA WA 273 10.77 -87.98 -86.80
C ALA WA 273 11.72 -88.28 -85.64
N PRO WA 274 11.29 -88.14 -84.36
CA PRO WA 274 9.97 -87.64 -84.01
C PRO WA 274 9.94 -86.14 -83.82
N ILE WA 275 8.75 -85.59 -84.03
CA ILE WA 275 8.52 -84.16 -83.97
C ILE WA 275 7.33 -83.91 -83.06
N ILE WA 276 7.61 -83.84 -81.76
CA ILE WA 276 6.60 -83.81 -80.72
C ILE WA 276 7.02 -82.81 -79.65
N SER WA 277 6.05 -82.37 -78.83
CA SER WA 277 6.26 -81.38 -77.79
C SER WA 277 6.76 -82.01 -76.48
N ALA WA 278 6.94 -81.18 -75.43
CA ALA WA 278 7.10 -81.64 -74.06
C ALA WA 278 5.79 -82.27 -73.59
N GLU WA 279 4.74 -82.02 -74.36
CA GLU WA 279 3.35 -82.41 -74.10
C GLU WA 279 3.28 -83.93 -74.04
N LYS WA 280 3.65 -84.56 -75.17
CA LYS WA 280 3.41 -85.97 -75.44
C LYS WA 280 4.73 -86.77 -75.49
N ALA WA 281 5.87 -86.10 -75.27
CA ALA WA 281 7.12 -86.87 -75.20
C ALA WA 281 7.13 -87.76 -73.96
N TYR WA 282 6.66 -87.17 -72.88
CA TYR WA 282 6.41 -87.82 -71.62
C TYR WA 282 5.41 -88.97 -71.80
N HIS WA 283 4.33 -88.77 -72.56
CA HIS WA 283 3.26 -89.77 -72.63
C HIS WA 283 3.48 -90.82 -73.70
N GLU WA 284 4.59 -90.72 -74.44
CA GLU WA 284 4.83 -91.67 -75.51
C GLU WA 284 6.28 -92.08 -75.52
N GLN WA 285 6.51 -93.41 -75.59
CA GLN WA 285 7.85 -93.92 -75.82
C GLN WA 285 8.10 -93.96 -77.33
N LEU WA 286 9.35 -93.69 -77.67
CA LEU WA 286 9.75 -93.55 -79.06
C LEU WA 286 10.65 -94.74 -79.39
N SER WA 287 10.04 -95.87 -79.75
CA SER WA 287 10.82 -97.03 -80.13
C SER WA 287 11.17 -96.94 -81.61
N VAL WA 288 12.17 -97.72 -82.00
CA VAL WA 288 12.69 -97.67 -83.37
C VAL WA 288 11.69 -98.30 -84.34
N ALA WA 289 10.67 -98.99 -83.83
CA ALA WA 289 9.66 -99.58 -84.69
C ALA WA 289 8.80 -98.48 -85.33
N GLU WA 290 8.45 -97.45 -84.56
CA GLU WA 290 7.50 -96.46 -85.08
C GLU WA 290 8.19 -95.21 -85.61
N ILE WA 291 9.39 -94.91 -85.13
CA ILE WA 291 10.08 -93.73 -85.64
C ILE WA 291 10.53 -93.98 -87.08
N THR WA 292 10.71 -95.25 -87.42
CA THR WA 292 10.90 -95.59 -88.81
C THR WA 292 9.57 -95.74 -89.52
N ASN WA 293 8.48 -95.88 -88.75
CA ASN WA 293 7.15 -95.95 -89.34
C ASN WA 293 6.60 -94.53 -89.54
N SER WA 294 6.89 -93.63 -88.59
CA SER WA 294 6.46 -92.24 -88.71
C SER WA 294 7.30 -91.50 -89.75
N ALA WA 295 8.55 -91.96 -89.97
CA ALA WA 295 9.44 -91.34 -90.96
C ALA WA 295 8.89 -91.53 -92.36
N PHE WA 296 8.35 -92.71 -92.66
CA PHE WA 296 7.89 -93.00 -94.00
C PHE WA 296 6.41 -92.65 -94.17
N GLU WA 297 5.78 -92.19 -93.07
CA GLU WA 297 4.35 -91.87 -93.08
C GLU WA 297 4.14 -90.68 -94.01
N PRO WA 298 3.20 -90.77 -94.97
CA PRO WA 298 3.13 -89.80 -96.07
C PRO WA 298 2.79 -88.37 -95.63
N ALA WA 299 2.13 -88.24 -94.47
CA ALA WA 299 1.82 -86.91 -93.96
C ALA WA 299 2.96 -86.38 -93.09
N SER WA 300 4.19 -86.89 -93.28
CA SER WA 300 5.31 -86.48 -92.44
C SER WA 300 6.56 -86.11 -93.24
N MET WA 301 6.48 -85.98 -94.57
CA MET WA 301 7.62 -85.43 -95.29
C MET WA 301 7.61 -83.90 -95.24
N MET WA 302 8.33 -83.27 -96.18
CA MET WA 302 8.47 -81.82 -96.13
C MET WA 302 8.17 -81.17 -97.48
N ALA WA 303 7.53 -81.89 -98.42
CA ALA WA 303 7.40 -81.32 -99.76
C ALA WA 303 6.07 -81.67 -100.45
N LYS WA 304 5.01 -81.92 -99.68
CA LYS WA 304 3.65 -82.14 -100.17
C LYS WA 304 3.48 -83.44 -100.97
N CYS WA 305 4.60 -84.02 -101.39
CA CYS WA 305 4.72 -85.01 -102.43
C CYS WA 305 4.17 -86.36 -101.94
N ASP WA 306 2.96 -86.70 -102.41
CA ASP WA 306 2.34 -87.94 -101.99
C ASP WA 306 3.00 -89.11 -102.71
N PRO WA 307 3.73 -90.00 -102.00
CA PRO WA 307 4.50 -91.07 -102.64
C PRO WA 307 3.72 -92.34 -102.99
N ARG WA 308 2.40 -92.33 -102.77
CA ARG WA 308 1.57 -93.48 -103.15
C ARG WA 308 1.59 -93.67 -104.66
N HIS WA 309 1.51 -92.55 -105.40
CA HIS WA 309 1.64 -92.59 -106.85
C HIS WA 309 3.10 -92.37 -107.27
N GLY WA 310 4.05 -92.77 -106.41
CA GLY WA 310 5.46 -92.82 -106.77
C GLY WA 310 6.08 -94.15 -106.38
N LYS WA 311 7.32 -94.36 -106.86
CA LYS WA 311 8.13 -95.53 -106.51
C LYS WA 311 9.40 -95.02 -105.85
N TYR WA 312 9.70 -95.54 -104.64
CA TYR WA 312 10.96 -95.23 -103.96
C TYR WA 312 12.13 -95.83 -104.75
N MET WA 313 13.29 -95.19 -104.60
CA MET WA 313 14.48 -95.71 -105.26
C MET WA 313 15.64 -95.84 -104.29
N ALA WA 314 15.79 -94.84 -103.42
CA ALA WA 314 16.85 -94.83 -102.44
C ALA WA 314 16.34 -94.16 -101.16
N CYS WA 315 16.97 -94.50 -100.04
CA CYS WA 315 16.61 -93.97 -98.73
C CYS WA 315 17.84 -93.96 -97.83
N CYS WA 316 18.05 -92.87 -97.10
CA CYS WA 316 19.20 -92.74 -96.23
C CYS WA 316 18.72 -92.30 -94.86
N LEU WA 317 18.90 -93.17 -93.87
CA LEU WA 317 18.42 -92.92 -92.52
C LEU WA 317 19.62 -92.67 -91.61
N MET WA 318 19.65 -91.49 -91.00
CA MET WA 318 20.67 -91.21 -90.01
C MET WA 318 20.01 -91.17 -88.65
N TYR WA 319 19.88 -92.35 -88.04
CA TYR WA 319 19.44 -92.45 -86.68
C TYR WA 319 20.46 -91.73 -85.80
N ARG WA 320 19.97 -90.99 -84.82
CA ARG WA 320 20.87 -90.30 -83.93
C ARG WA 320 20.35 -90.46 -82.51
N GLY WA 321 21.25 -90.46 -81.54
CA GLY WA 321 20.93 -90.71 -80.14
C GLY WA 321 21.23 -92.17 -79.78
N ASP WA 322 20.61 -92.62 -78.71
CA ASP WA 322 20.85 -93.97 -78.22
C ASP WA 322 20.12 -94.98 -79.10
N VAL WA 323 20.77 -95.32 -80.22
CA VAL WA 323 20.22 -96.33 -81.11
C VAL WA 323 21.16 -97.53 -81.18
N VAL WA 324 20.64 -98.73 -80.91
CA VAL WA 324 21.43 -99.94 -81.07
C VAL WA 324 21.28 -100.44 -82.50
N PRO WA 325 22.32 -100.97 -83.16
CA PRO WA 325 22.19 -101.36 -84.56
C PRO WA 325 21.38 -102.64 -84.81
N LYS WA 326 21.23 -103.54 -83.79
CA LYS WA 326 20.63 -104.84 -84.15
C LYS WA 326 19.11 -104.79 -84.30
N ASP WA 327 18.53 -103.73 -83.75
CA ASP WA 327 17.11 -103.48 -84.04
C ASP WA 327 16.88 -102.56 -85.25
N VAL WA 328 17.93 -101.88 -85.71
CA VAL WA 328 17.87 -101.17 -86.96
C VAL WA 328 17.62 -102.15 -88.12
N ASN WA 329 18.36 -103.27 -88.14
CA ASN WA 329 18.19 -104.33 -89.13
C ASN WA 329 16.78 -104.90 -89.12
N ALA WA 330 16.21 -105.11 -87.94
CA ALA WA 330 14.86 -105.66 -87.81
C ALA WA 330 13.85 -104.63 -88.30
N ALA WA 331 14.08 -103.35 -87.95
CA ALA WA 331 13.10 -102.30 -88.27
C ALA WA 331 13.01 -102.07 -89.78
N VAL WA 332 14.14 -102.13 -90.47
CA VAL WA 332 14.15 -101.95 -91.92
C VAL WA 332 13.55 -103.16 -92.61
N ALA WA 333 13.68 -104.33 -91.99
CA ALA WA 333 13.13 -105.55 -92.57
C ALA WA 333 11.61 -105.52 -92.49
N THR WA 334 11.04 -104.79 -91.52
CA THR WA 334 9.60 -104.62 -91.42
C THR WA 334 9.07 -103.90 -92.66
N ILE WA 335 9.79 -102.84 -93.08
CA ILE WA 335 9.34 -102.00 -94.17
C ILE WA 335 9.36 -102.77 -95.49
N LYS WA 336 10.40 -103.57 -95.73
CA LYS WA 336 10.55 -104.33 -96.96
C LYS WA 336 9.38 -105.30 -97.13
N THR WA 337 9.02 -105.94 -96.01
CA THR WA 337 7.89 -106.87 -95.97
C THR WA 337 6.55 -106.15 -96.20
N LYS WA 338 6.46 -104.90 -95.75
CA LYS WA 338 5.23 -104.11 -95.90
C LYS WA 338 4.98 -103.81 -97.37
N ARG WA 339 3.70 -103.87 -97.76
CA ARG WA 339 3.32 -103.74 -99.16
C ARG WA 339 2.90 -102.32 -99.59
N THR WA 340 2.68 -101.38 -98.67
CA THR WA 340 2.15 -100.07 -99.03
C THR WA 340 3.20 -99.16 -99.69
N ILE WA 341 4.48 -99.51 -99.49
CA ILE WA 341 5.60 -98.74 -100.02
C ILE WA 341 6.25 -99.63 -101.08
N GLN WA 342 6.41 -99.08 -102.28
CA GLN WA 342 6.85 -99.89 -103.42
C GLN WA 342 8.18 -99.39 -103.99
N PHE WA 343 9.26 -100.14 -103.70
CA PHE WA 343 10.58 -99.93 -104.31
C PHE WA 343 10.48 -100.25 -105.78
N VAL WA 344 11.46 -99.69 -106.51
CA VAL WA 344 11.43 -99.89 -107.94
C VAL WA 344 11.99 -101.28 -108.23
N ASP WA 345 11.55 -101.90 -109.33
CA ASP WA 345 11.78 -103.31 -109.50
C ASP WA 345 13.26 -103.61 -109.75
N TRP WA 346 13.96 -102.72 -110.44
CA TRP WA 346 15.37 -102.90 -110.74
C TRP WA 346 16.31 -102.68 -109.55
N CYS WA 347 15.83 -102.06 -108.46
CA CYS WA 347 16.68 -101.75 -107.31
C CYS WA 347 16.32 -102.67 -106.15
N PRO WA 348 17.13 -103.74 -105.90
CA PRO WA 348 16.83 -104.65 -104.81
C PRO WA 348 17.04 -104.03 -103.42
N THR WA 349 18.16 -103.32 -103.20
CA THR WA 349 18.44 -102.77 -101.88
C THR WA 349 18.47 -101.24 -101.97
N GLY WA 350 17.77 -100.57 -101.06
CA GLY WA 350 17.71 -99.12 -101.16
C GLY WA 350 17.76 -98.45 -99.80
N PHE WA 351 18.30 -99.15 -98.80
CA PHE WA 351 18.39 -98.61 -97.47
C PHE WA 351 19.83 -98.39 -97.07
N LYS WA 352 20.13 -97.16 -96.68
CA LYS WA 352 21.40 -96.84 -96.09
C LYS WA 352 21.14 -96.39 -94.65
N CYS WA 353 21.86 -97.02 -93.72
CA CYS WA 353 21.60 -96.83 -92.31
C CYS WA 353 22.79 -96.08 -91.71
N GLY WA 354 22.48 -95.12 -90.83
CA GLY WA 354 23.52 -94.37 -90.13
C GLY WA 354 23.14 -94.22 -88.66
N ILE WA 355 24.13 -94.29 -87.79
CA ILE WA 355 23.91 -94.13 -86.36
C ILE WA 355 24.95 -93.14 -85.82
N ASN WA 356 24.49 -92.08 -85.18
CA ASN WA 356 25.35 -91.16 -84.44
C ASN WA 356 25.05 -91.30 -82.95
N TYR WA 357 26.01 -90.96 -82.09
CA TYR WA 357 25.86 -91.15 -80.66
C TYR WA 357 25.26 -89.94 -79.95
N GLN WA 358 24.97 -88.87 -80.70
CA GLN WA 358 24.56 -87.63 -80.07
C GLN WA 358 23.05 -87.50 -80.15
N PRO WA 359 22.33 -87.32 -79.01
CA PRO WA 359 20.92 -86.95 -79.09
C PRO WA 359 20.75 -85.57 -79.74
N PRO WA 360 19.63 -85.33 -80.45
CA PRO WA 360 19.37 -84.00 -81.02
C PRO WA 360 19.17 -82.96 -79.94
N THR WA 361 19.58 -81.72 -80.23
CA THR WA 361 19.57 -80.68 -79.23
C THR WA 361 18.40 -79.73 -79.46
N VAL WA 362 17.83 -79.25 -78.36
CA VAL WA 362 16.54 -78.58 -78.37
C VAL WA 362 16.75 -77.19 -77.79
N VAL WA 363 16.21 -76.16 -78.45
CA VAL WA 363 16.48 -74.78 -78.05
C VAL WA 363 15.62 -74.43 -76.82
N PRO WA 364 16.13 -73.65 -75.85
CA PRO WA 364 15.34 -73.34 -74.64
C PRO WA 364 14.14 -72.45 -74.95
N GLY WA 365 13.01 -72.81 -74.33
CA GLY WA 365 11.71 -72.17 -74.54
C GLY WA 365 11.24 -72.23 -75.98
N GLY WA 366 11.65 -73.28 -76.71
CA GLY WA 366 11.37 -73.40 -78.13
C GLY WA 366 10.09 -74.16 -78.38
N ASP WA 367 10.10 -75.06 -79.38
CA ASP WA 367 8.88 -75.81 -79.64
C ASP WA 367 9.10 -77.29 -79.99
N LEU WA 368 10.34 -77.79 -80.05
CA LEU WA 368 10.57 -79.23 -80.19
C LEU WA 368 11.02 -79.80 -78.85
N ALA WA 369 10.67 -81.08 -78.58
CA ALA WA 369 11.01 -81.65 -77.28
C ALA WA 369 12.35 -82.35 -77.28
N LYS WA 370 12.84 -82.57 -76.05
CA LYS WA 370 14.01 -83.40 -75.83
C LYS WA 370 13.59 -84.85 -76.08
N VAL WA 371 13.82 -85.29 -77.33
CA VAL WA 371 13.54 -86.66 -77.68
C VAL WA 371 14.77 -87.48 -77.30
N MET WA 372 14.61 -88.80 -77.25
CA MET WA 372 15.76 -89.64 -76.93
C MET WA 372 16.60 -89.96 -78.17
N ARG WA 373 15.92 -90.32 -79.26
CA ARG WA 373 16.56 -90.74 -80.50
C ARG WA 373 15.68 -90.25 -81.65
N ALA WA 374 16.31 -89.83 -82.75
CA ALA WA 374 15.60 -89.27 -83.90
C ALA WA 374 16.15 -89.83 -85.21
N VAL WA 375 15.38 -89.68 -86.28
CA VAL WA 375 15.76 -90.11 -87.61
C VAL WA 375 15.56 -88.94 -88.57
N CYS WA 376 16.57 -88.69 -89.40
CA CYS WA 376 16.45 -87.75 -90.50
C CYS WA 376 16.53 -88.55 -91.80
N MET WA 377 15.55 -88.37 -92.68
CA MET WA 377 15.36 -89.22 -93.83
C MET WA 377 15.48 -88.38 -95.09
N ILE WA 378 16.29 -88.85 -96.05
CA ILE WA 378 16.42 -88.21 -97.35
C ILE WA 378 16.16 -89.30 -98.40
N SER WA 379 15.19 -89.03 -99.28
CA SER WA 379 14.72 -90.04 -100.22
C SER WA 379 14.77 -89.55 -101.66
N ASN WA 380 15.02 -90.50 -102.58
CA ASN WA 380 14.68 -90.38 -103.98
C ASN WA 380 13.45 -91.24 -104.25
N SER WA 381 12.43 -90.58 -104.80
CA SER WA 381 11.26 -91.30 -105.28
C SER WA 381 11.00 -90.89 -106.71
N THR WA 382 10.26 -91.74 -107.41
CA THR WA 382 9.72 -91.40 -108.72
C THR WA 382 8.43 -90.61 -108.57
N ALA WA 383 8.18 -90.08 -107.37
CA ALA WA 383 7.01 -89.27 -107.08
C ALA WA 383 7.29 -87.77 -107.32
N ILE WA 384 8.53 -87.39 -107.59
CA ILE WA 384 8.84 -85.99 -107.89
C ILE WA 384 8.29 -85.59 -109.27
N ALA WA 385 7.72 -86.54 -110.01
CA ALA WA 385 7.06 -86.23 -111.26
C ALA WA 385 5.92 -85.24 -111.04
N GLU WA 386 5.18 -85.37 -109.93
CA GLU WA 386 4.11 -84.44 -109.58
C GLU WA 386 4.69 -83.08 -109.21
N VAL WA 387 5.92 -83.08 -108.67
CA VAL WA 387 6.55 -81.85 -108.19
C VAL WA 387 6.91 -80.98 -109.39
N PHE WA 388 7.47 -81.59 -110.43
CA PHE WA 388 7.89 -80.83 -111.60
C PHE WA 388 6.77 -80.64 -112.61
N SER WA 389 5.67 -81.41 -112.45
CA SER WA 389 4.57 -81.30 -113.40
C SER WA 389 3.81 -79.99 -113.21
N ARG WA 390 3.52 -79.61 -111.96
CA ARG WA 390 2.65 -78.45 -111.76
C ARG WA 390 3.43 -77.16 -112.02
N MET WA 391 4.74 -77.17 -111.75
CA MET WA 391 5.50 -75.96 -111.96
C MET WA 391 5.92 -75.84 -113.43
N ASP WA 392 5.81 -76.95 -114.16
CA ASP WA 392 5.67 -76.89 -115.59
C ASP WA 392 4.28 -76.37 -115.95
N HIS WA 393 3.25 -76.83 -115.23
CA HIS WA 393 1.87 -76.45 -115.51
C HIS WA 393 1.59 -75.00 -115.11
N LYS WA 394 2.37 -74.44 -114.19
CA LYS WA 394 2.20 -73.03 -113.86
C LYS WA 394 2.85 -72.15 -114.93
N PHE WA 395 3.95 -72.64 -115.52
CA PHE WA 395 4.73 -71.86 -116.46
C PHE WA 395 3.98 -71.72 -117.79
N ASP WA 396 3.44 -72.83 -118.30
CA ASP WA 396 2.96 -72.86 -119.69
C ASP WA 396 1.65 -72.08 -119.83
N LEU WA 397 0.93 -71.91 -118.72
CA LEU WA 397 -0.28 -71.09 -118.73
C LEU WA 397 0.08 -69.60 -118.64
N MET WA 398 1.09 -69.26 -117.84
CA MET WA 398 1.49 -67.88 -117.63
C MET WA 398 2.07 -67.28 -118.92
N TYR WA 399 2.82 -68.11 -119.66
CA TYR WA 399 3.47 -67.77 -120.92
C TYR WA 399 2.53 -67.96 -122.12
N ALA WA 400 1.39 -68.67 -121.93
CA ALA WA 400 0.49 -69.07 -123.02
C ALA WA 400 0.17 -67.94 -124.01
N LYS WA 401 -0.11 -66.73 -123.50
CA LYS WA 401 0.02 -65.51 -124.28
C LYS WA 401 0.66 -64.40 -123.43
N ARG WA 402 1.80 -64.77 -122.81
CA ARG WA 402 2.93 -63.86 -122.58
C ARG WA 402 2.66 -62.80 -121.50
N ALA WA 403 2.43 -63.22 -120.26
CA ALA WA 403 2.45 -62.27 -119.13
C ALA WA 403 3.87 -62.04 -118.61
N PHE WA 404 4.14 -60.80 -118.15
CA PHE WA 404 5.34 -60.48 -117.42
C PHE WA 404 6.62 -60.62 -118.24
N VAL WA 405 6.52 -60.93 -119.53
CA VAL WA 405 7.67 -61.18 -120.40
C VAL WA 405 8.55 -59.94 -120.51
N HIS WA 406 7.90 -58.78 -120.50
CA HIS WA 406 8.53 -57.52 -120.89
C HIS WA 406 9.56 -57.04 -119.86
N TRP WA 407 9.54 -57.58 -118.65
CA TRP WA 407 10.60 -57.31 -117.69
C TRP WA 407 11.78 -58.25 -117.85
N TYR WA 408 11.48 -59.47 -118.30
CA TYR WA 408 12.51 -60.45 -118.58
C TYR WA 408 13.27 -60.06 -119.84
N VAL WA 409 12.53 -59.67 -120.89
CA VAL WA 409 13.15 -59.34 -122.17
C VAL WA 409 13.92 -58.03 -122.04
N GLY WA 410 13.32 -57.07 -121.33
CA GLY WA 410 13.93 -55.76 -121.15
C GLY WA 410 15.20 -55.79 -120.30
N GLU WA 411 15.43 -56.89 -119.57
CA GLU WA 411 16.53 -56.94 -118.62
C GLU WA 411 17.76 -57.64 -119.21
N GLY WA 412 17.56 -58.58 -120.13
CA GLY WA 412 18.70 -59.23 -120.76
C GLY WA 412 18.46 -60.65 -121.23
N MET WA 413 17.66 -61.42 -120.47
CA MET WA 413 17.20 -62.71 -120.90
C MET WA 413 16.31 -62.54 -122.14
N GLU WA 414 16.78 -63.01 -123.31
CA GLU WA 414 16.01 -62.86 -124.54
C GLU WA 414 14.98 -63.99 -124.69
N GLU WA 415 14.18 -63.92 -125.76
CA GLU WA 415 13.18 -64.93 -126.02
C GLU WA 415 13.86 -66.20 -126.53
N GLY WA 416 13.50 -67.34 -125.93
CA GLY WA 416 14.10 -68.62 -126.29
C GLY WA 416 14.56 -69.36 -125.05
N GLU WA 417 15.03 -68.64 -124.03
CA GLU WA 417 15.36 -69.25 -122.75
C GLU WA 417 14.07 -69.67 -122.05
N PHE WA 418 12.98 -68.97 -122.33
CA PHE WA 418 11.67 -69.44 -121.91
C PHE WA 418 11.34 -70.75 -122.63
N SER WA 419 11.69 -70.82 -123.91
CA SER WA 419 11.44 -72.02 -124.70
C SER WA 419 12.37 -73.16 -124.25
N GLU WA 420 13.69 -72.93 -124.36
CA GLU WA 420 14.70 -73.97 -124.21
C GLU WA 420 14.68 -74.60 -122.82
N ALA WA 421 14.37 -73.80 -121.79
CA ALA WA 421 14.26 -74.36 -120.45
C ALA WA 421 13.00 -75.21 -120.32
N ARG WA 422 11.97 -74.90 -121.12
CA ARG WA 422 10.72 -75.64 -121.00
C ARG WA 422 10.88 -77.07 -121.51
N GLU WA 423 11.58 -77.26 -122.63
CA GLU WA 423 11.88 -78.64 -123.02
C GLU WA 423 13.05 -79.20 -122.22
N ASP WA 424 13.81 -78.32 -121.57
CA ASP WA 424 14.83 -78.81 -120.66
C ASP WA 424 14.15 -79.48 -119.46
N LEU WA 425 13.14 -78.78 -118.90
CA LEU WA 425 12.26 -79.35 -117.86
C LEU WA 425 11.54 -80.58 -118.38
N ALA WA 426 11.02 -80.48 -119.62
CA ALA WA 426 10.27 -81.57 -120.22
C ALA WA 426 11.15 -82.81 -120.38
N ALA WA 427 12.46 -82.59 -120.62
CA ALA WA 427 13.41 -83.70 -120.61
C ALA WA 427 13.49 -84.32 -119.20
N LEU WA 428 13.53 -83.45 -118.18
CA LEU WA 428 13.71 -83.90 -116.81
C LEU WA 428 12.47 -84.65 -116.31
N GLU WA 429 11.28 -84.22 -116.77
CA GLU WA 429 10.04 -84.86 -116.34
C GLU WA 429 9.94 -86.23 -116.99
N LYS WA 430 10.24 -86.33 -118.29
CA LYS WA 430 10.11 -87.60 -118.99
C LYS WA 430 11.20 -88.60 -118.61
N ASP WA 431 12.34 -88.13 -118.06
CA ASP WA 431 13.35 -89.05 -117.56
C ASP WA 431 12.86 -89.78 -116.29
N TYR WA 432 12.17 -89.05 -115.41
CA TYR WA 432 11.61 -89.62 -114.19
C TYR WA 432 10.59 -90.69 -114.51
N GLU WA 433 9.77 -90.43 -115.53
CA GLU WA 433 8.73 -91.36 -115.94
C GLU WA 433 9.35 -92.58 -116.63
N GLU WA 434 10.51 -92.37 -117.29
CA GLU WA 434 11.27 -93.44 -117.93
C GLU WA 434 11.79 -94.42 -116.87
N VAL WA 435 12.12 -93.89 -115.69
CA VAL WA 435 12.73 -94.70 -114.63
C VAL WA 435 11.68 -95.66 -114.05
N GLY WA 436 10.52 -95.09 -113.74
CA GLY WA 436 9.47 -95.66 -112.92
C GLY WA 436 8.75 -96.90 -113.45
N ILE WA 437 8.98 -97.34 -114.70
CA ILE WA 437 8.22 -98.52 -115.14
C ILE WA 437 8.99 -99.84 -114.85
N MET XA 1 22.00 -46.32 -99.39
CA MET XA 1 20.60 -46.37 -98.91
C MET XA 1 19.65 -46.03 -100.06
N ARG XA 2 18.37 -46.39 -99.88
CA ARG XA 2 17.31 -46.05 -100.83
C ARG XA 2 16.47 -44.93 -100.24
N GLU XA 3 16.23 -43.86 -101.00
CA GLU XA 3 15.38 -42.78 -100.55
C GLU XA 3 14.29 -42.50 -101.60
N ILE XA 4 13.07 -42.23 -101.11
CA ILE XA 4 11.96 -41.84 -101.96
C ILE XA 4 11.84 -40.34 -101.91
N VAL XA 5 11.70 -39.79 -103.10
CA VAL XA 5 11.58 -38.36 -103.25
C VAL XA 5 10.12 -38.05 -103.52
N HIS XA 6 9.60 -37.10 -102.73
CA HIS XA 6 8.21 -36.74 -102.77
C HIS XA 6 7.98 -35.45 -103.58
N VAL XA 7 6.88 -35.45 -104.37
CA VAL XA 7 6.44 -34.28 -105.14
C VAL XA 7 5.00 -33.98 -104.74
N GLN XA 8 4.77 -32.75 -104.30
CA GLN XA 8 3.42 -32.33 -103.94
C GLN XA 8 3.02 -31.20 -104.88
N GLY XA 9 2.03 -31.51 -105.71
CA GLY XA 9 1.59 -30.58 -106.74
C GLY XA 9 0.08 -30.43 -106.76
N GLY XA 10 -0.36 -29.26 -107.22
CA GLY XA 10 -1.77 -28.97 -107.32
C GLY XA 10 -2.35 -28.51 -105.99
N GLN XA 11 -3.57 -28.06 -106.14
CA GLN XA 11 -4.46 -27.66 -105.07
C GLN XA 11 -4.76 -28.88 -104.20
N CYS XA 12 -5.00 -30.04 -104.82
CA CYS XA 12 -5.46 -31.18 -104.04
C CYS XA 12 -4.25 -31.82 -103.36
N GLY XA 13 -3.19 -31.96 -104.17
CA GLY XA 13 -1.99 -32.69 -103.77
C GLY XA 13 -1.27 -32.06 -102.59
N ASN XA 14 -1.35 -30.72 -102.51
CA ASN XA 14 -0.60 -30.06 -101.44
C ASN XA 14 -1.32 -30.25 -100.11
N GLN XA 15 -2.65 -30.39 -100.20
CA GLN XA 15 -3.39 -30.66 -98.97
C GLN XA 15 -3.23 -32.13 -98.51
N ILE XA 16 -3.23 -33.06 -99.46
CA ILE XA 16 -3.05 -34.47 -99.16
C ILE XA 16 -1.65 -34.71 -98.60
N GLY XA 17 -0.65 -34.11 -99.26
CA GLY XA 17 0.72 -34.28 -98.84
C GLY XA 17 1.01 -33.61 -97.50
N ALA XA 18 0.23 -32.56 -97.17
CA ALA XA 18 0.34 -31.92 -95.86
C ALA XA 18 -0.04 -32.91 -94.76
N LYS XA 19 -1.08 -33.72 -95.00
CA LYS XA 19 -1.48 -34.75 -94.07
C LYS XA 19 -0.52 -35.94 -94.14
N PHE XA 20 0.20 -36.09 -95.26
CA PHE XA 20 1.14 -37.20 -95.37
C PHE XA 20 2.32 -37.05 -94.39
N TRP XA 21 2.97 -35.90 -94.41
CA TRP XA 21 4.14 -35.74 -93.55
C TRP XA 21 3.71 -35.49 -92.13
N GLU XA 22 2.43 -35.15 -91.99
CA GLU XA 22 1.81 -35.08 -90.68
C GLU XA 22 1.82 -36.47 -90.05
N VAL XA 23 1.41 -37.50 -90.80
CA VAL XA 23 1.22 -38.84 -90.26
C VAL XA 23 2.54 -39.59 -90.21
N ILE XA 24 3.48 -39.29 -91.11
CA ILE XA 24 4.73 -40.02 -91.09
C ILE XA 24 5.63 -39.57 -89.95
N SER XA 25 5.66 -38.26 -89.68
CA SER XA 25 6.59 -37.71 -88.70
C SER XA 25 6.29 -38.15 -87.26
N ASP XA 26 5.00 -38.30 -86.93
CA ASP XA 26 4.66 -38.60 -85.54
C ASP XA 26 4.65 -40.10 -85.27
N GLU XA 27 4.57 -40.92 -86.33
CA GLU XA 27 4.79 -42.35 -86.14
C GLU XA 27 6.28 -42.66 -86.15
N HIS XA 28 7.06 -41.85 -86.86
CA HIS XA 28 8.51 -41.91 -86.80
C HIS XA 28 9.08 -41.13 -85.61
N GLY XA 29 8.23 -40.33 -84.94
CA GLY XA 29 8.62 -39.68 -83.68
C GLY XA 29 9.50 -38.45 -83.86
N ILE XA 30 9.15 -37.64 -84.87
CA ILE XA 30 9.82 -36.37 -85.08
C ILE XA 30 8.82 -35.24 -84.84
N ASP XA 31 9.21 -34.31 -83.95
CA ASP XA 31 8.45 -33.12 -83.60
C ASP XA 31 8.29 -32.21 -84.81
N PRO XA 32 7.24 -31.34 -84.88
CA PRO XA 32 7.20 -30.25 -85.86
C PRO XA 32 8.43 -29.35 -85.94
N THR XA 33 9.15 -29.22 -84.83
CA THR XA 33 10.41 -28.47 -84.80
C THR XA 33 11.52 -29.25 -85.51
N GLY XA 34 11.30 -30.54 -85.78
CA GLY XA 34 12.27 -31.34 -86.54
C GLY XA 34 13.08 -32.30 -85.68
N THR XA 35 13.10 -32.07 -84.36
CA THR XA 35 13.89 -32.90 -83.46
C THR XA 35 13.23 -34.27 -83.27
N TYR XA 36 14.06 -35.26 -82.95
CA TYR XA 36 13.58 -36.61 -82.71
C TYR XA 36 13.22 -36.75 -81.24
N CYS XA 37 12.21 -37.60 -80.99
CA CYS XA 37 11.92 -38.04 -79.64
C CYS XA 37 11.32 -39.45 -79.73
N GLY XA 38 11.63 -40.27 -78.73
CA GLY XA 38 11.04 -41.59 -78.65
C GLY XA 38 11.99 -42.66 -78.09
N ASP XA 39 13.27 -42.61 -78.46
CA ASP XA 39 14.29 -43.51 -77.94
C ASP XA 39 13.95 -44.96 -78.32
N SER XA 40 13.73 -45.19 -79.62
CA SER XA 40 13.33 -46.49 -80.13
C SER XA 40 14.05 -46.73 -81.44
N ASP XA 41 14.96 -47.72 -81.44
CA ASP XA 41 15.91 -47.91 -82.51
C ASP XA 41 15.24 -48.28 -83.83
N LEU XA 42 14.04 -48.91 -83.76
CA LEU XA 42 13.27 -49.30 -84.95
C LEU XA 42 12.94 -48.07 -85.79
N GLN XA 43 12.53 -47.03 -85.07
CA GLN XA 43 11.99 -45.84 -85.67
C GLN XA 43 13.10 -45.03 -86.35
N LEU XA 44 14.37 -45.43 -86.17
CA LEU XA 44 15.50 -44.57 -86.48
C LEU XA 44 16.40 -45.14 -87.56
N GLU XA 45 16.59 -46.47 -87.54
CA GLU XA 45 17.58 -47.13 -88.38
C GLU XA 45 17.25 -46.97 -89.88
N ARG XA 46 15.96 -46.80 -90.19
CA ARG XA 46 15.59 -46.33 -91.51
C ARG XA 46 14.73 -45.10 -91.38
N ILE XA 47 15.43 -43.97 -91.26
CA ILE XA 47 14.79 -42.67 -91.31
C ILE XA 47 15.15 -41.96 -92.62
N ASN XA 48 16.28 -42.33 -93.23
CA ASN XA 48 16.78 -41.64 -94.41
C ASN XA 48 16.04 -42.06 -95.68
N VAL XA 49 14.99 -42.86 -95.53
CA VAL XA 49 14.11 -43.17 -96.65
C VAL XA 49 13.30 -41.93 -97.05
N PHE XA 50 13.03 -41.05 -96.10
CA PHE XA 50 12.24 -39.87 -96.37
C PHE XA 50 12.88 -38.60 -95.81
N TYR XA 51 13.94 -38.70 -95.00
CA TYR XA 51 14.51 -37.52 -94.36
C TYR XA 51 15.97 -37.36 -94.73
N ASN XA 52 16.47 -36.14 -94.54
CA ASN XA 52 17.88 -35.81 -94.72
C ASN XA 52 18.31 -35.03 -93.48
N GLU XA 53 19.43 -35.39 -92.86
CA GLU XA 53 19.87 -34.72 -91.64
C GLU XA 53 20.40 -33.32 -91.97
N ALA XA 54 20.19 -32.35 -91.07
CA ALA XA 54 20.33 -30.94 -91.38
C ALA XA 54 21.38 -30.20 -90.52
N THR XA 55 22.29 -30.94 -89.87
CA THR XA 55 23.36 -30.37 -89.03
C THR XA 55 22.91 -29.32 -88.02
N GLY XA 56 21.74 -29.53 -87.41
CA GLY XA 56 21.38 -28.85 -86.18
C GLY XA 56 20.83 -29.89 -85.23
N GLY XA 57 20.96 -31.15 -85.65
CA GLY XA 57 20.33 -32.29 -85.02
C GLY XA 57 18.90 -32.55 -85.53
N ARG XA 58 18.38 -31.61 -86.32
CA ARG XA 58 17.05 -31.66 -86.87
C ARG XA 58 17.08 -32.33 -88.24
N PHE XA 59 15.90 -32.71 -88.71
CA PHE XA 59 15.73 -33.31 -90.02
C PHE XA 59 15.08 -32.31 -90.97
N VAL XA 60 14.99 -32.72 -92.23
CA VAL XA 60 14.23 -32.01 -93.24
C VAL XA 60 13.64 -33.04 -94.20
N PRO XA 61 12.33 -32.98 -94.47
CA PRO XA 61 11.73 -33.88 -95.46
C PRO XA 61 12.27 -33.70 -96.88
N ARG XA 62 12.31 -34.81 -97.60
CA ARG XA 62 12.58 -34.82 -99.04
C ARG XA 62 11.28 -34.72 -99.82
N ALA XA 63 10.61 -33.58 -99.69
CA ALA XA 63 9.40 -33.31 -100.45
C ALA XA 63 9.53 -31.95 -101.11
N ILE XA 64 9.19 -31.89 -102.41
CA ILE XA 64 9.23 -30.65 -103.17
C ILE XA 64 7.79 -30.19 -103.37
N LEU XA 65 7.53 -28.95 -102.93
CA LEU XA 65 6.19 -28.36 -103.03
C LEU XA 65 6.17 -27.44 -104.24
N MET XA 66 5.25 -27.75 -105.16
CA MET XA 66 5.25 -27.08 -106.46
C MET XA 66 3.81 -26.76 -106.87
N ASP XA 67 3.56 -25.47 -107.13
CA ASP XA 67 2.25 -25.01 -107.57
C ASP XA 67 2.41 -23.65 -108.25
N LEU XA 68 1.33 -23.21 -108.91
CA LEU XA 68 1.35 -21.95 -109.63
C LEU XA 68 0.48 -20.90 -108.96
N GLU XA 69 -0.05 -21.20 -107.77
CA GLU XA 69 -0.87 -20.26 -107.02
C GLU XA 69 -0.29 -20.16 -105.61
N PRO XA 70 0.09 -18.95 -105.15
CA PRO XA 70 0.95 -18.86 -103.97
C PRO XA 70 0.21 -19.04 -102.65
N GLY XA 71 -1.12 -19.21 -102.71
CA GLY XA 71 -1.91 -19.29 -101.48
C GLY XA 71 -1.67 -20.57 -100.70
N THR XA 72 -1.57 -21.69 -101.42
CA THR XA 72 -1.60 -22.99 -100.77
C THR XA 72 -0.27 -23.30 -100.09
N MET XA 73 0.84 -22.77 -100.64
CA MET XA 73 2.13 -22.93 -99.99
C MET XA 73 2.17 -22.18 -98.67
N ASP XA 74 1.61 -20.95 -98.66
CA ASP XA 74 1.51 -20.17 -97.44
C ASP XA 74 0.58 -20.86 -96.45
N SER XA 75 -0.40 -21.61 -96.98
CA SER XA 75 -1.31 -22.39 -96.15
C SER XA 75 -0.55 -23.51 -95.44
N VAL XA 76 0.35 -24.15 -96.19
CA VAL XA 76 1.10 -25.28 -95.68
C VAL XA 76 2.07 -24.79 -94.60
N ARG XA 77 2.75 -23.67 -94.84
CA ARG XA 77 3.68 -23.07 -93.90
C ARG XA 77 3.00 -22.71 -92.59
N ALA XA 78 1.82 -22.08 -92.71
CA ALA XA 78 1.10 -21.55 -91.55
C ALA XA 78 0.58 -22.69 -90.68
N GLY XA 79 0.36 -23.84 -91.32
CA GLY XA 79 -0.18 -25.00 -90.62
C GLY XA 79 0.88 -25.62 -89.72
N PRO XA 80 0.48 -26.58 -88.85
CA PRO XA 80 1.44 -27.36 -88.08
C PRO XA 80 2.09 -28.41 -88.97
N PHE XA 81 3.29 -28.82 -88.54
CA PHE XA 81 4.25 -29.65 -89.25
C PHE XA 81 4.49 -29.04 -90.63
N GLY XA 82 4.55 -27.72 -90.66
CA GLY XA 82 4.75 -27.00 -91.90
C GLY XA 82 6.12 -26.36 -91.97
N GLN XA 83 6.76 -26.33 -90.79
CA GLN XA 83 8.04 -25.68 -90.56
C GLN XA 83 9.15 -26.62 -91.04
N LEU XA 84 8.78 -27.88 -91.29
CA LEU XA 84 9.71 -28.97 -91.59
C LEU XA 84 10.37 -28.73 -92.93
N PHE XA 85 9.55 -28.34 -93.92
CA PHE XA 85 10.03 -28.23 -95.28
C PHE XA 85 11.03 -27.10 -95.44
N ARG XA 86 11.93 -27.29 -96.41
CA ARG XA 86 12.98 -26.35 -96.71
C ARG XA 86 12.40 -25.24 -97.58
N PRO XA 87 12.66 -23.95 -97.23
CA PRO XA 87 12.12 -22.84 -98.01
C PRO XA 87 12.62 -22.82 -99.45
N ASP XA 88 13.82 -23.38 -99.67
CA ASP XA 88 14.39 -23.51 -101.00
C ASP XA 88 13.60 -24.52 -101.84
N ASN XA 89 12.93 -25.47 -101.17
CA ASN XA 89 12.16 -26.49 -101.85
C ASN XA 89 10.84 -25.97 -102.40
N PHE XA 90 10.36 -24.86 -101.83
CA PHE XA 90 9.12 -24.26 -102.30
C PHE XA 90 9.36 -23.54 -103.62
N VAL XA 91 8.67 -23.99 -104.67
CA VAL XA 91 8.74 -23.31 -105.97
C VAL XA 91 7.33 -22.82 -106.32
N PHE XA 92 7.08 -21.54 -105.99
CA PHE XA 92 5.74 -20.98 -106.14
C PHE XA 92 5.44 -20.69 -107.60
N GLY XA 93 4.21 -20.22 -107.82
CA GLY XA 93 3.82 -19.49 -109.00
C GLY XA 93 2.88 -18.36 -108.61
N GLN XA 94 2.67 -17.45 -109.57
CA GLN XA 94 1.88 -16.25 -109.33
C GLN XA 94 0.69 -16.13 -110.29
N THR XA 95 0.77 -16.78 -111.45
CA THR XA 95 -0.30 -16.66 -112.44
C THR XA 95 -1.54 -17.43 -112.02
N GLY XA 96 -1.33 -18.66 -111.55
CA GLY XA 96 -2.42 -19.56 -111.20
C GLY XA 96 -2.89 -20.29 -112.44
N ALA XA 97 -2.65 -21.60 -112.48
CA ALA XA 97 -3.18 -22.40 -113.56
C ALA XA 97 -4.67 -22.57 -113.32
N GLY XA 98 -5.45 -21.74 -114.02
CA GLY XA 98 -6.84 -21.62 -113.65
C GLY XA 98 -7.67 -22.81 -114.14
N ASN XA 99 -7.30 -24.02 -113.71
CA ASN XA 99 -8.05 -25.23 -114.02
C ASN XA 99 -8.21 -25.46 -115.52
N ASN XA 100 -7.27 -24.90 -116.28
CA ASN XA 100 -7.18 -25.12 -117.70
C ASN XA 100 -5.95 -25.98 -117.94
N TRP XA 101 -6.19 -27.23 -118.38
CA TRP XA 101 -5.13 -28.22 -118.40
C TRP XA 101 -3.99 -27.80 -119.32
N ALA XA 102 -4.31 -27.09 -120.40
CA ALA XA 102 -3.28 -26.60 -121.30
C ALA XA 102 -2.35 -25.61 -120.59
N LYS XA 103 -2.92 -24.70 -119.80
CA LYS XA 103 -2.09 -23.62 -119.27
C LYS XA 103 -1.28 -24.07 -118.06
N GLY XA 104 -1.73 -25.16 -117.41
CA GLY XA 104 -0.94 -25.77 -116.36
C GLY XA 104 0.27 -26.51 -116.94
N HIS XA 105 0.20 -26.86 -118.23
CA HIS XA 105 1.10 -27.79 -118.86
C HIS XA 105 2.03 -27.08 -119.86
N TYR XA 106 1.55 -26.00 -120.49
CA TYR XA 106 2.36 -25.25 -121.44
C TYR XA 106 2.58 -23.80 -121.02
N THR XA 107 1.47 -23.09 -120.81
CA THR XA 107 1.47 -21.63 -120.88
C THR XA 107 2.32 -21.04 -119.77
N GLU XA 108 1.93 -21.29 -118.52
CA GLU XA 108 2.82 -20.97 -117.41
C GLU XA 108 3.34 -22.27 -116.80
N GLY XA 109 2.95 -23.40 -117.39
CA GLY XA 109 3.53 -24.68 -117.02
C GLY XA 109 5.02 -24.76 -117.33
N ALA XA 110 5.43 -24.20 -118.47
CA ALA XA 110 6.81 -24.31 -118.93
C ALA XA 110 7.77 -23.45 -118.09
N GLU XA 111 7.29 -22.34 -117.52
CA GLU XA 111 8.14 -21.34 -116.89
C GLU XA 111 8.59 -21.73 -115.48
N LEU XA 112 8.11 -22.86 -114.94
CA LEU XA 112 8.58 -23.29 -113.62
C LEU XA 112 9.35 -24.60 -113.70
N ILE XA 113 9.25 -25.29 -114.87
CA ILE XA 113 10.00 -26.51 -115.16
C ILE XA 113 11.49 -26.38 -114.80
N ASP XA 114 12.10 -25.24 -115.12
CA ASP XA 114 13.53 -25.05 -114.92
C ASP XA 114 13.83 -25.07 -113.42
N SER XA 115 12.97 -24.42 -112.63
CA SER XA 115 13.22 -24.29 -111.20
C SER XA 115 12.85 -25.58 -110.48
N VAL XA 116 11.78 -26.25 -110.93
CA VAL XA 116 11.32 -27.40 -110.20
C VAL XA 116 12.15 -28.64 -110.53
N LEU XA 117 12.68 -28.73 -111.77
CA LEU XA 117 13.53 -29.85 -112.11
C LEU XA 117 14.90 -29.67 -111.44
N ASP XA 118 15.29 -28.41 -111.27
CA ASP XA 118 16.57 -28.09 -110.67
C ASP XA 118 16.59 -28.45 -109.19
N VAL XA 119 15.46 -28.27 -108.50
CA VAL XA 119 15.42 -28.52 -107.06
C VAL XA 119 15.29 -30.02 -106.78
N VAL XA 120 14.65 -30.74 -107.71
CA VAL XA 120 14.51 -32.18 -107.51
C VAL XA 120 15.83 -32.87 -107.83
N ARG XA 121 16.54 -32.32 -108.81
CA ARG XA 121 17.83 -32.88 -109.18
C ARG XA 121 18.82 -32.75 -108.03
N LYS XA 122 18.78 -31.61 -107.32
CA LYS XA 122 19.65 -31.41 -106.17
C LYS XA 122 19.41 -32.48 -105.12
N GLU XA 123 18.13 -32.74 -104.89
CA GLU XA 123 17.70 -33.73 -103.93
C GLU XA 123 18.12 -35.15 -104.37
N ALA XA 124 17.98 -35.41 -105.68
CA ALA XA 124 18.15 -36.74 -106.28
C ALA XA 124 19.59 -37.23 -106.28
N GLU XA 125 20.53 -36.35 -106.63
CA GLU XA 125 21.89 -36.79 -106.95
C GLU XA 125 22.79 -36.88 -105.72
N GLY XA 126 22.39 -36.24 -104.59
CA GLY XA 126 23.19 -36.32 -103.37
C GLY XA 126 23.39 -37.71 -102.74
N CYS XA 127 22.51 -38.67 -103.02
CA CYS XA 127 22.36 -39.89 -102.22
C CYS XA 127 23.30 -40.99 -102.73
N ASP XA 128 23.17 -42.22 -102.20
CA ASP XA 128 23.83 -43.38 -102.77
C ASP XA 128 23.31 -43.66 -104.17
N CYS XA 129 22.09 -44.20 -104.24
CA CYS XA 129 21.32 -44.44 -105.44
C CYS XA 129 19.86 -44.50 -105.01
N LEU XA 130 19.04 -43.61 -105.60
CA LEU XA 130 17.64 -43.47 -105.17
C LEU XA 130 16.85 -44.68 -105.67
N GLN XA 131 15.58 -44.76 -105.23
CA GLN XA 131 14.72 -45.87 -105.62
C GLN XA 131 13.53 -45.36 -106.45
N GLY XA 132 12.74 -44.39 -105.90
CA GLY XA 132 11.46 -44.09 -106.53
C GLY XA 132 10.92 -42.72 -106.18
N PHE XA 133 9.79 -42.38 -106.82
CA PHE XA 133 9.26 -41.03 -106.79
C PHE XA 133 7.77 -41.09 -106.56
N GLN XA 134 7.35 -40.87 -105.31
CA GLN XA 134 5.94 -40.76 -105.06
C GLN XA 134 5.52 -39.30 -105.25
N ILE XA 135 4.40 -39.11 -105.94
CA ILE XA 135 3.85 -37.77 -106.20
C ILE XA 135 2.37 -37.78 -105.77
N THR XA 136 1.86 -36.62 -105.35
CA THR XA 136 0.48 -36.51 -104.90
C THR XA 136 -0.19 -35.39 -105.69
N HIS XA 137 -1.28 -35.72 -106.40
CA HIS XA 137 -1.92 -34.76 -107.29
C HIS XA 137 -3.36 -35.16 -107.56
N SER XA 138 -4.01 -34.41 -108.45
CA SER XA 138 -5.43 -34.54 -108.75
C SER XA 138 -5.60 -34.60 -110.27
N LEU XA 139 -6.47 -35.49 -110.74
CA LEU XA 139 -6.71 -35.57 -112.18
C LEU XA 139 -7.98 -34.80 -112.57
N GLY XA 140 -8.57 -34.08 -111.61
CA GLY XA 140 -9.72 -33.24 -111.86
C GLY XA 140 -9.30 -31.81 -112.19
N GLY XA 141 -8.46 -31.26 -111.32
CA GLY XA 141 -8.01 -29.88 -111.36
C GLY XA 141 -7.03 -29.60 -112.48
N GLY XA 142 -6.55 -28.37 -112.50
CA GLY XA 142 -5.77 -27.91 -113.63
C GLY XA 142 -4.28 -27.96 -113.37
N THR XA 143 -3.89 -27.31 -112.27
CA THR XA 143 -2.48 -27.27 -111.92
C THR XA 143 -2.01 -28.61 -111.39
N GLY XA 144 -2.93 -29.39 -110.81
CA GLY XA 144 -2.62 -30.75 -110.39
C GLY XA 144 -2.35 -31.68 -111.59
N SER XA 145 -3.12 -31.52 -112.65
CA SER XA 145 -3.09 -32.44 -113.77
C SER XA 145 -2.25 -31.92 -114.94
N GLY XA 146 -1.91 -30.63 -114.94
CA GLY XA 146 -1.02 -30.11 -115.97
C GLY XA 146 0.43 -30.01 -115.48
N MET XA 147 0.58 -29.32 -114.34
CA MET XA 147 1.88 -28.86 -113.88
C MET XA 147 2.67 -30.02 -113.29
N GLY XA 148 1.99 -30.94 -112.61
CA GLY XA 148 2.65 -32.11 -112.05
C GLY XA 148 2.89 -33.21 -113.07
N THR XA 149 1.99 -33.31 -114.06
CA THR XA 149 2.05 -34.37 -115.05
C THR XA 149 3.15 -34.04 -116.07
N LEU XA 150 3.41 -32.75 -116.29
CA LEU XA 150 4.60 -32.40 -117.06
C LEU XA 150 5.86 -32.71 -116.25
N LEU XA 151 5.78 -32.54 -114.93
CA LEU XA 151 6.89 -32.95 -114.09
C LEU XA 151 7.10 -34.46 -114.14
N ILE XA 152 6.03 -35.20 -114.47
CA ILE XA 152 6.19 -36.63 -114.70
C ILE XA 152 7.09 -36.86 -115.92
N SER XA 153 6.76 -36.20 -117.05
CA SER XA 153 7.39 -36.51 -118.32
C SER XA 153 8.83 -35.98 -118.40
N LYS XA 154 9.10 -34.84 -117.76
CA LYS XA 154 10.46 -34.33 -117.67
C LYS XA 154 11.36 -35.19 -116.79
N VAL XA 155 10.80 -35.75 -115.73
CA VAL XA 155 11.54 -36.64 -114.86
C VAL XA 155 11.82 -38.02 -115.50
N ARG XA 156 10.81 -38.60 -116.15
CA ARG XA 156 10.95 -39.99 -116.62
C ARG XA 156 11.91 -40.11 -117.81
N GLU XA 157 11.95 -39.07 -118.64
CA GLU XA 157 12.95 -39.07 -119.70
C GLU XA 157 14.34 -38.84 -119.06
N GLU XA 158 14.38 -38.18 -117.89
CA GLU XA 158 15.63 -37.86 -117.23
C GLU XA 158 16.18 -39.09 -116.52
N TYR XA 159 15.32 -39.82 -115.81
CA TYR XA 159 15.73 -41.09 -115.25
C TYR XA 159 14.84 -42.15 -115.86
N PRO XA 160 15.34 -42.91 -116.86
CA PRO XA 160 14.50 -43.90 -117.51
C PRO XA 160 14.33 -45.20 -116.69
N ASP XA 161 15.29 -45.51 -115.81
CA ASP XA 161 15.29 -46.80 -115.13
C ASP XA 161 14.57 -46.81 -113.77
N ARG XA 162 14.48 -45.67 -113.07
CA ARG XA 162 13.93 -45.68 -111.73
C ARG XA 162 12.40 -45.71 -111.77
N ILE XA 163 11.83 -46.15 -110.65
CA ILE XA 163 10.39 -46.34 -110.55
C ILE XA 163 9.77 -45.02 -110.11
N MET XA 164 8.44 -44.87 -110.30
CA MET XA 164 7.71 -43.76 -109.67
C MET XA 164 6.22 -44.07 -109.52
N GLU XA 165 5.58 -43.57 -108.44
CA GLU XA 165 4.16 -43.80 -108.20
C GLU XA 165 3.39 -42.49 -108.05
N THR XA 166 2.07 -42.55 -108.26
CA THR XA 166 1.14 -41.44 -108.14
C THR XA 166 -0.02 -41.87 -107.23
N PHE XA 167 -0.41 -40.98 -106.31
CA PHE XA 167 -1.65 -41.15 -105.59
C PHE XA 167 -2.64 -40.07 -106.04
N SER XA 168 -3.35 -40.37 -107.13
CA SER XA 168 -4.17 -39.37 -107.80
C SER XA 168 -5.66 -39.58 -107.47
N VAL XA 169 -6.35 -38.48 -107.17
CA VAL XA 169 -7.80 -38.52 -107.06
C VAL XA 169 -8.41 -38.41 -108.46
N PHE XA 170 -9.66 -38.86 -108.58
CA PHE XA 170 -10.32 -39.00 -109.86
C PHE XA 170 -11.66 -38.26 -109.85
N PRO XA 171 -12.28 -38.02 -111.04
CA PRO XA 171 -13.67 -37.56 -111.07
C PRO XA 171 -14.66 -38.54 -110.43
N SER XA 172 -15.53 -37.96 -109.61
CA SER XA 172 -16.58 -38.71 -108.95
C SER XA 172 -17.64 -39.13 -109.97
N PRO XA 173 -18.25 -40.32 -109.80
CA PRO XA 173 -19.41 -40.70 -110.61
C PRO XA 173 -20.65 -39.82 -110.41
N LYS XA 174 -21.03 -39.55 -109.16
CA LYS XA 174 -22.31 -38.88 -108.94
C LYS XA 174 -22.24 -37.40 -109.26
N VAL XA 175 -21.51 -36.68 -108.42
CA VAL XA 175 -21.39 -35.23 -108.51
C VAL XA 175 -19.92 -34.85 -108.58
N SER XA 176 -19.57 -34.05 -109.60
CA SER XA 176 -18.19 -33.65 -109.85
C SER XA 176 -17.96 -32.24 -109.32
N ASP XA 177 -16.70 -31.97 -108.98
CA ASP XA 177 -16.19 -30.62 -108.80
C ASP XA 177 -15.58 -30.18 -110.14
N THR XA 178 -15.17 -28.91 -110.28
CA THR XA 178 -14.43 -28.41 -111.45
C THR XA 178 -14.97 -28.92 -112.80
N VAL XA 179 -16.11 -28.38 -113.28
CA VAL XA 179 -16.96 -28.97 -114.31
C VAL XA 179 -16.21 -29.41 -115.57
N VAL XA 180 -15.00 -28.89 -115.78
CA VAL XA 180 -14.19 -29.44 -116.85
C VAL XA 180 -13.29 -30.55 -116.29
N GLU XA 181 -13.94 -31.63 -115.83
CA GLU XA 181 -13.21 -32.84 -115.48
C GLU XA 181 -13.08 -33.80 -116.65
N PRO XA 182 -14.13 -34.09 -117.45
CA PRO XA 182 -13.96 -34.99 -118.59
C PRO XA 182 -12.82 -34.61 -119.54
N TYR XA 183 -12.59 -33.31 -119.74
CA TYR XA 183 -11.43 -32.92 -120.51
C TYR XA 183 -10.13 -33.16 -119.75
N ASN XA 184 -10.16 -32.92 -118.42
CA ASN XA 184 -8.97 -33.04 -117.59
C ASN XA 184 -8.50 -34.49 -117.47
N ALA XA 185 -9.43 -35.40 -117.14
CA ALA XA 185 -9.09 -36.78 -116.82
C ALA XA 185 -8.61 -37.52 -118.08
N THR XA 186 -9.27 -37.26 -119.21
CA THR XA 186 -8.94 -37.93 -120.46
C THR XA 186 -7.62 -37.42 -121.02
N LEU XA 187 -7.33 -36.13 -120.83
CA LEU XA 187 -6.05 -35.60 -121.28
C LEU XA 187 -4.92 -35.96 -120.31
N SER XA 188 -5.28 -36.41 -119.09
CA SER XA 188 -4.26 -36.81 -118.13
C SER XA 188 -4.09 -38.32 -118.07
N VAL XA 189 -5.01 -39.08 -118.63
CA VAL XA 189 -4.87 -40.53 -118.63
C VAL XA 189 -3.87 -40.97 -119.69
N HIS XA 190 -3.78 -40.22 -120.80
CA HIS XA 190 -2.91 -40.63 -121.91
C HIS XA 190 -1.51 -40.03 -121.78
N GLN XA 191 -1.25 -39.30 -120.69
CA GLN XA 191 0.11 -39.10 -120.22
C GLN XA 191 0.50 -40.13 -119.15
N LEU XA 192 -0.49 -40.62 -118.37
CA LEU XA 192 -0.22 -41.56 -117.28
C LEU XA 192 0.10 -42.96 -117.82
N VAL XA 193 -0.58 -43.37 -118.89
CA VAL XA 193 -0.36 -44.71 -119.44
C VAL XA 193 1.02 -44.81 -120.08
N GLU XA 194 1.59 -43.68 -120.51
CA GLU XA 194 2.89 -43.69 -121.16
C GLU XA 194 4.04 -43.51 -120.17
N ASN XA 195 3.80 -42.81 -119.05
CA ASN XA 195 4.91 -42.32 -118.24
C ASN XA 195 4.70 -42.55 -116.74
N ALA XA 196 3.78 -43.45 -116.36
CA ALA XA 196 3.55 -43.73 -114.95
C ALA XA 196 3.57 -45.23 -114.68
N ASP XA 197 4.12 -45.59 -113.51
CA ASP XA 197 4.35 -46.98 -113.16
C ASP XA 197 3.16 -47.55 -112.38
N GLU XA 198 2.67 -46.85 -111.34
CA GLU XA 198 1.41 -47.25 -110.72
C GLU XA 198 0.62 -46.01 -110.35
N VAL XA 199 -0.67 -46.05 -110.65
CA VAL XA 199 -1.58 -44.97 -110.34
C VAL XA 199 -2.62 -45.54 -109.37
N GLN XA 200 -2.47 -45.15 -108.11
CA GLN XA 200 -3.41 -45.61 -107.09
C GLN XA 200 -4.56 -44.63 -107.00
N VAL XA 201 -5.74 -45.10 -107.43
CA VAL XA 201 -6.88 -44.20 -107.59
C VAL XA 201 -7.55 -43.98 -106.22
N ILE XA 202 -7.93 -42.72 -105.96
CA ILE XA 202 -8.81 -42.33 -104.86
C ILE XA 202 -10.07 -41.70 -105.48
N ASP XA 203 -11.25 -42.08 -104.97
CA ASP XA 203 -12.49 -41.50 -105.51
C ASP XA 203 -13.31 -40.89 -104.38
N ASN XA 204 -13.69 -39.62 -104.54
CA ASN XA 204 -14.19 -38.82 -103.43
C ASN XA 204 -15.57 -39.27 -102.94
N GLU XA 205 -16.45 -39.75 -103.84
CA GLU XA 205 -17.81 -40.12 -103.42
C GLU XA 205 -17.81 -41.41 -102.61
N ALA XA 206 -16.83 -42.28 -102.90
CA ALA XA 206 -16.72 -43.52 -102.15
C ALA XA 206 -16.15 -43.26 -100.76
N LEU XA 207 -15.29 -42.22 -100.65
CA LEU XA 207 -14.68 -41.85 -99.38
C LEU XA 207 -15.75 -41.41 -98.39
N TYR XA 208 -16.75 -40.69 -98.91
CA TYR XA 208 -17.88 -40.27 -98.09
C TYR XA 208 -18.74 -41.46 -97.69
N ASP XA 209 -18.82 -42.45 -98.58
CA ASP XA 209 -19.61 -43.64 -98.31
C ASP XA 209 -18.97 -44.46 -97.18
N ILE XA 210 -17.63 -44.36 -97.07
CA ILE XA 210 -16.95 -44.93 -95.92
C ILE XA 210 -17.34 -44.20 -94.64
N CYS XA 211 -17.45 -42.86 -94.74
CA CYS XA 211 -17.91 -42.05 -93.62
C CYS XA 211 -19.41 -42.21 -93.39
N PHE XA 212 -20.15 -42.66 -94.41
CA PHE XA 212 -21.57 -42.98 -94.21
C PHE XA 212 -21.72 -44.15 -93.25
N ARG XA 213 -21.25 -45.32 -93.70
CA ARG XA 213 -21.58 -46.57 -93.04
C ARG XA 213 -20.49 -47.03 -92.07
N THR XA 214 -19.32 -47.39 -92.61
CA THR XA 214 -18.36 -48.20 -91.89
C THR XA 214 -17.75 -47.43 -90.71
N LEU XA 215 -17.86 -46.10 -90.73
CA LEU XA 215 -17.34 -45.30 -89.62
C LEU XA 215 -18.46 -44.68 -88.78
N LYS XA 216 -19.58 -44.39 -89.46
CA LYS XA 216 -20.70 -43.69 -88.85
C LYS XA 216 -20.22 -42.34 -88.28
N LEU XA 217 -19.46 -41.66 -89.12
CA LEU XA 217 -19.02 -40.34 -88.74
C LEU XA 217 -20.08 -39.33 -89.16
N THR XA 218 -19.95 -38.14 -88.60
CA THR XA 218 -20.97 -37.11 -88.71
C THR XA 218 -20.61 -36.04 -89.75
N THR XA 219 -19.57 -35.25 -89.47
CA THR XA 219 -19.33 -34.01 -90.22
C THR XA 219 -17.91 -34.00 -90.75
N PRO XA 220 -17.62 -34.73 -91.85
CA PRO XA 220 -16.24 -34.85 -92.29
C PRO XA 220 -15.74 -33.71 -93.19
N THR XA 221 -14.75 -32.97 -92.71
CA THR XA 221 -14.12 -31.90 -93.49
C THR XA 221 -13.02 -32.51 -94.35
N TYR XA 222 -12.20 -31.68 -95.00
CA TYR XA 222 -11.02 -32.18 -95.69
C TYR XA 222 -9.86 -32.47 -94.75
N GLY XA 223 -10.10 -32.45 -93.44
CA GLY XA 223 -9.13 -32.98 -92.49
C GLY XA 223 -9.14 -34.51 -92.51
N ASP XA 224 -10.31 -35.09 -92.18
CA ASP XA 224 -10.39 -36.53 -91.97
C ASP XA 224 -10.58 -37.29 -93.29
N LEU XA 225 -10.98 -36.62 -94.37
CA LEU XA 225 -10.94 -37.29 -95.67
C LEU XA 225 -9.49 -37.52 -96.10
N ASN XA 226 -8.63 -36.52 -95.90
CA ASN XA 226 -7.24 -36.66 -96.25
C ASN XA 226 -6.51 -37.57 -95.26
N HIS XA 227 -7.02 -37.64 -94.02
CA HIS XA 227 -6.38 -38.43 -92.99
C HIS XA 227 -6.58 -39.93 -93.23
N LEU XA 228 -7.70 -40.29 -93.86
CA LEU XA 228 -7.94 -41.69 -94.18
C LEU XA 228 -7.19 -42.12 -95.44
N VAL XA 229 -6.93 -41.17 -96.36
CA VAL XA 229 -6.12 -41.49 -97.52
C VAL XA 229 -4.67 -41.67 -97.09
N SER XA 230 -4.22 -40.85 -96.13
CA SER XA 230 -2.86 -40.97 -95.59
C SER XA 230 -2.65 -42.30 -94.87
N ALA XA 231 -3.73 -42.93 -94.35
CA ALA XA 231 -3.65 -44.25 -93.74
C ALA XA 231 -3.21 -45.27 -94.79
N ALA XA 232 -3.81 -45.17 -96.00
CA ALA XA 232 -3.49 -46.07 -97.08
C ALA XA 232 -2.09 -45.77 -97.60
N MET XA 233 -1.68 -44.49 -97.53
CA MET XA 233 -0.38 -44.04 -98.01
C MET XA 233 0.71 -44.68 -97.14
N SER XA 234 0.51 -44.65 -95.80
CA SER XA 234 1.47 -45.17 -94.83
C SER XA 234 1.55 -46.70 -94.91
N GLY XA 235 0.45 -47.34 -95.31
CA GLY XA 235 0.38 -48.79 -95.41
C GLY XA 235 1.25 -49.38 -96.53
N VAL XA 236 1.37 -48.67 -97.66
CA VAL XA 236 1.99 -49.28 -98.83
C VAL XA 236 3.51 -49.17 -98.71
N THR XA 237 3.96 -48.24 -97.87
CA THR XA 237 5.38 -47.95 -97.70
C THR XA 237 5.76 -48.27 -96.26
N CYS XA 238 4.86 -48.98 -95.55
CA CYS XA 238 5.16 -49.44 -94.21
C CYS XA 238 6.31 -50.44 -94.24
N CYS XA 239 6.30 -51.30 -95.27
CA CYS XA 239 7.13 -52.48 -95.32
C CYS XA 239 8.58 -52.13 -95.63
N LEU XA 240 8.81 -50.97 -96.28
CA LEU XA 240 10.16 -50.52 -96.54
C LEU XA 240 10.80 -50.01 -95.26
N ARG XA 241 10.02 -49.24 -94.49
CA ARG XA 241 10.59 -48.46 -93.41
C ARG XA 241 10.97 -49.32 -92.22
N PHE XA 242 10.28 -50.46 -92.06
CA PHE XA 242 10.41 -51.26 -90.85
C PHE XA 242 10.71 -52.69 -91.25
N PRO XA 243 11.32 -53.48 -90.33
CA PRO XA 243 11.45 -54.93 -90.53
C PRO XA 243 10.12 -55.68 -90.43
N GLY XA 244 10.20 -56.99 -90.68
CA GLY XA 244 9.05 -57.87 -90.59
C GLY XA 244 9.40 -59.32 -90.88
N GLN XA 245 8.39 -60.18 -90.85
CA GLN XA 245 8.60 -61.59 -91.11
C GLN XA 245 8.73 -61.84 -92.60
N LEU XA 246 8.07 -61.01 -93.43
CA LEU XA 246 8.24 -61.10 -94.87
C LEU XA 246 8.26 -59.69 -95.45
N ASN XA 247 9.47 -59.19 -95.67
CA ASN XA 247 9.65 -57.81 -96.08
C ASN XA 247 9.45 -57.70 -97.57
N SER XA 248 8.80 -56.60 -97.96
CA SER XA 248 8.47 -56.35 -99.34
C SER XA 248 8.62 -54.86 -99.63
N ASP XA 249 9.10 -54.57 -100.84
CA ASP XA 249 9.38 -53.21 -101.26
C ASP XA 249 8.26 -52.77 -102.20
N LEU XA 250 8.25 -51.48 -102.48
CA LEU XA 250 7.32 -50.97 -103.44
C LEU XA 250 7.57 -51.53 -104.84
N ARG XA 251 8.84 -51.75 -105.22
CA ARG XA 251 9.17 -52.29 -106.53
C ARG XA 251 8.75 -53.77 -106.62
N LYS XA 252 8.84 -54.48 -105.48
CA LYS XA 252 8.51 -55.89 -105.45
C LYS XA 252 7.00 -56.11 -105.59
N LEU XA 253 6.25 -55.15 -105.02
CA LEU XA 253 4.80 -55.09 -105.20
C LEU XA 253 4.48 -54.82 -106.68
N ALA XA 254 5.33 -54.06 -107.38
CA ALA XA 254 5.02 -53.71 -108.75
C ALA XA 254 5.38 -54.84 -109.71
N VAL XA 255 6.32 -55.70 -109.32
CA VAL XA 255 6.73 -56.78 -110.22
C VAL XA 255 5.57 -57.74 -110.48
N ASN XA 256 4.85 -58.05 -109.41
CA ASN XA 256 3.88 -59.12 -109.45
C ASN XA 256 2.44 -58.61 -109.48
N LEU XA 257 2.24 -57.31 -109.67
CA LEU XA 257 0.88 -56.80 -109.77
C LEU XA 257 0.51 -56.42 -111.20
N ILE XA 258 1.49 -55.94 -111.98
CA ILE XA 258 1.19 -55.36 -113.29
C ILE XA 258 1.47 -56.42 -114.34
N PRO XA 259 0.42 -57.06 -114.90
CA PRO XA 259 0.63 -58.21 -115.80
C PRO XA 259 1.07 -57.82 -117.20
N PHE XA 260 0.67 -56.62 -117.62
CA PHE XA 260 0.94 -56.09 -118.95
C PHE XA 260 1.14 -54.59 -118.79
N PRO XA 261 1.97 -53.96 -119.65
CA PRO XA 261 2.54 -52.64 -119.36
C PRO XA 261 1.53 -51.51 -119.23
N ARG XA 262 0.31 -51.65 -119.75
CA ARG XA 262 -0.59 -50.50 -119.73
C ARG XA 262 -1.43 -50.45 -118.47
N LEU XA 263 -2.20 -51.51 -118.22
CA LEU XA 263 -3.16 -51.49 -117.14
C LEU XA 263 -2.44 -51.54 -115.80
N HIS XA 264 -2.21 -50.35 -115.22
CA HIS XA 264 -1.56 -50.26 -113.91
C HIS XA 264 -2.27 -49.23 -113.04
N PHE XA 265 -3.61 -49.36 -112.96
CA PHE XA 265 -4.39 -48.56 -112.05
C PHE XA 265 -4.90 -49.46 -110.95
N PHE XA 266 -4.88 -48.91 -109.73
CA PHE XA 266 -5.09 -49.76 -108.57
C PHE XA 266 -6.19 -49.23 -107.67
N LEU XA 267 -7.06 -50.18 -107.29
CA LEU XA 267 -8.11 -50.00 -106.27
C LEU XA 267 -7.46 -50.20 -104.89
N ILE XA 268 -7.78 -49.31 -103.94
CA ILE XA 268 -7.18 -49.37 -102.61
C ILE XA 268 -8.27 -49.69 -101.58
N GLY XA 269 -7.88 -50.38 -100.50
CA GLY XA 269 -8.81 -50.66 -99.41
C GLY XA 269 -8.07 -50.78 -98.09
N PHE XA 270 -8.78 -50.48 -97.01
CA PHE XA 270 -8.14 -50.45 -95.72
C PHE XA 270 -9.04 -51.11 -94.69
N ALA XA 271 -8.44 -51.97 -93.87
CA ALA XA 271 -9.15 -52.66 -92.81
C ALA XA 271 -8.26 -52.61 -91.56
N PRO XA 272 -8.79 -52.38 -90.34
CA PRO XA 272 -10.22 -52.22 -90.08
C PRO XA 272 -10.79 -50.82 -90.33
N LEU XA 273 -12.08 -50.77 -90.71
CA LEU XA 273 -12.85 -49.54 -90.66
C LEU XA 273 -14.10 -49.77 -89.83
N THR XA 274 -14.00 -49.34 -88.59
CA THR XA 274 -14.95 -49.61 -87.54
C THR XA 274 -15.46 -48.28 -87.01
N SER XA 275 -16.75 -48.23 -86.70
CA SER XA 275 -17.28 -47.11 -85.92
C SER XA 275 -16.68 -47.22 -84.50
N ARG XA 276 -16.62 -46.08 -83.80
CA ARG XA 276 -16.00 -46.00 -82.49
C ARG XA 276 -16.73 -46.84 -81.44
N GLY XA 277 -18.06 -46.87 -81.58
CA GLY XA 277 -18.93 -47.69 -80.74
C GLY XA 277 -18.62 -49.19 -80.87
N SER XA 278 -18.56 -49.66 -82.11
CA SER XA 278 -18.44 -51.07 -82.42
C SER XA 278 -16.99 -51.56 -82.35
N GLN XA 279 -16.03 -50.70 -81.96
CA GLN XA 279 -14.63 -51.11 -81.97
C GLN XA 279 -14.36 -52.19 -80.91
N GLN XA 280 -15.07 -52.07 -79.79
CA GLN XA 280 -14.84 -52.96 -78.68
C GLN XA 280 -15.59 -54.28 -78.89
N TYR XA 281 -16.72 -54.25 -79.63
CA TYR XA 281 -17.64 -55.37 -79.68
C TYR XA 281 -17.40 -56.24 -80.89
N ARG XA 282 -16.16 -56.34 -81.34
CA ARG XA 282 -15.83 -56.95 -82.60
C ARG XA 282 -14.53 -57.71 -82.42
N ALA XA 283 -14.43 -58.88 -83.08
CA ALA XA 283 -13.27 -59.74 -83.05
C ALA XA 283 -12.27 -59.34 -84.13
N LEU XA 284 -11.06 -58.98 -83.68
CA LEU XA 284 -9.99 -58.60 -84.58
C LEU XA 284 -9.14 -59.84 -84.85
N SER XA 285 -9.56 -60.60 -85.86
CA SER XA 285 -8.93 -61.85 -86.20
C SER XA 285 -8.61 -61.83 -87.69
N VAL XA 286 -7.58 -62.61 -88.04
CA VAL XA 286 -7.11 -62.67 -89.40
C VAL XA 286 -8.20 -63.25 -90.31
N PRO XA 287 -9.01 -64.26 -89.92
CA PRO XA 287 -10.14 -64.63 -90.76
C PRO XA 287 -11.28 -63.63 -90.76
N GLU XA 288 -11.23 -62.63 -89.87
CA GLU XA 288 -12.28 -61.62 -89.85
C GLU XA 288 -11.88 -60.41 -90.71
N LEU XA 289 -10.61 -59.97 -90.58
CA LEU XA 289 -10.04 -58.89 -91.38
C LEU XA 289 -10.16 -59.17 -92.87
N THR XA 290 -9.91 -60.44 -93.23
CA THR XA 290 -9.88 -60.85 -94.62
C THR XA 290 -11.27 -60.82 -95.24
N GLN XA 291 -12.32 -60.59 -94.45
CA GLN XA 291 -13.62 -60.47 -95.03
C GLN XA 291 -13.98 -59.03 -95.34
N GLN XA 292 -13.53 -58.10 -94.52
CA GLN XA 292 -13.53 -56.68 -94.92
C GLN XA 292 -12.52 -56.40 -96.03
N MET XA 293 -11.62 -57.34 -96.29
CA MET XA 293 -10.80 -57.27 -97.48
C MET XA 293 -11.69 -57.23 -98.73
N PHE XA 294 -12.52 -58.26 -98.91
CA PHE XA 294 -13.36 -58.38 -100.08
C PHE XA 294 -14.76 -57.84 -99.82
N ASP XA 295 -14.83 -56.63 -99.24
CA ASP XA 295 -16.11 -55.97 -99.04
C ASP XA 295 -16.23 -54.86 -100.07
N ALA XA 296 -17.25 -54.98 -100.93
CA ALA XA 296 -17.47 -54.03 -102.00
C ALA XA 296 -17.69 -52.60 -101.50
N LYS XA 297 -18.29 -52.49 -100.31
CA LYS XA 297 -18.56 -51.21 -99.68
C LYS XA 297 -17.38 -50.74 -98.81
N ASN XA 298 -16.21 -51.37 -98.97
CA ASN XA 298 -15.05 -51.00 -98.18
C ASN XA 298 -13.96 -50.33 -99.01
N MET XA 299 -13.99 -50.49 -100.33
CA MET XA 299 -12.92 -50.00 -101.19
C MET XA 299 -12.93 -48.47 -101.29
N MET XA 300 -11.72 -47.89 -101.34
CA MET XA 300 -11.49 -46.46 -101.55
C MET XA 300 -12.06 -46.02 -102.91
N CYS XA 301 -11.95 -46.93 -103.89
CA CYS XA 301 -12.47 -46.85 -105.24
C CYS XA 301 -14.00 -46.71 -105.23
N ALA XA 302 -14.53 -46.06 -106.27
CA ALA XA 302 -15.97 -45.92 -106.40
C ALA XA 302 -16.65 -47.09 -107.13
N SER XA 303 -15.88 -47.84 -107.92
CA SER XA 303 -16.45 -48.89 -108.76
C SER XA 303 -16.94 -50.05 -107.89
N ASP XA 304 -17.86 -50.83 -108.46
CA ASP XA 304 -18.36 -52.03 -107.79
C ASP XA 304 -17.49 -53.20 -108.21
N PRO XA 305 -16.63 -53.75 -107.32
CA PRO XA 305 -15.76 -54.88 -107.68
C PRO XA 305 -16.47 -56.20 -107.98
N ARG XA 306 -17.75 -56.30 -107.63
CA ARG XA 306 -18.51 -57.54 -107.82
C ARG XA 306 -18.92 -57.72 -109.28
N HIS XA 307 -18.77 -56.68 -110.11
CA HIS XA 307 -19.11 -56.79 -111.53
C HIS XA 307 -17.94 -57.29 -112.38
N GLY XA 308 -16.82 -57.58 -111.73
CA GLY XA 308 -15.65 -58.11 -112.42
C GLY XA 308 -14.85 -59.08 -111.56
N ARG XA 309 -13.81 -59.62 -112.18
CA ARG XA 309 -12.84 -60.48 -111.51
C ARG XA 309 -11.57 -59.66 -111.29
N TYR XA 310 -11.03 -59.75 -110.07
CA TYR XA 310 -9.73 -59.15 -109.81
C TYR XA 310 -8.68 -59.92 -110.62
N LEU XA 311 -7.78 -59.17 -111.26
CA LEU XA 311 -6.70 -59.83 -111.97
C LEU XA 311 -5.59 -60.25 -111.00
N THR XA 312 -5.16 -59.29 -110.19
CA THR XA 312 -4.07 -59.52 -109.25
C THR XA 312 -4.24 -58.54 -108.09
N ALA XA 313 -4.24 -59.09 -106.87
CA ALA XA 313 -4.42 -58.28 -105.68
C ALA XA 313 -3.37 -58.64 -104.65
N SER XA 314 -2.98 -57.62 -103.87
CA SER XA 314 -1.96 -57.75 -102.85
C SER XA 314 -2.50 -57.24 -101.53
N ALA XA 315 -1.94 -57.73 -100.42
CA ALA XA 315 -2.40 -57.39 -99.09
C ALA XA 315 -1.20 -57.20 -98.17
N MET XA 316 -0.97 -55.97 -97.72
CA MET XA 316 0.14 -55.69 -96.81
C MET XA 316 -0.35 -55.76 -95.37
N PHE XA 317 -0.23 -56.94 -94.77
CA PHE XA 317 -0.59 -57.11 -93.37
C PHE XA 317 0.44 -56.38 -92.49
N ARG XA 318 -0.05 -55.77 -91.42
CA ARG XA 318 0.85 -55.14 -90.46
C ARG XA 318 0.45 -55.57 -89.07
N GLY XA 319 1.47 -55.91 -88.30
CA GLY XA 319 1.26 -56.38 -86.95
C GLY XA 319 1.86 -57.77 -86.76
N ARG XA 320 1.56 -58.31 -85.60
CA ARG XA 320 2.17 -59.55 -85.16
C ARG XA 320 1.18 -60.68 -85.39
N MET XA 321 0.95 -61.08 -86.65
CA MET XA 321 -0.04 -62.12 -86.90
C MET XA 321 0.59 -63.41 -87.37
N SER XA 322 -0.18 -64.50 -87.20
CA SER XA 322 0.23 -65.85 -87.51
C SER XA 322 0.27 -66.04 -89.02
N THR XA 323 1.34 -66.68 -89.50
CA THR XA 323 1.59 -66.79 -90.93
C THR XA 323 0.62 -67.79 -91.57
N LYS XA 324 0.33 -68.86 -90.83
CA LYS XA 324 -0.57 -69.89 -91.35
C LYS XA 324 -1.99 -69.35 -91.50
N GLU XA 325 -2.42 -68.51 -90.54
CA GLU XA 325 -3.78 -68.01 -90.64
C GLU XA 325 -3.90 -67.04 -91.82
N VAL XA 326 -2.79 -66.45 -92.22
CA VAL XA 326 -2.78 -65.58 -93.38
C VAL XA 326 -3.01 -66.39 -94.65
N ASP XA 327 -2.09 -67.31 -94.96
CA ASP XA 327 -2.05 -67.87 -96.30
C ASP XA 327 -3.19 -68.86 -96.52
N GLU XA 328 -3.70 -69.45 -95.44
CA GLU XA 328 -4.88 -70.30 -95.54
C GLU XA 328 -6.11 -69.46 -95.87
N GLN XA 329 -6.22 -68.28 -95.25
CA GLN XA 329 -7.36 -67.40 -95.50
C GLN XA 329 -7.35 -66.88 -96.94
N MET XA 330 -6.15 -66.64 -97.49
CA MET XA 330 -6.01 -66.26 -98.88
C MET XA 330 -6.47 -67.42 -99.79
N LEU XA 331 -6.19 -68.67 -99.38
CA LEU XA 331 -6.66 -69.84 -100.09
C LEU XA 331 -8.15 -70.05 -99.82
N ASN XA 332 -8.59 -69.68 -98.60
CA ASN XA 332 -9.99 -69.75 -98.21
C ASN XA 332 -10.80 -68.85 -99.14
N VAL XA 333 -10.30 -67.62 -99.34
CA VAL XA 333 -11.10 -66.66 -100.07
C VAL XA 333 -10.99 -66.98 -101.57
N GLN XA 334 -9.96 -67.73 -101.97
CA GLN XA 334 -9.80 -68.00 -103.39
C GLN XA 334 -10.62 -69.20 -103.86
N ASN XA 335 -10.76 -70.24 -103.03
CA ASN XA 335 -11.40 -71.48 -103.48
C ASN XA 335 -12.92 -71.30 -103.63
N LYS XA 336 -13.53 -70.72 -102.59
CA LYS XA 336 -14.97 -70.52 -102.61
C LYS XA 336 -15.37 -69.36 -103.54
N ASN XA 337 -14.58 -68.29 -103.55
CA ASN XA 337 -14.80 -67.24 -104.52
C ASN XA 337 -13.98 -67.51 -105.78
N SER XA 338 -14.07 -68.74 -106.30
CA SER XA 338 -13.36 -69.13 -107.52
C SER XA 338 -13.88 -68.31 -108.71
N SER XA 339 -15.19 -68.06 -108.72
CA SER XA 339 -15.86 -67.29 -109.75
C SER XA 339 -15.56 -65.78 -109.69
N TYR XA 340 -14.99 -65.29 -108.59
CA TYR XA 340 -14.71 -63.86 -108.44
C TYR XA 340 -13.25 -63.51 -108.79
N PHE XA 341 -12.46 -64.56 -109.08
CA PHE XA 341 -11.14 -64.34 -109.65
C PHE XA 341 -11.09 -64.72 -111.11
N VAL XA 342 -10.00 -64.31 -111.74
CA VAL XA 342 -9.71 -64.67 -113.12
C VAL XA 342 -9.00 -66.02 -113.09
N GLU XA 343 -9.21 -66.83 -114.14
CA GLU XA 343 -8.96 -68.27 -114.01
C GLU XA 343 -7.58 -68.65 -114.54
N TRP XA 344 -7.13 -67.95 -115.57
CA TRP XA 344 -5.89 -68.29 -116.25
C TRP XA 344 -4.65 -67.86 -115.47
N ILE XA 345 -4.83 -67.43 -114.22
CA ILE XA 345 -3.71 -67.28 -113.29
C ILE XA 345 -4.02 -68.11 -112.06
N PRO XA 346 -3.20 -69.12 -111.70
CA PRO XA 346 -3.35 -69.76 -110.39
C PRO XA 346 -2.84 -68.82 -109.30
N ASN XA 347 -3.37 -69.00 -108.10
CA ASN XA 347 -2.93 -68.40 -106.85
C ASN XA 347 -2.69 -66.90 -106.93
N ASN XA 348 -3.77 -66.16 -107.19
CA ASN XA 348 -3.73 -64.74 -107.52
C ASN XA 348 -3.22 -63.86 -106.38
N MET XA 349 -3.45 -64.29 -105.13
CA MET XA 349 -3.23 -63.41 -103.99
C MET XA 349 -1.74 -63.21 -103.76
N LYS XA 350 -1.43 -61.99 -103.31
CA LYS XA 350 -0.12 -61.67 -102.76
C LYS XA 350 -0.32 -61.17 -101.33
N SER XA 351 0.56 -61.58 -100.43
CA SER XA 351 0.50 -61.13 -99.04
C SER XA 351 1.91 -60.74 -98.59
N SER XA 352 2.03 -59.77 -97.65
CA SER XA 352 3.32 -59.35 -97.12
C SER XA 352 3.15 -58.93 -95.68
N VAL XA 353 3.99 -59.48 -94.78
CA VAL XA 353 3.83 -59.22 -93.36
C VAL XA 353 4.97 -58.34 -92.87
N CYS XA 354 4.61 -57.18 -92.31
CA CYS XA 354 5.54 -56.38 -91.52
C CYS XA 354 5.33 -56.67 -90.04
N ASP XA 355 6.16 -56.09 -89.19
CA ASP XA 355 6.05 -56.34 -87.76
C ASP XA 355 5.80 -55.05 -86.97
N ILE XA 356 5.25 -54.03 -87.62
CA ILE XA 356 4.94 -52.78 -86.93
C ILE XA 356 3.48 -52.41 -87.24
N PRO XA 357 2.56 -52.55 -86.26
CA PRO XA 357 1.20 -52.06 -86.47
C PRO XA 357 1.17 -50.54 -86.42
N PRO XA 358 0.18 -49.87 -87.06
CA PRO XA 358 0.08 -48.42 -86.94
C PRO XA 358 -0.39 -47.98 -85.56
N LYS XA 359 -0.37 -46.64 -85.39
CA LYS XA 359 -0.97 -45.84 -84.33
C LYS XA 359 -2.36 -46.35 -83.95
N GLY XA 360 -2.53 -46.66 -82.65
CA GLY XA 360 -3.81 -46.85 -82.01
C GLY XA 360 -4.43 -48.23 -82.26
N LEU XA 361 -3.74 -49.11 -82.99
CA LEU XA 361 -4.34 -50.36 -83.43
C LEU XA 361 -3.37 -51.50 -83.22
N LYS XA 362 -3.93 -52.71 -83.13
CA LYS XA 362 -3.16 -53.92 -82.91
C LYS XA 362 -2.77 -54.53 -84.25
N MET XA 363 -3.71 -54.52 -85.20
CA MET XA 363 -3.46 -55.11 -86.50
C MET XA 363 -4.18 -54.29 -87.56
N SER XA 364 -3.57 -54.26 -88.74
CA SER XA 364 -4.13 -53.61 -89.91
C SER XA 364 -3.75 -54.38 -91.17
N VAL XA 365 -4.40 -54.02 -92.27
CA VAL XA 365 -4.06 -54.56 -93.57
C VAL XA 365 -4.47 -53.52 -94.62
N THR XA 366 -3.62 -53.32 -95.60
CA THR XA 366 -3.90 -52.38 -96.66
C THR XA 366 -4.00 -53.15 -97.97
N PHE XA 367 -5.09 -52.91 -98.70
CA PHE XA 367 -5.40 -53.71 -99.87
C PHE XA 367 -5.07 -52.91 -101.12
N VAL XA 368 -4.26 -53.49 -102.01
CA VAL XA 368 -3.94 -52.88 -103.29
C VAL XA 368 -4.17 -53.95 -104.37
N GLY XA 369 -5.24 -53.76 -105.13
CA GLY XA 369 -5.68 -54.75 -106.10
C GLY XA 369 -5.88 -54.16 -107.48
N ASN XA 370 -5.85 -55.03 -108.49
CA ASN XA 370 -6.09 -54.66 -109.87
C ASN XA 370 -7.36 -55.38 -110.33
N SER XA 371 -8.44 -54.60 -110.50
CA SER XA 371 -9.73 -55.16 -110.87
C SER XA 371 -10.04 -54.83 -112.33
N THR XA 372 -10.84 -55.70 -112.95
CA THR XA 372 -11.36 -55.38 -114.27
C THR XA 372 -12.63 -54.53 -114.15
N ALA XA 373 -13.10 -54.30 -112.92
CA ALA XA 373 -14.28 -53.46 -112.72
C ALA XA 373 -13.92 -51.97 -112.63
N ILE XA 374 -12.62 -51.65 -112.72
CA ILE XA 374 -12.20 -50.27 -112.75
C ILE XA 374 -12.57 -49.63 -114.09
N GLN XA 375 -13.04 -50.46 -115.03
CA GLN XA 375 -13.44 -50.03 -116.36
C GLN XA 375 -14.62 -49.06 -116.32
N GLU XA 376 -15.33 -48.99 -115.18
CA GLU XA 376 -16.52 -48.16 -115.04
C GLU XA 376 -16.19 -46.68 -115.18
N MET XA 377 -15.23 -46.22 -114.37
CA MET XA 377 -14.79 -44.84 -114.44
C MET XA 377 -14.09 -44.58 -115.78
N PHE XA 378 -13.43 -45.59 -116.33
CA PHE XA 378 -12.86 -45.41 -117.64
C PHE XA 378 -13.94 -45.46 -118.73
N LYS XA 379 -15.16 -45.87 -118.36
CA LYS XA 379 -16.26 -45.80 -119.29
C LYS XA 379 -17.22 -44.64 -119.04
N ARG XA 380 -17.42 -44.31 -117.76
CA ARG XA 380 -18.33 -43.24 -117.39
C ARG XA 380 -17.72 -41.86 -117.71
N VAL XA 381 -16.42 -41.71 -117.49
CA VAL XA 381 -15.71 -40.51 -117.92
C VAL XA 381 -15.62 -40.47 -119.44
N SER XA 382 -15.55 -41.64 -120.08
CA SER XA 382 -15.38 -41.75 -121.52
C SER XA 382 -16.58 -41.18 -122.27
N ASP XA 383 -17.78 -41.64 -121.89
CA ASP XA 383 -18.97 -41.16 -122.58
C ASP XA 383 -19.32 -39.73 -122.13
N GLN XA 384 -18.74 -39.29 -121.01
CA GLN XA 384 -18.77 -37.87 -120.65
C GLN XA 384 -17.97 -37.05 -121.67
N PHE XA 385 -16.75 -37.50 -122.00
CA PHE XA 385 -15.86 -36.77 -122.90
C PHE XA 385 -16.40 -36.80 -124.32
N THR XA 386 -16.93 -37.95 -124.74
CA THR XA 386 -17.41 -38.07 -126.11
C THR XA 386 -18.70 -37.28 -126.32
N ALA XA 387 -19.45 -37.07 -125.23
CA ALA XA 387 -20.70 -36.31 -125.30
C ALA XA 387 -20.41 -34.82 -125.52
N MET XA 388 -19.51 -34.25 -124.71
CA MET XA 388 -19.23 -32.81 -124.77
C MET XA 388 -18.58 -32.44 -126.10
N PHE XA 389 -17.65 -33.30 -126.55
CA PHE XA 389 -16.86 -33.07 -127.76
C PHE XA 389 -17.73 -33.07 -129.02
N ARG XA 390 -18.83 -33.84 -128.97
CA ARG XA 390 -19.73 -34.03 -130.11
C ARG XA 390 -20.42 -32.70 -130.46
N ARG XA 391 -20.67 -31.85 -129.45
CA ARG XA 391 -21.18 -30.50 -129.64
C ARG XA 391 -20.11 -29.46 -129.34
N LYS XA 392 -18.84 -29.87 -129.28
CA LYS XA 392 -17.69 -28.96 -129.41
C LYS XA 392 -17.60 -27.95 -128.25
N ALA XA 393 -18.15 -28.31 -127.08
CA ALA XA 393 -18.23 -27.39 -125.95
C ALA XA 393 -16.86 -27.15 -125.32
N PHE XA 394 -16.65 -25.91 -124.83
CA PHE XA 394 -15.54 -25.47 -123.99
C PHE XA 394 -14.18 -25.58 -124.67
N LEU XA 395 -14.14 -25.88 -125.96
CA LEU XA 395 -12.86 -26.21 -126.59
C LEU XA 395 -11.98 -25.00 -126.87
N HIS XA 396 -12.54 -23.79 -126.77
CA HIS XA 396 -11.85 -22.62 -127.27
C HIS XA 396 -10.81 -22.13 -126.26
N TRP XA 397 -10.80 -22.74 -125.08
CA TRP XA 397 -9.79 -22.43 -124.08
C TRP XA 397 -8.68 -23.47 -124.04
N TYR XA 398 -8.88 -24.54 -124.82
CA TYR XA 398 -7.85 -25.49 -125.22
C TYR XA 398 -7.29 -25.12 -126.60
N THR XA 399 -8.19 -24.98 -127.59
CA THR XA 399 -7.82 -24.60 -128.95
C THR XA 399 -7.20 -23.19 -128.93
N GLY XA 400 -7.68 -22.37 -128.01
CA GLY XA 400 -7.06 -21.07 -127.76
C GLY XA 400 -5.70 -21.18 -127.06
N GLU XA 401 -5.27 -22.39 -126.70
CA GLU XA 401 -4.11 -22.51 -125.81
C GLU XA 401 -2.95 -23.29 -126.42
N GLY XA 402 -3.20 -24.08 -127.45
CA GLY XA 402 -2.12 -24.77 -128.14
C GLY XA 402 -2.46 -26.19 -128.58
N MET XA 403 -3.36 -26.82 -127.83
CA MET XA 403 -3.82 -28.14 -128.19
C MET XA 403 -4.93 -28.02 -129.23
N ASP XA 404 -4.66 -28.50 -130.45
CA ASP XA 404 -5.73 -28.58 -131.42
C ASP XA 404 -6.45 -29.92 -131.29
N GLU XA 405 -7.31 -30.22 -132.27
CA GLU XA 405 -8.29 -31.29 -132.14
C GLU XA 405 -7.71 -32.67 -132.48
N MET XA 406 -6.42 -32.72 -132.84
CA MET XA 406 -5.82 -34.00 -133.22
C MET XA 406 -5.57 -34.86 -131.97
N GLU XA 407 -5.02 -34.24 -130.92
CA GLU XA 407 -4.68 -34.97 -129.71
C GLU XA 407 -5.91 -35.32 -128.89
N PHE XA 408 -6.97 -34.51 -128.95
CA PHE XA 408 -8.20 -34.83 -128.26
C PHE XA 408 -8.85 -36.09 -128.82
N THR XA 409 -8.86 -36.20 -130.15
CA THR XA 409 -9.30 -37.43 -130.79
C THR XA 409 -8.33 -38.56 -130.46
N GLU XA 410 -7.03 -38.23 -130.34
CA GLU XA 410 -6.02 -39.19 -129.92
C GLU XA 410 -6.24 -39.63 -128.47
N ALA XA 411 -6.54 -38.67 -127.58
CA ALA XA 411 -6.68 -38.93 -126.15
C ALA XA 411 -7.84 -39.90 -125.88
N GLU XA 412 -8.97 -39.72 -126.57
CA GLU XA 412 -10.10 -40.62 -126.43
C GLU XA 412 -9.76 -42.01 -126.99
N SER XA 413 -8.99 -42.03 -128.09
CA SER XA 413 -8.57 -43.29 -128.72
C SER XA 413 -7.63 -44.06 -127.80
N ASN XA 414 -6.84 -43.34 -126.98
CA ASN XA 414 -6.05 -43.99 -125.94
C ASN XA 414 -6.97 -44.62 -124.88
N MET XA 415 -7.88 -43.85 -124.30
CA MET XA 415 -8.58 -44.28 -123.10
C MET XA 415 -9.67 -45.32 -123.40
N ASN XA 416 -10.34 -45.19 -124.56
CA ASN XA 416 -11.36 -46.17 -124.92
C ASN XA 416 -10.72 -47.52 -125.26
N ASP XA 417 -9.51 -47.49 -125.81
CA ASP XA 417 -8.73 -48.71 -126.05
C ASP XA 417 -8.33 -49.35 -124.72
N LEU XA 418 -8.10 -48.52 -123.68
CA LEU XA 418 -7.81 -49.03 -122.34
C LEU XA 418 -9.04 -49.77 -121.78
N VAL XA 419 -10.24 -49.32 -122.15
CA VAL XA 419 -11.44 -50.05 -121.82
C VAL XA 419 -11.50 -51.35 -122.61
N SER XA 420 -10.97 -51.34 -123.84
CA SER XA 420 -10.98 -52.51 -124.71
C SER XA 420 -10.09 -53.61 -124.15
N GLU XA 421 -8.90 -53.25 -123.63
CA GLU XA 421 -7.96 -54.23 -123.12
C GLU XA 421 -8.49 -54.83 -121.83
N TYR XA 422 -9.16 -54.04 -121.00
CA TYR XA 422 -9.77 -54.56 -119.79
C TYR XA 422 -10.88 -55.56 -120.10
N GLN XA 423 -11.68 -55.25 -121.10
CA GLN XA 423 -12.73 -56.16 -121.57
C GLN XA 423 -12.12 -57.35 -122.31
N GLN XA 424 -10.97 -57.13 -122.96
CA GLN XA 424 -10.29 -58.19 -123.72
C GLN XA 424 -9.84 -59.30 -122.77
N TYR XA 425 -9.51 -58.93 -121.54
CA TYR XA 425 -8.93 -59.86 -120.57
C TYR XA 425 -9.96 -60.33 -119.54
N GLN XA 426 -11.19 -60.64 -119.98
CA GLN XA 426 -12.23 -61.07 -119.04
C GLN XA 426 -13.21 -62.02 -119.72
N MET YA 1 0.93 -8.78 -105.28
CA MET YA 1 1.19 -9.62 -106.49
C MET YA 1 -0.09 -10.38 -106.85
N ARG YA 2 -1.07 -10.32 -105.94
CA ARG YA 2 -2.36 -10.95 -106.16
C ARG YA 2 -3.45 -9.99 -105.70
N GLU YA 3 -4.20 -9.43 -106.67
CA GLU YA 3 -5.24 -8.45 -106.37
C GLU YA 3 -6.17 -8.35 -107.59
N VAL YA 4 -7.27 -7.63 -107.38
CA VAL YA 4 -8.22 -7.39 -108.44
C VAL YA 4 -8.66 -5.94 -108.38
N ILE YA 5 -8.73 -5.37 -109.58
CA ILE YA 5 -9.06 -3.97 -109.71
C ILE YA 5 -10.57 -3.86 -109.81
N SER YA 6 -11.13 -2.94 -109.00
CA SER YA 6 -12.54 -2.64 -109.02
C SER YA 6 -12.76 -1.29 -109.71
N ILE YA 7 -13.55 -1.29 -110.79
CA ILE YA 7 -13.86 -0.07 -111.53
C ILE YA 7 -15.33 0.24 -111.36
N HIS YA 8 -15.60 1.39 -110.76
CA HIS YA 8 -16.97 1.85 -110.58
C HIS YA 8 -17.22 3.01 -111.53
N VAL YA 9 -18.14 2.79 -112.49
CA VAL YA 9 -18.47 3.79 -113.49
C VAL YA 9 -19.99 3.94 -113.54
N GLY YA 10 -20.47 5.18 -113.56
CA GLY YA 10 -21.91 5.42 -113.61
C GLY YA 10 -22.53 5.68 -112.25
N GLN YA 11 -23.78 6.19 -112.33
CA GLN YA 11 -24.55 6.54 -111.15
C GLN YA 11 -24.71 5.33 -110.23
N ALA YA 12 -25.12 4.20 -110.84
CA ALA YA 12 -25.38 2.98 -110.12
C ALA YA 12 -24.10 2.40 -109.51
N GLY YA 13 -23.00 2.54 -110.26
CA GLY YA 13 -21.72 1.95 -109.91
C GLY YA 13 -21.16 2.49 -108.59
N ILE YA 14 -21.31 3.80 -108.37
CA ILE YA 14 -20.73 4.38 -107.18
C ILE YA 14 -21.54 3.95 -105.95
N GLN YA 15 -22.87 3.98 -106.08
CA GLN YA 15 -23.73 3.67 -104.94
C GLN YA 15 -23.67 2.19 -104.60
N ILE YA 16 -23.52 1.34 -105.62
CA ILE YA 16 -23.20 -0.05 -105.36
C ILE YA 16 -21.81 -0.13 -104.72
N GLY YA 17 -20.88 0.68 -105.25
CA GLY YA 17 -19.49 0.62 -104.81
C GLY YA 17 -19.33 1.05 -103.36
N ASN YA 18 -19.99 2.15 -102.99
CA ASN YA 18 -19.80 2.66 -101.64
C ASN YA 18 -20.49 1.76 -100.62
N ALA YA 19 -21.50 1.01 -101.08
CA ALA YA 19 -22.08 -0.04 -100.25
C ALA YA 19 -21.15 -1.27 -100.22
N CYS YA 20 -20.42 -1.50 -101.32
CA CYS YA 20 -19.51 -2.64 -101.42
C CYS YA 20 -18.34 -2.43 -100.47
N TRP YA 21 -17.72 -1.25 -100.54
CA TRP YA 21 -16.62 -0.92 -99.64
C TRP YA 21 -17.09 -0.58 -98.22
N GLU YA 22 -18.40 -0.43 -98.04
CA GLU YA 22 -18.95 -0.41 -96.69
C GLU YA 22 -18.80 -1.80 -96.06
N LEU YA 23 -19.07 -2.84 -96.86
CA LEU YA 23 -18.99 -4.20 -96.35
C LEU YA 23 -17.54 -4.61 -96.15
N PHE YA 24 -16.68 -4.22 -97.09
CA PHE YA 24 -15.28 -4.61 -97.06
C PHE YA 24 -14.53 -3.99 -95.90
N CYS YA 25 -14.95 -2.79 -95.46
CA CYS YA 25 -14.35 -2.14 -94.30
C CYS YA 25 -14.59 -2.97 -93.04
N LEU YA 26 -15.87 -3.32 -92.78
CA LEU YA 26 -16.19 -4.04 -91.56
C LEU YA 26 -15.91 -5.54 -91.65
N GLU YA 27 -15.65 -6.02 -92.88
CA GLU YA 27 -15.33 -7.43 -93.04
C GLU YA 27 -13.91 -7.68 -92.55
N HIS YA 28 -12.97 -6.83 -92.99
CA HIS YA 28 -11.57 -6.95 -92.56
C HIS YA 28 -11.31 -6.23 -91.25
N GLY YA 29 -12.35 -5.59 -90.70
CA GLY YA 29 -12.21 -4.84 -89.46
C GLY YA 29 -11.47 -3.52 -89.66
N ILE YA 30 -11.31 -3.11 -90.93
CA ILE YA 30 -10.64 -1.86 -91.22
C ILE YA 30 -11.63 -0.71 -91.06
N GLN YA 31 -11.12 0.26 -90.27
CA GLN YA 31 -11.66 1.47 -89.66
C GLN YA 31 -11.62 2.61 -90.68
N PRO YA 32 -12.63 3.52 -90.70
CA PRO YA 32 -12.72 4.50 -91.79
C PRO YA 32 -11.59 5.51 -91.94
N ASP YA 33 -10.62 5.49 -91.02
CA ASP YA 33 -9.37 6.19 -91.25
C ASP YA 33 -8.55 5.46 -92.33
N GLY YA 34 -8.57 4.13 -92.25
CA GLY YA 34 -7.81 3.29 -93.16
C GLY YA 34 -6.85 2.31 -92.50
N GLN YA 35 -6.80 2.33 -91.15
CA GLN YA 35 -5.94 1.38 -90.44
C GLN YA 35 -6.76 0.47 -89.52
N MET YA 36 -6.51 -0.85 -89.62
CA MET YA 36 -7.10 -1.78 -88.66
C MET YA 36 -6.50 -1.53 -87.29
N PRO YA 37 -7.26 -1.71 -86.18
CA PRO YA 37 -6.68 -1.68 -84.83
C PRO YA 37 -5.50 -2.65 -84.65
N ASP YA 47 -2.69 -11.70 -94.68
CA ASP YA 47 -2.48 -11.32 -96.10
C ASP YA 47 -3.81 -11.29 -96.85
N ALA YA 48 -4.91 -11.40 -96.12
CA ALA YA 48 -6.24 -11.32 -96.69
C ALA YA 48 -6.52 -9.91 -97.22
N PHE YA 49 -6.05 -8.91 -96.49
CA PHE YA 49 -6.20 -7.52 -96.85
C PHE YA 49 -5.46 -7.20 -98.15
N ASN YA 50 -4.41 -7.97 -98.48
CA ASN YA 50 -3.54 -7.67 -99.61
C ASN YA 50 -4.30 -7.71 -100.94
N THR YA 51 -5.38 -8.50 -100.99
CA THR YA 51 -6.00 -8.75 -102.28
C THR YA 51 -6.97 -7.63 -102.67
N PHE YA 52 -7.32 -6.76 -101.72
CA PHE YA 52 -8.22 -5.65 -102.02
C PHE YA 52 -7.73 -4.28 -101.56
N PHE YA 53 -6.61 -4.21 -100.85
CA PHE YA 53 -6.10 -2.94 -100.33
C PHE YA 53 -4.59 -2.88 -100.48
N SER YA 54 -4.02 -1.72 -100.12
CA SER YA 54 -2.58 -1.54 -100.11
C SER YA 54 -2.11 -1.21 -98.69
N GLU YA 55 -0.83 -0.82 -98.58
CA GLU YA 55 -0.23 -0.45 -97.32
C GLU YA 55 0.41 0.93 -97.45
N THR YA 56 -0.38 1.97 -97.17
CA THR YA 56 0.08 3.35 -97.21
C THR YA 56 0.84 3.72 -95.94
N GLY YA 57 2.02 3.13 -95.73
CA GLY YA 57 2.83 3.58 -94.63
C GLY YA 57 2.42 2.92 -93.31
N ALA YA 58 2.24 3.75 -92.26
CA ALA YA 58 2.06 3.24 -90.89
C ALA YA 58 0.65 2.65 -90.71
N GLY YA 59 0.49 1.44 -91.26
CA GLY YA 59 -0.66 0.58 -91.10
C GLY YA 59 -1.91 0.98 -91.89
N LYS YA 60 -1.85 2.05 -92.69
CA LYS YA 60 -3.06 2.46 -93.40
C LYS YA 60 -3.32 1.54 -94.59
N HIS YA 61 -4.59 1.41 -94.97
CA HIS YA 61 -4.98 0.73 -96.20
C HIS YA 61 -5.75 1.69 -97.10
N VAL YA 62 -5.45 1.58 -98.41
CA VAL YA 62 -6.10 2.37 -99.44
C VAL YA 62 -6.63 1.39 -100.49
N PRO YA 63 -7.93 1.48 -100.88
CA PRO YA 63 -8.52 0.43 -101.73
C PRO YA 63 -8.06 0.51 -103.18
N ARG YA 64 -8.07 -0.64 -103.86
CA ARG YA 64 -7.84 -0.75 -105.30
C ARG YA 64 -9.12 -0.49 -106.09
N CYS YA 65 -9.62 0.75 -105.96
CA CYS YA 65 -10.86 1.14 -106.61
C CYS YA 65 -10.71 2.47 -107.32
N VAL YA 66 -11.43 2.61 -108.44
CA VAL YA 66 -11.53 3.86 -109.16
C VAL YA 66 -13.00 4.18 -109.39
N PHE YA 67 -13.29 5.47 -109.23
CA PHE YA 67 -14.63 5.99 -109.40
C PHE YA 67 -14.60 6.94 -110.58
N LEU YA 68 -15.49 6.68 -111.55
CA LEU YA 68 -15.48 7.40 -112.82
C LEU YA 68 -16.91 7.85 -113.11
N ASP YA 69 -17.17 9.15 -112.97
CA ASP YA 69 -18.47 9.69 -113.36
C ASP YA 69 -18.30 11.07 -113.95
N LEU YA 70 -18.97 11.31 -115.08
CA LEU YA 70 -18.89 12.60 -115.73
C LEU YA 70 -19.63 13.67 -114.92
N GLU YA 71 -20.81 13.30 -114.41
CA GLU YA 71 -21.54 14.13 -113.48
C GLU YA 71 -20.79 14.17 -112.15
N PRO YA 72 -20.62 15.35 -111.54
CA PRO YA 72 -19.90 15.43 -110.27
C PRO YA 72 -20.78 15.12 -109.05
N THR YA 73 -22.09 15.05 -109.26
CA THR YA 73 -23.07 15.09 -108.18
C THR YA 73 -23.10 13.76 -107.42
N VAL YA 74 -22.44 12.72 -107.95
CA VAL YA 74 -22.43 11.41 -107.33
C VAL YA 74 -21.05 11.14 -106.73
N VAL YA 75 -20.03 11.90 -107.14
CA VAL YA 75 -18.66 11.72 -106.67
C VAL YA 75 -18.39 12.70 -105.54
N ASP YA 76 -19.02 13.89 -105.63
CA ASP YA 76 -18.81 14.92 -104.63
C ASP YA 76 -19.38 14.46 -103.28
N GLU YA 77 -20.44 13.65 -103.33
CA GLU YA 77 -21.05 13.09 -102.14
C GLU YA 77 -20.09 12.09 -101.49
N VAL YA 78 -19.28 11.41 -102.30
CA VAL YA 78 -18.21 10.60 -101.74
C VAL YA 78 -17.11 11.48 -101.14
N ARG YA 79 -16.76 12.57 -101.84
CA ARG YA 79 -15.66 13.45 -101.44
C ARG YA 79 -15.93 14.13 -100.09
N THR YA 80 -17.24 14.22 -99.77
CA THR YA 80 -17.67 14.96 -98.59
C THR YA 80 -18.18 14.02 -97.50
N GLY YA 81 -18.41 12.74 -97.85
CA GLY YA 81 -19.02 11.81 -96.92
C GLY YA 81 -18.10 11.35 -95.79
N THR YA 82 -18.52 10.27 -95.13
CA THR YA 82 -17.80 9.68 -94.03
C THR YA 82 -16.47 9.08 -94.49
N TYR YA 83 -16.36 8.77 -95.78
CA TYR YA 83 -15.15 8.25 -96.39
C TYR YA 83 -14.30 9.35 -97.05
N ARG YA 84 -13.88 10.30 -96.24
CA ARG YA 84 -12.97 11.36 -96.66
C ARG YA 84 -11.58 10.76 -96.94
N HIS YA 85 -11.00 10.16 -95.90
CA HIS YA 85 -9.61 9.74 -95.94
C HIS YA 85 -9.50 8.25 -96.30
N LEU YA 86 -10.63 7.60 -96.61
CA LEU YA 86 -10.60 6.20 -97.01
C LEU YA 86 -9.89 6.05 -98.36
N PHE YA 87 -10.21 6.98 -99.27
CA PHE YA 87 -9.64 6.90 -100.59
C PHE YA 87 -8.56 7.95 -100.76
N HIS YA 88 -7.55 7.56 -101.53
CA HIS YA 88 -6.64 8.51 -102.10
C HIS YA 88 -7.42 9.45 -103.00
N PRO YA 89 -7.34 10.79 -102.80
CA PRO YA 89 -8.14 11.72 -103.59
C PRO YA 89 -8.01 11.72 -105.11
N GLU YA 90 -6.99 11.07 -105.68
CA GLU YA 90 -6.65 11.26 -107.10
C GLU YA 90 -7.28 10.20 -108.00
N GLN YA 91 -8.03 9.26 -107.41
CA GLN YA 91 -8.78 8.32 -108.24
C GLN YA 91 -10.29 8.53 -108.14
N LEU YA 92 -10.71 9.63 -107.50
CA LEU YA 92 -12.09 10.07 -107.57
C LEU YA 92 -12.21 10.94 -108.82
N ILE YA 93 -12.21 10.26 -109.99
CA ILE YA 93 -12.12 10.93 -111.27
C ILE YA 93 -13.52 11.42 -111.66
N SER YA 94 -13.77 12.70 -111.39
CA SER YA 94 -15.05 13.31 -111.67
C SER YA 94 -14.92 14.21 -112.90
N GLY YA 95 -15.82 14.00 -113.87
CA GLY YA 95 -15.82 14.72 -115.13
C GLY YA 95 -16.26 16.18 -114.97
N LYS YA 96 -17.06 16.67 -115.91
CA LYS YA 96 -17.50 18.07 -115.89
C LYS YA 96 -19.02 18.14 -115.76
N GLU YA 97 -19.73 17.34 -116.57
CA GLU YA 97 -21.17 17.33 -116.59
C GLU YA 97 -21.65 15.97 -117.11
N ASP YA 98 -22.92 15.62 -116.85
CA ASP YA 98 -23.44 14.27 -116.98
C ASP YA 98 -23.47 13.80 -118.43
N ALA YA 99 -23.44 12.48 -118.62
CA ALA YA 99 -23.65 11.89 -119.94
C ALA YA 99 -25.12 11.92 -120.34
N ALA YA 100 -25.99 11.98 -119.32
CA ALA YA 100 -27.41 12.21 -119.53
C ALA YA 100 -28.02 11.05 -120.31
N ASN YA 101 -27.88 9.85 -119.76
CA ASN YA 101 -28.58 8.64 -120.16
C ASN YA 101 -28.63 8.40 -121.68
N ASN YA 102 -27.62 8.91 -122.37
CA ASN YA 102 -27.44 8.73 -123.80
C ASN YA 102 -26.11 8.01 -124.01
N PHE YA 103 -26.16 6.88 -124.72
CA PHE YA 103 -24.95 6.13 -125.04
C PHE YA 103 -24.06 6.95 -125.96
N ALA YA 104 -24.69 7.69 -126.88
CA ALA YA 104 -23.95 8.50 -127.85
C ALA YA 104 -23.10 9.56 -127.14
N ARG YA 105 -23.64 10.06 -126.01
CA ARG YA 105 -22.98 11.15 -125.34
C ARG YA 105 -21.70 10.71 -124.62
N GLY YA 106 -21.81 9.60 -123.89
CA GLY YA 106 -20.72 9.09 -123.07
C GLY YA 106 -19.61 8.42 -123.89
N HIS YA 107 -19.95 8.03 -125.13
CA HIS YA 107 -19.03 7.28 -125.97
C HIS YA 107 -18.25 8.19 -126.93
N TYR YA 108 -18.86 9.32 -127.32
CA TYR YA 108 -18.23 10.18 -128.29
C TYR YA 108 -17.85 11.53 -127.72
N THR YA 109 -18.87 12.29 -127.30
CA THR YA 109 -18.68 13.73 -127.15
C THR YA 109 -17.86 14.05 -125.90
N ILE YA 110 -18.45 13.81 -124.74
CA ILE YA 110 -17.84 14.18 -123.48
C ILE YA 110 -16.93 13.04 -122.99
N GLY YA 111 -17.07 11.85 -123.60
CA GLY YA 111 -16.29 10.68 -123.23
C GLY YA 111 -14.77 10.87 -123.29
N LYS YA 112 -14.28 11.23 -124.50
CA LYS YA 112 -12.88 11.03 -124.90
C LYS YA 112 -11.92 11.91 -124.08
N GLU YA 113 -12.47 12.94 -123.43
CA GLU YA 113 -11.63 13.91 -122.71
C GLU YA 113 -11.09 13.35 -121.40
N ILE YA 114 -11.76 12.34 -120.82
CA ILE YA 114 -11.47 11.93 -119.45
C ILE YA 114 -10.92 10.50 -119.38
N VAL YA 115 -11.19 9.71 -120.44
CA VAL YA 115 -10.75 8.33 -120.55
C VAL YA 115 -9.23 8.24 -120.37
N ASP YA 116 -8.53 9.21 -120.95
CA ASP YA 116 -7.08 9.30 -120.89
C ASP YA 116 -6.62 9.42 -119.43
N LEU YA 117 -7.30 10.27 -118.65
CA LEU YA 117 -6.99 10.41 -117.23
C LEU YA 117 -7.29 9.11 -116.49
N SER YA 118 -8.35 8.40 -116.93
CA SER YA 118 -8.74 7.15 -116.33
C SER YA 118 -7.73 6.04 -116.66
N LEU YA 119 -7.23 6.00 -117.91
CA LEU YA 119 -6.26 5.01 -118.33
C LEU YA 119 -5.00 5.17 -117.49
N ASP YA 120 -4.56 6.40 -117.31
CA ASP YA 120 -3.35 6.62 -116.52
C ASP YA 120 -3.64 6.40 -115.05
N ARG YA 121 -4.92 6.49 -114.65
CA ARG YA 121 -5.29 6.12 -113.29
C ARG YA 121 -5.13 4.62 -113.07
N ILE YA 122 -5.65 3.83 -114.02
CA ILE YA 122 -5.67 2.38 -113.88
C ILE YA 122 -4.25 1.82 -113.97
N ARG YA 123 -3.43 2.44 -114.81
CA ARG YA 123 -2.13 1.87 -115.14
C ARG YA 123 -1.17 1.95 -113.97
N LYS YA 124 -1.14 3.11 -113.30
CA LYS YA 124 -0.25 3.29 -112.16
C LYS YA 124 -0.65 2.34 -111.03
N LEU YA 125 -1.97 2.18 -110.86
CA LEU YA 125 -2.49 1.27 -109.86
C LEU YA 125 -2.18 -0.19 -110.22
N ALA YA 126 -2.23 -0.51 -111.52
CA ALA YA 126 -2.22 -1.91 -111.96
C ALA YA 126 -0.85 -2.51 -111.73
N ASP YA 127 0.18 -1.84 -112.26
CA ASP YA 127 1.50 -2.41 -112.23
C ASP YA 127 2.26 -1.98 -110.97
N ASN YA 128 1.54 -1.67 -109.88
CA ASN YA 128 2.13 -1.66 -108.55
C ASN YA 128 2.67 -3.04 -108.22
N CYS YA 129 1.90 -4.09 -108.58
CA CYS YA 129 2.31 -5.48 -108.46
C CYS YA 129 1.92 -6.21 -109.74
N THR YA 130 2.67 -7.25 -110.12
CA THR YA 130 2.31 -8.02 -111.29
C THR YA 130 1.80 -9.40 -110.88
N GLY YA 131 1.04 -10.01 -111.78
CA GLY YA 131 0.28 -11.22 -111.50
C GLY YA 131 -1.17 -10.87 -111.18
N LEU YA 132 -1.74 -10.01 -112.03
CA LEU YA 132 -3.08 -9.47 -111.81
C LEU YA 132 -4.11 -10.58 -112.00
N GLN YA 133 -5.37 -10.30 -111.62
CA GLN YA 133 -6.36 -11.38 -111.65
C GLN YA 133 -7.50 -11.10 -112.62
N GLY YA 134 -8.11 -9.96 -112.41
CA GLY YA 134 -9.23 -9.58 -113.22
C GLY YA 134 -9.55 -8.12 -113.06
N PHE YA 135 -10.68 -7.77 -113.69
CA PHE YA 135 -11.21 -6.44 -113.59
C PHE YA 135 -12.65 -6.50 -113.16
N LEU YA 136 -13.02 -5.53 -112.34
CA LEU YA 136 -14.35 -5.47 -111.77
C LEU YA 136 -15.02 -4.17 -112.23
N MET YA 137 -15.76 -4.23 -113.34
CA MET YA 137 -16.65 -3.15 -113.74
C MET YA 137 -17.82 -3.10 -112.76
N PHE YA 138 -18.40 -1.91 -112.62
CA PHE YA 138 -19.65 -1.76 -111.91
C PHE YA 138 -20.44 -0.68 -112.60
N ASN YA 139 -21.54 -1.06 -113.25
CA ASN YA 139 -22.21 -0.11 -114.11
C ASN YA 139 -23.68 -0.48 -114.24
N ALA YA 140 -24.51 0.50 -114.60
CA ALA YA 140 -25.88 0.25 -115.02
C ALA YA 140 -25.89 0.27 -116.55
N VAL YA 141 -26.12 -0.88 -117.17
CA VAL YA 141 -26.11 -1.01 -118.63
C VAL YA 141 -27.29 -0.22 -119.24
N GLY YA 142 -28.30 0.08 -118.42
CA GLY YA 142 -29.46 0.85 -118.85
C GLY YA 142 -29.27 2.37 -118.85
N GLY YA 143 -28.38 2.85 -117.99
CA GLY YA 143 -28.19 4.28 -117.79
C GLY YA 143 -27.21 4.89 -118.80
N GLY YA 144 -26.51 5.92 -118.33
CA GLY YA 144 -26.04 6.84 -119.34
C GLY YA 144 -24.54 6.83 -119.42
N THR YA 145 -23.93 7.21 -118.32
CA THR YA 145 -22.48 7.25 -118.28
C THR YA 145 -21.89 5.87 -118.03
N GLY YA 146 -22.61 5.04 -117.28
CA GLY YA 146 -22.18 3.67 -117.01
C GLY YA 146 -22.12 2.84 -118.29
N SER YA 147 -23.17 2.93 -119.10
CA SER YA 147 -23.29 2.14 -120.31
C SER YA 147 -22.32 2.65 -121.38
N GLY YA 148 -22.29 3.96 -121.57
CA GLY YA 148 -21.51 4.56 -122.63
C GLY YA 148 -20.01 4.55 -122.34
N LEU YA 149 -19.64 5.26 -121.27
CA LEU YA 149 -18.23 5.43 -120.92
C LEU YA 149 -17.62 4.10 -120.51
N GLY YA 150 -18.46 3.18 -119.99
CA GLY YA 150 -17.99 1.88 -119.59
C GLY YA 150 -17.38 1.17 -120.80
N CYS YA 151 -18.03 1.25 -121.96
CA CYS YA 151 -17.52 0.67 -123.19
C CYS YA 151 -16.19 1.29 -123.60
N LEU YA 152 -16.12 2.63 -123.50
CA LEU YA 152 -14.88 3.31 -123.88
C LEU YA 152 -13.72 2.86 -123.00
N LEU YA 153 -13.97 2.71 -121.69
CA LEU YA 153 -12.95 2.16 -120.82
C LEU YA 153 -12.72 0.68 -121.11
N LEU YA 154 -13.72 0.00 -121.71
CA LEU YA 154 -13.62 -1.44 -121.91
C LEU YA 154 -12.74 -1.74 -123.13
N GLU YA 155 -12.92 -0.99 -124.22
CA GLU YA 155 -12.07 -1.17 -125.40
C GLU YA 155 -10.67 -0.60 -125.16
N ARG YA 156 -10.55 0.47 -124.37
CA ARG YA 156 -9.23 0.97 -124.03
C ARG YA 156 -8.43 0.01 -123.16
N LEU YA 157 -9.04 -0.66 -122.18
CA LEU YA 157 -8.33 -1.69 -121.43
C LEU YA 157 -8.16 -2.95 -122.26
N SER YA 158 -8.97 -3.15 -123.31
CA SER YA 158 -8.84 -4.34 -124.15
C SER YA 158 -7.50 -4.33 -124.90
N VAL YA 159 -7.13 -3.17 -125.44
CA VAL YA 159 -5.92 -3.04 -126.20
C VAL YA 159 -4.70 -2.83 -125.29
N ASP YA 160 -4.93 -2.27 -124.10
CA ASP YA 160 -3.85 -2.00 -123.16
C ASP YA 160 -3.38 -3.29 -122.48
N TYR YA 161 -4.29 -3.94 -121.75
CA TYR YA 161 -3.98 -5.13 -121.01
C TYR YA 161 -4.85 -6.23 -121.56
N GLY YA 162 -4.33 -6.89 -122.61
CA GLY YA 162 -5.10 -7.88 -123.35
C GLY YA 162 -5.09 -9.30 -122.73
N LYS YA 163 -4.61 -9.48 -121.51
CA LYS YA 163 -4.42 -10.78 -120.91
C LYS YA 163 -5.31 -10.98 -119.68
N LYS YA 164 -6.25 -10.09 -119.36
CA LYS YA 164 -6.85 -10.16 -118.03
C LYS YA 164 -8.36 -10.37 -118.11
N SER YA 165 -8.95 -11.05 -117.13
CA SER YA 165 -10.40 -11.21 -117.12
C SER YA 165 -11.07 -9.88 -116.77
N LYS YA 166 -12.29 -9.65 -117.24
CA LYS YA 166 -13.00 -8.43 -116.90
C LYS YA 166 -14.42 -8.79 -116.49
N LEU YA 167 -14.72 -8.54 -115.22
CA LEU YA 167 -16.00 -8.97 -114.65
C LEU YA 167 -16.92 -7.79 -114.50
N ASN YA 168 -18.08 -7.89 -115.15
CA ASN YA 168 -19.15 -6.92 -115.04
C ASN YA 168 -20.02 -7.22 -113.84
N PHE YA 169 -20.74 -6.19 -113.40
CA PHE YA 169 -21.96 -6.39 -112.64
C PHE YA 169 -23.02 -5.44 -113.14
N CYS YA 170 -23.71 -5.85 -114.21
CA CYS YA 170 -24.52 -4.93 -114.99
C CYS YA 170 -25.95 -4.91 -114.46
N SER YA 171 -26.35 -3.74 -113.92
CA SER YA 171 -27.70 -3.55 -113.41
C SER YA 171 -28.68 -3.42 -114.56
N TRP YA 172 -29.04 -4.57 -115.14
CA TRP YA 172 -29.79 -4.63 -116.39
C TRP YA 172 -31.19 -4.05 -116.19
N PRO YA 173 -31.74 -3.34 -117.20
CA PRO YA 173 -33.15 -2.97 -117.17
C PRO YA 173 -34.10 -4.15 -117.00
N SER YA 174 -35.11 -3.98 -116.14
CA SER YA 174 -36.16 -4.95 -115.85
C SER YA 174 -37.25 -4.90 -116.93
N PRO YA 175 -38.19 -5.86 -117.07
CA PRO YA 175 -39.34 -5.65 -117.97
C PRO YA 175 -40.23 -4.47 -117.59
N GLN YA 176 -40.49 -4.33 -116.30
CA GLN YA 176 -41.54 -3.44 -115.84
C GLN YA 176 -40.99 -2.29 -114.97
N VAL YA 177 -40.23 -2.57 -113.88
CA VAL YA 177 -39.73 -1.46 -113.06
C VAL YA 177 -38.39 -0.96 -113.63
N SER YA 178 -38.40 0.23 -114.25
CA SER YA 178 -37.37 0.58 -115.24
C SER YA 178 -36.55 1.84 -114.97
N THR YA 179 -37.19 2.94 -114.56
CA THR YA 179 -36.59 4.26 -114.39
C THR YA 179 -35.81 4.83 -115.60
N ALA YA 180 -36.33 4.65 -116.83
CA ALA YA 180 -35.93 5.47 -117.99
C ALA YA 180 -36.81 5.14 -119.21
N VAL YA 181 -36.90 6.04 -120.21
CA VAL YA 181 -37.60 5.73 -121.47
C VAL YA 181 -36.61 5.42 -122.60
N VAL YA 182 -35.35 5.74 -122.40
CA VAL YA 182 -34.30 5.45 -123.37
C VAL YA 182 -33.77 4.01 -123.18
N GLU YA 183 -34.48 3.20 -122.41
CA GLU YA 183 -34.04 1.87 -122.04
C GLU YA 183 -33.82 0.92 -123.21
N PRO YA 184 -34.75 0.75 -124.20
CA PRO YA 184 -34.47 -0.24 -125.25
C PRO YA 184 -33.30 0.21 -126.12
N TYR YA 185 -33.08 1.53 -126.20
CA TYR YA 185 -31.95 2.04 -126.97
C TYR YA 185 -30.66 1.83 -126.22
N ASN YA 186 -30.68 2.05 -124.91
CA ASN YA 186 -29.47 1.89 -124.10
C ASN YA 186 -29.17 0.43 -123.78
N SER YA 187 -30.07 -0.50 -124.10
CA SER YA 187 -29.74 -1.91 -123.97
C SER YA 187 -28.99 -2.38 -125.20
N VAL YA 188 -29.68 -2.36 -126.35
CA VAL YA 188 -29.19 -2.99 -127.57
C VAL YA 188 -27.94 -2.26 -128.10
N LEU YA 189 -27.86 -0.95 -127.92
CA LEU YA 189 -26.66 -0.23 -128.37
C LEU YA 189 -25.48 -0.44 -127.42
N SER YA 190 -25.74 -1.03 -126.24
CA SER YA 190 -24.64 -1.26 -125.30
C SER YA 190 -24.07 -2.67 -125.43
N THR YA 191 -24.92 -3.65 -125.71
CA THR YA 191 -24.54 -5.06 -125.64
C THR YA 191 -23.55 -5.47 -126.73
N HIS YA 192 -23.70 -4.94 -127.95
CA HIS YA 192 -22.74 -5.24 -129.01
C HIS YA 192 -21.34 -4.78 -128.58
N SER YA 193 -21.29 -3.54 -128.09
CA SER YA 193 -20.04 -2.98 -127.62
C SER YA 193 -19.77 -3.40 -126.18
N LEU YA 194 -20.43 -4.48 -125.70
CA LEU YA 194 -20.20 -5.12 -124.41
C LEU YA 194 -19.81 -6.59 -124.59
N LEU YA 195 -20.34 -7.27 -125.62
CA LEU YA 195 -20.28 -8.73 -125.75
C LEU YA 195 -18.85 -9.23 -125.99
N GLU YA 196 -18.24 -8.76 -127.09
CA GLU YA 196 -16.92 -9.24 -127.50
C GLU YA 196 -15.81 -8.55 -126.71
N HIS YA 197 -16.17 -7.83 -125.63
CA HIS YA 197 -15.22 -7.13 -124.79
C HIS YA 197 -15.17 -7.70 -123.36
N THR YA 198 -16.32 -7.94 -122.70
CA THR YA 198 -16.39 -8.42 -121.33
C THR YA 198 -16.30 -9.93 -121.33
N ASP YA 199 -15.39 -10.44 -120.51
CA ASP YA 199 -15.21 -11.87 -120.40
C ASP YA 199 -16.37 -12.48 -119.63
N VAL YA 200 -16.86 -11.75 -118.61
CA VAL YA 200 -17.71 -12.36 -117.61
C VAL YA 200 -18.64 -11.30 -117.00
N ALA YA 201 -19.97 -11.54 -117.07
CA ALA YA 201 -20.97 -10.55 -116.72
C ALA YA 201 -22.10 -11.22 -115.92
N VAL YA 202 -22.68 -10.48 -114.98
CA VAL YA 202 -23.74 -10.99 -114.12
C VAL YA 202 -25.01 -10.21 -114.36
N MET YA 203 -26.08 -10.96 -114.65
CA MET YA 203 -27.42 -10.45 -114.91
C MET YA 203 -28.13 -10.16 -113.59
N LEU YA 204 -28.45 -8.87 -113.35
CA LEU YA 204 -29.28 -8.45 -112.22
C LEU YA 204 -30.36 -7.48 -112.72
N ASP YA 205 -31.59 -7.59 -112.20
CA ASP YA 205 -32.70 -6.72 -112.51
C ASP YA 205 -33.33 -6.19 -111.22
N ASN YA 206 -33.76 -4.92 -111.23
CA ASN YA 206 -34.12 -4.20 -110.01
C ASN YA 206 -35.37 -4.75 -109.34
N GLU YA 207 -36.42 -5.03 -110.13
CA GLU YA 207 -37.68 -5.46 -109.52
C GLU YA 207 -37.59 -6.91 -109.04
N ALA YA 208 -36.54 -7.62 -109.47
CA ALA YA 208 -36.23 -8.93 -108.91
C ALA YA 208 -35.82 -8.79 -107.45
N ILE YA 209 -34.88 -7.88 -107.18
CA ILE YA 209 -34.43 -7.65 -105.81
C ILE YA 209 -35.57 -7.02 -105.00
N TYR YA 210 -36.46 -6.27 -105.70
CA TYR YA 210 -37.65 -5.73 -105.05
C TYR YA 210 -38.54 -6.85 -104.50
N ASP YA 211 -38.79 -7.85 -105.34
CA ASP YA 211 -39.71 -8.92 -105.01
C ASP YA 211 -39.13 -9.84 -103.93
N ILE YA 212 -37.80 -9.96 -103.88
CA ILE YA 212 -37.15 -10.74 -102.83
C ILE YA 212 -37.30 -10.02 -101.50
N CYS YA 213 -37.18 -8.69 -101.51
CA CYS YA 213 -37.29 -7.92 -100.27
C CYS YA 213 -38.72 -7.95 -99.71
N ARG YA 214 -39.69 -8.12 -100.61
CA ARG YA 214 -41.06 -8.21 -100.16
C ARG YA 214 -41.33 -9.55 -99.49
N ARG YA 215 -40.91 -10.64 -100.12
CA ARG YA 215 -41.27 -11.96 -99.63
C ARG YA 215 -40.32 -12.46 -98.55
N ASN YA 216 -39.02 -12.53 -98.85
CA ASN YA 216 -38.07 -13.19 -97.98
C ASN YA 216 -37.73 -12.33 -96.76
N LEU YA 217 -37.58 -11.03 -97.01
CA LEU YA 217 -37.02 -10.11 -96.04
C LEU YA 217 -38.13 -9.27 -95.40
N ASP YA 218 -39.40 -9.57 -95.78
CA ASP YA 218 -40.66 -9.05 -95.25
C ASP YA 218 -40.68 -7.53 -95.04
N ILE YA 219 -39.95 -6.79 -95.88
CA ILE YA 219 -40.07 -5.35 -95.88
C ILE YA 219 -40.92 -4.99 -97.09
N GLU YA 220 -41.74 -3.96 -96.86
CA GLU YA 220 -42.72 -3.60 -97.85
C GLU YA 220 -42.14 -2.54 -98.77
N ARG YA 221 -41.40 -1.58 -98.18
CA ARG YA 221 -41.09 -0.29 -98.79
C ARG YA 221 -39.59 -0.07 -98.86
N PRO YA 222 -38.82 -0.74 -99.74
CA PRO YA 222 -37.37 -0.56 -99.78
C PRO YA 222 -36.93 0.70 -100.51
N THR YA 223 -35.63 0.94 -100.44
CA THR YA 223 -34.97 2.02 -101.15
C THR YA 223 -33.80 1.41 -101.91
N TYR YA 224 -33.03 2.26 -102.60
CA TYR YA 224 -31.87 1.81 -103.36
C TYR YA 224 -30.75 1.28 -102.46
N THR YA 225 -30.66 1.78 -101.22
CA THR YA 225 -29.59 1.32 -100.36
C THR YA 225 -29.85 -0.12 -99.93
N ASN YA 226 -31.11 -0.51 -99.76
CA ASN YA 226 -31.45 -1.90 -99.50
C ASN YA 226 -31.45 -2.70 -100.81
N LEU YA 227 -31.64 -2.02 -101.95
CA LEU YA 227 -31.51 -2.66 -103.26
C LEU YA 227 -30.04 -3.02 -103.49
N ASN YA 228 -29.12 -2.27 -102.88
CA ASN YA 228 -27.68 -2.40 -103.12
C ASN YA 228 -26.94 -3.17 -102.03
N ARG YA 229 -27.35 -3.04 -100.76
CA ARG YA 229 -26.76 -3.77 -99.64
C ARG YA 229 -26.81 -5.27 -99.89
N LEU YA 230 -27.90 -5.69 -100.53
CA LEU YA 230 -28.11 -7.08 -100.88
C LEU YA 230 -27.22 -7.47 -102.07
N ILE YA 231 -26.88 -6.51 -102.95
CA ILE YA 231 -25.92 -6.79 -104.00
C ILE YA 231 -24.54 -7.00 -103.39
N ALA YA 232 -24.18 -6.19 -102.38
CA ALA YA 232 -22.83 -6.20 -101.83
C ALA YA 232 -22.51 -7.54 -101.16
N GLN YA 233 -23.52 -8.19 -100.57
CA GLN YA 233 -23.31 -9.49 -99.94
C GLN YA 233 -23.09 -10.56 -101.00
N VAL YA 234 -23.59 -10.34 -102.22
CA VAL YA 234 -23.30 -11.24 -103.33
C VAL YA 234 -21.85 -11.05 -103.74
N ILE YA 235 -21.40 -9.79 -103.79
CA ILE YA 235 -20.06 -9.48 -104.27
C ILE YA 235 -19.02 -10.08 -103.33
N SER YA 236 -19.23 -9.91 -102.02
CA SER YA 236 -18.31 -10.41 -101.01
C SER YA 236 -18.32 -11.94 -100.95
N SER YA 237 -19.36 -12.57 -101.48
CA SER YA 237 -19.40 -14.03 -101.47
C SER YA 237 -18.62 -14.59 -102.67
N LEU YA 238 -18.52 -13.82 -103.76
CA LEU YA 238 -17.66 -14.21 -104.88
C LEU YA 238 -16.20 -14.15 -104.46
N THR YA 239 -15.78 -13.02 -103.89
CA THR YA 239 -14.37 -12.76 -103.66
C THR YA 239 -13.91 -13.33 -102.33
N ALA YA 240 -14.73 -14.15 -101.67
CA ALA YA 240 -14.39 -14.69 -100.35
C ALA YA 240 -13.23 -15.69 -100.42
N SER YA 241 -13.14 -16.37 -101.56
CA SER YA 241 -12.10 -17.34 -101.81
C SER YA 241 -10.74 -16.65 -101.93
N LEU YA 242 -10.69 -15.47 -102.58
CA LEU YA 242 -9.48 -14.65 -102.69
C LEU YA 242 -9.05 -14.22 -101.30
N ARG YA 243 -10.02 -13.84 -100.47
CA ARG YA 243 -9.71 -13.21 -99.19
C ARG YA 243 -9.38 -14.28 -98.16
N PHE YA 244 -10.32 -15.20 -97.92
CA PHE YA 244 -10.33 -15.98 -96.68
C PHE YA 244 -10.08 -17.45 -96.95
N ASP YA 245 -9.35 -18.08 -96.01
CA ASP YA 245 -8.91 -19.45 -96.17
C ASP YA 245 -10.07 -20.41 -95.89
N GLY YA 246 -10.29 -21.33 -96.82
CA GLY YA 246 -11.41 -22.24 -96.76
C GLY YA 246 -11.02 -23.66 -97.18
N ALA YA 247 -11.99 -24.58 -97.12
CA ALA YA 247 -11.73 -25.99 -97.43
C ALA YA 247 -11.53 -26.17 -98.92
N LEU YA 248 -12.37 -25.47 -99.70
CA LEU YA 248 -12.41 -25.67 -101.14
C LEU YA 248 -12.92 -24.39 -101.75
N ASN YA 249 -12.03 -23.66 -102.43
CA ASN YA 249 -12.23 -22.26 -102.76
C ASN YA 249 -12.16 -22.04 -104.27
N VAL YA 250 -12.90 -21.03 -104.75
CA VAL YA 250 -12.99 -20.75 -106.18
C VAL YA 250 -12.58 -19.31 -106.40
N ASP YA 251 -11.34 -19.10 -106.87
CA ASP YA 251 -10.89 -17.76 -107.20
C ASP YA 251 -11.56 -17.30 -108.48
N VAL YA 252 -11.51 -15.98 -108.71
CA VAL YA 252 -12.16 -15.34 -109.83
C VAL YA 252 -11.51 -15.73 -111.17
N THR YA 253 -10.27 -16.25 -111.13
CA THR YA 253 -9.60 -16.62 -112.37
C THR YA 253 -10.08 -17.99 -112.88
N GLU YA 254 -10.62 -18.82 -111.98
CA GLU YA 254 -11.15 -20.11 -112.42
C GLU YA 254 -12.66 -20.09 -112.54
N PHE YA 255 -13.31 -19.19 -111.79
CA PHE YA 255 -14.71 -18.92 -111.97
C PHE YA 255 -14.95 -18.59 -113.45
N GLN YA 256 -14.04 -17.81 -114.04
CA GLN YA 256 -14.01 -17.46 -115.45
C GLN YA 256 -14.00 -18.74 -116.28
N THR YA 257 -13.07 -19.65 -115.97
CA THR YA 257 -12.79 -20.80 -116.82
C THR YA 257 -13.84 -21.89 -116.67
N ASN YA 258 -14.39 -22.00 -115.45
CA ASN YA 258 -15.20 -23.12 -115.03
C ASN YA 258 -16.57 -23.07 -115.71
N LEU YA 259 -17.07 -21.86 -115.97
CA LEU YA 259 -18.48 -21.71 -116.35
C LEU YA 259 -18.69 -21.69 -117.86
N VAL YA 260 -17.92 -20.84 -118.56
CA VAL YA 260 -18.30 -20.41 -119.89
C VAL YA 260 -18.09 -21.56 -120.86
N PRO YA 261 -19.16 -22.05 -121.53
CA PRO YA 261 -18.99 -23.11 -122.54
C PRO YA 261 -18.51 -22.64 -123.92
N TYR YA 262 -19.04 -21.52 -124.41
CA TYR YA 262 -18.81 -21.03 -125.76
C TYR YA 262 -18.48 -19.55 -125.73
N PRO YA 263 -17.82 -19.00 -126.77
CA PRO YA 263 -17.14 -17.71 -126.69
C PRO YA 263 -17.97 -16.52 -126.24
N ARG YA 264 -19.22 -16.45 -126.69
CA ARG YA 264 -20.05 -15.29 -126.40
C ARG YA 264 -20.87 -15.50 -125.13
N ILE YA 265 -21.09 -16.77 -124.78
CA ILE YA 265 -22.13 -17.13 -123.83
C ILE YA 265 -21.55 -17.01 -122.43
N HIS YA 266 -21.54 -15.77 -121.95
CA HIS YA 266 -21.05 -15.47 -120.63
C HIS YA 266 -22.01 -14.52 -119.91
N PHE YA 267 -23.32 -14.81 -120.02
CA PHE YA 267 -24.34 -14.08 -119.30
C PHE YA 267 -24.89 -14.96 -118.18
N MET YA 268 -24.71 -14.52 -116.93
CA MET YA 268 -25.02 -15.38 -115.80
C MET YA 268 -26.03 -14.72 -114.86
N LEU YA 269 -27.05 -15.52 -114.52
CA LEU YA 269 -28.00 -15.16 -113.47
C LEU YA 269 -27.36 -15.46 -112.12
N SER YA 270 -27.66 -14.63 -111.11
CA SER YA 270 -27.18 -14.85 -109.75
C SER YA 270 -28.34 -15.29 -108.86
N SER YA 271 -28.04 -15.71 -107.62
CA SER YA 271 -29.02 -16.15 -106.62
C SER YA 271 -28.36 -16.06 -105.25
N TYR YA 272 -29.16 -16.16 -104.20
CA TYR YA 272 -28.59 -16.12 -102.86
C TYR YA 272 -29.59 -16.71 -101.89
N ALA YA 273 -29.06 -17.37 -100.86
CA ALA YA 273 -29.85 -17.94 -99.78
C ALA YA 273 -28.93 -18.16 -98.60
N PRO YA 274 -29.32 -17.82 -97.36
CA PRO YA 274 -30.64 -17.27 -97.05
C PRO YA 274 -30.71 -15.75 -97.09
N ILE YA 275 -31.87 -15.22 -97.47
CA ILE YA 275 -32.17 -13.81 -97.26
C ILE YA 275 -33.32 -13.74 -96.27
N ILE YA 276 -32.99 -13.63 -94.99
CA ILE YA 276 -33.98 -13.61 -93.94
C ILE YA 276 -33.61 -12.51 -92.95
N SER YA 277 -34.65 -11.97 -92.31
CA SER YA 277 -34.49 -10.93 -91.30
C SER YA 277 -34.16 -11.52 -89.93
N ALA YA 278 -34.00 -10.64 -88.92
CA ALA YA 278 -33.94 -11.10 -87.55
C ALA YA 278 -35.32 -11.55 -87.07
N GLU YA 279 -36.36 -11.26 -87.87
CA GLU YA 279 -37.73 -11.73 -87.70
C GLU YA 279 -37.73 -13.25 -87.59
N LYS YA 280 -37.39 -13.92 -88.69
CA LYS YA 280 -37.62 -15.34 -88.83
C LYS YA 280 -36.31 -16.09 -88.87
N ALA YA 281 -35.19 -15.46 -88.50
CA ALA YA 281 -33.96 -16.23 -88.33
C ALA YA 281 -34.05 -17.10 -87.09
N TYR YA 282 -34.58 -16.44 -86.08
CA TYR YA 282 -34.89 -16.97 -84.77
C TYR YA 282 -35.84 -18.15 -84.87
N HIS YA 283 -36.79 -18.19 -85.81
CA HIS YA 283 -37.72 -19.31 -85.91
C HIS YA 283 -37.28 -20.39 -86.92
N GLU YA 284 -36.06 -20.30 -87.48
CA GLU YA 284 -35.77 -21.12 -88.66
C GLU YA 284 -34.36 -21.70 -88.53
N GLN YA 285 -34.27 -23.01 -88.75
CA GLN YA 285 -32.99 -23.66 -88.91
C GLN YA 285 -32.57 -23.49 -90.36
N LEU YA 286 -31.28 -23.25 -90.56
CA LEU YA 286 -30.75 -23.05 -91.89
C LEU YA 286 -29.72 -24.15 -92.09
N SER YA 287 -30.20 -25.29 -92.55
CA SER YA 287 -29.31 -26.41 -92.82
C SER YA 287 -29.11 -26.56 -94.32
N VAL YA 288 -28.04 -27.25 -94.68
CA VAL YA 288 -27.54 -27.42 -96.03
C VAL YA 288 -28.60 -28.03 -96.94
N ALA YA 289 -29.51 -28.80 -96.34
CA ALA YA 289 -30.59 -29.42 -97.09
C ALA YA 289 -31.56 -28.38 -97.65
N GLU YA 290 -31.79 -27.27 -96.93
CA GLU YA 290 -32.81 -26.33 -97.36
C GLU YA 290 -32.24 -25.06 -97.95
N ILE YA 291 -31.03 -24.68 -97.56
CA ILE YA 291 -30.43 -23.52 -98.20
C ILE YA 291 -30.18 -23.82 -99.68
N THR YA 292 -29.82 -25.07 -99.99
CA THR YA 292 -29.62 -25.44 -101.38
C THR YA 292 -30.94 -25.60 -102.12
N ASN YA 293 -32.06 -25.75 -101.38
CA ASN YA 293 -33.35 -25.80 -102.04
C ASN YA 293 -33.85 -24.37 -102.32
N SER YA 294 -33.60 -23.45 -101.37
CA SER YA 294 -33.97 -22.06 -101.55
C SER YA 294 -33.06 -21.37 -102.57
N ALA YA 295 -31.83 -21.89 -102.72
CA ALA YA 295 -30.89 -21.33 -103.68
C ALA YA 295 -31.43 -21.48 -105.11
N PHE YA 296 -32.04 -22.63 -105.43
CA PHE YA 296 -32.47 -22.92 -106.79
C PHE YA 296 -33.93 -22.52 -107.04
N GLU YA 297 -34.61 -22.00 -106.01
CA GLU YA 297 -36.06 -21.83 -106.06
C GLU YA 297 -36.41 -20.77 -107.10
N PRO YA 298 -37.34 -21.03 -108.06
CA PRO YA 298 -37.52 -20.17 -109.22
C PRO YA 298 -38.06 -18.76 -108.95
N ALA YA 299 -38.37 -18.44 -107.69
CA ALA YA 299 -38.68 -17.08 -107.29
C ALA YA 299 -37.70 -16.62 -106.22
N SER YA 300 -36.42 -17.02 -106.36
CA SER YA 300 -35.41 -16.59 -105.42
C SER YA 300 -34.14 -16.09 -106.10
N MET YA 301 -34.11 -16.11 -107.44
CA MET YA 301 -32.95 -15.54 -108.10
C MET YA 301 -33.09 -14.02 -108.19
N MET YA 302 -32.06 -13.37 -108.75
CA MET YA 302 -31.97 -11.92 -108.75
C MET YA 302 -32.15 -11.36 -110.16
N ALA YA 303 -33.06 -11.98 -110.94
CA ALA YA 303 -33.19 -11.66 -112.35
C ALA YA 303 -34.63 -11.46 -112.83
N LYS YA 304 -35.62 -12.04 -112.14
CA LYS YA 304 -36.98 -12.17 -112.67
C LYS YA 304 -36.90 -12.79 -114.06
N CYS YA 305 -36.55 -14.06 -114.05
CA CYS YA 305 -36.36 -14.87 -115.24
C CYS YA 305 -36.79 -16.27 -114.85
N ASP YA 306 -38.05 -16.59 -115.14
CA ASP YA 306 -38.70 -17.82 -114.70
C ASP YA 306 -37.98 -18.98 -115.39
N PRO YA 307 -37.15 -19.79 -114.68
CA PRO YA 307 -36.30 -20.76 -115.38
C PRO YA 307 -36.98 -22.08 -115.68
N ARG YA 308 -38.29 -22.17 -115.43
CA ARG YA 308 -39.09 -23.35 -115.74
C ARG YA 308 -39.08 -23.63 -117.24
N HIS YA 309 -39.09 -22.56 -118.03
CA HIS YA 309 -38.94 -22.64 -119.47
C HIS YA 309 -37.48 -22.43 -119.87
N GLY YA 310 -36.55 -22.82 -118.99
CA GLY YA 310 -35.12 -22.82 -119.32
C GLY YA 310 -34.48 -24.13 -118.90
N LYS YA 311 -33.32 -24.44 -119.50
CA LYS YA 311 -32.52 -25.59 -119.13
C LYS YA 311 -31.23 -25.08 -118.51
N TYR YA 312 -30.90 -25.65 -117.35
CA TYR YA 312 -29.65 -25.30 -116.70
C TYR YA 312 -28.47 -25.89 -117.48
N MET YA 313 -27.31 -25.27 -117.32
CA MET YA 313 -26.12 -25.76 -117.99
C MET YA 313 -24.93 -25.89 -117.04
N ALA YA 314 -24.73 -24.87 -116.20
CA ALA YA 314 -23.64 -24.84 -115.24
C ALA YA 314 -24.05 -24.05 -114.01
N CYS YA 315 -23.72 -24.57 -112.82
CA CYS YA 315 -24.08 -23.93 -111.56
C CYS YA 315 -22.86 -23.92 -110.65
N CYS YA 316 -22.57 -22.77 -110.04
CA CYS YA 316 -21.41 -22.65 -109.18
C CYS YA 316 -21.87 -22.14 -107.82
N LEU YA 317 -21.55 -22.90 -106.77
CA LEU YA 317 -22.05 -22.63 -105.44
C LEU YA 317 -20.88 -22.34 -104.51
N MET YA 318 -20.94 -21.23 -103.78
CA MET YA 318 -19.96 -20.97 -102.75
C MET YA 318 -20.63 -20.97 -101.40
N TYR YA 319 -20.79 -22.15 -100.82
CA TYR YA 319 -21.20 -22.24 -99.44
C TYR YA 319 -20.18 -21.54 -98.56
N ARG YA 320 -20.68 -20.86 -97.54
CA ARG YA 320 -19.80 -20.12 -96.65
C ARG YA 320 -20.24 -20.37 -95.22
N GLY YA 321 -19.28 -20.51 -94.30
CA GLY YA 321 -19.50 -20.75 -92.88
C GLY YA 321 -19.30 -22.23 -92.53
N ASP YA 322 -19.77 -22.69 -91.36
CA ASP YA 322 -19.49 -24.08 -90.96
C ASP YA 322 -20.35 -25.01 -91.81
N VAL YA 323 -19.82 -25.29 -93.01
CA VAL YA 323 -20.43 -26.28 -93.87
C VAL YA 323 -19.52 -27.51 -93.99
N VAL YA 324 -20.13 -28.69 -93.93
CA VAL YA 324 -19.38 -29.93 -94.05
C VAL YA 324 -19.54 -30.46 -95.48
N PRO YA 325 -18.48 -31.02 -96.11
CA PRO YA 325 -18.60 -31.49 -97.48
C PRO YA 325 -19.40 -32.78 -97.70
N LYS YA 326 -19.83 -33.45 -96.62
CA LYS YA 326 -20.68 -34.62 -96.76
C LYS YA 326 -22.06 -34.17 -97.29
N ASP YA 327 -22.76 -33.32 -96.54
CA ASP YA 327 -24.08 -32.88 -96.97
C ASP YA 327 -24.01 -31.83 -98.07
N VAL YA 328 -22.83 -31.31 -98.35
CA VAL YA 328 -22.62 -30.61 -99.61
C VAL YA 328 -22.84 -31.60 -100.75
N ASN YA 329 -22.25 -32.79 -100.63
CA ASN YA 329 -22.42 -33.82 -101.63
C ASN YA 329 -23.86 -34.34 -101.62
N ALA YA 330 -24.41 -34.56 -100.41
CA ALA YA 330 -25.71 -35.20 -100.27
C ALA YA 330 -26.84 -34.30 -100.76
N ALA YA 331 -26.82 -33.02 -100.39
CA ALA YA 331 -27.94 -32.14 -100.64
C ALA YA 331 -28.07 -31.80 -102.13
N VAL YA 332 -26.96 -31.80 -102.84
CA VAL YA 332 -27.02 -31.50 -104.27
C VAL YA 332 -27.46 -32.73 -105.05
N ALA YA 333 -27.29 -33.91 -104.47
CA ALA YA 333 -27.82 -35.12 -105.08
C ALA YA 333 -29.34 -35.12 -105.05
N THR YA 334 -29.94 -34.46 -104.05
CA THR YA 334 -31.39 -34.33 -103.96
C THR YA 334 -31.90 -33.53 -105.17
N ILE YA 335 -31.14 -32.51 -105.56
CA ILE YA 335 -31.60 -31.60 -106.59
C ILE YA 335 -31.57 -32.30 -107.94
N LYS YA 336 -30.58 -33.18 -108.16
CA LYS YA 336 -30.47 -33.93 -109.41
C LYS YA 336 -31.66 -34.88 -109.56
N THR YA 337 -32.11 -35.43 -108.43
CA THR YA 337 -33.17 -36.43 -108.43
C THR YA 337 -34.51 -35.81 -108.77
N LYS YA 338 -34.84 -34.62 -108.23
CA LYS YA 338 -36.13 -33.96 -108.44
C LYS YA 338 -36.29 -33.58 -109.93
N ARG YA 339 -37.53 -33.59 -110.45
CA ARG YA 339 -37.76 -33.36 -111.87
C ARG YA 339 -38.23 -31.95 -112.24
N THR YA 340 -38.22 -30.97 -111.33
CA THR YA 340 -38.57 -29.60 -111.73
C THR YA 340 -37.44 -28.88 -112.45
N ILE YA 341 -36.22 -29.37 -112.24
CA ILE YA 341 -35.02 -28.75 -112.81
C ILE YA 341 -34.37 -29.75 -113.77
N GLN YA 342 -34.06 -29.33 -115.01
CA GLN YA 342 -33.53 -30.26 -116.02
C GLN YA 342 -32.23 -29.72 -116.60
N PHE YA 343 -31.15 -30.45 -116.30
CA PHE YA 343 -29.89 -30.18 -116.98
C PHE YA 343 -29.97 -30.55 -118.44
N VAL YA 344 -29.12 -29.90 -119.24
CA VAL YA 344 -29.17 -30.08 -120.67
C VAL YA 344 -28.60 -31.44 -121.03
N ASP YA 345 -29.13 -31.94 -122.14
CA ASP YA 345 -28.80 -33.16 -122.87
C ASP YA 345 -27.29 -33.42 -123.00
N TRP YA 346 -26.48 -32.38 -123.22
CA TRP YA 346 -25.08 -32.59 -123.55
C TRP YA 346 -24.20 -32.43 -122.32
N CYS YA 347 -24.77 -32.01 -121.20
CA CYS YA 347 -23.97 -31.68 -120.03
C CYS YA 347 -24.37 -32.59 -118.89
N PRO YA 348 -23.70 -33.75 -118.68
CA PRO YA 348 -24.06 -34.60 -117.55
C PRO YA 348 -23.70 -33.99 -116.19
N THR YA 349 -22.55 -33.32 -116.10
CA THR YA 349 -22.09 -32.82 -114.82
C THR YA 349 -22.00 -31.29 -114.87
N GLY YA 350 -22.53 -30.63 -113.85
CA GLY YA 350 -22.71 -29.19 -113.99
C GLY YA 350 -22.82 -28.50 -112.63
N PHE YA 351 -22.12 -29.05 -111.64
CA PHE YA 351 -22.08 -28.40 -110.34
C PHE YA 351 -20.65 -28.13 -109.91
N LYS YA 352 -20.45 -26.95 -109.33
CA LYS YA 352 -19.20 -26.62 -108.67
C LYS YA 352 -19.51 -26.27 -107.23
N CYS YA 353 -18.70 -26.84 -106.32
CA CYS YA 353 -18.92 -26.64 -104.90
C CYS YA 353 -17.74 -25.85 -104.33
N GLY YA 354 -18.06 -24.74 -103.65
CA GLY YA 354 -17.05 -23.97 -102.96
C GLY YA 354 -17.43 -23.88 -101.49
N ILE YA 355 -16.44 -23.96 -100.60
CA ILE YA 355 -16.66 -23.79 -99.17
C ILE YA 355 -15.60 -22.83 -98.64
N ASN YA 356 -16.06 -21.80 -97.96
CA ASN YA 356 -15.21 -20.93 -97.19
C ASN YA 356 -15.54 -21.10 -95.70
N TYR YA 357 -14.56 -20.93 -94.84
CA TYR YA 357 -14.75 -21.20 -93.42
C TYR YA 357 -15.36 -20.03 -92.67
N GLN YA 358 -15.32 -18.84 -93.27
CA GLN YA 358 -15.74 -17.65 -92.56
C GLN YA 358 -17.27 -17.57 -92.61
N PRO YA 359 -17.93 -17.37 -91.43
CA PRO YA 359 -19.36 -17.08 -91.42
C PRO YA 359 -19.62 -15.76 -92.15
N PRO YA 360 -20.78 -15.60 -92.82
CA PRO YA 360 -21.15 -14.33 -93.44
C PRO YA 360 -21.25 -13.22 -92.41
N THR YA 361 -20.77 -12.03 -92.79
CA THR YA 361 -20.80 -10.88 -91.91
C THR YA 361 -22.05 -10.05 -92.17
N VAL YA 362 -22.49 -9.41 -91.06
CA VAL YA 362 -23.73 -8.66 -90.99
C VAL YA 362 -23.40 -7.25 -90.56
N VAL YA 363 -23.95 -6.29 -91.30
CA VAL YA 363 -23.71 -4.86 -91.08
C VAL YA 363 -24.56 -4.42 -89.90
N PRO YA 364 -24.06 -3.51 -89.02
CA PRO YA 364 -24.91 -2.92 -87.97
C PRO YA 364 -26.04 -2.08 -88.57
N GLY YA 365 -27.26 -2.32 -88.07
CA GLY YA 365 -28.45 -1.59 -88.54
C GLY YA 365 -29.03 -2.13 -89.84
N GLY YA 366 -28.34 -3.11 -90.43
CA GLY YA 366 -28.81 -3.71 -91.68
C GLY YA 366 -30.00 -4.63 -91.46
N ASP YA 367 -30.74 -4.89 -92.54
CA ASP YA 367 -31.89 -5.76 -92.39
C ASP YA 367 -31.54 -7.24 -92.62
N LEU YA 368 -30.33 -7.57 -93.09
CA LEU YA 368 -29.95 -8.98 -93.20
C LEU YA 368 -29.59 -9.53 -91.81
N ALA YA 369 -29.77 -10.84 -91.61
CA ALA YA 369 -29.52 -11.42 -90.30
C ALA YA 369 -28.25 -12.23 -90.26
N LYS YA 370 -27.79 -12.48 -89.02
CA LYS YA 370 -26.67 -13.33 -88.67
C LYS YA 370 -27.04 -14.77 -89.03
N VAL YA 371 -26.33 -15.38 -89.97
CA VAL YA 371 -26.64 -16.73 -90.41
C VAL YA 371 -25.36 -17.54 -90.38
N MET YA 372 -25.43 -18.81 -89.99
CA MET YA 372 -24.17 -19.52 -89.80
C MET YA 372 -23.64 -20.05 -91.12
N ARG YA 373 -24.54 -20.16 -92.12
CA ARG YA 373 -24.17 -20.72 -93.41
C ARG YA 373 -24.95 -20.00 -94.50
N ALA YA 374 -24.29 -19.64 -95.61
CA ALA YA 374 -24.93 -18.95 -96.71
C ALA YA 374 -24.36 -19.41 -98.04
N VAL YA 375 -25.16 -19.40 -99.10
CA VAL YA 375 -24.81 -19.90 -100.41
C VAL YA 375 -24.90 -18.74 -101.38
N CYS YA 376 -23.98 -18.69 -102.33
CA CYS YA 376 -24.11 -17.78 -103.44
C CYS YA 376 -24.08 -18.59 -104.73
N MET YA 377 -25.12 -18.44 -105.55
CA MET YA 377 -25.29 -19.27 -106.73
C MET YA 377 -25.18 -18.40 -107.98
N ILE YA 378 -24.39 -18.87 -108.95
CA ILE YA 378 -24.24 -18.20 -110.23
C ILE YA 378 -24.47 -19.23 -111.33
N SER YA 379 -25.47 -18.98 -112.17
CA SER YA 379 -25.94 -19.98 -113.10
C SER YA 379 -25.84 -19.49 -114.56
N ASN YA 380 -25.36 -20.37 -115.44
CA ASN YA 380 -25.77 -20.34 -116.84
C ASN YA 380 -27.16 -20.94 -116.95
N SER YA 381 -27.94 -20.50 -117.94
CA SER YA 381 -29.18 -21.16 -118.28
C SER YA 381 -29.53 -20.92 -119.74
N THR YA 382 -30.52 -21.66 -120.23
CA THR YA 382 -31.13 -21.34 -121.52
C THR YA 382 -32.36 -20.47 -121.33
N ALA YA 383 -32.61 -20.03 -120.09
CA ALA YA 383 -33.71 -19.12 -119.79
C ALA YA 383 -33.39 -17.66 -120.13
N ILE YA 384 -32.09 -17.35 -120.31
CA ILE YA 384 -31.65 -16.00 -120.65
C ILE YA 384 -32.26 -15.53 -121.97
N ALA YA 385 -32.52 -16.44 -122.92
CA ALA YA 385 -33.08 -16.10 -124.23
C ALA YA 385 -34.38 -15.30 -124.13
N GLU YA 386 -35.11 -15.50 -123.03
CA GLU YA 386 -36.38 -14.82 -122.86
C GLU YA 386 -36.19 -13.32 -122.63
N VAL YA 387 -35.07 -12.95 -121.99
CA VAL YA 387 -34.76 -11.55 -121.78
C VAL YA 387 -34.33 -10.94 -123.11
N PHE YA 388 -33.42 -11.62 -123.82
CA PHE YA 388 -32.84 -11.11 -125.04
C PHE YA 388 -33.89 -10.98 -126.14
N SER YA 389 -34.84 -11.91 -126.16
CA SER YA 389 -35.93 -11.87 -127.13
C SER YA 389 -36.84 -10.67 -126.88
N ARG YA 390 -37.10 -10.36 -125.60
CA ARG YA 390 -38.08 -9.35 -125.21
C ARG YA 390 -37.50 -7.94 -125.44
N MET YA 391 -36.20 -7.79 -125.15
CA MET YA 391 -35.55 -6.50 -125.40
C MET YA 391 -35.33 -6.28 -126.89
N ASP YA 392 -35.17 -7.38 -127.65
CA ASP YA 392 -35.21 -7.31 -129.10
C ASP YA 392 -36.60 -6.87 -129.56
N HIS YA 393 -37.62 -7.31 -128.82
CA HIS YA 393 -38.98 -6.93 -129.17
C HIS YA 393 -39.27 -5.47 -128.78
N LYS YA 394 -38.60 -4.99 -127.72
CA LYS YA 394 -38.71 -3.58 -127.33
C LYS YA 394 -37.98 -2.65 -128.28
N PHE YA 395 -37.03 -3.18 -129.06
CA PHE YA 395 -36.22 -2.34 -129.94
C PHE YA 395 -36.93 -2.12 -131.27
N ASP YA 396 -37.39 -3.22 -131.87
CA ASP YA 396 -37.87 -3.20 -133.25
C ASP YA 396 -39.23 -2.50 -133.36
N LEU YA 397 -39.95 -2.31 -132.25
CA LEU YA 397 -41.19 -1.55 -132.31
C LEU YA 397 -40.93 -0.04 -132.21
N MET YA 398 -39.96 0.40 -131.37
CA MET YA 398 -39.57 1.80 -131.32
C MET YA 398 -38.99 2.25 -132.68
N TYR YA 399 -38.06 1.43 -133.21
CA TYR YA 399 -37.32 1.74 -134.43
C TYR YA 399 -38.19 1.58 -135.67
N ALA YA 400 -39.37 0.95 -135.55
CA ALA YA 400 -40.22 0.65 -136.70
C ALA YA 400 -40.61 1.92 -137.46
N LYS YA 401 -40.84 3.03 -136.74
CA LYS YA 401 -40.88 4.33 -137.39
C LYS YA 401 -40.05 5.35 -136.62
N ARG YA 402 -38.97 4.85 -135.98
CA ARG YA 402 -37.80 5.65 -135.66
C ARG YA 402 -38.13 6.78 -134.68
N ALA YA 403 -38.57 6.40 -133.48
CA ALA YA 403 -38.72 7.34 -132.37
C ALA YA 403 -37.38 7.53 -131.66
N PHE YA 404 -37.16 8.77 -131.16
CA PHE YA 404 -36.02 9.15 -130.32
C PHE YA 404 -34.67 9.04 -131.05
N VAL YA 405 -34.68 8.66 -132.33
CA VAL YA 405 -33.48 8.41 -133.12
C VAL YA 405 -32.64 9.67 -133.26
N HIS YA 406 -33.32 10.80 -133.39
CA HIS YA 406 -32.72 12.03 -133.89
C HIS YA 406 -31.76 12.67 -132.87
N TRP YA 407 -31.73 12.17 -131.63
CA TRP YA 407 -30.73 12.61 -130.66
C TRP YA 407 -29.53 11.65 -130.62
N TYR YA 408 -29.77 10.41 -131.08
CA TYR YA 408 -28.70 9.46 -131.28
C TYR YA 408 -27.93 9.81 -132.55
N VAL YA 409 -28.68 10.11 -133.63
CA VAL YA 409 -28.13 10.48 -134.93
C VAL YA 409 -27.41 11.81 -134.80
N GLY YA 410 -28.07 12.77 -134.12
CA GLY YA 410 -27.60 14.14 -134.01
C GLY YA 410 -26.31 14.28 -133.19
N GLU YA 411 -26.00 13.29 -132.35
CA GLU YA 411 -24.91 13.44 -131.40
C GLU YA 411 -23.58 12.91 -131.96
N GLY YA 412 -23.65 11.95 -132.89
CA GLY YA 412 -22.45 11.56 -133.60
C GLY YA 412 -22.42 10.08 -133.99
N MET YA 413 -23.49 9.34 -133.63
CA MET YA 413 -23.60 7.94 -134.02
C MET YA 413 -23.93 7.84 -135.51
N GLU YA 414 -24.07 6.59 -135.98
CA GLU YA 414 -24.42 6.35 -137.36
C GLU YA 414 -25.84 5.83 -137.45
N GLU YA 415 -26.25 5.59 -138.70
CA GLU YA 415 -27.54 4.99 -138.99
C GLU YA 415 -27.31 3.68 -139.72
N GLY YA 416 -28.04 2.65 -139.26
CA GLY YA 416 -27.73 1.29 -139.64
C GLY YA 416 -26.73 0.66 -138.68
N GLU YA 417 -26.07 1.51 -137.85
CA GLU YA 417 -25.30 1.03 -136.71
C GLU YA 417 -26.22 0.35 -135.70
N PHE YA 418 -27.44 0.91 -135.55
CA PHE YA 418 -28.48 0.27 -134.78
C PHE YA 418 -28.90 -1.06 -135.43
N SER YA 419 -28.93 -1.07 -136.77
CA SER YA 419 -29.39 -2.23 -137.53
C SER YA 419 -28.43 -3.40 -137.33
N GLU YA 420 -27.11 -3.14 -137.43
CA GLU YA 420 -26.10 -4.17 -137.28
C GLU YA 420 -26.04 -4.71 -135.85
N ALA YA 421 -26.20 -3.80 -134.87
CA ALA YA 421 -26.11 -4.20 -133.46
C ALA YA 421 -27.30 -5.07 -133.09
N ARG YA 422 -28.46 -4.76 -133.66
CA ARG YA 422 -29.63 -5.61 -133.47
C ARG YA 422 -29.43 -6.93 -134.17
N GLU YA 423 -28.68 -6.94 -135.27
CA GLU YA 423 -28.30 -8.19 -135.90
C GLU YA 423 -27.27 -8.95 -135.05
N ASP YA 424 -26.52 -8.22 -134.21
CA ASP YA 424 -25.69 -8.91 -133.22
C ASP YA 424 -26.58 -9.62 -132.19
N LEU YA 425 -27.61 -8.92 -131.66
CA LEU YA 425 -28.53 -9.48 -130.69
C LEU YA 425 -29.30 -10.62 -131.33
N ALA YA 426 -29.65 -10.46 -132.61
CA ALA YA 426 -30.34 -11.50 -133.34
C ALA YA 426 -29.48 -12.77 -133.36
N ALA YA 427 -28.15 -12.57 -133.53
CA ALA YA 427 -27.24 -13.71 -133.54
C ALA YA 427 -27.14 -14.34 -132.13
N LEU YA 428 -27.15 -13.47 -131.11
CA LEU YA 428 -26.95 -13.92 -129.73
C LEU YA 428 -28.16 -14.70 -129.22
N GLU YA 429 -29.37 -14.30 -129.63
CA GLU YA 429 -30.57 -14.94 -129.11
C GLU YA 429 -30.77 -16.30 -129.79
N LYS YA 430 -30.42 -16.38 -131.10
CA LYS YA 430 -30.57 -17.64 -131.82
C LYS YA 430 -29.51 -18.64 -131.37
N ASP YA 431 -28.37 -18.14 -130.88
CA ASP YA 431 -27.30 -18.98 -130.37
C ASP YA 431 -27.76 -19.79 -129.16
N TYR YA 432 -28.41 -19.10 -128.20
CA TYR YA 432 -28.88 -19.74 -126.97
C TYR YA 432 -29.91 -20.83 -127.27
N GLU YA 433 -30.64 -20.61 -128.37
CA GLU YA 433 -31.74 -21.52 -128.64
C GLU YA 433 -31.26 -22.84 -129.24
N GLU YA 434 -30.23 -22.76 -130.09
CA GLU YA 434 -29.66 -23.94 -130.73
C GLU YA 434 -28.79 -24.77 -129.78
N VAL YA 435 -28.42 -24.20 -128.62
CA VAL YA 435 -27.71 -24.95 -127.59
C VAL YA 435 -28.63 -26.00 -126.95
N GLY YA 436 -29.85 -25.59 -126.59
CA GLY YA 436 -30.64 -26.22 -125.53
C GLY YA 436 -31.40 -27.50 -125.85
N ILE YA 437 -31.13 -28.13 -127.00
CA ILE YA 437 -31.91 -29.29 -127.41
C ILE YA 437 -31.05 -30.56 -127.41
N MET ZA 1 -18.72 24.98 -113.01
CA MET ZA 1 -19.75 24.10 -112.35
C MET ZA 1 -21.01 23.97 -113.21
N ARG ZA 2 -22.18 24.23 -112.60
CA ARG ZA 2 -23.46 24.01 -113.27
C ARG ZA 2 -24.48 25.08 -112.84
N GLU ZA 3 -24.54 26.18 -113.61
CA GLU ZA 3 -25.38 27.32 -113.27
C GLU ZA 3 -26.46 27.51 -114.34
N ILE ZA 4 -27.64 27.93 -113.88
CA ILE ZA 4 -28.73 28.33 -114.76
C ILE ZA 4 -28.87 29.84 -114.69
N VAL ZA 5 -28.93 30.42 -115.87
CA VAL ZA 5 -29.04 31.85 -116.01
C VAL ZA 5 -30.51 32.14 -116.31
N HIS ZA 6 -31.05 33.11 -115.58
CA HIS ZA 6 -32.47 33.42 -115.59
C HIS ZA 6 -32.74 34.71 -116.37
N VAL ZA 7 -33.76 34.67 -117.24
CA VAL ZA 7 -34.15 35.80 -118.07
C VAL ZA 7 -35.63 36.04 -117.87
N GLN ZA 8 -35.98 37.19 -117.34
CA GLN ZA 8 -37.39 37.51 -117.14
C GLN ZA 8 -37.73 38.73 -117.98
N GLY ZA 9 -38.60 38.50 -118.96
CA GLY ZA 9 -39.06 39.55 -119.86
C GLY ZA 9 -40.58 39.65 -119.83
N GLY ZA 10 -41.06 40.86 -120.12
CA GLY ZA 10 -42.49 41.10 -120.19
C GLY ZA 10 -43.07 41.52 -118.84
N GLN ZA 11 -44.26 42.10 -118.96
CA GLN ZA 11 -45.10 42.54 -117.86
C GLN ZA 11 -45.38 41.34 -116.96
N CYS ZA 12 -45.70 40.18 -117.55
CA CYS ZA 12 -46.08 39.02 -116.75
C CYS ZA 12 -44.81 38.46 -116.12
N GLY ZA 13 -43.74 38.42 -116.92
CA GLY ZA 13 -42.48 37.72 -116.59
C GLY ZA 13 -41.83 38.29 -115.34
N ASN ZA 14 -41.86 39.63 -115.19
CA ASN ZA 14 -41.03 40.24 -114.14
C ASN ZA 14 -41.69 40.09 -112.78
N GLN ZA 15 -43.03 39.89 -112.79
CA GLN ZA 15 -43.66 39.68 -111.48
C GLN ZA 15 -43.77 38.19 -111.14
N ILE ZA 16 -43.93 37.34 -112.16
CA ILE ZA 16 -43.94 35.90 -111.93
C ILE ZA 16 -42.54 35.44 -111.52
N GLY ZA 17 -41.54 36.19 -111.95
CA GLY ZA 17 -40.18 35.93 -111.54
C GLY ZA 17 -39.78 36.64 -110.25
N ALA ZA 18 -40.54 37.70 -109.87
CA ALA ZA 18 -40.33 38.36 -108.59
C ALA ZA 18 -40.65 37.37 -107.46
N LYS ZA 19 -41.65 36.52 -107.71
CA LYS ZA 19 -42.03 35.48 -106.79
C LYS ZA 19 -41.07 34.29 -106.82
N PHE ZA 20 -40.28 34.17 -107.88
CA PHE ZA 20 -39.38 33.03 -107.99
C PHE ZA 20 -38.23 33.15 -106.99
N TRP ZA 21 -37.48 34.24 -107.09
CA TRP ZA 21 -36.39 34.51 -106.14
C TRP ZA 21 -36.92 34.84 -104.76
N GLU ZA 22 -38.22 35.12 -104.70
CA GLU ZA 22 -38.91 35.19 -103.42
C GLU ZA 22 -38.89 33.83 -102.73
N VAL ZA 23 -39.24 32.79 -103.49
CA VAL ZA 23 -39.45 31.48 -102.88
C VAL ZA 23 -38.14 30.67 -102.85
N ILE ZA 24 -37.26 30.91 -103.83
CA ILE ZA 24 -36.02 30.16 -103.86
C ILE ZA 24 -35.10 30.60 -102.73
N SER ZA 25 -35.10 31.90 -102.43
CA SER ZA 25 -34.18 32.48 -101.45
C SER ZA 25 -34.43 31.93 -100.05
N ASP ZA 26 -35.70 31.81 -99.65
CA ASP ZA 26 -36.01 31.32 -98.32
C ASP ZA 26 -36.26 29.81 -98.31
N GLU ZA 27 -36.21 29.16 -99.48
CA GLU ZA 27 -36.12 27.70 -99.48
C GLU ZA 27 -34.65 27.29 -99.27
N HIS ZA 28 -33.75 28.09 -99.84
CA HIS ZA 28 -32.33 27.96 -99.57
C HIS ZA 28 -31.90 28.62 -98.26
N GLY ZA 29 -32.63 29.67 -97.80
CA GLY ZA 29 -32.26 30.36 -96.57
C GLY ZA 29 -31.33 31.56 -96.78
N ILE ZA 30 -31.79 32.50 -97.62
CA ILE ZA 30 -31.08 33.76 -97.82
C ILE ZA 30 -32.06 34.90 -97.59
N ASP ZA 31 -31.62 35.85 -96.74
CA ASP ZA 31 -32.36 37.05 -96.35
C ASP ZA 31 -32.53 37.98 -97.56
N PRO ZA 32 -33.43 38.99 -97.50
CA PRO ZA 32 -33.42 40.10 -98.46
C PRO ZA 32 -32.11 40.89 -98.57
N THR ZA 33 -31.34 40.92 -97.47
CA THR ZA 33 -30.04 41.59 -97.44
C THR ZA 33 -28.98 40.83 -98.24
N GLY ZA 34 -29.27 39.56 -98.57
CA GLY ZA 34 -28.38 38.74 -99.37
C GLY ZA 34 -27.61 37.72 -98.54
N THR ZA 35 -27.50 37.95 -97.23
CA THR ZA 35 -26.71 37.07 -96.38
C THR ZA 35 -27.41 35.74 -96.16
N TYR ZA 36 -26.61 34.70 -95.88
CA TYR ZA 36 -27.16 33.38 -95.60
C TYR ZA 36 -27.43 33.27 -94.10
N CYS ZA 37 -28.50 32.53 -93.79
CA CYS ZA 37 -28.72 32.04 -92.45
C CYS ZA 37 -29.45 30.72 -92.56
N GLY ZA 38 -29.00 29.77 -91.72
CA GLY ZA 38 -29.63 28.47 -91.65
C GLY ZA 38 -28.69 27.30 -91.48
N ASP ZA 39 -27.37 27.54 -91.42
CA ASP ZA 39 -26.29 26.65 -90.98
C ASP ZA 39 -26.51 25.15 -91.24
N SER ZA 40 -27.06 24.82 -92.42
CA SER ZA 40 -27.26 23.45 -92.87
C SER ZA 40 -26.61 23.27 -94.24
N ASP ZA 41 -25.74 22.27 -94.29
CA ASP ZA 41 -24.80 22.12 -95.38
C ASP ZA 41 -25.48 21.84 -96.70
N LEU ZA 42 -26.67 21.20 -96.71
CA LEU ZA 42 -27.32 20.87 -97.98
C LEU ZA 42 -27.67 22.12 -98.77
N GLN ZA 43 -28.12 23.12 -98.02
CA GLN ZA 43 -28.66 24.31 -98.64
C GLN ZA 43 -27.55 25.13 -99.29
N LEU ZA 44 -26.29 24.93 -98.87
CA LEU ZA 44 -25.20 25.81 -99.27
C LEU ZA 44 -24.36 25.20 -100.39
N GLU ZA 45 -24.05 23.91 -100.28
CA GLU ZA 45 -23.05 23.27 -101.14
C GLU ZA 45 -23.54 23.26 -102.60
N ARG ZA 46 -24.85 23.47 -102.80
CA ARG ZA 46 -25.39 23.62 -104.13
C ARG ZA 46 -26.25 24.87 -104.13
N ILE ZA 47 -25.56 26.02 -104.18
CA ILE ZA 47 -26.18 27.32 -104.27
C ILE ZA 47 -25.74 28.00 -105.56
N ASN ZA 48 -24.60 27.60 -106.12
CA ASN ZA 48 -24.05 28.27 -107.27
C ASN ZA 48 -24.81 27.89 -108.55
N VAL ZA 49 -25.91 27.13 -108.43
CA VAL ZA 49 -26.77 26.91 -109.57
C VAL ZA 49 -27.46 28.22 -109.91
N PHE ZA 50 -27.79 29.02 -108.89
CA PHE ZA 50 -28.57 30.21 -109.09
C PHE ZA 50 -27.93 31.48 -108.52
N TYR ZA 51 -26.93 31.39 -107.65
CA TYR ZA 51 -26.37 32.57 -106.98
C TYR ZA 51 -24.89 32.75 -107.28
N ASN ZA 52 -24.43 34.01 -107.25
CA ASN ZA 52 -23.04 34.38 -107.49
C ASN ZA 52 -22.57 35.26 -106.35
N GLU ZA 53 -21.36 35.03 -105.84
CA GLU ZA 53 -20.86 35.74 -104.66
C GLU ZA 53 -20.38 37.14 -105.05
N ALA ZA 54 -20.48 38.09 -104.11
CA ALA ZA 54 -20.00 39.45 -104.29
C ALA ZA 54 -19.04 39.92 -103.18
N THR ZA 55 -18.26 38.99 -102.60
CA THR ZA 55 -17.12 39.22 -101.70
C THR ZA 55 -17.44 39.97 -100.40
N GLY ZA 56 -18.70 40.36 -100.21
CA GLY ZA 56 -19.18 40.70 -98.88
C GLY ZA 56 -19.72 39.45 -98.18
N GLY ZA 57 -19.60 38.31 -98.87
CA GLY ZA 57 -20.21 37.06 -98.42
C GLY ZA 57 -21.69 36.99 -98.76
N ARG ZA 58 -22.23 38.07 -99.36
CA ARG ZA 58 -23.63 38.17 -99.73
C ARG ZA 58 -23.80 37.85 -101.21
N PHE ZA 59 -24.92 37.21 -101.58
CA PHE ZA 59 -25.12 36.70 -102.91
C PHE ZA 59 -25.79 37.74 -103.80
N VAL ZA 60 -25.77 37.42 -105.10
CA VAL ZA 60 -26.51 38.13 -106.13
C VAL ZA 60 -27.14 37.07 -107.02
N PRO ZA 61 -28.46 37.09 -107.23
CA PRO ZA 61 -29.06 36.20 -108.21
C PRO ZA 61 -28.51 36.40 -109.63
N ARG ZA 62 -28.35 35.28 -110.35
CA ARG ZA 62 -28.07 35.32 -111.77
C ARG ZA 62 -29.38 35.45 -112.54
N ALA ZA 63 -30.00 36.62 -112.44
CA ALA ZA 63 -31.20 36.93 -113.22
C ALA ZA 63 -30.99 38.26 -113.93
N ILE ZA 64 -31.51 38.32 -115.16
CA ILE ZA 64 -31.53 39.53 -115.95
C ILE ZA 64 -32.99 39.96 -116.09
N LEU ZA 65 -33.27 41.16 -115.62
CA LEU ZA 65 -34.63 41.69 -115.64
C LEU ZA 65 -34.72 42.68 -116.78
N MET ZA 66 -35.63 42.47 -117.73
CA MET ZA 66 -35.56 43.18 -119.00
C MET ZA 66 -36.96 43.38 -119.57
N ASP ZA 67 -37.38 44.64 -119.67
CA ASP ZA 67 -38.67 45.03 -120.24
C ASP ZA 67 -38.53 46.46 -120.72
N LEU ZA 68 -39.41 46.86 -121.64
CA LEU ZA 68 -39.32 48.13 -122.32
C LEU ZA 68 -40.20 49.22 -121.67
N GLU ZA 69 -40.72 48.98 -120.47
CA GLU ZA 69 -41.52 49.99 -119.79
C GLU ZA 69 -40.97 50.14 -118.38
N PRO ZA 70 -40.58 51.37 -117.97
CA PRO ZA 70 -39.79 51.53 -116.74
C PRO ZA 70 -40.58 51.38 -115.44
N GLY ZA 71 -41.92 51.32 -115.53
CA GLY ZA 71 -42.75 51.25 -114.34
C GLY ZA 71 -42.62 49.92 -113.59
N THR ZA 72 -42.56 48.84 -114.39
CA THR ZA 72 -42.59 47.48 -113.91
C THR ZA 72 -41.29 47.20 -113.16
N MET ZA 73 -40.17 47.77 -113.60
CA MET ZA 73 -38.90 47.58 -112.92
C MET ZA 73 -38.89 48.28 -111.56
N ASP ZA 74 -39.39 49.52 -111.50
CA ASP ZA 74 -39.45 50.28 -110.26
C ASP ZA 74 -40.39 49.62 -109.26
N SER ZA 75 -41.37 48.87 -109.81
CA SER ZA 75 -42.24 48.04 -109.00
C SER ZA 75 -41.43 46.93 -108.33
N VAL ZA 76 -40.46 46.39 -109.06
CA VAL ZA 76 -39.66 45.28 -108.57
C VAL ZA 76 -38.67 45.76 -107.52
N ARG ZA 77 -38.13 46.98 -107.65
CA ARG ZA 77 -37.34 47.59 -106.59
C ARG ZA 77 -38.19 47.70 -105.32
N ALA ZA 78 -39.38 48.30 -105.46
CA ALA ZA 78 -40.17 48.69 -104.31
C ALA ZA 78 -40.71 47.47 -103.54
N GLY ZA 79 -40.88 46.37 -104.27
CA GLY ZA 79 -41.31 45.12 -103.66
C GLY ZA 79 -40.18 44.49 -102.85
N PRO ZA 80 -40.49 43.51 -102.00
CA PRO ZA 80 -39.46 42.79 -101.27
C PRO ZA 80 -38.76 41.77 -102.17
N PHE ZA 81 -37.60 41.31 -101.67
CA PHE ZA 81 -36.63 40.53 -102.40
C PHE ZA 81 -36.34 41.18 -103.74
N GLY ZA 82 -36.17 42.50 -103.70
CA GLY ZA 82 -35.97 43.30 -104.88
C GLY ZA 82 -34.57 43.87 -104.93
N GLN ZA 83 -33.90 44.00 -103.78
CA GLN ZA 83 -32.55 44.57 -103.85
C GLN ZA 83 -31.55 43.44 -103.99
N LEU ZA 84 -32.02 42.19 -104.19
CA LEU ZA 84 -31.11 41.08 -104.48
C LEU ZA 84 -30.43 41.29 -105.83
N PHE ZA 85 -31.21 41.80 -106.78
CA PHE ZA 85 -30.73 42.07 -108.13
C PHE ZA 85 -29.76 43.25 -108.13
N ARG ZA 86 -29.21 43.54 -109.31
CA ARG ZA 86 -28.21 44.58 -109.44
C ARG ZA 86 -28.68 45.62 -110.44
N PRO ZA 87 -28.30 46.90 -110.24
CA PRO ZA 87 -28.58 47.95 -111.22
C PRO ZA 87 -28.03 47.64 -112.63
N ASP ZA 88 -26.91 46.92 -112.67
CA ASP ZA 88 -26.28 46.46 -113.90
C ASP ZA 88 -27.21 45.49 -114.62
N ASN ZA 89 -27.84 44.61 -113.83
CA ASN ZA 89 -28.71 43.58 -114.37
C ASN ZA 89 -30.05 44.17 -114.81
N PHE ZA 90 -30.47 45.26 -114.14
CA PHE ZA 90 -31.68 45.96 -114.53
C PHE ZA 90 -31.45 46.59 -115.89
N VAL ZA 91 -32.15 46.06 -116.91
CA VAL ZA 91 -32.13 46.68 -118.23
C VAL ZA 91 -33.55 47.12 -118.58
N PHE ZA 92 -33.70 48.40 -118.91
CA PHE ZA 92 -35.02 48.99 -119.05
C PHE ZA 92 -35.33 49.20 -120.53
N GLY ZA 93 -36.46 49.89 -120.73
CA GLY ZA 93 -36.77 50.60 -121.94
C GLY ZA 93 -37.68 51.76 -121.58
N GLN ZA 94 -37.55 52.77 -122.44
CA GLN ZA 94 -38.24 54.02 -122.25
C GLN ZA 94 -39.19 54.30 -123.41
N THR ZA 95 -39.60 53.25 -124.15
CA THR ZA 95 -40.63 53.42 -125.16
C THR ZA 95 -41.90 52.63 -124.84
N GLY ZA 96 -41.75 51.33 -124.59
CA GLY ZA 96 -42.86 50.47 -124.24
C GLY ZA 96 -43.51 49.86 -125.48
N ALA ZA 97 -43.37 48.55 -125.65
CA ALA ZA 97 -44.00 47.86 -126.77
C ALA ZA 97 -45.46 47.65 -126.43
N GLY ZA 98 -46.34 48.51 -126.94
CA GLY ZA 98 -47.70 48.43 -126.44
C GLY ZA 98 -48.49 47.22 -126.97
N ASN ZA 99 -48.11 46.02 -126.52
CA ASN ZA 99 -48.77 44.78 -126.89
C ASN ZA 99 -48.77 44.59 -128.42
N ASN ZA 100 -47.70 45.11 -129.02
CA ASN ZA 100 -47.51 45.03 -130.46
C ASN ZA 100 -46.34 44.09 -130.69
N TRP ZA 101 -46.65 42.88 -131.20
CA TRP ZA 101 -45.64 41.86 -131.37
C TRP ZA 101 -44.59 42.32 -132.38
N ALA ZA 102 -45.04 43.02 -133.44
CA ALA ZA 102 -44.15 43.45 -134.50
C ALA ZA 102 -43.05 44.39 -134.00
N LYS ZA 103 -43.50 45.45 -133.32
CA LYS ZA 103 -42.55 46.41 -132.80
C LYS ZA 103 -41.90 45.90 -131.51
N GLY ZA 104 -42.53 44.87 -130.90
CA GLY ZA 104 -41.85 44.12 -129.85
C GLY ZA 104 -40.61 43.43 -130.42
N HIS ZA 105 -40.81 42.74 -131.55
CA HIS ZA 105 -39.75 41.90 -132.11
C HIS ZA 105 -38.71 42.74 -132.86
N TYR ZA 106 -39.12 43.39 -133.94
CA TYR ZA 106 -38.11 43.78 -134.93
C TYR ZA 106 -37.46 45.10 -134.57
N THR ZA 107 -38.30 46.13 -134.70
CA THR ZA 107 -37.79 47.48 -134.78
C THR ZA 107 -37.43 47.99 -133.38
N GLU ZA 108 -38.44 48.13 -132.50
CA GLU ZA 108 -38.12 48.67 -131.18
C GLU ZA 108 -37.35 47.65 -130.35
N GLY ZA 109 -37.54 46.37 -130.64
CA GLY ZA 109 -36.79 45.34 -129.93
C GLY ZA 109 -35.28 45.34 -130.18
N ALA ZA 110 -34.87 45.83 -131.37
CA ALA ZA 110 -33.46 45.84 -131.75
C ALA ZA 110 -32.58 46.72 -130.82
N GLU ZA 111 -33.09 47.84 -130.31
CA GLU ZA 111 -32.30 48.83 -129.59
C GLU ZA 111 -31.89 48.39 -128.19
N LEU ZA 112 -32.44 47.27 -127.71
CA LEU ZA 112 -32.03 46.75 -126.41
C LEU ZA 112 -31.33 45.38 -126.51
N ILE ZA 113 -31.28 44.80 -127.71
CA ILE ZA 113 -30.57 43.53 -127.91
C ILE ZA 113 -29.08 43.67 -127.56
N ASP ZA 114 -28.47 44.84 -127.84
CA ASP ZA 114 -27.05 45.02 -127.53
C ASP ZA 114 -26.80 44.92 -126.04
N SER ZA 115 -27.73 45.52 -125.27
CA SER ZA 115 -27.55 45.58 -123.83
C SER ZA 115 -27.87 44.23 -123.20
N VAL ZA 116 -28.92 43.57 -123.68
CA VAL ZA 116 -29.34 42.34 -123.04
C VAL ZA 116 -28.39 41.19 -123.41
N LEU ZA 117 -27.82 41.22 -124.62
CA LEU ZA 117 -26.85 40.22 -125.06
C LEU ZA 117 -25.55 40.42 -124.27
N ASP ZA 118 -25.24 41.67 -123.94
CA ASP ZA 118 -24.00 41.97 -123.28
C ASP ZA 118 -24.02 41.50 -121.82
N VAL ZA 119 -25.17 41.65 -121.17
CA VAL ZA 119 -25.28 41.28 -119.76
C VAL ZA 119 -25.26 39.75 -119.67
N VAL ZA 120 -26.00 39.09 -120.57
CA VAL ZA 120 -26.08 37.64 -120.54
C VAL ZA 120 -24.73 37.00 -120.86
N ARG ZA 121 -23.94 37.67 -121.71
CA ARG ZA 121 -22.60 37.20 -122.01
C ARG ZA 121 -21.71 37.32 -120.77
N LYS ZA 122 -21.91 38.39 -119.99
CA LYS ZA 122 -21.13 38.63 -118.79
C LYS ZA 122 -21.37 37.53 -117.75
N GLU ZA 123 -22.63 37.12 -117.59
CA GLU ZA 123 -23.00 36.09 -116.63
C GLU ZA 123 -22.58 34.70 -117.12
N ALA ZA 124 -22.71 34.46 -118.45
CA ALA ZA 124 -22.53 33.13 -119.01
C ALA ZA 124 -21.07 32.70 -118.96
N GLU ZA 125 -20.16 33.66 -119.17
CA GLU ZA 125 -18.75 33.34 -119.28
C GLU ZA 125 -18.03 33.57 -117.95
N GLY ZA 126 -18.75 34.03 -116.92
CA GLY ZA 126 -18.22 34.13 -115.55
C GLY ZA 126 -17.70 32.79 -115.00
N CYS ZA 127 -18.48 31.72 -115.18
CA CYS ZA 127 -18.24 30.44 -114.51
C CYS ZA 127 -17.32 29.57 -115.38
N ASP ZA 128 -17.21 28.28 -115.09
CA ASP ZA 128 -16.46 27.34 -115.93
C ASP ZA 128 -17.16 27.17 -117.29
N CYS ZA 129 -18.28 26.45 -117.28
CA CYS ZA 129 -19.36 26.57 -118.26
C CYS ZA 129 -20.68 26.29 -117.57
N LEU ZA 130 -21.73 26.76 -118.26
CA LEU ZA 130 -23.07 26.67 -117.72
C LEU ZA 130 -23.85 25.50 -118.32
N GLN ZA 131 -25.07 25.33 -117.83
CA GLN ZA 131 -25.97 24.30 -118.30
C GLN ZA 131 -27.01 24.89 -119.24
N GLY ZA 132 -27.79 25.87 -118.76
CA GLY ZA 132 -28.93 26.30 -119.53
C GLY ZA 132 -29.56 27.59 -119.04
N PHE ZA 133 -30.71 27.89 -119.64
CA PHE ZA 133 -31.42 29.14 -119.45
C PHE ZA 133 -32.85 28.86 -119.07
N GLN ZA 134 -33.44 29.77 -118.30
CA GLN ZA 134 -34.88 29.72 -118.13
C GLN ZA 134 -35.47 31.08 -118.38
N ILE ZA 135 -36.50 31.14 -119.23
CA ILE ZA 135 -37.08 32.36 -119.74
C ILE ZA 135 -38.55 32.43 -119.30
N THR ZA 136 -38.88 33.43 -118.48
CA THR ZA 136 -40.23 33.57 -117.96
C THR ZA 136 -40.89 34.74 -118.67
N HIS ZA 137 -42.00 34.47 -119.35
CA HIS ZA 137 -42.64 35.48 -120.16
C HIS ZA 137 -44.09 35.06 -120.41
N SER ZA 138 -44.75 35.82 -121.30
CA SER ZA 138 -46.17 35.61 -121.60
C SER ZA 138 -46.33 35.53 -123.12
N LEU ZA 139 -47.16 34.59 -123.59
CA LEU ZA 139 -47.42 34.48 -125.02
C LEU ZA 139 -48.63 35.31 -125.43
N GLY ZA 140 -49.03 36.26 -124.59
CA GLY ZA 140 -50.16 37.14 -124.83
C GLY ZA 140 -49.74 38.57 -125.14
N GLY ZA 141 -48.79 39.08 -124.37
CA GLY ZA 141 -48.41 40.49 -124.43
C GLY ZA 141 -47.51 40.79 -125.62
N GLY ZA 142 -46.86 41.94 -125.56
CA GLY ZA 142 -46.04 42.37 -126.68
C GLY ZA 142 -44.57 42.28 -126.36
N THR ZA 143 -44.21 42.77 -125.17
CA THR ZA 143 -42.83 42.76 -124.74
C THR ZA 143 -42.37 41.34 -124.40
N GLY ZA 144 -43.27 40.60 -123.72
CA GLY ZA 144 -42.98 39.25 -123.29
C GLY ZA 144 -42.94 38.26 -124.46
N SER ZA 145 -43.62 38.59 -125.57
CA SER ZA 145 -43.92 37.60 -126.59
C SER ZA 145 -43.12 37.81 -127.88
N GLY ZA 146 -42.82 39.06 -128.21
CA GLY ZA 146 -41.99 39.35 -129.37
C GLY ZA 146 -40.57 39.73 -128.97
N MET ZA 147 -40.49 40.65 -128.02
CA MET ZA 147 -39.21 41.21 -127.57
C MET ZA 147 -38.45 40.17 -126.75
N GLY ZA 148 -39.16 39.47 -125.85
CA GLY ZA 148 -38.58 38.40 -125.05
C GLY ZA 148 -38.11 37.23 -125.91
N THR ZA 149 -38.91 36.92 -126.94
CA THR ZA 149 -38.65 35.77 -127.80
C THR ZA 149 -37.54 36.12 -128.79
N LEU ZA 150 -37.26 37.41 -129.01
CA LEU ZA 150 -36.11 37.78 -129.81
C LEU ZA 150 -34.81 37.45 -129.08
N LEU ZA 151 -34.81 37.58 -127.74
CA LEU ZA 151 -33.70 37.13 -126.92
C LEU ZA 151 -33.50 35.62 -127.08
N ILE ZA 152 -34.60 34.89 -127.30
CA ILE ZA 152 -34.51 33.46 -127.50
C ILE ZA 152 -33.69 33.16 -128.77
N SER ZA 153 -33.95 33.88 -129.86
CA SER ZA 153 -33.31 33.61 -131.15
C SER ZA 153 -31.82 34.00 -131.17
N LYS ZA 154 -31.47 35.11 -130.54
CA LYS ZA 154 -30.10 35.61 -130.55
C LYS ZA 154 -29.19 34.78 -129.64
N VAL ZA 155 -29.74 34.36 -128.51
CA VAL ZA 155 -28.96 33.55 -127.58
C VAL ZA 155 -28.83 32.12 -128.11
N ARG ZA 156 -29.90 31.59 -128.74
CA ARG ZA 156 -29.87 30.25 -129.32
C ARG ZA 156 -28.89 30.17 -130.50
N GLU ZA 157 -28.84 31.24 -131.31
CA GLU ZA 157 -27.82 31.38 -132.34
C GLU ZA 157 -26.43 31.45 -131.71
N GLU ZA 158 -26.33 32.09 -130.55
CA GLU ZA 158 -25.04 32.22 -129.88
C GLU ZA 158 -24.57 30.88 -129.30
N TYR ZA 159 -25.45 30.18 -128.59
CA TYR ZA 159 -25.08 28.96 -127.91
C TYR ZA 159 -25.94 27.83 -128.45
N PRO ZA 160 -25.48 27.07 -129.48
CA PRO ZA 160 -26.35 26.06 -130.07
C PRO ZA 160 -26.54 24.81 -129.21
N ASP ZA 161 -25.53 24.49 -128.40
CA ASP ZA 161 -25.50 23.23 -127.68
C ASP ZA 161 -26.19 23.32 -126.32
N ARG ZA 162 -26.18 24.48 -125.68
CA ARG ZA 162 -26.73 24.58 -124.34
C ARG ZA 162 -28.26 24.53 -124.41
N ILE ZA 163 -28.87 24.04 -123.33
CA ILE ZA 163 -30.29 23.86 -123.23
C ILE ZA 163 -30.93 25.21 -122.85
N MET ZA 164 -32.25 25.35 -123.02
CA MET ZA 164 -32.99 26.44 -122.39
C MET ZA 164 -34.46 26.04 -122.17
N GLU ZA 165 -35.07 26.62 -121.12
CA GLU ZA 165 -36.42 26.28 -120.68
C GLU ZA 165 -37.23 27.58 -120.67
N THR ZA 166 -38.55 27.46 -120.88
CA THR ZA 166 -39.46 28.58 -120.75
C THR ZA 166 -40.64 28.19 -119.87
N PHE ZA 167 -41.04 29.11 -118.99
CA PHE ZA 167 -42.32 29.00 -118.31
C PHE ZA 167 -43.26 30.06 -118.84
N SER ZA 168 -43.99 29.69 -119.89
CA SER ZA 168 -44.75 30.65 -120.67
C SER ZA 168 -46.25 30.48 -120.37
N VAL ZA 169 -46.92 31.59 -120.06
CA VAL ZA 169 -48.38 31.54 -119.92
C VAL ZA 169 -48.99 31.61 -121.32
N PHE ZA 170 -50.27 31.24 -121.38
CA PHE ZA 170 -50.98 31.14 -122.65
C PHE ZA 170 -52.27 31.94 -122.62
N PRO ZA 171 -52.90 32.22 -123.78
CA PRO ZA 171 -54.28 32.67 -123.79
C PRO ZA 171 -55.24 31.65 -123.16
N SER ZA 172 -56.16 32.18 -122.36
CA SER ZA 172 -57.23 31.39 -121.79
C SER ZA 172 -58.33 31.15 -122.82
N PRO ZA 173 -59.03 30.01 -122.77
CA PRO ZA 173 -60.20 29.79 -123.60
C PRO ZA 173 -61.35 30.80 -123.42
N LYS ZA 174 -61.82 30.95 -122.17
CA LYS ZA 174 -63.02 31.70 -121.79
C LYS ZA 174 -62.83 33.20 -122.00
N VAL ZA 175 -62.04 33.82 -121.12
CA VAL ZA 175 -61.86 35.25 -121.06
C VAL ZA 175 -60.45 35.52 -121.61
N SER ZA 176 -60.24 36.73 -122.15
CA SER ZA 176 -58.95 37.07 -122.71
C SER ZA 176 -58.64 38.54 -122.46
N ASP ZA 177 -57.54 38.79 -121.75
CA ASP ZA 177 -56.95 40.12 -121.73
C ASP ZA 177 -56.15 40.33 -123.01
N THR ZA 178 -55.80 41.59 -123.28
CA THR ZA 178 -54.92 41.98 -124.39
C THR ZA 178 -55.54 41.47 -125.70
N VAL ZA 179 -56.59 42.13 -126.20
CA VAL ZA 179 -57.54 41.59 -127.16
C VAL ZA 179 -56.88 40.97 -128.40
N VAL ZA 180 -55.67 41.42 -128.72
CA VAL ZA 180 -54.88 40.76 -129.76
C VAL ZA 180 -54.08 39.59 -129.17
N GLU ZA 181 -54.79 38.49 -128.88
CA GLU ZA 181 -54.24 37.23 -128.41
C GLU ZA 181 -53.82 36.35 -129.57
N PRO ZA 182 -54.71 35.99 -130.53
CA PRO ZA 182 -54.36 34.97 -131.51
C PRO ZA 182 -53.24 35.42 -132.43
N TYR ZA 183 -53.11 36.73 -132.65
CA TYR ZA 183 -51.99 37.24 -133.42
C TYR ZA 183 -50.69 37.14 -132.64
N ASN ZA 184 -50.74 37.38 -131.32
CA ASN ZA 184 -49.54 37.31 -130.49
C ASN ZA 184 -49.05 35.87 -130.34
N ALA ZA 185 -49.98 34.93 -130.05
CA ALA ZA 185 -49.60 33.58 -129.66
C ALA ZA 185 -49.07 32.80 -130.86
N THR ZA 186 -49.74 32.92 -132.01
CA THR ZA 186 -49.36 32.17 -133.19
C THR ZA 186 -48.05 32.70 -133.77
N LEU ZA 187 -47.86 34.03 -133.71
CA LEU ZA 187 -46.63 34.62 -134.21
C LEU ZA 187 -45.47 34.35 -133.25
N SER ZA 188 -45.76 33.90 -132.03
CA SER ZA 188 -44.70 33.63 -131.07
C SER ZA 188 -44.32 32.15 -131.06
N VAL ZA 189 -45.31 31.27 -131.23
CA VAL ZA 189 -45.09 29.84 -131.22
C VAL ZA 189 -44.31 29.41 -132.46
N HIS ZA 190 -44.41 30.15 -133.58
CA HIS ZA 190 -43.80 29.72 -134.83
C HIS ZA 190 -42.27 29.81 -134.79
N GLN ZA 191 -41.73 30.57 -133.82
CA GLN ZA 191 -40.31 30.47 -133.53
C GLN ZA 191 -40.05 29.85 -132.16
N LEU ZA 192 -41.09 29.71 -131.31
CA LEU ZA 192 -40.93 28.97 -130.06
C LEU ZA 192 -40.82 27.47 -130.30
N VAL ZA 193 -41.46 26.97 -131.36
CA VAL ZA 193 -41.27 25.58 -131.74
C VAL ZA 193 -39.89 25.40 -132.37
N GLU ZA 194 -39.34 26.47 -132.95
CA GLU ZA 194 -38.13 26.36 -133.77
C GLU ZA 194 -36.89 26.20 -132.90
N ASN ZA 195 -36.63 27.21 -132.05
CA ASN ZA 195 -35.36 27.30 -131.35
C ASN ZA 195 -35.54 27.33 -129.84
N ALA ZA 196 -36.48 26.52 -129.33
CA ALA ZA 196 -36.67 26.38 -127.89
C ALA ZA 196 -36.89 24.91 -127.53
N ASP ZA 197 -36.42 24.57 -126.35
CA ASP ZA 197 -36.24 23.17 -125.97
C ASP ZA 197 -37.45 22.60 -125.22
N GLU ZA 198 -37.85 23.24 -124.11
CA GLU ZA 198 -39.05 22.79 -123.41
C GLU ZA 198 -39.87 24.01 -123.02
N VAL ZA 199 -41.11 24.04 -123.52
CA VAL ZA 199 -42.00 25.17 -123.32
C VAL ZA 199 -43.22 24.65 -122.55
N GLN ZA 200 -43.15 24.75 -121.22
CA GLN ZA 200 -44.20 24.19 -120.38
C GLN ZA 200 -45.15 25.32 -120.00
N VAL ZA 201 -46.43 25.05 -120.14
CA VAL ZA 201 -47.45 26.08 -120.24
C VAL ZA 201 -48.12 26.32 -118.89
N ILE ZA 202 -48.58 27.56 -118.69
CA ILE ZA 202 -49.54 27.93 -117.65
C ILE ZA 202 -50.79 28.47 -118.35
N ASP ZA 203 -51.98 28.13 -117.84
CA ASP ZA 203 -53.22 28.72 -118.33
C ASP ZA 203 -54.01 29.33 -117.18
N ASN ZA 204 -54.43 30.59 -117.34
CA ASN ZA 204 -55.11 31.37 -116.30
C ASN ZA 204 -56.49 30.80 -115.94
N GLU ZA 205 -57.15 30.19 -116.93
CA GLU ZA 205 -58.51 29.65 -116.73
C GLU ZA 205 -58.44 28.47 -115.77
N ALA ZA 206 -57.50 27.55 -116.01
CA ALA ZA 206 -57.33 26.39 -115.14
C ALA ZA 206 -56.73 26.83 -113.80
N LEU ZA 207 -55.93 27.92 -113.82
CA LEU ZA 207 -55.22 28.36 -112.63
C LEU ZA 207 -56.23 28.87 -111.60
N TYR ZA 208 -57.29 29.51 -112.11
CA TYR ZA 208 -58.39 29.94 -111.25
C TYR ZA 208 -59.26 28.76 -110.80
N ASP ZA 209 -59.56 27.84 -111.74
CA ASP ZA 209 -60.46 26.73 -111.52
C ASP ZA 209 -59.95 25.86 -110.37
N ILE ZA 210 -58.62 25.72 -110.30
CA ILE ZA 210 -57.99 25.01 -109.19
C ILE ZA 210 -58.19 25.81 -107.91
N CYS ZA 211 -58.16 27.14 -107.97
CA CYS ZA 211 -58.22 27.95 -106.77
C CYS ZA 211 -59.64 28.01 -106.19
N PHE ZA 212 -60.66 27.73 -107.00
CA PHE ZA 212 -62.02 27.78 -106.46
C PHE ZA 212 -62.39 26.45 -105.83
N ARG ZA 213 -62.09 25.36 -106.53
CA ARG ZA 213 -62.64 24.08 -106.12
C ARG ZA 213 -61.66 23.25 -105.29
N THR ZA 214 -60.38 23.35 -105.59
CA THR ZA 214 -59.42 22.48 -104.92
C THR ZA 214 -58.96 23.12 -103.62
N LEU ZA 215 -58.47 24.37 -103.69
CA LEU ZA 215 -57.99 25.05 -102.50
C LEU ZA 215 -59.15 25.71 -101.74
N LYS ZA 216 -60.31 25.82 -102.40
CA LYS ZA 216 -61.51 26.42 -101.81
C LYS ZA 216 -61.26 27.84 -101.31
N LEU ZA 217 -60.47 28.56 -102.07
CA LEU ZA 217 -60.27 29.95 -101.74
C LEU ZA 217 -61.39 30.77 -102.34
N THR ZA 218 -61.38 32.02 -101.88
CA THR ZA 218 -62.32 33.04 -102.31
C THR ZA 218 -61.60 34.07 -103.18
N THR ZA 219 -60.55 34.72 -102.65
CA THR ZA 219 -60.03 35.95 -103.25
C THR ZA 219 -58.57 35.76 -103.64
N PRO ZA 220 -58.31 35.36 -104.90
CA PRO ZA 220 -56.93 35.18 -105.35
C PRO ZA 220 -56.27 36.47 -105.82
N THR ZA 221 -55.28 36.97 -105.06
CA THR ZA 221 -54.50 38.11 -105.53
C THR ZA 221 -53.41 37.57 -106.43
N TYR ZA 222 -52.77 38.45 -107.21
CA TYR ZA 222 -51.70 38.05 -108.11
C TYR ZA 222 -50.48 37.56 -107.35
N GLY ZA 223 -50.34 38.02 -106.09
CA GLY ZA 223 -49.22 37.58 -105.26
C GLY ZA 223 -49.31 36.08 -105.02
N ASP ZA 224 -50.48 35.65 -104.57
CA ASP ZA 224 -50.75 34.26 -104.27
C ASP ZA 224 -51.05 33.46 -105.53
N LEU ZA 225 -51.45 34.13 -106.61
CA LEU ZA 225 -51.78 33.43 -107.85
C LEU ZA 225 -50.53 32.86 -108.51
N ASN ZA 226 -49.47 33.66 -108.53
CA ASN ZA 226 -48.21 33.28 -109.15
C ASN ZA 226 -47.33 32.48 -108.20
N HIS ZA 227 -47.64 32.50 -106.90
CA HIS ZA 227 -46.83 31.83 -105.89
C HIS ZA 227 -46.84 30.32 -106.10
N LEU ZA 228 -48.00 29.79 -106.51
CA LEU ZA 228 -48.08 28.36 -106.75
C LEU ZA 228 -47.60 28.01 -108.16
N VAL ZA 229 -47.44 29.02 -109.02
CA VAL ZA 229 -46.77 28.78 -110.29
C VAL ZA 229 -45.25 28.73 -110.10
N SER ZA 230 -44.72 29.60 -109.23
CA SER ZA 230 -43.31 29.59 -108.91
C SER ZA 230 -42.94 28.30 -108.17
N ALA ZA 231 -43.91 27.72 -107.45
CA ALA ZA 231 -43.71 26.43 -106.81
C ALA ZA 231 -43.53 25.32 -107.83
N ALA ZA 232 -44.27 25.39 -108.95
CA ALA ZA 232 -44.13 24.42 -110.03
C ALA ZA 232 -42.77 24.59 -110.72
N MET ZA 233 -42.33 25.86 -110.79
CA MET ZA 233 -41.01 26.17 -111.34
C MET ZA 233 -39.94 25.49 -110.48
N SER ZA 234 -40.10 25.58 -109.15
CA SER ZA 234 -39.10 25.08 -108.21
C SER ZA 234 -39.05 23.55 -108.20
N GLY ZA 235 -40.14 22.91 -108.60
CA GLY ZA 235 -40.24 21.46 -108.61
C GLY ZA 235 -39.40 20.78 -109.71
N VAL ZA 236 -39.13 21.46 -110.83
CA VAL ZA 236 -38.40 20.79 -111.92
C VAL ZA 236 -36.90 20.86 -111.66
N THR ZA 237 -36.47 21.93 -110.97
CA THR ZA 237 -35.07 22.10 -110.63
C THR ZA 237 -34.81 21.82 -109.16
N CYS ZA 238 -35.73 21.04 -108.56
CA CYS ZA 238 -35.55 20.62 -107.19
C CYS ZA 238 -34.36 19.65 -107.10
N CYS ZA 239 -34.28 18.79 -108.12
CA CYS ZA 239 -33.41 17.64 -108.08
C CYS ZA 239 -31.94 18.03 -108.36
N LEU ZA 240 -31.71 19.17 -109.00
CA LEU ZA 240 -30.34 19.62 -109.23
C LEU ZA 240 -29.70 20.10 -107.94
N ARG ZA 241 -30.46 20.85 -107.15
CA ARG ZA 241 -29.87 21.62 -106.06
C ARG ZA 241 -29.72 20.78 -104.79
N PHE ZA 242 -30.21 19.52 -104.85
CA PHE ZA 242 -30.16 18.66 -103.68
C PHE ZA 242 -29.82 17.25 -104.12
N PRO ZA 243 -29.27 16.39 -103.23
CA PRO ZA 243 -29.15 14.96 -103.50
C PRO ZA 243 -30.47 14.22 -103.36
N GLY ZA 244 -30.42 12.89 -103.50
CA GLY ZA 244 -31.60 12.06 -103.37
C GLY ZA 244 -31.29 10.59 -103.64
N GLN ZA 245 -32.32 9.76 -103.65
CA GLN ZA 245 -32.16 8.35 -103.94
C GLN ZA 245 -32.15 8.11 -105.45
N LEU ZA 246 -32.62 9.08 -106.24
CA LEU ZA 246 -32.56 8.93 -107.69
C LEU ZA 246 -32.51 10.32 -108.33
N ASN ZA 247 -31.31 10.70 -108.79
CA ASN ZA 247 -31.07 12.08 -109.18
C ASN ZA 247 -31.39 12.30 -110.65
N SER ZA 248 -32.00 13.45 -110.94
CA SER ZA 248 -32.45 13.76 -112.28
C SER ZA 248 -32.42 15.26 -112.49
N ASP ZA 249 -32.13 15.66 -113.73
CA ASP ZA 249 -31.87 17.03 -114.09
C ASP ZA 249 -32.94 17.48 -115.08
N LEU ZA 250 -32.83 18.72 -115.52
CA LEU ZA 250 -33.59 19.24 -116.63
C LEU ZA 250 -33.26 18.52 -117.92
N ARG ZA 251 -32.00 18.18 -118.16
CA ARG ZA 251 -31.65 17.68 -119.48
C ARG ZA 251 -32.13 16.24 -119.68
N LYS ZA 252 -32.06 15.43 -118.62
CA LYS ZA 252 -32.57 14.07 -118.68
C LYS ZA 252 -34.10 14.00 -118.54
N LEU ZA 253 -34.72 15.15 -118.23
CA LEU ZA 253 -36.16 15.26 -118.41
C LEU ZA 253 -36.47 15.51 -119.89
N ALA ZA 254 -35.50 16.00 -120.64
CA ALA ZA 254 -35.73 16.34 -122.03
C ALA ZA 254 -35.34 15.21 -122.97
N VAL ZA 255 -34.34 14.39 -122.60
CA VAL ZA 255 -33.96 13.26 -123.45
C VAL ZA 255 -35.05 12.19 -123.44
N ASN ZA 256 -36.01 12.36 -122.50
CA ASN ZA 256 -36.86 11.27 -122.08
C ASN ZA 256 -38.30 11.52 -122.46
N LEU ZA 257 -38.69 12.78 -122.48
CA LEU ZA 257 -40.08 13.16 -122.69
C LEU ZA 257 -40.36 13.50 -124.16
N ILE ZA 258 -39.32 13.82 -124.94
CA ILE ZA 258 -39.50 14.31 -126.29
C ILE ZA 258 -39.17 13.21 -127.27
N PRO ZA 259 -40.18 12.56 -127.90
CA PRO ZA 259 -39.91 11.51 -128.88
C PRO ZA 259 -39.54 12.02 -130.27
N PHE ZA 260 -40.04 13.21 -130.61
CA PHE ZA 260 -39.80 13.85 -131.89
C PHE ZA 260 -39.74 15.34 -131.63
N PRO ZA 261 -38.89 16.08 -132.37
CA PRO ZA 261 -38.38 17.36 -131.86
C PRO ZA 261 -39.43 18.46 -131.77
N ARG ZA 262 -40.47 18.41 -132.62
CA ARG ZA 262 -41.39 19.53 -132.72
C ARG ZA 262 -42.29 19.62 -131.50
N LEU ZA 263 -42.79 18.47 -131.06
CA LEU ZA 263 -43.72 18.47 -129.94
C LEU ZA 263 -42.94 18.46 -128.63
N HIS ZA 264 -42.82 19.64 -128.02
CA HIS ZA 264 -42.12 19.77 -126.75
C HIS ZA 264 -42.83 20.77 -125.84
N PHE ZA 265 -44.17 20.71 -125.83
CA PHE ZA 265 -44.98 21.52 -124.93
C PHE ZA 265 -45.51 20.64 -123.80
N PHE ZA 266 -45.41 21.14 -122.57
CA PHE ZA 266 -45.66 20.28 -121.41
C PHE ZA 266 -46.74 20.83 -120.51
N LEU ZA 267 -47.58 19.91 -120.02
CA LEU ZA 267 -48.46 20.19 -118.89
C LEU ZA 267 -47.64 20.23 -117.61
N ILE ZA 268 -48.23 20.84 -116.57
CA ILE ZA 268 -47.59 20.89 -115.26
C ILE ZA 268 -48.66 20.68 -114.20
N GLY ZA 269 -48.29 20.03 -113.09
CA GLY ZA 269 -49.28 19.62 -112.11
C GLY ZA 269 -48.63 19.35 -110.76
N PHE ZA 270 -49.31 19.73 -109.69
CA PHE ZA 270 -48.62 19.77 -108.42
C PHE ZA 270 -49.50 19.12 -107.36
N ALA ZA 271 -48.86 18.30 -106.53
CA ALA ZA 271 -49.51 17.60 -105.44
C ALA ZA 271 -48.61 17.67 -104.21
N PRO ZA 272 -49.15 17.84 -102.97
CA PRO ZA 272 -50.58 17.88 -102.67
C PRO ZA 272 -51.24 19.24 -102.93
N LEU ZA 273 -52.56 19.22 -103.06
CA LEU ZA 273 -53.34 20.44 -103.12
C LEU ZA 273 -54.56 20.30 -102.23
N THR ZA 274 -54.50 21.04 -101.12
CA THR ZA 274 -55.45 20.92 -100.03
C THR ZA 274 -56.14 22.26 -99.80
N SER ZA 275 -57.46 22.26 -99.55
CA SER ZA 275 -58.11 23.40 -98.90
C SER ZA 275 -57.59 23.50 -97.48
N ARG ZA 276 -57.66 24.71 -96.93
CA ARG ZA 276 -57.11 24.98 -95.61
C ARG ZA 276 -57.90 24.21 -94.54
N GLY ZA 277 -59.20 24.02 -94.81
CA GLY ZA 277 -60.07 23.21 -93.97
C GLY ZA 277 -59.66 21.73 -93.95
N SER ZA 278 -59.56 21.14 -95.14
CA SER ZA 278 -59.40 19.69 -95.30
C SER ZA 278 -57.92 19.29 -95.27
N GLN ZA 279 -57.06 20.17 -94.74
CA GLN ZA 279 -55.65 19.80 -94.61
C GLN ZA 279 -55.48 18.77 -93.48
N GLN ZA 280 -56.39 18.82 -92.50
CA GLN ZA 280 -56.31 17.92 -91.37
C GLN ZA 280 -56.87 16.55 -91.74
N TYR ZA 281 -57.59 16.40 -92.85
CA TYR ZA 281 -58.33 15.17 -93.12
C TYR ZA 281 -57.68 14.35 -94.22
N ARG ZA 282 -56.40 14.57 -94.46
CA ARG ZA 282 -55.76 14.02 -95.64
C ARG ZA 282 -54.63 13.08 -95.25
N ALA ZA 283 -54.68 11.88 -95.83
CA ALA ZA 283 -53.77 10.79 -95.52
C ALA ZA 283 -52.64 10.78 -96.54
N LEU ZA 284 -51.68 11.69 -96.33
CA LEU ZA 284 -50.63 11.98 -97.28
C LEU ZA 284 -49.73 10.76 -97.45
N SER ZA 285 -49.92 10.06 -98.57
CA SER ZA 285 -49.19 8.84 -98.84
C SER ZA 285 -49.17 8.64 -100.35
N VAL ZA 286 -48.28 7.74 -100.77
CA VAL ZA 286 -48.04 7.39 -102.17
C VAL ZA 286 -49.34 7.05 -102.91
N PRO ZA 287 -50.24 6.19 -102.37
CA PRO ZA 287 -51.48 5.88 -103.09
C PRO ZA 287 -52.47 7.00 -103.35
N GLU ZA 288 -52.40 8.13 -102.65
CA GLU ZA 288 -53.31 9.21 -103.04
C GLU ZA 288 -52.59 10.30 -103.81
N LEU ZA 289 -51.28 10.47 -103.60
CA LEU ZA 289 -50.52 11.41 -104.42
C LEU ZA 289 -50.57 10.96 -105.88
N THR ZA 290 -50.67 9.64 -106.12
CA THR ZA 290 -50.80 9.10 -107.47
C THR ZA 290 -52.18 9.37 -108.05
N GLN ZA 291 -53.15 9.74 -107.20
CA GLN ZA 291 -54.47 10.07 -107.70
C GLN ZA 291 -54.62 11.53 -108.08
N GLN ZA 292 -54.03 12.44 -107.30
CA GLN ZA 292 -54.09 13.86 -107.60
C GLN ZA 292 -53.28 14.19 -108.85
N MET ZA 293 -52.21 13.41 -109.11
CA MET ZA 293 -51.40 13.70 -110.29
C MET ZA 293 -52.12 13.27 -111.57
N PHE ZA 294 -52.91 12.20 -111.51
CA PHE ZA 294 -53.90 11.95 -112.54
C PHE ZA 294 -55.29 12.40 -112.10
N ASP ZA 295 -55.40 13.66 -111.67
CA ASP ZA 295 -56.69 14.29 -111.50
C ASP ZA 295 -56.89 15.24 -112.67
N ALA ZA 296 -58.09 15.22 -113.24
CA ALA ZA 296 -58.38 16.07 -114.38
C ALA ZA 296 -58.28 17.55 -113.99
N LYS ZA 297 -58.84 17.89 -112.81
CA LYS ZA 297 -58.86 19.27 -112.34
C LYS ZA 297 -57.65 19.60 -111.47
N ASN ZA 298 -56.53 18.94 -111.75
CA ASN ZA 298 -55.29 19.24 -111.05
C ASN ZA 298 -54.18 19.67 -112.02
N MET ZA 299 -54.51 19.89 -113.29
CA MET ZA 299 -53.53 20.35 -114.25
C MET ZA 299 -53.63 21.86 -114.41
N MET ZA 300 -52.48 22.52 -114.66
CA MET ZA 300 -52.43 23.97 -114.74
C MET ZA 300 -52.71 24.49 -116.16
N CYS ZA 301 -53.09 23.56 -117.05
CA CYS ZA 301 -53.42 23.85 -118.44
C CYS ZA 301 -54.91 23.63 -118.65
N ALA ZA 302 -55.57 24.57 -119.34
CA ALA ZA 302 -57.03 24.56 -119.41
C ALA ZA 302 -57.54 23.59 -120.50
N SER ZA 303 -56.96 22.39 -120.56
CA SER ZA 303 -57.43 21.37 -121.48
C SER ZA 303 -57.68 20.09 -120.68
N ASP ZA 304 -58.71 19.35 -121.12
CA ASP ZA 304 -59.13 18.17 -120.41
C ASP ZA 304 -58.28 16.99 -120.86
N PRO ZA 305 -57.42 16.43 -119.97
CA PRO ZA 305 -56.49 15.38 -120.38
C PRO ZA 305 -57.13 14.03 -120.73
N ARG ZA 306 -58.41 13.88 -120.37
CA ARG ZA 306 -59.14 12.64 -120.59
C ARG ZA 306 -59.39 12.42 -122.09
N HIS ZA 307 -59.47 13.51 -122.87
CA HIS ZA 307 -59.77 13.44 -124.30
C HIS ZA 307 -58.63 12.83 -125.11
N GLY ZA 308 -57.44 12.74 -124.51
CA GLY ZA 308 -56.28 12.24 -125.22
C GLY ZA 308 -55.51 11.21 -124.41
N ARG ZA 309 -54.37 10.80 -124.96
CA ARG ZA 309 -53.46 9.87 -124.29
C ARG ZA 309 -52.17 10.60 -123.95
N TYR ZA 310 -51.74 10.42 -122.69
CA TYR ZA 310 -50.46 10.94 -122.24
C TYR ZA 310 -49.37 10.19 -122.99
N LEU ZA 311 -48.68 10.92 -123.87
CA LEU ZA 311 -47.71 10.25 -124.74
C LEU ZA 311 -46.53 9.78 -123.90
N THR ZA 312 -45.97 10.71 -123.12
CA THR ZA 312 -45.01 10.44 -122.08
C THR ZA 312 -45.35 11.33 -120.89
N ALA ZA 313 -44.91 10.91 -119.70
CA ALA ZA 313 -45.08 11.73 -118.53
C ALA ZA 313 -43.96 11.45 -117.53
N SER ZA 314 -43.72 12.40 -116.64
CA SER ZA 314 -42.64 12.30 -115.67
C SER ZA 314 -43.09 12.81 -114.31
N ALA ZA 315 -42.66 12.14 -113.24
CA ALA ZA 315 -43.01 12.52 -111.89
C ALA ZA 315 -41.75 12.83 -111.07
N MET ZA 316 -41.64 14.05 -110.55
CA MET ZA 316 -40.52 14.44 -109.70
C MET ZA 316 -40.97 14.43 -108.24
N PHE ZA 317 -40.57 13.37 -107.53
CA PHE ZA 317 -40.96 13.26 -106.14
C PHE ZA 317 -39.92 13.91 -105.25
N ARG ZA 318 -40.43 14.59 -104.24
CA ARG ZA 318 -39.59 15.19 -103.22
C ARG ZA 318 -40.01 14.65 -101.86
N GLY ZA 319 -38.97 14.33 -101.08
CA GLY ZA 319 -39.18 13.77 -99.75
C GLY ZA 319 -38.57 12.38 -99.62
N ARG ZA 320 -38.96 11.68 -98.56
CA ARG ZA 320 -38.42 10.38 -98.24
C ARG ZA 320 -39.50 9.32 -98.48
N MET ZA 321 -39.61 8.85 -99.72
CA MET ZA 321 -40.69 7.92 -100.05
C MET ZA 321 -40.15 6.59 -100.55
N SER ZA 322 -40.90 5.53 -100.25
CA SER ZA 322 -40.50 4.15 -100.48
C SER ZA 322 -40.51 3.86 -101.98
N THR ZA 323 -39.54 3.12 -102.48
CA THR ZA 323 -39.24 3.21 -103.90
C THR ZA 323 -40.06 2.27 -104.78
N LYS ZA 324 -40.46 1.11 -104.24
CA LYS ZA 324 -41.12 0.19 -105.17
C LYS ZA 324 -42.59 0.55 -105.32
N GLU ZA 325 -43.22 1.04 -104.26
CA GLU ZA 325 -44.56 1.63 -104.40
C GLU ZA 325 -44.59 3.00 -105.11
N VAL ZA 326 -43.43 3.61 -105.25
CA VAL ZA 326 -43.31 4.68 -106.22
C VAL ZA 326 -43.47 4.08 -107.60
N ASP ZA 327 -42.78 2.98 -107.89
CA ASP ZA 327 -42.68 2.55 -109.28
C ASP ZA 327 -43.72 1.49 -109.65
N GLU ZA 328 -44.24 0.75 -108.70
CA GLU ZA 328 -45.33 -0.14 -109.05
C GLU ZA 328 -46.67 0.59 -109.10
N GLN ZA 329 -46.72 1.78 -108.54
CA GLN ZA 329 -47.94 2.58 -108.69
C GLN ZA 329 -48.03 3.27 -110.05
N MET ZA 330 -46.86 3.55 -110.63
CA MET ZA 330 -46.83 3.96 -112.02
C MET ZA 330 -47.25 2.78 -112.90
N LEU ZA 331 -46.98 1.55 -112.45
CA LEU ZA 331 -47.54 0.38 -113.10
C LEU ZA 331 -49.03 0.26 -112.82
N ASN ZA 332 -49.46 0.65 -111.60
CA ASN ZA 332 -50.86 0.68 -111.22
C ASN ZA 332 -51.64 1.53 -112.23
N VAL ZA 333 -51.03 2.64 -112.65
CA VAL ZA 333 -51.80 3.58 -113.42
C VAL ZA 333 -51.64 3.23 -114.91
N GLN ZA 334 -50.59 2.50 -115.28
CA GLN ZA 334 -50.40 2.11 -116.67
C GLN ZA 334 -51.41 1.04 -117.09
N ASN ZA 335 -51.72 0.08 -116.20
CA ASN ZA 335 -52.48 -1.09 -116.63
C ASN ZA 335 -53.97 -0.76 -116.66
N LYS ZA 336 -54.49 -0.26 -115.52
CA LYS ZA 336 -55.91 0.03 -115.46
C LYS ZA 336 -56.29 1.27 -116.28
N ASN ZA 337 -55.38 2.24 -116.36
CA ASN ZA 337 -55.61 3.36 -117.25
C ASN ZA 337 -54.88 3.11 -118.57
N SER ZA 338 -55.07 1.91 -119.14
CA SER ZA 338 -54.48 1.56 -120.42
C SER ZA 338 -55.07 2.43 -121.54
N SER ZA 339 -56.38 2.70 -121.45
CA SER ZA 339 -57.09 3.57 -122.38
C SER ZA 339 -56.64 5.04 -122.30
N TYR ZA 340 -56.05 5.44 -121.16
CA TYR ZA 340 -55.54 6.80 -121.02
C TYR ZA 340 -54.08 6.93 -121.45
N PHE ZA 341 -53.44 5.80 -121.76
CA PHE ZA 341 -52.03 5.82 -122.14
C PHE ZA 341 -51.88 5.43 -123.61
N VAL ZA 342 -50.69 5.69 -124.14
CA VAL ZA 342 -50.40 5.33 -125.53
C VAL ZA 342 -49.77 3.95 -125.56
N GLU ZA 343 -50.06 3.20 -126.64
CA GLU ZA 343 -49.76 1.77 -126.68
C GLU ZA 343 -48.38 1.45 -127.25
N TRP ZA 344 -48.02 2.10 -128.36
CA TRP ZA 344 -46.79 1.73 -129.05
C TRP ZA 344 -45.52 2.15 -128.31
N ILE ZA 345 -45.66 2.96 -127.25
CA ILE ZA 345 -44.58 3.13 -126.31
C ILE ZA 345 -44.93 2.31 -125.07
N PRO ZA 346 -44.28 1.15 -124.82
CA PRO ZA 346 -44.24 0.58 -123.47
C PRO ZA 346 -43.44 1.52 -122.57
N ASN ZA 347 -43.76 1.51 -121.28
CA ASN ZA 347 -43.06 2.29 -120.29
C ASN ZA 347 -43.26 3.80 -120.51
N ASN ZA 348 -44.49 4.25 -120.28
CA ASN ZA 348 -44.79 5.66 -120.48
C ASN ZA 348 -44.33 6.57 -119.33
N MET ZA 349 -43.83 5.99 -118.24
CA MET ZA 349 -43.59 6.81 -117.05
C MET ZA 349 -42.11 7.00 -116.71
N LYS ZA 350 -41.85 8.15 -116.09
CA LYS ZA 350 -40.60 8.39 -115.41
C LYS ZA 350 -40.89 8.80 -113.97
N SER ZA 351 -40.15 8.19 -113.04
CA SER ZA 351 -40.16 8.58 -111.64
C SER ZA 351 -38.78 9.12 -111.29
N SER ZA 352 -38.73 10.28 -110.63
CA SER ZA 352 -37.48 10.87 -110.16
C SER ZA 352 -37.64 11.28 -108.70
N VAL ZA 353 -36.69 10.88 -107.84
CA VAL ZA 353 -36.87 11.04 -106.41
C VAL ZA 353 -35.70 11.86 -105.85
N CYS ZA 354 -36.00 13.12 -105.51
CA CYS ZA 354 -35.08 13.89 -104.66
C CYS ZA 354 -35.25 13.43 -103.22
N ASP ZA 355 -34.53 14.02 -102.27
CA ASP ZA 355 -34.71 13.64 -100.89
C ASP ZA 355 -34.63 14.90 -100.02
N ILE ZA 356 -35.20 15.99 -100.54
CA ILE ZA 356 -35.41 17.22 -99.76
C ILE ZA 356 -36.83 17.68 -100.05
N PRO ZA 357 -37.76 17.52 -99.08
CA PRO ZA 357 -39.10 18.09 -99.25
C PRO ZA 357 -39.06 19.60 -99.19
N PRO ZA 358 -40.05 20.30 -99.79
CA PRO ZA 358 -40.12 21.75 -99.63
C PRO ZA 358 -40.41 22.15 -98.19
N LYS ZA 359 -40.37 23.45 -97.95
CA LYS ZA 359 -40.49 24.01 -96.61
C LYS ZA 359 -41.90 23.78 -96.08
N GLY ZA 360 -42.02 22.91 -95.06
CA GLY ZA 360 -43.26 22.67 -94.32
C GLY ZA 360 -44.20 21.60 -94.92
N LEU ZA 361 -43.75 20.89 -95.94
CA LEU ZA 361 -44.52 19.78 -96.47
C LEU ZA 361 -43.73 18.50 -96.33
N LYS ZA 362 -44.45 17.38 -96.22
CA LYS ZA 362 -43.83 16.10 -95.97
C LYS ZA 362 -43.44 15.45 -97.30
N MET ZA 363 -44.30 15.56 -98.31
CA MET ZA 363 -43.91 15.16 -99.66
C MET ZA 363 -44.33 16.23 -100.66
N SER ZA 364 -43.72 16.17 -101.83
CA SER ZA 364 -44.19 16.91 -102.99
C SER ZA 364 -44.12 16.04 -104.23
N VAL ZA 365 -44.99 16.32 -105.19
CA VAL ZA 365 -44.91 15.73 -106.51
C VAL ZA 365 -45.10 16.86 -107.50
N THR ZA 366 -44.13 17.01 -108.40
CA THR ZA 366 -44.24 17.96 -109.48
C THR ZA 366 -44.31 17.14 -110.76
N PHE ZA 367 -45.35 17.37 -111.55
CA PHE ZA 367 -45.72 16.45 -112.61
C PHE ZA 367 -45.59 17.15 -113.96
N VAL ZA 368 -44.73 16.62 -114.82
CA VAL ZA 368 -44.50 17.18 -116.15
C VAL ZA 368 -44.90 16.11 -117.15
N GLY ZA 369 -45.96 16.40 -117.93
CA GLY ZA 369 -46.48 15.41 -118.86
C GLY ZA 369 -46.60 15.94 -120.29
N ASN ZA 370 -46.26 15.08 -121.25
CA ASN ZA 370 -46.44 15.39 -122.66
C ASN ZA 370 -47.72 14.71 -123.14
N SER ZA 371 -48.84 15.43 -123.00
CA SER ZA 371 -50.13 14.88 -123.38
C SER ZA 371 -50.47 15.32 -124.79
N THR ZA 372 -51.23 14.47 -125.48
CA THR ZA 372 -51.72 14.82 -126.80
C THR ZA 372 -53.05 15.57 -126.69
N ALA ZA 373 -53.50 15.87 -125.48
CA ALA ZA 373 -54.74 16.62 -125.31
C ALA ZA 373 -54.54 18.10 -125.60
N ILE ZA 374 -53.28 18.57 -125.68
CA ILE ZA 374 -53.02 19.99 -125.90
C ILE ZA 374 -53.21 20.36 -127.35
N GLN ZA 375 -53.60 19.42 -128.20
CA GLN ZA 375 -54.01 19.76 -129.56
C GLN ZA 375 -55.26 20.64 -129.53
N GLU ZA 376 -56.10 20.43 -128.51
CA GLU ZA 376 -57.33 21.18 -128.31
C GLU ZA 376 -57.00 22.65 -128.10
N MET ZA 377 -56.01 22.89 -127.23
CA MET ZA 377 -55.62 24.25 -126.88
C MET ZA 377 -55.02 24.96 -128.09
N PHE ZA 378 -54.19 24.25 -128.84
CA PHE ZA 378 -53.69 24.82 -130.08
C PHE ZA 378 -54.81 24.99 -131.10
N LYS ZA 379 -55.77 24.07 -131.12
CA LYS ZA 379 -56.88 24.22 -132.05
C LYS ZA 379 -57.79 25.40 -131.66
N ARG ZA 380 -57.91 25.66 -130.36
CA ARG ZA 380 -58.70 26.78 -129.86
C ARG ZA 380 -58.08 28.11 -130.27
N VAL ZA 381 -56.76 28.19 -130.26
CA VAL ZA 381 -56.07 29.42 -130.63
C VAL ZA 381 -55.99 29.53 -132.15
N SER ZA 382 -55.79 28.40 -132.84
CA SER ZA 382 -55.62 28.37 -134.30
C SER ZA 382 -56.87 28.87 -135.01
N ASP ZA 383 -58.04 28.33 -134.66
CA ASP ZA 383 -59.27 28.73 -135.33
C ASP ZA 383 -59.66 30.14 -134.94
N GLN ZA 384 -59.20 30.60 -133.75
CA GLN ZA 384 -59.27 32.02 -133.42
C GLN ZA 384 -58.43 32.84 -134.42
N PHE ZA 385 -57.22 32.37 -134.73
CA PHE ZA 385 -56.27 33.10 -135.57
C PHE ZA 385 -56.75 33.10 -137.02
N THR ZA 386 -57.28 31.96 -137.47
CA THR ZA 386 -57.68 31.85 -138.87
C THR ZA 386 -58.96 32.64 -139.13
N ALA ZA 387 -59.83 32.75 -138.11
CA ALA ZA 387 -61.14 33.37 -138.30
C ALA ZA 387 -60.98 34.89 -138.44
N MET ZA 388 -60.16 35.50 -137.57
CA MET ZA 388 -59.95 36.93 -137.57
C MET ZA 388 -59.20 37.35 -138.83
N PHE ZA 389 -58.33 36.48 -139.33
CA PHE ZA 389 -57.45 36.81 -140.44
C PHE ZA 389 -58.23 36.90 -141.76
N ARG ZA 390 -59.33 36.16 -141.86
CA ARG ZA 390 -60.16 36.20 -143.06
C ARG ZA 390 -60.83 37.55 -143.26
N ARG ZA 391 -61.19 38.23 -142.15
CA ARG ZA 391 -61.77 39.56 -142.16
C ARG ZA 391 -60.70 40.64 -141.99
N LYS ZA 392 -59.43 40.20 -141.89
CA LYS ZA 392 -58.25 41.05 -142.05
C LYS ZA 392 -58.12 42.07 -140.91
N ALA ZA 393 -58.77 41.84 -139.77
CA ALA ZA 393 -58.83 42.86 -138.74
C ALA ZA 393 -57.50 42.98 -137.97
N PHE ZA 394 -57.26 44.20 -137.48
CA PHE ZA 394 -56.10 44.61 -136.68
C PHE ZA 394 -54.75 44.35 -137.34
N LEU ZA 395 -54.75 44.31 -138.68
CA LEU ZA 395 -53.48 44.08 -139.36
C LEU ZA 395 -52.63 45.35 -139.41
N HIS ZA 396 -53.27 46.52 -139.32
CA HIS ZA 396 -52.59 47.77 -139.62
C HIS ZA 396 -51.58 48.19 -138.54
N TRP ZA 397 -51.77 47.72 -137.31
CA TRP ZA 397 -50.85 47.82 -136.15
C TRP ZA 397 -49.54 47.05 -136.53
N TYR ZA 398 -49.70 45.96 -137.31
CA TYR ZA 398 -48.62 45.08 -137.72
C TYR ZA 398 -48.06 45.46 -139.10
N THR ZA 399 -48.96 45.51 -140.10
CA THR ZA 399 -48.60 45.76 -141.48
C THR ZA 399 -48.04 47.17 -141.60
N GLY ZA 400 -48.44 48.07 -140.68
CA GLY ZA 400 -47.81 49.37 -140.55
C GLY ZA 400 -46.40 49.31 -139.97
N GLU ZA 401 -45.96 48.15 -139.44
CA GLU ZA 401 -44.69 48.09 -138.71
C GLU ZA 401 -43.65 47.36 -139.58
N GLY ZA 402 -44.06 46.37 -140.36
CA GLY ZA 402 -43.06 45.58 -141.06
C GLY ZA 402 -43.32 44.08 -141.02
N MET ZA 403 -44.55 43.74 -140.63
CA MET ZA 403 -45.08 42.40 -140.85
C MET ZA 403 -45.67 42.35 -142.26
N ASP ZA 404 -45.00 41.58 -143.12
CA ASP ZA 404 -45.58 41.26 -144.40
C ASP ZA 404 -46.65 40.21 -144.15
N GLU ZA 405 -47.48 40.03 -145.17
CA GLU ZA 405 -48.60 39.11 -145.00
C GLU ZA 405 -48.20 37.65 -145.13
N MET ZA 406 -46.97 37.45 -145.66
CA MET ZA 406 -46.44 36.11 -145.94
C MET ZA 406 -46.22 35.33 -144.63
N GLU ZA 407 -45.66 35.97 -143.60
CA GLU ZA 407 -45.26 35.27 -142.39
C GLU ZA 407 -46.46 34.85 -141.56
N PHE ZA 408 -47.57 35.61 -141.67
CA PHE ZA 408 -48.83 35.20 -141.04
C PHE ZA 408 -49.32 33.87 -141.62
N THR ZA 409 -49.28 33.76 -142.95
CA THR ZA 409 -49.65 32.52 -143.61
C THR ZA 409 -48.58 31.45 -143.36
N GLU ZA 410 -47.34 31.89 -143.12
CA GLU ZA 410 -46.30 30.97 -142.72
C GLU ZA 410 -46.57 30.46 -141.29
N ALA ZA 411 -46.92 31.40 -140.40
CA ALA ZA 411 -47.11 31.09 -138.99
C ALA ZA 411 -48.26 30.09 -138.81
N GLU ZA 412 -49.36 30.27 -139.54
CA GLU ZA 412 -50.47 29.33 -139.49
C GLU ZA 412 -50.05 27.97 -140.07
N SER ZA 413 -49.21 27.99 -141.12
CA SER ZA 413 -48.69 26.77 -141.71
C SER ZA 413 -47.80 26.01 -140.71
N ASN ZA 414 -47.04 26.76 -139.90
CA ASN ZA 414 -46.29 26.17 -138.81
C ASN ZA 414 -47.23 25.46 -137.81
N MET ZA 415 -48.31 26.15 -137.41
CA MET ZA 415 -49.09 25.74 -136.24
C MET ZA 415 -50.08 24.64 -136.61
N ASN ZA 416 -50.67 24.73 -137.81
CA ASN ZA 416 -51.64 23.73 -138.23
C ASN ZA 416 -50.95 22.42 -138.58
N ASP ZA 417 -49.67 22.49 -138.94
CA ASP ZA 417 -48.86 21.28 -139.07
C ASP ZA 417 -48.69 20.62 -137.70
N LEU ZA 418 -48.58 21.44 -136.64
CA LEU ZA 418 -48.33 20.92 -135.29
C LEU ZA 418 -49.54 20.19 -134.73
N VAL ZA 419 -50.74 20.61 -135.14
CA VAL ZA 419 -51.94 19.90 -134.71
C VAL ZA 419 -52.17 18.68 -135.60
N SER ZA 420 -51.45 18.61 -136.73
CA SER ZA 420 -51.52 17.43 -137.57
C SER ZA 420 -50.74 16.28 -136.94
N GLU ZA 421 -49.57 16.60 -136.36
CA GLU ZA 421 -48.69 15.57 -135.83
C GLU ZA 421 -49.24 14.98 -134.52
N TYR ZA 422 -49.90 15.82 -133.69
CA TYR ZA 422 -50.59 15.32 -132.52
C TYR ZA 422 -51.71 14.34 -132.89
N GLN ZA 423 -52.47 14.71 -133.95
CA GLN ZA 423 -53.51 13.86 -134.49
C GLN ZA 423 -52.90 12.61 -135.12
N GLN ZA 424 -51.69 12.79 -135.72
CA GLN ZA 424 -51.01 11.72 -136.44
C GLN ZA 424 -50.61 10.58 -135.51
N TYR ZA 425 -50.07 10.92 -134.33
CA TYR ZA 425 -49.60 9.91 -133.39
C TYR ZA 425 -50.72 9.24 -132.58
N GLN ZA 426 -51.74 10.02 -132.16
CA GLN ZA 426 -52.79 9.54 -131.27
C GLN ZA 426 -53.70 8.49 -131.93
N MET AB 1 3.29 -108.28 -76.13
CA MET AB 1 3.09 -109.76 -76.30
C MET AB 1 1.63 -109.97 -76.66
N ARG AB 2 1.02 -110.94 -75.98
CA ARG AB 2 -0.39 -111.22 -76.15
C ARG AB 2 -1.21 -110.07 -75.56
N GLU AB 3 -2.25 -109.66 -76.29
CA GLU AB 3 -2.98 -108.44 -76.00
C GLU AB 3 -4.35 -108.48 -76.68
N VAL AB 4 -5.30 -107.76 -76.08
CA VAL AB 4 -6.66 -107.67 -76.61
C VAL AB 4 -7.04 -106.19 -76.67
N ILE AB 5 -7.73 -105.80 -77.75
CA ILE AB 5 -8.03 -104.42 -78.04
C ILE AB 5 -9.49 -104.15 -77.71
N SER AB 6 -9.74 -103.04 -76.99
CA SER AB 6 -11.08 -102.63 -76.62
C SER AB 6 -11.45 -101.35 -77.39
N ILE AB 7 -12.64 -101.36 -78.00
CA ILE AB 7 -13.16 -100.23 -78.75
C ILE AB 7 -14.50 -99.86 -78.14
N HIS AB 8 -14.72 -98.55 -77.93
CA HIS AB 8 -16.00 -98.07 -77.40
C HIS AB 8 -16.59 -97.08 -78.37
N VAL AB 9 -17.57 -97.52 -79.17
CA VAL AB 9 -18.19 -96.69 -80.20
C VAL AB 9 -19.61 -96.35 -79.78
N GLY AB 10 -19.90 -95.06 -79.65
CA GLY AB 10 -21.20 -94.68 -79.13
C GLY AB 10 -21.15 -94.34 -77.65
N GLN AB 11 -22.21 -93.66 -77.21
CA GLN AB 11 -22.26 -93.16 -75.85
C GLN AB 11 -22.26 -94.31 -74.82
N ALA AB 12 -23.12 -95.28 -75.13
CA ALA AB 12 -23.38 -96.38 -74.22
C ALA AB 12 -22.10 -97.18 -73.96
N GLY AB 13 -21.35 -97.43 -75.05
CA GLY AB 13 -20.07 -98.11 -74.96
C GLY AB 13 -19.06 -97.28 -74.17
N ILE AB 14 -19.11 -95.97 -74.35
CA ILE AB 14 -18.13 -95.08 -73.74
C ILE AB 14 -18.32 -95.00 -72.22
N GLN AB 15 -19.59 -94.76 -71.80
CA GLN AB 15 -19.91 -94.64 -70.38
C GLN AB 15 -19.59 -95.97 -69.67
N ILE AB 16 -19.93 -97.09 -70.33
CA ILE AB 16 -19.59 -98.40 -69.80
C ILE AB 16 -18.07 -98.56 -69.74
N GLY AB 17 -17.40 -98.20 -70.84
CA GLY AB 17 -15.96 -98.28 -70.89
C GLY AB 17 -15.25 -97.32 -69.92
N ASN AB 18 -15.90 -96.20 -69.64
CA ASN AB 18 -15.38 -95.24 -68.68
C ASN AB 18 -15.38 -95.85 -67.27
N ALA AB 19 -16.38 -96.71 -67.03
CA ALA AB 19 -16.46 -97.46 -65.78
C ALA AB 19 -15.55 -98.70 -65.80
N CYS AB 20 -15.08 -99.09 -67.00
CA CYS AB 20 -14.12 -100.18 -67.07
C CYS AB 20 -12.75 -99.72 -66.56
N TRP AB 21 -12.42 -98.45 -66.85
CA TRP AB 21 -11.05 -98.01 -66.73
C TRP AB 21 -10.72 -97.31 -65.40
N GLU AB 22 -11.58 -97.43 -64.37
CA GLU AB 22 -11.00 -97.32 -63.03
C GLU AB 22 -10.69 -98.75 -62.53
N LEU AB 23 -11.53 -99.70 -62.97
CA LEU AB 23 -11.46 -101.07 -62.45
C LEU AB 23 -10.19 -101.78 -62.89
N PHE AB 24 -9.83 -101.57 -64.15
CA PHE AB 24 -8.59 -102.17 -64.65
C PHE AB 24 -7.38 -101.45 -64.07
N CYS AB 25 -7.53 -100.15 -63.76
CA CYS AB 25 -6.42 -99.37 -63.23
C CYS AB 25 -6.15 -99.73 -61.78
N LEU AB 26 -7.23 -99.99 -61.03
CA LEU AB 26 -7.09 -100.28 -59.62
C LEU AB 26 -6.55 -101.70 -59.41
N GLU AB 27 -6.88 -102.62 -60.33
CA GLU AB 27 -6.51 -104.03 -60.18
C GLU AB 27 -5.00 -104.21 -60.35
N HIS AB 28 -4.40 -103.41 -61.24
CA HIS AB 28 -2.98 -103.54 -61.52
C HIS AB 28 -2.14 -102.55 -60.73
N GLY AB 29 -2.79 -101.62 -60.02
CA GLY AB 29 -2.11 -100.68 -59.14
C GLY AB 29 -1.52 -99.47 -59.87
N ILE AB 30 -1.94 -99.24 -61.11
CA ILE AB 30 -1.48 -98.05 -61.81
C ILE AB 30 -2.27 -96.85 -61.30
N GLN AB 31 -1.79 -95.66 -61.66
CA GLN AB 31 -2.31 -94.39 -61.15
C GLN AB 31 -3.12 -93.66 -62.23
N PRO AB 32 -3.93 -92.61 -61.91
CA PRO AB 32 -4.54 -91.76 -62.96
C PRO AB 32 -3.58 -91.29 -64.04
N ASP AB 33 -2.34 -90.97 -63.64
CA ASP AB 33 -1.27 -90.56 -64.51
C ASP AB 33 -0.93 -91.72 -65.47
N GLY AB 34 -0.44 -92.86 -64.93
CA GLY AB 34 -0.18 -94.04 -65.76
C GLY AB 34 1.13 -94.75 -65.45
N GLN AB 35 1.73 -94.40 -64.30
CA GLN AB 35 2.97 -95.05 -63.90
C GLN AB 35 2.81 -95.75 -62.55
N MET AB 36 3.28 -97.00 -62.41
CA MET AB 36 3.56 -97.57 -61.09
C MET AB 36 4.84 -96.90 -60.60
N PRO AB 37 5.06 -96.63 -59.28
CA PRO AB 37 6.35 -96.11 -58.84
C PRO AB 37 7.34 -97.24 -58.46
N ASP AB 47 4.24 -108.33 -66.72
CA ASP AB 47 3.94 -109.10 -67.95
C ASP AB 47 2.50 -109.64 -67.91
N ALA AB 48 1.89 -109.59 -66.73
CA ALA AB 48 0.48 -109.90 -66.61
C ALA AB 48 -0.40 -108.76 -67.13
N PHE AB 49 -0.02 -107.51 -66.83
CA PHE AB 49 -0.87 -106.37 -67.17
C PHE AB 49 -0.61 -105.97 -68.62
N ASN AB 50 0.31 -106.67 -69.30
CA ASN AB 50 0.69 -106.37 -70.66
C ASN AB 50 -0.46 -106.66 -71.62
N THR AB 51 -1.39 -107.54 -71.24
CA THR AB 51 -2.50 -107.88 -72.11
C THR AB 51 -3.45 -106.69 -72.29
N PHE AB 52 -3.41 -105.72 -71.36
CA PHE AB 52 -4.23 -104.52 -71.48
C PHE AB 52 -3.44 -103.22 -71.50
N PHE AB 53 -2.21 -103.20 -70.97
CA PHE AB 53 -1.42 -101.99 -70.88
C PHE AB 53 -0.12 -102.13 -71.67
N SER AB 54 0.10 -101.16 -72.55
CA SER AB 54 1.34 -101.11 -73.33
C SER AB 54 2.37 -100.33 -72.52
N GLU AB 55 3.59 -100.88 -72.49
CA GLU AB 55 4.74 -100.23 -71.89
C GLU AB 55 5.05 -98.95 -72.65
N THR AB 56 5.26 -97.86 -71.91
CA THR AB 56 5.67 -96.59 -72.49
C THR AB 56 6.85 -96.01 -71.72
N GLY AB 57 8.05 -96.52 -72.08
CA GLY AB 57 9.33 -96.12 -71.55
C GLY AB 57 9.50 -96.58 -70.10
N ALA AB 58 9.98 -95.66 -69.26
CA ALA AB 58 10.30 -95.94 -67.86
C ALA AB 58 9.02 -95.88 -67.00
N GLY AB 59 8.23 -96.95 -67.07
CA GLY AB 59 7.24 -97.18 -66.03
C GLY AB 59 5.85 -96.61 -66.36
N LYS AB 60 5.73 -95.68 -67.31
CA LYS AB 60 4.42 -95.24 -67.78
C LYS AB 60 3.71 -96.37 -68.54
N HIS AB 61 2.39 -96.45 -68.33
CA HIS AB 61 1.57 -97.38 -69.10
C HIS AB 61 0.39 -96.64 -69.69
N VAL AB 62 -0.05 -97.14 -70.85
CA VAL AB 62 -1.21 -96.61 -71.53
C VAL AB 62 -2.14 -97.79 -71.85
N PRO AB 63 -3.48 -97.59 -71.76
CA PRO AB 63 -4.40 -98.68 -72.09
C PRO AB 63 -4.52 -98.89 -73.60
N ARG AB 64 -5.00 -100.08 -73.96
CA ARG AB 64 -5.22 -100.44 -75.36
C ARG AB 64 -6.69 -100.22 -75.73
N CYS AB 65 -7.18 -99.01 -75.47
CA CYS AB 65 -8.58 -98.68 -75.73
C CYS AB 65 -8.67 -97.45 -76.63
N VAL AB 66 -9.45 -97.57 -77.72
CA VAL AB 66 -9.69 -96.47 -78.64
C VAL AB 66 -11.13 -96.02 -78.49
N PHE AB 67 -11.30 -94.72 -78.22
CA PHE AB 67 -12.61 -94.12 -78.05
C PHE AB 67 -13.02 -93.51 -79.39
N LEU AB 68 -14.22 -93.82 -79.86
CA LEU AB 68 -14.69 -93.29 -81.13
C LEU AB 68 -16.14 -92.84 -80.98
N ASP AB 69 -16.36 -91.53 -81.13
CA ASP AB 69 -17.69 -90.96 -81.04
C ASP AB 69 -17.78 -89.74 -81.92
N LEU AB 70 -18.86 -89.64 -82.68
CA LEU AB 70 -19.11 -88.47 -83.51
C LEU AB 70 -19.45 -87.27 -82.64
N GLU AB 71 -20.20 -87.48 -81.54
CA GLU AB 71 -20.38 -86.46 -80.52
C GLU AB 71 -19.03 -86.14 -79.90
N PRO AB 72 -18.64 -84.85 -79.78
CA PRO AB 72 -17.49 -84.51 -78.95
C PRO AB 72 -17.83 -84.48 -77.47
N THR AB 73 -19.11 -84.31 -77.13
CA THR AB 73 -19.54 -83.93 -75.80
C THR AB 73 -19.32 -85.05 -74.77
N VAL AB 74 -19.06 -86.27 -75.26
CA VAL AB 74 -18.87 -87.42 -74.39
C VAL AB 74 -17.38 -87.78 -74.30
N VAL AB 75 -16.57 -87.34 -75.26
CA VAL AB 75 -15.15 -87.71 -75.31
C VAL AB 75 -14.26 -86.55 -74.87
N ASP AB 76 -14.68 -85.30 -75.09
CA ASP AB 76 -13.86 -84.17 -74.69
C ASP AB 76 -13.90 -84.00 -73.16
N GLU AB 77 -14.95 -84.55 -72.58
CA GLU AB 77 -15.15 -84.43 -71.15
C GLU AB 77 -14.36 -85.52 -70.42
N VAL AB 78 -13.78 -86.43 -71.20
CA VAL AB 78 -12.74 -87.35 -70.74
C VAL AB 78 -11.37 -86.70 -70.80
N ARG AB 79 -11.14 -85.87 -71.82
CA ARG AB 79 -9.87 -85.16 -71.97
C ARG AB 79 -9.67 -84.15 -70.83
N THR AB 80 -10.77 -83.56 -70.34
CA THR AB 80 -10.72 -82.64 -69.22
C THR AB 80 -10.93 -83.33 -67.88
N GLY AB 81 -11.28 -84.62 -67.92
CA GLY AB 81 -11.52 -85.40 -66.70
C GLY AB 81 -10.22 -85.74 -65.98
N THR AB 82 -10.28 -86.47 -64.85
CA THR AB 82 -9.05 -86.72 -64.09
C THR AB 82 -8.18 -87.80 -64.72
N TYR AB 83 -8.78 -88.63 -65.57
CA TYR AB 83 -8.03 -89.63 -66.33
C TYR AB 83 -7.59 -89.05 -67.67
N ARG AB 84 -7.11 -87.83 -67.61
CA ARG AB 84 -6.71 -87.07 -68.78
C ARG AB 84 -5.41 -87.63 -69.37
N HIS AB 85 -4.58 -88.18 -68.50
CA HIS AB 85 -3.18 -88.42 -68.75
C HIS AB 85 -2.97 -89.93 -68.98
N LEU AB 86 -4.03 -90.73 -68.76
CA LEU AB 86 -3.89 -92.15 -68.92
C LEU AB 86 -3.83 -92.48 -70.40
N PHE AB 87 -4.75 -91.87 -71.16
CA PHE AB 87 -4.81 -92.20 -72.57
C PHE AB 87 -3.83 -91.34 -73.35
N HIS AB 88 -3.48 -91.91 -74.51
CA HIS AB 88 -2.76 -91.16 -75.51
C HIS AB 88 -3.71 -90.08 -76.04
N PRO AB 89 -3.23 -88.84 -76.21
CA PRO AB 89 -4.13 -87.78 -76.69
C PRO AB 89 -4.70 -88.01 -78.08
N GLU AB 90 -4.01 -88.80 -78.93
CA GLU AB 90 -4.54 -89.07 -80.26
C GLU AB 90 -5.51 -90.25 -80.23
N GLN AB 91 -5.53 -90.96 -79.10
CA GLN AB 91 -6.28 -92.21 -79.01
C GLN AB 91 -7.77 -91.99 -78.80
N LEU AB 92 -8.15 -90.78 -78.35
CA LEU AB 92 -9.56 -90.43 -78.23
C LEU AB 92 -9.92 -89.61 -79.47
N ILE AB 93 -10.79 -90.17 -80.32
CA ILE AB 93 -11.15 -89.62 -81.61
C ILE AB 93 -12.58 -89.06 -81.52
N SER AB 94 -12.76 -87.78 -81.90
CA SER AB 94 -14.05 -87.10 -81.82
C SER AB 94 -14.44 -86.57 -83.20
N GLY AB 95 -15.75 -86.50 -83.45
CA GLY AB 95 -16.29 -85.90 -84.66
C GLY AB 95 -16.79 -84.48 -84.43
N LYS AB 96 -17.74 -84.05 -85.28
CA LYS AB 96 -18.43 -82.78 -85.12
C LYS AB 96 -19.95 -82.97 -84.99
N GLU AB 97 -20.63 -83.85 -85.78
CA GLU AB 97 -22.09 -83.89 -85.77
C GLU AB 97 -22.63 -85.27 -85.34
N ASP AB 98 -23.74 -85.31 -84.58
CA ASP AB 98 -24.27 -86.58 -84.07
C ASP AB 98 -24.85 -87.41 -85.21
N ALA AB 99 -24.86 -88.74 -85.02
CA ALA AB 99 -25.61 -89.63 -85.89
C ALA AB 99 -27.12 -89.44 -85.68
N ALA AB 100 -27.51 -89.07 -84.46
CA ALA AB 100 -28.88 -88.71 -84.10
C ALA AB 100 -29.85 -89.85 -84.36
N ASN AB 101 -29.57 -90.97 -83.72
CA ASN AB 101 -30.47 -92.12 -83.66
C ASN AB 101 -30.80 -92.64 -85.04
N ASN AB 102 -29.90 -92.40 -86.00
CA ASN AB 102 -30.14 -92.72 -87.39
C ASN AB 102 -29.05 -93.69 -87.83
N PHE AB 103 -29.46 -94.94 -88.05
CA PHE AB 103 -28.54 -95.96 -88.54
C PHE AB 103 -27.98 -95.56 -89.91
N ALA AB 104 -28.77 -94.87 -90.72
CA ALA AB 104 -28.31 -94.43 -92.03
C ALA AB 104 -27.21 -93.38 -91.89
N ARG AB 105 -27.32 -92.54 -90.84
CA ARG AB 105 -26.36 -91.46 -90.66
C ARG AB 105 -25.01 -92.02 -90.23
N GLY AB 106 -25.02 -92.93 -89.24
CA GLY AB 106 -23.78 -93.45 -88.68
C GLY AB 106 -23.07 -94.45 -89.57
N HIS AB 107 -23.69 -94.83 -90.70
CA HIS AB 107 -23.19 -95.90 -91.54
C HIS AB 107 -22.94 -95.45 -92.99
N TYR AB 108 -23.54 -94.32 -93.41
CA TYR AB 108 -23.45 -94.03 -94.84
C TYR AB 108 -22.87 -92.66 -95.13
N THR AB 109 -23.21 -91.68 -94.28
CA THR AB 109 -22.86 -90.32 -94.61
C THR AB 109 -21.71 -89.79 -93.75
N ILE AB 110 -21.91 -89.74 -92.42
CA ILE AB 110 -20.91 -89.19 -91.51
C ILE AB 110 -20.01 -90.32 -91.03
N GLY AB 111 -20.23 -91.50 -91.64
CA GLY AB 111 -19.38 -92.66 -91.41
C GLY AB 111 -17.93 -92.49 -91.88
N LYS AB 112 -17.76 -92.33 -93.20
CA LYS AB 112 -16.48 -92.44 -93.89
C LYS AB 112 -15.47 -91.36 -93.44
N GLU AB 113 -15.98 -90.27 -92.86
CA GLU AB 113 -15.11 -89.15 -92.54
C GLU AB 113 -14.27 -89.45 -91.30
N ILE AB 114 -14.61 -90.51 -90.53
CA ILE AB 114 -13.98 -90.75 -89.24
C ILE AB 114 -13.50 -92.19 -89.08
N VAL AB 115 -13.96 -93.10 -89.94
CA VAL AB 115 -13.59 -94.50 -89.81
C VAL AB 115 -12.10 -94.67 -90.10
N ASP AB 116 -11.63 -93.99 -91.15
CA ASP AB 116 -10.25 -94.11 -91.59
C ASP AB 116 -9.26 -93.60 -90.55
N LEU AB 117 -9.68 -92.63 -89.73
CA LEU AB 117 -8.82 -92.20 -88.64
C LEU AB 117 -8.73 -93.27 -87.56
N SER AB 118 -9.86 -93.96 -87.33
CA SER AB 118 -9.90 -94.97 -86.28
C SER AB 118 -9.16 -96.24 -86.72
N LEU AB 119 -9.30 -96.62 -88.00
CA LEU AB 119 -8.60 -97.77 -88.57
C LEU AB 119 -7.09 -97.54 -88.51
N ASP AB 120 -6.66 -96.30 -88.75
CA ASP AB 120 -5.25 -95.97 -88.68
C ASP AB 120 -4.76 -96.08 -87.23
N ARG AB 121 -5.60 -95.68 -86.27
CA ARG AB 121 -5.23 -95.72 -84.86
C ARG AB 121 -5.14 -97.18 -84.37
N ILE AB 122 -6.13 -98.00 -84.75
CA ILE AB 122 -6.15 -99.37 -84.29
C ILE AB 122 -5.00 -100.17 -84.89
N ARG AB 123 -4.56 -99.80 -86.09
CA ARG AB 123 -3.49 -100.50 -86.77
C ARG AB 123 -2.16 -100.20 -86.08
N LYS AB 124 -1.96 -98.95 -85.66
CA LYS AB 124 -0.74 -98.58 -84.98
C LYS AB 124 -0.71 -99.11 -83.54
N LEU AB 125 -1.85 -99.63 -83.07
CA LEU AB 125 -1.91 -100.20 -81.73
C LEU AB 125 -1.77 -101.72 -81.78
N ALA AB 126 -2.18 -102.35 -82.90
CA ALA AB 126 -2.20 -103.81 -83.01
C ALA AB 126 -0.85 -104.37 -83.46
N ASP AB 127 -0.12 -103.59 -84.26
CA ASP AB 127 1.05 -104.11 -84.97
C ASP AB 127 2.34 -104.03 -84.14
N ASN AB 128 2.25 -103.58 -82.89
CA ASN AB 128 3.43 -103.55 -82.03
C ASN AB 128 3.85 -104.97 -81.66
N CYS AB 129 2.87 -105.85 -81.37
CA CYS AB 129 3.16 -107.21 -80.92
C CYS AB 129 2.32 -108.22 -81.71
N THR AB 130 2.85 -109.45 -81.86
CA THR AB 130 2.07 -110.55 -82.40
C THR AB 130 1.29 -111.23 -81.27
N GLY AB 131 0.49 -112.23 -81.66
CA GLY AB 131 -0.26 -113.00 -80.67
C GLY AB 131 -1.43 -112.20 -80.11
N LEU AB 132 -2.12 -111.49 -81.02
CA LEU AB 132 -3.38 -110.81 -80.76
C LEU AB 132 -4.44 -111.85 -80.36
N GLN AB 133 -5.20 -111.54 -79.31
CA GLN AB 133 -6.27 -112.41 -78.82
C GLN AB 133 -7.58 -112.11 -79.57
N GLY AB 134 -8.05 -110.86 -79.50
CA GLY AB 134 -9.32 -110.53 -80.10
C GLY AB 134 -9.69 -109.05 -79.91
N PHE AB 135 -11.00 -108.78 -80.03
CA PHE AB 135 -11.52 -107.43 -79.89
C PHE AB 135 -12.63 -107.41 -78.85
N LEU AB 136 -12.63 -106.35 -78.03
CA LEU AB 136 -13.74 -106.10 -77.13
C LEU AB 136 -14.43 -104.81 -77.56
N MET AB 137 -15.32 -104.91 -78.54
CA MET AB 137 -16.07 -103.74 -78.92
C MET AB 137 -17.24 -103.55 -77.96
N PHE AB 138 -17.57 -102.28 -77.68
CA PHE AB 138 -18.64 -101.92 -76.76
C PHE AB 138 -19.58 -100.95 -77.48
N ASN AB 139 -20.86 -101.29 -77.57
CA ASN AB 139 -21.78 -100.40 -78.26
C ASN AB 139 -23.19 -100.63 -77.78
N ALA AB 140 -24.05 -99.72 -78.24
CA ALA AB 140 -25.47 -99.65 -77.97
C ALA AB 140 -26.25 -100.09 -79.19
N VAL AB 141 -27.26 -100.94 -79.01
CA VAL AB 141 -28.01 -101.40 -80.17
C VAL AB 141 -28.96 -100.31 -80.64
N GLY AB 142 -29.55 -99.61 -79.65
CA GLY AB 142 -30.64 -98.66 -79.86
C GLY AB 142 -30.21 -97.38 -80.58
N GLY AB 143 -28.91 -97.05 -80.45
CA GLY AB 143 -28.37 -95.78 -80.89
C GLY AB 143 -28.15 -95.73 -82.40
N GLY AB 144 -27.59 -94.60 -82.83
CA GLY AB 144 -27.24 -94.37 -84.22
C GLY AB 144 -25.77 -94.66 -84.47
N THR AB 145 -24.92 -94.16 -83.58
CA THR AB 145 -23.49 -94.39 -83.68
C THR AB 145 -23.20 -95.87 -83.42
N GLY AB 146 -23.72 -96.35 -82.28
CA GLY AB 146 -23.44 -97.69 -81.80
C GLY AB 146 -23.91 -98.77 -82.75
N SER AB 147 -24.97 -98.47 -83.52
CA SER AB 147 -25.49 -99.41 -84.49
C SER AB 147 -24.79 -99.21 -85.84
N GLY AB 148 -24.76 -97.96 -86.32
CA GLY AB 148 -24.21 -97.67 -87.64
C GLY AB 148 -22.70 -97.80 -87.70
N LEU AB 149 -22.03 -97.01 -86.84
CA LEU AB 149 -20.58 -96.92 -86.90
C LEU AB 149 -19.92 -98.24 -86.45
N GLY AB 150 -20.65 -99.02 -85.64
CA GLY AB 150 -20.19 -100.35 -85.26
C GLY AB 150 -20.11 -101.30 -86.45
N CYS AB 151 -21.18 -101.29 -87.26
CA CYS AB 151 -21.24 -102.07 -88.48
C CYS AB 151 -20.15 -101.62 -89.46
N LEU AB 152 -19.97 -100.30 -89.59
CA LEU AB 152 -18.94 -99.79 -90.48
C LEU AB 152 -17.53 -100.13 -89.97
N LEU AB 153 -17.38 -100.22 -88.64
CA LEU AB 153 -16.11 -100.63 -88.07
C LEU AB 153 -15.83 -102.11 -88.34
N LEU AB 154 -16.84 -102.96 -88.10
CA LEU AB 154 -16.64 -104.39 -88.23
C LEU AB 154 -16.50 -104.85 -89.68
N GLU AB 155 -17.00 -104.06 -90.64
CA GLU AB 155 -16.79 -104.37 -92.06
C GLU AB 155 -15.30 -104.32 -92.43
N ARG AB 156 -14.57 -103.32 -91.92
CA ARG AB 156 -13.16 -103.16 -92.23
C ARG AB 156 -12.35 -104.22 -91.48
N LEU AB 157 -12.71 -104.47 -90.22
CA LEU AB 157 -11.95 -105.39 -89.38
C LEU AB 157 -12.09 -106.84 -89.84
N SER AB 158 -13.27 -107.17 -90.42
CA SER AB 158 -13.48 -108.52 -90.92
C SER AB 158 -12.71 -108.77 -92.21
N VAL AB 159 -12.49 -107.70 -92.98
CA VAL AB 159 -11.80 -107.82 -94.25
C VAL AB 159 -10.32 -108.17 -94.01
N ASP AB 160 -9.66 -107.43 -93.13
CA ASP AB 160 -8.21 -107.56 -93.00
C ASP AB 160 -7.85 -108.61 -91.93
N TYR AB 161 -8.51 -108.55 -90.77
CA TYR AB 161 -8.31 -109.55 -89.74
C TYR AB 161 -9.39 -110.63 -89.82
N GLY AB 162 -9.38 -111.37 -90.94
CA GLY AB 162 -10.40 -112.38 -91.26
C GLY AB 162 -10.41 -113.56 -90.29
N LYS AB 163 -9.24 -113.95 -89.79
CA LYS AB 163 -9.03 -115.18 -89.07
C LYS AB 163 -9.02 -114.96 -87.54
N LYS AB 164 -9.19 -113.70 -87.11
CA LYS AB 164 -9.00 -113.36 -85.70
C LYS AB 164 -10.37 -113.17 -85.05
N SER AB 165 -10.54 -113.72 -83.84
CA SER AB 165 -11.80 -113.64 -83.12
C SER AB 165 -12.09 -112.19 -82.70
N LYS AB 166 -13.39 -111.90 -82.51
CA LYS AB 166 -13.84 -110.62 -81.97
C LYS AB 166 -15.19 -110.82 -81.28
N LEU AB 167 -15.35 -110.11 -80.16
CA LEU AB 167 -16.55 -110.24 -79.36
C LEU AB 167 -17.11 -108.86 -79.01
N ASN AB 168 -18.45 -108.77 -78.99
CA ASN AB 168 -19.13 -107.51 -78.83
C ASN AB 168 -19.98 -107.53 -77.56
N PHE AB 169 -20.14 -106.36 -76.94
CA PHE AB 169 -21.10 -106.18 -75.87
C PHE AB 169 -22.16 -105.18 -76.30
N CYS AB 170 -23.41 -105.66 -76.39
CA CYS AB 170 -24.51 -104.88 -76.92
C CYS AB 170 -25.58 -104.68 -75.82
N SER AB 171 -25.95 -103.41 -75.64
CA SER AB 171 -26.94 -103.04 -74.63
C SER AB 171 -28.33 -103.09 -75.25
N TRP AB 172 -28.87 -104.32 -75.37
CA TRP AB 172 -30.08 -104.57 -76.12
C TRP AB 172 -31.29 -103.91 -75.46
N PRO AB 173 -32.25 -103.35 -76.25
CA PRO AB 173 -33.43 -102.72 -75.66
C PRO AB 173 -34.38 -103.68 -74.95
N SER AB 174 -34.96 -103.19 -73.85
CA SER AB 174 -35.86 -103.94 -72.98
C SER AB 174 -37.27 -103.89 -73.54
N PRO AB 175 -38.23 -104.73 -73.07
CA PRO AB 175 -39.64 -104.52 -73.39
C PRO AB 175 -40.25 -103.17 -73.01
N GLN AB 176 -40.03 -102.74 -71.76
CA GLN AB 176 -40.69 -101.57 -71.23
C GLN AB 176 -39.80 -100.32 -71.28
N VAL AB 177 -38.68 -100.39 -70.57
CA VAL AB 177 -37.76 -99.28 -70.49
C VAL AB 177 -36.96 -99.22 -71.79
N SER AB 178 -37.16 -98.16 -72.59
CA SER AB 178 -36.39 -98.02 -73.83
C SER AB 178 -35.97 -96.59 -74.12
N THR AB 179 -36.67 -95.58 -73.55
CA THR AB 179 -36.30 -94.17 -73.52
C THR AB 179 -36.00 -93.54 -74.90
N ALA AB 180 -36.35 -94.25 -75.99
CA ALA AB 180 -36.32 -93.68 -77.33
C ALA AB 180 -37.35 -94.39 -78.17
N VAL AB 181 -37.73 -93.75 -79.28
CA VAL AB 181 -38.87 -94.19 -80.06
C VAL AB 181 -38.42 -94.97 -81.30
N VAL AB 182 -37.23 -94.72 -81.85
CA VAL AB 182 -36.84 -95.35 -83.11
C VAL AB 182 -35.88 -96.51 -82.87
N GLU AB 183 -35.82 -97.00 -81.64
CA GLU AB 183 -34.91 -98.10 -81.28
C GLU AB 183 -35.32 -99.43 -81.92
N PRO AB 184 -36.62 -99.81 -82.07
CA PRO AB 184 -36.95 -101.01 -82.85
C PRO AB 184 -36.49 -100.97 -84.31
N TYR AB 185 -36.42 -99.77 -84.91
CA TYR AB 185 -35.78 -99.64 -86.21
C TYR AB 185 -34.29 -99.91 -86.12
N ASN AB 186 -33.65 -99.37 -85.08
CA ASN AB 186 -32.20 -99.45 -84.96
C ASN AB 186 -31.75 -100.85 -84.57
N SER AB 187 -32.68 -101.68 -84.07
CA SER AB 187 -32.33 -103.00 -83.57
C SER AB 187 -32.21 -104.02 -84.70
N VAL AB 188 -33.26 -104.11 -85.52
CA VAL AB 188 -33.32 -105.09 -86.59
C VAL AB 188 -32.23 -104.77 -87.61
N LEU AB 189 -32.00 -103.48 -87.84
CA LEU AB 189 -30.99 -103.00 -88.78
C LEU AB 189 -29.58 -103.36 -88.30
N SER AB 190 -29.33 -103.24 -86.99
CA SER AB 190 -28.02 -103.54 -86.44
C SER AB 190 -27.80 -105.06 -86.44
N THR AB 191 -28.81 -105.78 -85.96
CA THR AB 191 -28.68 -107.22 -85.78
C THR AB 191 -28.59 -107.98 -87.10
N HIS AB 192 -28.91 -107.32 -88.21
CA HIS AB 192 -28.69 -107.92 -89.53
C HIS AB 192 -27.22 -108.17 -89.78
N SER AB 193 -26.40 -107.18 -89.40
CA SER AB 193 -24.97 -107.23 -89.68
C SER AB 193 -24.14 -107.64 -88.47
N LEU AB 194 -24.77 -107.75 -87.29
CA LEU AB 194 -24.14 -108.34 -86.12
C LEU AB 194 -24.35 -109.85 -86.06
N LEU AB 195 -24.65 -110.48 -87.20
CA LEU AB 195 -24.60 -111.94 -87.37
C LEU AB 195 -23.28 -112.39 -87.97
N GLU AB 196 -22.84 -111.71 -89.04
CA GLU AB 196 -21.74 -112.18 -89.87
C GLU AB 196 -20.45 -111.40 -89.60
N HIS AB 197 -20.40 -110.63 -88.51
CA HIS AB 197 -19.19 -109.87 -88.19
C HIS AB 197 -18.74 -110.03 -86.75
N THR AB 198 -19.33 -110.98 -86.01
CA THR AB 198 -19.02 -111.12 -84.59
C THR AB 198 -19.13 -112.59 -84.22
N ASP AB 199 -18.23 -113.02 -83.32
CA ASP AB 199 -18.20 -114.40 -82.84
C ASP AB 199 -18.97 -114.58 -81.53
N VAL AB 200 -18.92 -113.58 -80.63
CA VAL AB 200 -19.65 -113.64 -79.36
C VAL AB 200 -20.36 -112.30 -79.15
N ALA AB 201 -21.68 -112.36 -78.97
CA ALA AB 201 -22.49 -111.16 -78.81
C ALA AB 201 -23.23 -111.26 -77.47
N VAL AB 202 -22.65 -110.65 -76.45
CA VAL AB 202 -23.23 -110.72 -75.11
C VAL AB 202 -24.30 -109.64 -75.00
N MET AB 203 -25.53 -110.06 -74.72
CA MET AB 203 -26.65 -109.12 -74.69
C MET AB 203 -26.91 -108.67 -73.26
N LEU AB 204 -26.84 -107.36 -73.02
CA LEU AB 204 -27.17 -106.79 -71.72
C LEU AB 204 -28.42 -105.92 -71.84
N ASP AB 205 -29.21 -105.86 -70.76
CA ASP AB 205 -30.49 -105.16 -70.76
C ASP AB 205 -30.59 -104.27 -69.53
N ASN AB 206 -31.11 -103.05 -69.70
CA ASN AB 206 -31.01 -102.08 -68.62
C ASN AB 206 -32.05 -102.33 -67.53
N GLU AB 207 -33.26 -102.76 -67.88
CA GLU AB 207 -34.28 -102.95 -66.85
C GLU AB 207 -34.02 -104.23 -66.03
N ALA AB 208 -33.19 -105.14 -66.57
CA ALA AB 208 -32.78 -106.30 -65.80
C ALA AB 208 -31.84 -105.86 -64.66
N ILE AB 209 -30.84 -105.04 -65.01
CA ILE AB 209 -29.90 -104.53 -64.03
C ILE AB 209 -30.63 -103.58 -63.06
N TYR AB 210 -31.68 -102.89 -63.53
CA TYR AB 210 -32.57 -102.11 -62.68
C TYR AB 210 -33.22 -102.97 -61.59
N ASP AB 211 -33.66 -104.19 -61.96
CA ASP AB 211 -34.32 -105.10 -61.03
C ASP AB 211 -33.33 -105.67 -60.02
N ILE AB 212 -32.13 -105.97 -60.53
CA ILE AB 212 -31.09 -106.47 -59.66
C ILE AB 212 -30.68 -105.39 -58.66
N CYS AB 213 -30.64 -104.12 -59.08
CA CYS AB 213 -30.25 -103.01 -58.22
C CYS AB 213 -31.28 -102.77 -57.11
N ARG AB 214 -32.51 -103.24 -57.33
CA ARG AB 214 -33.55 -102.98 -56.35
C ARG AB 214 -33.58 -104.08 -55.28
N ARG AB 215 -33.35 -105.34 -55.68
CA ARG AB 215 -33.62 -106.45 -54.79
C ARG AB 215 -32.34 -106.93 -54.10
N ASN AB 216 -31.18 -106.67 -54.69
CA ASN AB 216 -29.90 -107.09 -54.09
C ASN AB 216 -29.24 -105.93 -53.37
N LEU AB 217 -28.98 -104.84 -54.10
CA LEU AB 217 -28.26 -103.71 -53.55
C LEU AB 217 -29.18 -102.86 -52.67
N ASP AB 218 -30.48 -102.95 -52.93
CA ASP AB 218 -31.47 -102.08 -52.31
C ASP AB 218 -31.21 -100.63 -52.70
N ILE AB 219 -30.80 -100.42 -53.95
CA ILE AB 219 -30.69 -99.07 -54.51
C ILE AB 219 -31.97 -98.77 -55.27
N GLU AB 220 -32.73 -97.81 -54.75
CA GLU AB 220 -33.96 -97.38 -55.40
C GLU AB 220 -33.65 -96.36 -56.50
N ARG AB 221 -32.49 -95.71 -56.44
CA ARG AB 221 -32.16 -94.63 -57.35
C ARG AB 221 -30.81 -94.83 -58.02
N PRO AB 222 -30.59 -95.87 -58.87
CA PRO AB 222 -29.29 -96.01 -59.51
C PRO AB 222 -29.25 -95.23 -60.82
N THR AB 223 -28.08 -94.62 -61.08
CA THR AB 223 -27.86 -93.74 -62.22
C THR AB 223 -27.26 -94.58 -63.36
N TYR AB 224 -26.74 -93.96 -64.44
CA TYR AB 224 -25.95 -94.72 -65.40
C TYR AB 224 -24.68 -95.29 -64.78
N THR AB 225 -24.02 -94.51 -63.94
CA THR AB 225 -22.70 -94.91 -63.48
C THR AB 225 -22.76 -96.11 -62.51
N ASN AB 226 -23.86 -96.28 -61.78
CA ASN AB 226 -24.00 -97.44 -60.91
C ASN AB 226 -24.28 -98.71 -61.70
N LEU AB 227 -24.95 -98.59 -62.86
CA LEU AB 227 -25.14 -99.72 -63.75
C LEU AB 227 -23.80 -100.11 -64.36
N ASN AB 228 -23.01 -99.10 -64.73
CA ASN AB 228 -21.76 -99.32 -65.44
C ASN AB 228 -20.71 -99.91 -64.51
N ARG AB 229 -20.73 -99.59 -63.19
CA ARG AB 229 -19.84 -100.19 -62.19
C ARG AB 229 -20.07 -101.69 -62.11
N LEU AB 230 -21.36 -102.06 -62.11
CA LEU AB 230 -21.75 -103.45 -61.99
C LEU AB 230 -21.52 -104.19 -63.31
N ILE AB 231 -21.60 -103.49 -64.45
CA ILE AB 231 -21.27 -104.08 -65.73
C ILE AB 231 -19.77 -104.34 -65.81
N ALA AB 232 -18.95 -103.42 -65.29
CA ALA AB 232 -17.50 -103.53 -65.43
C ALA AB 232 -16.96 -104.68 -64.59
N GLN AB 233 -17.70 -105.08 -63.54
CA GLN AB 233 -17.30 -106.24 -62.76
C GLN AB 233 -17.53 -107.52 -63.58
N VAL AB 234 -18.54 -107.52 -64.48
CA VAL AB 234 -18.81 -108.64 -65.36
C VAL AB 234 -17.69 -108.75 -66.38
N ILE AB 235 -17.22 -107.60 -66.89
CA ILE AB 235 -16.13 -107.55 -67.85
C ILE AB 235 -14.84 -108.06 -67.20
N SER AB 236 -14.55 -107.56 -65.99
CA SER AB 236 -13.29 -107.83 -65.31
C SER AB 236 -13.19 -109.31 -64.92
N SER AB 237 -14.29 -109.90 -64.48
CA SER AB 237 -14.31 -111.31 -64.16
C SER AB 237 -14.22 -112.16 -65.43
N LEU AB 238 -14.69 -111.61 -66.56
CA LEU AB 238 -14.80 -112.39 -67.78
C LEU AB 238 -13.42 -112.66 -68.38
N THR AB 239 -12.54 -111.67 -68.21
CA THR AB 239 -11.29 -111.59 -68.95
C THR AB 239 -10.10 -111.96 -68.06
N ALA AB 240 -10.32 -112.07 -66.74
CA ALA AB 240 -9.25 -112.23 -65.76
C ALA AB 240 -8.46 -113.52 -65.94
N SER AB 241 -8.98 -114.46 -66.73
CA SER AB 241 -8.31 -115.74 -66.94
C SER AB 241 -7.07 -115.55 -67.81
N LEU AB 242 -7.11 -114.61 -68.77
CA LEU AB 242 -5.96 -114.36 -69.62
C LEU AB 242 -4.97 -113.36 -69.01
N ARG AB 243 -5.26 -112.88 -67.79
CA ARG AB 243 -4.59 -111.73 -67.18
C ARG AB 243 -3.99 -112.09 -65.82
N PHE AB 244 -4.67 -113.00 -65.11
CA PHE AB 244 -4.32 -113.39 -63.75
C PHE AB 244 -4.03 -114.90 -63.73
N ASP AB 245 -3.23 -115.33 -62.75
CA ASP AB 245 -2.92 -116.73 -62.59
C ASP AB 245 -4.11 -117.45 -61.97
N GLY AB 246 -4.48 -118.58 -62.59
CA GLY AB 246 -5.65 -119.32 -62.15
C GLY AB 246 -5.37 -120.78 -61.83
N ALA AB 247 -6.34 -121.39 -61.16
CA ALA AB 247 -6.29 -122.82 -60.83
C ALA AB 247 -6.88 -123.70 -61.94
N LEU AB 248 -7.84 -123.17 -62.72
CA LEU AB 248 -8.33 -123.82 -63.93
C LEU AB 248 -8.95 -122.75 -64.82
N ASN AB 249 -8.23 -122.27 -65.84
CA ASN AB 249 -8.61 -121.05 -66.54
C ASN AB 249 -9.02 -121.34 -67.98
N VAL AB 250 -9.87 -120.47 -68.53
CA VAL AB 250 -10.34 -120.61 -69.91
C VAL AB 250 -10.36 -119.21 -70.53
N ASP AB 251 -9.85 -119.09 -71.77
CA ASP AB 251 -9.65 -117.79 -72.40
C ASP AB 251 -10.62 -117.59 -73.55
N VAL AB 252 -10.54 -116.39 -74.16
CA VAL AB 252 -11.40 -115.90 -75.23
C VAL AB 252 -11.50 -116.89 -76.41
N THR AB 253 -10.38 -117.43 -76.90
CA THR AB 253 -10.36 -118.30 -78.06
C THR AB 253 -10.97 -119.68 -77.78
N GLU AB 254 -11.13 -120.04 -76.50
CA GLU AB 254 -11.74 -121.30 -76.12
C GLU AB 254 -13.21 -121.13 -75.70
N PHE AB 255 -13.71 -119.88 -75.63
CA PHE AB 255 -15.14 -119.64 -75.44
C PHE AB 255 -15.94 -120.04 -76.68
N GLN AB 256 -15.48 -119.65 -77.89
CA GLN AB 256 -16.18 -119.80 -79.17
C GLN AB 256 -16.38 -121.28 -79.50
N THR AB 257 -15.46 -122.10 -79.01
CA THR AB 257 -15.60 -123.54 -79.21
C THR AB 257 -16.68 -124.12 -78.28
N ASN AB 258 -16.68 -123.70 -77.02
CA ASN AB 258 -17.59 -124.23 -76.02
C ASN AB 258 -19.03 -123.76 -76.23
N LEU AB 259 -19.19 -122.45 -76.38
CA LEU AB 259 -20.49 -121.81 -76.19
C LEU AB 259 -21.28 -121.69 -77.48
N VAL AB 260 -20.60 -121.69 -78.64
CA VAL AB 260 -21.30 -121.52 -79.89
C VAL AB 260 -21.41 -122.87 -80.59
N PRO AB 261 -22.59 -123.53 -80.56
CA PRO AB 261 -22.69 -124.87 -81.13
C PRO AB 261 -22.84 -124.87 -82.64
N TYR AB 262 -23.59 -123.88 -83.13
CA TYR AB 262 -23.99 -123.75 -84.53
C TYR AB 262 -23.69 -122.32 -84.98
N PRO AB 263 -23.46 -122.13 -86.31
CA PRO AB 263 -22.83 -120.93 -86.86
C PRO AB 263 -23.42 -119.57 -86.50
N ARG AB 264 -24.74 -119.53 -86.30
CA ARG AB 264 -25.45 -118.26 -86.20
C ARG AB 264 -25.90 -118.02 -84.75
N ILE AB 265 -26.14 -119.10 -84.00
CA ILE AB 265 -26.63 -119.00 -82.62
C ILE AB 265 -25.44 -118.68 -81.73
N HIS AB 266 -25.23 -117.38 -81.52
CA HIS AB 266 -24.10 -116.94 -80.72
C HIS AB 266 -24.44 -115.72 -79.87
N PHE AB 267 -25.70 -115.62 -79.46
CA PHE AB 267 -26.08 -114.59 -78.51
C PHE AB 267 -26.21 -115.21 -77.13
N MET AB 268 -25.40 -114.73 -76.18
CA MET AB 268 -25.41 -115.29 -74.83
C MET AB 268 -25.82 -114.22 -73.81
N LEU AB 269 -26.56 -114.69 -72.78
CA LEU AB 269 -26.99 -113.93 -71.62
C LEU AB 269 -25.82 -113.85 -70.62
N SER AB 270 -26.05 -113.18 -69.47
CA SER AB 270 -25.03 -113.06 -68.44
C SER AB 270 -25.69 -112.96 -67.07
N SER AB 271 -24.97 -113.42 -66.04
CA SER AB 271 -25.39 -113.26 -64.65
C SER AB 271 -24.19 -113.31 -63.74
N TYR AB 272 -24.34 -112.66 -62.59
CA TYR AB 272 -23.24 -112.59 -61.65
C TYR AB 272 -23.76 -112.86 -60.26
N ALA AB 273 -22.93 -113.50 -59.45
CA ALA AB 273 -23.30 -113.82 -58.09
C ALA AB 273 -22.05 -114.00 -57.25
N PRO AB 274 -22.01 -113.50 -56.00
CA PRO AB 274 -23.11 -112.75 -55.40
C PRO AB 274 -23.04 -111.26 -55.72
N ILE AB 275 -24.18 -110.58 -55.57
CA ILE AB 275 -24.24 -109.13 -55.70
C ILE AB 275 -24.70 -108.56 -54.38
N ILE AB 276 -23.72 -108.32 -53.50
CA ILE AB 276 -23.98 -108.13 -52.09
C ILE AB 276 -23.27 -106.84 -51.65
N SER AB 277 -24.04 -106.05 -50.89
CA SER AB 277 -23.60 -104.75 -50.41
C SER AB 277 -22.91 -104.93 -49.05
N ALA AB 278 -22.54 -103.84 -48.36
CA ALA AB 278 -21.81 -103.90 -47.08
C ALA AB 278 -22.72 -104.33 -45.94
N GLU AB 279 -24.06 -104.21 -46.14
CA GLU AB 279 -25.03 -104.66 -45.14
C GLU AB 279 -24.96 -106.19 -44.99
N LYS AB 280 -24.77 -106.89 -46.11
CA LYS AB 280 -25.18 -108.28 -46.25
C LYS AB 280 -24.01 -109.26 -46.11
N ALA AB 281 -22.80 -108.84 -46.53
CA ALA AB 281 -21.58 -109.64 -46.37
C ALA AB 281 -21.27 -109.91 -44.90
N TYR AB 282 -21.87 -109.05 -44.06
CA TYR AB 282 -21.91 -109.22 -42.62
C TYR AB 282 -22.56 -110.56 -42.28
N HIS AB 283 -23.63 -110.93 -43.00
CA HIS AB 283 -24.57 -111.94 -42.52
C HIS AB 283 -24.51 -113.29 -43.25
N GLU AB 284 -24.39 -113.29 -44.59
CA GLU AB 284 -24.16 -114.57 -45.26
C GLU AB 284 -22.66 -114.89 -45.31
N GLN AB 285 -22.32 -116.16 -45.07
CA GLN AB 285 -21.16 -116.72 -45.74
C GLN AB 285 -21.58 -117.03 -47.17
N LEU AB 286 -20.62 -116.99 -48.10
CA LEU AB 286 -20.95 -117.12 -49.49
C LEU AB 286 -20.29 -118.37 -50.08
N SER AB 287 -20.61 -119.54 -49.51
CA SER AB 287 -20.06 -120.82 -49.93
C SER AB 287 -20.39 -121.09 -51.39
N VAL AB 288 -19.69 -122.09 -51.92
CA VAL AB 288 -19.73 -122.31 -53.35
C VAL AB 288 -21.09 -122.84 -53.78
N ALA AB 289 -21.74 -123.61 -52.90
CA ALA AB 289 -23.04 -124.21 -53.21
C ALA AB 289 -24.12 -123.13 -53.35
N GLU AB 290 -24.02 -122.09 -52.50
CA GLU AB 290 -25.08 -121.07 -52.43
C GLU AB 290 -24.92 -119.99 -53.50
N ILE AB 291 -23.68 -119.66 -53.84
CA ILE AB 291 -23.43 -118.61 -54.82
C ILE AB 291 -23.70 -119.10 -56.24
N THR AB 292 -23.60 -120.42 -56.42
CA THR AB 292 -23.88 -120.98 -57.72
C THR AB 292 -25.38 -121.24 -57.90
N ASN AB 293 -26.12 -121.28 -56.78
CA ASN AB 293 -27.57 -121.41 -56.87
C ASN AB 293 -28.19 -120.06 -57.24
N SER AB 294 -27.66 -118.97 -56.66
CA SER AB 294 -28.13 -117.62 -56.93
C SER AB 294 -27.79 -117.18 -58.37
N ALA AB 295 -26.75 -117.80 -58.95
CA ALA AB 295 -26.35 -117.50 -60.33
C ALA AB 295 -27.43 -117.97 -61.31
N PHE AB 296 -28.02 -119.13 -61.02
CA PHE AB 296 -29.01 -119.69 -61.91
C PHE AB 296 -30.44 -119.27 -61.57
N GLU AB 297 -30.60 -118.46 -60.51
CA GLU AB 297 -31.90 -117.95 -60.10
C GLU AB 297 -32.43 -117.01 -61.18
N PRO AB 298 -33.68 -117.20 -61.68
CA PRO AB 298 -34.18 -116.49 -62.86
C PRO AB 298 -34.22 -114.96 -62.78
N ALA AB 299 -34.29 -114.41 -61.56
CA ALA AB 299 -34.32 -112.96 -61.41
C ALA AB 299 -32.92 -112.34 -61.45
N SER AB 300 -31.88 -113.18 -61.44
CA SER AB 300 -30.49 -112.71 -61.43
C SER AB 300 -29.91 -112.57 -62.84
N MET AB 301 -30.65 -113.02 -63.86
CA MET AB 301 -30.21 -112.84 -65.24
C MET AB 301 -30.21 -111.36 -65.60
N MET AB 302 -29.29 -110.95 -66.48
CA MET AB 302 -29.09 -109.55 -66.82
C MET AB 302 -29.58 -109.24 -68.24
N ALA AB 303 -30.73 -109.82 -68.59
CA ALA AB 303 -31.31 -109.65 -69.92
C ALA AB 303 -32.82 -109.41 -69.88
N LYS AB 304 -33.47 -109.68 -68.73
CA LYS AB 304 -34.92 -109.78 -68.62
C LYS AB 304 -35.43 -110.71 -69.72
N CYS AB 305 -35.06 -111.97 -69.56
CA CYS AB 305 -35.37 -113.02 -70.51
C CYS AB 305 -35.49 -114.30 -69.69
N ASP AB 306 -36.73 -114.59 -69.26
CA ASP AB 306 -36.97 -115.55 -68.21
C ASP AB 306 -36.65 -116.95 -68.72
N PRO AB 307 -35.64 -117.65 -68.17
CA PRO AB 307 -35.24 -118.95 -68.71
C PRO AB 307 -36.18 -120.11 -68.43
N ARG AB 308 -37.37 -119.82 -67.90
CA ARG AB 308 -38.40 -120.83 -67.67
C ARG AB 308 -38.91 -121.36 -69.01
N HIS AB 309 -39.08 -120.44 -69.97
CA HIS AB 309 -39.68 -120.77 -71.26
C HIS AB 309 -38.61 -121.07 -72.30
N GLY AB 310 -37.47 -121.63 -71.86
CA GLY AB 310 -36.41 -122.01 -72.78
C GLY AB 310 -35.50 -123.04 -72.16
N LYS AB 311 -34.87 -123.85 -73.01
CA LYS AB 311 -33.98 -124.92 -72.56
C LYS AB 311 -32.55 -124.49 -72.83
N TYR AB 312 -31.70 -124.63 -71.81
CA TYR AB 312 -30.28 -124.28 -71.89
C TYR AB 312 -29.55 -125.19 -72.87
N MET AB 313 -28.43 -124.69 -73.42
CA MET AB 313 -27.56 -125.51 -74.26
C MET AB 313 -26.09 -125.45 -73.85
N ALA AB 314 -25.64 -124.31 -73.27
CA ALA AB 314 -24.26 -124.17 -72.81
C ALA AB 314 -24.20 -123.15 -71.67
N CYS AB 315 -23.38 -123.44 -70.65
CA CYS AB 315 -23.12 -122.51 -69.56
C CYS AB 315 -21.63 -122.45 -69.30
N CYS AB 316 -21.15 -121.24 -69.03
CA CYS AB 316 -19.75 -121.02 -68.72
C CYS AB 316 -19.65 -120.33 -67.36
N LEU AB 317 -19.27 -121.11 -66.34
CA LEU AB 317 -19.17 -120.59 -64.99
C LEU AB 317 -17.73 -120.14 -64.72
N MET AB 318 -17.57 -118.90 -64.25
CA MET AB 318 -16.26 -118.35 -63.93
C MET AB 318 -16.19 -118.05 -62.43
N TYR AB 319 -15.63 -118.99 -61.68
CA TYR AB 319 -15.42 -118.77 -60.26
C TYR AB 319 -14.15 -117.98 -60.06
N ARG AB 320 -14.25 -117.03 -59.14
CA ARG AB 320 -13.20 -116.05 -59.00
C ARG AB 320 -13.05 -115.78 -57.52
N GLY AB 321 -11.92 -116.22 -56.96
CA GLY AB 321 -11.69 -116.04 -55.54
C GLY AB 321 -11.19 -117.33 -54.93
N ASP AB 322 -11.36 -117.41 -53.61
CA ASP AB 322 -10.91 -118.58 -52.89
C ASP AB 322 -11.94 -119.68 -53.12
N VAL AB 323 -11.76 -120.45 -54.20
CA VAL AB 323 -12.72 -121.49 -54.52
C VAL AB 323 -11.98 -122.77 -54.92
N VAL AB 324 -12.44 -123.89 -54.35
CA VAL AB 324 -11.71 -125.15 -54.45
C VAL AB 324 -12.42 -126.04 -55.47
N PRO AB 325 -11.70 -126.92 -56.22
CA PRO AB 325 -12.31 -127.72 -57.29
C PRO AB 325 -13.35 -128.75 -56.87
N LYS AB 326 -13.15 -129.32 -55.67
CA LYS AB 326 -13.98 -130.39 -55.15
C LYS AB 326 -15.35 -129.87 -54.68
N ASP AB 327 -15.51 -128.54 -54.54
CA ASP AB 327 -16.80 -127.97 -54.21
C ASP AB 327 -17.58 -127.60 -55.47
N VAL AB 328 -16.87 -127.24 -56.55
CA VAL AB 328 -17.49 -126.78 -57.79
C VAL AB 328 -18.21 -127.97 -58.46
N ASN AB 329 -17.53 -129.12 -58.49
CA ASN AB 329 -18.05 -130.32 -59.15
C ASN AB 329 -19.30 -130.84 -58.44
N ALA AB 330 -19.31 -130.76 -57.10
CA ALA AB 330 -20.52 -131.11 -56.36
C ALA AB 330 -21.63 -130.11 -56.61
N ALA AB 331 -21.25 -128.82 -56.72
CA ALA AB 331 -22.21 -127.75 -56.91
C ALA AB 331 -22.85 -127.83 -58.29
N VAL AB 332 -22.08 -128.21 -59.31
CA VAL AB 332 -22.60 -128.38 -60.67
C VAL AB 332 -23.54 -129.60 -60.74
N ALA AB 333 -23.18 -130.64 -59.97
CA ALA AB 333 -23.96 -131.88 -59.95
C ALA AB 333 -25.38 -131.65 -59.41
N THR AB 334 -25.49 -130.81 -58.37
CA THR AB 334 -26.79 -130.49 -57.78
C THR AB 334 -27.63 -129.68 -58.77
N ILE AB 335 -27.01 -128.93 -59.68
CA ILE AB 335 -27.72 -128.18 -60.68
C ILE AB 335 -28.35 -129.13 -61.70
N LYS AB 336 -27.66 -130.22 -62.06
CA LYS AB 336 -28.20 -131.20 -62.99
C LYS AB 336 -29.43 -131.91 -62.41
N THR AB 337 -29.35 -132.21 -61.11
CA THR AB 337 -30.41 -132.94 -60.44
C THR AB 337 -31.65 -132.05 -60.23
N LYS AB 338 -31.46 -130.73 -60.12
CA LYS AB 338 -32.56 -129.79 -59.96
C LYS AB 338 -33.38 -129.77 -61.24
N ARG AB 339 -34.70 -129.89 -61.06
CA ARG AB 339 -35.63 -130.10 -62.15
C ARG AB 339 -36.08 -128.80 -62.82
N THR AB 340 -35.82 -127.63 -62.23
CA THR AB 340 -36.14 -126.34 -62.86
C THR AB 340 -35.28 -126.08 -64.11
N ILE AB 341 -33.98 -126.34 -64.00
CA ILE AB 341 -33.07 -125.85 -65.02
C ILE AB 341 -32.99 -126.96 -66.06
N GLN AB 342 -33.57 -126.73 -67.24
CA GLN AB 342 -33.76 -127.79 -68.22
C GLN AB 342 -32.72 -127.68 -69.34
N PHE AB 343 -32.02 -128.79 -69.56
CA PHE AB 343 -30.97 -128.87 -70.57
C PHE AB 343 -31.51 -129.46 -71.85
N VAL AB 344 -30.93 -129.03 -72.98
CA VAL AB 344 -31.28 -129.57 -74.28
C VAL AB 344 -30.83 -131.03 -74.36
N ASP AB 345 -31.43 -131.78 -75.28
CA ASP AB 345 -31.30 -133.23 -75.30
C ASP AB 345 -29.94 -133.68 -75.81
N TRP AB 346 -29.33 -132.91 -76.72
CA TRP AB 346 -28.13 -133.37 -77.42
C TRP AB 346 -26.82 -132.89 -76.78
N CYS AB 347 -26.91 -132.18 -75.65
CA CYS AB 347 -25.72 -131.66 -74.98
C CYS AB 347 -25.64 -132.22 -73.58
N PRO AB 348 -25.02 -133.40 -73.38
CA PRO AB 348 -24.77 -133.91 -72.03
C PRO AB 348 -23.65 -133.16 -71.30
N THR AB 349 -22.66 -132.65 -72.04
CA THR AB 349 -21.58 -131.88 -71.44
C THR AB 349 -21.97 -130.41 -71.29
N GLY AB 350 -22.96 -130.16 -70.43
CA GLY AB 350 -23.66 -128.88 -70.37
C GLY AB 350 -22.84 -127.77 -69.74
N PHE AB 351 -21.82 -128.12 -68.94
CA PHE AB 351 -21.09 -127.11 -68.17
C PHE AB 351 -19.63 -127.11 -68.56
N LYS AB 352 -19.09 -125.89 -68.69
CA LYS AB 352 -17.65 -125.69 -68.77
C LYS AB 352 -17.27 -124.62 -67.77
N CYS AB 353 -16.72 -125.07 -66.62
CA CYS AB 353 -16.57 -124.27 -65.41
C CYS AB 353 -15.10 -123.88 -65.28
N GLY AB 354 -14.77 -122.84 -64.48
CA GLY AB 354 -13.46 -122.19 -64.50
C GLY AB 354 -13.20 -121.45 -63.19
N ILE AB 355 -11.94 -121.42 -62.73
CA ILE AB 355 -11.56 -120.93 -61.42
C ILE AB 355 -10.36 -120.00 -61.58
N ASN AB 356 -10.42 -118.85 -60.90
CA ASN AB 356 -9.32 -117.89 -60.83
C ASN AB 356 -8.99 -117.60 -59.37
N TYR AB 357 -7.82 -117.02 -59.07
CA TYR AB 357 -7.35 -117.02 -57.69
C TYR AB 357 -7.80 -115.81 -56.87
N GLN AB 358 -7.38 -114.63 -57.28
CA GLN AB 358 -7.56 -113.54 -56.36
C GLN AB 358 -8.88 -112.82 -56.61
N PRO AB 359 -9.59 -112.47 -55.52
CA PRO AB 359 -11.00 -112.11 -55.59
C PRO AB 359 -11.25 -110.76 -56.29
N PRO AB 360 -12.49 -110.42 -56.66
CA PRO AB 360 -12.78 -109.11 -57.26
C PRO AB 360 -12.50 -107.96 -56.32
N THR AB 361 -12.03 -106.86 -56.91
CA THR AB 361 -11.56 -105.74 -56.12
C THR AB 361 -12.68 -104.74 -55.90
N VAL AB 362 -12.77 -104.26 -54.67
CA VAL AB 362 -13.78 -103.32 -54.25
C VAL AB 362 -13.27 -101.93 -54.62
N VAL AB 363 -14.12 -101.14 -55.28
CA VAL AB 363 -13.80 -99.73 -55.47
C VAL AB 363 -14.20 -99.03 -54.17
N PRO AB 364 -13.27 -98.42 -53.41
CA PRO AB 364 -13.62 -97.92 -52.09
C PRO AB 364 -14.64 -96.78 -52.17
N GLY AB 365 -15.60 -96.78 -51.24
CA GLY AB 365 -16.74 -95.86 -51.24
C GLY AB 365 -17.75 -96.10 -52.36
N GLY AB 366 -17.68 -97.30 -52.97
CA GLY AB 366 -18.56 -97.69 -54.06
C GLY AB 366 -19.88 -98.30 -53.59
N ASP AB 367 -20.49 -99.14 -54.44
CA ASP AB 367 -21.72 -99.83 -54.05
C ASP AB 367 -21.48 -101.31 -53.72
N LEU AB 368 -20.74 -102.02 -54.59
CA LEU AB 368 -20.48 -103.46 -54.44
C LEU AB 368 -19.52 -103.70 -53.27
N ALA AB 369 -19.66 -104.80 -52.50
CA ALA AB 369 -18.77 -105.00 -51.36
C ALA AB 369 -17.76 -106.10 -51.68
N LYS AB 370 -16.69 -106.11 -50.88
CA LYS AB 370 -15.67 -107.15 -50.88
C LYS AB 370 -16.32 -108.49 -50.64
N VAL AB 371 -16.00 -109.48 -51.48
CA VAL AB 371 -16.47 -110.84 -51.29
C VAL AB 371 -15.28 -111.73 -51.59
N MET AB 372 -15.13 -112.82 -50.83
CA MET AB 372 -13.95 -113.67 -50.95
C MET AB 372 -14.03 -114.55 -52.21
N ARG AB 373 -15.23 -114.69 -52.79
CA ARG AB 373 -15.43 -115.40 -54.04
C ARG AB 373 -16.65 -114.84 -54.77
N ALA AB 374 -16.70 -115.11 -56.08
CA ALA AB 374 -17.79 -114.68 -56.94
C ALA AB 374 -17.91 -115.64 -58.11
N VAL AB 375 -19.06 -115.59 -58.79
CA VAL AB 375 -19.32 -116.37 -59.99
C VAL AB 375 -19.83 -115.43 -61.07
N CYS AB 376 -19.21 -115.52 -62.25
CA CYS AB 376 -19.73 -114.92 -63.46
C CYS AB 376 -20.25 -116.05 -64.35
N MET AB 377 -21.47 -115.90 -64.86
CA MET AB 377 -22.11 -116.98 -65.59
C MET AB 377 -22.56 -116.46 -66.96
N ILE AB 378 -22.07 -117.09 -68.02
CA ILE AB 378 -22.47 -116.78 -69.39
C ILE AB 378 -23.21 -117.98 -69.94
N SER AB 379 -24.51 -117.76 -70.23
CA SER AB 379 -25.39 -118.84 -70.63
C SER AB 379 -25.82 -118.68 -72.09
N ASN AB 380 -25.89 -119.81 -72.80
CA ASN AB 380 -26.48 -119.88 -74.12
C ASN AB 380 -27.75 -120.73 -74.01
N SER AB 381 -28.89 -120.18 -74.43
CA SER AB 381 -30.18 -120.84 -74.19
C SER AB 381 -31.18 -120.46 -75.27
N THR AB 382 -32.26 -121.26 -75.38
CA THR AB 382 -33.33 -120.97 -76.32
C THR AB 382 -34.32 -119.98 -75.72
N ALA AB 383 -33.99 -119.44 -74.54
CA ALA AB 383 -34.86 -118.48 -73.87
C ALA AB 383 -34.98 -117.18 -74.67
N ILE AB 384 -33.94 -116.84 -75.42
CA ILE AB 384 -33.85 -115.54 -76.09
C ILE AB 384 -34.59 -115.55 -77.42
N ALA AB 385 -35.33 -116.63 -77.71
CA ALA AB 385 -36.26 -116.61 -78.83
C ALA AB 385 -37.34 -115.55 -78.62
N GLU AB 386 -37.76 -115.33 -77.37
CA GLU AB 386 -38.83 -114.37 -77.11
C GLU AB 386 -38.31 -112.94 -77.21
N VAL AB 387 -36.99 -112.74 -77.04
CA VAL AB 387 -36.41 -111.42 -77.15
C VAL AB 387 -36.44 -110.97 -78.61
N PHE AB 388 -36.06 -111.87 -79.52
CA PHE AB 388 -36.09 -111.56 -80.94
C PHE AB 388 -37.52 -111.49 -81.47
N SER AB 389 -38.42 -112.29 -80.90
CA SER AB 389 -39.83 -112.26 -81.26
C SER AB 389 -40.48 -110.95 -80.78
N ARG AB 390 -39.97 -110.39 -79.68
CA ARG AB 390 -40.53 -109.18 -79.12
C ARG AB 390 -40.11 -107.97 -79.97
N MET AB 391 -38.85 -107.89 -80.36
CA MET AB 391 -38.39 -106.80 -81.22
C MET AB 391 -38.98 -106.89 -82.62
N ASP AB 392 -39.30 -108.11 -83.05
CA ASP AB 392 -39.97 -108.34 -84.32
C ASP AB 392 -41.41 -107.84 -84.27
N HIS AB 393 -42.00 -107.78 -83.05
CA HIS AB 393 -43.36 -107.27 -82.83
C HIS AB 393 -43.31 -105.76 -82.97
N LYS AB 394 -42.32 -105.07 -82.33
CA LYS AB 394 -42.40 -103.62 -82.24
C LYS AB 394 -41.96 -103.07 -83.59
N PHE AB 395 -41.23 -103.89 -84.35
CA PHE AB 395 -40.86 -103.48 -85.70
C PHE AB 395 -42.07 -103.50 -86.62
N ASP AB 396 -42.95 -104.48 -86.44
CA ASP AB 396 -44.03 -104.73 -87.38
C ASP AB 396 -45.17 -103.72 -87.26
N LEU AB 397 -45.36 -103.12 -86.06
CA LEU AB 397 -46.36 -102.07 -85.89
C LEU AB 397 -45.99 -100.83 -86.71
N MET AB 398 -44.74 -100.38 -86.53
CA MET AB 398 -44.34 -99.10 -87.10
C MET AB 398 -44.05 -99.25 -88.60
N TYR AB 399 -43.51 -100.40 -89.02
CA TYR AB 399 -43.24 -100.58 -90.44
C TYR AB 399 -44.52 -100.83 -91.25
N ALA AB 400 -45.61 -101.21 -90.55
CA ALA AB 400 -46.86 -101.57 -91.22
C ALA AB 400 -47.38 -100.43 -92.10
N LYS AB 401 -47.13 -99.17 -91.69
CA LYS AB 401 -47.42 -98.03 -92.55
C LYS AB 401 -46.36 -96.93 -92.42
N ARG AB 402 -45.10 -97.36 -92.42
CA ARG AB 402 -43.96 -96.55 -92.84
C ARG AB 402 -43.75 -95.30 -91.98
N ALA AB 403 -43.90 -95.44 -90.66
CA ALA AB 403 -43.51 -94.38 -89.76
C ALA AB 403 -41.99 -94.34 -89.71
N PHE AB 404 -41.42 -93.13 -89.64
CA PHE AB 404 -39.99 -92.87 -89.49
C PHE AB 404 -39.12 -93.50 -90.57
N VAL AB 405 -39.74 -94.01 -91.63
CA VAL AB 405 -39.01 -94.69 -92.69
C VAL AB 405 -38.21 -93.68 -93.53
N HIS AB 406 -38.86 -92.54 -93.77
CA HIS AB 406 -38.33 -91.49 -94.63
C HIS AB 406 -37.06 -90.88 -94.04
N TRP AB 407 -36.81 -91.04 -92.74
CA TRP AB 407 -35.57 -90.55 -92.15
C TRP AB 407 -34.38 -91.37 -92.61
N TYR AB 408 -34.62 -92.68 -92.65
CA TYR AB 408 -33.59 -93.62 -93.06
C TYR AB 408 -33.48 -93.67 -94.59
N VAL AB 409 -34.64 -93.64 -95.27
CA VAL AB 409 -34.67 -93.76 -96.73
C VAL AB 409 -34.06 -92.51 -97.35
N GLY AB 410 -34.49 -91.33 -96.89
CA GLY AB 410 -34.09 -90.07 -97.50
C GLY AB 410 -32.66 -89.66 -97.14
N GLU AB 411 -31.81 -90.63 -96.76
CA GLU AB 411 -30.51 -90.30 -96.23
C GLU AB 411 -29.41 -91.17 -96.83
N GLY AB 412 -29.75 -92.33 -97.40
CA GLY AB 412 -28.74 -93.13 -98.07
C GLY AB 412 -29.07 -94.62 -98.22
N MET AB 413 -30.06 -95.12 -97.49
CA MET AB 413 -30.45 -96.51 -97.66
C MET AB 413 -31.67 -96.58 -98.57
N GLU AB 414 -32.12 -97.80 -98.85
CA GLU AB 414 -33.20 -98.02 -99.80
C GLU AB 414 -34.29 -98.85 -99.14
N GLU AB 415 -35.54 -98.42 -99.32
CA GLU AB 415 -36.69 -99.14 -98.76
C GLU AB 415 -36.76 -100.52 -99.38
N GLY AB 416 -36.36 -101.53 -98.61
CA GLY AB 416 -36.05 -102.84 -99.14
C GLY AB 416 -34.87 -103.39 -98.37
N GLU AB 417 -34.12 -102.46 -97.79
CA GLU AB 417 -33.16 -102.73 -96.73
C GLU AB 417 -33.92 -103.23 -95.50
N PHE AB 418 -35.07 -102.60 -95.22
CA PHE AB 418 -35.88 -102.89 -94.05
C PHE AB 418 -36.44 -104.30 -94.10
N SER AB 419 -37.06 -104.66 -95.24
CA SER AB 419 -37.71 -105.95 -95.35
C SER AB 419 -36.68 -107.07 -95.49
N GLU AB 420 -35.49 -106.75 -96.01
CA GLU AB 420 -34.44 -107.73 -96.06
C GLU AB 420 -33.92 -108.03 -94.66
N ALA AB 421 -33.81 -107.02 -93.80
CA ALA AB 421 -33.38 -107.23 -92.42
C ALA AB 421 -34.43 -108.00 -91.62
N ARG AB 422 -35.73 -107.77 -91.87
CA ARG AB 422 -36.76 -108.39 -91.06
C ARG AB 422 -36.87 -109.89 -91.39
N GLU AB 423 -36.66 -110.26 -92.64
CA GLU AB 423 -36.58 -111.66 -93.00
C GLU AB 423 -35.35 -112.33 -92.40
N ASP AB 424 -34.30 -111.56 -92.14
CA ASP AB 424 -33.12 -112.05 -91.46
C ASP AB 424 -33.43 -112.33 -90.00
N LEU AB 425 -34.19 -111.45 -89.33
CA LEU AB 425 -34.54 -111.64 -87.92
C LEU AB 425 -35.59 -112.75 -87.78
N ALA AB 426 -36.48 -112.86 -88.76
CA ALA AB 426 -37.45 -113.95 -88.78
C ALA AB 426 -36.72 -115.27 -89.03
N ALA AB 427 -35.65 -115.25 -89.83
CA ALA AB 427 -34.84 -116.44 -90.07
C ALA AB 427 -34.05 -116.83 -88.84
N LEU AB 428 -33.66 -115.83 -88.03
CA LEU AB 428 -32.96 -116.09 -86.78
C LEU AB 428 -33.90 -116.74 -85.77
N GLU AB 429 -35.16 -116.29 -85.78
CA GLU AB 429 -36.18 -116.80 -84.86
C GLU AB 429 -36.46 -118.27 -85.16
N LYS AB 430 -36.57 -118.62 -86.45
CA LYS AB 430 -36.84 -119.99 -86.86
C LYS AB 430 -35.67 -120.89 -86.54
N ASP AB 431 -34.45 -120.34 -86.46
CA ASP AB 431 -33.27 -121.13 -86.15
C ASP AB 431 -33.31 -121.59 -84.69
N TYR AB 432 -33.80 -120.75 -83.77
CA TYR AB 432 -33.84 -121.09 -82.35
C TYR AB 432 -34.89 -122.16 -82.07
N GLU AB 433 -36.02 -122.08 -82.76
CA GLU AB 433 -37.05 -123.10 -82.62
C GLU AB 433 -36.60 -124.42 -83.23
N GLU AB 434 -35.76 -124.35 -84.28
CA GLU AB 434 -35.20 -125.53 -84.94
C GLU AB 434 -34.21 -126.23 -84.02
N VAL AB 435 -33.37 -125.48 -83.32
CA VAL AB 435 -32.31 -126.10 -82.53
C VAL AB 435 -32.87 -126.55 -81.18
N GLY AB 436 -34.02 -126.00 -80.77
CA GLY AB 436 -34.61 -126.32 -79.47
C GLY AB 436 -35.13 -127.76 -79.43
N ILE AB 437 -35.71 -128.25 -80.54
CA ILE AB 437 -36.34 -129.57 -80.58
C ILE AB 437 -35.26 -130.64 -80.62
N MET BB 1 -17.76 -76.65 -82.94
CA MET BB 1 -18.84 -77.42 -82.30
C MET BB 1 -20.16 -77.22 -83.04
N ARG BB 2 -21.26 -77.41 -82.31
CA ARG BB 2 -22.60 -77.19 -82.84
C ARG BB 2 -23.03 -75.77 -82.51
N GLU BB 3 -23.54 -75.05 -83.51
CA GLU BB 3 -23.87 -73.64 -83.33
C GLU BB 3 -25.30 -73.36 -83.77
N ILE BB 4 -25.94 -72.46 -82.99
CA ILE BB 4 -27.30 -72.04 -83.26
C ILE BB 4 -27.28 -70.56 -83.55
N VAL BB 5 -27.94 -70.20 -84.65
CA VAL BB 5 -28.11 -68.82 -85.01
C VAL BB 5 -29.55 -68.41 -84.70
N HIS BB 6 -29.69 -67.33 -83.92
CA HIS BB 6 -31.01 -66.84 -83.51
C HIS BB 6 -31.49 -65.70 -84.43
N VAL BB 7 -32.76 -65.77 -84.85
CA VAL BB 7 -33.43 -64.66 -85.53
C VAL BB 7 -34.68 -64.29 -84.75
N GLN BB 8 -34.87 -63.00 -84.56
CA GLN BB 8 -36.07 -62.51 -83.88
C GLN BB 8 -36.85 -61.62 -84.85
N GLY BB 9 -37.94 -62.18 -85.38
CA GLY BB 9 -38.80 -61.49 -86.33
C GLY BB 9 -40.03 -60.89 -85.65
N GLY BB 10 -40.28 -59.62 -85.95
CA GLY BB 10 -41.49 -58.95 -85.50
C GLY BB 10 -41.39 -58.46 -84.06
N GLN BB 11 -42.46 -57.81 -83.63
CA GLN BB 11 -42.53 -57.18 -82.33
C GLN BB 11 -42.63 -58.23 -81.23
N CYS BB 12 -43.46 -59.25 -81.47
CA CYS BB 12 -43.69 -60.30 -80.49
C CYS BB 12 -42.40 -61.12 -80.31
N GLY BB 13 -41.65 -61.28 -81.42
CA GLY BB 13 -40.36 -62.00 -81.42
C GLY BB 13 -39.30 -61.25 -80.59
N ASN BB 14 -39.27 -59.91 -80.67
CA ASN BB 14 -38.22 -59.14 -80.02
C ASN BB 14 -38.43 -59.09 -78.51
N GLN BB 15 -39.69 -58.97 -78.05
CA GLN BB 15 -39.96 -58.96 -76.62
C GLN BB 15 -39.70 -60.32 -75.99
N ILE BB 16 -40.05 -61.35 -76.76
CA ILE BB 16 -39.81 -62.73 -76.34
C ILE BB 16 -38.32 -63.06 -76.48
N GLY BB 17 -37.62 -62.31 -77.34
CA GLY BB 17 -36.21 -62.58 -77.60
C GLY BB 17 -35.27 -61.79 -76.70
N ALA BB 18 -35.64 -60.50 -76.51
CA ALA BB 18 -34.90 -59.59 -75.63
C ALA BB 18 -35.09 -60.00 -74.19
N LYS BB 19 -35.97 -60.97 -73.89
CA LYS BB 19 -36.06 -61.54 -72.57
C LYS BB 19 -35.31 -62.89 -72.53
N PHE BB 20 -35.19 -63.56 -73.69
CA PHE BB 20 -34.56 -64.87 -73.75
C PHE BB 20 -33.05 -64.77 -73.47
N TRP BB 21 -32.45 -63.62 -73.76
CA TRP BB 21 -31.00 -63.52 -73.66
C TRP BB 21 -30.50 -63.27 -72.25
N GLU BB 22 -31.41 -62.82 -71.38
CA GLU BB 22 -31.02 -62.69 -69.97
C GLU BB 22 -31.01 -64.07 -69.32
N VAL BB 23 -32.00 -64.92 -69.66
CA VAL BB 23 -32.13 -66.23 -69.05
C VAL BB 23 -31.04 -67.16 -69.56
N ILE BB 24 -30.46 -66.84 -70.73
CA ILE BB 24 -29.35 -67.62 -71.23
C ILE BB 24 -28.04 -67.12 -70.61
N SER BB 25 -27.82 -65.81 -70.66
CA SER BB 25 -26.53 -65.25 -70.27
C SER BB 25 -26.30 -65.37 -68.76
N ASP BB 26 -27.34 -65.15 -67.97
CA ASP BB 26 -27.16 -65.24 -66.53
C ASP BB 26 -26.98 -66.69 -66.10
N GLU BB 27 -27.45 -67.64 -66.93
CA GLU BB 27 -27.20 -69.06 -66.72
C GLU BB 27 -25.71 -69.38 -66.92
N HIS BB 28 -25.11 -68.73 -67.93
CA HIS BB 28 -23.70 -68.95 -68.23
C HIS BB 28 -22.78 -68.01 -67.43
N GLY BB 29 -23.35 -66.94 -66.85
CA GLY BB 29 -22.57 -66.05 -66.00
C GLY BB 29 -21.90 -64.92 -66.78
N ILE BB 30 -22.66 -64.35 -67.70
CA ILE BB 30 -22.21 -63.24 -68.52
C ILE BB 30 -22.93 -61.98 -68.04
N ASP BB 31 -22.13 -60.96 -67.76
CA ASP BB 31 -22.64 -59.66 -67.39
C ASP BB 31 -23.25 -58.98 -68.62
N PRO BB 32 -24.07 -57.92 -68.45
CA PRO BB 32 -24.54 -57.11 -69.58
C PRO BB 32 -23.43 -56.48 -70.43
N THR BB 33 -22.24 -56.36 -69.84
CA THR BB 33 -21.08 -55.83 -70.55
C THR BB 33 -20.34 -56.92 -71.29
N GLY BB 34 -20.83 -58.17 -71.27
CA GLY BB 34 -20.21 -59.26 -72.00
C GLY BB 34 -19.02 -59.92 -71.30
N THR BB 35 -18.66 -59.40 -70.11
CA THR BB 35 -17.54 -59.92 -69.33
C THR BB 35 -18.03 -61.05 -68.44
N TYR BB 36 -17.27 -62.13 -68.44
CA TYR BB 36 -17.60 -63.27 -67.60
C TYR BB 36 -17.32 -62.93 -66.14
N CYS BB 37 -18.15 -63.51 -65.27
CA CYS BB 37 -17.91 -63.48 -63.83
C CYS BB 37 -18.60 -64.69 -63.20
N GLY BB 38 -17.80 -65.48 -62.48
CA GLY BB 38 -18.29 -66.68 -61.84
C GLY BB 38 -17.39 -67.91 -61.83
N ASP BB 39 -16.18 -67.83 -62.41
CA ASP BB 39 -15.08 -68.79 -62.31
C ASP BB 39 -15.46 -70.28 -62.18
N SER BB 40 -16.35 -70.75 -63.04
CA SER BB 40 -16.65 -72.17 -63.20
C SER BB 40 -16.39 -72.56 -64.64
N ASP BB 41 -15.58 -73.61 -64.79
CA ASP BB 41 -15.12 -74.07 -66.09
C ASP BB 41 -16.28 -74.65 -66.87
N LEU BB 42 -17.34 -75.11 -66.19
CA LEU BB 42 -18.41 -75.83 -66.85
C LEU BB 42 -19.36 -74.86 -67.56
N GLN BB 43 -19.34 -73.58 -67.15
CA GLN BB 43 -20.19 -72.57 -67.76
C GLN BB 43 -19.67 -72.22 -69.15
N LEU BB 44 -18.35 -72.00 -69.29
CA LEU BB 44 -17.75 -71.43 -70.49
C LEU BB 44 -17.33 -72.49 -71.50
N GLU BB 45 -17.38 -73.77 -71.12
CA GLU BB 45 -16.74 -74.81 -71.94
C GLU BB 45 -17.57 -75.12 -73.19
N ARG BB 46 -18.86 -74.78 -73.14
CA ARG BB 46 -19.68 -74.65 -74.35
C ARG BB 46 -20.35 -73.29 -74.34
N ILE BB 47 -19.62 -72.28 -74.83
CA ILE BB 47 -20.17 -70.95 -74.95
C ILE BB 47 -20.24 -70.51 -76.40
N ASN BB 48 -19.47 -71.17 -77.25
CA ASN BB 48 -19.42 -70.90 -78.67
C ASN BB 48 -20.75 -71.30 -79.35
N VAL BB 49 -21.61 -72.01 -78.62
CA VAL BB 49 -22.89 -72.43 -79.16
C VAL BB 49 -23.79 -71.23 -79.46
N PHE BB 50 -23.80 -70.26 -78.54
CA PHE BB 50 -24.67 -69.12 -78.67
C PHE BB 50 -23.92 -67.80 -78.64
N TYR BB 51 -22.58 -67.81 -78.61
CA TYR BB 51 -21.84 -66.56 -78.43
C TYR BB 51 -20.55 -66.55 -79.25
N ASN BB 52 -19.99 -65.35 -79.41
CA ASN BB 52 -18.79 -65.12 -80.20
C ASN BB 52 -17.83 -64.26 -79.39
N GLU BB 53 -16.54 -64.56 -79.38
CA GLU BB 53 -15.54 -63.84 -78.59
C GLU BB 53 -14.91 -62.72 -79.43
N ALA BB 54 -14.79 -61.54 -78.83
CA ALA BB 54 -14.30 -60.32 -79.49
C ALA BB 54 -12.89 -59.87 -79.06
N THR BB 55 -11.99 -60.82 -78.73
CA THR BB 55 -10.56 -60.66 -78.43
C THR BB 55 -10.20 -59.70 -77.30
N GLY BB 56 -11.18 -58.94 -76.80
CA GLY BB 56 -11.05 -58.18 -75.57
C GLY BB 56 -11.69 -58.93 -74.40
N GLY BB 57 -12.08 -60.18 -74.67
CA GLY BB 57 -12.60 -61.06 -73.64
C GLY BB 57 -14.13 -61.03 -73.58
N ARG BB 58 -14.75 -60.02 -74.20
CA ARG BB 58 -16.20 -59.90 -74.13
C ARG BB 58 -16.88 -60.84 -75.12
N PHE BB 59 -18.18 -61.08 -74.92
CA PHE BB 59 -18.96 -61.96 -75.77
C PHE BB 59 -20.16 -61.23 -76.34
N VAL BB 60 -20.51 -61.60 -77.56
CA VAL BB 60 -21.71 -61.09 -78.21
C VAL BB 60 -22.59 -62.26 -78.60
N PRO BB 61 -23.93 -62.11 -78.63
CA PRO BB 61 -24.79 -63.19 -79.12
C PRO BB 61 -24.70 -63.39 -80.62
N ARG BB 62 -24.95 -64.61 -81.07
CA ARG BB 62 -25.16 -64.93 -82.47
C ARG BB 62 -26.64 -64.75 -82.83
N ALA BB 63 -27.13 -63.52 -82.65
CA ALA BB 63 -28.54 -63.22 -82.85
C ALA BB 63 -28.70 -62.09 -83.87
N ILE BB 64 -29.82 -62.14 -84.63
CA ILE BB 64 -30.15 -61.11 -85.62
C ILE BB 64 -31.58 -60.67 -85.37
N LEU BB 65 -31.78 -59.36 -85.29
CA LEU BB 65 -33.08 -58.78 -85.04
C LEU BB 65 -33.61 -58.18 -86.34
N MET BB 66 -34.80 -58.63 -86.77
CA MET BB 66 -35.44 -58.00 -87.90
C MET BB 66 -36.83 -57.51 -87.51
N ASP BB 67 -37.08 -56.25 -87.89
CA ASP BB 67 -38.40 -55.66 -87.89
C ASP BB 67 -38.56 -54.90 -89.20
N LEU BB 68 -39.65 -54.17 -89.31
CA LEU BB 68 -39.81 -53.19 -90.35
C LEU BB 68 -40.20 -51.84 -89.74
N GLU BB 69 -40.18 -51.77 -88.41
CA GLU BB 69 -40.34 -50.54 -87.66
C GLU BB 69 -39.13 -50.37 -86.76
N PRO BB 70 -38.64 -49.14 -86.55
CA PRO BB 70 -37.52 -48.93 -85.63
C PRO BB 70 -37.91 -48.85 -84.16
N GLY BB 71 -39.21 -49.01 -83.87
CA GLY BB 71 -39.74 -48.82 -82.53
C GLY BB 71 -39.23 -49.82 -81.49
N THR BB 72 -39.22 -51.09 -81.88
CA THR BB 72 -39.01 -52.14 -80.91
C THR BB 72 -37.53 -52.30 -80.58
N MET BB 73 -36.67 -52.09 -81.57
CA MET BB 73 -35.24 -52.21 -81.37
C MET BB 73 -34.67 -50.97 -80.67
N ASP BB 74 -35.42 -49.87 -80.71
CA ASP BB 74 -35.14 -48.74 -79.83
C ASP BB 74 -35.30 -49.20 -78.39
N SER BB 75 -36.36 -49.99 -78.16
CA SER BB 75 -36.67 -50.43 -76.80
C SER BB 75 -35.62 -51.41 -76.29
N VAL BB 76 -35.15 -52.28 -77.19
CA VAL BB 76 -34.21 -53.31 -76.80
C VAL BB 76 -32.84 -52.70 -76.49
N ARG BB 77 -32.37 -51.76 -77.32
CA ARG BB 77 -31.08 -51.11 -77.15
C ARG BB 77 -31.02 -50.25 -75.88
N ALA BB 78 -32.09 -49.48 -75.62
CA ALA BB 78 -32.07 -48.52 -74.54
C ALA BB 78 -32.05 -49.23 -73.18
N GLY BB 79 -32.71 -50.40 -73.10
CA GLY BB 79 -32.84 -51.16 -71.87
C GLY BB 79 -31.52 -51.81 -71.43
N PRO BB 80 -31.40 -52.40 -70.22
CA PRO BB 80 -30.21 -53.19 -69.89
C PRO BB 80 -30.19 -54.49 -70.69
N PHE BB 81 -28.98 -55.05 -70.84
CA PHE BB 81 -28.66 -56.24 -71.62
C PHE BB 81 -29.00 -56.05 -73.09
N GLY BB 82 -29.00 -54.80 -73.55
CA GLY BB 82 -29.14 -54.52 -74.97
C GLY BB 82 -27.81 -54.07 -75.55
N GLN BB 83 -26.81 -53.97 -74.69
CA GLN BB 83 -25.45 -53.65 -75.08
C GLN BB 83 -24.68 -54.92 -75.43
N LEU BB 84 -25.33 -56.09 -75.35
CA LEU BB 84 -24.69 -57.32 -75.78
C LEU BB 84 -24.67 -57.39 -77.29
N PHE BB 85 -25.76 -56.93 -77.89
CA PHE BB 85 -25.98 -57.12 -79.31
C PHE BB 85 -25.04 -56.25 -80.10
N ARG BB 86 -24.65 -56.78 -81.25
CA ARG BB 86 -23.90 -55.99 -82.20
C ARG BB 86 -24.86 -54.93 -82.74
N PRO BB 87 -24.46 -53.64 -82.77
CA PRO BB 87 -25.24 -52.64 -83.52
C PRO BB 87 -25.29 -52.91 -85.02
N ASP BB 88 -24.30 -53.66 -85.54
CA ASP BB 88 -24.34 -54.17 -86.91
C ASP BB 88 -25.52 -55.12 -87.07
N ASN BB 89 -25.76 -55.93 -86.05
CA ASN BB 89 -26.72 -57.03 -86.12
C ASN BB 89 -28.17 -56.59 -86.28
N PHE BB 90 -28.44 -55.32 -85.97
CA PHE BB 90 -29.78 -54.79 -86.24
C PHE BB 90 -29.99 -54.63 -87.74
N VAL BB 91 -31.25 -54.77 -88.18
CA VAL BB 91 -31.66 -54.32 -89.51
C VAL BB 91 -33.00 -53.61 -89.35
N PHE BB 92 -33.10 -52.44 -90.00
CA PHE BB 92 -34.27 -51.59 -89.84
C PHE BB 92 -35.10 -51.56 -91.11
N GLY BB 93 -36.43 -51.51 -90.92
CA GLY BB 93 -37.30 -50.89 -91.89
C GLY BB 93 -37.87 -49.62 -91.30
N GLN BB 94 -38.11 -48.62 -92.16
CA GLN BB 94 -38.69 -47.37 -91.71
C GLN BB 94 -40.17 -47.27 -92.07
N THR BB 95 -40.62 -48.07 -93.04
CA THR BB 95 -41.99 -47.95 -93.53
C THR BB 95 -42.98 -48.60 -92.57
N GLY BB 96 -42.86 -49.92 -92.39
CA GLY BB 96 -43.66 -50.66 -91.42
C GLY BB 96 -44.80 -51.43 -92.05
N ALA BB 97 -44.60 -52.75 -92.20
CA ALA BB 97 -45.65 -53.62 -92.69
C ALA BB 97 -46.71 -53.76 -91.60
N GLY BB 98 -47.80 -52.99 -91.75
CA GLY BB 98 -48.77 -52.88 -90.68
C GLY BB 98 -49.79 -54.02 -90.71
N ASN BB 99 -49.51 -55.08 -89.96
CA ASN BB 99 -50.45 -56.16 -89.74
C ASN BB 99 -50.95 -56.76 -91.06
N ASN BB 100 -50.04 -56.84 -92.03
CA ASN BB 100 -50.35 -57.32 -93.38
C ASN BB 100 -49.29 -58.34 -93.77
N TRP BB 101 -49.72 -59.57 -94.06
CA TRP BB 101 -48.83 -60.64 -94.47
C TRP BB 101 -48.30 -60.39 -95.90
N ALA BB 102 -49.15 -59.78 -96.74
CA ALA BB 102 -48.77 -59.53 -98.13
C ALA BB 102 -47.60 -58.55 -98.20
N LYS BB 103 -47.66 -57.48 -97.39
CA LYS BB 103 -46.61 -56.48 -97.43
C LYS BB 103 -45.49 -56.77 -96.44
N GLY BB 104 -45.54 -57.95 -95.82
CA GLY BB 104 -44.42 -58.43 -95.03
C GLY BB 104 -43.60 -59.45 -95.83
N HIS BB 105 -44.29 -60.07 -96.80
CA HIS BB 105 -43.73 -61.22 -97.51
C HIS BB 105 -43.52 -60.93 -99.00
N TYR BB 106 -44.16 -59.89 -99.55
CA TYR BB 106 -44.03 -59.65 -100.98
C TYR BB 106 -43.31 -58.35 -101.32
N THR BB 107 -43.78 -57.24 -100.74
CA THR BB 107 -43.42 -55.95 -101.30
C THR BB 107 -42.47 -55.16 -100.41
N GLU BB 108 -42.49 -55.39 -99.10
CA GLU BB 108 -41.65 -54.63 -98.18
C GLU BB 108 -40.54 -55.50 -97.59
N GLY BB 109 -40.83 -56.80 -97.43
CA GLY BB 109 -39.83 -57.82 -97.11
C GLY BB 109 -38.63 -57.90 -98.08
N ALA BB 110 -38.93 -57.81 -99.38
CA ALA BB 110 -38.00 -58.01 -100.49
C ALA BB 110 -36.94 -56.89 -100.49
N GLU BB 111 -37.35 -55.72 -99.99
CA GLU BB 111 -36.47 -54.56 -99.96
C GLU BB 111 -35.44 -54.72 -98.84
N LEU BB 112 -35.73 -55.57 -97.85
CA LEU BB 112 -34.83 -55.74 -96.72
C LEU BB 112 -34.14 -57.10 -96.72
N ILE BB 113 -34.64 -58.05 -97.53
CA ILE BB 113 -34.20 -59.43 -97.39
C ILE BB 113 -32.72 -59.59 -97.75
N ASP BB 114 -32.32 -58.89 -98.80
CA ASP BB 114 -30.94 -58.89 -99.25
C ASP BB 114 -30.04 -58.22 -98.21
N SER BB 115 -30.59 -57.28 -97.43
CA SER BB 115 -29.85 -56.64 -96.33
C SER BB 115 -29.64 -57.61 -95.17
N VAL BB 116 -30.69 -58.34 -94.84
CA VAL BB 116 -30.62 -59.11 -93.61
C VAL BB 116 -29.98 -60.48 -93.84
N LEU BB 117 -30.06 -61.00 -95.07
CA LEU BB 117 -29.50 -62.31 -95.35
C LEU BB 117 -27.98 -62.27 -95.26
N ASP BB 118 -27.43 -61.07 -95.41
CA ASP BB 118 -25.99 -60.90 -95.27
C ASP BB 118 -25.57 -61.02 -93.82
N VAL BB 119 -26.43 -60.54 -92.92
CA VAL BB 119 -26.11 -60.59 -91.51
C VAL BB 119 -26.24 -62.04 -90.98
N VAL BB 120 -27.27 -62.74 -91.43
CA VAL BB 120 -27.46 -64.13 -91.02
C VAL BB 120 -26.41 -65.03 -91.66
N ARG BB 121 -25.90 -64.62 -92.82
CA ARG BB 121 -24.85 -65.40 -93.45
C ARG BB 121 -23.54 -65.19 -92.67
N LYS BB 122 -23.29 -63.95 -92.24
CA LYS BB 122 -22.06 -63.58 -91.55
C LYS BB 122 -21.89 -64.36 -90.25
N GLU BB 123 -22.96 -64.53 -89.48
CA GLU BB 123 -22.87 -65.28 -88.24
C GLU BB 123 -22.76 -66.79 -88.49
N ALA BB 124 -23.41 -67.25 -89.57
CA ALA BB 124 -23.53 -68.68 -89.83
C ALA BB 124 -22.19 -69.27 -90.24
N GLU BB 125 -21.55 -68.62 -91.21
CA GLU BB 125 -20.43 -69.26 -91.88
C GLU BB 125 -19.11 -68.96 -91.16
N GLY BB 126 -19.20 -68.15 -90.10
CA GLY BB 126 -18.11 -67.76 -89.21
C GLY BB 126 -17.36 -68.86 -88.44
N CYS BB 127 -17.81 -70.13 -88.49
CA CYS BB 127 -17.12 -71.17 -87.73
C CYS BB 127 -17.20 -72.50 -88.47
N ASP BB 128 -16.93 -73.59 -87.74
CA ASP BB 128 -16.59 -74.91 -88.25
C ASP BB 128 -17.70 -75.47 -89.13
N CYS BB 129 -18.85 -75.84 -88.53
CA CYS BB 129 -20.09 -76.09 -89.25
C CYS BB 129 -21.22 -76.21 -88.22
N LEU BB 130 -22.45 -75.83 -88.63
CA LEU BB 130 -23.51 -75.37 -87.73
C LEU BB 130 -24.62 -76.40 -87.56
N GLN BB 131 -25.07 -76.50 -86.30
CA GLN BB 131 -26.22 -77.34 -85.95
C GLN BB 131 -27.50 -76.87 -86.66
N GLY BB 132 -27.79 -75.58 -86.55
CA GLY BB 132 -29.02 -75.08 -87.14
C GLY BB 132 -29.47 -73.74 -86.59
N PHE BB 133 -30.78 -73.50 -86.62
CA PHE BB 133 -31.32 -72.15 -86.45
C PHE BB 133 -32.42 -72.18 -85.40
N GLN BB 134 -32.69 -70.99 -84.83
CA GLN BB 134 -33.95 -70.77 -84.14
C GLN BB 134 -34.53 -69.41 -84.56
N ILE BB 135 -35.86 -69.35 -84.72
CA ILE BB 135 -36.59 -68.14 -85.11
C ILE BB 135 -37.78 -67.94 -84.15
N THR BB 136 -37.89 -66.75 -83.57
CA THR BB 136 -39.00 -66.43 -82.68
C THR BB 136 -39.87 -65.38 -83.34
N HIS BB 137 -41.13 -65.73 -83.59
CA HIS BB 137 -42.01 -64.85 -84.34
C HIS BB 137 -43.46 -65.17 -83.98
N SER BB 138 -44.34 -64.21 -84.27
CA SER BB 138 -45.77 -64.36 -84.08
C SER BB 138 -46.42 -64.84 -85.37
N LEU BB 139 -47.61 -65.44 -85.25
CA LEU BB 139 -48.38 -65.82 -86.42
C LEU BB 139 -49.73 -65.10 -86.43
N GLY BB 140 -49.70 -63.83 -86.05
CA GLY BB 140 -50.89 -62.99 -86.12
C GLY BB 140 -50.63 -61.70 -86.89
N GLY BB 141 -49.36 -61.26 -86.85
CA GLY BB 141 -48.88 -59.95 -87.28
C GLY BB 141 -48.58 -59.93 -88.78
N GLY BB 142 -47.90 -58.87 -89.20
CA GLY BB 142 -47.50 -58.76 -90.58
C GLY BB 142 -46.04 -59.07 -90.72
N THR BB 143 -45.24 -58.39 -89.90
CA THR BB 143 -43.81 -58.53 -89.99
C THR BB 143 -43.35 -59.83 -89.31
N GLY BB 144 -44.03 -60.20 -88.21
CA GLY BB 144 -43.73 -61.42 -87.48
C GLY BB 144 -44.17 -62.67 -88.25
N SER BB 145 -45.18 -62.52 -89.12
CA SER BB 145 -45.83 -63.65 -89.77
C SER BB 145 -45.51 -63.72 -91.27
N GLY BB 146 -45.23 -62.56 -91.87
CA GLY BB 146 -44.92 -62.51 -93.30
C GLY BB 146 -43.41 -62.48 -93.57
N MET BB 147 -42.70 -61.59 -92.88
CA MET BB 147 -41.27 -61.48 -93.11
C MET BB 147 -40.51 -62.64 -92.47
N GLY BB 148 -40.94 -63.03 -91.26
CA GLY BB 148 -40.30 -64.12 -90.52
C GLY BB 148 -40.35 -65.45 -91.27
N THR BB 149 -41.50 -65.66 -91.94
CA THR BB 149 -41.66 -66.87 -92.73
C THR BB 149 -40.91 -66.78 -94.06
N LEU BB 150 -40.50 -65.58 -94.48
CA LEU BB 150 -39.73 -65.46 -95.72
C LEU BB 150 -38.28 -65.92 -95.48
N LEU BB 151 -37.73 -65.57 -94.31
CA LEU BB 151 -36.41 -66.04 -93.96
C LEU BB 151 -36.36 -67.56 -93.83
N ILE BB 152 -37.46 -68.13 -93.32
CA ILE BB 152 -37.54 -69.57 -93.18
C ILE BB 152 -37.47 -70.21 -94.58
N SER BB 153 -38.12 -69.60 -95.56
CA SER BB 153 -38.06 -70.08 -96.94
C SER BB 153 -36.68 -69.84 -97.56
N LYS BB 154 -36.07 -68.67 -97.29
CA LYS BB 154 -34.79 -68.30 -97.87
C LYS BB 154 -33.66 -69.19 -97.36
N VAL BB 155 -33.63 -69.40 -96.03
CA VAL BB 155 -32.54 -70.12 -95.38
C VAL BB 155 -32.57 -71.60 -95.76
N ARG BB 156 -33.79 -72.16 -95.81
CA ARG BB 156 -33.98 -73.58 -96.10
C ARG BB 156 -33.41 -73.93 -97.48
N GLU BB 157 -33.51 -72.95 -98.39
CA GLU BB 157 -33.02 -73.20 -99.74
C GLU BB 157 -31.48 -73.17 -99.74
N GLU BB 158 -30.89 -72.31 -98.89
CA GLU BB 158 -29.46 -72.09 -98.92
C GLU BB 158 -28.72 -73.16 -98.12
N TYR BB 159 -29.33 -73.59 -96.99
CA TYR BB 159 -28.67 -74.53 -96.10
C TYR BB 159 -29.57 -75.74 -95.94
N PRO BB 160 -29.55 -76.69 -96.90
CA PRO BB 160 -30.55 -77.75 -96.97
C PRO BB 160 -30.61 -78.73 -95.79
N ASP BB 161 -29.48 -79.05 -95.16
CA ASP BB 161 -29.38 -80.23 -94.30
C ASP BB 161 -29.10 -79.85 -92.84
N ARG BB 162 -29.52 -78.64 -92.45
CA ARG BB 162 -29.34 -78.18 -91.08
C ARG BB 162 -30.70 -77.96 -90.42
N ILE BB 163 -30.82 -78.30 -89.13
CA ILE BB 163 -32.08 -78.25 -88.42
C ILE BB 163 -32.56 -76.80 -88.27
N MET BB 164 -33.86 -76.59 -88.06
CA MET BB 164 -34.36 -75.28 -87.68
C MET BB 164 -35.60 -75.43 -86.80
N GLU BB 165 -35.67 -74.61 -85.73
CA GLU BB 165 -36.83 -74.58 -84.87
C GLU BB 165 -37.44 -73.18 -84.85
N THR BB 166 -38.77 -73.11 -84.74
CA THR BB 166 -39.46 -71.84 -84.62
C THR BB 166 -40.29 -71.85 -83.34
N PHE BB 167 -40.09 -70.83 -82.48
CA PHE BB 167 -40.94 -70.68 -81.32
C PHE BB 167 -42.06 -69.69 -81.62
N SER BB 168 -43.17 -70.21 -82.12
CA SER BB 168 -44.22 -69.38 -82.70
C SER BB 168 -45.41 -69.26 -81.75
N VAL BB 169 -45.89 -68.04 -81.56
CA VAL BB 169 -47.14 -67.86 -80.81
C VAL BB 169 -48.30 -67.85 -81.81
N PHE BB 170 -49.50 -68.18 -81.31
CA PHE BB 170 -50.66 -68.39 -82.17
C PHE BB 170 -51.83 -67.52 -81.74
N PRO BB 171 -52.79 -67.23 -82.67
CA PRO BB 171 -54.05 -66.61 -82.29
C PRO BB 171 -54.83 -67.38 -81.22
N SER BB 172 -55.51 -66.62 -80.38
CA SER BB 172 -56.30 -67.12 -79.28
C SER BB 172 -57.77 -67.26 -79.68
N PRO BB 173 -58.49 -68.30 -79.23
CA PRO BB 173 -59.94 -68.42 -79.45
C PRO BB 173 -60.80 -67.25 -78.97
N LYS BB 174 -60.84 -67.04 -77.64
CA LYS BB 174 -61.93 -66.29 -77.03
C LYS BB 174 -61.79 -64.79 -77.24
N VAL BB 175 -60.58 -64.27 -77.10
CA VAL BB 175 -60.31 -62.84 -77.30
C VAL BB 175 -59.13 -62.71 -78.25
N SER BB 176 -59.35 -61.97 -79.34
CA SER BB 176 -58.40 -61.93 -80.43
C SER BB 176 -58.21 -60.48 -80.83
N ASP BB 177 -57.09 -59.93 -80.37
CA ASP BB 177 -56.54 -58.72 -80.97
C ASP BB 177 -56.09 -59.01 -82.40
N THR BB 178 -55.86 -57.94 -83.17
CA THR BB 178 -55.50 -58.05 -84.58
C THR BB 178 -56.56 -58.84 -85.35
N VAL BB 179 -57.71 -58.19 -85.58
CA VAL BB 179 -58.91 -58.73 -86.20
C VAL BB 179 -58.64 -59.62 -87.42
N VAL BB 180 -57.55 -59.39 -88.15
CA VAL BB 180 -57.08 -60.38 -89.12
C VAL BB 180 -56.15 -61.39 -88.43
N GLU BB 181 -56.77 -62.28 -87.65
CA GLU BB 181 -56.04 -63.41 -87.07
C GLU BB 181 -55.89 -64.56 -88.08
N PRO BB 182 -56.97 -65.14 -88.64
CA PRO BB 182 -56.85 -66.35 -89.46
C PRO BB 182 -56.15 -66.10 -90.80
N TYR BB 183 -56.26 -64.88 -91.32
CA TYR BB 183 -55.62 -64.56 -92.59
C TYR BB 183 -54.10 -64.59 -92.50
N ASN BB 184 -53.57 -64.06 -91.40
CA ASN BB 184 -52.15 -64.15 -91.14
C ASN BB 184 -51.78 -65.59 -90.78
N ALA BB 185 -52.63 -66.26 -89.99
CA ALA BB 185 -52.30 -67.56 -89.42
C ALA BB 185 -52.27 -68.65 -90.51
N THR BB 186 -53.30 -68.70 -91.36
CA THR BB 186 -53.43 -69.75 -92.37
C THR BB 186 -52.38 -69.56 -93.46
N LEU BB 187 -52.12 -68.29 -93.82
CA LEU BB 187 -51.12 -67.99 -94.85
C LEU BB 187 -49.71 -68.30 -94.36
N SER BB 188 -49.47 -68.15 -93.05
CA SER BB 188 -48.14 -68.40 -92.52
C SER BB 188 -47.87 -69.90 -92.35
N VAL BB 189 -48.93 -70.69 -92.15
CA VAL BB 189 -48.76 -72.06 -91.72
C VAL BB 189 -48.42 -73.01 -92.89
N HIS BB 190 -48.82 -72.66 -94.12
CA HIS BB 190 -48.53 -73.57 -95.22
C HIS BB 190 -47.06 -73.45 -95.62
N GLN BB 191 -46.49 -72.27 -95.40
CA GLN BB 191 -45.05 -72.12 -95.49
C GLN BB 191 -44.36 -72.79 -94.29
N LEU BB 192 -45.08 -72.89 -93.17
CA LEU BB 192 -44.50 -73.36 -91.91
C LEU BB 192 -44.59 -74.88 -91.81
N VAL BB 193 -45.55 -75.50 -92.53
CA VAL BB 193 -45.62 -76.94 -92.64
C VAL BB 193 -44.63 -77.46 -93.68
N GLU BB 194 -44.18 -76.56 -94.56
CA GLU BB 194 -43.32 -76.94 -95.68
C GLU BB 194 -41.84 -76.70 -95.37
N ASN BB 195 -41.50 -75.66 -94.59
CA ASN BB 195 -40.12 -75.20 -94.50
C ASN BB 195 -39.51 -75.21 -93.08
N ALA BB 196 -40.17 -75.91 -92.14
CA ALA BB 196 -39.67 -75.94 -90.78
C ALA BB 196 -39.72 -77.35 -90.23
N ASP BB 197 -39.03 -77.58 -89.10
CA ASP BB 197 -38.83 -78.91 -88.58
C ASP BB 197 -39.29 -79.06 -87.13
N GLU BB 198 -39.40 -77.95 -86.39
CA GLU BB 198 -39.92 -78.03 -85.02
C GLU BB 198 -40.56 -76.71 -84.66
N VAL BB 199 -41.90 -76.65 -84.76
CA VAL BB 199 -42.62 -75.42 -84.49
C VAL BB 199 -43.32 -75.57 -83.14
N GLN BB 200 -42.80 -74.87 -82.13
CA GLN BB 200 -43.43 -74.89 -80.81
C GLN BB 200 -44.62 -73.94 -80.80
N VAL BB 201 -45.78 -74.45 -80.35
CA VAL BB 201 -47.02 -73.70 -80.39
C VAL BB 201 -47.27 -73.03 -79.04
N ILE BB 202 -47.59 -71.73 -79.07
CA ILE BB 202 -47.86 -70.94 -77.88
C ILE BB 202 -49.21 -70.22 -78.04
N ASP BB 203 -50.06 -70.33 -77.02
CA ASP BB 203 -51.27 -69.53 -76.90
C ASP BB 203 -51.03 -68.46 -75.85
N ASN BB 204 -51.66 -67.30 -76.05
CA ASN BB 204 -51.55 -66.26 -75.04
C ASN BB 204 -52.40 -66.65 -73.83
N GLU BB 205 -53.59 -67.17 -74.08
CA GLU BB 205 -54.53 -67.49 -73.01
C GLU BB 205 -54.11 -68.73 -72.23
N ALA BB 206 -53.27 -69.59 -72.80
CA ALA BB 206 -52.63 -70.60 -71.98
C ALA BB 206 -51.70 -69.94 -70.96
N LEU BB 207 -50.92 -68.93 -71.38
CA LEU BB 207 -50.03 -68.19 -70.49
C LEU BB 207 -50.82 -67.43 -69.43
N TYR BB 208 -51.94 -66.81 -69.83
CA TYR BB 208 -52.78 -66.13 -68.85
C TYR BB 208 -53.41 -67.11 -67.86
N ASP BB 209 -53.82 -68.31 -68.28
CA ASP BB 209 -54.43 -69.30 -67.39
C ASP BB 209 -53.42 -69.84 -66.38
N ILE BB 210 -52.16 -70.02 -66.79
CA ILE BB 210 -51.14 -70.46 -65.86
C ILE BB 210 -50.93 -69.38 -64.79
N CYS BB 211 -51.00 -68.09 -65.17
CA CYS BB 211 -50.77 -66.98 -64.25
C CYS BB 211 -51.93 -66.77 -63.28
N PHE BB 212 -53.07 -67.40 -63.57
CA PHE BB 212 -54.19 -67.30 -62.65
C PHE BB 212 -54.28 -68.54 -61.76
N ARG BB 213 -54.09 -69.73 -62.34
CA ARG BB 213 -54.52 -70.95 -61.69
C ARG BB 213 -53.35 -71.76 -61.12
N THR BB 214 -52.11 -71.34 -61.39
CA THR BB 214 -50.95 -71.90 -60.72
C THR BB 214 -50.27 -70.81 -59.89
N LEU BB 215 -49.88 -69.71 -60.52
CA LEU BB 215 -49.07 -68.73 -59.83
C LEU BB 215 -49.87 -67.83 -58.87
N LYS BB 216 -51.14 -67.69 -59.16
CA LYS BB 216 -52.08 -66.90 -58.34
C LYS BB 216 -51.75 -65.41 -58.42
N LEU BB 217 -51.21 -64.98 -59.57
CA LEU BB 217 -50.89 -63.58 -59.73
C LEU BB 217 -52.17 -62.75 -59.85
N THR BB 218 -52.11 -61.52 -59.37
CA THR BB 218 -53.12 -60.54 -59.72
C THR BB 218 -52.83 -59.86 -61.07
N THR BB 219 -51.67 -59.19 -61.19
CA THR BB 219 -51.41 -58.31 -62.34
C THR BB 219 -50.07 -58.65 -62.98
N PRO BB 220 -50.03 -59.73 -63.80
CA PRO BB 220 -48.81 -60.14 -64.50
C PRO BB 220 -48.61 -59.44 -65.84
N THR BB 221 -47.52 -58.67 -65.85
CA THR BB 221 -47.02 -57.95 -67.02
C THR BB 221 -46.41 -58.88 -68.06
N TYR BB 222 -46.08 -58.29 -69.23
CA TYR BB 222 -45.39 -58.98 -70.30
C TYR BB 222 -44.02 -59.47 -69.85
N GLY BB 223 -43.40 -58.72 -68.94
CA GLY BB 223 -42.08 -59.05 -68.44
C GLY BB 223 -42.02 -60.36 -67.67
N ASP BB 224 -43.19 -60.82 -67.19
CA ASP BB 224 -43.31 -62.06 -66.42
C ASP BB 224 -43.88 -63.20 -67.28
N LEU BB 225 -44.67 -62.87 -68.32
CA LEU BB 225 -45.10 -63.89 -69.27
C LEU BB 225 -43.92 -64.42 -70.08
N ASN BB 226 -43.05 -63.49 -70.51
CA ASN BB 226 -41.90 -63.83 -71.32
C ASN BB 226 -40.88 -64.62 -70.52
N HIS BB 227 -40.87 -64.49 -69.17
CA HIS BB 227 -40.00 -65.27 -68.26
C HIS BB 227 -40.32 -66.75 -68.38
N LEU BB 228 -41.61 -67.10 -68.60
CA LEU BB 228 -42.01 -68.50 -68.62
C LEU BB 228 -41.51 -69.15 -69.90
N VAL BB 229 -41.79 -68.49 -71.03
CA VAL BB 229 -41.46 -69.08 -72.32
C VAL BB 229 -39.95 -68.96 -72.59
N SER BB 230 -39.26 -68.10 -71.85
CA SER BB 230 -37.80 -68.07 -71.91
C SER BB 230 -37.21 -69.32 -71.27
N ALA BB 231 -37.85 -69.77 -70.17
CA ALA BB 231 -37.44 -70.99 -69.50
C ALA BB 231 -37.72 -72.20 -70.38
N ALA BB 232 -38.81 -72.16 -71.17
CA ALA BB 232 -39.16 -73.23 -72.10
C ALA BB 232 -38.13 -73.33 -73.21
N MET BB 233 -37.69 -72.18 -73.73
CA MET BB 233 -36.66 -72.15 -74.75
C MET BB 233 -35.30 -72.59 -74.17
N SER BB 234 -35.05 -72.20 -72.91
CA SER BB 234 -33.77 -72.49 -72.27
C SER BB 234 -33.60 -74.00 -72.01
N GLY BB 235 -34.70 -74.73 -71.86
CA GLY BB 235 -34.69 -76.14 -71.48
C GLY BB 235 -34.48 -77.06 -72.67
N VAL BB 236 -34.95 -76.62 -73.84
CA VAL BB 236 -34.94 -77.48 -75.01
C VAL BB 236 -33.53 -77.56 -75.60
N THR BB 237 -32.72 -76.52 -75.32
CA THR BB 237 -31.35 -76.46 -75.81
C THR BB 237 -30.35 -76.55 -74.66
N CYS BB 238 -30.83 -76.98 -73.48
CA CYS BB 238 -29.95 -77.12 -72.31
C CYS BB 238 -28.95 -78.26 -72.53
N CYS BB 239 -29.42 -79.30 -73.22
CA CYS BB 239 -28.66 -80.51 -73.41
C CYS BB 239 -27.43 -80.26 -74.29
N LEU BB 240 -27.54 -79.29 -75.20
CA LEU BB 240 -26.40 -78.90 -76.04
C LEU BB 240 -25.32 -78.27 -75.15
N ARG BB 241 -25.72 -77.39 -74.24
CA ARG BB 241 -24.77 -76.50 -73.59
C ARG BB 241 -24.17 -77.13 -72.33
N PHE BB 242 -24.73 -78.26 -71.89
CA PHE BB 242 -24.36 -78.82 -70.61
C PHE BB 242 -24.25 -80.33 -70.71
N PRO BB 243 -23.33 -80.97 -69.96
CA PRO BB 243 -23.29 -82.44 -69.91
C PRO BB 243 -24.43 -82.99 -69.06
N GLY BB 244 -24.48 -84.31 -69.01
CA GLY BB 244 -25.55 -85.01 -68.32
C GLY BB 244 -25.36 -86.51 -68.41
N GLN BB 245 -26.25 -87.25 -67.74
CA GLN BB 245 -26.30 -88.67 -67.94
C GLN BB 245 -26.68 -89.02 -69.37
N LEU BB 246 -27.87 -88.59 -69.76
CA LEU BB 246 -28.40 -88.89 -71.07
C LEU BB 246 -28.49 -87.60 -71.87
N ASN BB 247 -27.91 -87.66 -73.08
CA ASN BB 247 -27.79 -86.51 -73.94
C ASN BB 247 -28.78 -86.63 -75.08
N SER BB 248 -29.43 -85.51 -75.40
CA SER BB 248 -30.40 -85.47 -76.48
C SER BB 248 -30.45 -84.04 -77.03
N ASP BB 249 -29.81 -83.87 -78.19
CA ASP BB 249 -29.73 -82.58 -78.83
C ASP BB 249 -31.02 -82.36 -79.62
N LEU BB 250 -31.00 -81.34 -80.48
CA LEU BB 250 -32.21 -80.98 -81.19
C LEU BB 250 -32.47 -81.90 -82.37
N ARG BB 251 -31.43 -82.57 -82.93
CA ARG BB 251 -31.71 -83.58 -83.94
C ARG BB 251 -32.38 -84.83 -83.33
N LYS BB 252 -32.07 -85.09 -82.05
CA LYS BB 252 -32.65 -86.21 -81.31
C LYS BB 252 -34.17 -86.05 -81.19
N LEU BB 253 -34.61 -84.84 -80.82
CA LEU BB 253 -36.02 -84.57 -80.63
C LEU BB 253 -36.70 -84.58 -82.01
N ALA BB 254 -35.94 -84.26 -83.06
CA ALA BB 254 -36.49 -84.26 -84.42
C ALA BB 254 -36.79 -85.69 -84.89
N VAL BB 255 -35.88 -86.63 -84.57
CA VAL BB 255 -36.06 -88.00 -85.02
C VAL BB 255 -37.20 -88.64 -84.24
N ASN BB 256 -37.17 -88.43 -82.93
CA ASN BB 256 -38.07 -89.12 -82.03
C ASN BB 256 -39.53 -88.65 -82.07
N LEU BB 257 -39.75 -87.34 -82.18
CA LEU BB 257 -41.08 -86.78 -81.96
C LEU BB 257 -41.92 -86.73 -83.24
N ILE BB 258 -41.30 -86.97 -84.41
CA ILE BB 258 -41.98 -86.83 -85.68
C ILE BB 258 -42.18 -88.19 -86.34
N PRO BB 259 -43.38 -88.80 -86.29
CA PRO BB 259 -43.63 -90.04 -87.02
C PRO BB 259 -43.72 -89.86 -88.53
N PHE BB 260 -44.46 -88.84 -88.97
CA PHE BB 260 -44.60 -88.54 -90.38
C PHE BB 260 -44.36 -87.05 -90.62
N PRO BB 261 -43.81 -86.69 -91.80
CA PRO BB 261 -43.08 -85.43 -91.97
C PRO BB 261 -43.90 -84.17 -91.77
N ARG BB 262 -45.21 -84.27 -92.06
CA ARG BB 262 -46.06 -83.11 -92.18
C ARG BB 262 -46.32 -82.51 -90.79
N LEU BB 263 -46.47 -83.37 -89.78
CA LEU BB 263 -47.00 -82.95 -88.50
C LEU BB 263 -45.89 -82.84 -87.45
N HIS BB 264 -45.52 -81.58 -87.13
CA HIS BB 264 -44.41 -81.34 -86.21
C HIS BB 264 -44.65 -80.14 -85.31
N PHE BB 265 -45.93 -79.86 -85.01
CA PHE BB 265 -46.28 -78.80 -84.08
C PHE BB 265 -46.39 -79.38 -82.69
N PHE BB 266 -45.62 -78.83 -81.75
CA PHE BB 266 -45.48 -79.45 -80.44
C PHE BB 266 -45.96 -78.52 -79.34
N LEU BB 267 -46.66 -79.13 -78.38
CA LEU BB 267 -46.95 -78.50 -77.09
C LEU BB 267 -45.64 -78.34 -76.31
N ILE BB 268 -45.59 -77.34 -75.42
CA ILE BB 268 -44.45 -77.15 -74.53
C ILE BB 268 -45.00 -76.98 -73.11
N GLY BB 269 -44.25 -77.53 -72.15
CA GLY BB 269 -44.64 -77.49 -70.74
C GLY BB 269 -43.44 -77.21 -69.86
N PHE BB 270 -43.71 -76.72 -68.65
CA PHE BB 270 -42.63 -76.55 -67.69
C PHE BB 270 -43.09 -77.01 -66.32
N ALA BB 271 -42.15 -77.53 -65.53
CA ALA BB 271 -42.49 -78.03 -64.21
C ALA BB 271 -41.23 -77.98 -63.37
N PRO BB 272 -41.25 -77.53 -62.10
CA PRO BB 272 -42.46 -77.09 -61.37
C PRO BB 272 -42.96 -75.66 -61.65
N LEU BB 273 -44.24 -75.36 -61.35
CA LEU BB 273 -44.81 -74.03 -61.44
C LEU BB 273 -45.72 -73.79 -60.24
N THR BB 274 -45.17 -73.12 -59.23
CA THR BB 274 -45.81 -72.97 -57.92
C THR BB 274 -46.23 -71.52 -57.66
N SER BB 275 -47.22 -71.26 -56.78
CA SER BB 275 -47.52 -69.89 -56.34
C SER BB 275 -46.46 -69.44 -55.32
N ARG BB 276 -46.47 -68.10 -55.12
CA ARG BB 276 -45.85 -67.27 -54.08
C ARG BB 276 -45.74 -67.99 -52.74
N GLY BB 277 -46.93 -68.31 -52.20
CA GLY BB 277 -47.08 -68.83 -50.85
C GLY BB 277 -46.55 -70.25 -50.75
N SER BB 278 -46.95 -71.05 -51.75
CA SER BB 278 -46.89 -72.49 -51.72
C SER BB 278 -45.48 -73.01 -52.06
N GLN BB 279 -44.56 -72.10 -52.41
CA GLN BB 279 -43.24 -72.53 -52.84
C GLN BB 279 -42.47 -73.21 -51.70
N GLN BB 280 -42.61 -72.66 -50.49
CA GLN BB 280 -41.84 -73.10 -49.32
C GLN BB 280 -42.38 -74.42 -48.76
N TYR BB 281 -43.66 -74.70 -49.12
CA TYR BB 281 -44.41 -75.85 -48.66
C TYR BB 281 -44.31 -77.04 -49.60
N ARG BB 282 -43.54 -76.92 -50.71
CA ARG BB 282 -43.61 -77.87 -51.80
C ARG BB 282 -42.56 -78.98 -51.70
N ALA BB 283 -43.03 -80.22 -51.93
CA ALA BB 283 -42.27 -81.44 -51.95
C ALA BB 283 -41.95 -81.72 -53.40
N LEU BB 284 -40.65 -81.83 -53.64
CA LEU BB 284 -40.16 -82.11 -54.96
C LEU BB 284 -39.52 -83.47 -54.92
N SER BB 285 -40.17 -84.38 -55.61
CA SER BB 285 -39.65 -85.70 -55.85
C SER BB 285 -40.14 -86.08 -57.25
N VAL BB 286 -39.55 -87.17 -57.76
CA VAL BB 286 -39.76 -87.50 -59.16
C VAL BB 286 -41.22 -87.94 -59.37
N PRO BB 287 -41.85 -88.71 -58.45
CA PRO BB 287 -43.24 -89.08 -58.67
C PRO BB 287 -44.20 -87.90 -58.44
N GLU BB 288 -43.81 -86.93 -57.59
CA GLU BB 288 -44.59 -85.72 -57.35
C GLU BB 288 -44.61 -84.80 -58.59
N LEU BB 289 -43.59 -84.93 -59.46
CA LEU BB 289 -43.34 -83.91 -60.47
C LEU BB 289 -43.94 -84.30 -61.84
N THR BB 290 -44.12 -85.61 -62.05
CA THR BB 290 -44.71 -86.12 -63.28
C THR BB 290 -46.21 -85.90 -63.32
N GLN BB 291 -46.83 -85.69 -62.14
CA GLN BB 291 -48.26 -85.42 -62.14
C GLN BB 291 -48.54 -84.02 -62.65
N GLN BB 292 -47.72 -83.07 -62.20
CA GLN BB 292 -47.82 -81.70 -62.72
C GLN BB 292 -47.41 -81.63 -64.19
N MET BB 293 -46.58 -82.56 -64.64
CA MET BB 293 -46.18 -82.64 -66.03
C MET BB 293 -47.37 -83.01 -66.94
N PHE BB 294 -48.13 -84.05 -66.56
CA PHE BB 294 -49.26 -84.52 -67.35
C PHE BB 294 -50.57 -83.92 -66.83
N ASP BB 295 -50.79 -82.65 -67.18
CA ASP BB 295 -51.98 -81.92 -66.79
C ASP BB 295 -52.21 -80.79 -67.78
N ALA BB 296 -53.48 -80.60 -68.13
CA ALA BB 296 -53.90 -79.61 -69.10
C ALA BB 296 -53.66 -78.19 -68.57
N LYS BB 297 -53.55 -78.06 -67.25
CA LYS BB 297 -53.33 -76.76 -66.66
C LYS BB 297 -51.94 -76.24 -66.93
N ASN BB 298 -50.97 -77.15 -67.02
CA ASN BB 298 -49.57 -76.80 -67.06
C ASN BB 298 -49.06 -77.06 -68.47
N MET BB 299 -49.84 -76.64 -69.47
CA MET BB 299 -49.41 -76.60 -70.85
C MET BB 299 -49.51 -75.16 -71.33
N MET BB 300 -48.48 -74.71 -72.08
CA MET BB 300 -48.52 -73.38 -72.68
C MET BB 300 -49.19 -73.37 -74.06
N CYS BB 301 -50.11 -74.32 -74.30
CA CYS BB 301 -50.98 -74.30 -75.46
C CYS BB 301 -52.41 -74.56 -74.99
N ALA BB 302 -53.34 -73.68 -75.39
CA ALA BB 302 -54.69 -73.70 -74.85
C ALA BB 302 -55.59 -74.69 -75.59
N SER BB 303 -55.10 -75.91 -75.78
CA SER BB 303 -55.91 -77.01 -76.29
C SER BB 303 -55.72 -78.16 -75.32
N ASP BB 304 -56.83 -78.69 -74.81
CA ASP BB 304 -56.80 -79.76 -73.82
C ASP BB 304 -56.24 -81.05 -74.44
N PRO BB 305 -55.08 -81.57 -73.95
CA PRO BB 305 -54.51 -82.82 -74.45
C PRO BB 305 -55.40 -84.06 -74.30
N ARG BB 306 -56.37 -83.97 -73.38
CA ARG BB 306 -57.17 -85.13 -73.04
C ARG BB 306 -58.27 -85.37 -74.06
N HIS BB 307 -58.39 -84.51 -75.09
CA HIS BB 307 -59.39 -84.68 -76.15
C HIS BB 307 -58.85 -85.38 -77.40
N GLY BB 308 -57.72 -86.07 -77.21
CA GLY BB 308 -57.04 -86.79 -78.27
C GLY BB 308 -56.17 -87.89 -77.71
N ARG BB 309 -55.06 -88.16 -78.39
CA ARG BB 309 -54.09 -89.14 -77.97
C ARG BB 309 -52.69 -88.58 -78.24
N TYR BB 310 -51.81 -88.67 -77.22
CA TYR BB 310 -50.45 -88.21 -77.36
C TYR BB 310 -49.67 -89.11 -78.34
N LEU BB 311 -49.28 -88.53 -79.49
CA LEU BB 311 -48.68 -89.34 -80.53
C LEU BB 311 -47.26 -89.78 -80.13
N THR BB 312 -46.51 -88.83 -79.56
CA THR BB 312 -45.20 -89.05 -78.96
C THR BB 312 -44.90 -87.87 -78.05
N ALA BB 313 -44.59 -88.16 -76.78
CA ALA BB 313 -44.30 -87.11 -75.82
C ALA BB 313 -42.91 -87.35 -75.24
N SER BB 314 -42.20 -86.24 -75.04
CA SER BB 314 -40.86 -86.28 -74.51
C SER BB 314 -40.75 -85.34 -73.32
N ALA BB 315 -39.94 -85.72 -72.33
CA ALA BB 315 -39.71 -84.91 -71.14
C ALA BB 315 -38.20 -84.69 -70.97
N MET BB 316 -37.79 -83.43 -70.99
CA MET BB 316 -36.39 -83.06 -70.81
C MET BB 316 -36.16 -82.69 -69.35
N PHE BB 317 -35.46 -83.57 -68.64
CA PHE BB 317 -35.22 -83.39 -67.22
C PHE BB 317 -33.90 -82.66 -66.97
N ARG BB 318 -33.88 -81.85 -65.90
CA ARG BB 318 -32.69 -81.11 -65.55
C ARG BB 318 -32.49 -81.17 -64.06
N GLY BB 319 -31.31 -81.62 -63.65
CA GLY BB 319 -30.97 -81.63 -62.24
C GLY BB 319 -30.34 -82.97 -61.85
N ARG BB 320 -30.44 -83.27 -60.56
CA ARG BB 320 -29.94 -84.50 -59.96
C ARG BB 320 -31.13 -85.41 -59.71
N MET BB 321 -31.21 -86.56 -60.40
CA MET BB 321 -32.34 -87.47 -60.20
C MET BB 321 -31.85 -88.91 -60.06
N SER BB 322 -32.74 -89.90 -60.26
CA SER BB 322 -32.29 -91.27 -60.39
C SER BB 322 -32.97 -91.87 -61.62
N THR BB 323 -32.20 -92.59 -62.44
CA THR BB 323 -32.67 -92.89 -63.79
C THR BB 323 -33.67 -94.03 -63.81
N LYS BB 324 -33.70 -94.83 -62.74
CA LYS BB 324 -34.80 -95.77 -62.65
C LYS BB 324 -36.08 -94.99 -62.34
N GLU BB 325 -36.01 -94.07 -61.36
CA GLU BB 325 -37.21 -93.42 -60.88
C GLU BB 325 -37.75 -92.46 -61.94
N VAL BB 326 -36.86 -91.83 -62.72
CA VAL BB 326 -37.27 -90.91 -63.77
C VAL BB 326 -37.92 -91.67 -64.93
N ASP BB 327 -37.70 -92.99 -65.01
CA ASP BB 327 -38.21 -93.74 -66.14
C ASP BB 327 -39.29 -94.73 -65.74
N GLU BB 328 -39.22 -95.25 -64.51
CA GLU BB 328 -40.30 -96.08 -64.02
C GLU BB 328 -41.60 -95.28 -63.88
N GLN BB 329 -41.47 -94.03 -63.43
CA GLN BB 329 -42.58 -93.07 -63.38
C GLN BB 329 -43.14 -92.81 -64.77
N MET BB 330 -42.28 -92.77 -65.79
CA MET BB 330 -42.80 -92.51 -67.13
C MET BB 330 -43.27 -93.81 -67.79
N LEU BB 331 -43.06 -94.96 -67.13
CA LEU BB 331 -43.71 -96.20 -67.53
C LEU BB 331 -45.11 -96.27 -66.92
N ASN BB 332 -45.23 -95.80 -65.68
CA ASN BB 332 -46.52 -95.77 -65.00
C ASN BB 332 -47.52 -94.84 -65.68
N VAL BB 333 -47.01 -93.76 -66.28
CA VAL BB 333 -47.87 -92.80 -66.96
C VAL BB 333 -48.49 -93.47 -68.19
N GLN BB 334 -47.71 -94.30 -68.87
CA GLN BB 334 -48.18 -94.96 -70.08
C GLN BB 334 -49.15 -96.09 -69.79
N ASN BB 335 -48.88 -96.88 -68.75
CA ASN BB 335 -49.68 -98.06 -68.47
C ASN BB 335 -51.01 -97.66 -67.88
N LYS BB 336 -50.98 -96.71 -66.95
CA LYS BB 336 -52.19 -96.33 -66.22
C LYS BB 336 -53.10 -95.51 -67.12
N ASN BB 337 -52.53 -94.53 -67.83
CA ASN BB 337 -53.29 -93.72 -68.77
C ASN BB 337 -53.10 -94.26 -70.18
N SER BB 338 -53.55 -95.49 -70.42
CA SER BB 338 -53.33 -96.17 -71.69
C SER BB 338 -54.18 -95.52 -72.79
N SER BB 339 -55.37 -95.00 -72.44
CA SER BB 339 -56.26 -94.39 -73.40
C SER BB 339 -55.80 -93.02 -73.92
N TYR BB 340 -54.81 -92.38 -73.27
CA TYR BB 340 -54.36 -91.07 -73.71
C TYR BB 340 -53.17 -91.13 -74.67
N PHE BB 341 -52.73 -92.35 -74.98
CA PHE BB 341 -51.59 -92.58 -75.85
C PHE BB 341 -52.02 -93.38 -77.07
N VAL BB 342 -51.36 -93.15 -78.19
CA VAL BB 342 -51.68 -93.85 -79.43
C VAL BB 342 -51.33 -95.32 -79.23
N GLU BB 343 -52.03 -96.16 -80.03
CA GLU BB 343 -52.13 -97.60 -79.96
C GLU BB 343 -50.99 -98.30 -80.68
N TRP BB 344 -50.63 -97.87 -81.90
CA TRP BB 344 -49.84 -98.74 -82.75
C TRP BB 344 -48.35 -98.50 -82.47
N ILE BB 345 -48.05 -97.51 -81.63
CA ILE BB 345 -46.68 -97.29 -81.18
C ILE BB 345 -46.64 -97.75 -79.73
N PRO BB 346 -46.02 -98.88 -79.37
CA PRO BB 346 -45.71 -99.12 -77.95
C PRO BB 346 -44.58 -98.17 -77.54
N ASN BB 347 -44.66 -97.68 -76.33
CA ASN BB 347 -43.59 -96.91 -75.70
C ASN BB 347 -43.46 -95.54 -76.35
N ASN BB 348 -44.52 -94.74 -76.24
CA ASN BB 348 -44.61 -93.34 -76.67
C ASN BB 348 -43.73 -92.39 -75.85
N MET BB 349 -43.36 -92.85 -74.64
CA MET BB 349 -42.42 -92.21 -73.73
C MET BB 349 -41.13 -91.79 -74.45
N LYS BB 350 -40.58 -90.66 -73.98
CA LYS BB 350 -39.18 -90.37 -74.16
C LYS BB 350 -38.69 -89.55 -72.96
N SER BB 351 -37.54 -89.94 -72.40
CA SER BB 351 -36.97 -89.27 -71.24
C SER BB 351 -35.50 -88.94 -71.48
N SER BB 352 -35.11 -87.70 -71.20
CA SER BB 352 -33.73 -87.25 -71.30
C SER BB 352 -33.35 -86.48 -70.03
N VAL BB 353 -32.17 -86.80 -69.47
CA VAL BB 353 -31.84 -86.23 -68.19
C VAL BB 353 -30.51 -85.48 -68.30
N CYS BB 354 -30.59 -84.17 -68.02
CA CYS BB 354 -29.42 -83.32 -67.89
C CYS BB 354 -29.00 -83.24 -66.43
N ASP BB 355 -27.96 -82.44 -66.18
CA ASP BB 355 -27.23 -82.53 -64.93
C ASP BB 355 -27.01 -81.17 -64.30
N ILE BB 356 -27.33 -80.07 -65.02
CA ILE BB 356 -27.23 -78.75 -64.43
C ILE BB 356 -28.60 -78.12 -64.42
N PRO BB 357 -29.21 -77.95 -63.22
CA PRO BB 357 -30.59 -77.52 -63.15
C PRO BB 357 -30.62 -76.02 -63.40
N PRO BB 358 -31.79 -75.41 -63.61
CA PRO BB 358 -31.87 -73.95 -63.68
C PRO BB 358 -31.45 -73.33 -62.35
N LYS BB 359 -30.88 -72.10 -62.35
CA LYS BB 359 -30.13 -71.60 -61.21
C LYS BB 359 -31.10 -71.31 -60.06
N GLY BB 360 -30.93 -72.00 -58.92
CA GLY BB 360 -31.80 -71.78 -57.77
C GLY BB 360 -32.85 -72.88 -57.59
N LEU BB 361 -33.41 -73.39 -58.68
CA LEU BB 361 -34.28 -74.56 -58.60
C LEU BB 361 -33.42 -75.82 -58.68
N LYS BB 362 -33.69 -76.75 -57.77
CA LYS BB 362 -32.92 -77.96 -57.72
C LYS BB 362 -33.31 -78.88 -58.87
N MET BB 363 -34.47 -78.64 -59.50
CA MET BB 363 -34.97 -79.55 -60.52
C MET BB 363 -35.86 -78.79 -61.50
N SER BB 364 -35.95 -79.33 -62.72
CA SER BB 364 -36.96 -78.91 -63.66
C SER BB 364 -37.20 -79.97 -64.73
N VAL BB 365 -38.37 -79.86 -65.38
CA VAL BB 365 -38.70 -80.57 -66.60
C VAL BB 365 -39.24 -79.58 -67.61
N THR BB 366 -38.86 -79.79 -68.87
CA THR BB 366 -39.53 -79.14 -69.98
C THR BB 366 -40.15 -80.25 -70.83
N PHE BB 367 -41.46 -80.17 -71.03
CA PHE BB 367 -42.24 -81.28 -71.54
C PHE BB 367 -42.70 -80.97 -72.97
N VAL BB 368 -42.24 -81.78 -73.92
CA VAL BB 368 -42.52 -81.56 -75.34
C VAL BB 368 -43.45 -82.65 -75.81
N GLY BB 369 -44.68 -82.28 -76.17
CA GLY BB 369 -45.66 -83.29 -76.52
C GLY BB 369 -46.24 -83.12 -77.92
N ASN BB 370 -46.09 -84.16 -78.75
CA ASN BB 370 -46.75 -84.17 -80.04
C ASN BB 370 -48.10 -84.85 -79.89
N SER BB 371 -49.15 -84.04 -79.71
CA SER BB 371 -50.49 -84.56 -79.51
C SER BB 371 -51.34 -84.34 -80.75
N THR BB 372 -52.41 -85.12 -80.89
CA THR BB 372 -53.37 -84.91 -81.96
C THR BB 372 -54.50 -84.00 -81.49
N ALA BB 373 -54.36 -83.47 -80.27
CA ALA BB 373 -55.33 -82.52 -79.75
C ALA BB 373 -55.23 -81.17 -80.46
N ILE BB 374 -54.13 -80.89 -81.16
CA ILE BB 374 -53.97 -79.58 -81.78
C ILE BB 374 -54.81 -79.46 -83.05
N GLN BB 375 -55.58 -80.50 -83.35
CA GLN BB 375 -56.62 -80.39 -84.34
C GLN BB 375 -57.64 -79.33 -83.92
N GLU BB 376 -57.92 -79.24 -82.61
CA GLU BB 376 -58.98 -78.35 -82.10
C GLU BB 376 -58.63 -76.89 -82.38
N MET BB 377 -57.32 -76.61 -82.32
CA MET BB 377 -56.82 -75.31 -82.72
C MET BB 377 -57.00 -75.09 -84.22
N PHE BB 378 -56.54 -76.06 -85.02
CA PHE BB 378 -56.53 -75.92 -86.46
C PHE BB 378 -57.95 -75.91 -87.01
N LYS BB 379 -58.86 -76.63 -86.35
CA LYS BB 379 -60.24 -76.62 -86.78
C LYS BB 379 -60.87 -75.25 -86.56
N ARG BB 380 -60.48 -74.59 -85.47
CA ARG BB 380 -61.11 -73.33 -85.12
C ARG BB 380 -60.66 -72.19 -86.05
N VAL BB 381 -59.36 -72.13 -86.35
CA VAL BB 381 -58.80 -71.14 -87.26
C VAL BB 381 -59.35 -71.36 -88.66
N SER BB 382 -59.46 -72.63 -89.06
CA SER BB 382 -60.03 -73.00 -90.35
C SER BB 382 -61.49 -72.59 -90.46
N ASP BB 383 -62.21 -72.62 -89.32
CA ASP BB 383 -63.61 -72.20 -89.30
C ASP BB 383 -63.70 -70.69 -89.45
N GLN BB 384 -62.87 -69.98 -88.67
CA GLN BB 384 -62.89 -68.51 -88.66
C GLN BB 384 -62.39 -67.94 -90.00
N PHE BB 385 -61.48 -68.67 -90.67
CA PHE BB 385 -61.04 -68.32 -92.02
C PHE BB 385 -62.19 -68.45 -93.01
N THR BB 386 -62.89 -69.58 -92.96
CA THR BB 386 -63.92 -69.92 -93.94
C THR BB 386 -65.11 -68.98 -93.82
N ALA BB 387 -65.37 -68.47 -92.61
CA ALA BB 387 -66.44 -67.50 -92.40
C ALA BB 387 -66.13 -66.19 -93.14
N MET BB 388 -64.87 -65.75 -93.05
CA MET BB 388 -64.50 -64.48 -93.65
C MET BB 388 -64.22 -64.62 -95.15
N PHE BB 389 -63.66 -65.78 -95.56
CA PHE BB 389 -63.23 -65.96 -96.94
C PHE BB 389 -64.41 -66.14 -97.89
N ARG BB 390 -65.49 -66.71 -97.36
CA ARG BB 390 -66.72 -66.96 -98.10
C ARG BB 390 -67.38 -65.65 -98.53
N ARG BB 391 -67.09 -64.55 -97.80
CA ARG BB 391 -67.57 -63.24 -98.18
C ARG BB 391 -66.49 -62.22 -98.51
N LYS BB 392 -65.24 -62.66 -98.53
CA LYS BB 392 -64.11 -61.86 -99.01
C LYS BB 392 -63.91 -60.59 -98.17
N ALA BB 393 -64.17 -60.68 -96.86
CA ALA BB 393 -63.85 -59.59 -95.95
C ALA BB 393 -62.33 -59.42 -95.81
N PHE BB 394 -61.85 -58.16 -95.77
CA PHE BB 394 -60.45 -57.80 -95.59
C PHE BB 394 -59.53 -58.49 -96.60
N LEU BB 395 -60.06 -58.76 -97.79
CA LEU BB 395 -59.31 -59.55 -98.77
C LEU BB 395 -58.61 -58.63 -99.76
N HIS BB 396 -59.12 -57.41 -99.92
CA HIS BB 396 -58.62 -56.49 -100.91
C HIS BB 396 -57.33 -55.82 -100.45
N TRP BB 397 -56.93 -55.95 -99.17
CA TRP BB 397 -55.61 -55.48 -98.75
C TRP BB 397 -54.51 -56.39 -99.28
N TYR BB 398 -54.82 -57.69 -99.21
CA TYR BB 398 -53.86 -58.71 -99.60
C TYR BB 398 -53.79 -58.78 -101.13
N THR BB 399 -54.95 -58.75 -101.80
CA THR BB 399 -55.03 -58.87 -103.24
C THR BB 399 -54.34 -57.68 -103.90
N GLY BB 400 -54.66 -56.48 -103.41
CA GLY BB 400 -54.10 -55.23 -103.93
C GLY BB 400 -52.57 -55.17 -103.86
N GLU BB 401 -51.99 -56.00 -103.00
CA GLU BB 401 -50.59 -55.88 -102.62
C GLU BB 401 -49.68 -56.78 -103.45
N GLY BB 402 -50.28 -57.53 -104.39
CA GLY BB 402 -49.49 -58.41 -105.25
C GLY BB 402 -49.80 -59.88 -105.01
N MET BB 403 -51.10 -60.18 -104.82
CA MET BB 403 -51.53 -61.55 -104.58
C MET BB 403 -52.59 -61.95 -105.61
N ASP BB 404 -52.86 -63.26 -105.75
CA ASP BB 404 -54.11 -63.71 -106.33
C ASP BB 404 -55.02 -64.34 -105.28
N GLU BB 405 -56.27 -64.46 -105.69
CA GLU BB 405 -57.33 -65.10 -104.94
C GLU BB 405 -57.02 -66.60 -104.72
N MET BB 406 -56.35 -67.23 -105.69
CA MET BB 406 -56.16 -68.67 -105.74
C MET BB 406 -55.23 -69.20 -104.64
N GLU BB 407 -54.34 -68.35 -104.12
CA GLU BB 407 -53.31 -68.86 -103.22
C GLU BB 407 -53.90 -69.07 -101.82
N PHE BB 408 -54.97 -68.32 -101.53
CA PHE BB 408 -55.70 -68.52 -100.28
C PHE BB 408 -56.41 -69.87 -100.28
N THR BB 409 -56.89 -70.32 -101.44
CA THR BB 409 -57.45 -71.66 -101.53
C THR BB 409 -56.36 -72.71 -101.39
N GLU BB 410 -55.13 -72.36 -101.81
CA GLU BB 410 -53.99 -73.24 -101.62
C GLU BB 410 -53.64 -73.34 -100.13
N ALA BB 411 -53.82 -72.24 -99.39
CA ALA BB 411 -53.53 -72.22 -97.96
C ALA BB 411 -54.59 -72.99 -97.17
N GLU BB 412 -55.87 -72.83 -97.54
CA GLU BB 412 -56.93 -73.48 -96.78
C GLU BB 412 -57.07 -74.94 -97.17
N SER BB 413 -56.61 -75.31 -98.38
CA SER BB 413 -56.59 -76.71 -98.76
C SER BB 413 -55.66 -77.47 -97.82
N ASN BB 414 -54.40 -77.01 -97.74
CA ASN BB 414 -53.40 -77.71 -96.96
C ASN BB 414 -53.42 -77.29 -95.48
N MET BB 415 -54.37 -76.44 -95.09
CA MET BB 415 -54.75 -76.30 -93.69
C MET BB 415 -55.77 -77.39 -93.34
N ASN BB 416 -56.78 -77.53 -94.21
CA ASN BB 416 -57.81 -78.55 -94.04
C ASN BB 416 -57.24 -79.94 -94.29
N ASP BB 417 -56.13 -80.04 -95.06
CA ASP BB 417 -55.41 -81.30 -95.17
C ASP BB 417 -54.88 -81.76 -93.81
N LEU BB 418 -54.27 -80.82 -93.06
CA LEU BB 418 -53.54 -81.15 -91.84
C LEU BB 418 -54.43 -81.79 -90.77
N VAL BB 419 -55.70 -81.37 -90.70
CA VAL BB 419 -56.60 -81.95 -89.72
C VAL BB 419 -57.03 -83.36 -90.15
N SER BB 420 -56.88 -83.67 -91.44
CA SER BB 420 -57.33 -84.96 -91.95
C SER BB 420 -56.38 -86.07 -91.51
N GLU BB 421 -55.07 -85.81 -91.45
CA GLU BB 421 -54.18 -86.87 -90.99
C GLU BB 421 -54.25 -87.05 -89.47
N TYR BB 422 -54.64 -86.00 -88.73
CA TYR BB 422 -54.77 -86.13 -87.28
C TYR BB 422 -55.91 -87.08 -86.89
N GLN BB 423 -57.04 -86.96 -87.60
CA GLN BB 423 -58.12 -87.92 -87.49
C GLN BB 423 -57.72 -89.28 -88.07
N GLN BB 424 -56.76 -89.27 -88.99
CA GLN BB 424 -56.37 -90.54 -89.59
C GLN BB 424 -55.58 -91.39 -88.59
N TYR BB 425 -54.94 -90.75 -87.62
CA TYR BB 425 -54.19 -91.47 -86.60
C TYR BB 425 -54.86 -91.41 -85.23
N GLN BB 426 -56.14 -91.04 -85.17
CA GLN BB 426 -56.87 -91.00 -83.91
C GLN BB 426 -57.58 -92.36 -83.73
N MET CB 1 -37.12 -38.03 -88.95
CA MET CB 1 -37.38 -39.50 -88.83
C MET CB 1 -38.75 -39.82 -89.45
N ARG CB 2 -39.54 -40.59 -88.72
CA ARG CB 2 -40.95 -40.74 -89.04
C ARG CB 2 -41.74 -39.58 -88.43
N GLU CB 3 -42.85 -39.25 -89.09
CA GLU CB 3 -43.73 -38.18 -88.65
C GLU CB 3 -45.10 -38.36 -89.29
N VAL CB 4 -46.08 -37.69 -88.72
CA VAL CB 4 -47.40 -37.58 -89.33
C VAL CB 4 -47.77 -36.11 -89.29
N ILE CB 5 -48.28 -35.62 -90.42
CA ILE CB 5 -48.45 -34.21 -90.61
C ILE CB 5 -49.93 -33.87 -90.47
N SER CB 6 -50.18 -32.78 -89.71
CA SER CB 6 -51.53 -32.35 -89.38
C SER CB 6 -51.87 -31.10 -90.20
N ILE CB 7 -53.07 -31.13 -90.81
CA ILE CB 7 -53.62 -30.00 -91.53
C ILE CB 7 -54.93 -29.65 -90.85
N HIS CB 8 -55.24 -28.36 -90.77
CA HIS CB 8 -56.48 -27.92 -90.16
C HIS CB 8 -57.16 -26.92 -91.11
N VAL CB 9 -58.16 -27.41 -91.86
CA VAL CB 9 -58.78 -26.61 -92.90
C VAL CB 9 -60.19 -26.25 -92.45
N GLY CB 10 -60.52 -24.96 -92.49
CA GLY CB 10 -61.83 -24.55 -92.00
C GLY CB 10 -61.79 -24.20 -90.52
N GLN CB 11 -62.92 -23.65 -90.08
CA GLN CB 11 -62.93 -23.13 -88.73
C GLN CB 11 -62.91 -24.25 -87.69
N ALA CB 12 -63.80 -25.24 -87.89
CA ALA CB 12 -63.98 -26.28 -86.89
C ALA CB 12 -62.70 -27.10 -86.72
N GLY CB 13 -62.02 -27.35 -87.85
CA GLY CB 13 -60.74 -28.04 -87.84
C GLY CB 13 -59.68 -27.25 -87.09
N ILE CB 14 -59.69 -25.93 -87.26
CA ILE CB 14 -58.68 -25.09 -86.65
C ILE CB 14 -58.89 -25.05 -85.14
N GLN CB 15 -60.15 -24.83 -84.71
CA GLN CB 15 -60.44 -24.67 -83.29
C GLN CB 15 -60.14 -25.97 -82.52
N ILE CB 16 -60.42 -27.11 -83.15
CA ILE CB 16 -60.09 -28.40 -82.56
C ILE CB 16 -58.56 -28.54 -82.45
N GLY CB 17 -57.84 -28.25 -83.53
CA GLY CB 17 -56.38 -28.34 -83.55
C GLY CB 17 -55.72 -27.25 -82.70
N ASN CB 18 -56.48 -26.17 -82.46
CA ASN CB 18 -56.07 -25.13 -81.55
C ASN CB 18 -55.89 -25.74 -80.16
N ALA CB 19 -56.80 -26.65 -79.79
CA ALA CB 19 -56.71 -27.34 -78.51
C ALA CB 19 -55.65 -28.44 -78.58
N CYS CB 20 -55.47 -29.03 -79.77
CA CYS CB 20 -54.58 -30.17 -79.93
C CYS CB 20 -53.13 -29.75 -79.69
N TRP CB 21 -52.81 -28.50 -80.07
CA TRP CB 21 -51.43 -28.11 -80.06
C TRP CB 21 -50.97 -27.56 -78.71
N GLU CB 22 -51.92 -27.07 -77.91
CA GLU CB 22 -51.53 -26.75 -76.54
C GLU CB 22 -51.39 -28.05 -75.72
N LEU CB 23 -52.06 -29.11 -76.15
CA LEU CB 23 -51.99 -30.38 -75.46
C LEU CB 23 -50.65 -31.07 -75.74
N PHE CB 24 -50.25 -31.07 -77.02
CA PHE CB 24 -49.05 -31.78 -77.43
C PHE CB 24 -47.80 -31.14 -76.84
N CYS CB 25 -47.89 -29.82 -76.59
CA CYS CB 25 -46.78 -29.09 -76.02
C CYS CB 25 -46.52 -29.48 -74.57
N LEU CB 26 -47.62 -29.67 -73.82
CA LEU CB 26 -47.51 -30.00 -72.41
C LEU CB 26 -47.04 -31.45 -72.23
N GLU CB 27 -47.43 -32.32 -73.19
CA GLU CB 27 -47.08 -33.75 -73.13
C GLU CB 27 -45.56 -33.90 -73.21
N HIS CB 28 -44.92 -33.16 -74.13
CA HIS CB 28 -43.50 -33.31 -74.36
C HIS CB 28 -42.68 -32.22 -73.65
N GLY CB 29 -43.37 -31.30 -72.95
CA GLY CB 29 -42.68 -30.31 -72.13
C GLY CB 29 -41.86 -29.27 -72.95
N ILE CB 30 -42.56 -28.71 -73.94
CA ILE CB 30 -42.01 -27.55 -74.64
C ILE CB 30 -42.82 -26.31 -74.23
N GLN CB 31 -42.11 -25.17 -74.01
CA GLN CB 31 -42.60 -23.82 -73.73
C GLN CB 31 -43.49 -23.31 -74.89
N PRO CB 32 -44.21 -22.17 -74.76
CA PRO CB 32 -44.72 -21.49 -75.95
C PRO CB 32 -43.69 -21.05 -77.00
N ASP CB 33 -42.51 -20.66 -76.49
CA ASP CB 33 -41.28 -20.30 -77.17
C ASP CB 33 -40.78 -21.44 -78.08
N GLY CB 34 -41.08 -22.68 -77.71
CA GLY CB 34 -40.73 -23.87 -78.49
C GLY CB 34 -39.43 -24.54 -78.02
N GLN CB 35 -38.79 -23.98 -76.98
CA GLN CB 35 -37.58 -24.60 -76.45
C GLN CB 35 -37.89 -25.30 -75.13
N MET CB 36 -37.40 -26.54 -74.94
CA MET CB 36 -37.12 -27.09 -73.61
C MET CB 36 -35.70 -26.63 -73.19
N PRO CB 37 -35.46 -26.09 -71.97
CA PRO CB 37 -34.19 -25.45 -71.61
C PRO CB 37 -32.93 -26.31 -71.48
N ASP CB 47 -36.22 -37.41 -79.68
CA ASP CB 47 -36.35 -38.42 -80.78
C ASP CB 47 -37.66 -39.21 -80.61
N ALA CB 48 -38.38 -39.00 -79.51
CA ALA CB 48 -39.77 -39.41 -79.40
C ALA CB 48 -40.72 -38.30 -79.84
N PHE CB 49 -40.43 -37.03 -79.48
CA PHE CB 49 -41.34 -35.95 -79.87
C PHE CB 49 -41.13 -35.55 -81.34
N ASN CB 50 -40.21 -36.25 -82.02
CA ASN CB 50 -39.82 -35.93 -83.39
C ASN CB 50 -40.93 -36.25 -84.38
N THR CB 51 -41.90 -37.09 -83.99
CA THR CB 51 -43.00 -37.47 -84.86
C THR CB 51 -44.08 -36.39 -84.95
N PHE CB 52 -44.05 -35.38 -84.06
CA PHE CB 52 -44.91 -34.21 -84.19
C PHE CB 52 -44.17 -32.87 -84.18
N PHE CB 53 -42.95 -32.85 -83.62
CA PHE CB 53 -42.18 -31.61 -83.57
C PHE CB 53 -40.91 -31.75 -84.38
N SER CB 54 -40.64 -30.74 -85.20
CA SER CB 54 -39.38 -30.69 -85.91
C SER CB 54 -38.30 -30.19 -84.94
N GLU CB 55 -37.12 -29.89 -85.50
CA GLU CB 55 -36.01 -29.46 -84.67
C GLU CB 55 -35.42 -28.19 -85.28
N THR CB 56 -35.26 -27.15 -84.46
CA THR CB 56 -34.89 -25.83 -84.98
C THR CB 56 -33.74 -25.24 -84.17
N GLY CB 57 -32.52 -25.61 -84.55
CA GLY CB 57 -31.30 -25.04 -83.97
C GLY CB 57 -31.10 -25.43 -82.50
N ALA CB 58 -30.81 -24.43 -81.66
CA ALA CB 58 -30.45 -24.67 -80.28
C ALA CB 58 -31.69 -24.93 -79.41
N GLY CB 59 -32.32 -26.09 -79.64
CA GLY CB 59 -33.32 -26.63 -78.74
C GLY CB 59 -34.74 -26.09 -78.96
N LYS CB 60 -34.91 -25.09 -79.82
CA LYS CB 60 -36.26 -24.67 -80.19
C LYS CB 60 -36.94 -25.73 -81.05
N HIS CB 61 -38.24 -25.92 -80.84
CA HIS CB 61 -39.03 -26.87 -81.63
C HIS CB 61 -40.17 -26.17 -82.34
N VAL CB 62 -40.65 -26.74 -83.45
CA VAL CB 62 -41.71 -26.17 -84.24
C VAL CB 62 -42.67 -27.30 -84.64
N PRO CB 63 -44.00 -27.10 -84.47
CA PRO CB 63 -44.93 -28.18 -84.82
C PRO CB 63 -45.01 -28.43 -86.33
N ARG CB 64 -45.36 -29.67 -86.70
CA ARG CB 64 -45.61 -30.06 -88.07
C ARG CB 64 -47.10 -29.91 -88.39
N CYS CB 65 -47.57 -28.67 -88.27
CA CYS CB 65 -48.97 -28.36 -88.56
C CYS CB 65 -49.05 -27.22 -89.55
N VAL CB 66 -50.09 -27.28 -90.40
CA VAL CB 66 -50.41 -26.24 -91.35
C VAL CB 66 -51.85 -25.80 -91.12
N PHE CB 67 -51.98 -24.51 -90.76
CA PHE CB 67 -53.27 -23.89 -90.56
C PHE CB 67 -53.70 -23.19 -91.84
N LEU CB 68 -54.66 -23.78 -92.55
CA LEU CB 68 -55.15 -23.22 -93.80
C LEU CB 68 -56.61 -22.79 -93.64
N ASP CB 69 -56.89 -21.52 -93.93
CA ASP CB 69 -58.26 -21.02 -93.89
C ASP CB 69 -58.36 -19.81 -94.82
N LEU CB 70 -59.58 -19.54 -95.29
CA LEU CB 70 -59.81 -18.43 -96.21
C LEU CB 70 -60.11 -17.15 -95.46
N GLU CB 71 -61.01 -17.17 -94.47
CA GLU CB 71 -61.20 -15.99 -93.63
C GLU CB 71 -59.97 -15.80 -92.76
N PRO CB 72 -59.44 -14.59 -92.62
CA PRO CB 72 -58.25 -14.41 -91.81
C PRO CB 72 -58.58 -14.43 -90.32
N THR CB 73 -59.85 -14.18 -89.96
CA THR CB 73 -60.25 -13.79 -88.60
C THR CB 73 -59.95 -14.87 -87.55
N VAL CB 74 -59.70 -16.11 -87.99
CA VAL CB 74 -59.47 -17.21 -87.08
C VAL CB 74 -57.97 -17.53 -87.01
N VAL CB 75 -57.22 -17.26 -88.08
CA VAL CB 75 -55.81 -17.57 -88.13
C VAL CB 75 -55.00 -16.38 -87.62
N ASP CB 76 -55.42 -15.14 -87.95
CA ASP CB 76 -54.63 -13.97 -87.61
C ASP CB 76 -54.68 -13.69 -86.11
N GLU CB 77 -55.68 -14.28 -85.44
CA GLU CB 77 -55.82 -14.07 -84.01
C GLU CB 77 -54.87 -15.03 -83.28
N VAL CB 78 -54.47 -16.09 -83.98
CA VAL CB 78 -53.37 -16.95 -83.54
C VAL CB 78 -52.02 -16.24 -83.59
N ARG CB 79 -51.69 -15.54 -84.68
CA ARG CB 79 -50.35 -14.99 -84.86
C ARG CB 79 -50.09 -13.81 -83.91
N THR CB 80 -51.19 -13.25 -83.38
CA THR CB 80 -51.09 -12.21 -82.37
C THR CB 80 -51.37 -12.75 -80.96
N GLY CB 81 -51.62 -14.07 -80.87
CA GLY CB 81 -51.97 -14.68 -79.59
C GLY CB 81 -50.74 -15.03 -78.76
N THR CB 82 -50.91 -15.81 -77.69
CA THR CB 82 -49.77 -16.22 -76.87
C THR CB 82 -48.92 -17.29 -77.56
N TYR CB 83 -49.53 -18.07 -78.45
CA TYR CB 83 -48.82 -19.03 -79.30
C TYR CB 83 -48.30 -18.37 -80.58
N ARG CB 84 -47.82 -17.15 -80.45
CA ARG CB 84 -47.36 -16.37 -81.58
C ARG CB 84 -46.04 -16.91 -82.13
N HIS CB 85 -45.25 -17.45 -81.22
CA HIS CB 85 -43.83 -17.68 -81.24
C HIS CB 85 -43.62 -19.18 -81.62
N LEU CB 86 -44.67 -20.00 -81.51
CA LEU CB 86 -44.51 -21.44 -81.61
C LEU CB 86 -44.42 -21.84 -83.08
N PHE CB 87 -45.30 -21.22 -83.87
CA PHE CB 87 -45.43 -21.59 -85.26
C PHE CB 87 -44.46 -20.80 -86.10
N HIS CB 88 -44.00 -21.48 -87.16
CA HIS CB 88 -43.34 -20.76 -88.24
C HIS CB 88 -44.37 -19.86 -88.91
N PRO CB 89 -44.04 -18.57 -89.09
CA PRO CB 89 -45.00 -17.63 -89.67
C PRO CB 89 -45.50 -17.96 -91.09
N GLU CB 90 -44.78 -18.78 -91.86
CA GLU CB 90 -45.28 -19.19 -93.17
C GLU CB 90 -46.37 -20.24 -93.02
N GLN CB 91 -46.29 -21.06 -91.96
CA GLN CB 91 -47.22 -22.19 -91.82
C GLN CB 91 -48.65 -21.72 -91.55
N LEU CB 92 -48.84 -20.46 -91.16
CA LEU CB 92 -50.16 -19.90 -90.97
C LEU CB 92 -50.61 -19.25 -92.27
N ILE CB 93 -51.24 -20.04 -93.14
CA ILE CB 93 -51.68 -19.60 -94.46
C ILE CB 93 -53.12 -19.09 -94.35
N SER CB 94 -53.35 -17.83 -94.73
CA SER CB 94 -54.67 -17.22 -94.63
C SER CB 94 -55.04 -16.62 -95.98
N GLY CB 95 -56.35 -16.50 -96.22
CA GLY CB 95 -56.84 -15.97 -97.49
C GLY CB 95 -57.39 -14.55 -97.38
N LYS CB 96 -58.44 -14.30 -98.17
CA LYS CB 96 -59.04 -12.99 -98.27
C LYS CB 96 -60.47 -12.97 -97.75
N GLU CB 97 -61.32 -13.89 -98.27
CA GLU CB 97 -62.71 -13.86 -97.86
C GLU CB 97 -63.28 -15.28 -97.78
N ASP CB 98 -64.43 -15.38 -97.12
CA ASP CB 98 -64.95 -16.65 -96.64
C ASP CB 98 -65.45 -17.50 -97.80
N ALA CB 99 -65.47 -18.82 -97.58
CA ALA CB 99 -66.18 -19.70 -98.48
C ALA CB 99 -67.69 -19.51 -98.29
N ALA CB 100 -68.11 -19.13 -97.07
CA ALA CB 100 -69.48 -18.67 -96.80
C ALA CB 100 -70.44 -19.83 -97.04
N ASN CB 101 -70.12 -20.95 -96.39
CA ASN CB 101 -70.96 -22.14 -96.35
C ASN CB 101 -71.36 -22.62 -97.75
N ASN CB 102 -70.53 -22.30 -98.74
CA ASN CB 102 -70.79 -22.58 -100.13
C ASN CB 102 -69.71 -23.53 -100.62
N PHE CB 103 -70.11 -24.77 -100.92
CA PHE CB 103 -69.17 -25.77 -101.40
C PHE CB 103 -68.54 -25.36 -102.73
N ALA CB 104 -69.32 -24.64 -103.57
CA ALA CB 104 -68.81 -24.20 -104.86
C ALA CB 104 -67.71 -23.16 -104.66
N ARG CB 105 -67.79 -22.41 -103.55
CA ARG CB 105 -66.83 -21.35 -103.30
C ARG CB 105 -65.46 -21.92 -102.93
N GLY CB 106 -65.45 -22.86 -101.99
CA GLY CB 106 -64.20 -23.40 -101.47
C GLY CB 106 -63.54 -24.42 -102.40
N HIS CB 107 -64.26 -24.87 -103.44
CA HIS CB 107 -63.76 -25.91 -104.32
C HIS CB 107 -63.44 -25.39 -105.73
N TYR CB 108 -64.01 -24.25 -106.13
CA TYR CB 108 -63.84 -23.84 -107.53
C TYR CB 108 -63.42 -22.39 -107.65
N THR CB 109 -63.97 -21.53 -106.78
CA THR CB 109 -63.79 -20.11 -107.02
C THR CB 109 -62.55 -19.57 -106.30
N ILE CB 110 -62.57 -19.62 -104.96
CA ILE CB 110 -61.58 -18.89 -104.17
C ILE CB 110 -60.44 -19.82 -103.73
N GLY CB 111 -60.77 -21.10 -103.52
CA GLY CB 111 -59.83 -22.09 -103.04
C GLY CB 111 -58.70 -22.42 -104.02
N LYS CB 112 -58.89 -22.03 -105.29
CA LYS CB 112 -57.98 -22.39 -106.37
C LYS CB 112 -56.61 -21.73 -106.20
N GLU CB 113 -56.58 -20.51 -105.69
CA GLU CB 113 -55.33 -19.78 -105.62
C GLU CB 113 -54.49 -20.25 -104.43
N ILE CB 114 -55.16 -20.67 -103.34
CA ILE CB 114 -54.50 -20.83 -102.06
C ILE CB 114 -54.05 -22.27 -101.83
N VAL CB 115 -54.53 -23.22 -102.65
CA VAL CB 115 -54.10 -24.60 -102.50
C VAL CB 115 -52.61 -24.70 -102.81
N ASP CB 116 -52.19 -23.97 -103.84
CA ASP CB 116 -50.81 -24.03 -104.30
C ASP CB 116 -49.85 -23.47 -103.24
N LEU CB 117 -50.28 -22.47 -102.48
CA LEU CB 117 -49.48 -21.98 -101.35
C LEU CB 117 -49.42 -23.03 -100.24
N SER CB 118 -50.48 -23.82 -100.10
CA SER CB 118 -50.53 -24.86 -99.08
C SER CB 118 -49.68 -26.06 -99.48
N LEU CB 119 -49.78 -26.49 -100.75
CA LEU CB 119 -48.99 -27.62 -101.28
C LEU CB 119 -47.50 -27.31 -101.21
N ASP CB 120 -47.11 -26.07 -101.49
CA ASP CB 120 -45.71 -25.67 -101.41
C ASP CB 120 -45.21 -25.69 -99.97
N ARG CB 121 -46.09 -25.33 -99.04
CA ARG CB 121 -45.73 -25.35 -97.63
C ARG CB 121 -45.62 -26.79 -97.14
N ILE CB 122 -46.57 -27.63 -97.54
CA ILE CB 122 -46.61 -29.00 -97.05
C ILE CB 122 -45.45 -29.80 -97.66
N ARG CB 123 -45.00 -29.45 -98.86
CA ARG CB 123 -43.87 -30.11 -99.49
C ARG CB 123 -42.58 -29.76 -98.76
N LYS CB 124 -42.52 -28.55 -98.20
CA LYS CB 124 -41.39 -28.13 -97.41
C LYS CB 124 -41.35 -28.90 -96.09
N LEU CB 125 -42.51 -29.35 -95.61
CA LEU CB 125 -42.57 -30.00 -94.32
C LEU CB 125 -42.29 -31.51 -94.43
N ALA CB 126 -42.65 -32.12 -95.57
CA ALA CB 126 -42.67 -33.58 -95.67
C ALA CB 126 -41.33 -34.11 -96.17
N ASP CB 127 -40.60 -33.32 -96.94
CA ASP CB 127 -39.43 -33.84 -97.65
C ASP CB 127 -38.15 -33.74 -96.82
N ASN CB 128 -38.26 -33.43 -95.52
CA ASN CB 128 -37.07 -33.40 -94.69
C ASN CB 128 -36.65 -34.83 -94.35
N CYS CB 129 -37.62 -35.70 -94.08
CA CYS CB 129 -37.35 -37.10 -93.75
C CYS CB 129 -38.39 -37.99 -94.46
N THR CB 130 -37.99 -39.18 -94.93
CA THR CB 130 -38.97 -40.16 -95.39
C THR CB 130 -39.44 -41.00 -94.22
N GLY CB 131 -40.47 -41.82 -94.47
CA GLY CB 131 -41.13 -42.55 -93.42
C GLY CB 131 -42.28 -41.72 -92.87
N LEU CB 132 -42.97 -41.06 -93.84
CA LEU CB 132 -44.21 -40.34 -93.59
C LEU CB 132 -45.28 -41.39 -93.31
N GLN CB 133 -45.86 -41.31 -92.11
CA GLN CB 133 -46.89 -42.23 -91.68
C GLN CB 133 -48.19 -41.99 -92.45
N GLY CB 134 -48.55 -40.70 -92.55
CA GLY CB 134 -49.79 -40.32 -93.17
C GLY CB 134 -50.12 -38.88 -92.85
N PHE CB 135 -51.43 -38.59 -92.92
CA PHE CB 135 -51.92 -37.24 -92.73
C PHE CB 135 -53.00 -37.24 -91.65
N LEU CB 136 -53.10 -36.07 -91.00
CA LEU CB 136 -54.14 -35.85 -90.02
C LEU CB 136 -54.87 -34.55 -90.35
N MET CB 137 -55.83 -34.62 -91.26
CA MET CB 137 -56.50 -33.42 -91.71
C MET CB 137 -57.82 -33.26 -90.95
N PHE CB 138 -57.96 -32.13 -90.26
CA PHE CB 138 -59.15 -31.87 -89.45
C PHE CB 138 -60.08 -30.95 -90.21
N ASN CB 139 -61.34 -31.36 -90.34
CA ASN CB 139 -62.28 -30.59 -91.11
C ASN CB 139 -63.68 -30.68 -90.50
N ALA CB 140 -64.51 -29.71 -90.89
CA ALA CB 140 -65.95 -29.79 -90.67
C ALA CB 140 -66.59 -30.56 -91.82
N VAL CB 141 -67.93 -30.61 -91.80
CA VAL CB 141 -68.67 -31.23 -92.89
C VAL CB 141 -69.53 -30.19 -93.61
N GLY CB 142 -70.17 -29.34 -92.81
CA GLY CB 142 -71.15 -28.38 -93.30
C GLY CB 142 -70.57 -27.05 -93.72
N GLY CB 143 -69.32 -26.76 -93.29
CA GLY CB 143 -68.59 -25.58 -93.70
C GLY CB 143 -68.32 -25.60 -95.21
N GLY CB 144 -68.35 -24.42 -95.83
CA GLY CB 144 -67.93 -24.28 -97.20
C GLY CB 144 -66.43 -24.52 -97.34
N THR CB 145 -65.66 -23.99 -96.39
CA THR CB 145 -64.21 -24.15 -96.42
C THR CB 145 -63.82 -25.60 -96.15
N GLY CB 146 -64.35 -26.14 -95.05
CA GLY CB 146 -64.06 -27.47 -94.55
C GLY CB 146 -64.33 -28.56 -95.58
N SER CB 147 -65.38 -28.34 -96.38
CA SER CB 147 -65.77 -29.30 -97.40
C SER CB 147 -65.13 -28.97 -98.75
N GLY CB 148 -65.22 -27.69 -99.16
CA GLY CB 148 -64.73 -27.27 -100.46
C GLY CB 148 -63.22 -27.42 -100.62
N LEU CB 149 -62.49 -26.88 -99.63
CA LEU CB 149 -61.04 -27.02 -99.69
C LEU CB 149 -60.60 -28.44 -99.32
N GLY CB 150 -61.48 -29.15 -98.58
CA GLY CB 150 -61.19 -30.54 -98.19
C GLY CB 150 -61.02 -31.46 -99.41
N CYS CB 151 -61.97 -31.38 -100.35
CA CYS CB 151 -61.89 -32.15 -101.58
C CYS CB 151 -60.67 -31.72 -102.40
N LEU CB 152 -60.50 -30.39 -102.54
CA LEU CB 152 -59.43 -29.84 -103.36
C LEU CB 152 -58.02 -30.17 -102.82
N LEU CB 153 -57.89 -30.22 -101.49
CA LEU CB 153 -56.61 -30.59 -100.89
C LEU CB 153 -56.28 -32.06 -101.16
N LEU CB 154 -57.29 -32.92 -101.00
CA LEU CB 154 -57.02 -34.35 -101.14
C LEU CB 154 -56.92 -34.79 -102.61
N GLU CB 155 -57.41 -33.98 -103.56
CA GLU CB 155 -57.19 -34.34 -104.97
C GLU CB 155 -55.70 -34.19 -105.32
N ARG CB 156 -54.99 -33.24 -104.69
CA ARG CB 156 -53.58 -33.06 -105.00
C ARG CB 156 -52.71 -34.06 -104.26
N LEU CB 157 -53.13 -34.37 -103.03
CA LEU CB 157 -52.34 -35.29 -102.22
C LEU CB 157 -52.47 -36.74 -102.69
N SER CB 158 -53.60 -37.07 -103.35
CA SER CB 158 -53.82 -38.42 -103.89
C SER CB 158 -52.90 -38.69 -105.08
N VAL CB 159 -52.71 -37.65 -105.89
CA VAL CB 159 -52.09 -37.83 -107.20
C VAL CB 159 -50.57 -37.98 -107.06
N ASP CB 160 -49.98 -37.50 -105.95
CA ASP CB 160 -48.54 -37.72 -105.76
C ASP CB 160 -48.25 -38.76 -104.67
N TYR CB 161 -48.89 -38.61 -103.50
CA TYR CB 161 -48.73 -39.59 -102.43
C TYR CB 161 -49.88 -40.58 -102.48
N GLY CB 162 -49.81 -41.47 -103.48
CA GLY CB 162 -50.84 -42.52 -103.63
C GLY CB 162 -50.74 -43.61 -102.54
N LYS CB 163 -49.59 -43.69 -101.85
CA LYS CB 163 -49.18 -44.82 -101.04
C LYS CB 163 -49.25 -44.49 -99.54
N LYS CB 164 -49.91 -43.40 -99.14
CA LYS CB 164 -49.88 -43.05 -97.70
C LYS CB 164 -51.30 -42.91 -97.18
N SER CB 165 -51.53 -43.34 -95.95
CA SER CB 165 -52.84 -43.26 -95.31
C SER CB 165 -53.23 -41.82 -94.99
N LYS CB 166 -54.52 -41.57 -94.87
CA LYS CB 166 -55.06 -40.25 -94.54
C LYS CB 166 -56.14 -40.40 -93.48
N LEU CB 167 -56.00 -39.63 -92.39
CA LEU CB 167 -56.94 -39.67 -91.28
C LEU CB 167 -57.71 -38.36 -91.27
N ASN CB 168 -58.92 -38.37 -91.84
CA ASN CB 168 -59.74 -37.18 -91.89
C ASN CB 168 -60.70 -37.19 -90.71
N PHE CB 169 -60.69 -36.12 -89.91
CA PHE CB 169 -61.50 -36.13 -88.70
C PHE CB 169 -62.60 -35.08 -88.78
N CYS CB 170 -63.85 -35.55 -89.00
CA CYS CB 170 -64.95 -34.69 -89.43
C CYS CB 170 -65.93 -34.47 -88.27
N SER CB 171 -66.48 -33.24 -88.23
CA SER CB 171 -67.49 -32.88 -87.24
C SER CB 171 -68.88 -32.93 -87.87
N TRP CB 172 -69.47 -34.13 -87.90
CA TRP CB 172 -70.68 -34.36 -88.68
C TRP CB 172 -71.89 -33.69 -88.04
N PRO CB 173 -72.85 -33.16 -88.83
CA PRO CB 173 -74.06 -32.57 -88.22
C PRO CB 173 -75.00 -33.56 -87.55
N SER CB 174 -75.48 -33.17 -86.36
CA SER CB 174 -76.37 -33.94 -85.50
C SER CB 174 -77.77 -34.03 -86.12
N PRO CB 175 -78.61 -35.00 -85.66
CA PRO CB 175 -80.01 -35.02 -86.09
C PRO CB 175 -80.83 -33.78 -85.72
N GLN CB 176 -80.76 -33.36 -84.46
CA GLN CB 176 -81.70 -32.36 -83.96
C GLN CB 176 -81.24 -30.94 -84.26
N VAL CB 177 -79.97 -30.66 -83.96
CA VAL CB 177 -79.45 -29.30 -83.92
C VAL CB 177 -78.27 -29.22 -84.89
N SER CB 178 -78.13 -28.11 -85.62
CA SER CB 178 -77.12 -28.07 -86.68
C SER CB 178 -76.50 -26.69 -86.90
N THR CB 179 -77.11 -25.64 -86.34
CA THR CB 179 -76.63 -24.26 -86.33
C THR CB 179 -76.28 -23.72 -87.72
N ALA CB 180 -76.76 -24.37 -88.77
CA ALA CB 180 -76.73 -23.85 -90.13
C ALA CB 180 -77.91 -24.44 -90.90
N VAL CB 181 -78.21 -23.81 -92.04
CA VAL CB 181 -79.40 -24.11 -92.80
C VAL CB 181 -79.03 -24.95 -94.02
N VAL CB 182 -77.88 -24.67 -94.65
CA VAL CB 182 -77.52 -25.28 -95.92
C VAL CB 182 -76.66 -26.53 -95.69
N GLU CB 183 -76.64 -27.03 -94.46
CA GLU CB 183 -75.75 -28.14 -94.12
C GLU CB 183 -76.20 -29.49 -94.66
N PRO CB 184 -77.52 -29.80 -94.82
CA PRO CB 184 -77.91 -30.93 -95.65
C PRO CB 184 -77.31 -30.93 -97.06
N TYR CB 185 -77.21 -29.75 -97.68
CA TYR CB 185 -76.53 -29.64 -98.95
C TYR CB 185 -75.03 -29.89 -98.80
N ASN CB 186 -74.39 -29.21 -97.84
CA ASN CB 186 -72.95 -29.24 -97.67
C ASN CB 186 -72.44 -30.60 -97.21
N SER CB 187 -73.33 -31.46 -96.70
CA SER CB 187 -72.92 -32.76 -96.20
C SER CB 187 -72.77 -33.77 -97.34
N VAL CB 188 -73.82 -33.89 -98.16
CA VAL CB 188 -73.88 -34.89 -99.22
C VAL CB 188 -72.80 -34.60 -100.27
N LEU CB 189 -72.57 -33.31 -100.55
CA LEU CB 189 -71.54 -32.89 -101.47
C LEU CB 189 -70.15 -33.21 -100.91
N SER CB 190 -70.00 -33.15 -99.58
CA SER CB 190 -68.70 -33.44 -98.97
C SER CB 190 -68.42 -34.92 -99.02
N THR CB 191 -69.42 -35.73 -98.66
CA THR CB 191 -69.23 -37.15 -98.48
C THR CB 191 -69.00 -37.87 -99.82
N HIS CB 192 -69.37 -37.24 -100.96
CA HIS CB 192 -69.10 -37.84 -102.26
C HIS CB 192 -67.60 -37.88 -102.54
N SER CB 193 -66.96 -36.74 -102.33
CA SER CB 193 -65.53 -36.59 -102.56
C SER CB 193 -64.68 -37.17 -101.43
N LEU CB 194 -65.31 -37.52 -100.29
CA LEU CB 194 -64.62 -38.09 -99.14
C LEU CB 194 -64.85 -39.59 -99.03
N LEU CB 195 -65.24 -40.24 -100.12
CA LEU CB 195 -65.14 -41.69 -100.22
C LEU CB 195 -63.80 -42.08 -100.80
N GLU CB 196 -63.45 -41.44 -101.91
CA GLU CB 196 -62.36 -41.90 -102.76
C GLU CB 196 -61.05 -41.19 -102.43
N HIS CB 197 -61.07 -40.29 -101.44
CA HIS CB 197 -59.86 -39.54 -101.08
C HIS CB 197 -59.35 -39.87 -99.68
N THR CB 198 -60.21 -40.43 -98.81
CA THR CB 198 -59.78 -40.71 -97.43
C THR CB 198 -59.79 -42.21 -97.14
N ASP CB 199 -59.06 -42.62 -96.10
CA ASP CB 199 -58.93 -44.02 -95.76
C ASP CB 199 -59.70 -44.33 -94.47
N VAL CB 200 -59.55 -43.45 -93.49
CA VAL CB 200 -60.28 -43.56 -92.24
C VAL CB 200 -60.87 -42.19 -91.90
N ALA CB 201 -62.20 -42.15 -91.74
CA ALA CB 201 -62.88 -40.94 -91.30
C ALA CB 201 -63.69 -41.24 -90.03
N VAL CB 202 -63.32 -40.54 -88.94
CA VAL CB 202 -64.08 -40.67 -87.71
C VAL CB 202 -65.21 -39.64 -87.75
N MET CB 203 -66.28 -39.94 -87.04
CA MET CB 203 -67.38 -39.00 -86.94
C MET CB 203 -67.50 -38.50 -85.50
N LEU CB 204 -67.43 -37.18 -85.35
CA LEU CB 204 -67.67 -36.53 -84.07
C LEU CB 204 -68.89 -35.60 -84.17
N ASP CB 205 -69.73 -35.63 -83.14
CA ASP CB 205 -71.04 -34.98 -83.15
C ASP CB 205 -71.10 -34.03 -81.96
N ASN CB 206 -71.68 -32.84 -82.20
CA ASN CB 206 -71.69 -31.77 -81.22
C ASN CB 206 -72.68 -32.05 -80.09
N GLU CB 207 -73.86 -32.57 -80.43
CA GLU CB 207 -74.87 -32.79 -79.40
C GLU CB 207 -74.55 -34.07 -78.62
N ALA CB 208 -73.73 -34.96 -79.20
CA ALA CB 208 -73.29 -36.15 -78.49
C ALA CB 208 -72.35 -35.77 -77.34
N ILE CB 209 -71.40 -34.86 -77.64
CA ILE CB 209 -70.49 -34.36 -76.62
C ILE CB 209 -71.25 -33.46 -75.65
N TYR CB 210 -72.33 -32.82 -76.12
CA TYR CB 210 -73.14 -31.97 -75.25
C TYR CB 210 -73.80 -32.79 -74.14
N ASP CB 211 -74.31 -33.96 -74.52
CA ASP CB 211 -75.00 -34.80 -73.56
C ASP CB 211 -73.99 -35.48 -72.63
N ILE CB 212 -72.84 -35.85 -73.21
CA ILE CB 212 -71.79 -36.46 -72.42
C ILE CB 212 -71.28 -35.46 -71.36
N CYS CB 213 -71.19 -34.18 -71.75
CA CYS CB 213 -70.64 -33.15 -70.86
C CYS CB 213 -71.61 -32.73 -69.74
N ARG CB 214 -72.83 -33.25 -69.88
CA ARG CB 214 -73.85 -32.91 -68.91
C ARG CB 214 -74.06 -34.02 -67.87
N ARG CB 215 -73.88 -35.28 -68.26
CA ARG CB 215 -74.16 -36.41 -67.36
C ARG CB 215 -72.91 -36.98 -66.67
N ASN CB 216 -71.72 -36.55 -67.14
CA ASN CB 216 -70.47 -37.02 -66.58
C ASN CB 216 -69.76 -35.88 -65.85
N LEU CB 217 -69.63 -34.73 -66.53
CA LEU CB 217 -68.96 -33.57 -65.95
C LEU CB 217 -69.97 -32.59 -65.34
N ASP CB 218 -71.23 -33.02 -65.26
CA ASP CB 218 -72.36 -32.31 -64.65
C ASP CB 218 -72.32 -30.79 -64.73
N ILE CB 219 -72.08 -30.28 -65.93
CA ILE CB 219 -72.19 -28.85 -66.15
C ILE CB 219 -73.16 -28.59 -67.28
N GLU CB 220 -73.97 -27.56 -67.02
CA GLU CB 220 -74.95 -27.08 -67.97
C GLU CB 220 -74.46 -25.90 -68.81
N ARG CB 221 -73.16 -25.57 -68.79
CA ARG CB 221 -72.69 -24.49 -69.65
C ARG CB 221 -71.48 -24.89 -70.52
N PRO CB 222 -71.53 -25.96 -71.35
CA PRO CB 222 -70.36 -26.31 -72.14
C PRO CB 222 -70.32 -25.65 -73.51
N THR CB 223 -69.18 -25.07 -73.86
CA THR CB 223 -69.06 -24.19 -75.01
C THR CB 223 -68.09 -24.88 -75.96
N TYR CB 224 -67.65 -24.20 -77.04
CA TYR CB 224 -66.79 -24.84 -78.04
C TYR CB 224 -65.39 -25.13 -77.50
N THR CB 225 -64.96 -24.35 -76.51
CA THR CB 225 -63.59 -24.54 -76.04
C THR CB 225 -63.47 -25.79 -75.16
N ASN CB 226 -64.55 -26.12 -74.47
CA ASN CB 226 -64.56 -27.30 -73.61
C ASN CB 226 -64.79 -28.57 -74.44
N LEU CB 227 -65.46 -28.46 -75.58
CA LEU CB 227 -65.64 -29.60 -76.47
C LEU CB 227 -64.31 -29.99 -77.13
N ASN CB 228 -63.49 -28.99 -77.47
CA ASN CB 228 -62.23 -29.22 -78.15
C ASN CB 228 -61.18 -29.86 -77.25
N ARG CB 229 -61.27 -29.65 -75.93
CA ARG CB 229 -60.37 -30.29 -74.97
C ARG CB 229 -60.60 -31.79 -74.96
N LEU CB 230 -61.88 -32.18 -75.00
CA LEU CB 230 -62.19 -33.60 -75.00
C LEU CB 230 -61.79 -34.23 -76.32
N ILE CB 231 -61.93 -33.52 -77.44
CA ILE CB 231 -61.53 -34.08 -78.71
C ILE CB 231 -60.01 -34.19 -78.78
N ALA CB 232 -59.30 -33.23 -78.17
CA ALA CB 232 -57.84 -33.26 -78.19
C ALA CB 232 -57.33 -34.46 -77.39
N GLN CB 233 -58.10 -34.90 -76.38
CA GLN CB 233 -57.72 -36.06 -75.57
C GLN CB 233 -57.86 -37.34 -76.40
N VAL CB 234 -58.87 -37.40 -77.29
CA VAL CB 234 -59.10 -38.54 -78.16
C VAL CB 234 -57.97 -38.62 -79.20
N ILE CB 235 -57.49 -37.45 -79.62
CA ILE CB 235 -56.35 -37.39 -80.53
C ILE CB 235 -55.11 -37.95 -79.84
N SER CB 236 -54.83 -37.47 -78.61
CA SER CB 236 -53.58 -37.80 -77.93
C SER CB 236 -53.55 -39.28 -77.55
N SER CB 237 -54.70 -39.85 -77.19
CA SER CB 237 -54.77 -41.28 -76.91
C SER CB 237 -54.61 -42.08 -78.20
N LEU CB 238 -55.00 -41.49 -79.33
CA LEU CB 238 -55.00 -42.23 -80.60
C LEU CB 238 -53.57 -42.38 -81.12
N THR CB 239 -52.78 -41.31 -80.95
CA THR CB 239 -51.42 -41.24 -81.44
C THR CB 239 -50.41 -41.41 -80.29
N ALA CB 240 -50.81 -42.14 -79.24
CA ALA CB 240 -49.93 -42.40 -78.11
C ALA CB 240 -48.79 -43.34 -78.50
N SER CB 241 -49.07 -44.22 -79.47
CA SER CB 241 -48.16 -45.29 -79.84
C SER CB 241 -47.10 -44.80 -80.84
N LEU CB 242 -47.24 -43.57 -81.36
CA LEU CB 242 -46.18 -42.96 -82.17
C LEU CB 242 -45.19 -42.16 -81.31
N ARG CB 243 -45.55 -41.89 -80.04
CA ARG CB 243 -44.72 -41.02 -79.20
C ARG CB 243 -44.10 -41.80 -78.05
N PHE CB 244 -44.95 -42.44 -77.25
CA PHE CB 244 -44.50 -43.09 -76.03
C PHE CB 244 -44.35 -44.59 -76.24
N ASP CB 245 -43.44 -45.15 -75.44
CA ASP CB 245 -43.17 -46.57 -75.29
C ASP CB 245 -44.41 -47.28 -74.77
N GLY CB 246 -44.70 -48.49 -75.27
CA GLY CB 246 -45.94 -49.19 -74.93
C GLY CB 246 -45.74 -50.67 -74.65
N ALA CB 247 -46.67 -51.26 -73.89
CA ALA CB 247 -46.75 -52.70 -73.69
C ALA CB 247 -47.17 -53.42 -74.96
N LEU CB 248 -47.99 -52.74 -75.77
CA LEU CB 248 -48.40 -53.31 -77.04
C LEU CB 248 -49.00 -52.19 -77.87
N ASN CB 249 -48.23 -51.71 -78.86
CA ASN CB 249 -48.50 -50.47 -79.55
C ASN CB 249 -49.09 -50.71 -80.94
N VAL CB 250 -49.96 -49.79 -81.33
CA VAL CB 250 -50.70 -49.89 -82.58
C VAL CB 250 -50.62 -48.55 -83.31
N ASP CB 251 -50.18 -48.59 -84.57
CA ASP CB 251 -49.91 -47.34 -85.25
C ASP CB 251 -50.98 -47.07 -86.31
N VAL CB 252 -50.79 -45.94 -86.97
CA VAL CB 252 -51.69 -45.34 -87.94
C VAL CB 252 -51.97 -46.29 -89.12
N THR CB 253 -50.93 -46.98 -89.61
CA THR CB 253 -51.05 -47.81 -90.80
C THR CB 253 -51.88 -49.08 -90.52
N GLU CB 254 -51.96 -49.50 -89.25
CA GLU CB 254 -52.68 -50.75 -88.96
C GLU CB 254 -54.05 -50.52 -88.35
N PHE CB 255 -54.41 -49.26 -88.04
CA PHE CB 255 -55.81 -48.94 -87.89
C PHE CB 255 -56.54 -49.12 -89.22
N GLN CB 256 -55.79 -48.90 -90.32
CA GLN CB 256 -56.33 -48.75 -91.66
C GLN CB 256 -56.57 -50.11 -92.31
N THR CB 257 -56.02 -51.17 -91.70
CA THR CB 257 -56.25 -52.50 -92.26
C THR CB 257 -57.13 -53.34 -91.33
N ASN CB 258 -57.45 -52.83 -90.15
CA ASN CB 258 -58.14 -53.63 -89.15
C ASN CB 258 -59.61 -53.28 -89.03
N LEU CB 259 -59.89 -52.00 -89.23
CA LEU CB 259 -61.23 -51.52 -88.95
C LEU CB 259 -62.00 -51.23 -90.24
N VAL CB 260 -61.32 -51.40 -91.35
CA VAL CB 260 -61.94 -51.21 -92.64
C VAL CB 260 -62.01 -52.56 -93.32
N PRO CB 261 -63.16 -53.26 -93.24
CA PRO CB 261 -63.30 -54.54 -93.92
C PRO CB 261 -63.40 -54.42 -95.44
N TYR CB 262 -64.15 -53.42 -95.90
CA TYR CB 262 -64.54 -53.28 -97.28
C TYR CB 262 -64.07 -51.93 -97.80
N PRO CB 263 -63.82 -51.75 -99.12
CA PRO CB 263 -63.19 -50.54 -99.64
C PRO CB 263 -63.88 -49.21 -99.35
N ARG CB 264 -65.18 -49.22 -99.05
CA ARG CB 264 -65.89 -47.96 -98.82
C ARG CB 264 -66.51 -47.87 -97.42
N ILE CB 265 -66.54 -48.98 -96.67
CA ILE CB 265 -67.14 -48.96 -95.34
C ILE CB 265 -66.07 -48.56 -94.34
N HIS CB 266 -65.82 -47.25 -94.24
CA HIS CB 266 -64.67 -46.79 -93.46
C HIS CB 266 -65.01 -45.57 -92.60
N PHE CB 267 -66.29 -45.41 -92.27
CA PHE CB 267 -66.71 -44.40 -91.30
C PHE CB 267 -66.88 -45.08 -89.95
N MET CB 268 -66.27 -44.50 -88.90
CA MET CB 268 -66.34 -45.09 -87.58
C MET CB 268 -66.61 -44.05 -86.50
N LEU CB 269 -67.19 -44.53 -85.39
CA LEU CB 269 -67.51 -43.73 -84.21
C LEU CB 269 -66.28 -43.63 -83.32
N SER CB 270 -66.48 -43.05 -82.14
CA SER CB 270 -65.45 -42.99 -81.11
C SER CB 270 -66.10 -42.84 -79.75
N SER CB 271 -65.44 -43.37 -78.71
CA SER CB 271 -65.86 -43.11 -77.34
C SER CB 271 -64.66 -43.10 -76.42
N TYR CB 272 -64.85 -42.47 -75.27
CA TYR CB 272 -63.79 -42.36 -74.29
C TYR CB 272 -64.34 -42.70 -72.93
N ALA CB 273 -63.45 -43.28 -72.12
CA ALA CB 273 -63.78 -43.57 -70.74
C ALA CB 273 -62.47 -43.57 -69.95
N PRO CB 274 -62.43 -42.94 -68.76
CA PRO CB 274 -63.54 -42.16 -68.22
C PRO CB 274 -63.45 -40.67 -68.53
N ILE CB 275 -64.59 -40.00 -68.44
CA ILE CB 275 -64.63 -38.55 -68.53
C ILE CB 275 -65.19 -38.06 -67.20
N ILE CB 276 -64.26 -37.83 -66.26
CA ILE CB 276 -64.63 -37.58 -64.88
C ILE CB 276 -63.92 -36.32 -64.40
N SER CB 277 -64.55 -35.65 -63.42
CA SER CB 277 -64.07 -34.39 -62.89
C SER CB 277 -63.13 -34.63 -61.71
N ALA CB 278 -62.63 -33.51 -61.11
CA ALA CB 278 -61.64 -33.53 -60.04
C ALA CB 278 -62.18 -34.31 -58.84
N GLU CB 279 -63.49 -34.13 -58.64
CA GLU CB 279 -64.11 -34.57 -57.39
C GLU CB 279 -64.64 -36.00 -57.53
N LYS CB 280 -65.21 -36.39 -58.67
CA LYS CB 280 -65.72 -37.76 -58.85
C LYS CB 280 -64.54 -38.74 -59.00
N ALA CB 281 -63.36 -38.26 -59.40
CA ALA CB 281 -62.18 -39.13 -59.52
C ALA CB 281 -61.68 -39.60 -58.15
N TYR CB 282 -61.98 -38.80 -57.13
CA TYR CB 282 -61.64 -39.11 -55.76
C TYR CB 282 -62.37 -40.38 -55.32
N HIS CB 283 -63.65 -40.50 -55.69
CA HIS CB 283 -64.56 -41.50 -55.12
C HIS CB 283 -64.65 -42.79 -55.93
N GLU CB 284 -63.78 -42.99 -56.92
CA GLU CB 284 -63.75 -44.29 -57.58
C GLU CB 284 -62.32 -44.70 -57.92
N GLN CB 285 -62.00 -45.99 -57.72
CA GLN CB 285 -60.89 -46.60 -58.45
C GLN CB 285 -61.43 -47.06 -59.80
N LEU CB 286 -60.76 -46.57 -60.84
CA LEU CB 286 -61.23 -46.74 -62.20
C LEU CB 286 -60.70 -48.06 -62.74
N SER CB 287 -61.27 -49.17 -62.31
CA SER CB 287 -60.78 -50.48 -62.69
C SER CB 287 -60.98 -50.70 -64.18
N VAL CB 288 -60.16 -51.60 -64.73
CA VAL CB 288 -60.15 -51.80 -66.17
C VAL CB 288 -61.47 -52.42 -66.61
N ALA CB 289 -62.06 -53.28 -65.76
CA ALA CB 289 -63.39 -53.86 -66.02
C ALA CB 289 -64.46 -52.79 -66.01
N GLU CB 290 -64.29 -51.80 -65.12
CA GLU CB 290 -65.28 -50.74 -64.97
C GLU CB 290 -65.21 -49.77 -66.16
N ILE CB 291 -63.98 -49.37 -66.54
CA ILE CB 291 -63.78 -48.35 -67.57
C ILE CB 291 -63.95 -48.93 -68.98
N THR CB 292 -64.03 -50.26 -69.08
CA THR CB 292 -64.33 -50.86 -70.38
C THR CB 292 -65.82 -51.08 -70.56
N ASN CB 293 -66.57 -51.11 -69.45
CA ASN CB 293 -68.01 -51.25 -69.53
C ASN CB 293 -68.65 -49.93 -69.94
N SER CB 294 -68.10 -48.83 -69.42
CA SER CB 294 -68.56 -47.49 -69.74
C SER CB 294 -68.23 -47.09 -71.18
N ALA CB 295 -67.21 -47.75 -71.76
CA ALA CB 295 -66.83 -47.50 -73.15
C ALA CB 295 -67.95 -47.94 -74.09
N PHE CB 296 -68.62 -49.05 -73.75
CA PHE CB 296 -69.60 -49.64 -74.63
C PHE CB 296 -71.03 -49.18 -74.36
N GLU CB 297 -71.21 -48.31 -73.35
CA GLU CB 297 -72.53 -47.74 -73.10
C GLU CB 297 -72.97 -46.89 -74.28
N PRO CB 298 -74.19 -47.08 -74.83
CA PRO CB 298 -74.62 -46.34 -76.02
C PRO CB 298 -74.82 -44.85 -75.79
N ALA CB 299 -74.94 -44.45 -74.52
CA ALA CB 299 -75.05 -43.03 -74.21
C ALA CB 299 -73.69 -42.35 -74.12
N SER CB 300 -72.60 -43.13 -74.22
CA SER CB 300 -71.25 -42.60 -74.05
C SER CB 300 -70.51 -42.47 -75.39
N MET CB 301 -71.15 -42.88 -76.48
CA MET CB 301 -70.58 -42.73 -77.81
C MET CB 301 -70.61 -41.26 -78.21
N MET CB 302 -69.66 -40.88 -79.06
CA MET CB 302 -69.49 -39.48 -79.42
C MET CB 302 -70.01 -39.18 -80.83
N ALA CB 303 -71.14 -39.80 -81.18
CA ALA CB 303 -71.65 -39.64 -82.53
C ALA CB 303 -73.16 -39.41 -82.61
N LYS CB 304 -73.90 -39.66 -81.53
CA LYS CB 304 -75.36 -39.62 -81.53
C LYS CB 304 -75.97 -40.41 -82.71
N CYS CB 305 -75.65 -41.69 -82.68
CA CYS CB 305 -76.14 -42.68 -83.62
C CYS CB 305 -76.20 -43.98 -82.83
N ASP CB 306 -77.43 -44.31 -82.41
CA ASP CB 306 -77.63 -45.28 -81.34
C ASP CB 306 -77.24 -46.68 -81.80
N PRO CB 307 -76.23 -47.31 -81.18
CA PRO CB 307 -75.77 -48.63 -81.64
C PRO CB 307 -76.63 -49.82 -81.29
N ARG CB 308 -77.78 -49.55 -80.63
CA ARG CB 308 -78.72 -50.59 -80.21
C ARG CB 308 -79.29 -51.32 -81.42
N HIS CB 309 -79.64 -50.55 -82.46
CA HIS CB 309 -80.24 -51.10 -83.67
C HIS CB 309 -79.22 -51.22 -84.80
N GLY CB 310 -78.00 -51.60 -84.46
CA GLY CB 310 -76.96 -51.91 -85.44
C GLY CB 310 -76.07 -53.00 -84.88
N LYS CB 311 -75.37 -53.71 -85.79
CA LYS CB 311 -74.55 -54.85 -85.42
C LYS CB 311 -73.09 -54.45 -85.61
N TYR CB 312 -72.27 -54.70 -84.58
CA TYR CB 312 -70.85 -54.33 -84.53
C TYR CB 312 -70.05 -55.10 -85.58
N MET CB 313 -69.18 -54.37 -86.30
CA MET CB 313 -68.31 -55.04 -87.26
C MET CB 313 -66.95 -55.35 -86.62
N ALA CB 314 -66.22 -54.27 -86.30
CA ALA CB 314 -64.88 -54.36 -85.74
C ALA CB 314 -64.70 -53.23 -84.74
N CYS CB 315 -63.99 -53.51 -83.64
CA CYS CB 315 -63.80 -52.51 -82.60
C CYS CB 315 -62.34 -52.49 -82.18
N CYS CB 316 -61.84 -51.27 -81.90
CA CYS CB 316 -60.46 -51.04 -81.51
C CYS CB 316 -60.44 -50.31 -80.17
N LEU CB 317 -59.68 -50.84 -79.21
CA LEU CB 317 -59.60 -50.23 -77.89
C LEU CB 317 -58.16 -49.83 -77.59
N MET CB 318 -57.93 -48.54 -77.38
CA MET CB 318 -56.62 -48.03 -76.98
C MET CB 318 -56.59 -47.78 -75.49
N TYR CB 319 -55.95 -48.70 -74.79
CA TYR CB 319 -55.73 -48.54 -73.38
C TYR CB 319 -54.51 -47.66 -73.18
N ARG CB 320 -54.61 -46.78 -72.18
CA ARG CB 320 -53.55 -45.84 -71.92
C ARG CB 320 -53.38 -45.75 -70.41
N GLY CB 321 -52.14 -45.95 -69.93
CA GLY CB 321 -51.83 -45.83 -68.51
C GLY CB 321 -51.45 -47.18 -67.90
N ASP CB 322 -51.67 -47.35 -66.58
CA ASP CB 322 -51.24 -48.59 -65.92
C ASP CB 322 -52.23 -49.70 -66.25
N VAL CB 323 -52.02 -50.31 -67.42
CA VAL CB 323 -52.93 -51.34 -67.86
C VAL CB 323 -52.19 -52.67 -68.02
N VAL CB 324 -52.76 -53.71 -67.43
CA VAL CB 324 -52.15 -55.03 -67.39
C VAL CB 324 -52.92 -55.96 -68.33
N PRO CB 325 -52.22 -56.72 -69.19
CA PRO CB 325 -52.90 -57.62 -70.15
C PRO CB 325 -53.79 -58.75 -69.64
N LYS CB 326 -53.91 -58.91 -68.32
CA LYS CB 326 -54.93 -59.81 -67.79
C LYS CB 326 -56.24 -59.07 -67.57
N ASP CB 327 -56.18 -57.75 -67.37
CA ASP CB 327 -57.39 -56.98 -67.09
C ASP CB 327 -58.04 -56.52 -68.38
N VAL CB 328 -57.49 -56.93 -69.52
CA VAL CB 328 -58.07 -56.59 -70.81
C VAL CB 328 -58.58 -57.86 -71.49
N ASN CB 329 -57.79 -58.93 -71.38
CA ASN CB 329 -58.21 -60.20 -71.95
C ASN CB 329 -59.47 -60.74 -71.27
N ALA CB 330 -59.55 -60.57 -69.94
CA ALA CB 330 -60.76 -60.91 -69.20
C ALA CB 330 -61.89 -59.92 -69.49
N ALA CB 331 -61.52 -58.66 -69.75
CA ALA CB 331 -62.51 -57.61 -69.93
C ALA CB 331 -63.23 -57.76 -71.28
N VAL CB 332 -62.48 -58.04 -72.34
CA VAL CB 332 -63.04 -58.25 -73.67
C VAL CB 332 -63.96 -59.47 -73.68
N ALA CB 333 -63.61 -60.48 -72.87
CA ALA CB 333 -64.43 -61.69 -72.75
C ALA CB 333 -65.82 -61.37 -72.19
N THR CB 334 -65.88 -60.54 -71.14
CA THR CB 334 -67.14 -60.20 -70.48
C THR CB 334 -68.05 -59.39 -71.42
N ILE CB 335 -67.42 -58.65 -72.34
CA ILE CB 335 -68.16 -57.89 -73.33
C ILE CB 335 -68.82 -58.83 -74.34
N LYS CB 336 -68.16 -59.96 -74.65
CA LYS CB 336 -68.72 -60.93 -75.58
C LYS CB 336 -69.95 -61.61 -74.99
N THR CB 337 -69.91 -61.85 -73.67
CA THR CB 337 -70.97 -62.58 -72.99
C THR CB 337 -72.25 -61.73 -72.91
N LYS CB 338 -72.10 -60.41 -72.85
CA LYS CB 338 -73.27 -59.53 -72.83
C LYS CB 338 -73.97 -59.61 -74.18
N ARG CB 339 -75.30 -59.71 -74.11
CA ARG CB 339 -76.11 -59.94 -75.29
C ARG CB 339 -76.54 -58.65 -76.01
N THR CB 340 -76.31 -57.49 -75.38
CA THR CB 340 -76.68 -56.21 -75.96
C THR CB 340 -75.75 -55.86 -77.12
N ILE CB 341 -74.45 -56.07 -76.90
CA ILE CB 341 -73.50 -55.86 -77.98
C ILE CB 341 -73.63 -57.07 -78.89
N GLN CB 342 -74.25 -56.81 -80.04
CA GLN CB 342 -74.56 -57.84 -81.00
C GLN CB 342 -73.62 -57.63 -82.18
N PHE CB 343 -72.82 -58.65 -82.48
CA PHE CB 343 -71.91 -58.58 -83.59
C PHE CB 343 -72.57 -59.07 -84.87
N VAL CB 344 -71.83 -58.89 -85.97
CA VAL CB 344 -72.31 -59.36 -87.25
C VAL CB 344 -72.01 -60.85 -87.41
N ASP CB 345 -72.72 -61.45 -88.37
CA ASP CB 345 -72.72 -62.85 -88.78
C ASP CB 345 -71.31 -63.38 -89.08
N TRP CB 346 -70.50 -62.64 -89.83
CA TRP CB 346 -69.32 -63.21 -90.47
C TRP CB 346 -68.07 -62.85 -89.67
N CYS CB 347 -68.21 -62.32 -88.46
CA CYS CB 347 -67.03 -61.76 -87.77
C CYS CB 347 -66.88 -62.34 -86.37
N PRO CB 348 -66.45 -63.62 -86.19
CA PRO CB 348 -66.22 -64.14 -84.85
C PRO CB 348 -65.01 -63.50 -84.15
N THR CB 349 -63.92 -63.24 -84.88
CA THR CB 349 -62.83 -62.47 -84.30
C THR CB 349 -63.23 -60.99 -84.26
N GLY CB 350 -63.74 -60.51 -83.13
CA GLY CB 350 -64.38 -59.21 -83.21
C GLY CB 350 -63.54 -58.01 -82.77
N PHE CB 351 -62.39 -58.20 -82.12
CA PHE CB 351 -61.81 -57.13 -81.30
C PHE CB 351 -60.37 -56.77 -81.69
N LYS CB 352 -59.89 -55.65 -81.12
CA LYS CB 352 -58.56 -55.14 -81.32
C LYS CB 352 -58.15 -54.32 -80.09
N CYS CB 353 -56.92 -54.54 -79.61
CA CYS CB 353 -56.51 -54.03 -78.31
C CYS CB 353 -55.17 -53.31 -78.43
N GLY CB 354 -54.91 -52.29 -77.58
CA GLY CB 354 -53.64 -51.58 -77.63
C GLY CB 354 -53.34 -50.82 -76.34
N ILE CB 355 -52.17 -51.06 -75.77
CA ILE CB 355 -51.84 -50.61 -74.42
C ILE CB 355 -50.61 -49.73 -74.49
N ASN CB 356 -50.69 -48.61 -73.78
CA ASN CB 356 -49.57 -47.71 -73.63
C ASN CB 356 -49.31 -47.41 -72.16
N TYR CB 357 -48.12 -46.91 -71.81
CA TYR CB 357 -47.78 -46.75 -70.40
C TYR CB 357 -48.00 -45.35 -69.89
N GLN CB 358 -47.81 -44.37 -70.77
CA GLN CB 358 -47.84 -42.99 -70.35
C GLN CB 358 -49.28 -42.59 -70.04
N PRO CB 359 -49.59 -42.20 -68.77
CA PRO CB 359 -50.98 -41.94 -68.40
C PRO CB 359 -51.48 -40.65 -69.06
N PRO CB 360 -52.83 -40.42 -69.18
CA PRO CB 360 -53.35 -39.17 -69.74
C PRO CB 360 -52.94 -37.96 -68.92
N THR CB 361 -52.57 -36.88 -69.63
CA THR CB 361 -52.23 -35.62 -68.99
C THR CB 361 -53.44 -34.70 -68.89
N VAL CB 362 -53.30 -33.68 -68.04
CA VAL CB 362 -54.38 -32.79 -67.66
C VAL CB 362 -54.18 -31.41 -68.28
N VAL CB 363 -55.29 -30.87 -68.77
CA VAL CB 363 -55.33 -29.50 -69.26
C VAL CB 363 -55.64 -28.58 -68.08
N PRO CB 364 -54.69 -27.72 -67.63
CA PRO CB 364 -54.96 -26.84 -66.48
C PRO CB 364 -56.10 -25.85 -66.73
N GLY CB 365 -56.89 -25.61 -65.68
CA GLY CB 365 -58.09 -24.77 -65.69
C GLY CB 365 -59.23 -25.33 -66.54
N GLY CB 366 -59.10 -26.61 -66.89
CA GLY CB 366 -60.00 -27.23 -67.84
C GLY CB 366 -61.14 -27.93 -67.14
N ASP CB 367 -61.28 -29.21 -67.46
CA ASP CB 367 -62.36 -29.99 -66.90
C ASP CB 367 -61.97 -31.41 -66.52
N LEU CB 368 -61.00 -32.05 -67.21
CA LEU CB 368 -60.74 -33.46 -66.92
C LEU CB 368 -59.93 -33.61 -65.64
N ALA CB 369 -60.08 -34.77 -64.97
CA ALA CB 369 -59.26 -35.08 -63.81
C ALA CB 369 -58.06 -35.93 -64.16
N LYS CB 370 -57.13 -35.98 -63.22
CA LYS CB 370 -55.98 -36.89 -63.19
C LYS CB 370 -56.46 -38.34 -63.07
N VAL CB 371 -56.21 -39.14 -64.12
CA VAL CB 371 -56.67 -40.51 -64.15
C VAL CB 371 -55.45 -41.38 -64.38
N MET CB 372 -55.43 -42.55 -63.72
CA MET CB 372 -54.30 -43.46 -63.85
C MET CB 372 -54.38 -44.18 -65.20
N ARG CB 373 -55.59 -44.33 -65.76
CA ARG CB 373 -55.80 -45.24 -66.87
C ARG CB 373 -57.05 -44.82 -67.61
N ALA CB 374 -57.07 -45.06 -68.92
CA ALA CB 374 -58.14 -44.57 -69.77
C ALA CB 374 -58.24 -45.44 -71.03
N VAL CB 375 -59.42 -45.42 -71.64
CA VAL CB 375 -59.71 -46.21 -72.82
C VAL CB 375 -60.27 -45.28 -73.88
N CYS CB 376 -59.66 -45.34 -75.06
CA CYS CB 376 -60.21 -44.68 -76.22
C CYS CB 376 -60.71 -45.76 -77.17
N MET CB 377 -61.96 -45.61 -77.63
CA MET CB 377 -62.61 -46.61 -78.46
C MET CB 377 -62.85 -46.01 -79.84
N ILE CB 378 -62.63 -46.81 -80.89
CA ILE CB 378 -63.07 -46.52 -82.24
C ILE CB 378 -63.76 -47.78 -82.74
N SER CB 379 -65.04 -47.66 -83.09
CA SER CB 379 -65.86 -48.82 -83.42
C SER CB 379 -66.47 -48.66 -84.80
N ASN CB 380 -66.51 -49.77 -85.55
CA ASN CB 380 -67.19 -49.83 -86.84
C ASN CB 380 -68.46 -50.65 -86.66
N SER CB 381 -69.62 -50.04 -86.98
CA SER CB 381 -70.90 -50.71 -86.81
C SER CB 381 -71.82 -50.41 -87.99
N THR CB 382 -72.90 -51.20 -88.15
CA THR CB 382 -73.91 -50.95 -89.17
C THR CB 382 -74.95 -49.94 -88.70
N ALA CB 383 -74.73 -49.37 -87.51
CA ALA CB 383 -75.68 -48.40 -86.99
C ALA CB 383 -75.66 -47.11 -87.81
N ILE CB 384 -74.51 -46.85 -88.47
CA ILE CB 384 -74.23 -45.59 -89.14
C ILE CB 384 -75.22 -45.34 -90.27
N ALA CB 385 -75.95 -46.40 -90.66
CA ALA CB 385 -76.93 -46.34 -91.74
C ALA CB 385 -78.00 -45.29 -91.47
N GLU CB 386 -78.29 -45.00 -90.19
CA GLU CB 386 -79.30 -44.01 -89.89
C GLU CB 386 -78.78 -42.59 -90.11
N VAL CB 387 -77.46 -42.39 -89.91
CA VAL CB 387 -76.89 -41.06 -90.04
C VAL CB 387 -76.94 -40.65 -91.51
N PHE CB 388 -76.59 -41.59 -92.39
CA PHE CB 388 -76.62 -41.32 -93.81
C PHE CB 388 -78.05 -41.33 -94.35
N SER CB 389 -78.96 -42.04 -93.67
CA SER CB 389 -80.35 -42.06 -94.10
C SER CB 389 -81.04 -40.74 -93.78
N ARG CB 390 -80.84 -40.22 -92.57
CA ARG CB 390 -81.56 -39.02 -92.18
C ARG CB 390 -80.98 -37.77 -92.82
N MET CB 391 -79.69 -37.77 -93.16
CA MET CB 391 -79.14 -36.64 -93.91
C MET CB 391 -79.59 -36.72 -95.36
N ASP CB 392 -79.91 -37.93 -95.85
CA ASP CB 392 -80.46 -38.13 -97.16
C ASP CB 392 -81.88 -37.53 -97.22
N HIS CB 393 -82.64 -37.66 -96.13
CA HIS CB 393 -84.01 -37.19 -96.05
C HIS CB 393 -84.05 -35.66 -96.03
N LYS CB 394 -83.11 -35.05 -95.29
CA LYS CB 394 -83.06 -33.60 -95.16
C LYS CB 394 -82.66 -33.00 -96.51
N PHE CB 395 -81.91 -33.76 -97.32
CA PHE CB 395 -81.48 -33.31 -98.63
C PHE CB 395 -82.65 -33.35 -99.63
N ASP CB 396 -83.52 -34.36 -99.49
CA ASP CB 396 -84.56 -34.65 -100.50
C ASP CB 396 -85.61 -33.55 -100.51
N LEU CB 397 -85.98 -33.04 -99.34
CA LEU CB 397 -87.08 -32.09 -99.27
C LEU CB 397 -86.62 -30.72 -99.79
N MET CB 398 -85.35 -30.37 -99.55
CA MET CB 398 -84.85 -29.06 -99.98
C MET CB 398 -84.64 -29.03 -101.50
N TYR CB 399 -84.08 -30.13 -102.04
CA TYR CB 399 -83.80 -30.25 -103.47
C TYR CB 399 -85.09 -30.49 -104.25
N ALA CB 400 -86.19 -30.90 -103.60
CA ALA CB 400 -87.44 -31.19 -104.28
C ALA CB 400 -87.94 -30.00 -105.10
N LYS CB 401 -87.72 -28.75 -104.62
CA LYS CB 401 -87.94 -27.58 -105.48
C LYS CB 401 -86.83 -26.55 -105.31
N ARG CB 402 -85.58 -27.04 -105.29
CA ARG CB 402 -84.40 -26.24 -105.64
C ARG CB 402 -84.20 -25.05 -104.70
N ALA CB 403 -84.24 -25.30 -103.38
CA ALA CB 403 -83.82 -24.27 -102.44
C ALA CB 403 -82.31 -24.14 -102.51
N PHE CB 404 -81.83 -22.89 -102.61
CA PHE CB 404 -80.42 -22.54 -102.56
C PHE CB 404 -79.56 -23.18 -103.66
N VAL CB 405 -80.18 -23.72 -104.71
CA VAL CB 405 -79.43 -24.37 -105.76
C VAL CB 405 -78.61 -23.36 -106.56
N HIS CB 406 -79.24 -22.22 -106.82
CA HIS CB 406 -78.65 -21.18 -107.66
C HIS CB 406 -77.42 -20.54 -107.00
N TRP CB 407 -77.24 -20.69 -105.70
CA TRP CB 407 -76.01 -20.21 -105.08
C TRP CB 407 -74.82 -21.09 -105.43
N TYR CB 408 -75.05 -22.40 -105.48
CA TYR CB 408 -74.01 -23.33 -105.88
C TYR CB 408 -73.81 -23.29 -107.40
N VAL CB 409 -74.92 -23.20 -108.15
CA VAL CB 409 -74.91 -23.28 -109.60
C VAL CB 409 -74.19 -22.06 -110.18
N GLY CB 410 -74.54 -20.87 -109.70
CA GLY CB 410 -74.00 -19.63 -110.22
C GLY CB 410 -72.52 -19.41 -109.86
N GLU CB 411 -72.01 -20.24 -108.94
CA GLU CB 411 -70.69 -20.02 -108.37
C GLU CB 411 -69.64 -20.87 -109.08
N GLY CB 412 -70.07 -21.82 -109.94
CA GLY CB 412 -69.11 -22.46 -110.85
C GLY CB 412 -69.49 -23.87 -111.28
N MET CB 413 -70.20 -24.61 -110.41
CA MET CB 413 -70.55 -26.00 -110.73
C MET CB 413 -71.89 -26.03 -111.46
N GLU CB 414 -72.31 -27.23 -111.92
CA GLU CB 414 -73.47 -27.43 -112.79
C GLU CB 414 -74.43 -28.38 -112.07
N GLU CB 415 -75.73 -28.02 -112.11
CA GLU CB 415 -76.81 -28.78 -111.50
C GLU CB 415 -76.85 -30.17 -112.10
N GLY CB 416 -76.44 -31.16 -111.30
CA GLY CB 416 -76.11 -32.46 -111.83
C GLY CB 416 -75.00 -33.07 -110.98
N GLU CB 417 -74.27 -32.20 -110.27
CA GLU CB 417 -73.38 -32.67 -109.22
C GLU CB 417 -74.19 -33.04 -107.98
N PHE CB 418 -75.41 -32.50 -107.89
CA PHE CB 418 -76.27 -32.81 -106.76
C PHE CB 418 -76.75 -34.25 -106.84
N SER CB 419 -77.15 -34.68 -108.04
CA SER CB 419 -77.71 -36.01 -108.22
C SER CB 419 -76.61 -37.06 -108.18
N GLU CB 420 -75.40 -36.70 -108.63
CA GLU CB 420 -74.27 -37.63 -108.59
C GLU CB 420 -73.86 -37.90 -107.15
N ALA CB 421 -73.90 -36.86 -106.30
CA ALA CB 421 -73.64 -37.05 -104.88
C ALA CB 421 -74.78 -37.84 -104.24
N ARG CB 422 -76.03 -37.56 -104.66
CA ARG CB 422 -77.19 -38.25 -104.14
C ARG CB 422 -77.19 -39.74 -104.48
N GLU CB 423 -76.91 -40.09 -105.73
CA GLU CB 423 -76.79 -41.48 -106.14
C GLU CB 423 -75.62 -42.18 -105.45
N ASP CB 424 -74.58 -41.40 -105.13
CA ASP CB 424 -73.43 -41.94 -104.43
C ASP CB 424 -73.80 -42.29 -102.99
N LEU CB 425 -74.60 -41.42 -102.34
CA LEU CB 425 -74.99 -41.62 -100.95
C LEU CB 425 -76.04 -42.72 -100.83
N ALA CB 426 -76.95 -42.80 -101.82
CA ALA CB 426 -77.93 -43.88 -101.86
C ALA CB 426 -77.23 -45.21 -102.15
N ALA CB 427 -76.11 -45.16 -102.89
CA ALA CB 427 -75.31 -46.36 -103.12
C ALA CB 427 -74.63 -46.83 -101.83
N LEU CB 428 -74.21 -45.86 -101.00
CA LEU CB 428 -73.52 -46.18 -99.74
C LEU CB 428 -74.51 -46.82 -98.76
N GLU CB 429 -75.73 -46.27 -98.70
CA GLU CB 429 -76.77 -46.70 -97.77
C GLU CB 429 -77.12 -48.15 -98.06
N LYS CB 430 -77.16 -48.53 -99.35
CA LYS CB 430 -77.44 -49.89 -99.75
C LYS CB 430 -76.28 -50.80 -99.36
N ASP CB 431 -75.05 -50.26 -99.30
CA ASP CB 431 -73.90 -51.08 -98.97
C ASP CB 431 -73.91 -51.47 -97.50
N TYR CB 432 -74.39 -50.57 -96.62
CA TYR CB 432 -74.43 -50.85 -95.19
C TYR CB 432 -75.52 -51.85 -94.84
N GLU CB 433 -76.63 -51.83 -95.61
CA GLU CB 433 -77.72 -52.76 -95.38
C GLU CB 433 -77.28 -54.17 -95.78
N GLU CB 434 -76.49 -54.28 -96.86
CA GLU CB 434 -76.14 -55.59 -97.40
C GLU CB 434 -74.96 -56.21 -96.66
N VAL CB 435 -74.29 -55.44 -95.79
CA VAL CB 435 -73.16 -55.95 -95.03
C VAL CB 435 -73.63 -56.50 -93.67
N GLY CB 436 -74.81 -56.08 -93.20
CA GLY CB 436 -75.34 -56.54 -91.93
C GLY CB 436 -76.08 -57.87 -92.03
N ILE CB 437 -76.82 -58.04 -93.12
CA ILE CB 437 -77.62 -59.24 -93.32
C ILE CB 437 -76.69 -60.40 -93.74
N MET DB 1 -58.36 -5.93 -96.13
CA MET DB 1 -59.22 -7.00 -95.57
C MET DB 1 -60.62 -6.90 -96.19
N ARG DB 2 -61.65 -6.92 -95.34
CA ARG DB 2 -63.03 -6.80 -95.78
C ARG DB 2 -63.52 -5.40 -95.49
N GLU DB 3 -64.01 -4.71 -96.54
CA GLU DB 3 -64.40 -3.31 -96.41
C GLU DB 3 -65.87 -3.13 -96.77
N ILE DB 4 -66.56 -2.29 -95.97
CA ILE DB 4 -67.95 -1.94 -96.18
C ILE DB 4 -68.03 -0.43 -96.29
N VAL DB 5 -68.72 0.01 -97.34
CA VAL DB 5 -68.84 1.40 -97.67
C VAL DB 5 -70.30 1.82 -97.48
N HIS DB 6 -70.48 2.88 -96.70
CA HIS DB 6 -71.80 3.38 -96.38
C HIS DB 6 -72.22 4.46 -97.38
N VAL DB 7 -73.52 4.45 -97.72
CA VAL DB 7 -74.14 5.54 -98.47
C VAL DB 7 -75.40 5.94 -97.73
N GLN DB 8 -75.53 7.24 -97.43
CA GLN DB 8 -76.74 7.75 -96.81
C GLN DB 8 -77.43 8.68 -97.81
N GLY DB 9 -78.62 8.26 -98.24
CA GLY DB 9 -79.42 8.99 -99.21
C GLY DB 9 -80.68 9.57 -98.57
N GLY DB 10 -80.89 10.86 -98.82
CA GLY DB 10 -82.14 11.50 -98.42
C GLY DB 10 -82.14 11.95 -96.97
N GLN DB 11 -83.26 12.59 -96.60
CA GLN DB 11 -83.41 13.13 -95.26
C GLN DB 11 -83.45 11.99 -94.24
N CYS DB 12 -84.23 10.95 -94.55
CA CYS DB 12 -84.46 9.90 -93.59
C CYS DB 12 -83.17 9.10 -93.33
N GLY DB 13 -82.46 8.79 -94.43
CA GLY DB 13 -81.21 8.05 -94.38
C GLY DB 13 -80.09 8.76 -93.62
N ASN DB 14 -80.02 10.08 -93.81
CA ASN DB 14 -78.95 10.85 -93.18
C ASN DB 14 -79.17 11.00 -91.69
N GLN DB 15 -80.42 11.22 -91.27
CA GLN DB 15 -80.71 11.41 -89.85
C GLN DB 15 -80.68 10.06 -89.11
N ILE DB 16 -80.80 8.94 -89.86
CA ILE DB 16 -80.66 7.64 -89.24
C ILE DB 16 -79.21 7.16 -89.33
N GLY DB 17 -78.44 7.71 -90.28
CA GLY DB 17 -77.06 7.31 -90.49
C GLY DB 17 -76.07 8.16 -89.72
N ALA DB 18 -76.44 9.43 -89.45
CA ALA DB 18 -75.65 10.32 -88.59
C ALA DB 18 -75.58 9.75 -87.19
N LYS DB 19 -76.71 9.20 -86.75
CA LYS DB 19 -76.79 8.65 -85.41
C LYS DB 19 -76.10 7.28 -85.39
N PHE DB 20 -75.98 6.68 -86.57
CA PHE DB 20 -75.34 5.39 -86.70
C PHE DB 20 -73.81 5.54 -86.53
N TRP DB 21 -73.22 6.62 -87.05
CA TRP DB 21 -71.78 6.78 -86.92
C TRP DB 21 -71.37 7.20 -85.51
N GLU DB 22 -72.36 7.55 -84.71
CA GLU DB 22 -72.09 7.77 -83.30
C GLU DB 22 -72.00 6.45 -82.55
N VAL DB 23 -72.79 5.46 -82.98
CA VAL DB 23 -72.87 4.22 -82.22
C VAL DB 23 -71.75 3.26 -82.64
N ILE DB 24 -71.25 3.41 -83.87
CA ILE DB 24 -70.09 2.64 -84.28
C ILE DB 24 -68.82 3.21 -83.63
N SER DB 25 -68.66 4.52 -83.69
CA SER DB 25 -67.44 5.17 -83.23
C SER DB 25 -67.28 5.03 -81.71
N ASP DB 26 -68.40 5.15 -80.97
CA ASP DB 26 -68.29 5.01 -79.53
C ASP DB 26 -68.02 3.55 -79.14
N GLU DB 27 -68.41 2.62 -80.03
CA GLU DB 27 -68.12 1.20 -79.82
C GLU DB 27 -66.63 0.92 -79.95
N HIS DB 28 -66.00 1.57 -80.93
CA HIS DB 28 -64.59 1.34 -81.23
C HIS DB 28 -63.67 2.23 -80.41
N GLY DB 29 -64.22 3.30 -79.80
CA GLY DB 29 -63.44 4.18 -78.92
C GLY DB 29 -62.92 5.45 -79.61
N ILE DB 30 -63.56 5.83 -80.73
CA ILE DB 30 -63.15 6.99 -81.49
C ILE DB 30 -63.90 8.19 -80.93
N ASP DB 31 -63.14 9.25 -80.65
CA ASP DB 31 -63.68 10.53 -80.26
C ASP DB 31 -64.37 11.23 -81.44
N PRO DB 32 -65.21 12.28 -81.24
CA PRO DB 32 -65.68 13.11 -82.34
C PRO DB 32 -64.60 13.80 -83.17
N THR DB 33 -63.42 13.96 -82.55
CA THR DB 33 -62.28 14.57 -83.21
C THR DB 33 -61.41 13.51 -83.88
N GLY DB 34 -61.90 12.28 -83.98
CA GLY DB 34 -61.26 11.22 -84.72
C GLY DB 34 -60.10 10.58 -83.96
N THR DB 35 -59.80 11.02 -82.73
CA THR DB 35 -58.63 10.50 -82.06
C THR DB 35 -59.01 9.34 -81.15
N TYR DB 36 -58.28 8.23 -81.24
CA TYR DB 36 -58.54 7.07 -80.40
C TYR DB 36 -58.13 7.40 -78.98
N CYS DB 37 -58.90 6.85 -78.04
CA CYS DB 37 -58.46 6.70 -76.65
C CYS DB 37 -59.21 5.50 -76.09
N GLY DB 38 -58.46 4.73 -75.28
CA GLY DB 38 -59.00 3.56 -74.62
C GLY DB 38 -58.16 2.29 -74.59
N ASP DB 39 -56.93 2.34 -75.12
CA ASP DB 39 -55.85 1.34 -74.97
C ASP DB 39 -56.31 -0.13 -74.87
N SER DB 40 -57.21 -0.53 -75.78
CA SER DB 40 -57.56 -1.93 -75.97
C SER DB 40 -57.32 -2.31 -77.43
N ASP DB 41 -56.61 -3.43 -77.58
CA ASP DB 41 -56.15 -3.86 -78.89
C ASP DB 41 -57.34 -4.27 -79.74
N LEU DB 42 -58.30 -4.95 -79.11
CA LEU DB 42 -59.41 -5.60 -79.81
C LEU DB 42 -60.29 -4.61 -80.57
N GLN DB 43 -60.31 -3.36 -80.12
CA GLN DB 43 -61.09 -2.34 -80.81
C GLN DB 43 -60.45 -1.97 -82.15
N LEU DB 44 -59.13 -1.72 -82.17
CA LEU DB 44 -58.43 -1.19 -83.34
C LEU DB 44 -58.01 -2.30 -84.30
N GLU DB 45 -58.05 -3.54 -83.83
CA GLU DB 45 -57.51 -4.66 -84.58
C GLU DB 45 -58.28 -4.85 -85.89
N ARG DB 46 -59.58 -4.52 -85.85
CA ARG DB 46 -60.41 -4.60 -87.02
C ARG DB 46 -61.23 -3.32 -87.08
N ILE DB 47 -60.57 -2.28 -87.59
CA ILE DB 47 -61.21 -0.98 -87.74
C ILE DB 47 -61.29 -0.59 -89.21
N ASN DB 48 -60.50 -1.23 -90.07
CA ASN DB 48 -60.41 -0.78 -91.47
C ASN DB 48 -61.66 -1.11 -92.27
N VAL DB 49 -62.67 -1.68 -91.60
CA VAL DB 49 -63.92 -2.06 -92.23
C VAL DB 49 -64.70 -0.81 -92.59
N PHE DB 50 -64.79 0.12 -91.64
CA PHE DB 50 -65.59 1.30 -91.83
C PHE DB 50 -64.76 2.58 -91.79
N TYR DB 51 -63.44 2.47 -91.60
CA TYR DB 51 -62.65 3.65 -91.26
C TYR DB 51 -61.37 3.67 -92.08
N ASN DB 52 -60.84 4.89 -92.23
CA ASN DB 52 -59.62 5.17 -92.97
C ASN DB 52 -58.69 6.03 -92.08
N GLU DB 53 -57.41 5.70 -91.99
CA GLU DB 53 -56.47 6.42 -91.11
C GLU DB 53 -55.84 7.56 -91.92
N ALA DB 54 -55.78 8.76 -91.33
CA ALA DB 54 -55.25 9.95 -92.01
C ALA DB 54 -53.82 10.37 -91.62
N THR DB 55 -53.05 9.54 -90.90
CA THR DB 55 -51.65 9.76 -90.55
C THR DB 55 -51.38 10.98 -89.68
N GLY DB 56 -52.42 11.74 -89.33
CA GLY DB 56 -52.38 12.59 -88.14
C GLY DB 56 -52.79 11.79 -86.91
N GLY DB 57 -53.11 10.51 -87.18
CA GLY DB 57 -53.58 9.59 -86.17
C GLY DB 57 -55.10 9.52 -86.14
N ARG DB 58 -55.81 10.48 -86.73
CA ARG DB 58 -57.26 10.47 -86.66
C ARG DB 58 -57.90 9.53 -87.69
N PHE DB 59 -59.18 9.20 -87.53
CA PHE DB 59 -59.90 8.27 -88.38
C PHE DB 59 -61.05 8.98 -89.09
N VAL DB 60 -61.29 8.60 -90.34
CA VAL DB 60 -62.41 9.12 -91.09
C VAL DB 60 -63.28 7.95 -91.54
N PRO DB 61 -64.62 8.09 -91.57
CA PRO DB 61 -65.47 7.01 -92.08
C PRO DB 61 -65.34 6.83 -93.59
N ARG DB 62 -65.63 5.61 -94.05
CA ARG DB 62 -65.89 5.29 -95.45
C ARG DB 62 -67.39 5.45 -95.76
N ALA DB 63 -67.89 6.70 -95.68
CA ALA DB 63 -69.31 6.99 -95.92
C ALA DB 63 -69.43 8.10 -96.97
N ILE DB 64 -70.46 8.01 -97.82
CA ILE DB 64 -70.80 9.06 -98.77
C ILE DB 64 -72.22 9.52 -98.49
N LEU DB 65 -72.37 10.84 -98.28
CA LEU DB 65 -73.67 11.43 -98.00
C LEU DB 65 -74.20 12.03 -99.30
N MET DB 66 -75.43 11.61 -99.63
CA MET DB 66 -76.10 12.23 -100.76
C MET DB 66 -77.46 12.73 -100.32
N ASP DB 67 -77.70 13.99 -100.72
CA ASP DB 67 -79.03 14.57 -100.67
C ASP DB 67 -79.27 15.26 -102.01
N LEU DB 68 -80.35 16.03 -102.06
CA LEU DB 68 -80.51 17.01 -103.11
C LEU DB 68 -80.80 18.39 -102.53
N GLU DB 69 -80.77 18.53 -101.20
CA GLU DB 69 -80.89 19.81 -100.52
C GLU DB 69 -79.71 19.97 -99.56
N PRO DB 70 -79.14 21.19 -99.37
CA PRO DB 70 -78.06 21.37 -98.40
C PRO DB 70 -78.54 21.52 -96.95
N GLY DB 71 -79.83 21.31 -96.72
CA GLY DB 71 -80.45 21.51 -95.41
C GLY DB 71 -80.00 20.47 -94.39
N THR DB 72 -79.98 19.22 -94.84
CA THR DB 72 -79.72 18.14 -93.90
C THR DB 72 -78.22 17.99 -93.66
N MET DB 73 -77.42 18.29 -94.69
CA MET DB 73 -75.96 18.28 -94.61
C MET DB 73 -75.50 19.36 -93.63
N ASP DB 74 -76.22 20.49 -93.62
CA ASP DB 74 -75.96 21.56 -92.67
C ASP DB 74 -76.21 21.05 -91.25
N SER DB 75 -77.30 20.30 -91.09
CA SER DB 75 -77.68 19.79 -89.77
C SER DB 75 -76.66 18.79 -89.24
N VAL DB 76 -76.16 17.95 -90.14
CA VAL DB 76 -75.23 16.92 -89.72
C VAL DB 76 -73.87 17.55 -89.37
N ARG DB 77 -73.42 18.50 -90.18
CA ARG DB 77 -72.13 19.18 -90.01
C ARG DB 77 -72.08 19.99 -88.72
N ALA DB 78 -73.14 20.76 -88.43
CA ALA DB 78 -73.11 21.74 -87.34
C ALA DB 78 -73.19 21.01 -85.98
N GLY DB 79 -73.80 19.82 -86.00
CA GLY DB 79 -74.07 19.09 -84.78
C GLY DB 79 -72.84 18.35 -84.26
N PRO DB 80 -73.05 17.48 -83.24
CA PRO DB 80 -72.00 16.62 -82.71
C PRO DB 80 -71.65 15.55 -83.74
N PHE DB 81 -70.38 15.12 -83.72
CA PHE DB 81 -69.81 14.02 -84.50
C PHE DB 81 -69.93 14.28 -86.00
N GLY DB 82 -70.00 15.56 -86.38
CA GLY DB 82 -70.17 15.92 -87.78
C GLY DB 82 -68.85 16.32 -88.42
N GLN DB 83 -67.92 16.76 -87.59
CA GLN DB 83 -66.60 17.12 -88.06
C GLN DB 83 -65.75 15.87 -88.28
N LEU DB 84 -66.30 14.69 -88.00
CA LEU DB 84 -65.63 13.43 -88.29
C LEU DB 84 -65.60 13.16 -89.81
N PHE DB 85 -66.59 13.72 -90.52
CA PHE DB 85 -66.84 13.41 -91.92
C PHE DB 85 -65.88 14.17 -92.84
N ARG DB 86 -65.53 13.51 -93.95
CA ARG DB 86 -64.71 14.10 -94.98
C ARG DB 86 -65.55 15.10 -95.77
N PRO DB 87 -65.16 16.39 -95.80
CA PRO DB 87 -65.97 17.43 -96.43
C PRO DB 87 -66.14 17.34 -97.95
N ASP DB 88 -65.27 16.61 -98.65
CA ASP DB 88 -65.48 16.40 -100.07
C ASP DB 88 -66.14 15.05 -100.31
N ASN DB 89 -66.47 14.34 -99.22
CA ASN DB 89 -67.29 13.15 -99.35
C ASN DB 89 -68.78 13.47 -99.38
N PHE DB 90 -69.11 14.75 -99.19
CA PHE DB 90 -70.46 15.20 -99.44
C PHE DB 90 -70.72 15.30 -100.95
N VAL DB 91 -72.01 15.40 -101.30
CA VAL DB 91 -72.45 15.89 -102.59
C VAL DB 91 -73.71 16.74 -102.35
N PHE DB 92 -73.87 17.74 -103.22
CA PHE DB 92 -74.88 18.77 -103.05
C PHE DB 92 -75.84 18.82 -104.23
N GLY DB 93 -77.15 18.94 -103.91
CA GLY DB 93 -78.09 19.53 -104.86
C GLY DB 93 -78.61 20.84 -104.29
N GLN DB 94 -78.99 21.78 -105.17
CA GLN DB 94 -79.65 23.00 -104.73
C GLN DB 94 -81.15 22.98 -105.04
N THR DB 95 -81.55 22.09 -105.96
CA THR DB 95 -82.92 22.00 -106.46
C THR DB 95 -83.86 21.36 -105.44
N GLY DB 96 -83.50 20.16 -104.96
CA GLY DB 96 -84.30 19.38 -104.02
C GLY DB 96 -85.40 18.58 -104.71
N ALA DB 97 -85.44 17.25 -104.52
CA ALA DB 97 -86.52 16.45 -105.07
C ALA DB 97 -87.78 16.73 -104.28
N GLY DB 98 -88.80 17.16 -105.01
CA GLY DB 98 -90.03 17.64 -104.41
C GLY DB 98 -90.88 16.47 -103.93
N ASN DB 99 -90.26 15.59 -103.13
CA ASN DB 99 -90.93 14.45 -102.54
C ASN DB 99 -91.55 13.61 -103.66
N ASN DB 100 -90.79 13.47 -104.77
CA ASN DB 100 -91.25 12.96 -106.05
C ASN DB 100 -90.26 11.88 -106.47
N TRP DB 101 -90.76 10.65 -106.71
CA TRP DB 101 -89.91 9.56 -107.15
C TRP DB 101 -89.42 9.75 -108.60
N ALA DB 102 -90.28 10.33 -109.44
CA ALA DB 102 -89.92 10.53 -110.84
C ALA DB 102 -88.77 11.53 -110.95
N LYS DB 103 -88.87 12.65 -110.23
CA LYS DB 103 -87.84 13.65 -110.42
C LYS DB 103 -86.57 13.35 -109.63
N GLY DB 104 -86.64 12.34 -108.75
CA GLY DB 104 -85.46 11.87 -108.05
C GLY DB 104 -84.69 10.88 -108.92
N HIS DB 105 -85.44 9.93 -109.49
CA HIS DB 105 -84.84 8.84 -110.24
C HIS DB 105 -84.49 9.25 -111.66
N TYR DB 106 -85.15 10.29 -112.20
CA TYR DB 106 -85.04 10.53 -113.63
C TYR DB 106 -84.39 11.87 -113.98
N THR DB 107 -84.94 12.97 -113.48
CA THR DB 107 -84.61 14.27 -114.06
C THR DB 107 -83.41 14.91 -113.36
N GLU DB 108 -83.58 15.28 -112.08
CA GLU DB 108 -82.58 16.06 -111.39
C GLU DB 108 -81.76 15.21 -110.43
N GLY DB 109 -81.90 13.87 -110.53
CA GLY DB 109 -80.97 12.95 -109.89
C GLY DB 109 -79.81 12.60 -110.82
N ALA DB 110 -80.17 12.43 -112.11
CA ALA DB 110 -79.25 12.06 -113.16
C ALA DB 110 -78.26 13.21 -113.43
N GLU DB 111 -78.63 14.42 -112.99
CA GLU DB 111 -77.75 15.56 -113.11
C GLU DB 111 -76.78 15.63 -111.93
N LEU DB 112 -76.86 14.66 -111.02
CA LEU DB 112 -75.94 14.60 -109.88
C LEU DB 112 -75.30 13.22 -109.72
N ILE DB 113 -75.91 12.18 -110.31
CA ILE DB 113 -75.51 10.80 -110.03
C ILE DB 113 -74.08 10.51 -110.46
N ASP DB 114 -73.67 11.07 -111.59
CA ASP DB 114 -72.32 10.87 -112.10
C ASP DB 114 -71.29 11.54 -111.18
N SER DB 115 -71.69 12.61 -110.48
CA SER DB 115 -70.82 13.20 -109.46
C SER DB 115 -70.70 12.29 -108.23
N VAL DB 116 -71.78 11.59 -107.92
CA VAL DB 116 -71.79 10.72 -106.76
C VAL DB 116 -70.94 9.47 -107.03
N LEU DB 117 -71.08 8.89 -108.24
CA LEU DB 117 -70.31 7.70 -108.65
C LEU DB 117 -68.81 7.94 -108.55
N ASP DB 118 -68.38 9.19 -108.67
CA ASP DB 118 -66.96 9.49 -108.58
C ASP DB 118 -66.46 9.33 -107.15
N VAL DB 119 -67.26 9.75 -106.18
CA VAL DB 119 -66.76 9.73 -104.81
C VAL DB 119 -67.00 8.37 -104.17
N VAL DB 120 -68.02 7.63 -104.63
CA VAL DB 120 -68.22 6.27 -104.13
C VAL DB 120 -67.16 5.33 -104.69
N ARG DB 121 -66.73 5.63 -105.92
CA ARG DB 121 -65.70 4.81 -106.55
C ARG DB 121 -64.34 5.13 -105.93
N LYS DB 122 -64.17 6.38 -105.47
CA LYS DB 122 -62.92 6.80 -104.84
C LYS DB 122 -62.67 6.01 -103.55
N GLU DB 123 -63.73 5.82 -102.74
CA GLU DB 123 -63.60 5.05 -101.51
C GLU DB 123 -63.47 3.56 -101.79
N ALA DB 124 -64.25 3.09 -102.78
CA ALA DB 124 -64.32 1.66 -103.06
C ALA DB 124 -63.03 1.12 -103.68
N GLU DB 125 -62.50 1.81 -104.69
CA GLU DB 125 -61.38 1.31 -105.47
C GLU DB 125 -60.09 1.35 -104.65
N GLY DB 126 -60.01 2.30 -103.71
CA GLY DB 126 -58.76 2.62 -103.03
C GLY DB 126 -58.39 1.66 -101.91
N CYS DB 127 -58.75 0.38 -102.04
CA CYS DB 127 -58.38 -0.62 -101.05
C CYS DB 127 -57.95 -1.90 -101.76
N ASP DB 128 -57.75 -2.95 -100.98
CA ASP DB 128 -57.37 -4.25 -101.52
C ASP DB 128 -58.48 -4.84 -102.42
N CYS DB 129 -59.65 -5.13 -101.81
CA CYS DB 129 -60.92 -5.37 -102.48
C CYS DB 129 -62.01 -5.48 -101.39
N LEU DB 130 -63.25 -5.05 -101.73
CA LEU DB 130 -64.30 -4.79 -100.77
C LEU DB 130 -65.31 -5.92 -100.66
N GLN DB 131 -65.82 -6.12 -99.42
CA GLN DB 131 -66.92 -7.05 -99.15
C GLN DB 131 -68.21 -6.58 -99.81
N GLY DB 132 -68.58 -5.32 -99.60
CA GLY DB 132 -69.84 -4.84 -100.13
C GLY DB 132 -70.25 -3.47 -99.61
N PHE DB 133 -71.55 -3.19 -99.72
CA PHE DB 133 -72.09 -1.85 -99.52
C PHE DB 133 -73.20 -1.91 -98.50
N GLN DB 134 -73.46 -0.74 -97.92
CA GLN DB 134 -74.67 -0.57 -97.13
C GLN DB 134 -75.25 0.81 -97.45
N ILE DB 135 -76.58 0.86 -97.58
CA ILE DB 135 -77.33 2.04 -97.95
C ILE DB 135 -78.48 2.23 -96.94
N THR DB 136 -78.52 3.42 -96.35
CA THR DB 136 -79.63 3.78 -95.46
C THR DB 136 -80.50 4.80 -96.18
N HIS DB 137 -81.78 4.45 -96.39
CA HIS DB 137 -82.70 5.29 -97.14
C HIS DB 137 -84.13 5.04 -96.67
N SER DB 138 -85.06 5.84 -97.17
CA SER DB 138 -86.49 5.71 -96.92
C SER DB 138 -87.20 5.25 -98.18
N LEU DB 139 -88.28 4.50 -98.02
CA LEU DB 139 -89.06 4.10 -99.19
C LEU DB 139 -90.41 4.81 -99.22
N GLY DB 140 -90.40 6.10 -98.85
CA GLY DB 140 -91.61 6.90 -98.84
C GLY DB 140 -91.52 8.18 -99.66
N GLY DB 141 -90.30 8.77 -99.74
CA GLY DB 141 -90.09 10.10 -100.26
C GLY DB 141 -89.57 10.08 -101.69
N GLY DB 142 -88.81 11.12 -102.03
CA GLY DB 142 -88.36 11.30 -103.39
C GLY DB 142 -86.89 11.03 -103.47
N THR DB 143 -86.10 11.70 -102.63
CA THR DB 143 -84.65 11.60 -102.73
C THR DB 143 -84.13 10.37 -102.01
N GLY DB 144 -84.87 9.92 -100.98
CA GLY DB 144 -84.54 8.71 -100.25
C GLY DB 144 -84.97 7.45 -101.02
N SER DB 145 -85.96 7.59 -101.91
CA SER DB 145 -86.62 6.45 -102.52
C SER DB 145 -86.37 6.35 -104.02
N GLY DB 146 -86.21 7.49 -104.69
CA GLY DB 146 -85.91 7.48 -106.12
C GLY DB 146 -84.40 7.40 -106.39
N MET DB 147 -83.65 8.40 -105.91
CA MET DB 147 -82.25 8.52 -106.25
C MET DB 147 -81.33 7.84 -105.23
N GLY DB 148 -81.92 7.31 -104.15
CA GLY DB 148 -81.25 6.28 -103.37
C GLY DB 148 -81.25 4.95 -104.11
N THR DB 149 -82.36 4.71 -104.83
CA THR DB 149 -82.54 3.50 -105.61
C THR DB 149 -81.69 3.52 -106.88
N LEU DB 150 -81.46 4.73 -107.43
CA LEU DB 150 -80.62 4.87 -108.63
C LEU DB 150 -79.20 4.36 -108.37
N LEU DB 151 -78.70 4.64 -107.15
CA LEU DB 151 -77.38 4.14 -106.77
C LEU DB 151 -77.34 2.62 -106.76
N ILE DB 152 -78.43 2.00 -106.31
CA ILE DB 152 -78.47 0.56 -106.17
C ILE DB 152 -78.41 -0.10 -107.55
N SER DB 153 -79.02 0.53 -108.58
CA SER DB 153 -78.99 0.02 -109.94
C SER DB 153 -77.61 0.16 -110.55
N LYS DB 154 -76.96 1.29 -110.30
CA LYS DB 154 -75.68 1.58 -110.93
C LYS DB 154 -74.57 0.78 -110.27
N VAL DB 155 -74.59 0.66 -108.95
CA VAL DB 155 -73.58 -0.06 -108.19
C VAL DB 155 -73.65 -1.56 -108.55
N ARG DB 156 -74.87 -2.09 -108.69
CA ARG DB 156 -75.07 -3.49 -109.03
C ARG DB 156 -74.49 -3.79 -110.42
N GLU DB 157 -74.60 -2.82 -111.32
CA GLU DB 157 -74.08 -2.98 -112.66
C GLU DB 157 -72.54 -2.98 -112.65
N GLU DB 158 -71.93 -2.28 -111.69
CA GLU DB 158 -70.49 -2.07 -111.67
C GLU DB 158 -69.77 -3.06 -110.75
N TYR DB 159 -70.46 -3.57 -109.72
CA TYR DB 159 -69.85 -4.49 -108.78
C TYR DB 159 -70.80 -5.66 -108.61
N PRO DB 160 -70.80 -6.64 -109.55
CA PRO DB 160 -71.79 -7.72 -109.49
C PRO DB 160 -71.55 -8.72 -108.36
N ASP DB 161 -70.29 -8.99 -108.01
CA ASP DB 161 -69.93 -10.07 -107.11
C ASP DB 161 -69.80 -9.61 -105.65
N ARG DB 162 -70.09 -8.34 -105.39
CA ARG DB 162 -70.00 -7.81 -104.04
C ARG DB 162 -71.40 -7.74 -103.40
N ILE DB 163 -71.50 -8.00 -102.09
CA ILE DB 163 -72.77 -7.94 -101.39
C ILE DB 163 -73.31 -6.52 -101.33
N MET DB 164 -74.57 -6.35 -100.95
CA MET DB 164 -75.11 -5.05 -100.54
C MET DB 164 -76.35 -5.23 -99.68
N GLU DB 165 -76.45 -4.42 -98.61
CA GLU DB 165 -77.62 -4.37 -97.75
C GLU DB 165 -78.20 -2.96 -97.75
N THR DB 166 -79.53 -2.87 -97.65
CA THR DB 166 -80.22 -1.60 -97.59
C THR DB 166 -81.11 -1.58 -96.35
N PHE DB 167 -80.87 -0.60 -95.46
CA PHE DB 167 -81.75 -0.44 -94.31
C PHE DB 167 -82.83 0.58 -94.65
N SER DB 168 -84.02 0.08 -95.01
CA SER DB 168 -85.07 0.94 -95.57
C SER DB 168 -86.28 0.98 -94.63
N VAL DB 169 -86.85 2.17 -94.41
CA VAL DB 169 -88.13 2.25 -93.68
C VAL DB 169 -89.26 2.06 -94.67
N PHE DB 170 -90.48 1.91 -94.16
CA PHE DB 170 -91.65 1.66 -95.00
C PHE DB 170 -92.85 2.47 -94.52
N PRO DB 171 -93.86 2.71 -95.38
CA PRO DB 171 -95.14 3.27 -94.95
C PRO DB 171 -95.94 2.40 -93.97
N SER DB 172 -96.71 3.07 -93.13
CA SER DB 172 -97.58 2.48 -92.13
C SER DB 172 -99.05 2.73 -92.50
N PRO DB 173 -100.00 1.85 -92.14
CA PRO DB 173 -101.42 2.08 -92.43
C PRO DB 173 -102.07 3.23 -91.65
N LYS DB 174 -101.91 3.21 -90.32
CA LYS DB 174 -102.69 4.01 -89.38
C LYS DB 174 -102.39 5.51 -89.53
N VAL DB 175 -101.15 5.81 -89.93
CA VAL DB 175 -100.73 7.18 -90.19
C VAL DB 175 -99.83 7.14 -91.42
N SER DB 176 -100.00 8.11 -92.32
CA SER DB 176 -99.25 8.14 -93.57
C SER DB 176 -98.97 9.59 -93.97
N ASP DB 177 -97.79 10.06 -93.56
CA ASP DB 177 -97.22 11.30 -94.04
C ASP DB 177 -96.79 11.06 -95.49
N THR DB 178 -96.54 12.14 -96.25
CA THR DB 178 -96.13 12.07 -97.66
C THR DB 178 -97.20 11.35 -98.49
N VAL DB 179 -98.32 12.07 -98.67
CA VAL DB 179 -99.49 11.86 -99.55
C VAL DB 179 -99.26 10.76 -100.59
N VAL DB 180 -98.15 10.87 -101.31
CA VAL DB 180 -97.82 9.91 -102.34
C VAL DB 180 -96.92 8.85 -101.72
N GLU DB 181 -97.56 8.02 -100.88
CA GLU DB 181 -96.89 6.90 -100.21
C GLU DB 181 -96.83 5.66 -101.10
N PRO DB 182 -97.97 5.18 -101.66
CA PRO DB 182 -97.88 3.93 -102.42
C PRO DB 182 -97.18 4.15 -103.78
N TYR DB 183 -97.25 5.37 -104.33
CA TYR DB 183 -96.55 5.58 -105.59
C TYR DB 183 -95.05 5.58 -105.41
N ASN DB 184 -94.58 6.04 -104.25
CA ASN DB 184 -93.15 5.97 -103.98
C ASN DB 184 -92.72 4.55 -103.66
N ALA DB 185 -93.54 3.83 -102.86
CA ALA DB 185 -93.14 2.54 -102.31
C ALA DB 185 -93.15 1.47 -103.41
N THR DB 186 -94.23 1.42 -104.19
CA THR DB 186 -94.41 0.37 -105.19
C THR DB 186 -93.37 0.54 -106.31
N LEU DB 187 -93.06 1.78 -106.69
CA LEU DB 187 -92.07 2.03 -107.73
C LEU DB 187 -90.66 1.73 -107.24
N SER DB 188 -90.40 1.99 -105.95
CA SER DB 188 -89.06 1.77 -105.43
C SER DB 188 -88.77 0.29 -105.26
N VAL DB 189 -89.79 -0.46 -104.84
CA VAL DB 189 -89.59 -1.87 -104.51
C VAL DB 189 -89.35 -2.71 -105.77
N HIS DB 190 -89.78 -2.21 -106.94
CA HIS DB 190 -89.59 -2.95 -108.18
C HIS DB 190 -88.11 -3.06 -108.52
N GLN DB 191 -87.41 -1.95 -108.37
CA GLN DB 191 -85.99 -1.93 -108.66
C GLN DB 191 -85.21 -2.56 -107.49
N LEU DB 192 -85.85 -2.70 -106.32
CA LEU DB 192 -85.20 -3.15 -105.09
C LEU DB 192 -85.49 -4.62 -104.79
N VAL DB 193 -86.35 -5.25 -105.60
CA VAL DB 193 -86.49 -6.71 -105.58
C VAL DB 193 -85.48 -7.34 -106.54
N GLU DB 194 -84.85 -6.53 -107.39
CA GLU DB 194 -83.95 -7.02 -108.42
C GLU DB 194 -82.48 -6.62 -108.16
N ASN DB 195 -82.24 -5.50 -107.46
CA ASN DB 195 -80.88 -4.96 -107.39
C ASN DB 195 -80.25 -4.99 -105.99
N ALA DB 196 -81.09 -5.16 -104.95
CA ALA DB 196 -80.60 -5.25 -103.59
C ALA DB 196 -80.52 -6.71 -103.17
N ASP DB 197 -79.89 -6.95 -102.02
CA ASP DB 197 -79.71 -8.34 -101.63
C ASP DB 197 -80.21 -8.65 -100.23
N GLU DB 198 -80.09 -7.70 -99.28
CA GLU DB 198 -80.72 -7.89 -97.98
C GLU DB 198 -81.34 -6.58 -97.54
N VAL DB 199 -82.67 -6.50 -97.62
CA VAL DB 199 -83.39 -5.29 -97.25
C VAL DB 199 -84.11 -5.56 -95.93
N GLN DB 200 -83.93 -4.64 -95.00
CA GLN DB 200 -84.54 -4.81 -93.68
C GLN DB 200 -85.60 -3.74 -93.48
N VAL DB 201 -86.80 -4.19 -93.17
CA VAL DB 201 -87.97 -3.34 -93.19
C VAL DB 201 -88.14 -2.69 -91.82
N ILE DB 202 -88.48 -1.40 -91.80
CA ILE DB 202 -88.71 -0.63 -90.58
C ILE DB 202 -90.07 0.08 -90.70
N ASP DB 203 -90.88 -0.07 -89.65
CA ASP DB 203 -92.13 0.67 -89.54
C ASP DB 203 -91.98 1.73 -88.47
N ASN DB 204 -92.49 2.91 -88.80
CA ASN DB 204 -92.41 4.06 -87.90
C ASN DB 204 -93.38 3.88 -86.73
N GLU DB 205 -94.50 3.22 -87.03
CA GLU DB 205 -95.51 2.99 -86.01
C GLU DB 205 -95.08 1.88 -85.06
N ALA DB 206 -94.34 0.88 -85.56
CA ALA DB 206 -93.85 -0.20 -84.72
C ALA DB 206 -92.78 0.33 -83.75
N LEU DB 207 -92.03 1.34 -84.20
CA LEU DB 207 -91.05 2.01 -83.34
C LEU DB 207 -91.78 2.77 -82.24
N TYR DB 208 -92.98 3.28 -82.56
CA TYR DB 208 -93.77 3.98 -81.56
C TYR DB 208 -94.34 3.01 -80.53
N ASP DB 209 -94.84 1.86 -80.98
CA ASP DB 209 -95.41 0.88 -80.07
C ASP DB 209 -94.32 0.27 -79.21
N ILE DB 210 -93.11 0.12 -79.72
CA ILE DB 210 -92.00 -0.27 -78.87
C ILE DB 210 -91.74 0.81 -77.82
N CYS DB 211 -91.89 2.09 -78.21
CA CYS DB 211 -91.66 3.21 -77.31
C CYS DB 211 -92.81 3.39 -76.30
N PHE DB 212 -93.97 2.75 -76.60
CA PHE DB 212 -95.12 3.00 -75.75
C PHE DB 212 -95.52 1.78 -74.94
N ARG DB 213 -95.08 0.58 -75.35
CA ARG DB 213 -95.52 -0.68 -74.71
C ARG DB 213 -94.34 -1.27 -73.91
N THR DB 214 -93.08 -0.99 -74.30
CA THR DB 214 -91.91 -1.46 -73.58
C THR DB 214 -91.15 -0.32 -72.89
N LEU DB 215 -90.77 0.72 -73.63
CA LEU DB 215 -89.83 1.71 -73.11
C LEU DB 215 -90.44 2.65 -72.05
N LYS DB 216 -91.76 2.78 -72.13
CA LYS DB 216 -92.57 3.56 -71.19
C LYS DB 216 -92.28 5.04 -71.33
N LEU DB 217 -91.76 5.38 -72.51
CA LEU DB 217 -91.27 6.73 -72.67
C LEU DB 217 -92.42 7.65 -73.09
N THR DB 218 -92.33 8.87 -72.60
CA THR DB 218 -93.31 9.91 -72.84
C THR DB 218 -93.33 10.40 -74.30
N THR DB 219 -92.24 11.00 -74.80
CA THR DB 219 -92.34 11.91 -75.96
C THR DB 219 -91.30 11.53 -77.01
N PRO DB 220 -91.68 10.64 -77.95
CA PRO DB 220 -90.69 9.99 -78.83
C PRO DB 220 -90.09 10.92 -79.86
N THR DB 221 -88.88 11.46 -79.62
CA THR DB 221 -88.24 12.29 -80.63
C THR DB 221 -87.54 11.42 -81.67
N TYR DB 222 -87.06 12.07 -82.74
CA TYR DB 222 -86.32 11.41 -83.81
C TYR DB 222 -84.99 10.87 -83.29
N GLY DB 223 -84.47 11.48 -82.24
CA GLY DB 223 -83.18 11.04 -81.71
C GLY DB 223 -83.26 9.62 -81.13
N ASP DB 224 -84.36 9.34 -80.43
CA ASP DB 224 -84.50 8.08 -79.74
C ASP DB 224 -84.92 6.94 -80.68
N LEU DB 225 -85.69 7.28 -81.74
CA LEU DB 225 -86.05 6.27 -82.73
C LEU DB 225 -84.81 5.79 -83.50
N ASN DB 226 -84.00 6.78 -83.94
CA ASN DB 226 -82.83 6.52 -84.76
C ASN DB 226 -81.80 5.70 -83.98
N HIS DB 227 -81.73 5.93 -82.66
CA HIS DB 227 -80.88 5.16 -81.78
C HIS DB 227 -81.29 3.68 -81.80
N LEU DB 228 -82.61 3.44 -81.88
CA LEU DB 228 -83.08 2.08 -81.76
C LEU DB 228 -82.74 1.29 -83.02
N VAL DB 229 -82.89 1.93 -84.19
CA VAL DB 229 -82.65 1.22 -85.42
C VAL DB 229 -81.14 1.08 -85.66
N SER DB 230 -80.36 1.99 -85.07
CA SER DB 230 -78.91 1.93 -85.17
C SER DB 230 -78.36 0.75 -84.37
N ALA DB 231 -78.98 0.44 -83.22
CA ALA DB 231 -78.51 -0.64 -82.35
C ALA DB 231 -78.65 -1.98 -83.09
N ALA DB 232 -79.79 -2.17 -83.78
CA ALA DB 232 -80.02 -3.36 -84.60
C ALA DB 232 -79.11 -3.35 -85.82
N MET DB 233 -78.82 -2.15 -86.34
CA MET DB 233 -77.91 -1.96 -87.46
C MET DB 233 -76.50 -2.37 -87.04
N SER DB 234 -76.17 -2.15 -85.76
CA SER DB 234 -74.84 -2.42 -85.24
C SER DB 234 -74.62 -3.92 -84.99
N GLY DB 235 -75.70 -4.64 -84.68
CA GLY DB 235 -75.66 -6.06 -84.31
C GLY DB 235 -75.33 -6.96 -85.50
N VAL DB 236 -75.83 -6.59 -86.68
CA VAL DB 236 -75.72 -7.41 -87.88
C VAL DB 236 -74.27 -7.42 -88.37
N THR DB 237 -73.50 -6.38 -88.06
CA THR DB 237 -72.13 -6.28 -88.49
C THR DB 237 -71.17 -6.37 -87.30
N CYS DB 238 -71.69 -6.82 -86.15
CA CYS DB 238 -70.91 -7.00 -84.94
C CYS DB 238 -69.88 -8.12 -85.16
N CYS DB 239 -70.33 -9.14 -85.89
CA CYS DB 239 -69.56 -10.34 -86.09
C CYS DB 239 -68.31 -10.07 -86.93
N LEU DB 240 -68.40 -9.12 -87.89
CA LEU DB 240 -67.26 -8.72 -88.71
C LEU DB 240 -66.16 -8.11 -87.84
N ARG DB 241 -66.56 -7.13 -87.00
CA ARG DB 241 -65.60 -6.25 -86.36
C ARG DB 241 -64.97 -6.86 -85.11
N PHE DB 242 -65.54 -7.98 -84.63
CA PHE DB 242 -65.11 -8.55 -83.36
C PHE DB 242 -64.99 -10.08 -83.47
N PRO DB 243 -64.06 -10.72 -82.72
CA PRO DB 243 -64.03 -12.18 -82.60
C PRO DB 243 -65.18 -12.71 -81.76
N GLY DB 244 -65.50 -13.97 -82.01
CA GLY DB 244 -66.58 -14.69 -81.34
C GLY DB 244 -66.37 -16.19 -81.46
N GLN DB 245 -67.17 -16.95 -80.72
CA GLN DB 245 -67.05 -18.39 -80.80
C GLN DB 245 -67.57 -18.88 -82.15
N LEU DB 246 -68.77 -18.43 -82.55
CA LEU DB 246 -69.28 -18.78 -83.86
C LEU DB 246 -69.44 -17.51 -84.67
N ASN DB 247 -68.73 -17.49 -85.82
CA ASN DB 247 -68.65 -16.29 -86.63
C ASN DB 247 -69.66 -16.38 -87.76
N SER DB 248 -70.29 -15.24 -88.05
CA SER DB 248 -71.20 -15.13 -89.15
C SER DB 248 -71.26 -13.67 -89.61
N ASP DB 249 -70.54 -13.40 -90.69
CA ASP DB 249 -70.60 -12.09 -91.33
C ASP DB 249 -71.83 -12.02 -92.24
N LEU DB 250 -71.86 -10.97 -93.06
CA LEU DB 250 -73.05 -10.64 -93.82
C LEU DB 250 -73.29 -11.62 -94.96
N ARG DB 251 -72.25 -12.33 -95.42
CA ARG DB 251 -72.45 -13.33 -96.46
C ARG DB 251 -73.12 -14.61 -95.90
N LYS DB 252 -72.92 -14.83 -94.58
CA LYS DB 252 -73.53 -15.96 -93.90
C LYS DB 252 -75.06 -15.79 -93.87
N LEU DB 253 -75.53 -14.55 -93.61
CA LEU DB 253 -76.96 -14.25 -93.61
C LEU DB 253 -77.50 -14.30 -95.03
N ALA DB 254 -76.63 -14.10 -96.02
CA ALA DB 254 -77.05 -14.17 -97.41
C ALA DB 254 -77.45 -15.59 -97.78
N VAL DB 255 -76.58 -16.55 -97.44
CA VAL DB 255 -76.81 -17.91 -97.90
C VAL DB 255 -77.93 -18.53 -97.06
N ASN DB 256 -77.90 -18.31 -95.76
CA ASN DB 256 -78.85 -18.98 -94.89
C ASN DB 256 -80.28 -18.45 -94.91
N LEU DB 257 -80.47 -17.16 -95.14
CA LEU DB 257 -81.77 -16.54 -94.94
C LEU DB 257 -82.58 -16.44 -96.26
N ILE DB 258 -81.92 -16.60 -97.42
CA ILE DB 258 -82.61 -16.48 -98.68
C ILE DB 258 -82.78 -17.85 -99.32
N PRO DB 259 -83.98 -18.47 -99.26
CA PRO DB 259 -84.19 -19.75 -99.94
C PRO DB 259 -84.31 -19.64 -101.46
N PHE DB 260 -85.10 -18.66 -101.89
CA PHE DB 260 -85.30 -18.38 -103.30
C PHE DB 260 -85.07 -16.88 -103.53
N PRO DB 261 -84.51 -16.53 -104.70
CA PRO DB 261 -83.82 -15.25 -104.88
C PRO DB 261 -84.69 -14.00 -104.75
N ARG DB 262 -85.98 -14.13 -105.08
CA ARG DB 262 -86.90 -13.00 -105.17
C ARG DB 262 -87.10 -12.35 -103.80
N LEU DB 263 -87.11 -13.19 -102.76
CA LEU DB 263 -87.64 -12.78 -101.47
C LEU DB 263 -86.49 -12.63 -100.48
N HIS DB 264 -86.23 -11.36 -100.12
CA HIS DB 264 -85.10 -11.05 -99.25
C HIS DB 264 -85.42 -9.91 -98.29
N PHE DB 265 -86.71 -9.66 -98.06
CA PHE DB 265 -87.14 -8.62 -97.14
C PHE DB 265 -87.31 -9.23 -95.76
N PHE DB 266 -86.58 -8.66 -94.80
CA PHE DB 266 -86.51 -9.31 -93.50
C PHE DB 266 -87.06 -8.40 -92.41
N LEU DB 267 -87.74 -9.07 -91.45
CA LEU DB 267 -88.11 -8.46 -90.18
C LEU DB 267 -86.88 -8.37 -89.27
N ILE DB 268 -86.91 -7.44 -88.30
CA ILE DB 268 -85.80 -7.19 -87.40
C ILE DB 268 -86.32 -6.93 -85.99
N GLY DB 269 -85.49 -7.24 -84.99
CA GLY DB 269 -85.85 -7.08 -83.59
C GLY DB 269 -84.61 -7.01 -82.73
N PHE DB 270 -84.78 -6.61 -81.47
CA PHE DB 270 -83.63 -6.43 -80.62
C PHE DB 270 -84.04 -6.62 -79.16
N ALA DB 271 -83.18 -7.32 -78.42
CA ALA DB 271 -83.42 -7.64 -77.04
C ALA DB 271 -82.08 -7.51 -76.29
N PRO DB 272 -82.04 -7.07 -75.01
CA PRO DB 272 -83.22 -6.59 -74.25
C PRO DB 272 -83.62 -5.13 -74.46
N LEU DB 273 -84.93 -4.85 -74.34
CA LEU DB 273 -85.45 -3.49 -74.29
C LEU DB 273 -86.41 -3.38 -73.11
N THR DB 274 -85.92 -2.88 -71.99
CA THR DB 274 -86.75 -2.71 -70.80
C THR DB 274 -86.74 -1.25 -70.35
N SER DB 275 -87.83 -0.84 -69.69
CA SER DB 275 -88.01 0.50 -69.16
C SER DB 275 -86.92 0.79 -68.12
N ARG DB 276 -86.76 2.10 -67.90
CA ARG DB 276 -85.62 2.67 -67.20
C ARG DB 276 -85.70 2.27 -65.72
N GLY DB 277 -86.92 2.26 -65.18
CA GLY DB 277 -87.16 1.89 -63.79
C GLY DB 277 -86.89 0.40 -63.53
N SER DB 278 -87.39 -0.42 -64.48
CA SER DB 278 -87.46 -1.86 -64.34
C SER DB 278 -86.19 -2.55 -64.85
N GLN DB 279 -85.15 -1.76 -65.17
CA GLN DB 279 -83.89 -2.35 -65.61
C GLN DB 279 -83.17 -3.14 -64.51
N GLN DB 280 -83.27 -2.69 -63.27
CA GLN DB 280 -82.62 -3.30 -62.12
C GLN DB 280 -83.42 -4.45 -61.52
N TYR DB 281 -84.65 -4.61 -61.96
CA TYR DB 281 -85.47 -5.74 -61.50
C TYR DB 281 -85.53 -6.89 -62.49
N ARG DB 282 -84.90 -6.76 -63.66
CA ARG DB 282 -85.05 -7.76 -64.70
C ARG DB 282 -84.00 -8.86 -64.54
N ALA DB 283 -84.44 -10.13 -64.62
CA ALA DB 283 -83.56 -11.27 -64.76
C ALA DB 283 -83.08 -11.37 -66.20
N LEU DB 284 -81.76 -11.33 -66.36
CA LEU DB 284 -81.17 -11.34 -67.69
C LEU DB 284 -80.50 -12.69 -67.92
N SER DB 285 -81.14 -13.51 -68.72
CA SER DB 285 -80.61 -14.84 -69.02
C SER DB 285 -80.92 -15.19 -70.47
N VAL DB 286 -80.26 -16.23 -70.97
CA VAL DB 286 -80.44 -16.68 -72.34
C VAL DB 286 -81.87 -17.18 -72.56
N PRO DB 287 -82.46 -18.02 -71.67
CA PRO DB 287 -83.83 -18.49 -71.92
C PRO DB 287 -84.91 -17.40 -71.91
N GLU DB 288 -84.77 -16.36 -71.08
CA GLU DB 288 -85.78 -15.31 -71.08
C GLU DB 288 -85.57 -14.41 -72.31
N LEU DB 289 -84.33 -14.33 -72.79
CA LEU DB 289 -84.04 -13.51 -73.96
C LEU DB 289 -84.80 -14.06 -75.18
N THR DB 290 -84.94 -15.39 -75.25
CA THR DB 290 -85.67 -16.02 -76.34
C THR DB 290 -87.16 -15.70 -76.30
N GLN DB 291 -87.76 -15.60 -75.07
CA GLN DB 291 -89.17 -15.24 -74.92
C GLN DB 291 -89.40 -13.86 -75.56
N GLN DB 292 -88.60 -12.85 -75.15
CA GLN DB 292 -88.81 -11.47 -75.58
C GLN DB 292 -88.58 -11.33 -77.07
N MET DB 293 -87.66 -12.13 -77.61
CA MET DB 293 -87.21 -11.96 -78.99
C MET DB 293 -88.22 -12.56 -79.98
N PHE DB 294 -88.90 -13.66 -79.61
CA PHE DB 294 -90.02 -14.18 -80.37
C PHE DB 294 -91.37 -13.62 -79.91
N ASP DB 295 -91.49 -12.29 -79.95
CA ASP DB 295 -92.75 -11.62 -79.66
C ASP DB 295 -93.01 -10.53 -80.68
N ALA DB 296 -94.30 -10.29 -80.94
CA ALA DB 296 -94.73 -9.26 -81.87
C ALA DB 296 -94.49 -7.88 -81.27
N LYS DB 297 -94.38 -7.79 -79.93
CA LYS DB 297 -94.15 -6.51 -79.25
C LYS DB 297 -92.73 -5.98 -79.50
N ASN DB 298 -91.78 -6.89 -79.84
CA ASN DB 298 -90.38 -6.53 -79.95
C ASN DB 298 -89.97 -6.27 -81.40
N MET DB 299 -90.73 -6.80 -82.36
CA MET DB 299 -90.30 -6.75 -83.74
C MET DB 299 -90.55 -5.36 -84.31
N MET DB 300 -89.60 -4.88 -85.13
CA MET DB 300 -89.59 -3.48 -85.55
C MET DB 300 -90.49 -3.21 -86.76
N CYS DB 301 -91.14 -4.26 -87.31
CA CYS DB 301 -92.07 -4.11 -88.40
C CYS DB 301 -93.49 -4.35 -87.87
N ALA DB 302 -94.42 -3.45 -88.22
CA ALA DB 302 -95.79 -3.54 -87.72
C ALA DB 302 -96.65 -4.51 -88.55
N SER DB 303 -96.10 -5.71 -88.82
CA SER DB 303 -96.84 -6.80 -89.40
C SER DB 303 -96.66 -8.00 -88.48
N ASP DB 304 -97.78 -8.48 -87.91
CA ASP DB 304 -97.74 -9.52 -86.89
C ASP DB 304 -97.19 -10.81 -87.49
N PRO DB 305 -96.06 -11.37 -86.97
CA PRO DB 305 -95.54 -12.64 -87.48
C PRO DB 305 -96.45 -13.86 -87.33
N ARG DB 306 -97.45 -13.76 -86.45
CA ARG DB 306 -98.33 -14.90 -86.19
C ARG DB 306 -99.42 -15.02 -87.25
N HIS DB 307 -99.33 -14.27 -88.34
CA HIS DB 307 -100.19 -14.45 -89.51
C HIS DB 307 -99.41 -15.10 -90.66
N GLY DB 308 -98.54 -16.04 -90.30
CA GLY DB 308 -97.76 -16.80 -91.25
C GLY DB 308 -96.69 -17.59 -90.52
N ARG DB 309 -95.90 -18.30 -91.30
CA ARG DB 309 -94.88 -19.19 -90.76
C ARG DB 309 -93.50 -18.68 -91.17
N TYR DB 310 -92.57 -18.74 -90.21
CA TYR DB 310 -91.23 -18.22 -90.43
C TYR DB 310 -90.51 -19.12 -91.43
N LEU DB 311 -89.90 -18.51 -92.44
CA LEU DB 311 -89.21 -19.29 -93.45
C LEU DB 311 -87.80 -19.65 -92.95
N THR DB 312 -87.10 -18.64 -92.43
CA THR DB 312 -85.81 -18.84 -91.78
C THR DB 312 -85.59 -17.65 -90.86
N ALA DB 313 -85.19 -17.98 -89.62
CA ALA DB 313 -84.90 -16.93 -88.66
C ALA DB 313 -83.48 -17.13 -88.19
N SER DB 314 -82.85 -16.01 -87.86
CA SER DB 314 -81.50 -15.97 -87.36
C SER DB 314 -81.41 -15.03 -86.16
N ALA DB 315 -80.64 -15.43 -85.15
CA ALA DB 315 -80.43 -14.63 -83.95
C ALA DB 315 -78.94 -14.41 -83.75
N MET DB 316 -78.44 -13.19 -84.01
CA MET DB 316 -77.04 -12.84 -83.79
C MET DB 316 -76.84 -12.40 -82.34
N PHE DB 317 -76.27 -13.29 -81.55
CA PHE DB 317 -76.06 -12.97 -80.15
C PHE DB 317 -74.75 -12.24 -79.98
N ARG DB 318 -74.74 -11.48 -78.88
CA ARG DB 318 -73.54 -10.83 -78.43
C ARG DB 318 -73.40 -11.06 -76.94
N GLY DB 319 -72.15 -11.31 -76.52
CA GLY DB 319 -71.87 -11.37 -75.11
C GLY DB 319 -71.23 -12.70 -74.70
N ARG DB 320 -71.19 -12.88 -73.39
CA ARG DB 320 -70.55 -13.99 -72.73
C ARG DB 320 -71.63 -14.94 -72.23
N MET DB 321 -72.07 -15.84 -73.10
CA MET DB 321 -73.10 -16.82 -72.72
C MET DB 321 -72.57 -18.25 -72.86
N SER DB 322 -73.43 -19.27 -72.71
CA SER DB 322 -73.04 -20.66 -72.94
C SER DB 322 -73.68 -21.18 -74.21
N THR DB 323 -72.96 -22.00 -74.98
CA THR DB 323 -73.36 -22.42 -76.33
C THR DB 323 -74.58 -23.32 -76.29
N LYS DB 324 -74.57 -24.23 -75.30
CA LYS DB 324 -75.65 -25.17 -75.13
C LYS DB 324 -76.96 -24.41 -74.88
N GLU DB 325 -76.89 -23.34 -74.10
CA GLU DB 325 -78.08 -22.53 -73.86
C GLU DB 325 -78.61 -21.89 -75.14
N VAL DB 326 -77.72 -21.44 -76.03
CA VAL DB 326 -78.15 -20.92 -77.32
C VAL DB 326 -78.66 -22.07 -78.19
N ASP DB 327 -77.93 -23.19 -78.16
CA ASP DB 327 -78.20 -24.37 -78.98
C ASP DB 327 -79.52 -25.02 -78.59
N GLU DB 328 -79.90 -24.92 -77.30
CA GLU DB 328 -81.07 -25.59 -76.78
C GLU DB 328 -82.29 -24.67 -76.82
N GLN DB 329 -82.12 -23.37 -76.54
CA GLN DB 329 -83.25 -22.45 -76.52
C GLN DB 329 -83.83 -22.26 -77.91
N MET DB 330 -82.96 -22.28 -78.92
CA MET DB 330 -83.47 -22.10 -80.27
C MET DB 330 -84.11 -23.39 -80.77
N LEU DB 331 -83.78 -24.53 -80.12
CA LEU DB 331 -84.51 -25.76 -80.38
C LEU DB 331 -85.88 -25.74 -79.71
N ASN DB 332 -85.95 -25.23 -78.48
CA ASN DB 332 -87.19 -25.20 -77.71
C ASN DB 332 -88.26 -24.36 -78.40
N VAL DB 333 -87.84 -23.31 -79.08
CA VAL DB 333 -88.81 -22.46 -79.75
C VAL DB 333 -89.34 -23.17 -81.01
N GLN DB 334 -88.54 -24.06 -81.62
CA GLN DB 334 -89.01 -24.80 -82.79
C GLN DB 334 -89.95 -25.93 -82.39
N ASN DB 335 -89.70 -26.57 -81.25
CA ASN DB 335 -90.49 -27.71 -80.83
C ASN DB 335 -91.81 -27.25 -80.24
N LYS DB 336 -91.79 -26.17 -79.45
CA LYS DB 336 -93.00 -25.72 -78.79
C LYS DB 336 -93.90 -24.99 -79.79
N ASN DB 337 -93.30 -24.11 -80.59
CA ASN DB 337 -94.04 -23.38 -81.61
C ASN DB 337 -93.84 -24.09 -82.95
N SER DB 338 -94.53 -25.22 -83.14
CA SER DB 338 -94.30 -26.03 -84.35
C SER DB 338 -94.91 -25.38 -85.57
N SER DB 339 -96.15 -24.86 -85.43
CA SER DB 339 -96.90 -24.25 -86.51
C SER DB 339 -96.33 -22.93 -87.02
N TYR DB 340 -95.44 -22.27 -86.26
CA TYR DB 340 -94.95 -20.98 -86.70
C TYR DB 340 -93.71 -21.08 -87.60
N PHE DB 341 -93.20 -22.30 -87.79
CA PHE DB 341 -92.06 -22.52 -88.65
C PHE DB 341 -92.47 -23.47 -89.76
N VAL DB 342 -92.02 -23.18 -90.99
CA VAL DB 342 -92.36 -23.98 -92.14
C VAL DB 342 -91.76 -25.38 -91.99
N GLU DB 343 -92.38 -26.31 -92.69
CA GLU DB 343 -92.29 -27.74 -92.44
C GLU DB 343 -91.29 -28.45 -93.36
N TRP DB 344 -90.93 -27.85 -94.52
CA TRP DB 344 -90.12 -28.59 -95.47
C TRP DB 344 -88.65 -28.19 -95.38
N ILE DB 345 -88.34 -27.22 -94.51
CA ILE DB 345 -86.98 -27.01 -94.04
C ILE DB 345 -86.90 -27.55 -92.60
N PRO DB 346 -86.21 -28.69 -92.36
CA PRO DB 346 -85.90 -29.08 -90.99
C PRO DB 346 -84.86 -28.11 -90.44
N ASN DB 347 -84.99 -27.80 -89.15
CA ASN DB 347 -84.03 -26.98 -88.45
C ASN DB 347 -83.97 -25.56 -89.03
N ASN DB 348 -85.02 -24.79 -88.76
CA ASN DB 348 -85.19 -23.42 -89.24
C ASN DB 348 -84.32 -22.39 -88.50
N MET DB 349 -83.79 -22.76 -87.32
CA MET DB 349 -83.06 -21.79 -86.51
C MET DB 349 -81.68 -21.54 -87.13
N LYS DB 350 -81.07 -20.42 -86.72
CA LYS DB 350 -79.73 -20.09 -87.13
C LYS DB 350 -79.16 -19.14 -86.07
N SER DB 351 -77.95 -19.41 -85.61
CA SER DB 351 -77.42 -18.70 -84.45
C SER DB 351 -75.95 -18.34 -84.65
N SER DB 352 -75.55 -17.17 -84.15
CA SER DB 352 -74.14 -16.81 -84.04
C SER DB 352 -73.88 -16.08 -82.73
N VAL DB 353 -72.73 -16.40 -82.13
CA VAL DB 353 -72.43 -15.81 -80.84
C VAL DB 353 -71.10 -15.06 -80.95
N CYS DB 354 -71.18 -13.76 -80.68
CA CYS DB 354 -70.00 -12.93 -80.54
C CYS DB 354 -69.80 -12.56 -79.07
N ASP DB 355 -68.55 -12.22 -78.68
CA ASP DB 355 -68.22 -12.09 -77.27
C ASP DB 355 -67.69 -10.66 -77.01
N ILE DB 356 -68.13 -9.69 -77.81
CA ILE DB 356 -67.99 -8.29 -77.44
C ILE DB 356 -69.40 -7.70 -77.35
N PRO DB 357 -69.93 -7.52 -76.13
CA PRO DB 357 -71.33 -7.17 -76.00
C PRO DB 357 -71.44 -5.68 -76.27
N PRO DB 358 -72.64 -5.07 -76.41
CA PRO DB 358 -72.72 -3.60 -76.46
C PRO DB 358 -72.20 -3.04 -75.13
N LYS DB 359 -71.61 -1.83 -75.08
CA LYS DB 359 -70.76 -1.58 -73.92
C LYS DB 359 -71.64 -1.20 -72.75
N GLY DB 360 -71.69 -2.03 -71.69
CA GLY DB 360 -72.54 -1.74 -70.54
C GLY DB 360 -73.80 -2.61 -70.43
N LEU DB 361 -74.11 -3.39 -71.46
CA LEU DB 361 -75.04 -4.50 -71.33
C LEU DB 361 -74.26 -5.80 -71.48
N LYS DB 362 -74.48 -6.74 -70.56
CA LYS DB 362 -73.65 -7.93 -70.54
C LYS DB 362 -74.02 -8.85 -71.69
N MET DB 363 -75.23 -8.74 -72.25
CA MET DB 363 -75.65 -9.55 -73.40
C MET DB 363 -76.62 -8.72 -74.26
N SER DB 364 -76.72 -9.11 -75.54
CA SER DB 364 -77.79 -8.66 -76.42
C SER DB 364 -77.92 -9.64 -77.58
N VAL DB 365 -79.08 -9.61 -78.24
CA VAL DB 365 -79.31 -10.42 -79.42
C VAL DB 365 -80.10 -9.58 -80.41
N THR DB 366 -79.79 -9.76 -81.69
CA THR DB 366 -80.53 -9.09 -82.72
C THR DB 366 -81.11 -10.16 -83.61
N PHE DB 367 -82.39 -9.99 -83.94
CA PHE DB 367 -83.17 -11.05 -84.55
C PHE DB 367 -83.54 -10.67 -85.99
N VAL DB 368 -83.01 -11.43 -86.94
CA VAL DB 368 -83.34 -11.23 -88.35
C VAL DB 368 -84.21 -12.40 -88.76
N GLY DB 369 -85.49 -12.11 -89.04
CA GLY DB 369 -86.44 -13.16 -89.37
C GLY DB 369 -87.00 -13.00 -90.77
N ASN DB 370 -86.78 -14.01 -91.63
CA ASN DB 370 -87.45 -14.07 -92.92
C ASN DB 370 -88.80 -14.76 -92.74
N SER DB 371 -89.83 -13.97 -92.47
CA SER DB 371 -91.17 -14.50 -92.30
C SER DB 371 -91.92 -14.44 -93.63
N THR DB 372 -93.13 -15.01 -93.63
CA THR DB 372 -94.03 -14.81 -94.75
C THR DB 372 -95.18 -13.88 -94.36
N ALA DB 373 -95.10 -13.28 -93.17
CA ALA DB 373 -96.16 -12.39 -92.71
C ALA DB 373 -96.08 -11.01 -93.34
N ILE DB 374 -94.98 -10.69 -94.02
CA ILE DB 374 -94.83 -9.41 -94.71
C ILE DB 374 -95.64 -9.41 -96.01
N GLN DB 375 -96.39 -10.48 -96.26
CA GLN DB 375 -97.45 -10.44 -97.25
C GLN DB 375 -98.43 -9.32 -96.91
N GLU DB 376 -98.77 -9.17 -95.62
CA GLU DB 376 -99.87 -8.31 -95.21
C GLU DB 376 -99.47 -6.84 -95.32
N MET DB 377 -98.17 -6.58 -95.23
CA MET DB 377 -97.69 -5.25 -95.53
C MET DB 377 -97.75 -4.96 -97.02
N PHE DB 378 -97.29 -5.93 -97.84
CA PHE DB 378 -97.29 -5.76 -99.28
C PHE DB 378 -98.72 -5.74 -99.81
N LYS DB 379 -99.63 -6.48 -99.17
CA LYS DB 379 -101.02 -6.49 -99.57
C LYS DB 379 -101.64 -5.12 -99.28
N ARG DB 380 -101.27 -4.50 -98.15
CA ARG DB 380 -101.91 -3.27 -97.74
C ARG DB 380 -101.45 -2.09 -98.62
N VAL DB 381 -100.16 -2.07 -98.94
CA VAL DB 381 -99.63 -1.05 -99.84
C VAL DB 381 -100.19 -1.25 -101.26
N SER DB 382 -100.37 -2.50 -101.68
CA SER DB 382 -100.91 -2.84 -102.99
C SER DB 382 -102.37 -2.42 -103.12
N ASP DB 383 -103.14 -2.52 -102.01
CA ASP DB 383 -104.52 -2.04 -101.96
C ASP DB 383 -104.55 -0.51 -102.10
N GLN DB 384 -103.67 0.13 -101.32
CA GLN DB 384 -103.58 1.59 -101.32
C GLN DB 384 -103.06 2.11 -102.67
N PHE DB 385 -102.22 1.30 -103.36
CA PHE DB 385 -101.75 1.62 -104.70
C PHE DB 385 -102.90 1.55 -105.70
N THR DB 386 -103.60 0.41 -105.67
CA THR DB 386 -104.64 0.12 -106.65
C THR DB 386 -105.87 1.01 -106.44
N ALA DB 387 -106.03 1.53 -105.21
CA ALA DB 387 -107.17 2.40 -104.90
C ALA DB 387 -107.10 3.69 -105.72
N MET DB 388 -105.90 4.26 -105.78
CA MET DB 388 -105.69 5.61 -106.32
C MET DB 388 -105.21 5.54 -107.78
N PHE DB 389 -104.72 4.36 -108.20
CA PHE DB 389 -104.17 4.24 -109.55
C PHE DB 389 -105.29 4.14 -110.59
N ARG DB 390 -106.43 3.57 -110.18
CA ARG DB 390 -107.52 3.41 -111.14
C ARG DB 390 -108.15 4.76 -111.47
N ARG DB 391 -108.11 5.70 -110.53
CA ARG DB 391 -108.61 7.05 -110.75
C ARG DB 391 -107.52 8.00 -111.23
N LYS DB 392 -106.27 7.50 -111.30
CA LYS DB 392 -105.09 8.19 -111.81
C LYS DB 392 -104.85 9.48 -111.04
N ALA DB 393 -105.13 9.48 -109.73
CA ALA DB 393 -104.89 10.65 -108.90
C ALA DB 393 -103.40 10.88 -108.66
N PHE DB 394 -102.94 12.13 -108.83
CA PHE DB 394 -101.55 12.53 -108.62
C PHE DB 394 -100.59 11.74 -109.52
N LEU DB 395 -101.04 11.47 -110.75
CA LEU DB 395 -100.23 10.74 -111.71
C LEU DB 395 -99.60 11.70 -112.72
N HIS DB 396 -100.26 12.80 -113.04
CA HIS DB 396 -99.67 13.78 -113.94
C HIS DB 396 -98.52 14.54 -113.28
N TRP DB 397 -98.39 14.50 -111.94
CA TRP DB 397 -97.12 14.94 -111.29
C TRP DB 397 -95.88 14.09 -111.70
N TYR DB 398 -96.10 12.79 -111.97
CA TYR DB 398 -95.04 11.85 -112.33
C TYR DB 398 -94.94 11.68 -113.85
N THR DB 399 -96.08 11.65 -114.56
CA THR DB 399 -96.11 11.51 -116.00
C THR DB 399 -95.43 12.69 -116.67
N GLY DB 400 -95.68 13.90 -116.13
CA GLY DB 400 -95.08 15.13 -116.60
C GLY DB 400 -93.56 15.18 -116.44
N GLU DB 401 -93.01 14.30 -115.61
CA GLU DB 401 -91.61 14.32 -115.25
C GLU DB 401 -90.76 13.39 -116.14
N GLY DB 402 -91.40 12.66 -117.04
CA GLY DB 402 -90.68 11.84 -117.99
C GLY DB 402 -90.89 10.35 -117.74
N MET DB 403 -92.12 9.99 -117.38
CA MET DB 403 -92.46 8.59 -117.17
C MET DB 403 -93.61 8.17 -118.08
N ASP DB 404 -93.69 6.84 -118.32
CA ASP DB 404 -94.83 6.28 -119.02
C ASP DB 404 -95.78 5.60 -118.03
N GLU DB 405 -97.00 5.35 -118.52
CA GLU DB 405 -98.05 4.65 -117.80
C GLU DB 405 -97.62 3.21 -117.48
N MET DB 406 -96.77 2.64 -118.35
CA MET DB 406 -96.34 1.25 -118.34
C MET DB 406 -95.61 0.91 -117.05
N GLU DB 407 -94.86 1.88 -116.50
CA GLU DB 407 -93.95 1.58 -115.39
C GLU DB 407 -94.74 1.22 -114.13
N PHE DB 408 -95.95 1.78 -113.98
CA PHE DB 408 -96.72 1.51 -112.79
C PHE DB 408 -97.43 0.17 -112.88
N THR DB 409 -97.82 -0.24 -114.08
CA THR DB 409 -98.48 -1.52 -114.23
C THR DB 409 -97.48 -2.67 -114.06
N GLU DB 410 -96.24 -2.47 -114.53
CA GLU DB 410 -95.22 -3.49 -114.34
C GLU DB 410 -94.71 -3.49 -112.91
N ALA DB 411 -94.82 -2.36 -112.19
CA ALA DB 411 -94.49 -2.31 -110.77
C ALA DB 411 -95.55 -3.01 -109.93
N GLU DB 412 -96.84 -2.82 -110.23
CA GLU DB 412 -97.90 -3.45 -109.45
C GLU DB 412 -97.98 -4.95 -109.75
N SER DB 413 -97.55 -5.33 -110.96
CA SER DB 413 -97.45 -6.74 -111.31
C SER DB 413 -96.39 -7.40 -110.42
N ASN DB 414 -95.25 -6.74 -110.26
CA ASN DB 414 -94.14 -7.29 -109.49
C ASN DB 414 -94.43 -7.25 -108.00
N MET DB 415 -95.25 -6.30 -107.54
CA MET DB 415 -95.73 -6.34 -106.16
C MET DB 415 -96.67 -7.53 -105.97
N ASN DB 416 -97.61 -7.68 -106.92
CA ASN DB 416 -98.63 -8.71 -106.79
C ASN DB 416 -98.05 -10.10 -107.05
N ASP DB 417 -97.00 -10.18 -107.88
CA ASP DB 417 -96.25 -11.42 -108.03
C ASP DB 417 -95.55 -11.79 -106.73
N LEU DB 418 -95.10 -10.79 -105.95
CA LEU DB 418 -94.37 -11.03 -104.72
C LEU DB 418 -95.29 -11.66 -103.66
N VAL DB 419 -96.56 -11.23 -103.63
CA VAL DB 419 -97.50 -11.72 -102.64
C VAL DB 419 -97.84 -13.19 -102.93
N SER DB 420 -97.99 -13.52 -104.21
CA SER DB 420 -98.39 -14.87 -104.62
C SER DB 420 -97.31 -15.90 -104.29
N GLU DB 421 -96.04 -15.48 -104.26
CA GLU DB 421 -94.94 -16.38 -103.90
C GLU DB 421 -94.94 -16.70 -102.40
N TYR DB 422 -95.29 -15.72 -101.55
CA TYR DB 422 -95.43 -15.91 -100.11
C TYR DB 422 -96.55 -16.90 -99.79
N GLN DB 423 -97.67 -16.80 -100.51
CA GLN DB 423 -98.76 -17.75 -100.37
C GLN DB 423 -98.41 -19.11 -100.96
N GLN DB 424 -97.47 -19.16 -101.89
CA GLN DB 424 -97.09 -20.44 -102.48
C GLN DB 424 -96.35 -21.31 -101.46
N TYR DB 425 -95.65 -20.66 -100.52
CA TYR DB 425 -94.89 -21.38 -99.52
C TYR DB 425 -95.52 -21.31 -98.11
N GLN DB 426 -96.78 -20.86 -98.01
CA GLN DB 426 -97.42 -20.65 -96.71
C GLN DB 426 -97.71 -21.99 -96.02
N MET EB 1 -25.98 -130.56 -40.07
CA MET EB 1 -26.36 -131.97 -39.99
C MET EB 1 -27.89 -132.07 -39.84
N ARG EB 2 -28.34 -132.25 -38.60
CA ARG EB 2 -29.75 -132.33 -38.29
C ARG EB 2 -30.16 -130.99 -37.69
N GLU EB 3 -31.25 -130.42 -38.21
CA GLU EB 3 -31.77 -129.14 -37.75
C GLU EB 3 -33.29 -129.17 -37.72
N VAL EB 4 -33.88 -128.04 -37.33
CA VAL EB 4 -35.31 -127.87 -37.28
C VAL EB 4 -35.62 -126.42 -37.62
N ILE EB 5 -36.67 -126.23 -38.44
CA ILE EB 5 -37.06 -124.91 -38.90
C ILE EB 5 -38.26 -124.44 -38.10
N SER EB 6 -38.12 -123.24 -37.52
CA SER EB 6 -39.22 -122.61 -36.80
C SER EB 6 -39.97 -121.70 -37.75
N ILE EB 7 -41.30 -121.78 -37.71
CA ILE EB 7 -42.14 -120.89 -38.49
C ILE EB 7 -43.11 -120.22 -37.52
N HIS EB 8 -43.21 -118.89 -37.63
CA HIS EB 8 -44.15 -118.12 -36.83
C HIS EB 8 -45.11 -117.40 -37.76
N VAL EB 9 -46.38 -117.80 -37.67
CA VAL EB 9 -47.44 -117.23 -38.49
C VAL EB 9 -48.36 -116.44 -37.58
N GLY EB 10 -48.66 -115.22 -38.02
CA GLY EB 10 -49.60 -114.38 -37.30
C GLY EB 10 -48.94 -113.62 -36.18
N GLN EB 11 -49.83 -112.87 -35.55
CA GLN EB 11 -49.49 -112.02 -34.44
C GLN EB 11 -48.93 -112.84 -33.28
N ALA EB 12 -49.74 -113.79 -32.80
CA ALA EB 12 -49.39 -114.46 -31.57
C ALA EB 12 -48.19 -115.36 -31.85
N GLY EB 13 -48.03 -115.77 -33.14
CA GLY EB 13 -46.85 -116.52 -33.56
C GLY EB 13 -45.58 -115.71 -33.42
N ILE EB 14 -45.64 -114.42 -33.81
CA ILE EB 14 -44.47 -113.57 -33.83
C ILE EB 14 -44.02 -113.23 -32.41
N GLN EB 15 -45.01 -112.86 -31.58
CA GLN EB 15 -44.73 -112.46 -30.21
C GLN EB 15 -44.07 -113.62 -29.43
N ILE EB 16 -44.69 -114.81 -29.54
CA ILE EB 16 -44.24 -116.00 -28.84
C ILE EB 16 -42.84 -116.40 -29.32
N GLY EB 17 -42.63 -116.28 -30.63
CA GLY EB 17 -41.33 -116.58 -31.21
C GLY EB 17 -40.23 -115.60 -30.81
N ASN EB 18 -40.66 -114.38 -30.44
CA ASN EB 18 -39.71 -113.40 -29.95
C ASN EB 18 -39.10 -113.84 -28.61
N ALA EB 19 -39.98 -114.30 -27.72
CA ALA EB 19 -39.51 -114.80 -26.43
C ALA EB 19 -38.77 -116.12 -26.59
N CYS EB 20 -39.14 -116.91 -27.61
CA CYS EB 20 -38.48 -118.18 -27.88
C CYS EB 20 -37.03 -117.95 -28.29
N TRP EB 21 -36.82 -117.03 -29.25
CA TRP EB 21 -35.49 -116.81 -29.78
C TRP EB 21 -34.58 -116.04 -28.83
N GLU EB 22 -35.21 -115.21 -27.97
CA GLU EB 22 -34.44 -114.54 -26.94
C GLU EB 22 -33.93 -115.59 -25.95
N LEU EB 23 -34.75 -116.60 -25.64
CA LEU EB 23 -34.36 -117.65 -24.72
C LEU EB 23 -33.32 -118.57 -25.34
N PHE EB 24 -33.45 -118.83 -26.64
CA PHE EB 24 -32.54 -119.73 -27.34
C PHE EB 24 -31.13 -119.15 -27.43
N CYS EB 25 -31.06 -117.83 -27.64
CA CYS EB 25 -29.78 -117.16 -27.78
C CYS EB 25 -28.98 -117.16 -26.47
N LEU EB 26 -29.71 -116.94 -25.35
CA LEU EB 26 -29.11 -116.92 -24.02
C LEU EB 26 -28.55 -118.31 -23.67
N GLU EB 27 -29.25 -119.35 -24.13
CA GLU EB 27 -28.98 -120.70 -23.67
C GLU EB 27 -27.72 -121.25 -24.33
N HIS EB 28 -27.50 -120.89 -25.59
CA HIS EB 28 -26.25 -121.22 -26.27
C HIS EB 28 -25.21 -120.11 -26.11
N GLY EB 29 -25.61 -118.99 -25.51
CA GLY EB 29 -24.68 -117.91 -25.17
C GLY EB 29 -24.09 -117.18 -26.38
N ILE EB 30 -25.00 -116.77 -27.28
CA ILE EB 30 -24.62 -115.91 -28.40
C ILE EB 30 -25.14 -114.48 -28.13
N GLN EB 31 -24.36 -113.48 -28.59
CA GLN EB 31 -24.69 -112.08 -28.40
C GLN EB 31 -25.87 -111.73 -29.31
N PRO EB 32 -26.60 -110.61 -29.05
CA PRO EB 32 -27.62 -110.14 -29.99
C PRO EB 32 -27.19 -109.90 -31.45
N ASP EB 33 -25.92 -109.62 -31.67
CA ASP EB 33 -25.38 -109.52 -33.02
C ASP EB 33 -25.40 -110.88 -33.73
N GLY EB 34 -24.98 -111.92 -33.01
CA GLY EB 34 -25.00 -113.28 -33.53
C GLY EB 34 -23.65 -114.00 -33.47
N GLN EB 35 -22.69 -113.42 -32.74
CA GLN EB 35 -21.37 -114.01 -32.61
C GLN EB 35 -21.17 -114.50 -31.18
N MET EB 36 -20.89 -115.80 -31.03
CA MET EB 36 -20.40 -116.28 -29.75
C MET EB 36 -18.91 -115.95 -29.65
N PRO EB 37 -18.43 -115.50 -28.47
CA PRO EB 37 -17.02 -115.12 -28.33
C PRO EB 37 -16.08 -116.27 -27.91
N ASP EB 47 -22.31 -130.95 -32.98
CA ASP EB 47 -23.38 -130.22 -33.70
C ASP EB 47 -24.48 -129.70 -32.77
N ALA EB 48 -24.11 -129.39 -31.54
CA ALA EB 48 -25.08 -129.17 -30.46
C ALA EB 48 -25.97 -127.97 -30.69
N PHE EB 49 -25.43 -126.79 -31.05
CA PHE EB 49 -26.31 -125.63 -31.17
C PHE EB 49 -26.81 -125.54 -32.63
N ASN EB 50 -26.27 -126.42 -33.48
CA ASN EB 50 -26.48 -126.38 -34.93
C ASN EB 50 -27.90 -126.78 -35.31
N THR EB 51 -28.69 -127.27 -34.35
CA THR EB 51 -30.03 -127.74 -34.64
C THR EB 51 -30.97 -126.55 -34.84
N PHE EB 52 -30.56 -125.35 -34.40
CA PHE EB 52 -31.41 -124.18 -34.54
C PHE EB 52 -30.72 -123.03 -35.28
N PHE EB 53 -29.38 -122.96 -35.20
CA PHE EB 53 -28.63 -121.87 -35.80
C PHE EB 53 -27.79 -122.40 -36.96
N SER EB 54 -27.54 -121.55 -37.95
CA SER EB 54 -26.68 -121.89 -39.07
C SER EB 54 -25.37 -121.13 -38.97
N GLU EB 55 -24.26 -121.86 -39.12
CA GLU EB 55 -22.92 -121.29 -39.14
C GLU EB 55 -22.77 -120.45 -40.41
N THR EB 56 -22.18 -119.25 -40.27
CA THR EB 56 -21.99 -118.38 -41.41
C THR EB 56 -20.77 -117.50 -41.18
N GLY EB 57 -19.59 -117.97 -41.58
CA GLY EB 57 -18.38 -117.17 -41.55
C GLY EB 57 -17.70 -117.17 -40.17
N ALA EB 58 -17.37 -115.97 -39.67
CA ALA EB 58 -16.45 -115.79 -38.55
C ALA EB 58 -17.13 -116.05 -37.21
N GLY EB 59 -17.43 -117.33 -36.92
CA GLY EB 59 -18.03 -117.73 -35.65
C GLY EB 59 -19.48 -117.26 -35.50
N LYS EB 60 -20.10 -116.91 -36.63
CA LYS EB 60 -21.38 -116.20 -36.65
C LYS EB 60 -22.53 -117.18 -36.90
N HIS EB 61 -23.66 -116.91 -36.25
CA HIS EB 61 -24.81 -117.81 -36.24
C HIS EB 61 -26.09 -117.05 -36.54
N VAL EB 62 -26.87 -117.54 -37.51
CA VAL EB 62 -28.13 -116.96 -37.91
C VAL EB 62 -29.23 -117.95 -37.58
N PRO EB 63 -30.33 -117.52 -36.91
CA PRO EB 63 -31.42 -118.44 -36.55
C PRO EB 63 -32.15 -119.01 -37.77
N ARG EB 64 -32.69 -120.22 -37.59
CA ARG EB 64 -33.48 -120.90 -38.61
C ARG EB 64 -34.96 -120.64 -38.36
N CYS EB 65 -35.38 -119.41 -38.67
CA CYS EB 65 -36.78 -119.04 -38.49
C CYS EB 65 -37.24 -118.09 -39.59
N VAL EB 66 -38.57 -118.08 -39.79
CA VAL EB 66 -39.21 -117.10 -40.65
C VAL EB 66 -40.39 -116.49 -39.88
N PHE EB 67 -40.56 -115.17 -40.00
CA PHE EB 67 -41.66 -114.48 -39.36
C PHE EB 67 -42.64 -114.04 -40.44
N LEU EB 68 -43.81 -114.69 -40.49
CA LEU EB 68 -44.81 -114.35 -41.50
C LEU EB 68 -46.02 -113.73 -40.83
N ASP EB 69 -46.26 -112.47 -41.15
CA ASP EB 69 -47.49 -111.79 -40.75
C ASP EB 69 -47.77 -110.75 -41.82
N LEU EB 70 -49.06 -110.45 -41.98
CA LEU EB 70 -49.49 -109.44 -42.93
C LEU EB 70 -49.58 -108.06 -42.29
N GLU EB 71 -49.40 -107.99 -40.96
CA GLU EB 71 -49.35 -106.73 -40.22
C GLU EB 71 -47.90 -106.24 -40.21
N PRO EB 72 -47.57 -105.04 -40.73
CA PRO EB 72 -46.19 -104.54 -40.62
C PRO EB 72 -45.85 -104.09 -39.20
N THR EB 73 -46.86 -103.72 -38.40
CA THR EB 73 -46.62 -102.99 -37.16
C THR EB 73 -46.20 -103.93 -36.03
N VAL EB 74 -45.91 -105.19 -36.33
CA VAL EB 74 -45.47 -106.15 -35.32
C VAL EB 74 -44.07 -106.67 -35.62
N VAL EB 75 -43.74 -106.75 -36.92
CA VAL EB 75 -42.46 -107.30 -37.36
C VAL EB 75 -41.41 -106.18 -37.51
N ASP EB 76 -41.86 -104.93 -37.63
CA ASP EB 76 -40.94 -103.81 -37.81
C ASP EB 76 -40.17 -103.46 -36.53
N GLU EB 77 -40.75 -103.77 -35.36
CA GLU EB 77 -39.99 -103.56 -34.15
C GLU EB 77 -38.92 -104.64 -33.97
N VAL EB 78 -39.07 -105.77 -34.66
CA VAL EB 78 -37.95 -106.70 -34.76
C VAL EB 78 -36.84 -106.11 -35.63
N ARG EB 79 -37.24 -105.41 -36.70
CA ARG EB 79 -36.27 -104.82 -37.61
C ARG EB 79 -35.57 -103.58 -37.01
N THR EB 80 -36.08 -103.09 -35.86
CA THR EB 80 -35.53 -101.89 -35.25
C THR EB 80 -35.26 -102.05 -33.76
N GLY EB 81 -35.42 -103.26 -33.23
CA GLY EB 81 -35.15 -103.54 -31.83
C GLY EB 81 -33.67 -103.76 -31.54
N THR EB 82 -33.38 -104.43 -30.41
CA THR EB 82 -32.02 -104.85 -30.12
C THR EB 82 -31.57 -105.93 -31.11
N TYR EB 83 -32.51 -106.79 -31.53
CA TYR EB 83 -32.20 -107.89 -32.43
C TYR EB 83 -32.49 -107.53 -33.87
N ARG EB 84 -31.84 -106.45 -34.34
CA ARG EB 84 -31.82 -106.15 -35.75
C ARG EB 84 -30.91 -107.14 -36.47
N HIS EB 85 -29.69 -107.28 -35.93
CA HIS EB 85 -28.55 -107.89 -36.58
C HIS EB 85 -28.59 -109.42 -36.46
N LEU EB 86 -29.45 -109.93 -35.57
CA LEU EB 86 -29.48 -111.36 -35.31
C LEU EB 86 -30.06 -112.08 -36.52
N PHE EB 87 -31.17 -111.51 -37.00
CA PHE EB 87 -31.91 -112.12 -38.06
C PHE EB 87 -31.49 -111.56 -39.40
N HIS EB 88 -31.44 -112.48 -40.36
CA HIS EB 88 -31.26 -112.09 -41.73
C HIS EB 88 -32.53 -111.38 -42.18
N PRO EB 89 -32.39 -110.30 -42.99
CA PRO EB 89 -33.55 -109.44 -43.25
C PRO EB 89 -34.77 -110.09 -43.90
N GLU EB 90 -34.55 -111.01 -44.85
CA GLU EB 90 -35.68 -111.64 -45.51
C GLU EB 90 -36.27 -112.79 -44.68
N GLN EB 91 -35.68 -113.11 -43.52
CA GLN EB 91 -36.38 -114.05 -42.64
C GLN EB 91 -37.70 -113.44 -42.16
N LEU EB 92 -37.69 -112.11 -41.97
CA LEU EB 92 -38.88 -111.38 -41.57
C LEU EB 92 -39.61 -110.86 -42.81
N ILE EB 93 -40.77 -111.46 -43.09
CA ILE EB 93 -41.59 -111.14 -44.25
C ILE EB 93 -42.91 -110.54 -43.77
N SER EB 94 -43.32 -109.43 -44.39
CA SER EB 94 -44.52 -108.72 -43.98
C SER EB 94 -45.34 -108.32 -45.20
N GLY EB 95 -46.66 -108.19 -44.99
CA GLY EB 95 -47.55 -107.61 -46.01
C GLY EB 95 -47.75 -106.12 -45.79
N LYS EB 96 -48.88 -105.61 -46.32
CA LYS EB 96 -49.32 -104.24 -46.09
C LYS EB 96 -50.60 -104.21 -45.27
N GLU EB 97 -51.54 -105.13 -45.50
CA GLU EB 97 -52.87 -105.09 -44.91
C GLU EB 97 -53.13 -106.34 -44.03
N ASP EB 98 -53.76 -106.14 -42.86
CA ASP EB 98 -54.04 -107.21 -41.91
C ASP EB 98 -55.14 -108.13 -42.46
N ALA EB 99 -55.19 -109.36 -41.92
CA ALA EB 99 -56.25 -110.29 -42.27
C ALA EB 99 -57.59 -109.85 -41.67
N ALA EB 100 -57.54 -108.99 -40.64
CA ALA EB 100 -58.69 -108.36 -40.01
C ALA EB 100 -59.64 -109.42 -39.44
N ASN EB 101 -59.06 -110.34 -38.68
CA ASN EB 101 -59.78 -111.35 -37.92
C ASN EB 101 -60.67 -112.21 -38.80
N ASN EB 102 -60.31 -112.30 -40.08
CA ASN EB 102 -61.12 -112.97 -41.08
C ASN EB 102 -60.31 -114.13 -41.63
N PHE EB 103 -60.82 -115.35 -41.46
CA PHE EB 103 -60.15 -116.52 -41.98
C PHE EB 103 -60.15 -116.51 -43.52
N ALA EB 104 -61.25 -116.00 -44.10
CA ALA EB 104 -61.39 -115.99 -45.54
C ALA EB 104 -60.44 -114.97 -46.18
N ARG EB 105 -60.06 -113.94 -45.42
CA ARG EB 105 -59.04 -113.03 -45.92
C ARG EB 105 -57.69 -113.73 -46.05
N GLY EB 106 -57.26 -114.37 -44.96
CA GLY EB 106 -55.91 -114.91 -44.86
C GLY EB 106 -55.72 -116.19 -45.67
N HIS EB 107 -56.81 -116.74 -46.23
CA HIS EB 107 -56.75 -117.99 -46.98
C HIS EB 107 -56.95 -117.77 -48.48
N TYR EB 108 -57.71 -116.73 -48.86
CA TYR EB 108 -58.15 -116.60 -50.25
C TYR EB 108 -57.67 -115.31 -50.91
N THR EB 109 -57.93 -114.18 -50.26
CA THR EB 109 -57.70 -112.91 -50.93
C THR EB 109 -56.23 -112.51 -50.80
N ILE EB 110 -55.79 -112.27 -49.56
CA ILE EB 110 -54.45 -111.74 -49.34
C ILE EB 110 -53.47 -112.87 -49.02
N GLY EB 111 -53.82 -114.10 -49.43
CA GLY EB 111 -53.01 -115.29 -49.17
C GLY EB 111 -51.81 -115.46 -50.12
N LYS EB 112 -52.12 -115.50 -51.42
CA LYS EB 112 -51.17 -115.85 -52.47
C LYS EB 112 -50.00 -114.85 -52.61
N GLU EB 113 -50.18 -113.62 -52.07
CA GLU EB 113 -49.16 -112.58 -52.17
C GLU EB 113 -47.89 -112.88 -51.37
N ILE EB 114 -48.02 -113.56 -50.22
CA ILE EB 114 -46.91 -113.66 -49.27
C ILE EB 114 -46.30 -115.07 -49.34
N VAL EB 115 -47.15 -116.07 -49.54
CA VAL EB 115 -46.75 -117.46 -49.38
C VAL EB 115 -45.78 -117.91 -50.48
N ASP EB 116 -45.79 -117.23 -51.63
CA ASP EB 116 -44.80 -117.50 -52.65
C ASP EB 116 -43.41 -117.10 -52.16
N LEU EB 117 -43.34 -115.94 -51.49
CA LEU EB 117 -42.07 -115.43 -50.99
C LEU EB 117 -41.65 -116.21 -49.74
N SER EB 118 -42.64 -116.73 -49.00
CA SER EB 118 -42.37 -117.46 -47.77
C SER EB 118 -41.72 -118.81 -48.06
N LEU EB 119 -42.15 -119.48 -49.14
CA LEU EB 119 -41.63 -120.80 -49.49
C LEU EB 119 -40.16 -120.70 -49.95
N ASP EB 120 -39.82 -119.56 -50.56
CA ASP EB 120 -38.45 -119.35 -51.03
C ASP EB 120 -37.47 -119.23 -49.87
N ARG EB 121 -37.86 -118.54 -48.78
CA ARG EB 121 -37.03 -118.42 -47.59
C ARG EB 121 -36.94 -119.75 -46.85
N ILE EB 122 -38.05 -120.48 -46.88
CA ILE EB 122 -38.08 -121.79 -46.26
C ILE EB 122 -37.12 -122.74 -46.99
N ARG EB 123 -37.19 -122.73 -48.33
CA ARG EB 123 -36.37 -123.62 -49.14
C ARG EB 123 -34.90 -123.28 -49.00
N LYS EB 124 -34.58 -121.97 -48.93
CA LYS EB 124 -33.21 -121.52 -48.83
C LYS EB 124 -32.60 -121.89 -47.48
N LEU EB 125 -33.44 -122.02 -46.45
CA LEU EB 125 -32.94 -122.31 -45.12
C LEU EB 125 -32.85 -123.82 -44.91
N ALA EB 126 -33.70 -124.58 -45.60
CA ALA EB 126 -33.86 -126.00 -45.31
C ALA EB 126 -33.07 -126.90 -46.25
N ASP EB 127 -32.44 -126.30 -47.28
CA ASP EB 127 -31.71 -127.12 -48.24
C ASP EB 127 -30.21 -127.07 -47.99
N ASN EB 128 -29.84 -126.83 -46.74
CA ASN EB 128 -28.48 -126.76 -46.28
C ASN EB 128 -27.96 -128.16 -45.90
N CYS EB 129 -28.58 -128.81 -44.91
CA CYS EB 129 -28.19 -130.14 -44.47
C CYS EB 129 -29.41 -131.05 -44.40
N THR EB 130 -29.61 -131.81 -45.49
CA THR EB 130 -30.73 -132.75 -45.64
C THR EB 130 -30.72 -133.80 -44.53
N GLY EB 131 -31.90 -134.10 -44.00
CA GLY EB 131 -32.05 -135.00 -42.86
C GLY EB 131 -32.50 -134.24 -41.62
N LEU EB 132 -33.11 -133.07 -41.85
CA LEU EB 132 -33.55 -132.22 -40.77
C LEU EB 132 -34.77 -132.83 -40.09
N GLN EB 133 -34.92 -132.55 -38.79
CA GLN EB 133 -35.87 -133.24 -37.92
C GLN EB 133 -37.30 -132.93 -38.34
N GLY EB 134 -37.64 -131.64 -38.45
CA GLY EB 134 -39.00 -131.29 -38.79
C GLY EB 134 -39.24 -129.78 -38.78
N PHE EB 135 -40.52 -129.43 -38.68
CA PHE EB 135 -40.95 -128.04 -38.63
C PHE EB 135 -41.67 -127.76 -37.32
N LEU EB 136 -41.55 -126.52 -36.86
CA LEU EB 136 -42.37 -126.01 -35.77
C LEU EB 136 -43.12 -124.78 -36.26
N MET EB 137 -44.45 -124.86 -36.18
CA MET EB 137 -45.33 -123.77 -36.57
C MET EB 137 -46.01 -123.19 -35.33
N PHE EB 138 -45.96 -121.86 -35.25
CA PHE EB 138 -46.59 -121.12 -34.16
C PHE EB 138 -47.74 -120.32 -34.76
N ASN EB 139 -48.92 -120.40 -34.13
CA ASN EB 139 -50.04 -119.59 -34.57
C ASN EB 139 -51.05 -119.45 -33.45
N ALA EB 140 -51.90 -118.42 -33.59
CA ALA EB 140 -53.09 -118.21 -32.78
C ALA EB 140 -54.27 -118.71 -33.59
N VAL EB 141 -55.10 -119.57 -32.98
CA VAL EB 141 -56.17 -120.21 -33.72
C VAL EB 141 -57.28 -119.19 -33.97
N GLY EB 142 -57.52 -118.30 -33.00
CA GLY EB 142 -58.58 -117.31 -33.04
C GLY EB 142 -58.35 -116.17 -34.04
N GLY EB 143 -57.09 -115.97 -34.43
CA GLY EB 143 -56.68 -114.85 -35.27
C GLY EB 143 -57.09 -115.08 -36.73
N GLY EB 144 -56.79 -114.07 -37.56
CA GLY EB 144 -57.14 -114.11 -38.97
C GLY EB 144 -56.04 -114.80 -39.77
N THR EB 145 -54.86 -114.20 -39.72
CA THR EB 145 -53.76 -114.70 -40.52
C THR EB 145 -53.09 -115.90 -39.87
N GLY EB 146 -53.24 -116.05 -38.55
CA GLY EB 146 -52.74 -117.23 -37.86
C GLY EB 146 -53.53 -118.47 -38.23
N SER EB 147 -54.80 -118.27 -38.60
CA SER EB 147 -55.69 -119.34 -39.04
C SER EB 147 -55.66 -119.46 -40.57
N GLY EB 148 -55.62 -118.30 -41.25
CA GLY EB 148 -55.70 -118.26 -42.69
C GLY EB 148 -54.43 -118.80 -43.36
N LEU EB 149 -53.30 -118.18 -43.03
CA LEU EB 149 -52.03 -118.61 -43.60
C LEU EB 149 -51.59 -119.95 -43.02
N GLY EB 150 -52.10 -120.28 -41.81
CA GLY EB 150 -51.81 -121.57 -41.17
C GLY EB 150 -52.31 -122.73 -42.02
N CYS EB 151 -53.47 -122.54 -42.65
CA CYS EB 151 -54.00 -123.50 -43.61
C CYS EB 151 -53.07 -123.61 -44.83
N LEU EB 152 -52.80 -122.45 -45.44
CA LEU EB 152 -52.22 -122.45 -46.77
C LEU EB 152 -50.73 -122.83 -46.75
N LEU EB 153 -50.03 -122.41 -45.70
CA LEU EB 153 -48.61 -122.72 -45.59
C LEU EB 153 -48.41 -124.22 -45.32
N LEU EB 154 -49.30 -124.81 -44.53
CA LEU EB 154 -49.15 -126.23 -44.22
C LEU EB 154 -49.49 -127.10 -45.42
N GLU EB 155 -50.37 -126.60 -46.29
CA GLU EB 155 -50.69 -127.28 -47.55
C GLU EB 155 -49.44 -127.34 -48.44
N ARG EB 156 -48.73 -126.22 -48.53
CA ARG EB 156 -47.52 -126.12 -49.35
C ARG EB 156 -46.37 -126.96 -48.78
N LEU EB 157 -46.28 -127.05 -47.45
CA LEU EB 157 -45.21 -127.84 -46.85
C LEU EB 157 -45.50 -129.33 -46.91
N SER EB 158 -46.79 -129.68 -47.00
CA SER EB 158 -47.15 -131.09 -47.09
C SER EB 158 -46.81 -131.66 -48.48
N VAL EB 159 -47.12 -130.87 -49.52
CA VAL EB 159 -46.89 -131.28 -50.89
C VAL EB 159 -45.40 -131.29 -51.23
N ASP EB 160 -44.62 -130.43 -50.56
CA ASP EB 160 -43.21 -130.26 -50.89
C ASP EB 160 -42.33 -131.23 -50.11
N TYR EB 161 -42.40 -131.16 -48.77
CA TYR EB 161 -41.68 -132.07 -47.90
C TYR EB 161 -42.65 -133.10 -47.36
N GLY EB 162 -42.84 -134.13 -48.19
CA GLY EB 162 -43.66 -135.27 -47.84
C GLY EB 162 -43.05 -136.08 -46.68
N LYS EB 163 -41.70 -136.06 -46.50
CA LYS EB 163 -40.74 -136.45 -45.50
C LYS EB 163 -41.15 -136.27 -44.01
N LYS EB 164 -42.17 -135.45 -43.64
CA LYS EB 164 -41.81 -134.43 -42.67
C LYS EB 164 -42.64 -134.52 -41.41
N SER EB 165 -42.01 -134.28 -40.26
CA SER EB 165 -42.69 -134.17 -38.98
C SER EB 165 -43.02 -132.70 -38.75
N LYS EB 166 -44.31 -132.41 -38.56
CA LYS EB 166 -44.76 -131.03 -38.44
C LYS EB 166 -45.43 -130.81 -37.08
N LEU EB 167 -44.69 -130.21 -36.14
CA LEU EB 167 -45.25 -129.82 -34.86
C LEU EB 167 -45.94 -128.46 -35.01
N ASN EB 168 -47.11 -128.36 -34.38
CA ASN EB 168 -47.92 -127.15 -34.43
C ASN EB 168 -48.25 -126.78 -33.00
N PHE EB 169 -47.82 -125.58 -32.59
CA PHE EB 169 -48.18 -125.04 -31.30
C PHE EB 169 -49.34 -124.07 -31.49
N CYS EB 170 -50.49 -124.43 -30.91
CA CYS EB 170 -51.71 -123.68 -31.10
C CYS EB 170 -52.04 -122.91 -29.82
N SER EB 171 -52.27 -121.60 -30.00
CA SER EB 171 -52.74 -120.75 -28.91
C SER EB 171 -54.26 -120.71 -28.96
N TRP EB 172 -54.86 -121.80 -28.47
CA TRP EB 172 -56.29 -122.03 -28.60
C TRP EB 172 -57.07 -121.02 -27.76
N PRO EB 173 -58.22 -120.52 -28.26
CA PRO EB 173 -59.07 -119.63 -27.48
C PRO EB 173 -59.59 -120.29 -26.19
N SER EB 174 -59.83 -119.45 -25.20
CA SER EB 174 -60.20 -119.88 -23.86
C SER EB 174 -61.70 -120.20 -23.80
N PRO EB 175 -62.18 -121.03 -22.84
CA PRO EB 175 -63.63 -121.21 -22.64
C PRO EB 175 -64.43 -119.92 -22.39
N GLN EB 176 -63.93 -119.04 -21.51
CA GLN EB 176 -64.74 -117.97 -20.96
C GLN EB 176 -64.26 -116.58 -21.39
N VAL EB 177 -62.99 -116.50 -21.81
CA VAL EB 177 -62.42 -115.23 -22.22
C VAL EB 177 -61.90 -115.39 -23.64
N SER EB 178 -62.35 -114.52 -24.53
CA SER EB 178 -62.02 -114.74 -25.93
C SER EB 178 -61.39 -113.50 -26.55
N THR EB 179 -61.97 -112.32 -26.25
CA THR EB 179 -61.57 -111.01 -26.73
C THR EB 179 -61.74 -110.88 -28.25
N ALA EB 180 -62.67 -111.66 -28.81
CA ALA EB 180 -63.23 -111.46 -30.13
C ALA EB 180 -64.53 -112.26 -30.19
N VAL EB 181 -65.27 -112.06 -31.28
CA VAL EB 181 -66.60 -112.63 -31.43
C VAL EB 181 -66.63 -113.59 -32.62
N VAL EB 182 -65.62 -113.57 -33.47
CA VAL EB 182 -65.61 -114.38 -34.68
C VAL EB 182 -64.86 -115.69 -34.44
N GLU EB 183 -64.39 -115.91 -33.21
CA GLU EB 183 -63.51 -117.03 -32.92
C GLU EB 183 -64.21 -118.39 -32.93
N PRO EB 184 -65.51 -118.52 -32.61
CA PRO EB 184 -66.21 -119.76 -32.96
C PRO EB 184 -66.13 -120.10 -34.44
N TYR EB 185 -66.12 -119.09 -35.32
CA TYR EB 185 -65.92 -119.36 -36.73
C TYR EB 185 -64.47 -119.70 -37.04
N ASN EB 186 -63.52 -118.96 -36.46
CA ASN EB 186 -62.10 -119.09 -36.80
C ASN EB 186 -61.56 -120.44 -36.34
N SER EB 187 -62.01 -120.91 -35.16
CA SER EB 187 -61.44 -122.10 -34.56
C SER EB 187 -61.96 -123.36 -35.22
N VAL EB 188 -63.25 -123.36 -35.60
CA VAL EB 188 -63.85 -124.53 -36.25
C VAL EB 188 -63.26 -124.67 -37.66
N LEU EB 189 -63.09 -123.55 -38.36
CA LEU EB 189 -62.52 -123.58 -39.70
C LEU EB 189 -61.02 -123.88 -39.67
N SER EB 190 -60.35 -123.60 -38.55
CA SER EB 190 -58.92 -123.89 -38.42
C SER EB 190 -58.69 -125.40 -38.30
N THR EB 191 -59.49 -126.03 -37.43
CA THR EB 191 -59.27 -127.42 -37.07
C THR EB 191 -59.60 -128.38 -38.22
N HIS EB 192 -60.35 -127.92 -39.22
CA HIS EB 192 -60.43 -128.68 -40.46
C HIS EB 192 -59.06 -128.78 -41.12
N SER EB 193 -58.40 -127.64 -41.25
CA SER EB 193 -57.11 -127.61 -41.93
C SER EB 193 -56.03 -128.24 -41.06
N LEU EB 194 -56.19 -128.11 -39.73
CA LEU EB 194 -55.21 -128.61 -38.78
C LEU EB 194 -55.21 -130.14 -38.79
N LEU EB 195 -56.38 -130.76 -38.95
CA LEU EB 195 -56.49 -132.21 -38.87
C LEU EB 195 -55.71 -132.92 -39.96
N GLU EB 196 -55.82 -132.39 -41.18
CA GLU EB 196 -55.34 -133.12 -42.34
C GLU EB 196 -53.88 -132.79 -42.62
N HIS EB 197 -53.35 -131.70 -42.02
CA HIS EB 197 -52.08 -131.14 -42.48
C HIS EB 197 -50.97 -131.17 -41.43
N THR EB 198 -51.36 -131.24 -40.14
CA THR EB 198 -50.34 -131.24 -39.11
C THR EB 198 -50.10 -132.65 -38.58
N ASP EB 199 -49.03 -132.78 -37.80
CA ASP EB 199 -48.51 -134.08 -37.40
C ASP EB 199 -48.64 -134.26 -35.88
N VAL EB 200 -48.20 -133.27 -35.09
CA VAL EB 200 -48.48 -133.21 -33.66
C VAL EB 200 -48.92 -131.79 -33.32
N ALA EB 201 -50.11 -131.69 -32.71
CA ALA EB 201 -50.67 -130.41 -32.29
C ALA EB 201 -50.73 -130.34 -30.77
N VAL EB 202 -50.22 -129.22 -30.24
CA VAL EB 202 -50.22 -128.98 -28.80
C VAL EB 202 -51.06 -127.73 -28.53
N MET EB 203 -52.05 -127.88 -27.64
CA MET EB 203 -53.00 -126.79 -27.39
C MET EB 203 -52.59 -126.00 -26.15
N LEU EB 204 -52.55 -124.67 -26.30
CA LEU EB 204 -52.22 -123.76 -25.22
C LEU EB 204 -53.38 -122.77 -25.09
N ASP EB 205 -53.95 -122.69 -23.89
CA ASP EB 205 -54.98 -121.71 -23.60
C ASP EB 205 -54.37 -120.54 -22.85
N ASN EB 206 -54.84 -119.32 -23.14
CA ASN EB 206 -54.27 -118.13 -22.53
C ASN EB 206 -54.69 -118.01 -21.07
N GLU EB 207 -55.94 -118.30 -20.73
CA GLU EB 207 -56.39 -118.10 -19.35
C GLU EB 207 -55.90 -119.23 -18.44
N ALA EB 208 -55.40 -120.33 -19.02
CA ALA EB 208 -54.65 -121.31 -18.25
C ALA EB 208 -53.36 -120.68 -17.73
N ILE EB 209 -52.59 -120.05 -18.62
CA ILE EB 209 -51.34 -119.41 -18.24
C ILE EB 209 -51.63 -118.17 -17.40
N TYR EB 210 -52.84 -117.61 -17.51
CA TYR EB 210 -53.22 -116.48 -16.68
C TYR EB 210 -53.38 -116.88 -15.22
N ASP EB 211 -54.02 -118.03 -15.00
CA ASP EB 211 -54.31 -118.44 -13.63
C ASP EB 211 -53.19 -119.30 -13.04
N ILE EB 212 -52.32 -119.88 -13.86
CA ILE EB 212 -51.10 -120.45 -13.32
C ILE EB 212 -50.21 -119.32 -12.78
N CYS EB 213 -50.17 -118.19 -13.53
CA CYS EB 213 -49.42 -117.00 -13.14
C CYS EB 213 -49.94 -116.42 -11.83
N ARG EB 214 -51.25 -116.55 -11.59
CA ARG EB 214 -51.82 -115.94 -10.41
C ARG EB 214 -51.51 -116.76 -9.15
N ARG EB 215 -51.57 -118.08 -9.22
CA ARG EB 215 -51.35 -118.89 -8.02
C ARG EB 215 -49.89 -119.21 -7.78
N ASN EB 216 -49.15 -119.57 -8.84
CA ASN EB 216 -47.79 -120.05 -8.68
C ASN EB 216 -46.78 -118.91 -8.61
N LEU EB 217 -47.11 -117.74 -9.18
CA LEU EB 217 -46.19 -116.62 -9.14
C LEU EB 217 -46.71 -115.47 -8.29
N ASP EB 218 -48.01 -115.45 -8.01
CA ASP EB 218 -48.67 -114.34 -7.32
C ASP EB 218 -48.52 -113.05 -8.10
N ILE EB 219 -48.65 -113.16 -9.43
CA ILE EB 219 -48.76 -112.01 -10.29
C ILE EB 219 -50.22 -111.91 -10.74
N GLU EB 220 -50.84 -110.78 -10.39
CA GLU EB 220 -52.17 -110.42 -10.87
C GLU EB 220 -52.07 -109.39 -12.01
N ARG EB 221 -50.85 -109.13 -12.50
CA ARG EB 221 -50.67 -108.24 -13.63
C ARG EB 221 -49.78 -108.88 -14.71
N PRO EB 222 -50.09 -110.08 -15.24
CA PRO EB 222 -49.29 -110.54 -16.35
C PRO EB 222 -49.68 -109.85 -17.65
N THR EB 223 -48.65 -109.41 -18.38
CA THR EB 223 -48.83 -108.84 -19.71
C THR EB 223 -48.63 -110.00 -20.68
N TYR EB 224 -48.55 -109.74 -22.00
CA TYR EB 224 -48.16 -110.78 -22.92
C TYR EB 224 -46.71 -111.22 -22.80
N THR EB 225 -45.87 -110.44 -22.14
CA THR EB 225 -44.50 -110.87 -21.93
C THR EB 225 -44.43 -112.11 -21.03
N ASN EB 226 -45.10 -112.04 -19.88
CA ASN EB 226 -45.01 -113.08 -18.88
C ASN EB 226 -45.60 -114.40 -19.39
N LEU EB 227 -46.62 -114.33 -20.25
CA LEU EB 227 -47.17 -115.53 -20.85
C LEU EB 227 -46.18 -116.12 -21.85
N ASN EB 228 -45.49 -115.25 -22.60
CA ASN EB 228 -44.63 -115.69 -23.67
C ASN EB 228 -43.34 -116.28 -23.13
N ARG EB 229 -42.90 -115.82 -21.95
CA ARG EB 229 -41.73 -116.40 -21.29
C ARG EB 229 -42.03 -117.83 -20.90
N LEU EB 230 -43.27 -118.07 -20.44
CA LEU EB 230 -43.65 -119.38 -19.96
C LEU EB 230 -43.78 -120.37 -21.12
N ILE EB 231 -44.27 -119.91 -22.28
CA ILE EB 231 -44.40 -120.78 -23.44
C ILE EB 231 -43.02 -121.14 -23.98
N ALA EB 232 -42.09 -120.17 -23.92
CA ALA EB 232 -40.72 -120.37 -24.38
C ALA EB 232 -40.00 -121.41 -23.53
N GLN EB 233 -40.23 -121.39 -22.20
CA GLN EB 233 -39.61 -122.34 -21.27
C GLN EB 233 -40.14 -123.74 -21.53
N VAL EB 234 -41.41 -123.84 -21.96
CA VAL EB 234 -42.04 -125.12 -22.27
C VAL EB 234 -41.36 -125.72 -23.50
N ILE EB 235 -41.14 -124.88 -24.52
CA ILE EB 235 -40.65 -125.39 -25.79
C ILE EB 235 -39.12 -125.47 -25.78
N SER EB 236 -38.49 -124.75 -24.86
CA SER EB 236 -37.06 -124.92 -24.66
C SER EB 236 -36.78 -126.31 -24.07
N SER EB 237 -37.64 -126.75 -23.15
CA SER EB 237 -37.51 -128.06 -22.52
C SER EB 237 -37.98 -129.18 -23.45
N LEU EB 238 -38.85 -128.87 -24.43
CA LEU EB 238 -39.27 -129.86 -25.40
C LEU EB 238 -38.12 -130.28 -26.33
N THR EB 239 -37.29 -129.30 -26.69
CA THR EB 239 -36.20 -129.52 -27.63
C THR EB 239 -34.86 -129.57 -26.90
N ALA EB 240 -34.87 -129.73 -25.57
CA ALA EB 240 -33.64 -129.75 -24.79
C ALA EB 240 -32.80 -130.99 -25.08
N SER EB 241 -33.50 -132.10 -25.34
CA SER EB 241 -32.85 -133.36 -25.61
C SER EB 241 -32.11 -133.32 -26.95
N LEU EB 242 -32.66 -132.57 -27.92
CA LEU EB 242 -32.06 -132.51 -29.24
C LEU EB 242 -30.77 -131.68 -29.22
N ARG EB 243 -30.66 -130.77 -28.25
CA ARG EB 243 -29.60 -129.78 -28.26
C ARG EB 243 -28.44 -130.17 -27.35
N PHE EB 244 -28.75 -130.85 -26.24
CA PHE EB 244 -27.73 -131.22 -25.28
C PHE EB 244 -27.78 -132.70 -24.96
N ASP EB 245 -26.77 -133.17 -24.23
CA ASP EB 245 -26.62 -134.56 -23.82
C ASP EB 245 -27.56 -134.86 -22.67
N GLY EB 246 -27.89 -136.13 -22.50
CA GLY EB 246 -28.72 -136.54 -21.37
C GLY EB 246 -28.64 -138.03 -21.09
N ALA EB 247 -29.12 -138.42 -19.90
CA ALA EB 247 -29.14 -139.82 -19.50
C ALA EB 247 -30.09 -140.65 -20.37
N LEU EB 248 -31.29 -140.11 -20.65
CA LEU EB 248 -32.28 -140.82 -21.41
C LEU EB 248 -33.08 -139.82 -22.23
N ASN EB 249 -32.68 -139.61 -23.50
CA ASN EB 249 -33.18 -138.48 -24.28
C ASN EB 249 -34.11 -138.93 -25.41
N VAL EB 250 -34.89 -138.00 -26.00
CA VAL EB 250 -35.79 -138.34 -27.09
C VAL EB 250 -35.93 -137.15 -28.05
N ASP EB 251 -35.91 -137.43 -29.37
CA ASP EB 251 -36.08 -136.37 -30.37
C ASP EB 251 -37.56 -136.22 -30.72
N VAL EB 252 -37.84 -135.38 -31.72
CA VAL EB 252 -39.18 -135.02 -32.13
C VAL EB 252 -39.88 -136.16 -32.89
N THR EB 253 -39.13 -137.12 -33.43
CA THR EB 253 -39.73 -138.18 -34.24
C THR EB 253 -40.42 -139.21 -33.36
N GLU EB 254 -39.87 -139.48 -32.17
CA GLU EB 254 -40.38 -140.52 -31.29
C GLU EB 254 -41.60 -140.07 -30.47
N PHE EB 255 -42.01 -138.80 -30.63
CA PHE EB 255 -43.27 -138.32 -30.04
C PHE EB 255 -44.48 -138.99 -30.69
N GLN EB 256 -44.40 -139.17 -32.02
CA GLN EB 256 -45.45 -139.81 -32.81
C GLN EB 256 -45.68 -141.24 -32.32
N THR EB 257 -44.61 -141.98 -32.07
CA THR EB 257 -44.73 -143.40 -31.75
C THR EB 257 -45.29 -143.59 -30.34
N ASN EB 258 -45.12 -142.59 -29.47
CA ASN EB 258 -45.32 -142.77 -28.04
C ASN EB 258 -46.41 -141.87 -27.46
N LEU EB 259 -47.10 -141.12 -28.32
CA LEU EB 259 -48.18 -140.27 -27.84
C LEU EB 259 -49.45 -140.36 -28.69
N VAL EB 260 -49.32 -140.86 -29.92
CA VAL EB 260 -50.38 -140.75 -30.91
C VAL EB 260 -50.78 -142.17 -31.32
N PRO EB 261 -51.79 -142.76 -30.66
CA PRO EB 261 -52.16 -144.14 -30.96
C PRO EB 261 -53.05 -144.28 -32.20
N TYR EB 262 -53.68 -143.20 -32.64
CA TYR EB 262 -54.51 -143.20 -33.84
C TYR EB 262 -54.28 -141.90 -34.60
N PRO EB 263 -54.41 -141.95 -35.96
CA PRO EB 263 -54.01 -140.85 -36.85
C PRO EB 263 -54.63 -139.50 -36.55
N ARG EB 264 -55.84 -139.52 -36.02
CA ARG EB 264 -56.56 -138.27 -35.82
C ARG EB 264 -56.34 -137.70 -34.42
N ILE EB 265 -56.11 -138.59 -33.46
CA ILE EB 265 -55.94 -138.17 -32.06
C ILE EB 265 -54.49 -137.73 -31.87
N HIS EB 266 -54.23 -136.45 -32.16
CA HIS EB 266 -52.90 -135.89 -31.92
C HIS EB 266 -52.99 -134.51 -31.28
N PHE EB 267 -53.89 -134.37 -30.31
CA PHE EB 267 -54.05 -133.13 -29.58
C PHE EB 267 -53.52 -133.33 -28.17
N MET EB 268 -52.55 -132.48 -27.80
CA MET EB 268 -51.78 -132.72 -26.60
C MET EB 268 -51.99 -131.55 -25.62
N LEU EB 269 -51.79 -131.87 -24.33
CA LEU EB 269 -51.81 -130.88 -23.27
C LEU EB 269 -50.40 -130.67 -22.75
N SER EB 270 -50.21 -129.62 -21.94
CA SER EB 270 -48.90 -129.32 -21.40
C SER EB 270 -48.99 -128.93 -19.93
N SER EB 271 -47.94 -129.25 -19.17
CA SER EB 271 -47.84 -128.83 -17.79
C SER EB 271 -46.37 -128.75 -17.42
N TYR EB 272 -45.98 -127.59 -16.88
CA TYR EB 272 -44.60 -127.36 -16.49
C TYR EB 272 -44.53 -127.19 -14.99
N ALA EB 273 -43.54 -127.80 -14.35
CA ALA EB 273 -43.39 -127.71 -12.92
C ALA EB 273 -41.91 -127.91 -12.60
N PRO EB 274 -41.34 -127.09 -11.68
CA PRO EB 274 -42.08 -126.07 -10.93
C PRO EB 274 -42.03 -124.71 -11.58
N ILE EB 275 -43.16 -123.99 -11.53
CA ILE EB 275 -43.13 -122.60 -11.93
C ILE EB 275 -43.18 -121.75 -10.67
N ILE EB 276 -42.02 -121.42 -10.11
CA ILE EB 276 -41.94 -120.78 -8.81
C ILE EB 276 -40.97 -119.60 -8.88
N SER EB 277 -41.10 -118.66 -7.91
CA SER EB 277 -40.37 -117.41 -7.89
C SER EB 277 -39.21 -117.46 -6.90
N ALA EB 278 -38.53 -116.31 -6.68
CA ALA EB 278 -37.38 -116.21 -5.78
C ALA EB 278 -37.80 -116.35 -4.33
N GLU EB 279 -39.06 -116.00 -4.02
CA GLU EB 279 -39.56 -116.17 -2.67
C GLU EB 279 -39.80 -117.64 -2.35
N LYS EB 280 -40.12 -118.46 -3.36
CA LYS EB 280 -40.51 -119.85 -3.14
C LYS EB 280 -39.33 -120.80 -3.27
N ALA EB 281 -38.45 -120.58 -4.27
CA ALA EB 281 -37.31 -121.47 -4.53
C ALA EB 281 -36.32 -121.46 -3.36
N TYR EB 282 -36.35 -120.38 -2.59
CA TYR EB 282 -35.58 -120.25 -1.38
C TYR EB 282 -35.98 -121.32 -0.35
N HIS EB 283 -37.25 -121.76 -0.36
CA HIS EB 283 -37.76 -122.59 0.72
C HIS EB 283 -38.16 -124.00 0.29
N GLU EB 284 -38.55 -124.20 -0.98
CA GLU EB 284 -38.78 -125.55 -1.47
C GLU EB 284 -37.46 -126.29 -1.72
N GLN EB 285 -37.42 -127.57 -1.33
CA GLN EB 285 -36.67 -128.57 -2.06
C GLN EB 285 -37.49 -128.92 -3.29
N LEU EB 286 -36.80 -129.31 -4.36
CA LEU EB 286 -37.51 -129.58 -5.59
C LEU EB 286 -37.22 -131.00 -6.06
N SER EB 287 -37.51 -131.98 -5.19
CA SER EB 287 -37.20 -133.37 -5.49
C SER EB 287 -38.00 -133.84 -6.69
N VAL EB 288 -37.53 -134.96 -7.24
CA VAL EB 288 -38.11 -135.49 -8.46
C VAL EB 288 -39.54 -135.95 -8.19
N ALA EB 289 -39.80 -136.49 -7.00
CA ALA EB 289 -41.14 -136.89 -6.58
C ALA EB 289 -42.04 -135.67 -6.41
N GLU EB 290 -41.46 -134.55 -5.96
CA GLU EB 290 -42.26 -133.40 -5.61
C GLU EB 290 -42.76 -132.67 -6.87
N ILE EB 291 -41.88 -132.51 -7.86
CA ILE EB 291 -42.24 -131.74 -9.04
C ILE EB 291 -43.12 -132.56 -9.98
N THR EB 292 -43.03 -133.89 -9.89
CA THR EB 292 -43.87 -134.73 -10.71
C THR EB 292 -45.29 -134.82 -10.15
N ASN EB 293 -45.45 -134.49 -8.86
CA ASN EB 293 -46.79 -134.42 -8.29
C ASN EB 293 -47.51 -133.17 -8.80
N SER EB 294 -46.79 -132.04 -8.83
CA SER EB 294 -47.36 -130.78 -9.28
C SER EB 294 -47.59 -130.78 -10.79
N ALA EB 295 -46.86 -131.65 -11.52
CA ALA EB 295 -47.07 -131.81 -12.96
C ALA EB 295 -48.43 -132.44 -13.26
N PHE EB 296 -48.83 -133.43 -12.46
CA PHE EB 296 -50.08 -134.15 -12.69
C PHE EB 296 -51.28 -133.47 -12.03
N GLU EB 297 -51.03 -132.35 -11.34
CA GLU EB 297 -52.09 -131.58 -10.73
C GLU EB 297 -52.95 -130.98 -11.84
N PRO EB 298 -54.30 -131.16 -11.78
CA PRO EB 298 -55.20 -130.73 -12.86
C PRO EB 298 -55.23 -129.21 -13.05
N ALA EB 299 -55.01 -128.44 -11.99
CA ALA EB 299 -55.09 -126.99 -12.07
C ALA EB 299 -53.81 -126.42 -12.66
N SER EB 300 -52.70 -127.17 -12.57
CA SER EB 300 -51.40 -126.74 -13.06
C SER EB 300 -51.25 -127.10 -14.55
N MET EB 301 -52.28 -127.74 -15.12
CA MET EB 301 -52.37 -128.01 -16.56
C MET EB 301 -52.48 -126.67 -17.26
N MET EB 302 -51.96 -126.62 -18.48
CA MET EB 302 -51.83 -125.33 -19.13
C MET EB 302 -52.68 -125.34 -20.40
N ALA EB 303 -53.95 -125.74 -20.22
CA ALA EB 303 -54.90 -125.77 -21.33
C ALA EB 303 -56.34 -125.46 -20.91
N LYS EB 304 -56.62 -125.25 -19.61
CA LYS EB 304 -57.98 -125.13 -19.08
C LYS EB 304 -58.91 -126.26 -19.56
N CYS EB 305 -58.53 -127.50 -19.29
CA CYS EB 305 -59.37 -128.66 -19.52
C CYS EB 305 -59.02 -129.69 -18.46
N ASP EB 306 -59.88 -129.77 -17.43
CA ASP EB 306 -59.57 -130.52 -16.22
C ASP EB 306 -59.55 -132.01 -16.57
N PRO EB 307 -58.40 -132.72 -16.39
CA PRO EB 307 -58.35 -134.13 -16.76
C PRO EB 307 -58.99 -135.15 -15.81
N ARG EB 308 -59.75 -134.67 -14.82
CA ARG EB 308 -60.38 -135.59 -13.87
C ARG EB 308 -61.47 -136.40 -14.55
N HIS EB 309 -62.15 -135.81 -15.54
CA HIS EB 309 -63.25 -136.51 -16.20
C HIS EB 309 -62.81 -137.09 -17.54
N GLY EB 310 -61.52 -137.43 -17.64
CA GLY EB 310 -60.97 -138.03 -18.85
C GLY EB 310 -60.07 -139.21 -18.46
N LYS EB 311 -59.52 -139.87 -19.48
CA LYS EB 311 -58.68 -141.03 -19.27
C LYS EB 311 -57.40 -140.81 -20.06
N TYR EB 312 -56.25 -140.83 -19.37
CA TYR EB 312 -54.95 -140.56 -19.97
C TYR EB 312 -54.59 -141.70 -20.94
N MET EB 313 -54.58 -141.33 -22.23
CA MET EB 313 -54.30 -142.30 -23.27
C MET EB 313 -52.81 -142.64 -23.24
N ALA EB 314 -51.97 -141.61 -23.15
CA ALA EB 314 -50.52 -141.74 -23.12
C ALA EB 314 -49.96 -140.47 -22.47
N CYS EB 315 -48.76 -140.57 -21.89
CA CYS EB 315 -48.21 -139.44 -21.17
C CYS EB 315 -46.69 -139.44 -21.32
N CYS EB 316 -46.17 -138.26 -21.65
CA CYS EB 316 -44.75 -138.07 -21.89
C CYS EB 316 -44.20 -137.06 -20.89
N LEU EB 317 -43.11 -137.42 -20.21
CA LEU EB 317 -42.50 -136.57 -19.21
C LEU EB 317 -41.08 -136.21 -19.64
N MET EB 318 -40.72 -134.93 -19.43
CA MET EB 318 -39.40 -134.42 -19.77
C MET EB 318 -38.75 -133.82 -18.53
N TYR EB 319 -37.93 -134.61 -17.86
CA TYR EB 319 -37.13 -134.08 -16.75
C TYR EB 319 -35.93 -133.35 -17.31
N ARG EB 320 -35.59 -132.24 -16.66
CA ARG EB 320 -34.56 -131.34 -17.13
C ARG EB 320 -33.83 -130.80 -15.91
N GLY EB 321 -32.61 -131.29 -15.70
CA GLY EB 321 -31.80 -130.81 -14.59
C GLY EB 321 -31.03 -131.93 -13.89
N ASP EB 322 -30.73 -131.70 -12.62
CA ASP EB 322 -29.98 -132.62 -11.79
C ASP EB 322 -30.87 -133.81 -11.42
N VAL EB 323 -31.21 -134.67 -12.37
CA VAL EB 323 -32.19 -135.72 -12.15
C VAL EB 323 -31.54 -137.08 -12.34
N VAL EB 324 -31.67 -137.92 -11.32
CA VAL EB 324 -31.11 -139.25 -11.36
C VAL EB 324 -32.20 -140.23 -11.77
N PRO EB 325 -31.88 -141.28 -12.55
CA PRO EB 325 -32.89 -142.19 -13.09
C PRO EB 325 -33.72 -142.98 -12.08
N LYS EB 326 -33.16 -143.27 -10.89
CA LYS EB 326 -33.81 -144.09 -9.86
C LYS EB 326 -34.99 -143.32 -9.27
N ASP EB 327 -34.85 -141.99 -9.14
CA ASP EB 327 -35.89 -141.18 -8.52
C ASP EB 327 -37.08 -141.03 -9.48
N VAL EB 328 -36.82 -141.12 -10.80
CA VAL EB 328 -37.91 -141.04 -11.78
C VAL EB 328 -38.80 -142.28 -11.70
N ASN EB 329 -38.18 -143.46 -11.64
CA ASN EB 329 -38.90 -144.73 -11.68
C ASN EB 329 -39.79 -144.87 -10.44
N ALA EB 330 -39.30 -144.41 -9.28
CA ALA EB 330 -40.09 -144.46 -8.06
C ALA EB 330 -41.23 -143.45 -8.13
N ALA EB 331 -40.96 -142.28 -8.73
CA ALA EB 331 -41.93 -141.19 -8.79
C ALA EB 331 -43.09 -141.57 -9.72
N VAL EB 332 -42.77 -142.24 -10.84
CA VAL EB 332 -43.78 -142.68 -11.80
C VAL EB 332 -44.58 -143.81 -11.18
N ALA EB 333 -43.94 -144.71 -10.45
CA ALA EB 333 -44.60 -145.84 -9.81
C ALA EB 333 -45.56 -145.38 -8.71
N THR EB 334 -45.26 -144.23 -8.08
CA THR EB 334 -46.18 -143.64 -7.13
C THR EB 334 -47.43 -143.14 -7.84
N ILE EB 335 -47.27 -142.59 -9.04
CA ILE EB 335 -48.37 -142.03 -9.81
C ILE EB 335 -49.30 -143.16 -10.29
N LYS EB 336 -48.75 -144.30 -10.71
CA LYS EB 336 -49.57 -145.41 -11.18
C LYS EB 336 -50.35 -146.03 -10.04
N THR EB 337 -49.77 -146.05 -8.83
CA THR EB 337 -50.44 -146.61 -7.66
C THR EB 337 -51.65 -145.76 -7.28
N LYS EB 338 -51.48 -144.42 -7.36
CA LYS EB 338 -52.51 -143.46 -7.01
C LYS EB 338 -53.68 -143.63 -7.95
N ARG EB 339 -54.89 -143.42 -7.40
CA ARG EB 339 -56.06 -143.66 -8.23
C ARG EB 339 -56.82 -142.41 -8.64
N THR EB 340 -56.29 -141.23 -8.33
CA THR EB 340 -56.77 -139.94 -8.81
C THR EB 340 -56.79 -139.80 -10.33
N ILE EB 341 -55.73 -140.33 -10.95
CA ILE EB 341 -55.65 -140.33 -12.39
C ILE EB 341 -56.45 -141.53 -12.87
N GLN EB 342 -56.66 -141.62 -14.18
CA GLN EB 342 -57.24 -142.81 -14.80
C GLN EB 342 -56.50 -143.14 -16.09
N PHE EB 343 -55.92 -144.35 -16.08
CA PHE EB 343 -55.28 -144.86 -17.29
C PHE EB 343 -56.23 -145.77 -18.01
N VAL EB 344 -56.14 -145.70 -19.36
CA VAL EB 344 -57.06 -146.45 -20.18
C VAL EB 344 -56.66 -147.91 -20.10
N ASP EB 345 -57.58 -148.81 -20.41
CA ASP EB 345 -57.35 -150.22 -20.19
C ASP EB 345 -56.31 -150.80 -21.16
N TRP EB 346 -56.27 -150.29 -22.40
CA TRP EB 346 -55.41 -150.89 -23.40
C TRP EB 346 -54.07 -150.17 -23.55
N CYS EB 347 -53.74 -149.30 -22.59
CA CYS EB 347 -52.40 -148.73 -22.49
C CYS EB 347 -51.90 -148.86 -21.05
N PRO EB 348 -51.50 -150.06 -20.59
CA PRO EB 348 -51.00 -150.17 -19.22
C PRO EB 348 -49.65 -149.47 -19.02
N THR EB 349 -48.70 -149.56 -19.99
CA THR EB 349 -47.47 -148.77 -19.86
C THR EB 349 -47.71 -147.35 -20.37
N GLY EB 350 -48.27 -146.55 -19.48
CA GLY EB 350 -48.75 -145.22 -19.87
C GLY EB 350 -47.74 -144.07 -19.89
N PHE EB 351 -46.43 -144.38 -19.81
CA PHE EB 351 -45.44 -143.33 -19.63
C PHE EB 351 -44.32 -143.44 -20.65
N LYS EB 352 -43.66 -142.30 -20.82
CA LYS EB 352 -42.33 -142.24 -21.41
C LYS EB 352 -41.52 -141.24 -20.60
N CYS EB 353 -40.54 -141.80 -19.89
CA CYS EB 353 -39.67 -141.03 -19.02
C CYS EB 353 -38.62 -140.34 -19.90
N GLY EB 354 -38.00 -139.24 -19.44
CA GLY EB 354 -36.93 -138.59 -20.18
C GLY EB 354 -36.06 -137.64 -19.35
N ILE EB 355 -34.74 -137.73 -19.50
CA ILE EB 355 -33.80 -136.95 -18.69
C ILE EB 355 -32.89 -136.13 -19.60
N ASN EB 356 -32.63 -134.89 -19.19
CA ASN EB 356 -31.60 -134.05 -19.79
C ASN EB 356 -30.79 -133.38 -18.68
N TYR EB 357 -29.51 -133.09 -18.92
CA TYR EB 357 -28.63 -132.68 -17.84
C TYR EB 357 -28.64 -131.19 -17.57
N GLN EB 358 -28.68 -130.39 -18.64
CA GLN EB 358 -28.51 -128.96 -18.47
C GLN EB 358 -29.77 -128.36 -17.85
N PRO EB 359 -29.65 -127.61 -16.73
CA PRO EB 359 -30.81 -127.08 -16.03
C PRO EB 359 -31.53 -126.02 -16.85
N PRO EB 360 -32.84 -125.74 -16.60
CA PRO EB 360 -33.53 -124.68 -17.35
C PRO EB 360 -32.91 -123.31 -17.12
N THR EB 361 -32.55 -122.65 -18.22
CA THR EB 361 -31.92 -121.34 -18.16
C THR EB 361 -32.97 -120.29 -17.81
N VAL EB 362 -32.46 -119.15 -17.35
CA VAL EB 362 -33.31 -118.09 -16.82
C VAL EB 362 -33.05 -116.82 -17.62
N VAL EB 363 -34.12 -116.06 -17.80
CA VAL EB 363 -34.04 -114.74 -18.40
C VAL EB 363 -33.77 -113.71 -17.29
N PRO EB 364 -32.63 -112.99 -17.36
CA PRO EB 364 -32.29 -111.99 -16.33
C PRO EB 364 -33.35 -110.90 -16.23
N GLY EB 365 -33.70 -110.56 -14.99
CA GLY EB 365 -34.80 -109.66 -14.68
C GLY EB 365 -36.17 -110.27 -14.94
N GLY EB 366 -36.21 -111.61 -15.11
CA GLY EB 366 -37.42 -112.34 -15.45
C GLY EB 366 -38.33 -112.62 -14.25
N ASP EB 367 -39.39 -113.40 -14.50
CA ASP EB 367 -40.32 -113.75 -13.44
C ASP EB 367 -40.09 -115.15 -12.88
N LEU EB 368 -39.40 -116.02 -13.63
CA LEU EB 368 -39.05 -117.35 -13.13
C LEU EB 368 -37.74 -117.26 -12.36
N ALA EB 369 -37.50 -118.26 -11.48
CA ALA EB 369 -36.26 -118.27 -10.71
C ALA EB 369 -35.36 -119.40 -11.18
N LYS EB 370 -34.13 -119.39 -10.68
CA LYS EB 370 -33.23 -120.51 -10.93
C LYS EB 370 -33.77 -121.75 -10.23
N VAL EB 371 -33.70 -122.86 -10.91
CA VAL EB 371 -34.38 -124.09 -10.51
C VAL EB 371 -33.47 -125.23 -10.92
N MET EB 372 -33.20 -126.15 -9.98
CA MET EB 372 -32.30 -127.27 -10.15
C MET EB 372 -32.84 -128.23 -11.22
N ARG EB 373 -34.15 -128.43 -11.20
CA ARG EB 373 -34.77 -129.47 -12.00
C ARG EB 373 -36.24 -129.15 -12.27
N ALA EB 374 -36.63 -129.24 -13.54
CA ALA EB 374 -38.01 -128.98 -13.96
C ALA EB 374 -38.53 -130.13 -14.81
N VAL EB 375 -39.86 -130.25 -14.87
CA VAL EB 375 -40.55 -131.25 -15.67
C VAL EB 375 -41.48 -130.54 -16.64
N CYS EB 376 -41.48 -131.01 -17.89
CA CYS EB 376 -42.49 -130.65 -18.86
C CYS EB 376 -43.22 -131.92 -19.28
N MET EB 377 -44.54 -131.89 -19.15
CA MET EB 377 -45.34 -133.08 -19.37
C MET EB 377 -46.30 -132.84 -20.53
N ILE EB 378 -46.21 -133.71 -21.54
CA ILE EB 378 -47.09 -133.64 -22.71
C ILE EB 378 -48.00 -134.87 -22.68
N SER EB 379 -49.31 -134.60 -22.57
CA SER EB 379 -50.29 -135.64 -22.30
C SER EB 379 -51.33 -135.74 -23.41
N ASN EB 380 -51.75 -136.98 -23.67
CA ASN EB 380 -52.90 -137.26 -24.50
C ASN EB 380 -53.98 -137.89 -23.62
N SER EB 381 -55.14 -137.24 -23.55
CA SER EB 381 -56.22 -137.72 -22.70
C SER EB 381 -57.56 -137.61 -23.44
N THR EB 382 -58.57 -138.29 -22.91
CA THR EB 382 -59.91 -138.24 -23.46
C THR EB 382 -60.71 -137.08 -22.87
N ALA EB 383 -60.03 -136.25 -22.07
CA ALA EB 383 -60.66 -135.06 -21.50
C ALA EB 383 -60.91 -134.01 -22.59
N ILE EB 384 -60.22 -134.12 -23.72
CA ILE EB 384 -60.31 -133.21 -24.85
C ILE EB 384 -61.69 -133.22 -25.53
N ALA EB 385 -62.56 -134.17 -25.15
CA ALA EB 385 -63.94 -134.17 -25.59
C ALA EB 385 -64.69 -132.90 -25.16
N GLU EB 386 -64.32 -132.31 -24.03
CA GLU EB 386 -65.03 -131.13 -23.54
C GLU EB 386 -64.57 -129.87 -24.27
N VAL EB 387 -63.28 -129.81 -24.61
CA VAL EB 387 -62.71 -128.57 -25.12
C VAL EB 387 -63.11 -128.37 -26.58
N PHE EB 388 -63.49 -129.46 -27.26
CA PHE EB 388 -63.95 -129.30 -28.63
C PHE EB 388 -65.47 -129.25 -28.69
N SER EB 389 -66.18 -129.95 -27.79
CA SER EB 389 -67.63 -129.91 -27.74
C SER EB 389 -68.14 -128.51 -27.35
N ARG EB 390 -67.35 -127.80 -26.53
CA ARG EB 390 -67.72 -126.47 -26.07
C ARG EB 390 -67.72 -125.49 -27.26
N MET EB 391 -66.71 -125.57 -28.11
CA MET EB 391 -66.67 -124.71 -29.28
C MET EB 391 -67.56 -125.25 -30.39
N ASP EB 392 -67.97 -126.52 -30.26
CA ASP EB 392 -69.00 -127.08 -31.12
C ASP EB 392 -70.33 -126.38 -30.83
N HIS EB 393 -70.60 -126.09 -29.55
CA HIS EB 393 -71.81 -125.39 -29.16
C HIS EB 393 -71.74 -123.93 -29.57
N LYS EB 394 -70.62 -123.24 -29.29
CA LYS EB 394 -70.50 -121.80 -29.50
C LYS EB 394 -70.70 -121.46 -30.98
N PHE EB 395 -70.16 -122.33 -31.84
CA PHE EB 395 -70.34 -122.20 -33.28
C PHE EB 395 -71.81 -122.38 -33.68
N ASP EB 396 -72.56 -123.19 -32.92
CA ASP EB 396 -73.95 -123.45 -33.21
C ASP EB 396 -74.87 -122.29 -32.85
N LEU EB 397 -74.52 -121.51 -31.80
CA LEU EB 397 -75.29 -120.31 -31.46
C LEU EB 397 -75.12 -119.28 -32.59
N MET EB 398 -73.87 -119.13 -33.02
CA MET EB 398 -73.54 -118.11 -34.01
C MET EB 398 -74.20 -118.45 -35.36
N TYR EB 399 -74.03 -119.71 -35.81
CA TYR EB 399 -74.49 -120.21 -37.09
C TYR EB 399 -75.99 -120.51 -37.09
N ALA EB 400 -76.68 -120.23 -35.98
CA ALA EB 400 -78.09 -120.56 -35.88
C ALA EB 400 -78.89 -119.74 -36.90
N LYS EB 401 -78.60 -118.44 -36.94
CA LYS EB 401 -79.26 -117.53 -37.87
C LYS EB 401 -78.22 -116.66 -38.56
N ARG EB 402 -77.04 -117.22 -38.81
CA ARG EB 402 -76.09 -116.70 -39.79
C ARG EB 402 -75.53 -115.31 -39.43
N ALA EB 403 -74.86 -115.24 -38.27
CA ALA EB 403 -74.18 -114.03 -37.84
C ALA EB 403 -72.71 -114.08 -38.27
N PHE EB 404 -72.20 -112.93 -38.73
CA PHE EB 404 -70.83 -112.76 -39.21
C PHE EB 404 -70.48 -113.78 -40.28
N VAL EB 405 -71.48 -114.15 -41.11
CA VAL EB 405 -71.27 -115.12 -42.16
C VAL EB 405 -71.01 -114.40 -43.46
N HIS EB 406 -71.61 -113.22 -43.56
CA HIS EB 406 -71.46 -112.36 -44.72
C HIS EB 406 -70.03 -111.85 -44.86
N TRP EB 407 -69.25 -111.81 -43.75
CA TRP EB 407 -67.86 -111.38 -43.74
C TRP EB 407 -66.93 -112.35 -44.46
N TYR EB 408 -67.44 -113.59 -44.60
CA TYR EB 408 -66.66 -114.68 -45.16
C TYR EB 408 -67.18 -115.01 -46.55
N VAL EB 409 -68.52 -115.13 -46.68
CA VAL EB 409 -69.13 -115.67 -47.89
C VAL EB 409 -68.90 -114.69 -49.04
N GLY EB 410 -69.23 -113.42 -48.80
CA GLY EB 410 -69.09 -112.39 -49.81
C GLY EB 410 -67.64 -111.99 -50.05
N GLU EB 411 -66.70 -112.59 -49.30
CA GLU EB 411 -65.32 -112.11 -49.29
C GLU EB 411 -64.39 -113.20 -49.82
N GLY EB 412 -64.96 -114.33 -50.27
CA GLY EB 412 -64.24 -115.19 -51.20
C GLY EB 412 -64.40 -116.69 -50.98
N MET EB 413 -65.11 -117.10 -49.92
CA MET EB 413 -65.33 -118.51 -49.66
C MET EB 413 -66.82 -118.83 -49.80
N GLU EB 414 -67.13 -120.10 -50.06
CA GLU EB 414 -68.47 -120.51 -50.41
C GLU EB 414 -69.22 -121.02 -49.19
N GLU EB 415 -70.53 -120.79 -49.18
CA GLU EB 415 -71.41 -121.25 -48.11
C GLU EB 415 -71.51 -122.78 -48.19
N GLY EB 416 -70.93 -123.44 -47.19
CA GLY EB 416 -70.91 -124.89 -47.17
C GLY EB 416 -69.60 -125.41 -46.59
N GLU EB 417 -68.57 -124.56 -46.65
CA GLU EB 417 -67.32 -124.85 -45.96
C GLU EB 417 -67.51 -124.74 -44.44
N PHE EB 418 -68.48 -123.92 -44.00
CA PHE EB 418 -68.83 -123.89 -42.59
C PHE EB 418 -69.50 -125.19 -42.19
N SER EB 419 -70.41 -125.72 -43.04
CA SER EB 419 -71.10 -126.96 -42.75
C SER EB 419 -70.16 -128.15 -42.89
N GLU EB 420 -69.25 -128.08 -43.87
CA GLU EB 420 -68.30 -129.16 -44.09
C GLU EB 420 -67.32 -129.24 -42.91
N ALA EB 421 -66.86 -128.09 -42.40
CA ALA EB 421 -66.00 -128.06 -41.24
C ALA EB 421 -66.76 -128.45 -39.97
N ARG EB 422 -68.08 -128.25 -39.95
CA ARG EB 422 -68.92 -128.64 -38.83
C ARG EB 422 -68.97 -130.16 -38.68
N GLU EB 423 -69.04 -130.88 -39.81
CA GLU EB 423 -69.09 -132.34 -39.78
C GLU EB 423 -67.75 -132.93 -39.35
N ASP EB 424 -66.66 -132.26 -39.70
CA ASP EB 424 -65.34 -132.71 -39.31
C ASP EB 424 -65.13 -132.53 -37.81
N LEU EB 425 -65.70 -131.46 -37.23
CA LEU EB 425 -65.67 -131.27 -35.80
C LEU EB 425 -66.61 -132.26 -35.11
N ALA EB 426 -67.72 -132.61 -35.78
CA ALA EB 426 -68.65 -133.59 -35.24
C ALA EB 426 -68.06 -135.00 -35.30
N ALA EB 427 -67.29 -135.29 -36.37
CA ALA EB 427 -66.67 -136.59 -36.54
C ALA EB 427 -65.59 -136.82 -35.48
N LEU EB 428 -64.93 -135.73 -35.05
CA LEU EB 428 -63.88 -135.82 -34.06
C LEU EB 428 -64.47 -136.15 -32.69
N GLU EB 429 -65.70 -135.65 -32.43
CA GLU EB 429 -66.34 -135.94 -31.16
C GLU EB 429 -66.75 -137.40 -31.07
N LYS EB 430 -67.21 -137.99 -32.17
CA LYS EB 430 -67.53 -139.41 -32.17
C LYS EB 430 -66.25 -140.21 -31.97
N ASP EB 431 -65.12 -139.69 -32.46
CA ASP EB 431 -63.86 -140.39 -32.39
C ASP EB 431 -63.32 -140.45 -30.96
N TYR EB 432 -63.27 -139.29 -30.26
CA TYR EB 432 -62.85 -139.20 -28.86
C TYR EB 432 -63.76 -140.01 -27.95
N GLU EB 433 -65.04 -140.03 -28.31
CA GLU EB 433 -66.00 -140.71 -27.46
C GLU EB 433 -65.86 -142.23 -27.56
N GLU EB 434 -65.66 -142.71 -28.78
CA GLU EB 434 -65.60 -144.16 -29.04
C GLU EB 434 -64.29 -144.78 -28.56
N VAL EB 435 -63.22 -143.99 -28.48
CA VAL EB 435 -61.92 -144.55 -28.14
C VAL EB 435 -61.88 -144.93 -26.65
N GLY EB 436 -62.40 -144.04 -25.80
CA GLY EB 436 -62.26 -144.18 -24.37
C GLY EB 436 -63.18 -145.22 -23.73
N ILE EB 437 -64.04 -145.85 -24.55
CA ILE EB 437 -65.00 -146.82 -24.02
C ILE EB 437 -64.28 -148.05 -23.46
N MET FB 1 -46.79 -97.27 -45.82
CA MET FB 1 -47.38 -98.14 -44.80
C MET FB 1 -48.89 -98.30 -45.04
N ARG FB 2 -49.72 -98.13 -43.99
CA ARG FB 2 -51.18 -98.12 -44.13
C ARG FB 2 -51.71 -96.69 -43.93
N GLU FB 3 -52.70 -96.24 -44.73
CA GLU FB 3 -53.02 -94.82 -44.76
C GLU FB 3 -54.52 -94.52 -44.66
N ILE FB 4 -54.84 -93.34 -44.13
CA ILE FB 4 -56.19 -92.81 -44.04
C ILE FB 4 -56.23 -91.42 -44.66
N VAL FB 5 -57.22 -91.17 -45.52
CA VAL FB 5 -57.43 -89.85 -46.08
C VAL FB 5 -58.63 -89.22 -45.38
N HIS FB 6 -58.41 -88.01 -44.84
CA HIS FB 6 -59.42 -87.33 -44.05
C HIS FB 6 -60.17 -86.32 -44.90
N VAL FB 7 -61.50 -86.32 -44.73
CA VAL FB 7 -62.38 -85.37 -45.40
C VAL FB 7 -63.28 -84.74 -44.35
N GLN FB 8 -63.34 -83.40 -44.36
CA GLN FB 8 -64.21 -82.69 -43.45
C GLN FB 8 -65.26 -81.94 -44.26
N GLY FB 9 -66.53 -82.33 -44.03
CA GLY FB 9 -67.66 -81.75 -44.73
C GLY FB 9 -68.51 -80.89 -43.80
N GLY FB 10 -68.75 -79.65 -44.24
CA GLY FB 10 -69.67 -78.77 -43.55
C GLY FB 10 -68.99 -77.93 -42.47
N GLN FB 11 -69.81 -77.05 -41.90
CA GLN FB 11 -69.32 -76.13 -40.89
C GLN FB 11 -68.99 -76.92 -39.61
N CYS FB 12 -69.91 -77.82 -39.27
CA CYS FB 12 -69.68 -78.65 -38.10
C CYS FB 12 -68.48 -79.58 -38.29
N GLY FB 13 -68.38 -80.14 -39.50
CA GLY FB 13 -67.26 -81.02 -39.88
C GLY FB 13 -65.89 -80.33 -39.85
N ASN FB 14 -65.84 -79.10 -40.39
CA ASN FB 14 -64.60 -78.34 -40.44
C ASN FB 14 -64.13 -77.94 -39.04
N GLN FB 15 -65.06 -77.55 -38.16
CA GLN FB 15 -64.72 -77.08 -36.83
C GLN FB 15 -64.45 -78.25 -35.88
N ILE FB 16 -64.95 -79.44 -36.24
CA ILE FB 16 -64.64 -80.63 -35.47
C ILE FB 16 -63.41 -81.35 -36.04
N GLY FB 17 -63.02 -81.01 -37.27
CA GLY FB 17 -61.80 -81.55 -37.87
C GLY FB 17 -60.58 -80.64 -37.61
N ALA FB 18 -60.85 -79.35 -37.37
CA ALA FB 18 -59.80 -78.41 -37.01
C ALA FB 18 -59.10 -78.78 -35.69
N LYS FB 19 -59.89 -79.18 -34.68
CA LYS FB 19 -59.24 -79.56 -33.43
C LYS FB 19 -58.61 -80.93 -33.56
N PHE FB 20 -59.12 -81.76 -34.51
CA PHE FB 20 -58.58 -83.09 -34.68
C PHE FB 20 -57.13 -83.02 -35.13
N TRP FB 21 -56.82 -82.08 -36.01
CA TRP FB 21 -55.44 -81.94 -36.45
C TRP FB 21 -54.58 -81.20 -35.44
N GLU FB 22 -55.22 -80.62 -34.43
CA GLU FB 22 -54.46 -80.03 -33.35
C GLU FB 22 -54.15 -81.09 -32.29
N VAL FB 23 -55.06 -82.06 -32.09
CA VAL FB 23 -54.85 -83.07 -31.08
C VAL FB 23 -53.95 -84.15 -31.65
N ILE FB 24 -53.93 -84.29 -32.97
CA ILE FB 24 -53.11 -85.34 -33.52
C ILE FB 24 -51.68 -84.86 -33.76
N SER FB 25 -51.51 -83.56 -34.02
CA SER FB 25 -50.19 -83.03 -34.27
C SER FB 25 -49.39 -82.92 -32.97
N ASP FB 26 -50.06 -82.54 -31.87
CA ASP FB 26 -49.42 -82.46 -30.56
C ASP FB 26 -49.05 -83.87 -30.10
N GLU FB 27 -49.91 -84.83 -30.47
CA GLU FB 27 -49.70 -86.23 -30.13
C GLU FB 27 -48.41 -86.75 -30.78
N HIS FB 28 -48.21 -86.38 -32.05
CA HIS FB 28 -47.06 -86.84 -32.81
C HIS FB 28 -45.87 -85.88 -32.65
N GLY FB 29 -46.09 -84.68 -32.13
CA GLY FB 29 -45.00 -83.75 -31.87
C GLY FB 29 -44.64 -82.83 -33.04
N ILE FB 30 -45.65 -82.12 -33.57
CA ILE FB 30 -45.45 -81.24 -34.72
C ILE FB 30 -45.81 -79.80 -34.36
N ASP FB 31 -44.89 -78.86 -34.63
CA ASP FB 31 -45.08 -77.41 -34.50
C ASP FB 31 -46.15 -76.98 -35.49
N PRO FB 32 -46.91 -75.87 -35.25
CA PRO FB 32 -47.82 -75.32 -36.26
C PRO FB 32 -47.18 -74.98 -37.60
N THR FB 33 -45.87 -74.72 -37.56
CA THR FB 33 -45.10 -74.57 -38.77
C THR FB 33 -45.09 -75.88 -39.56
N GLY FB 34 -44.89 -77.00 -38.87
CA GLY FB 34 -44.85 -78.29 -39.55
C GLY FB 34 -43.56 -79.03 -39.25
N THR FB 35 -42.81 -78.54 -38.26
CA THR FB 35 -41.52 -79.09 -37.92
C THR FB 35 -41.66 -80.05 -36.74
N TYR FB 36 -40.94 -81.17 -36.83
CA TYR FB 36 -40.90 -82.10 -35.72
C TYR FB 36 -40.02 -81.56 -34.60
N CYS FB 37 -40.42 -81.86 -33.36
CA CYS FB 37 -39.58 -81.71 -32.16
C CYS FB 37 -39.94 -82.80 -31.14
N GLY FB 38 -38.89 -83.44 -30.60
CA GLY FB 38 -38.99 -84.25 -29.38
C GLY FB 38 -38.45 -85.68 -29.45
N ASP FB 39 -37.50 -85.97 -30.35
CA ASP FB 39 -36.56 -87.10 -30.31
C ASP FB 39 -37.07 -88.43 -29.73
N SER FB 40 -38.24 -88.87 -30.20
CA SER FB 40 -38.74 -90.20 -29.91
C SER FB 40 -39.19 -90.85 -31.22
N ASP FB 41 -38.67 -92.06 -31.49
CA ASP FB 41 -38.81 -92.67 -32.80
C ASP FB 41 -40.26 -93.08 -33.07
N LEU FB 42 -40.96 -93.62 -32.08
CA LEU FB 42 -42.29 -94.11 -32.38
C LEU FB 42 -43.30 -92.99 -32.55
N GLN FB 43 -42.93 -91.74 -32.28
CA GLN FB 43 -43.76 -90.61 -32.70
C GLN FB 43 -43.87 -90.53 -34.23
N LEU FB 44 -42.78 -90.83 -34.94
CA LEU FB 44 -42.69 -90.51 -36.36
C LEU FB 44 -42.65 -91.79 -37.20
N GLU FB 45 -42.57 -92.96 -36.55
CA GLU FB 45 -42.48 -94.23 -37.28
C GLU FB 45 -43.79 -94.52 -38.01
N ARG FB 46 -44.91 -94.28 -37.34
CA ARG FB 46 -46.20 -94.36 -38.00
C ARG FB 46 -46.78 -92.97 -38.05
N ILE FB 47 -46.32 -92.23 -39.06
CA ILE FB 47 -46.79 -90.89 -39.36
C ILE FB 47 -47.28 -90.86 -40.79
N ASN FB 48 -46.96 -91.90 -41.59
CA ASN FB 48 -47.46 -92.06 -42.95
C ASN FB 48 -48.99 -92.15 -42.95
N VAL FB 49 -49.57 -92.52 -41.82
CA VAL FB 49 -50.99 -92.77 -41.65
C VAL FB 49 -51.83 -91.51 -41.87
N PHE FB 50 -51.23 -90.34 -41.60
CA PHE FB 50 -51.98 -89.10 -41.68
C PHE FB 50 -51.20 -87.97 -42.34
N TYR FB 51 -49.90 -88.14 -42.58
CA TYR FB 51 -49.09 -87.05 -43.09
C TYR FB 51 -48.31 -87.50 -44.32
N ASN FB 52 -48.01 -86.51 -45.16
CA ASN FB 52 -47.13 -86.74 -46.28
C ASN FB 52 -45.93 -85.81 -46.17
N GLU FB 53 -44.76 -86.43 -46.33
CA GLU FB 53 -43.47 -85.73 -46.31
C GLU FB 53 -43.41 -84.77 -47.49
N ALA FB 54 -42.63 -83.69 -47.33
CA ALA FB 54 -42.44 -82.66 -48.36
C ALA FB 54 -40.97 -82.43 -48.76
N THR FB 55 -40.19 -83.50 -48.74
CA THR FB 55 -38.74 -83.67 -48.81
C THR FB 55 -37.87 -82.48 -48.34
N GLY FB 56 -38.45 -81.49 -47.67
CA GLY FB 56 -37.74 -80.32 -47.11
C GLY FB 56 -37.91 -80.27 -45.58
N GLY FB 57 -38.49 -81.37 -45.09
CA GLY FB 57 -38.57 -81.65 -43.69
C GLY FB 57 -39.99 -81.50 -43.13
N ARG FB 58 -40.92 -80.86 -43.87
CA ARG FB 58 -42.22 -80.55 -43.26
C ARG FB 58 -43.28 -81.63 -43.53
N PHE FB 59 -44.27 -81.71 -42.63
CA PHE FB 59 -45.38 -82.65 -42.81
C PHE FB 59 -46.66 -81.89 -43.12
N VAL FB 60 -47.42 -82.40 -44.07
CA VAL FB 60 -48.74 -81.84 -44.33
C VAL FB 60 -49.79 -82.94 -44.15
N PRO FB 61 -50.96 -82.61 -43.59
CA PRO FB 61 -52.00 -83.60 -43.36
C PRO FB 61 -52.62 -84.08 -44.67
N ARG FB 62 -53.21 -85.29 -44.64
CA ARG FB 62 -53.99 -85.80 -45.76
C ARG FB 62 -55.47 -85.42 -45.58
N ALA FB 63 -55.68 -84.12 -45.36
CA ALA FB 63 -57.00 -83.58 -45.10
C ALA FB 63 -57.52 -82.91 -46.36
N ILE FB 64 -58.80 -83.14 -46.67
CA ILE FB 64 -59.50 -82.36 -47.68
C ILE FB 64 -60.66 -81.65 -46.99
N LEU FB 65 -60.63 -80.31 -47.05
CA LEU FB 65 -61.70 -79.51 -46.46
C LEU FB 65 -62.68 -79.12 -47.56
N MET FB 66 -63.94 -79.51 -47.35
CA MET FB 66 -64.96 -79.29 -48.36
C MET FB 66 -66.12 -78.52 -47.73
N ASP FB 67 -66.57 -77.50 -48.47
CA ASP FB 67 -67.70 -76.68 -48.05
C ASP FB 67 -68.25 -75.95 -49.28
N LEU FB 68 -69.51 -75.54 -49.14
CA LEU FB 68 -70.13 -74.69 -50.14
C LEU FB 68 -70.06 -73.21 -49.79
N GLU FB 69 -69.51 -72.87 -48.63
CA GLU FB 69 -69.50 -71.49 -48.20
C GLU FB 69 -68.07 -71.07 -47.86
N PRO FB 70 -67.66 -69.90 -48.36
CA PRO FB 70 -66.31 -69.39 -48.05
C PRO FB 70 -66.02 -69.01 -46.61
N GLY FB 71 -67.03 -68.86 -45.75
CA GLY FB 71 -66.78 -68.14 -44.50
C GLY FB 71 -65.94 -68.93 -43.49
N THR FB 72 -66.50 -70.06 -43.05
CA THR FB 72 -65.98 -70.83 -41.93
C THR FB 72 -64.65 -71.49 -42.27
N MET FB 73 -64.40 -71.69 -43.57
CA MET FB 73 -63.20 -72.40 -43.96
C MET FB 73 -61.99 -71.44 -43.92
N ASP FB 74 -62.25 -70.16 -44.16
CA ASP FB 74 -61.21 -69.15 -44.02
C ASP FB 74 -60.82 -68.99 -42.54
N SER FB 75 -61.79 -69.18 -41.62
CA SER FB 75 -61.54 -69.05 -40.20
C SER FB 75 -60.64 -70.18 -39.68
N VAL FB 76 -60.71 -71.34 -40.36
CA VAL FB 76 -59.83 -72.46 -40.05
C VAL FB 76 -58.41 -72.09 -40.44
N ARG FB 77 -58.25 -71.45 -41.61
CA ARG FB 77 -56.95 -71.07 -42.14
C ARG FB 77 -56.28 -70.03 -41.25
N ALA FB 78 -57.03 -69.02 -40.81
CA ALA FB 78 -56.47 -67.83 -40.18
C ALA FB 78 -56.13 -68.06 -38.70
N GLY FB 79 -56.64 -69.17 -38.13
CA GLY FB 79 -56.38 -69.47 -36.73
C GLY FB 79 -54.97 -70.02 -36.53
N PRO FB 80 -54.59 -70.38 -35.28
CA PRO FB 80 -53.38 -71.15 -35.06
C PRO FB 80 -53.57 -72.57 -35.61
N PHE FB 81 -52.47 -73.18 -36.05
CA PHE FB 81 -52.41 -74.48 -36.73
C PHE FB 81 -53.32 -74.49 -37.95
N GLY FB 82 -53.54 -73.32 -38.55
CA GLY FB 82 -54.30 -73.26 -39.77
C GLY FB 82 -53.38 -73.27 -40.98
N GLN FB 83 -52.09 -73.04 -40.68
CA GLN FB 83 -50.99 -72.95 -41.63
C GLN FB 83 -50.60 -74.37 -42.06
N LEU FB 84 -51.12 -75.40 -41.38
CA LEU FB 84 -50.57 -76.75 -41.54
C LEU FB 84 -51.12 -77.41 -42.80
N PHE FB 85 -52.37 -77.11 -43.14
CA PHE FB 85 -53.00 -77.73 -44.28
C PHE FB 85 -52.46 -77.11 -45.55
N ARG FB 86 -52.37 -77.95 -46.58
CA ARG FB 86 -52.05 -77.44 -47.90
C ARG FB 86 -53.23 -76.64 -48.44
N PRO FB 87 -53.01 -75.43 -49.00
CA PRO FB 87 -54.11 -74.62 -49.52
C PRO FB 87 -54.83 -75.17 -50.75
N ASP FB 88 -54.22 -76.10 -51.49
CA ASP FB 88 -54.88 -76.68 -52.65
C ASP FB 88 -56.02 -77.60 -52.23
N ASN FB 89 -55.88 -78.21 -51.05
CA ASN FB 89 -56.88 -79.11 -50.52
C ASN FB 89 -58.15 -78.39 -50.12
N PHE FB 90 -58.04 -77.08 -49.82
CA PHE FB 90 -59.19 -76.23 -49.56
C PHE FB 90 -60.02 -76.13 -50.84
N VAL FB 91 -61.15 -76.84 -50.86
CA VAL FB 91 -62.07 -76.71 -51.98
C VAL FB 91 -63.26 -75.90 -51.49
N PHE FB 92 -63.35 -74.72 -52.13
CA PHE FB 92 -64.37 -73.75 -51.77
C PHE FB 92 -65.66 -74.16 -52.42
N GLY FB 93 -66.72 -73.50 -51.99
CA GLY FB 93 -67.90 -73.35 -52.80
C GLY FB 93 -68.25 -71.89 -52.77
N GLN FB 94 -69.04 -71.50 -53.77
CA GLN FB 94 -69.35 -70.09 -53.93
C GLN FB 94 -70.65 -69.67 -53.25
N THR FB 95 -71.77 -70.23 -53.72
CA THR FB 95 -73.07 -69.66 -53.36
C THR FB 95 -73.61 -70.24 -52.05
N GLY FB 96 -73.42 -71.56 -51.84
CA GLY FB 96 -73.75 -72.16 -50.56
C GLY FB 96 -75.18 -72.66 -50.44
N ALA FB 97 -75.32 -73.97 -50.13
CA ALA FB 97 -76.63 -74.56 -49.89
C ALA FB 97 -77.11 -74.13 -48.50
N GLY FB 98 -78.20 -73.38 -48.48
CA GLY FB 98 -78.75 -72.86 -47.25
C GLY FB 98 -79.55 -73.94 -46.53
N ASN FB 99 -78.83 -74.87 -45.91
CA ASN FB 99 -79.38 -75.89 -45.05
C ASN FB 99 -80.47 -76.70 -45.76
N ASN FB 100 -80.22 -76.95 -47.04
CA ASN FB 100 -81.12 -77.71 -47.89
C ASN FB 100 -80.38 -78.96 -48.33
N TRP FB 101 -80.97 -80.12 -48.02
CA TRP FB 101 -80.36 -81.38 -48.39
C TRP FB 101 -80.43 -81.59 -49.91
N ALA FB 102 -81.57 -81.23 -50.49
CA ALA FB 102 -81.78 -81.41 -51.92
C ALA FB 102 -80.84 -80.50 -52.72
N LYS FB 103 -80.61 -79.28 -52.18
CA LYS FB 103 -79.63 -78.41 -52.82
C LYS FB 103 -78.23 -78.98 -52.65
N GLY FB 104 -77.92 -79.45 -51.44
CA GLY FB 104 -76.61 -80.01 -51.15
C GLY FB 104 -76.32 -81.27 -51.96
N HIS FB 105 -77.35 -82.03 -52.31
CA HIS FB 105 -77.15 -83.28 -53.05
C HIS FB 105 -77.34 -83.08 -54.56
N TYR FB 106 -78.52 -82.64 -54.97
CA TYR FB 106 -78.86 -82.77 -56.39
C TYR FB 106 -78.33 -81.61 -57.21
N THR FB 107 -78.64 -80.39 -56.75
CA THR FB 107 -78.43 -79.23 -57.60
C THR FB 107 -77.10 -78.55 -57.30
N GLU FB 108 -76.96 -78.02 -56.07
CA GLU FB 108 -75.87 -77.09 -55.79
C GLU FB 108 -74.54 -77.84 -55.71
N GLY FB 109 -74.56 -79.01 -55.04
CA GLY FB 109 -73.36 -79.79 -54.80
C GLY FB 109 -72.79 -80.43 -56.06
N ALA FB 110 -73.63 -80.59 -57.09
CA ALA FB 110 -73.26 -81.37 -58.27
C ALA FB 110 -72.19 -80.66 -59.11
N GLU FB 111 -72.25 -79.32 -59.20
CA GLU FB 111 -71.27 -78.61 -60.01
C GLU FB 111 -69.89 -78.57 -59.32
N LEU FB 112 -69.86 -78.95 -58.03
CA LEU FB 112 -68.64 -78.79 -57.25
C LEU FB 112 -67.98 -80.13 -56.92
N ILE FB 113 -68.75 -81.22 -56.88
CA ILE FB 113 -68.24 -82.52 -56.44
C ILE FB 113 -67.24 -83.07 -57.46
N ASP FB 114 -67.25 -82.50 -58.65
CA ASP FB 114 -66.23 -82.87 -59.63
C ASP FB 114 -64.85 -82.40 -59.14
N SER FB 115 -64.79 -81.22 -58.53
CA SER FB 115 -63.55 -80.63 -58.03
C SER FB 115 -63.04 -81.37 -56.80
N VAL FB 116 -63.98 -81.81 -55.97
CA VAL FB 116 -63.63 -82.55 -54.77
C VAL FB 116 -63.09 -83.93 -55.15
N LEU FB 117 -63.69 -84.55 -56.18
CA LEU FB 117 -63.26 -85.87 -56.64
C LEU FB 117 -61.87 -85.80 -57.27
N ASP FB 118 -61.49 -84.61 -57.74
CA ASP FB 118 -60.15 -84.45 -58.29
C ASP FB 118 -59.09 -84.44 -57.20
N VAL FB 119 -59.36 -83.74 -56.10
CA VAL FB 119 -58.37 -83.57 -55.06
C VAL FB 119 -58.33 -84.81 -54.17
N VAL FB 120 -59.49 -85.46 -54.03
CA VAL FB 120 -59.51 -86.65 -53.19
C VAL FB 120 -58.90 -87.84 -53.93
N ARG FB 121 -58.93 -87.82 -55.27
CA ARG FB 121 -58.34 -88.92 -56.03
C ARG FB 121 -56.81 -88.78 -56.03
N LYS FB 122 -56.34 -87.54 -56.03
CA LYS FB 122 -54.91 -87.28 -56.07
C LYS FB 122 -54.21 -87.75 -54.78
N GLU FB 123 -54.88 -87.54 -53.65
CA GLU FB 123 -54.34 -87.94 -52.35
C GLU FB 123 -54.38 -89.45 -52.15
N ALA FB 124 -55.49 -90.07 -52.55
CA ALA FB 124 -55.70 -91.49 -52.23
C ALA FB 124 -54.78 -92.36 -53.08
N GLU FB 125 -54.66 -92.01 -54.38
CA GLU FB 125 -53.87 -92.71 -55.38
C GLU FB 125 -52.39 -92.69 -55.01
N GLY FB 126 -51.95 -91.60 -54.35
CA GLY FB 126 -50.55 -91.22 -54.27
C GLY FB 126 -49.71 -92.28 -53.56
N CYS FB 127 -50.20 -92.74 -52.40
CA CYS FB 127 -49.36 -93.56 -51.55
C CYS FB 127 -49.37 -95.02 -51.99
N ASP FB 128 -48.61 -95.85 -51.22
CA ASP FB 128 -48.22 -97.21 -51.54
C ASP FB 128 -49.45 -98.08 -51.75
N CYS FB 129 -50.20 -98.30 -50.66
CA CYS FB 129 -51.53 -98.90 -50.75
C CYS FB 129 -52.37 -98.39 -49.59
N LEU FB 130 -53.54 -97.84 -49.92
CA LEU FB 130 -54.46 -97.15 -49.02
C LEU FB 130 -55.19 -98.17 -48.13
N GLN FB 131 -55.64 -97.70 -46.96
CA GLN FB 131 -56.24 -98.54 -45.94
C GLN FB 131 -57.69 -98.11 -45.68
N GLY FB 132 -58.00 -96.82 -45.82
CA GLY FB 132 -59.37 -96.35 -45.62
C GLY FB 132 -59.48 -94.84 -45.63
N PHE FB 133 -60.67 -94.35 -45.27
CA PHE FB 133 -61.01 -92.94 -45.22
C PHE FB 133 -61.69 -92.66 -43.89
N GLN FB 134 -61.71 -91.37 -43.52
CA GLN FB 134 -62.56 -90.93 -42.42
C GLN FB 134 -63.19 -89.59 -42.77
N ILE FB 135 -64.49 -89.47 -42.49
CA ILE FB 135 -65.31 -88.33 -42.84
C ILE FB 135 -66.03 -87.82 -41.58
N THR FB 136 -65.89 -86.52 -41.32
CA THR FB 136 -66.55 -85.88 -40.19
C THR FB 136 -67.54 -84.85 -40.73
N HIS FB 137 -68.81 -84.98 -40.35
CA HIS FB 137 -69.86 -84.14 -40.90
C HIS FB 137 -71.05 -84.12 -39.94
N SER FB 138 -72.04 -83.31 -40.30
CA SER FB 138 -73.22 -83.10 -39.49
C SER FB 138 -74.46 -83.54 -40.26
N LEU FB 139 -75.40 -84.19 -39.57
CA LEU FB 139 -76.61 -84.70 -40.21
C LEU FB 139 -77.83 -83.81 -39.93
N GLY FB 140 -77.56 -82.51 -39.78
CA GLY FB 140 -78.61 -81.51 -39.57
C GLY FB 140 -78.53 -80.42 -40.63
N GLY FB 141 -77.28 -80.16 -41.08
CA GLY FB 141 -76.89 -79.08 -41.96
C GLY FB 141 -77.23 -79.42 -43.42
N GLY FB 142 -76.74 -78.56 -44.31
CA GLY FB 142 -77.13 -78.68 -45.70
C GLY FB 142 -75.99 -79.27 -46.48
N THR FB 143 -74.79 -78.72 -46.25
CA THR FB 143 -73.61 -79.16 -46.96
C THR FB 143 -72.94 -80.34 -46.25
N GLY FB 144 -73.04 -80.38 -44.91
CA GLY FB 144 -72.53 -81.47 -44.10
C GLY FB 144 -73.31 -82.76 -44.35
N SER FB 145 -74.60 -82.61 -44.64
CA SER FB 145 -75.50 -83.76 -44.79
C SER FB 145 -75.89 -84.01 -46.24
N GLY FB 146 -75.85 -82.96 -47.08
CA GLY FB 146 -76.20 -83.10 -48.50
C GLY FB 146 -75.06 -83.64 -49.36
N MET FB 147 -74.00 -82.84 -49.50
CA MET FB 147 -72.91 -83.28 -50.36
C MET FB 147 -71.82 -84.02 -49.58
N GLY FB 148 -71.96 -84.05 -48.25
CA GLY FB 148 -71.11 -84.91 -47.42
C GLY FB 148 -71.34 -86.38 -47.75
N THR FB 149 -72.61 -86.71 -47.99
CA THR FB 149 -73.00 -88.08 -48.28
C THR FB 149 -73.01 -88.37 -49.78
N LEU FB 150 -73.06 -87.34 -50.63
CA LEU FB 150 -72.90 -87.58 -52.07
C LEU FB 150 -71.46 -88.01 -52.34
N LEU FB 151 -70.53 -87.43 -51.56
CA LEU FB 151 -69.14 -87.83 -51.66
C LEU FB 151 -68.98 -89.29 -51.26
N ILE FB 152 -69.66 -89.68 -50.18
CA ILE FB 152 -69.65 -91.05 -49.69
C ILE FB 152 -70.09 -92.01 -50.79
N SER FB 153 -71.15 -91.64 -51.53
CA SER FB 153 -71.69 -92.47 -52.60
C SER FB 153 -70.67 -92.60 -53.74
N LYS FB 154 -69.97 -91.52 -54.05
CA LYS FB 154 -69.04 -91.54 -55.16
C LYS FB 154 -67.74 -92.24 -54.79
N VAL FB 155 -67.19 -91.96 -53.59
CA VAL FB 155 -65.89 -92.50 -53.24
C VAL FB 155 -65.98 -93.99 -52.95
N ARG FB 156 -67.16 -94.47 -52.57
CA ARG FB 156 -67.33 -95.90 -52.40
C ARG FB 156 -67.30 -96.60 -53.75
N GLU FB 157 -67.93 -95.97 -54.76
CA GLU FB 157 -67.97 -96.55 -56.09
C GLU FB 157 -66.56 -96.63 -56.70
N GLU FB 158 -65.72 -95.63 -56.39
CA GLU FB 158 -64.37 -95.56 -56.92
C GLU FB 158 -63.47 -96.58 -56.22
N TYR FB 159 -63.64 -96.74 -54.91
CA TYR FB 159 -62.82 -97.66 -54.13
C TYR FB 159 -63.73 -98.53 -53.29
N PRO FB 160 -64.21 -99.66 -53.84
CA PRO FB 160 -65.17 -100.47 -53.12
C PRO FB 160 -64.59 -101.18 -51.88
N ASP FB 161 -63.32 -101.59 -51.96
CA ASP FB 161 -62.73 -102.49 -50.99
C ASP FB 161 -62.05 -101.75 -49.84
N ARG FB 162 -62.03 -100.41 -49.84
CA ARG FB 162 -61.39 -99.68 -48.74
C ARG FB 162 -62.45 -99.27 -47.70
N ILE FB 163 -62.13 -99.31 -46.42
CA ILE FB 163 -63.05 -98.95 -45.32
C ILE FB 163 -63.44 -97.48 -45.38
N MET FB 164 -64.51 -97.09 -44.67
CA MET FB 164 -64.97 -95.71 -44.74
C MET FB 164 -65.73 -95.36 -43.46
N GLU FB 165 -65.01 -94.75 -42.52
CA GLU FB 165 -65.53 -94.48 -41.19
C GLU FB 165 -66.05 -93.04 -41.13
N THR FB 166 -67.33 -92.90 -40.79
CA THR FB 166 -67.97 -91.60 -40.69
C THR FB 166 -68.22 -91.27 -39.21
N PHE FB 167 -67.92 -90.03 -38.84
CA PHE FB 167 -68.36 -89.49 -37.56
C PHE FB 167 -69.43 -88.43 -37.81
N SER FB 168 -70.68 -88.83 -37.60
CA SER FB 168 -71.80 -87.94 -37.81
C SER FB 168 -72.37 -87.52 -36.45
N VAL FB 169 -72.74 -86.24 -36.34
CA VAL FB 169 -73.48 -85.77 -35.18
C VAL FB 169 -74.96 -85.76 -35.55
N PHE FB 170 -75.76 -86.46 -34.72
CA PHE FB 170 -77.18 -86.55 -35.02
C PHE FB 170 -77.89 -85.28 -34.55
N PRO FB 171 -79.09 -84.97 -35.06
CA PRO FB 171 -79.92 -83.94 -34.43
C PRO FB 171 -80.14 -84.22 -32.94
N SER FB 172 -80.15 -83.14 -32.16
CA SER FB 172 -80.38 -83.22 -30.73
C SER FB 172 -81.83 -83.65 -30.45
N PRO FB 173 -82.12 -84.49 -29.44
CA PRO FB 173 -83.52 -84.83 -29.08
C PRO FB 173 -84.31 -83.60 -28.59
N LYS FB 174 -83.77 -82.91 -27.56
CA LYS FB 174 -84.44 -81.87 -26.77
C LYS FB 174 -84.60 -80.59 -27.59
N VAL FB 175 -83.54 -79.81 -27.75
CA VAL FB 175 -83.65 -78.48 -28.34
C VAL FB 175 -82.77 -78.45 -29.58
N SER FB 176 -83.15 -77.68 -30.59
CA SER FB 176 -82.70 -77.99 -31.92
C SER FB 176 -82.29 -76.73 -32.65
N ASP FB 177 -81.14 -76.84 -33.28
CA ASP FB 177 -80.77 -75.94 -34.36
C ASP FB 177 -81.59 -76.39 -35.58
N THR FB 178 -81.93 -75.48 -36.50
CA THR FB 178 -82.24 -75.82 -37.89
C THR FB 178 -83.48 -76.72 -37.99
N VAL FB 179 -84.66 -76.11 -37.82
CA VAL FB 179 -86.02 -76.68 -37.92
C VAL FB 179 -86.14 -77.92 -38.81
N VAL FB 180 -85.54 -77.88 -39.99
CA VAL FB 180 -85.51 -79.06 -40.82
C VAL FB 180 -84.30 -79.90 -40.45
N GLU FB 181 -84.39 -80.52 -39.26
CA GLU FB 181 -83.48 -81.56 -38.80
C GLU FB 181 -83.95 -82.95 -39.28
N PRO FB 182 -85.22 -83.36 -39.06
CA PRO FB 182 -85.65 -84.71 -39.41
C PRO FB 182 -85.69 -84.96 -40.92
N TYR FB 183 -85.95 -83.91 -41.71
CA TYR FB 183 -85.85 -84.02 -43.15
C TYR FB 183 -84.41 -84.28 -43.59
N ASN FB 184 -83.46 -83.61 -42.94
CA ASN FB 184 -82.06 -83.78 -43.28
C ASN FB 184 -81.56 -85.15 -42.82
N ALA FB 185 -81.98 -85.54 -41.60
CA ALA FB 185 -81.43 -86.75 -40.99
C ALA FB 185 -81.96 -88.02 -41.67
N THR FB 186 -83.26 -88.03 -41.99
CA THR FB 186 -83.87 -89.23 -42.56
C THR FB 186 -83.39 -89.46 -43.99
N LEU FB 187 -83.27 -88.38 -44.77
CA LEU FB 187 -82.77 -88.48 -46.14
C LEU FB 187 -81.28 -88.86 -46.17
N SER FB 188 -80.53 -88.41 -45.16
CA SER FB 188 -79.09 -88.67 -45.12
C SER FB 188 -78.82 -90.14 -44.82
N VAL FB 189 -79.55 -90.68 -43.84
CA VAL FB 189 -79.27 -92.00 -43.32
C VAL FB 189 -79.63 -93.09 -44.34
N HIS FB 190 -80.71 -92.90 -45.11
CA HIS FB 190 -81.29 -93.99 -45.90
C HIS FB 190 -80.34 -94.50 -46.97
N GLN FB 191 -79.37 -93.67 -47.36
CA GLN FB 191 -78.29 -94.13 -48.21
C GLN FB 191 -76.94 -94.05 -47.50
N LEU FB 192 -76.93 -93.70 -46.20
CA LEU FB 192 -75.74 -93.89 -45.36
C LEU FB 192 -75.74 -95.30 -44.72
N VAL FB 193 -76.91 -95.94 -44.67
CA VAL FB 193 -76.97 -97.32 -44.21
C VAL FB 193 -76.34 -98.25 -45.26
N GLU FB 194 -76.40 -97.85 -46.54
CA GLU FB 194 -75.97 -98.71 -47.62
C GLU FB 194 -74.67 -98.20 -48.27
N ASN FB 195 -74.01 -97.20 -47.66
CA ASN FB 195 -72.78 -96.69 -48.29
C ASN FB 195 -71.64 -96.38 -47.33
N ALA FB 196 -71.92 -96.48 -46.01
CA ALA FB 196 -70.90 -96.24 -44.98
C ALA FB 196 -70.60 -97.55 -44.26
N ASP FB 197 -69.31 -97.81 -44.15
CA ASP FB 197 -68.87 -99.09 -43.65
C ASP FB 197 -69.02 -99.16 -42.13
N GLU FB 198 -68.77 -98.04 -41.45
CA GLU FB 198 -69.02 -97.93 -40.01
C GLU FB 198 -69.39 -96.48 -39.71
N VAL FB 199 -70.46 -96.29 -38.92
CA VAL FB 199 -70.96 -94.98 -38.54
C VAL FB 199 -70.93 -94.87 -37.01
N GLN FB 200 -70.46 -93.72 -36.54
CA GLN FB 200 -70.34 -93.48 -35.10
C GLN FB 200 -71.21 -92.28 -34.74
N VAL FB 201 -72.02 -92.44 -33.70
CA VAL FB 201 -73.04 -91.47 -33.36
C VAL FB 201 -72.54 -90.58 -32.22
N ILE FB 202 -72.67 -89.26 -32.42
CA ILE FB 202 -72.47 -88.26 -31.38
C ILE FB 202 -73.73 -87.39 -31.30
N ASP FB 203 -74.08 -86.99 -30.07
CA ASP FB 203 -75.11 -85.99 -29.83
C ASP FB 203 -74.51 -84.84 -29.04
N ASN FB 204 -74.96 -83.62 -29.37
CA ASN FB 204 -74.47 -82.46 -28.68
C ASN FB 204 -75.04 -82.39 -27.25
N GLU FB 205 -76.23 -82.98 -27.07
CA GLU FB 205 -76.92 -82.98 -25.79
C GLU FB 205 -76.17 -83.71 -24.70
N ALA FB 206 -75.63 -84.87 -25.09
CA ALA FB 206 -74.83 -85.67 -24.18
C ALA FB 206 -73.51 -84.96 -23.89
N LEU FB 207 -72.97 -84.22 -24.88
CA LEU FB 207 -71.72 -83.49 -24.70
C LEU FB 207 -71.88 -82.37 -23.67
N TYR FB 208 -73.00 -81.64 -23.76
CA TYR FB 208 -73.28 -80.63 -22.76
C TYR FB 208 -73.56 -81.26 -21.39
N ASP FB 209 -74.18 -82.44 -21.42
CA ASP FB 209 -74.50 -83.17 -20.21
C ASP FB 209 -73.22 -83.56 -19.48
N ILE FB 210 -72.24 -84.05 -20.23
CA ILE FB 210 -70.97 -84.43 -19.65
C ILE FB 210 -70.24 -83.19 -19.15
N CYS FB 211 -70.27 -82.10 -19.97
CA CYS FB 211 -69.59 -80.85 -19.66
C CYS FB 211 -70.15 -80.16 -18.42
N PHE FB 212 -71.36 -80.58 -18.02
CA PHE FB 212 -71.99 -80.02 -16.84
C PHE FB 212 -71.91 -81.00 -15.65
N ARG FB 213 -72.27 -82.26 -15.89
CA ARG FB 213 -72.54 -83.20 -14.82
C ARG FB 213 -71.28 -83.89 -14.28
N THR FB 214 -70.28 -84.11 -15.14
CA THR FB 214 -69.07 -84.82 -14.72
C THR FB 214 -67.90 -83.86 -14.67
N LEU FB 215 -67.66 -83.14 -15.78
CA LEU FB 215 -66.53 -82.24 -15.83
C LEU FB 215 -66.74 -81.01 -14.92
N LYS FB 216 -68.01 -80.65 -14.70
CA LYS FB 216 -68.45 -79.47 -13.98
C LYS FB 216 -67.83 -78.20 -14.53
N LEU FB 217 -67.61 -78.19 -15.85
CA LEU FB 217 -67.10 -77.01 -16.51
C LEU FB 217 -68.18 -75.95 -16.45
N THR FB 218 -67.73 -74.75 -16.07
CA THR FB 218 -68.58 -73.61 -15.88
C THR FB 218 -69.17 -73.22 -17.23
N THR FB 219 -68.31 -72.99 -18.24
CA THR FB 219 -68.75 -72.42 -19.51
C THR FB 219 -68.20 -73.22 -20.68
N PRO FB 220 -68.80 -74.36 -21.09
CA PRO FB 220 -68.34 -75.06 -22.28
C PRO FB 220 -68.61 -74.31 -23.59
N THR FB 221 -67.56 -74.12 -24.40
CA THR FB 221 -67.68 -73.56 -25.74
C THR FB 221 -67.51 -74.67 -26.75
N TYR FB 222 -67.49 -74.34 -28.07
CA TYR FB 222 -67.09 -75.26 -29.13
C TYR FB 222 -65.66 -75.76 -28.98
N GLY FB 223 -64.83 -74.93 -28.33
CA GLY FB 223 -63.46 -75.33 -28.07
C GLY FB 223 -63.35 -76.56 -27.15
N ASP FB 224 -64.11 -76.53 -26.06
CA ASP FB 224 -64.07 -77.62 -25.10
C ASP FB 224 -64.83 -78.84 -25.61
N LEU FB 225 -65.90 -78.63 -26.38
CA LEU FB 225 -66.68 -79.76 -26.89
C LEU FB 225 -65.90 -80.53 -27.94
N ASN FB 226 -65.23 -79.77 -28.81
CA ASN FB 226 -64.47 -80.37 -29.91
C ASN FB 226 -63.32 -81.17 -29.34
N HIS FB 227 -62.78 -80.79 -28.17
CA HIS FB 227 -61.71 -81.50 -27.48
C HIS FB 227 -62.15 -82.90 -27.06
N LEU FB 228 -63.43 -83.02 -26.70
CA LEU FB 228 -63.94 -84.29 -26.23
C LEU FB 228 -64.13 -85.28 -27.38
N VAL FB 229 -64.61 -84.76 -28.51
CA VAL FB 229 -64.82 -85.56 -29.71
C VAL FB 229 -63.46 -85.95 -30.26
N SER FB 230 -62.48 -85.02 -30.15
CA SER FB 230 -61.15 -85.22 -30.71
C SER FB 230 -60.40 -86.30 -29.95
N ALA FB 231 -60.59 -86.34 -28.61
CA ALA FB 231 -59.89 -87.30 -27.77
C ALA FB 231 -60.42 -88.70 -28.07
N ALA FB 232 -61.74 -88.84 -28.29
CA ALA FB 232 -62.34 -90.16 -28.53
C ALA FB 232 -62.06 -90.64 -29.95
N MET FB 233 -62.00 -89.69 -30.90
CA MET FB 233 -61.78 -90.03 -32.29
C MET FB 233 -60.30 -90.30 -32.55
N SER FB 234 -59.41 -89.79 -31.69
CA SER FB 234 -58.01 -90.21 -31.72
C SER FB 234 -57.85 -91.60 -31.12
N GLY FB 235 -58.74 -91.97 -30.21
CA GLY FB 235 -58.67 -93.24 -29.49
C GLY FB 235 -58.90 -94.45 -30.38
N VAL FB 236 -59.80 -94.33 -31.35
CA VAL FB 236 -60.15 -95.42 -32.26
C VAL FB 236 -58.95 -95.83 -33.12
N THR FB 237 -58.03 -94.87 -33.31
CA THR FB 237 -56.87 -95.06 -34.16
C THR FB 237 -55.58 -94.93 -33.36
N CYS FB 238 -55.60 -95.37 -32.09
CA CYS FB 238 -54.37 -95.48 -31.32
C CYS FB 238 -53.50 -96.59 -31.92
N CYS FB 239 -54.17 -97.67 -32.33
CA CYS FB 239 -53.51 -98.89 -32.76
C CYS FB 239 -52.71 -98.66 -34.05
N LEU FB 240 -53.25 -97.87 -34.99
CA LEU FB 240 -52.61 -97.64 -36.27
C LEU FB 240 -51.28 -96.89 -36.10
N ARG FB 241 -51.22 -95.99 -35.10
CA ARG FB 241 -50.16 -95.00 -35.06
C ARG FB 241 -49.11 -95.34 -34.00
N PHE FB 242 -49.39 -96.34 -33.15
CA PHE FB 242 -48.48 -96.67 -32.08
C PHE FB 242 -48.53 -98.19 -31.86
N PRO FB 243 -47.40 -98.86 -31.59
CA PRO FB 243 -47.44 -100.30 -31.31
C PRO FB 243 -48.07 -100.59 -29.94
N GLY FB 244 -48.48 -101.85 -29.79
CA GLY FB 244 -49.36 -102.29 -28.72
C GLY FB 244 -49.14 -103.76 -28.38
N GLN FB 245 -49.54 -104.16 -27.18
CA GLN FB 245 -49.40 -105.55 -26.79
C GLN FB 245 -50.47 -106.39 -27.49
N LEU FB 246 -51.68 -105.84 -27.65
CA LEU FB 246 -52.73 -106.52 -28.40
C LEU FB 246 -53.42 -105.50 -29.32
N ASN FB 247 -52.89 -105.44 -30.54
CA ASN FB 247 -53.20 -104.47 -31.57
C ASN FB 247 -54.55 -104.79 -32.21
N SER FB 248 -55.27 -103.73 -32.61
CA SER FB 248 -56.56 -103.88 -33.25
C SER FB 248 -56.88 -102.67 -34.11
N ASP FB 249 -56.85 -102.89 -35.43
CA ASP FB 249 -57.09 -101.86 -36.43
C ASP FB 249 -58.58 -101.53 -36.47
N LEU FB 250 -58.97 -100.72 -37.47
CA LEU FB 250 -60.33 -100.30 -37.67
C LEU FB 250 -61.17 -101.46 -38.21
N ARG FB 251 -60.57 -102.30 -39.07
CA ARG FB 251 -61.29 -103.39 -39.72
C ARG FB 251 -61.46 -104.59 -38.77
N LYS FB 252 -60.47 -104.73 -37.88
CA LYS FB 252 -60.56 -105.74 -36.83
C LYS FB 252 -61.65 -105.34 -35.85
N LEU FB 253 -61.84 -104.03 -35.66
CA LEU FB 253 -62.93 -103.48 -34.85
C LEU FB 253 -64.27 -103.82 -35.50
N ALA FB 254 -64.34 -103.66 -36.83
CA ALA FB 254 -65.63 -103.76 -37.53
C ALA FB 254 -66.14 -105.19 -37.54
N VAL FB 255 -65.24 -106.17 -37.73
CA VAL FB 255 -65.66 -107.55 -37.80
C VAL FB 255 -66.19 -107.99 -36.44
N ASN FB 256 -65.51 -107.55 -35.39
CA ASN FB 256 -65.86 -107.93 -34.03
C ASN FB 256 -67.11 -107.23 -33.49
N LEU FB 257 -67.64 -106.23 -34.21
CA LEU FB 257 -68.73 -105.44 -33.67
C LEU FB 257 -70.06 -105.72 -34.36
N ILE FB 258 -70.10 -105.65 -35.69
CA ILE FB 258 -71.38 -105.69 -36.40
C ILE FB 258 -71.75 -107.14 -36.72
N PRO FB 259 -72.85 -107.67 -36.15
CA PRO FB 259 -73.24 -109.05 -36.43
C PRO FB 259 -74.02 -109.23 -37.73
N PHE FB 260 -74.76 -108.19 -38.11
CA PHE FB 260 -75.63 -108.21 -39.27
C PHE FB 260 -75.41 -106.93 -40.06
N PRO FB 261 -75.39 -106.99 -41.41
CA PRO FB 261 -74.76 -105.95 -42.23
C PRO FB 261 -75.42 -104.57 -42.17
N ARG FB 262 -76.72 -104.58 -41.85
CA ARG FB 262 -77.54 -103.37 -41.94
C ARG FB 262 -77.18 -102.42 -40.80
N LEU FB 263 -76.79 -102.95 -39.64
CA LEU FB 263 -76.60 -102.13 -38.45
C LEU FB 263 -75.10 -101.95 -38.18
N HIS FB 264 -74.61 -100.73 -38.41
CA HIS FB 264 -73.24 -100.33 -38.13
C HIS FB 264 -73.23 -98.95 -37.45
N PHE FB 265 -74.13 -98.75 -36.49
CA PHE FB 265 -74.23 -97.47 -35.81
C PHE FB 265 -73.76 -97.63 -34.37
N PHE FB 266 -72.74 -96.85 -34.01
CA PHE FB 266 -72.02 -97.09 -32.77
C PHE FB 266 -72.17 -95.93 -31.80
N LEU FB 267 -71.99 -96.25 -30.51
CA LEU FB 267 -72.09 -95.28 -29.42
C LEU FB 267 -70.69 -95.13 -28.82
N ILE FB 268 -70.09 -93.93 -28.87
CA ILE FB 268 -68.73 -93.70 -28.38
C ILE FB 268 -68.78 -93.19 -26.92
N GLY FB 269 -67.77 -93.55 -26.11
CA GLY FB 269 -67.66 -93.15 -24.72
C GLY FB 269 -66.19 -92.96 -24.34
N PHE FB 270 -65.91 -92.17 -23.31
CA PHE FB 270 -64.52 -91.89 -22.97
C PHE FB 270 -64.37 -91.91 -21.46
N ALA FB 271 -63.19 -92.35 -21.00
CA ALA FB 271 -62.83 -92.38 -19.59
C ALA FB 271 -61.31 -92.41 -19.50
N PRO FB 272 -60.66 -91.77 -18.50
CA PRO FB 272 -61.31 -91.10 -17.36
C PRO FB 272 -61.71 -89.64 -17.66
N LEU FB 273 -62.70 -89.12 -16.91
CA LEU FB 273 -63.15 -87.74 -16.99
C LEU FB 273 -63.43 -87.25 -15.58
N THR FB 274 -62.54 -86.40 -15.07
CA THR FB 274 -62.67 -85.80 -13.75
C THR FB 274 -62.59 -84.29 -13.87
N SER FB 275 -63.17 -83.56 -12.90
CA SER FB 275 -62.97 -82.13 -12.79
C SER FB 275 -61.52 -81.78 -12.44
N ARG FB 276 -61.16 -80.50 -12.56
CA ARG FB 276 -59.83 -80.04 -12.20
C ARG FB 276 -59.60 -80.16 -10.69
N GLY FB 277 -60.66 -79.97 -9.88
CA GLY FB 277 -60.54 -80.16 -8.45
C GLY FB 277 -60.29 -81.62 -8.05
N SER FB 278 -61.03 -82.53 -8.70
CA SER FB 278 -61.06 -83.93 -8.29
C SER FB 278 -59.97 -84.76 -8.98
N GLN FB 279 -59.05 -84.12 -9.72
CA GLN FB 279 -58.12 -84.84 -10.58
C GLN FB 279 -57.20 -85.80 -9.82
N GLN FB 280 -56.60 -85.29 -8.75
CA GLN FB 280 -55.48 -85.94 -8.10
C GLN FB 280 -55.93 -86.83 -6.94
N TYR FB 281 -57.24 -86.89 -6.72
CA TYR FB 281 -57.77 -87.64 -5.59
C TYR FB 281 -58.33 -88.98 -6.03
N ARG FB 282 -58.67 -89.10 -7.32
CA ARG FB 282 -59.31 -90.29 -7.84
C ARG FB 282 -58.25 -91.30 -8.26
N ALA FB 283 -58.45 -92.53 -7.77
CA ALA FB 283 -57.71 -93.72 -8.14
C ALA FB 283 -57.79 -93.91 -9.64
N LEU FB 284 -56.64 -94.19 -10.26
CA LEU FB 284 -56.59 -94.52 -11.67
C LEU FB 284 -56.08 -95.96 -11.78
N SER FB 285 -56.98 -96.84 -12.22
CA SER FB 285 -56.69 -98.24 -12.38
C SER FB 285 -57.70 -98.82 -13.35
N VAL FB 286 -57.51 -100.08 -13.75
CA VAL FB 286 -58.42 -100.72 -14.68
C VAL FB 286 -59.81 -100.89 -14.06
N PRO FB 287 -59.97 -101.37 -12.81
CA PRO FB 287 -61.32 -101.60 -12.29
C PRO FB 287 -62.18 -100.36 -12.10
N GLU FB 288 -61.55 -99.22 -11.79
CA GLU FB 288 -62.32 -98.00 -11.65
C GLU FB 288 -62.73 -97.48 -13.03
N LEU FB 289 -61.87 -97.74 -14.03
CA LEU FB 289 -61.95 -97.09 -15.33
C LEU FB 289 -62.97 -97.80 -16.23
N THR FB 290 -63.21 -99.08 -15.94
CA THR FB 290 -64.27 -99.81 -16.63
C THR FB 290 -65.63 -99.45 -16.06
N GLN FB 291 -65.66 -98.97 -14.81
CA GLN FB 291 -66.93 -98.62 -14.20
C GLN FB 291 -67.49 -97.35 -14.85
N GLN FB 292 -66.62 -96.37 -15.04
CA GLN FB 292 -67.04 -95.12 -15.66
C GLN FB 292 -67.36 -95.33 -17.15
N MET FB 293 -66.72 -96.33 -17.75
CA MET FB 293 -66.91 -96.68 -19.15
C MET FB 293 -68.37 -97.12 -19.41
N PHE FB 294 -68.91 -97.96 -18.51
CA PHE FB 294 -70.27 -98.46 -18.65
C PHE FB 294 -71.25 -97.68 -17.79
N ASP FB 295 -71.22 -96.36 -17.95
CA ASP FB 295 -72.25 -95.50 -17.38
C ASP FB 295 -73.00 -94.83 -18.51
N ALA FB 296 -74.31 -94.70 -18.30
CA ALA FB 296 -75.15 -93.87 -19.15
C ALA FB 296 -74.77 -92.40 -18.98
N LYS FB 297 -74.11 -92.10 -17.85
CA LYS FB 297 -73.64 -90.76 -17.53
C LYS FB 297 -72.55 -90.33 -18.51
N ASN FB 298 -71.85 -91.31 -19.07
CA ASN FB 298 -70.61 -91.07 -19.78
C ASN FB 298 -70.76 -91.20 -21.29
N MET FB 299 -71.91 -91.69 -21.75
CA MET FB 299 -71.99 -92.06 -23.17
C MET FB 299 -72.27 -90.81 -24.00
N MET FB 300 -71.60 -90.70 -25.15
CA MET FB 300 -71.72 -89.49 -25.97
C MET FB 300 -73.04 -89.44 -26.76
N CYS FB 301 -73.83 -90.52 -26.75
CA CYS FB 301 -75.19 -90.47 -27.28
C CYS FB 301 -76.15 -90.30 -26.11
N ALA FB 302 -77.10 -89.37 -26.25
CA ALA FB 302 -78.03 -89.14 -25.16
C ALA FB 302 -79.21 -90.11 -25.17
N SER FB 303 -78.92 -91.41 -25.37
CA SER FB 303 -79.94 -92.45 -25.41
C SER FB 303 -79.56 -93.54 -24.42
N ASP FB 304 -80.51 -93.92 -23.56
CA ASP FB 304 -80.24 -94.77 -22.41
C ASP FB 304 -79.92 -96.19 -22.87
N PRO FB 305 -78.68 -96.70 -22.70
CA PRO FB 305 -78.38 -98.07 -23.14
C PRO FB 305 -79.01 -99.15 -22.26
N ARG FB 306 -79.48 -98.77 -21.06
CA ARG FB 306 -80.14 -99.70 -20.16
C ARG FB 306 -81.54 -100.03 -20.65
N HIS FB 307 -82.09 -99.24 -21.59
CA HIS FB 307 -83.41 -99.55 -22.14
C HIS FB 307 -83.35 -100.68 -23.16
N GLY FB 308 -82.13 -101.07 -23.52
CA GLY FB 308 -81.91 -102.11 -24.48
C GLY FB 308 -80.89 -103.14 -24.01
N ARG FB 309 -80.11 -103.61 -24.98
CA ARG FB 309 -79.10 -104.64 -24.76
C ARG FB 309 -77.93 -104.35 -25.68
N TYR FB 310 -76.72 -104.33 -25.11
CA TYR FB 310 -75.50 -104.35 -25.92
C TYR FB 310 -75.41 -105.66 -26.71
N LEU FB 311 -75.34 -105.53 -28.03
CA LEU FB 311 -75.12 -106.71 -28.86
C LEU FB 311 -73.69 -107.19 -28.69
N THR FB 312 -72.75 -106.39 -29.18
CA THR FB 312 -71.32 -106.60 -29.01
C THR FB 312 -70.71 -105.21 -28.81
N ALA FB 313 -69.77 -105.12 -27.87
CA ALA FB 313 -69.18 -103.82 -27.55
C ALA FB 313 -67.67 -103.98 -27.44
N SER FB 314 -66.96 -102.85 -27.59
CA SER FB 314 -65.51 -102.86 -27.70
C SER FB 314 -64.91 -101.79 -26.81
N ALA FB 315 -63.79 -102.13 -26.16
CA ALA FB 315 -63.08 -101.23 -25.27
C ALA FB 315 -61.61 -101.14 -25.71
N MET FB 316 -61.18 -99.94 -26.10
CA MET FB 316 -59.82 -99.73 -26.58
C MET FB 316 -58.99 -99.03 -25.51
N PHE FB 317 -58.17 -99.83 -24.83
CA PHE FB 317 -57.39 -99.36 -23.72
C PHE FB 317 -56.12 -98.70 -24.22
N ARG FB 318 -55.72 -97.67 -23.49
CA ARG FB 318 -54.54 -96.94 -23.85
C ARG FB 318 -53.70 -96.73 -22.60
N GLY FB 319 -52.45 -97.16 -22.69
CA GLY FB 319 -51.53 -96.98 -21.58
C GLY FB 319 -50.79 -98.26 -21.28
N ARG FB 320 -49.81 -98.13 -20.38
CA ARG FB 320 -49.10 -99.28 -19.88
C ARG FB 320 -49.98 -100.02 -18.89
N MET FB 321 -50.34 -101.25 -19.22
CA MET FB 321 -51.32 -101.91 -18.38
C MET FB 321 -51.22 -103.42 -18.52
N SER FB 322 -51.78 -104.09 -17.52
CA SER FB 322 -51.69 -105.52 -17.37
C SER FB 322 -52.93 -106.15 -17.99
N THR FB 323 -52.68 -107.12 -18.88
CA THR FB 323 -53.74 -107.72 -19.68
C THR FB 323 -54.64 -108.60 -18.81
N LYS FB 324 -54.18 -108.97 -17.61
CA LYS FB 324 -54.98 -109.74 -16.68
C LYS FB 324 -56.20 -108.94 -16.22
N GLU FB 325 -55.98 -107.67 -15.84
CA GLU FB 325 -57.10 -106.83 -15.45
C GLU FB 325 -57.92 -106.39 -16.67
N VAL FB 326 -57.27 -106.34 -17.83
CA VAL FB 326 -58.01 -106.06 -19.06
C VAL FB 326 -58.87 -107.28 -19.39
N ASP FB 327 -58.51 -108.45 -18.87
CA ASP FB 327 -59.31 -109.65 -19.06
C ASP FB 327 -60.40 -109.81 -18.00
N GLU FB 328 -60.01 -109.81 -16.71
CA GLU FB 328 -60.90 -110.27 -15.64
C GLU FB 328 -62.06 -109.29 -15.38
N GLN FB 329 -61.81 -108.00 -15.68
CA GLN FB 329 -62.82 -106.98 -15.46
C GLN FB 329 -63.96 -107.15 -16.46
N MET FB 330 -63.62 -107.55 -17.70
CA MET FB 330 -64.63 -107.74 -18.73
C MET FB 330 -65.42 -109.03 -18.53
N LEU FB 331 -64.84 -110.00 -17.82
CA LEU FB 331 -65.65 -111.07 -17.29
C LEU FB 331 -66.61 -110.55 -16.22
N ASN FB 332 -66.12 -109.60 -15.41
CA ASN FB 332 -66.87 -109.15 -14.25
C ASN FB 332 -68.14 -108.36 -14.62
N VAL FB 333 -68.10 -107.63 -15.74
CA VAL FB 333 -69.25 -106.86 -16.20
C VAL FB 333 -70.37 -107.80 -16.66
N GLN FB 334 -70.02 -108.82 -17.44
CA GLN FB 334 -71.01 -109.72 -18.03
C GLN FB 334 -71.66 -110.58 -16.95
N ASN FB 335 -70.94 -110.79 -15.84
CA ASN FB 335 -71.45 -111.59 -14.74
C ASN FB 335 -72.27 -110.73 -13.77
N LYS FB 336 -71.92 -109.44 -13.64
CA LYS FB 336 -72.65 -108.56 -12.74
C LYS FB 336 -73.87 -107.92 -13.44
N ASN FB 337 -73.63 -107.15 -14.50
CA ASN FB 337 -74.71 -106.59 -15.29
C ASN FB 337 -75.14 -107.65 -16.30
N SER FB 338 -75.88 -108.65 -15.81
CA SER FB 338 -76.19 -109.82 -16.62
C SER FB 338 -77.22 -109.51 -17.72
N SER FB 339 -78.08 -108.53 -17.47
CA SER FB 339 -79.27 -108.28 -18.28
C SER FB 339 -79.04 -107.29 -19.41
N TYR FB 340 -77.99 -106.45 -19.29
CA TYR FB 340 -77.78 -105.43 -20.31
C TYR FB 340 -77.14 -106.01 -21.57
N PHE FB 341 -76.85 -107.32 -21.55
CA PHE FB 341 -76.09 -107.97 -22.60
C PHE FB 341 -76.92 -109.08 -23.20
N VAL FB 342 -76.82 -109.20 -24.53
CA VAL FB 342 -77.48 -110.25 -25.26
C VAL FB 342 -76.84 -111.59 -24.88
N GLU FB 343 -77.62 -112.67 -24.88
CA GLU FB 343 -77.11 -113.89 -24.26
C GLU FB 343 -76.86 -114.99 -25.30
N TRP FB 344 -77.24 -114.75 -26.57
CA TRP FB 344 -76.87 -115.69 -27.63
C TRP FB 344 -75.58 -115.30 -28.34
N ILE FB 345 -74.84 -114.35 -27.75
CA ILE FB 345 -73.44 -114.11 -28.07
C ILE FB 345 -72.64 -114.22 -26.78
N PRO FB 346 -72.06 -115.38 -26.45
CA PRO FB 346 -71.20 -115.48 -25.27
C PRO FB 346 -69.91 -114.68 -25.45
N ASN FB 347 -69.51 -114.01 -24.38
CA ASN FB 347 -68.42 -113.05 -24.34
C ASN FB 347 -68.61 -111.93 -25.36
N ASN FB 348 -69.60 -111.09 -25.08
CA ASN FB 348 -69.98 -109.95 -25.93
C ASN FB 348 -68.88 -108.91 -26.08
N MET FB 349 -67.94 -108.84 -25.13
CA MET FB 349 -67.06 -107.70 -25.05
C MET FB 349 -65.79 -107.95 -25.86
N LYS FB 350 -65.25 -106.86 -26.41
CA LYS FB 350 -63.98 -106.92 -27.10
C LYS FB 350 -63.00 -105.98 -26.41
N SER FB 351 -61.74 -106.44 -26.25
CA SER FB 351 -60.69 -105.64 -25.64
C SER FB 351 -59.58 -105.35 -26.66
N SER FB 352 -58.86 -104.23 -26.50
CA SER FB 352 -57.60 -103.94 -27.20
C SER FB 352 -56.71 -103.11 -26.28
N VAL FB 353 -55.38 -103.32 -26.38
CA VAL FB 353 -54.45 -102.57 -25.54
C VAL FB 353 -53.45 -101.86 -26.43
N CYS FB 354 -53.42 -100.52 -26.28
CA CYS FB 354 -52.51 -99.66 -27.01
C CYS FB 354 -51.50 -99.08 -26.02
N ASP FB 355 -50.21 -99.09 -26.42
CA ASP FB 355 -49.16 -98.95 -25.41
C ASP FB 355 -48.76 -97.52 -25.09
N ILE FB 356 -49.31 -96.55 -25.82
CA ILE FB 356 -48.89 -95.16 -25.71
C ILE FB 356 -50.07 -94.37 -25.19
N PRO FB 357 -50.02 -93.86 -23.94
CA PRO FB 357 -51.18 -93.22 -23.36
C PRO FB 357 -51.33 -91.83 -23.96
N PRO FB 358 -52.53 -91.20 -23.88
CA PRO FB 358 -52.65 -89.78 -24.20
C PRO FB 358 -51.78 -88.96 -23.25
N LYS FB 359 -51.34 -87.77 -23.69
CA LYS FB 359 -50.33 -87.00 -22.97
C LYS FB 359 -50.86 -86.57 -21.61
N GLY FB 360 -50.11 -86.91 -20.55
CA GLY FB 360 -50.41 -86.50 -19.19
C GLY FB 360 -51.35 -87.44 -18.40
N LEU FB 361 -51.89 -88.47 -19.05
CA LEU FB 361 -52.68 -89.48 -18.36
C LEU FB 361 -51.96 -90.82 -18.44
N LYS FB 362 -51.95 -91.55 -17.31
CA LYS FB 362 -51.28 -92.83 -17.26
C LYS FB 362 -52.10 -93.88 -18.02
N MET FB 363 -53.44 -93.76 -17.98
CA MET FB 363 -54.32 -94.75 -18.57
C MET FB 363 -55.60 -94.10 -19.05
N SER FB 364 -56.19 -94.70 -20.09
CA SER FB 364 -57.40 -94.16 -20.70
C SER FB 364 -58.08 -95.27 -21.49
N VAL FB 365 -59.42 -95.17 -21.52
CA VAL FB 365 -60.23 -96.10 -22.27
C VAL FB 365 -61.21 -95.33 -23.15
N THR FB 366 -61.33 -95.75 -24.41
CA THR FB 366 -62.41 -95.30 -25.28
C THR FB 366 -63.31 -96.50 -25.50
N PHE FB 367 -64.58 -96.24 -25.75
CA PHE FB 367 -65.57 -97.30 -25.76
C PHE FB 367 -66.44 -97.16 -27.00
N VAL FB 368 -66.58 -98.24 -27.76
CA VAL FB 368 -67.46 -98.28 -28.91
C VAL FB 368 -68.39 -99.47 -28.74
N GLY FB 369 -69.65 -99.17 -28.45
CA GLY FB 369 -70.67 -100.18 -28.21
C GLY FB 369 -71.69 -100.21 -29.34
N ASN FB 370 -72.12 -101.42 -29.71
CA ASN FB 370 -73.22 -101.60 -30.63
C ASN FB 370 -74.44 -102.06 -29.81
N SER FB 371 -75.42 -101.16 -29.67
CA SER FB 371 -76.53 -101.33 -28.73
C SER FB 371 -77.86 -101.19 -29.44
N THR FB 372 -78.89 -101.84 -28.90
CA THR FB 372 -80.25 -101.72 -29.42
C THR FB 372 -81.02 -100.67 -28.63
N ALA FB 373 -80.27 -99.74 -28.02
CA ALA FB 373 -80.87 -98.53 -27.48
C ALA FB 373 -80.73 -97.36 -28.45
N ILE FB 374 -80.09 -97.62 -29.60
CA ILE FB 374 -79.96 -96.62 -30.63
C ILE FB 374 -81.27 -96.49 -31.40
N GLN FB 375 -82.17 -97.48 -31.23
CA GLN FB 375 -83.46 -97.41 -31.92
C GLN FB 375 -84.37 -96.39 -31.22
N GLU FB 376 -83.92 -95.86 -30.06
CA GLU FB 376 -84.66 -94.83 -29.35
C GLU FB 376 -84.68 -93.57 -30.21
N MET FB 377 -83.53 -93.21 -30.79
CA MET FB 377 -83.45 -91.99 -31.58
C MET FB 377 -83.95 -92.26 -33.00
N PHE FB 378 -83.76 -93.49 -33.51
CA PHE FB 378 -84.24 -93.82 -34.85
C PHE FB 378 -85.78 -93.79 -34.87
N LYS FB 379 -86.39 -94.18 -33.76
CA LYS FB 379 -87.83 -94.05 -33.68
C LYS FB 379 -88.24 -92.63 -33.33
N ARG FB 380 -87.41 -91.88 -32.60
CA ARG FB 380 -87.75 -90.52 -32.16
C ARG FB 380 -87.77 -89.58 -33.36
N VAL FB 381 -86.72 -89.62 -34.17
CA VAL FB 381 -86.65 -88.72 -35.31
C VAL FB 381 -87.52 -89.21 -36.46
N SER FB 382 -87.93 -90.47 -36.42
CA SER FB 382 -88.95 -90.94 -37.34
C SER FB 382 -90.31 -90.30 -37.00
N ASP FB 383 -90.60 -90.12 -35.71
CA ASP FB 383 -91.84 -89.47 -35.28
C ASP FB 383 -91.86 -87.99 -35.61
N GLN FB 384 -90.73 -87.33 -35.44
CA GLN FB 384 -90.61 -85.93 -35.81
C GLN FB 384 -90.71 -85.76 -37.34
N PHE FB 385 -90.18 -86.76 -38.08
CA PHE FB 385 -90.23 -86.73 -39.53
C PHE FB 385 -91.64 -87.06 -40.02
N THR FB 386 -92.28 -88.04 -39.41
CA THR FB 386 -93.62 -88.42 -39.85
C THR FB 386 -94.70 -87.46 -39.35
N ALA FB 387 -94.37 -86.60 -38.37
CA ALA FB 387 -95.30 -85.55 -37.98
C ALA FB 387 -95.33 -84.48 -39.08
N MET FB 388 -94.16 -84.12 -39.62
CA MET FB 388 -94.11 -83.09 -40.65
C MET FB 388 -94.59 -83.60 -42.03
N PHE FB 389 -94.16 -84.82 -42.40
CA PHE FB 389 -94.32 -85.33 -43.75
C PHE FB 389 -95.77 -85.62 -44.12
N ARG FB 390 -96.62 -85.88 -43.11
CA ARG FB 390 -98.04 -86.11 -43.36
C ARG FB 390 -98.67 -84.87 -43.98
N ARG FB 391 -98.37 -83.71 -43.39
CA ARG FB 391 -98.97 -82.46 -43.81
C ARG FB 391 -98.05 -81.67 -44.73
N LYS FB 392 -96.93 -82.27 -45.14
CA LYS FB 392 -96.05 -81.74 -46.18
C LYS FB 392 -95.54 -80.34 -45.84
N ALA FB 393 -94.87 -80.23 -44.69
CA ALA FB 393 -94.23 -78.99 -44.27
C ALA FB 393 -92.81 -78.90 -44.80
N PHE FB 394 -92.44 -77.74 -45.35
CA PHE FB 394 -91.13 -77.49 -45.91
C PHE FB 394 -90.79 -78.45 -47.04
N LEU FB 395 -91.81 -78.98 -47.73
CA LEU FB 395 -91.51 -80.03 -48.68
C LEU FB 395 -90.94 -79.46 -49.97
N HIS FB 396 -91.46 -78.33 -50.41
CA HIS FB 396 -91.13 -77.84 -51.74
C HIS FB 396 -89.80 -77.08 -51.79
N TRP FB 397 -89.10 -76.96 -50.65
CA TRP FB 397 -87.68 -76.67 -50.67
C TRP FB 397 -86.85 -77.92 -50.82
N TYR FB 398 -87.48 -79.01 -51.26
CA TYR FB 398 -86.80 -80.20 -51.74
C TYR FB 398 -87.41 -80.67 -53.06
N THR FB 399 -88.73 -80.46 -53.24
CA THR FB 399 -89.45 -80.90 -54.42
C THR FB 399 -89.17 -79.97 -55.60
N GLY FB 400 -88.93 -78.68 -55.30
CA GLY FB 400 -88.62 -77.69 -56.32
C GLY FB 400 -87.36 -78.04 -57.11
N GLU FB 401 -86.29 -78.44 -56.38
CA GLU FB 401 -85.03 -78.75 -57.02
C GLU FB 401 -84.85 -80.25 -57.27
N GLY FB 402 -85.90 -80.90 -57.77
CA GLY FB 402 -85.78 -82.18 -58.47
C GLY FB 402 -85.78 -83.44 -57.59
N MET FB 403 -86.15 -83.30 -56.31
CA MET FB 403 -86.30 -84.46 -55.45
C MET FB 403 -87.79 -84.78 -55.30
N ASP FB 404 -88.20 -85.89 -55.94
CA ASP FB 404 -89.60 -86.24 -56.07
C ASP FB 404 -90.15 -86.85 -54.77
N GLU FB 405 -91.43 -87.21 -54.82
CA GLU FB 405 -92.22 -87.58 -53.65
C GLU FB 405 -91.76 -88.92 -53.07
N MET FB 406 -91.25 -89.80 -53.94
CA MET FB 406 -91.07 -91.20 -53.60
C MET FB 406 -89.91 -91.40 -52.65
N GLU FB 407 -88.87 -90.59 -52.78
CA GLU FB 407 -87.64 -90.77 -52.02
C GLU FB 407 -87.83 -90.38 -50.56
N PHE FB 408 -88.89 -89.64 -50.22
CA PHE FB 408 -89.17 -89.34 -48.83
C PHE FB 408 -89.78 -90.55 -48.14
N THR FB 409 -90.76 -91.18 -48.80
CA THR FB 409 -91.39 -92.37 -48.24
C THR FB 409 -90.41 -93.55 -48.27
N GLU FB 410 -89.54 -93.58 -49.30
CA GLU FB 410 -88.53 -94.61 -49.43
C GLU FB 410 -87.54 -94.50 -48.29
N ALA FB 411 -87.22 -93.27 -47.88
CA ALA FB 411 -86.32 -93.02 -46.77
C ALA FB 411 -86.95 -93.49 -45.46
N GLU FB 412 -88.26 -93.23 -45.31
CA GLU FB 412 -88.96 -93.58 -44.07
C GLU FB 412 -89.09 -95.10 -43.94
N SER FB 413 -89.44 -95.78 -45.04
CA SER FB 413 -89.61 -97.23 -45.02
C SER FB 413 -88.27 -97.94 -44.83
N ASN FB 414 -87.22 -97.38 -45.44
CA ASN FB 414 -85.90 -98.00 -45.38
C ASN FB 414 -85.19 -97.63 -44.08
N MET FB 415 -85.90 -96.96 -43.15
CA MET FB 415 -85.36 -96.61 -41.84
C MET FB 415 -86.24 -97.15 -40.70
N ASN FB 416 -87.55 -97.20 -40.93
CA ASN FB 416 -88.45 -97.77 -39.94
C ASN FB 416 -88.27 -99.28 -39.85
N ASP FB 417 -87.76 -99.90 -40.91
CA ASP FB 417 -87.39 -101.31 -40.85
C ASP FB 417 -86.10 -101.50 -40.04
N LEU FB 418 -85.28 -100.44 -39.94
CA LEU FB 418 -84.07 -100.52 -39.12
C LEU FB 418 -84.41 -100.47 -37.62
N VAL FB 419 -85.48 -99.76 -37.27
CA VAL FB 419 -85.93 -99.76 -35.89
C VAL FB 419 -86.47 -101.15 -35.54
N SER FB 420 -87.21 -101.77 -36.47
CA SER FB 420 -87.81 -103.08 -36.27
C SER FB 420 -86.74 -104.18 -36.24
N GLU FB 421 -85.64 -103.99 -36.98
CA GLU FB 421 -84.53 -104.94 -37.00
C GLU FB 421 -83.91 -105.02 -35.60
N TYR FB 422 -83.78 -103.84 -34.96
CA TYR FB 422 -83.20 -103.76 -33.64
C TYR FB 422 -84.12 -104.41 -32.58
N GLN FB 423 -85.43 -104.29 -32.80
CA GLN FB 423 -86.39 -104.89 -31.90
C GLN FB 423 -86.40 -106.41 -32.02
N GLN FB 424 -85.96 -106.92 -33.17
CA GLN FB 424 -85.99 -108.35 -33.41
C GLN FB 424 -85.03 -109.08 -32.46
N TYR FB 425 -83.93 -108.41 -32.14
CA TYR FB 425 -82.96 -108.99 -31.22
C TYR FB 425 -82.98 -108.29 -29.87
N GLN FB 426 -84.15 -107.77 -29.47
CA GLN FB 426 -84.28 -107.09 -28.20
C GLN FB 426 -84.37 -108.10 -27.04
N MET GB 1 -67.64 -59.19 -53.03
CA MET GB 1 -67.45 -60.62 -52.72
C MET GB 1 -68.83 -61.29 -52.61
N ARG GB 2 -69.10 -61.85 -51.43
CA ARG GB 2 -70.49 -62.14 -51.07
C ARG GB 2 -71.05 -60.92 -50.37
N GLU GB 3 -72.07 -60.32 -51.00
CA GLU GB 3 -72.57 -59.07 -50.50
C GLU GB 3 -74.09 -59.05 -50.56
N VAL GB 4 -74.67 -58.01 -49.97
CA VAL GB 4 -76.11 -57.85 -49.96
C VAL GB 4 -76.42 -56.38 -50.25
N ILE GB 5 -77.39 -56.17 -51.15
CA ILE GB 5 -77.69 -54.84 -51.67
C ILE GB 5 -78.88 -54.25 -50.92
N SER GB 6 -78.66 -53.08 -50.31
CA SER GB 6 -79.71 -52.38 -49.58
C SER GB 6 -80.49 -51.51 -50.55
N ILE GB 7 -81.82 -51.61 -50.46
CA ILE GB 7 -82.71 -50.74 -51.21
C ILE GB 7 -83.61 -50.05 -50.20
N HIS GB 8 -83.64 -48.72 -50.29
CA HIS GB 8 -84.51 -47.93 -49.42
C HIS GB 8 -85.50 -47.19 -50.31
N VAL GB 9 -86.76 -47.65 -50.26
CA VAL GB 9 -87.80 -47.10 -51.12
C VAL GB 9 -88.75 -46.29 -50.26
N GLY GB 10 -88.98 -45.06 -50.70
CA GLY GB 10 -89.95 -44.25 -50.03
C GLY GB 10 -89.34 -43.48 -48.88
N GLN GB 11 -90.28 -42.81 -48.24
CA GLN GB 11 -89.93 -42.04 -47.08
C GLN GB 11 -89.32 -42.88 -45.96
N ALA GB 12 -90.14 -43.84 -45.52
CA ALA GB 12 -89.81 -44.58 -44.32
C ALA GB 12 -88.56 -45.42 -44.53
N GLY GB 13 -88.33 -45.80 -45.80
CA GLY GB 13 -87.12 -46.52 -46.19
C GLY GB 13 -85.87 -45.66 -46.00
N ILE GB 14 -85.97 -44.39 -46.40
CA ILE GB 14 -84.80 -43.54 -46.43
C ILE GB 14 -84.37 -43.16 -45.02
N GLN GB 15 -85.36 -42.80 -44.19
CA GLN GB 15 -85.13 -42.36 -42.82
C GLN GB 15 -84.48 -43.50 -42.00
N ILE GB 16 -85.08 -44.68 -42.15
CA ILE GB 16 -84.57 -45.87 -41.51
C ILE GB 16 -83.17 -46.18 -42.02
N GLY GB 17 -82.99 -46.02 -43.34
CA GLY GB 17 -81.71 -46.32 -43.96
C GLY GB 17 -80.60 -45.40 -43.53
N ASN GB 18 -80.99 -44.19 -43.11
CA ASN GB 18 -80.02 -43.24 -42.59
C ASN GB 18 -79.43 -43.71 -41.26
N ALA GB 19 -80.33 -44.23 -40.41
CA ALA GB 19 -79.90 -44.75 -39.14
C ALA GB 19 -79.11 -46.06 -39.33
N CYS GB 20 -79.47 -46.83 -40.35
CA CYS GB 20 -78.80 -48.09 -40.66
C CYS GB 20 -77.35 -47.86 -41.08
N TRP GB 21 -77.16 -46.93 -42.03
CA TRP GB 21 -75.84 -46.74 -42.60
C TRP GB 21 -74.89 -45.96 -41.69
N GLU GB 22 -75.47 -45.13 -40.82
CA GLU GB 22 -74.67 -44.53 -39.76
C GLU GB 22 -74.18 -45.65 -38.83
N LEU GB 23 -75.08 -46.59 -38.50
CA LEU GB 23 -74.74 -47.68 -37.59
C LEU GB 23 -73.66 -48.59 -38.18
N PHE GB 24 -73.78 -48.87 -39.48
CA PHE GB 24 -72.85 -49.80 -40.14
C PHE GB 24 -71.46 -49.19 -40.27
N CYS GB 25 -71.40 -47.86 -40.37
CA CYS GB 25 -70.12 -47.18 -40.52
C CYS GB 25 -69.27 -47.26 -39.24
N LEU GB 26 -69.92 -47.00 -38.09
CA LEU GB 26 -69.21 -47.06 -36.82
C LEU GB 26 -68.79 -48.49 -36.49
N GLU GB 27 -69.54 -49.46 -37.04
CA GLU GB 27 -69.28 -50.85 -36.70
C GLU GB 27 -68.00 -51.33 -37.40
N HIS GB 28 -67.63 -50.68 -38.52
CA HIS GB 28 -66.41 -51.00 -39.23
C HIS GB 28 -65.39 -49.85 -39.16
N GLY GB 29 -65.78 -48.72 -38.53
CA GLY GB 29 -64.80 -47.69 -38.21
C GLY GB 29 -64.24 -46.89 -39.41
N ILE GB 30 -65.19 -46.49 -40.26
CA ILE GB 30 -64.88 -45.61 -41.38
C ILE GB 30 -65.46 -44.23 -41.12
N GLN GB 31 -64.66 -43.16 -41.36
CA GLN GB 31 -65.10 -41.77 -41.27
C GLN GB 31 -66.19 -41.47 -42.29
N PRO GB 32 -67.04 -40.41 -42.08
CA PRO GB 32 -68.05 -39.98 -43.06
C PRO GB 32 -67.61 -39.72 -44.50
N ASP GB 33 -66.31 -39.45 -44.64
CA ASP GB 33 -65.66 -39.29 -45.93
C ASP GB 33 -65.66 -40.65 -46.64
N GLY GB 34 -65.43 -41.75 -45.89
CA GLY GB 34 -65.46 -43.11 -46.44
C GLY GB 34 -64.12 -43.85 -46.38
N GLN GB 35 -63.11 -43.21 -45.81
CA GLN GB 35 -61.80 -43.83 -45.74
C GLN GB 35 -61.57 -44.31 -44.32
N MET GB 36 -61.26 -45.59 -44.12
CA MET GB 36 -60.65 -45.94 -42.85
C MET GB 36 -59.19 -45.47 -42.88
N PRO GB 37 -58.68 -44.83 -41.81
CA PRO GB 37 -57.47 -43.99 -41.94
C PRO GB 37 -56.11 -44.67 -41.86
N ASP GB 47 -61.54 -57.55 -44.69
CA ASP GB 47 -62.28 -58.28 -45.77
C ASP GB 47 -63.66 -58.67 -45.26
N ALA GB 48 -63.91 -58.38 -43.97
CA ALA GB 48 -65.11 -58.79 -43.26
C ALA GB 48 -66.24 -57.78 -43.50
N PHE GB 49 -65.88 -56.57 -43.94
CA PHE GB 49 -66.87 -55.52 -44.10
C PHE GB 49 -67.40 -55.45 -45.52
N ASN GB 50 -66.93 -56.32 -46.40
CA ASN GB 50 -67.25 -56.21 -47.83
C ASN GB 50 -68.68 -56.61 -48.17
N THR GB 51 -69.39 -57.17 -47.19
CA THR GB 51 -70.77 -57.58 -47.42
C THR GB 51 -71.64 -56.34 -47.60
N PHE GB 52 -71.24 -55.21 -47.04
CA PHE GB 52 -72.01 -53.99 -47.11
C PHE GB 52 -71.29 -52.83 -47.80
N PHE GB 53 -69.99 -52.97 -48.13
CA PHE GB 53 -69.23 -51.86 -48.69
C PHE GB 53 -68.47 -52.30 -49.94
N SER GB 54 -68.29 -51.34 -50.85
CA SER GB 54 -67.57 -51.52 -52.10
C SER GB 54 -66.20 -50.84 -52.01
N GLU GB 55 -65.15 -51.57 -52.39
CA GLU GB 55 -63.78 -51.07 -52.25
C GLU GB 55 -63.46 -50.20 -53.46
N THR GB 56 -63.06 -48.96 -53.21
CA THR GB 56 -62.60 -48.11 -54.32
C THR GB 56 -61.37 -47.34 -53.89
N GLY GB 57 -60.62 -46.85 -54.88
CA GLY GB 57 -59.59 -45.83 -54.75
C GLY GB 57 -58.55 -46.18 -53.69
N ALA GB 58 -58.07 -45.13 -53.00
CA ALA GB 58 -57.01 -45.28 -52.03
C ALA GB 58 -57.56 -45.67 -50.66
N GLY GB 59 -58.20 -46.85 -50.57
CA GLY GB 59 -58.65 -47.34 -49.27
C GLY GB 59 -60.02 -46.81 -48.81
N LYS GB 60 -60.68 -46.02 -49.66
CA LYS GB 60 -62.03 -45.59 -49.32
C LYS GB 60 -63.06 -46.68 -49.63
N HIS GB 61 -64.27 -46.53 -49.10
CA HIS GB 61 -65.33 -47.52 -49.21
C HIS GB 61 -66.66 -46.82 -49.44
N VAL GB 62 -67.46 -47.34 -50.37
CA VAL GB 62 -68.73 -46.75 -50.76
C VAL GB 62 -69.80 -47.75 -50.35
N PRO GB 63 -70.88 -47.30 -49.67
CA PRO GB 63 -71.94 -48.24 -49.30
C PRO GB 63 -72.68 -48.81 -50.50
N ARG GB 64 -73.26 -49.99 -50.28
CA ARG GB 64 -74.05 -50.66 -51.29
C ARG GB 64 -75.52 -50.46 -50.98
N CYS GB 65 -75.97 -49.23 -51.26
CA CYS GB 65 -77.35 -48.85 -51.01
C CYS GB 65 -77.75 -47.78 -52.01
N VAL GB 66 -78.99 -47.91 -52.48
CA VAL GB 66 -79.60 -46.89 -53.31
C VAL GB 66 -80.83 -46.36 -52.55
N PHE GB 67 -81.02 -45.05 -52.69
CA PHE GB 67 -82.17 -44.37 -52.11
C PHE GB 67 -83.13 -44.03 -53.25
N LEU GB 68 -84.39 -44.44 -53.10
CA LEU GB 68 -85.41 -44.08 -54.08
C LEU GB 68 -86.56 -43.39 -53.36
N ASP GB 69 -86.84 -42.15 -53.77
CA ASP GB 69 -88.10 -41.51 -53.44
C ASP GB 69 -88.45 -40.55 -54.56
N LEU GB 70 -89.76 -40.32 -54.72
CA LEU GB 70 -90.21 -39.40 -55.74
C LEU GB 70 -90.23 -37.97 -55.23
N GLU GB 71 -90.09 -37.74 -53.91
CA GLU GB 71 -89.95 -36.39 -53.43
C GLU GB 71 -88.48 -36.10 -53.18
N PRO GB 72 -87.96 -34.93 -53.58
CA PRO GB 72 -86.54 -34.67 -53.44
C PRO GB 72 -86.20 -34.18 -52.04
N THR GB 73 -87.22 -33.79 -51.26
CA THR GB 73 -87.03 -33.00 -50.06
C THR GB 73 -86.45 -33.86 -48.95
N VAL GB 74 -86.65 -35.17 -49.04
CA VAL GB 74 -86.27 -36.12 -47.99
C VAL GB 74 -84.87 -36.65 -48.28
N VAL GB 75 -84.43 -36.64 -49.54
CA VAL GB 75 -83.18 -37.22 -49.99
C VAL GB 75 -82.09 -36.14 -50.06
N ASP GB 76 -82.52 -34.87 -50.07
CA ASP GB 76 -81.57 -33.77 -50.16
C ASP GB 76 -80.95 -33.37 -48.81
N GLU GB 77 -81.38 -34.02 -47.72
CA GLU GB 77 -80.65 -33.80 -46.48
C GLU GB 77 -79.32 -34.58 -46.54
N VAL GB 78 -79.33 -35.74 -47.22
CA VAL GB 78 -78.15 -36.58 -47.32
C VAL GB 78 -77.13 -35.95 -48.26
N ARG GB 79 -77.64 -35.27 -49.30
CA ARG GB 79 -76.75 -34.62 -50.25
C ARG GB 79 -76.02 -33.42 -49.61
N THR GB 80 -76.62 -32.79 -48.58
CA THR GB 80 -76.03 -31.60 -47.96
C THR GB 80 -75.63 -31.81 -46.50
N GLY GB 81 -75.79 -33.02 -45.98
CA GLY GB 81 -75.39 -33.29 -44.60
C GLY GB 81 -73.89 -33.61 -44.43
N THR GB 82 -73.48 -34.20 -43.30
CA THR GB 82 -72.07 -34.59 -43.16
C THR GB 82 -71.73 -35.87 -43.92
N TYR GB 83 -72.74 -36.72 -44.14
CA TYR GB 83 -72.54 -37.93 -44.93
C TYR GB 83 -72.91 -37.72 -46.40
N ARG GB 84 -72.32 -36.70 -47.01
CA ARG GB 84 -72.61 -36.37 -48.40
C ARG GB 84 -71.46 -36.82 -49.31
N HIS GB 85 -70.41 -37.31 -48.68
CA HIS GB 85 -69.20 -37.69 -49.36
C HIS GB 85 -69.18 -39.21 -49.36
N LEU GB 86 -69.99 -39.84 -48.51
CA LEU GB 86 -69.94 -41.28 -48.34
C LEU GB 86 -70.61 -41.97 -49.53
N PHE GB 87 -71.80 -41.46 -49.91
CA PHE GB 87 -72.54 -42.04 -51.00
C PHE GB 87 -72.10 -41.42 -52.32
N HIS GB 88 -72.04 -42.26 -53.37
CA HIS GB 88 -71.92 -41.78 -54.73
C HIS GB 88 -73.11 -40.89 -55.04
N PRO GB 89 -72.93 -39.72 -55.70
CA PRO GB 89 -74.04 -38.87 -56.10
C PRO GB 89 -75.17 -39.59 -56.84
N GLU GB 90 -74.84 -40.63 -57.61
CA GLU GB 90 -75.83 -41.38 -58.39
C GLU GB 90 -76.57 -42.43 -57.56
N GLN GB 91 -76.18 -42.62 -56.28
CA GLN GB 91 -76.85 -43.60 -55.44
C GLN GB 91 -78.26 -43.13 -55.09
N LEU GB 92 -78.42 -41.80 -55.05
CA LEU GB 92 -79.62 -41.14 -54.55
C LEU GB 92 -80.44 -40.67 -55.75
N ILE GB 93 -81.54 -41.37 -56.03
CA ILE GB 93 -82.34 -41.14 -57.22
C ILE GB 93 -83.69 -40.58 -56.80
N SER GB 94 -84.05 -39.42 -57.37
CA SER GB 94 -85.18 -38.65 -56.89
C SER GB 94 -86.01 -38.19 -58.09
N GLY GB 95 -87.32 -38.03 -57.86
CA GLY GB 95 -88.25 -37.42 -58.82
C GLY GB 95 -88.45 -35.94 -58.51
N LYS GB 96 -89.47 -35.26 -59.07
CA LYS GB 96 -89.76 -33.90 -58.62
C LYS GB 96 -91.11 -33.81 -57.92
N GLU GB 97 -92.07 -34.71 -58.15
CA GLU GB 97 -93.34 -34.73 -57.41
C GLU GB 97 -93.54 -36.01 -56.60
N ASP GB 98 -94.21 -35.94 -55.45
CA ASP GB 98 -94.45 -37.09 -54.58
C ASP GB 98 -95.68 -37.87 -55.07
N ALA GB 99 -95.74 -39.17 -54.74
CA ALA GB 99 -96.86 -40.00 -55.13
C ALA GB 99 -98.15 -39.64 -54.39
N ALA GB 100 -98.00 -39.02 -53.21
CA ALA GB 100 -99.09 -38.40 -52.45
C ALA GB 100 -100.17 -39.42 -52.11
N ASN GB 101 -99.73 -40.42 -51.35
CA ASN GB 101 -100.57 -41.40 -50.70
C ASN GB 101 -101.45 -42.16 -51.69
N ASN GB 102 -100.92 -42.40 -52.88
CA ASN GB 102 -101.61 -43.19 -53.88
C ASN GB 102 -100.71 -44.35 -54.29
N PHE GB 103 -101.29 -45.56 -54.20
CA PHE GB 103 -100.68 -46.69 -54.86
C PHE GB 103 -100.73 -46.53 -56.37
N ALA GB 104 -101.82 -45.92 -56.86
CA ALA GB 104 -102.06 -45.79 -58.30
C ALA GB 104 -101.01 -44.85 -58.93
N ARG GB 105 -100.58 -43.85 -58.16
CA ARG GB 105 -99.60 -42.91 -58.67
C ARG GB 105 -98.24 -43.58 -58.81
N GLY GB 106 -97.82 -44.26 -57.75
CA GLY GB 106 -96.49 -44.84 -57.68
C GLY GB 106 -96.31 -46.03 -58.64
N HIS GB 107 -97.42 -46.67 -59.02
CA HIS GB 107 -97.38 -47.85 -59.87
C HIS GB 107 -97.53 -47.53 -61.36
N TYR GB 108 -98.44 -46.61 -61.71
CA TYR GB 108 -98.86 -46.43 -63.10
C TYR GB 108 -98.30 -45.15 -63.70
N THR GB 109 -98.53 -44.03 -63.03
CA THR GB 109 -98.34 -42.73 -63.66
C THR GB 109 -96.95 -42.16 -63.39
N ILE GB 110 -96.63 -41.89 -62.12
CA ILE GB 110 -95.43 -41.14 -61.81
C ILE GB 110 -94.24 -42.07 -61.56
N GLY GB 111 -94.51 -43.34 -61.30
CA GLY GB 111 -93.44 -44.31 -61.05
C GLY GB 111 -92.67 -44.78 -62.27
N LYS GB 112 -93.10 -44.39 -63.49
CA LYS GB 112 -92.58 -44.97 -64.72
C LYS GB 112 -91.18 -44.41 -65.04
N GLU GB 113 -90.96 -43.11 -64.78
CA GLU GB 113 -89.80 -42.44 -65.37
C GLU GB 113 -88.58 -42.49 -64.44
N ILE GB 114 -88.78 -43.04 -63.22
CA ILE GB 114 -87.68 -43.18 -62.28
C ILE GB 114 -87.18 -44.62 -62.23
N VAL GB 115 -88.08 -45.58 -62.52
CA VAL GB 115 -87.80 -47.01 -62.37
C VAL GB 115 -86.69 -47.45 -63.32
N ASP GB 116 -86.62 -46.84 -64.50
CA ASP GB 116 -85.57 -47.18 -65.46
C ASP GB 116 -84.20 -46.78 -64.92
N LEU GB 117 -84.12 -45.58 -64.29
CA LEU GB 117 -82.84 -45.12 -63.75
C LEU GB 117 -82.46 -45.91 -62.50
N SER GB 118 -83.46 -46.43 -61.78
CA SER GB 118 -83.23 -47.18 -60.56
C SER GB 118 -82.54 -48.51 -60.87
N LEU GB 119 -82.99 -49.17 -61.95
CA LEU GB 119 -82.48 -50.47 -62.35
C LEU GB 119 -81.02 -50.34 -62.82
N ASP GB 120 -80.68 -49.19 -63.40
CA ASP GB 120 -79.34 -48.96 -63.92
C ASP GB 120 -78.32 -48.91 -62.80
N ARG GB 121 -78.72 -48.40 -61.64
CA ARG GB 121 -77.83 -48.34 -60.49
C ARG GB 121 -77.68 -49.73 -59.86
N ILE GB 122 -78.80 -50.45 -59.74
CA ILE GB 122 -78.81 -51.79 -59.15
C ILE GB 122 -77.97 -52.76 -59.99
N ARG GB 123 -78.03 -52.57 -61.32
CA ARG GB 123 -77.45 -53.54 -62.23
C ARG GB 123 -75.94 -53.56 -62.08
N LYS GB 124 -75.31 -52.39 -62.08
CA LYS GB 124 -73.87 -52.34 -62.04
C LYS GB 124 -73.35 -52.58 -60.62
N LEU GB 125 -74.20 -52.33 -59.62
CA LEU GB 125 -73.82 -52.59 -58.24
C LEU GB 125 -73.94 -54.08 -57.91
N ALA GB 126 -74.65 -54.84 -58.76
CA ALA GB 126 -74.83 -56.28 -58.57
C ALA GB 126 -73.90 -57.11 -59.45
N ASP GB 127 -73.40 -56.53 -60.54
CA ASP GB 127 -72.47 -57.22 -61.43
C ASP GB 127 -71.00 -56.95 -61.06
N ASN GB 128 -70.78 -56.20 -59.98
CA ASN GB 128 -69.45 -55.83 -59.49
C ASN GB 128 -68.73 -57.07 -59.00
N CYS GB 129 -69.38 -57.76 -58.07
CA CYS GB 129 -68.88 -59.02 -57.57
C CYS GB 129 -70.06 -59.93 -57.25
N THR GB 130 -70.24 -60.95 -58.09
CA THR GB 130 -71.37 -61.85 -57.97
C THR GB 130 -71.20 -62.77 -56.75
N GLY GB 131 -72.13 -63.73 -56.63
CA GLY GB 131 -72.26 -64.56 -55.44
C GLY GB 131 -72.95 -63.81 -54.31
N LEU GB 132 -73.75 -62.81 -54.69
CA LEU GB 132 -74.46 -61.98 -53.73
C LEU GB 132 -75.63 -62.77 -53.15
N GLN GB 133 -75.86 -62.55 -51.86
CA GLN GB 133 -76.90 -63.26 -51.13
C GLN GB 133 -78.28 -62.81 -51.62
N GLY GB 134 -78.46 -61.49 -51.60
CA GLY GB 134 -79.72 -60.94 -52.03
C GLY GB 134 -79.89 -59.46 -51.70
N PHE GB 135 -81.15 -59.10 -51.41
CA PHE GB 135 -81.51 -57.71 -51.22
C PHE GB 135 -82.23 -57.50 -49.90
N LEU GB 136 -82.07 -56.29 -49.34
CA LEU GB 136 -82.91 -55.83 -48.25
C LEU GB 136 -83.66 -54.57 -48.70
N MET GB 137 -84.98 -54.69 -48.84
CA MET GB 137 -85.83 -53.58 -49.23
C MET GB 137 -86.59 -53.05 -48.02
N PHE GB 138 -86.55 -51.73 -47.82
CA PHE GB 138 -87.16 -51.09 -46.66
C PHE GB 138 -88.26 -50.17 -47.14
N ASN GB 139 -89.47 -50.32 -46.63
CA ASN GB 139 -90.57 -49.52 -47.13
C ASN GB 139 -91.65 -49.35 -46.07
N ALA GB 140 -92.49 -48.33 -46.29
CA ALA GB 140 -93.69 -48.06 -45.53
C ALA GB 140 -94.86 -48.59 -46.33
N VAL GB 141 -95.60 -49.55 -45.78
CA VAL GB 141 -96.69 -50.20 -46.52
C VAL GB 141 -97.85 -49.20 -46.68
N GLY GB 142 -98.04 -48.33 -45.68
CA GLY GB 142 -99.13 -47.37 -45.61
C GLY GB 142 -98.98 -46.20 -46.58
N GLY GB 143 -97.73 -45.92 -47.02
CA GLY GB 143 -97.42 -44.74 -47.84
C GLY GB 143 -97.82 -44.93 -49.31
N GLY GB 144 -97.35 -43.99 -50.14
CA GLY GB 144 -97.72 -43.98 -51.54
C GLY GB 144 -96.67 -44.67 -52.38
N THR GB 145 -95.47 -44.10 -52.34
CA THR GB 145 -94.41 -44.61 -53.18
C THR GB 145 -93.71 -45.80 -52.51
N GLY GB 146 -93.83 -45.91 -51.18
CA GLY GB 146 -93.38 -47.11 -50.49
C GLY GB 146 -94.22 -48.33 -50.83
N SER GB 147 -95.47 -48.11 -51.28
CA SER GB 147 -96.38 -49.18 -51.65
C SER GB 147 -96.43 -49.37 -53.16
N GLY GB 148 -96.52 -48.25 -53.90
CA GLY GB 148 -96.66 -48.27 -55.35
C GLY GB 148 -95.37 -48.70 -56.03
N LEU GB 149 -94.30 -47.94 -55.74
CA LEU GB 149 -93.03 -48.16 -56.42
C LEU GB 149 -92.34 -49.42 -55.90
N GLY GB 150 -92.70 -49.84 -54.68
CA GLY GB 150 -92.22 -51.08 -54.09
C GLY GB 150 -92.62 -52.31 -54.91
N CYS GB 151 -93.88 -52.32 -55.37
CA CYS GB 151 -94.38 -53.34 -56.27
C CYS GB 151 -93.59 -53.33 -57.59
N LEU GB 152 -93.49 -52.14 -58.20
CA LEU GB 152 -92.93 -52.03 -59.54
C LEU GB 152 -91.45 -52.39 -59.52
N LEU GB 153 -90.77 -52.08 -58.41
CA LEU GB 153 -89.35 -52.38 -58.28
C LEU GB 153 -89.15 -53.88 -58.06
N LEU GB 154 -90.04 -54.49 -57.28
CA LEU GB 154 -89.90 -55.91 -56.99
C LEU GB 154 -90.27 -56.78 -58.20
N GLU GB 155 -91.21 -56.32 -59.04
CA GLU GB 155 -91.55 -57.03 -60.26
C GLU GB 155 -90.37 -57.03 -61.25
N ARG GB 156 -89.73 -55.87 -61.38
CA ARG GB 156 -88.59 -55.73 -62.27
C ARG GB 156 -87.39 -56.51 -61.73
N LEU GB 157 -87.27 -56.62 -60.41
CA LEU GB 157 -86.18 -57.39 -59.81
C LEU GB 157 -86.46 -58.89 -59.92
N SER GB 158 -87.74 -59.28 -59.99
CA SER GB 158 -88.08 -60.69 -60.07
C SER GB 158 -87.79 -61.25 -61.45
N VAL GB 159 -88.18 -60.49 -62.48
CA VAL GB 159 -88.03 -60.88 -63.86
C VAL GB 159 -86.55 -60.88 -64.27
N ASP GB 160 -85.72 -60.07 -63.59
CA ASP GB 160 -84.30 -59.97 -63.91
C ASP GB 160 -83.45 -60.90 -63.04
N TYR GB 161 -83.54 -60.73 -61.72
CA TYR GB 161 -82.71 -61.46 -60.78
C TYR GB 161 -83.56 -62.54 -60.12
N GLY GB 162 -83.74 -63.65 -60.85
CA GLY GB 162 -84.75 -64.65 -60.53
C GLY GB 162 -84.41 -65.49 -59.29
N LYS GB 163 -83.14 -65.89 -59.16
CA LYS GB 163 -82.60 -66.88 -58.24
C LYS GB 163 -82.43 -66.33 -56.81
N LYS GB 164 -82.78 -65.06 -56.58
CA LYS GB 164 -82.24 -64.31 -55.46
C LYS GB 164 -83.05 -64.51 -54.18
N SER GB 165 -82.49 -64.02 -53.08
CA SER GB 165 -83.17 -64.02 -51.79
C SER GB 165 -83.55 -62.58 -51.43
N LYS GB 166 -84.84 -62.26 -51.55
CA LYS GB 166 -85.30 -60.89 -51.42
C LYS GB 166 -86.04 -60.69 -50.10
N LEU GB 167 -85.38 -59.94 -49.20
CA LEU GB 167 -85.94 -59.60 -47.91
C LEU GB 167 -86.83 -58.38 -48.05
N ASN GB 168 -87.74 -58.21 -47.09
CA ASN GB 168 -88.53 -57.01 -46.97
C ASN GB 168 -88.69 -56.67 -45.49
N PHE GB 169 -88.50 -55.39 -45.18
CA PHE GB 169 -88.74 -54.87 -43.84
C PHE GB 169 -89.83 -53.81 -43.94
N CYS GB 170 -91.02 -54.17 -43.45
CA CYS GB 170 -92.24 -53.44 -43.72
C CYS GB 170 -92.67 -52.66 -42.47
N SER GB 171 -92.83 -51.35 -42.64
CA SER GB 171 -93.37 -50.50 -41.60
C SER GB 171 -94.89 -50.50 -41.72
N TRP GB 172 -95.51 -51.60 -41.26
CA TRP GB 172 -96.96 -51.79 -41.45
C TRP GB 172 -97.71 -50.78 -40.59
N PRO GB 173 -98.88 -50.25 -41.05
CA PRO GB 173 -99.67 -49.34 -40.22
C PRO GB 173 -100.22 -49.98 -38.94
N SER GB 174 -100.29 -49.15 -37.90
CA SER GB 174 -100.70 -49.54 -36.56
C SER GB 174 -102.20 -49.83 -36.49
N PRO GB 175 -102.69 -50.60 -35.47
CA PRO GB 175 -104.13 -50.82 -35.26
C PRO GB 175 -104.96 -49.54 -35.12
N GLN GB 176 -104.54 -48.62 -34.23
CA GLN GB 176 -105.40 -47.53 -33.78
C GLN GB 176 -104.86 -46.17 -34.21
N VAL GB 177 -103.56 -46.10 -34.52
CA VAL GB 177 -102.92 -44.84 -34.88
C VAL GB 177 -102.37 -44.99 -36.28
N SER GB 178 -102.81 -44.16 -37.21
CA SER GB 178 -102.38 -44.34 -38.58
C SER GB 178 -101.93 -43.02 -39.19
N THR GB 179 -102.73 -41.97 -38.97
CA THR GB 179 -102.54 -40.61 -39.48
C THR GB 179 -102.59 -40.57 -41.00
N ALA GB 180 -103.43 -41.42 -41.57
CA ALA GB 180 -104.01 -41.24 -42.89
C ALA GB 180 -105.27 -42.09 -42.94
N VAL GB 181 -106.06 -41.83 -43.97
CA VAL GB 181 -107.38 -42.42 -44.12
C VAL GB 181 -107.43 -43.23 -45.42
N VAL GB 182 -106.35 -43.26 -46.19
CA VAL GB 182 -106.26 -44.10 -47.38
C VAL GB 182 -105.41 -45.33 -47.09
N GLU GB 183 -104.95 -45.49 -45.85
CA GLU GB 183 -104.07 -46.61 -45.47
C GLU GB 183 -104.77 -47.97 -45.57
N PRO GB 184 -106.06 -48.11 -45.19
CA PRO GB 184 -106.80 -49.35 -45.46
C PRO GB 184 -106.85 -49.73 -46.93
N TYR GB 185 -106.75 -48.77 -47.85
CA TYR GB 185 -106.68 -49.08 -49.26
C TYR GB 185 -105.27 -49.52 -49.64
N ASN GB 186 -104.25 -48.73 -49.26
CA ASN GB 186 -102.88 -48.94 -49.71
C ASN GB 186 -102.29 -50.23 -49.15
N SER GB 187 -102.68 -50.59 -47.91
CA SER GB 187 -102.07 -51.74 -47.24
C SER GB 187 -102.61 -53.06 -47.80
N VAL GB 188 -103.89 -53.04 -48.19
CA VAL GB 188 -104.50 -54.21 -48.81
C VAL GB 188 -103.92 -54.39 -50.21
N LEU GB 189 -103.73 -53.30 -50.95
CA LEU GB 189 -103.17 -53.36 -52.30
C LEU GB 189 -101.68 -53.73 -52.28
N SER GB 190 -100.97 -53.37 -51.20
CA SER GB 190 -99.55 -53.72 -51.08
C SER GB 190 -99.42 -55.22 -50.87
N THR GB 191 -100.18 -55.73 -49.91
CA THR GB 191 -100.10 -57.12 -49.52
C THR GB 191 -100.60 -58.06 -50.62
N HIS GB 192 -101.41 -57.55 -51.56
CA HIS GB 192 -101.73 -58.29 -52.79
C HIS GB 192 -100.46 -58.53 -53.59
N SER GB 193 -99.56 -57.55 -53.55
CA SER GB 193 -98.48 -57.54 -54.51
C SER GB 193 -97.23 -58.23 -53.97
N LEU GB 194 -96.85 -57.90 -52.72
CA LEU GB 194 -95.64 -58.43 -52.10
C LEU GB 194 -95.80 -59.93 -51.79
N LEU GB 195 -97.01 -60.47 -51.94
CA LEU GB 195 -97.24 -61.89 -51.70
C LEU GB 195 -96.57 -62.80 -52.73
N GLU GB 196 -96.24 -62.27 -53.91
CA GLU GB 196 -95.66 -63.10 -54.96
C GLU GB 196 -94.36 -62.49 -55.49
N HIS GB 197 -93.81 -61.49 -54.76
CA HIS GB 197 -92.58 -60.84 -55.20
C HIS GB 197 -91.58 -60.65 -54.06
N THR GB 198 -91.74 -61.38 -52.96
CA THR GB 198 -90.86 -61.20 -51.80
C THR GB 198 -90.72 -62.54 -51.10
N ASP GB 199 -89.48 -62.85 -50.72
CA ASP GB 199 -89.18 -64.11 -50.08
C ASP GB 199 -89.55 -64.08 -48.59
N VAL GB 200 -89.11 -63.04 -47.87
CA VAL GB 200 -89.41 -62.87 -46.45
C VAL GB 200 -89.81 -61.43 -46.19
N ALA GB 201 -90.94 -61.23 -45.53
CA ALA GB 201 -91.41 -59.92 -45.10
C ALA GB 201 -91.49 -59.87 -43.56
N VAL GB 202 -90.84 -58.86 -42.98
CA VAL GB 202 -90.80 -58.66 -41.53
C VAL GB 202 -91.60 -57.42 -41.19
N MET GB 203 -92.52 -57.55 -40.23
CA MET GB 203 -93.46 -56.48 -39.95
C MET GB 203 -93.07 -55.74 -38.68
N LEU GB 204 -92.98 -54.41 -38.78
CA LEU GB 204 -92.66 -53.53 -37.66
C LEU GB 204 -93.62 -52.34 -37.65
N ASP GB 205 -94.65 -52.40 -36.81
CA ASP GB 205 -95.49 -51.23 -36.59
C ASP GB 205 -94.74 -50.19 -35.76
N ASN GB 206 -95.14 -48.92 -35.90
CA ASN GB 206 -94.45 -47.90 -35.14
C ASN GB 206 -95.01 -47.81 -33.72
N GLU GB 207 -96.29 -48.15 -33.56
CA GLU GB 207 -96.91 -47.99 -32.24
C GLU GB 207 -96.30 -48.95 -31.21
N ALA GB 208 -95.83 -50.12 -31.66
CA ALA GB 208 -95.14 -51.06 -30.79
C ALA GB 208 -93.81 -50.47 -30.27
N ILE GB 209 -93.06 -49.87 -31.21
CA ILE GB 209 -91.77 -49.27 -30.89
C ILE GB 209 -91.96 -48.06 -29.97
N TYR GB 210 -93.11 -47.38 -30.11
CA TYR GB 210 -93.48 -46.28 -29.23
C TYR GB 210 -93.65 -46.74 -27.79
N ASP GB 211 -94.30 -47.90 -27.64
CA ASP GB 211 -94.60 -48.46 -26.33
C ASP GB 211 -93.34 -49.01 -25.66
N ILE GB 212 -92.44 -49.60 -26.48
CA ILE GB 212 -91.19 -50.14 -25.97
C ILE GB 212 -90.34 -48.99 -25.39
N CYS GB 213 -90.33 -47.86 -26.13
CA CYS GB 213 -89.56 -46.70 -25.70
C CYS GB 213 -90.11 -46.09 -24.42
N ARG GB 214 -91.42 -46.20 -24.26
CA ARG GB 214 -92.01 -45.52 -23.13
C ARG GB 214 -91.87 -46.30 -21.83
N ARG GB 215 -91.70 -47.62 -21.89
CA ARG GB 215 -91.57 -48.41 -20.66
C ARG GB 215 -90.12 -48.84 -20.39
N ASN GB 216 -89.47 -49.43 -21.43
CA ASN GB 216 -88.11 -49.95 -21.24
C ASN GB 216 -87.08 -48.84 -21.17
N LEU GB 217 -87.28 -47.72 -21.89
CA LEU GB 217 -86.29 -46.65 -21.85
C LEU GB 217 -86.81 -45.44 -21.07
N ASP GB 218 -88.09 -45.45 -20.71
CA ASP GB 218 -88.88 -44.39 -20.08
C ASP GB 218 -88.66 -43.06 -20.80
N ILE GB 219 -88.57 -43.14 -22.13
CA ILE GB 219 -88.50 -41.96 -22.97
C ILE GB 219 -89.94 -41.61 -23.33
N GLU GB 220 -90.42 -40.63 -22.58
CA GLU GB 220 -91.74 -40.01 -22.53
C GLU GB 220 -92.07 -39.39 -23.89
N ARG GB 221 -91.02 -38.99 -24.61
CA ARG GB 221 -91.09 -37.89 -25.56
C ARG GB 221 -90.29 -38.27 -26.80
N PRO GB 222 -90.54 -39.44 -27.46
CA PRO GB 222 -89.59 -39.95 -28.43
C PRO GB 222 -89.70 -39.28 -29.80
N THR GB 223 -88.65 -39.43 -30.60
CA THR GB 223 -88.63 -38.84 -31.94
C THR GB 223 -88.36 -39.93 -32.98
N TYR GB 224 -88.43 -39.55 -34.26
CA TYR GB 224 -88.18 -40.41 -35.40
C TYR GB 224 -86.78 -41.03 -35.42
N THR GB 225 -85.80 -40.29 -34.90
CA THR GB 225 -84.46 -40.83 -34.90
C THR GB 225 -84.34 -41.97 -33.89
N ASN GB 226 -84.97 -41.81 -32.73
CA ASN GB 226 -84.87 -42.79 -31.66
C ASN GB 226 -85.52 -44.12 -32.03
N LEU GB 227 -86.55 -44.10 -32.89
CA LEU GB 227 -87.16 -45.32 -33.40
C LEU GB 227 -86.21 -45.99 -34.40
N ASN GB 228 -85.54 -45.14 -35.20
CA ASN GB 228 -84.70 -45.62 -36.30
C ASN GB 228 -83.46 -46.33 -35.75
N ARG GB 229 -82.97 -45.94 -34.58
CA ARG GB 229 -81.82 -46.60 -33.99
C ARG GB 229 -82.18 -48.01 -33.56
N LEU GB 230 -83.39 -48.17 -33.03
CA LEU GB 230 -83.81 -49.48 -32.57
C LEU GB 230 -84.00 -50.44 -33.73
N ILE GB 231 -84.50 -49.93 -34.85
CA ILE GB 231 -84.71 -50.78 -36.02
C ILE GB 231 -83.35 -51.15 -36.63
N ALA GB 232 -82.38 -50.24 -36.49
CA ALA GB 232 -81.04 -50.43 -37.04
C ALA GB 232 -80.32 -51.56 -36.29
N GLN GB 233 -80.57 -51.69 -34.97
CA GLN GB 233 -79.90 -52.69 -34.16
C GLN GB 233 -80.46 -54.08 -34.46
N VAL GB 234 -81.75 -54.16 -34.81
CA VAL GB 234 -82.38 -55.41 -35.19
C VAL GB 234 -81.76 -55.90 -36.52
N ILE GB 235 -81.60 -54.97 -37.46
CA ILE GB 235 -81.08 -55.31 -38.77
C ILE GB 235 -79.58 -55.62 -38.68
N SER GB 236 -78.87 -54.93 -37.78
CA SER GB 236 -77.46 -55.24 -37.54
C SER GB 236 -77.34 -56.64 -36.92
N SER GB 237 -78.30 -57.06 -36.09
CA SER GB 237 -78.24 -58.36 -35.44
C SER GB 237 -78.52 -59.51 -36.42
N LEU GB 238 -79.32 -59.24 -37.46
CA LEU GB 238 -79.62 -60.27 -38.45
C LEU GB 238 -78.42 -60.55 -39.36
N THR GB 239 -77.64 -59.51 -39.62
CA THR GB 239 -76.52 -59.62 -40.54
C THR GB 239 -75.21 -59.59 -39.77
N ALA GB 240 -75.25 -59.91 -38.46
CA ALA GB 240 -74.02 -59.95 -37.67
C ALA GB 240 -73.21 -61.18 -38.05
N SER GB 241 -73.91 -62.23 -38.47
CA SER GB 241 -73.31 -63.50 -38.78
C SER GB 241 -72.49 -63.41 -40.09
N LEU GB 242 -72.95 -62.57 -41.03
CA LEU GB 242 -72.26 -62.40 -42.30
C LEU GB 242 -70.92 -61.68 -42.11
N ARG GB 243 -70.84 -60.67 -41.22
CA ARG GB 243 -69.69 -59.77 -41.17
C ARG GB 243 -68.72 -60.18 -40.06
N PHE GB 244 -69.14 -61.09 -39.15
CA PHE GB 244 -68.28 -61.50 -38.04
C PHE GB 244 -68.36 -62.99 -37.82
N ASP GB 245 -67.28 -63.59 -37.30
CA ASP GB 245 -67.25 -65.01 -37.00
C ASP GB 245 -68.10 -65.31 -35.76
N GLY GB 246 -68.54 -66.56 -35.64
CA GLY GB 246 -69.37 -66.96 -34.51
C GLY GB 246 -69.38 -68.46 -34.28
N ALA GB 247 -69.95 -68.88 -33.14
CA ALA GB 247 -70.02 -70.28 -32.77
C ALA GB 247 -70.98 -71.03 -33.68
N LEU GB 248 -72.12 -70.39 -33.99
CA LEU GB 248 -73.16 -71.04 -34.77
C LEU GB 248 -73.81 -69.97 -35.64
N ASN GB 249 -73.30 -69.78 -36.86
CA ASN GB 249 -73.70 -68.62 -37.65
C ASN GB 249 -74.97 -68.91 -38.44
N VAL GB 250 -75.70 -67.82 -38.76
CA VAL GB 250 -76.95 -67.96 -39.46
C VAL GB 250 -77.03 -66.96 -40.61
N ASP GB 251 -77.03 -67.49 -41.84
CA ASP GB 251 -77.07 -66.65 -43.01
C ASP GB 251 -78.51 -66.40 -43.45
N VAL GB 252 -78.66 -65.74 -44.59
CA VAL GB 252 -79.95 -65.33 -45.10
C VAL GB 252 -80.74 -66.54 -45.61
N THR GB 253 -80.08 -67.46 -46.33
CA THR GB 253 -80.71 -68.65 -46.87
C THR GB 253 -81.12 -69.63 -45.76
N GLU GB 254 -80.54 -69.46 -44.56
CA GLU GB 254 -80.97 -70.21 -43.39
C GLU GB 254 -82.44 -69.90 -43.03
N PHE GB 255 -82.81 -68.61 -43.15
CA PHE GB 255 -84.13 -68.13 -42.77
C PHE GB 255 -85.22 -68.78 -43.63
N GLN GB 256 -85.01 -68.91 -44.96
CA GLN GB 256 -86.05 -69.35 -45.88
C GLN GB 256 -86.39 -70.84 -45.76
N THR GB 257 -85.74 -71.54 -44.83
CA THR GB 257 -86.14 -72.92 -44.71
C THR GB 257 -86.35 -73.30 -43.25
N ASN GB 258 -86.11 -72.34 -42.36
CA ASN GB 258 -86.27 -72.60 -40.93
C ASN GB 258 -87.41 -71.79 -40.31
N LEU GB 259 -88.02 -70.87 -41.07
CA LEU GB 259 -89.04 -70.00 -40.50
C LEU GB 259 -90.38 -70.13 -41.23
N VAL GB 260 -90.27 -70.26 -42.55
CA VAL GB 260 -91.45 -70.29 -43.41
C VAL GB 260 -91.75 -71.74 -43.69
N PRO GB 261 -92.93 -72.22 -43.29
CA PRO GB 261 -93.34 -73.58 -43.66
C PRO GB 261 -94.01 -73.71 -45.03
N TYR GB 262 -94.65 -72.63 -45.48
CA TYR GB 262 -95.41 -72.65 -46.72
C TYR GB 262 -95.16 -71.37 -47.48
N PRO GB 263 -95.43 -71.35 -48.81
CA PRO GB 263 -95.10 -70.20 -49.66
C PRO GB 263 -95.77 -68.89 -49.26
N ARG GB 264 -97.04 -68.98 -48.83
CA ARG GB 264 -97.84 -67.81 -48.52
C ARG GB 264 -97.42 -67.22 -47.17
N ILE GB 265 -96.94 -68.09 -46.26
CA ILE GB 265 -96.72 -67.69 -44.87
C ILE GB 265 -95.30 -67.20 -44.72
N HIS GB 266 -95.09 -65.90 -44.99
CA HIS GB 266 -93.79 -65.30 -44.80
C HIS GB 266 -93.89 -63.92 -44.14
N PHE GB 267 -94.74 -63.82 -43.11
CA PHE GB 267 -94.90 -62.60 -42.35
C PHE GB 267 -94.42 -62.82 -40.92
N MET GB 268 -93.21 -62.31 -40.64
CA MET GB 268 -92.54 -62.63 -39.39
C MET GB 268 -92.42 -61.39 -38.51
N LEU GB 269 -92.62 -61.60 -37.20
CA LEU GB 269 -92.60 -60.53 -36.22
C LEU GB 269 -91.16 -60.36 -35.74
N SER GB 270 -90.97 -59.47 -34.78
CA SER GB 270 -89.63 -59.23 -34.28
C SER GB 270 -89.66 -58.78 -32.81
N SER GB 271 -88.63 -59.18 -32.05
CA SER GB 271 -88.49 -58.74 -30.67
C SER GB 271 -87.02 -58.71 -30.29
N TYR GB 272 -86.62 -57.64 -29.59
CA TYR GB 272 -85.23 -57.46 -29.21
C TYR GB 272 -85.17 -57.21 -27.72
N ALA GB 273 -84.26 -57.92 -27.05
CA ALA GB 273 -84.01 -57.71 -25.65
C ALA GB 273 -82.52 -57.96 -25.42
N PRO GB 274 -81.84 -57.16 -24.57
CA PRO GB 274 -82.49 -56.08 -23.82
C PRO GB 274 -82.51 -54.75 -24.56
N ILE GB 275 -83.47 -53.91 -24.21
CA ILE GB 275 -83.36 -52.52 -24.60
C ILE GB 275 -83.32 -51.66 -23.33
N ILE GB 276 -82.10 -51.47 -22.81
CA ILE GB 276 -81.85 -50.81 -21.54
C ILE GB 276 -80.79 -49.73 -21.72
N SER GB 277 -80.80 -48.71 -20.83
CA SER GB 277 -79.95 -47.52 -20.92
C SER GB 277 -78.79 -47.63 -19.93
N ALA GB 278 -77.95 -46.56 -19.81
CA ALA GB 278 -76.85 -46.42 -18.85
C ALA GB 278 -77.35 -46.54 -17.40
N GLU GB 279 -78.60 -46.16 -17.20
CA GLU GB 279 -79.23 -46.06 -15.90
C GLU GB 279 -79.63 -47.43 -15.37
N LYS GB 280 -79.75 -48.44 -16.24
CA LYS GB 280 -80.32 -49.74 -15.85
C LYS GB 280 -79.35 -50.90 -16.15
N ALA GB 281 -78.38 -50.68 -17.05
CA ALA GB 281 -77.40 -51.72 -17.38
C ALA GB 281 -76.42 -51.91 -16.24
N TYR GB 282 -76.30 -50.90 -15.39
CA TYR GB 282 -75.40 -50.96 -14.26
C TYR GB 282 -75.91 -51.97 -13.23
N HIS GB 283 -77.24 -52.16 -13.22
CA HIS GB 283 -77.93 -52.86 -12.14
C HIS GB 283 -78.50 -54.20 -12.59
N GLU GB 284 -78.31 -54.57 -13.85
CA GLU GB 284 -78.69 -55.87 -14.36
C GLU GB 284 -77.47 -56.76 -14.60
N GLN GB 285 -77.59 -58.04 -14.24
CA GLN GB 285 -76.82 -59.08 -14.91
C GLN GB 285 -77.61 -59.49 -16.15
N LEU GB 286 -76.98 -59.32 -17.30
CA LEU GB 286 -77.70 -59.50 -18.54
C LEU GB 286 -77.50 -60.93 -19.05
N SER GB 287 -77.95 -61.91 -18.27
CA SER GB 287 -77.71 -63.30 -18.57
C SER GB 287 -78.56 -63.74 -19.76
N VAL GB 288 -78.11 -64.84 -20.37
CA VAL GB 288 -78.71 -65.46 -21.53
C VAL GB 288 -80.15 -65.84 -21.18
N ALA GB 289 -80.37 -66.30 -19.95
CA ALA GB 289 -81.69 -66.71 -19.49
C ALA GB 289 -82.66 -65.53 -19.40
N GLU GB 290 -82.18 -64.36 -18.94
CA GLU GB 290 -83.12 -63.28 -18.69
C GLU GB 290 -83.39 -62.48 -19.96
N ILE GB 291 -82.43 -62.49 -20.89
CA ILE GB 291 -82.66 -61.73 -22.11
C ILE GB 291 -83.60 -62.49 -23.05
N THR GB 292 -83.71 -63.80 -22.85
CA THR GB 292 -84.61 -64.59 -23.69
C THR GB 292 -86.02 -64.68 -23.12
N ASN GB 293 -86.17 -64.38 -21.84
CA ASN GB 293 -87.50 -64.30 -21.26
C ASN GB 293 -88.19 -63.02 -21.72
N SER GB 294 -87.42 -61.93 -21.74
CA SER GB 294 -87.94 -60.63 -22.15
C SER GB 294 -88.13 -60.57 -23.67
N ALA GB 295 -87.49 -61.48 -24.41
CA ALA GB 295 -87.73 -61.56 -25.85
C ALA GB 295 -89.12 -62.15 -26.15
N PHE GB 296 -89.58 -63.08 -25.31
CA PHE GB 296 -90.87 -63.74 -25.55
C PHE GB 296 -92.05 -63.08 -24.85
N GLU GB 297 -91.80 -62.04 -24.03
CA GLU GB 297 -92.92 -61.37 -23.39
C GLU GB 297 -93.71 -60.58 -24.44
N PRO GB 298 -95.06 -60.57 -24.39
CA PRO GB 298 -95.88 -60.04 -25.48
C PRO GB 298 -95.71 -58.53 -25.74
N ALA GB 299 -95.36 -57.77 -24.70
CA ALA GB 299 -95.29 -56.32 -24.81
C ALA GB 299 -93.95 -55.84 -25.39
N SER GB 300 -92.94 -56.73 -25.49
CA SER GB 300 -91.64 -56.39 -26.06
C SER GB 300 -91.57 -56.67 -27.56
N MET GB 301 -92.69 -57.12 -28.15
CA MET GB 301 -92.74 -57.33 -29.59
C MET GB 301 -92.72 -55.99 -30.32
N MET GB 302 -92.26 -56.03 -31.57
CA MET GB 302 -92.25 -54.81 -32.38
C MET GB 302 -93.33 -54.85 -33.46
N ALA GB 303 -94.51 -55.36 -33.13
CA ALA GB 303 -95.55 -55.50 -34.14
C ALA GB 303 -96.97 -55.19 -33.62
N LYS GB 304 -97.15 -54.91 -32.32
CA LYS GB 304 -98.43 -54.52 -31.73
C LYS GB 304 -99.60 -55.44 -32.13
N CYS GB 305 -99.54 -56.69 -31.68
CA CYS GB 305 -100.44 -57.80 -31.99
C CYS GB 305 -100.04 -58.92 -31.00
N ASP GB 306 -100.94 -59.17 -30.05
CA ASP GB 306 -100.66 -59.99 -28.89
C ASP GB 306 -100.50 -61.45 -29.33
N PRO GB 307 -99.33 -62.10 -29.11
CA PRO GB 307 -99.17 -63.51 -29.47
C PRO GB 307 -99.80 -64.54 -28.51
N ARG GB 308 -100.49 -64.02 -27.49
CA ARG GB 308 -101.18 -64.88 -26.53
C ARG GB 308 -102.32 -65.65 -27.21
N HIS GB 309 -102.95 -65.01 -28.19
CA HIS GB 309 -104.00 -65.63 -28.98
C HIS GB 309 -103.44 -66.11 -30.32
N GLY GB 310 -102.22 -66.65 -30.29
CA GLY GB 310 -101.60 -67.27 -31.44
C GLY GB 310 -100.85 -68.52 -30.99
N LYS GB 311 -100.44 -69.32 -31.98
CA LYS GB 311 -99.62 -70.50 -31.75
C LYS GB 311 -98.35 -70.34 -32.58
N TYR GB 312 -97.21 -70.38 -31.91
CA TYR GB 312 -95.94 -70.15 -32.58
C TYR GB 312 -95.62 -71.32 -33.53
N MET GB 313 -94.87 -71.00 -34.59
CA MET GB 313 -94.63 -71.95 -35.67
C MET GB 313 -93.15 -72.28 -35.83
N ALA GB 314 -92.31 -71.22 -35.85
CA ALA GB 314 -90.86 -71.33 -35.80
C ALA GB 314 -90.29 -69.99 -35.34
N CYS GB 315 -89.38 -70.05 -34.35
CA CYS GB 315 -88.79 -68.83 -33.83
C CYS GB 315 -87.28 -68.91 -34.05
N CYS GB 316 -86.76 -67.92 -34.78
CA CYS GB 316 -85.34 -67.83 -35.04
C CYS GB 316 -84.73 -66.83 -34.07
N LEU GB 317 -83.80 -67.33 -33.25
CA LEU GB 317 -83.19 -66.51 -32.23
C LEU GB 317 -81.72 -66.25 -32.57
N MET GB 318 -81.34 -64.97 -32.59
CA MET GB 318 -79.97 -64.58 -32.90
C MET GB 318 -79.34 -63.94 -31.67
N TYR GB 319 -78.47 -64.70 -31.01
CA TYR GB 319 -77.74 -64.23 -29.85
C TYR GB 319 -76.47 -63.54 -30.33
N ARG GB 320 -76.08 -62.48 -29.60
CA ARG GB 320 -74.97 -61.63 -29.97
C ARG GB 320 -74.19 -61.25 -28.72
N GLY GB 321 -72.93 -61.68 -28.64
CA GLY GB 321 -72.05 -61.29 -27.56
C GLY GB 321 -71.47 -62.51 -26.87
N ASP GB 322 -71.10 -62.33 -25.60
CA ASP GB 322 -70.52 -63.41 -24.82
C ASP GB 322 -71.66 -64.37 -24.46
N VAL GB 323 -71.97 -65.25 -25.41
CA VAL GB 323 -73.01 -66.25 -25.20
C VAL GB 323 -72.42 -67.63 -25.42
N VAL GB 324 -72.52 -68.46 -24.38
CA VAL GB 324 -71.98 -69.81 -24.42
C VAL GB 324 -73.08 -70.77 -24.85
N PRO GB 325 -72.73 -71.86 -25.59
CA PRO GB 325 -73.71 -72.77 -26.18
C PRO GB 325 -74.65 -73.53 -25.23
N LYS GB 326 -74.18 -73.79 -24.02
CA LYS GB 326 -74.98 -74.54 -23.06
C LYS GB 326 -76.14 -73.68 -22.58
N ASP GB 327 -75.94 -72.36 -22.52
CA ASP GB 327 -76.90 -71.45 -21.90
C ASP GB 327 -78.13 -71.26 -22.78
N VAL GB 328 -77.89 -71.22 -24.10
CA VAL GB 328 -79.01 -71.13 -25.02
C VAL GB 328 -79.78 -72.45 -25.00
N ASN GB 329 -79.03 -73.55 -24.91
CA ASN GB 329 -79.63 -74.89 -24.94
C ASN GB 329 -80.54 -75.10 -23.71
N ALA GB 330 -80.11 -74.58 -22.56
CA ALA GB 330 -80.91 -74.70 -21.34
C ALA GB 330 -82.07 -73.70 -21.35
N ALA GB 331 -81.84 -72.53 -21.97
CA ALA GB 331 -82.84 -71.47 -21.94
C ALA GB 331 -84.06 -71.86 -22.77
N VAL GB 332 -83.82 -72.43 -23.96
CA VAL GB 332 -84.87 -72.90 -24.84
C VAL GB 332 -85.63 -74.06 -24.18
N ALA GB 333 -84.91 -74.86 -23.37
CA ALA GB 333 -85.52 -75.95 -22.63
C ALA GB 333 -86.52 -75.42 -21.60
N THR GB 334 -86.19 -74.28 -21.00
CA THR GB 334 -87.10 -73.63 -20.06
C THR GB 334 -88.37 -73.16 -20.78
N ILE GB 335 -88.22 -72.64 -22.00
CA ILE GB 335 -89.34 -72.11 -22.75
C ILE GB 335 -90.26 -73.22 -23.23
N LYS GB 336 -89.73 -74.39 -23.62
CA LYS GB 336 -90.57 -75.51 -23.99
C LYS GB 336 -91.41 -75.97 -22.81
N THR GB 337 -90.84 -75.96 -21.60
CA THR GB 337 -91.52 -76.46 -20.42
C THR GB 337 -92.68 -75.54 -20.03
N LYS GB 338 -92.49 -74.22 -20.22
CA LYS GB 338 -93.47 -73.23 -19.80
C LYS GB 338 -94.74 -73.39 -20.63
N ARG GB 339 -95.87 -72.96 -20.05
CA ARG GB 339 -97.18 -73.27 -20.60
C ARG GB 339 -97.90 -72.07 -21.21
N THR GB 340 -97.42 -70.86 -20.94
CA THR GB 340 -98.03 -69.64 -21.45
C THR GB 340 -97.94 -69.58 -22.98
N ILE GB 341 -96.83 -70.05 -23.53
CA ILE GB 341 -96.67 -70.06 -24.98
C ILE GB 341 -97.46 -71.23 -25.53
N GLN GB 342 -97.60 -71.22 -26.86
CA GLN GB 342 -98.20 -72.32 -27.58
C GLN GB 342 -97.36 -72.63 -28.81
N PHE GB 343 -96.77 -73.83 -28.80
CA PHE GB 343 -96.10 -74.37 -29.97
C PHE GB 343 -97.10 -75.18 -30.77
N VAL GB 344 -97.02 -75.09 -32.11
CA VAL GB 344 -97.95 -75.76 -32.99
C VAL GB 344 -97.70 -77.27 -32.89
N ASP GB 345 -98.72 -78.06 -33.21
CA ASP GB 345 -98.68 -79.49 -32.98
C ASP GB 345 -97.59 -80.23 -33.80
N TRP GB 346 -97.28 -79.73 -34.99
CA TRP GB 346 -96.39 -80.44 -35.90
C TRP GB 346 -95.02 -79.77 -36.00
N CYS GB 347 -94.68 -78.95 -35.01
CA CYS GB 347 -93.31 -78.52 -34.81
C CYS GB 347 -92.93 -78.84 -33.37
N PRO GB 348 -92.66 -80.10 -32.99
CA PRO GB 348 -92.25 -80.39 -31.63
C PRO GB 348 -90.97 -79.65 -31.27
N THR GB 349 -90.07 -79.52 -32.25
CA THR GB 349 -88.92 -78.63 -32.14
C THR GB 349 -89.29 -77.32 -32.82
N GLY GB 350 -88.95 -76.18 -32.25
CA GLY GB 350 -89.44 -74.95 -32.82
C GLY GB 350 -88.43 -73.80 -32.91
N PHE GB 351 -87.14 -74.16 -32.93
CA PHE GB 351 -86.14 -73.12 -32.78
C PHE GB 351 -85.01 -73.26 -33.79
N LYS GB 352 -84.60 -72.11 -34.31
CA LYS GB 352 -83.34 -71.95 -35.01
C LYS GB 352 -82.57 -70.89 -34.23
N CYS GB 353 -81.68 -71.35 -33.35
CA CYS GB 353 -81.03 -70.42 -32.45
C CYS GB 353 -79.53 -70.41 -32.70
N GLY GB 354 -78.95 -69.22 -32.89
CA GLY GB 354 -77.59 -69.02 -33.39
C GLY GB 354 -76.82 -68.00 -32.55
N ILE GB 355 -75.49 -68.09 -32.57
CA ILE GB 355 -74.61 -67.34 -31.68
C ILE GB 355 -73.66 -66.54 -32.56
N ASN GB 356 -73.29 -65.36 -32.06
CA ASN GB 356 -72.23 -64.57 -32.64
C ASN GB 356 -71.40 -63.95 -31.52
N TYR GB 357 -70.16 -63.55 -31.83
CA TYR GB 357 -69.22 -63.17 -30.78
C TYR GB 357 -69.13 -61.68 -30.60
N GLN GB 358 -69.25 -60.94 -31.70
CA GLN GB 358 -69.07 -59.50 -31.66
C GLN GB 358 -70.23 -58.89 -30.87
N PRO GB 359 -69.95 -58.08 -29.83
CA PRO GB 359 -71.03 -57.50 -29.03
C PRO GB 359 -71.80 -56.44 -29.81
N PRO GB 360 -73.07 -56.13 -29.47
CA PRO GB 360 -73.83 -55.08 -30.16
C PRO GB 360 -73.21 -53.70 -29.94
N THR GB 361 -72.88 -53.03 -31.04
CA THR GB 361 -72.24 -51.72 -31.03
C THR GB 361 -73.20 -50.63 -30.55
N VAL GB 362 -72.61 -49.48 -30.26
CA VAL GB 362 -73.31 -48.34 -29.68
C VAL GB 362 -73.05 -47.10 -30.53
N VAL GB 363 -74.04 -46.21 -30.57
CA VAL GB 363 -73.89 -44.90 -31.19
C VAL GB 363 -73.72 -43.88 -30.07
N PRO GB 364 -72.56 -43.17 -29.98
CA PRO GB 364 -72.38 -42.12 -28.97
C PRO GB 364 -73.43 -41.02 -29.05
N GLY GB 365 -73.90 -40.61 -27.86
CA GLY GB 365 -75.05 -39.74 -27.71
C GLY GB 365 -76.38 -40.50 -27.81
N GLY GB 366 -76.32 -41.83 -27.97
CA GLY GB 366 -77.52 -42.61 -28.21
C GLY GB 366 -78.23 -43.01 -26.92
N ASP GB 367 -79.33 -43.74 -27.07
CA ASP GB 367 -80.17 -44.06 -25.94
C ASP GB 367 -80.05 -45.54 -25.56
N LEU GB 368 -79.08 -46.26 -26.15
CA LEU GB 368 -78.83 -47.66 -25.80
C LEU GB 368 -77.52 -47.74 -25.01
N ALA GB 369 -77.24 -48.87 -24.34
CA ALA GB 369 -76.07 -48.94 -23.48
C ALA GB 369 -75.01 -49.90 -24.00
N LYS GB 370 -73.84 -49.91 -23.37
CA LYS GB 370 -72.86 -50.96 -23.62
C LYS GB 370 -73.41 -52.25 -23.03
N VAL GB 371 -73.63 -53.26 -23.89
CA VAL GB 371 -74.35 -54.47 -23.49
C VAL GB 371 -73.46 -55.66 -23.83
N MET GB 372 -73.33 -56.57 -22.85
CA MET GB 372 -72.51 -57.76 -22.92
C MET GB 372 -73.06 -58.71 -23.99
N ARG GB 373 -74.39 -58.84 -24.05
CA ARG GB 373 -75.05 -59.85 -24.84
C ARG GB 373 -76.50 -59.43 -25.11
N ALA GB 374 -76.94 -59.62 -26.36
CA ALA GB 374 -78.29 -59.22 -26.76
C ALA GB 374 -78.93 -60.28 -27.64
N VAL GB 375 -80.25 -60.21 -27.81
CA VAL GB 375 -80.99 -61.21 -28.53
C VAL GB 375 -82.01 -60.55 -29.42
N CYS GB 376 -82.10 -61.05 -30.66
CA CYS GB 376 -83.08 -60.60 -31.62
C CYS GB 376 -83.84 -61.83 -32.13
N MET GB 377 -85.18 -61.82 -32.00
CA MET GB 377 -85.99 -62.98 -32.35
C MET GB 377 -86.86 -62.64 -33.56
N ILE GB 378 -86.85 -63.52 -34.56
CA ILE GB 378 -87.72 -63.42 -35.71
C ILE GB 378 -88.63 -64.65 -35.69
N SER GB 379 -89.90 -64.40 -35.35
CA SER GB 379 -90.82 -65.46 -35.01
C SER GB 379 -91.97 -65.51 -36.01
N ASN GB 380 -92.50 -66.73 -36.19
CA ASN GB 380 -93.67 -66.96 -37.02
C ASN GB 380 -94.79 -67.50 -36.13
N SER GB 381 -95.94 -66.81 -36.11
CA SER GB 381 -97.04 -67.20 -35.23
C SER GB 381 -98.38 -67.05 -35.94
N THR GB 382 -99.41 -67.68 -35.37
CA THR GB 382 -100.77 -67.58 -35.90
C THR GB 382 -101.50 -66.37 -35.31
N ALA GB 383 -100.76 -65.51 -34.60
CA ALA GB 383 -101.33 -64.26 -34.10
C ALA GB 383 -101.58 -63.26 -35.23
N ILE GB 384 -100.96 -63.51 -36.38
CA ILE GB 384 -101.02 -62.64 -37.53
C ILE GB 384 -102.37 -62.75 -38.24
N ALA GB 385 -103.22 -63.68 -37.77
CA ALA GB 385 -104.58 -63.79 -38.29
C ALA GB 385 -105.40 -62.54 -37.94
N GLU GB 386 -105.00 -61.80 -36.89
CA GLU GB 386 -105.76 -60.62 -36.51
C GLU GB 386 -105.30 -59.40 -37.28
N VAL GB 387 -104.02 -59.32 -37.63
CA VAL GB 387 -103.49 -58.11 -38.23
C VAL GB 387 -103.96 -57.99 -39.69
N PHE GB 388 -104.36 -59.12 -40.28
CA PHE GB 388 -104.93 -59.12 -41.62
C PHE GB 388 -106.45 -59.01 -41.57
N SER GB 389 -107.09 -59.60 -40.54
CA SER GB 389 -108.52 -59.44 -40.32
C SER GB 389 -108.85 -58.01 -39.94
N ARG GB 390 -107.91 -57.31 -39.27
CA ARG GB 390 -108.19 -55.97 -38.78
C ARG GB 390 -108.24 -54.99 -39.94
N MET GB 391 -107.31 -55.15 -40.90
CA MET GB 391 -107.29 -54.32 -42.10
C MET GB 391 -108.51 -54.65 -42.96
N ASP GB 392 -108.92 -55.92 -42.88
CA ASP GB 392 -109.93 -56.45 -43.78
C ASP GB 392 -111.27 -55.82 -43.50
N HIS GB 393 -111.56 -55.59 -42.23
CA HIS GB 393 -112.78 -54.91 -41.80
C HIS GB 393 -112.75 -53.42 -42.15
N LYS GB 394 -111.60 -52.77 -41.94
CA LYS GB 394 -111.47 -51.34 -42.20
C LYS GB 394 -111.63 -51.08 -43.70
N PHE GB 395 -111.05 -51.98 -44.52
CA PHE GB 395 -111.20 -51.87 -45.97
C PHE GB 395 -112.64 -52.09 -46.39
N ASP GB 396 -113.34 -52.98 -45.69
CA ASP GB 396 -114.73 -53.29 -46.02
C ASP GB 396 -115.67 -52.17 -45.60
N LEU GB 397 -115.31 -51.41 -44.56
CA LEU GB 397 -116.14 -50.28 -44.13
C LEU GB 397 -116.11 -49.19 -45.18
N MET GB 398 -114.88 -48.86 -45.59
CA MET GB 398 -114.68 -47.71 -46.47
C MET GB 398 -115.15 -48.02 -47.88
N TYR GB 399 -114.83 -49.22 -48.39
CA TYR GB 399 -115.16 -49.66 -49.73
C TYR GB 399 -116.64 -50.02 -49.86
N ALA GB 400 -117.42 -49.87 -48.78
CA ALA GB 400 -118.83 -50.27 -48.83
C ALA GB 400 -119.59 -49.40 -49.83
N LYS GB 401 -119.31 -48.09 -49.80
CA LYS GB 401 -119.98 -47.12 -50.66
C LYS GB 401 -118.95 -46.20 -51.33
N ARG GB 402 -117.78 -46.77 -51.65
CA ARG GB 402 -116.88 -46.23 -52.66
C ARG GB 402 -116.31 -44.86 -52.30
N ALA GB 403 -115.65 -44.77 -51.16
CA ALA GB 403 -114.97 -43.54 -50.75
C ALA GB 403 -113.49 -43.58 -51.14
N PHE GB 404 -112.97 -42.42 -51.59
CA PHE GB 404 -111.58 -42.22 -52.02
C PHE GB 404 -111.18 -43.17 -53.14
N VAL GB 405 -112.18 -43.63 -53.91
CA VAL GB 405 -111.90 -44.53 -55.02
C VAL GB 405 -111.53 -43.72 -56.25
N HIS GB 406 -112.04 -42.48 -56.34
CA HIS GB 406 -111.85 -41.63 -57.49
C HIS GB 406 -110.42 -41.13 -57.68
N TRP GB 407 -109.58 -41.08 -56.63
CA TRP GB 407 -108.17 -40.78 -56.86
C TRP GB 407 -107.38 -41.96 -57.41
N TYR GB 408 -107.93 -43.18 -57.31
CA TYR GB 408 -107.21 -44.35 -57.81
C TYR GB 408 -107.74 -44.69 -59.21
N VAL GB 409 -109.06 -44.57 -59.42
CA VAL GB 409 -109.73 -44.87 -60.69
C VAL GB 409 -109.23 -43.87 -61.73
N GLY GB 410 -109.24 -42.59 -61.35
CA GLY GB 410 -108.90 -41.52 -62.28
C GLY GB 410 -107.42 -41.46 -62.64
N GLU GB 411 -106.56 -42.16 -61.89
CA GLU GB 411 -105.12 -42.07 -62.08
C GLU GB 411 -104.51 -43.40 -62.55
N GLY GB 412 -105.29 -44.17 -63.32
CA GLY GB 412 -104.72 -45.22 -64.13
C GLY GB 412 -105.32 -46.60 -63.92
N MET GB 413 -105.69 -46.95 -62.67
CA MET GB 413 -106.06 -48.31 -62.37
C MET GB 413 -107.57 -48.50 -62.45
N GLU GB 414 -107.97 -49.72 -62.85
CA GLU GB 414 -109.37 -50.06 -63.07
C GLU GB 414 -109.93 -50.65 -61.78
N GLU GB 415 -111.14 -50.18 -61.44
CA GLU GB 415 -111.84 -50.60 -60.25
C GLU GB 415 -112.23 -52.07 -60.39
N GLY GB 416 -111.59 -52.90 -59.57
CA GLY GB 416 -111.63 -54.34 -59.76
C GLY GB 416 -110.29 -54.91 -59.34
N GLU GB 417 -109.28 -54.03 -59.35
CA GLU GB 417 -108.01 -54.35 -58.73
C GLU GB 417 -108.13 -54.30 -57.20
N PHE GB 418 -109.11 -53.51 -56.71
CA PHE GB 418 -109.44 -53.58 -55.29
C PHE GB 418 -110.09 -54.93 -54.96
N SER GB 419 -111.00 -55.40 -55.83
CA SER GB 419 -111.71 -56.64 -55.60
C SER GB 419 -110.77 -57.84 -55.78
N GLU GB 420 -109.80 -57.72 -56.70
CA GLU GB 420 -108.77 -58.73 -56.87
C GLU GB 420 -107.91 -58.82 -55.61
N ALA GB 421 -107.58 -57.65 -55.02
CA ALA GB 421 -106.70 -57.62 -53.86
C ALA GB 421 -107.45 -58.15 -52.62
N ARG GB 422 -108.75 -57.87 -52.51
CA ARG GB 422 -109.55 -58.30 -51.37
C ARG GB 422 -109.75 -59.82 -51.37
N GLU GB 423 -110.03 -60.40 -52.54
CA GLU GB 423 -110.19 -61.85 -52.64
C GLU GB 423 -108.86 -62.57 -52.41
N ASP GB 424 -107.76 -61.85 -52.67
CA ASP GB 424 -106.41 -62.36 -52.43
C ASP GB 424 -106.10 -62.31 -50.93
N LEU GB 425 -106.57 -61.25 -50.23
CA LEU GB 425 -106.36 -61.09 -48.79
C LEU GB 425 -107.29 -62.03 -48.01
N ALA GB 426 -108.49 -62.27 -48.53
CA ALA GB 426 -109.40 -63.20 -47.89
C ALA GB 426 -108.92 -64.65 -48.04
N ALA GB 427 -108.17 -64.90 -49.13
CA ALA GB 427 -107.56 -66.21 -49.34
C ALA GB 427 -106.49 -66.49 -48.28
N LEU GB 428 -105.74 -65.43 -47.91
CA LEU GB 428 -104.67 -65.50 -46.92
C LEU GB 428 -105.27 -65.79 -45.54
N GLU GB 429 -106.46 -65.25 -45.28
CA GLU GB 429 -107.09 -65.37 -43.97
C GLU GB 429 -107.46 -66.83 -43.68
N LYS GB 430 -108.01 -67.49 -44.69
CA LYS GB 430 -108.35 -68.89 -44.51
C LYS GB 430 -107.07 -69.72 -44.40
N ASP GB 431 -106.01 -69.28 -45.09
CA ASP GB 431 -104.73 -69.99 -45.07
C ASP GB 431 -104.13 -70.01 -43.65
N TYR GB 432 -104.02 -68.82 -43.01
CA TYR GB 432 -103.51 -68.68 -41.65
C TYR GB 432 -104.41 -69.41 -40.65
N GLU GB 433 -105.67 -69.58 -41.03
CA GLU GB 433 -106.58 -70.25 -40.12
C GLU GB 433 -106.40 -71.76 -40.15
N GLU GB 434 -106.26 -72.30 -41.35
CA GLU GB 434 -106.25 -73.74 -41.56
C GLU GB 434 -104.91 -74.38 -41.19
N VAL GB 435 -103.82 -73.60 -41.19
CA VAL GB 435 -102.52 -74.16 -40.88
C VAL GB 435 -102.42 -74.48 -39.38
N GLY GB 436 -102.93 -73.56 -38.56
CA GLY GB 436 -102.89 -73.59 -37.11
C GLY GB 436 -103.59 -74.73 -36.40
N ILE GB 437 -104.48 -75.51 -37.03
CA ILE GB 437 -105.18 -76.57 -36.35
C ILE GB 437 -104.21 -77.56 -35.64
N MET HB 1 -87.85 -27.11 -59.59
CA MET HB 1 -88.39 -28.06 -58.60
C MET HB 1 -89.92 -27.98 -58.57
N ARG HB 2 -90.47 -27.68 -57.39
CA ARG HB 2 -91.90 -27.50 -57.22
C ARG HB 2 -92.24 -26.02 -57.09
N GLU HB 3 -93.19 -25.54 -57.89
CA GLU HB 3 -93.52 -24.12 -57.95
C GLU HB 3 -95.02 -23.88 -57.72
N ILE HB 4 -95.33 -22.90 -56.86
CA ILE HB 4 -96.70 -22.46 -56.66
C ILE HB 4 -96.84 -21.03 -57.17
N VAL HB 5 -97.84 -20.86 -58.03
CA VAL HB 5 -98.07 -19.59 -58.70
C VAL HB 5 -99.29 -18.94 -58.06
N HIS HB 6 -99.06 -17.77 -57.45
CA HIS HB 6 -100.13 -17.02 -56.84
C HIS HB 6 -100.82 -16.13 -57.88
N VAL HB 7 -102.17 -16.20 -57.90
CA VAL HB 7 -102.99 -15.25 -58.63
C VAL HB 7 -104.10 -14.75 -57.72
N GLN HB 8 -104.12 -13.43 -57.52
CA GLN HB 8 -105.06 -12.84 -56.59
C GLN HB 8 -105.99 -11.90 -57.33
N GLY HB 9 -107.29 -12.09 -57.04
CA GLY HB 9 -108.35 -11.36 -57.70
C GLY HB 9 -109.15 -10.54 -56.70
N GLY HB 10 -109.51 -9.32 -57.11
CA GLY HB 10 -110.47 -8.51 -56.37
C GLY HB 10 -109.79 -7.57 -55.38
N GLN HB 11 -110.58 -6.64 -54.85
CA GLN HB 11 -110.21 -5.80 -53.72
C GLN HB 11 -109.77 -6.65 -52.52
N CYS HB 12 -110.62 -7.63 -52.22
CA CYS HB 12 -110.44 -8.41 -51.02
C CYS HB 12 -109.17 -9.26 -51.16
N GLY HB 13 -108.99 -9.82 -52.37
CA GLY HB 13 -107.81 -10.63 -52.71
C GLY HB 13 -106.50 -9.83 -52.63
N ASN HB 14 -106.52 -8.57 -53.08
CA ASN HB 14 -105.33 -7.73 -53.13
C ASN HB 14 -104.91 -7.31 -51.73
N GLN HB 15 -105.91 -7.13 -50.83
CA GLN HB 15 -105.62 -6.85 -49.44
C GLN HB 15 -105.09 -8.07 -48.72
N ILE HB 16 -105.72 -9.22 -49.01
CA ILE HB 16 -105.37 -10.45 -48.34
C ILE HB 16 -104.14 -11.10 -48.98
N GLY HB 17 -103.72 -10.59 -50.14
CA GLY HB 17 -102.55 -11.13 -50.80
C GLY HB 17 -101.31 -10.29 -50.57
N ALA HB 18 -101.47 -8.96 -50.46
CA ALA HB 18 -100.36 -8.05 -50.18
C ALA HB 18 -99.73 -8.42 -48.84
N LYS HB 19 -100.61 -8.73 -47.90
CA LYS HB 19 -100.14 -9.02 -46.56
C LYS HB 19 -99.50 -10.40 -46.48
N PHE HB 20 -100.03 -11.32 -47.31
CA PHE HB 20 -99.52 -12.67 -47.35
C PHE HB 20 -98.07 -12.64 -47.91
N TRP HB 21 -97.77 -11.75 -48.85
CA TRP HB 21 -96.42 -11.66 -49.36
C TRP HB 21 -95.49 -10.96 -48.39
N GLU HB 22 -96.05 -10.22 -47.46
CA GLU HB 22 -95.22 -9.65 -46.43
C GLU HB 22 -94.86 -10.74 -45.40
N VAL HB 23 -95.79 -11.67 -45.15
CA VAL HB 23 -95.53 -12.66 -44.12
C VAL HB 23 -94.66 -13.80 -44.63
N ILE HB 24 -94.65 -14.00 -45.95
CA ILE HB 24 -93.79 -15.04 -46.47
C ILE HB 24 -92.38 -14.53 -46.76
N SER HB 25 -92.26 -13.25 -47.07
CA SER HB 25 -90.96 -12.64 -47.33
C SER HB 25 -90.14 -12.51 -46.06
N ASP HB 26 -90.83 -12.12 -44.99
CA ASP HB 26 -90.18 -11.97 -43.69
C ASP HB 26 -89.81 -13.36 -43.16
N GLU HB 27 -90.65 -14.36 -43.45
CA GLU HB 27 -90.40 -15.75 -43.09
C GLU HB 27 -89.10 -16.24 -43.73
N HIS HB 28 -88.92 -15.90 -45.00
CA HIS HB 28 -87.75 -16.31 -45.76
C HIS HB 28 -86.57 -15.36 -45.56
N GLY HB 29 -86.84 -14.11 -45.17
CA GLY HB 29 -85.76 -13.17 -44.85
C GLY HB 29 -85.42 -12.18 -45.96
N ILE HB 30 -86.44 -11.85 -46.78
CA ILE HB 30 -86.25 -10.99 -47.93
C ILE HB 30 -86.70 -9.58 -47.59
N ASP HB 31 -85.73 -8.65 -47.73
CA ASP HB 31 -85.94 -7.21 -47.51
C ASP HB 31 -86.89 -6.66 -48.57
N PRO HB 32 -87.70 -5.60 -48.33
CA PRO HB 32 -88.48 -4.94 -49.39
C PRO HB 32 -87.70 -4.41 -50.60
N THR HB 33 -86.41 -4.12 -50.43
CA THR HB 33 -85.50 -3.90 -51.55
C THR HB 33 -85.45 -5.16 -52.41
N GLY HB 34 -85.37 -6.33 -51.79
CA GLY HB 34 -85.42 -7.61 -52.47
C GLY HB 34 -84.17 -8.42 -52.19
N THR HB 35 -83.41 -8.03 -51.19
CA THR HB 35 -82.11 -8.62 -50.91
C THR HB 35 -82.21 -9.48 -49.65
N TYR HB 36 -81.62 -10.67 -49.72
CA TYR HB 36 -81.59 -11.54 -48.55
C TYR HB 36 -80.68 -10.90 -47.51
N CYS HB 37 -81.07 -11.07 -46.24
CA CYS HB 37 -80.16 -10.90 -45.10
C CYS HB 37 -80.69 -11.83 -44.01
N GLY HB 38 -79.74 -12.55 -43.40
CA GLY HB 38 -80.02 -13.36 -42.23
C GLY HB 38 -79.40 -14.74 -42.20
N ASP HB 39 -78.37 -15.00 -43.04
CA ASP HB 39 -77.36 -16.05 -42.94
C ASP HB 39 -77.81 -17.39 -42.35
N SER HB 40 -78.96 -17.90 -42.81
CA SER HB 40 -79.43 -19.23 -42.44
C SER HB 40 -79.80 -19.96 -43.71
N ASP HB 41 -79.33 -21.19 -43.79
CA ASP HB 41 -79.42 -21.88 -45.06
C ASP HB 41 -80.85 -22.32 -45.34
N LEU HB 42 -81.54 -22.71 -44.25
CA LEU HB 42 -82.93 -23.21 -44.28
C LEU HB 42 -83.87 -22.30 -45.07
N GLN HB 43 -83.57 -21.00 -45.07
CA GLN HB 43 -84.44 -20.03 -45.71
C GLN HB 43 -84.39 -20.15 -47.23
N LEU HB 44 -83.19 -20.29 -47.81
CA LEU HB 44 -83.02 -20.25 -49.26
C LEU HB 44 -83.13 -21.61 -49.92
N GLU HB 45 -83.25 -22.67 -49.11
CA GLU HB 45 -83.21 -24.00 -49.72
C GLU HB 45 -84.46 -24.27 -50.56
N ARG HB 46 -85.61 -23.85 -50.05
CA ARG HB 46 -86.86 -23.91 -50.79
C ARG HB 46 -87.38 -22.49 -50.89
N ILE HB 47 -86.86 -21.76 -51.87
CA ILE HB 47 -87.32 -20.41 -52.14
C ILE HB 47 -87.78 -20.35 -53.59
N ASN HB 48 -87.50 -21.47 -54.28
CA ASN HB 48 -87.90 -21.63 -55.66
C ASN HB 48 -89.44 -21.80 -55.73
N VAL HB 49 -90.02 -22.19 -54.60
CA VAL HB 49 -91.45 -22.46 -54.47
C VAL HB 49 -92.28 -21.18 -54.66
N PHE HB 50 -91.67 -20.04 -54.36
CA PHE HB 50 -92.42 -18.79 -54.37
C PHE HB 50 -91.67 -17.61 -54.98
N TYR HB 51 -90.42 -17.78 -55.42
CA TYR HB 51 -89.64 -16.65 -55.90
C TYR HB 51 -88.86 -16.99 -57.15
N ASN HB 52 -88.55 -15.96 -57.96
CA ASN HB 52 -87.69 -16.05 -59.12
C ASN HB 52 -86.53 -15.05 -58.99
N GLU HB 53 -85.34 -15.42 -59.48
CA GLU HB 53 -84.20 -14.51 -59.52
C GLU HB 53 -84.44 -13.43 -60.58
N ALA HB 54 -83.68 -12.34 -60.44
CA ALA HB 54 -83.73 -11.19 -61.33
C ALA HB 54 -82.33 -10.68 -61.66
N THR HB 55 -81.29 -11.51 -61.50
CA THR HB 55 -79.88 -11.28 -61.89
C THR HB 55 -79.24 -9.94 -61.47
N GLY HB 56 -79.96 -9.15 -60.65
CA GLY HB 56 -79.40 -8.09 -59.84
C GLY HB 56 -79.38 -8.54 -58.37
N GLY HB 57 -79.65 -9.85 -58.22
CA GLY HB 57 -79.63 -10.76 -57.10
C GLY HB 57 -80.89 -10.66 -56.26
N ARG HB 58 -81.99 -10.20 -56.86
CA ARG HB 58 -83.19 -9.93 -56.08
C ARG HB 58 -84.25 -10.98 -56.34
N PHE HB 59 -85.16 -11.12 -55.37
CA PHE HB 59 -86.23 -12.09 -55.42
C PHE HB 59 -87.55 -11.39 -55.72
N VAL HB 60 -88.29 -11.92 -56.69
CA VAL HB 60 -89.60 -11.40 -57.03
C VAL HB 60 -90.62 -12.53 -56.83
N PRO HB 61 -91.82 -12.23 -56.32
CA PRO HB 61 -92.81 -13.28 -56.13
C PRO HB 61 -93.34 -13.80 -57.45
N ARG HB 62 -93.79 -15.06 -57.44
CA ARG HB 62 -94.52 -15.63 -58.56
C ARG HB 62 -96.02 -15.29 -58.46
N ALA HB 63 -96.31 -13.98 -58.41
CA ALA HB 63 -97.64 -13.48 -58.09
C ALA HB 63 -98.16 -12.62 -59.23
N ILE HB 64 -99.45 -12.81 -59.57
CA ILE HB 64 -100.12 -11.99 -60.56
C ILE HB 64 -101.28 -11.27 -59.88
N LEU HB 65 -101.35 -9.96 -60.15
CA LEU HB 65 -102.39 -9.12 -59.59
C LEU HB 65 -103.44 -8.84 -60.67
N MET HB 66 -104.69 -9.11 -60.27
CA MET HB 66 -105.82 -9.10 -61.17
C MET HB 66 -106.93 -8.29 -60.50
N ASP HB 67 -107.22 -7.16 -61.18
CA ASP HB 67 -108.29 -6.29 -60.72
C ASP HB 67 -108.80 -5.50 -61.90
N LEU HB 68 -110.10 -5.18 -61.81
CA LEU HB 68 -110.77 -4.46 -62.87
C LEU HB 68 -110.78 -2.96 -62.64
N GLU HB 69 -110.22 -2.48 -61.51
CA GLU HB 69 -110.15 -1.04 -61.24
C GLU HB 69 -108.68 -0.64 -61.07
N PRO HB 70 -108.31 0.57 -61.51
CA PRO HB 70 -106.99 1.11 -61.22
C PRO HB 70 -106.72 1.55 -59.78
N GLY HB 71 -107.76 1.70 -58.94
CA GLY HB 71 -107.60 2.29 -57.59
C GLY HB 71 -106.75 1.48 -56.62
N THR HB 72 -107.11 0.18 -56.55
CA THR HB 72 -106.57 -0.67 -55.51
C THR HB 72 -105.09 -0.98 -55.79
N MET HB 73 -104.75 -1.21 -57.05
CA MET HB 73 -103.39 -1.61 -57.37
C MET HB 73 -102.43 -0.44 -57.38
N ASP HB 74 -102.94 0.79 -57.47
CA ASP HB 74 -102.08 1.95 -57.27
C ASP HB 74 -101.66 2.05 -55.81
N SER HB 75 -102.59 1.72 -54.91
CA SER HB 75 -102.30 1.79 -53.49
C SER HB 75 -101.40 0.63 -53.05
N VAL HB 76 -101.54 -0.52 -53.72
CA VAL HB 76 -100.74 -1.70 -53.44
C VAL HB 76 -99.30 -1.41 -53.88
N ARG HB 77 -99.11 -0.79 -55.06
CA ARG HB 77 -97.79 -0.48 -55.62
C ARG HB 77 -97.08 0.59 -54.78
N ALA HB 78 -97.82 1.61 -54.34
CA ALA HB 78 -97.26 2.78 -53.65
C ALA HB 78 -96.83 2.48 -52.22
N GLY HB 79 -97.33 1.38 -51.63
CA GLY HB 79 -97.12 1.10 -50.21
C GLY HB 79 -95.75 0.47 -49.92
N PRO HB 80 -95.46 0.06 -48.67
CA PRO HB 80 -94.24 -0.70 -48.37
C PRO HB 80 -94.38 -2.20 -48.69
N PHE HB 81 -93.25 -2.85 -49.04
CA PHE HB 81 -93.19 -4.14 -49.73
C PHE HB 81 -94.15 -4.10 -50.93
N GLY HB 82 -94.17 -2.97 -51.61
CA GLY HB 82 -94.99 -2.73 -52.80
C GLY HB 82 -94.09 -2.75 -54.03
N GLN HB 83 -92.80 -2.55 -53.74
CA GLN HB 83 -91.71 -2.52 -54.70
C GLN HB 83 -91.34 -3.98 -55.01
N LEU HB 84 -91.91 -4.95 -54.29
CA LEU HB 84 -91.50 -6.34 -54.40
C LEU HB 84 -92.07 -6.96 -55.68
N PHE HB 85 -93.28 -6.53 -56.03
CA PHE HB 85 -93.95 -7.02 -57.23
C PHE HB 85 -93.36 -6.29 -58.42
N ARG HB 86 -93.13 -7.05 -59.49
CA ARG HB 86 -92.76 -6.45 -60.76
C ARG HB 86 -94.00 -5.79 -61.33
N PRO HB 87 -93.88 -4.56 -61.89
CA PRO HB 87 -95.05 -3.84 -62.40
C PRO HB 87 -95.67 -4.47 -63.65
N ASP HB 88 -94.95 -5.35 -64.35
CA ASP HB 88 -95.53 -6.06 -65.49
C ASP HB 88 -96.61 -7.06 -65.08
N ASN HB 89 -96.51 -7.58 -63.86
CA ASN HB 89 -97.43 -8.60 -63.38
C ASN HB 89 -98.79 -8.03 -62.95
N PHE HB 90 -98.81 -6.71 -62.73
CA PHE HB 90 -100.08 -6.03 -62.55
C PHE HB 90 -100.86 -6.11 -63.87
N VAL HB 91 -102.13 -6.50 -63.81
CA VAL HB 91 -102.99 -6.48 -64.99
C VAL HB 91 -104.21 -5.61 -64.68
N PHE HB 92 -104.09 -4.33 -65.10
CA PHE HB 92 -105.14 -3.36 -64.90
C PHE HB 92 -106.40 -3.75 -65.67
N GLY HB 93 -107.50 -3.24 -65.14
CA GLY HB 93 -108.71 -3.01 -65.88
C GLY HB 93 -109.08 -1.55 -65.70
N GLN HB 94 -109.85 -1.09 -66.68
CA GLN HB 94 -110.22 0.32 -66.73
C GLN HB 94 -111.65 0.51 -66.23
N THR HB 95 -112.61 -0.18 -66.86
CA THR HB 95 -114.01 0.16 -66.69
C THR HB 95 -114.60 -0.39 -65.39
N GLY HB 96 -114.19 -1.59 -64.98
CA GLY HB 96 -114.59 -2.07 -63.67
C GLY HB 96 -115.96 -2.77 -63.64
N ALA HB 97 -116.08 -3.75 -62.74
CA ALA HB 97 -117.31 -4.50 -62.54
C ALA HB 97 -117.94 -4.04 -61.23
N GLY HB 98 -119.20 -3.58 -61.33
CA GLY HB 98 -119.81 -2.93 -60.17
C GLY HB 98 -120.50 -3.92 -59.24
N ASN HB 99 -119.70 -4.69 -58.48
CA ASN HB 99 -120.22 -5.71 -57.60
C ASN HB 99 -121.20 -6.64 -58.35
N ASN HB 100 -120.91 -6.96 -59.60
CA ASN HB 100 -121.80 -7.69 -60.47
C ASN HB 100 -121.05 -8.90 -61.00
N TRP HB 101 -121.54 -10.09 -60.69
CA TRP HB 101 -120.95 -11.34 -61.16
C TRP HB 101 -121.05 -11.47 -62.69
N ALA HB 102 -122.24 -11.20 -63.23
CA ALA HB 102 -122.54 -11.49 -64.62
C ALA HB 102 -121.64 -10.67 -65.56
N LYS HB 103 -121.46 -9.40 -65.23
CA LYS HB 103 -120.57 -8.61 -66.09
C LYS HB 103 -119.11 -8.86 -65.74
N GLY HB 104 -118.85 -9.35 -64.51
CA GLY HB 104 -117.50 -9.76 -64.11
C GLY HB 104 -117.11 -11.10 -64.73
N HIS HB 105 -118.11 -11.89 -65.16
CA HIS HB 105 -117.88 -13.18 -65.79
C HIS HB 105 -118.02 -13.07 -67.30
N TYR HB 106 -119.21 -12.67 -67.77
CA TYR HB 106 -119.53 -12.86 -69.17
C TYR HB 106 -118.97 -11.72 -70.01
N THR HB 107 -119.12 -10.49 -69.50
CA THR HB 107 -118.82 -9.36 -70.36
C THR HB 107 -117.39 -8.91 -70.18
N GLU HB 108 -117.11 -8.32 -69.01
CA GLU HB 108 -115.92 -7.50 -68.84
C GLU HB 108 -114.66 -8.36 -68.80
N GLY HB 109 -114.75 -9.53 -68.14
CA GLY HB 109 -113.70 -10.53 -68.09
C GLY HB 109 -113.22 -10.98 -69.48
N ALA HB 110 -114.17 -11.05 -70.42
CA ALA HB 110 -113.98 -11.66 -71.73
C ALA HB 110 -112.98 -10.87 -72.56
N GLU HB 111 -112.91 -9.54 -72.32
CA GLU HB 111 -111.98 -8.73 -73.10
C GLU HB 111 -110.67 -8.50 -72.35
N LEU HB 112 -110.47 -9.19 -71.22
CA LEU HB 112 -109.27 -8.96 -70.41
C LEU HB 112 -108.61 -10.27 -70.01
N ILE HB 113 -109.36 -11.39 -69.99
CA ILE HB 113 -108.85 -12.65 -69.49
C ILE HB 113 -107.69 -13.15 -70.35
N ASP HB 114 -107.67 -12.78 -71.62
CA ASP HB 114 -106.59 -13.18 -72.51
C ASP HB 114 -105.26 -12.55 -72.06
N SER HB 115 -105.32 -11.30 -71.58
CA SER HB 115 -104.12 -10.60 -71.16
C SER HB 115 -103.50 -11.19 -69.89
N VAL HB 116 -104.35 -11.42 -68.89
CA VAL HB 116 -103.87 -11.90 -67.61
C VAL HB 116 -103.48 -13.37 -67.71
N LEU HB 117 -104.11 -14.09 -68.65
CA LEU HB 117 -103.76 -15.49 -68.85
C LEU HB 117 -102.42 -15.56 -69.54
N ASP HB 118 -102.09 -14.55 -70.32
CA ASP HB 118 -100.79 -14.47 -70.95
C ASP HB 118 -99.66 -14.29 -69.93
N VAL HB 119 -99.91 -13.55 -68.85
CA VAL HB 119 -98.90 -13.34 -67.80
C VAL HB 119 -98.79 -14.61 -66.95
N VAL HB 120 -99.90 -15.34 -66.83
CA VAL HB 120 -99.91 -16.62 -66.12
C VAL HB 120 -99.07 -17.68 -66.86
N ARG HB 121 -99.07 -17.58 -68.20
CA ARG HB 121 -98.22 -18.43 -69.02
C ARG HB 121 -96.75 -18.30 -68.62
N LYS HB 122 -96.27 -17.04 -68.51
CA LYS HB 122 -94.86 -16.74 -68.35
C LYS HB 122 -94.36 -17.21 -66.98
N GLU HB 123 -95.17 -17.08 -65.94
CA GLU HB 123 -94.73 -17.48 -64.61
C GLU HB 123 -94.71 -19.00 -64.45
N ALA HB 124 -95.74 -19.67 -65.02
CA ALA HB 124 -95.93 -21.10 -64.87
C ALA HB 124 -94.83 -21.87 -65.60
N GLU HB 125 -94.67 -21.49 -66.88
CA GLU HB 125 -93.92 -22.33 -67.81
C GLU HB 125 -92.41 -22.22 -67.56
N GLY HB 126 -92.01 -21.12 -66.89
CA GLY HB 126 -90.66 -20.64 -66.64
C GLY HB 126 -89.67 -21.69 -66.16
N CYS HB 127 -89.96 -22.32 -65.01
CA CYS HB 127 -89.01 -23.21 -64.41
C CYS HB 127 -89.07 -24.59 -65.08
N ASP HB 128 -88.67 -25.65 -64.39
CA ASP HB 128 -88.80 -26.98 -64.97
C ASP HB 128 -90.28 -27.32 -65.25
N CYS HB 129 -91.14 -27.17 -64.22
CA CYS HB 129 -92.50 -27.68 -64.24
C CYS HB 129 -93.24 -27.33 -62.95
N LEU HB 130 -94.49 -26.88 -63.10
CA LEU HB 130 -95.35 -26.32 -62.06
C LEU HB 130 -95.96 -27.42 -61.17
N GLN HB 131 -96.15 -27.07 -59.89
CA GLN HB 131 -96.77 -27.92 -58.88
C GLN HB 131 -98.25 -27.56 -58.68
N GLY HB 132 -98.53 -26.29 -58.35
CA GLY HB 132 -99.93 -25.88 -58.13
C GLY HB 132 -100.12 -24.37 -58.24
N PHE HB 133 -101.38 -23.96 -58.15
CA PHE HB 133 -101.78 -22.57 -58.17
C PHE HB 133 -102.39 -22.25 -56.81
N GLN HB 134 -102.56 -20.94 -56.59
CA GLN HB 134 -103.13 -20.44 -55.35
C GLN HB 134 -103.93 -19.18 -55.68
N ILE HB 135 -105.25 -19.24 -55.42
CA ILE HB 135 -106.13 -18.09 -55.64
C ILE HB 135 -106.66 -17.57 -54.29
N THR HB 136 -106.73 -16.23 -54.19
CA THR HB 136 -107.35 -15.56 -53.07
C THR HB 136 -108.36 -14.55 -53.61
N HIS HB 137 -109.60 -14.66 -53.11
CA HIS HB 137 -110.69 -13.87 -53.65
C HIS HB 137 -111.87 -13.90 -52.67
N SER HB 138 -112.86 -13.06 -52.95
CA SER HB 138 -114.07 -12.94 -52.15
C SER HB 138 -115.25 -13.43 -52.97
N LEU HB 139 -116.20 -14.11 -52.32
CA LEU HB 139 -117.39 -14.57 -53.03
C LEU HB 139 -118.61 -13.77 -52.60
N GLY HB 140 -118.39 -12.46 -52.43
CA GLY HB 140 -119.46 -11.50 -52.19
C GLY HB 140 -119.33 -10.27 -53.08
N GLY HB 141 -118.24 -10.26 -53.87
CA GLY HB 141 -117.84 -9.15 -54.72
C GLY HB 141 -118.17 -9.41 -56.18
N GLY HB 142 -117.59 -8.59 -57.05
CA GLY HB 142 -117.87 -8.72 -58.47
C GLY HB 142 -116.70 -9.29 -59.25
N THR HB 143 -115.52 -8.80 -58.93
CA THR HB 143 -114.32 -9.24 -59.62
C THR HB 143 -113.83 -10.56 -59.01
N GLY HB 144 -113.71 -10.55 -57.68
CA GLY HB 144 -113.32 -11.70 -56.90
C GLY HB 144 -114.22 -12.92 -57.14
N SER HB 145 -115.50 -12.68 -57.31
CA SER HB 145 -116.47 -13.76 -57.51
C SER HB 145 -116.66 -14.07 -59.00
N GLY HB 146 -116.68 -13.02 -59.84
CA GLY HB 146 -116.94 -13.17 -61.26
C GLY HB 146 -115.74 -13.67 -62.06
N MET HB 147 -114.70 -12.83 -62.14
CA MET HB 147 -113.56 -13.17 -62.98
C MET HB 147 -112.53 -14.02 -62.25
N GLY HB 148 -112.66 -14.11 -60.91
CA GLY HB 148 -111.90 -15.07 -60.13
C GLY HB 148 -112.25 -16.50 -60.53
N THR HB 149 -113.54 -16.73 -60.74
CA THR HB 149 -114.04 -18.05 -61.12
C THR HB 149 -113.77 -18.34 -62.59
N LEU HB 150 -113.89 -17.31 -63.44
CA LEU HB 150 -113.66 -17.48 -64.88
C LEU HB 150 -112.18 -17.75 -65.17
N LEU HB 151 -111.32 -17.19 -64.31
CA LEU HB 151 -109.92 -17.54 -64.35
C LEU HB 151 -109.73 -19.01 -63.98
N ILE HB 152 -110.48 -19.49 -62.98
CA ILE HB 152 -110.34 -20.84 -62.48
C ILE HB 152 -110.74 -21.83 -63.56
N SER HB 153 -111.83 -21.52 -64.29
CA SER HB 153 -112.36 -22.42 -65.31
C SER HB 153 -111.34 -22.58 -66.45
N LYS HB 154 -110.66 -21.49 -66.83
CA LYS HB 154 -109.68 -21.58 -67.90
C LYS HB 154 -108.35 -22.14 -67.40
N VAL HB 155 -107.93 -21.82 -66.18
CA VAL HB 155 -106.61 -22.27 -65.73
C VAL HB 155 -106.65 -23.75 -65.41
N ARG HB 156 -107.85 -24.30 -65.17
CA ARG HB 156 -107.98 -25.75 -65.09
C ARG HB 156 -107.96 -26.38 -66.49
N GLU HB 157 -108.64 -25.75 -67.45
CA GLU HB 157 -108.78 -26.29 -68.78
C GLU HB 157 -107.42 -26.42 -69.45
N GLU HB 158 -106.45 -25.58 -69.06
CA GLU HB 158 -105.14 -25.62 -69.68
C GLU HB 158 -104.16 -26.49 -68.88
N TYR HB 159 -104.36 -26.53 -67.57
CA TYR HB 159 -103.47 -27.29 -66.70
C TYR HB 159 -104.31 -28.22 -65.85
N PRO HB 160 -104.76 -29.37 -66.40
CA PRO HB 160 -105.77 -30.19 -65.72
C PRO HB 160 -105.28 -31.00 -64.52
N ASP HB 161 -104.01 -31.41 -64.56
CA ASP HB 161 -103.37 -32.28 -63.61
C ASP HB 161 -102.70 -31.49 -62.47
N ARG HB 162 -102.79 -30.16 -62.50
CA ARG HB 162 -102.17 -29.33 -61.48
C ARG HB 162 -103.19 -28.96 -60.42
N ILE HB 163 -102.78 -29.02 -59.15
CA ILE HB 163 -103.67 -28.72 -58.02
C ILE HB 163 -103.94 -27.22 -58.03
N MET HB 164 -105.05 -26.80 -57.42
CA MET HB 164 -105.50 -25.42 -57.54
C MET HB 164 -106.39 -25.10 -56.35
N GLU HB 165 -105.77 -24.54 -55.30
CA GLU HB 165 -106.46 -24.35 -54.02
C GLU HB 165 -106.79 -22.87 -53.83
N THR HB 166 -108.03 -22.63 -53.40
CA THR HB 166 -108.57 -21.28 -53.35
C THR HB 166 -108.89 -20.92 -51.90
N PHE HB 167 -108.32 -19.79 -51.45
CA PHE HB 167 -108.74 -19.19 -50.20
C PHE HB 167 -109.86 -18.19 -50.47
N SER HB 168 -111.07 -18.55 -50.07
CA SER HB 168 -112.25 -17.76 -50.39
C SER HB 168 -112.98 -17.33 -49.11
N VAL HB 169 -113.49 -16.09 -49.09
CA VAL HB 169 -114.31 -15.65 -47.97
C VAL HB 169 -115.78 -15.64 -48.41
N PHE HB 170 -116.66 -16.00 -47.48
CA PHE HB 170 -118.09 -16.13 -47.76
C PHE HB 170 -118.85 -14.94 -47.21
N PRO HB 171 -120.05 -14.65 -47.73
CA PRO HB 171 -121.00 -13.79 -47.03
C PRO HB 171 -121.36 -14.27 -45.63
N SER HB 172 -121.46 -13.28 -44.76
CA SER HB 172 -121.73 -13.45 -43.34
C SER HB 172 -123.19 -13.83 -43.07
N PRO HB 173 -123.51 -14.67 -42.07
CA PRO HB 173 -124.89 -15.05 -41.75
C PRO HB 173 -125.87 -13.96 -41.35
N LYS HB 174 -125.49 -13.29 -40.29
CA LYS HB 174 -126.39 -12.40 -39.60
C LYS HB 174 -126.40 -11.02 -40.24
N VAL HB 175 -125.26 -10.45 -40.66
CA VAL HB 175 -125.26 -9.13 -41.31
C VAL HB 175 -124.69 -9.27 -42.72
N SER HB 176 -125.07 -8.40 -43.68
CA SER HB 176 -124.51 -8.51 -45.02
C SER HB 176 -124.59 -7.18 -45.75
N ASP HB 177 -123.51 -6.40 -45.68
CA ASP HB 177 -123.37 -5.32 -46.65
C ASP HB 177 -122.87 -5.91 -47.98
N THR HB 178 -123.02 -5.13 -49.03
CA THR HB 178 -123.14 -5.55 -50.43
C THR HB 178 -124.38 -6.43 -50.55
N VAL HB 179 -125.53 -5.74 -50.54
CA VAL HB 179 -126.91 -6.19 -50.75
C VAL HB 179 -126.97 -7.48 -51.57
N VAL HB 180 -126.32 -7.46 -52.73
CA VAL HB 180 -126.42 -8.61 -53.61
C VAL HB 180 -125.25 -9.54 -53.31
N GLU HB 181 -125.27 -10.14 -52.11
CA GLU HB 181 -124.25 -11.12 -51.75
C GLU HB 181 -124.70 -12.55 -52.06
N PRO HB 182 -125.93 -13.01 -51.69
CA PRO HB 182 -126.34 -14.38 -51.99
C PRO HB 182 -126.42 -14.69 -53.48
N TYR HB 183 -126.60 -13.67 -54.33
CA TYR HB 183 -126.52 -13.89 -55.78
C TYR HB 183 -125.12 -14.29 -56.23
N ASN HB 184 -124.12 -13.55 -55.77
CA ASN HB 184 -122.73 -13.79 -56.14
C ASN HB 184 -122.26 -15.13 -55.58
N ALA HB 185 -122.62 -15.45 -54.32
CA ALA HB 185 -122.09 -16.62 -53.64
C ALA HB 185 -122.69 -17.88 -54.27
N THR HB 186 -123.99 -17.84 -54.60
CA THR HB 186 -124.68 -19.00 -55.14
C THR HB 186 -124.15 -19.34 -56.54
N LEU HB 187 -123.89 -18.32 -57.36
CA LEU HB 187 -123.40 -18.56 -58.72
C LEU HB 187 -121.94 -18.96 -58.71
N SER HB 188 -121.17 -18.44 -57.74
CA SER HB 188 -119.74 -18.65 -57.72
C SER HB 188 -119.40 -20.09 -57.32
N VAL HB 189 -120.09 -20.58 -56.28
CA VAL HB 189 -119.81 -21.91 -55.75
C VAL HB 189 -120.12 -22.98 -56.80
N HIS HB 190 -121.18 -22.76 -57.59
CA HIS HB 190 -121.53 -23.66 -58.68
C HIS HB 190 -120.38 -23.76 -59.67
N GLN HB 191 -119.75 -22.62 -60.00
CA GLN HB 191 -118.59 -22.64 -60.88
C GLN HB 191 -117.32 -23.14 -60.16
N LEU HB 192 -117.37 -23.24 -58.82
CA LEU HB 192 -116.21 -23.56 -57.99
C LEU HB 192 -116.32 -24.96 -57.36
N VAL HB 193 -117.51 -25.57 -57.46
CA VAL HB 193 -117.66 -26.97 -57.03
C VAL HB 193 -117.21 -27.92 -58.15
N GLU HB 194 -117.22 -27.42 -59.40
CA GLU HB 194 -116.85 -28.24 -60.55
C GLU HB 194 -115.37 -28.08 -60.92
N ASN HB 195 -114.81 -26.89 -60.70
CA ASN HB 195 -113.55 -26.48 -61.30
C ASN HB 195 -112.41 -26.40 -60.28
N ALA HB 196 -112.71 -25.95 -59.03
CA ALA HB 196 -111.65 -25.80 -58.03
C ALA HB 196 -111.23 -27.17 -57.49
N ASP HB 197 -110.13 -27.20 -56.72
CA ASP HB 197 -109.65 -28.45 -56.15
C ASP HB 197 -109.89 -28.50 -54.62
N GLU HB 198 -109.32 -27.53 -53.91
CA GLU HB 198 -109.58 -27.42 -52.48
C GLU HB 198 -110.04 -25.99 -52.21
N VAL HB 199 -111.19 -25.88 -51.54
CA VAL HB 199 -111.72 -24.57 -51.19
C VAL HB 199 -111.74 -24.47 -49.67
N GLN HB 200 -111.10 -23.40 -49.18
CA GLN HB 200 -110.92 -23.24 -47.75
C GLN HB 200 -111.71 -22.03 -47.32
N VAL HB 201 -112.71 -22.30 -46.50
CA VAL HB 201 -113.80 -21.35 -46.35
C VAL HB 201 -113.50 -20.45 -45.16
N ILE HB 202 -113.69 -19.14 -45.37
CA ILE HB 202 -113.52 -18.14 -44.33
C ILE HB 202 -114.80 -17.32 -44.20
N ASP HB 203 -115.20 -16.98 -42.96
CA ASP HB 203 -116.27 -16.04 -42.70
C ASP HB 203 -115.70 -14.79 -42.03
N ASN HB 204 -116.25 -13.64 -42.42
CA ASN HB 204 -115.84 -12.37 -41.85
C ASN HB 204 -116.19 -12.28 -40.36
N GLU HB 205 -117.40 -12.80 -40.04
CA GLU HB 205 -118.01 -12.78 -38.72
C GLU HB 205 -117.14 -13.47 -37.68
N ALA HB 206 -116.61 -14.64 -38.09
CA ALA HB 206 -115.74 -15.43 -37.23
C ALA HB 206 -114.45 -14.63 -36.99
N LEU HB 207 -113.99 -13.91 -38.02
CA LEU HB 207 -112.74 -13.17 -37.91
C LEU HB 207 -112.89 -12.02 -36.92
N TYR HB 208 -114.01 -11.32 -36.97
CA TYR HB 208 -114.27 -10.23 -36.05
C TYR HB 208 -114.45 -10.76 -34.62
N ASP HB 209 -115.08 -11.95 -34.51
CA ASP HB 209 -115.32 -12.60 -33.22
C ASP HB 209 -113.98 -12.96 -32.59
N ILE HB 210 -113.04 -13.48 -33.39
CA ILE HB 210 -111.75 -13.87 -32.86
C ILE HB 210 -110.98 -12.62 -32.43
N CYS HB 211 -111.10 -11.55 -33.27
CA CYS HB 211 -110.45 -10.26 -33.05
C CYS HB 211 -111.04 -9.51 -31.86
N PHE HB 212 -112.12 -10.06 -31.30
CA PHE HB 212 -112.80 -9.33 -30.26
C PHE HB 212 -112.79 -10.07 -28.92
N ARG HB 213 -113.16 -11.35 -28.98
CA ARG HB 213 -113.40 -12.11 -27.76
C ARG HB 213 -112.18 -12.89 -27.28
N THR HB 214 -111.18 -13.10 -28.16
CA THR HB 214 -109.98 -13.80 -27.78
C THR HB 214 -108.78 -12.85 -27.75
N LEU HB 215 -108.51 -12.23 -28.90
CA LEU HB 215 -107.33 -11.39 -29.01
C LEU HB 215 -107.46 -10.08 -28.21
N LYS HB 216 -108.71 -9.65 -28.01
CA LYS HB 216 -108.99 -8.51 -27.15
C LYS HB 216 -108.61 -7.22 -27.86
N LEU HB 217 -108.43 -7.25 -29.19
CA LEU HB 217 -108.05 -6.02 -29.89
C LEU HB 217 -109.26 -5.10 -30.02
N THR HB 218 -109.10 -3.85 -29.62
CA THR HB 218 -110.20 -2.90 -29.52
C THR HB 218 -110.74 -2.47 -30.89
N THR HB 219 -109.85 -2.11 -31.82
CA THR HB 219 -110.25 -1.55 -33.11
C THR HB 219 -109.50 -2.29 -34.22
N PRO HB 220 -110.03 -3.45 -34.68
CA PRO HB 220 -109.31 -4.25 -35.67
C PRO HB 220 -109.44 -3.66 -37.06
N THR HB 221 -108.30 -3.43 -37.71
CA THR HB 221 -108.28 -2.94 -39.07
C THR HB 221 -108.03 -4.13 -39.98
N TYR HB 222 -108.01 -3.83 -41.29
CA TYR HB 222 -107.68 -4.75 -42.36
C TYR HB 222 -106.27 -5.35 -42.19
N GLY HB 223 -105.39 -4.56 -41.57
CA GLY HB 223 -104.04 -5.00 -41.28
C GLY HB 223 -104.03 -6.18 -40.32
N ASP HB 224 -104.90 -6.12 -39.31
CA ASP HB 224 -104.87 -7.12 -38.25
C ASP HB 224 -105.61 -8.37 -38.68
N LEU HB 225 -106.73 -8.20 -39.41
CA LEU HB 225 -107.50 -9.35 -39.84
C LEU HB 225 -106.72 -10.15 -40.87
N ASN HB 226 -106.09 -9.42 -41.81
CA ASN HB 226 -105.32 -10.05 -42.87
C ASN HB 226 -104.11 -10.76 -42.30
N HIS HB 227 -103.52 -10.25 -41.20
CA HIS HB 227 -102.44 -10.92 -40.46
C HIS HB 227 -102.93 -12.26 -39.93
N LEU HB 228 -104.23 -12.37 -39.61
CA LEU HB 228 -104.71 -13.64 -39.08
C LEU HB 228 -104.84 -14.67 -40.21
N VAL HB 229 -105.26 -14.22 -41.40
CA VAL HB 229 -105.42 -15.12 -42.53
C VAL HB 229 -104.07 -15.46 -43.13
N SER HB 230 -103.10 -14.54 -43.04
CA SER HB 230 -101.76 -14.72 -43.59
C SER HB 230 -101.05 -15.83 -42.83
N ALA HB 231 -101.31 -15.92 -41.51
CA ALA HB 231 -100.69 -16.94 -40.69
C ALA HB 231 -101.25 -18.32 -41.07
N ALA HB 232 -102.56 -18.36 -41.38
CA ALA HB 232 -103.22 -19.62 -41.74
C ALA HB 232 -102.81 -20.06 -43.15
N MET HB 233 -102.53 -19.06 -44.00
CA MET HB 233 -102.12 -19.31 -45.38
C MET HB 233 -100.75 -20.02 -45.37
N SER HB 234 -99.83 -19.52 -44.53
CA SER HB 234 -98.46 -20.03 -44.51
C SER HB 234 -98.39 -21.40 -43.85
N GLY HB 235 -99.34 -21.69 -42.95
CA GLY HB 235 -99.38 -22.94 -42.21
C GLY HB 235 -99.61 -24.15 -43.11
N VAL HB 236 -100.43 -23.99 -44.15
CA VAL HB 236 -100.76 -25.11 -45.02
C VAL HB 236 -99.57 -25.52 -45.88
N THR HB 237 -98.66 -24.57 -46.11
CA THR HB 237 -97.50 -24.79 -46.97
C THR HB 237 -96.21 -24.62 -46.17
N CYS HB 238 -96.24 -25.17 -44.94
CA CYS HB 238 -95.02 -25.30 -44.17
C CYS HB 238 -94.13 -26.38 -44.78
N CYS HB 239 -94.80 -27.47 -45.21
CA CYS HB 239 -94.14 -28.67 -45.69
C CYS HB 239 -93.37 -28.36 -46.97
N LEU HB 240 -93.97 -27.58 -47.86
CA LEU HB 240 -93.40 -27.30 -49.18
C LEU HB 240 -92.14 -26.42 -49.09
N ARG HB 241 -91.92 -25.78 -47.93
CA ARG HB 241 -90.89 -24.75 -47.84
C ARG HB 241 -89.82 -25.08 -46.79
N PHE HB 242 -90.11 -26.06 -45.92
CA PHE HB 242 -89.19 -26.39 -44.86
C PHE HB 242 -89.25 -27.89 -44.58
N PRO HB 243 -88.12 -28.56 -44.28
CA PRO HB 243 -88.13 -30.00 -43.96
C PRO HB 243 -88.86 -30.30 -42.65
N GLY HB 244 -89.39 -31.52 -42.59
CA GLY HB 244 -90.26 -31.99 -41.53
C GLY HB 244 -90.08 -33.49 -41.27
N GLN HB 245 -90.56 -33.97 -40.13
CA GLN HB 245 -90.41 -35.38 -39.78
C GLN HB 245 -91.43 -36.24 -40.52
N LEU HB 246 -92.70 -35.78 -40.60
CA LEU HB 246 -93.66 -36.46 -41.47
C LEU HB 246 -94.36 -35.40 -42.32
N ASN HB 247 -93.70 -35.13 -43.46
CA ASN HB 247 -94.07 -34.16 -44.46
C ASN HB 247 -95.43 -34.47 -45.06
N SER HB 248 -96.12 -33.38 -45.43
CA SER HB 248 -97.42 -33.49 -46.05
C SER HB 248 -97.63 -32.35 -47.03
N ASP HB 249 -97.55 -32.70 -48.33
CA ASP HB 249 -97.83 -31.75 -49.39
C ASP HB 249 -99.31 -31.40 -49.44
N LEU HB 250 -99.68 -30.62 -50.45
CA LEU HB 250 -101.07 -30.26 -50.63
C LEU HB 250 -101.86 -31.43 -51.24
N ARG HB 251 -101.22 -32.23 -52.12
CA ARG HB 251 -101.92 -33.38 -52.68
C ARG HB 251 -102.03 -34.51 -51.66
N LYS HB 252 -101.02 -34.57 -50.78
CA LYS HB 252 -100.97 -35.39 -49.57
C LYS HB 252 -102.25 -35.09 -48.75
N LEU HB 253 -102.63 -33.81 -48.65
CA LEU HB 253 -103.78 -33.36 -47.89
C LEU HB 253 -105.08 -33.74 -48.61
N ALA HB 254 -105.08 -33.63 -49.95
CA ALA HB 254 -106.30 -33.69 -50.74
C ALA HB 254 -106.89 -35.10 -50.70
N VAL HB 255 -106.02 -36.09 -50.83
CA VAL HB 255 -106.58 -37.41 -50.97
C VAL HB 255 -107.11 -37.87 -49.60
N ASN HB 256 -106.46 -37.46 -48.52
CA ASN HB 256 -106.97 -37.85 -47.19
C ASN HB 256 -108.22 -37.11 -46.73
N LEU HB 257 -108.30 -35.80 -46.99
CA LEU HB 257 -109.42 -35.09 -46.40
C LEU HB 257 -110.72 -35.32 -47.17
N ILE HB 258 -110.68 -35.27 -48.52
CA ILE HB 258 -111.89 -35.32 -49.32
C ILE HB 258 -112.33 -36.77 -49.48
N PRO HB 259 -113.54 -37.14 -49.00
CA PRO HB 259 -114.05 -38.49 -49.24
C PRO HB 259 -114.59 -38.71 -50.65
N PHE HB 260 -115.41 -37.76 -51.11
CA PHE HB 260 -116.08 -37.82 -52.38
C PHE HB 260 -115.89 -36.48 -53.09
N PRO HB 261 -115.70 -36.48 -54.43
CA PRO HB 261 -115.12 -35.32 -55.11
C PRO HB 261 -115.91 -34.02 -55.05
N ARG HB 262 -117.22 -34.13 -54.76
CA ARG HB 262 -118.10 -32.98 -54.68
C ARG HB 262 -117.75 -32.07 -53.51
N LEU HB 263 -117.49 -32.69 -52.34
CA LEU HB 263 -117.41 -31.94 -51.10
C LEU HB 263 -115.93 -31.72 -50.72
N HIS HB 264 -115.45 -30.50 -51.01
CA HIS HB 264 -114.08 -30.12 -50.70
C HIS HB 264 -114.02 -28.73 -50.04
N PHE HB 265 -115.00 -28.47 -49.18
CA PHE HB 265 -115.09 -27.20 -48.49
C PHE HB 265 -114.65 -27.37 -47.05
N PHE HB 266 -113.62 -26.60 -46.67
CA PHE HB 266 -112.89 -26.89 -45.45
C PHE HB 266 -112.99 -25.75 -44.46
N LEU HB 267 -112.81 -26.11 -43.18
CA LEU HB 267 -112.76 -25.15 -42.08
C LEU HB 267 -111.31 -24.98 -41.65
N ILE HB 268 -110.99 -23.77 -41.20
CA ILE HB 268 -109.63 -23.48 -40.78
C ILE HB 268 -109.67 -23.07 -39.30
N GLY HB 269 -108.71 -23.58 -38.52
CA GLY HB 269 -108.45 -23.21 -37.13
C GLY HB 269 -106.97 -22.87 -36.94
N PHE HB 270 -106.66 -22.00 -35.99
CA PHE HB 270 -105.28 -21.66 -35.77
C PHE HB 270 -105.03 -21.61 -34.27
N ALA HB 271 -103.84 -22.04 -33.89
CA ALA HB 271 -103.43 -22.03 -32.50
C ALA HB 271 -101.90 -22.00 -32.43
N PRO HB 272 -101.32 -21.30 -31.42
CA PRO HB 272 -102.06 -20.58 -30.37
C PRO HB 272 -102.43 -19.13 -30.70
N LEU HB 273 -103.40 -18.56 -29.98
CA LEU HB 273 -103.83 -17.18 -30.15
C LEU HB 273 -104.12 -16.60 -28.77
N THR HB 274 -103.17 -15.92 -28.13
CA THR HB 274 -103.38 -15.39 -26.79
C THR HB 274 -103.54 -13.86 -26.78
N SER HB 275 -104.28 -13.27 -25.83
CA SER HB 275 -104.27 -11.81 -25.58
C SER HB 275 -102.92 -11.34 -25.02
N ARG HB 276 -102.76 -10.01 -24.98
CA ARG HB 276 -101.61 -9.32 -24.39
C ARG HB 276 -101.44 -9.65 -22.91
N GLY HB 277 -102.54 -9.80 -22.17
CA GLY HB 277 -102.44 -10.17 -20.77
C GLY HB 277 -101.96 -11.61 -20.59
N SER HB 278 -102.54 -12.52 -21.39
CA SER HB 278 -102.39 -13.94 -21.15
C SER HB 278 -101.13 -14.55 -21.77
N GLN HB 279 -100.17 -13.73 -22.20
CA GLN HB 279 -98.98 -14.26 -22.88
C GLN HB 279 -98.09 -15.05 -21.93
N GLN HB 280 -97.90 -14.46 -20.74
CA GLN HB 280 -96.85 -14.95 -19.86
C GLN HB 280 -97.36 -16.19 -19.14
N TYR HB 281 -98.66 -16.20 -18.82
CA TYR HB 281 -99.17 -17.28 -17.99
C TYR HB 281 -99.30 -18.60 -18.73
N ARG HB 282 -99.36 -18.59 -20.07
CA ARG HB 282 -99.81 -19.74 -20.81
C ARG HB 282 -98.65 -20.64 -21.21
N ALA HB 283 -98.79 -21.92 -20.80
CA ALA HB 283 -97.90 -23.00 -21.18
C ALA HB 283 -98.14 -23.29 -22.66
N LEU HB 284 -97.05 -23.53 -23.37
CA LEU HB 284 -97.14 -23.95 -24.76
C LEU HB 284 -96.68 -25.39 -24.89
N SER HB 285 -97.60 -26.25 -25.30
CA SER HB 285 -97.32 -27.67 -25.44
C SER HB 285 -98.34 -28.27 -26.40
N VAL HB 286 -98.08 -29.51 -26.79
CA VAL HB 286 -98.99 -30.27 -27.63
C VAL HB 286 -100.40 -30.40 -27.01
N PRO HB 287 -100.57 -30.78 -25.71
CA PRO HB 287 -101.92 -30.93 -25.18
C PRO HB 287 -102.78 -29.65 -25.13
N GLU HB 288 -102.15 -28.48 -25.00
CA GLU HB 288 -102.93 -27.25 -24.99
C GLU HB 288 -103.32 -26.80 -26.38
N LEU HB 289 -102.47 -27.14 -27.34
CA LEU HB 289 -102.72 -26.75 -28.73
C LEU HB 289 -103.90 -27.53 -29.31
N THR HB 290 -104.05 -28.78 -28.87
CA THR HB 290 -105.12 -29.62 -29.36
C THR HB 290 -106.47 -29.14 -28.84
N GLN HB 291 -106.46 -28.59 -27.59
CA GLN HB 291 -107.65 -28.05 -26.96
C GLN HB 291 -108.17 -26.89 -27.80
N GLN HB 292 -107.25 -26.01 -28.21
CA GLN HB 292 -107.64 -24.77 -28.84
C GLN HB 292 -108.07 -24.96 -30.29
N MET HB 293 -107.57 -26.03 -30.94
CA MET HB 293 -108.04 -26.39 -32.28
C MET HB 293 -109.52 -26.77 -32.19
N PHE HB 294 -109.81 -27.89 -31.49
CA PHE HB 294 -111.14 -28.46 -31.43
C PHE HB 294 -112.04 -27.64 -30.52
N ASP HB 295 -112.26 -26.38 -30.90
CA ASP HB 295 -112.90 -25.41 -30.05
C ASP HB 295 -113.64 -24.43 -30.96
N ALA HB 296 -114.96 -24.31 -30.72
CA ALA HB 296 -115.87 -23.68 -31.69
C ALA HB 296 -115.60 -22.19 -31.88
N LYS HB 297 -115.03 -21.56 -30.86
CA LYS HB 297 -114.76 -20.13 -30.94
C LYS HB 297 -113.40 -19.83 -31.60
N ASN HB 298 -112.63 -20.88 -31.93
CA ASN HB 298 -111.34 -20.68 -32.55
C ASN HB 298 -111.38 -21.25 -33.96
N MET HB 299 -112.47 -20.96 -34.67
CA MET HB 299 -112.59 -21.36 -36.06
C MET HB 299 -112.80 -20.08 -36.89
N MET HB 300 -112.39 -20.18 -38.15
CA MET HB 300 -112.56 -19.07 -39.09
C MET HB 300 -113.88 -19.17 -39.83
N CYS HB 301 -114.81 -19.96 -39.29
CA CYS HB 301 -116.14 -20.17 -39.81
C CYS HB 301 -117.18 -19.86 -38.73
N ALA HB 302 -118.29 -19.17 -39.09
CA ALA HB 302 -119.41 -19.07 -38.15
C ALA HB 302 -120.44 -20.20 -38.21
N SER HB 303 -120.00 -21.47 -38.28
CA SER HB 303 -120.96 -22.57 -38.36
C SER HB 303 -120.51 -23.66 -37.39
N ASP HB 304 -121.38 -24.02 -36.46
CA ASP HB 304 -120.98 -24.75 -35.28
C ASP HB 304 -120.61 -26.19 -35.60
N PRO HB 305 -119.34 -26.61 -35.40
CA PRO HB 305 -118.91 -27.93 -35.88
C PRO HB 305 -119.46 -29.10 -35.06
N ARG HB 306 -120.01 -28.80 -33.88
CA ARG HB 306 -120.54 -29.82 -33.00
C ARG HB 306 -121.97 -30.19 -33.40
N HIS HB 307 -122.56 -29.45 -34.35
CA HIS HB 307 -123.90 -29.77 -34.83
C HIS HB 307 -123.92 -31.02 -35.70
N GLY HB 308 -122.72 -31.43 -36.15
CA GLY HB 308 -122.64 -32.54 -37.08
C GLY HB 308 -121.46 -33.45 -36.77
N ARG HB 309 -120.81 -33.90 -37.85
CA ARG HB 309 -119.77 -34.91 -37.78
C ARG HB 309 -118.56 -34.46 -38.60
N TYR HB 310 -117.40 -34.44 -37.95
CA TYR HB 310 -116.13 -34.36 -38.64
C TYR HB 310 -115.94 -35.65 -39.44
N LEU HB 311 -115.99 -35.51 -40.77
CA LEU HB 311 -115.75 -36.68 -41.62
C LEU HB 311 -114.31 -37.13 -41.49
N THR HB 312 -113.41 -36.27 -41.99
CA THR HB 312 -111.98 -36.42 -41.86
C THR HB 312 -111.42 -35.04 -41.53
N ALA HB 313 -110.38 -35.01 -40.68
CA ALA HB 313 -109.78 -33.74 -40.33
C ALA HB 313 -108.28 -33.92 -40.21
N SER HB 314 -107.56 -32.83 -40.50
CA SER HB 314 -106.12 -32.83 -40.44
C SER HB 314 -105.63 -31.72 -39.51
N ALA HB 315 -104.42 -31.91 -38.99
CA ALA HB 315 -103.78 -30.91 -38.15
C ALA HB 315 -102.31 -30.77 -38.59
N MET HB 316 -101.96 -29.66 -39.25
CA MET HB 316 -100.57 -29.39 -39.63
C MET HB 316 -99.88 -28.58 -38.54
N PHE HB 317 -98.97 -29.28 -37.88
CA PHE HB 317 -98.25 -28.65 -36.79
C PHE HB 317 -96.96 -28.06 -37.34
N ARG HB 318 -96.41 -27.17 -36.52
CA ARG HB 318 -95.14 -26.57 -36.79
C ARG HB 318 -94.37 -26.42 -35.50
N GLY HB 319 -93.19 -27.04 -35.48
CA GLY HB 319 -92.25 -26.79 -34.40
C GLY HB 319 -91.51 -28.07 -34.03
N ARG HB 320 -90.61 -27.93 -33.05
CA ARG HB 320 -89.91 -29.04 -32.45
C ARG HB 320 -90.78 -29.62 -31.35
N MET HB 321 -91.19 -30.87 -31.51
CA MET HB 321 -92.06 -31.49 -30.52
C MET HB 321 -91.89 -33.01 -30.53
N SER HB 322 -92.68 -33.70 -29.70
CA SER HB 322 -92.58 -35.14 -29.55
C SER HB 322 -93.77 -35.83 -30.21
N THR HB 323 -93.54 -37.03 -30.72
CA THR HB 323 -94.46 -37.71 -31.61
C THR HB 323 -95.52 -38.48 -30.83
N LYS HB 324 -95.15 -38.98 -29.63
CA LYS HB 324 -96.14 -39.70 -28.85
C LYS HB 324 -97.17 -38.71 -28.30
N GLU HB 325 -96.72 -37.51 -27.95
CA GLU HB 325 -97.62 -36.39 -27.62
C GLU HB 325 -98.52 -36.08 -28.82
N VAL HB 326 -97.95 -36.14 -30.03
CA VAL HB 326 -98.77 -36.04 -31.23
C VAL HB 326 -99.64 -37.28 -31.34
N ASP HB 327 -99.10 -38.45 -31.02
CA ASP HB 327 -99.83 -39.70 -31.20
C ASP HB 327 -101.02 -39.76 -30.25
N GLU HB 328 -100.75 -39.49 -28.97
CA GLU HB 328 -101.71 -39.63 -27.89
C GLU HB 328 -102.85 -38.62 -27.97
N GLN HB 329 -102.59 -37.40 -28.44
CA GLN HB 329 -103.61 -36.33 -28.41
C GLN HB 329 -104.70 -36.66 -29.46
N MET HB 330 -104.30 -37.10 -30.67
CA MET HB 330 -105.29 -37.40 -31.70
C MET HB 330 -105.99 -38.74 -31.46
N LEU HB 331 -105.40 -39.58 -30.61
CA LEU HB 331 -106.15 -40.73 -30.13
C LEU HB 331 -107.19 -40.29 -29.13
N ASN HB 332 -106.84 -39.29 -28.28
CA ASN HB 332 -107.70 -38.84 -27.20
C ASN HB 332 -108.96 -38.19 -27.74
N VAL HB 333 -108.78 -37.39 -28.79
CA VAL HB 333 -109.87 -36.55 -29.25
C VAL HB 333 -110.96 -37.44 -29.84
N GLN HB 334 -110.56 -38.46 -30.61
CA GLN HB 334 -111.53 -39.38 -31.17
C GLN HB 334 -112.21 -40.23 -30.12
N ASN HB 335 -111.46 -40.60 -29.09
CA ASN HB 335 -112.03 -41.50 -28.10
C ASN HB 335 -112.93 -40.74 -27.14
N LYS HB 336 -112.54 -39.50 -26.80
CA LYS HB 336 -113.25 -38.76 -25.77
C LYS HB 336 -114.50 -38.14 -26.40
N ASN HB 337 -114.31 -37.31 -27.43
CA ASN HB 337 -115.44 -36.79 -28.18
C ASN HB 337 -115.80 -37.80 -29.28
N SER HB 338 -116.47 -38.89 -28.92
CA SER HB 338 -116.73 -39.95 -29.90
C SER HB 338 -117.91 -39.63 -30.81
N SER HB 339 -118.77 -38.71 -30.37
CA SER HB 339 -120.00 -38.28 -31.02
C SER HB 339 -119.81 -37.33 -32.21
N TYR HB 340 -118.63 -36.70 -32.38
CA TYR HB 340 -118.48 -35.76 -33.48
C TYR HB 340 -117.77 -36.42 -34.66
N PHE HB 341 -117.53 -37.74 -34.61
CA PHE HB 341 -116.69 -38.41 -35.57
C PHE HB 341 -117.47 -39.51 -36.27
N VAL HB 342 -117.41 -39.52 -37.61
CA VAL HB 342 -118.13 -40.52 -38.39
C VAL HB 342 -117.56 -41.90 -38.05
N GLU HB 343 -118.40 -42.87 -38.33
CA GLU HB 343 -118.41 -44.14 -37.64
C GLU HB 343 -117.85 -45.23 -38.57
N TRP HB 344 -117.91 -45.06 -39.89
CA TRP HB 344 -117.41 -46.10 -40.80
C TRP HB 344 -116.00 -45.76 -41.29
N ILE HB 345 -115.40 -44.75 -40.65
CA ILE HB 345 -114.03 -44.35 -40.90
C ILE HB 345 -113.25 -44.43 -39.58
N PRO HB 346 -112.53 -45.53 -39.32
CA PRO HB 346 -111.66 -45.58 -38.13
C PRO HB 346 -110.46 -44.64 -38.29
N ASN HB 347 -110.15 -43.96 -37.20
CA ASN HB 347 -109.09 -42.97 -37.11
C ASN HB 347 -109.28 -41.88 -38.15
N ASN HB 348 -110.29 -41.04 -37.92
CA ASN HB 348 -110.70 -39.93 -38.78
C ASN HB 348 -109.67 -38.79 -38.89
N MET HB 349 -108.56 -38.87 -38.15
CA MET HB 349 -107.67 -37.73 -38.00
C MET HB 349 -106.32 -37.99 -38.66
N LYS HB 350 -105.81 -36.95 -39.31
CA LYS HB 350 -104.48 -36.95 -39.89
C LYS HB 350 -103.61 -35.94 -39.15
N SER HB 351 -102.35 -36.29 -38.94
CA SER HB 351 -101.38 -35.34 -38.41
C SER HB 351 -100.28 -35.10 -39.44
N SER HB 352 -99.59 -33.96 -39.34
CA SER HB 352 -98.40 -33.65 -40.11
C SER HB 352 -97.44 -32.85 -39.24
N VAL HB 353 -96.14 -33.02 -39.49
CA VAL HB 353 -95.12 -32.40 -38.64
C VAL HB 353 -94.21 -31.57 -39.52
N CYS HB 354 -94.05 -30.31 -39.10
CA CYS HB 354 -93.16 -29.41 -39.79
C CYS HB 354 -92.19 -28.84 -38.78
N ASP HB 355 -90.89 -28.88 -39.11
CA ASP HB 355 -89.88 -28.65 -38.09
C ASP HB 355 -89.62 -27.17 -37.85
N ILE HB 356 -90.04 -26.30 -38.78
CA ILE HB 356 -89.75 -24.87 -38.65
C ILE HB 356 -91.04 -24.14 -38.28
N PRO HB 357 -91.09 -23.51 -37.09
CA PRO HB 357 -92.32 -22.89 -36.64
C PRO HB 357 -92.43 -21.50 -37.26
N PRO HB 358 -93.58 -20.82 -37.08
CA PRO HB 358 -93.65 -19.39 -37.35
C PRO HB 358 -92.69 -18.68 -36.39
N LYS HB 359 -92.18 -17.52 -36.81
CA LYS HB 359 -91.08 -16.84 -36.16
C LYS HB 359 -91.47 -16.40 -34.76
N GLY HB 360 -90.65 -16.79 -33.77
CA GLY HB 360 -90.80 -16.32 -32.40
C GLY HB 360 -91.68 -17.21 -31.53
N LEU HB 361 -92.46 -18.10 -32.14
CA LEU HB 361 -93.26 -19.06 -31.39
C LEU HB 361 -92.59 -20.42 -31.47
N LYS HB 362 -92.50 -21.09 -30.33
CA LYS HB 362 -91.90 -22.39 -30.28
C LYS HB 362 -92.74 -23.44 -30.98
N MET HB 363 -94.06 -23.25 -31.01
CA MET HB 363 -94.93 -24.32 -31.46
C MET HB 363 -96.25 -23.73 -31.93
N SER HB 364 -96.68 -24.12 -33.15
CA SER HB 364 -97.98 -23.66 -33.64
C SER HB 364 -98.62 -24.73 -34.51
N VAL HB 365 -99.97 -24.67 -34.56
CA VAL HB 365 -100.74 -25.64 -35.31
C VAL HB 365 -101.73 -24.89 -36.18
N THR HB 366 -101.93 -25.45 -37.37
CA THR HB 366 -103.10 -25.09 -38.15
C THR HB 366 -103.95 -26.34 -38.32
N PHE HB 367 -105.25 -26.13 -38.45
CA PHE HB 367 -106.21 -27.22 -38.47
C PHE HB 367 -107.11 -27.05 -39.69
N VAL HB 368 -107.25 -28.13 -40.47
CA VAL HB 368 -108.15 -28.15 -41.61
C VAL HB 368 -109.08 -29.33 -41.44
N GLY HB 369 -110.38 -29.04 -41.28
CA GLY HB 369 -111.32 -30.12 -41.05
C GLY HB 369 -112.45 -30.13 -42.08
N ASN HB 370 -112.76 -31.35 -42.54
CA ASN HB 370 -113.92 -31.56 -43.39
C ASN HB 370 -115.08 -32.02 -42.52
N SER HB 371 -116.08 -31.14 -42.37
CA SER HB 371 -117.23 -31.39 -41.50
C SER HB 371 -118.52 -31.37 -42.31
N THR HB 372 -119.56 -31.98 -41.73
CA THR HB 372 -120.89 -31.87 -42.30
C THR HB 372 -121.73 -30.86 -41.53
N ALA HB 373 -121.06 -30.04 -40.69
CA ALA HB 373 -121.72 -28.90 -40.09
C ALA HB 373 -121.55 -27.64 -40.95
N ILE HB 374 -120.91 -27.81 -42.11
CA ILE HB 374 -120.75 -26.72 -43.07
C ILE HB 374 -122.02 -26.61 -43.92
N GLN HB 375 -122.98 -27.51 -43.72
CA GLN HB 375 -124.29 -27.40 -44.34
C GLN HB 375 -125.08 -26.23 -43.78
N GLU HB 376 -124.63 -25.69 -42.64
CA GLU HB 376 -125.34 -24.57 -42.02
C GLU HB 376 -125.28 -23.35 -42.92
N MET HB 377 -124.10 -23.08 -43.49
CA MET HB 377 -123.95 -21.93 -44.36
C MET HB 377 -124.67 -22.15 -45.67
N PHE HB 378 -124.65 -23.37 -46.19
CA PHE HB 378 -125.22 -23.62 -47.49
C PHE HB 378 -126.73 -23.54 -47.45
N LYS HB 379 -127.31 -23.71 -46.26
CA LYS HB 379 -128.75 -23.54 -46.13
C LYS HB 379 -129.11 -22.05 -46.01
N ARG HB 380 -128.33 -21.30 -45.22
CA ARG HB 380 -128.69 -19.90 -44.99
C ARG HB 380 -128.39 -19.04 -46.23
N VAL HB 381 -127.42 -19.45 -47.04
CA VAL HB 381 -127.16 -18.80 -48.32
C VAL HB 381 -128.28 -19.15 -49.29
N SER HB 382 -128.67 -20.43 -49.30
CA SER HB 382 -129.74 -20.89 -50.17
C SER HB 382 -131.09 -20.23 -49.80
N ASP HB 383 -131.34 -20.05 -48.49
CA ASP HB 383 -132.56 -19.43 -48.02
C ASP HB 383 -132.60 -17.94 -48.34
N GLN HB 384 -131.47 -17.25 -48.18
CA GLN HB 384 -131.40 -15.84 -48.52
C GLN HB 384 -131.48 -15.62 -50.02
N PHE HB 385 -130.90 -16.55 -50.79
CA PHE HB 385 -130.93 -16.43 -52.24
C PHE HB 385 -132.33 -16.75 -52.77
N THR HB 386 -132.97 -17.78 -52.21
CA THR HB 386 -134.32 -18.11 -52.65
C THR HB 386 -135.38 -17.13 -52.15
N ALA HB 387 -135.06 -16.31 -51.15
CA ALA HB 387 -135.92 -15.23 -50.73
C ALA HB 387 -135.91 -14.10 -51.77
N MET HB 388 -134.73 -13.75 -52.26
CA MET HB 388 -134.63 -12.63 -53.19
C MET HB 388 -135.08 -13.06 -54.59
N PHE HB 389 -134.77 -14.28 -54.98
CA PHE HB 389 -135.00 -14.70 -56.36
C PHE HB 389 -136.47 -15.00 -56.64
N ARG HB 390 -137.28 -15.21 -55.61
CA ARG HB 390 -138.73 -15.36 -55.75
C ARG HB 390 -139.39 -14.11 -56.33
N ARG HB 391 -139.02 -12.95 -55.79
CA ARG HB 391 -139.57 -11.67 -56.17
C ARG HB 391 -138.71 -11.07 -57.30
N LYS HB 392 -137.65 -11.76 -57.78
CA LYS HB 392 -136.76 -11.33 -58.85
C LYS HB 392 -136.13 -9.97 -58.53
N ALA HB 393 -135.57 -9.84 -57.34
CA ALA HB 393 -134.93 -8.60 -56.94
C ALA HB 393 -133.57 -8.41 -57.61
N PHE HB 394 -133.39 -7.24 -58.25
CA PHE HB 394 -132.17 -6.74 -58.89
C PHE HB 394 -131.62 -7.67 -59.97
N LEU HB 395 -132.54 -8.39 -60.61
CA LEU HB 395 -132.15 -9.36 -61.61
C LEU HB 395 -131.83 -8.73 -62.97
N HIS HB 396 -132.38 -7.54 -63.29
CA HIS HB 396 -132.09 -6.90 -64.56
C HIS HB 396 -130.62 -6.45 -64.65
N TRP HB 397 -130.00 -6.20 -63.50
CA TRP HB 397 -128.60 -5.84 -63.43
C TRP HB 397 -127.68 -7.02 -63.78
N TYR HB 398 -128.23 -8.23 -63.92
CA TYR HB 398 -127.48 -9.40 -64.39
C TYR HB 398 -127.99 -9.92 -65.75
N THR HB 399 -129.32 -10.02 -65.91
CA THR HB 399 -129.98 -10.48 -67.13
C THR HB 399 -129.64 -9.61 -68.33
N GLY HB 400 -129.43 -8.31 -68.07
CA GLY HB 400 -129.16 -7.32 -69.09
C GLY HB 400 -127.86 -7.60 -69.85
N GLU HB 401 -126.85 -8.12 -69.16
CA GLU HB 401 -125.57 -8.35 -69.80
C GLU HB 401 -125.33 -9.83 -70.11
N GLY HB 402 -126.37 -10.65 -70.04
CA GLY HB 402 -126.34 -11.91 -70.77
C GLY HB 402 -126.36 -13.18 -69.90
N MET HB 403 -127.11 -13.16 -68.81
CA MET HB 403 -127.36 -14.40 -68.08
C MET HB 403 -128.80 -14.85 -68.32
N ASP HB 404 -128.94 -16.13 -68.61
CA ASP HB 404 -130.27 -16.70 -68.80
C ASP HB 404 -130.95 -16.79 -67.45
N GLU HB 405 -132.29 -16.88 -67.46
CA GLU HB 405 -133.08 -17.08 -66.27
C GLU HB 405 -132.75 -18.42 -65.60
N MET HB 406 -132.42 -19.43 -66.41
CA MET HB 406 -132.25 -20.79 -65.88
C MET HB 406 -130.87 -20.98 -65.26
N GLU HB 407 -129.96 -20.02 -65.44
CA GLU HB 407 -128.61 -20.14 -64.87
C GLU HB 407 -128.65 -19.96 -63.36
N PHE HB 408 -129.62 -19.19 -62.87
CA PHE HB 408 -129.79 -19.05 -61.43
C PHE HB 408 -130.41 -20.32 -60.86
N THR HB 409 -131.33 -20.95 -61.58
CA THR HB 409 -131.98 -22.17 -61.10
C THR HB 409 -131.02 -23.37 -61.15
N GLU HB 410 -130.07 -23.35 -62.09
CA GLU HB 410 -129.04 -24.37 -62.12
C GLU HB 410 -128.11 -24.21 -60.92
N ALA HB 411 -127.85 -22.95 -60.53
CA ALA HB 411 -127.00 -22.69 -59.37
C ALA HB 411 -127.74 -23.09 -58.08
N GLU HB 412 -129.06 -22.89 -58.03
CA GLU HB 412 -129.84 -23.22 -56.84
C GLU HB 412 -129.93 -24.73 -56.65
N SER HB 413 -130.07 -25.47 -57.75
CA SER HB 413 -130.18 -26.93 -57.69
C SER HB 413 -128.85 -27.54 -57.24
N ASN HB 414 -127.75 -27.03 -57.80
CA ASN HB 414 -126.40 -27.51 -57.48
C ASN HB 414 -126.06 -27.14 -56.03
N MET HB 415 -126.55 -26.00 -55.55
CA MET HB 415 -126.30 -25.61 -54.17
C MET HB 415 -127.20 -26.36 -53.19
N ASN HB 416 -128.40 -26.80 -53.64
CA ASN HB 416 -129.30 -27.46 -52.73
C ASN HB 416 -129.02 -28.96 -52.60
N ASP HB 417 -128.64 -29.61 -53.71
CA ASP HB 417 -128.36 -31.04 -53.63
C ASP HB 417 -127.02 -31.30 -52.94
N LEU HB 418 -126.16 -30.28 -52.84
CA LEU HB 418 -124.94 -30.40 -52.05
C LEU HB 418 -125.25 -30.52 -50.56
N VAL HB 419 -126.28 -29.81 -50.10
CA VAL HB 419 -126.73 -29.91 -48.71
C VAL HB 419 -127.28 -31.31 -48.44
N SER HB 420 -128.09 -31.81 -49.38
CA SER HB 420 -128.68 -33.13 -49.27
C SER HB 420 -127.60 -34.20 -49.35
N GLU HB 421 -126.49 -33.90 -50.04
CA GLU HB 421 -125.35 -34.79 -50.11
C GLU HB 421 -124.67 -34.89 -48.76
N TYR HB 422 -124.71 -33.79 -47.99
CA TYR HB 422 -124.08 -33.81 -46.68
C TYR HB 422 -124.93 -34.54 -45.63
N GLN HB 423 -126.26 -34.50 -45.81
CA GLN HB 423 -127.17 -35.16 -44.89
C GLN HB 423 -127.03 -36.68 -44.99
N GLN HB 424 -126.69 -37.19 -46.17
CA GLN HB 424 -126.66 -38.64 -46.36
C GLN HB 424 -125.38 -39.25 -45.76
N TYR HB 425 -124.48 -38.39 -45.28
CA TYR HB 425 -123.34 -38.85 -44.49
C TYR HB 425 -123.37 -38.35 -43.05
N GLN HB 426 -124.49 -37.73 -42.65
CA GLN HB 426 -124.62 -37.09 -41.34
C GLN HB 426 -124.92 -38.13 -40.26
N MET IB 1 -39.55 -139.90 8.01
CA MET IB 1 -39.67 -141.31 8.46
C MET IB 1 -40.53 -141.36 9.73
N ARG IB 2 -40.08 -140.66 10.79
CA ARG IB 2 -40.83 -140.56 12.03
C ARG IB 2 -41.19 -139.09 12.24
N GLU IB 3 -42.48 -138.74 12.20
CA GLU IB 3 -42.89 -137.34 12.26
C GLU IB 3 -44.34 -137.22 12.74
N VAL IB 4 -44.68 -136.03 13.24
CA VAL IB 4 -46.04 -135.66 13.63
C VAL IB 4 -46.43 -134.41 12.86
N ILE IB 5 -47.74 -134.18 12.76
CA ILE IB 5 -48.27 -132.98 12.15
C ILE IB 5 -49.03 -132.20 13.20
N SER IB 6 -48.69 -130.91 13.32
CA SER IB 6 -49.36 -130.03 14.25
C SER IB 6 -50.45 -129.25 13.53
N ILE IB 7 -51.67 -129.27 14.08
CA ILE IB 7 -52.77 -128.51 13.52
C ILE IB 7 -53.21 -127.49 14.56
N HIS IB 8 -53.27 -126.21 14.14
CA HIS IB 8 -53.72 -125.12 14.98
C HIS IB 8 -54.96 -124.49 14.34
N VAL IB 9 -56.07 -124.57 15.07
CA VAL IB 9 -57.35 -124.08 14.59
C VAL IB 9 -57.83 -122.98 15.53
N GLY IB 10 -58.21 -121.83 14.94
CA GLY IB 10 -58.77 -120.73 15.70
C GLY IB 10 -57.70 -119.86 16.33
N GLN IB 11 -58.17 -118.84 17.06
CA GLN IB 11 -57.23 -117.84 17.55
C GLN IB 11 -56.38 -118.42 18.68
N ALA IB 12 -57.06 -119.13 19.60
CA ALA IB 12 -56.41 -119.72 20.76
C ALA IB 12 -55.33 -120.72 20.33
N GLY IB 13 -55.68 -121.52 19.31
CA GLY IB 13 -54.77 -122.53 18.79
C GLY IB 13 -53.54 -121.94 18.11
N ILE IB 14 -53.74 -120.78 17.46
CA ILE IB 14 -52.65 -120.12 16.77
C ILE IB 14 -51.68 -119.53 17.79
N GLN IB 15 -52.22 -118.87 18.83
CA GLN IB 15 -51.38 -118.18 19.80
C GLN IB 15 -50.59 -119.18 20.63
N ILE IB 16 -51.25 -120.27 21.04
CA ILE IB 16 -50.51 -121.28 21.81
C ILE IB 16 -49.60 -122.08 20.90
N GLY IB 17 -49.95 -122.14 19.61
CA GLY IB 17 -49.06 -122.76 18.64
C GLY IB 17 -47.78 -121.96 18.43
N ASN IB 18 -47.89 -120.63 18.61
CA ASN IB 18 -46.76 -119.74 18.44
C ASN IB 18 -45.67 -119.99 19.48
N ALA IB 19 -46.10 -120.12 20.75
CA ALA IB 19 -45.13 -120.32 21.82
C ALA IB 19 -44.55 -121.73 21.75
N CYS IB 20 -45.34 -122.67 21.21
CA CYS IB 20 -44.85 -124.02 21.01
C CYS IB 20 -43.66 -124.01 20.01
N TRP IB 21 -43.89 -123.38 18.85
CA TRP IB 21 -42.90 -123.41 17.80
C TRP IB 21 -41.72 -122.48 18.07
N GLU IB 22 -41.90 -121.49 18.95
CA GLU IB 22 -40.77 -120.70 19.40
C GLU IB 22 -39.80 -121.59 20.18
N LEU IB 23 -40.36 -122.39 21.09
CA LEU IB 23 -39.54 -123.22 21.96
C LEU IB 23 -38.94 -124.40 21.20
N PHE IB 24 -39.72 -124.99 20.29
CA PHE IB 24 -39.24 -126.12 19.48
C PHE IB 24 -38.05 -125.74 18.60
N CYS IB 25 -38.12 -124.54 18.02
CA CYS IB 25 -37.03 -124.04 17.19
C CYS IB 25 -35.79 -123.73 18.04
N LEU IB 26 -36.04 -123.23 19.25
CA LEU IB 26 -34.96 -122.76 20.10
C LEU IB 26 -34.17 -123.94 20.64
N GLU IB 27 -34.86 -125.01 21.07
CA GLU IB 27 -34.16 -126.11 21.71
C GLU IB 27 -33.51 -127.05 20.68
N HIS IB 28 -33.99 -127.02 19.43
CA HIS IB 28 -33.35 -127.76 18.36
C HIS IB 28 -32.23 -126.95 17.69
N GLY IB 29 -32.12 -125.67 18.08
CA GLY IB 29 -31.02 -124.83 17.65
C GLY IB 29 -31.15 -124.43 16.18
N ILE IB 30 -32.36 -124.08 15.75
CA ILE IB 30 -32.58 -123.53 14.41
C ILE IB 30 -33.01 -122.07 14.52
N GLN IB 31 -32.57 -121.24 13.56
CA GLN IB 31 -32.74 -119.79 13.57
C GLN IB 31 -34.11 -119.41 13.00
N PRO IB 32 -34.58 -118.15 13.18
CA PRO IB 32 -35.74 -117.63 12.46
C PRO IB 32 -35.81 -117.90 10.97
N ASP IB 33 -34.63 -117.95 10.32
CA ASP IB 33 -34.63 -118.27 8.90
C ASP IB 33 -34.90 -119.77 8.70
N GLY IB 34 -34.32 -120.61 9.55
CA GLY IB 34 -34.52 -122.03 9.34
C GLY IB 34 -33.27 -122.85 9.05
N GLN IB 35 -32.10 -122.20 9.06
CA GLN IB 35 -30.86 -122.94 8.97
C GLN IB 35 -30.27 -123.17 10.35
N MET IB 36 -29.93 -124.41 10.69
CA MET IB 36 -29.16 -124.58 11.91
C MET IB 36 -27.68 -124.34 11.63
N PRO IB 37 -26.99 -123.55 12.48
CA PRO IB 37 -25.57 -123.29 12.26
C PRO IB 37 -24.63 -124.38 12.80
N ASP IB 47 -31.94 -138.81 13.99
CA ASP IB 47 -33.28 -138.39 13.46
C ASP IB 47 -33.96 -137.40 14.39
N ALA IB 48 -33.20 -136.49 15.02
CA ALA IB 48 -33.71 -135.75 16.17
C ALA IB 48 -34.73 -134.68 15.83
N PHE IB 49 -34.43 -133.89 14.82
CA PHE IB 49 -35.33 -132.77 14.52
C PHE IB 49 -36.40 -133.23 13.53
N ASN IB 50 -36.27 -134.47 13.02
CA ASN IB 50 -37.04 -134.94 11.88
C ASN IB 50 -38.51 -135.07 12.28
N THR IB 51 -38.79 -135.29 13.56
CA THR IB 51 -40.15 -135.51 14.03
C THR IB 51 -40.99 -134.23 13.90
N PHE IB 52 -40.33 -133.08 13.83
CA PHE IB 52 -41.01 -131.79 13.83
C PHE IB 52 -40.78 -131.03 12.53
N PHE IB 53 -39.50 -130.93 12.12
CA PHE IB 53 -39.09 -130.13 10.98
C PHE IB 53 -38.81 -131.00 9.77
N SER IB 54 -38.75 -130.37 8.60
CA SER IB 54 -38.43 -131.02 7.34
C SER IB 54 -36.98 -130.75 6.94
N GLU IB 55 -36.55 -131.30 5.78
CA GLU IB 55 -35.26 -130.99 5.21
C GLU IB 55 -35.45 -130.41 3.81
N THR IB 56 -34.74 -129.30 3.53
CA THR IB 56 -34.72 -128.72 2.21
C THR IB 56 -33.31 -128.24 1.88
N GLY IB 57 -32.56 -129.12 1.19
CA GLY IB 57 -31.28 -128.79 0.59
C GLY IB 57 -30.22 -128.48 1.64
N ALA IB 58 -29.56 -127.33 1.51
CA ALA IB 58 -28.42 -126.98 2.36
C ALA IB 58 -28.89 -126.53 3.75
N GLY IB 59 -29.31 -127.54 4.52
CA GLY IB 59 -29.55 -127.37 5.94
C GLY IB 59 -30.67 -126.40 6.28
N LYS IB 60 -31.74 -126.32 5.49
CA LYS IB 60 -32.91 -125.49 5.80
C LYS IB 60 -34.08 -126.37 6.24
N HIS IB 61 -34.67 -126.02 7.40
CA HIS IB 61 -35.76 -126.78 7.99
C HIS IB 61 -37.05 -125.94 8.04
N VAL IB 62 -38.18 -126.56 7.69
CA VAL IB 62 -39.49 -125.90 7.79
C VAL IB 62 -40.40 -126.75 8.68
N PRO IB 63 -41.28 -126.15 9.51
CA PRO IB 63 -42.13 -126.95 10.40
C PRO IB 63 -43.23 -127.71 9.66
N ARG IB 64 -43.64 -128.82 10.28
CA ARG IB 64 -44.72 -129.64 9.77
C ARG IB 64 -46.03 -129.25 10.46
N CYS IB 65 -46.39 -127.97 10.32
CA CYS IB 65 -47.58 -127.47 10.99
C CYS IB 65 -48.44 -126.68 10.02
N VAL IB 66 -49.72 -126.58 10.35
CA VAL IB 66 -50.67 -125.79 9.60
C VAL IB 66 -51.38 -124.85 10.56
N PHE IB 67 -51.60 -123.62 10.10
CA PHE IB 67 -52.33 -122.61 10.85
C PHE IB 67 -53.65 -122.35 10.12
N LEU IB 68 -54.77 -122.55 10.84
CA LEU IB 68 -56.09 -122.32 10.28
C LEU IB 68 -56.84 -121.29 11.12
N ASP IB 69 -57.39 -120.33 10.38
CA ASP IB 69 -58.36 -119.39 10.92
C ASP IB 69 -59.22 -118.90 9.76
N LEU IB 70 -60.48 -118.59 10.07
CA LEU IB 70 -61.39 -117.99 9.11
C LEU IB 70 -61.24 -116.46 9.04
N GLU IB 71 -60.50 -115.85 9.97
CA GLU IB 71 -60.30 -114.41 9.93
C GLU IB 71 -58.81 -114.09 9.76
N PRO IB 72 -58.41 -113.08 8.95
CA PRO IB 72 -56.99 -112.93 8.59
C PRO IB 72 -56.07 -112.16 9.53
N THR IB 73 -56.59 -111.61 10.63
CA THR IB 73 -55.80 -110.66 11.40
C THR IB 73 -54.70 -111.35 12.22
N VAL IB 74 -55.04 -112.46 12.88
CA VAL IB 74 -54.12 -113.11 13.80
C VAL IB 74 -53.03 -113.85 13.01
N VAL IB 75 -53.38 -114.29 11.79
CA VAL IB 75 -52.45 -115.09 11.00
C VAL IB 75 -51.56 -114.19 10.13
N ASP IB 76 -52.04 -112.98 9.85
CA ASP IB 76 -51.23 -112.03 9.12
C ASP IB 76 -50.07 -111.58 10.02
N GLU IB 77 -50.35 -111.37 11.32
CA GLU IB 77 -49.39 -110.85 12.27
C GLU IB 77 -48.34 -111.88 12.68
N VAL IB 78 -48.54 -113.16 12.31
CA VAL IB 78 -47.48 -114.13 12.51
C VAL IB 78 -46.64 -114.30 11.24
N ARG IB 79 -47.25 -114.00 10.07
CA ARG IB 79 -46.52 -114.14 8.83
C ARG IB 79 -45.77 -112.84 8.47
N THR IB 80 -45.92 -111.80 9.30
CA THR IB 80 -45.20 -110.54 9.13
C THR IB 80 -44.30 -110.19 10.33
N GLY IB 81 -44.24 -111.10 11.32
CA GLY IB 81 -43.48 -110.89 12.54
C GLY IB 81 -42.02 -111.30 12.40
N THR IB 82 -41.46 -111.82 13.49
CA THR IB 82 -40.06 -112.21 13.49
C THR IB 82 -39.88 -113.52 12.74
N TYR IB 83 -40.82 -114.47 12.96
CA TYR IB 83 -40.75 -115.80 12.40
C TYR IB 83 -41.48 -115.86 11.06
N ARG IB 84 -41.01 -115.04 10.12
CA ARG IB 84 -41.60 -115.02 8.78
C ARG IB 84 -41.16 -116.22 7.96
N HIS IB 85 -39.84 -116.32 7.80
CA HIS IB 85 -39.15 -117.13 6.82
C HIS IB 85 -39.17 -118.61 7.24
N LEU IB 86 -39.49 -118.82 8.53
CA LEU IB 86 -39.48 -120.15 9.09
C LEU IB 86 -40.70 -120.90 8.58
N PHE IB 87 -41.87 -120.28 8.63
CA PHE IB 87 -43.10 -120.92 8.20
C PHE IB 87 -43.24 -120.78 6.70
N HIS IB 88 -43.70 -121.87 6.08
CA HIS IB 88 -44.05 -121.85 4.68
C HIS IB 88 -45.25 -120.94 4.52
N PRO IB 89 -45.29 -120.09 3.47
CA PRO IB 89 -46.42 -119.17 3.33
C PRO IB 89 -47.79 -119.82 3.13
N GLU IB 90 -47.85 -121.00 2.50
CA GLU IB 90 -49.13 -121.67 2.32
C GLU IB 90 -49.51 -122.55 3.52
N GLN IB 91 -48.66 -122.56 4.56
CA GLN IB 91 -48.96 -123.33 5.75
C GLN IB 91 -49.68 -122.48 6.80
N LEU IB 92 -49.97 -121.23 6.45
CA LEU IB 92 -50.84 -120.35 7.23
C LEU IB 92 -52.07 -120.09 6.36
N ILE IB 93 -53.08 -120.96 6.47
CA ILE IB 93 -54.32 -120.82 5.70
C ILE IB 93 -55.25 -119.82 6.39
N SER IB 94 -55.79 -118.90 5.59
CA SER IB 94 -56.54 -117.78 6.10
C SER IB 94 -57.87 -117.69 5.36
N GLY IB 95 -58.89 -117.28 6.10
CA GLY IB 95 -60.18 -116.93 5.53
C GLY IB 95 -60.24 -115.44 5.20
N LYS IB 96 -61.46 -114.91 5.17
CA LYS IB 96 -61.63 -113.47 4.99
C LYS IB 96 -62.65 -112.92 5.96
N GLU IB 97 -63.61 -113.75 6.36
CA GLU IB 97 -64.64 -113.36 7.33
C GLU IB 97 -64.70 -114.33 8.52
N ASP IB 98 -64.82 -113.78 9.74
CA ASP IB 98 -64.74 -114.58 10.97
C ASP IB 98 -65.98 -115.45 11.15
N ALA IB 99 -65.84 -116.56 11.88
CA ALA IB 99 -66.95 -117.41 12.29
C ALA IB 99 -67.81 -116.75 13.37
N ALA IB 100 -67.22 -115.78 14.09
CA ALA IB 100 -67.90 -114.92 15.04
C ALA IB 100 -68.67 -115.66 16.14
N ASN IB 101 -67.91 -116.40 16.93
CA ASN IB 101 -68.37 -117.08 18.15
C ASN IB 101 -69.56 -118.00 17.90
N ASN IB 102 -69.63 -118.56 16.67
CA ASN IB 102 -70.73 -119.42 16.29
C ASN IB 102 -70.19 -120.77 15.88
N PHE IB 103 -70.75 -121.82 16.50
CA PHE IB 103 -70.50 -123.17 16.03
C PHE IB 103 -71.10 -123.39 14.64
N ALA IB 104 -72.29 -122.81 14.42
CA ALA IB 104 -73.03 -123.00 13.18
C ALA IB 104 -72.26 -122.44 11.98
N ARG IB 105 -71.67 -121.24 12.16
CA ARG IB 105 -70.93 -120.58 11.09
C ARG IB 105 -69.66 -121.39 10.78
N GLY IB 106 -69.00 -121.88 11.84
CA GLY IB 106 -67.75 -122.60 11.68
C GLY IB 106 -67.95 -123.99 11.05
N HIS IB 107 -69.15 -124.57 11.18
CA HIS IB 107 -69.39 -125.94 10.72
C HIS IB 107 -70.12 -126.00 9.37
N TYR IB 108 -71.11 -125.13 9.15
CA TYR IB 108 -71.98 -125.32 8.01
C TYR IB 108 -71.97 -124.15 7.05
N THR IB 109 -71.97 -122.91 7.54
CA THR IB 109 -72.11 -121.79 6.64
C THR IB 109 -70.80 -121.52 5.88
N ILE IB 110 -69.76 -121.10 6.61
CA ILE IB 110 -68.53 -120.61 6.00
C ILE IB 110 -67.39 -121.61 6.17
N GLY IB 111 -67.59 -122.67 6.96
CA GLY IB 111 -66.54 -123.65 7.23
C GLY IB 111 -66.02 -124.42 6.02
N LYS IB 112 -66.94 -124.89 5.17
CA LYS IB 112 -66.62 -125.92 4.19
C LYS IB 112 -65.87 -125.38 2.98
N GLU IB 113 -65.80 -124.05 2.85
CA GLU IB 113 -65.07 -123.45 1.74
C GLU IB 113 -63.56 -123.38 2.04
N ILE IB 114 -63.17 -123.62 3.30
CA ILE IB 114 -61.78 -123.53 3.70
C ILE IB 114 -61.19 -124.90 4.04
N VAL IB 115 -62.04 -125.91 4.24
CA VAL IB 115 -61.57 -127.25 4.60
C VAL IB 115 -60.89 -127.91 3.41
N ASP IB 116 -61.29 -127.56 2.20
CA ASP IB 116 -60.74 -128.19 1.00
C ASP IB 116 -59.28 -127.74 0.81
N LEU IB 117 -58.99 -126.46 1.08
CA LEU IB 117 -57.62 -125.98 1.02
C LEU IB 117 -56.76 -126.52 2.17
N SER IB 118 -57.44 -126.84 3.29
CA SER IB 118 -56.80 -127.42 4.46
C SER IB 118 -56.26 -128.81 4.13
N LEU IB 119 -57.08 -129.61 3.44
CA LEU IB 119 -56.76 -131.01 3.18
C LEU IB 119 -55.67 -131.14 2.14
N ASP IB 120 -55.61 -130.20 1.18
CA ASP IB 120 -54.55 -130.23 0.17
C ASP IB 120 -53.19 -129.99 0.82
N ARG IB 121 -53.10 -129.03 1.75
CA ARG IB 121 -51.82 -128.72 2.39
C ARG IB 121 -51.40 -129.85 3.33
N ILE IB 122 -52.35 -130.45 4.06
CA ILE IB 122 -51.99 -131.46 5.04
C ILE IB 122 -51.65 -132.77 4.33
N ARG IB 123 -52.22 -132.98 3.13
CA ARG IB 123 -51.94 -134.21 2.39
C ARG IB 123 -50.52 -134.13 1.81
N LYS IB 124 -50.13 -132.97 1.31
CA LYS IB 124 -48.78 -132.78 0.77
C LYS IB 124 -47.73 -132.78 1.88
N LEU IB 125 -48.16 -132.60 3.13
CA LEU IB 125 -47.25 -132.53 4.26
C LEU IB 125 -47.12 -133.89 4.95
N ALA IB 126 -48.17 -134.74 4.82
CA ALA IB 126 -48.20 -136.04 5.47
C ALA IB 126 -47.89 -137.18 4.51
N ASP IB 127 -47.62 -136.86 3.25
CA ASP IB 127 -47.21 -137.86 2.27
C ASP IB 127 -45.68 -137.91 2.09
N ASN IB 128 -44.94 -137.18 2.93
CA ASN IB 128 -43.49 -137.17 2.88
C ASN IB 128 -42.93 -138.57 3.19
N CYS IB 129 -43.43 -139.19 4.27
CA CYS IB 129 -43.02 -140.54 4.63
C CYS IB 129 -44.19 -141.27 5.27
N THR IB 130 -44.24 -142.59 5.03
CA THR IB 130 -45.13 -143.47 5.76
C THR IB 130 -44.65 -143.58 7.21
N GLY IB 131 -45.48 -144.24 8.03
CA GLY IB 131 -45.21 -144.28 9.45
C GLY IB 131 -45.37 -142.90 10.11
N LEU IB 132 -46.35 -142.11 9.61
CA LEU IB 132 -46.76 -140.89 10.27
C LEU IB 132 -47.27 -141.22 11.67
N GLN IB 133 -46.78 -140.49 12.67
CA GLN IB 133 -46.97 -140.89 14.05
C GLN IB 133 -48.35 -140.51 14.57
N GLY IB 134 -48.74 -139.24 14.35
CA GLY IB 134 -50.00 -138.75 14.86
C GLY IB 134 -50.18 -137.26 14.55
N PHE IB 135 -51.43 -136.81 14.61
CA PHE IB 135 -51.74 -135.39 14.48
C PHE IB 135 -51.92 -134.82 15.88
N LEU IB 136 -51.26 -133.69 16.13
CA LEU IB 136 -51.50 -132.92 17.35
C LEU IB 136 -52.40 -131.74 16.98
N MET IB 137 -53.57 -131.66 17.63
CA MET IB 137 -54.55 -130.64 17.32
C MET IB 137 -54.73 -129.70 18.50
N PHE IB 138 -54.73 -128.39 18.22
CA PHE IB 138 -54.94 -127.37 19.24
C PHE IB 138 -56.14 -126.52 18.83
N ASN IB 139 -57.05 -126.28 19.77
CA ASN IB 139 -58.23 -125.50 19.48
C ASN IB 139 -58.80 -124.90 20.75
N ALA IB 140 -59.63 -123.87 20.56
CA ALA IB 140 -60.43 -123.25 21.60
C ALA IB 140 -61.84 -123.80 21.49
N VAL IB 141 -62.33 -124.39 22.59
CA VAL IB 141 -63.66 -124.97 22.58
C VAL IB 141 -64.72 -123.86 22.55
N GLY IB 142 -64.43 -122.76 23.28
CA GLY IB 142 -65.31 -121.62 23.46
C GLY IB 142 -65.50 -120.76 22.21
N GLY IB 143 -64.58 -120.91 21.24
CA GLY IB 143 -64.46 -120.08 20.04
C GLY IB 143 -65.45 -120.49 18.95
N GLY IB 144 -65.45 -119.71 17.86
CA GLY IB 144 -66.30 -120.04 16.73
C GLY IB 144 -65.67 -121.01 15.76
N THR IB 145 -64.56 -120.55 15.17
CA THR IB 145 -63.82 -121.35 14.21
C THR IB 145 -63.05 -122.47 14.91
N GLY IB 146 -62.66 -122.22 16.16
CA GLY IB 146 -61.94 -123.18 16.99
C GLY IB 146 -62.79 -124.41 17.32
N SER IB 147 -64.11 -124.24 17.34
CA SER IB 147 -65.04 -125.29 17.70
C SER IB 147 -65.73 -125.88 16.46
N GLY IB 148 -66.28 -124.98 15.63
CA GLY IB 148 -67.07 -125.38 14.48
C GLY IB 148 -66.23 -126.03 13.37
N LEU IB 149 -65.24 -125.25 12.90
CA LEU IB 149 -64.33 -125.74 11.88
C LEU IB 149 -63.43 -126.84 12.46
N GLY IB 150 -63.12 -126.75 13.76
CA GLY IB 150 -62.32 -127.75 14.46
C GLY IB 150 -62.97 -129.12 14.45
N CYS IB 151 -64.29 -129.14 14.64
CA CYS IB 151 -65.04 -130.37 14.47
C CYS IB 151 -64.98 -130.84 13.01
N LEU IB 152 -65.31 -129.91 12.09
CA LEU IB 152 -65.47 -130.24 10.68
C LEU IB 152 -64.19 -130.83 10.09
N LEU IB 153 -63.03 -130.34 10.55
CA LEU IB 153 -61.74 -130.83 10.11
C LEU IB 153 -61.54 -132.30 10.49
N LEU IB 154 -62.22 -132.72 11.57
CA LEU IB 154 -61.92 -134.01 12.14
C LEU IB 154 -62.70 -135.16 11.48
N GLU IB 155 -63.86 -134.89 10.87
CA GLU IB 155 -64.47 -135.92 10.03
C GLU IB 155 -63.61 -136.25 8.82
N ARG IB 156 -63.04 -135.22 8.15
CA ARG IB 156 -62.24 -135.49 6.98
C ARG IB 156 -60.92 -136.15 7.35
N LEU IB 157 -60.42 -135.90 8.56
CA LEU IB 157 -59.24 -136.59 9.05
C LEU IB 157 -59.54 -138.05 9.35
N SER IB 158 -60.77 -138.29 9.86
CA SER IB 158 -61.16 -139.63 10.27
C SER IB 158 -61.35 -140.56 9.07
N VAL IB 159 -61.94 -140.01 8.01
CA VAL IB 159 -62.24 -140.76 6.79
C VAL IB 159 -60.96 -141.04 6.02
N ASP IB 160 -59.95 -140.16 6.14
CA ASP IB 160 -58.78 -140.23 5.29
C ASP IB 160 -57.68 -141.07 5.95
N TYR IB 161 -57.24 -140.60 7.12
CA TYR IB 161 -56.15 -141.24 7.83
C TYR IB 161 -56.74 -141.91 9.06
N GLY IB 162 -57.10 -143.19 8.90
CA GLY IB 162 -57.87 -143.96 9.87
C GLY IB 162 -57.09 -144.24 11.16
N LYS IB 163 -56.00 -145.03 10.99
CA LYS IB 163 -55.12 -145.61 12.01
C LYS IB 163 -54.48 -144.54 12.90
N LYS IB 164 -54.30 -143.33 12.34
CA LYS IB 164 -53.36 -142.37 12.88
C LYS IB 164 -53.94 -141.81 14.17
N SER IB 165 -53.07 -141.68 15.17
CA SER IB 165 -53.44 -141.11 16.46
C SER IB 165 -53.77 -139.61 16.28
N LYS IB 166 -54.78 -139.15 17.01
CA LYS IB 166 -55.23 -137.78 16.88
C LYS IB 166 -55.42 -137.17 18.28
N LEU IB 167 -54.32 -136.63 18.84
CA LEU IB 167 -54.38 -135.97 20.13
C LEU IB 167 -55.00 -134.58 19.97
N ASN IB 168 -55.74 -134.13 21.00
CA ASN IB 168 -56.40 -132.84 21.00
C ASN IB 168 -56.11 -132.12 22.32
N PHE IB 169 -55.66 -130.87 22.19
CA PHE IB 169 -55.41 -130.02 23.34
C PHE IB 169 -56.46 -128.91 23.33
N CYS IB 170 -57.46 -129.04 24.19
CA CYS IB 170 -58.62 -128.17 24.16
C CYS IB 170 -58.52 -127.11 25.26
N SER IB 171 -58.63 -125.84 24.84
CA SER IB 171 -58.68 -124.71 25.78
C SER IB 171 -60.08 -124.59 26.38
N TRP IB 172 -60.27 -125.23 27.53
CA TRP IB 172 -61.61 -125.51 28.03
C TRP IB 172 -62.17 -124.29 28.75
N PRO IB 173 -63.50 -124.01 28.71
CA PRO IB 173 -64.08 -122.92 29.49
C PRO IB 173 -63.91 -123.13 31.00
N SER IB 174 -63.69 -122.01 31.68
CA SER IB 174 -63.37 -121.98 33.10
C SER IB 174 -64.65 -122.11 33.94
N PRO IB 175 -64.59 -122.62 35.20
CA PRO IB 175 -65.77 -122.62 36.09
C PRO IB 175 -66.39 -121.24 36.38
N GLN IB 176 -65.56 -120.19 36.49
CA GLN IB 176 -66.05 -118.85 36.79
C GLN IB 176 -65.81 -117.88 35.64
N VAL IB 177 -64.56 -117.77 35.21
CA VAL IB 177 -64.22 -116.87 34.11
C VAL IB 177 -64.83 -117.42 32.83
N SER IB 178 -65.48 -116.57 32.04
CA SER IB 178 -65.94 -117.04 30.76
C SER IB 178 -65.33 -116.22 29.62
N THR IB 179 -65.41 -114.90 29.76
CA THR IB 179 -65.07 -113.91 28.74
C THR IB 179 -65.87 -114.16 27.46
N ALA IB 180 -67.03 -114.81 27.61
CA ALA IB 180 -67.87 -115.23 26.48
C ALA IB 180 -69.23 -115.66 27.01
N VAL IB 181 -70.27 -115.19 26.33
CA VAL IB 181 -71.63 -115.40 26.80
C VAL IB 181 -72.22 -116.65 26.15
N VAL IB 182 -71.98 -116.80 24.85
CA VAL IB 182 -72.61 -117.84 24.05
C VAL IB 182 -71.88 -119.20 24.20
N GLU IB 183 -70.71 -119.19 24.84
CA GLU IB 183 -69.80 -120.35 24.87
C GLU IB 183 -70.34 -121.62 25.54
N PRO IB 184 -71.28 -121.59 26.50
CA PRO IB 184 -71.94 -122.84 26.89
C PRO IB 184 -72.66 -123.56 25.75
N TYR IB 185 -73.13 -122.83 24.73
CA TYR IB 185 -73.69 -123.48 23.55
C TYR IB 185 -72.57 -124.12 22.72
N ASN IB 186 -71.43 -123.42 22.58
CA ASN IB 186 -70.32 -123.93 21.81
C ASN IB 186 -69.65 -125.13 22.50
N SER IB 187 -69.62 -125.13 23.84
CA SER IB 187 -68.92 -126.15 24.61
C SER IB 187 -69.64 -127.48 24.54
N VAL IB 188 -70.97 -127.44 24.62
CA VAL IB 188 -71.77 -128.66 24.60
C VAL IB 188 -71.75 -129.24 23.18
N LEU IB 189 -71.89 -128.35 22.18
CA LEU IB 189 -71.98 -128.77 20.79
C LEU IB 189 -70.65 -129.33 20.26
N SER IB 190 -69.53 -128.97 20.91
CA SER IB 190 -68.23 -129.48 20.51
C SER IB 190 -67.90 -130.80 21.22
N THR IB 191 -68.27 -130.88 22.51
CA THR IB 191 -67.96 -132.05 23.33
C THR IB 191 -68.66 -133.28 22.76
N HIS IB 192 -69.83 -133.08 22.14
CA HIS IB 192 -70.54 -134.16 21.45
C HIS IB 192 -69.67 -134.67 20.30
N SER IB 193 -69.09 -133.75 19.53
CA SER IB 193 -68.47 -134.10 18.27
C SER IB 193 -66.96 -134.25 18.38
N LEU IB 194 -66.40 -134.16 19.61
CA LEU IB 194 -65.03 -134.59 19.84
C LEU IB 194 -64.94 -135.96 20.52
N LEU IB 195 -66.09 -136.58 20.79
CA LEU IB 195 -66.11 -137.95 21.30
C LEU IB 195 -65.72 -138.99 20.25
N GLU IB 196 -66.23 -138.88 19.03
CA GLU IB 196 -66.02 -139.94 18.05
C GLU IB 196 -64.96 -139.51 17.04
N HIS IB 197 -64.31 -138.36 17.29
CA HIS IB 197 -63.34 -137.82 16.34
C HIS IB 197 -61.99 -137.53 17.00
N THR IB 198 -61.74 -138.11 18.19
CA THR IB 198 -60.54 -137.79 18.91
C THR IB 198 -60.15 -138.97 19.80
N ASP IB 199 -58.88 -139.37 19.72
CA ASP IB 199 -58.37 -140.49 20.51
C ASP IB 199 -58.04 -140.05 21.93
N VAL IB 200 -57.37 -138.89 22.07
CA VAL IB 200 -56.97 -138.36 23.37
C VAL IB 200 -57.28 -136.87 23.42
N ALA IB 201 -58.00 -136.45 24.46
CA ALA IB 201 -58.31 -135.05 24.71
C ALA IB 201 -57.68 -134.63 26.04
N VAL IB 202 -57.05 -133.46 26.04
CA VAL IB 202 -56.38 -132.92 27.22
C VAL IB 202 -56.92 -131.52 27.47
N MET IB 203 -57.47 -131.29 28.66
CA MET IB 203 -58.18 -130.05 28.93
C MET IB 203 -57.27 -129.07 29.66
N LEU IB 204 -57.00 -127.94 29.00
CA LEU IB 204 -56.28 -126.82 29.60
C LEU IB 204 -57.27 -125.72 29.95
N ASP IB 205 -57.31 -125.40 31.24
CA ASP IB 205 -58.23 -124.45 31.78
C ASP IB 205 -57.46 -123.15 32.03
N ASN IB 206 -58.12 -122.04 31.73
CA ASN IB 206 -57.50 -120.73 31.75
C ASN IB 206 -57.20 -120.28 33.18
N GLU IB 207 -58.19 -120.46 34.07
CA GLU IB 207 -58.06 -120.01 35.46
C GLU IB 207 -57.02 -120.88 36.18
N ALA IB 208 -56.84 -122.13 35.71
CA ALA IB 208 -55.88 -123.05 36.29
C ALA IB 208 -54.46 -122.54 36.06
N ILE IB 209 -54.24 -121.89 34.92
CA ILE IB 209 -52.92 -121.37 34.63
C ILE IB 209 -52.71 -120.03 35.33
N TYR IB 210 -53.80 -119.28 35.53
CA TYR IB 210 -53.71 -117.99 36.19
C TYR IB 210 -53.21 -118.15 37.61
N ASP IB 211 -53.86 -119.03 38.38
CA ASP IB 211 -53.53 -119.16 39.79
C ASP IB 211 -52.31 -120.04 40.02
N ILE IB 212 -51.91 -120.84 39.02
CA ILE IB 212 -50.67 -121.58 39.16
C ILE IB 212 -49.48 -120.65 38.90
N CYS IB 213 -49.76 -119.54 38.19
CA CYS IB 213 -48.74 -118.54 37.94
C CYS IB 213 -48.70 -117.52 39.08
N ARG IB 214 -49.86 -117.24 39.67
CA ARG IB 214 -49.91 -116.29 40.77
C ARG IB 214 -49.27 -116.86 42.03
N ARG IB 215 -49.35 -118.19 42.23
CA ARG IB 215 -48.88 -118.81 43.45
C ARG IB 215 -47.42 -119.25 43.36
N ASN IB 216 -47.11 -120.03 42.31
CA ASN IB 216 -45.80 -120.64 42.19
C ASN IB 216 -44.77 -119.61 41.72
N LEU IB 217 -45.01 -119.07 40.50
CA LEU IB 217 -44.08 -118.19 39.84
C LEU IB 217 -44.06 -116.81 40.49
N ASP IB 218 -45.12 -116.48 41.26
CA ASP IB 218 -45.23 -115.19 41.95
C ASP IB 218 -45.12 -114.08 40.90
N ILE IB 219 -46.17 -113.99 40.10
CA ILE IB 219 -46.31 -112.92 39.12
C ILE IB 219 -47.72 -112.37 39.31
N GLU IB 220 -47.73 -111.07 39.64
CA GLU IB 220 -48.95 -110.33 39.89
C GLU IB 220 -49.82 -110.25 38.64
N ARG IB 221 -49.19 -109.96 37.49
CA ARG IB 221 -49.94 -109.69 36.28
C ARG IB 221 -49.43 -110.53 35.11
N PRO IB 222 -49.71 -111.85 35.03
CA PRO IB 222 -49.51 -112.56 33.78
C PRO IB 222 -50.63 -112.38 32.77
N THR IB 223 -50.30 -112.71 31.53
CA THR IB 223 -51.17 -112.50 30.38
C THR IB 223 -51.04 -113.76 29.54
N TYR IB 224 -51.72 -113.82 28.37
CA TYR IB 224 -51.65 -114.97 27.49
C TYR IB 224 -50.24 -115.42 27.12
N THR IB 225 -49.26 -114.50 27.00
CA THR IB 225 -47.94 -115.00 26.63
C THR IB 225 -47.33 -115.83 27.75
N ASN IB 226 -47.65 -115.49 29.00
CA ASN IB 226 -47.12 -116.25 30.11
C ASN IB 226 -47.83 -117.59 30.25
N LEU IB 227 -49.08 -117.66 29.80
CA LEU IB 227 -49.79 -118.93 29.71
C LEU IB 227 -49.09 -119.80 28.67
N ASN IB 228 -48.69 -119.23 27.53
CA ASN IB 228 -48.31 -119.98 26.35
C ASN IB 228 -46.93 -120.63 26.49
N ARG IB 229 -46.00 -120.00 27.23
CA ARG IB 229 -44.74 -120.65 27.59
C ARG IB 229 -45.02 -121.92 28.38
N LEU IB 230 -45.93 -121.81 29.36
CA LEU IB 230 -46.24 -122.93 30.24
C LEU IB 230 -46.87 -124.07 29.45
N ILE IB 231 -47.73 -123.75 28.49
CA ILE IB 231 -48.31 -124.76 27.61
C ILE IB 231 -47.24 -125.32 26.69
N ALA IB 232 -46.29 -124.49 26.27
CA ALA IB 232 -45.24 -124.92 25.35
C ALA IB 232 -44.28 -125.87 26.06
N GLN IB 233 -44.11 -125.71 27.38
CA GLN IB 233 -43.25 -126.59 28.13
C GLN IB 233 -43.90 -127.95 28.36
N VAL IB 234 -45.23 -128.02 28.35
CA VAL IB 234 -45.92 -129.26 28.59
C VAL IB 234 -45.82 -130.14 27.34
N ILE IB 235 -46.07 -129.57 26.15
CA ILE IB 235 -45.95 -130.31 24.91
C ILE IB 235 -44.49 -130.71 24.65
N SER IB 236 -43.57 -129.83 25.03
CA SER IB 236 -42.14 -130.11 24.90
C SER IB 236 -41.74 -131.32 25.75
N SER IB 237 -42.24 -131.39 26.98
CA SER IB 237 -41.98 -132.53 27.85
C SER IB 237 -42.78 -133.74 27.39
N LEU IB 238 -43.88 -133.52 26.67
CA LEU IB 238 -44.73 -134.60 26.18
C LEU IB 238 -44.03 -135.33 25.03
N THR IB 239 -43.40 -134.59 24.12
CA THR IB 239 -42.80 -135.16 22.92
C THR IB 239 -41.27 -135.22 23.01
N ALA IB 240 -40.72 -135.10 24.24
CA ALA IB 240 -39.27 -135.10 24.42
C ALA IB 240 -38.66 -136.47 24.09
N SER IB 241 -39.46 -137.53 24.22
CA SER IB 241 -39.00 -138.89 24.04
C SER IB 241 -38.80 -139.22 22.56
N LEU IB 242 -39.58 -138.57 21.67
CA LEU IB 242 -39.44 -138.82 20.24
C LEU IB 242 -38.17 -138.16 19.73
N ARG IB 243 -37.94 -136.93 20.21
CA ARG IB 243 -36.89 -136.08 19.69
C ARG IB 243 -35.51 -136.48 20.23
N PHE IB 244 -35.46 -136.84 21.51
CA PHE IB 244 -34.18 -137.06 22.16
C PHE IB 244 -34.05 -138.51 22.62
N ASP IB 245 -32.86 -138.80 23.14
CA ASP IB 245 -32.56 -140.10 23.69
C ASP IB 245 -32.94 -140.13 25.17
N GLY IB 246 -33.42 -141.29 25.61
CA GLY IB 246 -33.97 -141.44 26.95
C GLY IB 246 -33.71 -142.84 27.50
N ALA IB 247 -33.71 -142.97 28.84
CA ALA IB 247 -33.53 -144.26 29.49
C ALA IB 247 -34.77 -145.16 29.27
N LEU IB 248 -35.96 -144.56 29.36
CA LEU IB 248 -37.21 -145.27 29.19
C LEU IB 248 -38.21 -144.35 28.49
N ASN IB 249 -38.23 -144.46 27.16
CA ASN IB 249 -38.99 -143.57 26.30
C ASN IB 249 -40.48 -143.92 26.33
N VAL IB 250 -41.27 -142.95 25.88
CA VAL IB 250 -42.68 -143.16 25.62
C VAL IB 250 -42.98 -142.65 24.20
N ASP IB 251 -43.97 -143.26 23.56
CA ASP IB 251 -44.45 -142.83 22.26
C ASP IB 251 -45.81 -142.16 22.43
N VAL IB 252 -46.27 -141.48 21.39
CA VAL IB 252 -47.56 -140.79 21.44
C VAL IB 252 -48.69 -141.81 21.33
N THR IB 253 -48.40 -142.94 20.66
CA THR IB 253 -49.39 -144.00 20.52
C THR IB 253 -49.48 -144.85 21.79
N GLU IB 254 -48.51 -144.68 22.71
CA GLU IB 254 -48.52 -145.39 23.98
C GLU IB 254 -49.23 -144.62 25.11
N PHE IB 255 -49.59 -143.34 24.84
CA PHE IB 255 -50.48 -142.62 25.76
C PHE IB 255 -51.87 -143.24 25.75
N GLN IB 256 -52.41 -143.44 24.54
CA GLN IB 256 -53.78 -143.90 24.35
C GLN IB 256 -53.98 -145.32 24.86
N THR IB 257 -52.90 -146.12 24.83
CA THR IB 257 -53.00 -147.48 25.31
C THR IB 257 -52.98 -147.54 26.84
N ASN IB 258 -52.26 -146.61 27.47
CA ASN IB 258 -52.02 -146.64 28.90
C ASN IB 258 -52.96 -145.74 29.70
N LEU IB 259 -53.80 -144.94 29.03
CA LEU IB 259 -54.60 -143.95 29.74
C LEU IB 259 -56.10 -144.06 29.44
N VAL IB 260 -56.48 -144.86 28.45
CA VAL IB 260 -57.87 -144.90 28.02
C VAL IB 260 -58.44 -146.27 28.38
N PRO IB 261 -59.19 -146.38 29.49
CA PRO IB 261 -59.74 -147.67 29.89
C PRO IB 261 -60.90 -148.15 29.01
N TYR IB 262 -61.77 -147.22 28.62
CA TYR IB 262 -62.89 -147.50 27.74
C TYR IB 262 -62.99 -146.39 26.69
N PRO IB 263 -63.57 -146.65 25.50
CA PRO IB 263 -63.51 -145.70 24.38
C PRO IB 263 -63.98 -144.28 24.62
N ARG IB 264 -65.02 -144.13 25.46
CA ARG IB 264 -65.70 -142.87 25.71
C ARG IB 264 -64.85 -142.00 26.66
N ILE IB 265 -63.96 -142.63 27.45
CA ILE IB 265 -63.23 -141.91 28.48
C ILE IB 265 -61.83 -141.59 27.97
N HIS IB 266 -61.68 -140.38 27.43
CA HIS IB 266 -60.35 -139.91 27.05
C HIS IB 266 -60.17 -138.44 27.37
N PHE IB 267 -60.62 -138.01 28.55
CA PHE IB 267 -60.45 -136.63 29.00
C PHE IB 267 -59.49 -136.62 30.19
N MET IB 268 -58.29 -136.08 29.98
CA MET IB 268 -57.23 -136.13 30.99
C MET IB 268 -56.81 -134.75 31.44
N LEU IB 269 -56.42 -134.64 32.73
CA LEU IB 269 -55.97 -133.41 33.36
C LEU IB 269 -54.50 -133.19 33.00
N SER IB 270 -53.89 -132.15 33.58
CA SER IB 270 -52.47 -131.90 33.41
C SER IB 270 -51.91 -131.28 34.68
N SER IB 271 -50.62 -131.51 34.93
CA SER IB 271 -49.86 -130.82 35.95
C SER IB 271 -48.39 -130.85 35.56
N TYR IB 272 -47.69 -129.73 35.77
CA TYR IB 272 -46.27 -129.64 35.49
C TYR IB 272 -45.54 -129.21 36.77
N ALA IB 273 -44.38 -129.82 37.01
CA ALA IB 273 -43.61 -129.54 38.21
C ALA IB 273 -42.14 -129.77 37.91
N PRO IB 274 -41.23 -128.89 38.37
CA PRO IB 274 -41.59 -127.66 39.08
C PRO IB 274 -41.72 -126.47 38.14
N ILE IB 275 -42.54 -125.49 38.57
CA ILE IB 275 -42.58 -124.21 37.91
C ILE IB 275 -42.28 -123.11 38.92
N ILE IB 276 -40.98 -122.81 38.97
CA ILE IB 276 -40.41 -121.91 39.94
C ILE IB 276 -39.55 -120.91 39.16
N SER IB 277 -39.55 -119.65 39.60
CA SER IB 277 -38.87 -118.55 38.90
C SER IB 277 -37.39 -118.60 39.27
N ALA IB 278 -36.61 -117.60 38.85
CA ALA IB 278 -35.17 -117.58 39.10
C ALA IB 278 -34.86 -117.34 40.58
N GLU IB 279 -35.76 -116.63 41.28
CA GLU IB 279 -35.52 -116.26 42.67
C GLU IB 279 -36.11 -117.29 43.65
N LYS IB 280 -36.66 -118.39 43.12
CA LYS IB 280 -37.15 -119.49 43.96
C LYS IB 280 -36.43 -120.80 43.66
N ALA IB 281 -35.85 -120.94 42.46
CA ALA IB 281 -35.20 -122.17 42.04
C ALA IB 281 -33.90 -122.42 42.81
N TYR IB 282 -33.27 -121.32 43.25
CA TYR IB 282 -31.95 -121.47 43.86
C TYR IB 282 -32.06 -121.83 45.34
N HIS IB 283 -33.30 -121.90 45.85
CA HIS IB 283 -33.54 -122.33 47.22
C HIS IB 283 -34.16 -123.73 47.29
N GLU IB 284 -34.70 -124.22 46.17
CA GLU IB 284 -35.32 -125.54 46.16
C GLU IB 284 -34.27 -126.61 45.85
N GLN IB 285 -34.25 -127.68 46.66
CA GLN IB 285 -33.59 -128.92 46.25
C GLN IB 285 -34.60 -129.68 45.39
N LEU IB 286 -34.36 -129.66 44.07
CA LEU IB 286 -35.30 -130.29 43.17
C LEU IB 286 -35.08 -131.80 43.13
N SER IB 287 -35.41 -132.49 44.23
CA SER IB 287 -35.35 -133.95 44.25
C SER IB 287 -36.48 -134.51 43.38
N VAL IB 288 -36.28 -135.75 42.94
CA VAL IB 288 -37.30 -136.46 42.19
C VAL IB 288 -38.52 -136.72 43.09
N ALA IB 289 -38.27 -136.96 44.39
CA ALA IB 289 -39.32 -137.23 45.36
C ALA IB 289 -40.27 -136.04 45.54
N GLU IB 290 -39.73 -134.83 45.59
CA GLU IB 290 -40.55 -133.69 45.97
C GLU IB 290 -41.26 -133.08 44.76
N ILE IB 291 -40.69 -133.26 43.56
CA ILE IB 291 -41.33 -132.74 42.36
C ILE IB 291 -42.56 -133.55 41.99
N THR IB 292 -42.54 -134.85 42.30
CA THR IB 292 -43.71 -135.67 42.02
C THR IB 292 -44.74 -135.53 43.12
N ASN IB 293 -44.33 -135.01 44.30
CA ASN IB 293 -45.29 -134.65 45.33
C ASN IB 293 -46.07 -133.41 44.92
N SER IB 294 -45.36 -132.43 44.33
CA SER IB 294 -45.98 -131.20 43.89
C SER IB 294 -46.82 -131.44 42.63
N ALA IB 295 -46.47 -132.47 41.82
CA ALA IB 295 -47.19 -132.77 40.60
C ALA IB 295 -48.59 -133.31 40.90
N PHE IB 296 -48.71 -134.11 41.97
CA PHE IB 296 -49.98 -134.70 42.35
C PHE IB 296 -50.83 -133.78 43.21
N GLU IB 297 -50.26 -132.63 43.59
CA GLU IB 297 -50.96 -131.70 44.47
C GLU IB 297 -52.11 -131.05 43.71
N PRO IB 298 -53.32 -130.99 44.33
CA PRO IB 298 -54.51 -130.50 43.61
C PRO IB 298 -54.47 -129.01 43.29
N ALA IB 299 -53.67 -128.24 44.04
CA ALA IB 299 -53.55 -126.80 43.78
C ALA IB 299 -52.64 -126.50 42.58
N SER IB 300 -51.88 -127.50 42.12
CA SER IB 300 -50.91 -127.33 41.04
C SER IB 300 -51.38 -128.01 39.76
N MET IB 301 -52.70 -128.07 39.56
CA MET IB 301 -53.27 -128.79 38.42
C MET IB 301 -53.76 -127.82 37.35
N MET IB 302 -53.69 -128.25 36.09
CA MET IB 302 -53.90 -127.38 34.93
C MET IB 302 -55.32 -127.52 34.37
N ALA IB 303 -56.30 -127.79 35.26
CA ALA IB 303 -57.68 -127.99 34.84
C ALA IB 303 -58.69 -127.32 35.77
N LYS IB 304 -58.28 -126.91 36.99
CA LYS IB 304 -59.17 -126.41 38.04
C LYS IB 304 -60.33 -127.38 38.29
N CYS IB 305 -59.98 -128.58 38.76
CA CYS IB 305 -60.93 -129.65 39.02
C CYS IB 305 -60.32 -130.59 40.04
N ASP IB 306 -60.81 -130.50 41.27
CA ASP IB 306 -60.17 -131.10 42.42
C ASP IB 306 -60.33 -132.62 42.37
N PRO IB 307 -59.24 -133.40 42.36
CA PRO IB 307 -59.36 -134.87 42.30
C PRO IB 307 -59.63 -135.56 43.62
N ARG IB 308 -59.78 -134.79 44.71
CA ARG IB 308 -60.10 -135.39 46.01
C ARG IB 308 -61.52 -135.96 46.01
N HIS IB 309 -62.39 -135.44 45.14
CA HIS IB 309 -63.71 -136.02 44.94
C HIS IB 309 -63.76 -136.79 43.62
N GLY IB 310 -62.66 -137.48 43.30
CA GLY IB 310 -62.59 -138.34 42.13
C GLY IB 310 -61.64 -139.50 42.42
N LYS IB 311 -61.56 -140.44 41.47
CA LYS IB 311 -60.66 -141.57 41.60
C LYS IB 311 -59.76 -141.63 40.38
N TYR IB 312 -58.45 -141.69 40.60
CA TYR IB 312 -57.46 -141.80 39.54
C TYR IB 312 -57.54 -143.18 38.90
N MET IB 313 -58.03 -143.18 37.65
CA MET IB 313 -58.20 -144.42 36.92
C MET IB 313 -56.86 -144.88 36.35
N ALA IB 314 -56.06 -143.93 35.87
CA ALA IB 314 -54.77 -144.20 35.25
C ALA IB 314 -53.94 -142.92 35.34
N CYS IB 315 -52.61 -143.05 35.23
CA CYS IB 315 -51.73 -141.90 35.35
C CYS IB 315 -50.54 -142.08 34.42
N CYS IB 316 -50.11 -140.97 33.82
CA CYS IB 316 -48.89 -140.95 33.04
C CYS IB 316 -47.94 -139.93 33.65
N LEU IB 317 -46.74 -140.39 34.02
CA LEU IB 317 -45.69 -139.51 34.53
C LEU IB 317 -44.54 -139.48 33.51
N MET IB 318 -44.13 -138.26 33.14
CA MET IB 318 -43.07 -138.08 32.16
C MET IB 318 -41.94 -137.25 32.77
N TYR IB 319 -40.91 -137.93 33.25
CA TYR IB 319 -39.77 -137.28 33.87
C TYR IB 319 -38.78 -136.83 32.80
N ARG IB 320 -38.17 -135.67 33.07
CA ARG IB 320 -37.28 -135.04 32.12
C ARG IB 320 -36.10 -134.45 32.87
N GLY IB 321 -34.89 -134.86 32.48
CA GLY IB 321 -33.67 -134.28 33.03
C GLY IB 321 -32.70 -135.33 33.54
N ASP IB 322 -32.04 -135.04 34.68
CA ASP IB 322 -31.11 -135.97 35.30
C ASP IB 322 -31.86 -136.80 36.34
N VAL IB 323 -32.79 -137.63 35.86
CA VAL IB 323 -33.64 -138.43 36.74
C VAL IB 323 -33.26 -139.89 36.56
N VAL IB 324 -32.95 -140.55 37.69
CA VAL IB 324 -32.55 -141.95 37.68
C VAL IB 324 -33.81 -142.81 37.86
N PRO IB 325 -33.86 -144.00 37.23
CA PRO IB 325 -35.00 -144.92 37.37
C PRO IB 325 -35.27 -145.39 38.80
N LYS IB 326 -34.24 -145.41 39.65
CA LYS IB 326 -34.36 -145.80 41.05
C LYS IB 326 -35.25 -144.82 41.80
N ASP IB 327 -35.02 -143.51 41.58
CA ASP IB 327 -35.72 -142.47 42.33
C ASP IB 327 -37.20 -142.37 41.93
N VAL IB 328 -37.51 -142.78 40.69
CA VAL IB 328 -38.91 -142.78 40.25
C VAL IB 328 -39.70 -143.83 41.01
N ASN IB 329 -39.15 -145.04 41.11
CA ASN IB 329 -39.77 -146.15 41.81
C ASN IB 329 -39.90 -145.87 43.31
N ALA IB 330 -38.91 -145.18 43.89
CA ALA IB 330 -38.92 -144.86 45.31
C ALA IB 330 -39.97 -143.78 45.62
N ALA IB 331 -40.30 -142.96 44.61
CA ALA IB 331 -41.21 -141.84 44.82
C ALA IB 331 -42.66 -142.20 44.47
N VAL IB 332 -42.83 -143.04 43.44
CA VAL IB 332 -44.16 -143.48 43.03
C VAL IB 332 -44.74 -144.44 44.05
N ALA IB 333 -43.87 -145.10 44.84
CA ALA IB 333 -44.34 -146.00 45.88
C ALA IB 333 -45.01 -145.24 47.03
N THR IB 334 -44.42 -144.07 47.36
CA THR IB 334 -44.93 -143.23 48.43
C THR IB 334 -46.32 -142.70 48.07
N ILE IB 335 -46.49 -142.29 46.80
CA ILE IB 335 -47.76 -141.80 46.28
C ILE IB 335 -48.84 -142.88 46.39
N LYS IB 336 -48.48 -144.14 46.06
CA LYS IB 336 -49.41 -145.28 46.09
C LYS IB 336 -49.90 -145.57 47.50
N THR IB 337 -49.01 -145.46 48.50
CA THR IB 337 -49.36 -145.80 49.87
C THR IB 337 -50.19 -144.71 50.54
N LYS IB 338 -50.08 -143.46 50.06
CA LYS IB 338 -50.80 -142.34 50.67
C LYS IB 338 -52.29 -142.49 50.40
N ARG IB 339 -53.13 -142.17 51.40
CA ARG IB 339 -54.54 -142.56 51.37
C ARG IB 339 -55.47 -141.42 50.93
N THR IB 340 -55.06 -140.16 51.11
CA THR IB 340 -55.86 -139.02 50.64
C THR IB 340 -55.94 -138.98 49.12
N ILE IB 341 -54.94 -139.59 48.48
CA ILE IB 341 -54.92 -139.76 47.04
C ILE IB 341 -55.26 -141.22 46.77
N GLN IB 342 -56.18 -141.48 45.85
CA GLN IB 342 -56.73 -142.84 45.83
C GLN IB 342 -56.87 -143.34 44.40
N PHE IB 343 -56.79 -144.67 44.30
CA PHE IB 343 -56.88 -145.32 43.01
C PHE IB 343 -58.10 -146.21 42.96
N VAL IB 344 -58.63 -146.35 41.74
CA VAL IB 344 -59.77 -147.20 41.48
C VAL IB 344 -59.34 -148.66 41.70
N ASP IB 345 -60.32 -149.51 42.03
CA ASP IB 345 -60.06 -150.87 42.45
C ASP IB 345 -59.66 -151.75 41.28
N TRP IB 346 -60.26 -151.52 40.09
CA TRP IB 346 -60.05 -152.42 38.96
C TRP IB 346 -58.77 -152.08 38.18
N CYS IB 347 -58.03 -151.06 38.60
CA CYS IB 347 -56.75 -150.72 37.95
C CYS IB 347 -55.64 -150.71 39.00
N PRO IB 348 -55.08 -151.89 39.37
CA PRO IB 348 -53.99 -151.91 40.36
C PRO IB 348 -52.68 -151.28 39.90
N THR IB 349 -52.35 -151.39 38.59
CA THR IB 349 -51.14 -150.74 38.09
C THR IB 349 -51.55 -149.53 37.24
N GLY IB 350 -51.71 -148.41 37.94
CA GLY IB 350 -52.19 -147.18 37.32
C GLY IB 350 -51.05 -146.18 37.14
N PHE IB 351 -49.91 -146.66 36.62
CA PHE IB 351 -48.78 -145.79 36.36
C PHE IB 351 -48.09 -146.17 35.06
N LYS IB 352 -47.79 -145.14 34.27
CA LYS IB 352 -46.86 -145.24 33.17
C LYS IB 352 -45.72 -144.28 33.45
N CYS IB 353 -44.50 -144.82 33.51
CA CYS IB 353 -43.32 -144.07 33.93
C CYS IB 353 -42.42 -143.86 32.71
N GLY IB 354 -41.95 -142.61 32.53
CA GLY IB 354 -41.11 -142.29 31.38
C GLY IB 354 -40.00 -141.33 31.76
N ILE IB 355 -38.79 -141.60 31.26
CA ILE IB 355 -37.61 -140.83 31.62
C ILE IB 355 -36.91 -140.37 30.35
N ASN IB 356 -36.56 -139.07 30.31
CA ASN IB 356 -35.85 -138.49 29.19
C ASN IB 356 -34.60 -137.78 29.69
N TYR IB 357 -33.57 -137.65 28.82
CA TYR IB 357 -32.28 -137.14 29.25
C TYR IB 357 -32.16 -135.64 29.12
N GLN IB 358 -32.70 -135.09 28.03
CA GLN IB 358 -32.45 -133.70 27.70
C GLN IB 358 -33.18 -132.79 28.69
N PRO IB 359 -32.45 -131.95 29.46
CA PRO IB 359 -33.10 -131.09 30.46
C PRO IB 359 -33.89 -129.98 29.77
N PRO IB 360 -34.94 -129.40 30.42
CA PRO IB 360 -35.78 -128.38 29.80
C PRO IB 360 -34.99 -127.14 29.41
N THR IB 361 -35.35 -126.58 28.25
CA THR IB 361 -34.71 -125.40 27.70
C THR IB 361 -35.49 -124.16 28.10
N VAL IB 362 -34.76 -123.15 28.57
CA VAL IB 362 -35.39 -121.89 28.95
C VAL IB 362 -35.35 -120.92 27.77
N VAL IB 363 -36.49 -120.26 27.50
CA VAL IB 363 -36.53 -119.20 26.52
C VAL IB 363 -36.07 -117.92 27.20
N PRO IB 364 -35.22 -117.07 26.58
CA PRO IB 364 -34.86 -115.78 27.17
C PRO IB 364 -36.07 -114.83 27.19
N GLY IB 365 -36.25 -114.14 28.32
CA GLY IB 365 -37.37 -113.24 28.51
C GLY IB 365 -38.60 -113.93 29.09
N GLY IB 366 -38.65 -115.28 29.00
CA GLY IB 366 -39.68 -116.06 29.66
C GLY IB 366 -39.51 -116.06 31.18
N ASP IB 367 -40.54 -116.50 31.90
CA ASP IB 367 -40.56 -116.34 33.35
C ASP IB 367 -40.14 -117.63 34.09
N LEU IB 368 -40.11 -118.74 33.36
CA LEU IB 368 -39.59 -120.00 33.92
C LEU IB 368 -38.07 -119.93 34.13
N ALA IB 369 -37.59 -120.78 35.05
CA ALA IB 369 -36.16 -120.90 35.26
C ALA IB 369 -35.63 -122.19 34.67
N LYS IB 370 -34.37 -122.14 34.27
CA LYS IB 370 -33.65 -123.30 33.79
C LYS IB 370 -33.39 -124.22 34.97
N VAL IB 371 -33.95 -125.44 34.91
CA VAL IB 371 -33.88 -126.38 36.02
C VAL IB 371 -33.17 -127.65 35.57
N MET IB 372 -32.77 -128.49 36.53
CA MET IB 372 -32.05 -129.73 36.25
C MET IB 372 -33.03 -130.87 35.92
N ARG IB 373 -34.26 -130.81 36.43
CA ARG IB 373 -35.22 -131.89 36.23
C ARG IB 373 -36.64 -131.36 36.38
N ALA IB 374 -37.58 -132.02 35.69
CA ALA IB 374 -38.96 -131.59 35.67
C ALA IB 374 -39.86 -132.79 35.39
N VAL IB 375 -41.14 -132.66 35.74
CA VAL IB 375 -42.14 -133.70 35.56
C VAL IB 375 -43.34 -133.11 34.84
N CYS IB 376 -43.82 -133.80 33.80
CA CYS IB 376 -45.10 -133.51 33.19
C CYS IB 376 -46.03 -134.70 33.43
N MET IB 377 -47.20 -134.43 34.01
CA MET IB 377 -48.11 -135.46 34.46
C MET IB 377 -49.44 -135.33 33.72
N ILE IB 378 -49.92 -136.45 33.17
CA ILE IB 378 -51.22 -136.49 32.51
C ILE IB 378 -52.00 -137.66 33.12
N SER IB 379 -53.11 -137.35 33.80
CA SER IB 379 -53.86 -138.35 34.54
C SER IB 379 -55.32 -138.36 34.10
N ASN IB 380 -55.92 -139.55 34.10
CA ASN IB 380 -57.34 -139.72 33.83
C ASN IB 380 -58.05 -140.04 35.15
N SER IB 381 -59.09 -139.27 35.45
CA SER IB 381 -59.80 -139.44 36.70
C SER IB 381 -61.31 -139.32 36.47
N THR IB 382 -62.08 -139.78 37.46
CA THR IB 382 -63.54 -139.65 37.44
C THR IB 382 -63.96 -138.32 38.06
N ALA IB 383 -63.01 -137.39 38.20
CA ALA IB 383 -63.30 -136.02 38.61
C ALA IB 383 -63.88 -135.20 37.47
N ILE IB 384 -63.79 -135.70 36.23
CA ILE IB 384 -64.36 -135.05 35.05
C ILE IB 384 -65.88 -135.05 35.10
N ALA IB 385 -66.47 -135.84 36.01
CA ALA IB 385 -67.91 -135.86 36.15
C ALA IB 385 -68.43 -134.51 36.65
N GLU IB 386 -67.62 -133.75 37.40
CA GLU IB 386 -68.08 -132.45 37.89
C GLU IB 386 -68.01 -131.41 36.78
N VAL IB 387 -67.02 -131.52 35.88
CA VAL IB 387 -66.76 -130.44 34.94
C VAL IB 387 -67.81 -130.44 33.83
N PHE IB 388 -68.32 -131.62 33.48
CA PHE IB 388 -69.42 -131.67 32.54
C PHE IB 388 -70.74 -131.42 33.27
N SER IB 389 -70.77 -131.57 34.61
CA SER IB 389 -71.99 -131.35 35.37
C SER IB 389 -72.29 -129.87 35.48
N ARG IB 390 -71.23 -129.05 35.45
CA ARG IB 390 -71.42 -127.61 35.60
C ARG IB 390 -72.07 -127.05 34.34
N MET IB 391 -71.65 -127.46 33.15
CA MET IB 391 -72.26 -127.01 31.90
C MET IB 391 -73.66 -127.60 31.77
N ASP IB 392 -73.83 -128.83 32.27
CA ASP IB 392 -75.11 -129.50 32.27
C ASP IB 392 -76.16 -128.66 32.99
N HIS IB 393 -75.71 -128.08 34.10
CA HIS IB 393 -76.49 -127.11 34.85
C HIS IB 393 -76.62 -125.81 34.04
N LYS IB 394 -75.54 -125.32 33.41
CA LYS IB 394 -75.53 -124.00 32.81
C LYS IB 394 -76.21 -124.00 31.44
N PHE IB 395 -76.07 -125.10 30.69
CA PHE IB 395 -76.72 -125.24 29.39
C PHE IB 395 -78.24 -125.33 29.56
N ASP IB 396 -78.69 -125.91 30.67
CA ASP IB 396 -80.11 -126.09 30.90
C ASP IB 396 -80.76 -124.81 31.41
N LEU IB 397 -80.02 -123.96 32.14
CA LEU IB 397 -80.50 -122.63 32.46
C LEU IB 397 -80.65 -121.80 31.18
N MET IB 398 -79.68 -121.94 30.27
CA MET IB 398 -79.65 -121.21 29.01
C MET IB 398 -80.83 -121.61 28.13
N TYR IB 399 -81.00 -122.92 27.95
CA TYR IB 399 -81.82 -123.54 26.92
C TYR IB 399 -83.27 -123.66 27.37
N ALA IB 400 -83.55 -123.45 28.67
CA ALA IB 400 -84.88 -123.68 29.22
C ALA IB 400 -85.87 -122.69 28.58
N LYS IB 401 -85.48 -121.43 28.56
CA LYS IB 401 -86.25 -120.33 28.00
C LYS IB 401 -85.64 -119.88 26.67
N ARG IB 402 -84.88 -120.79 26.05
CA ARG IB 402 -84.60 -120.80 24.61
C ARG IB 402 -83.91 -119.52 24.14
N ALA IB 403 -82.74 -119.21 24.72
CA ALA IB 403 -81.97 -117.99 24.48
C ALA IB 403 -80.81 -118.29 23.55
N PHE IB 404 -80.40 -117.32 22.72
CA PHE IB 404 -79.22 -117.42 21.86
C PHE IB 404 -79.39 -118.41 20.70
N VAL IB 405 -80.61 -118.89 20.48
CA VAL IB 405 -80.78 -119.99 19.54
C VAL IB 405 -81.11 -119.51 18.13
N HIS IB 406 -81.63 -118.29 18.04
CA HIS IB 406 -81.99 -117.68 16.76
C HIS IB 406 -80.71 -117.48 15.94
N TRP IB 407 -79.58 -117.26 16.62
CA TRP IB 407 -78.27 -117.13 15.97
C TRP IB 407 -77.83 -118.43 15.31
N TYR IB 408 -78.28 -119.55 15.87
CA TYR IB 408 -77.80 -120.84 15.41
C TYR IB 408 -78.76 -121.42 14.37
N VAL IB 409 -80.06 -121.35 14.67
CA VAL IB 409 -81.07 -121.99 13.84
C VAL IB 409 -81.14 -121.30 12.48
N GLY IB 410 -81.11 -119.96 12.50
CA GLY IB 410 -81.22 -119.15 11.29
C GLY IB 410 -79.96 -119.15 10.42
N GLU IB 411 -78.88 -119.75 10.93
CA GLU IB 411 -77.58 -119.66 10.27
C GLU IB 411 -77.31 -120.92 9.45
N GLY IB 412 -78.10 -121.98 9.68
CA GLY IB 412 -77.97 -123.13 8.80
C GLY IB 412 -78.17 -124.47 9.49
N MET IB 413 -77.81 -124.54 10.79
CA MET IB 413 -78.03 -125.77 11.54
C MET IB 413 -79.47 -125.80 12.05
N GLU IB 414 -80.07 -126.98 12.09
CA GLU IB 414 -81.47 -127.09 12.48
C GLU IB 414 -81.58 -127.25 14.00
N GLU IB 415 -82.76 -126.95 14.53
CA GLU IB 415 -83.06 -127.20 15.92
C GLU IB 415 -83.15 -128.71 16.15
N GLY IB 416 -82.44 -129.20 17.17
CA GLY IB 416 -82.43 -130.63 17.43
C GLY IB 416 -81.03 -131.13 17.73
N GLU IB 417 -80.01 -130.43 17.19
CA GLU IB 417 -78.64 -130.76 17.55
C GLU IB 417 -78.33 -130.33 18.99
N PHE IB 418 -79.09 -129.36 19.52
CA PHE IB 418 -78.98 -129.06 20.94
C PHE IB 418 -79.50 -130.22 21.77
N SER IB 419 -80.60 -130.84 21.33
CA SER IB 419 -81.15 -132.01 22.02
C SER IB 419 -80.24 -133.22 21.85
N GLU IB 420 -79.58 -133.34 20.69
CA GLU IB 420 -78.67 -134.44 20.43
C GLU IB 420 -77.41 -134.29 21.29
N ALA IB 421 -76.94 -133.05 21.44
CA ALA IB 421 -75.74 -132.79 22.25
C ALA IB 421 -76.05 -132.93 23.74
N ARG IB 422 -77.27 -132.57 24.14
CA ARG IB 422 -77.70 -132.64 25.53
C ARG IB 422 -77.82 -134.10 25.98
N GLU IB 423 -78.39 -134.98 25.15
CA GLU IB 423 -78.56 -136.38 25.48
C GLU IB 423 -77.20 -137.08 25.62
N ASP IB 424 -76.33 -136.79 24.65
CA ASP IB 424 -75.05 -137.48 24.61
C ASP IB 424 -74.12 -136.98 25.72
N LEU IB 425 -74.22 -135.69 26.08
CA LEU IB 425 -73.55 -135.16 27.27
C LEU IB 425 -74.07 -135.83 28.53
N ALA IB 426 -75.39 -136.09 28.58
CA ALA IB 426 -76.00 -136.73 29.73
C ALA IB 426 -75.53 -138.18 29.86
N ALA IB 427 -75.33 -138.84 28.69
CA ALA IB 427 -74.85 -140.22 28.68
C ALA IB 427 -73.41 -140.32 29.19
N LEU IB 428 -72.65 -139.24 28.93
CA LEU IB 428 -71.24 -139.21 29.32
C LEU IB 428 -71.11 -139.11 30.84
N GLU IB 429 -72.04 -138.39 31.47
CA GLU IB 429 -72.05 -138.31 32.92
C GLU IB 429 -72.39 -139.66 33.55
N LYS IB 430 -73.39 -140.33 32.95
CA LYS IB 430 -73.78 -141.63 33.48
C LYS IB 430 -72.64 -142.63 33.27
N ASP IB 431 -71.90 -142.47 32.17
CA ASP IB 431 -70.79 -143.35 31.88
C ASP IB 431 -69.62 -143.11 32.85
N TYR IB 432 -69.35 -141.85 33.18
CA TYR IB 432 -68.32 -141.53 34.15
C TYR IB 432 -68.69 -141.95 35.57
N GLU IB 433 -69.97 -141.84 35.92
CA GLU IB 433 -70.43 -142.22 37.26
C GLU IB 433 -70.42 -143.74 37.44
N GLU IB 434 -70.70 -144.47 36.36
CA GLU IB 434 -70.77 -145.93 36.41
C GLU IB 434 -69.37 -146.54 36.62
N VAL IB 435 -68.35 -145.89 36.07
CA VAL IB 435 -66.99 -146.40 36.12
C VAL IB 435 -66.47 -146.38 37.55
N GLY IB 436 -66.61 -145.24 38.23
CA GLY IB 436 -66.03 -145.06 39.56
C GLY IB 436 -66.87 -145.62 40.71
N ILE IB 437 -67.60 -146.72 40.49
CA ILE IB 437 -68.31 -147.40 41.57
C ILE IB 437 -67.33 -148.14 42.50
N MET JB 1 -59.14 -107.19 3.21
CA MET JB 1 -59.68 -107.73 4.49
C MET JB 1 -61.11 -107.22 4.70
N ARG JB 2 -61.42 -106.75 5.91
CA ARG JB 2 -62.73 -106.19 6.17
C ARG JB 2 -62.74 -104.70 5.86
N GLU JB 3 -63.90 -104.18 5.42
CA GLU JB 3 -64.13 -102.73 5.37
C GLU JB 3 -65.48 -102.37 6.00
N ILE JB 4 -65.51 -101.33 6.83
CA ILE JB 4 -66.73 -100.69 7.27
C ILE JB 4 -67.01 -99.48 6.38
N VAL JB 5 -68.27 -99.36 5.93
CA VAL JB 5 -68.69 -98.18 5.19
C VAL JB 5 -69.46 -97.26 6.14
N HIS JB 6 -68.93 -96.06 6.34
CA HIS JB 6 -69.53 -95.11 7.26
C HIS JB 6 -70.61 -94.31 6.56
N VAL JB 7 -71.76 -94.14 7.23
CA VAL JB 7 -72.88 -93.40 6.67
C VAL JB 7 -73.36 -92.37 7.69
N GLN JB 8 -73.58 -91.14 7.20
CA GLN JB 8 -74.04 -90.05 8.04
C GLN JB 8 -75.30 -89.45 7.42
N GLY JB 9 -76.33 -89.31 8.26
CA GLY JB 9 -77.58 -88.70 7.82
C GLY JB 9 -77.99 -87.58 8.77
N GLY JB 10 -78.22 -86.39 8.19
CA GLY JB 10 -78.76 -85.26 8.93
C GLY JB 10 -77.68 -84.34 9.49
N GLN JB 11 -78.10 -83.21 10.06
CA GLN JB 11 -77.19 -82.21 10.61
C GLN JB 11 -76.49 -82.80 11.84
N CYS JB 12 -77.24 -83.51 12.68
CA CYS JB 12 -76.62 -84.17 13.81
C CYS JB 12 -75.69 -85.29 13.31
N GLY JB 13 -76.13 -86.01 12.26
CA GLY JB 13 -75.34 -87.08 11.65
C GLY JB 13 -74.03 -86.56 11.03
N ASN JB 14 -74.09 -85.40 10.37
CA ASN JB 14 -72.91 -84.86 9.71
C ASN JB 14 -71.92 -84.28 10.73
N GLN JB 15 -72.43 -83.65 11.81
CA GLN JB 15 -71.59 -82.99 12.79
C GLN JB 15 -70.94 -84.01 13.72
N ILE JB 16 -71.68 -85.08 14.07
CA ILE JB 16 -71.11 -86.08 14.96
C ILE JB 16 -70.04 -86.89 14.22
N GLY JB 17 -70.38 -87.27 12.97
CA GLY JB 17 -69.48 -88.11 12.19
C GLY JB 17 -68.26 -87.34 11.67
N ALA JB 18 -68.38 -86.01 11.61
CA ALA JB 18 -67.24 -85.17 11.26
C ALA JB 18 -66.15 -85.30 12.33
N LYS JB 19 -66.56 -85.33 13.60
CA LYS JB 19 -65.59 -85.49 14.66
C LYS JB 19 -65.11 -86.93 14.82
N PHE JB 20 -65.92 -87.88 14.32
CA PHE JB 20 -65.47 -89.25 14.29
C PHE JB 20 -64.28 -89.41 13.33
N TRP JB 21 -64.32 -88.72 12.19
CA TRP JB 21 -63.25 -88.88 11.24
C TRP JB 21 -62.02 -88.09 11.64
N GLU JB 22 -62.21 -87.06 12.46
CA GLU JB 22 -61.06 -86.29 12.89
C GLU JB 22 -60.23 -87.10 13.89
N VAL JB 23 -60.88 -87.97 14.65
CA VAL JB 23 -60.14 -88.72 15.65
C VAL JB 23 -59.61 -90.03 15.06
N ILE JB 24 -60.25 -90.57 14.01
CA ILE JB 24 -59.72 -91.72 13.31
C ILE JB 24 -58.48 -91.35 12.51
N SER JB 25 -58.55 -90.23 11.81
CA SER JB 25 -57.43 -89.71 11.01
C SER JB 25 -56.24 -89.37 11.89
N ASP JB 26 -56.49 -88.88 13.11
CA ASP JB 26 -55.46 -88.59 14.10
C ASP JB 26 -54.83 -89.91 14.53
N GLU JB 27 -55.65 -90.95 14.65
CA GLU JB 27 -55.20 -92.22 15.20
C GLU JB 27 -54.34 -92.94 14.18
N HIS JB 28 -54.71 -92.85 12.90
CA HIS JB 28 -54.01 -93.52 11.82
C HIS JB 28 -52.95 -92.63 11.16
N GLY JB 29 -52.85 -91.38 11.56
CA GLY JB 29 -51.76 -90.48 11.14
C GLY JB 29 -51.98 -89.75 9.82
N ILE JB 30 -53.24 -89.54 9.44
CA ILE JB 30 -53.53 -88.89 8.17
C ILE JB 30 -53.66 -87.38 8.38
N ASP JB 31 -52.98 -86.62 7.51
CA ASP JB 31 -53.04 -85.16 7.48
C ASP JB 31 -54.40 -84.70 6.95
N PRO JB 32 -54.78 -83.42 7.17
CA PRO JB 32 -55.94 -82.82 6.49
C PRO JB 32 -55.86 -82.89 4.97
N THR JB 33 -54.65 -82.76 4.44
CA THR JB 33 -54.46 -82.84 2.99
C THR JB 33 -54.56 -84.29 2.51
N GLY JB 34 -54.39 -85.25 3.44
CA GLY JB 34 -54.63 -86.64 3.09
C GLY JB 34 -53.39 -87.52 2.91
N THR JB 35 -52.21 -87.07 3.36
CA THR JB 35 -51.01 -87.90 3.28
C THR JB 35 -50.67 -88.46 4.65
N TYR JB 36 -49.94 -89.56 4.66
CA TYR JB 36 -49.55 -90.18 5.91
C TYR JB 36 -48.35 -89.45 6.52
N CYS JB 37 -48.31 -89.41 7.85
CA CYS JB 37 -47.14 -88.99 8.59
C CYS JB 37 -46.96 -89.93 9.78
N GLY JB 38 -45.73 -89.94 10.32
CA GLY JB 38 -45.46 -90.51 11.64
C GLY JB 38 -44.92 -91.93 11.64
N ASP JB 39 -44.48 -92.44 10.47
CA ASP JB 39 -43.61 -93.59 10.25
C ASP JB 39 -43.76 -94.76 11.24
N SER JB 40 -45.00 -95.20 11.48
CA SER JB 40 -45.26 -96.36 12.34
C SER JB 40 -46.05 -97.40 11.58
N ASP JB 41 -45.67 -98.67 11.76
CA ASP JB 41 -46.15 -99.76 10.94
C ASP JB 41 -47.59 -100.15 11.28
N LEU JB 42 -47.91 -100.05 12.60
CA LEU JB 42 -49.22 -100.42 13.13
C LEU JB 42 -50.28 -99.52 12.51
N GLN JB 43 -49.90 -98.28 12.21
CA GLN JB 43 -50.84 -97.25 11.78
C GLN JB 43 -51.39 -97.56 10.40
N LEU JB 44 -50.64 -98.31 9.58
CA LEU JB 44 -51.06 -98.54 8.21
C LEU JB 44 -51.31 -100.02 7.87
N GLU JB 45 -51.09 -100.92 8.84
CA GLU JB 45 -51.26 -102.34 8.58
C GLU JB 45 -52.73 -102.71 8.29
N ARG JB 46 -53.64 -102.06 9.01
CA ARG JB 46 -55.06 -102.24 8.76
C ARG JB 46 -55.69 -100.86 8.61
N ILE JB 47 -55.56 -100.31 7.40
CA ILE JB 47 -56.04 -98.97 7.10
C ILE JB 47 -57.26 -99.02 6.19
N ASN JB 48 -57.49 -100.17 5.54
CA ASN JB 48 -58.51 -100.32 4.52
C ASN JB 48 -59.87 -100.68 5.14
N VAL JB 49 -59.95 -100.72 6.46
CA VAL JB 49 -61.23 -100.89 7.13
C VAL JB 49 -62.03 -99.60 6.98
N PHE JB 50 -61.34 -98.46 6.84
CA PHE JB 50 -61.99 -97.17 6.76
C PHE JB 50 -61.55 -96.37 5.55
N TYR JB 51 -60.27 -96.47 5.17
CA TYR JB 51 -59.71 -95.60 4.15
C TYR JB 51 -59.66 -96.27 2.79
N ASN JB 52 -59.22 -95.51 1.78
CA ASN JB 52 -59.20 -95.95 0.40
C ASN JB 52 -58.11 -95.21 -0.36
N GLU JB 53 -57.18 -95.99 -0.94
CA GLU JB 53 -56.01 -95.42 -1.62
C GLU JB 53 -56.42 -94.78 -2.94
N ALA JB 54 -55.60 -93.83 -3.40
CA ALA JB 54 -55.88 -93.08 -4.61
C ALA JB 54 -54.94 -93.37 -5.80
N THR JB 55 -54.02 -94.33 -5.67
CA THR JB 55 -52.88 -94.55 -6.58
C THR JB 55 -52.11 -93.26 -6.85
N GLY JB 56 -52.09 -92.37 -5.86
CA GLY JB 56 -51.31 -91.16 -5.91
C GLY JB 56 -50.75 -90.95 -4.51
N GLY JB 57 -51.01 -91.94 -3.66
CA GLY JB 57 -50.51 -91.97 -2.31
C GLY JB 57 -51.51 -91.50 -1.25
N ARG JB 58 -52.58 -90.80 -1.61
CA ARG JB 58 -53.45 -90.19 -0.60
C ARG JB 58 -54.61 -91.12 -0.21
N PHE JB 59 -55.17 -90.91 0.98
CA PHE JB 59 -56.24 -91.72 1.54
C PHE JB 59 -57.53 -90.90 1.58
N VAL JB 60 -58.65 -91.53 1.18
CA VAL JB 60 -59.96 -90.92 1.31
C VAL JB 60 -60.81 -91.77 2.25
N PRO JB 61 -61.66 -91.16 3.11
CA PRO JB 61 -62.56 -91.96 3.95
C PRO JB 61 -63.65 -92.65 3.12
N ARG JB 62 -64.13 -93.78 3.63
CA ARG JB 62 -65.22 -94.52 2.99
C ARG JB 62 -66.57 -94.06 3.53
N ALA JB 63 -66.78 -92.75 3.43
CA ALA JB 63 -67.93 -92.14 4.08
C ALA JB 63 -68.92 -91.65 3.03
N ILE JB 64 -70.21 -91.75 3.35
CA ILE JB 64 -71.26 -91.22 2.50
C ILE JB 64 -72.02 -90.16 3.29
N LEU JB 65 -71.67 -88.89 3.05
CA LEU JB 65 -72.40 -87.76 3.62
C LEU JB 65 -73.81 -87.74 3.02
N MET JB 66 -74.80 -87.30 3.83
CA MET JB 66 -76.17 -87.27 3.35
C MET JB 66 -76.99 -86.29 4.19
N ASP JB 67 -77.53 -85.29 3.49
CA ASP JB 67 -78.41 -84.33 4.12
C ASP JB 67 -79.38 -83.77 3.09
N LEU JB 68 -80.56 -83.38 3.59
CA LEU JB 68 -81.61 -82.86 2.75
C LEU JB 68 -81.54 -81.34 2.56
N GLU JB 69 -80.54 -80.67 3.16
CA GLU JB 69 -80.26 -79.26 2.95
C GLU JB 69 -78.86 -79.10 2.37
N PRO JB 70 -78.52 -78.05 1.58
CA PRO JB 70 -77.13 -77.82 1.19
C PRO JB 70 -76.29 -77.08 2.21
N GLY JB 71 -76.88 -76.61 3.31
CA GLY JB 71 -76.18 -75.74 4.24
C GLY JB 71 -75.15 -76.46 5.12
N THR JB 72 -75.54 -77.55 5.79
CA THR JB 72 -74.73 -78.20 6.82
C THR JB 72 -73.52 -78.93 6.22
N MET JB 73 -73.64 -79.28 4.94
CA MET JB 73 -72.54 -79.97 4.28
C MET JB 73 -71.53 -78.97 3.74
N ASP JB 74 -71.91 -77.70 3.66
CA ASP JB 74 -70.94 -76.65 3.37
C ASP JB 74 -70.08 -76.38 4.60
N SER JB 75 -70.64 -76.58 5.81
CA SER JB 75 -69.91 -76.40 7.05
C SER JB 75 -68.85 -77.48 7.24
N VAL JB 76 -69.22 -78.72 6.86
CA VAL JB 76 -68.33 -79.87 6.98
C VAL JB 76 -67.16 -79.68 6.01
N ARG JB 77 -67.47 -79.23 4.79
CA ARG JB 77 -66.46 -79.16 3.75
C ARG JB 77 -65.47 -78.03 4.03
N ALA JB 78 -65.96 -76.88 4.47
CA ALA JB 78 -65.11 -75.69 4.55
C ALA JB 78 -64.16 -75.72 5.76
N GLY JB 79 -64.37 -76.65 6.72
CA GLY JB 79 -63.42 -76.59 7.86
C GLY JB 79 -62.05 -77.21 7.55
N PRO JB 80 -61.08 -77.31 8.49
CA PRO JB 80 -59.93 -78.21 8.28
C PRO JB 80 -60.38 -79.67 8.47
N PHE JB 81 -59.67 -80.56 7.81
CA PHE JB 81 -60.00 -81.93 7.50
C PHE JB 81 -61.37 -82.01 6.81
N GLY JB 82 -61.73 -81.01 6.02
CA GLY JB 82 -62.96 -81.07 5.23
C GLY JB 82 -62.64 -81.38 3.78
N GLN JB 83 -61.34 -81.24 3.49
CA GLN JB 83 -60.72 -81.45 2.20
C GLN JB 83 -60.51 -82.95 2.04
N LEU JB 84 -60.71 -83.70 3.14
CA LEU JB 84 -60.38 -85.11 3.17
C LEU JB 84 -61.43 -85.93 2.43
N PHE JB 85 -62.70 -85.50 2.57
CA PHE JB 85 -63.79 -86.24 2.00
C PHE JB 85 -63.85 -86.04 0.50
N ARG JB 86 -64.31 -87.08 -0.18
CA ARG JB 86 -64.46 -86.98 -1.62
C ARG JB 86 -65.71 -86.17 -1.87
N PRO JB 87 -65.64 -85.16 -2.78
CA PRO JB 87 -66.79 -84.32 -3.10
C PRO JB 87 -68.00 -85.07 -3.68
N ASP JB 88 -67.77 -86.22 -4.31
CA ASP JB 88 -68.86 -86.96 -4.91
C ASP JB 88 -69.65 -87.78 -3.88
N ASN JB 89 -69.08 -87.96 -2.69
CA ASN JB 89 -69.75 -88.73 -1.65
C ASN JB 89 -70.83 -87.95 -0.93
N PHE JB 90 -70.77 -86.61 -1.07
CA PHE JB 90 -71.85 -85.74 -0.62
C PHE JB 90 -73.07 -86.00 -1.49
N VAL JB 91 -74.26 -86.04 -0.89
CA VAL JB 91 -75.49 -86.04 -1.65
C VAL JB 91 -76.41 -84.95 -1.07
N PHE JB 92 -76.95 -84.12 -1.97
CA PHE JB 92 -77.56 -82.86 -1.62
C PHE JB 92 -79.08 -82.93 -1.76
N GLY JB 93 -79.77 -82.21 -0.88
CA GLY JB 93 -81.18 -81.93 -1.09
C GLY JB 93 -81.42 -80.43 -1.05
N GLN JB 94 -82.43 -80.04 -1.83
CA GLN JB 94 -82.75 -78.62 -1.96
C GLN JB 94 -83.91 -78.23 -1.03
N THR JB 95 -84.76 -79.19 -0.67
CA THR JB 95 -86.01 -78.89 0.01
C THR JB 95 -85.88 -79.02 1.54
N GLY JB 96 -85.59 -80.24 2.00
CA GLY JB 96 -85.36 -80.52 3.41
C GLY JB 96 -86.63 -80.90 4.18
N ALA JB 97 -86.48 -81.69 5.25
CA ALA JB 97 -87.58 -82.15 6.08
C ALA JB 97 -87.62 -81.28 7.34
N GLY JB 98 -88.77 -80.65 7.57
CA GLY JB 98 -88.91 -79.68 8.64
C GLY JB 98 -89.17 -80.34 9.99
N ASN JB 99 -88.31 -81.28 10.38
CA ASN JB 99 -88.53 -82.22 11.47
C ASN JB 99 -89.91 -82.88 11.36
N ASN JB 100 -90.24 -83.26 10.12
CA ASN JB 100 -91.42 -84.04 9.82
C ASN JB 100 -90.90 -85.36 9.26
N TRP JB 101 -91.07 -86.42 10.06
CA TRP JB 101 -90.61 -87.74 9.70
C TRP JB 101 -91.30 -88.25 8.44
N ALA JB 102 -92.56 -87.85 8.21
CA ALA JB 102 -93.34 -88.36 7.07
C ALA JB 102 -92.69 -87.93 5.75
N LYS JB 103 -92.36 -86.63 5.67
CA LYS JB 103 -91.82 -86.13 4.42
C LYS JB 103 -90.37 -86.58 4.24
N GLY JB 104 -89.69 -86.92 5.35
CA GLY JB 104 -88.35 -87.48 5.25
C GLY JB 104 -88.40 -88.91 4.73
N HIS JB 105 -89.41 -89.67 5.18
CA HIS JB 105 -89.50 -91.08 4.88
C HIS JB 105 -90.38 -91.40 3.66
N TYR JB 106 -91.25 -90.47 3.25
CA TYR JB 106 -92.15 -90.80 2.15
C TYR JB 106 -91.99 -89.91 0.93
N THR JB 107 -92.01 -88.58 1.16
CA THR JB 107 -92.13 -87.70 0.02
C THR JB 107 -90.78 -87.18 -0.43
N GLU JB 108 -90.11 -86.41 0.42
CA GLU JB 108 -88.89 -85.71 0.03
C GLU JB 108 -87.73 -86.69 -0.11
N GLY JB 109 -87.67 -87.68 0.80
CA GLY JB 109 -86.58 -88.64 0.82
C GLY JB 109 -86.63 -89.66 -0.32
N ALA JB 110 -87.80 -89.80 -0.97
CA ALA JB 110 -87.98 -90.81 -2.00
C ALA JB 110 -87.21 -90.43 -3.27
N GLU JB 111 -87.18 -89.14 -3.63
CA GLU JB 111 -86.40 -88.74 -4.79
C GLU JB 111 -84.91 -88.67 -4.47
N LEU JB 112 -84.54 -88.64 -3.18
CA LEU JB 112 -83.14 -88.53 -2.81
C LEU JB 112 -82.48 -89.87 -2.56
N ILE JB 113 -83.28 -90.88 -2.17
CA ILE JB 113 -82.72 -92.16 -1.82
C ILE JB 113 -82.10 -92.84 -3.05
N ASP JB 114 -82.70 -92.68 -4.22
CA ASP JB 114 -82.21 -93.33 -5.43
C ASP JB 114 -80.82 -92.85 -5.81
N SER JB 115 -80.45 -91.65 -5.32
CA SER JB 115 -79.14 -91.08 -5.63
C SER JB 115 -78.10 -91.50 -4.60
N VAL JB 116 -78.46 -91.40 -3.32
CA VAL JB 116 -77.51 -91.75 -2.28
C VAL JB 116 -77.30 -93.26 -2.27
N LEU JB 117 -78.34 -94.04 -2.61
CA LEU JB 117 -78.22 -95.49 -2.65
C LEU JB 117 -77.46 -95.94 -3.91
N ASP JB 118 -77.37 -95.04 -4.88
CA ASP JB 118 -76.51 -95.28 -6.02
C ASP JB 118 -75.04 -95.19 -5.63
N VAL JB 119 -74.72 -94.21 -4.78
CA VAL JB 119 -73.36 -93.99 -4.29
C VAL JB 119 -72.93 -95.18 -3.43
N VAL JB 120 -73.82 -95.57 -2.50
CA VAL JB 120 -73.44 -96.52 -1.46
C VAL JB 120 -73.33 -97.91 -2.07
N ARG JB 121 -73.99 -98.16 -3.21
CA ARG JB 121 -73.76 -99.42 -3.91
C ARG JB 121 -72.38 -99.39 -4.58
N LYS JB 122 -72.05 -98.22 -5.13
CA LYS JB 122 -70.82 -98.09 -5.87
C LYS JB 122 -69.58 -98.22 -4.98
N GLU JB 123 -69.63 -97.56 -3.82
CA GLU JB 123 -68.51 -97.56 -2.88
C GLU JB 123 -68.32 -98.93 -2.21
N ALA JB 124 -69.44 -99.54 -1.78
CA ALA JB 124 -69.41 -100.78 -1.00
C ALA JB 124 -68.91 -101.95 -1.84
N GLU JB 125 -69.45 -102.09 -3.06
CA GLU JB 125 -69.15 -103.23 -3.91
C GLU JB 125 -67.68 -103.18 -4.34
N GLY JB 126 -67.18 -101.95 -4.56
CA GLY JB 126 -65.85 -101.71 -5.11
C GLY JB 126 -64.71 -102.22 -4.24
N CYS JB 127 -65.00 -102.50 -2.97
CA CYS JB 127 -63.98 -103.01 -2.07
C CYS JB 127 -63.85 -104.52 -2.22
N ASP JB 128 -63.00 -105.10 -1.36
CA ASP JB 128 -62.57 -106.48 -1.51
C ASP JB 128 -63.71 -107.40 -1.09
N CYS JB 129 -64.05 -107.40 0.20
CA CYS JB 129 -65.21 -108.13 0.69
C CYS JB 129 -65.71 -107.42 1.92
N LEU JB 130 -66.97 -106.93 1.92
CA LEU JB 130 -67.46 -106.03 2.96
C LEU JB 130 -67.62 -106.78 4.29
N GLN JB 131 -67.50 -106.03 5.39
CA GLN JB 131 -67.70 -106.56 6.73
C GLN JB 131 -69.03 -106.04 7.28
N GLY JB 132 -69.18 -104.70 7.33
CA GLY JB 132 -70.39 -104.09 7.89
C GLY JB 132 -70.59 -102.65 7.41
N PHE JB 133 -71.73 -102.06 7.78
CA PHE JB 133 -71.99 -100.64 7.63
C PHE JB 133 -72.17 -100.04 9.01
N GLN JB 134 -72.17 -98.71 9.06
CA GLN JB 134 -72.57 -98.02 10.28
C GLN JB 134 -73.25 -96.70 9.93
N ILE JB 135 -74.23 -96.33 10.77
CA ILE JB 135 -75.07 -95.16 10.57
C ILE JB 135 -74.99 -94.29 11.83
N THR JB 136 -74.69 -93.00 11.64
CA THR JB 136 -74.77 -92.02 12.71
C THR JB 136 -75.86 -91.02 12.35
N HIS JB 137 -76.83 -90.89 13.27
CA HIS JB 137 -77.99 -90.07 13.00
C HIS JB 137 -78.70 -89.75 14.32
N SER JB 138 -79.71 -88.87 14.20
CA SER JB 138 -80.52 -88.42 15.32
C SER JB 138 -81.96 -88.85 15.06
N LEU JB 139 -82.69 -89.18 16.13
CA LEU JB 139 -84.06 -89.62 15.97
C LEU JB 139 -85.09 -88.54 16.32
N GLY JB 140 -84.60 -87.42 16.87
CA GLY JB 140 -85.42 -86.23 17.11
C GLY JB 140 -85.66 -85.39 15.86
N GLY JB 141 -84.88 -85.65 14.80
CA GLY JB 141 -84.82 -84.77 13.64
C GLY JB 141 -85.75 -85.24 12.52
N GLY JB 142 -85.54 -84.65 11.34
CA GLY JB 142 -86.44 -84.89 10.24
C GLY JB 142 -85.82 -85.85 9.25
N THR JB 143 -84.61 -85.47 8.86
CA THR JB 143 -83.88 -86.18 7.82
C THR JB 143 -82.96 -87.25 8.43
N GLY JB 144 -82.45 -87.01 9.66
CA GLY JB 144 -81.73 -88.04 10.41
C GLY JB 144 -82.61 -89.23 10.77
N SER JB 145 -83.88 -88.94 11.09
CA SER JB 145 -84.84 -89.92 11.58
C SER JB 145 -85.72 -90.47 10.44
N GLY JB 146 -86.04 -89.61 9.47
CA GLY JB 146 -87.01 -89.95 8.44
C GLY JB 146 -86.41 -90.65 7.23
N MET JB 147 -85.44 -89.98 6.61
CA MET JB 147 -84.85 -90.50 5.38
C MET JB 147 -83.70 -91.45 5.73
N GLY JB 148 -83.13 -91.29 6.94
CA GLY JB 148 -82.05 -92.12 7.44
C GLY JB 148 -82.45 -93.59 7.54
N THR JB 149 -83.66 -93.78 8.09
CA THR JB 149 -84.16 -95.12 8.33
C THR JB 149 -84.62 -95.78 7.02
N LEU JB 150 -84.96 -94.96 6.02
CA LEU JB 150 -85.38 -95.53 4.72
C LEU JB 150 -84.17 -96.16 4.00
N LEU JB 151 -83.00 -95.54 4.22
CA LEU JB 151 -81.78 -96.17 3.72
C LEU JB 151 -81.52 -97.49 4.45
N ILE JB 152 -81.72 -97.47 5.77
CA ILE JB 152 -81.50 -98.64 6.60
C ILE JB 152 -82.38 -99.78 6.11
N SER JB 153 -83.64 -99.45 5.75
CA SER JB 153 -84.58 -100.45 5.26
C SER JB 153 -84.10 -101.06 3.93
N LYS JB 154 -83.68 -100.17 3.03
CA LYS JB 154 -83.45 -100.60 1.67
C LYS JB 154 -82.14 -101.36 1.48
N VAL JB 155 -81.09 -100.99 2.23
CA VAL JB 155 -79.84 -101.70 2.06
C VAL JB 155 -79.80 -102.98 2.87
N ARG JB 156 -80.63 -103.08 3.93
CA ARG JB 156 -80.76 -104.33 4.65
C ARG JB 156 -81.31 -105.42 3.73
N GLU JB 157 -82.28 -105.00 2.90
CA GLU JB 157 -82.82 -105.91 1.92
C GLU JB 157 -81.76 -106.28 0.88
N GLU JB 158 -80.97 -105.30 0.47
CA GLU JB 158 -80.00 -105.48 -0.60
C GLU JB 158 -78.82 -106.33 -0.15
N TYR JB 159 -78.28 -106.00 1.03
CA TYR JB 159 -77.13 -106.69 1.59
C TYR JB 159 -77.54 -107.34 2.88
N PRO JB 160 -78.02 -108.58 2.76
CA PRO JB 160 -78.82 -109.18 3.83
C PRO JB 160 -78.01 -109.68 5.02
N ASP JB 161 -76.78 -110.12 4.74
CA ASP JB 161 -75.97 -110.87 5.67
C ASP JB 161 -74.86 -110.01 6.29
N ARG JB 162 -74.88 -108.70 6.07
CA ARG JB 162 -73.82 -107.85 6.60
C ARG JB 162 -74.24 -107.21 7.92
N ILE JB 163 -73.25 -106.82 8.73
CA ILE JB 163 -73.55 -106.21 10.00
C ILE JB 163 -74.01 -104.77 9.81
N MET JB 164 -74.98 -104.39 10.62
CA MET JB 164 -75.47 -103.04 10.60
C MET JB 164 -75.61 -102.52 12.02
N GLU JB 165 -75.01 -101.36 12.27
CA GLU JB 165 -74.80 -100.88 13.62
C GLU JB 165 -74.99 -99.37 13.62
N THR JB 166 -75.76 -98.86 14.60
CA THR JB 166 -76.21 -97.48 14.56
C THR JB 166 -75.83 -96.76 15.86
N PHE JB 167 -75.23 -95.59 15.71
CA PHE JB 167 -75.14 -94.63 16.80
C PHE JB 167 -76.27 -93.62 16.63
N SER JB 168 -77.41 -93.90 17.29
CA SER JB 168 -78.56 -93.04 17.22
C SER JB 168 -78.74 -92.30 18.55
N VAL JB 169 -78.89 -90.98 18.47
CA VAL JB 169 -79.12 -90.17 19.65
C VAL JB 169 -80.63 -89.97 19.80
N PHE JB 170 -81.16 -90.40 20.97
CA PHE JB 170 -82.60 -90.38 21.19
C PHE JB 170 -83.05 -88.96 21.52
N PRO JB 171 -84.37 -88.67 21.52
CA PRO JB 171 -84.86 -87.48 22.23
C PRO JB 171 -84.37 -87.37 23.67
N SER JB 172 -84.02 -86.14 24.04
CA SER JB 172 -83.55 -85.81 25.38
C SER JB 172 -84.70 -85.99 26.36
N PRO JB 173 -84.50 -86.63 27.53
CA PRO JB 173 -85.58 -86.84 28.50
C PRO JB 173 -86.20 -85.57 29.11
N LYS JB 174 -85.38 -84.78 29.80
CA LYS JB 174 -85.88 -83.69 30.62
C LYS JB 174 -86.13 -82.43 29.78
N VAL JB 175 -85.06 -81.78 29.32
CA VAL JB 175 -85.20 -80.59 28.48
C VAL JB 175 -85.19 -81.07 27.03
N SER JB 176 -86.32 -80.90 26.34
CA SER JB 176 -86.54 -81.64 25.11
C SER JB 176 -86.89 -80.66 23.99
N ASP JB 177 -85.93 -80.41 23.08
CA ASP JB 177 -86.13 -79.51 21.95
C ASP JB 177 -86.68 -80.26 20.74
N THR JB 178 -87.15 -79.53 19.72
CA THR JB 178 -87.85 -80.08 18.55
C THR JB 178 -89.11 -80.82 18.98
N VAL JB 179 -90.12 -80.04 19.37
CA VAL JB 179 -91.34 -80.44 20.08
C VAL JB 179 -92.02 -81.68 19.48
N VAL JB 180 -91.84 -81.95 18.20
CA VAL JB 180 -92.25 -83.27 17.73
C VAL JB 180 -91.12 -84.27 17.94
N GLU JB 181 -90.86 -84.59 19.22
CA GLU JB 181 -89.95 -85.68 19.57
C GLU JB 181 -90.64 -87.04 19.53
N PRO JB 182 -91.73 -87.31 20.30
CA PRO JB 182 -92.22 -88.69 20.48
C PRO JB 182 -92.75 -89.23 19.16
N TYR JB 183 -93.33 -88.34 18.33
CA TYR JB 183 -93.78 -88.73 16.99
C TYR JB 183 -92.61 -89.22 16.13
N ASN JB 184 -91.47 -88.52 16.19
CA ASN JB 184 -90.32 -88.92 15.39
C ASN JB 184 -89.64 -90.16 15.99
N ALA JB 185 -89.53 -90.21 17.33
CA ALA JB 185 -88.82 -91.28 18.01
C ALA JB 185 -89.56 -92.62 17.82
N THR JB 186 -90.87 -92.64 18.12
CA THR JB 186 -91.64 -93.87 18.11
C THR JB 186 -91.74 -94.41 16.69
N LEU JB 187 -91.91 -93.51 15.70
CA LEU JB 187 -91.99 -93.95 14.32
C LEU JB 187 -90.66 -94.51 13.83
N SER JB 188 -89.56 -93.93 14.32
CA SER JB 188 -88.24 -94.40 13.92
C SER JB 188 -87.88 -95.70 14.62
N VAL JB 189 -88.32 -95.87 15.87
CA VAL JB 189 -87.93 -97.02 16.67
C VAL JB 189 -88.56 -98.29 16.12
N HIS JB 190 -89.86 -98.27 15.79
CA HIS JB 190 -90.50 -99.54 15.43
C HIS JB 190 -90.08 -100.00 14.04
N GLN JB 191 -89.42 -99.10 13.31
CA GLN JB 191 -88.87 -99.40 12.00
C GLN JB 191 -87.43 -99.90 12.13
N LEU JB 192 -86.79 -99.53 13.25
CA LEU JB 192 -85.40 -99.84 13.54
C LEU JB 192 -85.26 -101.15 14.34
N VAL JB 193 -86.38 -101.66 14.88
CA VAL JB 193 -86.32 -102.90 15.64
C VAL JB 193 -86.29 -104.12 14.71
N GLU JB 194 -86.88 -104.01 13.52
CA GLU JB 194 -86.82 -105.14 12.58
C GLU JB 194 -85.68 -104.99 11.56
N ASN JB 195 -84.88 -103.92 11.67
CA ASN JB 195 -83.96 -103.63 10.58
C ASN JB 195 -82.56 -103.20 11.04
N ALA JB 196 -82.23 -103.37 12.33
CA ALA JB 196 -80.89 -103.02 12.82
C ALA JB 196 -80.34 -104.15 13.68
N ASP JB 197 -79.01 -104.31 13.62
CA ASP JB 197 -78.38 -105.41 14.32
C ASP JB 197 -77.90 -104.96 15.69
N GLU JB 198 -77.17 -103.83 15.70
CA GLU JB 198 -76.79 -103.20 16.95
C GLU JB 198 -77.31 -101.78 16.96
N VAL JB 199 -77.94 -101.38 18.06
CA VAL JB 199 -78.33 -100.00 18.27
C VAL JB 199 -77.72 -99.51 19.57
N GLN JB 200 -77.07 -98.33 19.51
CA GLN JB 200 -76.42 -97.74 20.67
C GLN JB 200 -77.10 -96.42 21.00
N VAL JB 201 -77.47 -96.24 22.27
CA VAL JB 201 -78.32 -95.12 22.65
C VAL JB 201 -77.49 -94.08 23.38
N ILE JB 202 -77.53 -92.84 22.88
CA ILE JB 202 -76.89 -91.71 23.56
C ILE JB 202 -77.93 -90.62 23.80
N ASP JB 203 -77.84 -90.00 24.99
CA ASP JB 203 -78.66 -88.84 25.30
C ASP JB 203 -77.77 -87.66 25.60
N ASN JB 204 -78.31 -86.47 25.37
CA ASN JB 204 -77.60 -85.23 25.57
C ASN JB 204 -77.54 -84.89 27.06
N GLU JB 205 -78.66 -85.17 27.77
CA GLU JB 205 -78.77 -84.96 29.21
C GLU JB 205 -77.80 -85.86 29.98
N ALA JB 206 -77.54 -87.04 29.39
CA ALA JB 206 -76.50 -87.91 29.93
C ALA JB 206 -75.14 -87.25 29.73
N LEU JB 207 -74.93 -86.67 28.54
CA LEU JB 207 -73.63 -86.10 28.17
C LEU JB 207 -73.33 -84.84 29.00
N TYR JB 208 -74.35 -84.00 29.21
CA TYR JB 208 -74.11 -82.74 29.91
C TYR JB 208 -73.84 -82.97 31.41
N ASP JB 209 -74.48 -84.02 31.97
CA ASP JB 209 -74.25 -84.37 33.36
C ASP JB 209 -72.83 -84.89 33.58
N ILE JB 210 -72.26 -85.50 32.54
CA ILE JB 210 -70.86 -85.94 32.57
C ILE JB 210 -69.96 -84.70 32.69
N CYS JB 211 -70.37 -83.61 32.00
CA CYS JB 211 -69.51 -82.43 31.88
C CYS JB 211 -69.39 -81.66 33.19
N PHE JB 212 -70.42 -81.74 34.08
CA PHE JB 212 -70.15 -81.22 35.43
C PHE JB 212 -69.54 -82.23 36.38
N ARG JB 213 -70.19 -83.37 36.56
CA ARG JB 213 -69.84 -84.26 37.66
C ARG JB 213 -68.46 -84.90 37.50
N THR JB 214 -68.13 -85.26 36.26
CA THR JB 214 -66.87 -85.95 36.01
C THR JB 214 -65.85 -84.97 35.44
N LEU JB 215 -66.18 -84.40 34.27
CA LEU JB 215 -65.17 -83.70 33.50
C LEU JB 215 -64.84 -82.33 34.11
N LYS JB 216 -65.90 -81.68 34.62
CA LYS JB 216 -65.88 -80.35 35.23
C LYS JB 216 -65.37 -79.37 34.18
N LEU JB 217 -66.11 -79.23 33.07
CA LEU JB 217 -65.74 -78.30 32.02
C LEU JB 217 -66.71 -77.14 32.06
N THR JB 218 -66.24 -75.91 31.90
CA THR JB 218 -67.06 -74.74 32.14
C THR JB 218 -68.00 -74.51 30.96
N THR JB 219 -67.43 -74.30 29.77
CA THR JB 219 -68.20 -74.00 28.58
C THR JB 219 -67.95 -75.05 27.49
N PRO JB 220 -68.60 -76.22 27.58
CA PRO JB 220 -68.37 -77.29 26.61
C PRO JB 220 -69.22 -77.11 25.36
N THR JB 221 -68.57 -77.05 24.20
CA THR JB 221 -69.27 -76.90 22.93
C THR JB 221 -69.73 -78.28 22.46
N TYR JB 222 -70.44 -78.36 21.31
CA TYR JB 222 -70.62 -79.61 20.60
C TYR JB 222 -69.29 -80.24 20.22
N GLY JB 223 -68.27 -79.42 19.95
CA GLY JB 223 -66.95 -79.94 19.66
C GLY JB 223 -66.32 -80.74 20.80
N ASP JB 224 -66.55 -80.28 22.03
CA ASP JB 224 -65.97 -80.92 23.21
C ASP JB 224 -66.67 -82.25 23.46
N LEU JB 225 -68.01 -82.23 23.36
CA LEU JB 225 -68.75 -83.42 23.75
C LEU JB 225 -68.81 -84.45 22.63
N ASN JB 226 -68.60 -84.01 21.39
CA ASN JB 226 -68.51 -84.93 20.30
C ASN JB 226 -67.20 -85.68 20.38
N HIS JB 227 -66.12 -85.15 21.04
CA HIS JB 227 -64.86 -85.85 21.28
C HIS JB 227 -65.17 -87.11 22.09
N LEU JB 228 -66.13 -87.00 23.02
CA LEU JB 228 -66.44 -88.14 23.87
C LEU JB 228 -67.21 -89.23 23.10
N VAL JB 229 -68.19 -88.84 22.27
CA VAL JB 229 -69.00 -89.79 21.52
C VAL JB 229 -68.11 -90.53 20.52
N SER JB 230 -67.23 -89.79 19.85
CA SER JB 230 -66.36 -90.34 18.82
C SER JB 230 -65.34 -91.29 19.43
N ALA JB 231 -64.89 -91.02 20.67
CA ALA JB 231 -63.96 -91.91 21.36
C ALA JB 231 -64.66 -93.21 21.71
N ALA JB 232 -65.97 -93.17 21.94
CA ALA JB 232 -66.77 -94.38 22.13
C ALA JB 232 -66.91 -95.12 20.80
N MET JB 233 -67.01 -94.37 19.69
CA MET JB 233 -67.12 -94.97 18.36
C MET JB 233 -65.84 -95.76 18.04
N SER JB 234 -64.67 -95.19 18.41
CA SER JB 234 -63.39 -95.82 18.13
C SER JB 234 -63.18 -97.06 19.00
N GLY JB 235 -63.78 -97.08 20.18
CA GLY JB 235 -63.56 -98.14 21.15
C GLY JB 235 -64.18 -99.46 20.71
N VAL JB 236 -65.37 -99.37 20.12
CA VAL JB 236 -66.14 -100.55 19.74
C VAL JB 236 -65.50 -101.23 18.52
N THR JB 237 -64.66 -100.49 17.79
CA THR JB 237 -64.08 -100.97 16.53
C THR JB 237 -62.55 -101.00 16.59
N CYS JB 238 -61.99 -101.11 17.80
CA CYS JB 238 -60.53 -101.11 17.96
C CYS JB 238 -59.89 -102.30 17.26
N CYS JB 239 -60.47 -103.49 17.48
CA CYS JB 239 -59.81 -104.72 17.09
C CYS JB 239 -59.86 -104.93 15.57
N LEU JB 240 -60.77 -104.24 14.90
CA LEU JB 240 -60.81 -104.29 13.45
C LEU JB 240 -59.57 -103.63 12.86
N ARG JB 241 -58.91 -102.77 13.66
CA ARG JB 241 -57.83 -101.94 13.12
C ARG JB 241 -56.49 -102.25 13.77
N PHE JB 242 -56.49 -102.88 14.95
CA PHE JB 242 -55.27 -103.15 15.67
C PHE JB 242 -55.26 -104.60 16.15
N PRO JB 243 -54.08 -105.22 16.32
CA PRO JB 243 -54.01 -106.56 16.91
C PRO JB 243 -54.38 -106.55 18.39
N GLY JB 244 -54.66 -107.74 18.92
CA GLY JB 244 -55.15 -107.86 20.29
C GLY JB 244 -54.69 -109.16 20.94
N GLN JB 245 -54.59 -109.15 22.27
CA GLN JB 245 -54.35 -110.38 23.00
C GLN JB 245 -55.58 -111.29 22.92
N LEU JB 246 -56.79 -110.71 23.12
CA LEU JB 246 -58.02 -111.43 22.77
C LEU JB 246 -58.85 -110.54 21.86
N ASN JB 247 -59.03 -111.02 20.62
CA ASN JB 247 -59.61 -110.28 19.52
C ASN JB 247 -61.11 -110.07 19.73
N SER JB 248 -61.61 -109.07 19.02
CA SER JB 248 -63.05 -108.84 18.96
C SER JB 248 -63.39 -108.30 17.58
N ASP JB 249 -64.67 -107.93 17.44
CA ASP JB 249 -65.29 -107.56 16.18
C ASP JB 249 -66.70 -107.10 16.53
N LEU JB 250 -67.38 -106.45 15.57
CA LEU JB 250 -68.77 -106.07 15.73
C LEU JB 250 -69.65 -107.32 15.84
N ARG JB 251 -69.29 -108.40 15.14
CA ARG JB 251 -70.13 -109.59 15.14
C ARG JB 251 -70.03 -110.35 16.46
N LYS JB 252 -68.86 -110.27 17.11
CA LYS JB 252 -68.63 -110.95 18.38
C LYS JB 252 -69.48 -110.28 19.47
N LEU JB 253 -69.73 -108.96 19.35
CA LEU JB 253 -70.54 -108.26 20.33
C LEU JB 253 -72.02 -108.64 20.19
N ALA JB 254 -72.45 -108.90 18.94
CA ALA JB 254 -73.85 -109.21 18.67
C ALA JB 254 -74.24 -110.55 19.31
N VAL JB 255 -73.40 -111.57 19.12
CA VAL JB 255 -73.72 -112.91 19.58
C VAL JB 255 -73.52 -113.04 21.09
N ASN JB 256 -72.92 -112.02 21.71
CA ASN JB 256 -72.66 -112.06 23.15
C ASN JB 256 -73.26 -110.87 23.89
N LEU JB 257 -74.29 -110.22 23.31
CA LEU JB 257 -75.07 -109.24 24.05
C LEU JB 257 -76.57 -109.33 23.72
N ILE JB 258 -76.92 -110.12 22.69
CA ILE JB 258 -78.28 -110.15 22.18
C ILE JB 258 -78.83 -111.57 22.36
N PRO JB 259 -79.48 -111.85 23.50
CA PRO JB 259 -80.00 -113.20 23.75
C PRO JB 259 -81.25 -113.52 22.92
N PHE JB 260 -82.04 -112.48 22.64
CA PHE JB 260 -83.25 -112.61 21.85
C PHE JB 260 -83.28 -111.51 20.79
N PRO JB 261 -83.84 -111.77 19.59
CA PRO JB 261 -83.58 -110.96 18.40
C PRO JB 261 -83.97 -109.48 18.49
N ARG JB 262 -84.87 -109.15 19.42
CA ARG JB 262 -85.43 -107.81 19.48
C ARG JB 262 -84.71 -106.94 20.51
N LEU JB 263 -83.86 -107.55 21.35
CA LEU JB 263 -83.29 -106.85 22.50
C LEU JB 263 -81.90 -106.34 22.14
N HIS JB 264 -81.82 -105.44 21.16
CA HIS JB 264 -80.55 -104.98 20.63
C HIS JB 264 -80.38 -103.47 20.82
N PHE JB 265 -80.66 -102.99 22.03
CA PHE JB 265 -80.38 -101.60 22.36
C PHE JB 265 -79.41 -101.57 23.54
N PHE JB 266 -78.36 -100.75 23.41
CA PHE JB 266 -77.23 -100.85 24.30
C PHE JB 266 -76.92 -99.54 25.01
N LEU JB 267 -76.28 -99.68 26.17
CA LEU JB 267 -75.78 -98.54 26.92
C LEU JB 267 -74.31 -98.40 26.66
N ILE JB 268 -73.85 -97.16 26.57
CA ILE JB 268 -72.49 -96.86 26.17
C ILE JB 268 -71.84 -96.02 27.26
N GLY JB 269 -70.62 -96.41 27.66
CA GLY JB 269 -69.85 -95.74 28.71
C GLY JB 269 -68.37 -95.73 28.33
N PHE JB 270 -67.60 -94.81 28.88
CA PHE JB 270 -66.18 -94.72 28.56
C PHE JB 270 -65.40 -94.41 29.82
N ALA JB 271 -64.19 -94.97 29.92
CA ALA JB 271 -63.38 -94.82 31.12
C ALA JB 271 -61.91 -94.93 30.72
N PRO JB 272 -60.98 -94.13 31.26
CA PRO JB 272 -61.23 -93.13 32.31
C PRO JB 272 -61.63 -91.76 31.78
N LEU JB 273 -62.27 -90.99 32.65
CA LEU JB 273 -62.64 -89.61 32.37
C LEU JB 273 -62.30 -88.77 33.59
N THR JB 274 -61.33 -87.85 33.40
CA THR JB 274 -60.88 -86.98 34.46
C THR JB 274 -60.74 -85.56 33.96
N SER JB 275 -60.90 -84.58 34.86
CA SER JB 275 -60.54 -83.20 34.58
C SER JB 275 -59.03 -83.06 34.29
N ARG JB 276 -58.66 -81.91 33.70
CA ARG JB 276 -57.26 -81.64 33.47
C ARG JB 276 -56.54 -81.40 34.81
N GLY JB 277 -57.27 -80.88 35.80
CA GLY JB 277 -56.72 -80.71 37.15
C GLY JB 277 -56.38 -82.02 37.84
N SER JB 278 -57.28 -83.00 37.71
CA SER JB 278 -57.18 -84.28 38.40
C SER JB 278 -56.37 -85.30 37.61
N GLN JB 279 -55.97 -84.95 36.38
CA GLN JB 279 -55.22 -85.87 35.53
C GLN JB 279 -53.90 -86.39 36.16
N GLN JB 280 -53.06 -85.55 36.79
CA GLN JB 280 -51.70 -86.01 37.11
C GLN JB 280 -51.67 -86.83 38.40
N TYR JB 281 -52.79 -86.76 39.13
CA TYR JB 281 -52.94 -87.23 40.50
C TYR JB 281 -53.68 -88.57 40.54
N ARG JB 282 -54.22 -89.01 39.40
CA ARG JB 282 -55.01 -90.22 39.34
C ARG JB 282 -54.14 -91.41 38.93
N ALA JB 283 -54.29 -92.52 39.67
CA ALA JB 283 -53.64 -93.78 39.35
C ALA JB 283 -54.50 -94.52 38.33
N LEU JB 284 -53.92 -94.79 37.16
CA LEU JB 284 -54.64 -95.47 36.11
C LEU JB 284 -54.31 -96.96 36.17
N SER JB 285 -55.26 -97.73 36.70
CA SER JB 285 -55.12 -99.17 36.79
C SER JB 285 -56.43 -99.81 36.36
N VAL JB 286 -56.35 -101.12 36.08
CA VAL JB 286 -57.50 -101.86 35.60
C VAL JB 286 -58.57 -102.03 36.69
N PRO JB 287 -58.25 -102.37 37.97
CA PRO JB 287 -59.27 -102.34 39.01
C PRO JB 287 -59.90 -100.94 39.18
N GLU JB 288 -59.13 -99.87 38.96
CA GLU JB 288 -59.70 -98.53 39.10
C GLU JB 288 -60.53 -98.17 37.86
N LEU JB 289 -60.13 -98.72 36.70
CA LEU JB 289 -60.89 -98.58 35.46
C LEU JB 289 -62.29 -99.19 35.59
N THR JB 290 -62.35 -100.40 36.16
CA THR JB 290 -63.56 -101.20 36.12
C THR JB 290 -64.62 -100.68 37.10
N GLN JB 291 -64.20 -99.84 38.06
CA GLN JB 291 -65.13 -99.30 39.04
C GLN JB 291 -65.59 -97.89 38.66
N GLN JB 292 -64.80 -97.20 37.84
CA GLN JB 292 -65.27 -95.95 37.24
C GLN JB 292 -66.13 -96.22 36.01
N MET JB 293 -66.19 -97.48 35.57
CA MET JB 293 -66.94 -97.85 34.38
C MET JB 293 -68.34 -98.36 34.77
N PHE JB 294 -68.43 -98.98 35.96
CA PHE JB 294 -69.71 -99.39 36.53
C PHE JB 294 -70.36 -98.28 37.34
N ASP JB 295 -70.61 -97.14 36.69
CA ASP JB 295 -71.27 -96.02 37.34
C ASP JB 295 -72.40 -95.51 36.46
N ALA JB 296 -73.49 -95.05 37.10
CA ALA JB 296 -74.56 -94.32 36.45
C ALA JB 296 -74.03 -92.96 35.98
N LYS JB 297 -72.96 -92.48 36.63
CA LYS JB 297 -72.36 -91.20 36.28
C LYS JB 297 -71.59 -91.30 34.97
N ASN JB 298 -71.27 -92.52 34.52
CA ASN JB 298 -70.31 -92.70 33.43
C ASN JB 298 -70.98 -93.10 32.12
N MET JB 299 -72.24 -93.52 32.17
CA MET JB 299 -72.93 -93.93 30.95
C MET JB 299 -73.33 -92.71 30.14
N MET JB 300 -73.33 -92.87 28.82
CA MET JB 300 -73.77 -91.81 27.91
C MET JB 300 -75.26 -91.91 27.63
N CYS JB 301 -75.96 -92.76 28.40
CA CYS JB 301 -77.39 -92.95 28.22
C CYS JB 301 -78.08 -92.58 29.54
N ALA JB 302 -79.10 -91.72 29.47
CA ALA JB 302 -79.64 -91.08 30.66
C ALA JB 302 -80.69 -91.93 31.36
N SER JB 303 -80.37 -93.21 31.62
CA SER JB 303 -81.23 -94.08 32.40
C SER JB 303 -80.37 -94.79 33.43
N ASP JB 304 -80.86 -94.79 34.67
CA ASP JB 304 -80.11 -95.34 35.79
C ASP JB 304 -80.12 -96.87 35.70
N PRO JB 305 -78.94 -97.52 35.58
CA PRO JB 305 -78.90 -98.98 35.50
C PRO JB 305 -79.09 -99.70 36.83
N ARG JB 306 -79.07 -98.96 37.97
CA ARG JB 306 -79.35 -99.61 39.25
C ARG JB 306 -80.83 -99.96 39.40
N HIS JB 307 -81.69 -99.36 38.56
CA HIS JB 307 -83.13 -99.61 38.64
C HIS JB 307 -83.54 -100.90 37.92
N GLY JB 308 -82.56 -101.50 37.20
CA GLY JB 308 -82.83 -102.66 36.38
C GLY JB 308 -81.79 -103.75 36.57
N ARG JB 309 -81.59 -104.54 35.52
CA ARG JB 309 -80.72 -105.70 35.59
C ARG JB 309 -79.96 -105.81 34.27
N TYR JB 310 -78.64 -105.90 34.40
CA TYR JB 310 -77.79 -106.13 33.22
C TYR JB 310 -78.04 -107.55 32.71
N LEU JB 311 -78.79 -107.64 31.60
CA LEU JB 311 -79.12 -108.93 31.01
C LEU JB 311 -77.84 -109.60 30.48
N THR JB 312 -76.99 -108.79 29.83
CA THR JB 312 -75.67 -109.19 29.39
C THR JB 312 -74.87 -107.92 29.09
N ALA JB 313 -73.69 -107.81 29.70
CA ALA JB 313 -72.87 -106.62 29.51
C ALA JB 313 -71.51 -107.04 28.95
N SER JB 314 -70.81 -106.03 28.43
CA SER JB 314 -69.51 -106.20 27.81
C SER JB 314 -68.64 -104.99 28.11
N ALA JB 315 -67.31 -105.21 28.07
CA ALA JB 315 -66.32 -104.16 28.23
C ALA JB 315 -65.13 -104.45 27.31
N MET JB 316 -64.87 -103.56 26.36
CA MET JB 316 -63.75 -103.71 25.43
C MET JB 316 -62.59 -102.82 25.87
N PHE JB 317 -61.52 -103.46 26.32
CA PHE JB 317 -60.36 -102.78 26.86
C PHE JB 317 -59.36 -102.44 25.77
N ARG JB 318 -58.65 -101.33 25.97
CA ARG JB 318 -57.62 -100.90 25.05
C ARG JB 318 -56.40 -100.49 25.86
N GLY JB 319 -55.29 -101.21 25.66
CA GLY JB 319 -54.04 -100.82 26.31
C GLY JB 319 -53.19 -102.05 26.62
N ARG JB 320 -51.94 -101.76 27.00
CA ARG JB 320 -50.96 -102.71 27.47
C ARG JB 320 -51.39 -103.15 28.87
N MET JB 321 -51.88 -104.37 29.04
CA MET JB 321 -52.45 -104.78 30.32
C MET JB 321 -52.46 -106.30 30.45
N SER JB 322 -52.65 -106.77 31.70
CA SER JB 322 -52.68 -108.19 32.01
C SER JB 322 -54.13 -108.70 32.01
N THR JB 323 -54.28 -110.03 31.94
CA THR JB 323 -55.54 -110.63 31.57
C THR JB 323 -56.32 -111.23 32.75
N LYS JB 324 -55.80 -111.19 33.96
CA LYS JB 324 -56.71 -111.46 35.07
C LYS JB 324 -57.55 -110.23 35.33
N GLU JB 325 -56.90 -109.06 35.42
CA GLU JB 325 -57.58 -107.84 35.82
C GLU JB 325 -58.68 -107.46 34.84
N VAL JB 326 -58.60 -107.98 33.60
CA VAL JB 326 -59.74 -107.87 32.71
C VAL JB 326 -60.84 -108.85 33.16
N ASP JB 327 -60.46 -109.99 33.74
CA ASP JB 327 -61.42 -111.08 33.95
C ASP JB 327 -61.70 -111.38 35.42
N GLU JB 328 -60.72 -111.20 36.29
CA GLU JB 328 -60.96 -111.41 37.72
C GLU JB 328 -61.78 -110.25 38.28
N GLN JB 329 -61.67 -109.07 37.65
CA GLN JB 329 -62.52 -107.95 38.00
C GLN JB 329 -63.96 -108.23 37.56
N MET JB 330 -64.14 -109.11 36.57
CA MET JB 330 -65.48 -109.48 36.16
C MET JB 330 -66.15 -110.33 37.24
N LEU JB 331 -65.40 -111.30 37.79
CA LEU JB 331 -65.89 -112.13 38.88
C LEU JB 331 -66.01 -111.30 40.15
N ASN JB 332 -65.14 -110.30 40.22
CA ASN JB 332 -65.17 -109.38 41.36
C ASN JB 332 -66.46 -108.57 41.40
N VAL JB 333 -66.93 -108.12 40.22
CA VAL JB 333 -68.09 -107.23 40.11
C VAL JB 333 -69.38 -108.07 40.08
N GLN JB 334 -69.31 -109.31 39.60
CA GLN JB 334 -70.55 -110.08 39.50
C GLN JB 334 -70.95 -110.69 40.84
N ASN JB 335 -69.96 -110.87 41.74
CA ASN JB 335 -70.24 -111.63 42.94
C ASN JB 335 -70.88 -110.74 44.00
N LYS JB 336 -70.20 -109.62 44.32
CA LYS JB 336 -70.69 -108.71 45.34
C LYS JB 336 -71.91 -107.89 44.88
N ASN JB 337 -71.93 -107.39 43.65
CA ASN JB 337 -73.10 -106.66 43.15
C ASN JB 337 -74.06 -107.60 42.41
N SER JB 338 -74.49 -108.65 43.13
CA SER JB 338 -75.25 -109.73 42.52
C SER JB 338 -76.71 -109.36 42.25
N SER JB 339 -77.17 -108.23 42.77
CA SER JB 339 -78.53 -107.74 42.53
C SER JB 339 -78.70 -107.04 41.17
N TYR JB 340 -77.64 -106.43 40.64
CA TYR JB 340 -77.72 -105.71 39.36
C TYR JB 340 -77.41 -106.63 38.17
N PHE JB 341 -77.25 -107.93 38.45
CA PHE JB 341 -76.97 -108.89 37.39
C PHE JB 341 -78.05 -109.97 37.40
N VAL JB 342 -78.58 -110.25 36.19
CA VAL JB 342 -79.62 -111.25 36.02
C VAL JB 342 -79.06 -112.63 36.33
N GLU JB 343 -79.95 -113.57 36.68
CA GLU JB 343 -79.52 -114.74 37.42
C GLU JB 343 -79.41 -115.97 36.53
N TRP JB 344 -80.41 -116.16 35.68
CA TRP JB 344 -80.50 -117.35 34.85
C TRP JB 344 -79.50 -117.36 33.70
N ILE JB 345 -78.70 -116.30 33.53
CA ILE JB 345 -77.49 -116.36 32.72
C ILE JB 345 -76.29 -116.22 33.66
N PRO JB 346 -75.54 -117.30 33.97
CA PRO JB 346 -74.34 -117.13 34.79
C PRO JB 346 -73.19 -116.49 34.02
N ASN JB 347 -72.46 -115.64 34.71
CA ASN JB 347 -71.24 -115.01 34.21
C ASN JB 347 -71.48 -114.25 32.90
N ASN JB 348 -72.26 -113.18 32.99
CA ASN JB 348 -72.74 -112.37 31.86
C ASN JB 348 -71.71 -111.50 31.10
N MET JB 349 -70.40 -111.56 31.34
CA MET JB 349 -69.54 -110.53 30.75
C MET JB 349 -68.68 -111.03 29.60
N LYS JB 350 -68.80 -110.37 28.45
CA LYS JB 350 -67.83 -110.46 27.38
C LYS JB 350 -66.73 -109.43 27.60
N SER JB 351 -65.47 -109.86 27.47
CA SER JB 351 -64.32 -108.98 27.58
C SER JB 351 -63.39 -109.16 26.37
N SER JB 352 -62.64 -108.10 26.00
CA SER JB 352 -61.69 -108.14 24.87
C SER JB 352 -60.54 -107.17 25.12
N VAL JB 353 -59.38 -107.41 24.46
CA VAL JB 353 -58.20 -106.59 24.64
C VAL JB 353 -57.70 -106.12 23.29
N CYS JB 354 -57.40 -104.82 23.22
CA CYS JB 354 -56.74 -104.19 22.08
C CYS JB 354 -55.48 -103.51 22.61
N ASP JB 355 -54.32 -103.74 21.99
CA ASP JB 355 -53.06 -103.33 22.61
C ASP JB 355 -52.81 -101.84 22.52
N ILE JB 356 -53.05 -101.25 21.34
CA ILE JB 356 -52.72 -99.85 21.13
C ILE JB 356 -53.83 -99.02 21.77
N PRO JB 357 -53.50 -98.16 22.75
CA PRO JB 357 -54.52 -97.34 23.41
C PRO JB 357 -54.90 -96.14 22.55
N PRO JB 358 -55.96 -95.39 22.91
CA PRO JB 358 -56.17 -94.06 22.33
C PRO JB 358 -54.98 -93.15 22.63
N LYS JB 359 -54.70 -92.24 21.69
CA LYS JB 359 -53.48 -91.44 21.66
C LYS JB 359 -53.41 -90.54 22.90
N GLY JB 360 -52.25 -90.61 23.59
CA GLY JB 360 -52.00 -89.85 24.80
C GLY JB 360 -52.35 -90.58 26.10
N LEU JB 361 -53.13 -91.68 26.03
CA LEU JB 361 -53.53 -92.45 27.20
C LEU JB 361 -52.82 -93.81 27.17
N LYS JB 362 -52.68 -94.51 28.32
CA LYS JB 362 -52.00 -95.79 28.34
C LYS JB 362 -52.97 -96.97 28.38
N MET JB 363 -54.10 -96.79 29.08
CA MET JB 363 -55.19 -97.77 29.08
C MET JB 363 -56.53 -97.04 28.98
N SER JB 364 -57.53 -97.77 28.50
CA SER JB 364 -58.90 -97.28 28.40
C SER JB 364 -59.84 -98.47 28.30
N VAL JB 365 -61.13 -98.22 28.52
CA VAL JB 365 -62.15 -99.25 28.37
C VAL JB 365 -63.43 -98.58 27.91
N THR JB 366 -64.14 -99.26 27.02
CA THR JB 366 -65.48 -98.87 26.59
C THR JB 366 -66.46 -99.96 27.06
N PHE JB 367 -67.67 -99.56 27.43
CA PHE JB 367 -68.63 -100.45 28.07
C PHE JB 367 -69.90 -100.49 27.23
N VAL JB 368 -70.34 -101.70 26.88
CA VAL JB 368 -71.57 -101.88 26.12
C VAL JB 368 -72.41 -102.89 26.88
N GLY JB 369 -73.56 -102.44 27.39
CA GLY JB 369 -74.37 -103.22 28.30
C GLY JB 369 -75.85 -103.30 27.88
N ASN JB 370 -76.34 -104.53 27.70
CA ASN JB 370 -77.74 -104.75 27.38
C ASN JB 370 -78.52 -104.80 28.70
N SER JB 371 -79.30 -103.76 28.97
CA SER JB 371 -79.97 -103.64 30.26
C SER JB 371 -81.48 -103.64 30.08
N THR JB 372 -82.21 -104.03 31.12
CA THR JB 372 -83.64 -103.84 31.17
C THR JB 372 -83.97 -102.56 31.96
N ALA JB 373 -82.96 -101.72 32.19
CA ALA JB 373 -83.19 -100.39 32.74
C ALA JB 373 -83.49 -99.38 31.62
N ILE JB 374 -83.57 -99.88 30.38
CA ILE JB 374 -83.93 -99.05 29.23
C ILE JB 374 -85.44 -99.09 28.99
N GLN JB 375 -86.16 -99.83 29.84
CA GLN JB 375 -87.62 -99.79 29.77
C GLN JB 375 -88.13 -98.43 30.25
N GLU JB 376 -87.33 -97.77 31.09
CA GLU JB 376 -87.72 -96.49 31.66
C GLU JB 376 -87.48 -95.34 30.67
N MET JB 377 -86.91 -95.68 29.50
CA MET JB 377 -86.77 -94.71 28.43
C MET JB 377 -87.90 -94.84 27.41
N PHE JB 378 -88.16 -96.10 26.96
CA PHE JB 378 -89.23 -96.34 26.01
C PHE JB 378 -90.57 -95.98 26.65
N LYS JB 379 -90.70 -96.18 27.96
CA LYS JB 379 -91.94 -95.86 28.63
C LYS JB 379 -92.18 -94.35 28.64
N ARG JB 380 -91.12 -93.58 28.91
CA ARG JB 380 -91.23 -92.13 28.98
C ARG JB 380 -91.62 -91.53 27.63
N VAL JB 381 -91.12 -92.13 26.54
CA VAL JB 381 -91.56 -91.73 25.21
C VAL JB 381 -92.99 -92.22 24.97
N SER JB 382 -93.33 -93.40 25.52
CA SER JB 382 -94.59 -94.05 25.22
C SER JB 382 -95.78 -93.25 25.77
N ASP JB 383 -95.65 -92.65 26.95
CA ASP JB 383 -96.75 -91.86 27.49
C ASP JB 383 -96.84 -90.52 26.74
N GLN JB 384 -95.69 -89.93 26.44
CA GLN JB 384 -95.64 -88.67 25.71
C GLN JB 384 -96.17 -88.82 24.27
N PHE JB 385 -96.03 -90.01 23.70
CA PHE JB 385 -96.62 -90.30 22.41
C PHE JB 385 -98.14 -90.40 22.53
N THR JB 386 -98.61 -91.18 23.50
CA THR JB 386 -100.04 -91.41 23.65
C THR JB 386 -100.74 -90.21 24.29
N ALA JB 387 -99.98 -89.33 24.95
CA ALA JB 387 -100.57 -88.07 25.40
C ALA JB 387 -100.92 -87.20 24.20
N MET JB 388 -100.09 -87.25 23.16
CA MET JB 388 -100.30 -86.38 22.02
C MET JB 388 -101.25 -87.03 21.03
N PHE JB 389 -101.11 -88.34 20.83
CA PHE JB 389 -101.83 -89.05 19.80
C PHE JB 389 -103.32 -89.20 20.13
N ARG JB 390 -103.67 -89.15 21.43
CA ARG JB 390 -105.05 -89.28 21.86
C ARG JB 390 -105.86 -88.10 21.34
N ARG JB 391 -105.23 -86.92 21.37
CA ARG JB 391 -105.87 -85.63 21.09
C ARG JB 391 -105.47 -85.17 19.67
N LYS JB 392 -104.93 -86.09 18.84
CA LYS JB 392 -104.62 -85.86 17.42
C LYS JB 392 -103.70 -84.65 17.18
N ALA JB 393 -102.80 -84.35 18.12
CA ALA JB 393 -101.91 -83.20 18.00
C ALA JB 393 -100.88 -83.45 16.90
N PHE JB 394 -100.65 -82.43 16.04
CA PHE JB 394 -99.64 -82.43 14.99
C PHE JB 394 -99.78 -83.63 14.05
N LEU JB 395 -101.00 -84.14 13.90
CA LEU JB 395 -101.18 -85.31 13.07
C LEU JB 395 -101.44 -84.97 11.60
N HIS JB 396 -101.90 -83.73 11.36
CA HIS JB 396 -102.19 -83.29 10.00
C HIS JB 396 -100.91 -83.14 9.18
N TRP JB 397 -99.81 -82.79 9.86
CA TRP JB 397 -98.50 -82.69 9.22
C TRP JB 397 -98.02 -84.05 8.76
N TYR JB 398 -98.43 -85.07 9.50
CA TYR JB 398 -98.00 -86.42 9.21
C TYR JB 398 -98.94 -87.10 8.21
N THR JB 399 -100.24 -86.80 8.30
CA THR JB 399 -101.24 -87.50 7.49
C THR JB 399 -101.42 -86.87 6.11
N GLY JB 400 -100.83 -85.68 5.90
CA GLY JB 400 -100.89 -85.02 4.61
C GLY JB 400 -99.82 -85.46 3.60
N GLU JB 401 -98.84 -86.26 4.03
CA GLU JB 401 -97.73 -86.67 3.18
C GLU JB 401 -97.91 -88.08 2.61
N GLY JB 402 -99.11 -88.64 2.78
CA GLY JB 402 -99.45 -89.96 2.28
C GLY JB 402 -99.53 -91.02 3.36
N MET JB 403 -99.26 -90.66 4.64
CA MET JB 403 -99.36 -91.63 5.71
C MET JB 403 -100.83 -91.94 5.98
N ASP JB 404 -101.06 -93.06 6.67
CA ASP JB 404 -102.37 -93.37 7.19
C ASP JB 404 -102.34 -93.28 8.72
N GLU JB 405 -103.52 -93.41 9.33
CA GLU JB 405 -103.65 -93.26 10.77
C GLU JB 405 -103.29 -94.57 11.50
N MET JB 406 -103.37 -95.69 10.79
CA MET JB 406 -103.16 -97.01 11.37
C MET JB 406 -101.69 -97.25 11.66
N GLU JB 407 -100.80 -96.50 10.98
CA GLU JB 407 -99.37 -96.65 11.16
C GLU JB 407 -98.93 -96.19 12.56
N PHE JB 408 -99.61 -95.17 13.09
CA PHE JB 408 -99.28 -94.63 14.41
C PHE JB 408 -99.63 -95.61 15.52
N THR JB 409 -100.74 -96.32 15.34
CA THR JB 409 -101.15 -97.34 16.30
C THR JB 409 -100.14 -98.49 16.31
N GLU JB 410 -99.65 -98.87 15.12
CA GLU JB 410 -98.68 -99.95 14.98
C GLU JB 410 -97.34 -99.50 15.58
N ALA JB 411 -97.05 -98.19 15.50
CA ALA JB 411 -95.84 -97.63 16.10
C ALA JB 411 -95.84 -97.80 17.62
N GLU JB 412 -96.98 -97.59 18.26
CA GLU JB 412 -97.05 -97.75 19.71
C GLU JB 412 -97.00 -99.22 20.10
N SER JB 413 -97.74 -100.06 19.38
CA SER JB 413 -97.88 -101.47 19.73
C SER JB 413 -96.54 -102.18 19.64
N ASN JB 414 -95.76 -101.88 18.59
CA ASN JB 414 -94.43 -102.44 18.38
C ASN JB 414 -93.43 -101.76 19.32
N MET JB 415 -93.79 -100.58 19.87
CA MET JB 415 -93.00 -99.99 20.94
C MET JB 415 -93.39 -100.60 22.28
N ASN JB 416 -94.70 -100.82 22.48
CA ASN JB 416 -95.19 -101.23 23.78
C ASN JB 416 -94.88 -102.71 24.07
N ASP JB 417 -94.74 -103.53 23.02
CA ASP JB 417 -94.32 -104.91 23.26
C ASP JB 417 -92.85 -104.98 23.64
N LEU JB 418 -92.04 -104.05 23.11
CA LEU JB 418 -90.64 -103.96 23.49
C LEU JB 418 -90.49 -103.48 24.94
N VAL JB 419 -91.43 -102.64 25.40
CA VAL JB 419 -91.48 -102.24 26.80
C VAL JB 419 -91.79 -103.47 27.67
N SER JB 420 -92.79 -104.26 27.23
CA SER JB 420 -93.25 -105.39 28.01
C SER JB 420 -92.23 -106.53 27.96
N GLU JB 421 -91.50 -106.63 26.85
CA GLU JB 421 -90.56 -107.73 26.67
C GLU JB 421 -89.36 -107.55 27.61
N TYR JB 422 -88.97 -106.28 27.85
CA TYR JB 422 -87.94 -105.99 28.83
C TYR JB 422 -88.43 -106.25 30.25
N GLN JB 423 -89.75 -106.12 30.44
CA GLN JB 423 -90.35 -106.32 31.76
C GLN JB 423 -90.25 -107.79 32.19
N GLN JB 424 -90.44 -108.72 31.25
CA GLN JB 424 -90.58 -110.13 31.58
C GLN JB 424 -89.24 -110.76 31.98
N TYR JB 425 -88.13 -110.04 31.78
CA TYR JB 425 -86.82 -110.53 32.21
C TYR JB 425 -86.29 -109.78 33.43
N GLN JB 426 -87.20 -109.15 34.20
CA GLN JB 426 -86.76 -108.38 35.35
C GLN JB 426 -87.58 -108.79 36.58
N MET KB 1 -79.53 -69.71 -5.06
CA MET KB 1 -79.55 -71.10 -4.56
C MET KB 1 -80.51 -71.20 -3.37
N ARG KB 2 -80.22 -70.39 -2.34
CA ARG KB 2 -81.02 -70.35 -1.14
C ARG KB 2 -81.57 -68.95 -0.94
N GLU KB 3 -82.90 -68.81 -0.96
CA GLU KB 3 -83.53 -67.50 -1.02
C GLU KB 3 -84.73 -67.46 -0.08
N VAL KB 4 -85.13 -66.24 0.29
CA VAL KB 4 -86.42 -65.97 0.90
C VAL KB 4 -86.83 -64.56 0.48
N ILE KB 5 -88.06 -64.42 -0.02
CA ILE KB 5 -88.52 -63.20 -0.64
C ILE KB 5 -89.32 -62.39 0.38
N SER KB 6 -88.98 -61.09 0.49
CA SER KB 6 -89.68 -60.20 1.39
C SER KB 6 -90.79 -59.48 0.64
N ILE KB 7 -91.97 -59.44 1.26
CA ILE KB 7 -93.10 -58.70 0.70
C ILE KB 7 -93.55 -57.70 1.75
N HIS KB 8 -93.50 -56.41 1.39
CA HIS KB 8 -94.00 -55.34 2.23
C HIS KB 8 -95.23 -54.74 1.55
N VAL KB 9 -96.33 -54.72 2.30
CA VAL KB 9 -97.57 -54.17 1.79
C VAL KB 9 -98.11 -53.19 2.81
N GLY KB 10 -98.48 -52.01 2.31
CA GLY KB 10 -99.07 -50.99 3.16
C GLY KB 10 -98.04 -50.03 3.71
N GLN KB 11 -98.64 -49.07 4.42
CA GLN KB 11 -97.98 -48.05 5.22
C GLN KB 11 -96.95 -48.72 6.13
N ALA KB 12 -97.45 -49.68 6.94
CA ALA KB 12 -96.68 -50.13 8.08
C ALA KB 12 -95.54 -51.00 7.53
N GLY KB 13 -95.88 -51.82 6.52
CA GLY KB 13 -94.93 -52.74 5.92
C GLY KB 13 -93.76 -52.02 5.28
N ILE KB 14 -94.06 -50.89 4.63
CA ILE KB 14 -93.01 -50.12 3.99
C ILE KB 14 -92.07 -49.49 5.02
N GLN KB 15 -92.68 -48.91 6.07
CA GLN KB 15 -91.87 -48.18 7.05
C GLN KB 15 -90.99 -49.14 7.86
N ILE KB 16 -91.59 -50.31 8.20
CA ILE KB 16 -90.80 -51.30 8.91
C ILE KB 16 -89.89 -52.08 7.97
N GLY KB 17 -90.20 -51.99 6.67
CA GLY KB 17 -89.35 -52.56 5.64
C GLY KB 17 -88.06 -51.74 5.52
N ASN KB 18 -88.22 -50.43 5.73
CA ASN KB 18 -87.08 -49.53 5.60
C ASN KB 18 -86.00 -49.82 6.65
N ALA KB 19 -86.48 -49.96 7.89
CA ALA KB 19 -85.57 -50.20 9.00
C ALA KB 19 -84.96 -51.61 8.96
N CYS KB 20 -85.71 -52.56 8.38
CA CYS KB 20 -85.23 -53.93 8.21
C CYS KB 20 -84.05 -54.01 7.22
N TRP KB 21 -84.22 -53.28 6.11
CA TRP KB 21 -83.24 -53.37 5.04
C TRP KB 21 -81.99 -52.53 5.32
N GLU KB 22 -82.16 -51.52 6.18
CA GLU KB 22 -80.99 -50.78 6.62
C GLU KB 22 -80.05 -51.69 7.43
N LEU KB 23 -80.63 -52.49 8.33
CA LEU KB 23 -79.82 -53.32 9.21
C LEU KB 23 -79.22 -54.51 8.45
N PHE KB 24 -80.01 -55.09 7.52
CA PHE KB 24 -79.54 -56.20 6.72
C PHE KB 24 -78.34 -55.83 5.84
N CYS KB 25 -78.40 -54.61 5.29
CA CYS KB 25 -77.33 -54.12 4.43
C CYS KB 25 -76.07 -53.80 5.23
N LEU KB 26 -76.30 -53.23 6.44
CA LEU KB 26 -75.23 -52.72 7.30
C LEU KB 26 -74.43 -53.90 7.86
N GLU KB 27 -75.13 -54.99 8.20
CA GLU KB 27 -74.45 -56.11 8.82
C GLU KB 27 -73.82 -57.00 7.76
N HIS KB 28 -74.26 -56.86 6.51
CA HIS KB 28 -73.62 -57.54 5.39
C HIS KB 28 -72.55 -56.68 4.70
N GLY KB 29 -72.41 -55.43 5.15
CA GLY KB 29 -71.32 -54.57 4.69
C GLY KB 29 -71.42 -54.10 3.22
N ILE KB 30 -72.68 -53.89 2.80
CA ILE KB 30 -72.90 -53.31 1.47
C ILE KB 30 -73.31 -51.86 1.62
N GLN KB 31 -72.76 -50.98 0.72
CA GLN KB 31 -72.90 -49.52 0.68
C GLN KB 31 -74.33 -49.10 0.28
N PRO KB 32 -74.69 -47.79 0.37
CA PRO KB 32 -75.87 -47.23 -0.31
C PRO KB 32 -76.03 -47.59 -1.79
N ASP KB 33 -74.87 -47.67 -2.47
CA ASP KB 33 -74.75 -48.01 -3.87
C ASP KB 33 -75.20 -49.47 -4.06
N GLY KB 34 -74.67 -50.40 -3.23
CA GLY KB 34 -74.90 -51.83 -3.41
C GLY KB 34 -73.64 -52.66 -3.71
N GLN KB 35 -72.49 -52.03 -3.96
CA GLN KB 35 -71.28 -52.79 -4.08
C GLN KB 35 -70.56 -52.81 -2.74
N MET KB 36 -70.40 -53.97 -2.12
CA MET KB 36 -69.35 -54.12 -1.12
C MET KB 36 -67.98 -54.10 -1.87
N PRO KB 37 -67.08 -53.14 -1.52
CA PRO KB 37 -66.04 -52.73 -2.47
C PRO KB 37 -64.76 -53.55 -2.57
N ASP KB 47 -70.82 -65.43 0.39
CA ASP KB 47 -72.08 -66.05 -0.12
C ASP KB 47 -73.08 -66.24 1.02
N ALA KB 48 -72.82 -65.57 2.15
CA ALA KB 48 -73.70 -65.58 3.31
C ALA KB 48 -74.86 -64.58 3.16
N PHE KB 49 -74.79 -63.77 2.11
CA PHE KB 49 -75.73 -62.72 1.81
C PHE KB 49 -76.80 -63.21 0.82
N ASN KB 50 -76.66 -64.43 0.30
CA ASN KB 50 -77.40 -64.86 -0.87
C ASN KB 50 -78.90 -64.98 -0.58
N THR KB 51 -79.24 -65.16 0.71
CA THR KB 51 -80.61 -65.39 1.12
C THR KB 51 -81.46 -64.14 0.92
N PHE KB 52 -80.82 -62.96 1.00
CA PHE KB 52 -81.50 -61.67 1.01
C PHE KB 52 -81.25 -60.88 -0.28
N PHE KB 53 -80.04 -61.01 -0.85
CA PHE KB 53 -79.57 -60.14 -1.94
C PHE KB 53 -79.24 -60.97 -3.18
N SER KB 54 -79.28 -60.31 -4.36
CA SER KB 54 -78.93 -60.92 -5.63
C SER KB 54 -77.49 -60.57 -6.03
N GLU KB 55 -77.02 -61.16 -7.15
CA GLU KB 55 -75.77 -60.77 -7.77
C GLU KB 55 -76.06 -60.22 -9.16
N THR KB 56 -75.84 -58.91 -9.33
CA THR KB 56 -76.08 -58.23 -10.59
C THR KB 56 -74.78 -57.64 -11.12
N GLY KB 57 -74.05 -58.52 -11.82
CA GLY KB 57 -72.77 -58.22 -12.46
C GLY KB 57 -71.64 -58.08 -11.43
N ALA KB 58 -70.88 -56.99 -11.58
CA ALA KB 58 -69.62 -56.80 -10.91
C ALA KB 58 -69.82 -56.39 -9.44
N GLY KB 59 -70.08 -57.40 -8.61
CA GLY KB 59 -70.05 -57.20 -7.16
C GLY KB 59 -71.13 -56.22 -6.69
N LYS KB 60 -72.31 -56.30 -7.33
CA LYS KB 60 -73.42 -55.43 -7.04
C LYS KB 60 -74.58 -56.27 -6.53
N HIS KB 61 -75.17 -55.87 -5.40
CA HIS KB 61 -76.18 -56.66 -4.71
C HIS KB 61 -77.51 -55.91 -4.69
N VAL KB 62 -78.57 -56.51 -5.22
CA VAL KB 62 -79.90 -55.90 -5.27
C VAL KB 62 -80.86 -56.73 -4.41
N PRO KB 63 -81.58 -56.10 -3.46
CA PRO KB 63 -82.40 -56.86 -2.50
C PRO KB 63 -83.58 -57.57 -3.15
N ARG KB 64 -83.99 -58.63 -2.47
CA ARG KB 64 -85.04 -59.51 -2.96
C ARG KB 64 -86.34 -59.16 -2.25
N CYS KB 65 -86.80 -57.93 -2.53
CA CYS KB 65 -87.98 -57.45 -1.86
C CYS KB 65 -88.88 -56.70 -2.82
N VAL KB 66 -90.14 -56.63 -2.44
CA VAL KB 66 -91.12 -55.82 -3.13
C VAL KB 66 -91.79 -54.91 -2.11
N PHE KB 67 -91.96 -53.64 -2.52
CA PHE KB 67 -92.73 -52.69 -1.76
C PHE KB 67 -94.06 -52.48 -2.49
N LEU KB 68 -95.16 -52.68 -1.77
CA LEU KB 68 -96.48 -52.41 -2.31
C LEU KB 68 -97.15 -51.34 -1.47
N ASP KB 69 -97.69 -50.36 -2.19
CA ASP KB 69 -98.64 -49.42 -1.63
C ASP KB 69 -99.48 -48.88 -2.77
N LEU KB 70 -100.73 -48.54 -2.45
CA LEU KB 70 -101.62 -47.94 -3.43
C LEU KB 70 -101.40 -46.42 -3.54
N GLU KB 71 -100.82 -45.78 -2.54
CA GLU KB 71 -100.53 -44.35 -2.65
C GLU KB 71 -99.04 -44.13 -2.91
N PRO KB 72 -98.63 -43.08 -3.67
CA PRO KB 72 -97.22 -42.92 -4.01
C PRO KB 72 -96.36 -42.23 -2.97
N THR KB 73 -96.95 -41.65 -1.92
CA THR KB 73 -96.23 -40.63 -1.16
C THR KB 73 -95.28 -41.22 -0.12
N VAL KB 74 -95.37 -42.52 0.13
CA VAL KB 74 -94.51 -43.22 1.12
C VAL KB 74 -93.47 -44.06 0.37
N VAL KB 75 -93.68 -44.24 -0.95
CA VAL KB 75 -92.71 -44.94 -1.76
C VAL KB 75 -91.88 -43.95 -2.60
N ASP KB 76 -92.42 -42.75 -2.82
CA ASP KB 76 -91.71 -41.57 -3.31
C ASP KB 76 -90.51 -41.32 -2.42
N GLU KB 77 -90.70 -41.35 -1.10
CA GLU KB 77 -89.68 -40.89 -0.18
C GLU KB 77 -88.59 -41.98 -0.09
N VAL KB 78 -88.93 -43.22 -0.48
CA VAL KB 78 -87.92 -44.26 -0.59
C VAL KB 78 -87.09 -44.07 -1.86
N ARG KB 79 -87.76 -43.70 -2.95
CA ARG KB 79 -87.09 -43.51 -4.24
C ARG KB 79 -86.24 -42.24 -4.24
N THR KB 80 -86.37 -41.42 -3.20
CA THR KB 80 -85.84 -40.07 -3.12
C THR KB 80 -84.66 -39.97 -2.16
N GLY KB 81 -84.65 -40.81 -1.10
CA GLY KB 81 -83.65 -40.73 -0.06
C GLY KB 81 -82.34 -41.42 -0.44
N THR KB 82 -81.64 -41.93 0.57
CA THR KB 82 -80.31 -42.50 0.40
C THR KB 82 -80.34 -43.78 -0.45
N TYR KB 83 -81.15 -44.75 -0.03
CA TYR KB 83 -81.22 -46.03 -0.74
C TYR KB 83 -82.18 -45.93 -1.91
N ARG KB 84 -81.77 -45.18 -2.92
CA ARG KB 84 -82.52 -45.09 -4.17
C ARG KB 84 -81.76 -45.83 -5.29
N HIS KB 85 -80.50 -46.15 -5.05
CA HIS KB 85 -79.65 -46.81 -6.02
C HIS KB 85 -79.56 -48.31 -5.68
N LEU KB 86 -80.17 -48.67 -4.56
CA LEU KB 86 -80.05 -50.02 -4.03
C LEU KB 86 -81.28 -50.81 -4.49
N PHE KB 87 -82.49 -50.25 -4.30
CA PHE KB 87 -83.68 -50.96 -4.75
C PHE KB 87 -83.86 -50.82 -6.26
N HIS KB 88 -84.14 -51.94 -6.92
CA HIS KB 88 -84.55 -51.90 -8.32
C HIS KB 88 -85.83 -51.06 -8.41
N PRO KB 89 -85.92 -50.11 -9.39
CA PRO KB 89 -87.07 -49.22 -9.51
C PRO KB 89 -88.44 -49.89 -9.61
N GLU KB 90 -88.53 -51.07 -10.22
CA GLU KB 90 -89.82 -51.73 -10.32
C GLU KB 90 -90.13 -52.53 -9.05
N GLN KB 91 -89.17 -52.65 -8.13
CA GLN KB 91 -89.43 -53.41 -6.90
C GLN KB 91 -90.17 -52.55 -5.86
N LEU KB 92 -90.47 -51.30 -6.24
CA LEU KB 92 -91.35 -50.41 -5.49
C LEU KB 92 -92.55 -50.06 -6.38
N ILE KB 93 -93.70 -50.70 -6.11
CA ILE KB 93 -94.89 -50.60 -6.95
C ILE KB 93 -95.89 -49.67 -6.28
N SER KB 94 -96.45 -48.76 -7.08
CA SER KB 94 -97.27 -47.68 -6.56
C SER KB 94 -98.50 -47.51 -7.45
N GLY KB 95 -99.60 -47.11 -6.83
CA GLY KB 95 -100.76 -46.61 -7.55
C GLY KB 95 -100.81 -45.08 -7.55
N LYS KB 96 -101.98 -44.51 -7.85
CA LYS KB 96 -102.15 -43.06 -7.87
C LYS KB 96 -103.08 -42.59 -6.75
N GLU KB 97 -103.95 -43.49 -6.24
CA GLU KB 97 -104.84 -43.16 -5.12
C GLU KB 97 -104.85 -44.27 -4.08
N ASP KB 98 -105.06 -43.91 -2.80
CA ASP KB 98 -104.93 -44.79 -1.64
C ASP KB 98 -106.18 -45.66 -1.50
N ALA KB 99 -106.15 -46.55 -0.49
CA ALA KB 99 -107.30 -47.38 -0.16
C ALA KB 99 -108.10 -46.81 1.01
N ALA KB 100 -107.51 -45.92 1.81
CA ALA KB 100 -108.20 -45.06 2.77
C ALA KB 100 -108.89 -45.90 3.84
N ASN KB 101 -108.06 -46.56 4.64
CA ASN KB 101 -108.44 -47.39 5.79
C ASN KB 101 -109.63 -48.31 5.51
N ASN KB 102 -109.75 -48.77 4.26
CA ASN KB 102 -110.94 -49.47 3.83
C ASN KB 102 -110.54 -50.81 3.25
N PHE KB 103 -111.01 -51.89 3.88
CA PHE KB 103 -110.80 -53.22 3.35
C PHE KB 103 -111.47 -53.39 1.97
N ALA KB 104 -112.71 -52.90 1.87
CA ALA KB 104 -113.54 -53.10 0.68
C ALA KB 104 -112.89 -52.49 -0.54
N ARG KB 105 -112.33 -51.28 -0.34
CA ARG KB 105 -111.66 -50.58 -1.41
C ARG KB 105 -110.41 -51.36 -1.87
N GLY KB 106 -109.59 -51.78 -0.90
CA GLY KB 106 -108.31 -52.41 -1.17
C GLY KB 106 -108.44 -53.82 -1.75
N HIS KB 107 -109.63 -54.44 -1.65
CA HIS KB 107 -109.81 -55.78 -2.17
C HIS KB 107 -110.47 -55.78 -3.57
N TYR KB 108 -111.64 -55.14 -3.67
CA TYR KB 108 -112.47 -55.31 -4.85
C TYR KB 108 -112.37 -54.11 -5.80
N THR KB 109 -112.35 -52.89 -5.26
CA THR KB 109 -112.44 -51.73 -6.14
C THR KB 109 -111.07 -51.39 -6.75
N ILE KB 110 -110.12 -50.97 -5.90
CA ILE KB 110 -108.90 -50.33 -6.36
C ILE KB 110 -107.75 -51.32 -6.52
N GLY KB 111 -107.88 -52.49 -5.87
CA GLY KB 111 -106.77 -53.43 -5.74
C GLY KB 111 -106.42 -54.30 -6.96
N LYS KB 112 -107.35 -54.41 -7.92
CA LYS KB 112 -107.30 -55.45 -8.96
C LYS KB 112 -106.22 -55.16 -10.01
N GLU KB 113 -105.92 -53.87 -10.21
CA GLU KB 113 -105.05 -53.47 -11.31
C GLU KB 113 -103.62 -53.21 -10.82
N ILE KB 114 -103.33 -53.51 -9.54
CA ILE KB 114 -101.97 -53.38 -9.02
C ILE KB 114 -101.37 -54.75 -8.68
N VAL KB 115 -102.19 -55.78 -8.58
CA VAL KB 115 -101.68 -57.10 -8.23
C VAL KB 115 -101.03 -57.77 -9.45
N ASP KB 116 -101.44 -57.38 -10.65
CA ASP KB 116 -100.85 -57.94 -11.86
C ASP KB 116 -99.39 -57.51 -12.00
N LEU KB 117 -99.09 -56.27 -11.63
CA LEU KB 117 -97.70 -55.80 -11.62
C LEU KB 117 -96.91 -56.43 -10.47
N SER KB 118 -97.62 -56.71 -9.37
CA SER KB 118 -97.00 -57.33 -8.21
C SER KB 118 -96.48 -58.73 -8.55
N LEU KB 119 -97.32 -59.53 -9.19
CA LEU KB 119 -97.01 -60.92 -9.45
C LEU KB 119 -95.97 -61.09 -10.54
N ASP KB 120 -95.81 -60.07 -11.39
CA ASP KB 120 -94.78 -60.09 -12.42
C ASP KB 120 -93.39 -59.97 -11.80
N ARG KB 121 -93.26 -58.97 -10.91
CA ARG KB 121 -92.00 -58.68 -10.24
C ARG KB 121 -91.64 -59.81 -9.28
N ILE KB 122 -92.67 -60.37 -8.63
CA ILE KB 122 -92.47 -61.43 -7.67
C ILE KB 122 -91.94 -62.67 -8.38
N ARG KB 123 -92.56 -62.98 -9.53
CA ARG KB 123 -92.23 -64.21 -10.26
C ARG KB 123 -90.79 -64.11 -10.77
N LYS KB 124 -90.38 -62.93 -11.26
CA LYS KB 124 -89.05 -62.78 -11.82
C LYS KB 124 -87.99 -62.77 -10.72
N LEU KB 125 -88.39 -62.42 -9.51
CA LEU KB 125 -87.45 -62.34 -8.40
C LEU KB 125 -87.40 -63.65 -7.61
N ALA KB 126 -88.28 -64.61 -7.96
CA ALA KB 126 -88.36 -65.88 -7.24
C ALA KB 126 -88.11 -67.10 -8.13
N ASP KB 127 -87.82 -66.89 -9.42
CA ASP KB 127 -87.64 -68.02 -10.31
C ASP KB 127 -86.17 -68.27 -10.63
N ASN KB 128 -85.27 -67.42 -10.12
CA ASN KB 128 -83.85 -67.52 -10.47
C ASN KB 128 -83.23 -68.78 -9.89
N CYS KB 129 -83.62 -69.12 -8.65
CA CYS KB 129 -83.29 -70.41 -8.09
C CYS KB 129 -84.51 -70.97 -7.34
N THR KB 130 -84.68 -72.28 -7.44
CA THR KB 130 -85.66 -72.98 -6.61
C THR KB 130 -85.09 -73.15 -5.20
N GLY KB 131 -85.74 -73.98 -4.37
CA GLY KB 131 -85.35 -74.13 -2.98
C GLY KB 131 -85.60 -72.85 -2.17
N LEU KB 132 -86.59 -72.10 -2.63
CA LEU KB 132 -87.08 -70.90 -1.97
C LEU KB 132 -87.76 -71.32 -0.68
N GLN KB 133 -87.31 -70.74 0.44
CA GLN KB 133 -87.84 -71.05 1.77
C GLN KB 133 -89.29 -70.60 1.89
N GLY KB 134 -89.55 -69.36 1.44
CA GLY KB 134 -90.89 -68.83 1.50
C GLY KB 134 -90.91 -67.31 1.35
N PHE KB 135 -92.00 -66.71 1.86
CA PHE KB 135 -92.23 -65.29 1.73
C PHE KB 135 -92.46 -64.74 3.13
N LEU KB 136 -91.62 -63.76 3.50
CA LEU KB 136 -91.95 -62.93 4.65
C LEU KB 136 -92.93 -61.86 4.18
N MET KB 137 -93.98 -61.64 4.98
CA MET KB 137 -94.96 -60.63 4.68
C MET KB 137 -95.14 -59.73 5.89
N PHE KB 138 -95.18 -58.42 5.62
CA PHE KB 138 -95.35 -57.42 6.66
C PHE KB 138 -96.54 -56.54 6.27
N ASN KB 139 -97.61 -56.60 7.07
CA ASN KB 139 -98.79 -55.82 6.77
C ASN KB 139 -99.32 -55.19 8.05
N ALA KB 140 -100.04 -54.06 7.89
CA ALA KB 140 -100.84 -53.46 8.93
C ALA KB 140 -102.27 -53.98 8.75
N VAL KB 141 -102.74 -54.72 9.75
CA VAL KB 141 -104.07 -55.29 9.68
C VAL KB 141 -105.14 -54.19 9.73
N GLY KB 142 -104.84 -53.14 10.52
CA GLY KB 142 -105.70 -51.99 10.77
C GLY KB 142 -105.87 -51.07 9.55
N GLY KB 143 -105.04 -51.27 8.51
CA GLY KB 143 -104.90 -50.39 7.35
C GLY KB 143 -105.80 -50.79 6.19
N GLY KB 144 -105.73 -50.01 5.12
CA GLY KB 144 -106.60 -50.30 3.98
C GLY KB 144 -105.94 -51.24 2.99
N THR KB 145 -104.81 -50.80 2.44
CA THR KB 145 -104.11 -51.62 1.47
C THR KB 145 -103.34 -52.73 2.17
N GLY KB 146 -103.00 -52.50 3.45
CA GLY KB 146 -102.39 -53.50 4.31
C GLY KB 146 -103.26 -54.73 4.56
N SER KB 147 -104.58 -54.51 4.63
CA SER KB 147 -105.53 -55.58 4.91
C SER KB 147 -106.20 -56.09 3.62
N GLY KB 148 -106.74 -55.13 2.84
CA GLY KB 148 -107.53 -55.41 1.65
C GLY KB 148 -106.73 -56.12 0.56
N LEU KB 149 -105.66 -55.44 0.15
CA LEU KB 149 -104.77 -56.00 -0.85
C LEU KB 149 -104.02 -57.20 -0.29
N GLY KB 150 -103.74 -57.18 1.04
CA GLY KB 150 -102.94 -58.18 1.72
C GLY KB 150 -103.54 -59.58 1.62
N CYS KB 151 -104.88 -59.66 1.72
CA CYS KB 151 -105.57 -60.91 1.47
C CYS KB 151 -105.38 -61.34 0.01
N LEU KB 152 -105.47 -60.38 -0.90
CA LEU KB 152 -105.61 -60.71 -2.32
C LEU KB 152 -104.31 -61.24 -2.90
N LEU KB 153 -103.17 -60.68 -2.52
CA LEU KB 153 -101.94 -61.22 -3.09
C LEU KB 153 -101.53 -62.54 -2.43
N LEU KB 154 -102.07 -62.77 -1.23
CA LEU KB 154 -101.88 -64.06 -0.59
C LEU KB 154 -102.78 -65.11 -1.23
N GLU KB 155 -103.98 -64.70 -1.69
CA GLU KB 155 -104.88 -65.59 -2.41
C GLU KB 155 -104.25 -66.16 -3.68
N ARG KB 156 -103.62 -65.27 -4.48
CA ARG KB 156 -103.04 -65.70 -5.74
C ARG KB 156 -101.69 -66.39 -5.53
N LEU KB 157 -101.02 -66.06 -4.41
CA LEU KB 157 -99.78 -66.74 -4.07
C LEU KB 157 -100.05 -68.20 -3.72
N SER KB 158 -101.20 -68.42 -3.05
CA SER KB 158 -101.57 -69.75 -2.59
C SER KB 158 -101.86 -70.66 -3.77
N VAL KB 159 -102.42 -70.08 -4.84
CA VAL KB 159 -102.69 -70.86 -6.04
C VAL KB 159 -101.39 -71.23 -6.73
N ASP KB 160 -100.45 -70.28 -6.80
CA ASP KB 160 -99.22 -70.47 -7.55
C ASP KB 160 -98.20 -71.34 -6.81
N TYR KB 161 -97.69 -70.82 -5.70
CA TYR KB 161 -96.69 -71.53 -4.91
C TYR KB 161 -97.36 -72.11 -3.68
N GLY KB 162 -97.69 -73.41 -3.79
CA GLY KB 162 -98.46 -74.12 -2.79
C GLY KB 162 -97.67 -74.46 -1.51
N LYS KB 163 -96.59 -75.25 -1.69
CA LYS KB 163 -95.83 -76.05 -0.75
C LYS KB 163 -95.04 -75.18 0.26
N LYS KB 164 -95.10 -73.86 0.15
CA LYS KB 164 -94.00 -73.00 0.53
C LYS KB 164 -94.55 -72.08 1.59
N SER KB 165 -93.64 -71.74 2.51
CA SER KB 165 -93.98 -71.01 3.72
C SER KB 165 -94.49 -69.62 3.36
N LYS KB 166 -95.56 -69.19 4.05
CA LYS KB 166 -96.06 -67.82 3.89
C LYS KB 166 -96.21 -67.23 5.28
N LEU KB 167 -95.11 -66.65 5.79
CA LEU KB 167 -95.13 -66.08 7.12
C LEU KB 167 -95.65 -64.65 7.06
N ASN KB 168 -96.06 -64.15 8.23
CA ASN KB 168 -96.66 -62.84 8.34
C ASN KB 168 -96.28 -62.23 9.69
N PHE KB 169 -96.10 -60.90 9.67
CA PHE KB 169 -95.86 -60.13 10.87
C PHE KB 169 -96.90 -59.03 10.98
N CYS KB 170 -98.05 -59.39 11.58
CA CYS KB 170 -99.21 -58.51 11.58
C CYS KB 170 -99.04 -57.44 12.65
N SER KB 171 -99.17 -56.18 12.22
CA SER KB 171 -99.23 -55.06 13.14
C SER KB 171 -100.69 -54.94 13.61
N TRP KB 172 -100.93 -55.45 14.81
CA TRP KB 172 -102.29 -55.69 15.27
C TRP KB 172 -102.81 -54.48 16.05
N PRO KB 173 -104.13 -54.14 16.04
CA PRO KB 173 -104.66 -53.08 16.89
C PRO KB 173 -104.42 -53.30 18.38
N SER KB 174 -103.99 -52.24 19.06
CA SER KB 174 -103.72 -52.25 20.49
C SER KB 174 -105.04 -52.41 21.26
N PRO KB 175 -105.06 -52.94 22.50
CA PRO KB 175 -106.31 -53.01 23.29
C PRO KB 175 -106.99 -51.65 23.55
N GLN KB 176 -106.19 -50.56 23.68
CA GLN KB 176 -106.67 -49.30 24.23
C GLN KB 176 -106.44 -48.11 23.29
N VAL KB 177 -105.44 -48.22 22.40
CA VAL KB 177 -105.11 -47.14 21.50
C VAL KB 177 -105.22 -47.67 20.08
N SER KB 178 -106.04 -47.01 19.27
CA SER KB 178 -106.32 -47.51 17.94
C SER KB 178 -106.04 -46.48 16.85
N THR KB 179 -106.40 -45.21 17.14
CA THR KB 179 -106.27 -44.03 16.28
C THR KB 179 -106.96 -44.23 14.94
N ALA KB 180 -107.91 -45.15 14.93
CA ALA KB 180 -108.77 -45.42 13.79
C ALA KB 180 -110.03 -46.04 14.35
N VAL KB 181 -111.15 -45.51 13.88
CA VAL KB 181 -112.45 -45.86 14.38
C VAL KB 181 -113.13 -46.85 13.41
N VAL KB 182 -112.61 -47.03 12.20
CA VAL KB 182 -113.19 -47.99 11.24
C VAL KB 182 -112.41 -49.31 11.32
N GLU KB 183 -111.49 -49.35 12.28
CA GLU KB 183 -110.43 -50.34 12.37
C GLU KB 183 -110.94 -51.69 12.90
N PRO KB 184 -111.86 -51.78 13.88
CA PRO KB 184 -112.51 -53.05 14.17
C PRO KB 184 -113.15 -53.77 12.98
N TYR KB 185 -113.63 -53.02 11.98
CA TYR KB 185 -114.16 -53.65 10.78
C TYR KB 185 -113.03 -54.26 9.94
N ASN KB 186 -111.91 -53.53 9.81
CA ASN KB 186 -110.78 -53.98 9.02
C ASN KB 186 -110.12 -55.20 9.63
N SER KB 187 -110.01 -55.22 10.97
CA SER KB 187 -109.26 -56.26 11.67
C SER KB 187 -110.00 -57.60 11.62
N VAL KB 188 -111.33 -57.56 11.75
CA VAL KB 188 -112.13 -58.76 11.77
C VAL KB 188 -112.20 -59.37 10.37
N LEU KB 189 -112.38 -58.51 9.35
CA LEU KB 189 -112.49 -58.95 7.97
C LEU KB 189 -111.18 -59.58 7.49
N SER KB 190 -110.05 -59.08 7.99
CA SER KB 190 -108.74 -59.60 7.56
C SER KB 190 -108.48 -60.94 8.22
N THR KB 191 -108.81 -61.03 9.52
CA THR KB 191 -108.47 -62.18 10.36
C THR KB 191 -109.14 -63.44 9.81
N HIS KB 192 -110.33 -63.28 9.24
CA HIS KB 192 -111.03 -64.37 8.56
C HIS KB 192 -110.19 -64.95 7.41
N SER KB 193 -109.60 -64.07 6.60
CA SER KB 193 -108.89 -64.50 5.40
C SER KB 193 -107.39 -64.70 5.63
N LEU KB 194 -106.87 -64.08 6.72
CA LEU KB 194 -105.53 -64.38 7.25
C LEU KB 194 -105.52 -65.78 7.85
N LEU KB 195 -106.70 -66.31 8.20
CA LEU KB 195 -106.78 -67.64 8.77
C LEU KB 195 -106.55 -68.72 7.71
N GLU KB 196 -107.02 -68.46 6.50
CA GLU KB 196 -107.16 -69.55 5.53
C GLU KB 196 -105.84 -69.79 4.78
N HIS KB 197 -105.18 -68.68 4.42
CA HIS KB 197 -104.02 -68.75 3.55
C HIS KB 197 -102.82 -67.97 4.13
N THR KB 198 -102.51 -68.26 5.40
CA THR KB 198 -101.27 -67.82 6.01
C THR KB 198 -100.82 -68.91 6.97
N ASP KB 199 -99.52 -69.22 6.89
CA ASP KB 199 -98.94 -70.32 7.64
C ASP KB 199 -98.64 -69.92 9.09
N VAL KB 200 -98.03 -68.75 9.32
CA VAL KB 200 -97.66 -68.29 10.66
C VAL KB 200 -97.96 -66.81 10.76
N ALA KB 201 -98.64 -66.43 11.87
CA ALA KB 201 -98.91 -65.03 12.17
C ALA KB 201 -98.25 -64.68 13.50
N VAL KB 202 -97.45 -63.61 13.46
CA VAL KB 202 -96.83 -63.06 14.65
C VAL KB 202 -97.38 -61.65 14.86
N MET KB 203 -97.84 -61.38 16.09
CA MET KB 203 -98.49 -60.13 16.39
C MET KB 203 -97.50 -59.16 17.01
N LEU KB 204 -97.36 -58.00 16.36
CA LEU KB 204 -96.55 -56.91 16.89
C LEU KB 204 -97.49 -55.75 17.21
N ASP KB 205 -98.01 -55.74 18.44
CA ASP KB 205 -98.82 -54.64 18.95
C ASP KB 205 -97.92 -53.43 19.11
N ASN KB 206 -98.51 -52.25 18.89
CA ASN KB 206 -97.75 -51.02 18.83
C ASN KB 206 -97.39 -50.53 20.22
N GLU KB 207 -98.42 -50.43 21.08
CA GLU KB 207 -98.19 -49.83 22.39
C GLU KB 207 -97.56 -50.84 23.35
N ALA KB 208 -97.46 -52.12 22.93
CA ALA KB 208 -96.66 -53.10 23.66
C ALA KB 208 -95.20 -52.67 23.61
N ILE KB 209 -94.77 -52.23 22.42
CA ILE KB 209 -93.38 -51.83 22.25
C ILE KB 209 -93.15 -50.44 22.83
N TYR KB 210 -94.22 -49.63 22.89
CA TYR KB 210 -94.10 -48.27 23.39
C TYR KB 210 -93.72 -48.25 24.87
N ASP KB 211 -94.39 -49.08 25.67
CA ASP KB 211 -94.12 -49.08 27.10
C ASP KB 211 -92.90 -49.91 27.46
N ILE KB 212 -92.49 -50.80 26.53
CA ILE KB 212 -91.25 -51.54 26.68
C ILE KB 212 -90.10 -50.50 26.63
N CYS KB 213 -90.20 -49.58 25.66
CA CYS KB 213 -89.23 -48.48 25.54
C CYS KB 213 -89.30 -47.55 26.76
N ARG KB 214 -90.50 -47.27 27.24
CA ARG KB 214 -90.61 -46.31 28.33
C ARG KB 214 -90.16 -46.89 29.68
N ARG KB 215 -90.00 -48.19 29.80
CA ARG KB 215 -89.54 -48.78 31.06
C ARG KB 215 -88.07 -49.19 30.97
N ASN KB 216 -87.71 -49.93 29.91
CA ASN KB 216 -86.38 -50.51 29.80
C ASN KB 216 -85.35 -49.48 29.33
N LEU KB 217 -85.69 -48.79 28.24
CA LEU KB 217 -84.75 -47.83 27.63
C LEU KB 217 -84.88 -46.45 28.26
N ASP KB 218 -86.00 -46.20 28.95
CA ASP KB 218 -86.39 -44.97 29.59
C ASP KB 218 -86.36 -43.82 28.60
N ILE KB 219 -87.08 -44.04 27.50
CA ILE KB 219 -87.22 -43.09 26.42
C ILE KB 219 -88.64 -42.55 26.41
N GLU KB 220 -88.64 -41.22 26.53
CA GLU KB 220 -89.81 -40.41 26.71
C GLU KB 220 -90.38 -40.17 25.32
N ARG KB 221 -89.55 -40.11 24.28
CA ARG KB 221 -89.99 -39.60 22.98
C ARG KB 221 -89.55 -40.55 21.87
N PRO KB 222 -90.09 -41.80 21.82
CA PRO KB 222 -89.78 -42.60 20.66
C PRO KB 222 -90.66 -42.10 19.51
N THR KB 223 -90.21 -42.42 18.30
CA THR KB 223 -91.02 -42.24 17.12
C THR KB 223 -91.25 -43.64 16.55
N TYR KB 224 -91.80 -43.69 15.33
CA TYR KB 224 -91.93 -44.94 14.63
C TYR KB 224 -90.58 -45.56 14.31
N THR KB 225 -89.57 -44.74 14.08
CA THR KB 225 -88.28 -45.28 13.70
C THR KB 225 -87.60 -46.05 14.83
N ASN KB 226 -87.74 -45.62 16.08
CA ASN KB 226 -87.25 -46.41 17.20
C ASN KB 226 -88.04 -47.72 17.32
N LEU KB 227 -89.31 -47.70 16.95
CA LEU KB 227 -90.10 -48.91 16.91
C LEU KB 227 -89.62 -49.86 15.80
N ASN KB 228 -89.23 -49.27 14.66
CA ASN KB 228 -88.83 -50.03 13.48
C ASN KB 228 -87.48 -50.70 13.70
N ARG KB 229 -86.59 -50.09 14.48
CA ARG KB 229 -85.27 -50.66 14.76
C ARG KB 229 -85.41 -51.89 15.63
N LEU KB 230 -86.33 -51.85 16.58
CA LEU KB 230 -86.53 -52.99 17.46
C LEU KB 230 -87.18 -54.15 16.72
N ILE KB 231 -88.09 -53.86 15.79
CA ILE KB 231 -88.66 -54.93 14.99
C ILE KB 231 -87.60 -55.48 14.05
N ALA KB 232 -86.69 -54.63 13.57
CA ALA KB 232 -85.61 -55.04 12.69
C ALA KB 232 -84.67 -56.02 13.41
N GLN KB 233 -84.46 -55.82 14.72
CA GLN KB 233 -83.59 -56.70 15.50
C GLN KB 233 -84.24 -58.06 15.68
N VAL KB 234 -85.58 -58.11 15.63
CA VAL KB 234 -86.28 -59.37 15.75
C VAL KB 234 -86.09 -60.20 14.48
N ILE KB 235 -86.26 -59.57 13.31
CA ILE KB 235 -86.17 -60.27 12.04
C ILE KB 235 -84.73 -60.76 11.80
N SER KB 236 -83.74 -59.97 12.26
CA SER KB 236 -82.34 -60.35 12.15
C SER KB 236 -82.05 -61.58 13.01
N SER KB 237 -82.52 -61.58 14.26
CA SER KB 237 -82.35 -62.72 15.15
C SER KB 237 -83.19 -63.90 14.69
N LEU KB 238 -84.24 -63.60 13.91
CA LEU KB 238 -85.11 -64.63 13.36
C LEU KB 238 -84.37 -65.50 12.36
N THR KB 239 -83.70 -64.82 11.42
CA THR KB 239 -83.13 -65.44 10.23
C THR KB 239 -81.61 -65.48 10.32
N ALA KB 240 -81.06 -65.37 11.54
CA ALA KB 240 -79.61 -65.38 11.70
C ALA KB 240 -79.05 -66.75 11.34
N SER KB 241 -79.80 -67.80 11.66
CA SER KB 241 -79.40 -69.16 11.37
C SER KB 241 -79.53 -69.46 9.87
N LEU KB 242 -80.36 -68.69 9.16
CA LEU KB 242 -80.55 -68.89 7.74
C LEU KB 242 -79.33 -68.37 6.97
N ARG KB 243 -78.71 -67.30 7.50
CA ARG KB 243 -77.64 -66.63 6.79
C ARG KB 243 -76.27 -67.11 7.26
N PHE KB 244 -76.13 -67.28 8.59
CA PHE KB 244 -74.83 -67.37 9.24
C PHE KB 244 -74.62 -68.75 9.83
N ASP KB 245 -73.40 -68.99 10.35
CA ASP KB 245 -73.08 -70.27 10.94
C ASP KB 245 -73.76 -70.40 12.30
N GLY KB 246 -74.21 -71.63 12.61
CA GLY KB 246 -74.95 -71.89 13.82
C GLY KB 246 -74.55 -73.20 14.49
N ALA KB 247 -74.59 -73.21 15.82
CA ALA KB 247 -74.34 -74.39 16.64
C ALA KB 247 -75.53 -75.35 16.57
N LEU KB 248 -76.75 -74.81 16.63
CA LEU KB 248 -77.96 -75.56 16.32
C LEU KB 248 -78.90 -74.59 15.61
N ASN KB 249 -78.83 -74.61 14.29
CA ASN KB 249 -79.50 -73.63 13.45
C ASN KB 249 -80.99 -73.94 13.37
N VAL KB 250 -81.80 -72.88 13.29
CA VAL KB 250 -83.24 -73.00 13.09
C VAL KB 250 -83.65 -72.24 11.84
N ASP KB 251 -84.32 -72.95 10.94
CA ASP KB 251 -84.79 -72.36 9.69
C ASP KB 251 -86.25 -71.95 9.84
N VAL KB 252 -86.87 -71.66 8.70
CA VAL KB 252 -88.20 -71.10 8.71
C VAL KB 252 -89.27 -72.19 8.54
N THR KB 253 -88.90 -73.30 7.91
CA THR KB 253 -89.77 -74.47 7.84
C THR KB 253 -89.85 -75.14 9.21
N GLU KB 254 -88.79 -74.91 10.01
CA GLU KB 254 -88.63 -75.46 11.35
C GLU KB 254 -89.75 -74.97 12.28
N PHE KB 255 -90.19 -73.72 12.06
CA PHE KB 255 -91.14 -73.07 12.95
C PHE KB 255 -92.52 -73.69 12.89
N GLN KB 256 -93.04 -73.81 11.65
CA GLN KB 256 -94.41 -74.18 11.36
C GLN KB 256 -94.74 -75.58 11.91
N THR KB 257 -93.72 -76.43 11.91
CA THR KB 257 -93.90 -77.76 12.44
C THR KB 257 -93.90 -77.74 13.96
N ASN KB 258 -93.19 -76.79 14.56
CA ASN KB 258 -92.92 -76.80 15.99
C ASN KB 258 -93.88 -75.96 16.81
N LEU KB 259 -94.54 -74.98 16.18
CA LEU KB 259 -95.36 -74.04 16.94
C LEU KB 259 -96.85 -74.11 16.58
N VAL KB 260 -97.20 -74.97 15.62
CA VAL KB 260 -98.57 -75.05 15.13
C VAL KB 260 -99.06 -76.47 15.36
N PRO KB 261 -99.83 -76.69 16.44
CA PRO KB 261 -100.44 -78.01 16.67
C PRO KB 261 -101.58 -78.38 15.71
N TYR KB 262 -102.46 -77.41 15.40
CA TYR KB 262 -103.57 -77.66 14.48
C TYR KB 262 -103.73 -76.49 13.52
N PRO KB 263 -104.43 -76.71 12.37
CA PRO KB 263 -104.50 -75.73 11.26
C PRO KB 263 -104.90 -74.31 11.62
N ARG KB 264 -105.90 -74.23 12.50
CA ARG KB 264 -106.54 -72.97 12.86
C ARG KB 264 -105.60 -72.15 13.77
N ILE KB 265 -104.79 -72.83 14.58
CA ILE KB 265 -104.00 -72.15 15.62
C ILE KB 265 -102.63 -71.83 15.06
N HIS KB 266 -102.44 -70.59 14.59
CA HIS KB 266 -101.12 -70.14 14.17
C HIS KB 266 -100.84 -68.69 14.56
N PHE KB 267 -101.31 -68.32 15.76
CA PHE KB 267 -101.16 -66.96 16.24
C PHE KB 267 -100.18 -66.96 17.42
N MET KB 268 -99.00 -66.34 17.20
CA MET KB 268 -97.93 -66.39 18.18
C MET KB 268 -97.50 -64.99 18.62
N LEU KB 269 -96.92 -64.94 19.83
CA LEU KB 269 -96.43 -63.71 20.43
C LEU KB 269 -94.93 -63.62 20.24
N SER KB 270 -94.33 -62.57 20.81
CA SER KB 270 -92.91 -62.30 20.65
C SER KB 270 -92.38 -61.64 21.93
N SER KB 271 -91.09 -61.83 22.21
CA SER KB 271 -90.38 -61.10 23.26
C SER KB 271 -88.90 -61.15 22.92
N TYR KB 272 -88.26 -59.99 22.88
CA TYR KB 272 -86.82 -59.93 22.65
C TYR KB 272 -86.16 -59.33 23.88
N ALA KB 273 -85.11 -60.00 24.35
CA ALA KB 273 -84.35 -59.55 25.50
C ALA KB 273 -82.91 -59.97 25.30
N PRO KB 274 -81.91 -59.15 25.68
CA PRO KB 274 -82.14 -57.88 26.38
C PRO KB 274 -82.26 -56.68 25.44
N ILE KB 275 -83.03 -55.68 25.88
CA ILE KB 275 -82.94 -54.36 25.31
C ILE KB 275 -82.77 -53.35 26.45
N ILE KB 276 -81.52 -52.89 26.55
CA ILE KB 276 -81.10 -51.89 27.51
C ILE KB 276 -80.22 -50.87 26.77
N SER KB 277 -80.32 -49.60 27.23
CA SER KB 277 -79.55 -48.49 26.70
C SER KB 277 -78.09 -48.60 27.10
N ALA KB 278 -77.24 -47.71 26.55
CA ALA KB 278 -75.81 -47.65 26.84
C ALA KB 278 -75.55 -47.26 28.30
N GLU KB 279 -76.54 -46.63 28.94
CA GLU KB 279 -76.35 -46.14 30.30
C GLU KB 279 -76.63 -47.20 31.36
N LYS KB 280 -77.23 -48.33 30.99
CA LYS KB 280 -77.44 -49.41 31.95
C LYS KB 280 -77.08 -50.78 31.35
N ALA KB 281 -76.20 -50.79 30.35
CA ALA KB 281 -75.69 -52.03 29.78
C ALA KB 281 -74.29 -52.32 30.26
N TYR KB 282 -73.55 -51.28 30.67
CA TYR KB 282 -72.18 -51.54 31.12
C TYR KB 282 -72.13 -51.92 32.59
N HIS KB 283 -73.30 -51.90 33.21
CA HIS KB 283 -73.53 -52.44 34.55
C HIS KB 283 -73.94 -53.93 34.54
N GLU KB 284 -74.54 -54.42 33.45
CA GLU KB 284 -75.22 -55.71 33.41
C GLU KB 284 -74.32 -56.79 32.83
N GLN KB 285 -74.08 -57.87 33.59
CA GLN KB 285 -73.59 -59.12 33.01
C GLN KB 285 -74.78 -59.89 32.44
N LEU KB 286 -74.89 -59.78 31.12
CA LEU KB 286 -75.98 -60.40 30.37
C LEU KB 286 -75.76 -61.90 30.22
N SER KB 287 -75.88 -62.64 31.34
CA SER KB 287 -75.80 -64.08 31.29
C SER KB 287 -77.05 -64.66 30.64
N VAL KB 288 -76.92 -65.91 30.22
CA VAL KB 288 -77.96 -66.60 29.49
C VAL KB 288 -79.20 -66.77 30.38
N ALA KB 289 -78.97 -67.03 31.68
CA ALA KB 289 -80.07 -67.13 32.63
C ALA KB 289 -80.81 -65.80 32.78
N GLU KB 290 -80.06 -64.68 32.81
CA GLU KB 290 -80.61 -63.34 33.03
C GLU KB 290 -81.48 -62.96 31.82
N ILE KB 291 -81.00 -63.27 30.61
CA ILE KB 291 -81.70 -62.83 29.41
C ILE KB 291 -82.90 -63.72 29.13
N THR KB 292 -82.87 -64.96 29.62
CA THR KB 292 -84.01 -65.84 29.40
C THR KB 292 -85.11 -65.61 30.44
N ASN KB 293 -84.75 -65.06 31.60
CA ASN KB 293 -85.75 -64.71 32.60
C ASN KB 293 -86.58 -63.50 32.13
N SER KB 294 -85.85 -62.55 31.54
CA SER KB 294 -86.47 -61.33 31.04
C SER KB 294 -87.31 -61.60 29.78
N ALA KB 295 -87.02 -62.71 29.08
CA ALA KB 295 -87.79 -63.07 27.89
C ALA KB 295 -89.20 -63.50 28.27
N PHE KB 296 -89.34 -64.22 29.39
CA PHE KB 296 -90.62 -64.79 29.80
C PHE KB 296 -91.43 -63.83 30.68
N GLU KB 297 -90.87 -62.68 31.00
CA GLU KB 297 -91.59 -61.72 31.81
C GLU KB 297 -92.77 -61.11 31.03
N PRO KB 298 -93.98 -61.01 31.61
CA PRO KB 298 -95.14 -60.44 30.90
C PRO KB 298 -95.01 -58.98 30.51
N ALA KB 299 -94.08 -58.26 31.16
CA ALA KB 299 -93.85 -56.85 30.84
C ALA KB 299 -92.94 -56.69 29.62
N SER KB 300 -92.41 -57.79 29.07
CA SER KB 300 -91.51 -57.73 27.93
C SER KB 300 -92.15 -58.33 26.68
N MET KB 301 -93.40 -58.82 26.80
CA MET KB 301 -94.11 -59.37 25.65
C MET KB 301 -94.44 -58.25 24.67
N MET KB 302 -94.59 -58.61 23.40
CA MET KB 302 -94.77 -57.63 22.34
C MET KB 302 -96.18 -57.69 21.76
N ALA KB 303 -97.16 -57.86 22.65
CA ALA KB 303 -98.55 -57.89 22.22
C ALA KB 303 -99.48 -57.20 23.22
N LYS KB 304 -98.98 -56.84 24.42
CA LYS KB 304 -99.80 -56.40 25.55
C LYS KB 304 -100.92 -57.42 25.81
N CYS KB 305 -100.53 -58.62 26.24
CA CYS KB 305 -101.47 -59.68 26.54
C CYS KB 305 -100.85 -60.60 27.59
N ASP KB 306 -101.34 -60.49 28.82
CA ASP KB 306 -100.71 -61.14 29.96
C ASP KB 306 -100.88 -62.65 29.82
N PRO KB 307 -99.79 -63.44 29.71
CA PRO KB 307 -99.93 -64.89 29.56
C PRO KB 307 -100.27 -65.62 30.86
N ARG KB 308 -100.48 -64.86 31.94
CA ARG KB 308 -100.89 -65.45 33.21
C ARG KB 308 -102.32 -65.98 33.18
N HIS KB 309 -103.14 -65.46 32.27
CA HIS KB 309 -104.47 -65.99 32.06
C HIS KB 309 -104.52 -66.85 30.80
N GLY KB 310 -103.46 -67.65 30.58
CA GLY KB 310 -103.41 -68.60 29.47
C GLY KB 310 -102.41 -69.71 29.79
N LYS KB 311 -102.21 -70.63 28.84
CA LYS KB 311 -101.23 -71.69 29.02
C LYS KB 311 -100.34 -71.70 27.76
N TYR KB 312 -99.03 -71.91 27.98
CA TYR KB 312 -98.07 -71.98 26.87
C TYR KB 312 -98.22 -73.32 26.16
N MET KB 313 -98.73 -73.26 24.93
CA MET KB 313 -98.97 -74.50 24.21
C MET KB 313 -97.67 -75.04 23.61
N ALA KB 314 -96.73 -74.14 23.31
CA ALA KB 314 -95.42 -74.43 22.71
C ALA KB 314 -94.63 -73.14 22.72
N CYS KB 315 -93.30 -73.24 22.59
CA CYS KB 315 -92.47 -72.05 22.73
C CYS KB 315 -91.16 -72.26 21.98
N CYS KB 316 -90.63 -71.18 21.38
CA CYS KB 316 -89.41 -71.23 20.60
C CYS KB 316 -88.44 -70.15 21.08
N LEU KB 317 -87.16 -70.52 21.23
CA LEU KB 317 -86.14 -69.59 21.72
C LEU KB 317 -84.95 -69.60 20.76
N MET KB 318 -84.55 -68.41 20.28
CA MET KB 318 -83.38 -68.26 19.43
C MET KB 318 -82.32 -67.44 20.16
N TYR KB 319 -81.23 -68.09 20.53
CA TYR KB 319 -80.10 -67.41 21.14
C TYR KB 319 -79.12 -66.94 20.07
N ARG KB 320 -78.38 -65.87 20.40
CA ARG KB 320 -77.52 -65.20 19.44
C ARG KB 320 -76.32 -64.60 20.16
N GLY KB 321 -75.11 -65.09 19.88
CA GLY KB 321 -73.91 -64.47 20.42
C GLY KB 321 -72.89 -65.47 20.91
N ASP KB 322 -72.28 -65.15 22.05
CA ASP KB 322 -71.37 -66.07 22.71
C ASP KB 322 -72.17 -67.03 23.62
N VAL KB 323 -73.07 -67.82 23.03
CA VAL KB 323 -74.02 -68.59 23.83
C VAL KB 323 -73.66 -70.06 23.76
N VAL KB 324 -73.37 -70.66 24.92
CA VAL KB 324 -73.03 -72.06 24.99
C VAL KB 324 -74.31 -72.89 25.07
N PRO KB 325 -74.31 -74.12 24.50
CA PRO KB 325 -75.49 -74.99 24.57
C PRO KB 325 -75.83 -75.43 26.00
N LYS KB 326 -74.81 -75.41 26.87
CA LYS KB 326 -74.95 -75.96 28.21
C LYS KB 326 -75.76 -75.00 29.07
N ASP KB 327 -75.45 -73.71 28.96
CA ASP KB 327 -76.14 -72.72 29.80
C ASP KB 327 -77.59 -72.52 29.35
N VAL KB 328 -77.90 -72.93 28.10
CA VAL KB 328 -79.28 -72.89 27.66
C VAL KB 328 -80.11 -73.93 28.43
N ASN KB 329 -79.59 -75.16 28.51
CA ASN KB 329 -80.28 -76.24 29.19
C ASN KB 329 -80.40 -76.02 30.69
N ALA KB 330 -79.38 -75.37 31.27
CA ALA KB 330 -79.40 -75.05 32.69
C ALA KB 330 -80.37 -73.90 33.00
N ALA KB 331 -80.82 -73.17 31.97
CA ALA KB 331 -81.63 -71.98 32.16
C ALA KB 331 -83.07 -72.19 31.67
N VAL KB 332 -83.33 -73.20 30.83
CA VAL KB 332 -84.67 -73.55 30.39
C VAL KB 332 -85.32 -74.51 31.38
N ALA KB 333 -84.48 -75.27 32.09
CA ALA KB 333 -84.98 -76.19 33.11
C ALA KB 333 -85.53 -75.41 34.30
N THR KB 334 -84.93 -74.26 34.60
CA THR KB 334 -85.44 -73.36 35.62
C THR KB 334 -86.83 -72.83 35.27
N ILE KB 335 -87.08 -72.54 33.99
CA ILE KB 335 -88.37 -72.02 33.55
C ILE KB 335 -89.45 -73.10 33.70
N LYS KB 336 -89.09 -74.37 33.45
CA LYS KB 336 -90.04 -75.45 33.59
C LYS KB 336 -90.47 -75.66 35.05
N THR KB 337 -89.54 -75.44 35.99
CA THR KB 337 -89.83 -75.63 37.40
C THR KB 337 -90.51 -74.42 38.04
N LYS KB 338 -90.50 -73.28 37.36
CA LYS KB 338 -91.17 -72.10 37.91
C LYS KB 338 -92.69 -72.27 37.85
N ARG KB 339 -93.38 -71.86 38.91
CA ARG KB 339 -94.80 -72.12 39.08
C ARG KB 339 -95.72 -71.04 38.50
N THR KB 340 -95.18 -69.84 38.32
CA THR KB 340 -95.96 -68.74 37.77
C THR KB 340 -96.23 -68.92 36.28
N ILE KB 341 -95.36 -69.70 35.62
CA ILE KB 341 -95.45 -70.02 34.19
C ILE KB 341 -95.82 -71.49 34.10
N GLN KB 342 -96.80 -71.82 33.26
CA GLN KB 342 -97.23 -73.21 33.22
C GLN KB 342 -97.59 -73.63 31.81
N PHE KB 343 -97.60 -74.95 31.66
CA PHE KB 343 -97.80 -75.56 30.36
C PHE KB 343 -99.04 -76.44 30.38
N VAL KB 344 -99.67 -76.49 29.19
CA VAL KB 344 -100.83 -77.32 28.90
C VAL KB 344 -100.44 -78.77 29.17
N ASP KB 345 -101.42 -79.59 29.56
CA ASP KB 345 -101.15 -80.95 30.00
C ASP KB 345 -100.61 -81.84 28.88
N TRP KB 346 -101.07 -81.65 27.63
CA TRP KB 346 -100.68 -82.54 26.54
C TRP KB 346 -99.36 -82.11 25.89
N CYS KB 347 -98.67 -81.15 26.51
CA CYS KB 347 -97.37 -80.68 26.03
C CYS KB 347 -96.36 -80.81 27.17
N PRO KB 348 -95.87 -82.02 27.53
CA PRO KB 348 -94.89 -82.14 28.61
C PRO KB 348 -93.57 -81.46 28.24
N THR KB 349 -93.04 -81.79 27.06
CA THR KB 349 -91.94 -81.04 26.47
C THR KB 349 -92.47 -79.89 25.61
N GLY KB 350 -91.91 -78.70 25.78
CA GLY KB 350 -92.45 -77.58 25.03
C GLY KB 350 -91.43 -76.52 24.64
N PHE KB 351 -90.28 -76.93 24.09
CA PHE KB 351 -89.26 -75.97 23.73
C PHE KB 351 -88.53 -76.32 22.45
N LYS KB 352 -88.21 -75.28 21.68
CA LYS KB 352 -87.29 -75.39 20.55
C LYS KB 352 -86.21 -74.34 20.74
N CYS KB 353 -84.95 -74.76 20.64
CA CYS KB 353 -83.80 -73.93 20.96
C CYS KB 353 -83.03 -73.60 19.68
N GLY KB 354 -82.35 -72.45 19.67
CA GLY KB 354 -81.48 -72.12 18.56
C GLY KB 354 -80.29 -71.30 19.04
N ILE KB 355 -79.09 -71.65 18.55
CA ILE KB 355 -77.88 -70.90 18.88
C ILE KB 355 -77.19 -70.51 17.58
N ASN KB 356 -77.00 -69.19 17.41
CA ASN KB 356 -76.30 -68.63 16.27
C ASN KB 356 -75.10 -67.82 16.76
N TYR KB 357 -74.04 -67.80 15.94
CA TYR KB 357 -72.75 -67.35 16.40
C TYR KB 357 -72.61 -65.85 16.38
N GLN KB 358 -73.07 -65.23 15.30
CA GLN KB 358 -72.70 -63.86 15.07
C GLN KB 358 -73.56 -62.95 15.95
N PRO KB 359 -72.93 -62.16 16.84
CA PRO KB 359 -73.68 -61.36 17.80
C PRO KB 359 -74.50 -60.26 17.14
N PRO KB 360 -75.54 -59.70 17.81
CA PRO KB 360 -76.40 -58.72 17.19
C PRO KB 360 -75.67 -57.45 16.78
N THR KB 361 -76.04 -56.90 15.62
CA THR KB 361 -75.37 -55.74 15.07
C THR KB 361 -76.08 -54.46 15.51
N VAL KB 362 -75.28 -53.50 15.99
CA VAL KB 362 -75.80 -52.23 16.49
C VAL KB 362 -75.79 -51.23 15.35
N VAL KB 363 -76.89 -50.48 15.23
CA VAL KB 363 -76.98 -49.41 14.26
C VAL KB 363 -76.48 -48.14 14.92
N PRO KB 364 -75.51 -47.41 14.33
CA PRO KB 364 -75.03 -46.16 14.92
C PRO KB 364 -76.11 -45.09 14.90
N GLY KB 365 -76.17 -44.31 15.98
CA GLY KB 365 -77.18 -43.30 16.16
C GLY KB 365 -78.55 -43.88 16.53
N GLY KB 366 -78.55 -45.19 16.87
CA GLY KB 366 -79.74 -45.87 17.37
C GLY KB 366 -79.99 -45.58 18.85
N ASP KB 367 -80.55 -46.56 19.57
CA ASP KB 367 -80.69 -46.40 21.00
C ASP KB 367 -80.46 -47.70 21.78
N LEU KB 368 -80.06 -48.76 21.10
CA LEU KB 368 -79.68 -50.01 21.77
C LEU KB 368 -78.19 -49.96 22.12
N ALA KB 369 -77.64 -51.05 22.69
CA ALA KB 369 -76.24 -51.07 23.05
C ALA KB 369 -75.51 -52.29 22.47
N LYS KB 370 -74.20 -52.15 22.29
CA LYS KB 370 -73.44 -53.22 21.67
C LYS KB 370 -73.30 -54.36 22.66
N VAL KB 371 -73.99 -55.48 22.45
CA VAL KB 371 -74.06 -56.51 23.48
C VAL KB 371 -73.63 -57.87 22.95
N MET KB 372 -73.21 -58.72 23.88
CA MET KB 372 -72.51 -59.97 23.68
C MET KB 372 -73.46 -61.12 23.26
N ARG KB 373 -74.73 -61.04 23.67
CA ARG KB 373 -75.64 -62.17 23.51
C ARG KB 373 -77.06 -61.66 23.68
N ALA KB 374 -78.01 -62.39 23.08
CA ALA KB 374 -79.40 -61.97 23.05
C ALA KB 374 -80.31 -63.18 22.86
N VAL KB 375 -81.59 -62.99 23.19
CA VAL KB 375 -82.64 -63.99 23.02
C VAL KB 375 -83.82 -63.36 22.27
N CYS KB 376 -84.33 -64.09 21.29
CA CYS KB 376 -85.62 -63.81 20.68
C CYS KB 376 -86.53 -65.02 20.93
N MET KB 377 -87.70 -64.79 21.51
CA MET KB 377 -88.60 -65.85 21.93
C MET KB 377 -89.94 -65.70 21.21
N ILE KB 378 -90.45 -66.80 20.65
CA ILE KB 378 -91.76 -66.82 20.00
C ILE KB 378 -92.56 -67.96 20.63
N SER KB 379 -93.79 -67.65 21.08
CA SER KB 379 -94.60 -68.60 21.83
C SER KB 379 -96.03 -68.65 21.28
N ASN KB 380 -96.61 -69.85 21.30
CA ASN KB 380 -98.02 -70.05 21.00
C ASN KB 380 -98.75 -70.27 22.32
N SER KB 381 -99.80 -69.47 22.55
CA SER KB 381 -100.46 -69.45 23.85
C SER KB 381 -101.98 -69.58 23.72
N THR KB 382 -102.62 -69.81 24.87
CA THR KB 382 -104.08 -69.80 24.98
C THR KB 382 -104.55 -68.39 25.37
N ALA KB 383 -103.61 -67.57 25.83
CA ALA KB 383 -103.90 -66.20 26.21
C ALA KB 383 -104.36 -65.35 25.02
N ILE KB 384 -104.15 -65.86 23.79
CA ILE KB 384 -104.60 -65.23 22.55
C ILE KB 384 -106.13 -65.12 22.51
N ALA KB 385 -106.83 -65.85 23.40
CA ALA KB 385 -108.29 -65.82 23.42
C ALA KB 385 -108.82 -64.42 23.73
N GLU KB 386 -108.05 -63.61 24.48
CA GLU KB 386 -108.53 -62.29 24.87
C GLU KB 386 -108.43 -61.28 23.72
N VAL KB 387 -107.47 -61.48 22.80
CA VAL KB 387 -107.21 -60.44 21.81
C VAL KB 387 -108.26 -60.44 20.71
N PHE KB 388 -108.95 -61.58 20.52
CA PHE KB 388 -110.08 -61.61 19.61
C PHE KB 388 -111.39 -61.47 20.37
N SER KB 389 -111.41 -61.83 21.67
CA SER KB 389 -112.57 -61.60 22.50
C SER KB 389 -112.75 -60.12 22.80
N ARG KB 390 -111.65 -59.36 22.69
CA ARG KB 390 -111.76 -57.92 22.85
C ARG KB 390 -112.30 -57.28 21.57
N MET KB 391 -111.92 -57.82 20.40
CA MET KB 391 -112.49 -57.33 19.16
C MET KB 391 -113.93 -57.80 19.01
N ASP KB 392 -114.26 -58.93 19.65
CA ASP KB 392 -115.60 -59.46 19.71
C ASP KB 392 -116.56 -58.40 20.22
N HIS KB 393 -116.19 -57.76 21.32
CA HIS KB 393 -116.99 -56.70 21.91
C HIS KB 393 -117.02 -55.48 20.98
N LYS KB 394 -115.85 -55.00 20.55
CA LYS KB 394 -115.75 -53.74 19.83
C LYS KB 394 -116.34 -53.82 18.41
N PHE KB 395 -116.72 -55.03 17.96
CA PHE KB 395 -117.32 -55.18 16.64
C PHE KB 395 -118.85 -55.21 16.70
N ASP KB 396 -119.39 -55.89 17.72
CA ASP KB 396 -120.83 -55.95 17.94
C ASP KB 396 -121.39 -54.66 18.52
N LEU KB 397 -120.52 -53.84 19.11
CA LEU KB 397 -120.89 -52.47 19.48
C LEU KB 397 -121.19 -51.66 18.23
N MET KB 398 -120.32 -51.76 17.24
CA MET KB 398 -120.46 -50.91 16.07
C MET KB 398 -121.55 -51.45 15.12
N TYR KB 399 -121.47 -52.75 14.81
CA TYR KB 399 -122.28 -53.35 13.76
C TYR KB 399 -123.76 -53.46 14.14
N ALA KB 400 -124.09 -53.28 15.42
CA ALA KB 400 -125.46 -53.42 15.91
C ALA KB 400 -126.39 -52.42 15.23
N LYS KB 401 -125.90 -51.18 15.10
CA LYS KB 401 -126.67 -50.07 14.58
C LYS KB 401 -126.02 -49.57 13.29
N ARG KB 402 -125.23 -50.44 12.63
CA ARG KB 402 -124.76 -50.24 11.27
C ARG KB 402 -123.91 -48.97 11.12
N ALA KB 403 -122.90 -48.84 11.96
CA ALA KB 403 -121.96 -47.73 11.83
C ALA KB 403 -120.94 -48.05 10.72
N PHE KB 404 -120.74 -47.09 9.81
CA PHE KB 404 -119.74 -47.17 8.73
C PHE KB 404 -120.04 -48.25 7.69
N VAL KB 405 -121.24 -48.85 7.73
CA VAL KB 405 -121.51 -49.98 6.86
C VAL KB 405 -121.79 -49.53 5.43
N HIS KB 406 -122.27 -48.28 5.29
CA HIS KB 406 -122.60 -47.73 3.98
C HIS KB 406 -121.35 -47.59 3.10
N TRP KB 407 -120.18 -47.35 3.70
CA TRP KB 407 -118.93 -47.24 2.98
C TRP KB 407 -118.57 -48.54 2.27
N TYR KB 408 -118.74 -49.64 3.00
CA TYR KB 408 -118.25 -50.94 2.53
C TYR KB 408 -119.18 -51.49 1.47
N VAL KB 409 -120.49 -51.33 1.65
CA VAL KB 409 -121.51 -51.87 0.76
C VAL KB 409 -121.43 -51.17 -0.60
N GLY KB 410 -121.29 -49.85 -0.57
CA GLY KB 410 -121.43 -49.01 -1.75
C GLY KB 410 -120.23 -49.07 -2.68
N GLU KB 411 -119.14 -49.74 -2.25
CA GLU KB 411 -117.94 -49.79 -3.07
C GLU KB 411 -117.56 -51.22 -3.47
N GLY KB 412 -118.47 -52.17 -3.29
CA GLY KB 412 -118.31 -53.46 -3.98
C GLY KB 412 -118.64 -54.66 -3.10
N MET KB 413 -118.47 -54.52 -1.78
CA MET KB 413 -118.79 -55.60 -0.87
C MET KB 413 -120.30 -55.80 -0.79
N GLU KB 414 -120.71 -56.94 -0.20
CA GLU KB 414 -122.12 -57.19 0.05
C GLU KB 414 -122.33 -57.37 1.55
N GLU KB 415 -123.54 -57.06 1.99
CA GLU KB 415 -123.94 -57.30 3.37
C GLU KB 415 -123.92 -58.80 3.64
N GLY KB 416 -123.34 -59.18 4.78
CA GLY KB 416 -123.23 -60.57 5.20
C GLY KB 416 -121.80 -61.07 5.18
N GLU KB 417 -120.87 -60.30 4.58
CA GLU KB 417 -119.46 -60.60 4.76
C GLU KB 417 -119.02 -60.26 6.18
N PHE KB 418 -119.72 -59.34 6.85
CA PHE KB 418 -119.47 -59.10 8.26
C PHE KB 418 -119.98 -60.28 9.09
N SER KB 419 -121.13 -60.84 8.72
CA SER KB 419 -121.70 -61.98 9.42
C SER KB 419 -120.82 -63.22 9.26
N GLU KB 420 -120.22 -63.38 8.07
CA GLU KB 420 -119.30 -64.49 7.82
C GLU KB 420 -117.99 -64.27 8.59
N ALA KB 421 -117.55 -63.02 8.72
CA ALA KB 421 -116.34 -62.70 9.46
C ALA KB 421 -116.58 -62.92 10.96
N ARG KB 422 -117.81 -62.63 11.41
CA ARG KB 422 -118.20 -62.79 12.80
C ARG KB 422 -118.24 -64.26 13.21
N GLU KB 423 -118.73 -65.13 12.31
CA GLU KB 423 -118.90 -66.56 12.60
C GLU KB 423 -117.54 -67.25 12.69
N ASP KB 424 -116.60 -66.82 11.83
CA ASP KB 424 -115.29 -67.44 11.79
C ASP KB 424 -114.47 -67.02 13.02
N LEU KB 425 -114.64 -65.74 13.44
CA LEU KB 425 -113.99 -65.23 14.64
C LEU KB 425 -114.58 -65.89 15.89
N ALA KB 426 -115.90 -66.13 15.86
CA ALA KB 426 -116.56 -66.79 16.98
C ALA KB 426 -116.13 -68.24 17.08
N ALA KB 427 -115.97 -68.90 15.91
CA ALA KB 427 -115.52 -70.29 15.87
C ALA KB 427 -114.05 -70.37 16.31
N LEU KB 428 -113.28 -69.30 16.09
CA LEU KB 428 -111.89 -69.28 16.51
C LEU KB 428 -111.75 -69.24 18.03
N GLU KB 429 -112.61 -68.45 18.69
CA GLU KB 429 -112.66 -68.38 20.14
C GLU KB 429 -113.14 -69.70 20.75
N LYS KB 430 -114.09 -70.36 20.08
CA LYS KB 430 -114.55 -71.67 20.50
C LYS KB 430 -113.39 -72.67 20.36
N ASP KB 431 -112.47 -72.40 19.42
CA ASP KB 431 -111.40 -73.34 19.14
C ASP KB 431 -110.30 -73.24 20.21
N TYR KB 432 -109.91 -72.00 20.55
CA TYR KB 432 -108.89 -71.80 21.58
C TYR KB 432 -109.34 -72.25 22.97
N GLU KB 433 -110.64 -72.07 23.25
CA GLU KB 433 -111.16 -72.49 24.55
C GLU KB 433 -111.20 -74.02 24.63
N GLU KB 434 -111.43 -74.70 23.49
CA GLU KB 434 -111.49 -76.16 23.46
C GLU KB 434 -110.10 -76.76 23.65
N VAL KB 435 -109.06 -76.09 23.14
CA VAL KB 435 -107.70 -76.59 23.25
C VAL KB 435 -107.23 -76.53 24.71
N GLY KB 436 -107.60 -75.43 25.39
CA GLY KB 436 -107.10 -75.11 26.72
C GLY KB 436 -107.62 -76.00 27.85
N ILE KB 437 -108.56 -76.91 27.54
CA ILE KB 437 -109.25 -77.72 28.54
C ILE KB 437 -108.28 -78.77 29.11
N MET LB 1 -99.48 -35.69 -10.21
CA MET LB 1 -100.14 -36.52 -9.18
C MET LB 1 -101.51 -35.94 -8.85
N ARG LB 2 -101.90 -36.03 -7.59
CA ARG LB 2 -103.18 -35.55 -7.12
C ARG LB 2 -103.22 -34.02 -7.15
N GLU LB 3 -104.36 -33.44 -7.55
CA GLU LB 3 -104.59 -32.00 -7.48
C GLU LB 3 -105.91 -31.75 -6.79
N ILE LB 4 -105.99 -30.61 -6.08
CA ILE LB 4 -107.24 -30.11 -5.55
C ILE LB 4 -107.64 -28.88 -6.36
N VAL LB 5 -108.84 -28.95 -6.94
CA VAL LB 5 -109.41 -27.78 -7.62
C VAL LB 5 -110.11 -26.94 -6.57
N HIS LB 6 -109.72 -25.66 -6.54
CA HIS LB 6 -110.27 -24.72 -5.58
C HIS LB 6 -111.34 -23.88 -6.26
N VAL LB 7 -112.49 -23.74 -5.61
CA VAL LB 7 -113.62 -22.98 -6.15
C VAL LB 7 -114.10 -22.01 -5.07
N GLN LB 8 -114.15 -20.73 -5.42
CA GLN LB 8 -114.45 -19.68 -4.44
C GLN LB 8 -115.76 -19.03 -4.86
N GLY LB 9 -116.72 -18.94 -3.94
CA GLY LB 9 -118.02 -18.39 -4.30
C GLY LB 9 -118.41 -17.21 -3.41
N GLY LB 10 -118.83 -16.11 -4.06
CA GLY LB 10 -119.40 -14.97 -3.37
C GLY LB 10 -118.35 -13.96 -2.95
N GLN LB 11 -118.83 -12.87 -2.33
CA GLN LB 11 -117.96 -11.84 -1.77
C GLN LB 11 -117.13 -12.46 -0.64
N CYS LB 12 -117.76 -13.32 0.18
CA CYS LB 12 -117.04 -13.91 1.29
C CYS LB 12 -115.93 -14.83 0.76
N GLY LB 13 -116.28 -15.68 -0.23
CA GLY LB 13 -115.39 -16.69 -0.75
C GLY LB 13 -114.14 -16.07 -1.42
N ASN LB 14 -114.29 -14.88 -2.01
CA ASN LB 14 -113.16 -14.19 -2.62
C ASN LB 14 -112.24 -13.59 -1.55
N GLN LB 15 -112.81 -12.93 -0.53
CA GLN LB 15 -112.00 -12.30 0.50
C GLN LB 15 -111.36 -13.34 1.41
N ILE LB 16 -112.10 -14.45 1.65
CA ILE LB 16 -111.55 -15.58 2.42
C ILE LB 16 -110.52 -16.29 1.55
N GLY LB 17 -110.85 -16.47 0.28
CA GLY LB 17 -110.04 -17.27 -0.63
C GLY LB 17 -108.77 -16.58 -1.08
N ALA LB 18 -108.75 -15.24 -1.03
CA ALA LB 18 -107.53 -14.48 -1.29
C ALA LB 18 -106.42 -14.84 -0.29
N LYS LB 19 -106.80 -14.89 0.98
CA LYS LB 19 -105.85 -15.17 2.02
C LYS LB 19 -105.43 -16.63 2.04
N PHE LB 20 -106.29 -17.53 1.56
CA PHE LB 20 -105.90 -18.92 1.47
C PHE LB 20 -104.77 -19.10 0.47
N TRP LB 21 -104.83 -18.34 -0.63
CA TRP LB 21 -103.74 -18.38 -1.60
C TRP LB 21 -102.52 -17.61 -1.14
N GLU LB 22 -102.72 -16.73 -0.17
CA GLU LB 22 -101.60 -15.99 0.38
C GLU LB 22 -100.80 -16.89 1.33
N VAL LB 23 -101.46 -17.81 2.01
CA VAL LB 23 -100.77 -18.62 3.01
C VAL LB 23 -100.14 -19.85 2.35
N ILE LB 24 -100.78 -20.38 1.30
CA ILE LB 24 -100.21 -21.52 0.59
C ILE LB 24 -98.97 -21.08 -0.18
N SER LB 25 -99.07 -19.94 -0.84
CA SER LB 25 -97.97 -19.34 -1.57
C SER LB 25 -96.78 -19.06 -0.65
N ASP LB 26 -97.03 -18.53 0.54
CA ASP LB 26 -95.97 -18.30 1.52
C ASP LB 26 -95.41 -19.63 2.01
N GLU LB 27 -96.24 -20.68 2.05
CA GLU LB 27 -95.79 -21.96 2.55
C GLU LB 27 -94.90 -22.64 1.53
N HIS LB 28 -95.22 -22.42 0.25
CA HIS LB 28 -94.46 -22.98 -0.85
C HIS LB 28 -93.47 -21.98 -1.44
N GLY LB 29 -93.24 -20.84 -0.80
CA GLY LB 29 -92.23 -19.86 -1.19
C GLY LB 29 -92.48 -19.16 -2.53
N ILE LB 30 -93.73 -18.75 -2.77
CA ILE LB 30 -94.12 -18.15 -4.04
C ILE LB 30 -94.22 -16.63 -3.93
N ASP LB 31 -93.45 -15.96 -4.78
CA ASP LB 31 -93.47 -14.51 -4.99
C ASP LB 31 -94.86 -14.05 -5.44
N PRO LB 32 -95.36 -12.88 -4.99
CA PRO LB 32 -96.49 -12.15 -5.61
C PRO LB 32 -96.47 -12.10 -7.13
N THR LB 33 -95.26 -12.02 -7.67
CA THR LB 33 -95.09 -12.03 -9.12
C THR LB 33 -95.43 -13.42 -9.67
N GLY LB 34 -95.08 -14.48 -8.95
CA GLY LB 34 -95.46 -15.80 -9.43
C GLY LB 34 -94.32 -16.81 -9.37
N THR LB 35 -93.09 -16.35 -9.14
CA THR LB 35 -91.92 -17.21 -9.21
C THR LB 35 -91.67 -17.97 -7.91
N TYR LB 36 -90.47 -18.53 -7.75
CA TYR LB 36 -90.16 -19.26 -6.54
C TYR LB 36 -88.83 -18.80 -5.97
N CYS LB 37 -88.81 -18.59 -4.65
CA CYS LB 37 -87.58 -18.36 -3.91
C CYS LB 37 -87.49 -19.33 -2.74
N GLY LB 38 -86.29 -19.90 -2.57
CA GLY LB 38 -85.97 -20.60 -1.35
C GLY LB 38 -85.28 -21.96 -1.49
N ASP LB 39 -84.82 -22.36 -2.68
CA ASP LB 39 -83.94 -23.52 -2.96
C ASP LB 39 -83.99 -24.71 -1.98
N SER LB 40 -85.21 -25.23 -1.73
CA SER LB 40 -85.42 -26.45 -0.96
C SER LB 40 -86.41 -27.31 -1.71
N ASP LB 41 -86.19 -28.62 -1.58
CA ASP LB 41 -86.93 -29.61 -2.33
C ASP LB 41 -88.37 -29.70 -1.85
N LEU LB 42 -88.55 -29.62 -0.52
CA LEU LB 42 -89.78 -29.87 0.26
C LEU LB 42 -90.99 -29.14 -0.31
N GLN LB 43 -90.76 -27.96 -0.90
CA GLN LB 43 -91.88 -27.19 -1.41
C GLN LB 43 -92.34 -27.81 -2.71
N LEU LB 44 -91.43 -27.96 -3.67
CA LEU LB 44 -91.74 -28.26 -5.06
C LEU LB 44 -91.96 -29.75 -5.30
N GLU LB 45 -91.68 -30.58 -4.30
CA GLU LB 45 -91.84 -32.03 -4.45
C GLU LB 45 -93.30 -32.41 -4.63
N ARG LB 46 -94.16 -31.71 -3.91
CA ARG LB 46 -95.59 -31.87 -4.06
C ARG LB 46 -96.19 -30.48 -4.22
N ILE LB 47 -96.14 -29.96 -5.44
CA ILE LB 47 -96.59 -28.62 -5.76
C ILE LB 47 -97.77 -28.73 -6.71
N ASN LB 48 -97.90 -29.90 -7.34
CA ASN LB 48 -98.94 -30.25 -8.31
C ASN LB 48 -100.32 -30.23 -7.65
N VAL LB 49 -100.37 -30.32 -6.32
CA VAL LB 49 -101.61 -30.42 -5.56
C VAL LB 49 -102.41 -29.13 -5.69
N PHE LB 50 -101.67 -28.02 -5.77
CA PHE LB 50 -102.31 -26.72 -5.84
C PHE LB 50 -101.95 -25.95 -7.11
N TYR LB 51 -100.68 -26.03 -7.54
CA TYR LB 51 -100.17 -25.10 -8.55
C TYR LB 51 -100.00 -25.73 -9.93
N ASN LB 52 -99.64 -24.86 -10.91
CA ASN LB 52 -99.63 -25.23 -12.31
C ASN LB 52 -98.59 -24.43 -13.08
N GLU LB 53 -97.67 -25.07 -13.79
CA GLU LB 53 -96.60 -24.32 -14.44
C GLU LB 53 -97.13 -23.58 -15.67
N ALA LB 54 -96.46 -22.48 -15.98
CA ALA LB 54 -96.82 -21.60 -17.07
C ALA LB 54 -95.68 -21.52 -18.10
N THR LB 55 -94.57 -22.23 -17.84
CA THR LB 55 -93.35 -22.15 -18.65
C THR LB 55 -92.87 -20.72 -18.91
N GLY LB 56 -92.99 -19.85 -17.91
CA GLY LB 56 -92.23 -18.61 -17.78
C GLY LB 56 -91.54 -18.55 -16.42
N GLY LB 57 -91.33 -19.75 -15.88
CA GLY LB 57 -90.89 -19.99 -14.52
C GLY LB 57 -92.05 -20.14 -13.52
N ARG LB 58 -93.23 -19.62 -13.85
CA ARG LB 58 -94.17 -19.14 -12.88
C ARG LB 58 -95.33 -20.12 -12.73
N PHE LB 59 -96.08 -19.95 -11.65
CA PHE LB 59 -97.15 -20.89 -11.28
C PHE LB 59 -98.48 -20.16 -11.27
N VAL LB 60 -99.52 -20.88 -11.67
CA VAL LB 60 -100.89 -20.43 -11.51
C VAL LB 60 -101.58 -21.37 -10.53
N PRO LB 61 -102.39 -20.84 -9.59
CA PRO LB 61 -103.20 -21.71 -8.74
C PRO LB 61 -104.31 -22.42 -9.52
N ARG LB 62 -104.76 -23.54 -8.97
CA ARG LB 62 -105.85 -24.31 -9.54
C ARG LB 62 -107.21 -23.75 -9.08
N ALA LB 63 -107.37 -22.43 -9.19
CA ALA LB 63 -108.46 -21.73 -8.53
C ALA LB 63 -109.48 -21.27 -9.56
N ILE LB 64 -110.76 -21.34 -9.15
CA ILE LB 64 -111.85 -20.84 -9.97
C ILE LB 64 -112.58 -19.78 -9.15
N LEU LB 65 -112.28 -18.50 -9.45
CA LEU LB 65 -113.00 -17.37 -8.88
C LEU LB 65 -114.42 -17.39 -9.43
N MET LB 66 -115.37 -16.96 -8.62
CA MET LB 66 -116.76 -17.06 -9.05
C MET LB 66 -117.61 -16.11 -8.23
N ASP LB 67 -118.27 -15.20 -8.96
CA ASP LB 67 -119.16 -14.24 -8.35
C ASP LB 67 -120.08 -13.67 -9.43
N LEU LB 68 -121.25 -13.18 -8.98
CA LEU LB 68 -122.26 -12.64 -9.87
C LEU LB 68 -122.17 -11.11 -10.05
N GLU LB 69 -121.23 -10.42 -9.41
CA GLU LB 69 -121.08 -8.98 -9.59
C GLU LB 69 -119.61 -8.64 -9.78
N PRO LB 70 -119.26 -7.63 -10.61
CA PRO LB 70 -117.86 -7.45 -11.00
C PRO LB 70 -116.98 -6.77 -9.95
N GLY LB 71 -117.57 -6.25 -8.87
CA GLY LB 71 -116.86 -5.39 -7.95
C GLY LB 71 -115.87 -6.15 -7.07
N THR LB 72 -116.30 -7.31 -6.54
CA THR LB 72 -115.60 -7.94 -5.41
C THR LB 72 -114.30 -8.59 -5.85
N MET LB 73 -114.24 -8.96 -7.12
CA MET LB 73 -113.03 -9.58 -7.67
C MET LB 73 -112.16 -8.55 -8.42
N ASP LB 74 -112.61 -7.30 -8.49
CA ASP LB 74 -111.72 -6.21 -8.87
C ASP LB 74 -110.77 -5.92 -7.72
N SER LB 75 -111.29 -6.04 -6.49
CA SER LB 75 -110.47 -5.75 -5.30
C SER LB 75 -109.38 -6.78 -5.08
N VAL LB 76 -109.71 -8.05 -5.37
CA VAL LB 76 -108.74 -9.11 -5.17
C VAL LB 76 -107.65 -9.08 -6.27
N ARG LB 77 -107.96 -8.47 -7.43
CA ARG LB 77 -106.99 -8.39 -8.51
C ARG LB 77 -106.00 -7.24 -8.24
N ALA LB 78 -106.53 -6.13 -7.69
CA ALA LB 78 -105.72 -4.94 -7.45
C ALA LB 78 -104.76 -5.12 -6.27
N GLY LB 79 -105.03 -6.13 -5.42
CA GLY LB 79 -104.21 -6.33 -4.23
C GLY LB 79 -102.88 -7.03 -4.53
N PRO LB 80 -101.95 -7.22 -3.56
CA PRO LB 80 -100.80 -8.09 -3.78
C PRO LB 80 -101.26 -9.55 -3.74
N PHE LB 81 -100.47 -10.40 -4.37
CA PHE LB 81 -100.78 -11.78 -4.70
C PHE LB 81 -102.09 -11.83 -5.50
N GLY LB 82 -102.31 -10.83 -6.35
CA GLY LB 82 -103.53 -10.75 -7.13
C GLY LB 82 -103.20 -10.93 -8.62
N GLN LB 83 -101.90 -10.85 -8.89
CA GLN LB 83 -101.35 -11.05 -10.21
C GLN LB 83 -101.12 -12.55 -10.40
N LEU LB 84 -101.25 -13.30 -9.31
CA LEU LB 84 -100.99 -14.73 -9.26
C LEU LB 84 -102.08 -15.48 -10.03
N PHE LB 85 -103.30 -14.98 -9.98
CA PHE LB 85 -104.40 -15.69 -10.57
C PHE LB 85 -104.44 -15.42 -12.05
N ARG LB 86 -104.78 -16.48 -12.78
CA ARG LB 86 -104.97 -16.36 -14.20
C ARG LB 86 -106.28 -15.61 -14.39
N PRO LB 87 -106.27 -14.55 -15.22
CA PRO LB 87 -107.47 -13.74 -15.36
C PRO LB 87 -108.63 -14.41 -16.10
N ASP LB 88 -108.39 -15.52 -16.79
CA ASP LB 88 -109.50 -16.28 -17.36
C ASP LB 88 -110.24 -17.16 -16.35
N ASN LB 89 -109.62 -17.39 -15.19
CA ASN LB 89 -110.25 -18.20 -14.15
C ASN LB 89 -111.32 -17.43 -13.39
N PHE LB 90 -111.29 -16.11 -13.48
CA PHE LB 90 -112.39 -15.28 -13.03
C PHE LB 90 -113.59 -15.56 -13.94
N VAL LB 91 -114.76 -15.56 -13.32
CA VAL LB 91 -115.99 -15.49 -14.11
C VAL LB 91 -116.84 -14.36 -13.54
N PHE LB 92 -117.20 -13.44 -14.46
CA PHE LB 92 -117.92 -12.23 -14.10
C PHE LB 92 -119.42 -12.41 -14.21
N GLY LB 93 -120.12 -11.62 -13.41
CA GLY LB 93 -121.53 -11.39 -13.60
C GLY LB 93 -121.83 -9.91 -13.57
N GLN LB 94 -122.93 -9.59 -14.24
CA GLN LB 94 -123.31 -8.19 -14.40
C GLN LB 94 -124.56 -7.94 -13.52
N THR LB 95 -125.41 -8.96 -13.36
CA THR LB 95 -126.70 -8.77 -12.69
C THR LB 95 -126.58 -8.83 -11.17
N GLY LB 96 -126.16 -9.97 -10.63
CA GLY LB 96 -125.94 -10.16 -9.20
C GLY LB 96 -127.19 -10.58 -8.40
N ALA LB 97 -127.02 -11.55 -7.49
CA ALA LB 97 -128.11 -12.04 -6.66
C ALA LB 97 -128.13 -11.27 -5.34
N GLY LB 98 -129.17 -10.48 -5.15
CA GLY LB 98 -129.26 -9.59 -4.00
C GLY LB 98 -129.68 -10.31 -2.73
N ASN LB 99 -128.81 -11.18 -2.21
CA ASN LB 99 -129.09 -12.03 -1.05
C ASN LB 99 -130.39 -12.84 -1.22
N ASN LB 100 -130.68 -13.22 -2.47
CA ASN LB 100 -131.89 -13.94 -2.81
C ASN LB 100 -131.43 -15.29 -3.33
N TRP LB 101 -131.60 -16.32 -2.49
CA TRP LB 101 -131.15 -17.66 -2.81
C TRP LB 101 -131.81 -18.21 -4.07
N ALA LB 102 -133.06 -17.82 -4.33
CA ALA LB 102 -133.79 -18.33 -5.48
C ALA LB 102 -133.13 -17.86 -6.78
N LYS LB 103 -133.00 -16.53 -6.90
CA LYS LB 103 -132.48 -15.99 -8.15
C LYS LB 103 -130.97 -16.18 -8.26
N GLY LB 104 -130.32 -16.54 -7.14
CA GLY LB 104 -128.96 -17.05 -7.20
C GLY LB 104 -128.95 -18.45 -7.81
N HIS LB 105 -129.90 -19.28 -7.37
CA HIS LB 105 -129.91 -20.68 -7.78
C HIS LB 105 -130.55 -20.84 -9.18
N TYR LB 106 -131.74 -20.26 -9.38
CA TYR LB 106 -132.57 -20.65 -10.51
C TYR LB 106 -132.40 -19.76 -11.73
N THR LB 107 -132.41 -18.44 -11.51
CA THR LB 107 -132.51 -17.54 -12.65
C THR LB 107 -131.15 -17.04 -13.10
N GLU LB 108 -130.44 -16.26 -12.26
CA GLU LB 108 -129.17 -15.69 -12.68
C GLU LB 108 -127.98 -16.59 -12.37
N GLY LB 109 -128.24 -17.80 -11.86
CA GLY LB 109 -127.18 -18.80 -11.73
C GLY LB 109 -127.11 -19.67 -12.99
N ALA LB 110 -128.27 -19.84 -13.65
CA ALA LB 110 -128.41 -20.79 -14.74
C ALA LB 110 -127.74 -20.32 -16.05
N GLU LB 111 -127.43 -19.03 -16.19
CA GLU LB 111 -126.76 -18.59 -17.42
C GLU LB 111 -125.26 -18.43 -17.21
N LEU LB 112 -124.82 -18.30 -15.96
CA LEU LB 112 -123.40 -18.17 -15.67
C LEU LB 112 -122.81 -19.56 -15.42
N ILE LB 113 -123.66 -20.55 -15.12
CA ILE LB 113 -123.19 -21.89 -14.76
C ILE LB 113 -122.52 -22.56 -15.95
N ASP LB 114 -123.03 -22.31 -17.15
CA ASP LB 114 -122.49 -22.90 -18.35
C ASP LB 114 -121.08 -22.36 -18.65
N SER LB 115 -120.74 -21.21 -18.07
CA SER LB 115 -119.44 -20.58 -18.29
C SER LB 115 -118.43 -21.03 -17.25
N VAL LB 116 -118.84 -20.98 -15.99
CA VAL LB 116 -117.95 -21.32 -14.88
C VAL LB 116 -117.65 -22.82 -14.91
N LEU LB 117 -118.63 -23.63 -15.31
CA LEU LB 117 -118.48 -25.07 -15.35
C LEU LB 117 -117.60 -25.49 -16.52
N ASP LB 118 -117.53 -24.66 -17.56
CA ASP LB 118 -116.61 -24.88 -18.65
C ASP LB 118 -115.17 -24.68 -18.20
N VAL LB 119 -114.95 -23.70 -17.32
CA VAL LB 119 -113.63 -23.42 -16.78
C VAL LB 119 -113.20 -24.59 -15.88
N VAL LB 120 -114.17 -25.16 -15.16
CA VAL LB 120 -113.89 -26.27 -14.26
C VAL LB 120 -113.55 -27.53 -15.06
N ARG LB 121 -114.29 -27.76 -16.16
CA ARG LB 121 -114.10 -28.91 -17.03
C ARG LB 121 -112.68 -28.88 -17.62
N LYS LB 122 -112.26 -27.66 -18.07
CA LYS LB 122 -110.95 -27.46 -18.70
C LYS LB 122 -109.83 -27.67 -17.69
N GLU LB 123 -110.04 -27.23 -16.45
CA GLU LB 123 -108.93 -27.16 -15.52
C GLU LB 123 -108.80 -28.46 -14.71
N ALA LB 124 -109.93 -29.05 -14.29
CA ALA LB 124 -109.90 -30.23 -13.44
C ALA LB 124 -109.40 -31.47 -14.18
N GLU LB 125 -109.93 -31.64 -15.40
CA GLU LB 125 -109.61 -32.80 -16.22
C GLU LB 125 -108.17 -32.71 -16.74
N GLY LB 126 -107.70 -31.47 -16.87
CA GLY LB 126 -106.40 -31.08 -17.42
C GLY LB 126 -105.16 -31.72 -16.77
N CYS LB 127 -105.28 -32.27 -15.56
CA CYS LB 127 -104.16 -32.98 -14.95
C CYS LB 127 -104.16 -34.44 -15.36
N ASP LB 128 -103.20 -35.17 -14.82
CA ASP LB 128 -103.19 -36.61 -14.91
C ASP LB 128 -104.41 -37.21 -14.20
N CYS LB 129 -104.58 -36.88 -12.90
CA CYS LB 129 -105.55 -37.54 -12.06
C CYS LB 129 -106.00 -36.58 -10.96
N LEU LB 130 -107.32 -36.35 -10.86
CA LEU LB 130 -107.87 -35.40 -9.90
C LEU LB 130 -108.16 -36.09 -8.56
N GLN LB 131 -107.90 -35.36 -7.47
CA GLN LB 131 -108.18 -35.86 -6.13
C GLN LB 131 -109.56 -35.42 -5.63
N GLY LB 132 -110.00 -34.22 -6.00
CA GLY LB 132 -111.31 -33.73 -5.57
C GLY LB 132 -111.43 -32.23 -5.75
N PHE LB 133 -112.34 -31.61 -4.98
CA PHE LB 133 -112.59 -30.19 -5.05
C PHE LB 133 -112.73 -29.66 -3.63
N GLN LB 134 -112.62 -28.33 -3.51
CA GLN LB 134 -113.01 -27.66 -2.28
C GLN LB 134 -113.70 -26.36 -2.62
N ILE LB 135 -114.78 -26.04 -1.90
CA ILE LB 135 -115.59 -24.86 -2.16
C ILE LB 135 -115.58 -24.01 -0.88
N THR LB 136 -115.45 -22.68 -1.05
CA THR LB 136 -115.54 -21.75 0.07
C THR LB 136 -116.63 -20.73 -0.23
N HIS LB 137 -117.57 -20.60 0.72
CA HIS LB 137 -118.75 -19.79 0.50
C HIS LB 137 -119.44 -19.49 1.82
N SER LB 138 -120.37 -18.54 1.79
CA SER LB 138 -121.27 -18.21 2.90
C SER LB 138 -122.66 -18.76 2.58
N LEU LB 139 -123.33 -19.27 3.62
CA LEU LB 139 -124.70 -19.75 3.44
C LEU LB 139 -125.72 -18.71 3.89
N GLY LB 140 -125.25 -17.46 4.10
CA GLY LB 140 -126.11 -16.33 4.42
C GLY LB 140 -126.35 -15.41 3.23
N GLY LB 141 -125.42 -15.51 2.25
CA GLY LB 141 -125.31 -14.65 1.08
C GLY LB 141 -126.21 -15.12 -0.07
N GLY LB 142 -126.05 -14.50 -1.23
CA GLY LB 142 -126.91 -14.88 -2.34
C GLY LB 142 -126.22 -15.72 -3.38
N THR LB 143 -125.05 -15.27 -3.81
CA THR LB 143 -124.28 -15.96 -4.83
C THR LB 143 -123.29 -16.96 -4.21
N GLY LB 144 -123.04 -16.86 -2.91
CA GLY LB 144 -122.27 -17.87 -2.19
C GLY LB 144 -123.13 -19.08 -1.85
N SER LB 145 -124.42 -18.84 -1.67
CA SER LB 145 -125.35 -19.82 -1.13
C SER LB 145 -126.30 -20.36 -2.20
N GLY LB 146 -126.66 -19.54 -3.17
CA GLY LB 146 -127.63 -19.94 -4.18
C GLY LB 146 -126.96 -20.56 -5.41
N MET LB 147 -125.95 -19.84 -5.94
CA MET LB 147 -125.26 -20.24 -7.15
C MET LB 147 -124.03 -21.10 -6.84
N GLY LB 148 -123.43 -20.90 -5.65
CA GLY LB 148 -122.34 -21.73 -5.17
C GLY LB 148 -122.79 -23.19 -5.01
N THR LB 149 -123.98 -23.35 -4.45
CA THR LB 149 -124.49 -24.68 -4.19
C THR LB 149 -124.95 -25.39 -5.46
N LEU LB 150 -125.40 -24.62 -6.46
CA LEU LB 150 -125.83 -25.21 -7.72
C LEU LB 150 -124.62 -25.75 -8.49
N LEU LB 151 -123.46 -25.09 -8.30
CA LEU LB 151 -122.23 -25.63 -8.84
C LEU LB 151 -121.94 -26.99 -8.23
N ILE LB 152 -122.13 -27.10 -6.90
CA ILE LB 152 -121.82 -28.32 -6.19
C ILE LB 152 -122.74 -29.45 -6.67
N SER LB 153 -124.02 -29.12 -6.94
CA SER LB 153 -125.01 -30.10 -7.39
C SER LB 153 -124.60 -30.69 -8.74
N LYS LB 154 -124.08 -29.86 -9.65
CA LYS LB 154 -123.78 -30.31 -11.00
C LYS LB 154 -122.43 -31.00 -11.08
N VAL LB 155 -121.46 -30.53 -10.28
CA VAL LB 155 -120.13 -31.11 -10.33
C VAL LB 155 -120.15 -32.48 -9.66
N ARG LB 156 -121.11 -32.67 -8.74
CA ARG LB 156 -121.19 -33.93 -8.03
C ARG LB 156 -121.75 -35.01 -8.95
N GLU LB 157 -122.69 -34.64 -9.84
CA GLU LB 157 -123.28 -35.60 -10.75
C GLU LB 157 -122.29 -36.06 -11.82
N GLU LB 158 -121.45 -35.13 -12.28
CA GLU LB 158 -120.49 -35.42 -13.32
C GLU LB 158 -119.31 -36.23 -12.75
N TYR LB 159 -118.91 -35.92 -11.50
CA TYR LB 159 -117.78 -36.57 -10.86
C TYR LB 159 -118.23 -37.17 -9.56
N PRO LB 160 -118.77 -38.41 -9.64
CA PRO LB 160 -119.41 -39.01 -8.49
C PRO LB 160 -118.46 -39.44 -7.35
N ASP LB 161 -117.28 -39.93 -7.72
CA ASP LB 161 -116.39 -40.56 -6.75
C ASP LB 161 -115.36 -39.58 -6.19
N ARG LB 162 -115.26 -38.37 -6.74
CA ARG LB 162 -114.31 -37.40 -6.26
C ARG LB 162 -114.79 -36.82 -4.94
N ILE LB 163 -113.83 -36.52 -4.05
CA ILE LB 163 -114.16 -35.88 -2.78
C ILE LB 163 -114.63 -34.46 -3.05
N MET LB 164 -115.36 -33.92 -2.08
CA MET LB 164 -116.04 -32.66 -2.27
C MET LB 164 -116.29 -32.07 -0.88
N GLU LB 165 -115.34 -31.27 -0.40
CA GLU LB 165 -115.48 -30.72 0.94
C GLU LB 165 -115.70 -29.23 0.82
N THR LB 166 -116.23 -28.63 1.88
CA THR LB 166 -116.58 -27.22 1.83
C THR LB 166 -116.20 -26.55 3.14
N PHE LB 167 -115.99 -25.24 3.03
CA PHE LB 167 -115.77 -24.40 4.18
C PHE LB 167 -116.86 -23.34 4.22
N SER LB 168 -118.00 -23.74 4.76
CA SER LB 168 -119.19 -22.91 4.73
C SER LB 168 -119.29 -22.13 6.04
N VAL LB 169 -119.50 -20.82 5.89
CA VAL LB 169 -119.73 -19.95 7.04
C VAL LB 169 -121.22 -19.71 7.20
N PHE LB 170 -121.79 -20.22 8.29
CA PHE LB 170 -123.23 -20.19 8.51
C PHE LB 170 -123.70 -18.82 8.98
N PRO LB 171 -125.03 -18.60 9.04
CA PRO LB 171 -125.64 -17.60 9.91
C PRO LB 171 -125.07 -17.59 11.32
N SER LB 172 -124.94 -16.35 11.79
CA SER LB 172 -124.58 -16.02 13.15
C SER LB 172 -125.75 -16.37 14.08
N PRO LB 173 -125.50 -16.72 15.34
CA PRO LB 173 -126.59 -16.76 16.33
C PRO LB 173 -127.20 -15.40 16.68
N LYS LB 174 -126.37 -14.45 17.10
CA LYS LB 174 -126.87 -13.29 17.83
C LYS LB 174 -127.42 -12.24 16.89
N VAL LB 175 -126.54 -11.59 16.11
CA VAL LB 175 -126.99 -10.49 15.24
C VAL LB 175 -127.09 -11.00 13.81
N SER LB 176 -128.16 -10.56 13.12
CA SER LB 176 -128.53 -11.12 11.84
C SER LB 176 -128.69 -10.05 10.78
N ASP LB 177 -127.57 -9.50 10.28
CA ASP LB 177 -127.59 -8.73 9.05
C ASP LB 177 -127.80 -9.67 7.86
N THR LB 178 -128.31 -9.04 6.79
CA THR LB 178 -128.94 -9.67 5.62
C THR LB 178 -130.16 -10.46 6.08
N VAL LB 179 -131.23 -9.77 6.48
CA VAL LB 179 -132.33 -10.30 7.29
C VAL LB 179 -132.94 -11.59 6.75
N VAL LB 180 -132.82 -11.80 5.44
CA VAL LB 180 -133.20 -13.08 4.89
C VAL LB 180 -132.05 -14.08 5.04
N GLU LB 181 -131.76 -14.45 6.30
CA GLU LB 181 -130.67 -15.36 6.61
C GLU LB 181 -131.16 -16.79 6.68
N PRO LB 182 -132.22 -17.13 7.46
CA PRO LB 182 -132.60 -18.52 7.62
C PRO LB 182 -133.22 -19.08 6.34
N TYR LB 183 -133.81 -18.24 5.47
CA TYR LB 183 -134.23 -18.75 4.17
C TYR LB 183 -133.04 -19.20 3.31
N ASN LB 184 -131.96 -18.43 3.33
CA ASN LB 184 -130.75 -18.80 2.60
C ASN LB 184 -130.08 -20.01 3.24
N ALA LB 185 -130.04 -20.06 4.57
CA ALA LB 185 -129.30 -21.10 5.29
C ALA LB 185 -130.02 -22.45 5.17
N THR LB 186 -131.34 -22.44 5.40
CA THR LB 186 -132.09 -23.68 5.43
C THR LB 186 -132.16 -24.32 4.03
N LEU LB 187 -132.45 -23.50 3.02
CA LEU LB 187 -132.55 -24.00 1.64
C LEU LB 187 -131.18 -24.48 1.14
N SER LB 188 -130.09 -23.97 1.73
CA SER LB 188 -128.77 -24.39 1.32
C SER LB 188 -128.40 -25.73 1.94
N VAL LB 189 -128.79 -25.94 3.21
CA VAL LB 189 -128.39 -27.11 3.96
C VAL LB 189 -128.96 -28.39 3.33
N HIS LB 190 -130.23 -28.39 2.91
CA HIS LB 190 -130.82 -29.61 2.37
C HIS LB 190 -130.23 -29.95 0.99
N GLN LB 191 -129.73 -28.95 0.28
CA GLN LB 191 -129.01 -29.19 -0.95
C GLN LB 191 -127.57 -29.59 -0.64
N LEU LB 192 -127.05 -29.18 0.52
CA LEU LB 192 -125.67 -29.42 0.95
C LEU LB 192 -125.59 -30.63 1.90
N VAL LB 193 -126.74 -31.23 2.24
CA VAL LB 193 -126.71 -32.48 3.00
C VAL LB 193 -126.77 -33.68 2.04
N GLU LB 194 -127.30 -33.47 0.83
CA GLU LB 194 -127.42 -34.54 -0.15
C GLU LB 194 -126.22 -34.56 -1.10
N ASN LB 195 -125.79 -33.39 -1.57
CA ASN LB 195 -124.84 -33.30 -2.67
C ASN LB 195 -123.43 -32.90 -2.21
N ALA LB 196 -123.18 -32.93 -0.89
CA ALA LB 196 -121.87 -32.60 -0.36
C ALA LB 196 -121.38 -33.72 0.54
N ASP LB 197 -120.06 -33.71 0.78
CA ASP LB 197 -119.39 -34.86 1.37
C ASP LB 197 -118.84 -34.52 2.75
N GLU LB 198 -118.12 -33.41 2.87
CA GLU LB 198 -117.67 -32.96 4.18
C GLU LB 198 -117.97 -31.49 4.29
N VAL LB 199 -118.52 -31.10 5.46
CA VAL LB 199 -118.86 -29.71 5.69
C VAL LB 199 -118.23 -29.28 6.99
N GLN LB 200 -117.56 -28.12 6.95
CA GLN LB 200 -116.95 -27.57 8.14
C GLN LB 200 -117.55 -26.21 8.42
N VAL LB 201 -118.24 -26.13 9.54
CA VAL LB 201 -119.06 -24.98 9.84
C VAL LB 201 -118.20 -23.98 10.61
N ILE LB 202 -118.36 -22.70 10.24
CA ILE LB 202 -117.74 -21.59 10.93
C ILE LB 202 -118.84 -20.55 11.19
N ASP LB 203 -118.87 -20.02 12.43
CA ASP LB 203 -119.70 -18.89 12.79
C ASP LB 203 -118.83 -17.64 12.91
N ASN LB 204 -119.41 -16.50 12.51
CA ASN LB 204 -118.70 -15.23 12.60
C ASN LB 204 -118.55 -14.83 14.05
N GLU LB 205 -119.58 -15.16 14.83
CA GLU LB 205 -119.61 -14.75 16.23
C GLU LB 205 -118.63 -15.58 17.06
N ALA LB 206 -118.35 -16.81 16.60
CA ALA LB 206 -117.33 -17.64 17.22
C ALA LB 206 -115.95 -17.03 16.96
N LEU LB 207 -115.77 -16.47 15.76
CA LEU LB 207 -114.49 -15.89 15.36
C LEU LB 207 -114.26 -14.59 16.13
N TYR LB 208 -115.34 -13.82 16.29
CA TYR LB 208 -115.25 -12.57 17.02
C TYR LB 208 -115.03 -12.81 18.51
N ASP LB 209 -115.51 -13.94 19.04
CA ASP LB 209 -115.28 -14.28 20.45
C ASP LB 209 -113.82 -14.65 20.67
N ILE LB 210 -113.22 -15.36 19.71
CA ILE LB 210 -111.83 -15.74 19.81
C ILE LB 210 -110.97 -14.46 19.85
N CYS LB 211 -111.26 -13.49 18.95
CA CYS LB 211 -110.48 -12.26 18.79
C CYS LB 211 -110.47 -11.40 20.06
N PHE LB 212 -111.69 -11.27 20.62
CA PHE LB 212 -111.93 -10.28 21.65
C PHE LB 212 -111.61 -10.84 23.02
N ARG LB 213 -111.66 -12.17 23.17
CA ARG LB 213 -111.48 -12.80 24.46
C ARG LB 213 -110.10 -13.45 24.60
N THR LB 214 -109.41 -13.80 23.50
CA THR LB 214 -108.16 -14.55 23.60
C THR LB 214 -107.03 -13.82 22.88
N LEU LB 215 -107.26 -13.51 21.59
CA LEU LB 215 -106.21 -12.88 20.79
C LEU LB 215 -106.01 -11.42 21.17
N LYS LB 216 -107.07 -10.82 21.73
CA LYS LB 216 -107.08 -9.49 22.33
C LYS LB 216 -106.65 -8.47 21.27
N LEU LB 217 -107.26 -8.57 20.08
CA LEU LB 217 -107.04 -7.57 19.06
C LEU LB 217 -108.05 -6.44 19.25
N THR LB 218 -107.55 -5.20 19.16
CA THR LB 218 -108.35 -4.00 19.31
C THR LB 218 -109.37 -3.90 18.16
N THR LB 219 -108.83 -3.95 16.94
CA THR LB 219 -109.59 -3.76 15.71
C THR LB 219 -109.31 -4.94 14.81
N PRO LB 220 -109.98 -6.10 15.02
CA PRO LB 220 -109.78 -7.25 14.15
C PRO LB 220 -110.51 -7.05 12.83
N THR LB 221 -109.72 -6.82 11.78
CA THR LB 221 -110.26 -6.64 10.45
C THR LB 221 -110.36 -8.00 9.77
N TYR LB 222 -111.04 -8.03 8.61
CA TYR LB 222 -111.20 -9.20 7.77
C TYR LB 222 -109.85 -9.78 7.33
N GLY LB 223 -108.81 -8.96 7.32
CA GLY LB 223 -107.48 -9.52 7.09
C GLY LB 223 -107.06 -10.50 8.19
N ASP LB 224 -107.37 -10.18 9.44
CA ASP LB 224 -106.90 -10.98 10.56
C ASP LB 224 -107.78 -12.21 10.74
N LEU LB 225 -109.11 -12.03 10.52
CA LEU LB 225 -110.05 -13.14 10.66
C LEU LB 225 -109.80 -14.17 9.56
N ASN LB 226 -109.56 -13.71 8.34
CA ASN LB 226 -109.35 -14.60 7.21
C ASN LB 226 -107.99 -15.28 7.32
N HIS LB 227 -107.04 -14.67 8.06
CA HIS LB 227 -105.73 -15.29 8.30
C HIS LB 227 -105.92 -16.59 9.08
N LEU LB 228 -106.86 -16.56 10.03
CA LEU LB 228 -107.08 -17.72 10.88
C LEU LB 228 -107.85 -18.82 10.17
N VAL LB 229 -108.80 -18.46 9.31
CA VAL LB 229 -109.58 -19.47 8.59
C VAL LB 229 -108.67 -20.19 7.59
N SER LB 230 -107.75 -19.41 7.01
CA SER LB 230 -106.80 -19.95 6.05
C SER LB 230 -105.87 -20.95 6.74
N ALA LB 231 -105.49 -20.69 7.99
CA ALA LB 231 -104.62 -21.58 8.77
C ALA LB 231 -105.33 -22.88 9.12
N ALA LB 232 -106.67 -22.86 9.16
CA ALA LB 232 -107.44 -24.08 9.34
C ALA LB 232 -107.47 -24.90 8.04
N MET LB 233 -107.55 -24.17 6.91
CA MET LB 233 -107.64 -24.81 5.60
C MET LB 233 -106.33 -25.55 5.30
N SER LB 234 -105.20 -24.91 5.65
CA SER LB 234 -103.88 -25.47 5.39
C SER LB 234 -103.62 -26.68 6.28
N GLY LB 235 -104.24 -26.71 7.47
CA GLY LB 235 -104.03 -27.78 8.44
C GLY LB 235 -104.60 -29.10 7.96
N VAL LB 236 -105.78 -29.03 7.34
CA VAL LB 236 -106.51 -30.22 6.95
C VAL LB 236 -105.93 -30.85 5.67
N THR LB 237 -104.93 -30.20 5.07
CA THR LB 237 -104.36 -30.67 3.82
C THR LB 237 -102.83 -30.68 3.86
N CYS LB 238 -102.27 -30.86 5.07
CA CYS LB 238 -100.82 -30.90 5.22
C CYS LB 238 -100.26 -32.16 4.57
N CYS LB 239 -100.96 -33.27 4.82
CA CYS LB 239 -100.57 -34.58 4.34
C CYS LB 239 -100.45 -34.60 2.82
N LEU LB 240 -101.36 -33.92 2.12
CA LEU LB 240 -101.37 -33.87 0.66
C LEU LB 240 -100.10 -33.23 0.12
N ARG LB 241 -99.41 -32.44 0.96
CA ARG LB 241 -98.37 -31.56 0.43
C ARG LB 241 -97.00 -31.83 1.03
N PHE LB 242 -96.96 -32.39 2.24
CA PHE LB 242 -95.70 -32.69 2.90
C PHE LB 242 -95.77 -34.12 3.43
N PRO LB 243 -94.63 -34.83 3.63
CA PRO LB 243 -94.66 -36.14 4.29
C PRO LB 243 -94.87 -36.04 5.80
N GLY LB 244 -95.01 -37.21 6.43
CA GLY LB 244 -95.27 -37.28 7.86
C GLY LB 244 -95.05 -38.69 8.42
N GLN LB 245 -95.20 -38.81 9.73
CA GLN LB 245 -95.08 -40.10 10.39
C GLN LB 245 -96.37 -40.92 10.28
N LEU LB 246 -97.53 -40.23 10.21
CA LEU LB 246 -98.78 -40.91 9.91
C LEU LB 246 -99.62 -40.03 8.99
N ASN LB 247 -99.62 -40.44 7.71
CA ASN LB 247 -100.28 -39.73 6.62
C ASN LB 247 -101.79 -39.80 6.74
N SER LB 248 -102.45 -38.73 6.24
CA SER LB 248 -103.89 -38.60 6.33
C SER LB 248 -104.43 -37.65 5.27
N ASP LB 249 -104.97 -38.23 4.20
CA ASP LB 249 -105.59 -37.45 3.15
C ASP LB 249 -106.97 -37.00 3.61
N LEU LB 250 -107.73 -36.43 2.68
CA LEU LB 250 -109.06 -35.91 3.00
C LEU LB 250 -110.07 -37.06 3.12
N ARG LB 251 -109.96 -38.09 2.26
CA ARG LB 251 -110.92 -39.19 2.31
C ARG LB 251 -110.73 -40.01 3.58
N LYS LB 252 -109.48 -40.07 4.04
CA LYS LB 252 -109.10 -40.82 5.23
C LYS LB 252 -109.81 -40.21 6.46
N LEU LB 253 -109.96 -38.88 6.45
CA LEU LB 253 -110.63 -38.18 7.53
C LEU LB 253 -112.12 -38.50 7.57
N ALA LB 254 -112.72 -38.54 6.37
CA ALA LB 254 -114.17 -38.68 6.26
C ALA LB 254 -114.61 -40.06 6.72
N VAL LB 255 -113.88 -41.10 6.37
CA VAL LB 255 -114.40 -42.42 6.64
C VAL LB 255 -114.37 -42.69 8.14
N ASN LB 256 -113.61 -41.86 8.89
CA ASN LB 256 -113.55 -42.01 10.33
C ASN LB 256 -114.61 -41.16 11.01
N LEU LB 257 -114.73 -39.92 10.54
CA LEU LB 257 -115.54 -38.93 11.22
C LEU LB 257 -117.02 -39.07 10.86
N ILE LB 258 -117.35 -39.83 9.80
CA ILE LB 258 -118.72 -39.99 9.36
C ILE LB 258 -119.14 -41.43 9.60
N PRO LB 259 -119.90 -41.68 10.69
CA PRO LB 259 -120.41 -43.02 10.96
C PRO LB 259 -121.63 -43.38 10.12
N PHE LB 260 -122.47 -42.40 9.81
CA PHE LB 260 -123.66 -42.60 9.00
C PHE LB 260 -123.74 -41.49 7.95
N PRO LB 261 -124.22 -41.75 6.71
CA PRO LB 261 -123.96 -40.83 5.59
C PRO LB 261 -124.67 -39.48 5.65
N ARG LB 262 -125.70 -39.35 6.49
CA ARG LB 262 -126.43 -38.10 6.61
C ARG LB 262 -125.63 -37.03 7.36
N LEU LB 263 -124.90 -37.47 8.39
CA LEU LB 263 -124.32 -36.54 9.35
C LEU LB 263 -122.83 -36.34 9.06
N HIS LB 264 -122.50 -35.18 8.45
CA HIS LB 264 -121.12 -34.86 8.09
C HIS LB 264 -120.81 -33.38 8.31
N PHE LB 265 -121.48 -32.79 9.33
CA PHE LB 265 -121.22 -31.41 9.68
C PHE LB 265 -120.24 -31.36 10.85
N PHE LB 266 -119.10 -30.70 10.59
CA PHE LB 266 -117.92 -30.84 11.44
C PHE LB 266 -117.64 -29.53 12.13
N LEU LB 267 -116.85 -29.62 13.21
CA LEU LB 267 -116.40 -28.42 13.88
C LEU LB 267 -114.89 -28.31 13.74
N ILE LB 268 -114.43 -27.06 13.77
CA ILE LB 268 -113.02 -26.76 13.56
C ILE LB 268 -112.47 -25.93 14.70
N GLY LB 269 -111.30 -26.34 15.22
CA GLY LB 269 -110.50 -25.47 16.08
C GLY LB 269 -109.07 -25.43 15.55
N PHE LB 270 -108.26 -24.53 16.13
CA PHE LB 270 -106.87 -24.41 15.77
C PHE LB 270 -106.08 -24.00 17.00
N ALA LB 271 -104.97 -24.72 17.22
CA ALA LB 271 -104.07 -24.45 18.32
C ALA LB 271 -102.64 -24.57 17.81
N PRO LB 272 -101.68 -23.73 18.26
CA PRO LB 272 -101.87 -22.77 19.36
C PRO LB 272 -102.38 -21.39 18.95
N LEU LB 273 -102.98 -20.62 19.89
CA LEU LB 273 -103.47 -19.29 19.60
C LEU LB 273 -103.34 -18.40 20.83
N THR LB 274 -102.38 -17.46 20.82
CA THR LB 274 -102.18 -16.53 21.92
C THR LB 274 -101.86 -15.16 21.33
N SER LB 275 -102.00 -14.07 22.15
CA SER LB 275 -101.71 -12.74 21.64
C SER LB 275 -100.21 -12.55 21.40
N ARG LB 276 -99.85 -11.45 20.70
CA ARG LB 276 -98.45 -11.16 20.47
C ARG LB 276 -97.73 -10.80 21.78
N GLY LB 277 -98.50 -10.27 22.75
CA GLY LB 277 -97.95 -10.01 24.08
C GLY LB 277 -97.49 -11.26 24.83
N SER LB 278 -98.29 -12.33 24.76
CA SER LB 278 -98.06 -13.57 25.48
C SER LB 278 -97.49 -14.67 24.57
N GLN LB 279 -96.96 -14.27 23.40
CA GLN LB 279 -96.34 -15.21 22.48
C GLN LB 279 -95.07 -15.85 23.05
N GLN LB 280 -94.23 -15.04 23.71
CA GLN LB 280 -92.90 -15.51 24.10
C GLN LB 280 -92.98 -16.15 25.48
N TYR LB 281 -94.05 -15.86 26.23
CA TYR LB 281 -94.20 -16.36 27.59
C TYR LB 281 -94.80 -17.77 27.64
N ARG LB 282 -95.49 -18.20 26.57
CA ARG LB 282 -96.26 -19.45 26.60
C ARG LB 282 -95.41 -20.64 26.12
N ALA LB 283 -95.30 -21.66 26.99
CA ALA LB 283 -94.62 -22.91 26.72
C ALA LB 283 -95.40 -23.76 25.71
N LEU LB 284 -94.74 -24.10 24.59
CA LEU LB 284 -95.39 -24.83 23.52
C LEU LB 284 -95.02 -26.31 23.63
N SER LB 285 -96.04 -27.15 23.80
CA SER LB 285 -95.86 -28.59 23.87
C SER LB 285 -97.14 -29.29 23.45
N VAL LB 286 -97.05 -30.61 23.30
CA VAL LB 286 -98.18 -31.41 22.89
C VAL LB 286 -99.31 -31.36 23.92
N PRO LB 287 -99.08 -31.51 25.25
CA PRO LB 287 -100.17 -31.35 26.21
C PRO LB 287 -100.77 -29.94 26.23
N GLU LB 288 -99.95 -28.92 25.96
CA GLU LB 288 -100.47 -27.56 25.94
C GLU LB 288 -101.36 -27.33 24.72
N LEU LB 289 -101.01 -27.97 23.59
CA LEU LB 289 -101.84 -27.91 22.38
C LEU LB 289 -103.19 -28.58 22.64
N THR LB 290 -103.16 -29.76 23.24
CA THR LB 290 -104.33 -30.62 23.26
C THR LB 290 -105.36 -30.12 24.28
N GLN LB 291 -104.95 -29.21 25.18
CA GLN LB 291 -105.92 -28.65 26.11
C GLN LB 291 -106.38 -27.27 25.66
N GLN LB 292 -105.59 -26.60 24.81
CA GLN LB 292 -106.08 -25.44 24.10
C GLN LB 292 -107.13 -25.86 23.07
N MET LB 293 -106.93 -27.04 22.49
CA MET LB 293 -107.75 -27.52 21.38
C MET LB 293 -109.15 -27.91 21.87
N PHE LB 294 -109.20 -28.63 23.00
CA PHE LB 294 -110.46 -29.12 23.55
C PHE LB 294 -111.09 -28.04 24.43
N ASP LB 295 -111.59 -27.00 23.77
CA ASP LB 295 -112.13 -25.87 24.51
C ASP LB 295 -113.15 -25.18 23.61
N ALA LB 296 -114.35 -24.91 24.18
CA ALA LB 296 -115.40 -24.21 23.45
C ALA LB 296 -114.95 -22.79 23.10
N LYS LB 297 -114.04 -22.23 23.91
CA LYS LB 297 -113.49 -20.91 23.66
C LYS LB 297 -112.69 -20.91 22.36
N ASN LB 298 -112.00 -22.02 22.07
CA ASN LB 298 -111.11 -22.12 20.93
C ASN LB 298 -111.87 -22.48 19.66
N MET LB 299 -113.08 -23.04 19.83
CA MET LB 299 -113.78 -23.66 18.70
C MET LB 299 -114.31 -22.56 17.79
N MET LB 300 -114.43 -22.91 16.51
CA MET LB 300 -114.86 -21.93 15.53
C MET LB 300 -116.34 -22.04 15.23
N CYS LB 301 -117.12 -22.59 16.17
CA CYS LB 301 -118.56 -22.49 16.10
C CYS LB 301 -119.13 -22.08 17.46
N ALA LB 302 -120.28 -21.39 17.42
CA ALA LB 302 -120.95 -20.95 18.65
C ALA LB 302 -121.84 -22.04 19.28
N SER LB 303 -121.28 -23.24 19.44
CA SER LB 303 -122.02 -24.36 20.01
C SER LB 303 -121.11 -25.07 21.01
N ASP LB 304 -121.47 -24.95 22.29
CA ASP LB 304 -120.70 -25.53 23.37
C ASP LB 304 -120.76 -27.05 23.27
N PRO LB 305 -119.61 -27.75 23.05
CA PRO LB 305 -119.65 -29.21 22.92
C PRO LB 305 -119.96 -29.98 24.20
N ARG LB 306 -119.90 -29.31 25.35
CA ARG LB 306 -120.18 -29.97 26.62
C ARG LB 306 -121.68 -30.16 26.80
N HIS LB 307 -122.49 -29.54 25.91
CA HIS LB 307 -123.93 -29.77 25.88
C HIS LB 307 -124.31 -31.07 25.16
N GLY LB 308 -123.29 -31.68 24.54
CA GLY LB 308 -123.53 -32.87 23.74
C GLY LB 308 -122.42 -33.91 23.91
N ARG LB 309 -122.16 -34.65 22.82
CA ARG LB 309 -121.24 -35.77 22.85
C ARG LB 309 -120.44 -35.78 21.55
N TYR LB 310 -119.09 -35.82 21.69
CA TYR LB 310 -118.23 -36.03 20.53
C TYR LB 310 -118.41 -37.44 20.01
N LEU LB 311 -119.13 -37.57 18.87
CA LEU LB 311 -119.41 -38.87 18.29
C LEU LB 311 -118.13 -39.49 17.74
N THR LB 312 -117.30 -38.64 17.12
CA THR LB 312 -115.98 -38.98 16.62
C THR LB 312 -115.19 -37.68 16.49
N ALA LB 313 -113.89 -37.72 16.82
CA ALA LB 313 -113.06 -36.56 16.64
C ALA LB 313 -111.78 -36.97 15.90
N SER LB 314 -111.00 -35.95 15.54
CA SER LB 314 -109.68 -36.14 14.97
C SER LB 314 -108.82 -34.90 15.23
N ALA LB 315 -107.50 -35.12 15.27
CA ALA LB 315 -106.51 -34.05 15.36
C ALA LB 315 -105.46 -34.28 14.27
N MET LB 316 -105.22 -33.26 13.42
CA MET LB 316 -104.13 -33.31 12.46
C MET LB 316 -102.98 -32.46 12.99
N PHE LB 317 -101.96 -33.15 13.53
CA PHE LB 317 -100.82 -32.49 14.11
C PHE LB 317 -99.79 -32.12 13.06
N ARG LB 318 -99.09 -31.03 13.33
CA ARG LB 318 -97.99 -30.63 12.48
C ARG LB 318 -96.81 -30.25 13.36
N GLY LB 319 -95.63 -30.77 13.00
CA GLY LB 319 -94.42 -30.47 13.73
C GLY LB 319 -93.65 -31.74 14.11
N ARG LB 320 -92.43 -31.50 14.56
CA ARG LB 320 -91.49 -32.49 15.07
C ARG LB 320 -91.94 -32.91 16.46
N MET LB 321 -92.52 -34.11 16.59
CA MET LB 321 -93.07 -34.53 17.86
C MET LB 321 -93.05 -36.06 17.97
N SER LB 322 -93.18 -36.53 19.21
CA SER LB 322 -93.15 -37.93 19.55
C SER LB 322 -94.57 -38.51 19.44
N THR LB 323 -94.64 -39.73 18.91
CA THR LB 323 -95.92 -40.43 18.79
C THR LB 323 -96.54 -40.76 20.14
N LYS LB 324 -95.70 -41.09 21.13
CA LYS LB 324 -96.19 -41.53 22.42
C LYS LB 324 -96.86 -40.38 23.15
N GLU LB 325 -96.31 -39.17 23.04
CA GLU LB 325 -96.94 -38.01 23.65
C GLU LB 325 -98.28 -37.72 22.97
N VAL LB 326 -98.35 -37.95 21.65
CA VAL LB 326 -99.61 -37.84 20.95
C VAL LB 326 -100.57 -38.90 21.48
N ASP LB 327 -100.05 -40.12 21.64
CA ASP LB 327 -100.87 -41.25 22.04
C ASP LB 327 -101.39 -41.13 23.48
N GLU LB 328 -100.60 -40.52 24.37
CA GLU LB 328 -101.06 -40.38 25.76
C GLU LB 328 -102.15 -39.32 25.85
N GLN LB 329 -101.96 -38.19 25.16
CA GLN LB 329 -102.88 -37.07 25.31
C GLN LB 329 -104.27 -37.39 24.74
N MET LB 330 -104.29 -38.11 23.61
CA MET LB 330 -105.57 -38.54 23.04
C MET LB 330 -106.23 -39.61 23.91
N LEU LB 331 -105.45 -40.30 24.75
CA LEU LB 331 -106.03 -41.23 25.70
C LEU LB 331 -106.39 -40.54 27.01
N ASN LB 332 -105.57 -39.55 27.43
CA ASN LB 332 -105.80 -38.77 28.65
C ASN LB 332 -107.13 -38.03 28.57
N VAL LB 333 -107.45 -37.57 27.34
CA VAL LB 333 -108.65 -36.76 27.13
C VAL LB 333 -109.92 -37.61 27.30
N GLN LB 334 -109.83 -38.87 26.89
CA GLN LB 334 -111.00 -39.73 26.94
C GLN LB 334 -111.18 -40.29 28.34
N ASN LB 335 -110.10 -40.34 29.12
CA ASN LB 335 -110.16 -40.95 30.44
C ASN LB 335 -110.78 -40.03 31.47
N LYS LB 336 -110.60 -38.70 31.29
CA LYS LB 336 -111.00 -37.77 32.34
C LYS LB 336 -112.40 -37.19 32.08
N ASN LB 337 -112.69 -36.90 30.79
CA ASN LB 337 -113.99 -36.47 30.34
C ASN LB 337 -114.73 -37.64 29.66
N SER LB 338 -115.24 -38.54 30.50
CA SER LB 338 -115.88 -39.74 29.99
C SER LB 338 -117.32 -39.51 29.57
N SER LB 339 -117.88 -38.36 29.97
CA SER LB 339 -119.27 -38.04 29.72
C SER LB 339 -119.46 -37.26 28.42
N TYR LB 340 -118.34 -36.80 27.82
CA TYR LB 340 -118.36 -36.02 26.59
C TYR LB 340 -117.94 -36.85 25.36
N PHE LB 341 -117.83 -38.16 25.58
CA PHE LB 341 -117.58 -39.09 24.48
C PHE LB 341 -118.66 -40.16 24.49
N VAL LB 342 -119.21 -40.41 23.30
CA VAL LB 342 -120.26 -41.40 23.11
C VAL LB 342 -119.69 -42.77 23.46
N GLU LB 343 -120.57 -43.64 23.98
CA GLU LB 343 -120.06 -44.73 24.79
C GLU LB 343 -119.89 -46.01 23.97
N TRP LB 344 -120.82 -46.24 23.05
CA TRP LB 344 -120.86 -47.43 22.20
C TRP LB 344 -119.81 -47.44 21.07
N ILE LB 345 -118.84 -46.53 21.12
CA ILE LB 345 -117.63 -46.57 20.32
C ILE LB 345 -116.43 -46.26 21.23
N PRO LB 346 -115.46 -47.18 21.43
CA PRO LB 346 -114.22 -46.81 22.11
C PRO LB 346 -113.17 -46.13 21.21
N ASN LB 347 -112.39 -45.26 21.84
CA ASN LB 347 -111.30 -44.52 21.22
C ASN LB 347 -111.82 -43.71 20.04
N ASN LB 348 -112.64 -42.70 20.37
CA ASN LB 348 -113.36 -41.89 19.41
C ASN LB 348 -112.50 -40.98 18.55
N MET LB 349 -111.17 -41.08 18.69
CA MET LB 349 -110.31 -40.11 18.03
C MET LB 349 -109.25 -40.75 17.16
N LYS LB 350 -108.91 -40.00 16.11
CA LYS LB 350 -107.87 -40.37 15.19
C LYS LB 350 -106.74 -39.35 15.34
N SER LB 351 -105.48 -39.83 15.20
CA SER LB 351 -104.31 -38.98 15.21
C SER LB 351 -103.65 -38.97 13.83
N SER LB 352 -103.07 -37.83 13.42
CA SER LB 352 -102.31 -37.69 12.18
C SER LB 352 -101.09 -36.79 12.43
N VAL LB 353 -99.93 -37.16 11.85
CA VAL LB 353 -98.73 -36.37 12.06
C VAL LB 353 -98.15 -35.95 10.71
N CYS LB 354 -98.09 -34.64 10.48
CA CYS LB 354 -97.37 -34.05 9.36
C CYS LB 354 -96.09 -33.39 9.89
N ASP LB 355 -94.97 -33.62 9.19
CA ASP LB 355 -93.67 -33.24 9.70
C ASP LB 355 -93.41 -31.73 9.68
N ILE LB 356 -93.72 -31.09 8.54
CA ILE LB 356 -93.43 -29.68 8.30
C ILE LB 356 -94.50 -28.87 9.03
N PRO LB 357 -94.10 -27.99 9.96
CA PRO LB 357 -95.08 -27.18 10.67
C PRO LB 357 -95.47 -25.99 9.79
N PRO LB 358 -96.48 -25.20 10.18
CA PRO LB 358 -96.65 -23.87 9.57
C PRO LB 358 -95.44 -23.01 9.92
N LYS LB 359 -95.06 -22.11 9.01
CA LYS LB 359 -93.83 -21.35 9.11
C LYS LB 359 -93.91 -20.37 10.29
N GLY LB 360 -92.96 -20.50 11.22
CA GLY LB 360 -92.92 -19.65 12.41
C GLY LB 360 -93.31 -20.38 13.69
N LEU LB 361 -94.06 -21.48 13.56
CA LEU LB 361 -94.43 -22.28 14.71
C LEU LB 361 -93.71 -23.62 14.63
N LYS LB 362 -93.28 -24.12 15.79
CA LYS LB 362 -92.50 -25.34 15.81
C LYS LB 362 -93.41 -26.56 15.94
N MET LB 363 -94.68 -26.34 16.30
CA MET LB 363 -95.63 -27.41 16.57
C MET LB 363 -97.03 -26.78 16.61
N SER LB 364 -97.99 -27.46 15.96
CA SER LB 364 -99.35 -26.93 15.90
C SER LB 364 -100.31 -28.09 15.70
N VAL LB 365 -101.60 -27.76 15.78
CA VAL LB 365 -102.63 -28.76 15.59
C VAL LB 365 -103.90 -28.07 15.07
N THR LB 366 -104.55 -28.72 14.10
CA THR LB 366 -105.92 -28.40 13.73
C THR LB 366 -106.84 -29.53 14.19
N PHE LB 367 -108.14 -29.24 14.24
CA PHE LB 367 -109.06 -30.09 14.99
C PHE LB 367 -110.37 -30.25 14.23
N VAL LB 368 -110.87 -31.49 14.23
CA VAL LB 368 -112.12 -31.82 13.58
C VAL LB 368 -112.92 -32.71 14.52
N GLY LB 369 -114.14 -32.26 14.84
CA GLY LB 369 -115.03 -33.02 15.70
C GLY LB 369 -116.42 -33.18 15.11
N ASN LB 370 -116.90 -34.42 15.16
CA ASN LB 370 -118.26 -34.71 14.77
C ASN LB 370 -119.08 -34.85 16.04
N SER LB 371 -119.92 -33.84 16.31
CA SER LB 371 -120.62 -33.77 17.58
C SER LB 371 -122.12 -33.78 17.40
N THR LB 372 -122.84 -34.15 18.47
CA THR LB 372 -124.28 -33.95 18.57
C THR LB 372 -124.59 -32.68 19.35
N ALA LB 373 -123.58 -31.82 19.53
CA ALA LB 373 -123.82 -30.48 20.07
C ALA LB 373 -124.14 -29.48 18.96
N ILE LB 374 -123.98 -29.91 17.70
CA ILE LB 374 -124.35 -29.09 16.54
C ILE LB 374 -125.83 -29.23 16.23
N GLN LB 375 -126.56 -30.00 17.05
CA GLN LB 375 -128.01 -30.00 17.01
C GLN LB 375 -128.55 -28.62 17.39
N GLU LB 376 -127.91 -28.00 18.38
CA GLU LB 376 -128.35 -26.70 18.90
C GLU LB 376 -128.06 -25.58 17.90
N MET LB 377 -127.32 -25.89 16.83
CA MET LB 377 -127.11 -24.98 15.72
C MET LB 377 -128.36 -24.97 14.84
N PHE LB 378 -128.82 -26.14 14.41
CA PHE LB 378 -129.90 -26.26 13.45
C PHE LB 378 -131.25 -25.90 14.05
N LYS LB 379 -131.44 -26.14 15.35
CA LYS LB 379 -132.67 -25.77 16.02
C LYS LB 379 -132.84 -24.25 16.01
N ARG LB 380 -131.74 -23.53 16.25
CA ARG LB 380 -131.73 -22.08 16.31
C ARG LB 380 -131.89 -21.46 14.91
N VAL LB 381 -131.71 -22.26 13.86
CA VAL LB 381 -132.08 -21.84 12.52
C VAL LB 381 -133.51 -22.29 12.22
N SER LB 382 -133.93 -23.40 12.82
CA SER LB 382 -135.23 -24.00 12.51
C SER LB 382 -136.38 -23.15 13.06
N ASP LB 383 -136.19 -22.59 14.26
CA ASP LB 383 -137.21 -21.76 14.86
C ASP LB 383 -137.23 -20.39 14.17
N GLN LB 384 -136.05 -19.92 13.75
CA GLN LB 384 -135.94 -18.66 13.04
C GLN LB 384 -136.54 -18.78 11.63
N PHE LB 385 -136.45 -19.97 11.03
CA PHE LB 385 -137.06 -20.20 9.73
C PHE LB 385 -138.59 -20.20 9.86
N THR LB 386 -139.10 -20.95 10.82
CA THR LB 386 -140.55 -21.06 10.98
C THR LB 386 -141.16 -19.81 11.63
N ALA LB 387 -140.33 -18.94 12.21
CA ALA LB 387 -140.83 -17.69 12.76
C ALA LB 387 -141.28 -16.77 11.64
N MET LB 388 -140.59 -16.70 10.49
CA MET LB 388 -140.95 -15.74 9.44
C MET LB 388 -141.58 -16.44 8.24
N PHE LB 389 -141.52 -17.77 8.20
CA PHE LB 389 -142.28 -18.54 7.22
C PHE LB 389 -143.73 -18.72 7.64
N ARG LB 390 -144.03 -18.52 8.93
CA ARG LB 390 -145.38 -18.49 9.45
C ARG LB 390 -146.21 -17.37 8.85
N ARG LB 391 -145.64 -16.17 8.87
CA ARG LB 391 -146.16 -14.92 8.37
C ARG LB 391 -145.97 -14.81 6.85
N LYS LB 392 -145.21 -15.74 6.25
CA LYS LB 392 -144.81 -15.70 4.84
C LYS LB 392 -144.08 -14.39 4.54
N ALA LB 393 -143.21 -13.96 5.46
CA ALA LB 393 -142.42 -12.75 5.29
C ALA LB 393 -141.34 -12.98 4.22
N PHE LB 394 -141.22 -11.98 3.31
CA PHE LB 394 -140.24 -11.92 2.23
C PHE LB 394 -140.29 -13.17 1.35
N LEU LB 395 -141.50 -13.66 1.11
CA LEU LB 395 -141.67 -14.85 0.30
C LEU LB 395 -141.87 -14.53 -1.18
N HIS LB 396 -142.47 -13.36 -1.50
CA HIS LB 396 -142.73 -12.96 -2.88
C HIS LB 396 -141.43 -12.84 -3.68
N TRP LB 397 -140.33 -12.44 -3.01
CA TRP LB 397 -139.01 -12.41 -3.63
C TRP LB 397 -138.60 -13.80 -4.10
N TYR LB 398 -138.78 -14.77 -3.20
CA TYR LB 398 -138.33 -16.13 -3.45
C TYR LB 398 -139.28 -16.83 -4.42
N THR LB 399 -140.59 -16.66 -4.22
CA THR LB 399 -141.58 -17.39 -5.00
C THR LB 399 -141.86 -16.75 -6.35
N GLY LB 400 -141.40 -15.51 -6.55
CA GLY LB 400 -141.50 -14.83 -7.83
C GLY LB 400 -140.40 -15.24 -8.82
N GLU LB 401 -139.38 -15.96 -8.34
CA GLU LB 401 -138.23 -16.30 -9.18
C GLU LB 401 -138.42 -17.67 -9.84
N GLY LB 402 -139.33 -18.47 -9.30
CA GLY LB 402 -139.51 -19.78 -9.89
C GLY LB 402 -139.80 -20.91 -8.90
N MET LB 403 -139.52 -20.72 -7.60
CA MET LB 403 -139.78 -21.80 -6.65
C MET LB 403 -141.28 -21.94 -6.37
N ASP LB 404 -141.67 -23.12 -5.87
CA ASP LB 404 -142.97 -23.30 -5.26
C ASP LB 404 -142.81 -23.30 -3.75
N GLU LB 405 -143.94 -23.16 -3.05
CA GLU LB 405 -143.99 -23.14 -1.60
C GLU LB 405 -143.61 -24.51 -1.01
N MET LB 406 -143.63 -25.56 -1.83
CA MET LB 406 -143.37 -26.95 -1.43
C MET LB 406 -141.91 -27.13 -1.04
N GLU LB 407 -141.03 -26.36 -1.70
CA GLU LB 407 -139.60 -26.46 -1.49
C GLU LB 407 -139.24 -25.96 -0.10
N PHE LB 408 -140.00 -24.98 0.42
CA PHE LB 408 -139.79 -24.44 1.76
C PHE LB 408 -140.11 -25.49 2.82
N THR LB 409 -141.21 -26.22 2.59
CA THR LB 409 -141.66 -27.22 3.54
C THR LB 409 -140.70 -28.41 3.56
N GLU LB 410 -140.13 -28.75 2.39
CA GLU LB 410 -139.16 -29.83 2.29
C GLU LB 410 -137.87 -29.43 3.01
N ALA LB 411 -137.47 -28.15 2.90
CA ALA LB 411 -136.25 -27.68 3.54
C ALA LB 411 -136.43 -27.69 5.06
N GLU LB 412 -137.66 -27.47 5.54
CA GLU LB 412 -137.98 -27.57 6.96
C GLU LB 412 -137.80 -29.00 7.46
N SER LB 413 -138.45 -29.95 6.78
CA SER LB 413 -138.45 -31.34 7.20
C SER LB 413 -137.05 -31.96 7.07
N ASN LB 414 -136.35 -31.61 5.98
CA ASN LB 414 -135.00 -32.09 5.74
C ASN LB 414 -133.98 -31.52 6.72
N MET LB 415 -134.36 -30.50 7.49
CA MET LB 415 -133.46 -29.99 8.53
C MET LB 415 -133.91 -30.45 9.91
N ASN LB 416 -135.23 -30.57 10.12
CA ASN LB 416 -135.73 -31.02 11.41
C ASN LB 416 -135.44 -32.50 11.64
N ASP LB 417 -135.42 -33.30 10.57
CA ASP LB 417 -135.09 -34.72 10.73
C ASP LB 417 -133.61 -34.88 11.05
N LEU LB 418 -132.77 -33.97 10.55
CA LEU LB 418 -131.37 -33.97 10.90
C LEU LB 418 -131.17 -33.60 12.38
N VAL LB 419 -132.02 -32.70 12.88
CA VAL LB 419 -132.08 -32.38 14.31
C VAL LB 419 -132.47 -33.64 15.10
N SER LB 420 -133.50 -34.33 14.59
CA SER LB 420 -133.98 -35.54 15.25
C SER LB 420 -132.94 -36.66 15.15
N GLU LB 421 -132.07 -36.62 14.14
CA GLU LB 421 -131.05 -37.65 13.98
C GLU LB 421 -129.96 -37.50 15.04
N TYR LB 422 -129.61 -36.25 15.38
CA TYR LB 422 -128.60 -36.02 16.39
C TYR LB 422 -129.12 -36.35 17.80
N GLN LB 423 -130.45 -36.29 17.94
CA GLN LB 423 -131.15 -36.75 19.15
C GLN LB 423 -130.92 -38.25 19.36
N GLN LB 424 -130.99 -39.03 18.28
CA GLN LB 424 -131.04 -40.49 18.33
C GLN LB 424 -129.74 -41.06 18.90
N TYR LB 425 -128.62 -40.39 18.67
CA TYR LB 425 -127.33 -40.84 19.19
C TYR LB 425 -126.91 -40.14 20.49
N GLN LB 426 -127.84 -39.44 21.16
CA GLN LB 426 -127.48 -38.68 22.35
C GLN LB 426 -128.05 -39.36 23.61
N MET MB 1 -32.43 -136.99 58.25
CA MET MB 1 -31.77 -137.63 59.43
C MET MB 1 -32.41 -137.10 60.72
N ARG MB 2 -31.57 -136.88 61.73
CA ARG MB 2 -32.00 -136.45 63.05
C ARG MB 2 -32.25 -134.94 63.04
N GLU MB 3 -33.52 -134.55 62.93
CA GLU MB 3 -33.91 -133.17 62.70
C GLU MB 3 -34.91 -132.70 63.75
N VAL MB 4 -34.94 -131.39 63.96
CA VAL MB 4 -35.86 -130.76 64.90
C VAL MB 4 -36.43 -129.51 64.25
N ILE MB 5 -37.76 -129.42 64.29
CA ILE MB 5 -38.47 -128.33 63.65
C ILE MB 5 -38.72 -127.24 64.70
N SER MB 6 -38.38 -126.00 64.35
CA SER MB 6 -38.57 -124.87 65.25
C SER MB 6 -39.81 -124.09 64.82
N ILE MB 7 -40.66 -123.73 65.80
CA ILE MB 7 -41.84 -122.93 65.54
C ILE MB 7 -41.75 -121.66 66.38
N HIS MB 8 -41.95 -120.52 65.71
CA HIS MB 8 -41.98 -119.21 66.36
C HIS MB 8 -43.30 -118.53 66.05
N VAL MB 9 -44.09 -118.28 67.12
CA VAL MB 9 -45.40 -117.68 66.99
C VAL MB 9 -45.43 -116.41 67.84
N GLY MB 10 -45.88 -115.32 67.22
CA GLY MB 10 -46.07 -114.06 67.94
C GLY MB 10 -44.80 -113.22 67.98
N GLN MB 11 -44.99 -111.99 68.48
CA GLN MB 11 -43.91 -111.04 68.72
C GLN MB 11 -42.70 -111.65 69.43
N ALA MB 12 -42.98 -112.28 70.58
CA ALA MB 12 -41.94 -112.78 71.45
C ALA MB 12 -41.23 -113.95 70.75
N GLY MB 13 -42.03 -114.77 70.04
CA GLY MB 13 -41.52 -115.93 69.34
C GLY MB 13 -40.56 -115.54 68.22
N ILE MB 14 -40.97 -114.51 67.46
CA ILE MB 14 -40.22 -114.12 66.28
C ILE MB 14 -38.90 -113.47 66.68
N GLN MB 15 -38.95 -112.55 67.65
CA GLN MB 15 -37.78 -111.80 68.07
C GLN MB 15 -36.75 -112.72 68.74
N ILE MB 16 -37.24 -113.69 69.52
CA ILE MB 16 -36.36 -114.70 70.10
C ILE MB 16 -35.79 -115.59 68.99
N GLY MB 17 -36.64 -115.98 68.03
CA GLY MB 17 -36.21 -116.82 66.94
C GLY MB 17 -35.18 -116.16 66.03
N ASN MB 18 -35.25 -114.83 65.93
CA ASN MB 18 -34.24 -114.07 65.20
C ASN MB 18 -32.88 -114.21 65.87
N ALA MB 19 -32.88 -114.19 67.21
CA ALA MB 19 -31.65 -114.33 67.97
C ALA MB 19 -31.16 -115.77 67.93
N CYS MB 20 -32.10 -116.73 67.93
CA CYS MB 20 -31.76 -118.14 67.90
C CYS MB 20 -31.09 -118.50 66.57
N TRP MB 21 -31.67 -118.04 65.47
CA TRP MB 21 -31.18 -118.45 64.16
C TRP MB 21 -29.85 -117.78 63.76
N GLU MB 22 -29.59 -116.58 64.29
CA GLU MB 22 -28.35 -115.90 63.96
C GLU MB 22 -27.17 -116.57 64.66
N LEU MB 23 -27.44 -117.16 65.84
CA LEU MB 23 -26.40 -117.86 66.58
C LEU MB 23 -26.04 -119.17 65.89
N PHE MB 24 -27.07 -119.86 65.37
CA PHE MB 24 -26.86 -121.13 64.69
C PHE MB 24 -26.07 -120.93 63.39
N CYS MB 25 -26.29 -119.78 62.72
CA CYS MB 25 -25.55 -119.47 61.50
C CYS MB 25 -24.07 -119.25 61.78
N LEU MB 26 -23.81 -118.51 62.87
CA LEU MB 26 -22.43 -118.23 63.24
C LEU MB 26 -21.77 -119.49 63.81
N GLU MB 27 -22.59 -120.37 64.39
CA GLU MB 27 -22.09 -121.59 65.00
C GLU MB 27 -21.51 -122.53 63.94
N HIS MB 28 -22.29 -122.79 62.89
CA HIS MB 28 -21.90 -123.76 61.89
C HIS MB 28 -21.16 -123.13 60.71
N GLY MB 29 -20.99 -121.80 60.73
CA GLY MB 29 -20.19 -121.12 59.72
C GLY MB 29 -20.93 -120.85 58.40
N ILE MB 30 -22.26 -121.00 58.41
CA ILE MB 30 -23.00 -120.64 57.22
C ILE MB 30 -23.16 -119.12 57.19
N GLN MB 31 -23.46 -118.59 55.99
CA GLN MB 31 -23.50 -117.16 55.75
C GLN MB 31 -24.95 -116.68 55.67
N PRO MB 32 -25.23 -115.37 55.70
CA PRO MB 32 -26.57 -114.88 55.32
C PRO MB 32 -27.15 -115.34 53.99
N ASP MB 33 -26.28 -115.67 53.02
CA ASP MB 33 -26.71 -116.32 51.79
C ASP MB 33 -27.27 -117.71 52.08
N GLY MB 34 -26.61 -118.44 52.97
CA GLY MB 34 -27.03 -119.81 53.27
C GLY MB 34 -26.06 -120.90 52.77
N GLN MB 35 -24.95 -120.48 52.15
CA GLN MB 35 -23.96 -121.45 51.67
C GLN MB 35 -22.67 -121.34 52.50
N MET MB 36 -22.17 -122.49 52.91
CA MET MB 36 -20.95 -122.50 53.68
C MET MB 36 -19.77 -122.55 52.71
N PRO MB 37 -18.60 -122.02 53.17
CA PRO MB 37 -17.30 -122.39 52.61
C PRO MB 37 -16.96 -123.88 52.62
N ASP MB 47 -20.81 -132.95 59.49
CA ASP MB 47 -22.22 -132.81 59.02
C ASP MB 47 -23.13 -132.50 60.21
N ALA MB 48 -22.64 -131.60 61.06
CA ALA MB 48 -23.24 -131.28 62.33
C ALA MB 48 -24.51 -130.46 62.19
N PHE MB 49 -24.66 -129.75 61.06
CA PHE MB 49 -25.69 -128.74 60.86
C PHE MB 49 -27.03 -129.32 60.40
N ASN MB 50 -27.12 -130.65 60.25
CA ASN MB 50 -28.30 -131.24 59.64
C ASN MB 50 -29.52 -131.19 60.58
N THR MB 51 -29.27 -130.92 61.86
CA THR MB 51 -30.34 -130.84 62.85
C THR MB 51 -31.17 -129.58 62.66
N PHE MB 52 -30.58 -128.54 62.04
CA PHE MB 52 -31.23 -127.24 61.93
C PHE MB 52 -31.47 -126.81 60.49
N PHE MB 53 -30.51 -127.12 59.60
CA PHE MB 53 -30.55 -126.62 58.23
C PHE MB 53 -30.70 -127.76 57.24
N SER MB 54 -31.46 -127.49 56.18
CA SER MB 54 -31.75 -128.46 55.14
C SER MB 54 -30.67 -128.44 54.07
N GLU MB 55 -30.86 -129.20 52.99
CA GLU MB 55 -29.92 -129.22 51.87
C GLU MB 55 -30.67 -128.83 50.60
N THR MB 56 -30.25 -127.76 49.92
CA THR MB 56 -30.99 -127.24 48.77
C THR MB 56 -30.02 -126.67 47.75
N GLY MB 57 -30.17 -127.10 46.48
CA GLY MB 57 -29.43 -126.59 45.33
C GLY MB 57 -27.94 -126.85 45.46
N ALA MB 58 -27.11 -125.93 44.93
CA ALA MB 58 -25.67 -126.02 45.11
C ALA MB 58 -25.24 -125.29 46.39
N GLY MB 59 -25.04 -126.06 47.47
CA GLY MB 59 -24.27 -125.64 48.65
C GLY MB 59 -25.05 -124.85 49.70
N LYS MB 60 -26.28 -124.49 49.33
CA LYS MB 60 -27.14 -123.70 50.20
C LYS MB 60 -27.83 -124.59 51.22
N HIS MB 61 -27.98 -124.05 52.44
CA HIS MB 61 -28.74 -124.65 53.51
C HIS MB 61 -29.81 -123.66 54.00
N VAL MB 62 -31.04 -124.13 54.17
CA VAL MB 62 -32.16 -123.27 54.59
C VAL MB 62 -32.68 -123.77 55.94
N PRO MB 63 -33.23 -122.89 56.81
CA PRO MB 63 -33.64 -123.33 58.15
C PRO MB 63 -34.91 -124.19 58.13
N ARG MB 64 -35.01 -125.07 59.12
CA ARG MB 64 -36.21 -125.87 59.33
C ARG MB 64 -37.12 -125.18 60.34
N CYS MB 65 -37.61 -124.00 59.94
CA CYS MB 65 -38.38 -123.19 60.86
C CYS MB 65 -39.61 -122.64 60.18
N VAL MB 66 -40.59 -122.23 60.99
CA VAL MB 66 -41.70 -121.43 60.53
C VAL MB 66 -41.86 -120.21 61.44
N PHE MB 67 -42.20 -119.08 60.81
CA PHE MB 67 -42.54 -117.85 61.51
C PHE MB 67 -44.02 -117.57 61.31
N LEU MB 68 -44.74 -117.44 62.43
CA LEU MB 68 -46.16 -117.14 62.36
C LEU MB 68 -46.47 -115.89 63.18
N ASP MB 69 -47.18 -114.97 62.52
CA ASP MB 69 -47.83 -113.86 63.19
C ASP MB 69 -48.97 -113.34 62.33
N LEU MB 70 -50.04 -112.89 62.98
CA LEU MB 70 -51.13 -112.21 62.32
C LEU MB 70 -50.83 -110.72 62.13
N GLU MB 71 -49.80 -110.22 62.83
CA GLU MB 71 -49.29 -108.87 62.61
C GLU MB 71 -48.19 -108.93 61.55
N PRO MB 72 -48.28 -108.14 60.46
CA PRO MB 72 -47.26 -108.21 59.41
C PRO MB 72 -45.95 -107.50 59.76
N THR MB 73 -46.03 -106.45 60.60
CA THR MB 73 -44.95 -105.47 60.72
C THR MB 73 -43.69 -106.03 61.39
N VAL MB 74 -43.80 -107.19 62.06
CA VAL MB 74 -42.66 -107.77 62.76
C VAL MB 74 -42.03 -108.91 61.95
N VAL MB 75 -42.83 -109.54 61.07
CA VAL MB 75 -42.34 -110.63 60.24
C VAL MB 75 -41.94 -110.13 58.84
N ASP MB 76 -42.56 -109.05 58.38
CA ASP MB 76 -42.13 -108.37 57.18
C ASP MB 76 -40.72 -107.79 57.36
N GLU MB 77 -40.43 -107.29 58.56
CA GLU MB 77 -39.17 -106.66 58.92
C GLU MB 77 -38.02 -107.67 58.87
N VAL MB 78 -38.35 -108.95 59.08
CA VAL MB 78 -37.42 -110.04 58.89
C VAL MB 78 -37.07 -110.18 57.40
N ARG MB 79 -38.10 -110.10 56.54
CA ARG MB 79 -37.91 -110.23 55.10
C ARG MB 79 -37.07 -109.07 54.54
N THR MB 80 -37.11 -107.94 55.28
CA THR MB 80 -36.47 -106.69 54.89
C THR MB 80 -35.00 -106.67 55.31
N GLY MB 81 -34.70 -107.27 56.48
CA GLY MB 81 -33.42 -107.14 57.17
C GLY MB 81 -32.23 -107.78 56.45
N THR MB 82 -31.22 -108.13 57.24
CA THR MB 82 -29.96 -108.66 56.73
C THR MB 82 -30.18 -110.06 56.13
N TYR MB 83 -30.85 -110.92 56.89
CA TYR MB 83 -31.07 -112.30 56.52
C TYR MB 83 -32.30 -112.39 55.61
N ARG MB 84 -32.15 -111.92 54.37
CA ARG MB 84 -33.25 -112.10 53.42
C ARG MB 84 -33.23 -113.53 52.89
N HIS MB 85 -32.09 -113.87 52.26
CA HIS MB 85 -31.88 -115.03 51.42
C HIS MB 85 -31.76 -116.31 52.26
N LEU MB 86 -31.51 -116.14 53.58
CA LEU MB 86 -31.37 -117.26 54.49
C LEU MB 86 -32.69 -118.02 54.61
N PHE MB 87 -33.75 -117.28 54.94
CA PHE MB 87 -35.05 -117.90 55.21
C PHE MB 87 -35.76 -118.21 53.90
N HIS MB 88 -36.61 -119.25 53.96
CA HIS MB 88 -37.48 -119.60 52.85
C HIS MB 88 -38.51 -118.49 52.64
N PRO MB 89 -38.86 -118.16 51.37
CA PRO MB 89 -39.90 -117.18 51.09
C PRO MB 89 -41.27 -117.38 51.75
N GLU MB 90 -41.71 -118.63 51.90
CA GLU MB 90 -43.03 -118.86 52.49
C GLU MB 90 -42.94 -119.63 53.81
N GLN MB 91 -41.77 -119.62 54.44
CA GLN MB 91 -41.68 -120.10 55.81
C GLN MB 91 -41.91 -118.98 56.83
N LEU MB 92 -42.20 -117.76 56.32
CA LEU MB 92 -42.57 -116.64 57.17
C LEU MB 92 -43.98 -116.20 56.79
N ILE MB 93 -44.97 -116.75 57.50
CA ILE MB 93 -46.37 -116.52 57.20
C ILE MB 93 -46.85 -115.28 57.95
N SER MB 94 -47.49 -114.37 57.20
CA SER MB 94 -47.97 -113.11 57.75
C SER MB 94 -49.48 -113.03 57.59
N GLY MB 95 -50.15 -112.56 58.64
CA GLY MB 95 -51.58 -112.32 58.58
C GLY MB 95 -51.89 -110.96 57.94
N LYS MB 96 -52.95 -110.33 58.44
CA LYS MB 96 -53.24 -108.98 57.96
C LYS MB 96 -53.68 -108.08 59.09
N GLU MB 97 -54.29 -108.69 60.10
CA GLU MB 97 -54.90 -107.97 61.22
C GLU MB 97 -54.41 -108.49 62.58
N ASP MB 98 -54.18 -107.55 63.53
CA ASP MB 98 -53.60 -107.87 64.84
C ASP MB 98 -54.55 -108.73 65.67
N ALA MB 99 -53.97 -109.62 66.49
CA ALA MB 99 -54.70 -110.45 67.46
C ALA MB 99 -55.28 -109.60 68.59
N ALA MB 100 -54.52 -108.55 68.95
CA ALA MB 100 -54.82 -107.58 70.00
C ALA MB 100 -55.11 -108.20 71.37
N ASN MB 101 -54.13 -108.90 71.92
CA ASN MB 101 -54.12 -109.42 73.28
C ASN MB 101 -55.35 -110.23 73.65
N ASN MB 102 -56.08 -110.74 72.64
CA ASN MB 102 -57.34 -111.42 72.86
C ASN MB 102 -57.16 -112.89 72.55
N PHE MB 103 -57.30 -113.74 73.57
CA PHE MB 103 -57.19 -115.17 73.36
C PHE MB 103 -58.29 -115.69 72.44
N ALA MB 104 -59.50 -115.16 72.61
CA ALA MB 104 -60.64 -115.58 71.82
C ALA MB 104 -60.46 -115.23 70.33
N ARG MB 105 -59.90 -114.03 70.09
CA ARG MB 105 -59.63 -113.57 68.73
C ARG MB 105 -58.58 -114.49 68.08
N GLY MB 106 -57.53 -114.81 68.83
CA GLY MB 106 -56.44 -115.61 68.30
C GLY MB 106 -56.75 -117.10 68.19
N HIS MB 107 -57.84 -117.55 68.84
CA HIS MB 107 -58.18 -118.96 68.85
C HIS MB 107 -59.41 -119.29 68.01
N TYR MB 108 -60.32 -118.31 67.82
CA TYR MB 108 -61.60 -118.60 67.19
C TYR MB 108 -61.83 -117.81 65.92
N THR MB 109 -61.55 -116.50 66.00
CA THR MB 109 -62.00 -115.60 64.96
C THR MB 109 -60.99 -115.51 63.80
N ILE MB 110 -59.81 -114.95 64.08
CA ILE MB 110 -58.90 -114.55 63.02
C ILE MB 110 -57.86 -115.64 62.72
N GLY MB 111 -57.56 -116.48 63.73
CA GLY MB 111 -56.46 -117.42 63.60
C GLY MB 111 -56.80 -118.65 62.78
N LYS MB 112 -58.07 -118.83 62.44
CA LYS MB 112 -58.51 -120.07 61.79
C LYS MB 112 -57.95 -120.19 60.37
N GLU MB 113 -57.88 -119.07 59.62
CA GLU MB 113 -57.43 -119.15 58.23
C GLU MB 113 -55.91 -119.18 58.12
N ILE MB 114 -55.19 -119.00 59.24
CA ILE MB 114 -53.73 -119.03 59.22
C ILE MB 114 -53.20 -120.36 59.77
N VAL MB 115 -54.05 -121.16 60.44
CA VAL MB 115 -53.63 -122.45 60.95
C VAL MB 115 -53.31 -123.40 59.79
N ASP MB 116 -54.24 -123.52 58.84
CA ASP MB 116 -54.09 -124.47 57.74
C ASP MB 116 -52.95 -124.04 56.80
N LEU MB 117 -52.66 -122.73 56.72
CA LEU MB 117 -51.49 -122.28 55.98
C LEU MB 117 -50.19 -122.67 56.70
N SER MB 118 -50.25 -122.73 58.04
CA SER MB 118 -49.10 -123.14 58.82
C SER MB 118 -48.86 -124.66 58.70
N LEU MB 119 -49.95 -125.45 58.77
CA LEU MB 119 -49.87 -126.91 58.71
C LEU MB 119 -49.38 -127.39 57.35
N ASP MB 120 -49.61 -126.61 56.29
CA ASP MB 120 -49.10 -126.93 54.98
C ASP MB 120 -47.58 -126.92 54.96
N ARG MB 121 -47.00 -125.90 55.61
CA ARG MB 121 -45.56 -125.74 55.63
C ARG MB 121 -44.91 -126.73 56.61
N ILE MB 122 -45.62 -127.07 57.68
CA ILE MB 122 -45.08 -127.97 58.69
C ILE MB 122 -44.94 -129.38 58.12
N ARG MB 123 -45.98 -129.87 57.45
CA ARG MB 123 -45.96 -131.26 57.00
C ARG MB 123 -44.99 -131.43 55.83
N LYS MB 124 -44.87 -130.40 54.99
CA LYS MB 124 -43.95 -130.51 53.87
C LYS MB 124 -42.50 -130.45 54.34
N LEU MB 125 -42.23 -129.74 55.45
CA LEU MB 125 -40.90 -129.65 56.03
C LEU MB 125 -40.62 -130.86 56.92
N ALA MB 126 -41.68 -131.54 57.40
CA ALA MB 126 -41.51 -132.70 58.26
C ALA MB 126 -41.23 -133.97 57.44
N ASP MB 127 -41.78 -134.04 56.24
CA ASP MB 127 -41.76 -135.24 55.40
C ASP MB 127 -40.52 -135.39 54.53
N ASN MB 128 -39.51 -134.53 54.70
CA ASN MB 128 -38.30 -134.66 53.90
C ASN MB 128 -37.50 -135.90 54.32
N CYS MB 129 -37.50 -136.21 55.63
CA CYS MB 129 -36.81 -137.39 56.15
C CYS MB 129 -37.48 -137.85 57.45
N THR MB 130 -37.30 -139.13 57.77
CA THR MB 130 -37.72 -139.74 59.03
C THR MB 130 -36.72 -139.38 60.13
N GLY MB 131 -36.99 -139.87 61.34
CA GLY MB 131 -36.11 -139.63 62.47
C GLY MB 131 -36.17 -138.19 62.99
N LEU MB 132 -37.34 -137.55 62.85
CA LEU MB 132 -37.61 -136.22 63.40
C LEU MB 132 -37.70 -136.33 64.92
N GLN MB 133 -36.84 -135.58 65.62
CA GLN MB 133 -36.73 -135.66 67.08
C GLN MB 133 -38.00 -135.12 67.74
N GLY MB 134 -38.38 -133.92 67.30
CA GLY MB 134 -39.50 -133.22 67.91
C GLY MB 134 -39.52 -131.77 67.46
N PHE MB 135 -40.29 -130.97 68.22
CA PHE MB 135 -40.56 -129.59 67.88
C PHE MB 135 -40.12 -128.70 69.03
N LEU MB 136 -39.58 -127.52 68.68
CA LEU MB 136 -39.38 -126.44 69.63
C LEU MB 136 -40.42 -125.33 69.40
N MET MB 137 -41.08 -124.95 70.49
CA MET MB 137 -42.15 -123.96 70.44
C MET MB 137 -41.72 -122.73 71.22
N PHE MB 138 -41.81 -121.57 70.57
CA PHE MB 138 -41.50 -120.30 71.20
C PHE MB 138 -42.71 -119.40 71.08
N ASN MB 139 -43.25 -118.96 72.23
CA ASN MB 139 -44.41 -118.08 72.25
C ASN MB 139 -44.47 -117.32 73.56
N ALA MB 140 -45.26 -116.24 73.57
CA ALA MB 140 -45.56 -115.48 74.77
C ALA MB 140 -46.99 -115.77 75.18
N VAL MB 141 -47.17 -116.27 76.40
CA VAL MB 141 -48.51 -116.57 76.88
C VAL MB 141 -49.24 -115.28 77.26
N GLY MB 142 -48.48 -114.19 77.43
CA GLY MB 142 -49.01 -112.87 77.74
C GLY MB 142 -49.74 -112.20 76.58
N GLY MB 143 -49.29 -112.56 75.36
CA GLY MB 143 -49.70 -111.95 74.11
C GLY MB 143 -51.00 -112.55 73.58
N GLY MB 144 -51.42 -112.03 72.42
CA GLY MB 144 -52.65 -112.50 71.82
C GLY MB 144 -52.45 -113.70 70.92
N THR MB 145 -51.63 -113.50 69.88
CA THR MB 145 -51.37 -114.56 68.92
C THR MB 145 -50.40 -115.58 69.48
N GLY MB 146 -49.55 -115.15 70.42
CA GLY MB 146 -48.63 -116.04 71.12
C GLY MB 146 -49.37 -117.07 71.97
N SER MB 147 -50.55 -116.70 72.50
CA SER MB 147 -51.32 -117.56 73.37
C SER MB 147 -52.46 -118.25 72.59
N GLY MB 148 -53.20 -117.45 71.81
CA GLY MB 148 -54.34 -117.94 71.08
C GLY MB 148 -53.95 -118.87 69.94
N LEU MB 149 -53.20 -118.30 68.97
CA LEU MB 149 -52.76 -119.06 67.81
C LEU MB 149 -51.72 -120.10 68.22
N GLY MB 150 -50.93 -119.80 69.28
CA GLY MB 150 -49.99 -120.77 69.82
C GLY MB 150 -50.70 -122.04 70.32
N CYS MB 151 -51.85 -121.86 70.96
CA CYS MB 151 -52.64 -122.98 71.39
C CYS MB 151 -53.19 -123.78 70.21
N LEU MB 152 -53.87 -123.08 69.28
CA LEU MB 152 -54.65 -123.68 68.20
C LEU MB 152 -53.79 -124.58 67.32
N LEU MB 153 -52.50 -124.19 67.19
CA LEU MB 153 -51.55 -124.98 66.44
C LEU MB 153 -51.28 -126.33 67.13
N LEU MB 154 -51.33 -126.31 68.47
CA LEU MB 154 -50.96 -127.49 69.25
C LEU MB 154 -52.07 -128.56 69.28
N GLU MB 155 -53.35 -128.17 69.22
CA GLU MB 155 -54.40 -129.17 68.98
C GLU MB 155 -54.22 -129.86 67.61
N ARG MB 156 -53.90 -129.07 66.58
CA ARG MB 156 -53.80 -129.63 65.22
C ARG MB 156 -52.50 -130.45 65.12
N LEU MB 157 -51.45 -130.08 65.89
CA LEU MB 157 -50.20 -130.83 65.83
C LEU MB 157 -50.28 -132.14 66.62
N SER MB 158 -50.97 -132.12 67.77
CA SER MB 158 -50.96 -133.27 68.68
C SER MB 158 -51.79 -134.43 68.14
N VAL MB 159 -52.78 -134.11 67.30
CA VAL MB 159 -53.68 -135.12 66.80
C VAL MB 159 -53.02 -135.95 65.69
N ASP MB 160 -52.15 -135.32 64.89
CA ASP MB 160 -51.58 -135.96 63.71
C ASP MB 160 -50.16 -136.46 64.02
N TYR MB 161 -49.29 -135.55 64.44
CA TYR MB 161 -47.96 -135.91 64.89
C TYR MB 161 -48.01 -136.20 66.39
N GLY MB 162 -48.49 -137.41 66.71
CA GLY MB 162 -48.75 -137.82 68.09
C GLY MB 162 -47.48 -138.06 68.89
N LYS MB 163 -46.71 -139.07 68.45
CA LYS MB 163 -45.46 -139.67 68.94
C LYS MB 163 -44.41 -138.66 69.42
N LYS MB 164 -44.23 -137.61 68.61
CA LYS MB 164 -42.99 -136.86 68.68
C LYS MB 164 -43.06 -135.89 69.86
N SER MB 165 -41.90 -135.63 70.45
CA SER MB 165 -41.70 -134.65 71.51
C SER MB 165 -42.11 -133.25 71.07
N LYS MB 166 -42.61 -132.46 72.04
CA LYS MB 166 -42.97 -131.07 71.82
C LYS MB 166 -42.54 -130.23 73.01
N LEU MB 167 -41.31 -129.69 72.93
CA LEU MB 167 -40.81 -128.76 73.94
C LEU MB 167 -41.39 -127.37 73.70
N ASN MB 168 -41.73 -126.67 74.79
CA ASN MB 168 -42.26 -125.31 74.75
C ASN MB 168 -41.35 -124.41 75.58
N PHE MB 169 -41.06 -123.23 75.03
CA PHE MB 169 -40.31 -122.21 75.75
C PHE MB 169 -41.18 -120.96 75.81
N CYS MB 170 -42.06 -120.92 76.82
CA CYS MB 170 -43.02 -119.84 76.95
C CYS MB 170 -42.44 -118.72 77.80
N SER MB 171 -42.63 -117.47 77.35
CA SER MB 171 -42.23 -116.32 78.13
C SER MB 171 -43.37 -115.93 79.09
N TRP MB 172 -43.32 -116.51 80.30
CA TRP MB 172 -44.32 -116.27 81.33
C TRP MB 172 -44.28 -114.81 81.77
N PRO MB 173 -45.45 -114.17 82.05
CA PRO MB 173 -45.46 -112.78 82.50
C PRO MB 173 -44.74 -112.58 83.83
N SER MB 174 -44.08 -111.44 83.93
CA SER MB 174 -43.39 -111.04 85.15
C SER MB 174 -44.43 -110.75 86.24
N PRO MB 175 -44.10 -111.01 87.52
CA PRO MB 175 -45.03 -110.66 88.60
C PRO MB 175 -45.31 -109.16 88.75
N GLN MB 176 -44.32 -108.31 88.46
CA GLN MB 176 -44.46 -106.86 88.62
C GLN MB 176 -44.74 -106.13 87.30
N VAL MB 177 -44.27 -106.68 86.17
CA VAL MB 177 -44.26 -106.04 84.87
C VAL MB 177 -45.01 -106.96 83.89
N SER MB 178 -45.77 -106.48 82.89
CA SER MB 178 -46.66 -107.43 82.20
C SER MB 178 -46.75 -107.31 80.67
N THR MB 179 -46.34 -106.20 80.08
CA THR MB 179 -46.53 -105.93 78.65
C THR MB 179 -48.01 -105.81 78.27
N ALA MB 180 -48.92 -105.72 79.25
CA ALA MB 180 -50.35 -105.76 78.99
C ALA MB 180 -51.14 -105.79 80.31
N VAL MB 181 -52.42 -105.39 80.30
CA VAL MB 181 -53.19 -105.37 81.55
C VAL MB 181 -54.26 -106.48 81.56
N VAL MB 182 -54.56 -107.03 80.37
CA VAL MB 182 -55.51 -108.13 80.23
C VAL MB 182 -54.82 -109.50 80.28
N GLU MB 183 -53.51 -109.48 80.48
CA GLU MB 183 -52.66 -110.67 80.48
C GLU MB 183 -52.96 -111.69 81.57
N PRO MB 184 -53.60 -111.41 82.73
CA PRO MB 184 -54.12 -112.51 83.56
C PRO MB 184 -55.15 -113.39 82.86
N TYR MB 185 -55.98 -112.79 82.00
CA TYR MB 185 -56.97 -113.54 81.25
C TYR MB 185 -56.30 -114.45 80.23
N ASN MB 186 -55.27 -113.93 79.54
CA ASN MB 186 -54.54 -114.70 78.53
C ASN MB 186 -53.73 -115.82 79.17
N SER MB 187 -53.29 -115.60 80.42
CA SER MB 187 -52.43 -116.55 81.11
C SER MB 187 -53.22 -117.79 81.52
N VAL MB 188 -54.42 -117.58 82.08
CA VAL MB 188 -55.19 -118.70 82.60
C VAL MB 188 -55.67 -119.58 81.45
N LEU MB 189 -56.02 -118.94 80.33
CA LEU MB 189 -56.52 -119.68 79.18
C LEU MB 189 -55.40 -120.46 78.50
N SER MB 190 -54.19 -119.88 78.49
CA SER MB 190 -53.03 -120.56 77.92
C SER MB 190 -52.67 -121.79 78.74
N THR MB 191 -52.56 -121.59 80.07
CA THR MB 191 -52.08 -122.64 80.96
C THR MB 191 -53.10 -123.78 81.07
N HIS MB 192 -54.37 -123.53 80.70
CA HIS MB 192 -55.33 -124.63 80.59
C HIS MB 192 -54.94 -125.55 79.43
N SER MB 193 -54.62 -124.94 78.28
CA SER MB 193 -54.61 -125.67 77.04
C SER MB 193 -53.19 -126.06 76.59
N LEU MB 194 -52.17 -125.70 77.37
CA LEU MB 194 -50.83 -126.19 77.11
C LEU MB 194 -50.43 -127.32 78.08
N LEU MB 195 -51.34 -127.72 78.98
CA LEU MB 195 -51.07 -128.82 79.88
C LEU MB 195 -50.96 -130.15 79.13
N GLU MB 196 -51.95 -130.46 78.29
CA GLU MB 196 -52.06 -131.78 77.67
C GLU MB 196 -51.59 -131.77 76.22
N HIS MB 197 -51.01 -130.65 75.77
CA HIS MB 197 -50.49 -130.53 74.41
C HIS MB 197 -48.98 -130.31 74.37
N THR MB 198 -48.37 -130.01 75.51
CA THR MB 198 -46.92 -129.78 75.57
C THR MB 198 -46.31 -130.82 76.48
N ASP MB 199 -45.15 -131.35 76.08
CA ASP MB 199 -44.49 -132.40 76.84
C ASP MB 199 -43.55 -131.82 77.91
N VAL MB 200 -42.84 -130.74 77.57
CA VAL MB 200 -41.96 -130.04 78.49
C VAL MB 200 -42.14 -128.55 78.27
N ALA MB 201 -42.49 -127.83 79.36
CA ALA MB 201 -42.67 -126.39 79.30
C ALA MB 201 -41.61 -125.70 80.17
N VAL MB 202 -40.94 -124.68 79.62
CA VAL MB 202 -39.90 -123.96 80.32
C VAL MB 202 -40.37 -122.53 80.54
N MET MB 203 -40.22 -122.04 81.77
CA MET MB 203 -40.70 -120.70 82.13
C MET MB 203 -39.56 -119.70 81.94
N LEU MB 204 -39.80 -118.74 81.05
CA LEU MB 204 -38.91 -117.60 80.89
C LEU MB 204 -39.64 -116.36 81.38
N ASP MB 205 -38.88 -115.50 82.03
CA ASP MB 205 -39.43 -114.32 82.66
C ASP MB 205 -38.57 -113.13 82.27
N ASN MB 206 -39.24 -111.98 82.15
CA ASN MB 206 -38.58 -110.82 81.57
C ASN MB 206 -37.70 -110.13 82.61
N GLU MB 207 -38.22 -109.85 83.82
CA GLU MB 207 -37.42 -109.16 84.82
C GLU MB 207 -36.36 -110.07 85.45
N ALA MB 208 -36.55 -111.38 85.31
CA ALA MB 208 -35.53 -112.35 85.68
C ALA MB 208 -34.27 -112.17 84.83
N ILE MB 209 -34.43 -111.88 83.53
CA ILE MB 209 -33.27 -111.67 82.67
C ILE MB 209 -32.84 -110.21 82.71
N TYR MB 210 -33.73 -109.29 83.16
CA TYR MB 210 -33.32 -107.91 83.36
C TYR MB 210 -32.25 -107.80 84.45
N ASP MB 211 -32.50 -108.43 85.61
CA ASP MB 211 -31.58 -108.26 86.72
C ASP MB 211 -30.39 -109.21 86.62
N ILE MB 212 -30.47 -110.24 85.77
CA ILE MB 212 -29.26 -110.95 85.39
C ILE MB 212 -28.34 -110.03 84.60
N CYS MB 213 -28.92 -109.28 83.63
CA CYS MB 213 -28.17 -108.34 82.82
C CYS MB 213 -27.67 -107.17 83.67
N ARG MB 214 -28.28 -106.99 84.84
CA ARG MB 214 -27.88 -105.88 85.69
C ARG MB 214 -26.66 -106.21 86.54
N ARG MB 215 -26.66 -107.38 87.21
CA ARG MB 215 -25.63 -107.66 88.22
C ARG MB 215 -24.45 -108.44 87.66
N ASN MB 216 -24.69 -109.20 86.59
CA ASN MB 216 -23.63 -109.96 85.94
C ASN MB 216 -22.89 -109.12 84.91
N LEU MB 217 -23.60 -108.74 83.84
CA LEU MB 217 -22.95 -108.06 82.72
C LEU MB 217 -22.74 -106.58 83.00
N ASP MB 218 -23.40 -106.04 84.04
CA ASP MB 218 -23.29 -104.64 84.43
C ASP MB 218 -23.70 -103.76 83.25
N ILE MB 219 -24.89 -104.07 82.73
CA ILE MB 219 -25.49 -103.29 81.66
C ILE MB 219 -26.66 -102.56 82.27
N GLU MB 220 -26.47 -101.25 82.45
CA GLU MB 220 -27.47 -100.42 83.08
C GLU MB 220 -28.61 -100.13 82.09
N ARG MB 221 -28.35 -100.32 80.80
CA ARG MB 221 -29.30 -99.96 79.77
C ARG MB 221 -29.56 -101.15 78.84
N PRO MB 222 -30.13 -102.28 79.30
CA PRO MB 222 -30.32 -103.41 78.39
C PRO MB 222 -31.60 -103.21 77.59
N THR MB 223 -31.80 -104.07 76.59
CA THR MB 223 -32.99 -104.01 75.76
C THR MB 223 -33.43 -105.44 75.39
N TYR MB 224 -34.43 -105.58 74.50
CA TYR MB 224 -34.85 -106.88 74.02
C TYR MB 224 -33.78 -107.63 73.24
N THR MB 225 -32.91 -106.93 72.50
CA THR MB 225 -31.82 -107.60 71.80
C THR MB 225 -30.80 -108.21 72.76
N ASN MB 226 -30.56 -107.52 73.89
CA ASN MB 226 -29.63 -107.98 74.90
C ASN MB 226 -30.18 -109.22 75.58
N LEU MB 227 -31.50 -109.27 75.83
CA LEU MB 227 -32.15 -110.41 76.47
C LEU MB 227 -32.12 -111.62 75.56
N ASN MB 228 -32.37 -111.41 74.27
CA ASN MB 228 -32.59 -112.53 73.36
C ASN MB 228 -31.28 -113.20 72.99
N ARG MB 229 -30.14 -112.52 73.22
CA ARG MB 229 -28.83 -113.14 73.02
C ARG MB 229 -28.64 -114.25 74.04
N LEU MB 230 -28.98 -113.91 75.29
CA LEU MB 230 -28.83 -114.84 76.39
C LEU MB 230 -29.78 -116.02 76.24
N ILE MB 231 -31.00 -115.78 75.75
CA ILE MB 231 -31.99 -116.85 75.54
C ILE MB 231 -31.53 -117.74 74.39
N ALA MB 232 -30.90 -117.15 73.37
CA ALA MB 232 -30.45 -117.93 72.23
C ALA MB 232 -29.27 -118.82 72.64
N GLN MB 233 -28.47 -118.36 73.62
CA GLN MB 233 -27.38 -119.16 74.15
C GLN MB 233 -27.91 -120.38 74.88
N VAL MB 234 -29.05 -120.24 75.56
CA VAL MB 234 -29.65 -121.33 76.32
C VAL MB 234 -30.19 -122.39 75.35
N ILE MB 235 -30.85 -121.95 74.27
CA ILE MB 235 -31.37 -122.88 73.27
C ILE MB 235 -30.22 -123.61 72.57
N SER MB 236 -29.15 -122.89 72.26
CA SER MB 236 -27.97 -123.48 71.63
C SER MB 236 -27.31 -124.49 72.58
N SER MB 237 -27.24 -124.14 73.87
CA SER MB 237 -26.63 -125.02 74.87
C SER MB 237 -27.49 -126.27 75.09
N LEU MB 238 -28.81 -126.13 74.90
CA LEU MB 238 -29.73 -127.23 75.16
C LEU MB 238 -29.65 -128.26 74.03
N THR MB 239 -29.46 -127.79 72.80
CA THR MB 239 -29.47 -128.64 71.63
C THR MB 239 -28.05 -128.91 71.11
N ALA MB 240 -27.04 -128.49 71.88
CA ALA MB 240 -25.65 -128.68 71.48
C ALA MB 240 -25.28 -130.16 71.46
N SER MB 241 -25.99 -130.95 72.27
CA SER MB 241 -25.79 -132.39 72.32
C SER MB 241 -26.15 -133.05 70.98
N LEU MB 242 -27.23 -132.59 70.32
CA LEU MB 242 -27.64 -133.13 69.03
C LEU MB 242 -26.60 -132.81 67.96
N ARG MB 243 -26.05 -131.59 68.00
CA ARG MB 243 -25.28 -131.09 66.88
C ARG MB 243 -23.84 -131.58 66.97
N PHE MB 244 -23.27 -131.51 68.18
CA PHE MB 244 -21.86 -131.84 68.36
C PHE MB 244 -21.70 -133.03 69.29
N ASP MB 245 -20.70 -133.86 68.98
CA ASP MB 245 -20.38 -135.04 69.76
C ASP MB 245 -19.82 -134.63 71.12
N GLY MB 246 -20.17 -135.44 72.13
CA GLY MB 246 -19.78 -135.19 73.51
C GLY MB 246 -19.44 -136.49 74.23
N ALA MB 247 -18.81 -136.35 75.41
CA ALA MB 247 -18.44 -137.50 76.23
C ALA MB 247 -19.68 -138.24 76.74
N LEU MB 248 -20.68 -137.48 77.21
CA LEU MB 248 -21.89 -138.05 77.77
C LEU MB 248 -23.06 -137.17 77.37
N ASN MB 249 -23.78 -137.62 76.34
CA ASN MB 249 -24.79 -136.79 75.68
C ASN MB 249 -26.21 -137.19 76.11
N VAL MB 250 -27.09 -136.19 76.22
CA VAL MB 250 -28.51 -136.41 76.38
C VAL MB 250 -29.24 -135.53 75.36
N ASP MB 251 -30.20 -136.13 74.65
CA ASP MB 251 -30.88 -135.48 73.53
C ASP MB 251 -32.18 -134.82 73.99
N VAL MB 252 -33.01 -134.41 73.02
CA VAL MB 252 -34.30 -133.77 73.26
C VAL MB 252 -35.27 -134.75 73.94
N THR MB 253 -35.29 -135.98 73.45
CA THR MB 253 -36.25 -136.99 73.89
C THR MB 253 -36.02 -137.40 75.35
N GLU MB 254 -34.76 -137.49 75.77
CA GLU MB 254 -34.40 -137.92 77.12
C GLU MB 254 -34.59 -136.83 78.20
N PHE MB 255 -35.04 -135.61 77.83
CA PHE MB 255 -35.34 -134.61 78.84
C PHE MB 255 -36.59 -134.97 79.62
N GLN MB 256 -37.65 -135.33 78.88
CA GLN MB 256 -38.93 -135.64 79.51
C GLN MB 256 -38.91 -136.96 80.26
N THR MB 257 -37.91 -137.80 79.99
CA THR MB 257 -37.76 -139.03 80.77
C THR MB 257 -37.29 -138.73 82.19
N ASN MB 258 -36.44 -137.70 82.33
CA ASN MB 258 -35.75 -137.45 83.59
C ASN MB 258 -36.28 -136.21 84.32
N LEU MB 259 -37.13 -135.42 83.65
CA LEU MB 259 -37.60 -134.16 84.24
C LEU MB 259 -39.10 -134.19 84.56
N VAL MB 260 -39.83 -135.14 83.97
CA VAL MB 260 -41.28 -135.12 84.04
C VAL MB 260 -41.74 -136.38 84.76
N PRO MB 261 -41.91 -136.37 86.09
CA PRO MB 261 -42.32 -137.58 86.82
C PRO MB 261 -43.81 -137.91 86.77
N TYR MB 262 -44.63 -136.92 86.41
CA TYR MB 262 -46.07 -137.11 86.30
C TYR MB 262 -46.57 -136.35 85.08
N PRO MB 263 -47.67 -136.83 84.44
CA PRO MB 263 -48.24 -136.19 83.26
C PRO MB 263 -48.63 -134.72 83.42
N ARG MB 264 -49.09 -134.34 84.62
CA ARG MB 264 -49.51 -132.98 84.90
C ARG MB 264 -48.33 -132.06 85.23
N ILE MB 265 -47.16 -132.62 85.50
CA ILE MB 265 -46.07 -131.85 86.08
C ILE MB 265 -44.94 -131.72 85.06
N HIS MB 266 -45.01 -130.69 84.22
CA HIS MB 266 -43.97 -130.47 83.23
C HIS MB 266 -43.59 -129.00 83.12
N PHE MB 267 -43.61 -128.31 84.27
CA PHE MB 267 -43.18 -126.93 84.33
C PHE MB 267 -41.87 -126.85 85.09
N MET MB 268 -40.88 -126.17 84.50
CA MET MB 268 -39.54 -126.25 85.05
C MET MB 268 -38.77 -124.94 84.84
N LEU MB 269 -37.77 -124.73 85.69
CA LEU MB 269 -36.99 -123.50 85.76
C LEU MB 269 -36.00 -123.46 84.59
N SER MB 270 -35.16 -122.43 84.56
CA SER MB 270 -34.02 -122.35 83.65
C SER MB 270 -32.95 -121.48 84.30
N SER MB 271 -31.67 -121.80 83.99
CA SER MB 271 -30.54 -121.04 84.49
C SER MB 271 -29.34 -121.32 83.60
N TYR MB 272 -28.56 -120.27 83.32
CA TYR MB 272 -27.35 -120.39 82.51
C TYR MB 272 -26.20 -119.70 83.22
N ALA MB 273 -25.04 -120.36 83.23
CA ALA MB 273 -23.87 -119.85 83.90
C ALA MB 273 -22.63 -120.39 83.19
N PRO MB 274 -21.54 -119.60 83.03
CA PRO MB 274 -21.44 -118.23 83.51
C PRO MB 274 -22.02 -117.23 82.51
N ILE MB 275 -22.46 -116.08 83.06
CA ILE MB 275 -22.83 -114.93 82.25
C ILE MB 275 -21.94 -113.79 82.69
N ILE MB 276 -20.80 -113.68 81.99
CA ILE MB 276 -19.72 -112.80 82.37
C ILE MB 276 -19.30 -112.04 81.11
N SER MB 277 -19.16 -110.72 81.29
CA SER MB 277 -18.67 -109.84 80.25
C SER MB 277 -17.14 -109.86 80.25
N ALA MB 278 -16.55 -109.00 79.39
CA ALA MB 278 -15.11 -108.86 79.25
C ALA MB 278 -14.49 -108.24 80.50
N GLU MB 279 -15.33 -107.59 81.33
CA GLU MB 279 -14.90 -107.02 82.62
C GLU MB 279 -14.33 -108.10 83.54
N LYS MB 280 -15.21 -109.04 83.93
CA LYS MB 280 -14.95 -109.97 85.01
C LYS MB 280 -14.18 -111.22 84.55
N ALA MB 281 -14.21 -111.51 83.22
CA ALA MB 281 -13.75 -112.78 82.66
C ALA MB 281 -12.25 -113.03 82.89
N TYR MB 282 -11.50 -111.97 83.17
CA TYR MB 282 -10.06 -112.09 83.33
C TYR MB 282 -9.70 -112.74 84.67
N HIS MB 283 -10.59 -112.59 85.68
CA HIS MB 283 -10.16 -112.58 87.08
C HIS MB 283 -10.78 -113.67 87.96
N GLU MB 284 -11.24 -114.77 87.37
CA GLU MB 284 -11.55 -115.95 88.15
C GLU MB 284 -11.14 -117.19 87.35
N GLN MB 285 -10.91 -118.30 88.07
CA GLN MB 285 -11.11 -119.58 87.42
C GLN MB 285 -12.58 -119.64 86.98
N LEU MB 286 -12.78 -120.08 85.74
CA LEU MB 286 -14.12 -120.49 85.35
C LEU MB 286 -14.26 -121.99 85.62
N SER MB 287 -13.89 -122.41 86.85
CA SER MB 287 -13.82 -123.81 87.21
C SER MB 287 -15.23 -124.40 87.21
N VAL MB 288 -15.26 -125.73 87.03
CA VAL MB 288 -16.50 -126.45 86.88
C VAL MB 288 -17.30 -126.38 88.18
N ALA MB 289 -16.59 -126.36 89.33
CA ALA MB 289 -17.19 -126.18 90.63
C ALA MB 289 -17.83 -124.80 90.77
N GLU MB 290 -17.16 -123.78 90.24
CA GLU MB 290 -17.59 -122.39 90.43
C GLU MB 290 -18.79 -122.06 89.54
N ILE MB 291 -18.81 -122.62 88.32
CA ILE MB 291 -19.90 -122.31 87.40
C ILE MB 291 -21.17 -123.07 87.78
N THR MB 292 -21.01 -124.24 88.41
CA THR MB 292 -22.19 -124.97 88.86
C THR MB 292 -22.69 -124.41 90.19
N ASN MB 293 -21.84 -123.69 90.92
CA ASN MB 293 -22.28 -123.02 92.14
C ASN MB 293 -23.15 -121.82 91.80
N SER MB 294 -22.76 -121.07 90.77
CA SER MB 294 -23.50 -119.90 90.32
C SER MB 294 -24.81 -120.32 89.65
N ALA MB 295 -24.83 -121.54 89.07
CA ALA MB 295 -26.02 -122.04 88.38
C ALA MB 295 -27.16 -122.26 89.38
N PHE MB 296 -26.83 -122.80 90.55
CA PHE MB 296 -27.83 -123.12 91.56
C PHE MB 296 -28.13 -121.92 92.46
N GLU MB 297 -27.44 -120.80 92.25
CA GLU MB 297 -27.65 -119.60 93.05
C GLU MB 297 -29.05 -119.06 92.78
N PRO MB 298 -29.82 -118.71 93.84
CA PRO MB 298 -31.21 -118.25 93.64
C PRO MB 298 -31.30 -116.93 92.88
N ALA MB 299 -30.20 -116.16 92.85
CA ALA MB 299 -30.20 -114.90 92.12
C ALA MB 299 -30.05 -115.12 90.61
N SER MB 300 -29.65 -116.34 90.21
CA SER MB 300 -29.38 -116.66 88.81
C SER MB 300 -30.53 -117.41 88.14
N MET MB 301 -31.66 -117.55 88.85
CA MET MB 301 -32.86 -118.12 88.26
C MET MB 301 -33.35 -117.22 87.11
N MET MB 302 -33.95 -117.84 86.11
CA MET MB 302 -34.42 -117.11 84.94
C MET MB 302 -35.94 -117.23 84.82
N ALA MB 303 -36.64 -117.25 85.97
CA ALA MB 303 -38.10 -117.31 85.95
C ALA MB 303 -38.76 -116.43 87.02
N LYS MB 304 -37.95 -115.75 87.85
CA LYS MB 304 -38.37 -114.86 88.93
C LYS MB 304 -39.28 -115.60 89.91
N CYS MB 305 -38.68 -116.58 90.58
CA CYS MB 305 -39.27 -117.26 91.71
C CYS MB 305 -38.11 -117.82 92.53
N ASP MB 306 -38.04 -117.38 93.79
CA ASP MB 306 -36.95 -117.70 94.69
C ASP MB 306 -37.08 -119.18 95.06
N PRO MB 307 -36.24 -120.07 94.50
CA PRO MB 307 -36.55 -121.51 94.52
C PRO MB 307 -36.37 -122.22 95.85
N ARG MB 308 -35.98 -121.47 96.89
CA ARG MB 308 -35.70 -122.04 98.20
C ARG MB 308 -36.97 -122.42 98.95
N HIS MB 309 -38.13 -121.89 98.53
CA HIS MB 309 -39.38 -122.23 99.20
C HIS MB 309 -40.08 -123.43 98.56
N GLY MB 310 -39.31 -124.29 97.92
CA GLY MB 310 -39.82 -125.51 97.33
C GLY MB 310 -38.76 -126.61 97.34
N LYS MB 311 -39.09 -127.74 96.73
CA LYS MB 311 -38.16 -128.85 96.60
C LYS MB 311 -37.83 -129.07 95.13
N TYR MB 312 -36.54 -129.28 94.84
CA TYR MB 312 -36.10 -129.65 93.50
C TYR MB 312 -36.56 -131.07 93.20
N MET MB 313 -37.61 -131.15 92.36
CA MET MB 313 -38.19 -132.43 91.99
C MET MB 313 -37.20 -133.23 91.14
N ALA MB 314 -36.58 -132.56 90.18
CA ALA MB 314 -35.65 -133.19 89.23
C ALA MB 314 -34.78 -132.10 88.64
N CYS MB 315 -33.63 -132.50 88.09
CA CYS MB 315 -32.66 -131.53 87.62
C CYS MB 315 -31.89 -132.09 86.44
N CYS MB 316 -31.57 -131.21 85.48
CA CYS MB 316 -30.69 -131.53 84.36
C CYS MB 316 -29.60 -130.47 84.26
N LEU MB 317 -28.37 -130.92 83.98
CA LEU MB 317 -27.25 -130.02 83.76
C LEU MB 317 -26.60 -130.31 82.40
N MET MB 318 -26.50 -129.26 81.59
CA MET MB 318 -25.77 -129.30 80.33
C MET MB 318 -24.43 -128.61 80.51
N TYR MB 319 -23.40 -129.17 79.86
CA TYR MB 319 -22.05 -128.63 79.94
C TYR MB 319 -21.49 -128.48 78.53
N ARG MB 320 -20.75 -127.39 78.34
CA ARG MB 320 -20.09 -127.12 77.07
C ARG MB 320 -18.62 -126.91 77.34
N GLY MB 321 -17.78 -127.21 76.33
CA GLY MB 321 -16.36 -126.89 76.39
C GLY MB 321 -15.56 -127.91 77.20
N ASP MB 322 -14.41 -127.46 77.72
CA ASP MB 322 -13.40 -128.34 78.29
C ASP MB 322 -13.82 -128.85 79.68
N VAL MB 323 -14.90 -129.65 79.71
CA VAL MB 323 -15.40 -130.17 80.96
C VAL MB 323 -15.12 -131.67 81.01
N VAL MB 324 -14.42 -132.09 82.06
CA VAL MB 324 -14.11 -133.51 82.24
C VAL MB 324 -15.21 -134.13 83.11
N PRO MB 325 -15.55 -135.43 82.93
CA PRO MB 325 -16.59 -136.08 83.73
C PRO MB 325 -16.41 -136.09 85.25
N LYS MB 326 -15.16 -136.23 85.71
CA LYS MB 326 -14.87 -136.31 87.13
C LYS MB 326 -15.03 -134.96 87.83
N ASP MB 327 -14.94 -133.86 87.06
CA ASP MB 327 -15.18 -132.54 87.62
C ASP MB 327 -16.68 -132.31 87.81
N VAL MB 328 -17.51 -132.95 86.97
CA VAL MB 328 -18.95 -132.88 87.10
C VAL MB 328 -19.39 -133.59 88.39
N ASN MB 329 -18.85 -134.79 88.61
CA ASN MB 329 -19.20 -135.61 89.77
C ASN MB 329 -18.76 -134.95 91.07
N ALA MB 330 -17.60 -134.28 91.05
CA ALA MB 330 -17.15 -133.50 92.20
C ALA MB 330 -18.06 -132.29 92.41
N ALA MB 331 -18.58 -131.74 91.30
CA ALA MB 331 -19.46 -130.57 91.36
C ALA MB 331 -20.83 -130.95 91.93
N VAL MB 332 -21.39 -132.07 91.46
CA VAL MB 332 -22.74 -132.45 91.81
C VAL MB 332 -22.79 -133.02 93.24
N ALA MB 333 -21.65 -133.55 93.72
CA ALA MB 333 -21.58 -134.05 95.09
C ALA MB 333 -21.62 -132.90 96.10
N THR MB 334 -20.99 -131.76 95.72
CA THR MB 334 -20.98 -130.57 96.55
C THR MB 334 -22.39 -129.98 96.67
N ILE MB 335 -23.13 -130.01 95.56
CA ILE MB 335 -24.49 -129.48 95.52
C ILE MB 335 -25.41 -130.31 96.42
N LYS MB 336 -25.28 -131.64 96.34
CA LYS MB 336 -26.04 -132.54 97.20
C LYS MB 336 -25.72 -132.30 98.68
N THR MB 337 -24.44 -132.06 98.97
CA THR MB 337 -23.99 -131.81 100.34
C THR MB 337 -24.61 -130.53 100.89
N LYS MB 338 -24.65 -129.47 100.05
CA LYS MB 338 -25.18 -128.17 100.43
C LYS MB 338 -26.67 -128.31 100.76
N ARG MB 339 -27.08 -127.78 101.92
CA ARG MB 339 -28.43 -127.97 102.42
C ARG MB 339 -29.30 -126.74 102.22
N THR MB 340 -28.78 -125.71 101.53
CA THR MB 340 -29.62 -124.61 101.06
C THR MB 340 -30.62 -125.15 100.03
N ILE MB 341 -30.11 -125.99 99.13
CA ILE MB 341 -30.93 -126.60 98.11
C ILE MB 341 -31.46 -127.92 98.68
N GLN MB 342 -32.78 -128.01 98.80
CA GLN MB 342 -33.44 -129.17 99.37
C GLN MB 342 -33.98 -130.08 98.25
N PHE MB 343 -34.19 -131.36 98.58
CA PHE MB 343 -34.69 -132.33 97.65
C PHE MB 343 -35.94 -133.02 98.20
N VAL MB 344 -36.80 -133.45 97.28
CA VAL MB 344 -37.97 -134.23 97.62
C VAL MB 344 -37.54 -135.64 98.00
N ASP MB 345 -38.32 -136.30 98.86
CA ASP MB 345 -37.95 -137.57 99.46
C ASP MB 345 -37.95 -138.72 98.45
N TRP MB 346 -38.91 -138.70 97.51
CA TRP MB 346 -39.13 -139.85 96.64
C TRP MB 346 -38.17 -139.88 95.45
N CYS MB 347 -37.32 -138.85 95.30
CA CYS MB 347 -36.38 -138.79 94.19
C CYS MB 347 -34.97 -138.67 94.77
N PRO MB 348 -34.37 -139.74 95.33
CA PRO MB 348 -33.09 -139.61 96.02
C PRO MB 348 -31.93 -139.26 95.08
N THR MB 349 -31.97 -139.79 93.85
CA THR MB 349 -31.06 -139.37 92.79
C THR MB 349 -31.86 -138.57 91.75
N GLY MB 350 -31.41 -137.35 91.49
CA GLY MB 350 -32.19 -136.48 90.62
C GLY MB 350 -31.32 -135.59 89.75
N PHE MB 351 -30.19 -136.13 89.27
CA PHE MB 351 -29.33 -135.36 88.39
C PHE MB 351 -29.01 -136.17 87.14
N LYS MB 352 -29.21 -135.54 85.99
CA LYS MB 352 -28.79 -136.11 84.72
C LYS MB 352 -27.86 -135.13 84.03
N CYS MB 353 -26.62 -135.58 83.84
CA CYS MB 353 -25.53 -134.79 83.31
C CYS MB 353 -25.50 -134.88 81.78
N GLY MB 354 -25.04 -133.79 81.13
CA GLY MB 354 -24.79 -133.77 79.71
C GLY MB 354 -23.52 -132.97 79.42
N ILE MB 355 -22.55 -133.60 78.76
CA ILE MB 355 -21.27 -132.96 78.50
C ILE MB 355 -21.05 -132.91 77.00
N ASN MB 356 -20.78 -131.71 76.49
CA ASN MB 356 -20.42 -131.51 75.10
C ASN MB 356 -19.06 -130.82 75.02
N TYR MB 357 -18.23 -131.24 74.06
CA TYR MB 357 -16.86 -130.74 73.94
C TYR MB 357 -16.82 -129.31 73.39
N GLN MB 358 -17.85 -128.90 72.67
CA GLN MB 358 -17.76 -127.69 71.88
C GLN MB 358 -18.07 -126.46 72.75
N PRO MB 359 -17.13 -125.52 72.87
CA PRO MB 359 -17.36 -124.31 73.67
C PRO MB 359 -18.34 -123.38 72.95
N PRO MB 360 -19.08 -122.53 73.69
CA PRO MB 360 -20.04 -121.61 73.08
C PRO MB 360 -19.33 -120.57 72.20
N THR MB 361 -19.98 -120.17 71.12
CA THR MB 361 -19.41 -119.20 70.19
C THR MB 361 -20.05 -117.83 70.39
N VAL MB 362 -19.21 -116.84 70.67
CA VAL MB 362 -19.68 -115.52 71.04
C VAL MB 362 -19.98 -114.73 69.76
N VAL MB 363 -21.12 -114.06 69.72
CA VAL MB 363 -21.40 -113.13 68.62
C VAL MB 363 -20.56 -111.87 68.85
N PRO MB 364 -19.90 -111.29 67.82
CA PRO MB 364 -19.07 -110.10 68.00
C PRO MB 364 -19.89 -108.85 68.29
N GLY MB 365 -19.38 -108.04 69.21
CA GLY MB 365 -19.99 -106.78 69.60
C GLY MB 365 -21.25 -106.95 70.44
N GLY MB 366 -21.43 -108.17 70.98
CA GLY MB 366 -22.54 -108.50 71.87
C GLY MB 366 -22.23 -108.07 73.32
N ASP MB 367 -22.51 -108.96 74.29
CA ASP MB 367 -22.25 -108.61 75.67
C ASP MB 367 -21.60 -109.72 76.50
N LEU MB 368 -21.79 -110.99 76.12
CA LEU MB 368 -21.09 -112.12 76.73
C LEU MB 368 -19.61 -112.08 76.34
N ALA MB 369 -18.71 -112.58 77.22
CA ALA MB 369 -17.31 -112.72 76.86
C ALA MB 369 -17.01 -114.13 76.38
N LYS MB 370 -15.88 -114.29 75.69
CA LYS MB 370 -15.48 -115.63 75.28
C LYS MB 370 -14.97 -116.38 76.50
N VAL MB 371 -15.54 -117.57 76.73
CA VAL MB 371 -15.30 -118.38 77.92
C VAL MB 371 -15.00 -119.80 77.45
N MET MB 372 -14.35 -120.58 78.31
CA MET MB 372 -13.87 -121.92 77.99
C MET MB 372 -14.98 -122.97 78.13
N ARG MB 373 -15.93 -122.69 79.04
CA ARG MB 373 -16.94 -123.67 79.41
C ARG MB 373 -18.17 -122.94 79.93
N ALA MB 374 -19.32 -123.62 79.86
CA ALA MB 374 -20.60 -123.06 80.27
C ALA MB 374 -21.52 -124.17 80.77
N VAL MB 375 -22.49 -123.80 81.62
CA VAL MB 375 -23.48 -124.70 82.19
C VAL MB 375 -24.87 -124.16 81.87
N CYS MB 376 -25.77 -125.03 81.45
CA CYS MB 376 -27.17 -124.69 81.29
C CYS MB 376 -28.00 -125.67 82.12
N MET MB 377 -28.49 -125.18 83.27
CA MET MB 377 -29.18 -126.03 84.24
C MET MB 377 -30.68 -125.71 84.19
N ILE MB 378 -31.44 -126.71 83.76
CA ILE MB 378 -32.90 -126.63 83.66
C ILE MB 378 -33.48 -127.66 84.61
N SER MB 379 -34.32 -127.21 85.56
CA SER MB 379 -34.72 -128.06 86.66
C SER MB 379 -36.21 -127.92 86.97
N ASN MB 380 -36.84 -129.05 87.30
CA ASN MB 380 -38.21 -129.09 87.77
C ASN MB 380 -38.19 -128.93 89.29
N SER MB 381 -39.04 -128.02 89.78
CA SER MB 381 -39.14 -127.78 91.21
C SER MB 381 -40.61 -127.75 91.62
N THR MB 382 -40.84 -127.51 92.91
CA THR MB 382 -42.17 -127.36 93.46
C THR MB 382 -42.47 -125.89 93.74
N ALA MB 383 -41.47 -125.02 93.60
CA ALA MB 383 -41.66 -123.59 93.82
C ALA MB 383 -42.46 -122.94 92.69
N ILE MB 384 -42.70 -123.67 91.59
CA ILE MB 384 -43.54 -123.18 90.49
C ILE MB 384 -44.99 -123.00 90.95
N ALA MB 385 -45.40 -123.73 92.00
CA ALA MB 385 -46.75 -123.60 92.56
C ALA MB 385 -47.00 -122.20 93.09
N GLU MB 386 -45.92 -121.47 93.42
CA GLU MB 386 -46.06 -120.09 93.89
C GLU MB 386 -46.48 -119.18 92.74
N VAL MB 387 -45.77 -119.25 91.61
CA VAL MB 387 -45.99 -118.33 90.50
C VAL MB 387 -47.34 -118.61 89.84
N PHE MB 388 -47.79 -119.87 89.90
CA PHE MB 388 -49.13 -120.20 89.45
C PHE MB 388 -50.18 -119.64 90.40
N SER MB 389 -49.89 -119.61 91.71
CA SER MB 389 -50.85 -119.17 92.70
C SER MB 389 -51.03 -117.66 92.67
N ARG MB 390 -49.92 -116.93 92.49
CA ARG MB 390 -49.96 -115.47 92.49
C ARG MB 390 -50.72 -114.97 91.27
N MET MB 391 -50.49 -115.65 90.12
CA MET MB 391 -51.20 -115.34 88.89
C MET MB 391 -52.68 -115.65 89.07
N ASP MB 392 -52.98 -116.70 89.83
CA ASP MB 392 -54.35 -117.14 90.10
C ASP MB 392 -55.09 -116.09 90.92
N HIS MB 393 -54.38 -115.50 91.90
CA HIS MB 393 -55.00 -114.54 92.78
C HIS MB 393 -55.40 -113.27 92.03
N LYS MB 394 -54.56 -112.90 91.05
CA LYS MB 394 -54.79 -111.74 90.20
C LYS MB 394 -56.02 -111.97 89.33
N PHE MB 395 -56.20 -113.19 88.80
CA PHE MB 395 -57.28 -113.52 87.89
C PHE MB 395 -58.62 -113.51 88.62
N ASP MB 396 -58.60 -113.90 89.89
CA ASP MB 396 -59.86 -114.06 90.63
C ASP MB 396 -60.46 -112.70 91.00
N LEU MB 397 -59.62 -111.70 91.27
CA LEU MB 397 -60.10 -110.37 91.63
C LEU MB 397 -60.77 -109.70 90.42
N MET MB 398 -60.16 -109.79 89.24
CA MET MB 398 -60.58 -109.05 88.07
C MET MB 398 -61.80 -109.72 87.43
N TYR MB 399 -61.85 -111.06 87.50
CA TYR MB 399 -62.92 -111.84 86.93
C TYR MB 399 -64.23 -111.69 87.71
N ALA MB 400 -64.16 -111.45 89.02
CA ALA MB 400 -65.29 -111.64 89.93
C ALA MB 400 -66.44 -110.68 89.60
N LYS MB 401 -66.12 -109.60 88.88
CA LYS MB 401 -67.13 -108.61 88.51
C LYS MB 401 -67.05 -108.30 87.01
N ARG MB 402 -66.58 -109.28 86.22
CA ARG MB 402 -66.69 -109.29 84.76
C ARG MB 402 -65.99 -108.08 84.13
N ALA MB 403 -64.68 -107.97 84.40
CA ALA MB 403 -63.88 -106.94 83.76
C ALA MB 403 -63.26 -107.54 82.51
N PHE MB 404 -63.28 -106.79 81.40
CA PHE MB 404 -62.69 -107.21 80.13
C PHE MB 404 -63.32 -108.49 79.58
N VAL MB 405 -64.48 -108.92 80.12
CA VAL MB 405 -65.06 -110.18 79.67
C VAL MB 405 -65.68 -110.01 78.30
N HIS MB 406 -66.31 -108.85 78.11
CA HIS MB 406 -67.13 -108.56 76.96
C HIS MB 406 -66.30 -108.56 75.67
N TRP MB 407 -64.99 -108.32 75.77
CA TRP MB 407 -64.11 -108.48 74.61
C TRP MB 407 -64.02 -109.94 74.20
N TYR MB 408 -63.92 -110.80 75.21
CA TYR MB 408 -63.68 -112.21 74.97
C TYR MB 408 -64.97 -112.87 74.49
N VAL MB 409 -66.09 -112.57 75.17
CA VAL MB 409 -67.35 -113.25 74.90
C VAL MB 409 -67.97 -112.75 73.58
N GLY MB 410 -67.61 -111.53 73.15
CA GLY MB 410 -68.03 -111.00 71.88
C GLY MB 410 -67.34 -111.67 70.69
N GLU MB 411 -66.16 -112.24 70.93
CA GLU MB 411 -65.31 -112.76 69.87
C GLU MB 411 -65.51 -114.25 69.64
N GLY MB 412 -66.44 -114.89 70.37
CA GLY MB 412 -66.84 -116.25 70.02
C GLY MB 412 -66.83 -117.22 71.20
N MET MB 413 -65.91 -116.99 72.14
CA MET MB 413 -65.76 -117.87 73.30
C MET MB 413 -66.92 -117.66 74.26
N GLU MB 414 -67.26 -118.72 74.99
CA GLU MB 414 -68.45 -118.74 75.81
C GLU MB 414 -68.05 -118.55 77.27
N GLU MB 415 -68.81 -117.72 77.98
CA GLU MB 415 -68.62 -117.42 79.40
C GLU MB 415 -68.83 -118.71 80.18
N GLY MB 416 -67.73 -119.31 80.63
CA GLY MB 416 -67.78 -120.68 81.15
C GLY MB 416 -66.51 -121.41 80.75
N GLU MB 417 -65.81 -120.87 79.75
CA GLU MB 417 -64.44 -121.27 79.51
C GLU MB 417 -63.52 -120.60 80.51
N PHE MB 418 -63.92 -119.43 81.05
CA PHE MB 418 -63.14 -118.81 82.12
C PHE MB 418 -63.28 -119.62 83.39
N SER MB 419 -64.47 -120.13 83.69
CA SER MB 419 -64.69 -120.89 84.91
C SER MB 419 -64.01 -122.25 84.82
N GLU MB 420 -64.07 -122.88 83.65
CA GLU MB 420 -63.51 -124.21 83.46
C GLU MB 420 -61.98 -124.13 83.48
N ALA MB 421 -61.43 -123.05 82.93
CA ALA MB 421 -59.97 -122.88 82.92
C ALA MB 421 -59.46 -122.59 84.33
N ARG MB 422 -60.26 -121.86 85.14
CA ARG MB 422 -59.89 -121.49 86.50
C ARG MB 422 -59.84 -122.73 87.39
N GLU MB 423 -60.88 -123.56 87.32
CA GLU MB 423 -60.95 -124.79 88.12
C GLU MB 423 -59.88 -125.78 87.72
N ASP MB 424 -59.52 -125.77 86.43
CA ASP MB 424 -58.45 -126.63 85.95
C ASP MB 424 -57.10 -126.16 86.48
N LEU MB 425 -56.92 -124.84 86.59
CA LEU MB 425 -55.73 -124.30 87.21
C LEU MB 425 -55.71 -124.62 88.71
N ALA MB 426 -56.90 -124.68 89.32
CA ALA MB 426 -57.01 -125.08 90.72
C ALA MB 426 -56.56 -126.52 90.92
N ALA MB 427 -56.81 -127.39 89.93
CA ALA MB 427 -56.32 -128.76 89.97
C ALA MB 427 -54.79 -128.79 89.89
N LEU MB 428 -54.23 -127.85 89.12
CA LEU MB 428 -52.78 -127.74 89.00
C LEU MB 428 -52.18 -127.23 90.31
N GLU MB 429 -52.92 -126.36 91.02
CA GLU MB 429 -52.52 -125.88 92.33
C GLU MB 429 -52.42 -127.05 93.31
N LYS MB 430 -53.48 -127.89 93.31
CA LYS MB 430 -53.56 -128.99 94.25
C LYS MB 430 -52.51 -130.05 93.94
N ASP MB 431 -52.25 -130.28 92.64
CA ASP MB 431 -51.37 -131.35 92.22
C ASP MB 431 -49.92 -131.07 92.63
N TYR MB 432 -49.49 -129.82 92.48
CA TYR MB 432 -48.16 -129.42 92.93
C TYR MB 432 -48.05 -129.44 94.45
N GLU MB 433 -49.18 -129.20 95.12
CA GLU MB 433 -49.18 -129.14 96.57
C GLU MB 433 -49.00 -130.53 97.17
N GLU MB 434 -49.74 -131.50 96.63
CA GLU MB 434 -49.78 -132.85 97.18
C GLU MB 434 -48.48 -133.62 96.92
N VAL MB 435 -47.81 -133.29 95.81
CA VAL MB 435 -46.54 -133.93 95.48
C VAL MB 435 -45.44 -133.46 96.44
N GLY MB 436 -45.38 -132.16 96.72
CA GLY MB 436 -44.21 -131.57 97.36
C GLY MB 436 -44.09 -131.82 98.85
N ILE MB 437 -45.08 -132.47 99.48
CA ILE MB 437 -45.05 -132.63 100.93
C ILE MB 437 -43.94 -133.61 101.34
N MET NB 1 -51.51 -104.97 53.53
CA MET NB 1 -51.39 -104.73 54.97
C MET NB 1 -52.38 -103.65 55.42
N ARG NB 2 -52.13 -103.01 56.57
CA ARG NB 2 -53.14 -102.21 57.27
C ARG NB 2 -53.27 -100.80 56.70
N GLU NB 3 -54.45 -100.17 56.83
CA GLU NB 3 -54.61 -98.75 56.49
C GLU NB 3 -55.57 -98.05 57.47
N ILE NB 4 -55.20 -96.84 57.92
CA ILE NB 4 -56.07 -96.00 58.74
C ILE NB 4 -56.81 -95.01 57.85
N VAL NB 5 -58.14 -95.04 57.89
CA VAL NB 5 -58.94 -94.04 57.18
C VAL NB 5 -59.18 -92.85 58.12
N HIS NB 6 -58.88 -91.64 57.62
CA HIS NB 6 -58.96 -90.44 58.42
C HIS NB 6 -60.21 -89.65 58.06
N VAL NB 7 -60.96 -89.23 59.09
CA VAL NB 7 -62.14 -88.40 58.91
C VAL NB 7 -61.99 -87.16 59.76
N GLN NB 8 -62.07 -85.99 59.11
CA GLN NB 8 -62.02 -84.73 59.82
C GLN NB 8 -63.31 -83.98 59.59
N GLY NB 9 -63.99 -83.64 60.69
CA GLY NB 9 -65.30 -83.00 60.61
C GLY NB 9 -65.34 -81.70 61.41
N GLY NB 10 -65.97 -80.69 60.81
CA GLY NB 10 -66.14 -79.39 61.47
C GLY NB 10 -64.88 -78.54 61.39
N GLN NB 11 -65.06 -77.30 61.86
CA GLN NB 11 -64.03 -76.28 61.87
C GLN NB 11 -62.79 -76.75 62.65
N CYS NB 12 -63.02 -77.30 63.86
CA CYS NB 12 -61.92 -77.54 64.77
C CYS NB 12 -61.22 -78.82 64.34
N GLY NB 13 -62.01 -79.78 63.81
CA GLY NB 13 -61.49 -81.04 63.30
C GLY NB 13 -60.59 -80.84 62.08
N ASN NB 14 -60.97 -79.87 61.24
CA ASN NB 14 -60.28 -79.65 59.97
C ASN NB 14 -58.94 -78.94 60.20
N GLN NB 15 -58.91 -77.98 61.15
CA GLN NB 15 -57.68 -77.27 61.42
C GLN NB 15 -56.66 -78.14 62.15
N ILE NB 16 -57.18 -79.02 63.03
CA ILE NB 16 -56.33 -80.00 63.70
C ILE NB 16 -55.77 -80.98 62.66
N GLY NB 17 -56.68 -81.45 61.80
CA GLY NB 17 -56.31 -82.45 60.81
C GLY NB 17 -55.32 -81.91 59.77
N ALA NB 18 -55.46 -80.62 59.41
CA ALA NB 18 -54.54 -79.97 58.49
C ALA NB 18 -53.12 -79.96 59.08
N LYS NB 19 -53.03 -79.65 60.38
CA LYS NB 19 -51.74 -79.67 61.04
C LYS NB 19 -51.26 -81.11 61.25
N PHE NB 20 -52.20 -82.06 61.35
CA PHE NB 20 -51.81 -83.43 61.57
C PHE NB 20 -51.07 -84.01 60.36
N TRP NB 21 -51.57 -83.71 59.17
CA TRP NB 21 -50.93 -84.24 57.97
C TRP NB 21 -49.61 -83.57 57.71
N GLU NB 22 -49.37 -82.43 58.35
CA GLU NB 22 -48.14 -81.73 58.10
C GLU NB 22 -46.96 -82.41 58.81
N VAL NB 23 -47.23 -82.95 59.99
CA VAL NB 23 -46.18 -83.62 60.73
C VAL NB 23 -45.99 -85.06 60.23
N ILE NB 24 -47.05 -85.69 59.71
CA ILE NB 24 -46.95 -87.02 59.11
C ILE NB 24 -46.16 -86.97 57.80
N SER NB 25 -46.41 -85.94 56.99
CA SER NB 25 -45.66 -85.69 55.78
C SER NB 25 -44.19 -85.40 56.11
N ASP NB 26 -43.98 -84.65 57.21
CA ASP NB 26 -42.63 -84.33 57.64
C ASP NB 26 -41.91 -85.59 58.14
N GLU NB 27 -42.65 -86.46 58.85
CA GLU NB 27 -42.06 -87.67 59.42
C GLU NB 27 -41.73 -88.65 58.30
N HIS NB 28 -42.56 -88.69 57.25
CA HIS NB 28 -42.34 -89.60 56.14
C HIS NB 28 -41.58 -88.96 54.99
N GLY NB 29 -41.21 -87.68 55.13
CA GLY NB 29 -40.40 -86.99 54.14
C GLY NB 29 -41.10 -86.77 52.79
N ILE NB 30 -42.34 -86.29 52.90
CA ILE NB 30 -43.13 -86.00 51.71
C ILE NB 30 -43.08 -84.50 51.46
N ASP NB 31 -42.56 -84.16 50.27
CA ASP NB 31 -42.49 -82.79 49.79
C ASP NB 31 -43.92 -82.27 49.65
N PRO NB 32 -44.21 -80.99 49.99
CA PRO NB 32 -45.55 -80.40 49.81
C PRO NB 32 -46.20 -80.57 48.43
N THR NB 33 -45.36 -80.69 47.39
CA THR NB 33 -45.88 -80.88 46.05
C THR NB 33 -46.33 -82.31 45.82
N GLY NB 34 -46.05 -83.23 46.74
CA GLY NB 34 -46.56 -84.58 46.58
C GLY NB 34 -45.47 -85.66 46.50
N THR NB 35 -44.25 -85.28 46.13
CA THR NB 35 -43.24 -86.28 45.81
C THR NB 35 -42.55 -86.79 47.07
N TYR NB 36 -41.47 -87.55 46.85
CA TYR NB 36 -40.68 -88.12 47.92
C TYR NB 36 -39.28 -87.52 47.94
N CYS NB 37 -38.83 -87.16 49.15
CA CYS NB 37 -37.48 -86.72 49.38
C CYS NB 37 -36.94 -87.41 50.62
N GLY NB 38 -35.61 -87.47 50.73
CA GLY NB 38 -34.94 -87.89 51.97
C GLY NB 38 -34.03 -89.11 51.79
N ASP NB 39 -34.45 -90.08 50.95
CA ASP NB 39 -33.59 -91.14 50.47
C ASP NB 39 -33.22 -92.09 51.60
N SER NB 40 -34.23 -92.66 52.28
CA SER NB 40 -34.05 -93.69 53.29
C SER NB 40 -35.23 -94.66 53.26
N ASP NB 41 -34.97 -95.94 53.57
CA ASP NB 41 -36.00 -96.95 53.41
C ASP NB 41 -37.02 -96.89 54.55
N LEU NB 42 -36.56 -96.62 55.76
CA LEU NB 42 -37.40 -96.60 56.96
C LEU NB 42 -38.58 -95.61 56.87
N GLN NB 43 -38.51 -94.63 55.96
CA GLN NB 43 -39.56 -93.64 55.82
C GLN NB 43 -40.78 -94.21 55.09
N LEU NB 44 -40.64 -95.35 54.41
CA LEU NB 44 -41.53 -95.64 53.29
C LEU NB 44 -42.06 -97.07 53.25
N GLU NB 45 -41.53 -97.98 54.09
CA GLU NB 45 -41.96 -99.38 54.03
C GLU NB 45 -43.39 -99.54 54.56
N ARG NB 46 -43.85 -98.59 55.37
CA ARG NB 46 -45.24 -98.57 55.78
C ARG NB 46 -45.81 -97.19 55.47
N ILE NB 47 -46.20 -97.01 54.21
CA ILE NB 47 -46.76 -95.75 53.75
C ILE NB 47 -48.25 -95.88 53.45
N ASN NB 48 -48.69 -97.11 53.20
CA ASN NB 48 -50.06 -97.43 52.83
C ASN NB 48 -51.03 -97.14 54.00
N VAL NB 49 -50.52 -96.94 55.21
CA VAL NB 49 -51.37 -96.68 56.37
C VAL NB 49 -52.02 -95.30 56.31
N PHE NB 50 -51.38 -94.37 55.59
CA PHE NB 50 -51.84 -93.00 55.53
C PHE NB 50 -51.85 -92.43 54.11
N TYR NB 51 -51.18 -93.08 53.14
CA TYR NB 51 -51.03 -92.52 51.80
C TYR NB 51 -51.29 -93.55 50.72
N ASN NB 52 -51.46 -93.06 49.49
CA ASN NB 52 -51.76 -93.92 48.34
C ASN NB 52 -50.95 -93.46 47.14
N GLU NB 53 -50.37 -94.40 46.40
CA GLU NB 53 -49.64 -94.13 45.16
C GLU NB 53 -50.58 -93.59 44.07
N ALA NB 54 -50.11 -92.65 43.26
CA ALA NB 54 -50.92 -91.99 42.24
C ALA NB 54 -50.36 -92.08 40.82
N THR NB 55 -49.64 -93.16 40.48
CA THR NB 55 -48.94 -93.42 39.20
C THR NB 55 -48.23 -92.23 38.55
N GLY NB 56 -48.05 -91.14 39.30
CA GLY NB 56 -47.29 -89.98 38.87
C GLY NB 56 -46.12 -89.80 39.83
N GLY NB 57 -46.03 -90.73 40.80
CA GLY NB 57 -45.04 -90.78 41.86
C GLY NB 57 -45.49 -90.12 43.16
N ARG NB 58 -46.66 -89.48 43.16
CA ARG NB 58 -47.05 -88.67 44.29
C ARG NB 58 -47.94 -89.49 45.23
N PHE NB 59 -47.95 -89.12 46.51
CA PHE NB 59 -48.74 -89.79 47.52
C PHE NB 59 -49.90 -88.89 47.93
N VAL NB 60 -51.12 -89.39 47.79
CA VAL NB 60 -52.29 -88.65 48.24
C VAL NB 60 -52.69 -89.14 49.63
N PRO NB 61 -53.07 -88.22 50.54
CA PRO NB 61 -53.48 -88.59 51.89
C PRO NB 61 -54.77 -89.39 51.90
N ARG NB 62 -54.86 -90.28 52.89
CA ARG NB 62 -56.00 -91.16 53.08
C ARG NB 62 -57.08 -90.48 53.92
N ALA NB 63 -57.48 -89.26 53.52
CA ALA NB 63 -58.26 -88.41 54.40
C ALA NB 63 -59.58 -87.99 53.75
N ILE NB 64 -60.59 -87.76 54.60
CA ILE NB 64 -61.85 -87.17 54.19
C ILE NB 64 -62.03 -85.84 54.92
N LEU NB 65 -62.32 -84.79 54.15
CA LEU NB 65 -62.55 -83.47 54.70
C LEU NB 65 -64.05 -83.20 54.68
N MET NB 66 -64.58 -82.75 55.82
CA MET NB 66 -66.02 -82.74 56.05
C MET NB 66 -66.38 -81.44 56.76
N ASP NB 67 -67.23 -80.64 56.11
CA ASP NB 67 -67.80 -79.48 56.77
C ASP NB 67 -69.15 -79.17 56.14
N LEU NB 68 -69.95 -78.40 56.88
CA LEU NB 68 -71.24 -77.94 56.41
C LEU NB 68 -71.17 -76.54 55.79
N GLU NB 69 -69.96 -75.99 55.66
CA GLU NB 69 -69.76 -74.69 55.02
C GLU NB 69 -68.34 -74.64 54.46
N PRO NB 70 -68.13 -74.06 53.26
CA PRO NB 70 -66.84 -74.17 52.58
C PRO NB 70 -65.77 -73.17 52.99
N GLY NB 71 -66.00 -72.46 54.10
CA GLY NB 71 -65.07 -71.44 54.55
C GLY NB 71 -63.74 -72.04 54.99
N THR NB 72 -63.80 -73.07 55.84
CA THR NB 72 -62.60 -73.65 56.41
C THR NB 72 -61.94 -74.64 55.44
N MET NB 73 -62.68 -75.05 54.41
CA MET NB 73 -62.10 -75.86 53.34
C MET NB 73 -61.04 -75.04 52.58
N ASP NB 74 -61.40 -73.76 52.34
CA ASP NB 74 -60.55 -72.84 51.61
C ASP NB 74 -59.22 -72.63 52.36
N SER NB 75 -59.25 -72.57 53.70
CA SER NB 75 -58.07 -72.33 54.51
C SER NB 75 -57.09 -73.51 54.44
N VAL NB 76 -57.64 -74.73 54.45
CA VAL NB 76 -56.79 -75.91 54.40
C VAL NB 76 -56.21 -76.07 53.00
N ARG NB 77 -57.05 -75.79 51.99
CA ARG NB 77 -56.60 -76.00 50.62
C ARG NB 77 -55.57 -74.95 50.20
N ALA NB 78 -55.68 -73.73 50.71
CA ALA NB 78 -54.79 -72.65 50.31
C ALA NB 78 -53.55 -72.55 51.21
N GLY NB 79 -53.48 -73.39 52.25
CA GLY NB 79 -52.30 -73.41 53.10
C GLY NB 79 -51.14 -74.16 52.45
N PRO NB 80 -49.90 -74.14 53.01
CA PRO NB 80 -48.86 -75.05 52.54
C PRO NB 80 -49.27 -76.49 52.91
N PHE NB 81 -48.78 -77.43 52.10
CA PHE NB 81 -49.21 -78.81 52.09
C PHE NB 81 -50.72 -78.91 51.83
N GLY NB 82 -51.28 -77.96 51.07
CA GLY NB 82 -52.71 -77.95 50.83
C GLY NB 82 -53.07 -78.65 49.52
N GLN NB 83 -52.10 -78.74 48.60
CA GLN NB 83 -52.27 -79.39 47.32
C GLN NB 83 -52.04 -80.91 47.44
N LEU NB 84 -51.79 -81.38 48.67
CA LEU NB 84 -51.57 -82.80 48.89
C LEU NB 84 -52.87 -83.57 48.70
N PHE NB 85 -53.93 -83.03 49.30
CA PHE NB 85 -55.21 -83.71 49.38
C PHE NB 85 -55.86 -83.79 48.00
N ARG NB 86 -56.57 -84.89 47.79
CA ARG NB 86 -57.36 -85.02 46.58
C ARG NB 86 -58.52 -84.02 46.63
N PRO NB 87 -58.79 -83.26 45.55
CA PRO NB 87 -59.89 -82.28 45.55
C PRO NB 87 -61.28 -82.89 45.76
N ASP NB 88 -61.48 -84.13 45.29
CA ASP NB 88 -62.78 -84.77 45.46
C ASP NB 88 -62.96 -85.32 46.87
N ASN NB 89 -61.89 -85.42 47.66
CA ASN NB 89 -62.00 -85.85 49.05
C ASN NB 89 -62.70 -84.82 49.95
N PHE NB 90 -62.67 -83.54 49.53
CA PHE NB 90 -63.42 -82.51 50.21
C PHE NB 90 -64.92 -82.72 49.98
N VAL NB 91 -65.74 -82.37 50.97
CA VAL NB 91 -67.18 -82.32 50.77
C VAL NB 91 -67.69 -81.03 51.38
N PHE NB 92 -68.70 -80.46 50.72
CA PHE NB 92 -69.16 -79.11 51.03
C PHE NB 92 -70.56 -79.14 51.60
N GLY NB 93 -70.84 -78.16 52.47
CA GLY NB 93 -72.20 -77.70 52.69
C GLY NB 93 -72.35 -76.28 52.17
N GLN NB 94 -73.57 -75.77 52.28
CA GLN NB 94 -73.84 -74.41 51.86
C GLN NB 94 -74.54 -73.64 52.98
N THR NB 95 -75.36 -74.34 53.77
CA THR NB 95 -76.08 -73.69 54.85
C THR NB 95 -75.17 -73.46 56.05
N GLY NB 96 -74.68 -74.56 56.63
CA GLY NB 96 -73.83 -74.51 57.80
C GLY NB 96 -74.64 -74.49 59.10
N ALA NB 97 -74.57 -75.59 59.87
CA ALA NB 97 -75.33 -75.70 61.11
C ALA NB 97 -74.72 -74.75 62.14
N GLY NB 98 -75.55 -73.77 62.54
CA GLY NB 98 -75.13 -72.71 63.44
C GLY NB 98 -74.99 -73.29 64.84
N ASN NB 99 -73.88 -74.02 65.04
CA ASN NB 99 -73.51 -74.75 66.24
C ASN NB 99 -74.71 -75.35 66.96
N ASN NB 100 -75.61 -75.98 66.18
CA ASN NB 100 -76.80 -76.63 66.68
C ASN NB 100 -76.65 -78.12 66.44
N TRP NB 101 -76.72 -78.89 67.53
CA TRP NB 101 -76.57 -80.33 67.40
C TRP NB 101 -77.70 -80.94 66.57
N ALA NB 102 -78.93 -80.43 66.77
CA ALA NB 102 -80.11 -80.96 66.12
C ALA NB 102 -80.03 -80.75 64.61
N LYS NB 103 -79.58 -79.54 64.24
CA LYS NB 103 -79.56 -79.18 62.82
C LYS NB 103 -78.47 -79.91 62.06
N GLY NB 104 -77.42 -80.34 62.79
CA GLY NB 104 -76.31 -81.06 62.16
C GLY NB 104 -76.58 -82.57 62.11
N HIS NB 105 -77.49 -83.04 62.97
CA HIS NB 105 -77.74 -84.46 63.10
C HIS NB 105 -79.10 -84.87 62.54
N TYR NB 106 -79.97 -83.91 62.21
CA TYR NB 106 -81.30 -84.34 61.79
C TYR NB 106 -81.77 -83.66 60.51
N THR NB 107 -81.32 -82.41 60.32
CA THR NB 107 -81.86 -81.62 59.22
C THR NB 107 -80.81 -81.36 58.13
N GLU NB 108 -79.70 -80.71 58.46
CA GLU NB 108 -78.76 -80.27 57.44
C GLU NB 108 -77.68 -81.33 57.20
N GLY NB 109 -77.32 -82.08 58.25
CA GLY NB 109 -76.33 -83.13 58.06
C GLY NB 109 -76.88 -84.40 57.44
N ALA NB 110 -78.22 -84.52 57.43
CA ALA NB 110 -78.87 -85.74 56.95
C ALA NB 110 -78.78 -85.81 55.43
N GLU NB 111 -79.00 -84.70 54.73
CA GLU NB 111 -79.01 -84.75 53.27
C GLU NB 111 -77.57 -84.79 52.73
N LEU NB 112 -76.57 -84.44 53.55
CA LEU NB 112 -75.19 -84.45 53.11
C LEU NB 112 -74.52 -85.81 53.31
N ILE NB 113 -75.00 -86.58 54.30
CA ILE NB 113 -74.32 -87.78 54.74
C ILE NB 113 -74.39 -88.88 53.69
N ASP NB 114 -75.40 -88.84 52.80
CA ASP NB 114 -75.53 -89.66 51.59
C ASP NB 114 -74.26 -89.57 50.75
N SER NB 115 -73.76 -88.34 50.56
CA SER NB 115 -72.72 -88.07 49.59
C SER NB 115 -71.39 -88.51 50.18
N VAL NB 116 -71.17 -88.16 51.44
CA VAL NB 116 -69.83 -88.36 52.01
C VAL NB 116 -69.65 -89.80 52.46
N LEU NB 117 -70.77 -90.52 52.67
CA LEU NB 117 -70.70 -91.92 53.02
C LEU NB 117 -70.17 -92.71 51.82
N ASP NB 118 -70.45 -92.18 50.62
CA ASP NB 118 -69.90 -92.74 49.40
C ASP NB 118 -68.39 -92.58 49.35
N VAL NB 119 -67.90 -91.41 49.79
CA VAL NB 119 -66.48 -91.12 49.74
C VAL NB 119 -65.74 -92.00 50.76
N VAL NB 120 -66.40 -92.30 51.88
CA VAL NB 120 -65.82 -93.20 52.88
C VAL NB 120 -65.75 -94.61 52.31
N ARG NB 121 -66.88 -95.07 51.74
CA ARG NB 121 -66.96 -96.41 51.16
C ARG NB 121 -65.98 -96.57 49.99
N LYS NB 122 -65.76 -95.47 49.25
CA LYS NB 122 -64.81 -95.45 48.16
C LYS NB 122 -63.40 -95.80 48.65
N GLU NB 123 -63.04 -95.21 49.80
CA GLU NB 123 -61.71 -95.37 50.37
C GLU NB 123 -61.62 -96.60 51.26
N ALA NB 124 -62.73 -96.98 51.90
CA ALA NB 124 -62.75 -98.11 52.81
C ALA NB 124 -62.58 -99.44 52.04
N GLU NB 125 -63.44 -99.68 51.04
CA GLU NB 125 -63.45 -100.94 50.29
C GLU NB 125 -62.21 -101.13 49.39
N GLY NB 126 -61.55 -99.98 49.09
CA GLY NB 126 -60.41 -99.84 48.20
C GLY NB 126 -59.23 -100.79 48.48
N CYS NB 127 -59.05 -101.22 49.74
CA CYS NB 127 -57.84 -101.96 50.12
C CYS NB 127 -58.18 -103.39 50.54
N ASP NB 128 -57.10 -104.14 50.86
CA ASP NB 128 -57.09 -105.54 51.24
C ASP NB 128 -57.97 -105.75 52.49
N CYS NB 129 -57.50 -105.31 53.67
CA CYS NB 129 -58.32 -105.09 54.85
C CYS NB 129 -57.85 -103.81 55.53
N LEU NB 130 -58.79 -102.97 55.99
CA LEU NB 130 -58.42 -101.77 56.73
C LEU NB 130 -58.28 -102.07 58.22
N GLN NB 131 -57.36 -101.34 58.87
CA GLN NB 131 -57.09 -101.51 60.28
C GLN NB 131 -58.17 -100.83 61.11
N GLY NB 132 -58.65 -99.65 60.68
CA GLY NB 132 -59.66 -98.93 61.43
C GLY NB 132 -59.80 -97.49 60.98
N PHE NB 133 -60.62 -96.73 61.71
CA PHE NB 133 -60.92 -95.35 61.39
C PHE NB 133 -60.38 -94.44 62.49
N GLN NB 134 -59.99 -93.22 62.10
CA GLN NB 134 -59.58 -92.20 63.05
C GLN NB 134 -60.33 -90.91 62.74
N ILE NB 135 -60.97 -90.35 63.77
CA ILE NB 135 -61.87 -89.21 63.58
C ILE NB 135 -61.45 -88.09 64.52
N THR NB 136 -61.28 -86.89 63.92
CA THR NB 136 -61.02 -85.69 64.68
C THR NB 136 -62.20 -84.74 64.51
N HIS NB 137 -62.77 -84.28 65.63
CA HIS NB 137 -63.88 -83.35 65.60
C HIS NB 137 -63.95 -82.57 66.91
N SER NB 138 -64.94 -81.68 67.00
CA SER NB 138 -65.17 -80.83 68.16
C SER NB 138 -66.54 -81.15 68.73
N LEU NB 139 -66.61 -81.40 70.05
CA LEU NB 139 -67.88 -81.75 70.67
C LEU NB 139 -68.69 -80.51 71.07
N GLY NB 140 -68.11 -79.33 70.88
CA GLY NB 140 -68.75 -78.08 71.27
C GLY NB 140 -69.51 -77.41 70.13
N GLY NB 141 -69.27 -77.85 68.89
CA GLY NB 141 -69.78 -77.21 67.69
C GLY NB 141 -71.04 -77.90 67.17
N GLY NB 142 -71.44 -77.48 65.97
CA GLY NB 142 -72.62 -78.06 65.34
C GLY NB 142 -72.25 -79.09 64.29
N THR NB 143 -71.46 -78.65 63.30
CA THR NB 143 -71.09 -79.49 62.18
C THR NB 143 -70.03 -80.50 62.57
N GLY NB 144 -69.30 -80.24 63.68
CA GLY NB 144 -68.29 -81.17 64.17
C GLY NB 144 -68.91 -82.22 65.11
N SER NB 145 -69.72 -81.74 66.07
CA SER NB 145 -70.34 -82.62 67.05
C SER NB 145 -71.53 -83.35 66.44
N GLY NB 146 -72.52 -82.58 65.99
CA GLY NB 146 -73.79 -83.17 65.56
C GLY NB 146 -73.65 -84.03 64.30
N MET NB 147 -73.04 -83.47 63.24
CA MET NB 147 -72.92 -84.23 62.01
C MET NB 147 -71.76 -85.24 62.09
N GLY NB 148 -70.76 -84.93 62.92
CA GLY NB 148 -69.63 -85.83 63.11
C GLY NB 148 -70.04 -87.13 63.81
N THR NB 149 -70.89 -86.99 64.84
CA THR NB 149 -71.34 -88.14 65.59
C THR NB 149 -72.33 -88.97 64.76
N LEU NB 150 -73.02 -88.34 63.80
CA LEU NB 150 -73.95 -89.04 62.93
C LEU NB 150 -73.17 -90.05 62.09
N LEU NB 151 -72.03 -89.60 61.55
CA LEU NB 151 -71.18 -90.48 60.75
C LEU NB 151 -70.64 -91.64 61.59
N ILE NB 152 -70.32 -91.36 62.85
CA ILE NB 152 -69.81 -92.38 63.76
C ILE NB 152 -70.87 -93.46 63.94
N SER NB 153 -72.14 -93.06 64.03
CA SER NB 153 -73.25 -94.01 64.13
C SER NB 153 -73.40 -94.77 62.82
N LYS NB 154 -73.23 -94.08 61.68
CA LYS NB 154 -73.38 -94.71 60.37
C LYS NB 154 -72.26 -95.73 60.10
N VAL NB 155 -71.00 -95.33 60.29
CA VAL NB 155 -69.87 -96.15 59.89
C VAL NB 155 -69.60 -97.25 60.91
N ARG NB 156 -70.15 -97.12 62.12
CA ARG NB 156 -70.05 -98.23 63.07
C ARG NB 156 -70.98 -99.37 62.66
N GLU NB 157 -72.15 -99.03 62.10
CA GLU NB 157 -73.13 -100.04 61.73
C GLU NB 157 -72.65 -100.83 60.50
N GLU NB 158 -71.91 -100.16 59.63
CA GLU NB 158 -71.48 -100.77 58.38
C GLU NB 158 -70.15 -101.51 58.55
N TYR NB 159 -69.31 -101.05 59.48
CA TYR NB 159 -68.06 -101.71 59.78
C TYR NB 159 -67.97 -101.92 61.28
N PRO NB 160 -68.63 -102.99 61.80
CA PRO NB 160 -68.72 -103.19 63.23
C PRO NB 160 -67.42 -103.65 63.89
N ASP NB 161 -66.68 -104.53 63.21
CA ASP NB 161 -65.51 -105.17 63.78
C ASP NB 161 -64.30 -104.22 63.81
N ARG NB 162 -64.26 -103.25 62.91
CA ARG NB 162 -63.10 -102.37 62.83
C ARG NB 162 -63.12 -101.37 63.98
N ILE NB 163 -61.94 -100.90 64.38
CA ILE NB 163 -61.83 -100.08 65.58
C ILE NB 163 -62.28 -98.65 65.30
N MET NB 164 -62.42 -97.86 66.39
CA MET NB 164 -63.08 -96.57 66.32
C MET NB 164 -62.39 -95.57 67.25
N GLU NB 165 -61.44 -94.81 66.69
CA GLU NB 165 -60.58 -93.94 67.49
C GLU NB 165 -60.99 -92.49 67.22
N THR NB 166 -61.35 -91.77 68.29
CA THR NB 166 -61.79 -90.39 68.14
C THR NB 166 -60.92 -89.46 68.97
N PHE NB 167 -60.39 -88.43 68.29
CA PHE NB 167 -59.74 -87.32 68.96
C PHE NB 167 -60.76 -86.18 69.08
N SER NB 168 -61.31 -86.01 70.29
CA SER NB 168 -62.35 -85.01 70.52
C SER NB 168 -61.83 -83.89 71.42
N VAL NB 169 -62.31 -82.67 71.18
CA VAL NB 169 -62.11 -81.59 72.13
C VAL NB 169 -63.41 -81.34 72.86
N PHE NB 170 -63.29 -80.81 74.09
CA PHE NB 170 -64.40 -80.67 75.01
C PHE NB 170 -64.67 -79.21 75.33
N PRO NB 171 -65.86 -78.84 75.86
CA PRO NB 171 -66.01 -77.53 76.49
C PRO NB 171 -65.02 -77.31 77.63
N SER NB 172 -64.48 -76.11 77.70
CA SER NB 172 -63.55 -75.71 78.75
C SER NB 172 -64.33 -75.31 80.02
N PRO NB 173 -63.73 -75.39 81.24
CA PRO NB 173 -64.40 -74.87 82.43
C PRO NB 173 -64.49 -73.35 82.49
N LYS NB 174 -63.42 -72.64 82.12
CA LYS NB 174 -63.35 -71.20 82.38
C LYS NB 174 -63.96 -70.39 81.24
N VAL NB 175 -63.42 -70.57 80.04
CA VAL NB 175 -63.80 -69.76 78.90
C VAL NB 175 -65.10 -70.30 78.31
N SER NB 176 -65.84 -69.37 77.72
CA SER NB 176 -67.08 -69.67 77.05
C SER NB 176 -66.91 -69.50 75.55
N ASP NB 177 -66.78 -70.62 74.84
CA ASP NB 177 -67.02 -70.63 73.40
C ASP NB 177 -68.32 -71.36 73.14
N THR NB 178 -69.17 -70.81 72.26
CA THR NB 178 -70.40 -71.44 71.81
C THR NB 178 -71.32 -71.74 73.00
N VAL NB 179 -71.95 -70.67 73.50
CA VAL NB 179 -72.77 -70.61 74.70
C VAL NB 179 -73.67 -71.84 74.90
N VAL NB 180 -74.17 -72.43 73.83
CA VAL NB 180 -74.76 -73.74 74.01
C VAL NB 180 -73.70 -74.83 73.85
N GLU NB 181 -72.76 -74.86 74.82
CA GLU NB 181 -71.79 -75.95 74.94
C GLU NB 181 -72.34 -77.16 75.69
N PRO NB 182 -73.02 -77.05 76.88
CA PRO NB 182 -73.46 -78.25 77.59
C PRO NB 182 -74.57 -78.99 76.85
N TYR NB 183 -75.39 -78.26 76.10
CA TYR NB 183 -76.42 -78.89 75.28
C TYR NB 183 -75.75 -79.74 74.20
N ASN NB 184 -74.72 -79.21 73.52
CA ASN NB 184 -74.06 -79.95 72.47
C ASN NB 184 -73.18 -81.07 73.03
N ALA NB 185 -72.57 -80.83 74.20
CA ALA NB 185 -71.68 -81.81 74.80
C ALA NB 185 -72.48 -83.01 75.31
N THR NB 186 -73.60 -82.74 76.00
CA THR NB 186 -74.40 -83.81 76.59
C THR NB 186 -75.02 -84.67 75.50
N LEU NB 187 -75.56 -84.04 74.44
CA LEU NB 187 -76.22 -84.78 73.38
C LEU NB 187 -75.20 -85.55 72.52
N SER NB 188 -73.96 -85.07 72.47
CA SER NB 188 -72.94 -85.78 71.72
C SER NB 188 -72.45 -87.00 72.50
N VAL NB 189 -72.37 -86.87 73.83
CA VAL NB 189 -71.76 -87.91 74.66
C VAL NB 189 -72.62 -89.17 74.68
N HIS NB 190 -73.94 -89.04 74.83
CA HIS NB 190 -74.74 -90.23 75.09
C HIS NB 190 -74.94 -91.07 73.83
N GLN NB 191 -74.38 -90.59 72.72
CA GLN NB 191 -74.35 -91.30 71.45
C GLN NB 191 -72.92 -91.76 71.14
N LEU NB 192 -71.94 -90.96 71.52
CA LEU NB 192 -70.54 -91.29 71.29
C LEU NB 192 -70.05 -92.35 72.29
N VAL NB 193 -70.79 -92.54 73.39
CA VAL NB 193 -70.38 -93.47 74.43
C VAL NB 193 -70.60 -94.92 73.99
N GLU NB 194 -71.59 -95.17 73.12
CA GLU NB 194 -71.85 -96.54 72.69
C GLU NB 194 -71.36 -96.81 71.28
N ASN NB 195 -70.84 -95.79 70.58
CA ASN NB 195 -70.47 -95.93 69.17
C ASN NB 195 -68.99 -95.68 68.89
N ALA NB 196 -68.22 -95.34 69.93
CA ALA NB 196 -66.78 -95.11 69.75
C ALA NB 196 -66.01 -96.05 70.66
N ASP NB 197 -64.93 -96.62 70.10
CA ASP NB 197 -64.23 -97.69 70.77
C ASP NB 197 -63.17 -97.16 71.73
N GLU NB 198 -62.49 -96.06 71.37
CA GLU NB 198 -61.65 -95.33 72.32
C GLU NB 198 -61.74 -93.84 72.03
N VAL NB 199 -61.88 -93.05 73.11
CA VAL NB 199 -62.10 -91.62 73.01
C VAL NB 199 -61.02 -90.92 73.83
N GLN NB 200 -60.42 -89.88 73.26
CA GLN NB 200 -59.31 -89.20 73.92
C GLN NB 200 -59.62 -87.70 73.99
N VAL NB 201 -59.56 -87.14 75.20
CA VAL NB 201 -60.17 -85.86 75.51
C VAL NB 201 -59.09 -84.79 75.57
N ILE NB 202 -59.30 -83.71 74.81
CA ILE NB 202 -58.46 -82.52 74.83
C ILE NB 202 -59.32 -81.33 75.26
N ASP NB 203 -58.71 -80.43 76.02
CA ASP NB 203 -59.38 -79.22 76.50
C ASP NB 203 -58.40 -78.07 76.36
N ASN NB 204 -58.93 -76.93 75.92
CA ASN NB 204 -58.12 -75.77 75.54
C ASN NB 204 -57.46 -75.14 76.77
N GLU NB 205 -58.06 -75.29 77.96
CA GLU NB 205 -57.47 -74.80 79.19
C GLU NB 205 -56.16 -75.51 79.52
N ALA NB 206 -56.15 -76.82 79.22
CA ALA NB 206 -54.96 -77.63 79.44
C ALA NB 206 -53.85 -77.19 78.48
N LEU NB 207 -54.22 -76.83 77.25
CA LEU NB 207 -53.25 -76.49 76.21
C LEU NB 207 -52.59 -75.14 76.53
N TYR NB 208 -53.38 -74.18 77.02
CA TYR NB 208 -52.84 -72.89 77.39
C TYR NB 208 -51.95 -73.00 78.62
N ASP NB 209 -52.31 -73.95 79.50
CA ASP NB 209 -51.49 -74.20 80.68
C ASP NB 209 -50.13 -74.75 80.27
N ILE NB 210 -50.10 -75.59 79.25
CA ILE NB 210 -48.84 -76.11 78.71
C ILE NB 210 -48.04 -74.98 78.07
N CYS NB 211 -48.73 -74.04 77.40
CA CYS NB 211 -48.05 -72.90 76.82
C CYS NB 211 -47.62 -71.88 77.87
N PHE NB 212 -48.25 -71.89 79.05
CA PHE NB 212 -47.77 -71.09 80.18
C PHE NB 212 -46.45 -71.63 80.69
N ARG NB 213 -46.49 -72.85 81.19
CA ARG NB 213 -45.51 -73.27 82.17
C ARG NB 213 -44.40 -74.13 81.56
N THR NB 214 -44.63 -74.75 80.40
CA THR NB 214 -43.67 -75.71 79.87
C THR NB 214 -42.95 -75.14 78.65
N LEU NB 215 -43.71 -74.73 77.62
CA LEU NB 215 -43.09 -74.27 76.40
C LEU NB 215 -42.60 -72.82 76.55
N LYS NB 216 -43.22 -72.08 77.48
CA LYS NB 216 -42.89 -70.68 77.73
C LYS NB 216 -43.07 -69.85 76.45
N LEU NB 217 -44.02 -70.26 75.59
CA LEU NB 217 -44.34 -69.47 74.41
C LEU NB 217 -45.28 -68.33 74.83
N THR NB 218 -45.02 -67.13 74.31
CA THR NB 218 -45.68 -65.94 74.85
C THR NB 218 -46.97 -65.62 74.07
N THR NB 219 -46.97 -65.94 72.77
CA THR NB 219 -48.13 -65.76 71.91
C THR NB 219 -48.42 -67.03 71.10
N PRO NB 220 -49.01 -68.08 71.72
CA PRO NB 220 -49.44 -69.26 70.98
C PRO NB 220 -50.80 -69.03 70.33
N THR NB 221 -50.86 -69.31 69.02
CA THR NB 221 -52.13 -69.26 68.29
C THR NB 221 -52.71 -70.68 68.21
N TYR NB 222 -53.81 -70.88 67.46
CA TYR NB 222 -54.26 -72.21 67.11
C TYR NB 222 -53.23 -72.97 66.26
N GLY NB 223 -52.28 -72.28 65.63
CA GLY NB 223 -51.19 -72.95 64.96
C GLY NB 223 -50.30 -73.73 65.92
N ASP NB 224 -49.97 -73.15 67.08
CA ASP NB 224 -49.08 -73.80 68.02
C ASP NB 224 -49.78 -74.91 68.78
N LEU NB 225 -51.03 -74.65 69.21
CA LEU NB 225 -51.79 -75.58 70.04
C LEU NB 225 -52.07 -76.87 69.27
N ASN NB 226 -52.41 -76.72 67.99
CA ASN NB 226 -52.72 -77.88 67.17
C ASN NB 226 -51.45 -78.67 66.88
N HIS NB 227 -50.26 -78.07 66.99
CA HIS NB 227 -49.00 -78.79 66.75
C HIS NB 227 -48.80 -79.83 67.85
N LEU NB 228 -49.06 -79.44 69.09
CA LEU NB 228 -48.86 -80.35 70.21
C LEU NB 228 -49.90 -81.47 70.17
N VAL NB 229 -51.15 -81.15 69.82
CA VAL NB 229 -52.21 -82.14 69.69
C VAL NB 229 -51.86 -83.11 68.57
N SER NB 230 -51.33 -82.57 67.46
CA SER NB 230 -50.94 -83.39 66.32
C SER NB 230 -49.75 -84.28 66.67
N ALA NB 231 -48.90 -83.84 67.60
CA ALA NB 231 -47.73 -84.62 67.98
C ALA NB 231 -48.15 -85.91 68.70
N ALA NB 232 -49.22 -85.87 69.51
CA ALA NB 232 -49.70 -87.05 70.21
C ALA NB 232 -50.48 -87.94 69.24
N MET NB 233 -51.10 -87.32 68.22
CA MET NB 233 -51.83 -88.07 67.21
C MET NB 233 -50.87 -88.98 66.43
N SER NB 234 -49.66 -88.48 66.14
CA SER NB 234 -48.65 -89.29 65.47
C SER NB 234 -48.00 -90.27 66.45
N GLY NB 235 -47.89 -89.88 67.72
CA GLY NB 235 -47.21 -90.67 68.74
C GLY NB 235 -48.00 -91.94 69.11
N VAL NB 236 -49.32 -91.87 69.02
CA VAL NB 236 -50.16 -92.99 69.42
C VAL NB 236 -50.15 -94.05 68.32
N THR NB 237 -49.83 -93.66 67.08
CA THR NB 237 -49.88 -94.54 65.93
C THR NB 237 -48.49 -94.74 65.30
N CYS NB 238 -47.44 -94.47 66.07
CA CYS NB 238 -46.07 -94.54 65.57
C CYS NB 238 -45.72 -95.97 65.15
N CYS NB 239 -46.15 -96.95 65.95
CA CYS NB 239 -45.68 -98.31 65.79
C CYS NB 239 -46.34 -99.01 64.60
N LEU NB 240 -47.49 -98.48 64.16
CA LEU NB 240 -48.09 -98.94 62.92
C LEU NB 240 -47.18 -98.58 61.74
N ARG NB 241 -46.47 -97.46 61.82
CA ARG NB 241 -45.73 -96.92 60.67
C ARG NB 241 -44.26 -97.29 60.74
N PHE NB 242 -43.75 -97.57 61.94
CA PHE NB 242 -42.33 -97.87 62.10
C PHE NB 242 -42.19 -99.18 62.88
N PRO NB 243 -41.10 -99.96 62.67
CA PRO NB 243 -40.82 -101.12 63.49
C PRO NB 243 -40.40 -100.73 64.91
N GLY NB 244 -40.16 -101.73 65.76
CA GLY NB 244 -39.86 -101.45 67.15
C GLY NB 244 -39.56 -102.73 67.91
N GLN NB 245 -39.05 -102.58 69.14
CA GLN NB 245 -38.70 -103.72 69.96
C GLN NB 245 -39.96 -104.42 70.47
N LEU NB 246 -40.98 -103.65 70.86
CA LEU NB 246 -42.27 -104.22 71.24
C LEU NB 246 -43.37 -103.48 70.49
N ASN NB 247 -44.24 -104.24 69.80
CA ASN NB 247 -45.24 -103.65 68.93
C ASN NB 247 -46.51 -103.28 69.69
N SER NB 248 -47.21 -102.29 69.14
CA SER NB 248 -48.49 -101.86 69.64
C SER NB 248 -49.24 -101.16 68.52
N ASP NB 249 -50.56 -101.29 68.56
CA ASP NB 249 -51.44 -100.52 67.72
C ASP NB 249 -52.61 -100.05 68.57
N LEU NB 250 -53.67 -99.62 67.89
CA LEU NB 250 -54.81 -99.02 68.58
C LEU NB 250 -55.63 -100.07 69.32
N ARG NB 251 -55.60 -101.32 68.85
CA ARG NB 251 -56.36 -102.37 69.50
C ARG NB 251 -55.61 -102.93 70.71
N LYS NB 252 -54.26 -102.83 70.70
CA LYS NB 252 -53.44 -103.05 71.88
C LYS NB 252 -53.90 -102.09 72.99
N LEU NB 253 -54.17 -100.83 72.62
CA LEU NB 253 -54.63 -99.84 73.60
C LEU NB 253 -56.04 -100.16 74.07
N ALA NB 254 -56.88 -100.68 73.17
CA ALA NB 254 -58.28 -100.91 73.50
C ALA NB 254 -58.43 -102.05 74.50
N VAL NB 255 -57.67 -103.13 74.27
CA VAL NB 255 -57.83 -104.31 75.12
C VAL NB 255 -57.15 -104.09 76.46
N ASN NB 256 -56.29 -103.07 76.55
CA ASN NB 256 -55.48 -102.86 77.75
C ASN NB 256 -55.91 -101.62 78.53
N LEU NB 257 -56.98 -100.94 78.11
CA LEU NB 257 -57.45 -99.77 78.83
C LEU NB 257 -58.96 -99.79 79.11
N ILE NB 258 -59.69 -100.82 78.65
CA ILE NB 258 -61.15 -100.81 78.74
C ILE NB 258 -61.65 -101.95 79.61
N PRO NB 259 -61.79 -101.79 80.95
CA PRO NB 259 -62.35 -102.82 81.82
C PRO NB 259 -63.82 -103.13 81.59
N PHE NB 260 -64.59 -102.06 81.42
CA PHE NB 260 -66.00 -102.18 81.08
C PHE NB 260 -66.26 -101.34 79.84
N PRO NB 261 -67.21 -101.76 78.99
CA PRO NB 261 -67.41 -101.15 77.68
C PRO NB 261 -67.86 -99.68 77.73
N ARG NB 262 -68.52 -99.32 78.84
CA ARG NB 262 -69.12 -98.01 79.02
C ARG NB 262 -68.01 -96.97 79.23
N LEU NB 263 -66.88 -97.38 79.80
CA LEU NB 263 -65.81 -96.45 80.14
C LEU NB 263 -64.67 -96.59 79.13
N HIS NB 264 -64.58 -95.65 78.19
CA HIS NB 264 -63.53 -95.62 77.19
C HIS NB 264 -63.07 -94.18 76.92
N PHE NB 265 -62.78 -93.46 78.01
CA PHE NB 265 -62.36 -92.06 77.87
C PHE NB 265 -61.00 -91.90 78.50
N PHE NB 266 -60.12 -91.15 77.82
CA PHE NB 266 -58.70 -91.14 78.17
C PHE NB 266 -58.19 -89.72 78.47
N LEU NB 267 -56.99 -89.65 79.04
CA LEU NB 267 -56.24 -88.41 79.20
C LEU NB 267 -54.93 -88.57 78.45
N ILE NB 268 -54.59 -87.57 77.62
CA ILE NB 268 -53.44 -87.67 76.74
C ILE NB 268 -52.37 -86.68 77.20
N GLY NB 269 -51.13 -87.17 77.22
CA GLY NB 269 -49.97 -86.41 77.65
C GLY NB 269 -48.81 -86.66 76.68
N PHE NB 270 -47.97 -85.64 76.50
CA PHE NB 270 -46.79 -85.78 75.67
C PHE NB 270 -45.56 -85.32 76.44
N ALA NB 271 -44.48 -86.07 76.31
CA ALA NB 271 -43.22 -85.77 76.97
C ALA NB 271 -42.09 -86.12 76.01
N PRO NB 272 -40.97 -85.37 75.96
CA PRO NB 272 -40.71 -84.20 76.82
C PRO NB 272 -41.28 -82.89 76.26
N LEU NB 273 -41.40 -81.88 77.12
CA LEU NB 273 -41.86 -80.56 76.71
C LEU NB 273 -41.10 -79.47 77.47
N THR NB 274 -40.16 -78.86 76.74
CA THR NB 274 -39.34 -77.80 77.30
C THR NB 274 -39.23 -76.67 76.29
N SER NB 275 -38.97 -75.48 76.82
CA SER NB 275 -38.78 -74.26 76.04
C SER NB 275 -37.50 -74.38 75.21
N ARG NB 276 -37.35 -73.43 74.28
CA ARG NB 276 -36.15 -73.26 73.46
C ARG NB 276 -34.92 -73.05 74.35
N GLY NB 277 -35.09 -72.21 75.38
CA GLY NB 277 -34.01 -71.86 76.29
C GLY NB 277 -33.51 -73.07 77.07
N SER NB 278 -34.46 -73.92 77.52
CA SER NB 278 -34.14 -75.06 78.34
C SER NB 278 -33.93 -76.32 77.50
N GLN NB 279 -33.71 -76.21 76.18
CA GLN NB 279 -33.56 -77.38 75.33
C GLN NB 279 -32.24 -78.10 75.63
N GLN NB 280 -31.17 -77.31 75.82
CA GLN NB 280 -29.84 -77.88 75.95
C GLN NB 280 -29.45 -78.03 77.42
N TYR NB 281 -30.34 -77.63 78.35
CA TYR NB 281 -30.08 -77.92 79.75
C TYR NB 281 -30.55 -79.31 80.24
N ARG NB 282 -31.36 -80.05 79.47
CA ARG NB 282 -32.09 -81.17 80.03
C ARG NB 282 -31.51 -82.48 79.51
N ALA NB 283 -31.29 -83.40 80.46
CA ALA NB 283 -30.80 -84.74 80.21
C ALA NB 283 -31.95 -85.62 79.79
N LEU NB 284 -32.02 -85.92 78.48
CA LEU NB 284 -33.10 -86.74 77.98
C LEU NB 284 -32.81 -88.20 78.34
N SER NB 285 -33.43 -88.62 79.44
CA SER NB 285 -33.26 -89.97 79.95
C SER NB 285 -34.63 -90.48 80.35
N VAL NB 286 -34.72 -91.81 80.40
CA VAL NB 286 -35.98 -92.47 80.66
C VAL NB 286 -36.52 -92.12 82.06
N PRO NB 287 -35.70 -91.97 83.15
CA PRO NB 287 -36.23 -91.38 84.38
C PRO NB 287 -36.96 -90.05 84.25
N GLU NB 288 -36.41 -89.15 83.44
CA GLU NB 288 -36.99 -87.82 83.39
C GLU NB 288 -38.14 -87.73 82.41
N LEU NB 289 -38.33 -88.76 81.55
CA LEU NB 289 -39.55 -88.84 80.76
C LEU NB 289 -40.74 -89.21 81.66
N THR NB 290 -40.54 -90.20 82.55
CA THR NB 290 -41.64 -90.77 83.31
C THR NB 290 -42.07 -89.89 84.47
N GLN NB 291 -41.19 -89.03 84.97
CA GLN NB 291 -41.59 -88.15 86.05
C GLN NB 291 -42.42 -86.98 85.50
N GLN NB 292 -42.08 -86.53 84.28
CA GLN NB 292 -42.85 -85.48 83.61
C GLN NB 292 -44.17 -86.07 83.11
N MET NB 293 -44.16 -87.36 82.75
CA MET NB 293 -45.35 -88.03 82.24
C MET NB 293 -46.41 -88.14 83.33
N PHE NB 294 -45.99 -88.41 84.57
CA PHE NB 294 -46.89 -88.46 85.72
C PHE NB 294 -46.96 -87.12 86.44
N ASP NB 295 -47.27 -86.07 85.68
CA ASP NB 295 -47.52 -84.74 86.23
C ASP NB 295 -48.84 -84.23 85.67
N ALA NB 296 -49.57 -83.55 86.55
CA ALA NB 296 -50.86 -82.99 86.18
C ALA NB 296 -50.70 -81.85 85.18
N LYS NB 297 -49.51 -81.21 85.20
CA LYS NB 297 -49.13 -80.11 84.34
C LYS NB 297 -49.00 -80.55 82.87
N ASN NB 298 -48.86 -81.87 82.67
CA ASN NB 298 -48.52 -82.41 81.36
C ASN NB 298 -49.76 -82.93 80.63
N MET NB 299 -50.79 -83.33 81.38
CA MET NB 299 -52.04 -83.83 80.77
C MET NB 299 -52.70 -82.77 79.88
N MET NB 300 -53.33 -83.22 78.80
CA MET NB 300 -54.06 -82.34 77.89
C MET NB 300 -55.56 -82.34 78.15
N CYS NB 301 -55.97 -82.99 79.26
CA CYS NB 301 -57.32 -82.86 79.78
C CYS NB 301 -57.23 -82.01 81.06
N ALA NB 302 -58.12 -81.02 81.21
CA ALA NB 302 -58.01 -80.09 82.33
C ALA NB 302 -58.66 -80.63 83.60
N SER NB 303 -58.45 -81.93 83.88
CA SER NB 303 -58.92 -82.57 85.10
C SER NB 303 -57.72 -83.15 85.84
N ASP NB 304 -57.55 -82.70 87.09
CA ASP NB 304 -56.40 -83.07 87.89
C ASP NB 304 -56.44 -84.55 88.25
N PRO NB 305 -55.47 -85.37 87.79
CA PRO NB 305 -55.50 -86.81 88.04
C PRO NB 305 -55.18 -87.24 89.46
N ARG NB 306 -54.64 -86.33 90.28
CA ARG NB 306 -54.26 -86.68 91.64
C ARG NB 306 -55.47 -86.83 92.55
N HIS NB 307 -56.61 -86.24 92.18
CA HIS NB 307 -57.83 -86.47 92.93
C HIS NB 307 -58.35 -87.90 92.73
N GLY NB 308 -58.38 -88.35 91.48
CA GLY NB 308 -58.87 -89.67 91.15
C GLY NB 308 -57.79 -90.75 91.24
N ARG NB 309 -58.10 -91.94 90.75
CA ARG NB 309 -57.15 -93.05 90.68
C ARG NB 309 -57.10 -93.51 89.22
N TYR NB 310 -55.88 -93.79 88.75
CA TYR NB 310 -55.72 -94.33 87.40
C TYR NB 310 -56.24 -95.77 87.38
N LEU NB 311 -57.35 -95.96 86.67
CA LEU NB 311 -57.91 -97.30 86.54
C LEU NB 311 -56.95 -98.19 85.74
N THR NB 312 -56.57 -97.73 84.55
CA THR NB 312 -55.50 -98.32 83.75
C THR NB 312 -54.76 -97.18 83.04
N ALA NB 313 -53.52 -97.43 82.63
CA ALA NB 313 -52.74 -96.42 81.91
C ALA NB 313 -51.84 -97.10 80.89
N SER NB 314 -51.50 -96.37 79.82
CA SER NB 314 -50.63 -96.85 78.77
C SER NB 314 -49.60 -95.78 78.42
N ALA NB 315 -48.39 -96.22 78.03
CA ALA NB 315 -47.31 -95.33 77.64
C ALA NB 315 -46.61 -95.90 76.40
N MET NB 316 -46.67 -95.18 75.29
CA MET NB 316 -46.00 -95.59 74.05
C MET NB 316 -44.67 -94.85 73.94
N PHE NB 317 -43.60 -95.49 74.42
CA PHE NB 317 -42.28 -94.92 74.35
C PHE NB 317 -41.76 -94.96 72.91
N ARG NB 318 -40.98 -93.95 72.57
CA ARG NB 318 -40.41 -93.88 71.24
C ARG NB 318 -38.93 -93.56 71.34
N GLY NB 319 -38.17 -94.14 70.40
CA GLY NB 319 -36.78 -93.77 70.25
C GLY NB 319 -35.86 -94.94 70.55
N ARG NB 320 -34.58 -94.77 70.24
CA ARG NB 320 -33.60 -95.70 70.75
C ARG NB 320 -33.51 -95.55 72.27
N MET NB 321 -34.00 -96.55 73.00
CA MET NB 321 -34.04 -96.47 74.45
C MET NB 321 -34.04 -97.86 75.07
N SER NB 322 -33.38 -97.98 76.22
CA SER NB 322 -33.20 -99.26 76.88
C SER NB 322 -34.47 -99.64 77.60
N THR NB 323 -34.83 -100.92 77.55
CA THR NB 323 -36.17 -101.33 77.94
C THR NB 323 -36.24 -101.77 79.41
N LYS NB 324 -35.10 -101.82 80.12
CA LYS NB 324 -35.20 -102.14 81.54
C LYS NB 324 -35.75 -100.95 82.30
N GLU NB 325 -35.21 -99.76 82.01
CA GLU NB 325 -35.69 -98.53 82.62
C GLU NB 325 -37.06 -98.15 82.05
N VAL NB 326 -37.42 -98.71 80.90
CA VAL NB 326 -38.81 -98.62 80.46
C VAL NB 326 -39.65 -99.50 81.38
N ASP NB 327 -39.21 -100.74 81.60
CA ASP NB 327 -40.02 -101.73 82.29
C ASP NB 327 -40.03 -101.49 83.79
N GLU NB 328 -38.89 -101.08 84.32
CA GLU NB 328 -38.80 -100.97 85.76
C GLU NB 328 -39.58 -99.73 86.23
N GLN NB 329 -39.49 -98.64 85.48
CA GLN NB 329 -40.10 -97.38 85.91
C GLN NB 329 -41.62 -97.43 85.94
N MET NB 330 -42.24 -98.20 85.03
CA MET NB 330 -43.68 -98.42 85.07
C MET NB 330 -44.05 -99.19 86.36
N LEU NB 331 -43.22 -100.17 86.72
CA LEU NB 331 -43.39 -100.91 87.96
C LEU NB 331 -43.06 -100.03 89.17
N ASN NB 332 -42.01 -99.20 89.01
CA ASN NB 332 -41.48 -98.42 90.13
C ASN NB 332 -42.43 -97.30 90.54
N VAL NB 333 -43.12 -96.71 89.55
CA VAL NB 333 -44.11 -95.67 89.79
C VAL NB 333 -45.33 -96.25 90.51
N GLN NB 334 -45.61 -97.54 90.27
CA GLN NB 334 -46.74 -98.18 90.93
C GLN NB 334 -46.47 -98.49 92.40
N ASN NB 335 -45.20 -98.51 92.80
CA ASN NB 335 -44.84 -98.90 94.14
C ASN NB 335 -45.01 -97.76 95.14
N LYS NB 336 -44.48 -96.59 94.79
CA LYS NB 336 -44.55 -95.45 95.71
C LYS NB 336 -45.93 -94.81 95.65
N ASN NB 337 -46.45 -94.54 94.43
CA ASN NB 337 -47.78 -93.98 94.27
C ASN NB 337 -48.85 -95.07 94.24
N SER NB 338 -48.83 -95.89 95.30
CA SER NB 338 -49.77 -96.98 95.44
C SER NB 338 -51.17 -96.43 95.73
N SER NB 339 -51.26 -95.21 96.26
CA SER NB 339 -52.53 -94.57 96.56
C SER NB 339 -53.23 -94.01 95.31
N TYR NB 340 -52.48 -93.86 94.20
CA TYR NB 340 -52.98 -93.26 92.98
C TYR NB 340 -53.46 -94.29 91.96
N PHE NB 341 -53.28 -95.57 92.33
CA PHE NB 341 -53.62 -96.68 91.45
C PHE NB 341 -54.67 -97.56 92.11
N VAL NB 342 -55.55 -98.11 91.28
CA VAL NB 342 -56.61 -98.98 91.76
C VAL NB 342 -56.00 -100.33 92.17
N GLU NB 343 -56.63 -101.02 93.12
CA GLU NB 343 -56.00 -102.11 93.84
C GLU NB 343 -56.34 -103.48 93.24
N TRP NB 344 -57.55 -103.60 92.72
CA TRP NB 344 -58.06 -104.91 92.31
C TRP NB 344 -57.64 -105.25 90.87
N ILE NB 345 -56.67 -104.50 90.30
CA ILE NB 345 -55.98 -104.89 89.08
C ILE NB 345 -54.49 -104.80 89.32
N PRO NB 346 -53.72 -105.90 89.17
CA PRO NB 346 -52.27 -105.80 89.26
C PRO NB 346 -51.65 -105.29 87.96
N ASN NB 347 -50.68 -104.38 88.13
CA ASN NB 347 -49.91 -103.80 87.05
C ASN NB 347 -50.81 -103.10 86.04
N ASN NB 348 -51.36 -101.96 86.47
CA ASN NB 348 -52.25 -101.10 85.72
C ASN NB 348 -51.61 -100.56 84.45
N MET NB 349 -50.28 -100.66 84.32
CA MET NB 349 -49.55 -99.90 83.31
C MET NB 349 -49.07 -100.80 82.18
N LYS NB 350 -49.26 -100.32 80.94
CA LYS NB 350 -48.79 -101.02 79.75
C LYS NB 350 -47.77 -100.15 79.02
N SER NB 351 -46.68 -100.76 78.54
CA SER NB 351 -45.60 -100.02 77.90
C SER NB 351 -45.23 -100.64 76.55
N SER NB 352 -44.78 -99.82 75.61
CA SER NB 352 -44.34 -100.26 74.28
C SER NB 352 -43.17 -99.42 73.80
N VAL NB 353 -42.32 -99.99 72.93
CA VAL NB 353 -41.16 -99.28 72.42
C VAL NB 353 -41.27 -99.14 70.89
N CYS NB 354 -40.93 -97.94 70.42
CA CYS NB 354 -41.17 -97.54 69.04
C CYS NB 354 -39.89 -96.89 68.50
N ASP NB 355 -39.00 -97.71 67.91
CA ASP NB 355 -37.58 -97.37 67.88
C ASP NB 355 -37.17 -96.33 66.84
N ILE NB 356 -38.14 -95.59 66.31
CA ILE NB 356 -37.86 -94.49 65.41
C ILE NB 356 -38.28 -93.19 66.10
N PRO NB 357 -37.32 -92.35 66.56
CA PRO NB 357 -37.68 -91.15 67.30
C PRO NB 357 -38.32 -90.10 66.41
N PRO NB 358 -39.17 -89.18 66.96
CA PRO NB 358 -39.72 -88.09 66.16
C PRO NB 358 -38.63 -87.16 65.66
N LYS NB 359 -38.98 -86.40 64.63
CA LYS NB 359 -38.03 -85.56 63.92
C LYS NB 359 -37.52 -84.45 64.85
N GLY NB 360 -36.19 -84.39 64.97
CA GLY NB 360 -35.55 -83.32 65.71
C GLY NB 360 -35.20 -83.68 67.16
N LEU NB 361 -35.71 -84.83 67.64
CA LEU NB 361 -35.54 -85.25 69.02
C LEU NB 361 -34.86 -86.62 69.06
N LYS NB 362 -34.75 -87.22 70.26
CA LYS NB 362 -34.09 -88.53 70.37
C LYS NB 362 -34.98 -89.56 71.06
N MET NB 363 -35.75 -89.14 72.05
CA MET NB 363 -36.71 -90.03 72.70
C MET NB 363 -37.96 -89.23 73.07
N SER NB 364 -39.10 -89.93 73.14
CA SER NB 364 -40.39 -89.29 73.40
C SER NB 364 -41.34 -90.36 73.94
N VAL NB 365 -42.45 -89.91 74.53
CA VAL NB 365 -43.46 -90.81 75.06
C VAL NB 365 -44.83 -90.14 74.92
N THR NB 366 -45.86 -90.95 74.66
CA THR NB 366 -47.25 -90.49 74.65
C THR NB 366 -48.02 -91.30 75.69
N PHE NB 367 -48.75 -90.59 76.55
CA PHE NB 367 -49.45 -91.20 77.67
C PHE NB 367 -50.93 -91.23 77.36
N VAL NB 368 -51.51 -92.43 77.40
CA VAL NB 368 -52.95 -92.58 77.23
C VAL NB 368 -53.47 -93.27 78.48
N GLY NB 369 -54.12 -92.49 79.35
CA GLY NB 369 -54.48 -92.97 80.68
C GLY NB 369 -56.00 -93.01 80.90
N ASN NB 370 -56.52 -94.16 81.31
CA ASN NB 370 -57.91 -94.29 81.69
C ASN NB 370 -58.03 -93.96 83.18
N SER NB 371 -58.28 -92.69 83.49
CA SER NB 371 -58.33 -92.23 84.87
C SER NB 371 -59.77 -91.92 85.25
N THR NB 372 -60.13 -92.25 86.49
CA THR NB 372 -61.46 -91.94 86.97
C THR NB 372 -61.58 -90.46 87.39
N ALA NB 373 -60.47 -89.72 87.34
CA ALA NB 373 -60.47 -88.29 87.62
C ALA NB 373 -61.07 -87.47 86.48
N ILE NB 374 -61.36 -88.12 85.34
CA ILE NB 374 -62.08 -87.52 84.23
C ILE NB 374 -63.56 -87.31 84.63
N GLN NB 375 -63.97 -87.82 85.80
CA GLN NB 375 -65.28 -87.57 86.35
C GLN NB 375 -65.51 -86.08 86.59
N GLU NB 376 -64.44 -85.35 86.93
CA GLU NB 376 -64.57 -83.95 87.31
C GLU NB 376 -65.04 -83.08 86.14
N MET NB 377 -64.73 -83.50 84.91
CA MET NB 377 -65.18 -82.75 83.74
C MET NB 377 -66.64 -83.08 83.46
N PHE NB 378 -67.01 -84.37 83.59
CA PHE NB 378 -68.36 -84.82 83.32
C PHE NB 378 -69.38 -84.22 84.31
N LYS NB 379 -69.00 -84.08 85.60
CA LYS NB 379 -69.84 -83.49 86.63
C LYS NB 379 -70.17 -82.05 86.26
N ARG NB 380 -69.15 -81.34 85.74
CA ARG NB 380 -69.29 -79.93 85.46
C ARG NB 380 -70.28 -79.73 84.30
N VAL NB 381 -70.26 -80.65 83.33
CA VAL NB 381 -71.20 -80.55 82.21
C VAL NB 381 -72.62 -80.85 82.69
N SER NB 382 -72.76 -81.89 83.53
CA SER NB 382 -74.07 -82.30 84.03
C SER NB 382 -74.67 -81.24 84.95
N ASP NB 383 -73.82 -80.60 85.74
CA ASP NB 383 -74.23 -79.53 86.63
C ASP NB 383 -74.76 -78.36 85.81
N GLN NB 384 -74.03 -78.02 84.75
CA GLN NB 384 -74.42 -76.91 83.86
C GLN NB 384 -75.65 -77.30 83.03
N PHE NB 385 -75.70 -78.56 82.57
CA PHE NB 385 -76.77 -79.03 81.71
C PHE NB 385 -78.11 -79.03 82.47
N THR NB 386 -78.07 -79.42 83.74
CA THR NB 386 -79.25 -79.41 84.58
C THR NB 386 -79.66 -77.99 84.96
N ALA NB 387 -78.71 -77.05 84.90
CA ALA NB 387 -78.99 -75.67 85.27
C ALA NB 387 -79.91 -75.01 84.23
N MET NB 388 -79.76 -75.40 82.97
CA MET NB 388 -80.49 -74.75 81.90
C MET NB 388 -81.77 -75.51 81.57
N PHE NB 389 -81.69 -76.85 81.55
CA PHE NB 389 -82.79 -77.71 81.12
C PHE NB 389 -83.99 -77.62 82.06
N ARG NB 390 -83.70 -77.37 83.35
CA ARG NB 390 -84.74 -77.25 84.36
C ARG NB 390 -85.64 -76.07 84.10
N ARG NB 391 -85.08 -75.06 83.44
CA ARG NB 391 -85.89 -73.90 83.08
C ARG NB 391 -86.14 -73.86 81.59
N LYS NB 392 -85.69 -74.91 80.87
CA LYS NB 392 -85.96 -75.16 79.46
C LYS NB 392 -85.51 -73.99 78.58
N ALA NB 393 -84.27 -73.56 78.80
CA ALA NB 393 -83.66 -72.52 77.97
C ALA NB 393 -83.02 -73.12 76.71
N PHE NB 394 -83.07 -72.34 75.63
CA PHE NB 394 -82.50 -72.66 74.32
C PHE NB 394 -83.05 -73.97 73.77
N LEU NB 395 -84.32 -74.27 74.03
CA LEU NB 395 -84.82 -75.58 73.68
C LEU NB 395 -85.59 -75.58 72.35
N HIS NB 396 -86.17 -74.43 72.00
CA HIS NB 396 -87.17 -74.41 70.94
C HIS NB 396 -86.53 -74.65 69.57
N TRP NB 397 -85.24 -74.39 69.41
CA TRP NB 397 -84.58 -74.82 68.17
C TRP NB 397 -84.37 -76.31 68.17
N TYR NB 398 -83.96 -76.86 69.33
CA TYR NB 398 -83.66 -78.27 69.41
C TYR NB 398 -84.95 -79.09 69.25
N THR NB 399 -86.05 -78.63 69.84
CA THR NB 399 -87.33 -79.33 69.72
C THR NB 399 -88.12 -78.92 68.48
N GLY NB 400 -87.69 -77.83 67.82
CA GLY NB 400 -88.33 -77.41 66.58
C GLY NB 400 -87.64 -77.95 65.33
N GLU NB 401 -86.64 -78.84 65.50
CA GLU NB 401 -85.92 -79.37 64.36
C GLU NB 401 -86.13 -80.88 64.19
N GLY NB 402 -87.37 -81.33 64.40
CA GLY NB 402 -87.71 -82.75 64.31
C GLY NB 402 -87.01 -83.63 65.37
N MET NB 403 -86.77 -83.09 66.58
CA MET NB 403 -86.23 -83.87 67.67
C MET NB 403 -87.13 -83.74 68.89
N ASP NB 404 -87.47 -84.87 69.51
CA ASP NB 404 -88.33 -84.93 70.68
C ASP NB 404 -87.64 -84.33 71.91
N GLU NB 405 -88.46 -83.98 72.90
CA GLU NB 405 -87.97 -83.46 74.17
C GLU NB 405 -87.32 -84.59 74.98
N MET NB 406 -87.87 -85.81 74.90
CA MET NB 406 -87.44 -86.92 75.74
C MET NB 406 -86.03 -87.39 75.40
N GLU NB 407 -85.48 -86.90 74.29
CA GLU NB 407 -84.10 -87.17 73.94
C GLU NB 407 -83.15 -86.53 74.97
N PHE NB 408 -83.56 -85.38 75.50
CA PHE NB 408 -82.77 -84.66 76.51
C PHE NB 408 -82.73 -85.40 77.83
N THR NB 409 -83.86 -85.98 78.22
CA THR NB 409 -83.90 -86.71 79.48
C THR NB 409 -83.09 -88.01 79.37
N GLU NB 410 -83.07 -88.63 78.19
CA GLU NB 410 -82.22 -89.78 77.95
C GLU NB 410 -80.76 -89.36 77.97
N ALA NB 411 -80.47 -88.15 77.47
CA ALA NB 411 -79.09 -87.67 77.37
C ALA NB 411 -78.51 -87.49 78.77
N GLU NB 412 -79.24 -86.80 79.66
CA GLU NB 412 -78.74 -86.55 81.00
C GLU NB 412 -78.76 -87.82 81.84
N SER NB 413 -79.69 -88.76 81.56
CA SER NB 413 -79.80 -89.97 82.37
C SER NB 413 -78.62 -90.90 82.10
N ASN NB 414 -78.22 -90.99 80.82
CA ASN NB 414 -77.13 -91.86 80.41
C ASN NB 414 -75.83 -91.30 80.96
N MET NB 415 -75.61 -90.00 80.77
CA MET NB 415 -74.35 -89.37 81.13
C MET NB 415 -74.19 -89.25 82.65
N ASN NB 416 -75.30 -89.04 83.37
CA ASN NB 416 -75.26 -89.10 84.83
C ASN NB 416 -74.89 -90.52 85.28
N ASP NB 417 -75.39 -91.53 84.55
CA ASP NB 417 -75.10 -92.92 84.87
C ASP NB 417 -73.63 -93.23 84.61
N LEU NB 418 -73.04 -92.58 83.60
CA LEU NB 418 -71.60 -92.68 83.35
C LEU NB 418 -70.80 -92.09 84.51
N VAL NB 419 -71.31 -91.00 85.11
CA VAL NB 419 -70.68 -90.37 86.25
C VAL NB 419 -70.73 -91.29 87.46
N SER NB 420 -71.90 -91.94 87.63
CA SER NB 420 -72.16 -92.79 88.79
C SER NB 420 -71.25 -94.02 88.79
N GLU NB 421 -70.91 -94.54 87.60
CA GLU NB 421 -70.17 -95.79 87.51
C GLU NB 421 -68.67 -95.57 87.68
N TYR NB 422 -68.18 -94.34 87.47
CA TYR NB 422 -66.82 -94.00 87.85
C TYR NB 422 -66.60 -94.01 89.38
N GLN NB 423 -67.70 -93.73 90.11
CA GLN NB 423 -67.63 -93.45 91.55
C GLN NB 423 -67.26 -94.71 92.34
N GLN NB 424 -67.78 -95.87 91.95
CA GLN NB 424 -67.71 -97.07 92.76
C GLN NB 424 -66.31 -97.66 92.76
N TYR NB 425 -65.55 -97.39 91.70
CA TYR NB 425 -64.19 -97.92 91.60
C TYR NB 425 -63.16 -96.96 92.21
N GLN NB 426 -63.60 -95.75 92.61
CA GLN NB 426 -62.67 -94.77 93.14
C GLN NB 426 -62.47 -94.91 94.67
N MET OB 1 -71.98 -67.46 46.04
CA MET OB 1 -71.34 -68.26 47.13
C MET OB 1 -72.04 -67.93 48.45
N ARG OB 2 -71.37 -67.11 49.26
CA ARG OB 2 -71.98 -66.56 50.46
C ARG OB 2 -72.40 -65.12 50.21
N GLU OB 3 -73.67 -64.81 50.49
CA GLU OB 3 -74.21 -63.49 50.21
C GLU OB 3 -75.02 -63.00 51.40
N VAL OB 4 -74.96 -61.69 51.63
CA VAL OB 4 -75.84 -60.99 52.55
C VAL OB 4 -76.45 -59.81 51.80
N ILE OB 5 -77.78 -59.66 51.96
CA ILE OB 5 -78.51 -58.62 51.25
C ILE OB 5 -78.81 -57.52 52.27
N SER OB 6 -78.36 -56.30 51.96
CA SER OB 6 -78.56 -55.17 52.84
C SER OB 6 -79.77 -54.36 52.35
N ILE OB 7 -80.69 -54.12 53.29
CA ILE OB 7 -81.88 -53.32 53.01
C ILE OB 7 -81.81 -52.07 53.88
N HIS OB 8 -81.88 -50.91 53.23
CA HIS OB 8 -81.89 -49.63 53.93
C HIS OB 8 -83.17 -48.90 53.53
N VAL OB 9 -84.13 -48.88 54.46
CA VAL OB 9 -85.38 -48.17 54.24
C VAL OB 9 -85.35 -46.91 55.09
N GLY OB 10 -85.98 -45.86 54.56
CA GLY OB 10 -86.14 -44.60 55.26
C GLY OB 10 -84.84 -43.80 55.28
N GLN OB 11 -84.99 -42.62 55.85
CA GLN OB 11 -83.99 -41.56 55.84
C GLN OB 11 -82.76 -41.98 56.62
N ALA OB 12 -82.99 -42.62 57.79
CA ALA OB 12 -81.88 -42.95 58.66
C ALA OB 12 -81.13 -44.12 58.05
N GLY OB 13 -81.88 -45.04 57.39
CA GLY OB 13 -81.32 -46.25 56.80
C GLY OB 13 -80.35 -45.89 55.65
N ILE OB 14 -80.79 -44.92 54.83
CA ILE OB 14 -80.03 -44.56 53.64
C ILE OB 14 -78.73 -43.87 54.03
N GLN OB 15 -78.85 -42.89 54.95
CA GLN OB 15 -77.72 -42.07 55.37
C GLN OB 15 -76.70 -42.89 56.17
N ILE OB 16 -77.20 -43.89 56.90
CA ILE OB 16 -76.32 -44.83 57.58
C ILE OB 16 -75.60 -45.68 56.51
N GLY OB 17 -76.37 -46.11 55.49
CA GLY OB 17 -75.84 -46.99 54.44
C GLY OB 17 -74.75 -46.32 53.59
N ASN OB 18 -74.80 -44.99 53.53
CA ASN OB 18 -73.80 -44.28 52.73
C ASN OB 18 -72.42 -44.37 53.35
N ALA OB 19 -72.39 -44.20 54.68
CA ALA OB 19 -71.14 -44.44 55.40
C ALA OB 19 -70.82 -45.92 55.42
N CYS OB 20 -71.86 -46.75 55.43
CA CYS OB 20 -71.66 -48.19 55.49
C CYS OB 20 -71.04 -48.73 54.20
N TRP OB 21 -71.41 -48.13 53.06
CA TRP OB 21 -70.94 -48.65 51.79
C TRP OB 21 -69.59 -48.09 51.36
N GLU OB 22 -69.26 -46.88 51.82
CA GLU OB 22 -67.96 -46.36 51.43
C GLU OB 22 -66.86 -47.09 52.21
N LEU OB 23 -67.22 -47.65 53.38
CA LEU OB 23 -66.23 -48.42 54.13
C LEU OB 23 -65.93 -49.75 53.44
N PHE OB 24 -66.97 -50.36 52.84
CA PHE OB 24 -66.79 -51.64 52.17
C PHE OB 24 -66.03 -51.47 50.86
N CYS OB 25 -66.31 -50.36 50.17
CA CYS OB 25 -65.60 -50.05 48.94
C CYS OB 25 -64.11 -49.78 49.21
N LEU OB 26 -63.82 -49.08 50.32
CA LEU OB 26 -62.46 -48.72 50.67
C LEU OB 26 -61.66 -49.94 51.13
N GLU OB 27 -62.33 -50.83 51.89
CA GLU OB 27 -61.60 -51.93 52.53
C GLU OB 27 -61.23 -53.00 51.50
N HIS OB 28 -62.11 -53.22 50.51
CA HIS OB 28 -61.83 -54.13 49.42
C HIS OB 28 -61.04 -53.44 48.31
N GLY OB 29 -60.95 -52.12 48.37
CA GLY OB 29 -60.16 -51.37 47.41
C GLY OB 29 -60.82 -51.38 46.03
N ILE OB 30 -62.07 -50.93 45.99
CA ILE OB 30 -62.73 -50.67 44.71
C ILE OB 30 -62.96 -49.17 44.55
N GLN OB 31 -62.85 -48.69 43.31
CA GLN OB 31 -63.05 -47.29 42.93
C GLN OB 31 -64.54 -46.95 42.94
N PRO OB 32 -64.97 -45.67 43.00
CA PRO OB 32 -66.38 -45.31 42.77
C PRO OB 32 -66.99 -45.77 41.44
N ASP OB 33 -66.11 -46.03 40.45
CA ASP OB 33 -66.54 -46.62 39.20
C ASP OB 33 -67.05 -48.05 39.43
N GLY OB 34 -66.35 -48.80 40.30
CA GLY OB 34 -66.78 -50.15 40.66
C GLY OB 34 -65.85 -51.26 40.21
N GLN OB 35 -64.67 -50.91 39.68
CA GLN OB 35 -63.69 -51.92 39.31
C GLN OB 35 -62.41 -51.73 40.11
N MET OB 36 -61.92 -52.79 40.73
CA MET OB 36 -60.64 -52.73 41.43
C MET OB 36 -59.53 -52.91 40.39
N PRO OB 37 -58.34 -52.33 40.67
CA PRO OB 37 -57.23 -52.40 39.71
C PRO OB 37 -56.48 -53.74 39.67
N ASP OB 47 -61.72 -64.30 47.20
CA ASP OB 47 -63.19 -64.16 47.04
C ASP OB 47 -63.75 -63.46 48.28
N ALA OB 48 -63.10 -62.38 48.73
CA ALA OB 48 -63.54 -61.72 49.95
C ALA OB 48 -64.69 -60.75 49.68
N PHE OB 49 -64.82 -60.32 48.43
CA PHE OB 49 -65.77 -59.23 48.17
C PHE OB 49 -67.17 -59.79 47.84
N ASN OB 50 -67.28 -61.12 47.80
CA ASN OB 50 -68.44 -61.76 47.22
C ASN OB 50 -69.68 -61.52 48.06
N THR OB 51 -69.47 -61.47 49.39
CA THR OB 51 -70.57 -61.34 50.36
C THR OB 51 -71.26 -59.98 50.20
N PHE OB 52 -70.53 -58.98 49.69
CA PHE OB 52 -71.05 -57.62 49.55
C PHE OB 52 -71.26 -57.20 48.10
N PHE OB 53 -70.28 -57.45 47.22
CA PHE OB 53 -70.27 -56.95 45.86
C PHE OB 53 -70.49 -58.09 44.86
N SER OB 54 -71.29 -57.82 43.81
CA SER OB 54 -71.60 -58.78 42.76
C SER OB 54 -70.47 -58.82 41.74
N GLU OB 55 -70.70 -59.50 40.60
CA GLU OB 55 -69.71 -59.59 39.55
C GLU OB 55 -70.41 -59.44 38.20
N THR OB 56 -70.01 -58.44 37.42
CA THR OB 56 -70.59 -58.24 36.11
C THR OB 56 -69.60 -57.52 35.23
N GLY OB 57 -69.68 -57.87 33.93
CA GLY OB 57 -68.81 -57.35 32.89
C GLY OB 57 -67.32 -57.60 33.23
N ALA OB 58 -66.46 -56.61 32.92
CA ALA OB 58 -65.03 -56.75 33.13
C ALA OB 58 -64.62 -56.03 34.40
N GLY OB 59 -64.53 -56.79 35.51
CA GLY OB 59 -63.92 -56.29 36.75
C GLY OB 59 -64.86 -55.42 37.59
N LYS OB 60 -66.04 -55.11 37.04
CA LYS OB 60 -67.01 -54.28 37.73
C LYS OB 60 -67.70 -55.10 38.83
N HIS OB 61 -67.81 -54.49 40.02
CA HIS OB 61 -68.56 -55.05 41.12
C HIS OB 61 -69.60 -54.04 41.58
N VAL OB 62 -70.83 -54.52 41.81
CA VAL OB 62 -71.94 -53.68 42.19
C VAL OB 62 -72.51 -54.19 43.51
N PRO OB 63 -73.04 -53.32 44.40
CA PRO OB 63 -73.47 -53.78 45.72
C PRO OB 63 -74.73 -54.63 45.70
N ARG OB 64 -74.84 -55.49 46.71
CA ARG OB 64 -76.00 -56.36 46.89
C ARG OB 64 -77.02 -55.67 47.80
N CYS OB 65 -77.47 -54.48 47.38
CA CYS OB 65 -78.20 -53.61 48.28
C CYS OB 65 -79.45 -53.05 47.61
N VAL OB 66 -80.40 -52.64 48.45
CA VAL OB 66 -81.53 -51.86 48.00
C VAL OB 66 -81.65 -50.63 48.89
N PHE OB 67 -81.99 -49.52 48.27
CA PHE OB 67 -82.31 -48.29 48.96
C PHE OB 67 -83.78 -47.96 48.74
N LEU OB 68 -84.50 -47.79 49.85
CA LEU OB 68 -85.94 -47.56 49.81
C LEU OB 68 -86.25 -46.24 50.51
N ASP OB 69 -87.05 -45.41 49.85
CA ASP OB 69 -87.68 -44.27 50.50
C ASP OB 69 -88.91 -43.84 49.72
N LEU OB 70 -89.93 -43.39 50.45
CA LEU OB 70 -91.12 -42.82 49.83
C LEU OB 70 -90.89 -41.38 49.34
N GLU OB 71 -89.87 -40.73 49.94
CA GLU OB 71 -89.52 -39.37 49.55
C GLU OB 71 -88.29 -39.40 48.65
N PRO OB 72 -88.23 -38.56 47.60
CA PRO OB 72 -87.11 -38.62 46.66
C PRO OB 72 -85.88 -37.85 47.11
N THR OB 73 -86.01 -37.03 48.17
CA THR OB 73 -85.03 -36.02 48.54
C THR OB 73 -83.74 -36.61 49.11
N VAL OB 74 -83.62 -37.94 49.15
CA VAL OB 74 -82.42 -38.56 49.69
C VAL OB 74 -81.82 -39.57 48.71
N VAL OB 75 -82.66 -40.28 47.94
CA VAL OB 75 -82.15 -41.26 47.01
C VAL OB 75 -81.81 -40.62 45.66
N ASP OB 76 -82.52 -39.54 45.29
CA ASP OB 76 -82.19 -38.78 44.09
C ASP OB 76 -80.80 -38.15 44.23
N GLU OB 77 -80.45 -37.83 45.48
CA GLU OB 77 -79.26 -37.04 45.75
C GLU OB 77 -78.05 -37.96 45.95
N VAL OB 78 -78.35 -39.25 46.23
CA VAL OB 78 -77.35 -40.31 46.10
C VAL OB 78 -76.97 -40.49 44.63
N ARG OB 79 -77.99 -40.47 43.74
CA ARG OB 79 -77.81 -40.71 42.31
C ARG OB 79 -76.88 -39.66 41.69
N THR OB 80 -76.81 -38.48 42.33
CA THR OB 80 -76.08 -37.37 41.77
C THR OB 80 -74.70 -37.21 42.40
N GLY OB 81 -74.51 -37.72 43.63
CA GLY OB 81 -73.27 -37.57 44.37
C GLY OB 81 -72.07 -38.29 43.73
N THR OB 82 -70.98 -38.38 44.50
CA THR OB 82 -69.72 -39.00 44.10
C THR OB 82 -69.90 -40.42 43.55
N TYR OB 83 -70.67 -41.25 44.27
CA TYR OB 83 -70.79 -42.67 43.97
C TYR OB 83 -71.94 -42.91 43.00
N ARG OB 84 -71.81 -42.42 41.77
CA ARG OB 84 -72.92 -42.60 40.83
C ARG OB 84 -72.98 -44.04 40.31
N HIS OB 85 -71.85 -44.49 39.78
CA HIS OB 85 -71.75 -45.60 38.84
C HIS OB 85 -71.61 -46.91 39.62
N LEU OB 86 -71.35 -46.78 40.92
CA LEU OB 86 -71.18 -47.93 41.80
C LEU OB 86 -72.51 -48.65 41.94
N PHE OB 87 -73.58 -47.91 42.23
CA PHE OB 87 -74.87 -48.57 42.46
C PHE OB 87 -75.56 -48.78 41.13
N HIS OB 88 -76.29 -49.89 41.06
CA HIS OB 88 -77.18 -50.12 39.95
C HIS OB 88 -78.30 -49.10 40.01
N PRO OB 89 -78.73 -48.53 38.85
CA PRO OB 89 -79.84 -47.57 38.81
C PRO OB 89 -81.11 -47.91 39.58
N GLU OB 90 -81.57 -49.16 39.59
CA GLU OB 90 -82.80 -49.49 40.31
C GLU OB 90 -82.55 -50.25 41.62
N GLN OB 91 -81.34 -50.10 42.18
CA GLN OB 91 -81.16 -50.41 43.58
C GLN OB 91 -81.61 -49.25 44.47
N LEU OB 92 -81.99 -48.13 43.84
CA LEU OB 92 -82.40 -46.91 44.52
C LEU OB 92 -83.86 -46.64 44.15
N ILE OB 93 -84.78 -47.23 44.91
CA ILE OB 93 -86.20 -47.13 44.60
C ILE OB 93 -86.80 -45.89 45.28
N SER OB 94 -87.49 -45.06 44.49
CA SER OB 94 -88.05 -43.81 44.96
C SER OB 94 -89.55 -43.74 44.75
N GLY OB 95 -90.24 -43.07 45.71
CA GLY OB 95 -91.66 -42.76 45.65
C GLY OB 95 -91.91 -41.38 45.02
N LYS OB 96 -92.93 -40.66 45.52
CA LYS OB 96 -93.04 -39.23 45.27
C LYS OB 96 -93.35 -38.45 46.55
N GLU OB 97 -94.06 -39.05 47.51
CA GLU OB 97 -94.52 -38.34 48.71
C GLU OB 97 -94.01 -38.99 50.00
N ASP OB 98 -93.55 -38.18 50.96
CA ASP OB 98 -93.04 -38.69 52.24
C ASP OB 98 -94.17 -39.28 53.09
N ALA OB 99 -93.85 -40.34 53.84
CA ALA OB 99 -94.80 -41.00 54.73
C ALA OB 99 -95.24 -40.09 55.87
N ALA OB 100 -94.35 -39.19 56.30
CA ALA OB 100 -94.62 -38.10 57.22
C ALA OB 100 -95.11 -38.61 58.59
N ASN OB 101 -94.22 -39.34 59.26
CA ASN OB 101 -94.31 -39.68 60.67
C ASN OB 101 -95.62 -40.38 61.00
N ASN OB 102 -96.10 -41.23 60.10
CA ASN OB 102 -97.40 -41.88 60.25
C ASN OB 102 -97.23 -43.36 59.95
N PHE OB 103 -97.44 -44.20 60.97
CA PHE OB 103 -97.35 -45.64 60.77
C PHE OB 103 -98.45 -46.15 59.84
N ALA OB 104 -99.65 -45.57 59.99
CA ALA OB 104 -100.83 -45.94 59.21
C ALA OB 104 -100.59 -45.64 57.72
N ARG OB 105 -99.89 -44.52 57.46
CA ARG OB 105 -99.50 -44.14 56.11
C ARG OB 105 -98.49 -45.14 55.55
N GLY OB 106 -97.65 -45.71 56.43
CA GLY OB 106 -96.64 -46.65 55.99
C GLY OB 106 -97.21 -47.98 55.53
N HIS OB 107 -98.26 -48.48 56.21
CA HIS OB 107 -98.90 -49.73 55.84
C HIS OB 107 -99.89 -49.54 54.68
N TYR OB 108 -100.94 -48.74 54.92
CA TYR OB 108 -102.19 -48.95 54.21
C TYR OB 108 -102.39 -47.98 53.05
N THR OB 109 -101.67 -46.85 53.05
CA THR OB 109 -101.96 -45.83 52.06
C THR OB 109 -100.93 -45.85 50.92
N ILE OB 110 -99.65 -45.65 51.25
CA ILE OB 110 -98.65 -45.47 50.22
C ILE OB 110 -97.81 -46.73 50.05
N GLY OB 111 -97.60 -47.47 51.15
CA GLY OB 111 -96.68 -48.60 51.13
C GLY OB 111 -97.12 -49.78 50.25
N LYS OB 112 -98.38 -49.73 49.81
CA LYS OB 112 -98.97 -50.78 49.00
C LYS OB 112 -98.62 -50.64 47.51
N GLU OB 113 -97.85 -49.61 47.12
CA GLU OB 113 -97.51 -49.38 45.72
C GLU OB 113 -96.01 -49.48 45.44
N ILE OB 114 -95.19 -49.31 46.49
CA ILE OB 114 -93.74 -49.41 46.33
C ILE OB 114 -93.25 -50.83 46.63
N VAL OB 115 -94.07 -51.61 47.35
CA VAL OB 115 -93.64 -52.91 47.87
C VAL OB 115 -93.42 -53.92 46.73
N ASP OB 116 -94.17 -53.76 45.64
CA ASP OB 116 -94.03 -54.64 44.48
C ASP OB 116 -92.69 -54.41 43.79
N LEU OB 117 -92.24 -53.14 43.77
CA LEU OB 117 -90.97 -52.78 43.17
C LEU OB 117 -89.82 -53.38 44.00
N SER OB 118 -90.01 -53.39 45.34
CA SER OB 118 -88.97 -53.86 46.24
C SER OB 118 -88.78 -55.38 46.15
N LEU OB 119 -89.91 -56.12 46.15
CA LEU OB 119 -89.89 -57.58 46.11
C LEU OB 119 -89.24 -58.09 44.82
N ASP OB 120 -89.50 -57.37 43.72
CA ASP OB 120 -88.95 -57.73 42.43
C ASP OB 120 -87.43 -57.58 42.41
N ARG OB 121 -86.93 -56.50 43.05
CA ARG OB 121 -85.50 -56.27 43.09
C ARG OB 121 -84.82 -57.18 44.10
N ILE OB 122 -85.57 -57.51 45.17
CA ILE OB 122 -85.01 -58.41 46.17
C ILE OB 122 -84.86 -59.81 45.59
N ARG OB 123 -85.89 -60.27 44.87
CA ARG OB 123 -85.90 -61.60 44.28
C ARG OB 123 -84.80 -61.76 43.22
N LYS OB 124 -84.64 -60.75 42.35
CA LYS OB 124 -83.65 -60.77 41.30
C LYS OB 124 -82.22 -60.76 41.86
N LEU OB 125 -82.04 -60.12 43.03
CA LEU OB 125 -80.72 -60.01 43.63
C LEU OB 125 -80.44 -61.23 44.51
N ALA OB 126 -81.49 -61.91 44.98
CA ALA OB 126 -81.33 -63.07 45.85
C ALA OB 126 -80.95 -64.33 45.07
N ASP OB 127 -81.58 -64.51 43.90
CA ASP OB 127 -81.60 -65.82 43.27
C ASP OB 127 -80.37 -66.11 42.40
N ASN OB 128 -79.48 -65.13 42.25
CA ASN OB 128 -78.35 -65.24 41.34
C ASN OB 128 -77.33 -66.23 41.87
N CYS OB 129 -77.29 -66.45 43.18
CA CYS OB 129 -76.54 -67.56 43.74
C CYS OB 129 -77.22 -68.06 45.00
N THR OB 130 -77.17 -69.38 45.14
CA THR OB 130 -77.63 -70.09 46.31
C THR OB 130 -76.59 -69.98 47.42
N GLY OB 131 -77.04 -69.86 48.67
CA GLY OB 131 -76.09 -69.64 49.76
C GLY OB 131 -76.27 -68.27 50.41
N LEU OB 132 -77.49 -67.75 50.28
CA LEU OB 132 -77.87 -66.47 50.87
C LEU OB 132 -77.84 -66.64 52.39
N GLN OB 133 -76.86 -65.97 53.03
CA GLN OB 133 -76.64 -66.09 54.46
C GLN OB 133 -77.79 -65.45 55.24
N GLY OB 134 -78.30 -64.32 54.74
CA GLY OB 134 -79.37 -63.63 55.42
C GLY OB 134 -79.54 -62.19 54.95
N PHE OB 135 -80.52 -61.53 55.58
CA PHE OB 135 -80.87 -60.14 55.28
C PHE OB 135 -80.42 -59.27 56.44
N LEU OB 136 -79.63 -58.24 56.13
CA LEU OB 136 -79.43 -57.14 57.05
C LEU OB 136 -80.48 -56.07 56.77
N MET OB 137 -81.08 -55.55 57.83
CA MET OB 137 -82.12 -54.53 57.69
C MET OB 137 -81.71 -53.29 58.49
N PHE OB 138 -81.81 -52.13 57.84
CA PHE OB 138 -81.53 -50.85 58.47
C PHE OB 138 -82.77 -49.98 58.41
N ASN OB 139 -83.22 -49.49 59.57
CA ASN OB 139 -84.43 -48.70 59.64
C ASN OB 139 -84.43 -47.86 60.93
N ALA OB 140 -85.30 -46.84 60.93
CA ALA OB 140 -85.58 -46.00 62.09
C ALA OB 140 -87.01 -46.27 62.53
N VAL OB 141 -87.18 -46.64 63.80
CA VAL OB 141 -88.51 -46.92 64.32
C VAL OB 141 -89.23 -45.63 64.72
N GLY OB 142 -88.51 -44.51 64.66
CA GLY OB 142 -89.04 -43.18 64.94
C GLY OB 142 -89.89 -42.61 63.80
N GLY OB 143 -89.51 -42.98 62.57
CA GLY OB 143 -90.06 -42.37 61.36
C GLY OB 143 -91.31 -43.08 60.84
N GLY OB 144 -91.73 -42.68 59.64
CA GLY OB 144 -92.93 -43.24 59.02
C GLY OB 144 -92.62 -44.40 58.10
N THR OB 145 -91.77 -44.11 57.10
CA THR OB 145 -91.43 -45.10 56.08
C THR OB 145 -90.44 -46.12 56.62
N GLY OB 146 -89.63 -45.72 57.59
CA GLY OB 146 -88.69 -46.64 58.23
C GLY OB 146 -89.40 -47.67 59.11
N SER OB 147 -90.52 -47.24 59.71
CA SER OB 147 -91.28 -48.08 60.63
C SER OB 147 -92.45 -48.78 59.94
N GLY OB 148 -93.21 -47.99 59.17
CA GLY OB 148 -94.42 -48.48 58.53
C GLY OB 148 -94.10 -49.43 57.38
N LEU OB 149 -93.35 -48.90 56.41
CA LEU OB 149 -93.01 -49.68 55.24
C LEU OB 149 -91.99 -50.77 55.58
N GLY OB 150 -91.15 -50.51 56.61
CA GLY OB 150 -90.20 -51.50 57.10
C GLY OB 150 -90.93 -52.75 57.60
N CYS OB 151 -92.10 -52.54 58.24
CA CYS OB 151 -92.91 -53.64 58.73
C CYS OB 151 -93.46 -54.47 57.57
N LEU OB 152 -93.92 -53.77 56.51
CA LEU OB 152 -94.58 -54.40 55.37
C LEU OB 152 -93.62 -55.33 54.63
N LEU OB 153 -92.34 -54.94 54.57
CA LEU OB 153 -91.34 -55.77 53.92
C LEU OB 153 -91.07 -57.02 54.74
N LEU OB 154 -91.04 -56.89 56.07
CA LEU OB 154 -90.76 -58.03 56.95
C LEU OB 154 -91.90 -59.06 56.89
N GLU OB 155 -93.15 -58.59 56.81
CA GLU OB 155 -94.29 -59.49 56.63
C GLU OB 155 -94.20 -60.17 55.26
N ARG OB 156 -93.80 -59.44 54.22
CA ARG OB 156 -93.75 -60.00 52.87
C ARG OB 156 -92.51 -60.88 52.68
N LEU OB 157 -91.42 -60.60 53.41
CA LEU OB 157 -90.20 -61.37 53.17
C LEU OB 157 -90.29 -62.75 53.80
N SER OB 158 -90.86 -62.82 55.01
CA SER OB 158 -90.93 -64.06 55.77
C SER OB 158 -91.91 -65.06 55.13
N VAL OB 159 -92.89 -64.56 54.36
CA VAL OB 159 -93.90 -65.45 53.79
C VAL OB 159 -93.34 -66.20 52.58
N ASP OB 160 -92.36 -65.59 51.90
CA ASP OB 160 -91.88 -66.08 50.63
C ASP OB 160 -90.47 -66.65 50.77
N TYR OB 161 -89.54 -65.82 51.28
CA TYR OB 161 -88.25 -66.36 51.69
C TYR OB 161 -88.31 -66.78 53.14
N GLY OB 162 -88.71 -68.04 53.35
CA GLY OB 162 -88.96 -68.54 54.69
C GLY OB 162 -87.75 -68.48 55.64
N LYS OB 163 -86.77 -69.40 55.45
CA LYS OB 163 -85.92 -69.84 56.56
C LYS OB 163 -84.69 -68.97 56.80
N LYS OB 164 -84.57 -67.90 56.01
CA LYS OB 164 -83.36 -67.09 56.03
C LYS OB 164 -83.37 -66.17 57.25
N SER OB 165 -82.16 -66.02 57.83
CA SER OB 165 -81.91 -65.15 58.96
C SER OB 165 -82.16 -63.68 58.60
N LYS OB 166 -82.85 -62.96 59.49
CA LYS OB 166 -83.22 -61.57 59.22
C LYS OB 166 -82.79 -60.68 60.39
N LEU OB 167 -81.51 -60.28 60.36
CA LEU OB 167 -81.01 -59.34 61.36
C LEU OB 167 -81.55 -57.95 61.07
N ASN OB 168 -81.60 -57.11 62.10
CA ASN OB 168 -82.13 -55.77 62.00
C ASN OB 168 -81.26 -54.84 62.86
N PHE OB 169 -81.21 -53.58 62.43
CA PHE OB 169 -80.52 -52.53 63.18
C PHE OB 169 -81.42 -51.31 63.25
N CYS OB 170 -82.12 -51.20 64.38
CA CYS OB 170 -83.11 -50.14 64.58
C CYS OB 170 -82.47 -48.97 65.33
N SER OB 171 -82.68 -47.76 64.79
CA SER OB 171 -82.29 -46.54 65.49
C SER OB 171 -83.42 -46.15 66.47
N TRP OB 172 -83.43 -46.83 67.61
CA TRP OB 172 -84.47 -46.65 68.62
C TRP OB 172 -84.43 -45.23 69.19
N PRO OB 173 -85.59 -44.59 69.46
CA PRO OB 173 -85.63 -43.22 69.98
C PRO OB 173 -84.98 -43.03 71.34
N SER OB 174 -84.38 -41.86 71.49
CA SER OB 174 -83.63 -41.46 72.68
C SER OB 174 -84.59 -41.19 73.84
N PRO OB 175 -84.13 -41.38 75.08
CA PRO OB 175 -84.93 -41.03 76.27
C PRO OB 175 -85.24 -39.54 76.41
N GLN OB 176 -84.42 -38.65 75.81
CA GLN OB 176 -84.69 -37.23 75.92
C GLN OB 176 -84.79 -36.55 74.55
N VAL OB 177 -83.91 -36.97 73.64
CA VAL OB 177 -83.81 -36.35 72.33
C VAL OB 177 -84.86 -36.97 71.41
N SER OB 178 -85.64 -36.12 70.72
CA SER OB 178 -86.76 -36.63 69.96
C SER OB 178 -86.71 -36.29 68.47
N THR OB 179 -86.80 -35.00 68.14
CA THR OB 179 -86.95 -34.45 66.80
C THR OB 179 -88.21 -34.95 66.09
N ALA OB 180 -89.11 -35.57 66.86
CA ALA OB 180 -90.39 -36.08 66.38
C ALA OB 180 -91.29 -36.27 67.59
N VAL OB 181 -92.49 -35.68 67.55
CA VAL OB 181 -93.30 -35.63 68.76
C VAL OB 181 -94.25 -36.84 68.79
N VAL OB 182 -94.50 -37.44 67.63
CA VAL OB 182 -95.43 -38.56 67.53
C VAL OB 182 -94.71 -39.91 67.61
N GLU OB 183 -93.39 -39.88 67.83
CA GLU OB 183 -92.59 -41.11 67.88
C GLU OB 183 -92.96 -42.02 69.05
N PRO OB 184 -93.61 -41.58 70.15
CA PRO OB 184 -94.31 -42.52 71.03
C PRO OB 184 -95.27 -43.49 70.34
N TYR OB 185 -96.05 -42.99 69.38
CA TYR OB 185 -97.02 -43.85 68.73
C TYR OB 185 -96.34 -44.81 67.75
N ASN OB 186 -95.34 -44.30 67.02
CA ASN OB 186 -94.75 -45.03 65.90
C ASN OB 186 -93.99 -46.26 66.37
N SER OB 187 -93.14 -46.09 67.39
CA SER OB 187 -92.21 -47.15 67.74
C SER OB 187 -92.88 -48.19 68.66
N VAL OB 188 -94.03 -47.85 69.24
CA VAL OB 188 -94.82 -48.86 69.93
C VAL OB 188 -95.42 -49.83 68.92
N LEU OB 189 -96.01 -49.28 67.84
CA LEU OB 189 -96.66 -50.08 66.83
C LEU OB 189 -95.65 -50.96 66.07
N SER OB 190 -94.44 -50.42 65.86
CA SER OB 190 -93.39 -51.18 65.18
C SER OB 190 -92.93 -52.34 66.05
N THR OB 191 -92.93 -52.14 67.37
CA THR OB 191 -92.44 -53.14 68.31
C THR OB 191 -93.32 -54.39 68.23
N HIS OB 192 -94.64 -54.19 68.15
CA HIS OB 192 -95.59 -55.27 67.97
C HIS OB 192 -95.36 -55.97 66.62
N SER OB 193 -94.86 -55.21 65.64
CA SER OB 193 -94.64 -55.76 64.32
C SER OB 193 -93.35 -56.60 64.27
N LEU OB 194 -92.21 -55.96 64.54
CA LEU OB 194 -90.88 -56.55 64.36
C LEU OB 194 -90.55 -57.64 65.40
N LEU OB 195 -91.43 -57.83 66.38
CA LEU OB 195 -91.18 -58.83 67.40
C LEU OB 195 -91.29 -60.25 66.84
N GLU OB 196 -92.23 -60.45 65.91
CA GLU OB 196 -92.49 -61.79 65.39
C GLU OB 196 -91.99 -61.93 63.94
N HIS OB 197 -91.04 -61.08 63.53
CA HIS OB 197 -90.43 -61.23 62.23
C HIS OB 197 -88.91 -61.25 62.30
N THR OB 198 -88.33 -60.30 63.06
CA THR OB 198 -86.90 -60.11 63.11
C THR OB 198 -86.29 -61.19 64.01
N ASP OB 199 -85.23 -61.82 63.51
CA ASP OB 199 -84.52 -62.84 64.28
C ASP OB 199 -83.69 -62.21 65.40
N VAL OB 200 -82.93 -61.15 65.08
CA VAL OB 200 -82.08 -60.47 66.04
C VAL OB 200 -82.16 -58.97 65.78
N ALA OB 201 -82.52 -58.22 66.82
CA ALA OB 201 -82.64 -56.77 66.73
C ALA OB 201 -81.58 -56.13 67.63
N VAL OB 202 -80.89 -55.12 67.07
CA VAL OB 202 -79.85 -54.41 67.78
C VAL OB 202 -80.23 -52.93 67.84
N MET OB 203 -80.28 -52.40 69.07
CA MET OB 203 -80.69 -51.03 69.26
C MET OB 203 -79.48 -50.09 69.19
N LEU OB 204 -79.63 -49.06 68.35
CA LEU OB 204 -78.68 -47.97 68.22
C LEU OB 204 -79.43 -46.69 68.64
N ASP OB 205 -78.74 -45.86 69.41
CA ASP OB 205 -79.37 -44.69 70.00
C ASP OB 205 -78.48 -43.48 69.75
N ASN OB 206 -79.06 -42.41 69.18
CA ASN OB 206 -78.20 -41.32 68.73
C ASN OB 206 -77.67 -40.51 69.91
N GLU OB 207 -78.39 -40.50 71.04
CA GLU OB 207 -77.86 -39.87 72.24
C GLU OB 207 -76.69 -40.66 72.82
N ALA OB 208 -76.69 -41.99 72.61
CA ALA OB 208 -75.60 -42.86 73.03
C ALA OB 208 -74.31 -42.53 72.25
N ILE OB 209 -74.45 -42.37 70.92
CA ILE OB 209 -73.30 -42.13 70.07
C ILE OB 209 -72.79 -40.70 70.25
N TYR OB 210 -73.69 -39.77 70.60
CA TYR OB 210 -73.30 -38.41 70.93
C TYR OB 210 -72.34 -38.36 72.13
N ASP OB 211 -72.66 -39.11 73.19
CA ASP OB 211 -71.80 -39.07 74.36
C ASP OB 211 -70.51 -39.85 74.10
N ILE OB 212 -70.57 -40.84 73.19
CA ILE OB 212 -69.37 -41.58 72.80
C ILE OB 212 -68.41 -40.64 72.06
N CYS OB 213 -68.96 -39.87 71.12
CA CYS OB 213 -68.16 -38.96 70.31
C CYS OB 213 -67.59 -37.82 71.16
N ARG OB 214 -68.16 -37.56 72.34
CA ARG OB 214 -67.74 -36.42 73.12
C ARG OB 214 -66.63 -36.82 74.10
N ARG OB 215 -66.75 -37.95 74.79
CA ARG OB 215 -65.80 -38.25 75.85
C ARG OB 215 -64.57 -38.94 75.26
N ASN OB 216 -64.75 -39.69 74.17
CA ASN OB 216 -63.65 -40.38 73.53
C ASN OB 216 -62.89 -39.49 72.55
N LEU OB 217 -63.56 -39.05 71.48
CA LEU OB 217 -62.89 -38.35 70.41
C LEU OB 217 -62.76 -36.85 70.69
N ASP OB 218 -63.41 -36.38 71.77
CA ASP OB 218 -63.48 -34.97 72.13
C ASP OB 218 -64.03 -34.14 70.97
N ILE OB 219 -65.08 -34.65 70.35
CA ILE OB 219 -65.80 -33.91 69.34
C ILE OB 219 -67.02 -33.28 70.01
N GLU OB 220 -66.94 -31.98 70.32
CA GLU OB 220 -68.05 -31.39 71.04
C GLU OB 220 -69.15 -31.03 70.07
N ARG OB 221 -68.85 -30.88 68.77
CA ARG OB 221 -69.89 -30.55 67.79
C ARG OB 221 -69.92 -31.53 66.62
N PRO OB 222 -70.36 -32.80 66.81
CA PRO OB 222 -70.39 -33.75 65.71
C PRO OB 222 -71.64 -33.54 64.86
N THR OB 223 -71.56 -34.02 63.63
CA THR OB 223 -72.72 -34.11 62.76
C THR OB 223 -73.13 -35.59 62.59
N TYR OB 224 -74.18 -35.82 61.80
CA TYR OB 224 -74.66 -37.16 61.53
C TYR OB 224 -73.63 -38.03 60.81
N THR OB 225 -72.75 -37.44 60.01
CA THR OB 225 -71.78 -38.24 59.29
C THR OB 225 -70.64 -38.69 60.21
N ASN OB 226 -70.39 -37.97 61.31
CA ASN OB 226 -69.48 -38.47 62.32
C ASN OB 226 -70.08 -39.70 62.98
N LEU OB 227 -71.41 -39.71 63.12
CA LEU OB 227 -72.05 -40.84 63.79
C LEU OB 227 -72.00 -42.10 62.93
N ASN OB 228 -72.21 -41.96 61.63
CA ASN OB 228 -72.41 -43.11 60.76
C ASN OB 228 -71.08 -43.79 60.43
N ARG OB 229 -69.96 -43.08 60.60
CA ARG OB 229 -68.65 -43.71 60.44
C ARG OB 229 -68.45 -44.79 61.48
N LEU OB 230 -68.80 -44.47 62.74
CA LEU OB 230 -68.68 -45.41 63.84
C LEU OB 230 -69.65 -46.57 63.67
N ILE OB 231 -70.83 -46.29 63.13
CA ILE OB 231 -71.82 -47.32 62.89
C ILE OB 231 -71.32 -48.27 61.79
N ALA OB 232 -70.65 -47.69 60.78
CA ALA OB 232 -70.12 -48.46 59.66
C ALA OB 232 -69.06 -49.46 60.14
N GLN OB 233 -68.25 -49.03 61.13
CA GLN OB 233 -67.19 -49.86 61.68
C GLN OB 233 -67.79 -51.04 62.45
N VAL OB 234 -68.94 -50.82 63.09
CA VAL OB 234 -69.60 -51.86 63.86
C VAL OB 234 -70.14 -52.93 62.91
N ILE OB 235 -70.77 -52.49 61.82
CA ILE OB 235 -71.27 -53.41 60.81
C ILE OB 235 -70.12 -54.18 60.17
N SER OB 236 -68.98 -53.50 59.96
CA SER OB 236 -67.82 -54.13 59.34
C SER OB 236 -67.22 -55.21 60.25
N SER OB 237 -67.29 -54.99 61.57
CA SER OB 237 -66.69 -55.93 62.50
C SER OB 237 -67.54 -57.21 62.62
N LEU OB 238 -68.86 -57.09 62.41
CA LEU OB 238 -69.75 -58.26 62.51
C LEU OB 238 -69.47 -59.19 61.33
N THR OB 239 -69.38 -58.60 60.15
CA THR OB 239 -69.29 -59.33 58.90
C THR OB 239 -67.83 -59.50 58.49
N ALA OB 240 -66.88 -59.17 59.37
CA ALA OB 240 -65.47 -59.30 59.07
C ALA OB 240 -65.08 -60.76 58.90
N SER OB 241 -65.71 -61.61 59.72
CA SER OB 241 -65.41 -63.03 59.70
C SER OB 241 -65.94 -63.68 58.41
N LEU OB 242 -67.07 -63.18 57.88
CA LEU OB 242 -67.62 -63.65 56.61
C LEU OB 242 -66.63 -63.39 55.47
N ARG OB 243 -65.95 -62.24 55.52
CA ARG OB 243 -65.21 -61.76 54.37
C ARG OB 243 -63.79 -62.28 54.43
N PHE OB 244 -63.11 -62.12 55.57
CA PHE OB 244 -61.69 -62.44 55.67
C PHE OB 244 -61.48 -63.68 56.52
N ASP OB 245 -60.25 -64.22 56.38
CA ASP OB 245 -59.78 -65.40 57.08
C ASP OB 245 -59.68 -65.08 58.57
N GLY OB 246 -59.97 -66.07 59.41
CA GLY OB 246 -59.93 -65.86 60.85
C GLY OB 246 -59.44 -67.10 61.57
N ALA OB 247 -58.89 -66.87 62.77
CA ALA OB 247 -58.49 -67.94 63.68
C ALA OB 247 -59.70 -68.66 64.27
N LEU OB 248 -60.84 -67.97 64.33
CA LEU OB 248 -62.04 -68.50 64.97
C LEU OB 248 -63.25 -67.74 64.43
N ASN OB 249 -64.01 -68.36 63.53
CA ASN OB 249 -65.02 -67.66 62.75
C ASN OB 249 -66.32 -67.46 63.55
N VAL OB 250 -67.01 -66.34 63.26
CA VAL OB 250 -68.37 -66.10 63.74
C VAL OB 250 -69.12 -65.44 62.60
N ASP OB 251 -70.11 -66.13 62.02
CA ASP OB 251 -70.89 -65.51 60.95
C ASP OB 251 -72.24 -65.02 61.48
N VAL OB 252 -73.13 -64.66 60.54
CA VAL OB 252 -74.47 -64.15 60.81
C VAL OB 252 -75.28 -65.17 61.60
N THR OB 253 -75.16 -66.45 61.22
CA THR OB 253 -75.96 -67.51 61.82
C THR OB 253 -75.51 -67.77 63.26
N GLU OB 254 -74.23 -67.51 63.55
CA GLU OB 254 -73.69 -67.69 64.91
C GLU OB 254 -74.34 -66.70 65.88
N PHE OB 255 -74.73 -65.51 65.41
CA PHE OB 255 -75.28 -64.48 66.26
C PHE OB 255 -76.60 -64.92 66.89
N GLN OB 256 -77.54 -65.40 66.05
CA GLN OB 256 -78.87 -65.79 66.50
C GLN OB 256 -78.80 -66.95 67.49
N THR OB 257 -78.07 -68.00 67.09
CA THR OB 257 -78.08 -69.26 67.79
C THR OB 257 -77.36 -69.17 69.13
N ASN OB 258 -76.77 -68.01 69.44
CA ASN OB 258 -75.93 -67.89 70.63
C ASN OB 258 -76.35 -66.72 71.52
N LEU OB 259 -77.41 -66.00 71.12
CA LEU OB 259 -77.82 -64.82 71.86
C LEU OB 259 -79.31 -64.80 72.21
N VAL OB 260 -80.11 -65.78 71.74
CA VAL OB 260 -81.55 -65.63 71.77
C VAL OB 260 -82.18 -66.78 72.56
N PRO OB 261 -82.11 -66.81 73.90
CA PRO OB 261 -82.54 -67.99 74.65
C PRO OB 261 -84.02 -68.36 74.53
N TYR OB 262 -84.86 -67.35 74.24
CA TYR OB 262 -86.28 -67.58 74.03
C TYR OB 262 -86.75 -66.83 72.78
N PRO OB 263 -87.83 -67.30 72.10
CA PRO OB 263 -88.28 -66.74 70.81
C PRO OB 263 -88.59 -65.24 70.80
N ARG OB 264 -89.02 -64.72 71.95
CA ARG OB 264 -89.45 -63.34 72.06
C ARG OB 264 -88.34 -62.46 72.66
N ILE OB 265 -87.19 -63.07 73.03
CA ILE OB 265 -86.14 -62.31 73.69
C ILE OB 265 -84.96 -62.15 72.72
N HIS OB 266 -85.00 -61.10 71.88
CA HIS OB 266 -83.90 -60.90 70.94
C HIS OB 266 -83.48 -59.44 70.78
N PHE OB 267 -83.86 -58.59 71.72
CA PHE OB 267 -83.41 -57.20 71.71
C PHE OB 267 -82.10 -57.10 72.48
N MET OB 268 -81.09 -56.50 71.87
CA MET OB 268 -79.76 -56.58 72.46
C MET OB 268 -78.91 -55.35 72.13
N LEU OB 269 -77.84 -55.18 72.92
CA LEU OB 269 -77.03 -53.97 72.97
C LEU OB 269 -75.77 -54.11 72.11
N SER OB 270 -74.94 -53.06 72.09
CA SER OB 270 -73.68 -53.09 71.39
C SER OB 270 -72.65 -52.21 72.12
N SER OB 271 -71.37 -52.44 71.83
CA SER OB 271 -70.25 -51.65 72.31
C SER OB 271 -69.08 -51.90 71.39
N TYR OB 272 -68.42 -50.81 70.98
CA TYR OB 272 -67.23 -50.90 70.14
C TYR OB 272 -66.06 -50.26 70.87
N ALA OB 273 -64.94 -50.96 70.88
CA ALA OB 273 -63.76 -50.51 71.60
C ALA OB 273 -62.54 -51.04 70.86
N PRO OB 274 -61.47 -50.25 70.66
CA PRO OB 274 -61.38 -48.85 71.10
C PRO OB 274 -61.98 -47.83 70.13
N ILE OB 275 -62.48 -46.72 70.68
CA ILE OB 275 -62.82 -45.55 69.90
C ILE OB 275 -61.88 -44.41 70.32
N ILE OB 276 -60.76 -44.34 69.60
CA ILE OB 276 -59.63 -43.49 69.91
C ILE OB 276 -59.29 -42.75 68.61
N SER OB 277 -59.01 -41.46 68.84
CA SER OB 277 -58.59 -40.55 67.79
C SER OB 277 -57.10 -40.74 67.49
N ALA OB 278 -56.56 -39.84 66.66
CA ALA OB 278 -55.17 -39.90 66.24
C ALA OB 278 -54.25 -39.50 67.38
N GLU OB 279 -54.69 -38.52 68.19
CA GLU OB 279 -53.86 -37.97 69.24
C GLU OB 279 -53.76 -38.89 70.45
N LYS OB 280 -54.58 -39.93 70.51
CA LYS OB 280 -54.57 -40.84 71.65
C LYS OB 280 -53.99 -42.20 71.27
N ALA OB 281 -53.98 -42.57 69.97
CA ALA OB 281 -53.49 -43.88 69.54
C ALA OB 281 -51.97 -43.97 69.63
N TYR OB 282 -51.38 -42.80 69.76
CA TYR OB 282 -49.94 -42.62 69.75
C TYR OB 282 -49.34 -43.01 71.11
N HIS OB 283 -50.17 -43.16 72.16
CA HIS OB 283 -49.65 -43.26 73.52
C HIS OB 283 -50.11 -44.52 74.25
N GLU OB 284 -51.26 -45.07 73.84
CA GLU OB 284 -51.68 -46.33 74.39
C GLU OB 284 -51.16 -47.48 73.52
N GLN OB 285 -50.51 -48.50 74.13
CA GLN OB 285 -50.57 -49.83 73.53
C GLN OB 285 -51.95 -50.40 73.84
N LEU OB 286 -52.55 -51.00 72.82
CA LEU OB 286 -53.90 -51.47 72.92
C LEU OB 286 -53.87 -52.95 73.32
N SER OB 287 -53.62 -53.21 74.60
CA SER OB 287 -53.60 -54.58 75.11
C SER OB 287 -55.00 -55.17 74.98
N VAL OB 288 -55.02 -56.49 74.85
CA VAL OB 288 -56.28 -57.17 74.63
C VAL OB 288 -57.12 -57.08 75.91
N ALA OB 289 -56.43 -56.98 77.06
CA ALA OB 289 -57.05 -56.76 78.36
C ALA OB 289 -57.75 -55.39 78.38
N GLU OB 290 -57.10 -54.38 77.82
CA GLU OB 290 -57.57 -53.02 77.98
C GLU OB 290 -58.74 -52.73 77.05
N ILE OB 291 -58.68 -53.30 75.82
CA ILE OB 291 -59.73 -53.09 74.82
C ILE OB 291 -61.01 -53.83 75.20
N THR OB 292 -60.86 -54.89 76.01
CA THR OB 292 -62.03 -55.58 76.50
C THR OB 292 -62.49 -55.05 77.85
N ASN OB 293 -61.63 -54.30 78.55
CA ASN OB 293 -62.07 -53.63 79.77
C ASN OB 293 -62.99 -52.46 79.42
N SER OB 294 -62.59 -51.74 78.36
CA SER OB 294 -63.34 -50.57 77.92
C SER OB 294 -64.68 -50.95 77.29
N ALA OB 295 -64.77 -52.19 76.76
CA ALA OB 295 -65.97 -52.69 76.11
C ALA OB 295 -67.13 -52.84 77.08
N PHE OB 296 -66.79 -53.25 78.32
CA PHE OB 296 -67.78 -53.50 79.36
C PHE OB 296 -68.09 -52.26 80.20
N GLU OB 297 -67.48 -51.12 79.87
CA GLU OB 297 -67.74 -49.89 80.60
C GLU OB 297 -69.19 -49.44 80.37
N PRO OB 298 -69.93 -49.03 81.43
CA PRO OB 298 -71.30 -48.53 81.28
C PRO OB 298 -71.46 -47.34 80.35
N ALA OB 299 -70.46 -46.45 80.32
CA ALA OB 299 -70.54 -45.24 79.51
C ALA OB 299 -70.05 -45.48 78.08
N SER OB 300 -69.77 -46.76 77.74
CA SER OB 300 -69.25 -47.15 76.43
C SER OB 300 -70.30 -47.87 75.58
N MET OB 301 -71.58 -47.73 75.93
CA MET OB 301 -72.59 -48.55 75.27
C MET OB 301 -73.14 -47.86 74.02
N MET OB 302 -74.03 -48.54 73.28
CA MET OB 302 -74.48 -48.05 71.98
C MET OB 302 -75.98 -47.74 71.97
N ALA OB 303 -76.67 -47.87 73.12
CA ALA OB 303 -78.13 -47.81 73.12
C ALA OB 303 -78.71 -46.90 74.21
N LYS OB 304 -77.84 -46.35 75.07
CA LYS OB 304 -78.26 -45.50 76.19
C LYS OB 304 -79.20 -46.27 77.12
N CYS OB 305 -78.68 -47.32 77.77
CA CYS OB 305 -79.31 -47.87 78.95
C CYS OB 305 -78.24 -48.39 79.90
N ASP OB 306 -78.34 -48.00 81.17
CA ASP OB 306 -77.34 -48.30 82.17
C ASP OB 306 -77.32 -49.80 82.42
N PRO OB 307 -76.24 -50.53 82.14
CA PRO OB 307 -76.25 -51.98 82.34
C PRO OB 307 -76.13 -52.47 83.78
N ARG OB 308 -75.95 -51.57 84.77
CA ARG OB 308 -75.94 -52.02 86.18
C ARG OB 308 -77.28 -52.59 86.64
N HIS OB 309 -78.37 -52.10 86.06
CA HIS OB 309 -79.67 -52.58 86.48
C HIS OB 309 -80.16 -53.73 85.61
N GLY OB 310 -79.23 -54.60 85.17
CA GLY OB 310 -79.57 -55.79 84.42
C GLY OB 310 -78.51 -56.86 84.60
N LYS OB 311 -78.80 -58.06 84.11
CA LYS OB 311 -77.86 -59.17 84.10
C LYS OB 311 -77.70 -59.62 82.66
N TYR OB 312 -76.48 -59.97 82.27
CA TYR OB 312 -76.18 -60.40 80.91
C TYR OB 312 -76.70 -61.84 80.73
N MET OB 313 -77.59 -61.97 79.74
CA MET OB 313 -78.14 -63.28 79.41
C MET OB 313 -77.11 -64.07 78.63
N ALA OB 314 -76.53 -63.42 77.62
CA ALA OB 314 -75.57 -64.01 76.71
C ALA OB 314 -74.77 -62.88 76.08
N CYS OB 315 -73.55 -63.18 75.64
CA CYS OB 315 -72.63 -62.15 75.18
C CYS OB 315 -71.82 -62.70 74.00
N CYS OB 316 -71.42 -61.80 73.12
CA CYS OB 316 -70.65 -62.17 71.93
C CYS OB 316 -69.55 -61.13 71.72
N LEU OB 317 -68.30 -61.58 71.61
CA LEU OB 317 -67.16 -60.69 71.48
C LEU OB 317 -66.39 -60.99 70.20
N MET OB 318 -66.43 -60.04 69.26
CA MET OB 318 -65.73 -60.17 68.00
C MET OB 318 -64.45 -59.37 68.03
N TYR OB 319 -63.32 -60.06 68.13
CA TYR OB 319 -62.02 -59.42 68.04
C TYR OB 319 -61.60 -59.31 66.59
N ARG OB 320 -60.85 -58.24 66.33
CA ARG OB 320 -60.48 -57.92 64.97
C ARG OB 320 -59.10 -57.30 64.96
N GLY OB 321 -58.09 -58.04 64.46
CA GLY OB 321 -56.73 -57.53 64.39
C GLY OB 321 -55.68 -58.57 64.76
N ASP OB 322 -54.59 -58.14 65.39
CA ASP OB 322 -53.51 -59.05 65.73
C ASP OB 322 -53.78 -59.73 67.07
N VAL OB 323 -54.97 -60.31 67.27
CA VAL OB 323 -55.42 -60.67 68.61
C VAL OB 323 -55.01 -62.12 68.89
N VAL OB 324 -54.06 -62.25 69.84
CA VAL OB 324 -53.58 -63.55 70.28
C VAL OB 324 -54.71 -64.29 70.98
N PRO OB 325 -54.96 -65.59 70.67
CA PRO OB 325 -56.02 -66.31 71.37
C PRO OB 325 -55.70 -66.61 72.84
N LYS OB 326 -54.43 -66.44 73.28
CA LYS OB 326 -54.07 -66.58 74.68
C LYS OB 326 -54.78 -65.51 75.49
N ASP OB 327 -54.63 -64.25 75.06
CA ASP OB 327 -55.02 -63.13 75.89
C ASP OB 327 -56.54 -62.96 75.95
N VAL OB 328 -57.27 -63.58 75.01
CA VAL OB 328 -58.72 -63.53 75.04
C VAL OB 328 -59.22 -64.32 76.26
N ASN OB 329 -58.71 -65.54 76.41
CA ASN OB 329 -59.15 -66.45 77.45
C ASN OB 329 -58.74 -65.96 78.83
N ALA OB 330 -57.56 -65.33 78.90
CA ALA OB 330 -57.07 -64.80 80.16
C ALA OB 330 -57.93 -63.60 80.56
N ALA OB 331 -58.32 -62.79 79.57
CA ALA OB 331 -59.08 -61.58 79.86
C ALA OB 331 -60.55 -61.89 80.14
N VAL OB 332 -61.14 -62.88 79.44
CA VAL OB 332 -62.56 -63.17 79.63
C VAL OB 332 -62.78 -63.94 80.92
N ALA OB 333 -61.71 -64.62 81.40
CA ALA OB 333 -61.78 -65.24 82.71
C ALA OB 333 -61.82 -64.15 83.80
N THR OB 334 -61.12 -63.04 83.54
CA THR OB 334 -61.11 -61.92 84.47
C THR OB 334 -62.48 -61.24 84.54
N ILE OB 335 -63.17 -61.06 83.41
CA ILE OB 335 -64.49 -60.46 83.41
C ILE OB 335 -65.48 -61.34 84.17
N LYS OB 336 -65.39 -62.65 83.96
CA LYS OB 336 -66.28 -63.57 84.65
C LYS OB 336 -65.99 -63.61 86.15
N THR OB 337 -64.75 -63.35 86.56
CA THR OB 337 -64.39 -63.35 87.97
C THR OB 337 -64.93 -62.09 88.65
N LYS OB 338 -64.77 -60.95 87.97
CA LYS OB 338 -65.16 -59.64 88.50
C LYS OB 338 -66.67 -59.62 88.67
N ARG OB 339 -67.10 -59.11 89.83
CA ARG OB 339 -68.47 -59.29 90.30
C ARG OB 339 -69.32 -58.02 90.14
N THR OB 340 -68.75 -56.93 89.63
CA THR OB 340 -69.58 -55.80 89.24
C THR OB 340 -70.32 -56.11 87.93
N ILE OB 341 -69.80 -57.05 87.16
CA ILE OB 341 -70.49 -57.59 85.99
C ILE OB 341 -71.20 -58.87 86.40
N GLN OB 342 -72.52 -58.93 86.22
CA GLN OB 342 -73.25 -60.06 86.76
C GLN OB 342 -73.81 -60.91 85.63
N PHE OB 343 -73.76 -62.23 85.84
CA PHE OB 343 -74.34 -63.20 84.94
C PHE OB 343 -75.46 -63.88 85.68
N VAL OB 344 -76.54 -64.12 84.91
CA VAL OB 344 -77.70 -64.85 85.40
C VAL OB 344 -77.34 -66.31 85.62
N ASP OB 345 -78.08 -66.96 86.51
CA ASP OB 345 -77.73 -68.29 86.99
C ASP OB 345 -78.00 -69.37 85.94
N TRP OB 346 -78.96 -69.16 85.02
CA TRP OB 346 -79.31 -70.19 84.06
C TRP OB 346 -78.44 -70.16 82.81
N CYS OB 347 -77.28 -69.50 82.89
CA CYS OB 347 -76.37 -69.40 81.75
C CYS OB 347 -74.94 -69.28 82.25
N PRO OB 348 -74.35 -70.36 82.79
CA PRO OB 348 -73.05 -70.24 83.46
C PRO OB 348 -71.89 -69.97 82.50
N THR OB 349 -71.88 -70.72 81.39
CA THR OB 349 -71.05 -70.41 80.25
C THR OB 349 -71.85 -69.42 79.39
N GLY OB 350 -71.26 -68.25 79.13
CA GLY OB 350 -72.10 -67.19 78.61
C GLY OB 350 -71.41 -66.27 77.61
N PHE OB 351 -70.25 -66.66 77.07
CA PHE OB 351 -69.53 -65.78 76.17
C PHE OB 351 -69.40 -66.40 74.79
N LYS OB 352 -69.02 -65.54 73.83
CA LYS OB 352 -68.64 -65.97 72.51
C LYS OB 352 -67.38 -65.24 72.08
N CYS OB 353 -66.43 -65.98 71.49
CA CYS OB 353 -65.16 -65.39 71.07
C CYS OB 353 -64.97 -65.60 69.58
N GLY OB 354 -64.64 -64.51 68.86
CA GLY OB 354 -64.39 -64.57 67.43
C GLY OB 354 -63.24 -63.67 67.02
N ILE OB 355 -62.19 -64.24 66.41
CA ILE OB 355 -60.98 -63.52 66.06
C ILE OB 355 -60.86 -63.47 64.54
N ASN OB 356 -60.54 -62.28 64.03
CA ASN OB 356 -60.18 -62.08 62.64
C ASN OB 356 -58.83 -61.39 62.59
N TYR OB 357 -57.97 -61.78 61.65
CA TYR OB 357 -56.61 -61.24 61.63
C TYR OB 357 -56.55 -59.87 60.99
N GLN OB 358 -57.50 -59.59 60.08
CA GLN OB 358 -57.43 -58.35 59.33
C GLN OB 358 -57.68 -57.19 60.29
N PRO OB 359 -56.72 -56.24 60.41
CA PRO OB 359 -56.94 -55.07 61.27
C PRO OB 359 -57.96 -54.15 60.61
N PRO OB 360 -58.71 -53.29 61.37
CA PRO OB 360 -59.72 -52.44 60.75
C PRO OB 360 -59.14 -51.46 59.73
N THR OB 361 -59.90 -51.13 58.69
CA THR OB 361 -59.47 -50.18 57.67
C THR OB 361 -60.01 -48.78 58.00
N VAL OB 362 -59.04 -47.84 58.05
CA VAL OB 362 -59.25 -46.48 58.50
C VAL OB 362 -59.69 -45.66 57.29
N VAL OB 363 -60.74 -44.85 57.50
CA VAL OB 363 -61.15 -43.91 56.46
C VAL OB 363 -60.22 -42.71 56.52
N PRO OB 364 -59.58 -42.29 55.40
CA PRO OB 364 -58.58 -41.23 55.48
C PRO OB 364 -59.23 -39.88 55.72
N GLY OB 365 -58.60 -39.06 56.58
CA GLY OB 365 -59.10 -37.76 57.01
C GLY OB 365 -60.46 -37.82 57.71
N GLY OB 366 -60.74 -38.97 58.36
CA GLY OB 366 -61.99 -39.28 59.03
C GLY OB 366 -61.97 -38.77 60.48
N ASP OB 367 -62.48 -39.58 61.42
CA ASP OB 367 -62.25 -39.25 62.82
C ASP OB 367 -61.45 -40.32 63.57
N LEU OB 368 -61.62 -41.60 63.21
CA LEU OB 368 -60.94 -42.66 63.94
C LEU OB 368 -59.48 -42.81 63.49
N ALA OB 369 -58.68 -43.54 64.28
CA ALA OB 369 -57.29 -43.71 63.93
C ALA OB 369 -56.98 -45.15 63.55
N LYS OB 370 -55.78 -45.34 62.97
CA LYS OB 370 -55.35 -46.67 62.60
C LYS OB 370 -54.89 -47.38 63.86
N VAL OB 371 -55.54 -48.52 64.14
CA VAL OB 371 -55.30 -49.29 65.35
C VAL OB 371 -54.92 -50.71 64.95
N MET OB 372 -54.28 -51.41 65.91
CA MET OB 372 -53.75 -52.75 65.74
C MET OB 372 -54.84 -53.82 65.95
N ARG OB 373 -55.93 -53.46 66.66
CA ARG OB 373 -56.92 -54.43 67.12
C ARG OB 373 -58.17 -53.70 67.60
N ALA OB 374 -59.30 -54.41 67.60
CA ALA OB 374 -60.59 -53.84 67.96
C ALA OB 374 -61.52 -54.95 68.43
N VAL OB 375 -62.49 -54.59 69.28
CA VAL OB 375 -63.49 -55.50 69.79
C VAL OB 375 -64.86 -54.93 69.45
N CYS OB 376 -65.76 -55.78 68.99
CA CYS OB 376 -67.19 -55.46 68.91
C CYS OB 376 -67.92 -56.45 69.81
N MET OB 377 -68.73 -55.93 70.73
CA MET OB 377 -69.37 -56.75 71.76
C MET OB 377 -70.88 -56.53 71.68
N ILE OB 378 -71.64 -57.60 71.46
CA ILE OB 378 -73.09 -57.55 71.45
C ILE OB 378 -73.59 -58.38 72.62
N SER OB 379 -74.39 -57.73 73.49
CA SER OB 379 -74.86 -58.33 74.73
C SER OB 379 -76.37 -58.38 74.76
N ASN OB 380 -76.90 -59.55 75.11
CA ASN OB 380 -78.31 -59.70 75.44
C ASN OB 380 -78.43 -59.55 76.95
N SER OB 381 -79.10 -58.46 77.36
CA SER OB 381 -79.16 -58.11 78.76
C SER OB 381 -80.61 -58.00 79.19
N THR OB 382 -80.80 -58.12 80.51
CA THR OB 382 -82.09 -57.93 81.15
C THR OB 382 -82.41 -56.43 81.28
N ALA OB 383 -81.36 -55.60 81.14
CA ALA OB 383 -81.49 -54.15 81.25
C ALA OB 383 -82.38 -53.52 80.17
N ILE OB 384 -82.70 -54.27 79.10
CA ILE OB 384 -83.56 -53.83 78.01
C ILE OB 384 -85.00 -53.57 78.49
N ALA OB 385 -85.37 -54.12 79.65
CA ALA OB 385 -86.68 -53.89 80.23
C ALA OB 385 -86.92 -52.40 80.50
N GLU OB 386 -85.88 -51.66 80.88
CA GLU OB 386 -86.02 -50.26 81.22
C GLU OB 386 -86.26 -49.41 79.98
N VAL OB 387 -85.55 -49.71 78.88
CA VAL OB 387 -85.67 -48.89 77.69
C VAL OB 387 -87.03 -49.11 77.04
N PHE OB 388 -87.66 -50.25 77.36
CA PHE OB 388 -89.06 -50.45 76.98
C PHE OB 388 -90.01 -49.83 77.98
N SER OB 389 -89.62 -49.75 79.27
CA SER OB 389 -90.50 -49.26 80.33
C SER OB 389 -90.70 -47.77 80.25
N ARG OB 390 -89.60 -47.02 80.05
CA ARG OB 390 -89.68 -45.58 79.86
C ARG OB 390 -90.49 -45.30 78.60
N MET OB 391 -90.30 -46.15 77.59
CA MET OB 391 -91.12 -46.11 76.39
C MET OB 391 -92.58 -46.43 76.73
N ASP OB 392 -92.79 -47.41 77.65
CA ASP OB 392 -94.11 -47.94 77.98
C ASP OB 392 -94.96 -46.88 78.65
N HIS OB 393 -94.31 -46.07 79.50
CA HIS OB 393 -95.01 -45.12 80.35
C HIS OB 393 -95.47 -43.89 79.57
N LYS OB 394 -94.63 -43.50 78.60
CA LYS OB 394 -94.86 -42.29 77.79
C LYS OB 394 -96.10 -42.47 76.92
N PHE OB 395 -96.27 -43.68 76.34
CA PHE OB 395 -97.35 -43.98 75.41
C PHE OB 395 -98.70 -43.96 76.12
N ASP OB 396 -98.73 -44.53 77.34
CA ASP OB 396 -99.97 -44.67 78.09
C ASP OB 396 -100.45 -43.29 78.55
N LEU OB 397 -99.48 -42.43 78.87
CA LEU OB 397 -99.79 -41.13 79.45
C LEU OB 397 -100.45 -40.19 78.44
N MET OB 398 -100.43 -40.54 77.14
CA MET OB 398 -100.89 -39.64 76.09
C MET OB 398 -101.87 -40.32 75.12
N TYR OB 399 -101.87 -41.67 75.06
CA TYR OB 399 -102.92 -42.40 74.36
C TYR OB 399 -104.27 -42.24 75.06
N ALA OB 400 -104.24 -42.10 76.40
CA ALA OB 400 -105.41 -42.19 77.27
C ALA OB 400 -106.41 -41.07 76.98
N LYS OB 401 -105.93 -40.01 76.30
CA LYS OB 401 -106.79 -38.88 75.96
C LYS OB 401 -106.93 -38.74 74.45
N ARG OB 402 -106.43 -39.71 73.69
CA ARG OB 402 -106.71 -39.81 72.25
C ARG OB 402 -106.14 -38.63 71.48
N ALA OB 403 -105.01 -38.10 71.98
CA ALA OB 403 -104.28 -37.11 71.20
C ALA OB 403 -103.59 -37.85 70.05
N PHE OB 404 -103.51 -37.17 68.88
CA PHE OB 404 -102.84 -37.67 67.70
C PHE OB 404 -103.35 -39.05 67.28
N VAL OB 405 -104.66 -39.30 67.44
CA VAL OB 405 -105.24 -40.56 67.00
C VAL OB 405 -106.01 -40.36 65.70
N HIS OB 406 -106.59 -39.17 65.55
CA HIS OB 406 -107.36 -38.81 64.37
C HIS OB 406 -106.50 -38.81 63.10
N TRP OB 407 -105.18 -38.63 63.22
CA TRP OB 407 -104.29 -38.83 62.07
C TRP OB 407 -104.20 -40.30 61.67
N TYR OB 408 -104.09 -41.16 62.69
CA TYR OB 408 -103.85 -42.58 62.47
C TYR OB 408 -105.14 -43.24 62.01
N VAL OB 409 -106.28 -42.88 62.62
CA VAL OB 409 -107.56 -43.49 62.30
C VAL OB 409 -108.06 -43.01 60.94
N GLY OB 410 -107.68 -41.79 60.54
CA GLY OB 410 -108.07 -41.24 59.24
C GLY OB 410 -107.38 -41.96 58.08
N GLU OB 411 -106.20 -42.54 58.35
CA GLU OB 411 -105.37 -43.17 57.31
C GLU OB 411 -105.53 -44.69 57.28
N GLY OB 412 -106.60 -45.21 57.92
CA GLY OB 412 -106.98 -46.60 57.70
C GLY OB 412 -107.01 -47.51 58.92
N MET OB 413 -106.02 -47.42 59.81
CA MET OB 413 -105.98 -48.33 60.95
C MET OB 413 -107.03 -47.97 62.01
N GLU OB 414 -107.47 -48.99 62.74
CA GLU OB 414 -108.49 -48.84 63.78
C GLU OB 414 -107.81 -48.82 65.14
N GLU OB 415 -108.23 -47.91 66.03
CA GLU OB 415 -107.89 -48.05 67.44
C GLU OB 415 -108.50 -49.36 67.94
N GLY OB 416 -107.71 -50.14 68.65
CA GLY OB 416 -107.97 -51.55 68.83
C GLY OB 416 -106.74 -52.28 68.33
N GLU OB 417 -106.07 -51.66 67.35
CA GLU OB 417 -104.69 -52.00 67.04
C GLU OB 417 -103.75 -51.27 68.01
N PHE OB 418 -104.13 -50.04 68.41
CA PHE OB 418 -103.44 -49.33 69.47
C PHE OB 418 -103.50 -50.09 70.79
N SER OB 419 -104.68 -50.68 71.11
CA SER OB 419 -104.86 -51.42 72.34
C SER OB 419 -104.09 -52.73 72.29
N GLU OB 420 -104.14 -53.40 71.12
CA GLU OB 420 -103.49 -54.69 70.98
C GLU OB 420 -101.97 -54.56 71.05
N ALA OB 421 -101.41 -53.49 70.47
CA ALA OB 421 -99.96 -53.29 70.46
C ALA OB 421 -99.49 -52.91 71.87
N ARG OB 422 -100.36 -52.28 72.66
CA ARG OB 422 -100.03 -51.88 74.02
C ARG OB 422 -99.85 -53.10 74.91
N GLU OB 423 -100.81 -54.03 74.85
CA GLU OB 423 -100.75 -55.22 75.69
C GLU OB 423 -99.64 -56.15 75.25
N ASP OB 424 -99.31 -56.16 73.94
CA ASP OB 424 -98.22 -56.96 73.40
C ASP OB 424 -96.90 -56.48 73.99
N LEU OB 425 -96.74 -55.16 74.12
CA LEU OB 425 -95.61 -54.58 74.83
C LEU OB 425 -95.62 -54.97 76.31
N ALA OB 426 -96.82 -54.95 76.92
CA ALA OB 426 -96.97 -55.29 78.32
C ALA OB 426 -96.66 -56.78 78.55
N ALA OB 427 -96.97 -57.62 77.55
CA ALA OB 427 -96.61 -59.02 77.61
C ALA OB 427 -95.09 -59.18 77.52
N LEU OB 428 -94.44 -58.37 76.67
CA LEU OB 428 -92.99 -58.40 76.57
C LEU OB 428 -92.37 -57.89 77.87
N GLU OB 429 -93.01 -56.89 78.48
CA GLU OB 429 -92.57 -56.30 79.74
C GLU OB 429 -92.51 -57.37 80.83
N LYS OB 430 -93.58 -58.17 80.91
CA LYS OB 430 -93.69 -59.23 81.88
C LYS OB 430 -92.65 -60.30 81.61
N ASP OB 431 -92.32 -60.50 80.32
CA ASP OB 431 -91.47 -61.60 79.90
C ASP OB 431 -90.02 -61.39 80.35
N TYR OB 432 -89.55 -60.13 80.28
CA TYR OB 432 -88.24 -59.78 80.79
C TYR OB 432 -88.18 -59.90 82.31
N GLU OB 433 -89.30 -59.62 82.98
CA GLU OB 433 -89.35 -59.68 84.43
C GLU OB 433 -89.32 -61.12 84.91
N GLU OB 434 -90.01 -62.02 84.19
CA GLU OB 434 -90.11 -63.42 84.60
C GLU OB 434 -88.76 -64.12 84.40
N VAL OB 435 -88.05 -63.74 83.32
CA VAL OB 435 -86.83 -64.41 82.94
C VAL OB 435 -85.64 -63.93 83.81
N GLY OB 436 -85.78 -62.75 84.44
CA GLY OB 436 -84.70 -62.16 85.21
C GLY OB 436 -84.64 -62.65 86.65
N ILE OB 437 -85.39 -63.71 86.98
CA ILE OB 437 -85.45 -64.20 88.34
C ILE OB 437 -84.11 -64.85 88.76
N MET PB 1 -92.26 -34.74 40.67
CA MET PB 1 -92.00 -34.24 42.08
C MET PB 1 -92.99 -33.15 42.51
N ARG PB 2 -92.87 -32.73 43.77
CA ARG PB 2 -93.89 -32.00 44.51
C ARG PB 2 -93.93 -30.52 44.12
N GLU PB 3 -95.14 -29.94 44.15
CA GLU PB 3 -95.31 -28.50 43.89
C GLU PB 3 -96.27 -27.84 44.89
N ILE PB 4 -95.98 -26.59 45.27
CA ILE PB 4 -96.83 -25.77 46.10
C ILE PB 4 -97.52 -24.73 45.24
N VAL PB 5 -98.85 -24.82 45.15
CA VAL PB 5 -99.63 -23.79 44.47
C VAL PB 5 -99.84 -22.62 45.42
N HIS PB 6 -99.46 -21.43 44.98
CA HIS PB 6 -99.58 -20.23 45.79
C HIS PB 6 -100.81 -19.44 45.38
N VAL PB 7 -101.57 -18.98 46.40
CA VAL PB 7 -102.77 -18.18 46.17
C VAL PB 7 -102.70 -16.94 47.04
N GLN PB 8 -102.78 -15.77 46.38
CA GLN PB 8 -102.74 -14.50 47.09
C GLN PB 8 -104.07 -13.80 46.88
N GLY PB 9 -104.73 -13.45 47.99
CA GLY PB 9 -106.02 -12.80 47.95
C GLY PB 9 -106.02 -11.49 48.71
N GLY PB 10 -106.70 -10.49 48.14
CA GLY PB 10 -106.83 -9.19 48.77
C GLY PB 10 -105.69 -8.26 48.41
N GLN PB 11 -105.90 -6.97 48.72
CA GLN PB 11 -104.92 -5.90 48.63
C GLN PB 11 -103.70 -6.28 49.47
N CYS PB 12 -103.95 -6.74 50.69
CA CYS PB 12 -102.90 -7.03 51.64
C CYS PB 12 -102.11 -8.24 51.15
N GLY PB 13 -102.87 -9.27 50.74
CA GLY PB 13 -102.32 -10.56 50.32
C GLY PB 13 -101.47 -10.43 49.06
N ASN PB 14 -101.87 -9.53 48.15
CA ASN PB 14 -101.15 -9.41 46.88
C ASN PB 14 -99.81 -8.72 47.08
N GLN PB 15 -99.81 -7.62 47.84
CA GLN PB 15 -98.58 -6.87 47.99
C GLN PB 15 -97.62 -7.55 48.97
N ILE PB 16 -98.16 -8.42 49.84
CA ILE PB 16 -97.28 -9.21 50.70
C ILE PB 16 -96.79 -10.45 49.95
N GLY PB 17 -97.54 -10.90 48.93
CA GLY PB 17 -97.10 -12.01 48.12
C GLY PB 17 -96.13 -11.57 47.04
N ALA PB 18 -96.25 -10.30 46.61
CA ALA PB 18 -95.29 -9.76 45.65
C ALA PB 18 -93.90 -9.69 46.26
N LYS PB 19 -93.82 -9.23 47.51
CA LYS PB 19 -92.55 -9.13 48.19
C LYS PB 19 -92.08 -10.52 48.67
N PHE PB 20 -92.99 -11.47 48.70
CA PHE PB 20 -92.64 -12.84 49.00
C PHE PB 20 -91.92 -13.48 47.82
N TRP PB 21 -92.41 -13.28 46.60
CA TRP PB 21 -91.79 -13.89 45.44
C TRP PB 21 -90.44 -13.27 45.14
N GLU PB 22 -90.24 -12.08 45.66
CA GLU PB 22 -88.95 -11.43 45.51
C GLU PB 22 -87.89 -12.15 46.35
N VAL PB 23 -88.25 -12.61 47.53
CA VAL PB 23 -87.31 -13.29 48.39
C VAL PB 23 -87.03 -14.71 47.85
N ILE PB 24 -88.06 -15.40 47.35
CA ILE PB 24 -87.88 -16.71 46.73
C ILE PB 24 -87.05 -16.63 45.46
N SER PB 25 -87.30 -15.63 44.61
CA SER PB 25 -86.55 -15.45 43.37
C SER PB 25 -85.09 -15.12 43.68
N ASP PB 26 -84.86 -14.30 44.71
CA ASP PB 26 -83.50 -13.96 45.11
C ASP PB 26 -82.77 -15.20 45.61
N GLU PB 27 -83.48 -16.03 46.38
CA GLU PB 27 -82.88 -17.21 46.98
C GLU PB 27 -82.47 -18.22 45.90
N HIS PB 28 -83.30 -18.35 44.85
CA HIS PB 28 -82.99 -19.22 43.74
C HIS PB 28 -82.19 -18.50 42.65
N GLY PB 29 -81.93 -17.20 42.85
CA GLY PB 29 -81.09 -16.39 41.97
C GLY PB 29 -81.75 -16.13 40.62
N ILE PB 30 -82.98 -15.64 40.65
CA ILE PB 30 -83.72 -15.39 39.42
C ILE PB 30 -83.67 -13.89 39.11
N ASP PB 31 -83.14 -13.59 37.93
CA ASP PB 31 -83.16 -12.26 37.33
C ASP PB 31 -84.63 -11.90 37.13
N PRO PB 32 -85.05 -10.66 37.46
CA PRO PB 32 -86.42 -10.22 37.22
C PRO PB 32 -87.00 -10.42 35.82
N THR PB 33 -86.12 -10.60 34.82
CA THR PB 33 -86.54 -10.90 33.47
C THR PB 33 -86.79 -12.40 33.27
N GLY PB 34 -86.49 -13.21 34.29
CA GLY PB 34 -86.84 -14.63 34.33
C GLY PB 34 -85.62 -15.55 34.17
N THR PB 35 -84.48 -15.01 33.75
CA THR PB 35 -83.27 -15.83 33.57
C THR PB 35 -82.65 -16.17 34.92
N TYR PB 36 -81.74 -17.13 34.91
CA TYR PB 36 -80.98 -17.48 36.09
C TYR PB 36 -79.57 -16.87 36.09
N CYS PB 37 -79.16 -16.36 37.26
CA CYS PB 37 -77.79 -15.88 37.47
C CYS PB 37 -77.26 -16.46 38.76
N GLY PB 38 -75.95 -16.79 38.84
CA GLY PB 38 -75.35 -17.15 40.13
C GLY PB 38 -74.38 -18.33 40.16
N ASP PB 39 -74.51 -19.27 39.21
CA ASP PB 39 -73.56 -20.37 38.98
C ASP PB 39 -73.40 -21.30 40.18
N SER PB 40 -74.49 -21.99 40.55
CA SER PB 40 -74.48 -23.11 41.46
C SER PB 40 -75.72 -23.98 41.26
N ASP PB 41 -75.54 -25.28 41.07
CA ASP PB 41 -76.65 -26.17 40.72
C ASP PB 41 -77.57 -26.48 41.91
N LEU PB 42 -77.06 -26.18 43.11
CA LEU PB 42 -77.82 -26.34 44.35
C LEU PB 42 -78.94 -25.32 44.43
N GLN PB 43 -78.80 -24.20 43.72
CA GLN PB 43 -79.86 -23.20 43.64
C GLN PB 43 -81.06 -23.77 42.90
N LEU PB 44 -80.79 -24.49 41.80
CA LEU PB 44 -81.83 -24.79 40.81
C LEU PB 44 -82.34 -26.23 40.91
N GLU PB 45 -81.83 -26.98 41.90
CA GLU PB 45 -82.19 -28.37 42.11
C GLU PB 45 -83.72 -28.58 42.27
N ARG PB 46 -84.37 -27.81 43.15
CA ARG PB 46 -85.82 -27.92 43.30
C ARG PB 46 -86.43 -26.56 43.01
N ILE PB 47 -86.69 -26.35 41.73
CA ILE PB 47 -87.31 -25.11 41.29
C ILE PB 47 -88.77 -25.34 40.95
N ASN PB 48 -89.16 -26.61 40.74
CA ASN PB 48 -90.53 -26.91 40.36
C ASN PB 48 -91.48 -26.82 41.55
N VAL PB 49 -90.94 -26.61 42.76
CA VAL PB 49 -91.76 -26.47 43.95
C VAL PB 49 -92.44 -25.11 43.94
N PHE PB 50 -91.90 -24.15 43.18
CA PHE PB 50 -92.52 -22.82 43.08
C PHE PB 50 -92.60 -22.28 41.65
N TYR PB 51 -91.87 -22.86 40.70
CA TYR PB 51 -91.76 -22.30 39.36
C TYR PB 51 -92.10 -23.33 38.30
N ASN PB 52 -92.45 -22.86 37.09
CA ASN PB 52 -92.71 -23.67 35.92
C ASN PB 52 -91.77 -23.24 34.79
N GLU PB 53 -91.29 -24.22 34.01
CA GLU PB 53 -90.53 -23.89 32.81
C GLU PB 53 -91.47 -23.31 31.77
N ALA PB 54 -91.02 -22.28 31.03
CA ALA PB 54 -91.88 -21.59 30.08
C ALA PB 54 -91.31 -21.51 28.66
N THR PB 55 -90.79 -22.62 28.11
CA THR PB 55 -90.33 -22.81 26.72
C THR PB 55 -89.41 -21.72 26.15
N GLY PB 56 -88.94 -20.78 26.97
CA GLY PB 56 -88.09 -19.70 26.51
C GLY PB 56 -86.88 -19.60 27.42
N GLY PB 57 -86.77 -20.60 28.32
CA GLY PB 57 -85.74 -20.61 29.34
C GLY PB 57 -86.10 -19.75 30.56
N ARG PB 58 -87.31 -19.18 30.57
CA ARG PB 58 -87.74 -18.36 31.69
C ARG PB 58 -88.57 -19.20 32.66
N PHE PB 59 -88.56 -18.73 33.92
CA PHE PB 59 -89.29 -19.40 34.97
C PHE PB 59 -90.50 -18.58 35.41
N VAL PB 60 -91.65 -19.22 35.50
CA VAL PB 60 -92.88 -18.51 35.83
C VAL PB 60 -93.43 -19.08 37.13
N PRO PB 61 -93.82 -18.22 38.09
CA PRO PB 61 -94.35 -18.72 39.37
C PRO PB 61 -95.75 -19.33 39.20
N ARG PB 62 -96.02 -20.43 39.93
CA ARG PB 62 -97.36 -21.00 39.96
C ARG PB 62 -98.19 -20.32 41.05
N ALA PB 63 -98.38 -19.02 40.85
CA ALA PB 63 -99.09 -18.16 41.80
C ALA PB 63 -100.35 -17.62 41.15
N ILE PB 64 -101.42 -17.55 41.94
CA ILE PB 64 -102.69 -17.02 41.46
C ILE PB 64 -102.96 -15.72 42.19
N LEU PB 65 -102.92 -14.63 41.43
CA LEU PB 65 -103.18 -13.30 41.97
C LEU PB 65 -104.66 -13.02 41.86
N MET PB 66 -105.28 -12.71 43.01
CA MET PB 66 -106.72 -12.75 43.11
C MET PB 66 -107.19 -11.57 43.94
N ASP PB 67 -107.93 -10.69 43.27
CA ASP PB 67 -108.50 -9.56 43.97
C ASP PB 67 -109.75 -9.09 43.24
N LEU PB 68 -110.59 -8.37 43.98
CA LEU PB 68 -111.86 -7.89 43.47
C LEU PB 68 -111.78 -6.47 42.91
N GLU PB 69 -110.59 -5.86 42.84
CA GLU PB 69 -110.42 -4.54 42.23
C GLU PB 69 -109.06 -4.46 41.54
N PRO PB 70 -108.95 -3.84 40.35
CA PRO PB 70 -107.71 -3.95 39.56
C PRO PB 70 -106.54 -3.08 40.04
N GLY PB 71 -106.72 -2.29 41.09
CA GLY PB 71 -105.72 -1.31 41.51
C GLY PB 71 -104.43 -1.91 42.06
N THR PB 72 -104.56 -2.94 42.91
CA THR PB 72 -103.41 -3.49 43.61
C THR PB 72 -102.55 -4.36 42.68
N MET PB 73 -103.18 -4.89 41.63
CA MET PB 73 -102.42 -5.66 40.65
C MET PB 73 -101.63 -4.73 39.73
N ASP PB 74 -102.04 -3.47 39.59
CA ASP PB 74 -101.28 -2.50 38.81
C ASP PB 74 -99.96 -2.17 39.47
N SER PB 75 -99.94 -2.14 40.82
CA SER PB 75 -98.72 -1.87 41.56
C SER PB 75 -97.72 -2.99 41.34
N VAL PB 76 -98.24 -4.23 41.45
CA VAL PB 76 -97.40 -5.40 41.40
C VAL PB 76 -96.87 -5.60 39.99
N ARG PB 77 -97.73 -5.42 38.96
CA ARG PB 77 -97.41 -5.64 37.55
C ARG PB 77 -96.34 -4.66 37.09
N ALA PB 78 -96.46 -3.39 37.54
CA ALA PB 78 -95.59 -2.36 37.00
C ALA PB 78 -94.29 -2.28 37.80
N GLY PB 79 -94.25 -2.98 38.95
CA GLY PB 79 -93.08 -2.93 39.81
C GLY PB 79 -91.91 -3.78 39.30
N PRO PB 80 -90.74 -3.73 39.96
CA PRO PB 80 -89.67 -4.69 39.70
C PRO PB 80 -90.12 -6.07 40.19
N PHE PB 81 -89.64 -7.07 39.48
CA PHE PB 81 -90.11 -8.45 39.55
C PHE PB 81 -91.60 -8.51 39.27
N GLY PB 82 -92.09 -7.60 38.43
CA GLY PB 82 -93.49 -7.56 38.03
C GLY PB 82 -93.67 -8.27 36.72
N GLN PB 83 -92.55 -8.37 35.98
CA GLN PB 83 -92.40 -8.91 34.65
C GLN PB 83 -92.52 -10.45 34.75
N LEU PB 84 -92.34 -10.99 35.98
CA LEU PB 84 -92.22 -12.41 36.25
C LEU PB 84 -93.52 -13.20 36.10
N PHE PB 85 -94.63 -12.65 36.58
CA PHE PB 85 -95.88 -13.38 36.67
C PHE PB 85 -96.52 -13.56 35.30
N ARG PB 86 -97.13 -14.72 35.05
CA ARG PB 86 -97.91 -14.92 33.83
C ARG PB 86 -99.20 -14.10 33.92
N PRO PB 87 -99.53 -13.30 32.88
CA PRO PB 87 -100.70 -12.43 32.92
C PRO PB 87 -102.06 -13.14 32.98
N ASP PB 88 -102.09 -14.42 32.59
CA ASP PB 88 -103.33 -15.18 32.68
C ASP PB 88 -103.65 -15.54 34.13
N ASN PB 89 -102.64 -15.50 35.00
CA ASN PB 89 -102.84 -15.85 36.40
C ASN PB 89 -103.54 -14.77 37.20
N PHE PB 90 -103.56 -13.56 36.63
CA PHE PB 90 -104.34 -12.48 37.23
C PHE PB 90 -105.82 -12.79 37.06
N VAL PB 91 -106.61 -12.43 38.07
CA VAL PB 91 -108.05 -12.33 37.91
C VAL PB 91 -108.50 -10.96 38.43
N PHE PB 92 -109.39 -10.32 37.67
CA PHE PB 92 -109.89 -9.00 38.02
C PHE PB 92 -111.36 -9.09 38.45
N GLY PB 93 -111.65 -8.38 39.56
CA GLY PB 93 -112.97 -7.86 39.83
C GLY PB 93 -112.97 -6.38 39.47
N GLN PB 94 -114.14 -5.85 39.11
CA GLN PB 94 -114.27 -4.42 38.90
C GLN PB 94 -115.10 -3.73 39.99
N THR PB 95 -115.88 -4.50 40.76
CA THR PB 95 -116.74 -3.94 41.80
C THR PB 95 -115.97 -3.65 43.09
N GLY PB 96 -115.50 -4.70 43.76
CA GLY PB 96 -114.76 -4.58 45.02
C GLY PB 96 -115.65 -4.74 46.25
N ALA PB 97 -115.31 -5.69 47.13
CA ALA PB 97 -116.01 -5.87 48.40
C ALA PB 97 -115.43 -4.87 49.40
N GLY PB 98 -116.26 -3.88 49.74
CA GLY PB 98 -115.79 -2.77 50.57
C GLY PB 98 -115.74 -3.12 52.05
N ASN PB 99 -114.75 -3.93 52.44
CA ASN PB 99 -114.55 -4.44 53.79
C ASN PB 99 -115.83 -5.08 54.31
N ASN PB 100 -116.51 -5.83 53.43
CA ASN PB 100 -117.75 -6.49 53.77
C ASN PB 100 -117.56 -7.97 53.49
N TRP PB 101 -117.64 -8.77 54.56
CA TRP PB 101 -117.48 -10.20 54.44
C TRP PB 101 -118.61 -10.82 53.63
N ALA PB 102 -119.80 -10.22 53.71
CA ALA PB 102 -120.98 -10.81 53.11
C ALA PB 102 -120.86 -10.75 51.58
N LYS PB 103 -120.48 -9.59 51.04
CA LYS PB 103 -120.46 -9.45 49.59
C LYS PB 103 -119.15 -9.98 48.99
N GLY PB 104 -118.22 -10.43 49.86
CA GLY PB 104 -117.07 -11.17 49.39
C GLY PB 104 -117.38 -12.65 49.30
N HIS PB 105 -118.10 -13.13 50.31
CA HIS PB 105 -118.43 -14.53 50.41
C HIS PB 105 -119.78 -14.87 49.78
N TYR PB 106 -120.60 -13.89 49.41
CA TYR PB 106 -121.91 -14.32 48.91
C TYR PB 106 -122.35 -13.62 47.63
N THR PB 107 -122.08 -12.30 47.57
CA THR PB 107 -122.80 -11.49 46.61
C THR PB 107 -121.96 -11.21 45.37
N GLU PB 108 -120.74 -10.68 45.57
CA GLU PB 108 -119.88 -10.36 44.44
C GLU PB 108 -118.87 -11.47 44.16
N GLY PB 109 -118.35 -12.12 45.20
CA GLY PB 109 -117.27 -13.09 45.01
C GLY PB 109 -117.74 -14.43 44.47
N ALA PB 110 -119.07 -14.64 44.48
CA ALA PB 110 -119.68 -15.86 43.97
C ALA PB 110 -119.49 -15.92 42.45
N GLU PB 111 -119.66 -14.80 41.76
CA GLU PB 111 -119.54 -14.76 40.30
C GLU PB 111 -118.07 -14.77 39.86
N LEU PB 112 -117.13 -14.47 40.78
CA LEU PB 112 -115.73 -14.47 40.41
C LEU PB 112 -115.04 -15.79 40.71
N ILE PB 113 -115.64 -16.60 41.61
CA ILE PB 113 -114.96 -17.79 42.10
C ILE PB 113 -114.90 -18.87 41.03
N ASP PB 114 -115.81 -18.86 40.07
CA ASP PB 114 -115.72 -19.79 38.96
C ASP PB 114 -114.53 -19.46 38.05
N SER PB 115 -114.28 -18.16 37.85
CA SER PB 115 -113.22 -17.69 36.97
C SER PB 115 -111.85 -18.01 37.58
N VAL PB 116 -111.74 -17.90 38.91
CA VAL PB 116 -110.47 -18.16 39.55
C VAL PB 116 -110.24 -19.68 39.71
N LEU PB 117 -111.33 -20.44 39.81
CA LEU PB 117 -111.22 -21.88 40.07
C LEU PB 117 -110.73 -22.63 38.83
N ASP PB 118 -111.01 -22.08 37.63
CA ASP PB 118 -110.43 -22.62 36.41
C ASP PB 118 -108.91 -22.49 36.44
N VAL PB 119 -108.46 -21.34 36.95
CA VAL PB 119 -107.04 -21.05 37.00
C VAL PB 119 -106.37 -21.95 38.04
N VAL PB 120 -107.07 -22.22 39.14
CA VAL PB 120 -106.51 -23.04 40.21
C VAL PB 120 -106.30 -24.48 39.74
N ARG PB 121 -107.29 -25.01 39.02
CA ARG PB 121 -107.20 -26.37 38.51
C ARG PB 121 -106.08 -26.50 37.46
N LYS PB 122 -105.74 -25.35 36.86
CA LYS PB 122 -104.76 -25.31 35.78
C LYS PB 122 -103.37 -25.74 36.26
N GLU PB 123 -102.90 -25.15 37.36
CA GLU PB 123 -101.59 -25.55 37.88
C GLU PB 123 -101.70 -26.58 38.99
N ALA PB 124 -102.91 -27.10 39.25
CA ALA PB 124 -103.03 -28.23 40.15
C ALA PB 124 -102.82 -29.53 39.38
N GLU PB 125 -103.58 -29.70 38.29
CA GLU PB 125 -103.47 -30.89 37.46
C GLU PB 125 -102.26 -30.87 36.52
N GLY PB 126 -101.58 -29.71 36.47
CA GLY PB 126 -100.43 -29.43 35.62
C GLY PB 126 -99.23 -30.33 35.89
N CYS PB 127 -99.11 -30.81 37.15
CA CYS PB 127 -98.06 -31.74 37.48
C CYS PB 127 -98.66 -33.11 37.79
N ASP PB 128 -97.71 -34.03 37.97
CA ASP PB 128 -97.91 -35.44 38.23
C ASP PB 128 -98.71 -35.56 39.52
N CYS PB 129 -98.15 -35.13 40.68
CA CYS PB 129 -98.98 -34.93 41.87
C CYS PB 129 -98.49 -33.71 42.63
N LEU PB 130 -99.43 -32.92 43.17
CA LEU PB 130 -99.10 -31.70 43.86
C LEU PB 130 -99.04 -31.91 45.38
N GLN PB 131 -98.12 -31.18 46.01
CA GLN PB 131 -97.91 -31.32 47.43
C GLN PB 131 -99.04 -30.63 48.23
N GLY PB 132 -99.48 -29.44 47.81
CA GLY PB 132 -100.50 -28.72 48.55
C GLY PB 132 -100.61 -27.25 48.17
N PHE PB 133 -101.23 -26.44 49.04
CA PHE PB 133 -101.56 -25.06 48.72
C PHE PB 133 -101.02 -24.14 49.81
N GLN PB 134 -100.63 -22.93 49.41
CA GLN PB 134 -100.18 -21.91 50.35
C GLN PB 134 -100.93 -20.62 50.04
N ILE PB 135 -101.66 -20.13 51.04
CA ILE PB 135 -102.58 -19.02 50.86
C ILE PB 135 -102.23 -17.91 51.85
N THR PB 136 -102.10 -16.69 51.34
CA THR PB 136 -101.88 -15.53 52.19
C THR PB 136 -102.98 -14.50 51.94
N HIS PB 137 -103.63 -14.06 53.03
CA HIS PB 137 -104.74 -13.11 52.95
C HIS PB 137 -104.90 -12.40 54.30
N SER PB 138 -105.81 -11.42 54.31
CA SER PB 138 -106.07 -10.54 55.45
C SER PB 138 -107.49 -10.79 55.96
N LEU PB 139 -107.60 -10.96 57.28
CA LEU PB 139 -108.90 -11.18 57.87
C LEU PB 139 -109.67 -9.87 58.08
N GLY PB 140 -108.94 -8.74 58.03
CA GLY PB 140 -109.51 -7.41 58.27
C GLY PB 140 -110.46 -6.98 57.15
N GLY PB 141 -109.97 -7.15 55.91
CA GLY PB 141 -110.54 -6.70 54.66
C GLY PB 141 -111.74 -7.54 54.23
N GLY PB 142 -112.31 -7.19 53.08
CA GLY PB 142 -113.50 -7.88 52.60
C GLY PB 142 -113.11 -8.93 51.57
N THR PB 143 -112.30 -8.51 50.60
CA THR PB 143 -111.95 -9.36 49.49
C THR PB 143 -110.74 -10.25 49.80
N GLY PB 144 -110.17 -10.12 51.00
CA GLY PB 144 -109.21 -11.10 51.49
C GLY PB 144 -109.89 -12.13 52.40
N SER PB 145 -110.64 -11.62 53.38
CA SER PB 145 -111.32 -12.45 54.35
C SER PB 145 -112.50 -13.23 53.73
N GLY PB 146 -113.36 -12.51 53.01
CA GLY PB 146 -114.62 -13.09 52.55
C GLY PB 146 -114.41 -13.99 51.31
N MET PB 147 -113.99 -13.36 50.22
CA MET PB 147 -113.83 -14.04 48.94
C MET PB 147 -112.61 -14.95 48.97
N GLY PB 148 -111.62 -14.62 49.82
CA GLY PB 148 -110.45 -15.48 50.00
C GLY PB 148 -110.82 -16.82 50.61
N THR PB 149 -111.63 -16.77 51.67
CA THR PB 149 -111.95 -18.01 52.37
C THR PB 149 -113.04 -18.82 51.69
N LEU PB 150 -113.77 -18.21 50.75
CA LEU PB 150 -114.69 -18.95 49.91
C LEU PB 150 -113.89 -19.96 49.08
N LEU PB 151 -112.76 -19.49 48.55
CA LEU PB 151 -111.87 -20.36 47.77
C LEU PB 151 -111.25 -21.43 48.68
N ILE PB 152 -110.94 -21.05 49.92
CA ILE PB 152 -110.35 -21.97 50.86
C ILE PB 152 -111.32 -23.13 51.12
N SER PB 153 -112.61 -22.81 51.23
CA SER PB 153 -113.65 -23.84 51.28
C SER PB 153 -113.65 -24.65 49.97
N LYS PB 154 -113.76 -23.94 48.83
CA LYS PB 154 -114.04 -24.57 47.54
C LYS PB 154 -112.90 -25.50 47.07
N VAL PB 155 -111.65 -25.10 47.32
CA VAL PB 155 -110.54 -25.93 46.87
C VAL PB 155 -110.39 -27.16 47.78
N ARG PB 156 -111.03 -27.10 48.95
CA ARG PB 156 -110.82 -28.16 49.92
C ARG PB 156 -111.58 -29.43 49.53
N GLU PB 157 -112.81 -29.31 49.05
CA GLU PB 157 -113.54 -30.52 48.67
C GLU PB 157 -113.04 -31.10 47.34
N GLU PB 158 -112.37 -30.27 46.54
CA GLU PB 158 -111.92 -30.74 45.24
C GLU PB 158 -110.60 -31.47 45.35
N TYR PB 159 -109.77 -31.06 46.32
CA TYR PB 159 -108.56 -31.79 46.65
C TYR PB 159 -108.51 -31.93 48.15
N PRO PB 160 -109.10 -33.01 48.66
CA PRO PB 160 -109.31 -33.14 50.11
C PRO PB 160 -108.06 -33.53 50.89
N ASP PB 161 -107.26 -34.38 50.25
CA ASP PB 161 -106.10 -35.00 50.85
C ASP PB 161 -104.90 -34.06 50.87
N ARG PB 162 -104.89 -32.99 50.07
CA ARG PB 162 -103.73 -32.13 50.01
C ARG PB 162 -103.71 -31.16 51.18
N ILE PB 163 -102.51 -30.70 51.53
CA ILE PB 163 -102.30 -29.84 52.69
C ILE PB 163 -102.76 -28.42 52.34
N MET PB 164 -103.08 -27.65 53.39
CA MET PB 164 -103.76 -26.37 53.26
C MET PB 164 -103.17 -25.38 54.26
N GLU PB 165 -102.13 -24.66 53.81
CA GLU PB 165 -101.32 -23.82 54.69
C GLU PB 165 -101.71 -22.35 54.47
N THR PB 166 -101.99 -21.64 55.57
CA THR PB 166 -102.46 -20.26 55.49
C THR PB 166 -101.62 -19.31 56.33
N PHE PB 167 -101.37 -18.13 55.76
CA PHE PB 167 -100.78 -17.01 56.49
C PHE PB 167 -101.82 -15.90 56.58
N SER PB 168 -102.40 -15.75 57.77
CA SER PB 168 -103.43 -14.74 57.97
C SER PB 168 -102.90 -13.62 58.86
N VAL PB 169 -103.17 -12.37 58.46
CA VAL PB 169 -102.95 -11.25 59.35
C VAL PB 169 -104.27 -10.91 60.06
N PHE PB 170 -104.21 -10.90 61.40
CA PHE PB 170 -105.39 -10.76 62.26
C PHE PB 170 -105.68 -9.30 62.60
N PRO PB 171 -106.88 -8.95 63.11
CA PRO PB 171 -107.09 -7.64 63.71
C PRO PB 171 -106.14 -7.31 64.85
N SER PB 172 -105.88 -6.01 64.94
CA SER PB 172 -104.96 -5.41 65.90
C SER PB 172 -105.58 -5.37 67.30
N PRO PB 173 -104.78 -5.53 68.37
CA PRO PB 173 -105.26 -5.21 69.72
C PRO PB 173 -105.43 -3.70 69.99
N LYS PB 174 -104.40 -2.87 69.75
CA LYS PB 174 -104.44 -1.48 70.21
C LYS PB 174 -105.20 -0.55 69.24
N VAL PB 175 -104.63 -0.31 68.06
CA VAL PB 175 -105.17 0.65 67.11
C VAL PB 175 -105.85 -0.12 65.97
N SER PB 176 -107.17 0.05 65.88
CA SER PB 176 -108.01 -0.73 64.98
C SER PB 176 -108.54 0.13 63.85
N ASP PB 177 -108.03 -0.09 62.65
CA ASP PB 177 -108.63 0.45 61.44
C ASP PB 177 -109.80 -0.46 61.02
N THR PB 178 -110.32 -0.23 59.80
CA THR PB 178 -111.29 -1.07 59.09
C THR PB 178 -112.42 -1.47 60.02
N VAL PB 179 -113.22 -0.46 60.40
CA VAL PB 179 -114.15 -0.37 61.51
C VAL PB 179 -114.86 -1.71 61.78
N VAL PB 180 -115.22 -2.40 60.71
CA VAL PB 180 -115.85 -3.69 60.93
C VAL PB 180 -114.75 -4.76 60.94
N GLU PB 181 -113.93 -4.77 62.00
CA GLU PB 181 -112.92 -5.81 62.21
C GLU PB 181 -113.49 -7.06 62.87
N PRO PB 182 -114.16 -6.94 64.05
CA PRO PB 182 -114.60 -8.14 64.76
C PRO PB 182 -115.62 -8.95 63.96
N TYR PB 183 -116.41 -8.28 63.12
CA TYR PB 183 -117.34 -8.98 62.23
C TYR PB 183 -116.63 -9.84 61.19
N ASN PB 184 -115.65 -9.26 60.51
CA ASN PB 184 -114.90 -9.95 59.47
C ASN PB 184 -113.99 -11.02 60.07
N ALA PB 185 -113.47 -10.79 61.29
CA ALA PB 185 -112.60 -11.77 61.94
C ALA PB 185 -113.38 -13.01 62.36
N THR PB 186 -114.50 -12.80 63.09
CA THR PB 186 -115.25 -13.91 63.66
C THR PB 186 -115.89 -14.77 62.57
N LEU PB 187 -116.40 -14.09 61.53
CA LEU PB 187 -117.04 -14.81 60.43
C LEU PB 187 -116.01 -15.59 59.61
N SER PB 188 -114.76 -15.14 59.62
CA SER PB 188 -113.70 -15.83 58.90
C SER PB 188 -113.15 -17.02 59.70
N VAL PB 189 -112.97 -16.81 61.02
CA VAL PB 189 -112.33 -17.83 61.85
C VAL PB 189 -113.24 -19.07 61.96
N HIS PB 190 -114.54 -18.85 62.17
CA HIS PB 190 -115.47 -19.95 62.39
C HIS PB 190 -115.64 -20.83 61.15
N GLN PB 191 -115.25 -20.30 59.98
CA GLN PB 191 -115.33 -21.00 58.71
C GLN PB 191 -113.96 -21.54 58.28
N LEU PB 192 -112.90 -21.04 58.92
CA LEU PB 192 -111.52 -21.43 58.61
C LEU PB 192 -111.00 -22.53 59.54
N VAL PB 193 -111.67 -22.74 60.67
CA VAL PB 193 -111.23 -23.77 61.62
C VAL PB 193 -111.51 -25.16 61.06
N GLU PB 194 -112.56 -25.32 60.26
CA GLU PB 194 -112.86 -26.63 59.70
C GLU PB 194 -112.31 -26.81 58.29
N ASN PB 195 -111.57 -25.82 57.76
CA ASN PB 195 -111.14 -25.91 56.36
C ASN PB 195 -109.71 -25.45 56.12
N ALA PB 196 -108.86 -25.49 57.16
CA ALA PB 196 -107.46 -25.13 57.00
C ALA PB 196 -106.61 -26.14 57.78
N ASP PB 197 -105.57 -26.65 57.11
CA ASP PB 197 -104.72 -27.66 57.71
C ASP PB 197 -103.82 -27.05 58.78
N GLU PB 198 -103.25 -25.86 58.50
CA GLU PB 198 -102.44 -25.15 59.49
C GLU PB 198 -102.46 -23.65 59.22
N VAL PB 199 -102.61 -22.86 60.30
CA VAL PB 199 -102.79 -21.43 60.22
C VAL PB 199 -101.72 -20.76 61.08
N GLN PB 200 -101.08 -19.73 60.50
CA GLN PB 200 -99.91 -19.11 61.09
C GLN PB 200 -100.17 -17.62 61.23
N VAL PB 201 -100.54 -17.23 62.44
CA VAL PB 201 -101.16 -15.92 62.64
C VAL PB 201 -100.08 -14.86 62.80
N ILE PB 202 -100.37 -13.67 62.26
CA ILE PB 202 -99.49 -12.52 62.26
C ILE PB 202 -100.33 -11.29 62.63
N ASP PB 203 -99.75 -10.38 63.45
CA ASP PB 203 -100.39 -9.14 63.84
C ASP PB 203 -99.47 -7.97 63.53
N ASN PB 204 -100.06 -6.84 63.13
CA ASN PB 204 -99.30 -5.68 62.70
C ASN PB 204 -98.52 -5.04 63.85
N GLU PB 205 -99.15 -4.90 65.03
CA GLU PB 205 -98.47 -4.30 66.17
C GLU PB 205 -97.49 -5.28 66.79
N ALA PB 206 -97.60 -6.57 66.43
CA ALA PB 206 -96.52 -7.48 66.77
C ALA PB 206 -95.28 -7.14 65.95
N LEU PB 207 -95.49 -6.85 64.65
CA LEU PB 207 -94.40 -6.52 63.74
C LEU PB 207 -93.81 -5.15 64.07
N TYR PB 208 -94.69 -4.20 64.46
CA TYR PB 208 -94.27 -2.83 64.76
C TYR PB 208 -93.35 -2.82 65.97
N ASP PB 209 -93.66 -3.71 66.90
CA ASP PB 209 -92.83 -3.84 68.09
C ASP PB 209 -91.44 -4.37 67.73
N ILE PB 210 -91.39 -5.30 66.78
CA ILE PB 210 -90.12 -5.86 66.30
C ILE PB 210 -89.26 -4.77 65.65
N CYS PB 211 -89.90 -3.92 64.84
CA CYS PB 211 -89.18 -2.90 64.09
C CYS PB 211 -88.75 -1.75 65.00
N PHE PB 212 -89.44 -1.56 66.12
CA PHE PB 212 -89.11 -0.45 67.00
C PHE PB 212 -88.10 -0.83 68.05
N ARG PB 213 -88.28 -2.03 68.59
CA ARG PB 213 -87.46 -2.50 69.68
C ARG PB 213 -86.13 -3.11 69.23
N THR PB 214 -86.24 -4.03 68.28
CA THR PB 214 -85.10 -4.85 67.93
C THR PB 214 -84.36 -4.26 66.73
N LEU PB 215 -85.09 -4.07 65.64
CA LEU PB 215 -84.48 -3.73 64.36
C LEU PB 215 -83.95 -2.29 64.33
N LYS PB 216 -84.58 -1.43 65.15
CA LYS PB 216 -84.17 -0.04 65.32
C LYS PB 216 -84.35 0.73 64.01
N LEU PB 217 -85.38 0.38 63.23
CA LEU PB 217 -85.75 1.16 62.07
C LEU PB 217 -86.73 2.26 62.48
N THR PB 218 -86.44 3.49 62.07
CA THR PB 218 -87.12 4.65 62.66
C THR PB 218 -88.49 4.88 62.02
N THR PB 219 -88.59 4.62 60.71
CA THR PB 219 -89.82 4.84 59.96
C THR PB 219 -90.14 3.59 59.13
N PRO PB 220 -90.77 2.58 59.76
CA PRO PB 220 -90.99 1.32 59.08
C PRO PB 220 -92.22 1.39 58.19
N THR PB 221 -92.01 1.06 56.91
CA THR PB 221 -93.09 1.11 55.94
C THR PB 221 -93.61 -0.30 55.70
N TYR PB 222 -94.64 -0.47 54.85
CA TYR PB 222 -95.07 -1.80 54.46
C TYR PB 222 -94.02 -2.55 53.66
N GLY PB 223 -93.08 -1.91 52.98
CA GLY PB 223 -92.00 -2.67 52.37
C GLY PB 223 -91.10 -3.38 53.39
N ASP PB 224 -90.88 -2.68 54.51
CA ASP PB 224 -89.98 -3.20 55.54
C ASP PB 224 -90.66 -4.33 56.33
N LEU PB 225 -91.98 -4.18 56.59
CA LEU PB 225 -92.76 -5.17 57.34
C LEU PB 225 -92.81 -6.47 56.56
N ASN PB 226 -93.00 -6.35 55.24
CA ASN PB 226 -93.23 -7.50 54.41
C ASN PB 226 -91.96 -8.32 54.25
N HIS PB 227 -90.77 -7.70 54.43
CA HIS PB 227 -89.49 -8.41 54.36
C HIS PB 227 -89.45 -9.46 55.48
N LEU PB 228 -89.94 -9.04 56.65
CA LEU PB 228 -89.89 -9.90 57.81
C LEU PB 228 -90.84 -11.08 57.68
N VAL PB 229 -92.03 -10.83 57.12
CA VAL PB 229 -93.01 -11.89 56.93
C VAL PB 229 -92.53 -12.85 55.85
N SER PB 230 -91.87 -12.29 54.82
CA SER PB 230 -91.38 -13.08 53.71
C SER PB 230 -90.19 -13.94 54.14
N ALA PB 231 -89.42 -13.44 55.12
CA ALA PB 231 -88.31 -14.20 55.71
C ALA PB 231 -88.82 -15.43 56.45
N ALA PB 232 -89.99 -15.32 57.08
CA ALA PB 232 -90.52 -16.42 57.88
C ALA PB 232 -91.15 -17.47 56.96
N MET PB 233 -91.87 -16.99 55.95
CA MET PB 233 -92.66 -17.90 55.12
C MET PB 233 -91.79 -18.58 54.06
N SER PB 234 -90.52 -18.17 53.93
CA SER PB 234 -89.56 -18.88 53.11
C SER PB 234 -88.80 -19.93 53.92
N GLY PB 235 -88.61 -19.67 55.22
CA GLY PB 235 -87.89 -20.58 56.11
C GLY PB 235 -88.71 -21.83 56.46
N VAL PB 236 -90.03 -21.69 56.41
CA VAL PB 236 -90.93 -22.82 56.71
C VAL PB 236 -90.85 -23.86 55.60
N THR PB 237 -90.62 -23.40 54.38
CA THR PB 237 -90.62 -24.27 53.21
C THR PB 237 -89.23 -24.32 52.59
N CYS PB 238 -88.20 -23.91 53.34
CA CYS PB 238 -86.84 -23.96 52.84
C CYS PB 238 -86.38 -25.40 52.72
N CYS PB 239 -86.87 -26.24 53.63
CA CYS PB 239 -86.42 -27.62 53.77
C CYS PB 239 -86.96 -28.49 52.63
N LEU PB 240 -87.97 -28.00 51.90
CA LEU PB 240 -88.40 -28.66 50.67
C LEU PB 240 -87.41 -28.36 49.55
N ARG PB 241 -86.94 -27.12 49.48
CA ARG PB 241 -86.25 -26.62 48.30
C ARG PB 241 -84.76 -26.95 48.34
N PHE PB 242 -84.22 -27.21 49.53
CA PHE PB 242 -82.81 -27.49 49.68
C PHE PB 242 -82.65 -28.74 50.55
N PRO PB 243 -81.55 -29.52 50.38
CA PRO PB 243 -81.29 -30.67 51.24
C PRO PB 243 -80.91 -30.29 52.67
N GLY PB 244 -80.55 -31.30 53.46
CA GLY PB 244 -80.10 -31.06 54.83
C GLY PB 244 -79.76 -32.38 55.51
N GLN PB 245 -79.30 -32.27 56.76
CA GLN PB 245 -78.99 -33.47 57.53
C GLN PB 245 -80.28 -34.11 58.04
N LEU PB 246 -81.32 -33.29 58.24
CA LEU PB 246 -82.61 -33.77 58.75
C LEU PB 246 -83.71 -32.96 58.10
N ASN PB 247 -84.58 -33.67 57.36
CA ASN PB 247 -85.52 -33.06 56.42
C ASN PB 247 -86.92 -32.94 57.01
N SER PB 248 -87.62 -31.87 56.61
CA SER PB 248 -88.94 -31.58 57.15
C SER PB 248 -89.78 -30.78 56.16
N ASP PB 249 -90.84 -31.42 55.66
CA ASP PB 249 -91.77 -30.75 54.76
C ASP PB 249 -92.91 -30.13 55.58
N LEU PB 250 -93.96 -29.68 54.88
CA LEU PB 250 -95.09 -29.05 55.52
C LEU PB 250 -95.95 -30.07 56.28
N ARG PB 251 -96.19 -31.24 55.69
CA ARG PB 251 -96.96 -32.28 56.35
C ARG PB 251 -96.16 -32.89 57.50
N LYS PB 252 -94.83 -32.81 57.42
CA LYS PB 252 -93.92 -33.24 58.47
C LYS PB 252 -94.19 -32.42 59.72
N LEU PB 253 -94.47 -31.13 59.50
CA LEU PB 253 -94.61 -30.16 60.57
C LEU PB 253 -95.99 -30.26 61.22
N ALA PB 254 -97.04 -30.49 60.42
CA ALA PB 254 -98.41 -30.50 60.89
C ALA PB 254 -98.69 -31.71 61.78
N VAL PB 255 -98.10 -32.85 61.42
CA VAL PB 255 -98.31 -34.09 62.17
C VAL PB 255 -97.63 -33.99 63.53
N ASN PB 256 -96.66 -33.07 63.66
CA ASN PB 256 -95.93 -32.90 64.89
C ASN PB 256 -96.37 -31.67 65.67
N LEU PB 257 -97.53 -31.07 65.32
CA LEU PB 257 -98.02 -29.90 66.04
C LEU PB 257 -99.53 -29.94 66.32
N ILE PB 258 -100.24 -30.96 65.80
CA ILE PB 258 -101.69 -30.99 65.92
C ILE PB 258 -102.12 -32.20 66.74
N PRO PB 259 -102.31 -32.07 68.06
CA PRO PB 259 -102.86 -33.17 68.86
C PRO PB 259 -104.31 -33.49 68.50
N PHE PB 260 -105.15 -32.46 68.49
CA PHE PB 260 -106.55 -32.57 68.15
C PHE PB 260 -106.86 -31.64 67.00
N PRO PB 261 -107.73 -32.07 66.06
CA PRO PB 261 -107.87 -31.42 64.76
C PRO PB 261 -108.37 -29.97 64.80
N ARG PB 262 -109.01 -29.58 65.90
CA ARG PB 262 -109.64 -28.27 66.01
C ARG PB 262 -108.61 -27.16 66.25
N LEU PB 263 -107.42 -27.53 66.73
CA LEU PB 263 -106.44 -26.55 67.17
C LEU PB 263 -105.22 -26.52 66.24
N HIS PB 264 -105.26 -25.59 65.28
CA HIS PB 264 -104.18 -25.46 64.29
C HIS PB 264 -103.76 -24.00 64.09
N PHE PB 265 -103.44 -23.34 65.20
CA PHE PB 265 -103.04 -21.94 65.15
C PHE PB 265 -101.68 -21.81 65.79
N PHE PB 266 -100.82 -21.00 65.16
CA PHE PB 266 -99.45 -21.01 65.57
C PHE PB 266 -98.88 -19.61 65.63
N LEU PB 267 -97.89 -19.43 66.49
CA LEU PB 267 -97.13 -18.20 66.55
C LEU PB 267 -95.87 -18.38 65.72
N ILE PB 268 -95.49 -17.30 65.00
CA ILE PB 268 -94.36 -17.35 64.08
C ILE PB 268 -93.26 -16.42 64.58
N GLY PB 269 -92.01 -16.90 64.55
CA GLY PB 269 -90.84 -16.19 65.05
C GLY PB 269 -89.65 -16.40 64.11
N PHE PB 270 -88.67 -15.48 64.15
CA PHE PB 270 -87.54 -15.55 63.24
C PHE PB 270 -86.31 -14.95 63.91
N ALA PB 271 -85.22 -15.72 63.89
CA ALA PB 271 -83.96 -15.31 64.49
C ALA PB 271 -82.83 -15.67 63.54
N PRO PB 272 -81.73 -14.88 63.46
CA PRO PB 272 -81.48 -13.71 64.32
C PRO PB 272 -82.02 -12.40 63.74
N LEU PB 273 -82.13 -11.37 64.58
CA LEU PB 273 -82.57 -10.06 64.14
C LEU PB 273 -81.84 -8.98 64.93
N THR PB 274 -80.98 -8.23 64.24
CA THR PB 274 -80.27 -7.11 64.85
C THR PB 274 -80.28 -5.92 63.91
N SER PB 275 -80.10 -4.73 64.50
CA SER PB 275 -79.92 -3.50 63.77
C SER PB 275 -78.62 -3.54 62.95
N ARG PB 276 -78.55 -2.58 62.03
CA ARG PB 276 -77.45 -2.39 61.10
C ARG PB 276 -76.15 -2.10 61.85
N GLY PB 277 -76.27 -1.34 62.94
CA GLY PB 277 -75.08 -0.93 63.67
C GLY PB 277 -74.51 -2.10 64.47
N SER PB 278 -75.42 -2.88 65.08
CA SER PB 278 -75.02 -3.89 66.05
C SER PB 278 -74.87 -5.27 65.41
N GLN PB 279 -74.70 -5.32 64.08
CA GLN PB 279 -74.53 -6.60 63.42
C GLN PB 279 -73.15 -7.22 63.72
N GLN PB 280 -72.11 -6.38 63.76
CA GLN PB 280 -70.73 -6.85 63.92
C GLN PB 280 -70.40 -7.17 65.38
N TYR PB 281 -71.25 -6.72 66.32
CA TYR PB 281 -71.02 -6.87 67.75
C TYR PB 281 -71.48 -8.22 68.32
N ARG PB 282 -72.32 -8.96 67.59
CA ARG PB 282 -73.07 -10.07 68.18
C ARG PB 282 -72.61 -11.43 67.63
N ALA PB 283 -72.23 -12.33 68.55
CA ALA PB 283 -71.96 -13.72 68.21
C ALA PB 283 -73.23 -14.42 67.71
N LEU PB 284 -73.08 -15.26 66.68
CA LEU PB 284 -74.21 -15.90 66.02
C LEU PB 284 -73.97 -17.40 66.08
N SER PB 285 -74.36 -18.01 67.21
CA SER PB 285 -74.20 -19.44 67.44
C SER PB 285 -75.57 -20.05 67.68
N VAL PB 286 -75.62 -21.36 67.91
CA VAL PB 286 -76.89 -22.04 68.15
C VAL PB 286 -77.52 -21.60 69.47
N PRO PB 287 -76.80 -21.47 70.63
CA PRO PB 287 -77.45 -20.98 71.85
C PRO PB 287 -78.00 -19.58 71.74
N GLU PB 288 -77.33 -18.72 70.96
CA GLU PB 288 -77.80 -17.37 70.79
C GLU PB 288 -79.06 -17.32 69.93
N LEU PB 289 -79.19 -18.27 68.99
CA LEU PB 289 -80.38 -18.35 68.15
C LEU PB 289 -81.57 -18.75 69.01
N THR PB 290 -81.40 -19.81 69.82
CA THR PB 290 -82.52 -20.39 70.54
C THR PB 290 -82.90 -19.53 71.74
N GLN PB 291 -81.99 -18.65 72.19
CA GLN PB 291 -82.32 -17.72 73.24
C GLN PB 291 -83.27 -16.65 72.68
N GLN PB 292 -82.92 -16.11 71.51
CA GLN PB 292 -83.75 -15.08 70.88
C GLN PB 292 -85.06 -15.68 70.35
N MET PB 293 -85.06 -16.95 69.97
CA MET PB 293 -86.25 -17.56 69.38
C MET PB 293 -87.38 -17.67 70.40
N PHE PB 294 -87.04 -18.08 71.63
CA PHE PB 294 -88.01 -18.10 72.72
C PHE PB 294 -87.91 -16.78 73.49
N ASP PB 295 -88.48 -15.73 72.91
CA ASP PB 295 -88.60 -14.46 73.60
C ASP PB 295 -89.90 -13.81 73.15
N ALA PB 296 -90.50 -12.96 74.00
CA ALA PB 296 -91.86 -12.48 73.71
C ALA PB 296 -91.84 -11.50 72.53
N LYS PB 297 -90.77 -10.71 72.46
CA LYS PB 297 -90.73 -9.66 71.45
C LYS PB 297 -90.30 -10.21 70.09
N ASN PB 298 -89.92 -11.49 70.02
CA ASN PB 298 -89.54 -12.12 68.76
C ASN PB 298 -90.76 -12.63 67.99
N MET PB 299 -91.84 -12.93 68.71
CA MET PB 299 -93.02 -13.53 68.10
C MET PB 299 -93.72 -12.52 67.20
N MET PB 300 -94.16 -12.97 66.03
CA MET PB 300 -94.89 -12.11 65.09
C MET PB 300 -96.38 -12.11 65.39
N CYS PB 301 -96.77 -12.65 66.55
CA CYS PB 301 -98.14 -12.65 67.01
C CYS PB 301 -98.22 -11.86 68.31
N ALA PB 302 -99.21 -10.98 68.41
CA ALA PB 302 -99.26 -10.03 69.53
C ALA PB 302 -99.91 -10.68 70.76
N SER PB 303 -99.43 -11.87 71.12
CA SER PB 303 -99.91 -12.56 72.30
C SER PB 303 -98.70 -13.09 73.06
N ASP PB 304 -98.59 -12.66 74.31
CA ASP PB 304 -97.48 -13.05 75.15
C ASP PB 304 -97.58 -14.54 75.48
N PRO PB 305 -96.58 -15.37 75.12
CA PRO PB 305 -96.62 -16.79 75.47
C PRO PB 305 -96.36 -17.18 76.93
N ARG PB 306 -95.96 -16.22 77.75
CA ARG PB 306 -95.66 -16.53 79.15
C ARG PB 306 -96.93 -16.76 79.96
N HIS PB 307 -98.07 -16.20 79.54
CA HIS PB 307 -99.31 -16.47 80.22
C HIS PB 307 -99.69 -17.95 80.07
N GLY PB 308 -99.58 -18.44 78.84
CA GLY PB 308 -99.99 -19.80 78.52
C GLY PB 308 -98.83 -20.78 78.61
N ARG PB 309 -99.09 -21.98 78.07
CA ARG PB 309 -98.14 -23.07 78.00
C ARG PB 309 -98.02 -23.49 76.54
N TYR PB 310 -96.79 -23.71 76.08
CA TYR PB 310 -96.53 -24.20 74.73
C TYR PB 310 -96.98 -25.66 74.62
N LEU PB 311 -98.08 -25.88 73.87
CA LEU PB 311 -98.61 -27.22 73.71
C LEU PB 311 -97.63 -28.12 72.94
N THR PB 312 -97.20 -27.65 71.76
CA THR PB 312 -96.17 -28.32 70.98
C THR PB 312 -95.52 -27.26 70.08
N ALA PB 313 -94.20 -27.35 69.94
CA ALA PB 313 -93.46 -26.36 69.17
C ALA PB 313 -92.50 -27.05 68.22
N SER PB 314 -91.99 -26.26 67.26
CA SER PB 314 -91.02 -26.78 66.31
C SER PB 314 -90.07 -25.66 65.86
N ALA PB 315 -88.85 -26.05 65.48
CA ALA PB 315 -87.83 -25.13 65.00
C ALA PB 315 -87.23 -25.63 63.70
N MET PB 316 -87.35 -24.83 62.63
CA MET PB 316 -86.71 -25.13 61.36
C MET PB 316 -85.38 -24.38 61.26
N PHE PB 317 -84.28 -25.11 61.44
CA PHE PB 317 -82.98 -24.49 61.47
C PHE PB 317 -82.34 -24.54 60.09
N ARG PB 318 -81.77 -23.41 59.69
CA ARG PB 318 -81.10 -23.32 58.41
C ARG PB 318 -79.64 -22.92 58.64
N GLY PB 319 -78.75 -23.53 57.83
CA GLY PB 319 -77.32 -23.21 57.82
C GLY PB 319 -76.44 -24.41 58.19
N ARG PB 320 -75.12 -24.24 58.06
CA ARG PB 320 -74.18 -25.25 58.52
C ARG PB 320 -74.14 -25.26 60.06
N MET PB 321 -74.73 -26.31 60.63
CA MET PB 321 -74.93 -26.41 62.07
C MET PB 321 -74.45 -27.78 62.58
N SER PB 322 -74.51 -27.96 63.90
CA SER PB 322 -74.06 -29.19 64.53
C SER PB 322 -75.21 -29.78 65.33
N THR PB 323 -75.57 -31.01 65.01
CA THR PB 323 -76.85 -31.57 65.43
C THR PB 323 -76.88 -31.87 66.92
N LYS PB 324 -75.72 -32.01 67.55
CA LYS PB 324 -75.73 -32.21 68.99
C LYS PB 324 -76.02 -30.89 69.70
N GLU PB 325 -75.48 -29.81 69.13
CA GLU PB 325 -75.69 -28.48 69.69
C GLU PB 325 -77.15 -28.04 69.60
N VAL PB 326 -77.82 -28.42 68.51
CA VAL PB 326 -79.22 -28.08 68.32
C VAL PB 326 -80.10 -28.90 69.28
N ASP PB 327 -79.64 -30.10 69.63
CA ASP PB 327 -80.51 -30.99 70.39
C ASP PB 327 -80.35 -30.78 71.89
N GLU PB 328 -79.13 -30.45 72.33
CA GLU PB 328 -78.95 -30.21 73.75
C GLU PB 328 -79.56 -28.86 74.15
N GLN PB 329 -79.61 -27.91 73.20
CA GLN PB 329 -80.25 -26.63 73.45
C GLN PB 329 -81.77 -26.78 73.45
N MET PB 330 -82.27 -27.72 72.63
CA MET PB 330 -83.69 -28.00 72.55
C MET PB 330 -84.16 -28.68 73.84
N LEU PB 331 -83.28 -29.52 74.42
CA LEU PB 331 -83.56 -30.19 75.67
C LEU PB 331 -83.45 -29.21 76.84
N ASN PB 332 -82.49 -28.26 76.74
CA ASN PB 332 -82.18 -27.43 77.89
C ASN PB 332 -83.32 -26.44 78.19
N VAL PB 333 -83.91 -25.90 77.13
CA VAL PB 333 -85.00 -24.94 77.26
C VAL PB 333 -86.23 -25.62 77.85
N GLN PB 334 -86.40 -26.92 77.56
CA GLN PB 334 -87.51 -27.67 78.14
C GLN PB 334 -87.32 -27.89 79.63
N ASN PB 335 -86.07 -28.03 80.05
CA ASN PB 335 -85.75 -28.33 81.43
C ASN PB 335 -85.55 -27.09 82.30
N LYS PB 336 -85.38 -25.92 81.68
CA LYS PB 336 -85.31 -24.68 82.45
C LYS PB 336 -86.69 -24.05 82.60
N ASN PB 337 -87.40 -23.90 81.48
CA ASN PB 337 -88.72 -23.29 81.47
C ASN PB 337 -89.79 -24.37 81.53
N SER PB 338 -89.66 -25.29 82.50
CA SER PB 338 -90.49 -26.48 82.63
C SER PB 338 -91.95 -26.13 82.94
N SER PB 339 -92.17 -24.93 83.51
CA SER PB 339 -93.50 -24.48 83.89
C SER PB 339 -94.28 -23.88 82.72
N TYR PB 340 -93.62 -23.70 81.58
CA TYR PB 340 -94.24 -23.07 80.41
C TYR PB 340 -94.52 -24.12 79.35
N PHE PB 341 -94.43 -25.40 79.72
CA PHE PB 341 -94.68 -26.50 78.81
C PHE PB 341 -95.81 -27.36 79.36
N VAL PB 342 -96.43 -28.08 78.44
CA VAL PB 342 -97.55 -28.94 78.78
C VAL PB 342 -97.00 -30.32 79.11
N GLU PB 343 -97.48 -30.82 80.26
CA GLU PB 343 -96.92 -31.94 81.00
C GLU PB 343 -97.16 -33.26 80.27
N TRP PB 344 -98.32 -33.40 79.63
CA TRP PB 344 -98.82 -34.72 79.25
C TRP PB 344 -98.38 -35.12 77.84
N ILE PB 345 -97.63 -34.24 77.16
CA ILE PB 345 -96.78 -34.66 76.04
C ILE PB 345 -95.34 -34.54 76.51
N PRO PB 346 -94.55 -35.63 76.56
CA PRO PB 346 -93.12 -35.51 76.88
C PRO PB 346 -92.40 -34.93 75.66
N ASN PB 347 -91.22 -34.36 75.91
CA ASN PB 347 -90.23 -34.01 74.89
C ASN PB 347 -90.84 -33.34 73.66
N ASN PB 348 -91.46 -32.17 73.92
CA ASN PB 348 -92.42 -31.46 73.11
C ASN PB 348 -91.90 -30.80 71.83
N MET PB 349 -90.64 -30.96 71.40
CA MET PB 349 -90.23 -30.10 70.29
C MET PB 349 -89.66 -30.88 69.11
N LYS PB 350 -89.92 -30.38 67.91
CA LYS PB 350 -89.39 -30.96 66.69
C LYS PB 350 -88.26 -30.07 66.18
N SER PB 351 -87.12 -30.68 65.86
CA SER PB 351 -85.98 -29.97 65.29
C SER PB 351 -85.73 -30.43 63.85
N SER PB 352 -85.33 -29.50 62.96
CA SER PB 352 -85.02 -29.82 61.57
C SER PB 352 -83.87 -28.95 61.08
N VAL PB 353 -82.96 -29.53 60.29
CA VAL PB 353 -81.79 -28.79 59.84
C VAL PB 353 -81.72 -28.81 58.31
N CYS PB 354 -81.72 -27.61 57.73
CA CYS PB 354 -81.43 -27.43 56.32
C CYS PB 354 -80.07 -26.74 56.18
N ASP PB 355 -79.30 -27.15 55.17
CA ASP PB 355 -77.88 -26.82 55.13
C ASP PB 355 -77.56 -25.65 54.20
N ILE PB 356 -78.59 -24.91 53.77
CA ILE PB 356 -78.39 -23.75 52.90
C ILE PB 356 -78.89 -22.52 53.64
N PRO PB 357 -77.97 -21.64 54.10
CA PRO PB 357 -78.41 -20.49 54.85
C PRO PB 357 -79.08 -19.48 53.93
N PRO PB 358 -79.94 -18.57 54.45
CA PRO PB 358 -80.51 -17.55 53.58
C PRO PB 358 -79.45 -16.58 53.04
N LYS PB 359 -79.90 -15.76 52.09
CA LYS PB 359 -79.07 -14.82 51.36
C LYS PB 359 -78.54 -13.74 52.30
N GLY PB 360 -77.26 -13.84 52.62
CA GLY PB 360 -76.64 -12.81 53.43
C GLY PB 360 -76.21 -13.27 54.81
N LEU PB 361 -76.91 -14.28 55.38
CA LEU PB 361 -76.58 -14.74 56.72
C LEU PB 361 -75.97 -16.15 56.68
N LYS PB 362 -75.39 -16.57 57.79
CA LYS PB 362 -74.71 -17.84 57.86
C LYS PB 362 -75.61 -18.88 58.54
N MET PB 363 -76.50 -18.45 59.44
CA MET PB 363 -77.46 -19.35 60.08
C MET PB 363 -78.74 -18.58 60.39
N SER PB 364 -79.84 -19.33 60.52
CA SER PB 364 -81.15 -18.76 60.82
C SER PB 364 -82.09 -19.85 61.33
N VAL PB 365 -83.20 -19.44 61.93
CA VAL PB 365 -84.15 -20.37 62.52
C VAL PB 365 -85.54 -19.75 62.51
N THR PB 366 -86.54 -20.58 62.17
CA THR PB 366 -87.93 -20.15 62.13
C THR PB 366 -88.74 -21.00 63.11
N PHE PB 367 -89.58 -20.34 63.90
CA PHE PB 367 -90.29 -20.96 65.00
C PHE PB 367 -91.78 -21.02 64.68
N VAL PB 368 -92.35 -22.21 64.84
CA VAL PB 368 -93.79 -22.39 64.83
C VAL PB 368 -94.22 -22.92 66.19
N GLY PB 369 -95.20 -22.24 66.80
CA GLY PB 369 -95.55 -22.57 68.17
C GLY PB 369 -97.05 -22.70 68.41
N ASN PB 370 -97.50 -23.93 68.71
CA ASN PB 370 -98.88 -24.16 69.05
C ASN PB 370 -99.06 -23.85 70.53
N SER PB 371 -99.38 -22.59 70.83
CA SER PB 371 -99.48 -22.15 72.20
C SER PB 371 -100.94 -21.97 72.58
N THR PB 372 -101.24 -22.21 73.86
CA THR PB 372 -102.57 -21.96 74.38
C THR PB 372 -102.73 -20.50 74.83
N ALA PB 373 -101.71 -19.68 74.55
CA ALA PB 373 -101.78 -18.23 74.76
C ALA PB 373 -102.37 -17.50 73.55
N ILE PB 374 -102.82 -18.29 72.55
CA ILE PB 374 -103.62 -17.76 71.46
C ILE PB 374 -105.03 -17.46 71.95
N GLN PB 375 -105.38 -17.97 73.14
CA GLN PB 375 -106.60 -17.66 73.87
C GLN PB 375 -106.77 -16.14 74.06
N GLU PB 376 -105.65 -15.42 74.15
CA GLU PB 376 -105.67 -13.98 74.39
C GLU PB 376 -106.43 -13.21 73.31
N MET PB 377 -105.94 -13.23 72.07
CA MET PB 377 -106.59 -12.41 71.05
C MET PB 377 -107.88 -13.03 70.55
N PHE PB 378 -108.06 -14.34 70.74
CA PHE PB 378 -109.37 -14.93 70.46
C PHE PB 378 -110.43 -14.34 71.39
N LYS PB 379 -110.08 -14.16 72.66
CA LYS PB 379 -110.99 -13.50 73.58
C LYS PB 379 -111.11 -12.01 73.24
N ARG PB 380 -110.03 -11.39 72.77
CA ARG PB 380 -110.03 -9.97 72.42
C ARG PB 380 -110.91 -9.69 71.20
N VAL PB 381 -110.92 -10.63 70.25
CA VAL PB 381 -111.79 -10.49 69.10
C VAL PB 381 -113.22 -10.77 69.53
N SER PB 382 -113.41 -11.78 70.40
CA SER PB 382 -114.73 -12.27 70.75
C SER PB 382 -115.51 -11.30 71.63
N ASP PB 383 -114.85 -10.68 72.61
CA ASP PB 383 -115.54 -9.73 73.48
C ASP PB 383 -115.80 -8.42 72.75
N GLN PB 384 -114.92 -8.07 71.80
CA GLN PB 384 -115.19 -6.94 70.91
C GLN PB 384 -116.35 -7.26 69.99
N PHE PB 385 -116.44 -8.50 69.51
CA PHE PB 385 -117.53 -8.92 68.64
C PHE PB 385 -118.85 -8.97 69.42
N THR PB 386 -118.79 -9.39 70.69
CA THR PB 386 -119.96 -9.42 71.55
C THR PB 386 -120.49 -8.01 71.77
N ALA PB 387 -119.60 -7.05 72.00
CA ALA PB 387 -120.00 -5.68 72.32
C ALA PB 387 -120.70 -5.04 71.11
N MET PB 388 -120.21 -5.30 69.89
CA MET PB 388 -120.78 -4.67 68.71
C MET PB 388 -122.10 -5.34 68.32
N PHE PB 389 -122.27 -6.61 68.69
CA PHE PB 389 -123.40 -7.38 68.20
C PHE PB 389 -124.68 -7.09 68.97
N ARG PB 390 -124.57 -6.95 70.30
CA ARG PB 390 -125.72 -6.62 71.13
C ARG PB 390 -126.28 -5.25 70.81
N ARG PB 391 -125.39 -4.31 70.51
CA ARG PB 391 -125.73 -2.96 70.06
C ARG PB 391 -126.36 -3.03 68.67
N LYS PB 392 -126.15 -4.14 67.93
CA LYS PB 392 -126.68 -4.37 66.59
C LYS PB 392 -126.11 -3.38 65.59
N ALA PB 393 -124.85 -2.98 65.76
CA ALA PB 393 -124.26 -1.99 64.87
C ALA PB 393 -123.78 -2.67 63.59
N PHE PB 394 -124.08 -2.05 62.43
CA PHE PB 394 -123.61 -2.44 61.11
C PHE PB 394 -123.99 -3.88 60.79
N LEU PB 395 -125.19 -4.24 61.25
CA LEU PB 395 -125.68 -5.57 60.95
C LEU PB 395 -126.49 -5.58 59.64
N HIS PB 396 -127.19 -4.48 59.37
CA HIS PB 396 -128.03 -4.38 58.19
C HIS PB 396 -127.16 -4.29 56.93
N TRP PB 397 -125.92 -3.85 57.08
CA TRP PB 397 -124.97 -3.96 55.96
C TRP PB 397 -124.61 -5.42 55.60
N TYR PB 398 -124.79 -6.35 56.56
CA TYR PB 398 -124.52 -7.76 56.31
C TYR PB 398 -125.80 -8.53 56.04
N THR PB 399 -126.93 -8.10 56.61
CA THR PB 399 -128.20 -8.79 56.48
C THR PB 399 -128.75 -8.68 55.05
N GLY PB 400 -128.63 -7.47 54.46
CA GLY PB 400 -129.15 -7.21 53.14
C GLY PB 400 -128.39 -7.89 51.99
N GLU PB 401 -127.33 -8.64 52.31
CA GLU PB 401 -126.55 -9.35 51.29
C GLU PB 401 -126.85 -10.85 51.33
N GLY PB 402 -128.11 -11.18 51.64
CA GLY PB 402 -128.57 -12.57 51.70
C GLY PB 402 -127.91 -13.40 52.81
N MET PB 403 -127.56 -12.75 53.93
CA MET PB 403 -126.98 -13.46 55.08
C MET PB 403 -127.95 -13.42 56.26
N ASP PB 404 -128.19 -14.61 56.82
CA ASP PB 404 -129.02 -14.83 57.98
C ASP PB 404 -128.34 -14.21 59.20
N GLU PB 405 -129.11 -13.74 60.18
CA GLU PB 405 -128.58 -13.20 61.43
C GLU PB 405 -127.96 -14.33 62.25
N MET PB 406 -128.57 -15.51 62.19
CA MET PB 406 -128.19 -16.64 63.03
C MET PB 406 -126.82 -17.21 62.67
N GLU PB 407 -126.23 -16.80 61.56
CA GLU PB 407 -124.85 -17.15 61.26
C GLU PB 407 -123.90 -16.49 62.25
N PHE PB 408 -124.27 -15.28 62.72
CA PHE PB 408 -123.47 -14.55 63.70
C PHE PB 408 -123.45 -15.29 65.03
N THR PB 409 -124.62 -15.76 65.45
CA THR PB 409 -124.73 -16.51 66.70
C THR PB 409 -124.01 -17.85 66.58
N GLU PB 410 -124.04 -18.45 65.39
CA GLU PB 410 -123.32 -19.68 65.11
C GLU PB 410 -121.82 -19.42 65.11
N ALA PB 411 -121.40 -18.23 64.64
CA ALA PB 411 -119.99 -17.91 64.53
C ALA PB 411 -119.39 -17.67 65.94
N GLU PB 412 -120.11 -16.94 66.80
CA GLU PB 412 -119.61 -16.64 68.12
C GLU PB 412 -119.65 -17.88 69.02
N SER PB 413 -120.59 -18.80 68.76
CA SER PB 413 -120.65 -20.03 69.52
C SER PB 413 -119.54 -20.98 69.09
N ASN PB 414 -119.13 -20.89 67.81
CA ASN PB 414 -118.04 -21.71 67.30
C ASN PB 414 -116.71 -21.22 67.86
N MET PB 415 -116.52 -19.89 67.89
CA MET PB 415 -115.26 -19.29 68.32
C MET PB 415 -115.07 -19.45 69.83
N ASN PB 416 -116.15 -19.29 70.59
CA ASN PB 416 -116.07 -19.38 72.05
C ASN PB 416 -115.78 -20.81 72.49
N ASP PB 417 -116.17 -21.81 71.71
CA ASP PB 417 -115.81 -23.19 72.01
C ASP PB 417 -114.33 -23.42 71.78
N LEU PB 418 -113.74 -22.72 70.81
CA LEU PB 418 -112.31 -22.79 70.59
C LEU PB 418 -111.57 -22.14 71.75
N VAL PB 419 -112.14 -21.09 72.35
CA VAL PB 419 -111.60 -20.45 73.54
C VAL PB 419 -111.66 -21.43 74.71
N SER PB 420 -112.78 -22.16 74.83
CA SER PB 420 -112.98 -23.10 75.91
C SER PB 420 -112.08 -24.35 75.73
N GLU PB 421 -111.79 -24.72 74.48
CA GLU PB 421 -111.02 -25.93 74.21
C GLU PB 421 -109.54 -25.72 74.57
N TYR PB 422 -109.00 -24.53 74.28
CA TYR PB 422 -107.64 -24.20 74.71
C TYR PB 422 -107.50 -24.16 76.23
N GLN PB 423 -108.60 -23.88 76.95
CA GLN PB 423 -108.52 -23.57 78.39
C GLN PB 423 -108.22 -24.80 79.22
N GLN PB 424 -108.74 -25.95 78.79
CA GLN PB 424 -108.65 -27.17 79.57
C GLN PB 424 -107.25 -27.80 79.51
N TYR PB 425 -106.37 -27.31 78.64
CA TYR PB 425 -105.01 -27.81 78.60
C TYR PB 425 -104.01 -26.86 79.25
N GLN PB 426 -104.51 -25.80 79.89
CA GLN PB 426 -103.63 -24.85 80.57
C GLN PB 426 -103.36 -25.29 82.01
N MET QB 1 -2.52 -124.06 100.47
CA MET QB 1 -1.91 -124.54 101.75
C MET QB 1 -2.84 -124.15 102.90
N ARG QB 2 -2.28 -123.51 103.93
CA ARG QB 2 -3.05 -123.01 105.05
C ARG QB 2 -2.96 -121.49 105.02
N GLU QB 3 -4.12 -120.84 104.82
CA GLU QB 3 -4.22 -119.42 104.52
C GLU QB 3 -4.82 -118.63 105.67
N VAL QB 4 -4.81 -117.31 105.51
CA VAL QB 4 -5.34 -116.38 106.48
C VAL QB 4 -6.16 -115.33 105.73
N ILE QB 5 -7.30 -114.97 106.32
CA ILE QB 5 -8.21 -113.99 105.75
C ILE QB 5 -8.03 -112.68 106.52
N SER QB 6 -7.83 -111.58 105.79
CA SER QB 6 -7.68 -110.25 106.36
C SER QB 6 -8.95 -109.46 106.09
N ILE QB 7 -9.46 -108.79 107.14
CA ILE QB 7 -10.70 -108.04 107.04
C ILE QB 7 -10.41 -106.60 107.43
N HIS QB 8 -10.83 -105.67 106.57
CA HIS QB 8 -10.62 -104.25 106.82
C HIS QB 8 -11.97 -103.55 106.97
N VAL QB 9 -12.15 -102.92 108.13
CA VAL QB 9 -13.37 -102.19 108.43
C VAL QB 9 -12.98 -100.77 108.82
N GLY QB 10 -13.70 -99.79 108.28
CA GLY QB 10 -13.48 -98.40 108.61
C GLY QB 10 -12.35 -97.77 107.79
N GLN QB 11 -12.25 -96.44 107.90
CA GLN QB 11 -11.31 -95.70 107.06
C GLN QB 11 -9.86 -96.07 107.41
N ALA QB 12 -9.59 -96.15 108.71
CA ALA QB 12 -8.27 -96.55 109.20
C ALA QB 12 -7.95 -97.97 108.73
N GLY QB 13 -8.95 -98.86 108.80
CA GLY QB 13 -8.80 -100.24 108.37
C GLY QB 13 -8.47 -100.36 106.89
N ILE QB 14 -9.12 -99.52 106.07
CA ILE QB 14 -8.86 -99.51 104.63
C ILE QB 14 -7.44 -99.03 104.36
N GLN QB 15 -7.07 -97.91 104.98
CA GLN QB 15 -5.80 -97.27 104.66
C GLN QB 15 -4.61 -98.06 105.19
N ILE QB 16 -4.73 -98.58 106.42
CA ILE QB 16 -3.67 -99.39 107.00
C ILE QB 16 -3.56 -100.70 106.21
N GLY QB 17 -4.71 -101.31 105.86
CA GLY QB 17 -4.70 -102.60 105.18
C GLY QB 17 -4.16 -102.51 103.75
N ASN QB 18 -4.28 -101.33 103.15
CA ASN QB 18 -3.80 -101.20 101.79
C ASN QB 18 -2.27 -101.12 101.76
N ALA QB 19 -1.66 -100.54 102.80
CA ALA QB 19 -0.21 -100.57 102.96
C ALA QB 19 0.28 -102.00 103.14
N CYS QB 20 -0.54 -102.79 103.83
CA CYS QB 20 -0.26 -104.20 104.03
C CYS QB 20 -0.28 -104.92 102.69
N TRP QB 21 -1.24 -104.60 101.82
CA TRP QB 21 -1.33 -105.26 100.52
C TRP QB 21 -0.36 -104.70 99.50
N GLU QB 22 0.20 -103.52 99.76
CA GLU QB 22 1.30 -103.04 98.93
C GLU QB 22 2.57 -103.82 99.25
N LEU QB 23 2.76 -104.14 100.53
CA LEU QB 23 3.98 -104.82 100.96
C LEU QB 23 3.93 -106.29 100.55
N PHE QB 24 2.77 -106.93 100.74
CA PHE QB 24 2.61 -108.35 100.44
C PHE QB 24 2.75 -108.61 98.96
N CYS QB 25 2.21 -107.72 98.12
CA CYS QB 25 2.31 -107.86 96.67
C CYS QB 25 3.77 -107.68 96.23
N LEU QB 26 4.51 -106.79 96.92
CA LEU QB 26 5.88 -106.48 96.57
C LEU QB 26 6.80 -107.65 96.89
N GLU QB 27 6.66 -108.24 98.07
CA GLU QB 27 7.63 -109.22 98.53
C GLU QB 27 7.44 -110.56 97.82
N HIS QB 28 6.22 -110.82 97.32
CA HIS QB 28 5.95 -112.06 96.60
C HIS QB 28 6.18 -111.89 95.10
N GLY QB 29 6.59 -110.69 94.68
CA GLY QB 29 6.97 -110.45 93.29
C GLY QB 29 5.79 -110.44 92.31
N ILE QB 30 4.60 -110.11 92.82
CA ILE QB 30 3.43 -109.98 91.95
C ILE QB 30 3.20 -108.51 91.64
N GLN QB 31 2.78 -108.24 90.40
CA GLN QB 31 2.62 -106.88 89.89
C GLN QB 31 1.35 -106.25 90.44
N PRO QB 32 1.15 -104.91 90.37
CA PRO QB 32 -0.18 -104.33 90.54
C PRO QB 32 -1.31 -104.88 89.69
N ASP QB 33 -0.97 -105.42 88.51
CA ASP QB 33 -1.96 -106.14 87.74
C ASP QB 33 -2.36 -107.44 88.45
N GLY QB 34 -1.38 -108.17 89.00
CA GLY QB 34 -1.72 -109.31 89.85
C GLY QB 34 -1.10 -110.63 89.38
N GLN QB 35 -0.24 -110.55 88.35
CA GLN QB 35 0.39 -111.72 87.76
C GLN QB 35 1.92 -111.61 87.85
N MET QB 36 2.56 -112.73 88.21
CA MET QB 36 3.99 -112.68 88.44
C MET QB 36 4.74 -112.84 87.12
N PRO QB 37 5.91 -112.19 86.94
CA PRO QB 37 6.79 -112.52 85.81
C PRO QB 37 7.82 -113.62 86.11
N ASP QB 47 4.96 -122.36 96.50
CA ASP QB 47 3.57 -122.19 97.00
C ASP QB 47 3.56 -121.27 98.22
N ALA QB 48 4.58 -120.41 98.34
CA ALA QB 48 4.80 -119.64 99.56
C ALA QB 48 3.82 -118.47 99.68
N PHE QB 49 3.27 -118.02 98.54
CA PHE QB 49 2.43 -116.84 98.54
C PHE QB 49 0.97 -117.16 98.83
N ASN QB 50 0.65 -118.45 98.98
CA ASN QB 50 -0.72 -118.93 99.09
C ASN QB 50 -1.40 -118.47 100.38
N THR QB 51 -0.61 -118.05 101.37
CA THR QB 51 -1.15 -117.57 102.64
C THR QB 51 -1.81 -116.21 102.50
N PHE QB 52 -1.58 -115.51 101.38
CA PHE QB 52 -2.19 -114.20 101.18
C PHE QB 52 -2.82 -114.01 99.80
N PHE QB 53 -2.52 -114.87 98.82
CA PHE QB 53 -3.07 -114.72 97.48
C PHE QB 53 -3.64 -116.03 96.98
N SER QB 54 -4.78 -115.95 96.29
CA SER QB 54 -5.37 -117.11 95.64
C SER QB 54 -4.80 -117.26 94.22
N GLU QB 55 -5.32 -118.26 93.50
CA GLU QB 55 -5.05 -118.42 92.07
C GLU QB 55 -6.28 -117.94 91.30
N THR QB 56 -6.11 -117.51 90.04
CA THR QB 56 -7.25 -117.11 89.23
C THR QB 56 -6.93 -117.19 87.74
N GLY QB 57 -7.26 -118.32 87.09
CA GLY QB 57 -7.31 -118.36 85.63
C GLY QB 57 -5.95 -118.19 84.96
N ALA QB 58 -5.74 -117.02 84.31
CA ALA QB 58 -4.56 -116.75 83.50
C ALA QB 58 -3.37 -116.30 84.35
N GLY QB 59 -2.99 -117.14 85.33
CA GLY QB 59 -1.79 -116.97 86.14
C GLY QB 59 -1.79 -115.72 87.03
N LYS QB 60 -2.99 -115.29 87.44
CA LYS QB 60 -3.14 -114.05 88.19
C LYS QB 60 -3.59 -114.38 89.62
N HIS QB 61 -3.08 -113.59 90.57
CA HIS QB 61 -3.30 -113.83 91.99
C HIS QB 61 -4.15 -112.71 92.58
N VAL QB 62 -5.13 -113.12 93.40
CA VAL QB 62 -6.10 -112.23 93.98
C VAL QB 62 -6.01 -112.37 95.50
N PRO QB 63 -5.99 -111.26 96.27
CA PRO QB 63 -5.84 -111.36 97.72
C PRO QB 63 -7.05 -111.90 98.44
N ARG QB 64 -6.83 -112.38 99.67
CA ARG QB 64 -7.88 -112.91 100.53
C ARG QB 64 -8.30 -111.81 101.51
N CYS QB 65 -8.74 -110.67 100.95
CA CYS QB 65 -9.12 -109.55 101.77
C CYS QB 65 -10.49 -109.05 101.34
N VAL QB 66 -11.20 -108.46 102.30
CA VAL QB 66 -12.45 -107.78 102.04
C VAL QB 66 -12.32 -106.36 102.56
N PHE QB 67 -12.79 -105.41 101.74
CA PHE QB 67 -12.76 -104.00 102.09
C PHE QB 67 -14.17 -103.56 102.44
N LEU QB 68 -14.33 -103.04 103.65
CA LEU QB 68 -15.65 -102.63 104.14
C LEU QB 68 -15.57 -101.20 104.66
N ASP QB 69 -16.46 -100.37 104.15
CA ASP QB 69 -16.72 -99.07 104.71
C ASP QB 69 -18.13 -98.68 104.29
N LEU QB 70 -18.78 -97.86 105.13
CA LEU QB 70 -20.10 -97.36 104.80
C LEU QB 70 -20.02 -96.16 103.86
N GLU QB 71 -19.19 -95.15 104.16
CA GLU QB 71 -19.04 -94.10 103.17
C GLU QB 71 -18.16 -94.58 102.01
N PRO QB 72 -18.47 -94.22 100.76
CA PRO QB 72 -17.68 -94.70 99.62
C PRO QB 72 -16.35 -94.00 99.36
N THR QB 73 -16.09 -92.87 100.06
CA THR QB 73 -15.05 -91.90 99.73
C THR QB 73 -13.63 -92.47 99.78
N VAL QB 74 -13.45 -93.64 100.43
CA VAL QB 74 -12.13 -94.24 100.55
C VAL QB 74 -12.03 -95.56 99.76
N VAL QB 75 -13.13 -96.30 99.69
CA VAL QB 75 -13.10 -97.60 99.02
C VAL QB 75 -13.32 -97.43 97.52
N ASP QB 76 -14.06 -96.37 97.12
CA ASP QB 76 -14.18 -96.04 95.71
C ASP QB 76 -12.85 -95.55 95.16
N GLU QB 77 -12.01 -94.95 96.01
CA GLU QB 77 -10.75 -94.37 95.58
C GLU QB 77 -9.73 -95.47 95.28
N VAL QB 78 -9.88 -96.62 95.97
CA VAL QB 78 -9.03 -97.77 95.72
C VAL QB 78 -9.38 -98.37 94.35
N ARG QB 79 -10.68 -98.39 94.02
CA ARG QB 79 -11.17 -98.92 92.76
C ARG QB 79 -10.64 -98.13 91.56
N THR QB 80 -10.38 -96.83 91.77
CA THR QB 80 -9.84 -96.00 90.71
C THR QB 80 -8.32 -95.83 90.86
N GLY QB 81 -7.73 -96.46 91.88
CA GLY QB 81 -6.28 -96.46 92.09
C GLY QB 81 -5.52 -97.32 91.07
N THR QB 82 -4.21 -97.54 91.27
CA THR QB 82 -3.49 -98.39 90.35
C THR QB 82 -3.83 -99.86 90.56
N TYR QB 83 -4.17 -100.28 91.79
CA TYR QB 83 -4.57 -101.65 92.04
C TYR QB 83 -6.05 -101.87 91.72
N ARG QB 84 -6.48 -101.52 90.51
CA ARG QB 84 -7.87 -101.68 90.13
C ARG QB 84 -8.18 -103.13 89.73
N HIS QB 85 -7.20 -103.80 89.12
CA HIS QB 85 -7.36 -105.17 88.69
C HIS QB 85 -6.83 -106.18 89.74
N LEU QB 86 -6.21 -105.70 90.81
CA LEU QB 86 -5.57 -106.60 91.75
C LEU QB 86 -6.62 -107.21 92.66
N PHE QB 87 -7.67 -106.47 92.99
CA PHE QB 87 -8.70 -106.97 93.87
C PHE QB 87 -9.93 -107.40 93.08
N HIS QB 88 -10.64 -108.37 93.64
CA HIS QB 88 -11.94 -108.79 93.15
C HIS QB 88 -12.92 -107.62 93.30
N PRO QB 89 -13.74 -107.34 92.27
CA PRO QB 89 -14.77 -106.29 92.35
C PRO QB 89 -15.74 -106.44 93.53
N GLU QB 90 -16.10 -107.68 93.87
CA GLU QB 90 -17.03 -107.95 94.95
C GLU QB 90 -16.36 -107.74 96.31
N GLN QB 91 -15.03 -107.91 96.37
CA GLN QB 91 -14.32 -107.87 97.63
C GLN QB 91 -14.25 -106.46 98.23
N LEU QB 92 -14.54 -105.43 97.44
CA LEU QB 92 -14.54 -104.06 97.96
C LEU QB 92 -15.99 -103.58 98.04
N ILE QB 93 -16.52 -103.61 99.27
CA ILE QB 93 -17.94 -103.35 99.49
C ILE QB 93 -18.11 -101.93 100.02
N SER QB 94 -19.06 -101.19 99.44
CA SER QB 94 -19.30 -99.79 99.78
C SER QB 94 -20.78 -99.57 100.08
N GLY QB 95 -21.09 -98.64 101.01
CA GLY QB 95 -22.46 -98.18 101.18
C GLY QB 95 -22.72 -96.86 100.47
N LYS QB 96 -23.63 -96.03 101.01
CA LYS QB 96 -23.91 -94.69 100.55
C LYS QB 96 -23.77 -93.66 101.68
N GLU QB 97 -24.10 -93.97 102.96
CA GLU QB 97 -23.99 -92.97 104.01
C GLU QB 97 -23.02 -93.37 105.12
N ASP QB 98 -22.27 -92.38 105.61
CA ASP QB 98 -21.22 -92.56 106.60
C ASP QB 98 -21.87 -92.87 107.95
N ALA QB 99 -21.16 -93.66 108.76
CA ALA QB 99 -21.60 -93.99 110.11
C ALA QB 99 -21.55 -92.79 111.06
N ALA QB 100 -20.56 -91.91 110.84
CA ALA QB 100 -20.38 -90.66 111.56
C ALA QB 100 -20.21 -90.85 113.06
N ASN QB 101 -19.10 -91.46 113.45
CA ASN QB 101 -18.60 -91.58 114.82
C ASN QB 101 -19.66 -92.08 115.82
N ASN QB 102 -20.64 -92.83 115.32
CA ASN QB 102 -21.74 -93.28 116.14
C ASN QB 102 -21.74 -94.80 116.14
N PHE QB 103 -21.22 -95.38 117.23
CA PHE QB 103 -21.24 -96.82 117.41
C PHE QB 103 -22.66 -97.38 117.36
N ALA QB 104 -23.61 -96.59 117.88
CA ALA QB 104 -25.01 -96.97 117.84
C ALA QB 104 -25.52 -97.05 116.40
N ARG QB 105 -25.07 -96.12 115.54
CA ARG QB 105 -25.56 -96.06 114.16
C ARG QB 105 -25.01 -97.22 113.34
N GLY QB 106 -23.71 -97.50 113.48
CA GLY QB 106 -23.07 -98.55 112.72
C GLY QB 106 -23.42 -99.96 113.19
N HIS QB 107 -24.07 -100.09 114.36
CA HIS QB 107 -24.36 -101.37 114.95
C HIS QB 107 -25.82 -101.76 114.78
N TYR QB 108 -26.71 -100.77 114.62
CA TYR QB 108 -28.13 -101.05 114.67
C TYR QB 108 -28.82 -100.68 113.37
N THR QB 109 -28.69 -99.42 112.93
CA THR QB 109 -29.46 -98.98 111.79
C THR QB 109 -28.84 -99.43 110.47
N ILE QB 110 -27.66 -98.88 110.15
CA ILE QB 110 -27.09 -99.01 108.81
C ILE QB 110 -26.14 -100.19 108.75
N GLY QB 111 -25.88 -100.81 109.90
CA GLY QB 111 -24.99 -101.95 109.97
C GLY QB 111 -25.56 -103.24 109.39
N LYS QB 112 -26.88 -103.44 109.50
CA LYS QB 112 -27.45 -104.74 109.17
C LYS QB 112 -27.58 -104.94 107.66
N GLU QB 113 -27.61 -103.86 106.88
CA GLU QB 113 -27.84 -104.02 105.44
C GLU QB 113 -26.56 -104.33 104.69
N ILE QB 114 -25.40 -104.14 105.34
CA ILE QB 114 -24.10 -104.32 104.70
C ILE QB 114 -23.37 -105.53 105.27
N VAL QB 115 -23.69 -105.93 106.51
CA VAL QB 115 -23.05 -107.05 107.19
C VAL QB 115 -23.35 -108.36 106.47
N ASP QB 116 -24.54 -108.47 105.87
CA ASP QB 116 -24.95 -109.68 105.20
C ASP QB 116 -24.21 -109.89 103.89
N LEU QB 117 -24.01 -108.79 103.15
CA LEU QB 117 -23.23 -108.80 101.92
C LEU QB 117 -21.76 -109.05 102.24
N SER QB 118 -21.30 -108.61 103.43
CA SER QB 118 -19.92 -108.78 103.86
C SER QB 118 -19.64 -110.25 104.14
N LEU QB 119 -20.55 -110.90 104.86
CA LEU QB 119 -20.29 -112.26 105.32
C LEU QB 119 -20.67 -113.29 104.26
N ASP QB 120 -21.28 -112.83 103.18
CA ASP QB 120 -21.47 -113.68 102.01
C ASP QB 120 -20.12 -113.97 101.34
N ARG QB 121 -19.36 -112.91 101.10
CA ARG QB 121 -18.06 -112.99 100.44
C ARG QB 121 -17.07 -113.73 101.34
N ILE QB 122 -17.14 -113.48 102.65
CA ILE QB 122 -16.31 -114.17 103.62
C ILE QB 122 -16.62 -115.67 103.62
N ARG QB 123 -17.89 -116.03 103.51
CA ARG QB 123 -18.30 -117.42 103.46
C ARG QB 123 -17.72 -118.11 102.23
N LYS QB 124 -17.78 -117.41 101.09
CA LYS QB 124 -17.28 -117.98 99.85
C LYS QB 124 -15.76 -118.10 99.87
N LEU QB 125 -15.07 -117.15 100.50
CA LEU QB 125 -13.61 -117.09 100.47
C LEU QB 125 -13.01 -118.07 101.48
N ALA QB 126 -13.78 -118.42 102.53
CA ALA QB 126 -13.33 -119.37 103.52
C ALA QB 126 -13.63 -120.82 103.10
N ASP QB 127 -14.61 -121.00 102.22
CA ASP QB 127 -15.03 -122.32 101.76
C ASP QB 127 -14.22 -122.80 100.54
N ASN QB 128 -13.23 -122.00 100.11
CA ASN QB 128 -12.39 -122.36 98.97
C ASN QB 128 -11.50 -123.54 99.35
N CYS QB 129 -10.79 -123.43 100.47
CA CYS QB 129 -9.99 -124.52 101.03
C CYS QB 129 -10.27 -124.63 102.52
N THR QB 130 -10.26 -125.86 103.05
CA THR QB 130 -10.32 -126.07 104.49
C THR QB 130 -8.94 -125.85 105.10
N GLY QB 131 -8.88 -125.93 106.43
CA GLY QB 131 -7.62 -125.88 107.18
C GLY QB 131 -6.90 -124.55 107.01
N LEU QB 132 -7.66 -123.46 107.14
CA LEU QB 132 -7.11 -122.11 107.12
C LEU QB 132 -6.89 -121.62 108.56
N GLN QB 133 -5.90 -120.74 108.74
CA GLN QB 133 -5.39 -120.37 110.06
C GLN QB 133 -6.42 -119.60 110.88
N GLY QB 134 -6.76 -118.41 110.40
CA GLY QB 134 -7.64 -117.54 111.15
C GLY QB 134 -7.87 -116.21 110.46
N PHE QB 135 -8.26 -115.22 111.27
CA PHE QB 135 -8.70 -113.93 110.77
C PHE QB 135 -7.83 -112.82 111.36
N LEU QB 136 -7.49 -111.85 110.50
CA LEU QB 136 -6.88 -110.59 110.91
C LEU QB 136 -7.87 -109.46 110.61
N MET QB 137 -8.11 -108.61 111.61
CA MET QB 137 -9.07 -107.52 111.44
C MET QB 137 -8.40 -106.21 111.79
N PHE QB 138 -8.52 -105.24 110.89
CA PHE QB 138 -7.96 -103.91 111.07
C PHE QB 138 -9.11 -102.92 111.15
N ASN QB 139 -9.17 -102.19 112.27
CA ASN QB 139 -10.27 -101.26 112.46
C ASN QB 139 -9.83 -100.09 113.33
N ALA QB 140 -10.58 -98.99 113.22
CA ALA QB 140 -10.42 -97.82 114.08
C ALA QB 140 -11.43 -97.92 115.22
N VAL QB 141 -10.93 -97.83 116.46
CA VAL QB 141 -11.80 -97.90 117.63
C VAL QB 141 -12.63 -96.62 117.73
N GLY QB 142 -11.97 -95.47 117.54
CA GLY QB 142 -12.55 -94.14 117.67
C GLY QB 142 -13.58 -93.81 116.59
N GLY QB 143 -13.46 -94.50 115.45
CA GLY QB 143 -14.27 -94.29 114.26
C GLY QB 143 -15.67 -94.87 114.43
N GLY QB 144 -16.55 -94.56 113.47
CA GLY QB 144 -17.93 -95.03 113.57
C GLY QB 144 -18.11 -96.46 113.10
N THR QB 145 -17.83 -96.65 111.81
CA THR QB 145 -17.98 -97.94 111.16
C THR QB 145 -16.90 -98.90 111.65
N GLY QB 146 -15.73 -98.36 112.03
CA GLY QB 146 -14.64 -99.16 112.57
C GLY QB 146 -15.03 -99.90 113.85
N SER QB 147 -15.77 -99.24 114.74
CA SER QB 147 -16.23 -99.82 115.99
C SER QB 147 -17.59 -100.50 115.82
N GLY QB 148 -18.45 -99.85 115.01
CA GLY QB 148 -19.80 -100.35 114.81
C GLY QB 148 -19.82 -101.66 114.02
N LEU QB 149 -19.39 -101.57 112.75
CA LEU QB 149 -19.43 -102.72 111.86
C LEU QB 149 -18.40 -103.77 112.28
N GLY QB 150 -17.32 -103.33 112.94
CA GLY QB 150 -16.31 -104.23 113.49
C GLY QB 150 -16.87 -105.20 114.52
N CYS QB 151 -17.76 -104.69 115.38
CA CYS QB 151 -18.43 -105.53 116.35
C CYS QB 151 -19.41 -106.49 115.67
N LEU QB 152 -20.12 -106.02 114.64
CA LEU QB 152 -21.12 -106.85 113.98
C LEU QB 152 -20.51 -108.07 113.29
N LEU QB 153 -19.36 -107.88 112.64
CA LEU QB 153 -18.66 -109.01 112.05
C LEU QB 153 -18.06 -109.89 113.14
N LEU QB 154 -17.51 -109.29 114.21
CA LEU QB 154 -16.92 -110.03 115.30
C LEU QB 154 -17.98 -110.86 116.03
N GLU QB 155 -19.22 -110.34 116.10
CA GLU QB 155 -20.31 -111.07 116.73
C GLU QB 155 -20.71 -112.25 115.84
N ARG QB 156 -20.90 -112.00 114.53
CA ARG QB 156 -21.56 -112.99 113.69
C ARG QB 156 -20.56 -114.04 113.20
N LEU QB 157 -19.29 -113.67 113.10
CA LEU QB 157 -18.28 -114.66 112.79
C LEU QB 157 -17.96 -115.53 113.99
N SER QB 158 -18.21 -115.00 115.20
CA SER QB 158 -17.94 -115.77 116.42
C SER QB 158 -18.92 -116.92 116.58
N VAL QB 159 -20.13 -116.76 116.03
CA VAL QB 159 -21.17 -117.76 116.21
C VAL QB 159 -21.10 -118.82 115.11
N ASP QB 160 -20.50 -118.48 113.97
CA ASP QB 160 -20.50 -119.38 112.83
C ASP QB 160 -19.17 -120.13 112.77
N TYR QB 161 -18.08 -119.36 112.71
CA TYR QB 161 -16.75 -119.92 112.75
C TYR QB 161 -16.22 -119.84 114.16
N GLY QB 162 -16.92 -120.53 115.08
CA GLY QB 162 -16.64 -120.44 116.50
C GLY QB 162 -15.32 -121.08 116.90
N LYS QB 163 -14.80 -121.96 116.04
CA LYS QB 163 -13.62 -122.77 116.26
C LYS QB 163 -12.35 -121.92 116.32
N LYS QB 164 -12.23 -120.92 115.43
CA LYS QB 164 -10.92 -120.55 114.94
C LYS QB 164 -10.36 -119.32 115.64
N SER QB 165 -9.12 -118.98 115.29
CA SER QB 165 -8.46 -117.82 115.86
C SER QB 165 -8.89 -116.53 115.16
N LYS QB 166 -9.09 -115.46 115.94
CA LYS QB 166 -9.45 -114.15 115.41
C LYS QB 166 -8.55 -113.09 116.04
N LEU QB 167 -7.60 -112.57 115.25
CA LEU QB 167 -6.67 -111.56 115.74
C LEU QB 167 -7.13 -110.17 115.31
N ASN QB 168 -7.00 -109.20 116.22
CA ASN QB 168 -7.45 -107.83 115.99
C ASN QB 168 -6.26 -106.87 116.14
N PHE QB 169 -6.13 -105.95 115.17
CA PHE QB 169 -5.13 -104.90 115.20
C PHE QB 169 -5.85 -103.55 115.19
N CYS QB 170 -6.20 -103.08 116.38
CA CYS QB 170 -7.05 -101.91 116.53
C CYS QB 170 -6.21 -100.65 116.72
N SER QB 171 -6.53 -99.60 115.96
CA SER QB 171 -5.94 -98.28 116.17
C SER QB 171 -6.60 -97.61 117.38
N TRP QB 172 -6.12 -97.97 118.57
CA TRP QB 172 -6.65 -97.46 119.84
C TRP QB 172 -6.40 -95.96 119.91
N PRO QB 173 -7.39 -95.16 120.38
CA PRO QB 173 -7.19 -93.72 120.51
C PRO QB 173 -6.09 -93.35 121.49
N SER QB 174 -5.41 -92.25 121.17
CA SER QB 174 -4.23 -91.81 121.89
C SER QB 174 -4.64 -91.01 123.13
N PRO QB 175 -3.73 -90.84 124.13
CA PRO QB 175 -4.02 -90.08 125.36
C PRO QB 175 -4.42 -88.61 125.16
N GLN QB 176 -3.54 -87.79 124.56
CA GLN QB 176 -3.85 -86.37 124.40
C GLN QB 176 -4.43 -86.10 123.02
N VAL QB 177 -3.74 -86.59 122.00
CA VAL QB 177 -4.19 -86.50 120.61
C VAL QB 177 -5.45 -87.35 120.46
N SER QB 178 -6.49 -86.84 119.79
CA SER QB 178 -7.70 -87.65 119.74
C SER QB 178 -8.17 -88.06 118.35
N THR QB 179 -8.26 -87.10 117.43
CA THR QB 179 -8.95 -87.29 116.15
C THR QB 179 -10.43 -87.58 116.37
N ALA QB 180 -11.02 -87.02 117.43
CA ALA QB 180 -12.46 -86.94 117.69
C ALA QB 180 -12.68 -86.29 119.06
N VAL QB 181 -13.92 -86.21 119.53
CA VAL QB 181 -14.17 -85.92 120.95
C VAL QB 181 -15.16 -86.90 121.56
N VAL QB 182 -16.04 -87.49 120.75
CA VAL QB 182 -16.97 -88.52 121.22
C VAL QB 182 -16.29 -89.89 121.34
N GLU QB 183 -14.99 -89.92 121.07
CA GLU QB 183 -14.18 -91.14 121.06
C GLU QB 183 -14.07 -91.85 122.41
N PRO QB 184 -14.17 -91.22 123.61
CA PRO QB 184 -14.31 -92.03 124.82
C PRO QB 184 -15.55 -92.93 124.86
N TYR QB 185 -16.64 -92.48 124.24
CA TYR QB 185 -17.85 -93.28 124.18
C TYR QB 185 -17.65 -94.52 123.32
N ASN QB 186 -17.07 -94.33 122.13
CA ASN QB 186 -16.91 -95.42 121.17
C ASN QB 186 -15.88 -96.43 121.66
N SER QB 187 -14.93 -95.98 122.50
CA SER QB 187 -13.88 -96.85 122.99
C SER QB 187 -14.43 -97.86 124.00
N VAL QB 188 -15.20 -97.37 124.97
CA VAL QB 188 -15.69 -98.23 126.02
C VAL QB 188 -16.84 -99.09 125.48
N LEU QB 189 -17.52 -98.62 124.43
CA LEU QB 189 -18.61 -99.40 123.85
C LEU QB 189 -18.09 -100.57 123.04
N SER QB 190 -16.98 -100.38 122.33
CA SER QB 190 -16.38 -101.46 121.54
C SER QB 190 -15.70 -102.49 122.45
N THR QB 191 -15.17 -102.01 123.59
CA THR QB 191 -14.40 -102.84 124.51
C THR QB 191 -15.28 -103.94 125.10
N HIS QB 192 -16.55 -103.61 125.40
CA HIS QB 192 -17.51 -104.61 125.88
C HIS QB 192 -17.79 -105.66 124.80
N SER QB 193 -17.63 -105.26 123.53
CA SER QB 193 -18.02 -106.12 122.42
C SER QB 193 -16.85 -106.93 121.84
N LEU QB 194 -15.61 -106.58 122.23
CA LEU QB 194 -14.47 -107.37 121.81
C LEU QB 194 -13.76 -108.06 122.98
N LEU QB 195 -14.29 -107.98 124.19
CA LEU QB 195 -13.74 -108.76 125.29
C LEU QB 195 -14.04 -110.26 125.15
N GLU QB 196 -15.26 -110.60 124.72
CA GLU QB 196 -15.72 -111.99 124.79
C GLU QB 196 -15.99 -112.57 123.40
N HIS QB 197 -15.35 -112.02 122.38
CA HIS QB 197 -15.64 -112.42 121.01
C HIS QB 197 -14.38 -112.51 120.15
N THR QB 198 -13.26 -111.94 120.62
CA THR QB 198 -12.02 -112.01 119.84
C THR QB 198 -11.03 -112.79 120.69
N ASP QB 199 -9.92 -113.12 120.05
CA ASP QB 199 -8.95 -113.98 120.70
C ASP QB 199 -7.74 -113.18 121.19
N VAL QB 200 -7.09 -112.46 120.26
CA VAL QB 200 -5.93 -111.63 120.58
C VAL QB 200 -6.11 -110.25 119.97
N ALA QB 201 -5.96 -109.20 120.80
CA ALA QB 201 -6.06 -107.82 120.34
C ALA QB 201 -4.73 -107.12 120.55
N VAL QB 202 -4.21 -106.48 119.49
CA VAL QB 202 -2.98 -105.72 119.55
C VAL QB 202 -3.34 -104.24 119.46
N MET QB 203 -2.95 -103.49 120.47
CA MET QB 203 -3.34 -102.09 120.61
C MET QB 203 -2.31 -101.20 119.93
N LEU QB 204 -2.78 -100.33 119.03
CA LEU QB 204 -1.93 -99.39 118.31
C LEU QB 204 -2.29 -97.96 118.71
N ASP QB 205 -1.29 -97.07 118.69
CA ASP QB 205 -1.45 -95.67 119.01
C ASP QB 205 -0.95 -94.84 117.84
N ASN QB 206 -1.69 -93.77 117.51
CA ASN QB 206 -1.29 -92.93 116.39
C ASN QB 206 -0.09 -92.03 116.74
N GLU QB 207 -0.11 -91.42 117.94
CA GLU QB 207 0.90 -90.42 118.26
C GLU QB 207 2.16 -91.07 118.86
N ALA QB 208 2.06 -92.35 119.25
CA ALA QB 208 3.25 -93.09 119.62
C ALA QB 208 4.17 -93.33 118.41
N ILE QB 209 3.58 -93.64 117.25
CA ILE QB 209 4.35 -93.83 116.03
C ILE QB 209 4.83 -92.48 115.50
N TYR QB 210 4.14 -91.40 115.86
CA TYR QB 210 4.67 -90.07 115.58
C TYR QB 210 5.94 -89.80 116.37
N ASP QB 211 6.02 -90.35 117.59
CA ASP QB 211 7.22 -90.24 118.40
C ASP QB 211 8.35 -91.06 117.77
N ILE QB 212 7.98 -92.23 117.23
CA ILE QB 212 8.95 -93.13 116.63
C ILE QB 212 9.58 -92.50 115.39
N CYS QB 213 8.73 -91.91 114.53
CA CYS QB 213 9.16 -91.25 113.30
C CYS QB 213 10.00 -90.00 113.62
N ARG QB 214 9.89 -89.49 114.85
CA ARG QB 214 10.58 -88.25 115.18
C ARG QB 214 12.02 -88.49 115.65
N ARG QB 215 12.25 -89.48 116.52
CA ARG QB 215 13.54 -89.54 117.19
C ARG QB 215 14.44 -90.65 116.63
N ASN QB 216 13.82 -91.77 116.24
CA ASN QB 216 14.55 -92.91 115.71
C ASN QB 216 14.86 -92.70 114.22
N LEU QB 217 13.91 -92.08 113.51
CA LEU QB 217 13.90 -92.05 112.05
C LEU QB 217 14.09 -90.60 111.59
N ASP QB 218 13.88 -89.66 112.52
CA ASP QB 218 14.22 -88.25 112.37
C ASP QB 218 13.39 -87.60 111.27
N ILE QB 219 12.15 -88.09 111.09
CA ILE QB 219 11.20 -87.44 110.20
C ILE QB 219 10.47 -86.41 111.04
N GLU QB 220 10.88 -85.15 110.84
CA GLU QB 220 10.29 -84.03 111.55
C GLU QB 220 8.89 -83.73 110.99
N ARG QB 221 8.61 -84.21 109.77
CA ARG QB 221 7.42 -83.80 109.04
C ARG QB 221 6.72 -85.02 108.46
N PRO QB 222 6.01 -85.85 109.27
CA PRO QB 222 5.43 -87.08 108.73
C PRO QB 222 4.01 -86.94 108.20
N THR QB 223 3.46 -88.09 107.78
CA THR QB 223 2.12 -88.21 107.25
C THR QB 223 1.60 -89.64 107.40
N TYR QB 224 0.33 -89.87 107.07
CA TYR QB 224 -0.32 -91.17 107.22
C TYR QB 224 0.31 -92.28 106.39
N THR QB 225 0.94 -91.91 105.27
CA THR QB 225 1.67 -92.87 104.47
C THR QB 225 2.88 -93.40 105.24
N ASN QB 226 3.43 -92.60 106.15
CA ASN QB 226 4.53 -93.02 106.98
C ASN QB 226 4.03 -93.90 108.12
N LEU QB 227 2.77 -93.69 108.54
CA LEU QB 227 2.18 -94.50 109.60
C LEU QB 227 2.01 -95.93 109.10
N ASN QB 228 1.37 -96.06 107.92
CA ASN QB 228 0.88 -97.36 107.51
C ASN QB 228 1.99 -98.23 106.97
N ARG QB 229 3.12 -97.62 106.55
CA ARG QB 229 4.29 -98.40 106.15
C ARG QB 229 4.86 -99.16 107.35
N LEU QB 230 4.92 -98.49 108.50
CA LEU QB 230 5.46 -99.09 109.71
C LEU QB 230 4.55 -100.21 110.21
N ILE QB 231 3.23 -100.03 110.07
CA ILE QB 231 2.27 -101.05 110.47
C ILE QB 231 2.40 -102.27 109.55
N ALA QB 232 2.63 -102.02 108.26
CA ALA QB 232 2.73 -103.10 107.28
C ALA QB 232 3.95 -103.96 107.53
N GLN QB 233 5.04 -103.33 108.01
CA GLN QB 233 6.25 -104.07 108.36
C GLN QB 233 5.98 -104.96 109.57
N VAL QB 234 5.12 -104.50 110.49
CA VAL QB 234 4.80 -105.27 111.68
C VAL QB 234 3.98 -106.49 111.28
N ILE QB 235 2.93 -106.28 110.48
CA ILE QB 235 2.01 -107.35 110.11
C ILE QB 235 2.74 -108.42 109.30
N SER QB 236 3.67 -108.00 108.44
CA SER QB 236 4.47 -108.92 107.67
C SER QB 236 5.37 -109.76 108.59
N SER QB 237 5.83 -109.16 109.69
CA SER QB 237 6.71 -109.85 110.61
C SER QB 237 5.96 -110.89 111.44
N LEU QB 238 4.69 -110.59 111.77
CA LEU QB 238 3.84 -111.54 112.47
C LEU QB 238 3.59 -112.76 111.57
N THR QB 239 3.33 -112.53 110.27
CA THR QB 239 2.92 -113.60 109.37
C THR QB 239 4.08 -114.06 108.49
N ALA QB 240 5.31 -113.74 108.87
CA ALA QB 240 6.48 -114.15 108.11
C ALA QB 240 6.71 -115.65 108.19
N SER QB 241 6.39 -116.25 109.35
CA SER QB 241 6.63 -117.66 109.58
C SER QB 241 5.70 -118.53 108.75
N LEU QB 242 4.50 -118.00 108.42
CA LEU QB 242 3.52 -118.74 107.63
C LEU QB 242 4.03 -118.87 106.18
N ARG QB 243 4.68 -117.81 105.68
CA ARG QB 243 4.99 -117.71 104.26
C ARG QB 243 6.34 -118.37 103.95
N PHE QB 244 7.40 -117.88 104.60
CA PHE QB 244 8.76 -118.30 104.28
C PHE QB 244 9.26 -119.32 105.28
N ASP QB 245 10.20 -120.17 104.84
CA ASP QB 245 10.86 -121.14 105.70
C ASP QB 245 11.76 -120.41 106.70
N GLY QB 246 11.85 -120.96 107.91
CA GLY QB 246 12.63 -120.36 108.99
C GLY QB 246 13.26 -121.42 109.88
N ALA QB 247 14.19 -120.96 110.74
CA ALA QB 247 14.88 -121.82 111.69
C ALA QB 247 13.91 -122.37 112.74
N LEU QB 248 13.00 -121.52 113.23
CA LEU QB 248 12.10 -121.91 114.32
C LEU QB 248 10.83 -121.09 114.16
N ASN QB 249 9.80 -121.67 113.54
CA ASN QB 249 8.60 -120.93 113.17
C ASN QB 249 7.59 -120.89 114.31
N VAL QB 250 6.78 -119.82 114.31
CA VAL QB 250 5.63 -119.72 115.19
C VAL QB 250 4.46 -119.17 114.38
N ASP QB 251 3.31 -119.83 114.47
CA ASP QB 251 2.16 -119.50 113.63
C ASP QB 251 1.19 -118.63 114.43
N VAL QB 252 0.03 -118.33 113.83
CA VAL QB 252 -0.99 -117.53 114.50
C VAL QB 252 -1.83 -118.36 115.47
N THR QB 253 -1.75 -119.69 115.36
CA THR QB 253 -2.43 -120.55 116.32
C THR QB 253 -1.73 -120.53 117.69
N GLU QB 254 -0.40 -120.52 117.70
CA GLU QB 254 0.38 -120.55 118.93
C GLU QB 254 0.67 -119.15 119.50
N PHE QB 255 0.08 -118.08 118.91
CA PHE QB 255 0.19 -116.74 119.49
C PHE QB 255 -0.59 -116.65 120.80
N GLN QB 256 -1.84 -117.12 120.79
CA GLN QB 256 -2.68 -117.05 121.97
C GLN QB 256 -2.26 -118.05 123.05
N THR QB 257 -1.50 -119.07 122.66
CA THR QB 257 -1.05 -120.06 123.63
C THR QB 257 0.03 -119.47 124.54
N ASN QB 258 0.92 -118.66 123.94
CA ASN QB 258 2.09 -118.16 124.63
C ASN QB 258 1.88 -116.76 125.19
N LEU QB 259 0.73 -116.14 124.91
CA LEU QB 259 0.54 -114.74 125.30
C LEU QB 259 -0.75 -114.49 126.08
N VAL QB 260 -1.67 -115.46 126.12
CA VAL QB 260 -2.96 -115.23 126.75
C VAL QB 260 -3.12 -116.18 127.94
N PRO QB 261 -2.77 -115.73 129.16
CA PRO QB 261 -2.91 -116.60 130.34
C PRO QB 261 -4.35 -116.81 130.83
N TYR QB 262 -5.18 -115.78 130.69
CA TYR QB 262 -6.56 -115.82 131.11
C TYR QB 262 -7.45 -115.37 129.96
N PRO QB 263 -8.70 -115.89 129.84
CA PRO QB 263 -9.57 -115.56 128.71
C PRO QB 263 -9.90 -114.08 128.56
N ARG QB 264 -10.00 -113.34 129.67
CA ARG QB 264 -10.29 -111.90 129.61
C ARG QB 264 -9.05 -111.10 129.18
N ILE QB 265 -7.85 -111.56 129.54
CA ILE QB 265 -6.66 -110.73 129.47
C ILE QB 265 -5.92 -111.03 128.17
N HIS QB 266 -6.24 -110.29 127.12
CA HIS QB 266 -5.58 -110.47 125.84
C HIS QB 266 -5.33 -109.12 125.15
N PHE QB 267 -5.00 -108.11 125.95
CA PHE QB 267 -4.70 -106.79 125.41
C PHE QB 267 -3.20 -106.56 125.50
N MET QB 268 -2.54 -106.51 124.35
CA MET QB 268 -1.09 -106.61 124.33
C MET QB 268 -0.52 -105.62 123.32
N LEU QB 269 0.67 -105.08 123.66
CA LEU QB 269 1.28 -103.97 122.94
C LEU QB 269 2.09 -104.49 121.77
N SER QB 270 2.68 -103.57 121.00
CA SER QB 270 3.54 -103.92 119.88
C SER QB 270 4.82 -103.08 119.91
N SER QB 271 5.88 -103.61 119.28
CA SER QB 271 7.13 -102.88 119.10
C SER QB 271 7.85 -103.43 117.88
N TYR QB 272 8.58 -102.56 117.20
CA TYR QB 272 9.43 -102.97 116.09
C TYR QB 272 10.81 -102.35 116.22
N ALA QB 273 11.81 -103.12 115.78
CA ALA QB 273 13.18 -102.65 115.77
C ALA QB 273 13.90 -103.37 114.63
N PRO QB 274 14.73 -102.67 113.84
CA PRO QB 274 14.98 -101.24 114.00
C PRO QB 274 14.05 -100.36 113.16
N ILE QB 275 13.76 -99.17 113.69
CA ILE QB 275 13.17 -98.14 112.87
C ILE QB 275 14.28 -97.13 112.58
N ILE QB 276 14.94 -97.34 111.44
CA ILE QB 276 16.13 -96.59 111.08
C ILE QB 276 15.98 -96.05 109.67
N SER QB 277 16.71 -94.96 109.37
CA SER QB 277 16.55 -94.18 108.14
C SER QB 277 17.27 -94.84 106.97
N ALA QB 278 17.24 -94.16 105.81
CA ALA QB 278 17.96 -94.59 104.62
C ALA QB 278 19.47 -94.46 104.79
N GLU QB 279 19.93 -93.25 105.18
CA GLU QB 279 21.36 -92.98 105.25
C GLU QB 279 21.92 -93.41 106.61
N LYS QB 280 21.04 -93.38 107.63
CA LYS QB 280 21.43 -93.58 109.02
C LYS QB 280 21.93 -95.01 109.22
N ALA QB 281 21.21 -95.96 108.59
CA ALA QB 281 21.31 -97.38 108.90
C ALA QB 281 22.63 -98.02 108.51
N TYR QB 282 23.16 -97.77 107.31
CA TYR QB 282 24.10 -98.77 106.79
C TYR QB 282 25.46 -98.65 107.46
N HIS QB 283 25.62 -97.57 108.22
CA HIS QB 283 26.89 -97.19 108.82
C HIS QB 283 27.00 -97.62 110.27
N GLU QB 284 26.00 -98.36 110.78
CA GLU QB 284 26.11 -98.94 112.10
C GLU QB 284 25.47 -100.33 112.09
N GLN QB 285 26.15 -101.32 112.69
CA GLN QB 285 25.56 -102.64 112.72
C GLN QB 285 24.36 -102.75 113.65
N LEU QB 286 23.30 -103.23 113.02
CA LEU QB 286 22.15 -103.78 113.70
C LEU QB 286 22.55 -105.15 114.26
N SER QB 287 23.39 -105.11 115.32
CA SER QB 287 23.78 -106.31 116.05
C SER QB 287 22.57 -106.91 116.74
N VAL QB 288 22.56 -108.25 116.85
CA VAL QB 288 21.43 -108.98 117.40
C VAL QB 288 21.22 -108.60 118.88
N ALA QB 289 22.33 -108.34 119.58
CA ALA QB 289 22.28 -107.91 120.97
C ALA QB 289 21.58 -106.56 121.10
N GLU QB 290 21.96 -105.59 120.26
CA GLU QB 290 21.47 -104.23 120.42
C GLU QB 290 20.14 -104.02 119.70
N ILE QB 291 19.81 -104.90 118.75
CA ILE QB 291 18.51 -104.82 118.06
C ILE QB 291 17.37 -105.17 119.01
N THR QB 292 17.68 -105.88 120.09
CA THR QB 292 16.69 -106.17 121.13
C THR QB 292 16.75 -105.13 122.24
N ASN QB 293 17.95 -104.63 122.54
CA ASN QB 293 18.12 -103.50 123.45
C ASN QB 293 17.42 -102.25 122.91
N SER QB 294 17.28 -102.18 121.58
CA SER QB 294 16.50 -101.15 120.92
C SER QB 294 15.04 -101.56 120.75
N ALA QB 295 14.54 -102.46 121.61
CA ALA QB 295 13.14 -102.89 121.56
C ALA QB 295 12.45 -102.81 122.93
N PHE QB 296 13.22 -103.04 124.01
CA PHE QB 296 12.63 -103.11 125.34
C PHE QB 296 12.51 -101.75 126.02
N GLU QB 297 13.08 -100.69 125.45
CA GLU QB 297 12.91 -99.38 126.06
C GLU QB 297 11.48 -98.88 125.79
N PRO QB 298 10.86 -98.12 126.72
CA PRO QB 298 9.50 -97.61 126.52
C PRO QB 298 9.31 -96.70 125.30
N ALA QB 299 10.34 -95.92 124.94
CA ALA QB 299 10.23 -94.96 123.85
C ALA QB 299 10.11 -95.65 122.49
N SER QB 300 10.58 -96.90 122.38
CA SER QB 300 10.46 -97.66 121.14
C SER QB 300 9.11 -98.40 121.07
N MET QB 301 8.35 -98.37 122.15
CA MET QB 301 7.11 -99.13 122.21
C MET QB 301 6.01 -98.37 121.49
N MET QB 302 5.10 -99.11 120.85
CA MET QB 302 4.20 -98.53 119.87
C MET QB 302 2.79 -98.37 120.45
N ALA QB 303 2.66 -97.86 121.69
CA ALA QB 303 1.33 -97.67 122.26
C ALA QB 303 1.15 -96.38 123.07
N LYS QB 304 2.24 -95.68 123.39
CA LYS QB 304 2.28 -94.63 124.42
C LYS QB 304 1.62 -95.15 125.70
N CYS QB 305 2.30 -96.11 126.29
CA CYS QB 305 1.88 -96.79 127.48
C CYS QB 305 3.14 -97.30 128.15
N ASP QB 306 3.58 -96.57 129.17
CA ASP QB 306 4.88 -96.80 129.80
C ASP QB 306 4.82 -98.13 130.56
N PRO QB 307 5.62 -99.15 130.19
CA PRO QB 307 5.59 -100.42 130.91
C PRO QB 307 6.43 -100.46 132.19
N ARG QB 308 7.10 -99.34 132.49
CA ARG QB 308 7.96 -99.26 133.67
C ARG QB 308 7.13 -99.40 134.94
N HIS QB 309 5.92 -98.84 134.94
CA HIS QB 309 4.95 -99.07 136.00
C HIS QB 309 3.94 -100.14 135.59
N GLY QB 310 4.42 -101.11 134.81
CA GLY QB 310 3.69 -102.34 134.62
C GLY QB 310 4.59 -103.55 134.82
N LYS QB 311 4.01 -104.74 134.71
CA LYS QB 311 4.74 -105.99 134.81
C LYS QB 311 4.50 -106.79 133.53
N TYR QB 312 5.58 -107.25 132.89
CA TYR QB 312 5.46 -108.07 131.69
C TYR QB 312 4.99 -109.47 132.07
N MET QB 313 3.87 -109.88 131.46
CA MET QB 313 3.26 -111.18 131.71
C MET QB 313 3.75 -112.23 130.72
N ALA QB 314 3.91 -111.83 129.45
CA ALA QB 314 4.39 -112.71 128.41
C ALA QB 314 5.05 -111.86 127.32
N CYS QB 315 5.84 -112.50 126.47
CA CYS QB 315 6.58 -111.81 125.42
C CYS QB 315 6.84 -112.78 124.28
N CYS QB 316 6.66 -112.29 123.05
CA CYS QB 316 6.90 -113.07 121.85
C CYS QB 316 7.73 -112.23 120.88
N LEU QB 317 8.89 -112.76 120.50
CA LEU QB 317 9.80 -112.06 119.59
C LEU QB 317 9.87 -112.82 118.27
N MET QB 318 9.75 -112.06 117.17
CA MET QB 318 9.86 -112.62 115.83
C MET QB 318 11.03 -111.96 115.12
N TYR QB 319 12.14 -112.69 114.99
CA TYR QB 319 13.29 -112.21 114.25
C TYR QB 319 13.13 -112.54 112.77
N ARG QB 320 13.79 -111.76 111.92
CA ARG QB 320 13.68 -111.91 110.48
C ARG QB 320 15.04 -111.59 109.85
N GLY QB 321 15.62 -112.59 109.17
CA GLY QB 321 16.83 -112.38 108.37
C GLY QB 321 18.02 -113.16 108.92
N ASP QB 322 19.20 -112.53 108.87
CA ASP QB 322 20.47 -113.13 109.27
C ASP QB 322 20.50 -113.24 110.79
N VAL QB 323 19.71 -114.19 111.31
CA VAL QB 323 19.57 -114.38 112.74
C VAL QB 323 19.94 -115.84 113.03
N VAL QB 324 20.82 -116.03 114.01
CA VAL QB 324 21.28 -117.35 114.39
C VAL QB 324 20.76 -117.66 115.79
N PRO QB 325 20.40 -118.93 116.13
CA PRO QB 325 19.84 -119.26 117.43
C PRO QB 325 20.70 -118.96 118.66
N LYS QB 326 22.03 -118.90 118.47
CA LYS QB 326 22.96 -118.59 119.54
C LYS QB 326 22.77 -117.15 120.03
N ASP QB 327 22.60 -116.21 119.09
CA ASP QB 327 22.49 -114.79 119.45
C ASP QB 327 21.11 -114.47 120.03
N VAL QB 328 20.10 -115.26 119.67
CA VAL QB 328 18.77 -115.06 120.21
C VAL QB 328 18.75 -115.41 121.69
N ASN QB 329 19.37 -116.54 122.04
CA ASN QB 329 19.41 -116.98 123.42
C ASN QB 329 20.32 -116.08 124.25
N ALA QB 330 21.37 -115.53 123.61
CA ALA QB 330 22.26 -114.57 124.26
C ALA QB 330 21.52 -113.25 124.53
N ALA QB 331 20.69 -112.82 123.58
CA ALA QB 331 20.00 -111.53 123.70
C ALA QB 331 18.89 -111.60 124.74
N VAL QB 332 18.25 -112.76 124.88
CA VAL QB 332 17.18 -112.95 125.85
C VAL QB 332 17.79 -112.90 127.27
N ALA QB 333 18.95 -113.54 127.45
CA ALA QB 333 19.58 -113.69 128.76
C ALA QB 333 20.01 -112.35 129.34
N THR QB 334 20.56 -111.47 128.50
CA THR QB 334 21.03 -110.16 128.94
C THR QB 334 19.86 -109.25 129.30
N ILE QB 335 18.71 -109.43 128.61
CA ILE QB 335 17.51 -108.66 128.90
C ILE QB 335 16.92 -109.05 130.25
N LYS QB 336 16.82 -110.36 130.53
CA LYS QB 336 16.21 -110.85 131.75
C LYS QB 336 17.03 -110.44 132.97
N THR QB 337 18.36 -110.40 132.81
CA THR QB 337 19.25 -109.99 133.89
C THR QB 337 19.36 -108.47 134.00
N LYS QB 338 18.92 -107.73 132.97
CA LYS QB 338 18.88 -106.28 133.04
C LYS QB 338 17.66 -105.87 133.86
N ARG QB 339 17.86 -104.89 134.76
CA ARG QB 339 17.00 -104.73 135.93
C ARG QB 339 15.74 -103.89 135.65
N THR QB 340 15.86 -102.93 134.73
CA THR QB 340 14.88 -101.86 134.51
C THR QB 340 13.49 -102.39 134.11
N ILE QB 341 13.41 -103.61 133.57
CA ILE QB 341 12.12 -104.22 133.33
C ILE QB 341 11.84 -105.27 134.41
N GLN QB 342 10.56 -105.51 134.69
CA GLN QB 342 10.16 -106.45 135.73
C GLN QB 342 9.27 -107.51 135.11
N PHE QB 343 9.56 -108.78 135.40
CA PHE QB 343 8.68 -109.87 135.04
C PHE QB 343 7.78 -110.22 136.23
N VAL QB 344 6.58 -110.72 135.93
CA VAL QB 344 5.68 -111.23 136.95
C VAL QB 344 6.30 -112.49 137.53
N ASP QB 345 6.10 -112.70 138.84
CA ASP QB 345 6.67 -113.81 139.57
C ASP QB 345 6.19 -115.16 139.01
N TRP QB 346 4.91 -115.25 138.61
CA TRP QB 346 4.35 -116.57 138.33
C TRP QB 346 4.61 -117.07 136.90
N CYS QB 347 5.35 -116.29 136.10
CA CYS QB 347 5.61 -116.68 134.72
C CYS QB 347 7.11 -116.69 134.46
N PRO QB 348 7.82 -117.80 134.77
CA PRO QB 348 9.25 -117.88 134.52
C PRO QB 348 9.62 -117.97 133.03
N THR QB 349 8.86 -118.77 132.27
CA THR QB 349 9.10 -118.96 130.85
C THR QB 349 8.30 -117.93 130.06
N GLY QB 350 8.72 -116.68 130.18
CA GLY QB 350 7.99 -115.55 129.65
C GLY QB 350 8.42 -115.20 128.24
N PHE QB 351 9.33 -115.96 127.63
CA PHE QB 351 9.80 -115.66 126.29
C PHE QB 351 9.37 -116.75 125.32
N LYS QB 352 9.00 -116.32 124.11
CA LYS QB 352 8.81 -117.24 123.00
C LYS QB 352 9.46 -116.65 121.76
N CYS QB 353 10.50 -117.33 121.28
CA CYS QB 353 11.33 -116.87 120.19
C CYS QB 353 10.86 -117.51 118.88
N GLY QB 354 10.77 -116.68 117.84
CA GLY QB 354 10.50 -117.13 116.47
C GLY QB 354 11.54 -116.53 115.54
N ILE QB 355 12.16 -117.39 114.71
CA ILE QB 355 13.21 -116.98 113.81
C ILE QB 355 12.78 -117.32 112.39
N ASN QB 356 12.88 -116.33 111.50
CA ASN QB 356 12.58 -116.52 110.09
C ASN QB 356 13.79 -116.12 109.25
N TYR QB 357 14.05 -116.89 108.18
CA TYR QB 357 15.23 -116.70 107.36
C TYR QB 357 15.12 -115.49 106.42
N GLN QB 358 13.90 -115.20 105.93
CA GLN QB 358 13.73 -114.19 104.90
C GLN QB 358 14.00 -112.81 105.48
N PRO QB 359 14.86 -111.99 104.82
CA PRO QB 359 15.18 -110.66 105.33
C PRO QB 359 13.96 -109.75 105.21
N PRO QB 360 13.87 -108.63 105.98
CA PRO QB 360 12.79 -107.67 105.78
C PRO QB 360 12.88 -107.05 104.38
N THR QB 361 11.72 -106.99 103.73
CA THR QB 361 11.61 -106.36 102.43
C THR QB 361 11.41 -104.87 102.65
N VAL QB 362 11.77 -104.10 101.64
CA VAL QB 362 11.67 -102.66 101.77
C VAL QB 362 10.79 -102.16 100.64
N VAL QB 363 10.11 -101.06 100.94
CA VAL QB 363 9.40 -100.28 99.93
C VAL QB 363 10.38 -99.22 99.43
N PRO QB 364 10.89 -99.34 98.18
CA PRO QB 364 12.02 -98.51 97.74
C PRO QB 364 11.63 -97.05 97.57
N GLY QB 365 12.53 -96.17 98.03
CA GLY QB 365 12.27 -94.74 98.11
C GLY QB 365 11.14 -94.41 99.08
N GLY QB 366 10.80 -95.38 99.95
CA GLY QB 366 9.74 -95.18 100.91
C GLY QB 366 10.25 -94.45 102.14
N ASP QB 367 10.13 -95.10 103.31
CA ASP QB 367 10.56 -94.51 104.57
C ASP QB 367 11.80 -95.22 105.12
N LEU QB 368 11.73 -96.55 105.24
CA LEU QB 368 12.81 -97.31 105.88
C LEU QB 368 13.89 -97.67 104.87
N ALA QB 369 14.87 -98.49 105.30
CA ALA QB 369 15.94 -98.99 104.46
C ALA QB 369 16.02 -100.52 104.55
N LYS QB 370 17.04 -101.09 103.89
CA LYS QB 370 17.41 -102.47 104.10
C LYS QB 370 18.30 -102.58 105.32
N VAL QB 371 17.93 -103.51 106.20
CA VAL QB 371 18.76 -103.94 107.31
C VAL QB 371 18.77 -105.46 107.23
N MET QB 372 19.89 -106.06 107.63
CA MET QB 372 20.09 -107.49 107.42
C MET QB 372 19.22 -108.31 108.38
N ARG QB 373 18.79 -107.70 109.48
CA ARG QB 373 17.95 -108.39 110.45
C ARG QB 373 17.00 -107.39 111.11
N ALA QB 374 15.88 -107.91 111.63
CA ALA QB 374 14.93 -107.11 112.37
C ALA QB 374 14.18 -107.98 113.37
N VAL QB 375 13.56 -107.34 114.36
CA VAL QB 375 12.78 -108.00 115.38
C VAL QB 375 11.45 -107.26 115.54
N CYS QB 376 10.38 -108.03 115.73
CA CYS QB 376 9.06 -107.47 116.01
C CYS QB 376 8.55 -108.04 117.32
N MET QB 377 8.06 -107.15 118.18
CA MET QB 377 7.63 -107.50 119.52
C MET QB 377 6.10 -107.46 119.61
N ILE QB 378 5.53 -108.53 120.15
CA ILE QB 378 4.14 -108.58 120.59
C ILE QB 378 4.16 -109.06 122.03
N SER QB 379 3.99 -108.13 122.97
CA SER QB 379 4.19 -108.38 124.38
C SER QB 379 2.92 -108.08 125.16
N ASN QB 380 2.54 -109.01 126.06
CA ASN QB 380 1.40 -108.85 126.93
C ASN QB 380 1.91 -108.42 128.30
N SER QB 381 1.35 -107.32 128.82
CA SER QB 381 1.79 -106.78 130.10
C SER QB 381 0.60 -106.31 130.92
N THR QB 382 0.88 -105.83 132.14
CA THR QB 382 -0.12 -105.22 132.99
C THR QB 382 0.00 -103.69 132.93
N ALA QB 383 0.73 -103.18 131.95
CA ALA QB 383 0.77 -101.73 131.72
C ALA QB 383 -0.55 -101.23 131.14
N ILE QB 384 -1.37 -102.13 130.61
CA ILE QB 384 -2.64 -101.79 129.98
C ILE QB 384 -3.65 -101.26 131.00
N ALA QB 385 -3.35 -101.43 132.31
CA ALA QB 385 -4.25 -100.95 133.36
C ALA QB 385 -4.35 -99.43 133.36
N GLU QB 386 -3.32 -98.73 132.90
CA GLU QB 386 -3.39 -97.27 132.87
C GLU QB 386 -4.25 -96.79 131.71
N VAL QB 387 -4.23 -97.49 130.57
CA VAL QB 387 -4.88 -96.96 129.38
C VAL QB 387 -6.39 -97.19 129.48
N PHE QB 388 -6.82 -98.20 130.24
CA PHE QB 388 -8.23 -98.38 130.46
C PHE QB 388 -8.73 -97.52 131.61
N SER QB 389 -7.88 -97.25 132.61
CA SER QB 389 -8.25 -96.35 133.70
C SER QB 389 -8.33 -94.91 133.19
N ARG QB 390 -7.42 -94.53 132.27
CA ARG QB 390 -7.42 -93.21 131.63
C ARG QB 390 -8.69 -93.08 130.80
N MET QB 391 -9.09 -94.14 130.09
CA MET QB 391 -10.29 -94.15 129.27
C MET QB 391 -11.51 -94.08 130.17
N ASP QB 392 -11.44 -94.71 131.34
CA ASP QB 392 -12.54 -94.71 132.30
C ASP QB 392 -12.71 -93.32 132.89
N HIS QB 393 -11.61 -92.66 133.25
CA HIS QB 393 -11.67 -91.33 133.86
C HIS QB 393 -12.23 -90.30 132.87
N LYS QB 394 -11.95 -90.52 131.58
CA LYS QB 394 -12.52 -89.71 130.50
C LYS QB 394 -14.02 -89.94 130.42
N PHE QB 395 -14.44 -91.21 130.57
CA PHE QB 395 -15.80 -91.65 130.33
C PHE QB 395 -16.74 -91.19 131.44
N ASP QB 396 -16.27 -91.16 132.69
CA ASP QB 396 -17.13 -90.82 133.81
C ASP QB 396 -17.49 -89.33 133.81
N LEU QB 397 -16.60 -88.49 133.30
CA LEU QB 397 -16.91 -87.06 133.19
C LEU QB 397 -17.93 -86.80 132.09
N MET QB 398 -17.87 -87.56 130.98
CA MET QB 398 -18.90 -87.51 129.94
C MET QB 398 -20.23 -87.98 130.53
N TYR QB 399 -20.22 -89.11 131.23
CA TYR QB 399 -21.41 -89.81 131.70
C TYR QB 399 -21.94 -89.14 132.98
N ALA QB 400 -21.20 -88.18 133.55
CA ALA QB 400 -21.64 -87.49 134.75
C ALA QB 400 -22.95 -86.73 134.48
N LYS QB 401 -23.06 -86.13 133.29
CA LYS QB 401 -24.29 -85.45 132.89
C LYS QB 401 -24.70 -85.79 131.46
N ARG QB 402 -24.50 -87.05 131.02
CA ARG QB 402 -25.10 -87.60 129.81
C ARG QB 402 -24.77 -86.82 128.54
N ALA QB 403 -23.53 -86.34 128.43
CA ALA QB 403 -23.08 -85.66 127.22
C ALA QB 403 -23.01 -86.64 126.07
N PHE QB 404 -23.39 -86.16 124.88
CA PHE QB 404 -23.42 -86.89 123.63
C PHE QB 404 -24.12 -88.24 123.79
N VAL QB 405 -25.15 -88.31 124.63
CA VAL QB 405 -25.88 -89.55 124.79
C VAL QB 405 -27.09 -89.51 123.87
N HIS QB 406 -27.70 -88.34 123.72
CA HIS QB 406 -28.89 -88.17 122.89
C HIS QB 406 -28.63 -88.55 121.42
N TRP QB 407 -27.40 -88.37 120.94
CA TRP QB 407 -27.09 -88.86 119.59
C TRP QB 407 -27.13 -90.39 119.53
N TYR QB 408 -26.68 -91.05 120.61
CA TYR QB 408 -26.59 -92.51 120.64
C TYR QB 408 -27.96 -93.15 120.82
N VAL QB 409 -28.76 -92.60 121.75
CA VAL QB 409 -30.04 -93.18 122.13
C VAL QB 409 -31.09 -92.91 121.06
N GLY QB 410 -30.90 -91.84 120.26
CA GLY QB 410 -31.81 -91.40 119.20
C GLY QB 410 -32.08 -92.43 118.10
N GLU QB 411 -31.06 -93.18 117.70
CA GLU QB 411 -31.17 -94.10 116.58
C GLU QB 411 -31.94 -95.35 116.97
N GLY QB 412 -31.86 -95.77 118.24
CA GLY QB 412 -32.49 -97.03 118.66
C GLY QB 412 -31.69 -97.80 119.72
N MET QB 413 -30.48 -97.34 120.05
CA MET QB 413 -29.69 -97.91 121.12
C MET QB 413 -30.33 -97.56 122.46
N GLU QB 414 -30.54 -98.57 123.32
CA GLU QB 414 -31.15 -98.31 124.62
C GLU QB 414 -30.14 -97.65 125.55
N GLU QB 415 -30.57 -96.61 126.24
CA GLU QB 415 -29.82 -95.99 127.32
C GLU QB 415 -29.68 -97.01 128.46
N GLY QB 416 -28.46 -97.10 129.01
CA GLY QB 416 -28.17 -98.12 129.99
C GLY QB 416 -27.11 -99.12 129.52
N GLU QB 417 -26.94 -99.24 128.20
CA GLU QB 417 -25.81 -99.99 127.64
C GLU QB 417 -24.50 -99.25 127.96
N PHE QB 418 -24.56 -97.91 128.11
CA PHE QB 418 -23.46 -97.15 128.69
C PHE QB 418 -23.12 -97.61 130.11
N SER QB 419 -24.14 -97.91 130.93
CA SER QB 419 -23.95 -98.31 132.31
C SER QB 419 -23.25 -99.66 132.42
N GLU QB 420 -23.73 -100.63 131.62
CA GLU QB 420 -23.24 -102.00 131.73
C GLU QB 420 -21.85 -102.13 131.11
N ALA QB 421 -21.58 -101.36 130.04
CA ALA QB 421 -20.25 -101.36 129.44
C ALA QB 421 -19.23 -100.70 130.37
N ARG QB 422 -19.68 -99.70 131.16
CA ARG QB 422 -18.83 -99.03 132.16
C ARG QB 422 -18.36 -100.02 133.22
N GLU QB 423 -19.29 -100.84 133.71
CA GLU QB 423 -18.95 -101.77 134.79
C GLU QB 423 -18.13 -102.94 134.26
N ASP QB 424 -18.28 -103.26 132.97
CA ASP QB 424 -17.43 -104.27 132.35
C ASP QB 424 -15.98 -103.80 132.29
N LEU QB 425 -15.78 -102.53 131.88
CA LEU QB 425 -14.45 -101.93 131.88
C LEU QB 425 -13.93 -101.84 133.32
N ALA QB 426 -14.84 -101.64 134.29
CA ALA QB 426 -14.48 -101.73 135.69
C ALA QB 426 -14.07 -103.18 136.04
N ALA QB 427 -14.81 -104.16 135.51
CA ALA QB 427 -14.52 -105.57 135.75
C ALA QB 427 -13.20 -105.96 135.09
N LEU QB 428 -12.93 -105.36 133.91
CA LEU QB 428 -11.69 -105.60 133.20
C LEU QB 428 -10.52 -104.94 133.94
N GLU QB 429 -10.76 -103.75 134.51
CA GLU QB 429 -9.74 -103.00 135.23
C GLU QB 429 -9.34 -103.73 136.51
N LYS QB 430 -10.31 -104.38 137.18
CA LYS QB 430 -10.06 -105.07 138.43
C LYS QB 430 -9.22 -106.34 138.21
N ASP QB 431 -9.48 -107.03 137.09
CA ASP QB 431 -8.78 -108.27 136.78
C ASP QB 431 -7.29 -108.02 136.53
N TYR QB 432 -6.99 -106.92 135.81
CA TYR QB 432 -5.62 -106.54 135.54
C TYR QB 432 -4.88 -106.18 136.82
N GLU QB 433 -5.56 -105.51 137.75
CA GLU QB 433 -4.94 -105.14 139.02
C GLU QB 433 -4.67 -106.38 139.87
N GLU QB 434 -5.59 -107.36 139.81
CA GLU QB 434 -5.50 -108.58 140.60
C GLU QB 434 -4.31 -109.44 140.15
N VAL QB 435 -4.13 -109.57 138.82
CA VAL QB 435 -3.18 -110.49 138.24
C VAL QB 435 -1.74 -109.96 138.42
N GLY QB 436 -1.59 -108.67 138.72
CA GLY QB 436 -0.27 -108.05 138.78
C GLY QB 436 0.38 -108.11 140.16
N ILE QB 437 -0.21 -108.89 141.08
CA ILE QB 437 0.28 -108.94 142.46
C ILE QB 437 1.64 -109.66 142.54
N MET RB 1 -23.48 -91.95 95.41
CA MET RB 1 -22.97 -91.77 96.79
C MET RB 1 -23.75 -90.65 97.47
N ARG RB 2 -23.13 -89.46 97.60
CA ARG RB 2 -23.67 -88.40 98.45
C ARG RB 2 -23.88 -87.14 97.61
N GLU RB 3 -24.98 -86.43 97.86
CA GLU RB 3 -25.20 -85.09 97.28
C GLU RB 3 -25.70 -84.15 98.38
N ILE RB 4 -25.19 -82.90 98.33
CA ILE RB 4 -25.60 -81.86 99.25
C ILE RB 4 -26.51 -80.88 98.51
N VAL RB 5 -27.66 -80.61 99.11
CA VAL RB 5 -28.63 -79.72 98.50
C VAL RB 5 -28.46 -78.33 99.10
N HIS RB 6 -28.32 -77.33 98.21
CA HIS RB 6 -28.16 -75.95 98.65
C HIS RB 6 -29.50 -75.23 98.61
N VAL RB 7 -29.77 -74.45 99.68
CA VAL RB 7 -30.94 -73.59 99.76
C VAL RB 7 -30.46 -72.18 100.10
N GLN RB 8 -30.89 -71.22 99.27
CA GLN RB 8 -30.48 -69.83 99.42
C GLN RB 8 -31.74 -69.00 99.65
N GLY RB 9 -31.88 -68.50 100.89
CA GLY RB 9 -33.01 -67.70 101.27
C GLY RB 9 -32.58 -66.32 101.72
N GLY RB 10 -33.38 -65.33 101.34
CA GLY RB 10 -33.16 -63.97 101.80
C GLY RB 10 -32.19 -63.20 100.91
N GLN RB 11 -32.06 -61.93 101.26
CA GLN RB 11 -31.14 -60.97 100.69
C GLN RB 11 -29.69 -61.42 100.93
N CYS RB 12 -29.38 -61.81 102.18
CA CYS RB 12 -28.00 -62.02 102.55
C CYS RB 12 -27.62 -63.38 101.99
N GLY RB 13 -28.60 -64.31 102.05
CA GLY RB 13 -28.42 -65.70 101.62
C GLY RB 13 -28.13 -65.80 100.13
N ASN RB 14 -28.74 -64.91 99.33
CA ASN RB 14 -28.53 -64.95 97.89
C ASN RB 14 -27.14 -64.44 97.55
N GLN RB 15 -26.73 -63.36 98.24
CA GLN RB 15 -25.44 -62.73 97.92
C GLN RB 15 -24.25 -63.58 98.38
N ILE RB 16 -24.38 -64.14 99.59
CA ILE RB 16 -23.33 -65.03 100.06
C ILE RB 16 -23.42 -66.38 99.34
N GLY RB 17 -24.59 -66.67 98.77
CA GLY RB 17 -24.76 -67.90 98.03
C GLY RB 17 -24.30 -67.82 96.58
N ALA RB 18 -24.46 -66.62 95.98
CA ALA RB 18 -23.97 -66.39 94.61
C ALA RB 18 -22.44 -66.44 94.60
N LYS RB 19 -21.82 -65.86 95.63
CA LYS RB 19 -20.37 -65.87 95.70
C LYS RB 19 -19.86 -67.26 96.11
N PHE RB 20 -20.71 -68.05 96.76
CA PHE RB 20 -20.30 -69.40 97.15
C PHE RB 20 -20.16 -70.30 95.92
N TRP RB 21 -21.12 -70.19 94.99
CA TRP RB 21 -21.05 -71.03 93.81
C TRP RB 21 -19.97 -70.54 92.84
N GLU RB 22 -19.47 -69.33 93.08
CA GLU RB 22 -18.37 -68.79 92.29
C GLU RB 22 -17.08 -69.54 92.59
N VAL RB 23 -16.83 -69.89 93.86
CA VAL RB 23 -15.55 -70.45 94.24
C VAL RB 23 -15.56 -71.98 94.09
N ILE RB 24 -16.75 -72.59 94.22
CA ILE RB 24 -16.86 -74.02 94.00
C ILE RB 24 -16.64 -74.35 92.52
N SER RB 25 -17.26 -73.56 91.64
CA SER RB 25 -17.04 -73.64 90.20
C SER RB 25 -15.58 -73.34 89.84
N ASP RB 26 -14.98 -72.41 90.58
CA ASP RB 26 -13.57 -72.12 90.42
C ASP RB 26 -12.74 -73.34 90.79
N GLU RB 27 -13.10 -73.96 91.93
CA GLU RB 27 -12.35 -75.09 92.45
C GLU RB 27 -12.42 -76.28 91.49
N HIS RB 28 -13.61 -76.52 90.95
CA HIS RB 28 -13.83 -77.63 90.05
C HIS RB 28 -13.58 -77.22 88.60
N GLY RB 29 -13.15 -75.98 88.37
CA GLY RB 29 -12.79 -75.54 87.02
C GLY RB 29 -13.99 -75.49 86.07
N ILE RB 30 -15.10 -74.92 86.53
CA ILE RB 30 -16.30 -74.79 85.72
C ILE RB 30 -16.32 -73.42 85.05
N ASP RB 31 -16.49 -73.44 83.72
CA ASP RB 31 -16.75 -72.27 82.91
C ASP RB 31 -18.05 -71.62 83.38
N PRO RB 32 -18.13 -70.27 83.47
CA PRO RB 32 -19.39 -69.56 83.63
C PRO RB 32 -20.57 -70.00 82.77
N THR RB 33 -20.28 -70.50 81.56
CA THR RB 33 -21.31 -71.12 80.73
C THR RB 33 -21.83 -72.39 81.39
N GLY RB 34 -20.91 -73.22 81.89
CA GLY RB 34 -21.34 -74.48 82.47
C GLY RB 34 -20.48 -75.67 82.06
N THR RB 35 -19.57 -75.43 81.13
CA THR RB 35 -18.73 -76.51 80.62
C THR RB 35 -17.59 -76.77 81.61
N TYR RB 36 -16.62 -77.58 81.19
CA TYR RB 36 -15.49 -77.88 82.03
C TYR RB 36 -14.19 -77.59 81.28
N CYS RB 37 -13.20 -77.08 82.02
CA CYS RB 37 -11.87 -76.93 81.48
C CYS RB 37 -10.87 -77.08 82.61
N GLY RB 38 -9.82 -77.84 82.33
CA GLY RB 38 -8.77 -78.10 83.31
C GLY RB 38 -8.23 -79.52 83.24
N ASP RB 39 -8.82 -80.35 82.36
CA ASP RB 39 -8.41 -81.68 81.90
C ASP RB 39 -7.67 -82.52 82.94
N SER RB 40 -8.24 -82.62 84.16
CA SER RB 40 -7.70 -83.47 85.20
C SER RB 40 -8.82 -84.28 85.85
N ASP RB 41 -8.46 -85.47 86.32
CA ASP RB 41 -9.42 -86.42 86.87
C ASP RB 41 -9.92 -85.98 88.26
N LEU RB 42 -9.01 -85.46 89.09
CA LEU RB 42 -9.33 -85.24 90.51
C LEU RB 42 -10.46 -84.21 90.71
N GLN RB 43 -10.56 -83.19 89.85
CA GLN RB 43 -11.59 -82.18 90.02
C GLN RB 43 -12.98 -82.79 89.74
N LEU RB 44 -13.04 -83.72 88.78
CA LEU RB 44 -14.30 -84.16 88.18
C LEU RB 44 -14.78 -85.51 88.74
N GLU RB 45 -13.90 -86.23 89.45
CA GLU RB 45 -14.24 -87.55 89.96
C GLU RB 45 -15.33 -87.50 91.03
N ARG RB 46 -15.43 -86.38 91.76
CA ARG RB 46 -16.53 -86.24 92.70
C ARG RB 46 -17.16 -84.88 92.48
N ILE RB 47 -18.11 -84.83 91.55
CA ILE RB 47 -18.74 -83.55 91.21
C ILE RB 47 -20.25 -83.57 91.43
N ASN RB 48 -20.83 -84.76 91.53
CA ASN RB 48 -22.27 -84.90 91.70
C ASN RB 48 -22.71 -84.51 93.11
N VAL RB 49 -21.76 -84.28 94.02
CA VAL RB 49 -22.08 -83.80 95.36
C VAL RB 49 -22.71 -82.39 95.30
N PHE RB 50 -22.25 -81.56 94.35
CA PHE RB 50 -22.77 -80.21 94.17
C PHE RB 50 -23.40 -79.96 92.80
N TYR RB 51 -23.22 -80.87 91.83
CA TYR RB 51 -23.63 -80.61 90.46
C TYR RB 51 -24.40 -81.77 89.86
N ASN RB 52 -24.97 -81.55 88.67
CA ASN RB 52 -25.79 -82.53 87.98
C ASN RB 52 -25.52 -82.44 86.47
N GLU RB 53 -25.29 -83.59 85.81
CA GLU RB 53 -25.05 -83.66 84.36
C GLU RB 53 -26.35 -83.46 83.58
N ALA RB 54 -26.28 -82.78 82.43
CA ALA RB 54 -27.47 -82.38 81.68
C ALA RB 54 -27.58 -82.93 80.24
N THR RB 55 -26.81 -83.95 79.85
CA THR RB 55 -26.68 -84.39 78.44
C THR RB 55 -26.38 -83.25 77.46
N GLY RB 56 -25.58 -82.29 77.91
CA GLY RB 56 -24.94 -81.37 76.99
C GLY RB 56 -23.50 -81.20 77.45
N GLY RB 57 -23.17 -81.95 78.52
CA GLY RB 57 -21.88 -81.84 79.16
C GLY RB 57 -21.86 -80.77 80.27
N ARG RB 58 -22.88 -79.91 80.33
CA ARG RB 58 -22.90 -78.83 81.31
C ARG RB 58 -23.36 -79.31 82.68
N PHE RB 59 -22.76 -78.78 83.74
CA PHE RB 59 -23.09 -79.12 85.11
C PHE RB 59 -23.92 -78.01 85.73
N VAL RB 60 -25.08 -78.36 86.26
CA VAL RB 60 -25.94 -77.39 86.93
C VAL RB 60 -25.85 -77.59 88.43
N PRO RB 61 -25.86 -76.50 89.22
CA PRO RB 61 -25.86 -76.62 90.68
C PRO RB 61 -27.16 -77.22 91.21
N ARG RB 62 -27.03 -77.93 92.33
CA ARG RB 62 -28.16 -78.46 93.07
C ARG RB 62 -28.64 -77.42 94.10
N ALA RB 63 -28.88 -76.21 93.62
CA ALA RB 63 -29.16 -75.08 94.50
C ALA RB 63 -30.56 -74.56 94.20
N ILE RB 64 -31.26 -74.17 95.27
CA ILE RB 64 -32.60 -73.63 95.13
C ILE RB 64 -32.58 -72.18 95.61
N LEU RB 65 -32.79 -71.25 94.67
CA LEU RB 65 -32.84 -69.84 95.00
C LEU RB 65 -34.26 -69.50 95.47
N MET RB 66 -34.34 -68.63 96.49
CA MET RB 66 -35.62 -68.40 97.16
C MET RB 66 -35.63 -67.01 97.78
N ASP RB 67 -36.58 -66.20 97.31
CA ASP RB 67 -36.76 -64.85 97.82
C ASP RB 67 -38.17 -64.37 97.47
N LEU RB 68 -38.60 -63.35 98.22
CA LEU RB 68 -39.90 -62.74 98.06
C LEU RB 68 -39.84 -61.43 97.28
N GLU RB 69 -38.64 -60.98 96.85
CA GLU RB 69 -38.54 -59.87 95.91
C GLU RB 69 -37.77 -60.37 94.68
N PRO RB 70 -38.24 -60.16 93.43
CA PRO RB 70 -37.53 -60.65 92.25
C PRO RB 70 -36.29 -59.80 91.96
N GLY RB 71 -36.04 -58.70 92.70
CA GLY RB 71 -34.90 -57.83 92.46
C GLY RB 71 -33.56 -58.50 92.73
N THR RB 72 -33.40 -59.11 93.90
CA THR RB 72 -32.13 -59.69 94.29
C THR RB 72 -31.90 -61.02 93.56
N MET RB 73 -32.97 -61.64 93.08
CA MET RB 73 -32.87 -62.83 92.26
C MET RB 73 -32.37 -62.44 90.86
N ASP RB 74 -32.81 -61.26 90.39
CA ASP RB 74 -32.44 -60.73 89.09
C ASP RB 74 -30.94 -60.45 89.09
N SER RB 75 -30.44 -59.83 90.18
CA SER RB 75 -29.05 -59.42 90.30
C SER RB 75 -28.11 -60.63 90.31
N VAL RB 76 -28.53 -61.71 90.96
CA VAL RB 76 -27.75 -62.93 91.01
C VAL RB 76 -27.67 -63.57 89.62
N ARG RB 77 -28.81 -63.61 88.90
CA ARG RB 77 -28.87 -64.10 87.51
C ARG RB 77 -27.99 -63.22 86.61
N ALA RB 78 -28.08 -61.90 86.78
CA ALA RB 78 -27.49 -60.96 85.83
C ALA RB 78 -25.98 -60.86 85.97
N GLY RB 79 -25.43 -61.34 87.10
CA GLY RB 79 -23.99 -61.30 87.34
C GLY RB 79 -23.27 -62.38 86.55
N PRO RB 80 -21.91 -62.43 86.58
CA PRO RB 80 -21.20 -63.57 86.03
C PRO RB 80 -21.52 -64.79 86.87
N PHE RB 81 -21.35 -65.96 86.25
CA PHE RB 81 -21.70 -67.23 86.85
C PHE RB 81 -23.16 -67.21 87.29
N GLY RB 82 -24.01 -66.56 86.47
CA GLY RB 82 -25.44 -66.43 86.76
C GLY RB 82 -26.23 -67.34 85.83
N GLN RB 83 -25.62 -67.66 84.69
CA GLN RB 83 -26.26 -68.49 83.68
C GLN RB 83 -26.22 -69.97 84.12
N LEU RB 84 -25.39 -70.24 85.12
CA LEU RB 84 -25.10 -71.59 85.58
C LEU RB 84 -26.31 -72.21 86.29
N PHE RB 85 -27.02 -71.44 87.11
CA PHE RB 85 -28.17 -71.94 87.83
C PHE RB 85 -29.30 -72.24 86.86
N ARG RB 86 -30.12 -73.23 87.23
CA ARG RB 86 -31.26 -73.55 86.41
C ARG RB 86 -32.30 -72.46 86.55
N PRO RB 87 -32.96 -72.05 85.43
CA PRO RB 87 -34.06 -71.09 85.51
C PRO RB 87 -35.25 -71.58 86.35
N ASP RB 88 -35.50 -72.89 86.33
CA ASP RB 88 -36.63 -73.48 87.03
C ASP RB 88 -36.41 -73.47 88.54
N ASN RB 89 -35.15 -73.43 88.98
CA ASN RB 89 -34.81 -73.45 90.39
C ASN RB 89 -35.10 -72.12 91.09
N PHE RB 90 -35.20 -71.03 90.32
CA PHE RB 90 -35.66 -69.77 90.88
C PHE RB 90 -37.14 -69.88 91.27
N VAL RB 91 -37.47 -69.41 92.47
CA VAL RB 91 -38.86 -69.27 92.89
C VAL RB 91 -39.05 -67.83 93.34
N PHE RB 92 -40.24 -67.30 93.04
CA PHE RB 92 -40.44 -65.87 93.01
C PHE RB 92 -41.45 -65.46 94.06
N GLY RB 93 -41.23 -64.33 94.75
CA GLY RB 93 -42.31 -63.76 95.54
C GLY RB 93 -42.85 -62.47 94.94
N GLN RB 94 -44.17 -62.41 94.77
CA GLN RB 94 -44.81 -61.28 94.12
C GLN RB 94 -45.16 -60.17 95.13
N THR RB 95 -44.95 -60.39 96.44
CA THR RB 95 -45.31 -59.39 97.45
C THR RB 95 -44.11 -58.75 98.15
N GLY RB 96 -43.33 -59.56 98.89
CA GLY RB 96 -42.17 -59.06 99.62
C GLY RB 96 -42.42 -58.89 101.12
N ALA RB 97 -41.57 -59.54 101.94
CA ALA RB 97 -41.67 -59.49 103.39
C ALA RB 97 -40.78 -58.37 103.92
N GLY RB 98 -41.41 -57.31 104.44
CA GLY RB 98 -40.68 -56.20 105.03
C GLY RB 98 -40.29 -56.51 106.48
N ASN RB 99 -39.15 -57.18 106.65
CA ASN RB 99 -38.48 -57.39 107.94
C ASN RB 99 -39.32 -58.14 108.99
N ASN RB 100 -40.53 -58.53 108.60
CA ASN RB 100 -41.49 -59.04 109.56
C ASN RB 100 -41.39 -60.56 109.55
N TRP RB 101 -40.92 -61.11 110.66
CA TRP RB 101 -40.80 -62.55 110.79
C TRP RB 101 -42.18 -63.23 110.77
N ALA RB 102 -43.23 -62.47 111.12
CA ALA RB 102 -44.59 -63.01 111.13
C ALA RB 102 -45.05 -63.35 109.71
N LYS RB 103 -44.91 -62.38 108.81
CA LYS RB 103 -45.35 -62.58 107.44
C LYS RB 103 -44.37 -63.50 106.69
N GLY RB 104 -43.12 -63.57 107.14
CA GLY RB 104 -42.17 -64.47 106.53
C GLY RB 104 -42.49 -65.94 106.84
N HIS RB 105 -43.25 -66.16 107.92
CA HIS RB 105 -43.43 -67.49 108.47
C HIS RB 105 -44.91 -67.88 108.56
N TYR RB 106 -45.77 -66.98 109.02
CA TYR RB 106 -47.14 -67.41 109.28
C TYR RB 106 -48.09 -67.06 108.17
N THR RB 107 -47.92 -65.86 107.58
CA THR RB 107 -48.93 -65.40 106.65
C THR RB 107 -48.50 -65.52 105.19
N GLU RB 108 -47.40 -64.84 104.82
CA GLU RB 108 -47.05 -64.72 103.40
C GLU RB 108 -46.14 -65.85 102.93
N GLY RB 109 -45.16 -66.22 103.78
CA GLY RB 109 -44.26 -67.31 103.45
C GLY RB 109 -44.97 -68.66 103.44
N ALA RB 110 -46.10 -68.78 104.16
CA ALA RB 110 -46.78 -70.05 104.33
C ALA RB 110 -47.32 -70.60 103.01
N GLU RB 111 -47.68 -69.69 102.09
CA GLU RB 111 -48.31 -70.10 100.84
C GLU RB 111 -47.26 -70.26 99.75
N LEU RB 112 -45.99 -69.94 100.05
CA LEU RB 112 -44.92 -70.00 99.06
C LEU RB 112 -43.95 -71.15 99.36
N ILE RB 113 -43.97 -71.69 100.58
CA ILE RB 113 -43.33 -72.97 100.90
C ILE RB 113 -43.89 -74.07 100.01
N ASP RB 114 -45.23 -74.10 99.85
CA ASP RB 114 -45.95 -75.05 99.03
C ASP RB 114 -45.34 -75.15 97.63
N SER RB 115 -44.89 -74.01 97.11
CA SER RB 115 -44.28 -73.96 95.80
C SER RB 115 -42.84 -74.45 95.89
N VAL RB 116 -42.11 -74.01 96.90
CA VAL RB 116 -40.68 -74.26 96.96
C VAL RB 116 -40.39 -75.64 97.56
N LEU RB 117 -41.30 -76.16 98.41
CA LEU RB 117 -41.05 -77.47 98.98
C LEU RB 117 -41.16 -78.53 97.89
N ASP RB 118 -41.95 -78.22 96.84
CA ASP RB 118 -42.06 -79.10 95.68
C ASP RB 118 -40.71 -79.22 94.96
N VAL RB 119 -40.02 -78.08 94.80
CA VAL RB 119 -38.75 -78.02 94.08
C VAL RB 119 -37.70 -78.83 94.81
N VAL RB 120 -37.64 -78.65 96.13
CA VAL RB 120 -36.63 -79.32 96.93
C VAL RB 120 -36.96 -80.81 97.05
N ARG RB 121 -38.25 -81.16 96.96
CA ARG RB 121 -38.64 -82.55 97.02
C ARG RB 121 -38.22 -83.26 95.73
N LYS RB 122 -38.40 -82.60 94.58
CA LYS RB 122 -38.06 -83.22 93.32
C LYS RB 122 -36.56 -83.46 93.17
N GLU RB 123 -35.75 -82.52 93.64
CA GLU RB 123 -34.32 -82.61 93.48
C GLU RB 123 -33.69 -83.61 94.45
N ALA RB 124 -34.16 -83.59 95.72
CA ALA RB 124 -33.61 -84.46 96.76
C ALA RB 124 -33.95 -85.94 96.52
N GLU RB 125 -35.19 -86.22 96.11
CA GLU RB 125 -35.69 -87.57 95.91
C GLU RB 125 -35.04 -88.23 94.68
N GLY RB 126 -34.63 -87.43 93.70
CA GLY RB 126 -34.07 -87.94 92.46
C GLY RB 126 -32.67 -88.54 92.62
N CYS RB 127 -31.99 -88.20 93.72
CA CYS RB 127 -30.61 -88.64 93.96
C CYS RB 127 -30.60 -90.09 94.47
N ASP RB 128 -29.42 -90.73 94.54
CA ASP RB 128 -29.29 -92.10 95.02
C ASP RB 128 -29.45 -92.13 96.54
N CYS RB 129 -28.58 -91.37 97.23
CA CYS RB 129 -28.56 -91.33 98.68
C CYS RB 129 -28.22 -89.90 99.09
N LEU RB 130 -29.25 -89.18 99.58
CA LEU RB 130 -29.09 -87.86 100.15
C LEU RB 130 -28.23 -87.92 101.40
N GLN RB 131 -27.34 -86.92 101.54
CA GLN RB 131 -26.63 -86.74 102.80
C GLN RB 131 -27.33 -85.68 103.65
N GLY RB 132 -27.48 -84.47 103.10
CA GLY RB 132 -28.12 -83.45 103.90
C GLY RB 132 -28.24 -82.14 103.13
N PHE RB 133 -28.46 -81.07 103.89
CA PHE RB 133 -28.75 -79.76 103.35
C PHE RB 133 -27.79 -78.76 103.97
N GLN RB 134 -27.51 -77.71 103.20
CA GLN RB 134 -26.96 -76.49 103.75
C GLN RB 134 -27.85 -75.31 103.37
N ILE RB 135 -28.04 -74.40 104.32
CA ILE RB 135 -28.88 -73.22 104.15
C ILE RB 135 -28.07 -71.99 104.55
N THR RB 136 -28.00 -71.04 103.62
CA THR RB 136 -27.41 -69.75 103.91
C THR RB 136 -28.52 -68.72 103.95
N HIS RB 137 -28.61 -68.01 105.07
CA HIS RB 137 -29.66 -67.03 105.26
C HIS RB 137 -29.20 -66.01 106.30
N SER RB 138 -29.97 -64.92 106.37
CA SER RB 138 -29.78 -63.91 107.40
C SER RB 138 -30.77 -64.18 108.52
N LEU RB 139 -30.54 -63.53 109.67
CA LEU RB 139 -31.52 -63.60 110.75
C LEU RB 139 -32.09 -62.24 111.10
N GLY RB 140 -31.42 -61.17 110.67
CA GLY RB 140 -31.91 -59.82 110.91
C GLY RB 140 -33.18 -59.55 110.10
N GLY RB 141 -33.08 -59.93 108.81
CA GLY RB 141 -34.05 -59.70 107.77
C GLY RB 141 -35.33 -60.49 108.02
N GLY RB 142 -36.33 -60.23 107.19
CA GLY RB 142 -37.62 -60.86 107.35
C GLY RB 142 -37.70 -62.21 106.63
N THR RB 143 -37.33 -62.22 105.34
CA THR RB 143 -37.43 -63.40 104.50
C THR RB 143 -36.41 -64.47 104.92
N GLY RB 144 -35.18 -64.02 105.26
CA GLY RB 144 -34.13 -64.94 105.66
C GLY RB 144 -34.49 -65.64 106.97
N SER RB 145 -34.88 -64.84 107.96
CA SER RB 145 -35.16 -65.34 109.29
C SER RB 145 -36.51 -66.06 109.32
N GLY RB 146 -37.48 -65.54 108.56
CA GLY RB 146 -38.85 -66.03 108.60
C GLY RB 146 -39.04 -67.32 107.81
N MET RB 147 -38.95 -67.18 106.48
CA MET RB 147 -39.23 -68.29 105.58
C MET RB 147 -38.08 -69.30 105.62
N GLY RB 148 -36.84 -68.82 105.81
CA GLY RB 148 -35.69 -69.69 105.92
C GLY RB 148 -35.82 -70.67 107.09
N THR RB 149 -36.41 -70.19 108.19
CA THR RB 149 -36.60 -71.01 109.37
C THR RB 149 -37.79 -71.97 109.17
N LEU RB 150 -38.82 -71.52 108.44
CA LEU RB 150 -39.98 -72.36 108.17
C LEU RB 150 -39.57 -73.57 107.34
N LEU RB 151 -38.74 -73.31 106.31
CA LEU RB 151 -38.29 -74.37 105.43
C LEU RB 151 -37.41 -75.35 106.19
N ILE RB 152 -36.65 -74.83 107.17
CA ILE RB 152 -35.88 -75.67 108.09
C ILE RB 152 -36.84 -76.60 108.86
N SER RB 153 -37.98 -76.04 109.31
CA SER RB 153 -38.94 -76.79 110.11
C SER RB 153 -39.64 -77.86 109.28
N LYS RB 154 -39.92 -77.55 108.01
CA LYS RB 154 -40.74 -78.44 107.19
C LYS RB 154 -39.95 -79.67 106.74
N VAL RB 155 -38.67 -79.48 106.37
CA VAL RB 155 -37.91 -80.61 105.85
C VAL RB 155 -37.29 -81.44 106.96
N ARG RB 156 -37.27 -80.93 108.20
CA ARG RB 156 -36.81 -81.77 109.30
C ARG RB 156 -37.83 -82.83 109.67
N GLU RB 157 -39.11 -82.43 109.67
CA GLU RB 157 -40.17 -83.38 109.94
C GLU RB 157 -40.45 -84.28 108.74
N GLU RB 158 -39.92 -83.93 107.56
CA GLU RB 158 -40.03 -84.77 106.37
C GLU RB 158 -38.85 -85.73 106.21
N TYR RB 159 -37.62 -85.22 106.39
CA TYR RB 159 -36.40 -86.01 106.27
C TYR RB 159 -35.68 -85.95 107.62
N PRO RB 160 -36.09 -86.77 108.62
CA PRO RB 160 -35.57 -86.64 109.97
C PRO RB 160 -34.19 -87.25 110.19
N ASP RB 161 -33.68 -87.96 109.19
CA ASP RB 161 -32.39 -88.63 109.32
C ASP RB 161 -31.26 -87.71 108.89
N ARG RB 162 -31.47 -87.00 107.78
CA ARG RB 162 -30.42 -86.24 107.09
C ARG RB 162 -29.95 -85.05 107.93
N ILE RB 163 -28.69 -84.68 107.67
CA ILE RB 163 -28.00 -83.64 108.41
C ILE RB 163 -28.46 -82.27 107.88
N MET RB 164 -28.30 -81.26 108.73
CA MET RB 164 -28.54 -79.89 108.31
C MET RB 164 -27.52 -78.98 108.98
N GLU RB 165 -26.93 -78.10 108.17
CA GLU RB 165 -25.99 -77.10 108.68
C GLU RB 165 -26.35 -75.76 108.05
N THR RB 166 -26.32 -74.69 108.86
CA THR RB 166 -26.75 -73.37 108.41
C THR RB 166 -25.60 -72.38 108.50
N PHE RB 167 -25.40 -71.63 107.41
CA PHE RB 167 -24.50 -70.49 107.43
C PHE RB 167 -25.33 -69.24 107.68
N SER RB 168 -25.57 -68.93 108.96
CA SER RB 168 -26.46 -67.84 109.34
C SER RB 168 -25.65 -66.64 109.84
N VAL RB 169 -26.00 -65.46 109.36
CA VAL RB 169 -25.41 -64.24 109.93
C VAL RB 169 -26.31 -63.72 111.04
N PHE RB 170 -25.69 -63.19 112.11
CA PHE RB 170 -26.44 -62.72 113.27
C PHE RB 170 -26.60 -61.21 113.27
N PRO RB 171 -27.46 -60.59 114.13
CA PRO RB 171 -27.37 -59.15 114.42
C PRO RB 171 -25.99 -58.78 114.93
N SER RB 172 -25.43 -57.71 114.37
CA SER RB 172 -24.09 -57.27 114.70
C SER RB 172 -24.10 -56.64 116.08
N PRO RB 173 -22.98 -56.69 116.81
CA PRO RB 173 -22.86 -56.01 118.11
C PRO RB 173 -23.07 -54.48 118.14
N LYS RB 174 -22.25 -53.73 117.42
CA LYS RB 174 -22.22 -52.28 117.63
C LYS RB 174 -23.39 -51.57 116.97
N VAL RB 175 -23.44 -51.60 115.63
CA VAL RB 175 -24.51 -50.95 114.91
C VAL RB 175 -25.40 -52.05 114.36
N SER RB 176 -26.56 -51.70 113.80
CA SER RB 176 -27.45 -52.75 113.34
C SER RB 176 -28.19 -52.33 112.08
N ASP RB 177 -28.74 -53.36 111.42
CA ASP RB 177 -29.80 -53.22 110.44
C ASP RB 177 -31.00 -53.98 110.96
N THR RB 178 -32.18 -53.71 110.37
CA THR RB 178 -33.41 -54.40 110.71
C THR RB 178 -33.67 -54.24 112.21
N VAL RB 179 -34.03 -52.99 112.60
CA VAL RB 179 -34.25 -52.49 113.95
C VAL RB 179 -34.94 -53.52 114.83
N VAL RB 180 -35.90 -54.26 114.29
CA VAL RB 180 -36.38 -55.43 115.01
C VAL RB 180 -35.43 -56.61 114.77
N GLU RB 181 -34.23 -56.54 115.38
CA GLU RB 181 -33.38 -57.71 115.40
C GLU RB 181 -33.91 -58.73 116.41
N PRO RB 182 -34.12 -58.38 117.71
CA PRO RB 182 -34.63 -59.36 118.66
C PRO RB 182 -36.00 -59.93 118.32
N TYR RB 183 -36.85 -59.15 117.64
CA TYR RB 183 -38.11 -59.74 117.23
C TYR RB 183 -37.95 -60.65 116.01
N ASN RB 184 -36.76 -60.66 115.39
CA ASN RB 184 -36.49 -61.57 114.29
C ASN RB 184 -35.47 -62.63 114.69
N ALA RB 185 -34.40 -62.21 115.40
CA ALA RB 185 -33.33 -63.13 115.76
C ALA RB 185 -33.81 -64.11 116.81
N THR RB 186 -34.45 -63.62 117.87
CA THR RB 186 -34.85 -64.48 118.96
C THR RB 186 -35.97 -65.42 118.52
N LEU RB 187 -36.83 -64.93 117.63
CA LEU RB 187 -37.94 -65.74 117.15
C LEU RB 187 -37.44 -66.82 116.19
N SER RB 188 -36.22 -66.65 115.65
CA SER RB 188 -35.64 -67.70 114.81
C SER RB 188 -34.84 -68.69 115.67
N VAL RB 189 -34.16 -68.16 116.69
CA VAL RB 189 -33.20 -68.95 117.46
C VAL RB 189 -33.90 -70.08 118.21
N HIS RB 190 -35.08 -69.83 118.80
CA HIS RB 190 -35.72 -70.87 119.59
C HIS RB 190 -36.30 -71.97 118.70
N GLN RB 191 -36.40 -71.68 117.40
CA GLN RB 191 -36.87 -72.65 116.43
C GLN RB 191 -35.68 -73.30 115.74
N LEU RB 192 -34.59 -72.54 115.60
CA LEU RB 192 -33.36 -73.04 115.00
C LEU RB 192 -32.72 -74.10 115.90
N VAL RB 193 -32.84 -73.93 117.24
CA VAL RB 193 -32.30 -74.88 118.20
C VAL RB 193 -33.05 -76.21 118.13
N GLU RB 194 -34.29 -76.17 117.62
CA GLU RB 194 -35.15 -77.33 117.74
C GLU RB 194 -35.04 -78.23 116.50
N ASN RB 195 -34.64 -77.66 115.36
CA ASN RB 195 -34.68 -78.36 114.09
C ASN RB 195 -33.43 -78.15 113.24
N ALA RB 196 -32.29 -77.96 113.90
CA ALA RB 196 -31.05 -77.81 113.16
C ALA RB 196 -29.94 -78.54 113.88
N ASP RB 197 -29.00 -79.06 113.08
CA ASP RB 197 -27.94 -79.89 113.60
C ASP RB 197 -26.68 -79.08 113.86
N GLU RB 198 -26.32 -78.20 112.92
CA GLU RB 198 -25.15 -77.34 113.10
C GLU RB 198 -25.50 -75.92 112.67
N VAL RB 199 -25.04 -74.92 113.46
CA VAL RB 199 -25.24 -73.52 113.12
C VAL RB 199 -23.88 -72.84 113.16
N GLN RB 200 -23.53 -72.18 112.05
CA GLN RB 200 -22.24 -71.52 111.93
C GLN RB 200 -22.50 -70.02 111.86
N VAL RB 201 -21.94 -69.31 112.85
CA VAL RB 201 -22.39 -67.95 113.14
C VAL RB 201 -21.38 -66.98 112.55
N ILE RB 202 -21.90 -66.02 111.79
CA ILE RB 202 -21.10 -64.99 111.17
C ILE RB 202 -21.59 -63.63 111.67
N ASP RB 203 -20.62 -62.73 111.96
CA ASP RB 203 -20.93 -61.35 112.29
C ASP RB 203 -20.22 -60.43 111.32
N ASN RB 204 -20.89 -59.31 111.02
CA ASN RB 204 -20.37 -58.38 110.03
C ASN RB 204 -19.24 -57.55 110.61
N GLU RB 205 -19.33 -57.28 111.92
CA GLU RB 205 -18.31 -56.50 112.62
C GLU RB 205 -17.01 -57.29 112.72
N ALA RB 206 -17.17 -58.63 112.78
CA ALA RB 206 -16.02 -59.53 112.77
C ALA RB 206 -15.34 -59.49 111.40
N LEU RB 207 -16.15 -59.46 110.33
CA LEU RB 207 -15.63 -59.48 108.97
C LEU RB 207 -14.99 -58.14 108.62
N TYR RB 208 -15.50 -57.04 109.18
CA TYR RB 208 -14.87 -55.74 109.02
C TYR RB 208 -13.54 -55.69 109.75
N ASP RB 209 -13.50 -56.32 110.95
CA ASP RB 209 -12.30 -56.30 111.76
C ASP RB 209 -11.20 -57.17 111.13
N ILE RB 210 -11.62 -58.31 110.57
CA ILE RB 210 -10.70 -59.19 109.87
C ILE RB 210 -10.10 -58.48 108.66
N CYS RB 211 -10.98 -57.85 107.86
CA CYS RB 211 -10.59 -57.25 106.60
C CYS RB 211 -9.75 -56.00 106.83
N PHE RB 212 -9.75 -55.50 108.08
CA PHE RB 212 -9.01 -54.29 108.35
C PHE RB 212 -7.55 -54.57 108.68
N ARG RB 213 -7.33 -55.29 109.78
CA ARG RB 213 -5.96 -55.46 110.26
C ARG RB 213 -5.16 -56.49 109.45
N THR RB 214 -5.84 -57.54 108.99
CA THR RB 214 -5.13 -58.65 108.39
C THR RB 214 -4.91 -58.40 106.90
N LEU RB 215 -6.00 -58.25 106.14
CA LEU RB 215 -5.91 -58.13 104.70
C LEU RB 215 -5.49 -56.73 104.26
N LYS RB 216 -5.58 -55.74 105.16
CA LYS RB 216 -5.21 -54.36 104.89
C LYS RB 216 -5.99 -53.76 103.72
N LEU RB 217 -7.16 -54.31 103.40
CA LEU RB 217 -7.97 -53.71 102.36
C LEU RB 217 -8.59 -52.41 102.86
N THR RB 218 -8.48 -51.36 102.05
CA THR RB 218 -8.94 -50.03 102.45
C THR RB 218 -10.47 -49.97 102.39
N THR RB 219 -11.02 -50.46 101.28
CA THR RB 219 -12.43 -50.37 100.96
C THR RB 219 -13.01 -51.78 100.83
N PRO RB 220 -13.45 -52.40 101.94
CA PRO RB 220 -14.12 -53.70 101.85
C PRO RB 220 -15.59 -53.58 101.50
N THR RB 221 -15.95 -54.11 100.32
CA THR RB 221 -17.34 -54.20 99.89
C THR RB 221 -17.92 -55.52 100.38
N TYR RB 222 -19.15 -55.87 99.98
CA TYR RB 222 -19.60 -57.23 100.24
C TYR RB 222 -19.08 -58.18 99.18
N GLY RB 223 -18.32 -57.70 98.18
CA GLY RB 223 -17.64 -58.59 97.25
C GLY RB 223 -16.58 -59.45 97.94
N ASP RB 224 -15.81 -58.83 98.82
CA ASP RB 224 -14.71 -59.53 99.47
C ASP RB 224 -15.16 -60.22 100.77
N LEU RB 225 -16.17 -59.66 101.45
CA LEU RB 225 -16.70 -60.31 102.64
C LEU RB 225 -17.35 -61.65 102.27
N ASN RB 226 -18.15 -61.65 101.21
CA ASN RB 226 -18.77 -62.87 100.71
C ASN RB 226 -17.70 -63.80 100.16
N HIS RB 227 -16.60 -63.27 99.59
CA HIS RB 227 -15.48 -64.08 99.10
C HIS RB 227 -14.78 -64.74 100.27
N LEU RB 228 -14.69 -64.02 101.41
CA LEU RB 228 -13.95 -64.53 102.54
C LEU RB 228 -14.78 -65.61 103.25
N VAL RB 229 -16.08 -65.33 103.43
CA VAL RB 229 -16.97 -66.25 104.12
C VAL RB 229 -17.12 -67.52 103.27
N SER RB 230 -17.13 -67.37 101.94
CA SER RB 230 -17.22 -68.50 101.04
C SER RB 230 -15.96 -69.36 101.09
N ALA RB 231 -14.81 -68.77 101.41
CA ALA RB 231 -13.57 -69.53 101.56
C ALA RB 231 -13.70 -70.47 102.76
N ALA RB 232 -14.39 -70.03 103.81
CA ALA RB 232 -14.65 -70.87 104.97
C ALA RB 232 -15.68 -71.95 104.62
N MET RB 233 -16.59 -71.67 103.69
CA MET RB 233 -17.66 -72.60 103.34
C MET RB 233 -17.07 -73.79 102.58
N SER RB 234 -16.15 -73.53 101.65
CA SER RB 234 -15.54 -74.60 100.86
C SER RB 234 -14.62 -75.48 101.71
N GLY RB 235 -14.00 -74.88 102.73
CA GLY RB 235 -13.11 -75.60 103.63
C GLY RB 235 -13.84 -76.65 104.47
N VAL RB 236 -15.12 -76.42 104.75
CA VAL RB 236 -15.89 -77.34 105.56
C VAL RB 236 -16.16 -78.62 104.75
N THR RB 237 -16.51 -78.47 103.47
CA THR RB 237 -16.98 -79.59 102.67
C THR RB 237 -15.93 -80.03 101.63
N CYS RB 238 -14.65 -79.74 101.88
CA CYS RB 238 -13.62 -80.13 100.93
C CYS RB 238 -13.41 -81.65 100.89
N CYS RB 239 -13.49 -82.29 102.06
CA CYS RB 239 -13.19 -83.72 102.21
C CYS RB 239 -14.24 -84.55 101.47
N LEU RB 240 -15.44 -84.00 101.29
CA LEU RB 240 -16.50 -84.67 100.54
C LEU RB 240 -16.15 -84.66 99.06
N ARG RB 241 -15.39 -83.66 98.60
CA ARG RB 241 -15.20 -83.46 97.17
C ARG RB 241 -13.84 -83.98 96.72
N PHE RB 242 -12.85 -84.00 97.61
CA PHE RB 242 -11.50 -84.37 97.23
C PHE RB 242 -11.00 -85.49 98.12
N PRO RB 243 -10.13 -86.35 97.57
CA PRO RB 243 -9.44 -87.37 98.38
C PRO RB 243 -8.49 -86.72 99.40
N GLY RB 244 -8.35 -87.38 100.56
CA GLY RB 244 -7.50 -86.87 101.62
C GLY RB 244 -7.08 -87.99 102.56
N GLN RB 245 -6.03 -87.73 103.34
CA GLN RB 245 -5.46 -88.68 104.27
C GLN RB 245 -6.43 -88.99 105.41
N LEU RB 246 -7.10 -87.95 105.91
CA LEU RB 246 -8.17 -88.13 106.90
C LEU RB 246 -9.41 -87.39 106.41
N ASN RB 247 -10.40 -88.17 105.94
CA ASN RB 247 -11.65 -87.63 105.45
C ASN RB 247 -12.58 -87.28 106.60
N SER RB 248 -13.43 -86.29 106.33
CA SER RB 248 -14.31 -85.72 107.34
C SER RB 248 -15.49 -85.07 106.64
N ASP RB 249 -16.65 -85.73 106.70
CA ASP RB 249 -17.86 -85.17 106.13
C ASP RB 249 -18.57 -84.30 107.17
N LEU RB 250 -19.84 -83.94 106.89
CA LEU RB 250 -20.59 -83.07 107.79
C LEU RB 250 -20.96 -83.84 109.06
N ARG RB 251 -21.38 -85.08 108.86
CA ARG RB 251 -21.83 -85.97 109.92
C ARG RB 251 -20.64 -86.35 110.81
N LYS RB 252 -19.44 -86.38 110.21
CA LYS RB 252 -18.19 -86.55 110.94
C LYS RB 252 -18.08 -85.46 112.01
N LEU RB 253 -18.34 -84.21 111.61
CA LEU RB 253 -18.12 -83.02 112.45
C LEU RB 253 -19.22 -82.88 113.49
N ALA RB 254 -20.46 -83.27 113.12
CA ALA RB 254 -21.62 -83.03 113.97
C ALA RB 254 -21.56 -83.84 115.26
N VAL RB 255 -21.17 -85.12 115.15
CA VAL RB 255 -21.08 -85.98 116.31
C VAL RB 255 -19.85 -85.61 117.13
N ASN RB 256 -18.95 -84.81 116.51
CA ASN RB 256 -17.62 -84.56 117.00
C ASN RB 256 -17.62 -83.29 117.85
N LEU RB 257 -18.43 -82.29 117.50
CA LEU RB 257 -18.41 -81.00 118.15
C LEU RB 257 -19.64 -80.74 119.03
N ILE RB 258 -20.59 -81.69 119.13
CA ILE RB 258 -21.86 -81.46 119.83
C ILE RB 258 -21.96 -82.36 121.05
N PRO RB 259 -21.61 -81.85 122.26
CA PRO RB 259 -21.80 -82.60 123.50
C PRO RB 259 -23.27 -82.86 123.79
N PHE RB 260 -24.04 -81.77 123.82
CA PHE RB 260 -25.45 -81.84 124.17
C PHE RB 260 -26.27 -81.24 123.04
N PRO RB 261 -27.53 -81.71 122.87
CA PRO RB 261 -28.30 -81.48 121.65
C PRO RB 261 -28.54 -80.01 121.37
N ARG RB 262 -28.88 -79.29 122.44
CA ARG RB 262 -29.41 -77.95 122.29
C ARG RB 262 -28.29 -76.95 122.03
N LEU RB 263 -27.07 -77.29 122.46
CA LEU RB 263 -25.93 -76.42 122.23
C LEU RB 263 -25.19 -76.87 120.96
N HIS RB 264 -25.50 -76.22 119.85
CA HIS RB 264 -24.90 -76.55 118.56
C HIS RB 264 -24.63 -75.28 117.77
N PHE RB 265 -24.04 -74.29 118.47
CA PHE RB 265 -23.67 -73.05 117.80
C PHE RB 265 -22.16 -72.96 117.70
N PHE RB 266 -21.66 -72.52 116.54
CA PHE RB 266 -20.25 -72.61 116.26
C PHE RB 266 -19.62 -71.23 116.11
N LEU RB 267 -18.31 -71.26 115.88
CA LEU RB 267 -17.48 -70.08 115.76
C LEU RB 267 -16.44 -70.41 114.69
N ILE RB 268 -16.54 -69.73 113.55
CA ILE RB 268 -15.81 -70.11 112.35
C ILE RB 268 -14.58 -69.22 112.20
N GLY RB 269 -13.49 -69.83 111.72
CA GLY RB 269 -12.23 -69.14 111.45
C GLY RB 269 -11.61 -69.71 110.17
N PHE RB 270 -10.82 -68.87 109.50
CA PHE RB 270 -10.07 -69.30 108.34
C PHE RB 270 -8.64 -68.80 108.45
N ALA RB 271 -7.72 -69.55 107.84
CA ALA RB 271 -6.31 -69.22 107.82
C ALA RB 271 -5.69 -69.84 106.57
N PRO RB 272 -4.68 -69.23 105.92
CA PRO RB 272 -4.09 -67.96 106.35
C PRO RB 272 -4.79 -66.74 105.74
N LEU RB 273 -4.57 -65.58 106.37
CA LEU RB 273 -5.10 -64.31 105.87
C LEU RB 273 -4.02 -63.25 105.97
N THR RB 274 -3.33 -63.04 104.85
CA THR RB 274 -2.27 -62.05 104.79
C THR RB 274 -2.49 -61.14 103.59
N SER RB 275 -1.98 -59.93 103.69
CA SER RB 275 -2.07 -58.93 102.64
C SER RB 275 -1.17 -59.35 101.48
N ARG RB 276 -1.37 -58.69 100.33
CA ARG RB 276 -0.53 -58.93 99.16
C ARG RB 276 0.90 -58.48 99.43
N GLY RB 277 1.07 -57.35 100.15
CA GLY RB 277 2.39 -56.82 100.52
C GLY RB 277 3.20 -57.80 101.37
N SER RB 278 2.56 -58.31 102.44
CA SER RB 278 3.21 -59.21 103.39
C SER RB 278 2.99 -60.67 103.03
N GLN RB 279 2.78 -60.96 101.74
CA GLN RB 279 2.51 -62.33 101.28
C GLN RB 279 3.72 -63.24 101.47
N GLN RB 280 4.92 -62.75 101.12
CA GLN RB 280 6.12 -63.57 101.00
C GLN RB 280 7.09 -63.35 102.17
N TYR RB 281 6.64 -62.70 103.25
CA TYR RB 281 7.50 -62.42 104.40
C TYR RB 281 7.17 -63.31 105.60
N ARG RB 282 6.26 -64.26 105.39
CA ARG RB 282 5.90 -65.26 106.37
C ARG RB 282 6.33 -66.63 105.83
N ALA RB 283 6.40 -67.59 106.75
CA ALA RB 283 6.78 -68.96 106.45
C ALA RB 283 5.52 -69.83 106.56
N LEU RB 284 4.90 -70.11 105.41
CA LEU RB 284 3.62 -70.80 105.39
C LEU RB 284 3.76 -72.28 105.75
N SER RB 285 3.82 -72.56 107.04
CA SER RB 285 3.98 -73.90 107.59
C SER RB 285 3.08 -74.05 108.80
N VAL RB 286 2.90 -75.31 109.21
CA VAL RB 286 1.90 -75.77 110.15
C VAL RB 286 2.13 -75.23 111.58
N PRO RB 287 3.34 -74.81 112.01
CA PRO RB 287 3.41 -73.99 113.23
C PRO RB 287 2.73 -72.63 113.09
N GLU RB 288 2.88 -72.02 111.92
CA GLU RB 288 2.44 -70.64 111.75
C GLU RB 288 0.93 -70.62 111.50
N LEU RB 289 0.39 -71.69 110.88
CA LEU RB 289 -1.05 -71.80 110.62
C LEU RB 289 -1.81 -71.84 111.94
N THR RB 290 -1.32 -72.62 112.90
CA THR RB 290 -2.06 -72.87 114.13
C THR RB 290 -2.00 -71.65 115.05
N GLN RB 291 -0.90 -70.91 115.03
CA GLN RB 291 -0.82 -69.69 115.80
C GLN RB 291 -1.82 -68.64 115.27
N GLN RB 292 -1.97 -68.57 113.94
CA GLN RB 292 -2.91 -67.63 113.34
C GLN RB 292 -4.35 -68.10 113.53
N MET RB 293 -4.56 -69.43 113.48
CA MET RB 293 -5.91 -69.97 113.47
C MET RB 293 -6.54 -69.92 114.87
N PHE RB 294 -5.74 -70.17 115.92
CA PHE RB 294 -6.18 -69.85 117.28
C PHE RB 294 -5.79 -68.41 117.62
N ASP RB 295 -6.72 -67.50 117.37
CA ASP RB 295 -6.53 -66.12 117.74
C ASP RB 295 -7.91 -65.50 117.94
N ALA RB 296 -7.97 -64.54 118.86
CA ALA RB 296 -9.15 -63.71 119.01
C ALA RB 296 -9.33 -62.80 117.78
N LYS RB 297 -8.23 -62.46 117.09
CA LYS RB 297 -8.29 -61.61 115.91
C LYS RB 297 -8.42 -62.37 114.59
N ASN RB 298 -9.06 -63.56 114.62
CA ASN RB 298 -9.21 -64.36 113.42
C ASN RB 298 -10.63 -64.91 113.26
N MET RB 299 -11.43 -64.88 114.33
CA MET RB 299 -12.74 -65.52 114.28
C MET RB 299 -13.72 -64.71 113.43
N MET RB 300 -14.62 -65.40 112.73
CA MET RB 300 -15.60 -64.80 111.85
C MET RB 300 -16.84 -64.35 112.63
N CYS RB 301 -16.82 -64.55 113.96
CA CYS RB 301 -17.94 -64.23 114.82
C CYS RB 301 -17.38 -63.48 116.03
N ALA RB 302 -17.72 -62.20 116.19
CA ALA RB 302 -17.05 -61.28 117.10
C ALA RB 302 -17.47 -61.48 118.56
N SER RB 303 -17.57 -62.75 118.99
CA SER RB 303 -17.58 -63.07 120.40
C SER RB 303 -16.14 -63.35 120.82
N ASP RB 304 -15.75 -62.75 121.94
CA ASP RB 304 -14.39 -62.90 122.45
C ASP RB 304 -14.18 -64.34 122.91
N PRO RB 305 -13.24 -65.10 122.30
CA PRO RB 305 -13.07 -66.50 122.67
C PRO RB 305 -12.30 -66.79 123.96
N ARG RB 306 -11.49 -65.85 124.45
CA ARG RB 306 -10.74 -66.09 125.69
C ARG RB 306 -11.49 -65.56 126.92
N HIS RB 307 -12.73 -65.11 126.73
CA HIS RB 307 -13.65 -64.83 127.85
C HIS RB 307 -14.44 -66.08 128.27
N GLY RB 308 -14.34 -67.11 127.43
CA GLY RB 308 -14.99 -68.38 127.70
C GLY RB 308 -13.98 -69.51 127.73
N ARG RB 309 -14.52 -70.73 127.63
CA ARG RB 309 -13.73 -71.92 127.48
C ARG RB 309 -14.18 -72.65 126.23
N TYR RB 310 -13.20 -73.19 125.50
CA TYR RB 310 -13.52 -74.00 124.34
C TYR RB 310 -14.00 -75.36 124.79
N LEU RB 311 -15.28 -75.65 124.51
CA LEU RB 311 -15.86 -76.93 124.88
C LEU RB 311 -15.26 -78.01 123.97
N THR RB 312 -15.57 -77.92 122.68
CA THR RB 312 -15.02 -78.79 121.66
C THR RB 312 -14.67 -77.93 120.46
N ALA RB 313 -13.71 -78.40 119.65
CA ALA RB 313 -13.30 -77.65 118.47
C ALA RB 313 -12.75 -78.62 117.43
N SER RB 314 -12.63 -78.14 116.19
CA SER RB 314 -12.15 -78.93 115.09
C SER RB 314 -11.33 -78.05 114.15
N ALA RB 315 -10.22 -78.61 113.64
CA ALA RB 315 -9.38 -77.94 112.67
C ALA RB 315 -9.22 -78.84 111.45
N MET RB 316 -9.83 -78.43 110.33
CA MET RB 316 -9.80 -79.21 109.10
C MET RB 316 -8.76 -78.61 108.17
N PHE RB 317 -7.59 -79.23 108.16
CA PHE RB 317 -6.45 -78.73 107.41
C PHE RB 317 -6.60 -79.10 105.94
N ARG RB 318 -5.95 -78.30 105.08
CA ARG RB 318 -6.03 -78.53 103.65
C ARG RB 318 -4.64 -78.41 103.04
N GLY RB 319 -4.44 -79.15 101.94
CA GLY RB 319 -3.25 -78.99 101.12
C GLY RB 319 -2.41 -80.26 101.12
N ARG RB 320 -1.48 -80.29 100.16
CA ARG RB 320 -0.37 -81.22 100.23
C ARG RB 320 0.45 -80.90 101.47
N MET RB 321 0.33 -81.80 102.44
CA MET RB 321 0.87 -81.64 103.77
C MET RB 321 0.87 -83.03 104.39
N SER RB 322 0.88 -83.07 105.73
CA SER RB 322 1.54 -84.15 106.43
C SER RB 322 1.13 -84.19 107.90
N THR RB 323 1.02 -85.39 108.49
CA THR RB 323 0.08 -85.62 109.59
C THR RB 323 0.68 -85.74 111.00
N LYS RB 324 1.92 -85.28 111.25
CA LYS RB 324 2.43 -85.40 112.62
C LYS RB 324 2.62 -84.05 113.29
N GLU RB 325 3.12 -83.05 112.54
CA GLU RB 325 3.26 -81.70 113.07
C GLU RB 325 1.89 -81.04 113.24
N VAL RB 326 0.97 -81.33 112.31
CA VAL RB 326 -0.42 -80.94 112.50
C VAL RB 326 -0.97 -81.69 113.71
N ASP RB 327 -0.47 -82.89 113.95
CA ASP RB 327 -0.93 -83.69 115.07
C ASP RB 327 -0.30 -83.19 116.37
N GLU RB 328 0.99 -82.86 116.31
CA GLU RB 328 1.70 -82.40 117.50
C GLU RB 328 1.27 -80.99 117.87
N GLN RB 329 0.95 -80.14 116.88
CA GLN RB 329 0.50 -78.77 117.14
C GLN RB 329 -0.85 -78.76 117.86
N MET RB 330 -1.73 -79.72 117.55
CA MET RB 330 -2.98 -79.88 118.28
C MET RB 330 -2.70 -80.19 119.76
N LEU RB 331 -1.73 -81.08 120.03
CA LEU RB 331 -1.33 -81.41 121.39
C LEU RB 331 -0.64 -80.21 122.04
N ASN RB 332 0.11 -79.43 121.23
CA ASN RB 332 0.92 -78.34 121.75
C ASN RB 332 0.02 -77.18 122.19
N VAL RB 333 -0.96 -76.83 121.36
CA VAL RB 333 -1.86 -75.72 121.62
C VAL RB 333 -2.79 -76.10 122.77
N GLN RB 334 -3.04 -77.40 122.97
CA GLN RB 334 -3.91 -77.83 124.04
C GLN RB 334 -3.18 -77.85 125.38
N ASN RB 335 -1.88 -78.15 125.34
CA ASN RB 335 -1.10 -78.23 126.56
C ASN RB 335 -0.82 -76.83 127.12
N LYS RB 336 -0.49 -75.89 126.23
CA LYS RB 336 -0.10 -74.54 126.64
C LYS RB 336 -1.32 -73.76 127.11
N ASN RB 337 -2.42 -73.85 126.33
CA ASN RB 337 -3.60 -73.05 126.56
C ASN RB 337 -4.62 -73.89 127.34
N SER RB 338 -4.16 -74.38 128.50
CA SER RB 338 -4.95 -75.23 129.37
C SER RB 338 -6.15 -74.48 129.96
N SER RB 339 -5.95 -73.20 130.31
CA SER RB 339 -7.01 -72.40 130.92
C SER RB 339 -8.05 -71.97 129.88
N TYR RB 340 -7.67 -71.98 128.60
CA TYR RB 340 -8.54 -71.56 127.51
C TYR RB 340 -9.56 -72.64 127.15
N PHE RB 341 -9.26 -73.88 127.57
CA PHE RB 341 -10.08 -75.02 127.21
C PHE RB 341 -10.86 -75.51 128.43
N VAL RB 342 -11.68 -76.51 128.18
CA VAL RB 342 -12.48 -77.10 129.23
C VAL RB 342 -11.69 -78.27 129.82
N GLU RB 343 -11.98 -78.61 131.08
CA GLU RB 343 -11.09 -79.49 131.82
C GLU RB 343 -11.58 -80.93 131.78
N TRP RB 344 -12.88 -81.09 132.03
CA TRP RB 344 -13.49 -82.40 132.12
C TRP RB 344 -13.53 -83.13 130.78
N ILE RB 345 -13.41 -82.40 129.65
CA ILE RB 345 -13.23 -83.05 128.35
C ILE RB 345 -11.75 -83.00 127.98
N PRO RB 346 -10.98 -84.10 128.00
CA PRO RB 346 -9.64 -84.05 127.38
C PRO RB 346 -9.72 -84.10 125.86
N ASN RB 347 -8.55 -84.03 125.22
CA ASN RB 347 -8.37 -84.19 123.78
C ASN RB 347 -9.44 -83.52 122.91
N ASN RB 348 -9.68 -82.24 123.15
CA ASN RB 348 -10.77 -81.50 122.54
C ASN RB 348 -10.63 -81.39 121.02
N MET RB 349 -9.38 -81.34 120.53
CA MET RB 349 -9.16 -80.95 119.14
C MET RB 349 -9.43 -82.11 118.17
N LYS RB 350 -9.66 -81.73 116.91
CA LYS RB 350 -9.78 -82.66 115.80
C LYS RB 350 -8.83 -82.27 114.67
N SER RB 351 -8.34 -83.29 113.95
CA SER RB 351 -7.51 -83.08 112.78
C SER RB 351 -8.14 -83.80 111.59
N SER RB 352 -8.22 -83.11 110.44
CA SER RB 352 -8.77 -83.68 109.22
C SER RB 352 -7.98 -83.16 108.02
N VAL RB 353 -7.16 -84.04 107.44
CA VAL RB 353 -6.29 -83.64 106.36
C VAL RB 353 -7.03 -83.77 105.04
N CYS RB 354 -7.06 -82.68 104.28
CA CYS RB 354 -7.79 -82.58 103.03
C CYS RB 354 -6.77 -82.24 101.95
N ASP RB 355 -6.41 -83.23 101.13
CA ASP RB 355 -5.11 -83.23 100.46
C ASP RB 355 -5.01 -82.15 99.37
N ILE RB 356 -6.15 -81.64 98.93
CA ILE RB 356 -6.16 -80.65 97.87
C ILE RB 356 -6.28 -79.27 98.49
N PRO RB 357 -5.28 -78.37 98.31
CA PRO RB 357 -5.34 -77.05 98.92
C PRO RB 357 -6.37 -76.17 98.22
N PRO RB 358 -6.88 -75.10 98.87
CA PRO RB 358 -7.75 -74.15 98.20
C PRO RB 358 -6.96 -73.44 97.12
N LYS RB 359 -7.68 -73.03 96.07
CA LYS RB 359 -7.01 -72.76 94.82
C LYS RB 359 -6.20 -71.48 94.92
N GLY RB 360 -4.92 -71.54 94.51
CA GLY RB 360 -4.06 -70.38 94.55
C GLY RB 360 -3.29 -70.19 95.85
N LEU RB 361 -3.57 -71.03 96.86
CA LEU RB 361 -2.80 -71.05 98.11
C LEU RB 361 -2.05 -72.37 98.16
N LYS RB 362 -1.36 -72.73 99.26
CA LYS RB 362 -0.57 -73.96 99.25
C LYS RB 362 -0.89 -74.88 100.44
N MET RB 363 -1.43 -74.28 101.51
CA MET RB 363 -1.65 -74.95 102.78
C MET RB 363 -2.55 -74.05 103.63
N SER RB 364 -3.68 -74.60 104.10
CA SER RB 364 -4.70 -73.81 104.76
C SER RB 364 -5.34 -74.62 105.88
N VAL RB 365 -6.24 -73.98 106.62
CA VAL RB 365 -7.02 -74.61 107.66
C VAL RB 365 -8.29 -73.79 107.87
N THR RB 366 -9.41 -74.49 108.04
CA THR RB 366 -10.62 -73.89 108.54
C THR RB 366 -10.81 -74.37 109.97
N PHE RB 367 -11.48 -73.54 110.77
CA PHE RB 367 -11.61 -73.81 112.18
C PHE RB 367 -13.07 -73.66 112.58
N VAL RB 368 -13.65 -74.76 113.07
CA VAL RB 368 -15.02 -74.75 113.52
C VAL RB 368 -15.00 -75.12 115.00
N GLY RB 369 -15.37 -74.16 115.86
CA GLY RB 369 -15.21 -74.37 117.29
C GLY RB 369 -16.49 -74.15 118.07
N ASN RB 370 -16.90 -75.16 118.84
CA ASN RB 370 -18.04 -75.06 119.72
C ASN RB 370 -17.57 -74.45 121.04
N SER RB 371 -17.74 -73.13 121.18
CA SER RB 371 -17.23 -72.43 122.34
C SER RB 371 -18.37 -72.00 123.26
N THR RB 372 -18.12 -71.96 124.57
CA THR RB 372 -19.09 -71.40 125.50
C THR RB 372 -18.95 -69.88 125.57
N ALA RB 373 -18.00 -69.30 124.84
CA ALA RB 373 -17.79 -67.85 124.83
C ALA RB 373 -18.84 -67.09 124.02
N ILE RB 374 -19.69 -67.84 123.30
CA ILE RB 374 -20.70 -67.24 122.44
C ILE RB 374 -22.00 -67.04 123.24
N GLN RB 375 -21.91 -67.22 124.56
CA GLN RB 375 -23.04 -66.94 125.45
C GLN RB 375 -23.21 -65.44 125.66
N GLU RB 376 -22.16 -64.67 125.34
CA GLU RB 376 -22.21 -63.21 125.41
C GLU RB 376 -23.23 -62.66 124.38
N MET RB 377 -23.26 -63.29 123.19
CA MET RB 377 -24.13 -62.82 122.12
C MET RB 377 -25.60 -63.18 122.40
N PHE RB 378 -25.85 -64.34 123.01
CA PHE RB 378 -27.23 -64.69 123.30
C PHE RB 378 -27.79 -63.85 124.44
N LYS RB 379 -26.95 -63.44 125.39
CA LYS RB 379 -27.41 -62.53 126.42
C LYS RB 379 -27.76 -61.18 125.82
N ARG RB 380 -26.84 -60.64 124.99
CA ARG RB 380 -26.93 -59.29 124.47
C ARG RB 380 -28.14 -59.14 123.55
N VAL RB 381 -28.45 -60.19 122.77
CA VAL RB 381 -29.66 -60.22 121.96
C VAL RB 381 -30.88 -60.28 122.90
N SER RB 382 -30.79 -61.13 123.93
CA SER RB 382 -31.89 -61.28 124.88
C SER RB 382 -32.05 -60.04 125.76
N ASP RB 383 -30.92 -59.34 126.02
CA ASP RB 383 -30.96 -58.11 126.79
C ASP RB 383 -31.76 -57.05 126.02
N GLN RB 384 -31.54 -57.00 124.70
CA GLN RB 384 -32.28 -56.10 123.84
C GLN RB 384 -33.75 -56.55 123.72
N PHE RB 385 -33.98 -57.86 123.76
CA PHE RB 385 -35.33 -58.39 123.60
C PHE RB 385 -36.24 -58.03 124.78
N THR RB 386 -35.69 -58.06 126.00
CA THR RB 386 -36.49 -57.84 127.19
C THR RB 386 -37.02 -56.40 127.24
N ALA RB 387 -36.14 -55.46 126.86
CA ALA RB 387 -36.46 -54.04 126.96
C ALA RB 387 -37.61 -53.67 126.01
N MET RB 388 -37.60 -54.22 124.80
CA MET RB 388 -38.65 -53.92 123.83
C MET RB 388 -39.93 -54.63 124.22
N PHE RB 389 -39.82 -55.86 124.74
CA PHE RB 389 -40.98 -56.69 124.97
C PHE RB 389 -41.78 -56.22 126.18
N ARG RB 390 -41.08 -55.82 127.24
CA ARG RB 390 -41.76 -55.38 128.45
C ARG RB 390 -42.55 -54.08 128.20
N ARG RB 391 -42.17 -53.34 127.15
CA ARG RB 391 -42.85 -52.10 126.78
C ARG RB 391 -43.80 -52.28 125.60
N LYS RB 392 -44.00 -53.54 125.16
CA LYS RB 392 -44.93 -53.90 124.10
C LYS RB 392 -44.67 -53.11 122.82
N ALA RB 393 -43.38 -52.86 122.55
CA ALA RB 393 -42.98 -52.03 121.43
C ALA RB 393 -42.90 -52.85 120.14
N PHE RB 394 -43.27 -52.22 119.01
CA PHE RB 394 -43.21 -52.82 117.68
C PHE RB 394 -43.99 -54.14 117.59
N LEU RB 395 -44.90 -54.39 118.53
CA LEU RB 395 -45.54 -55.70 118.59
C LEU RB 395 -46.79 -55.76 117.73
N HIS RB 396 -47.39 -54.59 117.45
CA HIS RB 396 -48.66 -54.57 116.76
C HIS RB 396 -48.53 -55.03 115.31
N TRP RB 397 -47.32 -54.95 114.74
CA TRP RB 397 -47.10 -55.54 113.43
C TRP RB 397 -47.06 -57.07 113.48
N TYR RB 398 -46.46 -57.63 114.53
CA TYR RB 398 -46.36 -59.09 114.64
C TYR RB 398 -47.71 -59.68 115.02
N THR RB 399 -48.37 -59.09 116.01
CA THR RB 399 -49.66 -59.60 116.45
C THR RB 399 -50.77 -59.24 115.47
N GLY RB 400 -50.52 -58.30 114.56
CA GLY RB 400 -51.49 -57.94 113.53
C GLY RB 400 -51.50 -58.99 112.40
N GLU RB 401 -50.38 -59.67 112.23
CA GLU RB 401 -50.22 -60.63 111.15
C GLU RB 401 -50.70 -62.03 111.56
N GLY RB 402 -50.92 -62.25 112.85
CA GLY RB 402 -51.45 -63.54 113.27
C GLY RB 402 -50.47 -64.32 114.12
N MET RB 403 -49.69 -63.59 114.94
CA MET RB 403 -48.81 -64.22 115.92
C MET RB 403 -49.33 -63.97 117.33
N ASP RB 404 -49.18 -65.00 118.15
CA ASP RB 404 -49.74 -65.03 119.48
C ASP RB 404 -48.90 -64.21 120.43
N GLU RB 405 -49.55 -63.76 121.52
CA GLU RB 405 -48.87 -63.12 122.63
C GLU RB 405 -47.93 -64.12 123.31
N MET RB 406 -48.41 -65.37 123.45
CA MET RB 406 -47.75 -66.44 124.17
C MET RB 406 -46.43 -66.85 123.50
N GLU RB 407 -46.34 -66.68 122.18
CA GLU RB 407 -45.21 -67.16 121.40
C GLU RB 407 -43.91 -66.45 121.79
N PHE RB 408 -44.01 -65.13 122.03
CA PHE RB 408 -42.85 -64.33 122.41
C PHE RB 408 -42.31 -64.74 123.79
N THR RB 409 -43.22 -65.02 124.74
CA THR RB 409 -42.83 -65.41 126.08
C THR RB 409 -42.16 -66.79 126.05
N GLU RB 410 -42.66 -67.66 125.18
CA GLU RB 410 -42.09 -69.00 125.01
C GLU RB 410 -40.67 -68.89 124.43
N ALA RB 411 -40.49 -67.98 123.46
CA ALA RB 411 -39.20 -67.80 122.81
C ALA RB 411 -38.15 -67.29 123.81
N GLU RB 412 -38.52 -66.31 124.63
CA GLU RB 412 -37.62 -65.71 125.60
C GLU RB 412 -37.27 -66.72 126.69
N SER RB 413 -38.26 -67.56 127.05
CA SER RB 413 -38.05 -68.62 128.02
C SER RB 413 -37.06 -69.67 127.49
N ASN RB 414 -37.09 -69.89 126.17
CA ASN RB 414 -36.24 -70.89 125.55
C ASN RB 414 -34.75 -70.48 125.57
N MET RB 415 -34.46 -69.25 125.14
CA MET RB 415 -33.07 -68.80 125.01
C MET RB 415 -32.45 -68.50 126.38
N ASN RB 416 -33.30 -68.13 127.35
CA ASN RB 416 -32.83 -67.93 128.72
C ASN RB 416 -32.30 -69.23 129.31
N ASP RB 417 -32.93 -70.35 128.94
CA ASP RB 417 -32.42 -71.66 129.30
C ASP RB 417 -31.14 -71.97 128.54
N LEU RB 418 -31.05 -71.49 127.29
CA LEU RB 418 -29.87 -71.75 126.45
C LEU RB 418 -28.63 -71.05 127.03
N VAL RB 419 -28.82 -69.82 127.54
CA VAL RB 419 -27.75 -69.06 128.17
C VAL RB 419 -27.31 -69.77 129.45
N SER RB 420 -28.30 -70.18 130.25
CA SER RB 420 -28.04 -70.77 131.56
C SER RB 420 -27.35 -72.11 131.38
N GLU RB 421 -27.68 -72.85 130.31
CA GLU RB 421 -27.01 -74.11 130.04
C GLU RB 421 -25.54 -73.90 129.70
N TYR RB 422 -25.22 -72.88 128.88
CA TYR RB 422 -23.84 -72.57 128.53
C TYR RB 422 -23.04 -72.08 129.75
N GLN RB 423 -23.74 -71.26 130.55
CA GLN RB 423 -23.14 -70.56 131.69
C GLN RB 423 -22.73 -71.55 132.78
N GLN RB 424 -23.50 -72.65 132.90
CA GLN RB 424 -23.34 -73.58 134.00
C GLN RB 424 -22.02 -74.33 133.85
N TYR RB 425 -21.55 -74.47 132.59
CA TYR RB 425 -20.35 -75.27 132.37
C TYR RB 425 -19.08 -74.45 132.25
N GLN RB 426 -19.12 -73.19 132.68
CA GLN RB 426 -17.87 -72.45 132.80
C GLN RB 426 -17.22 -72.70 134.18
N MET SB 1 -44.38 -55.46 87.76
CA MET SB 1 -43.06 -55.65 88.42
C MET SB 1 -43.12 -54.99 89.79
N ARG SB 2 -42.24 -54.02 90.07
CA ARG SB 2 -42.22 -53.33 91.35
C ARG SB 2 -42.64 -51.87 91.15
N GLU SB 3 -43.94 -51.63 91.08
CA GLU SB 3 -44.45 -50.31 90.73
C GLU SB 3 -45.00 -49.58 91.95
N VAL SB 4 -44.80 -48.26 92.00
CA VAL SB 4 -45.46 -47.41 92.97
C VAL SB 4 -46.25 -46.33 92.22
N ILE SB 5 -47.28 -45.79 92.88
CA ILE SB 5 -48.15 -44.79 92.28
C ILE SB 5 -48.01 -43.51 93.07
N SER SB 6 -47.66 -42.44 92.37
CA SER SB 6 -47.49 -41.12 92.98
C SER SB 6 -48.74 -40.29 92.74
N ILE SB 7 -49.33 -39.81 93.84
CA ILE SB 7 -50.54 -39.02 93.77
C ILE SB 7 -50.21 -37.60 94.18
N HIS SB 8 -50.56 -36.65 93.33
CA HIS SB 8 -50.31 -35.25 93.59
C HIS SB 8 -51.64 -34.52 93.75
N VAL SB 9 -51.84 -33.93 94.94
CA VAL SB 9 -53.06 -33.22 95.26
C VAL SB 9 -52.68 -31.83 95.74
N GLY SB 10 -53.33 -30.82 95.16
CA GLY SB 10 -53.10 -29.45 95.57
C GLY SB 10 -51.92 -28.81 94.84
N GLN SB 11 -51.82 -27.51 95.08
CA GLN SB 11 -50.83 -26.62 94.50
C GLN SB 11 -49.41 -27.16 94.75
N ALA SB 12 -49.14 -27.42 96.04
CA ALA SB 12 -47.83 -27.88 96.46
C ALA SB 12 -47.62 -29.28 95.91
N GLY SB 13 -48.73 -30.04 95.78
CA GLY SB 13 -48.65 -31.39 95.23
C GLY SB 13 -48.22 -31.36 93.76
N ILE SB 14 -48.83 -30.46 93.00
CA ILE SB 14 -48.57 -30.37 91.57
C ILE SB 14 -47.14 -29.86 91.34
N GLN SB 15 -46.78 -28.80 92.07
CA GLN SB 15 -45.51 -28.13 91.81
C GLN SB 15 -44.30 -28.95 92.27
N ILE SB 16 -44.49 -29.74 93.35
CA ILE SB 16 -43.47 -30.69 93.74
C ILE SB 16 -43.40 -31.80 92.67
N GLY SB 17 -44.59 -32.18 92.16
CA GLY SB 17 -44.69 -33.22 91.15
C GLY SB 17 -43.96 -32.88 89.85
N ASN SB 18 -43.88 -31.58 89.55
CA ASN SB 18 -43.17 -31.15 88.36
C ASN SB 18 -41.67 -31.45 88.47
N ALA SB 19 -41.13 -31.24 89.68
CA ALA SB 19 -39.69 -31.39 89.89
C ALA SB 19 -39.30 -32.86 89.85
N CYS SB 20 -40.13 -33.71 90.48
CA CYS SB 20 -39.79 -35.11 90.58
C CYS SB 20 -39.94 -35.80 89.22
N TRP SB 21 -40.96 -35.40 88.45
CA TRP SB 21 -41.15 -35.99 87.15
C TRP SB 21 -40.26 -35.38 86.07
N GLU SB 22 -39.51 -34.32 86.42
CA GLU SB 22 -38.43 -33.90 85.55
C GLU SB 22 -37.19 -34.77 85.82
N LEU SB 23 -36.92 -35.05 87.10
CA LEU SB 23 -35.68 -35.71 87.48
C LEU SB 23 -35.69 -37.19 87.10
N PHE SB 24 -36.85 -37.84 87.29
CA PHE SB 24 -36.96 -39.25 86.96
C PHE SB 24 -36.88 -39.49 85.46
N CYS SB 25 -37.36 -38.53 84.67
CA CYS SB 25 -37.25 -38.63 83.22
C CYS SB 25 -35.78 -38.58 82.80
N LEU SB 26 -35.04 -37.64 83.41
CA LEU SB 26 -33.65 -37.47 83.03
C LEU SB 26 -32.80 -38.63 83.50
N GLU SB 27 -33.13 -39.18 84.67
CA GLU SB 27 -32.30 -40.20 85.28
C GLU SB 27 -32.38 -41.49 84.47
N HIS SB 28 -33.58 -41.88 84.06
CA HIS SB 28 -33.75 -43.05 83.21
C HIS SB 28 -33.51 -42.76 81.73
N GLY SB 29 -33.18 -41.50 81.41
CA GLY SB 29 -32.83 -41.14 80.04
C GLY SB 29 -34.00 -41.30 79.05
N ILE SB 30 -35.19 -40.94 79.52
CA ILE SB 30 -36.34 -40.89 78.64
C ILE SB 30 -36.57 -39.41 78.33
N GLN SB 31 -37.17 -39.13 77.17
CA GLN SB 31 -37.24 -37.77 76.65
C GLN SB 31 -38.52 -37.09 77.12
N PRO SB 32 -38.72 -35.76 76.97
CA PRO SB 32 -40.07 -35.18 77.05
C PRO SB 32 -41.13 -35.82 76.14
N ASP SB 33 -40.73 -36.44 75.02
CA ASP SB 33 -41.64 -37.21 74.17
C ASP SB 33 -42.13 -38.47 74.88
N GLY SB 34 -41.22 -39.18 75.56
CA GLY SB 34 -41.57 -40.38 76.30
C GLY SB 34 -40.90 -41.68 75.85
N GLN SB 35 -39.98 -41.64 74.89
CA GLN SB 35 -39.29 -42.81 74.37
C GLN SB 35 -37.80 -42.63 74.63
N MET SB 36 -37.14 -43.74 74.99
CA MET SB 36 -35.70 -43.73 75.16
C MET SB 36 -35.07 -44.38 73.92
N PRO SB 37 -33.89 -43.88 73.49
CA PRO SB 37 -33.18 -44.45 72.36
C PRO SB 37 -31.96 -45.31 72.75
N ASP SB 47 -34.83 -52.39 82.29
CA ASP SB 47 -36.18 -52.59 82.91
C ASP SB 47 -36.23 -51.92 84.28
N ALA SB 48 -35.20 -51.12 84.56
CA ALA SB 48 -35.05 -50.42 85.83
C ALA SB 48 -36.06 -49.27 85.94
N PHE SB 49 -36.64 -48.83 84.81
CA PHE SB 49 -37.54 -47.68 84.78
C PHE SB 49 -38.99 -48.08 85.05
N ASN SB 50 -39.23 -49.37 85.31
CA ASN SB 50 -40.58 -49.88 85.46
C ASN SB 50 -41.26 -49.32 86.70
N THR SB 51 -40.44 -48.98 87.70
CA THR SB 51 -40.92 -48.56 89.01
C THR SB 51 -41.69 -47.24 88.91
N PHE SB 52 -41.40 -46.45 87.88
CA PHE SB 52 -42.00 -45.13 87.74
C PHE SB 52 -42.74 -44.95 86.40
N PHE SB 53 -42.46 -45.83 85.43
CA PHE SB 53 -43.01 -45.66 84.09
C PHE SB 53 -43.64 -46.96 83.58
N SER SB 54 -44.67 -46.81 82.74
CA SER SB 54 -45.33 -47.94 82.10
C SER SB 54 -44.71 -48.23 80.74
N GLU SB 55 -45.31 -49.11 79.94
CA GLU SB 55 -44.79 -49.44 78.61
C GLU SB 55 -45.97 -49.39 77.63
N THR SB 56 -45.77 -48.75 76.47
CA THR SB 56 -46.92 -48.55 75.58
C THR SB 56 -46.45 -48.62 74.12
N GLY SB 57 -46.48 -49.82 73.55
CA GLY SB 57 -46.37 -50.02 72.11
C GLY SB 57 -44.98 -49.67 71.56
N ALA SB 58 -44.88 -48.52 70.88
CA ALA SB 58 -43.63 -48.12 70.23
C ALA SB 58 -42.67 -47.42 71.21
N GLY SB 59 -42.32 -48.11 72.30
CA GLY SB 59 -41.28 -47.70 73.22
C GLY SB 59 -41.58 -46.47 74.10
N LYS SB 60 -42.84 -46.01 74.13
CA LYS SB 60 -43.20 -44.89 75.00
C LYS SB 60 -43.42 -45.41 76.43
N HIS SB 61 -42.82 -44.69 77.37
CA HIS SB 61 -43.02 -44.92 78.79
C HIS SB 61 -43.79 -43.75 79.38
N VAL SB 62 -44.97 -44.02 79.92
CA VAL SB 62 -45.83 -42.98 80.48
C VAL SB 62 -45.73 -43.03 82.01
N PRO SB 63 -45.82 -41.88 82.73
CA PRO SB 63 -45.67 -41.90 84.18
C PRO SB 63 -46.88 -42.49 84.89
N ARG SB 64 -46.63 -43.09 86.06
CA ARG SB 64 -47.67 -43.67 86.90
C ARG SB 64 -48.12 -42.65 87.94
N CYS SB 65 -48.62 -41.50 87.45
CA CYS SB 65 -48.98 -40.42 88.36
C CYS SB 65 -50.37 -39.89 88.03
N VAL SB 66 -50.99 -39.30 89.04
CA VAL SB 66 -52.25 -38.61 88.86
C VAL SB 66 -52.11 -37.21 89.44
N PHE SB 67 -52.66 -36.26 88.70
CA PHE SB 67 -52.65 -34.87 89.11
C PHE SB 67 -54.07 -34.48 89.48
N LEU SB 68 -54.22 -34.06 90.74
CA LEU SB 68 -55.50 -33.57 91.21
C LEU SB 68 -55.32 -32.14 91.69
N ASP SB 69 -56.09 -31.23 91.11
CA ASP SB 69 -56.27 -29.91 91.68
C ASP SB 69 -57.64 -29.39 91.23
N LEU SB 70 -58.41 -28.85 92.18
CA LEU SB 70 -59.77 -28.38 91.90
C LEU SB 70 -59.73 -27.09 91.05
N GLU SB 71 -58.55 -26.47 90.93
CA GLU SB 71 -58.37 -25.19 90.29
C GLU SB 71 -57.63 -25.39 88.97
N PRO SB 72 -58.11 -24.83 87.84
CA PRO SB 72 -57.52 -25.16 86.55
C PRO SB 72 -56.15 -24.52 86.29
N THR SB 73 -55.82 -23.45 87.02
CA THR SB 73 -54.79 -22.52 86.58
C THR SB 73 -53.38 -23.13 86.63
N VAL SB 74 -53.23 -24.29 87.27
CA VAL SB 74 -51.93 -24.93 87.39
C VAL SB 74 -51.87 -26.21 86.57
N VAL SB 75 -52.92 -27.04 86.65
CA VAL SB 75 -52.96 -28.33 85.98
C VAL SB 75 -53.09 -28.11 84.48
N ASP SB 76 -53.94 -27.14 84.08
CA ASP SB 76 -54.15 -26.81 82.67
C ASP SB 76 -52.85 -26.32 82.04
N GLU SB 77 -52.08 -25.59 82.83
CA GLU SB 77 -50.93 -24.88 82.31
C GLU SB 77 -49.74 -25.83 82.20
N VAL SB 78 -49.80 -26.95 82.93
CA VAL SB 78 -48.86 -28.05 82.75
C VAL SB 78 -49.11 -28.75 81.41
N ARG SB 79 -50.40 -28.95 81.06
CA ARG SB 79 -50.79 -29.66 79.85
C ARG SB 79 -50.27 -28.92 78.62
N THR SB 80 -50.26 -27.59 78.73
CA THR SB 80 -49.88 -26.75 77.60
C THR SB 80 -48.37 -26.58 77.51
N GLY SB 81 -47.67 -26.81 78.65
CA GLY SB 81 -46.26 -26.55 78.80
C GLY SB 81 -45.36 -27.46 77.97
N THR SB 82 -44.11 -27.61 78.41
CA THR SB 82 -43.11 -28.37 77.70
C THR SB 82 -43.45 -29.86 77.70
N TYR SB 83 -43.85 -30.38 78.87
CA TYR SB 83 -44.16 -31.79 79.00
C TYR SB 83 -45.58 -32.13 78.52
N ARG SB 84 -45.79 -31.99 77.22
CA ARG SB 84 -47.11 -32.24 76.67
C ARG SB 84 -47.40 -33.73 76.54
N HIS SB 85 -46.52 -34.47 75.86
CA HIS SB 85 -46.87 -35.79 75.33
C HIS SB 85 -46.54 -36.91 76.33
N LEU SB 86 -45.84 -36.57 77.39
CA LEU SB 86 -45.42 -37.54 78.37
C LEU SB 86 -46.62 -38.01 79.21
N PHE SB 87 -47.40 -37.09 79.74
CA PHE SB 87 -48.47 -37.49 80.64
C PHE SB 87 -49.70 -37.81 79.82
N HIS SB 88 -50.46 -38.80 80.30
CA HIS SB 88 -51.75 -39.08 79.74
C HIS SB 88 -52.72 -37.93 80.02
N PRO SB 89 -53.50 -37.48 79.00
CA PRO SB 89 -54.36 -36.32 79.17
C PRO SB 89 -55.39 -36.35 80.29
N GLU SB 90 -56.00 -37.51 80.60
CA GLU SB 90 -56.93 -37.56 81.74
C GLU SB 90 -56.29 -38.27 82.94
N GLN SB 91 -54.96 -38.32 82.97
CA GLN SB 91 -54.26 -38.58 84.23
C GLN SB 91 -54.06 -37.29 85.00
N LEU SB 92 -54.36 -36.16 84.36
CA LEU SB 92 -54.42 -34.86 85.00
C LEU SB 92 -55.90 -34.46 85.11
N ILE SB 93 -56.38 -34.32 86.34
CA ILE SB 93 -57.78 -34.05 86.60
C ILE SB 93 -57.89 -32.65 87.21
N SER SB 94 -58.75 -31.80 86.61
CA SER SB 94 -58.94 -30.43 87.05
C SER SB 94 -60.44 -30.13 87.19
N GLY SB 95 -60.79 -29.33 88.22
CA GLY SB 95 -62.18 -29.11 88.60
C GLY SB 95 -62.78 -27.84 88.03
N LYS SB 96 -63.57 -27.09 88.83
CA LYS SB 96 -64.13 -25.83 88.38
C LYS SB 96 -63.57 -24.61 89.11
N GLU SB 97 -63.71 -24.59 90.43
CA GLU SB 97 -63.18 -23.52 91.29
C GLU SB 97 -62.35 -24.15 92.41
N ASP SB 98 -61.40 -23.40 92.98
CA ASP SB 98 -60.48 -23.90 94.00
C ASP SB 98 -61.19 -24.13 95.34
N ALA SB 99 -60.55 -24.90 96.23
CA ALA SB 99 -61.09 -25.08 97.56
C ALA SB 99 -60.99 -23.82 98.41
N ALA SB 100 -60.03 -22.95 98.04
CA ALA SB 100 -59.86 -21.60 98.58
C ALA SB 100 -59.71 -21.64 100.10
N ASN SB 101 -58.68 -22.36 100.51
CA ASN SB 101 -58.17 -22.42 101.87
C ASN SB 101 -59.25 -22.77 102.90
N ASN SB 102 -60.22 -23.63 102.52
CA ASN SB 102 -61.33 -24.00 103.39
C ASN SB 102 -61.42 -25.52 103.41
N PHE SB 103 -61.24 -26.11 104.59
CA PHE SB 103 -61.27 -27.56 104.71
C PHE SB 103 -62.66 -28.14 104.43
N ALA SB 104 -63.70 -27.37 104.81
CA ALA SB 104 -65.08 -27.81 104.67
C ALA SB 104 -65.47 -27.91 103.18
N ARG SB 105 -64.90 -27.00 102.37
CA ARG SB 105 -65.21 -26.93 100.95
C ARG SB 105 -64.66 -28.15 100.20
N GLY SB 106 -63.38 -28.46 100.44
CA GLY SB 106 -62.74 -29.54 99.70
C GLY SB 106 -63.13 -30.93 100.19
N HIS SB 107 -63.94 -31.01 101.26
CA HIS SB 107 -64.27 -32.29 101.87
C HIS SB 107 -65.74 -32.65 101.73
N TYR SB 108 -66.62 -31.64 101.60
CA TYR SB 108 -68.06 -31.89 101.65
C TYR SB 108 -68.75 -31.40 100.39
N THR SB 109 -68.49 -30.14 100.02
CA THR SB 109 -69.25 -29.54 98.94
C THR SB 109 -68.62 -29.91 97.60
N ILE SB 110 -67.42 -29.41 97.31
CA ILE SB 110 -66.85 -29.49 95.97
C ILE SB 110 -65.92 -30.68 95.82
N GLY SB 111 -65.53 -31.28 96.94
CA GLY SB 111 -64.59 -32.40 96.86
C GLY SB 111 -65.24 -33.61 96.19
N LYS SB 112 -66.46 -33.90 96.64
CA LYS SB 112 -67.17 -35.15 96.36
C LYS SB 112 -67.41 -35.38 94.87
N GLU SB 113 -67.46 -34.29 94.08
CA GLU SB 113 -67.75 -34.39 92.64
C GLU SB 113 -66.69 -35.19 91.89
N ILE SB 114 -65.42 -34.96 92.23
CA ILE SB 114 -64.32 -35.47 91.42
C ILE SB 114 -63.57 -36.59 92.14
N VAL SB 115 -64.05 -37.02 93.31
CA VAL SB 115 -63.40 -38.13 93.99
C VAL SB 115 -63.55 -39.43 93.18
N ASP SB 116 -64.75 -39.67 92.68
CA ASP SB 116 -65.12 -40.85 91.92
C ASP SB 116 -64.32 -40.96 90.62
N LEU SB 117 -64.06 -39.80 90.02
CA LEU SB 117 -63.24 -39.73 88.82
C LEU SB 117 -61.77 -40.04 89.16
N SER SB 118 -61.34 -39.63 90.36
CA SER SB 118 -59.98 -39.91 90.82
C SER SB 118 -59.77 -41.41 91.11
N LEU SB 119 -60.75 -42.05 91.79
CA LEU SB 119 -60.67 -43.47 92.14
C LEU SB 119 -60.68 -44.33 90.87
N ASP SB 120 -61.39 -43.86 89.86
CA ASP SB 120 -61.51 -44.66 88.66
C ASP SB 120 -60.19 -44.77 87.88
N ARG SB 121 -59.45 -43.66 87.84
CA ARG SB 121 -58.12 -43.63 87.21
C ARG SB 121 -57.10 -44.39 88.07
N ILE SB 122 -57.22 -44.27 89.40
CA ILE SB 122 -56.35 -44.97 90.33
C ILE SB 122 -56.60 -46.47 90.25
N ARG SB 123 -57.86 -46.87 90.12
CA ARG SB 123 -58.22 -48.26 89.98
C ARG SB 123 -57.62 -48.84 88.70
N LYS SB 124 -57.73 -48.07 87.61
CA LYS SB 124 -57.24 -48.57 86.34
C LYS SB 124 -55.72 -48.57 86.24
N LEU SB 125 -55.04 -47.81 87.11
CA LEU SB 125 -53.57 -47.75 87.11
C LEU SB 125 -52.96 -48.78 88.06
N ALA SB 126 -53.73 -49.20 89.08
CA ALA SB 126 -53.25 -50.19 90.03
C ALA SB 126 -53.47 -51.63 89.52
N ASP SB 127 -54.48 -51.77 88.66
CA ASP SB 127 -54.90 -53.09 88.17
C ASP SB 127 -54.22 -53.45 86.86
N ASN SB 128 -53.28 -52.61 86.42
CA ASN SB 128 -52.52 -52.81 85.20
C ASN SB 128 -51.62 -54.02 85.39
N CYS SB 129 -50.86 -54.09 86.50
CA CYS SB 129 -50.13 -55.30 86.87
C CYS SB 129 -50.18 -55.56 88.38
N THR SB 130 -49.77 -56.82 88.69
CA THR SB 130 -49.44 -57.41 89.97
C THR SB 130 -48.27 -56.69 90.62
N GLY SB 131 -48.01 -57.06 91.87
CA GLY SB 131 -46.94 -56.50 92.67
C GLY SB 131 -46.92 -54.98 92.81
N LEU SB 132 -48.08 -54.38 93.10
CA LEU SB 132 -48.09 -52.95 93.40
C LEU SB 132 -47.45 -52.69 94.77
N GLN SB 133 -46.34 -51.94 94.76
CA GLN SB 133 -45.56 -51.77 95.97
C GLN SB 133 -46.25 -50.88 97.00
N GLY SB 134 -46.84 -49.77 96.53
CA GLY SB 134 -47.30 -48.79 97.50
C GLY SB 134 -47.70 -47.47 96.84
N PHE SB 135 -48.27 -46.57 97.66
CA PHE SB 135 -48.71 -45.26 97.19
C PHE SB 135 -47.84 -44.18 97.80
N LEU SB 136 -47.54 -43.16 96.99
CA LEU SB 136 -46.90 -41.95 97.47
C LEU SB 136 -47.84 -40.79 97.24
N MET SB 137 -47.84 -39.84 98.17
CA MET SB 137 -48.73 -38.70 98.03
C MET SB 137 -48.03 -37.43 98.51
N PHE SB 138 -48.16 -36.37 97.71
CA PHE SB 138 -47.62 -35.06 98.00
C PHE SB 138 -48.79 -34.08 98.13
N ASN SB 139 -48.84 -33.33 99.24
CA ASN SB 139 -49.95 -32.40 99.46
C ASN SB 139 -49.52 -31.30 100.41
N ALA SB 140 -50.27 -30.18 100.38
CA ALA SB 140 -50.11 -29.08 101.30
C ALA SB 140 -51.15 -29.19 102.41
N VAL SB 141 -50.70 -29.23 103.66
CA VAL SB 141 -51.63 -29.29 104.77
C VAL SB 141 -52.31 -27.93 104.96
N GLY SB 142 -51.54 -26.85 104.78
CA GLY SB 142 -51.99 -25.48 104.93
C GLY SB 142 -53.04 -25.02 103.92
N GLY SB 143 -53.09 -25.74 102.79
CA GLY SB 143 -53.91 -25.39 101.65
C GLY SB 143 -55.34 -25.93 101.79
N GLY SB 144 -56.11 -25.67 100.74
CA GLY SB 144 -57.52 -26.04 100.77
C GLY SB 144 -57.72 -27.47 100.33
N THR SB 145 -57.42 -27.71 99.05
CA THR SB 145 -57.66 -29.02 98.46
C THR SB 145 -56.61 -30.02 98.90
N GLY SB 146 -55.41 -29.54 99.23
CA GLY SB 146 -54.34 -30.42 99.72
C GLY SB 146 -54.74 -31.13 101.02
N SER SB 147 -55.52 -30.42 101.87
CA SER SB 147 -56.07 -30.98 103.09
C SER SB 147 -57.44 -31.63 102.86
N GLY SB 148 -58.30 -30.93 102.10
CA GLY SB 148 -59.68 -31.34 101.91
C GLY SB 148 -59.79 -32.60 101.06
N LEU SB 149 -59.31 -32.50 99.82
CA LEU SB 149 -59.41 -33.61 98.88
C LEU SB 149 -58.52 -34.76 99.33
N GLY SB 150 -57.40 -34.43 100.01
CA GLY SB 150 -56.51 -35.45 100.53
C GLY SB 150 -57.15 -36.34 101.59
N CYS SB 151 -57.96 -35.76 102.48
CA CYS SB 151 -58.60 -36.54 103.52
C CYS SB 151 -59.64 -37.50 102.95
N LEU SB 152 -60.43 -37.03 101.96
CA LEU SB 152 -61.38 -37.89 101.28
C LEU SB 152 -60.64 -39.02 100.56
N LEU SB 153 -59.49 -38.70 99.97
CA LEU SB 153 -58.83 -39.64 99.10
C LEU SB 153 -58.13 -40.73 99.91
N LEU SB 154 -57.65 -40.39 101.11
CA LEU SB 154 -57.15 -41.40 102.03
C LEU SB 154 -58.27 -42.30 102.51
N GLU SB 155 -59.44 -41.71 102.82
CA GLU SB 155 -60.55 -42.45 103.41
C GLU SB 155 -61.04 -43.49 102.39
N ARG SB 156 -61.08 -43.10 101.11
CA ARG SB 156 -61.60 -43.97 100.06
C ARG SB 156 -60.51 -44.84 99.44
N LEU SB 157 -59.25 -44.69 99.89
CA LEU SB 157 -58.18 -45.58 99.45
C LEU SB 157 -57.85 -46.62 100.52
N SER SB 158 -58.09 -46.29 101.80
CA SER SB 158 -57.81 -47.23 102.88
C SER SB 158 -58.84 -48.37 102.87
N VAL SB 159 -60.07 -48.06 102.43
CA VAL SB 159 -61.15 -49.05 102.41
C VAL SB 159 -60.91 -50.07 101.30
N ASP SB 160 -60.37 -49.60 100.16
CA ASP SB 160 -60.24 -50.43 98.97
C ASP SB 160 -58.92 -51.19 98.99
N TYR SB 161 -57.81 -50.46 98.97
CA TYR SB 161 -56.49 -51.05 99.08
C TYR SB 161 -56.04 -50.96 100.53
N GLY SB 162 -56.61 -51.85 101.36
CA GLY SB 162 -56.29 -51.86 102.79
C GLY SB 162 -54.85 -52.28 103.05
N LYS SB 163 -54.38 -53.23 102.22
CA LYS SB 163 -53.09 -53.90 102.36
C LYS SB 163 -51.93 -52.93 102.15
N LYS SB 164 -52.01 -52.06 101.12
CA LYS SB 164 -50.78 -51.44 100.65
C LYS SB 164 -50.34 -50.31 101.58
N SER SB 165 -49.05 -49.99 101.51
CA SER SB 165 -48.46 -48.91 102.30
C SER SB 165 -48.84 -47.55 101.71
N LYS SB 166 -48.87 -46.52 102.56
CA LYS SB 166 -49.15 -45.16 102.10
C LYS SB 166 -48.12 -44.18 102.71
N LEU SB 167 -47.23 -43.66 101.86
CA LEU SB 167 -46.21 -42.72 102.30
C LEU SB 167 -46.59 -41.32 101.88
N ASN SB 168 -46.66 -40.43 102.87
CA ASN SB 168 -47.13 -39.07 102.68
C ASN SB 168 -45.96 -38.10 102.84
N PHE SB 169 -45.94 -37.07 102.00
CA PHE SB 169 -44.95 -36.01 102.08
C PHE SB 169 -45.67 -34.66 102.19
N CYS SB 170 -45.99 -34.27 103.42
CA CYS SB 170 -46.83 -33.11 103.68
C CYS SB 170 -45.98 -31.85 103.87
N SER SB 171 -46.41 -30.75 103.21
CA SER SB 171 -45.78 -29.46 103.36
C SER SB 171 -46.35 -28.72 104.57
N TRP SB 172 -45.79 -29.03 105.74
CA TRP SB 172 -46.28 -28.52 107.02
C TRP SB 172 -46.01 -27.03 107.13
N PRO SB 173 -46.91 -26.22 107.75
CA PRO SB 173 -46.62 -24.81 107.96
C PRO SB 173 -45.50 -24.60 108.98
N SER SB 174 -44.66 -23.59 108.72
CA SER SB 174 -43.53 -23.27 109.59
C SER SB 174 -44.02 -22.65 110.90
N PRO SB 175 -43.22 -22.70 112.00
CA PRO SB 175 -43.54 -21.98 113.23
C PRO SB 175 -43.71 -20.47 113.10
N GLN SB 176 -42.78 -19.78 112.43
CA GLN SB 176 -42.94 -18.33 112.26
C GLN SB 176 -43.84 -18.02 111.05
N VAL SB 177 -43.39 -18.39 109.85
CA VAL SB 177 -44.00 -17.92 108.62
C VAL SB 177 -45.03 -18.95 108.13
N SER SB 178 -46.25 -18.53 107.77
CA SER SB 178 -47.29 -19.53 107.52
C SER SB 178 -48.12 -19.41 106.24
N THR SB 179 -48.22 -18.21 105.68
CA THR SB 179 -48.97 -17.97 104.44
C THR SB 179 -50.47 -18.18 104.64
N ALA SB 180 -50.95 -18.01 105.89
CA ALA SB 180 -52.38 -18.13 106.15
C ALA SB 180 -52.69 -17.82 107.61
N VAL SB 181 -53.89 -17.27 107.86
CA VAL SB 181 -54.45 -17.24 109.21
C VAL SB 181 -55.40 -18.42 109.43
N VAL SB 182 -55.79 -19.05 108.31
CA VAL SB 182 -56.70 -20.20 108.30
C VAL SB 182 -55.94 -21.52 108.46
N GLU SB 183 -54.61 -21.42 108.49
CA GLU SB 183 -53.72 -22.57 108.53
C GLU SB 183 -53.71 -23.32 109.86
N PRO SB 184 -53.92 -22.71 111.06
CA PRO SB 184 -54.06 -23.54 112.25
C PRO SB 184 -55.32 -24.39 112.22
N TYR SB 185 -56.39 -23.92 111.57
CA TYR SB 185 -57.60 -24.71 111.46
C TYR SB 185 -57.40 -25.90 110.52
N ASN SB 186 -56.77 -25.66 109.37
CA ASN SB 186 -56.60 -26.72 108.39
C ASN SB 186 -55.53 -27.71 108.82
N SER SB 187 -54.61 -27.27 109.69
CA SER SB 187 -53.58 -28.16 110.19
C SER SB 187 -54.17 -29.17 111.16
N VAL SB 188 -54.96 -28.69 112.12
CA VAL SB 188 -55.44 -29.56 113.17
C VAL SB 188 -56.63 -30.37 112.68
N LEU SB 189 -57.29 -29.92 111.61
CA LEU SB 189 -58.42 -30.65 111.05
C LEU SB 189 -57.96 -31.78 110.14
N SER SB 190 -56.74 -31.67 109.61
CA SER SB 190 -56.18 -32.71 108.75
C SER SB 190 -55.42 -33.74 109.56
N THR SB 191 -54.98 -33.40 110.78
CA THR SB 191 -54.25 -34.33 111.61
C THR SB 191 -55.15 -35.49 112.04
N HIS SB 192 -56.44 -35.22 112.26
CA HIS SB 192 -57.40 -36.26 112.58
C HIS SB 192 -57.66 -37.13 111.35
N SER SB 193 -57.32 -36.63 110.16
CA SER SB 193 -57.45 -37.43 108.95
C SER SB 193 -56.29 -38.43 108.82
N LEU SB 194 -55.06 -37.93 108.96
CA LEU SB 194 -53.87 -38.70 108.58
C LEU SB 194 -53.26 -39.44 109.78
N LEU SB 195 -53.97 -39.50 110.91
CA LEU SB 195 -53.53 -40.37 111.99
C LEU SB 195 -53.86 -41.83 111.68
N GLU SB 196 -55.09 -42.07 111.20
CA GLU SB 196 -55.57 -43.44 111.09
C GLU SB 196 -55.74 -43.88 109.63
N HIS SB 197 -55.17 -43.13 108.69
CA HIS SB 197 -55.19 -43.57 107.30
C HIS SB 197 -53.78 -43.62 106.72
N THR SB 198 -52.98 -42.58 106.99
CA THR SB 198 -51.64 -42.45 106.47
C THR SB 198 -50.72 -43.41 107.22
N ASP SB 199 -49.98 -44.22 106.48
CA ASP SB 199 -49.07 -45.18 107.10
C ASP SB 199 -47.83 -44.50 107.70
N VAL SB 200 -47.06 -43.81 106.86
CA VAL SB 200 -45.86 -43.09 107.30
C VAL SB 200 -45.87 -41.71 106.67
N ALA SB 201 -45.75 -40.67 107.49
CA ALA SB 201 -45.75 -39.30 107.01
C ALA SB 201 -44.37 -38.68 107.24
N VAL SB 202 -43.82 -38.08 106.17
CA VAL SB 202 -42.55 -37.36 106.25
C VAL SB 202 -42.85 -35.86 106.26
N MET SB 203 -42.26 -35.16 107.24
CA MET SB 203 -42.69 -33.83 107.63
C MET SB 203 -41.77 -32.81 106.97
N LEU SB 204 -42.35 -31.99 106.09
CA LEU SB 204 -41.60 -31.01 105.32
C LEU SB 204 -41.99 -29.60 105.74
N ASP SB 205 -41.01 -28.70 105.69
CA ASP SB 205 -41.20 -27.32 106.11
C ASP SB 205 -40.51 -26.42 105.09
N ASN SB 206 -41.20 -25.35 104.70
CA ASN SB 206 -40.75 -24.57 103.55
C ASN SB 206 -39.57 -23.65 103.91
N GLU SB 207 -39.66 -22.94 105.04
CA GLU SB 207 -38.59 -21.98 105.33
C GLU SB 207 -37.37 -22.64 105.96
N ALA SB 208 -37.50 -23.93 106.31
CA ALA SB 208 -36.33 -24.74 106.63
C ALA SB 208 -35.48 -24.89 105.37
N ILE SB 209 -36.11 -25.18 104.22
CA ILE SB 209 -35.42 -25.34 102.95
C ILE SB 209 -34.92 -23.98 102.46
N TYR SB 210 -35.60 -22.90 102.83
CA TYR SB 210 -35.09 -21.57 102.53
C TYR SB 210 -33.75 -21.32 103.24
N ASP SB 211 -33.66 -21.79 104.48
CA ASP SB 211 -32.45 -21.59 105.26
C ASP SB 211 -31.33 -22.50 104.75
N ILE SB 212 -31.70 -23.70 104.29
CA ILE SB 212 -30.72 -24.65 103.75
C ILE SB 212 -30.10 -24.08 102.49
N CYS SB 213 -30.97 -23.59 101.59
CA CYS SB 213 -30.53 -23.13 100.28
C CYS SB 213 -29.96 -21.72 100.37
N ARG SB 214 -29.80 -21.16 101.58
CA ARG SB 214 -29.26 -19.83 101.73
C ARG SB 214 -27.84 -19.86 102.30
N ARG SB 215 -27.48 -20.88 103.10
CA ARG SB 215 -26.17 -20.94 103.75
C ARG SB 215 -25.30 -22.08 103.23
N ASN SB 216 -25.93 -23.11 102.67
CA ASN SB 216 -25.18 -24.24 102.14
C ASN SB 216 -24.89 -24.02 100.66
N LEU SB 217 -25.93 -23.67 99.89
CA LEU SB 217 -25.84 -23.54 98.45
C LEU SB 217 -25.73 -22.07 98.06
N ASP SB 218 -26.04 -21.18 99.03
CA ASP SB 218 -25.72 -19.76 99.03
C ASP SB 218 -26.50 -18.98 97.97
N ILE SB 219 -27.79 -19.29 97.82
CA ILE SB 219 -28.71 -18.45 97.06
C ILE SB 219 -29.38 -17.49 98.03
N GLU SB 220 -29.26 -16.20 97.77
CA GLU SB 220 -29.88 -15.21 98.63
C GLU SB 220 -31.39 -15.11 98.35
N ARG SB 221 -31.76 -15.26 97.07
CA ARG SB 221 -33.14 -15.03 96.65
C ARG SB 221 -33.68 -16.25 95.91
N PRO SB 222 -34.00 -17.36 96.61
CA PRO SB 222 -34.54 -18.54 95.94
C PRO SB 222 -36.01 -18.37 95.61
N THR SB 223 -36.61 -19.44 95.08
CA THR SB 223 -38.01 -19.48 94.72
C THR SB 223 -38.50 -20.91 94.87
N TYR SB 224 -39.75 -21.14 94.42
CA TYR SB 224 -40.39 -22.43 94.56
C TYR SB 224 -39.74 -23.51 93.69
N THR SB 225 -39.19 -23.11 92.56
CA THR SB 225 -38.52 -24.08 91.72
C THR SB 225 -37.08 -24.31 92.17
N ASN SB 226 -36.63 -23.58 93.22
CA ASN SB 226 -35.34 -23.86 93.81
C ASN SB 226 -35.46 -24.85 94.96
N LEU SB 227 -36.60 -24.83 95.67
CA LEU SB 227 -36.82 -25.76 96.76
C LEU SB 227 -37.23 -27.12 96.22
N ASN SB 228 -38.02 -27.12 95.12
CA ASN SB 228 -38.63 -28.35 94.64
C ASN SB 228 -37.60 -29.30 94.03
N ARG SB 229 -36.49 -28.77 93.52
CA ARG SB 229 -35.41 -29.65 93.05
C ARG SB 229 -34.82 -30.43 94.21
N LEU SB 230 -34.65 -29.78 95.37
CA LEU SB 230 -34.11 -30.44 96.54
C LEU SB 230 -35.05 -31.55 97.02
N ILE SB 231 -36.37 -31.31 96.94
CA ILE SB 231 -37.35 -32.33 97.28
C ILE SB 231 -37.26 -33.49 96.29
N ALA SB 232 -37.04 -33.18 95.00
CA ALA SB 232 -36.94 -34.18 93.96
C ALA SB 232 -35.73 -35.08 94.20
N GLN SB 233 -34.62 -34.48 94.64
CA GLN SB 233 -33.41 -35.25 94.93
C GLN SB 233 -33.64 -36.11 96.18
N VAL SB 234 -34.47 -35.65 97.12
CA VAL SB 234 -34.78 -36.43 98.31
C VAL SB 234 -35.58 -37.67 97.92
N ILE SB 235 -36.66 -37.46 97.14
CA ILE SB 235 -37.54 -38.54 96.72
C ILE SB 235 -36.77 -39.54 95.87
N SER SB 236 -35.85 -39.06 95.03
CA SER SB 236 -35.03 -39.92 94.20
C SER SB 236 -34.09 -40.77 95.06
N SER SB 237 -33.66 -40.25 96.21
CA SER SB 237 -32.77 -41.01 97.08
C SER SB 237 -33.55 -42.09 97.85
N LEU SB 238 -34.79 -41.79 98.26
CA LEU SB 238 -35.61 -42.77 98.95
C LEU SB 238 -35.94 -43.95 98.02
N THR SB 239 -36.21 -43.64 96.75
CA THR SB 239 -36.63 -44.66 95.80
C THR SB 239 -35.50 -45.04 94.87
N ALA SB 240 -34.26 -44.68 95.21
CA ALA SB 240 -33.11 -45.13 94.44
C ALA SB 240 -32.97 -46.64 94.58
N SER SB 241 -33.29 -47.17 95.77
CA SER SB 241 -33.14 -48.59 96.08
C SER SB 241 -33.99 -49.48 95.18
N LEU SB 242 -35.23 -49.05 94.88
CA LEU SB 242 -36.13 -49.83 94.03
C LEU SB 242 -35.59 -49.84 92.59
N ARG SB 243 -35.06 -48.70 92.13
CA ARG SB 243 -34.78 -48.53 90.71
C ARG SB 243 -33.49 -49.25 90.31
N PHE SB 244 -32.45 -49.08 91.11
CA PHE SB 244 -31.12 -49.51 90.70
C PHE SB 244 -30.57 -50.56 91.66
N ASP SB 245 -29.57 -51.29 91.19
CA ASP SB 245 -28.94 -52.33 92.00
C ASP SB 245 -27.98 -51.69 92.99
N GLY SB 246 -27.95 -52.25 94.21
CA GLY SB 246 -27.05 -51.73 95.22
C GLY SB 246 -26.65 -52.84 96.19
N ALA SB 247 -25.83 -52.46 97.17
CA ALA SB 247 -25.29 -53.38 98.14
C ALA SB 247 -26.36 -53.82 99.14
N LEU SB 248 -27.28 -52.91 99.49
CA LEU SB 248 -28.32 -53.20 100.47
C LEU SB 248 -29.62 -52.50 100.05
N ASN SB 249 -30.54 -53.31 99.49
CA ASN SB 249 -31.78 -52.79 98.92
C ASN SB 249 -32.84 -52.64 100.01
N VAL SB 250 -33.57 -51.51 99.98
CA VAL SB 250 -34.64 -51.23 100.95
C VAL SB 250 -35.87 -50.67 100.22
N ASP SB 251 -36.98 -51.41 100.29
CA ASP SB 251 -38.21 -51.11 99.57
C ASP SB 251 -39.05 -50.08 100.33
N VAL SB 252 -40.34 -49.98 99.96
CA VAL SB 252 -41.25 -49.05 100.63
C VAL SB 252 -41.97 -49.75 101.78
N THR SB 253 -42.10 -51.08 101.67
CA THR SB 253 -42.62 -51.86 102.79
C THR SB 253 -41.56 -51.93 103.89
N GLU SB 254 -40.30 -51.64 103.50
CA GLU SB 254 -39.11 -51.69 104.37
C GLU SB 254 -39.21 -50.62 105.46
N PHE SB 255 -39.93 -49.51 105.17
CA PHE SB 255 -39.85 -48.31 105.97
C PHE SB 255 -40.78 -48.31 107.18
N GLN SB 256 -41.96 -48.93 107.02
CA GLN SB 256 -42.98 -48.94 108.05
C GLN SB 256 -42.53 -49.76 109.25
N THR SB 257 -41.78 -50.82 108.99
CA THR SB 257 -41.48 -51.75 110.06
C THR SB 257 -40.26 -51.30 110.83
N ASN SB 258 -39.62 -50.20 110.40
CA ASN SB 258 -38.29 -49.86 110.88
C ASN SB 258 -38.22 -48.47 111.48
N LEU SB 259 -39.31 -47.73 111.33
CA LEU SB 259 -39.30 -46.35 111.80
C LEU SB 259 -40.36 -46.14 112.87
N VAL SB 260 -41.48 -46.86 112.79
CA VAL SB 260 -42.61 -46.61 113.64
C VAL SB 260 -42.78 -47.79 114.58
N PRO SB 261 -42.65 -47.60 115.91
CA PRO SB 261 -42.92 -48.67 116.86
C PRO SB 261 -44.38 -48.86 117.30
N TYR SB 262 -45.16 -47.81 117.07
CA TYR SB 262 -46.53 -47.79 117.52
C TYR SB 262 -47.44 -47.40 116.37
N PRO SB 263 -48.73 -47.81 116.40
CA PRO SB 263 -49.67 -47.50 115.33
C PRO SB 263 -49.90 -46.02 115.09
N ARG SB 264 -49.96 -45.21 116.16
CA ARG SB 264 -50.32 -43.81 116.06
C ARG SB 264 -49.11 -42.91 115.83
N ILE SB 265 -47.89 -43.44 115.87
CA ILE SB 265 -46.71 -42.59 115.90
C ILE SB 265 -45.91 -42.76 114.61
N HIS SB 266 -46.20 -41.93 113.60
CA HIS SB 266 -45.54 -42.03 112.31
C HIS SB 266 -45.18 -40.66 111.72
N PHE SB 267 -44.66 -39.77 112.57
CA PHE SB 267 -44.29 -38.42 112.13
C PHE SB 267 -42.78 -38.27 112.25
N MET SB 268 -42.11 -37.99 111.13
CA MET SB 268 -40.65 -38.06 111.11
C MET SB 268 -40.05 -36.95 110.24
N LEU SB 269 -38.78 -36.62 110.50
CA LEU SB 269 -38.08 -35.53 109.84
C LEU SB 269 -37.40 -36.00 108.57
N SER SB 270 -36.61 -35.12 107.93
CA SER SB 270 -35.83 -35.47 106.76
C SER SB 270 -34.51 -34.68 106.76
N SER SB 271 -33.49 -35.20 106.07
CA SER SB 271 -32.19 -34.56 105.97
C SER SB 271 -31.50 -35.01 104.69
N TYR SB 272 -30.77 -34.09 104.03
CA TYR SB 272 -29.96 -34.47 102.89
C TYR SB 272 -28.53 -33.95 103.08
N ALA SB 273 -27.57 -34.74 102.63
CA ALA SB 273 -26.17 -34.32 102.58
C ALA SB 273 -25.55 -34.99 101.38
N PRO SB 274 -24.73 -34.29 100.57
CA PRO SB 274 -24.50 -32.85 100.71
C PRO SB 274 -25.34 -31.96 99.80
N ILE SB 275 -25.96 -30.95 100.40
CA ILE SB 275 -26.49 -29.84 99.64
C ILE SB 275 -25.33 -28.86 99.40
N ILE SB 276 -24.71 -29.02 98.23
CA ILE SB 276 -23.46 -28.34 97.98
C ILE SB 276 -23.53 -27.62 96.64
N SER SB 277 -22.76 -26.53 96.51
CA SER SB 277 -22.86 -25.69 95.32
C SER SB 277 -21.83 -26.11 94.27
N ALA SB 278 -21.58 -25.26 93.28
CA ALA SB 278 -20.62 -25.53 92.22
C ALA SB 278 -19.18 -25.41 92.74
N GLU SB 279 -18.88 -24.29 93.38
CA GLU SB 279 -17.52 -24.00 93.81
C GLU SB 279 -17.13 -24.86 95.02
N LYS SB 280 -18.01 -24.98 96.01
CA LYS SB 280 -17.75 -25.75 97.23
C LYS SB 280 -17.38 -27.22 96.96
N ALA SB 281 -18.07 -27.85 96.00
CA ALA SB 281 -18.09 -29.30 95.85
C ALA SB 281 -16.72 -29.81 95.44
N TYR SB 282 -16.14 -29.09 94.48
CA TYR SB 282 -14.91 -29.50 93.84
C TYR SB 282 -13.70 -29.34 94.76
N HIS SB 283 -13.80 -28.42 95.72
CA HIS SB 283 -12.71 -28.13 96.65
C HIS SB 283 -12.71 -29.02 97.89
N GLU SB 284 -13.55 -30.06 97.94
CA GLU SB 284 -13.75 -30.71 99.21
C GLU SB 284 -13.77 -32.22 99.11
N GLN SB 285 -13.12 -32.90 100.07
CA GLN SB 285 -13.35 -34.30 100.34
C GLN SB 285 -14.74 -34.50 100.94
N LEU SB 286 -15.59 -35.23 100.23
CA LEU SB 286 -16.84 -35.70 100.79
C LEU SB 286 -16.60 -37.09 101.37
N SER SB 287 -15.97 -37.14 102.56
CA SER SB 287 -15.71 -38.40 103.24
C SER SB 287 -17.03 -39.07 103.63
N VAL SB 288 -17.00 -40.39 103.79
CA VAL SB 288 -18.21 -41.07 104.19
C VAL SB 288 -18.50 -40.73 105.65
N ALA SB 289 -17.46 -40.45 106.44
CA ALA SB 289 -17.60 -39.93 107.80
C ALA SB 289 -18.25 -38.55 107.77
N GLU SB 290 -17.84 -37.74 106.78
CA GLU SB 290 -18.20 -36.34 106.77
C GLU SB 290 -19.66 -36.11 106.40
N ILE SB 291 -20.15 -36.87 105.42
CA ILE SB 291 -21.52 -36.70 104.95
C ILE SB 291 -22.54 -37.14 106.01
N THR SB 292 -22.13 -38.13 106.81
CA THR SB 292 -22.99 -38.61 107.88
C THR SB 292 -23.03 -37.60 109.03
N ASN SB 293 -21.88 -37.03 109.36
CA ASN SB 293 -21.79 -36.02 110.42
C ASN SB 293 -22.59 -34.78 110.03
N SER SB 294 -22.51 -34.38 108.75
CA SER SB 294 -23.24 -33.22 108.26
C SER SB 294 -24.75 -33.49 108.23
N ALA SB 295 -25.13 -34.77 108.13
CA ALA SB 295 -26.55 -35.13 108.12
C ALA SB 295 -27.16 -34.99 109.51
N PHE SB 296 -26.41 -35.37 110.55
CA PHE SB 296 -26.94 -35.34 111.90
C PHE SB 296 -26.86 -33.96 112.55
N GLU SB 297 -26.31 -32.97 111.83
CA GLU SB 297 -26.27 -31.61 112.35
C GLU SB 297 -27.69 -31.11 112.58
N PRO SB 298 -27.97 -30.43 113.72
CA PRO SB 298 -29.33 -30.08 114.11
C PRO SB 298 -30.00 -29.11 113.14
N ALA SB 299 -29.25 -28.13 112.64
CA ALA SB 299 -29.83 -27.14 111.74
C ALA SB 299 -30.01 -27.70 110.33
N SER SB 300 -29.28 -28.76 110.01
CA SER SB 300 -29.26 -29.28 108.65
C SER SB 300 -30.50 -30.14 108.37
N MET SB 301 -31.38 -30.29 109.37
CA MET SB 301 -32.66 -30.96 109.14
C MET SB 301 -33.57 -30.11 108.26
N MET SB 302 -34.57 -30.76 107.66
CA MET SB 302 -35.43 -30.14 106.67
C MET SB 302 -36.82 -29.92 107.26
N ALA SB 303 -36.87 -29.43 108.50
CA ALA SB 303 -38.15 -29.30 109.18
C ALA SB 303 -38.23 -28.05 110.07
N LYS SB 304 -37.09 -27.41 110.40
CA LYS SB 304 -37.03 -26.32 111.39
C LYS SB 304 -37.63 -26.86 112.70
N CYS SB 305 -36.92 -27.82 113.28
CA CYS SB 305 -37.36 -28.50 114.48
C CYS SB 305 -36.10 -29.00 115.19
N ASP SB 306 -35.70 -28.28 116.23
CA ASP SB 306 -34.42 -28.53 116.88
C ASP SB 306 -34.48 -29.88 117.58
N PRO SB 307 -33.65 -30.86 117.17
CA PRO SB 307 -33.72 -32.20 117.76
C PRO SB 307 -33.01 -32.35 119.11
N ARG SB 308 -32.35 -31.29 119.60
CA ARG SB 308 -31.67 -31.36 120.89
C ARG SB 308 -32.65 -31.53 122.06
N HIS SB 309 -33.86 -31.01 121.91
CA HIS SB 309 -34.90 -31.21 122.92
C HIS SB 309 -35.84 -32.34 122.50
N GLY SB 310 -35.26 -33.38 121.89
CA GLY SB 310 -36.00 -34.59 121.60
C GLY SB 310 -35.10 -35.81 121.75
N LYS SB 311 -35.66 -36.99 121.47
CA LYS SB 311 -34.92 -38.25 121.50
C LYS SB 311 -35.18 -38.99 120.19
N TYR SB 312 -34.10 -39.48 119.55
CA TYR SB 312 -34.26 -40.23 118.31
C TYR SB 312 -34.73 -41.64 118.63
N MET SB 313 -35.90 -41.98 118.07
CA MET SB 313 -36.43 -43.32 118.27
C MET SB 313 -35.83 -44.30 117.28
N ALA SB 314 -35.80 -43.87 116.02
CA ALA SB 314 -35.32 -44.69 114.93
C ALA SB 314 -34.81 -43.76 113.84
N CYS SB 315 -34.02 -44.33 112.93
CA CYS SB 315 -33.31 -43.53 111.95
C CYS SB 315 -32.91 -44.40 110.76
N CYS SB 316 -33.16 -43.94 109.53
CA CYS SB 316 -32.74 -44.65 108.32
C CYS SB 316 -31.85 -43.77 107.46
N LEU SB 317 -30.74 -44.32 106.96
CA LEU SB 317 -29.76 -43.61 106.15
C LEU SB 317 -29.67 -44.25 104.76
N MET SB 318 -29.95 -43.44 103.74
CA MET SB 318 -29.96 -43.91 102.36
C MET SB 318 -28.72 -43.39 101.64
N TYR SB 319 -27.72 -44.26 101.44
CA TYR SB 319 -26.51 -43.84 100.73
C TYR SB 319 -26.65 -44.03 99.23
N ARG SB 320 -25.93 -43.18 98.49
CA ARG SB 320 -26.09 -43.06 97.06
C ARG SB 320 -24.75 -42.67 96.44
N GLY SB 321 -24.06 -43.63 95.82
CA GLY SB 321 -22.83 -43.32 95.10
C GLY SB 321 -21.71 -44.34 95.32
N ASP SB 322 -20.46 -43.87 95.29
CA ASP SB 322 -19.30 -44.71 95.46
C ASP SB 322 -19.09 -45.02 96.95
N VAL SB 323 -20.05 -45.69 97.58
CA VAL SB 323 -20.04 -45.83 99.03
C VAL SB 323 -19.71 -47.27 99.41
N VAL SB 324 -18.63 -47.42 100.20
CA VAL SB 324 -18.20 -48.72 100.62
C VAL SB 324 -18.80 -49.01 102.00
N PRO SB 325 -19.16 -50.28 102.28
CA PRO SB 325 -19.83 -50.61 103.53
C PRO SB 325 -19.00 -50.51 104.81
N LYS SB 326 -17.66 -50.58 104.74
CA LYS SB 326 -16.92 -50.48 105.99
C LYS SB 326 -16.97 -49.07 106.56
N ASP SB 327 -16.86 -48.08 105.66
CA ASP SB 327 -16.91 -46.68 106.05
C ASP SB 327 -18.28 -46.32 106.62
N VAL SB 328 -19.33 -47.01 106.17
CA VAL SB 328 -20.66 -46.81 106.70
C VAL SB 328 -20.72 -47.34 108.14
N ASN SB 329 -20.21 -48.56 108.33
CA ASN SB 329 -20.21 -49.20 109.64
C ASN SB 329 -19.29 -48.47 110.62
N ALA SB 330 -18.18 -47.95 110.12
CA ALA SB 330 -17.25 -47.21 110.96
C ALA SB 330 -17.85 -45.86 111.38
N ALA SB 331 -18.50 -45.16 110.44
CA ALA SB 331 -19.00 -43.82 110.72
C ALA SB 331 -20.16 -43.85 111.71
N VAL SB 332 -21.02 -44.87 111.64
CA VAL SB 332 -22.22 -44.91 112.46
C VAL SB 332 -21.88 -45.32 113.90
N ALA SB 333 -20.74 -45.99 114.09
CA ALA SB 333 -20.32 -46.34 115.44
C ALA SB 333 -19.85 -45.10 116.18
N THR SB 334 -19.27 -44.15 115.44
CA THR SB 334 -18.88 -42.86 116.00
C THR SB 334 -20.12 -42.07 116.42
N ILE SB 335 -21.18 -42.13 115.62
CA ILE SB 335 -22.43 -41.43 115.89
C ILE SB 335 -23.07 -41.95 117.18
N LYS SB 336 -23.06 -43.26 117.39
CA LYS SB 336 -23.65 -43.84 118.59
C LYS SB 336 -22.88 -43.47 119.84
N THR SB 337 -21.55 -43.41 119.73
CA THR SB 337 -20.74 -43.13 120.90
C THR SB 337 -20.59 -41.62 121.11
N LYS SB 338 -21.05 -40.80 120.14
CA LYS SB 338 -21.11 -39.34 120.29
C LYS SB 338 -22.15 -39.04 121.34
N ARG SB 339 -21.81 -38.13 122.26
CA ARG SB 339 -22.63 -37.97 123.44
C ARG SB 339 -23.81 -37.02 123.23
N THR SB 340 -23.59 -36.08 122.30
CA THR SB 340 -24.49 -34.99 121.94
C THR SB 340 -25.89 -35.49 121.62
N ILE SB 341 -26.00 -36.36 120.63
CA ILE SB 341 -27.33 -36.79 120.21
C ILE SB 341 -27.78 -37.90 121.16
N GLN SB 342 -29.01 -37.78 121.67
CA GLN SB 342 -29.51 -38.75 122.63
C GLN SB 342 -30.40 -39.76 121.90
N PHE SB 343 -30.14 -41.05 122.18
CA PHE SB 343 -30.99 -42.14 121.76
C PHE SB 343 -31.79 -42.62 122.95
N VAL SB 344 -32.97 -43.14 122.64
CA VAL SB 344 -33.90 -43.62 123.66
C VAL SB 344 -33.29 -44.88 124.27
N ASP SB 345 -33.48 -45.08 125.59
CA ASP SB 345 -32.94 -46.24 126.28
C ASP SB 345 -33.54 -47.55 125.75
N TRP SB 346 -34.86 -47.57 125.48
CA TRP SB 346 -35.51 -48.84 125.20
C TRP SB 346 -35.29 -49.32 123.76
N CYS SB 347 -34.73 -48.45 122.90
CA CYS SB 347 -34.49 -48.82 121.51
C CYS SB 347 -32.98 -48.79 121.25
N PRO SB 348 -32.23 -49.89 121.49
CA PRO SB 348 -30.79 -49.86 121.29
C PRO SB 348 -30.39 -49.85 119.81
N THR SB 349 -31.17 -50.49 118.93
CA THR SB 349 -30.84 -50.55 117.51
C THR SB 349 -31.85 -49.75 116.71
N GLY SB 350 -31.36 -48.76 115.98
CA GLY SB 350 -32.26 -47.89 115.24
C GLY SB 350 -31.55 -47.26 114.06
N PHE SB 351 -30.60 -47.98 113.46
CA PHE SB 351 -29.89 -47.45 112.31
C PHE SB 351 -30.18 -48.29 111.06
N LYS SB 352 -30.14 -47.63 109.89
CA LYS SB 352 -30.27 -48.37 108.65
C LYS SB 352 -29.10 -48.05 107.75
N CYS SB 353 -28.62 -49.08 107.06
CA CYS SB 353 -27.65 -48.87 106.01
C CYS SB 353 -28.29 -49.36 104.70
N GLY SB 354 -28.69 -48.42 103.85
CA GLY SB 354 -29.17 -48.78 102.54
C GLY SB 354 -28.24 -48.15 101.51
N ILE SB 355 -27.38 -48.98 100.91
CA ILE SB 355 -26.32 -48.45 100.04
C ILE SB 355 -26.68 -48.75 98.59
N ASN SB 356 -26.59 -47.70 97.77
CA ASN SB 356 -26.84 -47.84 96.35
C ASN SB 356 -25.59 -47.45 95.55
N TYR SB 357 -25.46 -48.02 94.36
CA TYR SB 357 -24.30 -47.77 93.52
C TYR SB 357 -24.37 -46.46 92.74
N GLN SB 358 -25.57 -46.16 92.24
CA GLN SB 358 -25.69 -45.12 91.22
C GLN SB 358 -25.43 -43.76 91.87
N PRO SB 359 -24.55 -42.92 91.25
CA PRO SB 359 -24.31 -41.56 91.74
C PRO SB 359 -25.55 -40.69 91.51
N PRO SB 360 -25.75 -39.59 92.27
CA PRO SB 360 -26.91 -38.73 92.03
C PRO SB 360 -26.80 -37.99 90.69
N THR SB 361 -27.87 -38.04 89.87
CA THR SB 361 -27.85 -37.48 88.53
C THR SB 361 -28.26 -36.01 88.58
N VAL SB 362 -27.29 -35.17 88.22
CA VAL SB 362 -27.41 -33.75 88.52
C VAL SB 362 -27.97 -33.09 87.27
N VAL SB 363 -28.92 -32.17 87.48
CA VAL SB 363 -29.41 -31.39 86.34
C VAL SB 363 -28.47 -30.19 86.18
N PRO SB 364 -27.61 -30.07 85.12
CA PRO SB 364 -26.73 -28.90 85.02
C PRO SB 364 -27.53 -27.67 84.64
N GLY SB 365 -27.00 -26.52 85.03
CA GLY SB 365 -27.76 -25.29 84.94
C GLY SB 365 -28.79 -25.19 86.07
N GLY SB 366 -28.83 -26.22 86.94
CA GLY SB 366 -29.56 -26.16 88.20
C GLY SB 366 -28.70 -25.52 89.29
N ASP SB 367 -28.74 -26.10 90.51
CA ASP SB 367 -28.03 -25.50 91.62
C ASP SB 367 -27.04 -26.44 92.32
N LEU SB 368 -27.23 -27.76 92.19
CA LEU SB 368 -26.31 -28.69 92.83
C LEU SB 368 -25.17 -29.03 91.89
N ALA SB 369 -24.05 -29.55 92.42
CA ALA SB 369 -22.95 -30.01 91.60
C ALA SB 369 -22.92 -31.52 91.58
N LYS SB 370 -22.10 -32.02 90.66
CA LYS SB 370 -21.76 -33.42 90.55
C LYS SB 370 -20.98 -33.83 91.79
N VAL SB 371 -21.56 -34.74 92.55
CA VAL SB 371 -20.89 -35.26 93.73
C VAL SB 371 -20.86 -36.77 93.61
N MET SB 372 -19.83 -37.35 94.20
CA MET SB 372 -19.53 -38.77 94.09
C MET SB 372 -20.54 -39.59 94.92
N ARG SB 373 -20.91 -39.06 96.08
CA ARG SB 373 -21.67 -39.80 97.07
C ARG SB 373 -22.60 -38.86 97.81
N ALA SB 374 -23.69 -39.41 98.37
CA ALA SB 374 -24.68 -38.63 99.09
C ALA SB 374 -25.41 -39.52 100.10
N VAL SB 375 -25.98 -38.90 101.14
CA VAL SB 375 -26.77 -39.58 102.15
C VAL SB 375 -28.06 -38.80 102.37
N CYS SB 376 -29.17 -39.52 102.48
CA CYS SB 376 -30.46 -38.94 102.77
C CYS SB 376 -31.08 -39.66 103.96
N MET SB 377 -31.42 -38.89 105.00
CA MET SB 377 -31.79 -39.44 106.30
C MET SB 377 -33.26 -39.12 106.58
N ILE SB 378 -34.03 -40.13 106.98
CA ILE SB 378 -35.41 -39.96 107.43
C ILE SB 378 -35.49 -40.51 108.85
N SER SB 379 -35.62 -39.61 109.84
CA SER SB 379 -35.48 -39.99 111.24
C SER SB 379 -36.77 -39.75 112.01
N ASN SB 380 -37.20 -40.77 112.76
CA ASN SB 380 -38.34 -40.68 113.66
C ASN SB 380 -37.83 -40.24 115.03
N SER SB 381 -38.26 -39.05 115.48
CA SER SB 381 -37.76 -38.50 116.72
C SER SB 381 -38.92 -37.98 117.56
N THR SB 382 -38.67 -37.82 118.87
CA THR SB 382 -39.68 -37.30 119.78
C THR SB 382 -39.59 -35.78 119.88
N ALA SB 383 -38.94 -35.15 118.89
CA ALA SB 383 -38.91 -33.69 118.80
C ALA SB 383 -40.17 -33.13 118.13
N ILE SB 384 -41.07 -34.02 117.72
CA ILE SB 384 -42.32 -33.65 117.06
C ILE SB 384 -43.29 -33.03 118.08
N ALA SB 385 -42.96 -33.08 119.38
CA ALA SB 385 -43.76 -32.49 120.45
C ALA SB 385 -43.89 -30.98 120.28
N GLU SB 386 -42.78 -30.33 119.88
CA GLU SB 386 -42.76 -28.88 119.81
C GLU SB 386 -43.55 -28.40 118.60
N VAL SB 387 -43.50 -29.14 117.49
CA VAL SB 387 -44.12 -28.71 116.25
C VAL SB 387 -45.64 -28.88 116.34
N PHE SB 388 -46.10 -29.75 117.23
CA PHE SB 388 -47.53 -29.84 117.53
C PHE SB 388 -47.92 -28.84 118.62
N SER SB 389 -47.01 -28.56 119.55
CA SER SB 389 -47.28 -27.61 120.63
C SER SB 389 -47.47 -26.19 120.06
N ARG SB 390 -46.76 -25.89 118.95
CA ARG SB 390 -46.88 -24.59 118.29
C ARG SB 390 -48.26 -24.46 117.66
N MET SB 391 -48.67 -25.47 116.87
CA MET SB 391 -49.95 -25.46 116.19
C MET SB 391 -51.10 -25.59 117.20
N ASP SB 392 -50.83 -26.23 118.33
CA ASP SB 392 -51.87 -26.43 119.32
C ASP SB 392 -52.20 -25.10 120.00
N HIS SB 393 -51.16 -24.35 120.33
CA HIS SB 393 -51.37 -23.10 121.03
C HIS SB 393 -51.94 -22.04 120.11
N LYS SB 394 -51.61 -22.12 118.83
CA LYS SB 394 -52.20 -21.26 117.80
C LYS SB 394 -53.70 -21.51 117.68
N PHE SB 395 -54.10 -22.79 117.76
CA PHE SB 395 -55.48 -23.18 117.60
C PHE SB 395 -56.32 -22.77 118.82
N ASP SB 396 -55.68 -22.77 120.00
CA ASP SB 396 -56.37 -22.45 121.24
C ASP SB 396 -56.72 -20.96 121.32
N LEU SB 397 -55.85 -20.11 120.80
CA LEU SB 397 -56.09 -18.67 120.84
C LEU SB 397 -57.22 -18.27 119.89
N MET SB 398 -57.25 -18.89 118.71
CA MET SB 398 -58.22 -18.52 117.69
C MET SB 398 -59.60 -19.07 118.03
N TYR SB 399 -59.65 -20.33 118.50
CA TYR SB 399 -60.87 -21.02 118.84
C TYR SB 399 -61.47 -20.49 120.15
N ALA SB 400 -60.71 -19.73 120.93
CA ALA SB 400 -61.20 -19.23 122.22
C ALA SB 400 -62.40 -18.30 122.03
N LYS SB 401 -62.44 -17.57 120.91
CA LYS SB 401 -63.61 -16.71 120.65
C LYS SB 401 -64.05 -16.86 119.19
N ARG SB 402 -64.00 -18.10 118.69
CA ARG SB 402 -64.73 -18.57 117.52
C ARG SB 402 -64.41 -17.77 116.24
N ALA SB 403 -63.15 -17.38 116.08
CA ALA SB 403 -62.73 -16.68 114.86
C ALA SB 403 -62.73 -17.65 113.68
N PHE SB 404 -63.25 -17.16 112.53
CA PHE SB 404 -63.26 -17.88 111.26
C PHE SB 404 -63.90 -19.26 111.39
N VAL SB 405 -65.01 -19.30 112.15
CA VAL SB 405 -65.68 -20.55 112.40
C VAL SB 405 -66.88 -20.65 111.47
N HIS SB 406 -67.54 -19.51 111.27
CA HIS SB 406 -68.77 -19.46 110.50
C HIS SB 406 -68.53 -19.84 109.04
N TRP SB 407 -67.30 -19.63 108.52
CA TRP SB 407 -67.01 -20.14 107.18
C TRP SB 407 -67.01 -21.67 107.10
N TYR SB 408 -66.58 -22.33 108.18
CA TYR SB 408 -66.54 -23.78 108.17
C TYR SB 408 -67.94 -24.35 108.42
N VAL SB 409 -68.74 -23.69 109.28
CA VAL SB 409 -70.03 -24.20 109.69
C VAL SB 409 -71.03 -24.13 108.52
N GLY SB 410 -70.91 -23.07 107.71
CA GLY SB 410 -71.87 -22.79 106.64
C GLY SB 410 -71.76 -23.76 105.47
N GLU SB 411 -70.62 -24.47 105.35
CA GLU SB 411 -70.38 -25.35 104.22
C GLU SB 411 -70.74 -26.80 104.52
N GLY SB 412 -71.27 -27.10 105.72
CA GLY SB 412 -71.75 -28.44 106.02
C GLY SB 412 -71.11 -29.07 107.26
N MET SB 413 -69.87 -28.66 107.56
CA MET SB 413 -69.16 -29.17 108.72
C MET SB 413 -69.82 -28.64 109.98
N GLU SB 414 -70.09 -29.56 110.92
CA GLU SB 414 -70.72 -29.15 112.17
C GLU SB 414 -69.67 -28.45 113.04
N GLU SB 415 -70.15 -27.70 114.04
CA GLU SB 415 -69.29 -27.24 115.12
C GLU SB 415 -69.21 -28.37 116.14
N GLY SB 416 -68.02 -28.90 116.36
CA GLY SB 416 -67.84 -30.07 117.19
C GLY SB 416 -66.76 -31.00 116.65
N GLU SB 417 -66.59 -31.00 115.33
CA GLU SB 417 -65.39 -31.57 114.76
C GLU SB 417 -64.18 -30.69 115.10
N PHE SB 418 -64.39 -29.38 115.30
CA PHE SB 418 -63.35 -28.54 115.89
C PHE SB 418 -63.06 -28.96 117.33
N SER SB 419 -64.10 -29.35 118.07
CA SER SB 419 -63.93 -29.73 119.46
C SER SB 419 -63.15 -31.04 119.55
N GLU SB 420 -63.58 -32.06 118.79
CA GLU SB 420 -63.06 -33.41 118.95
C GLU SB 420 -61.64 -33.53 118.41
N ALA SB 421 -61.31 -32.77 117.36
CA ALA SB 421 -59.95 -32.79 116.80
C ALA SB 421 -58.96 -32.13 117.76
N ARG SB 422 -59.45 -31.31 118.70
CA ARG SB 422 -58.60 -30.66 119.67
C ARG SB 422 -57.94 -31.69 120.60
N GLU SB 423 -58.76 -32.56 121.22
CA GLU SB 423 -58.18 -33.53 122.11
C GLU SB 423 -57.49 -34.66 121.35
N ASP SB 424 -57.86 -34.88 120.09
CA ASP SB 424 -57.18 -35.84 119.23
C ASP SB 424 -55.72 -35.45 119.05
N LEU SB 425 -55.47 -34.16 118.83
CA LEU SB 425 -54.11 -33.64 118.82
C LEU SB 425 -53.50 -33.71 120.22
N ALA SB 426 -54.33 -33.52 121.26
CA ALA SB 426 -53.85 -33.63 122.63
C ALA SB 426 -53.55 -35.09 122.98
N ALA SB 427 -54.34 -36.03 122.45
CA ALA SB 427 -54.07 -37.45 122.64
C ALA SB 427 -52.75 -37.83 121.95
N LEU SB 428 -52.49 -37.22 120.79
CA LEU SB 428 -51.22 -37.42 120.09
C LEU SB 428 -50.06 -36.82 120.89
N GLU SB 429 -50.31 -35.65 121.52
CA GLU SB 429 -49.29 -34.91 122.26
C GLU SB 429 -48.89 -35.71 123.51
N LYS SB 430 -49.88 -36.33 124.17
CA LYS SB 430 -49.63 -37.08 125.38
C LYS SB 430 -48.81 -38.33 125.09
N ASP SB 431 -49.08 -38.97 123.94
CA ASP SB 431 -48.42 -40.22 123.58
C ASP SB 431 -46.93 -39.99 123.31
N TYR SB 432 -46.58 -38.87 122.67
CA TYR SB 432 -45.18 -38.54 122.46
C TYR SB 432 -44.48 -38.19 123.78
N GLU SB 433 -45.23 -37.75 124.78
CA GLU SB 433 -44.64 -37.46 126.08
C GLU SB 433 -44.32 -38.76 126.82
N GLU SB 434 -45.28 -39.70 126.81
CA GLU SB 434 -45.15 -40.94 127.57
C GLU SB 434 -44.17 -41.92 126.91
N VAL SB 435 -43.95 -41.77 125.61
CA VAL SB 435 -43.01 -42.62 124.90
C VAL SB 435 -41.58 -42.18 125.18
N GLY SB 436 -41.39 -40.96 125.66
CA GLY SB 436 -40.08 -40.45 126.00
C GLY SB 436 -39.73 -40.67 127.47
N ILE SB 437 -39.90 -41.90 127.95
CA ILE SB 437 -39.64 -42.25 129.34
C ILE SB 437 -38.62 -43.37 129.41
N MET TB 1 -63.65 -22.03 83.02
CA MET TB 1 -63.06 -21.32 84.17
C MET TB 1 -64.13 -20.46 84.82
N ARG TB 2 -63.87 -19.15 84.92
CA ARG TB 2 -64.71 -18.22 85.64
C ARG TB 2 -64.75 -16.91 84.85
N GLU TB 3 -65.86 -16.18 84.98
CA GLU TB 3 -65.94 -14.80 84.50
C GLU TB 3 -66.41 -13.90 85.65
N ILE TB 4 -65.78 -12.72 85.75
CA ILE TB 4 -66.20 -11.70 86.68
C ILE TB 4 -67.14 -10.74 85.94
N VAL TB 5 -68.40 -10.73 86.35
CA VAL TB 5 -69.33 -9.77 85.77
C VAL TB 5 -69.09 -8.39 86.39
N HIS TB 6 -68.94 -7.39 85.52
CA HIS TB 6 -68.63 -6.04 85.94
C HIS TB 6 -69.87 -5.17 85.80
N VAL TB 7 -70.32 -4.61 86.93
CA VAL TB 7 -71.53 -3.83 86.98
C VAL TB 7 -71.15 -2.44 87.43
N GLN TB 8 -71.67 -1.45 86.71
CA GLN TB 8 -71.14 -0.10 86.84
C GLN TB 8 -72.27 0.88 86.95
N GLY TB 9 -72.33 1.63 88.06
CA GLY TB 9 -73.49 2.44 88.33
C GLY TB 9 -73.15 3.84 88.86
N GLY TB 10 -73.99 4.82 88.51
CA GLY TB 10 -73.82 6.17 88.98
C GLY TB 10 -72.80 6.95 88.13
N GLN TB 11 -72.68 8.24 88.49
CA GLN TB 11 -71.72 9.24 88.03
C GLN TB 11 -70.30 8.70 88.19
N CYS TB 12 -69.97 8.35 89.44
CA CYS TB 12 -68.60 8.13 89.82
C CYS TB 12 -68.23 6.74 89.30
N GLY TB 13 -69.19 5.80 89.41
CA GLY TB 13 -69.01 4.39 89.06
C GLY TB 13 -68.66 4.20 87.57
N ASN TB 14 -69.34 4.99 86.73
CA ASN TB 14 -69.02 4.98 85.31
C ASN TB 14 -67.67 5.60 85.05
N GLN TB 15 -67.45 6.78 85.64
CA GLN TB 15 -66.32 7.58 85.23
C GLN TB 15 -64.97 7.00 85.67
N ILE TB 16 -64.95 6.33 86.83
CA ILE TB 16 -63.72 5.69 87.28
C ILE TB 16 -63.59 4.31 86.63
N GLY TB 17 -64.72 3.72 86.25
CA GLY TB 17 -64.70 2.37 85.69
C GLY TB 17 -64.71 2.28 84.16
N ALA TB 18 -65.04 3.40 83.51
CA ALA TB 18 -64.78 3.57 82.08
C ALA TB 18 -63.29 3.39 81.79
N LYS TB 19 -62.51 4.02 82.65
CA LYS TB 19 -61.07 4.04 82.48
C LYS TB 19 -60.45 2.82 83.17
N PHE TB 20 -61.24 2.04 83.89
CA PHE TB 20 -60.81 0.69 84.24
C PHE TB 20 -60.67 -0.17 82.99
N TRP TB 21 -61.56 0.01 82.01
CA TRP TB 21 -61.45 -0.82 80.82
C TRP TB 21 -60.41 -0.27 79.87
N GLU TB 22 -59.96 0.95 80.15
CA GLU TB 22 -58.74 1.45 79.52
C GLU TB 22 -57.55 0.60 79.92
N VAL TB 23 -57.46 0.20 81.19
CA VAL TB 23 -56.27 -0.40 81.74
C VAL TB 23 -56.25 -1.90 81.47
N ILE TB 24 -57.40 -2.56 81.63
CA ILE TB 24 -57.50 -4.00 81.40
C ILE TB 24 -57.21 -4.34 79.94
N SER TB 25 -57.81 -3.56 79.03
CA SER TB 25 -57.58 -3.73 77.60
C SER TB 25 -56.12 -3.44 77.23
N ASP TB 26 -55.48 -2.53 77.96
CA ASP TB 26 -54.08 -2.20 77.72
C ASP TB 26 -53.18 -3.37 78.10
N GLU TB 27 -53.45 -3.99 79.25
CA GLU TB 27 -52.64 -5.11 79.71
C GLU TB 27 -52.85 -6.31 78.79
N HIS TB 28 -54.10 -6.53 78.38
CA HIS TB 28 -54.43 -7.65 77.52
C HIS TB 28 -54.12 -7.34 76.05
N GLY TB 29 -53.81 -6.08 75.73
CA GLY TB 29 -53.47 -5.68 74.37
C GLY TB 29 -54.67 -5.76 73.43
N ILE TB 30 -55.70 -4.98 73.74
CA ILE TB 30 -56.89 -4.92 72.92
C ILE TB 30 -56.93 -3.58 72.19
N ASP TB 31 -56.92 -3.68 70.86
CA ASP TB 31 -57.19 -2.56 69.97
C ASP TB 31 -58.59 -2.03 70.28
N PRO TB 32 -58.80 -0.69 70.39
CA PRO TB 32 -60.13 -0.10 70.54
C PRO TB 32 -61.26 -0.61 69.67
N THR TB 33 -60.93 -1.22 68.54
CA THR TB 33 -61.93 -1.84 67.67
C THR TB 33 -62.21 -3.29 68.08
N GLY TB 34 -61.51 -3.79 69.10
CA GLY TB 34 -61.78 -5.11 69.63
C GLY TB 34 -60.77 -6.19 69.25
N THR TB 35 -59.95 -5.96 68.22
CA THR TB 35 -59.00 -6.99 67.79
C THR TB 35 -57.82 -7.08 68.77
N TYR TB 36 -57.03 -8.14 68.63
CA TYR TB 36 -55.86 -8.31 69.47
C TYR TB 36 -54.59 -7.92 68.73
N CYS TB 37 -53.65 -7.28 69.45
CA CYS TB 37 -52.29 -7.09 68.98
C CYS TB 37 -51.34 -7.12 70.17
N GLY TB 38 -50.19 -7.78 70.04
CA GLY TB 38 -49.26 -7.89 71.16
C GLY TB 38 -48.52 -9.24 71.21
N ASP TB 39 -48.77 -10.11 70.20
CA ASP TB 39 -47.98 -11.26 69.79
C ASP TB 39 -47.41 -12.09 70.94
N SER TB 40 -48.25 -12.46 71.91
CA SER TB 40 -47.87 -13.40 72.94
C SER TB 40 -49.08 -14.19 73.41
N ASP TB 41 -48.85 -15.30 74.11
CA ASP TB 41 -49.94 -16.21 74.44
C ASP TB 41 -50.55 -15.95 75.82
N LEU TB 42 -49.71 -15.37 76.70
CA LEU TB 42 -50.05 -15.24 78.11
C LEU TB 42 -51.25 -14.31 78.35
N GLN TB 43 -51.45 -13.31 77.50
CA GLN TB 43 -52.66 -12.49 77.57
C GLN TB 43 -53.91 -13.29 77.24
N LEU TB 44 -53.88 -14.04 76.13
CA LEU TB 44 -55.10 -14.52 75.50
C LEU TB 44 -55.58 -15.85 76.06
N GLU TB 45 -54.71 -16.53 76.82
CA GLU TB 45 -55.07 -17.86 77.30
C GLU TB 45 -56.19 -17.80 78.35
N ARG TB 46 -56.20 -16.73 79.14
CA ARG TB 46 -57.25 -16.51 80.12
C ARG TB 46 -57.81 -15.11 79.90
N ILE TB 47 -58.72 -14.97 78.94
CA ILE TB 47 -59.29 -13.67 78.59
C ILE TB 47 -60.80 -13.62 78.85
N ASN TB 48 -61.42 -14.78 79.01
CA ASN TB 48 -62.87 -14.84 79.16
C ASN TB 48 -63.28 -14.50 80.59
N VAL TB 49 -62.30 -14.18 81.45
CA VAL TB 49 -62.58 -13.71 82.79
C VAL TB 49 -63.20 -12.30 82.73
N PHE TB 50 -62.95 -11.56 81.64
CA PHE TB 50 -63.47 -10.21 81.49
C PHE TB 50 -64.02 -9.90 80.10
N TYR TB 51 -63.89 -10.84 79.15
CA TYR TB 51 -64.33 -10.58 77.80
C TYR TB 51 -65.15 -11.74 77.24
N ASN TB 52 -65.82 -11.47 76.11
CA ASN TB 52 -66.61 -12.46 75.41
C ASN TB 52 -66.28 -12.43 73.92
N GLU TB 53 -66.21 -13.61 73.30
CA GLU TB 53 -66.05 -13.73 71.86
C GLU TB 53 -67.32 -13.26 71.15
N ALA TB 54 -67.18 -12.52 70.05
CA ALA TB 54 -68.29 -11.91 69.35
C ALA TB 54 -68.21 -12.23 67.85
N THR TB 55 -68.00 -13.52 67.54
CA THR TB 55 -68.02 -14.13 66.20
C THR TB 55 -67.23 -13.43 65.08
N GLY TB 56 -66.46 -12.39 65.37
CA GLY TB 56 -65.72 -11.69 64.33
C GLY TB 56 -64.27 -11.56 64.77
N GLY TB 57 -63.97 -12.27 65.87
CA GLY TB 57 -62.70 -12.17 66.55
C GLY TB 57 -62.64 -11.06 67.60
N ARG TB 58 -63.68 -10.23 67.68
CA ARG TB 58 -63.66 -9.06 68.55
C ARG TB 58 -64.12 -9.43 69.96
N PHE TB 59 -63.47 -8.82 70.96
CA PHE TB 59 -63.76 -9.10 72.35
C PHE TB 59 -64.60 -7.98 72.94
N VAL TB 60 -65.81 -8.31 73.37
CA VAL TB 60 -66.66 -7.36 74.05
C VAL TB 60 -66.51 -7.56 75.55
N PRO TB 61 -66.43 -6.47 76.35
CA PRO TB 61 -66.43 -6.62 77.80
C PRO TB 61 -67.79 -7.14 78.27
N ARG TB 62 -67.78 -8.01 79.28
CA ARG TB 62 -69.00 -8.44 79.95
C ARG TB 62 -69.34 -7.42 81.05
N ALA TB 63 -69.50 -6.17 80.61
CA ALA TB 63 -69.72 -5.04 81.49
C ALA TB 63 -71.08 -4.44 81.24
N ILE TB 64 -71.72 -4.03 82.34
CA ILE TB 64 -73.03 -3.40 82.28
C ILE TB 64 -72.91 -2.03 82.90
N LEU TB 65 -73.43 -1.03 82.17
CA LEU TB 65 -73.42 0.35 82.61
C LEU TB 65 -74.81 0.76 83.04
N MET TB 66 -74.89 1.42 84.21
CA MET TB 66 -76.15 1.87 84.73
C MET TB 66 -76.04 3.35 85.03
N ASP TB 67 -77.12 4.04 84.72
CA ASP TB 67 -77.33 5.33 85.34
C ASP TB 67 -78.79 5.68 85.12
N LEU TB 68 -79.24 6.66 85.90
CA LEU TB 68 -80.58 7.17 85.79
C LEU TB 68 -80.63 8.39 84.86
N GLU TB 69 -79.47 8.81 84.33
CA GLU TB 69 -79.39 9.82 83.28
C GLU TB 69 -78.45 9.30 82.19
N PRO TB 70 -78.71 9.61 80.91
CA PRO TB 70 -77.82 9.17 79.82
C PRO TB 70 -76.71 10.18 79.51
N GLY TB 71 -76.33 10.96 80.52
CA GLY TB 71 -75.32 12.00 80.39
C GLY TB 71 -73.92 11.44 80.18
N THR TB 72 -73.48 10.70 81.19
CA THR TB 72 -72.12 10.18 81.22
C THR TB 72 -71.97 9.00 80.27
N MET TB 73 -73.08 8.38 79.90
CA MET TB 73 -73.12 7.27 78.94
C MET TB 73 -72.71 7.80 77.57
N ASP TB 74 -73.13 9.01 77.22
CA ASP TB 74 -72.76 9.61 75.96
C ASP TB 74 -71.26 9.96 75.95
N SER TB 75 -70.77 10.45 77.10
CA SER TB 75 -69.38 10.88 77.19
C SER TB 75 -68.43 9.69 77.08
N VAL TB 76 -68.79 8.58 77.71
CA VAL TB 76 -67.98 7.38 77.63
C VAL TB 76 -67.97 6.77 76.21
N ARG TB 77 -69.13 6.78 75.50
CA ARG TB 77 -69.30 6.37 74.08
C ARG TB 77 -68.35 7.20 73.19
N ALA TB 78 -68.25 8.51 73.51
CA ALA TB 78 -67.64 9.46 72.59
C ALA TB 78 -66.10 9.46 72.70
N GLY TB 79 -65.57 8.96 73.82
CA GLY TB 79 -64.14 9.03 74.11
C GLY TB 79 -63.38 7.88 73.47
N PRO TB 80 -62.06 7.77 73.78
CA PRO TB 80 -61.25 6.64 73.33
C PRO TB 80 -61.79 5.37 73.99
N PHE TB 81 -61.69 4.25 73.26
CA PHE TB 81 -62.24 2.97 73.68
C PHE TB 81 -63.75 3.03 73.90
N GLY TB 82 -64.43 3.84 73.07
CA GLY TB 82 -65.89 3.94 73.02
C GLY TB 82 -66.64 2.79 72.33
N GLN TB 83 -66.02 2.19 71.29
CA GLN TB 83 -66.72 1.20 70.48
C GLN TB 83 -66.61 -0.19 71.09
N LEU TB 84 -65.89 -0.38 72.20
CA LEU TB 84 -65.59 -1.70 72.71
C LEU TB 84 -66.87 -2.32 73.29
N PHE TB 85 -67.66 -1.48 73.98
CA PHE TB 85 -68.82 -1.99 74.68
C PHE TB 85 -69.95 -2.22 73.70
N ARG TB 86 -70.81 -3.16 74.07
CA ARG TB 86 -72.01 -3.34 73.31
C ARG TB 86 -73.00 -2.27 73.71
N PRO TB 87 -73.68 -1.62 72.73
CA PRO TB 87 -74.70 -0.61 73.05
C PRO TB 87 -75.93 -1.18 73.74
N ASP TB 88 -76.13 -2.49 73.63
CA ASP TB 88 -77.21 -3.13 74.36
C ASP TB 88 -76.97 -3.13 75.88
N ASN TB 89 -75.72 -3.25 76.31
CA ASN TB 89 -75.35 -3.33 77.73
C ASN TB 89 -75.63 -2.04 78.50
N PHE TB 90 -75.82 -0.97 77.72
CA PHE TB 90 -76.20 0.29 78.34
C PHE TB 90 -77.66 0.21 78.78
N VAL TB 91 -77.93 0.69 79.99
CA VAL TB 91 -79.30 0.85 80.45
C VAL TB 91 -79.44 2.27 80.96
N PHE TB 92 -80.44 2.96 80.39
CA PHE TB 92 -80.63 4.39 80.55
C PHE TB 92 -81.83 4.63 81.47
N GLY TB 93 -81.71 5.68 82.31
CA GLY TB 93 -82.87 6.34 82.89
C GLY TB 93 -83.10 7.65 82.16
N GLN TB 94 -84.26 8.23 82.41
CA GLN TB 94 -84.61 9.50 81.78
C GLN TB 94 -84.68 10.65 82.80
N THR TB 95 -84.86 10.31 84.09
CA THR TB 95 -85.14 11.28 85.14
C THR TB 95 -83.89 11.68 85.92
N GLY TB 96 -83.26 10.70 86.59
CA GLY TB 96 -82.10 10.94 87.45
C GLY TB 96 -82.50 11.23 88.90
N ALA TB 97 -81.82 10.57 89.85
CA ALA TB 97 -82.05 10.72 91.28
C ALA TB 97 -81.19 11.86 91.82
N GLY TB 98 -81.84 12.96 92.18
CA GLY TB 98 -81.12 14.15 92.62
C GLY TB 98 -80.56 14.03 94.03
N ASN TB 99 -79.50 13.22 94.17
CA ASN TB 99 -78.83 13.01 95.44
C ASN TB 99 -79.79 12.51 96.53
N ASN TB 100 -80.74 11.66 96.12
CA ASN TB 100 -81.74 11.14 97.02
C ASN TB 100 -81.71 9.63 96.92
N TRP TB 101 -81.35 9.00 98.05
CA TRP TB 101 -81.30 7.57 98.13
C TRP TB 101 -82.70 6.97 97.98
N ALA TB 102 -83.72 7.73 98.39
CA ALA TB 102 -85.09 7.22 98.38
C ALA TB 102 -85.55 7.01 96.94
N LYS TB 103 -85.33 7.99 96.08
CA LYS TB 103 -85.73 7.84 94.67
C LYS TB 103 -84.68 7.06 93.88
N GLY TB 104 -83.53 6.78 94.51
CA GLY TB 104 -82.59 5.85 93.93
C GLY TB 104 -83.05 4.40 94.14
N HIS TB 105 -83.64 4.13 95.31
CA HIS TB 105 -83.91 2.77 95.74
C HIS TB 105 -85.39 2.41 95.69
N TYR TB 106 -86.27 3.26 96.22
CA TYR TB 106 -87.65 2.86 96.44
C TYR TB 106 -88.54 3.16 95.24
N THR TB 107 -88.47 4.39 94.75
CA THR TB 107 -89.53 4.90 93.90
C THR TB 107 -89.12 4.82 92.44
N GLU TB 108 -88.05 5.55 92.06
CA GLU TB 108 -87.68 5.65 90.66
C GLU TB 108 -86.80 4.47 90.25
N GLY TB 109 -86.00 3.95 91.19
CA GLY TB 109 -85.11 2.83 90.92
C GLY TB 109 -85.80 1.50 90.62
N ALA TB 110 -87.10 1.42 90.98
CA ALA TB 110 -87.87 0.19 90.83
C ALA TB 110 -88.18 -0.10 89.35
N GLU TB 111 -88.50 0.94 88.58
CA GLU TB 111 -88.94 0.76 87.20
C GLU TB 111 -87.78 0.39 86.27
N LEU TB 112 -86.54 0.64 86.71
CA LEU TB 112 -85.37 0.39 85.88
C LEU TB 112 -84.66 -0.90 86.28
N ILE TB 113 -84.88 -1.35 87.53
CA ILE TB 113 -84.19 -2.52 88.04
C ILE TB 113 -84.60 -3.78 87.28
N ASP TB 114 -85.80 -3.77 86.67
CA ASP TB 114 -86.35 -4.79 85.78
C ASP TB 114 -85.39 -5.04 84.61
N SER TB 115 -85.01 -3.94 83.95
CA SER TB 115 -84.30 -3.97 82.69
C SER TB 115 -82.88 -4.39 82.97
N VAL TB 116 -82.30 -3.88 84.07
CA VAL TB 116 -80.89 -4.16 84.33
C VAL TB 116 -80.73 -5.55 84.93
N LEU TB 117 -81.78 -6.05 85.61
CA LEU TB 117 -81.71 -7.42 86.06
C LEU TB 117 -81.83 -8.37 84.87
N ASP TB 118 -82.52 -7.92 83.78
CA ASP TB 118 -82.67 -8.73 82.58
C ASP TB 118 -81.32 -8.95 81.90
N VAL TB 119 -80.50 -7.88 81.87
CA VAL TB 119 -79.24 -7.95 81.15
C VAL TB 119 -78.22 -8.75 81.96
N VAL TB 120 -78.32 -8.68 83.29
CA VAL TB 120 -77.34 -9.37 84.11
C VAL TB 120 -77.65 -10.87 84.19
N ARG TB 121 -78.93 -11.23 83.98
CA ARG TB 121 -79.31 -12.64 83.95
C ARG TB 121 -78.80 -13.30 82.67
N LYS TB 122 -78.78 -12.51 81.59
CA LYS TB 122 -78.44 -13.09 80.31
C LYS TB 122 -76.94 -13.42 80.20
N GLU TB 123 -76.11 -12.50 80.67
CA GLU TB 123 -74.65 -12.65 80.51
C GLU TB 123 -73.95 -13.24 81.73
N ALA TB 124 -74.72 -13.63 82.76
CA ALA TB 124 -74.17 -14.44 83.85
C ALA TB 124 -74.46 -15.94 83.68
N GLU TB 125 -75.69 -16.24 83.22
CA GLU TB 125 -76.13 -17.60 82.90
C GLU TB 125 -75.39 -18.21 81.70
N GLY TB 126 -75.02 -17.35 80.72
CA GLY TB 126 -74.43 -17.72 79.44
C GLY TB 126 -73.09 -18.48 79.48
N CYS TB 127 -72.37 -18.43 80.62
CA CYS TB 127 -70.98 -18.88 80.71
C CYS TB 127 -70.93 -20.37 81.14
N ASP TB 128 -69.74 -20.91 81.45
CA ASP TB 128 -69.62 -22.24 82.03
C ASP TB 128 -70.07 -22.26 83.50
N CYS TB 129 -69.41 -21.45 84.38
CA CYS TB 129 -69.69 -21.28 85.80
C CYS TB 129 -68.99 -20.02 86.31
N LEU TB 130 -69.74 -18.97 86.63
CA LEU TB 130 -69.19 -17.68 87.06
C LEU TB 130 -68.64 -17.78 88.48
N GLN TB 131 -67.65 -16.94 88.77
CA GLN TB 131 -67.13 -16.86 90.12
C GLN TB 131 -67.87 -15.81 90.94
N GLY TB 132 -67.94 -14.57 90.45
CA GLY TB 132 -68.55 -13.53 91.25
C GLY TB 132 -68.79 -12.22 90.50
N PHE TB 133 -69.02 -11.14 91.25
CA PHE TB 133 -69.41 -9.86 90.71
C PHE TB 133 -68.48 -8.79 91.24
N GLN TB 134 -68.39 -7.71 90.46
CA GLN TB 134 -67.55 -6.58 90.81
C GLN TB 134 -68.31 -5.29 90.48
N ILE TB 135 -68.66 -4.53 91.51
CA ILE TB 135 -69.52 -3.37 91.38
C ILE TB 135 -68.72 -2.15 91.78
N THR TB 136 -68.90 -1.08 91.00
CA THR TB 136 -68.18 0.15 91.21
C THR TB 136 -69.16 1.30 91.23
N HIS TB 137 -69.13 2.09 92.31
CA HIS TB 137 -70.08 3.17 92.54
C HIS TB 137 -69.57 4.11 93.62
N SER TB 138 -70.40 5.11 93.97
CA SER TB 138 -70.14 6.07 95.03
C SER TB 138 -71.24 5.95 96.11
N LEU TB 139 -71.10 6.74 97.17
CA LEU TB 139 -72.05 6.71 98.27
C LEU TB 139 -72.74 8.06 98.52
N GLY TB 140 -72.02 9.14 98.15
CA GLY TB 140 -72.48 10.54 98.21
C GLY TB 140 -73.80 10.72 97.46
N GLY TB 141 -73.81 10.10 96.27
CA GLY TB 141 -74.81 10.27 95.24
C GLY TB 141 -76.13 9.54 95.53
N GLY TB 142 -77.06 9.74 94.60
CA GLY TB 142 -78.34 9.04 94.59
C GLY TB 142 -78.31 7.78 93.74
N THR TB 143 -77.87 7.90 92.48
CA THR TB 143 -78.01 6.85 91.50
C THR TB 143 -77.04 5.71 91.79
N GLY TB 144 -75.84 6.05 92.29
CA GLY TB 144 -74.81 5.05 92.55
C GLY TB 144 -75.08 4.37 93.91
N SER TB 145 -75.36 5.17 94.96
CA SER TB 145 -75.60 4.63 96.29
C SER TB 145 -76.95 3.88 96.34
N GLY TB 146 -78.00 4.53 95.85
CA GLY TB 146 -79.35 4.00 96.00
C GLY TB 146 -79.62 2.81 95.07
N MET TB 147 -79.61 3.07 93.77
CA MET TB 147 -80.03 2.05 92.80
C MET TB 147 -78.94 0.99 92.64
N GLY TB 148 -77.69 1.35 92.98
CA GLY TB 148 -76.61 0.38 93.07
C GLY TB 148 -76.83 -0.67 94.15
N THR TB 149 -77.24 -0.20 95.34
CA THR TB 149 -77.46 -1.08 96.48
C THR TB 149 -78.69 -1.98 96.26
N LEU TB 150 -79.65 -1.47 95.48
CA LEU TB 150 -80.82 -2.27 95.14
C LEU TB 150 -80.43 -3.49 94.30
N LEU TB 151 -79.48 -3.29 93.37
CA LEU TB 151 -79.01 -4.39 92.53
C LEU TB 151 -78.24 -5.40 93.37
N ILE TB 152 -77.49 -4.91 94.36
CA ILE TB 152 -76.72 -5.78 95.25
C ILE TB 152 -77.70 -6.69 96.01
N SER TB 153 -78.79 -6.11 96.52
CA SER TB 153 -79.78 -6.87 97.27
C SER TB 153 -80.47 -7.88 96.36
N LYS TB 154 -80.73 -7.49 95.11
CA LYS TB 154 -81.40 -8.38 94.16
C LYS TB 154 -80.54 -9.56 93.73
N VAL TB 155 -79.27 -9.30 93.39
CA VAL TB 155 -78.41 -10.34 92.85
C VAL TB 155 -78.00 -11.31 93.96
N ARG TB 156 -77.78 -10.78 95.19
CA ARG TB 156 -77.39 -11.59 96.34
C ARG TB 156 -78.50 -12.59 96.70
N GLU TB 157 -79.73 -12.25 96.35
CA GLU TB 157 -80.80 -13.20 96.55
C GLU TB 157 -80.80 -14.28 95.46
N GLU TB 158 -80.54 -13.82 94.23
CA GLU TB 158 -80.59 -14.66 93.05
C GLU TB 158 -79.40 -15.63 93.01
N TYR TB 159 -78.18 -15.10 93.16
CA TYR TB 159 -77.01 -15.94 93.24
C TYR TB 159 -76.48 -15.87 94.66
N PRO TB 160 -76.76 -16.90 95.48
CA PRO TB 160 -76.46 -16.82 96.90
C PRO TB 160 -75.09 -17.35 97.33
N ASP TB 161 -74.26 -17.76 96.37
CA ASP TB 161 -72.97 -18.37 96.64
C ASP TB 161 -71.80 -17.65 95.97
N ARG TB 162 -72.05 -16.79 94.99
CA ARG TB 162 -70.98 -16.09 94.30
C ARG TB 162 -70.42 -14.93 95.14
N ILE TB 163 -69.12 -14.63 94.99
CA ILE TB 163 -68.48 -13.54 95.72
C ILE TB 163 -68.94 -12.19 95.17
N MET TB 164 -68.88 -11.17 96.03
CA MET TB 164 -69.48 -9.89 95.72
C MET TB 164 -68.64 -8.77 96.32
N GLU TB 165 -67.75 -8.20 95.50
CA GLU TB 165 -66.80 -7.22 95.99
C GLU TB 165 -67.03 -5.86 95.31
N THR TB 166 -66.84 -4.77 96.08
CA THR TB 166 -67.27 -3.44 95.69
C THR TB 166 -66.13 -2.43 95.84
N PHE TB 167 -65.94 -1.62 94.79
CA PHE TB 167 -64.95 -0.54 94.80
C PHE TB 167 -65.68 0.77 95.07
N SER TB 168 -65.99 0.98 96.34
CA SER TB 168 -66.93 2.00 96.75
C SER TB 168 -66.19 3.28 97.13
N VAL TB 169 -66.70 4.41 96.63
CA VAL TB 169 -66.14 5.71 96.95
C VAL TB 169 -66.95 6.31 98.10
N PHE TB 170 -66.35 6.30 99.29
CA PHE TB 170 -67.00 6.81 100.49
C PHE TB 170 -67.08 8.32 100.44
N PRO TB 171 -67.96 8.96 101.23
CA PRO TB 171 -67.86 10.40 101.45
C PRO TB 171 -66.49 10.93 101.86
N SER TB 172 -66.30 12.23 101.62
CA SER TB 172 -65.06 12.95 101.90
C SER TB 172 -64.90 13.22 103.39
N PRO TB 173 -63.67 13.12 103.95
CA PRO TB 173 -63.36 13.73 105.24
C PRO TB 173 -63.65 15.23 105.38
N LYS TB 174 -62.97 16.06 104.57
CA LYS TB 174 -62.82 17.49 104.90
C LYS TB 174 -63.56 18.43 103.93
N VAL TB 175 -63.27 18.40 102.61
CA VAL TB 175 -64.02 19.23 101.65
C VAL TB 175 -65.15 18.41 101.04
N SER TB 176 -66.39 18.82 101.30
CA SER TB 176 -67.57 18.13 100.81
C SER TB 176 -68.66 19.13 100.45
N ASP TB 177 -69.06 19.11 99.17
CA ASP TB 177 -70.37 19.59 98.79
C ASP TB 177 -71.35 18.41 98.88
N THR TB 178 -72.58 18.59 98.41
CA THR TB 178 -73.66 17.63 98.56
C THR TB 178 -73.94 17.45 100.04
N VAL TB 179 -74.53 18.51 100.59
CA VAL TB 179 -74.78 18.66 102.00
C VAL TB 179 -75.59 17.48 102.54
N VAL TB 180 -76.45 16.85 101.73
CA VAL TB 180 -77.11 15.64 102.16
C VAL TB 180 -76.20 14.46 101.82
N GLU TB 181 -75.09 14.41 102.56
CA GLU TB 181 -74.10 13.37 102.36
C GLU TB 181 -74.34 12.19 103.33
N PRO TB 182 -74.37 12.40 104.66
CA PRO TB 182 -74.49 11.29 105.59
C PRO TB 182 -75.79 10.49 105.51
N TYR TB 183 -76.88 11.11 105.02
CA TYR TB 183 -78.13 10.36 104.84
C TYR TB 183 -77.94 9.24 103.81
N ASN TB 184 -77.30 9.55 102.66
CA ASN TB 184 -77.08 8.56 101.61
C ASN TB 184 -76.05 7.52 102.03
N ALA TB 185 -75.05 7.98 102.80
CA ALA TB 185 -73.96 7.11 103.24
C ALA TB 185 -74.46 6.06 104.23
N THR TB 186 -75.18 6.52 105.26
CA THR TB 186 -75.59 5.67 106.37
C THR TB 186 -76.57 4.60 105.87
N LEU TB 187 -77.45 5.01 104.93
CA LEU TB 187 -78.45 4.07 104.41
C LEU TB 187 -77.81 3.01 103.52
N SER TB 188 -76.75 3.41 102.79
CA SER TB 188 -76.05 2.49 101.94
C SER TB 188 -75.24 1.49 102.77
N VAL TB 189 -74.69 2.00 103.90
CA VAL TB 189 -73.79 1.22 104.73
C VAL TB 189 -74.52 0.05 105.39
N HIS TB 190 -75.69 0.30 105.98
CA HIS TB 190 -76.35 -0.76 106.74
C HIS TB 190 -76.97 -1.80 105.79
N GLN TB 191 -77.14 -1.43 104.51
CA GLN TB 191 -77.58 -2.41 103.53
C GLN TB 191 -76.38 -3.14 102.90
N LEU TB 192 -75.20 -2.50 102.95
CA LEU TB 192 -73.99 -3.12 102.43
C LEU TB 192 -73.47 -4.24 103.34
N VAL TB 193 -73.67 -4.08 104.67
CA VAL TB 193 -73.10 -5.01 105.64
C VAL TB 193 -73.78 -6.37 105.55
N GLU TB 194 -74.99 -6.38 105.00
CA GLU TB 194 -75.82 -7.57 104.98
C GLU TB 194 -75.70 -8.36 103.68
N ASN TB 195 -75.13 -7.78 102.62
CA ASN TB 195 -75.19 -8.43 101.30
C ASN TB 195 -73.85 -8.46 100.56
N ALA TB 196 -72.87 -7.64 100.97
CA ALA TB 196 -71.64 -7.51 100.21
C ALA TB 196 -70.53 -8.24 100.94
N ASP TB 197 -69.84 -9.12 100.23
CA ASP TB 197 -68.81 -9.93 100.85
C ASP TB 197 -67.59 -9.07 101.15
N GLU TB 198 -67.19 -8.25 100.19
CA GLU TB 198 -66.02 -7.41 100.35
C GLU TB 198 -66.36 -5.99 99.92
N VAL TB 199 -65.91 -5.00 100.70
CA VAL TB 199 -66.07 -3.60 100.37
C VAL TB 199 -64.71 -2.93 100.47
N GLN TB 200 -64.34 -2.22 99.41
CA GLN TB 200 -63.00 -1.63 99.34
C GLN TB 200 -63.16 -0.13 99.22
N VAL TB 201 -62.67 0.59 100.23
CA VAL TB 201 -63.05 1.97 100.42
C VAL TB 201 -62.05 2.87 99.72
N ILE TB 202 -62.56 3.95 99.14
CA ILE TB 202 -61.79 4.96 98.43
C ILE TB 202 -62.29 6.33 98.89
N ASP TB 203 -61.35 7.23 99.22
CA ASP TB 203 -61.64 8.61 99.58
C ASP TB 203 -60.96 9.56 98.59
N ASN TB 204 -61.61 10.68 98.30
CA ASN TB 204 -61.10 11.64 97.34
C ASN TB 204 -59.90 12.41 97.92
N GLU TB 205 -60.00 12.83 99.19
CA GLU TB 205 -58.93 13.57 99.81
C GLU TB 205 -57.80 12.60 100.18
N ALA TB 206 -58.07 11.28 100.15
CA ALA TB 206 -56.97 10.32 100.13
C ALA TB 206 -56.23 10.44 98.80
N LEU TB 207 -56.95 10.41 97.68
CA LEU TB 207 -56.35 10.44 96.35
C LEU TB 207 -55.73 11.79 96.04
N TYR TB 208 -56.30 12.88 96.56
CA TYR TB 208 -55.70 14.20 96.42
C TYR TB 208 -54.39 14.24 97.21
N ASP TB 209 -54.35 13.50 98.32
CA ASP TB 209 -53.18 13.49 99.17
C ASP TB 209 -52.06 12.66 98.54
N ILE TB 210 -52.41 11.61 97.80
CA ILE TB 210 -51.43 10.78 97.10
C ILE TB 210 -50.73 11.59 96.03
N CYS TB 211 -51.53 12.27 95.20
CA CYS TB 211 -51.01 12.89 94.00
C CYS TB 211 -50.41 14.26 94.29
N PHE TB 212 -50.32 14.65 95.59
CA PHE TB 212 -49.68 15.92 95.92
C PHE TB 212 -48.25 15.70 96.39
N ARG TB 213 -47.99 14.62 97.14
CA ARG TB 213 -46.64 14.32 97.60
C ARG TB 213 -45.93 13.33 96.69
N THR TB 214 -46.57 12.19 96.41
CA THR TB 214 -45.91 11.11 95.68
C THR TB 214 -45.81 11.47 94.21
N LEU TB 215 -46.95 11.66 93.54
CA LEU TB 215 -46.92 11.83 92.10
C LEU TB 215 -46.56 13.25 91.67
N LYS TB 216 -46.50 14.17 92.64
CA LYS TB 216 -46.04 15.54 92.46
C LYS TB 216 -46.82 16.31 91.41
N LEU TB 217 -48.03 15.85 91.06
CA LEU TB 217 -48.84 16.58 90.11
C LEU TB 217 -49.47 17.75 90.84
N THR TB 218 -49.29 18.96 90.30
CA THR TB 218 -49.78 20.14 91.00
C THR TB 218 -51.31 20.21 90.99
N THR TB 219 -51.91 19.98 89.82
CA THR TB 219 -53.35 20.11 89.61
C THR TB 219 -53.87 18.79 89.05
N PRO TB 220 -54.24 17.85 89.94
CA PRO TB 220 -54.71 16.53 89.51
C PRO TB 220 -56.17 16.50 89.07
N THR TB 221 -56.41 16.16 87.80
CA THR TB 221 -57.77 16.09 87.28
C THR TB 221 -58.40 14.76 87.70
N TYR TB 222 -59.69 14.51 87.37
CA TYR TB 222 -60.22 13.19 87.64
C TYR TB 222 -59.63 12.09 86.77
N GLY TB 223 -59.00 12.37 85.63
CA GLY TB 223 -58.38 11.32 84.83
C GLY TB 223 -57.28 10.55 85.56
N ASP TB 224 -56.37 11.32 86.17
CA ASP TB 224 -55.21 10.75 86.84
C ASP TB 224 -55.61 10.06 88.14
N LEU TB 225 -56.69 10.50 88.78
CA LEU TB 225 -57.21 9.81 89.96
C LEU TB 225 -57.73 8.44 89.55
N ASN TB 226 -58.42 8.34 88.41
CA ASN TB 226 -58.99 7.09 87.96
C ASN TB 226 -57.87 6.15 87.51
N HIS TB 227 -56.79 6.73 86.95
CA HIS TB 227 -55.62 5.99 86.50
C HIS TB 227 -54.94 5.31 87.69
N LEU TB 228 -54.97 6.03 88.83
CA LEU TB 228 -54.40 5.58 90.09
C LEU TB 228 -55.29 4.49 90.70
N VAL TB 229 -56.61 4.68 90.62
CA VAL TB 229 -57.55 3.74 91.21
C VAL TB 229 -57.58 2.47 90.36
N SER TB 230 -57.59 2.63 89.02
CA SER TB 230 -57.67 1.47 88.13
C SER TB 230 -56.38 0.66 88.17
N ALA TB 231 -55.27 1.28 88.59
CA ALA TB 231 -54.03 0.53 88.76
C ALA TB 231 -54.13 -0.49 89.89
N ALA TB 232 -54.61 -0.08 91.07
CA ALA TB 232 -54.79 -0.97 92.21
C ALA TB 232 -56.03 -1.85 91.99
N MET TB 233 -56.92 -1.41 91.08
CA MET TB 233 -58.16 -2.14 90.87
C MET TB 233 -57.86 -3.40 90.04
N SER TB 234 -57.01 -3.26 89.01
CA SER TB 234 -56.64 -4.38 88.16
C SER TB 234 -55.66 -5.32 88.86
N GLY TB 235 -54.98 -4.85 89.91
CA GLY TB 235 -54.03 -5.64 90.67
C GLY TB 235 -54.71 -6.73 91.50
N VAL TB 236 -56.01 -6.56 91.81
CA VAL TB 236 -56.72 -7.51 92.64
C VAL TB 236 -56.97 -8.81 91.86
N THR TB 237 -57.02 -8.70 90.53
CA THR TB 237 -57.29 -9.85 89.67
C THR TB 237 -56.07 -10.17 88.82
N CYS TB 238 -54.88 -10.00 89.40
CA CYS TB 238 -53.66 -10.46 88.76
C CYS TB 238 -53.63 -11.99 88.68
N CYS TB 239 -54.03 -12.64 89.77
CA CYS TB 239 -53.93 -14.09 89.88
C CYS TB 239 -54.87 -14.78 88.89
N LEU TB 240 -56.00 -14.12 88.56
CA LEU TB 240 -57.00 -14.75 87.72
C LEU TB 240 -56.55 -14.78 86.26
N ARG TB 241 -55.96 -13.68 85.79
CA ARG TB 241 -55.75 -13.52 84.36
C ARG TB 241 -54.39 -14.09 83.95
N PHE TB 242 -53.43 -14.11 84.88
CA PHE TB 242 -52.07 -14.53 84.54
C PHE TB 242 -51.63 -15.60 85.54
N PRO TB 243 -50.85 -16.61 85.13
CA PRO TB 243 -50.28 -17.56 86.10
C PRO TB 243 -49.16 -16.93 86.96
N GLY TB 244 -48.93 -17.52 88.14
CA GLY TB 244 -48.01 -17.02 89.16
C GLY TB 244 -47.53 -18.13 90.10
N GLN TB 245 -46.50 -17.84 90.89
CA GLN TB 245 -45.88 -18.79 91.83
C GLN TB 245 -46.84 -19.12 92.97
N LEU TB 246 -47.63 -18.14 93.40
CA LEU TB 246 -48.64 -18.33 94.44
C LEU TB 246 -49.89 -17.56 94.05
N ASN TB 247 -50.91 -18.31 93.64
CA ASN TB 247 -52.16 -17.75 93.15
C ASN TB 247 -53.11 -17.48 94.29
N SER TB 248 -53.96 -16.46 94.07
CA SER TB 248 -54.92 -16.03 95.06
C SER TB 248 -56.05 -15.29 94.36
N ASP TB 249 -57.19 -15.97 94.17
CA ASP TB 249 -58.34 -15.34 93.55
C ASP TB 249 -59.14 -14.55 94.61
N LEU TB 250 -60.39 -14.19 94.26
CA LEU TB 250 -61.19 -13.35 95.14
C LEU TB 250 -61.60 -14.12 96.40
N ARG TB 251 -61.95 -15.39 96.23
CA ARG TB 251 -62.41 -16.19 97.34
C ARG TB 251 -61.24 -16.58 98.26
N LYS TB 252 -60.04 -16.73 97.69
CA LYS TB 252 -58.80 -16.79 98.46
C LYS TB 252 -58.72 -15.57 99.39
N LEU TB 253 -59.01 -14.37 98.84
CA LEU TB 253 -58.81 -13.12 99.55
C LEU TB 253 -59.86 -12.96 100.65
N ALA TB 254 -61.07 -13.46 100.41
CA ALA TB 254 -62.19 -13.25 101.31
C ALA TB 254 -62.01 -14.04 102.61
N VAL TB 255 -61.57 -15.30 102.49
CA VAL TB 255 -61.45 -16.16 103.65
C VAL TB 255 -60.22 -15.75 104.46
N ASN TB 256 -59.32 -15.00 103.82
CA ASN TB 256 -58.03 -14.73 104.41
C ASN TB 256 -58.01 -13.38 105.12
N LEU TB 257 -58.99 -12.53 104.79
CA LEU TB 257 -59.06 -11.18 105.34
C LEU TB 257 -60.21 -10.98 106.34
N ILE TB 258 -61.21 -11.89 106.33
CA ILE TB 258 -62.45 -11.64 107.05
C ILE TB 258 -62.57 -12.63 108.21
N PRO TB 259 -62.29 -12.19 109.45
CA PRO TB 259 -62.48 -13.05 110.63
C PRO TB 259 -63.93 -13.32 111.00
N PHE TB 260 -64.76 -12.28 110.92
CA PHE TB 260 -66.16 -12.37 111.29
C PHE TB 260 -67.02 -11.72 110.21
N PRO TB 261 -68.22 -12.25 109.90
CA PRO TB 261 -68.94 -11.87 108.68
C PRO TB 261 -69.40 -10.43 108.62
N ARG TB 262 -69.73 -9.78 109.74
CA ARG TB 262 -70.22 -8.41 109.67
C ARG TB 262 -69.10 -7.41 109.35
N LEU TB 263 -67.87 -7.75 109.74
CA LEU TB 263 -66.76 -6.83 109.56
C LEU TB 263 -65.98 -7.20 108.31
N HIS TB 264 -66.24 -6.47 107.22
CA HIS TB 264 -65.58 -6.72 105.95
C HIS TB 264 -65.30 -5.42 105.21
N PHE TB 265 -64.76 -4.43 105.92
CA PHE TB 265 -64.44 -3.16 105.30
C PHE TB 265 -62.93 -3.03 105.20
N PHE TB 266 -62.47 -2.80 103.97
CA PHE TB 266 -61.05 -2.91 103.68
C PHE TB 266 -60.42 -1.56 103.42
N LEU TB 267 -59.14 -1.62 103.03
CA LEU TB 267 -58.29 -0.45 102.93
C LEU TB 267 -57.26 -0.71 101.84
N ILE TB 268 -57.32 0.10 100.77
CA ILE TB 268 -56.58 -0.18 99.55
C ILE TB 268 -55.31 0.67 99.50
N GLY TB 269 -54.20 0.03 99.11
CA GLY TB 269 -52.93 0.70 98.90
C GLY TB 269 -52.24 0.11 97.67
N PHE TB 270 -51.43 0.95 97.02
CA PHE TB 270 -50.71 0.55 95.83
C PHE TB 270 -49.29 1.09 95.90
N ALA TB 271 -48.35 0.32 95.35
CA ALA TB 271 -46.95 0.67 95.32
C ALA TB 271 -46.34 0.00 94.08
N PRO TB 272 -45.36 0.61 93.39
CA PRO TB 272 -44.75 1.88 93.75
C PRO TB 272 -45.46 3.09 93.15
N LEU TB 273 -45.15 4.28 93.70
CA LEU TB 273 -45.72 5.52 93.22
C LEU TB 273 -44.64 6.59 93.25
N THR TB 274 -44.15 6.93 92.04
CA THR TB 274 -43.10 7.93 91.90
C THR TB 274 -43.44 8.83 90.72
N SER TB 275 -42.96 10.09 90.76
CA SER TB 275 -43.19 11.05 89.70
C SER TB 275 -42.38 10.64 88.47
N ARG TB 276 -42.70 11.25 87.32
CA ARG TB 276 -41.99 10.99 86.08
C ARG TB 276 -40.56 11.55 86.17
N GLY TB 277 -40.38 12.66 86.89
CA GLY TB 277 -39.08 13.29 87.12
C GLY TB 277 -38.12 12.37 87.87
N SER TB 278 -38.53 11.91 89.05
CA SER TB 278 -37.71 11.09 89.91
C SER TB 278 -37.99 9.60 89.67
N GLN TB 279 -38.38 9.26 88.43
CA GLN TB 279 -38.64 7.87 88.07
C GLN TB 279 -37.36 7.05 88.11
N GLN TB 280 -36.25 7.66 87.66
CA GLN TB 280 -34.99 6.97 87.49
C GLN TB 280 -33.99 7.18 88.64
N TYR TB 281 -34.41 7.60 89.84
CA TYR TB 281 -33.42 7.74 90.93
C TYR TB 281 -33.55 6.70 92.04
N ARG TB 282 -34.34 5.65 91.84
CA ARG TB 282 -34.79 4.88 92.99
C ARG TB 282 -34.43 3.40 92.81
N ALA TB 283 -34.36 2.68 93.94
CA ALA TB 283 -34.00 1.27 93.92
C ALA TB 283 -35.28 0.44 94.04
N LEU TB 284 -35.75 -0.15 92.93
CA LEU TB 284 -36.99 -0.94 92.96
C LEU TB 284 -36.74 -2.35 93.50
N SER TB 285 -36.60 -2.45 94.83
CA SER TB 285 -36.34 -3.71 95.48
C SER TB 285 -37.41 -3.94 96.54
N VAL TB 286 -37.60 -5.22 96.89
CA VAL TB 286 -38.64 -5.63 97.82
C VAL TB 286 -38.50 -5.05 99.23
N PRO TB 287 -37.32 -4.62 99.75
CA PRO TB 287 -37.35 -3.77 100.95
C PRO TB 287 -38.06 -2.43 100.71
N GLU TB 288 -37.84 -1.79 99.55
CA GLU TB 288 -38.44 -0.48 99.32
C GLU TB 288 -39.94 -0.57 99.07
N LEU TB 289 -40.40 -1.61 98.34
CA LEU TB 289 -41.82 -1.75 98.02
C LEU TB 289 -42.62 -1.96 99.30
N THR TB 290 -42.08 -2.79 100.20
CA THR TB 290 -42.81 -3.17 101.40
C THR TB 290 -42.89 -1.98 102.37
N GLN TB 291 -41.85 -1.16 102.42
CA GLN TB 291 -41.92 0.04 103.22
C GLN TB 291 -42.84 1.09 102.61
N GLN TB 292 -43.01 1.05 101.29
CA GLN TB 292 -43.90 1.98 100.59
C GLN TB 292 -45.36 1.69 100.94
N MET TB 293 -45.73 0.40 101.00
CA MET TB 293 -47.12 0.05 101.20
C MET TB 293 -47.50 -0.14 102.68
N PHE TB 294 -46.51 -0.19 103.58
CA PHE TB 294 -46.82 0.05 105.00
C PHE TB 294 -46.43 1.47 105.38
N ASP TB 295 -47.26 2.42 104.97
CA ASP TB 295 -47.07 3.81 105.33
C ASP TB 295 -48.44 4.45 105.29
N ALA TB 296 -48.72 5.32 106.26
CA ALA TB 296 -50.03 5.92 106.42
C ALA TB 296 -50.37 6.81 105.21
N LYS TB 297 -49.33 7.41 104.60
CA LYS TB 297 -49.56 8.36 103.53
C LYS TB 297 -49.65 7.69 102.15
N ASN TB 298 -49.76 6.36 102.10
CA ASN TB 298 -49.88 5.63 100.85
C ASN TB 298 -51.26 4.99 100.66
N MET TB 299 -52.12 5.09 101.68
CA MET TB 299 -53.41 4.42 101.62
C MET TB 299 -54.42 5.25 100.83
N MET TB 300 -55.53 4.60 100.46
CA MET TB 300 -56.60 5.24 99.71
C MET TB 300 -57.82 5.46 100.61
N CYS TB 301 -57.60 5.57 101.93
CA CYS TB 301 -58.61 6.11 102.84
C CYS TB 301 -57.88 6.98 103.84
N ALA TB 302 -58.40 8.21 104.04
CA ALA TB 302 -57.69 9.14 104.92
C ALA TB 302 -58.05 8.88 106.39
N SER TB 303 -57.90 7.62 106.80
CA SER TB 303 -58.03 7.21 108.20
C SER TB 303 -56.70 6.62 108.66
N ASP TB 304 -56.23 7.03 109.84
CA ASP TB 304 -54.86 6.76 110.25
C ASP TB 304 -54.71 5.30 110.63
N PRO TB 305 -53.92 4.48 109.90
CA PRO TB 305 -53.71 3.09 110.31
C PRO TB 305 -52.79 2.93 111.54
N ARG TB 306 -52.15 4.01 111.97
CA ARG TB 306 -51.38 3.99 113.20
C ARG TB 306 -52.27 4.19 114.42
N HIS TB 307 -53.54 4.58 114.19
CA HIS TB 307 -54.48 4.81 115.28
C HIS TB 307 -55.34 3.58 115.58
N GLY TB 308 -55.00 2.47 114.91
CA GLY TB 308 -55.69 1.21 115.11
C GLY TB 308 -54.71 0.05 115.05
N ARG TB 309 -55.28 -1.15 114.99
CA ARG TB 309 -54.52 -2.38 114.81
C ARG TB 309 -55.00 -3.05 113.53
N TYR TB 310 -54.02 -3.50 112.73
CA TYR TB 310 -54.35 -4.35 111.60
C TYR TB 310 -54.83 -5.70 112.13
N LEU TB 311 -56.11 -6.01 111.86
CA LEU TB 311 -56.65 -7.32 112.18
C LEU TB 311 -55.98 -8.35 111.28
N THR TB 312 -56.23 -8.25 109.98
CA THR TB 312 -55.56 -9.04 108.97
C THR TB 312 -55.29 -8.15 107.77
N ALA TB 313 -54.32 -8.57 106.95
CA ALA TB 313 -54.00 -7.84 105.74
C ALA TB 313 -53.40 -8.81 104.72
N SER TB 314 -53.28 -8.34 103.48
CA SER TB 314 -52.73 -9.16 102.42
C SER TB 314 -52.01 -8.27 101.41
N ALA TB 315 -50.88 -8.78 100.91
CA ALA TB 315 -50.17 -8.14 99.81
C ALA TB 315 -50.10 -9.12 98.65
N MET TB 316 -50.43 -8.62 97.45
CA MET TB 316 -50.40 -9.46 96.28
C MET TB 316 -49.38 -8.89 95.32
N PHE TB 317 -48.18 -9.47 95.36
CA PHE TB 317 -47.03 -9.03 94.61
C PHE TB 317 -47.16 -9.40 93.13
N ARG TB 318 -46.68 -8.52 92.25
CA ARG TB 318 -46.67 -8.76 90.82
C ARG TB 318 -45.25 -8.59 90.30
N GLY TB 319 -44.81 -9.51 89.44
CA GLY TB 319 -43.51 -9.42 88.82
C GLY TB 319 -42.57 -10.53 89.23
N ARG TB 320 -41.51 -10.65 88.43
CA ARG TB 320 -40.42 -11.58 88.66
C ARG TB 320 -39.67 -11.13 89.91
N MET TB 321 -39.74 -11.95 90.97
CA MET TB 321 -39.12 -11.61 92.23
C MET TB 321 -38.77 -12.88 92.99
N SER TB 322 -38.26 -12.71 94.21
CA SER TB 322 -37.71 -13.82 94.98
C SER TB 322 -38.66 -14.15 96.12
N THR TB 323 -39.06 -15.42 96.17
CA THR TB 323 -40.09 -15.84 97.10
C THR TB 323 -39.56 -15.83 98.54
N LYS TB 324 -38.25 -16.02 98.71
CA LYS TB 324 -37.70 -16.07 100.06
C LYS TB 324 -37.68 -14.67 100.66
N GLU TB 325 -37.17 -13.74 99.83
CA GLU TB 325 -36.97 -12.37 100.30
C GLU TB 325 -38.30 -11.63 100.50
N VAL TB 326 -39.36 -12.12 99.83
CA VAL TB 326 -40.69 -11.56 100.04
C VAL TB 326 -41.30 -12.22 101.28
N ASP TB 327 -40.82 -13.41 101.66
CA ASP TB 327 -41.38 -14.07 102.82
C ASP TB 327 -40.71 -13.59 104.11
N GLU TB 328 -39.40 -13.35 104.05
CA GLU TB 328 -38.71 -12.98 105.26
C GLU TB 328 -39.04 -11.52 105.63
N GLN TB 329 -39.05 -10.64 104.63
CA GLN TB 329 -39.37 -9.23 104.81
C GLN TB 329 -40.80 -9.06 105.34
N MET TB 330 -41.76 -9.86 104.86
CA MET TB 330 -43.13 -9.76 105.32
C MET TB 330 -43.31 -10.39 106.71
N LEU TB 331 -42.27 -11.10 107.20
CA LEU TB 331 -42.20 -11.44 108.61
C LEU TB 331 -41.37 -10.38 109.36
N ASN TB 332 -40.51 -9.68 108.62
CA ASN TB 332 -39.67 -8.67 109.24
C ASN TB 332 -40.49 -7.48 109.71
N VAL TB 333 -41.58 -7.16 108.98
CA VAL TB 333 -42.51 -6.08 109.29
C VAL TB 333 -43.26 -6.41 110.57
N GLN TB 334 -43.61 -7.69 110.76
CA GLN TB 334 -44.43 -8.06 111.91
C GLN TB 334 -43.62 -8.08 113.20
N ASN TB 335 -42.32 -8.37 113.08
CA ASN TB 335 -41.51 -8.51 114.28
C ASN TB 335 -41.31 -7.16 114.96
N LYS TB 336 -41.05 -6.10 114.17
CA LYS TB 336 -40.92 -4.78 114.74
C LYS TB 336 -42.27 -4.10 115.01
N ASN TB 337 -43.19 -4.16 114.04
CA ASN TB 337 -44.46 -3.46 114.18
C ASN TB 337 -45.48 -4.34 114.88
N SER TB 338 -45.08 -4.92 116.02
CA SER TB 338 -45.96 -5.81 116.78
C SER TB 338 -47.09 -5.02 117.44
N SER TB 339 -46.80 -3.77 117.85
CA SER TB 339 -47.78 -2.92 118.51
C SER TB 339 -48.85 -2.39 117.55
N TYR TB 340 -48.61 -2.53 116.24
CA TYR TB 340 -49.55 -2.07 115.23
C TYR TB 340 -50.52 -3.19 114.78
N PHE TB 341 -50.24 -4.42 115.21
CA PHE TB 341 -51.10 -5.56 114.86
C PHE TB 341 -51.89 -6.04 116.07
N VAL TB 342 -52.61 -7.14 115.87
CA VAL TB 342 -53.43 -7.75 116.93
C VAL TB 342 -52.74 -9.03 117.40
N GLU TB 343 -53.14 -9.50 118.59
CA GLU TB 343 -52.42 -10.56 119.30
C GLU TB 343 -52.97 -11.96 118.99
N TRP TB 344 -54.29 -12.08 118.88
CA TRP TB 344 -54.88 -13.41 118.90
C TRP TB 344 -54.87 -14.09 117.51
N ILE TB 345 -54.39 -13.37 116.49
CA ILE TB 345 -54.19 -13.97 115.16
C ILE TB 345 -52.69 -14.02 114.91
N PRO TB 346 -52.08 -15.22 114.86
CA PRO TB 346 -50.67 -15.32 114.45
C PRO TB 346 -50.51 -15.15 112.93
N ASN TB 347 -49.55 -14.31 112.56
CA ASN TB 347 -49.15 -14.10 111.18
C ASN TB 347 -50.30 -13.57 110.34
N ASN TB 348 -50.65 -12.32 110.59
CA ASN TB 348 -51.76 -11.59 110.01
C ASN TB 348 -51.69 -11.41 108.49
N MET TB 349 -50.59 -11.80 107.85
CA MET TB 349 -50.26 -11.25 106.54
C MET TB 349 -50.25 -12.32 105.44
N LYS TB 350 -50.53 -11.93 104.19
CA LYS TB 350 -50.59 -12.87 103.09
C LYS TB 350 -49.61 -12.49 101.98
N SER TB 351 -48.94 -13.49 101.42
CA SER TB 351 -48.14 -13.30 100.22
C SER TB 351 -48.77 -14.05 99.05
N SER TB 352 -48.75 -13.42 97.88
CA SER TB 352 -49.12 -14.03 96.62
C SER TB 352 -48.35 -13.34 95.50
N VAL TB 353 -47.89 -14.14 94.53
CA VAL TB 353 -47.00 -13.62 93.50
C VAL TB 353 -47.65 -13.84 92.14
N CYS TB 354 -47.72 -12.77 91.34
CA CYS TB 354 -48.07 -12.86 89.94
C CYS TB 354 -46.85 -12.60 89.07
N ASP TB 355 -46.75 -13.42 88.01
CA ASP TB 355 -45.52 -13.39 87.24
C ASP TB 355 -45.47 -12.28 86.20
N ILE TB 356 -46.56 -11.55 86.04
CA ILE TB 356 -46.69 -10.59 84.97
C ILE TB 356 -46.86 -9.23 85.60
N PRO TB 357 -45.80 -8.42 85.69
CA PRO TB 357 -45.93 -7.13 86.34
C PRO TB 357 -46.77 -6.20 85.46
N PRO TB 358 -47.41 -5.15 86.03
CA PRO TB 358 -48.16 -4.22 85.21
C PRO TB 358 -47.25 -3.44 84.26
N LYS TB 359 -47.91 -2.81 83.29
CA LYS TB 359 -47.25 -2.39 82.06
C LYS TB 359 -46.29 -1.25 82.35
N GLY TB 360 -45.02 -1.42 81.94
CA GLY TB 360 -44.02 -0.35 82.03
C GLY TB 360 -43.33 -0.20 83.39
N LEU TB 361 -43.72 -1.06 84.35
CA LEU TB 361 -42.96 -1.20 85.57
C LEU TB 361 -42.25 -2.56 85.55
N LYS TB 362 -41.65 -2.98 86.67
CA LYS TB 362 -41.05 -4.31 86.70
C LYS TB 362 -41.45 -5.09 87.94
N MET TB 363 -42.01 -4.40 88.94
CA MET TB 363 -42.35 -5.01 90.21
C MET TB 363 -43.41 -4.13 90.88
N SER TB 364 -44.46 -4.77 91.39
CA SER TB 364 -45.60 -4.05 91.94
C SER TB 364 -46.20 -4.85 93.08
N VAL TB 365 -46.97 -4.16 93.93
CA VAL TB 365 -47.68 -4.77 95.02
C VAL TB 365 -48.94 -3.94 95.28
N THR TB 366 -50.05 -4.65 95.50
CA THR TB 366 -51.28 -4.02 95.94
C THR TB 366 -51.56 -4.49 97.37
N PHE TB 367 -52.00 -3.56 98.22
CA PHE TB 367 -52.18 -3.87 99.62
C PHE TB 367 -53.65 -3.66 99.97
N VAL TB 368 -54.28 -4.72 100.47
CA VAL TB 368 -55.64 -4.64 100.99
C VAL TB 368 -55.64 -5.21 102.40
N GLY TB 369 -56.19 -4.44 103.34
CA GLY TB 369 -56.07 -4.77 104.75
C GLY TB 369 -57.35 -4.48 105.53
N ASN TB 370 -57.74 -5.43 106.37
CA ASN TB 370 -58.89 -5.26 107.24
C ASN TB 370 -58.42 -4.62 108.54
N SER TB 371 -58.59 -3.30 108.65
CA SER TB 371 -58.07 -2.56 109.79
C SER TB 371 -59.19 -2.08 110.69
N THR TB 372 -58.97 -2.11 112.02
CA THR TB 372 -59.94 -1.55 112.95
C THR TB 372 -59.79 -0.04 113.03
N ALA TB 373 -58.78 0.55 112.37
CA ALA TB 373 -58.62 1.99 112.29
C ALA TB 373 -59.67 2.62 111.36
N ILE TB 374 -60.44 1.79 110.67
CA ILE TB 374 -61.50 2.26 109.79
C ILE TB 374 -62.70 2.77 110.60
N GLN TB 375 -62.69 2.55 111.92
CA GLN TB 375 -63.76 2.99 112.81
C GLN TB 375 -63.83 4.52 112.92
N GLU TB 376 -62.74 5.19 112.56
CA GLU TB 376 -62.73 6.65 112.57
C GLU TB 376 -63.61 7.18 111.43
N MET TB 377 -63.77 6.39 110.36
CA MET TB 377 -64.66 6.72 109.25
C MET TB 377 -66.12 6.68 109.74
N PHE TB 378 -66.53 5.57 110.37
CA PHE TB 378 -67.94 5.37 110.69
C PHE TB 378 -68.40 6.23 111.87
N LYS TB 379 -67.48 6.62 112.74
CA LYS TB 379 -67.80 7.61 113.76
C LYS TB 379 -68.04 8.97 113.12
N ARG TB 380 -67.25 9.32 112.10
CA ARG TB 380 -67.33 10.60 111.40
C ARG TB 380 -68.68 10.73 110.67
N VAL TB 381 -69.15 9.63 110.08
CA VAL TB 381 -70.44 9.64 109.40
C VAL TB 381 -71.56 9.64 110.43
N SER TB 382 -71.38 8.92 111.55
CA SER TB 382 -72.43 8.77 112.55
C SER TB 382 -72.71 10.08 113.27
N ASP TB 383 -71.64 10.79 113.65
CA ASP TB 383 -71.83 12.04 114.40
C ASP TB 383 -72.41 13.13 113.49
N GLN TB 384 -72.07 13.08 112.20
CA GLN TB 384 -72.71 13.98 111.24
C GLN TB 384 -74.17 13.57 111.03
N PHE TB 385 -74.45 12.26 111.08
CA PHE TB 385 -75.80 11.77 110.94
C PHE TB 385 -76.63 12.18 112.16
N THR TB 386 -76.03 12.05 113.35
CA THR TB 386 -76.72 12.38 114.59
C THR TB 386 -77.05 13.87 114.67
N ALA TB 387 -76.14 14.73 114.23
CA ALA TB 387 -76.36 16.17 114.29
C ALA TB 387 -77.50 16.58 113.35
N MET TB 388 -77.60 15.93 112.19
CA MET TB 388 -78.62 16.28 111.21
C MET TB 388 -79.98 15.60 111.48
N PHE TB 389 -79.96 14.66 112.44
CA PHE TB 389 -81.16 13.87 112.73
C PHE TB 389 -81.88 14.33 114.00
N ARG TB 390 -81.17 14.95 114.93
CA ARG TB 390 -81.78 15.56 116.11
C ARG TB 390 -82.73 16.70 115.76
N ARG TB 391 -82.36 17.48 114.75
CA ARG TB 391 -83.16 18.59 114.26
C ARG TB 391 -84.31 18.11 113.36
N LYS TB 392 -84.33 16.81 113.02
CA LYS TB 392 -85.32 16.21 112.13
C LYS TB 392 -85.20 16.82 110.72
N ALA TB 393 -84.02 17.34 110.39
CA ALA TB 393 -83.90 18.18 109.22
C ALA TB 393 -83.83 17.30 107.98
N PHE TB 394 -84.57 17.68 106.92
CA PHE TB 394 -84.26 17.15 105.59
C PHE TB 394 -84.79 15.71 105.45
N LEU TB 395 -85.56 15.36 106.48
CA LEU TB 395 -86.24 14.04 106.44
C LEU TB 395 -87.40 14.11 105.44
N HIS TB 396 -87.94 15.30 105.22
CA HIS TB 396 -89.18 15.46 104.50
C HIS TB 396 -88.98 15.25 102.99
N TRP TB 397 -87.74 15.27 102.48
CA TRP TB 397 -87.59 14.77 101.11
C TRP TB 397 -87.52 13.25 101.02
N TYR TB 398 -87.28 12.60 102.14
CA TYR TB 398 -87.22 11.15 102.18
C TYR TB 398 -88.58 10.58 102.57
N THR TB 399 -89.25 11.18 103.56
CA THR TB 399 -90.62 10.84 103.92
C THR TB 399 -91.58 11.11 102.76
N GLY TB 400 -91.33 12.19 102.02
CA GLY TB 400 -92.04 12.63 100.83
C GLY TB 400 -92.10 11.57 99.73
N GLU TB 401 -91.01 10.83 99.54
CA GLU TB 401 -90.91 9.88 98.46
C GLU TB 401 -91.61 8.57 98.79
N GLY TB 402 -91.76 8.27 100.08
CA GLY TB 402 -92.36 7.01 100.47
C GLY TB 402 -91.49 6.13 101.37
N MET TB 403 -90.65 6.78 102.17
CA MET TB 403 -89.79 6.09 103.12
C MET TB 403 -90.20 6.46 104.54
N ASP TB 404 -90.14 5.51 105.49
CA ASP TB 404 -90.55 5.80 106.85
C ASP TB 404 -89.41 6.40 107.67
N GLU TB 405 -89.79 6.98 108.82
CA GLU TB 405 -88.87 7.57 109.77
C GLU TB 405 -88.02 6.50 110.49
N MET TB 406 -88.57 5.29 110.62
CA MET TB 406 -88.05 4.30 111.57
C MET TB 406 -86.69 3.73 111.14
N GLU TB 407 -86.48 3.55 109.82
CA GLU TB 407 -85.25 2.94 109.34
C GLU TB 407 -84.04 3.88 109.48
N PHE TB 408 -84.30 5.18 109.65
CA PHE TB 408 -83.24 6.12 110.02
C PHE TB 408 -82.65 5.78 111.39
N THR TB 409 -83.53 5.43 112.33
CA THR TB 409 -83.10 4.97 113.64
C THR TB 409 -82.43 3.60 113.52
N GLU TB 410 -82.95 2.75 112.61
CA GLU TB 410 -82.41 1.41 112.40
C GLU TB 410 -80.98 1.50 111.85
N ALA TB 411 -80.76 2.40 110.89
CA ALA TB 411 -79.44 2.58 110.30
C ALA TB 411 -78.44 3.09 111.34
N GLU TB 412 -78.87 4.00 112.24
CA GLU TB 412 -78.01 4.52 113.29
C GLU TB 412 -77.73 3.45 114.34
N SER TB 413 -78.69 2.55 114.57
CA SER TB 413 -78.48 1.46 115.50
C SER TB 413 -77.47 0.45 114.94
N ASN TB 414 -77.43 0.33 113.60
CA ASN TB 414 -76.57 -0.62 112.90
C ASN TB 414 -75.10 -0.16 112.98
N MET TB 415 -74.85 1.13 112.73
CA MET TB 415 -73.48 1.65 112.64
C MET TB 415 -72.85 1.83 114.01
N ASN TB 416 -73.67 2.16 115.02
CA ASN TB 416 -73.17 2.25 116.39
C ASN TB 416 -72.71 0.86 116.84
N ASP TB 417 -73.49 -0.16 116.46
CA ASP TB 417 -73.12 -1.54 116.73
C ASP TB 417 -71.92 -1.97 115.87
N LEU TB 418 -71.80 -1.42 114.66
CA LEU TB 418 -70.64 -1.70 113.82
C LEU TB 418 -69.37 -1.05 114.38
N VAL TB 419 -69.51 0.17 114.92
CA VAL TB 419 -68.40 0.89 115.54
C VAL TB 419 -67.97 0.13 116.81
N SER TB 420 -68.97 -0.28 117.61
CA SER TB 420 -68.73 -0.95 118.88
C SER TB 420 -68.06 -2.30 118.64
N GLU TB 421 -68.45 -3.00 117.57
CA GLU TB 421 -67.90 -4.33 117.30
C GLU TB 421 -66.41 -4.24 116.93
N TYR TB 422 -66.01 -3.16 116.22
CA TYR TB 422 -64.59 -2.94 115.94
C TYR TB 422 -63.82 -2.53 117.19
N GLN TB 423 -64.53 -1.87 118.13
CA GLN TB 423 -63.89 -1.33 119.32
C GLN TB 423 -63.54 -2.43 120.33
N GLN TB 424 -64.29 -3.54 120.28
CA GLN TB 424 -64.06 -4.65 121.20
C GLN TB 424 -62.69 -5.27 120.92
N TYR TB 425 -62.19 -5.12 119.67
CA TYR TB 425 -61.02 -5.87 119.23
C TYR TB 425 -59.75 -5.05 119.31
N GLN TB 426 -59.87 -3.81 119.76
CA GLN TB 426 -58.71 -2.96 119.96
C GLN TB 426 -58.38 -2.99 121.46
N MET UB 1 36.01 -108.47 124.89
CA MET UB 1 36.67 -109.47 125.79
C MET UB 1 37.80 -108.79 126.59
N ARG UB 2 38.69 -108.11 125.85
CA ARG UB 2 39.83 -107.42 126.42
C ARG UB 2 39.87 -106.01 125.85
N GLU UB 3 39.15 -105.08 126.49
CA GLU UB 3 38.95 -103.77 125.93
C GLU UB 3 38.92 -102.71 127.02
N VAL UB 4 38.96 -101.46 126.59
CA VAL UB 4 38.91 -100.32 127.48
C VAL UB 4 37.96 -99.29 126.90
N ILE UB 5 37.09 -98.75 127.77
CA ILE UB 5 36.09 -97.77 127.38
C ILE UB 5 36.67 -96.37 127.60
N SER UB 6 36.74 -95.60 126.52
CA SER UB 6 37.27 -94.25 126.56
C SER UB 6 36.11 -93.26 126.69
N ILE UB 7 36.33 -92.20 127.46
CA ILE UB 7 35.31 -91.18 127.69
C ILE UB 7 35.94 -89.81 127.42
N HIS UB 8 35.28 -89.02 126.55
CA HIS UB 8 35.67 -87.65 126.33
C HIS UB 8 34.58 -86.73 126.87
N VAL UB 9 34.98 -85.86 127.81
CA VAL UB 9 34.06 -84.92 128.44
C VAL UB 9 34.71 -83.54 128.42
N GLY UB 10 33.98 -82.56 127.90
CA GLY UB 10 34.52 -81.21 127.77
C GLY UB 10 35.26 -81.04 126.45
N GLN UB 11 35.48 -79.77 126.10
CA GLN UB 11 35.98 -79.39 124.79
C GLN UB 11 37.39 -79.94 124.58
N ALA UB 12 38.22 -79.78 125.61
CA ALA UB 12 39.60 -80.19 125.56
C ALA UB 12 39.69 -81.72 125.40
N GLY UB 13 38.77 -82.44 126.09
CA GLY UB 13 38.65 -83.87 125.91
C GLY UB 13 38.20 -84.25 124.49
N ILE UB 14 37.30 -83.44 123.94
CA ILE UB 14 36.69 -83.78 122.66
C ILE UB 14 37.71 -83.68 121.52
N GLN UB 15 38.41 -82.55 121.45
CA GLN UB 15 39.25 -82.31 120.28
C GLN UB 15 40.63 -82.94 120.44
N ILE UB 16 40.99 -83.34 121.67
CA ILE UB 16 42.06 -84.31 121.84
C ILE UB 16 41.56 -85.66 121.30
N GLY UB 17 40.29 -85.98 121.61
CA GLY UB 17 39.73 -87.27 121.30
C GLY UB 17 39.62 -87.55 119.80
N ASN UB 18 39.22 -86.53 119.04
CA ASN UB 18 39.14 -86.70 117.59
C ASN UB 18 40.54 -86.75 116.98
N ALA UB 19 41.54 -86.21 117.70
CA ALA UB 19 42.92 -86.33 117.27
C ALA UB 19 43.45 -87.74 117.58
N CYS UB 20 43.07 -88.29 118.74
CA CYS UB 20 43.60 -89.59 119.11
C CYS UB 20 42.89 -90.71 118.34
N TRP UB 21 41.60 -90.50 118.02
CA TRP UB 21 40.86 -91.52 117.30
C TRP UB 21 41.28 -91.63 115.83
N GLU UB 22 41.70 -90.50 115.25
CA GLU UB 22 42.18 -90.53 113.88
C GLU UB 22 43.55 -91.21 113.81
N LEU UB 23 44.31 -91.13 114.90
CA LEU UB 23 45.57 -91.83 115.00
C LEU UB 23 45.34 -93.33 115.22
N PHE UB 24 44.40 -93.65 116.11
CA PHE UB 24 44.09 -95.05 116.43
C PHE UB 24 43.54 -95.80 115.21
N CYS UB 25 42.70 -95.12 114.41
CA CYS UB 25 42.17 -95.71 113.19
C CYS UB 25 43.30 -95.96 112.18
N LEU UB 26 44.25 -95.02 112.11
CA LEU UB 26 45.25 -95.00 111.06
C LEU UB 26 46.29 -96.10 111.30
N GLU UB 27 46.65 -96.32 112.57
CA GLU UB 27 47.58 -97.37 112.93
C GLU UB 27 46.97 -98.75 112.71
N HIS UB 28 45.66 -98.87 112.93
CA HIS UB 28 44.99 -100.15 112.76
C HIS UB 28 44.61 -100.42 111.31
N GLY UB 29 44.80 -99.43 110.44
CA GLY UB 29 44.52 -99.60 109.02
C GLY UB 29 43.02 -99.68 108.73
N ILE UB 30 42.23 -99.00 109.55
CA ILE UB 30 40.80 -98.90 109.32
C ILE UB 30 40.48 -97.51 108.76
N GLN UB 31 39.48 -97.49 107.88
CA GLN UB 31 39.15 -96.28 107.14
C GLN UB 31 38.34 -95.35 108.03
N PRO UB 32 38.09 -94.10 107.61
CA PRO UB 32 37.00 -93.32 108.20
C PRO UB 32 35.63 -93.98 108.25
N ASP UB 33 35.32 -94.83 107.27
CA ASP UB 33 34.11 -95.62 107.24
C ASP UB 33 34.09 -96.58 108.43
N GLY UB 34 35.22 -97.24 108.67
CA GLY UB 34 35.40 -98.14 109.80
C GLY UB 34 35.55 -99.60 109.41
N GLN UB 35 36.06 -99.87 108.20
CA GLN UB 35 36.31 -101.24 107.75
C GLN UB 35 37.66 -101.33 107.05
N MET UB 36 38.40 -102.43 107.30
CA MET UB 36 39.65 -102.65 106.58
C MET UB 36 39.37 -103.15 105.17
N PRO UB 37 40.22 -102.82 104.16
CA PRO UB 37 40.08 -103.41 102.83
C PRO UB 37 40.62 -104.84 102.74
N ASP UB 47 43.54 -110.26 115.71
CA ASP UB 47 42.55 -109.70 116.67
C ASP UB 47 43.11 -108.44 117.33
N ALA UB 48 43.85 -107.65 116.54
CA ALA UB 48 44.62 -106.53 117.08
C ALA UB 48 43.72 -105.34 117.41
N PHE UB 49 42.57 -105.25 116.75
CA PHE UB 49 41.73 -104.05 116.86
C PHE UB 49 40.72 -104.16 118.00
N ASN UB 50 40.72 -105.29 118.73
CA ASN UB 50 39.67 -105.58 119.70
C ASN UB 50 39.77 -104.69 120.95
N THR UB 51 40.94 -104.09 121.18
CA THR UB 51 41.13 -103.33 122.42
C THR UB 51 40.46 -101.95 122.36
N PHE UB 52 40.24 -101.44 121.14
CA PHE UB 52 39.71 -100.09 120.96
C PHE UB 52 38.43 -100.05 120.11
N PHE UB 53 38.02 -101.18 119.54
CA PHE UB 53 36.85 -101.17 118.67
C PHE UB 53 35.98 -102.37 118.95
N SER UB 54 34.66 -102.18 118.84
CA SER UB 54 33.75 -103.30 118.72
C SER UB 54 33.77 -103.77 117.26
N GLU UB 55 33.29 -105.00 117.04
CA GLU UB 55 33.08 -105.48 115.69
C GLU UB 55 31.59 -105.39 115.40
N THR UB 56 31.27 -104.67 114.32
CA THR UB 56 29.91 -104.37 113.92
C THR UB 56 29.61 -105.20 112.67
N GLY UB 57 28.59 -106.08 112.77
CA GLY UB 57 28.08 -106.93 111.71
C GLY UB 57 29.16 -107.83 111.11
N ALA UB 58 29.59 -107.51 109.88
CA ALA UB 58 30.61 -108.26 109.18
C ALA UB 58 31.66 -107.32 108.61
N GLY UB 59 32.79 -107.22 109.30
CA GLY UB 59 33.96 -106.52 108.79
C GLY UB 59 34.10 -105.07 109.25
N LYS UB 60 33.12 -104.50 109.97
CA LYS UB 60 33.27 -103.10 110.36
C LYS UB 60 33.87 -102.94 111.76
N HIS UB 61 33.93 -101.68 112.22
CA HIS UB 61 34.26 -101.34 113.59
C HIS UB 61 33.51 -100.08 114.00
N VAL UB 62 33.24 -99.97 115.30
CA VAL UB 62 32.80 -98.72 115.88
C VAL UB 62 33.70 -98.46 117.08
N PRO UB 63 34.13 -97.21 117.34
CA PRO UB 63 34.96 -96.94 118.51
C PRO UB 63 34.24 -97.21 119.81
N ARG UB 64 35.00 -97.64 120.82
CA ARG UB 64 34.49 -97.78 122.17
C ARG UB 64 34.70 -96.47 122.92
N CYS UB 65 33.91 -95.47 122.54
CA CYS UB 65 34.04 -94.14 123.10
C CYS UB 65 32.67 -93.52 123.25
N VAL UB 66 32.57 -92.50 124.12
CA VAL UB 66 31.40 -91.66 124.24
C VAL UB 66 31.85 -90.21 124.10
N PHE UB 67 31.02 -89.42 123.42
CA PHE UB 67 31.25 -87.99 123.26
C PHE UB 67 30.23 -87.24 124.10
N LEU UB 68 30.70 -86.54 125.13
CA LEU UB 68 29.83 -85.85 126.06
C LEU UB 68 30.25 -84.39 126.18
N ASP UB 69 29.36 -83.49 125.73
CA ASP UB 69 29.55 -82.07 125.96
C ASP UB 69 28.18 -81.38 125.97
N LEU UB 70 28.11 -80.24 126.67
CA LEU UB 70 26.87 -79.50 126.82
C LEU UB 70 26.70 -78.48 125.70
N GLU UB 71 27.74 -77.74 125.33
CA GLU UB 71 27.61 -76.95 124.12
C GLU UB 71 27.69 -77.88 122.92
N PRO UB 72 26.84 -77.71 121.88
CA PRO UB 72 26.85 -78.64 120.76
C PRO UB 72 27.95 -78.35 119.74
N THR UB 73 28.55 -77.15 119.82
CA THR UB 73 29.37 -76.55 118.77
C THR UB 73 30.65 -77.34 118.48
N VAL UB 74 31.05 -78.24 119.39
CA VAL UB 74 32.29 -78.98 119.21
C VAL UB 74 32.02 -80.42 118.79
N VAL UB 75 30.86 -80.95 119.21
CA VAL UB 75 30.54 -82.35 118.95
C VAL UB 75 29.69 -82.47 117.69
N ASP UB 76 28.93 -81.42 117.33
CA ASP UB 76 28.15 -81.47 116.10
C ASP UB 76 29.08 -81.38 114.90
N GLU UB 77 30.22 -80.70 115.06
CA GLU UB 77 31.15 -80.50 113.96
C GLU UB 77 31.81 -81.82 113.60
N VAL UB 78 32.00 -82.67 114.63
CA VAL UB 78 32.42 -84.05 114.41
C VAL UB 78 31.36 -84.79 113.62
N ARG UB 79 30.09 -84.53 113.93
CA ARG UB 79 28.98 -85.19 113.24
C ARG UB 79 28.89 -84.78 111.77
N THR UB 80 29.53 -83.66 111.39
CA THR UB 80 29.44 -83.15 110.03
C THR UB 80 30.78 -83.21 109.31
N GLY UB 81 31.84 -83.65 110.01
CA GLY UB 81 33.17 -83.76 109.42
C GLY UB 81 33.29 -84.93 108.45
N THR UB 82 34.51 -85.45 108.30
CA THR UB 82 34.70 -86.67 107.52
C THR UB 82 34.66 -87.93 108.40
N TYR UB 83 34.72 -87.74 109.72
CA TYR UB 83 34.47 -88.84 110.65
C TYR UB 83 33.01 -88.94 111.08
N ARG UB 84 32.11 -88.97 110.09
CA ARG UB 84 30.68 -89.05 110.36
C ARG UB 84 30.29 -90.47 110.73
N HIS UB 85 30.56 -91.39 109.80
CA HIS UB 85 30.08 -92.75 109.79
C HIS UB 85 30.85 -93.65 110.77
N LEU UB 86 31.98 -93.16 111.29
CA LEU UB 86 32.82 -93.97 112.15
C LEU UB 86 32.13 -94.17 113.50
N PHE UB 87 31.70 -93.06 114.10
CA PHE UB 87 31.13 -93.09 115.43
C PHE UB 87 29.68 -93.54 115.36
N HIS UB 88 29.29 -94.36 116.34
CA HIS UB 88 27.90 -94.70 116.54
C HIS UB 88 27.15 -93.44 116.95
N PRO UB 89 26.02 -93.11 116.30
CA PRO UB 89 25.39 -91.80 116.47
C PRO UB 89 24.67 -91.59 117.79
N GLU UB 90 24.61 -92.62 118.65
CA GLU UB 90 23.83 -92.51 119.88
C GLU UB 90 24.65 -91.92 121.02
N GLN UB 91 25.98 -92.04 120.97
CA GLN UB 91 26.83 -91.51 122.02
C GLN UB 91 27.60 -90.26 121.58
N LEU UB 92 27.28 -89.71 120.39
CA LEU UB 92 27.75 -88.37 120.07
C LEU UB 92 26.82 -87.34 120.69
N ILE UB 93 26.93 -87.16 122.01
CA ILE UB 93 25.93 -86.44 122.79
C ILE UB 93 26.27 -84.96 122.93
N SER UB 94 25.29 -84.11 122.55
CA SER UB 94 25.33 -82.67 122.77
C SER UB 94 24.25 -82.29 123.78
N GLY UB 95 24.53 -81.27 124.60
CA GLY UB 95 23.50 -80.63 125.40
C GLY UB 95 22.77 -79.53 124.59
N LYS UB 96 22.45 -78.39 125.24
CA LYS UB 96 21.83 -77.28 124.53
C LYS UB 96 22.51 -75.96 124.84
N GLU UB 97 22.93 -75.77 126.10
CA GLU UB 97 23.63 -74.56 126.52
C GLU UB 97 24.89 -74.96 127.29
N ASP UB 98 25.90 -74.09 127.22
CA ASP UB 98 27.23 -74.42 127.72
C ASP UB 98 27.26 -74.31 129.25
N ALA UB 99 28.14 -75.10 129.88
CA ALA UB 99 28.35 -75.13 131.33
C ALA UB 99 28.90 -73.80 131.84
N ALA UB 100 29.62 -73.06 130.97
CA ALA UB 100 30.06 -71.69 131.19
C ALA UB 100 30.94 -71.57 132.45
N ASN UB 101 32.11 -72.21 132.40
CA ASN UB 101 33.23 -71.98 133.29
C ASN UB 101 32.82 -72.09 134.77
N ASN UB 102 31.90 -73.02 135.06
CA ASN UB 102 31.30 -73.10 136.39
C ASN UB 102 31.32 -74.56 136.85
N PHE UB 103 31.97 -74.81 137.98
CA PHE UB 103 31.95 -76.14 138.59
C PHE UB 103 30.54 -76.54 139.01
N ALA UB 104 29.82 -75.63 139.67
CA ALA UB 104 28.53 -75.96 140.25
C ALA UB 104 27.47 -76.18 139.17
N ARG UB 105 27.71 -75.57 137.98
CA ARG UB 105 26.78 -75.74 136.87
C ARG UB 105 26.88 -77.16 136.32
N GLY UB 106 28.12 -77.60 136.05
CA GLY UB 106 28.36 -78.89 135.44
C GLY UB 106 28.15 -80.05 136.41
N HIS UB 107 27.95 -79.77 137.70
CA HIS UB 107 27.86 -80.79 138.73
C HIS UB 107 26.45 -80.96 139.27
N TYR UB 108 25.65 -79.88 139.29
CA TYR UB 108 24.40 -79.88 140.04
C TYR UB 108 23.19 -79.70 139.14
N THR UB 109 23.20 -78.61 138.39
CA THR UB 109 21.98 -78.14 137.76
C THR UB 109 21.81 -78.74 136.37
N ILE UB 110 22.72 -78.43 135.44
CA ILE UB 110 22.54 -78.82 134.05
C ILE UB 110 23.08 -80.23 133.80
N GLY UB 111 24.04 -80.65 134.64
CA GLY UB 111 24.74 -81.91 134.45
C GLY UB 111 23.87 -83.12 134.78
N LYS UB 112 22.76 -82.90 135.49
CA LYS UB 112 21.94 -84.02 135.96
C LYS UB 112 21.26 -84.71 134.77
N GLU UB 113 20.76 -83.92 133.83
CA GLU UB 113 19.92 -84.42 132.75
C GLU UB 113 20.71 -85.15 131.66
N ILE UB 114 22.05 -85.13 131.78
CA ILE UB 114 22.86 -85.56 130.66
C ILE UB 114 23.67 -86.80 131.04
N VAL UB 115 23.87 -87.00 132.35
CA VAL UB 115 24.60 -88.15 132.84
C VAL UB 115 23.75 -89.42 132.75
N ASP UB 116 22.42 -89.26 132.86
CA ASP UB 116 21.51 -90.40 132.89
C ASP UB 116 21.55 -91.14 131.55
N LEU UB 117 21.64 -90.38 130.45
CA LEU UB 117 21.74 -90.95 129.11
C LEU UB 117 23.15 -91.51 128.91
N SER UB 118 24.16 -90.78 129.40
CA SER UB 118 25.56 -91.11 129.20
C SER UB 118 25.94 -92.40 129.93
N LEU UB 119 25.42 -92.57 131.16
CA LEU UB 119 25.66 -93.78 131.94
C LEU UB 119 25.07 -94.99 131.22
N ASP UB 120 23.93 -94.78 130.54
CA ASP UB 120 23.21 -95.86 129.88
C ASP UB 120 24.06 -96.44 128.74
N ARG UB 121 24.70 -95.54 127.97
CA ARG UB 121 25.49 -95.97 126.82
C ARG UB 121 26.80 -96.61 127.26
N ILE UB 122 27.40 -96.10 128.34
CA ILE UB 122 28.59 -96.71 128.93
C ILE UB 122 28.27 -98.14 129.39
N ARG UB 123 27.14 -98.29 130.10
CA ARG UB 123 26.72 -99.59 130.65
C ARG UB 123 26.33 -100.55 129.52
N LYS UB 124 25.74 -100.03 128.43
CA LYS UB 124 25.44 -100.85 127.27
C LYS UB 124 26.72 -101.27 126.54
N LEU UB 125 27.75 -100.41 126.55
CA LEU UB 125 28.99 -100.75 125.87
C LEU UB 125 29.82 -101.73 126.70
N ALA UB 126 29.56 -101.77 128.03
CA ALA UB 126 30.36 -102.56 128.96
C ALA UB 126 29.76 -103.94 129.21
N ASP UB 127 28.47 -104.15 128.89
CA ASP UB 127 27.81 -105.42 129.14
C ASP UB 127 27.98 -106.41 127.98
N ASN UB 128 28.73 -106.02 126.94
CA ASN UB 128 29.01 -106.89 125.81
C ASN UB 128 29.86 -108.09 126.22
N CYS UB 129 30.93 -107.86 127.00
CA CYS UB 129 31.83 -108.91 127.44
C CYS UB 129 32.36 -108.59 128.84
N THR UB 130 32.82 -109.63 129.57
CA THR UB 130 33.51 -109.43 130.82
C THR UB 130 34.99 -109.11 130.55
N GLY UB 131 35.76 -108.98 131.64
CA GLY UB 131 37.19 -108.76 131.53
C GLY UB 131 37.51 -107.38 130.95
N LEU UB 132 36.66 -106.40 131.29
CA LEU UB 132 36.88 -105.01 130.94
C LEU UB 132 38.11 -104.50 131.68
N GLN UB 133 38.95 -103.75 130.98
CA GLN UB 133 40.23 -103.36 131.54
C GLN UB 133 40.11 -102.11 132.40
N GLY UB 134 39.41 -101.10 131.88
CA GLY UB 134 39.28 -99.86 132.65
C GLY UB 134 38.64 -98.74 131.85
N PHE UB 135 38.98 -97.51 132.25
CA PHE UB 135 38.47 -96.30 131.65
C PHE UB 135 39.62 -95.38 131.26
N LEU UB 136 39.41 -94.62 130.18
CA LEU UB 136 40.32 -93.58 129.76
C LEU UB 136 39.56 -92.26 129.70
N MET UB 137 39.57 -91.50 130.81
CA MET UB 137 38.95 -90.19 130.86
C MET UB 137 39.83 -89.19 130.13
N PHE UB 138 39.21 -88.31 129.33
CA PHE UB 138 39.89 -87.21 128.71
C PHE UB 138 39.12 -85.94 129.03
N ASN UB 139 39.72 -85.05 129.84
CA ASN UB 139 39.03 -83.82 130.21
C ASN UB 139 40.04 -82.74 130.57
N ALA UB 140 39.57 -81.49 130.53
CA ALA UB 140 40.30 -80.34 131.05
C ALA UB 140 39.96 -80.18 132.53
N VAL UB 141 40.66 -79.29 133.21
CA VAL UB 141 40.48 -79.11 134.63
C VAL UB 141 39.91 -77.72 134.89
N GLY UB 142 40.45 -76.70 134.23
CA GLY UB 142 40.05 -75.33 134.48
C GLY UB 142 38.68 -74.97 133.88
N GLY UB 143 38.24 -75.78 132.89
CA GLY UB 143 37.00 -75.57 132.17
C GLY UB 143 35.77 -75.82 133.04
N GLY UB 144 34.60 -75.49 132.49
CA GLY UB 144 33.33 -75.74 133.15
C GLY UB 144 32.87 -77.19 133.05
N THR UB 145 32.52 -77.61 131.82
CA THR UB 145 32.00 -78.95 131.62
C THR UB 145 33.11 -79.99 131.71
N GLY UB 146 34.35 -79.56 131.45
CA GLY UB 146 35.49 -80.45 131.52
C GLY UB 146 35.74 -80.94 132.96
N SER UB 147 35.30 -80.14 133.93
CA SER UB 147 35.60 -80.40 135.34
C SER UB 147 34.35 -80.92 136.07
N GLY UB 148 33.25 -80.16 135.98
CA GLY UB 148 32.02 -80.50 136.67
C GLY UB 148 31.38 -81.78 136.17
N LEU UB 149 31.23 -81.88 134.85
CA LEU UB 149 30.61 -83.04 134.24
C LEU UB 149 31.53 -84.25 134.34
N GLY UB 150 32.84 -83.99 134.40
CA GLY UB 150 33.85 -85.03 134.56
C GLY UB 150 33.71 -85.76 135.90
N CYS UB 151 33.44 -84.97 136.96
CA CYS UB 151 33.28 -85.55 138.29
C CYS UB 151 32.02 -86.39 138.35
N LEU UB 152 30.88 -85.83 137.93
CA LEU UB 152 29.58 -86.48 138.12
C LEU UB 152 29.51 -87.76 137.30
N LEU UB 153 30.15 -87.80 136.13
CA LEU UB 153 30.13 -89.03 135.34
C LEU UB 153 31.03 -90.09 135.98
N LEU UB 154 32.23 -89.70 136.44
CA LEU UB 154 33.20 -90.67 136.93
C LEU UB 154 32.87 -91.12 138.36
N GLU UB 155 32.13 -90.29 139.11
CA GLU UB 155 31.69 -90.64 140.46
C GLU UB 155 30.67 -91.79 140.39
N ARG UB 156 29.74 -91.71 139.43
CA ARG UB 156 28.74 -92.76 139.19
C ARG UB 156 29.42 -94.06 138.78
N LEU UB 157 30.51 -93.95 138.00
CA LEU UB 157 31.22 -95.13 137.53
C LEU UB 157 31.95 -95.84 138.66
N SER UB 158 32.46 -95.06 139.63
CA SER UB 158 33.18 -95.60 140.79
C SER UB 158 32.25 -96.38 141.71
N VAL UB 159 30.96 -95.99 141.75
CA VAL UB 159 29.96 -96.71 142.53
C VAL UB 159 29.66 -98.05 141.87
N ASP UB 160 29.48 -98.05 140.55
CA ASP UB 160 29.02 -99.23 139.83
C ASP UB 160 30.17 -100.19 139.54
N TYR UB 161 31.14 -99.73 138.74
CA TYR UB 161 32.31 -100.53 138.40
C TYR UB 161 33.43 -100.14 139.37
N GLY UB 162 33.32 -100.60 140.60
CA GLY UB 162 34.19 -100.20 141.70
C GLY UB 162 35.66 -100.60 141.49
N LYS UB 163 35.87 -101.84 141.06
CA LYS UB 163 37.21 -102.45 141.13
C LYS UB 163 37.88 -102.50 139.75
N LYS UB 164 37.69 -101.42 138.98
CA LYS UB 164 38.35 -101.29 137.69
C LYS UB 164 39.28 -100.07 137.74
N SER UB 165 40.15 -99.96 136.74
CA SER UB 165 41.11 -98.87 136.63
C SER UB 165 40.47 -97.67 135.94
N LYS UB 166 40.92 -96.47 136.36
CA LYS UB 166 40.52 -95.26 135.66
C LYS UB 166 41.76 -94.44 135.34
N LEU UB 167 41.90 -94.07 134.07
CA LEU UB 167 43.01 -93.27 133.58
C LEU UB 167 42.50 -91.88 133.21
N ASN UB 168 42.72 -90.89 134.09
CA ASN UB 168 42.26 -89.51 133.90
C ASN UB 168 43.37 -88.67 133.29
N PHE UB 169 43.32 -88.48 131.96
CA PHE UB 169 44.39 -87.80 131.25
C PHE UB 169 44.14 -86.29 131.21
N CYS UB 170 44.23 -85.67 132.40
CA CYS UB 170 43.74 -84.32 132.63
C CYS UB 170 44.72 -83.28 132.06
N SER UB 171 44.18 -82.22 131.45
CA SER UB 171 44.96 -81.09 130.96
C SER UB 171 45.00 -79.99 132.03
N TRP UB 172 46.11 -79.91 132.75
CA TRP UB 172 46.25 -78.99 133.87
C TRP UB 172 46.36 -77.55 133.37
N PRO UB 173 45.76 -76.59 134.09
CA PRO UB 173 46.06 -75.17 133.88
C PRO UB 173 47.53 -74.84 134.05
N SER UB 174 48.05 -74.03 133.13
CA SER UB 174 49.47 -73.69 133.06
C SER UB 174 49.89 -72.83 134.24
N PRO UB 175 51.19 -72.77 134.61
CA PRO UB 175 51.65 -71.86 135.66
C PRO UB 175 51.44 -70.35 135.40
N GLN UB 176 51.76 -69.91 134.17
CA GLN UB 176 51.59 -68.51 133.78
C GLN UB 176 50.23 -68.22 133.15
N VAL UB 177 49.90 -68.87 132.02
CA VAL UB 177 48.76 -68.45 131.22
C VAL UB 177 47.55 -69.30 131.58
N SER UB 178 46.42 -68.63 131.89
CA SER UB 178 45.26 -69.30 132.45
C SER UB 178 44.00 -69.08 131.63
N THR UB 179 43.75 -67.83 131.23
CA THR UB 179 42.64 -67.41 130.37
C THR UB 179 41.27 -67.71 131.00
N ALA UB 180 41.18 -67.53 132.32
CA ALA UB 180 39.94 -67.46 133.09
C ALA UB 180 40.29 -66.98 134.50
N VAL UB 181 39.32 -66.31 135.15
CA VAL UB 181 39.39 -66.08 136.58
C VAL UB 181 39.24 -67.42 137.30
N VAL UB 182 38.41 -68.29 136.73
CA VAL UB 182 37.92 -69.46 137.45
C VAL UB 182 38.87 -70.64 137.30
N GLU UB 183 40.07 -70.40 136.77
CA GLU UB 183 41.12 -71.42 136.71
C GLU UB 183 41.48 -71.95 138.10
N PRO UB 184 41.78 -71.13 139.13
CA PRO UB 184 41.94 -71.67 140.48
C PRO UB 184 40.63 -72.17 141.09
N TYR UB 185 39.51 -71.53 140.74
CA TYR UB 185 38.24 -71.92 141.33
C TYR UB 185 37.70 -73.22 140.75
N ASN UB 186 38.16 -73.61 139.56
CA ASN UB 186 37.72 -74.88 139.01
C ASN UB 186 38.70 -76.01 139.35
N SER UB 187 39.99 -75.68 139.45
CA SER UB 187 41.01 -76.70 139.62
C SER UB 187 40.97 -77.28 141.03
N VAL UB 188 40.85 -76.40 142.03
CA VAL UB 188 40.89 -76.83 143.41
C VAL UB 188 39.69 -77.73 143.71
N LEU UB 189 38.51 -77.33 143.23
CA LEU UB 189 37.31 -78.11 143.48
C LEU UB 189 37.30 -79.44 142.70
N SER UB 190 37.91 -79.43 141.51
CA SER UB 190 37.92 -80.63 140.66
C SER UB 190 38.75 -81.73 141.32
N THR UB 191 39.98 -81.38 141.71
CA THR UB 191 40.91 -82.35 142.28
C THR UB 191 40.42 -82.85 143.64
N HIS UB 192 39.66 -82.04 144.37
CA HIS UB 192 39.01 -82.51 145.58
C HIS UB 192 38.02 -83.63 145.27
N SER UB 193 37.34 -83.50 144.13
CA SER UB 193 36.29 -84.43 143.76
C SER UB 193 36.78 -85.43 142.70
N LEU UB 194 38.10 -85.43 142.44
CA LEU UB 194 38.74 -86.43 141.57
C LEU UB 194 39.86 -87.19 142.27
N LEU UB 195 40.36 -86.71 143.42
CA LEU UB 195 41.44 -87.38 144.14
C LEU UB 195 41.02 -88.76 144.63
N GLU UB 196 39.82 -88.86 145.20
CA GLU UB 196 39.38 -90.11 145.82
C GLU UB 196 38.50 -90.93 144.86
N HIS UB 197 38.44 -90.51 143.59
CA HIS UB 197 37.68 -91.23 142.58
C HIS UB 197 38.55 -91.91 141.51
N THR UB 198 39.71 -91.30 141.15
CA THR UB 198 40.51 -91.81 140.05
C THR UB 198 41.65 -92.68 140.56
N ASP UB 199 42.26 -93.43 139.63
CA ASP UB 199 43.34 -94.35 139.96
C ASP UB 199 44.69 -93.79 139.51
N VAL UB 200 44.78 -93.37 138.24
CA VAL UB 200 45.99 -92.78 137.68
C VAL UB 200 45.59 -91.53 136.91
N ALA UB 201 46.18 -90.39 137.27
CA ALA UB 201 45.84 -89.10 136.66
C ALA UB 201 47.09 -88.47 136.07
N VAL UB 202 47.25 -88.59 134.74
CA VAL UB 202 48.46 -88.14 134.08
C VAL UB 202 48.40 -86.64 133.86
N MET UB 203 49.47 -85.95 134.29
CA MET UB 203 49.53 -84.50 134.31
C MET UB 203 49.89 -84.00 132.90
N LEU UB 204 49.01 -83.19 132.30
CA LEU UB 204 49.29 -82.59 130.99
C LEU UB 204 49.14 -81.07 131.09
N ASP UB 205 50.07 -80.34 130.45
CA ASP UB 205 50.08 -78.88 130.41
C ASP UB 205 49.84 -78.43 128.97
N ASN UB 206 49.70 -77.11 128.78
CA ASN UB 206 49.51 -76.52 127.46
C ASN UB 206 50.79 -75.81 126.98
N GLU UB 207 51.27 -74.83 127.76
CA GLU UB 207 52.40 -74.03 127.30
C GLU UB 207 53.73 -74.74 127.57
N ALA UB 208 53.68 -75.92 128.22
CA ALA UB 208 54.83 -76.82 128.24
C ALA UB 208 54.97 -77.57 126.91
N ILE UB 209 53.95 -77.48 126.05
CA ILE UB 209 54.01 -78.08 124.73
C ILE UB 209 54.19 -77.00 123.65
N TYR UB 210 53.85 -75.74 123.97
CA TYR UB 210 54.19 -74.61 123.10
C TYR UB 210 55.69 -74.54 122.85
N ASP UB 211 56.48 -74.56 123.92
CA ASP UB 211 57.92 -74.41 123.81
C ASP UB 211 58.59 -75.68 123.27
N ILE UB 212 57.92 -76.85 123.42
CA ILE UB 212 58.37 -78.08 122.79
C ILE UB 212 58.36 -77.91 121.27
N CYS UB 213 57.25 -77.34 120.75
CA CYS UB 213 57.10 -77.05 119.34
C CYS UB 213 58.08 -75.95 118.91
N ARG UB 214 58.47 -75.08 119.87
CA ARG UB 214 59.37 -73.96 119.57
C ARG UB 214 60.80 -74.45 119.36
N ARG UB 215 61.32 -75.21 120.34
CA ARG UB 215 62.75 -75.48 120.37
C ARG UB 215 63.10 -76.73 119.57
N ASN UB 216 62.21 -77.73 119.57
CA ASN UB 216 62.49 -79.01 118.93
C ASN UB 216 61.87 -79.10 117.54
N LEU UB 217 60.54 -78.95 117.45
CA LEU UB 217 59.78 -79.16 116.22
C LEU UB 217 60.04 -78.03 115.22
N ASP UB 218 60.51 -76.87 115.72
CA ASP UB 218 60.77 -75.68 114.92
C ASP UB 218 59.50 -75.22 114.19
N ILE UB 219 58.47 -74.89 114.98
CA ILE UB 219 57.26 -74.22 114.52
C ILE UB 219 57.09 -72.96 115.37
N GLU UB 220 57.00 -71.80 114.71
CA GLU UB 220 56.87 -70.53 115.41
C GLU UB 220 55.44 -70.33 115.94
N ARG UB 221 54.45 -70.96 115.26
CA ARG UB 221 53.05 -70.58 115.41
C ARG UB 221 52.18 -71.82 115.68
N PRO UB 222 52.33 -72.51 116.83
CA PRO UB 222 51.55 -73.72 117.08
C PRO UB 222 50.09 -73.41 117.48
N THR UB 223 49.17 -74.11 116.84
CA THR UB 223 47.74 -74.07 117.18
C THR UB 223 47.36 -75.32 117.97
N TYR UB 224 46.08 -75.36 118.33
CA TYR UB 224 45.50 -76.40 119.18
C TYR UB 224 45.55 -77.78 118.54
N THR UB 225 45.62 -77.82 117.21
CA THR UB 225 45.69 -79.12 116.56
C THR UB 225 47.05 -79.78 116.78
N ASN UB 226 48.13 -79.02 116.58
CA ASN UB 226 49.49 -79.54 116.73
C ASN UB 226 49.77 -79.92 118.19
N LEU UB 227 49.04 -79.28 119.12
CA LEU UB 227 49.07 -79.68 120.51
C LEU UB 227 48.54 -81.10 120.66
N ASN UB 228 47.45 -81.40 119.94
CA ASN UB 228 46.71 -82.63 120.19
C ASN UB 228 47.33 -83.83 119.49
N ARG UB 229 48.13 -83.59 118.45
CA ARG UB 229 48.85 -84.69 117.79
C ARG UB 229 49.89 -85.29 118.74
N LEU UB 230 50.60 -84.41 119.48
CA LEU UB 230 51.60 -84.86 120.44
C LEU UB 230 50.95 -85.61 121.60
N ILE UB 231 49.76 -85.15 122.01
CA ILE UB 231 48.99 -85.86 123.03
C ILE UB 231 48.58 -87.23 122.50
N ALA UB 232 48.18 -87.29 121.23
CA ALA UB 232 47.73 -88.53 120.61
C ALA UB 232 48.85 -89.56 120.50
N GLN UB 233 50.10 -89.08 120.33
CA GLN UB 233 51.24 -89.96 120.17
C GLN UB 233 51.57 -90.66 121.50
N VAL UB 234 51.37 -89.97 122.62
CA VAL UB 234 51.69 -90.51 123.93
C VAL UB 234 50.70 -91.61 124.29
N ILE UB 235 49.42 -91.39 123.97
CA ILE UB 235 48.38 -92.32 124.39
C ILE UB 235 48.49 -93.62 123.58
N SER UB 236 48.87 -93.51 122.30
CA SER UB 236 49.10 -94.68 121.46
C SER UB 236 50.25 -95.52 122.00
N SER UB 237 51.32 -94.85 122.46
CA SER UB 237 52.47 -95.53 123.03
C SER UB 237 52.11 -96.17 124.37
N LEU UB 238 51.08 -95.65 125.07
CA LEU UB 238 50.65 -96.23 126.33
C LEU UB 238 50.00 -97.60 126.11
N THR UB 239 49.08 -97.66 125.15
CA THR UB 239 48.26 -98.85 124.96
C THR UB 239 48.83 -99.72 123.85
N ALA UB 240 50.08 -99.48 123.45
CA ALA UB 240 50.72 -100.30 122.43
C ALA UB 240 50.91 -101.74 122.92
N SER UB 241 51.12 -101.91 124.23
CA SER UB 241 51.29 -103.23 124.82
C SER UB 241 50.00 -104.05 124.73
N LEU UB 242 48.84 -103.39 124.92
CA LEU UB 242 47.54 -104.05 124.85
C LEU UB 242 47.26 -104.48 123.41
N ARG UB 243 47.56 -103.59 122.45
CA ARG UB 243 47.13 -103.76 121.07
C ARG UB 243 47.93 -104.88 120.40
N PHE UB 244 49.25 -104.82 120.51
CA PHE UB 244 50.15 -105.69 119.76
C PHE UB 244 51.05 -106.48 120.69
N ASP UB 245 51.97 -107.23 120.10
CA ASP UB 245 52.90 -108.09 120.82
C ASP UB 245 54.27 -107.41 120.95
N GLY UB 246 55.11 -108.00 121.81
CA GLY UB 246 56.46 -107.49 122.02
C GLY UB 246 57.28 -108.46 122.87
N ALA UB 247 58.56 -108.11 123.05
CA ALA UB 247 59.47 -108.89 123.88
C ALA UB 247 59.01 -108.90 125.34
N LEU UB 248 58.51 -107.76 125.84
CA LEU UB 248 58.16 -107.62 127.24
C LEU UB 248 57.05 -106.59 127.37
N ASN UB 249 55.82 -107.08 127.64
CA ASN UB 249 54.63 -106.25 127.61
C ASN UB 249 54.21 -105.80 129.02
N VAL UB 250 53.47 -104.70 129.09
CA VAL UB 250 52.83 -104.21 130.31
C VAL UB 250 51.33 -104.16 130.06
N ASP UB 251 50.55 -103.66 131.03
CA ASP UB 251 49.10 -103.58 130.86
C ASP UB 251 48.56 -102.41 131.68
N VAL UB 252 47.38 -101.89 131.34
CA VAL UB 252 46.81 -100.74 132.05
C VAL UB 252 46.36 -101.12 133.47
N THR UB 253 46.15 -102.42 133.73
CA THR UB 253 45.92 -102.87 135.10
C THR UB 253 47.23 -102.88 135.90
N GLU UB 254 48.34 -103.22 135.24
CA GLU UB 254 49.67 -103.23 135.85
C GLU UB 254 50.38 -101.87 135.75
N PHE UB 255 49.63 -100.75 135.65
CA PHE UB 255 50.23 -99.43 135.87
C PHE UB 255 50.25 -99.06 137.35
N GLN UB 256 49.07 -99.07 138.00
CA GLN UB 256 48.95 -98.58 139.36
C GLN UB 256 49.62 -99.53 140.36
N THR UB 257 49.95 -100.74 139.96
CA THR UB 257 50.75 -101.62 140.81
C THR UB 257 52.19 -101.10 140.90
N ASN UB 258 52.69 -100.57 139.78
CA ASN UB 258 54.07 -100.11 139.69
C ASN UB 258 54.23 -98.63 140.03
N LEU UB 259 53.11 -97.87 140.09
CA LEU UB 259 53.22 -96.42 140.11
C LEU UB 259 52.51 -95.75 141.29
N VAL UB 260 51.69 -96.48 142.05
CA VAL UB 260 50.96 -95.85 143.14
C VAL UB 260 51.40 -96.50 144.44
N PRO UB 261 52.42 -95.95 145.13
CA PRO UB 261 52.86 -96.54 146.40
C PRO UB 261 51.88 -96.34 147.57
N TYR UB 262 51.36 -95.12 147.71
CA TYR UB 262 50.41 -94.77 148.77
C TYR UB 262 49.10 -94.36 148.10
N PRO UB 263 47.91 -94.68 148.67
CA PRO UB 263 46.66 -94.61 147.91
C PRO UB 263 46.28 -93.24 147.37
N ARG UB 264 46.88 -92.17 147.93
CA ARG UB 264 46.58 -90.82 147.50
C ARG UB 264 47.58 -90.33 146.45
N ILE UB 265 48.78 -90.90 146.43
CA ILE UB 265 49.88 -90.33 145.64
C ILE UB 265 49.79 -90.92 144.24
N HIS UB 266 48.94 -90.31 143.42
CA HIS UB 266 48.75 -90.81 142.07
C HIS UB 266 48.59 -89.67 141.07
N PHE UB 267 49.39 -88.63 141.22
CA PHE UB 267 49.53 -87.60 140.21
C PHE UB 267 50.91 -87.73 139.60
N MET UB 268 50.96 -88.05 138.31
CA MET UB 268 52.23 -88.34 137.66
C MET UB 268 52.29 -87.65 136.30
N LEU UB 269 53.53 -87.39 135.85
CA LEU UB 269 53.82 -86.63 134.64
C LEU UB 269 53.85 -87.56 133.43
N SER UB 270 54.26 -87.01 132.27
CA SER UB 270 54.52 -87.81 131.09
C SER UB 270 55.63 -87.16 130.27
N SER UB 271 56.20 -87.95 129.36
CA SER UB 271 57.21 -87.45 128.44
C SER UB 271 57.21 -88.32 127.19
N TYR UB 272 57.85 -87.80 126.15
CA TYR UB 272 57.99 -88.53 124.90
C TYR UB 272 59.30 -88.10 124.27
N ALA UB 273 59.92 -89.04 123.56
CA ALA UB 273 61.09 -88.77 122.75
C ALA UB 273 61.11 -89.82 121.65
N PRO UB 274 61.51 -89.47 120.40
CA PRO UB 274 61.94 -88.12 120.05
C PRO UB 274 60.80 -87.24 119.52
N ILE UB 275 61.00 -85.91 119.59
CA ILE UB 275 60.19 -84.96 118.85
C ILE UB 275 61.16 -84.16 117.98
N ILE UB 276 61.38 -84.70 116.77
CA ILE UB 276 62.36 -84.18 115.85
C ILE UB 276 61.66 -83.88 114.54
N SER UB 277 61.86 -82.65 114.05
CA SER UB 277 61.38 -82.22 112.75
C SER UB 277 62.12 -82.96 111.64
N ALA UB 278 61.48 -83.01 110.47
CA ALA UB 278 61.99 -83.69 109.29
C ALA UB 278 63.26 -83.05 108.73
N GLU UB 279 63.51 -81.77 109.09
CA GLU UB 279 64.71 -81.09 108.62
C GLU UB 279 65.96 -81.63 109.34
N LYS UB 280 65.85 -81.77 110.66
CA LYS UB 280 67.00 -82.08 111.50
C LYS UB 280 67.14 -83.59 111.73
N ALA UB 281 66.10 -84.37 111.36
CA ALA UB 281 66.08 -85.81 111.59
C ALA UB 281 67.15 -86.53 110.77
N TYR UB 282 67.47 -85.98 109.58
CA TYR UB 282 68.47 -86.59 108.72
C TYR UB 282 69.87 -86.52 109.36
N HIS UB 283 70.06 -85.56 110.27
CA HIS UB 283 71.34 -85.34 110.94
C HIS UB 283 71.50 -86.16 112.22
N GLU UB 284 70.55 -87.05 112.51
CA GLU UB 284 70.64 -87.87 113.71
C GLU UB 284 70.19 -89.31 113.45
N GLN UB 285 70.99 -90.30 113.90
CA GLN UB 285 70.51 -91.67 113.97
C GLN UB 285 70.02 -91.98 115.38
N LEU UB 286 68.70 -92.10 115.52
CA LEU UB 286 68.04 -92.20 116.82
C LEU UB 286 68.29 -93.57 117.47
N SER UB 287 69.35 -93.63 118.28
CA SER UB 287 69.71 -94.87 118.98
C SER UB 287 69.12 -94.88 120.39
N VAL UB 288 69.12 -96.06 121.02
CA VAL UB 288 68.50 -96.27 122.32
C VAL UB 288 69.25 -95.47 123.40
N ALA UB 289 70.57 -95.31 123.20
CA ALA UB 289 71.42 -94.62 124.17
C ALA UB 289 71.06 -93.13 124.27
N GLU UB 290 70.59 -92.55 123.16
CA GLU UB 290 70.40 -91.11 123.10
C GLU UB 290 68.93 -90.70 123.27
N ILE UB 291 67.99 -91.54 122.81
CA ILE UB 291 66.58 -91.19 122.93
C ILE UB 291 66.10 -91.34 124.37
N THR UB 292 66.80 -92.16 125.17
CA THR UB 292 66.44 -92.28 126.57
C THR UB 292 67.01 -91.10 127.37
N ASN UB 293 68.05 -90.45 126.85
CA ASN UB 293 68.65 -89.31 127.52
C ASN UB 293 67.77 -88.07 127.35
N SER UB 294 67.23 -87.89 126.14
CA SER UB 294 66.35 -86.77 125.83
C SER UB 294 65.03 -86.87 126.61
N ALA UB 295 64.61 -88.11 126.92
CA ALA UB 295 63.36 -88.36 127.62
C ALA UB 295 63.45 -87.85 129.05
N PHE UB 296 64.63 -87.99 129.67
CA PHE UB 296 64.76 -87.62 131.07
C PHE UB 296 65.22 -86.17 131.22
N GLU UB 297 65.55 -85.54 130.09
CA GLU UB 297 66.00 -84.16 130.07
C GLU UB 297 64.83 -83.26 130.45
N PRO UB 298 65.01 -82.33 131.42
CA PRO UB 298 63.88 -81.62 132.01
C PRO UB 298 63.09 -80.73 131.06
N ALA UB 299 63.71 -80.29 129.96
CA ALA UB 299 63.02 -79.40 129.03
C ALA UB 299 62.20 -80.15 127.99
N SER UB 300 62.23 -81.49 128.01
CA SER UB 300 61.52 -82.31 127.03
C SER UB 300 60.27 -82.99 127.60
N MET UB 301 60.02 -82.79 128.89
CA MET UB 301 58.79 -83.31 129.48
C MET UB 301 57.63 -82.37 129.17
N MET UB 302 56.41 -82.87 129.42
CA MET UB 302 55.22 -82.23 128.91
C MET UB 302 54.38 -81.56 130.00
N ALA UB 303 55.02 -81.12 131.10
CA ALA UB 303 54.34 -80.30 132.10
C ALA UB 303 55.25 -79.18 132.64
N LYS UB 304 56.57 -79.35 132.49
CA LYS UB 304 57.63 -78.51 133.05
C LYS UB 304 57.41 -78.15 134.53
N CYS UB 305 56.78 -79.07 135.25
CA CYS UB 305 56.87 -79.13 136.70
C CYS UB 305 58.29 -79.63 137.01
N ASP UB 306 59.20 -78.69 137.27
CA ASP UB 306 60.63 -78.91 137.08
C ASP UB 306 61.18 -79.98 138.02
N PRO UB 307 61.89 -81.01 137.52
CA PRO UB 307 62.33 -82.14 138.35
C PRO UB 307 63.72 -82.01 138.97
N ARG UB 308 64.43 -80.92 138.69
CA ARG UB 308 65.76 -80.72 139.26
C ARG UB 308 65.65 -80.55 140.78
N HIS UB 309 64.56 -79.92 141.25
CA HIS UB 309 64.24 -79.89 142.67
C HIS UB 309 63.36 -81.09 143.04
N GLY UB 310 62.93 -81.85 142.02
CA GLY UB 310 62.12 -83.04 142.24
C GLY UB 310 62.95 -84.17 142.81
N LYS UB 311 62.25 -85.26 143.16
CA LYS UB 311 62.89 -86.38 143.81
C LYS UB 311 62.12 -87.63 143.39
N TYR UB 312 62.65 -88.31 142.36
CA TYR UB 312 61.93 -89.32 141.60
C TYR UB 312 61.57 -90.52 142.46
N MET UB 313 60.39 -91.10 142.17
CA MET UB 313 59.82 -92.16 142.99
C MET UB 313 59.56 -93.43 142.18
N ALA UB 314 58.85 -93.29 141.05
CA ALA UB 314 58.58 -94.41 140.18
C ALA UB 314 58.55 -93.93 138.74
N CYS UB 315 59.18 -94.69 137.83
CA CYS UB 315 59.19 -94.37 136.41
C CYS UB 315 58.81 -95.62 135.63
N CYS UB 316 57.99 -95.45 134.59
CA CYS UB 316 57.55 -96.56 133.75
C CYS UB 316 57.87 -96.22 132.30
N LEU UB 317 58.85 -96.94 131.73
CA LEU UB 317 59.40 -96.62 130.42
C LEU UB 317 58.89 -97.63 129.41
N MET UB 318 57.96 -97.20 128.55
CA MET UB 318 57.40 -98.07 127.54
C MET UB 318 58.11 -97.83 126.21
N TYR UB 319 59.20 -98.59 126.01
CA TYR UB 319 59.96 -98.48 124.76
C TYR UB 319 59.12 -99.05 123.63
N ARG UB 320 59.21 -98.38 122.49
CA ARG UB 320 58.41 -98.76 121.33
C ARG UB 320 59.32 -98.84 120.12
N GLY UB 321 59.07 -99.84 119.26
CA GLY UB 321 59.78 -99.98 118.00
C GLY UB 321 60.91 -101.00 118.07
N ASP UB 322 61.88 -100.88 117.15
CA ASP UB 322 62.95 -101.85 117.04
C ASP UB 322 64.02 -101.59 118.10
N VAL UB 323 63.73 -102.04 119.33
CA VAL UB 323 64.66 -101.95 120.43
C VAL UB 323 64.87 -103.35 120.99
N VAL UB 324 66.14 -103.72 121.20
CA VAL UB 324 66.48 -105.02 121.74
C VAL UB 324 66.56 -104.91 123.27
N PRO UB 325 66.34 -106.00 124.03
CA PRO UB 325 66.49 -105.95 125.49
C PRO UB 325 67.91 -105.70 126.00
N LYS UB 326 68.93 -105.99 125.17
CA LYS UB 326 70.32 -105.95 125.61
C LYS UB 326 70.84 -104.51 125.76
N ASP UB 327 70.21 -103.56 125.06
CA ASP UB 327 70.69 -102.17 125.15
C ASP UB 327 69.75 -101.29 125.98
N VAL UB 328 68.48 -101.71 126.14
CA VAL UB 328 67.56 -100.94 126.98
C VAL UB 328 68.01 -100.99 128.44
N ASN UB 329 68.49 -102.15 128.89
CA ASN UB 329 69.03 -102.26 130.23
C ASN UB 329 70.38 -101.54 130.31
N ALA UB 330 71.12 -101.52 129.20
CA ALA UB 330 72.37 -100.76 129.13
C ALA UB 330 72.08 -99.26 129.22
N ALA UB 331 70.95 -98.83 128.65
CA ALA UB 331 70.56 -97.42 128.65
C ALA UB 331 70.14 -96.98 130.05
N VAL UB 332 69.33 -97.80 130.72
CA VAL UB 332 68.77 -97.46 132.03
C VAL UB 332 69.88 -97.52 133.10
N ALA UB 333 70.93 -98.33 132.86
CA ALA UB 333 72.04 -98.42 133.80
C ALA UB 333 72.81 -97.11 133.89
N THR UB 334 73.03 -96.47 132.73
CA THR UB 334 73.76 -95.21 132.66
C THR UB 334 72.96 -94.08 133.29
N ILE UB 335 71.62 -94.21 133.28
CA ILE UB 335 70.76 -93.19 133.87
C ILE UB 335 70.88 -93.19 135.39
N LYS UB 336 70.89 -94.37 136.01
CA LYS UB 336 70.88 -94.48 137.46
C LYS UB 336 72.12 -93.82 138.06
N THR UB 337 73.26 -94.01 137.39
CA THR UB 337 74.51 -93.42 137.85
C THR UB 337 74.62 -91.93 137.51
N LYS UB 338 73.75 -91.42 136.62
CA LYS UB 338 73.75 -90.00 136.28
C LYS UB 338 73.30 -89.18 137.49
N ARG UB 339 74.04 -88.10 137.77
CA ARG UB 339 73.89 -87.36 139.02
C ARG UB 339 72.57 -86.59 139.11
N THR UB 340 72.16 -85.93 138.01
CA THR UB 340 71.06 -84.97 138.00
C THR UB 340 69.71 -85.66 138.24
N ILE UB 341 69.54 -86.85 137.65
CA ILE UB 341 68.30 -87.59 137.78
C ILE UB 341 68.41 -88.36 139.09
N GLN UB 342 67.65 -87.90 140.09
CA GLN UB 342 67.85 -88.36 141.47
C GLN UB 342 66.61 -89.10 141.95
N PHE UB 343 66.84 -90.33 142.44
CA PHE UB 343 65.78 -91.15 143.01
C PHE UB 343 65.74 -91.01 144.52
N VAL UB 344 64.58 -91.37 145.09
CA VAL UB 344 64.34 -91.27 146.52
C VAL UB 344 65.02 -92.46 147.20
N ASP UB 345 65.40 -92.27 148.46
CA ASP UB 345 66.18 -93.23 149.23
C ASP UB 345 65.38 -94.49 149.53
N TRP UB 346 64.08 -94.32 149.87
CA TRP UB 346 63.31 -95.44 150.39
C TRP UB 346 62.87 -96.41 149.29
N CYS UB 347 62.96 -95.97 148.02
CA CYS UB 347 62.54 -96.81 146.91
C CYS UB 347 63.77 -97.22 146.11
N PRO UB 348 64.32 -98.45 146.33
CA PRO UB 348 65.59 -98.84 145.71
C PRO UB 348 65.52 -99.01 144.20
N THR UB 349 64.51 -99.76 143.73
CA THR UB 349 64.26 -99.90 142.30
C THR UB 349 63.07 -99.05 141.93
N GLY UB 350 63.26 -98.22 140.89
CA GLY UB 350 62.27 -97.25 140.48
C GLY UB 350 62.03 -97.32 138.98
N PHE UB 351 62.54 -98.40 138.36
CA PHE UB 351 62.44 -98.58 136.93
C PHE UB 351 61.65 -99.85 136.63
N LYS UB 352 60.54 -99.70 135.90
CA LYS UB 352 59.91 -100.82 135.23
C LYS UB 352 59.76 -100.47 133.76
N CYS UB 353 60.34 -101.30 132.90
CA CYS UB 353 60.47 -101.01 131.48
C CYS UB 353 59.75 -102.08 130.66
N GLY UB 354 59.29 -101.68 129.47
CA GLY UB 354 58.48 -102.52 128.62
C GLY UB 354 58.83 -102.26 127.15
N ILE UB 355 58.69 -103.30 126.33
CA ILE UB 355 59.09 -103.29 124.95
C ILE UB 355 57.92 -103.72 124.08
N ASN UB 356 57.78 -103.03 122.95
CA ASN UB 356 56.82 -103.43 121.93
C ASN UB 356 57.49 -103.42 120.56
N TYR UB 357 57.00 -104.26 119.65
CA TYR UB 357 57.65 -104.48 118.37
C TYR UB 357 57.22 -103.47 117.30
N GLN UB 358 56.02 -102.92 117.43
CA GLN UB 358 55.51 -102.00 116.42
C GLN UB 358 56.26 -100.68 116.51
N PRO UB 359 56.71 -100.10 115.37
CA PRO UB 359 57.27 -98.74 115.40
C PRO UB 359 56.15 -97.72 115.59
N PRO UB 360 56.43 -96.45 115.98
CA PRO UB 360 55.41 -95.41 116.01
C PRO UB 360 54.83 -95.16 114.62
N THR UB 361 53.55 -94.77 114.62
CA THR UB 361 52.84 -94.48 113.40
C THR UB 361 52.83 -92.97 113.16
N VAL UB 362 53.12 -92.61 111.91
CA VAL UB 362 53.14 -91.21 111.50
C VAL UB 362 51.96 -90.95 110.59
N VAL UB 363 51.23 -89.86 110.87
CA VAL UB 363 50.10 -89.45 110.07
C VAL UB 363 50.64 -88.75 108.82
N PRO UB 364 49.99 -88.89 107.65
CA PRO UB 364 50.40 -88.13 106.46
C PRO UB 364 50.11 -86.64 106.65
N GLY UB 365 51.08 -85.81 106.24
CA GLY UB 365 51.00 -84.37 106.37
C GLY UB 365 51.03 -83.90 107.83
N GLY UB 366 51.61 -84.73 108.71
CA GLY UB 366 51.79 -84.39 110.11
C GLY UB 366 53.01 -83.51 110.37
N ASP UB 367 53.37 -83.36 111.65
CA ASP UB 367 54.50 -82.53 112.06
C ASP UB 367 55.72 -83.39 112.40
N LEU UB 368 55.49 -84.62 112.89
CA LEU UB 368 56.55 -85.52 113.33
C LEU UB 368 57.10 -86.32 112.14
N ALA UB 369 58.40 -86.60 112.21
CA ALA UB 369 59.11 -87.31 111.16
C ALA UB 369 59.09 -88.82 111.42
N LYS UB 370 59.51 -89.59 110.40
CA LYS UB 370 59.54 -91.02 110.50
C LYS UB 370 60.75 -91.46 111.34
N VAL UB 371 60.48 -91.87 112.58
CA VAL UB 371 61.52 -92.35 113.46
C VAL UB 371 61.42 -93.87 113.53
N MET UB 372 62.47 -94.52 114.03
CA MET UB 372 62.49 -95.98 114.10
C MET UB 372 62.20 -96.46 115.53
N ARG UB 373 62.51 -95.61 116.52
CA ARG UB 373 62.37 -95.96 117.92
C ARG UB 373 61.74 -94.77 118.65
N ALA UB 374 60.96 -95.06 119.69
CA ALA UB 374 60.42 -94.00 120.54
C ALA UB 374 60.25 -94.50 121.97
N VAL UB 375 60.42 -93.56 122.92
CA VAL UB 375 60.27 -93.81 124.34
C VAL UB 375 59.14 -92.93 124.87
N CYS UB 376 58.22 -93.55 125.60
CA CYS UB 376 57.17 -92.81 126.29
C CYS UB 376 57.35 -93.00 127.80
N MET UB 377 57.41 -91.88 128.50
CA MET UB 377 57.60 -91.89 129.94
C MET UB 377 56.30 -91.56 130.66
N ILE UB 378 56.06 -92.25 131.78
CA ILE UB 378 55.17 -91.79 132.84
C ILE UB 378 55.92 -91.96 134.16
N SER UB 379 56.00 -90.87 134.91
CA SER UB 379 56.85 -90.84 136.11
C SER UB 379 56.11 -90.19 137.27
N ASN UB 380 56.13 -90.88 138.41
CA ASN UB 380 55.65 -90.34 139.67
C ASN UB 380 56.81 -89.65 140.37
N SER UB 381 56.65 -88.34 140.59
CA SER UB 381 57.72 -87.53 141.17
C SER UB 381 57.13 -86.62 142.24
N THR UB 382 58.00 -86.18 143.14
CA THR UB 382 57.61 -85.27 144.20
C THR UB 382 57.76 -83.81 143.75
N ALA UB 383 58.06 -83.59 142.48
CA ALA UB 383 58.07 -82.25 141.90
C ALA UB 383 56.66 -81.64 141.85
N ILE UB 384 55.63 -82.50 141.89
CA ILE UB 384 54.22 -82.12 141.78
C ILE UB 384 53.79 -81.23 142.95
N ALA UB 385 54.64 -81.12 143.98
CA ALA UB 385 54.43 -80.17 145.07
C ALA UB 385 54.33 -78.73 144.56
N GLU UB 386 55.14 -78.39 143.53
CA GLU UB 386 55.20 -77.01 143.07
C GLU UB 386 53.97 -76.66 142.23
N VAL UB 387 53.43 -77.63 141.49
CA VAL UB 387 52.26 -77.33 140.66
C VAL UB 387 51.00 -77.22 141.55
N PHE UB 388 51.02 -77.85 142.72
CA PHE UB 388 49.91 -77.73 143.65
C PHE UB 388 50.06 -76.55 144.60
N SER UB 389 51.31 -76.16 144.90
CA SER UB 389 51.57 -75.04 145.80
C SER UB 389 51.18 -73.72 145.13
N ARG UB 390 51.50 -73.60 143.83
CA ARG UB 390 51.19 -72.40 143.06
C ARG UB 390 49.68 -72.27 142.89
N MET UB 391 48.99 -73.42 142.75
CA MET UB 391 47.56 -73.42 142.55
C MET UB 391 46.84 -73.09 143.87
N ASP UB 392 47.45 -73.51 144.99
CA ASP UB 392 46.94 -73.17 146.31
C ASP UB 392 47.07 -71.66 146.56
N HIS UB 393 48.20 -71.09 146.08
CA HIS UB 393 48.50 -69.69 146.34
C HIS UB 393 47.56 -68.76 145.57
N LYS UB 394 47.24 -69.16 144.32
CA LYS UB 394 46.32 -68.42 143.47
C LYS UB 394 44.92 -68.36 144.09
N PHE UB 395 44.48 -69.48 144.70
CA PHE UB 395 43.16 -69.57 145.31
C PHE UB 395 43.07 -68.66 146.54
N ASP UB 396 44.15 -68.62 147.35
CA ASP UB 396 44.15 -67.89 148.60
C ASP UB 396 43.98 -66.39 148.36
N LEU UB 397 44.64 -65.90 147.28
CA LEU UB 397 44.57 -64.49 146.95
C LEU UB 397 43.18 -64.11 146.44
N MET UB 398 42.55 -64.99 145.64
CA MET UB 398 41.24 -64.71 145.09
C MET UB 398 40.15 -64.84 146.17
N TYR UB 399 40.40 -65.72 147.15
CA TYR UB 399 39.47 -65.96 148.24
C TYR UB 399 39.76 -65.02 149.43
N ALA UB 400 40.70 -64.08 149.25
CA ALA UB 400 40.99 -63.12 150.31
C ALA UB 400 39.75 -62.28 150.67
N LYS UB 401 39.04 -61.75 149.66
CA LYS UB 401 37.75 -61.10 149.92
C LYS UB 401 36.69 -61.60 148.95
N ARG UB 402 36.62 -62.94 148.83
CA ARG UB 402 35.41 -63.63 148.41
C ARG UB 402 34.99 -63.24 146.98
N ALA UB 403 35.98 -63.11 146.08
CA ALA UB 403 35.67 -62.81 144.70
C ALA UB 403 35.00 -64.00 144.02
N PHE UB 404 33.95 -63.70 143.22
CA PHE UB 404 33.27 -64.60 142.31
C PHE UB 404 32.57 -65.76 143.01
N VAL UB 405 32.48 -65.69 144.34
CA VAL UB 405 31.84 -66.74 145.12
C VAL UB 405 30.34 -66.75 144.87
N HIS UB 406 29.78 -65.56 144.59
CA HIS UB 406 28.35 -65.37 144.41
C HIS UB 406 27.82 -66.20 143.22
N TRP UB 407 28.66 -66.42 142.21
CA TRP UB 407 28.26 -67.27 141.09
C TRP UB 407 28.15 -68.73 141.51
N TYR UB 408 29.11 -69.17 142.34
CA TYR UB 408 29.12 -70.56 142.79
C TYR UB 408 28.00 -70.83 143.78
N VAL UB 409 27.84 -69.94 144.76
CA VAL UB 409 26.84 -70.15 145.79
C VAL UB 409 25.44 -69.90 145.24
N GLY UB 410 25.33 -69.03 144.24
CA GLY UB 410 24.07 -68.77 143.57
C GLY UB 410 23.62 -69.95 142.71
N GLU UB 411 24.58 -70.76 142.27
CA GLU UB 411 24.25 -71.87 141.39
C GLU UB 411 23.61 -73.01 142.18
N GLY UB 412 24.07 -73.20 143.42
CA GLY UB 412 23.48 -74.23 144.27
C GLY UB 412 24.47 -74.88 145.23
N MET UB 413 25.77 -74.73 144.94
CA MET UB 413 26.82 -75.32 145.76
C MET UB 413 26.97 -74.52 147.05
N GLU UB 414 27.01 -75.24 148.18
CA GLU UB 414 27.00 -74.62 149.50
C GLU UB 414 28.33 -73.94 149.76
N GLU UB 415 28.26 -72.72 150.32
CA GLU UB 415 29.45 -71.95 150.68
C GLU UB 415 30.20 -72.69 151.78
N GLY UB 416 31.53 -72.68 151.69
CA GLY UB 416 32.35 -73.42 152.64
C GLY UB 416 32.91 -74.71 152.04
N GLU UB 417 32.27 -75.22 150.98
CA GLU UB 417 32.81 -76.33 150.18
C GLU UB 417 34.21 -76.00 149.65
N PHE UB 418 34.50 -74.70 149.44
CA PHE UB 418 35.84 -74.22 149.14
C PHE UB 418 36.81 -74.49 150.29
N SER UB 419 36.32 -74.48 151.54
CA SER UB 419 37.19 -74.66 152.68
C SER UB 419 37.63 -76.13 152.83
N GLU UB 420 36.69 -77.07 152.63
CA GLU UB 420 37.07 -78.48 152.70
C GLU UB 420 37.95 -78.87 151.51
N ALA UB 421 37.72 -78.22 150.34
CA ALA UB 421 38.57 -78.43 149.17
C ALA UB 421 39.97 -77.84 149.42
N ARG UB 422 40.07 -76.81 150.29
CA ARG UB 422 41.36 -76.23 150.63
C ARG UB 422 42.18 -77.18 151.51
N GLU UB 423 41.55 -77.71 152.57
CA GLU UB 423 42.25 -78.53 153.54
C GLU UB 423 42.65 -79.87 152.92
N ASP UB 424 41.88 -80.34 151.93
CA ASP UB 424 42.28 -81.50 151.13
C ASP UB 424 43.56 -81.24 150.35
N LEU UB 425 43.68 -80.05 149.72
CA LEU UB 425 44.85 -79.70 148.92
C LEU UB 425 46.02 -79.40 149.84
N ALA UB 426 45.72 -78.92 151.07
CA ALA UB 426 46.75 -78.69 152.07
C ALA UB 426 47.35 -80.03 152.50
N ALA UB 427 46.49 -81.04 152.65
CA ALA UB 427 46.94 -82.38 153.03
C ALA UB 427 47.76 -82.99 151.90
N LEU UB 428 47.35 -82.73 150.65
CA LEU UB 428 48.02 -83.32 149.49
C LEU UB 428 49.41 -82.71 149.30
N GLU UB 429 49.53 -81.40 149.53
CA GLU UB 429 50.82 -80.72 149.34
C GLU UB 429 51.79 -81.06 150.48
N LYS UB 430 51.28 -81.50 151.63
CA LYS UB 430 52.16 -81.89 152.73
C LYS UB 430 52.55 -83.37 152.66
N ASP UB 431 51.74 -84.19 151.95
CA ASP UB 431 52.08 -85.60 151.79
C ASP UB 431 53.28 -85.81 150.85
N TYR UB 432 53.37 -85.00 149.78
CA TYR UB 432 54.56 -85.07 148.93
C TYR UB 432 55.82 -84.64 149.67
N GLU UB 433 55.73 -83.57 150.47
CA GLU UB 433 56.93 -83.07 151.12
C GLU UB 433 57.35 -83.98 152.29
N GLU UB 434 56.39 -84.71 152.89
CA GLU UB 434 56.72 -85.64 153.97
C GLU UB 434 57.43 -86.88 153.40
N VAL UB 435 56.96 -87.35 152.24
CA VAL UB 435 57.49 -88.56 151.60
C VAL UB 435 58.94 -88.33 151.16
N GLY UB 436 59.24 -87.14 150.63
CA GLY UB 436 60.51 -86.90 149.95
C GLY UB 436 61.66 -86.54 150.89
N ILE UB 437 61.49 -86.74 152.21
CA ILE UB 437 62.54 -86.40 153.17
C ILE UB 437 63.71 -87.38 153.05
N MET VB 1 17.79 -73.24 117.40
CA MET VB 1 19.15 -73.00 117.99
C MET VB 1 19.07 -71.85 118.99
N ARG VB 2 20.02 -70.92 118.93
CA ARG VB 2 20.03 -69.75 119.80
C ARG VB 2 19.47 -68.53 119.05
N GLU VB 3 18.61 -67.77 119.77
CA GLU VB 3 17.92 -66.60 119.22
C GLU VB 3 18.34 -65.36 120.02
N ILE VB 4 18.58 -64.26 119.30
CA ILE VB 4 18.75 -62.95 119.91
C ILE VB 4 17.66 -62.05 119.39
N VAL VB 5 16.89 -61.52 120.33
CA VAL VB 5 15.76 -60.70 119.97
C VAL VB 5 16.21 -59.25 120.04
N HIS VB 6 15.98 -58.53 118.93
CA HIS VB 6 16.40 -57.15 118.83
C HIS VB 6 15.20 -56.23 119.03
N VAL VB 7 15.41 -55.20 119.87
CA VAL VB 7 14.41 -54.19 120.14
C VAL VB 7 15.10 -52.83 120.12
N GLN VB 8 14.56 -51.92 119.32
CA GLN VB 8 15.11 -50.58 119.20
C GLN VB 8 14.10 -49.60 119.77
N GLY VB 9 14.58 -48.76 120.70
CA GLY VB 9 13.72 -47.81 121.38
C GLY VB 9 14.29 -46.39 121.33
N GLY VB 10 13.39 -45.42 121.16
CA GLY VB 10 13.80 -44.03 121.10
C GLY VB 10 14.29 -43.63 119.71
N GLN VB 11 14.53 -42.35 119.61
CA GLN VB 11 14.94 -41.78 118.33
C GLN VB 11 16.38 -42.16 117.99
N CYS VB 12 17.18 -42.19 119.06
CA CYS VB 12 18.58 -42.56 119.04
C CYS VB 12 18.70 -44.04 118.62
N GLY VB 13 17.84 -44.88 119.22
CA GLY VB 13 17.85 -46.32 119.04
C GLY VB 13 17.55 -46.76 117.60
N ASN VB 14 16.51 -46.14 117.01
CA ASN VB 14 16.08 -46.52 115.67
C ASN VB 14 17.13 -46.07 114.63
N GLN VB 15 17.82 -44.96 114.96
CA GLN VB 15 18.83 -44.48 114.03
C GLN VB 15 20.11 -45.33 114.12
N ILE VB 16 20.49 -45.72 115.35
CA ILE VB 16 21.64 -46.60 115.53
C ILE VB 16 21.34 -47.98 114.94
N GLY VB 17 20.15 -48.49 115.29
CA GLY VB 17 19.76 -49.84 114.89
C GLY VB 17 19.63 -50.00 113.38
N ALA VB 18 19.39 -48.88 112.68
CA ALA VB 18 19.36 -48.89 111.22
C ALA VB 18 20.72 -49.27 110.64
N LYS VB 19 21.79 -48.74 111.26
CA LYS VB 19 23.14 -49.00 110.73
C LYS VB 19 23.70 -50.30 111.32
N PHE VB 20 23.14 -50.76 112.44
CA PHE VB 20 23.53 -52.07 112.94
C PHE VB 20 23.10 -53.19 111.99
N TRP VB 21 21.88 -53.09 111.44
CA TRP VB 21 21.42 -54.08 110.47
C TRP VB 21 22.07 -53.87 109.11
N GLU VB 22 22.69 -52.69 108.92
CA GLU VB 22 23.54 -52.49 107.76
C GLU VB 22 24.74 -53.43 107.81
N VAL VB 23 25.41 -53.49 108.98
CA VAL VB 23 26.66 -54.22 109.07
C VAL VB 23 26.41 -55.72 109.22
N ILE VB 24 25.33 -56.09 109.91
CA ILE VB 24 25.04 -57.50 110.13
C ILE VB 24 24.60 -58.18 108.84
N SER VB 25 23.77 -57.48 108.06
CA SER VB 25 23.41 -57.94 106.72
C SER VB 25 24.65 -58.01 105.83
N ASP VB 26 25.64 -57.15 106.11
CA ASP VB 26 26.86 -57.15 105.32
C ASP VB 26 27.86 -58.22 105.77
N GLU VB 27 27.83 -58.59 107.07
CA GLU VB 27 28.68 -59.67 107.55
C GLU VB 27 28.29 -60.99 106.87
N HIS VB 28 26.98 -61.24 106.74
CA HIS VB 28 26.52 -62.51 106.23
C HIS VB 28 26.18 -62.45 104.74
N GLY VB 29 25.98 -61.25 104.19
CA GLY VB 29 25.65 -61.14 102.78
C GLY VB 29 24.18 -61.43 102.47
N ILE VB 30 23.28 -60.61 103.05
CA ILE VB 30 21.89 -60.61 102.63
C ILE VB 30 21.65 -59.33 101.84
N ASP VB 31 21.15 -59.49 100.61
CA ASP VB 31 20.74 -58.38 99.77
C ASP VB 31 19.60 -57.64 100.46
N PRO VB 32 19.54 -56.28 100.39
CA PRO VB 32 18.49 -55.52 101.08
C PRO VB 32 17.04 -55.91 100.79
N THR VB 33 16.79 -56.50 99.62
CA THR VB 33 15.49 -57.07 99.30
C THR VB 33 15.21 -58.34 100.13
N GLY VB 34 16.24 -58.91 100.75
CA GLY VB 34 16.07 -60.06 101.64
C GLY VB 34 16.73 -61.33 101.14
N THR VB 35 17.05 -61.39 99.84
CA THR VB 35 17.63 -62.59 99.26
C THR VB 35 19.07 -62.76 99.74
N TYR VB 36 19.60 -63.97 99.56
CA TYR VB 36 20.96 -64.27 99.98
C TYR VB 36 21.85 -64.37 98.76
N CYS VB 37 23.01 -63.72 98.87
CA CYS VB 37 24.11 -63.87 97.93
C CYS VB 37 25.41 -63.71 98.69
N GLY VB 38 26.35 -64.60 98.38
CA GLY VB 38 27.60 -64.69 99.09
C GLY VB 38 28.15 -66.11 99.14
N ASP VB 39 27.35 -67.09 98.70
CA ASP VB 39 27.68 -68.48 98.36
C ASP VB 39 28.74 -69.10 99.25
N SER VB 40 28.52 -69.08 100.57
CA SER VB 40 29.41 -69.72 101.51
C SER VB 40 28.62 -70.32 102.64
N ASP VB 41 28.85 -71.61 102.91
CA ASP VB 41 28.09 -72.29 103.93
C ASP VB 41 28.48 -71.86 105.34
N LEU VB 42 29.72 -71.39 105.56
CA LEU VB 42 30.08 -71.04 106.93
C LEU VB 42 29.58 -69.64 107.32
N GLN VB 43 29.18 -68.82 106.33
CA GLN VB 43 28.62 -67.50 106.60
C GLN VB 43 27.30 -67.61 107.38
N LEU VB 44 26.41 -68.50 106.93
CA LEU VB 44 25.04 -68.54 107.42
C LEU VB 44 24.66 -69.95 107.90
N GLU VB 45 25.68 -70.71 108.33
CA GLU VB 45 25.43 -71.94 109.08
C GLU VB 45 24.76 -71.58 110.40
N ARG VB 46 25.12 -70.41 110.95
CA ARG VB 46 24.41 -69.83 112.08
C ARG VB 46 23.78 -68.53 111.61
N ILE VB 47 22.62 -68.66 110.97
CA ILE VB 47 21.87 -67.51 110.47
C ILE VB 47 20.68 -67.20 111.35
N ASN VB 48 20.20 -68.22 112.04
CA ASN VB 48 19.00 -68.14 112.85
C ASN VB 48 19.23 -67.37 114.15
N VAL VB 49 20.45 -66.89 114.39
CA VAL VB 49 20.73 -66.07 115.56
C VAL VB 49 20.07 -64.68 115.49
N PHE VB 50 19.79 -64.24 114.25
CA PHE VB 50 19.25 -62.92 114.06
C PHE VB 50 18.08 -62.88 113.07
N TYR VB 51 17.87 -63.93 112.27
CA TYR VB 51 16.96 -63.84 111.14
C TYR VB 51 16.05 -65.06 111.10
N ASN VB 52 15.05 -65.01 110.22
CA ASN VB 52 14.07 -66.09 110.06
C ASN VB 52 13.81 -66.36 108.58
N GLU VB 53 13.71 -67.65 108.21
CA GLU VB 53 13.33 -68.13 106.89
C GLU VB 53 11.86 -67.78 106.60
N ALA VB 54 11.53 -67.53 105.32
CA ALA VB 54 10.17 -67.16 104.93
C ALA VB 54 9.59 -67.89 103.70
N THR VB 55 9.99 -69.14 103.42
CA THR VB 55 9.55 -69.95 102.27
C THR VB 55 9.53 -69.22 100.92
N GLY VB 56 10.31 -68.14 100.83
CA GLY VB 56 10.61 -67.49 99.57
C GLY VB 56 12.12 -67.33 99.51
N GLY VB 57 12.76 -67.90 100.55
CA GLY VB 57 14.18 -67.82 100.76
C GLY VB 57 14.62 -66.51 101.44
N ARG VB 58 13.69 -65.57 101.69
CA ARG VB 58 14.06 -64.27 102.23
C ARG VB 58 14.27 -64.37 103.74
N PHE VB 59 15.17 -63.57 104.31
CA PHE VB 59 15.38 -63.52 105.74
C PHE VB 59 14.84 -62.20 106.29
N VAL VB 60 13.90 -62.31 107.22
CA VAL VB 60 13.41 -61.14 107.91
C VAL VB 60 14.11 -61.07 109.28
N PRO VB 61 14.61 -59.87 109.68
CA PRO VB 61 15.27 -59.72 110.98
C PRO VB 61 14.27 -59.88 112.13
N ARG VB 62 14.72 -60.45 113.24
CA ARG VB 62 13.95 -60.55 114.48
C ARG VB 62 14.12 -59.25 115.26
N ALA VB 63 13.68 -58.16 114.61
CA ALA VB 63 13.76 -56.83 115.22
C ALA VB 63 12.33 -56.35 115.46
N ILE VB 64 12.15 -55.73 116.63
CA ILE VB 64 10.92 -55.05 116.97
C ILE VB 64 11.21 -53.56 117.07
N LEU VB 65 10.75 -52.82 116.05
CA LEU VB 65 10.95 -51.38 116.01
C LEU VB 65 9.89 -50.72 116.89
N MET VB 66 10.32 -49.86 117.82
CA MET VB 66 9.47 -49.53 118.96
C MET VB 66 9.68 -48.08 119.39
N ASP VB 67 8.58 -47.30 119.32
CA ASP VB 67 8.63 -45.90 119.69
C ASP VB 67 7.22 -45.40 119.99
N LEU VB 68 7.11 -44.06 120.10
CA LEU VB 68 5.83 -43.42 120.32
C LEU VB 68 5.59 -42.29 119.33
N GLU VB 69 6.63 -41.91 118.58
CA GLU VB 69 6.57 -40.84 117.61
C GLU VB 69 6.58 -41.49 116.22
N PRO VB 70 5.48 -41.39 115.44
CA PRO VB 70 5.35 -42.24 114.25
C PRO VB 70 6.24 -41.84 113.07
N GLY VB 71 7.03 -40.77 113.21
CA GLY VB 71 7.82 -40.28 112.09
C GLY VB 71 9.23 -40.88 112.01
N THR VB 72 9.84 -41.14 113.18
CA THR VB 72 11.27 -41.44 113.24
C THR VB 72 11.57 -42.84 112.71
N MET VB 73 10.65 -43.77 112.92
CA MET VB 73 10.81 -45.07 112.30
C MET VB 73 10.08 -45.19 110.96
N ASP VB 74 9.27 -44.19 110.62
CA ASP VB 74 8.79 -44.06 109.25
C ASP VB 74 10.01 -43.79 108.37
N SER VB 75 10.98 -43.04 108.93
CA SER VB 75 12.24 -42.74 108.27
C SER VB 75 13.01 -44.03 107.94
N VAL VB 76 13.03 -44.94 108.92
CA VAL VB 76 13.77 -46.19 108.80
C VAL VB 76 13.19 -47.05 107.68
N ARG VB 77 11.85 -47.04 107.56
CA ARG VB 77 11.14 -47.80 106.55
C ARG VB 77 11.52 -47.36 105.14
N ALA VB 78 11.56 -46.05 104.89
CA ALA VB 78 11.83 -45.55 103.55
C ALA VB 78 13.32 -45.63 103.19
N GLY VB 79 14.18 -45.74 104.21
CA GLY VB 79 15.63 -45.73 104.02
C GLY VB 79 16.18 -46.96 103.30
N PRO VB 80 17.51 -47.09 103.09
CA PRO VB 80 18.09 -48.33 102.58
C PRO VB 80 17.98 -49.41 103.65
N PHE VB 81 17.79 -50.64 103.18
CA PHE VB 81 17.65 -51.84 104.01
C PHE VB 81 16.48 -51.72 104.98
N GLY VB 82 15.51 -50.87 104.67
CA GLY VB 82 14.33 -50.74 105.52
C GLY VB 82 13.27 -51.73 105.13
N GLN VB 83 13.46 -52.35 103.97
CA GLN VB 83 12.39 -53.23 103.49
C GLN VB 83 12.60 -54.64 104.04
N LEU VB 84 13.72 -54.85 104.77
CA LEU VB 84 13.96 -56.08 105.51
C LEU VB 84 12.91 -56.28 106.60
N PHE VB 85 12.70 -55.21 107.39
CA PHE VB 85 11.96 -55.28 108.63
C PHE VB 85 10.51 -55.60 108.37
N ARG VB 86 9.95 -56.42 109.27
CA ARG VB 86 8.59 -56.88 109.15
C ARG VB 86 7.63 -55.73 109.47
N PRO VB 87 6.60 -55.49 108.62
CA PRO VB 87 5.63 -54.42 108.88
C PRO VB 87 4.83 -54.62 110.17
N ASP VB 88 4.59 -55.89 110.54
CA ASP VB 88 3.88 -56.21 111.76
C ASP VB 88 4.78 -55.92 112.98
N ASN VB 89 6.10 -55.90 112.79
CA ASN VB 89 7.04 -55.66 113.87
C ASN VB 89 7.08 -54.19 114.30
N PHE VB 90 6.54 -53.30 113.47
CA PHE VB 90 6.41 -51.91 113.86
C PHE VB 90 5.30 -51.74 114.88
N VAL VB 91 5.60 -51.02 115.97
CA VAL VB 91 4.59 -50.61 116.92
C VAL VB 91 4.57 -49.09 117.02
N PHE VB 92 3.70 -48.48 116.22
CA PHE VB 92 3.59 -47.03 116.16
C PHE VB 92 3.09 -46.46 117.48
N GLY VB 93 3.34 -45.15 117.64
CA GLY VB 93 2.63 -44.33 118.58
C GLY VB 93 2.04 -43.11 117.87
N GLN VB 94 1.24 -42.35 118.62
CA GLN VB 94 0.61 -41.17 118.05
C GLN VB 94 1.05 -39.89 118.75
N THR VB 95 0.98 -39.87 120.09
CA THR VB 95 1.10 -38.62 120.83
C THR VB 95 2.56 -38.18 120.86
N GLY VB 96 3.43 -39.11 121.29
CA GLY VB 96 4.85 -38.87 121.39
C GLY VB 96 5.24 -38.42 122.80
N ALA VB 97 6.05 -39.23 123.48
CA ALA VB 97 6.54 -38.89 124.82
C ALA VB 97 7.52 -37.74 124.69
N GLY VB 98 7.02 -36.52 124.94
CA GLY VB 98 7.78 -35.32 124.71
C GLY VB 98 8.87 -35.13 125.78
N ASN VB 99 9.89 -35.98 125.72
CA ASN VB 99 11.08 -35.90 126.55
C ASN VB 99 10.77 -35.96 128.06
N ASN VB 100 9.63 -36.56 128.42
CA ASN VB 100 9.24 -36.67 129.81
C ASN VB 100 9.33 -38.14 130.19
N TRP VB 101 10.26 -38.45 131.09
CA TRP VB 101 10.46 -39.81 131.54
C TRP VB 101 9.19 -40.37 132.18
N ALA VB 102 8.42 -39.49 132.85
CA ALA VB 102 7.23 -39.91 133.57
C ALA VB 102 6.18 -40.50 132.63
N LYS VB 103 5.96 -39.80 131.50
CA LYS VB 103 4.90 -40.23 130.62
C LYS VB 103 5.36 -41.40 129.74
N GLY VB 104 6.68 -41.54 129.55
CA GLY VB 104 7.18 -42.72 128.87
C GLY VB 104 6.85 -43.99 129.67
N HIS VB 105 7.10 -43.95 130.98
CA HIS VB 105 6.91 -45.12 131.82
C HIS VB 105 5.43 -45.34 132.19
N TYR VB 106 4.85 -44.42 132.97
CA TYR VB 106 3.65 -44.78 133.72
C TYR VB 106 2.38 -44.47 132.94
N THR VB 107 2.24 -43.20 132.53
CA THR VB 107 0.96 -42.77 132.01
C THR VB 107 0.80 -43.17 130.55
N GLU VB 108 1.64 -42.60 129.67
CA GLU VB 108 1.36 -42.67 128.24
C GLU VB 108 1.78 -44.04 127.69
N GLY VB 109 2.88 -44.60 128.23
CA GLY VB 109 3.44 -45.86 127.75
C GLY VB 109 2.50 -47.06 127.90
N ALA VB 110 1.76 -47.07 129.03
CA ALA VB 110 1.08 -48.26 129.55
C ALA VB 110 0.02 -48.80 128.59
N GLU VB 111 -0.50 -47.98 127.66
CA GLU VB 111 -1.51 -48.45 126.73
C GLU VB 111 -0.91 -49.05 125.46
N LEU VB 112 0.41 -48.93 125.30
CA LEU VB 112 1.06 -49.44 124.09
C LEU VB 112 1.81 -50.73 124.37
N ILE VB 113 2.11 -51.00 125.65
CA ILE VB 113 2.79 -52.20 126.12
C ILE VB 113 1.95 -53.44 125.85
N ASP VB 114 0.63 -53.26 125.82
CA ASP VB 114 -0.33 -54.31 125.49
C ASP VB 114 -0.07 -54.86 124.08
N SER VB 115 0.57 -54.06 123.23
CA SER VB 115 0.87 -54.46 121.87
C SER VB 115 2.31 -55.00 121.78
N VAL VB 116 3.27 -54.28 122.39
CA VAL VB 116 4.68 -54.58 122.18
C VAL VB 116 5.08 -55.87 122.93
N LEU VB 117 4.41 -56.14 124.06
CA LEU VB 117 4.70 -57.37 124.78
C LEU VB 117 4.10 -58.57 124.04
N ASP VB 118 3.01 -58.33 123.29
CA ASP VB 118 2.38 -59.36 122.48
C ASP VB 118 3.30 -59.82 121.35
N VAL VB 119 3.95 -58.85 120.68
CA VAL VB 119 4.72 -59.16 119.49
C VAL VB 119 6.05 -59.79 119.90
N VAL VB 120 6.56 -59.39 121.08
CA VAL VB 120 7.85 -59.88 121.52
C VAL VB 120 7.74 -61.34 121.95
N ARG VB 121 6.62 -61.73 122.54
CA ARG VB 121 6.50 -63.10 123.03
C ARG VB 121 6.07 -64.03 121.92
N LYS VB 122 5.41 -63.51 120.87
CA LYS VB 122 5.03 -64.37 119.76
C LYS VB 122 6.28 -64.79 118.97
N GLU VB 123 7.28 -63.92 118.91
CA GLU VB 123 8.54 -64.23 118.26
C GLU VB 123 9.46 -65.03 119.20
N ALA VB 124 9.34 -64.76 120.52
CA ALA VB 124 10.10 -65.50 121.54
C ALA VB 124 9.69 -66.98 121.58
N GLU VB 125 8.38 -67.23 121.70
CA GLU VB 125 7.86 -68.56 121.97
C GLU VB 125 7.91 -69.44 120.71
N GLY VB 126 8.10 -68.82 119.53
CA GLY VB 126 8.14 -69.56 118.26
C GLY VB 126 9.29 -70.56 118.14
N CYS VB 127 10.43 -70.24 118.78
CA CYS VB 127 11.65 -71.02 118.64
C CYS VB 127 11.71 -72.11 119.71
N ASP VB 128 12.87 -72.76 119.83
CA ASP VB 128 13.12 -73.81 120.81
C ASP VB 128 13.26 -73.17 122.20
N CYS VB 129 14.35 -72.43 122.42
CA CYS VB 129 14.56 -71.61 123.60
C CYS VB 129 15.54 -70.49 123.28
N LEU VB 130 15.20 -69.30 123.80
CA LEU VB 130 15.82 -67.99 123.59
C LEU VB 130 17.20 -67.93 124.26
N GLN VB 131 18.06 -67.01 123.76
CA GLN VB 131 19.37 -66.81 124.37
C GLN VB 131 19.50 -65.43 125.02
N GLY VB 132 19.21 -64.37 124.27
CA GLY VB 132 19.37 -63.03 124.82
C GLY VB 132 18.50 -61.98 124.13
N PHE VB 133 18.68 -60.76 124.61
CA PHE VB 133 18.01 -59.62 124.03
C PHE VB 133 19.01 -58.51 123.75
N GLN VB 134 18.66 -57.70 122.74
CA GLN VB 134 19.37 -56.47 122.46
C GLN VB 134 18.41 -55.27 122.51
N ILE VB 135 18.78 -54.26 123.30
CA ILE VB 135 18.02 -53.02 123.41
C ILE VB 135 18.95 -51.87 123.06
N THR VB 136 18.65 -51.19 121.95
CA THR VB 136 19.39 -49.99 121.58
C THR VB 136 18.55 -48.77 121.91
N HIS VB 137 19.09 -47.87 122.74
CA HIS VB 137 18.36 -46.70 123.20
C HIS VB 137 19.31 -45.62 123.72
N SER VB 138 18.73 -44.50 124.19
CA SER VB 138 19.46 -43.40 124.81
C SER VB 138 18.90 -43.19 126.22
N LEU VB 139 19.77 -42.82 127.16
CA LEU VB 139 19.33 -42.53 128.52
C LEU VB 139 19.41 -41.03 128.83
N GLY VB 140 19.11 -40.23 127.80
CA GLY VB 140 18.95 -38.79 127.96
C GLY VB 140 17.56 -38.34 127.53
N GLY VB 141 16.98 -39.14 126.63
CA GLY VB 141 15.74 -38.87 125.92
C GLY VB 141 14.52 -39.23 126.75
N GLY VB 142 13.37 -39.22 126.07
CA GLY VB 142 12.13 -39.49 126.76
C GLY VB 142 11.59 -40.87 126.42
N THR VB 143 11.43 -41.10 125.11
CA THR VB 143 10.76 -42.29 124.62
C THR VB 143 11.68 -43.50 124.66
N GLY VB 144 13.00 -43.28 124.75
CA GLY VB 144 13.97 -44.37 124.83
C GLY VB 144 14.37 -44.64 126.29
N SER VB 145 14.58 -43.57 127.04
CA SER VB 145 15.07 -43.66 128.41
C SER VB 145 13.99 -44.17 129.36
N GLY VB 146 12.75 -43.71 129.16
CA GLY VB 146 11.67 -44.07 130.06
C GLY VB 146 10.84 -45.23 129.53
N MET VB 147 10.33 -45.06 128.32
CA MET VB 147 9.34 -45.99 127.79
C MET VB 147 10.03 -47.26 127.30
N GLY VB 148 11.32 -47.14 126.96
CA GLY VB 148 12.16 -48.30 126.67
C GLY VB 148 12.53 -49.09 127.92
N THR VB 149 12.67 -48.37 129.05
CA THR VB 149 13.04 -48.98 130.31
C THR VB 149 11.88 -49.81 130.88
N LEU VB 150 10.64 -49.44 130.54
CA LEU VB 150 9.48 -50.27 130.86
C LEU VB 150 9.62 -51.65 130.19
N LEU VB 151 10.02 -51.67 128.91
CA LEU VB 151 10.14 -52.92 128.19
C LEU VB 151 11.30 -53.75 128.74
N ILE VB 152 12.27 -53.06 129.34
CA ILE VB 152 13.34 -53.76 130.05
C ILE VB 152 12.76 -54.50 131.26
N SER VB 153 11.89 -53.84 132.02
CA SER VB 153 11.42 -54.37 133.29
C SER VB 153 10.44 -55.54 133.11
N LYS VB 154 9.58 -55.46 132.09
CA LYS VB 154 8.53 -56.46 131.94
C LYS VB 154 9.08 -57.78 131.41
N VAL VB 155 10.03 -57.73 130.47
CA VAL VB 155 10.48 -58.97 129.87
C VAL VB 155 11.44 -59.70 130.83
N ARG VB 156 12.05 -58.97 131.76
CA ARG VB 156 12.93 -59.58 132.76
C ARG VB 156 12.14 -60.44 133.73
N GLU VB 157 11.00 -59.94 134.21
CA GLU VB 157 10.20 -60.69 135.15
C GLU VB 157 9.49 -61.86 134.44
N GLU VB 158 9.43 -61.83 133.11
CA GLU VB 158 8.80 -62.92 132.37
C GLU VB 158 9.81 -64.00 131.97
N TYR VB 159 11.07 -63.60 131.76
CA TYR VB 159 12.14 -64.53 131.46
C TYR VB 159 13.32 -64.24 132.39
N PRO VB 160 13.28 -64.68 133.66
CA PRO VB 160 14.35 -64.32 134.60
C PRO VB 160 15.66 -65.08 134.38
N ASP VB 161 15.58 -66.22 133.69
CA ASP VB 161 16.75 -67.06 133.45
C ASP VB 161 17.49 -66.71 132.16
N ARG VB 162 16.97 -65.75 131.39
CA ARG VB 162 17.62 -65.28 130.18
C ARG VB 162 18.49 -64.06 130.46
N ILE VB 163 19.31 -63.67 129.47
CA ILE VB 163 20.15 -62.49 129.60
C ILE VB 163 19.67 -61.43 128.61
N MET VB 164 20.15 -60.21 128.82
CA MET VB 164 19.93 -59.11 127.91
C MET VB 164 21.05 -58.10 128.12
N GLU VB 165 21.49 -57.50 127.03
CA GLU VB 165 22.53 -56.48 127.12
C GLU VB 165 22.24 -55.34 126.16
N THR VB 166 22.47 -54.10 126.63
CA THR VB 166 22.02 -52.90 125.94
C THR VB 166 23.22 -52.03 125.54
N PHE VB 167 22.99 -51.19 124.52
CA PHE VB 167 23.93 -50.13 124.15
C PHE VB 167 23.23 -48.79 124.33
N SER VB 168 23.66 -48.03 125.35
CA SER VB 168 22.99 -46.80 125.75
C SER VB 168 23.97 -45.63 125.75
N VAL VB 169 23.56 -44.48 125.20
CA VAL VB 169 24.37 -43.27 125.26
C VAL VB 169 23.96 -42.46 126.49
N PHE VB 170 24.92 -41.69 127.01
CA PHE VB 170 24.72 -40.87 128.19
C PHE VB 170 24.93 -39.40 127.85
N PRO VB 171 24.53 -38.47 128.74
CA PRO VB 171 25.00 -37.08 128.71
C PRO VB 171 26.52 -36.98 128.61
N SER VB 172 26.91 -36.06 127.73
CA SER VB 172 28.24 -35.60 127.39
C SER VB 172 28.66 -34.45 128.30
N PRO VB 173 29.96 -34.30 128.66
CA PRO VB 173 30.39 -33.24 129.58
C PRO VB 173 30.22 -31.79 129.06
N LYS VB 174 30.72 -31.44 127.88
CA LYS VB 174 30.64 -30.05 127.43
C LYS VB 174 29.32 -29.75 126.72
N VAL VB 175 29.13 -30.33 125.53
CA VAL VB 175 27.84 -30.29 124.84
C VAL VB 175 26.85 -31.12 125.65
N SER VB 176 25.60 -30.67 125.68
CA SER VB 176 24.51 -31.41 126.31
C SER VB 176 23.20 -30.88 125.75
N ASP VB 177 22.49 -31.77 125.04
CA ASP VB 177 21.15 -31.46 124.59
C ASP VB 177 20.18 -31.68 125.74
N THR VB 178 18.89 -31.51 125.42
CA THR VB 178 17.77 -32.14 126.10
C THR VB 178 17.87 -31.83 127.60
N VAL VB 179 17.51 -30.59 127.91
CA VAL VB 179 17.84 -29.91 129.16
C VAL VB 179 17.45 -30.75 130.38
N VAL VB 180 16.49 -31.66 130.23
CA VAL VB 180 16.31 -32.65 131.29
C VAL VB 180 17.13 -33.89 130.97
N GLU VB 181 18.46 -33.76 131.11
CA GLU VB 181 19.36 -34.91 131.12
C GLU VB 181 19.30 -35.64 132.46
N PRO VB 182 19.64 -35.02 133.63
CA PRO VB 182 19.90 -35.79 134.84
C PRO VB 182 18.63 -36.36 135.45
N TYR VB 183 17.48 -35.73 135.16
CA TYR VB 183 16.21 -36.35 135.52
C TYR VB 183 16.02 -37.65 134.74
N ASN VB 184 16.27 -37.62 133.42
CA ASN VB 184 16.08 -38.80 132.60
C ASN VB 184 17.14 -39.87 132.85
N ALA VB 185 18.37 -39.46 133.14
CA ALA VB 185 19.47 -40.42 133.32
C ALA VB 185 19.31 -41.14 134.65
N THR VB 186 19.13 -40.38 135.73
CA THR VB 186 19.17 -40.96 137.07
C THR VB 186 17.94 -41.86 137.30
N LEU VB 187 16.78 -41.46 136.74
CA LEU VB 187 15.59 -42.29 136.84
C LEU VB 187 15.76 -43.59 136.05
N SER VB 188 16.62 -43.55 135.02
CA SER VB 188 16.79 -44.73 134.17
C SER VB 188 17.83 -45.68 134.77
N VAL VB 189 18.86 -45.13 135.41
CA VAL VB 189 19.93 -45.93 135.97
C VAL VB 189 19.41 -46.82 137.12
N HIS VB 190 18.61 -46.24 138.04
CA HIS VB 190 18.17 -46.99 139.22
C HIS VB 190 17.15 -48.07 138.84
N GLN VB 191 16.60 -48.00 137.62
CA GLN VB 191 15.83 -49.12 137.08
C GLN VB 191 16.72 -50.08 136.30
N LEU VB 192 17.85 -49.57 135.78
CA LEU VB 192 18.71 -50.37 134.92
C LEU VB 192 19.59 -51.31 135.75
N VAL VB 193 20.00 -50.87 136.94
CA VAL VB 193 20.83 -51.71 137.81
C VAL VB 193 20.00 -52.81 138.45
N GLU VB 194 18.67 -52.69 138.38
CA GLU VB 194 17.77 -53.65 139.04
C GLU VB 194 17.23 -54.70 138.06
N ASN VB 195 17.16 -54.37 136.77
CA ASN VB 195 16.48 -55.26 135.83
C ASN VB 195 17.30 -55.52 134.55
N ALA VB 196 18.60 -55.16 134.52
CA ALA VB 196 19.42 -55.38 133.33
C ALA VB 196 20.70 -56.12 133.70
N ASP VB 197 21.22 -56.92 132.75
CA ASP VB 197 22.36 -57.79 133.01
C ASP VB 197 23.68 -57.13 132.65
N GLU VB 198 23.69 -56.29 131.59
CA GLU VB 198 24.92 -55.75 131.01
C GLU VB 198 24.60 -54.50 130.20
N VAL VB 199 25.40 -53.43 130.39
CA VAL VB 199 25.19 -52.16 129.72
C VAL VB 199 26.52 -51.68 129.16
N GLN VB 200 26.51 -51.28 127.88
CA GLN VB 200 27.68 -50.69 127.25
C GLN VB 200 27.44 -49.19 127.11
N VAL VB 201 28.30 -48.39 127.76
CA VAL VB 201 28.12 -46.95 127.79
C VAL VB 201 28.77 -46.34 126.55
N ILE VB 202 28.13 -45.31 125.98
CA ILE VB 202 28.68 -44.52 124.89
C ILE VB 202 28.55 -43.04 125.25
N ASP VB 203 29.63 -42.26 124.98
CA ASP VB 203 29.62 -40.83 125.17
C ASP VB 203 29.72 -40.16 123.81
N ASN VB 204 28.96 -39.06 123.63
CA ASN VB 204 28.88 -38.41 122.34
C ASN VB 204 30.21 -37.72 121.98
N GLU VB 205 30.84 -36.99 122.90
CA GLU VB 205 32.02 -36.23 122.49
C GLU VB 205 33.25 -37.11 122.47
N ALA VB 206 33.14 -38.32 123.05
CA ALA VB 206 34.20 -39.30 122.86
C ALA VB 206 34.20 -39.78 121.42
N LEU VB 207 33.01 -39.97 120.83
CA LEU VB 207 32.88 -40.36 119.43
C LEU VB 207 33.42 -39.26 118.53
N TYR VB 208 33.20 -37.99 118.90
CA TYR VB 208 33.65 -36.85 118.11
C TYR VB 208 35.16 -36.76 118.12
N ASP VB 209 35.76 -37.15 119.24
CA ASP VB 209 37.21 -37.17 119.38
C ASP VB 209 37.79 -38.17 118.40
N ILE VB 210 37.14 -39.33 118.25
CA ILE VB 210 37.58 -40.40 117.38
C ILE VB 210 37.67 -39.92 115.93
N CYS VB 211 36.62 -39.28 115.45
CA CYS VB 211 36.55 -38.92 114.04
C CYS VB 211 37.43 -37.72 113.72
N PHE VB 212 37.83 -36.95 114.74
CA PHE VB 212 38.82 -35.89 114.53
C PHE VB 212 40.22 -36.48 114.50
N ARG VB 213 40.68 -37.03 115.63
CA ARG VB 213 42.08 -37.34 115.86
C ARG VB 213 42.49 -38.59 115.09
N THR VB 214 41.62 -39.62 115.06
CA THR VB 214 42.00 -40.87 114.41
C THR VB 214 41.62 -40.86 112.94
N LEU VB 215 40.32 -40.73 112.62
CA LEU VB 215 39.79 -40.99 111.29
C LEU VB 215 40.18 -39.93 110.27
N LYS VB 216 40.60 -38.74 110.73
CA LYS VB 216 40.98 -37.62 109.87
C LYS VB 216 39.83 -37.21 108.94
N LEU VB 217 38.60 -37.29 109.45
CA LEU VB 217 37.44 -36.81 108.70
C LEU VB 217 36.97 -35.48 109.29
N THR VB 218 36.80 -34.48 108.42
CA THR VB 218 36.45 -33.14 108.87
C THR VB 218 34.96 -33.05 109.23
N THR VB 219 34.09 -33.31 108.24
CA THR VB 219 32.66 -33.08 108.41
C THR VB 219 31.83 -34.26 107.90
N PRO VB 220 31.87 -35.48 108.50
CA PRO VB 220 30.75 -36.42 108.38
C PRO VB 220 29.68 -36.33 109.46
N THR VB 221 28.52 -36.94 109.19
CA THR VB 221 27.33 -36.81 110.00
C THR VB 221 27.26 -37.94 111.04
N TYR VB 222 26.06 -38.16 111.64
CA TYR VB 222 25.79 -39.31 112.49
C TYR VB 222 26.06 -40.66 111.83
N GLY VB 223 26.07 -40.72 110.49
CA GLY VB 223 26.30 -41.95 109.74
C GLY VB 223 27.63 -42.62 110.08
N ASP VB 224 28.67 -41.81 110.30
CA ASP VB 224 29.99 -42.33 110.58
C ASP VB 224 30.11 -42.81 112.02
N LEU VB 225 29.50 -42.06 112.94
CA LEU VB 225 29.57 -42.45 114.34
C LEU VB 225 28.76 -43.72 114.60
N ASN VB 226 27.61 -43.88 113.93
CA ASN VB 226 26.81 -45.09 114.07
C ASN VB 226 27.54 -46.29 113.47
N HIS VB 227 28.39 -46.04 112.47
CA HIS VB 227 29.15 -47.11 111.85
C HIS VB 227 30.16 -47.69 112.84
N LEU VB 228 30.75 -46.81 113.67
CA LEU VB 228 31.72 -47.23 114.66
C LEU VB 228 31.02 -48.03 115.76
N VAL VB 229 29.82 -47.60 116.16
CA VAL VB 229 29.07 -48.30 117.19
C VAL VB 229 28.55 -49.63 116.63
N SER VB 230 28.16 -49.65 115.35
CA SER VB 230 27.63 -50.85 114.71
C SER VB 230 28.72 -51.92 114.61
N ALA VB 231 29.97 -51.49 114.37
CA ALA VB 231 31.10 -52.41 114.32
C ALA VB 231 31.35 -53.01 115.71
N ALA VB 232 31.21 -52.18 116.76
CA ALA VB 232 31.42 -52.64 118.13
C ALA VB 232 30.36 -53.65 118.53
N MET VB 233 29.12 -53.42 118.10
CA MET VB 233 28.03 -54.33 118.42
C MET VB 233 28.22 -55.66 117.68
N SER VB 234 28.70 -55.60 116.42
CA SER VB 234 28.97 -56.79 115.64
C SER VB 234 30.15 -57.58 116.22
N GLY VB 235 31.11 -56.85 116.80
CA GLY VB 235 32.33 -57.43 117.33
C GLY VB 235 32.11 -58.26 118.59
N VAL VB 236 31.15 -57.82 119.43
CA VAL VB 236 30.93 -58.50 120.70
C VAL VB 236 30.26 -59.85 120.46
N THR VB 237 29.29 -59.87 119.54
CA THR VB 237 28.50 -61.06 119.24
C THR VB 237 28.96 -61.77 117.97
N CYS VB 238 30.24 -61.61 117.59
CA CYS VB 238 30.75 -62.33 116.43
C CYS VB 238 30.79 -63.85 116.68
N CYS VB 239 31.17 -64.23 117.91
CA CYS VB 239 31.55 -65.60 118.21
C CYS VB 239 30.32 -66.53 118.25
N LEU VB 240 29.14 -65.97 118.43
CA LEU VB 240 27.92 -66.76 118.37
C LEU VB 240 27.68 -67.23 116.93
N ARG VB 241 28.14 -66.46 115.94
CA ARG VB 241 27.78 -66.74 114.56
C ARG VB 241 28.88 -67.53 113.85
N PHE VB 242 30.11 -67.43 114.36
CA PHE VB 242 31.24 -68.07 113.72
C PHE VB 242 32.04 -68.89 114.74
N PRO VB 243 32.68 -70.01 114.37
CA PRO VB 243 33.62 -70.68 115.28
C PRO VB 243 34.95 -69.92 115.48
N GLY VB 244 35.89 -70.56 116.19
CA GLY VB 244 37.15 -69.93 116.59
C GLY VB 244 38.01 -70.82 117.48
N GLN VB 245 39.17 -70.32 117.91
CA GLN VB 245 40.03 -71.03 118.85
C GLN VB 245 39.45 -70.97 120.26
N LEU VB 246 39.46 -69.78 120.86
CA LEU VB 246 38.86 -69.57 122.17
C LEU VB 246 37.50 -68.92 121.95
N ASN VB 247 36.44 -69.73 122.10
CA ASN VB 247 35.08 -69.31 121.80
C ASN VB 247 34.57 -68.31 122.84
N SER VB 248 33.45 -67.66 122.52
CA SER VB 248 32.81 -66.72 123.41
C SER VB 248 31.29 -66.77 123.26
N ASP VB 249 30.61 -66.47 124.37
CA ASP VB 249 29.17 -66.25 124.41
C ASP VB 249 28.91 -64.97 125.21
N LEU VB 250 27.71 -64.39 125.04
CA LEU VB 250 27.31 -63.21 125.80
C LEU VB 250 27.28 -63.55 127.29
N ARG VB 251 26.79 -64.74 127.65
CA ARG VB 251 26.71 -65.11 129.05
C ARG VB 251 28.09 -65.53 129.59
N LYS VB 252 28.98 -66.01 128.72
CA LYS VB 252 30.29 -66.43 129.20
C LYS VB 252 31.19 -65.22 129.47
N LEU VB 253 31.03 -64.16 128.66
CA LEU VB 253 31.69 -62.90 129.00
C LEU VB 253 30.94 -62.20 130.12
N ALA VB 254 29.67 -62.56 130.37
CA ALA VB 254 28.94 -62.02 131.50
C ALA VB 254 29.51 -62.53 132.83
N VAL VB 255 29.73 -63.84 132.92
CA VAL VB 255 30.25 -64.48 134.12
C VAL VB 255 31.72 -64.10 134.31
N ASN VB 256 32.42 -63.82 133.21
CA ASN VB 256 33.85 -63.53 133.28
C ASN VB 256 34.08 -62.11 133.80
N LEU VB 257 33.14 -61.20 133.50
CA LEU VB 257 33.41 -59.78 133.71
C LEU VB 257 32.96 -59.30 135.09
N ILE VB 258 31.66 -59.41 135.39
CA ILE VB 258 31.11 -58.76 136.57
C ILE VB 258 31.52 -59.53 137.82
N PRO VB 259 32.16 -58.87 138.81
CA PRO VB 259 32.44 -59.51 140.09
C PRO VB 259 31.24 -59.58 141.03
N PHE VB 260 30.48 -58.48 141.06
CA PHE VB 260 29.33 -58.34 141.92
C PHE VB 260 28.16 -57.86 141.08
N PRO VB 261 26.92 -58.29 141.44
CA PRO VB 261 25.74 -58.10 140.59
C PRO VB 261 25.37 -56.64 140.33
N ARG VB 262 25.81 -55.73 141.20
CA ARG VB 262 25.37 -54.34 141.14
C ARG VB 262 26.07 -53.58 140.01
N LEU VB 263 27.34 -53.91 139.74
CA LEU VB 263 28.12 -53.14 138.80
C LEU VB 263 28.34 -53.93 137.51
N HIS VB 264 27.68 -53.49 136.44
CA HIS VB 264 27.78 -54.15 135.15
C HIS VB 264 27.78 -53.14 133.99
N PHE VB 265 28.52 -52.04 134.15
CA PHE VB 265 28.56 -51.01 133.13
C PHE VB 265 29.93 -51.00 132.46
N PHE VB 266 29.92 -51.13 131.13
CA PHE VB 266 31.13 -51.45 130.40
C PHE VB 266 31.51 -50.37 129.40
N LEU VB 267 32.83 -50.18 129.29
CA LEU VB 267 33.46 -49.36 128.27
C LEU VB 267 33.65 -50.16 126.98
N ILE VB 268 33.93 -49.47 125.86
CA ILE VB 268 34.04 -50.07 124.55
C ILE VB 268 35.31 -49.55 123.85
N GLY VB 269 36.01 -50.46 123.16
CA GLY VB 269 37.08 -50.07 122.26
C GLY VB 269 36.95 -50.78 120.92
N PHE VB 270 37.74 -50.32 119.94
CA PHE VB 270 37.84 -50.96 118.64
C PHE VB 270 39.13 -50.54 117.93
N ALA VB 271 39.67 -51.46 117.14
CA ALA VB 271 40.85 -51.26 116.30
C ALA VB 271 40.77 -52.20 115.09
N PRO VB 272 41.33 -51.86 113.90
CA PRO VB 272 42.19 -50.70 113.71
C PRO VB 272 41.45 -49.41 113.39
N LEU VB 273 42.04 -48.28 113.79
CA LEU VB 273 41.53 -46.94 113.60
C LEU VB 273 42.75 -46.09 113.33
N THR VB 274 43.20 -46.20 112.08
CA THR VB 274 44.06 -45.24 111.42
C THR VB 274 43.37 -44.80 110.14
N SER VB 275 43.79 -43.61 109.69
CA SER VB 275 43.27 -42.96 108.51
C SER VB 275 43.83 -43.62 107.26
N ARG VB 276 43.38 -43.02 106.15
CA ARG VB 276 43.78 -43.44 104.80
C ARG VB 276 45.25 -43.15 104.57
N GLY VB 277 45.70 -41.98 105.02
CA GLY VB 277 47.09 -41.53 104.98
C GLY VB 277 48.04 -42.47 105.74
N SER VB 278 47.65 -42.86 106.95
CA SER VB 278 48.48 -43.61 107.89
C SER VB 278 48.41 -45.13 107.67
N GLN VB 279 47.51 -45.55 106.74
CA GLN VB 279 47.29 -46.97 106.43
C GLN VB 279 48.59 -47.65 105.97
N GLN VB 280 49.42 -46.98 105.16
CA GLN VB 280 50.55 -47.63 104.53
C GLN VB 280 51.77 -47.74 105.46
N TYR VB 281 51.90 -46.83 106.44
CA TYR VB 281 52.88 -47.05 107.50
C TYR VB 281 52.68 -48.34 108.35
N ARG VB 282 51.44 -48.59 108.77
CA ARG VB 282 51.17 -49.71 109.65
C ARG VB 282 51.20 -51.03 108.88
N ALA VB 283 51.76 -52.07 109.50
CA ALA VB 283 51.72 -53.42 108.95
C ALA VB 283 51.09 -54.30 110.03
N LEU VB 284 49.76 -54.45 109.94
CA LEU VB 284 48.90 -54.87 111.03
C LEU VB 284 49.32 -56.24 111.56
N SER VB 285 49.58 -56.28 112.87
CA SER VB 285 49.95 -57.50 113.59
C SER VB 285 49.59 -57.35 115.05
N VAL VB 286 49.66 -58.45 115.80
CA VAL VB 286 49.13 -58.60 117.15
C VAL VB 286 49.60 -57.53 118.15
N PRO VB 287 50.89 -57.10 118.25
CA PRO VB 287 51.28 -56.18 119.31
C PRO VB 287 50.75 -54.76 119.14
N GLU VB 288 50.61 -54.26 117.91
CA GLU VB 288 50.12 -52.89 117.78
C GLU VB 288 48.60 -52.79 117.91
N LEU VB 289 47.87 -53.90 117.77
CA LEU VB 289 46.45 -53.94 118.12
C LEU VB 289 46.26 -53.72 119.62
N THR VB 290 47.10 -54.39 120.41
CA THR VB 290 46.97 -54.32 121.86
C THR VB 290 47.38 -52.93 122.38
N GLN VB 291 48.31 -52.27 121.68
CA GLN VB 291 48.77 -50.96 122.10
C GLN VB 291 47.71 -49.89 121.92
N GLN VB 292 46.83 -50.03 120.92
CA GLN VB 292 45.76 -49.06 120.71
C GLN VB 292 44.42 -49.55 121.30
N MET VB 293 44.41 -50.72 121.93
CA MET VB 293 43.43 -51.01 122.97
C MET VB 293 43.63 -50.10 124.18
N PHE VB 294 44.86 -49.99 124.69
CA PHE VB 294 45.17 -49.22 125.89
C PHE VB 294 45.64 -47.82 125.54
N ASP VB 295 44.89 -47.18 124.63
CA ASP VB 295 45.07 -45.78 124.25
C ASP VB 295 43.82 -45.05 124.69
N ALA VB 296 43.98 -44.02 125.54
CA ALA VB 296 42.79 -43.41 126.16
C ALA VB 296 41.99 -42.64 125.11
N LYS VB 297 42.65 -42.12 124.08
CA LYS VB 297 41.94 -41.39 123.02
C LYS VB 297 41.13 -42.36 122.16
N ASN VB 298 41.43 -43.65 122.21
CA ASN VB 298 40.73 -44.67 121.44
C ASN VB 298 39.53 -45.24 122.20
N MET VB 299 39.28 -44.76 123.43
CA MET VB 299 38.19 -45.27 124.26
C MET VB 299 36.86 -44.69 123.78
N MET VB 300 35.81 -45.53 123.74
CA MET VB 300 34.51 -45.10 123.23
C MET VB 300 33.81 -44.12 124.19
N CYS VB 301 34.19 -44.12 125.47
CA CYS VB 301 33.60 -43.21 126.44
C CYS VB 301 34.69 -42.32 127.05
N ALA VB 302 34.37 -41.03 127.19
CA ALA VB 302 35.39 -40.07 127.57
C ALA VB 302 35.47 -39.90 129.09
N SER VB 303 35.53 -41.03 129.80
CA SER VB 303 35.99 -41.02 131.18
C SER VB 303 37.43 -41.50 131.15
N ASP VB 304 38.37 -40.62 131.54
CA ASP VB 304 39.79 -40.87 131.39
C ASP VB 304 40.20 -42.05 132.28
N PRO VB 305 40.56 -43.22 131.71
CA PRO VB 305 40.81 -44.40 132.53
C PRO VB 305 42.11 -44.36 133.33
N ARG VB 306 42.99 -43.39 133.06
CA ARG VB 306 44.26 -43.27 133.77
C ARG VB 306 44.06 -42.89 135.24
N HIS VB 307 42.90 -42.29 135.55
CA HIS VB 307 42.61 -41.85 136.91
C HIS VB 307 42.24 -43.02 137.79
N GLY VB 308 41.52 -43.98 137.21
CA GLY VB 308 41.04 -45.17 137.90
C GLY VB 308 41.91 -46.38 137.57
N ARG VB 309 41.60 -47.51 138.20
CA ARG VB 309 42.28 -48.75 137.88
C ARG VB 309 41.24 -49.73 137.32
N TYR VB 310 41.62 -50.38 136.21
CA TYR VB 310 40.74 -51.32 135.55
C TYR VB 310 40.46 -52.51 136.47
N LEU VB 311 39.17 -52.79 136.68
CA LEU VB 311 38.78 -53.86 137.58
C LEU VB 311 38.91 -55.21 136.87
N THR VB 312 38.43 -55.27 135.61
CA THR VB 312 38.64 -56.39 134.69
C THR VB 312 38.27 -55.92 133.28
N ALA VB 313 38.65 -56.71 132.27
CA ALA VB 313 38.40 -56.37 130.88
C ALA VB 313 38.45 -57.62 130.01
N SER VB 314 37.89 -57.49 128.79
CA SER VB 314 37.85 -58.55 127.80
C SER VB 314 38.31 -58.01 126.45
N ALA VB 315 38.81 -58.91 125.61
CA ALA VB 315 39.27 -58.57 124.28
C ALA VB 315 38.88 -59.69 123.32
N MET VB 316 37.84 -59.45 122.52
CA MET VB 316 37.45 -60.42 121.50
C MET VB 316 38.22 -60.13 120.21
N PHE VB 317 39.40 -60.76 120.07
CA PHE VB 317 40.17 -60.68 118.83
C PHE VB 317 39.40 -61.40 117.72
N ARG VB 318 39.53 -60.88 116.48
CA ARG VB 318 38.88 -61.47 115.34
C ARG VB 318 39.89 -61.57 114.19
N GLY VB 319 39.95 -62.76 113.59
CA GLY VB 319 40.84 -63.00 112.46
C GLY VB 319 41.57 -64.35 112.56
N ARG VB 320 42.77 -64.42 111.97
CA ARG VB 320 43.60 -65.61 112.07
C ARG VB 320 44.85 -65.24 112.86
N MET VB 321 44.75 -65.32 114.20
CA MET VB 321 45.85 -64.96 115.08
C MET VB 321 46.56 -66.21 115.58
N SER VB 322 47.87 -66.07 115.84
CA SER VB 322 48.66 -67.14 116.43
C SER VB 322 48.65 -66.94 117.95
N THR VB 323 48.13 -67.94 118.66
CA THR VB 323 47.54 -67.76 119.98
C THR VB 323 48.60 -67.46 121.05
N LYS VB 324 49.87 -67.82 120.78
CA LYS VB 324 50.93 -67.58 121.75
C LYS VB 324 51.22 -66.08 121.87
N GLU VB 325 51.39 -65.45 120.70
CA GLU VB 325 51.58 -64.01 120.67
C GLU VB 325 50.31 -63.24 121.05
N VAL VB 326 49.16 -63.93 121.03
CA VAL VB 326 47.94 -63.38 121.58
C VAL VB 326 48.08 -63.27 123.10
N ASP VB 327 48.22 -64.42 123.78
CA ASP VB 327 48.04 -64.46 125.22
C ASP VB 327 49.28 -63.97 125.99
N GLU VB 328 50.46 -64.15 125.38
CA GLU VB 328 51.69 -63.71 126.06
C GLU VB 328 51.72 -62.18 126.14
N GLN VB 329 51.36 -61.51 125.04
CA GLN VB 329 51.27 -60.06 125.02
C GLN VB 329 50.08 -59.61 125.86
N MET VB 330 49.05 -60.46 125.94
CA MET VB 330 47.87 -60.16 126.74
C MET VB 330 48.26 -60.09 128.22
N LEU VB 331 49.16 -60.99 128.63
CA LEU VB 331 49.80 -60.92 129.94
C LEU VB 331 50.81 -59.76 130.02
N ASN VB 332 51.48 -59.47 128.91
CA ASN VB 332 52.51 -58.44 128.84
C ASN VB 332 51.91 -57.07 129.15
N VAL VB 333 50.71 -56.78 128.63
CA VAL VB 333 50.06 -55.49 128.85
C VAL VB 333 49.63 -55.36 130.31
N GLN VB 334 49.40 -56.50 130.99
CA GLN VB 334 49.05 -56.47 132.41
C GLN VB 334 50.29 -56.15 133.25
N ASN VB 335 51.46 -56.68 132.85
CA ASN VB 335 52.71 -56.39 133.54
C ASN VB 335 53.22 -54.98 133.19
N LYS VB 336 53.04 -54.53 131.93
CA LYS VB 336 53.54 -53.24 131.47
C LYS VB 336 52.74 -52.11 132.14
N ASN VB 337 51.40 -52.23 132.09
CA ASN VB 337 50.51 -51.28 132.75
C ASN VB 337 50.15 -51.80 134.15
N SER VB 338 51.13 -51.77 135.05
CA SER VB 338 50.98 -52.41 136.36
C SER VB 338 49.95 -51.68 137.22
N SER VB 339 50.06 -50.35 137.29
CA SER VB 339 49.17 -49.55 138.12
C SER VB 339 47.80 -49.33 137.47
N TYR VB 340 47.69 -49.58 136.15
CA TYR VB 340 46.46 -49.30 135.41
C TYR VB 340 45.36 -50.30 135.76
N PHE VB 341 45.76 -51.45 136.32
CA PHE VB 341 44.83 -52.50 136.69
C PHE VB 341 44.75 -52.61 138.21
N VAL VB 342 43.86 -53.46 138.69
CA VAL VB 342 43.62 -53.62 140.10
C VAL VB 342 44.45 -54.80 140.59
N GLU VB 343 44.82 -54.76 141.88
CA GLU VB 343 45.81 -55.64 142.45
C GLU VB 343 45.18 -56.97 142.88
N TRP VB 344 43.97 -56.94 143.44
CA TRP VB 344 43.44 -58.11 144.11
C TRP VB 344 42.87 -59.16 143.14
N ILE VB 345 42.98 -58.94 141.84
CA ILE VB 345 42.69 -59.99 140.88
C ILE VB 345 43.96 -60.30 140.10
N PRO VB 346 44.53 -61.52 140.22
CA PRO VB 346 45.52 -61.99 139.24
C PRO VB 346 44.87 -62.28 137.88
N ASN VB 347 45.58 -61.93 136.80
CA ASN VB 347 45.09 -62.08 135.44
C ASN VB 347 43.83 -61.23 135.23
N ASN VB 348 44.03 -59.91 135.29
CA ASN VB 348 42.97 -58.94 135.11
C ASN VB 348 42.36 -58.94 133.70
N MET VB 349 43.10 -59.42 132.69
CA MET VB 349 42.79 -59.10 131.30
C MET VB 349 42.72 -60.38 130.47
N LYS VB 350 41.72 -60.44 129.58
CA LYS VB 350 41.28 -61.71 128.99
C LYS VB 350 41.26 -61.63 127.48
N SER VB 351 40.95 -62.76 126.85
CA SER VB 351 41.08 -62.88 125.41
C SER VB 351 40.07 -63.86 124.84
N SER VB 352 39.88 -63.77 123.52
CA SER VB 352 39.20 -64.76 122.70
C SER VB 352 39.65 -64.62 121.26
N VAL VB 353 39.45 -65.69 120.47
CA VAL VB 353 39.76 -65.68 119.06
C VAL VB 353 38.49 -66.04 118.29
N CYS VB 354 38.07 -65.15 117.39
CA CYS VB 354 36.83 -65.27 116.63
C CYS VB 354 37.24 -65.41 115.16
N ASP VB 355 37.06 -66.61 114.59
CA ASP VB 355 37.96 -67.05 113.54
C ASP VB 355 37.77 -66.28 112.23
N ILE VB 356 36.70 -65.49 112.13
CA ILE VB 356 36.39 -64.81 110.87
C ILE VB 356 36.67 -63.32 111.07
N PRO VB 357 37.66 -62.75 110.36
CA PRO VB 357 37.90 -61.30 110.44
C PRO VB 357 36.78 -60.58 109.71
N PRO VB 358 36.46 -59.30 110.04
CA PRO VB 358 35.44 -58.59 109.28
C PRO VB 358 35.99 -58.27 107.89
N LYS VB 359 35.11 -58.25 106.88
CA LYS VB 359 35.52 -58.09 105.49
C LYS VB 359 36.05 -56.66 105.29
N GLY VB 360 37.11 -56.48 104.48
CA GLY VB 360 37.75 -55.18 104.30
C GLY VB 360 38.90 -54.89 105.28
N LEU VB 361 39.05 -55.75 106.30
CA LEU VB 361 40.19 -55.74 107.20
C LEU VB 361 40.67 -57.19 107.39
N LYS VB 362 41.79 -57.40 108.11
CA LYS VB 362 42.29 -58.77 108.29
C LYS VB 362 42.38 -59.17 109.77
N MET VB 363 42.58 -58.16 110.63
CA MET VB 363 42.61 -58.41 112.06
C MET VB 363 41.89 -57.28 112.78
N SER VB 364 41.02 -57.68 113.70
CA SER VB 364 40.23 -56.73 114.45
C SER VB 364 40.10 -57.22 115.89
N VAL VB 365 39.82 -56.27 116.79
CA VAL VB 365 39.70 -56.58 118.20
C VAL VB 365 38.74 -55.58 118.82
N THR VB 366 37.81 -56.08 119.65
CA THR VB 366 36.84 -55.25 120.34
C THR VB 366 37.11 -55.32 121.84
N PHE VB 367 37.20 -54.16 122.47
CA PHE VB 367 37.52 -54.04 123.88
C PHE VB 367 36.25 -53.82 124.68
N VAL VB 368 36.11 -54.59 125.77
CA VAL VB 368 35.04 -54.39 126.72
C VAL VB 368 35.67 -54.36 128.10
N GLY VB 369 35.69 -53.17 128.71
CA GLY VB 369 36.40 -53.03 129.98
C GLY VB 369 35.49 -52.57 131.12
N ASN VB 370 35.42 -53.37 132.18
CA ASN VB 370 34.76 -52.98 133.41
C ASN VB 370 35.74 -52.19 134.26
N SER VB 371 35.78 -50.87 134.04
CA SER VB 371 36.71 -50.01 134.76
C SER VB 371 36.00 -49.33 135.92
N THR VB 372 36.79 -48.72 136.81
CA THR VB 372 36.24 -47.90 137.86
C THR VB 372 36.26 -46.41 137.48
N ALA VB 373 36.64 -46.10 136.22
CA ALA VB 373 36.71 -44.71 135.77
C ALA VB 373 35.32 -44.06 135.64
N ILE VB 374 34.27 -44.89 135.72
CA ILE VB 374 32.89 -44.42 135.67
C ILE VB 374 32.49 -43.81 137.03
N GLN VB 375 33.42 -43.81 137.99
CA GLN VB 375 33.25 -43.12 139.27
C GLN VB 375 32.97 -41.64 139.06
N GLU VB 376 33.81 -41.00 138.23
CA GLU VB 376 33.69 -39.56 137.99
C GLU VB 376 32.47 -39.25 137.12
N MET VB 377 32.10 -40.19 136.22
CA MET VB 377 31.05 -39.92 135.26
C MET VB 377 29.66 -39.97 135.91
N PHE VB 378 29.40 -40.97 136.76
CA PHE VB 378 28.15 -40.99 137.49
C PHE VB 378 28.14 -39.91 138.57
N LYS VB 379 29.33 -39.49 139.02
CA LYS VB 379 29.40 -38.39 139.96
C LYS VB 379 29.03 -37.06 139.29
N ARG VB 380 29.26 -36.98 137.96
CA ARG VB 380 28.89 -35.86 137.09
C ARG VB 380 27.36 -35.71 137.12
N VAL VB 381 26.66 -36.82 136.85
CA VAL VB 381 25.19 -36.85 136.78
C VAL VB 381 24.61 -36.66 138.18
N SER VB 382 25.35 -37.11 139.21
CA SER VB 382 24.91 -36.98 140.59
C SER VB 382 24.83 -35.51 141.01
N ASP VB 383 25.86 -34.75 140.64
CA ASP VB 383 25.89 -33.33 140.95
C ASP VB 383 24.90 -32.56 140.08
N GLN VB 384 24.74 -32.99 138.82
CA GLN VB 384 23.80 -32.37 137.89
C GLN VB 384 22.35 -32.59 138.34
N PHE VB 385 22.10 -33.74 138.98
CA PHE VB 385 20.77 -34.03 139.50
C PHE VB 385 20.46 -33.20 140.75
N THR VB 386 21.47 -33.03 141.61
CA THR VB 386 21.27 -32.29 142.84
C THR VB 386 21.07 -30.81 142.55
N ALA VB 387 21.67 -30.31 141.45
CA ALA VB 387 21.54 -28.91 141.08
C ALA VB 387 20.10 -28.54 140.76
N MET VB 388 19.37 -29.45 140.10
CA MET VB 388 17.98 -29.16 139.73
C MET VB 388 17.00 -29.97 140.59
N PHE VB 389 17.37 -30.25 141.83
CA PHE VB 389 16.46 -30.91 142.75
C PHE VB 389 16.34 -30.17 144.09
N ARG VB 390 17.27 -29.25 144.38
CA ARG VB 390 17.32 -28.55 145.65
C ARG VB 390 16.02 -27.78 145.92
N ARG VB 391 15.44 -27.19 144.88
CA ARG VB 391 14.11 -26.62 145.01
C ARG VB 391 13.30 -26.86 143.73
N LYS VB 392 13.37 -28.10 143.21
CA LYS VB 392 12.30 -28.65 142.38
C LYS VB 392 12.20 -27.94 141.02
N ALA VB 393 13.34 -27.83 140.34
CA ALA VB 393 13.36 -27.34 138.97
C ALA VB 393 12.76 -28.40 138.03
N PHE VB 394 11.88 -27.95 137.14
CA PHE VB 394 11.27 -28.75 136.08
C PHE VB 394 10.46 -29.92 136.63
N LEU VB 395 10.09 -29.89 137.91
CA LEU VB 395 9.53 -31.08 138.55
C LEU VB 395 8.07 -31.29 138.17
N HIS VB 396 7.39 -30.23 137.76
CA HIS VB 396 5.94 -30.30 137.62
C HIS VB 396 5.49 -31.21 136.48
N TRP VB 397 6.29 -31.35 135.42
CA TRP VB 397 5.97 -32.22 134.28
C TRP VB 397 5.97 -33.69 134.70
N TYR VB 398 6.94 -34.06 135.54
CA TYR VB 398 6.99 -35.40 136.08
C TYR VB 398 5.87 -35.59 137.11
N THR VB 399 5.75 -34.63 138.05
CA THR VB 399 4.85 -34.73 139.20
C THR VB 399 3.40 -34.84 138.73
N GLY VB 400 3.10 -34.20 137.59
CA GLY VB 400 1.73 -34.21 137.07
C GLY VB 400 1.32 -35.56 136.47
N GLU VB 401 2.29 -36.46 136.25
CA GLU VB 401 2.00 -37.75 135.62
C GLU VB 401 2.06 -38.90 136.63
N GLY VB 402 1.86 -38.61 137.91
CA GLY VB 402 1.77 -39.66 138.91
C GLY VB 402 3.09 -39.93 139.64
N MET VB 403 4.07 -39.02 139.49
CA MET VB 403 5.33 -39.13 140.22
C MET VB 403 5.11 -38.81 141.70
N ASP VB 404 6.15 -39.08 142.50
CA ASP VB 404 6.16 -38.74 143.91
C ASP VB 404 7.43 -37.95 144.23
N GLU VB 405 7.36 -37.12 145.28
CA GLU VB 405 8.55 -36.48 145.83
C GLU VB 405 9.48 -37.53 146.41
N MET VB 406 8.92 -38.64 146.93
CA MET VB 406 9.73 -39.69 147.55
C MET VB 406 10.53 -40.47 146.52
N GLU VB 407 9.96 -40.73 145.34
CA GLU VB 407 10.60 -41.60 144.36
C GLU VB 407 11.80 -40.92 143.70
N PHE VB 408 11.84 -39.58 143.70
CA PHE VB 408 13.01 -38.87 143.24
C PHE VB 408 14.19 -39.00 144.22
N THR VB 409 13.91 -38.99 145.53
CA THR VB 409 14.94 -39.12 146.55
C THR VB 409 15.53 -40.52 146.56
N GLU VB 410 14.69 -41.53 146.24
CA GLU VB 410 15.14 -42.91 146.14
C GLU VB 410 16.11 -43.04 144.97
N ALA VB 411 15.81 -42.37 143.84
CA ALA VB 411 16.64 -42.49 142.65
C ALA VB 411 18.01 -41.87 142.87
N GLU VB 412 18.07 -40.78 143.65
CA GLU VB 412 19.33 -40.14 143.99
C GLU VB 412 20.16 -41.07 144.88
N SER VB 413 19.51 -41.60 145.94
CA SER VB 413 20.19 -42.45 146.91
C SER VB 413 20.65 -43.75 146.25
N ASN VB 414 19.80 -44.33 145.41
CA ASN VB 414 20.08 -45.60 144.75
C ASN VB 414 21.26 -45.46 143.78
N MET VB 415 21.28 -44.38 142.99
CA MET VB 415 22.33 -44.16 142.02
C MET VB 415 23.61 -43.68 142.70
N ASN VB 416 23.47 -43.01 143.86
CA ASN VB 416 24.63 -42.63 144.65
C ASN VB 416 25.32 -43.84 145.29
N ASP VB 417 24.54 -44.88 145.63
CA ASP VB 417 25.09 -46.13 146.15
C ASP VB 417 25.98 -46.83 145.11
N LEU VB 418 25.59 -46.74 143.83
CA LEU VB 418 26.39 -47.30 142.75
C LEU VB 418 27.75 -46.59 142.65
N VAL VB 419 27.76 -45.27 142.93
CA VAL VB 419 28.99 -44.49 142.96
C VAL VB 419 29.87 -45.02 144.10
N SER VB 420 29.24 -45.26 145.27
CA SER VB 420 29.95 -45.67 146.47
C SER VB 420 30.58 -47.05 146.31
N GLU VB 421 29.90 -47.95 145.59
CA GLU VB 421 30.38 -49.33 145.46
C GLU VB 421 31.64 -49.38 144.59
N TYR VB 422 31.74 -48.48 143.60
CA TYR VB 422 32.93 -48.43 142.78
C TYR VB 422 34.13 -47.89 143.54
N GLN VB 423 33.90 -46.82 144.35
CA GLN VB 423 34.96 -46.12 145.07
C GLN VB 423 35.54 -47.01 146.17
N GLN VB 424 34.70 -47.91 146.71
CA GLN VB 424 35.10 -48.83 147.77
C GLN VB 424 36.17 -49.79 147.26
N TYR VB 425 36.10 -50.11 145.96
CA TYR VB 425 36.94 -51.13 145.36
C TYR VB 425 38.16 -50.50 144.70
N GLN VB 426 39.06 -50.06 145.56
CA GLN VB 426 40.34 -49.52 145.12
C GLN VB 426 41.40 -49.86 146.18
N MET WB 1 -3.37 -37.32 110.27
CA MET WB 1 -2.53 -38.10 111.23
C MET WB 1 -2.04 -37.18 112.35
N ARG WB 2 -0.81 -36.67 112.18
CA ARG WB 2 -0.21 -35.72 113.10
C ARG WB 2 -0.02 -34.39 112.39
N GLU WB 3 -0.47 -33.32 113.06
CA GLU WB 3 -0.58 -32.00 112.46
C GLU WB 3 -0.73 -30.99 113.58
N VAL WB 4 -0.72 -29.72 113.17
CA VAL WB 4 -1.00 -28.62 114.07
C VAL WB 4 -2.03 -27.71 113.42
N ILE WB 5 -3.03 -27.33 114.21
CA ILE WB 5 -4.07 -26.42 113.75
C ILE WB 5 -3.66 -24.99 114.11
N SER WB 6 -3.59 -24.15 113.07
CA SER WB 6 -3.16 -22.77 113.23
C SER WB 6 -4.38 -21.86 113.31
N ILE WB 7 -4.28 -20.83 114.16
CA ILE WB 7 -5.33 -19.85 114.35
C ILE WB 7 -4.72 -18.47 114.09
N HIS WB 8 -5.44 -17.66 113.33
CA HIS WB 8 -5.06 -16.27 113.11
C HIS WB 8 -6.20 -15.38 113.61
N VAL WB 9 -5.89 -14.53 114.59
CA VAL WB 9 -6.86 -13.64 115.23
C VAL WB 9 -6.24 -12.25 115.28
N GLY WB 10 -7.00 -11.27 114.78
CA GLY WB 10 -6.50 -9.91 114.73
C GLY WB 10 -5.62 -9.66 113.50
N GLN WB 11 -5.51 -8.37 113.19
CA GLN WB 11 -4.98 -7.97 111.90
C GLN WB 11 -3.50 -8.35 111.75
N ALA WB 12 -2.77 -8.11 112.85
CA ALA WB 12 -1.35 -8.44 112.93
C ALA WB 12 -1.13 -9.95 112.72
N GLY WB 13 -2.05 -10.75 113.29
CA GLY WB 13 -2.03 -12.18 113.10
C GLY WB 13 -2.30 -12.58 111.64
N ILE WB 14 -3.25 -11.88 111.01
CA ILE WB 14 -3.66 -12.23 109.65
C ILE WB 14 -2.50 -11.99 108.68
N GLN WB 15 -1.92 -10.80 108.68
CA GLN WB 15 -0.98 -10.46 107.62
C GLN WB 15 0.44 -10.98 107.89
N ILE WB 16 0.77 -11.31 109.14
CA ILE WB 16 1.97 -12.08 109.40
C ILE WB 16 1.73 -13.50 108.87
N GLY WB 17 0.58 -14.09 109.22
CA GLY WB 17 0.30 -15.47 108.83
C GLY WB 17 -0.01 -15.60 107.34
N ASN WB 18 -0.40 -14.49 106.71
CA ASN WB 18 -0.60 -14.53 105.28
C ASN WB 18 0.74 -14.60 104.58
N ALA WB 19 1.79 -14.08 105.22
CA ALA WB 19 3.14 -14.29 104.75
C ALA WB 19 3.61 -15.69 105.11
N CYS WB 20 3.16 -16.19 106.27
CA CYS WB 20 3.57 -17.51 106.73
C CYS WB 20 2.99 -18.62 105.82
N TRP WB 21 1.77 -18.41 105.31
CA TRP WB 21 1.16 -19.41 104.46
C TRP WB 21 1.75 -19.38 103.04
N GLU WB 22 2.15 -18.21 102.55
CA GLU WB 22 2.68 -18.15 101.20
C GLU WB 22 4.11 -18.69 101.17
N LEU WB 23 4.77 -18.72 102.34
CA LEU WB 23 6.06 -19.38 102.44
C LEU WB 23 5.88 -20.90 102.41
N PHE WB 24 4.80 -21.39 103.04
CA PHE WB 24 4.58 -22.82 103.13
C PHE WB 24 4.11 -23.41 101.79
N CYS WB 25 3.38 -22.62 100.98
CA CYS WB 25 2.88 -23.09 99.69
C CYS WB 25 4.06 -23.45 98.76
N LEU WB 26 5.07 -22.57 98.76
CA LEU WB 26 6.21 -22.79 97.90
C LEU WB 26 7.23 -23.75 98.52
N GLU WB 27 7.10 -24.02 99.83
CA GLU WB 27 7.95 -24.99 100.49
C GLU WB 27 7.63 -26.40 99.99
N HIS WB 28 6.33 -26.68 99.81
CA HIS WB 28 5.90 -28.01 99.41
C HIS WB 28 5.51 -28.07 97.94
N GLY WB 29 5.73 -26.98 97.21
CA GLY WB 29 5.41 -26.94 95.79
C GLY WB 29 3.92 -26.89 95.50
N ILE WB 30 3.17 -26.31 96.43
CA ILE WB 30 1.74 -26.12 96.26
C ILE WB 30 1.49 -24.79 95.55
N GLN WB 31 0.81 -24.87 94.39
CA GLN WB 31 0.34 -23.74 93.60
C GLN WB 31 -0.68 -22.93 94.41
N PRO WB 32 -0.89 -21.62 94.18
CA PRO WB 32 -2.00 -20.89 94.82
C PRO WB 32 -3.41 -21.42 94.58
N ASP WB 33 -3.59 -22.20 93.52
CA ASP WB 33 -4.82 -22.94 93.32
C ASP WB 33 -4.97 -23.96 94.45
N GLY WB 34 -3.88 -24.62 94.81
CA GLY WB 34 -3.93 -25.60 95.90
C GLY WB 34 -3.54 -26.99 95.43
N GLN WB 35 -3.07 -27.12 94.18
CA GLN WB 35 -2.66 -28.41 93.65
C GLN WB 35 -1.15 -28.57 93.64
N MET WB 36 -0.67 -29.78 93.34
CA MET WB 36 0.75 -30.05 93.21
C MET WB 36 0.96 -30.71 91.86
N PRO WB 37 1.98 -30.28 91.07
CA PRO WB 37 2.16 -30.78 89.71
C PRO WB 37 2.96 -32.08 89.81
N ASP WB 47 6.81 -37.59 102.81
CA ASP WB 47 5.36 -37.37 103.08
C ASP WB 47 5.10 -35.97 103.66
N ALA WB 48 5.53 -34.97 102.86
CA ALA WB 48 5.82 -33.59 103.25
C ALA WB 48 4.64 -32.85 103.87
N PHE WB 49 3.51 -32.80 103.17
CA PHE WB 49 2.56 -31.74 103.44
C PHE WB 49 1.48 -32.18 104.41
N ASN WB 50 1.72 -33.19 105.25
CA ASN WB 50 0.64 -33.70 106.09
C ASN WB 50 0.37 -32.77 107.29
N THR WB 51 1.42 -32.12 107.79
CA THR WB 51 1.34 -31.48 109.09
C THR WB 51 0.75 -30.07 109.01
N PHE WB 52 0.65 -29.49 107.80
CA PHE WB 52 -0.02 -28.21 107.63
C PHE WB 52 -1.18 -28.24 106.64
N PHE WB 53 -1.39 -29.36 105.93
CA PHE WB 53 -2.41 -29.41 104.89
C PHE WB 53 -3.20 -30.71 104.99
N SER WB 54 -4.50 -30.63 104.66
CA SER WB 54 -5.27 -31.81 104.34
C SER WB 54 -5.22 -32.02 102.83
N GLU WB 55 -5.73 -33.18 102.38
CA GLU WB 55 -5.89 -33.46 100.97
C GLU WB 55 -7.36 -33.66 100.66
N THR WB 56 -7.86 -32.96 99.64
CA THR WB 56 -9.28 -32.94 99.32
C THR WB 56 -9.51 -33.54 97.93
N GLY WB 57 -10.19 -34.69 97.87
CA GLY WB 57 -10.56 -35.30 96.61
C GLY WB 57 -9.34 -35.86 95.87
N ALA WB 58 -8.93 -35.17 94.79
CA ALA WB 58 -7.80 -35.60 93.99
C ALA WB 58 -6.88 -34.40 93.74
N GLY WB 59 -5.65 -34.49 94.24
CA GLY WB 59 -4.60 -33.55 93.92
C GLY WB 59 -4.65 -32.23 94.68
N LYS WB 60 -5.59 -32.01 95.59
CA LYS WB 60 -5.71 -30.73 96.28
C LYS WB 60 -4.91 -30.71 97.58
N HIS WB 61 -4.72 -29.50 98.13
CA HIS WB 61 -4.21 -29.30 99.47
C HIS WB 61 -4.87 -28.05 100.06
N VAL WB 62 -5.81 -28.27 100.98
CA VAL WB 62 -6.41 -27.17 101.72
C VAL WB 62 -5.60 -26.99 103.01
N PRO WB 63 -5.48 -25.77 103.56
CA PRO WB 63 -4.62 -25.55 104.72
C PRO WB 63 -5.31 -25.95 106.03
N ARG WB 64 -4.51 -26.03 107.09
CA ARG WB 64 -5.02 -26.18 108.45
C ARG WB 64 -4.93 -24.83 109.14
N CYS WB 65 -5.94 -24.00 108.88
CA CYS WB 65 -5.93 -22.66 109.41
C CYS WB 65 -7.35 -22.14 109.58
N VAL WB 66 -7.50 -21.11 110.41
CA VAL WB 66 -8.69 -20.30 110.48
C VAL WB 66 -8.24 -18.83 110.54
N PHE WB 67 -8.95 -18.02 109.76
CA PHE WB 67 -8.86 -16.57 109.89
C PHE WB 67 -10.06 -16.07 110.68
N LEU WB 68 -9.78 -15.30 111.74
CA LEU WB 68 -10.82 -14.58 112.47
C LEU WB 68 -10.47 -13.10 112.54
N ASP WB 69 -11.44 -12.26 112.20
CA ASP WB 69 -11.36 -10.83 112.50
C ASP WB 69 -12.77 -10.27 112.60
N LEU WB 70 -12.91 -9.21 113.38
CA LEU WB 70 -14.23 -8.62 113.59
C LEU WB 70 -14.55 -7.60 112.51
N GLU WB 71 -13.51 -7.17 111.77
CA GLU WB 71 -13.70 -6.33 110.59
C GLU WB 71 -13.52 -7.18 109.34
N PRO WB 72 -14.28 -6.91 108.26
CA PRO WB 72 -14.07 -7.63 107.01
C PRO WB 72 -12.77 -7.25 106.31
N THR WB 73 -12.28 -6.03 106.56
CA THR WB 73 -11.41 -5.32 105.64
C THR WB 73 -10.07 -6.02 105.39
N VAL WB 74 -9.64 -6.89 106.31
CA VAL WB 74 -8.36 -7.53 106.13
C VAL WB 74 -8.57 -8.96 105.61
N VAL WB 75 -9.72 -9.53 105.97
CA VAL WB 75 -9.95 -10.94 105.70
C VAL WB 75 -10.65 -11.11 104.36
N ASP WB 76 -11.56 -10.19 103.99
CA ASP WB 76 -12.23 -10.30 102.70
C ASP WB 76 -11.27 -9.98 101.57
N GLU WB 77 -10.23 -9.20 101.87
CA GLU WB 77 -9.26 -8.78 100.86
C GLU WB 77 -8.42 -9.97 100.43
N VAL WB 78 -8.26 -10.92 101.36
CA VAL WB 78 -7.71 -12.24 101.06
C VAL WB 78 -8.69 -13.03 100.19
N ARG WB 79 -9.99 -12.87 100.46
CA ARG WB 79 -11.00 -13.69 99.77
C ARG WB 79 -11.04 -13.38 98.28
N THR WB 80 -10.61 -12.17 97.93
CA THR WB 80 -10.59 -11.73 96.55
C THR WB 80 -9.16 -11.69 96.00
N GLY WB 81 -8.16 -12.01 96.85
CA GLY WB 81 -6.75 -11.97 96.46
C GLY WB 81 -6.37 -13.03 95.42
N THR WB 82 -5.07 -13.33 95.32
CA THR WB 82 -4.65 -14.43 94.45
C THR WB 82 -4.82 -15.78 95.14
N TYR WB 83 -5.01 -15.77 96.46
CA TYR WB 83 -5.31 -16.98 97.21
C TYR WB 83 -6.81 -17.11 97.41
N ARG WB 84 -7.51 -17.20 96.29
CA ARG WB 84 -8.96 -17.35 96.29
C ARG WB 84 -9.34 -18.79 96.60
N HIS WB 85 -8.89 -19.72 95.77
CA HIS WB 85 -9.31 -21.10 95.90
C HIS WB 85 -8.49 -21.86 96.95
N LEU WB 86 -7.44 -21.24 97.47
CA LEU WB 86 -6.48 -21.91 98.34
C LEU WB 86 -7.15 -22.20 99.70
N PHE WB 87 -7.94 -21.26 100.20
CA PHE WB 87 -8.57 -21.46 101.50
C PHE WB 87 -10.02 -21.88 101.31
N HIS WB 88 -10.46 -22.83 102.14
CA HIS WB 88 -11.87 -23.17 102.15
C HIS WB 88 -12.65 -21.95 102.64
N PRO WB 89 -13.76 -21.58 101.98
CA PRO WB 89 -14.44 -20.32 102.27
C PRO WB 89 -15.29 -20.30 103.54
N GLU WB 90 -15.10 -21.28 104.42
CA GLU WB 90 -15.85 -21.29 105.67
C GLU WB 90 -15.01 -20.86 106.86
N GLN WB 91 -13.71 -21.16 106.87
CA GLN WB 91 -12.93 -20.80 108.06
C GLN WB 91 -12.42 -19.36 107.98
N LEU WB 92 -12.65 -18.69 106.85
CA LEU WB 92 -12.38 -17.26 106.80
C LEU WB 92 -13.59 -16.54 107.42
N ILE WB 93 -13.37 -15.91 108.56
CA ILE WB 93 -14.44 -15.36 109.37
C ILE WB 93 -14.29 -13.85 109.50
N SER WB 94 -15.36 -13.13 109.16
CA SER WB 94 -15.43 -11.69 109.34
C SER WB 94 -16.65 -11.34 110.18
N GLY WB 95 -16.48 -10.43 111.15
CA GLY WB 95 -17.62 -9.90 111.87
C GLY WB 95 -18.31 -8.81 111.05
N LYS WB 96 -18.88 -7.84 111.76
CA LYS WB 96 -19.46 -6.65 111.14
C LYS WB 96 -18.65 -5.41 111.45
N GLU WB 97 -18.41 -5.09 112.75
CA GLU WB 97 -17.71 -3.87 113.12
C GLU WB 97 -16.40 -4.18 113.85
N ASP WB 98 -15.43 -3.25 113.79
CA ASP WB 98 -14.07 -3.49 114.27
C ASP WB 98 -14.02 -3.47 115.80
N ALA WB 99 -13.05 -4.18 116.37
CA ALA WB 99 -12.87 -4.25 117.82
C ALA WB 99 -12.42 -2.93 118.44
N ALA WB 100 -11.65 -2.15 117.67
CA ALA WB 100 -11.25 -0.79 118.02
C ALA WB 100 -10.52 -0.73 119.37
N ASN WB 101 -9.38 -1.40 119.41
CA ASN WB 101 -8.33 -1.21 120.42
C ASN WB 101 -8.79 -1.37 121.87
N ASN WB 102 -9.92 -2.06 122.08
CA ASN WB 102 -10.36 -2.34 123.44
C ASN WB 102 -10.12 -3.80 123.76
N PHE WB 103 -9.56 -4.04 124.95
CA PHE WB 103 -9.64 -5.38 125.51
C PHE WB 103 -11.10 -5.75 125.75
N ALA WB 104 -11.84 -4.81 126.36
CA ALA WB 104 -13.20 -5.09 126.83
C ALA WB 104 -14.13 -5.44 125.69
N ARG WB 105 -13.98 -4.73 124.56
CA ARG WB 105 -14.92 -4.91 123.46
C ARG WB 105 -14.67 -6.24 122.77
N GLY WB 106 -13.40 -6.61 122.65
CA GLY WB 106 -13.08 -7.89 122.05
C GLY WB 106 -13.37 -9.07 122.98
N HIS WB 107 -13.62 -8.81 124.27
CA HIS WB 107 -13.79 -9.86 125.26
C HIS WB 107 -15.24 -10.02 125.73
N TYR WB 108 -16.02 -8.92 125.74
CA TYR WB 108 -17.26 -8.93 126.47
C TYR WB 108 -18.48 -8.77 125.57
N THR WB 109 -18.44 -7.74 124.73
CA THR WB 109 -19.63 -7.41 123.96
C THR WB 109 -19.60 -8.09 122.61
N ILE WB 110 -18.67 -7.71 121.73
CA ILE WB 110 -18.75 -8.18 120.35
C ILE WB 110 -18.02 -9.50 120.16
N GLY WB 111 -17.10 -9.83 121.09
CA GLY WB 111 -16.25 -10.99 120.88
C GLY WB 111 -17.01 -12.30 121.10
N LYS WB 112 -18.17 -12.19 121.73
CA LYS WB 112 -18.87 -13.39 122.16
C LYS WB 112 -19.54 -14.10 120.98
N GLU WB 113 -20.02 -13.32 120.04
CA GLU WB 113 -20.81 -13.89 118.94
C GLU WB 113 -19.97 -14.52 117.83
N ILE WB 114 -18.64 -14.54 117.95
CA ILE WB 114 -17.78 -15.16 116.94
C ILE WB 114 -17.20 -16.49 117.46
N VAL WB 115 -16.89 -16.52 118.77
CA VAL WB 115 -16.34 -17.71 119.39
C VAL WB 115 -17.35 -18.86 119.30
N ASP WB 116 -18.64 -18.55 119.29
CA ASP WB 116 -19.71 -19.55 119.19
C ASP WB 116 -19.74 -20.28 117.85
N LEU WB 117 -19.18 -19.66 116.81
CA LEU WB 117 -19.11 -20.28 115.50
C LEU WB 117 -17.68 -20.78 115.24
N SER WB 118 -16.69 -20.06 115.77
CA SER WB 118 -15.29 -20.38 115.52
C SER WB 118 -14.86 -21.68 116.20
N LEU WB 119 -15.28 -21.88 117.46
CA LEU WB 119 -14.95 -23.10 118.22
C LEU WB 119 -15.52 -24.33 117.52
N ASP WB 120 -16.64 -24.14 116.81
CA ASP WB 120 -17.25 -25.20 116.04
C ASP WB 120 -16.32 -25.63 114.90
N ARG WB 121 -15.72 -24.66 114.20
CA ARG WB 121 -14.82 -24.97 113.08
C ARG WB 121 -13.51 -25.57 113.60
N ILE WB 122 -13.08 -25.15 114.80
CA ILE WB 122 -11.94 -25.76 115.45
C ILE WB 122 -12.23 -27.25 115.75
N ARG WB 123 -13.45 -27.51 116.22
CA ARG WB 123 -13.89 -28.87 116.47
C ARG WB 123 -13.94 -29.64 115.16
N LYS WB 124 -14.42 -28.98 114.11
CA LYS WB 124 -14.56 -29.62 112.81
C LYS WB 124 -13.21 -30.00 112.22
N LEU WB 125 -12.14 -29.26 112.57
CA LEU WB 125 -10.84 -29.52 112.00
C LEU WB 125 -10.04 -30.51 112.84
N ALA WB 126 -10.39 -30.64 114.14
CA ALA WB 126 -9.62 -31.45 115.08
C ALA WB 126 -10.16 -32.87 115.23
N ASP WB 127 -11.38 -33.12 114.75
CA ASP WB 127 -12.04 -34.38 115.02
C ASP WB 127 -11.73 -35.45 113.96
N ASN WB 128 -10.89 -35.12 112.98
CA ASN WB 128 -10.53 -36.07 111.94
C ASN WB 128 -9.56 -37.12 112.45
N CYS WB 129 -8.35 -36.69 112.87
CA CYS WB 129 -7.31 -37.59 113.34
C CYS WB 129 -6.96 -37.26 114.79
N THR WB 130 -6.70 -38.31 115.58
CA THR WB 130 -6.18 -38.18 116.93
C THR WB 130 -4.70 -37.79 116.89
N GLY WB 131 -4.19 -37.45 118.08
CA GLY WB 131 -2.80 -37.05 118.27
C GLY WB 131 -2.51 -35.68 117.64
N LEU WB 132 -3.29 -34.68 118.09
CA LEU WB 132 -3.02 -33.29 117.77
C LEU WB 132 -1.70 -32.87 118.40
N GLN WB 133 -0.89 -32.21 117.59
CA GLN WB 133 0.37 -31.72 118.13
C GLN WB 133 0.15 -30.50 119.03
N GLY WB 134 -0.66 -29.57 118.52
CA GLY WB 134 -0.84 -28.33 119.26
C GLY WB 134 -1.66 -27.31 118.49
N PHE WB 135 -1.52 -26.06 118.94
CA PHE WB 135 -2.26 -24.95 118.38
C PHE WB 135 -1.34 -23.75 118.20
N LEU WB 136 -1.12 -23.36 116.96
CA LEU WB 136 -0.28 -22.22 116.64
C LEU WB 136 -1.16 -21.01 116.41
N MET WB 137 -1.34 -20.16 117.43
CA MET WB 137 -2.20 -18.99 117.29
C MET WB 137 -1.37 -17.71 117.25
N PHE WB 138 -1.52 -16.95 116.16
CA PHE WB 138 -0.83 -15.68 116.00
C PHE WB 138 -1.72 -14.51 116.39
N ASN WB 139 -1.15 -13.56 117.14
CA ASN WB 139 -1.88 -12.38 117.55
C ASN WB 139 -0.91 -11.26 117.92
N ALA WB 140 -1.42 -10.02 117.91
CA ALA WB 140 -0.74 -8.88 118.51
C ALA WB 140 -1.26 -8.74 119.95
N VAL WB 141 -0.53 -7.95 120.74
CA VAL WB 141 -0.91 -7.83 122.15
C VAL WB 141 -1.52 -6.47 122.42
N GLY WB 142 -0.96 -5.43 121.81
CA GLY WB 142 -1.46 -4.08 122.02
C GLY WB 142 -2.76 -3.77 121.30
N GLY WB 143 -3.08 -4.61 120.30
CA GLY WB 143 -4.30 -4.50 119.50
C GLY WB 143 -5.57 -4.80 120.30
N GLY WB 144 -6.70 -4.55 119.67
CA GLY WB 144 -7.99 -4.76 120.31
C GLY WB 144 -8.46 -6.20 120.17
N THR WB 145 -8.70 -6.63 118.92
CA THR WB 145 -9.17 -7.99 118.69
C THR WB 145 -8.05 -9.00 118.90
N GLY WB 146 -6.80 -8.50 118.80
CA GLY WB 146 -5.61 -9.30 119.02
C GLY WB 146 -5.53 -9.89 120.44
N SER WB 147 -6.10 -9.18 121.41
CA SER WB 147 -6.11 -9.62 122.79
C SER WB 147 -7.46 -10.22 123.18
N GLY WB 148 -8.52 -9.43 123.00
CA GLY WB 148 -9.84 -9.78 123.52
C GLY WB 148 -10.41 -11.05 122.89
N LEU WB 149 -10.41 -11.08 121.54
CA LEU WB 149 -10.85 -12.27 120.84
C LEU WB 149 -9.86 -13.41 121.06
N GLY WB 150 -8.56 -13.05 121.19
CA GLY WB 150 -7.52 -14.02 121.43
C GLY WB 150 -7.69 -14.74 122.78
N CYS WB 151 -8.02 -13.96 123.82
CA CYS WB 151 -8.24 -14.50 125.16
C CYS WB 151 -9.44 -15.45 125.17
N LEU WB 152 -10.58 -14.97 124.65
CA LEU WB 152 -11.82 -15.72 124.75
C LEU WB 152 -11.72 -17.03 123.97
N LEU WB 153 -10.98 -17.01 122.86
CA LEU WB 153 -10.81 -18.22 122.09
C LEU WB 153 -9.86 -19.19 122.82
N LEU WB 154 -8.79 -18.65 123.41
CA LEU WB 154 -7.76 -19.49 124.01
C LEU WB 154 -8.24 -20.05 125.36
N GLU WB 155 -9.12 -19.31 126.05
CA GLU WB 155 -9.63 -19.76 127.35
C GLU WB 155 -10.56 -20.97 127.14
N ARG WB 156 -11.47 -20.84 126.15
CA ARG WB 156 -12.43 -21.88 125.81
C ARG WB 156 -11.70 -23.15 125.33
N LEU WB 157 -10.59 -22.96 124.60
CA LEU WB 157 -9.84 -24.08 124.05
C LEU WB 157 -9.16 -24.90 125.16
N SER WB 158 -8.73 -24.24 126.25
CA SER WB 158 -8.03 -24.93 127.34
C SER WB 158 -8.96 -25.89 128.07
N VAL WB 159 -10.20 -25.44 128.27
CA VAL WB 159 -11.17 -26.27 128.98
C VAL WB 159 -11.63 -27.42 128.07
N ASP WB 160 -11.93 -27.10 126.81
CA ASP WB 160 -12.52 -28.06 125.89
C ASP WB 160 -11.52 -29.14 125.50
N TYR WB 161 -10.30 -28.71 125.16
CA TYR WB 161 -9.22 -29.64 124.86
C TYR WB 161 -8.20 -29.55 125.97
N GLY WB 162 -8.02 -30.70 126.63
CA GLY WB 162 -7.30 -30.77 127.87
C GLY WB 162 -5.80 -30.54 127.70
N LYS WB 163 -5.05 -31.48 127.09
CA LYS WB 163 -3.64 -31.62 127.47
C LYS WB 163 -2.64 -31.22 126.38
N LYS WB 164 -3.18 -30.79 125.23
CA LYS WB 164 -2.35 -30.53 124.05
C LYS WB 164 -1.77 -29.13 124.09
N SER WB 165 -0.56 -29.02 123.55
CA SER WB 165 0.24 -27.79 123.57
C SER WB 165 -0.40 -26.63 122.78
N LYS WB 166 0.04 -25.40 123.11
CA LYS WB 166 -0.50 -24.18 122.53
C LYS WB 166 0.61 -23.15 122.31
N LEU WB 167 1.06 -23.03 121.06
CA LEU WB 167 2.07 -22.06 120.68
C LEU WB 167 1.40 -20.73 120.31
N ASN WB 168 1.98 -19.64 120.82
CA ASN WB 168 1.43 -18.31 120.64
C ASN WB 168 2.51 -17.29 120.32
N PHE WB 169 2.56 -16.83 119.07
CA PHE WB 169 3.51 -15.79 118.69
C PHE WB 169 2.89 -14.41 118.89
N CYS WB 170 3.41 -13.65 119.86
CA CYS WB 170 2.82 -12.39 120.25
C CYS WB 170 3.67 -11.24 119.71
N SER WB 171 3.08 -10.41 118.84
CA SER WB 171 3.75 -9.21 118.37
C SER WB 171 3.78 -8.18 119.50
N TRP WB 172 4.79 -8.30 120.38
CA TRP WB 172 4.83 -7.55 121.62
C TRP WB 172 5.01 -6.06 121.35
N PRO WB 173 4.37 -5.18 122.15
CA PRO WB 173 4.66 -3.75 122.09
C PRO WB 173 6.13 -3.42 122.37
N SER WB 174 6.61 -2.43 121.61
CA SER WB 174 8.01 -2.04 121.58
C SER WB 174 8.44 -1.44 122.92
N PRO WB 175 9.71 -1.58 123.30
CA PRO WB 175 10.28 -0.68 124.32
C PRO WB 175 10.25 0.81 123.98
N GLN WB 176 10.27 1.18 122.69
CA GLN WB 176 10.49 2.56 122.29
C GLN WB 176 9.25 3.11 121.55
N VAL WB 177 8.88 2.53 120.41
CA VAL WB 177 7.76 3.01 119.64
C VAL WB 177 6.49 2.42 120.25
N SER WB 178 5.30 2.97 120.00
CA SER WB 178 4.09 2.23 120.40
C SER WB 178 2.98 2.19 119.34
N THR WB 179 2.84 3.28 118.57
CA THR WB 179 1.81 3.44 117.53
C THR WB 179 0.40 3.28 118.07
N ALA WB 180 0.22 3.45 119.39
CA ALA WB 180 -1.08 3.55 120.03
C ALA WB 180 -0.86 3.93 121.48
N VAL WB 181 -1.82 4.65 122.03
CA VAL WB 181 -1.72 5.20 123.37
C VAL WB 181 -2.27 4.19 124.39
N VAL WB 182 -3.20 3.34 123.96
CA VAL WB 182 -3.89 2.39 124.83
C VAL WB 182 -3.09 1.10 125.02
N GLU WB 183 -1.85 1.09 124.49
CA GLU WB 183 -1.00 -0.09 124.54
C GLU WB 183 -0.72 -0.58 125.96
N PRO WB 184 -0.32 0.25 126.95
CA PRO WB 184 -0.13 -0.26 128.31
C PRO WB 184 -1.40 -0.82 128.95
N TYR WB 185 -2.57 -0.24 128.64
CA TYR WB 185 -3.80 -0.81 129.15
C TYR WB 185 -4.14 -2.12 128.44
N ASN WB 186 -3.82 -2.20 127.14
CA ASN WB 186 -4.11 -3.40 126.36
C ASN WB 186 -3.15 -4.55 126.71
N SER WB 187 -1.88 -4.21 127.00
CA SER WB 187 -0.85 -5.25 127.12
C SER WB 187 -0.97 -5.96 128.46
N VAL WB 188 -1.16 -5.16 129.52
CA VAL WB 188 -1.18 -5.67 130.88
C VAL WB 188 -2.35 -6.63 131.04
N LEU WB 189 -3.52 -6.23 130.51
CA LEU WB 189 -4.74 -7.00 130.72
C LEU WB 189 -4.69 -8.32 129.95
N SER WB 190 -3.92 -8.35 128.85
CA SER WB 190 -3.77 -9.57 128.06
C SER WB 190 -3.00 -10.62 128.84
N THR WB 191 -1.95 -10.17 129.55
CA THR WB 191 -1.04 -11.06 130.25
C THR WB 191 -1.76 -11.87 131.32
N HIS WB 192 -2.62 -11.19 132.11
CA HIS WB 192 -3.36 -11.85 133.19
C HIS WB 192 -4.25 -12.97 132.64
N SER WB 193 -4.64 -12.85 131.36
CA SER WB 193 -5.39 -13.92 130.72
C SER WB 193 -4.55 -14.68 129.68
N LEU WB 194 -3.21 -14.56 129.76
CA LEU WB 194 -2.32 -15.33 128.89
C LEU WB 194 -1.50 -16.37 129.66
N LEU WB 195 -1.25 -16.07 130.95
CA LEU WB 195 -0.40 -16.90 131.81
C LEU WB 195 -0.89 -18.35 131.94
N GLU WB 196 -2.19 -18.56 132.17
CA GLU WB 196 -2.65 -19.89 132.56
C GLU WB 196 -3.32 -20.60 131.39
N HIS WB 197 -3.15 -20.04 130.19
CA HIS WB 197 -3.76 -20.59 128.98
C HIS WB 197 -2.70 -21.14 128.02
N THR WB 198 -1.75 -20.31 127.61
CA THR WB 198 -0.77 -20.74 126.61
C THR WB 198 0.33 -21.56 127.29
N ASP WB 199 1.15 -22.20 126.47
CA ASP WB 199 2.22 -23.08 126.94
C ASP WB 199 3.58 -22.55 126.52
N VAL WB 200 3.67 -22.01 125.29
CA VAL WB 200 4.90 -21.39 124.80
C VAL WB 200 4.51 -20.09 124.11
N ALA WB 201 4.82 -18.96 124.75
CA ALA WB 201 4.55 -17.65 124.20
C ALA WB 201 5.88 -17.04 123.73
N VAL WB 202 6.04 -16.96 122.41
CA VAL WB 202 7.27 -16.41 121.85
C VAL WB 202 7.08 -14.91 121.62
N MET WB 203 7.98 -14.12 122.22
CA MET WB 203 7.83 -12.66 122.20
C MET WB 203 8.55 -12.11 120.97
N LEU WB 204 7.80 -11.37 120.13
CA LEU WB 204 8.41 -10.73 118.97
C LEU WB 204 8.18 -9.23 119.05
N ASP WB 205 9.18 -8.47 118.57
CA ASP WB 205 9.20 -7.01 118.61
C ASP WB 205 9.08 -6.49 117.17
N ASN WB 206 9.04 -5.16 116.99
CA ASN WB 206 8.94 -4.58 115.65
C ASN WB 206 10.18 -3.78 115.23
N GLU WB 207 10.67 -2.89 116.08
CA GLU WB 207 11.79 -2.04 115.68
C GLU WB 207 13.10 -2.81 115.76
N ALA WB 208 13.08 -3.96 116.42
CA ALA WB 208 14.18 -4.91 116.34
C ALA WB 208 14.39 -5.32 114.88
N ILE WB 209 13.30 -5.73 114.21
CA ILE WB 209 13.34 -6.12 112.80
C ILE WB 209 13.59 -4.91 111.93
N TYR WB 210 13.19 -3.72 112.39
CA TYR WB 210 13.63 -2.50 111.74
C TYR WB 210 15.14 -2.35 111.86
N ASP WB 211 15.67 -2.63 113.06
CA ASP WB 211 17.10 -2.52 113.31
C ASP WB 211 17.87 -3.64 112.62
N ILE WB 212 17.24 -4.81 112.51
CA ILE WB 212 17.82 -5.91 111.75
C ILE WB 212 17.95 -5.55 110.27
N CYS WB 213 16.84 -5.07 109.69
CA CYS WB 213 16.82 -4.74 108.28
C CYS WB 213 17.67 -3.50 108.00
N ARG WB 214 17.97 -2.71 109.02
CA ARG WB 214 18.84 -1.56 108.85
C ARG WB 214 20.30 -1.99 108.67
N ARG WB 215 20.76 -2.90 109.54
CA ARG WB 215 22.17 -3.32 109.56
C ARG WB 215 22.41 -4.48 108.59
N ASN WB 216 21.88 -5.65 108.95
CA ASN WB 216 22.22 -6.88 108.25
C ASN WB 216 21.66 -6.92 106.82
N LEU WB 217 20.38 -6.61 106.63
CA LEU WB 217 19.75 -6.74 105.32
C LEU WB 217 20.25 -5.65 104.38
N ASP WB 218 20.64 -4.49 104.95
CA ASP WB 218 21.18 -3.37 104.19
C ASP WB 218 20.21 -2.90 103.10
N ILE WB 219 18.93 -2.75 103.48
CA ILE WB 219 17.91 -2.14 102.64
C ILE WB 219 17.33 -0.97 103.43
N GLU WB 220 17.16 0.17 102.75
CA GLU WB 220 17.02 1.44 103.46
C GLU WB 220 15.64 1.57 104.07
N ARG WB 221 14.62 1.23 103.25
CA ARG WB 221 13.24 1.56 103.52
C ARG WB 221 12.32 0.34 103.31
N PRO WB 222 12.48 -0.81 104.02
CA PRO WB 222 11.44 -1.84 104.05
C PRO WB 222 10.22 -1.54 104.93
N THR WB 223 9.11 -2.22 104.62
CA THR WB 223 7.82 -2.05 105.27
C THR WB 223 7.35 -3.33 105.95
N TYR WB 224 6.07 -3.37 106.36
CA TYR WB 224 5.54 -4.52 107.06
C TYR WB 224 5.57 -5.79 106.22
N THR WB 225 5.62 -5.63 104.90
CA THR WB 225 5.70 -6.78 104.02
C THR WB 225 7.08 -7.45 104.10
N ASN WB 226 8.09 -6.74 104.62
CA ASN WB 226 9.42 -7.30 104.77
C ASN WB 226 9.69 -7.72 106.20
N LEU WB 227 8.95 -7.13 107.16
CA LEU WB 227 8.87 -7.66 108.52
C LEU WB 227 8.42 -9.12 108.45
N ASN WB 228 7.41 -9.39 107.60
CA ASN WB 228 6.67 -10.64 107.68
C ASN WB 228 7.45 -11.79 107.05
N ARG WB 229 8.31 -11.49 106.07
CA ARG WB 229 9.15 -12.53 105.47
C ARG WB 229 10.10 -13.14 106.49
N LEU WB 230 10.74 -12.25 107.26
CA LEU WB 230 11.69 -12.67 108.26
C LEU WB 230 10.98 -13.41 109.40
N ILE WB 231 9.76 -12.97 109.74
CA ILE WB 231 8.96 -13.68 110.72
C ILE WB 231 8.59 -15.06 110.19
N ALA WB 232 8.24 -15.12 108.90
CA ALA WB 232 7.85 -16.38 108.29
C ALA WB 232 9.03 -17.35 108.25
N GLN WB 233 10.25 -16.82 108.20
CA GLN WB 233 11.43 -17.68 108.12
C GLN WB 233 11.75 -18.31 109.47
N VAL WB 234 11.36 -17.66 110.56
CA VAL WB 234 11.56 -18.27 111.86
C VAL WB 234 10.59 -19.44 112.04
N ILE WB 235 9.33 -19.24 111.62
CA ILE WB 235 8.31 -20.27 111.84
C ILE WB 235 8.63 -21.53 111.03
N SER WB 236 9.11 -21.36 109.78
CA SER WB 236 9.44 -22.47 108.92
C SER WB 236 10.57 -23.30 109.50
N SER WB 237 11.59 -22.62 110.04
CA SER WB 237 12.72 -23.29 110.66
C SER WB 237 12.30 -23.90 112.00
N LEU WB 238 11.24 -23.34 112.64
CA LEU WB 238 10.78 -23.88 113.91
C LEU WB 238 10.15 -25.25 113.70
N THR WB 239 9.27 -25.34 112.71
CA THR WB 239 8.53 -26.57 112.45
C THR WB 239 9.15 -27.31 111.28
N ALA WB 240 10.46 -27.13 111.06
CA ALA WB 240 11.16 -27.83 110.00
C ALA WB 240 11.26 -29.33 110.34
N SER WB 241 11.26 -29.66 111.63
CA SER WB 241 11.47 -31.04 112.05
C SER WB 241 10.27 -31.93 111.69
N LEU WB 242 9.05 -31.40 111.80
CA LEU WB 242 7.86 -32.18 111.52
C LEU WB 242 7.76 -32.54 110.04
N ARG WB 243 8.11 -31.58 109.18
CA ARG WB 243 7.82 -31.71 107.76
C ARG WB 243 8.82 -32.64 107.10
N PHE WB 244 10.09 -32.53 107.51
CA PHE WB 244 11.20 -33.16 106.79
C PHE WB 244 12.01 -34.01 107.77
N ASP WB 245 12.64 -35.06 107.27
CA ASP WB 245 13.53 -35.86 108.08
C ASP WB 245 14.84 -35.10 108.34
N GLY WB 246 15.48 -35.45 109.46
CA GLY WB 246 16.75 -34.86 109.82
C GLY WB 246 17.62 -35.82 110.61
N ALA WB 247 18.90 -35.46 110.72
CA ALA WB 247 19.88 -36.23 111.48
C ALA WB 247 19.56 -36.24 112.97
N LEU WB 248 18.89 -35.19 113.46
CA LEU WB 248 18.50 -35.12 114.86
C LEU WB 248 17.32 -34.17 114.98
N ASN WB 249 16.11 -34.72 115.14
CA ASN WB 249 14.90 -33.93 115.03
C ASN WB 249 14.26 -33.66 116.39
N VAL WB 250 13.37 -32.67 116.43
CA VAL WB 250 12.62 -32.31 117.63
C VAL WB 250 11.13 -32.36 117.30
N ASP WB 251 10.29 -32.04 118.29
CA ASP WB 251 8.84 -32.01 118.16
C ASP WB 251 8.33 -30.71 118.76
N VAL WB 252 7.02 -30.44 118.60
CA VAL WB 252 6.44 -29.25 119.18
C VAL WB 252 5.85 -29.55 120.55
N THR WB 253 5.74 -30.84 120.90
CA THR WB 253 5.27 -31.24 122.22
C THR WB 253 6.45 -31.44 123.19
N GLU WB 254 7.68 -31.34 122.69
CA GLU WB 254 8.88 -31.46 123.52
C GLU WB 254 9.44 -30.09 123.94
N PHE WB 255 9.05 -29.02 123.23
CA PHE WB 255 9.54 -27.69 123.54
C PHE WB 255 9.19 -27.25 124.96
N GLN WB 256 7.95 -27.56 125.39
CA GLN WB 256 7.52 -27.19 126.73
C GLN WB 256 8.27 -27.99 127.78
N THR WB 257 8.77 -29.16 127.41
CA THR WB 257 9.59 -29.93 128.34
C THR WB 257 11.06 -29.56 128.17
N ASN WB 258 11.36 -28.76 127.14
CA ASN WB 258 12.72 -28.30 126.87
C ASN WB 258 12.98 -26.97 127.57
N LEU WB 259 11.95 -26.14 127.70
CA LEU WB 259 12.21 -24.74 127.96
C LEU WB 259 11.68 -24.21 129.30
N VAL WB 260 10.57 -24.76 129.80
CA VAL WB 260 9.92 -24.14 130.94
C VAL WB 260 10.32 -24.90 132.20
N PRO WB 261 10.94 -24.24 133.19
CA PRO WB 261 11.20 -24.87 134.49
C PRO WB 261 10.07 -24.83 135.51
N TYR WB 262 9.24 -23.79 135.42
CA TYR WB 262 8.06 -23.62 136.24
C TYR WB 262 6.91 -23.29 135.30
N PRO WB 263 5.64 -23.68 135.61
CA PRO WB 263 4.54 -23.53 134.66
C PRO WB 263 4.23 -22.09 134.28
N ARG WB 264 4.64 -21.12 135.09
CA ARG WB 264 4.30 -19.72 134.83
C ARG WB 264 5.41 -19.01 134.02
N ILE WB 265 6.52 -19.69 133.74
CA ILE WB 265 7.62 -19.07 133.00
C ILE WB 265 7.69 -19.65 131.59
N HIS WB 266 7.02 -19.00 130.65
CA HIS WB 266 7.08 -19.46 129.26
C HIS WB 266 7.15 -18.28 128.29
N PHE WB 267 8.00 -17.30 128.60
CA PHE WB 267 8.14 -16.15 127.72
C PHE WB 267 9.52 -16.13 127.09
N MET WB 268 9.61 -16.65 125.87
CA MET WB 268 10.91 -16.85 125.24
C MET WB 268 11.08 -15.91 124.04
N LEU WB 269 12.38 -15.66 123.74
CA LEU WB 269 12.85 -14.78 122.67
C LEU WB 269 13.01 -15.58 121.38
N SER WB 270 13.56 -14.91 120.36
CA SER WB 270 13.90 -15.55 119.10
C SER WB 270 15.22 -15.02 118.58
N SER WB 271 15.83 -15.74 117.63
CA SER WB 271 17.01 -15.32 116.91
C SER WB 271 17.07 -16.08 115.59
N TYR WB 272 17.71 -15.51 114.57
CA TYR WB 272 17.87 -16.20 113.30
C TYR WB 272 19.14 -15.70 112.63
N ALA WB 273 19.78 -16.59 111.88
CA ALA WB 273 21.01 -16.31 111.14
C ALA WB 273 21.14 -17.42 110.10
N PRO WB 274 21.62 -17.17 108.88
CA PRO WB 274 22.08 -15.86 108.43
C PRO WB 274 20.97 -14.99 107.87
N ILE WB 275 21.18 -13.68 107.99
CA ILE WB 275 20.28 -12.67 107.51
C ILE WB 275 21.11 -11.68 106.71
N ILE WB 276 21.23 -11.98 105.41
CA ILE WB 276 22.18 -11.30 104.55
C ILE WB 276 21.50 -10.98 103.23
N SER WB 277 21.83 -9.79 102.70
CA SER WB 277 21.47 -9.40 101.33
C SER WB 277 22.11 -10.33 100.30
N ALA WB 278 21.43 -10.47 99.13
CA ALA WB 278 21.95 -11.27 98.03
C ALA WB 278 23.19 -10.60 97.42
N GLU WB 279 23.31 -9.29 97.57
CA GLU WB 279 24.43 -8.53 97.04
C GLU WB 279 25.69 -8.76 97.88
N LYS WB 280 25.60 -8.81 99.22
CA LYS WB 280 26.71 -8.97 100.16
C LYS WB 280 26.90 -10.44 100.56
N ALA WB 281 26.07 -11.33 100.00
CA ALA WB 281 26.18 -12.74 100.32
C ALA WB 281 27.51 -13.37 99.95
N TYR WB 282 28.17 -12.96 98.86
CA TYR WB 282 29.36 -13.75 98.47
C TYR WB 282 30.58 -13.33 99.27
N HIS WB 283 30.52 -12.25 100.06
CA HIS WB 283 31.51 -11.94 101.09
C HIS WB 283 31.31 -12.69 102.44
N GLU WB 284 30.43 -13.66 102.52
CA GLU WB 284 30.37 -14.56 103.66
C GLU WB 284 30.11 -15.98 103.11
N GLN WB 285 31.09 -16.91 102.97
CA GLN WB 285 30.79 -18.35 103.08
C GLN WB 285 30.55 -18.72 104.55
N LEU WB 286 29.25 -18.94 104.75
CA LEU WB 286 28.60 -19.23 106.00
C LEU WB 286 29.09 -20.57 106.51
N SER WB 287 29.95 -20.53 107.53
CA SER WB 287 30.37 -21.74 108.22
C SER WB 287 29.58 -21.87 109.53
N VAL WB 288 29.60 -23.08 110.11
CA VAL WB 288 28.91 -23.32 111.36
C VAL WB 288 29.58 -22.60 112.53
N ALA WB 289 30.89 -22.33 112.38
CA ALA WB 289 31.63 -21.62 113.42
C ALA WB 289 31.17 -20.17 113.55
N GLU WB 290 30.73 -19.61 112.41
CA GLU WB 290 30.44 -18.17 112.34
C GLU WB 290 28.95 -17.87 112.53
N ILE WB 291 28.07 -18.78 112.12
CA ILE WB 291 26.64 -18.53 112.20
C ILE WB 291 26.12 -18.64 113.63
N THR WB 292 26.76 -19.50 114.43
CA THR WB 292 26.33 -19.71 115.80
C THR WB 292 26.67 -18.48 116.65
N ASN WB 293 27.84 -17.89 116.39
CA ASN WB 293 28.25 -16.72 117.13
C ASN WB 293 27.38 -15.52 116.79
N SER WB 294 26.92 -15.43 115.54
CA SER WB 294 25.99 -14.37 115.16
C SER WB 294 24.62 -14.61 115.80
N ALA WB 295 24.32 -15.86 116.13
CA ALA WB 295 23.06 -16.18 116.81
C ALA WB 295 23.05 -15.62 118.23
N PHE WB 296 24.20 -15.65 118.90
CA PHE WB 296 24.34 -15.20 120.28
C PHE WB 296 24.67 -13.71 120.38
N GLU WB 297 25.00 -13.09 119.24
CA GLU WB 297 25.36 -11.68 119.22
C GLU WB 297 24.11 -10.85 119.48
N PRO WB 298 24.14 -9.90 120.44
CA PRO WB 298 22.91 -9.28 120.92
C PRO WB 298 22.20 -8.38 119.90
N ALA WB 299 22.91 -7.97 118.84
CA ALA WB 299 22.29 -7.15 117.80
C ALA WB 299 21.68 -8.01 116.69
N SER WB 300 21.34 -9.26 117.00
CA SER WB 300 20.74 -10.16 116.02
C SER WB 300 19.43 -10.78 116.52
N MET WB 301 19.10 -10.62 117.80
CA MET WB 301 17.87 -11.18 118.35
C MET WB 301 16.65 -10.32 117.98
N MET WB 302 15.47 -10.94 118.01
CA MET WB 302 14.26 -10.36 117.43
C MET WB 302 13.29 -9.89 118.51
N ALA WB 303 13.83 -9.37 119.62
CA ALA WB 303 13.00 -8.99 120.76
C ALA WB 303 13.37 -7.62 121.32
N LYS WB 304 14.61 -7.20 121.04
CA LYS WB 304 15.22 -5.98 121.57
C LYS WB 304 15.12 -5.90 123.09
N CYS WB 305 15.78 -6.82 123.80
CA CYS WB 305 16.18 -6.56 125.16
C CYS WB 305 17.66 -6.92 125.34
N ASP WB 306 18.39 -6.03 126.02
CA ASP WB 306 19.80 -6.18 126.29
C ASP WB 306 20.02 -7.41 127.17
N PRO WB 307 20.74 -8.45 126.68
CA PRO WB 307 20.95 -9.63 127.50
C PRO WB 307 22.16 -9.57 128.43
N ARG WB 308 22.91 -8.47 128.43
CA ARG WB 308 24.09 -8.35 129.28
C ARG WB 308 23.75 -8.40 130.77
N HIS WB 309 22.52 -7.99 131.11
CA HIS WB 309 22.02 -8.09 132.47
C HIS WB 309 21.15 -9.34 132.62
N GLY WB 310 21.34 -10.30 131.72
CA GLY WB 310 20.48 -11.48 131.68
C GLY WB 310 21.30 -12.75 131.82
N LYS WB 311 20.90 -13.59 132.77
CA LYS WB 311 21.44 -14.92 132.92
C LYS WB 311 20.58 -15.88 132.10
N TYR WB 312 21.21 -16.53 131.10
CA TYR WB 312 20.53 -17.52 130.27
C TYR WB 312 20.13 -18.73 131.11
N MET WB 313 19.02 -19.35 130.73
CA MET WB 313 18.42 -20.42 131.51
C MET WB 313 18.24 -21.67 130.66
N ALA WB 314 17.76 -21.48 129.44
CA ALA WB 314 17.54 -22.58 128.52
C ALA WB 314 17.67 -22.05 127.09
N CYS WB 315 18.21 -22.90 126.21
CA CYS WB 315 18.44 -22.48 124.84
C CYS WB 315 18.14 -23.66 123.92
N CYS WB 316 17.55 -23.37 122.76
CA CYS WB 316 17.10 -24.40 121.86
C CYS WB 316 17.41 -23.98 120.43
N LEU WB 317 18.44 -24.56 119.84
CA LEU WB 317 18.91 -24.20 118.51
C LEU WB 317 18.43 -25.26 117.52
N MET WB 318 17.74 -24.85 116.46
CA MET WB 318 17.41 -25.77 115.38
C MET WB 318 18.21 -25.41 114.14
N TYR WB 319 19.27 -26.18 113.88
CA TYR WB 319 20.05 -25.98 112.68
C TYR WB 319 19.28 -26.47 111.46
N ARG WB 320 19.53 -25.80 110.35
CA ARG WB 320 18.88 -26.09 109.09
C ARG WB 320 19.94 -26.28 108.03
N GLY WB 321 19.64 -27.18 107.08
CA GLY WB 321 20.48 -27.36 105.91
C GLY WB 321 21.66 -28.30 106.16
N ASP WB 322 22.64 -28.21 105.26
CA ASP WB 322 23.74 -29.15 105.27
C ASP WB 322 24.69 -28.78 106.40
N VAL WB 323 24.37 -29.27 107.60
CA VAL WB 323 25.23 -29.08 108.76
C VAL WB 323 25.53 -30.43 109.39
N VAL WB 324 26.80 -30.69 109.69
CA VAL WB 324 27.18 -31.95 110.29
C VAL WB 324 27.10 -31.78 111.80
N PRO WB 325 26.98 -32.86 112.60
CA PRO WB 325 26.77 -32.69 114.03
C PRO WB 325 27.97 -32.21 114.86
N LYS WB 326 29.20 -32.40 114.39
CA LYS WB 326 30.31 -32.17 115.31
C LYS WB 326 30.84 -30.74 115.28
N ASP WB 327 30.71 -30.05 114.15
CA ASP WB 327 31.09 -28.65 114.16
C ASP WB 327 30.04 -27.82 114.90
N VAL WB 328 28.83 -28.38 115.03
CA VAL WB 328 27.89 -27.89 116.03
C VAL WB 328 28.52 -28.06 117.41
N ASN WB 329 29.03 -29.27 117.68
CA ASN WB 329 29.65 -29.58 118.97
C ASN WB 329 30.95 -28.82 119.18
N ALA WB 330 31.61 -28.47 118.07
CA ALA WB 330 32.77 -27.60 118.16
C ALA WB 330 32.33 -26.20 118.59
N ALA WB 331 31.26 -25.70 117.96
CA ALA WB 331 30.78 -24.34 118.19
C ALA WB 331 30.27 -24.20 119.63
N VAL WB 332 29.52 -25.19 120.11
CA VAL WB 332 28.87 -25.12 121.41
C VAL WB 332 29.89 -25.30 122.52
N ALA WB 333 31.02 -25.96 122.24
CA ALA WB 333 32.09 -26.10 123.23
C ALA WB 333 32.68 -24.74 123.58
N THR WB 334 32.99 -23.98 122.53
CA THR WB 334 33.57 -22.66 122.70
C THR WB 334 32.53 -21.67 123.23
N ILE WB 335 31.25 -21.91 122.94
CA ILE WB 335 30.17 -21.02 123.35
C ILE WB 335 30.05 -21.06 124.88
N LYS WB 336 30.11 -22.28 125.46
CA LYS WB 336 29.94 -22.45 126.88
C LYS WB 336 31.10 -21.86 127.68
N THR WB 337 32.30 -21.93 127.12
CA THR WB 337 33.46 -21.44 127.83
C THR WB 337 33.58 -19.92 127.74
N LYS WB 338 32.86 -19.29 126.79
CA LYS WB 338 32.83 -17.83 126.66
C LYS WB 338 32.10 -17.23 127.87
N ARG WB 339 32.64 -16.11 128.37
CA ARG WB 339 32.08 -15.45 129.54
C ARG WB 339 31.25 -14.22 129.15
N THR WB 340 31.02 -13.97 127.87
CA THR WB 340 30.11 -12.90 127.43
C THR WB 340 28.67 -13.41 127.38
N ILE WB 341 28.52 -14.74 127.38
CA ILE WB 341 27.18 -15.32 127.32
C ILE WB 341 26.94 -16.03 128.67
N GLN WB 342 26.33 -15.32 129.62
CA GLN WB 342 26.34 -15.75 131.01
C GLN WB 342 25.17 -16.67 131.30
N PHE WB 343 25.47 -17.92 131.68
CA PHE WB 343 24.48 -18.86 132.14
C PHE WB 343 24.32 -18.77 133.66
N VAL WB 344 23.13 -19.14 134.12
CA VAL WB 344 22.85 -19.17 135.55
C VAL WB 344 23.48 -20.42 136.18
N ASP WB 345 23.72 -20.39 137.49
CA ASP WB 345 24.46 -21.42 138.19
C ASP WB 345 23.71 -22.76 138.24
N TRP WB 346 22.42 -22.71 138.57
CA TRP WB 346 21.69 -23.91 138.91
C TRP WB 346 21.39 -24.76 137.66
N CYS WB 347 21.57 -24.20 136.47
CA CYS WB 347 21.27 -24.92 135.25
C CYS WB 347 22.57 -25.10 134.48
N PRO WB 348 23.41 -26.13 134.78
CA PRO WB 348 24.71 -26.24 134.14
C PRO WB 348 24.61 -26.72 132.69
N THR WB 349 23.58 -27.51 132.36
CA THR WB 349 23.28 -27.86 130.98
C THR WB 349 22.13 -26.98 130.51
N GLY WB 350 22.24 -26.44 129.31
CA GLY WB 350 21.24 -25.47 128.90
C GLY WB 350 21.06 -25.39 127.40
N PHE WB 351 21.46 -26.46 126.70
CA PHE WB 351 21.38 -26.45 125.25
C PHE WB 351 20.57 -27.64 124.77
N LYS WB 352 19.71 -27.38 123.79
CA LYS WB 352 19.19 -28.41 122.93
C LYS WB 352 19.52 -28.00 121.51
N CYS WB 353 20.14 -28.89 120.75
CA CYS WB 353 20.48 -28.54 119.37
C CYS WB 353 20.07 -29.67 118.43
N GLY WB 354 19.02 -29.43 117.64
CA GLY WB 354 18.47 -30.36 116.67
C GLY WB 354 18.89 -29.93 115.27
N ILE WB 355 18.75 -30.84 114.30
CA ILE WB 355 19.31 -30.65 112.97
C ILE WB 355 18.33 -31.21 111.95
N ASN WB 356 18.09 -30.46 110.88
CA ASN WB 356 17.28 -30.94 109.78
C ASN WB 356 18.05 -30.82 108.46
N TYR WB 357 17.68 -31.64 107.48
CA TYR WB 357 18.43 -31.75 106.24
C TYR WB 357 18.19 -30.57 105.29
N GLN WB 358 16.93 -30.24 105.07
CA GLN WB 358 16.60 -29.46 103.89
C GLN WB 358 16.90 -27.98 104.14
N PRO WB 359 17.68 -27.34 103.23
CA PRO WB 359 18.09 -25.96 103.47
C PRO WB 359 16.90 -25.02 103.28
N PRO WB 360 16.90 -23.79 103.82
CA PRO WB 360 15.73 -22.91 103.75
C PRO WB 360 15.44 -22.46 102.33
N THR WB 361 14.15 -22.44 101.97
CA THR WB 361 13.75 -21.91 100.68
C THR WB 361 13.95 -20.40 100.64
N VAL WB 362 13.89 -19.83 99.43
CA VAL WB 362 13.89 -18.39 99.25
C VAL WB 362 12.64 -17.99 98.47
N VAL WB 363 12.01 -16.89 98.88
CA VAL WB 363 10.87 -16.39 98.13
C VAL WB 363 11.38 -15.68 96.88
N PRO WB 364 10.78 -15.89 95.69
CA PRO WB 364 11.16 -15.09 94.52
C PRO WB 364 10.79 -13.63 94.74
N GLY WB 365 11.73 -12.75 94.40
CA GLY WB 365 11.56 -11.32 94.60
C GLY WB 365 11.62 -10.92 96.08
N GLY WB 366 12.10 -11.81 96.94
CA GLY WB 366 12.26 -11.53 98.35
C GLY WB 366 13.58 -10.80 98.62
N ASP WB 367 13.91 -10.65 99.90
CA ASP WB 367 15.14 -9.97 100.28
C ASP WB 367 16.13 -10.94 100.91
N LEU WB 368 15.91 -12.24 100.69
CA LEU WB 368 16.80 -13.26 101.24
C LEU WB 368 17.61 -13.89 100.11
N ALA WB 369 18.94 -13.86 100.24
CA ALA WB 369 19.80 -14.63 99.36
C ALA WB 369 19.71 -16.09 99.71
N LYS WB 370 20.04 -16.91 98.71
CA LYS WB 370 20.08 -18.35 98.88
C LYS WB 370 21.25 -18.75 99.80
N VAL WB 371 20.92 -19.28 100.97
CA VAL WB 371 21.94 -19.74 101.90
C VAL WB 371 21.92 -21.26 102.02
N MET WB 372 23.03 -21.86 102.46
CA MET WB 372 23.10 -23.30 102.52
C MET WB 372 22.86 -23.83 103.94
N ARG WB 373 23.05 -22.98 104.95
CA ARG WB 373 22.82 -23.40 106.34
C ARG WB 373 22.21 -22.25 107.11
N ALA WB 374 21.48 -22.57 108.19
CA ALA WB 374 20.79 -21.55 108.96
C ALA WB 374 20.52 -22.07 110.36
N VAL WB 375 20.52 -21.14 111.32
CA VAL WB 375 20.31 -21.42 112.73
C VAL WB 375 19.13 -20.60 113.22
N CYS WB 376 18.25 -21.22 113.99
CA CYS WB 376 17.12 -20.53 114.59
C CYS WB 376 17.14 -20.79 116.09
N MET WB 377 17.00 -19.75 116.90
CA MET WB 377 17.18 -19.83 118.35
C MET WB 377 15.89 -19.36 119.04
N ILE WB 378 15.46 -20.12 120.05
CA ILE WB 378 14.38 -19.72 120.95
C ILE WB 378 14.87 -20.02 122.36
N SER WB 379 15.04 -18.97 123.17
CA SER WB 379 15.77 -19.10 124.42
C SER WB 379 14.97 -18.49 125.56
N ASN WB 380 15.09 -19.11 126.74
CA ASN WB 380 14.51 -18.59 127.96
C ASN WB 380 15.61 -17.88 128.75
N SER WB 381 15.39 -16.57 128.98
CA SER WB 381 16.37 -15.75 129.67
C SER WB 381 15.68 -14.85 130.69
N THR WB 382 16.48 -14.35 131.65
CA THR WB 382 15.98 -13.52 132.73
C THR WB 382 16.01 -12.04 132.36
N ALA WB 383 16.27 -11.76 131.08
CA ALA WB 383 16.23 -10.38 130.59
C ALA WB 383 14.80 -9.86 130.43
N ILE WB 384 13.82 -10.78 130.45
CA ILE WB 384 12.43 -10.40 130.27
C ILE WB 384 11.92 -9.64 131.51
N ALA WB 385 12.67 -9.72 132.61
CA ALA WB 385 12.42 -8.85 133.77
C ALA WB 385 12.51 -7.36 133.39
N GLU WB 386 13.32 -7.04 132.38
CA GLU WB 386 13.37 -5.68 131.84
C GLU WB 386 12.10 -5.37 131.05
N VAL WB 387 11.62 -6.33 130.27
CA VAL WB 387 10.47 -6.13 129.39
C VAL WB 387 9.21 -5.89 130.22
N PHE WB 388 9.14 -6.51 131.41
CA PHE WB 388 7.96 -6.41 132.26
C PHE WB 388 8.02 -5.26 133.26
N SER WB 389 9.20 -4.99 133.85
CA SER WB 389 9.29 -3.92 134.85
C SER WB 389 9.13 -2.55 134.19
N ARG WB 390 9.56 -2.44 132.92
CA ARG WB 390 9.34 -1.28 132.07
C ARG WB 390 7.83 -1.10 131.84
N MET WB 391 7.14 -2.19 131.52
CA MET WB 391 5.73 -2.20 131.15
C MET WB 391 4.86 -1.77 132.34
N ASP WB 392 5.21 -2.28 133.53
CA ASP WB 392 4.50 -1.94 134.76
C ASP WB 392 4.57 -0.44 135.05
N HIS WB 393 5.69 0.16 134.63
CA HIS WB 393 5.90 1.59 134.82
C HIS WB 393 4.98 2.39 133.88
N LYS WB 394 4.70 1.84 132.69
CA LYS WB 394 3.82 2.51 131.72
C LYS WB 394 2.39 2.46 132.22
N PHE WB 395 2.06 1.42 133.00
CA PHE WB 395 0.71 1.22 133.51
C PHE WB 395 0.35 2.26 134.59
N ASP WB 396 1.05 2.18 135.72
CA ASP WB 396 0.66 2.88 136.93
C ASP WB 396 0.78 4.40 136.76
N LEU WB 397 1.73 4.85 135.93
CA LEU WB 397 1.88 6.26 135.60
C LEU WB 397 0.67 6.74 134.78
N MET WB 398 0.13 5.88 133.91
CA MET WB 398 -1.05 6.21 133.13
C MET WB 398 -2.32 5.94 133.93
N TYR WB 399 -2.24 4.99 134.88
CA TYR WB 399 -3.32 4.69 135.82
C TYR WB 399 -3.21 5.57 137.08
N ALA WB 400 -2.31 6.57 137.05
CA ALA WB 400 -2.17 7.48 138.17
C ALA WB 400 -3.48 8.23 138.47
N LYS WB 401 -4.19 8.68 137.44
CA LYS WB 401 -5.41 9.43 137.68
C LYS WB 401 -6.50 8.93 136.73
N ARG WB 402 -6.51 7.61 136.51
CA ARG WB 402 -7.65 6.94 135.90
C ARG WB 402 -7.84 7.40 134.45
N ALA WB 403 -6.72 7.60 133.74
CA ALA WB 403 -6.79 7.94 132.32
C ALA WB 403 -7.38 6.78 131.54
N PHE WB 404 -8.28 7.10 130.60
CA PHE WB 404 -8.90 6.17 129.65
C PHE WB 404 -9.69 5.05 130.33
N VAL WB 405 -10.10 5.25 131.58
CA VAL WB 405 -10.71 4.18 132.35
C VAL WB 405 -12.15 3.96 131.89
N HIS WB 406 -12.84 5.07 131.62
CA HIS WB 406 -14.27 5.05 131.35
C HIS WB 406 -14.56 4.31 130.05
N TRP WB 407 -13.59 4.25 129.13
CA TRP WB 407 -13.73 3.46 127.90
C TRP WB 407 -13.87 1.97 128.23
N TYR WB 408 -13.00 1.48 129.14
CA TYR WB 408 -13.04 0.09 129.54
C TYR WB 408 -14.23 -0.18 130.47
N VAL WB 409 -14.52 0.78 131.36
CA VAL WB 409 -15.60 0.67 132.34
C VAL WB 409 -16.93 0.62 131.60
N GLY WB 410 -17.11 1.54 130.64
CA GLY WB 410 -18.34 1.70 129.87
C GLY WB 410 -18.60 0.52 128.94
N GLU WB 411 -17.55 -0.24 128.60
CA GLU WB 411 -17.68 -1.32 127.63
C GLU WB 411 -18.10 -2.62 128.31
N GLY WB 412 -17.76 -2.77 129.60
CA GLY WB 412 -18.20 -3.99 130.28
C GLY WB 412 -17.35 -4.44 131.47
N MET WB 413 -16.06 -4.06 131.47
CA MET WB 413 -15.13 -4.46 132.51
C MET WB 413 -15.51 -3.85 133.85
N GLU WB 414 -15.11 -4.56 134.92
CA GLU WB 414 -15.28 -4.11 136.28
C GLU WB 414 -14.03 -3.33 136.71
N GLU WB 415 -14.26 -2.08 137.11
CA GLU WB 415 -13.21 -1.23 137.65
C GLU WB 415 -12.68 -1.89 138.93
N GLY WB 416 -11.36 -2.00 139.00
CA GLY WB 416 -10.73 -2.74 140.09
C GLY WB 416 -10.16 -4.09 139.62
N GLU WB 417 -10.64 -4.58 138.47
CA GLU WB 417 -10.04 -5.74 137.85
C GLU WB 417 -8.64 -5.41 137.33
N PHE WB 418 -8.37 -4.13 137.09
CA PHE WB 418 -7.05 -3.66 136.69
C PHE WB 418 -6.04 -3.85 137.84
N SER WB 419 -6.53 -3.93 139.09
CA SER WB 419 -5.66 -4.08 140.25
C SER WB 419 -5.04 -5.48 140.34
N GLU WB 420 -5.90 -6.52 140.28
CA GLU WB 420 -5.36 -7.86 140.45
C GLU WB 420 -4.66 -8.34 139.17
N ALA WB 421 -4.93 -7.66 138.04
CA ALA WB 421 -4.13 -7.86 136.84
C ALA WB 421 -2.69 -7.40 137.11
N ARG WB 422 -2.52 -6.26 137.81
CA ARG WB 422 -1.19 -5.75 138.13
C ARG WB 422 -0.54 -6.60 139.22
N GLU WB 423 -1.31 -6.98 140.24
CA GLU WB 423 -0.83 -7.89 141.29
C GLU WB 423 -0.42 -9.26 140.73
N ASP WB 424 -1.08 -9.69 139.64
CA ASP WB 424 -0.63 -10.86 138.92
C ASP WB 424 0.75 -10.63 138.30
N LEU WB 425 0.90 -9.48 137.60
CA LEU WB 425 2.14 -9.14 136.92
C LEU WB 425 3.23 -8.80 137.93
N ALA WB 426 2.85 -8.44 139.17
CA ALA WB 426 3.82 -8.23 140.24
C ALA WB 426 4.51 -9.55 140.58
N ALA WB 427 3.71 -10.63 140.66
CA ALA WB 427 4.24 -11.95 140.98
C ALA WB 427 5.18 -12.44 139.87
N LEU WB 428 4.82 -12.17 138.61
CA LEU WB 428 5.64 -12.52 137.46
C LEU WB 428 6.91 -11.66 137.44
N GLU WB 429 6.87 -10.50 138.12
CA GLU WB 429 8.05 -9.66 138.22
C GLU WB 429 9.01 -10.25 139.24
N LYS WB 430 8.46 -10.78 140.34
CA LYS WB 430 9.29 -11.18 141.49
C LYS WB 430 9.97 -12.52 141.24
N ASP WB 431 9.30 -13.45 140.54
CA ASP WB 431 9.80 -14.81 140.41
C ASP WB 431 10.99 -14.85 139.44
N TYR WB 432 10.97 -13.98 138.42
CA TYR WB 432 12.15 -13.83 137.58
C TYR WB 432 13.32 -13.31 138.38
N GLU WB 433 13.06 -12.34 139.26
CA GLU WB 433 14.15 -11.80 140.06
C GLU WB 433 14.60 -12.81 141.09
N GLU WB 434 13.66 -13.67 141.55
CA GLU WB 434 13.96 -14.71 142.54
C GLU WB 434 14.82 -15.80 141.91
N VAL WB 435 14.53 -16.13 140.63
CA VAL WB 435 15.22 -17.21 139.94
C VAL WB 435 16.70 -16.86 139.71
N GLY WB 436 16.95 -15.62 139.27
CA GLY WB 436 18.24 -15.19 138.73
C GLY WB 436 19.39 -15.13 139.73
N ILE WB 437 19.10 -15.19 141.03
CA ILE WB 437 20.13 -14.95 142.04
C ILE WB 437 21.07 -16.17 142.16
N MET XB 1 -22.71 -3.46 105.44
CA MET XB 1 -21.34 -3.24 105.96
C MET XB 1 -21.33 -2.02 106.90
N ARG XB 2 -20.53 -1.02 106.56
CA ARG XB 2 -20.34 0.17 107.37
C ARG XB 2 -20.83 1.37 106.58
N GLU XB 3 -21.61 2.24 107.23
CA GLU XB 3 -22.29 3.37 106.59
C GLU XB 3 -22.00 4.61 107.42
N ILE XB 4 -21.81 5.76 106.74
CA ILE XB 4 -21.68 7.06 107.39
C ILE XB 4 -22.69 8.00 106.78
N VAL XB 5 -23.61 8.48 107.62
CA VAL XB 5 -24.68 9.34 107.15
C VAL XB 5 -24.20 10.78 107.27
N HIS XB 6 -24.32 11.51 106.16
CA HIS XB 6 -23.98 12.91 106.18
C HIS XB 6 -25.22 13.77 106.41
N VAL XB 7 -25.08 14.71 107.35
CA VAL XB 7 -26.10 15.70 107.63
C VAL XB 7 -25.44 17.06 107.48
N GLN XB 8 -26.08 17.94 106.70
CA GLN XB 8 -25.54 19.29 106.54
C GLN XB 8 -26.57 20.28 107.07
N GLY XB 9 -26.16 21.07 108.08
CA GLY XB 9 -27.03 22.05 108.71
C GLY XB 9 -26.47 23.46 108.58
N GLY XB 10 -27.36 24.44 108.44
CA GLY XB 10 -26.98 25.83 108.37
C GLY XB 10 -26.48 26.25 106.98
N GLN XB 11 -26.12 27.52 106.90
CA GLN XB 11 -25.68 28.07 105.63
C GLN XB 11 -24.26 27.61 105.31
N CYS XB 12 -23.43 27.66 106.35
CA CYS XB 12 -22.02 27.33 106.26
C CYS XB 12 -21.86 25.84 105.96
N GLY XB 13 -22.62 25.01 106.67
CA GLY XB 13 -22.59 23.57 106.50
C GLY XB 13 -22.98 23.13 105.07
N ASN XB 14 -24.03 23.76 104.57
CA ASN XB 14 -24.54 23.40 103.25
C ASN XB 14 -23.56 23.83 102.16
N GLN XB 15 -22.88 24.98 102.38
CA GLN XB 15 -21.87 25.43 101.42
C GLN XB 15 -20.65 24.50 101.51
N ILE XB 16 -20.24 24.20 102.75
CA ILE XB 16 -19.02 23.45 102.92
C ILE XB 16 -19.20 21.99 102.47
N GLY XB 17 -20.43 21.51 102.58
CA GLY XB 17 -20.70 20.12 102.19
C GLY XB 17 -20.76 19.91 100.68
N ALA XB 18 -21.24 20.92 99.95
CA ALA XB 18 -21.40 20.80 98.51
C ALA XB 18 -20.04 20.68 97.81
N LYS XB 19 -19.03 21.24 98.48
CA LYS XB 19 -17.66 21.12 97.98
C LYS XB 19 -17.04 19.79 98.43
N PHE XB 20 -17.51 19.28 99.57
CA PHE XB 20 -17.01 18.03 100.08
C PHE XB 20 -17.43 16.86 99.19
N TRP XB 21 -18.69 16.89 98.75
CA TRP XB 21 -19.19 15.81 97.93
C TRP XB 21 -18.54 15.82 96.55
N GLU XB 22 -17.98 16.98 96.17
CA GLU XB 22 -17.23 17.06 94.93
C GLU XB 22 -15.88 16.35 95.07
N VAL XB 23 -15.25 16.48 96.26
CA VAL XB 23 -13.94 15.88 96.49
C VAL XB 23 -14.06 14.35 96.59
N ILE XB 24 -15.10 13.87 97.27
CA ILE XB 24 -15.32 12.44 97.38
C ILE XB 24 -15.68 11.80 96.03
N SER XB 25 -16.52 12.49 95.25
CA SER XB 25 -17.01 11.95 93.98
C SER XB 25 -15.88 11.71 92.99
N ASP XB 26 -14.93 12.66 92.92
CA ASP XB 26 -13.85 12.51 91.96
C ASP XB 26 -12.68 11.74 92.56
N GLU XB 27 -12.65 11.57 93.89
CA GLU XB 27 -11.70 10.63 94.47
C GLU XB 27 -12.09 9.20 94.09
N HIS XB 28 -13.41 8.95 94.05
CA HIS XB 28 -13.93 7.68 93.58
C HIS XB 28 -14.17 7.67 92.06
N GLY XB 29 -14.12 8.85 91.42
CA GLY XB 29 -14.37 8.90 89.98
C GLY XB 29 -15.83 8.62 89.62
N ILE XB 30 -16.66 9.58 90.00
CA ILE XB 30 -18.07 9.50 89.68
C ILE XB 30 -18.48 10.77 88.94
N ASP XB 31 -19.01 10.55 87.74
CA ASP XB 31 -19.61 11.58 86.90
C ASP XB 31 -20.68 12.29 87.71
N PRO XB 32 -20.72 13.65 87.75
CA PRO XB 32 -21.76 14.38 88.47
C PRO XB 32 -23.21 13.98 88.22
N THR XB 33 -23.48 13.34 87.10
CA THR XB 33 -24.78 12.74 86.87
C THR XB 33 -25.01 11.52 87.75
N GLY XB 34 -23.94 10.97 88.35
CA GLY XB 34 -24.10 9.87 89.29
C GLY XB 34 -23.49 8.56 88.80
N THR XB 35 -23.24 8.43 87.50
CA THR XB 35 -22.77 7.16 86.96
C THR XB 35 -21.30 6.92 87.31
N TYR XB 36 -20.83 5.71 86.98
CA TYR XB 36 -19.47 5.31 87.30
C TYR XB 36 -18.67 5.25 86.01
N CYS XB 37 -17.47 5.87 86.08
CA CYS XB 37 -16.33 5.54 85.23
C CYS XB 37 -15.04 5.93 85.96
N GLY XB 38 -14.05 5.08 85.71
CA GLY XB 38 -12.69 5.26 86.22
C GLY XB 38 -11.89 3.96 86.32
N ASP XB 39 -12.56 2.78 86.26
CA ASP XB 39 -11.92 1.49 86.05
C ASP XB 39 -10.91 1.16 87.15
N SER XB 40 -11.42 0.89 88.36
CA SER XB 40 -10.64 0.26 89.41
C SER XB 40 -11.55 -0.40 90.43
N ASP XB 41 -11.22 -1.64 90.78
CA ASP XB 41 -11.88 -2.38 91.83
C ASP XB 41 -11.55 -1.76 93.20
N LEU XB 42 -10.34 -1.21 93.38
CA LEU XB 42 -9.94 -0.87 94.73
C LEU XB 42 -10.50 0.47 95.20
N GLN XB 43 -10.98 1.31 94.26
CA GLN XB 43 -11.65 2.56 94.58
C GLN XB 43 -13.15 2.36 94.75
N LEU XB 44 -13.61 1.12 94.51
CA LEU XB 44 -15.01 0.78 94.31
C LEU XB 44 -15.51 -0.23 95.35
N GLU XB 45 -14.61 -1.10 95.84
CA GLU XB 45 -14.91 -2.18 96.77
C GLU XB 45 -15.52 -1.64 98.07
N ARG XB 46 -15.12 -0.43 98.44
CA ARG XB 46 -15.75 0.23 99.57
C ARG XB 46 -16.42 1.51 99.08
N ILE XB 47 -17.63 1.34 98.52
CA ILE XB 47 -18.40 2.47 98.02
C ILE XB 47 -19.71 2.65 98.78
N ASN XB 48 -20.17 1.58 99.44
CA ASN XB 48 -21.37 1.61 100.24
C ASN XB 48 -21.18 2.44 101.50
N VAL XB 49 -19.94 2.87 101.79
CA VAL XB 49 -19.62 3.67 102.95
C VAL XB 49 -20.27 5.06 102.86
N PHE XB 50 -20.61 5.52 101.65
CA PHE XB 50 -21.23 6.82 101.51
C PHE XB 50 -22.40 6.84 100.54
N TYR XB 51 -22.51 5.83 99.67
CA TYR XB 51 -23.41 5.91 98.53
C TYR XB 51 -24.34 4.72 98.47
N ASN XB 52 -25.38 4.87 97.66
CA ASN XB 52 -26.40 3.84 97.51
C ASN XB 52 -26.70 3.68 96.03
N GLU XB 53 -26.67 2.42 95.56
CA GLU XB 53 -26.98 2.08 94.18
C GLU XB 53 -28.48 2.27 93.94
N ALA XB 54 -28.83 2.68 92.71
CA ALA XB 54 -30.19 3.00 92.31
C ALA XB 54 -30.42 2.50 90.87
N THR XB 55 -29.88 1.31 90.52
CA THR XB 55 -30.32 0.43 89.43
C THR XB 55 -30.09 0.95 88.01
N GLY XB 56 -29.58 2.17 87.87
CA GLY XB 56 -29.07 2.69 86.61
C GLY XB 56 -27.54 2.87 86.60
N GLY XB 57 -26.86 2.12 87.47
CA GLY XB 57 -25.45 2.29 87.74
C GLY XB 57 -25.19 3.35 88.82
N ARG XB 58 -26.20 4.16 89.13
CA ARG XB 58 -25.98 5.44 89.76
C ARG XB 58 -25.85 5.29 91.26
N PHE XB 59 -25.24 6.31 91.88
CA PHE XB 59 -25.07 6.44 93.31
C PHE XB 59 -25.74 7.75 93.73
N VAL XB 60 -26.67 7.64 94.68
CA VAL XB 60 -27.19 8.79 95.38
C VAL XB 60 -26.53 8.80 96.75
N PRO XB 61 -25.94 9.94 97.18
CA PRO XB 61 -25.21 9.97 98.45
C PRO XB 61 -26.15 9.86 99.64
N ARG XB 62 -25.67 9.29 100.73
CA ARG XB 62 -26.42 9.22 101.98
C ARG XB 62 -26.27 10.55 102.71
N ALA XB 63 -26.65 11.62 102.03
CA ALA XB 63 -26.57 12.97 102.57
C ALA XB 63 -27.98 13.52 102.69
N ILE XB 64 -28.23 14.17 103.84
CA ILE XB 64 -29.46 14.92 104.08
C ILE XB 64 -29.09 16.39 104.23
N LEU XB 65 -29.87 17.25 103.56
CA LEU XB 65 -29.64 18.68 103.61
C LEU XB 65 -30.75 19.35 104.39
N MET XB 66 -30.37 20.13 105.40
CA MET XB 66 -31.37 20.77 106.25
C MET XB 66 -31.00 22.24 106.42
N ASP XB 67 -32.06 23.06 106.42
CA ASP XB 67 -31.94 24.47 106.71
C ASP XB 67 -33.35 25.02 106.94
N LEU XB 68 -33.41 26.10 107.71
CA LEU XB 68 -34.67 26.73 108.04
C LEU XB 68 -35.08 27.82 107.06
N GLU XB 69 -34.21 28.14 106.10
CA GLU XB 69 -34.59 28.99 104.98
C GLU XB 69 -34.17 28.31 103.69
N PRO XB 70 -35.00 28.36 102.61
CA PRO XB 70 -34.70 27.59 101.41
C PRO XB 70 -33.69 28.24 100.49
N GLY XB 71 -33.04 29.32 100.96
CA GLY XB 71 -32.12 30.14 100.17
C GLY XB 71 -30.88 29.36 99.71
N THR XB 72 -30.25 28.66 100.63
CA THR XB 72 -28.95 28.08 100.33
C THR XB 72 -29.07 26.62 99.87
N MET XB 73 -30.26 26.04 100.01
CA MET XB 73 -30.50 24.69 99.54
C MET XB 73 -30.77 24.66 98.03
N ASP XB 74 -31.22 25.77 97.47
CA ASP XB 74 -31.26 25.86 96.02
C ASP XB 74 -29.88 26.23 95.48
N SER XB 75 -29.03 26.80 96.35
CA SER XB 75 -27.67 27.14 95.97
C SER XB 75 -26.89 25.87 95.62
N VAL XB 76 -27.00 24.84 96.46
CA VAL XB 76 -26.36 23.57 96.18
C VAL XB 76 -27.06 22.84 95.04
N ARG XB 77 -28.36 23.07 94.86
CA ARG XB 77 -29.12 22.41 93.81
C ARG XB 77 -28.67 22.92 92.44
N ALA XB 78 -28.61 24.26 92.28
CA ALA XB 78 -28.30 24.85 90.98
C ALA XB 78 -26.81 24.72 90.67
N GLY XB 79 -25.99 24.62 91.72
CA GLY XB 79 -24.54 24.68 91.55
C GLY XB 79 -23.95 23.33 91.16
N PRO XB 80 -22.65 23.10 91.45
CA PRO XB 80 -21.95 21.91 90.97
C PRO XB 80 -22.43 20.68 91.72
N PHE XB 81 -22.57 19.54 91.02
CA PHE XB 81 -22.97 18.27 91.59
C PHE XB 81 -24.30 18.37 92.34
N GLY XB 82 -25.22 19.13 91.74
CA GLY XB 82 -26.55 19.33 92.27
C GLY XB 82 -27.52 18.24 91.81
N GLN XB 83 -27.21 17.61 90.66
CA GLN XB 83 -28.00 16.55 90.06
C GLN XB 83 -27.88 15.26 90.91
N LEU XB 84 -26.87 15.20 91.80
CA LEU XB 84 -26.51 13.95 92.45
C LEU XB 84 -27.43 13.66 93.62
N PHE XB 85 -27.80 14.75 94.32
CA PHE XB 85 -28.59 14.63 95.54
C PHE XB 85 -30.02 14.23 95.20
N ARG XB 86 -30.67 13.69 96.23
CA ARG XB 86 -32.03 13.21 96.13
C ARG XB 86 -32.96 14.37 96.48
N PRO XB 87 -34.06 14.58 95.72
CA PRO XB 87 -35.01 15.66 96.02
C PRO XB 87 -35.77 15.44 97.34
N ASP XB 88 -35.98 14.16 97.68
CA ASP XB 88 -36.58 13.80 98.95
C ASP XB 88 -35.65 14.11 100.12
N ASN XB 89 -34.34 14.14 99.86
CA ASN XB 89 -33.33 14.40 100.88
C ASN XB 89 -33.34 15.85 101.35
N PHE XB 90 -33.83 16.75 100.50
CA PHE XB 90 -33.96 18.14 100.91
C PHE XB 90 -35.10 18.28 101.92
N VAL XB 91 -34.85 19.02 103.00
CA VAL XB 91 -35.91 19.42 103.92
C VAL XB 91 -35.85 20.93 104.13
N PHE XB 92 -36.99 21.60 103.89
CA PHE XB 92 -37.08 23.05 103.85
C PHE XB 92 -37.73 23.58 105.13
N GLY XB 93 -37.20 24.71 105.63
CA GLY XB 93 -37.97 25.66 106.42
C GLY XB 93 -38.25 26.89 105.56
N GLN XB 94 -39.44 27.49 105.65
CA GLN XB 94 -39.76 28.65 104.81
C GLN XB 94 -39.54 30.00 105.53
N THR XB 95 -39.06 29.93 106.76
CA THR XB 95 -39.06 31.09 107.66
C THR XB 95 -37.67 31.64 107.94
N GLY XB 96 -36.76 30.79 108.47
CA GLY XB 96 -35.38 31.21 108.63
C GLY XB 96 -35.04 31.62 110.06
N ALA XB 97 -34.17 30.87 110.73
CA ALA XB 97 -33.70 31.24 112.06
C ALA XB 97 -32.66 32.34 111.93
N GLY XB 98 -33.09 33.58 112.21
CA GLY XB 98 -32.29 34.75 111.92
C GLY XB 98 -31.22 34.93 113.00
N ASN XB 99 -30.23 34.03 112.98
CA ASN XB 99 -29.09 34.07 113.88
C ASN XB 99 -29.54 34.03 115.35
N ASN XB 100 -30.67 33.37 115.60
CA ASN XB 100 -31.25 33.28 116.92
C ASN XB 100 -31.24 31.81 117.34
N TRP XB 101 -30.43 31.52 118.35
CA TRP XB 101 -30.29 30.16 118.84
C TRP XB 101 -31.61 29.64 119.41
N ALA XB 102 -32.40 30.54 120.02
CA ALA XB 102 -33.65 30.18 120.67
C ALA XB 102 -34.62 29.56 119.66
N LYS XB 103 -34.76 30.24 118.51
CA LYS XB 103 -35.70 29.71 117.53
C LYS XB 103 -35.07 28.61 116.70
N GLY XB 104 -33.72 28.55 116.68
CA GLY XB 104 -33.06 27.40 116.11
C GLY XB 104 -33.41 26.13 116.90
N HIS XB 105 -33.46 26.27 118.23
CA HIS XB 105 -33.65 25.13 119.10
C HIS XB 105 -35.12 24.93 119.46
N TYR XB 106 -35.71 25.83 120.25
CA TYR XB 106 -36.96 25.48 120.93
C TYR XB 106 -38.18 25.71 120.07
N THR XB 107 -38.42 26.97 119.73
CA THR XB 107 -39.70 27.37 119.16
C THR XB 107 -39.78 26.96 117.68
N GLU XB 108 -38.94 27.56 116.83
CA GLU XB 108 -39.16 27.43 115.39
C GLU XB 108 -38.69 26.06 114.92
N GLY XB 109 -37.64 25.53 115.55
CA GLY XB 109 -37.02 24.29 115.08
C GLY XB 109 -37.85 23.04 115.37
N ALA XB 110 -38.71 23.10 116.42
CA ALA XB 110 -39.36 21.92 116.96
C ALA XB 110 -40.33 21.31 115.94
N GLU XB 111 -40.93 22.14 115.07
CA GLU XB 111 -41.90 21.64 114.10
C GLU XB 111 -41.25 21.17 112.80
N LEU XB 112 -39.91 21.18 112.75
CA LEU XB 112 -39.23 20.69 111.57
C LEU XB 112 -38.40 19.44 111.87
N ILE XB 113 -38.20 19.17 113.16
CA ILE XB 113 -37.50 17.96 113.61
C ILE XB 113 -38.32 16.71 113.26
N ASP XB 114 -39.65 16.87 113.28
CA ASP XB 114 -40.59 15.81 112.95
C ASP XB 114 -40.47 15.35 111.49
N SER XB 115 -39.73 16.12 110.66
CA SER XB 115 -39.49 15.77 109.27
C SER XB 115 -38.06 15.31 109.04
N VAL XB 116 -37.10 15.99 109.67
CA VAL XB 116 -35.69 15.70 109.42
C VAL XB 116 -35.29 14.35 110.03
N LEU XB 117 -35.91 13.98 111.14
CA LEU XB 117 -35.67 12.66 111.69
C LEU XB 117 -36.31 11.57 110.82
N ASP XB 118 -37.37 11.88 110.05
CA ASP XB 118 -38.02 10.90 109.17
C ASP XB 118 -37.02 10.39 108.15
N VAL XB 119 -36.29 11.33 107.50
CA VAL XB 119 -35.47 10.92 106.37
C VAL XB 119 -34.23 10.21 106.90
N VAL XB 120 -33.69 10.74 108.02
CA VAL XB 120 -32.47 10.18 108.59
C VAL XB 120 -32.64 8.72 109.02
N ARG XB 121 -33.75 8.38 109.67
CA ARG XB 121 -33.91 6.99 110.06
C ARG XB 121 -34.33 6.14 108.87
N LYS XB 122 -34.94 6.75 107.84
CA LYS XB 122 -35.30 6.00 106.65
C LYS XB 122 -34.03 5.51 105.94
N GLU XB 123 -32.99 6.35 105.94
CA GLU XB 123 -31.69 5.97 105.40
C GLU XB 123 -30.95 5.06 106.37
N ALA XB 124 -31.21 5.21 107.69
CA ALA XB 124 -30.47 4.50 108.73
C ALA XB 124 -30.79 3.01 108.72
N GLU XB 125 -32.08 2.65 108.70
CA GLU XB 125 -32.47 1.26 108.85
C GLU XB 125 -32.34 0.46 107.56
N GLY XB 126 -32.11 1.14 106.42
CA GLY XB 126 -31.97 0.49 105.12
C GLY XB 126 -30.77 -0.47 105.02
N CYS XB 127 -29.70 -0.16 105.76
CA CYS XB 127 -28.50 -0.98 105.73
C CYS XB 127 -28.59 -2.07 106.78
N ASP XB 128 -27.48 -2.77 106.98
CA ASP XB 128 -27.37 -3.84 107.94
C ASP XB 128 -27.13 -3.27 109.34
N CYS XB 129 -26.06 -2.47 109.48
CA CYS XB 129 -25.63 -1.92 110.76
C CYS XB 129 -24.82 -0.67 110.47
N LEU XB 130 -25.30 0.46 111.01
CA LEU XB 130 -24.72 1.77 110.74
C LEU XB 130 -23.42 1.89 111.52
N GLN XB 131 -22.51 2.77 111.09
CA GLN XB 131 -21.27 2.96 111.81
C GLN XB 131 -21.22 4.31 112.53
N GLY XB 132 -21.53 5.41 111.83
CA GLY XB 132 -21.50 6.73 112.45
C GLY XB 132 -22.18 7.81 111.60
N PHE XB 133 -22.13 9.05 112.10
CA PHE XB 133 -22.62 10.20 111.36
C PHE XB 133 -21.54 11.26 111.33
N GLN XB 134 -21.71 12.16 110.38
CA GLN XB 134 -20.90 13.35 110.36
C GLN XB 134 -21.78 14.53 109.99
N ILE XB 135 -21.58 15.65 110.70
CA ILE XB 135 -22.44 16.82 110.57
C ILE XB 135 -21.57 18.06 110.37
N THR XB 136 -21.92 18.86 109.36
CA THR XB 136 -21.21 20.12 109.12
C THR XB 136 -22.11 21.27 109.52
N HIS XB 137 -21.69 22.04 110.53
CA HIS XB 137 -22.40 23.24 110.95
C HIS XB 137 -21.41 24.32 111.38
N SER XB 138 -21.85 25.58 111.42
CA SER XB 138 -21.06 26.68 111.97
C SER XB 138 -21.71 27.15 113.28
N LEU XB 139 -20.90 27.46 114.28
CA LEU XB 139 -21.45 27.78 115.59
C LEU XB 139 -21.60 29.27 115.80
N GLY XB 140 -21.74 30.01 114.68
CA GLY XB 140 -21.99 31.44 114.69
C GLY XB 140 -23.47 31.77 114.54
N GLY XB 141 -24.03 31.20 113.46
CA GLY XB 141 -25.39 31.36 112.95
C GLY XB 141 -26.46 30.78 113.90
N GLY XB 142 -27.67 30.71 113.34
CA GLY XB 142 -28.81 30.27 114.13
C GLY XB 142 -29.25 28.89 113.69
N THR XB 143 -29.32 28.70 112.37
CA THR XB 143 -29.88 27.48 111.83
C THR XB 143 -28.83 26.37 111.79
N GLY XB 144 -27.59 26.70 112.18
CA GLY XB 144 -26.55 25.69 112.31
C GLY XB 144 -26.22 25.42 113.78
N SER XB 145 -26.12 26.50 114.58
CA SER XB 145 -25.65 26.41 115.95
C SER XB 145 -26.71 25.88 116.91
N GLY XB 146 -27.98 26.20 116.65
CA GLY XB 146 -29.07 25.76 117.51
C GLY XB 146 -29.93 24.69 116.83
N MET XB 147 -30.20 24.90 115.54
CA MET XB 147 -31.02 24.00 114.76
C MET XB 147 -30.23 22.72 114.50
N GLY XB 148 -28.90 22.80 114.57
CA GLY XB 148 -28.03 21.66 114.37
C GLY XB 148 -27.86 20.86 115.67
N THR XB 149 -27.66 21.58 116.78
CA THR XB 149 -27.38 20.94 118.05
C THR XB 149 -28.62 20.21 118.60
N LEU XB 150 -29.82 20.55 118.10
CA LEU XB 150 -30.99 19.77 118.50
C LEU XB 150 -31.02 18.43 117.75
N LEU XB 151 -30.65 18.46 116.46
CA LEU XB 151 -30.59 17.23 115.70
C LEU XB 151 -29.50 16.32 116.22
N ILE XB 152 -28.46 16.92 116.81
CA ILE XB 152 -27.43 16.17 117.50
C ILE XB 152 -28.03 15.42 118.68
N SER XB 153 -28.86 16.10 119.48
CA SER XB 153 -29.39 15.52 120.71
C SER XB 153 -30.43 14.43 120.41
N LYS XB 154 -31.21 14.59 119.33
CA LYS XB 154 -32.25 13.64 119.01
C LYS XB 154 -31.72 12.32 118.45
N VAL XB 155 -30.76 12.35 117.54
CA VAL XB 155 -30.30 11.11 116.92
C VAL XB 155 -29.37 10.37 117.89
N ARG XB 156 -28.82 11.07 118.89
CA ARG XB 156 -27.93 10.46 119.87
C ARG XB 156 -28.71 9.52 120.79
N GLU XB 157 -29.87 9.96 121.27
CA GLU XB 157 -30.70 9.16 122.16
C GLU XB 157 -31.37 8.00 121.42
N GLU XB 158 -31.64 8.16 120.10
CA GLU XB 158 -32.26 7.09 119.34
C GLU XB 158 -31.28 5.94 119.13
N TYR XB 159 -30.05 6.29 118.74
CA TYR XB 159 -29.01 5.31 118.45
C TYR XB 159 -27.80 5.61 119.33
N PRO XB 160 -27.80 5.20 120.62
CA PRO XB 160 -26.71 5.57 121.52
C PRO XB 160 -25.40 4.80 121.34
N ASP XB 161 -25.41 3.74 120.55
CA ASP XB 161 -24.25 2.88 120.37
C ASP XB 161 -23.52 3.16 119.05
N ARG XB 162 -23.76 4.34 118.47
CA ARG XB 162 -23.06 4.79 117.28
C ARG XB 162 -22.30 6.07 117.64
N ILE XB 163 -21.57 6.63 116.66
CA ILE XB 163 -20.74 7.81 116.91
C ILE XB 163 -21.07 8.91 115.92
N MET XB 164 -20.48 10.09 116.14
CA MET XB 164 -20.71 11.24 115.30
C MET XB 164 -19.53 12.21 115.45
N GLU XB 165 -19.18 12.83 114.34
CA GLU XB 165 -18.13 13.83 114.34
C GLU XB 165 -18.62 15.09 113.61
N THR XB 166 -18.50 16.23 114.29
CA THR XB 166 -19.05 17.48 113.79
C THR XB 166 -17.93 18.42 113.41
N PHE XB 167 -17.93 18.86 112.15
CA PHE XB 167 -16.96 19.84 111.70
C PHE XB 167 -17.53 21.25 111.90
N SER XB 168 -17.03 21.95 112.94
CA SER XB 168 -17.65 23.17 113.45
C SER XB 168 -16.76 24.39 113.28
N VAL XB 169 -17.33 25.47 112.73
CA VAL XB 169 -16.63 26.74 112.57
C VAL XB 169 -16.98 27.68 113.70
N PHE XB 170 -15.95 28.17 114.40
CA PHE XB 170 -16.13 29.07 115.52
C PHE XB 170 -15.87 30.52 115.11
N PRO XB 171 -16.19 31.44 116.03
CA PRO XB 171 -15.63 32.80 116.05
C PRO XB 171 -14.13 32.96 115.84
N SER XB 172 -13.73 34.23 115.64
CA SER XB 172 -12.44 34.71 115.18
C SER XB 172 -11.83 35.68 116.17
N PRO XB 173 -10.48 35.79 116.27
CA PRO XB 173 -9.87 36.81 117.13
C PRO XB 173 -10.23 38.25 116.79
N LYS XB 174 -9.91 38.67 115.57
CA LYS XB 174 -9.94 40.11 115.25
C LYS XB 174 -11.24 40.49 114.55
N VAL XB 175 -11.47 39.95 113.35
CA VAL XB 175 -12.67 40.28 112.60
C VAL XB 175 -13.87 39.54 113.22
N SER XB 176 -15.08 40.07 113.09
CA SER XB 176 -16.22 39.47 113.80
C SER XB 176 -17.51 39.50 112.99
N ASP XB 177 -17.82 38.36 112.38
CA ASP XB 177 -19.11 38.14 111.74
C ASP XB 177 -20.16 38.00 112.84
N THR XB 178 -21.45 38.27 112.53
CA THR XB 178 -22.60 37.90 113.35
C THR XB 178 -22.44 38.45 114.77
N VAL XB 179 -22.66 39.76 114.95
CA VAL XB 179 -22.32 40.47 116.17
C VAL XB 179 -22.92 39.82 117.42
N VAL XB 180 -24.08 39.16 117.32
CA VAL XB 180 -24.47 38.23 118.38
C VAL XB 180 -23.80 36.86 118.15
N GLU XB 181 -22.48 36.92 118.39
CA GLU XB 181 -21.55 35.82 118.22
C GLU XB 181 -21.49 35.00 119.51
N PRO XB 182 -21.24 35.60 120.70
CA PRO XB 182 -20.87 34.76 121.84
C PRO XB 182 -22.06 34.01 122.46
N TYR XB 183 -23.27 34.52 122.18
CA TYR XB 183 -24.50 33.89 122.63
C TYR XB 183 -24.70 32.55 121.93
N ASN XB 184 -24.52 32.50 120.61
CA ASN XB 184 -24.81 31.29 119.85
C ASN XB 184 -23.72 30.24 120.08
N ALA XB 185 -22.47 30.69 120.31
CA ALA XB 185 -21.37 29.75 120.47
C ALA XB 185 -21.45 29.05 121.83
N THR XB 186 -21.58 29.85 122.90
CA THR XB 186 -21.54 29.32 124.26
C THR XB 186 -22.75 28.43 124.52
N LEU XB 187 -23.90 28.79 123.96
CA LEU XB 187 -25.10 27.98 124.15
C LEU XB 187 -24.96 26.64 123.43
N SER XB 188 -24.08 26.63 122.40
CA SER XB 188 -23.93 25.41 121.61
C SER XB 188 -22.82 24.51 122.14
N VAL XB 189 -21.77 25.12 122.71
CA VAL XB 189 -20.66 24.34 123.25
C VAL XB 189 -21.16 23.46 124.42
N HIS XB 190 -21.98 24.02 125.31
CA HIS XB 190 -22.42 23.28 126.48
C HIS XB 190 -23.46 22.22 126.12
N GLN XB 191 -23.98 22.28 124.91
CA GLN XB 191 -24.83 21.20 124.40
C GLN XB 191 -23.99 20.20 123.60
N LEU XB 192 -22.91 20.67 122.95
CA LEU XB 192 -22.15 19.85 122.03
C LEU XB 192 -21.19 18.94 122.80
N VAL XB 193 -20.82 19.39 124.01
CA VAL XB 193 -19.96 18.62 124.89
C VAL XB 193 -20.72 17.48 125.55
N GLU XB 194 -22.06 17.57 125.53
CA GLU XB 194 -22.90 16.60 126.20
C GLU XB 194 -23.40 15.51 125.27
N ASN XB 195 -23.45 15.78 123.95
CA ASN XB 195 -24.12 14.86 123.03
C ASN XB 195 -23.27 14.40 121.83
N ALA XB 196 -22.00 14.81 121.73
CA ALA XB 196 -21.18 14.53 120.54
C ALA XB 196 -19.79 14.04 120.92
N ASP XB 197 -19.24 13.15 120.08
CA ASP XB 197 -18.07 12.38 120.46
C ASP XB 197 -16.79 13.08 120.04
N GLU XB 198 -16.83 13.71 118.88
CA GLU XB 198 -15.62 14.32 118.32
C GLU XB 198 -16.03 15.56 117.56
N VAL XB 199 -15.25 16.63 117.73
CA VAL XB 199 -15.53 17.89 117.07
C VAL XB 199 -14.22 18.46 116.53
N GLN XB 200 -14.18 18.62 115.20
CA GLN XB 200 -13.04 19.24 114.55
C GLN XB 200 -13.29 20.75 114.48
N VAL XB 201 -12.43 21.53 115.12
CA VAL XB 201 -12.59 22.96 115.12
C VAL XB 201 -12.02 23.49 113.81
N ILE XB 202 -12.65 24.55 113.29
CA ILE XB 202 -12.17 25.31 112.15
C ILE XB 202 -12.38 26.79 112.47
N ASP XB 203 -11.38 27.63 112.17
CA ASP XB 203 -11.53 29.07 112.23
C ASP XB 203 -11.33 29.63 110.84
N ASN XB 204 -12.02 30.75 110.52
CA ASN XB 204 -11.91 31.36 109.20
C ASN XB 204 -10.50 31.94 108.99
N GLU XB 205 -9.80 32.31 110.08
CA GLU XB 205 -8.71 33.27 109.96
C GLU XB 205 -7.32 32.66 110.08
N ALA XB 206 -7.24 31.50 110.71
CA ALA XB 206 -6.08 30.67 110.45
C ALA XB 206 -6.21 30.16 109.01
N LEU XB 207 -7.47 29.98 108.57
CA LEU XB 207 -7.78 29.52 107.22
C LEU XB 207 -7.61 30.65 106.20
N TYR XB 208 -7.80 31.90 106.63
CA TYR XB 208 -7.46 33.04 105.79
C TYR XB 208 -5.95 33.23 105.74
N ASP XB 209 -5.28 32.90 106.82
CA ASP XB 209 -3.83 33.04 106.88
C ASP XB 209 -3.13 32.10 105.90
N ILE XB 210 -3.62 30.87 105.81
CA ILE XB 210 -3.03 29.82 104.98
C ILE XB 210 -3.07 30.18 103.50
N CYS XB 211 -4.23 30.64 103.02
CA CYS XB 211 -4.39 30.98 101.62
C CYS XB 211 -3.66 32.29 101.28
N PHE XB 212 -3.45 33.18 102.26
CA PHE XB 212 -2.63 34.37 102.02
C PHE XB 212 -1.17 34.00 101.84
N ARG XB 213 -0.64 33.15 102.73
CA ARG XB 213 0.78 32.80 102.80
C ARG XB 213 1.15 31.65 101.85
N THR XB 214 0.63 30.45 102.12
CA THR XB 214 1.10 29.22 101.51
C THR XB 214 0.61 29.15 100.07
N LEU XB 215 -0.72 29.25 99.89
CA LEU XB 215 -1.28 29.16 98.54
C LEU XB 215 -0.91 30.37 97.69
N LYS XB 216 -0.71 31.52 98.34
CA LYS XB 216 -0.39 32.79 97.69
C LYS XB 216 -1.50 33.26 96.75
N LEU XB 217 -2.74 33.31 97.26
CA LEU XB 217 -3.90 33.73 96.48
C LEU XB 217 -4.49 34.99 97.12
N THR XB 218 -4.60 36.03 96.30
CA THR XB 218 -4.76 37.39 96.81
C THR XB 218 -6.18 37.64 97.33
N THR XB 219 -7.19 37.17 96.58
CA THR XB 219 -8.59 37.49 96.92
C THR XB 219 -9.37 36.19 97.05
N PRO XB 220 -9.35 35.55 98.25
CA PRO XB 220 -9.83 34.18 98.40
C PRO XB 220 -11.33 34.05 98.63
N THR XB 221 -11.98 33.41 97.66
CA THR XB 221 -13.41 33.10 97.69
C THR XB 221 -13.69 31.91 98.62
N TYR XB 222 -14.99 31.73 98.91
CA TYR XB 222 -15.54 30.58 99.60
C TYR XB 222 -15.18 29.25 98.92
N GLY XB 223 -15.12 29.21 97.59
CA GLY XB 223 -14.99 27.93 96.89
C GLY XB 223 -13.62 27.31 97.15
N ASP XB 224 -12.58 28.16 97.08
CA ASP XB 224 -11.23 27.64 97.23
C ASP XB 224 -10.92 27.33 98.69
N LEU XB 225 -11.57 28.04 99.61
CA LEU XB 225 -11.35 27.80 101.03
C LEU XB 225 -12.06 26.53 101.50
N ASN XB 226 -13.24 26.27 100.99
CA ASN XB 226 -13.95 25.04 101.34
C ASN XB 226 -13.26 23.84 100.74
N HIS XB 227 -12.51 24.05 99.65
CA HIS XB 227 -11.79 22.97 98.97
C HIS XB 227 -10.63 22.50 99.85
N LEU XB 228 -10.22 23.36 100.79
CA LEU XB 228 -9.12 23.10 101.72
C LEU XB 228 -9.64 22.40 102.98
N VAL XB 229 -10.90 22.63 103.36
CA VAL XB 229 -11.47 21.88 104.47
C VAL XB 229 -11.86 20.51 103.95
N SER XB 230 -12.43 20.47 102.73
CA SER XB 230 -13.00 19.25 102.18
C SER XB 230 -11.93 18.19 101.95
N ALA XB 231 -10.69 18.62 101.64
CA ALA XB 231 -9.61 17.65 101.50
C ALA XB 231 -9.23 17.05 102.85
N ALA XB 232 -9.22 17.87 103.91
CA ALA XB 232 -8.91 17.37 105.26
C ALA XB 232 -10.02 16.46 105.76
N MET XB 233 -11.27 16.88 105.53
CA MET XB 233 -12.44 16.16 105.97
C MET XB 233 -12.68 14.93 105.07
N SER XB 234 -11.98 14.85 103.93
CA SER XB 234 -11.86 13.59 103.16
C SER XB 234 -10.71 12.74 103.68
N GLY XB 235 -9.65 13.39 104.18
CA GLY XB 235 -8.45 12.68 104.59
C GLY XB 235 -8.66 11.87 105.88
N VAL XB 236 -9.52 12.37 106.78
CA VAL XB 236 -9.71 11.75 108.08
C VAL XB 236 -10.47 10.41 107.92
N THR XB 237 -11.16 10.26 106.78
CA THR XB 237 -12.02 9.12 106.53
C THR XB 237 -11.53 8.33 105.32
N CYS XB 238 -10.24 8.44 104.97
CA CYS XB 238 -9.68 7.67 103.87
C CYS XB 238 -9.70 6.19 104.20
N CYS XB 239 -9.34 5.89 105.46
CA CYS XB 239 -8.99 4.54 105.86
C CYS XB 239 -10.20 3.62 105.87
N LEU XB 240 -11.40 4.19 106.02
CA LEU XB 240 -12.61 3.40 105.92
C LEU XB 240 -12.80 2.89 104.49
N ARG XB 241 -12.25 3.62 103.53
CA ARG XB 241 -12.57 3.40 102.12
C ARG XB 241 -11.47 2.62 101.41
N PHE XB 242 -10.23 2.88 101.84
CA PHE XB 242 -9.10 2.31 101.13
C PHE XB 242 -8.28 1.49 102.12
N PRO XB 243 -7.71 0.35 101.69
CA PRO XB 243 -6.85 -0.43 102.58
C PRO XB 243 -5.50 0.27 102.83
N GLY XB 244 -4.69 -0.38 103.66
CA GLY XB 244 -3.42 0.19 104.08
C GLY XB 244 -2.69 -0.76 105.02
N GLN XB 245 -1.48 -0.38 105.42
CA GLN XB 245 -0.73 -1.19 106.39
C GLN XB 245 -1.32 -1.02 107.79
N LEU XB 246 -1.22 0.19 108.35
CA LEU XB 246 -1.75 0.43 109.70
C LEU XB 246 -3.09 1.14 109.57
N ASN XB 247 -4.16 0.34 109.58
CA ASN XB 247 -5.48 0.87 109.32
C ASN XB 247 -5.97 1.74 110.46
N SER XB 248 -7.00 2.55 110.15
CA SER XB 248 -7.61 3.39 111.16
C SER XB 248 -9.11 3.45 110.88
N ASP XB 249 -9.80 4.18 111.75
CA ASP XB 249 -11.24 4.34 111.71
C ASP XB 249 -11.55 5.56 112.56
N LEU XB 250 -12.77 6.09 112.43
CA LEU XB 250 -13.25 7.14 113.32
C LEU XB 250 -13.21 6.65 114.78
N ARG XB 251 -13.72 5.44 115.05
CA ARG XB 251 -13.76 4.89 116.40
C ARG XB 251 -12.34 4.52 116.84
N LYS XB 252 -11.48 4.15 115.87
CA LYS XB 252 -10.09 3.83 116.17
C LYS XB 252 -9.37 5.05 116.72
N LEU XB 253 -9.63 6.21 116.10
CA LEU XB 253 -9.04 7.46 116.59
C LEU XB 253 -9.92 8.12 117.65
N ALA XB 254 -11.18 7.69 117.80
CA ALA XB 254 -11.99 8.22 118.88
C ALA XB 254 -11.43 7.80 120.24
N VAL XB 255 -11.07 6.52 120.38
CA VAL XB 255 -10.63 6.03 121.67
C VAL XB 255 -9.15 6.37 121.88
N ASN XB 256 -8.40 6.57 120.79
CA ASN XB 256 -6.96 6.74 120.90
C ASN XB 256 -6.60 8.17 121.30
N LEU XB 257 -7.52 9.12 121.06
CA LEU XB 257 -7.25 10.53 121.29
C LEU XB 257 -7.69 10.98 122.68
N ILE XB 258 -8.98 10.80 123.00
CA ILE XB 258 -9.54 11.45 124.18
C ILE XB 258 -9.17 10.65 125.42
N PRO XB 259 -8.54 11.27 126.41
CA PRO XB 259 -8.33 10.59 127.69
C PRO XB 259 -9.62 10.52 128.50
N PHE XB 260 -10.26 11.68 128.66
CA PHE XB 260 -11.42 11.90 129.53
C PHE XB 260 -12.57 12.44 128.69
N PRO XB 261 -13.85 12.07 129.00
CA PRO XB 261 -14.94 12.26 128.05
C PRO XB 261 -15.31 13.71 127.69
N ARG XB 262 -15.00 14.67 128.55
CA ARG XB 262 -15.53 16.01 128.31
C ARG XB 262 -14.62 16.82 127.39
N LEU XB 263 -13.35 16.46 127.25
CA LEU XB 263 -12.47 17.19 126.35
C LEU XB 263 -12.25 16.37 125.07
N HIS XB 264 -12.91 16.80 123.99
CA HIS XB 264 -12.81 16.12 122.70
C HIS XB 264 -12.81 17.11 121.55
N PHE XB 265 -12.10 18.23 121.73
CA PHE XB 265 -12.09 19.26 120.70
C PHE XB 265 -10.73 19.28 120.04
N PHE XB 266 -10.75 19.06 118.72
CA PHE XB 266 -9.57 18.64 118.01
C PHE XB 266 -9.18 19.73 117.01
N LEU XB 267 -7.87 19.84 116.78
CA LEU XB 267 -7.30 20.71 115.76
C LEU XB 267 -7.07 19.90 114.48
N ILE XB 268 -7.11 20.58 113.32
CA ILE XB 268 -6.82 19.96 112.02
C ILE XB 268 -5.65 20.69 111.35
N GLY XB 269 -4.74 19.91 110.77
CA GLY XB 269 -3.74 20.42 109.85
C GLY XB 269 -3.66 19.51 108.62
N PHE XB 270 -3.25 20.10 107.49
CA PHE XB 270 -3.06 19.30 106.29
C PHE XB 270 -1.78 19.74 105.60
N ALA XB 271 -1.18 18.78 104.88
CA ALA XB 271 0.08 18.94 104.19
C ALA XB 271 0.13 17.90 103.08
N PRO XB 272 0.72 18.17 101.88
CA PRO XB 272 1.39 19.43 101.51
C PRO XB 272 0.49 20.56 101.04
N LEU XB 273 0.94 21.81 101.30
CA LEU XB 273 0.21 22.98 100.81
C LEU XB 273 1.09 23.87 99.96
N THR XB 274 1.06 23.57 98.66
CA THR XB 274 2.05 24.13 97.78
C THR XB 274 1.37 24.98 96.72
N SER XB 275 1.90 26.20 96.56
CA SER XB 275 1.51 27.10 95.49
C SER XB 275 2.00 26.52 94.15
N ARG XB 276 1.54 27.19 93.08
CA ARG XB 276 1.88 26.88 91.70
C ARG XB 276 3.38 27.05 91.46
N GLY XB 277 3.96 28.13 92.02
CA GLY XB 277 5.36 28.49 91.84
C GLY XB 277 6.33 27.45 92.41
N SER XB 278 6.01 26.94 93.61
CA SER XB 278 6.92 26.07 94.33
C SER XB 278 6.60 24.59 94.10
N GLN XB 279 5.58 24.30 93.26
CA GLN XB 279 5.13 22.92 93.06
C GLN XB 279 6.21 22.02 92.43
N GLN XB 280 6.96 22.51 91.45
CA GLN XB 280 7.95 21.68 90.76
C GLN XB 280 9.32 21.73 91.43
N TYR XB 281 9.42 22.45 92.55
CA TYR XB 281 10.71 22.62 93.22
C TYR XB 281 10.72 21.97 94.61
N ARG XB 282 9.78 21.05 94.84
CA ARG XB 282 9.74 20.30 96.09
C ARG XB 282 9.83 18.80 95.81
N ALA XB 283 10.62 18.12 96.64
CA ALA XB 283 10.83 16.68 96.53
C ALA XB 283 10.17 15.99 97.74
N LEU XB 284 8.88 15.74 97.59
CA LEU XB 284 8.00 15.41 98.70
C LEU XB 284 8.35 14.07 99.33
N SER XB 285 8.77 14.11 100.58
CA SER XB 285 9.16 12.91 101.32
C SER XB 285 8.62 12.99 102.74
N VAL XB 286 8.76 11.91 103.49
CA VAL XB 286 8.20 11.76 104.81
C VAL XB 286 8.82 12.75 105.82
N PRO XB 287 10.15 13.01 105.84
CA PRO XB 287 10.71 14.10 106.65
C PRO XB 287 10.00 15.45 106.67
N GLU XB 288 9.91 16.11 105.51
CA GLU XB 288 9.41 17.47 105.55
C GLU XB 288 7.88 17.45 105.64
N LEU XB 289 7.20 16.29 105.42
CA LEU XB 289 5.79 16.19 105.70
C LEU XB 289 5.52 16.39 107.20
N THR XB 290 6.40 15.84 108.04
CA THR XB 290 6.25 15.95 109.49
C THR XB 290 6.59 17.37 109.93
N GLN XB 291 7.60 17.98 109.31
CA GLN XB 291 7.98 19.34 109.64
C GLN XB 291 6.91 20.34 109.19
N GLN XB 292 6.20 20.07 108.09
CA GLN XB 292 5.10 20.91 107.63
C GLN XB 292 3.90 20.75 108.57
N MET XB 293 3.64 19.52 109.04
CA MET XB 293 2.45 19.25 109.83
C MET XB 293 2.61 19.72 111.27
N PHE XB 294 3.85 19.94 111.74
CA PHE XB 294 4.04 20.60 113.02
C PHE XB 294 4.53 22.03 112.77
N ASP XB 295 3.60 22.90 112.39
CA ASP XB 295 3.95 24.28 112.13
C ASP XB 295 2.81 25.15 112.62
N ALA XB 296 3.16 26.19 113.38
CA ALA XB 296 2.19 27.04 114.06
C ALA XB 296 1.35 27.80 113.02
N LYS XB 297 1.93 28.12 111.84
CA LYS XB 297 1.18 28.79 110.78
C LYS XB 297 0.56 27.78 109.80
N ASN XB 298 0.27 26.56 110.27
CA ASN XB 298 -0.28 25.52 109.40
C ASN XB 298 -1.63 25.00 109.90
N MET XB 299 -1.86 25.02 111.23
CA MET XB 299 -3.11 24.51 111.77
C MET XB 299 -4.29 25.41 111.38
N MET XB 300 -5.49 24.85 111.30
CA MET XB 300 -6.67 25.59 110.85
C MET XB 300 -7.45 26.24 112.01
N CYS XB 301 -6.93 26.15 113.24
CA CYS XB 301 -7.51 26.90 114.33
C CYS XB 301 -6.56 28.03 114.71
N ALA XB 302 -7.10 29.23 114.93
CA ALA XB 302 -6.25 30.39 115.17
C ALA XB 302 -5.73 30.39 116.61
N SER XB 303 -5.10 29.28 117.01
CA SER XB 303 -4.43 29.16 118.30
C SER XB 303 -2.99 28.80 118.03
N ASP XB 304 -2.07 29.57 118.61
CA ASP XB 304 -0.65 29.27 118.56
C ASP XB 304 -0.39 28.06 119.44
N PRO XB 305 0.03 26.90 118.87
CA PRO XB 305 0.22 25.71 119.69
C PRO XB 305 1.40 25.81 120.66
N ARG XB 306 2.24 26.83 120.53
CA ARG XB 306 3.40 26.96 121.40
C ARG XB 306 3.02 27.36 122.82
N HIS XB 307 1.80 27.88 123.04
CA HIS XB 307 1.36 28.20 124.40
C HIS XB 307 1.10 26.95 125.25
N GLY XB 308 0.38 25.99 124.66
CA GLY XB 308 0.03 24.76 125.34
C GLY XB 308 0.95 23.60 124.96
N ARG XB 309 0.69 22.44 125.56
CA ARG XB 309 1.40 21.22 125.20
C ARG XB 309 0.41 20.25 124.59
N TYR XB 310 0.83 19.58 123.51
CA TYR XB 310 -0.04 18.64 122.82
C TYR XB 310 -0.28 17.43 123.72
N LEU XB 311 -1.56 17.07 123.85
CA LEU XB 311 -1.95 16.01 124.76
C LEU XB 311 -1.90 14.68 124.01
N THR XB 312 -2.67 14.60 122.91
CA THR XB 312 -2.66 13.44 122.03
C THR XB 312 -2.84 13.93 120.61
N ALA XB 313 -2.14 13.26 119.68
CA ALA XB 313 -2.10 13.71 118.30
C ALA XB 313 -2.00 12.52 117.37
N SER XB 314 -2.73 12.57 116.25
CA SER XB 314 -2.80 11.49 115.30
C SER XB 314 -2.39 11.96 113.91
N ALA XB 315 -1.82 11.05 113.10
CA ALA XB 315 -1.33 11.36 111.77
C ALA XB 315 -1.80 10.29 110.80
N MET XB 316 -2.72 10.65 109.91
CA MET XB 316 -3.18 9.71 108.90
C MET XB 316 -2.40 9.94 107.61
N PHE XB 317 -1.22 9.31 107.51
CA PHE XB 317 -0.43 9.36 106.28
C PHE XB 317 -1.19 8.67 105.16
N ARG XB 318 -0.91 9.08 103.93
CA ARG XB 318 -1.71 8.63 102.81
C ARG XB 318 -0.84 8.51 101.57
N GLY XB 319 -0.60 7.26 101.17
CA GLY XB 319 0.20 6.95 100.02
C GLY XB 319 1.13 5.79 100.33
N ARG XB 320 2.06 5.56 99.41
CA ARG XB 320 2.99 4.48 99.60
C ARG XB 320 4.29 5.01 100.18
N MET XB 321 4.41 4.95 101.51
CA MET XB 321 5.62 5.38 102.18
C MET XB 321 6.08 4.32 103.18
N SER XB 322 7.40 4.25 103.36
CA SER XB 322 8.05 3.26 104.20
C SER XB 322 7.82 3.61 105.66
N THR XB 323 7.82 2.58 106.51
CA THR XB 323 7.16 2.70 107.79
C THR XB 323 8.09 2.97 108.96
N LYS XB 324 9.39 2.66 108.87
CA LYS XB 324 10.24 3.21 109.92
C LYS XB 324 10.37 4.72 109.70
N GLU XB 325 10.44 5.10 108.41
CA GLU XB 325 10.46 6.49 108.02
C GLU XB 325 9.20 7.18 108.55
N VAL XB 326 8.10 6.43 108.65
CA VAL XB 326 6.93 6.86 109.40
C VAL XB 326 7.31 6.97 110.89
N ASP XB 327 7.57 5.83 111.55
CA ASP XB 327 7.47 5.77 113.00
C ASP XB 327 8.66 6.44 113.67
N GLU XB 328 9.83 6.34 113.03
CA GLU XB 328 11.04 6.86 113.65
C GLU XB 328 11.03 8.38 113.74
N GLN XB 329 10.34 9.00 112.80
CA GLN XB 329 10.26 10.45 112.80
C GLN XB 329 9.31 10.97 113.88
N MET XB 330 8.17 10.29 114.10
CA MET XB 330 7.34 10.69 115.22
C MET XB 330 8.07 10.48 116.54
N LEU XB 331 8.95 9.49 116.58
CA LEU XB 331 9.86 9.40 117.71
C LEU XB 331 10.78 10.63 117.78
N ASN XB 332 11.29 11.04 116.60
CA ASN XB 332 12.24 12.13 116.49
C ASN XB 332 11.67 13.44 117.05
N VAL XB 333 10.42 13.72 116.62
CA VAL XB 333 9.79 14.99 116.92
C VAL XB 333 9.38 14.99 118.40
N GLN XB 334 8.97 13.81 118.91
CA GLN XB 334 8.55 13.69 120.31
C GLN XB 334 9.73 13.85 121.25
N ASN XB 335 10.93 13.42 120.78
CA ASN XB 335 12.11 13.56 121.62
C ASN XB 335 12.67 14.97 121.46
N LYS XB 336 12.66 15.49 120.20
CA LYS XB 336 13.25 16.79 119.93
C LYS XB 336 12.43 17.93 120.50
N ASN XB 337 11.13 17.88 120.25
CA ASN XB 337 10.19 18.89 120.73
C ASN XB 337 9.59 18.38 122.05
N SER XB 338 10.51 18.24 123.03
CA SER XB 338 10.20 17.69 124.34
C SER XB 338 9.20 18.59 125.08
N SER XB 339 9.34 19.92 125.01
CA SER XB 339 8.44 20.84 125.70
C SER XB 339 7.07 21.00 125.04
N TYR XB 340 6.91 20.48 123.80
CA TYR XB 340 5.71 20.71 123.00
C TYR XB 340 4.61 19.71 123.38
N PHE XB 341 5.01 18.62 124.05
CA PHE XB 341 4.07 17.54 124.36
C PHE XB 341 3.90 17.43 125.87
N VAL XB 342 3.19 16.38 126.28
CA VAL XB 342 2.82 16.20 127.68
C VAL XB 342 3.56 14.99 128.22
N GLU XB 343 4.16 15.16 129.40
CA GLU XB 343 5.06 14.18 129.99
C GLU XB 343 4.32 12.92 130.43
N TRP XB 344 3.08 13.06 130.92
CA TRP XB 344 2.40 11.92 131.54
C TRP XB 344 1.71 11.00 130.52
N ILE XB 345 1.99 11.19 129.23
CA ILE XB 345 1.58 10.22 128.22
C ILE XB 345 2.83 9.77 127.48
N PRO XB 346 3.30 8.53 127.72
CA PRO XB 346 4.32 7.94 126.86
C PRO XB 346 3.70 7.59 125.51
N ASN XB 347 4.46 7.89 124.46
CA ASN XB 347 4.00 7.85 123.09
C ASN XB 347 2.76 8.70 122.90
N ASN XB 348 2.96 10.02 122.97
CA ASN XB 348 1.92 11.01 122.72
C ASN XB 348 1.26 10.80 121.36
N MET XB 349 2.05 10.43 120.35
CA MET XB 349 1.60 10.51 118.97
C MET XB 349 0.84 9.23 118.57
N LYS XB 350 0.16 9.30 117.43
CA LYS XB 350 -0.49 8.15 116.81
C LYS XB 350 -0.25 8.22 115.30
N SER XB 351 -0.18 7.06 114.64
CA SER XB 351 0.09 6.98 113.21
C SER XB 351 -0.94 6.10 112.50
N SER XB 352 -1.02 6.28 111.18
CA SER XB 352 -1.84 5.47 110.30
C SER XB 352 -1.29 5.60 108.88
N VAL XB 353 -1.23 4.49 108.15
CA VAL XB 353 -0.69 4.52 106.80
C VAL XB 353 -1.76 3.98 105.84
N CYS XB 354 -2.53 4.90 105.26
CA CYS XB 354 -3.59 4.64 104.30
C CYS XB 354 -2.94 4.52 102.92
N ASP XB 355 -3.24 3.46 102.16
CA ASP XB 355 -2.33 3.06 101.09
C ASP XB 355 -2.56 3.79 99.77
N ILE XB 356 -3.62 4.60 99.66
CA ILE XB 356 -3.92 5.27 98.39
C ILE XB 356 -3.72 6.76 98.57
N PRO XB 357 -2.84 7.38 97.75
CA PRO XB 357 -2.58 8.80 97.90
C PRO XB 357 -3.73 9.58 97.28
N PRO XB 358 -3.92 10.89 97.62
CA PRO XB 358 -4.95 11.68 96.96
C PRO XB 358 -4.69 11.79 95.47
N LYS XB 359 -5.68 12.28 94.74
CA LYS XB 359 -5.64 12.10 93.31
C LYS XB 359 -4.64 13.07 92.69
N GLY XB 360 -3.67 12.54 91.93
CA GLY XB 360 -2.64 13.40 91.35
C GLY XB 360 -1.46 13.66 92.28
N LEU XB 361 -1.73 13.98 93.55
CA LEU XB 361 -0.74 14.18 94.60
C LEU XB 361 -0.13 12.83 94.98
N LYS XB 362 1.02 12.80 95.68
CA LYS XB 362 1.70 11.52 95.87
C LYS XB 362 1.85 11.10 97.33
N MET XB 363 2.04 12.05 98.24
CA MET XB 363 2.36 11.73 99.61
C MET XB 363 1.70 12.77 100.50
N SER XB 364 0.65 12.39 101.22
CA SER XB 364 -0.14 13.37 101.97
C SER XB 364 -0.34 12.90 103.40
N VAL XB 365 -0.56 13.87 104.28
CA VAL XB 365 -0.79 13.61 105.69
C VAL XB 365 -1.91 14.54 106.15
N THR XB 366 -2.71 14.07 107.09
CA THR XB 366 -3.77 14.88 107.66
C THR XB 366 -3.70 14.78 109.18
N PHE XB 367 -3.37 15.90 109.81
CA PHE XB 367 -2.99 15.91 111.20
C PHE XB 367 -4.17 16.32 112.07
N VAL XB 368 -4.55 15.43 112.99
CA VAL XB 368 -5.61 15.73 113.94
C VAL XB 368 -5.02 15.67 115.34
N GLY XB 369 -5.30 16.68 116.17
CA GLY XB 369 -4.59 16.76 117.43
C GLY XB 369 -5.39 17.39 118.56
N ASN XB 370 -5.52 16.66 119.67
CA ASN XB 370 -6.13 17.19 120.89
C ASN XB 370 -5.08 17.98 121.66
N SER XB 371 -5.10 19.30 121.46
CA SER XB 371 -4.16 20.18 122.13
C SER XB 371 -4.81 20.75 123.39
N THR XB 372 -3.95 21.35 124.23
CA THR XB 372 -4.43 22.13 125.34
C THR XB 372 -4.35 23.63 125.02
N ALA XB 373 -3.98 23.95 123.78
CA ALA XB 373 -3.88 25.33 123.29
C ALA XB 373 -5.25 26.00 123.08
N ILE XB 374 -6.33 25.26 123.34
CA ILE XB 374 -7.67 25.83 123.26
C ILE XB 374 -8.08 26.35 124.65
N GLN XB 375 -7.10 26.44 125.56
CA GLN XB 375 -7.24 27.21 126.79
C GLN XB 375 -7.56 28.68 126.47
N GLU XB 376 -6.81 29.23 125.51
CA GLU XB 376 -6.94 30.64 125.18
C GLU XB 376 -8.19 30.89 124.34
N MET XB 377 -8.58 29.90 123.52
CA MET XB 377 -9.70 30.09 122.62
C MET XB 377 -11.02 30.07 123.39
N PHE XB 378 -11.22 29.13 124.31
CA PHE XB 378 -12.48 29.10 125.04
C PHE XB 378 -12.55 30.16 126.11
N LYS XB 379 -11.38 30.65 126.56
CA LYS XB 379 -11.42 31.78 127.49
C LYS XB 379 -11.70 33.07 126.71
N ARG XB 380 -11.48 33.05 125.39
CA ARG XB 380 -11.87 34.16 124.53
C ARG XB 380 -13.39 34.26 124.36
N VAL XB 381 -14.04 33.13 124.12
CA VAL XB 381 -15.50 33.03 124.01
C VAL XB 381 -16.11 33.37 125.38
N SER XB 382 -15.35 33.05 126.46
CA SER XB 382 -15.85 33.19 127.81
C SER XB 382 -15.99 34.66 128.19
N ASP XB 383 -14.93 35.43 127.97
CA ASP XB 383 -14.95 36.83 128.36
C ASP XB 383 -15.80 37.66 127.41
N GLN XB 384 -15.95 37.20 126.15
CA GLN XB 384 -16.91 37.84 125.27
C GLN XB 384 -18.34 37.65 125.76
N PHE XB 385 -18.61 36.47 126.35
CA PHE XB 385 -19.92 36.23 126.94
C PHE XB 385 -20.12 37.12 128.17
N THR XB 386 -19.08 37.29 128.98
CA THR XB 386 -19.22 38.09 130.19
C THR XB 386 -19.41 39.57 129.87
N ALA XB 387 -18.79 40.01 128.76
CA ALA XB 387 -18.84 41.41 128.36
C ALA XB 387 -20.26 41.78 127.92
N MET XB 388 -20.96 40.84 127.25
CA MET XB 388 -22.26 41.10 126.68
C MET XB 388 -23.41 40.58 127.57
N PHE XB 389 -23.09 40.20 128.81
CA PHE XB 389 -24.15 39.71 129.69
C PHE XB 389 -24.44 40.62 130.89
N ARG XB 390 -23.41 41.29 131.42
CA ARG XB 390 -23.62 42.15 132.58
C ARG XB 390 -24.45 43.37 132.20
N ARG XB 391 -24.18 43.93 131.00
CA ARG XB 391 -24.97 44.98 130.37
C ARG XB 391 -26.34 44.41 129.91
N LYS XB 392 -26.42 43.08 129.83
CA LYS XB 392 -27.65 42.38 129.40
C LYS XB 392 -28.05 42.74 127.96
N ALA XB 393 -27.05 42.93 127.10
CA ALA XB 393 -27.34 43.38 125.75
C ALA XB 393 -27.88 42.21 124.94
N PHE XB 394 -28.85 42.52 124.06
CA PHE XB 394 -29.42 41.60 123.08
C PHE XB 394 -30.04 40.37 123.74
N LEU XB 395 -30.49 40.50 124.99
CA LEU XB 395 -31.07 39.37 125.69
C LEU XB 395 -32.55 39.15 125.31
N HIS XB 396 -33.22 40.25 124.94
CA HIS XB 396 -34.63 40.29 124.60
C HIS XB 396 -34.98 39.44 123.38
N TRP XB 397 -34.07 39.34 122.39
CA TRP XB 397 -34.24 38.60 121.13
C TRP XB 397 -34.32 37.08 121.42
N TYR XB 398 -33.82 36.66 122.62
CA TYR XB 398 -33.78 35.25 122.97
C TYR XB 398 -34.92 34.96 123.96
N THR XB 399 -35.03 35.80 125.01
CA THR XB 399 -35.86 35.55 126.17
C THR XB 399 -37.33 35.47 125.78
N GLY XB 400 -37.70 36.24 124.75
CA GLY XB 400 -39.09 36.30 124.32
C GLY XB 400 -39.60 35.03 123.63
N GLU XB 401 -38.74 34.03 123.38
CA GLU XB 401 -39.16 32.82 122.66
C GLU XB 401 -38.90 31.58 123.51
N GLY XB 402 -39.32 31.63 124.77
CA GLY XB 402 -39.28 30.47 125.66
C GLY XB 402 -37.91 30.22 126.30
N MET XB 403 -36.94 31.12 126.04
CA MET XB 403 -35.62 31.01 126.65
C MET XB 403 -35.76 31.30 128.14
N ASP XB 404 -34.65 31.03 128.85
CA ASP XB 404 -34.62 31.28 130.27
C ASP XB 404 -33.28 31.89 130.64
N GLU XB 405 -33.33 32.81 131.61
CA GLU XB 405 -32.10 33.49 132.00
C GLU XB 405 -31.18 32.52 132.74
N MET XB 406 -31.79 31.49 133.34
CA MET XB 406 -31.06 30.43 134.02
C MET XB 406 -30.19 29.61 133.06
N GLU XB 407 -30.58 29.57 131.78
CA GLU XB 407 -29.83 28.80 130.80
C GLU XB 407 -28.47 29.44 130.50
N PHE XB 408 -28.43 30.77 130.51
CA PHE XB 408 -27.17 31.47 130.25
C PHE XB 408 -26.20 31.35 131.41
N THR XB 409 -26.73 31.34 132.64
CA THR XB 409 -25.89 31.21 133.82
C THR XB 409 -25.26 29.82 133.89
N GLU XB 410 -26.03 28.81 133.47
CA GLU XB 410 -25.50 27.45 133.40
C GLU XB 410 -24.48 27.35 132.28
N ALA XB 411 -24.75 28.03 131.16
CA ALA XB 411 -23.91 27.92 129.97
C ALA XB 411 -22.50 28.42 130.26
N GLU XB 412 -22.37 29.53 131.00
CA GLU XB 412 -21.07 30.06 131.33
C GLU XB 412 -20.35 29.18 132.36
N SER XB 413 -21.11 28.70 133.35
CA SER XB 413 -20.56 27.80 134.37
C SER XB 413 -20.12 26.48 133.73
N ASN XB 414 -20.93 25.98 132.80
CA ASN XB 414 -20.64 24.72 132.12
C ASN XB 414 -19.57 24.87 131.04
N MET XB 415 -19.12 26.10 130.75
CA MET XB 415 -18.07 26.30 129.76
C MET XB 415 -16.80 26.87 130.40
N ASN XB 416 -16.94 27.60 131.52
CA ASN XB 416 -15.77 27.93 132.34
C ASN XB 416 -15.13 26.68 132.96
N ASP XB 417 -15.97 25.67 133.23
CA ASP XB 417 -15.52 24.36 133.68
C ASP XB 417 -14.66 23.66 132.63
N LEU XB 418 -14.99 23.84 131.35
CA LEU XB 418 -14.23 23.20 130.28
C LEU XB 418 -12.85 23.83 130.19
N VAL XB 419 -12.75 25.13 130.49
CA VAL XB 419 -11.47 25.83 130.56
C VAL XB 419 -10.62 25.21 131.68
N SER XB 420 -11.29 24.85 132.77
CA SER XB 420 -10.63 24.39 133.99
C SER XB 420 -9.76 23.16 133.73
N GLU XB 421 -10.26 22.23 132.92
CA GLU XB 421 -9.54 20.98 132.69
C GLU XB 421 -8.34 21.18 131.76
N TYR XB 422 -8.46 22.11 130.81
CA TYR XB 422 -7.34 22.36 129.91
C TYR XB 422 -6.14 22.88 130.69
N GLN XB 423 -6.38 23.84 131.60
CA GLN XB 423 -5.31 24.45 132.38
C GLN XB 423 -4.77 23.48 133.45
N GLN XB 424 -5.66 22.59 133.92
CA GLN XB 424 -5.35 21.67 135.01
C GLN XB 424 -4.29 20.66 134.56
N TYR XB 425 -4.29 20.32 133.25
CA TYR XB 425 -3.53 19.22 132.70
C TYR XB 425 -2.32 19.71 131.89
N GLN XB 426 -1.40 20.36 132.62
CA GLN XB 426 -0.11 20.73 132.07
C GLN XB 426 1.09 19.88 132.57
N ILE YB 48 22.02 22.50 58.98
CA ILE YB 48 22.62 23.32 57.90
C ILE YB 48 22.26 24.80 58.10
N LEU YB 49 23.29 25.63 58.23
CA LEU YB 49 23.08 27.05 58.50
C LEU YB 49 22.81 27.80 57.20
N PHE YB 50 23.51 27.41 56.13
CA PHE YB 50 23.37 28.12 54.87
C PHE YB 50 22.98 27.13 53.79
N PRO YB 51 21.82 27.32 53.12
CA PRO YB 51 21.51 26.65 51.85
C PRO YB 51 22.56 26.85 50.75
N GLU YB 52 22.33 26.21 49.59
CA GLU YB 52 23.40 25.93 48.66
C GLU YB 52 23.94 27.17 47.95
N GLY YB 53 23.27 28.32 48.08
CA GLY YB 53 23.62 29.49 47.27
C GLY YB 53 23.77 30.84 47.99
N SER YB 54 23.86 30.85 49.33
CA SER YB 54 23.95 32.11 50.07
C SER YB 54 25.40 32.62 50.15
N LEU YB 55 26.37 31.82 49.70
CA LEU YB 55 27.78 32.13 49.87
C LEU YB 55 28.46 32.30 48.52
N LYS YB 56 29.26 33.37 48.43
CA LYS YB 56 29.99 33.69 47.23
C LYS YB 56 31.42 34.03 47.62
N ASN YB 57 32.35 33.69 46.73
CA ASN YB 57 33.74 34.02 46.96
C ASN YB 57 34.04 35.40 46.38
N SER YB 58 35.33 35.73 46.28
CA SER YB 58 35.76 37.02 45.78
C SER YB 58 35.45 37.21 44.29
N ASN YB 59 35.38 36.09 43.55
CA ASN YB 59 35.07 36.12 42.12
C ASN YB 59 33.60 35.83 41.83
N ASN YB 60 32.76 35.92 42.86
CA ASN YB 60 31.32 35.88 42.73
C ASN YB 60 30.85 34.53 42.17
N THR YB 61 31.39 33.45 42.73
CA THR YB 61 30.97 32.11 42.37
C THR YB 61 30.62 31.33 43.63
N VAL YB 62 29.57 30.53 43.53
CA VAL YB 62 28.94 29.95 44.70
C VAL YB 62 29.74 28.76 45.23
N ILE YB 63 29.78 28.62 46.55
CA ILE YB 63 30.45 27.51 47.21
C ILE YB 63 29.48 26.89 48.21
N PRO YB 64 29.40 25.55 48.36
CA PRO YB 64 28.54 24.97 49.38
C PRO YB 64 29.03 25.10 50.82
N GLN YB 65 28.23 24.53 51.73
CA GLN YB 65 28.45 24.59 53.16
C GLN YB 65 29.74 23.86 53.54
N SER YB 66 29.98 22.71 52.91
CA SER YB 66 30.96 21.73 53.35
C SER YB 66 32.40 22.31 53.33
N HIS YB 67 32.61 23.33 52.51
CA HIS YB 67 33.96 23.83 52.24
C HIS YB 67 34.56 24.55 53.43
N LEU YB 68 33.70 25.01 54.34
CA LEU YB 68 34.10 25.82 55.49
C LEU YB 68 34.84 25.01 56.56
N LYS YB 69 34.74 23.67 56.48
CA LYS YB 69 35.12 22.86 57.63
C LYS YB 69 36.63 22.81 57.80
N GLY YB 70 37.08 22.70 59.04
CA GLY YB 70 38.50 22.64 59.38
C GLY YB 70 39.04 23.97 59.89
N LYS YB 71 38.29 25.05 59.60
CA LYS YB 71 38.81 26.38 59.93
C LYS YB 71 37.73 27.23 60.60
N SER YB 72 38.22 28.14 61.44
CA SER YB 72 37.41 29.09 62.20
C SER YB 72 36.74 30.06 61.24
N VAL YB 73 35.46 30.31 61.50
CA VAL YB 73 34.64 31.13 60.62
C VAL YB 73 33.88 32.14 61.48
N ALA YB 74 33.78 33.39 60.99
CA ALA YB 74 33.07 34.44 61.71
C ALA YB 74 32.16 35.22 60.76
N LEU YB 75 31.01 35.70 61.25
CA LEU YB 75 30.15 36.60 60.49
C LEU YB 75 30.49 38.03 60.84
N TYR YB 76 30.60 38.85 59.80
CA TYR YB 76 30.96 40.25 59.95
C TYR YB 76 29.76 41.10 59.57
N PHE YB 77 29.07 41.63 60.56
CA PHE YB 77 27.94 42.52 60.35
C PHE YB 77 28.43 43.94 60.16
N ALA YB 78 28.19 44.46 58.97
CA ALA YB 78 28.68 45.80 58.68
C ALA YB 78 27.90 46.42 57.53
N ASP YB 79 28.28 47.67 57.19
CA ASP YB 79 27.66 48.48 56.16
C ASP YB 79 28.68 49.52 55.67
N GLY YB 80 28.42 50.05 54.47
CA GLY YB 80 29.37 50.93 53.78
C GLY YB 80 29.48 52.29 54.47
N ALA YB 81 28.32 52.87 54.83
CA ALA YB 81 28.17 54.26 55.25
C ALA YB 81 28.86 54.59 56.58
N ASP YB 82 29.17 53.57 57.39
CA ASP YB 82 29.48 53.84 58.79
C ASP YB 82 30.95 54.22 58.95
N PRO YB 83 31.26 55.28 59.73
CA PRO YB 83 32.64 55.61 60.08
C PRO YB 83 33.36 54.48 60.82
N LYS YB 84 32.61 53.77 61.69
CA LYS YB 84 33.20 52.69 62.47
C LYS YB 84 33.60 51.53 61.58
N CYS YB 85 32.77 51.18 60.57
CA CYS YB 85 33.12 50.13 59.63
C CYS YB 85 34.33 50.53 58.79
N ALA YB 86 34.37 51.81 58.37
CA ALA YB 86 35.49 52.34 57.62
C ALA YB 86 36.79 52.25 58.45
N SER YB 87 36.67 52.41 59.77
CA SER YB 87 37.83 52.38 60.64
C SER YB 87 38.24 50.94 61.01
N LEU YB 88 37.30 49.99 60.99
CA LEU YB 88 37.59 48.64 61.45
C LEU YB 88 38.05 47.75 60.30
N LEU YB 89 37.66 48.06 59.06
CA LEU YB 89 38.00 47.21 57.91
C LEU YB 89 39.49 46.95 57.75
N PRO YB 90 40.37 47.98 57.73
CA PRO YB 90 41.80 47.74 57.52
C PRO YB 90 42.50 46.94 58.62
N PHE YB 91 42.14 47.15 59.89
CA PHE YB 91 42.66 46.34 60.99
C PHE YB 91 42.29 44.88 60.82
N LEU YB 92 41.06 44.66 60.37
CA LEU YB 92 40.58 43.32 60.12
C LEU YB 92 41.36 42.69 58.96
N LEU YB 93 41.63 43.48 57.90
CA LEU YB 93 42.41 43.01 56.76
C LEU YB 93 43.81 42.56 57.19
N ASN YB 94 44.47 43.35 58.05
CA ASN YB 94 45.82 43.03 58.49
C ASN YB 94 45.80 41.78 59.37
N TYR YB 95 44.77 41.68 60.21
CA TYR YB 95 44.64 40.53 61.08
C TYR YB 95 44.47 39.27 60.24
N TYR YB 96 43.64 39.34 59.18
CA TYR YB 96 43.37 38.23 58.29
C TYR YB 96 44.66 37.78 57.62
N ARG YB 97 45.40 38.75 57.11
CA ARG YB 97 46.64 38.47 56.42
C ARG YB 97 47.65 37.78 57.33
N THR YB 98 47.85 38.29 58.53
CA THR YB 98 48.86 37.71 59.41
C THR YB 98 48.44 36.36 59.95
N MET YB 99 47.17 36.20 60.30
CA MET YB 99 46.71 34.93 60.85
C MET YB 99 46.72 33.81 59.81
N ASN YB 100 46.68 34.18 58.53
CA ASN YB 100 46.86 33.17 57.51
C ASN YB 100 48.34 32.95 57.12
N GLU YB 101 49.15 34.01 57.12
CA GLU YB 101 50.57 33.94 56.76
C GLU YB 101 51.39 33.16 57.77
N GLY YB 102 51.20 33.40 59.07
CA GLY YB 102 52.03 32.74 60.06
C GLY YB 102 51.65 31.26 60.24
N GLY YB 103 52.03 30.36 59.32
CA GLY YB 103 51.77 28.92 59.48
C GLY YB 103 51.56 28.17 58.16
N ALA YB 104 51.15 26.90 58.25
CA ALA YB 104 50.91 26.03 57.09
C ALA YB 104 49.44 25.66 56.89
N ASN YB 105 48.49 26.31 57.57
CA ASN YB 105 47.06 26.03 57.41
C ASN YB 105 46.28 27.31 57.05
N GLN YB 106 44.98 27.17 56.74
CA GLN YB 106 44.06 28.30 56.87
C GLN YB 106 43.42 28.23 58.25
N LYS YB 107 43.44 29.35 58.96
CA LYS YB 107 43.11 29.40 60.37
C LYS YB 107 41.79 30.15 60.54
N ILE YB 108 41.56 31.22 59.78
CA ILE YB 108 40.39 32.08 59.93
C ILE YB 108 39.75 32.32 58.56
N GLU YB 109 38.42 32.62 58.57
CA GLU YB 109 37.60 32.87 57.39
C GLU YB 109 36.39 33.71 57.78
N ILE YB 110 35.99 34.67 56.92
CA ILE YB 110 34.98 35.65 57.27
C ILE YB 110 33.85 35.64 56.24
N ILE YB 111 32.61 35.56 56.72
CA ILE YB 111 31.43 35.74 55.89
C ILE YB 111 30.77 37.06 56.27
N PHE YB 112 30.56 37.90 55.26
CA PHE YB 112 30.16 39.26 55.49
C PHE YB 112 28.66 39.39 55.28
N VAL YB 113 27.98 40.01 56.25
CA VAL YB 113 26.56 40.26 56.16
C VAL YB 113 26.33 41.77 56.11
N SER YB 114 25.61 42.17 55.08
CA SER YB 114 25.47 43.57 54.71
C SER YB 114 24.21 44.18 55.32
N LEU YB 115 24.36 45.39 55.88
CA LEU YB 115 23.25 46.21 56.32
C LEU YB 115 23.23 47.51 55.52
N ASP YB 116 23.81 47.49 54.31
CA ASP YB 116 23.79 48.64 53.42
C ASP YB 116 22.38 48.95 52.92
N ARG YB 117 22.22 50.10 52.27
CA ARG YB 117 20.88 50.52 51.85
C ARG YB 117 20.39 49.67 50.67
N ASP YB 118 21.22 49.51 49.63
CA ASP YB 118 20.87 48.64 48.52
C ASP YB 118 22.12 48.22 47.76
N ARG YB 119 21.88 47.72 46.54
CA ARG YB 119 22.86 46.99 45.74
C ARG YB 119 24.06 47.84 45.35
N GLU YB 120 23.81 49.12 45.07
CA GLU YB 120 24.87 50.01 44.62
C GLU YB 120 25.92 50.20 45.71
N ALA YB 121 25.47 50.24 46.98
CA ALA YB 121 26.41 50.24 48.09
C ALA YB 121 26.96 48.82 48.31
N PHE YB 122 26.16 47.80 48.02
CA PHE YB 122 26.55 46.44 48.33
C PHE YB 122 27.78 45.96 47.55
N GLU YB 123 27.78 46.07 46.21
CA GLU YB 123 29.00 45.70 45.46
C GLU YB 123 30.16 46.63 45.81
N SER YB 124 29.85 47.91 46.05
CA SER YB 124 30.91 48.88 46.28
C SER YB 124 31.63 48.63 47.59
N HIS YB 125 30.94 48.01 48.55
CA HIS YB 125 31.58 47.65 49.81
C HIS YB 125 31.91 46.17 49.85
N ARG YB 126 31.52 45.41 48.81
CA ARG YB 126 31.92 44.01 48.72
C ARG YB 126 33.26 43.87 48.03
N ALA YB 127 33.55 44.78 47.08
CA ALA YB 127 34.81 44.82 46.37
C ALA YB 127 36.00 45.17 47.27
N HIS YB 128 35.80 45.61 48.52
CA HIS YB 128 36.90 45.77 49.47
C HIS YB 128 37.39 44.44 50.05
N MET YB 129 36.57 43.38 49.89
CA MET YB 129 36.67 42.27 50.82
C MET YB 129 37.20 41.04 50.11
N PRO YB 130 38.32 40.44 50.60
CA PRO YB 130 38.81 39.18 50.03
C PRO YB 130 38.20 37.92 50.64
N TRP YB 131 37.07 38.10 51.33
CA TRP YB 131 36.37 36.96 51.93
C TRP YB 131 34.94 36.84 51.41
N LEU YB 132 34.23 35.86 51.99
CA LEU YB 132 32.93 35.48 51.45
C LEU YB 132 31.89 36.48 51.94
N SER YB 133 30.76 36.55 51.23
CA SER YB 133 29.70 37.45 51.63
C SER YB 133 28.34 36.85 51.30
N ILE YB 134 27.32 37.26 52.05
CA ILE YB 134 25.94 36.87 51.82
C ILE YB 134 25.24 37.98 51.05
N ASP YB 135 24.54 37.55 50.01
CA ASP YB 135 23.83 38.44 49.11
C ASP YB 135 22.71 39.15 49.86
N LEU YB 136 22.53 40.43 49.53
CA LEU YB 136 21.53 41.26 50.19
C LEU YB 136 20.11 40.85 49.84
N GLU YB 137 19.92 40.18 48.69
CA GLU YB 137 18.60 39.83 48.19
C GLU YB 137 18.10 38.47 48.68
N ASN YB 138 18.95 37.70 49.36
CA ASN YB 138 18.50 36.47 49.98
C ASN YB 138 17.76 36.80 51.27
N PRO YB 139 16.61 36.13 51.58
CA PRO YB 139 15.99 36.23 52.90
C PRO YB 139 16.87 35.99 54.14
N LEU YB 140 17.90 35.14 53.92
CA LEU YB 140 18.77 34.63 54.98
C LEU YB 140 19.31 35.80 55.83
N THR YB 141 19.58 36.94 55.18
CA THR YB 141 20.08 38.14 55.82
C THR YB 141 19.09 38.64 56.88
N GLU YB 142 17.79 38.63 56.58
CA GLU YB 142 16.80 39.17 57.53
C GLU YB 142 16.62 38.20 58.68
N ILE YB 143 16.67 36.90 58.35
CA ILE YB 143 16.53 35.92 59.44
C ILE YB 143 17.72 36.03 60.38
N LEU YB 144 18.95 36.06 59.86
CA LEU YB 144 20.13 36.17 60.70
C LEU YB 144 20.14 37.49 61.45
N LYS YB 145 19.71 38.57 60.77
CA LYS YB 145 19.65 39.92 61.31
C LYS YB 145 18.87 39.86 62.61
N ARG YB 146 17.63 39.37 62.47
CA ARG YB 146 16.69 39.35 63.57
C ARG YB 146 17.20 38.39 64.66
N HIS YB 147 17.81 37.28 64.25
CA HIS YB 147 18.27 36.24 65.15
C HIS YB 147 19.42 36.68 66.05
N PHE YB 148 20.46 37.24 65.46
CA PHE YB 148 21.65 37.66 66.22
C PHE YB 148 21.56 39.08 66.78
N ARG YB 149 20.48 39.80 66.46
CA ARG YB 149 20.09 40.95 67.23
C ARG YB 149 21.08 42.09 67.00
N VAL YB 150 21.62 42.19 65.80
CA VAL YB 150 22.24 43.43 65.38
C VAL YB 150 21.13 44.25 64.75
N MET YB 151 21.21 45.58 64.81
CA MET YB 151 20.12 46.44 64.38
C MET YB 151 20.70 47.81 64.07
N LYS YB 152 20.18 48.40 62.98
CA LYS YB 152 20.74 49.65 62.49
C LYS YB 152 20.18 50.81 63.32
N SER YB 163 18.58 44.67 68.90
CA SER YB 163 18.75 46.09 69.32
C SER YB 163 19.88 46.21 70.34
N ARG YB 164 20.25 45.07 71.00
CA ARG YB 164 21.30 45.04 72.00
C ARG YB 164 22.66 45.42 71.36
N THR YB 165 22.83 45.04 70.10
CA THR YB 165 24.08 45.19 69.39
C THR YB 165 23.84 45.97 68.09
N GLY YB 166 24.90 46.53 67.52
CA GLY YB 166 24.84 47.12 66.20
C GLY YB 166 26.15 46.94 65.44
N VAL YB 167 26.21 47.62 64.29
CA VAL YB 167 27.34 47.67 63.38
C VAL YB 167 28.49 48.42 64.07
N PRO YB 168 29.77 48.01 63.91
CA PRO YB 168 30.19 46.73 63.32
C PRO YB 168 30.18 45.60 64.34
N SER YB 169 30.11 44.37 63.86
CA SER YB 169 30.05 43.26 64.78
C SER YB 169 30.54 42.03 64.06
N VAL YB 170 31.77 41.64 64.41
CA VAL YB 170 32.25 40.34 64.03
C VAL YB 170 31.95 39.40 65.18
N ILE YB 171 31.29 38.29 64.86
CA ILE YB 171 30.88 37.30 65.83
C ILE YB 171 31.29 35.93 65.28
N VAL YB 172 32.05 35.16 66.09
CA VAL YB 172 32.55 33.89 65.60
C VAL YB 172 31.46 32.83 65.79
N ILE YB 173 31.33 31.95 64.80
CA ILE YB 173 30.21 31.02 64.75
C ILE YB 173 30.72 29.59 64.92
N GLY YB 174 30.05 28.82 65.78
CA GLY YB 174 30.45 27.45 66.07
C GLY YB 174 29.83 26.43 65.13
N SER YB 175 29.48 25.28 65.73
CA SER YB 175 29.04 24.08 65.04
C SER YB 175 27.69 24.31 64.37
N ASP YB 176 26.71 24.78 65.14
CA ASP YB 176 25.34 24.96 64.66
C ASP YB 176 24.74 26.08 65.48
N GLY YB 177 24.54 27.24 64.83
CA GLY YB 177 24.34 28.50 65.52
C GLY YB 177 25.52 28.71 66.43
N ARG YB 178 25.24 28.82 67.74
CA ARG YB 178 26.22 28.68 68.82
C ARG YB 178 27.37 29.66 68.65
N GLU YB 179 27.06 30.95 68.78
CA GLU YB 179 28.10 31.97 68.76
C GLU YB 179 29.00 31.79 69.98
N ALA YB 180 30.33 31.77 69.74
CA ALA YB 180 31.28 31.48 70.80
C ALA YB 180 31.55 32.75 71.62
N GLN YB 181 31.93 33.84 70.96
CA GLN YB 181 32.23 35.09 71.64
C GLN YB 181 31.90 36.27 70.74
N PHE YB 182 31.63 37.42 71.37
CA PHE YB 182 31.08 38.61 70.72
C PHE YB 182 32.18 39.47 70.10
N LEU YB 183 33.44 39.26 70.52
CA LEU YB 183 34.55 40.08 70.06
C LEU YB 183 34.24 41.54 70.41
N PRO YB 184 34.43 41.99 71.67
CA PRO YB 184 33.92 43.29 72.14
C PRO YB 184 34.49 44.55 71.46
N ILE YB 185 34.10 44.70 70.20
CA ILE YB 185 34.56 45.80 69.35
C ILE YB 185 33.75 47.07 69.63
N CYS YB 186 32.47 46.89 69.86
CA CYS YB 186 31.58 47.96 70.30
C CYS YB 186 30.62 47.34 71.31
N SER YB 187 31.08 47.34 72.56
CA SER YB 187 30.32 46.77 73.67
C SER YB 187 30.73 47.52 74.94
N GLY YB 188 30.44 46.91 76.09
CA GLY YB 188 30.83 47.43 77.40
C GLY YB 188 32.34 47.52 77.56
N LEU YB 189 33.05 46.53 77.00
CA LEU YB 189 34.51 46.49 77.05
C LEU YB 189 35.07 47.56 76.11
N GLU YB 190 34.52 47.64 74.89
CA GLU YB 190 34.84 48.61 73.85
C GLU YB 190 36.34 48.56 73.55
N GLU YB 191 36.74 47.41 72.98
CA GLU YB 191 38.12 47.23 72.56
C GLU YB 191 38.15 47.49 71.06
N GLY YB 192 38.28 48.79 70.70
CA GLY YB 192 38.28 49.27 69.33
C GLY YB 192 39.50 48.76 68.59
N ASP YB 193 39.32 47.90 67.57
CA ASP YB 193 40.41 47.46 66.73
C ASP YB 193 41.40 46.55 67.48
N ARG YB 194 41.01 46.07 68.65
CA ARG YB 194 41.93 45.32 69.50
C ARG YB 194 41.28 44.10 70.13
N ALA YB 195 39.93 44.07 70.13
CA ALA YB 195 39.16 42.91 70.58
C ALA YB 195 39.44 41.70 69.68
N LEU YB 196 39.76 42.05 68.40
CA LEU YB 196 39.96 41.16 67.26
C LEU YB 196 40.95 40.05 67.61
N LEU YB 197 41.92 40.41 68.44
CA LEU YB 197 43.04 39.56 68.79
C LEU YB 197 42.59 38.41 69.72
N ARG YB 198 41.46 38.61 70.44
CA ARG YB 198 41.01 37.63 71.42
C ARG YB 198 40.28 36.44 70.79
N TRP YB 199 40.17 36.42 69.45
CA TRP YB 199 39.64 35.30 68.69
C TRP YB 199 40.37 33.99 69.03
N ASP YB 200 39.58 32.95 69.31
CA ASP YB 200 40.10 31.64 69.68
C ASP YB 200 39.89 30.59 68.58
N TRP YB 201 40.76 30.66 67.56
CA TRP YB 201 40.70 29.78 66.39
C TRP YB 201 41.14 28.36 66.73
N ARG YB 202 41.93 28.25 67.79
CA ARG YB 202 42.47 27.02 68.32
C ARG YB 202 41.29 26.27 68.93
N ASN YB 203 40.36 26.97 69.59
CA ASN YB 203 39.23 26.31 70.25
C ASN YB 203 38.17 25.96 69.22
N THR YB 204 37.76 26.98 68.48
CA THR YB 204 36.64 26.82 67.56
C THR YB 204 37.17 26.48 66.17
N LYS YB 205 36.66 25.37 65.62
CA LYS YB 205 36.97 24.89 64.28
C LYS YB 205 35.67 24.33 63.70
N PHE YB 206 35.28 24.80 62.51
CA PHE YB 206 33.98 24.45 61.96
C PHE YB 206 33.93 22.98 61.56
N ALA YB 207 32.84 22.24 61.82
CA ALA YB 207 32.99 20.77 61.74
C ALA YB 207 31.75 19.95 61.36
N ILE ZB 48 -18.30 93.24 47.76
CA ILE ZB 48 -17.88 94.02 46.56
C ILE ZB 48 -18.26 95.49 46.75
N LEU ZB 49 -17.32 96.39 46.42
CA LEU ZB 49 -17.64 97.81 46.44
C LEU ZB 49 -17.78 98.36 45.04
N PHE ZB 50 -17.04 97.83 44.05
CA PHE ZB 50 -17.12 98.46 42.76
C PHE ZB 50 -17.66 97.50 41.70
N PRO ZB 51 -18.54 97.95 40.79
CA PRO ZB 51 -18.98 97.10 39.69
C PRO ZB 51 -17.86 96.96 38.67
N GLU ZB 52 -18.17 96.27 37.57
CA GLU ZB 52 -17.14 95.88 36.63
C GLU ZB 52 -16.61 97.06 35.82
N GLY ZB 53 -17.27 98.23 35.89
CA GLY ZB 53 -16.91 99.36 35.04
C GLY ZB 53 -16.74 100.72 35.70
N SER ZB 54 -16.73 100.79 37.04
CA SER ZB 54 -16.62 102.08 37.71
C SER ZB 54 -15.17 102.61 37.63
N LEU ZB 55 -14.19 101.74 37.84
CA LEU ZB 55 -12.78 102.13 37.94
C LEU ZB 55 -12.14 102.29 36.57
N LYS ZB 56 -11.35 103.35 36.42
CA LYS ZB 56 -10.56 103.62 35.22
C LYS ZB 56 -9.14 104.05 35.62
N ASN ZB 57 -8.17 103.75 34.76
CA ASN ZB 57 -6.77 104.07 34.98
C ASN ZB 57 -6.43 105.46 34.43
N SER ZB 58 -5.13 105.75 34.30
CA SER ZB 58 -4.64 107.04 33.86
C SER ZB 58 -5.11 107.42 32.45
N ASN ZB 59 -5.02 106.48 31.52
CA ASN ZB 59 -5.38 106.72 30.13
C ASN ZB 59 -6.79 106.22 29.82
N ASN ZB 60 -7.66 106.19 30.83
CA ASN ZB 60 -9.11 106.07 30.67
C ASN ZB 60 -9.54 104.71 30.12
N THR ZB 61 -8.93 103.64 30.65
CA THR ZB 61 -9.32 102.29 30.29
C THR ZB 61 -9.71 101.49 31.54
N VAL ZB 62 -10.80 100.74 31.42
CA VAL ZB 62 -11.47 100.12 32.54
C VAL ZB 62 -10.69 98.92 33.09
N ILE ZB 63 -10.64 98.78 34.42
CA ILE ZB 63 -10.06 97.63 35.10
C ILE ZB 63 -11.12 97.03 36.02
N PRO ZB 64 -11.24 95.69 36.17
CA PRO ZB 64 -12.15 95.10 37.15
C PRO ZB 64 -11.79 95.31 38.61
N GLN ZB 65 -12.61 94.72 39.49
CA GLN ZB 65 -12.47 94.91 40.93
C GLN ZB 65 -11.15 94.27 41.41
N SER ZB 66 -10.89 93.04 40.97
CA SER ZB 66 -9.93 92.16 41.62
C SER ZB 66 -8.47 92.57 41.41
N HIS ZB 67 -8.25 93.56 40.53
CA HIS ZB 67 -6.92 94.00 40.13
C HIS ZB 67 -6.13 94.64 41.30
N LEU ZB 68 -6.88 95.06 42.30
CA LEU ZB 68 -6.38 95.80 43.45
C LEU ZB 68 -5.86 94.87 44.55
N LYS ZB 69 -5.73 93.57 44.27
CA LYS ZB 69 -5.42 92.62 45.33
C LYS ZB 69 -3.95 92.75 45.75
N GLY ZB 70 -3.71 92.63 47.06
CA GLY ZB 70 -2.34 92.57 47.60
C GLY ZB 70 -1.70 93.94 47.82
N LYS ZB 71 -2.48 95.02 47.64
CA LYS ZB 71 -1.95 96.37 47.67
C LYS ZB 71 -2.89 97.25 48.51
N SER ZB 72 -2.33 98.24 49.19
CA SER ZB 72 -3.05 99.13 50.08
C SER ZB 72 -3.68 100.23 49.23
N VAL ZB 73 -5.01 100.20 49.15
CA VAL ZB 73 -5.70 101.13 48.26
C VAL ZB 73 -6.46 102.14 49.12
N ALA ZB 74 -6.55 103.39 48.63
CA ALA ZB 74 -7.19 104.47 49.35
C ALA ZB 74 -8.02 105.35 48.40
N LEU ZB 75 -9.23 105.75 48.83
CA LEU ZB 75 -10.05 106.71 48.10
C LEU ZB 75 -9.56 108.11 48.44
N TYR ZB 76 -9.72 109.01 47.47
CA TYR ZB 76 -9.24 110.36 47.60
C TYR ZB 76 -10.36 111.30 47.18
N PHE ZB 77 -11.10 111.80 48.16
CA PHE ZB 77 -12.19 112.74 47.89
C PHE ZB 77 -11.61 114.13 47.73
N ALA ZB 78 -11.77 114.68 46.53
CA ALA ZB 78 -11.13 115.94 46.22
C ALA ZB 78 -11.95 116.71 45.19
N ASP ZB 79 -11.62 118.00 45.08
CA ASP ZB 79 -12.29 118.95 44.20
C ASP ZB 79 -11.24 119.74 43.43
N GLY ZB 80 -11.57 120.10 42.18
CA GLY ZB 80 -10.66 120.82 41.31
C GLY ZB 80 -10.38 122.25 41.79
N ALA ZB 81 -11.42 122.91 42.34
CA ALA ZB 81 -11.37 124.35 42.60
C ALA ZB 81 -10.89 124.67 44.01
N ASP ZB 82 -10.55 123.67 44.81
CA ASP ZB 82 -10.34 124.02 46.20
C ASP ZB 82 -8.87 124.27 46.51
N PRO ZB 83 -8.58 125.32 47.33
CA PRO ZB 83 -7.21 125.63 47.74
C PRO ZB 83 -6.53 124.48 48.49
N LYS ZB 84 -7.30 123.79 49.35
CA LYS ZB 84 -6.72 122.76 50.19
C LYS ZB 84 -6.37 121.52 49.38
N CYS ZB 85 -7.20 121.17 48.39
CA CYS ZB 85 -6.87 120.08 47.47
C CYS ZB 85 -5.66 120.43 46.63
N ALA ZB 86 -5.59 121.69 46.16
CA ALA ZB 86 -4.46 122.11 45.34
C ALA ZB 86 -3.16 122.06 46.15
N SER ZB 87 -3.27 122.31 47.47
CA SER ZB 87 -2.10 122.24 48.35
C SER ZB 87 -1.75 120.79 48.66
N LEU ZB 88 -2.74 119.90 48.76
CA LEU ZB 88 -2.50 118.53 49.17
C LEU ZB 88 -1.89 117.73 48.04
N LEU ZB 89 -2.28 118.02 46.79
CA LEU ZB 89 -1.95 117.20 45.63
C LEU ZB 89 -0.45 116.90 45.48
N PRO ZB 90 0.48 117.89 45.49
CA PRO ZB 90 1.89 117.59 45.26
C PRO ZB 90 2.53 116.73 46.34
N PHE ZB 91 2.09 116.83 47.60
CA PHE ZB 91 2.62 115.96 48.63
C PHE ZB 91 2.13 114.53 48.46
N LEU ZB 92 0.91 114.34 47.99
CA LEU ZB 92 0.44 113.01 47.67
C LEU ZB 92 1.20 112.44 46.49
N LEU ZB 93 1.52 113.26 45.50
CA LEU ZB 93 2.32 112.81 44.36
C LEU ZB 93 3.71 112.37 44.82
N ASN ZB 94 4.35 113.12 45.73
CA ASN ZB 94 5.66 112.81 46.30
C ASN ZB 94 5.57 111.48 47.05
N TYR ZB 95 4.48 111.33 47.83
CA TYR ZB 95 4.30 110.19 48.69
C TYR ZB 95 4.13 108.94 47.83
N TYR ZB 96 3.34 109.06 46.77
CA TYR ZB 96 3.10 107.99 45.82
C TYR ZB 96 4.42 107.56 45.19
N ARG ZB 97 5.18 108.55 44.75
CA ARG ZB 97 6.50 108.28 44.19
C ARG ZB 97 7.43 107.54 45.13
N THR ZB 98 7.56 108.02 46.35
CA THR ZB 98 8.47 107.40 47.31
C THR ZB 98 8.02 105.98 47.67
N MET ZB 99 6.76 105.76 48.03
CA MET ZB 99 6.33 104.42 48.39
C MET ZB 99 6.42 103.42 47.23
N ASN ZB 100 6.01 103.81 46.03
CA ASN ZB 100 6.06 102.88 44.91
C ASN ZB 100 7.46 102.80 44.30
N GLU ZB 101 8.39 103.67 44.71
CA GLU ZB 101 9.77 103.66 44.20
C GLU ZB 101 10.72 102.92 45.15
N GLY ZB 102 10.78 103.34 46.42
CA GLY ZB 102 11.83 102.91 47.33
C GLY ZB 102 11.45 101.59 47.99
N GLY ZB 103 11.55 100.49 47.22
CA GLY ZB 103 11.35 99.15 47.73
C GLY ZB 103 11.51 98.09 46.64
N ALA ZB 104 10.81 96.94 46.76
CA ALA ZB 104 10.72 95.99 45.66
C ALA ZB 104 9.30 95.90 45.07
N ASN ZB 105 8.27 96.45 45.71
CA ASN ZB 105 6.87 96.08 45.45
C ASN ZB 105 6.04 97.28 45.02
N GLN ZB 106 4.76 97.08 44.64
CA GLN ZB 106 3.84 98.19 44.44
C GLN ZB 106 2.86 98.22 45.59
N LYS ZB 107 3.08 99.16 46.54
CA LYS ZB 107 2.50 99.10 47.86
C LYS ZB 107 1.16 99.82 47.89
N ILE ZB 108 1.14 101.10 47.50
CA ILE ZB 108 -0.04 101.94 47.67
C ILE ZB 108 -0.68 102.22 46.32
N GLU ZB 109 -2.00 102.46 46.33
CA GLU ZB 109 -2.79 102.78 45.14
C GLU ZB 109 -3.89 103.79 45.51
N ILE ZB 110 -4.15 104.75 44.61
CA ILE ZB 110 -5.11 105.82 44.89
C ILE ZB 110 -6.27 105.77 43.90
N ILE ZB 111 -7.50 105.83 44.43
CA ILE ZB 111 -8.71 105.94 43.64
C ILE ZB 111 -9.34 107.31 43.91
N PHE ZB 112 -9.37 108.15 42.89
CA PHE ZB 112 -9.89 109.50 43.00
C PHE ZB 112 -11.42 109.51 42.95
N VAL ZB 113 -12.04 110.22 43.89
CA VAL ZB 113 -13.46 110.50 43.83
C VAL ZB 113 -13.63 112.01 43.77
N SER ZB 114 -14.49 112.41 42.84
CA SER ZB 114 -14.55 113.78 42.40
C SER ZB 114 -15.73 114.52 43.02
N LEU ZB 115 -15.48 115.81 43.29
CA LEU ZB 115 -16.51 116.73 43.72
C LEU ZB 115 -16.60 117.94 42.79
N ASP ZB 116 -16.03 117.82 41.57
CA ASP ZB 116 -16.07 118.94 40.63
C ASP ZB 116 -17.49 119.18 40.12
N ARG ZB 117 -17.70 120.37 39.59
CA ARG ZB 117 -19.03 120.81 39.22
C ARG ZB 117 -19.49 120.16 37.91
N ASP ZB 118 -18.59 119.93 36.96
CA ASP ZB 118 -19.02 119.53 35.63
C ASP ZB 118 -17.94 118.69 34.95
N ARG ZB 119 -18.25 118.24 33.72
CA ARG ZB 119 -17.49 117.18 33.06
C ARG ZB 119 -16.08 117.64 32.70
N GLU ZB 120 -16.02 118.86 32.18
CA GLU ZB 120 -14.78 119.46 31.72
C GLU ZB 120 -13.81 119.70 32.89
N ALA ZB 121 -14.33 120.21 34.01
CA ALA ZB 121 -13.51 120.44 35.19
C ALA ZB 121 -13.04 119.11 35.77
N PHE ZB 122 -13.92 118.10 35.72
CA PHE ZB 122 -13.57 116.79 36.23
C PHE ZB 122 -12.39 116.20 35.46
N GLU ZB 123 -12.50 116.18 34.12
CA GLU ZB 123 -11.46 115.61 33.27
C GLU ZB 123 -10.16 116.44 33.40
N SER ZB 124 -10.30 117.76 33.55
CA SER ZB 124 -9.14 118.65 33.67
C SER ZB 124 -8.37 118.33 34.95
N HIS ZB 125 -9.08 118.09 36.05
CA HIS ZB 125 -8.39 117.75 37.28
C HIS ZB 125 -7.92 116.29 37.27
N ARG ZB 126 -8.58 115.45 36.47
CA ARG ZB 126 -8.22 114.03 36.41
C ARG ZB 126 -6.93 113.83 35.62
N ALA ZB 127 -6.64 114.71 34.65
CA ALA ZB 127 -5.44 114.62 33.84
C ALA ZB 127 -4.17 114.86 34.66
N HIS ZB 128 -4.29 115.50 35.81
CA HIS ZB 128 -3.14 115.81 36.68
C HIS ZB 128 -2.64 114.59 37.45
N MET ZB 129 -3.43 113.50 37.49
CA MET ZB 129 -3.17 112.47 38.47
C MET ZB 129 -2.83 111.15 37.78
N PRO ZB 130 -1.75 110.46 38.24
CA PRO ZB 130 -1.37 109.19 37.63
C PRO ZB 130 -2.02 107.92 38.18
N TRP ZB 131 -3.08 108.08 38.98
CA TRP ZB 131 -3.70 106.94 39.63
C TRP ZB 131 -5.15 106.80 39.14
N LEU ZB 132 -5.86 105.82 39.69
CA LEU ZB 132 -7.19 105.44 39.24
C LEU ZB 132 -8.20 106.51 39.67
N SER ZB 133 -9.33 106.62 38.96
CA SER ZB 133 -10.38 107.57 39.28
C SER ZB 133 -11.76 106.99 38.98
N ILE ZB 134 -12.78 107.46 39.71
CA ILE ZB 134 -14.17 107.07 39.50
C ILE ZB 134 -14.82 108.18 38.68
N ASP ZB 135 -15.48 107.78 37.60
CA ASP ZB 135 -16.22 108.68 36.73
C ASP ZB 135 -17.42 109.27 37.48
N LEU ZB 136 -17.60 110.59 37.25
CA LEU ZB 136 -18.60 111.34 37.99
C LEU ZB 136 -20.04 110.92 37.65
N GLU ZB 137 -20.31 110.55 36.39
CA GLU ZB 137 -21.69 110.34 35.99
C GLU ZB 137 -22.25 108.99 36.43
N ASN ZB 138 -21.37 108.03 36.77
CA ASN ZB 138 -21.80 106.75 37.33
C ASN ZB 138 -22.43 107.02 38.69
N PRO ZB 139 -23.66 106.52 38.98
CA PRO ZB 139 -24.35 106.85 40.23
C PRO ZB 139 -23.96 105.97 41.42
N LEU ZB 140 -22.70 105.45 41.36
CA LEU ZB 140 -22.05 104.90 42.55
C LEU ZB 140 -21.67 106.03 43.52
N THR ZB 141 -21.24 107.17 42.94
CA THR ZB 141 -20.59 108.27 43.62
C THR ZB 141 -21.43 108.87 44.74
N GLU ZB 142 -22.72 109.11 44.50
CA GLU ZB 142 -23.65 109.68 45.48
C GLU ZB 142 -23.72 108.75 46.70
N ILE ZB 143 -23.82 107.46 46.37
CA ILE ZB 143 -23.95 106.41 47.37
C ILE ZB 143 -22.66 106.33 48.22
N LEU ZB 144 -21.49 106.49 47.58
CA LEU ZB 144 -20.20 106.53 48.28
C LEU ZB 144 -20.09 107.75 49.19
N LYS ZB 145 -20.57 108.92 48.75
CA LYS ZB 145 -20.56 110.13 49.56
C LYS ZB 145 -21.44 109.90 50.78
N ARG ZB 146 -22.63 109.33 50.57
CA ARG ZB 146 -23.54 109.12 51.67
C ARG ZB 146 -23.01 108.08 52.67
N HIS ZB 147 -22.24 107.10 52.17
CA HIS ZB 147 -21.63 106.11 53.05
C HIS ZB 147 -20.50 106.71 53.91
N PHE ZB 148 -19.61 107.49 53.30
CA PHE ZB 148 -18.40 107.95 53.98
C PHE ZB 148 -18.55 109.35 54.58
N ARG ZB 149 -19.75 109.94 54.47
CA ARG ZB 149 -20.22 111.18 55.07
C ARG ZB 149 -19.33 112.37 54.72
N VAL ZB 150 -18.54 112.26 53.65
CA VAL ZB 150 -17.88 113.42 53.12
C VAL ZB 150 -18.88 114.13 52.21
N MET ZB 151 -18.80 115.46 52.18
CA MET ZB 151 -19.74 116.24 51.39
C MET ZB 151 -19.25 117.69 51.34
N LYS ZB 152 -19.47 118.31 50.18
CA LYS ZB 152 -19.04 119.67 49.91
C LYS ZB 152 -19.84 120.66 50.75
N SER ZB 163 -21.87 115.56 57.84
CA SER ZB 163 -21.34 116.79 57.21
C SER ZB 163 -20.06 117.24 57.91
N ARG ZB 164 -19.63 116.46 58.91
CA ARG ZB 164 -18.47 116.81 59.71
C ARG ZB 164 -17.17 116.61 58.91
N THR ZB 165 -17.20 115.74 57.89
CA THR ZB 165 -16.03 115.49 57.07
C THR ZB 165 -16.22 116.09 55.67
N GLY ZB 166 -15.15 116.70 55.15
CA GLY ZB 166 -15.22 117.32 53.84
C GLY ZB 166 -13.95 117.12 53.02
N VAL ZB 167 -13.93 117.85 51.90
CA VAL ZB 167 -12.78 117.95 51.02
C VAL ZB 167 -11.64 118.66 51.77
N PRO ZB 168 -10.36 118.27 51.60
CA PRO ZB 168 -9.97 117.01 50.94
C PRO ZB 168 -9.90 115.88 51.96
N SER ZB 169 -10.03 114.63 51.49
CA SER ZB 169 -10.01 113.51 52.41
C SER ZB 169 -9.50 112.27 51.72
N VAL ZB 170 -8.33 111.79 52.12
CA VAL ZB 170 -7.87 110.47 51.68
C VAL ZB 170 -8.19 109.48 52.79
N ILE ZB 171 -8.81 108.37 52.40
CA ILE ZB 171 -9.38 107.40 53.33
C ILE ZB 171 -9.02 106.01 52.83
N VAL ZB 172 -8.41 105.21 53.71
CA VAL ZB 172 -8.01 103.88 53.32
C VAL ZB 172 -9.22 102.95 53.52
N ILE ZB 173 -9.33 101.95 52.65
CA ILE ZB 173 -10.44 101.01 52.72
C ILE ZB 173 -9.87 99.61 52.92
N GLY ZB 174 -10.59 98.82 53.70
CA GLY ZB 174 -10.18 97.45 53.93
C GLY ZB 174 -10.69 96.53 52.83
N SER ZB 175 -10.52 95.23 53.07
CA SER ZB 175 -11.08 94.19 52.21
C SER ZB 175 -12.60 94.07 52.40
N ASP ZB 176 -13.14 94.53 53.53
CA ASP ZB 176 -14.52 94.31 53.91
C ASP ZB 176 -15.41 95.53 53.67
N GLY ZB 177 -15.01 96.44 52.78
CA GLY ZB 177 -15.80 97.63 52.58
C GLY ZB 177 -15.81 98.59 53.75
N ARG ZB 178 -14.75 98.56 54.57
CA ARG ZB 178 -14.71 99.36 55.77
C ARG ZB 178 -13.39 100.11 55.82
N GLU ZB 179 -13.42 101.23 56.54
CA GLU ZB 179 -12.32 102.19 56.58
C GLU ZB 179 -11.47 102.00 57.84
N ALA ZB 180 -10.15 102.10 57.68
CA ALA ZB 180 -9.23 101.89 58.80
C ALA ZB 180 -8.85 103.23 59.44
N GLN ZB 181 -8.16 104.07 58.66
CA GLN ZB 181 -7.62 105.32 59.17
C GLN ZB 181 -8.10 106.49 58.32
N PHE ZB 182 -8.46 107.61 58.98
CA PHE ZB 182 -9.07 108.74 58.30
C PHE ZB 182 -8.03 109.61 57.62
N LEU ZB 183 -6.73 109.42 57.96
CA LEU ZB 183 -5.62 110.20 57.44
C LEU ZB 183 -5.87 111.70 57.71
N PRO ZB 184 -5.62 112.17 58.96
CA PRO ZB 184 -6.13 113.44 59.47
C PRO ZB 184 -5.59 114.72 58.83
N ILE ZB 185 -5.95 114.94 57.56
CA ILE ZB 185 -5.64 116.19 56.88
C ILE ZB 185 -6.62 117.32 57.22
N CYS ZB 186 -7.86 116.97 57.56
CA CYS ZB 186 -8.83 117.88 58.18
C CYS ZB 186 -9.59 117.13 59.27
N SER ZB 187 -9.06 117.25 60.50
CA SER ZB 187 -9.65 116.60 61.66
C SER ZB 187 -9.39 117.47 62.89
N GLY ZB 188 -9.44 116.81 64.06
CA GLY ZB 188 -8.99 117.38 65.32
C GLY ZB 188 -7.48 117.56 65.37
N LEU ZB 189 -6.74 116.78 64.57
CA LEU ZB 189 -5.28 116.79 64.60
C LEU ZB 189 -4.72 117.97 63.80
N GLU ZB 190 -5.42 118.35 62.73
CA GLU ZB 190 -5.19 119.56 61.94
C GLU ZB 190 -3.75 119.61 61.43
N GLU ZB 191 -3.21 118.44 61.07
CA GLU ZB 191 -1.85 118.38 60.57
C GLU ZB 191 -1.87 117.84 59.14
N GLY ZB 192 -2.24 118.70 58.17
CA GLY ZB 192 -2.26 118.32 56.77
C GLY ZB 192 -0.85 118.23 56.21
N ASP ZB 193 -0.70 117.43 55.13
CA ASP ZB 193 0.52 117.28 54.36
C ASP ZB 193 1.60 116.52 55.13
N ARG ZB 194 1.32 116.18 56.39
CA ARG ZB 194 2.20 115.36 57.22
C ARG ZB 194 1.45 114.20 57.88
N ALA ZB 195 0.13 114.20 57.75
CA ALA ZB 195 -0.75 113.13 58.19
C ALA ZB 195 -0.61 111.88 57.32
N LEU ZB 196 0.02 112.04 56.15
CA LEU ZB 196 0.18 110.95 55.20
C LEU ZB 196 1.09 109.85 55.73
N LEU ZB 197 1.94 110.20 56.70
CA LEU ZB 197 2.86 109.25 57.33
C LEU ZB 197 2.10 108.24 58.19
N ARG ZB 198 0.87 108.60 58.61
CA ARG ZB 198 0.13 107.76 59.54
C ARG ZB 198 -0.44 106.52 58.83
N TRP ZB 199 -0.30 106.48 57.51
CA TRP ZB 199 -0.70 105.33 56.70
C TRP ZB 199 0.08 104.09 57.10
N ASP ZB 200 -0.66 103.01 57.34
CA ASP ZB 200 -0.10 101.73 57.73
C ASP ZB 200 -0.42 100.70 56.65
N TRP ZB 201 0.38 100.71 55.59
CA TRP ZB 201 0.14 99.89 54.41
C TRP ZB 201 0.44 98.41 54.66
N ARG ZB 202 1.12 98.11 55.76
CA ARG ZB 202 1.29 96.70 56.15
C ARG ZB 202 -0.02 96.15 56.73
N ASN ZB 203 -0.68 96.94 57.60
CA ASN ZB 203 -1.90 96.48 58.27
C ASN ZB 203 -3.11 96.51 57.33
N THR ZB 204 -3.13 97.46 56.39
CA THR ZB 204 -4.19 97.48 55.40
C THR ZB 204 -3.67 96.94 54.07
N LYS ZB 205 -4.28 95.85 53.60
CA LYS ZB 205 -3.99 95.27 52.31
C LYS ZB 205 -5.29 94.75 51.73
N PHE ZB 206 -5.64 95.19 50.52
CA PHE ZB 206 -6.89 94.82 49.87
C PHE ZB 206 -6.92 93.33 49.53
N ALA ZB 207 -8.07 92.70 49.82
CA ALA ZB 207 -8.21 91.25 49.65
C ALA ZB 207 -9.68 90.87 49.41
N SER AC 2 48.90 29.85 49.61
CA SER AC 2 49.17 31.08 50.41
C SER AC 2 50.64 31.49 50.25
N GLN AC 3 51.05 31.61 49.00
CA GLN AC 3 52.33 32.20 48.63
C GLN AC 3 52.14 32.94 47.33
N PRO AC 4 52.59 34.22 47.19
CA PRO AC 4 53.18 34.99 48.29
C PRO AC 4 52.14 35.69 49.17
N VAL AC 5 50.89 35.66 48.74
CA VAL AC 5 49.81 36.41 49.36
C VAL AC 5 48.63 35.46 49.58
N PHE AC 6 47.88 35.69 50.65
CA PHE AC 6 46.73 34.85 50.95
C PHE AC 6 45.55 35.24 50.07
N ALA AC 7 45.46 36.53 49.78
CA ALA AC 7 44.28 37.12 49.16
C ALA AC 7 44.56 37.35 47.66
N SER AC 8 44.50 36.26 46.89
CA SER AC 8 44.71 36.32 45.46
C SER AC 8 43.81 35.28 44.78
N PRO AC 9 43.40 35.56 43.52
CA PRO AC 9 42.55 34.64 42.75
C PRO AC 9 43.07 33.23 42.48
N LEU AC 10 44.36 33.07 42.19
CA LEU AC 10 44.87 31.72 42.01
C LEU AC 10 44.86 30.97 43.34
N ASN AC 11 45.12 31.69 44.44
CA ASN AC 11 45.15 31.03 45.73
C ASN AC 11 43.74 30.58 46.14
N VAL AC 12 42.73 31.39 45.86
CA VAL AC 12 41.39 30.99 46.26
C VAL AC 12 40.88 29.88 45.32
N GLU AC 13 41.31 29.86 44.06
CA GLU AC 13 41.00 28.78 43.13
C GLU AC 13 41.63 27.45 43.62
N LYS AC 14 42.89 27.50 44.04
CA LYS AC 14 43.56 26.28 44.47
C LYS AC 14 43.02 25.83 45.82
N ARG AC 15 42.62 26.78 46.66
CA ARG AC 15 41.94 26.43 47.91
C ARG AC 15 40.62 25.72 47.62
N ARG AC 16 39.84 26.18 46.64
CA ARG AC 16 38.60 25.54 46.25
C ARG AC 16 38.84 24.10 45.78
N LEU AC 17 39.81 23.91 44.84
CA LEU AC 17 40.06 22.58 44.27
C LEU AC 17 40.52 21.63 45.37
N ASN AC 18 41.43 22.11 46.23
CA ASN AC 18 42.03 21.24 47.22
C ASN AC 18 41.05 20.91 48.33
N GLU AC 19 40.18 21.84 48.73
CA GLU AC 19 39.15 21.58 49.72
C GLU AC 19 38.18 20.54 49.17
N GLU AC 20 37.83 20.66 47.86
CA GLU AC 20 36.96 19.70 47.19
C GLU AC 20 37.60 18.30 47.21
N ARG AC 21 38.91 18.26 46.92
CA ARG AC 21 39.68 17.02 46.86
C ARG AC 21 39.70 16.34 48.23
N ALA AC 22 39.97 17.10 49.30
CA ALA AC 22 40.03 16.53 50.63
C ALA AC 22 38.65 16.03 51.09
N LEU AC 23 37.59 16.79 50.75
CA LEU AC 23 36.25 16.36 51.14
C LEU AC 23 35.82 15.11 50.38
N MET AC 24 36.19 15.03 49.08
CA MET AC 24 35.93 13.85 48.26
C MET AC 24 36.64 12.64 48.88
N GLN AC 25 37.90 12.83 49.34
CA GLN AC 25 38.68 11.79 49.98
C GLN AC 25 37.93 11.26 51.22
N ALA AC 26 37.48 12.21 52.05
CA ALA AC 26 36.82 11.88 53.31
C ALA AC 26 35.53 11.09 53.04
N GLN AC 27 34.78 11.54 52.02
CA GLN AC 27 33.50 10.92 51.70
C GLN AC 27 33.69 9.53 51.08
N LYS AC 28 34.78 9.33 50.32
CA LYS AC 28 35.08 8.02 49.74
C LYS AC 28 35.51 7.04 50.83
N ALA AC 29 36.36 7.50 51.76
CA ALA AC 29 36.89 6.60 52.78
C ALA AC 29 36.13 6.73 54.10
N ASN AC 35 40.30 10.83 59.11
CA ASN AC 35 41.72 10.74 59.51
C ASN AC 35 42.60 11.57 58.57
N ILE AC 36 41.97 12.45 57.78
CA ILE AC 36 42.65 13.39 56.91
C ILE AC 36 42.31 14.77 57.44
N GLN AC 37 43.33 15.62 57.53
CA GLN AC 37 43.17 16.92 58.14
C GLN AC 37 42.53 17.86 57.11
N LEU AC 38 41.40 18.45 57.51
CA LEU AC 38 40.76 19.57 56.81
C LEU AC 38 40.87 20.84 57.66
N PRO AC 39 41.11 22.05 57.12
CA PRO AC 39 41.26 22.32 55.68
C PRO AC 39 42.65 21.93 55.21
N PRO AC 40 42.83 21.55 53.91
CA PRO AC 40 44.10 21.04 53.41
C PRO AC 40 45.24 22.03 53.61
N ASN AC 41 46.40 21.49 53.95
CA ASN AC 41 47.59 22.27 54.19
C ASN AC 41 48.15 22.74 52.86
N TYR AC 42 48.93 23.81 52.95
CA TYR AC 42 49.48 24.43 51.76
C TYR AC 42 50.46 23.51 51.06
N GLY AC 43 51.21 22.68 51.83
CA GLY AC 43 52.05 21.63 51.27
C GLY AC 43 51.27 20.62 50.43
N ASP AC 44 50.11 20.22 50.96
CA ASP AC 44 49.31 19.15 50.37
C ASP AC 44 48.61 19.64 49.12
N MET AC 45 48.39 20.96 49.02
CA MET AC 45 47.65 21.54 47.91
C MET AC 45 48.41 21.34 46.59
N ASP AC 46 47.66 21.16 45.50
CA ASP AC 46 48.23 20.94 44.18
C ASP AC 46 47.53 21.86 43.18
N LEU AC 47 48.25 22.25 42.13
CA LEU AC 47 47.77 23.31 41.25
C LEU AC 47 48.32 23.16 39.84
N ILE AC 48 47.44 23.38 38.86
CA ILE AC 48 47.88 23.69 37.52
C ILE AC 48 47.86 25.20 37.36
N LEU AC 49 49.01 25.78 37.03
CA LEU AC 49 49.09 27.22 36.99
C LEU AC 49 48.58 27.72 35.64
N PHE AC 50 48.97 26.99 34.58
CA PHE AC 50 48.55 27.35 33.25
C PHE AC 50 47.58 26.28 32.74
N PRO AC 51 46.31 26.65 32.47
CA PRO AC 51 45.39 25.73 31.79
C PRO AC 51 45.86 25.38 30.38
N GLU AC 52 45.13 24.51 29.67
CA GLU AC 52 45.77 23.89 28.52
C GLU AC 52 46.05 24.89 27.40
N GLY AC 53 45.32 26.02 27.37
CA GLY AC 53 45.43 27.01 26.31
C GLY AC 53 46.00 28.37 26.72
N SER AC 54 46.78 28.42 27.80
CA SER AC 54 47.28 29.69 28.31
C SER AC 54 48.47 30.21 27.47
N LEU AC 55 49.56 29.46 27.41
CA LEU AC 55 50.77 29.93 26.73
C LEU AC 55 50.62 29.78 25.23
N LYS AC 56 51.33 30.65 24.51
CA LYS AC 56 51.52 30.47 23.09
C LYS AC 56 52.82 31.13 22.68
N ASN AC 57 53.44 30.50 21.69
CA ASN AC 57 54.70 30.98 21.16
C ASN AC 57 54.44 31.97 20.03
N SER AC 58 55.54 32.22 19.32
CA SER AC 58 55.66 33.21 18.28
C SER AC 58 54.74 32.95 17.06
N ASN AC 59 54.37 31.67 16.79
CA ASN AC 59 53.38 31.41 15.74
C ASN AC 59 52.01 30.92 16.20
N ASN AC 60 51.59 31.38 17.38
CA ASN AC 60 50.24 31.08 17.90
C ASN AC 60 49.89 29.59 17.94
N THR AC 61 50.87 28.79 18.37
CA THR AC 61 50.65 27.39 18.64
C THR AC 61 50.79 27.16 20.14
N VAL AC 62 49.76 26.54 20.69
CA VAL AC 62 49.66 26.44 22.13
C VAL AC 62 50.58 25.33 22.63
N ILE AC 63 51.22 25.58 23.76
CA ILE AC 63 52.09 24.60 24.41
C ILE AC 63 51.67 24.39 25.88
N PRO AC 64 51.63 23.14 26.39
CA PRO AC 64 51.18 22.82 27.76
C PRO AC 64 52.14 23.24 28.87
N GLN AC 65 51.73 22.99 30.11
CA GLN AC 65 52.56 23.36 31.26
C GLN AC 65 53.75 22.43 31.38
N SER AC 66 53.54 21.16 31.02
CA SER AC 66 54.51 20.10 31.30
C SER AC 66 55.78 20.31 30.49
N HIS AC 67 55.69 21.09 29.41
CA HIS AC 67 56.85 21.35 28.56
C HIS AC 67 57.89 22.26 29.22
N LEU AC 68 57.54 22.83 30.38
CA LEU AC 68 58.40 23.86 30.97
C LEU AC 68 59.26 23.30 32.11
N LYS AC 69 59.35 21.98 32.22
CA LYS AC 69 60.13 21.39 33.30
C LYS AC 69 61.63 21.65 33.10
N GLY AC 70 62.35 21.85 34.21
CA GLY AC 70 63.78 22.06 34.27
C GLY AC 70 64.27 23.36 33.65
N LYS AC 71 63.37 24.34 33.46
CA LYS AC 71 63.75 25.62 32.89
C LYS AC 71 63.39 26.75 33.84
N SER AC 72 64.28 27.74 33.91
CA SER AC 72 64.03 28.94 34.69
C SER AC 72 63.06 29.82 33.90
N VAL AC 73 61.85 29.96 34.41
CA VAL AC 73 60.82 30.70 33.71
C VAL AC 73 60.62 32.03 34.41
N ALA AC 74 60.75 33.13 33.66
CA ALA AC 74 60.61 34.45 34.23
C ALA AC 74 59.55 35.22 33.46
N LEU AC 75 58.73 35.92 34.24
CA LEU AC 75 57.62 36.66 33.70
C LEU AC 75 58.02 38.10 33.58
N TYR AC 76 57.74 38.62 32.40
CA TYR AC 76 58.03 39.99 32.06
C TYR AC 76 56.69 40.71 32.04
N PHE AC 77 56.45 41.47 33.11
CA PHE AC 77 55.26 42.30 33.18
C PHE AC 77 55.61 43.62 32.53
N ALA AC 78 54.90 43.94 31.45
CA ALA AC 78 55.33 45.00 30.56
C ALA AC 78 54.14 45.70 29.91
N ASP AC 79 54.38 46.94 29.47
CA ASP AC 79 53.39 47.77 28.80
C ASP AC 79 54.03 48.35 27.55
N GLY AC 80 53.25 48.43 26.46
CA GLY AC 80 53.72 48.89 25.15
C GLY AC 80 54.24 50.31 25.14
N ALA AC 81 53.44 51.17 25.79
CA ALA AC 81 53.54 52.62 25.77
C ALA AC 81 54.66 53.14 26.69
N ASP AC 82 55.23 52.27 27.55
CA ASP AC 82 56.16 52.70 28.57
C ASP AC 82 57.50 53.06 27.91
N PRO AC 83 58.05 54.28 28.11
CA PRO AC 83 59.40 54.61 27.63
C PRO AC 83 60.43 53.67 28.24
N LYS AC 84 60.17 53.34 29.50
CA LYS AC 84 61.08 52.61 30.35
C LYS AC 84 61.08 51.15 29.88
N CYS AC 85 59.91 50.60 29.54
CA CYS AC 85 59.80 49.27 28.94
C CYS AC 85 60.46 49.21 27.56
N ALA AC 86 60.25 50.25 26.72
CA ALA AC 86 60.82 50.25 25.38
C ALA AC 86 62.36 50.32 25.47
N SER AC 87 62.85 50.91 26.57
CA SER AC 87 64.28 50.96 26.85
C SER AC 87 64.80 49.61 27.37
N LEU AC 88 64.00 48.90 28.18
CA LEU AC 88 64.48 47.67 28.80
C LEU AC 88 64.49 46.52 27.79
N LEU AC 89 63.56 46.48 26.83
CA LEU AC 89 63.40 45.37 25.89
C LEU AC 89 64.70 44.88 25.22
N PRO AC 90 65.57 45.75 24.64
CA PRO AC 90 66.74 45.23 23.92
C PRO AC 90 67.82 44.59 24.77
N PHE AC 91 68.03 45.07 26.00
CA PHE AC 91 68.92 44.37 26.93
C PHE AC 91 68.41 42.98 27.27
N LEU AC 92 67.12 42.83 27.37
CA LEU AC 92 66.59 41.55 27.76
C LEU AC 92 66.57 40.61 26.54
N LEU AC 93 66.40 41.15 25.31
CA LEU AC 93 66.64 40.38 24.09
C LEU AC 93 68.08 39.84 24.11
N ASN AC 94 69.04 40.74 24.38
CA ASN AC 94 70.46 40.41 24.37
C ASN AC 94 70.75 39.36 25.44
N TYR AC 95 70.17 39.57 26.62
CA TYR AC 95 70.42 38.71 27.75
C TYR AC 95 69.88 37.30 27.46
N TYR AC 96 68.68 37.22 26.90
CA TYR AC 96 68.08 35.95 26.47
C TYR AC 96 69.05 35.24 25.53
N ARG AC 97 69.43 35.94 24.47
CA ARG AC 97 70.29 35.42 23.42
C ARG AC 97 71.59 34.85 23.99
N THR AC 98 72.35 35.66 24.73
CA THR AC 98 73.72 35.36 25.16
C THR AC 98 73.78 34.57 26.45
N MET AC 99 72.62 34.30 27.07
CA MET AC 99 72.76 33.25 28.06
C MET AC 99 72.34 31.90 27.53
N ASN AC 100 71.24 31.80 26.78
CA ASN AC 100 70.81 30.44 26.46
C ASN AC 100 71.40 29.99 25.13
N GLU AC 101 72.27 30.78 24.54
CA GLU AC 101 73.07 30.34 23.40
C GLU AC 101 74.37 29.65 23.85
N GLY AC 102 75.19 30.32 24.67
CA GLY AC 102 76.46 29.78 25.16
C GLY AC 102 76.34 28.76 26.29
N GLY AC 103 75.82 27.57 25.98
CA GLY AC 103 75.74 26.47 26.93
C GLY AC 103 75.15 25.20 26.31
N ALA AC 104 74.84 24.21 27.15
CA ALA AC 104 74.43 22.90 26.68
C ALA AC 104 72.97 22.86 26.24
N ASN AC 105 72.05 23.57 26.89
CA ASN AC 105 70.62 23.26 26.75
C ASN AC 105 69.84 24.55 26.93
N GLN AC 106 68.52 24.45 27.07
CA GLN AC 106 67.70 25.64 27.26
C GLN AC 106 67.65 25.97 28.75
N LYS AC 107 68.07 27.20 29.12
CA LYS AC 107 68.19 27.47 30.54
C LYS AC 107 66.99 28.32 30.93
N ILE AC 108 66.83 29.47 30.26
CA ILE AC 108 65.84 30.46 30.60
C ILE AC 108 64.74 30.52 29.54
N GLU AC 109 63.52 30.90 29.97
CA GLU AC 109 62.39 31.18 29.09
C GLU AC 109 61.50 32.24 29.71
N ILE AC 110 60.96 33.13 28.86
CA ILE AC 110 60.28 34.34 29.31
C ILE AC 110 58.84 34.34 28.84
N ILE AC 111 57.96 34.52 29.83
CA ILE AC 111 56.54 34.66 29.59
C ILE AC 111 56.18 36.13 29.69
N PHE AC 112 55.51 36.62 28.65
CA PHE AC 112 55.12 38.01 28.59
C PHE AC 112 53.69 38.20 29.11
N VAL AC 113 53.55 39.16 30.02
CA VAL AC 113 52.26 39.52 30.58
C VAL AC 113 52.02 41.01 30.34
N SER AC 114 50.91 41.30 29.65
CA SER AC 114 50.63 42.63 29.15
C SER AC 114 49.85 43.45 30.16
N LEU AC 115 50.24 44.74 30.28
CA LEU AC 115 49.49 45.74 31.03
C LEU AC 115 48.92 46.77 30.06
N ASP AC 116 48.96 46.45 28.77
CA ASP AC 116 48.54 47.37 27.73
C ASP AC 116 47.02 47.47 27.72
N ARG AC 117 46.47 48.24 26.77
CA ARG AC 117 45.08 48.63 26.94
C ARG AC 117 44.14 48.02 25.90
N ASP AC 118 44.67 47.49 24.78
CA ASP AC 118 43.80 46.85 23.80
C ASP AC 118 44.57 45.88 22.93
N ARG AC 119 43.78 45.20 22.08
CA ARG AC 119 44.20 44.09 21.24
C ARG AC 119 45.34 44.50 20.30
N GLU AC 120 45.17 45.65 19.66
CA GLU AC 120 46.08 46.07 18.59
C GLU AC 120 47.44 46.42 19.20
N ALA AC 121 47.40 47.12 20.34
CA ALA AC 121 48.63 47.52 21.01
C ALA AC 121 49.35 46.28 21.55
N PHE AC 122 48.58 45.33 22.06
CA PHE AC 122 49.20 44.10 22.51
C PHE AC 122 49.83 43.29 21.38
N GLU AC 123 49.15 43.20 20.21
CA GLU AC 123 49.68 42.51 19.03
C GLU AC 123 51.00 43.14 18.62
N SER AC 124 51.00 44.48 18.56
CA SER AC 124 52.15 45.19 18.08
C SER AC 124 53.32 44.99 19.05
N HIS AC 125 53.03 44.98 20.36
CA HIS AC 125 54.09 44.82 21.35
C HIS AC 125 54.60 43.38 21.40
N ARG AC 126 53.76 42.41 21.02
CA ARG AC 126 54.15 41.01 21.03
C ARG AC 126 54.90 40.58 19.76
N ALA AC 127 54.65 41.27 18.64
CA ALA AC 127 55.36 40.95 17.40
C ALA AC 127 56.86 41.25 17.53
N HIS AC 128 57.26 42.11 18.50
CA HIS AC 128 58.65 42.46 18.75
C HIS AC 128 59.46 41.36 19.45
N MET AC 129 58.76 40.32 19.93
CA MET AC 129 59.37 39.49 20.95
C MET AC 129 59.33 38.03 20.52
N PRO AC 130 60.40 37.25 20.76
CA PRO AC 130 60.38 35.85 20.32
C PRO AC 130 59.93 34.83 21.37
N TRP AC 131 59.65 35.29 22.59
CA TRP AC 131 59.39 34.36 23.68
C TRP AC 131 57.89 34.32 23.96
N LEU AC 132 57.55 33.47 24.91
CA LEU AC 132 56.17 33.05 25.00
C LEU AC 132 55.37 34.16 25.67
N SER AC 133 54.06 34.11 25.44
CA SER AC 133 53.24 35.23 25.89
C SER AC 133 51.86 34.72 26.32
N ILE AC 134 51.16 35.53 27.13
CA ILE AC 134 49.80 35.22 27.52
C ILE AC 134 48.87 36.28 26.97
N ASP AC 135 47.78 35.80 26.35
CA ASP AC 135 46.80 36.62 25.68
C ASP AC 135 46.07 37.51 26.70
N LEU AC 136 45.62 38.67 26.21
CA LEU AC 136 45.04 39.69 27.06
C LEU AC 136 43.64 39.27 27.53
N GLU AC 137 42.82 38.72 26.62
CA GLU AC 137 41.44 38.32 26.93
C GLU AC 137 41.37 37.15 27.90
N ASN AC 138 42.45 36.35 27.97
CA ASN AC 138 42.51 35.26 28.92
C ASN AC 138 42.47 35.88 30.31
N PRO AC 139 41.48 35.55 31.18
CA PRO AC 139 41.34 36.22 32.48
C PRO AC 139 42.53 36.09 33.42
N LEU AC 140 43.41 35.14 33.10
CA LEU AC 140 44.61 34.83 33.87
C LEU AC 140 45.55 36.05 33.95
N THR AC 141 45.46 37.01 33.04
CA THR AC 141 46.27 38.21 33.14
C THR AC 141 45.83 39.09 34.30
N GLU AC 142 44.51 39.30 34.44
CA GLU AC 142 43.97 40.01 35.59
C GLU AC 142 44.26 39.27 36.89
N ILE AC 143 44.08 37.94 36.81
CA ILE AC 143 44.32 37.08 37.96
C ILE AC 143 45.80 37.18 38.37
N LEU AC 144 46.72 37.25 37.41
CA LEU AC 144 48.13 37.25 37.72
C LEU AC 144 48.61 38.60 38.23
N LYS AC 145 48.04 39.68 37.72
CA LYS AC 145 48.36 40.98 38.27
C LYS AC 145 47.95 41.06 39.73
N ARG AC 146 46.76 40.53 40.00
CA ARG AC 146 46.30 40.56 41.37
C ARG AC 146 47.11 39.63 42.25
N HIS AC 147 47.59 38.52 41.68
CA HIS AC 147 48.37 37.57 42.45
C HIS AC 147 49.71 38.18 42.84
N PHE AC 148 50.38 38.82 41.88
CA PHE AC 148 51.74 39.24 42.13
C PHE AC 148 51.87 40.70 42.55
N ARG AC 149 50.73 41.40 42.72
CA ARG AC 149 50.73 42.75 43.29
C ARG AC 149 51.51 43.72 42.39
N VAL AC 150 51.21 43.61 41.08
CA VAL AC 150 51.79 44.49 40.08
C VAL AC 150 50.69 45.45 39.62
N MET AC 151 51.02 46.73 39.67
CA MET AC 151 50.03 47.76 39.41
C MET AC 151 50.73 49.06 39.05
N LYS AC 152 50.25 49.73 38.01
CA LYS AC 152 50.82 51.01 37.56
C LYS AC 152 50.11 52.18 38.26
N GLU AC 153 48.81 51.99 38.53
CA GLU AC 153 48.01 52.98 39.25
C GLU AC 153 47.01 52.26 40.13
N TYR AC 154 46.52 52.93 41.17
CA TYR AC 154 45.70 52.25 42.15
C TYR AC 154 44.28 52.02 41.59
N GLU AC 155 44.25 51.19 40.54
CA GLU AC 155 43.02 50.67 39.94
C GLU AC 155 42.91 49.17 40.29
N VAL AC 156 43.64 48.74 41.32
CA VAL AC 156 43.60 47.39 41.84
C VAL AC 156 43.12 47.47 43.29
N PRO AC 157 42.01 46.76 43.64
CA PRO AC 157 41.59 46.64 45.03
C PRO AC 157 42.65 45.89 45.83
N THR AC 158 43.14 46.55 46.88
CA THR AC 158 44.20 45.98 47.68
C THR AC 158 43.69 45.56 49.05
N TYR AC 159 44.04 44.34 49.48
CA TYR AC 159 43.69 43.79 50.77
C TYR AC 159 44.87 43.94 51.71
N GLY AC 160 45.29 45.20 51.92
CA GLY AC 160 46.44 45.52 52.73
C GLY AC 160 47.77 44.97 52.19
N TYR AC 161 47.88 44.75 50.86
CA TYR AC 161 49.17 44.51 50.21
C TYR AC 161 50.05 45.74 50.35
N GLY AC 162 51.31 45.56 49.95
CA GLY AC 162 52.12 46.64 49.43
C GLY AC 162 52.13 46.63 47.91
N SER AC 163 52.37 47.81 47.34
CA SER AC 163 52.68 47.96 45.93
C SER AC 163 53.99 47.22 45.70
N ARG AC 164 53.92 46.01 45.12
CA ARG AC 164 55.17 45.27 45.08
C ARG AC 164 56.12 45.89 44.06
N THR AC 165 55.62 46.07 42.84
CA THR AC 165 56.46 46.62 41.76
C THR AC 165 55.55 47.13 40.65
N GLY AC 166 56.12 48.06 39.87
CA GLY AC 166 55.47 48.66 38.73
C GLY AC 166 56.09 48.21 37.41
N VAL AC 167 55.50 48.71 36.31
CA VAL AC 167 55.93 48.40 34.97
C VAL AC 167 57.32 49.01 34.75
N PRO AC 168 58.30 48.29 34.17
CA PRO AC 168 58.28 46.84 33.93
C PRO AC 168 58.93 46.08 35.05
N SER AC 169 58.58 44.81 35.22
CA SER AC 169 59.27 44.01 36.21
C SER AC 169 59.33 42.57 35.76
N VAL AC 170 60.44 41.94 36.10
CA VAL AC 170 60.63 40.56 35.74
C VAL AC 170 60.71 39.75 37.03
N ILE AC 171 59.93 38.68 37.06
CA ILE AC 171 59.72 37.87 38.24
C ILE AC 171 60.03 36.44 37.87
N VAL AC 172 60.99 35.88 38.61
CA VAL AC 172 61.30 34.49 38.34
C VAL AC 172 60.37 33.64 39.21
N ILE AC 173 59.61 32.75 38.55
CA ILE AC 173 58.56 31.99 39.23
C ILE AC 173 59.06 30.58 39.54
N GLY AC 174 58.32 29.88 40.42
CA GLY AC 174 58.47 28.45 40.63
C GLY AC 174 57.25 27.72 40.11
N SER AC 175 57.09 26.50 40.61
CA SER AC 175 56.15 25.54 40.11
C SER AC 175 54.72 25.85 40.59
N ASP AC 176 54.57 26.72 41.61
CA ASP AC 176 53.29 26.88 42.31
C ASP AC 176 52.86 28.33 42.42
N GLY AC 177 53.42 29.19 41.55
CA GLY AC 177 53.05 30.59 41.55
C GLY AC 177 53.81 31.43 42.57
N ARG AC 178 54.78 30.82 43.28
CA ARG AC 178 55.68 31.54 44.18
C ARG AC 178 56.74 32.29 43.36
N GLU AC 179 57.18 33.45 43.88
CA GLU AC 179 58.26 34.22 43.27
C GLU AC 179 59.58 33.71 43.83
N ALA AC 180 60.52 33.36 42.93
CA ALA AC 180 61.78 32.79 43.37
C ALA AC 180 62.69 33.89 43.92
N GLN AC 181 63.09 34.79 43.02
CA GLN AC 181 63.80 36.00 43.41
C GLN AC 181 63.19 37.13 42.61
N PHE AC 182 63.09 38.29 43.26
CA PHE AC 182 62.77 39.47 42.49
C PHE AC 182 64.06 40.00 41.93
N LEU AC 183 64.03 40.26 40.62
CA LEU AC 183 65.17 40.89 40.00
C LEU AC 183 64.98 42.39 40.07
N PRO AC 184 65.80 43.10 40.86
CA PRO AC 184 65.56 44.50 41.17
C PRO AC 184 65.75 45.46 39.99
N ILE AC 185 64.78 45.45 39.07
CA ILE AC 185 64.73 46.47 38.03
C ILE AC 185 64.53 47.85 38.68
N CYS AC 186 63.40 47.99 39.36
CA CYS AC 186 63.07 49.22 40.10
C CYS AC 186 62.48 48.83 41.44
N SER AC 187 63.34 48.97 42.48
CA SER AC 187 63.07 48.51 43.82
C SER AC 187 63.84 49.40 44.80
N GLY AC 188 64.12 48.88 45.99
CA GLY AC 188 65.09 49.45 46.90
C GLY AC 188 66.49 49.51 46.27
N LEU AC 189 66.82 48.49 45.46
CA LEU AC 189 68.11 48.50 44.79
C LEU AC 189 68.04 49.30 43.49
N GLU AC 190 66.97 49.12 42.70
CA GLU AC 190 66.64 49.81 41.46
C GLU AC 190 67.86 49.95 40.54
N GLU AC 191 68.54 48.82 40.29
CA GLU AC 191 69.61 48.79 39.29
C GLU AC 191 69.02 48.28 37.98
N GLY AC 192 68.24 49.13 37.32
CA GLY AC 192 67.57 48.80 36.07
C GLY AC 192 68.57 48.48 34.94
N ASP AC 193 68.14 47.58 34.06
CA ASP AC 193 68.85 47.19 32.86
C ASP AC 193 69.93 46.17 33.13
N ARG AC 194 70.46 46.18 34.38
CA ARG AC 194 71.67 45.41 34.68
C ARG AC 194 71.48 44.55 35.92
N ALA AC 195 70.27 44.51 36.48
CA ALA AC 195 69.86 43.57 37.52
C ALA AC 195 69.54 42.18 36.94
N LEU AC 196 69.48 42.12 35.59
CA LEU AC 196 69.39 40.91 34.79
C LEU AC 196 70.51 39.93 35.16
N LEU AC 197 71.69 40.47 35.54
CA LEU AC 197 72.89 39.70 35.83
C LEU AC 197 72.75 38.85 37.10
N ARG AC 198 71.78 39.20 37.96
CA ARG AC 198 71.64 38.69 39.32
C ARG AC 198 70.81 37.39 39.33
N TRP AC 199 70.44 36.90 38.14
CA TRP AC 199 69.62 35.69 37.91
C TRP AC 199 70.32 34.39 38.36
N ASP AC 200 69.56 33.50 39.03
CA ASP AC 200 70.03 32.17 39.43
C ASP AC 200 69.23 31.04 38.74
N TRP AC 201 69.67 30.65 37.54
CA TRP AC 201 68.92 29.72 36.69
C TRP AC 201 69.02 28.25 37.14
N ARG AC 202 70.04 27.96 37.95
CA ARG AC 202 70.25 26.66 38.52
C ARG AC 202 69.27 26.53 39.71
N ASN AC 203 69.33 27.49 40.65
CA ASN AC 203 68.61 27.40 41.90
C ASN AC 203 67.12 27.64 41.70
N THR AC 204 66.73 28.15 40.53
CA THR AC 204 65.32 28.11 40.18
C THR AC 204 65.11 27.26 38.94
N LYS AC 205 64.39 26.15 39.13
CA LYS AC 205 63.90 25.32 38.06
C LYS AC 205 62.42 25.07 38.32
N PHE AC 206 61.66 25.18 37.23
CA PHE AC 206 60.24 24.92 37.23
C PHE AC 206 60.08 23.42 37.41
N ALA AC 207 60.47 22.94 38.60
CA ALA AC 207 60.45 21.51 38.89
C ALA AC 207 59.06 21.17 39.39
N SER BC 2 8.11 99.64 37.02
CA SER BC 2 8.24 100.92 37.79
C SER BC 2 9.69 101.40 37.74
N GLN BC 3 10.15 101.69 36.53
CA GLN BC 3 11.50 102.17 36.26
C GLN BC 3 11.43 102.85 34.90
N PRO BC 4 11.92 104.10 34.73
CA PRO BC 4 12.50 104.92 35.81
C PRO BC 4 11.49 105.77 36.55
N VAL BC 5 10.21 105.68 36.16
CA VAL BC 5 9.14 106.43 36.81
C VAL BC 5 7.99 105.46 37.06
N PHE BC 6 7.14 105.80 38.04
CA PHE BC 6 5.97 105.01 38.32
C PHE BC 6 4.74 105.53 37.58
N ALA BC 7 4.72 106.82 37.27
CA ALA BC 7 3.59 107.46 36.60
C ALA BC 7 3.80 107.52 35.09
N SER BC 8 3.78 106.35 34.44
CA SER BC 8 4.07 106.28 33.03
C SER BC 8 3.02 105.42 32.30
N PRO BC 9 2.72 105.78 31.03
CA PRO BC 9 1.86 104.93 30.21
C PRO BC 9 2.40 103.54 29.85
N LEU BC 10 3.71 103.40 29.59
CA LEU BC 10 4.26 102.06 29.39
C LEU BC 10 4.14 101.25 30.68
N ASN BC 11 4.32 101.92 31.82
CA ASN BC 11 4.27 101.23 33.09
C ASN BC 11 2.86 100.74 33.39
N VAL BC 12 1.84 101.56 33.10
CA VAL BC 12 0.48 101.11 33.38
C VAL BC 12 0.04 100.03 32.38
N GLU BC 13 0.54 100.06 31.14
CA GLU BC 13 0.27 99.02 30.15
C GLU BC 13 0.90 97.69 30.60
N LYS BC 14 2.14 97.78 31.09
CA LYS BC 14 2.85 96.60 31.57
C LYS BC 14 2.15 96.01 32.80
N ARG BC 15 1.76 96.89 33.74
CA ARG BC 15 1.02 96.49 34.93
C ARG BC 15 -0.29 95.82 34.52
N ARG BC 16 -1.07 96.33 33.55
CA ARG BC 16 -2.32 95.70 33.11
C ARG BC 16 -2.08 94.29 32.53
N LEU BC 17 -1.09 94.15 31.62
CA LEU BC 17 -0.89 92.87 30.96
C LEU BC 17 -0.47 91.84 32.02
N ASN BC 18 0.55 92.21 32.78
CA ASN BC 18 1.13 91.20 33.64
C ASN BC 18 0.25 90.93 34.85
N GLU BC 19 -0.56 91.90 35.25
CA GLU BC 19 -1.50 91.73 36.37
C GLU BC 19 -2.61 90.77 35.97
N GLU BC 20 -3.13 90.94 34.73
CA GLU BC 20 -4.12 90.00 34.18
C GLU BC 20 -3.52 88.60 34.01
N ARG BC 21 -2.23 88.56 33.66
CA ARG BC 21 -1.54 87.30 33.46
C ARG BC 21 -1.43 86.49 34.77
N ALA BC 22 -1.03 87.22 35.83
CA ALA BC 22 -0.93 86.66 37.18
C ALA BC 22 -2.29 86.23 37.69
N LEU BC 23 -3.33 87.02 37.40
CA LEU BC 23 -4.65 86.65 37.89
C LEU BC 23 -5.18 85.46 37.11
N MET BC 24 -4.86 85.36 35.81
CA MET BC 24 -5.30 84.23 35.01
C MET BC 24 -4.68 82.94 35.58
N GLN BC 25 -3.38 82.98 35.91
CA GLN BC 25 -2.75 81.77 36.44
C GLN BC 25 -3.26 81.44 37.85
N ALA BC 26 -3.60 82.51 38.61
CA ALA BC 26 -4.15 82.32 39.95
C ALA BC 26 -5.51 81.63 39.90
N GLN BC 27 -6.39 82.10 39.00
CA GLN BC 27 -7.74 81.57 38.88
C GLN BC 27 -7.73 80.21 38.18
N LYS BC 28 -6.66 79.93 37.42
CA LYS BC 28 -6.54 78.62 36.83
C LYS BC 28 -6.11 77.57 37.83
N ALA BC 29 -5.14 77.95 38.69
CA ALA BC 29 -4.69 77.09 39.78
C ALA BC 29 -5.54 77.32 41.06
N ASN BC 35 -2.93 80.88 45.03
CA ASN BC 35 -1.66 80.54 45.74
C ASN BC 35 -0.48 81.32 45.16
N ILE BC 36 -0.78 82.34 44.35
CA ILE BC 36 0.20 83.19 43.70
C ILE BC 36 0.06 84.63 44.21
N GLN BC 37 1.21 85.22 44.57
CA GLN BC 37 1.28 86.55 45.17
C GLN BC 37 1.02 87.62 44.12
N LEU BC 38 -0.08 88.36 44.30
CA LEU BC 38 -0.47 89.51 43.49
C LEU BC 38 -0.59 90.76 44.38
N PRO BC 39 -0.38 92.00 43.88
CA PRO BC 39 -0.10 92.34 42.48
C PRO BC 39 1.35 92.06 42.09
N PRO BC 40 1.59 91.88 40.78
CA PRO BC 40 2.86 91.36 40.27
C PRO BC 40 4.05 92.25 40.56
N ASN BC 41 5.17 91.57 40.68
CA ASN BC 41 6.43 92.16 41.07
C ASN BC 41 7.07 92.79 39.85
N TYR BC 42 7.92 93.80 40.09
CA TYR BC 42 8.59 94.47 39.00
C TYR BC 42 9.64 93.56 38.38
N GLY BC 43 10.27 92.70 39.19
CA GLY BC 43 11.11 91.61 38.68
C GLY BC 43 10.36 90.61 37.80
N ASP BC 44 9.13 90.26 38.22
CA ASP BC 44 8.35 89.22 37.59
C ASP BC 44 7.70 89.69 36.29
N MET BC 45 7.53 91.01 36.15
CA MET BC 45 6.80 91.54 35.00
C MET BC 45 7.64 91.39 33.73
N ASP BC 46 6.97 91.43 32.57
CA ASP BC 46 7.64 91.34 31.28
C ASP BC 46 6.84 92.14 30.25
N LEU BC 47 7.56 93.02 29.54
CA LEU BC 47 6.96 93.89 28.54
C LEU BC 47 7.55 93.63 27.16
N ILE BC 48 6.86 94.20 26.17
CA ILE BC 48 7.36 94.34 24.83
C ILE BC 48 7.27 95.82 24.51
N LEU BC 49 8.43 96.44 24.28
CA LEU BC 49 8.54 97.88 24.22
C LEU BC 49 7.90 98.40 22.93
N PHE BC 50 8.23 97.76 21.81
CA PHE BC 50 7.71 98.16 20.52
C PHE BC 50 6.81 97.03 20.01
N PRO BC 51 5.48 97.29 19.90
CA PRO BC 51 4.52 96.38 19.26
C PRO BC 51 4.87 96.04 17.80
N GLU BC 52 4.07 95.20 17.15
CA GLU BC 52 4.52 94.52 15.94
C GLU BC 52 4.80 95.49 14.78
N GLY BC 53 4.01 96.56 14.65
CA GLY BC 53 4.15 97.51 13.55
C GLY BC 53 4.85 98.83 13.91
N SER BC 54 5.40 98.94 15.11
CA SER BC 54 5.83 100.23 15.64
C SER BC 54 7.12 100.75 15.01
N LEU BC 55 8.08 99.86 14.75
CA LEU BC 55 9.43 100.30 14.38
C LEU BC 55 9.63 100.13 12.87
N LYS BC 56 10.21 101.18 12.27
CA LYS BC 56 10.31 101.28 10.83
C LYS BC 56 11.69 101.81 10.46
N ASN BC 57 12.25 101.25 9.39
CA ASN BC 57 13.57 101.65 8.93
C ASN BC 57 13.43 102.62 7.76
N SER BC 58 14.59 102.99 7.20
CA SER BC 58 14.63 103.66 5.91
C SER BC 58 14.07 102.73 4.84
N ASN BC 59 13.37 103.33 3.87
CA ASN BC 59 12.50 102.66 2.89
C ASN BC 59 11.23 102.04 3.49
N ASN BC 60 10.97 102.36 4.77
CA ASN BC 60 9.67 102.14 5.40
C ASN BC 60 9.23 100.66 5.39
N THR BC 61 10.09 99.81 5.92
CA THR BC 61 9.76 98.40 6.09
C THR BC 61 9.79 98.06 7.58
N VAL BC 62 8.69 97.49 8.08
CA VAL BC 62 8.55 97.16 9.49
C VAL BC 62 9.48 96.03 9.90
N ILE BC 63 10.26 96.25 10.96
CA ILE BC 63 11.10 95.21 11.54
C ILE BC 63 10.67 94.92 12.97
N PRO BC 64 10.72 93.66 13.45
CA PRO BC 64 10.33 93.31 14.82
C PRO BC 64 11.34 93.74 15.88
N GLN BC 65 10.96 93.51 17.14
CA GLN BC 65 11.78 93.82 18.30
C GLN BC 65 12.98 92.87 18.34
N SER BC 66 12.74 91.63 17.87
CA SER BC 66 13.70 90.55 18.04
C SER BC 66 14.99 90.82 17.27
N HIS BC 67 14.92 91.63 16.20
CA HIS BC 67 16.09 91.94 15.39
C HIS BC 67 17.13 92.80 16.12
N LEU BC 68 16.73 93.33 17.29
CA LEU BC 68 17.52 94.32 17.99
C LEU BC 68 18.51 93.71 18.97
N LYS BC 69 18.56 92.37 19.00
CA LYS BC 69 19.28 91.67 20.06
C LYS BC 69 20.80 91.87 19.97
N GLY BC 70 21.43 91.93 21.15
CA GLY BC 70 22.87 92.03 21.36
C GLY BC 70 23.52 93.29 20.79
N LYS BC 71 22.72 94.35 20.69
CA LYS BC 71 23.18 95.62 20.14
C LYS BC 71 22.74 96.78 21.03
N SER BC 72 23.65 97.74 21.24
CA SER BC 72 23.39 98.95 21.99
C SER BC 72 22.42 99.85 21.22
N VAL BC 73 21.15 99.84 21.63
CA VAL BC 73 20.13 100.63 20.96
C VAL BC 73 19.92 101.91 21.76
N ALA BC 74 19.82 103.04 21.04
CA ALA BC 74 19.70 104.33 21.69
C ALA BC 74 18.59 105.12 21.01
N LEU BC 75 17.71 105.69 21.85
CA LEU BC 75 16.67 106.56 21.35
C LEU BC 75 17.26 107.93 21.12
N TYR BC 76 16.78 108.57 20.07
CA TYR BC 76 17.25 109.89 19.69
C TYR BC 76 16.01 110.76 19.60
N PHE BC 77 15.77 111.51 20.66
CA PHE BC 77 14.64 112.39 20.67
C PHE BC 77 15.08 113.69 20.05
N ALA BC 78 14.36 114.06 18.99
CA ALA BC 78 14.82 115.16 18.17
C ALA BC 78 13.61 115.90 17.58
N ASP BC 79 13.84 117.15 17.19
CA ASP BC 79 12.85 117.99 16.52
C ASP BC 79 13.47 118.58 15.26
N GLY BC 80 12.69 118.64 14.17
CA GLY BC 80 13.24 119.04 12.87
C GLY BC 80 13.68 120.50 12.85
N ALA BC 81 12.88 121.38 13.48
CA ALA BC 81 13.08 122.81 13.41
C ALA BC 81 14.06 123.32 14.48
N ASP BC 82 14.51 122.42 15.37
CA ASP BC 82 15.40 122.79 16.44
C ASP BC 82 16.76 123.10 15.86
N PRO BC 83 17.30 124.33 16.07
CA PRO BC 83 18.65 124.66 15.63
C PRO BC 83 19.68 123.72 16.24
N LYS BC 84 19.48 123.37 17.52
CA LYS BC 84 20.40 122.50 18.24
C LYS BC 84 20.38 121.09 17.64
N CYS BC 85 19.19 120.59 17.28
CA CYS BC 85 19.11 119.30 16.62
C CYS BC 85 19.81 119.30 15.26
N ALA BC 86 19.61 120.37 14.46
CA ALA BC 86 20.22 120.45 13.15
C ALA BC 86 21.76 120.56 13.28
N SER BC 87 22.24 121.13 14.39
CA SER BC 87 23.67 121.19 14.66
C SER BC 87 24.21 119.85 15.16
N LEU BC 88 23.36 119.09 15.88
CA LEU BC 88 23.80 117.84 16.45
C LEU BC 88 23.92 116.75 15.39
N LEU BC 89 23.05 116.72 14.38
CA LEU BC 89 22.93 115.66 13.36
C LEU BC 89 24.27 115.15 12.81
N PRO BC 90 25.18 116.02 12.32
CA PRO BC 90 26.37 115.49 11.63
C PRO BC 90 27.38 114.80 12.56
N PHE BC 91 27.50 115.22 13.82
CA PHE BC 91 28.37 114.50 14.75
C PHE BC 91 27.83 113.12 15.02
N LEU BC 92 26.50 113.01 15.12
CA LEU BC 92 25.90 111.71 15.34
C LEU BC 92 26.11 110.81 14.12
N LEU BC 93 26.01 111.37 12.92
CA LEU BC 93 26.29 110.59 11.71
C LEU BC 93 27.74 110.08 11.72
N ASN BC 94 28.70 110.95 12.06
CA ASN BC 94 30.11 110.61 12.09
C ASN BC 94 30.37 109.53 13.14
N TYR BC 95 29.77 109.69 14.32
CA TYR BC 95 29.96 108.74 15.39
C TYR BC 95 29.40 107.39 14.98
N TYR BC 96 28.20 107.38 14.40
CA TYR BC 96 27.55 106.15 13.97
C TYR BC 96 28.42 105.41 12.96
N ARG BC 97 28.78 106.08 11.86
CA ARG BC 97 29.61 105.44 10.84
C ARG BC 97 30.94 104.94 11.41
N THR BC 98 31.60 105.71 12.26
CA THR BC 98 32.96 105.39 12.71
C THR BC 98 32.98 104.21 13.66
N MET BC 99 32.05 104.18 14.61
CA MET BC 99 32.08 103.08 15.55
C MET BC 99 31.59 101.81 14.87
N ASN BC 100 30.55 101.86 14.05
CA ASN BC 100 30.11 100.58 13.52
C ASN BC 100 30.95 100.16 12.32
N GLU BC 101 31.84 101.03 11.85
CA GLU BC 101 32.89 100.69 10.88
C GLU BC 101 34.13 100.03 11.49
N GLY BC 102 34.74 100.60 12.54
CA GLY BC 102 35.91 100.02 13.18
C GLY BC 102 35.60 98.78 14.04
N GLY BC 103 35.24 97.63 13.42
CA GLY BC 103 34.96 96.42 14.18
C GLY BC 103 34.29 95.31 13.37
N ALA BC 104 34.02 94.14 13.98
CA ALA BC 104 33.60 92.95 13.25
C ALA BC 104 32.08 92.76 13.19
N ASN BC 105 31.29 93.42 14.04
CA ASN BC 105 29.83 93.32 13.97
C ASN BC 105 29.17 94.65 14.35
N GLN BC 106 27.83 94.67 14.47
CA GLN BC 106 27.10 95.90 14.72
C GLN BC 106 26.97 96.11 16.23
N LYS BC 107 27.48 97.24 16.71
CA LYS BC 107 27.45 97.53 18.13
C LYS BC 107 26.31 98.51 18.37
N ILE BC 108 26.34 99.71 17.79
CA ILE BC 108 25.37 100.75 18.11
C ILE BC 108 24.30 100.82 17.01
N GLU BC 109 23.04 101.13 17.41
CA GLU BC 109 21.92 101.34 16.50
C GLU BC 109 20.95 102.36 17.13
N ILE BC 110 20.52 103.34 16.33
CA ILE BC 110 19.78 104.49 16.82
C ILE BC 110 18.38 104.49 16.26
N ILE BC 111 17.40 104.51 17.16
CA ILE BC 111 16.03 104.77 16.78
C ILE BC 111 15.76 106.25 16.97
N PHE BC 112 14.96 106.82 16.09
CA PHE BC 112 14.70 108.23 16.06
C PHE BC 112 13.25 108.48 16.43
N VAL BC 113 13.06 109.34 17.43
CA VAL BC 113 11.74 109.73 17.89
C VAL BC 113 11.57 111.23 17.65
N SER BC 114 10.56 111.59 16.86
CA SER BC 114 10.38 112.94 16.37
C SER BC 114 9.34 113.68 17.19
N LEU BC 115 9.63 114.93 17.55
CA LEU BC 115 8.66 115.80 18.22
C LEU BC 115 8.38 117.04 17.38
N ASP BC 116 8.21 116.80 16.08
CA ASP BC 116 7.99 117.85 15.09
C ASP BC 116 6.50 118.24 15.09
N ARG BC 117 6.09 118.96 14.05
CA ARG BC 117 4.73 119.48 13.99
C ARG BC 117 3.84 118.71 13.01
N ASP BC 118 4.42 118.02 12.02
CA ASP BC 118 3.64 117.52 10.91
C ASP BC 118 4.39 116.40 10.20
N ARG BC 119 3.60 115.61 9.45
CA ARG BC 119 4.04 114.47 8.67
C ARG BC 119 5.11 114.88 7.64
N GLU BC 120 4.89 116.01 6.96
CA GLU BC 120 5.77 116.49 5.91
C GLU BC 120 7.15 116.84 6.50
N ALA BC 121 7.14 117.57 7.62
CA ALA BC 121 8.38 117.95 8.27
C ALA BC 121 9.09 116.72 8.83
N PHE BC 122 8.31 115.75 9.32
CA PHE BC 122 8.90 114.52 9.84
C PHE BC 122 9.57 113.72 8.73
N GLU BC 123 8.92 113.62 7.56
CA GLU BC 123 9.48 112.89 6.42
C GLU BC 123 10.73 113.60 5.90
N SER BC 124 10.70 114.95 5.87
CA SER BC 124 11.85 115.72 5.43
C SER BC 124 13.03 115.50 6.37
N HIS BC 125 12.76 115.44 7.68
CA HIS BC 125 13.84 115.22 8.63
C HIS BC 125 14.29 113.77 8.66
N ARG BC 126 13.43 112.84 8.22
CA ARG BC 126 13.77 111.43 8.15
C ARG BC 126 14.60 111.08 6.92
N ALA BC 127 14.45 111.86 5.84
CA ALA BC 127 15.24 111.64 4.62
C ALA BC 127 16.72 111.87 4.89
N HIS BC 128 17.05 112.76 5.84
CA HIS BC 128 18.42 113.01 6.28
C HIS BC 128 19.00 111.85 7.07
N MET BC 129 18.18 110.85 7.45
CA MET BC 129 18.54 109.96 8.55
C MET BC 129 18.57 108.51 8.09
N PRO BC 130 19.69 107.76 8.28
CA PRO BC 130 19.75 106.39 7.79
C PRO BC 130 19.16 105.31 8.70
N TRP BC 131 19.22 105.60 10.01
CA TRP BC 131 18.89 104.60 11.01
C TRP BC 131 17.39 104.61 11.32
N LEU BC 132 17.03 103.84 12.35
CA LEU BC 132 15.65 103.46 12.62
C LEU BC 132 14.83 104.65 13.06
N SER BC 133 13.51 104.54 12.91
CA SER BC 133 12.63 105.63 13.31
C SER BC 133 11.28 105.10 13.82
N ILE BC 134 10.56 105.91 14.58
CA ILE BC 134 9.23 105.55 15.07
C ILE BC 134 8.26 106.58 14.48
N ASP BC 135 7.17 106.05 13.90
CA ASP BC 135 6.17 106.82 13.18
C ASP BC 135 5.49 107.80 14.14
N LEU BC 136 5.17 108.99 13.58
CA LEU BC 136 4.81 110.15 14.37
C LEU BC 136 3.45 109.95 15.02
N GLU BC 137 2.42 109.72 14.18
CA GLU BC 137 1.05 109.63 14.64
C GLU BC 137 0.75 108.33 15.39
N ASN BC 138 1.74 107.45 15.51
CA ASN BC 138 1.60 106.34 16.42
C ASN BC 138 1.47 106.89 17.84
N PRO BC 139 0.50 106.45 18.66
CA PRO BC 139 0.41 106.91 20.05
C PRO BC 139 1.62 106.57 20.93
N LEU BC 140 2.44 105.62 20.48
CA LEU BC 140 3.67 105.22 21.17
C LEU BC 140 4.64 106.40 21.28
N THR BC 141 4.59 107.37 20.38
CA THR BC 141 5.46 108.54 20.48
C THR BC 141 5.09 109.41 21.68
N GLU BC 142 3.79 109.68 21.85
CA GLU BC 142 3.32 110.40 23.04
C GLU BC 142 3.66 109.61 24.31
N ILE BC 143 3.45 108.30 24.21
CA ILE BC 143 3.64 107.41 25.35
C ILE BC 143 5.11 107.40 25.80
N LEU BC 144 6.05 107.33 24.84
CA LEU BC 144 7.47 107.29 25.18
C LEU BC 144 7.99 108.67 25.59
N LYS BC 145 7.39 109.73 25.04
CA LYS BC 145 7.68 111.08 25.51
C LYS BC 145 7.36 111.20 26.99
N ARG BC 146 6.21 110.66 27.37
CA ARG BC 146 5.84 110.72 28.76
C ARG BC 146 6.73 109.82 29.59
N HIS BC 147 7.08 108.64 29.07
CA HIS BC 147 7.85 107.67 29.83
C HIS BC 147 9.22 108.21 30.17
N PHE BC 148 9.90 108.82 29.19
CA PHE BC 148 11.25 109.26 29.39
C PHE BC 148 11.37 110.71 29.84
N ARG BC 149 10.23 111.43 29.94
CA ARG BC 149 10.19 112.78 30.47
C ARG BC 149 11.04 113.71 29.59
N VAL BC 150 10.73 113.71 28.29
CA VAL BC 150 11.36 114.62 27.36
C VAL BC 150 10.29 115.62 26.97
N MET BC 151 10.56 116.91 27.20
CA MET BC 151 9.56 117.95 27.01
C MET BC 151 10.26 119.27 26.79
N LYS BC 152 9.94 119.92 25.67
CA LYS BC 152 10.59 121.15 25.27
C LYS BC 152 9.92 122.34 25.95
N GLU BC 153 8.60 122.25 26.19
CA GLU BC 153 7.87 123.23 26.98
C GLU BC 153 6.69 122.55 27.69
N TYR BC 154 6.15 123.21 28.72
CA TYR BC 154 5.01 122.66 29.46
C TYR BC 154 3.74 122.74 28.62
N GLU BC 155 3.69 121.89 27.59
CA GLU BC 155 2.49 121.67 26.79
C GLU BC 155 1.96 120.25 27.06
N VAL BC 156 2.62 119.53 27.99
CA VAL BC 156 2.22 118.18 28.34
C VAL BC 156 1.91 118.11 29.84
N PRO BC 157 0.73 117.62 30.23
CA PRO BC 157 0.40 117.52 31.66
C PRO BC 157 1.31 116.53 32.37
N THR BC 158 1.66 116.89 33.60
CA THR BC 158 2.73 116.21 34.32
C THR BC 158 2.21 115.71 35.67
N TYR BC 159 2.74 114.56 36.09
CA TYR BC 159 2.43 113.98 37.39
C TYR BC 159 3.53 114.31 38.39
N GLY BC 160 3.82 115.60 38.57
CA GLY BC 160 4.92 116.13 39.35
C GLY BC 160 6.28 115.62 38.89
N TYR BC 161 6.41 115.26 37.61
CA TYR BC 161 7.67 114.93 36.97
C TYR BC 161 8.63 116.11 37.09
N GLY BC 162 9.91 115.81 36.88
CA GLY BC 162 10.85 116.84 36.49
C GLY BC 162 11.06 116.75 34.98
N SER BC 163 11.33 117.90 34.36
CA SER BC 163 11.81 117.86 32.99
C SER BC 163 13.21 117.25 33.03
N ARG BC 164 13.29 115.98 32.64
CA ARG BC 164 14.56 115.28 32.63
C ARG BC 164 15.50 115.91 31.62
N THR BC 165 15.02 116.06 30.38
CA THR BC 165 15.79 116.77 29.36
C THR BC 165 14.86 117.32 28.28
N GLY BC 166 15.39 118.23 27.46
CA GLY BC 166 14.73 118.71 26.27
C GLY BC 166 15.42 118.17 25.03
N VAL BC 167 14.82 118.42 23.87
CA VAL BC 167 15.36 117.96 22.60
C VAL BC 167 16.60 118.79 22.27
N PRO BC 168 17.64 118.23 21.63
CA PRO BC 168 17.75 116.80 21.35
C PRO BC 168 18.40 116.04 22.50
N SER BC 169 18.17 114.74 22.52
CA SER BC 169 18.77 113.93 23.56
C SER BC 169 18.81 112.48 23.10
N VAL BC 170 19.92 111.82 23.39
CA VAL BC 170 20.04 110.39 23.16
C VAL BC 170 20.04 109.66 24.50
N ILE BC 171 19.25 108.59 24.55
CA ILE BC 171 19.07 107.77 25.73
C ILE BC 171 19.29 106.33 25.35
N VAL BC 172 20.36 105.74 25.90
CA VAL BC 172 20.55 104.32 25.66
C VAL BC 172 19.59 103.56 26.60
N ILE BC 173 18.91 102.56 26.02
CA ILE BC 173 17.80 101.93 26.72
C ILE BC 173 18.12 100.47 26.98
N GLY BC 174 17.21 99.79 27.68
CA GLY BC 174 17.32 98.37 27.92
C GLY BC 174 16.22 97.59 27.20
N SER BC 175 16.15 96.29 27.52
CA SER BC 175 15.12 95.45 26.95
C SER BC 175 13.74 95.75 27.56
N ASP BC 176 13.72 96.39 28.74
CA ASP BC 176 12.54 96.55 29.57
C ASP BC 176 12.16 98.01 29.73
N GLY BC 177 12.64 98.89 28.84
CA GLY BC 177 12.31 100.30 28.85
C GLY BC 177 13.03 101.10 29.94
N ARG BC 178 14.10 100.54 30.53
CA ARG BC 178 14.91 101.25 31.50
C ARG BC 178 15.77 102.28 30.78
N GLU BC 179 16.39 103.15 31.59
CA GLU BC 179 17.35 104.14 31.13
C GLU BC 179 18.73 103.70 31.60
N ALA BC 180 19.57 103.32 30.62
CA ALA BC 180 20.86 102.71 30.94
C ALA BC 180 21.86 103.76 31.42
N GLN BC 181 22.21 104.72 30.56
CA GLN BC 181 22.99 105.87 30.98
C GLN BC 181 22.63 107.09 30.12
N PHE BC 182 22.40 108.23 30.79
CA PHE BC 182 22.13 109.48 30.11
C PHE BC 182 23.40 109.96 29.40
N LEU BC 183 23.26 110.35 28.14
CA LEU BC 183 24.38 111.01 27.48
C LEU BC 183 24.18 112.51 27.59
N PRO BC 184 25.02 113.22 28.38
CA PRO BC 184 24.75 114.64 28.69
C PRO BC 184 25.01 115.58 27.51
N ILE BC 185 23.99 115.68 26.62
CA ILE BC 185 24.05 116.65 25.54
C ILE BC 185 23.81 118.06 26.10
N CYS BC 186 22.59 118.28 26.59
CA CYS BC 186 22.24 119.51 27.28
C CYS BC 186 21.46 119.13 28.53
N SER BC 187 22.22 118.97 29.62
CA SER BC 187 21.71 118.43 30.87
C SER BC 187 22.52 119.08 31.99
N GLY BC 188 22.61 118.42 33.15
CA GLY BC 188 23.39 118.92 34.26
C GLY BC 188 24.86 119.16 33.89
N LEU BC 189 25.34 118.29 32.99
CA LEU BC 189 26.72 118.37 32.53
C LEU BC 189 26.81 119.17 31.21
N GLU BC 190 25.73 119.16 30.40
CA GLU BC 190 25.57 119.93 29.16
C GLU BC 190 26.86 119.97 28.33
N GLU BC 191 27.24 118.81 27.78
CA GLU BC 191 28.38 118.68 26.91
C GLU BC 191 27.87 118.37 25.50
N GLY BC 192 27.65 119.45 24.75
CA GLY BC 192 27.10 119.44 23.40
C GLY BC 192 28.03 118.70 22.44
N ASP BC 193 27.45 117.82 21.62
CA ASP BC 193 28.17 117.32 20.46
C ASP BC 193 29.29 116.35 20.79
N ARG BC 194 29.70 116.14 22.04
CA ARG BC 194 30.98 115.50 22.30
C ARG BC 194 30.86 114.47 23.43
N ALA BC 195 29.77 114.58 24.19
CA ALA BC 195 29.38 113.60 25.21
C ALA BC 195 28.96 112.24 24.65
N LEU BC 196 28.94 112.14 23.29
CA LEU BC 196 28.85 110.95 22.45
C LEU BC 196 29.86 109.92 22.92
N LEU BC 197 31.02 110.38 23.42
CA LEU BC 197 32.16 109.53 23.78
C LEU BC 197 31.91 108.66 25.02
N ARG BC 198 30.90 109.02 25.82
CA ARG BC 198 30.72 108.47 27.16
C ARG BC 198 29.77 107.26 27.15
N TRP BC 199 29.52 106.72 25.95
CA TRP BC 199 28.69 105.55 25.69
C TRP BC 199 29.39 104.27 26.16
N ASP BC 200 28.62 103.39 26.79
CA ASP BC 200 29.12 102.11 27.30
C ASP BC 200 28.38 100.99 26.59
N TRP BC 201 28.96 100.52 25.48
CA TRP BC 201 28.24 99.62 24.58
C TRP BC 201 28.53 98.14 24.85
N ARG BC 202 29.40 97.84 25.82
CA ARG BC 202 29.47 96.49 26.35
C ARG BC 202 28.24 96.23 27.25
N ASN BC 203 28.03 97.18 28.19
CA ASN BC 203 27.10 96.97 29.28
C ASN BC 203 25.71 97.50 28.98
N THR BC 204 25.57 98.15 27.81
CA THR BC 204 24.25 98.41 27.28
C THR BC 204 24.08 97.59 26.01
N LYS BC 205 23.48 96.40 26.14
CA LYS BC 205 23.09 95.57 25.01
C LYS BC 205 21.63 95.17 25.22
N PHE BC 206 20.82 95.34 24.16
CA PHE BC 206 19.39 95.08 24.17
C PHE BC 206 19.17 93.58 24.27
N ALA BC 207 19.38 93.04 25.47
CA ALA BC 207 19.23 91.61 25.69
C ALA BC 207 17.75 91.31 25.92
N SER CC 2 70.21 25.66 18.62
CA SER CC 2 70.89 26.90 19.06
C SER CC 2 72.09 27.23 18.16
N GLN CC 3 71.91 26.94 16.87
CA GLN CC 3 72.87 27.32 15.85
C GLN CC 3 72.08 27.77 14.64
N PRO CC 4 72.39 28.93 14.01
CA PRO CC 4 73.47 29.82 14.42
C PRO CC 4 73.07 30.84 15.49
N VAL CC 5 71.76 30.96 15.73
CA VAL CC 5 71.24 31.89 16.72
C VAL CC 5 70.31 31.14 17.65
N PHE CC 6 70.10 31.74 18.82
CA PHE CC 6 69.17 31.14 19.75
C PHE CC 6 67.73 31.37 19.27
N ALA CC 7 67.48 32.63 18.89
CA ALA CC 7 66.13 33.10 18.61
C ALA CC 7 65.78 32.96 17.13
N SER CC 8 65.56 31.71 16.74
CA SER CC 8 65.11 31.39 15.40
C SER CC 8 63.91 30.45 15.49
N PRO CC 9 62.97 30.59 14.53
CA PRO CC 9 61.82 29.69 14.44
C PRO CC 9 62.12 28.20 14.33
N LEU CC 10 63.12 27.82 13.52
CA LEU CC 10 63.47 26.41 13.43
C LEU CC 10 63.95 25.92 14.81
N ASN CC 11 64.73 26.75 15.52
CA ASN CC 11 65.26 26.34 16.81
C ASN CC 11 64.11 26.12 17.80
N VAL CC 12 63.17 27.07 17.85
CA VAL CC 12 62.13 26.97 18.87
C VAL CC 12 61.21 25.78 18.55
N GLU CC 13 60.95 25.48 17.27
CA GLU CC 13 60.13 24.34 16.89
C GLU CC 13 60.84 23.01 17.18
N LYS CC 14 62.16 23.00 16.98
CA LYS CC 14 62.98 21.84 17.29
C LYS CC 14 62.92 21.51 18.78
N ARG CC 15 63.14 22.56 19.60
CA ARG CC 15 63.12 22.42 21.04
C ARG CC 15 61.73 21.99 21.48
N ARG CC 16 60.67 22.50 20.87
CA ARG CC 16 59.31 22.08 21.16
C ARG CC 16 59.11 20.58 20.96
N LEU CC 17 59.45 20.05 19.77
CA LEU CC 17 59.25 18.64 19.43
C LEU CC 17 60.06 17.77 20.41
N ASN CC 18 61.30 18.21 20.66
CA ASN CC 18 62.22 17.34 21.38
C ASN CC 18 61.96 17.36 22.88
N GLU CC 19 61.49 18.49 23.39
CA GLU CC 19 61.01 18.58 24.76
C GLU CC 19 59.75 17.72 24.92
N GLU CC 20 58.89 17.65 23.89
CA GLU CC 20 57.72 16.78 23.92
C GLU CC 20 58.14 15.33 24.06
N ARG CC 21 59.11 14.89 23.25
CA ARG CC 21 59.55 13.51 23.33
C ARG CC 21 60.24 13.19 24.66
N ALA CC 22 61.03 14.15 25.16
CA ALA CC 22 61.68 13.97 26.46
C ALA CC 22 60.66 13.86 27.59
N LEU CC 23 59.58 14.63 27.52
CA LEU CC 23 58.52 14.57 28.54
C LEU CC 23 57.82 13.22 28.48
N MET CC 24 57.54 12.72 27.26
CA MET CC 24 56.90 11.42 27.08
C MET CC 24 57.75 10.32 27.73
N GLN CC 25 59.08 10.33 27.45
CA GLN CC 25 60.03 9.36 28.01
C GLN CC 25 60.03 9.44 29.55
N ALA CC 26 60.01 10.69 30.06
CA ALA CC 26 60.07 10.92 31.50
C ALA CC 26 58.85 10.35 32.20
N GLN CC 27 57.68 10.52 31.58
CA GLN CC 27 56.44 10.04 32.16
C GLN CC 27 56.40 8.51 32.11
N LYS CC 28 56.91 7.91 31.02
CA LYS CC 28 56.88 6.46 30.85
C LYS CC 28 57.79 5.79 31.86
N ALA CC 29 58.97 6.38 32.11
CA ALA CC 29 59.90 5.86 33.09
C ALA CC 29 59.39 6.14 34.52
N ASN CC 35 64.55 10.96 36.87
CA ASN CC 35 66.04 10.83 36.82
C ASN CC 35 66.50 10.83 35.36
N ILE CC 36 65.69 11.44 34.49
CA ILE CC 36 66.15 11.97 33.21
C ILE CC 36 66.11 13.51 33.25
N GLN CC 37 67.10 14.16 32.65
CA GLN CC 37 67.16 15.62 32.68
C GLN CC 37 66.20 16.21 31.64
N LEU CC 38 65.35 17.15 32.08
CA LEU CC 38 64.72 18.11 31.16
C LEU CC 38 65.10 19.54 31.54
N PRO CC 39 65.54 20.44 30.64
CA PRO CC 39 65.37 20.27 29.19
C PRO CC 39 66.49 19.39 28.66
N PRO CC 40 66.24 18.62 27.56
CA PRO CC 40 67.26 17.75 26.99
C PRO CC 40 68.39 18.58 26.38
N ASN CC 41 69.54 17.92 26.22
CA ASN CC 41 70.70 18.48 25.58
C ASN CC 41 70.46 18.79 24.10
N TYR CC 42 71.11 19.87 23.63
CA TYR CC 42 71.09 20.18 22.22
C TYR CC 42 71.69 19.06 21.38
N GLY CC 43 72.77 18.44 21.84
CA GLY CC 43 73.36 17.23 21.25
C GLY CC 43 72.34 16.12 20.98
N ASP CC 44 71.53 15.82 21.99
CA ASP CC 44 70.53 14.77 21.96
C ASP CC 44 69.32 15.20 21.11
N MET CC 45 69.17 16.51 20.87
CA MET CC 45 68.09 16.98 20.01
C MET CC 45 68.30 16.49 18.57
N ASP CC 46 67.19 16.27 17.87
CA ASP CC 46 67.23 15.87 16.48
C ASP CC 46 66.09 16.55 15.76
N LEU CC 47 66.33 16.88 14.49
CA LEU CC 47 65.28 17.55 13.77
C LEU CC 47 65.38 17.27 12.28
N ILE CC 48 64.29 16.78 11.69
CA ILE CC 48 64.19 16.87 10.24
C ILE CC 48 64.03 18.32 9.85
N LEU CC 49 64.94 18.86 9.03
CA LEU CC 49 64.91 20.28 8.77
C LEU CC 49 63.85 20.53 7.69
N PHE CC 50 64.08 19.91 6.53
CA PHE CC 50 63.11 19.99 5.46
C PHE CC 50 62.04 18.94 5.71
N PRO CC 51 60.76 19.35 5.76
CA PRO CC 51 59.70 18.38 5.85
C PRO CC 51 59.64 17.48 4.63
N GLU CC 52 58.61 16.67 4.64
CA GLU CC 52 58.40 15.67 3.61
C GLU CC 52 58.16 16.34 2.26
N GLY CC 53 57.53 17.52 2.26
CA GLY CC 53 57.01 18.06 1.02
C GLY CC 53 57.69 19.35 0.57
N SER CC 54 58.90 19.63 1.04
CA SER CC 54 59.45 20.97 0.81
C SER CC 54 60.27 21.05 -0.48
N LEU CC 55 61.28 20.17 -0.54
CA LEU CC 55 62.23 20.18 -1.63
C LEU CC 55 61.58 19.63 -2.92
N LYS CC 56 61.69 20.49 -3.94
CA LYS CC 56 61.29 20.14 -5.29
C LYS CC 56 62.46 20.45 -6.23
N ASN CC 57 62.74 19.46 -7.10
CA ASN CC 57 63.87 19.58 -8.02
C ASN CC 57 63.42 20.34 -9.27
N SER CC 58 64.21 20.21 -10.34
CA SER CC 58 63.96 20.87 -11.61
C SER CC 58 62.63 20.43 -12.26
N ASN CC 59 62.22 19.17 -12.10
CA ASN CC 59 60.97 18.67 -12.64
C ASN CC 59 59.80 18.77 -11.66
N ASN CC 60 59.91 19.71 -10.71
CA ASN CC 60 58.97 19.94 -9.61
C ASN CC 60 58.23 18.70 -9.09
N THR CC 61 58.97 17.60 -8.92
CA THR CC 61 58.51 16.43 -8.19
C THR CC 61 59.21 16.44 -6.82
N VAL CC 62 58.42 16.14 -5.79
CA VAL CC 62 58.90 16.37 -4.44
C VAL CC 62 59.84 15.24 -4.05
N ILE CC 63 60.90 15.60 -3.33
CA ILE CC 63 61.86 14.64 -2.83
C ILE CC 63 62.00 14.81 -1.32
N PRO CC 64 62.18 13.75 -0.50
CA PRO CC 64 62.39 13.91 0.95
C PRO CC 64 63.81 14.29 1.34
N GLN CC 65 64.05 14.26 2.66
CA GLN CC 65 65.32 14.69 3.19
C GLN CC 65 66.44 13.68 2.94
N SER CC 66 66.04 12.40 3.05
CA SER CC 66 66.87 11.20 3.04
C SER CC 66 67.79 11.20 1.81
N HIS CC 67 67.26 11.83 0.74
CA HIS CC 67 67.82 11.72 -0.58
C HIS CC 67 69.13 12.50 -0.63
N LEU CC 68 69.26 13.50 0.26
CA LEU CC 68 70.34 14.47 0.14
C LEU CC 68 71.59 14.06 0.94
N LYS CC 69 71.53 12.84 1.48
CA LYS CC 69 72.60 12.45 2.40
C LYS CC 69 73.89 12.17 1.67
N GLY CC 70 74.97 12.69 2.25
CA GLY CC 70 76.35 12.55 1.81
C GLY CC 70 76.80 13.58 0.77
N LYS CC 71 76.08 14.70 0.64
CA LYS CC 71 76.46 15.75 -0.31
C LYS CC 71 76.53 17.09 0.41
N SER CC 72 77.39 18.01 -0.07
CA SER CC 72 77.58 19.32 0.56
C SER CC 72 76.54 20.28 0.01
N VAL CC 73 75.59 20.62 0.87
CA VAL CC 73 74.46 21.42 0.44
C VAL CC 73 74.64 22.85 0.91
N ALA CC 74 74.39 23.80 0.02
CA ALA CC 74 74.45 25.21 0.35
C ALA CC 74 73.14 25.89 -0.03
N LEU CC 75 72.71 26.78 0.83
CA LEU CC 75 71.50 27.54 0.58
C LEU CC 75 71.87 28.81 -0.15
N TYR CC 76 71.06 29.10 -1.17
CA TYR CC 76 71.24 30.24 -2.02
C TYR CC 76 70.06 31.19 -1.80
N PHE CC 77 70.26 32.20 -0.95
CA PHE CC 77 69.28 33.25 -0.79
C PHE CC 77 69.46 34.25 -1.91
N ALA CC 78 68.42 34.40 -2.73
CA ALA CC 78 68.52 35.26 -3.89
C ALA CC 78 67.21 36.00 -4.16
N ASP CC 79 67.30 37.17 -4.83
CA ASP CC 79 66.15 37.87 -5.39
C ASP CC 79 66.41 38.09 -6.88
N GLY CC 80 65.31 38.11 -7.68
CA GLY CC 80 65.45 38.23 -9.12
C GLY CC 80 66.13 39.54 -9.55
N ALA CC 81 65.60 40.69 -9.05
CA ALA CC 81 65.87 42.00 -9.63
C ALA CC 81 67.30 42.52 -9.41
N ASP CC 82 68.03 41.88 -8.50
CA ASP CC 82 69.23 42.52 -7.99
C ASP CC 82 70.40 42.34 -8.96
N PRO CC 83 71.11 43.42 -9.35
CA PRO CC 83 72.29 43.35 -10.21
C PRO CC 83 73.37 42.41 -9.67
N LYS CC 84 73.55 42.41 -8.33
CA LYS CC 84 74.54 41.54 -7.70
C LYS CC 84 74.19 40.07 -7.90
N CYS CC 85 72.91 39.69 -7.72
CA CYS CC 85 72.46 38.32 -7.90
C CYS CC 85 72.64 37.91 -9.37
N ALA CC 86 72.31 38.84 -10.27
CA ALA CC 86 72.43 38.58 -11.70
C ALA CC 86 73.90 38.40 -12.07
N SER CC 87 74.81 39.10 -11.39
CA SER CC 87 76.25 38.98 -11.67
C SER CC 87 76.90 37.79 -10.94
N LEU CC 88 76.19 37.26 -9.93
CA LEU CC 88 76.77 36.14 -9.19
C LEU CC 88 76.41 34.81 -9.86
N LEU CC 89 75.16 34.71 -10.35
CA LEU CC 89 74.55 33.50 -10.89
C LEU CC 89 75.45 32.72 -11.84
N PRO CC 90 76.08 33.30 -12.89
CA PRO CC 90 76.88 32.49 -13.80
C PRO CC 90 78.14 31.86 -13.20
N PHE CC 91 78.77 32.47 -12.21
CA PHE CC 91 79.90 31.79 -11.59
C PHE CC 91 79.45 30.60 -10.77
N LEU CC 92 78.29 30.74 -10.14
CA LEU CC 92 77.68 29.66 -9.37
C LEU CC 92 77.35 28.51 -10.31
N LEU CC 93 76.73 28.82 -11.48
CA LEU CC 93 76.41 27.83 -12.50
C LEU CC 93 77.67 27.10 -12.95
N ASN CC 94 78.74 27.85 -13.22
CA ASN CC 94 79.98 27.31 -13.74
C ASN CC 94 80.60 26.38 -12.70
N TYR CC 95 80.55 26.83 -11.45
CA TYR CC 95 81.27 26.12 -10.42
C TYR CC 95 80.49 24.83 -10.14
N TYR CC 96 79.17 24.88 -10.14
CA TYR CC 96 78.29 23.71 -10.00
C TYR CC 96 78.59 22.68 -11.08
N ARG CC 97 78.66 23.16 -12.32
CA ARG CC 97 79.03 22.37 -13.49
C ARG CC 97 80.35 21.66 -13.23
N THR CC 98 81.37 22.39 -12.77
CA THR CC 98 82.72 21.87 -12.64
C THR CC 98 82.77 20.71 -11.65
N MET CC 99 82.29 20.90 -10.43
CA MET CC 99 82.51 19.83 -9.46
C MET CC 99 81.35 18.84 -9.36
N ASN CC 100 80.42 18.94 -10.29
CA ASN CC 100 79.50 17.83 -10.47
C ASN CC 100 79.83 17.02 -11.71
N GLU CC 101 80.65 17.59 -12.60
CA GLU CC 101 81.02 16.86 -13.81
C GLU CC 101 82.38 16.19 -13.64
N GLY CC 102 83.42 16.97 -13.31
CA GLY CC 102 84.77 16.50 -13.53
C GLY CC 102 85.26 15.57 -12.44
N GLY CC 103 84.42 14.60 -12.01
CA GLY CC 103 84.59 13.86 -10.78
C GLY CC 103 83.77 12.58 -10.74
N ALA CC 104 83.91 11.80 -9.66
CA ALA CC 104 83.40 10.45 -9.56
C ALA CC 104 82.12 10.36 -8.72
N ASN CC 105 81.68 11.48 -8.13
CA ASN CC 105 80.51 11.46 -7.27
C ASN CC 105 79.84 12.83 -7.26
N GLN CC 106 78.54 12.91 -6.97
CA GLN CC 106 77.90 14.21 -6.83
C GLN CC 106 78.35 14.86 -5.53
N LYS CC 107 79.07 15.99 -5.62
CA LYS CC 107 79.78 16.52 -4.46
C LYS CC 107 78.98 17.61 -3.77
N ILE CC 108 78.48 18.57 -4.55
CA ILE CC 108 77.78 19.72 -4.00
C ILE CC 108 76.34 19.74 -4.50
N GLU CC 109 75.49 20.48 -3.76
CA GLU CC 109 74.09 20.67 -4.10
C GLU CC 109 73.60 22.01 -3.55
N ILE CC 110 72.77 22.72 -4.33
CA ILE CC 110 72.25 24.02 -3.94
C ILE CC 110 70.76 23.92 -3.72
N ILE CC 111 70.30 24.70 -2.73
CA ILE CC 111 68.89 24.83 -2.47
C ILE CC 111 68.55 26.30 -2.56
N PHE CC 112 67.60 26.62 -3.43
CA PHE CC 112 67.27 27.98 -3.72
C PHE CC 112 66.13 28.46 -2.82
N VAL CC 113 66.44 29.55 -2.10
CA VAL CC 113 65.48 30.23 -1.26
C VAL CC 113 65.27 31.63 -1.81
N SER CC 114 64.01 31.91 -2.15
CA SER CC 114 63.66 33.09 -2.92
C SER CC 114 63.21 34.21 -1.98
N LEU CC 115 63.56 35.44 -2.37
CA LEU CC 115 63.14 36.62 -1.65
C LEU CC 115 62.32 37.49 -2.59
N ASP CC 116 61.61 36.85 -3.50
CA ASP CC 116 60.88 37.53 -4.55
C ASP CC 116 59.58 38.15 -4.00
N ARG CC 117 59.03 39.10 -4.75
CA ARG CC 117 57.73 39.66 -4.38
C ARG CC 117 56.57 38.71 -4.62
N ASP CC 118 56.60 37.88 -5.66
CA ASP CC 118 55.40 37.11 -6.00
C ASP CC 118 55.76 35.79 -6.69
N ARG CC 119 54.72 34.96 -6.87
CA ARG CC 119 54.83 33.66 -7.51
C ARG CC 119 55.29 33.81 -8.97
N GLU CC 120 54.72 34.82 -9.62
CA GLU CC 120 54.91 34.95 -11.05
C GLU CC 120 56.34 35.29 -11.43
N ALA CC 121 57.05 36.00 -10.55
CA ALA CC 121 58.46 36.27 -10.78
C ALA CC 121 59.37 35.24 -10.09
N PHE CC 122 58.87 34.61 -9.03
CA PHE CC 122 59.60 33.52 -8.40
C PHE CC 122 59.86 32.40 -9.41
N GLU CC 123 58.83 32.01 -10.17
CA GLU CC 123 58.97 30.95 -11.14
C GLU CC 123 59.96 31.33 -12.25
N SER CC 124 59.95 32.60 -12.65
CA SER CC 124 60.85 33.10 -13.69
C SER CC 124 62.31 33.03 -13.22
N HIS CC 125 62.57 33.42 -11.97
CA HIS CC 125 63.93 33.32 -11.46
C HIS CC 125 64.29 31.87 -11.16
N ARG CC 126 63.29 31.03 -10.90
CA ARG CC 126 63.50 29.61 -10.60
C ARG CC 126 63.93 28.85 -11.84
N ALA CC 127 63.41 29.25 -13.01
CA ALA CC 127 63.67 28.56 -14.27
C ALA CC 127 65.16 28.57 -14.66
N HIS CC 128 65.95 29.52 -14.14
CA HIS CC 128 67.37 29.59 -14.45
C HIS CC 128 68.20 28.55 -13.69
N MET CC 129 67.60 27.90 -12.69
CA MET CC 129 68.37 27.14 -11.71
C MET CC 129 68.15 25.65 -11.90
N PRO CC 130 69.23 24.82 -11.96
CA PRO CC 130 69.03 23.36 -12.04
C PRO CC 130 68.93 22.66 -10.68
N TRP CC 131 69.13 23.43 -9.61
CA TRP CC 131 69.26 22.85 -8.30
C TRP CC 131 67.91 22.86 -7.60
N LEU CC 132 67.89 22.36 -6.37
CA LEU CC 132 66.60 22.23 -5.69
C LEU CC 132 66.14 23.60 -5.22
N SER CC 133 64.85 23.71 -4.90
CA SER CC 133 64.32 24.98 -4.44
C SER CC 133 63.13 24.74 -3.49
N ILE CC 134 62.81 25.80 -2.74
CA ILE CC 134 61.64 25.77 -1.88
C ILE CC 134 60.61 26.72 -2.45
N ASP CC 135 59.36 26.22 -2.57
CA ASP CC 135 58.25 26.98 -3.10
C ASP CC 135 57.93 28.14 -2.16
N LEU CC 136 57.47 29.23 -2.80
CA LEU CC 136 57.36 30.49 -2.09
C LEU CC 136 56.32 30.48 -0.98
N GLU CC 137 55.15 29.91 -1.28
CA GLU CC 137 54.00 29.92 -0.37
C GLU CC 137 54.24 29.03 0.87
N ASN CC 138 55.26 28.18 0.82
CA ASN CC 138 55.62 27.39 1.97
C ASN CC 138 56.16 28.29 3.08
N PRO CC 139 55.62 28.27 4.33
CA PRO CC 139 56.13 29.07 5.45
C PRO CC 139 57.57 28.84 5.86
N LEU CC 140 58.10 27.68 5.43
CA LEU CC 140 59.45 27.27 5.75
C LEU CC 140 60.45 28.31 5.24
N THR CC 141 60.11 29.01 4.16
CA THR CC 141 60.93 30.09 3.64
C THR CC 141 61.09 31.21 4.68
N GLU CC 142 59.99 31.62 5.32
CA GLU CC 142 60.05 32.67 6.32
C GLU CC 142 60.84 32.23 7.56
N ILE CC 143 60.61 30.97 7.94
CA ILE CC 143 61.32 30.36 9.06
C ILE CC 143 62.83 30.34 8.78
N LEU CC 144 63.25 29.97 7.56
CA LEU CC 144 64.66 29.91 7.18
C LEU CC 144 65.28 31.30 7.04
N LYS CC 145 64.52 32.29 6.56
CA LYS CC 145 64.99 33.66 6.48
C LYS CC 145 65.40 34.15 7.87
N ARG CC 146 64.53 33.93 8.85
CA ARG CC 146 64.83 34.41 10.19
C ARG CC 146 65.86 33.53 10.89
N HIS CC 147 65.95 32.28 10.44
CA HIS CC 147 66.91 31.33 10.99
C HIS CC 147 68.33 31.76 10.65
N PHE CC 148 68.58 32.11 9.39
CA PHE CC 148 69.90 32.53 8.97
C PHE CC 148 70.06 34.05 8.99
N ARG CC 149 69.06 34.77 9.54
CA ARG CC 149 68.98 36.22 9.59
C ARG CC 149 69.48 36.87 8.30
N VAL CC 150 68.88 36.46 7.18
CA VAL CC 150 69.10 37.13 5.91
C VAL CC 150 67.81 37.84 5.52
N MET CC 151 67.93 39.14 5.20
CA MET CC 151 66.80 39.93 4.72
C MET CC 151 67.34 41.14 3.96
N LYS CC 152 66.57 41.55 2.94
CA LYS CC 152 66.96 42.57 1.97
C LYS CC 152 67.06 43.93 2.65
N GLU CC 153 66.01 44.29 3.39
CA GLU CC 153 66.02 45.48 4.22
C GLU CC 153 65.46 45.09 5.57
N TYR CC 154 65.83 45.83 6.60
CA TYR CC 154 65.29 45.54 7.91
C TYR CC 154 63.82 45.95 7.92
N GLU CC 155 62.99 45.05 7.44
CA GLU CC 155 61.56 45.28 7.33
C GLU CC 155 60.88 44.89 8.66
N VAL CC 156 61.01 43.60 9.01
CA VAL CC 156 60.40 43.03 10.19
C VAL CC 156 61.49 42.65 11.17
N PRO CC 157 61.42 43.14 12.42
CA PRO CC 157 62.58 43.02 13.31
C PRO CC 157 62.93 41.60 13.76
N THR CC 158 64.20 41.25 13.60
CA THR CC 158 64.80 40.10 14.29
C THR CC 158 65.21 40.52 15.70
N TYR CC 159 65.50 39.57 16.58
CA TYR CC 159 65.41 39.77 18.02
C TYR CC 159 66.73 40.27 18.62
N GLY CC 160 67.05 41.54 18.35
CA GLY CC 160 68.23 42.17 18.91
C GLY CC 160 69.52 41.90 18.13
N TYR CC 161 69.62 40.68 17.54
CA TYR CC 161 70.62 40.30 16.56
C TYR CC 161 70.65 41.29 15.40
N GLY CC 162 71.81 41.39 14.76
CA GLY CC 162 71.92 42.09 13.49
C GLY CC 162 71.58 41.17 12.32
N SER CC 163 71.75 41.71 11.11
CA SER CC 163 71.67 40.90 9.90
C SER CC 163 73.00 40.20 9.70
N ARG CC 164 72.94 38.89 9.40
CA ARG CC 164 74.16 38.13 9.15
C ARG CC 164 74.81 38.59 7.86
N THR CC 165 74.00 38.63 6.80
CA THR CC 165 74.47 39.07 5.50
C THR CC 165 73.30 39.57 4.67
N GLY CC 166 73.63 40.26 3.58
CA GLY CC 166 72.66 40.77 2.64
C GLY CC 166 72.28 39.73 1.59
N VAL CC 167 72.00 40.24 0.39
CA VAL CC 167 71.53 39.43 -0.70
C VAL CC 167 72.41 39.75 -1.90
N PRO CC 168 73.02 38.78 -2.62
CA PRO CC 168 72.80 37.33 -2.49
C PRO CC 168 73.68 36.70 -1.43
N SER CC 169 73.33 35.48 -1.02
CA SER CC 169 74.17 34.79 -0.05
C SER CC 169 74.11 33.28 -0.27
N VAL CC 170 75.24 32.64 0.04
CA VAL CC 170 75.32 31.20 0.06
C VAL CC 170 75.88 30.77 1.41
N ILE CC 171 75.11 29.89 2.06
CA ILE CC 171 75.44 29.38 3.38
C ILE CC 171 75.62 27.87 3.26
N VAL CC 172 76.79 27.38 3.63
CA VAL CC 172 77.00 25.95 3.60
C VAL CC 172 76.43 25.33 4.88
N ILE CC 173 75.26 24.70 4.73
CA ILE CC 173 74.51 24.20 5.88
C ILE CC 173 74.95 22.80 6.24
N GLY CC 174 74.56 22.34 7.43
CA GLY CC 174 74.80 20.99 7.94
C GLY CC 174 73.52 20.18 8.07
N SER CC 175 73.53 19.23 9.00
CA SER CC 175 72.42 18.29 9.17
C SER CC 175 71.20 18.96 9.80
N ASP CC 176 71.43 19.81 10.80
CA ASP CC 176 70.37 20.32 11.65
C ASP CC 176 70.47 21.84 11.75
N GLY CC 177 70.79 22.48 10.62
CA GLY CC 177 70.63 23.91 10.46
C GLY CC 177 71.85 24.74 10.85
N ARG CC 178 72.96 24.08 11.23
CA ARG CC 178 74.23 24.76 11.49
C ARG CC 178 74.79 25.34 10.20
N GLU CC 179 75.40 26.53 10.30
CA GLU CC 179 76.16 27.06 9.18
C GLU CC 179 77.60 26.61 9.36
N ALA CC 180 78.12 25.91 8.34
CA ALA CC 180 79.46 25.40 8.46
C ALA CC 180 80.46 26.39 7.87
N GLN CC 181 80.04 27.08 6.79
CA GLN CC 181 80.91 28.01 6.12
C GLN CC 181 80.08 29.03 5.37
N PHE CC 182 80.20 30.28 5.80
CA PHE CC 182 79.51 31.39 5.15
C PHE CC 182 80.46 31.96 4.11
N LEU CC 183 80.11 31.77 2.84
CA LEU CC 183 81.02 32.18 1.77
C LEU CC 183 80.97 33.69 1.61
N PRO CC 184 82.10 34.41 1.85
CA PRO CC 184 82.13 35.88 1.80
C PRO CC 184 81.99 36.46 0.39
N ILE CC 185 80.76 36.60 -0.09
CA ILE CC 185 80.54 37.27 -1.37
C ILE CC 185 80.45 38.78 -1.13
N CYS CC 186 79.54 39.17 -0.26
CA CYS CC 186 79.42 40.55 0.20
C CYS CC 186 79.43 40.56 1.73
N SER CC 187 80.64 40.62 2.29
CA SER CC 187 80.86 40.65 3.73
C SER CC 187 82.14 41.40 4.06
N GLY CC 188 82.69 41.18 5.27
CA GLY CC 188 83.92 41.84 5.70
C GLY CC 188 85.12 41.48 4.83
N LEU CC 189 85.14 40.21 4.43
CA LEU CC 189 86.25 39.73 3.62
C LEU CC 189 86.11 40.17 2.16
N GLU CC 190 84.88 40.27 1.63
CA GLU CC 190 84.54 40.88 0.33
C GLU CC 190 85.34 40.29 -0.83
N GLU CC 191 85.13 39.02 -1.12
CA GLU CC 191 85.71 38.39 -2.31
C GLU CC 191 84.56 37.93 -3.20
N GLY CC 192 84.07 38.83 -4.06
CA GLY CC 192 82.92 38.52 -4.89
C GLY CC 192 83.21 37.50 -5.98
N ASP CC 193 82.34 36.46 -6.13
CA ASP CC 193 82.40 35.47 -7.18
C ASP CC 193 83.66 34.59 -7.12
N ARG CC 194 84.48 34.81 -6.09
CA ARG CC 194 85.75 34.12 -5.89
C ARG CC 194 85.78 33.41 -4.53
N ALA CC 195 84.88 33.81 -3.62
CA ALA CC 195 84.68 33.10 -2.36
C ALA CC 195 84.13 31.68 -2.59
N LEU CC 196 83.59 31.46 -3.81
CA LEU CC 196 83.08 30.18 -4.27
C LEU CC 196 84.17 29.11 -4.15
N LEU CC 197 85.41 29.54 -4.42
CA LEU CC 197 86.56 28.65 -4.43
C LEU CC 197 86.92 28.18 -3.01
N ARG CC 198 86.31 28.81 -1.99
CA ARG CC 198 86.66 28.44 -0.63
C ARG CC 198 85.83 27.28 -0.06
N TRP CC 199 84.98 26.68 -0.91
CA TRP CC 199 84.13 25.55 -0.53
C TRP CC 199 84.95 24.34 -0.09
N ASP CC 200 84.54 23.70 1.01
CA ASP CC 200 85.15 22.45 1.49
C ASP CC 200 84.13 21.31 1.48
N TRP CC 201 83.89 20.70 0.31
CA TRP CC 201 83.01 19.54 0.15
C TRP CC 201 83.57 18.25 0.77
N ARG CC 202 84.82 18.31 1.22
CA ARG CC 202 85.48 17.27 1.99
C ARG CC 202 84.94 17.27 3.43
N ASN CC 203 85.04 18.44 4.09
CA ASN CC 203 84.64 18.59 5.47
C ASN CC 203 83.11 18.55 5.62
N THR CC 204 82.38 19.16 4.68
CA THR CC 204 80.98 19.46 4.94
C THR CC 204 80.10 18.47 4.19
N LYS CC 205 79.30 17.70 4.92
CA LYS CC 205 78.44 16.66 4.38
C LYS CC 205 77.11 16.72 5.12
N PHE CC 206 76.03 16.37 4.42
CA PHE CC 206 74.68 16.40 4.96
C PHE CC 206 74.37 15.06 5.62
N ALA CC 207 75.30 14.62 6.47
CA ALA CC 207 75.07 13.41 7.23
C ALA CC 207 74.07 13.72 8.36
N SER DC 2 28.51 95.34 6.33
CA SER DC 2 29.11 96.65 6.59
C SER DC 2 30.42 96.84 5.82
N GLN DC 3 30.32 96.64 4.52
CA GLN DC 3 31.38 96.99 3.60
C GLN DC 3 30.72 97.51 2.34
N PRO DC 4 31.18 98.64 1.76
CA PRO DC 4 32.31 99.41 2.27
C PRO DC 4 31.86 100.45 3.30
N VAL DC 5 30.54 100.71 3.37
CA VAL DC 5 29.98 101.67 4.32
C VAL DC 5 28.80 101.03 5.03
N PHE DC 6 28.49 101.52 6.24
CA PHE DC 6 27.45 100.90 7.06
C PHE DC 6 26.10 101.24 6.45
N ALA DC 7 25.92 102.54 6.20
CA ALA DC 7 24.62 103.03 5.80
C ALA DC 7 24.50 102.87 4.29
N SER DC 8 23.81 101.79 3.91
CA SER DC 8 23.59 101.41 2.53
C SER DC 8 22.48 100.37 2.49
N PRO DC 9 21.60 100.45 1.46
CA PRO DC 9 20.46 99.54 1.34
C PRO DC 9 20.75 98.05 1.22
N LEU DC 10 21.83 97.68 0.52
CA LEU DC 10 22.24 96.28 0.48
C LEU DC 10 22.60 95.81 1.89
N ASN DC 11 23.28 96.66 2.66
CA ASN DC 11 23.70 96.31 4.00
C ASN DC 11 22.49 96.14 4.92
N VAL DC 12 21.48 96.99 4.79
CA VAL DC 12 20.32 96.85 5.66
C VAL DC 12 19.50 95.62 5.30
N GLU DC 13 19.44 95.27 4.01
CA GLU DC 13 18.75 94.06 3.56
C GLU DC 13 19.48 92.81 4.09
N LYS DC 14 20.82 92.83 3.96
CA LYS DC 14 21.68 91.75 4.45
C LYS DC 14 21.50 91.59 5.98
N ARG DC 15 21.53 92.71 6.71
CA ARG DC 15 21.43 92.70 8.16
C ARG DC 15 20.10 92.09 8.56
N ARG DC 16 19.00 92.50 7.90
CA ARG DC 16 17.67 92.00 8.24
C ARG DC 16 17.62 90.47 8.10
N LEU DC 17 18.01 89.97 6.90
CA LEU DC 17 17.90 88.55 6.60
C LEU DC 17 18.79 87.70 7.53
N ASN DC 18 20.01 88.19 7.82
CA ASN DC 18 20.92 87.39 8.61
C ASN DC 18 20.58 87.39 10.09
N GLU DC 19 20.06 88.54 10.54
CA GLU DC 19 19.56 88.64 11.90
C GLU DC 19 18.38 87.68 12.05
N GLU DC 20 17.52 87.58 11.02
CA GLU DC 20 16.36 86.69 11.01
C GLU DC 20 16.81 85.24 11.16
N ARG DC 21 17.82 84.85 10.36
CA ARG DC 21 18.28 83.47 10.37
C ARG DC 21 18.89 83.12 11.73
N ALA DC 22 19.73 84.05 12.22
CA ALA DC 22 20.44 83.83 13.47
C ALA DC 22 19.45 83.68 14.64
N LEU DC 23 18.41 84.53 14.63
CA LEU DC 23 17.38 84.54 15.67
C LEU DC 23 16.62 83.21 15.65
N MET DC 24 16.22 82.75 14.45
CA MET DC 24 15.42 81.55 14.35
C MET DC 24 16.22 80.34 14.84
N GLN DC 25 17.49 80.29 14.43
CA GLN DC 25 18.34 79.17 14.82
C GLN DC 25 18.59 79.14 16.33
N ALA DC 26 18.77 80.35 16.90
CA ALA DC 26 18.99 80.48 18.34
C ALA DC 26 17.73 80.08 19.12
N GLN DC 27 16.54 80.37 18.58
CA GLN DC 27 15.28 80.00 19.20
C GLN DC 27 15.14 78.49 19.22
N LYS DC 28 15.46 77.85 18.08
CA LYS DC 28 15.30 76.41 17.96
C LYS DC 28 16.30 75.69 18.87
N ALA DC 29 17.53 76.19 18.94
CA ALA DC 29 18.56 75.59 19.78
C ALA DC 29 18.27 75.89 21.27
N ASN DC 35 21.86 82.16 23.76
CA ASN DC 35 23.07 81.46 24.27
C ASN DC 35 24.09 81.28 23.13
N ILE DC 36 24.01 82.15 22.12
CA ILE DC 36 25.06 82.41 21.13
C ILE DC 36 25.15 83.92 20.96
N GLN DC 37 26.04 84.44 20.08
CA GLN DC 37 26.17 85.86 19.79
C GLN DC 37 25.10 86.38 18.84
N LEU DC 38 24.34 87.37 19.36
CA LEU DC 38 23.44 88.21 18.61
C LEU DC 38 23.82 89.67 18.85
N PRO DC 39 23.92 90.54 17.82
CA PRO DC 39 23.68 90.21 16.42
C PRO DC 39 24.88 89.48 15.83
N PRO DC 40 24.68 88.72 14.72
CA PRO DC 40 25.73 88.04 13.97
C PRO DC 40 26.86 88.97 13.52
N ASN DC 41 28.04 88.36 13.38
CA ASN DC 41 29.21 89.08 12.93
C ASN DC 41 29.12 89.32 11.44
N TYR DC 42 29.80 90.38 11.03
CA TYR DC 42 29.83 90.74 9.61
C TYR DC 42 30.53 89.68 8.78
N GLY DC 43 31.58 89.03 9.33
CA GLY DC 43 32.19 87.84 8.76
C GLY DC 43 31.20 86.71 8.49
N ASP DC 44 30.30 86.45 9.45
CA ASP DC 44 29.32 85.37 9.36
C ASP DC 44 28.14 85.73 8.47
N MET DC 45 28.05 87.00 8.07
CA MET DC 45 26.99 87.38 7.14
C MET DC 45 27.25 86.78 5.76
N ASP DC 46 26.17 86.61 5.01
CA ASP DC 46 26.17 86.18 3.63
C ASP DC 46 25.19 87.07 2.88
N LEU DC 47 25.39 87.19 1.56
CA LEU DC 47 24.63 88.14 0.77
C LEU DC 47 24.49 87.64 -0.67
N ILE DC 48 23.26 87.70 -1.18
CA ILE DC 48 22.99 87.55 -2.60
C ILE DC 48 22.74 88.93 -3.17
N LEU DC 49 23.68 89.41 -4.00
CA LEU DC 49 23.66 90.85 -4.28
C LEU DC 49 22.65 91.13 -5.38
N PHE DC 50 22.82 90.41 -6.49
CA PHE DC 50 21.92 90.54 -7.60
C PHE DC 50 20.79 89.54 -7.42
N PRO DC 51 19.52 90.02 -7.37
CA PRO DC 51 18.39 89.11 -7.31
C PRO DC 51 18.22 88.30 -8.59
N GLU DC 52 17.17 87.49 -8.65
CA GLU DC 52 17.00 86.56 -9.76
C GLU DC 52 16.81 87.28 -11.09
N GLY DC 53 16.08 88.41 -11.08
CA GLY DC 53 15.68 89.09 -12.30
C GLY DC 53 16.47 90.36 -12.61
N SER DC 54 17.62 90.53 -11.94
CA SER DC 54 18.34 91.79 -12.05
C SER DC 54 19.31 91.79 -13.23
N LEU DC 55 20.26 90.85 -13.22
CA LEU DC 55 21.27 90.77 -14.26
C LEU DC 55 20.64 90.39 -15.59
N LYS DC 56 21.20 90.96 -16.67
CA LYS DC 56 20.59 90.89 -17.98
C LYS DC 56 21.68 91.08 -19.02
N ASN DC 57 21.78 90.07 -19.89
CA ASN DC 57 22.92 90.00 -20.80
C ASN DC 57 22.66 90.87 -22.04
N SER DC 58 23.50 90.65 -23.06
CA SER DC 58 23.53 91.51 -24.22
C SER DC 58 22.23 91.42 -25.04
N ASN DC 59 21.66 90.22 -25.19
CA ASN DC 59 20.42 90.06 -25.94
C ASN DC 59 19.18 90.04 -25.04
N ASN DC 60 19.22 90.75 -23.91
CA ASN DC 60 18.02 91.05 -23.13
C ASN DC 60 17.38 89.81 -22.51
N THR DC 61 18.21 88.90 -21.97
CA THR DC 61 17.72 87.69 -21.35
C THR DC 61 18.30 87.57 -19.94
N VAL DC 62 17.49 87.12 -18.98
CA VAL DC 62 17.85 87.16 -17.57
C VAL DC 62 18.83 86.04 -17.24
N ILE DC 63 20.00 86.39 -16.70
CA ILE DC 63 20.96 85.40 -16.22
C ILE DC 63 21.06 85.48 -14.70
N PRO DC 64 21.32 84.38 -13.96
CA PRO DC 64 21.48 84.48 -12.50
C PRO DC 64 22.88 84.88 -12.05
N GLN DC 65 23.10 84.96 -10.73
CA GLN DC 65 24.33 85.52 -10.20
C GLN DC 65 25.49 84.54 -10.32
N SER DC 66 25.16 83.25 -10.10
CA SER DC 66 26.16 82.21 -9.94
C SER DC 66 26.96 82.00 -11.23
N HIS DC 67 26.48 82.55 -12.35
CA HIS DC 67 27.18 82.50 -13.62
C HIS DC 67 28.54 83.21 -13.54
N LEU DC 68 28.62 84.28 -12.72
CA LEU DC 68 29.79 85.14 -12.75
C LEU DC 68 30.87 84.67 -11.80
N LYS DC 69 30.90 83.37 -11.50
CA LYS DC 69 31.93 82.87 -10.62
C LYS DC 69 33.21 82.65 -11.41
N GLY DC 70 34.31 83.15 -10.84
CA GLY DC 70 35.67 83.04 -11.35
C GLY DC 70 36.03 84.05 -12.42
N LYS DC 71 35.19 85.06 -12.64
CA LYS DC 71 35.59 86.21 -13.45
C LYS DC 71 35.69 87.41 -12.51
N SER DC 72 36.50 88.42 -12.88
CA SER DC 72 36.64 89.66 -12.16
C SER DC 72 35.60 90.65 -12.66
N VAL DC 73 34.57 90.89 -11.85
CA VAL DC 73 33.47 91.73 -12.25
C VAL DC 73 33.75 93.15 -11.77
N ALA DC 74 33.58 94.13 -12.68
CA ALA DC 74 33.69 95.52 -12.35
C ALA DC 74 32.37 96.21 -12.69
N LEU DC 75 31.91 96.99 -11.73
CA LEU DC 75 30.72 97.77 -11.97
C LEU DC 75 31.12 99.03 -12.68
N TYR DC 76 30.30 99.37 -13.68
CA TYR DC 76 30.57 100.46 -14.56
C TYR DC 76 29.42 101.45 -14.42
N PHE DC 77 29.63 102.48 -13.61
CA PHE DC 77 28.64 103.53 -13.45
C PHE DC 77 28.88 104.56 -14.53
N ALA DC 78 27.89 104.72 -15.40
CA ALA DC 78 28.04 105.61 -16.54
C ALA DC 78 26.70 106.20 -16.93
N ASP DC 79 26.76 107.28 -17.69
CA ASP DC 79 25.59 107.91 -18.25
C ASP DC 79 25.91 108.27 -19.70
N GLY DC 80 24.89 108.17 -20.58
CA GLY DC 80 25.08 108.32 -22.02
C GLY DC 80 25.62 109.68 -22.42
N ALA DC 81 24.99 110.72 -21.88
CA ALA DC 81 25.20 112.09 -22.33
C ALA DC 81 26.51 112.67 -21.81
N ASP DC 82 27.16 112.02 -20.83
CA ASP DC 82 28.35 112.60 -20.22
C ASP DC 82 29.50 112.53 -21.22
N PRO DC 83 30.20 113.66 -21.52
CA PRO DC 83 31.31 113.63 -22.45
C PRO DC 83 32.43 112.69 -22.02
N LYS DC 84 32.69 112.61 -20.71
CA LYS DC 84 33.77 111.75 -20.25
C LYS DC 84 33.38 110.28 -20.38
N CYS DC 85 32.11 109.94 -20.17
CA CYS DC 85 31.68 108.55 -20.37
C CYS DC 85 31.79 108.14 -21.86
N ALA DC 86 31.41 109.07 -22.76
CA ALA DC 86 31.49 108.84 -24.19
C ALA DC 86 32.97 108.71 -24.62
N SER DC 87 33.86 109.40 -23.90
CA SER DC 87 35.28 109.33 -24.16
C SER DC 87 35.90 108.05 -23.58
N LEU DC 88 35.36 107.55 -22.46
CA LEU DC 88 35.98 106.42 -21.78
C LEU DC 88 35.64 105.12 -22.49
N LEU DC 89 34.43 105.03 -23.04
CA LEU DC 89 33.90 103.81 -23.64
C LEU DC 89 34.82 103.12 -24.65
N PRO DC 90 35.46 103.80 -25.64
CA PRO DC 90 36.35 103.10 -26.58
C PRO DC 90 37.53 102.39 -25.93
N PHE DC 91 38.12 102.99 -24.89
CA PHE DC 91 39.27 102.38 -24.26
C PHE DC 91 38.86 101.17 -23.44
N LEU DC 92 37.70 101.27 -22.81
CA LEU DC 92 37.15 100.16 -22.04
C LEU DC 92 36.83 99.02 -22.98
N LEU DC 93 36.25 99.31 -24.16
CA LEU DC 93 35.94 98.28 -25.15
C LEU DC 93 37.19 97.57 -25.60
N ASN DC 94 38.24 98.36 -25.88
CA ASN DC 94 39.50 97.82 -26.36
C ASN DC 94 40.10 96.93 -25.29
N TYR DC 95 40.02 97.39 -24.04
CA TYR DC 95 40.68 96.72 -22.94
C TYR DC 95 39.96 95.39 -22.66
N TYR DC 96 38.62 95.40 -22.72
CA TYR DC 96 37.78 94.23 -22.51
C TYR DC 96 38.08 93.17 -23.55
N ARG DC 97 38.12 93.62 -24.81
CA ARG DC 97 38.40 92.74 -25.93
C ARG DC 97 39.79 92.13 -25.80
N THR DC 98 40.79 92.96 -25.43
CA THR DC 98 42.16 92.49 -25.34
C THR DC 98 42.30 91.42 -24.27
N MET DC 99 41.85 91.68 -23.05
CA MET DC 99 42.15 90.69 -22.03
C MET DC 99 41.12 89.55 -21.93
N ASN DC 100 40.11 89.61 -22.78
CA ASN DC 100 39.19 88.50 -22.85
C ASN DC 100 39.50 87.62 -24.06
N GLU DC 101 40.22 88.17 -25.05
CA GLU DC 101 40.65 87.36 -26.17
C GLU DC 101 42.02 86.74 -25.89
N GLY DC 102 43.00 87.57 -25.56
CA GLY DC 102 44.37 87.12 -25.34
C GLY DC 102 44.52 86.38 -24.01
N GLY DC 103 44.05 85.13 -23.99
CA GLY DC 103 44.37 84.23 -22.90
C GLY DC 103 43.43 83.04 -22.82
N ALA DC 104 43.64 82.20 -21.79
CA ALA DC 104 43.08 80.87 -21.71
C ALA DC 104 41.79 80.85 -20.88
N ASN DC 105 41.41 81.99 -20.30
CA ASN DC 105 40.18 82.04 -19.51
C ASN DC 105 39.50 83.40 -19.70
N GLN DC 106 38.19 83.48 -19.46
CA GLN DC 106 37.54 84.78 -19.37
C GLN DC 106 37.95 85.42 -18.05
N LYS DC 107 38.53 86.61 -18.12
CA LYS DC 107 39.26 87.14 -16.98
C LYS DC 107 38.47 88.26 -16.36
N ILE DC 108 37.99 89.20 -17.19
CA ILE DC 108 37.22 90.31 -16.67
C ILE DC 108 35.78 90.24 -17.19
N GLU DC 109 34.84 90.78 -16.42
CA GLU DC 109 33.44 90.95 -16.79
C GLU DC 109 32.97 92.32 -16.28
N ILE DC 110 32.07 92.97 -17.05
CA ILE DC 110 31.57 94.29 -16.69
C ILE DC 110 30.07 94.22 -16.49
N ILE DC 111 29.63 94.95 -15.46
CA ILE DC 111 28.21 95.11 -15.21
C ILE DC 111 27.90 96.60 -15.27
N PHE DC 112 26.98 96.94 -16.17
CA PHE DC 112 26.73 98.32 -16.47
C PHE DC 112 25.56 98.83 -15.62
N VAL DC 113 25.83 99.91 -14.89
CA VAL DC 113 24.80 100.63 -14.17
C VAL DC 113 24.70 102.02 -14.75
N SER DC 114 23.47 102.37 -15.17
CA SER DC 114 23.20 103.57 -15.93
C SER DC 114 22.58 104.64 -15.03
N LEU DC 115 23.04 105.87 -15.24
CA LEU DC 115 22.43 107.01 -14.59
C LEU DC 115 21.66 107.86 -15.60
N ASP DC 116 21.05 107.22 -16.59
CA ASP DC 116 20.39 107.93 -17.68
C ASP DC 116 19.09 108.59 -17.20
N ARG DC 117 18.55 109.52 -17.99
CA ARG DC 117 17.34 110.24 -17.63
C ARG DC 117 16.11 109.35 -17.81
N ASP DC 118 16.14 108.50 -18.85
CA ASP DC 118 14.92 107.81 -19.22
C ASP DC 118 15.23 106.49 -19.92
N ARG DC 119 14.17 105.71 -20.13
CA ARG DC 119 14.26 104.37 -20.67
C ARG DC 119 14.78 104.36 -22.10
N GLU DC 120 14.34 105.33 -22.93
CA GLU DC 120 14.68 105.42 -24.34
C GLU DC 120 16.21 105.56 -24.48
N ALA DC 121 16.75 106.59 -23.83
CA ALA DC 121 18.18 106.85 -23.94
C ALA DC 121 18.97 105.77 -23.20
N PHE DC 122 18.35 105.14 -22.20
CA PHE DC 122 19.02 104.04 -21.52
C PHE DC 122 19.26 102.87 -22.47
N GLU DC 123 18.22 102.45 -23.19
CA GLU DC 123 18.36 101.34 -24.11
C GLU DC 123 19.26 101.72 -25.30
N SER DC 124 19.22 103.00 -25.70
CA SER DC 124 20.08 103.52 -26.74
C SER DC 124 21.56 103.38 -26.36
N HIS DC 125 21.89 103.73 -25.10
CA HIS DC 125 23.25 103.60 -24.61
C HIS DC 125 23.62 102.13 -24.37
N ARG DC 126 22.62 101.33 -24.00
CA ARG DC 126 22.81 99.92 -23.69
C ARG DC 126 23.19 99.12 -24.94
N ALA DC 127 22.63 99.48 -26.10
CA ALA DC 127 22.82 98.73 -27.34
C ALA DC 127 24.31 98.68 -27.75
N HIS DC 128 25.10 99.63 -27.27
CA HIS DC 128 26.51 99.70 -27.63
C HIS DC 128 27.38 98.78 -26.77
N MET DC 129 26.79 98.11 -25.78
CA MET DC 129 27.62 97.43 -24.79
C MET DC 129 27.43 95.92 -24.88
N PRO DC 130 28.52 95.12 -24.83
CA PRO DC 130 28.32 93.65 -24.87
C PRO DC 130 28.16 93.01 -23.50
N TRP DC 131 28.53 93.75 -22.44
CA TRP DC 131 28.62 93.16 -21.12
C TRP DC 131 27.26 93.26 -20.44
N LEU DC 132 27.21 92.75 -19.21
CA LEU DC 132 25.91 92.67 -18.56
C LEU DC 132 25.49 94.06 -18.08
N SER DC 133 24.22 94.17 -17.67
CA SER DC 133 23.73 95.45 -17.22
C SER DC 133 22.54 95.25 -16.27
N ILE DC 134 22.22 96.28 -15.48
CA ILE DC 134 21.02 96.30 -14.67
C ILE DC 134 20.02 97.28 -15.26
N ASP DC 135 18.76 96.85 -15.37
CA ASP DC 135 17.69 97.63 -15.97
C ASP DC 135 17.40 98.85 -15.10
N LEU DC 136 17.00 99.94 -15.76
CA LEU DC 136 16.88 101.25 -15.12
C LEU DC 136 15.77 101.28 -14.07
N GLU DC 137 14.58 100.74 -14.42
CA GLU DC 137 13.41 100.87 -13.56
C GLU DC 137 13.54 100.02 -12.30
N ASN DC 138 14.41 99.00 -12.39
CA ASN DC 138 14.66 98.10 -11.27
C ASN DC 138 15.34 98.92 -10.19
N PRO DC 139 14.85 98.91 -8.94
CA PRO DC 139 15.46 99.73 -7.90
C PRO DC 139 16.85 99.28 -7.48
N LEU DC 140 17.37 98.18 -8.03
CA LEU DC 140 18.71 97.75 -7.67
C LEU DC 140 19.78 98.76 -8.12
N THR DC 141 19.51 99.52 -9.18
CA THR DC 141 20.39 100.61 -9.59
C THR DC 141 20.47 101.67 -8.50
N GLU DC 142 19.32 102.05 -7.92
CA GLU DC 142 19.24 103.00 -6.82
C GLU DC 142 20.02 102.49 -5.61
N ILE DC 143 19.83 101.21 -5.28
CA ILE DC 143 20.48 100.58 -4.14
C ILE DC 143 21.99 100.58 -4.35
N LEU DC 144 22.45 100.24 -5.57
CA LEU DC 144 23.87 100.20 -5.86
C LEU DC 144 24.50 101.59 -5.84
N LYS DC 145 23.76 102.61 -6.28
CA LYS DC 145 24.26 103.97 -6.23
C LYS DC 145 24.48 104.41 -4.78
N ARG DC 146 23.52 104.21 -3.90
CA ARG DC 146 23.70 104.66 -2.52
C ARG DC 146 24.54 103.66 -1.73
N HIS DC 147 24.88 102.52 -2.34
CA HIS DC 147 25.80 101.58 -1.70
C HIS DC 147 27.24 101.98 -1.97
N PHE DC 148 27.56 102.29 -3.23
CA PHE DC 148 28.92 102.64 -3.59
C PHE DC 148 29.19 104.13 -3.56
N ARG DC 149 28.18 104.93 -3.16
CA ARG DC 149 28.28 106.39 -3.04
C ARG DC 149 28.70 107.04 -4.36
N VAL DC 150 27.94 106.77 -5.41
CA VAL DC 150 28.21 107.37 -6.71
C VAL DC 150 26.96 108.12 -7.17
N MET DC 151 27.15 109.38 -7.58
CA MET DC 151 26.10 110.17 -8.21
C MET DC 151 26.74 111.34 -8.96
N LYS DC 152 26.12 111.72 -10.08
CA LYS DC 152 26.62 112.81 -10.91
C LYS DC 152 26.37 114.17 -10.25
N GLU DC 153 25.23 114.27 -9.57
CA GLU DC 153 24.84 115.50 -8.90
C GLU DC 153 24.19 115.12 -7.59
N TYR DC 154 24.52 115.89 -6.54
CA TYR DC 154 24.13 115.52 -5.20
C TYR DC 154 22.63 115.79 -5.03
N GLU DC 155 21.80 114.77 -5.30
CA GLU DC 155 20.36 114.95 -5.32
C GLU DC 155 19.70 114.36 -4.07
N VAL DC 156 19.86 113.04 -3.84
CA VAL DC 156 19.34 112.42 -2.64
C VAL DC 156 20.49 112.33 -1.64
N PRO DC 157 20.31 112.84 -0.40
CA PRO DC 157 21.42 112.96 0.54
C PRO DC 157 21.94 111.59 0.98
N THR DC 158 23.20 111.30 0.68
CA THR DC 158 23.91 110.22 1.37
C THR DC 158 24.15 110.59 2.83
N TYR DC 159 24.42 109.60 3.67
CA TYR DC 159 24.19 109.65 5.11
C TYR DC 159 25.43 110.11 5.86
N GLY DC 160 25.97 111.27 5.49
CA GLY DC 160 27.09 111.85 6.23
C GLY DC 160 28.46 111.48 5.65
N TYR DC 161 28.48 110.44 4.81
CA TYR DC 161 29.66 110.00 4.08
C TYR DC 161 29.88 110.93 2.90
N GLY DC 162 31.16 111.18 2.58
CA GLY DC 162 31.55 111.88 1.37
C GLY DC 162 31.21 111.05 0.13
N SER DC 163 30.95 111.75 -0.97
CA SER DC 163 30.75 111.08 -2.25
C SER DC 163 32.08 110.52 -2.72
N ARG DC 164 32.07 109.23 -3.08
CA ARG DC 164 33.27 108.52 -3.49
C ARG DC 164 33.81 109.08 -4.81
N THR DC 165 32.96 109.14 -5.84
CA THR DC 165 33.35 109.58 -7.17
C THR DC 165 32.12 109.87 -8.01
N GLY DC 166 32.34 110.59 -9.12
CA GLY DC 166 31.33 110.82 -10.13
C GLY DC 166 31.51 109.90 -11.34
N VAL DC 167 30.62 110.06 -12.31
CA VAL DC 167 30.65 109.32 -13.55
C VAL DC 167 31.81 109.82 -14.41
N PRO DC 168 32.53 108.96 -15.16
CA PRO DC 168 32.34 107.51 -15.11
C PRO DC 168 33.18 106.90 -13.99
N SER DC 169 32.79 105.70 -13.55
CA SER DC 169 33.58 105.02 -12.55
C SER DC 169 33.46 103.52 -12.74
N VAL DC 170 34.56 102.84 -12.40
CA VAL DC 170 34.58 101.40 -12.42
C VAL DC 170 35.11 100.95 -11.07
N ILE DC 171 34.30 100.10 -10.44
CA ILE DC 171 34.63 99.59 -9.13
C ILE DC 171 34.81 98.09 -9.27
N VAL DC 172 36.00 97.63 -8.90
CA VAL DC 172 36.25 96.21 -8.93
C VAL DC 172 35.74 95.61 -7.63
N ILE DC 173 34.75 94.73 -7.75
CA ILE DC 173 33.97 94.29 -6.61
C ILE DC 173 34.28 92.84 -6.29
N GLY DC 174 33.73 92.36 -5.17
CA GLY DC 174 33.88 90.97 -4.80
C GLY DC 174 32.53 90.30 -4.56
N SER DC 175 32.55 89.31 -3.68
CA SER DC 175 31.41 88.44 -3.39
C SER DC 175 30.27 89.20 -2.71
N ASP DC 176 30.61 89.97 -1.66
CA ASP DC 176 29.62 90.50 -0.73
C ASP DC 176 29.60 92.02 -0.76
N GLY DC 177 29.76 92.56 -1.98
CA GLY DC 177 29.76 93.98 -2.23
C GLY DC 177 30.94 94.76 -1.66
N ARG DC 178 32.13 94.16 -1.60
CA ARG DC 178 33.32 94.92 -1.26
C ARG DC 178 33.78 95.77 -2.43
N GLU DC 179 34.64 96.74 -2.10
CA GLU DC 179 35.33 97.55 -3.09
C GLU DC 179 36.78 97.10 -3.07
N ALA DC 180 37.09 96.17 -3.97
CA ALA DC 180 38.42 95.57 -3.96
C ALA DC 180 39.45 96.55 -4.51
N GLN DC 181 39.06 97.33 -5.52
CA GLN DC 181 40.00 98.23 -6.17
C GLN DC 181 39.23 99.25 -6.98
N PHE DC 182 39.39 100.52 -6.61
CA PHE DC 182 38.75 101.60 -7.31
C PHE DC 182 39.74 102.16 -8.33
N LEU DC 183 39.48 101.92 -9.61
CA LEU DC 183 40.39 102.40 -10.65
C LEU DC 183 40.25 103.91 -10.82
N PRO DC 184 41.32 104.71 -10.61
CA PRO DC 184 41.21 106.17 -10.67
C PRO DC 184 41.04 106.73 -12.09
N ILE DC 185 39.79 106.82 -12.57
CA ILE DC 185 39.53 107.46 -13.84
C ILE DC 185 39.47 108.98 -13.68
N CYS DC 186 38.49 109.45 -12.90
CA CYS DC 186 38.36 110.86 -12.57
C CYS DC 186 38.29 110.98 -11.05
N SER DC 187 39.48 111.05 -10.44
CA SER DC 187 39.59 111.02 -8.99
C SER DC 187 40.85 111.76 -8.56
N GLY DC 188 41.33 111.47 -7.35
CA GLY DC 188 42.54 112.07 -6.82
C GLY DC 188 43.77 111.79 -7.69
N LEU DC 189 43.90 110.52 -8.09
CA LEU DC 189 45.04 110.14 -8.92
C LEU DC 189 44.87 110.61 -10.36
N GLU DC 190 43.62 110.66 -10.87
CA GLU DC 190 43.25 111.30 -12.15
C GLU DC 190 44.10 110.81 -13.32
N GLU DC 191 43.91 109.54 -13.68
CA GLU DC 191 44.51 109.00 -14.88
C GLU DC 191 43.40 108.36 -15.73
N GLY DC 192 42.74 109.20 -16.54
CA GLY DC 192 41.64 108.74 -17.38
C GLY DC 192 42.12 107.80 -18.48
N ASP DC 193 41.34 106.75 -18.78
CA ASP DC 193 41.57 105.85 -19.91
C ASP DC 193 42.83 104.98 -19.74
N ARG DC 194 43.58 105.18 -18.64
CA ARG DC 194 44.88 104.54 -18.43
C ARG DC 194 44.93 103.88 -17.04
N ALA DC 195 43.99 104.24 -16.15
CA ALA DC 195 43.85 103.51 -14.88
C ALA DC 195 43.27 102.11 -15.10
N LEU DC 196 42.82 101.85 -16.34
CA LEU DC 196 42.39 100.56 -16.87
C LEU DC 196 43.49 99.53 -16.63
N LEU DC 197 44.73 99.98 -16.77
CA LEU DC 197 45.91 99.13 -16.65
C LEU DC 197 46.17 98.75 -15.18
N ARG DC 198 45.44 99.35 -14.24
CA ARG DC 198 45.71 99.07 -12.83
C ARG DC 198 44.95 97.85 -12.31
N TRP DC 199 44.10 97.27 -13.16
CA TRP DC 199 43.25 96.14 -12.79
C TRP DC 199 44.10 94.94 -12.36
N ASP DC 200 43.73 94.30 -11.25
CA ASP DC 200 44.35 93.06 -10.79
C ASP DC 200 43.32 91.92 -10.82
N TRP DC 201 43.15 91.35 -12.02
CA TRP DC 201 42.19 90.26 -12.23
C TRP DC 201 42.70 88.95 -11.65
N ARG DC 202 44.02 88.86 -11.36
CA ARG DC 202 44.60 87.77 -10.57
C ARG DC 202 43.90 87.66 -9.20
N ASN DC 203 43.88 88.80 -8.50
CA ASN DC 203 43.57 88.86 -7.09
C ASN DC 203 42.06 88.89 -6.94
N THR DC 204 41.41 89.73 -7.75
CA THR DC 204 40.00 90.00 -7.56
C THR DC 204 39.18 89.02 -8.40
N LYS DC 205 38.48 88.11 -7.74
CA LYS DC 205 37.63 87.12 -8.41
C LYS DC 205 36.29 87.03 -7.67
N PHE DC 206 35.18 86.90 -8.41
CA PHE DC 206 33.84 86.91 -7.86
C PHE DC 206 33.45 85.55 -7.31
N ALA DC 207 34.11 85.13 -6.23
CA ALA DC 207 33.73 83.87 -5.61
C ALA DC 207 32.44 84.06 -4.80
N SER EC 2 76.24 12.45 -14.66
CA SER EC 2 77.23 13.55 -14.80
C SER EC 2 77.50 13.85 -16.26
N GLN EC 3 77.53 12.79 -17.06
CA GLN EC 3 77.86 12.93 -18.47
C GLN EC 3 76.58 13.04 -19.27
N PRO EC 4 76.46 13.95 -20.27
CA PRO EC 4 77.51 14.86 -20.71
C PRO EC 4 77.60 16.11 -19.84
N VAL EC 5 76.45 16.58 -19.35
CA VAL EC 5 76.39 17.73 -18.46
C VAL EC 5 75.76 17.30 -17.14
N PHE EC 6 75.85 18.17 -16.13
CA PHE EC 6 75.32 17.81 -14.83
C PHE EC 6 73.85 18.19 -14.66
N ALA EC 7 73.50 19.34 -15.23
CA ALA EC 7 72.18 19.94 -15.04
C ALA EC 7 71.21 19.52 -16.15
N SER EC 8 71.18 18.24 -16.48
CA SER EC 8 70.23 17.82 -17.48
C SER EC 8 69.07 17.07 -16.80
N PRO EC 9 67.84 17.14 -17.37
CA PRO EC 9 66.69 16.43 -16.80
C PRO EC 9 66.80 14.90 -16.73
N LEU EC 10 67.44 14.26 -17.73
CA LEU EC 10 67.73 12.83 -17.64
C LEU EC 10 68.64 12.57 -16.43
N ASN EC 11 69.66 13.41 -16.25
CA ASN EC 11 70.58 13.21 -15.14
C ASN EC 11 69.86 13.41 -13.80
N VAL EC 12 68.98 14.41 -13.73
CA VAL EC 12 68.29 14.73 -12.48
C VAL EC 12 67.38 13.56 -12.05
N GLU EC 13 66.57 13.04 -12.99
CA GLU EC 13 65.72 11.90 -12.67
C GLU EC 13 66.54 10.63 -12.43
N LYS EC 14 67.71 10.54 -13.09
CA LYS EC 14 68.55 9.38 -12.85
C LYS EC 14 69.05 9.40 -11.40
N ARG EC 15 69.62 10.53 -10.96
CA ARG EC 15 70.12 10.66 -9.60
C ARG EC 15 68.99 10.39 -8.61
N ARG EC 16 67.79 10.97 -8.82
CA ARG EC 16 66.63 10.77 -7.94
C ARG EC 16 66.34 9.28 -7.79
N LEU EC 17 66.18 8.60 -8.95
CA LEU EC 17 65.62 7.24 -8.94
C LEU EC 17 66.61 6.32 -8.24
N ASN EC 18 67.84 6.31 -8.77
CA ASN EC 18 68.73 5.29 -8.25
C ASN EC 18 69.23 5.67 -6.85
N GLU EC 19 69.25 6.95 -6.50
CA GLU EC 19 69.72 7.31 -5.18
C GLU EC 19 68.67 7.00 -4.11
N GLU EC 20 67.38 7.16 -4.45
CA GLU EC 20 66.36 6.67 -3.50
C GLU EC 20 66.41 5.15 -3.34
N ARG EC 21 66.70 4.50 -4.46
CA ARG EC 21 66.90 3.06 -4.43
C ARG EC 21 68.03 2.71 -3.47
N ALA EC 22 69.15 3.43 -3.60
CA ALA EC 22 70.35 3.23 -2.78
C ALA EC 22 70.04 3.40 -1.31
N LEU EC 23 69.30 4.50 -0.97
CA LEU EC 23 68.94 4.80 0.42
C LEU EC 23 68.15 3.63 1.00
N MET EC 24 67.19 3.23 0.19
CA MET EC 24 66.31 2.18 0.68
C MET EC 24 66.96 0.82 0.89
N GLN EC 25 67.85 0.45 -0.01
CA GLN EC 25 68.58 -0.80 0.11
C GLN EC 25 69.62 -0.75 1.23
N ALA EC 26 70.16 0.44 1.50
CA ALA EC 26 71.05 0.59 2.65
C ALA EC 26 70.27 0.46 3.97
N GLN EC 27 69.03 0.98 4.03
CA GLN EC 27 68.14 0.79 5.17
C GLN EC 27 67.79 -0.70 5.33
N LYS EC 28 67.61 -1.40 4.21
CA LYS EC 28 67.40 -2.84 4.21
C LYS EC 28 68.58 -3.55 4.86
N ALA EC 29 69.81 -3.20 4.43
CA ALA EC 29 71.01 -3.81 4.97
C ALA EC 29 71.28 -3.28 6.39
N ASN EC 35 79.67 -2.54 1.51
CA ASN EC 35 80.16 -1.22 1.05
C ASN EC 35 79.12 -0.59 0.11
N ILE EC 36 78.46 0.45 0.63
CA ILE EC 36 77.71 1.33 -0.25
C ILE EC 36 78.00 2.77 0.18
N GLN EC 37 78.20 3.57 -0.85
CA GLN EC 37 78.58 4.96 -0.65
C GLN EC 37 77.33 5.80 -0.92
N LEU EC 38 77.02 6.71 -0.01
CA LEU EC 38 76.08 7.76 -0.36
C LEU EC 38 76.76 9.12 -0.54
N PRO EC 39 76.42 9.90 -1.60
CA PRO EC 39 75.42 9.54 -2.63
C PRO EC 39 76.02 8.65 -3.71
N PRO EC 40 75.23 7.82 -4.44
CA PRO EC 40 75.81 6.70 -5.18
C PRO EC 40 76.67 7.14 -6.36
N ASN EC 41 77.64 6.28 -6.67
CA ASN EC 41 78.56 6.48 -7.77
C ASN EC 41 77.83 6.46 -9.10
N TYR EC 42 78.34 7.30 -10.03
CA TYR EC 42 77.88 7.39 -11.40
C TYR EC 42 77.93 6.02 -12.08
N GLY EC 43 78.93 5.20 -11.73
CA GLY EC 43 79.05 3.83 -12.24
C GLY EC 43 77.90 2.92 -11.79
N ASP EC 44 77.42 3.09 -10.56
CA ASP EC 44 76.33 2.25 -10.08
C ASP EC 44 74.98 2.81 -10.48
N MET EC 45 74.96 4.04 -11.00
CA MET EC 45 73.72 4.64 -11.46
C MET EC 45 73.22 3.88 -12.70
N ASP EC 46 71.89 3.66 -12.74
CA ASP EC 46 71.25 2.99 -13.85
C ASP EC 46 69.90 3.67 -14.02
N LEU EC 47 69.38 3.74 -15.25
CA LEU EC 47 68.40 4.75 -15.62
C LEU EC 47 67.37 4.20 -16.59
N ILE EC 48 66.36 5.02 -16.90
CA ILE EC 48 65.34 4.56 -17.85
C ILE EC 48 65.45 5.37 -19.13
N LEU EC 49 66.18 4.92 -20.17
CA LEU EC 49 66.55 5.85 -21.23
C LEU EC 49 65.30 5.99 -22.07
N PHE EC 50 64.76 4.82 -22.40
CA PHE EC 50 63.53 4.71 -23.15
C PHE EC 50 62.59 3.88 -22.27
N PRO EC 51 61.42 4.47 -21.92
CA PRO EC 51 60.40 3.73 -21.18
C PRO EC 51 59.78 2.63 -22.00
N GLU EC 52 58.70 2.05 -21.48
CA GLU EC 52 58.17 0.85 -22.11
C GLU EC 52 57.59 1.17 -23.48
N GLY EC 53 56.83 2.26 -23.56
CA GLY EC 53 56.08 2.56 -24.76
C GLY EC 53 56.69 3.64 -25.65
N SER EC 54 57.97 4.00 -25.47
CA SER EC 54 58.53 5.16 -26.13
C SER EC 54 58.90 4.89 -27.59
N LEU EC 55 59.88 3.99 -27.77
CA LEU EC 55 60.46 3.73 -29.09
C LEU EC 55 59.42 3.03 -29.96
N LYS EC 56 59.50 3.28 -31.28
CA LYS EC 56 58.44 2.84 -32.18
C LYS EC 56 59.01 2.71 -33.58
N ASN EC 57 58.73 1.56 -34.21
CA ASN EC 57 59.30 1.27 -35.51
C ASN EC 57 58.37 1.79 -36.61
N SER EC 58 58.62 1.32 -37.81
CA SER EC 58 57.86 1.63 -39.01
C SER EC 58 56.46 1.00 -39.01
N ASN EC 59 56.18 -0.05 -38.23
CA ASN EC 59 54.82 -0.57 -38.15
C ASN EC 59 54.00 0.03 -37.01
N ASN EC 60 54.60 0.99 -36.29
CA ASN EC 60 54.00 1.57 -35.09
C ASN EC 60 53.76 0.49 -34.05
N THR EC 61 54.71 -0.43 -33.93
CA THR EC 61 54.73 -1.45 -32.90
C THR EC 61 55.85 -1.11 -31.93
N VAL EC 62 55.55 -1.27 -30.63
CA VAL EC 62 56.41 -0.78 -29.58
C VAL EC 62 57.69 -1.61 -29.51
N ILE EC 63 58.83 -0.94 -29.64
CA ILE EC 63 60.14 -1.56 -29.47
C ILE EC 63 60.63 -1.24 -28.07
N PRO EC 64 60.79 -2.25 -27.18
CA PRO EC 64 61.46 -2.04 -25.90
C PRO EC 64 62.93 -1.64 -26.03
N GLN EC 65 63.45 -1.20 -24.88
CA GLN EC 65 64.77 -0.61 -24.72
C GLN EC 65 65.89 -1.65 -24.93
N SER EC 66 65.57 -2.92 -24.62
CA SER EC 66 66.55 -3.99 -24.55
C SER EC 66 66.93 -4.53 -25.93
N HIS EC 67 66.23 -4.09 -26.98
CA HIS EC 67 66.38 -4.64 -28.31
C HIS EC 67 67.60 -4.10 -29.07
N LEU EC 68 68.18 -3.02 -28.50
CA LEU EC 68 69.25 -2.28 -29.14
C LEU EC 68 70.64 -2.75 -28.67
N LYS EC 69 70.70 -3.95 -28.08
CA LYS EC 69 71.95 -4.52 -27.59
C LYS EC 69 72.90 -4.80 -28.75
N GLY EC 70 74.14 -4.34 -28.61
CA GLY EC 70 75.20 -4.64 -29.58
C GLY EC 70 75.05 -3.91 -30.91
N LYS EC 71 74.38 -2.75 -30.92
CA LYS EC 71 74.24 -1.95 -32.12
C LYS EC 71 74.62 -0.50 -31.82
N SER EC 72 75.38 0.12 -32.74
CA SER EC 72 75.76 1.52 -32.63
C SER EC 72 74.53 2.39 -32.92
N VAL EC 73 74.01 3.00 -31.87
CA VAL EC 73 72.76 3.74 -32.00
C VAL EC 73 73.04 5.23 -31.96
N ALA EC 74 72.36 5.97 -32.84
CA ALA EC 74 72.55 7.41 -32.90
C ALA EC 74 71.20 8.10 -33.04
N LEU EC 75 71.12 9.23 -32.34
CA LEU EC 75 69.94 10.08 -32.43
C LEU EC 75 70.14 11.05 -33.58
N TYR EC 76 69.04 11.30 -34.28
CA TYR EC 76 68.99 12.23 -35.38
C TYR EC 76 67.98 13.30 -35.00
N PHE EC 77 68.50 14.47 -34.58
CA PHE EC 77 67.68 15.62 -34.29
C PHE EC 77 67.48 16.39 -35.59
N ALA EC 78 66.22 16.49 -36.01
CA ALA EC 78 65.92 16.92 -37.36
C ALA EC 78 64.62 17.72 -37.39
N ASP EC 79 64.53 18.60 -38.41
CA ASP EC 79 63.37 19.44 -38.60
C ASP EC 79 62.90 19.36 -40.04
N GLY EC 80 61.58 19.45 -40.25
CA GLY EC 80 60.99 19.32 -41.58
C GLY EC 80 61.23 20.54 -42.49
N ALA EC 81 61.46 21.72 -41.90
CA ALA EC 81 61.54 22.96 -42.68
C ALA EC 81 62.98 23.38 -42.99
N ASP EC 82 63.96 22.72 -42.34
CA ASP EC 82 65.34 23.13 -42.46
C ASP EC 82 65.92 22.67 -43.80
N PRO EC 83 66.44 23.59 -44.64
CA PRO EC 83 67.11 23.19 -45.88
C PRO EC 83 68.32 22.28 -45.66
N LYS EC 84 69.04 22.49 -44.56
CA LYS EC 84 70.12 21.60 -44.15
C LYS EC 84 69.63 20.17 -43.93
N CYS EC 85 68.49 20.00 -43.25
CA CYS EC 85 67.93 18.67 -43.04
C CYS EC 85 67.49 18.05 -44.36
N ALA EC 86 66.85 18.85 -45.23
CA ALA EC 86 66.42 18.38 -46.55
C ALA EC 86 67.63 17.97 -47.39
N SER EC 87 68.79 18.61 -47.16
CA SER EC 87 69.99 18.29 -47.91
C SER EC 87 70.74 17.10 -47.30
N LEU EC 88 70.62 16.91 -45.98
CA LEU EC 88 71.40 15.89 -45.29
C LEU EC 88 70.70 14.54 -45.38
N LEU EC 89 69.37 14.54 -45.54
CA LEU EC 89 68.58 13.32 -45.59
C LEU EC 89 69.16 12.27 -46.53
N PRO EC 90 69.38 12.51 -47.85
CA PRO EC 90 69.78 11.43 -48.75
C PRO EC 90 71.15 10.80 -48.48
N PHE EC 91 72.11 11.60 -48.01
CA PHE EC 91 73.41 11.05 -47.66
C PHE EC 91 73.32 10.08 -46.51
N LEU EC 92 72.48 10.42 -45.52
CA LEU EC 92 72.33 9.57 -44.35
C LEU EC 92 71.54 8.33 -44.75
N LEU EC 93 70.61 8.48 -45.71
CA LEU EC 93 69.86 7.36 -46.25
C LEU EC 93 70.85 6.33 -46.81
N ASN EC 94 71.77 6.81 -47.67
CA ASN EC 94 72.70 5.94 -48.35
C ASN EC 94 73.71 5.33 -47.38
N TYR EC 95 74.09 6.10 -46.37
CA TYR EC 95 75.01 5.56 -45.38
C TYR EC 95 74.39 4.40 -44.61
N TYR EC 96 73.14 4.55 -44.18
CA TYR EC 96 72.38 3.50 -43.48
C TYR EC 96 72.31 2.26 -44.38
N ARG EC 97 71.98 2.48 -45.66
CA ARG EC 97 71.91 1.46 -46.69
C ARG EC 97 73.20 0.64 -46.77
N THR EC 98 74.32 1.34 -47.02
CA THR EC 98 75.59 0.67 -47.30
C THR EC 98 76.05 -0.05 -46.04
N MET EC 99 75.95 0.61 -44.89
CA MET EC 99 76.49 0.07 -43.65
C MET EC 99 75.74 -1.18 -43.19
N ASN EC 100 74.45 -1.25 -43.51
CA ASN EC 100 73.66 -2.36 -43.03
C ASN EC 100 73.58 -3.49 -44.05
N GLU EC 101 73.72 -3.18 -45.34
CA GLU EC 101 73.82 -4.25 -46.34
C GLU EC 101 75.18 -4.96 -46.22
N GLY EC 102 76.25 -4.20 -46.46
CA GLY EC 102 77.56 -4.77 -46.72
C GLY EC 102 78.24 -5.23 -45.44
N GLY EC 103 77.78 -6.36 -44.89
CA GLY EC 103 78.46 -6.82 -43.69
C GLY EC 103 77.76 -7.97 -42.96
N ALA EC 104 78.30 -8.26 -41.78
CA ALA EC 104 78.25 -9.53 -41.06
C ALA EC 104 77.10 -9.56 -40.06
N ASN EC 105 76.76 -8.41 -39.47
CA ASN EC 105 75.62 -8.28 -38.56
C ASN EC 105 75.07 -6.87 -38.69
N GLN EC 106 73.92 -6.52 -38.09
CA GLN EC 106 73.47 -5.13 -38.16
C GLN EC 106 74.45 -4.30 -37.32
N LYS EC 107 74.90 -3.17 -37.87
CA LYS EC 107 75.89 -2.37 -37.19
C LYS EC 107 75.17 -1.19 -36.55
N ILE EC 108 74.45 -0.37 -37.32
CA ILE EC 108 74.05 0.94 -36.84
C ILE EC 108 72.54 1.09 -36.84
N GLU EC 109 72.02 2.03 -36.03
CA GLU EC 109 70.60 2.29 -36.00
C GLU EC 109 70.38 3.78 -35.73
N ILE EC 110 69.24 4.28 -36.26
CA ILE EC 110 68.89 5.68 -36.16
C ILE EC 110 67.59 5.82 -35.39
N ILE EC 111 67.63 6.77 -34.45
CA ILE EC 111 66.48 7.12 -33.65
C ILE EC 111 66.13 8.56 -33.97
N PHE EC 112 64.89 8.78 -34.37
CA PHE EC 112 64.49 10.10 -34.81
C PHE EC 112 63.89 10.91 -33.67
N VAL EC 113 64.48 12.08 -33.42
CA VAL EC 113 63.91 13.07 -32.52
C VAL EC 113 63.64 14.32 -33.34
N SER EC 114 62.41 14.81 -33.20
CA SER EC 114 61.88 15.80 -34.11
C SER EC 114 61.90 17.19 -33.45
N LEU EC 115 62.16 18.19 -34.29
CA LEU EC 115 62.09 19.58 -33.89
C LEU EC 115 61.00 20.26 -34.71
N ASP EC 116 60.05 19.46 -35.21
CA ASP EC 116 59.01 19.91 -36.11
C ASP EC 116 57.99 20.75 -35.35
N ARG EC 117 57.16 21.45 -36.12
CA ARG EC 117 56.27 22.44 -35.54
C ARG EC 117 55.06 21.73 -34.91
N ASP EC 118 54.50 20.71 -35.57
CA ASP EC 118 53.32 20.08 -35.02
C ASP EC 118 53.14 18.66 -35.53
N ARG EC 119 51.94 18.12 -35.29
CA ARG EC 119 51.61 16.70 -35.45
C ARG EC 119 51.72 16.27 -36.91
N GLU EC 120 51.09 17.01 -37.84
CA GLU EC 120 51.07 16.57 -39.23
C GLU EC 120 52.46 16.71 -39.85
N ALA EC 121 53.24 17.72 -39.39
CA ALA EC 121 54.62 17.87 -39.83
C ALA EC 121 55.45 16.66 -39.40
N PHE EC 122 55.25 16.23 -38.14
CA PHE EC 122 55.95 15.07 -37.61
C PHE EC 122 55.59 13.81 -38.40
N GLU EC 123 54.29 13.59 -38.66
CA GLU EC 123 53.82 12.38 -39.30
C GLU EC 123 54.31 12.34 -40.74
N SER EC 124 54.26 13.47 -41.45
CA SER EC 124 54.70 13.56 -42.84
C SER EC 124 56.20 13.29 -42.94
N HIS EC 125 56.98 13.82 -41.99
CA HIS EC 125 58.43 13.63 -42.07
C HIS EC 125 58.84 12.22 -41.64
N ARG EC 126 58.10 11.64 -40.69
CA ARG EC 126 58.43 10.31 -40.19
C ARG EC 126 57.98 9.21 -41.17
N ALA EC 127 57.05 9.54 -42.07
CA ALA EC 127 56.60 8.56 -43.07
C ALA EC 127 57.75 8.14 -44.00
N HIS EC 128 58.74 9.04 -44.18
CA HIS EC 128 59.87 8.73 -45.05
C HIS EC 128 60.87 7.77 -44.39
N MET EC 129 60.65 7.43 -43.12
CA MET EC 129 61.74 7.04 -42.24
C MET EC 129 61.46 5.64 -41.70
N PRO EC 130 62.30 4.63 -42.03
CA PRO EC 130 62.01 3.27 -41.61
C PRO EC 130 62.67 2.96 -40.25
N TRP EC 131 63.59 3.82 -39.74
CA TRP EC 131 64.24 3.50 -38.46
C TRP EC 131 63.35 4.01 -37.33
N LEU EC 132 63.83 3.94 -36.09
CA LEU EC 132 62.90 4.15 -34.99
C LEU EC 132 62.74 5.65 -34.70
N SER EC 133 61.72 6.01 -33.90
CA SER EC 133 61.45 7.41 -33.60
C SER EC 133 60.79 7.54 -32.23
N ILE EC 134 60.88 8.75 -31.63
CA ILE EC 134 60.04 9.11 -30.49
C ILE EC 134 58.99 10.08 -30.98
N ASP EC 135 57.74 9.79 -30.60
CA ASP EC 135 56.59 10.61 -30.91
C ASP EC 135 56.73 11.99 -30.24
N LEU EC 136 56.17 13.00 -30.90
CA LEU EC 136 56.47 14.39 -30.56
C LEU EC 136 55.90 14.81 -29.20
N GLU EC 137 54.69 14.33 -28.88
CA GLU EC 137 54.00 14.80 -27.68
C GLU EC 137 54.66 14.23 -26.43
N ASN EC 138 55.43 13.16 -26.59
CA ASN EC 138 56.09 12.51 -25.48
C ASN EC 138 57.12 13.46 -24.89
N PRO EC 139 57.14 13.67 -23.54
CA PRO EC 139 58.12 14.53 -22.88
C PRO EC 139 59.58 14.18 -23.16
N LEU EC 140 59.82 12.94 -23.59
CA LEU EC 140 61.19 12.45 -23.76
C LEU EC 140 61.94 13.23 -24.83
N THR EC 141 61.22 13.74 -25.82
CA THR EC 141 61.84 14.49 -26.91
C THR EC 141 62.48 15.77 -26.36
N GLU EC 142 61.72 16.54 -25.57
CA GLU EC 142 62.21 17.77 -24.99
C GLU EC 142 63.32 17.49 -23.97
N ILE EC 143 63.17 16.41 -23.21
CA ILE EC 143 64.19 16.05 -22.23
C ILE EC 143 65.50 15.67 -22.94
N LEU EC 144 65.42 15.00 -24.10
CA LEU EC 144 66.60 14.64 -24.88
C LEU EC 144 67.26 15.87 -25.48
N LYS EC 145 66.45 16.82 -25.97
CA LYS EC 145 66.96 18.10 -26.46
C LYS EC 145 67.77 18.80 -25.37
N ARG EC 146 67.24 18.88 -24.15
CA ARG EC 146 67.90 19.58 -23.07
C ARG EC 146 69.16 18.84 -22.64
N HIS EC 147 69.08 17.50 -22.66
CA HIS EC 147 70.16 16.66 -22.19
C HIS EC 147 71.37 16.78 -23.12
N PHE EC 148 71.12 16.81 -24.43
CA PHE EC 148 72.21 16.83 -25.39
C PHE EC 148 72.48 18.22 -25.94
N ARG EC 149 71.84 19.25 -25.39
CA ARG EC 149 72.15 20.64 -25.68
C ARG EC 149 71.97 20.98 -27.16
N VAL EC 150 70.86 20.50 -27.75
CA VAL EC 150 70.52 20.85 -29.12
C VAL EC 150 69.34 21.81 -29.08
N MET EC 151 69.41 22.87 -29.90
CA MET EC 151 68.36 23.87 -29.93
C MET EC 151 68.40 24.67 -31.23
N LYS EC 152 67.21 25.07 -31.68
CA LYS EC 152 67.04 25.83 -32.91
C LYS EC 152 67.36 27.29 -32.61
N GLU EC 153 66.55 27.89 -31.73
CA GLU EC 153 66.82 29.23 -31.21
C GLU EC 153 66.87 29.16 -29.69
N TYR EC 154 67.69 30.03 -29.11
CA TYR EC 154 67.93 30.05 -27.68
C TYR EC 154 66.71 30.63 -26.97
N GLU EC 155 65.59 29.90 -27.10
CA GLU EC 155 64.36 30.21 -26.40
C GLU EC 155 64.20 29.34 -25.15
N VAL EC 156 65.11 28.38 -24.94
CA VAL EC 156 65.03 27.45 -23.81
C VAL EC 156 66.19 27.74 -22.86
N PRO EC 157 65.94 27.96 -21.55
CA PRO EC 157 67.01 28.30 -20.62
C PRO EC 157 68.03 27.18 -20.44
N THR EC 158 69.31 27.57 -20.44
CA THR EC 158 70.42 26.66 -20.18
C THR EC 158 71.28 27.26 -19.08
N TYR EC 159 71.60 26.43 -18.09
CA TYR EC 159 72.17 26.84 -16.82
C TYR EC 159 73.65 27.18 -16.99
N GLY EC 160 73.90 28.34 -17.60
CA GLY EC 160 75.22 28.88 -17.85
C GLY EC 160 75.99 28.01 -18.84
N TYR EC 161 75.26 27.26 -19.68
CA TYR EC 161 75.84 26.35 -20.65
C TYR EC 161 76.28 27.17 -21.86
N GLY EC 162 76.55 26.45 -22.95
CA GLY EC 162 76.41 26.98 -24.29
C GLY EC 162 75.28 26.26 -25.00
N SER EC 163 75.46 26.02 -26.31
CA SER EC 163 74.65 25.08 -27.06
C SER EC 163 75.61 24.21 -27.85
N ARG EC 164 75.44 22.89 -27.74
CA ARG EC 164 76.30 21.97 -28.47
C ARG EC 164 76.24 22.20 -29.99
N THR EC 165 75.02 22.33 -30.52
CA THR EC 165 74.80 22.31 -31.96
C THR EC 165 73.44 22.90 -32.27
N GLY EC 166 73.07 22.83 -33.56
CA GLY EC 166 71.74 23.13 -34.03
C GLY EC 166 71.17 21.99 -34.88
N VAL EC 167 69.95 22.17 -35.36
CA VAL EC 167 69.38 21.29 -36.36
C VAL EC 167 70.23 21.41 -37.63
N PRO EC 168 70.63 20.32 -38.32
CA PRO EC 168 70.45 18.94 -37.89
C PRO EC 168 71.66 18.45 -37.09
N SER EC 169 71.50 17.36 -36.36
CA SER EC 169 72.65 16.71 -35.77
C SER EC 169 72.41 15.22 -35.60
N VAL EC 170 73.52 14.50 -35.49
CA VAL EC 170 73.51 13.10 -35.12
C VAL EC 170 74.43 12.93 -33.93
N ILE EC 171 73.90 12.25 -32.90
CA ILE EC 171 74.59 12.04 -31.64
C ILE EC 171 74.69 10.55 -31.41
N VAL EC 172 75.92 10.03 -31.41
CA VAL EC 172 76.08 8.62 -31.12
C VAL EC 172 76.12 8.45 -29.61
N ILE EC 173 75.21 7.62 -29.09
CA ILE EC 173 74.93 7.59 -27.65
C ILE EC 173 75.35 6.26 -27.03
N GLY EC 174 75.76 6.33 -25.76
CA GLY EC 174 76.05 5.15 -24.98
C GLY EC 174 74.87 4.72 -24.11
N SER EC 175 75.13 3.71 -23.26
CA SER EC 175 74.14 3.17 -22.35
C SER EC 175 73.90 4.15 -21.20
N ASP EC 176 74.95 4.82 -20.73
CA ASP EC 176 74.83 5.64 -19.51
C ASP EC 176 74.49 7.09 -19.86
N GLY EC 177 74.32 7.39 -21.16
CA GLY EC 177 73.79 8.69 -21.55
C GLY EC 177 74.80 9.65 -22.16
N ARG EC 178 76.08 9.25 -22.15
CA ARG EC 178 77.16 10.05 -22.72
C ARG EC 178 77.03 10.13 -24.24
N GLU EC 179 77.57 11.23 -24.78
CA GLU EC 179 77.85 11.31 -26.20
C GLU EC 179 79.15 10.54 -26.48
N ALA EC 180 79.03 9.47 -27.26
CA ALA EC 180 80.18 8.62 -27.54
C ALA EC 180 81.11 9.35 -28.50
N GLN EC 181 80.54 9.89 -29.58
CA GLN EC 181 81.15 10.95 -30.38
C GLN EC 181 80.05 11.69 -31.12
N PHE EC 182 80.31 12.98 -31.34
CA PHE EC 182 79.39 13.87 -32.02
C PHE EC 182 79.91 14.14 -33.42
N LEU EC 183 79.17 13.67 -34.42
CA LEU EC 183 79.64 13.74 -35.78
C LEU EC 183 79.56 15.18 -36.26
N PRO EC 184 80.69 15.76 -36.70
CA PRO EC 184 80.77 17.19 -36.98
C PRO EC 184 80.17 17.64 -38.30
N ILE EC 185 78.83 17.85 -38.32
CA ILE EC 185 78.16 18.32 -39.53
C ILE EC 185 78.12 19.84 -39.53
N CYS EC 186 77.43 20.38 -38.54
CA CYS EC 186 77.39 21.81 -38.29
C CYS EC 186 78.07 22.07 -36.95
N SER EC 187 79.41 22.10 -36.97
CA SER EC 187 80.20 22.17 -35.74
C SER EC 187 81.53 22.87 -36.01
N GLY EC 188 82.55 22.58 -35.17
CA GLY EC 188 83.89 23.13 -35.30
C GLY EC 188 84.57 22.72 -36.61
N LEU EC 189 84.25 21.50 -37.06
CA LEU EC 189 84.86 20.96 -38.26
C LEU EC 189 84.05 21.29 -39.52
N GLU EC 190 82.71 21.40 -39.39
CA GLU EC 190 81.79 21.86 -40.43
C GLU EC 190 81.85 20.99 -41.68
N GLU EC 191 82.23 19.72 -41.52
CA GLU EC 191 82.35 18.82 -42.65
C GLU EC 191 80.95 18.26 -42.96
N GLY EC 192 80.16 19.06 -43.67
CA GLY EC 192 78.78 18.74 -43.93
C GLY EC 192 78.62 17.52 -44.82
N ASP EC 193 77.82 16.55 -44.35
CA ASP EC 193 77.37 15.42 -45.15
C ASP EC 193 78.49 14.39 -45.41
N ARG EC 194 79.72 14.76 -45.03
CA ARG EC 194 80.88 13.89 -45.16
C ARG EC 194 81.32 13.39 -43.77
N ALA EC 195 80.83 14.06 -42.71
CA ALA EC 195 81.09 13.71 -41.30
C ALA EC 195 80.58 12.31 -40.95
N LEU EC 196 79.64 11.79 -41.75
CA LEU EC 196 79.00 10.52 -41.47
C LEU EC 196 79.98 9.35 -41.54
N LEU EC 197 81.06 9.50 -42.33
CA LEU EC 197 82.07 8.47 -42.47
C LEU EC 197 82.93 8.25 -41.21
N ARG EC 198 82.81 9.16 -40.23
CA ARG EC 198 83.66 9.14 -39.05
C ARG EC 198 83.17 8.18 -37.98
N TRP EC 199 81.97 7.62 -38.17
CA TRP EC 199 81.27 6.85 -37.15
C TRP EC 199 82.07 5.60 -36.78
N ASP EC 200 82.32 5.44 -35.48
CA ASP EC 200 83.10 4.35 -34.96
C ASP EC 200 82.17 3.30 -34.36
N TRP EC 201 81.60 2.49 -35.25
CA TRP EC 201 80.61 1.48 -34.85
C TRP EC 201 81.30 0.31 -34.15
N ARG EC 202 82.63 0.19 -34.30
CA ARG EC 202 83.41 -0.87 -33.65
C ARG EC 202 83.48 -0.66 -32.14
N ASN EC 203 83.56 0.61 -31.71
CA ASN EC 203 83.73 0.93 -30.30
C ASN EC 203 82.40 1.31 -29.65
N THR EC 204 81.62 2.15 -30.33
CA THR EC 204 80.41 2.67 -29.71
C THR EC 204 79.29 1.66 -29.85
N LYS EC 205 79.25 0.69 -28.93
CA LYS EC 205 78.24 -0.35 -28.92
C LYS EC 205 77.30 -0.12 -27.74
N PHE EC 206 75.99 -0.17 -28.04
CA PHE EC 206 75.00 0.02 -27.00
C PHE EC 206 74.91 -1.23 -26.14
N ALA EC 207 75.40 -1.14 -24.89
CA ALA EC 207 75.43 -2.27 -23.98
C ALA EC 207 74.57 -1.96 -22.75
N SER FC 2 35.56 81.86 -27.38
CA SER FC 2 36.25 83.17 -27.46
C SER FC 2 37.02 83.28 -28.77
N GLN FC 3 36.46 82.64 -29.78
CA GLN FC 3 36.96 82.72 -31.15
C GLN FC 3 35.77 82.93 -32.07
N PRO FC 4 35.87 83.83 -33.08
CA PRO FC 4 37.05 84.64 -33.32
C PRO FC 4 37.05 85.95 -32.54
N VAL FC 5 35.91 86.24 -31.91
CA VAL FC 5 35.73 87.48 -31.15
C VAL FC 5 35.15 87.10 -29.79
N PHE FC 6 35.26 88.04 -28.84
CA PHE FC 6 34.79 87.78 -27.49
C PHE FC 6 33.32 88.16 -27.32
N ALA FC 7 32.95 89.29 -27.94
CA ALA FC 7 31.65 89.91 -27.69
C ALA FC 7 30.63 89.47 -28.74
N SER FC 8 30.55 88.18 -28.97
CA SER FC 8 29.62 87.68 -29.95
C SER FC 8 28.54 86.88 -29.23
N PRO FC 9 27.27 87.01 -29.69
CA PRO FC 9 26.14 86.37 -29.02
C PRO FC 9 26.22 84.85 -28.96
N LEU FC 10 26.85 84.25 -29.99
CA LEU FC 10 27.12 82.82 -30.00
C LEU FC 10 28.01 82.45 -28.81
N ASN FC 11 29.08 83.23 -28.60
CA ASN FC 11 30.02 82.99 -27.51
C ASN FC 11 29.36 83.28 -26.16
N VAL FC 12 28.47 84.27 -26.13
CA VAL FC 12 27.83 84.64 -24.87
C VAL FC 12 26.90 83.52 -24.39
N GLU FC 13 26.11 82.96 -25.30
CA GLU FC 13 25.28 81.81 -24.94
C GLU FC 13 26.13 80.58 -24.67
N LYS FC 14 27.29 80.47 -25.34
CA LYS FC 14 28.21 79.38 -25.05
C LYS FC 14 28.65 79.45 -23.60
N ARG FC 15 29.06 80.65 -23.15
CA ARG FC 15 29.45 80.86 -21.76
C ARG FC 15 28.30 80.48 -20.81
N ARG FC 16 27.11 81.04 -21.04
CA ARG FC 16 26.01 80.84 -20.12
C ARG FC 16 25.72 79.35 -19.95
N LEU FC 17 25.51 78.66 -21.10
CA LEU FC 17 25.18 77.24 -21.12
C LEU FC 17 26.25 76.46 -20.35
N ASN FC 18 27.51 76.75 -20.70
CA ASN FC 18 28.57 75.83 -20.36
C ASN FC 18 29.01 75.97 -18.92
N GLU FC 19 29.08 77.19 -18.42
CA GLU FC 19 29.35 77.31 -17.00
C GLU FC 19 28.11 77.07 -16.15
N GLU FC 20 26.91 77.09 -16.73
CA GLU FC 20 25.80 76.50 -15.99
C GLU FC 20 26.04 75.00 -15.75
N ARG FC 21 26.44 74.32 -16.82
CA ARG FC 21 26.76 72.90 -16.73
C ARG FC 21 27.93 72.64 -15.77
N ALA FC 22 28.96 73.47 -15.86
CA ALA FC 22 30.13 73.35 -14.98
C ALA FC 22 29.75 73.61 -13.53
N LEU FC 23 28.83 74.54 -13.26
CA LEU FC 23 28.39 74.81 -11.90
C LEU FC 23 27.67 73.60 -11.31
N MET FC 24 26.76 72.99 -12.09
CA MET FC 24 26.06 71.82 -11.58
C MET FC 24 27.01 70.63 -11.40
N GLN FC 25 28.05 70.57 -12.25
CA GLN FC 25 29.08 69.56 -12.12
C GLN FC 25 29.89 69.75 -10.82
N ALA FC 26 30.18 71.00 -10.45
CA ALA FC 26 30.91 71.32 -9.22
C ALA FC 26 30.06 71.02 -7.99
N GLN FC 27 28.74 71.24 -8.09
CA GLN FC 27 27.80 70.92 -7.02
C GLN FC 27 27.76 69.40 -6.84
N LYS FC 28 27.82 68.63 -7.94
CA LYS FC 28 27.89 67.17 -7.86
C LYS FC 28 29.20 66.70 -7.20
N ALA FC 29 30.34 67.31 -7.56
CA ALA FC 29 31.65 66.94 -7.04
C ALA FC 29 31.83 67.46 -5.60
N ASN FC 35 39.15 69.32 -7.01
CA ASN FC 35 39.72 70.26 -8.01
C ASN FC 35 38.67 70.57 -9.07
N ILE FC 36 38.10 71.77 -8.98
CA ILE FC 36 37.29 72.29 -10.07
C ILE FC 36 37.76 73.71 -10.41
N GLN FC 37 37.76 74.03 -11.70
CA GLN FC 37 38.31 75.29 -12.17
C GLN FC 37 37.17 76.09 -12.78
N LEU FC 38 36.77 77.15 -12.08
CA LEU FC 38 35.74 78.03 -12.62
C LEU FC 38 36.32 79.42 -12.84
N PRO FC 39 36.03 80.11 -13.97
CA PRO FC 39 35.08 79.65 -14.99
C PRO FC 39 35.71 78.64 -15.95
N PRO FC 40 34.94 77.74 -16.63
CA PRO FC 40 35.56 76.67 -17.39
C PRO FC 40 36.32 77.17 -18.61
N ASN FC 41 37.27 76.34 -19.02
CA ASN FC 41 38.14 76.61 -20.13
C ASN FC 41 37.35 76.59 -21.45
N TYR FC 42 37.80 77.44 -22.38
CA TYR FC 42 37.29 77.42 -23.76
C TYR FC 42 37.50 76.05 -24.39
N GLY FC 43 38.55 75.33 -24.04
CA GLY FC 43 38.76 73.93 -24.38
C GLY FC 43 37.73 72.97 -23.77
N ASP FC 44 37.20 73.26 -22.59
CA ASP FC 44 36.17 72.44 -21.96
C ASP FC 44 34.79 72.80 -22.48
N MET FC 45 34.72 73.86 -23.29
CA MET FC 45 33.45 74.34 -23.78
C MET FC 45 33.02 73.62 -25.05
N ASP FC 46 31.76 73.21 -25.09
CA ASP FC 46 31.12 72.50 -26.19
C ASP FC 46 29.90 73.30 -26.64
N LEU FC 47 29.75 73.40 -27.97
CA LEU FC 47 28.76 74.29 -28.58
C LEU FC 47 28.08 73.58 -29.74
N ILE FC 48 26.79 73.88 -29.88
CA ILE FC 48 26.02 73.41 -31.01
C ILE FC 48 25.78 74.61 -31.92
N LEU FC 49 26.48 74.62 -33.07
CA LEU FC 49 26.56 75.83 -33.90
C LEU FC 49 25.21 76.08 -34.57
N PHE FC 50 24.57 75.00 -35.04
CA PHE FC 50 23.26 75.12 -35.66
C PHE FC 50 22.30 74.20 -34.93
N PRO FC 51 21.12 74.72 -34.48
CA PRO FC 51 20.09 73.89 -33.85
C PRO FC 51 19.55 72.79 -34.74
N GLU FC 52 18.55 72.08 -34.22
CA GLU FC 52 17.97 70.92 -34.88
C GLU FC 52 17.30 71.33 -36.18
N GLY FC 53 16.61 72.48 -36.16
CA GLY FC 53 15.71 72.90 -37.22
C GLY FC 53 16.27 74.03 -38.10
N SER FC 54 17.56 74.32 -37.96
CA SER FC 54 18.12 75.51 -38.58
C SER FC 54 18.44 75.28 -40.05
N LEU FC 55 19.39 74.38 -40.31
CA LEU FC 55 19.84 74.12 -41.66
C LEU FC 55 18.72 73.49 -42.48
N LYS FC 56 18.74 73.70 -43.79
CA LYS FC 56 17.66 73.23 -44.65
C LYS FC 56 18.19 73.13 -46.08
N ASN FC 57 17.87 72.00 -46.72
CA ASN FC 57 18.45 71.70 -48.03
C ASN FC 57 17.59 72.42 -49.08
N SER FC 58 17.82 72.08 -50.37
CA SER FC 58 17.14 72.77 -51.46
C SER FC 58 15.68 72.32 -51.61
N ASN FC 59 15.33 71.15 -51.02
CA ASN FC 59 13.95 70.70 -51.04
C ASN FC 59 13.12 71.13 -49.83
N ASN FC 60 13.71 72.01 -49.02
CA ASN FC 60 13.11 72.44 -47.77
C ASN FC 60 12.88 71.25 -46.84
N THR FC 61 13.95 70.48 -46.67
CA THR FC 61 13.96 69.41 -45.71
C THR FC 61 15.04 69.68 -44.68
N VAL FC 62 14.70 69.52 -43.40
CA VAL FC 62 15.54 70.04 -42.33
C VAL FC 62 16.75 69.12 -42.11
N ILE FC 63 17.94 69.71 -42.18
CA ILE FC 63 19.23 69.04 -42.13
C ILE FC 63 19.87 69.24 -40.76
N PRO FC 64 20.03 68.19 -39.94
CA PRO FC 64 20.89 68.29 -38.76
C PRO FC 64 22.33 68.71 -39.03
N GLN FC 65 22.97 69.22 -37.99
CA GLN FC 65 24.37 69.60 -38.05
C GLN FC 65 25.28 68.41 -38.34
N SER FC 66 24.87 67.25 -37.81
CA SER FC 66 25.63 66.00 -37.81
C SER FC 66 25.98 65.52 -39.22
N HIS FC 67 25.28 66.04 -40.23
CA HIS FC 67 25.45 65.63 -41.63
C HIS FC 67 26.79 66.10 -42.21
N LEU FC 68 27.37 67.11 -41.54
CA LEU FC 68 28.46 67.87 -42.11
C LEU FC 68 29.83 67.39 -41.63
N LYS FC 69 29.88 66.22 -41.00
CA LYS FC 69 31.14 65.75 -40.45
C LYS FC 69 32.07 65.36 -41.59
N GLY FC 70 33.31 65.87 -41.55
CA GLY FC 70 34.34 65.50 -42.50
C GLY FC 70 34.25 66.23 -43.83
N LYS FC 71 33.55 67.38 -43.87
CA LYS FC 71 33.46 68.17 -45.09
C LYS FC 71 33.87 69.61 -44.77
N SER FC 72 34.65 70.23 -45.67
CA SER FC 72 35.02 71.62 -45.53
C SER FC 72 33.80 72.49 -45.82
N VAL FC 73 33.29 73.13 -44.77
CA VAL FC 73 32.09 73.91 -44.91
C VAL FC 73 32.45 75.39 -44.85
N ALA FC 74 31.80 76.17 -45.72
CA ALA FC 74 32.00 77.61 -45.73
C ALA FC 74 30.66 78.33 -45.77
N LEU FC 75 30.61 79.45 -45.04
CA LEU FC 75 29.46 80.33 -45.08
C LEU FC 75 29.60 81.27 -46.27
N TYR FC 76 28.47 81.55 -46.91
CA TYR FC 76 28.39 82.50 -48.00
C TYR FC 76 27.44 83.61 -47.56
N PHE FC 77 28.03 84.71 -47.06
CA PHE FC 77 27.25 85.90 -46.73
C PHE FC 77 27.02 86.66 -48.03
N ALA FC 78 25.75 86.73 -48.43
CA ALA FC 78 25.39 87.19 -49.77
C ALA FC 78 24.14 88.04 -49.70
N ASP FC 79 24.05 88.96 -50.68
CA ASP FC 79 22.91 89.84 -50.82
C ASP FC 79 22.43 89.84 -52.26
N GLY FC 80 21.12 90.03 -52.43
CA GLY FC 80 20.47 89.99 -53.73
C GLY FC 80 20.78 91.21 -54.61
N ALA FC 81 20.96 92.39 -54.00
CA ALA FC 81 21.08 93.63 -54.76
C ALA FC 81 22.53 94.00 -55.13
N ASP FC 82 23.49 93.30 -54.53
CA ASP FC 82 24.89 93.65 -54.70
C ASP FC 82 25.39 93.20 -56.08
N PRO FC 83 25.89 94.15 -56.93
CA PRO FC 83 26.49 93.78 -58.21
C PRO FC 83 27.66 92.83 -58.07
N LYS FC 84 28.44 93.02 -56.99
CA LYS FC 84 29.58 92.16 -56.70
C LYS FC 84 29.12 90.73 -56.41
N CYS FC 85 28.00 90.58 -55.68
CA CYS FC 85 27.47 89.26 -55.38
C CYS FC 85 26.97 88.59 -56.65
N ALA FC 86 26.28 89.35 -57.51
CA ALA FC 86 25.78 88.84 -58.78
C ALA FC 86 26.92 88.39 -59.69
N SER FC 87 28.06 89.08 -59.58
CA SER FC 87 29.22 88.74 -60.40
C SER FC 87 29.96 87.53 -59.83
N LEU FC 88 30.04 87.43 -58.50
CA LEU FC 88 30.81 86.37 -57.86
C LEU FC 88 30.09 85.03 -57.97
N LEU FC 89 28.76 85.05 -58.01
CA LEU FC 89 27.98 83.81 -57.91
C LEU FC 89 28.34 82.76 -58.97
N PRO FC 90 28.46 83.03 -60.30
CA PRO FC 90 28.88 81.98 -61.26
C PRO FC 90 30.25 81.34 -61.06
N PHE FC 91 31.20 82.12 -60.57
CA PHE FC 91 32.52 81.57 -60.29
C PHE FC 91 32.47 80.61 -59.12
N LEU FC 92 31.67 80.95 -58.10
CA LEU FC 92 31.46 80.06 -56.95
C LEU FC 92 30.79 78.78 -57.45
N LEU FC 93 29.84 78.92 -58.38
CA LEU FC 93 29.11 77.77 -58.93
C LEU FC 93 30.10 76.81 -59.58
N ASN FC 94 30.96 77.35 -60.44
CA ASN FC 94 31.92 76.56 -61.18
C ASN FC 94 32.94 75.91 -60.23
N TYR FC 95 33.34 76.63 -59.19
CA TYR FC 95 34.29 76.08 -58.24
C TYR FC 95 33.69 74.87 -57.49
N TYR FC 96 32.44 75.00 -57.03
CA TYR FC 96 31.72 73.95 -56.31
C TYR FC 96 31.59 72.72 -57.22
N ARG FC 97 31.14 72.96 -58.45
CA ARG FC 97 31.14 72.01 -59.58
C ARG FC 97 32.42 71.20 -59.70
N THR FC 98 33.55 71.86 -59.94
CA THR FC 98 34.80 71.18 -60.28
C THR FC 98 35.35 70.45 -59.07
N MET FC 99 35.33 71.11 -57.91
CA MET FC 99 35.84 70.52 -56.68
C MET FC 99 35.04 69.26 -56.27
N ASN FC 100 33.74 69.23 -56.54
CA ASN FC 100 32.91 68.12 -56.10
C ASN FC 100 32.81 67.01 -57.16
N GLU FC 101 32.95 67.35 -58.45
CA GLU FC 101 33.10 66.37 -59.52
C GLU FC 101 34.42 65.60 -59.39
N GLY FC 102 35.54 66.31 -59.54
CA GLY FC 102 36.82 65.65 -59.69
C GLY FC 102 37.30 64.99 -58.40
N GLY FC 103 36.65 63.90 -57.98
CA GLY FC 103 37.05 63.28 -56.72
C GLY FC 103 36.14 62.12 -56.32
N ALA FC 104 36.62 61.35 -55.34
CA ALA FC 104 35.99 60.13 -54.86
C ALA FC 104 35.12 60.39 -53.63
N ASN FC 105 35.11 61.62 -53.11
CA ASN FC 105 34.37 61.93 -51.89
C ASN FC 105 33.84 63.36 -51.96
N GLN FC 106 32.77 63.65 -51.20
CA GLN FC 106 32.32 65.04 -51.14
C GLN FC 106 33.34 65.82 -50.33
N LYS FC 107 33.74 67.00 -50.85
CA LYS FC 107 34.81 67.75 -50.23
C LYS FC 107 34.27 68.98 -49.52
N ILE FC 108 33.60 69.86 -50.27
CA ILE FC 108 33.20 71.15 -49.74
C ILE FC 108 31.67 71.27 -49.73
N GLU FC 109 31.18 72.11 -48.82
CA GLU FC 109 29.77 72.42 -48.70
C GLU FC 109 29.62 73.91 -48.39
N ILE FC 110 28.48 74.49 -48.83
CA ILE FC 110 28.20 75.90 -48.62
C ILE FC 110 26.90 76.05 -47.82
N ILE FC 111 26.98 76.91 -46.79
CA ILE FC 111 25.81 77.37 -46.07
C ILE FC 111 25.57 78.82 -46.44
N PHE FC 112 24.33 79.11 -46.85
CA PHE FC 112 24.00 80.44 -47.30
C PHE FC 112 23.41 81.26 -46.15
N VAL FC 113 24.00 82.43 -45.91
CA VAL FC 113 23.48 83.38 -44.94
C VAL FC 113 23.18 84.67 -45.68
N SER FC 114 21.93 85.11 -45.54
CA SER FC 114 21.35 86.15 -46.37
C SER FC 114 21.47 87.51 -45.68
N LEU FC 115 21.75 88.53 -46.50
CA LEU FC 115 21.72 89.92 -46.05
C LEU FC 115 20.62 90.66 -46.82
N ASP FC 116 19.64 89.92 -47.31
CA ASP FC 116 18.54 90.48 -48.07
C ASP FC 116 17.60 91.16 -47.09
N ARG FC 117 16.58 91.85 -47.61
CA ARG FC 117 15.73 92.71 -46.79
C ARG FC 117 14.50 91.92 -46.38
N ASP FC 118 13.97 91.03 -47.25
CA ASP FC 118 12.73 90.38 -46.89
C ASP FC 118 12.59 88.99 -47.50
N ARG FC 119 11.40 88.39 -47.27
CA ARG FC 119 11.04 87.04 -47.70
C ARG FC 119 11.19 86.87 -49.21
N GLU FC 120 10.68 87.82 -50.02
CA GLU FC 120 10.67 87.65 -51.46
C GLU FC 120 12.11 87.67 -52.01
N ALA FC 121 12.96 88.55 -51.45
CA ALA FC 121 14.35 88.67 -51.85
C ALA FC 121 15.10 87.39 -51.51
N PHE FC 122 14.85 86.89 -50.29
CA PHE FC 122 15.54 85.72 -49.79
C PHE FC 122 15.17 84.51 -50.62
N GLU FC 123 13.88 84.36 -50.92
CA GLU FC 123 13.40 83.16 -51.60
C GLU FC 123 13.86 83.16 -53.06
N SER FC 124 13.81 84.34 -53.72
CA SER FC 124 14.26 84.50 -55.11
C SER FC 124 15.77 84.24 -55.23
N HIS FC 125 16.54 84.66 -54.23
CA HIS FC 125 17.97 84.45 -54.31
C HIS FC 125 18.35 83.01 -53.92
N ARG FC 126 17.62 82.42 -52.97
CA ARG FC 126 17.95 81.09 -52.51
C ARG FC 126 17.50 80.03 -53.51
N ALA FC 127 16.56 80.36 -54.42
CA ALA FC 127 16.17 79.40 -55.45
C ALA FC 127 17.32 79.09 -56.41
N HIS FC 128 18.24 80.05 -56.58
CA HIS FC 128 19.36 79.87 -57.50
C HIS FC 128 20.39 78.87 -56.98
N MET FC 129 20.36 78.57 -55.68
CA MET FC 129 21.46 77.90 -55.02
C MET FC 129 21.00 76.56 -54.49
N PRO FC 130 21.76 75.47 -54.72
CA PRO FC 130 21.32 74.14 -54.33
C PRO FC 130 21.85 73.74 -52.95
N TRP FC 131 22.89 74.47 -52.45
CA TRP FC 131 23.53 74.07 -51.20
C TRP FC 131 22.64 74.58 -50.08
N LEU FC 132 23.10 74.37 -48.85
CA LEU FC 132 22.17 74.52 -47.76
C LEU FC 132 22.09 76.00 -47.36
N SER FC 133 21.01 76.36 -46.66
CA SER FC 133 20.79 77.75 -46.33
C SER FC 133 20.18 77.87 -44.94
N ILE FC 134 20.41 79.03 -44.31
CA ILE FC 134 19.78 79.39 -43.04
C ILE FC 134 18.69 80.40 -43.32
N ASP FC 135 17.48 80.08 -42.85
CA ASP FC 135 16.28 80.83 -43.14
C ASP FC 135 16.36 82.21 -42.49
N LEU FC 136 15.66 83.16 -43.13
CA LEU FC 136 15.85 84.57 -42.81
C LEU FC 136 15.27 84.97 -41.47
N GLU FC 137 14.11 84.41 -41.11
CA GLU FC 137 13.40 84.84 -39.91
C GLU FC 137 14.09 84.31 -38.66
N ASN FC 138 14.94 83.29 -38.83
CA ASN FC 138 15.65 82.71 -37.70
C ASN FC 138 16.63 83.75 -37.17
N PRO FC 139 16.73 83.95 -35.83
CA PRO FC 139 17.76 84.86 -35.30
C PRO FC 139 19.19 84.40 -35.55
N LEU FC 140 19.41 83.15 -35.99
CA LEU FC 140 20.76 82.68 -36.30
C LEU FC 140 21.44 83.51 -37.39
N THR FC 141 20.66 84.14 -38.28
CA THR FC 141 21.22 85.02 -39.29
C THR FC 141 21.94 86.21 -38.65
N GLU FC 142 21.24 86.92 -37.76
CA GLU FC 142 21.80 88.05 -37.05
C GLU FC 142 22.93 87.63 -36.11
N ILE FC 143 22.79 86.46 -35.49
CA ILE FC 143 23.84 85.97 -34.59
C ILE FC 143 25.11 85.69 -35.41
N LEU FC 144 24.98 85.06 -36.57
CA LEU FC 144 26.13 84.72 -37.40
C LEU FC 144 26.78 85.98 -37.98
N LYS FC 145 25.97 86.97 -38.39
CA LYS FC 145 26.50 88.23 -38.88
C LYS FC 145 27.31 88.95 -37.79
N ARG FC 146 26.76 89.05 -36.59
CA ARG FC 146 27.41 89.79 -35.54
C ARG FC 146 28.65 89.04 -35.06
N HIS FC 147 28.60 87.71 -35.13
CA HIS FC 147 29.67 86.84 -34.67
C HIS FC 147 30.86 86.93 -35.62
N PHE FC 148 30.60 86.98 -36.93
CA PHE FC 148 31.67 86.98 -37.89
C PHE FC 148 32.02 88.37 -38.42
N ARG FC 149 31.38 89.43 -37.87
CA ARG FC 149 31.54 90.81 -38.29
C ARG FC 149 31.34 90.96 -39.81
N VAL FC 150 30.09 90.75 -40.21
CA VAL FC 150 29.68 90.98 -41.58
C VAL FC 150 28.57 92.02 -41.52
N MET FC 151 28.80 93.11 -42.26
CA MET FC 151 27.85 94.20 -42.31
C MET FC 151 28.05 94.96 -43.62
N LYS FC 152 26.94 95.50 -44.13
CA LYS FC 152 26.92 96.26 -45.38
C LYS FC 152 27.46 97.68 -45.16
N GLU FC 153 26.68 98.45 -44.40
CA GLU FC 153 27.11 99.69 -43.80
C GLU FC 153 26.91 99.59 -42.29
N TYR FC 154 27.61 100.47 -41.57
CA TYR FC 154 27.73 100.38 -40.13
C TYR FC 154 26.46 100.89 -39.44
N GLU FC 155 25.36 100.14 -39.64
CA GLU FC 155 24.10 100.37 -38.94
C GLU FC 155 23.95 99.39 -37.78
N VAL FC 156 24.99 98.56 -37.56
CA VAL FC 156 25.01 97.58 -36.49
C VAL FC 156 25.99 98.03 -35.42
N PRO FC 157 25.58 98.15 -34.14
CA PRO FC 157 26.53 98.47 -33.07
C PRO FC 157 27.47 97.30 -32.81
N THR FC 158 28.78 97.58 -32.91
CA THR FC 158 29.80 96.58 -32.70
C THR FC 158 30.76 97.06 -31.62
N TYR FC 159 30.97 96.19 -30.63
CA TYR FC 159 31.54 96.60 -29.36
C TYR FC 159 33.06 96.74 -29.50
N GLY FC 160 33.48 97.89 -30.03
CA GLY FC 160 34.88 98.19 -30.21
C GLY FC 160 35.53 97.33 -31.30
N TYR FC 161 34.69 96.77 -32.19
CA TYR FC 161 35.13 95.90 -33.27
C TYR FC 161 35.72 96.74 -34.40
N GLY FC 162 35.95 96.06 -35.51
CA GLY FC 162 35.92 96.71 -36.81
C GLY FC 162 34.78 96.11 -37.62
N SER FC 163 34.91 96.18 -38.94
CA SER FC 163 34.21 95.23 -39.79
C SER FC 163 35.25 94.32 -40.41
N ARG FC 164 35.04 93.01 -40.25
CA ARG FC 164 35.90 92.03 -40.87
C ARG FC 164 35.84 92.13 -42.39
N THR FC 165 34.62 92.26 -42.92
CA THR FC 165 34.39 92.28 -44.37
C THR FC 165 32.99 92.81 -44.65
N GLY FC 166 32.76 93.06 -45.96
CA GLY FC 166 31.46 93.40 -46.51
C GLY FC 166 30.91 92.26 -47.37
N VAL FC 167 29.65 92.40 -47.75
CA VAL FC 167 29.03 91.49 -48.71
C VAL FC 167 29.77 91.65 -50.04
N PRO FC 168 30.09 90.57 -50.79
CA PRO FC 168 29.93 89.17 -50.38
C PRO FC 168 31.17 88.68 -49.64
N SER FC 169 31.01 87.58 -48.92
CA SER FC 169 32.21 86.90 -48.43
C SER FC 169 31.91 85.42 -48.19
N VAL FC 170 32.99 84.65 -48.17
CA VAL FC 170 32.92 83.24 -47.82
C VAL FC 170 33.90 83.01 -46.66
N ILE FC 171 33.39 82.36 -45.61
CA ILE FC 171 34.15 82.13 -44.40
C ILE FC 171 34.23 80.64 -44.16
N VAL FC 172 35.45 80.11 -44.13
CA VAL FC 172 35.61 78.69 -43.90
C VAL FC 172 35.64 78.48 -42.39
N ILE FC 173 34.58 77.80 -41.90
CA ILE FC 173 34.32 77.74 -40.48
C ILE FC 173 34.74 76.39 -39.92
N GLY FC 174 35.04 76.39 -38.62
CA GLY FC 174 35.24 75.15 -37.90
C GLY FC 174 33.98 74.75 -37.14
N SER FC 175 34.09 73.69 -36.35
CA SER FC 175 32.96 73.19 -35.58
C SER FC 175 32.63 74.11 -34.41
N ASP FC 176 33.65 74.74 -33.82
CA ASP FC 176 33.49 75.52 -32.62
C ASP FC 176 33.33 77.02 -32.92
N GLY FC 177 33.24 77.36 -34.22
CA GLY FC 177 32.89 78.70 -34.64
C GLY FC 177 34.09 79.55 -35.08
N ARG FC 178 35.31 78.98 -35.07
CA ARG FC 178 36.53 79.66 -35.46
C ARG FC 178 36.54 79.89 -36.96
N GLU FC 179 37.14 81.01 -37.42
CA GLU FC 179 37.40 81.19 -38.83
C GLU FC 179 38.70 80.45 -39.15
N ALA FC 180 38.60 79.43 -40.00
CA ALA FC 180 39.79 78.70 -40.36
C ALA FC 180 40.57 79.48 -41.43
N GLN FC 181 39.83 80.08 -42.37
CA GLN FC 181 40.46 80.81 -43.45
C GLN FC 181 39.44 81.76 -44.09
N PHE FC 182 39.84 83.03 -44.15
CA PHE FC 182 39.00 84.08 -44.69
C PHE FC 182 39.40 84.35 -46.14
N LEU FC 183 38.55 83.94 -47.07
CA LEU FC 183 38.90 84.07 -48.47
C LEU FC 183 38.71 85.49 -48.96
N PRO FC 184 39.76 86.15 -49.47
CA PRO FC 184 39.68 87.57 -49.86
C PRO FC 184 39.09 87.90 -51.23
N ILE FC 185 37.76 87.94 -51.29
CA ILE FC 185 37.10 88.41 -52.51
C ILE FC 185 37.09 89.93 -52.58
N CYS FC 186 36.56 90.56 -51.52
CA CYS FC 186 36.55 92.00 -51.38
C CYS FC 186 37.16 92.31 -50.02
N SER FC 187 38.51 92.36 -49.99
CA SER FC 187 39.25 92.42 -48.73
C SER FC 187 40.55 93.18 -48.94
N GLY FC 188 41.52 92.97 -48.03
CA GLY FC 188 42.86 93.52 -48.14
C GLY FC 188 43.57 93.06 -49.42
N LEU FC 189 43.43 91.77 -49.70
CA LEU FC 189 44.08 91.19 -50.85
C LEU FC 189 43.34 91.46 -52.16
N GLU FC 190 42.00 91.65 -52.13
CA GLU FC 190 41.13 92.08 -53.24
C GLU FC 190 41.25 91.20 -54.48
N GLU FC 191 41.51 89.90 -54.28
CA GLU FC 191 41.57 89.00 -55.42
C GLU FC 191 40.15 88.54 -55.77
N GLY FC 192 39.46 89.41 -56.53
CA GLY FC 192 38.08 89.22 -56.96
C GLY FC 192 37.93 87.96 -57.81
N ASP FC 193 37.04 87.04 -57.40
CA ASP FC 193 36.63 85.87 -58.17
C ASP FC 193 37.68 84.76 -58.20
N ARG FC 194 38.90 85.06 -57.77
CA ARG FC 194 40.04 84.17 -57.88
C ARG FC 194 40.49 83.70 -56.49
N ALA FC 195 40.02 84.35 -55.42
CA ALA FC 195 40.46 84.00 -54.07
C ALA FC 195 40.02 82.60 -53.62
N LEU FC 196 39.03 82.08 -54.36
CA LEU FC 196 38.36 80.80 -54.15
C LEU FC 196 39.35 79.65 -54.23
N LEU FC 197 40.48 79.85 -54.91
CA LEU FC 197 41.47 78.80 -55.12
C LEU FC 197 42.28 78.48 -53.86
N ARG FC 198 42.17 79.35 -52.86
CA ARG FC 198 42.97 79.20 -51.65
C ARG FC 198 42.36 78.33 -50.59
N TRP FC 199 41.18 77.78 -50.87
CA TRP FC 199 40.46 76.94 -49.94
C TRP FC 199 41.27 75.69 -49.62
N ASP FC 200 41.59 75.53 -48.33
CA ASP FC 200 42.43 74.43 -47.87
C ASP FC 200 41.52 73.38 -47.24
N TRP FC 201 40.89 72.59 -48.09
CA TRP FC 201 39.90 71.63 -47.63
C TRP FC 201 40.54 70.38 -47.01
N ARG FC 202 41.84 70.19 -47.23
CA ARG FC 202 42.58 69.09 -46.61
C ARG FC 202 42.72 69.32 -45.11
N ASN FC 203 42.95 70.58 -44.73
CA ASN FC 203 43.16 70.93 -43.33
C ASN FC 203 41.83 71.30 -42.65
N THR FC 204 41.06 72.17 -43.29
CA THR FC 204 39.87 72.68 -42.64
C THR FC 204 38.73 71.68 -42.83
N LYS FC 205 38.50 70.88 -41.79
CA LYS FC 205 37.44 69.88 -41.82
C LYS FC 205 36.46 70.15 -40.68
N PHE FC 206 35.17 70.05 -41.01
CA PHE FC 206 34.14 70.24 -40.01
C PHE FC 206 34.06 68.98 -39.14
N ALA FC 207 34.81 68.97 -38.04
CA ALA FC 207 34.92 67.80 -37.18
C ALA FC 207 33.64 67.60 -36.34
N SER GC 2 68.33 -9.57 -44.07
CA SER GC 2 68.75 -8.22 -44.61
C SER GC 2 68.95 -8.30 -46.12
N GLN GC 3 68.09 -9.06 -46.77
CA GLN GC 3 68.12 -9.19 -48.23
C GLN GC 3 66.66 -9.13 -48.68
N PRO GC 4 66.30 -8.46 -49.81
CA PRO GC 4 67.24 -7.70 -50.64
C PRO GC 4 67.48 -6.27 -50.13
N VAL GC 5 66.72 -5.88 -49.11
CA VAL GC 5 66.76 -4.53 -48.56
C VAL GC 5 66.85 -4.62 -47.05
N PHE GC 6 67.27 -3.48 -46.47
CA PHE GC 6 67.40 -3.41 -45.03
C PHE GC 6 66.12 -2.87 -44.38
N ALA GC 7 65.55 -1.80 -44.95
CA ALA GC 7 64.25 -1.36 -44.45
C ALA GC 7 63.12 -1.91 -45.31
N SER GC 8 62.68 -3.06 -44.82
CA SER GC 8 61.40 -3.65 -45.19
C SER GC 8 60.66 -4.02 -43.91
N PRO GC 9 59.31 -3.99 -43.93
CA PRO GC 9 58.55 -4.55 -42.81
C PRO GC 9 58.86 -6.01 -42.46
N LEU GC 10 59.10 -6.87 -43.46
CA LEU GC 10 59.51 -8.25 -43.20
C LEU GC 10 60.84 -8.27 -42.45
N ASN GC 11 61.75 -7.38 -42.87
CA ASN GC 11 63.09 -7.40 -42.30
C ASN GC 11 63.09 -6.90 -40.85
N VAL GC 12 62.31 -5.85 -40.56
CA VAL GC 12 62.25 -5.33 -39.21
C VAL GC 12 61.53 -6.31 -38.30
N GLU GC 13 60.50 -7.00 -38.82
CA GLU GC 13 59.77 -8.00 -38.04
C GLU GC 13 60.70 -9.18 -37.75
N LYS GC 14 61.48 -9.58 -38.77
CA LYS GC 14 62.39 -10.71 -38.60
C LYS GC 14 63.47 -10.40 -37.56
N ARG GC 15 64.07 -9.20 -37.64
CA ARG GC 15 65.08 -8.81 -36.68
C ARG GC 15 64.49 -8.72 -35.27
N ARG GC 16 63.29 -8.13 -35.13
CA ARG GC 16 62.64 -7.94 -33.84
C ARG GC 16 62.41 -9.29 -33.16
N LEU GC 17 61.76 -10.24 -33.87
CA LEU GC 17 61.43 -11.53 -33.30
C LEU GC 17 62.71 -12.31 -32.97
N ASN GC 18 63.69 -12.26 -33.87
CA ASN GC 18 64.88 -13.08 -33.69
C ASN GC 18 65.69 -12.62 -32.49
N GLU GC 19 65.77 -11.31 -32.27
CA GLU GC 19 66.56 -10.88 -31.13
C GLU GC 19 65.74 -10.77 -29.83
N GLU GC 20 64.39 -10.76 -29.88
CA GLU GC 20 63.60 -11.22 -28.73
C GLU GC 20 64.07 -12.61 -28.28
N ARG GC 21 64.13 -13.56 -29.24
CA ARG GC 21 64.50 -14.94 -28.93
C ARG GC 21 65.91 -14.98 -28.35
N ALA GC 22 66.83 -14.24 -28.98
CA ALA GC 22 68.22 -14.19 -28.55
C ALA GC 22 68.34 -13.67 -27.12
N LEU GC 23 67.58 -12.61 -26.79
CA LEU GC 23 67.61 -12.07 -25.44
C LEU GC 23 67.05 -13.07 -24.44
N MET GC 24 66.05 -13.86 -24.83
CA MET GC 24 65.50 -14.87 -23.95
C MET GC 24 66.51 -15.98 -23.63
N GLN GC 25 67.25 -16.44 -24.65
CA GLN GC 25 68.30 -17.42 -24.38
C GLN GC 25 69.39 -16.83 -23.50
N ALA GC 26 69.73 -15.54 -23.72
CA ALA GC 26 70.75 -14.87 -22.94
C ALA GC 26 70.36 -14.78 -21.47
N GLN GC 27 69.08 -14.45 -21.21
CA GLN GC 27 68.57 -14.31 -19.85
C GLN GC 27 68.56 -15.67 -19.16
N LYS GC 28 68.10 -16.69 -19.90
CA LYS GC 28 68.00 -18.01 -19.28
C LYS GC 28 69.38 -18.60 -18.96
N ALA GC 29 70.35 -18.40 -19.85
CA ALA GC 29 71.70 -18.94 -19.70
C ALA GC 29 72.43 -18.16 -18.60
N ASN GC 35 75.48 -15.81 -23.28
CA ASN GC 35 76.83 -16.17 -23.81
C ASN GC 35 76.87 -15.99 -25.33
N ILE GC 36 75.72 -16.25 -25.96
CA ILE GC 36 75.62 -16.12 -27.41
C ILE GC 36 75.64 -14.64 -27.80
N GLN GC 37 76.16 -14.43 -29.00
CA GLN GC 37 76.37 -13.20 -29.77
C GLN GC 37 75.09 -12.39 -29.97
N LEU GC 38 75.27 -11.06 -29.88
CA LEU GC 38 74.25 -10.07 -30.18
C LEU GC 38 74.90 -8.91 -30.90
N PRO GC 39 74.34 -8.36 -32.00
CA PRO GC 39 73.07 -8.77 -32.60
C PRO GC 39 73.20 -10.08 -33.37
N PRO GC 40 72.12 -10.88 -33.57
CA PRO GC 40 72.30 -12.24 -34.07
C PRO GC 40 72.62 -12.24 -35.55
N ASN GC 41 73.29 -13.30 -35.99
CA ASN GC 41 73.66 -13.49 -37.39
C ASN GC 41 72.41 -13.61 -38.28
N TYR GC 42 72.41 -12.98 -39.48
CA TYR GC 42 71.28 -13.14 -40.40
C TYR GC 42 71.10 -14.60 -40.79
N GLY GC 43 72.19 -15.39 -40.77
CA GLY GC 43 72.09 -16.82 -41.04
C GLY GC 43 71.28 -17.56 -39.98
N ASP GC 44 71.43 -17.15 -38.72
CA ASP GC 44 70.72 -17.77 -37.63
C ASP GC 44 69.29 -17.22 -37.49
N MET GC 45 69.03 -16.04 -38.06
CA MET GC 45 67.69 -15.45 -37.95
C MET GC 45 66.70 -16.32 -38.72
N ASP GC 46 65.52 -16.53 -38.10
CA ASP GC 46 64.48 -17.37 -38.68
C ASP GC 46 63.19 -16.57 -38.77
N LEU GC 47 62.54 -16.69 -39.93
CA LEU GC 47 61.22 -16.11 -40.10
C LEU GC 47 60.40 -17.06 -40.96
N ILE GC 48 59.21 -17.35 -40.38
CA ILE GC 48 58.19 -18.06 -41.11
C ILE GC 48 57.47 -17.04 -41.99
N LEU GC 49 57.46 -17.32 -43.31
CA LEU GC 49 57.30 -16.24 -44.29
C LEU GC 49 55.82 -16.10 -44.63
N PHE GC 50 55.18 -17.22 -44.96
CA PHE GC 50 53.74 -17.27 -45.19
C PHE GC 50 53.06 -17.96 -44.02
N PRO GC 51 52.32 -17.22 -43.17
CA PRO GC 51 51.57 -17.83 -42.08
C PRO GC 51 50.44 -18.76 -42.55
N GLU GC 52 49.70 -19.24 -41.55
CA GLU GC 52 48.64 -20.21 -41.69
C GLU GC 52 47.54 -19.67 -42.59
N GLY GC 53 47.07 -18.46 -42.27
CA GLY GC 53 45.89 -17.87 -42.90
C GLY GC 53 46.19 -17.24 -44.25
N SER GC 54 47.43 -17.37 -44.75
CA SER GC 54 47.89 -16.59 -45.88
C SER GC 54 47.46 -17.18 -47.23
N LEU GC 55 47.92 -18.39 -47.53
CA LEU GC 55 47.90 -18.89 -48.90
C LEU GC 55 46.59 -19.63 -49.18
N LYS GC 56 45.89 -19.22 -50.24
CA LYS GC 56 44.70 -19.94 -50.70
C LYS GC 56 44.83 -20.22 -52.20
N ASN GC 57 44.41 -21.42 -52.62
CA ASN GC 57 44.48 -21.83 -54.01
C ASN GC 57 43.22 -21.37 -54.76
N SER GC 58 42.99 -21.93 -55.94
CA SER GC 58 41.87 -21.57 -56.81
C SER GC 58 40.52 -21.77 -56.11
N ASN GC 59 40.36 -22.92 -55.47
CA ASN GC 59 39.12 -23.30 -54.82
C ASN GC 59 39.05 -22.74 -53.39
N ASN GC 60 39.89 -21.73 -53.08
CA ASN GC 60 39.84 -20.94 -51.86
C ASN GC 60 39.99 -21.81 -50.60
N THR GC 61 40.58 -23.00 -50.77
CA THR GC 61 40.91 -23.82 -49.62
C THR GC 61 42.35 -23.52 -49.21
N VAL GC 62 42.55 -23.29 -47.92
CA VAL GC 62 43.80 -22.78 -47.41
C VAL GC 62 44.90 -23.84 -47.57
N ILE GC 63 46.05 -23.38 -48.03
CA ILE GC 63 47.22 -24.23 -48.24
C ILE GC 63 48.29 -23.84 -47.22
N PRO GC 64 48.93 -24.80 -46.53
CA PRO GC 64 50.02 -24.48 -45.60
C PRO GC 64 51.28 -23.99 -46.29
N GLN GC 65 52.13 -23.25 -45.56
CA GLN GC 65 53.45 -22.83 -46.02
C GLN GC 65 54.34 -24.03 -46.37
N SER GC 66 54.18 -25.14 -45.62
CA SER GC 66 54.94 -26.35 -45.74
C SER GC 66 54.75 -27.03 -47.10
N HIS GC 67 53.65 -26.67 -47.79
CA HIS GC 67 53.29 -27.26 -49.07
C HIS GC 67 54.32 -26.94 -50.16
N LEU GC 68 55.04 -25.83 -50.00
CA LEU GC 68 55.84 -25.34 -51.11
C LEU GC 68 57.24 -25.93 -51.06
N LYS GC 69 57.53 -26.76 -50.06
CA LYS GC 69 58.91 -27.18 -49.82
C LYS GC 69 59.38 -28.10 -50.94
N GLY GC 70 60.62 -27.92 -51.36
CA GLY GC 70 61.18 -28.67 -52.47
C GLY GC 70 60.68 -28.20 -53.83
N LYS GC 71 60.41 -26.90 -54.01
CA LYS GC 71 59.96 -26.38 -55.31
C LYS GC 71 60.65 -25.05 -55.58
N SER GC 72 60.40 -24.46 -56.76
CA SER GC 72 60.81 -23.09 -57.02
C SER GC 72 59.55 -22.23 -57.03
N VAL GC 73 59.48 -21.29 -56.09
CA VAL GC 73 58.33 -20.43 -55.96
C VAL GC 73 58.65 -19.04 -56.49
N ALA GC 74 57.65 -18.38 -57.09
CA ALA GC 74 57.77 -17.03 -57.58
C ALA GC 74 56.52 -16.21 -57.25
N LEU GC 75 56.76 -14.98 -56.82
CA LEU GC 75 55.67 -14.03 -56.64
C LEU GC 75 55.39 -13.35 -57.97
N TYR GC 76 54.09 -13.28 -58.29
CA TYR GC 76 53.60 -12.64 -59.49
C TYR GC 76 52.89 -11.37 -59.06
N PHE GC 77 53.64 -10.28 -59.07
CA PHE GC 77 53.04 -8.99 -58.81
C PHE GC 77 52.31 -8.55 -60.06
N ALA GC 78 50.98 -8.57 -59.98
CA ALA GC 78 50.16 -8.31 -61.14
C ALA GC 78 49.06 -7.30 -60.84
N ASP GC 79 48.40 -6.83 -61.92
CA ASP GC 79 47.27 -5.92 -61.82
C ASP GC 79 46.20 -6.38 -62.81
N GLY GC 80 44.94 -6.08 -62.50
CA GLY GC 80 43.81 -6.46 -63.32
C GLY GC 80 43.56 -5.47 -64.46
N ALA GC 81 44.16 -4.28 -64.38
CA ALA GC 81 43.88 -3.20 -65.31
C ALA GC 81 45.04 -2.90 -66.29
N ASP GC 82 46.29 -3.20 -65.93
CA ASP GC 82 47.41 -2.76 -66.76
C ASP GC 82 47.57 -3.66 -68.00
N PRO GC 83 47.59 -3.11 -69.24
CA PRO GC 83 47.71 -3.91 -70.46
C PRO GC 83 48.98 -4.76 -70.61
N LYS GC 84 50.06 -4.33 -69.96
CA LYS GC 84 51.28 -5.13 -69.94
C LYS GC 84 51.06 -6.43 -69.15
N CYS GC 85 50.35 -6.34 -68.01
CA CYS GC 85 49.93 -7.49 -67.21
C CYS GC 85 48.99 -8.35 -68.05
N ALA GC 86 48.09 -7.72 -68.83
CA ALA GC 86 47.13 -8.41 -69.67
C ALA GC 86 47.84 -9.24 -70.74
N SER GC 87 48.96 -8.70 -71.25
CA SER GC 87 49.74 -9.43 -72.23
C SER GC 87 50.58 -10.53 -71.58
N LEU GC 88 51.12 -10.26 -70.38
CA LEU GC 88 52.02 -11.20 -69.69
C LEU GC 88 51.28 -12.45 -69.25
N LEU GC 89 49.97 -12.31 -68.95
CA LEU GC 89 49.27 -13.36 -68.24
C LEU GC 89 49.18 -14.67 -69.02
N PRO GC 90 48.71 -14.71 -70.30
CA PRO GC 90 48.65 -15.98 -71.02
C PRO GC 90 50.01 -16.66 -71.27
N PHE GC 91 51.07 -15.87 -71.44
CA PHE GC 91 52.40 -16.45 -71.52
C PHE GC 91 52.79 -17.14 -70.22
N LEU GC 92 52.48 -16.50 -69.10
CA LEU GC 92 52.80 -17.06 -67.80
C LEU GC 92 52.03 -18.35 -67.58
N LEU GC 93 50.75 -18.34 -67.96
CA LEU GC 93 49.90 -19.50 -67.82
C LEU GC 93 50.41 -20.65 -68.71
N ASN GC 94 50.84 -20.36 -69.93
CA ASN GC 94 51.35 -21.38 -70.84
C ASN GC 94 52.63 -22.00 -70.31
N TYR GC 95 53.55 -21.15 -69.85
CA TYR GC 95 54.81 -21.65 -69.33
C TYR GC 95 54.55 -22.50 -68.09
N TYR GC 96 53.71 -22.01 -67.17
CA TYR GC 96 53.40 -22.73 -65.92
C TYR GC 96 52.77 -24.09 -66.19
N ARG GC 97 51.80 -24.12 -67.12
CA ARG GC 97 51.11 -25.34 -67.48
C ARG GC 97 52.10 -26.39 -68.00
N THR GC 98 52.88 -26.01 -69.02
CA THR GC 98 53.72 -26.97 -69.73
C THR GC 98 54.86 -27.37 -68.79
N MET GC 99 55.34 -26.45 -67.97
CA MET GC 99 56.52 -26.71 -67.16
C MET GC 99 56.18 -27.55 -65.92
N ASN GC 100 54.93 -27.49 -65.48
CA ASN GC 100 54.51 -28.35 -64.38
C ASN GC 100 53.78 -29.60 -64.85
N GLU GC 101 53.57 -29.76 -66.17
CA GLU GC 101 53.15 -31.06 -66.67
C GLU GC 101 54.31 -31.88 -67.27
N GLY GC 102 55.44 -31.23 -67.56
CA GLY GC 102 56.57 -31.87 -68.20
C GLY GC 102 57.22 -32.89 -67.27
N GLY GC 103 57.44 -32.49 -66.01
CA GLY GC 103 58.17 -33.27 -65.03
C GLY GC 103 57.24 -34.14 -64.18
N ALA GC 104 57.85 -35.06 -63.42
CA ALA GC 104 57.15 -35.96 -62.53
C ALA GC 104 56.54 -35.20 -61.34
N ASN GC 105 57.38 -34.61 -60.48
CA ASN GC 105 56.87 -33.75 -59.42
C ASN GC 105 56.56 -32.38 -60.04
N GLN GC 106 55.76 -31.55 -59.37
CA GLN GC 106 55.64 -30.18 -59.86
C GLN GC 106 56.86 -29.40 -59.48
N LYS GC 107 57.32 -28.57 -60.41
CA LYS GC 107 58.65 -28.00 -60.32
C LYS GC 107 58.54 -26.55 -59.87
N ILE GC 108 57.64 -25.81 -60.52
CA ILE GC 108 57.53 -24.39 -60.30
C ILE GC 108 56.17 -24.12 -59.65
N GLU GC 109 56.09 -23.00 -58.91
CA GLU GC 109 54.84 -22.56 -58.30
C GLU GC 109 54.79 -21.03 -58.32
N ILE GC 110 53.59 -20.48 -58.57
CA ILE GC 110 53.34 -19.05 -58.66
C ILE GC 110 52.31 -18.62 -57.62
N ILE GC 111 52.64 -17.55 -56.89
CA ILE GC 111 51.72 -16.95 -55.93
C ILE GC 111 51.36 -15.56 -56.41
N PHE GC 112 50.06 -15.32 -56.57
CA PHE GC 112 49.57 -14.07 -57.09
C PHE GC 112 49.47 -13.03 -55.99
N VAL GC 113 50.10 -11.88 -56.27
CA VAL GC 113 50.05 -10.74 -55.38
C VAL GC 113 49.48 -9.58 -56.17
N SER GC 114 48.37 -9.04 -55.65
CA SER GC 114 47.55 -8.10 -56.39
C SER GC 114 47.98 -6.66 -56.14
N LEU GC 115 47.81 -5.86 -57.19
CA LEU GC 115 47.96 -4.43 -57.11
C LEU GC 115 46.66 -3.74 -57.58
N ASP GC 116 45.55 -4.47 -57.43
CA ASP GC 116 44.21 -4.00 -57.72
C ASP GC 116 43.75 -3.08 -56.58
N ARG GC 117 42.44 -2.76 -56.52
CA ARG GC 117 41.96 -1.72 -55.59
C ARG GC 117 40.79 -2.22 -54.76
N ASP GC 118 40.06 -3.23 -55.25
CA ASP GC 118 38.87 -3.69 -54.55
C ASP GC 118 38.56 -5.15 -54.87
N ARG GC 119 37.53 -5.65 -54.18
CA ARG GC 119 37.13 -7.04 -54.16
C ARG GC 119 36.71 -7.53 -55.53
N GLU GC 120 35.94 -6.69 -56.22
CA GLU GC 120 35.26 -7.19 -57.41
C GLU GC 120 36.29 -7.37 -58.54
N ALA GC 121 37.20 -6.39 -58.70
CA ALA GC 121 38.34 -6.52 -59.62
C ALA GC 121 39.23 -7.69 -59.24
N PHE GC 122 39.51 -7.82 -57.94
CA PHE GC 122 40.36 -8.89 -57.43
C PHE GC 122 39.79 -10.26 -57.83
N GLU GC 123 38.51 -10.49 -57.54
CA GLU GC 123 37.91 -11.80 -57.74
C GLU GC 123 37.75 -12.08 -59.24
N SER GC 124 37.41 -11.03 -59.99
CA SER GC 124 37.29 -11.12 -61.44
C SER GC 124 38.62 -11.52 -62.08
N HIS GC 125 39.73 -11.06 -61.51
CA HIS GC 125 41.05 -11.41 -62.00
C HIS GC 125 41.52 -12.77 -61.50
N ARG GC 126 41.06 -13.17 -60.30
CA ARG GC 126 41.34 -14.50 -59.78
C ARG GC 126 40.64 -15.61 -60.57
N ALA GC 127 39.48 -15.31 -61.18
CA ALA GC 127 38.73 -16.33 -61.88
C ALA GC 127 39.50 -17.00 -63.04
N HIS GC 128 40.53 -16.32 -63.58
CA HIS GC 128 41.31 -16.84 -64.69
C HIS GC 128 42.61 -17.53 -64.27
N MET GC 129 42.89 -17.59 -62.95
CA MET GC 129 44.22 -17.89 -62.45
C MET GC 129 44.25 -19.19 -61.65
N PRO GC 130 44.85 -20.26 -62.18
CA PRO GC 130 44.93 -21.54 -61.45
C PRO GC 130 45.86 -21.67 -60.25
N TRP GC 131 46.90 -20.83 -60.18
CA TRP GC 131 47.93 -21.07 -59.17
C TRP GC 131 47.52 -20.37 -57.87
N LEU GC 132 48.45 -20.28 -56.92
CA LEU GC 132 48.10 -19.84 -55.59
C LEU GC 132 48.01 -18.32 -55.55
N SER GC 133 47.50 -17.83 -54.42
CA SER GC 133 47.28 -16.41 -54.26
C SER GC 133 47.33 -15.98 -52.79
N ILE GC 134 47.56 -14.67 -52.62
CA ILE GC 134 47.52 -14.03 -51.31
C ILE GC 134 46.49 -12.93 -51.34
N ASP GC 135 45.55 -12.96 -50.36
CA ASP GC 135 44.44 -12.03 -50.36
C ASP GC 135 44.92 -10.59 -50.19
N LEU GC 136 43.97 -9.72 -50.49
CA LEU GC 136 44.24 -8.33 -50.71
C LEU GC 136 44.32 -7.57 -49.40
N GLU GC 137 43.59 -8.02 -48.37
CA GLU GC 137 43.46 -7.24 -47.15
C GLU GC 137 44.41 -7.68 -46.04
N ASN GC 138 45.29 -8.64 -46.33
CA ASN GC 138 46.33 -8.94 -45.36
C ASN GC 138 47.31 -7.78 -45.34
N PRO GC 139 47.96 -7.51 -44.19
CA PRO GC 139 49.11 -6.59 -44.19
C PRO GC 139 50.27 -7.15 -45.00
N LEU GC 140 50.22 -8.46 -45.29
CA LEU GC 140 51.31 -9.17 -45.93
C LEU GC 140 51.53 -8.65 -47.36
N THR GC 141 50.47 -8.26 -48.05
CA THR GC 141 50.60 -7.80 -49.43
C THR GC 141 51.32 -6.44 -49.53
N GLU GC 142 51.00 -5.49 -48.64
CA GLU GC 142 51.77 -4.25 -48.62
C GLU GC 142 53.19 -4.49 -48.12
N ILE GC 143 53.35 -5.43 -47.19
CA ILE GC 143 54.67 -5.78 -46.68
C ILE GC 143 55.52 -6.33 -47.82
N LEU GC 144 54.94 -7.17 -48.68
CA LEU GC 144 55.64 -7.74 -49.83
C LEU GC 144 56.03 -6.69 -50.86
N LYS GC 145 55.10 -5.74 -51.15
CA LYS GC 145 55.35 -4.66 -52.08
C LYS GC 145 56.54 -3.84 -51.62
N ARG GC 146 56.54 -3.48 -50.34
CA ARG GC 146 57.61 -2.69 -49.77
C ARG GC 146 58.91 -3.48 -49.75
N HIS GC 147 58.82 -4.80 -49.51
CA HIS GC 147 59.99 -5.68 -49.39
C HIS GC 147 60.72 -5.77 -50.72
N PHE GC 148 59.95 -5.85 -51.82
CA PHE GC 148 60.58 -6.06 -53.11
C PHE GC 148 60.69 -4.80 -53.93
N ARG GC 149 60.18 -3.67 -53.40
CA ARG GC 149 60.16 -2.38 -54.10
C ARG GC 149 59.40 -2.49 -55.42
N VAL GC 150 58.27 -3.21 -55.38
CA VAL GC 150 57.39 -3.26 -56.51
C VAL GC 150 56.27 -2.27 -56.28
N MET GC 151 56.36 -1.10 -56.92
CA MET GC 151 55.21 -0.19 -56.92
C MET GC 151 54.92 0.30 -58.33
N LYS GC 152 53.65 0.56 -58.64
CA LYS GC 152 53.25 0.93 -59.98
C LYS GC 152 53.68 2.35 -60.36
N GLU GC 153 53.44 3.32 -59.46
CA GLU GC 153 53.99 4.64 -59.65
C GLU GC 153 54.28 5.26 -58.29
N TYR GC 154 55.37 6.02 -58.24
CA TYR GC 154 56.00 6.39 -56.98
C TYR GC 154 55.13 7.37 -56.21
N GLU GC 155 54.30 6.83 -55.30
CA GLU GC 155 53.49 7.61 -54.37
C GLU GC 155 53.94 7.31 -52.95
N VAL GC 156 54.18 6.03 -52.65
CA VAL GC 156 54.54 5.59 -51.32
C VAL GC 156 55.92 6.11 -50.96
N PRO GC 157 56.09 6.70 -49.75
CA PRO GC 157 57.41 6.99 -49.22
C PRO GC 157 58.18 5.67 -49.11
N THR GC 158 59.22 5.55 -49.94
CA THR GC 158 60.09 4.40 -49.90
C THR GC 158 61.40 4.84 -49.27
N TYR GC 159 61.90 3.97 -48.41
CA TYR GC 159 63.21 4.18 -47.83
C TYR GC 159 64.33 4.18 -48.89
N GLY GC 160 64.64 5.38 -49.41
CA GLY GC 160 65.92 5.72 -50.03
C GLY GC 160 66.16 5.08 -51.39
N TYR GC 161 65.89 3.78 -51.44
CA TYR GC 161 65.94 2.96 -52.64
C TYR GC 161 64.90 3.48 -53.63
N GLY GC 162 65.21 3.34 -54.92
CA GLY GC 162 64.26 3.53 -56.01
C GLY GC 162 63.39 2.29 -56.20
N SER GC 163 62.36 2.44 -57.05
CA SER GC 163 61.49 1.33 -57.37
C SER GC 163 62.27 0.31 -58.19
N ARG GC 164 62.24 -0.95 -57.74
CA ARG GC 164 62.98 -2.04 -58.36
C ARG GC 164 62.50 -2.25 -59.78
N THR GC 165 61.17 -2.24 -59.94
CA THR GC 165 60.53 -2.50 -61.22
C THR GC 165 59.12 -1.91 -61.16
N GLY GC 166 58.38 -2.13 -62.25
CA GLY GC 166 56.97 -1.82 -62.34
C GLY GC 166 56.16 -3.10 -62.50
N VAL GC 167 54.85 -3.03 -62.18
CA VAL GC 167 53.90 -4.09 -62.44
C VAL GC 167 53.83 -4.28 -63.97
N PRO GC 168 53.80 -5.50 -64.54
CA PRO GC 168 53.87 -6.81 -63.87
C PRO GC 168 55.30 -7.28 -63.60
N SER GC 169 55.45 -8.24 -62.69
CA SER GC 169 56.78 -8.76 -62.43
C SER GC 169 56.67 -10.15 -61.83
N VAL GC 170 57.69 -10.97 -62.11
CA VAL GC 170 57.84 -12.28 -61.53
C VAL GC 170 59.18 -12.32 -60.80
N ILE GC 171 59.19 -12.72 -59.53
CA ILE GC 171 60.45 -12.80 -58.77
C ILE GC 171 60.48 -14.11 -58.01
N VAL GC 172 61.53 -14.90 -58.22
CA VAL GC 172 61.67 -16.15 -57.49
C VAL GC 172 62.38 -15.87 -56.16
N ILE GC 173 61.83 -16.47 -55.11
CA ILE GC 173 62.16 -16.13 -53.74
C ILE GC 173 62.68 -17.35 -53.01
N GLY GC 174 63.49 -17.11 -51.96
CA GLY GC 174 63.95 -18.16 -51.08
C GLY GC 174 63.08 -18.29 -49.83
N SER GC 175 63.63 -18.98 -48.83
CA SER GC 175 62.99 -19.09 -47.52
C SER GC 175 63.12 -17.80 -46.74
N ASP GC 176 64.24 -17.12 -46.95
CA ASP GC 176 64.58 -15.94 -46.18
C ASP GC 176 64.18 -14.66 -46.92
N GLY GC 177 63.32 -14.79 -47.93
CA GLY GC 177 62.77 -13.66 -48.67
C GLY GC 177 63.74 -12.99 -49.64
N ARG GC 178 64.97 -13.57 -49.77
CA ARG GC 178 66.01 -13.08 -50.66
C ARG GC 178 65.56 -13.32 -52.09
N GLU GC 179 65.75 -12.30 -52.93
CA GLU GC 179 65.49 -12.47 -54.35
C GLU GC 179 66.57 -13.38 -54.93
N ALA GC 180 66.13 -14.52 -55.49
CA ALA GC 180 67.09 -15.49 -55.98
C ALA GC 180 67.51 -15.12 -57.38
N GLN GC 181 66.52 -15.00 -58.29
CA GLN GC 181 66.73 -14.48 -59.63
C GLN GC 181 65.63 -13.47 -59.90
N PHE GC 182 66.03 -12.34 -60.51
CA PHE GC 182 65.07 -11.33 -60.91
C PHE GC 182 64.74 -11.50 -62.39
N LEU GC 183 63.50 -11.89 -62.69
CA LEU GC 183 63.15 -12.10 -64.09
C LEU GC 183 62.95 -10.75 -64.77
N PRO GC 184 63.63 -10.51 -65.92
CA PRO GC 184 63.48 -9.25 -66.64
C PRO GC 184 62.30 -9.09 -67.59
N ILE GC 185 61.14 -8.72 -67.03
CA ILE GC 185 59.96 -8.47 -67.85
C ILE GC 185 59.93 -7.02 -68.32
N CYS GC 186 59.96 -6.08 -67.35
CA CYS GC 186 60.12 -4.67 -67.65
C CYS GC 186 61.16 -4.12 -66.69
N SER GC 187 62.43 -4.32 -67.06
CA SER GC 187 63.54 -4.08 -66.16
C SER GC 187 64.77 -3.70 -67.00
N GLY GC 188 65.96 -3.98 -66.46
CA GLY GC 188 67.25 -3.73 -67.07
C GLY GC 188 67.44 -4.41 -68.43
N LEU GC 189 66.69 -5.49 -68.71
CA LEU GC 189 66.87 -6.17 -69.99
C LEU GC 189 65.73 -5.86 -70.96
N GLU GC 190 64.51 -5.62 -70.43
CA GLU GC 190 63.31 -5.32 -71.21
C GLU GC 190 62.99 -6.46 -72.19
N GLU GC 191 63.46 -7.66 -71.88
CA GLU GC 191 63.21 -8.81 -72.72
C GLU GC 191 61.84 -9.36 -72.35
N GLY GC 192 60.82 -8.52 -72.55
CA GLY GC 192 59.48 -8.79 -72.04
C GLY GC 192 58.86 -10.02 -72.72
N ASP GC 193 58.06 -10.75 -71.93
CA ASP GC 193 57.19 -11.86 -72.34
C ASP GC 193 58.01 -13.09 -72.76
N ARG GC 194 59.34 -12.99 -72.83
CA ARG GC 194 60.19 -14.12 -73.21
C ARG GC 194 61.11 -14.54 -72.04
N ALA GC 195 61.34 -13.61 -71.11
CA ALA GC 195 62.24 -13.75 -69.97
C ALA GC 195 61.80 -14.84 -68.97
N LEU GC 196 60.68 -15.50 -69.26
CA LEU GC 196 60.24 -16.63 -68.43
C LEU GC 196 61.22 -17.80 -68.59
N LEU GC 197 61.91 -17.85 -69.75
CA LEU GC 197 62.78 -18.98 -70.04
C LEU GC 197 64.07 -18.92 -69.20
N ARG GC 198 64.46 -17.72 -68.78
CA ARG GC 198 65.73 -17.50 -68.10
C ARG GC 198 65.66 -17.90 -66.62
N TRP GC 199 64.47 -18.25 -66.15
CA TRP GC 199 64.24 -18.74 -64.81
C TRP GC 199 64.87 -20.12 -64.64
N ASP GC 200 65.88 -20.19 -63.77
CA ASP GC 200 66.43 -21.49 -63.37
C ASP GC 200 65.78 -21.93 -62.06
N TRP GC 201 65.61 -23.25 -61.91
CA TRP GC 201 64.82 -23.82 -60.82
C TRP GC 201 65.59 -24.86 -59.99
N ARG GC 202 66.71 -25.35 -60.53
CA ARG GC 202 67.55 -26.28 -59.79
C ARG GC 202 68.15 -25.61 -58.54
N ASN GC 203 68.69 -24.40 -58.70
CA ASN GC 203 69.53 -23.82 -57.65
C ASN GC 203 68.74 -22.89 -56.74
N THR GC 204 67.45 -22.73 -57.05
CA THR GC 204 66.58 -21.83 -56.33
C THR GC 204 65.36 -22.63 -55.88
N LYS GC 205 65.58 -23.39 -54.82
CA LYS GC 205 64.59 -24.25 -54.22
C LYS GC 205 64.09 -23.61 -52.93
N PHE GC 206 62.84 -23.91 -52.61
CA PHE GC 206 62.23 -23.39 -51.41
C PHE GC 206 62.44 -24.43 -50.32
N ALA GC 207 63.51 -24.27 -49.53
CA ALA GC 207 63.76 -25.23 -48.46
C ALA GC 207 63.65 -24.52 -47.11
N SER HC 2 27.96 60.90 -56.77
CA SER HC 2 28.21 62.24 -57.35
C SER HC 2 28.48 62.08 -58.84
N GLN HC 3 27.65 61.25 -59.49
CA GLN HC 3 27.71 61.06 -60.93
C GLN HC 3 26.27 61.05 -61.43
N PRO HC 4 25.93 61.72 -62.55
CA PRO HC 4 26.88 62.46 -63.39
C PRO HC 4 27.16 63.88 -62.89
N VAL HC 5 26.19 64.46 -62.18
CA VAL HC 5 26.32 65.80 -61.65
C VAL HC 5 26.40 65.72 -60.13
N PHE HC 6 26.97 66.76 -59.52
CA PHE HC 6 27.06 66.79 -58.07
C PHE HC 6 25.76 67.28 -57.46
N ALA HC 7 25.26 68.41 -57.99
CA ALA HC 7 24.06 69.00 -57.41
C ALA HC 7 22.84 68.45 -58.13
N SER HC 8 22.40 67.32 -57.59
CA SER HC 8 21.19 66.64 -57.98
C SER HC 8 20.38 66.35 -56.73
N PRO HC 9 19.03 66.38 -56.84
CA PRO HC 9 18.19 65.87 -55.76
C PRO HC 9 18.49 64.41 -55.37
N LEU HC 10 18.76 63.53 -56.33
CA LEU HC 10 19.13 62.15 -56.01
C LEU HC 10 20.47 62.13 -55.27
N ASN HC 11 21.40 63.00 -55.67
CA ASN HC 11 22.72 62.97 -55.06
C ASN HC 11 22.67 63.49 -53.62
N VAL HC 12 21.88 64.54 -53.34
CA VAL HC 12 21.78 65.02 -51.97
C VAL HC 12 21.02 64.01 -51.10
N GLU HC 13 20.00 63.33 -51.65
CA GLU HC 13 19.26 62.30 -50.91
C GLU HC 13 20.20 61.13 -50.64
N LYS HC 14 21.03 60.76 -51.64
CA LYS HC 14 21.89 59.61 -51.52
C LYS HC 14 22.96 59.89 -50.45
N ARG HC 15 23.55 61.09 -50.51
CA ARG HC 15 24.57 61.49 -49.53
C ARG HC 15 23.95 61.47 -48.15
N ARG HC 16 22.76 62.06 -48.00
CA ARG HC 16 22.11 62.17 -46.71
C ARG HC 16 21.83 60.80 -46.07
N LEU HC 17 21.16 59.87 -46.80
CA LEU HC 17 20.86 58.52 -46.29
C LEU HC 17 22.16 57.82 -45.89
N ASN HC 18 23.14 57.92 -46.80
CA ASN HC 18 24.33 57.09 -46.64
C ASN HC 18 25.19 57.55 -45.47
N GLU HC 19 25.26 58.86 -45.27
CA GLU HC 19 26.01 59.35 -44.11
C GLU HC 19 25.21 59.21 -42.83
N GLU HC 20 23.87 59.13 -42.88
CA GLU HC 20 23.10 58.73 -41.70
C GLU HC 20 23.54 57.33 -41.24
N ARG HC 21 23.58 56.41 -42.20
CA ARG HC 21 23.98 55.05 -41.86
C ARG HC 21 25.42 55.01 -41.34
N ALA HC 22 26.29 55.78 -42.01
CA ALA HC 22 27.71 55.86 -41.65
C ALA HC 22 27.89 56.42 -40.24
N LEU HC 23 27.16 57.49 -39.91
CA LEU HC 23 27.32 58.13 -38.61
C LEU HC 23 26.78 57.26 -37.50
N MET HC 24 25.65 56.56 -37.72
CA MET HC 24 25.15 55.65 -36.72
C MET HC 24 26.17 54.53 -36.43
N GLN HC 25 26.78 53.99 -37.51
CA GLN HC 25 27.78 52.94 -37.38
C GLN HC 25 29.03 53.44 -36.60
N ALA HC 26 29.45 54.67 -36.93
CA ALA HC 26 30.62 55.28 -36.31
C ALA HC 26 30.37 55.59 -34.84
N GLN HC 27 29.16 56.00 -34.49
CA GLN HC 27 28.84 56.32 -33.11
C GLN HC 27 28.75 55.03 -32.29
N LYS HC 28 28.21 53.96 -32.90
CA LYS HC 28 28.09 52.69 -32.19
C LYS HC 28 29.47 52.08 -31.96
N ALA HC 29 30.42 52.34 -32.87
CA ALA HC 29 31.80 51.92 -32.70
C ALA HC 29 32.48 52.70 -31.53
N ASN HC 35 38.29 55.12 -36.98
CA ASN HC 35 39.22 54.89 -38.12
C ASN HC 35 38.51 54.16 -39.26
N ILE HC 36 37.32 54.67 -39.60
CA ILE HC 36 36.56 54.35 -40.80
C ILE HC 36 36.26 55.67 -41.51
N GLN HC 37 35.85 55.60 -42.78
CA GLN HC 37 35.93 56.77 -43.65
C GLN HC 37 34.67 57.62 -43.56
N LEU HC 38 34.80 58.84 -43.01
CA LEU HC 38 33.80 59.89 -43.14
C LEU HC 38 34.41 61.08 -43.86
N PRO HC 39 33.75 61.70 -44.87
CA PRO HC 39 32.40 61.37 -45.35
C PRO HC 39 32.39 60.09 -46.19
N PRO HC 40 31.25 59.39 -46.35
CA PRO HC 40 31.29 58.05 -46.94
C PRO HC 40 31.64 58.11 -48.42
N ASN HC 41 32.33 57.07 -48.90
CA ASN HC 41 32.82 57.04 -50.26
C ASN HC 41 31.66 56.84 -51.23
N TYR HC 42 31.73 57.48 -52.41
CA TYR HC 42 30.69 57.41 -53.42
C TYR HC 42 30.49 55.99 -53.92
N GLY HC 43 31.55 55.19 -53.95
CA GLY HC 43 31.42 53.80 -54.34
C GLY HC 43 30.60 52.99 -53.33
N ASP HC 44 30.75 53.33 -52.05
CA ASP HC 44 30.05 52.59 -51.00
C ASP HC 44 28.62 53.09 -50.82
N MET HC 45 28.36 54.32 -51.30
CA MET HC 45 27.04 54.91 -51.19
C MET HC 45 26.08 54.09 -52.04
N ASP HC 46 24.96 53.68 -51.42
CA ASP HC 46 23.96 52.87 -52.09
C ASP HC 46 22.65 53.66 -52.10
N LEU HC 47 22.06 53.70 -53.29
CA LEU HC 47 20.85 54.45 -53.52
C LEU HC 47 19.79 53.56 -54.13
N ILE HC 48 18.67 53.58 -53.42
CA ILE HC 48 17.47 52.98 -53.96
C ILE HC 48 16.82 54.02 -54.86
N LEU HC 49 16.58 53.67 -56.13
CA LEU HC 49 16.45 54.71 -57.14
C LEU HC 49 14.98 54.79 -57.52
N PHE HC 50 14.43 53.62 -57.85
CA PHE HC 50 13.02 53.48 -58.12
C PHE HC 50 12.41 52.83 -56.89
N PRO HC 51 11.59 53.55 -56.07
CA PRO HC 51 10.83 52.96 -54.96
C PRO HC 51 9.91 51.83 -55.42
N GLU HC 52 9.26 51.13 -54.49
CA GLU HC 52 8.43 50.00 -54.87
C GLU HC 52 7.17 50.46 -55.62
N GLY HC 53 6.69 51.65 -55.25
CA GLY HC 53 5.50 52.29 -55.83
C GLY HC 53 5.77 53.18 -57.05
N SER HC 54 7.01 53.17 -57.56
CA SER HC 54 7.44 54.05 -58.63
C SER HC 54 7.01 53.54 -60.01
N LEU HC 55 7.48 52.34 -60.38
CA LEU HC 55 7.29 51.84 -61.74
C LEU HC 55 5.95 51.13 -61.89
N LYS HC 56 5.39 51.24 -63.10
CA LYS HC 56 4.13 50.59 -63.47
C LYS HC 56 4.06 50.47 -64.99
N ASN HC 57 3.64 49.30 -65.46
CA ASN HC 57 3.49 49.06 -66.89
C ASN HC 57 2.05 49.32 -67.30
N SER HC 58 1.65 48.77 -68.45
CA SER HC 58 0.26 48.74 -68.91
C SER HC 58 -0.60 47.93 -67.94
N ASN HC 59 -1.90 48.25 -67.90
CA ASN HC 59 -2.82 47.76 -66.90
C ASN HC 59 -2.39 48.17 -65.49
N ASN HC 60 -1.60 49.25 -65.34
CA ASN HC 60 -1.28 49.92 -64.08
C ASN HC 60 -0.64 49.01 -63.02
N THR HC 61 -0.17 47.83 -63.45
CA THR HC 61 0.36 46.84 -62.53
C THR HC 61 1.74 47.29 -62.04
N VAL HC 62 1.80 47.66 -60.77
CA VAL HC 62 3.04 48.14 -60.17
C VAL HC 62 4.03 46.99 -60.02
N ILE HC 63 5.28 47.23 -60.43
CA ILE HC 63 6.33 46.21 -60.47
C ILE HC 63 7.51 46.70 -59.65
N PRO HC 64 8.11 45.88 -58.77
CA PRO HC 64 9.26 46.32 -57.97
C PRO HC 64 10.56 46.51 -58.73
N GLN HC 65 11.45 47.22 -58.06
CA GLN HC 65 12.76 47.62 -58.57
C GLN HC 65 13.62 46.40 -58.90
N SER HC 66 13.40 45.27 -58.21
CA SER HC 66 14.23 44.09 -58.39
C SER HC 66 13.99 43.41 -59.74
N HIS HC 67 12.86 43.74 -60.42
CA HIS HC 67 12.50 43.17 -61.71
C HIS HC 67 13.51 43.55 -62.79
N LEU HC 68 14.18 44.70 -62.60
CA LEU HC 68 14.98 45.28 -63.67
C LEU HC 68 16.38 44.65 -63.74
N LYS HC 69 16.70 43.81 -62.73
CA LYS HC 69 18.04 43.29 -62.56
C LYS HC 69 18.37 42.30 -63.68
N GLY HC 70 19.61 42.39 -64.18
CA GLY HC 70 20.13 41.54 -65.24
C GLY HC 70 19.66 42.01 -66.61
N LYS HC 71 19.38 43.31 -66.78
CA LYS HC 71 18.98 43.85 -68.07
C LYS HC 71 19.80 45.10 -68.37
N SER HC 72 19.61 45.66 -69.56
CA SER HC 72 20.10 46.98 -69.89
C SER HC 72 18.89 47.92 -69.93
N VAL HC 73 18.93 48.90 -69.04
CA VAL HC 73 17.76 49.72 -68.79
C VAL HC 73 18.09 51.12 -69.30
N ALA HC 74 17.12 51.72 -69.99
CA ALA HC 74 17.31 53.06 -70.52
C ALA HC 74 16.07 53.90 -70.20
N LEU HC 75 16.35 55.05 -69.61
CA LEU HC 75 15.28 56.03 -69.43
C LEU HC 75 15.08 56.73 -70.74
N TYR HC 76 13.81 57.04 -71.01
CA TYR HC 76 13.44 57.64 -72.27
C TYR HC 76 12.57 58.85 -71.96
N PHE HC 77 13.16 60.02 -72.16
CA PHE HC 77 12.46 61.27 -71.89
C PHE HC 77 11.79 61.67 -73.17
N ALA HC 78 10.46 61.85 -73.07
CA ALA HC 78 9.70 62.15 -74.26
C ALA HC 78 8.64 63.20 -73.98
N ASP HC 79 8.26 63.87 -75.08
CA ASP HC 79 7.11 64.73 -75.14
C ASP HC 79 6.05 64.06 -76.00
N GLY HC 80 4.78 64.42 -75.78
CA GLY HC 80 3.64 63.95 -76.57
C GLY HC 80 3.47 64.78 -77.83
N ALA HC 81 3.99 66.01 -77.82
CA ALA HC 81 3.67 67.01 -78.82
C ALA HC 81 4.82 67.31 -79.79
N ASP HC 82 6.07 67.10 -79.36
CA ASP HC 82 7.23 67.47 -80.17
C ASP HC 82 7.36 66.52 -81.37
N PRO HC 83 7.45 67.04 -82.62
CA PRO HC 83 7.55 66.19 -83.81
C PRO HC 83 8.79 65.30 -83.88
N LYS HC 84 9.90 65.70 -83.25
CA LYS HC 84 11.06 64.82 -83.15
C LYS HC 84 10.76 63.58 -82.33
N CYS HC 85 10.06 63.75 -81.21
CA CYS HC 85 9.57 62.62 -80.42
C CYS HC 85 8.61 61.78 -81.30
N ALA HC 86 7.69 62.44 -82.03
CA ALA HC 86 6.68 61.74 -82.84
C ALA HC 86 7.35 60.88 -83.90
N SER HC 87 8.50 61.36 -84.40
CA SER HC 87 9.29 60.60 -85.35
C SER HC 87 10.00 59.44 -84.64
N LEU HC 88 10.45 59.66 -83.40
CA LEU HC 88 11.31 58.69 -82.74
C LEU HC 88 10.55 57.47 -82.24
N LEU HC 89 9.24 57.59 -81.94
CA LEU HC 89 8.47 56.50 -81.34
C LEU HC 89 8.52 55.19 -82.16
N PRO HC 90 8.19 55.15 -83.48
CA PRO HC 90 8.13 53.85 -84.17
C PRO HC 90 9.48 53.18 -84.34
N PHE HC 91 10.56 53.95 -84.45
CA PHE HC 91 11.89 53.36 -84.54
C PHE HC 91 12.29 52.70 -83.23
N LEU HC 92 11.98 53.35 -82.10
CA LEU HC 92 12.35 52.82 -80.79
C LEU HC 92 11.51 51.57 -80.54
N LEU HC 93 10.24 51.63 -80.97
CA LEU HC 93 9.36 50.50 -80.75
C LEU HC 93 9.82 49.31 -81.59
N ASN HC 94 10.27 49.57 -82.83
CA ASN HC 94 10.73 48.52 -83.74
C ASN HC 94 11.97 47.88 -83.12
N TYR HC 95 12.91 48.71 -82.69
CA TYR HC 95 14.18 48.22 -82.15
C TYR HC 95 13.91 47.40 -80.89
N TYR HC 96 13.04 47.91 -80.01
CA TYR HC 96 12.71 47.25 -78.75
C TYR HC 96 12.08 45.88 -78.99
N ARG HC 97 11.10 45.85 -79.90
CA ARG HC 97 10.34 44.63 -80.17
C ARG HC 97 11.27 43.55 -80.74
N THR HC 98 12.04 43.90 -81.78
CA THR HC 98 12.79 42.86 -82.47
C THR HC 98 14.12 42.63 -81.77
N MET HC 99 14.38 43.41 -80.73
CA MET HC 99 15.60 43.17 -79.97
C MET HC 99 15.33 42.33 -78.73
N ASN HC 100 14.08 42.37 -78.23
CA ASN HC 100 13.72 41.47 -77.15
C ASN HC 100 12.90 40.26 -77.59
N GLU HC 101 12.55 40.13 -78.88
CA GLU HC 101 11.99 38.86 -79.35
C GLU HC 101 13.09 37.90 -79.79
N GLY HC 102 14.30 38.44 -79.97
CA GLY HC 102 15.38 37.64 -80.52
C GLY HC 102 16.18 37.04 -79.39
N GLY HC 103 15.73 35.91 -78.85
CA GLY HC 103 16.57 35.15 -77.94
C GLY HC 103 15.92 34.77 -76.62
N ALA HC 104 16.75 34.23 -75.72
CA ALA HC 104 16.33 33.42 -74.60
C ALA HC 104 15.70 34.27 -73.49
N ASN HC 105 16.24 35.47 -73.28
CA ASN HC 105 15.81 36.34 -72.18
C ASN HC 105 15.60 37.73 -72.77
N GLN HC 106 14.92 38.64 -72.06
CA GLN HC 106 14.87 40.01 -72.55
C GLN HC 106 16.20 40.65 -72.24
N LYS HC 107 16.59 41.58 -73.12
CA LYS HC 107 17.93 42.15 -73.02
C LYS HC 107 17.84 43.59 -72.58
N ILE HC 108 16.86 44.32 -73.13
CA ILE HC 108 16.77 45.75 -72.89
C ILE HC 108 15.39 46.06 -72.31
N GLU HC 109 15.30 47.18 -71.59
CA GLU HC 109 14.07 47.66 -70.97
C GLU HC 109 14.02 49.19 -71.01
N ILE HC 110 12.82 49.77 -71.20
CA ILE HC 110 12.63 51.20 -71.34
C ILE HC 110 11.70 51.74 -70.26
N ILE HC 111 12.19 52.73 -69.51
CA ILE HC 111 11.39 53.43 -68.52
C ILE HC 111 11.01 54.79 -69.09
N PHE HC 112 9.70 55.04 -69.19
CA PHE HC 112 9.23 56.28 -69.77
C PHE HC 112 9.15 57.37 -68.72
N VAL HC 113 9.79 58.50 -69.05
CA VAL HC 113 9.70 59.71 -68.25
C VAL HC 113 9.17 60.81 -69.15
N SER HC 114 8.18 61.51 -68.62
CA SER HC 114 7.37 62.42 -69.40
C SER HC 114 7.80 63.87 -69.18
N LEU HC 115 7.74 64.65 -70.26
CA LEU HC 115 7.88 66.09 -70.21
C LEU HC 115 6.60 66.74 -70.76
N ASP HC 116 5.47 66.07 -70.57
CA ASP HC 116 4.21 66.49 -71.16
C ASP HC 116 3.61 67.67 -70.42
N ARG HC 117 2.33 67.94 -70.72
CA ARG HC 117 1.71 69.15 -70.19
C ARG HC 117 0.67 68.82 -69.14
N ASP HC 118 -0.22 67.90 -69.49
CA ASP HC 118 -1.33 67.53 -68.63
C ASP HC 118 -1.59 66.02 -68.64
N ARG HC 119 -2.56 65.61 -67.82
CA ARG HC 119 -2.90 64.21 -67.58
C ARG HC 119 -3.43 63.55 -68.85
N GLU HC 120 -4.21 64.32 -69.62
CA GLU HC 120 -4.87 63.79 -70.79
C GLU HC 120 -3.83 63.43 -71.86
N ALA HC 121 -2.88 64.33 -72.12
CA ALA HC 121 -1.78 64.07 -73.05
C ALA HC 121 -0.90 62.93 -72.53
N PHE HC 122 -0.68 62.88 -71.21
CA PHE HC 122 0.13 61.84 -70.58
C PHE HC 122 -0.47 60.47 -70.90
N GLU HC 123 -1.75 60.30 -70.61
CA GLU HC 123 -2.39 59.00 -70.75
C GLU HC 123 -2.57 58.65 -72.23
N SER HC 124 -2.85 59.67 -73.06
CA SER HC 124 -3.03 59.48 -74.50
C SER HC 124 -1.74 58.98 -75.14
N HIS HC 125 -0.59 59.50 -74.69
CA HIS HC 125 0.68 59.07 -75.22
C HIS HC 125 1.12 57.75 -74.60
N ARG HC 126 0.74 57.52 -73.33
CA ARG HC 126 1.04 56.27 -72.64
C ARG HC 126 0.33 55.07 -73.28
N ALA HC 127 -0.88 55.30 -73.79
CA ALA HC 127 -1.68 54.21 -74.34
C ALA HC 127 -1.01 53.50 -75.53
N HIS HC 128 -0.08 54.19 -76.21
CA HIS HC 128 0.63 53.60 -77.34
C HIS HC 128 1.74 52.64 -76.87
N MET HC 129 2.43 52.95 -75.76
CA MET HC 129 3.75 52.41 -75.45
C MET HC 129 3.65 51.21 -74.50
N PRO HC 130 4.19 50.06 -74.91
CA PRO HC 130 4.26 48.87 -74.05
C PRO HC 130 5.22 48.74 -72.86
N TRP HC 131 6.21 49.62 -72.75
CA TRP HC 131 7.24 49.43 -71.74
C TRP HC 131 6.84 50.17 -70.45
N LEU HC 132 7.76 50.26 -69.47
CA LEU HC 132 7.39 50.74 -68.14
C LEU HC 132 7.37 52.28 -68.10
N SER HC 133 6.80 52.85 -67.03
CA SER HC 133 6.69 54.30 -66.94
C SER HC 133 6.67 54.80 -65.50
N ILE HC 134 6.85 56.12 -65.36
CA ILE HC 134 6.75 56.83 -64.10
C ILE HC 134 5.73 57.95 -64.25
N ASP HC 135 4.83 58.09 -63.27
CA ASP HC 135 3.73 59.03 -63.34
C ASP HC 135 4.21 60.49 -63.26
N LEU HC 136 3.58 61.34 -64.08
CA LEU HC 136 4.02 62.72 -64.27
C LEU HC 136 3.83 63.53 -63.00
N GLU HC 137 2.77 63.29 -62.23
CA GLU HC 137 2.47 64.14 -61.09
C GLU HC 137 3.46 63.88 -59.96
N ASN HC 138 4.07 62.69 -59.97
CA ASN HC 138 5.00 62.32 -58.92
C ASN HC 138 6.26 63.16 -59.12
N PRO HC 139 6.80 63.85 -58.09
CA PRO HC 139 7.98 64.67 -58.31
C PRO HC 139 9.25 63.88 -58.58
N LEU HC 140 9.20 62.55 -58.58
CA LEU HC 140 10.36 61.74 -58.98
C LEU HC 140 10.76 61.99 -60.45
N THR HC 141 9.79 62.36 -61.30
CA THR HC 141 10.10 62.77 -62.66
C THR HC 141 10.94 64.04 -62.66
N GLU HC 142 10.54 65.02 -61.83
CA GLU HC 142 11.29 66.25 -61.73
C GLU HC 142 12.71 65.99 -61.20
N ILE HC 143 12.85 65.08 -60.24
CA ILE HC 143 14.13 64.73 -59.68
C ILE HC 143 15.02 64.07 -60.76
N LEU HC 144 14.45 63.16 -61.55
CA LEU HC 144 15.23 62.50 -62.60
C LEU HC 144 15.63 63.50 -63.70
N LYS HC 145 14.74 64.43 -64.06
CA LYS HC 145 15.01 65.47 -65.05
C LYS HC 145 16.21 66.29 -64.63
N ARG HC 146 16.22 66.75 -63.38
CA ARG HC 146 17.30 67.59 -62.89
C ARG HC 146 18.58 66.74 -62.78
N HIS HC 147 18.43 65.45 -62.49
CA HIS HC 147 19.57 64.55 -62.29
C HIS HC 147 20.31 64.36 -63.62
N PHE HC 148 19.58 64.00 -64.67
CA PHE HC 148 20.21 63.72 -65.95
C PHE HC 148 20.41 64.97 -66.78
N ARG HC 149 19.92 66.11 -66.26
CA ARG HC 149 20.01 67.42 -66.91
C ARG HC 149 19.33 67.47 -68.28
N VAL HC 150 18.31 66.64 -68.48
CA VAL HC 150 17.48 66.81 -69.66
C VAL HC 150 16.40 67.84 -69.33
N MET HC 151 16.28 68.85 -70.17
CA MET HC 151 15.21 69.83 -70.01
C MET HC 151 14.92 70.47 -71.35
N LYS HC 152 13.65 70.75 -71.60
CA LYS HC 152 13.23 71.28 -72.89
C LYS HC 152 13.68 72.73 -73.05
N GLU HC 153 13.10 73.60 -72.22
CA GLU HC 153 13.44 75.00 -72.24
C GLU HC 153 13.77 75.46 -70.83
N TYR HC 154 14.75 76.36 -70.75
CA TYR HC 154 15.40 76.71 -69.50
C TYR HC 154 14.45 77.51 -68.62
N GLU HC 155 13.87 76.82 -67.63
CA GLU HC 155 13.03 77.49 -66.64
C GLU HC 155 13.59 77.42 -65.22
N VAL HC 156 14.03 76.22 -64.82
CA VAL HC 156 14.59 76.05 -63.48
C VAL HC 156 15.96 76.70 -63.46
N PRO HC 157 16.28 77.57 -62.47
CA PRO HC 157 17.68 77.91 -62.17
C PRO HC 157 18.45 76.65 -61.77
N THR HC 158 19.34 76.18 -62.65
CA THR HC 158 20.13 74.97 -62.40
C THR HC 158 21.53 75.37 -62.00
N TYR HC 159 22.18 74.46 -61.27
CA TYR HC 159 23.52 74.65 -60.79
C TYR HC 159 24.55 74.59 -61.91
N GLY HC 160 24.78 75.74 -62.57
CA GLY HC 160 26.02 76.03 -63.29
C GLY HC 160 26.16 75.24 -64.59
N TYR HC 161 25.94 73.93 -64.47
CA TYR HC 161 25.90 72.98 -65.56
C TYR HC 161 24.86 73.45 -66.58
N GLY HC 162 25.22 73.29 -67.86
CA GLY HC 162 24.32 73.59 -68.96
C GLY HC 162 23.43 72.37 -69.18
N SER HC 163 22.47 72.54 -70.10
CA SER HC 163 21.57 71.46 -70.42
C SER HC 163 22.33 70.37 -71.19
N ARG HC 164 22.18 69.13 -70.73
CA ARG HC 164 22.85 68.00 -71.35
C ARG HC 164 22.31 67.77 -72.76
N THR HC 165 20.99 67.80 -72.89
CA THR HC 165 20.35 67.42 -74.14
C THR HC 165 18.95 68.02 -74.18
N GLY HC 166 18.27 67.75 -75.30
CA GLY HC 166 16.88 68.12 -75.53
C GLY HC 166 16.03 66.87 -75.70
N VAL HC 167 14.75 67.01 -75.36
CA VAL HC 167 13.76 65.99 -75.58
C VAL HC 167 13.61 65.80 -77.09
N PRO HC 168 13.49 64.58 -77.66
CA PRO HC 168 13.51 63.29 -76.96
C PRO HC 168 14.93 62.79 -76.72
N SER HC 169 15.08 61.93 -75.71
CA SER HC 169 16.39 61.38 -75.44
C SER HC 169 16.28 60.02 -74.77
N VAL HC 170 17.30 59.19 -75.01
CA VAL HC 170 17.46 57.88 -74.39
C VAL HC 170 18.81 57.89 -73.68
N ILE HC 171 18.75 57.62 -72.37
CA ILE HC 171 19.97 57.53 -71.58
C ILE HC 171 20.00 56.15 -70.92
N VAL HC 172 21.08 55.42 -71.17
CA VAL HC 172 21.22 54.08 -70.64
C VAL HC 172 21.96 54.16 -69.31
N ILE HC 173 21.28 53.71 -68.25
CA ILE HC 173 21.68 54.01 -66.89
C ILE HC 173 22.22 52.76 -66.20
N GLY HC 174 23.11 52.99 -65.22
CA GLY HC 174 23.58 51.95 -64.31
C GLY HC 174 22.81 51.98 -62.99
N SER HC 175 23.37 51.33 -61.96
CA SER HC 175 22.70 51.18 -60.68
C SER HC 175 22.68 52.44 -59.83
N ASP HC 176 23.79 53.19 -59.85
CA ASP HC 176 23.96 54.35 -58.99
C ASP HC 176 23.62 55.65 -59.72
N GLY HC 177 22.71 55.56 -60.68
CA GLY HC 177 22.21 56.69 -61.45
C GLY HC 177 23.26 57.28 -62.40
N ARG HC 178 24.36 56.55 -62.63
CA ARG HC 178 25.40 57.01 -63.53
C ARG HC 178 25.02 56.68 -64.97
N GLU HC 179 25.21 57.67 -65.85
CA GLU HC 179 24.97 57.50 -67.28
C GLU HC 179 26.02 56.53 -67.83
N ALA HC 180 25.56 55.30 -68.10
CA ALA HC 180 26.46 54.30 -68.63
C ALA HC 180 26.78 54.62 -70.09
N GLN HC 181 25.78 55.03 -70.88
CA GLN HC 181 26.00 55.39 -72.28
C GLN HC 181 24.96 56.41 -72.68
N PHE HC 182 25.41 57.34 -73.53
CA PHE HC 182 24.55 58.39 -74.01
C PHE HC 182 24.29 58.20 -75.49
N LEU HC 183 23.01 57.94 -75.83
CA LEU HC 183 22.68 57.77 -77.22
C LEU HC 183 22.52 59.13 -77.87
N PRO HC 184 23.22 59.39 -79.00
CA PRO HC 184 23.06 60.66 -79.73
C PRO HC 184 21.88 60.76 -80.71
N ILE HC 185 20.69 61.12 -80.19
CA ILE HC 185 19.58 61.44 -81.08
C ILE HC 185 19.63 62.91 -81.49
N CYS HC 186 19.55 63.79 -80.49
CA CYS HC 186 19.75 65.22 -80.68
C CYS HC 186 20.82 65.64 -79.67
N SER HC 187 22.09 65.44 -80.05
CA SER HC 187 23.21 65.46 -79.13
C SER HC 187 24.48 65.84 -79.89
N GLY HC 188 25.65 65.56 -79.29
CA GLY HC 188 26.96 65.92 -79.81
C GLY HC 188 27.23 65.41 -81.23
N LEU HC 189 26.61 64.29 -81.59
CA LEU HC 189 26.86 63.63 -82.86
C LEU HC 189 25.72 63.87 -83.86
N GLU HC 190 24.48 64.07 -83.38
CA GLU HC 190 23.31 64.37 -84.19
C GLU HC 190 22.96 63.29 -85.23
N GLU HC 191 23.38 62.04 -85.02
CA GLU HC 191 22.99 60.97 -85.93
C GLU HC 191 21.63 60.45 -85.47
N GLY HC 192 20.63 61.31 -85.61
CA GLY HC 192 19.32 61.02 -85.06
C GLY HC 192 18.64 59.87 -85.83
N ASP HC 193 17.74 59.17 -85.13
CA ASP HC 193 16.89 58.11 -85.67
C ASP HC 193 17.65 56.83 -85.96
N ARG HC 194 18.99 56.86 -85.80
CA ARG HC 194 19.82 55.70 -86.07
C ARG HC 194 20.57 55.27 -84.81
N ALA HC 195 20.72 56.18 -83.84
CA ALA HC 195 21.63 56.02 -82.70
C ALA HC 195 21.19 54.94 -81.72
N LEU HC 196 20.05 54.29 -81.97
CA LEU HC 196 19.64 53.09 -81.26
C LEU HC 196 20.64 51.97 -81.53
N LEU HC 197 21.29 52.00 -82.69
CA LEU HC 197 22.21 50.94 -83.05
C LEU HC 197 23.54 51.07 -82.30
N ARG HC 198 23.84 52.26 -81.74
CA ARG HC 198 25.09 52.47 -81.01
C ARG HC 198 25.01 51.96 -79.57
N TRP HC 199 23.81 51.50 -79.17
CA TRP HC 199 23.54 50.99 -77.85
C TRP HC 199 24.22 49.63 -77.73
N ASP HC 200 25.09 49.51 -76.73
CA ASP HC 200 25.60 48.22 -76.34
C ASP HC 200 24.91 47.83 -75.04
N TRP HC 201 24.55 46.55 -74.95
CA TRP HC 201 23.82 46.04 -73.81
C TRP HC 201 24.68 45.09 -72.97
N ARG HC 202 25.84 44.71 -73.51
CA ARG HC 202 26.91 43.99 -72.82
C ARG HC 202 27.34 44.73 -71.54
N ASN HC 203 27.88 45.94 -71.71
CA ASN HC 203 28.60 46.57 -70.61
C ASN HC 203 27.66 47.28 -69.66
N THR HC 204 26.45 47.60 -70.14
CA THR HC 204 25.55 48.51 -69.46
C THR HC 204 24.42 47.69 -68.85
N LYS HC 205 24.80 46.66 -68.11
CA LYS HC 205 23.84 45.90 -67.34
C LYS HC 205 23.37 46.70 -66.14
N PHE HC 206 22.28 46.19 -65.58
CA PHE HC 206 21.70 46.74 -64.37
C PHE HC 206 21.95 45.73 -63.26
N ALA HC 207 23.09 45.88 -62.59
CA ALA HC 207 23.41 45.01 -61.46
C ALA HC 207 23.24 45.73 -60.11
N SER IC 2 48.42 -33.87 -61.62
CA SER IC 2 48.64 -33.28 -62.98
C SER IC 2 48.50 -34.34 -64.07
N GLN IC 3 47.24 -34.74 -64.23
CA GLN IC 3 46.75 -35.54 -65.35
C GLN IC 3 45.23 -35.46 -65.29
N PRO IC 4 44.51 -35.14 -66.38
CA PRO IC 4 45.08 -34.86 -67.70
C PRO IC 4 45.46 -33.38 -67.86
N VAL IC 5 45.13 -32.57 -66.87
CA VAL IC 5 45.45 -31.16 -66.85
C VAL IC 5 46.05 -30.86 -65.48
N PHE IC 6 46.76 -29.73 -65.40
CA PHE IC 6 47.33 -29.27 -64.15
C PHE IC 6 46.29 -28.52 -63.33
N ALA IC 7 45.55 -27.65 -64.02
CA ALA IC 7 44.67 -26.65 -63.44
C ALA IC 7 43.26 -27.20 -63.30
N SER IC 8 43.10 -28.11 -62.36
CA SER IC 8 41.78 -28.61 -62.04
C SER IC 8 41.63 -28.68 -60.52
N PRO IC 9 40.42 -28.42 -60.02
CA PRO IC 9 40.16 -28.41 -58.57
C PRO IC 9 40.48 -29.72 -57.81
N LEU IC 10 40.22 -30.87 -58.44
CA LEU IC 10 40.57 -32.17 -57.90
C LEU IC 10 42.08 -32.26 -57.74
N ASN IC 11 42.81 -31.78 -58.76
CA ASN IC 11 44.26 -31.92 -58.73
C ASN IC 11 44.88 -30.96 -57.72
N VAL IC 12 44.28 -29.78 -57.52
CA VAL IC 12 44.85 -28.86 -56.54
C VAL IC 12 44.65 -29.42 -55.12
N GLU IC 13 43.46 -29.97 -54.88
CA GLU IC 13 43.22 -30.61 -53.60
C GLU IC 13 44.11 -31.84 -53.40
N LYS IC 14 44.31 -32.61 -54.47
CA LYS IC 14 45.15 -33.80 -54.44
C LYS IC 14 46.60 -33.44 -54.06
N ARG IC 15 47.11 -32.39 -54.71
CA ARG IC 15 48.49 -31.98 -54.48
C ARG IC 15 48.64 -31.53 -53.03
N ARG IC 16 47.71 -30.67 -52.59
CA ARG IC 16 47.71 -30.13 -51.24
C ARG IC 16 47.74 -31.26 -50.22
N LEU IC 17 46.80 -32.22 -50.32
CA LEU IC 17 46.63 -33.32 -49.37
C LEU IC 17 47.89 -34.17 -49.32
N ASN IC 18 48.42 -34.56 -50.50
CA ASN IC 18 49.45 -35.58 -50.53
C ASN IC 18 50.74 -35.04 -49.93
N GLU IC 19 51.08 -33.83 -50.36
CA GLU IC 19 52.33 -33.35 -49.82
C GLU IC 19 52.17 -32.74 -48.43
N GLU IC 20 50.94 -32.42 -48.02
CA GLU IC 20 50.67 -32.07 -46.63
C GLU IC 20 51.07 -33.24 -45.75
N ARG IC 21 50.61 -34.44 -46.14
CA ARG IC 21 50.96 -35.65 -45.43
C ARG IC 21 52.46 -35.94 -45.50
N ALA IC 22 53.08 -35.67 -46.67
CA ALA IC 22 54.50 -35.94 -46.85
C ALA IC 22 55.35 -35.06 -45.91
N LEU IC 23 55.03 -33.76 -45.80
CA LEU IC 23 55.74 -32.87 -44.88
C LEU IC 23 55.45 -33.20 -43.43
N MET IC 24 54.23 -33.62 -43.10
CA MET IC 24 53.94 -33.94 -41.72
C MET IC 24 54.76 -35.15 -41.27
N GLN IC 25 54.84 -36.21 -42.09
CA GLN IC 25 55.61 -37.37 -41.66
C GLN IC 25 57.12 -37.10 -41.75
N ALA IC 26 57.54 -36.21 -42.67
CA ALA IC 26 58.94 -35.77 -42.71
C ALA IC 26 59.37 -35.02 -41.43
N GLN IC 27 58.51 -34.10 -40.94
CA GLN IC 27 58.74 -33.36 -39.70
C GLN IC 27 58.75 -34.35 -38.53
N LYS IC 28 57.82 -35.32 -38.59
CA LYS IC 28 57.66 -36.24 -37.48
C LYS IC 28 58.86 -37.17 -37.32
N ALA IC 29 59.41 -37.59 -38.46
CA ALA IC 29 60.64 -38.38 -38.44
C ALA IC 29 61.84 -37.54 -37.96
N ASN IC 35 65.19 -39.21 -46.88
CA ASN IC 35 65.16 -40.18 -48.00
C ASN IC 35 63.84 -40.06 -48.77
N ILE IC 36 62.92 -39.25 -48.23
CA ILE IC 36 61.59 -39.12 -48.81
C ILE IC 36 61.56 -37.91 -49.73
N GLN IC 37 61.08 -38.16 -50.96
CA GLN IC 37 61.21 -37.19 -52.03
C GLN IC 37 60.07 -36.19 -51.87
N LEU IC 38 60.41 -34.91 -51.69
CA LEU IC 38 59.40 -33.84 -51.68
C LEU IC 38 59.60 -32.92 -52.89
N PRO IC 39 58.52 -32.50 -53.60
CA PRO IC 39 57.14 -32.96 -53.37
C PRO IC 39 56.90 -34.31 -54.04
N PRO IC 40 55.96 -35.15 -53.56
CA PRO IC 40 55.78 -36.47 -54.14
C PRO IC 40 55.32 -36.37 -55.58
N ASN IC 41 55.78 -37.35 -56.37
CA ASN IC 41 55.52 -37.43 -57.79
C ASN IC 41 54.04 -37.68 -58.03
N TYR IC 42 53.54 -37.20 -59.17
CA TYR IC 42 52.14 -37.38 -59.55
C TYR IC 42 51.78 -38.86 -59.63
N GLY IC 43 52.73 -39.71 -60.05
CA GLY IC 43 52.49 -41.15 -60.08
C GLY IC 43 52.28 -41.69 -58.66
N ASP IC 44 53.13 -41.20 -57.74
CA ASP IC 44 53.12 -41.68 -56.37
C ASP IC 44 51.94 -41.16 -55.54
N MET IC 45 51.32 -40.05 -55.99
CA MET IC 45 50.23 -39.45 -55.22
C MET IC 45 48.99 -40.32 -55.32
N ASP IC 46 48.17 -40.29 -54.25
CA ASP IC 46 46.92 -41.03 -54.22
C ASP IC 46 45.83 -40.15 -53.63
N LEU IC 47 44.62 -40.26 -54.21
CA LEU IC 47 43.52 -39.44 -53.77
C LEU IC 47 42.27 -40.30 -53.66
N ILE IC 48 41.31 -39.77 -52.92
CA ILE IC 48 39.98 -40.31 -52.93
C ILE IC 48 39.13 -39.49 -53.91
N LEU IC 49 38.68 -40.13 -55.02
CA LEU IC 49 38.22 -39.34 -56.16
C LEU IC 49 36.76 -38.99 -55.93
N PHE IC 50 35.92 -40.03 -55.81
CA PHE IC 50 34.54 -39.88 -55.37
C PHE IC 50 34.52 -40.15 -53.86
N PRO IC 51 34.20 -39.13 -53.03
CA PRO IC 51 34.10 -39.31 -51.57
C PRO IC 51 33.05 -40.35 -51.16
N GLU IC 52 32.83 -40.49 -49.86
CA GLU IC 52 32.13 -41.65 -49.34
C GLU IC 52 30.67 -41.69 -49.82
N GLY IC 53 30.07 -40.51 -49.95
CA GLY IC 53 28.65 -40.40 -50.23
C GLY IC 53 28.29 -39.88 -51.63
N SER IC 54 29.17 -40.02 -52.62
CA SER IC 54 28.93 -39.37 -53.90
C SER IC 54 28.03 -40.23 -54.81
N LEU IC 55 28.53 -41.42 -55.19
CA LEU IC 55 27.85 -42.29 -56.13
C LEU IC 55 26.59 -42.89 -55.51
N LYS IC 56 25.55 -42.96 -56.34
CA LYS IC 56 24.33 -43.66 -55.99
C LYS IC 56 23.78 -44.31 -57.26
N ASN IC 57 23.27 -45.53 -57.14
CA ASN IC 57 22.88 -46.32 -58.30
C ASN IC 57 21.39 -46.10 -58.59
N SER IC 58 20.81 -46.98 -59.41
CA SER IC 58 19.44 -46.80 -59.89
C SER IC 58 18.41 -46.91 -58.75
N ASN IC 59 18.80 -47.54 -57.64
CA ASN IC 59 17.94 -47.69 -56.47
C ASN IC 59 18.17 -46.57 -55.44
N ASN IC 60 19.00 -45.58 -55.79
CA ASN IC 60 19.42 -44.48 -54.91
C ASN IC 60 20.03 -44.99 -53.61
N THR IC 61 20.88 -46.00 -53.75
CA THR IC 61 21.66 -46.54 -52.65
C THR IC 61 23.12 -46.26 -52.91
N VAL IC 62 23.77 -45.69 -51.89
CA VAL IC 62 25.13 -45.18 -52.05
C VAL IC 62 26.09 -46.36 -52.08
N ILE IC 63 26.98 -46.37 -53.07
CA ILE IC 63 28.04 -47.36 -53.11
C ILE IC 63 29.37 -46.65 -52.88
N PRO IC 64 30.33 -47.28 -52.15
CA PRO IC 64 31.68 -46.72 -52.02
C PRO IC 64 32.49 -46.84 -53.30
N GLN IC 65 33.67 -46.25 -53.28
CA GLN IC 65 34.54 -46.25 -54.44
C GLN IC 65 35.09 -47.65 -54.70
N SER IC 66 35.24 -48.45 -53.63
CA SER IC 66 35.88 -49.74 -53.76
C SER IC 66 35.05 -50.68 -54.65
N HIS IC 67 33.79 -50.33 -54.89
CA HIS IC 67 32.90 -51.15 -55.71
C HIS IC 67 33.27 -51.10 -57.19
N LEU IC 68 34.01 -50.07 -57.57
CA LEU IC 68 34.31 -49.85 -58.99
C LEU IC 68 35.55 -50.63 -59.44
N LYS IC 69 36.15 -51.39 -58.52
CA LYS IC 69 37.35 -52.12 -58.84
C LYS IC 69 37.04 -53.32 -59.73
N GLY IC 70 37.84 -53.44 -60.79
CA GLY IC 70 37.73 -54.55 -61.73
C GLY IC 70 36.85 -54.27 -62.94
N LYS IC 71 36.35 -53.04 -63.10
CA LYS IC 71 35.41 -52.76 -64.16
C LYS IC 71 35.85 -51.53 -64.93
N SER IC 72 35.65 -51.53 -66.25
CA SER IC 72 35.95 -50.37 -67.08
C SER IC 72 34.88 -49.31 -66.84
N VAL IC 73 35.24 -48.25 -66.14
CA VAL IC 73 34.27 -47.21 -65.83
C VAL IC 73 34.46 -46.05 -66.79
N ALA IC 74 33.34 -45.38 -67.10
CA ALA IC 74 33.34 -44.24 -67.99
C ALA IC 74 32.34 -43.20 -67.51
N LEU IC 75 32.77 -41.94 -67.50
CA LEU IC 75 31.88 -40.84 -67.17
C LEU IC 75 31.09 -40.44 -68.41
N TYR IC 76 29.85 -40.01 -68.20
CA TYR IC 76 28.97 -39.55 -69.26
C TYR IC 76 28.44 -38.17 -68.89
N PHE IC 77 28.98 -37.16 -69.56
CA PHE IC 77 28.50 -35.80 -69.41
C PHE IC 77 27.31 -35.60 -70.34
N ALA IC 78 26.16 -35.31 -69.73
CA ALA IC 78 24.92 -35.26 -70.49
C ALA IC 78 24.08 -34.04 -70.11
N ASP IC 79 23.33 -33.51 -71.10
CA ASP IC 79 22.33 -32.48 -70.88
C ASP IC 79 20.98 -33.03 -71.30
N GLY IC 80 19.93 -32.67 -70.53
CA GLY IC 80 18.58 -33.17 -70.76
C GLY IC 80 18.01 -32.74 -72.13
N ALA IC 81 18.23 -31.47 -72.51
CA ALA IC 81 17.50 -30.90 -73.64
C ALA IC 81 18.33 -30.82 -74.93
N ASP IC 82 19.54 -31.38 -74.93
CA ASP IC 82 20.41 -31.19 -76.08
C ASP IC 82 20.08 -32.24 -77.16
N PRO IC 83 19.80 -31.85 -78.42
CA PRO IC 83 19.50 -32.80 -79.51
C PRO IC 83 20.52 -33.90 -79.78
N LYS IC 84 21.80 -33.55 -79.66
CA LYS IC 84 22.82 -34.57 -79.87
C LYS IC 84 22.83 -35.59 -78.75
N CYS IC 85 22.58 -35.16 -77.51
CA CYS IC 85 22.47 -36.07 -76.37
C CYS IC 85 21.25 -36.97 -76.54
N ALA IC 86 20.14 -36.39 -77.06
CA ALA IC 86 18.91 -37.13 -77.34
C ALA IC 86 19.18 -38.20 -78.39
N SER IC 87 20.07 -37.90 -79.34
CA SER IC 87 20.47 -38.87 -80.34
C SER IC 87 21.36 -39.97 -79.73
N LEU IC 88 22.34 -39.57 -78.92
CA LEU IC 88 23.37 -40.47 -78.43
C LEU IC 88 22.86 -41.43 -77.33
N LEU IC 89 21.81 -41.07 -76.56
CA LEU IC 89 21.43 -41.84 -75.35
C LEU IC 89 20.99 -43.27 -75.69
N PRO IC 90 20.10 -43.52 -76.67
CA PRO IC 90 19.73 -44.90 -76.96
C PRO IC 90 20.90 -45.82 -77.34
N PHE IC 91 21.89 -45.32 -78.09
CA PHE IC 91 22.97 -46.19 -78.50
C PHE IC 91 23.93 -46.47 -77.37
N LEU IC 92 24.14 -45.51 -76.46
CA LEU IC 92 24.96 -45.74 -75.27
C LEU IC 92 24.29 -46.79 -74.39
N LEU IC 93 22.97 -46.68 -74.28
CA LEU IC 93 22.23 -47.61 -73.46
C LEU IC 93 22.21 -49.02 -74.10
N ASN IC 94 22.08 -49.13 -75.43
CA ASN IC 94 22.14 -50.40 -76.17
C ASN IC 94 23.53 -51.00 -76.03
N TYR IC 95 24.57 -50.17 -76.04
CA TYR IC 95 25.89 -50.73 -75.95
C TYR IC 95 26.09 -51.28 -74.54
N TYR IC 96 25.59 -50.57 -73.53
CA TYR IC 96 25.63 -51.02 -72.14
C TYR IC 96 24.96 -52.39 -71.99
N ARG IC 97 23.72 -52.48 -72.49
CA ARG IC 97 22.93 -53.71 -72.68
C ARG IC 97 23.79 -54.86 -73.21
N THR IC 98 24.21 -54.75 -74.47
CA THR IC 98 24.76 -55.87 -75.24
C THR IC 98 26.09 -56.26 -74.62
N MET IC 99 26.92 -55.25 -74.33
CA MET IC 99 28.26 -55.57 -73.96
C MET IC 99 28.29 -56.20 -72.56
N ASN IC 100 27.40 -55.78 -71.66
CA ASN IC 100 27.46 -56.41 -70.35
C ASN IC 100 26.71 -57.73 -70.30
N GLU IC 101 25.64 -57.87 -71.11
CA GLU IC 101 24.89 -59.12 -71.22
C GLU IC 101 25.77 -60.25 -71.79
N GLY IC 102 26.55 -59.92 -72.81
CA GLY IC 102 27.02 -60.96 -73.73
C GLY IC 102 28.25 -61.69 -73.20
N GLY IC 103 28.39 -61.75 -71.88
CA GLY IC 103 29.58 -62.39 -71.36
C GLY IC 103 29.38 -62.96 -69.96
N ALA IC 104 30.49 -63.47 -69.41
CA ALA IC 104 30.50 -64.22 -68.18
C ALA IC 104 30.94 -63.34 -67.01
N ASN IC 105 30.79 -62.01 -67.11
CA ASN IC 105 31.39 -61.13 -66.11
C ASN IC 105 30.86 -59.70 -66.28
N GLN IC 106 30.79 -58.88 -65.21
CA GLN IC 106 30.54 -57.44 -65.36
C GLN IC 106 31.74 -56.82 -66.07
N LYS IC 107 31.49 -55.95 -67.06
CA LYS IC 107 32.58 -55.45 -67.88
C LYS IC 107 32.75 -53.95 -67.65
N ILE IC 108 31.68 -53.18 -67.88
CA ILE IC 108 31.77 -51.73 -67.92
C ILE IC 108 30.70 -51.11 -67.02
N GLU IC 109 30.91 -49.86 -66.64
CA GLU IC 109 30.01 -49.11 -65.77
C GLU IC 109 30.05 -47.64 -66.18
N ILE IC 110 28.91 -46.94 -66.05
CA ILE IC 110 28.79 -45.55 -66.44
C ILE IC 110 28.46 -44.73 -65.19
N ILE IC 111 29.15 -43.60 -65.03
CA ILE IC 111 28.77 -42.56 -64.08
C ILE IC 111 28.09 -41.41 -64.84
N PHE IC 112 27.06 -40.80 -64.24
CA PHE IC 112 26.31 -39.73 -64.87
C PHE IC 112 26.70 -38.39 -64.25
N VAL IC 113 27.23 -37.49 -65.08
CA VAL IC 113 27.52 -36.13 -64.66
C VAL IC 113 26.69 -35.16 -65.51
N SER IC 114 25.98 -34.27 -64.82
CA SER IC 114 24.88 -33.54 -65.42
C SER IC 114 25.29 -32.11 -65.75
N LEU IC 115 25.21 -31.74 -67.04
CA LEU IC 115 25.30 -30.34 -67.48
C LEU IC 115 23.92 -29.69 -67.57
N ASP IC 116 22.95 -30.29 -66.90
CA ASP IC 116 21.56 -29.92 -66.98
C ASP IC 116 21.37 -28.73 -66.05
N ARG IC 117 20.24 -28.04 -66.23
CA ARG IC 117 20.11 -26.69 -65.73
C ARG IC 117 19.70 -26.70 -64.27
N ASP IC 118 18.75 -27.57 -63.94
CA ASP IC 118 18.14 -27.50 -62.63
C ASP IC 118 17.77 -28.90 -62.14
N ARG IC 119 17.34 -28.93 -60.88
CA ARG IC 119 17.23 -30.16 -60.11
C ARG IC 119 16.11 -31.02 -60.69
N GLU IC 120 14.97 -30.37 -61.05
CA GLU IC 120 13.80 -31.12 -61.49
C GLU IC 120 14.09 -31.85 -62.80
N ALA IC 121 14.69 -31.10 -63.73
CA ALA IC 121 15.07 -31.67 -65.02
C ALA IC 121 16.17 -32.72 -64.84
N PHE IC 122 17.09 -32.52 -63.90
CA PHE IC 122 18.14 -33.48 -63.65
C PHE IC 122 17.55 -34.81 -63.16
N GLU IC 123 16.59 -34.78 -62.23
CA GLU IC 123 15.98 -36.00 -61.74
C GLU IC 123 15.14 -36.69 -62.81
N SER IC 124 14.48 -35.88 -63.64
CA SER IC 124 13.70 -36.42 -64.75
C SER IC 124 14.61 -37.12 -65.76
N HIS IC 125 15.79 -36.54 -66.03
CA HIS IC 125 16.73 -37.14 -66.95
C HIS IC 125 17.40 -38.36 -66.31
N ARG IC 126 17.66 -38.31 -65.00
CA ARG IC 126 18.31 -39.41 -64.29
C ARG IC 126 17.38 -40.62 -64.17
N ALA IC 127 16.07 -40.42 -64.31
CA ALA IC 127 15.13 -41.52 -64.32
C ALA IC 127 15.31 -42.44 -65.53
N HIS IC 128 15.95 -41.95 -66.62
CA HIS IC 128 16.21 -42.74 -67.82
C HIS IC 128 17.45 -43.65 -67.73
N MET IC 129 18.30 -43.42 -66.74
CA MET IC 129 19.60 -44.08 -66.79
C MET IC 129 19.69 -45.20 -65.76
N PRO IC 130 20.18 -46.42 -66.13
CA PRO IC 130 20.31 -47.51 -65.16
C PRO IC 130 21.68 -47.65 -64.50
N TRP IC 131 22.53 -46.64 -64.70
CA TRP IC 131 23.89 -46.67 -64.18
C TRP IC 131 24.04 -45.64 -63.06
N LEU IC 132 25.26 -45.45 -62.56
CA LEU IC 132 25.46 -44.61 -61.39
C LEU IC 132 25.40 -43.13 -61.76
N SER IC 133 25.25 -42.25 -60.75
CA SER IC 133 25.13 -40.82 -60.99
C SER IC 133 25.66 -40.02 -59.81
N ILE IC 134 26.00 -38.75 -60.08
CA ILE IC 134 26.37 -37.78 -59.07
C ILE IC 134 25.33 -36.67 -59.08
N ASP IC 135 24.86 -36.28 -57.88
CA ASP IC 135 23.82 -35.27 -57.72
C ASP IC 135 24.31 -33.90 -58.19
N LEU IC 136 23.37 -33.07 -58.67
CA LEU IC 136 23.69 -31.81 -59.33
C LEU IC 136 24.23 -30.78 -58.34
N GLU IC 137 23.62 -30.69 -57.15
CA GLU IC 137 24.03 -29.67 -56.19
C GLU IC 137 25.37 -30.05 -55.55
N ASN IC 138 25.78 -31.32 -55.69
CA ASN IC 138 27.06 -31.78 -55.17
C ASN IC 138 28.16 -31.07 -55.92
N PRO IC 139 29.14 -30.44 -55.21
CA PRO IC 139 30.26 -29.74 -55.84
C PRO IC 139 31.05 -30.58 -56.84
N LEU IC 140 31.04 -31.91 -56.65
CA LEU IC 140 31.85 -32.81 -57.46
C LEU IC 140 31.52 -32.71 -58.95
N THR IC 141 30.27 -32.40 -59.30
CA THR IC 141 29.89 -32.28 -60.69
C THR IC 141 30.63 -31.13 -61.36
N GLU IC 142 30.64 -29.95 -60.74
CA GLU IC 142 31.35 -28.83 -61.35
C GLU IC 142 32.87 -29.06 -61.30
N ILE IC 143 33.35 -29.68 -60.23
CA ILE IC 143 34.77 -29.98 -60.15
C ILE IC 143 35.17 -30.96 -61.26
N LEU IC 144 34.33 -31.96 -61.58
CA LEU IC 144 34.57 -32.93 -62.65
C LEU IC 144 34.51 -32.26 -64.03
N LYS IC 145 33.61 -31.31 -64.20
CA LYS IC 145 33.55 -30.56 -65.45
C LYS IC 145 34.83 -29.77 -65.68
N ARG IC 146 35.33 -29.10 -64.65
CA ARG IC 146 36.55 -28.31 -64.81
C ARG IC 146 37.76 -29.23 -64.96
N HIS IC 147 37.64 -30.45 -64.43
CA HIS IC 147 38.73 -31.41 -64.48
C HIS IC 147 38.88 -31.94 -65.89
N PHE IC 148 37.76 -32.29 -66.53
CA PHE IC 148 37.84 -32.92 -67.84
C PHE IC 148 37.53 -31.97 -68.97
N ARG IC 149 37.41 -30.68 -68.66
CA ARG IC 149 37.27 -29.59 -69.62
C ARG IC 149 36.15 -29.81 -70.63
N VAL IC 150 34.97 -30.12 -70.09
CA VAL IC 150 33.78 -30.17 -70.92
C VAL IC 150 32.94 -28.93 -70.60
N MET IC 151 32.42 -28.33 -71.67
CA MET IC 151 31.60 -27.13 -71.56
C MET IC 151 30.81 -26.97 -72.86
N LYS IC 152 29.54 -26.56 -72.72
CA LYS IC 152 28.70 -26.34 -73.89
C LYS IC 152 28.95 -24.96 -74.52
N GLU IC 153 29.40 -24.00 -73.70
CA GLU IC 153 29.53 -22.61 -74.12
C GLU IC 153 30.58 -21.94 -73.23
N TYR IC 154 31.30 -20.90 -73.74
CA TYR IC 154 32.42 -20.40 -72.94
C TYR IC 154 31.88 -19.54 -71.78
N GLU IC 155 31.67 -20.18 -70.62
CA GLU IC 155 31.04 -19.51 -69.49
C GLU IC 155 32.00 -19.37 -68.29
N VAL IC 156 32.49 -20.50 -67.77
CA VAL IC 156 33.55 -20.52 -66.77
C VAL IC 156 34.87 -20.41 -67.50
N PRO IC 157 35.80 -19.50 -67.12
CA PRO IC 157 37.05 -19.37 -67.85
C PRO IC 157 37.94 -20.61 -67.79
N THR IC 158 38.59 -20.90 -68.92
CA THR IC 158 39.56 -21.96 -69.01
C THR IC 158 40.92 -21.33 -69.22
N TYR IC 159 41.91 -22.04 -68.71
CA TYR IC 159 43.19 -21.47 -68.42
C TYR IC 159 44.16 -21.77 -69.55
N GLY IC 160 43.91 -21.17 -70.73
CA GLY IC 160 44.76 -21.38 -71.89
C GLY IC 160 44.45 -22.69 -72.62
N TYR IC 161 43.62 -23.52 -71.98
CA TYR IC 161 43.11 -24.74 -72.57
C TYR IC 161 41.95 -24.35 -73.48
N GLY IC 162 41.31 -25.37 -74.05
CA GLY IC 162 40.02 -25.13 -74.68
C GLY IC 162 38.98 -26.10 -74.14
N SER IC 163 37.86 -26.15 -74.85
CA SER IC 163 36.91 -27.24 -74.73
C SER IC 163 37.61 -28.53 -75.17
N ARG IC 164 37.66 -29.54 -74.29
CA ARG IC 164 38.11 -30.85 -74.73
C ARG IC 164 37.07 -31.41 -75.69
N THR IC 165 35.80 -31.17 -75.35
CA THR IC 165 34.69 -31.67 -76.14
C THR IC 165 33.48 -30.78 -75.90
N GLY IC 166 32.31 -31.25 -76.34
CA GLY IC 166 31.04 -30.69 -75.91
C GLY IC 166 30.15 -31.78 -75.30
N VAL IC 167 29.11 -31.34 -74.61
CA VAL IC 167 28.07 -32.26 -74.17
C VAL IC 167 27.32 -32.73 -75.42
N PRO IC 168 27.09 -34.05 -75.68
CA PRO IC 168 27.39 -35.18 -74.81
C PRO IC 168 28.79 -35.76 -74.95
N SER IC 169 29.30 -36.40 -73.90
CA SER IC 169 30.61 -37.00 -74.02
C SER IC 169 30.72 -38.18 -73.08
N VAL IC 170 31.49 -39.18 -73.50
CA VAL IC 170 31.86 -40.32 -72.69
C VAL IC 170 33.38 -40.36 -72.60
N ILE IC 171 33.87 -40.44 -71.36
CA ILE IC 171 35.30 -40.40 -71.07
C ILE IC 171 35.63 -41.66 -70.27
N VAL IC 172 36.52 -42.49 -70.80
CA VAL IC 172 36.98 -43.64 -70.02
C VAL IC 172 38.08 -43.15 -69.06
N ILE IC 173 37.83 -43.38 -67.77
CA ILE IC 173 38.68 -42.83 -66.72
C ILE IC 173 39.50 -43.94 -66.06
N GLY IC 174 40.46 -43.55 -65.22
CA GLY IC 174 41.25 -44.47 -64.41
C GLY IC 174 41.09 -44.17 -62.92
N SER IC 175 42.01 -44.74 -62.12
CA SER IC 175 41.97 -44.65 -60.66
C SER IC 175 42.19 -43.23 -60.15
N ASP IC 176 43.01 -42.44 -60.87
CA ASP IC 176 43.56 -41.21 -60.30
C ASP IC 176 43.08 -40.00 -61.11
N GLY IC 177 42.02 -40.16 -61.89
CA GLY IC 177 41.56 -39.06 -62.73
C GLY IC 177 42.21 -39.02 -64.11
N ARG IC 178 43.03 -40.02 -64.44
CA ARG IC 178 43.67 -40.14 -65.75
C ARG IC 178 42.63 -40.41 -66.84
N GLU IC 179 42.75 -39.66 -67.93
CA GLU IC 179 41.91 -39.88 -69.10
C GLU IC 179 42.49 -41.06 -69.89
N ALA IC 180 41.86 -42.23 -69.72
CA ALA IC 180 42.33 -43.44 -70.38
C ALA IC 180 42.21 -43.36 -71.90
N GLN IC 181 41.03 -42.95 -72.39
CA GLN IC 181 40.83 -42.70 -73.81
C GLN IC 181 39.58 -41.86 -74.00
N PHE IC 182 39.59 -41.09 -75.10
CA PHE IC 182 38.48 -40.24 -75.45
C PHE IC 182 37.64 -40.90 -76.54
N LEU IC 183 36.33 -41.01 -76.28
CA LEU IC 183 35.45 -41.54 -77.29
C LEU IC 183 34.95 -40.45 -78.22
N PRO IC 184 35.31 -40.48 -79.53
CA PRO IC 184 34.96 -39.39 -80.44
C PRO IC 184 33.49 -39.32 -80.91
N ILE IC 185 32.61 -38.78 -80.04
CA ILE IC 185 31.20 -38.64 -80.40
C ILE IC 185 30.96 -37.40 -81.24
N CYS IC 186 31.22 -36.24 -80.64
CA CYS IC 186 31.16 -34.95 -81.30
C CYS IC 186 32.44 -34.23 -80.90
N SER IC 187 33.44 -34.39 -81.78
CA SER IC 187 34.85 -34.19 -81.49
C SER IC 187 35.51 -33.76 -82.80
N GLY IC 188 36.82 -33.99 -82.89
CA GLY IC 188 37.53 -33.81 -84.15
C GLY IC 188 37.24 -34.91 -85.18
N LEU IC 189 36.61 -36.01 -84.75
CA LEU IC 189 36.45 -37.17 -85.62
C LEU IC 189 35.00 -37.40 -86.06
N GLU IC 190 34.04 -37.08 -85.18
CA GLU IC 190 32.60 -37.21 -85.45
C GLU IC 190 32.24 -38.62 -85.92
N GLU IC 191 32.44 -39.59 -85.04
CA GLU IC 191 31.79 -40.87 -85.22
C GLU IC 191 30.62 -40.88 -84.24
N GLY IC 192 29.52 -40.22 -84.65
CA GLY IC 192 28.31 -40.18 -83.85
C GLY IC 192 27.77 -41.60 -83.74
N ASP IC 193 27.60 -42.10 -82.50
CA ASP IC 193 26.95 -43.36 -82.16
C ASP IC 193 27.74 -44.59 -82.62
N ARG IC 194 28.87 -44.39 -83.32
CA ARG IC 194 29.73 -45.46 -83.82
C ARG IC 194 31.06 -45.52 -83.05
N ALA IC 195 31.43 -44.41 -82.39
CA ALA IC 195 32.66 -44.30 -81.62
C ALA IC 195 32.66 -45.21 -80.37
N LEU IC 196 31.48 -45.76 -80.02
CA LEU IC 196 31.31 -46.62 -78.85
C LEU IC 196 32.08 -47.95 -79.00
N LEU IC 197 32.29 -48.36 -80.25
CA LEU IC 197 33.00 -49.60 -80.52
C LEU IC 197 34.52 -49.44 -80.37
N ARG IC 198 34.99 -48.20 -80.10
CA ARG IC 198 36.42 -47.94 -79.92
C ARG IC 198 36.90 -48.37 -78.53
N TRP IC 199 35.95 -48.73 -77.63
CA TRP IC 199 36.22 -48.94 -76.22
C TRP IC 199 37.13 -50.15 -76.00
N ASP IC 200 38.32 -49.94 -75.43
CA ASP IC 200 39.21 -51.05 -75.08
C ASP IC 200 39.06 -51.34 -73.59
N TRP IC 201 38.05 -52.15 -73.29
CA TRP IC 201 37.68 -52.46 -71.92
C TRP IC 201 38.67 -53.38 -71.22
N ARG IC 202 39.62 -53.95 -71.97
CA ARG IC 202 40.52 -54.98 -71.46
C ARG IC 202 41.61 -54.33 -70.61
N ASN IC 203 42.15 -53.20 -71.10
CA ASN IC 203 43.37 -52.59 -70.58
C ASN IC 203 43.06 -51.39 -69.69
N THR IC 204 41.78 -51.01 -69.60
CA THR IC 204 41.40 -49.88 -68.76
C THR IC 204 40.42 -50.37 -67.71
N LYS IC 205 40.99 -50.95 -66.64
CA LYS IC 205 40.22 -51.41 -65.50
C LYS IC 205 40.52 -50.48 -64.34
N PHE IC 206 39.46 -50.15 -63.59
CA PHE IC 206 39.54 -49.21 -62.48
C PHE IC 206 40.28 -49.87 -61.32
N ALA IC 207 41.61 -49.78 -61.35
CA ALA IC 207 42.43 -50.44 -60.34
C ALA IC 207 42.67 -49.56 -59.11
N SER JC 2 8.15 35.85 -73.94
CA SER JC 2 8.35 36.54 -75.26
C SER JC 2 8.27 35.52 -76.38
N GLN JC 3 7.03 35.10 -76.63
CA GLN JC 3 6.66 34.35 -77.83
C GLN JC 3 5.13 34.40 -77.83
N PRO JC 4 4.45 34.74 -78.95
CA PRO JC 4 5.03 35.02 -80.26
C PRO JC 4 5.47 36.49 -80.41
N VAL JC 5 5.12 37.30 -79.41
CA VAL JC 5 5.40 38.72 -79.40
C VAL JC 5 5.94 39.02 -78.02
N PHE JC 6 6.64 40.15 -77.91
CA PHE JC 6 7.21 40.56 -76.64
C PHE JC 6 6.18 41.32 -75.82
N ALA JC 7 5.48 42.23 -76.49
CA ALA JC 7 4.65 43.24 -75.87
C ALA JC 7 3.22 42.74 -75.81
N SER JC 8 3.00 41.75 -74.94
CA SER JC 8 1.67 41.28 -74.71
C SER JC 8 1.46 41.18 -73.20
N PRO JC 9 0.22 41.46 -72.74
CA PRO JC 9 -0.08 41.43 -71.30
C PRO JC 9 0.20 40.11 -70.58
N LEU JC 10 -0.05 38.97 -71.23
CA LEU JC 10 0.29 37.67 -70.67
C LEU JC 10 1.79 37.57 -70.45
N ASN JC 11 2.56 38.06 -71.44
CA ASN JC 11 4.01 37.92 -71.35
C ASN JC 11 4.59 38.88 -70.31
N VAL JC 12 3.98 40.06 -70.13
CA VAL JC 12 4.49 40.96 -69.10
C VAL JC 12 4.21 40.41 -67.69
N GLU JC 13 3.01 39.82 -67.50
CA GLU JC 13 2.67 39.18 -66.25
C GLU JC 13 3.60 37.97 -66.01
N LYS JC 14 3.87 37.22 -67.10
CA LYS JC 14 4.71 36.02 -67.05
C LYS JC 14 6.11 36.39 -66.59
N ARG JC 15 6.66 37.46 -67.21
CA ARG JC 15 8.01 37.89 -66.91
C ARG JC 15 8.09 38.33 -65.46
N ARG JC 16 7.15 39.18 -65.04
CA ARG JC 16 7.11 39.71 -63.69
C ARG JC 16 7.13 38.56 -62.68
N LEU JC 17 6.20 37.61 -62.83
CA LEU JC 17 6.00 36.57 -61.83
C LEU JC 17 7.23 35.67 -61.78
N ASN JC 18 7.72 35.26 -62.97
CA ASN JC 18 8.79 34.27 -63.00
C ASN JC 18 10.09 34.83 -62.43
N GLU JC 19 10.45 36.05 -62.80
CA GLU JC 19 11.71 36.52 -62.24
C GLU JC 19 11.53 37.06 -60.83
N GLU JC 20 10.28 37.35 -60.42
CA GLU JC 20 10.02 37.63 -59.01
C GLU JC 20 10.42 36.40 -58.19
N ARG JC 21 9.96 35.24 -58.65
CA ARG JC 21 10.29 33.98 -58.01
C ARG JC 21 11.79 33.68 -58.10
N ALA JC 22 12.42 34.03 -59.24
CA ALA JC 22 13.85 33.76 -59.43
C ALA JC 22 14.69 34.55 -58.44
N LEU JC 23 14.37 35.84 -58.28
CA LEU JC 23 15.10 36.67 -57.32
C LEU JC 23 14.83 36.22 -55.89
N MET JC 24 13.58 35.81 -55.59
CA MET JC 24 13.26 35.37 -54.23
C MET JC 24 14.12 34.17 -53.86
N GLN JC 25 14.15 33.14 -54.73
CA GLN JC 25 14.89 31.93 -54.37
C GLN JC 25 16.40 32.15 -54.46
N ALA JC 26 16.84 33.08 -55.32
CA ALA JC 26 18.26 33.43 -55.36
C ALA JC 26 18.74 34.05 -54.05
N GLN JC 27 17.93 35.00 -53.53
CA GLN JC 27 18.22 35.66 -52.26
C GLN JC 27 18.14 34.64 -51.12
N LYS JC 28 17.16 33.73 -51.22
CA LYS JC 28 16.91 32.77 -50.14
C LYS JC 28 18.03 31.77 -50.01
N ALA JC 29 18.61 31.37 -51.16
CA ALA JC 29 19.78 30.51 -51.17
C ALA JC 29 21.01 31.25 -50.64
N ASN JC 35 24.21 32.46 -58.07
CA ASN JC 35 24.64 31.26 -58.85
C ASN JC 35 23.62 30.93 -59.94
N ILE JC 36 22.38 31.42 -59.76
CA ILE JC 36 21.29 31.22 -60.69
C ILE JC 36 21.22 32.41 -61.64
N GLN JC 37 21.04 32.07 -62.92
CA GLN JC 37 21.03 32.99 -64.06
C GLN JC 37 19.82 33.92 -64.01
N LEU JC 38 20.10 35.22 -63.87
CA LEU JC 38 19.11 36.28 -64.02
C LEU JC 38 19.39 37.10 -65.27
N PRO JC 39 18.38 37.47 -66.09
CA PRO JC 39 16.99 37.07 -65.88
C PRO JC 39 16.74 35.67 -66.43
N PRO JC 40 15.78 34.89 -65.90
CA PRO JC 40 15.60 33.53 -66.39
C PRO JC 40 15.12 33.55 -67.84
N ASN JC 41 15.58 32.53 -68.53
CA ASN JC 41 15.33 32.31 -69.94
C ASN JC 41 13.82 32.09 -70.14
N TYR JC 42 13.27 32.48 -71.30
CA TYR JC 42 11.89 32.16 -71.66
C TYR JC 42 11.66 30.65 -71.67
N GLY JC 43 12.69 29.84 -71.97
CA GLY JC 43 12.63 28.40 -71.78
C GLY JC 43 12.41 27.98 -70.33
N ASP JC 44 13.11 28.64 -69.39
CA ASP JC 44 13.04 28.31 -67.98
C ASP JC 44 11.75 28.82 -67.34
N MET JC 45 11.10 29.80 -67.97
CA MET JC 45 9.89 30.37 -67.40
C MET JC 45 8.73 29.40 -67.54
N ASP JC 46 7.80 29.43 -66.58
CA ASP JC 46 6.57 28.65 -66.67
C ASP JC 46 5.41 29.53 -66.23
N LEU JC 47 4.28 29.38 -66.94
CA LEU JC 47 3.11 30.17 -66.61
C LEU JC 47 1.87 29.29 -66.56
N ILE JC 48 0.92 29.80 -65.79
CA ILE JC 48 -0.43 29.28 -65.81
C ILE JC 48 -1.24 30.18 -66.75
N LEU JC 49 -1.75 29.60 -67.84
CA LEU JC 49 -2.27 30.43 -68.91
C LEU JC 49 -3.70 30.81 -68.57
N PHE JC 50 -4.54 29.78 -68.45
CA PHE JC 50 -5.92 29.96 -68.01
C PHE JC 50 -5.97 29.73 -66.51
N PRO JC 51 -6.34 30.77 -65.72
CA PRO JC 51 -6.49 30.62 -64.28
C PRO JC 51 -7.58 29.63 -63.88
N GLU JC 52 -7.83 29.55 -62.56
CA GLU JC 52 -8.56 28.42 -62.02
C GLU JC 52 -10.02 28.41 -62.50
N GLY JC 53 -10.59 29.60 -62.64
CA GLY JC 53 -12.00 29.73 -62.95
C GLY JC 53 -12.30 30.34 -64.32
N SER JC 54 -11.42 30.14 -65.30
CA SER JC 54 -11.65 30.75 -66.62
C SER JC 54 -12.60 29.92 -67.48
N LEU JC 55 -12.11 28.74 -67.90
CA LEU JC 55 -12.79 27.93 -68.90
C LEU JC 55 -14.04 27.30 -68.33
N LYS JC 56 -15.10 27.26 -69.14
CA LYS JC 56 -16.31 26.54 -68.80
C LYS JC 56 -16.93 25.96 -70.07
N ASN JC 57 -17.49 24.75 -69.95
CA ASN JC 57 -17.97 23.99 -71.10
C ASN JC 57 -19.44 24.28 -71.39
N SER JC 58 -20.08 23.44 -72.21
CA SER JC 58 -21.45 23.66 -72.68
C SER JC 58 -22.47 23.59 -71.53
N ASN JC 59 -22.09 22.91 -70.43
CA ASN JC 59 -22.93 22.79 -69.25
C ASN JC 59 -22.62 23.86 -68.20
N ASN JC 60 -21.77 24.83 -68.55
CA ASN JC 60 -21.29 25.91 -67.66
C ASN JC 60 -20.64 25.35 -66.38
N THR JC 61 -19.85 24.31 -66.56
CA THR JC 61 -19.07 23.72 -65.47
C THR JC 61 -17.58 23.91 -65.78
N VAL JC 62 -16.88 24.47 -64.80
CA VAL JC 62 -15.53 24.93 -65.00
C VAL JC 62 -14.58 23.73 -65.06
N ILE JC 63 -13.70 23.70 -66.06
CA ILE JC 63 -12.65 22.72 -66.11
C ILE JC 63 -11.30 23.39 -65.86
N PRO JC 64 -10.34 22.74 -65.16
CA PRO JC 64 -8.99 23.28 -65.00
C PRO JC 64 -8.16 23.22 -66.27
N GLN JC 65 -6.98 23.85 -66.25
CA GLN JC 65 -6.13 23.88 -67.43
C GLN JC 65 -5.55 22.50 -67.70
N SER JC 66 -5.30 21.71 -66.64
CA SER JC 66 -4.60 20.46 -66.88
C SER JC 66 -5.48 19.45 -67.63
N HIS JC 67 -6.75 19.76 -67.83
CA HIS JC 67 -7.63 18.96 -68.70
C HIS JC 67 -7.24 18.99 -70.18
N LEU JC 68 -6.52 20.05 -70.60
CA LEU JC 68 -6.23 20.26 -72.01
C LEU JC 68 -4.99 19.49 -72.45
N LYS JC 69 -4.35 18.73 -71.55
CA LYS JC 69 -3.13 18.03 -71.87
C LYS JC 69 -3.44 16.87 -72.82
N GLY JC 70 -2.68 16.81 -73.90
CA GLY JC 70 -2.75 15.77 -74.92
C GLY JC 70 -3.80 16.02 -76.01
N LYS JC 71 -4.29 17.26 -76.12
CA LYS JC 71 -5.23 17.58 -77.18
C LYS JC 71 -4.71 18.78 -77.95
N SER JC 72 -4.90 18.76 -79.27
CA SER JC 72 -4.60 19.92 -80.08
C SER JC 72 -5.66 20.98 -79.80
N VAL JC 73 -5.29 22.02 -79.07
CA VAL JC 73 -6.26 23.02 -78.69
C VAL JC 73 -6.06 24.22 -79.60
N ALA JC 74 -7.17 24.89 -79.91
CA ALA JC 74 -7.14 26.04 -80.79
C ALA JC 74 -8.12 27.08 -80.28
N LEU JC 75 -7.67 28.33 -80.26
CA LEU JC 75 -8.54 29.43 -79.91
C LEU JC 75 -9.32 29.86 -81.14
N TYR JC 76 -10.56 30.32 -80.90
CA TYR JC 76 -11.44 30.78 -81.95
C TYR JC 76 -11.96 32.15 -81.56
N PHE JC 77 -11.41 33.17 -82.22
CA PHE JC 77 -11.88 34.53 -82.04
C PHE JC 77 -13.05 34.73 -82.98
N ALA JC 78 -14.22 35.02 -82.38
CA ALA JC 78 -15.43 35.13 -83.17
C ALA JC 78 -16.26 36.35 -82.76
N ASP JC 79 -17.00 36.88 -83.75
CA ASP JC 79 -17.97 37.93 -83.53
C ASP JC 79 -19.34 37.44 -83.95
N GLY JC 80 -20.35 37.79 -83.15
CA GLY JC 80 -21.73 37.34 -83.33
C GLY JC 80 -22.34 37.78 -84.65
N ALA JC 81 -22.10 39.05 -85.03
CA ALA JC 81 -22.85 39.66 -86.14
C ALA JC 81 -22.07 39.70 -87.46
N ASP JC 82 -20.86 39.12 -87.46
CA ASP JC 82 -20.00 39.28 -88.63
C ASP JC 82 -20.35 38.20 -89.67
N PRO JC 83 -20.66 38.58 -90.93
CA PRO JC 83 -20.99 37.62 -92.00
C PRO JC 83 -19.95 36.53 -92.27
N LYS JC 84 -18.67 36.90 -92.15
CA LYS JC 84 -17.60 35.93 -92.37
C LYS JC 84 -17.61 34.85 -91.29
N CYS JC 85 -17.86 35.26 -90.04
CA CYS JC 85 -17.95 34.35 -88.91
C CYS JC 85 -19.16 33.43 -89.09
N ALA JC 86 -20.27 34.01 -89.58
CA ALA JC 86 -21.49 33.27 -89.84
C ALA JC 86 -21.25 32.20 -90.91
N SER JC 87 -20.38 32.51 -91.88
CA SER JC 87 -20.02 31.56 -92.91
C SER JC 87 -19.13 30.44 -92.36
N LEU JC 88 -18.13 30.83 -91.54
CA LEU JC 88 -17.08 29.91 -91.12
C LEU JC 88 -17.57 28.93 -90.05
N LEU JC 89 -18.58 29.31 -89.27
CA LEU JC 89 -18.99 28.53 -88.10
C LEU JC 89 -19.40 27.09 -88.44
N PRO JC 90 -20.32 26.82 -89.41
CA PRO JC 90 -20.71 25.44 -89.65
C PRO JC 90 -19.58 24.54 -90.14
N PHE JC 91 -18.59 25.05 -90.87
CA PHE JC 91 -17.51 24.17 -91.30
C PHE JC 91 -16.53 23.88 -90.20
N LEU JC 92 -16.31 24.82 -89.29
CA LEU JC 92 -15.48 24.56 -88.13
C LEU JC 92 -16.17 23.52 -87.26
N LEU JC 93 -17.49 23.66 -87.11
CA LEU JC 93 -18.26 22.71 -86.32
C LEU JC 93 -18.29 21.33 -87.02
N ASN JC 94 -18.37 21.23 -88.35
CA ASN JC 94 -18.32 19.98 -89.11
C ASN JC 94 -16.95 19.36 -88.97
N TYR JC 95 -15.92 20.19 -88.95
CA TYR JC 95 -14.59 19.64 -88.86
C TYR JC 95 -14.41 19.04 -87.47
N TYR JC 96 -14.92 19.75 -86.45
CA TYR JC 96 -14.88 19.33 -85.07
C TYR JC 96 -15.58 17.98 -84.92
N ARG JC 97 -16.82 17.90 -85.41
CA ARG JC 97 -17.63 16.68 -85.60
C ARG JC 97 -16.79 15.52 -86.11
N THR JC 98 -16.35 15.61 -87.38
CA THR JC 98 -15.83 14.47 -88.11
C THR JC 98 -14.52 14.04 -87.46
N MET JC 99 -13.67 15.03 -87.20
CA MET JC 99 -12.34 14.75 -86.75
C MET JC 99 -12.35 14.11 -85.35
N ASN JC 100 -13.24 14.54 -84.45
CA ASN JC 100 -13.19 13.96 -83.12
C ASN JC 100 -13.99 12.66 -83.05
N GLU JC 101 -15.04 12.54 -83.88
CA GLU JC 101 -15.82 11.31 -83.93
C GLU JC 101 -14.98 10.15 -84.48
N GLY JC 102 -14.18 10.44 -85.50
CA GLY JC 102 -13.52 9.41 -86.28
C GLY JC 102 -12.26 8.86 -85.60
N GLY JC 103 -12.33 8.60 -84.30
CA GLY JC 103 -11.18 8.02 -83.66
C GLY JC 103 -11.54 7.43 -82.31
N ALA JC 104 -10.60 6.66 -81.75
CA ALA JC 104 -10.70 6.11 -80.41
C ALA JC 104 -9.94 6.99 -79.42
N ASN JC 105 -9.89 8.29 -79.69
CA ASN JC 105 -9.13 9.23 -78.88
C ASN JC 105 -9.71 10.63 -79.09
N GLN JC 106 -9.74 11.48 -78.04
CA GLN JC 106 -10.04 12.89 -78.23
C GLN JC 106 -8.88 13.53 -78.98
N LYS JC 107 -9.16 14.38 -79.97
CA LYS JC 107 -8.09 14.87 -80.83
C LYS JC 107 -7.85 16.37 -80.65
N ILE JC 108 -8.90 17.16 -80.86
CA ILE JC 108 -8.79 18.61 -80.83
C ILE JC 108 -9.83 19.20 -79.89
N GLU JC 109 -9.60 20.45 -79.47
CA GLU JC 109 -10.50 21.20 -78.60
C GLU JC 109 -10.49 22.66 -79.02
N ILE JC 110 -11.63 23.35 -78.90
CA ILE JC 110 -11.74 24.76 -79.26
C ILE JC 110 -12.07 25.58 -78.01
N ILE JC 111 -11.37 26.70 -77.83
CA ILE JC 111 -11.75 27.70 -76.86
C ILE JC 111 -12.40 28.87 -77.60
N PHE JC 112 -13.41 29.48 -76.98
CA PHE JC 112 -14.14 30.58 -77.59
C PHE JC 112 -13.73 31.88 -76.94
N VAL JC 113 -13.18 32.79 -77.75
CA VAL JC 113 -12.85 34.13 -77.30
C VAL JC 113 -13.66 35.12 -78.13
N SER JC 114 -14.35 36.02 -77.43
CA SER JC 114 -15.43 36.79 -78.00
C SER JC 114 -14.99 38.21 -78.34
N LEU JC 115 -15.10 38.58 -79.62
CA LEU JC 115 -14.96 39.98 -80.01
C LEU JC 115 -16.33 40.66 -80.09
N ASP JC 116 -17.32 40.09 -79.42
CA ASP JC 116 -18.70 40.56 -79.52
C ASP JC 116 -18.88 41.79 -78.65
N ARG JC 117 -20.00 42.50 -78.84
CA ARG JC 117 -20.14 43.83 -78.27
C ARG JC 117 -20.56 43.77 -76.80
N ASP JC 118 -21.54 42.91 -76.50
CA ASP JC 118 -22.13 42.94 -75.17
C ASP JC 118 -22.55 41.54 -74.75
N ARG JC 119 -23.01 41.51 -73.49
CA ARG JC 119 -23.21 40.27 -72.76
C ARG JC 119 -24.30 39.42 -73.39
N GLU JC 120 -25.41 40.07 -73.76
CA GLU JC 120 -26.55 39.30 -74.20
C GLU JC 120 -26.29 38.66 -75.56
N ALA JC 121 -25.68 39.43 -76.45
CA ALA JC 121 -25.28 38.87 -77.74
C ALA JC 121 -24.19 37.79 -77.59
N PHE JC 122 -23.28 37.97 -76.63
CA PHE JC 122 -22.25 36.97 -76.38
C PHE JC 122 -22.87 35.64 -75.93
N GLU JC 123 -23.84 35.68 -75.02
CA GLU JC 123 -24.48 34.47 -74.55
C GLU JC 123 -25.30 33.81 -75.68
N SER JC 124 -25.95 34.64 -76.50
CA SER JC 124 -26.71 34.17 -77.65
C SER JC 124 -25.80 33.42 -78.62
N HIS JC 125 -24.63 33.99 -78.89
CA HIS JC 125 -23.68 33.35 -79.78
C HIS JC 125 -23.03 32.12 -79.14
N ARG JC 126 -22.77 32.16 -77.83
CA ARG JC 126 -22.13 31.05 -77.14
C ARG JC 126 -23.07 29.84 -77.02
N ALA JC 127 -24.38 30.07 -77.15
CA ALA JC 127 -25.32 28.96 -77.14
C ALA JC 127 -25.13 28.02 -78.34
N HIS JC 128 -24.51 28.50 -79.44
CA HIS JC 128 -24.28 27.69 -80.65
C HIS JC 128 -23.03 26.79 -80.58
N MET JC 129 -22.18 27.02 -79.58
CA MET JC 129 -20.90 26.32 -79.60
C MET JC 129 -20.88 25.18 -78.60
N PRO JC 130 -20.39 23.98 -78.98
CA PRO JC 130 -20.25 22.89 -78.02
C PRO JC 130 -18.89 22.76 -77.34
N TRP JC 131 -18.03 23.79 -77.53
CA TRP JC 131 -16.67 23.72 -77.02
C TRP JC 131 -16.51 24.74 -75.90
N LEU JC 132 -15.29 24.90 -75.39
CA LEU JC 132 -15.10 25.72 -74.21
C LEU JC 132 -15.16 27.20 -74.54
N SER JC 133 -15.33 28.06 -73.53
CA SER JC 133 -15.43 29.49 -73.76
C SER JC 133 -14.92 30.28 -72.54
N ILE JC 134 -14.55 31.53 -72.81
CA ILE JC 134 -14.15 32.49 -71.79
C ILE JC 134 -15.13 33.65 -71.80
N ASP JC 135 -15.58 34.07 -70.61
CA ASP JC 135 -16.56 35.13 -70.43
C ASP JC 135 -16.01 36.48 -70.87
N LEU JC 136 -16.90 37.31 -71.41
CA LEU JC 136 -16.52 38.54 -72.07
C LEU JC 136 -15.99 39.59 -71.09
N GLU JC 137 -16.61 39.73 -69.92
CA GLU JC 137 -16.16 40.77 -69.01
C GLU JC 137 -14.87 40.38 -68.30
N ASN JC 138 -14.49 39.08 -68.39
CA ASN JC 138 -13.23 38.62 -67.83
C ASN JC 138 -12.11 39.30 -68.59
N PRO JC 139 -11.13 39.95 -67.89
CA PRO JC 139 -10.02 40.61 -68.56
C PRO JC 139 -9.19 39.70 -69.47
N LEU JC 140 -9.22 38.38 -69.24
CA LEU JC 140 -8.43 37.43 -70.03
C LEU JC 140 -8.76 37.50 -71.54
N THR JC 141 -9.98 37.86 -71.90
CA THR JC 141 -10.37 37.99 -73.31
C THR JC 141 -9.59 39.10 -74.00
N GLU JC 142 -9.55 40.28 -73.37
CA GLU JC 142 -8.80 41.39 -73.93
C GLU JC 142 -7.30 41.10 -73.92
N ILE JC 143 -6.83 40.46 -72.85
CA ILE JC 143 -5.42 40.12 -72.77
C ILE JC 143 -5.05 39.12 -73.87
N LEU JC 144 -5.92 38.15 -74.18
CA LEU JC 144 -5.67 37.18 -75.24
C LEU JC 144 -5.72 37.82 -76.63
N LYS JC 145 -6.61 38.80 -76.81
CA LYS JC 145 -6.67 39.53 -78.07
C LYS JC 145 -5.38 40.27 -78.33
N ARG JC 146 -4.86 40.93 -77.29
CA ARG JC 146 -3.63 41.68 -77.46
C ARG JC 146 -2.43 40.74 -77.58
N HIS JC 147 -2.57 39.54 -77.02
CA HIS JC 147 -1.50 38.55 -77.09
C HIS JC 147 -1.35 38.02 -78.50
N PHE JC 148 -2.48 37.70 -79.15
CA PHE JC 148 -2.41 37.07 -80.46
C PHE JC 148 -2.67 38.02 -81.62
N ARG JC 149 -2.79 39.32 -81.30
CA ARG JC 149 -2.86 40.39 -82.29
C ARG JC 149 -4.01 40.19 -83.28
N VAL JC 150 -5.19 39.91 -82.72
CA VAL JC 150 -6.40 39.94 -83.51
C VAL JC 150 -7.18 41.19 -83.14
N MET JC 151 -7.72 41.83 -84.18
CA MET JC 151 -8.63 42.95 -83.98
C MET JC 151 -9.43 43.17 -85.25
N LYS JC 152 -10.68 43.64 -85.12
CA LYS JC 152 -11.52 43.85 -86.28
C LYS JC 152 -11.28 45.23 -86.90
N GLU JC 153 -10.85 46.17 -86.06
CA GLU JC 153 -10.60 47.54 -86.47
C GLU JC 153 -9.51 48.07 -85.54
N TYR JC 154 -8.67 48.97 -86.03
CA TYR JC 154 -7.57 49.45 -85.22
C TYR JC 154 -8.14 50.38 -84.12
N GLU JC 155 -8.44 49.77 -82.96
CA GLU JC 155 -9.03 50.46 -81.83
C GLU JC 155 -8.10 50.41 -80.63
N VAL JC 156 -7.67 49.19 -80.27
CA VAL JC 156 -6.68 48.98 -79.23
C VAL JC 156 -5.30 49.10 -79.85
N PRO JC 157 -4.35 49.89 -79.30
CA PRO JC 157 -3.04 50.05 -79.92
C PRO JC 157 -2.25 48.75 -80.06
N THR JC 158 -1.56 48.64 -81.20
CA THR JC 158 -0.57 47.62 -81.42
C THR JC 158 0.75 48.34 -81.59
N TYR JC 159 1.78 47.70 -81.06
CA TYR JC 159 3.02 48.39 -80.80
C TYR JC 159 4.01 48.15 -81.93
N GLY JC 160 3.74 48.78 -83.08
CA GLY JC 160 4.59 48.66 -84.25
C GLY JC 160 4.36 47.34 -85.01
N TYR JC 161 3.54 46.45 -84.43
CA TYR JC 161 3.11 45.23 -85.09
C TYR JC 161 1.96 45.61 -86.02
N GLY JC 162 1.34 44.60 -86.61
CA GLY JC 162 0.08 44.81 -87.31
C GLY JC 162 -1.00 43.90 -86.77
N SER JC 163 -2.17 43.95 -87.41
CA SER JC 163 -3.15 42.90 -87.26
C SER JC 163 -2.57 41.62 -87.82
N ARG JC 164 -2.53 40.57 -86.97
CA ARG JC 164 -2.13 39.28 -87.48
C ARG JC 164 -3.21 38.77 -88.44
N THR JC 165 -4.47 39.04 -88.09
CA THR JC 165 -5.61 38.59 -88.87
C THR JC 165 -6.81 39.51 -88.61
N GLY JC 166 -7.99 39.06 -89.05
CA GLY JC 166 -9.27 39.61 -88.68
C GLY JC 166 -10.14 38.54 -88.02
N VAL JC 167 -11.15 38.99 -87.27
CA VAL JC 167 -12.19 38.09 -86.79
C VAL JC 167 -13.02 37.64 -88.00
N PRO JC 168 -13.28 36.33 -88.26
CA PRO JC 168 -13.00 35.19 -87.38
C PRO JC 168 -11.59 34.62 -87.56
N SER JC 169 -11.07 34.00 -86.52
CA SER JC 169 -9.74 33.42 -86.64
C SER JC 169 -9.60 32.23 -85.71
N VAL JC 170 -8.78 31.27 -86.16
CA VAL JC 170 -8.44 30.08 -85.41
C VAL JC 170 -6.92 30.03 -85.29
N ILE JC 171 -6.47 29.91 -84.03
CA ILE JC 171 -5.05 29.90 -83.72
C ILE JC 171 -4.76 28.62 -82.97
N VAL JC 172 -3.87 27.79 -83.54
CA VAL JC 172 -3.45 26.62 -82.79
C VAL JC 172 -2.36 27.04 -81.81
N ILE JC 173 -2.61 26.80 -80.52
CA ILE JC 173 -1.74 27.27 -79.46
C ILE JC 173 -0.96 26.12 -78.85
N GLY JC 174 0.04 26.44 -78.03
CA GLY JC 174 0.82 25.48 -77.28
C GLY JC 174 0.71 25.77 -75.78
N SER JC 175 1.58 25.13 -75.00
CA SER JC 175 1.52 25.19 -73.54
C SER JC 175 1.86 26.57 -72.98
N ASP JC 176 2.73 27.30 -73.68
CA ASP JC 176 3.37 28.48 -73.11
C ASP JC 176 2.98 29.74 -73.87
N GLY JC 177 1.86 29.69 -74.59
CA GLY JC 177 1.42 30.85 -75.37
C GLY JC 177 1.98 30.88 -76.78
N ARG JC 178 2.71 29.79 -77.17
CA ARG JC 178 3.32 29.58 -78.47
C ARG JC 178 2.23 29.55 -79.55
N GLU JC 179 2.43 30.33 -80.61
CA GLU JC 179 1.56 30.24 -81.78
C GLU JC 179 2.08 29.07 -82.61
N ALA JC 180 1.42 27.91 -82.46
CA ALA JC 180 1.94 26.69 -83.05
C ALA JC 180 1.83 26.76 -84.58
N GLN JC 181 0.66 27.17 -85.09
CA GLN JC 181 0.52 27.51 -86.50
C GLN JC 181 -0.69 28.42 -86.68
N PHE JC 182 -0.66 29.18 -87.77
CA PHE JC 182 -1.77 30.05 -88.11
C PHE JC 182 -2.62 29.39 -89.19
N LEU JC 183 -3.92 29.31 -88.92
CA LEU JC 183 -4.80 28.76 -89.94
C LEU JC 183 -5.29 29.88 -90.86
N PRO JC 184 -4.95 29.82 -92.16
CA PRO JC 184 -5.24 30.93 -93.08
C PRO JC 184 -6.71 31.06 -93.52
N ILE JC 185 -7.53 31.60 -92.63
CA ILE JC 185 -8.94 31.80 -92.95
C ILE JC 185 -9.18 33.09 -93.75
N CYS JC 186 -8.83 34.22 -93.14
CA CYS JC 186 -8.78 35.52 -93.79
C CYS JC 186 -7.42 36.13 -93.47
N SER JC 187 -6.46 35.83 -94.36
CA SER JC 187 -5.05 36.05 -94.11
C SER JC 187 -4.39 36.44 -95.42
N GLY JC 188 -3.08 36.18 -95.53
CA GLY JC 188 -2.33 36.31 -96.76
C GLY JC 188 -2.71 35.25 -97.81
N LEU JC 189 -3.41 34.19 -97.37
CA LEU JC 189 -3.65 33.03 -98.25
C LEU JC 189 -5.11 32.90 -98.67
N GLU JC 190 -6.07 33.29 -97.79
CA GLU JC 190 -7.52 33.28 -98.04
C GLU JC 190 -8.00 31.90 -98.48
N GLU JC 191 -7.83 30.89 -97.62
CA GLU JC 191 -8.58 29.67 -97.81
C GLU JC 191 -9.74 29.68 -96.83
N GLY JC 192 -10.82 30.37 -97.20
CA GLY JC 192 -12.04 30.37 -96.41
C GLY JC 192 -12.63 28.96 -96.37
N ASP JC 193 -12.81 28.41 -95.17
CA ASP JC 193 -13.47 27.13 -94.90
C ASP JC 193 -12.65 25.91 -95.34
N ARG JC 194 -11.51 26.14 -96.02
CA ARG JC 194 -10.65 25.08 -96.54
C ARG JC 194 -9.32 25.02 -95.78
N ALA JC 195 -8.98 26.10 -95.05
CA ALA JC 195 -7.73 26.16 -94.32
C ALA JC 195 -7.75 25.27 -93.08
N LEU JC 196 -8.95 24.74 -92.74
CA LEU JC 196 -9.12 23.86 -91.58
C LEU JC 196 -8.41 22.53 -91.78
N LEU JC 197 -8.19 22.14 -93.04
CA LEU JC 197 -7.51 20.89 -93.35
C LEU JC 197 -5.99 21.03 -93.21
N ARG JC 198 -5.49 22.25 -92.98
CA ARG JC 198 -4.06 22.48 -92.86
C ARG JC 198 -3.56 22.15 -91.46
N TRP JC 199 -4.52 21.85 -90.55
CA TRP JC 199 -4.27 21.58 -89.14
C TRP JC 199 -3.47 20.30 -89.02
N ASP JC 200 -2.26 20.40 -88.46
CA ASP JC 200 -1.42 19.24 -88.21
C ASP JC 200 -1.55 18.99 -86.71
N TRP JC 201 -2.62 18.25 -86.38
CA TRP JC 201 -3.00 17.96 -85.00
C TRP JC 201 -2.01 17.03 -84.30
N ARG JC 202 -1.12 16.46 -85.10
CA ARG JC 202 -0.19 15.41 -84.73
C ARG JC 202 0.94 16.00 -83.88
N ASN JC 203 1.49 17.13 -84.34
CA ASN JC 203 2.73 17.70 -83.82
C ASN JC 203 2.46 18.87 -82.88
N THR JC 204 1.19 19.27 -82.74
CA THR JC 204 0.85 20.40 -81.91
C THR JC 204 -0.12 19.97 -80.82
N LYS JC 205 0.45 19.43 -79.76
CA LYS JC 205 -0.31 18.95 -78.61
C LYS JC 205 -0.03 19.90 -77.46
N PHE JC 206 -1.08 20.19 -76.69
CA PHE JC 206 -0.97 21.06 -75.53
C PHE JC 206 -0.26 20.31 -74.42
N ALA JC 207 1.07 20.27 -74.46
CA ALA JC 207 1.81 19.42 -73.54
C ALA JC 207 2.25 20.18 -72.30
N SER KC 2 23.01 -61.36 -64.23
CA SER KC 2 22.82 -60.89 -65.63
C SER KC 2 21.42 -61.25 -66.12
N GLN KC 3 20.66 -61.97 -65.28
CA GLN KC 3 19.40 -62.54 -65.69
C GLN KC 3 18.32 -61.96 -64.79
N PRO KC 4 17.16 -61.51 -65.33
CA PRO KC 4 16.87 -61.46 -66.78
C PRO KC 4 17.47 -60.26 -67.51
N VAL KC 5 17.42 -59.10 -66.84
CA VAL KC 5 17.77 -57.83 -67.43
C VAL KC 5 18.65 -57.07 -66.43
N PHE KC 6 19.64 -56.36 -66.96
CA PHE KC 6 20.64 -55.71 -66.13
C PHE KC 6 20.05 -54.51 -65.38
N ALA KC 7 19.18 -53.77 -66.06
CA ALA KC 7 18.47 -52.63 -65.51
C ALA KC 7 17.35 -53.15 -64.61
N SER KC 8 17.78 -53.69 -63.48
CA SER KC 8 16.87 -54.35 -62.56
C SER KC 8 17.46 -54.28 -61.16
N PRO KC 9 16.63 -53.84 -60.19
CA PRO KC 9 17.12 -53.63 -58.84
C PRO KC 9 17.62 -54.88 -58.12
N LEU KC 10 16.99 -56.04 -58.36
CA LEU KC 10 17.44 -57.28 -57.71
C LEU KC 10 18.85 -57.63 -58.19
N ASN KC 11 19.09 -57.56 -59.50
CA ASN KC 11 20.40 -57.88 -60.04
C ASN KC 11 21.47 -56.92 -59.51
N VAL KC 12 21.14 -55.62 -59.49
CA VAL KC 12 22.15 -54.65 -59.12
C VAL KC 12 22.46 -54.74 -57.61
N GLU KC 13 21.45 -55.03 -56.78
CA GLU KC 13 21.67 -55.21 -55.35
C GLU KC 13 22.44 -56.51 -55.06
N LYS KC 14 22.14 -57.56 -55.85
CA LYS KC 14 22.87 -58.83 -55.76
C LYS KC 14 24.35 -58.61 -56.04
N ARG KC 15 24.65 -57.89 -57.13
CA ARG KC 15 26.05 -57.70 -57.49
C ARG KC 15 26.73 -56.70 -56.56
N ARG KC 16 25.98 -55.73 -56.01
CA ARG KC 16 26.53 -54.84 -54.98
C ARG KC 16 26.95 -55.62 -53.72
N LEU KC 17 26.04 -56.47 -53.20
CA LEU KC 17 26.29 -57.26 -51.99
C LEU KC 17 27.46 -58.21 -52.23
N ASN KC 18 27.43 -58.84 -53.41
CA ASN KC 18 28.42 -59.87 -53.70
C ASN KC 18 29.77 -59.29 -54.07
N GLU KC 19 29.78 -58.11 -54.67
CA GLU KC 19 31.04 -57.40 -54.89
C GLU KC 19 31.63 -56.94 -53.56
N GLU KC 20 30.80 -56.50 -52.59
CA GLU KC 20 31.25 -56.21 -51.22
C GLU KC 20 31.88 -57.50 -50.62
N ARG KC 21 31.22 -58.65 -50.80
CA ARG KC 21 31.71 -59.90 -50.24
C ARG KC 21 33.03 -60.34 -50.90
N ALA KC 22 33.13 -60.17 -52.22
CA ALA KC 22 34.34 -60.50 -52.97
C ALA KC 22 35.51 -59.58 -52.56
N LEU KC 23 35.22 -58.30 -52.36
CA LEU KC 23 36.24 -57.36 -51.93
C LEU KC 23 36.69 -57.65 -50.49
N MET KC 24 35.75 -58.09 -49.63
CA MET KC 24 36.07 -58.51 -48.26
C MET KC 24 37.01 -59.73 -48.29
N GLN KC 25 36.68 -60.73 -49.14
CA GLN KC 25 37.50 -61.90 -49.39
C GLN KC 25 38.90 -61.54 -49.87
N ALA KC 26 39.00 -60.62 -50.83
CA ALA KC 26 40.27 -60.20 -51.41
C ALA KC 26 41.13 -59.50 -50.37
N GLN KC 27 40.49 -58.67 -49.53
CA GLN KC 27 41.22 -57.94 -48.51
C GLN KC 27 41.73 -58.89 -47.42
N LYS KC 28 40.90 -59.87 -47.08
CA LYS KC 28 41.27 -60.87 -46.08
C LYS KC 28 42.40 -61.76 -46.59
N ALA KC 29 42.30 -62.17 -47.86
CA ALA KC 29 43.29 -63.06 -48.48
C ALA KC 29 44.19 -62.23 -49.39
N ASN KC 35 43.49 -64.71 -53.28
CA ASN KC 35 43.64 -64.00 -54.58
C ASN KC 35 42.51 -64.42 -55.52
N ILE KC 36 41.65 -63.46 -55.87
CA ILE KC 36 40.39 -63.73 -56.54
C ILE KC 36 40.24 -62.83 -57.77
N GLN KC 37 39.30 -63.20 -58.66
CA GLN KC 37 38.99 -62.49 -59.89
C GLN KC 37 38.15 -61.24 -59.63
N LEU KC 38 38.61 -60.11 -60.19
CA LEU KC 38 37.85 -58.87 -60.22
C LEU KC 38 37.66 -58.43 -61.67
N PRO KC 39 36.42 -58.17 -62.15
CA PRO KC 39 35.19 -58.36 -61.36
C PRO KC 39 34.69 -59.81 -61.37
N PRO KC 40 34.01 -60.29 -60.30
CA PRO KC 40 33.68 -61.71 -60.15
C PRO KC 40 32.73 -62.27 -61.20
N ASN KC 41 32.83 -63.58 -61.42
CA ASN KC 41 31.99 -64.32 -62.36
C ASN KC 41 30.53 -64.32 -61.88
N TYR KC 42 29.57 -64.55 -62.80
CA TYR KC 42 28.16 -64.66 -62.44
C TYR KC 42 27.89 -65.92 -61.60
N GLY KC 43 28.69 -66.98 -61.75
CA GLY KC 43 28.63 -68.14 -60.87
C GLY KC 43 29.01 -67.82 -59.43
N ASP KC 44 29.83 -66.78 -59.24
CA ASP KC 44 30.35 -66.38 -57.94
C ASP KC 44 29.26 -65.69 -57.11
N MET KC 45 28.38 -64.91 -57.76
CA MET KC 45 27.29 -64.27 -57.05
C MET KC 45 26.24 -65.27 -56.58
N ASP KC 46 25.99 -65.29 -55.27
CA ASP KC 46 24.95 -66.08 -54.63
C ASP KC 46 24.16 -65.13 -53.73
N LEU KC 47 22.84 -65.26 -53.76
CA LEU KC 47 21.97 -64.24 -53.18
C LEU KC 47 20.78 -64.89 -52.50
N ILE KC 48 20.43 -64.37 -51.32
CA ILE KC 48 19.12 -64.65 -50.75
C ILE KC 48 18.09 -63.79 -51.49
N LEU KC 49 17.39 -64.40 -52.45
CA LEU KC 49 16.56 -63.69 -53.41
C LEU KC 49 15.34 -63.11 -52.72
N PHE KC 50 14.73 -63.92 -51.85
CA PHE KC 50 13.51 -63.51 -51.18
C PHE KC 50 13.82 -63.24 -49.72
N PRO KC 51 13.70 -61.97 -49.25
CA PRO KC 51 13.80 -61.63 -47.83
C PRO KC 51 12.80 -62.35 -46.95
N GLU KC 52 12.93 -62.15 -45.63
CA GLU KC 52 12.23 -62.93 -44.64
C GLU KC 52 10.73 -62.67 -44.73
N GLY KC 53 10.34 -61.41 -44.50
CA GLY KC 53 8.94 -61.06 -44.52
C GLY KC 53 8.40 -60.85 -45.92
N SER KC 54 8.38 -61.89 -46.78
CA SER KC 54 7.97 -61.70 -48.16
C SER KC 54 6.76 -62.55 -48.52
N LEU KC 55 6.90 -63.87 -48.30
CA LEU KC 55 5.88 -64.81 -48.70
C LEU KC 55 4.95 -65.09 -47.52
N LYS KC 56 3.64 -65.00 -47.80
CA LYS KC 56 2.62 -65.40 -46.85
C LYS KC 56 1.63 -66.32 -47.58
N ASN KC 57 1.15 -67.36 -46.90
CA ASN KC 57 0.13 -68.23 -47.45
C ASN KC 57 -1.25 -67.69 -47.07
N SER KC 58 -2.28 -68.49 -47.37
CA SER KC 58 -3.57 -68.24 -46.76
C SER KC 58 -3.42 -68.37 -45.25
N ASN KC 59 -4.25 -67.57 -44.53
CA ASN KC 59 -4.21 -67.31 -43.10
C ASN KC 59 -3.07 -66.35 -42.72
N ASN KC 60 -2.30 -65.90 -43.73
CA ASN KC 60 -1.31 -64.83 -43.57
C ASN KC 60 -0.24 -65.19 -42.54
N THR KC 61 0.51 -66.27 -42.83
CA THR KC 61 1.64 -66.67 -42.01
C THR KC 61 2.90 -66.64 -42.85
N VAL KC 62 3.90 -65.94 -42.30
CA VAL KC 62 5.08 -65.62 -43.08
C VAL KC 62 5.99 -66.85 -43.13
N ILE KC 63 6.43 -67.18 -44.34
CA ILE KC 63 7.24 -68.38 -44.53
C ILE KC 63 8.55 -68.02 -45.21
N PRO KC 64 9.71 -68.50 -44.70
CA PRO KC 64 11.01 -68.27 -45.33
C PRO KC 64 11.20 -68.90 -46.71
N GLN KC 65 12.22 -68.41 -47.42
CA GLN KC 65 12.51 -68.85 -48.77
C GLN KC 65 12.89 -70.33 -48.83
N SER KC 66 13.49 -70.83 -47.74
CA SER KC 66 14.11 -72.15 -47.72
C SER KC 66 13.06 -73.25 -47.92
N HIS KC 67 11.78 -72.87 -47.82
CA HIS KC 67 10.67 -73.80 -48.00
C HIS KC 67 10.49 -74.26 -49.44
N LEU KC 68 10.99 -73.45 -50.39
CA LEU KC 68 10.63 -73.62 -51.79
C LEU KC 68 11.42 -74.74 -52.47
N LYS KC 69 12.31 -75.39 -51.70
CA LYS KC 69 13.25 -76.35 -52.27
C LYS KC 69 12.49 -77.56 -52.83
N GLY KC 70 12.98 -78.05 -53.98
CA GLY KC 70 12.49 -79.21 -54.74
C GLY KC 70 11.09 -79.04 -55.29
N LYS KC 71 10.70 -77.80 -55.59
CA LYS KC 71 9.43 -77.58 -56.28
C LYS KC 71 9.67 -76.64 -57.45
N SER KC 72 8.76 -76.71 -58.44
CA SER KC 72 8.76 -75.81 -59.57
C SER KC 72 7.92 -74.57 -59.22
N VAL KC 73 8.57 -73.42 -59.13
CA VAL KC 73 7.93 -72.21 -58.63
C VAL KC 73 7.69 -71.26 -59.79
N ALA KC 74 6.49 -70.65 -59.81
CA ALA KC 74 6.16 -69.64 -60.81
C ALA KC 74 5.61 -68.39 -60.14
N LEU KC 75 6.17 -67.24 -60.56
CA LEU KC 75 5.56 -65.95 -60.26
C LEU KC 75 4.37 -65.74 -61.19
N TYR KC 76 3.27 -65.25 -60.59
CA TYR KC 76 2.03 -64.95 -61.28
C TYR KC 76 1.71 -63.49 -61.02
N PHE KC 77 1.86 -62.68 -62.07
CA PHE KC 77 1.55 -61.28 -62.02
C PHE KC 77 0.11 -61.08 -62.47
N ALA KC 78 -0.70 -60.47 -61.60
CA ALA KC 78 -2.14 -60.36 -61.84
C ALA KC 78 -2.73 -59.03 -61.34
N ASP KC 79 -3.91 -58.73 -61.87
CA ASP KC 79 -4.66 -57.52 -61.57
C ASP KC 79 -6.10 -57.89 -61.29
N GLY KC 80 -6.71 -57.15 -60.34
CA GLY KC 80 -8.10 -57.22 -59.94
C GLY KC 80 -9.07 -57.01 -61.10
N ALA KC 81 -8.83 -55.97 -61.92
CA ALA KC 81 -9.89 -55.50 -62.81
C ALA KC 81 -9.90 -56.20 -64.17
N ASP KC 82 -8.88 -57.02 -64.43
CA ASP KC 82 -8.54 -57.38 -65.79
C ASP KC 82 -9.43 -58.49 -66.33
N PRO KC 83 -10.15 -58.31 -67.45
CA PRO KC 83 -10.91 -59.38 -68.10
C PRO KC 83 -10.13 -60.66 -68.40
N LYS KC 84 -8.89 -60.48 -68.87
CA LYS KC 84 -8.07 -61.63 -69.22
C LYS KC 84 -7.63 -62.37 -67.97
N CYS KC 85 -7.40 -61.64 -66.86
CA CYS KC 85 -7.10 -62.25 -65.57
C CYS KC 85 -8.29 -63.08 -65.10
N ALA KC 86 -9.50 -62.52 -65.23
CA ALA KC 86 -10.72 -63.21 -64.84
C ALA KC 86 -10.92 -64.48 -65.66
N SER KC 87 -10.50 -64.46 -66.93
CA SER KC 87 -10.55 -65.66 -67.76
C SER KC 87 -9.51 -66.69 -67.29
N LEU KC 88 -8.34 -66.20 -66.88
CA LEU KC 88 -7.21 -67.09 -66.65
C LEU KC 88 -7.31 -67.80 -65.30
N LEU KC 89 -7.87 -67.13 -64.27
CA LEU KC 89 -7.81 -67.61 -62.89
C LEU KC 89 -8.41 -69.01 -62.70
N PRO KC 90 -9.62 -69.34 -63.22
CA PRO KC 90 -10.17 -70.66 -62.99
C PRO KC 90 -9.34 -71.79 -63.62
N PHE KC 91 -8.82 -71.60 -64.84
CA PHE KC 91 -7.95 -72.62 -65.40
C PHE KC 91 -6.70 -72.82 -64.57
N LEU KC 92 -6.17 -71.75 -63.99
CA LEU KC 92 -4.96 -71.88 -63.23
C LEU KC 92 -5.24 -72.58 -61.90
N LEU KC 93 -6.43 -72.32 -61.32
CA LEU KC 93 -6.89 -73.04 -60.15
C LEU KC 93 -6.97 -74.55 -60.46
N ASN KC 94 -7.58 -74.95 -61.59
CA ASN KC 94 -7.75 -76.34 -62.02
C ASN KC 94 -6.38 -76.98 -62.26
N TYR KC 95 -5.45 -76.21 -62.84
CA TYR KC 95 -4.14 -76.75 -63.17
C TYR KC 95 -3.39 -77.05 -61.88
N TYR KC 96 -3.44 -76.09 -60.95
CA TYR KC 96 -2.82 -76.23 -59.64
C TYR KC 96 -3.37 -77.49 -58.96
N ARG KC 97 -4.71 -77.57 -58.91
CA ARG KC 97 -5.50 -78.62 -58.30
C ARG KC 97 -5.03 -79.99 -58.78
N THR KC 98 -5.18 -80.23 -60.09
CA THR KC 98 -4.93 -81.53 -60.69
C THR KC 98 -3.44 -81.84 -60.59
N MET KC 99 -2.63 -80.93 -61.12
CA MET KC 99 -1.23 -81.21 -61.31
C MET KC 99 -0.50 -81.37 -59.98
N ASN KC 100 -1.11 -80.90 -58.89
CA ASN KC 100 -0.43 -80.95 -57.62
C ASN KC 100 -0.95 -82.10 -56.75
N GLU KC 101 -2.23 -82.46 -56.90
CA GLU KC 101 -2.75 -83.59 -56.15
C GLU KC 101 -2.36 -84.91 -56.80
N GLY KC 102 -2.02 -84.89 -58.10
CA GLY KC 102 -1.74 -86.15 -58.77
C GLY KC 102 -0.34 -86.62 -58.40
N GLY KC 103 -0.21 -87.66 -57.56
CA GLY KC 103 1.13 -88.19 -57.29
C GLY KC 103 1.59 -88.01 -55.84
N ALA KC 104 2.90 -87.86 -55.62
CA ALA KC 104 3.52 -88.11 -54.32
C ALA KC 104 4.03 -86.83 -53.62
N ASN KC 105 4.58 -85.87 -54.37
CA ASN KC 105 5.15 -84.68 -53.76
C ASN KC 105 4.33 -83.43 -54.11
N GLN KC 106 4.66 -82.31 -53.47
CA GLN KC 106 4.13 -81.03 -53.90
C GLN KC 106 5.03 -80.51 -55.03
N LYS KC 107 4.55 -80.65 -56.26
CA LYS KC 107 5.37 -80.38 -57.43
C LYS KC 107 5.44 -78.87 -57.65
N ILE KC 108 4.30 -78.23 -57.97
CA ILE KC 108 4.31 -76.84 -58.41
C ILE KC 108 4.03 -75.93 -57.22
N GLU KC 109 4.45 -74.67 -57.31
CA GLU KC 109 4.07 -73.67 -56.30
C GLU KC 109 4.02 -72.30 -56.97
N ILE KC 110 3.08 -71.45 -56.52
CA ILE KC 110 2.79 -70.19 -57.19
C ILE KC 110 2.93 -69.03 -56.20
N ILE KC 111 3.70 -68.01 -56.60
CA ILE KC 111 3.84 -66.77 -55.85
C ILE KC 111 3.07 -65.68 -56.59
N PHE KC 112 2.14 -65.04 -55.89
CA PHE KC 112 1.24 -64.07 -56.51
C PHE KC 112 1.73 -62.65 -56.26
N VAL KC 113 1.95 -61.90 -57.35
CA VAL KC 113 2.29 -60.48 -57.25
C VAL KC 113 1.22 -59.66 -57.97
N SER KC 114 0.70 -58.66 -57.26
CA SER KC 114 -0.43 -57.86 -57.70
C SER KC 114 0.03 -56.53 -58.30
N LEU KC 115 -0.62 -56.15 -59.40
CA LEU KC 115 -0.52 -54.81 -59.94
C LEU KC 115 -1.78 -54.00 -59.64
N ASP KC 116 -2.47 -54.39 -58.57
CA ASP KC 116 -3.75 -53.80 -58.20
C ASP KC 116 -3.56 -52.35 -57.77
N ARG KC 117 -4.65 -51.57 -57.72
CA ARG KC 117 -4.54 -50.12 -57.59
C ARG KC 117 -4.55 -49.65 -56.12
N ASP KC 118 -4.84 -50.56 -55.17
CA ASP KC 118 -4.59 -50.27 -53.76
C ASP KC 118 -4.61 -51.57 -52.96
N ARG KC 119 -4.48 -51.38 -51.64
CA ARG KC 119 -4.51 -52.42 -50.61
C ARG KC 119 -5.85 -53.17 -50.66
N GLU KC 120 -6.95 -52.43 -50.84
CA GLU KC 120 -8.29 -53.01 -50.81
C GLU KC 120 -8.47 -53.98 -51.98
N ALA KC 121 -8.04 -53.53 -53.18
CA ALA KC 121 -8.12 -54.37 -54.37
C ALA KC 121 -7.20 -55.58 -54.21
N PHE KC 122 -6.01 -55.36 -53.64
CA PHE KC 122 -5.04 -56.43 -53.47
C PHE KC 122 -5.63 -57.52 -52.59
N GLU KC 123 -6.20 -57.14 -51.44
CA GLU KC 123 -6.71 -58.11 -50.49
C GLU KC 123 -7.91 -58.85 -51.07
N SER KC 124 -8.80 -58.10 -51.73
CA SER KC 124 -10.00 -58.69 -52.33
C SER KC 124 -9.64 -59.71 -53.43
N HIS KC 125 -8.68 -59.37 -54.29
CA HIS KC 125 -8.28 -60.30 -55.31
C HIS KC 125 -7.44 -61.44 -54.74
N ARG KC 126 -6.78 -61.20 -53.60
CA ARG KC 126 -5.95 -62.23 -52.99
C ARG KC 126 -6.80 -63.32 -52.32
N ALA KC 127 -8.00 -62.92 -51.87
CA ALA KC 127 -8.91 -63.86 -51.22
C ALA KC 127 -9.37 -65.00 -52.14
N HIS KC 128 -9.19 -64.90 -53.46
CA HIS KC 128 -9.62 -65.95 -54.39
C HIS KC 128 -8.62 -67.10 -54.53
N MET KC 129 -7.44 -67.00 -53.90
CA MET KC 129 -6.36 -67.85 -54.35
C MET KC 129 -5.72 -68.65 -53.22
N PRO KC 130 -5.43 -69.94 -53.43
CA PRO KC 130 -4.80 -70.76 -52.40
C PRO KC 130 -3.29 -70.79 -52.30
N TRP KC 131 -2.60 -70.29 -53.33
CA TRP KC 131 -1.15 -70.34 -53.32
C TRP KC 131 -0.60 -69.18 -52.49
N LEU KC 132 0.72 -69.00 -52.54
CA LEU KC 132 1.38 -67.99 -51.73
C LEU KC 132 1.21 -66.60 -52.34
N SER KC 133 1.64 -65.56 -51.61
CA SER KC 133 1.53 -64.19 -52.10
C SER KC 133 2.57 -63.29 -51.43
N ILE KC 134 2.80 -62.12 -52.04
CA ILE KC 134 3.63 -61.06 -51.47
C ILE KC 134 2.74 -59.84 -51.23
N ASP KC 135 2.80 -59.30 -50.00
CA ASP KC 135 2.03 -58.12 -49.63
C ASP KC 135 2.49 -56.92 -50.44
N LEU KC 136 1.57 -55.99 -50.74
CA LEU KC 136 1.87 -54.85 -51.59
C LEU KC 136 2.74 -53.82 -50.88
N GLU KC 137 2.70 -53.80 -49.54
CA GLU KC 137 3.45 -52.88 -48.70
C GLU KC 137 4.97 -53.10 -48.83
N ASN KC 138 5.42 -54.35 -48.96
CA ASN KC 138 6.85 -54.60 -49.13
C ASN KC 138 7.29 -54.17 -50.51
N PRO KC 139 8.44 -53.45 -50.62
CA PRO KC 139 8.90 -52.91 -51.91
C PRO KC 139 9.16 -54.00 -52.95
N LEU KC 140 9.32 -55.24 -52.46
CA LEU KC 140 9.81 -56.34 -53.26
C LEU KC 140 8.89 -56.58 -54.46
N THR KC 141 7.62 -56.20 -54.32
CA THR KC 141 6.69 -56.26 -55.44
C THR KC 141 7.14 -55.35 -56.58
N GLU KC 142 7.47 -54.10 -56.25
CA GLU KC 142 7.86 -53.12 -57.25
C GLU KC 142 9.18 -53.53 -57.91
N ILE KC 143 10.16 -53.89 -57.06
CA ILE KC 143 11.44 -54.37 -57.55
C ILE KC 143 11.22 -55.59 -58.46
N LEU KC 144 10.35 -56.52 -58.04
CA LEU KC 144 10.14 -57.75 -58.81
C LEU KC 144 9.49 -57.47 -60.17
N LYS KC 145 8.49 -56.58 -60.21
CA LYS KC 145 7.77 -56.34 -61.45
C LYS KC 145 8.67 -55.65 -62.48
N ARG KC 146 9.50 -54.73 -62.02
CA ARG KC 146 10.43 -54.10 -62.94
C ARG KC 146 11.57 -55.05 -63.29
N HIS KC 147 11.90 -55.94 -62.35
CA HIS KC 147 12.99 -56.88 -62.51
C HIS KC 147 12.65 -57.88 -63.59
N PHE KC 148 11.38 -58.25 -63.69
CA PHE KC 148 10.94 -59.14 -64.76
C PHE KC 148 10.35 -58.36 -65.93
N ARG KC 149 10.41 -57.03 -65.83
CA ARG KC 149 9.98 -56.11 -66.89
C ARG KC 149 8.52 -56.35 -67.28
N VAL KC 150 7.72 -56.87 -66.34
CA VAL KC 150 6.32 -57.10 -66.64
C VAL KC 150 5.58 -55.78 -66.47
N MET KC 151 5.27 -55.14 -67.60
CA MET KC 151 4.70 -53.80 -67.60
C MET KC 151 3.25 -53.87 -68.04
N LYS KC 152 2.37 -53.31 -67.21
CA LYS KC 152 0.92 -53.27 -67.37
C LYS KC 152 0.58 -52.39 -68.56
N GLU KC 153 0.78 -51.08 -68.43
CA GLU KC 153 0.85 -50.16 -69.56
C GLU KC 153 2.13 -49.37 -69.38
N TYR KC 154 2.49 -48.56 -70.39
CA TYR KC 154 3.71 -47.80 -70.30
C TYR KC 154 3.52 -46.62 -69.34
N GLU KC 155 3.71 -46.90 -68.04
CA GLU KC 155 3.58 -45.91 -66.98
C GLU KC 155 4.90 -45.74 -66.23
N VAL KC 156 5.72 -46.80 -66.19
CA VAL KC 156 7.08 -46.72 -65.66
C VAL KC 156 8.03 -46.81 -66.84
N PRO KC 157 8.95 -45.84 -67.01
CA PRO KC 157 9.87 -45.88 -68.14
C PRO KC 157 10.86 -47.04 -68.02
N THR KC 158 11.26 -47.59 -69.17
CA THR KC 158 12.19 -48.70 -69.24
C THR KC 158 13.56 -48.20 -69.67
N TYR KC 159 14.57 -49.04 -69.46
CA TYR KC 159 15.92 -48.72 -69.87
C TYR KC 159 16.23 -49.34 -71.22
N GLY KC 160 15.32 -49.13 -72.18
CA GLY KC 160 15.48 -49.58 -73.56
C GLY KC 160 15.09 -51.03 -73.74
N TYR KC 161 14.81 -51.72 -72.63
CA TYR KC 161 14.32 -53.10 -72.68
C TYR KC 161 12.87 -53.07 -73.15
N GLY KC 162 12.53 -53.96 -74.08
CA GLY KC 162 11.14 -54.09 -74.51
C GLY KC 162 10.32 -54.88 -73.52
N SER KC 163 9.04 -54.47 -73.33
CA SER KC 163 8.11 -55.14 -72.45
C SER KC 163 7.78 -56.51 -73.05
N ARG KC 164 8.19 -57.57 -72.35
CA ARG KC 164 7.98 -58.92 -72.90
C ARG KC 164 6.50 -59.26 -72.87
N THR KC 165 5.91 -59.06 -71.68
CA THR KC 165 4.53 -59.38 -71.43
C THR KC 165 4.05 -58.52 -70.27
N GLY KC 166 2.72 -58.48 -70.14
CA GLY KC 166 2.03 -57.78 -69.07
C GLY KC 166 1.04 -58.67 -68.33
N VAL KC 167 0.09 -58.05 -67.62
CA VAL KC 167 -0.95 -58.76 -66.88
C VAL KC 167 -1.85 -59.50 -67.87
N PRO KC 168 -2.30 -60.76 -67.60
CA PRO KC 168 -1.72 -61.63 -66.57
C PRO KC 168 -0.50 -62.35 -67.12
N SER KC 169 0.38 -62.83 -66.24
CA SER KC 169 1.54 -63.54 -66.73
C SER KC 169 1.99 -64.56 -65.69
N VAL KC 170 2.48 -65.69 -66.20
CA VAL KC 170 3.10 -66.69 -65.37
C VAL KC 170 4.51 -66.93 -65.87
N ILE KC 171 5.47 -67.06 -64.95
CA ILE KC 171 6.85 -67.32 -65.34
C ILE KC 171 7.53 -68.20 -64.28
N VAL KC 172 8.30 -69.21 -64.72
CA VAL KC 172 8.90 -70.16 -63.80
C VAL KC 172 10.36 -69.80 -63.53
N ILE KC 173 10.76 -70.08 -62.29
CA ILE KC 173 11.92 -69.43 -61.68
C ILE KC 173 13.04 -70.43 -61.44
N GLY KC 174 14.29 -69.94 -61.43
CA GLY KC 174 15.46 -70.71 -61.06
C GLY KC 174 16.09 -70.21 -59.76
N SER KC 175 17.16 -70.87 -59.32
CA SER KC 175 17.74 -70.66 -58.00
C SER KC 175 18.51 -69.33 -57.93
N ASP KC 176 19.20 -68.97 -59.02
CA ASP KC 176 20.06 -67.79 -59.07
C ASP KC 176 19.29 -66.58 -59.64
N GLY KC 177 17.96 -66.67 -59.60
CA GLY KC 177 17.11 -65.63 -60.15
C GLY KC 177 16.90 -65.80 -61.65
N ARG KC 178 17.49 -66.84 -62.27
CA ARG KC 178 17.43 -67.05 -63.72
C ARG KC 178 16.01 -67.34 -64.19
N GLU KC 179 15.48 -66.52 -65.12
CA GLU KC 179 14.15 -66.73 -65.68
C GLU KC 179 14.20 -67.98 -66.57
N ALA KC 180 13.36 -68.98 -66.26
CA ALA KC 180 13.44 -70.22 -67.01
C ALA KC 180 12.65 -70.06 -68.29
N GLN KC 181 11.33 -69.90 -68.12
CA GLN KC 181 10.49 -69.53 -69.25
C GLN KC 181 9.26 -68.77 -68.78
N PHE KC 182 8.85 -67.82 -69.65
CA PHE KC 182 7.54 -67.18 -69.62
C PHE KC 182 6.54 -68.15 -70.22
N LEU KC 183 5.46 -68.42 -69.49
CA LEU KC 183 4.36 -69.11 -70.13
C LEU KC 183 3.63 -68.14 -71.04
N PRO KC 184 3.53 -68.48 -72.35
CA PRO KC 184 2.90 -67.57 -73.31
C PRO KC 184 1.38 -67.44 -73.12
N ILE KC 185 1.05 -66.52 -72.21
CA ILE KC 185 -0.35 -66.27 -71.91
C ILE KC 185 -0.86 -65.15 -72.81
N CYS KC 186 -0.30 -63.97 -72.55
CA CYS KC 186 -0.61 -62.79 -73.32
C CYS KC 186 0.71 -62.29 -73.90
N SER KC 187 1.12 -62.90 -75.01
CA SER KC 187 2.42 -62.62 -75.60
C SER KC 187 2.27 -62.79 -77.11
N GLY KC 188 3.42 -62.90 -77.80
CA GLY KC 188 3.48 -63.17 -79.22
C GLY KC 188 2.76 -64.46 -79.62
N LEU KC 189 2.88 -65.49 -78.78
CA LEU KC 189 2.23 -66.76 -79.06
C LEU KC 189 0.73 -66.65 -78.79
N GLU KC 190 0.36 -66.02 -77.64
CA GLU KC 190 -1.03 -65.82 -77.24
C GLU KC 190 -1.79 -67.14 -77.22
N GLU KC 191 -1.34 -68.03 -76.32
CA GLU KC 191 -2.04 -69.28 -76.05
C GLU KC 191 -2.71 -69.13 -74.67
N GLY KC 192 -3.92 -68.57 -74.71
CA GLY KC 192 -4.69 -68.32 -73.50
C GLY KC 192 -5.27 -69.63 -72.97
N ASP KC 193 -5.14 -69.86 -71.66
CA ASP KC 193 -5.69 -70.99 -70.92
C ASP KC 193 -5.14 -72.33 -71.41
N ARG KC 194 -4.16 -72.36 -72.30
CA ARG KC 194 -3.71 -73.61 -72.92
C ARG KC 194 -2.19 -73.72 -72.83
N ALA KC 195 -1.53 -72.59 -72.63
CA ALA KC 195 -0.08 -72.59 -72.50
C ALA KC 195 0.36 -72.93 -71.06
N LEU KC 196 -0.63 -73.03 -70.14
CA LEU KC 196 -0.41 -73.34 -68.73
C LEU KC 196 0.27 -74.71 -68.59
N LEU KC 197 0.02 -75.58 -69.57
CA LEU KC 197 0.52 -76.96 -69.52
C LEU KC 197 1.86 -77.13 -70.21
N ARG KC 198 2.52 -76.02 -70.54
CA ARG KC 198 3.86 -76.06 -71.08
C ARG KC 198 4.94 -76.08 -70.00
N TRP KC 199 4.51 -76.03 -68.73
CA TRP KC 199 5.39 -75.94 -67.57
C TRP KC 199 6.26 -77.20 -67.47
N ASP KC 200 7.54 -77.01 -67.19
CA ASP KC 200 8.53 -78.08 -67.08
C ASP KC 200 8.96 -78.24 -65.62
N TRP KC 201 8.14 -79.01 -64.89
CA TRP KC 201 8.28 -79.15 -63.43
C TRP KC 201 9.37 -80.15 -63.05
N ARG KC 202 9.74 -81.05 -63.99
CA ARG KC 202 10.82 -82.01 -63.78
C ARG KC 202 12.14 -81.24 -63.68
N ASN KC 203 12.38 -80.34 -64.63
CA ASN KC 203 13.65 -79.65 -64.74
C ASN KC 203 13.73 -78.46 -63.79
N THR KC 204 12.66 -77.65 -63.76
CA THR KC 204 12.69 -76.45 -62.95
C THR KC 204 12.52 -76.87 -61.49
N LYS KC 205 13.62 -76.84 -60.72
CA LYS KC 205 13.61 -77.25 -59.33
C LYS KC 205 14.40 -76.22 -58.54
N PHE KC 206 13.70 -75.50 -57.64
CA PHE KC 206 14.34 -74.40 -56.91
C PHE KC 206 15.37 -74.96 -55.95
N ALA KC 207 16.55 -74.33 -55.90
CA ALA KC 207 17.62 -74.80 -55.04
C ALA KC 207 18.37 -73.60 -54.44
N SER LC 2 -18.20 9.00 -76.64
CA SER LC 2 -18.20 9.47 -78.05
C SER LC 2 -19.35 8.81 -78.83
N GLN LC 3 -20.03 7.87 -78.16
CA GLN LC 3 -21.31 7.35 -78.58
C GLN LC 3 -22.41 7.92 -77.69
N PRO LC 4 -23.56 8.36 -78.27
CA PRO LC 4 -23.80 8.40 -79.73
C PRO LC 4 -23.15 9.56 -80.46
N VAL LC 5 -23.17 10.72 -79.80
CA VAL LC 5 -22.66 11.95 -80.35
C VAL LC 5 -21.67 12.54 -79.35
N PHE LC 6 -20.82 13.41 -79.90
CA PHE LC 6 -19.72 13.98 -79.15
C PHE LC 6 -20.26 15.05 -78.19
N ALA LC 7 -20.95 16.06 -78.75
CA ALA LC 7 -21.50 17.20 -78.03
C ALA LC 7 -22.74 16.72 -77.31
N SER LC 8 -22.48 16.00 -76.24
CA SER LC 8 -23.55 15.40 -75.48
C SER LC 8 -23.28 15.60 -74.00
N PRO LC 9 -24.33 15.97 -73.23
CA PRO LC 9 -24.15 16.38 -71.84
C PRO LC 9 -23.56 15.30 -70.92
N LEU LC 10 -23.82 14.02 -71.22
CA LEU LC 10 -23.19 12.98 -70.41
C LEU LC 10 -21.75 12.68 -70.82
N ASN LC 11 -21.46 12.73 -72.13
CA ASN LC 11 -20.10 12.46 -72.59
C ASN LC 11 -19.11 13.55 -72.15
N VAL LC 12 -19.58 14.80 -72.09
CA VAL LC 12 -18.69 15.89 -71.71
C VAL LC 12 -18.23 15.72 -70.26
N GLU LC 13 -19.17 15.44 -69.35
CA GLU LC 13 -18.85 15.23 -67.95
C GLU LC 13 -18.11 13.91 -67.74
N LYS LC 14 -18.42 12.92 -68.59
CA LYS LC 14 -17.67 11.67 -68.62
C LYS LC 14 -16.18 11.89 -68.90
N ARG LC 15 -15.89 12.61 -69.98
CA ARG LC 15 -14.50 12.81 -70.35
C ARG LC 15 -13.82 13.75 -69.36
N ARG LC 16 -14.57 14.72 -68.80
CA ARG LC 16 -14.05 15.59 -67.75
C ARG LC 16 -13.59 14.76 -66.55
N LEU LC 17 -14.53 13.98 -65.96
CA LEU LC 17 -14.25 13.21 -64.76
C LEU LC 17 -13.16 12.17 -65.01
N ASN LC 18 -13.21 11.51 -66.17
CA ASN LC 18 -12.30 10.40 -66.45
C ASN LC 18 -10.90 10.89 -66.76
N GLU LC 19 -10.82 12.03 -67.45
CA GLU LC 19 -9.53 12.66 -67.68
C GLU LC 19 -8.96 13.21 -66.36
N GLU LC 20 -9.81 13.70 -65.45
CA GLU LC 20 -9.42 14.14 -64.11
C GLU LC 20 -8.85 12.94 -63.35
N ARG LC 21 -9.50 11.77 -63.45
CA ARG LC 21 -9.06 10.57 -62.73
C ARG LC 21 -7.71 10.10 -63.28
N ALA LC 22 -7.57 10.11 -64.62
CA ALA LC 22 -6.34 9.72 -65.28
C ALA LC 22 -5.19 10.66 -64.88
N LEU LC 23 -5.45 11.96 -64.86
CA LEU LC 23 -4.44 12.94 -64.49
C LEU LC 23 -4.06 12.82 -63.01
N MET LC 24 -5.02 12.51 -62.13
CA MET LC 24 -4.71 12.31 -60.73
C MET LC 24 -3.83 11.07 -60.53
N GLN LC 25 -4.14 9.99 -61.28
CA GLN LC 25 -3.34 8.78 -61.25
C GLN LC 25 -1.90 9.06 -61.75
N ALA LC 26 -1.80 9.85 -62.84
CA ALA LC 26 -0.52 10.21 -63.45
C ALA LC 26 0.31 11.08 -62.51
N GLN LC 27 -0.36 12.00 -61.80
CA GLN LC 27 0.31 12.89 -60.86
C GLN LC 27 0.81 12.10 -59.64
N LYS LC 28 0.01 11.12 -59.18
CA LYS LC 28 0.44 10.26 -58.08
C LYS LC 28 1.62 9.37 -58.49
N ALA LC 29 1.59 8.83 -59.72
CA ALA LC 29 2.61 7.91 -60.18
C ALA LC 29 3.55 8.65 -61.15
N ASN LC 35 1.89 3.46 -65.28
CA ASN LC 35 2.09 4.02 -66.64
C ASN LC 35 0.74 4.15 -67.34
N ILE LC 36 0.31 5.40 -67.58
CA ILE LC 36 -1.01 5.68 -68.10
C ILE LC 36 -0.91 6.59 -69.33
N GLN LC 37 -1.97 6.57 -70.13
CA GLN LC 37 -2.06 7.39 -71.34
C GLN LC 37 -3.03 8.55 -71.09
N LEU LC 38 -2.63 9.74 -71.53
CA LEU LC 38 -3.50 10.90 -71.58
C LEU LC 38 -3.55 11.43 -73.01
N PRO LC 39 -4.72 11.59 -73.66
CA PRO LC 39 -6.04 11.24 -73.11
C PRO LC 39 -6.37 9.76 -73.18
N PRO LC 40 -7.19 9.19 -72.26
CA PRO LC 40 -7.52 7.77 -72.31
C PRO LC 40 -8.34 7.40 -73.55
N ASN LC 41 -8.25 6.10 -73.95
CA ASN LC 41 -9.07 5.58 -75.02
C ASN LC 41 -10.50 5.52 -74.49
N TYR LC 42 -11.50 5.75 -75.38
CA TYR LC 42 -12.92 5.66 -75.07
C TYR LC 42 -13.32 4.28 -74.53
N GLY LC 43 -12.53 3.25 -74.83
CA GLY LC 43 -12.81 1.91 -74.34
C GLY LC 43 -12.21 1.62 -72.96
N ASP LC 44 -11.60 2.64 -72.32
CA ASP LC 44 -10.86 2.45 -71.09
C ASP LC 44 -11.66 2.90 -69.87
N MET LC 45 -12.28 4.08 -69.93
CA MET LC 45 -12.92 4.64 -68.75
C MET LC 45 -14.25 3.92 -68.45
N ASP LC 46 -14.69 4.03 -67.18
CA ASP LC 46 -16.01 3.62 -66.73
C ASP LC 46 -16.68 4.81 -66.03
N LEU LC 47 -17.99 4.98 -66.26
CA LEU LC 47 -18.74 6.15 -65.82
C LEU LC 47 -20.04 5.70 -65.14
N ILE LC 48 -20.40 6.36 -64.05
CA ILE LC 48 -21.75 6.30 -63.48
C ILE LC 48 -22.73 6.97 -64.45
N LEU LC 49 -23.47 6.20 -65.27
CA LEU LC 49 -24.23 6.82 -66.35
C LEU LC 49 -25.53 7.39 -65.79
N PHE LC 50 -26.15 6.64 -64.87
CA PHE LC 50 -27.42 7.01 -64.27
C PHE LC 50 -27.18 7.35 -62.80
N PRO LC 51 -27.31 8.64 -62.41
CA PRO LC 51 -27.23 9.08 -61.01
C PRO LC 51 -28.02 8.25 -60.02
N GLU LC 52 -27.82 8.53 -58.73
CA GLU LC 52 -28.43 7.71 -57.69
C GLU LC 52 -29.95 7.94 -57.67
N GLY LC 53 -30.36 9.19 -57.41
CA GLY LC 53 -31.77 9.48 -57.23
C GLY LC 53 -32.48 9.86 -58.54
N SER LC 54 -32.52 8.93 -59.49
CA SER LC 54 -33.13 9.21 -60.79
C SER LC 54 -34.22 8.21 -61.12
N LEU LC 55 -33.89 6.91 -61.04
CA LEU LC 55 -34.83 5.88 -61.46
C LEU LC 55 -35.79 5.59 -60.30
N LYS LC 56 -37.09 5.58 -60.64
CA LYS LC 56 -38.15 5.19 -59.73
C LYS LC 56 -39.02 4.16 -60.45
N ASN LC 57 -39.34 3.07 -59.78
CA ASN LC 57 -40.23 2.08 -60.41
C ASN LC 57 -41.67 2.44 -60.04
N SER LC 58 -42.59 1.55 -60.46
CA SER LC 58 -43.91 1.56 -59.85
C SER LC 58 -43.73 1.29 -58.36
N ASN LC 59 -44.60 1.94 -57.57
CA ASN LC 59 -44.56 2.04 -56.11
C ASN LC 59 -43.57 3.10 -55.63
N ASN LC 60 -42.95 3.83 -56.58
CA ASN LC 60 -42.17 5.02 -56.26
C ASN LC 60 -41.02 4.74 -55.29
N THR LC 61 -40.26 3.71 -55.66
CA THR LC 61 -39.05 3.39 -54.92
C THR LC 61 -37.87 3.60 -55.86
N VAL LC 62 -36.85 4.30 -55.35
CA VAL LC 62 -35.62 4.57 -56.07
C VAL LC 62 -34.77 3.30 -56.21
N ILE LC 63 -34.26 3.01 -57.39
CA ILE LC 63 -33.31 1.91 -57.56
C ILE LC 63 -31.99 2.44 -58.11
N PRO LC 64 -30.80 1.98 -57.65
CA PRO LC 64 -29.52 2.31 -58.28
C PRO LC 64 -29.33 1.69 -59.66
N GLN LC 65 -28.37 2.26 -60.38
CA GLN LC 65 -27.91 1.81 -61.70
C GLN LC 65 -27.63 0.31 -61.74
N SER LC 66 -27.04 -0.14 -60.61
CA SER LC 66 -26.41 -1.45 -60.54
C SER LC 66 -27.46 -2.54 -60.62
N HIS LC 67 -28.73 -2.18 -60.42
CA HIS LC 67 -29.83 -3.15 -60.55
C HIS LC 67 -30.04 -3.63 -62.00
N LEU LC 68 -29.51 -2.83 -62.95
CA LEU LC 68 -29.94 -2.97 -64.33
C LEU LC 68 -29.31 -4.15 -65.08
N LYS LC 69 -28.36 -4.81 -64.43
CA LYS LC 69 -27.48 -5.77 -65.12
C LYS LC 69 -28.30 -6.96 -65.66
N GLY LC 70 -27.88 -7.48 -66.82
CA GLY LC 70 -28.35 -8.72 -67.43
C GLY LC 70 -29.73 -8.60 -68.08
N LYS LC 71 -30.11 -7.37 -68.43
CA LYS LC 71 -31.36 -7.15 -69.14
C LYS LC 71 -31.10 -6.30 -70.37
N SER LC 72 -32.03 -6.30 -71.32
CA SER LC 72 -32.02 -5.36 -72.43
C SER LC 72 -32.82 -4.12 -72.00
N VAL LC 73 -32.10 -2.99 -71.91
CA VAL LC 73 -32.66 -1.77 -71.35
C VAL LC 73 -33.00 -0.81 -72.47
N ALA LC 74 -34.30 -0.50 -72.64
CA ALA LC 74 -34.73 0.40 -73.69
C ALA LC 74 -35.22 1.73 -73.11
N LEU LC 75 -34.66 2.83 -73.63
CA LEU LC 75 -35.14 4.15 -73.28
C LEU LC 75 -36.31 4.50 -74.18
N TYR LC 76 -37.37 4.97 -73.54
CA TYR LC 76 -38.62 5.30 -74.20
C TYR LC 76 -38.94 6.75 -73.93
N PHE LC 77 -38.76 7.59 -74.93
CA PHE LC 77 -39.13 8.98 -74.87
C PHE LC 77 -40.54 9.14 -75.36
N ALA LC 78 -41.39 9.73 -74.52
CA ALA LC 78 -42.79 9.85 -74.84
C ALA LC 78 -43.37 11.17 -74.35
N ASP LC 79 -44.49 11.61 -74.95
CA ASP LC 79 -45.27 12.77 -74.55
C ASP LC 79 -46.72 12.32 -74.36
N GLY LC 80 -47.41 12.98 -73.41
CA GLY LC 80 -48.80 12.70 -73.09
C GLY LC 80 -49.75 12.95 -74.27
N ALA LC 81 -49.49 14.01 -75.06
CA ALA LC 81 -50.46 14.55 -76.00
C ALA LC 81 -50.37 13.95 -77.40
N ASP LC 82 -49.32 13.19 -77.70
CA ASP LC 82 -49.08 12.84 -79.09
C ASP LC 82 -49.97 11.66 -79.52
N PRO LC 83 -50.71 11.78 -80.66
CA PRO LC 83 -51.46 10.67 -81.25
C PRO LC 83 -50.67 9.36 -81.37
N LYS LC 84 -49.42 9.53 -81.84
CA LYS LC 84 -48.53 8.42 -82.11
C LYS LC 84 -48.20 7.66 -80.84
N CYS LC 85 -47.94 8.40 -79.75
CA CYS LC 85 -47.64 7.82 -78.45
C CYS LC 85 -48.85 7.02 -77.95
N ALA LC 86 -50.05 7.62 -78.12
CA ALA LC 86 -51.29 7.00 -77.66
C ALA LC 86 -51.50 5.67 -78.37
N SER LC 87 -51.15 5.63 -79.66
CA SER LC 87 -51.26 4.41 -80.41
C SER LC 87 -50.18 3.37 -80.01
N LEU LC 88 -49.00 3.88 -79.66
CA LEU LC 88 -47.85 3.02 -79.46
C LEU LC 88 -47.88 2.31 -78.12
N LEU LC 89 -48.46 2.93 -77.08
CA LEU LC 89 -48.32 2.41 -75.72
C LEU LC 89 -48.84 0.97 -75.54
N PRO LC 90 -50.05 0.63 -76.04
CA PRO LC 90 -50.57 -0.73 -75.92
C PRO LC 90 -49.66 -1.81 -76.50
N PHE LC 91 -49.02 -1.55 -77.64
CA PHE LC 91 -48.17 -2.58 -78.23
C PHE LC 91 -46.91 -2.78 -77.46
N LEU LC 92 -46.42 -1.74 -76.81
CA LEU LC 92 -45.22 -1.96 -76.03
C LEU LC 92 -45.59 -2.65 -74.72
N LEU LC 93 -46.80 -2.38 -74.20
CA LEU LC 93 -47.34 -3.16 -73.11
C LEU LC 93 -47.41 -4.65 -73.46
N ASN LC 94 -47.93 -5.02 -74.65
CA ASN LC 94 -48.07 -6.39 -75.16
C ASN LC 94 -46.68 -7.00 -75.31
N TYR LC 95 -45.73 -6.20 -75.78
CA TYR LC 95 -44.45 -6.77 -76.11
C TYR LC 95 -43.71 -7.06 -74.82
N TYR LC 96 -43.80 -6.15 -73.86
CA TYR LC 96 -43.30 -6.34 -72.50
C TYR LC 96 -43.86 -7.64 -71.91
N ARG LC 97 -45.19 -7.76 -71.96
CA ARG LC 97 -45.92 -8.93 -71.50
C ARG LC 97 -45.32 -10.23 -72.05
N THR LC 98 -45.28 -10.35 -73.39
CA THR LC 98 -44.98 -11.59 -74.07
C THR LC 98 -43.50 -11.89 -73.79
N MET LC 99 -42.66 -10.89 -74.00
CA MET LC 99 -41.23 -11.14 -73.98
C MET LC 99 -40.68 -11.47 -72.60
N ASN LC 100 -41.25 -10.85 -71.57
CA ASN LC 100 -40.83 -11.23 -70.23
C ASN LC 100 -41.61 -12.42 -69.68
N GLU LC 101 -42.71 -12.79 -70.32
CA GLU LC 101 -43.51 -13.94 -69.92
C GLU LC 101 -42.96 -15.27 -70.47
N GLY LC 102 -42.82 -15.41 -71.79
CA GLY LC 102 -42.33 -16.63 -72.39
C GLY LC 102 -40.83 -16.73 -72.14
N GLY LC 103 -40.38 -17.77 -71.42
CA GLY LC 103 -38.97 -18.06 -71.24
C GLY LC 103 -38.60 -18.26 -69.77
N ALA LC 104 -37.32 -18.02 -69.44
CA ALA LC 104 -36.72 -18.40 -68.17
C ALA LC 104 -36.10 -17.22 -67.41
N ASN LC 105 -35.87 -16.08 -68.05
CA ASN LC 105 -35.26 -14.91 -67.43
C ASN LC 105 -36.21 -13.71 -67.52
N GLN LC 106 -35.82 -12.56 -66.93
CA GLN LC 106 -36.42 -11.27 -67.26
C GLN LC 106 -35.52 -10.61 -68.31
N LYS LC 107 -35.99 -10.72 -69.57
CA LYS LC 107 -35.14 -10.40 -70.70
C LYS LC 107 -34.98 -8.89 -70.79
N ILE LC 108 -36.08 -8.13 -70.74
CA ILE LC 108 -36.05 -6.72 -71.13
C ILE LC 108 -36.64 -5.89 -70.00
N GLU LC 109 -36.40 -4.56 -70.07
CA GLU LC 109 -37.18 -3.57 -69.32
C GLU LC 109 -37.07 -2.20 -69.98
N ILE LC 110 -37.92 -1.26 -69.53
CA ILE LC 110 -38.13 0.04 -70.15
C ILE LC 110 -37.86 1.15 -69.15
N ILE LC 111 -37.00 2.10 -69.54
CA ILE LC 111 -36.83 3.34 -68.79
C ILE LC 111 -37.59 4.42 -69.53
N PHE LC 112 -38.50 5.10 -68.82
CA PHE LC 112 -39.37 6.08 -69.43
C PHE LC 112 -38.85 7.50 -69.19
N VAL LC 113 -38.70 8.25 -70.28
CA VAL LC 113 -38.38 9.67 -70.21
C VAL LC 113 -39.49 10.47 -70.90
N SER LC 114 -39.97 11.50 -70.20
CA SER LC 114 -41.11 12.28 -70.66
C SER LC 114 -40.67 13.60 -71.27
N LEU LC 115 -41.34 13.97 -72.37
CA LEU LC 115 -41.24 15.29 -72.99
C LEU LC 115 -42.60 15.99 -72.83
N ASP LC 116 -43.30 15.74 -71.71
CA ASP LC 116 -44.55 16.40 -71.34
C ASP LC 116 -44.36 17.86 -70.97
N ARG LC 117 -45.41 18.53 -70.50
CA ARG LC 117 -45.28 19.97 -70.27
C ARG LC 117 -45.26 20.34 -68.78
N ASP LC 118 -45.56 19.38 -67.87
CA ASP LC 118 -45.35 19.64 -66.45
C ASP LC 118 -45.47 18.35 -65.63
N ARG LC 119 -45.41 18.51 -64.30
CA ARG LC 119 -45.54 17.48 -63.28
C ARG LC 119 -46.85 16.71 -63.46
N GLU LC 120 -47.97 17.42 -63.69
CA GLU LC 120 -49.28 16.81 -63.74
C GLU LC 120 -49.41 15.89 -64.95
N ALA LC 121 -48.93 16.37 -66.10
CA ALA LC 121 -48.97 15.57 -67.31
C ALA LC 121 -48.05 14.35 -67.15
N PHE LC 122 -46.89 14.57 -66.55
CA PHE LC 122 -45.94 13.48 -66.38
C PHE LC 122 -46.52 12.40 -65.46
N GLU LC 123 -47.16 12.80 -64.35
CA GLU LC 123 -47.76 11.86 -63.42
C GLU LC 123 -48.91 11.09 -64.09
N SER LC 124 -49.78 11.83 -64.81
CA SER LC 124 -50.94 11.23 -65.45
C SER LC 124 -50.51 10.20 -66.50
N HIS LC 125 -49.50 10.55 -67.29
CA HIS LC 125 -49.04 9.63 -68.31
C HIS LC 125 -48.21 8.49 -67.70
N ARG LC 126 -47.57 8.73 -66.56
CA ARG LC 126 -46.72 7.70 -65.95
C ARG LC 126 -47.56 6.64 -65.25
N ALA LC 127 -48.78 7.01 -64.86
CA ALA LC 127 -49.66 6.07 -64.21
C ALA LC 127 -50.10 4.93 -65.13
N HIS LC 128 -49.96 5.06 -66.45
CA HIS LC 128 -50.34 3.97 -67.35
C HIS LC 128 -49.28 2.86 -67.49
N MET LC 129 -48.11 3.03 -66.87
CA MET LC 129 -46.96 2.25 -67.29
C MET LC 129 -46.35 1.48 -66.13
N PRO LC 130 -46.06 0.17 -66.30
CA PRO LC 130 -45.48 -0.63 -65.23
C PRO LC 130 -43.96 -0.75 -65.19
N TRP LC 131 -43.28 0.04 -66.01
CA TRP LC 131 -41.82 -0.03 -66.01
C TRP LC 131 -41.27 1.17 -65.26
N LEU LC 132 -39.96 1.33 -65.34
CA LEU LC 132 -39.27 2.39 -64.65
C LEU LC 132 -39.51 3.73 -65.34
N SER LC 133 -39.12 4.82 -64.67
CA SER LC 133 -39.30 6.17 -65.17
C SER LC 133 -38.33 7.16 -64.49
N ILE LC 134 -38.09 8.31 -65.13
CA ILE LC 134 -37.20 9.35 -64.63
C ILE LC 134 -38.02 10.63 -64.44
N ASP LC 135 -37.86 11.29 -63.29
CA ASP LC 135 -38.66 12.46 -62.94
C ASP LC 135 -38.29 13.65 -63.82
N LEU LC 136 -39.34 14.38 -64.21
CA LEU LC 136 -39.26 15.49 -65.13
C LEU LC 136 -38.50 16.66 -64.50
N GLU LC 137 -38.58 16.77 -63.16
CA GLU LC 137 -37.99 17.91 -62.46
C GLU LC 137 -36.46 17.84 -62.45
N ASN LC 138 -35.86 16.64 -62.40
CA ASN LC 138 -34.41 16.57 -62.40
C ASN LC 138 -33.91 16.94 -63.79
N PRO LC 139 -33.02 17.93 -63.99
CA PRO LC 139 -32.50 18.23 -65.34
C PRO LC 139 -31.69 17.11 -66.00
N LEU LC 140 -31.51 15.94 -65.38
CA LEU LC 140 -30.98 14.79 -66.09
C LEU LC 140 -31.86 14.37 -67.28
N THR LC 141 -33.15 14.70 -67.24
CA THR LC 141 -34.06 14.52 -68.36
C THR LC 141 -33.60 15.35 -69.54
N GLU LC 142 -33.28 16.61 -69.31
CA GLU LC 142 -32.79 17.49 -70.35
C GLU LC 142 -31.41 17.02 -70.84
N ILE LC 143 -30.57 16.59 -69.92
CA ILE LC 143 -29.25 16.07 -70.23
C ILE LC 143 -29.40 14.86 -71.17
N LEU LC 144 -30.31 13.95 -70.85
CA LEU LC 144 -30.49 12.75 -71.65
C LEU LC 144 -31.10 13.05 -73.03
N LYS LC 145 -32.07 13.96 -73.08
CA LYS LC 145 -32.72 14.26 -74.35
C LYS LC 145 -31.73 14.96 -75.27
N ARG LC 146 -30.84 15.82 -74.76
CA ARG LC 146 -29.84 16.43 -75.61
C ARG LC 146 -28.75 15.43 -75.98
N HIS LC 147 -28.46 14.49 -75.06
CA HIS LC 147 -27.53 13.41 -75.36
C HIS LC 147 -28.02 12.60 -76.56
N PHE LC 148 -29.31 12.27 -76.57
CA PHE LC 148 -29.86 11.34 -77.52
C PHE LC 148 -30.53 12.07 -78.70
N ARG LC 149 -30.37 13.40 -78.72
CA ARG LC 149 -30.87 14.31 -79.75
C ARG LC 149 -32.36 14.09 -80.09
N VAL LC 150 -33.14 13.70 -79.08
CA VAL LC 150 -34.57 13.54 -79.24
C VAL LC 150 -35.21 14.89 -78.99
N MET LC 151 -35.48 15.64 -80.08
CA MET LC 151 -36.06 16.97 -79.91
C MET LC 151 -37.55 16.93 -80.24
N LYS LC 152 -38.38 17.51 -79.35
CA LYS LC 152 -39.82 17.59 -79.57
C LYS LC 152 -40.09 18.61 -80.67
N GLU LC 153 -39.82 19.88 -80.36
CA GLU LC 153 -39.71 20.93 -81.38
C GLU LC 153 -38.29 21.51 -81.26
N TYR LC 154 -37.81 22.10 -82.35
CA TYR LC 154 -36.54 22.78 -82.32
C TYR LC 154 -36.72 24.11 -81.59
N GLU LC 155 -36.70 23.97 -80.26
CA GLU LC 155 -36.61 25.09 -79.32
C GLU LC 155 -35.27 25.02 -78.56
N VAL LC 156 -34.70 23.81 -78.47
CA VAL LC 156 -33.33 23.58 -78.07
C VAL LC 156 -32.50 23.44 -79.34
N PRO LC 157 -31.45 24.27 -79.49
CA PRO LC 157 -30.57 24.11 -80.65
C PRO LC 157 -29.80 22.80 -80.56
N THR LC 158 -29.40 22.30 -81.73
CA THR LC 158 -28.39 21.26 -81.86
C THR LC 158 -27.04 21.86 -82.26
N TYR LC 159 -26.01 21.05 -82.03
CA TYR LC 159 -24.65 21.40 -82.35
C TYR LC 159 -24.30 20.83 -83.73
N GLY LC 160 -25.18 21.12 -84.72
CA GLY LC 160 -25.06 20.66 -86.09
C GLY LC 160 -25.34 19.16 -86.25
N TYR LC 161 -25.91 18.55 -85.19
CA TYR LC 161 -26.30 17.14 -85.22
C TYR LC 161 -27.71 17.04 -85.77
N GLY LC 162 -27.90 16.15 -86.75
CA GLY LC 162 -29.21 15.90 -87.35
C GLY LC 162 -30.16 15.20 -86.36
N SER LC 163 -31.41 15.69 -86.31
CA SER LC 163 -32.35 15.26 -85.29
C SER LC 163 -32.79 13.85 -85.66
N ARG LC 164 -32.48 12.91 -84.75
CA ARG LC 164 -32.77 11.51 -84.98
C ARG LC 164 -34.27 11.31 -84.99
N THR LC 165 -34.92 11.85 -83.94
CA THR LC 165 -36.30 11.52 -83.71
C THR LC 165 -36.93 12.53 -82.74
N GLY LC 166 -38.26 12.39 -82.62
CA GLY LC 166 -39.04 13.00 -81.58
C GLY LC 166 -39.97 12.00 -80.92
N VAL LC 167 -41.05 12.49 -80.32
CA VAL LC 167 -42.05 11.63 -79.71
C VAL LC 167 -42.73 10.81 -80.79
N PRO LC 168 -42.93 9.48 -80.57
CA PRO LC 168 -42.25 8.77 -79.49
C PRO LC 168 -41.02 8.06 -80.04
N SER LC 169 -40.18 7.57 -79.14
CA SER LC 169 -38.99 6.89 -79.61
C SER LC 169 -38.52 5.88 -78.59
N VAL LC 170 -38.18 4.70 -79.11
CA VAL LC 170 -37.59 3.66 -78.30
C VAL LC 170 -36.23 3.37 -78.90
N ILE LC 171 -35.20 3.48 -78.05
CA ILE LC 171 -33.90 2.95 -78.42
C ILE LC 171 -33.51 1.96 -77.34
N VAL LC 172 -32.52 1.13 -77.64
CA VAL LC 172 -32.00 0.22 -76.64
C VAL LC 172 -30.53 0.56 -76.39
N ILE LC 173 -30.19 0.71 -75.11
CA ILE LC 173 -28.88 1.21 -74.73
C ILE LC 173 -27.92 0.04 -74.48
N GLY LC 174 -26.63 0.36 -74.46
CA GLY LC 174 -25.57 -0.55 -74.09
C GLY LC 174 -24.89 -0.03 -72.82
N SER LC 175 -23.76 -0.65 -72.47
CA SER LC 175 -23.12 -0.47 -71.17
C SER LC 175 -22.54 0.93 -70.99
N ASP LC 176 -21.78 1.42 -71.98
CA ASP LC 176 -20.99 2.64 -71.84
C ASP LC 176 -21.72 3.87 -72.40
N GLY LC 177 -23.05 3.82 -72.39
CA GLY LC 177 -23.85 4.91 -72.95
C GLY LC 177 -24.08 4.69 -74.46
N ARG LC 178 -23.45 3.68 -75.07
CA ARG LC 178 -23.53 3.40 -76.50
C ARG LC 178 -24.94 3.02 -76.90
N GLU LC 179 -25.50 3.70 -77.90
CA GLU LC 179 -26.83 3.37 -78.37
C GLU LC 179 -26.72 2.16 -79.29
N ALA LC 180 -27.33 1.05 -78.85
CA ALA LC 180 -27.23 -0.18 -79.62
C ALA LC 180 -28.01 -0.01 -80.91
N GLN LC 181 -29.26 0.43 -80.80
CA GLN LC 181 -30.07 0.70 -81.98
C GLN LC 181 -31.27 1.56 -81.65
N PHE LC 182 -31.77 2.22 -82.70
CA PHE LC 182 -33.00 2.97 -82.72
C PHE LC 182 -34.09 2.09 -83.33
N LEU LC 183 -35.22 1.96 -82.65
CA LEU LC 183 -36.25 1.12 -83.23
C LEU LC 183 -37.11 1.93 -84.19
N PRO LC 184 -37.29 1.44 -85.43
CA PRO LC 184 -38.01 2.19 -86.46
C PRO LC 184 -39.53 2.34 -86.25
N ILE LC 185 -39.90 3.17 -85.27
CA ILE LC 185 -41.31 3.51 -85.08
C ILE LC 185 -41.66 4.74 -85.90
N CYS LC 186 -40.94 5.86 -85.64
CA CYS LC 186 -41.10 7.09 -86.41
C CYS LC 186 -39.72 7.53 -86.91
N SER LC 187 -39.36 7.01 -88.08
CA SER LC 187 -38.07 7.32 -88.69
C SER LC 187 -38.22 7.31 -90.20
N GLY LC 188 -37.09 7.21 -90.90
CA GLY LC 188 -37.05 6.93 -92.33
C GLY LC 188 -37.72 5.60 -92.69
N LEU LC 189 -37.53 4.62 -91.81
CA LEU LC 189 -38.12 3.31 -92.01
C LEU LC 189 -39.61 3.32 -91.71
N GLU LC 190 -40.08 4.05 -90.67
CA GLU LC 190 -41.48 4.35 -90.35
C GLU LC 190 -42.33 3.07 -90.33
N GLU LC 191 -42.09 2.21 -89.34
CA GLU LC 191 -42.84 0.99 -89.18
C GLU LC 191 -43.44 0.99 -87.78
N GLY LC 192 -44.61 1.63 -87.65
CA GLY LC 192 -45.24 1.76 -86.33
C GLY LC 192 -45.86 0.46 -85.83
N ASP LC 193 -45.67 0.14 -84.54
CA ASP LC 193 -46.34 -0.97 -83.86
C ASP LC 193 -45.90 -2.35 -84.34
N ARG LC 194 -44.90 -2.39 -85.23
CA ARG LC 194 -44.36 -3.63 -85.81
C ARG LC 194 -42.88 -3.74 -85.51
N ALA LC 195 -42.18 -2.60 -85.61
CA ALA LC 195 -40.73 -2.62 -85.57
C ALA LC 195 -40.25 -2.82 -84.13
N LEU LC 196 -41.19 -2.99 -83.18
CA LEU LC 196 -40.85 -3.41 -81.81
C LEU LC 196 -40.16 -4.77 -81.81
N LEU LC 197 -40.52 -5.58 -82.80
CA LEU LC 197 -40.02 -6.93 -82.85
C LEU LC 197 -38.57 -6.94 -83.36
N ARG LC 198 -38.11 -5.83 -83.97
CA ARG LC 198 -36.76 -5.71 -84.49
C ARG LC 198 -35.68 -5.65 -83.39
N TRP LC 199 -36.12 -5.57 -82.12
CA TRP LC 199 -35.26 -5.62 -80.94
C TRP LC 199 -34.46 -6.92 -80.93
N ASP LC 200 -33.18 -6.78 -80.62
CA ASP LC 200 -32.23 -7.89 -80.59
C ASP LC 200 -31.78 -8.02 -79.14
N TRP LC 201 -32.56 -8.78 -78.38
CA TRP LC 201 -32.52 -8.88 -76.91
C TRP LC 201 -31.45 -9.88 -76.49
N ARG LC 202 -30.93 -10.63 -77.49
CA ARG LC 202 -29.92 -11.68 -77.38
C ARG LC 202 -28.57 -10.96 -77.19
N ASN LC 203 -28.26 -10.12 -78.19
CA ASN LC 203 -26.99 -9.42 -78.27
C ASN LC 203 -26.93 -8.32 -77.23
N THR LC 204 -28.03 -7.57 -77.12
CA THR LC 204 -27.98 -6.36 -76.34
C THR LC 204 -28.25 -6.69 -74.88
N LYS LC 205 -27.16 -6.87 -74.12
CA LYS LC 205 -27.23 -7.12 -72.68
C LYS LC 205 -26.46 -6.01 -71.97
N PHE LC 206 -27.17 -5.31 -71.09
CA PHE LC 206 -26.60 -4.19 -70.35
C PHE LC 206 -25.57 -4.75 -69.37
N ALA LC 207 -24.50 -3.98 -69.16
CA ALA LC 207 -23.47 -4.38 -68.21
C ALA LC 207 -22.80 -3.12 -67.66
N SER MC 2 -2.65 -84.27 -49.33
CA SER MC 2 -3.27 -84.37 -50.68
C SER MC 2 -4.60 -85.12 -50.63
N GLN MC 3 -5.09 -85.34 -49.41
CA GLN MC 3 -6.39 -85.98 -49.22
C GLN MC 3 -7.17 -85.15 -48.22
N PRO MC 4 -8.45 -84.78 -48.47
CA PRO MC 4 -9.14 -85.00 -49.75
C PRO MC 4 -8.79 -83.96 -50.80
N VAL MC 5 -8.37 -82.78 -50.34
CA VAL MC 5 -8.06 -81.67 -51.22
C VAL MC 5 -6.65 -81.18 -50.96
N PHE MC 6 -6.09 -80.57 -52.01
CA PHE MC 6 -4.75 -80.03 -51.91
C PHE MC 6 -4.76 -78.72 -51.11
N ALA MC 7 -5.76 -77.86 -51.39
CA ALA MC 7 -5.75 -76.49 -50.93
C ALA MC 7 -6.69 -76.35 -49.73
N SER MC 8 -6.13 -76.74 -48.58
CA SER MC 8 -6.82 -76.65 -47.32
C SER MC 8 -5.82 -76.17 -46.29
N PRO MC 9 -6.26 -75.36 -45.31
CA PRO MC 9 -5.37 -74.84 -44.27
C PRO MC 9 -4.65 -75.93 -43.48
N LEU MC 10 -5.35 -77.04 -43.17
CA LEU MC 10 -4.75 -78.13 -42.42
C LEU MC 10 -3.63 -78.75 -43.25
N ASN MC 11 -3.85 -78.92 -44.54
CA ASN MC 11 -2.86 -79.54 -45.41
C ASN MC 11 -1.66 -78.60 -45.62
N VAL MC 12 -1.91 -77.30 -45.76
CA VAL MC 12 -0.82 -76.38 -46.02
C VAL MC 12 0.07 -76.24 -44.77
N GLU MC 13 -0.53 -76.23 -43.59
CA GLU MC 13 0.24 -76.19 -42.34
C GLU MC 13 1.00 -77.50 -42.14
N LYS MC 14 0.37 -78.62 -42.52
CA LYS MC 14 1.02 -79.91 -42.46
C LYS MC 14 2.27 -79.91 -43.34
N ARG MC 15 2.10 -79.44 -44.58
CA ARG MC 15 3.18 -79.42 -45.54
C ARG MC 15 4.32 -78.54 -45.03
N ARG MC 16 3.99 -77.37 -44.47
CA ARG MC 16 4.97 -76.45 -43.92
C ARG MC 16 5.78 -77.13 -42.82
N LEU MC 17 5.12 -77.81 -41.89
CA LEU MC 17 5.82 -78.43 -40.77
C LEU MC 17 6.75 -79.55 -41.25
N ASN MC 18 6.25 -80.37 -42.18
CA ASN MC 18 7.05 -81.50 -42.64
C ASN MC 18 8.28 -81.04 -43.39
N GLU MC 19 8.15 -79.97 -44.17
CA GLU MC 19 9.32 -79.50 -44.89
C GLU MC 19 10.25 -78.69 -43.97
N GLU MC 20 9.74 -78.10 -42.88
CA GLU MC 20 10.63 -77.55 -41.87
C GLU MC 20 11.53 -78.65 -41.34
N ARG MC 21 10.90 -79.78 -40.97
CA ARG MC 21 11.63 -80.93 -40.44
C ARG MC 21 12.67 -81.38 -41.44
N ALA MC 22 12.27 -81.47 -42.73
CA ALA MC 22 13.13 -81.95 -43.81
C ALA MC 22 14.37 -81.07 -43.97
N LEU MC 23 14.14 -79.74 -44.12
CA LEU MC 23 15.22 -78.80 -44.35
C LEU MC 23 16.16 -78.79 -43.15
N MET MC 24 15.57 -78.81 -41.96
CA MET MC 24 16.41 -78.72 -40.77
C MET MC 24 17.25 -79.96 -40.57
N GLN MC 25 16.68 -81.12 -40.85
CA GLN MC 25 17.41 -82.39 -40.79
C GLN MC 25 18.54 -82.41 -41.83
N ALA MC 26 18.25 -81.89 -43.03
CA ALA MC 26 19.23 -81.81 -44.10
C ALA MC 26 20.40 -80.90 -43.70
N GLN MC 27 20.06 -79.75 -43.13
CA GLN MC 27 21.04 -78.74 -42.73
C GLN MC 27 21.89 -79.25 -41.56
N LYS MC 28 21.27 -80.00 -40.65
CA LYS MC 28 21.99 -80.62 -39.54
C LYS MC 28 22.97 -81.67 -40.05
N ALA MC 29 22.52 -82.51 -41.00
CA ALA MC 29 23.41 -83.50 -41.61
C ALA MC 29 22.94 -83.83 -43.02
N ASN MC 35 21.76 -86.42 -48.20
CA ASN MC 35 21.21 -87.19 -49.36
C ASN MC 35 19.76 -87.60 -49.09
N ILE MC 36 18.88 -86.59 -49.02
CA ILE MC 36 17.58 -86.69 -48.38
C ILE MC 36 16.51 -86.12 -49.32
N GLN MC 37 15.30 -86.67 -49.30
CA GLN MC 37 14.35 -86.41 -50.38
C GLN MC 37 13.58 -85.12 -50.15
N LEU MC 38 13.76 -84.14 -51.03
CA LEU MC 38 13.09 -82.86 -50.97
C LEU MC 38 12.30 -82.63 -52.25
N PRO MC 39 11.00 -82.23 -52.22
CA PRO MC 39 10.22 -82.00 -51.01
C PRO MC 39 9.70 -83.33 -50.47
N PRO MC 40 9.34 -83.47 -49.18
CA PRO MC 40 8.94 -84.78 -48.67
C PRO MC 40 7.67 -85.32 -49.31
N ASN MC 41 7.54 -86.64 -49.38
CA ASN MC 41 6.37 -87.28 -49.94
C ASN MC 41 5.21 -87.17 -48.94
N TYR MC 42 3.99 -87.21 -49.47
CA TYR MC 42 2.79 -87.15 -48.64
C TYR MC 42 2.67 -88.37 -47.75
N GLY MC 43 3.09 -89.55 -48.23
CA GLY MC 43 3.07 -90.77 -47.45
C GLY MC 43 3.97 -90.70 -46.21
N ASP MC 44 5.05 -89.92 -46.32
CA ASP MC 44 6.08 -89.83 -45.30
C ASP MC 44 5.84 -88.62 -44.38
N MET MC 45 4.96 -87.71 -44.80
CA MET MC 45 4.56 -86.57 -43.97
C MET MC 45 3.83 -87.09 -42.72
N ASP MC 46 3.92 -86.37 -41.60
CA ASP MC 46 3.19 -86.71 -40.39
C ASP MC 46 2.49 -85.49 -39.80
N LEU MC 47 1.34 -85.74 -39.18
CA LEU MC 47 0.59 -84.67 -38.55
C LEU MC 47 -0.21 -85.21 -37.38
N ILE MC 48 -0.08 -84.53 -36.24
CA ILE MC 48 -1.01 -84.76 -35.14
C ILE MC 48 -2.20 -83.84 -35.38
N LEU MC 49 -3.41 -84.40 -35.34
CA LEU MC 49 -4.55 -83.77 -36.01
C LEU MC 49 -5.28 -82.81 -35.06
N PHE MC 50 -5.58 -83.34 -33.88
CA PHE MC 50 -6.16 -82.61 -32.79
C PHE MC 50 -5.06 -82.26 -31.77
N PRO MC 51 -4.76 -80.96 -31.59
CA PRO MC 51 -3.87 -80.52 -30.52
C PRO MC 51 -4.27 -80.93 -29.11
N GLU MC 52 -3.44 -80.57 -28.13
CA GLU MC 52 -3.43 -81.21 -26.82
C GLU MC 52 -4.71 -80.97 -26.03
N GLY MC 53 -5.53 -80.03 -26.47
CA GLY MC 53 -6.62 -79.50 -25.67
C GLY MC 53 -7.73 -78.97 -26.57
N SER MC 54 -8.00 -79.67 -27.68
CA SER MC 54 -9.08 -79.26 -28.57
C SER MC 54 -10.37 -80.08 -28.38
N LEU MC 55 -10.22 -81.27 -27.80
CA LEU MC 55 -11.32 -82.22 -27.63
C LEU MC 55 -11.78 -82.25 -26.17
N LYS MC 56 -13.11 -82.13 -26.03
CA LYS MC 56 -13.76 -82.18 -24.73
C LYS MC 56 -14.94 -83.15 -24.80
N ASN MC 57 -15.19 -83.81 -23.68
CA ASN MC 57 -16.29 -84.74 -23.55
C ASN MC 57 -17.48 -84.03 -22.89
N SER MC 58 -18.47 -84.83 -22.47
CA SER MC 58 -19.73 -84.30 -21.97
C SER MC 58 -19.54 -83.64 -20.60
N ASN MC 59 -18.42 -83.95 -19.93
CA ASN MC 59 -18.12 -83.37 -18.64
C ASN MC 59 -17.33 -82.07 -18.75
N ASN MC 60 -17.09 -81.60 -19.98
CA ASN MC 60 -16.19 -80.48 -20.23
C ASN MC 60 -14.81 -80.74 -19.63
N THR MC 61 -14.28 -81.93 -19.89
CA THR MC 61 -12.91 -82.25 -19.50
C THR MC 61 -12.13 -82.59 -20.76
N VAL MC 62 -10.95 -81.98 -20.83
CA VAL MC 62 -10.14 -82.11 -22.02
C VAL MC 62 -9.48 -83.47 -22.08
N ILE MC 63 -9.43 -84.05 -23.27
CA ILE MC 63 -8.81 -85.35 -23.46
C ILE MC 63 -7.78 -85.27 -24.59
N PRO MC 64 -6.56 -85.87 -24.45
CA PRO MC 64 -5.56 -85.80 -25.53
C PRO MC 64 -5.85 -86.69 -26.74
N GLN MC 65 -5.15 -86.41 -27.85
CA GLN MC 65 -5.38 -87.05 -29.15
C GLN MC 65 -5.19 -88.57 -29.14
N SER MC 66 -4.24 -89.05 -28.30
CA SER MC 66 -3.74 -90.43 -28.35
C SER MC 66 -4.84 -91.42 -27.98
N HIS MC 67 -5.85 -90.88 -27.28
CA HIS MC 67 -6.98 -91.67 -26.78
C HIS MC 67 -7.88 -92.27 -27.88
N LEU MC 68 -7.98 -91.66 -29.07
CA LEU MC 68 -8.99 -92.07 -30.05
C LEU MC 68 -8.65 -93.35 -30.82
N LYS MC 69 -7.47 -93.92 -30.58
CA LYS MC 69 -7.01 -95.05 -31.39
C LYS MC 69 -7.78 -96.31 -31.05
N GLY MC 70 -7.95 -97.16 -32.06
CA GLY MC 70 -8.71 -98.38 -31.95
C GLY MC 70 -10.21 -98.17 -32.22
N LYS MC 71 -10.65 -96.90 -32.32
CA LYS MC 71 -12.08 -96.61 -32.40
C LYS MC 71 -12.38 -95.85 -33.69
N SER MC 72 -13.45 -96.27 -34.37
CA SER MC 72 -13.88 -95.60 -35.59
C SER MC 72 -14.49 -94.26 -35.20
N VAL MC 73 -13.84 -93.17 -35.59
CA VAL MC 73 -14.24 -91.84 -35.17
C VAL MC 73 -14.89 -91.14 -36.37
N ALA MC 74 -15.99 -90.42 -36.12
CA ALA MC 74 -16.74 -89.74 -37.18
C ALA MC 74 -16.98 -88.29 -36.79
N LEU MC 75 -16.57 -87.38 -37.65
CA LEU MC 75 -16.93 -85.98 -37.50
C LEU MC 75 -18.39 -85.84 -37.84
N TYR MC 76 -19.08 -85.03 -37.05
CA TYR MC 76 -20.47 -84.72 -37.27
C TYR MC 76 -20.59 -83.22 -37.47
N PHE MC 77 -20.74 -82.81 -38.73
CA PHE MC 77 -20.93 -81.42 -39.08
C PHE MC 77 -22.41 -81.08 -38.97
N ALA MC 78 -22.72 -80.14 -38.07
CA ALA MC 78 -24.10 -79.93 -37.68
C ALA MC 78 -24.40 -78.47 -37.35
N ASP MC 79 -25.69 -78.11 -37.47
CA ASP MC 79 -26.18 -76.76 -37.20
C ASP MC 79 -27.51 -76.88 -36.48
N GLY MC 80 -27.64 -76.17 -35.33
CA GLY MC 80 -28.80 -76.28 -34.45
C GLY MC 80 -30.14 -75.98 -35.15
N ALA MC 81 -30.15 -74.89 -35.92
CA ALA MC 81 -31.36 -74.36 -36.54
C ALA MC 81 -31.87 -75.18 -37.74
N ASP MC 82 -31.04 -76.10 -38.27
CA ASP MC 82 -31.36 -76.74 -39.54
C ASP MC 82 -32.45 -77.80 -39.41
N PRO MC 83 -33.51 -77.80 -40.28
CA PRO MC 83 -34.51 -78.87 -40.38
C PRO MC 83 -33.94 -80.28 -40.32
N LYS MC 84 -32.92 -80.48 -41.16
CA LYS MC 84 -32.44 -81.83 -41.35
C LYS MC 84 -31.54 -82.25 -40.22
N CYS MC 85 -30.80 -81.31 -39.60
CA CYS MC 85 -30.01 -81.68 -38.42
C CYS MC 85 -30.92 -82.10 -37.26
N ALA MC 86 -32.03 -81.34 -37.10
CA ALA MC 86 -33.01 -81.63 -36.06
C ALA MC 86 -33.63 -83.00 -36.30
N SER MC 87 -33.91 -83.30 -37.58
CA SER MC 87 -34.53 -84.55 -37.98
C SER MC 87 -33.56 -85.74 -37.98
N LEU MC 88 -32.24 -85.48 -37.89
CA LEU MC 88 -31.27 -86.58 -37.99
C LEU MC 88 -30.70 -86.97 -36.62
N LEU MC 89 -30.72 -86.02 -35.67
CA LEU MC 89 -30.11 -86.23 -34.35
C LEU MC 89 -30.60 -87.53 -33.66
N PRO MC 90 -31.92 -87.79 -33.57
CA PRO MC 90 -32.35 -89.03 -32.93
C PRO MC 90 -31.87 -90.34 -33.55
N PHE MC 91 -31.81 -90.47 -34.90
CA PHE MC 91 -31.16 -91.63 -35.50
C PHE MC 91 -29.74 -91.81 -34.97
N LEU MC 92 -28.99 -90.74 -34.94
CA LEU MC 92 -27.60 -90.88 -34.59
C LEU MC 92 -27.46 -91.30 -33.12
N LEU MC 93 -28.31 -90.72 -32.24
CA LEU MC 93 -28.34 -91.09 -30.82
C LEU MC 93 -28.64 -92.58 -30.64
N ASN MC 94 -29.68 -93.03 -31.36
CA ASN MC 94 -30.12 -94.42 -31.27
C ASN MC 94 -29.01 -95.33 -31.79
N TYR MC 95 -28.40 -94.89 -32.88
CA TYR MC 95 -27.41 -95.68 -33.54
C TYR MC 95 -26.22 -95.82 -32.61
N TYR MC 96 -25.80 -94.71 -31.98
CA TYR MC 96 -24.71 -94.67 -30.99
C TYR MC 96 -24.95 -95.71 -29.90
N ARG MC 97 -26.13 -95.66 -29.29
CA ARG MC 97 -26.56 -96.61 -28.29
C ARG MC 97 -26.41 -98.06 -28.77
N THR MC 98 -27.14 -98.41 -29.82
CA THR MC 98 -27.29 -99.80 -30.21
C THR MC 98 -25.99 -100.36 -30.78
N MET MC 99 -25.04 -99.50 -31.12
CA MET MC 99 -23.80 -100.05 -31.66
C MET MC 99 -22.72 -100.20 -30.59
N ASN MC 100 -22.60 -99.27 -29.64
CA ASN MC 100 -21.50 -99.40 -28.69
C ASN MC 100 -21.98 -99.90 -27.34
N GLU MC 101 -23.23 -100.34 -27.26
CA GLU MC 101 -23.72 -101.06 -26.10
C GLU MC 101 -23.39 -102.55 -26.21
N GLY MC 102 -23.97 -103.19 -27.23
CA GLY MC 102 -23.88 -104.63 -27.39
C GLY MC 102 -22.61 -105.04 -28.11
N GLY MC 103 -21.48 -105.04 -27.39
CA GLY MC 103 -20.32 -105.75 -27.87
C GLY MC 103 -19.07 -105.52 -27.04
N ALA MC 104 -17.96 -106.05 -27.57
CA ALA MC 104 -16.75 -106.41 -26.85
C ALA MC 104 -16.01 -105.17 -26.36
N ASN MC 105 -15.97 -104.11 -27.19
CA ASN MC 105 -15.15 -102.95 -26.93
C ASN MC 105 -15.91 -101.71 -27.41
N GLN MC 106 -15.47 -100.49 -27.05
CA GLN MC 106 -16.05 -99.31 -27.68
C GLN MC 106 -15.64 -99.34 -29.16
N LYS MC 107 -16.60 -99.16 -30.07
CA LYS MC 107 -16.30 -99.36 -31.47
C LYS MC 107 -16.37 -98.04 -32.23
N ILE MC 108 -17.38 -97.22 -31.91
CA ILE MC 108 -17.59 -95.96 -32.61
C ILE MC 108 -17.41 -94.80 -31.63
N GLU MC 109 -17.14 -93.61 -32.20
CA GLU MC 109 -17.06 -92.39 -31.44
C GLU MC 109 -17.34 -91.24 -32.40
N ILE MC 110 -17.98 -90.17 -31.88
CA ILE MC 110 -18.39 -89.06 -32.73
C ILE MC 110 -17.82 -87.77 -32.17
N ILE MC 111 -17.10 -87.02 -33.02
CA ILE MC 111 -16.61 -85.70 -32.68
C ILE MC 111 -17.49 -84.68 -33.38
N PHE MC 112 -18.08 -83.77 -32.60
CA PHE MC 112 -19.10 -82.86 -33.10
C PHE MC 112 -18.48 -81.50 -33.43
N VAL MC 113 -18.73 -81.03 -34.66
CA VAL MC 113 -18.26 -79.72 -35.06
C VAL MC 113 -19.44 -78.91 -35.58
N SER MC 114 -19.47 -77.63 -35.19
CA SER MC 114 -20.69 -76.84 -35.13
C SER MC 114 -20.65 -75.67 -36.11
N LEU MC 115 -21.84 -75.34 -36.64
CA LEU MC 115 -22.02 -74.22 -37.55
C LEU MC 115 -23.02 -73.23 -36.96
N ASP MC 116 -23.19 -73.28 -35.65
CA ASP MC 116 -24.16 -72.40 -35.01
C ASP MC 116 -23.65 -70.96 -34.96
N ARG MC 117 -24.59 -70.08 -34.67
CA ARG MC 117 -24.44 -68.64 -34.86
C ARG MC 117 -23.46 -68.01 -33.86
N ASP MC 118 -23.41 -68.59 -32.66
CA ASP MC 118 -22.64 -68.02 -31.57
C ASP MC 118 -22.54 -69.01 -30.42
N ARG MC 119 -21.77 -68.61 -29.39
CA ARG MC 119 -21.42 -69.36 -28.19
C ARG MC 119 -22.67 -69.99 -27.58
N GLU MC 120 -23.70 -69.17 -27.37
CA GLU MC 120 -24.85 -69.61 -26.60
C GLU MC 120 -25.63 -70.67 -27.41
N ALA MC 121 -25.74 -70.45 -28.74
CA ALA MC 121 -26.43 -71.40 -29.60
C ALA MC 121 -25.67 -72.73 -29.61
N PHE MC 122 -24.34 -72.62 -29.66
CA PHE MC 122 -23.50 -73.80 -29.66
C PHE MC 122 -23.62 -74.58 -28.35
N GLU MC 123 -23.69 -73.89 -27.20
CA GLU MC 123 -23.88 -74.56 -25.91
C GLU MC 123 -25.23 -75.27 -25.87
N SER MC 124 -26.27 -74.59 -26.35
CA SER MC 124 -27.61 -75.18 -26.32
C SER MC 124 -27.68 -76.41 -27.23
N HIS MC 125 -26.93 -76.41 -28.32
CA HIS MC 125 -26.94 -77.57 -29.19
C HIS MC 125 -25.96 -78.65 -28.72
N ARG MC 126 -24.95 -78.27 -27.94
CA ARG MC 126 -23.94 -79.22 -27.48
C ARG MC 126 -24.40 -79.93 -26.21
N ALA MC 127 -25.40 -79.37 -25.52
CA ALA MC 127 -25.95 -80.00 -24.34
C ALA MC 127 -26.68 -81.29 -24.68
N HIS MC 128 -27.19 -81.45 -25.91
CA HIS MC 128 -27.77 -82.71 -26.35
C HIS MC 128 -26.72 -83.77 -26.72
N MET MC 129 -25.44 -83.40 -26.71
CA MET MC 129 -24.41 -84.27 -27.24
C MET MC 129 -23.84 -85.15 -26.12
N PRO MC 130 -23.93 -86.49 -26.20
CA PRO MC 130 -23.18 -87.35 -25.28
C PRO MC 130 -21.74 -87.62 -25.69
N TRP MC 131 -21.46 -87.41 -26.97
CA TRP MC 131 -20.14 -87.61 -27.54
C TRP MC 131 -19.33 -86.31 -27.56
N LEU MC 132 -18.14 -86.36 -28.17
CA LEU MC 132 -17.18 -85.27 -28.01
C LEU MC 132 -17.55 -84.10 -28.91
N SER MC 133 -16.95 -82.93 -28.65
CA SER MC 133 -17.26 -81.71 -29.40
C SER MC 133 -16.05 -80.78 -29.41
N ILE MC 134 -15.86 -80.08 -30.53
CA ILE MC 134 -14.85 -79.04 -30.65
C ILE MC 134 -15.51 -77.70 -30.35
N ASP MC 135 -14.85 -76.87 -29.52
CA ASP MC 135 -15.32 -75.56 -29.13
C ASP MC 135 -15.47 -74.68 -30.36
N LEU MC 136 -16.47 -73.78 -30.34
CA LEU MC 136 -16.77 -72.99 -31.52
C LEU MC 136 -15.71 -71.91 -31.76
N GLU MC 137 -15.12 -71.40 -30.67
CA GLU MC 137 -14.13 -70.33 -30.65
C GLU MC 137 -12.75 -70.86 -31.10
N ASN MC 138 -12.59 -72.19 -31.24
CA ASN MC 138 -11.32 -72.77 -31.66
C ASN MC 138 -11.09 -72.49 -33.15
N PRO MC 139 -9.86 -72.06 -33.56
CA PRO MC 139 -9.47 -72.00 -34.98
C PRO MC 139 -9.68 -73.30 -35.74
N LEU MC 140 -9.54 -74.38 -34.98
CA LEU MC 140 -9.52 -75.70 -35.56
C LEU MC 140 -10.85 -76.05 -36.20
N THR MC 141 -11.94 -75.47 -35.69
CA THR MC 141 -13.28 -75.61 -36.27
C THR MC 141 -13.29 -75.15 -37.73
N GLU MC 142 -12.84 -73.91 -37.96
CA GLU MC 142 -12.83 -73.33 -39.30
C GLU MC 142 -11.82 -74.03 -40.20
N ILE MC 143 -10.70 -74.51 -39.60
CA ILE MC 143 -9.73 -75.32 -40.31
C ILE MC 143 -10.43 -76.57 -40.90
N LEU MC 144 -11.23 -77.27 -40.09
CA LEU MC 144 -11.89 -78.49 -40.54
C LEU MC 144 -13.02 -78.21 -41.53
N LYS MC 145 -13.70 -77.08 -41.37
CA LYS MC 145 -14.64 -76.61 -42.38
C LYS MC 145 -13.98 -76.56 -43.74
N ARG MC 146 -12.88 -75.82 -43.83
CA ARG MC 146 -12.23 -75.61 -45.11
C ARG MC 146 -11.57 -76.89 -45.60
N HIS MC 147 -11.17 -77.77 -44.68
CA HIS MC 147 -10.46 -78.98 -45.04
C HIS MC 147 -11.38 -80.00 -45.66
N PHE MC 148 -12.59 -80.12 -45.13
CA PHE MC 148 -13.50 -81.13 -45.65
C PHE MC 148 -14.54 -80.56 -46.59
N ARG MC 149 -14.56 -79.23 -46.75
CA ARG MC 149 -15.24 -78.59 -47.84
C ARG MC 149 -16.75 -78.75 -47.66
N VAL MC 150 -17.20 -78.22 -46.53
CA VAL MC 150 -18.61 -78.19 -46.21
C VAL MC 150 -19.03 -76.73 -46.03
N MET MC 151 -20.23 -76.40 -46.49
CA MET MC 151 -20.89 -75.13 -46.21
C MET MC 151 -22.38 -75.25 -46.50
N LYS MC 152 -23.14 -74.50 -45.70
CA LYS MC 152 -24.58 -74.35 -45.70
C LYS MC 152 -25.08 -73.66 -46.98
N GLU MC 153 -24.33 -72.65 -47.44
CA GLU MC 153 -24.40 -72.09 -48.78
C GLU MC 153 -23.10 -71.31 -48.99
N TYR MC 154 -22.84 -70.92 -50.23
CA TYR MC 154 -21.49 -70.51 -50.60
C TYR MC 154 -21.16 -69.14 -50.00
N GLU MC 155 -20.66 -69.15 -48.76
CA GLU MC 155 -20.36 -67.94 -48.00
C GLU MC 155 -18.90 -67.93 -47.55
N VAL MC 156 -18.07 -68.79 -48.14
CA VAL MC 156 -16.64 -68.83 -47.86
C VAL MC 156 -15.90 -69.18 -49.16
N PRO MC 157 -14.74 -68.57 -49.47
CA PRO MC 157 -14.02 -68.89 -50.71
C PRO MC 157 -13.40 -70.28 -50.76
N THR MC 158 -13.96 -71.12 -51.64
CA THR MC 158 -13.34 -72.33 -52.09
C THR MC 158 -12.43 -72.03 -53.28
N TYR MC 159 -11.35 -72.81 -53.38
CA TYR MC 159 -10.31 -72.54 -54.35
C TYR MC 159 -10.53 -73.36 -55.61
N GLY MC 160 -11.66 -73.10 -56.27
CA GLY MC 160 -11.99 -73.71 -57.55
C GLY MC 160 -12.79 -75.01 -57.44
N TYR MC 161 -12.84 -75.61 -56.24
CA TYR MC 161 -13.64 -76.82 -56.02
C TYR MC 161 -15.13 -76.46 -55.96
N GLY MC 162 -15.93 -77.45 -55.54
CA GLY MC 162 -17.30 -77.22 -55.13
C GLY MC 162 -17.51 -77.65 -53.69
N SER MC 163 -18.78 -77.53 -53.26
CA SER MC 163 -19.23 -78.08 -51.99
C SER MC 163 -19.12 -79.61 -52.09
N ARG MC 164 -18.36 -80.22 -51.17
CA ARG MC 164 -18.42 -81.66 -51.08
C ARG MC 164 -19.80 -82.10 -50.63
N THR MC 165 -20.30 -81.41 -49.61
CA THR MC 165 -21.65 -81.61 -49.09
C THR MC 165 -22.01 -80.40 -48.21
N GLY MC 166 -23.14 -80.53 -47.51
CA GLY MC 166 -23.57 -79.54 -46.54
C GLY MC 166 -23.96 -80.17 -45.22
N VAL MC 167 -24.44 -79.32 -44.31
CA VAL MC 167 -25.07 -79.73 -43.07
C VAL MC 167 -26.35 -80.51 -43.40
N PRO MC 168 -26.66 -81.64 -42.72
CA PRO MC 168 -25.73 -82.34 -41.81
C PRO MC 168 -24.81 -83.30 -42.55
N SER MC 169 -23.66 -83.61 -41.95
CA SER MC 169 -22.75 -84.55 -42.57
C SER MC 169 -22.06 -85.36 -41.48
N VAL MC 170 -21.73 -86.61 -41.81
CA VAL MC 170 -20.84 -87.41 -41.00
C VAL MC 170 -19.73 -87.95 -41.88
N ILE MC 171 -18.53 -87.82 -41.34
CA ILE MC 171 -17.30 -88.10 -42.07
C ILE MC 171 -16.50 -89.02 -41.19
N VAL MC 172 -16.36 -90.27 -41.62
CA VAL MC 172 -15.42 -91.15 -40.93
C VAL MC 172 -14.00 -90.74 -41.35
N ILE MC 173 -13.13 -90.55 -40.37
CA ILE MC 173 -11.81 -90.00 -40.64
C ILE MC 173 -10.74 -91.05 -40.35
N GLY MC 174 -9.48 -90.74 -40.71
CA GLY MC 174 -8.32 -91.56 -40.41
C GLY MC 174 -7.30 -90.74 -39.63
N SER MC 175 -6.13 -91.35 -39.38
CA SER MC 175 -5.12 -90.77 -38.49
C SER MC 175 -4.51 -89.50 -39.09
N ASP MC 176 -4.31 -89.51 -40.41
CA ASP MC 176 -3.56 -88.49 -41.11
C ASP MC 176 -4.48 -87.41 -41.66
N GLY MC 177 -5.72 -87.32 -41.14
CA GLY MC 177 -6.68 -86.32 -41.56
C GLY MC 177 -7.41 -86.65 -42.87
N ARG MC 178 -7.16 -87.87 -43.40
CA ARG MC 178 -7.81 -88.35 -44.61
C ARG MC 178 -9.29 -88.64 -44.33
N GLU MC 179 -10.06 -88.62 -45.42
CA GLU MC 179 -11.46 -88.98 -45.38
C GLU MC 179 -11.57 -90.49 -45.64
N ALA MC 180 -12.03 -91.24 -44.63
CA ALA MC 180 -12.10 -92.70 -44.73
C ALA MC 180 -13.27 -93.11 -45.62
N GLN MC 181 -14.48 -92.72 -45.21
CA GLN MC 181 -15.62 -92.79 -46.10
C GLN MC 181 -16.58 -91.65 -45.81
N PHE MC 182 -17.34 -91.25 -46.83
CA PHE MC 182 -18.46 -90.34 -46.69
C PHE MC 182 -19.75 -91.13 -46.51
N LEU MC 183 -20.55 -90.74 -45.53
CA LEU MC 183 -21.85 -91.36 -45.45
C LEU MC 183 -22.86 -90.44 -46.13
N PRO MC 184 -23.60 -90.94 -47.15
CA PRO MC 184 -24.48 -90.12 -47.97
C PRO MC 184 -25.83 -89.69 -47.37
N ILE MC 185 -25.85 -88.54 -46.68
CA ILE MC 185 -27.11 -88.02 -46.17
C ILE MC 185 -27.72 -87.01 -47.13
N CYS MC 186 -27.05 -85.86 -47.26
CA CYS MC 186 -27.43 -84.83 -48.21
C CYS MC 186 -26.34 -84.76 -49.29
N SER MC 187 -26.49 -85.67 -50.25
CA SER MC 187 -25.47 -85.93 -51.26
C SER MC 187 -26.16 -86.53 -52.48
N GLY MC 188 -25.39 -87.22 -53.32
CA GLY MC 188 -25.92 -87.87 -54.51
C GLY MC 188 -26.89 -89.01 -54.19
N LEU MC 189 -26.56 -89.80 -53.17
CA LEU MC 189 -27.33 -91.01 -52.94
C LEU MC 189 -28.62 -90.70 -52.20
N GLU MC 190 -28.59 -89.68 -51.31
CA GLU MC 190 -29.75 -89.10 -50.63
C GLU MC 190 -30.45 -90.13 -49.74
N GLU MC 191 -29.69 -91.09 -49.22
CA GLU MC 191 -30.26 -92.07 -48.32
C GLU MC 191 -30.04 -91.63 -46.88
N GLY MC 192 -30.41 -90.41 -46.52
CA GLY MC 192 -30.23 -89.96 -45.14
C GLY MC 192 -31.09 -90.77 -44.16
N ASP MC 193 -30.59 -90.96 -42.91
CA ASP MC 193 -31.16 -91.77 -41.82
C ASP MC 193 -31.25 -93.26 -42.18
N ARG MC 194 -30.72 -93.62 -43.33
CA ARG MC 194 -30.35 -94.97 -43.65
C ARG MC 194 -28.87 -95.05 -44.01
N ALA MC 195 -28.19 -93.89 -44.15
CA ALA MC 195 -26.78 -93.87 -44.56
C ALA MC 195 -25.86 -94.36 -43.41
N LEU MC 196 -26.38 -94.31 -42.18
CA LEU MC 196 -25.67 -94.75 -41.00
C LEU MC 196 -25.46 -96.27 -41.01
N LEU MC 197 -26.33 -97.01 -41.73
CA LEU MC 197 -26.15 -98.46 -41.89
C LEU MC 197 -24.82 -98.78 -42.59
N ARG MC 198 -24.39 -97.85 -43.46
CA ARG MC 198 -23.27 -98.07 -44.35
C ARG MC 198 -21.93 -97.86 -43.62
N TRP MC 199 -21.98 -97.57 -42.30
CA TRP MC 199 -20.80 -97.41 -41.46
C TRP MC 199 -19.99 -98.70 -41.44
N ASP MC 200 -18.80 -98.67 -42.04
CA ASP MC 200 -17.88 -99.80 -42.01
C ASP MC 200 -16.90 -99.51 -40.88
N TRP MC 201 -17.11 -100.20 -39.75
CA TRP MC 201 -16.31 -99.94 -38.57
C TRP MC 201 -15.21 -100.99 -38.36
N ARG MC 202 -15.05 -101.89 -39.33
CA ARG MC 202 -13.96 -102.87 -39.32
C ARG MC 202 -12.66 -102.14 -39.72
N ASN MC 203 -12.66 -101.67 -40.96
CA ASN MC 203 -11.44 -101.23 -41.63
C ASN MC 203 -11.09 -99.80 -41.25
N THR MC 204 -12.05 -99.04 -40.70
CA THR MC 204 -11.77 -97.65 -40.39
C THR MC 204 -11.46 -97.49 -38.91
N LYS MC 205 -10.45 -98.26 -38.46
CA LYS MC 205 -9.82 -98.15 -37.16
C LYS MC 205 -8.93 -96.91 -37.14
N PHE MC 206 -8.99 -96.12 -36.06
CA PHE MC 206 -8.08 -94.98 -35.93
C PHE MC 206 -6.70 -95.49 -35.55
N ALA MC 207 -5.66 -95.17 -36.34
CA ALA MC 207 -4.38 -95.86 -36.19
C ALA MC 207 -3.24 -94.84 -36.26
N SER NC 2 -43.03 -13.78 -61.29
CA SER NC 2 -43.38 -13.98 -62.71
C SER NC 2 -44.72 -14.75 -62.85
N GLN NC 3 -45.36 -15.00 -61.71
CA GLN NC 3 -46.70 -15.55 -61.68
C GLN NC 3 -47.54 -14.74 -60.70
N PRO NC 4 -48.83 -14.44 -61.00
CA PRO NC 4 -49.46 -14.72 -62.30
C PRO NC 4 -49.10 -13.67 -63.34
N VAL NC 5 -48.87 -12.44 -62.87
CA VAL NC 5 -48.60 -11.33 -63.75
C VAL NC 5 -47.20 -10.82 -63.49
N PHE NC 6 -46.61 -10.27 -64.55
CA PHE NC 6 -45.24 -9.82 -64.47
C PHE NC 6 -45.15 -8.45 -63.81
N ALA NC 7 -46.17 -7.62 -64.06
CA ALA NC 7 -46.22 -6.23 -63.63
C ALA NC 7 -47.12 -6.12 -62.41
N SER NC 8 -46.54 -6.37 -61.23
CA SER NC 8 -47.27 -6.31 -59.99
C SER NC 8 -46.28 -6.00 -58.89
N PRO NC 9 -46.68 -5.16 -57.92
CA PRO NC 9 -45.74 -4.63 -56.94
C PRO NC 9 -45.10 -5.72 -56.05
N LEU NC 10 -45.82 -6.80 -55.83
CA LEU NC 10 -45.30 -7.95 -55.13
C LEU NC 10 -44.12 -8.54 -55.91
N ASN NC 11 -44.31 -8.71 -57.21
CA ASN NC 11 -43.24 -9.25 -58.05
C ASN NC 11 -42.08 -8.26 -58.14
N VAL NC 12 -42.39 -6.96 -58.15
CA VAL NC 12 -41.36 -5.94 -58.30
C VAL NC 12 -40.43 -5.94 -57.07
N GLU NC 13 -41.00 -5.96 -55.85
CA GLU NC 13 -40.23 -6.11 -54.62
C GLU NC 13 -39.43 -7.41 -54.62
N LYS NC 14 -40.08 -8.50 -55.08
CA LYS NC 14 -39.41 -9.79 -55.08
C LYS NC 14 -38.13 -9.75 -55.93
N ARG NC 15 -38.30 -9.26 -57.17
CA ARG NC 15 -37.21 -9.13 -58.13
C ARG NC 15 -36.11 -8.24 -57.57
N ARG NC 16 -36.49 -7.09 -56.98
CA ARG NC 16 -35.56 -6.10 -56.46
C ARG NC 16 -34.67 -6.75 -55.41
N LEU NC 17 -35.30 -7.34 -54.37
CA LEU NC 17 -34.48 -7.73 -53.23
C LEU NC 17 -33.63 -8.94 -53.59
N ASN NC 18 -34.13 -9.73 -54.53
CA ASN NC 18 -33.36 -10.91 -54.88
C ASN NC 18 -32.16 -10.62 -55.77
N GLU NC 19 -32.33 -9.70 -56.72
CA GLU NC 19 -31.20 -9.27 -57.49
C GLU NC 19 -30.18 -8.50 -56.64
N GLU NC 20 -30.68 -7.82 -55.58
CA GLU NC 20 -29.80 -7.15 -54.61
C GLU NC 20 -28.91 -8.19 -53.93
N ARG NC 21 -29.54 -9.30 -53.51
CA ARG NC 21 -28.80 -10.34 -52.84
C ARG NC 21 -27.80 -11.00 -53.78
N ALA NC 22 -28.20 -11.18 -55.05
CA ALA NC 22 -27.31 -11.74 -56.08
C ALA NC 22 -26.09 -10.85 -56.30
N LEU NC 23 -26.30 -9.54 -56.35
CA LEU NC 23 -25.18 -8.63 -56.56
C LEU NC 23 -24.27 -8.58 -55.35
N MET NC 24 -24.80 -8.64 -54.12
CA MET NC 24 -23.94 -8.66 -52.94
C MET NC 24 -23.10 -9.94 -52.95
N GLN NC 25 -23.72 -11.06 -53.33
CA GLN NC 25 -22.97 -12.31 -53.36
C GLN NC 25 -21.89 -12.30 -54.46
N ALA NC 26 -22.21 -11.74 -55.63
CA ALA NC 26 -21.26 -11.57 -56.72
C ALA NC 26 -20.09 -10.65 -56.34
N GLN NC 27 -20.40 -9.55 -55.62
CA GLN NC 27 -19.41 -8.59 -55.14
C GLN NC 27 -18.52 -9.24 -54.08
N LYS NC 28 -19.09 -10.13 -53.26
CA LYS NC 28 -18.29 -10.85 -52.29
C LYS NC 28 -17.34 -11.84 -52.97
N ALA NC 29 -17.87 -12.59 -53.96
CA ALA NC 29 -17.08 -13.51 -54.78
C ALA NC 29 -17.77 -13.80 -56.13
N ASN NC 35 -19.42 -17.71 -60.29
CA ASN NC 35 -20.20 -18.65 -61.12
C ASN NC 35 -21.64 -18.11 -61.30
N ILE NC 36 -21.99 -17.05 -60.58
CA ILE NC 36 -23.41 -16.76 -60.41
C ILE NC 36 -23.94 -16.06 -61.65
N GLN NC 37 -25.12 -16.48 -62.10
CA GLN NC 37 -25.69 -15.95 -63.32
C GLN NC 37 -26.65 -14.83 -62.94
N LEU NC 38 -26.68 -13.76 -63.74
CA LEU NC 38 -27.54 -12.63 -63.45
C LEU NC 38 -28.43 -12.30 -64.64
N PRO NC 39 -29.68 -11.82 -64.46
CA PRO NC 39 -30.34 -11.68 -63.16
C PRO NC 39 -30.85 -13.04 -62.68
N PRO NC 40 -31.04 -13.29 -61.36
CA PRO NC 40 -31.33 -14.64 -60.89
C PRO NC 40 -32.67 -15.16 -61.41
N ASN NC 41 -32.76 -16.48 -61.43
CA ASN NC 41 -33.91 -17.14 -62.00
C ASN NC 41 -35.10 -17.02 -61.05
N TYR NC 42 -36.29 -17.18 -61.60
CA TYR NC 42 -37.50 -17.39 -60.79
C TYR NC 42 -37.38 -18.63 -59.91
N GLY NC 43 -36.84 -19.72 -60.44
CA GLY NC 43 -36.36 -20.92 -59.71
C GLY NC 43 -35.45 -20.70 -58.50
N ASP NC 44 -34.64 -19.65 -58.48
CA ASP NC 44 -33.74 -19.34 -57.38
C ASP NC 44 -34.28 -18.21 -56.52
N MET NC 45 -35.41 -17.60 -56.92
CA MET NC 45 -35.97 -16.53 -56.12
C MET NC 45 -36.64 -17.10 -54.87
N ASP NC 46 -36.87 -16.22 -53.88
CA ASP NC 46 -37.66 -16.47 -52.68
C ASP NC 46 -38.56 -15.27 -52.41
N LEU NC 47 -39.60 -15.48 -51.60
CA LEU NC 47 -40.46 -14.41 -51.11
C LEU NC 47 -41.17 -14.89 -49.86
N ILE NC 48 -41.21 -14.02 -48.85
CA ILE NC 48 -42.17 -14.13 -47.77
C ILE NC 48 -43.33 -13.21 -48.10
N LEU NC 49 -44.41 -13.88 -48.51
CA LEU NC 49 -45.58 -13.32 -49.15
C LEU NC 49 -46.31 -12.41 -48.17
N PHE NC 50 -46.35 -12.77 -46.89
CA PHE NC 50 -46.94 -11.92 -45.87
C PHE NC 50 -45.90 -11.58 -44.81
N PRO NC 51 -45.43 -10.30 -44.76
CA PRO NC 51 -44.33 -9.93 -43.88
C PRO NC 51 -44.67 -9.95 -42.39
N GLU NC 52 -43.77 -9.38 -41.58
CA GLU NC 52 -43.70 -9.66 -40.16
C GLU NC 52 -44.88 -9.11 -39.36
N GLY NC 53 -45.73 -8.23 -39.92
CA GLY NC 53 -46.83 -7.74 -39.09
C GLY NC 53 -48.18 -7.54 -39.78
N SER NC 54 -48.48 -8.37 -40.79
CA SER NC 54 -49.68 -8.15 -41.59
C SER NC 54 -50.83 -9.07 -41.14
N LEU NC 55 -50.57 -10.38 -41.12
CA LEU NC 55 -51.62 -11.38 -40.87
C LEU NC 55 -52.11 -11.31 -39.44
N LYS NC 56 -53.41 -11.47 -39.24
CA LYS NC 56 -53.93 -11.50 -37.88
C LYS NC 56 -55.26 -12.26 -37.86
N ASN NC 57 -55.41 -13.07 -36.82
CA ASN NC 57 -56.59 -13.87 -36.61
C ASN NC 57 -57.61 -13.08 -35.80
N SER NC 58 -58.70 -13.77 -35.46
CA SER NC 58 -59.62 -13.22 -34.47
C SER NC 58 -58.93 -13.19 -33.11
N ASN NC 59 -59.25 -12.20 -32.27
CA ASN NC 59 -58.49 -11.72 -31.12
C ASN NC 59 -57.46 -10.65 -31.48
N ASN NC 60 -57.31 -10.36 -32.79
CA ASN NC 60 -56.41 -9.31 -33.26
C ASN NC 60 -54.98 -9.53 -32.77
N THR NC 61 -54.57 -10.79 -32.84
CA THR NC 61 -53.24 -11.20 -32.48
C THR NC 61 -52.53 -11.55 -33.78
N VAL NC 62 -51.39 -10.88 -34.00
CA VAL NC 62 -50.64 -11.08 -35.22
C VAL NC 62 -49.96 -12.45 -35.20
N ILE NC 63 -50.01 -13.18 -36.32
CA ILE NC 63 -49.36 -14.48 -36.42
C ILE NC 63 -48.34 -14.47 -37.55
N PRO NC 64 -47.16 -15.14 -37.38
CA PRO NC 64 -46.20 -15.29 -38.47
C PRO NC 64 -46.70 -16.16 -39.63
N GLN NC 65 -46.13 -15.90 -40.80
CA GLN NC 65 -46.41 -16.57 -42.05
C GLN NC 65 -46.04 -18.07 -41.99
N SER NC 66 -45.17 -18.41 -41.04
CA SER NC 66 -44.57 -19.72 -40.85
C SER NC 66 -45.63 -20.76 -40.53
N HIS NC 67 -46.74 -20.30 -39.91
CA HIS NC 67 -47.77 -21.19 -39.40
C HIS NC 67 -48.51 -21.91 -40.54
N LEU NC 68 -48.56 -21.26 -41.72
CA LEU NC 68 -49.56 -21.61 -42.73
C LEU NC 68 -49.23 -22.89 -43.49
N LYS NC 69 -48.05 -23.46 -43.26
CA LYS NC 69 -47.63 -24.54 -44.14
C LYS NC 69 -48.33 -25.85 -43.81
N GLY NC 70 -48.44 -26.70 -44.81
CA GLY NC 70 -49.21 -27.93 -44.73
C GLY NC 70 -50.67 -27.75 -45.13
N LYS NC 71 -51.13 -26.50 -45.31
CA LYS NC 71 -52.57 -26.24 -45.44
C LYS NC 71 -52.88 -25.54 -46.77
N SER NC 72 -53.98 -25.93 -47.45
CA SER NC 72 -54.48 -25.24 -48.62
C SER NC 72 -54.99 -23.86 -48.20
N VAL NC 73 -54.24 -22.83 -48.60
CA VAL NC 73 -54.53 -21.48 -48.17
C VAL NC 73 -55.25 -20.77 -49.31
N ALA NC 74 -56.44 -20.19 -49.03
CA ALA NC 74 -57.26 -19.51 -50.03
C ALA NC 74 -57.50 -18.06 -49.59
N LEU NC 75 -57.22 -17.15 -50.53
CA LEU NC 75 -57.54 -15.75 -50.31
C LEU NC 75 -58.99 -15.54 -50.70
N TYR NC 76 -59.62 -14.68 -49.90
CA TYR NC 76 -61.01 -14.38 -50.08
C TYR NC 76 -61.14 -12.88 -50.23
N PHE NC 77 -61.28 -12.46 -51.49
CA PHE NC 77 -61.54 -11.08 -51.81
C PHE NC 77 -63.02 -10.82 -51.67
N ALA NC 78 -63.36 -9.87 -50.77
CA ALA NC 78 -64.75 -9.69 -50.39
C ALA NC 78 -65.09 -8.24 -50.08
N ASP NC 79 -66.39 -7.93 -50.17
CA ASP NC 79 -66.96 -6.62 -49.93
C ASP NC 79 -68.28 -6.78 -49.15
N GLY NC 80 -68.41 -6.06 -48.04
CA GLY NC 80 -69.54 -6.18 -47.13
C GLY NC 80 -70.86 -5.75 -47.78
N ALA NC 81 -70.81 -4.67 -48.56
CA ALA NC 81 -71.98 -4.07 -49.17
C ALA NC 81 -72.54 -4.92 -50.32
N ASP NC 82 -71.72 -5.85 -50.85
CA ASP NC 82 -72.11 -6.61 -52.03
C ASP NC 82 -73.17 -7.67 -51.67
N PRO NC 83 -74.33 -7.69 -52.36
CA PRO NC 83 -75.33 -8.75 -52.16
C PRO NC 83 -74.79 -10.15 -52.44
N LYS NC 84 -73.89 -10.24 -53.43
CA LYS NC 84 -73.30 -11.50 -53.83
C LYS NC 84 -72.39 -12.03 -52.73
N CYS NC 85 -71.61 -11.15 -52.09
CA CYS NC 85 -70.71 -11.55 -51.01
C CYS NC 85 -71.54 -11.98 -49.80
N ALA NC 86 -72.64 -11.27 -49.56
CA ALA NC 86 -73.56 -11.62 -48.49
C ALA NC 86 -74.12 -13.03 -48.73
N SER NC 87 -74.46 -13.35 -49.98
CA SER NC 87 -75.05 -14.64 -50.32
C SER NC 87 -74.01 -15.76 -50.43
N LEU NC 88 -72.72 -15.38 -50.53
CA LEU NC 88 -71.65 -16.38 -50.67
C LEU NC 88 -71.07 -16.78 -49.32
N LEU NC 89 -71.08 -15.88 -48.32
CA LEU NC 89 -70.50 -16.14 -47.00
C LEU NC 89 -71.03 -17.43 -46.33
N PRO NC 90 -72.36 -17.71 -46.31
CA PRO NC 90 -72.88 -18.94 -45.71
C PRO NC 90 -72.36 -20.23 -46.31
N PHE NC 91 -72.25 -20.33 -47.65
CA PHE NC 91 -71.77 -21.57 -48.23
C PHE NC 91 -70.30 -21.74 -47.93
N LEU NC 92 -69.60 -20.63 -47.83
CA LEU NC 92 -68.20 -20.74 -47.50
C LEU NC 92 -68.04 -21.21 -46.06
N LEU NC 93 -68.86 -20.72 -45.13
CA LEU NC 93 -68.83 -21.18 -43.75
C LEU NC 93 -69.22 -22.65 -43.63
N ASN NC 94 -70.20 -23.14 -44.42
CA ASN NC 94 -70.64 -24.53 -44.48
C ASN NC 94 -69.41 -25.35 -44.86
N TYR NC 95 -68.77 -24.84 -45.92
CA TYR NC 95 -67.81 -25.65 -46.61
C TYR NC 95 -66.57 -25.73 -45.71
N TYR NC 96 -66.21 -24.63 -45.05
CA TYR NC 96 -65.13 -24.51 -44.06
C TYR NC 96 -65.31 -25.51 -42.93
N ARG NC 97 -66.50 -25.51 -42.35
CA ARG NC 97 -66.80 -26.42 -41.25
C ARG NC 97 -66.64 -27.86 -41.74
N THR NC 98 -67.33 -28.21 -42.83
CA THR NC 98 -67.56 -29.59 -43.22
C THR NC 98 -66.30 -30.21 -43.81
N MET NC 99 -65.37 -29.37 -44.28
CA MET NC 99 -64.15 -29.98 -44.75
C MET NC 99 -63.11 -29.97 -43.65
N ASN NC 100 -63.05 -28.91 -42.86
CA ASN NC 100 -61.93 -28.77 -41.93
C ASN NC 100 -62.18 -29.58 -40.66
N GLU NC 101 -63.43 -29.93 -40.41
CA GLU NC 101 -63.75 -30.68 -39.22
C GLU NC 101 -63.64 -32.18 -39.51
N GLY NC 102 -64.41 -32.63 -40.49
CA GLY NC 102 -64.53 -34.03 -40.86
C GLY NC 102 -63.38 -34.52 -41.74
N GLY NC 103 -62.18 -34.65 -41.16
CA GLY NC 103 -61.02 -35.18 -41.86
C GLY NC 103 -59.82 -35.31 -40.94
N ALA NC 104 -58.67 -35.70 -41.51
CA ALA NC 104 -57.54 -36.19 -40.73
C ALA NC 104 -56.83 -35.09 -39.93
N ASN NC 105 -56.52 -33.96 -40.57
CA ASN NC 105 -55.72 -32.85 -40.02
C ASN NC 105 -56.35 -31.55 -40.49
N GLN NC 106 -55.88 -30.33 -40.15
CA GLN NC 106 -56.46 -29.13 -40.74
C GLN NC 106 -56.07 -29.10 -42.22
N LYS NC 107 -57.05 -28.86 -43.11
CA LYS NC 107 -56.83 -29.09 -44.54
C LYS NC 107 -56.81 -27.74 -45.27
N ILE NC 108 -57.67 -26.81 -44.86
CA ILE NC 108 -57.84 -25.54 -45.55
C ILE NC 108 -57.69 -24.39 -44.55
N GLU NC 109 -57.42 -23.17 -45.06
CA GLU NC 109 -57.35 -21.95 -44.25
C GLU NC 109 -57.63 -20.75 -45.15
N ILE NC 110 -58.35 -19.73 -44.63
CA ILE NC 110 -58.82 -18.60 -45.42
C ILE NC 110 -58.28 -17.29 -44.87
N ILE NC 111 -57.73 -16.47 -45.79
CA ILE NC 111 -57.33 -15.11 -45.46
C ILE NC 111 -58.27 -14.13 -46.14
N PHE NC 112 -58.91 -13.29 -45.33
CA PHE NC 112 -59.86 -12.33 -45.83
C PHE NC 112 -59.13 -11.06 -46.24
N VAL NC 113 -59.35 -10.65 -47.49
CA VAL NC 113 -58.85 -9.37 -47.96
C VAL NC 113 -60.01 -8.51 -48.46
N SER NC 114 -59.99 -7.23 -48.06
CA SER NC 114 -61.18 -6.40 -47.93
C SER NC 114 -61.38 -5.47 -49.13
N LEU NC 115 -62.63 -5.01 -49.29
CA LEU NC 115 -62.96 -3.98 -50.26
C LEU NC 115 -63.90 -2.91 -49.71
N ASP NC 116 -64.12 -2.93 -48.39
CA ASP NC 116 -65.17 -2.13 -47.76
C ASP NC 116 -64.86 -0.64 -47.77
N ARG NC 117 -65.92 0.13 -47.48
CA ARG NC 117 -65.98 1.57 -47.66
C ARG NC 117 -65.11 2.30 -46.66
N ASP NC 118 -65.11 1.84 -45.39
CA ASP NC 118 -64.29 2.45 -44.36
C ASP NC 118 -64.03 1.45 -43.24
N ARG NC 119 -63.52 1.98 -42.12
CA ARG NC 119 -63.21 1.20 -40.93
C ARG NC 119 -64.44 0.51 -40.34
N GLU NC 120 -65.55 1.25 -40.32
CA GLU NC 120 -66.75 0.73 -39.69
C GLU NC 120 -67.29 -0.45 -40.49
N ALA NC 121 -67.38 -0.29 -41.82
CA ALA NC 121 -67.86 -1.38 -42.66
C ALA NC 121 -66.90 -2.56 -42.59
N PHE NC 122 -65.60 -2.28 -42.57
CA PHE NC 122 -64.61 -3.34 -42.55
C PHE NC 122 -64.68 -4.16 -41.26
N GLU NC 123 -64.77 -3.49 -40.11
CA GLU NC 123 -64.84 -4.17 -38.81
C GLU NC 123 -66.16 -4.96 -38.69
N SER NC 124 -67.25 -4.35 -39.20
CA SER NC 124 -68.55 -5.00 -39.14
C SER NC 124 -68.57 -6.28 -39.99
N HIS NC 125 -67.90 -6.25 -41.14
CA HIS NC 125 -67.83 -7.42 -41.97
C HIS NC 125 -66.81 -8.44 -41.44
N ARG NC 126 -65.77 -7.97 -40.74
CA ARG NC 126 -64.71 -8.85 -40.23
C ARG NC 126 -65.19 -9.66 -39.02
N ALA NC 127 -66.04 -9.03 -38.20
CA ALA NC 127 -66.60 -9.67 -37.01
C ALA NC 127 -67.43 -10.92 -37.30
N HIS NC 128 -67.92 -11.09 -38.53
CA HIS NC 128 -68.67 -12.29 -38.91
C HIS NC 128 -67.75 -13.47 -39.25
N MET NC 129 -66.44 -13.23 -39.21
CA MET NC 129 -65.52 -14.09 -39.95
C MET NC 129 -64.43 -14.60 -39.02
N PRO NC 130 -64.30 -15.92 -38.82
CA PRO NC 130 -63.35 -16.40 -37.80
C PRO NC 130 -61.88 -16.53 -38.21
N TRP NC 131 -61.71 -16.68 -39.54
CA TRP NC 131 -60.39 -16.94 -40.12
C TRP NC 131 -59.59 -15.66 -40.25
N LEU NC 132 -58.44 -15.77 -40.94
CA LEU NC 132 -57.45 -14.71 -40.91
C LEU NC 132 -57.92 -13.51 -41.74
N SER NC 133 -57.33 -12.33 -41.51
CA SER NC 133 -57.75 -11.13 -42.20
C SER NC 133 -56.58 -10.15 -42.31
N ILE NC 134 -56.58 -9.38 -43.40
CA ILE NC 134 -55.58 -8.35 -43.65
C ILE NC 134 -56.24 -6.97 -43.50
N ASP NC 135 -55.59 -6.08 -42.75
CA ASP NC 135 -56.10 -4.76 -42.41
C ASP NC 135 -56.30 -3.87 -43.65
N LEU NC 136 -57.31 -3.00 -43.57
CA LEU NC 136 -57.73 -2.16 -44.69
C LEU NC 136 -56.76 -1.03 -44.97
N GLU NC 137 -56.15 -0.42 -43.93
CA GLU NC 137 -55.27 0.70 -44.18
C GLU NC 137 -53.88 0.24 -44.61
N ASN NC 138 -53.62 -1.08 -44.60
CA ASN NC 138 -52.33 -1.60 -45.00
C ASN NC 138 -52.13 -1.28 -46.49
N PRO NC 139 -50.94 -0.85 -46.94
CA PRO NC 139 -50.64 -0.85 -48.37
C PRO NC 139 -50.71 -2.26 -48.96
N LEU NC 140 -50.55 -3.31 -48.17
CA LEU NC 140 -50.56 -4.69 -48.68
C LEU NC 140 -51.89 -5.10 -49.33
N THR NC 141 -53.01 -4.57 -48.84
CA THR NC 141 -54.28 -4.89 -49.49
C THR NC 141 -54.32 -4.33 -50.91
N GLU NC 142 -53.83 -3.11 -51.06
CA GLU NC 142 -53.75 -2.55 -52.40
C GLU NC 142 -52.74 -3.28 -53.30
N ILE NC 143 -51.60 -3.68 -52.73
CA ILE NC 143 -50.61 -4.46 -53.45
C ILE NC 143 -51.23 -5.78 -53.94
N LEU NC 144 -52.08 -6.40 -53.13
CA LEU NC 144 -52.67 -7.68 -53.51
C LEU NC 144 -53.78 -7.51 -54.55
N LYS NC 145 -54.48 -6.35 -54.51
CA LYS NC 145 -55.39 -5.95 -55.57
C LYS NC 145 -54.65 -5.99 -56.89
N ARG NC 146 -53.51 -5.31 -56.94
CA ARG NC 146 -52.77 -5.18 -58.17
C ARG NC 146 -52.17 -6.52 -58.57
N HIS NC 147 -51.74 -7.33 -57.59
CA HIS NC 147 -51.05 -8.57 -57.87
C HIS NC 147 -52.00 -9.58 -58.48
N PHE NC 148 -53.23 -9.63 -57.99
CA PHE NC 148 -54.14 -10.65 -58.47
C PHE NC 148 -55.14 -10.13 -59.47
N ARG NC 149 -55.10 -8.82 -59.71
CA ARG NC 149 -55.94 -8.18 -60.70
C ARG NC 149 -57.39 -8.44 -60.39
N VAL NC 150 -57.78 -7.83 -59.28
CA VAL NC 150 -59.16 -7.72 -58.91
C VAL NC 150 -59.48 -6.25 -58.77
N MET NC 151 -60.66 -5.84 -59.20
CA MET NC 151 -61.19 -4.53 -58.85
C MET NC 151 -62.71 -4.57 -59.00
N LYS NC 152 -63.39 -3.78 -58.16
CA LYS NC 152 -64.84 -3.82 -58.10
C LYS NC 152 -65.47 -3.21 -59.35
N GLU NC 153 -64.92 -2.09 -59.84
CA GLU NC 153 -65.08 -1.65 -61.23
C GLU NC 153 -63.83 -0.84 -61.58
N TYR NC 154 -63.62 -0.60 -62.87
CA TYR NC 154 -62.35 -0.05 -63.31
C TYR NC 154 -62.16 1.37 -62.81
N GLU NC 155 -61.28 1.55 -61.83
CA GLU NC 155 -60.88 2.84 -61.27
C GLU NC 155 -59.40 2.80 -60.91
N VAL NC 156 -58.71 1.69 -61.22
CA VAL NC 156 -57.29 1.56 -60.92
C VAL NC 156 -56.52 1.24 -62.21
N PRO NC 157 -55.34 1.84 -62.45
CA PRO NC 157 -54.58 1.56 -63.66
C PRO NC 157 -54.01 0.15 -63.73
N THR NC 158 -54.56 -0.63 -64.68
CA THR NC 158 -54.03 -1.91 -65.12
C THR NC 158 -53.03 -1.68 -66.25
N TYR NC 159 -51.98 -2.49 -66.27
CA TYR NC 159 -50.89 -2.30 -67.20
C TYR NC 159 -51.08 -3.12 -68.46
N GLY NC 160 -52.17 -2.82 -69.17
CA GLY NC 160 -52.55 -3.50 -70.38
C GLY NC 160 -53.38 -4.74 -70.11
N TYR NC 161 -53.06 -5.46 -69.02
CA TYR NC 161 -53.82 -6.61 -68.57
C TYR NC 161 -55.28 -6.19 -68.36
N GLY NC 162 -56.13 -7.20 -68.25
CA GLY NC 162 -57.52 -6.99 -67.88
C GLY NC 162 -57.78 -7.41 -66.43
N SER NC 163 -59.02 -7.17 -66.02
CA SER NC 163 -59.51 -7.73 -64.78
C SER NC 163 -59.51 -9.25 -64.89
N ARG NC 164 -58.88 -9.91 -63.89
CA ARG NC 164 -59.03 -11.34 -63.79
C ARG NC 164 -60.48 -11.64 -63.41
N THR NC 165 -60.96 -10.93 -62.38
CA THR NC 165 -62.30 -11.11 -61.84
C THR NC 165 -62.60 -9.97 -60.87
N GLY NC 166 -63.80 -10.04 -60.29
CA GLY NC 166 -64.23 -9.07 -59.29
C GLY NC 166 -64.67 -9.75 -58.01
N VAL NC 167 -65.12 -8.95 -57.05
CA VAL NC 167 -65.68 -9.42 -55.79
C VAL NC 167 -66.98 -10.19 -56.09
N PRO NC 168 -67.22 -11.40 -55.52
CA PRO NC 168 -66.29 -12.14 -54.65
C PRO NC 168 -65.30 -12.99 -55.41
N SER NC 169 -64.19 -13.30 -54.74
CA SER NC 169 -63.22 -14.17 -55.38
C SER NC 169 -62.53 -14.99 -54.32
N VAL NC 170 -62.42 -16.28 -54.62
CA VAL NC 170 -61.66 -17.17 -53.80
C VAL NC 170 -60.63 -17.83 -54.68
N ILE NC 171 -59.39 -17.73 -54.22
CA ILE NC 171 -58.29 -18.13 -55.05
C ILE NC 171 -57.29 -18.76 -54.11
N VAL NC 172 -57.08 -20.05 -54.31
CA VAL NC 172 -56.08 -20.73 -53.50
C VAL NC 172 -54.69 -20.32 -54.01
N ILE NC 173 -53.73 -20.27 -53.08
CA ILE NC 173 -52.41 -19.72 -53.40
C ILE NC 173 -51.34 -20.77 -53.14
N GLY NC 174 -50.07 -20.40 -53.35
CA GLY NC 174 -48.94 -21.25 -53.06
C GLY NC 174 -47.88 -20.43 -52.33
N SER NC 175 -46.67 -20.98 -52.20
CA SER NC 175 -45.68 -20.37 -51.30
C SER NC 175 -45.13 -19.06 -51.87
N ASP NC 176 -44.95 -18.99 -53.20
CA ASP NC 176 -44.26 -17.88 -53.83
C ASP NC 176 -45.25 -16.89 -54.45
N GLY NC 177 -46.49 -16.93 -53.96
CA GLY NC 177 -47.49 -16.02 -54.48
C GLY NC 177 -48.08 -16.42 -55.82
N ARG NC 178 -47.76 -17.66 -56.26
CA ARG NC 178 -48.31 -18.25 -57.47
C ARG NC 178 -49.79 -18.57 -57.27
N GLU NC 179 -50.47 -18.68 -58.41
CA GLU NC 179 -51.93 -18.82 -58.43
C GLU NC 179 -52.25 -20.28 -58.73
N ALA NC 180 -52.57 -21.02 -57.67
CA ALA NC 180 -52.68 -22.46 -57.78
C ALA NC 180 -53.94 -22.85 -58.57
N GLN NC 181 -55.07 -22.26 -58.19
CA GLN NC 181 -56.34 -22.58 -58.83
C GLN NC 181 -57.33 -21.48 -58.49
N PHE NC 182 -58.07 -21.09 -59.53
CA PHE NC 182 -59.07 -20.06 -59.39
C PHE NC 182 -60.44 -20.71 -59.44
N LEU NC 183 -61.19 -20.54 -58.35
CA LEU NC 183 -62.52 -21.12 -58.31
C LEU NC 183 -63.50 -20.14 -58.92
N PRO NC 184 -64.27 -20.58 -59.94
CA PRO NC 184 -65.22 -19.70 -60.64
C PRO NC 184 -66.58 -19.41 -59.98
N ILE NC 185 -66.58 -18.34 -59.17
CA ILE NC 185 -67.84 -17.80 -58.67
C ILE NC 185 -68.45 -16.77 -59.62
N CYS NC 186 -67.63 -15.75 -59.90
CA CYS NC 186 -68.00 -14.64 -60.78
C CYS NC 186 -66.94 -14.52 -61.89
N SER NC 187 -67.11 -15.36 -62.90
CA SER NC 187 -66.17 -15.48 -64.00
C SER NC 187 -66.98 -16.02 -65.18
N GLY NC 188 -66.28 -16.55 -66.20
CA GLY NC 188 -66.94 -17.01 -67.41
C GLY NC 188 -67.85 -18.22 -67.15
N LEU NC 189 -67.50 -18.96 -66.10
CA LEU NC 189 -68.10 -20.26 -65.81
C LEU NC 189 -69.36 -20.13 -64.95
N GLU NC 190 -69.42 -19.11 -64.05
CA GLU NC 190 -70.61 -18.62 -63.35
C GLU NC 190 -71.31 -19.68 -62.48
N GLU NC 191 -70.55 -20.63 -61.93
CA GLU NC 191 -71.16 -21.60 -61.03
C GLU NC 191 -70.93 -21.19 -59.57
N GLY NC 192 -71.69 -20.17 -59.13
CA GLY NC 192 -71.64 -19.67 -57.76
C GLY NC 192 -72.04 -20.72 -56.73
N ASP NC 193 -71.36 -20.71 -55.57
CA ASP NC 193 -71.68 -21.55 -54.43
C ASP NC 193 -71.43 -23.04 -54.68
N ARG NC 194 -70.98 -23.37 -55.89
CA ARG NC 194 -70.72 -24.76 -56.24
C ARG NC 194 -69.32 -24.95 -56.81
N ALA NC 195 -68.65 -23.83 -57.14
CA ALA NC 195 -67.25 -23.86 -57.54
C ALA NC 195 -66.33 -24.26 -56.36
N LEU NC 196 -66.81 -23.97 -55.13
CA LEU NC 196 -66.22 -24.35 -53.85
C LEU NC 196 -65.96 -25.86 -53.77
N LEU NC 197 -66.77 -26.63 -54.48
CA LEU NC 197 -66.60 -28.08 -54.49
C LEU NC 197 -65.27 -28.48 -55.14
N ARG NC 198 -64.88 -27.74 -56.18
CA ARG NC 198 -63.77 -28.16 -57.03
C ARG NC 198 -62.40 -27.75 -56.49
N TRP NC 199 -62.32 -27.49 -55.18
CA TRP NC 199 -61.06 -27.27 -54.45
C TRP NC 199 -60.22 -28.54 -54.49
N ASP NC 200 -58.97 -28.45 -54.94
CA ASP NC 200 -58.04 -29.57 -54.86
C ASP NC 200 -57.07 -29.34 -53.68
N TRP NC 201 -57.59 -29.47 -52.46
CA TRP NC 201 -56.82 -29.22 -51.25
C TRP NC 201 -55.69 -30.21 -51.06
N ARG NC 202 -55.72 -31.30 -51.83
CA ARG NC 202 -54.72 -32.36 -51.74
C ARG NC 202 -53.47 -31.95 -52.51
N ASN NC 203 -53.66 -31.51 -53.77
CA ASN NC 203 -52.54 -31.11 -54.62
C ASN NC 203 -51.98 -29.77 -54.14
N THR NC 204 -52.87 -28.85 -53.79
CA THR NC 204 -52.48 -27.49 -53.50
C THR NC 204 -52.14 -27.31 -52.01
N LYS NC 205 -50.84 -27.36 -51.70
CA LYS NC 205 -50.41 -27.33 -50.32
C LYS NC 205 -49.37 -26.24 -50.12
N PHE NC 206 -49.60 -25.40 -49.09
CA PHE NC 206 -48.66 -24.33 -48.78
C PHE NC 206 -47.36 -24.94 -48.28
N ALA NC 207 -46.26 -24.64 -48.94
CA ALA NC 207 -44.97 -25.20 -48.53
C ALA NC 207 -43.90 -24.09 -48.55
N SER OC 2 -19.76 -100.17 -20.08
CA SER OC 2 -20.92 -100.02 -21.01
C SER OC 2 -22.19 -100.63 -20.39
N GLN OC 3 -22.31 -100.51 -19.07
CA GLN OC 3 -23.44 -101.04 -18.32
C GLN OC 3 -23.81 -100.02 -17.25
N PRO OC 4 -25.12 -99.76 -16.98
CA PRO OC 4 -26.25 -100.36 -17.71
C PRO OC 4 -26.55 -99.60 -18.99
N VAL OC 5 -25.81 -98.49 -19.18
CA VAL OC 5 -25.96 -97.64 -20.36
C VAL OC 5 -24.58 -97.25 -20.88
N PHE OC 6 -24.55 -96.71 -22.11
CA PHE OC 6 -23.28 -96.26 -22.66
C PHE OC 6 -23.03 -94.82 -22.28
N ALA OC 7 -23.99 -93.95 -22.64
CA ALA OC 7 -23.84 -92.52 -22.50
C ALA OC 7 -24.16 -92.10 -21.06
N SER OC 8 -23.20 -92.41 -20.18
CA SER OC 8 -23.25 -91.99 -18.80
C SER OC 8 -21.85 -91.53 -18.39
N PRO OC 9 -21.79 -90.53 -17.48
CA PRO OC 9 -20.53 -90.04 -16.94
C PRO OC 9 -19.57 -91.06 -16.33
N LEU OC 10 -20.06 -92.07 -15.58
CA LEU OC 10 -19.14 -93.08 -15.06
C LEU OC 10 -18.51 -93.86 -16.19
N ASN OC 11 -19.29 -94.14 -17.25
CA ASN OC 11 -18.76 -94.93 -18.34
C ASN OC 11 -17.73 -94.13 -19.12
N VAL OC 12 -18.00 -92.84 -19.35
CA VAL OC 12 -17.05 -92.03 -20.11
C VAL OC 12 -15.75 -91.85 -19.30
N GLU OC 13 -15.86 -91.71 -17.97
CA GLU OC 13 -14.71 -91.50 -17.09
C GLU OC 13 -13.90 -92.79 -16.99
N LYS OC 14 -14.59 -93.94 -16.93
CA LYS OC 14 -13.93 -95.24 -16.89
C LYS OC 14 -13.17 -95.48 -18.19
N ARG OC 15 -13.83 -95.21 -19.31
CA ARG OC 15 -13.21 -95.45 -20.60
C ARG OC 15 -11.97 -94.57 -20.76
N ARG OC 16 -12.08 -93.31 -20.30
CA ARG OC 16 -10.99 -92.35 -20.35
C ARG OC 16 -9.77 -92.89 -19.61
N LEU OC 17 -9.96 -93.17 -18.30
CA LEU OC 17 -8.85 -93.56 -17.43
C LEU OC 17 -8.24 -94.85 -17.97
N ASN OC 18 -9.08 -95.82 -18.31
CA ASN OC 18 -8.59 -97.16 -18.56
C ASN OC 18 -7.91 -97.26 -19.90
N GLU OC 19 -8.45 -96.49 -20.86
CA GLU OC 19 -7.90 -96.51 -22.19
C GLU OC 19 -6.57 -95.75 -22.23
N GLU OC 20 -6.46 -94.66 -21.45
CA GLU OC 20 -5.18 -93.98 -21.34
C GLU OC 20 -4.16 -94.81 -20.57
N ARG OC 21 -4.62 -95.62 -19.61
CA ARG OC 21 -3.72 -96.50 -18.90
C ARG OC 21 -3.17 -97.57 -19.84
N ALA OC 22 -4.04 -98.09 -20.72
CA ALA OC 22 -3.64 -99.03 -21.76
C ALA OC 22 -2.59 -98.41 -22.70
N LEU OC 23 -2.80 -97.13 -23.10
CA LEU OC 23 -1.84 -96.41 -23.94
C LEU OC 23 -0.50 -96.30 -23.23
N MET OC 24 -0.54 -95.97 -21.94
CA MET OC 24 0.70 -95.73 -21.20
C MET OC 24 1.48 -97.02 -21.04
N GLN OC 25 0.75 -98.13 -20.79
CA GLN OC 25 1.36 -99.43 -20.65
C GLN OC 25 2.03 -99.83 -21.96
N ALA OC 26 1.32 -99.61 -23.07
CA ALA OC 26 1.82 -99.96 -24.39
C ALA OC 26 3.07 -99.14 -24.76
N GLN OC 27 3.03 -97.82 -24.48
CA GLN OC 27 4.12 -96.89 -24.77
C GLN OC 27 5.36 -97.30 -24.00
N LYS OC 28 5.19 -97.75 -22.74
CA LYS OC 28 6.32 -98.25 -21.96
C LYS OC 28 6.84 -99.56 -22.55
N ALA OC 29 5.91 -100.40 -23.00
CA ALA OC 29 6.26 -101.69 -23.56
C ALA OC 29 6.90 -101.48 -24.93
N ASN OC 35 2.39 -105.69 -26.18
CA ASN OC 35 1.54 -106.79 -26.72
C ASN OC 35 0.09 -106.64 -26.25
N ILE OC 36 -0.49 -105.46 -26.46
CA ILE OC 36 -1.69 -105.04 -25.75
C ILE OC 36 -2.69 -104.63 -26.82
N GLN OC 37 -3.92 -105.13 -26.71
CA GLN OC 37 -4.96 -104.81 -27.67
C GLN OC 37 -5.59 -103.47 -27.32
N LEU OC 38 -5.88 -102.64 -28.33
CA LEU OC 38 -6.44 -101.32 -28.12
C LEU OC 38 -7.70 -101.14 -28.97
N PRO OC 39 -8.81 -100.56 -28.45
CA PRO OC 39 -8.95 -100.08 -27.08
C PRO OC 39 -9.31 -101.23 -26.15
N PRO OC 40 -9.12 -101.14 -24.81
CA PRO OC 40 -9.35 -102.29 -23.93
C PRO OC 40 -10.79 -102.76 -23.93
N ASN OC 41 -10.99 -104.07 -23.67
CA ASN OC 41 -12.33 -104.64 -23.55
C ASN OC 41 -13.03 -104.03 -22.33
N TYR OC 42 -14.37 -103.87 -22.37
CA TYR OC 42 -15.11 -103.41 -21.21
C TYR OC 42 -14.95 -104.34 -20.01
N GLY OC 43 -14.88 -105.66 -20.27
CA GLY OC 43 -14.60 -106.63 -19.23
C GLY OC 43 -13.24 -106.43 -18.57
N ASP OC 44 -12.25 -106.07 -19.40
CA ASP OC 44 -10.90 -105.87 -18.93
C ASP OC 44 -10.74 -104.54 -18.19
N MET OC 45 -11.66 -103.59 -18.43
CA MET OC 45 -11.65 -102.30 -17.76
C MET OC 45 -11.92 -102.50 -16.26
N ASP OC 46 -11.21 -101.74 -15.42
CA ASP OC 46 -11.34 -101.78 -13.97
C ASP OC 46 -11.69 -100.39 -13.47
N LEU OC 47 -12.78 -100.31 -12.70
CA LEU OC 47 -13.37 -99.05 -12.25
C LEU OC 47 -13.38 -99.03 -10.72
N ILE OC 48 -12.96 -97.89 -10.18
CA ILE OC 48 -13.03 -97.63 -8.76
C ILE OC 48 -14.24 -96.71 -8.55
N LEU OC 49 -15.29 -97.26 -7.93
CA LEU OC 49 -16.61 -96.66 -7.98
C LEU OC 49 -16.66 -95.49 -7.01
N PHE OC 50 -16.31 -95.79 -5.76
CA PHE OC 50 -16.37 -94.79 -4.71
C PHE OC 50 -14.96 -94.30 -4.41
N PRO OC 51 -14.66 -93.01 -4.61
CA PRO OC 51 -13.38 -92.43 -4.18
C PRO OC 51 -13.13 -92.60 -2.69
N GLU OC 52 -11.95 -92.20 -2.21
CA GLU OC 52 -11.55 -92.53 -0.86
C GLU OC 52 -12.50 -91.91 0.18
N GLY OC 53 -13.09 -90.76 -0.17
CA GLY OC 53 -13.87 -89.96 0.77
C GLY OC 53 -15.35 -89.77 0.40
N SER OC 54 -15.92 -90.71 -0.36
CA SER OC 54 -17.27 -90.53 -0.88
C SER OC 54 -18.37 -91.08 0.04
N LEU OC 55 -18.01 -91.99 0.95
CA LEU OC 55 -19.01 -92.56 1.85
C LEU OC 55 -18.76 -92.18 3.30
N LYS OC 56 -19.84 -92.21 4.09
CA LYS OC 56 -19.77 -91.96 5.52
C LYS OC 56 -20.95 -92.65 6.19
N ASN OC 57 -20.70 -93.22 7.37
CA ASN OC 57 -21.74 -93.89 8.13
C ASN OC 57 -22.52 -92.87 8.94
N SER OC 58 -23.29 -93.39 9.89
CA SER OC 58 -24.09 -92.58 10.80
C SER OC 58 -23.27 -91.66 11.72
N ASN OC 59 -21.98 -91.95 11.99
CA ASN OC 59 -21.16 -91.05 12.79
C ASN OC 59 -20.38 -90.02 11.96
N ASN OC 60 -20.69 -89.91 10.66
CA ASN OC 60 -19.93 -89.07 9.73
C ASN OC 60 -18.44 -89.37 9.78
N THR OC 61 -18.10 -90.67 9.80
CA THR OC 61 -16.74 -91.17 9.68
C THR OC 61 -16.63 -91.82 8.31
N VAL OC 62 -15.57 -91.44 7.58
CA VAL OC 62 -15.38 -91.92 6.22
C VAL OC 62 -14.99 -93.40 6.24
N ILE OC 63 -15.58 -94.15 5.32
CA ILE OC 63 -15.20 -95.55 5.13
C ILE OC 63 -14.81 -95.76 3.67
N PRO OC 64 -13.71 -96.48 3.37
CA PRO OC 64 -13.30 -96.76 2.00
C PRO OC 64 -14.24 -97.68 1.22
N GLN OC 65 -14.02 -97.70 -0.09
CA GLN OC 65 -14.66 -98.60 -1.06
C GLN OC 65 -14.48 -100.08 -0.69
N SER OC 66 -13.31 -100.42 -0.15
CA SER OC 66 -12.92 -101.81 0.07
C SER OC 66 -13.70 -102.45 1.20
N HIS OC 67 -14.31 -101.61 2.05
CA HIS OC 67 -15.01 -102.08 3.23
C HIS OC 67 -16.28 -102.86 2.87
N LEU OC 68 -16.82 -102.59 1.68
CA LEU OC 68 -18.17 -103.01 1.32
C LEU OC 68 -18.21 -104.43 0.77
N LYS OC 69 -17.04 -105.10 0.67
CA LYS OC 69 -16.99 -106.37 -0.02
C LYS OC 69 -17.61 -107.48 0.81
N GLY OC 70 -18.18 -108.46 0.11
CA GLY OC 70 -18.94 -109.54 0.71
C GLY OC 70 -20.26 -109.04 1.28
N LYS OC 71 -20.80 -107.94 0.75
CA LYS OC 71 -22.11 -107.45 1.15
C LYS OC 71 -22.94 -107.10 -0.08
N SER OC 72 -24.27 -107.15 0.10
CA SER OC 72 -25.22 -106.78 -0.94
C SER OC 72 -25.61 -105.31 -0.74
N VAL OC 73 -25.03 -104.45 -1.56
CA VAL OC 73 -25.29 -103.03 -1.42
C VAL OC 73 -26.37 -102.64 -2.42
N ALA OC 74 -27.29 -101.80 -1.96
CA ALA OC 74 -28.31 -101.25 -2.82
C ALA OC 74 -28.31 -99.73 -2.70
N LEU OC 75 -28.37 -99.09 -3.86
CA LEU OC 75 -28.56 -97.65 -3.87
C LEU OC 75 -30.02 -97.38 -3.58
N TYR OC 76 -30.24 -96.29 -2.84
CA TYR OC 76 -31.57 -95.84 -2.52
C TYR OC 76 -31.63 -94.36 -2.88
N PHE OC 77 -32.29 -94.09 -4.02
CA PHE OC 77 -32.54 -92.72 -4.41
C PHE OC 77 -33.80 -92.27 -3.72
N ALA OC 78 -33.68 -91.20 -2.93
CA ALA OC 78 -34.77 -90.73 -2.11
C ALA OC 78 -34.90 -89.20 -2.21
N ASP OC 79 -36.14 -88.75 -2.00
CA ASP OC 79 -36.46 -87.34 -1.92
C ASP OC 79 -37.16 -87.10 -0.59
N GLY OC 80 -36.89 -85.94 0.02
CA GLY OC 80 -37.44 -85.62 1.34
C GLY OC 80 -38.97 -85.52 1.35
N ALA OC 81 -39.49 -84.71 0.42
CA ALA OC 81 -40.90 -84.30 0.45
C ALA OC 81 -41.81 -85.25 -0.32
N ASP OC 82 -41.24 -86.27 -0.96
CA ASP OC 82 -42.05 -87.19 -1.74
C ASP OC 82 -42.86 -88.09 -0.80
N PRO OC 83 -44.22 -88.14 -0.92
CA PRO OC 83 -45.03 -89.00 -0.07
C PRO OC 83 -44.72 -90.48 -0.27
N LYS OC 84 -44.30 -90.84 -1.49
CA LYS OC 84 -43.99 -92.23 -1.76
C LYS OC 84 -42.71 -92.63 -1.05
N CYS OC 85 -41.73 -91.71 -0.90
CA CYS OC 85 -40.52 -91.98 -0.13
C CYS OC 85 -40.88 -92.11 1.35
N ALA OC 86 -41.76 -91.22 1.83
CA ALA OC 86 -42.20 -91.22 3.22
C ALA OC 86 -42.92 -92.52 3.55
N SER OC 87 -43.61 -93.11 2.56
CA SER OC 87 -44.33 -94.36 2.75
C SER OC 87 -43.41 -95.58 2.62
N LEU OC 88 -42.38 -95.49 1.75
CA LEU OC 88 -41.51 -96.64 1.50
C LEU OC 88 -40.53 -96.86 2.66
N LEU OC 89 -40.10 -95.76 3.29
CA LEU OC 89 -38.98 -95.77 4.23
C LEU OC 89 -39.16 -96.75 5.40
N PRO OC 90 -40.33 -96.80 6.09
CA PRO OC 90 -40.50 -97.76 7.19
C PRO OC 90 -40.37 -99.24 6.83
N PHE OC 91 -40.84 -99.64 5.65
CA PHE OC 91 -40.68 -101.05 5.30
C PHE OC 91 -39.27 -101.38 4.98
N LEU OC 92 -38.53 -100.42 4.41
CA LEU OC 92 -37.12 -100.60 4.15
C LEU OC 92 -36.39 -100.80 5.48
N LEU OC 93 -36.75 -99.98 6.47
CA LEU OC 93 -36.18 -100.08 7.81
C LEU OC 93 -36.49 -101.42 8.48
N ASN OC 94 -37.73 -101.92 8.34
CA ASN OC 94 -38.18 -103.20 8.87
C ASN OC 94 -37.33 -104.31 8.25
N TYR OC 95 -37.17 -104.20 6.92
CA TYR OC 95 -36.46 -105.22 6.19
C TYR OC 95 -34.98 -105.22 6.61
N TYR OC 96 -34.41 -104.02 6.83
CA TYR OC 96 -33.01 -103.79 7.23
C TYR OC 96 -32.70 -104.51 8.53
N ARG OC 97 -33.54 -104.29 9.56
CA ARG OC 97 -33.35 -105.03 10.80
C ARG OC 97 -33.57 -106.52 10.60
N THR OC 98 -34.66 -106.93 9.95
CA THR OC 98 -35.00 -108.34 9.98
C THR OC 98 -34.03 -109.19 9.17
N MET OC 99 -33.24 -108.58 8.29
CA MET OC 99 -32.22 -109.35 7.59
C MET OC 99 -30.81 -109.20 8.18
N ASN OC 100 -30.51 -108.03 8.75
CA ASN OC 100 -29.15 -107.84 9.25
C ASN OC 100 -29.00 -108.29 10.69
N GLU OC 101 -30.12 -108.41 11.41
CA GLU OC 101 -30.05 -108.58 12.86
C GLU OC 101 -30.09 -110.06 13.21
N GLY OC 102 -31.10 -110.74 12.69
CA GLY OC 102 -31.21 -112.19 12.77
C GLY OC 102 -30.27 -112.87 11.78
N GLY OC 103 -28.98 -112.93 12.14
CA GLY OC 103 -28.04 -113.63 11.29
C GLY OC 103 -26.61 -113.53 11.80
N ALA OC 104 -25.75 -114.36 11.22
CA ALA OC 104 -24.37 -114.52 11.66
C ALA OC 104 -23.42 -113.75 10.74
N ASN OC 105 -23.95 -112.87 9.89
CA ASN OC 105 -23.17 -112.22 8.85
C ASN OC 105 -23.86 -110.90 8.49
N GLN OC 106 -23.09 -109.87 8.11
CA GLN OC 106 -23.76 -108.68 7.61
C GLN OC 106 -24.12 -108.91 6.15
N LYS OC 107 -25.41 -108.92 5.80
CA LYS OC 107 -25.85 -109.39 4.50
C LYS OC 107 -25.97 -108.22 3.53
N ILE OC 108 -26.82 -107.25 3.90
CA ILE OC 108 -27.15 -106.16 3.01
C ILE OC 108 -26.72 -104.84 3.62
N GLU OC 109 -26.59 -103.82 2.75
CA GLU OC 109 -26.20 -102.46 3.10
C GLU OC 109 -26.80 -101.52 2.08
N ILE OC 110 -27.11 -100.29 2.51
CA ILE OC 110 -27.79 -99.35 1.65
C ILE OC 110 -26.96 -98.07 1.59
N ILE OC 111 -26.76 -97.59 0.36
CA ILE OC 111 -26.23 -96.25 0.15
C ILE OC 111 -27.39 -95.30 -0.12
N PHE OC 112 -27.28 -94.08 0.43
CA PHE OC 112 -28.33 -93.10 0.28
C PHE OC 112 -27.88 -91.99 -0.67
N VAL OC 113 -28.68 -91.80 -1.73
CA VAL OC 113 -28.44 -90.74 -2.69
C VAL OC 113 -29.67 -89.84 -2.75
N SER OC 114 -29.44 -88.52 -2.64
CA SER OC 114 -30.50 -87.54 -2.47
C SER OC 114 -31.03 -87.04 -3.80
N LEU OC 115 -32.25 -86.48 -3.75
CA LEU OC 115 -32.80 -85.70 -4.84
C LEU OC 115 -33.45 -84.43 -4.28
N ASP OC 116 -32.95 -83.99 -3.13
CA ASP OC 116 -33.54 -82.89 -2.40
C ASP OC 116 -33.14 -81.59 -3.08
N ARG OC 117 -33.44 -80.46 -2.43
CA ARG OC 117 -33.24 -79.16 -3.06
C ARG OC 117 -31.99 -78.47 -2.52
N ASP OC 118 -31.71 -78.67 -1.23
CA ASP OC 118 -30.54 -78.03 -0.64
C ASP OC 118 -29.93 -78.92 0.45
N ARG OC 119 -28.81 -78.42 0.97
CA ARG OC 119 -28.00 -79.11 1.96
C ARG OC 119 -28.79 -79.31 3.25
N GLU OC 120 -29.58 -78.31 3.61
CA GLU OC 120 -30.33 -78.40 4.85
C GLU OC 120 -31.39 -79.50 4.80
N ALA OC 121 -32.08 -79.56 3.67
CA ALA OC 121 -33.07 -80.62 3.43
C ALA OC 121 -32.40 -82.00 3.41
N PHE OC 122 -31.22 -82.08 2.78
CA PHE OC 122 -30.47 -83.31 2.74
C PHE OC 122 -30.07 -83.77 4.14
N GLU OC 123 -29.60 -82.85 4.99
CA GLU OC 123 -29.11 -83.21 6.31
C GLU OC 123 -30.27 -83.63 7.21
N SER OC 124 -31.39 -82.91 7.12
CA SER OC 124 -32.57 -83.24 7.90
C SER OC 124 -33.11 -84.62 7.52
N HIS OC 125 -33.12 -84.92 6.22
CA HIS OC 125 -33.59 -86.21 5.77
C HIS OC 125 -32.63 -87.34 6.15
N ARG OC 126 -31.32 -87.13 5.99
CA ARG OC 126 -30.30 -88.15 6.22
C ARG OC 126 -30.14 -88.49 7.70
N ALA OC 127 -30.53 -87.54 8.58
CA ALA OC 127 -30.44 -87.76 10.02
C ALA OC 127 -31.37 -88.91 10.46
N HIS OC 128 -32.40 -89.23 9.69
CA HIS OC 128 -33.25 -90.39 9.96
C HIS OC 128 -32.60 -91.73 9.61
N MET OC 129 -31.49 -91.74 8.86
CA MET OC 129 -31.11 -92.98 8.21
C MET OC 129 -29.92 -93.63 8.92
N PRO OC 130 -29.92 -94.97 9.17
CA PRO OC 130 -28.75 -95.61 9.78
C PRO OC 130 -27.67 -96.14 8.85
N TRP OC 131 -27.99 -96.24 7.55
CA TRP OC 131 -27.05 -96.78 6.57
C TRP OC 131 -26.16 -95.68 6.02
N LEU OC 132 -25.37 -96.02 5.00
CA LEU OC 132 -24.35 -95.10 4.53
C LEU OC 132 -24.98 -94.11 3.56
N SER OC 133 -24.30 -92.99 3.33
CA SER OC 133 -24.87 -91.95 2.48
C SER OC 133 -23.74 -91.21 1.75
N ILE OC 134 -24.12 -90.56 0.64
CA ILE OC 134 -23.18 -89.71 -0.09
C ILE OC 134 -23.61 -88.26 0.10
N ASP OC 135 -22.62 -87.40 0.42
CA ASP OC 135 -22.81 -85.98 0.61
C ASP OC 135 -23.32 -85.37 -0.69
N LEU OC 136 -24.16 -84.34 -0.55
CA LEU OC 136 -24.84 -83.73 -1.67
C LEU OC 136 -23.87 -82.97 -2.56
N GLU OC 137 -22.96 -82.21 -1.95
CA GLU OC 137 -21.97 -81.40 -2.67
C GLU OC 137 -20.97 -82.25 -3.47
N ASN OC 138 -20.82 -83.53 -3.11
CA ASN OC 138 -19.96 -84.44 -3.85
C ASN OC 138 -20.49 -84.59 -5.27
N PRO OC 139 -19.60 -84.58 -6.31
CA PRO OC 139 -19.99 -84.79 -7.71
C PRO OC 139 -20.77 -86.10 -7.93
N LEU OC 140 -20.36 -87.07 -7.12
CA LEU OC 140 -20.73 -88.46 -7.34
C LEU OC 140 -22.25 -88.67 -7.35
N THR OC 141 -22.99 -87.86 -6.61
CA THR OC 141 -24.44 -87.90 -6.68
C THR OC 141 -24.93 -87.61 -8.10
N GLU OC 142 -24.34 -86.58 -8.73
CA GLU OC 142 -24.76 -86.18 -10.07
C GLU OC 142 -24.41 -87.26 -11.09
N ILE OC 143 -23.16 -87.77 -10.99
CA ILE OC 143 -22.73 -88.83 -11.89
C ILE OC 143 -23.61 -90.08 -11.72
N LEU OC 144 -23.92 -90.45 -10.47
CA LEU OC 144 -24.69 -91.66 -10.24
C LEU OC 144 -26.12 -91.52 -10.74
N LYS OC 145 -26.70 -90.31 -10.60
CA LYS OC 145 -28.05 -90.09 -11.09
C LYS OC 145 -28.09 -90.30 -12.61
N ARG OC 146 -27.12 -89.70 -13.29
CA ARG OC 146 -27.14 -89.81 -14.74
C ARG OC 146 -26.75 -91.21 -15.21
N HIS OC 147 -26.00 -91.93 -14.37
CA HIS OC 147 -25.59 -93.28 -14.68
C HIS OC 147 -26.77 -94.24 -14.61
N PHE OC 148 -27.55 -94.17 -13.53
CA PHE OC 148 -28.62 -95.12 -13.30
C PHE OC 148 -29.96 -94.62 -13.81
N ARG OC 149 -29.97 -93.41 -14.39
CA ARG OC 149 -31.13 -92.86 -15.10
C ARG OC 149 -32.30 -92.70 -14.11
N VAL OC 150 -31.99 -92.05 -12.99
CA VAL OC 150 -33.01 -91.73 -12.00
C VAL OC 150 -33.13 -90.22 -11.92
N MET OC 151 -34.34 -89.73 -12.26
CA MET OC 151 -34.64 -88.32 -12.14
C MET OC 151 -36.15 -88.17 -12.02
N LYS OC 152 -36.58 -87.00 -11.60
CA LYS OC 152 -37.94 -86.72 -11.16
C LYS OC 152 -38.80 -86.14 -12.29
N GLU OC 153 -38.16 -85.32 -13.12
CA GLU OC 153 -38.74 -84.57 -14.23
C GLU OC 153 -37.64 -84.36 -15.26
N TYR OC 154 -37.99 -84.05 -16.50
CA TYR OC 154 -37.07 -84.15 -17.61
C TYR OC 154 -36.23 -82.90 -17.83
N GLU OC 155 -35.66 -82.33 -16.76
CA GLU OC 155 -34.62 -81.34 -16.93
C GLU OC 155 -33.32 -82.00 -17.34
N VAL OC 156 -33.10 -83.25 -16.92
CA VAL OC 156 -31.88 -83.98 -17.26
C VAL OC 156 -31.94 -84.37 -18.73
N PRO OC 157 -30.92 -84.06 -19.56
CA PRO OC 157 -30.88 -84.56 -20.93
C PRO OC 157 -30.55 -86.05 -20.94
N THR OC 158 -31.61 -86.82 -21.22
CA THR OC 158 -31.47 -88.22 -21.58
C THR OC 158 -31.02 -88.31 -23.04
N TYR OC 159 -30.08 -89.22 -23.31
CA TYR OC 159 -29.49 -89.33 -24.62
C TYR OC 159 -30.31 -90.25 -25.51
N GLY OC 160 -31.60 -89.93 -25.73
CA GLY OC 160 -32.51 -90.73 -26.52
C GLY OC 160 -32.93 -92.03 -25.83
N TYR OC 161 -32.60 -92.14 -24.54
CA TYR OC 161 -32.94 -93.31 -23.74
C TYR OC 161 -34.29 -93.02 -23.06
N GLY OC 162 -34.62 -93.71 -21.95
CA GLY OC 162 -35.54 -93.12 -21.00
C GLY OC 162 -35.00 -93.21 -19.56
N SER OC 163 -35.79 -92.61 -18.67
CA SER OC 163 -35.73 -92.89 -17.24
C SER OC 163 -36.06 -94.36 -17.03
N ARG OC 164 -35.14 -95.03 -16.30
CA ARG OC 164 -35.46 -96.36 -15.84
C ARG OC 164 -36.67 -96.32 -14.90
N THR OC 165 -36.60 -95.33 -14.00
CA THR OC 165 -37.61 -95.12 -12.98
C THR OC 165 -37.47 -93.71 -12.41
N GLY OC 166 -38.33 -93.43 -11.43
CA GLY OC 166 -38.25 -92.21 -10.65
C GLY OC 166 -37.93 -92.50 -9.19
N VAL OC 167 -37.91 -91.41 -8.41
CA VAL OC 167 -37.74 -91.43 -6.97
C VAL OC 167 -39.01 -92.01 -6.35
N PRO OC 168 -38.96 -92.86 -5.30
CA PRO OC 168 -37.74 -93.48 -4.75
C PRO OC 168 -37.42 -94.76 -5.50
N SER OC 169 -36.16 -95.20 -5.42
CA SER OC 169 -35.79 -96.41 -6.12
C SER OC 169 -34.64 -97.09 -5.42
N VAL OC 170 -34.77 -98.41 -5.30
CA VAL OC 170 -33.69 -99.22 -4.77
C VAL OC 170 -33.18 -100.08 -5.90
N ILE OC 171 -31.87 -99.99 -6.09
CA ILE OC 171 -31.23 -100.75 -7.14
C ILE OC 171 -30.04 -101.46 -6.51
N VAL OC 172 -30.04 -102.77 -6.59
CA VAL OC 172 -28.90 -103.50 -6.08
C VAL OC 172 -27.77 -103.43 -7.11
N ILE OC 173 -26.59 -103.02 -6.65
CA ILE OC 173 -25.48 -102.67 -7.53
C ILE OC 173 -24.31 -103.63 -7.33
N GLY OC 174 -23.40 -103.65 -8.30
CA GLY OC 174 -22.20 -104.47 -8.27
C GLY OC 174 -20.93 -103.64 -8.07
N SER OC 175 -19.78 -104.30 -8.13
CA SER OC 175 -18.49 -103.65 -7.92
C SER OC 175 -18.15 -102.68 -9.04
N ASP OC 176 -18.46 -103.10 -10.26
CA ASP OC 176 -18.12 -102.36 -11.47
C ASP OC 176 -19.14 -101.28 -11.77
N GLY OC 177 -20.18 -101.16 -10.93
CA GLY OC 177 -21.23 -100.17 -11.17
C GLY OC 177 -22.39 -100.73 -11.99
N ARG OC 178 -22.44 -102.06 -12.19
CA ARG OC 178 -23.51 -102.63 -12.99
C ARG OC 178 -24.81 -102.69 -12.20
N GLU OC 179 -25.90 -102.85 -12.95
CA GLU OC 179 -27.24 -103.01 -12.39
C GLU OC 179 -27.49 -104.51 -12.18
N ALA OC 180 -27.39 -104.97 -10.94
CA ALA OC 180 -27.51 -106.39 -10.64
C ALA OC 180 -28.96 -106.85 -10.79
N GLN OC 181 -29.88 -106.26 -10.02
CA GLN OC 181 -31.30 -106.52 -10.18
C GLN OC 181 -32.06 -105.27 -9.75
N PHE OC 182 -33.27 -105.10 -10.31
CA PHE OC 182 -34.04 -103.87 -10.10
C PHE OC 182 -35.29 -104.20 -9.29
N LEU OC 183 -35.31 -103.75 -8.04
CA LEU OC 183 -36.46 -104.05 -7.19
C LEU OC 183 -37.61 -103.12 -7.50
N PRO OC 184 -38.75 -103.65 -8.00
CA PRO OC 184 -39.82 -102.80 -8.49
C PRO OC 184 -40.72 -102.17 -7.41
N ILE OC 185 -40.30 -101.03 -6.87
CA ILE OC 185 -41.12 -100.29 -5.92
C ILE OC 185 -42.26 -99.60 -6.68
N CYS OC 186 -41.89 -98.65 -7.54
CA CYS OC 186 -42.82 -97.97 -8.41
C CYS OC 186 -42.25 -98.02 -9.83
N SER OC 187 -42.50 -99.16 -10.48
CA SER OC 187 -42.00 -99.44 -11.82
C SER OC 187 -42.98 -100.41 -12.51
N GLY OC 188 -42.45 -101.19 -13.46
CA GLY OC 188 -43.18 -102.10 -14.32
C GLY OC 188 -44.00 -103.14 -13.58
N LEU OC 189 -43.50 -103.61 -12.42
CA LEU OC 189 -44.25 -104.64 -11.69
C LEU OC 189 -45.22 -104.01 -10.69
N GLU OC 190 -44.84 -102.84 -10.14
CA GLU OC 190 -45.60 -102.05 -9.16
C GLU OC 190 -45.89 -102.92 -7.94
N GLU OC 191 -44.82 -103.47 -7.38
CA GLU OC 191 -44.91 -104.25 -6.15
C GLU OC 191 -44.43 -103.36 -5.02
N GLY OC 192 -45.26 -102.41 -4.61
CA GLY OC 192 -44.88 -101.50 -3.54
C GLY OC 192 -44.70 -102.25 -2.23
N ASP OC 193 -43.53 -102.08 -1.59
CA ASP OC 193 -43.23 -102.50 -0.23
C ASP OC 193 -43.05 -104.02 -0.09
N ARG OC 194 -43.33 -104.76 -1.17
CA ARG OC 194 -43.17 -106.20 -1.20
C ARG OC 194 -42.06 -106.56 -2.19
N ALA OC 195 -41.60 -105.58 -2.99
CA ALA OC 195 -40.48 -105.78 -3.92
C ALA OC 195 -39.16 -106.06 -3.18
N LEU OC 196 -39.15 -105.73 -1.89
CA LEU OC 196 -38.02 -105.94 -0.99
C LEU OC 196 -37.76 -107.44 -0.81
N LEU OC 197 -38.78 -108.28 -1.03
CA LEU OC 197 -38.63 -109.70 -0.83
C LEU OC 197 -37.88 -110.35 -2.01
N ARG OC 198 -37.69 -109.61 -3.12
CA ARG OC 198 -36.99 -110.13 -4.28
C ARG OC 198 -35.47 -110.04 -4.19
N TRP OC 199 -34.94 -109.55 -3.07
CA TRP OC 199 -33.51 -109.33 -2.90
C TRP OC 199 -32.77 -110.66 -2.75
N ASP OC 200 -31.90 -110.98 -3.71
CA ASP OC 200 -31.12 -112.21 -3.69
C ASP OC 200 -29.70 -111.87 -3.26
N TRP OC 201 -29.51 -111.80 -1.93
CA TRP OC 201 -28.28 -111.33 -1.31
C TRP OC 201 -27.11 -112.32 -1.45
N ARG OC 202 -27.40 -113.56 -1.84
CA ARG OC 202 -26.31 -114.49 -2.06
C ARG OC 202 -25.65 -114.08 -3.38
N ASN OC 203 -26.47 -114.00 -4.44
CA ASN OC 203 -26.01 -113.89 -5.82
C ASN OC 203 -25.64 -112.44 -6.19
N THR OC 204 -25.98 -111.49 -5.32
CA THR OC 204 -25.61 -110.09 -5.52
C THR OC 204 -24.58 -109.69 -4.47
N LYS OC 205 -23.30 -109.94 -4.76
CA LYS OC 205 -22.23 -109.57 -3.84
C LYS OC 205 -21.43 -108.43 -4.44
N PHE OC 206 -21.07 -107.49 -3.56
CA PHE OC 206 -20.15 -106.44 -3.94
C PHE OC 206 -18.73 -107.01 -3.86
N ALA OC 207 -18.00 -106.95 -4.96
CA ALA OC 207 -16.81 -107.79 -5.09
C ALA OC 207 -15.63 -106.89 -5.45
N SER PC 2 -59.89 -30.14 -32.53
CA SER PC 2 -61.07 -29.90 -33.44
C SER PC 2 -62.30 -30.66 -32.95
N GLN PC 3 -62.50 -30.59 -31.64
CA GLN PC 3 -63.71 -31.05 -30.99
C GLN PC 3 -64.12 -29.95 -30.02
N PRO PC 4 -65.41 -29.60 -29.84
CA PRO PC 4 -66.51 -30.12 -30.65
C PRO PC 4 -66.81 -29.28 -31.88
N VAL PC 5 -66.19 -28.12 -32.02
CA VAL PC 5 -66.35 -27.34 -33.25
C VAL PC 5 -64.97 -27.07 -33.82
N PHE PC 6 -64.91 -26.57 -35.06
CA PHE PC 6 -63.63 -26.16 -35.59
C PHE PC 6 -63.35 -24.72 -35.21
N ALA PC 7 -64.37 -23.88 -35.41
CA ALA PC 7 -64.28 -22.44 -35.31
C ALA PC 7 -64.51 -21.99 -33.86
N SER PC 8 -63.53 -22.35 -33.02
CA SER PC 8 -63.55 -21.90 -31.63
C SER PC 8 -62.21 -21.28 -31.28
N PRO PC 9 -62.25 -20.24 -30.42
CA PRO PC 9 -61.04 -19.60 -29.92
C PRO PC 9 -60.07 -20.53 -29.19
N LEU PC 10 -60.57 -21.52 -28.48
CA LEU PC 10 -59.66 -22.39 -27.75
C LEU PC 10 -59.00 -23.34 -28.75
N ASN PC 11 -59.68 -23.69 -29.84
CA ASN PC 11 -59.08 -24.55 -30.85
C ASN PC 11 -58.02 -23.80 -31.65
N VAL PC 12 -58.27 -22.51 -31.93
CA VAL PC 12 -57.28 -21.75 -32.66
C VAL PC 12 -56.05 -21.50 -31.76
N GLU PC 13 -56.24 -21.32 -30.45
CA GLU PC 13 -55.16 -21.20 -29.45
C GLU PC 13 -54.34 -22.50 -29.41
N LYS PC 14 -55.04 -23.64 -29.38
CA LYS PC 14 -54.37 -24.93 -29.35
C LYS PC 14 -53.56 -25.15 -30.61
N ARG PC 15 -54.16 -24.84 -31.76
CA ARG PC 15 -53.51 -24.98 -33.07
C ARG PC 15 -52.27 -24.09 -33.11
N ARG PC 16 -52.34 -22.86 -32.56
CA ARG PC 16 -51.24 -21.91 -32.55
C ARG PC 16 -50.05 -22.48 -31.79
N LEU PC 17 -50.26 -22.90 -30.53
CA LEU PC 17 -49.14 -23.28 -29.69
C LEU PC 17 -48.54 -24.56 -30.21
N ASN PC 18 -49.43 -25.45 -30.69
CA ASN PC 18 -48.91 -26.74 -31.09
C ASN PC 18 -48.21 -26.65 -32.43
N GLU PC 19 -48.69 -25.78 -33.33
CA GLU PC 19 -48.02 -25.49 -34.59
C GLU PC 19 -46.64 -24.90 -34.29
N GLU PC 20 -46.55 -24.02 -33.29
CA GLU PC 20 -45.30 -23.35 -32.93
C GLU PC 20 -44.29 -24.38 -32.43
N ARG PC 21 -44.76 -25.26 -31.55
CA ARG PC 21 -43.86 -26.23 -30.96
C ARG PC 21 -43.41 -27.31 -31.95
N ALA PC 22 -44.33 -27.68 -32.84
CA ALA PC 22 -44.04 -28.61 -33.94
C ALA PC 22 -43.01 -28.01 -34.89
N LEU PC 23 -43.13 -26.72 -35.23
CA LEU PC 23 -42.17 -26.04 -36.08
C LEU PC 23 -40.81 -26.03 -35.39
N MET PC 24 -40.79 -25.75 -34.09
CA MET PC 24 -39.51 -25.66 -33.40
C MET PC 24 -38.76 -27.01 -33.38
N GLN PC 25 -39.46 -28.07 -33.00
CA GLN PC 25 -38.82 -29.38 -32.93
C GLN PC 25 -38.47 -29.91 -34.33
N ALA PC 26 -39.25 -29.49 -35.35
CA ALA PC 26 -38.96 -29.84 -36.73
C ALA PC 26 -37.72 -29.12 -37.24
N GLN PC 27 -37.54 -27.86 -36.82
CA GLN PC 27 -36.37 -27.08 -37.20
C GLN PC 27 -35.12 -27.67 -36.57
N LYS PC 28 -35.25 -28.15 -35.31
CA LYS PC 28 -34.16 -28.91 -34.68
C LYS PC 28 -33.85 -30.18 -35.46
N ALA PC 29 -34.91 -30.90 -35.90
CA ALA PC 29 -34.74 -32.10 -36.69
C ALA PC 29 -34.57 -31.82 -38.19
N ASN PC 35 -39.40 -35.29 -41.43
CA ASN PC 35 -40.46 -36.32 -41.29
C ASN PC 35 -41.37 -35.95 -40.12
N ILE PC 36 -41.80 -34.69 -40.15
CA ILE PC 36 -42.82 -34.18 -39.25
C ILE PC 36 -43.97 -33.67 -40.08
N GLN PC 37 -45.19 -34.11 -39.73
CA GLN PC 37 -46.39 -33.69 -40.43
C GLN PC 37 -46.77 -32.27 -39.99
N LEU PC 38 -46.50 -31.29 -40.86
CA LEU PC 38 -46.89 -29.92 -40.62
C LEU PC 38 -48.08 -29.57 -41.49
N PRO PC 39 -49.25 -29.14 -40.96
CA PRO PC 39 -49.48 -28.85 -39.55
C PRO PC 39 -49.75 -30.12 -38.77
N PRO PC 40 -49.50 -30.12 -37.45
CA PRO PC 40 -49.63 -31.32 -36.64
C PRO PC 40 -51.07 -31.81 -36.63
N ASN PC 41 -51.15 -33.11 -36.41
CA ASN PC 41 -52.36 -33.88 -36.26
C ASN PC 41 -53.06 -33.41 -34.97
N TYR PC 42 -54.39 -33.42 -34.96
CA TYR PC 42 -55.11 -33.06 -33.74
C TYR PC 42 -54.87 -34.11 -32.65
N GLY PC 43 -54.56 -35.35 -33.00
CA GLY PC 43 -54.04 -36.34 -32.06
C GLY PC 43 -52.72 -35.93 -31.38
N ASP PC 44 -51.79 -35.36 -32.14
CA ASP PC 44 -50.49 -34.94 -31.64
C ASP PC 44 -50.60 -33.64 -30.82
N MET PC 45 -51.68 -32.88 -31.02
CA MET PC 45 -51.88 -31.66 -30.25
C MET PC 45 -52.11 -31.95 -28.76
N ASP PC 46 -51.48 -31.15 -27.89
CA ASP PC 46 -51.66 -31.27 -26.44
C ASP PC 46 -52.17 -29.94 -25.90
N LEU PC 47 -53.21 -30.02 -25.06
CA LEU PC 47 -53.91 -28.80 -24.67
C LEU PC 47 -53.90 -28.56 -23.16
N ILE PC 48 -53.61 -27.30 -22.83
CA ILE PC 48 -53.80 -26.79 -21.49
C ILE PC 48 -55.11 -26.01 -21.49
N LEU PC 49 -56.07 -26.51 -20.72
CA LEU PC 49 -57.44 -26.06 -20.89
C LEU PC 49 -57.64 -24.84 -20.03
N PHE PC 50 -57.54 -25.06 -18.72
CA PHE PC 50 -57.59 -23.97 -17.79
C PHE PC 50 -56.14 -23.58 -17.52
N PRO PC 51 -55.74 -22.33 -17.87
CA PRO PC 51 -54.36 -21.87 -17.64
C PRO PC 51 -54.00 -21.95 -16.15
N GLU PC 52 -52.80 -21.52 -15.75
CA GLU PC 52 -52.30 -21.94 -14.45
C GLU PC 52 -53.15 -21.36 -13.31
N GLY PC 53 -53.70 -20.16 -13.53
CA GLY PC 53 -54.43 -19.44 -12.51
C GLY PC 53 -55.89 -19.10 -12.84
N SER PC 54 -56.59 -19.96 -13.59
CA SER PC 54 -57.99 -19.68 -13.95
C SER PC 54 -58.97 -20.15 -12.87
N LEU PC 55 -58.69 -21.31 -12.29
CA LEU PC 55 -59.62 -21.96 -11.38
C LEU PC 55 -59.42 -21.46 -9.96
N LYS PC 56 -60.49 -21.58 -9.18
CA LYS PC 56 -60.43 -21.29 -7.77
C LYS PC 56 -61.56 -22.00 -7.04
N ASN PC 57 -61.28 -22.42 -5.82
CA ASN PC 57 -62.25 -23.10 -4.99
C ASN PC 57 -63.10 -22.05 -4.28
N SER PC 58 -63.84 -22.50 -3.27
CA SER PC 58 -64.74 -21.61 -2.55
C SER PC 58 -64.01 -20.62 -1.64
N ASN PC 59 -62.72 -20.86 -1.33
CA ASN PC 59 -61.93 -19.89 -0.60
C ASN PC 59 -61.18 -18.88 -1.46
N ASN PC 60 -61.41 -18.96 -2.78
CA ASN PC 60 -60.81 -18.05 -3.75
C ASN PC 60 -59.29 -18.17 -3.72
N THR PC 61 -58.82 -19.43 -3.70
CA THR PC 61 -57.42 -19.68 -3.92
C THR PC 61 -57.27 -20.61 -5.12
N VAL PC 62 -56.21 -20.33 -5.88
CA VAL PC 62 -56.00 -20.99 -7.16
C VAL PC 62 -55.54 -22.42 -6.91
N ILE PC 63 -56.03 -23.32 -7.74
CA ILE PC 63 -55.53 -24.68 -7.81
C ILE PC 63 -55.09 -24.89 -9.25
N PRO PC 64 -53.97 -25.62 -9.49
CA PRO PC 64 -53.59 -26.03 -10.84
C PRO PC 64 -54.59 -27.02 -11.45
N GLN PC 65 -54.51 -27.11 -12.77
CA GLN PC 65 -55.37 -27.95 -13.57
C GLN PC 65 -55.14 -29.43 -13.24
N SER PC 66 -53.90 -29.76 -12.83
CA SER PC 66 -53.50 -31.15 -12.61
C SER PC 66 -54.17 -31.75 -11.38
N HIS PC 67 -54.75 -30.91 -10.53
CA HIS PC 67 -55.39 -31.40 -9.32
C HIS PC 67 -56.65 -32.24 -9.64
N LEU PC 68 -57.27 -31.93 -10.80
CA LEU PC 68 -58.55 -32.48 -11.23
C LEU PC 68 -58.44 -33.92 -11.75
N LYS PC 69 -57.34 -34.57 -11.43
CA LYS PC 69 -57.12 -35.88 -11.99
C LYS PC 69 -57.89 -36.92 -11.20
N GLY PC 70 -58.52 -37.83 -11.93
CA GLY PC 70 -59.36 -38.87 -11.35
C GLY PC 70 -60.80 -38.49 -11.05
N LYS PC 71 -61.28 -37.32 -11.51
CA LYS PC 71 -62.65 -36.88 -11.18
C LYS PC 71 -63.42 -36.47 -12.45
N SER PC 72 -64.70 -36.80 -12.55
CA SER PC 72 -65.59 -36.37 -13.64
C SER PC 72 -65.89 -34.89 -13.46
N VAL PC 73 -65.27 -34.07 -14.30
CA VAL PC 73 -65.41 -32.63 -14.17
C VAL PC 73 -66.50 -32.15 -15.13
N ALA PC 74 -67.51 -31.46 -14.60
CA ALA PC 74 -68.65 -31.00 -15.38
C ALA PC 74 -68.71 -29.48 -15.35
N LEU PC 75 -68.76 -28.90 -16.53
CA LEU PC 75 -68.98 -27.48 -16.63
C LEU PC 75 -70.45 -27.21 -16.39
N TYR PC 76 -70.69 -26.09 -15.73
CA TYR PC 76 -72.01 -25.67 -15.38
C TYR PC 76 -72.16 -24.22 -15.78
N PHE PC 77 -72.82 -24.01 -16.92
CA PHE PC 77 -73.12 -22.66 -17.37
C PHE PC 77 -74.42 -22.22 -16.73
N ALA PC 78 -74.34 -21.13 -15.95
CA ALA PC 78 -75.47 -20.66 -15.18
C ALA PC 78 -75.59 -19.13 -15.25
N ASP PC 79 -76.83 -18.64 -15.28
CA ASP PC 79 -77.10 -17.23 -15.05
C ASP PC 79 -77.93 -17.09 -13.77
N GLY PC 80 -77.63 -16.04 -12.99
CA GLY PC 80 -78.14 -15.85 -11.64
C GLY PC 80 -79.64 -15.59 -11.64
N ALA PC 81 -80.04 -14.60 -12.45
CA ALA PC 81 -81.40 -14.11 -12.46
C ALA PC 81 -82.37 -15.10 -13.12
N ASP PC 82 -81.84 -16.09 -13.85
CA ASP PC 82 -82.67 -17.04 -14.58
C ASP PC 82 -83.46 -17.92 -13.60
N PRO PC 83 -84.81 -17.93 -13.68
CA PRO PC 83 -85.67 -18.80 -12.87
C PRO PC 83 -85.28 -20.27 -12.98
N LYS PC 84 -84.88 -20.67 -14.20
CA LYS PC 84 -84.63 -22.07 -14.51
C LYS PC 84 -83.36 -22.54 -13.77
N CYS PC 85 -82.30 -21.73 -13.79
CA CYS PC 85 -81.07 -22.06 -13.07
C CYS PC 85 -81.32 -22.03 -11.56
N ALA PC 86 -82.14 -21.07 -11.09
CA ALA PC 86 -82.51 -20.96 -9.69
C ALA PC 86 -83.25 -22.23 -9.23
N SER PC 87 -84.03 -22.84 -10.13
CA SER PC 87 -84.74 -24.06 -9.86
C SER PC 87 -83.83 -25.30 -9.91
N LEU PC 88 -82.83 -25.27 -10.81
CA LEU PC 88 -81.96 -26.43 -10.98
C LEU PC 88 -80.98 -26.56 -9.81
N LEU PC 89 -80.50 -25.44 -9.24
CA LEU PC 89 -79.46 -25.40 -8.22
C LEU PC 89 -79.68 -26.36 -7.04
N PRO PC 90 -80.85 -26.44 -6.36
CA PRO PC 90 -80.99 -27.37 -5.23
C PRO PC 90 -80.78 -28.84 -5.56
N PHE PC 91 -81.29 -29.30 -6.72
CA PHE PC 91 -81.08 -30.69 -7.12
C PHE PC 91 -79.62 -30.97 -7.33
N LEU PC 92 -78.90 -30.00 -7.90
CA LEU PC 92 -77.50 -30.20 -8.23
C LEU PC 92 -76.68 -30.25 -6.95
N LEU PC 93 -77.04 -29.39 -5.97
CA LEU PC 93 -76.41 -29.43 -4.65
C LEU PC 93 -76.59 -30.80 -4.02
N ASN PC 94 -77.83 -31.33 -4.12
CA ASN PC 94 -78.18 -32.60 -3.51
C ASN PC 94 -77.46 -33.74 -4.21
N TYR PC 95 -77.32 -33.61 -5.52
CA TYR PC 95 -76.67 -34.66 -6.28
C TYR PC 95 -75.17 -34.69 -5.94
N TYR PC 96 -74.52 -33.52 -5.83
CA TYR PC 96 -73.11 -33.37 -5.45
C TYR PC 96 -72.88 -33.97 -4.05
N ARG PC 97 -73.75 -33.58 -3.12
CA ARG PC 97 -73.87 -34.10 -1.77
C ARG PC 97 -73.76 -35.62 -1.80
N THR PC 98 -74.75 -36.25 -2.40
CA THR PC 98 -74.94 -37.69 -2.30
C THR PC 98 -73.80 -38.45 -2.98
N MET PC 99 -73.50 -38.08 -4.22
CA MET PC 99 -72.49 -38.82 -4.98
C MET PC 99 -71.05 -38.66 -4.45
N ASN PC 100 -70.69 -37.50 -3.93
CA ASN PC 100 -69.35 -37.38 -3.40
C ASN PC 100 -69.24 -37.74 -1.92
N GLU PC 101 -70.36 -37.93 -1.23
CA GLU PC 101 -70.28 -38.34 0.17
C GLU PC 101 -70.33 -39.87 0.30
N GLY PC 102 -71.13 -40.52 -0.54
CA GLY PC 102 -71.29 -41.96 -0.42
C GLY PC 102 -70.28 -42.73 -1.27
N GLY PC 103 -69.01 -42.77 -0.83
CA GLY PC 103 -68.05 -43.60 -1.55
C GLY PC 103 -66.62 -43.46 -1.04
N ALA PC 104 -65.73 -44.11 -1.78
CA ALA PC 104 -64.34 -44.33 -1.45
C ALA PC 104 -63.43 -43.23 -1.99
N ASN PC 105 -63.66 -42.77 -3.23
CA ASN PC 105 -62.90 -41.67 -3.81
C ASN PC 105 -63.87 -40.57 -4.21
N GLN PC 106 -63.35 -39.37 -4.48
CA GLN PC 106 -64.17 -38.29 -5.02
C GLN PC 106 -64.45 -38.63 -6.46
N LYS PC 107 -65.73 -38.51 -6.86
CA LYS PC 107 -66.14 -39.03 -8.15
C LYS PC 107 -66.35 -37.89 -9.13
N ILE PC 108 -67.07 -36.85 -8.71
CA ILE PC 108 -67.42 -35.78 -9.63
C ILE PC 108 -66.95 -34.45 -9.04
N GLU PC 109 -66.83 -33.45 -9.92
CA GLU PC 109 -66.44 -32.10 -9.55
C GLU PC 109 -67.04 -31.13 -10.55
N ILE PC 110 -67.41 -29.91 -10.12
CA ILE PC 110 -68.14 -28.97 -10.96
C ILE PC 110 -67.36 -27.67 -11.10
N ILE PC 111 -67.30 -27.16 -12.33
CA ILE PC 111 -66.84 -25.81 -12.60
C ILE PC 111 -68.06 -24.95 -12.89
N PHE PC 112 -68.06 -23.75 -12.33
CA PHE PC 112 -69.13 -22.79 -12.55
C PHE PC 112 -68.64 -21.70 -13.50
N VAL PC 113 -69.40 -21.51 -14.58
CA VAL PC 113 -69.16 -20.44 -15.53
C VAL PC 113 -70.37 -19.52 -15.56
N SER PC 114 -70.11 -18.24 -15.31
CA SER PC 114 -71.15 -17.23 -15.14
C SER PC 114 -71.61 -16.71 -16.49
N LEU PC 115 -72.93 -16.50 -16.60
CA LEU PC 115 -73.54 -15.72 -17.67
C LEU PC 115 -74.14 -14.44 -17.11
N ASP PC 116 -73.76 -14.03 -15.90
CA ASP PC 116 -74.32 -12.84 -15.27
C ASP PC 116 -73.70 -11.59 -15.93
N ARG PC 117 -74.01 -10.36 -15.51
CA ARG PC 117 -73.44 -9.22 -16.23
C ARG PC 117 -72.44 -8.46 -15.39
N ASP PC 118 -72.56 -8.51 -14.06
CA ASP PC 118 -71.64 -7.72 -13.25
C ASP PC 118 -71.16 -8.43 -11.97
N ARG PC 119 -70.27 -7.71 -11.26
CA ARG PC 119 -69.42 -8.25 -10.21
C ARG PC 119 -70.24 -8.72 -9.01
N GLU PC 120 -71.18 -7.90 -8.54
CA GLU PC 120 -71.92 -8.23 -7.33
C GLU PC 120 -72.85 -9.40 -7.61
N ALA PC 121 -73.38 -9.48 -8.84
CA ALA PC 121 -74.23 -10.58 -9.25
C ALA PC 121 -73.41 -11.87 -9.24
N PHE PC 122 -72.17 -11.80 -9.75
CA PHE PC 122 -71.33 -12.97 -9.82
C PHE PC 122 -70.95 -13.44 -8.42
N GLU PC 123 -70.59 -12.50 -7.54
CA GLU PC 123 -70.22 -12.81 -6.16
C GLU PC 123 -71.41 -13.46 -5.44
N SER PC 124 -72.59 -12.84 -5.55
CA SER PC 124 -73.77 -13.30 -4.85
C SER PC 124 -74.17 -14.69 -5.34
N HIS PC 125 -74.00 -14.96 -6.64
CA HIS PC 125 -74.38 -16.27 -7.16
C HIS PC 125 -73.36 -17.34 -6.76
N ARG PC 126 -72.07 -16.97 -6.78
CA ARG PC 126 -70.99 -17.91 -6.54
C ARG PC 126 -70.90 -18.29 -5.06
N ALA PC 127 -71.39 -17.42 -4.17
CA ALA PC 127 -71.36 -17.69 -2.74
C ALA PC 127 -72.23 -18.89 -2.36
N HIS PC 128 -73.23 -19.23 -3.19
CA HIS PC 128 -74.08 -20.38 -2.93
C HIS PC 128 -73.45 -21.72 -3.36
N MET PC 129 -72.29 -21.65 -4.03
CA MET PC 129 -71.78 -22.80 -4.75
C MET PC 129 -70.46 -23.26 -4.13
N PRO PC 130 -70.35 -24.55 -3.72
CA PRO PC 130 -69.10 -25.03 -3.15
C PRO PC 130 -68.05 -25.50 -4.15
N TRP PC 131 -68.46 -25.60 -5.42
CA TRP PC 131 -67.60 -26.18 -6.41
C TRP PC 131 -66.72 -25.08 -6.96
N LEU PC 132 -65.83 -25.48 -7.86
CA LEU PC 132 -64.88 -24.52 -8.37
C LEU PC 132 -65.58 -23.56 -9.33
N SER PC 133 -64.97 -22.40 -9.56
CA SER PC 133 -65.58 -21.39 -10.39
C SER PC 133 -64.51 -20.64 -11.18
N ILE PC 134 -64.92 -20.09 -12.33
CA ILE PC 134 -64.05 -19.24 -13.14
C ILE PC 134 -64.52 -17.80 -12.97
N ASP PC 135 -63.56 -16.89 -12.74
CA ASP PC 135 -63.87 -15.48 -12.56
C ASP PC 135 -64.43 -14.86 -13.83
N LEU PC 136 -65.32 -13.88 -13.60
CA LEU PC 136 -66.14 -13.31 -14.67
C LEU PC 136 -65.32 -12.55 -15.71
N GLU PC 137 -64.39 -11.70 -15.25
CA GLU PC 137 -63.65 -10.78 -16.11
C GLU PC 137 -62.65 -11.54 -16.97
N ASN PC 138 -62.39 -12.82 -16.61
CA ASN PC 138 -61.38 -13.61 -17.28
C ASN PC 138 -61.82 -13.82 -18.71
N PRO PC 139 -60.91 -13.74 -19.72
CA PRO PC 139 -61.30 -14.01 -21.10
C PRO PC 139 -61.71 -15.46 -21.34
N LEU PC 140 -61.32 -16.37 -20.43
CA LEU PC 140 -61.63 -17.78 -20.59
C LEU PC 140 -63.15 -18.04 -20.53
N THR PC 141 -63.90 -17.21 -19.83
CA THR PC 141 -65.34 -17.38 -19.77
C THR PC 141 -65.96 -17.20 -21.17
N GLU PC 142 -65.62 -16.11 -21.85
CA GLU PC 142 -66.11 -15.87 -23.21
C GLU PC 142 -65.58 -16.94 -24.15
N ILE PC 143 -64.32 -17.33 -23.97
CA ILE PC 143 -63.72 -18.33 -24.83
C ILE PC 143 -64.49 -19.65 -24.71
N LEU PC 144 -64.83 -20.06 -23.48
CA LEU PC 144 -65.54 -21.31 -23.24
C LEU PC 144 -66.97 -21.26 -23.77
N LYS PC 145 -67.60 -20.09 -23.66
CA LYS PC 145 -68.93 -19.89 -24.21
C LYS PC 145 -68.89 -20.11 -25.73
N ARG PC 146 -67.89 -19.55 -26.39
CA ARG PC 146 -67.78 -19.74 -27.82
C ARG PC 146 -67.46 -21.19 -28.16
N HIS PC 147 -66.61 -21.82 -27.33
CA HIS PC 147 -66.14 -23.17 -27.61
C HIS PC 147 -67.28 -24.19 -27.54
N PHE PC 148 -68.10 -24.09 -26.51
CA PHE PC 148 -69.20 -25.04 -26.36
C PHE PC 148 -70.46 -24.54 -27.04
N ARG PC 149 -70.43 -23.33 -27.59
CA ARG PC 149 -71.56 -22.62 -28.16
C ARG PC 149 -72.78 -22.62 -27.22
N VAL PC 150 -72.50 -22.38 -25.93
CA VAL PC 150 -73.54 -22.01 -25.00
C VAL PC 150 -73.82 -20.52 -25.14
N MET PC 151 -75.11 -20.15 -25.22
CA MET PC 151 -75.49 -18.76 -25.38
C MET PC 151 -76.94 -18.59 -24.93
N LYS PC 152 -77.15 -17.49 -24.20
CA LYS PC 152 -78.42 -17.13 -23.59
C LYS PC 152 -79.50 -16.82 -24.63
N GLU PC 153 -79.14 -15.92 -25.55
CA GLU PC 153 -79.86 -15.72 -26.81
C GLU PC 153 -78.87 -15.20 -27.83
N TYR PC 154 -79.16 -15.53 -29.10
CA TYR PC 154 -78.22 -15.36 -30.19
C TYR PC 154 -77.96 -13.88 -30.47
N GLU PC 155 -76.77 -13.44 -30.07
CA GLU PC 155 -76.21 -12.14 -30.41
C GLU PC 155 -74.78 -12.38 -30.82
N VAL PC 156 -74.16 -13.43 -30.27
CA VAL PC 156 -72.83 -13.84 -30.66
C VAL PC 156 -72.88 -14.38 -32.09
N PRO PC 157 -72.00 -13.94 -33.02
CA PRO PC 157 -71.95 -14.57 -34.34
C PRO PC 157 -71.28 -15.94 -34.24
N THR PC 158 -72.13 -16.97 -34.30
CA THR PC 158 -71.67 -18.32 -34.52
C THR PC 158 -71.39 -18.49 -36.01
N TYR PC 159 -70.33 -19.22 -36.26
CA TYR PC 159 -69.72 -19.34 -37.56
C TYR PC 159 -70.43 -20.39 -38.40
N GLY PC 160 -71.74 -20.20 -38.59
CA GLY PC 160 -72.49 -21.15 -39.40
C GLY PC 160 -73.10 -22.28 -38.57
N TYR PC 161 -72.58 -22.51 -37.36
CA TYR PC 161 -73.12 -23.50 -36.45
C TYR PC 161 -74.39 -22.94 -35.85
N GLY PC 162 -74.88 -23.58 -34.78
CA GLY PC 162 -75.99 -23.04 -34.03
C GLY PC 162 -75.65 -22.89 -32.56
N SER PC 163 -76.64 -23.15 -31.72
CA SER PC 163 -76.44 -23.21 -30.28
C SER PC 163 -76.60 -24.66 -29.85
N ARG PC 164 -75.61 -25.17 -29.11
CA ARG PC 164 -75.81 -26.52 -28.60
C ARG PC 164 -76.85 -26.54 -27.48
N THR PC 165 -76.87 -25.47 -26.68
CA THR PC 165 -77.71 -25.47 -25.50
C THR PC 165 -77.97 -24.02 -25.08
N GLY PC 166 -78.90 -23.89 -24.14
CA GLY PC 166 -79.13 -22.62 -23.50
C GLY PC 166 -78.51 -22.63 -22.10
N VAL PC 167 -79.21 -21.99 -21.18
CA VAL PC 167 -78.76 -21.91 -19.81
C VAL PC 167 -79.94 -22.38 -18.95
N PRO PC 168 -79.76 -23.22 -17.90
CA PRO PC 168 -78.46 -23.75 -17.51
C PRO PC 168 -78.07 -24.95 -18.35
N SER PC 169 -76.78 -25.28 -18.28
CA SER PC 169 -76.36 -26.51 -18.90
C SER PC 169 -75.23 -27.11 -18.08
N VAL PC 170 -75.21 -28.45 -18.06
CA VAL PC 170 -74.08 -29.19 -17.53
C VAL PC 170 -73.55 -30.08 -18.64
N ILE PC 171 -72.25 -29.93 -18.87
CA ILE PC 171 -71.58 -30.75 -19.85
C ILE PC 171 -70.35 -31.32 -19.15
N VAL PC 172 -70.31 -32.63 -19.08
CA VAL PC 172 -69.10 -33.24 -18.56
C VAL PC 172 -68.02 -33.19 -19.66
N ILE PC 173 -66.77 -32.94 -19.27
CA ILE PC 173 -65.69 -32.64 -20.21
C ILE PC 173 -64.54 -33.62 -19.99
N GLY PC 174 -63.58 -33.68 -20.91
CA GLY PC 174 -62.38 -34.47 -20.66
C GLY PC 174 -61.14 -33.58 -20.62
N SER PC 175 -59.97 -34.24 -20.54
CA SER PC 175 -58.68 -33.58 -20.37
C SER PC 175 -58.35 -32.72 -21.59
N ASP PC 176 -58.77 -33.18 -22.77
CA ASP PC 176 -58.36 -32.60 -24.03
C ASP PC 176 -59.30 -31.46 -24.45
N GLY PC 177 -60.43 -31.28 -23.73
CA GLY PC 177 -61.32 -30.15 -23.98
C GLY PC 177 -62.58 -30.44 -24.81
N ARG PC 178 -62.82 -31.75 -25.03
CA ARG PC 178 -64.01 -32.26 -25.71
C ARG PC 178 -65.20 -32.22 -24.75
N GLU PC 179 -66.33 -32.76 -25.22
CA GLU PC 179 -67.44 -33.06 -24.34
C GLU PC 179 -67.74 -34.56 -24.44
N ALA PC 180 -67.93 -35.19 -23.27
CA ALA PC 180 -68.15 -36.63 -23.21
C ALA PC 180 -69.64 -36.93 -23.15
N GLN PC 181 -70.41 -36.05 -22.50
CA GLN PC 181 -71.85 -36.23 -22.37
C GLN PC 181 -72.47 -34.87 -22.11
N PHE PC 182 -73.61 -34.64 -22.77
CA PHE PC 182 -74.31 -33.38 -22.60
C PHE PC 182 -75.65 -33.71 -21.98
N LEU PC 183 -75.75 -33.48 -20.68
CA LEU PC 183 -76.91 -33.90 -19.95
C LEU PC 183 -78.11 -33.00 -20.27
N PRO PC 184 -79.22 -33.59 -20.75
CA PRO PC 184 -80.37 -32.83 -21.26
C PRO PC 184 -81.27 -32.17 -20.20
N ILE PC 185 -80.88 -30.96 -19.77
CA ILE PC 185 -81.71 -30.19 -18.85
C ILE PC 185 -82.81 -29.45 -19.58
N CYS PC 186 -82.39 -28.52 -20.44
CA CYS PC 186 -83.28 -27.85 -21.37
C CYS PC 186 -82.66 -27.91 -22.76
N SER PC 187 -83.01 -28.99 -23.47
CA SER PC 187 -82.35 -29.40 -24.70
C SER PC 187 -83.37 -30.06 -25.61
N GLY PC 188 -82.88 -30.94 -26.51
CA GLY PC 188 -83.70 -31.79 -27.35
C GLY PC 188 -84.61 -32.71 -26.55
N LEU PC 189 -84.15 -33.16 -25.38
CA LEU PC 189 -84.90 -34.12 -24.59
C LEU PC 189 -85.76 -33.46 -23.52
N GLU PC 190 -85.34 -32.27 -23.04
CA GLU PC 190 -86.09 -31.44 -22.09
C GLU PC 190 -86.40 -32.18 -20.78
N GLU PC 191 -85.53 -33.12 -20.38
CA GLU PC 191 -85.79 -33.90 -19.17
C GLU PC 191 -85.00 -33.26 -18.01
N GLY PC 192 -85.47 -32.11 -17.53
CA GLY PC 192 -84.77 -31.38 -16.48
C GLY PC 192 -84.84 -32.10 -15.14
N ASP PC 193 -83.76 -32.01 -14.34
CA ASP PC 193 -83.66 -32.48 -12.97
C ASP PC 193 -83.71 -34.01 -12.83
N ARG PC 194 -83.94 -34.68 -13.98
CA ARG PC 194 -83.79 -36.12 -14.14
C ARG PC 194 -82.60 -36.43 -15.04
N ALA PC 195 -82.05 -35.37 -15.68
CA ALA PC 195 -80.85 -35.44 -16.53
C ALA PC 195 -79.61 -35.78 -15.71
N LEU PC 196 -79.63 -35.45 -14.40
CA LEU PC 196 -78.50 -35.65 -13.50
C LEU PC 196 -78.20 -37.14 -13.32
N LEU PC 197 -79.26 -37.93 -13.39
CA LEU PC 197 -79.17 -39.36 -13.12
C LEU PC 197 -78.45 -40.10 -14.26
N ARG PC 198 -78.23 -39.45 -15.40
CA ARG PC 198 -77.58 -40.08 -16.55
C ARG PC 198 -76.05 -39.89 -16.61
N TRP PC 199 -75.47 -39.33 -15.55
CA TRP PC 199 -74.03 -39.07 -15.48
C TRP PC 199 -73.24 -40.38 -15.41
N ASP PC 200 -72.44 -40.68 -16.42
CA ASP PC 200 -71.58 -41.85 -16.41
C ASP PC 200 -70.19 -41.47 -15.92
N TRP PC 201 -70.07 -41.30 -14.60
CA TRP PC 201 -68.82 -40.84 -14.00
C TRP PC 201 -67.74 -41.92 -14.06
N ARG PC 202 -68.12 -43.14 -14.43
CA ARG PC 202 -67.19 -44.24 -14.55
C ARG PC 202 -66.42 -44.08 -15.87
N ASN PC 203 -67.13 -43.77 -16.96
CA ASN PC 203 -66.54 -43.68 -18.29
C ASN PC 203 -66.14 -42.27 -18.67
N THR PC 204 -66.37 -41.30 -17.78
CA THR PC 204 -65.94 -39.94 -18.02
C THR PC 204 -64.96 -39.50 -16.93
N LYS PC 205 -63.66 -39.58 -17.23
CA LYS PC 205 -62.63 -39.28 -16.24
C LYS PC 205 -61.66 -38.22 -16.78
N PHE PC 206 -61.26 -37.29 -15.90
CA PHE PC 206 -60.33 -36.24 -16.27
C PHE PC 206 -58.89 -36.72 -16.12
N ALA PC 207 -58.45 -37.41 -17.17
CA ALA PC 207 -57.15 -38.05 -17.20
C ALA PC 207 -56.14 -37.13 -17.87
N SER QC 2 -24.01 -106.44 15.68
CA SER QC 2 -25.46 -106.53 15.32
C SER QC 2 -26.27 -107.21 16.43
N GLN QC 3 -26.25 -106.60 17.61
CA GLN QC 3 -26.93 -107.09 18.80
C GLN QC 3 -26.84 -105.95 19.81
N PRO QC 4 -27.94 -105.43 20.39
CA PRO QC 4 -29.32 -105.86 20.14
C PRO QC 4 -29.97 -105.28 18.89
N VAL QC 5 -29.36 -104.20 18.39
CA VAL QC 5 -29.88 -103.48 17.24
C VAL QC 5 -28.76 -103.33 16.22
N PHE QC 6 -29.12 -103.36 14.93
CA PHE QC 6 -28.11 -103.21 13.90
C PHE QC 6 -27.62 -101.77 13.81
N ALA QC 7 -28.57 -100.84 14.00
CA ALA QC 7 -28.34 -99.42 13.77
C ALA QC 7 -27.99 -98.76 15.10
N SER QC 8 -26.76 -98.98 15.55
CA SER QC 8 -26.28 -98.32 16.74
C SER QC 8 -24.83 -97.89 16.51
N PRO QC 9 -24.43 -96.74 17.10
CA PRO QC 9 -23.07 -96.25 16.97
C PRO QC 9 -21.96 -97.21 17.44
N LEU QC 10 -22.17 -97.96 18.53
CA LEU QC 10 -21.18 -98.97 18.96
C LEU QC 10 -21.00 -100.06 17.92
N ASN QC 11 -22.11 -100.48 17.33
CA ASN QC 11 -22.06 -101.56 16.36
C ASN QC 11 -21.40 -101.10 15.07
N VAL QC 12 -21.69 -99.88 14.64
CA VAL QC 12 -21.08 -99.40 13.41
C VAL QC 12 -19.58 -99.12 13.60
N GLU QC 13 -19.19 -98.62 14.78
CA GLU QC 13 -17.77 -98.39 15.10
C GLU QC 13 -17.02 -99.72 15.16
N LYS QC 14 -17.66 -100.71 15.78
CA LYS QC 14 -17.06 -102.04 15.88
C LYS QC 14 -16.93 -102.68 14.50
N ARG QC 15 -17.97 -102.51 13.67
CA ARG QC 15 -17.96 -103.03 12.31
C ARG QC 15 -16.76 -102.47 11.56
N ARG QC 16 -16.60 -101.12 11.58
CA ARG QC 16 -15.54 -100.40 10.89
C ARG QC 16 -14.17 -100.95 11.28
N LEU QC 17 -13.88 -101.02 12.60
CA LEU QC 17 -12.57 -101.42 13.09
C LEU QC 17 -12.27 -102.85 12.64
N ASN QC 18 -13.30 -103.71 12.84
CA ASN QC 18 -13.04 -105.13 12.69
C ASN QC 18 -12.82 -105.53 11.24
N GLU QC 19 -13.65 -105.01 10.34
CA GLU QC 19 -13.41 -105.31 8.94
C GLU QC 19 -12.29 -104.46 8.34
N GLU QC 20 -11.89 -103.37 8.99
CA GLU QC 20 -10.64 -102.68 8.65
C GLU QC 20 -9.46 -103.65 8.82
N ARG QC 21 -9.42 -104.28 10.00
CA ARG QC 21 -8.35 -105.22 10.29
C ARG QC 21 -8.43 -106.45 9.38
N ALA QC 22 -9.67 -106.89 9.12
CA ALA QC 22 -9.93 -108.01 8.22
C ALA QC 22 -9.39 -107.74 6.81
N LEU QC 23 -9.68 -106.56 6.24
CA LEU QC 23 -9.20 -106.24 4.90
C LEU QC 23 -7.69 -106.11 4.89
N MET QC 24 -7.13 -105.52 5.95
CA MET QC 24 -5.69 -105.34 5.98
C MET QC 24 -4.95 -106.69 5.96
N GLN QC 25 -5.39 -107.61 6.84
CA GLN QC 25 -4.75 -108.92 6.92
C GLN QC 25 -5.08 -109.78 5.69
N ALA QC 26 -6.25 -109.57 5.08
CA ALA QC 26 -6.63 -110.28 3.86
C ALA QC 26 -5.76 -109.85 2.68
N GLN QC 27 -5.45 -108.56 2.57
CA GLN QC 27 -4.54 -108.05 1.54
C GLN QC 27 -3.12 -108.55 1.82
N LYS QC 28 -2.74 -108.64 3.11
CA LYS QC 28 -1.43 -109.14 3.51
C LYS QC 28 -1.26 -110.62 3.14
N ALA QC 29 -2.32 -111.45 3.28
CA ALA QC 29 -2.29 -112.84 2.88
C ALA QC 29 -2.37 -112.93 1.34
N ASN QC 35 -9.70 -117.75 0.97
CA ASN QC 35 -10.66 -118.27 1.98
C ASN QC 35 -10.27 -117.81 3.38
N ILE QC 36 -10.23 -116.49 3.49
CA ILE QC 36 -10.63 -115.82 4.71
C ILE QC 36 -11.94 -115.07 4.47
N GLN QC 37 -12.89 -115.32 5.38
CA GLN QC 37 -14.27 -114.97 5.25
C GLN QC 37 -14.41 -113.45 5.35
N LEU QC 38 -15.11 -112.87 4.36
CA LEU QC 38 -15.38 -111.44 4.32
C LEU QC 38 -16.85 -111.18 3.99
N PRO QC 39 -17.57 -110.30 4.71
CA PRO QC 39 -17.06 -109.53 5.85
C PRO QC 39 -17.12 -110.41 7.11
N PRO QC 40 -16.33 -110.12 8.17
CA PRO QC 40 -16.19 -111.07 9.26
C PRO QC 40 -17.50 -111.28 10.01
N ASN QC 41 -17.61 -112.49 10.57
CA ASN QC 41 -18.78 -112.85 11.35
C ASN QC 41 -18.84 -111.98 12.60
N TYR QC 42 -20.07 -111.72 13.07
CA TYR QC 42 -20.26 -111.02 14.33
C TYR QC 42 -19.61 -111.79 15.48
N GLY QC 43 -19.60 -113.12 15.44
CA GLY QC 43 -18.82 -113.96 16.35
C GLY QC 43 -17.32 -113.66 16.36
N ASP QC 44 -16.73 -113.45 15.16
CA ASP QC 44 -15.33 -113.09 15.02
C ASP QC 44 -15.07 -111.65 15.48
N MET QC 45 -16.13 -110.83 15.47
CA MET QC 45 -15.96 -109.42 15.83
C MET QC 45 -15.66 -109.28 17.33
N ASP QC 46 -14.72 -108.38 17.70
CA ASP QC 46 -14.46 -108.05 19.09
C ASP QC 46 -14.08 -106.58 19.16
N LEU QC 47 -14.51 -105.87 20.23
CA LEU QC 47 -14.21 -104.45 20.36
C LEU QC 47 -13.73 -104.11 21.77
N ILE QC 48 -13.31 -102.84 21.90
CA ILE QC 48 -13.12 -102.23 23.21
C ILE QC 48 -14.27 -101.26 23.49
N LEU QC 49 -15.06 -101.55 24.53
CA LEU QC 49 -16.36 -100.93 24.72
C LEU QC 49 -16.11 -99.59 25.39
N PHE QC 50 -15.21 -99.57 26.38
CA PHE QC 50 -14.82 -98.34 27.05
C PHE QC 50 -13.36 -98.02 26.66
N PRO QC 51 -13.10 -96.86 26.02
CA PRO QC 51 -11.73 -96.39 25.85
C PRO QC 51 -11.00 -96.16 27.18
N GLU QC 52 -9.72 -95.76 27.11
CA GLU QC 52 -8.88 -95.69 28.30
C GLU QC 52 -9.41 -94.69 29.33
N GLY QC 53 -10.02 -93.60 28.87
CA GLY QC 53 -10.37 -92.48 29.74
C GLY QC 53 -11.86 -92.36 30.08
N SER QC 54 -12.63 -93.44 29.90
CA SER QC 54 -14.07 -93.34 30.05
C SER QC 54 -14.50 -93.37 31.52
N LEU QC 55 -14.26 -94.52 32.17
CA LEU QC 55 -14.78 -94.73 33.50
C LEU QC 55 -13.92 -94.02 34.56
N LYS QC 56 -14.64 -93.36 35.48
CA LYS QC 56 -14.05 -92.81 36.69
C LYS QC 56 -14.86 -93.28 37.90
N ASN QC 57 -14.17 -93.61 39.00
CA ASN QC 57 -14.84 -94.17 40.19
C ASN QC 57 -15.18 -93.05 41.18
N SER QC 58 -15.46 -93.43 42.43
CA SER QC 58 -15.83 -92.53 43.51
C SER QC 58 -14.72 -91.55 43.91
N ASN QC 59 -13.46 -91.88 43.63
CA ASN QC 59 -12.36 -90.98 43.95
C ASN QC 59 -11.90 -90.17 42.73
N ASN QC 60 -12.67 -90.20 41.64
CA ASN QC 60 -12.33 -89.54 40.39
C ASN QC 60 -10.96 -89.99 39.86
N THR QC 61 -10.71 -91.30 39.96
CA THR QC 61 -9.54 -91.96 39.41
C THR QC 61 -9.97 -92.84 38.24
N VAL QC 62 -9.34 -92.60 37.08
CA VAL QC 62 -9.70 -93.30 35.85
C VAL QC 62 -9.31 -94.76 35.99
N ILE QC 63 -10.20 -95.63 35.51
CA ILE QC 63 -9.89 -97.04 35.50
C ILE QC 63 -10.14 -97.56 34.10
N PRO QC 64 -9.32 -98.49 33.60
CA PRO QC 64 -9.57 -99.09 32.29
C PRO QC 64 -10.74 -100.08 32.27
N GLN QC 65 -11.12 -100.48 31.06
CA GLN QC 65 -12.13 -101.50 30.85
C GLN QC 65 -11.66 -102.84 31.44
N SER QC 66 -10.34 -103.06 31.44
CA SER QC 66 -9.79 -104.36 31.82
C SER QC 66 -10.03 -104.64 33.30
N HIS QC 67 -10.43 -103.61 34.06
CA HIS QC 67 -10.71 -103.74 35.48
C HIS QC 67 -12.03 -104.47 35.79
N LEU QC 68 -12.88 -104.62 34.77
CA LEU QC 68 -14.23 -105.16 34.94
C LEU QC 68 -14.34 -106.66 34.67
N LYS QC 69 -13.22 -107.37 34.57
CA LYS QC 69 -13.26 -108.80 34.31
C LYS QC 69 -13.73 -109.56 35.55
N GLY QC 70 -14.60 -110.55 35.29
CA GLY QC 70 -15.32 -111.41 36.21
C GLY QC 70 -16.29 -110.67 37.14
N LYS QC 71 -16.88 -109.59 36.66
CA LYS QC 71 -17.91 -108.89 37.43
C LYS QC 71 -19.26 -109.06 36.74
N SER QC 72 -20.34 -108.80 37.48
CA SER QC 72 -21.64 -108.65 36.85
C SER QC 72 -21.91 -107.14 36.78
N VAL QC 73 -21.81 -106.63 35.57
CA VAL QC 73 -21.87 -105.20 35.38
C VAL QC 73 -23.24 -104.83 34.86
N ALA QC 74 -23.79 -103.73 35.41
CA ALA QC 74 -25.06 -103.22 34.96
C ALA QC 74 -24.95 -101.72 34.70
N LEU QC 75 -25.46 -101.32 33.53
CA LEU QC 75 -25.58 -99.91 33.21
C LEU QC 75 -26.84 -99.39 33.85
N TYR QC 76 -26.71 -98.21 34.47
CA TYR QC 76 -27.80 -97.56 35.13
C TYR QC 76 -28.02 -96.22 34.43
N PHE QC 77 -29.03 -96.18 33.55
CA PHE QC 77 -29.45 -94.93 32.95
C PHE QC 77 -30.35 -94.20 33.95
N ALA QC 78 -29.90 -93.01 34.38
CA ALA QC 78 -30.61 -92.27 35.42
C ALA QC 78 -30.72 -90.80 35.07
N ASP QC 79 -31.81 -90.20 35.56
CA ASP QC 79 -32.02 -88.75 35.49
C ASP QC 79 -32.12 -88.21 36.91
N GLY QC 80 -31.49 -87.05 37.13
CA GLY QC 80 -31.45 -86.44 38.45
C GLY QC 80 -32.85 -86.02 38.94
N ALA QC 81 -33.68 -85.45 38.06
CA ALA QC 81 -34.94 -84.80 38.44
C ALA QC 81 -36.14 -85.74 38.36
N ASP QC 82 -35.95 -86.97 37.87
CA ASP QC 82 -37.09 -87.84 37.66
C ASP QC 82 -37.58 -88.45 38.98
N PRO QC 83 -38.86 -88.31 39.37
CA PRO QC 83 -39.36 -88.92 40.61
C PRO QC 83 -39.32 -90.45 40.67
N LYS QC 84 -39.40 -91.09 39.50
CA LYS QC 84 -39.25 -92.53 39.48
C LYS QC 84 -37.81 -92.92 39.77
N CYS QC 85 -36.81 -92.16 39.27
CA CYS QC 85 -35.42 -92.39 39.62
C CYS QC 85 -35.21 -92.12 41.11
N ALA QC 86 -35.88 -91.09 41.67
CA ALA QC 86 -35.81 -90.75 43.08
C ALA QC 86 -36.35 -91.89 43.93
N SER QC 87 -37.37 -92.57 43.42
CA SER QC 87 -37.91 -93.75 44.08
C SER QC 87 -36.95 -94.96 43.98
N LEU QC 88 -36.34 -95.16 42.81
CA LEU QC 88 -35.56 -96.38 42.54
C LEU QC 88 -34.20 -96.34 43.24
N LEU QC 89 -33.64 -95.13 43.47
CA LEU QC 89 -32.24 -94.97 43.88
C LEU QC 89 -31.91 -95.64 45.21
N PRO QC 90 -32.65 -95.42 46.32
CA PRO QC 90 -32.30 -96.06 47.59
C PRO QC 90 -32.27 -97.59 47.58
N PHE QC 91 -33.21 -98.22 46.85
CA PHE QC 91 -33.21 -99.67 46.76
C PHE QC 91 -32.01 -100.17 46.00
N LEU QC 92 -31.60 -99.44 44.95
CA LEU QC 92 -30.43 -99.81 44.18
C LEU QC 92 -29.18 -99.73 45.06
N LEU QC 93 -29.08 -98.64 45.85
CA LEU QC 93 -27.99 -98.45 46.79
C LEU QC 93 -27.92 -99.62 47.78
N ASN QC 94 -29.07 -99.97 48.34
CA ASN QC 94 -29.12 -101.00 49.37
C ASN QC 94 -28.78 -102.36 48.79
N TYR QC 95 -29.28 -102.64 47.58
CA TYR QC 95 -29.01 -103.94 46.98
C TYR QC 95 -27.52 -104.10 46.69
N TYR QC 96 -26.90 -103.06 46.09
CA TYR QC 96 -25.48 -103.02 45.79
C TYR QC 96 -24.67 -103.26 47.08
N ARG QC 97 -24.97 -102.41 48.08
CA ARG QC 97 -24.47 -102.47 49.44
C ARG QC 97 -24.38 -103.91 49.97
N THR QC 98 -25.54 -104.53 50.18
CA THR QC 98 -25.58 -105.76 50.95
C THR QC 98 -25.15 -106.97 50.14
N MET QC 99 -25.62 -107.10 48.90
CA MET QC 99 -25.35 -108.33 48.18
C MET QC 99 -23.91 -108.32 47.65
N ASN QC 100 -23.28 -107.12 47.62
CA ASN QC 100 -21.86 -107.09 47.31
C ASN QC 100 -20.99 -107.24 48.56
N GLU QC 101 -21.45 -106.66 49.67
CA GLU QC 101 -20.65 -106.65 50.90
C GLU QC 101 -20.59 -108.03 51.54
N GLY QC 102 -21.75 -108.68 51.63
CA GLY QC 102 -21.86 -109.88 52.43
C GLY QC 102 -21.43 -111.09 51.61
N GLY QC 103 -20.14 -111.19 51.30
CA GLY QC 103 -19.69 -112.20 50.37
C GLY QC 103 -18.18 -112.28 50.33
N ALA QC 104 -17.70 -113.42 49.83
CA ALA QC 104 -16.29 -113.72 49.63
C ALA QC 104 -15.92 -113.50 48.16
N ASN QC 105 -16.70 -112.69 47.46
CA ASN QC 105 -16.41 -112.31 46.09
C ASN QC 105 -16.91 -110.89 45.86
N GLN QC 106 -16.38 -110.15 44.88
CA GLN QC 106 -16.95 -108.83 44.57
C GLN QC 106 -17.83 -109.00 43.35
N LYS QC 107 -19.17 -109.02 43.56
CA LYS QC 107 -20.08 -109.65 42.63
C LYS QC 107 -20.34 -108.69 41.48
N ILE QC 108 -20.93 -107.53 41.80
CA ILE QC 108 -21.51 -106.67 40.79
C ILE QC 108 -20.75 -105.36 40.73
N GLU QC 109 -21.06 -104.59 39.68
CA GLU QC 109 -20.56 -103.24 39.52
C GLU QC 109 -21.56 -102.47 38.65
N ILE QC 110 -21.79 -101.19 38.99
CA ILE QC 110 -22.76 -100.37 38.28
C ILE QC 110 -22.07 -99.18 37.62
N ILE QC 111 -22.34 -99.02 36.32
CA ILE QC 111 -21.83 -97.88 35.59
C ILE QC 111 -22.99 -96.93 35.31
N PHE QC 112 -22.81 -95.67 35.74
CA PHE QC 112 -23.87 -94.69 35.69
C PHE QC 112 -23.79 -93.89 34.40
N VAL QC 113 -24.92 -93.85 33.69
CA VAL QC 113 -25.05 -93.09 32.47
C VAL QC 113 -26.16 -92.05 32.70
N SER QC 114 -25.79 -90.76 32.48
CA SER QC 114 -26.62 -89.62 32.85
C SER QC 114 -27.61 -89.27 31.74
N LEU QC 115 -28.77 -88.74 32.15
CA LEU QC 115 -29.71 -88.09 31.25
C LEU QC 115 -30.10 -86.71 31.80
N ASP QC 116 -29.21 -86.12 32.62
CA ASP QC 116 -29.49 -84.86 33.28
C ASP QC 116 -29.36 -83.71 32.28
N ARG QC 117 -29.68 -82.50 32.71
CA ARG QC 117 -29.66 -81.32 31.85
C ARG QC 117 -28.21 -80.94 31.50
N ASP QC 118 -27.35 -80.85 32.52
CA ASP QC 118 -26.09 -80.16 32.33
C ASP QC 118 -25.05 -80.68 33.30
N ARG QC 119 -23.84 -80.08 33.25
CA ARG QC 119 -22.69 -80.51 34.04
C ARG QC 119 -23.00 -80.40 35.53
N GLU QC 120 -23.59 -79.27 35.95
CA GLU QC 120 -23.79 -79.00 37.35
C GLU QC 120 -24.72 -80.05 37.96
N ALA QC 121 -25.85 -80.30 37.26
CA ALA QC 121 -26.82 -81.30 37.69
C ALA QC 121 -26.20 -82.71 37.70
N PHE QC 122 -25.39 -82.99 36.67
CA PHE QC 122 -24.77 -84.30 36.53
C PHE QC 122 -23.83 -84.58 37.70
N GLU QC 123 -22.96 -83.61 38.03
CA GLU QC 123 -21.97 -83.82 39.09
C GLU QC 123 -22.65 -83.82 40.45
N SER QC 124 -23.71 -83.02 40.60
CA SER QC 124 -24.48 -83.00 41.84
C SER QC 124 -25.14 -84.35 42.10
N HIS QC 125 -25.70 -84.98 41.05
CA HIS QC 125 -26.31 -86.29 41.21
C HIS QC 125 -25.25 -87.38 41.35
N ARG QC 126 -24.09 -87.21 40.71
CA ARG QC 126 -23.02 -88.20 40.76
C ARG QC 126 -22.34 -88.21 42.13
N ALA QC 127 -22.40 -87.09 42.88
CA ALA QC 127 -21.80 -87.04 44.20
C ALA QC 127 -22.53 -87.97 45.19
N HIS QC 128 -23.83 -88.24 44.94
CA HIS QC 128 -24.63 -89.11 45.78
C HIS QC 128 -24.45 -90.59 45.41
N MET QC 129 -23.29 -90.97 44.83
CA MET QC 129 -23.25 -92.24 44.14
C MET QC 129 -21.89 -92.91 44.29
N PRO QC 130 -21.81 -94.19 44.73
CA PRO QC 130 -20.52 -94.84 44.97
C PRO QC 130 -19.92 -95.69 43.85
N TRP QC 131 -20.71 -95.95 42.82
CA TRP QC 131 -20.23 -96.82 41.78
C TRP QC 131 -19.69 -95.98 40.63
N LEU QC 132 -19.33 -96.64 39.53
CA LEU QC 132 -18.62 -95.93 38.48
C LEU QC 132 -19.58 -95.10 37.64
N SER QC 133 -19.03 -94.15 36.86
CA SER QC 133 -19.85 -93.28 36.03
C SER QC 133 -19.10 -92.90 34.76
N ILE QC 134 -19.85 -92.47 33.74
CA ILE QC 134 -19.27 -91.89 32.53
C ILE QC 134 -19.62 -90.41 32.50
N ASP QC 135 -18.62 -89.58 32.16
CA ASP QC 135 -18.81 -88.15 32.10
C ASP QC 135 -19.79 -87.75 31.01
N LEU QC 136 -20.58 -86.69 31.27
CA LEU QC 136 -21.67 -86.32 30.38
C LEU QC 136 -21.16 -85.74 29.05
N GLU QC 137 -20.02 -85.02 29.09
CA GLU QC 137 -19.39 -84.46 27.90
C GLU QC 137 -18.91 -85.55 26.93
N ASN QC 138 -18.52 -86.70 27.50
CA ASN QC 138 -17.92 -87.79 26.75
C ASN QC 138 -18.99 -88.36 25.84
N PRO QC 139 -18.71 -88.51 24.52
CA PRO QC 139 -19.68 -89.00 23.54
C PRO QC 139 -20.30 -90.35 23.87
N LEU QC 140 -19.59 -91.13 24.72
CA LEU QC 140 -19.98 -92.51 24.98
C LEU QC 140 -21.38 -92.60 25.60
N THR QC 141 -21.79 -91.61 26.38
CA THR QC 141 -23.10 -91.63 27.00
C THR QC 141 -24.21 -91.58 25.95
N GLU QC 142 -24.07 -90.66 24.99
CA GLU QC 142 -25.06 -90.55 23.92
C GLU QC 142 -25.06 -91.81 23.07
N ILE QC 143 -23.86 -92.30 22.77
CA ILE QC 143 -23.74 -93.48 21.93
C ILE QC 143 -24.35 -94.71 22.63
N LEU QC 144 -24.18 -94.85 23.96
CA LEU QC 144 -24.77 -95.93 24.74
C LEU QC 144 -26.30 -95.80 24.76
N LYS QC 145 -26.80 -94.56 24.83
CA LYS QC 145 -28.24 -94.32 24.83
C LYS QC 145 -28.87 -94.80 23.52
N ARG QC 146 -28.21 -94.49 22.40
CA ARG QC 146 -28.71 -94.96 21.12
C ARG QC 146 -28.57 -96.47 20.99
N HIS QC 147 -27.49 -97.01 21.59
CA HIS QC 147 -27.18 -98.44 21.49
C HIS QC 147 -28.26 -99.27 22.18
N PHE QC 148 -28.64 -98.85 23.39
CA PHE QC 148 -29.57 -99.64 24.18
C PHE QC 148 -30.99 -99.12 24.09
N ARG QC 149 -31.22 -98.08 23.28
CA ARG QC 149 -32.56 -97.60 22.95
C ARG QC 149 -33.31 -97.17 24.21
N VAL QC 150 -32.63 -96.38 25.05
CA VAL QC 150 -33.29 -95.74 26.17
C VAL QC 150 -33.44 -94.26 25.83
N MET QC 151 -34.63 -93.72 26.10
CA MET QC 151 -34.87 -92.29 25.96
C MET QC 151 -36.05 -91.89 26.82
N LYS QC 152 -35.91 -90.71 27.44
CA LYS QC 152 -36.90 -90.10 28.31
C LYS QC 152 -38.16 -89.70 27.53
N GLU QC 153 -37.95 -89.35 26.27
CA GLU QC 153 -38.96 -88.83 25.37
C GLU QC 153 -38.37 -89.02 23.98
N TYR QC 154 -39.19 -88.91 22.94
CA TYR QC 154 -38.67 -89.07 21.59
C TYR QC 154 -38.02 -87.76 21.15
N GLU QC 155 -36.75 -87.55 21.50
CA GLU QC 155 -35.98 -86.45 20.94
C GLU QC 155 -35.04 -86.95 19.85
N VAL QC 156 -34.16 -87.90 20.18
CA VAL QC 156 -33.21 -88.40 19.21
C VAL QC 156 -33.90 -89.46 18.34
N PRO QC 157 -33.86 -89.38 16.99
CA PRO QC 157 -34.60 -90.32 16.16
C PRO QC 157 -34.11 -91.77 16.18
N THR QC 158 -34.84 -92.62 16.91
CA THR QC 158 -34.75 -94.06 16.68
C THR QC 158 -35.31 -94.35 15.29
N TYR QC 159 -34.86 -95.45 14.71
CA TYR QC 159 -35.00 -95.64 13.29
C TYR QC 159 -36.25 -96.47 12.97
N GLY QC 160 -37.40 -96.03 13.49
CA GLY QC 160 -38.69 -96.66 13.20
C GLY QC 160 -38.90 -97.93 14.04
N TYR QC 161 -38.32 -97.93 15.25
CA TYR QC 161 -38.49 -99.01 16.20
C TYR QC 161 -38.93 -98.42 17.53
N GLY QC 162 -39.32 -99.32 18.43
CA GLY QC 162 -39.70 -98.95 19.78
C GLY QC 162 -38.51 -98.48 20.64
N SER QC 163 -38.85 -97.81 21.74
CA SER QC 163 -37.91 -97.54 22.81
C SER QC 163 -37.90 -98.75 23.73
N ARG QC 164 -36.69 -99.22 24.07
CA ARG QC 164 -36.55 -100.42 24.88
C ARG QC 164 -37.17 -100.18 26.25
N THR QC 165 -36.95 -98.97 26.79
CA THR QC 165 -37.41 -98.62 28.11
C THR QC 165 -37.41 -97.10 28.26
N GLY QC 166 -37.70 -96.64 29.47
CA GLY QC 166 -37.46 -95.25 29.83
C GLY QC 166 -36.56 -95.15 31.05
N VAL QC 167 -36.04 -93.95 31.31
CA VAL QC 167 -35.31 -93.61 32.52
C VAL QC 167 -36.24 -93.74 33.73
N PRO QC 168 -35.86 -94.39 34.85
CA PRO QC 168 -34.58 -95.07 35.08
C PRO QC 168 -34.53 -96.50 34.54
N SER QC 169 -33.33 -97.02 34.29
CA SER QC 169 -33.22 -98.38 33.79
C SER QC 169 -31.91 -99.00 34.22
N VAL QC 170 -31.97 -100.29 34.62
CA VAL QC 170 -30.80 -101.08 34.93
C VAL QC 170 -30.74 -102.23 33.94
N ILE QC 171 -29.65 -102.29 33.16
CA ILE QC 171 -29.51 -103.29 32.10
C ILE QC 171 -28.19 -104.01 32.33
N VAL QC 172 -28.24 -105.33 32.48
CA VAL QC 172 -27.03 -106.12 32.58
C VAL QC 172 -26.44 -106.30 31.19
N ILE QC 173 -25.15 -105.97 31.06
CA ILE QC 173 -24.49 -105.93 29.77
C ILE QC 173 -23.41 -107.02 29.70
N GLY QC 174 -23.01 -107.36 28.47
CA GLY QC 174 -21.92 -108.28 28.23
C GLY QC 174 -20.67 -107.58 27.72
N SER QC 175 -19.68 -108.40 27.32
CA SER QC 175 -18.36 -108.03 26.83
C SER QC 175 -18.46 -107.24 25.53
N ASP QC 176 -19.51 -107.48 24.74
CA ASP QC 176 -19.58 -106.99 23.38
C ASP QC 176 -20.78 -106.06 23.21
N GLY QC 177 -21.26 -105.46 24.30
CA GLY QC 177 -22.47 -104.65 24.24
C GLY QC 177 -23.77 -105.48 24.16
N ARG QC 178 -23.65 -106.80 24.40
CA ARG QC 178 -24.83 -107.65 24.33
C ARG QC 178 -25.64 -107.50 25.62
N GLU QC 179 -26.95 -107.29 25.45
CA GLU QC 179 -27.88 -107.19 26.55
C GLU QC 179 -28.02 -108.56 27.23
N ALA QC 180 -27.36 -108.72 28.37
CA ALA QC 180 -27.36 -109.98 29.10
C ALA QC 180 -28.76 -110.35 29.60
N GLN QC 181 -29.40 -109.42 30.32
CA GLN QC 181 -30.79 -109.52 30.75
C GLN QC 181 -31.31 -108.13 31.12
N PHE QC 182 -32.61 -107.93 30.95
CA PHE QC 182 -33.23 -106.64 31.23
C PHE QC 182 -33.97 -106.72 32.57
N LEU QC 183 -33.55 -105.87 33.52
CA LEU QC 183 -34.20 -105.83 34.80
C LEU QC 183 -35.52 -105.09 34.69
N PRO QC 184 -36.66 -105.76 34.97
CA PRO QC 184 -37.97 -105.14 34.72
C PRO QC 184 -38.41 -104.13 35.78
N ILE QC 185 -37.77 -102.95 35.77
CA ILE QC 185 -38.14 -101.90 36.70
C ILE QC 185 -39.44 -101.24 36.24
N CYS QC 186 -39.40 -100.61 35.05
CA CYS QC 186 -40.57 -100.00 34.45
C CYS QC 186 -40.68 -100.49 33.00
N SER QC 187 -41.28 -101.68 32.87
CA SER QC 187 -41.42 -102.41 31.62
C SER QC 187 -42.67 -103.28 31.71
N GLY QC 188 -42.72 -104.33 30.87
CA GLY QC 188 -43.79 -105.29 30.79
C GLY QC 188 -44.14 -105.96 32.11
N LEU QC 189 -43.12 -106.32 32.91
CA LEU QC 189 -43.41 -106.97 34.19
C LEU QC 189 -43.90 -105.94 35.20
N GLU QC 190 -43.27 -104.75 35.20
CA GLU QC 190 -43.54 -103.65 36.12
C GLU QC 190 -43.34 -104.14 37.56
N GLU QC 191 -42.13 -104.62 37.85
CA GLU QC 191 -41.75 -104.99 39.21
C GLU QC 191 -40.91 -103.86 39.80
N GLY QC 192 -41.58 -102.76 40.16
CA GLY QC 192 -40.90 -101.59 40.68
C GLY QC 192 -40.16 -101.90 41.99
N ASP QC 193 -38.84 -101.68 41.98
CA ASP QC 193 -37.94 -101.74 43.13
C ASP QC 193 -37.76 -103.16 43.69
N ARG QC 194 -38.45 -104.15 43.09
CA ARG QC 194 -38.33 -105.53 43.50
C ARG QC 194 -37.70 -106.37 42.38
N ALA QC 195 -37.62 -105.81 41.17
CA ALA QC 195 -36.99 -106.47 40.02
C ALA QC 195 -35.49 -106.63 40.18
N LEU QC 196 -34.90 -105.94 41.16
CA LEU QC 196 -33.48 -106.03 41.46
C LEU QC 196 -33.12 -107.47 41.85
N LEU QC 197 -34.07 -108.15 42.50
CA LEU QC 197 -33.80 -109.48 43.01
C LEU QC 197 -33.76 -110.52 41.87
N ARG QC 198 -34.29 -110.17 40.69
CA ARG QC 198 -34.24 -111.01 39.49
C ARG QC 198 -32.81 -111.10 38.92
N TRP QC 199 -31.89 -110.23 39.38
CA TRP QC 199 -30.52 -110.21 38.90
C TRP QC 199 -29.80 -111.52 39.23
N ASP QC 200 -29.34 -112.22 38.18
CA ASP QC 200 -28.51 -113.40 38.36
C ASP QC 200 -27.07 -113.03 37.98
N TRP QC 201 -26.20 -113.05 38.99
CA TRP QC 201 -24.82 -112.58 38.82
C TRP QC 201 -23.88 -113.74 38.50
N ARG QC 202 -24.41 -114.97 38.47
CA ARG QC 202 -23.57 -116.10 38.09
C ARG QC 202 -23.24 -116.03 36.59
N ASN QC 203 -24.27 -116.06 35.75
CA ASN QC 203 -24.19 -116.38 34.34
C ASN QC 203 -23.83 -115.15 33.50
N THR QC 204 -23.89 -113.96 34.12
CA THR QC 204 -23.63 -112.71 33.42
C THR QC 204 -22.34 -112.12 33.95
N LYS QC 205 -21.23 -112.51 33.33
CA LYS QC 205 -19.90 -112.05 33.73
C LYS QC 205 -19.29 -111.25 32.59
N PHE QC 206 -18.73 -110.09 32.90
CA PHE QC 206 -18.04 -109.30 31.89
C PHE QC 206 -16.69 -109.93 31.57
N ALA QC 207 -16.68 -110.83 30.59
CA ALA QC 207 -15.49 -111.63 30.28
C ALA QC 207 -15.15 -111.43 28.79
N SER RC 2 -64.03 -36.21 3.63
CA SER RC 2 -65.46 -36.18 3.21
C SER RC 2 -66.29 -36.83 4.30
N GLN RC 3 -66.15 -36.21 5.46
CA GLN RC 3 -66.92 -36.52 6.65
C GLN RC 3 -66.74 -35.35 7.60
N PRO RC 4 -67.81 -34.77 8.20
CA PRO RC 4 -69.20 -35.21 8.05
C PRO RC 4 -69.86 -34.73 6.76
N VAL RC 5 -69.24 -33.72 6.16
CA VAL RC 5 -69.70 -33.11 4.94
C VAL RC 5 -68.53 -33.09 3.95
N PHE RC 6 -68.88 -32.88 2.69
CA PHE RC 6 -67.88 -32.76 1.66
C PHE RC 6 -67.37 -31.32 1.60
N ALA RC 7 -68.30 -30.37 1.65
CA ALA RC 7 -68.02 -28.96 1.48
C ALA RC 7 -67.75 -28.28 2.82
N SER RC 8 -66.57 -28.55 3.37
CA SER RC 8 -66.15 -27.84 4.55
C SER RC 8 -64.70 -27.40 4.37
N PRO RC 9 -64.34 -26.22 4.93
CA PRO RC 9 -63.00 -25.68 4.78
C PRO RC 9 -61.83 -26.58 5.19
N LEU RC 10 -61.95 -27.32 6.31
CA LEU RC 10 -60.87 -28.24 6.66
C LEU RC 10 -60.75 -29.34 5.63
N ASN RC 11 -61.87 -29.82 5.07
CA ASN RC 11 -61.80 -30.89 4.10
C ASN RC 11 -61.22 -30.39 2.77
N VAL RC 12 -61.51 -29.15 2.40
CA VAL RC 12 -60.96 -28.65 1.14
C VAL RC 12 -59.46 -28.38 1.28
N GLU RC 13 -58.99 -27.89 2.44
CA GLU RC 13 -57.56 -27.72 2.70
C GLU RC 13 -56.92 -29.10 2.73
N LYS RC 14 -57.60 -30.05 3.35
CA LYS RC 14 -57.08 -31.40 3.48
C LYS RC 14 -56.89 -32.02 2.10
N ARG RC 15 -57.90 -31.90 1.23
CA ARG RC 15 -57.84 -32.47 -0.10
C ARG RC 15 -56.71 -31.84 -0.91
N ARG RC 16 -56.65 -30.51 -0.89
CA ARG RC 16 -55.63 -29.77 -1.62
C ARG RC 16 -54.25 -30.27 -1.20
N LEU RC 17 -53.97 -30.26 0.13
CA LEU RC 17 -52.65 -30.54 0.66
C LEU RC 17 -52.26 -31.99 0.37
N ASN RC 18 -53.19 -32.93 0.59
CA ASN RC 18 -52.85 -34.33 0.50
C ASN RC 18 -52.58 -34.73 -0.95
N GLU RC 19 -53.39 -34.26 -1.88
CA GLU RC 19 -53.07 -34.64 -3.24
C GLU RC 19 -51.96 -33.79 -3.86
N GLU RC 20 -51.67 -32.63 -3.27
CA GLU RC 20 -50.44 -31.92 -3.61
C GLU RC 20 -49.23 -32.80 -3.31
N ARG RC 21 -49.22 -33.40 -2.13
CA ARG RC 21 -48.16 -34.30 -1.75
C ARG RC 21 -48.19 -35.61 -2.57
N ALA RC 22 -49.37 -36.05 -2.96
CA ALA RC 22 -49.51 -37.25 -3.78
C ALA RC 22 -48.91 -37.03 -5.18
N LEU RC 23 -49.16 -35.87 -5.83
CA LEU RC 23 -48.50 -35.53 -7.09
C LEU RC 23 -47.00 -35.34 -6.91
N MET RC 24 -46.53 -34.78 -5.78
CA MET RC 24 -45.09 -34.65 -5.57
C MET RC 24 -44.41 -36.02 -5.54
N GLN RC 25 -44.93 -36.97 -4.76
CA GLN RC 25 -44.28 -38.27 -4.67
C GLN RC 25 -44.51 -39.08 -5.95
N ALA RC 26 -45.61 -38.83 -6.66
CA ALA RC 26 -45.83 -39.45 -7.96
C ALA RC 26 -44.81 -38.98 -9.01
N GLN RC 27 -44.47 -37.68 -9.03
CA GLN RC 27 -43.46 -37.12 -9.92
C GLN RC 27 -42.11 -37.73 -9.51
N LYS RC 28 -41.87 -37.85 -8.19
CA LYS RC 28 -40.60 -38.33 -7.68
C LYS RC 28 -40.37 -39.80 -8.06
N ALA RC 29 -41.44 -40.60 -8.03
CA ALA RC 29 -41.35 -41.99 -8.45
C ALA RC 29 -41.16 -42.09 -9.97
N ASN RC 35 -48.99 -45.86 -10.17
CA ASN RC 35 -50.14 -46.74 -9.81
C ASN RC 35 -50.46 -46.67 -8.32
N ILE RC 36 -50.05 -45.56 -7.72
CA ILE RC 36 -50.71 -44.98 -6.56
C ILE RC 36 -51.92 -44.16 -7.03
N GLN RC 37 -53.02 -44.39 -6.30
CA GLN RC 37 -54.36 -43.92 -6.68
C GLN RC 37 -54.44 -42.41 -6.45
N LEU RC 38 -54.68 -41.65 -7.54
CA LEU RC 38 -54.99 -40.23 -7.45
C LEU RC 38 -56.43 -39.92 -7.85
N PRO RC 39 -57.17 -39.05 -7.13
CA PRO RC 39 -56.75 -38.41 -5.88
C PRO RC 39 -56.90 -39.35 -4.69
N PRO RC 40 -56.05 -39.22 -3.64
CA PRO RC 40 -55.96 -40.17 -2.55
C PRO RC 40 -57.25 -40.27 -1.78
N ASN RC 41 -57.50 -41.51 -1.38
CA ASN RC 41 -58.62 -41.96 -0.59
C ASN RC 41 -58.67 -41.16 0.72
N TYR RC 42 -59.89 -40.97 1.26
CA TYR RC 42 -60.11 -40.37 2.58
C TYR RC 42 -59.36 -41.16 3.64
N GLY RC 43 -59.27 -42.49 3.49
CA GLY RC 43 -58.41 -43.32 4.33
C GLY RC 43 -56.92 -42.98 4.24
N ASP RC 44 -56.40 -42.69 3.04
CA ASP RC 44 -54.99 -42.41 2.83
C ASP RC 44 -54.64 -41.01 3.28
N MET RC 45 -55.63 -40.12 3.39
CA MET RC 45 -55.32 -38.74 3.73
C MET RC 45 -54.96 -38.60 5.21
N ASP RC 46 -54.10 -37.61 5.52
CA ASP RC 46 -53.82 -37.22 6.90
C ASP RC 46 -53.81 -35.69 6.97
N LEU RC 47 -54.38 -35.14 8.05
CA LEU RC 47 -54.31 -33.70 8.23
C LEU RC 47 -53.88 -33.36 9.64
N ILE RC 48 -53.30 -32.17 9.72
CA ILE RC 48 -53.07 -31.52 10.98
C ILE RC 48 -54.23 -30.58 11.22
N LEU RC 49 -54.96 -30.84 12.31
CA LEU RC 49 -56.20 -30.13 12.50
C LEU RC 49 -55.87 -28.81 13.16
N PHE RC 50 -55.28 -28.90 14.35
CA PHE RC 50 -54.93 -27.73 15.11
C PHE RC 50 -53.47 -27.45 14.90
N PRO RC 51 -53.12 -26.31 14.26
CA PRO RC 51 -51.73 -25.96 14.08
C PRO RC 51 -50.98 -25.80 15.40
N GLU RC 52 -49.74 -25.34 15.26
CA GLU RC 52 -48.82 -25.33 16.38
C GLU RC 52 -49.31 -24.40 17.48
N GLY RC 53 -49.95 -23.29 17.07
CA GLY RC 53 -50.26 -22.17 17.93
C GLY RC 53 -51.75 -22.02 18.25
N SER RC 54 -52.56 -23.07 18.09
CA SER RC 54 -54.00 -22.92 18.21
C SER RC 54 -54.44 -22.99 19.66
N LEU RC 55 -54.25 -24.18 20.24
CA LEU RC 55 -54.77 -24.44 21.57
C LEU RC 55 -53.95 -23.73 22.64
N LYS RC 56 -54.66 -23.25 23.66
CA LYS RC 56 -54.03 -22.65 24.81
C LYS RC 56 -54.85 -22.98 26.06
N ASN RC 57 -54.11 -23.18 27.16
CA ASN RC 57 -54.70 -23.51 28.44
C ASN RC 57 -55.01 -22.24 29.24
N SER RC 58 -55.27 -22.44 30.54
CA SER RC 58 -55.65 -21.41 31.50
C SER RC 58 -54.63 -20.27 31.64
N ASN RC 59 -53.33 -20.56 31.44
CA ASN RC 59 -52.30 -19.54 31.54
C ASN RC 59 -51.94 -18.94 30.19
N ASN RC 60 -52.74 -19.25 29.15
CA ASN RC 60 -52.49 -18.78 27.80
C ASN RC 60 -51.13 -19.24 27.28
N THR RC 61 -50.80 -20.49 27.59
CA THR RC 61 -49.57 -21.13 27.14
C THR RC 61 -49.94 -22.28 26.22
N VAL RC 62 -49.28 -22.29 25.06
CA VAL RC 62 -49.76 -23.07 23.95
C VAL RC 62 -49.36 -24.54 24.12
N ILE RC 63 -50.33 -25.43 23.90
CA ILE RC 63 -50.04 -26.86 23.83
C ILE RC 63 -50.23 -27.34 22.39
N PRO RC 64 -49.42 -28.26 21.86
CA PRO RC 64 -49.66 -28.79 20.51
C PRO RC 64 -50.84 -29.74 20.43
N GLN RC 65 -51.25 -30.12 19.21
CA GLN RC 65 -52.33 -31.07 19.03
C GLN RC 65 -51.98 -32.44 19.58
N SER RC 66 -50.69 -32.84 19.54
CA SER RC 66 -50.38 -34.21 19.89
C SER RC 66 -50.62 -34.47 21.38
N HIS RC 67 -50.89 -33.43 22.15
CA HIS RC 67 -51.28 -33.57 23.56
C HIS RC 67 -52.62 -34.27 23.76
N LEU RC 68 -53.48 -34.28 22.73
CA LEU RC 68 -54.83 -34.81 22.84
C LEU RC 68 -54.92 -36.31 22.59
N LYS RC 69 -53.78 -36.97 22.37
CA LYS RC 69 -53.82 -38.37 21.95
C LYS RC 69 -54.19 -39.26 23.14
N GLY RC 70 -55.16 -40.13 22.90
CA GLY RC 70 -55.69 -41.04 23.90
C GLY RC 70 -56.81 -40.49 24.79
N LYS RC 71 -57.38 -39.32 24.46
CA LYS RC 71 -58.46 -38.76 25.27
C LYS RC 71 -59.68 -38.52 24.40
N SER RC 72 -60.87 -38.76 24.97
CA SER RC 72 -62.11 -38.44 24.28
C SER RC 72 -62.27 -36.93 24.31
N VAL RC 73 -62.06 -36.31 23.15
CA VAL RC 73 -62.09 -34.87 23.10
C VAL RC 73 -63.42 -34.47 22.48
N ALA RC 74 -63.91 -33.34 22.92
CA ALA RC 74 -65.19 -32.82 22.47
C ALA RC 74 -65.10 -31.31 22.39
N LEU RC 75 -65.65 -30.81 21.30
CA LEU RC 75 -65.74 -29.38 21.11
C LEU RC 75 -66.97 -28.90 21.83
N TYR RC 76 -66.90 -27.65 22.30
CA TYR RC 76 -68.03 -26.99 22.91
C TYR RC 76 -68.20 -25.63 22.26
N PHE RC 77 -69.22 -25.54 21.40
CA PHE RC 77 -69.60 -24.28 20.78
C PHE RC 77 -70.51 -23.54 21.74
N ALA RC 78 -70.02 -22.36 22.18
CA ALA RC 78 -70.69 -21.62 23.23
C ALA RC 78 -70.73 -20.13 22.88
N ASP RC 79 -71.81 -19.48 23.36
CA ASP RC 79 -71.94 -18.04 23.32
C ASP RC 79 -72.09 -17.52 24.75
N GLY RC 80 -71.46 -16.35 25.01
CA GLY RC 80 -71.41 -15.75 26.33
C GLY RC 80 -72.79 -15.39 26.88
N ALA RC 81 -73.62 -14.79 26.02
CA ALA RC 81 -74.84 -14.14 26.50
C ALA RC 81 -76.10 -14.99 26.26
N ASP RC 82 -75.93 -16.21 25.76
CA ASP RC 82 -77.10 -17.01 25.40
C ASP RC 82 -77.62 -17.73 26.65
N PRO RC 83 -78.91 -17.58 27.01
CA PRO RC 83 -79.49 -18.24 28.19
C PRO RC 83 -79.35 -19.76 28.24
N LYS RC 84 -79.46 -20.42 27.08
CA LYS RC 84 -79.34 -21.87 27.02
C LYS RC 84 -77.92 -22.29 27.40
N CYS RC 85 -76.92 -21.55 26.90
CA CYS RC 85 -75.52 -21.83 27.20
C CYS RC 85 -75.26 -21.58 28.69
N ALA RC 86 -75.87 -20.50 29.22
CA ALA RC 86 -75.75 -20.15 30.63
C ALA RC 86 -76.33 -21.27 31.49
N SER RC 87 -77.38 -21.92 30.99
CA SER RC 87 -78.00 -23.02 31.71
C SER RC 87 -77.14 -24.28 31.64
N LEU RC 88 -76.58 -24.57 30.45
CA LEU RC 88 -75.89 -25.83 30.21
C LEU RC 88 -74.51 -25.85 30.86
N LEU RC 89 -73.88 -24.68 31.06
CA LEU RC 89 -72.49 -24.61 31.50
C LEU RC 89 -72.23 -25.31 32.85
N PRO RC 90 -72.99 -25.07 33.94
CA PRO RC 90 -72.68 -25.75 35.20
C PRO RC 90 -72.78 -27.28 35.17
N PHE RC 91 -73.71 -27.83 34.40
CA PHE RC 91 -73.84 -29.28 34.29
C PHE RC 91 -72.66 -29.88 33.55
N LEU RC 92 -72.21 -29.20 32.49
CA LEU RC 92 -71.08 -29.66 31.71
C LEU RC 92 -69.81 -29.60 32.56
N LEU RC 93 -69.67 -28.53 33.35
CA LEU RC 93 -68.52 -28.35 34.22
C LEU RC 93 -68.53 -29.44 35.32
N ASN RC 94 -69.68 -29.77 35.90
CA ASN RC 94 -69.78 -30.78 36.95
C ASN RC 94 -69.48 -32.16 36.36
N TYR RC 95 -69.95 -32.39 35.14
CA TYR RC 95 -69.70 -33.67 34.48
C TYR RC 95 -68.19 -33.82 34.22
N TYR RC 96 -67.53 -32.75 33.78
CA TYR RC 96 -66.09 -32.70 33.52
C TYR RC 96 -65.32 -33.07 34.79
N ARG RC 97 -65.66 -32.36 35.88
CA ARG RC 97 -65.18 -32.58 37.23
C ARG RC 97 -65.22 -34.07 37.56
N THR RC 98 -66.43 -34.62 37.67
CA THR RC 98 -66.61 -35.93 38.28
C THR RC 98 -66.03 -37.00 37.38
N MET RC 99 -66.30 -36.92 36.07
CA MET RC 99 -65.87 -37.94 35.14
C MET RC 99 -64.34 -38.03 35.06
N ASN RC 100 -63.64 -36.89 35.12
CA ASN RC 100 -62.20 -37.03 35.01
C ASN RC 100 -61.55 -37.31 36.36
N GLU RC 101 -62.16 -36.83 37.43
CA GLU RC 101 -61.67 -37.10 38.78
C GLU RC 101 -61.78 -38.58 39.13
N GLY RC 102 -62.84 -39.27 38.68
CA GLY RC 102 -63.16 -40.60 39.17
C GLY RC 102 -62.30 -41.72 38.57
N GLY RC 103 -61.03 -41.43 38.30
CA GLY RC 103 -60.16 -42.50 37.80
C GLY RC 103 -58.69 -42.12 37.96
N ALA RC 104 -57.81 -43.09 37.72
CA ALA RC 104 -56.38 -42.83 37.71
C ALA RC 104 -55.88 -42.62 36.27
N ASN RC 105 -56.77 -42.11 35.41
CA ASN RC 105 -56.43 -41.90 34.00
C ASN RC 105 -57.26 -40.74 33.45
N GLN RC 106 -56.68 -39.96 32.54
CA GLN RC 106 -57.43 -38.90 31.88
C GLN RC 106 -58.42 -39.55 30.94
N LYS RC 107 -59.66 -39.04 30.94
CA LYS RC 107 -60.70 -39.62 30.10
C LYS RC 107 -61.09 -38.68 28.98
N ILE RC 108 -61.56 -37.48 29.31
CA ILE RC 108 -62.16 -36.58 28.35
C ILE RC 108 -61.53 -35.20 28.45
N GLU RC 109 -61.65 -34.42 27.35
CA GLU RC 109 -61.13 -33.06 27.27
C GLU RC 109 -62.10 -32.21 26.45
N ILE RC 110 -62.22 -30.93 26.78
CA ILE RC 110 -63.12 -30.02 26.08
C ILE RC 110 -62.28 -28.91 25.45
N ILE RC 111 -62.60 -28.62 24.18
CA ILE RC 111 -62.10 -27.42 23.53
C ILE RC 111 -63.24 -26.42 23.50
N PHE RC 112 -62.89 -25.14 23.68
CA PHE RC 112 -63.86 -24.07 23.64
C PHE RC 112 -63.79 -23.36 22.29
N VAL RC 113 -64.92 -23.36 21.57
CA VAL RC 113 -65.06 -22.62 20.32
C VAL RC 113 -66.16 -21.59 20.53
N SER RC 114 -65.80 -20.34 20.23
CA SER RC 114 -66.51 -19.17 20.71
C SER RC 114 -67.36 -18.60 19.58
N LEU RC 115 -68.67 -18.56 19.80
CA LEU RC 115 -69.57 -17.84 18.91
C LEU RC 115 -69.80 -16.41 19.45
N ASP RC 116 -68.93 -15.97 20.36
CA ASP RC 116 -69.13 -14.74 21.13
C ASP RC 116 -68.78 -13.51 20.29
N ARG RC 117 -69.17 -12.32 20.76
CA ARG RC 117 -69.09 -11.06 20.02
C ARG RC 117 -67.66 -10.56 19.80
N ASP RC 118 -66.85 -10.43 20.85
CA ASP RC 118 -65.58 -9.71 20.72
C ASP RC 118 -64.56 -10.21 21.73
N ARG RC 119 -63.35 -9.61 21.72
CA ARG RC 119 -62.23 -10.08 22.52
C ARG RC 119 -62.49 -10.04 24.03
N GLU RC 120 -62.98 -8.89 24.50
CA GLU RC 120 -63.21 -8.64 25.92
C GLU RC 120 -64.19 -9.67 26.49
N ALA RC 121 -65.32 -9.83 25.80
CA ALA RC 121 -66.37 -10.75 26.22
C ALA RC 121 -65.87 -12.19 26.12
N PHE RC 122 -65.07 -12.49 25.09
CA PHE RC 122 -64.51 -13.82 24.93
C PHE RC 122 -63.61 -14.18 26.11
N GLU RC 123 -62.71 -13.27 26.51
CA GLU RC 123 -61.81 -13.53 27.63
C GLU RC 123 -62.60 -13.63 28.94
N SER RC 124 -63.65 -12.81 29.10
CA SER RC 124 -64.49 -12.85 30.29
C SER RC 124 -65.21 -14.20 30.38
N HIS RC 125 -65.71 -14.71 29.27
CA HIS RC 125 -66.39 -16.00 29.27
C HIS RC 125 -65.39 -17.15 29.40
N ARG RC 126 -64.20 -16.99 28.81
CA ARG RC 126 -63.18 -18.03 28.82
C ARG RC 126 -62.56 -18.15 30.21
N ALA RC 127 -62.72 -17.13 31.06
CA ALA RC 127 -62.25 -17.20 32.44
C ALA RC 127 -63.01 -18.26 33.24
N HIS RC 128 -64.23 -18.61 32.81
CA HIS RC 128 -65.06 -19.57 33.54
C HIS RC 128 -64.77 -21.03 33.16
N MET RC 129 -63.99 -21.26 32.11
CA MET RC 129 -63.82 -22.63 31.65
C MET RC 129 -62.46 -23.17 32.02
N PRO RC 130 -62.36 -24.39 32.59
CA PRO RC 130 -61.06 -24.98 32.94
C PRO RC 130 -60.42 -25.89 31.89
N TRP RC 131 -60.98 -25.85 30.68
CA TRP RC 131 -60.50 -26.68 29.59
C TRP RC 131 -59.88 -25.78 28.53
N LEU RC 132 -59.50 -26.39 27.41
CA LEU RC 132 -58.73 -25.65 26.43
C LEU RC 132 -59.65 -24.76 25.60
N SER RC 133 -59.05 -23.83 24.86
CA SER RC 133 -59.83 -22.91 24.05
C SER RC 133 -59.06 -22.51 22.77
N ILE RC 134 -59.82 -22.04 21.79
CA ILE RC 134 -59.25 -21.47 20.58
C ILE RC 134 -59.66 -20.02 20.51
N ASP RC 135 -58.67 -19.20 20.17
CA ASP RC 135 -58.83 -17.76 20.17
C ASP RC 135 -59.77 -17.32 19.05
N LEU RC 136 -60.51 -16.24 19.34
CA LEU RC 136 -61.64 -15.89 18.49
C LEU RC 136 -61.17 -15.29 17.17
N GLU RC 137 -60.09 -14.49 17.20
CA GLU RC 137 -59.59 -13.83 16.01
C GLU RC 137 -58.98 -14.84 15.04
N ASN RC 138 -58.63 -16.02 15.55
CA ASN RC 138 -58.05 -17.07 14.74
C ASN RC 138 -59.08 -17.54 13.74
N PRO RC 139 -58.80 -17.59 12.43
CA PRO RC 139 -59.79 -18.08 11.46
C PRO RC 139 -60.21 -19.53 11.66
N LEU RC 140 -59.46 -20.32 12.44
CA LEU RC 140 -59.80 -21.72 12.70
C LEU RC 140 -61.17 -21.86 13.36
N THR RC 141 -61.61 -20.83 14.12
CA THR RC 141 -62.92 -20.86 14.76
C THR RC 141 -64.03 -20.90 13.70
N GLU RC 142 -63.96 -19.97 12.73
CA GLU RC 142 -64.93 -19.92 11.65
C GLU RC 142 -64.86 -21.16 10.77
N ILE RC 143 -63.64 -21.65 10.53
CA ILE RC 143 -63.47 -22.83 9.71
C ILE RC 143 -64.09 -24.05 10.39
N LEU RC 144 -63.94 -24.16 11.72
CA LEU RC 144 -64.51 -25.28 12.46
C LEU RC 144 -66.03 -25.19 12.49
N LYS RC 145 -66.57 -23.98 12.60
CA LYS RC 145 -68.01 -23.79 12.59
C LYS RC 145 -68.60 -24.26 11.26
N ARG RC 146 -67.95 -23.92 10.14
CA ARG RC 146 -68.51 -24.34 8.86
C ARG RC 146 -68.25 -25.81 8.59
N HIS RC 147 -67.24 -26.35 9.27
CA HIS RC 147 -66.96 -27.78 9.16
C HIS RC 147 -68.07 -28.58 9.83
N PHE RC 148 -68.49 -28.18 11.03
CA PHE RC 148 -69.44 -28.97 11.81
C PHE RC 148 -70.88 -28.48 11.69
N ARG RC 149 -71.11 -27.44 10.87
CA ARG RC 149 -72.46 -26.95 10.58
C ARG RC 149 -73.23 -26.54 11.84
N VAL RC 150 -72.54 -25.77 12.69
CA VAL RC 150 -73.19 -25.09 13.80
C VAL RC 150 -73.28 -23.62 13.45
N MET RC 151 -74.46 -23.04 13.66
CA MET RC 151 -74.63 -21.60 13.46
C MET RC 151 -75.77 -21.10 14.34
N LYS RC 152 -75.65 -19.83 14.74
CA LYS RC 152 -76.65 -19.19 15.60
C LYS RC 152 -77.91 -18.76 14.85
N GLU RC 153 -77.76 -18.39 13.56
CA GLU RC 153 -78.83 -18.39 12.58
C GLU RC 153 -78.19 -18.35 11.20
N TYR RC 154 -78.98 -18.55 10.16
CA TYR RC 154 -78.53 -18.55 8.78
C TYR RC 154 -77.95 -17.21 8.37
N GLU RC 155 -76.64 -17.03 8.65
CA GLU RC 155 -75.85 -15.85 8.35
C GLU RC 155 -74.77 -16.23 7.33
N VAL RC 156 -73.94 -17.27 7.59
CA VAL RC 156 -72.96 -17.77 6.63
C VAL RC 156 -73.64 -18.81 5.74
N PRO RC 157 -73.50 -18.77 4.40
CA PRO RC 157 -74.07 -19.80 3.53
C PRO RC 157 -73.63 -21.23 3.84
N THR RC 158 -74.59 -22.16 3.79
CA THR RC 158 -74.34 -23.59 3.82
C THR RC 158 -74.88 -24.14 2.50
N TYR RC 159 -74.24 -25.20 2.04
CA TYR RC 159 -74.30 -25.60 0.65
C TYR RC 159 -75.33 -26.71 0.46
N GLY RC 160 -76.61 -26.39 0.63
CA GLY RC 160 -77.68 -27.36 0.50
C GLY RC 160 -77.88 -28.19 1.77
N TYR RC 161 -76.96 -28.04 2.73
CA TYR RC 161 -77.05 -28.68 4.02
C TYR RC 161 -78.00 -27.87 4.89
N GLY RC 162 -78.21 -28.37 6.11
CA GLY RC 162 -78.96 -27.67 7.14
C GLY RC 162 -78.07 -27.29 8.32
N SER RC 163 -78.66 -26.61 9.30
CA SER RC 163 -78.00 -26.50 10.58
C SER RC 163 -78.00 -27.89 11.22
N ARG RC 164 -76.81 -28.35 11.63
CA ARG RC 164 -76.82 -29.58 12.40
C ARG RC 164 -77.45 -29.34 13.77
N THR RC 165 -77.14 -28.17 14.34
CA THR RC 165 -77.58 -27.82 15.69
C THR RC 165 -77.57 -26.31 15.85
N GLY RC 166 -77.78 -25.88 17.11
CA GLY RC 166 -77.54 -24.51 17.52
C GLY RC 166 -76.56 -24.48 18.69
N VAL RC 167 -75.98 -23.30 18.91
CA VAL RC 167 -75.23 -23.00 20.13
C VAL RC 167 -76.20 -23.01 21.31
N PRO RC 168 -75.97 -23.73 22.43
CA PRO RC 168 -74.75 -24.49 22.73
C PRO RC 168 -74.75 -25.91 22.17
N SER RC 169 -73.55 -26.42 21.90
CA SER RC 169 -73.46 -27.78 21.40
C SER RC 169 -72.13 -28.39 21.82
N VAL RC 170 -72.17 -29.71 22.06
CA VAL RC 170 -71.00 -30.51 22.36
C VAL RC 170 -70.87 -31.58 21.28
N ILE RC 171 -69.70 -31.62 20.65
CA ILE RC 171 -69.45 -32.48 19.50
C ILE RC 171 -68.26 -33.35 19.83
N VAL RC 172 -68.49 -34.64 19.91
CA VAL RC 172 -67.37 -35.54 20.11
C VAL RC 172 -66.73 -35.78 18.75
N ILE RC 173 -65.44 -35.47 18.67
CA ILE RC 173 -64.73 -35.49 17.40
C ILE RC 173 -63.73 -36.65 17.38
N GLY RC 174 -63.15 -36.90 16.21
CA GLY RC 174 -62.09 -37.88 16.00
C GLY RC 174 -60.78 -37.20 15.56
N SER RC 175 -59.82 -38.02 15.08
CA SER RC 175 -58.53 -37.51 14.61
C SER RC 175 -58.63 -36.69 13.33
N ASP RC 176 -59.59 -37.06 12.49
CA ASP RC 176 -59.61 -36.58 11.11
C ASP RC 176 -60.83 -35.73 10.84
N GLY RC 177 -61.50 -35.23 11.90
CA GLY RC 177 -62.68 -34.42 11.72
C GLY RC 177 -64.00 -35.20 11.64
N ARG RC 178 -63.90 -36.52 11.95
CA ARG RC 178 -65.02 -37.45 12.13
C ARG RC 178 -65.96 -36.94 13.22
N GLU RC 179 -67.26 -36.88 12.90
CA GLU RC 179 -68.26 -36.57 13.92
C GLU RC 179 -68.54 -37.90 14.61
N ALA RC 180 -67.92 -38.08 15.78
CA ALA RC 180 -68.00 -39.38 16.44
C ALA RC 180 -69.41 -39.61 16.99
N GLN RC 181 -69.97 -38.59 17.66
CA GLN RC 181 -71.35 -38.64 18.11
C GLN RC 181 -71.85 -37.25 18.44
N PHE RC 182 -73.16 -37.07 18.30
CA PHE RC 182 -73.86 -35.84 18.62
C PHE RC 182 -74.45 -35.94 20.02
N LEU RC 183 -74.14 -34.96 20.86
CA LEU RC 183 -74.78 -34.93 22.17
C LEU RC 183 -76.08 -34.15 22.10
N PRO RC 184 -77.24 -34.81 22.35
CA PRO RC 184 -78.53 -34.16 22.12
C PRO RC 184 -78.96 -33.15 23.19
N ILE RC 185 -78.34 -31.97 23.15
CA ILE RC 185 -78.68 -30.90 24.09
C ILE RC 185 -79.91 -30.14 23.58
N CYS RC 186 -79.78 -29.53 22.39
CA CYS RC 186 -80.88 -28.95 21.65
C CYS RC 186 -80.84 -29.52 20.23
N SER RC 187 -81.60 -30.61 20.05
CA SER RC 187 -81.53 -31.46 18.87
C SER RC 187 -82.92 -32.01 18.54
N GLY RC 188 -82.94 -33.16 17.85
CA GLY RC 188 -84.16 -33.93 17.62
C GLY RC 188 -84.70 -34.61 18.87
N LEU RC 189 -83.88 -34.68 19.94
CA LEU RC 189 -84.23 -35.43 21.14
C LEU RC 189 -84.52 -34.53 22.35
N GLU RC 190 -83.83 -33.38 22.47
CA GLU RC 190 -83.98 -32.36 23.51
C GLU RC 190 -83.83 -32.97 24.92
N GLU RC 191 -82.65 -33.51 25.25
CA GLU RC 191 -82.35 -33.79 26.65
C GLU RC 191 -81.43 -32.69 27.16
N GLY RC 192 -82.06 -31.56 27.54
CA GLY RC 192 -81.35 -30.46 28.15
C GLY RC 192 -80.77 -30.90 29.48
N ASP RC 193 -79.43 -30.80 29.61
CA ASP RC 193 -78.67 -31.00 30.83
C ASP RC 193 -78.62 -32.46 31.29
N ARG RC 194 -79.29 -33.33 30.53
CA ARG RC 194 -79.38 -34.74 30.82
C ARG RC 194 -78.58 -35.53 29.77
N ALA RC 195 -78.36 -34.97 28.58
CA ALA RC 195 -77.79 -35.71 27.44
C ALA RC 195 -76.31 -36.09 27.59
N LEU RC 196 -75.64 -35.46 28.58
CA LEU RC 196 -74.23 -35.60 28.82
C LEU RC 196 -73.86 -37.04 29.20
N LEU RC 197 -74.86 -37.75 29.75
CA LEU RC 197 -74.66 -39.12 30.19
C LEU RC 197 -74.56 -40.09 29.01
N ARG RC 198 -74.78 -39.60 27.77
CA ARG RC 198 -74.75 -40.46 26.59
C ARG RC 198 -73.33 -40.74 26.09
N TRP RC 199 -72.34 -40.08 26.70
CA TRP RC 199 -70.98 -40.03 26.17
C TRP RC 199 -70.32 -41.41 26.24
N ASP RC 200 -69.95 -41.97 25.08
CA ASP RC 200 -69.26 -43.25 25.03
C ASP RC 200 -67.77 -42.96 24.82
N TRP RC 201 -67.08 -42.69 25.92
CA TRP RC 201 -65.69 -42.26 25.92
C TRP RC 201 -64.71 -43.38 25.53
N ARG RC 202 -65.25 -44.59 25.52
CA ARG RC 202 -64.51 -45.83 25.36
C ARG RC 202 -64.11 -45.98 23.89
N ASN RC 203 -65.02 -45.70 22.95
CA ASN RC 203 -64.84 -46.03 21.54
C ASN RC 203 -64.40 -44.82 20.72
N THR RC 204 -64.40 -43.64 21.35
CA THR RC 204 -64.11 -42.41 20.63
C THR RC 204 -62.88 -41.73 21.23
N LYS RC 205 -61.74 -42.21 20.74
CA LYS RC 205 -60.44 -41.83 21.25
C LYS RC 205 -59.74 -41.04 20.16
N PHE RC 206 -59.10 -39.94 20.56
CA PHE RC 206 -58.41 -39.09 19.60
C PHE RC 206 -57.10 -39.76 19.19
N ALA RC 207 -57.18 -40.75 18.29
CA ALA RC 207 -56.02 -41.56 17.97
C ALA RC 207 -55.41 -41.01 16.68
N SER SC 2 -13.84 -105.02 51.20
CA SER SC 2 -15.33 -104.86 51.31
C SER SC 2 -15.73 -104.76 52.78
N GLN SC 3 -14.72 -104.50 53.61
CA GLN SC 3 -14.97 -104.46 55.05
C GLN SC 3 -14.37 -103.16 55.55
N PRO SC 4 -15.02 -102.46 56.52
CA PRO SC 4 -16.36 -102.79 57.02
C PRO SC 4 -17.47 -102.30 56.09
N VAL SC 5 -17.04 -101.59 55.05
CA VAL SC 5 -17.91 -100.89 54.12
C VAL SC 5 -17.48 -101.24 52.71
N PHE SC 6 -18.34 -100.91 51.73
CA PHE SC 6 -17.98 -101.10 50.33
C PHE SC 6 -17.66 -99.76 49.65
N ALA SC 7 -18.61 -98.82 49.69
CA ALA SC 7 -18.45 -97.54 48.99
C ALA SC 7 -17.63 -96.58 49.85
N SER SC 8 -16.32 -96.82 49.89
CA SER SC 8 -15.39 -95.93 50.56
C SER SC 8 -14.24 -95.66 49.60
N PRO SC 9 -13.58 -94.48 49.68
CA PRO SC 9 -12.40 -94.21 48.86
C PRO SC 9 -11.26 -95.19 49.06
N LEU SC 10 -11.06 -95.67 50.30
CA LEU SC 10 -10.06 -96.69 50.60
C LEU SC 10 -10.33 -97.98 49.80
N ASN SC 11 -11.56 -98.46 49.87
CA ASN SC 11 -11.95 -99.68 49.18
C ASN SC 11 -11.93 -99.49 47.66
N VAL SC 12 -12.26 -98.29 47.18
CA VAL SC 12 -12.23 -98.02 45.73
C VAL SC 12 -10.78 -98.04 45.20
N GLU SC 13 -9.84 -97.38 45.91
CA GLU SC 13 -8.43 -97.36 45.51
C GLU SC 13 -7.86 -98.79 45.64
N LYS SC 14 -8.25 -99.51 46.69
CA LYS SC 14 -7.78 -100.88 46.91
C LYS SC 14 -8.25 -101.79 45.79
N ARG SC 15 -9.52 -101.70 45.41
CA ARG SC 15 -10.08 -102.51 44.33
C ARG SC 15 -9.36 -102.21 43.01
N ARG SC 16 -9.09 -100.90 42.72
CA ARG SC 16 -8.38 -100.48 41.52
C ARG SC 16 -7.03 -101.18 41.42
N LEU SC 17 -6.22 -101.04 42.50
CA LEU SC 17 -4.83 -101.49 42.51
C LEU SC 17 -4.82 -103.01 42.38
N ASN SC 18 -5.66 -103.67 43.17
CA ASN SC 18 -5.57 -105.12 43.22
C ASN SC 18 -6.07 -105.74 41.95
N GLU SC 19 -7.11 -105.18 41.37
CA GLU SC 19 -7.61 -105.79 40.15
C GLU SC 19 -6.65 -105.52 38.98
N GLU SC 20 -5.98 -104.34 39.00
CA GLU SC 20 -4.84 -104.05 38.09
C GLU SC 20 -3.75 -105.14 38.19
N ARG SC 21 -3.39 -105.48 39.45
CA ARG SC 21 -2.32 -106.44 39.76
C ARG SC 21 -2.75 -107.83 39.31
N ALA SC 22 -4.02 -108.15 39.50
CA ALA SC 22 -4.58 -109.45 39.10
C ALA SC 22 -4.55 -109.58 37.59
N LEU SC 23 -4.88 -108.49 36.88
CA LEU SC 23 -4.86 -108.57 35.43
C LEU SC 23 -3.44 -108.73 34.91
N MET SC 24 -2.46 -108.06 35.54
CA MET SC 24 -1.08 -108.22 35.14
C MET SC 24 -0.54 -109.62 35.42
N GLN SC 25 -0.93 -110.25 36.56
CA GLN SC 25 -0.56 -111.63 36.87
C GLN SC 25 -1.21 -112.56 35.82
N ALA SC 26 -2.47 -112.29 35.42
CA ALA SC 26 -3.17 -113.11 34.42
C ALA SC 26 -2.53 -112.94 33.04
N GLN SC 27 -2.02 -111.74 32.73
CA GLN SC 27 -1.33 -111.45 31.48
C GLN SC 27 0.00 -112.21 31.44
N LYS SC 28 0.72 -112.25 32.58
CA LYS SC 28 2.02 -112.91 32.66
C LYS SC 28 1.85 -114.42 32.58
N ALA SC 29 0.82 -114.98 33.25
CA ALA SC 29 0.64 -116.42 33.32
C ALA SC 29 -0.03 -116.92 32.03
N ASN SC 35 -7.12 -121.08 35.18
CA ASN SC 35 -8.35 -121.05 36.01
C ASN SC 35 -8.22 -119.95 37.07
N ILE SC 36 -7.87 -118.73 36.61
CA ILE SC 36 -7.70 -117.61 37.53
C ILE SC 36 -9.02 -116.86 37.64
N GLN SC 37 -9.31 -116.32 38.84
CA GLN SC 37 -10.63 -115.83 39.16
C GLN SC 37 -10.61 -114.30 39.11
N LEU SC 38 -11.40 -113.73 38.19
CA LEU SC 38 -11.53 -112.28 38.04
C LEU SC 38 -12.97 -111.87 38.37
N PRO SC 39 -13.23 -110.83 39.20
CA PRO SC 39 -12.22 -109.98 39.83
C PRO SC 39 -11.71 -110.67 41.09
N PRO SC 40 -10.53 -110.26 41.60
CA PRO SC 40 -9.91 -110.93 42.74
C PRO SC 40 -10.78 -110.88 43.99
N ASN SC 41 -10.61 -111.91 44.83
CA ASN SC 41 -11.31 -112.10 46.08
C ASN SC 41 -10.90 -111.01 47.05
N TYR SC 42 -11.78 -110.72 48.02
CA TYR SC 42 -11.46 -109.77 49.08
C TYR SC 42 -10.31 -110.29 49.96
N GLY SC 43 -10.24 -111.62 50.15
CA GLY SC 43 -9.11 -112.29 50.80
C GLY SC 43 -7.77 -112.04 50.11
N ASP SC 44 -7.77 -112.05 48.77
CA ASP SC 44 -6.57 -111.88 47.97
C ASP SC 44 -6.26 -110.40 47.70
N MET SC 45 -7.21 -109.51 48.00
CA MET SC 45 -6.99 -108.06 47.89
C MET SC 45 -5.96 -107.59 48.93
N ASP SC 46 -5.12 -106.59 48.60
CA ASP SC 46 -4.08 -106.03 49.47
C ASP SC 46 -3.99 -104.53 49.20
N LEU SC 47 -3.71 -103.74 50.25
CA LEU SC 47 -3.44 -102.31 50.13
C LEU SC 47 -2.36 -101.93 51.12
N ILE SC 48 -1.67 -100.82 50.86
CA ILE SC 48 -0.86 -100.22 51.92
C ILE SC 48 -1.61 -99.00 52.47
N LEU SC 49 -1.80 -98.96 53.79
CA LEU SC 49 -2.80 -98.14 54.47
C LEU SC 49 -2.27 -96.75 54.81
N PHE SC 50 -1.20 -96.69 55.60
CA PHE SC 50 -0.54 -95.47 55.95
C PHE SC 50 0.73 -95.34 55.10
N PRO SC 51 0.79 -94.40 54.12
CA PRO SC 51 1.98 -94.08 53.31
C PRO SC 51 3.23 -93.92 54.18
N GLU SC 52 4.44 -93.84 53.60
CA GLU SC 52 5.61 -93.87 54.46
C GLU SC 52 5.73 -92.54 55.23
N GLY SC 53 5.31 -91.46 54.56
CA GLY SC 53 5.34 -90.11 55.12
C GLY SC 53 3.99 -89.72 55.75
N SER SC 54 3.19 -90.69 56.20
CA SER SC 54 1.90 -90.41 56.81
C SER SC 54 2.04 -90.11 58.30
N LEU SC 55 2.57 -91.09 59.04
CA LEU SC 55 2.58 -91.05 60.49
C LEU SC 55 3.81 -90.29 61.02
N LYS SC 56 3.60 -89.66 62.17
CA LYS SC 56 4.69 -89.00 62.88
C LYS SC 56 4.37 -88.98 64.38
N ASN SC 57 5.43 -89.06 65.19
CA ASN SC 57 5.35 -89.19 66.64
C ASN SC 57 5.18 -87.84 67.34
N SER SC 58 5.35 -87.87 68.67
CA SER SC 58 5.17 -86.72 69.54
C SER SC 58 6.20 -85.65 69.23
N ASN SC 59 7.45 -86.10 69.04
CA ASN SC 59 8.61 -85.25 68.89
C ASN SC 59 8.81 -84.90 67.40
N ASN SC 60 7.76 -85.08 66.59
CA ASN SC 60 7.66 -84.68 65.19
C ASN SC 60 8.70 -85.38 64.31
N THR SC 61 8.97 -86.66 64.58
CA THR SC 61 9.84 -87.48 63.74
C THR SC 61 9.00 -88.56 63.08
N VAL SC 62 9.37 -88.90 61.84
CA VAL SC 62 8.61 -89.83 61.02
C VAL SC 62 8.69 -91.22 61.63
N ILE SC 63 7.50 -91.85 61.68
CA ILE SC 63 7.45 -93.26 62.00
C ILE SC 63 6.79 -93.99 60.85
N PRO SC 64 7.39 -95.03 60.25
CA PRO SC 64 6.76 -95.72 59.12
C PRO SC 64 5.60 -96.61 59.58
N GLN SC 65 4.88 -97.20 58.62
CA GLN SC 65 3.80 -98.06 59.07
C GLN SC 65 4.33 -99.36 59.66
N SER SC 66 5.50 -99.81 59.15
CA SER SC 66 5.97 -101.17 59.39
C SER SC 66 6.21 -101.42 60.88
N HIS SC 67 6.42 -100.33 61.65
CA HIS SC 67 6.63 -100.51 63.09
C HIS SC 67 5.33 -100.49 63.91
N LEU SC 68 4.17 -100.72 63.27
CA LEU SC 68 2.92 -100.95 63.98
C LEU SC 68 2.62 -102.44 64.22
N LYS SC 69 3.60 -103.29 63.88
CA LYS SC 69 3.53 -104.75 64.07
C LYS SC 69 3.43 -105.10 65.56
N GLY SC 70 2.58 -106.09 65.86
CA GLY SC 70 2.35 -106.57 67.22
C GLY SC 70 1.78 -105.51 68.16
N LYS SC 71 0.73 -104.81 67.69
CA LYS SC 71 0.11 -103.72 68.43
C LYS SC 71 -1.40 -103.93 68.50
N SER SC 72 -2.03 -103.31 69.52
CA SER SC 72 -3.46 -103.08 69.50
C SER SC 72 -3.68 -101.60 69.16
N VAL SC 73 -3.94 -101.36 67.88
CA VAL SC 73 -3.92 -100.00 67.35
C VAL SC 73 -5.35 -99.54 67.13
N ALA SC 74 -5.60 -98.27 67.44
CA ALA SC 74 -6.93 -97.67 67.37
C ALA SC 74 -6.83 -96.27 66.78
N LEU SC 75 -7.78 -95.94 65.90
CA LEU SC 75 -7.92 -94.58 65.39
C LEU SC 75 -8.83 -93.80 66.34
N TYR SC 76 -8.33 -92.63 66.76
CA TYR SC 76 -9.05 -91.74 67.65
C TYR SC 76 -9.53 -90.56 66.80
N PHE SC 77 -10.81 -90.61 66.43
CA PHE SC 77 -11.44 -89.49 65.74
C PHE SC 77 -11.92 -88.50 66.81
N ALA SC 78 -11.36 -87.29 66.77
CA ALA SC 78 -11.58 -86.31 67.83
C ALA SC 78 -11.65 -84.90 67.26
N ASP SC 79 -12.34 -84.04 68.01
CA ASP SC 79 -12.43 -82.63 67.70
C ASP SC 79 -11.95 -81.81 68.89
N GLY SC 80 -11.25 -80.71 68.62
CA GLY SC 80 -10.74 -79.83 69.66
C GLY SC 80 -11.85 -79.17 70.51
N ALA SC 81 -12.89 -78.68 69.83
CA ALA SC 81 -13.88 -77.80 70.45
C ALA SC 81 -15.02 -78.57 71.12
N ASP SC 82 -15.07 -79.90 70.97
CA ASP SC 82 -16.23 -80.66 71.42
C ASP SC 82 -16.12 -80.91 72.92
N PRO SC 83 -17.13 -80.51 73.74
CA PRO SC 83 -17.09 -80.75 75.19
C PRO SC 83 -17.01 -82.23 75.56
N LYS SC 84 -17.65 -83.08 74.75
CA LYS SC 84 -17.61 -84.51 74.95
C LYS SC 84 -16.18 -85.04 74.77
N CYS SC 85 -15.48 -84.52 73.73
CA CYS SC 85 -14.09 -84.87 73.50
C CYS SC 85 -13.21 -84.42 74.67
N ALA SC 86 -13.44 -83.19 75.17
CA ALA SC 86 -12.66 -82.64 76.27
C ALA SC 86 -12.89 -83.44 77.56
N SER SC 87 -14.09 -84.02 77.70
CA SER SC 87 -14.39 -84.87 78.85
C SER SC 87 -13.73 -86.24 78.70
N LEU SC 88 -13.68 -86.76 77.46
CA LEU SC 88 -13.19 -88.11 77.22
C LEU SC 88 -11.66 -88.17 77.36
N LEU SC 89 -10.98 -87.07 77.02
CA LEU SC 89 -9.54 -87.03 76.86
C LEU SC 89 -8.76 -87.45 78.10
N PRO SC 90 -8.99 -86.93 79.34
CA PRO SC 90 -8.17 -87.33 80.49
C PRO SC 90 -8.24 -88.82 80.84
N PHE SC 91 -9.43 -89.42 80.65
CA PHE SC 91 -9.62 -90.83 80.96
C PHE SC 91 -8.83 -91.69 79.99
N LEU SC 92 -8.80 -91.30 78.71
CA LEU SC 92 -8.06 -92.04 77.70
C LEU SC 92 -6.55 -91.85 77.95
N LEU SC 93 -6.15 -90.66 78.45
CA LEU SC 93 -4.75 -90.41 78.77
C LEU SC 93 -4.29 -91.33 79.92
N ASN SC 94 -5.12 -91.45 80.97
CA ASN SC 94 -4.81 -92.30 82.10
C ASN SC 94 -4.75 -93.77 81.67
N TYR SC 95 -5.71 -94.17 80.81
CA TYR SC 95 -5.75 -95.53 80.31
C TYR SC 95 -4.50 -95.87 79.51
N TYR SC 96 -4.08 -94.95 78.61
CA TYR SC 96 -2.89 -95.15 77.79
C TYR SC 96 -1.63 -95.28 78.65
N ARG SC 97 -1.50 -94.40 79.66
CA ARG SC 97 -0.35 -94.40 80.57
C ARG SC 97 -0.29 -95.72 81.35
N THR SC 98 -1.41 -96.13 81.95
CA THR SC 98 -1.42 -97.32 82.80
C THR SC 98 -1.35 -98.60 81.97
N MET SC 99 -1.69 -98.53 80.68
CA MET SC 99 -1.54 -99.70 79.82
C MET SC 99 -0.07 -99.85 79.40
N ASN SC 100 0.56 -98.75 78.96
CA ASN SC 100 1.89 -98.82 78.37
C ASN SC 100 3.00 -98.84 79.40
N GLU SC 101 2.69 -98.52 80.66
CA GLU SC 101 3.71 -98.51 81.70
C GLU SC 101 3.88 -99.89 82.34
N GLY SC 102 2.77 -100.56 82.70
CA GLY SC 102 2.88 -101.92 83.22
C GLY SC 102 3.27 -102.94 82.15
N GLY SC 103 4.49 -102.83 81.61
CA GLY SC 103 5.01 -103.73 80.58
C GLY SC 103 6.42 -103.28 80.17
N ALA SC 104 7.30 -104.21 79.74
CA ALA SC 104 8.57 -103.75 79.16
C ALA SC 104 8.30 -103.02 77.83
N ASN SC 105 7.60 -103.72 76.94
CA ASN SC 105 7.22 -103.18 75.66
C ASN SC 105 5.73 -102.82 75.68
N GLN SC 106 5.42 -101.90 74.78
CA GLN SC 106 4.13 -101.27 74.73
C GLN SC 106 3.17 -102.12 73.92
N LYS SC 107 1.89 -101.98 74.27
CA LYS SC 107 0.87 -102.88 73.72
C LYS SC 107 -0.12 -102.15 72.82
N ILE SC 108 -0.76 -101.10 73.36
CA ILE SC 108 -1.80 -100.38 72.63
C ILE SC 108 -1.21 -99.11 72.04
N GLU SC 109 -1.81 -98.65 70.95
CA GLU SC 109 -1.31 -97.47 70.24
C GLU SC 109 -2.50 -96.75 69.64
N ILE SC 110 -2.46 -95.41 69.68
CA ILE SC 110 -3.55 -94.57 69.21
C ILE SC 110 -3.01 -93.62 68.14
N ILE SC 111 -3.62 -93.67 66.94
CA ILE SC 111 -3.34 -92.72 65.87
C ILE SC 111 -4.49 -91.73 65.81
N PHE SC 112 -4.14 -90.45 65.81
CA PHE SC 112 -5.10 -89.38 66.00
C PHE SC 112 -5.54 -88.84 64.64
N VAL SC 113 -6.87 -88.77 64.49
CA VAL SC 113 -7.50 -88.21 63.31
C VAL SC 113 -8.35 -87.03 63.80
N SER SC 114 -8.18 -85.89 63.13
CA SER SC 114 -8.67 -84.62 63.62
C SER SC 114 -9.93 -84.19 62.88
N LEU SC 115 -10.82 -83.51 63.63
CA LEU SC 115 -11.97 -82.82 63.06
C LEU SC 115 -11.88 -81.32 63.38
N ASP SC 116 -10.65 -80.83 63.59
CA ASP SC 116 -10.44 -79.45 64.00
C ASP SC 116 -10.70 -78.51 62.83
N ARG SC 117 -10.93 -77.24 63.18
CA ARG SC 117 -11.33 -76.26 62.19
C ARG SC 117 -10.14 -75.84 61.33
N ASP SC 118 -8.96 -75.70 61.96
CA ASP SC 118 -7.78 -75.31 61.20
C ASP SC 118 -6.50 -75.87 61.81
N ARG SC 119 -5.36 -75.60 61.17
CA ARG SC 119 -4.03 -76.04 61.54
C ARG SC 119 -3.64 -75.56 62.94
N GLU SC 120 -4.02 -74.32 63.28
CA GLU SC 120 -3.65 -73.75 64.56
C GLU SC 120 -4.31 -74.56 65.68
N ALA SC 121 -5.62 -74.82 65.53
CA ALA SC 121 -6.35 -75.67 66.46
C ALA SC 121 -5.79 -77.09 66.50
N PHE SC 122 -5.38 -77.63 65.34
CA PHE SC 122 -4.79 -78.95 65.26
C PHE SC 122 -3.52 -79.03 66.11
N GLU SC 123 -2.62 -78.05 65.96
CA GLU SC 123 -1.34 -78.06 66.67
C GLU SC 123 -1.58 -77.85 68.16
N SER SC 124 -2.50 -76.94 68.51
CA SER SC 124 -2.80 -76.64 69.89
C SER SC 124 -3.34 -77.87 70.63
N HIS SC 125 -4.22 -78.64 69.96
CA HIS SC 125 -4.77 -79.84 70.58
C HIS SC 125 -3.76 -80.99 70.59
N ARG SC 126 -2.92 -81.07 69.54
CA ARG SC 126 -1.95 -82.14 69.38
C ARG SC 126 -0.78 -82.00 70.36
N ALA SC 127 -0.52 -80.77 70.85
CA ALA SC 127 0.58 -80.55 71.78
C ALA SC 127 0.37 -81.29 73.11
N HIS SC 128 -0.89 -81.56 73.49
CA HIS SC 128 -1.16 -82.32 74.70
C HIS SC 128 -0.77 -83.80 74.55
N MET SC 129 -1.13 -84.40 73.42
CA MET SC 129 -1.20 -85.84 73.22
C MET SC 129 0.21 -86.43 73.06
N PRO SC 130 0.56 -87.52 73.80
CA PRO SC 130 1.81 -88.26 73.54
C PRO SC 130 1.74 -89.40 72.51
N TRP SC 131 0.55 -89.81 72.06
CA TRP SC 131 0.47 -90.85 71.01
C TRP SC 131 0.60 -90.30 69.59
N LEU SC 132 0.42 -91.16 68.57
CA LEU SC 132 0.74 -90.78 67.19
C LEU SC 132 -0.42 -90.00 66.58
N SER SC 133 -0.12 -89.18 65.58
CA SER SC 133 -1.12 -88.33 64.95
C SER SC 133 -0.88 -88.18 63.45
N ILE SC 134 -1.97 -87.92 62.72
CA ILE SC 134 -1.90 -87.61 61.30
C ILE SC 134 -2.31 -86.16 61.13
N ASP SC 135 -1.53 -85.37 60.38
CA ASP SC 135 -1.82 -83.96 60.19
C ASP SC 135 -3.10 -83.75 59.37
N LEU SC 136 -3.64 -82.53 59.44
CA LEU SC 136 -4.96 -82.21 58.93
C LEU SC 136 -5.00 -82.19 57.40
N GLU SC 137 -3.91 -81.74 56.76
CA GLU SC 137 -3.92 -81.51 55.32
C GLU SC 137 -3.83 -82.81 54.52
N ASN SC 138 -3.36 -83.89 55.16
CA ASN SC 138 -3.22 -85.19 54.50
C ASN SC 138 -4.62 -85.72 54.20
N PRO SC 139 -4.96 -86.05 52.93
CA PRO SC 139 -6.26 -86.63 52.61
C PRO SC 139 -6.50 -88.00 53.23
N LEU SC 140 -5.49 -88.58 53.88
CA LEU SC 140 -5.64 -89.79 54.68
C LEU SC 140 -6.74 -89.62 55.71
N THR SC 141 -6.79 -88.44 56.34
CA THR SC 141 -7.76 -88.19 57.38
C THR SC 141 -9.17 -88.31 56.80
N GLU SC 142 -9.39 -87.67 55.65
CA GLU SC 142 -10.70 -87.64 55.02
C GLU SC 142 -11.11 -89.03 54.53
N ILE SC 143 -10.18 -89.76 53.91
CA ILE SC 143 -10.48 -91.06 53.33
C ILE SC 143 -10.73 -92.09 54.45
N LEU SC 144 -9.95 -92.02 55.54
CA LEU SC 144 -10.17 -92.88 56.71
C LEU SC 144 -11.50 -92.55 57.36
N LYS SC 145 -11.86 -91.26 57.35
CA LYS SC 145 -13.09 -90.80 57.96
C LYS SC 145 -14.29 -91.35 57.20
N ARG SC 146 -14.25 -91.31 55.86
CA ARG SC 146 -15.32 -91.89 55.05
C ARG SC 146 -15.35 -93.41 55.20
N HIS SC 147 -14.16 -94.01 55.33
CA HIS SC 147 -14.05 -95.46 55.38
C HIS SC 147 -14.63 -96.01 56.68
N PHE SC 148 -14.39 -95.29 57.80
CA PHE SC 148 -14.88 -95.72 59.10
C PHE SC 148 -16.14 -94.99 59.53
N ARG SC 149 -16.74 -94.21 58.62
CA ARG SC 149 -18.07 -93.64 58.76
C ARG SC 149 -18.19 -92.65 59.92
N VAL SC 150 -17.14 -91.86 60.15
CA VAL SC 150 -17.20 -90.84 61.18
C VAL SC 150 -17.69 -89.55 60.55
N MET SC 151 -18.70 -88.92 61.14
CA MET SC 151 -19.03 -87.57 60.75
C MET SC 151 -19.60 -86.81 61.93
N LYS SC 152 -19.17 -85.55 62.08
CA LYS SC 152 -19.73 -84.66 63.09
C LYS SC 152 -21.17 -84.34 62.73
N GLU SC 153 -21.38 -83.95 61.47
CA GLU SC 153 -22.69 -83.74 60.91
C GLU SC 153 -22.66 -84.17 59.46
N TYR SC 154 -23.84 -84.50 58.96
CA TYR SC 154 -24.07 -84.91 57.58
C TYR SC 154 -23.78 -83.74 56.65
N GLU SC 155 -22.49 -83.55 56.32
CA GLU SC 155 -22.09 -82.47 55.43
C GLU SC 155 -21.68 -82.99 54.04
N VAL SC 156 -21.07 -84.17 54.04
CA VAL SC 156 -20.57 -84.78 52.82
C VAL SC 156 -21.56 -85.84 52.37
N PRO SC 157 -21.81 -86.01 51.05
CA PRO SC 157 -22.56 -87.16 50.54
C PRO SC 157 -21.90 -88.49 50.92
N THR SC 158 -22.61 -89.28 51.72
CA THR SC 158 -22.25 -90.66 51.96
C THR SC 158 -23.27 -91.55 51.29
N TYR SC 159 -22.81 -92.68 50.76
CA TYR SC 159 -23.57 -93.40 49.75
C TYR SC 159 -24.53 -94.41 50.37
N GLY SC 160 -25.59 -93.88 50.98
CA GLY SC 160 -26.62 -94.70 51.57
C GLY SC 160 -26.22 -95.25 52.94
N TYR SC 161 -25.04 -94.83 53.43
CA TYR SC 161 -24.57 -95.21 54.76
C TYR SC 161 -25.43 -94.51 55.82
N GLY SC 162 -25.50 -95.11 57.02
CA GLY SC 162 -25.87 -94.43 58.24
C GLY SC 162 -24.60 -94.02 58.96
N SER SC 163 -24.63 -92.84 59.60
CA SER SC 163 -23.48 -92.36 60.34
C SER SC 163 -23.25 -93.24 61.57
N ARG SC 164 -22.23 -94.09 61.47
CA ARG SC 164 -21.86 -95.08 62.47
C ARG SC 164 -21.53 -94.42 63.81
N THR SC 165 -20.76 -93.32 63.79
CA THR SC 165 -20.30 -92.69 65.01
C THR SC 165 -20.65 -91.21 65.01
N GLY SC 166 -20.70 -90.66 66.22
CA GLY SC 166 -20.49 -89.23 66.42
C GLY SC 166 -19.11 -89.02 67.05
N VAL SC 167 -18.53 -87.85 66.79
CA VAL SC 167 -17.27 -87.46 67.42
C VAL SC 167 -17.52 -87.31 68.92
N PRO SC 168 -16.66 -87.79 69.83
CA PRO SC 168 -15.45 -88.58 69.56
C PRO SC 168 -15.72 -90.09 69.41
N SER SC 169 -14.78 -90.80 68.79
CA SER SC 169 -14.89 -92.24 68.70
C SER SC 169 -13.52 -92.86 68.50
N VAL SC 170 -13.29 -93.98 69.20
CA VAL SC 170 -12.11 -94.79 68.99
C VAL SC 170 -12.52 -96.10 68.34
N ILE SC 171 -11.91 -96.37 67.17
CA ILE SC 171 -12.20 -97.57 66.41
C ILE SC 171 -10.91 -98.38 66.32
N VAL SC 172 -10.97 -99.64 66.78
CA VAL SC 172 -9.81 -100.52 66.69
C VAL SC 172 -9.78 -101.13 65.30
N ILE SC 173 -8.65 -100.95 64.61
CA ILE SC 173 -8.52 -101.31 63.20
C ILE SC 173 -7.73 -102.62 63.08
N GLY SC 174 -7.87 -103.29 61.94
CA GLY SC 174 -7.04 -104.44 61.64
C GLY SC 174 -6.03 -104.12 60.55
N SER SC 175 -5.39 -105.15 60.01
CA SER SC 175 -4.33 -104.98 59.02
C SER SC 175 -4.89 -104.44 57.70
N ASP SC 176 -6.09 -104.88 57.32
CA ASP SC 176 -6.64 -104.57 56.01
C ASP SC 176 -7.74 -103.51 56.08
N GLY SC 177 -7.79 -102.74 57.17
CA GLY SC 177 -8.79 -101.70 57.31
C GLY SC 177 -10.12 -102.19 57.89
N ARG SC 178 -10.24 -103.50 58.11
CA ARG SC 178 -11.36 -104.11 58.84
C ARG SC 178 -11.35 -103.60 60.29
N GLU SC 179 -12.53 -103.21 60.77
CA GLU SC 179 -12.67 -102.75 62.15
C GLU SC 179 -12.56 -103.97 63.07
N ALA SC 180 -11.54 -103.96 63.95
CA ALA SC 180 -11.30 -105.08 64.85
C ALA SC 180 -12.40 -105.19 65.90
N GLN SC 181 -12.70 -104.07 66.57
CA GLN SC 181 -13.80 -104.00 67.51
C GLN SC 181 -14.22 -102.54 67.66
N PHE SC 182 -15.48 -102.35 68.08
CA PHE SC 182 -16.06 -101.04 68.24
C PHE SC 182 -16.12 -100.71 69.73
N LEU SC 183 -15.61 -99.53 70.10
CA LEU SC 183 -15.69 -99.11 71.48
C LEU SC 183 -16.83 -98.13 71.65
N PRO SC 184 -17.89 -98.51 72.38
CA PRO SC 184 -19.11 -97.71 72.43
C PRO SC 184 -19.08 -96.57 73.45
N ILE SC 185 -18.53 -95.41 73.05
CA ILE SC 185 -18.59 -94.22 73.87
C ILE SC 185 -19.93 -93.52 73.64
N CYS SC 186 -20.16 -93.07 72.40
CA CYS SC 186 -21.45 -92.55 71.98
C CYS SC 186 -21.95 -93.41 70.83
N SER SC 187 -22.61 -94.51 71.19
CA SER SC 187 -22.97 -95.55 70.23
C SER SC 187 -24.26 -96.23 70.66
N GLY SC 188 -24.48 -97.47 70.17
CA GLY SC 188 -25.62 -98.32 70.48
C GLY SC 188 -25.72 -98.65 71.96
N LEU SC 189 -24.58 -98.69 72.66
CA LEU SC 189 -24.56 -98.96 74.09
C LEU SC 189 -24.62 -97.66 74.92
N GLU SC 190 -24.12 -96.53 74.38
CA GLU SC 190 -24.04 -95.21 75.05
C GLU SC 190 -23.30 -95.31 76.39
N GLU SC 191 -22.33 -96.22 76.47
CA GLU SC 191 -21.68 -96.54 77.73
C GLU SC 191 -20.42 -95.70 77.82
N GLY SC 192 -20.63 -94.38 78.00
CA GLY SC 192 -19.61 -93.38 77.78
C GLY SC 192 -18.51 -93.42 78.84
N ASP SC 193 -17.30 -93.05 78.40
CA ASP SC 193 -16.18 -92.65 79.25
C ASP SC 193 -15.52 -93.84 79.94
N ARG SC 194 -16.15 -95.02 79.92
CA ARG SC 194 -15.56 -96.20 80.53
C ARG SC 194 -15.74 -97.46 79.67
N ALA SC 195 -16.14 -97.24 78.41
CA ALA SC 195 -16.12 -98.30 77.41
C ALA SC 195 -14.68 -98.61 76.99
N LEU SC 196 -13.73 -97.75 77.38
CA LEU SC 196 -12.31 -97.99 77.11
C LEU SC 196 -11.82 -99.25 77.84
N LEU SC 197 -12.52 -99.65 78.91
CA LEU SC 197 -12.18 -100.89 79.59
C LEU SC 197 -12.41 -102.13 78.71
N ARG SC 198 -13.39 -102.04 77.79
CA ARG SC 198 -13.80 -103.17 76.95
C ARG SC 198 -12.73 -103.51 75.90
N TRP SC 199 -11.71 -102.63 75.76
CA TRP SC 199 -10.63 -102.81 74.79
C TRP SC 199 -9.81 -104.05 75.14
N ASP SC 200 -9.98 -105.11 74.35
CA ASP SC 200 -9.18 -106.31 74.53
C ASP SC 200 -7.96 -106.24 73.61
N TRP SC 201 -6.85 -106.90 74.01
CA TRP SC 201 -5.65 -106.85 73.19
C TRP SC 201 -5.02 -108.21 72.84
N ARG SC 202 -5.62 -109.33 73.27
CA ARG SC 202 -5.29 -110.62 72.71
C ARG SC 202 -5.64 -110.63 71.21
N ASN SC 203 -6.88 -110.24 70.90
CA ASN SC 203 -7.53 -110.53 69.62
C ASN SC 203 -7.24 -109.45 68.57
N THR SC 204 -7.08 -108.21 69.01
CA THR SC 204 -6.93 -107.08 68.10
C THR SC 204 -5.45 -106.80 67.90
N LYS SC 205 -4.87 -107.49 66.92
CA LYS SC 205 -3.45 -107.35 66.61
C LYS SC 205 -3.30 -106.85 65.19
N PHE SC 206 -2.41 -105.86 65.04
CA PHE SC 206 -2.12 -105.31 63.73
C PHE SC 206 -1.11 -106.20 63.01
N ALA SC 207 -1.67 -107.23 62.36
CA ALA SC 207 -1.02 -108.32 61.63
C ALA SC 207 -0.19 -107.82 60.44
N SER TC 2 -55.04 -35.69 38.67
CA SER TC 2 -56.31 -34.98 38.92
C SER TC 2 -56.59 -34.99 40.41
N GLN TC 3 -55.59 -34.61 41.19
CA GLN TC 3 -55.78 -34.54 42.63
C GLN TC 3 -55.24 -33.17 43.07
N PRO TC 4 -55.98 -32.41 43.93
CA PRO TC 4 -57.30 -32.82 44.40
C PRO TC 4 -58.40 -32.31 43.48
N VAL TC 5 -58.00 -31.63 42.42
CA VAL TC 5 -58.93 -31.04 41.46
C VAL TC 5 -58.49 -31.47 40.07
N PHE TC 6 -59.41 -31.37 39.11
CA PHE TC 6 -59.00 -31.61 37.74
C PHE TC 6 -58.75 -30.30 36.98
N ALA TC 7 -59.60 -29.30 37.25
CA ALA TC 7 -59.47 -27.98 36.66
C ALA TC 7 -58.42 -27.14 37.37
N SER TC 8 -57.21 -27.62 37.54
CA SER TC 8 -56.19 -26.71 38.06
C SER TC 8 -55.27 -26.28 36.93
N PRO TC 9 -54.72 -25.05 36.99
CA PRO TC 9 -53.65 -24.68 36.06
C PRO TC 9 -52.41 -25.56 36.24
N LEU TC 10 -52.09 -25.91 37.50
CA LEU TC 10 -50.95 -26.78 37.75
C LEU TC 10 -51.21 -28.20 37.22
N ASN TC 11 -52.44 -28.69 37.31
CA ASN TC 11 -52.77 -30.00 36.76
C ASN TC 11 -52.73 -29.98 35.24
N VAL TC 12 -53.15 -28.86 34.63
CA VAL TC 12 -53.06 -28.72 33.19
C VAL TC 12 -51.58 -28.72 32.74
N GLU TC 13 -50.71 -28.02 33.47
CA GLU TC 13 -49.25 -27.96 33.24
C GLU TC 13 -48.67 -29.36 33.41
N LYS TC 14 -49.15 -30.12 34.39
CA LYS TC 14 -48.68 -31.46 34.63
C LYS TC 14 -49.01 -32.34 33.43
N ARG TC 15 -50.26 -32.27 32.97
CA ARG TC 15 -50.71 -33.10 31.86
C ARG TC 15 -49.89 -32.78 30.61
N ARG TC 16 -49.63 -31.49 30.37
CA ARG TC 16 -48.85 -31.02 29.23
C ARG TC 16 -47.47 -31.67 29.22
N LEU TC 17 -46.69 -31.48 30.30
CA LEU TC 17 -45.30 -31.93 30.39
C LEU TC 17 -45.25 -33.45 30.17
N ASN TC 18 -46.12 -34.12 30.94
CA ASN TC 18 -46.00 -35.58 31.01
C ASN TC 18 -46.41 -36.20 29.70
N GLU TC 19 -47.46 -35.66 29.09
CA GLU TC 19 -47.98 -36.30 27.89
C GLU TC 19 -47.06 -35.97 26.71
N GLU TC 20 -46.41 -34.79 26.74
CA GLU TC 20 -45.37 -34.43 25.77
C GLU TC 20 -44.21 -35.44 25.81
N ARG TC 21 -43.80 -35.74 27.07
CA ARG TC 21 -42.70 -36.67 27.29
C ARG TC 21 -43.10 -38.05 26.74
N ALA TC 22 -44.34 -38.45 27.02
CA ALA TC 22 -44.86 -39.76 26.63
C ALA TC 22 -44.91 -39.85 25.11
N LEU TC 23 -45.32 -38.79 24.43
CA LEU TC 23 -45.41 -38.84 22.98
C LEU TC 23 -44.03 -38.92 22.35
N MET TC 24 -43.07 -38.17 22.89
CA MET TC 24 -41.73 -38.24 22.33
C MET TC 24 -41.11 -39.63 22.55
N GLN TC 25 -41.33 -40.20 23.72
CA GLN TC 25 -40.89 -41.56 24.00
C GLN TC 25 -41.55 -42.59 23.08
N ALA TC 26 -42.84 -42.46 22.82
CA ALA TC 26 -43.57 -43.35 21.93
C ALA TC 26 -43.12 -43.21 20.47
N GLN TC 27 -42.75 -41.99 20.06
CA GLN TC 27 -42.18 -41.71 18.74
C GLN TC 27 -40.81 -42.40 18.63
N LYS TC 28 -40.03 -42.36 19.71
CA LYS TC 28 -38.70 -42.95 19.72
C LYS TC 28 -38.79 -44.47 19.65
N ALA TC 29 -39.66 -45.10 20.45
CA ALA TC 29 -39.82 -46.55 20.45
C ALA TC 29 -40.62 -46.98 19.21
N ASN TC 35 -48.20 -50.92 23.47
CA ASN TC 35 -48.60 -51.00 24.91
C ASN TC 35 -47.77 -50.02 25.76
N ILE TC 36 -47.69 -48.77 25.30
CA ILE TC 36 -47.50 -47.64 26.22
C ILE TC 36 -48.79 -46.82 26.27
N GLN TC 37 -49.21 -46.50 27.50
CA GLN TC 37 -50.54 -45.98 27.68
C GLN TC 37 -50.55 -44.51 27.30
N LEU TC 38 -51.38 -44.15 26.31
CA LEU TC 38 -51.71 -42.75 26.03
C LEU TC 38 -53.20 -42.55 26.28
N PRO TC 39 -53.66 -41.64 27.17
CA PRO TC 39 -52.82 -40.66 27.87
C PRO TC 39 -52.17 -41.29 29.11
N PRO TC 40 -51.06 -40.73 29.63
CA PRO TC 40 -50.35 -41.37 30.73
C PRO TC 40 -51.19 -41.43 32.00
N ASN TC 41 -50.90 -42.41 32.85
CA ASN TC 41 -51.58 -42.61 34.12
C ASN TC 41 -51.21 -41.48 35.07
N TYR TC 42 -52.10 -41.11 35.99
CA TYR TC 42 -51.83 -40.05 36.96
C TYR TC 42 -50.73 -40.43 37.93
N GLY TC 43 -50.62 -41.73 38.23
CA GLY TC 43 -49.50 -42.24 39.00
C GLY TC 43 -48.15 -42.04 38.29
N ASP TC 44 -48.13 -42.21 36.96
CA ASP TC 44 -46.91 -42.13 36.17
C ASP TC 44 -46.52 -40.69 35.85
N MET TC 45 -47.51 -39.78 35.94
CA MET TC 45 -47.24 -38.37 35.70
C MET TC 45 -46.41 -37.80 36.86
N ASP TC 46 -45.37 -37.03 36.54
CA ASP TC 46 -44.51 -36.38 37.52
C ASP TC 46 -44.34 -34.93 37.11
N LEU TC 47 -44.29 -34.02 38.09
CA LEU TC 47 -44.05 -32.60 37.85
C LEU TC 47 -42.93 -32.11 38.76
N ILE TC 48 -42.30 -31.01 38.34
CA ILE TC 48 -41.47 -30.27 39.27
C ILE TC 48 -42.28 -29.12 39.84
N LEU TC 49 -42.40 -29.09 41.18
CA LEU TC 49 -43.43 -28.28 41.76
C LEU TC 49 -42.81 -26.93 42.07
N PHE TC 50 -41.79 -26.94 42.92
CA PHE TC 50 -41.10 -25.71 43.23
C PHE TC 50 -39.78 -25.73 42.47
N PRO TC 51 -39.61 -24.91 41.41
CA PRO TC 51 -38.31 -24.77 40.76
C PRO TC 51 -37.25 -24.20 41.71
N GLU TC 52 -36.00 -24.09 41.25
CA GLU TC 52 -34.89 -23.81 42.15
C GLU TC 52 -34.98 -22.39 42.72
N GLY TC 53 -35.59 -21.48 41.97
CA GLY TC 53 -35.69 -20.10 42.40
C GLY TC 53 -37.02 -19.74 43.10
N SER TC 54 -37.76 -20.72 43.62
CA SER TC 54 -39.05 -20.42 44.24
C SER TC 54 -38.88 -20.04 45.70
N LEU TC 55 -38.41 -21.01 46.47
CA LEU TC 55 -38.34 -20.90 47.91
C LEU TC 55 -37.10 -20.10 48.33
N LYS TC 56 -37.33 -19.16 49.24
CA LYS TC 56 -36.31 -18.37 49.91
C LYS TC 56 -36.47 -18.50 51.42
N ASN TC 57 -35.35 -18.68 52.13
CA ASN TC 57 -35.40 -18.90 53.58
C ASN TC 57 -35.23 -17.57 54.31
N SER TC 58 -34.93 -17.64 55.62
CA SER TC 58 -34.51 -16.53 56.45
C SER TC 58 -33.25 -15.86 55.88
N ASN TC 59 -33.17 -14.55 56.08
CA ASN TC 59 -32.23 -13.61 55.48
C ASN TC 59 -31.95 -13.88 53.99
N ASN TC 60 -32.99 -14.25 53.22
CA ASN TC 60 -33.04 -14.21 51.76
C ASN TC 60 -31.92 -15.02 51.10
N THR TC 61 -31.99 -16.35 51.24
CA THR TC 61 -31.08 -17.24 50.54
C THR TC 61 -31.90 -18.34 49.87
N VAL TC 62 -31.52 -18.66 48.63
CA VAL TC 62 -32.34 -19.51 47.77
C VAL TC 62 -32.24 -20.96 48.23
N ILE TC 63 -33.39 -21.61 48.44
CA ILE TC 63 -33.43 -22.99 48.89
C ILE TC 63 -34.15 -23.82 47.82
N PRO TC 64 -33.54 -24.89 47.29
CA PRO TC 64 -34.19 -25.73 46.29
C PRO TC 64 -35.22 -26.69 46.88
N GLN TC 65 -35.87 -27.45 46.01
CA GLN TC 65 -36.83 -28.48 46.39
C GLN TC 65 -36.16 -29.65 47.11
N SER TC 66 -34.84 -29.82 46.92
CA SER TC 66 -34.14 -31.01 47.40
C SER TC 66 -34.21 -31.09 48.93
N HIS TC 67 -34.30 -29.92 49.59
CA HIS TC 67 -34.24 -29.83 51.04
C HIS TC 67 -35.58 -30.10 51.74
N LEU TC 68 -36.60 -30.50 50.95
CA LEU TC 68 -37.93 -30.73 51.50
C LEU TC 68 -38.23 -32.23 51.66
N LYS TC 69 -37.23 -33.04 51.41
CA LYS TC 69 -37.41 -34.48 51.30
C LYS TC 69 -37.51 -35.15 52.66
N GLY TC 70 -38.37 -36.15 52.79
CA GLY TC 70 -38.56 -36.93 54.01
C GLY TC 70 -39.14 -36.11 55.17
N LYS TC 71 -40.07 -35.20 54.88
CA LYS TC 71 -40.61 -34.26 55.84
C LYS TC 71 -42.11 -34.05 55.61
N SER TC 72 -42.81 -33.48 56.59
CA SER TC 72 -44.22 -33.14 56.44
C SER TC 72 -44.32 -31.65 56.13
N VAL TC 73 -44.83 -31.35 54.94
CA VAL TC 73 -44.76 -30.00 54.44
C VAL TC 73 -46.18 -29.47 54.32
N ALA TC 74 -46.41 -28.27 54.86
CA ALA TC 74 -47.69 -27.62 54.78
C ALA TC 74 -47.57 -26.22 54.18
N LEU TC 75 -48.51 -25.91 53.29
CA LEU TC 75 -48.63 -24.56 52.76
C LEU TC 75 -49.50 -23.74 53.69
N TYR TC 76 -49.02 -22.53 53.99
CA TYR TC 76 -49.71 -21.57 54.83
C TYR TC 76 -50.22 -20.45 53.94
N PHE TC 77 -51.49 -20.56 53.55
CA PHE TC 77 -52.15 -19.48 52.82
C PHE TC 77 -52.57 -18.44 53.86
N ALA TC 78 -51.91 -17.28 53.78
CA ALA TC 78 -52.05 -16.27 54.81
C ALA TC 78 -52.22 -14.89 54.20
N ASP TC 79 -52.87 -14.04 55.00
CA ASP TC 79 -53.08 -12.63 54.69
C ASP TC 79 -52.42 -11.78 55.78
N GLY TC 80 -52.10 -10.53 55.45
CA GLY TC 80 -51.44 -9.65 56.40
C GLY TC 80 -52.42 -8.99 57.38
N ALA TC 81 -53.47 -8.33 56.85
CA ALA TC 81 -54.33 -7.47 57.65
C ALA TC 81 -55.56 -8.21 58.23
N ASP TC 82 -55.67 -9.51 57.92
CA ASP TC 82 -56.79 -10.30 58.38
C ASP TC 82 -56.65 -10.56 59.87
N PRO TC 83 -57.60 -10.14 60.74
CA PRO TC 83 -57.51 -10.35 62.19
C PRO TC 83 -57.40 -11.82 62.59
N LYS TC 84 -58.07 -12.70 61.86
CA LYS TC 84 -57.94 -14.13 62.08
C LYS TC 84 -56.53 -14.63 61.79
N CYS TC 85 -55.88 -14.12 60.73
CA CYS TC 85 -54.49 -14.44 60.46
C CYS TC 85 -53.58 -13.96 61.59
N ALA TC 86 -53.83 -12.73 62.08
CA ALA TC 86 -53.02 -12.14 63.14
C ALA TC 86 -53.19 -12.94 64.44
N SER TC 87 -54.39 -13.53 64.61
CA SER TC 87 -54.65 -14.36 65.77
C SER TC 87 -54.00 -15.74 65.63
N LEU TC 88 -54.00 -16.30 64.40
CA LEU TC 88 -53.55 -17.67 64.16
C LEU TC 88 -52.02 -17.74 64.21
N LEU TC 89 -51.34 -16.64 63.86
CA LEU TC 89 -49.89 -16.65 63.68
C LEU TC 89 -49.13 -17.08 64.94
N PRO TC 90 -49.35 -16.51 66.15
CA PRO TC 90 -48.55 -16.91 67.31
C PRO TC 90 -48.72 -18.37 67.73
N PHE TC 91 -49.94 -18.90 67.60
CA PHE TC 91 -50.16 -20.31 67.91
C PHE TC 91 -49.34 -21.22 67.00
N LEU TC 92 -49.29 -20.89 65.69
CA LEU TC 92 -48.56 -21.72 64.74
C LEU TC 92 -47.06 -21.57 64.98
N LEU TC 93 -46.62 -20.37 65.38
CA LEU TC 93 -45.21 -20.14 65.68
C LEU TC 93 -44.79 -21.01 66.86
N ASN TC 94 -45.59 -21.01 67.92
CA ASN TC 94 -45.27 -21.80 69.09
C ASN TC 94 -45.31 -23.29 68.79
N TYR TC 95 -46.30 -23.69 68.01
CA TYR TC 95 -46.44 -25.08 67.61
C TYR TC 95 -45.22 -25.55 66.81
N TYR TC 96 -44.77 -24.74 65.83
CA TYR TC 96 -43.63 -25.05 64.97
C TYR TC 96 -42.36 -25.19 65.81
N ARG TC 97 -42.13 -24.21 66.70
CA ARG TC 97 -40.96 -24.21 67.58
C ARG TC 97 -40.93 -25.47 68.45
N THR TC 98 -42.03 -25.75 69.17
CA THR TC 98 -42.07 -26.83 70.14
C THR TC 98 -41.90 -28.16 69.41
N MET TC 99 -42.58 -28.28 68.27
CA MET TC 99 -42.56 -29.55 67.57
C MET TC 99 -41.17 -29.83 66.98
N ASN TC 100 -40.50 -28.82 66.46
CA ASN TC 100 -39.17 -29.05 65.92
C ASN TC 100 -38.11 -29.26 66.99
N GLU TC 101 -38.25 -28.61 68.16
CA GLU TC 101 -37.32 -28.89 69.25
C GLU TC 101 -37.49 -30.32 69.78
N GLY TC 102 -38.75 -30.77 69.79
CA GLY TC 102 -39.09 -32.08 70.35
C GLY TC 102 -38.63 -33.22 69.47
N GLY TC 103 -37.31 -33.37 69.36
CA GLY TC 103 -36.81 -34.57 68.71
C GLY TC 103 -35.50 -34.35 67.97
N ALA TC 104 -35.03 -35.49 67.48
CA ALA TC 104 -33.78 -35.67 66.77
C ALA TC 104 -33.88 -34.99 65.41
N ASN TC 105 -35.00 -35.19 64.72
CA ASN TC 105 -35.21 -34.73 63.35
C ASN TC 105 -35.99 -33.43 63.35
N GLN TC 106 -35.77 -32.56 62.36
CA GLN TC 106 -36.80 -31.57 62.05
C GLN TC 106 -37.85 -32.27 61.19
N LYS TC 107 -39.14 -32.11 61.52
CA LYS TC 107 -40.15 -33.01 60.98
C LYS TC 107 -41.06 -32.21 60.04
N ILE TC 108 -41.57 -31.08 60.54
CA ILE TC 108 -42.52 -30.29 59.77
C ILE TC 108 -41.80 -29.13 59.09
N GLU TC 109 -42.38 -28.64 57.99
CA GLU TC 109 -42.00 -27.36 57.40
C GLU TC 109 -43.22 -26.62 56.89
N ILE TC 110 -43.13 -25.28 56.90
CA ILE TC 110 -44.17 -24.40 56.42
C ILE TC 110 -43.61 -23.58 55.26
N ILE TC 111 -44.32 -23.64 54.13
CA ILE TC 111 -44.05 -22.72 53.03
C ILE TC 111 -45.22 -21.73 52.95
N PHE TC 112 -44.86 -20.45 52.95
CA PHE TC 112 -45.83 -19.37 53.07
C PHE TC 112 -46.25 -18.86 51.69
N VAL TC 113 -47.57 -18.87 51.47
CA VAL TC 113 -48.18 -18.33 50.27
C VAL TC 113 -49.01 -17.12 50.67
N SER TC 114 -48.67 -15.98 50.08
CA SER TC 114 -49.15 -14.67 50.50
C SER TC 114 -50.35 -14.27 49.67
N LEU TC 115 -51.37 -13.73 50.36
CA LEU TC 115 -52.51 -13.12 49.70
C LEU TC 115 -52.56 -11.62 50.02
N ASP TC 116 -51.38 -11.04 50.29
CA ASP TC 116 -51.24 -9.63 50.58
C ASP TC 116 -51.44 -8.81 49.31
N ARG TC 117 -51.61 -7.50 49.53
CA ARG TC 117 -51.89 -6.55 48.47
C ARG TC 117 -50.61 -6.25 47.67
N ASP TC 118 -49.48 -6.08 48.37
CA ASP TC 118 -48.29 -5.51 47.74
C ASP TC 118 -47.04 -5.90 48.53
N ARG TC 119 -45.88 -5.48 48.00
CA ARG TC 119 -44.58 -5.89 48.49
C ARG TC 119 -44.31 -5.36 49.90
N GLU TC 120 -44.79 -4.16 50.21
CA GLU TC 120 -44.56 -3.59 51.52
C GLU TC 120 -45.25 -4.45 52.58
N ALA TC 121 -46.52 -4.81 52.29
CA ALA TC 121 -47.27 -5.69 53.20
C ALA TC 121 -46.61 -7.07 53.29
N PHE TC 122 -46.09 -7.55 52.16
CA PHE TC 122 -45.43 -8.85 52.12
C PHE TC 122 -44.21 -8.87 53.04
N GLU TC 123 -43.33 -7.87 52.92
CA GLU TC 123 -42.09 -7.84 53.69
C GLU TC 123 -42.41 -7.59 55.16
N SER TC 124 -43.41 -6.74 55.42
CA SER TC 124 -43.81 -6.42 56.79
C SER TC 124 -44.34 -7.65 57.52
N HIS TC 125 -45.11 -8.49 56.83
CA HIS TC 125 -45.64 -9.68 57.45
C HIS TC 125 -44.59 -10.77 57.52
N ARG TC 126 -43.78 -10.93 56.48
CA ARG TC 126 -42.81 -12.01 56.38
C ARG TC 126 -41.60 -11.77 57.29
N ALA TC 127 -41.41 -10.54 57.78
CA ALA TC 127 -40.32 -10.24 58.70
C ALA TC 127 -40.45 -11.02 60.01
N HIS TC 128 -41.68 -11.38 60.39
CA HIS TC 128 -41.89 -12.20 61.59
C HIS TC 128 -41.38 -13.63 61.39
N MET TC 129 -41.77 -14.24 60.28
CA MET TC 129 -41.80 -15.68 60.11
C MET TC 129 -40.41 -16.27 59.91
N PRO TC 130 -40.07 -17.43 60.53
CA PRO TC 130 -38.80 -18.09 60.26
C PRO TC 130 -38.81 -19.22 59.23
N TRP TC 131 -39.99 -19.64 58.76
CA TRP TC 131 -40.08 -20.72 57.80
C TRP TC 131 -39.99 -20.18 56.38
N LEU TC 132 -40.17 -21.05 55.39
CA LEU TC 132 -39.88 -20.65 54.02
C LEU TC 132 -41.06 -19.87 53.45
N SER TC 133 -40.75 -19.01 52.46
CA SER TC 133 -41.77 -18.14 51.88
C SER TC 133 -41.59 -18.04 50.37
N ILE TC 134 -42.70 -18.05 49.63
CA ILE TC 134 -42.68 -17.85 48.19
C ILE TC 134 -42.99 -16.38 47.89
N ASP TC 135 -42.18 -15.80 46.99
CA ASP TC 135 -42.28 -14.39 46.63
C ASP TC 135 -43.61 -14.11 45.93
N LEU TC 136 -44.05 -12.83 46.02
CA LEU TC 136 -45.37 -12.44 45.57
C LEU TC 136 -45.44 -12.32 44.05
N GLU TC 137 -44.33 -11.96 43.39
CA GLU TC 137 -44.31 -11.74 41.95
C GLU TC 137 -44.35 -13.05 41.16
N ASN TC 138 -43.85 -14.11 41.78
CA ASN TC 138 -43.73 -15.38 41.11
C ASN TC 138 -45.13 -15.96 40.90
N PRO TC 139 -45.52 -16.33 39.66
CA PRO TC 139 -46.87 -16.86 39.39
C PRO TC 139 -47.23 -18.15 40.14
N LEU TC 140 -46.23 -18.72 40.83
CA LEU TC 140 -46.48 -19.85 41.72
C LEU TC 140 -47.50 -19.48 42.81
N THR TC 141 -47.43 -18.25 43.30
CA THR TC 141 -48.23 -17.90 44.46
C THR TC 141 -49.72 -17.81 44.10
N GLU TC 142 -50.01 -17.79 42.80
CA GLU TC 142 -51.39 -17.77 42.36
C GLU TC 142 -51.81 -19.12 41.78
N ILE TC 143 -50.90 -19.82 41.13
CA ILE TC 143 -51.26 -21.13 40.60
C ILE TC 143 -51.48 -22.12 41.74
N LEU TC 144 -50.70 -22.03 42.83
CA LEU TC 144 -50.94 -22.87 44.00
C LEU TC 144 -52.27 -22.54 44.67
N LYS TC 145 -52.56 -21.26 44.69
CA LYS TC 145 -53.82 -20.78 45.23
C LYS TC 145 -55.00 -21.36 44.46
N ARG TC 146 -54.96 -21.31 43.13
CA ARG TC 146 -56.03 -21.86 42.32
C ARG TC 146 -56.06 -23.38 42.42
N HIS TC 147 -54.90 -24.01 42.67
CA HIS TC 147 -54.79 -25.47 42.75
C HIS TC 147 -55.47 -25.98 44.02
N PHE TC 148 -55.21 -25.33 45.16
CA PHE TC 148 -55.74 -25.78 46.44
C PHE TC 148 -57.00 -25.02 46.84
N ARG TC 149 -57.57 -24.23 45.92
CA ARG TC 149 -58.92 -23.66 46.02
C ARG TC 149 -59.05 -22.64 47.16
N VAL TC 150 -58.07 -21.76 47.28
CA VAL TC 150 -58.10 -20.75 48.33
C VAL TC 150 -58.55 -19.44 47.71
N MET TC 151 -59.52 -18.78 48.37
CA MET TC 151 -59.96 -17.46 47.95
C MET TC 151 -60.50 -16.68 49.15
N LYS TC 152 -59.90 -15.50 49.37
CA LYS TC 152 -60.30 -14.53 50.38
C LYS TC 152 -61.73 -14.08 50.08
N GLU TC 153 -61.98 -13.77 48.79
CA GLU TC 153 -63.21 -13.18 48.32
C GLU TC 153 -63.48 -13.77 46.93
N TYR TC 154 -64.76 -13.96 46.57
CA TYR TC 154 -65.10 -14.65 45.33
C TYR TC 154 -64.81 -13.73 44.15
N GLU TC 155 -63.53 -13.68 43.75
CA GLU TC 155 -63.08 -12.81 42.66
C GLU TC 155 -62.34 -13.62 41.60
N VAL TC 156 -61.70 -14.72 42.01
CA VAL TC 156 -61.06 -15.63 41.09
C VAL TC 156 -62.10 -16.25 40.17
N PRO TC 157 -61.86 -16.30 38.85
CA PRO TC 157 -62.70 -17.14 37.99
C PRO TC 157 -62.50 -18.60 38.42
N THR TC 158 -63.55 -19.18 39.01
CA THR TC 158 -63.45 -20.46 39.68
C THR TC 158 -64.42 -21.44 39.03
N TYR TC 159 -63.86 -22.55 38.55
CA TYR TC 159 -64.47 -23.39 37.55
C TYR TC 159 -65.44 -24.37 38.21
N GLY TC 160 -66.54 -23.83 38.73
CA GLY TC 160 -67.57 -24.60 39.42
C GLY TC 160 -67.06 -25.24 40.71
N TYR TC 161 -65.90 -24.77 41.19
CA TYR TC 161 -65.35 -25.16 42.48
C TYR TC 161 -66.31 -24.70 43.57
N GLY TC 162 -66.11 -25.22 44.78
CA GLY TC 162 -66.48 -24.48 45.97
C GLY TC 162 -65.23 -23.76 46.50
N SER TC 163 -65.41 -22.64 47.20
CA SER TC 163 -64.29 -22.13 47.96
C SER TC 163 -64.02 -23.12 49.09
N ARG TC 164 -62.96 -23.94 48.91
CA ARG TC 164 -62.61 -24.98 49.84
C ARG TC 164 -62.23 -24.38 51.19
N THR TC 165 -61.52 -23.25 51.16
CA THR TC 165 -61.17 -22.60 52.41
C THR TC 165 -61.16 -21.08 52.23
N GLY TC 166 -61.24 -20.41 53.38
CA GLY TC 166 -60.96 -18.99 53.49
C GLY TC 166 -59.67 -18.80 54.28
N VAL TC 167 -59.01 -17.68 54.02
CA VAL TC 167 -57.77 -17.31 54.67
C VAL TC 167 -58.07 -17.04 56.16
N PRO TC 168 -57.28 -17.53 57.15
CA PRO TC 168 -56.06 -18.33 56.96
C PRO TC 168 -56.34 -19.82 56.77
N SER TC 169 -55.39 -20.53 56.15
CA SER TC 169 -55.51 -21.97 56.03
C SER TC 169 -54.13 -22.59 55.91
N VAL TC 170 -54.03 -23.85 56.34
CA VAL TC 170 -52.84 -24.65 56.12
C VAL TC 170 -53.26 -25.97 55.47
N ILE TC 171 -52.54 -26.35 54.41
CA ILE TC 171 -52.85 -27.53 53.63
C ILE TC 171 -51.59 -28.39 53.55
N VAL TC 172 -51.70 -29.64 54.00
CA VAL TC 172 -50.56 -30.54 53.94
C VAL TC 172 -50.49 -31.12 52.53
N ILE TC 173 -49.36 -30.90 51.86
CA ILE TC 173 -49.20 -31.27 50.47
C ILE TC 173 -48.44 -32.59 50.37
N GLY TC 174 -48.76 -33.38 49.36
CA GLY TC 174 -48.05 -34.60 49.05
C GLY TC 174 -46.97 -34.37 47.99
N SER TC 175 -46.36 -35.48 47.54
CA SER TC 175 -45.33 -35.48 46.51
C SER TC 175 -45.89 -35.01 45.17
N ASP TC 176 -47.08 -35.51 44.84
CA ASP TC 176 -47.67 -35.34 43.52
C ASP TC 176 -48.80 -34.31 43.57
N GLY TC 177 -48.76 -33.42 44.58
CA GLY TC 177 -49.64 -32.26 44.62
C GLY TC 177 -50.96 -32.51 45.33
N ARG TC 178 -51.22 -33.78 45.68
CA ARG TC 178 -52.44 -34.15 46.40
C ARG TC 178 -52.39 -33.55 47.79
N GLU TC 179 -53.55 -33.11 48.28
CA GLU TC 179 -53.65 -32.70 49.67
C GLU TC 179 -53.61 -33.93 50.56
N ALA TC 180 -52.63 -33.94 51.47
CA ALA TC 180 -52.47 -35.04 52.40
C ALA TC 180 -53.63 -35.00 53.39
N GLN TC 181 -53.86 -33.83 53.99
CA GLN TC 181 -55.01 -33.62 54.86
C GLN TC 181 -55.31 -32.12 54.96
N PHE TC 182 -56.60 -31.85 55.09
CA PHE TC 182 -57.06 -30.50 55.38
C PHE TC 182 -56.98 -30.30 56.89
N LEU TC 183 -56.36 -29.20 57.32
CA LEU TC 183 -56.42 -28.84 58.72
C LEU TC 183 -57.54 -27.85 58.95
N PRO TC 184 -58.56 -28.21 59.76
CA PRO TC 184 -59.80 -27.41 59.85
C PRO TC 184 -59.78 -26.21 60.80
N ILE TC 185 -59.25 -25.08 60.30
CA ILE TC 185 -59.31 -23.84 61.06
C ILE TC 185 -60.64 -23.15 60.78
N CYS TC 186 -60.84 -22.77 59.52
CA CYS TC 186 -62.13 -22.27 59.06
C CYS TC 186 -62.68 -23.27 58.03
N SER TC 187 -63.29 -24.34 58.55
CA SER TC 187 -63.74 -25.45 57.72
C SER TC 187 -64.93 -26.14 58.40
N GLY TC 188 -65.16 -27.42 58.07
CA GLY TC 188 -66.27 -28.23 58.53
C GLY TC 188 -66.28 -28.43 60.05
N LEU TC 189 -65.09 -28.40 60.66
CA LEU TC 189 -64.94 -28.65 62.09
C LEU TC 189 -64.90 -27.34 62.87
N GLU TC 190 -64.39 -26.26 62.26
CA GLU TC 190 -64.39 -24.90 62.78
C GLU TC 190 -63.63 -24.81 64.12
N GLU TC 191 -62.49 -25.50 64.17
CA GLU TC 191 -61.71 -25.55 65.39
C GLU TC 191 -60.49 -24.66 65.19
N GLY TC 192 -60.65 -23.37 65.49
CA GLY TC 192 -59.60 -22.41 65.28
C GLY TC 192 -58.47 -22.59 66.30
N ASP TC 193 -57.23 -22.54 65.79
CA ASP TC 193 -56.00 -22.47 66.57
C ASP TC 193 -55.75 -23.75 67.37
N ARG TC 194 -56.65 -24.73 67.23
CA ARG TC 194 -56.47 -26.02 67.86
C ARG TC 194 -56.51 -27.13 66.82
N ALA TC 195 -56.80 -26.78 65.56
CA ALA TC 195 -56.74 -27.75 64.47
C ALA TC 195 -55.30 -28.16 64.16
N LEU TC 196 -54.34 -27.37 64.68
CA LEU TC 196 -52.91 -27.59 64.52
C LEU TC 196 -52.51 -28.95 65.07
N LEU TC 197 -53.21 -29.34 66.14
CA LEU TC 197 -52.86 -30.55 66.87
C LEU TC 197 -53.28 -31.79 66.07
N ARG TC 198 -54.21 -31.65 65.10
CA ARG TC 198 -54.65 -32.77 64.27
C ARG TC 198 -53.62 -33.17 63.21
N TRP TC 199 -52.58 -32.34 63.04
CA TRP TC 199 -51.57 -32.57 62.03
C TRP TC 199 -50.75 -33.81 62.38
N ASP TC 200 -50.93 -34.88 61.61
CA ASP TC 200 -50.08 -36.05 61.76
C ASP TC 200 -48.89 -35.91 60.80
N TRP TC 201 -47.74 -36.44 61.22
CA TRP TC 201 -46.49 -36.17 60.50
C TRP TC 201 -45.76 -37.49 60.18
N ARG TC 202 -46.24 -38.60 60.77
CA ARG TC 202 -45.83 -39.94 60.42
C ARG TC 202 -46.16 -40.16 58.93
N ASN TC 203 -47.44 -39.95 58.59
CA ASN TC 203 -48.00 -40.36 57.32
C ASN TC 203 -47.67 -39.40 56.18
N THR TC 204 -47.61 -38.09 56.46
CA THR TC 204 -47.78 -37.09 55.41
C THR TC 204 -46.42 -36.55 54.96
N LYS TC 205 -45.56 -37.48 54.56
CA LYS TC 205 -44.16 -37.21 54.27
C LYS TC 205 -43.99 -36.81 52.82
N PHE TC 206 -43.33 -35.68 52.59
CA PHE TC 206 -42.96 -35.24 51.26
C PHE TC 206 -41.85 -36.14 50.71
N ALA TC 207 -42.17 -37.22 50.02
CA ALA TC 207 -41.09 -37.90 49.29
C ALA TC 207 -40.90 -37.27 47.90
N VAL UC 12 25.85 -83.49 72.71
CA VAL UC 12 24.51 -83.25 73.35
C VAL UC 12 24.67 -83.05 74.87
N VAL UC 13 25.67 -83.72 75.45
CA VAL UC 13 26.09 -83.51 76.83
C VAL UC 13 27.54 -83.00 76.81
N LYS UC 14 27.83 -81.98 77.63
CA LYS UC 14 29.07 -81.22 77.53
C LYS UC 14 29.83 -81.24 78.86
N ARG UC 15 31.11 -81.61 78.77
CA ARG UC 15 32.00 -81.58 79.92
C ARG UC 15 32.84 -80.31 79.86
N THR UC 16 32.74 -79.49 80.91
CA THR UC 16 33.49 -78.25 80.98
C THR UC 16 34.88 -78.52 81.56
N GLN UC 17 35.92 -78.19 80.80
CA GLN UC 17 37.30 -78.52 81.13
C GLN UC 17 38.17 -77.26 81.03
N GLN UC 18 39.49 -77.40 81.23
CA GLN UC 18 40.41 -76.27 81.29
C GLN UC 18 40.72 -75.74 79.89
N GLY UC 19 40.08 -74.63 79.50
CA GLY UC 19 40.42 -73.94 78.26
C GLY UC 19 39.24 -73.79 77.32
N ASN UC 20 38.43 -74.87 77.18
CA ASN UC 20 37.25 -74.88 76.31
C ASN UC 20 36.30 -75.98 76.80
N TYR UC 21 35.28 -76.35 76.01
CA TYR UC 21 34.30 -77.35 76.41
C TYR UC 21 34.43 -78.59 75.54
N VAL UC 22 34.47 -79.76 76.17
CA VAL UC 22 34.68 -81.01 75.46
C VAL UC 22 33.43 -81.88 75.58
N PRO UC 23 32.99 -82.57 74.48
CA PRO UC 23 32.02 -83.65 74.58
C PRO UC 23 32.55 -84.75 75.49
N VAL UC 24 31.64 -85.30 76.32
CA VAL UC 24 32.09 -86.12 77.41
C VAL UC 24 32.09 -87.59 77.00
N ARG UC 25 33.07 -88.25 77.63
CA ARG UC 25 33.52 -89.62 77.41
C ARG UC 25 32.35 -90.54 77.69
N PRO UC 26 32.13 -91.58 76.87
CA PRO UC 26 31.02 -92.51 77.09
C PRO UC 26 31.27 -93.41 78.33
N ASP UC 27 32.54 -93.45 78.76
CA ASP UC 27 32.90 -94.30 79.89
C ASP UC 27 32.62 -93.60 81.23
N HIS UC 28 32.38 -92.28 81.16
CA HIS UC 28 32.19 -91.44 82.34
C HIS UC 28 30.94 -91.86 83.11
N PHE UC 29 29.79 -92.03 82.42
CA PHE UC 29 28.57 -92.26 83.21
C PHE UC 29 28.43 -93.69 83.72
N ALA UC 30 29.33 -94.58 83.24
CA ALA UC 30 29.28 -95.99 83.62
C ALA UC 30 29.82 -96.18 85.05
N GLY UC 31 29.09 -96.97 85.85
CA GLY UC 31 29.55 -97.41 87.16
C GLY UC 31 29.20 -96.47 88.31
N VAL UC 32 28.48 -95.37 88.03
CA VAL UC 32 28.15 -94.37 89.04
C VAL UC 32 26.65 -94.09 89.05
N SER UC 33 26.23 -93.12 89.86
CA SER UC 33 24.87 -92.64 89.94
C SER UC 33 24.80 -91.24 89.31
N VAL UC 34 23.86 -91.06 88.39
CA VAL UC 34 23.71 -89.80 87.67
C VAL UC 34 22.40 -89.12 88.09
N ALA UC 35 22.49 -87.87 88.53
CA ALA UC 35 21.33 -87.08 88.91
C ALA UC 35 21.17 -85.93 87.93
N LEU UC 36 19.93 -85.76 87.41
CA LEU UC 36 19.61 -84.57 86.65
C LEU UC 36 19.13 -83.48 87.59
N PHE UC 37 19.76 -82.32 87.44
CA PHE UC 37 19.53 -81.16 88.29
C PHE UC 37 18.76 -80.11 87.49
N PHE UC 38 17.44 -80.07 87.71
CA PHE UC 38 16.55 -79.12 87.04
C PHE UC 38 16.66 -77.78 87.74
N ALA UC 39 17.08 -76.72 87.03
CA ALA UC 39 17.37 -75.46 87.70
C ALA UC 39 17.15 -74.26 86.79
N LYS UC 40 17.05 -73.09 87.43
CA LYS UC 40 17.01 -71.78 86.81
C LYS UC 40 18.42 -71.17 86.72
N ALA UC 41 18.42 -69.87 86.37
CA ALA UC 41 19.53 -68.97 86.59
C ALA UC 41 19.01 -67.68 87.23
N GLY UC 42 19.70 -67.24 88.28
CA GLY UC 42 19.37 -66.00 88.99
C GLY UC 42 18.28 -66.15 90.04
N HIS UC 43 17.65 -67.33 90.11
CA HIS UC 43 16.61 -67.63 91.07
C HIS UC 43 17.20 -67.74 92.48
N SER UC 44 16.41 -67.36 93.48
CA SER UC 44 16.89 -67.30 94.86
C SER UC 44 17.27 -68.67 95.42
N LYS UC 45 16.33 -69.64 95.33
CA LYS UC 45 16.64 -71.01 95.70
C LYS UC 45 17.68 -71.65 94.78
N CYS UC 46 17.77 -71.27 93.51
CA CYS UC 46 18.84 -71.79 92.66
C CYS UC 46 20.20 -71.38 93.20
N ALA UC 47 20.36 -70.09 93.53
CA ALA UC 47 21.59 -69.58 94.12
C ALA UC 47 21.81 -70.15 95.51
N GLN UC 48 20.73 -70.54 96.20
CA GLN UC 48 20.82 -71.18 97.50
C GLN UC 48 21.36 -72.60 97.37
N ILE UC 49 20.93 -73.33 96.33
CA ILE UC 49 21.15 -74.77 96.30
C ILE UC 49 22.42 -75.15 95.54
N VAL UC 50 22.90 -74.27 94.64
CA VAL UC 50 24.14 -74.49 93.90
C VAL UC 50 25.32 -74.77 94.85
N PRO UC 51 25.62 -73.95 95.88
CA PRO UC 51 26.86 -74.12 96.63
C PRO UC 51 26.83 -75.33 97.57
N VAL UC 52 25.67 -75.64 98.16
CA VAL UC 52 25.59 -76.80 99.03
C VAL UC 52 25.76 -78.10 98.24
N VAL UC 53 25.19 -78.13 97.03
CA VAL UC 53 25.35 -79.29 96.16
C VAL UC 53 26.80 -79.35 95.67
N ARG UC 54 27.43 -78.20 95.43
CA ARG UC 54 28.83 -78.17 95.02
C ARG UC 54 29.74 -78.73 96.13
N GLN UC 55 29.49 -78.32 97.38
CA GLN UC 55 30.24 -78.83 98.54
C GLN UC 55 30.05 -80.33 98.67
N PHE UC 56 28.80 -80.78 98.57
CA PHE UC 56 28.48 -82.19 98.70
C PHE UC 56 29.18 -83.03 97.63
N TYR UC 57 29.09 -82.57 96.36
CA TYR UC 57 29.72 -83.20 95.20
C TYR UC 57 31.23 -83.33 95.43
N LYS UC 58 31.88 -82.23 95.82
CA LYS UC 58 33.33 -82.16 96.06
C LYS UC 58 33.76 -83.17 97.13
N THR UC 59 33.05 -83.16 98.28
CA THR UC 59 33.45 -83.99 99.42
C THR UC 59 33.26 -85.47 99.09
N THR UC 60 32.16 -85.81 98.41
CA THR UC 60 31.86 -87.22 98.18
C THR UC 60 32.68 -87.81 97.03
N ASN UC 61 33.13 -86.98 96.06
CA ASN UC 61 33.94 -87.51 94.97
C ASN UC 61 35.43 -87.55 95.36
N PHE UC 62 35.88 -86.54 96.12
CA PHE UC 62 37.29 -86.48 96.48
C PHE UC 62 37.57 -87.36 97.71
N SER UC 63 36.53 -87.75 98.45
CA SER UC 63 36.68 -88.76 99.50
C SER UC 63 36.74 -90.14 98.85
N GLY UC 64 37.94 -90.64 98.52
CA GLY UC 64 38.05 -91.90 97.81
C GLY UC 64 38.83 -91.77 96.50
N GLU UC 65 38.75 -92.80 95.65
CA GLU UC 65 39.62 -92.91 94.48
C GLU UC 65 38.86 -92.76 93.17
N LYS UC 66 37.77 -93.52 93.01
CA LYS UC 66 36.92 -93.34 91.85
C LYS UC 66 35.82 -92.31 92.16
N ALA UC 67 35.40 -91.62 91.09
CA ALA UC 67 34.21 -90.80 91.11
C ALA UC 67 32.99 -91.69 91.38
N VAL UC 68 32.05 -91.18 92.16
CA VAL UC 68 30.98 -92.00 92.70
C VAL UC 68 29.61 -91.50 92.24
N ILE UC 69 29.48 -90.19 92.03
CA ILE UC 69 28.26 -89.58 91.53
C ILE UC 69 28.60 -88.62 90.39
N GLU UC 70 27.58 -88.27 89.61
CA GLU UC 70 27.71 -87.33 88.51
C GLU UC 70 26.36 -86.65 88.32
N ILE UC 71 26.38 -85.31 88.29
CA ILE UC 71 25.16 -84.53 88.16
C ILE UC 71 25.18 -83.81 86.83
N ILE UC 72 24.22 -84.15 85.96
CA ILE UC 72 24.02 -83.43 84.73
C ILE UC 72 23.04 -82.31 85.04
N TYR UC 73 23.49 -81.08 84.79
CA TYR UC 73 22.70 -79.91 85.11
C TYR UC 73 21.89 -79.55 83.87
N VAL UC 74 20.59 -79.38 84.07
CA VAL UC 74 19.69 -79.01 82.99
C VAL UC 74 19.03 -77.69 83.41
N SER UC 75 19.01 -76.76 82.45
CA SER UC 75 18.54 -75.40 82.65
C SER UC 75 17.12 -75.25 82.12
N LEU UC 76 16.39 -74.28 82.67
CA LEU UC 76 15.16 -73.83 82.06
C LEU UC 76 15.20 -72.31 81.83
N ASP UC 77 16.35 -71.85 81.33
CA ASP UC 77 16.59 -70.44 81.02
C ASP UC 77 16.10 -70.15 79.61
N LYS UC 78 15.84 -68.86 79.33
CA LYS UC 78 15.45 -68.39 78.00
C LYS UC 78 16.53 -67.53 77.36
N ASP UC 79 17.76 -67.59 77.88
CA ASP UC 79 18.85 -66.76 77.35
C ASP UC 79 20.17 -67.53 77.30
N GLU UC 80 20.92 -67.34 76.19
CA GLU UC 80 22.26 -67.88 76.00
C GLU UC 80 23.19 -67.34 77.08
N GLN UC 81 23.10 -66.03 77.36
CA GLN UC 81 23.96 -65.36 78.33
C GLN UC 81 23.73 -65.92 79.72
N ASP UC 82 22.44 -66.06 80.10
CA ASP UC 82 22.06 -66.61 81.40
C ASP UC 82 22.54 -68.05 81.54
N PHE UC 83 22.34 -68.85 80.49
CA PHE UC 83 22.72 -70.25 80.49
C PHE UC 83 24.22 -70.40 80.69
N GLU UC 84 25.00 -69.62 79.91
CA GLU UC 84 26.45 -69.66 79.96
C GLU UC 84 26.95 -69.17 81.32
N ARG UC 85 26.30 -68.13 81.87
CA ARG UC 85 26.72 -67.54 83.13
C ARG UC 85 26.54 -68.53 84.28
N VAL UC 86 25.40 -69.23 84.30
CA VAL UC 86 25.14 -70.17 85.37
C VAL UC 86 25.94 -71.46 85.15
N ARG UC 87 26.33 -71.72 83.90
CA ARG UC 87 27.03 -72.96 83.58
C ARG UC 87 28.54 -72.87 83.83
N ALA UC 88 29.12 -71.66 83.75
CA ALA UC 88 30.56 -71.45 83.73
C ALA UC 88 31.23 -71.72 85.08
N LEU UC 89 30.44 -71.73 86.17
CA LEU UC 89 31.00 -71.73 87.52
C LEU UC 89 30.70 -73.06 88.23
N MET UC 90 30.51 -74.14 87.47
CA MET UC 90 30.14 -75.42 88.07
C MET UC 90 31.19 -76.49 87.80
N PRO UC 91 31.49 -77.42 88.75
CA PRO UC 91 32.44 -78.50 88.45
C PRO UC 91 31.92 -79.71 87.66
N TRP UC 92 30.59 -79.89 87.58
CA TRP UC 92 30.07 -81.05 86.86
C TRP UC 92 29.69 -80.67 85.44
N CYS UC 93 29.25 -81.67 84.66
CA CYS UC 93 28.92 -81.46 83.27
C CYS UC 93 27.55 -80.81 83.16
N SER UC 94 27.17 -80.47 81.92
CA SER UC 94 25.84 -79.96 81.65
C SER UC 94 25.30 -80.52 80.33
N VAL UC 95 24.10 -80.07 79.93
CA VAL UC 95 23.51 -80.46 78.66
C VAL UC 95 23.57 -79.25 77.72
N GLU UC 96 23.60 -79.52 76.41
CA GLU UC 96 23.68 -78.46 75.41
C GLU UC 96 22.33 -77.76 75.33
N TYR UC 97 22.39 -76.43 75.23
CA TYR UC 97 21.21 -75.59 75.16
C TYR UC 97 20.37 -75.87 73.91
N LYS UC 98 21.00 -76.10 72.76
CA LYS UC 98 20.25 -76.25 71.52
C LYS UC 98 19.82 -77.69 71.28
N SER UC 99 20.33 -78.63 72.10
CA SER UC 99 20.05 -80.05 71.90
C SER UC 99 18.63 -80.38 72.32
N CYS UC 100 18.02 -81.29 71.54
CA CYS UC 100 16.62 -81.68 71.68
C CYS UC 100 16.37 -82.46 72.97
N LEU UC 101 17.42 -83.05 73.53
CA LEU UC 101 17.30 -83.97 74.66
C LEU UC 101 16.91 -83.21 75.92
N ARG UC 102 17.26 -81.91 76.01
CA ARG UC 102 16.91 -81.08 77.15
C ARG UC 102 15.39 -80.94 77.22
N LYS UC 103 14.78 -80.54 76.08
CA LYS UC 103 13.35 -80.37 76.04
C LYS UC 103 12.63 -81.72 76.15
N LYS UC 104 13.26 -82.79 75.64
CA LYS UC 104 12.75 -84.15 75.79
C LYS UC 104 12.66 -84.50 77.28
N LEU UC 105 13.72 -84.19 78.04
CA LEU UC 105 13.75 -84.44 79.48
C LEU UC 105 12.67 -83.62 80.19
N ILE UC 106 12.48 -82.34 79.82
CA ILE UC 106 11.47 -81.51 80.43
C ILE UC 106 10.06 -82.07 80.22
N GLU UC 107 9.71 -82.40 78.95
CA GLU UC 107 8.39 -82.90 78.60
C GLU UC 107 8.15 -84.28 79.23
N ARG UC 108 9.24 -85.06 79.40
CA ARG UC 108 9.12 -86.44 79.85
C ARG UC 108 9.06 -86.51 81.38
N TYR UC 109 9.59 -85.50 82.09
CA TYR UC 109 9.58 -85.51 83.55
C TYR UC 109 8.46 -84.64 84.12
N ARG UC 110 7.98 -83.68 83.33
CA ARG UC 110 6.88 -82.84 83.76
C ARG UC 110 7.28 -81.97 84.95
N VAL UC 111 8.27 -81.11 84.67
CA VAL UC 111 8.42 -79.87 85.41
C VAL UC 111 7.53 -78.81 84.74
N PRO UC 112 6.66 -78.12 85.52
CA PRO UC 112 5.73 -77.14 84.96
C PRO UC 112 6.36 -75.85 84.46
N ASN UC 113 7.64 -75.61 84.83
CA ASN UC 113 8.42 -74.43 84.52
C ASN UC 113 7.72 -73.15 84.99
N SER UC 125 8.82 -70.36 90.59
CA SER UC 125 7.88 -71.49 90.82
C SER UC 125 8.38 -72.36 91.97
N THR UC 126 7.58 -73.36 92.39
CA THR UC 126 7.91 -74.21 93.53
C THR UC 126 8.56 -75.52 93.07
N ALA UC 127 8.67 -75.70 91.75
CA ALA UC 127 9.14 -76.93 91.13
C ALA UC 127 10.65 -76.88 90.86
N ILE UC 128 11.31 -75.80 91.28
CA ILE UC 128 12.74 -75.57 91.06
C ILE UC 128 13.39 -75.24 92.41
N PRO UC 129 14.64 -75.66 92.71
CA PRO UC 129 15.37 -76.64 91.91
C PRO UC 129 14.90 -78.06 92.21
N LEU UC 130 15.28 -79.00 91.35
CA LEU UC 130 14.85 -80.39 91.48
C LEU UC 130 16.02 -81.31 91.23
N LEU UC 131 16.08 -82.42 91.98
CA LEU UC 131 17.04 -83.47 91.75
C LEU UC 131 16.31 -84.78 91.47
N ILE UC 132 16.43 -85.24 90.22
CA ILE UC 132 15.88 -86.54 89.86
C ILE UC 132 17.05 -87.46 89.53
N VAL UC 133 17.26 -88.45 90.40
CA VAL UC 133 18.35 -89.39 90.22
C VAL UC 133 17.87 -90.53 89.34
N ILE UC 134 18.75 -91.00 88.46
CA ILE UC 134 18.34 -91.73 87.27
C ILE UC 134 19.01 -93.09 87.27
N GLY UC 135 18.21 -94.11 86.97
CA GLY UC 135 18.73 -95.45 86.77
C GLY UC 135 19.29 -95.61 85.36
N PRO UC 136 19.75 -96.85 85.06
CA PRO UC 136 20.35 -97.19 83.76
C PRO UC 136 19.41 -96.97 82.58
N ASN UC 137 18.11 -96.96 82.89
CA ASN UC 137 17.01 -97.01 81.94
C ASN UC 137 16.53 -95.60 81.57
N GLY UC 138 17.24 -94.57 82.03
CA GLY UC 138 16.94 -93.17 81.71
C GLY UC 138 15.63 -92.67 82.29
N GLU UC 139 15.13 -93.33 83.35
CA GLU UC 139 13.87 -92.99 83.97
C GLU UC 139 14.09 -92.65 85.44
N GLU UC 140 12.98 -92.36 86.13
CA GLU UC 140 13.01 -91.83 87.48
C GLU UC 140 13.36 -92.93 88.48
N ALA UC 141 14.64 -93.02 88.85
CA ALA UC 141 15.08 -93.91 89.93
C ALA UC 141 14.89 -93.28 91.32
N GLY UC 142 14.68 -91.97 91.38
CA GLY UC 142 14.41 -91.26 92.63
C GLY UC 142 14.09 -89.79 92.40
N ARG UC 143 13.08 -89.25 93.10
CA ARG UC 143 12.63 -87.87 92.94
C ARG UC 143 12.85 -87.14 94.26
N MET UC 144 13.38 -85.92 94.15
CA MET UC 144 13.70 -85.17 95.36
C MET UC 144 13.57 -83.67 95.09
N ASN UC 145 12.86 -82.99 96.00
CA ASN UC 145 12.52 -81.57 95.88
C ASN UC 145 13.16 -80.79 97.02
N PHE UC 146 13.62 -79.56 96.74
CA PHE UC 146 14.30 -78.72 97.72
C PHE UC 146 13.37 -77.72 98.40
N GLN UC 147 12.16 -77.52 97.85
CA GLN UC 147 11.28 -76.42 98.25
C GLN UC 147 10.63 -76.74 99.60
N GLN UC 148 11.45 -76.95 100.62
CA GLN UC 148 10.97 -77.40 101.91
C GLN UC 148 12.03 -77.03 102.96
N SER UC 149 11.61 -77.11 104.23
CA SER UC 149 12.37 -76.68 105.39
C SER UC 149 13.67 -77.47 105.56
N ASP UC 150 13.61 -78.77 105.29
CA ASP UC 150 14.69 -79.69 105.58
C ASP UC 150 15.84 -79.49 104.60
N GLU UC 151 17.07 -79.72 105.08
CA GLU UC 151 18.28 -79.51 104.29
C GLU UC 151 19.25 -80.70 104.36
N PHE UC 152 18.80 -81.83 104.95
CA PHE UC 152 19.59 -83.05 105.04
C PHE UC 152 19.32 -84.02 103.87
N VAL UC 153 18.53 -83.54 102.90
CA VAL UC 153 18.19 -84.28 101.68
C VAL UC 153 19.42 -84.60 100.81
N LEU UC 154 20.44 -83.73 100.91
CA LEU UC 154 21.70 -83.92 100.20
C LEU UC 154 22.38 -85.19 100.71
N GLN UC 155 22.46 -85.37 102.03
CA GLN UC 155 22.99 -86.60 102.61
C GLN UC 155 22.02 -87.75 102.40
N ARG UC 156 20.71 -87.46 102.23
CA ARG UC 156 19.72 -88.52 102.10
C ARG UC 156 19.88 -89.24 100.76
N TRP UC 157 20.18 -88.48 99.70
CA TRP UC 157 20.39 -89.14 98.42
C TRP UC 157 21.65 -89.99 98.50
N ASP UC 158 21.47 -91.31 98.40
CA ASP UC 158 22.59 -92.23 98.47
C ASP UC 158 22.76 -92.97 97.15
N TYR UC 159 24.03 -93.11 96.71
CA TYR UC 159 24.37 -93.63 95.39
C TYR UC 159 24.69 -95.12 95.43
N ARG UC 160 24.85 -95.69 96.64
CA ARG UC 160 25.17 -97.10 96.82
C ARG UC 160 23.98 -98.01 96.50
N PHE UC 161 22.82 -97.43 96.19
CA PHE UC 161 21.60 -98.20 95.94
C PHE UC 161 21.18 -98.18 94.47
N ASN UC 162 21.61 -97.15 93.71
CA ASN UC 162 21.28 -97.01 92.30
C ASN UC 162 22.49 -96.56 91.45
N LYS UC 163 23.40 -97.50 91.13
CA LYS UC 163 24.55 -97.21 90.28
C LYS UC 163 24.49 -98.06 89.00
N TRP UC 164 24.90 -97.50 87.86
CA TRP UC 164 24.64 -98.16 86.59
C TRP UC 164 25.70 -99.19 86.25
N PRO UC 165 25.36 -100.19 85.39
CA PRO UC 165 26.30 -100.89 84.50
C PRO UC 165 27.42 -100.05 83.87
N SER VC 2 -31.14 -27.15 65.55
CA SER VC 2 -32.29 -26.81 66.42
C SER VC 2 -31.84 -26.82 67.87
N GLN VC 3 -30.89 -25.94 68.13
CA GLN VC 3 -30.40 -25.61 69.47
C GLN VC 3 -29.64 -24.29 69.35
N PRO VC 4 -29.92 -23.27 70.19
CA PRO VC 4 -30.89 -23.31 71.29
C PRO VC 4 -32.33 -23.04 70.82
N VAL VC 5 -32.46 -22.55 69.58
CA VAL VC 5 -33.73 -22.24 68.95
C VAL VC 5 -33.73 -22.88 67.57
N PHE VC 6 -34.93 -23.00 66.99
CA PHE VC 6 -35.08 -23.57 65.67
C PHE VC 6 -34.88 -22.50 64.61
N ALA VC 7 -35.54 -21.35 64.83
CA ALA VC 7 -35.61 -20.29 63.84
C ALA VC 7 -34.49 -19.28 64.11
N SER VC 8 -33.29 -19.64 63.70
CA SER VC 8 -32.18 -18.70 63.71
C SER VC 8 -31.48 -18.78 62.35
N PRO VC 9 -30.93 -17.66 61.83
CA PRO VC 9 -30.22 -17.68 60.56
C PRO VC 9 -29.06 -18.67 60.42
N LEU VC 10 -28.25 -18.83 61.48
CA LEU VC 10 -27.19 -19.83 61.52
C LEU VC 10 -27.78 -21.23 61.34
N ASN VC 11 -28.89 -21.51 62.01
CA ASN VC 11 -29.46 -22.84 61.96
C ASN VC 11 -30.14 -23.10 60.62
N VAL VC 12 -30.72 -22.07 59.99
CA VAL VC 12 -31.34 -22.29 58.69
C VAL VC 12 -30.28 -22.56 57.63
N GLU VC 13 -29.15 -21.82 57.70
CA GLU VC 13 -28.03 -22.05 56.80
C GLU VC 13 -27.41 -23.42 57.08
N LYS VC 14 -27.32 -23.80 58.35
CA LYS VC 14 -26.73 -25.07 58.75
C LYS VC 14 -27.57 -26.24 58.23
N ARG VC 15 -28.90 -26.11 58.34
CA ARG VC 15 -29.78 -27.19 57.90
C ARG VC 15 -29.68 -27.32 56.40
N ARG VC 16 -29.76 -26.19 55.69
CA ARG VC 16 -29.69 -26.18 54.24
C ARG VC 16 -28.39 -26.83 53.77
N LEU VC 17 -27.23 -26.40 54.32
CA LEU VC 17 -25.88 -26.86 53.94
C LEU VC 17 -25.76 -28.35 54.19
N ASN VC 18 -26.18 -28.82 55.39
CA ASN VC 18 -25.89 -30.17 55.80
C ASN VC 18 -26.69 -31.12 54.94
N GLU VC 19 -27.97 -30.83 54.78
CA GLU VC 19 -28.72 -31.79 53.99
C GLU VC 19 -28.52 -31.60 52.49
N GLU VC 20 -28.00 -30.46 52.05
CA GLU VC 20 -27.50 -30.33 50.66
C GLU VC 20 -26.39 -31.36 50.42
N ARG VC 21 -25.45 -31.40 51.37
CA ARG VC 21 -24.36 -32.36 51.26
C ARG VC 21 -24.87 -33.77 51.43
N ALA VC 22 -25.87 -33.97 52.30
CA ALA VC 22 -26.45 -35.28 52.55
C ALA VC 22 -27.07 -35.84 51.28
N LEU VC 23 -27.90 -35.05 50.56
CA LEU VC 23 -28.45 -35.47 49.27
C LEU VC 23 -27.37 -35.72 48.23
N MET VC 24 -26.32 -34.88 48.18
CA MET VC 24 -25.26 -35.10 47.20
C MET VC 24 -24.62 -36.49 47.40
N GLN VC 25 -24.19 -36.76 48.63
CA GLN VC 25 -23.47 -38.02 48.87
C GLN VC 25 -24.44 -39.20 48.89
N ALA VC 26 -25.71 -38.98 49.21
CA ALA VC 26 -26.72 -40.04 49.13
C ALA VC 26 -26.99 -40.46 47.69
N GLN VC 27 -27.04 -39.48 46.77
CA GLN VC 27 -27.22 -39.78 45.35
C GLN VC 27 -25.96 -40.48 44.85
N LYS VC 28 -24.78 -40.04 45.34
CA LYS VC 28 -23.50 -40.59 44.91
C LYS VC 28 -23.35 -42.05 45.36
N ALA VC 29 -23.84 -42.39 46.55
CA ALA VC 29 -23.86 -43.76 47.04
C ALA VC 29 -24.88 -44.61 46.26
N ASN VC 35 -28.96 -45.46 52.36
CA ASN VC 35 -28.50 -46.07 53.63
C ASN VC 35 -28.48 -45.04 54.76
N ILE VC 36 -28.28 -43.77 54.38
CA ILE VC 36 -28.07 -42.69 55.29
C ILE VC 36 -29.39 -41.97 55.54
N GLN VC 37 -29.58 -41.69 56.84
CA GLN VC 37 -30.77 -41.13 57.45
C GLN VC 37 -31.04 -39.72 56.94
N LEU VC 38 -32.17 -39.52 56.26
CA LEU VC 38 -32.64 -38.19 55.88
C LEU VC 38 -33.93 -37.82 56.60
N PRO VC 39 -34.12 -36.57 57.11
CA PRO VC 39 -33.09 -35.53 57.15
C PRO VC 39 -32.12 -35.77 58.29
N PRO VC 40 -30.85 -35.33 58.20
CA PRO VC 40 -29.86 -35.70 59.22
C PRO VC 40 -30.23 -35.12 60.57
N ASN VC 41 -29.93 -35.90 61.60
CA ASN VC 41 -30.18 -35.51 62.97
C ASN VC 41 -29.37 -34.27 63.29
N TYR VC 42 -29.87 -33.50 64.26
CA TYR VC 42 -29.17 -32.32 64.77
C TYR VC 42 -27.79 -32.71 65.33
N GLY VC 43 -27.69 -33.90 65.94
CA GLY VC 43 -26.43 -34.48 66.38
C GLY VC 43 -25.46 -34.74 65.21
N ASP VC 44 -25.99 -35.27 64.11
CA ASP VC 44 -25.18 -35.63 62.96
C ASP VC 44 -24.74 -34.43 62.14
N MET VC 45 -25.43 -33.29 62.29
CA MET VC 45 -25.07 -32.13 61.48
C MET VC 45 -23.78 -31.51 61.98
N ASP VC 46 -23.00 -30.91 61.07
CA ASP VC 46 -21.79 -30.20 61.44
C ASP VC 46 -21.73 -28.92 60.62
N LEU VC 47 -21.30 -27.83 61.26
CA LEU VC 47 -21.18 -26.57 60.55
C LEU VC 47 -19.86 -25.92 60.91
N ILE VC 48 -19.44 -25.02 60.01
CA ILE VC 48 -18.36 -24.12 60.30
C ILE VC 48 -18.96 -22.81 60.79
N LEU VC 49 -18.65 -22.46 62.03
CA LEU VC 49 -19.42 -21.46 62.74
C LEU VC 49 -18.86 -20.12 62.34
N PHE VC 50 -17.57 -19.91 62.63
CA PHE VC 50 -16.88 -18.69 62.25
C PHE VC 50 -16.18 -18.88 60.92
N PRO VC 51 -16.61 -18.13 59.88
CA PRO VC 51 -15.99 -18.18 58.55
C PRO VC 51 -14.54 -17.73 58.51
N GLU VC 52 -14.12 -17.59 57.24
CA GLU VC 52 -12.82 -17.19 56.74
C GLU VC 52 -12.30 -15.99 57.51
N GLY VC 53 -13.15 -14.95 57.65
CA GLY VC 53 -12.53 -13.71 58.05
C GLY VC 53 -13.19 -13.11 59.28
N SER VC 54 -13.72 -13.99 60.15
CA SER VC 54 -14.51 -13.47 61.27
C SER VC 54 -13.66 -12.97 62.43
N LEU VC 55 -12.97 -13.89 63.10
CA LEU VC 55 -12.28 -13.53 64.33
C LEU VC 55 -10.98 -12.77 64.03
N LYS VC 56 -10.69 -11.76 64.86
CA LYS VC 56 -9.40 -11.11 64.84
C LYS VC 56 -9.01 -10.71 66.25
N ASN VC 57 -7.73 -10.88 66.55
CA ASN VC 57 -7.23 -10.74 67.91
C ASN VC 57 -6.78 -9.32 68.19
N SER VC 58 -6.01 -9.18 69.28
CA SER VC 58 -5.42 -7.94 69.76
C SER VC 58 -4.54 -7.22 68.73
N ASN VC 59 -3.91 -7.96 67.80
CA ASN VC 59 -3.07 -7.38 66.76
C ASN VC 59 -3.85 -7.17 65.45
N ASN VC 60 -5.17 -7.41 65.46
CA ASN VC 60 -6.03 -7.36 64.28
C ASN VC 60 -5.58 -8.31 63.17
N THR VC 61 -5.20 -9.49 63.59
CA THR VC 61 -4.80 -10.57 62.70
C THR VC 61 -5.78 -11.72 62.84
N VAL VC 62 -6.27 -12.19 61.69
CA VAL VC 62 -7.36 -13.16 61.66
C VAL VC 62 -6.84 -14.52 62.06
N ILE VC 63 -7.57 -15.14 62.98
CA ILE VC 63 -7.28 -16.50 63.35
C ILE VC 63 -8.40 -17.39 62.84
N PRO VC 64 -8.08 -18.63 62.41
CA PRO VC 64 -9.11 -19.60 62.05
C PRO VC 64 -9.85 -20.15 63.25
N GLN VC 65 -10.92 -20.90 62.98
CA GLN VC 65 -11.76 -21.41 64.06
C GLN VC 65 -11.02 -22.51 64.84
N SER VC 66 -10.11 -23.22 64.15
CA SER VC 66 -9.42 -24.36 64.75
C SER VC 66 -8.56 -23.96 65.95
N HIS VC 67 -8.30 -22.65 66.07
CA HIS VC 67 -7.52 -22.10 67.17
C HIS VC 67 -8.20 -22.25 68.54
N LEU VC 68 -9.55 -22.35 68.51
CA LEU VC 68 -10.33 -22.31 69.72
C LEU VC 68 -10.52 -23.69 70.36
N LYS VC 69 -9.88 -24.72 69.83
CA LYS VC 69 -10.09 -26.08 70.34
C LYS VC 69 -9.44 -26.23 71.71
N GLY VC 70 -10.22 -26.71 72.68
CA GLY VC 70 -9.78 -27.04 74.03
C GLY VC 70 -9.84 -25.85 75.00
N LYS VC 71 -10.57 -24.79 74.62
CA LYS VC 71 -10.69 -23.63 75.49
C LYS VC 71 -12.15 -23.29 75.66
N SER VC 72 -12.56 -22.95 76.90
CA SER VC 72 -13.91 -22.54 77.19
C SER VC 72 -14.13 -21.16 76.59
N VAL VC 73 -14.89 -21.11 75.50
CA VAL VC 73 -15.08 -19.85 74.80
C VAL VC 73 -16.44 -19.29 75.17
N ALA VC 74 -16.52 -17.96 75.25
CA ALA VC 74 -17.74 -17.27 75.62
C ALA VC 74 -17.88 -15.99 74.82
N LEU VC 75 -19.09 -15.78 74.32
CA LEU VC 75 -19.41 -14.55 73.61
C LEU VC 75 -19.78 -13.49 74.63
N TYR VC 76 -19.41 -12.24 74.33
CA TYR VC 76 -19.74 -11.11 75.17
C TYR VC 76 -20.42 -10.07 74.30
N PHE VC 77 -21.75 -9.97 74.48
CA PHE VC 77 -22.54 -8.96 73.80
C PHE VC 77 -22.45 -7.68 74.62
N ALA VC 78 -21.85 -6.64 74.02
CA ALA VC 78 -21.59 -5.41 74.73
C ALA VC 78 -21.95 -4.20 73.87
N ASP VC 79 -22.30 -3.13 74.59
CA ASP VC 79 -22.49 -1.81 74.01
C ASP VC 79 -21.50 -0.86 74.67
N GLY VC 80 -20.96 0.06 73.86
CA GLY VC 80 -19.98 1.03 74.35
C GLY VC 80 -20.55 1.96 75.44
N ALA VC 81 -21.77 2.46 75.18
CA ALA VC 81 -22.31 3.57 75.97
C ALA VC 81 -23.35 3.12 76.99
N ASP VC 82 -23.53 1.80 77.16
CA ASP VC 82 -24.52 1.36 78.14
C ASP VC 82 -23.88 1.35 79.53
N PRO VC 83 -24.46 2.03 80.55
CA PRO VC 83 -23.87 2.08 81.90
C PRO VC 83 -23.65 0.73 82.57
N LYS VC 84 -24.57 -0.22 82.33
CA LYS VC 84 -24.41 -1.57 82.88
C LYS VC 84 -23.17 -2.26 82.31
N CYS VC 85 -22.93 -2.10 80.99
CA CYS VC 85 -21.75 -2.68 80.35
C CYS VC 85 -20.50 -1.97 80.84
N ALA VC 86 -20.56 -0.66 81.06
CA ALA VC 86 -19.44 0.11 81.59
C ALA VC 86 -19.10 -0.37 83.00
N SER VC 87 -20.12 -0.80 83.75
CA SER VC 87 -19.90 -1.33 85.08
C SER VC 87 -19.31 -2.75 85.01
N LEU VC 88 -19.81 -3.58 84.10
CA LEU VC 88 -19.46 -5.00 84.07
C LEU VC 88 -18.07 -5.22 83.48
N LEU VC 89 -17.60 -4.31 82.62
CA LEU VC 89 -16.35 -4.48 81.87
C LEU VC 89 -15.12 -4.72 82.76
N PRO VC 90 -14.82 -3.90 83.79
CA PRO VC 90 -13.64 -4.13 84.62
C PRO VC 90 -13.59 -5.49 85.31
N PHE VC 91 -14.75 -5.96 85.79
CA PHE VC 91 -14.79 -7.22 86.49
C PHE VC 91 -14.58 -8.39 85.54
N LEU VC 92 -15.12 -8.31 84.31
CA LEU VC 92 -14.91 -9.35 83.30
C LEU VC 92 -13.44 -9.39 82.89
N LEU VC 93 -12.82 -8.22 82.78
CA LEU VC 93 -11.43 -8.15 82.42
C LEU VC 93 -10.52 -8.71 83.53
N ASN VC 94 -10.86 -8.42 84.80
CA ASN VC 94 -10.11 -8.92 85.93
C ASN VC 94 -10.29 -10.44 86.06
N TYR VC 95 -11.49 -10.93 85.75
CA TYR VC 95 -11.73 -12.37 85.75
C TYR VC 95 -10.89 -13.05 84.67
N TYR VC 96 -10.79 -12.45 83.48
CA TYR VC 96 -9.94 -12.95 82.42
C TYR VC 96 -8.48 -13.06 82.88
N ARG VC 97 -7.94 -11.96 83.42
CA ARG VC 97 -6.68 -11.89 84.15
C ARG VC 97 -6.42 -13.08 85.09
N THR VC 98 -7.22 -13.19 86.14
CA THR VC 98 -6.89 -14.09 87.23
C THR VC 98 -7.18 -15.54 86.84
N MET VC 99 -8.24 -15.76 86.08
CA MET VC 99 -8.57 -17.12 85.69
C MET VC 99 -7.55 -17.68 84.72
N ASN VC 100 -7.00 -16.85 83.83
CA ASN VC 100 -6.06 -17.44 82.92
C ASN VC 100 -4.65 -17.47 83.50
N GLU VC 101 -4.29 -16.53 84.43
CA GLU VC 101 -3.08 -16.61 85.26
C GLU VC 101 -3.01 -17.95 86.01
N GLY VC 102 -4.10 -18.31 86.70
CA GLY VC 102 -4.09 -19.36 87.70
C GLY VC 102 -3.89 -20.78 87.14
N GLY VC 103 -3.12 -20.97 86.06
CA GLY VC 103 -2.86 -22.34 85.63
C GLY VC 103 -1.75 -22.43 84.60
N ALA VC 104 -1.34 -23.66 84.27
CA ALA VC 104 -0.25 -23.91 83.34
C ALA VC 104 -0.79 -24.25 81.96
N ASN VC 105 -2.00 -23.76 81.63
CA ASN VC 105 -2.68 -24.04 80.37
C ASN VC 105 -3.68 -22.93 80.12
N GLN VC 106 -3.99 -22.61 78.85
CA GLN VC 106 -5.06 -21.66 78.57
C GLN VC 106 -6.39 -22.27 78.99
N LYS VC 107 -7.26 -21.46 79.59
CA LYS VC 107 -8.54 -21.95 80.09
C LYS VC 107 -9.71 -21.37 79.30
N ILE VC 108 -9.86 -20.04 79.28
CA ILE VC 108 -11.05 -19.42 78.71
C ILE VC 108 -10.66 -18.35 77.69
N GLU VC 109 -11.62 -18.03 76.82
CA GLU VC 109 -11.43 -17.03 75.77
C GLU VC 109 -12.74 -16.29 75.55
N ILE VC 110 -12.65 -14.98 75.23
CA ILE VC 110 -13.82 -14.13 75.04
C ILE VC 110 -13.85 -13.65 73.60
N ILE VC 111 -15.03 -13.75 72.97
CA ILE VC 111 -15.29 -13.09 71.70
C ILE VC 111 -16.15 -11.88 71.98
N PHE VC 112 -15.90 -10.80 71.24
CA PHE VC 112 -16.63 -9.57 71.40
C PHE VC 112 -17.64 -9.43 70.26
N VAL VC 113 -18.93 -9.33 70.62
CA VAL VC 113 -19.99 -9.05 69.67
C VAL VC 113 -20.64 -7.73 70.06
N SER VC 114 -20.75 -6.85 69.05
CA SER VC 114 -20.97 -5.43 69.26
C SER VC 114 -22.42 -5.07 68.99
N LEU VC 115 -23.10 -4.56 70.03
CA LEU VC 115 -24.40 -3.92 69.85
C LEU VC 115 -24.24 -2.41 69.74
N ASP VC 116 -23.02 -1.97 69.40
CA ASP VC 116 -22.70 -0.56 69.36
C ASP VC 116 -23.21 0.01 68.05
N ARG VC 117 -23.21 1.34 67.95
CA ARG VC 117 -23.96 1.96 66.88
C ARG VC 117 -23.13 2.07 65.63
N ASP VC 118 -21.87 2.46 65.81
CA ASP VC 118 -21.09 2.89 64.67
C ASP VC 118 -19.63 2.50 64.86
N ARG VC 119 -18.86 2.70 63.78
CA ARG VC 119 -17.53 2.14 63.63
C ARG VC 119 -16.56 2.82 64.58
N GLU VC 120 -16.66 4.16 64.72
CA GLU VC 120 -15.65 4.85 65.51
C GLU VC 120 -15.82 4.53 66.99
N ALA VC 121 -17.07 4.49 67.46
CA ALA VC 121 -17.33 4.08 68.84
C ALA VC 121 -16.96 2.61 69.07
N PHE VC 122 -17.18 1.76 68.07
CA PHE VC 122 -16.84 0.35 68.17
C PHE VC 122 -15.33 0.16 68.32
N GLU VC 123 -14.54 0.86 67.52
CA GLU VC 123 -13.08 0.77 67.58
C GLU VC 123 -12.56 1.38 68.87
N SER VC 124 -13.19 2.46 69.36
CA SER VC 124 -12.82 3.09 70.61
C SER VC 124 -13.03 2.10 71.76
N HIS VC 125 -14.17 1.39 71.74
CA HIS VC 125 -14.43 0.43 72.80
C HIS VC 125 -13.56 -0.83 72.66
N ARG VC 126 -13.28 -1.23 71.41
CA ARG VC 126 -12.51 -2.44 71.11
C ARG VC 126 -11.04 -2.25 71.47
N ALA VC 127 -10.59 -0.99 71.59
CA ALA VC 127 -9.23 -0.68 72.01
C ALA VC 127 -8.97 -1.19 73.42
N HIS VC 128 -10.02 -1.32 74.24
CA HIS VC 128 -9.88 -1.71 75.64
C HIS VC 128 -9.89 -3.23 75.86
N MET VC 129 -10.18 -4.02 74.83
CA MET VC 129 -10.38 -5.44 75.11
C MET VC 129 -9.19 -6.27 74.62
N PRO VC 130 -8.61 -7.19 75.43
CA PRO VC 130 -7.50 -8.03 74.98
C PRO VC 130 -7.85 -9.39 74.39
N TRP VC 131 -9.14 -9.59 74.11
CA TRP VC 131 -9.64 -10.85 73.59
C TRP VC 131 -10.12 -10.64 72.16
N LEU VC 132 -10.71 -11.69 71.59
CA LEU VC 132 -11.06 -11.64 70.18
C LEU VC 132 -12.33 -10.80 69.97
N SER VC 133 -12.57 -10.39 68.72
CA SER VC 133 -13.74 -9.60 68.37
C SER VC 133 -14.20 -9.93 66.96
N ILE VC 134 -15.48 -9.64 66.70
CA ILE VC 134 -16.04 -9.68 65.35
C ILE VC 134 -16.39 -8.26 64.96
N ASP VC 135 -15.95 -7.89 63.74
CA ASP VC 135 -16.16 -6.54 63.25
C ASP VC 135 -17.65 -6.32 63.00
N LEU VC 136 -18.07 -5.05 63.17
CA LEU VC 136 -19.49 -4.78 63.25
C LEU VC 136 -20.16 -4.87 61.87
N GLU VC 137 -19.46 -4.47 60.80
CA GLU VC 137 -20.01 -4.54 59.46
C GLU VC 137 -20.13 -5.99 58.94
N ASN VC 138 -19.41 -6.93 59.57
CA ASN VC 138 -19.52 -8.35 59.22
C ASN VC 138 -20.93 -8.83 59.52
N PRO VC 139 -21.65 -9.49 58.55
CA PRO VC 139 -23.00 -10.04 58.78
C PRO VC 139 -23.12 -10.99 59.96
N LEU VC 140 -22.00 -11.62 60.32
CA LEU VC 140 -22.00 -12.64 61.36
C LEU VC 140 -22.39 -12.09 62.73
N THR VC 141 -22.14 -10.79 62.99
CA THR VC 141 -22.55 -10.18 64.25
C THR VC 141 -24.07 -10.23 64.38
N GLU VC 142 -24.79 -9.76 63.35
CA GLU VC 142 -26.24 -9.76 63.42
C GLU VC 142 -26.79 -11.20 63.39
N ILE VC 143 -26.15 -12.09 62.64
CA ILE VC 143 -26.60 -13.46 62.62
C ILE VC 143 -26.44 -14.10 64.01
N LEU VC 144 -25.33 -13.80 64.72
CA LEU VC 144 -25.11 -14.32 66.06
C LEU VC 144 -26.09 -13.72 67.08
N LYS VC 145 -26.42 -12.44 66.91
CA LYS VC 145 -27.41 -11.78 67.76
C LYS VC 145 -28.76 -12.46 67.62
N ARG VC 146 -29.18 -12.75 66.39
CA ARG VC 146 -30.47 -13.40 66.17
C ARG VC 146 -30.41 -14.86 66.61
N HIS VC 147 -29.22 -15.44 66.60
CA HIS VC 147 -29.06 -16.83 67.03
C HIS VC 147 -29.24 -16.96 68.53
N PHE VC 148 -28.63 -16.05 69.31
CA PHE VC 148 -28.66 -16.17 70.76
C PHE VC 148 -29.69 -15.28 71.42
N ARG VC 149 -30.52 -14.60 70.62
CA ARG VC 149 -31.70 -13.86 71.07
C ARG VC 149 -31.36 -12.77 72.08
N VAL VC 150 -30.33 -11.99 71.78
CA VAL VC 150 -30.02 -10.81 72.56
C VAL VC 150 -30.41 -9.59 71.74
N MET VC 151 -31.10 -8.65 72.39
CA MET VC 151 -31.31 -7.31 71.84
C MET VC 151 -31.67 -6.35 72.97
N LYS VC 152 -31.30 -5.08 72.84
CA LYS VC 152 -31.66 -4.10 73.86
C LYS VC 152 -33.05 -3.55 73.60
N GLU VC 153 -33.48 -3.56 72.34
CA GLU VC 153 -34.73 -2.94 71.96
C GLU VC 153 -35.37 -3.74 70.84
N TYR VC 154 -36.69 -3.94 70.97
CA TYR VC 154 -37.37 -4.86 70.06
C TYR VC 154 -37.52 -4.15 68.72
N GLU VC 155 -36.53 -4.37 67.84
CA GLU VC 155 -36.50 -3.75 66.53
C GLU VC 155 -36.63 -4.81 65.43
N VAL VC 156 -35.75 -5.83 65.50
CA VAL VC 156 -35.76 -6.93 64.56
C VAL VC 156 -36.75 -7.98 65.05
N PRO VC 157 -37.65 -8.51 64.18
CA PRO VC 157 -38.62 -9.52 64.59
C PRO VC 157 -38.00 -10.81 65.11
N THR VC 158 -38.60 -11.34 66.18
CA THR VC 158 -38.32 -12.68 66.68
C THR VC 158 -39.62 -13.47 66.54
N TYR VC 159 -39.46 -14.78 66.35
CA TYR VC 159 -40.52 -15.62 65.84
C TYR VC 159 -41.25 -16.34 66.97
N GLY VC 160 -41.99 -15.58 67.77
CA GLY VC 160 -42.73 -16.14 68.90
C GLY VC 160 -41.87 -16.31 70.15
N TYR VC 161 -40.55 -16.11 70.01
CA TYR VC 161 -39.62 -16.13 71.11
C TYR VC 161 -39.68 -14.78 71.82
N GLY VC 162 -38.89 -14.65 72.90
CA GLY VC 162 -38.66 -13.39 73.58
C GLY VC 162 -37.18 -13.02 73.55
N SER VC 163 -36.83 -11.88 74.13
CA SER VC 163 -35.43 -11.60 74.37
C SER VC 163 -34.93 -12.53 75.48
N ARG VC 164 -33.83 -13.26 75.18
CA ARG VC 164 -33.22 -14.13 76.18
C ARG VC 164 -32.65 -13.29 77.31
N THR VC 165 -32.06 -12.15 76.95
CA THR VC 165 -31.40 -11.27 77.89
C THR VC 165 -31.37 -9.87 77.28
N GLY VC 166 -30.61 -8.99 77.93
CA GLY VC 166 -30.24 -7.71 77.36
C GLY VC 166 -28.72 -7.55 77.37
N VAL VC 167 -28.25 -6.57 76.61
CA VAL VC 167 -26.85 -6.18 76.65
C VAL VC 167 -26.58 -5.51 78.00
N PRO VC 168 -25.55 -5.86 78.79
CA PRO VC 168 -24.48 -6.82 78.47
C PRO VC 168 -24.82 -8.28 78.77
N SER VC 169 -24.20 -9.21 78.04
CA SER VC 169 -24.43 -10.61 78.33
C SER VC 169 -23.18 -11.43 77.97
N VAL VC 170 -22.96 -12.50 78.73
CA VAL VC 170 -21.90 -13.45 78.45
C VAL VC 170 -22.54 -14.83 78.28
N ILE VC 171 -22.25 -15.46 77.14
CA ILE VC 171 -22.87 -16.73 76.77
C ILE VC 171 -21.75 -17.74 76.54
N VAL VC 172 -21.74 -18.81 77.33
CA VAL VC 172 -20.77 -19.86 77.07
C VAL VC 172 -21.34 -20.74 75.95
N ILE VC 173 -20.59 -20.87 74.86
CA ILE VC 173 -21.06 -21.56 73.67
C ILE VC 173 -20.32 -22.88 73.50
N GLY VC 174 -20.79 -23.69 72.55
CA GLY VC 174 -20.17 -24.96 72.16
C GLY VC 174 -19.71 -24.93 70.70
N SER VC 175 -19.42 -26.12 70.16
CA SER VC 175 -18.92 -26.32 68.81
C SER VC 175 -19.97 -25.94 67.77
N ASP VC 176 -21.25 -26.16 68.08
CA ASP VC 176 -22.29 -26.18 67.05
C ASP VC 176 -23.32 -25.08 67.33
N GLY VC 177 -22.94 -24.08 68.13
CA GLY VC 177 -23.85 -23.00 68.52
C GLY VC 177 -24.76 -23.37 69.69
N ARG VC 178 -24.43 -24.46 70.39
CA ARG VC 178 -25.19 -24.83 71.58
C ARG VC 178 -24.91 -23.84 72.70
N GLU VC 179 -25.97 -23.40 73.38
CA GLU VC 179 -25.83 -22.55 74.55
C GLU VC 179 -25.47 -23.45 75.73
N ALA VC 180 -24.19 -23.46 76.08
CA ALA VC 180 -23.68 -24.35 77.11
C ALA VC 180 -24.23 -23.96 78.47
N GLN VC 181 -24.15 -22.67 78.81
CA GLN VC 181 -24.78 -22.16 80.01
C GLN VC 181 -24.89 -20.63 79.90
N PHE VC 182 -25.87 -20.09 80.62
CA PHE VC 182 -26.08 -18.64 80.65
C PHE VC 182 -25.47 -18.08 81.93
N LEU VC 183 -24.65 -17.05 81.79
CA LEU VC 183 -24.11 -16.38 82.97
C LEU VC 183 -25.08 -15.30 83.46
N PRO VC 184 -25.64 -15.44 84.67
CA PRO VC 184 -26.70 -14.54 85.14
C PRO VC 184 -26.25 -13.14 85.58
N ILE VC 185 -25.96 -12.29 84.60
CA ILE VC 185 -25.58 -10.91 84.89
C ILE VC 185 -26.81 -10.05 85.13
N CYS VC 186 -27.66 -9.95 84.10
CA CYS VC 186 -29.00 -9.39 84.18
C CYS VC 186 -29.97 -10.40 83.58
N SER VC 187 -30.53 -11.23 84.49
CA SER VC 187 -31.30 -12.40 84.16
C SER VC 187 -32.38 -12.58 85.22
N GLY VC 188 -32.83 -13.83 85.40
CA GLY VC 188 -33.70 -14.22 86.49
C GLY VC 188 -33.02 -14.22 87.86
N LEU VC 189 -31.67 -14.16 87.89
CA LEU VC 189 -30.93 -14.32 89.14
C LEU VC 189 -30.28 -13.02 89.62
N GLU VC 190 -29.83 -12.15 88.69
CA GLU VC 190 -29.24 -10.84 88.97
C GLU VC 190 -28.04 -10.96 89.92
N GLU VC 191 -26.98 -11.66 89.49
CA GLU VC 191 -25.71 -11.50 90.16
C GLU VC 191 -24.83 -10.60 89.30
N GLY VC 192 -25.05 -9.29 89.45
CA GLY VC 192 -24.26 -8.28 88.77
C GLY VC 192 -22.80 -8.36 89.25
N ASP VC 193 -21.88 -8.59 88.31
CA ASP VC 193 -20.43 -8.58 88.52
C ASP VC 193 -19.92 -9.79 89.30
N ARG VC 194 -20.83 -10.64 89.80
CA ARG VC 194 -20.48 -11.78 90.63
C ARG VC 194 -20.74 -13.09 89.89
N ALA VC 195 -21.61 -13.07 88.87
CA ALA VC 195 -22.07 -14.31 88.22
C ALA VC 195 -20.99 -15.00 87.38
N LEU VC 196 -19.85 -14.32 87.21
CA LEU VC 196 -18.74 -14.86 86.44
C LEU VC 196 -18.14 -16.09 87.14
N LEU VC 197 -18.34 -16.22 88.45
CA LEU VC 197 -17.83 -17.39 89.16
C LEU VC 197 -18.68 -18.65 88.94
N ARG VC 198 -19.81 -18.50 88.22
CA ARG VC 198 -20.69 -19.63 87.94
C ARG VC 198 -20.16 -20.50 86.79
N TRP VC 199 -19.08 -20.02 86.14
CA TRP VC 199 -18.58 -20.60 84.91
C TRP VC 199 -17.96 -21.97 85.21
N ASP VC 200 -18.47 -23.02 84.58
CA ASP VC 200 -17.89 -24.35 84.70
C ASP VC 200 -17.04 -24.59 83.45
N TRP VC 201 -15.81 -24.12 83.53
CA TRP VC 201 -14.87 -24.15 82.41
C TRP VC 201 -14.37 -25.55 82.11
N ARG VC 202 -14.66 -26.51 83.00
CA ARG VC 202 -14.12 -27.86 82.84
C ARG VC 202 -14.89 -28.63 81.76
N ASN VC 203 -16.22 -28.50 81.81
CA ASN VC 203 -17.15 -29.32 81.05
C ASN VC 203 -17.62 -28.63 79.75
N THR VC 204 -17.23 -27.37 79.57
CA THR VC 204 -17.64 -26.66 78.37
C THR VC 204 -16.39 -26.19 77.63
N LYS VC 205 -15.82 -27.08 76.83
CA LYS VC 205 -14.71 -26.70 75.98
C LYS VC 205 -15.17 -26.76 74.53
N PHE VC 206 -14.57 -25.89 73.73
CA PHE VC 206 -14.89 -25.77 72.33
C PHE VC 206 -14.31 -26.95 71.57
N ALA VC 207 -15.04 -28.08 71.58
CA ALA VC 207 -14.52 -29.30 70.99
C ALA VC 207 -15.02 -29.49 69.56
N SER WC 2 1.82 -16.76 78.38
CA SER WC 2 1.06 -16.15 79.50
C SER WC 2 1.96 -16.00 80.72
N GLN WC 3 2.93 -15.11 80.51
CA GLN WC 3 3.87 -14.60 81.47
C GLN WC 3 4.60 -13.46 80.77
N PRO WC 4 4.74 -12.26 81.39
CA PRO WC 4 4.26 -11.96 82.75
C PRO WC 4 2.79 -11.52 82.75
N VAL WC 5 2.23 -11.28 81.57
CA VAL WC 5 0.81 -10.97 81.42
C VAL WC 5 0.19 -11.87 80.35
N PHE WC 6 -1.14 -11.91 80.34
CA PHE WC 6 -1.85 -12.67 79.34
C PHE WC 6 -2.03 -11.84 78.07
N ALA WC 7 -2.44 -10.59 78.25
CA ALA WC 7 -2.96 -9.78 77.16
C ALA WC 7 -1.85 -8.89 76.63
N SER WC 8 -0.92 -9.54 75.95
CA SER WC 8 0.17 -8.85 75.29
C SER WC 8 0.25 -9.38 73.86
N PRO WC 9 0.58 -8.50 72.90
CA PRO WC 9 0.72 -8.90 71.49
C PRO WC 9 1.71 -10.03 71.18
N LEU WC 10 2.85 -10.09 71.89
CA LEU WC 10 3.79 -11.20 71.75
C LEU WC 10 3.09 -12.50 72.14
N ASN WC 11 2.34 -12.45 73.25
CA ASN WC 11 1.72 -13.66 73.75
C ASN WC 11 0.54 -14.08 72.88
N VAL WC 12 -0.18 -13.14 72.28
CA VAL WC 12 -1.27 -13.51 71.38
C VAL WC 12 -0.73 -14.15 70.11
N GLU WC 13 0.38 -13.62 69.56
CA GLU WC 13 1.07 -14.20 68.41
C GLU WC 13 1.61 -15.59 68.78
N LYS WC 14 2.16 -15.70 70.00
CA LYS WC 14 2.77 -16.94 70.48
C LYS WC 14 1.72 -18.03 70.54
N ARG WC 15 0.57 -17.67 71.14
CA ARG WC 15 -0.50 -18.64 71.36
C ARG WC 15 -1.04 -19.08 70.01
N ARG WC 16 -1.31 -18.13 69.10
CA ARG WC 16 -1.87 -18.42 67.80
C ARG WC 16 -0.97 -19.42 67.05
N LEU WC 17 0.34 -19.09 66.97
CA LEU WC 17 1.29 -19.86 66.16
C LEU WC 17 1.39 -21.27 66.75
N ASN WC 18 1.58 -21.33 68.08
CA ASN WC 18 1.93 -22.59 68.70
C ASN WC 18 0.76 -23.54 68.69
N GLU WC 19 -0.45 -23.07 68.96
CA GLU WC 19 -1.50 -24.06 68.91
C GLU WC 19 -1.96 -24.32 67.49
N GLU WC 20 -1.64 -23.44 66.52
CA GLU WC 20 -1.85 -23.82 65.13
C GLU WC 20 -1.03 -25.07 64.82
N ARG WC 21 0.25 -25.00 65.21
CA ARG WC 21 1.17 -26.11 65.04
C ARG WC 21 0.73 -27.35 65.84
N ALA WC 22 0.21 -27.12 67.05
CA ALA WC 22 -0.17 -28.20 67.96
C ALA WC 22 -1.32 -28.99 67.36
N LEU WC 23 -2.37 -28.26 66.87
CA LEU WC 23 -3.51 -28.92 66.25
C LEU WC 23 -3.07 -29.67 64.99
N MET WC 24 -2.20 -29.04 64.18
CA MET WC 24 -1.80 -29.69 62.94
C MET WC 24 -1.12 -31.03 63.22
N GLN WC 25 -0.13 -31.04 64.13
CA GLN WC 25 0.62 -32.27 64.36
C GLN WC 25 -0.20 -33.28 65.18
N ALA WC 26 -1.15 -32.79 65.99
CA ALA WC 26 -2.04 -33.66 66.75
C ALA WC 26 -2.95 -34.44 65.81
N GLN WC 27 -3.49 -33.73 64.80
CA GLN WC 27 -4.36 -34.37 63.81
C GLN WC 27 -3.55 -35.32 62.94
N LYS WC 28 -2.30 -34.92 62.63
CA LYS WC 28 -1.45 -35.72 61.76
C LYS WC 28 -1.06 -37.03 62.43
N ALA WC 29 -0.83 -36.99 63.75
CA ALA WC 29 -0.55 -38.20 64.52
C ALA WC 29 -1.81 -39.07 64.64
N ASN WC 35 -3.00 -37.88 72.09
CA ASN WC 35 -2.19 -38.00 73.32
C ASN WC 35 -1.56 -36.66 73.70
N ILE WC 36 -1.58 -35.71 72.75
CA ILE WC 36 -1.04 -34.39 72.96
C ILE WC 36 -2.13 -33.46 73.48
N GLN WC 37 -1.76 -32.73 74.55
CA GLN WC 37 -2.67 -31.91 75.32
C GLN WC 37 -2.95 -30.64 74.54
N LEU WC 38 -4.23 -30.41 74.20
CA LEU WC 38 -4.66 -29.14 73.62
C LEU WC 38 -5.57 -28.39 74.61
N PRO WC 39 -5.42 -27.06 74.80
CA PRO WC 39 -4.40 -26.23 74.15
C PRO WC 39 -3.05 -26.32 74.87
N PRO WC 40 -1.91 -26.14 74.15
CA PRO WC 40 -0.61 -26.44 74.74
C PRO WC 40 -0.28 -25.55 75.93
N ASN WC 41 0.41 -26.16 76.88
CA ASN WC 41 0.94 -25.45 78.03
C ASN WC 41 1.94 -24.39 77.58
N TYR WC 42 1.98 -23.31 78.36
CA TYR WC 42 2.87 -22.18 78.17
C TYR WC 42 4.32 -22.67 78.27
N GLY WC 43 4.58 -23.69 79.11
CA GLY WC 43 5.87 -24.36 79.18
C GLY WC 43 6.25 -25.03 77.86
N ASP WC 44 5.28 -25.71 77.23
CA ASP WC 44 5.52 -26.47 76.01
C ASP WC 44 5.64 -25.58 74.77
N MET WC 45 5.13 -24.34 74.85
CA MET WC 45 5.18 -23.45 73.69
C MET WC 45 6.60 -22.98 73.40
N ASP WC 46 6.94 -22.74 72.11
CA ASP WC 46 8.23 -22.16 71.72
C ASP WC 46 7.99 -20.98 70.78
N LEU WC 47 8.76 -19.92 71.00
CA LEU WC 47 8.65 -18.73 70.16
C LEU WC 47 10.05 -18.21 69.83
N ILE WC 48 10.12 -17.46 68.73
CA ILE WC 48 11.29 -16.67 68.42
C ILE WC 48 11.00 -15.24 68.87
N LEU WC 49 11.81 -14.72 69.80
CA LEU WC 49 11.48 -13.45 70.44
C LEU WC 49 11.83 -12.29 69.52
N PHE WC 50 13.13 -12.14 69.20
CA PHE WC 50 13.57 -11.13 68.26
C PHE WC 50 13.68 -11.75 66.88
N PRO WC 51 12.87 -11.27 65.89
CA PRO WC 51 12.94 -11.75 64.52
C PRO WC 51 14.27 -11.45 63.83
N GLU WC 52 14.27 -11.71 62.51
CA GLU WC 52 15.50 -11.81 61.74
C GLU WC 52 16.25 -10.47 61.72
N GLY WC 53 15.50 -9.38 61.62
CA GLY WC 53 16.15 -8.10 61.36
C GLY WC 53 15.90 -7.08 62.47
N SER WC 54 15.73 -7.57 63.71
CA SER WC 54 15.43 -6.66 64.80
C SER WC 54 16.70 -6.02 65.36
N LEU WC 55 17.57 -6.83 65.97
CA LEU WC 55 18.70 -6.31 66.71
C LEU WC 55 19.79 -5.80 65.77
N LYS WC 56 20.39 -4.67 66.14
CA LYS WC 56 21.52 -4.12 65.42
C LYS WC 56 22.47 -3.43 66.39
N ASN WC 57 23.77 -3.68 66.25
CA ASN WC 57 24.74 -3.35 67.30
C ASN WC 57 25.41 -2.01 67.01
N SER WC 58 26.49 -1.80 67.76
CA SER WC 58 27.41 -0.66 67.68
C SER WC 58 28.05 -0.46 66.31
N ASN WC 59 28.21 -1.53 65.50
CA ASN WC 59 28.77 -1.39 64.17
C ASN WC 59 27.66 -1.25 63.12
N ASN WC 60 26.41 -1.04 63.55
CA ASN WC 60 25.26 -0.98 62.67
C ASN WC 60 25.09 -2.29 61.86
N THR WC 61 25.35 -3.44 62.47
CA THR WC 61 25.22 -4.75 61.82
C THR WC 61 24.17 -5.59 62.55
N VAL WC 62 23.25 -6.21 61.79
CA VAL WC 62 22.22 -7.05 62.37
C VAL WC 62 22.83 -8.36 62.84
N ILE WC 63 22.55 -8.73 64.09
CA ILE WC 63 22.98 -10.02 64.59
C ILE WC 63 21.72 -10.84 64.85
N PRO WC 64 21.82 -12.18 64.67
CA PRO WC 64 20.72 -13.07 65.01
C PRO WC 64 20.54 -13.24 66.51
N GLN WC 65 19.44 -13.90 66.88
CA GLN WC 65 19.10 -14.15 68.26
C GLN WC 65 20.09 -15.13 68.91
N SER WC 66 20.65 -16.06 68.10
CA SER WC 66 21.50 -17.08 68.67
C SER WC 66 22.82 -16.51 69.20
N HIS WC 67 23.12 -15.27 68.86
CA HIS WC 67 24.31 -14.59 69.38
C HIS WC 67 24.19 -14.27 70.87
N LEU WC 68 22.96 -14.19 71.40
CA LEU WC 68 22.74 -13.76 72.78
C LEU WC 68 22.80 -14.92 73.79
N LYS WC 69 23.16 -16.11 73.30
CA LYS WC 69 23.23 -17.27 74.17
C LYS WC 69 24.46 -17.15 75.07
N GLY WC 70 24.25 -17.36 76.36
CA GLY WC 70 25.34 -17.34 77.33
C GLY WC 70 25.58 -15.98 77.99
N LYS WC 71 24.69 -15.01 77.75
CA LYS WC 71 24.85 -13.68 78.33
C LYS WC 71 23.57 -13.26 79.04
N SER WC 72 23.71 -12.61 80.20
CA SER WC 72 22.56 -12.03 80.89
C SER WC 72 22.09 -10.81 80.12
N VAL WC 73 20.93 -10.94 79.48
CA VAL WC 73 20.42 -9.87 78.64
C VAL WC 73 19.37 -9.07 79.41
N ALA WC 74 19.35 -7.76 79.17
CA ALA WC 74 18.37 -6.89 79.81
C ALA WC 74 17.89 -5.84 78.81
N LEU WC 75 16.57 -5.63 78.80
CA LEU WC 75 15.98 -4.55 78.01
C LEU WC 75 16.08 -3.26 78.80
N TYR WC 76 16.27 -2.15 78.07
CA TYR WC 76 16.36 -0.83 78.65
C TYR WC 76 15.38 0.07 77.92
N PHE WC 77 14.27 0.36 78.57
CA PHE WC 77 13.28 1.28 78.05
C PHE WC 77 13.71 2.68 78.40
N ALA WC 78 13.99 3.48 77.38
CA ALA WC 78 14.54 4.81 77.58
C ALA WC 78 13.84 5.82 76.68
N ASP WC 79 13.81 7.04 77.20
CA ASP WC 79 13.37 8.21 76.48
C ASP WC 79 14.52 9.21 76.44
N GLY WC 80 14.68 9.89 75.29
CA GLY WC 80 15.76 10.85 75.12
C GLY WC 80 15.63 12.07 76.05
N ALA WC 81 14.39 12.58 76.18
CA ALA WC 81 14.18 13.87 76.83
C ALA WC 81 13.68 13.74 78.26
N ASP WC 82 13.59 12.51 78.79
CA ASP WC 82 13.14 12.34 80.16
C ASP WC 82 14.33 12.55 81.10
N PRO WC 83 14.22 13.47 82.08
CA PRO WC 83 15.33 13.76 83.00
C PRO WC 83 15.84 12.57 83.81
N LYS WC 84 14.92 11.67 84.20
CA LYS WC 84 15.30 10.49 84.96
C LYS WC 84 16.19 9.59 84.12
N CYS WC 85 15.86 9.43 82.83
CA CYS WC 85 16.65 8.61 81.92
C CYS WC 85 18.01 9.26 81.67
N ALA WC 86 18.02 10.60 81.57
CA ALA WC 86 19.26 11.34 81.39
C ALA WC 86 20.17 11.14 82.61
N SER WC 87 19.56 10.99 83.80
CA SER WC 87 20.32 10.73 85.01
C SER WC 87 20.84 9.29 85.04
N LEU WC 88 20.01 8.32 84.64
CA LEU WC 88 20.33 6.91 84.80
C LEU WC 88 21.36 6.43 83.78
N LEU WC 89 21.43 7.08 82.60
CA LEU WC 89 22.28 6.65 81.50
C LEU WC 89 23.76 6.48 81.85
N PRO WC 90 24.45 7.49 82.44
CA PRO WC 90 25.89 7.35 82.75
C PRO WC 90 26.21 6.15 83.65
N PHE WC 91 25.36 5.91 84.65
CA PHE WC 91 25.63 4.85 85.60
C PHE WC 91 25.42 3.47 84.97
N LEU WC 92 24.42 3.33 84.08
CA LEU WC 92 24.20 2.09 83.35
C LEU WC 92 25.37 1.82 82.40
N LEU WC 93 25.88 2.89 81.76
CA LEU WC 93 27.02 2.78 80.86
C LEU WC 93 28.27 2.33 81.62
N ASN WC 94 28.51 2.93 82.79
CA ASN WC 94 29.68 2.61 83.62
C ASN WC 94 29.59 1.17 84.13
N TYR WC 95 28.37 0.74 84.48
CA TYR WC 95 28.18 -0.63 84.95
C TYR WC 95 28.48 -1.63 83.83
N TYR WC 96 28.00 -1.32 82.62
CA TYR WC 96 28.27 -2.13 81.43
C TYR WC 96 29.77 -2.26 81.21
N ARG WC 97 30.46 -1.10 81.17
CA ARG WC 97 31.91 -0.98 81.10
C ARG WC 97 32.63 -1.92 82.04
N THR WC 98 32.47 -1.68 83.36
CA THR WC 98 33.30 -2.33 84.36
C THR WC 98 32.98 -3.82 84.43
N MET WC 99 31.67 -4.13 84.43
CA MET WC 99 31.26 -5.51 84.61
C MET WC 99 31.71 -6.38 83.43
N ASN WC 100 31.69 -5.84 82.21
CA ASN WC 100 32.08 -6.69 81.10
C ASN WC 100 33.60 -6.70 80.89
N GLU WC 101 34.29 -5.61 81.25
CA GLU WC 101 35.75 -5.56 81.21
C GLU WC 101 36.38 -6.57 82.19
N GLY WC 102 35.79 -6.74 83.38
CA GLY WC 102 36.45 -7.46 84.46
C GLY WC 102 36.54 -8.98 84.29
N GLY WC 103 36.50 -9.51 83.06
CA GLY WC 103 36.50 -10.95 82.84
C GLY WC 103 37.02 -11.33 81.46
N ALA WC 104 37.32 -12.62 81.22
CA ALA WC 104 37.66 -13.10 79.87
C ALA WC 104 36.43 -13.74 79.23
N ASN WC 105 35.24 -13.24 79.59
CA ASN WC 105 33.97 -13.75 79.08
C ASN WC 105 32.99 -12.58 79.06
N GLN WC 106 32.15 -12.55 78.01
CA GLN WC 106 31.08 -11.57 77.94
C GLN WC 106 30.05 -11.93 78.99
N LYS WC 107 29.52 -10.93 79.70
CA LYS WC 107 28.70 -11.25 80.86
C LYS WC 107 27.26 -10.80 80.67
N ILE WC 108 27.07 -9.51 80.39
CA ILE WC 108 25.75 -8.96 80.22
C ILE WC 108 25.68 -8.21 78.88
N GLU WC 109 24.44 -8.05 78.41
CA GLU WC 109 24.19 -7.29 77.19
C GLU WC 109 22.88 -6.51 77.36
N ILE WC 110 22.83 -5.32 76.76
CA ILE WC 110 21.69 -4.42 76.90
C ILE WC 110 21.05 -4.24 75.52
N ILE WC 111 19.72 -4.37 75.47
CA ILE WC 111 18.96 -3.98 74.30
C ILE WC 111 18.30 -2.63 74.59
N PHE WC 112 18.26 -1.77 73.58
CA PHE WC 112 17.66 -0.45 73.72
C PHE WC 112 16.28 -0.46 73.07
N VAL WC 113 15.26 -0.15 73.88
CA VAL WC 113 13.89 -0.01 73.41
C VAL WC 113 13.46 1.42 73.67
N SER WC 114 12.94 2.04 72.62
CA SER WC 114 12.81 3.48 72.54
C SER WC 114 11.37 3.90 72.78
N LEU WC 115 11.16 4.68 73.84
CA LEU WC 115 9.89 5.36 74.02
C LEU WC 115 9.95 6.76 73.45
N ASP WC 116 10.89 7.01 72.54
CA ASP WC 116 11.20 8.35 72.07
C ASP WC 116 10.17 8.78 71.02
N ARG WC 117 10.18 10.07 70.68
CA ARG WC 117 9.13 10.66 69.88
C ARG WC 117 9.33 10.36 68.39
N ASP WC 118 10.56 10.54 67.92
CA ASP WC 118 10.80 10.49 66.49
C ASP WC 118 12.21 10.00 66.18
N ARG WC 119 12.46 9.87 64.87
CA ARG WC 119 13.65 9.24 64.28
C ARG WC 119 14.93 9.98 64.66
N GLU WC 120 14.90 11.34 64.52
CA GLU WC 120 16.06 12.20 64.73
C GLU WC 120 16.55 12.05 66.16
N ALA WC 121 15.60 12.19 67.10
CA ALA WC 121 15.93 12.14 68.51
C ALA WC 121 16.37 10.72 68.89
N PHE WC 122 15.76 9.71 68.25
CA PHE WC 122 16.12 8.33 68.53
C PHE WC 122 17.58 8.05 68.15
N GLU WC 123 17.99 8.50 66.94
CA GLU WC 123 19.35 8.30 66.47
C GLU WC 123 20.34 9.10 67.31
N SER WC 124 19.94 10.31 67.72
CA SER WC 124 20.78 11.16 68.56
C SER WC 124 21.04 10.48 69.90
N HIS WC 125 20.00 9.89 70.48
CA HIS WC 125 20.18 9.22 71.76
C HIS WC 125 20.93 7.90 71.61
N ARG WC 126 20.70 7.20 70.49
CA ARG WC 126 21.32 5.90 70.21
C ARG WC 126 22.81 6.05 69.92
N ALA WC 127 23.26 7.26 69.55
CA ALA WC 127 24.68 7.52 69.33
C ALA WC 127 25.50 7.37 70.62
N HIS WC 128 24.84 7.52 71.78
CA HIS WC 128 25.53 7.45 73.05
C HIS WC 128 25.67 6.02 73.58
N MET WC 129 24.97 5.06 72.99
CA MET WC 129 24.91 3.77 73.65
C MET WC 129 25.79 2.75 72.93
N PRO WC 130 26.63 1.98 73.65
CA PRO WC 130 27.47 0.95 73.03
C PRO WC 130 26.87 -0.46 72.97
N TRP WC 131 25.57 -0.58 73.23
CA TRP WC 131 24.90 -1.86 73.23
C TRP WC 131 23.89 -1.95 72.08
N LEU WC 132 23.12 -3.04 72.03
CA LEU WC 132 22.23 -3.26 70.92
C LEU WC 132 20.99 -2.38 71.02
N SER WC 133 20.26 -2.25 69.92
CA SER WC 133 19.05 -1.44 69.89
C SER WC 133 18.04 -2.03 68.90
N ILE WC 134 16.77 -1.67 69.09
CA ILE WC 134 15.71 -1.97 68.13
C ILE WC 134 15.22 -0.64 67.57
N ASP WC 135 15.10 -0.58 66.25
CA ASP WC 135 14.70 0.63 65.56
C ASP WC 135 13.29 1.05 65.96
N LEU WC 136 13.03 2.36 65.94
CA LEU WC 136 11.78 2.84 66.52
C LEU WC 136 10.59 2.57 65.58
N GLU WC 137 10.78 2.64 64.25
CA GLU WC 137 9.69 2.36 63.31
C GLU WC 137 9.33 0.87 63.28
N ASN WC 138 10.24 0.01 63.76
CA ASN WC 138 9.99 -1.41 63.87
C ASN WC 138 8.84 -1.66 64.86
N PRO WC 139 7.78 -2.41 64.47
CA PRO WC 139 6.67 -2.68 65.39
C PRO WC 139 7.04 -3.36 66.71
N LEU WC 140 8.21 -4.03 66.75
CA LEU WC 140 8.62 -4.77 67.92
C LEU WC 140 8.78 -3.87 69.15
N THR WC 141 9.10 -2.59 68.95
CA THR WC 141 9.19 -1.63 70.05
C THR WC 141 7.85 -1.48 70.77
N GLU WC 142 6.78 -1.20 70.02
CA GLU WC 142 5.45 -1.05 70.60
C GLU WC 142 4.96 -2.38 71.18
N ILE WC 143 5.29 -3.49 70.52
CA ILE WC 143 4.87 -4.79 71.01
C ILE WC 143 5.56 -5.09 72.35
N LEU WC 144 6.85 -4.75 72.48
CA LEU WC 144 7.60 -4.98 73.70
C LEU WC 144 7.10 -4.08 74.83
N LYS WC 145 6.72 -2.84 74.49
CA LYS WC 145 6.17 -1.90 75.46
C LYS WC 145 4.88 -2.48 76.05
N ARG WC 146 3.99 -3.00 75.20
CA ARG WC 146 2.73 -3.54 75.67
C ARG WC 146 2.95 -4.86 76.42
N HIS WC 147 4.03 -5.55 76.08
CA HIS WC 147 4.35 -6.82 76.73
C HIS WC 147 4.79 -6.59 78.17
N PHE WC 148 5.68 -5.62 78.38
CA PHE WC 148 6.25 -5.43 79.70
C PHE WC 148 5.58 -4.30 80.49
N ARG WC 149 4.51 -3.71 79.93
CA ARG WC 149 3.63 -2.75 80.60
C ARG WC 149 4.41 -1.55 81.14
N VAL WC 150 5.24 -1.01 80.25
CA VAL WC 150 5.93 0.23 80.51
C VAL WC 150 5.28 1.28 79.63
N MET WC 151 4.97 2.41 80.26
CA MET WC 151 4.35 3.52 79.55
C MET WC 151 4.60 4.78 80.37
N LYS WC 152 4.79 5.87 79.65
CA LYS WC 152 5.01 7.15 80.29
C LYS WC 152 3.68 7.81 80.66
N GLU WC 153 2.60 7.48 79.95
CA GLU WC 153 1.28 8.02 80.21
C GLU WC 153 0.26 7.03 79.66
N TYR WC 154 -0.89 6.94 80.36
CA TYR WC 154 -2.07 6.19 79.93
C TYR WC 154 -2.54 6.73 78.59
N GLU WC 155 -1.97 6.17 77.51
CA GLU WC 155 -2.33 6.47 76.13
C GLU WC 155 -2.88 5.20 75.49
N VAL WC 156 -2.12 4.10 75.54
CA VAL WC 156 -2.53 2.80 75.05
C VAL WC 156 -3.34 2.12 76.15
N PRO WC 157 -4.55 1.56 75.86
CA PRO WC 157 -5.34 0.90 76.89
C PRO WC 157 -4.65 -0.29 77.53
N THR WC 158 -4.83 -0.38 78.84
CA THR WC 158 -4.36 -1.51 79.61
C THR WC 158 -5.60 -2.18 80.17
N TYR WC 159 -5.50 -3.49 80.24
CA TYR WC 159 -6.64 -4.34 80.41
C TYR WC 159 -6.77 -4.72 81.88
N GLY WC 160 -7.10 -3.72 82.73
CA GLY WC 160 -7.29 -3.95 84.16
C GLY WC 160 -5.97 -4.01 84.92
N TYR WC 161 -4.86 -4.00 84.17
CA TYR WC 161 -3.52 -3.91 84.74
C TYR WC 161 -3.24 -2.45 85.10
N GLY WC 162 -2.02 -2.21 85.58
CA GLY WC 162 -1.51 -0.87 85.74
C GLY WC 162 -0.19 -0.71 84.98
N SER WC 163 0.44 0.46 85.16
CA SER WC 163 1.81 0.62 84.75
C SER WC 163 2.69 -0.24 85.65
N ARG WC 164 3.50 -1.12 85.03
CA ARG WC 164 4.46 -1.87 85.83
C ARG WC 164 5.50 -0.91 86.40
N THR WC 165 5.88 0.04 85.56
CA THR WC 165 6.92 1.00 85.86
C THR WC 165 6.70 2.21 84.98
N GLY WC 166 7.67 3.12 85.04
CA GLY WC 166 7.78 4.22 84.11
C GLY WC 166 9.14 4.18 83.39
N VAL WC 167 9.21 4.91 82.29
CA VAL WC 167 10.49 5.10 81.64
C VAL WC 167 11.33 6.01 82.54
N PRO WC 168 12.60 5.70 82.89
CA PRO WC 168 13.41 4.58 82.40
C PRO WC 168 13.23 3.29 83.18
N SER WC 169 13.50 2.16 82.52
CA SER WC 169 13.45 0.90 83.24
C SER WC 169 14.42 -0.10 82.62
N VAL WC 170 14.94 -0.99 83.47
CA VAL WC 170 15.77 -2.11 83.05
C VAL WC 170 15.07 -3.39 83.50
N ILE WC 171 14.86 -4.29 82.53
CA ILE WC 171 14.17 -5.55 82.78
C ILE WC 171 15.11 -6.67 82.37
N VAL WC 172 15.47 -7.53 83.32
CA VAL WC 172 16.24 -8.71 82.96
C VAL WC 172 15.24 -9.75 82.43
N ILE WC 173 15.49 -10.18 81.19
CA ILE WC 173 14.53 -11.01 80.48
C ILE WC 173 15.10 -12.41 80.33
N GLY WC 174 14.25 -13.33 79.88
CA GLY WC 174 14.63 -14.71 79.59
C GLY WC 174 14.42 -15.02 78.11
N SER WC 175 14.48 -16.31 77.78
CA SER WC 175 14.34 -16.74 76.39
C SER WC 175 12.93 -16.53 75.85
N ASP WC 176 11.93 -16.60 76.73
CA ASP WC 176 10.55 -16.73 76.30
C ASP WC 176 9.71 -15.51 76.68
N GLY WC 177 10.35 -14.39 77.02
CA GLY WC 177 9.60 -13.21 77.48
C GLY WC 177 9.30 -13.20 78.98
N ARG WC 178 9.90 -14.15 79.72
CA ARG WC 178 9.86 -14.21 81.18
C ARG WC 178 10.57 -12.99 81.77
N GLU WC 179 9.91 -12.33 82.72
CA GLU WC 179 10.55 -11.28 83.49
C GLU WC 179 11.38 -11.96 84.59
N ALA WC 180 12.68 -12.07 84.35
CA ALA WC 180 13.57 -12.76 85.28
C ALA WC 180 13.63 -12.03 86.62
N GLN WC 181 13.90 -10.73 86.56
CA GLN WC 181 13.83 -9.87 87.72
C GLN WC 181 13.64 -8.43 87.28
N PHE WC 182 13.03 -7.63 88.15
CA PHE WC 182 12.86 -6.22 87.89
C PHE WC 182 13.93 -5.45 88.67
N LEU WC 183 14.66 -4.57 87.97
CA LEU WC 183 15.64 -3.75 88.65
C LEU WC 183 14.97 -2.49 89.19
N PRO WC 184 14.94 -2.31 90.52
CA PRO WC 184 14.18 -1.21 91.12
C PRO WC 184 14.79 0.19 90.97
N ILE WC 185 14.65 0.77 89.77
CA ILE WC 185 15.17 2.11 89.52
C ILE WC 185 14.17 3.16 89.99
N CYS WC 186 12.98 3.13 89.40
CA CYS WC 186 11.82 3.88 89.85
C CYS WC 186 10.66 2.90 90.00
N SER WC 187 10.54 2.38 91.23
CA SER WC 187 9.67 1.27 91.56
C SER WC 187 9.13 1.50 92.98
N GLY WC 188 8.76 0.39 93.63
CA GLY WC 188 8.39 0.37 95.03
C GLY WC 188 9.58 0.62 95.97
N LEU WC 189 10.81 0.50 95.45
CA LEU WC 189 12.01 0.53 96.29
C LEU WC 189 12.84 1.80 96.11
N GLU WC 190 12.88 2.34 94.87
CA GLU WC 190 13.60 3.57 94.53
C GLU WC 190 15.07 3.50 94.94
N GLU WC 191 15.81 2.57 94.32
CA GLU WC 191 17.25 2.67 94.36
C GLU WC 191 17.71 3.22 93.01
N GLY WC 192 17.62 4.54 92.87
CA GLY WC 192 18.08 5.22 91.66
C GLY WC 192 19.59 5.07 91.54
N ASP WC 193 20.05 4.51 90.40
CA ASP WC 193 21.46 4.41 90.03
C ASP WC 193 22.21 3.35 90.83
N ARG WC 194 21.57 2.78 91.85
CA ARG WC 194 22.19 1.83 92.77
C ARG WC 194 21.60 0.43 92.62
N ALA WC 195 20.39 0.32 92.03
CA ALA WC 195 19.69 -0.95 91.91
C ALA WC 195 20.35 -1.94 90.93
N LEU WC 196 21.29 -1.42 90.14
CA LEU WC 196 21.99 -2.20 89.13
C LEU WC 196 22.87 -3.27 89.79
N LEU WC 197 23.22 -3.10 91.07
CA LEU WC 197 24.03 -4.10 91.77
C LEU WC 197 23.21 -5.32 92.20
N ARG WC 198 21.88 -5.24 92.04
CA ARG WC 198 21.01 -6.33 92.48
C ARG WC 198 20.97 -7.44 91.42
N TRP WC 199 21.62 -7.20 90.28
CA TRP WC 199 21.58 -8.07 89.12
C TRP WC 199 22.25 -9.40 89.44
N ASP WC 200 21.49 -10.51 89.34
CA ASP WC 200 22.04 -11.84 89.52
C ASP WC 200 22.31 -12.43 88.13
N TRP WC 201 23.48 -12.11 87.58
CA TRP WC 201 23.83 -12.47 86.21
C TRP WC 201 24.15 -13.95 86.06
N ARG WC 202 24.31 -14.68 87.16
CA ARG WC 202 24.79 -16.05 87.08
C ARG WC 202 23.64 -16.99 86.75
N ASN WC 203 22.47 -16.70 87.32
CA ASN WC 203 21.32 -17.58 87.24
C ASN WC 203 20.33 -17.11 86.17
N THR WC 204 20.57 -15.96 85.54
CA THR WC 204 19.75 -15.50 84.44
C THR WC 204 20.61 -15.36 83.20
N LYS WC 205 20.84 -16.48 82.52
CA LYS WC 205 21.54 -16.50 81.25
C LYS WC 205 20.52 -16.81 80.15
N PHE WC 206 20.64 -16.10 79.02
CA PHE WC 206 19.69 -16.18 77.90
C PHE WC 206 19.85 -17.52 77.17
N ALA WC 207 19.13 -18.52 77.68
CA ALA WC 207 19.17 -19.87 77.16
C ALA WC 207 18.24 -20.08 75.96
#